data_7SUK
#
_entry.id   7SUK
#
loop_
_entity.id
_entity.type
_entity.pdbx_description
1 polymer 'U3 small nucleolar RNA-associated protein MPP10'
2 polymer 'Nucleolar protein 56'
3 polymer 'Something about silencing protein 10'
4 polymer "5' ETS"
5 polymer 'U3 snoRNA'
6 polymer '40S ribosomal protein S18-A'
7 polymer '40S ribosomal protein S4-A'
8 polymer '40S ribosomal protein S5'
9 polymer '40S ribosomal protein S7-A'
10 polymer '40S ribosomal protein S8-A'
11 polymer '40S ribosomal protein S9-A'
12 polymer '40S ribosomal protein S16-A'
13 polymer '40S ribosomal protein S11-A'
14 polymer '40S ribosomal protein S22-A'
15 polymer '40S ribosomal protein S24-A'
16 polymer '40S ribosomal protein S28-A'
17 polymer 'NET1-associated nuclear protein 1'
18 polymer 'U3 small nucleolar RNA-associated protein 15'
19 polymer 'U3 small nucleolar RNA-associated protein 9'
20 polymer 'U3 small nucleolar RNA-associated protein 5'
21 polymer 'U3 small nucleolar RNA-associated protein 10'
22 polymer 'U3 small nucleolar RNA-associated protein 4'
23 polymer 'Periodic tryptophan protein 2'
24 polymer 'U3 small nucleolar RNA-associated protein 6'
25 polymer 'U3 small nucleolar RNA-associated protein 12'
26 polymer 'U3 small nucleolar RNA-associated protein 18'
27 polymer 'U3 small nucleolar RNA-associated protein 21'
28 polymer 'Protein SOF1'
29 polymer 'Ribosome biogenesis protein ENP2'
30 polymer 'U3 small nucleolar RNA-associated protein 7'
31 polymer 'U3 small nucleolar ribonucleoprotein protein IMP3'
32 polymer '40S ribosomal protein S14-B'
33 polymer 'KRR1 small subunit processome component'
34 polymer "rRNA 2'-O-methyltransferase fibrillarin"
35 polymer Ribonucloprotein
36 polymer 'RRP9 isoform 1'
37 polymer "RNA 3'-terminal phosphate cyclase-like protein"
38 polymer 'Ribosome biogenesis protein BMS1'
39 polymer 'Ribosomal RNA small subunit methyltransferase NEP1'
40 polymer 'rRNA-processing protein FCF1'
41 polymer 'U3 small nucleolar ribonucleoprotein protein IMP4'
42 polymer 'Ribosome biogenesis protein UTP30'
43 polymer 'Pre-rRNA-processing protein PNO1'
44 polymer 'rRNA-processing protein FCF2'
45 polymer '40S ribosomal protein S23-A'
46 polymer 'U3 small nucleolar RNA-associated protein 14'
47 polymer 'Nucleolar complex protein 14'
48 polymer 'U3 small nucleolar RNA-associated protein 11'
49 polymer 'Essential nuclear protein 1'
50 polymer 'rRNA biogenesis protein RRP5'
51 polymer 'U3 small nucleolar RNA-associated protein 22'
52 polymer 'Ribosomal RNA-processing protein 7'
53 polymer '18S pre-rRNA'
54 polymer 'Nucleolar complex protein 4'
55 polymer 'U3 small nucleolar RNA-associated protein 8'
56 polymer 'Bud site selection protein 21'
57 polymer 'U3 small nucleolar RNA-associated protein 13'
58 polymer 'Protein FAF1'
59 polymer 'Nucleolar protein 58'
60 polymer 'Regulator of rDNA transcription protein 14'
61 polymer 'U3 small nucleolar RNA-associated protein 20'
62 polymer 'RNA cytidine acetyltransferase'
63 polymer '40S ribosomal protein S6-A'
64 polymer '40S ribosomal protein S13'
65 polymer 'Protein BFR2'
66 polymer 'U3 small nucleolar ribonucleoprotein protein LCP5'
#
loop_
_entity_poly.entity_id
_entity_poly.type
_entity_poly.pdbx_seq_one_letter_code
_entity_poly.pdbx_strand_id
1 'polypeptide(L)'
;KNLSSFEKQQIEIRKQIEQLENEAVAEKKWSLKGEVKAKDRPEDALLTEELEFDRTAKPVPVITSEVTESLEDMIRRRIQ
DSNFDDLQRRTLLDITRKSQRPQFELSDVKSSKSLAEIYEDDYTRAEDESALSEELQKAHSEISELYANLVYKLDVLSSV
HFVPKPASTSLEIRVETPTISMEDAQPLYMSNASSLAPQEIYNVGKAEKDGEIRLKNGVAMSKEELTREDKNRLRRALKR
KRSKA
;
NA
2 'polypeptide(L)'
;PIEYLLFEEPTGYAVFKVKLQQDDIGSRLKEVQEQINDFGAFTKLIELVSFAPFKGAAEALENANDISEGLVSESLKAIL
DLNLPKASSKKKNITLAISDKNLGPSIKEEFPYVDCISNELAQDLIRGVRLHGEKLFKGLQSGDLERAQLGLGHAYSRAK
VKFSVQKNDNHIIQAIALLDQLDKDINTFAMRVKEWYGWHFPELAKLVPDNYTFAKLVLFIKDKASLN(UNK)(UNK)
(UNK)(UNK)(UNK)(UNK)(UNK)(UNK)ALL(UNK)(UNK)(UNK)(UNK)(UNK)(UNK)(UNK)(UNK)(UNK)
(UNK)(UNK)(UNK)(UNK)(UNK)(UNK)(UNK)(UNK)(UNK)GQDISETDMENVCVFAQRVASLADYRRQLYDYLCE
KMHTVAPNLSELIGEVIGARLISHAGSLTNLSKQAASTVQILGAEKALFRALKTKGNTPKYGLIYHSGFISKASAKNKGR
ISRYLANKCSMASRIDNYSEEPSNVFGSVLKKQVEQRLEFY
;
SA
3 'polypeptide(L)'
;TDRFKGDDDIP(UNK)(UNK)(UNK)(UNK)(UNK)(UNK)(UNK)(UNK)(UNK)(UNK)(UNK)(UNK)(UNK)DEAR
KRGMHDNNGADLDDKDYGSEDEAVSRSINTQGENDYYQQVQRGKQDKKISRKEAHKNAVIAAREGKLAELAENVSGDGKR
AINYQILKNKGLTPKRNKDNRNSRVKKRKKYQKAQKKLKSVRAVYSGGQSGVYEGEKTGIKKGLTRSVKFKN
;
NB
4 'polyribonucleotide'
;AUGCGAAAGCAGUUGAAGACAAGUUCGAAAAGAGUUUGGAAACGAAUUCGAGUAGGCUUGUCGUUCGUUAUGUUUUUGUA
AAUGGCCUCGUCAAACGGUGGAGAGAGUCGCUAGGUGAUCGUCAGAUCUGCCUAGUCUCUAUACAGCGUGUUUAAUUGAC
AUGGGUUGAUGCGUAUUGAGAGAUACAAUUUGGGAAGAAAUUCCCAGAGUGUGUUUCUUUUGCGUUUAACCUGAACAGUC
UCAUCGUGGGCAUCUUGCGAUUCCAUUGGUGAGCAGCGAAGGAUUUGGUGGAUUACUAGCUAAUAGCAAUCUAUUUCAAA
GAAUUCAAACUUGGGGGAAUGCCUUGUUGAAUAGCCGGUCGCAAGACUGUGAUUCUUCAAGUGUAACCUCCUCUCAAAUC
AGCGAUAUCAAACGUACCAUUCCGUGAAACACCGGGGUAUCUGUUUGGUGGAACCUGAUUAGAGGAAACUCAAAGAGUGC
UAUGGUAUGGUGACGGAGUGCGCUGGUCAAGAGUGUAAAAGCUUUUUGAACAGAGAGCAUUUCCGGCAGCAGAGAGACCU
GAAAAAGCAAUUUUUCUGGAAUUUCAGCUGUUUCCAAACUCAAUAAGUAUCUUCUAGCAAGAGGGAAUAGGUGGGAAAAA
AAAAAAGAGAUUUCGGUUUCUUUCUUUUUUACUGCUUGUUGCUUCUUCUUUUAAGAUAGU
;
L0
5 'polyribonucleotide'
;GUCGACGUACUUCAUAGGAUCAUUUCUAUAGGAAUCGUCACUCUUUGACUCUUCAAAAGAGCCACUGAAUCCAACUUGGU
UGAUGAGUCCCAUAACCUUUGUACCCCAGAGUGAGAAACCGAAAUUGAAUCUAAAUUAGCUUGGUCCGCAAUCCUUAGCG
GUUCGGCCAUCUAUAAUUUUGAAUAAAAAUUUUGCUUUGCCGUUGCAUUUGUAGUUUUUUCCUUUGGAAGUAAUUACAAU
AUUUUAUGGCGCGAUGAUCUUGACCCAUCCUAUGUACUUCUUUUUUGAAGGGAUAGGGCUCUAUGGGUGGGUACAAAUGG
CAGUCUGACAAGU
;
L2
6 'polypeptide(L)'
;SLVVQEQGSFQHILRLLNTNVDGNIKIVYALTTIKGVGRRYSNLVCKKADVDLHKRAGELTQEELERIVQIMQNPTHYKI
PAWFLNRQNDITDGKDYHTLANNVESKLRDDLERLKKIR(UNK)(UNK)(UNK)(UNK)(UNK)(UNK)(UNK)(UNK)
;
L3
7 'polypeptide(L)'
;APHHWLLDKLSGCYAPRPSAGPHKLRESLPLIVFLRNRLKYALNGREVKAILMQRHVKVDGKVRTDTTYPAGFMDVITLD
ATNENFRLVYDVKGRFAVHRITDEEASYKLGKVKKVQLGKKGVPYVVTHDGRTIRYPDPNIKVNDTVKIDLASGKITDFI
KFDAGKLVYVTGGRNLGRIGTIVHKERHDGGFDLVHIKDSLDNTFVTRLNNVFVIGEQGKPYISLPKG
;
L4
8 'polypeptide(L)'
;DFEVVEEFTPVVLATPIPEEVQQAQTEIKLFNKWSFEEVEVKDASLVDYVQVRQPIFVAHTAGRYANKRFRKAQCPIIER
LTNSLMMNGRNNGKKLKAVRIIKHTLDIINVLTDQNPIQVVVDAITNTGPREDTTRVGGGGAARRQAVDVSPLRRVNQAI
ALLTIGAREAAFRNIKTIAETLAEELINAAKGSSTSYAIKKKDELERVAKSNR
;
L5
9 'polypeptide(L)'
;MSAPQAKILSQAPTELELQVAQAFVELENSSPELKAELRPLQFKSIREIDVAGGKKALAIFVPVPSLAGFHKVQTKLTRE
LEKKFQDRHVIFLAERRILPKPSRTSRQVQKRPRSRTLTAVHDKILEDLVFPTEIVGKRVRYLVGGNKIQKVLLDSKDVQ
QIDYKLESFQAVYNKLTGKQIVFEIPSETH
;
L7
10 'polypeptide(L)'
;MGISRDSRHKRSATGAKRAQFRKKRKFELGRQPANTKIGAKRIHSVRTRGGNKKYRALRIETGNFSWASEGISKKTRIAG
VVYHPSNNELVRTNTLTKAAIVQIDATPFRQWFEAHYGQTLGKKKNVKEEETVAKSKNAERKWAARAASAKIESSVESQF
SAGRLYACISSRPGQSGRCDGYILEGEELAFYLRRLTAKK
;
L8
11 'polypeptide(L)'
;KTYSTPKRPYESSRLDAELKLAGEFGLKNKKEIYRISFQLSKIRRAARDLLTRDEKDPKRLFEGNALIRRLVRVGVLSED
KKKLDYVLALKVEDFLERRLQTQVYKLGLAKSVHHARVLITQRHIAVGKQIVNIPSFMVRLDSEKHIDFAPTSPFGGARP
GRVARRNAARKAEAS
;
L9
12 'polypeptide(L)'
;AVPSVQTFGKKKSATAVAHVKAGKGLIKVNGSPITLVEPEILRFKVYEPLLLVGLDKFSNIDIRVRVTGGGHVSQVYAIR
QAIAKGLVAYHQKYVDEQSKNELKKAFTSYDRTLLIADSRRPEPK
;
LC
13 'polypeptide(L)'
;MSTELTVQSERAFQKQPHIFNNPKVKTSKRTKRWYKNAGLGFKTPKTAIEGSYIDKKCPFTGLVSIRGKILTGTVVSTKM
HRTIVIRRAYLHYIPKYNRYEKRHKNVPVHVSPAFRVQVGDIVTVGQCRPISKTVRFNVVKVSAAAGKANKQFAKF
;
LD
14 'polypeptide(L)'
;SSVLADALNAINNAEKTGKRQVLIRPSSKVIIKFLQVMQKHGYIGEFEYIDDHRSGKIVVQLNGRLNKCGVISPRFNVKI
GDIEKWTANLLPARQFGYVILTTSAGIMDHEEARRKHVSGKILGFVY
;
LE
15 'polypeptide(L)'
;AVTIRTRKVISNPLLARKQFVVDVLHPNRANVSKDELREKLAEVYKAEKDAVSVFGFRTQFGGGKSVGFGLVYNSVAEAK
KFEPTYRLVR
;
LF
16 'polypeptide(L)' TPVTLAKVIKVLGRTGSRGGVTQVRVEFLEDTSRTIVRNVKGPVRENDILVLMESEREARRLR LG
17 'polypeptide(L)'
;MTQSLGIEQYKLSVVSGGKPALNNLSSVTGNKNIARLSQDQRNYIIPFNNQIKVYSVETRQCVKTLKFANNSLLSGIFLQ
EEENNESIVKILLGDITVPQQEDAHLITVFTNNGHVIVLNYKGKLVESPKHFKISLADEKLANVFHSEGNYRILTTFKDP
SQKAHNSLQSYRLYALTFDDAKKQFEVAHQAEWHNVILSNISSNGKLLAHMCKDVSTKDHEHKSISVVSLFDDSVNLSFP
LGSILSSQTQSLSYNTRYVSSMAIDNMGQQLAVGFASGVISIVSLADLQIRLLKWHIDSVLSLSFSHDGSYLLSGGWEKV
MSLWQLETNSQQFLPRLNGIIIDCQVLGPQGNYYSLILQMTENNSNSDYQFLLLNASDLTSKLSINGPLPVFNSTIKHIQ
QPISAMNTKNSNSITSLNHSKKKQSRKLIKSRRQDFTTNVEINPINKNLYFPHISAVQIFDFYKNEQVNYQYLTSGVNNS
MGKVRFELNLQDPIITDLKFTKDGQWMITYEIEYPPNDLLSSKDLTHILKFWTKNDNETNWNLKTKVINPHGISVPITKI
LPSPRSVNNSQGCLTADNNGGLKFWSFDSHESNWCLKKISLPNFNHFSNSVSLAWSQDGSLIFHGFDDKLQILDFDTFKK
FESLENTKTVSEFTLDSEIQTVKLINDTNLIVATRTTLNAINLLRGQVINSFDLYPFVNGVYKNGHMDRLITCDERTGNI
ALVINQQLTDLDGVPTINYKSRIIIFDSDLSTKLGNFTHHEYISWIGWNYDTDFIFLDIESTLGVVGTTVNTQLSDEVNN
EGILDGLVSNTITTSASNSDIFAEQLHKLSS(UNK)(UNK)(UNK)(UNK)(UNK)(UNK)(UNK)(UNK)(UNK)
(UNK)(UNK)(UNK)(UNK)(UNK)NDEDEEDIALEFINGEKKDKLVNMNSFTSMFDNIQNVQMDTFFDRVMKVLT
;
LH
18 'polypeptide(L)'
;MSTARPRIITSKAPLLPQQTTPEQRYWRQYTSAQLVKEHNSVTHISFNPQHPHDFAVTSSTRVQIFSSRTRQVIKTFSRF
KDVVYSASFRSDGKLLCAGDATGLVSVYDSYNPRTILLSINASTHPTHVTKFHTQDNKILATASDDRVTRLWDISNAYEP
QLELTGATDYVRTLSFIPAAPHLVATGSYDGLIRLYDTRSSGSTPIYSLNHDQPVENVIAVSPTQIVSCGGNNFKVWDLT
SNKKLYERGNFNKAVTCLDYVENFDSPMQSALIASSLDGHVKVFDPLDNFQVKFGWKFSGPVLSCAVSPSTAQGNRHLVA
GLSSGLLAIRTKKKEKRSSDKENAPASFNKNAKSNNFQRMMRGSEYQGDQEHIIHNDKVRSQRRMRAFERNINQFKWSEA
LDNAFVPGMAKELTLTVLQELRKRGKVRVALYGRDESTLEPLLNWCLKGIEDVRSASIVADWVAVVLELYGNTLESSPVL
QELMIDLKTKVRHEIHKSKEAQRIEGMLQLLTS
;
LJ
19 'polypeptide(L)'
;(UNK)(UNK)(UNK)(UNK)(UNK)(UNK)(UNK)(UNK)(UNK)(UNK)(UNK)(UNK)(UNK)(UNK)(UNK)(UNK)
(UNK)(UNK)(UNK)(UNK)(UNK)(UNK)(UNK)(UNK)(UNK)(UNK)(UNK)(UNK)(UNK)(UNK)(UNK)(UNK)
(UNK)(UNK)(UNK)DHLSKIFLTISKSITQNPWNEENLLPLWLKWLLTLKSGELNSIKDKHTKKNCKHLKSALRSSEEI
LPVLLGIQGRLEMLRRQAKLRED
;
LK
20 'polypeptide(L)'
;SPVLQSAYDPSGQYLCYVTVALDKQRVGVQPTQRATSSGVDTVWNENFLYLEDSKLKVTCLKWVNLASSDTVAIILGMNN
GEIWLYSVLANEVTYKFTTGNSYEIKDIDLMGNQLWCIDSSDAFYQFDLLQFKLLQHFRINNCVQLNKLTIVPAGDSVAQ
LLVASHSISLIDIEEKKVVMTFPGHVSPVSTLQVITNEFFISGAEGDRFLNVYDIHSGMTKCVLVAESDIKELSHSGQAD
SIAVTTEDGSLEIFVDPLVSSSTKKRGNKSKKSSKKIQIVSKDGRKVPIYNAFINKDLLNVSWLQNATMPYFKNLQWREI
PNEYTVEISLNWNNKNKSADRDLHGKDLASATNYVEGNARVTSGDNFKHVDDAIKSWERELTSLEQEQAKPPQANELLTE
TFGDKLESSTVARISGKKTNLKGSNLKTATTTGTVTVILSQALQSNDHSLLETVLNNRDERVIRDTIFRLKPALAVILLE
RLAERIARQTHRQGPLNVWVKWCLIIHGGYLVSIPNLMSTLSSLHSTLKRRSDLLPRLLALDARLDCTINKFKTL
;
LL
21 'polypeptide(L)'
;SSLSDQLAQVASNNATVALDRKRRQKLHSASLIYNSKTAATQDYDFIFENASKALEELSQIEPKFAIFSRTLFSESSISL
DRNVQTKEEIKDLDNAINAYLLLASSKWYLAPTLHATEWLVRRFQIHVKNTEMLLLSTLNYYQTPVFKRILSIIKLPPLF
NCLSNFVRSEKPPTALTMIKLFNDMDFLKLYTSYLDQCIKHNATYTNQLLFTTCCFINVVAFNSNNDEKLNQLVPILLEI
SAKLLASKSKDCQIAAHTILVVFATALPLKKTIILAAMETILSNLDAKEAKHSALLTICKLFQTLKGQGNVDQLPSKIFK
LFDSKFDTVSILTFLDKEDKPVCDKFITSYTRSIARYDRSKLNIILSLLKKIRLERYEVRLIITDLIYLSEILEDKSQLV
ELFEYFISINEDLVLKCLKSLGLTG(UNK)(UNK)(UNK)(UNK)(UNK)(UNK)
;
LM
22 'polypeptide(L)'
;ERMIVHRCRFVDFTPATITSLAFSHKSNINKLTPSDLRLAIGRSNGNIEIWNPRNNWFQEMVIEGGKDRSIEGLCWSNVN
GESLRLFSIGGSTVVTEWDLATGLPLRNYDCNSGVIWSISINDSQDKLSVGCDNGTVVLIDISGGPGVLEHDTILMRQEA
RVLTLAWKKDDFVIGGCSDGRIRIWSAQKNDENMGRLLHTMKVDKAKKESTLVWSVIYLPRTDQIASGDSTGSIKFWDFQ
FATLNQSFKAHDADVLCLTTDTDNNYVFSAGVDRKIFQFSQNTNKSQKNNRWVNSSNRLLHGNDIRAICAYQSKGADFLV
SGGVEKTLVINSLTSFSNGNYRKMPTVEPYSKNVLVNKEQRLVVSWSESTVKIWTMGTDSSTEQNYKLVCKLTLKDDQNI
STCSLSPDGQVLVVGRPSTTKVFHLQPVGNKLKVTKLDNDLLLRTSTKLVKFIDNSKIVICSCEDDVFIVDLESEEDEKP
QEVELLEVTSTKSSIKVPYINRINHLEVDQNIAVISRGCGVVDILDLKARISKPLARLNNFITAVHINTSRKSVVVITAD
NKIYEFNMNLNSEAENEDSESVLTQWSKNNTDNLPKEWKTLKENCVGIFSDIENSSRLWFWGATWISRIDFDVDFPINKR
RKQKKRTHEGLTITDESNFMNDEEDDEDDDIDMEISENLNVLLNQGN(UNK)(UNK)(UNK)(UNK)(UNK)(UNK)
(UNK)(UNK)(UNK)(UNK)(UNK)(UNK)(UNK)(UNK)(UNK)HFFFTDKYKPLLFVDLISSNELAIIERNPLTFHSK
QKAFIQPKLVF
;
LN
23 'polypeptide(L)'
;KSDFKFSNLLGTVYRQGNITFSDDGKQLLSPVGNRVSVFDLINNKSFTFEYEHRKNIAAIDLNKQGTLLISIDEDGRAIL
VNFKARNVLHHFNFKEKCSAVKFSPDGRLFALASGRFLQIWKTPDVNKDRQFAPFVRHRVHAGHFQDITSLTWSQDSRFI
LTTSKDLSAKIWSVDSEEKNLAATTFNGHRDYVMGAFFSHDQEKIYTVSKDGAVFVWEFTKRPSDDDDNESEDDDKQEEV
DISKYSWRITKKHFFYANQAKVKCVTFHPATRLLAVGFTSGEFRLYDLPDFTLIQQLSMGQNPVNTVSVNQTGEWLAFGS
SKLGQLLVYEWQSESYILKQQGHFDSTNSLAYSPDGSRVVTASEDGKIKVWDITSGFCLATFEEHTSSVTAVQFAKRGQV
MFSSSLDGTVRAWDLIRYRNFRTFTGTERIQFNCLAVDPSGEVVCAGSLDNFDIHVWSVQTGQLLDALSGHEGPVSCLSF
SQENSVLASASWDKTIRIWSIFGRSQQVEPIEVYSDVLALSMRPDGKEVAVSTLKGQISIFNIEDAKQVGNIDCRKDIIS
GRFNQDRFTAKNSERSKFFTTIHYSFDGMAIVAGGNNNSICLYDVPNEVLLKRFIVSRNMALNGTLEFLNSKKMTEAGSL
DLIDDAGENSDLEDRIDNSLPGSQRGGDLSTRKMRPEVRVTSVQFSPTANAFAAASTEGLLIYSTNDTILFDPFDLDVDV
TPHSTVEALREKQFLNALVMAFRLNEEYLINKVYEAIPIKEIPLVASNIPAIYLPRILKFIGDFAIESQHIEFNLIWIKA
LLSASGGYINEHKYLFSTAMRSIQRFIVRVAKEVVNTTTDNKYTYRFLVSTDGSM
;
LO
24 'polypeptide(L)'
;SKTRYYLEQCIPEMDDLVEKGLFTKNEVSLIMKKRTDFEHRLNSRGSSINDYIKYINYESNVNKLRAKRCKRILQVKKTN
SLSDWSIQQRIGFIYQRGTNKFPQDLKFWAMYLNYMKARGNQTSYKKIHNIYNQLLKLHPTNVDIWISCAKYEYEVHANF
KSCRNIFQNGLRFNPDVPKLWYEYVKFELNFITKLINRRKVMGLINEREQELDMQNEQKNNQAPDEEKSHLQVPSTGDSM
KDKLNELPEADISVLGNAETNPALRGDIALTIFDVCMKTLGKHYINKHKGYYAISDSKMNIELNKETLNYLFSESLRYIK
LFDEF(UNK)(UNK)(UNK)(UNK)(UNK)(UNK)(UNK)(UNK)(UNK)(UNK)(UNK)(UNK)(UNK)(UNK)(UNK)
(UNK)(UNK)(UNK)(UNK)(UNK)(UNK)(UNK)(UNK)(UNK)(UNK)(UNK)(UNK)(UNK)(UNK)(UNK)(UNK)
(UNK)(UNK)(UNK)(UNK)(UNK)(UNK)(UNK)(UNK)(UNK)(UNK)(UNK)(UNK)(UNK)(UNK)(UNK)(UNK)
(UNK)(UNK)(UNK)(UNK)(UNK)(UNK)(UNK)(UNK)(UNK)(UNK)(UNK)(UNK)(UNK)(UNK)(UNK)(UNK)
(UNK)(UNK)(UNK)(UNK)(UNK)(UNK)(UNK)(UNK)(UNK)(UNK)(UNK)(UNK)(UNK)(UNK)(UNK)(UNK)
(UNK)(UNK)(UNK)(UNK)(UNK)(UNK)(UNK)(UNK)(UNK)(UNK)(UNK)(UNK)(UNK)(UNK)(UNK)(UNK)
;
LP
25 'polypeptide(L)'
;YQRFEQAAAFGVIASNANCVWIPASSGNSNGSGPGQLITSALEDVNIWDIKTGDLVSKLSDGLPPGASDARGAKPAECTY
LEAHKDTDLLAVGYADGVIKVWDLMSKTVLLNFNGHKAAITLLQFDGTGTRLISGSKDSNIIVWDLVGEVGLYKLRSHKD
SITGFWCQGEDWLISTSKDGMIKLWDLKTHQCIETHIAHTGECWGLAVKDDLLITTGTDSQVKIWKLDIENDKMGGKLTE
MGIFEKQSKQRGLKIEFITNSSDKTSFFYIQNADKTIETFRIR(UNK)(UNK)(UNK)(UNK)(UNK)(UNK)(UNK)
(UNK)(UNK)(UNK)(UNK)(UNK)(UNK)(UNK)(UNK)(UNK)(UNK)(UNK)KG(UNK)(UNK)(UNK)(UNK)
(UNK)(UNK)(UNK)(UNK)(UNK)(UNK)KESYSSFILHPFQTIRSLYKIKSASWTTVSSSKLELVLTTSSNTIEYYSI
PYEKRDPTSPAPLKTHTIELQGQRTDVRSIDISDDNKLLATASNGSLKIWNIKTHKCIRTFECGYALTCKFLPGGLLVIL
GTRNGELQLFDLASSSLLDTIEDAHDAAIWSLDLTSDGKRLVTGSADKTVKFWDFKVENSLVPGTKNKFLPVLKLHHDTT
LELTDDILCVRVSPDDRYLAISLLDNTVKVFFLDSMKFYLSLYGHKLPVLSIDISFDSKMIITSSADKNIKIWGLDFGDC
HKSLFAHQDSIMNVKFLPQSHNFFSCSKDAVVKYWDGEKFECIQKLYAHQSEVWALAVATDGGFVVSSSHDHSIRIWEET
EDQVFLEEEKEKELEEQYEDTLLTSLEEGNGDDAFKADASGEGVEDEASGVHKQTLESLKAGERLMEALDLGIAEIEGLE
AYNRDMKL(UNK)(UNK)(UNK)(UNK)(UNK)(UNK)(UNK)(UNK)(UNK)(UNK)(UNK)KPQGNAVLIAVNKTPEQ
YIMDTLLRIRMSQLEDALMVMPFSYVLKFLKFIDTVMQNKTLLHSHLPLICKNLFFIIKFNHKELVSQKNEELKLQINRV
KTELRSALKSTEDDLGFNVQGLKFVKQQWNLRHNYEFVDEYDQQEKESNSARKRVFGTVI
;
LQ
26 'polypeptide(L)'
;MTMATTAMNVSVPPPDEEEQLLAKFVFGDTTDLQENLAKFNADFIFNEQEMDVEDQEDEGSESDNSEEDEAQNGELDHVN
NDQLFFVDDGGNEDSQDKNEDTMDVDDEDDSSSDDYSEDSEEAAWIDSDDEKIKVPILVTNKTKKLRTSYNESKINGVHY
INRLRSQFEKIYPRPKWVDDESDSELDDEEDDEEEGSNNVINGDINALTKILSTTYNYKDTLSNSKLLPPKKLDIVRLKD
ANASHPSHSAIQSLSFHPSKPLLLTGGYDKTLRIYHIDGKTNHLVTSLHLVGSPIQTCTFYTSLSNQNQQNIFTAGRRRY
MHSWDLSLENLTHSQTAKIEKFSRLYGHESTQRSFENFKVAHLQNSQTNSVHGIVLLQGNNGWINILHSTSGLWLMGCKI
EGVITDFCIDYQPISRGKFRTILIAVNAYGEVWEFDLNKNGHVIRRWKDQGGVGITKIQVGGGTTTTCPALQISKIKQNR
WLAVGSESGFVNLYDRNNAMTSSTPTPVAALDQLTTTISNLQFSPDGQILCMASRAVKDALRLVHLPSCSVFSNWPTSGT
PLGKVTSVAFSPSGGLLAVGNEQGKVRLWKLNHY
;
LS
27 'polypeptide(L)'
;KNSKIFSPFRIIGNVSNGVPFATGTLGSTFYIVTCVGKTFQIYDANTLHLLFVSEKETPSSIVALSAHFHYVYAAYENKV
GIYKRGIEEHLLELETDANVEHLCIFGDYLCASTDDNSIFIYKKSDPQDKYPSEFYTKLTVTEIQGGEIVSLQHLATYLN
KLTVVTKSNVLLFNVRTGKLVFTSNEFPDQITTAEPAPVLDIIALGTVTGEVIMFNMRKGKRIRTIKIPQSRISSLSFRT
DGSSHLSVGTSSGDLIFYDLDRRSRIHVLKNIHRESYGGVTQATFLNGQPIIVTSGGDNSLKEYVFDPSLSQGSGDVVVQ
PPRYLRSRGGHSQPPSYIAFADSQSHFMLSASKDRSLWSFSLRKDAQSQEMSQRLHKKQDGGRVGGSTIKSKFPEIVALA
IENARIGEWENIITAHKDEKFARTWDMRNKRVGRWTFDTTDDGFVKSVAMSQCGNFGFIGSSNGSITIYNMQSGILRKKY
KLHKRAVTGISLDGMNRKMVSCGLDGIVGFYDFNKSTLLGKLKLDAPITAMVYHRSSDLFALALDDLSIVVIDAVTQRVV
RQLWGHSNRITAFDFSPEGRWIVSASLDSTIRTWDLPTGGCIDGIIVDNVATNVKFSPNGDLLATTHVTGNGICIWTNRA
QFKTVSTRTIDESEFARMALPSTSVRGNDSMLSGALESNGGEDLNDIDFNTYTSLEQIDKELLTLSIGPRSKMNTLLHLD
VIRKRSKPKEAPKKSEKLPFFLQLSGEKVGDEASVREGIAHETPEEIHRRDQEAQKKLDAEEQMNKFKVTGRLGFESHFT
KQLREGSQSKDYSSLLATLINFSPAAVDLEIRSLNSFEPFDEIVWFIDALTQGLKSNKNFELYETFMSLLFKAHGDVIHA
NNKNQDIASALQNWEDVHKKEDRLDDLVKFCMGVAAFVTTA
;
LT
28 'polypeptide(L)'
;MKIKTIKRSADDYVPVKSTQESQMPRNLNPELHPFERAREYTKALNATKLERMFAKPFVGQLGYGHRDGVYAIAKNYGSL
NKLATGSADGVIKYWNMSTREEFVSFKAHYGLVTGLCVTQPRFHDKKPDLKSQNFMLSCSDDKTVKLWSINVDDYSNKNS
SDNDSVTNEEGLIRTFDGESAFQGIDSHRENSTFATGGAKIHLWDVNRLKPVSDLSWGADNITSLKFNQNETDILASTGS
DNSIVLYDLRTNSPTQKIVQTMRTNAICWNPMEAFNFVTANEDHNAYYYDMRNLSRSLNVFKDHVSAVMDVDFSPTGDEI
VTGSYDKSIRIYKTNHGHSREIYHTKRMQHVFQVKYSMDSKYIISGSDDGNVRLWRSKAWERSNVKTTREKNKLEYDEKL
KERFRHMPEIKRISRHRHVPQVIKKAQEIKNIELSSIKRREANERRTRKDMPYISERKKQIVGTV
;
LU
29 'polypeptide(L)'
;VLKSTSANDVSVYQVSGTNVSRSLPDWIAKKRKRQLKNDLEYQNRVELIQDFEFSEASNKIKVSRDGQYCMATGTYKPQI
HVYDFANLSLKFDRHTDAENVDFTILSDDWTKSVHLQNDRSIQFQNKGGLHYTTRIPKFGRSLVYNKVNCDLYVGASGNE
LYRLNLEKGRFLNPFKLDTEGVNHVSINEVNGLLAAGTETNVVEFWDPRSRSRVSKLYLENNIDNRPFQVTTTSFRNDGL
TFACGTSNGYSYIYDLRTSEPSIIKDQGYGFDIKKIIWLDNVGTENKIVTCDKRIAKIWDRLDGKAYASMEPSVDINDIE
HVPGTGMFFTANESIPMHTYYIPSLGPSPRWCSFLDSITEEL
;
LV
30 'polypeptide(L)'
;QTKDKKLRAGLKKIDEQYKKAVSSAAATDYLLPESNGYLEPENELEKTFKVQQSEIKSSVDVSTANKALDLSLKEFGPYH
IKYAKNGTHLLITGRKGHVASMDWRKGQLRAELFLNETCHSATYLQNEQYFAVAQKKYTFIYDHEGTELHRLKQHIEARH
LDFLPYHYLLVTAGETGWLKYHDVSTGQLVSELRTKAGPTMAMAQNPWNAVMHLGHSNGTVSLWSPSMPEPLVKLLSARG
PVNSIAIDRSGYYMATTGADRSMKIWDIRNFKQLHSVESLPTPGTNVSISDTGLLALSRGPHVTLWKDALKLSGDSKPCF
GSMGGNPHRNTPYMSHLFAGNKVENLGFVPFEDLLGVGHQTGITNLIVPGAGEANYDALELNPFETKKQRQEQEVRTLLN
KLPADTITLDPNSIGSVDKRSSTIRLNAKDLAQTTMDA
;
LW
31 'polypeptide(L)'
;VRKLKHHEQKLLKKVDFLEWKQDQGHRDTQVMRTYHIQNREDYHKYNRICGDIRRLANKLSLLPPTDPFRRKHEQLLLDK
LYAMGVLTTKSKISDLENKVTVSAICRRRLPVIMHRLKMAETIQDAVKFIEQGHVRVGPNLINDPAYLVTRNMEDYVTWV
DNSKIKKTLLRYRNQIDDFDFS
;
LZ
32 'polypeptide(L)'
;NSQVFGVARIYASFNDTFVHVTDLSGKETIARVTGGMKVKADRDESSPYAAMLAAQDVAAKCKEVGITAVHVKIRATGGT
RTKTPGPGGQAALRALARSGLRIGRIEDVTP
;
NG
33 'polypeptide(L)'
;ESSFMTLFPKYRESYLKTIWNDVTRALDKHNIACVLDLVEGSMTVKTTRKTYDPAIILKARDLIKLLARSVPFPQAVKIL
QDDMACDVIKIGNFVTNKERFVKRRQRLVGPNGNTLKALELLTKCYILVQGNTVSAMGPFKGLKEVRRVVEDCMKNIHPI
YHIKELMIKRELAKR
;
NK
34 'polypeptide(L)'
;ARGGAKVVIEPHRHAGVYIARGKEDLLVTKNMAPGESVYGEKRISVEEPSKEDGVPPTKVEYRVWNPFRSKLAAGIMGGL
DELFIAPGKKVLYLGAASGTSVSHVSDVVGPEGVVYAVEFSHRPGRELISMAKKRPNIIPIIEDARHPQKYRMLIGMVDC
VFADVAQPDQARIIALNSHMFLKDQGGVVISIKANCIDSTVDAETVFAREVQKLREERIKPLEQLTLEPYERDHCIVVGR
YMRSGLK
;
SC,SD
35 'polypeptide(L)'
;NPKAFPLADAALTQQILDVVQQAANLRQLKKGANEATKTLNRGISEFIIMAADCEPIEILLHLPLLCEDKNVPYVFVPSR
VALGRACGVSRPVIAASITTNDASAIKTQIYAVKDKIETLL
;
SE,SF
36 'polypeptide(L)'
;FDAGDLDKDIIASRLKEDVAEQQGRVFRYFGDKLLISEAKQSFTRVGENNLTCISCFQPVLNKYTFEESSNGDKNKGRLF
AYTVSKDLQLTKYDITDFSKRPKKLKYAKGGAKYIPTSKHEYENTTEGHYDEILTVAASPDGKYVVTGGRDRKLIVWSTE
SLSPVKVIPTKDRRGEVLSLAFRKNSDQLYASCADFKIRTYSINQFSQLEILYGHHDIVEDISALAMERCVTVGARDRTA
MLWKIPDETRLTFRGGDEPQKLLRRWMKENAKEGEDGEVKYPDESEAPLFFCEGSIDVVSMVDDFHFITGSDNGNICLWS
LAKKKPIFTERIAHGILPEPSFNDISGETDEELRKRQLQGKKLLQPFWITSLYAIPYSNVFISGSWSGSLKVWKISDNLR
SFELLGELSGAKGVVTKIQVVESGKHGKEKFRILASIAKEHRLGRWIANVSGARNGIYSAVIDQ
;
SG
37 'polypeptide(L)'
;KYTTFQGSQNFRLRIVLATLSGKPIKIEKIRSGDLNPGLKDYEVSFLRLIESVTNGSVIEISYTGTTVIYRPGIIVGGAS
THICPSSKPVGYFVEPMLYLAPFSKKKFSILFKGITASHNDAGIEAIKWGLMPVMEKFGVRECALHTLKRGSPPLGGGEV
HLVVDSLIAQPITMHEIDRPIISSITGVAYSTRVSPSLVNRMIDGAKKVLKNLQCEVNITADVWRGENSGKSPGWGITLV
AQSKQKGWSYFAEDIGDAGSIPEELGEKVACQLLEEISKSAAVGRNQLPLAIVYMVIGKEDIGRLRINKEQIDERFIILL
RDIKKIFNTEVFLKPVDEADNEDMIATIKGIGFTNTSKKI
;
SH
38 'polypeptide(L)'
;TMQRSSDVNERKLHVPMVDRTPEDDPPPFIVAVVGPPGTGKTTLIRSLVRRMTKSTLNDIQGPITVVSGKHRRLTFLECP
ADDLNAMIDIAKIADLVLLLIDGNFGFEMETMEFLNIAQHHGMPRVLGVATHLDLFKSQSTLRASKKRLKHRFWTEVYQG
AKLFYLSGVINGRYPDREILNLSRFISVMKFRPLKWRNEHPYMLADRFTDLTHPELIETQGLQIDRKVAIYGYLHGTPLP
SAPGTRVHIAGVGDFSVAQIEKLPDPCPTPFYQQKLDDFEREKMKEEAKANGEITTASTTRRRKRLDDKDKLIYAPMSDV
GGVLMDKDAVYIDIGKKNEEPSFVPGQERGEGEKLMTGLQSVEQSIAEKFDGVGLQLFSNGTELHEVADHEGMDVESGEE
SIEDDEGKSKGRTSLRKPRIYGKPVQEEDADIDNLPSDEEPYTNDDDVQDSEPRMVEIDFNNTGEQGAEKLALETDS
(UNK)(UNK)(UNK)(UNK)(UNK)(UNK)(UNK)(UNK)(UNK)(UNK)(UNK)(UNK)(UNK)(UNK)(UNK)(UNK)
(UNK)(UNK)(UNK)(UNK)(UNK)(UNK)(UNK)(UNK)(UNK)(UNK)(UNK)(UNK)(UNK)NIGKLIYMDNISPEE
CIRRWRGEDDDSKDESDIEEDVDDDFFRKKDGTVTKEGNKDHAVDLEKFVPYFDTFEKLAKKWKSVDAIKERFLGAGILG
NDNKTKSDSNEGGEELYGDFEDLEDGNPSEQAEDNSDKESEDEDENEDTNGDDDNSFTNFDAEEKKDLTMEQEREMNAAK
KEKLRAQFEIEEGENFKEDDENNEYDTWYELQKAKISKQLEINNIEYQEMTPEQRQRIEGFKAGSYVRIVFEKVPMEFVK
NFNPKFPIVMGGLLPTEIKFGIVKARLRRHRWHKKILKTNDPLVLSLGWRRFQTLPIYTTTDSRTRTRMLKYTPEHTYCN
AAFYGPLCSPNTPFCGVQIVANSDTGNGFRIAATGIVEEIDVNIEIVKKLKLVGFPYKIFKNTAFIKDMFSSAMEVARFE
GAQIKTVSGIRGEIKRALSKPEGHYRAAFEDKILMSDIVILRSWYPVRVKKFYNPVTSLLLKEKTEWKGLRLTGQIRAAM
NLETPSNPDSAYHKIERVERHFNGLKVPKAVQKELPFKSQIHQMKPQKKKTYMAKRAVVLGGDEKKARSFIQKVLTISKA
KDSKRKEQKASQRKERLKKLAKMEEEKSQRDKEKKKEYFAQN
;
SI
39 'polypeptide(L)'
;QKALPASLVPQAPPVLTSKDKITKRMIVVLAMASLETHKISSNGPGGDKYVLLNCDDHQGLLKKMGRDISEARPDITHQC
LLTLLDSPINKAGKLQVYIQTSRGILIEVNPTVRIPRTFKRFSGLMVQLLHKLSIRSVNSEEKLLKVIKNPITDHLPTKC
RKVTLSFDAPVIRVQDYIEKLDDDESICVFVGAMARGKDNFADEYVDEKVGLSNYPLSASVACSKFCHGAEDAWNI
;
SJ,SK
40 'polypeptide(L)'
;TRKFGLVKRTLNTKKDQRLKKNQENIKTKEDPELTRNIPQVSSALFFQYNQAIKPPYQVLIDTNFINFSIQKKVDIVRGM
MDCLLAKCNPLITDCVMAELEKLGPKYRIALKLARDPRIKRLSCSHKGTYADDCLVHRVLQHKCYIVATNDAGLKQRIRK
IPGIPLMSVGGHAYVIEKLPDVF
;
SL
41 'polypeptide(L)'
;MLRRQARERREYLYRKAQELQDSQLQQKRQIIKQALAQGKPLPKELAEDESLQKDFRYDQSLKESEEADDLQVDDEYAAT
SGIMDPRIIVTTSRDPSTRLSQFAKEIKLLFPNAVRLNRGNYVMPNLVDACKKSGTTDLVVLHEHRGVPTSLTISHFPHG
PTAQFSLHNVVMRHDIINAGNQSEVNPHLIFDNFTTALGKRVVCILKHLFNAGPKKDSERVITFANRGDFISVRQHVYVR
TREGVEIAEVGPRFEMRLFELRLGTLENKDADVEWQLRRFIRTANKKDYL
;
SM
42 'polypeptide(L)'
;GLAEKALKALILQCEENPSLKNDKDIHIIINTGKKMGINRDNIPRIIPLTKYKLFKPRDLNILLITKDPSALYRETLTKD
EHTSELFKEIISVKNLRRRFKGSKLTQLYKDFDLVVADYRVHHLLPEVLGSRFYHGSKKLPYMIRMSKEVKLKRQQMVEK
CDPIYVRAQLRSICKNTSYIPNNDNCLSVRVGYIQKHSIPEILQNIQDTINFLTDKSKRPQGGVIKGGIISIFVKTSNST
SLPIYQF
;
SN
43 'polypeptide(L)'
;SRKIMVPPHRMTPLRNSWTKIYPPLVEHLKLQVRMNLKTKSVELRTNPKFTTDPGALQKGADFIKAFTLGFDLDDSIALL
RLDDLYIETFEVKDVKTLTGDHLSRAIGRIAGKDGKTKFAIENATRTRIVLADSKIHILGGFTHIRMARESVVSLILGSP
PGKVYGNLRTVASRLKERY
;
SO
44 'polypeptide(L)'
;SKFQEIETNLKKLPKLETGFDALANKKKKKNVLPSVETEDKRKPNKSDKNDNDWFTLPKPDDNMRREVQRDLLLIKHRAA
LDPKRHYKKQRWEVPERFAIGTIIEDKSEFYSSRMNRKERKSTILETLMGDEASNKYFKRKYNEIQEKSTSGRKAHYKKM
KEMRKKR
;
SQ
45 'polypeptide(L)'
;SPFGGSSHAKGIVLEKLGIESKQPNSAIRKCVRVQLIKNGKKVTAFVPNDGCLNFVDENDEVLLAGFGRKGKAKGDIPGV
RFKVVKVSGVSLLALWKEKKEKPR
;
SR
46 'polypeptide(L)'
;QRIQQRHDRKAAYEISRQEVSKWNDIVQQNRRADHLIFPLNKPTEHNHASAFTRTQDVPQTELQEKVDQVLQESN(UNK)
(UNK)(UNK)(UNK)(UNK)(UNK)(UNK)(UNK)(UNK)(UNK)(UNK)(UNK)(UNK)(UNK)(UNK)(UNK)(UNK)
(UNK)(UNK)(UNK)(UNK)(UNK)(UNK)(UNK)(UNK)(UNK)(UNK)(UNK)(UNK)(UNK)(UNK)(UNK)(UNK)
(UNK)(UNK)(UNK)(UNK)(UNK)(UNK)(UNK)(UNK)(UNK)(UNK)(UNK)(UNK)(UNK)(UNK)(UNK)(UNK)
(UNK)(UNK)(UNK)NVIINEKVNKKNLKYQSSAVPFPFENREQYERSLRMPIGQEWTSRASHQELIKPRIMTKPGQVID
PLKAP
;
SS
47 'polypeptide(L)'
;MAGSQLKNLKAALKARGLTGQTNVKSKNKKNSKRQAKEYDREEKKKAIAEIREEFNPFEIKAARNKRRDGLPSKTADRIA
VGKPGISKQIGEEQRKRAFEARKMMKNKRGGVIDKRFGERDKLLTEEEKMLERFTRERQSQSKRNANLFNLEDDEDDGDM
FGDGLTHLGQSLSLEDELANDEEDFLASKRFNEDDAELQQPQRKKTKAEVMKEVIAKSKFYKQERQKAQGIMEDQIDNLD
DNFEDVMSELMMTQPKKNPMEPKTDLDKEYDIKVKE(UNK)(UNK)(UNK)(UNK)(UNK)(UNK)(UNK)(UNK)
(UNK)(UNK)(UNK)(UNK)(UNK)(UNK)(UNK)(UNK)(UNK)(UNK)(UNK)(UNK)(UNK)(UNK)(UNK)(UNK)
(UNK)(UNK)(UNK)(UNK)(UNK)(UNK)(UNK)(UNK)(UNK)(UNK)(UNK)(UNK)(UNK)(UNK)(UNK)(UNK)
(UNK)(UNK)(UNK)(UNK)(UNK)(UNK)(UNK)(UNK)(UNK)(UNK)(UNK)(UNK)(UNK)(UNK)(UNK)(UNK)
(UNK)(UNK)(UNK)(UNK)(UNK)(UNK)(UNK)(UNK)(UNK)(UNK)(UNK)(UNK)(UNK)(UNK)(UNK)(UNK)
(UNK)(UNK)(UNK)(UNK)(UNK)(UNK)(UNK)(UNK)(UNK)(UNK)(UNK)(UNK)(UNK)(UNK)(UNK)(UNK)
(UNK)(UNK)(UNK)(UNK)(UNK)(UNK)(UNK)(UNK)(UNK)(UNK)(UNK)(UNK)(UNK)(UNK)(UNK)(UNK)
(UNK)(UNK)(UNK)(UNK)(UNK)(UNK)(UNK)(UNK)(UNK)(UNK)(UNK)(UNK)(UNK)(UNK)(UNK)(UNK)
(UNK)(UNK)(UNK)(UNK)(UNK)(UNK)(UNK)(UNK)(UNK)(UNK)(UNK)(UNK)(UNK)(UNK)(UNK)(UNK)
(UNK)(UNK)(UNK)(UNK)(UNK)(UNK)KEKLGKFTAVLLRHIIFLSNQNYLKNVQSFKRTQNALISILKSLSEKYNR
ELSEECRDYINEMQARYKKNHFDALSNGDLVFFSIIGILFSTSDQYHLVITPALILMSQFLEQIKFNSLKRIAFGAVLVR
IVSQYQRISKRYIPEVVYFFQKILLTFIVEKENQEKPLDFENIRLDSYELGLPLDVDFTKKRSTIIPLHTLSTMDTEAHP
VDQCVSVLLNVMESLDATISTVWKSLPAFNEIILPIQQLLSAYTSKYSDFEKPRNILNKVEKLTKFTEHIPLALQNHKPV
SIPTHAPKYEENFNPDKKSYDPDRTRSEINKMKAQLKKERKFTMKEIRKDAKFEARQRIEEKNKESSDYHAKMAHIVNTI
NTEEGAEKNKYERERKLR
;
ST
48 'polypeptide(L)'
;KLVHDVQKKQHRERSQLTSRSRYGFLEKHKDYVKRAQDFHRKQSTLKVLREKAKERNPDEYYHAMHSRKTDAKGLLISSR
HGDEEDESLSMDQVKLLKTQDSNYVRTLRQIELKKLEKGAKQLMFKSSGNHTIFVDSREKMNEFTPEKFFNTTSEMVNRS
ENRLTKDQLAQDISNNRNASSIMPKESLDKKKLKKFKQVKQHLQRETQLKQVQQRMDAQRELLKKGSKKKIVDSSGKISF
KWKKQRKR
;
SY
49 'polypeptide(L)'
;ALPEKVIKAYTTVGSILKTWTHGKLPKLFKVIPSLRNWQDVIYVTNPEEWSPHVVYEATKLFVSNLTAKESQKFINLILL
ERFRDNIETSEDHSLNYHIYRAVKKSLYKPSAFFKGFLFPLVETGCNVREATIAGSVLAKVSVPALHSSAALSYLLRLPF
SPPTTVFIKILLDKKYALPYQTVDDCVYYFMRFRILDDGSNGEDATRVLPVIWHKAFLTFAQRYKNDITQDQRDFLLETV
RQRGHKDIGPEIRRELLAGAS
;
SZ
50 'polypeptide(L)'
;APESVADFERLLIGNPNSSVVWMNYMAFQLQLSEIEKARELAERALKTINFREEAEKLNIWIAMLNLENTFGTEETLEEV
FSRACQYMDSYTIHTKLLGIYEISEKFDKAAELFKATAKKFGGEKVSIWVSWGDFLISHNEEQEARTILGNALKALPKRN
HIEVVRKFAQLEFAKGDPERGRSLFEGLVADAPKRIDLWNVYVDQEVKAKDKKKVEDLFERIITKKITRKQAKFFFNKWL
QFEESEGDEKTIEYVKAKATEYVAS
;
NJ
51 'polypeptide(L)'
;LFKSNIFKLQIDELLEQVKLKQKHVLKVEKFLHKLYDILQEIPDWEEKSLAEVDSFFKNKIVSVPFVDPKPIPQNTNYKF
NYKKPDISLIGSFALKAGIYQPNGSSIDTLLTMPKELFEKKDFLNFRCLHKRSVYLAYLTHHLLILLKKDKLDSFLQLEY
SYFDNDPLLPILRISCSKPTGDSLSDYNFYKTRFSINLLIGFPYKVFEPKKLLPNRNCIRIAQESKEQSLPATPLYNFSV
LSSSTHENYLKYLYKTKKQTESFVEATVLGRLWLQQRGFSSNMSHSGSLGGFGTFEFTILMAALLNGGGINSNKILLHGF
SSYQLFKGVIKYLATMDLCHDGHLQFHSNPENSSSSPASKYIDEGFQTPTLFDKSTKVNILTKMTVSSYQILKEYAGETL
RMLNNVVQDQFSNIFLTNISRFDNLKYDLCYDVQLPLGKYNNLETSLAATFGSMERVKFITLENFLAHKITNVARYALGD
RIKYIQIEMVGQKSDFPITKRKVYSNTGGNHFNFDFVRVKLIVNPSECDKLVTKGPAHSETMSTEAAVFKNFWGIKSSLR
RFKDGSITHCCVWSTSSSEPIISSIVNFALQKHVSKKAQISNETIKKFHNFLPLPNLPSSAKTSVLNLSSFFNLKKSFDD
LYKIIFQMKLPLSVKSILPVGSAFRYTSLCQPVPFAYSDPDFFQDVILEFETSPKWPDEITSLEKAKTAFLLKIQEELSA
NSSTYRSFFSRDESIPYNLEIVTLNILTPEGYGFKFRVLTERDEILYLRAIANARNELKPELEATFLKFTAKYLASVRHT
RTLENISHSYQFYSPVVRLFKRWLDTHLLLGHITDELAELIAIKPFVDPAPYFIPGSLENGFLKVLKFISQWNWKDDPLI
LDLVKPEDDIRDTFETSIGAGSELDSKTMKKLSERLTLAQYKGIQMNFTNLRNSDPNGTHLQFFVASKNDPSGILYSSGI
PLPIATRLTALAKVAVNLLQTHGLNQQTINLLFTPGLKDYDFVVDLRTPIGLKSSCGILSATEFKNITNDQAPSNFPENL
NDLSEKMDPTYQLVKYLNLKYKNSLILSSRKYIGVNGGEKGDKNVITGLIKPLFKGAHKFRVNLDCNVKPVDDENVILNK
EAIFHEIAAFGNDMVINFETD
;
NH
52 'polypeptide(L)'
;IEDISAMKNGFIVVPFKLPDHKALPKSQEASLHFMFAKRHQSSNSNESDCLFLVNLPLLSNIEHMKKFVGQLCGKYDTVS
HVEELLYNDEFGLHEVDLSALTSDLMSSTDVNEKRYTPRNTALLKFVDAASINNCWNALKKYSNLHAKHPNELFEWTYTT
PSFTTFVNFYKPLDIDYLKEDIHTHMA
;
NI
53 'polyribonucleotide'
;AGAUAGUUAUCUGGUUGAUCCUGCCAGUAGUCAUAUGCUUGUCUCAAAGAUUAAGCCAUGCAUGUCUAAGUAUAAGCAAU
UUAUACAGUGAAACUGCGAAUGGCUCAUUAAAUCAGUUAUCGUUUAUUUGAUAGUUCCUUUACUACAUGGUAUAACUGUG
GUAAUUCUAGAGCUAAUACAUGCUUAAAAUCUCGACCCUUUGGAAGAGAUGUAUUUAUUAGAUAAAAAAUCAAUGUCUUC
GGACUCUUUGAUGAUUCAUAAUAACUUUUCGAAUCGCAUGGCCUUGUGCUGGCGAUGGUUCAUUCAAAUUUCUGCCCUAU
CAACUUUCGAUGGUAGGAUAGUGGCCUACCAUGGUUUCAACGGGUAACGGGGAAUAAGGGUUCGAUUCCGGAGAGGGAGC
CUGAGAAACGGCUACCACAUCCAAGGAAGGCAGCAGGCGCGCAAAUUACCCAAUCCUAAUUCAGGGAGGUAGUGACAAUA
AAUAACGAUACAGGGCCCAUUCGGGUCUUGUAAUUGGAAUGAGUACAAUGUAAAUACCUUAACGAGGAACAAUUGGAGGG
CAAGUCUGGUGCCAGCAGCCGCGGUAAUUCCAGCUCCAAUAGCGUAUAUUAAAGUUGUUGCAGUUAAAAAGCUCGUAGUU
GAACUUUGGGCCCGGUUGGCCGGUCCGAUUUUUUCGUGUACUGGAUUUCCAACGGGGCCUUUCCUUCUGGCUAACCUUGA
GUCCUUGUGGCUCUUGGCGAACCAGGACUUUUACUUUGAAAAAAUUAGAGUGUUCAAAGCAGGCGUAUUGCUCGAAUAUA
UUAGCAUGGAAUAAUAGAAUAGGACGUUUGGUUCUAUUUUGUUGGUUUCUAGGACCAUCGUAAUGAUUAAUAGGGACGGU
CGGGGGCAUCAGUAUUCAAUUGUCAGAGGUGAAAUUCUUGGAUUUAUUGAAGACUAACUACUGCGAAAGCAUUUGCCAAG
GACGUUUUCAUUAAUCAAGAACGAAAGUUAGGGGAUCGAAGAUGAUCAGAUACCGUCGUAGUCUUAACCAUAAACUAUGC
CGACUAGGGAUCGGGUGGUGUUUUUUUAAUGACCCACUCGGCACCUUACGAGAAAUCAAAGUCUUUGGGUUCUGGGGGGA
GUAUGGUCGCAAGGCUGAAACUUAAAGGAAUUGACGGAAGGGCACCACCAGGAGUGGAGCCUGCGGCUUAAUUUGACUCA
ACACGGGGAAACUCACCAGGUCCAGACACAAUAAGGAUUGACAGAUUGAGAGCUCUUUCUUGAUUUUGUGGGUGGUGGUG
CAUGGCCGUUCUUAGUUGGUGGAGUGAUUUGUCUGCUUAAUUGCGAUAACGAACGAGACCUUAACCUACUAAAUAGUGGU
GCUAGCAUUUGCUGGUUAUCCACUUCUUAGAGGGACUAUCGGUUUCAAGCCGAUGGAAGUUUGAGGCAAUAACAGGUCUG
UGAUGCCCUUAGACGUUCUGGGCCGCACGCGCGCUACACUGACGGAGCCAGCGAGUCUAACCUUGGCCGAGAGGUCUUGG
UAAUCUUGUGAAACUCCGUCGUGCUGGGGAUAGAGCAUUGUAAUUAUUGCUCUUCAACGAGGAAUUCCUAGUAAGCGCAA
GUCAUCAGCUUGCGUUGAUUACGUCCCUGCCCUUUGUACACACCGCCCGUCGCUAGUACCGAUUGAAUGGCUUAGUGAGG
CCUCAGGAUCUGCUUAGAGAAGGGGGCAACUCCAUCUCAGAGCGGAGAAUUUGGACAAACUUGGUCAUUUAGAGGAACUA
AAAGUCGUAACAAGGUUUCCGUAGGUGAACCUGCGGAAGGAUCAUUA
;
8
54 'polypeptide(L)'
;MVLLISEIKDIAKRLTAAGDRKQYNSIIKLINELVIPENVTQLEEDETEKNLRFLVMSLFQIFRKLFSRGDLTLPSSKKS
TLEKEQFVNWCRKVYEAFKTKLLAIISDIPFETSLGLDSLDVYLQLAELESTHFASEKGAPFFPNKTFRKLIIALWSSNM
GEIEDVKSSGASENLIIVEFTEKYYTKFADIQYYFQSEFNQLLEDPAYQDLLLKNVGKWLALVNHDKHCSSVDADLEIFV
PNPPQAIENESKFKSNFEKNWLSLLNGQLSLQQYKSILLILHKRIIPHFHTPTKLMDFLTDSYNLQSSNKNAGVVPILAL
NGLFELMKRFNLEYPNFYMKLYQIINPDLMHVKYRARFFRLMDVFLSSTHLSAHLVASFIKKLARLTLESPPSAIVTVIP
FIYNLIRKHPNCMIMLHNPAFISNPFQTPDQVANLKTLKENYVDPFDVHESDPELTHALDSSLWELASLMEHYHPNVATL
AKIFAQPFKKLSYNMEDFLDWNYDSLLNAESSR
;
SU
55 'polypeptide(L)'
;DYVQVADGTFNESTNNITLGISGSSISQYIINPTPKLTFDYPIPSTNIITACNAEKGQANIDGNIEASTDDEANNEKTIN
TQKKRNVEIWAFGLMVNKGNYTLNVITKALEDTTDTSNDHLSESDIDNKAYTGSDEFLSQYKIKAKAKVMSIKIDTKNSL
VIAILQNGLIEIFDFKLTLLHSFDISYDNLKYAKWFTENGTEYVFVLCPLQDDKVCYKLLELTDCGSGESSPIKELSSTI
IEGFSFENSKLCYQFGKLYKLNQGKIYIYSLPHCQLQQVIEFPMVDKLSPGDDLISFQPVSVNRVLLTVNNVIYLLDLLH
CSTLSQRELTHVKTFQLLKSAVINSEKSHNSKTIAIGISTKNGPNPTSSLEIINIDVGTNTLKDSLGKSFQVGNNDSSVI
LKPLFDDKDINDKRVKCNDVSGDSSVPVLHCNEVIEKLSALQDNDITSFDDIFFKELKIKEEHYTEKDRYISDPGFLNKV
LDLIFGKFSGNDYPKTLTFLLTHPLFPLSRTRNLLSLLRDQPRLFKQAIVTCPNLPLNELLEELFSIRNRELLLDISFRI
LQDFTRDSIKQEMKKLSKLDVQNFIEFITSGGEDSSPECFNPSQSTQLFQLLSLVLDSIGLFSLEGALLENLTLYIDKQV
EIAERNTELWNLIDTKGFQHGFASSTFDNGTSQKRALPTYTMEYLDI
;
LI
56 'polypeptide(L)' IKTKKRKTLKNLRKDSVKRGKFRVQLLSTTQDSKTLPPKKESSIIRSKDRWLNRKALNKG ND
57 'polypeptide(L)'
;YKGISLNPIYAGSSAVATVSENGKILATPVLDEINIIDLTPGSRKILHKISNEDEQEITALKLTPDGQYLTYVSQAQLLK
IFHLKTGKVVRSMKISSPSYILDADSTSTLLAVGGTDGSIIVVDIENGYITHSFKGHGGTISSLKFYGQLNSKIWLLASG
DTNGMVKVWDLVKRKCLHTLQEHTSAVRGLDIIEVPDNDEPSLNLLSGGRDDIINLWDFNMKKKCKLLKTLPVNQQVESC
GFLKDGDGKRIIYTAGGDAIFQLIDSESGSVLKRTNKPIEELFIIGVLPILSNSQMFLVLSDQTLQLINVEEDLKNDEDT
IQVTSSIAGNHGIIADMRYVGPELNKLALATNSPSLRIIPVPDLSGPEASLPLDVEIYEGHEDLLNSLDATEDGLWIATA
SKDNTAIVWRYNENSCKFDIYAKYIGHSAAVTAVGLPNIVSKGYPEFLLTASNDLTIKKWIIPKPTASMDVQIIKVSEYT
RHAHEKDINALSVSPNDSIFATASYDKTCKIWNLENGELEATLANHKRGLWDVSFCQYDKLLATSSGDKTVKIWSLDTFS
VMKTLEGHTNAVQRCSFINKQKQLISCGADGLIKIWDCSSGECLKTLDGHNNRLWALSTMNDGDMIVSADADGVFQFWKD
CTEQEIEEEQEKAKLQVEQEQSLQNYMSKGDWTNAFLLAMTLDHPMRLFNVLKRALGESRSRQDTEEGKIEVIFNEELDQ
AISILNDEQLILLMKRCRDWNTNAKTHTIAQRTIRCILMHHNIAKLSEIPGMVKIVDAIIPYTQRHFTRVDNLVEQSYIL
DYALVEMDKLF
;
LR
58 'polypeptide(L)'
;KTQPKVIRFNGPSDVYVPPSKKTQKLLRSGKTLTQINKKLESTEAKEEKEDETLEAENLQNDLELQQFLRESHLLSAFNN
GGSGSTNSGVSLTLQSMGGGNDDGIVYQDDQVIGKARSRTLEMRLNRLSRVNGHQDKINKLEKVPMHIRRGMIDKHVKRI
KKYEQEAAEGGIVLSKVKKGQFRKIESTYKKDIERRIGGSIKARDKEKATKRERGLKISSVGRSTRNGLIVSKRDIARIS
;
NE
59 'polypeptide(L)'
;AYVLTETSAGYALLKASDKKIYKSSSLIQDLDSSDKVLKEFKIAAFSKFNSAANALEEANSIIEGKVSSQLEKLLEEIKK
DKKSTLIVSETKLANAINKLGLNFNVVSDAVTLDIYRAIKEYLPELLPGMSDNDLSKMSLGLAHSIGRHKLKFSADKVDV
MIIQAIALLDDLDKELNTYAMRCKEWYGWHFPELAKIVTDSVAYARIILTMGIRSKASETDLSEILPEEIEERVKTAAEV
SMGTEITQTDLDNINALAEQIVEFAAYREQLSNYLSARMKAIAPNLTQLVGELVGARLIAHSGSLISLAKSPASTIQILG
AEKALFRALKTKHDTPKYGLLYHASLVGQATGKNKGKIARVLAAKAAVSLRYDALAEDRDDSGDIGLESRAKVENRLSQL
EGRDLRTTPKVVREAKKVEMTEARAYNADADTAKAA
;
SB
60 'polypeptide(L)'
;RKYLNKLIKRNSQNLRSWDLEEEVRDELEDIQQSILKDTVSTANTDRSKRRRFKRKQFKEDIKESDFVKDHRYPGLTPGL
APVGLSDEEDSS
;
SV
61 'polypeptide(L)'
;QRQTTKSSKRYRYSSFKARIDDLKIEPARNLEKRVHDYVESSHFLASFDQWKEINLSAKFTEFAAEIEHDVQTLPQILYH
DKKIFNSLVSFINFHDEFSLQPLLDLLAQFCHDLGPDFLKFYEEAIKTLINLLDAAIEFESSNVFEWGFNCLAYIFKYLS
KFLVKKLVLTCDLLIPLLSHSKEYLSRFSAEALSFLVRKCPVSNLREFVRSVFEKLEGDDEQTNLYEGLLILFTESMTST
QETLHSKAKAIMSVLLHEALTKSSPERSVSLLSDIWMNISKYASIESLLPVYEVMYQDFNDSLDATNIDRILKVLTTIVF
SESGRKIPDWNKITILIERIMSQSENCASLSQDKVAFLFALFIRNSDVKTLTLFHQKLFNYALTNISDCFLEFFQFALRL
SYERVFSFNGLKFLQLFLKKNWQSQGKKIALFFLEVDDKPELQKVREVNFPEEFILSIRDFFVTAEINDSNDLFEIYWRA
IIFKYSKLQNTEIIIPLLERIFSTFASPDNFTKDMVGTLLKIYRKEDDASGNNLLKTILDNYENYKESLNFLRGWNKLVS
NLHPSESLKGLMSHYPSLLLSLTDNFMLPDGKIRYETLELMKTLMILQGMQVPDLLSSCMVIEEIPLTLQNARDLTIRIK
NVGAEFGKTKTDKLVSSFFLKYLFGLLTVRFSPVWTGVFDTLPNVYTKDEALVWKLVLSFIKLPDENQNLDYYQPLLEDG
ANKVLWDSSVVRLRDTIDTFSHIWSKYSTQNTSIISTTIERRGNTTYPILIRNQALKVMLSIPQVAENHFVDIAPFVYND
FKTYKDEEDMENERVITGSWTEVDRNVFLKTLSKFKNIKNVYSATELHDHLMVLLGSRNTDVQKLALDALLAYKNPTLNK
YRDNLKNLLDDTLFKDEITTFLTENGSQSIKAEDEKVVMPYVLRIFFGRAQVPPTSGQKRSRKIAVISVLPNFKKPYIND
FLSLASERLDYNYFFGNSHQINSSKATLKTIRRMTGFVNIVNSTLSVLRTNFPLHTNSVLQPLIYSIAMAYYVLDTESTE
EVHLRKMASNLRQQGLKCLSSVFEFVGNTFDWSTSMEDIYAVVVKPRISHFSDENLQQPSSLLRLFLYWAHNPSLYQFLY
YDEFATATALMDTISNQHVKEAVIGPIIEAADSIIRNPVNDDHYVDLVTLICTSCLKILPSLYVKLSDSNSISTFLNLLV
SITEMGFIQDDHVRSRLISSLISILKGKLKKLQENDTQKILKILKLIVFNYNCSWSDIEELYTTISSLFKTFDERNLRVS
LTELFIELGRKVPELESISKLVADLNSYSSSRMHEYDFPRILSTFKGLIEDGYKSYSELEWLPLLFTFLHFINNKEELAL
RTNASHAIMKFIDFINEKPNLNEASKSISMLKDILLPNIRIGLRDSLEEVQSEYVSVLSYMVKNTKYFTDFEDMAILLYN
GDEEADFFTNVNHIQLHRRQRAIKRLGEHAHQLKDNSISHYLIPMIEHYVFSDDERYRNIGNETQIAIGGLAQHMSWNQY
KALLRRYISMLKTKPNQMKQAVQLIVQLSVPLRETLRIVRDGAESKLTLSKFPSNLDEPSNFIKQELYPTLSKILGTRDD
ETIIERMPIAEALVNIVLGLTNDDITNFLPSILTNICQVLRSKSEELRDAVRVTLGKISIILGAEYLVFVIKELMATLKR
GSQIHVLSYTVHYILKSMHGVLKHSDLDTSSSMIVKIIMENIFGFAGEEKDSENYHTKVKEIKSNKSYDAGEILASNISL
TEFGTLLSPVKALLMVRINLRNQNKLSELLRRYLLGLNHNSDSESESILKFCHQLFQESEMSNSPQIPKKKVKDQVDEKE
DFFLVNLESKSYTINSNSLLLNSTLQKFALDLLRNVITRHRSFLTVSHLEGFIPFLRDSLLSENEGVVISTLRILITLIR
LDFSDESSEIFKNCARKVLNIIKVSPSTSSELCQMGLKFLSAFIRHTDSTLKDTALSYVLGRVLPDLNEPSRQGLAFNFL
KALVSKHIMLPELYDIADTTREIMVTNHSKEIRDVSRSVYYQFLMEYDQSKGRLEKQFKFMVDNLQYPTESGRQSVMELI
NLIITKANPALLSKLSSSFFLALVNVSFNDDAPRCREMASVLISTMLPKLENKDLEIVEKYIAAWLKQVDNASFLNLGLR
TYKVYLKSIGFEHTIELDELAIKRIRYILSDTSVGSEHQWDLVYSALNTFSSYMEATESVYKHGFKDIWDGIITCLLYPH
SWVRQSAANLVHQLIANKDKLEISLTNLEIQTIATRILHQLGAPSIPENLANVSIKTLVNISILWKEQRTPFIMDVSKQT
GEDLKYTTAIDYMVTRIGGIIRSDEHRMDSFMSKKACIQLLALLVQVLDEDEVIAEGEKILLPLYGYLETYYSRAVDEEQ
EELRTLSNECLKILEDKL
;
SP
62 'polypeptide(L)'
;AKKAIDSRIPSLIRNGVQTKQRSIFVIVGDRARNQLPNLHYLMMSADLKMNKSVLWAYKKKLLGFTSHRKKRENKIKKEI
KRGTREVNEMDPFESFISNQNIRYVYYKESEKILGNTYGMCILQDFEALTPNLLARTIETVEGGGIVVILLKSMSSLKQL
YTMTMDVHARYRTEAHGDVVARFNERFILSLGSNPNCLVVDDELNVLPLSGAKNVKPLPPKEDDELPPKQLELQELKESL
EDVQPAGSLVSLSKTVNQAHAILSFIDAISEKTLNFTVALTAGRGRGKSAALGISIAAAVSHGYSNIFVTSPSPENLKTL
FEFIFKGFDALGYQEHIDYDIIQSTNPDFNKAIVRVDIKRDHRQTIQYIVPQDHQVLGQAELVVIDEAAAIPLPIVKNLL
GPYLVFMASTINGYEGTGRSLSLKLIQQLRNQNNTSGRESTQTAVVSRDNKEKDSHLHSQSRQLREISLDEPIRYAPGDP
IEKWLNKLLCLDVTLIKNPRFATRGTPHPSQCNLFVVNRDTLFSYHPVSENFLEKMMALYVSSHYKNSPNDLQLMSDAPA
HKLFVLLPPIDPKDGGRIPDPLCVIQIALEGEISKESVRNSLSRGQRAGGDLIPWLISQQFQDEEFASLSGARIVRIATN
PEYASMGYGSRAIELLRDYFEGKFTDMSEDVRPKDYSIKRVSDKELAKTNLLKDDVKLRDAKTLPPLLLKLSEQPPHYLH
YLGVSYGLTQSLHKFWKNNSFVPVYLRQTANDLTGEHTCVMLNVLEGRESNWLVEFAKDFRKRFLSLLSYDFHKFTAVQA
LSVIESSKKAQDLSDDEKHDNKELTRTHLDDIFSPFDLKRLDSYSNNLLDYHVIGDMIPMLALLYFGDKMGDSVKLSSVQ
SAILLAIGLQRKNIDTIAKELNLPSNQTIAMFAKIMRKMSQYF
;
LY,LX
63 'polypeptide(L)'
;MKLNISYPVNGSQKTFEIDDEHRIRVFFDKRIGQEVDGEAVGDEFKGYVFKISGGNDKQGFPMKQGVLLPTRIKLLLTKN
VSCYRPRRDGERKRKSVRGAIVGPDLAVLALVIVKKGEQELEGLTDTTVPKRLGPKRANNIRKFFGLSKEDDVRDFVIRR
EVTKGEKTYTKAPKIQRLVTPQRLQRKRHQRALKVRNAQAQREAAAEYAQLLAKRLSER
;
L6
64 'polypeptide(L)'
;LSSESVIEQIVKYARKGLTPSQIGVLLRDAHGVTQARVITGNKIMRILKSNGLAPEIPEDLYYLIKKAVSVRKHLERNRK
DKDAKFRLILIESRIHRLARYYRTVAVLPPNWKYESATASALVN
;
NF
65 'polypeptide(L)'
;MEKSLADQISDIAIKPVNKDFDIEDEENASLFQHNEKNGESDLSDYGNSNTEETKKAHYLEVEKSKLRAEKGLELNDPKY
TGVKGSRQALYEEVSENEDEEEEEEEEEEKEEDALSFRTDSEDEEVEIDEEESDADGGETEEAQQKRHALSKLIQQETKQ
AINKLSQSVQRDASKGYSILQQTKLFDNIIDLRIKLQKAVIAANKLPLTTESWEEAKMDDSEETKRLLKENEKLFNNLFN
RLINFRIKFQLGDHITQNEEVAKHKLSKKRSLKELYQETNSLDSELKEYRTAVLNKWSTKVSSASGNAALSSNKFKAINL
PADVQVENQLSDMSRLMKRTKLNRRNITPLYFQKDCANGRLPELISPVVKDSVDDNENSDDGLDIPKNYDPRRKDNNAID
ITENPYVFDDEDFYRVLLNDLIDKKISNAHNSESAAITITSTNARSNNKLKKNIDTKASKGRKLNYSVQDPIANYEAPIT
SGYKWSDDQIDEFFAGLLGQRVNFNENEDEEQHARIENDEELEAVKNDDIQIFG
;
5
66 'polypeptide(L)'
;MSELNALLKDINGSLTATSESLERLSGIYSNSATDEIPESNQLHEHLFYDAKKPAEKVSLLSLKNGSMLGYINSLLMLIG
NRLDDECKDPSAMDARERSIQHRVVLERGVKPLEKKLAYQLDKLTRAYVKMEKEYKDAEKRALEKSTLVNHSGNDDSEDD
ESSEDEIAYRPNTSGIINTNKKSSAYRVEETAKQENGEENDDNETGVYKPPKITAVLPPQQTHFEDRFDAREHKDRSNKS
RMQAMEEYIRESSDQPDWSASIGADIVNHGRGGIKSLRDTEKERRVTSFEEDNFTRLNITNKAEKRKQKQRERNARMNVI
GGEDFGIFSSKRKLEDSTSRRGAKKTRSAWDRAQRRL
;
6
#
# COMPACT_ATOMS: atom_id res chain seq x y z
N LYS A 1 47.30 -8.79 -77.56
CA LYS A 1 46.67 -7.97 -78.58
C LYS A 1 45.55 -7.14 -78.00
N ASN A 2 44.35 -7.26 -78.57
CA ASN A 2 43.19 -6.52 -78.11
C ASN A 2 42.55 -7.25 -76.92
N LEU A 3 41.44 -6.73 -76.43
CA LEU A 3 40.71 -7.32 -75.33
C LEU A 3 39.27 -7.52 -75.73
N SER A 4 38.64 -8.54 -75.14
CA SER A 4 37.21 -8.74 -75.33
C SER A 4 36.43 -7.70 -74.54
N SER A 5 35.14 -7.59 -74.87
CA SER A 5 34.27 -6.65 -74.16
C SER A 5 34.05 -7.09 -72.73
N PHE A 6 33.84 -8.39 -72.51
CA PHE A 6 33.73 -8.92 -71.15
C PHE A 6 35.04 -8.77 -70.40
N GLU A 7 36.17 -8.89 -71.12
CA GLU A 7 37.47 -8.63 -70.50
C GLU A 7 37.62 -7.17 -70.12
N LYS A 8 37.00 -6.26 -70.88
CA LYS A 8 37.11 -4.84 -70.58
C LYS A 8 36.35 -4.47 -69.31
N GLN A 9 35.14 -5.02 -69.13
CA GLN A 9 34.43 -4.78 -67.88
C GLN A 9 35.00 -5.58 -66.73
N GLN A 10 35.76 -6.65 -67.00
CA GLN A 10 36.43 -7.37 -65.93
C GLN A 10 37.63 -6.59 -65.40
N ILE A 11 38.24 -5.77 -66.25
CA ILE A 11 39.39 -4.97 -65.85
C ILE A 11 38.96 -3.89 -64.85
N GLU A 12 37.89 -3.17 -65.17
CA GLU A 12 37.42 -2.12 -64.29
C GLU A 12 36.77 -2.68 -63.03
N ILE A 13 36.29 -3.93 -63.08
CA ILE A 13 35.80 -4.59 -61.89
C ILE A 13 36.96 -4.92 -60.96
N ARG A 14 38.10 -5.34 -61.53
CA ARG A 14 39.26 -5.68 -60.72
C ARG A 14 39.86 -4.43 -60.08
N LYS A 15 39.82 -3.29 -60.77
CA LYS A 15 40.26 -2.05 -60.15
C LYS A 15 39.19 -1.52 -59.19
N GLN A 16 37.95 -1.98 -59.30
CA GLN A 16 36.92 -1.59 -58.34
C GLN A 16 37.03 -2.41 -57.06
N ILE A 17 37.25 -3.71 -57.19
CA ILE A 17 37.45 -4.54 -55.99
C ILE A 17 38.79 -4.24 -55.34
N GLU A 18 39.75 -3.68 -56.08
CA GLU A 18 40.97 -3.21 -55.46
C GLU A 18 40.71 -2.00 -54.56
N GLN A 19 39.80 -1.12 -54.99
CA GLN A 19 39.44 0.03 -54.17
C GLN A 19 38.64 -0.40 -52.95
N LEU A 20 37.83 -1.44 -53.08
CA LEU A 20 37.07 -1.93 -51.94
C LEU A 20 37.96 -2.72 -50.98
N GLU A 21 39.06 -3.31 -51.49
CA GLU A 21 39.93 -4.11 -50.65
C GLU A 21 40.71 -3.25 -49.67
N ASN A 22 41.34 -2.19 -50.15
CA ASN A 22 42.13 -1.35 -49.25
C ASN A 22 41.28 -0.35 -48.49
N GLU A 23 40.00 -0.19 -48.83
CA GLU A 23 39.11 0.58 -47.99
C GLU A 23 38.71 -0.21 -46.75
N ALA A 24 38.43 -1.50 -46.91
CA ALA A 24 38.02 -2.32 -45.78
C ALA A 24 39.23 -2.69 -44.91
N VAL A 25 40.40 -2.83 -45.52
CA VAL A 25 41.60 -3.16 -44.76
C VAL A 25 42.02 -2.00 -43.87
N ALA A 26 42.03 -0.78 -44.43
CA ALA A 26 42.57 0.37 -43.73
C ALA A 26 41.61 0.84 -42.63
N GLU A 27 42.07 1.83 -41.88
CA GLU A 27 41.31 2.35 -40.74
C GLU A 27 40.04 3.06 -41.22
N LYS A 28 38.99 2.92 -40.41
CA LYS A 28 37.69 3.45 -40.78
C LYS A 28 37.68 4.98 -40.68
N LYS A 29 36.63 5.56 -41.25
CA LYS A 29 36.39 6.99 -41.10
C LYS A 29 36.09 7.32 -39.65
N TRP A 30 36.36 8.57 -39.27
CA TRP A 30 36.28 8.97 -37.86
C TRP A 30 34.85 8.92 -37.35
N SER A 31 33.88 9.25 -38.19
CA SER A 31 32.48 9.34 -37.78
C SER A 31 31.71 8.05 -38.03
N LEU A 32 32.27 7.12 -38.81
CA LEU A 32 31.71 5.77 -38.85
C LEU A 32 31.88 5.07 -37.50
N LYS A 33 32.99 5.29 -36.83
CA LYS A 33 33.15 4.75 -35.49
C LYS A 33 32.29 5.51 -34.49
N GLY A 34 31.97 4.84 -33.39
CA GLY A 34 31.45 5.49 -32.21
C GLY A 34 32.60 5.93 -31.32
N GLU A 35 32.23 6.31 -30.08
CA GLU A 35 33.11 6.94 -29.06
C GLU A 35 34.08 7.97 -29.65
N VAL A 36 33.53 8.88 -30.45
CA VAL A 36 34.34 9.89 -31.12
C VAL A 36 34.68 10.98 -30.11
N LYS A 37 35.94 11.02 -29.69
CA LYS A 37 36.44 12.09 -28.83
C LYS A 37 36.77 13.31 -29.69
N ALA A 38 36.95 14.46 -29.02
CA ALA A 38 37.30 15.68 -29.73
C ALA A 38 38.72 15.60 -30.32
N LYS A 39 39.65 14.98 -29.59
CA LYS A 39 41.00 14.82 -30.10
C LYS A 39 41.11 13.70 -31.12
N ASP A 40 40.16 12.77 -31.14
CA ASP A 40 40.21 11.67 -32.09
C ASP A 40 39.84 12.14 -33.49
N ARG A 41 38.85 13.01 -33.59
CA ARG A 41 38.39 13.53 -34.87
C ARG A 41 39.27 14.69 -35.32
N PRO A 42 39.20 15.09 -36.59
CA PRO A 42 39.85 16.34 -37.00
C PRO A 42 39.27 17.56 -36.33
N GLU A 43 40.08 18.61 -36.26
CA GLU A 43 39.74 19.82 -35.52
C GLU A 43 38.64 20.59 -36.23
N ASP A 44 37.55 20.89 -35.49
CA ASP A 44 36.38 21.63 -35.96
C ASP A 44 35.73 20.99 -37.19
N ALA A 45 35.73 19.66 -37.23
CA ALA A 45 35.20 18.92 -38.38
C ALA A 45 33.75 18.48 -38.18
N LEU A 46 32.96 19.26 -37.45
CA LEU A 46 31.61 18.85 -37.10
C LEU A 46 30.53 19.77 -37.64
N LEU A 47 30.86 21.02 -37.99
CA LEU A 47 29.86 21.92 -38.52
C LEU A 47 29.42 21.54 -39.93
N THR A 48 30.29 20.86 -40.68
CA THR A 48 29.97 20.51 -42.06
C THR A 48 29.24 19.17 -42.17
N GLU A 49 29.19 18.39 -41.09
CA GLU A 49 28.75 17.00 -41.21
C GLU A 49 27.24 16.87 -41.34
N GLU A 50 26.48 17.72 -40.63
CA GLU A 50 25.02 17.77 -40.64
C GLU A 50 24.41 16.41 -40.23
N LEU A 51 24.64 16.07 -38.97
CA LEU A 51 24.04 14.90 -38.37
C LEU A 51 22.74 15.30 -37.67
N GLU A 52 22.15 14.37 -36.92
CA GLU A 52 20.95 14.66 -36.15
C GLU A 52 21.03 13.96 -34.81
N PHE A 53 20.26 14.47 -33.85
CA PHE A 53 20.35 14.00 -32.46
C PHE A 53 19.04 14.34 -31.76
N ASP A 54 19.04 14.28 -30.43
CA ASP A 54 17.85 14.53 -29.62
C ASP A 54 18.02 15.82 -28.83
N ARG A 55 16.93 16.60 -28.74
CA ARG A 55 16.92 17.85 -28.00
C ARG A 55 15.84 17.80 -26.93
N THR A 56 15.85 18.80 -26.04
CA THR A 56 15.17 18.69 -24.77
C THR A 56 13.88 19.49 -24.64
N ALA A 57 13.80 20.67 -25.26
CA ALA A 57 12.70 21.58 -25.01
C ALA A 57 12.68 22.63 -26.10
N LYS A 58 11.50 23.14 -26.41
CA LYS A 58 11.40 24.31 -27.23
C LYS A 58 12.03 25.50 -26.50
N PRO A 59 12.74 26.38 -27.19
CA PRO A 59 13.38 27.51 -26.51
C PRO A 59 12.40 28.59 -26.11
N VAL A 60 12.90 29.73 -25.65
CA VAL A 60 12.01 30.89 -25.53
C VAL A 60 11.49 31.26 -26.91
N PRO A 61 10.18 31.39 -27.08
CA PRO A 61 9.64 31.64 -28.43
C PRO A 61 9.96 33.04 -28.89
N VAL A 62 10.34 33.15 -30.17
CA VAL A 62 10.79 34.43 -30.72
C VAL A 62 9.59 35.34 -30.92
N ILE A 63 9.68 36.55 -30.39
CA ILE A 63 8.62 37.55 -30.53
C ILE A 63 8.78 38.20 -31.88
N THR A 64 7.83 37.96 -32.78
CA THR A 64 7.88 38.49 -34.13
C THR A 64 6.65 39.34 -34.38
N SER A 65 6.49 39.77 -35.63
CA SER A 65 5.35 40.60 -36.01
C SER A 65 4.05 39.81 -36.00
N GLU A 66 4.09 38.56 -36.51
CA GLU A 66 2.85 37.80 -36.65
C GLU A 66 2.36 37.25 -35.32
N VAL A 67 3.25 37.02 -34.35
CA VAL A 67 2.81 36.55 -33.05
C VAL A 67 2.17 37.68 -32.26
N THR A 68 2.74 38.88 -32.33
CA THR A 68 2.19 40.01 -31.60
C THR A 68 0.86 40.46 -32.17
N GLU A 69 0.73 40.46 -33.51
CA GLU A 69 -0.53 40.88 -34.11
C GLU A 69 -1.63 39.84 -33.93
N SER A 70 -1.26 38.57 -33.72
CA SER A 70 -2.25 37.58 -33.35
C SER A 70 -2.63 37.71 -31.88
N LEU A 71 -1.67 38.11 -31.04
CA LEU A 71 -1.98 38.40 -29.65
C LEU A 71 -2.79 39.68 -29.53
N GLU A 72 -2.46 40.71 -30.30
CA GLU A 72 -3.18 41.97 -30.18
C GLU A 72 -4.52 41.94 -30.88
N ASP A 73 -4.74 40.96 -31.77
CA ASP A 73 -6.10 40.72 -32.25
C ASP A 73 -6.92 40.00 -31.18
N MET A 74 -6.28 39.14 -30.39
CA MET A 74 -6.95 38.49 -29.28
C MET A 74 -7.35 39.51 -28.21
N ILE A 75 -6.51 40.52 -27.99
CA ILE A 75 -6.87 41.59 -27.06
C ILE A 75 -8.03 42.40 -27.61
N ARG A 76 -8.03 42.65 -28.93
CA ARG A 76 -9.10 43.42 -29.55
C ARG A 76 -10.44 42.70 -29.47
N ARG A 77 -10.43 41.38 -29.63
CA ARG A 77 -11.67 40.62 -29.53
C ARG A 77 -12.18 40.55 -28.11
N ARG A 78 -11.27 40.53 -27.13
CA ARG A 78 -11.70 40.41 -25.73
C ARG A 78 -12.14 41.75 -25.15
N ILE A 79 -11.57 42.86 -25.64
CA ILE A 79 -12.03 44.18 -25.20
C ILE A 79 -13.43 44.47 -25.75
N GLN A 80 -13.69 44.06 -27.00
CA GLN A 80 -15.01 44.21 -27.61
C GLN A 80 -16.09 43.46 -26.86
N ASP A 81 -15.80 42.23 -26.42
CA ASP A 81 -16.74 41.49 -25.59
C ASP A 81 -16.65 41.90 -24.13
N SER A 82 -15.58 42.63 -23.75
CA SER A 82 -15.34 43.15 -22.40
C SER A 82 -15.32 42.04 -21.35
N ASN A 83 -14.79 40.87 -21.72
CA ASN A 83 -14.70 39.75 -20.78
C ASN A 83 -13.35 39.73 -20.07
N PHE A 84 -13.00 40.84 -19.45
CA PHE A 84 -11.77 40.89 -18.66
C PHE A 84 -11.92 40.05 -17.41
N ASP A 85 -10.92 39.21 -17.14
CA ASP A 85 -10.93 38.33 -15.97
C ASP A 85 -10.34 39.09 -14.80
N ASP A 86 -11.11 40.06 -14.30
CA ASP A 86 -10.67 40.93 -13.22
C ASP A 86 -11.26 40.45 -11.90
N LEU A 87 -10.55 40.76 -10.82
CA LEU A 87 -10.96 40.30 -9.49
C LEU A 87 -12.13 41.16 -9.02
N GLN A 88 -13.29 40.54 -8.91
CA GLN A 88 -14.51 41.26 -8.53
C GLN A 88 -14.47 41.64 -7.06
N ARG A 89 -14.86 42.90 -6.78
CA ARG A 89 -14.84 43.43 -5.42
C ARG A 89 -15.92 42.77 -4.58
N ARG A 90 -15.50 42.19 -3.45
CA ARG A 90 -16.34 41.30 -2.67
C ARG A 90 -17.50 42.05 -2.03
N THR A 91 -18.71 41.67 -2.41
CA THR A 91 -19.92 42.31 -1.90
C THR A 91 -20.25 41.80 -0.50
N LEU A 92 -21.37 42.29 0.03
CA LEU A 92 -21.92 41.95 1.34
C LEU A 92 -20.94 42.19 2.49
N ALA A 131 -43.65 35.98 8.90
CA ALA A 131 -44.36 34.80 9.39
C ALA A 131 -44.46 33.74 8.32
N LEU A 132 -43.99 32.53 8.63
CA LEU A 132 -44.00 31.42 7.68
C LEU A 132 -44.93 30.31 8.13
N SER A 133 -44.73 29.75 9.32
CA SER A 133 -45.55 28.69 9.86
C SER A 133 -45.39 28.70 11.37
N GLU A 134 -46.52 28.58 12.08
CA GLU A 134 -46.53 28.77 13.53
C GLU A 134 -45.75 27.69 14.27
N GLU A 135 -45.69 26.47 13.70
CA GLU A 135 -44.84 25.45 14.28
C GLU A 135 -43.37 25.74 14.00
N LEU A 136 -43.07 26.29 12.82
CA LEU A 136 -41.70 26.61 12.48
C LEU A 136 -41.15 27.76 13.31
N GLN A 137 -41.99 28.78 13.57
CA GLN A 137 -41.56 29.89 14.42
C GLN A 137 -41.40 29.46 15.87
N LYS A 138 -42.25 28.55 16.34
CA LYS A 138 -42.06 27.97 17.67
C LYS A 138 -40.79 27.16 17.74
N ALA A 139 -40.50 26.39 16.69
CA ALA A 139 -39.24 25.65 16.61
C ALA A 139 -38.07 26.61 16.44
N HIS A 140 -38.28 27.74 15.77
CA HIS A 140 -37.22 28.73 15.63
C HIS A 140 -36.95 29.44 16.94
N SER A 141 -37.99 29.65 17.75
CA SER A 141 -37.79 30.37 19.01
C SER A 141 -37.15 29.47 20.06
N GLU A 142 -37.45 28.17 20.03
CA GLU A 142 -36.87 27.25 21.01
C GLU A 142 -35.39 27.06 20.78
N ILE A 143 -34.96 27.03 19.51
CA ILE A 143 -33.54 26.87 19.23
C ILE A 143 -32.81 28.20 19.43
N SER A 144 -33.51 29.33 19.33
CA SER A 144 -32.88 30.62 19.51
C SER A 144 -32.57 30.90 20.96
N GLU A 145 -33.50 30.54 21.86
CA GLU A 145 -33.24 30.71 23.28
C GLU A 145 -32.23 29.68 23.78
N LEU A 146 -32.19 28.51 23.15
CA LEU A 146 -31.23 27.49 23.55
C LEU A 146 -29.83 27.85 23.07
N TYR A 147 -29.73 28.62 21.99
CA TYR A 147 -28.43 29.12 21.56
C TYR A 147 -27.94 30.26 22.44
N ALA A 148 -28.89 31.00 23.04
CA ALA A 148 -28.53 32.17 23.82
C ALA A 148 -27.83 31.79 25.12
N ASN A 149 -28.39 30.83 25.87
CA ASN A 149 -27.77 30.45 27.13
C ASN A 149 -26.60 29.49 26.93
N LEU A 150 -26.48 28.88 25.76
CA LEU A 150 -25.29 28.10 25.47
C LEU A 150 -24.09 29.01 25.22
N VAL A 151 -24.32 30.13 24.51
CA VAL A 151 -23.27 31.10 24.25
C VAL A 151 -22.77 31.71 25.56
N TYR A 152 -23.70 32.05 26.47
CA TYR A 152 -23.33 32.53 27.79
C TYR A 152 -22.56 31.47 28.56
N LYS A 153 -23.02 30.21 28.50
CA LYS A 153 -22.33 29.15 29.22
C LYS A 153 -20.99 28.82 28.58
N LEU A 154 -20.81 29.18 27.31
CA LEU A 154 -19.52 28.97 26.67
C LEU A 154 -18.54 30.08 27.05
N ASP A 155 -19.01 31.34 27.07
CA ASP A 155 -18.10 32.46 27.30
C ASP A 155 -17.66 32.53 28.75
N VAL A 156 -18.57 32.29 29.70
CA VAL A 156 -18.21 32.30 31.10
C VAL A 156 -17.32 31.11 31.46
N LEU A 157 -17.34 30.06 30.64
CA LEU A 157 -16.34 29.00 30.76
C LEU A 157 -15.03 29.40 30.11
N SER A 158 -15.08 30.36 29.20
CA SER A 158 -13.92 30.71 28.38
C SER A 158 -13.11 31.88 28.90
N SER A 159 -13.40 32.38 30.12
CA SER A 159 -12.77 33.57 30.67
C SER A 159 -13.02 34.77 29.75
N VAL A 160 -14.19 35.39 29.85
CA VAL A 160 -15.08 35.87 28.78
C VAL A 160 -14.49 36.70 27.64
N HIS A 161 -13.17 36.86 27.58
CA HIS A 161 -12.51 37.10 26.29
C HIS A 161 -13.03 36.08 25.28
N PHE A 162 -13.62 36.59 24.19
CA PHE A 162 -14.54 35.81 23.38
C PHE A 162 -14.69 36.37 21.98
N VAL A 163 -14.57 35.50 20.97
CA VAL A 163 -14.66 35.92 19.56
C VAL A 163 -16.12 36.13 19.20
N PRO A 164 -16.51 37.34 18.82
CA PRO A 164 -17.94 37.66 18.68
C PRO A 164 -18.54 37.33 17.33
N LYS A 165 -19.79 37.75 17.15
CA LYS A 165 -20.56 37.49 15.94
C LYS A 165 -19.93 38.19 14.74
N PRO A 166 -20.10 37.65 13.52
CA PRO A 166 -19.48 38.27 12.33
C PRO A 166 -19.98 39.67 11.99
N ALA A 167 -21.28 39.84 11.78
CA ALA A 167 -21.84 41.12 11.38
C ALA A 167 -23.33 41.12 11.71
N SER A 168 -23.93 42.31 11.59
CA SER A 168 -25.36 42.46 11.78
C SER A 168 -25.84 43.72 11.08
N THR A 169 -27.15 43.75 10.78
CA THR A 169 -27.81 44.93 10.24
C THR A 169 -29.28 44.80 10.63
N SER A 170 -29.75 45.69 11.49
CA SER A 170 -31.09 45.60 12.06
C SER A 170 -31.84 46.91 11.88
N LEU A 171 -33.05 46.94 12.42
CA LEU A 171 -33.92 48.11 12.37
C LEU A 171 -34.33 48.50 13.78
N GLU A 172 -34.39 49.81 14.03
CA GLU A 172 -34.79 50.33 15.33
C GLU A 172 -35.85 51.42 15.13
N ILE A 173 -36.52 51.76 16.22
CA ILE A 173 -37.44 52.87 16.26
C ILE A 173 -37.10 53.73 17.46
N ARG A 174 -37.47 55.01 17.40
CA ARG A 174 -37.15 55.96 18.45
C ARG A 174 -38.35 56.89 18.66
N VAL A 175 -38.98 56.77 19.83
CA VAL A 175 -40.11 57.60 20.19
C VAL A 175 -39.59 58.99 20.59
N GLU A 176 -40.28 60.04 20.14
CA GLU A 176 -39.90 61.42 20.46
C GLU A 176 -40.31 61.78 21.89
N THR A 177 -39.68 61.10 22.84
CA THR A 177 -39.81 61.37 24.25
C THR A 177 -38.90 62.53 24.64
N PRO A 178 -39.22 63.26 25.72
CA PRO A 178 -38.21 64.15 26.30
C PRO A 178 -37.03 63.35 26.81
N THR A 179 -35.83 63.93 26.64
CA THR A 179 -34.61 63.22 27.01
C THR A 179 -34.42 63.18 28.51
N ILE A 180 -35.16 64.01 29.25
CA ILE A 180 -35.17 63.95 30.71
C ILE A 180 -35.76 62.63 31.20
N SER A 181 -36.63 62.01 30.41
CA SER A 181 -37.24 60.74 30.76
C SER A 181 -36.65 59.58 29.96
N MET A 182 -35.36 59.59 29.69
CA MET A 182 -34.69 58.47 29.04
C MET A 182 -33.49 58.05 29.92
N GLU A 183 -33.77 57.89 31.21
CA GLU A 183 -32.76 57.47 32.17
C GLU A 183 -33.44 56.86 33.38
N ASP A 184 -32.63 56.47 34.36
CA ASP A 184 -33.14 55.92 35.60
C ASP A 184 -33.76 57.01 36.46
N ALA A 185 -34.49 56.60 37.49
CA ALA A 185 -35.12 57.53 38.40
C ALA A 185 -34.06 58.26 39.23
N GLN A 186 -34.22 59.58 39.32
CA GLN A 186 -33.16 60.45 39.82
C GLN A 186 -33.73 61.83 40.15
N PRO A 187 -33.21 62.52 41.17
CA PRO A 187 -33.56 63.93 41.38
C PRO A 187 -32.82 64.91 40.47
N LEU A 188 -32.02 64.43 39.53
CA LEU A 188 -31.24 65.31 38.66
C LEU A 188 -31.22 64.74 37.24
N TYR A 189 -30.74 65.56 36.31
CA TYR A 189 -30.60 65.18 34.91
C TYR A 189 -29.54 66.08 34.29
N MET A 190 -29.34 65.92 32.98
CA MET A 190 -28.45 66.81 32.25
C MET A 190 -29.01 67.31 30.91
N SER A 191 -29.95 66.60 30.30
CA SER A 191 -30.49 67.02 29.01
C SER A 191 -31.83 67.70 29.21
N ASN A 192 -32.21 68.50 28.22
CA ASN A 192 -33.50 69.17 28.23
C ASN A 192 -34.24 69.12 26.91
N ALA A 193 -33.57 68.88 25.79
CA ALA A 193 -34.22 68.90 24.49
C ALA A 193 -34.85 67.53 24.19
N SER A 194 -35.44 67.42 23.01
CA SER A 194 -36.14 66.20 22.64
C SER A 194 -35.14 65.10 22.26
N SER A 195 -35.64 63.87 22.25
CA SER A 195 -34.83 62.73 21.84
C SER A 195 -34.50 62.79 20.36
N LEU A 196 -35.48 63.13 19.53
CA LEU A 196 -35.28 63.19 18.11
C LEU A 196 -34.56 64.47 17.74
N ALA A 197 -33.62 64.38 16.81
CA ALA A 197 -32.95 65.57 16.31
C ALA A 197 -33.94 66.41 15.49
N PRO A 198 -33.77 67.73 15.47
CA PRO A 198 -34.72 68.58 14.72
C PRO A 198 -34.71 68.35 13.21
N GLN A 199 -33.62 67.81 12.64
CA GLN A 199 -33.66 67.45 11.23
C GLN A 199 -34.41 66.16 11.01
N GLU A 200 -34.71 65.41 12.07
CA GLU A 200 -35.48 64.18 11.93
C GLU A 200 -36.95 64.39 12.21
N ILE A 201 -37.31 65.46 12.92
CA ILE A 201 -38.74 65.76 13.04
C ILE A 201 -39.22 66.50 11.81
N TYR A 202 -38.29 67.03 11.02
CA TYR A 202 -38.59 67.48 9.66
C TYR A 202 -37.26 67.37 8.93
N ASN A 203 -37.16 66.42 8.02
CA ASN A 203 -36.20 66.50 6.94
C ASN A 203 -36.90 67.05 5.70
N VAL A 204 -36.35 68.11 5.15
CA VAL A 204 -37.01 68.80 4.05
C VAL A 204 -36.92 67.94 2.80
N GLY A 205 -38.05 67.84 2.09
CA GLY A 205 -38.18 66.92 0.99
C GLY A 205 -38.55 67.63 -0.31
N LYS A 206 -38.92 66.82 -1.29
CA LYS A 206 -39.31 67.35 -2.58
C LYS A 206 -40.72 67.95 -2.50
N ALA A 207 -41.08 68.67 -3.55
CA ALA A 207 -42.29 69.49 -3.52
C ALA A 207 -43.54 68.64 -3.53
N GLU A 208 -44.53 69.06 -2.73
CA GLU A 208 -45.79 68.34 -2.63
C GLU A 208 -46.66 68.50 -3.87
N LYS A 209 -46.41 69.52 -4.68
CA LYS A 209 -47.15 69.76 -5.91
C LYS A 209 -46.15 69.94 -7.04
N ASP A 210 -46.52 69.45 -8.23
CA ASP A 210 -45.60 69.45 -9.39
C ASP A 210 -45.25 70.84 -9.88
N GLY A 211 -46.06 71.86 -9.55
CA GLY A 211 -45.75 73.22 -9.95
C GLY A 211 -44.61 73.86 -9.20
N GLU A 212 -44.14 73.25 -8.12
CA GLU A 212 -43.01 73.74 -7.35
C GLU A 212 -41.86 72.75 -7.45
N ILE A 213 -40.65 73.23 -7.13
CA ILE A 213 -39.47 72.40 -6.98
C ILE A 213 -38.83 72.78 -5.65
N ARG A 214 -38.96 71.90 -4.65
CA ARG A 214 -38.25 72.11 -3.41
C ARG A 214 -36.88 71.47 -3.47
N LEU A 215 -35.98 71.96 -2.62
CA LEU A 215 -34.60 71.48 -2.58
C LEU A 215 -34.21 71.18 -1.15
N LYS A 216 -33.01 70.60 -0.98
CA LYS A 216 -32.55 70.21 0.34
C LYS A 216 -32.10 71.40 1.17
N ASN A 217 -31.74 72.50 0.53
CA ASN A 217 -31.25 73.67 1.25
C ASN A 217 -32.35 74.63 1.69
N GLY A 218 -33.62 74.23 1.57
CA GLY A 218 -34.73 74.96 2.12
C GLY A 218 -35.38 75.93 1.17
N VAL A 219 -34.70 76.32 0.10
CA VAL A 219 -35.26 77.20 -0.91
C VAL A 219 -36.18 76.39 -1.82
N ALA A 220 -37.12 77.08 -2.47
CA ALA A 220 -38.12 76.43 -3.31
C ALA A 220 -38.36 77.24 -4.57
N MET A 221 -38.33 76.56 -5.72
CA MET A 221 -38.70 77.12 -7.01
C MET A 221 -40.20 76.99 -7.26
N SER A 222 -40.66 77.68 -8.31
CA SER A 222 -41.96 77.47 -8.90
C SER A 222 -41.79 77.41 -10.41
N LYS A 223 -42.60 76.56 -11.07
CA LYS A 223 -42.32 76.24 -12.46
C LYS A 223 -42.71 77.35 -13.41
N GLU A 224 -43.82 78.04 -13.13
CA GLU A 224 -44.34 79.01 -14.10
C GLU A 224 -43.67 80.37 -14.02
N GLU A 225 -42.71 80.56 -13.12
CA GLU A 225 -41.93 81.79 -13.07
C GLU A 225 -40.48 81.59 -13.46
N LEU A 226 -40.00 80.36 -13.52
CA LEU A 226 -38.59 80.11 -13.77
C LEU A 226 -38.23 80.38 -15.23
N THR A 227 -37.05 80.96 -15.43
CA THR A 227 -36.53 81.16 -16.77
C THR A 227 -36.17 79.82 -17.38
N ARG A 228 -36.23 79.77 -18.72
CA ARG A 228 -35.99 78.52 -19.43
C ARG A 228 -34.53 78.10 -19.38
N GLU A 229 -33.63 79.07 -19.18
CA GLU A 229 -32.23 78.71 -18.98
C GLU A 229 -32.00 78.10 -17.60
N ASP A 230 -32.65 78.65 -16.57
CA ASP A 230 -32.51 78.10 -15.24
C ASP A 230 -33.29 76.81 -15.08
N LYS A 231 -34.41 76.68 -15.79
CA LYS A 231 -35.16 75.42 -15.77
C LYS A 231 -34.38 74.32 -16.46
N ASN A 232 -33.63 74.66 -17.51
CA ASN A 232 -32.73 73.69 -18.12
C ASN A 232 -31.57 73.35 -17.19
N ARG A 233 -31.16 74.32 -16.37
CA ARG A 233 -30.13 74.05 -15.37
C ARG A 233 -30.64 73.14 -14.27
N LEU A 234 -31.87 73.37 -13.81
CA LEU A 234 -32.45 72.50 -12.78
C LEU A 234 -32.83 71.15 -13.34
N ARG A 235 -33.12 71.07 -14.65
CA ARG A 235 -33.27 69.78 -15.31
C ARG A 235 -31.96 69.01 -15.25
N ARG A 236 -30.86 69.69 -15.54
CA ARG A 236 -29.55 69.03 -15.55
C ARG A 236 -29.10 68.69 -14.13
N ALA A 237 -29.54 69.47 -13.15
CA ALA A 237 -29.21 69.17 -11.76
C ALA A 237 -29.92 67.93 -11.27
N LEU A 238 -31.20 67.78 -11.64
CA LEU A 238 -31.95 66.61 -11.22
C LEU A 238 -31.55 65.38 -12.03
N LYS A 239 -31.04 65.58 -13.26
CA LYS A 239 -30.65 64.45 -14.09
C LYS A 239 -29.40 63.76 -13.56
N ARG A 240 -28.38 64.53 -13.21
CA ARG A 240 -27.15 63.95 -12.69
C ARG A 240 -27.31 63.49 -11.25
N LYS A 241 -28.30 64.01 -10.53
CA LYS A 241 -28.60 63.51 -9.20
C LYS A 241 -29.29 62.16 -9.27
N ARG A 242 -30.24 62.00 -10.18
CA ARG A 242 -30.92 60.72 -10.34
C ARG A 242 -30.01 59.67 -10.97
N SER A 243 -29.05 60.10 -11.79
CA SER A 243 -28.08 59.17 -12.33
C SER A 243 -27.12 58.69 -11.26
N LYS A 244 -26.92 59.49 -10.20
CA LYS A 244 -26.09 59.06 -9.09
C LYS A 244 -26.78 57.97 -8.27
N ALA A 245 -28.08 58.14 -8.02
CA ALA A 245 -28.84 57.17 -7.24
C ALA A 245 -29.21 55.96 -8.08
N PRO B 1 -23.18 -55.08 51.14
CA PRO B 1 -22.61 -55.36 52.46
C PRO B 1 -21.10 -55.58 52.41
N ILE B 2 -20.35 -54.65 52.96
CA ILE B 2 -18.89 -54.74 52.98
C ILE B 2 -18.49 -54.49 54.44
N GLU B 3 -19.37 -54.94 55.35
CA GLU B 3 -19.43 -54.55 56.77
C GLU B 3 -18.10 -54.45 57.50
N TYR B 4 -17.21 -55.42 57.30
CA TYR B 4 -15.85 -55.34 57.81
C TYR B 4 -14.87 -55.27 56.63
N LEU B 5 -13.74 -54.61 56.86
CA LEU B 5 -12.64 -54.62 55.91
C LEU B 5 -11.35 -54.77 56.69
N LEU B 6 -10.31 -55.18 55.97
CA LEU B 6 -9.02 -55.48 56.57
C LEU B 6 -7.91 -54.82 55.79
N PHE B 7 -7.02 -54.17 56.53
CA PHE B 7 -5.78 -53.64 56.00
C PHE B 7 -4.63 -54.21 56.82
N GLU B 8 -3.51 -54.45 56.13
CA GLU B 8 -2.34 -55.06 56.76
C GLU B 8 -1.22 -54.05 56.66
N GLU B 9 -0.96 -53.36 57.76
CA GLU B 9 0.14 -52.41 57.82
C GLU B 9 1.47 -53.16 57.84
N PRO B 10 2.57 -52.49 57.44
CA PRO B 10 3.89 -53.11 57.60
C PRO B 10 4.27 -53.42 59.03
N THR B 11 3.68 -52.74 60.02
CA THR B 11 3.78 -53.15 61.42
C THR B 11 2.37 -53.48 61.90
N GLY B 12 1.95 -54.72 61.64
CA GLY B 12 0.75 -55.25 62.25
C GLY B 12 -0.46 -55.24 61.32
N TYR B 13 -1.48 -55.98 61.72
CA TYR B 13 -2.74 -56.06 61.00
C TYR B 13 -3.77 -55.11 61.60
N ALA B 14 -4.80 -54.81 60.82
CA ALA B 14 -5.86 -53.93 61.28
C ALA B 14 -7.20 -54.39 60.74
N VAL B 15 -8.23 -54.32 61.57
CA VAL B 15 -9.60 -54.67 61.19
C VAL B 15 -10.46 -53.42 61.38
N PHE B 16 -11.21 -53.07 60.36
CA PHE B 16 -11.94 -51.82 60.31
C PHE B 16 -13.44 -52.05 60.21
N LYS B 17 -14.21 -51.26 60.95
CA LYS B 17 -15.65 -51.21 60.78
C LYS B 17 -15.98 -50.31 59.58
N VAL B 18 -16.97 -50.74 58.82
CA VAL B 18 -17.50 -49.94 57.71
C VAL B 18 -18.89 -49.47 58.14
N LYS B 19 -18.98 -48.22 58.58
CA LYS B 19 -20.25 -47.69 59.08
C LYS B 19 -21.20 -47.33 57.95
N LEU B 20 -20.69 -46.85 56.83
CA LEU B 20 -21.52 -46.46 55.70
C LEU B 20 -20.99 -47.10 54.43
N GLN B 21 -21.90 -47.55 53.58
CA GLN B 21 -21.54 -48.12 52.29
C GLN B 21 -21.79 -47.09 51.20
N GLN B 22 -20.74 -46.81 50.42
CA GLN B 22 -20.92 -46.01 49.21
C GLN B 22 -21.76 -46.81 48.22
N ASP B 23 -22.64 -46.12 47.49
CA ASP B 23 -23.59 -46.81 46.63
C ASP B 23 -22.88 -47.35 45.40
N ASP B 24 -22.88 -48.67 45.26
CA ASP B 24 -22.01 -49.32 44.29
C ASP B 24 -22.57 -49.29 42.88
N ILE B 25 -23.80 -48.81 42.68
CA ILE B 25 -24.30 -48.64 41.32
C ILE B 25 -23.52 -47.53 40.61
N GLY B 26 -23.35 -46.40 41.28
CA GLY B 26 -22.64 -45.30 40.67
C GLY B 26 -21.19 -45.24 41.05
N SER B 27 -20.53 -46.39 41.22
CA SER B 27 -19.16 -46.48 41.73
C SER B 27 -18.11 -45.94 40.76
N ARG B 28 -18.41 -45.64 39.50
CA ARG B 28 -17.43 -45.06 38.59
C ARG B 28 -17.59 -43.55 38.44
N LEU B 29 -18.37 -42.91 39.29
CA LEU B 29 -18.74 -41.52 39.10
C LEU B 29 -17.63 -40.60 39.53
N LYS B 30 -17.82 -39.31 39.24
CA LYS B 30 -16.83 -38.31 39.64
C LYS B 30 -16.86 -38.09 41.15
N GLU B 31 -18.05 -38.01 41.74
CA GLU B 31 -18.20 -37.60 43.12
C GLU B 31 -17.68 -38.64 44.09
N VAL B 32 -18.07 -39.90 43.91
CA VAL B 32 -17.68 -40.96 44.84
C VAL B 32 -16.22 -41.35 44.66
N GLN B 33 -15.65 -41.16 43.47
CA GLN B 33 -14.25 -41.52 43.30
C GLN B 33 -13.31 -40.51 43.95
N GLU B 34 -13.74 -39.27 44.13
CA GLU B 34 -12.92 -38.31 44.85
C GLU B 34 -13.28 -38.22 46.34
N GLN B 35 -14.31 -38.95 46.78
CA GLN B 35 -14.72 -38.86 48.18
C GLN B 35 -13.76 -39.57 49.11
N ILE B 36 -12.90 -40.46 48.57
CA ILE B 36 -11.86 -41.06 49.38
C ILE B 36 -10.64 -40.16 49.52
N ASN B 37 -10.53 -39.14 48.68
CA ASN B 37 -9.42 -38.19 48.79
C ASN B 37 -9.54 -37.33 50.03
N ASP B 38 -10.76 -36.92 50.39
CA ASP B 38 -10.98 -36.09 51.55
C ASP B 38 -11.05 -36.97 52.79
N PHE B 39 -10.20 -36.66 53.77
CA PHE B 39 -10.24 -37.38 55.04
C PHE B 39 -11.51 -37.10 55.82
N GLY B 40 -12.13 -35.94 55.60
CA GLY B 40 -13.40 -35.64 56.24
C GLY B 40 -14.57 -36.42 55.68
N ALA B 41 -14.43 -37.00 54.48
CA ALA B 41 -15.47 -37.82 53.90
C ALA B 41 -15.19 -39.31 54.00
N PHE B 42 -13.92 -39.71 54.06
CA PHE B 42 -13.60 -41.13 54.18
C PHE B 42 -13.88 -41.66 55.57
N THR B 43 -13.80 -40.80 56.58
CA THR B 43 -13.96 -41.28 57.95
C THR B 43 -15.42 -41.53 58.30
N LYS B 44 -16.35 -41.10 57.46
CA LYS B 44 -17.73 -41.55 57.62
C LYS B 44 -17.90 -42.97 57.09
N LEU B 45 -17.06 -43.38 56.14
CA LEU B 45 -17.17 -44.72 55.59
C LEU B 45 -16.53 -45.75 56.50
N ILE B 46 -15.45 -45.38 57.20
CA ILE B 46 -14.59 -46.34 57.86
C ILE B 46 -14.29 -45.87 59.28
N GLU B 47 -14.02 -46.83 60.17
CA GLU B 47 -13.63 -46.55 61.54
C GLU B 47 -12.84 -47.73 62.07
N LEU B 48 -11.77 -47.45 62.81
CA LEU B 48 -10.92 -48.50 63.32
C LEU B 48 -11.60 -49.29 64.43
N VAL B 49 -11.30 -50.59 64.49
CA VAL B 49 -11.78 -51.46 65.54
C VAL B 49 -10.62 -52.10 66.30
N SER B 50 -9.69 -52.71 65.58
CA SER B 50 -8.57 -53.38 66.22
C SER B 50 -7.30 -53.19 65.40
N PHE B 51 -6.16 -53.23 66.08
CA PHE B 51 -4.87 -53.11 65.44
C PHE B 51 -3.83 -53.79 66.33
N ALA B 52 -3.37 -54.97 65.91
CA ALA B 52 -2.40 -55.72 66.66
C ALA B 52 -1.04 -55.58 66.00
N PRO B 53 -0.08 -54.88 66.60
CA PRO B 53 1.22 -54.70 65.95
C PRO B 53 2.06 -55.96 65.96
N PHE B 54 2.99 -56.03 65.02
CA PHE B 54 3.93 -57.13 64.95
C PHE B 54 4.95 -57.02 66.07
N LYS B 55 5.25 -58.16 66.71
CA LYS B 55 6.09 -58.13 67.90
C LYS B 55 7.56 -57.88 67.60
N GLY B 56 7.99 -58.03 66.36
CA GLY B 56 9.37 -57.81 66.01
C GLY B 56 9.55 -57.77 64.52
N ALA B 57 10.75 -57.36 64.11
CA ALA B 57 11.08 -57.31 62.68
C ALA B 57 11.19 -58.71 62.09
N ALA B 58 11.67 -59.67 62.88
CA ALA B 58 11.76 -61.05 62.41
C ALA B 58 10.39 -61.66 62.24
N GLU B 59 9.45 -61.33 63.13
CA GLU B 59 8.08 -61.79 62.96
C GLU B 59 7.40 -61.07 61.80
N ALA B 60 7.82 -59.83 61.53
CA ALA B 60 7.22 -59.06 60.44
C ALA B 60 7.62 -59.62 59.08
N LEU B 61 8.82 -60.18 58.98
CA LEU B 61 9.30 -60.70 57.70
C LEU B 61 8.56 -61.97 57.31
N GLU B 62 8.41 -62.91 58.24
CA GLU B 62 7.75 -64.17 57.92
C GLU B 62 6.24 -64.00 57.77
N ASN B 63 5.67 -63.02 58.45
CA ASN B 63 4.25 -62.74 58.27
C ASN B 63 3.99 -62.10 56.92
N ALA B 64 4.88 -61.19 56.48
CA ALA B 64 4.75 -60.62 55.15
C ALA B 64 5.06 -61.64 54.07
N ASN B 65 5.92 -62.61 54.37
CA ASN B 65 6.20 -63.69 53.41
C ASN B 65 5.00 -64.61 53.27
N ASP B 66 4.28 -64.86 54.38
CA ASP B 66 3.14 -65.76 54.36
C ASP B 66 1.97 -65.16 53.60
N ILE B 67 1.84 -63.83 53.63
CA ILE B 67 0.86 -63.14 52.78
C ILE B 67 1.27 -63.28 51.32
N SER B 68 2.58 -63.22 51.05
CA SER B 68 3.07 -63.25 49.67
C SER B 68 2.87 -64.63 49.04
N GLU B 69 2.81 -65.68 49.84
CA GLU B 69 2.41 -66.98 49.31
C GLU B 69 0.90 -67.16 49.28
N GLY B 70 0.16 -66.24 49.90
CA GLY B 70 -1.29 -66.36 49.92
C GLY B 70 -1.79 -67.28 51.02
N LEU B 71 -1.18 -67.21 52.19
CA LEU B 71 -1.56 -68.05 53.32
C LEU B 71 -1.81 -67.19 54.54
N VAL B 72 -2.72 -67.66 55.39
CA VAL B 72 -3.03 -66.94 56.63
C VAL B 72 -1.98 -67.25 57.69
N SER B 73 -1.42 -66.20 58.28
CA SER B 73 -0.42 -66.37 59.32
C SER B 73 -1.10 -66.59 60.68
N GLU B 74 -0.28 -66.80 61.70
CA GLU B 74 -0.81 -67.02 63.05
C GLU B 74 -1.38 -65.73 63.63
N SER B 75 -0.69 -64.61 63.41
CA SER B 75 -1.15 -63.33 63.95
C SER B 75 -2.38 -62.83 63.22
N LEU B 76 -2.48 -63.11 61.91
CA LEU B 76 -3.67 -62.75 61.16
C LEU B 76 -4.85 -63.61 61.58
N LYS B 77 -4.60 -64.89 61.86
CA LYS B 77 -5.66 -65.78 62.35
C LYS B 77 -6.13 -65.36 63.73
N ALA B 78 -5.19 -64.91 64.57
CA ALA B 78 -5.54 -64.49 65.93
C ALA B 78 -6.35 -63.18 65.91
N ILE B 79 -5.98 -62.25 65.03
CA ILE B 79 -6.64 -60.95 65.05
C ILE B 79 -8.02 -61.03 64.37
N LEU B 80 -8.22 -61.99 63.47
CA LEU B 80 -9.51 -62.06 62.78
C LEU B 80 -10.52 -62.85 63.59
N ASP B 81 -10.08 -63.93 64.24
CA ASP B 81 -10.99 -64.76 65.02
C ASP B 81 -11.51 -64.04 66.25
N LEU B 82 -10.74 -63.09 66.78
CA LEU B 82 -11.14 -62.34 67.96
C LEU B 82 -11.72 -60.97 67.61
N ASN B 83 -12.07 -60.73 66.36
CA ASN B 83 -12.77 -59.52 65.95
C ASN B 83 -14.04 -59.80 65.17
N LEU B 84 -14.06 -60.82 64.32
CA LEU B 84 -15.26 -61.14 63.56
C LEU B 84 -16.27 -61.84 64.47
N PRO B 85 -17.51 -61.36 64.53
CA PRO B 85 -18.55 -62.10 65.26
C PRO B 85 -18.81 -63.46 64.64
N LYS B 86 -19.13 -64.44 65.49
CA LYS B 86 -19.33 -65.82 65.06
C LYS B 86 -20.69 -65.93 64.38
N ALA B 87 -20.69 -65.62 63.09
CA ALA B 87 -21.91 -65.66 62.29
C ALA B 87 -22.12 -67.08 61.76
N SER B 88 -23.07 -67.23 60.83
CA SER B 88 -23.36 -68.53 60.25
C SER B 88 -22.43 -68.82 59.09
N SER B 89 -22.09 -70.11 58.92
CA SER B 89 -21.36 -70.57 57.75
C SER B 89 -22.29 -71.05 56.65
N LYS B 90 -23.60 -70.93 56.83
CA LYS B 90 -24.58 -71.39 55.85
C LYS B 90 -25.43 -70.27 55.29
N LYS B 91 -25.95 -69.38 56.13
CA LYS B 91 -26.82 -68.29 55.68
C LYS B 91 -26.28 -66.96 56.19
N LYS B 92 -26.05 -66.02 55.27
CA LYS B 92 -25.65 -64.64 55.54
C LYS B 92 -24.33 -64.58 56.32
N ASN B 93 -23.28 -65.02 55.65
CA ASN B 93 -21.93 -64.92 56.20
C ASN B 93 -21.51 -63.46 56.34
N ILE B 94 -20.69 -63.19 57.35
CA ILE B 94 -20.18 -61.85 57.59
C ILE B 94 -19.19 -61.47 56.50
N THR B 95 -19.43 -60.33 55.85
CA THR B 95 -18.64 -59.92 54.70
C THR B 95 -17.40 -59.19 55.19
N LEU B 96 -16.23 -59.67 54.78
CA LEU B 96 -14.95 -59.07 55.13
C LEU B 96 -14.18 -58.81 53.85
N ALA B 97 -13.64 -57.60 53.72
CA ALA B 97 -12.96 -57.17 52.50
C ALA B 97 -11.46 -57.38 52.63
N ILE B 98 -10.90 -58.17 51.71
CA ILE B 98 -9.46 -58.42 51.65
C ILE B 98 -8.96 -57.93 50.31
N SER B 99 -7.81 -57.26 50.31
CA SER B 99 -7.23 -56.73 49.08
C SER B 99 -6.77 -57.83 48.12
N ASP B 100 -6.49 -59.03 48.63
CA ASP B 100 -6.03 -60.13 47.81
C ASP B 100 -7.18 -61.07 47.50
N LYS B 101 -7.40 -61.33 46.21
CA LYS B 101 -8.39 -62.32 45.79
C LYS B 101 -7.92 -63.74 46.11
N ASN B 102 -6.61 -63.96 46.12
CA ASN B 102 -6.06 -65.29 46.35
C ASN B 102 -6.20 -65.72 47.81
N LEU B 103 -6.36 -64.75 48.73
CA LEU B 103 -6.45 -65.07 50.15
C LEU B 103 -7.83 -65.57 50.55
N GLY B 104 -8.79 -65.52 49.63
CA GLY B 104 -10.15 -66.01 49.86
C GLY B 104 -10.31 -67.43 50.36
N PRO B 105 -9.84 -68.43 49.59
CA PRO B 105 -9.96 -69.82 50.06
C PRO B 105 -9.16 -70.14 51.32
N SER B 106 -8.05 -69.43 51.56
CA SER B 106 -7.26 -69.70 52.75
C SER B 106 -7.95 -69.19 54.01
N ILE B 107 -8.64 -68.05 53.91
CA ILE B 107 -9.38 -67.53 55.07
C ILE B 107 -10.60 -68.40 55.36
N LYS B 108 -11.36 -68.75 54.33
CA LYS B 108 -12.61 -69.49 54.54
C LYS B 108 -12.38 -70.93 54.93
N GLU B 109 -11.22 -71.51 54.60
CA GLU B 109 -10.88 -72.81 55.14
C GLU B 109 -10.67 -72.74 56.65
N GLU B 110 -9.96 -71.70 57.11
CA GLU B 110 -9.75 -71.53 58.54
C GLU B 110 -11.01 -71.03 59.24
N PHE B 111 -11.71 -70.08 58.63
CA PHE B 111 -12.93 -69.50 59.20
C PHE B 111 -14.08 -69.69 58.24
N PRO B 112 -14.90 -70.72 58.43
CA PRO B 112 -15.95 -71.04 57.44
C PRO B 112 -17.13 -70.08 57.45
N TYR B 113 -17.28 -69.25 58.49
CA TYR B 113 -18.42 -68.35 58.59
C TYR B 113 -18.13 -66.96 58.05
N VAL B 114 -16.93 -66.73 57.53
CA VAL B 114 -16.51 -65.43 57.01
C VAL B 114 -16.29 -65.56 55.51
N ASP B 115 -16.76 -64.58 54.76
CA ASP B 115 -16.58 -64.56 53.31
C ASP B 115 -15.65 -63.41 52.93
N CYS B 116 -14.82 -63.66 51.92
CA CYS B 116 -13.90 -62.64 51.43
C CYS B 116 -14.48 -61.96 50.19
N ILE B 117 -14.47 -60.63 50.21
CA ILE B 117 -14.96 -59.83 49.09
C ILE B 117 -13.81 -58.97 48.58
N SER B 118 -13.50 -59.13 47.29
CA SER B 118 -12.51 -58.28 46.61
C SER B 118 -13.14 -57.84 45.30
N ASN B 119 -13.90 -56.75 45.36
CA ASN B 119 -14.52 -56.13 44.20
C ASN B 119 -13.78 -54.83 43.90
N GLU B 120 -14.33 -54.06 42.96
CA GLU B 120 -13.92 -52.67 42.83
C GLU B 120 -14.33 -51.86 44.06
N LEU B 121 -15.45 -52.23 44.68
CA LEU B 121 -15.89 -51.59 45.92
C LEU B 121 -14.89 -51.86 47.05
N ALA B 122 -14.41 -53.08 47.16
CA ALA B 122 -13.47 -53.42 48.23
C ALA B 122 -12.10 -52.82 47.98
N GLN B 123 -11.66 -52.80 46.72
CA GLN B 123 -10.34 -52.28 46.40
C GLN B 123 -10.30 -50.75 46.55
N ASP B 124 -11.42 -50.08 46.32
CA ASP B 124 -11.46 -48.63 46.46
C ASP B 124 -11.37 -48.21 47.93
N LEU B 125 -11.96 -49.00 48.83
CA LEU B 125 -11.88 -48.68 50.25
C LEU B 125 -10.47 -48.92 50.80
N ILE B 126 -9.85 -50.03 50.40
CA ILE B 126 -8.51 -50.37 50.87
C ILE B 126 -7.48 -49.39 50.30
N ARG B 127 -7.68 -48.91 49.07
CA ARG B 127 -6.85 -47.83 48.53
C ARG B 127 -7.01 -46.56 49.36
N GLY B 128 -8.22 -46.29 49.83
CA GLY B 128 -8.44 -45.14 50.69
C GLY B 128 -7.79 -45.27 52.06
N VAL B 129 -7.59 -46.51 52.51
CA VAL B 129 -6.85 -46.74 53.76
C VAL B 129 -5.40 -46.34 53.59
N ARG B 130 -4.80 -46.71 52.44
CA ARG B 130 -3.44 -46.31 52.14
C ARG B 130 -3.35 -44.80 51.95
N LEU B 131 -4.42 -44.19 51.42
CA LEU B 131 -4.39 -42.78 51.04
C LEU B 131 -4.33 -41.87 52.27
N HIS B 132 -4.96 -42.28 53.37
CA HIS B 132 -4.88 -41.49 54.59
C HIS B 132 -3.88 -42.06 55.58
N GLY B 133 -3.91 -43.37 55.81
CA GLY B 133 -2.85 -44.04 56.53
C GLY B 133 -2.76 -43.74 58.01
N GLU B 134 -1.76 -42.94 58.37
CA GLU B 134 -1.47 -42.65 59.77
C GLU B 134 -2.58 -41.83 60.43
N LYS B 135 -3.35 -41.07 59.63
CA LYS B 135 -4.44 -40.28 60.18
C LYS B 135 -5.57 -41.17 60.67
N LEU B 136 -5.81 -42.29 59.99
CA LEU B 136 -6.94 -43.13 60.33
C LEU B 136 -6.71 -43.95 61.60
N PHE B 137 -5.47 -44.15 61.99
CA PHE B 137 -5.17 -45.05 63.09
C PHE B 137 -5.18 -44.37 64.44
N LYS B 138 -5.38 -43.04 64.47
CA LYS B 138 -5.45 -42.23 65.69
C LYS B 138 -4.19 -42.38 66.54
N GLY B 139 -3.04 -42.47 65.87
CA GLY B 139 -1.77 -42.52 66.56
C GLY B 139 -1.42 -43.85 67.20
N LEU B 140 -2.20 -44.90 66.94
CA LEU B 140 -1.97 -46.21 67.56
C LEU B 140 -0.78 -46.95 66.96
N GLN B 141 -0.17 -46.42 65.90
CA GLN B 141 0.82 -47.14 65.13
C GLN B 141 2.11 -47.36 65.93
N SER B 142 2.60 -48.60 65.91
CA SER B 142 3.86 -48.94 66.59
C SER B 142 5.01 -48.53 65.69
N GLY B 143 5.50 -47.31 65.87
CA GLY B 143 6.57 -46.79 65.06
C GLY B 143 6.07 -46.13 63.78
N ASP B 144 6.96 -45.37 63.17
CA ASP B 144 6.65 -44.71 61.90
C ASP B 144 6.58 -45.74 60.79
N LEU B 145 5.61 -45.58 59.89
CA LEU B 145 5.53 -46.46 58.74
C LEU B 145 6.64 -46.18 57.74
N GLU B 146 7.11 -44.93 57.67
CA GLU B 146 8.09 -44.52 56.67
C GLU B 146 9.44 -45.20 56.86
N ARG B 147 9.73 -45.68 58.06
CA ARG B 147 10.83 -46.62 58.27
C ARG B 147 10.38 -48.06 58.28
N ALA B 148 9.11 -48.31 58.62
CA ALA B 148 8.61 -49.69 58.66
C ALA B 148 8.44 -50.25 57.26
N GLN B 149 8.00 -49.43 56.30
CA GLN B 149 7.96 -49.86 54.91
C GLN B 149 9.37 -50.13 54.39
N LEU B 150 10.32 -49.30 54.78
CA LEU B 150 11.70 -49.48 54.34
C LEU B 150 12.37 -50.63 55.08
N GLY B 151 12.04 -50.81 56.36
CA GLY B 151 12.68 -51.88 57.14
C GLY B 151 12.22 -53.26 56.71
N LEU B 152 10.91 -53.42 56.52
CA LEU B 152 10.40 -54.67 55.98
C LEU B 152 10.72 -54.80 54.50
N GLY B 153 10.99 -53.67 53.83
CA GLY B 153 11.27 -53.70 52.40
C GLY B 153 12.55 -54.43 52.06
N HIS B 154 13.64 -54.14 52.78
CA HIS B 154 14.87 -54.85 52.53
C HIS B 154 14.91 -56.20 53.22
N ALA B 155 14.02 -56.45 54.18
CA ALA B 155 13.93 -57.77 54.78
C ALA B 155 13.35 -58.77 53.78
N TYR B 156 12.26 -58.41 53.11
CA TYR B 156 11.62 -59.32 52.18
C TYR B 156 12.41 -59.43 50.88
N SER B 157 13.08 -58.36 50.48
CA SER B 157 13.83 -58.37 49.23
C SER B 157 15.09 -59.22 49.33
N ARG B 158 15.77 -59.15 50.47
CA ARG B 158 16.99 -59.94 50.64
C ARG B 158 16.68 -61.41 50.83
N ALA B 159 15.57 -61.74 51.48
CA ALA B 159 15.23 -63.13 51.73
C ALA B 159 14.78 -63.82 50.44
N LYS B 160 14.03 -63.13 49.59
CA LYS B 160 13.56 -63.75 48.36
C LYS B 160 14.67 -63.86 47.32
N VAL B 161 15.62 -62.91 47.31
CA VAL B 161 16.70 -62.98 46.33
C VAL B 161 17.74 -64.01 46.72
N LYS B 162 17.71 -64.48 47.98
CA LYS B 162 18.51 -65.62 48.48
C LYS B 162 20.01 -65.39 48.32
N PHE B 163 20.51 -64.40 49.04
CA PHE B 163 21.93 -64.15 49.12
C PHE B 163 22.33 -63.94 50.58
N SER B 164 23.59 -64.19 50.87
CA SER B 164 24.10 -64.10 52.23
C SER B 164 25.24 -63.10 52.31
N VAL B 165 25.47 -62.59 53.52
CA VAL B 165 26.50 -61.59 53.75
C VAL B 165 27.90 -62.21 53.83
N GLN B 166 27.99 -63.54 53.99
CA GLN B 166 29.28 -64.20 53.98
C GLN B 166 29.92 -64.16 52.59
N LYS B 167 29.10 -64.27 51.55
CA LYS B 167 29.56 -64.22 50.18
C LYS B 167 29.54 -62.81 49.60
N ASN B 168 29.55 -61.79 50.46
CA ASN B 168 29.57 -60.42 49.99
C ASN B 168 30.92 -60.08 49.39
N ASP B 169 30.89 -59.50 48.19
CA ASP B 169 32.11 -59.06 47.55
C ASP B 169 32.58 -57.70 48.03
N ASN B 170 31.68 -56.92 48.64
CA ASN B 170 32.03 -55.56 49.05
C ASN B 170 33.00 -55.54 50.22
N HIS B 171 33.00 -56.60 51.05
CA HIS B 171 33.99 -56.70 52.12
C HIS B 171 35.38 -56.88 51.55
N ILE B 172 35.49 -57.59 50.43
CA ILE B 172 36.79 -57.78 49.79
C ILE B 172 37.27 -56.49 49.16
N ILE B 173 36.33 -55.68 48.64
CA ILE B 173 36.69 -54.42 48.00
C ILE B 173 37.20 -53.42 49.03
N GLN B 174 36.50 -53.31 50.16
CA GLN B 174 36.93 -52.37 51.19
C GLN B 174 38.15 -52.88 51.95
N ALA B 175 38.43 -54.19 51.87
CA ALA B 175 39.67 -54.70 52.42
C ALA B 175 40.87 -54.20 51.63
N ILE B 176 40.77 -54.20 50.29
CA ILE B 176 41.86 -53.74 49.45
C ILE B 176 42.01 -52.22 49.56
N ALA B 177 40.89 -51.50 49.53
CA ALA B 177 40.92 -50.03 49.61
C ALA B 177 41.36 -49.53 50.98
N LEU B 178 41.38 -50.40 51.99
CA LEU B 178 42.00 -50.05 53.27
C LEU B 178 43.43 -50.54 53.36
N LEU B 179 43.75 -51.68 52.72
CA LEU B 179 45.09 -52.25 52.82
C LEU B 179 46.13 -51.39 52.11
N ASP B 180 45.78 -50.82 50.96
CA ASP B 180 46.73 -49.99 50.23
C ASP B 180 47.00 -48.68 50.97
N GLN B 181 45.97 -48.14 51.64
CA GLN B 181 46.19 -47.01 52.52
C GLN B 181 47.02 -47.40 53.72
N LEU B 182 46.84 -48.62 54.24
CA LEU B 182 47.68 -49.11 55.32
C LEU B 182 49.13 -49.28 54.87
N ASP B 183 49.34 -49.77 53.65
CA ASP B 183 50.67 -49.79 53.08
C ASP B 183 51.19 -48.37 52.85
N LYS B 184 50.29 -47.46 52.45
CA LYS B 184 50.71 -46.08 52.25
C LYS B 184 50.92 -45.35 53.57
N ASP B 185 50.35 -45.84 54.67
CA ASP B 185 50.54 -45.17 55.95
C ASP B 185 51.71 -45.76 56.73
N ILE B 186 52.09 -47.01 56.45
CA ILE B 186 53.24 -47.59 57.12
C ILE B 186 54.53 -46.94 56.63
N ASN B 187 54.66 -46.75 55.32
CA ASN B 187 55.94 -46.28 54.76
C ASN B 187 56.21 -44.82 55.08
N THR B 188 55.17 -43.99 55.20
CA THR B 188 55.41 -42.63 55.66
C THR B 188 55.71 -42.62 57.16
N PHE B 189 55.17 -43.58 57.89
CA PHE B 189 55.50 -43.67 59.31
C PHE B 189 56.84 -44.35 59.51
N ALA B 190 57.31 -45.13 58.53
CA ALA B 190 58.62 -45.73 58.63
C ALA B 190 59.73 -44.73 58.33
N MET B 191 59.50 -43.82 57.38
CA MET B 191 60.56 -42.90 57.01
C MET B 191 60.62 -41.71 57.96
N ARG B 192 59.48 -41.39 58.59
CA ARG B 192 59.50 -40.41 59.68
C ARG B 192 60.25 -40.97 60.90
N VAL B 193 60.05 -42.24 61.20
CA VAL B 193 60.76 -42.84 62.35
C VAL B 193 62.19 -43.19 61.94
N LYS B 194 62.48 -43.24 60.64
CA LYS B 194 63.87 -43.33 60.21
C LYS B 194 64.57 -41.98 60.39
N GLU B 195 63.87 -40.89 60.15
CA GLU B 195 64.45 -39.57 60.33
C GLU B 195 64.51 -39.17 61.80
N TRP B 196 63.57 -39.66 62.61
CA TRP B 196 63.55 -39.28 64.02
C TRP B 196 64.52 -40.10 64.87
N TYR B 197 64.86 -41.32 64.43
CA TYR B 197 65.81 -42.16 65.15
C TYR B 197 67.22 -42.08 64.56
N GLY B 198 67.41 -41.32 63.47
CA GLY B 198 68.72 -41.17 62.90
C GLY B 198 69.65 -40.30 63.71
N TRP B 199 69.12 -39.58 64.69
CA TRP B 199 69.93 -38.74 65.58
C TRP B 199 70.55 -39.51 66.73
N HIS B 200 70.31 -40.80 66.83
CA HIS B 200 70.97 -41.61 67.85
C HIS B 200 71.64 -42.84 67.28
N PHE B 201 71.06 -43.46 66.26
CA PHE B 201 71.67 -44.61 65.59
C PHE B 201 71.34 -44.54 64.11
N PRO B 202 72.07 -43.72 63.35
CA PRO B 202 71.76 -43.59 61.92
C PRO B 202 72.15 -44.80 61.09
N GLU B 203 73.03 -45.66 61.60
CA GLU B 203 73.40 -46.88 60.89
C GLU B 203 72.37 -47.98 61.02
N LEU B 204 71.35 -47.81 61.88
CA LEU B 204 70.30 -48.81 62.02
C LEU B 204 69.34 -48.80 60.84
N ALA B 205 69.33 -47.73 60.03
CA ALA B 205 68.54 -47.73 58.82
C ALA B 205 69.11 -48.72 57.80
N LYS B 206 70.43 -48.86 57.75
CA LYS B 206 71.05 -49.86 56.91
C LYS B 206 70.93 -51.25 57.53
N LEU B 207 70.98 -51.33 58.86
CA LEU B 207 71.00 -52.63 59.54
C LEU B 207 69.66 -53.34 59.42
N VAL B 208 68.56 -52.63 59.71
CA VAL B 208 67.24 -53.23 59.63
C VAL B 208 66.32 -52.35 58.79
N PRO B 209 66.14 -52.67 57.50
CA PRO B 209 65.18 -51.93 56.68
C PRO B 209 63.76 -52.45 56.79
N ASP B 210 63.54 -53.53 57.54
CA ASP B 210 62.19 -54.03 57.77
C ASP B 210 61.45 -53.08 58.69
N ASN B 211 60.28 -52.60 58.24
CA ASN B 211 59.61 -51.49 58.90
C ASN B 211 59.05 -51.89 60.26
N TYR B 212 58.55 -53.12 60.37
CA TYR B 212 57.92 -53.54 61.63
C TYR B 212 58.96 -53.79 62.71
N THR B 213 60.04 -54.50 62.37
CA THR B 213 61.02 -54.86 63.38
C THR B 213 61.93 -53.69 63.77
N PHE B 214 62.20 -52.77 62.84
CA PHE B 214 62.97 -51.58 63.19
C PHE B 214 62.20 -50.68 64.15
N ALA B 215 60.89 -50.57 63.96
CA ALA B 215 60.05 -49.85 64.91
C ALA B 215 59.99 -50.57 66.25
N LYS B 216 60.09 -51.89 66.23
CA LYS B 216 60.23 -52.64 67.49
C LYS B 216 61.63 -52.46 68.06
N LEU B 217 62.65 -52.34 67.20
CA LEU B 217 64.00 -52.12 67.69
C LEU B 217 64.18 -50.73 68.27
N VAL B 218 63.43 -49.75 67.76
CA VAL B 218 63.40 -48.43 68.39
C VAL B 218 62.75 -48.52 69.78
N LEU B 219 61.71 -49.35 69.91
CA LEU B 219 61.08 -49.58 71.20
C LEU B 219 62.03 -50.26 72.18
N PHE B 220 62.84 -51.20 71.70
CA PHE B 220 63.73 -51.95 72.58
C PHE B 220 64.91 -51.10 73.02
N ILE B 221 65.74 -50.66 72.08
CA ILE B 221 66.90 -49.83 72.40
C ILE B 221 66.65 -48.42 71.87
N LYS B 222 66.80 -47.43 72.75
CA LYS B 222 66.80 -46.02 72.39
C LYS B 222 68.21 -45.45 72.37
N ASP B 223 69.01 -45.79 73.36
CA ASP B 223 70.42 -45.43 73.45
C ASP B 223 71.22 -46.71 73.61
N LYS B 224 72.50 -46.56 73.96
CA LYS B 224 73.35 -47.71 74.21
C LYS B 224 72.87 -48.49 75.44
N ALA B 225 73.14 -49.79 75.44
CA ALA B 225 72.70 -50.77 76.44
C ALA B 225 71.18 -50.75 76.67
N UNK B 229 75.68 -51.62 73.23
CA UNK B 229 74.90 -52.67 73.89
C UNK B 229 75.83 -53.73 74.47
N UNK B 230 76.85 -54.09 73.68
CA UNK B 230 77.87 -55.11 74.03
C UNK B 230 77.26 -56.46 74.40
N UNK B 231 76.21 -56.86 73.68
CA UNK B 231 75.53 -58.11 73.97
C UNK B 231 74.84 -58.66 72.71
N UNK B 232 73.80 -59.46 72.92
CA UNK B 232 73.03 -60.04 71.83
C UNK B 232 71.63 -60.39 72.31
N UNK B 233 70.65 -59.55 71.99
CA UNK B 233 69.28 -59.75 72.43
C UNK B 233 68.28 -59.09 71.49
N UNK B 234 68.26 -59.52 70.24
CA UNK B 234 67.32 -58.98 69.26
C UNK B 234 66.74 -60.10 68.40
N UNK B 235 65.45 -60.02 68.13
CA UNK B 235 64.78 -61.02 67.30
C UNK B 235 64.88 -60.64 65.83
N UNK B 236 65.50 -61.52 65.05
CA UNK B 236 65.67 -61.30 63.62
C UNK B 236 64.41 -61.70 62.86
N UNK B 240 74.88 -62.36 63.87
CA UNK B 240 74.76 -61.92 62.49
C UNK B 240 74.74 -60.40 62.40
N UNK B 241 74.14 -59.87 61.34
CA UNK B 241 74.08 -58.44 61.11
C UNK B 241 73.06 -57.77 62.04
N UNK B 242 72.11 -58.56 62.52
CA UNK B 242 71.11 -58.06 63.46
C UNK B 242 71.54 -58.35 64.89
N UNK B 243 72.73 -58.92 65.04
CA UNK B 243 73.25 -59.27 66.36
C UNK B 243 74.63 -58.65 66.61
N UNK B 244 75.61 -59.05 65.81
CA UNK B 244 76.99 -58.58 66.00
C UNK B 244 77.15 -57.14 65.52
N UNK B 245 76.55 -56.83 64.38
CA UNK B 245 76.64 -55.49 63.81
C UNK B 245 75.70 -54.52 64.52
N UNK B 246 74.74 -55.08 65.25
CA UNK B 246 73.81 -54.28 66.04
C UNK B 246 74.27 -54.24 67.50
N UNK B 247 75.54 -54.56 67.72
CA UNK B 247 76.15 -54.47 69.04
C UNK B 247 77.50 -53.78 68.92
N UNK B 248 78.09 -53.85 67.73
CA UNK B 248 79.35 -53.19 67.46
C UNK B 248 79.16 -51.67 67.36
N UNK B 249 78.11 -51.28 66.64
CA UNK B 249 77.80 -49.87 66.48
C UNK B 249 76.94 -49.37 67.63
N UNK B 250 76.34 -50.32 68.36
CA UNK B 250 75.51 -49.97 69.51
C UNK B 250 76.37 -49.61 70.71
N UNK B 251 77.55 -50.23 70.78
CA UNK B 251 78.51 -49.93 71.84
C UNK B 251 79.38 -48.75 71.42
N UNK B 252 79.36 -48.43 70.14
CA UNK B 252 80.13 -47.32 69.60
C UNK B 252 79.23 -46.38 68.81
N UNK B 253 78.37 -45.67 69.50
CA UNK B 253 77.44 -44.75 68.87
C UNK B 253 78.16 -43.52 68.35
N UNK B 254 77.58 -42.87 67.35
CA UNK B 254 78.18 -41.68 66.75
C UNK B 254 77.12 -40.76 66.15
N UNK B 255 76.29 -40.20 67.02
CA UNK B 255 75.22 -39.31 66.58
C UNK B 255 74.85 -38.30 67.66
N UNK B 256 73.79 -37.53 67.42
CA UNK B 256 73.41 -36.43 68.31
C UNK B 256 72.59 -36.90 69.50
N UNK B 257 71.73 -36.02 70.00
CA UNK B 257 70.90 -36.33 71.16
C UNK B 257 69.44 -35.97 70.91
N SER B 262 67.01 -36.11 73.50
CA SER B 262 66.69 -35.63 74.83
C SER B 262 65.83 -36.63 75.58
N GLU B 263 64.78 -36.16 76.24
CA GLU B 263 63.86 -37.02 76.98
C GLU B 263 62.45 -36.99 76.41
N THR B 264 61.86 -35.81 76.27
CA THR B 264 60.52 -35.72 75.68
C THR B 264 60.54 -36.03 74.19
N ASP B 265 61.66 -35.75 73.51
CA ASP B 265 61.83 -36.21 72.14
C ASP B 265 61.91 -37.73 72.08
N MET B 266 62.65 -38.33 73.01
CA MET B 266 62.84 -39.77 73.01
C MET B 266 61.55 -40.50 73.34
N GLU B 267 60.70 -39.92 74.19
CA GLU B 267 59.40 -40.53 74.45
C GLU B 267 58.50 -40.44 73.23
N ASN B 268 58.62 -39.35 72.47
CA ASN B 268 57.74 -39.16 71.32
C ASN B 268 58.11 -40.08 70.17
N VAL B 269 59.37 -40.47 70.06
CA VAL B 269 59.79 -41.40 69.01
C VAL B 269 59.24 -42.79 69.29
N CYS B 270 59.34 -43.25 70.54
CA CYS B 270 58.87 -44.59 70.87
C CYS B 270 57.35 -44.69 70.85
N VAL B 271 56.65 -43.61 71.16
CA VAL B 271 55.19 -43.60 71.00
C VAL B 271 54.84 -43.64 69.52
N PHE B 272 55.59 -42.91 68.70
CA PHE B 272 55.40 -42.97 67.25
C PHE B 272 55.81 -44.33 66.67
N ALA B 273 56.90 -44.91 67.18
CA ALA B 273 57.35 -46.20 66.65
C ALA B 273 56.47 -47.34 67.11
N GLN B 274 55.81 -47.19 68.27
CA GLN B 274 54.79 -48.16 68.65
C GLN B 274 53.59 -48.08 67.72
N ARG B 275 53.29 -46.87 67.22
CA ARG B 275 52.20 -46.70 66.27
C ARG B 275 52.53 -47.35 64.93
N VAL B 276 53.80 -47.34 64.54
CA VAL B 276 54.24 -48.07 63.34
C VAL B 276 54.06 -49.57 63.55
N ALA B 277 54.41 -50.06 64.74
CA ALA B 277 54.31 -51.48 65.02
C ALA B 277 52.87 -51.95 65.10
N SER B 278 51.98 -51.12 65.65
CA SER B 278 50.58 -51.50 65.74
C SER B 278 49.90 -51.42 64.38
N LEU B 279 50.41 -50.57 63.49
CA LEU B 279 49.83 -50.49 62.15
C LEU B 279 50.21 -51.69 61.30
N ALA B 280 51.47 -52.11 61.36
CA ALA B 280 51.92 -53.25 60.57
C ALA B 280 51.37 -54.56 61.13
N ASP B 281 51.14 -54.61 62.44
CA ASP B 281 50.46 -55.77 63.02
C ASP B 281 49.01 -55.83 62.56
N TYR B 282 48.35 -54.68 62.46
CA TYR B 282 46.96 -54.66 62.01
C TYR B 282 46.85 -54.91 60.51
N ARG B 283 47.80 -54.38 59.73
CA ARG B 283 47.78 -54.57 58.28
C ARG B 283 48.03 -56.03 57.92
N ARG B 284 48.95 -56.69 58.64
CA ARG B 284 49.19 -58.11 58.43
C ARG B 284 48.01 -58.94 58.89
N GLN B 285 47.30 -58.49 59.93
CA GLN B 285 46.09 -59.18 60.35
C GLN B 285 44.97 -59.02 59.33
N LEU B 286 44.84 -57.82 58.75
CA LEU B 286 43.87 -57.60 57.70
C LEU B 286 44.22 -58.38 56.43
N TYR B 287 45.52 -58.54 56.16
CA TYR B 287 45.97 -59.33 55.04
C TYR B 287 45.61 -60.81 55.23
N ASP B 288 45.75 -61.32 56.45
CA ASP B 288 45.40 -62.71 56.72
C ASP B 288 43.90 -62.91 56.67
N TYR B 289 43.13 -61.89 57.02
CA TYR B 289 41.67 -61.94 56.84
C TYR B 289 41.31 -61.89 55.36
N LEU B 290 42.11 -61.19 54.55
CA LEU B 290 41.79 -60.99 53.14
C LEU B 290 42.01 -62.26 52.34
N CYS B 291 43.09 -63.00 52.62
CA CYS B 291 43.37 -64.19 51.83
C CYS B 291 42.53 -65.39 52.28
N GLU B 292 41.75 -65.26 53.34
CA GLU B 292 40.89 -66.34 53.79
C GLU B 292 39.42 -66.08 53.48
N LYS B 293 38.96 -64.84 53.59
CA LYS B 293 37.57 -64.52 53.31
C LYS B 293 37.28 -64.60 51.82
N MET B 294 38.17 -64.07 50.99
CA MET B 294 37.96 -64.10 49.55
C MET B 294 38.13 -65.52 49.01
N HIS B 295 39.05 -66.29 49.59
CA HIS B 295 39.21 -67.69 49.23
C HIS B 295 37.98 -68.52 49.60
N THR B 296 37.21 -68.07 50.59
CA THR B 296 35.88 -68.63 50.80
C THR B 296 34.90 -68.13 49.75
N VAL B 297 34.97 -66.84 49.42
CA VAL B 297 33.98 -66.24 48.52
C VAL B 297 34.24 -66.67 47.08
N ALA B 298 35.47 -66.45 46.58
CA ALA B 298 35.82 -66.75 45.19
C ALA B 298 37.04 -67.66 45.19
N PRO B 299 36.84 -68.97 45.41
CA PRO B 299 38.00 -69.87 45.52
C PRO B 299 38.69 -70.15 44.21
N ASN B 300 37.95 -70.17 43.09
CA ASN B 300 38.56 -70.53 41.82
C ASN B 300 39.43 -69.39 41.28
N LEU B 301 39.05 -68.14 41.58
CA LEU B 301 39.89 -67.02 41.21
C LEU B 301 41.14 -66.97 42.09
N SER B 302 41.00 -67.35 43.36
CA SER B 302 42.14 -67.35 44.27
C SER B 302 43.14 -68.44 43.92
N GLU B 303 42.64 -69.59 43.49
CA GLU B 303 43.52 -70.70 43.13
C GLU B 303 44.25 -70.42 41.83
N LEU B 304 43.57 -69.81 40.86
CA LEU B 304 44.12 -69.69 39.51
C LEU B 304 45.24 -68.67 39.44
N ILE B 305 45.04 -67.49 40.03
CA ILE B 305 46.01 -66.41 39.84
C ILE B 305 46.80 -66.18 41.11
N GLY B 306 46.10 -65.85 42.18
CA GLY B 306 46.75 -65.60 43.45
C GLY B 306 45.84 -64.81 44.37
N GLU B 307 46.28 -64.66 45.62
CA GLU B 307 45.46 -63.98 46.61
C GLU B 307 45.51 -62.46 46.43
N VAL B 308 46.68 -61.92 46.10
CA VAL B 308 46.79 -60.47 46.03
C VAL B 308 46.39 -59.96 44.65
N ILE B 309 46.52 -60.78 43.60
CA ILE B 309 46.22 -60.29 42.26
C ILE B 309 44.72 -60.33 42.00
N GLY B 310 44.05 -61.39 42.47
CA GLY B 310 42.60 -61.48 42.31
C GLY B 310 41.86 -60.45 43.13
N ALA B 311 42.43 -60.09 44.29
CA ALA B 311 41.81 -59.07 45.13
C ALA B 311 41.92 -57.69 44.52
N ARG B 312 43.01 -57.41 43.81
CA ARG B 312 43.10 -56.15 43.07
C ARG B 312 42.20 -56.16 41.85
N LEU B 313 41.93 -57.34 41.29
CA LEU B 313 41.05 -57.45 40.14
C LEU B 313 39.61 -57.08 40.51
N ILE B 314 39.17 -57.51 41.69
CA ILE B 314 37.81 -57.19 42.13
C ILE B 314 37.70 -55.70 42.43
N SER B 315 38.74 -55.11 43.02
CA SER B 315 38.71 -53.70 43.39
C SER B 315 38.75 -52.79 42.16
N HIS B 316 39.46 -53.21 41.11
CA HIS B 316 39.50 -52.43 39.89
C HIS B 316 38.17 -52.48 39.15
N ALA B 317 37.48 -53.62 39.20
CA ALA B 317 36.18 -53.73 38.56
C ALA B 317 35.11 -53.01 39.35
N GLY B 318 35.28 -52.91 40.67
CA GLY B 318 34.29 -52.32 41.54
C GLY B 318 33.34 -53.31 42.17
N SER B 319 33.24 -54.52 41.61
CA SER B 319 32.48 -55.61 42.20
C SER B 319 33.00 -56.91 41.60
N LEU B 320 32.65 -58.02 42.24
CA LEU B 320 33.04 -59.32 41.73
C LEU B 320 32.25 -59.69 40.47
N THR B 321 31.03 -59.19 40.33
CA THR B 321 30.23 -59.50 39.16
C THR B 321 30.66 -58.74 37.92
N ASN B 322 31.36 -57.61 38.07
CA ASN B 322 31.77 -56.84 36.90
C ASN B 322 33.04 -57.40 36.27
N LEU B 323 33.79 -58.22 37.00
CA LEU B 323 34.82 -59.02 36.36
C LEU B 323 34.21 -60.06 35.44
N SER B 324 33.12 -60.68 35.88
CA SER B 324 32.44 -61.67 35.05
C SER B 324 31.59 -61.02 33.97
N LYS B 325 31.11 -59.80 34.20
CA LYS B 325 30.27 -59.13 33.21
C LYS B 325 31.08 -58.69 32.00
N GLN B 326 32.32 -58.25 32.21
CA GLN B 326 33.15 -57.77 31.13
C GLN B 326 33.64 -58.93 30.26
N ALA B 327 34.07 -58.60 29.06
CA ALA B 327 34.60 -59.59 28.15
C ALA B 327 35.99 -60.04 28.60
N ALA B 328 36.44 -61.17 28.03
CA ALA B 328 37.76 -61.70 28.36
C ALA B 328 38.89 -60.92 27.71
N SER B 329 38.60 -60.03 26.77
CA SER B 329 39.63 -59.23 26.11
C SER B 329 39.83 -57.88 26.79
N THR B 330 38.74 -57.22 27.20
CA THR B 330 38.82 -55.90 27.79
C THR B 330 39.39 -55.91 29.20
N VAL B 331 39.46 -57.08 29.85
CA VAL B 331 40.08 -57.15 31.17
C VAL B 331 41.59 -57.05 31.01
N GLN B 332 42.19 -56.15 31.80
CA GLN B 332 43.64 -55.94 31.80
C GLN B 332 44.15 -56.18 33.22
N ILE B 333 45.12 -57.08 33.36
CA ILE B 333 45.58 -57.50 34.67
C ILE B 333 47.03 -57.06 34.85
N LEU B 334 47.44 -56.99 36.12
CA LEU B 334 48.82 -56.68 36.48
C LEU B 334 49.07 -57.14 37.91
N LYS B 368 57.78 -62.35 24.33
CA LYS B 368 56.84 -63.28 23.70
C LYS B 368 55.85 -63.80 24.74
N ASN B 369 56.30 -63.85 26.00
CA ASN B 369 55.41 -64.25 27.10
C ASN B 369 54.32 -63.22 27.32
N LYS B 370 54.66 -61.93 27.24
CA LYS B 370 53.67 -60.87 27.43
C LYS B 370 52.76 -60.72 26.22
N GLY B 371 53.14 -61.25 25.06
CA GLY B 371 52.28 -61.15 23.90
C GLY B 371 51.26 -62.28 23.81
N ARG B 372 51.54 -63.41 24.45
CA ARG B 372 50.69 -64.58 24.35
C ARG B 372 50.05 -64.96 25.69
N ILE B 373 50.86 -65.15 26.73
CA ILE B 373 50.34 -65.68 28.00
C ILE B 373 49.55 -64.63 28.75
N SER B 374 49.77 -63.34 28.47
CA SER B 374 48.98 -62.30 29.09
C SER B 374 47.53 -62.35 28.61
N ARG B 375 47.34 -62.52 27.31
CA ARG B 375 45.99 -62.59 26.76
C ARG B 375 45.34 -63.95 27.07
N TYR B 376 46.15 -65.01 27.12
CA TYR B 376 45.63 -66.32 27.48
C TYR B 376 45.17 -66.37 28.92
N LEU B 377 45.92 -65.73 29.82
CA LEU B 377 45.48 -65.63 31.20
C LEU B 377 44.26 -64.73 31.33
N ALA B 378 44.18 -63.67 30.51
CA ALA B 378 43.08 -62.73 30.58
C ALA B 378 41.75 -63.38 30.22
N ASN B 379 41.80 -64.44 29.40
CA ASN B 379 40.64 -65.30 29.28
C ASN B 379 40.40 -66.08 30.57
N LYS B 380 41.46 -66.65 31.15
CA LYS B 380 41.30 -67.60 32.25
C LYS B 380 40.77 -66.94 33.52
N CYS B 381 41.17 -65.70 33.80
CA CYS B 381 40.58 -64.99 34.95
C CYS B 381 39.14 -64.58 34.68
N SER B 382 38.71 -64.56 33.42
CA SER B 382 37.31 -64.27 33.15
C SER B 382 36.43 -65.47 33.51
N MET B 383 36.76 -66.67 32.98
CA MET B 383 35.93 -67.83 33.34
C MET B 383 36.10 -68.23 34.81
N ALA B 384 37.24 -67.90 35.42
CA ALA B 384 37.38 -68.11 36.86
C ALA B 384 36.46 -67.15 37.63
N SER B 385 36.28 -65.94 37.11
CA SER B 385 35.31 -65.03 37.71
C SER B 385 33.88 -65.44 37.38
N ARG B 386 33.68 -66.12 36.24
CA ARG B 386 32.36 -66.63 35.90
C ARG B 386 31.93 -67.73 36.88
N ILE B 387 32.83 -68.68 37.17
CA ILE B 387 32.47 -69.81 38.01
C ILE B 387 32.48 -69.45 39.49
N ASP B 388 32.98 -68.27 39.85
CA ASP B 388 32.99 -67.85 41.24
C ASP B 388 31.85 -66.90 41.59
N ASN B 389 31.04 -66.51 40.61
CA ASN B 389 30.00 -65.51 40.80
C ASN B 389 28.59 -66.07 40.72
N TYR B 390 28.32 -66.89 39.71
CA TYR B 390 26.95 -67.24 39.36
C TYR B 390 26.46 -68.53 40.02
N SER B 391 27.29 -69.16 40.84
CA SER B 391 26.83 -70.22 41.71
C SER B 391 26.44 -69.65 43.05
N GLU B 392 26.22 -70.51 44.03
CA GLU B 392 26.12 -70.11 45.42
C GLU B 392 27.36 -70.49 46.21
N GLU B 393 27.73 -71.77 46.17
CA GLU B 393 28.88 -72.29 46.90
C GLU B 393 29.81 -72.95 45.89
N PRO B 394 30.68 -72.17 45.24
CA PRO B 394 31.53 -72.73 44.20
C PRO B 394 32.66 -73.58 44.77
N SER B 395 32.91 -74.71 44.11
CA SER B 395 33.99 -75.61 44.49
C SER B 395 35.27 -75.19 43.79
N ASN B 396 36.40 -75.59 44.36
CA ASN B 396 37.72 -75.21 43.87
C ASN B 396 38.28 -76.21 42.87
N VAL B 397 37.47 -77.15 42.38
CA VAL B 397 37.98 -78.15 41.45
C VAL B 397 38.29 -77.53 40.09
N PHE B 398 37.47 -76.58 39.65
CA PHE B 398 37.67 -75.98 38.34
C PHE B 398 38.80 -74.95 38.34
N GLY B 399 39.09 -74.36 39.49
CA GLY B 399 40.28 -73.53 39.59
C GLY B 399 41.55 -74.34 39.45
N SER B 400 41.56 -75.56 40.00
CA SER B 400 42.70 -76.45 39.82
C SER B 400 42.79 -76.97 38.40
N VAL B 401 41.63 -77.22 37.77
CA VAL B 401 41.60 -77.66 36.37
C VAL B 401 42.14 -76.58 35.45
N LEU B 402 41.71 -75.33 35.68
CA LEU B 402 42.20 -74.21 34.89
C LEU B 402 43.66 -73.90 35.20
N LYS B 403 44.13 -74.24 36.40
CA LYS B 403 45.55 -74.11 36.72
C LYS B 403 46.38 -75.09 35.90
N LYS B 404 45.87 -76.30 35.67
CA LYS B 404 46.57 -77.28 34.86
C LYS B 404 46.62 -76.85 33.40
N GLN B 405 45.61 -76.11 32.94
CA GLN B 405 45.59 -75.66 31.56
C GLN B 405 46.61 -74.55 31.31
N VAL B 406 46.80 -73.67 32.29
CA VAL B 406 47.82 -72.64 32.14
C VAL B 406 49.21 -73.22 32.44
N GLU B 407 49.25 -74.36 33.12
CA GLU B 407 50.53 -75.04 33.33
C GLU B 407 51.02 -75.70 32.05
N GLN B 408 50.11 -76.27 31.28
CA GLN B 408 50.49 -76.90 30.01
C GLN B 408 50.83 -75.85 28.96
N ARG B 409 50.16 -74.69 29.01
CA ARG B 409 50.45 -73.62 28.06
C ARG B 409 51.80 -72.99 28.34
N LEU B 410 52.17 -72.87 29.62
CA LEU B 410 53.47 -72.31 29.97
C LEU B 410 54.61 -73.26 29.61
N GLU B 411 54.36 -74.57 29.67
CA GLU B 411 55.35 -75.54 29.18
C GLU B 411 55.44 -75.51 27.67
N PHE B 412 54.33 -75.21 26.98
CA PHE B 412 54.36 -75.08 25.53
C PHE B 412 55.18 -73.88 25.09
N TYR B 413 55.16 -72.81 25.86
CA TYR B 413 55.94 -71.61 25.61
C TYR B 413 57.44 -71.88 25.67
N THR C 1 56.78 79.57 -27.80
CA THR C 1 57.45 80.83 -28.07
C THR C 1 56.98 81.44 -29.38
N ASP C 2 55.76 81.07 -29.79
CA ASP C 2 55.18 81.56 -31.04
C ASP C 2 54.51 82.91 -30.76
N ARG C 3 55.34 83.94 -30.63
CA ARG C 3 54.86 85.31 -30.40
C ARG C 3 54.52 85.92 -31.76
N PHE C 4 53.29 85.67 -32.19
CA PHE C 4 52.81 85.86 -33.56
C PHE C 4 53.74 85.20 -34.58
N LYS C 5 53.87 83.88 -34.43
CA LYS C 5 54.59 83.07 -35.41
C LYS C 5 53.65 82.22 -36.22
N GLY C 6 52.36 82.54 -36.21
CA GLY C 6 51.35 81.77 -36.91
C GLY C 6 51.18 80.38 -36.34
N ASP C 7 51.35 79.37 -37.19
CA ASP C 7 51.33 77.99 -36.76
C ASP C 7 52.10 77.15 -37.78
N ASP C 8 52.49 75.95 -37.36
CA ASP C 8 53.12 75.03 -38.27
C ASP C 8 52.10 74.49 -39.27
N ASP C 9 52.58 74.12 -40.45
CA ASP C 9 51.73 73.68 -41.55
C ASP C 9 51.93 72.19 -41.79
N ILE C 10 51.03 71.39 -41.24
CA ILE C 10 50.96 69.96 -41.57
C ILE C 10 50.54 69.81 -43.03
N PRO C 11 51.15 68.90 -43.81
CA PRO C 11 50.73 68.65 -45.20
C PRO C 11 49.37 67.96 -45.32
N UNK C 12 49.36 66.76 -45.87
CA UNK C 12 48.13 65.99 -46.03
C UNK C 12 48.46 64.51 -46.13
N UNK C 13 48.39 63.97 -47.34
CA UNK C 13 48.84 62.62 -47.60
C UNK C 13 50.06 62.71 -48.51
N UNK C 14 50.55 63.94 -48.68
CA UNK C 14 51.68 64.24 -49.54
C UNK C 14 52.97 63.62 -49.01
N UNK C 15 53.33 64.00 -47.78
CA UNK C 15 54.50 63.43 -47.13
C UNK C 15 54.17 62.04 -46.58
N UNK C 16 52.88 61.79 -46.37
CA UNK C 16 52.42 60.53 -45.82
C UNK C 16 52.25 59.46 -46.89
N UNK C 17 51.09 59.43 -47.53
CA UNK C 17 50.73 58.37 -48.46
C UNK C 17 51.47 58.48 -49.79
N UNK C 18 51.67 59.70 -50.28
CA UNK C 18 52.33 59.89 -51.57
C UNK C 18 53.83 59.69 -51.44
N UNK C 19 54.43 60.26 -50.40
CA UNK C 19 55.85 60.06 -50.14
C UNK C 19 56.09 58.83 -49.28
N UNK C 20 55.82 57.67 -49.87
CA UNK C 20 56.08 56.38 -49.23
C UNK C 20 56.25 55.33 -50.32
N UNK C 21 55.59 55.58 -51.45
CA UNK C 21 55.69 54.72 -52.62
C UNK C 21 56.42 55.44 -53.75
N UNK C 22 56.15 56.74 -53.88
CA UNK C 22 56.83 57.56 -54.87
C UNK C 22 58.23 57.93 -54.35
N UNK C 23 58.36 58.01 -53.03
CA UNK C 23 59.64 58.31 -52.40
C UNK C 23 60.19 57.06 -51.73
N UNK C 24 61.11 56.38 -52.41
CA UNK C 24 61.70 55.16 -51.89
C UNK C 24 63.22 55.20 -52.02
N ASP C 63 78.46 12.82 -35.64
CA ASP C 63 77.06 12.43 -35.72
C ASP C 63 76.69 11.45 -34.61
N TYR C 64 77.25 11.68 -33.42
CA TYR C 64 76.97 10.78 -32.30
C TYR C 64 75.54 10.93 -31.81
N TYR C 65 75.02 12.16 -31.82
CA TYR C 65 73.64 12.40 -31.41
C TYR C 65 72.66 11.79 -32.40
N GLN C 66 72.93 11.94 -33.70
CA GLN C 66 72.03 11.40 -34.71
C GLN C 66 72.06 9.88 -34.72
N GLN C 67 73.23 9.29 -34.49
CA GLN C 67 73.34 7.83 -34.41
C GLN C 67 72.62 7.29 -33.18
N VAL C 68 72.68 7.99 -32.05
CA VAL C 68 72.05 7.53 -30.83
C VAL C 68 70.53 7.59 -30.94
N GLN C 69 69.99 8.70 -31.48
CA GLN C 69 68.54 8.81 -31.63
C GLN C 69 68.00 7.83 -32.66
N ARG C 70 68.79 7.52 -33.70
CA ARG C 70 68.44 6.43 -34.58
C ARG C 70 68.52 5.10 -33.85
N GLY C 71 69.54 4.94 -32.99
CA GLY C 71 69.68 3.69 -32.25
C GLY C 71 68.63 3.51 -31.18
N LYS C 72 68.11 4.63 -30.65
CA LYS C 72 67.00 4.53 -29.70
C LYS C 72 65.70 4.17 -30.41
N GLN C 73 65.43 4.81 -31.54
CA GLN C 73 64.15 4.60 -32.21
C GLN C 73 64.11 3.26 -32.94
N ASP C 74 65.26 2.76 -33.42
CA ASP C 74 65.25 1.49 -34.13
C ASP C 74 65.10 0.31 -33.17
N LYS C 75 65.50 0.50 -31.93
CA LYS C 75 65.16 -0.47 -30.89
C LYS C 75 63.66 -0.46 -30.61
N LYS C 76 63.03 0.71 -30.75
CA LYS C 76 61.61 0.84 -30.45
C LYS C 76 60.74 0.17 -31.51
N ILE C 77 61.06 0.38 -32.80
CA ILE C 77 60.20 -0.19 -33.84
C ILE C 77 60.45 -1.68 -33.97
N SER C 78 61.66 -2.14 -33.63
CA SER C 78 61.90 -3.58 -33.58
C SER C 78 61.15 -4.24 -32.44
N ARG C 79 60.90 -3.47 -31.36
CA ARG C 79 60.10 -3.99 -30.26
C ARG C 79 58.65 -4.15 -30.66
N LYS C 80 58.11 -3.20 -31.42
CA LYS C 80 56.73 -3.32 -31.87
C LYS C 80 56.62 -4.26 -33.06
N GLU C 81 57.73 -4.51 -33.76
CA GLU C 81 57.71 -5.50 -34.83
C GLU C 81 57.70 -6.92 -34.26
N ALA C 82 58.36 -7.11 -33.11
CA ALA C 82 58.34 -8.41 -32.45
C ALA C 82 56.94 -8.77 -31.97
N HIS C 83 56.19 -7.78 -31.49
CA HIS C 83 54.80 -8.02 -31.12
C HIS C 83 53.93 -8.26 -32.35
N LYS C 84 54.19 -7.50 -33.42
CA LYS C 84 53.40 -7.64 -34.64
C LYS C 84 53.68 -8.97 -35.34
N ASN C 85 54.92 -9.43 -35.28
CA ASN C 85 55.23 -10.74 -35.85
C ASN C 85 54.74 -11.88 -34.97
N ALA C 86 54.60 -11.63 -33.66
CA ALA C 86 54.08 -12.67 -32.76
C ALA C 86 52.58 -12.83 -32.93
N VAL C 87 51.86 -11.71 -33.09
CA VAL C 87 50.41 -11.80 -33.26
C VAL C 87 50.07 -12.29 -34.67
N ILE C 88 50.95 -12.07 -35.65
CA ILE C 88 50.74 -12.63 -36.98
C ILE C 88 50.97 -14.14 -36.97
N ALA C 89 52.03 -14.58 -36.28
CA ALA C 89 52.36 -16.01 -36.25
C ALA C 89 51.32 -16.81 -35.47
N ALA C 90 50.72 -16.19 -34.45
CA ALA C 90 49.62 -16.86 -33.76
C ALA C 90 48.34 -16.82 -34.59
N ARG C 91 48.19 -15.82 -35.44
CA ARG C 91 47.03 -15.75 -36.32
C ARG C 91 47.10 -16.77 -37.44
N GLU C 92 48.25 -16.89 -38.09
CA GLU C 92 48.40 -17.89 -39.13
C GLU C 92 48.56 -19.29 -38.54
N GLY C 93 49.04 -19.38 -37.30
CA GLY C 93 49.07 -20.66 -36.62
C GLY C 93 47.69 -21.17 -36.29
N LYS C 94 46.79 -20.27 -35.89
CA LYS C 94 45.41 -20.65 -35.64
C LYS C 94 44.67 -20.90 -36.95
N LEU C 95 45.01 -20.15 -38.01
CA LEU C 95 44.40 -20.38 -39.31
C LEU C 95 44.95 -21.62 -40.00
N ALA C 96 46.09 -22.15 -39.54
CA ALA C 96 46.63 -23.37 -40.12
C ALA C 96 45.78 -24.58 -39.76
N GLU C 97 45.31 -24.67 -38.50
CA GLU C 97 44.56 -25.83 -38.07
C GLU C 97 43.10 -25.79 -38.53
N LEU C 98 42.59 -24.64 -38.96
CA LEU C 98 41.32 -24.64 -39.67
C LEU C 98 41.50 -25.17 -41.09
N ALA C 99 42.63 -24.86 -41.71
CA ALA C 99 42.95 -25.41 -43.03
C ALA C 99 43.40 -26.86 -42.96
N GLU C 100 43.79 -27.34 -41.77
CA GLU C 100 44.17 -28.74 -41.59
C GLU C 100 43.00 -29.62 -41.18
N ASN C 101 41.78 -29.06 -41.11
CA ASN C 101 40.62 -29.85 -40.78
C ASN C 101 40.15 -30.73 -41.94
N VAL C 102 40.59 -30.44 -43.17
CA VAL C 102 40.17 -31.21 -44.33
C VAL C 102 40.84 -32.57 -44.30
N SER C 103 40.19 -33.55 -44.93
CA SER C 103 40.67 -34.92 -44.91
C SER C 103 41.58 -35.18 -46.12
N GLY C 104 42.03 -36.42 -46.25
CA GLY C 104 42.86 -36.79 -47.38
C GLY C 104 42.12 -36.91 -48.69
N ASP C 105 40.79 -37.02 -48.64
CA ASP C 105 39.97 -37.11 -49.83
C ASP C 105 39.22 -35.81 -50.10
N GLY C 106 38.65 -35.71 -51.29
CA GLY C 106 37.86 -34.57 -51.67
C GLY C 106 36.38 -34.79 -51.43
N LYS C 107 36.07 -35.62 -50.44
CA LYS C 107 34.70 -35.95 -50.08
C LYS C 107 34.34 -35.22 -48.80
N ARG C 108 33.21 -34.53 -48.81
CA ARG C 108 32.85 -33.57 -47.78
C ARG C 108 31.98 -34.26 -46.73
N ALA C 109 32.58 -34.56 -45.58
CA ALA C 109 31.91 -35.36 -44.57
C ALA C 109 30.94 -34.52 -43.75
N ILE C 110 29.79 -35.11 -43.43
CA ILE C 110 28.81 -34.48 -42.56
C ILE C 110 29.33 -34.49 -41.13
N ASN C 111 29.37 -33.33 -40.49
CA ASN C 111 29.84 -33.25 -39.12
C ASN C 111 28.71 -33.60 -38.15
N TYR C 112 29.02 -33.53 -36.85
CA TYR C 112 28.17 -34.13 -35.83
C TYR C 112 26.89 -33.33 -35.61
N GLN C 113 26.99 -32.00 -35.51
CA GLN C 113 25.86 -31.22 -35.05
C GLN C 113 24.78 -31.04 -36.12
N ILE C 114 25.13 -31.19 -37.39
CA ILE C 114 24.11 -31.13 -38.43
C ILE C 114 23.57 -32.50 -38.77
N LEU C 115 24.25 -33.58 -38.34
CA LEU C 115 23.73 -34.92 -38.61
C LEU C 115 22.56 -35.25 -37.69
N LYS C 116 22.67 -34.89 -36.41
CA LYS C 116 21.63 -35.20 -35.45
C LYS C 116 20.50 -34.18 -35.45
N ASN C 117 20.73 -33.00 -36.06
CA ASN C 117 19.74 -31.92 -36.21
C ASN C 117 19.20 -31.46 -34.86
N LYS C 118 20.10 -31.19 -33.92
CA LYS C 118 19.74 -30.69 -32.60
C LYS C 118 19.81 -29.17 -32.62
N GLY C 119 18.65 -28.52 -32.56
CA GLY C 119 18.60 -27.09 -32.71
C GLY C 119 18.57 -26.32 -31.41
N LEU C 120 19.73 -25.78 -31.03
CA LEU C 120 19.98 -24.86 -29.90
C LEU C 120 19.27 -25.30 -28.61
N THR C 121 19.47 -26.58 -28.29
CA THR C 121 18.97 -27.14 -27.04
C THR C 121 19.69 -26.50 -25.86
N PRO C 122 18.95 -26.03 -24.86
CA PRO C 122 19.57 -25.53 -23.63
C PRO C 122 20.41 -26.60 -22.95
N LYS C 123 21.51 -26.16 -22.34
CA LYS C 123 22.56 -27.07 -21.90
C LYS C 123 22.10 -27.81 -20.63
N ARG C 124 21.65 -29.04 -20.81
CA ARG C 124 21.25 -29.89 -19.70
C ARG C 124 22.50 -30.59 -19.13
N ASN C 125 22.27 -31.57 -18.28
CA ASN C 125 23.35 -32.23 -17.55
C ASN C 125 23.41 -33.72 -17.90
N LYS C 126 24.49 -34.35 -17.43
CA LYS C 126 24.65 -35.80 -17.55
C LYS C 126 23.71 -36.55 -16.60
N ASP C 127 23.21 -35.87 -15.57
CA ASP C 127 22.34 -36.50 -14.58
C ASP C 127 21.02 -36.95 -15.21
N ASN C 128 20.45 -36.12 -16.09
CA ASN C 128 19.18 -36.46 -16.72
C ASN C 128 19.31 -37.51 -17.81
N ARG C 129 20.52 -37.85 -18.23
CA ARG C 129 20.69 -38.81 -19.32
C ARG C 129 20.38 -40.23 -18.87
N ASN C 130 20.43 -40.50 -17.56
CA ASN C 130 20.17 -41.81 -17.02
C ASN C 130 19.16 -41.69 -15.88
N SER C 131 18.13 -42.54 -15.91
CA SER C 131 17.12 -42.50 -14.86
C SER C 131 17.60 -43.14 -13.56
N ARG C 132 18.41 -44.20 -13.66
CA ARG C 132 18.87 -44.89 -12.45
C ARG C 132 19.84 -44.04 -11.65
N VAL C 133 20.72 -43.31 -12.32
CA VAL C 133 21.59 -42.37 -11.64
C VAL C 133 20.78 -41.21 -11.08
N LYS C 134 19.75 -40.77 -11.80
CA LYS C 134 18.91 -39.69 -11.32
C LYS C 134 18.06 -40.12 -10.12
N LYS C 135 17.55 -41.34 -10.15
CA LYS C 135 16.72 -41.82 -9.03
C LYS C 135 17.55 -42.04 -7.78
N ARG C 136 18.83 -42.36 -7.95
CA ARG C 136 19.72 -42.52 -6.78
C ARG C 136 19.98 -41.17 -6.12
N LYS C 137 20.36 -40.17 -6.92
CA LYS C 137 20.73 -38.88 -6.35
C LYS C 137 19.51 -38.11 -5.86
N LYS C 138 18.34 -38.36 -6.44
CA LYS C 138 17.12 -37.76 -5.93
C LYS C 138 16.72 -38.36 -4.59
N TYR C 139 16.98 -39.65 -4.41
CA TYR C 139 16.63 -40.31 -3.16
C TYR C 139 17.58 -39.92 -2.04
N GLN C 140 18.88 -39.83 -2.33
CA GLN C 140 19.83 -39.44 -1.31
C GLN C 140 19.67 -37.98 -0.91
N LYS C 141 19.26 -37.13 -1.86
CA LYS C 141 18.93 -35.76 -1.51
C LYS C 141 17.66 -35.70 -0.67
N ALA C 142 16.70 -36.58 -0.96
CA ALA C 142 15.48 -36.62 -0.17
C ALA C 142 15.70 -37.26 1.20
N GLN C 143 16.73 -38.10 1.33
CA GLN C 143 17.04 -38.72 2.61
C GLN C 143 17.63 -37.68 3.55
N LYS C 144 18.52 -36.82 3.03
CA LYS C 144 19.12 -35.77 3.84
C LYS C 144 18.10 -34.71 4.23
N LYS C 145 17.07 -34.51 3.40
CA LYS C 145 15.95 -33.66 3.80
C LYS C 145 15.16 -34.29 4.93
N LEU C 146 15.03 -35.62 4.91
CA LEU C 146 14.28 -36.31 5.96
C LEU C 146 15.00 -36.26 7.29
N LYS C 147 16.34 -36.32 7.26
CA LYS C 147 17.13 -36.14 8.48
C LYS C 147 17.00 -34.71 9.00
N SER C 148 16.76 -33.75 8.11
CA SER C 148 16.56 -32.37 8.52
C SER C 148 15.17 -32.14 9.08
N VAL C 149 14.16 -32.84 8.56
CA VAL C 149 12.79 -32.63 9.03
C VAL C 149 12.59 -33.25 10.41
N ARG C 150 12.95 -34.51 10.56
CA ARG C 150 12.82 -35.21 11.83
C ARG C 150 14.13 -35.88 12.17
N ALA C 151 14.30 -36.20 13.45
CA ALA C 151 15.51 -36.86 13.93
C ALA C 151 15.33 -38.36 13.77
N VAL C 152 15.87 -38.90 12.68
CA VAL C 152 15.73 -40.32 12.41
C VAL C 152 16.88 -41.06 13.08
N TYR C 153 16.70 -42.37 13.30
CA TYR C 153 17.70 -43.13 14.05
C TYR C 153 18.80 -43.57 13.10
N SER C 154 20.02 -43.69 13.62
CA SER C 154 21.18 -44.08 12.82
C SER C 154 22.14 -44.85 13.72
N GLY C 155 22.06 -46.18 13.67
CA GLY C 155 23.10 -46.97 14.29
C GLY C 155 22.90 -47.28 15.76
N GLY C 156 23.52 -46.46 16.61
CA GLY C 156 23.63 -46.74 18.03
C GLY C 156 24.99 -46.29 18.51
N GLN C 157 25.75 -47.19 19.14
CA GLN C 157 27.15 -46.91 19.48
C GLN C 157 27.97 -48.17 19.29
N SER C 158 28.82 -48.16 18.27
CA SER C 158 29.92 -49.11 18.19
C SER C 158 31.18 -48.56 18.86
N GLY C 159 31.10 -47.37 19.44
CA GLY C 159 32.24 -46.73 20.05
C GLY C 159 32.04 -46.40 21.52
N VAL C 160 32.41 -45.17 21.91
CA VAL C 160 32.50 -44.81 23.31
C VAL C 160 31.52 -43.71 23.72
N TYR C 161 31.19 -42.78 22.82
CA TYR C 161 30.56 -41.50 23.19
C TYR C 161 29.15 -41.69 23.74
N GLU C 162 28.80 -40.84 24.70
CA GLU C 162 27.63 -41.05 25.55
C GLU C 162 26.38 -40.32 25.03
N GLY C 163 26.44 -39.00 24.90
CA GLY C 163 25.24 -38.21 24.71
C GLY C 163 25.05 -37.67 23.31
N GLU C 164 24.79 -36.37 23.20
CA GLU C 164 24.51 -35.71 21.93
C GLU C 164 25.56 -34.65 21.65
N LYS C 165 25.47 -34.04 20.47
CA LYS C 165 26.50 -33.12 20.00
C LYS C 165 25.97 -31.80 19.49
N THR C 166 24.64 -31.61 19.40
CA THR C 166 24.08 -30.42 18.79
C THR C 166 23.41 -29.50 19.80
N GLY C 167 23.67 -29.70 21.09
CA GLY C 167 23.07 -28.84 22.10
C GLY C 167 21.75 -29.35 22.59
N ILE C 168 21.41 -29.03 23.84
CA ILE C 168 20.16 -29.45 24.47
C ILE C 168 19.33 -28.20 24.73
N LYS C 169 18.17 -28.11 24.10
CA LYS C 169 17.29 -26.99 24.38
C LYS C 169 16.46 -27.27 25.62
N LYS C 170 16.00 -26.18 26.25
CA LYS C 170 15.16 -26.30 27.44
C LYS C 170 13.68 -26.25 27.07
N GLY C 171 13.24 -25.16 26.46
CA GLY C 171 11.86 -25.05 26.05
C GLY C 171 11.62 -25.54 24.64
N LEU C 172 11.71 -26.85 24.42
CA LEU C 172 11.56 -27.43 23.09
C LEU C 172 10.26 -28.21 22.96
N THR C 173 10.10 -29.27 23.77
CA THR C 173 8.90 -30.10 23.90
C THR C 173 8.42 -30.65 22.55
N ARG C 174 9.23 -31.54 21.99
CA ARG C 174 8.87 -32.23 20.74
C ARG C 174 7.98 -33.44 21.00
N SER C 175 6.87 -33.23 21.69
CA SER C 175 5.93 -34.29 22.04
C SER C 175 4.55 -33.88 21.57
N VAL C 176 3.84 -34.81 20.94
CA VAL C 176 2.49 -34.51 20.49
C VAL C 176 1.55 -34.44 21.69
N LYS C 177 0.56 -33.57 21.61
CA LYS C 177 -0.37 -33.39 22.71
C LYS C 177 -1.58 -34.28 22.56
N PHE C 178 -2.00 -34.91 23.65
CA PHE C 178 -3.16 -35.79 23.65
C PHE C 178 -4.40 -35.00 24.07
N LYS C 179 -4.81 -34.11 23.17
CA LYS C 179 -6.03 -33.34 23.37
C LYS C 179 -7.23 -34.26 23.30
N ASN C 180 -8.22 -33.98 24.15
CA ASN C 180 -9.41 -34.82 24.22
C ASN C 180 -10.33 -34.59 23.02
N SER F 1 86.23 88.26 10.79
CA SER F 1 84.89 87.73 10.67
C SER F 1 84.77 86.79 9.48
N LEU F 2 85.68 85.82 9.40
CA LEU F 2 85.71 84.88 8.29
C LEU F 2 85.50 83.46 8.79
N VAL F 3 84.90 82.64 7.94
CA VAL F 3 84.68 81.23 8.22
C VAL F 3 85.12 80.41 7.01
N VAL F 4 85.78 79.29 7.28
CA VAL F 4 86.27 78.40 6.23
C VAL F 4 85.27 77.27 6.08
N GLN F 5 84.73 77.12 4.87
CA GLN F 5 83.63 76.19 4.61
C GLN F 5 84.08 75.13 3.61
N GLU F 6 83.13 74.33 3.15
CA GLU F 6 83.39 73.29 2.17
C GLU F 6 82.17 73.07 1.29
N PHE F 10 78.89 72.74 -3.21
CA PHE F 10 77.60 72.37 -3.79
C PHE F 10 77.55 72.74 -5.26
N GLN F 11 76.79 71.98 -6.04
CA GLN F 11 76.67 72.22 -7.47
C GLN F 11 75.25 71.90 -7.91
N HIS F 12 74.99 72.10 -9.20
CA HIS F 12 73.71 71.80 -9.82
C HIS F 12 73.74 70.37 -10.36
N ILE F 13 72.81 70.05 -11.28
CA ILE F 13 72.59 68.73 -11.86
C ILE F 13 73.86 68.10 -12.42
N LEU F 14 73.95 66.77 -12.34
CA LEU F 14 75.18 66.05 -12.65
C LEU F 14 74.88 64.89 -13.60
N ARG F 15 75.92 64.44 -14.29
CA ARG F 15 75.83 63.35 -15.25
C ARG F 15 76.69 62.19 -14.76
N LEU F 16 76.12 60.97 -14.81
CA LEU F 16 76.84 59.75 -14.45
C LEU F 16 76.50 58.70 -15.51
N LEU F 17 77.34 58.62 -16.55
CA LEU F 17 77.16 57.78 -17.73
C LEU F 17 75.81 58.05 -18.40
N ASN F 18 75.69 59.29 -18.88
CA ASN F 18 74.53 59.82 -19.61
C ASN F 18 73.25 59.74 -18.80
N THR F 19 73.35 59.97 -17.49
CA THR F 19 72.18 60.01 -16.60
C THR F 19 72.19 61.37 -15.91
N ASN F 20 71.30 62.27 -16.34
CA ASN F 20 71.24 63.62 -15.80
C ASN F 20 70.39 63.60 -14.53
N VAL F 21 71.05 63.69 -13.38
CA VAL F 21 70.42 63.55 -12.08
C VAL F 21 70.44 64.89 -11.37
N ASP F 22 69.31 65.25 -10.74
CA ASP F 22 69.24 66.49 -10.00
C ASP F 22 70.07 66.44 -8.71
N GLY F 23 70.44 67.62 -8.22
CA GLY F 23 71.21 67.72 -6.99
C GLY F 23 70.39 68.24 -5.84
N ASN F 24 69.13 67.82 -5.77
CA ASN F 24 68.22 68.27 -4.73
C ASN F 24 67.82 67.17 -3.75
N ILE F 25 67.88 65.91 -4.15
CA ILE F 25 67.51 64.80 -3.30
C ILE F 25 68.75 63.97 -3.01
N LYS F 26 68.72 63.21 -1.92
CA LYS F 26 69.86 62.41 -1.51
C LYS F 26 70.08 61.23 -2.46
N ILE F 27 71.32 60.73 -2.46
CA ILE F 27 71.78 59.85 -3.53
C ILE F 27 71.20 58.46 -3.45
N VAL F 28 70.65 58.04 -2.31
CA VAL F 28 70.05 56.71 -2.22
C VAL F 28 68.74 56.64 -2.98
N TYR F 29 68.10 57.78 -3.28
CA TYR F 29 66.96 57.83 -4.15
C TYR F 29 67.21 58.64 -5.41
N ALA F 30 68.34 59.36 -5.48
CA ALA F 30 68.72 60.04 -6.72
C ALA F 30 69.22 59.05 -7.77
N LEU F 31 69.95 58.02 -7.35
CA LEU F 31 70.44 57.01 -8.28
C LEU F 31 69.34 56.08 -8.78
N THR F 32 68.15 56.14 -8.20
CA THR F 32 67.03 55.31 -8.65
C THR F 32 66.50 55.76 -10.00
N THR F 33 66.77 57.00 -10.41
CA THR F 33 66.40 57.45 -11.74
C THR F 33 67.31 56.89 -12.83
N ILE F 34 68.47 56.35 -12.46
CA ILE F 34 69.33 55.67 -13.43
C ILE F 34 68.68 54.35 -13.83
N LYS F 35 68.61 54.10 -15.13
CA LYS F 35 68.05 52.86 -15.65
C LYS F 35 68.94 51.68 -15.29
N GLY F 36 68.32 50.55 -14.96
CA GLY F 36 69.04 49.37 -14.58
C GLY F 36 69.50 49.32 -13.13
N VAL F 37 69.06 50.26 -12.30
CA VAL F 37 69.45 50.32 -10.89
C VAL F 37 68.20 50.18 -10.05
N GLY F 38 68.20 49.20 -9.13
CA GLY F 38 67.12 49.05 -8.18
C GLY F 38 67.25 49.99 -7.01
N ARG F 39 66.21 49.98 -6.16
CA ARG F 39 66.25 50.84 -4.98
C ARG F 39 67.23 50.32 -3.94
N ARG F 40 67.05 49.06 -3.51
CA ARG F 40 67.91 48.46 -2.50
C ARG F 40 69.32 48.18 -3.02
N TYR F 41 69.49 48.15 -4.34
CA TYR F 41 70.83 48.11 -4.93
C TYR F 41 71.59 49.40 -4.65
N SER F 42 70.88 50.52 -4.55
CA SER F 42 71.54 51.79 -4.26
C SER F 42 72.07 51.83 -2.83
N ASN F 43 71.32 51.25 -1.87
CA ASN F 43 71.80 51.22 -0.49
C ASN F 43 72.98 50.26 -0.32
N LEU F 44 73.10 49.26 -1.19
CA LEU F 44 74.27 48.40 -1.13
C LEU F 44 75.48 49.07 -1.77
N VAL F 45 75.29 49.69 -2.94
CA VAL F 45 76.41 50.23 -3.69
C VAL F 45 76.92 51.53 -3.06
N CYS F 46 76.09 52.20 -2.27
CA CYS F 46 76.54 53.41 -1.57
C CYS F 46 77.47 53.05 -0.42
N LYS F 47 77.08 52.05 0.37
CA LYS F 47 77.91 51.65 1.51
C LYS F 47 79.15 50.89 1.07
N LYS F 48 79.17 50.35 -0.16
CA LYS F 48 80.39 49.79 -0.69
C LYS F 48 81.34 50.89 -1.15
N ALA F 49 80.80 52.03 -1.55
CA ALA F 49 81.60 53.16 -2.02
C ALA F 49 81.98 54.14 -0.92
N ASP F 50 81.59 53.84 0.33
CA ASP F 50 81.96 54.60 1.54
C ASP F 50 81.49 56.04 1.47
N VAL F 51 80.17 56.20 1.37
CA VAL F 51 79.54 57.52 1.40
C VAL F 51 78.52 57.55 2.53
N ASP F 52 77.85 58.69 2.69
CA ASP F 52 76.78 58.83 3.68
C ASP F 52 75.44 58.77 2.96
N LEU F 53 74.53 57.95 3.47
CA LEU F 53 73.32 57.60 2.75
C LEU F 53 72.30 58.73 2.72
N HIS F 54 72.29 59.60 3.73
CA HIS F 54 71.33 60.68 3.83
C HIS F 54 71.91 62.00 3.35
N LYS F 55 72.73 61.97 2.31
CA LYS F 55 73.55 63.10 1.93
C LYS F 55 73.40 63.37 0.43
N ARG F 56 73.27 64.64 0.08
CA ARG F 56 72.88 65.08 -1.25
C ARG F 56 74.01 64.86 -2.26
N ALA F 57 73.66 64.96 -3.55
CA ALA F 57 74.62 64.86 -4.63
C ALA F 57 75.30 66.18 -4.98
N GLY F 58 74.85 67.30 -4.39
CA GLY F 58 75.53 68.56 -4.62
C GLY F 58 76.93 68.58 -4.02
N GLU F 59 77.07 67.96 -2.83
CA GLU F 59 78.35 67.65 -2.22
C GLU F 59 78.91 66.36 -2.82
N LEU F 60 79.83 65.70 -2.10
CA LEU F 60 80.44 64.42 -2.50
C LEU F 60 81.24 64.58 -3.78
N THR F 61 82.41 65.22 -3.68
CA THR F 61 83.28 65.71 -4.75
C THR F 61 83.53 64.75 -5.92
N GLN F 62 83.87 65.33 -7.07
CA GLN F 62 83.89 64.61 -8.34
C GLN F 62 84.97 63.53 -8.41
N GLU F 63 86.00 63.61 -7.54
CA GLU F 63 87.02 62.56 -7.54
C GLU F 63 86.48 61.27 -6.97
N GLU F 64 85.50 61.35 -6.06
CA GLU F 64 84.87 60.14 -5.54
C GLU F 64 83.53 59.88 -6.21
N LEU F 65 82.94 60.88 -6.86
CA LEU F 65 81.76 60.63 -7.68
C LEU F 65 82.10 59.79 -8.89
N GLU F 66 83.30 59.98 -9.46
CA GLU F 66 83.76 59.07 -10.50
C GLU F 66 84.14 57.72 -9.91
N ARG F 67 84.43 57.66 -8.60
CA ARG F 67 84.73 56.38 -7.97
C ARG F 67 83.48 55.55 -7.79
N ILE F 68 82.33 56.18 -7.54
CA ILE F 68 81.08 55.43 -7.43
C ILE F 68 80.65 54.90 -8.78
N VAL F 69 80.81 55.69 -9.84
CA VAL F 69 80.29 55.29 -11.13
C VAL F 69 81.18 54.24 -11.79
N GLN F 70 82.43 54.10 -11.35
CA GLN F 70 83.22 52.98 -11.85
C GLN F 70 82.94 51.70 -11.08
N ILE F 71 82.40 51.81 -9.86
CA ILE F 71 81.80 50.66 -9.19
C ILE F 71 80.55 50.22 -9.95
N MET F 72 79.84 51.20 -10.52
CA MET F 72 78.61 50.94 -11.28
C MET F 72 78.86 50.13 -12.55
N GLN F 73 79.80 50.58 -13.39
CA GLN F 73 79.87 50.04 -14.74
C GLN F 73 80.55 48.68 -14.81
N ASN F 74 81.27 48.26 -13.77
CA ASN F 74 81.94 46.97 -13.75
C ASN F 74 81.55 46.27 -12.46
N PRO F 75 80.37 45.65 -12.41
CA PRO F 75 79.92 45.05 -11.15
C PRO F 75 80.46 43.66 -10.89
N THR F 76 81.09 43.02 -11.88
CA THR F 76 81.48 41.62 -11.74
C THR F 76 82.74 41.44 -10.91
N HIS F 77 83.67 42.39 -10.97
CA HIS F 77 85.00 42.12 -10.42
C HIS F 77 85.15 42.65 -8.99
N TYR F 78 84.30 43.59 -8.58
CA TYR F 78 84.30 44.11 -7.21
C TYR F 78 83.50 43.25 -6.24
N LYS F 79 83.29 41.98 -6.56
CA LYS F 79 82.60 40.98 -5.73
C LYS F 79 81.16 41.36 -5.43
N ILE F 80 80.55 42.19 -6.28
CA ILE F 80 79.16 42.60 -6.12
C ILE F 80 78.30 41.60 -6.89
N PRO F 81 77.32 40.97 -6.25
CA PRO F 81 76.39 40.11 -6.99
C PRO F 81 75.55 40.91 -7.97
N ALA F 82 75.19 40.25 -9.07
CA ALA F 82 74.55 40.91 -10.20
C ALA F 82 73.06 40.62 -10.32
N TRP F 83 72.44 40.06 -9.29
CA TRP F 83 71.02 39.79 -9.36
C TRP F 83 70.15 40.95 -8.89
N PHE F 84 70.74 42.08 -8.54
CA PHE F 84 69.98 43.31 -8.37
C PHE F 84 69.59 43.93 -9.69
N LEU F 85 70.19 43.49 -10.80
CA LEU F 85 69.93 44.04 -12.12
C LEU F 85 68.66 43.45 -12.72
N ASN F 86 68.48 43.64 -14.03
CA ASN F 86 67.30 43.15 -14.74
C ASN F 86 67.16 41.63 -14.71
N HIS F 98 53.94 42.22 -33.12
CA HIS F 98 54.79 41.27 -33.83
C HIS F 98 54.00 40.58 -34.94
N THR F 99 54.71 40.07 -35.94
CA THR F 99 54.06 39.38 -37.05
C THR F 99 53.47 38.03 -36.65
N LEU F 100 53.83 37.48 -35.48
CA LEU F 100 53.24 36.25 -35.00
C LEU F 100 51.80 36.43 -34.53
N ALA F 101 51.34 37.66 -34.33
CA ALA F 101 49.93 37.91 -34.12
C ALA F 101 49.21 38.23 -35.42
N ASN F 102 49.96 38.55 -36.48
CA ASN F 102 49.35 38.91 -37.74
C ASN F 102 48.87 37.67 -38.51
N ASN F 103 49.63 36.58 -38.46
CA ASN F 103 49.25 35.40 -39.25
C ASN F 103 48.11 34.65 -38.59
N VAL F 104 48.14 34.55 -37.26
CA VAL F 104 47.23 33.65 -36.53
C VAL F 104 45.80 34.16 -36.60
N GLU F 105 45.59 35.48 -36.69
CA GLU F 105 44.24 35.98 -36.85
C GLU F 105 43.81 35.94 -38.31
N SER F 106 44.74 36.18 -39.24
CA SER F 106 44.40 36.14 -40.65
C SER F 106 44.15 34.72 -41.13
N LYS F 107 44.77 33.73 -40.48
CA LYS F 107 44.46 32.34 -40.77
C LYS F 107 43.22 31.86 -40.02
N LEU F 108 42.66 32.68 -39.14
CA LEU F 108 41.30 32.38 -38.70
C LEU F 108 40.28 33.30 -39.35
N ARG F 109 40.72 34.31 -40.10
CA ARG F 109 39.76 35.10 -40.86
C ARG F 109 39.17 34.32 -42.02
N ASP F 110 40.00 33.55 -42.72
CA ASP F 110 39.48 32.69 -43.77
C ASP F 110 38.70 31.53 -43.19
N ASP F 111 39.01 31.14 -41.95
CA ASP F 111 38.27 30.10 -41.25
C ASP F 111 36.82 30.50 -41.03
N LEU F 112 36.58 31.71 -40.53
CA LEU F 112 35.22 32.19 -40.36
C LEU F 112 34.58 32.58 -41.69
N GLU F 113 35.41 32.90 -42.69
CA GLU F 113 34.88 33.22 -44.01
C GLU F 113 34.36 31.97 -44.71
N ARG F 114 35.12 30.88 -44.65
CA ARG F 114 34.66 29.65 -45.29
C ARG F 114 33.56 28.99 -44.47
N LEU F 115 33.51 29.25 -43.16
CA LEU F 115 32.41 28.74 -42.34
C LEU F 115 31.10 29.44 -42.70
N LYS F 116 31.18 30.73 -43.01
CA LYS F 116 30.04 31.43 -43.58
C LYS F 116 29.69 30.90 -44.96
N LYS F 117 30.70 30.44 -45.70
CA LYS F 117 30.44 29.77 -46.97
C LYS F 117 29.88 28.37 -46.74
N ILE F 118 30.34 27.68 -45.68
CA ILE F 118 29.89 26.33 -45.40
C ILE F 118 28.44 26.34 -44.92
N ARG F 119 28.12 27.24 -44.00
CA ARG F 119 26.77 27.31 -43.48
C ARG F 119 25.87 28.08 -44.44
N UNK F 120 24.68 27.54 -44.70
CA UNK F 120 23.76 28.16 -45.65
C UNK F 120 22.79 29.11 -44.94
N UNK F 121 23.34 30.01 -44.14
CA UNK F 121 22.55 31.00 -43.43
C UNK F 121 23.39 32.25 -43.19
N UNK F 122 24.60 32.04 -42.71
CA UNK F 122 25.52 33.15 -42.46
C UNK F 122 26.07 33.67 -43.78
N UNK F 123 25.32 34.57 -44.40
CA UNK F 123 25.73 35.18 -45.67
C UNK F 123 25.07 36.54 -45.82
N UNK F 124 25.05 37.32 -44.75
CA UNK F 124 24.40 38.61 -44.76
C UNK F 124 25.03 39.60 -43.78
N UNK F 125 26.33 39.79 -43.89
CA UNK F 125 27.01 40.80 -43.09
C UNK F 125 26.72 42.17 -43.67
N UNK F 126 27.57 42.61 -44.58
CA UNK F 126 27.35 43.85 -45.31
C UNK F 126 26.99 43.52 -46.74
N UNK F 127 26.57 42.27 -46.96
CA UNK F 127 26.18 41.81 -48.29
C UNK F 127 24.70 41.47 -48.33
N ALA G 1 -6.48 -87.42 -43.37
CA ALA G 1 -5.74 -88.44 -42.65
C ALA G 1 -6.52 -88.92 -41.41
N PRO G 2 -7.30 -90.00 -41.56
CA PRO G 2 -8.06 -90.52 -40.41
C PRO G 2 -7.20 -91.15 -39.31
N HIS G 3 -7.86 -91.71 -38.30
CA HIS G 3 -7.18 -92.15 -37.09
C HIS G 3 -6.78 -93.62 -37.10
N HIS G 4 -7.26 -94.42 -38.06
CA HIS G 4 -6.82 -95.81 -38.13
C HIS G 4 -5.41 -95.96 -38.68
N TRP G 5 -4.84 -94.89 -39.23
CA TRP G 5 -3.43 -94.88 -39.58
C TRP G 5 -2.55 -94.97 -38.34
N LEU G 6 -3.02 -94.44 -37.22
CA LEU G 6 -2.27 -94.28 -35.96
C LEU G 6 -0.98 -93.51 -36.20
N LEU G 7 -1.15 -92.29 -36.71
CA LEU G 7 -0.05 -91.39 -37.03
C LEU G 7 -0.24 -90.09 -36.27
N ASP G 8 0.87 -89.55 -35.76
CA ASP G 8 0.82 -88.27 -35.06
C ASP G 8 0.52 -87.15 -36.05
N LYS G 9 -0.03 -86.05 -35.52
CA LYS G 9 -0.38 -84.89 -36.35
C LYS G 9 0.88 -84.20 -36.87
N LEU G 10 1.97 -84.26 -36.13
CA LEU G 10 3.23 -83.69 -36.57
C LEU G 10 3.84 -84.55 -37.68
N SER G 11 4.85 -83.96 -38.35
CA SER G 11 5.62 -84.58 -39.44
C SER G 11 4.71 -84.99 -40.60
N GLY G 12 4.15 -83.98 -41.25
CA GLY G 12 3.42 -84.19 -42.48
C GLY G 12 2.18 -83.35 -42.63
N CYS G 13 2.07 -82.67 -43.77
CA CYS G 13 0.88 -81.90 -44.11
C CYS G 13 -0.03 -82.69 -45.04
N TYR G 14 0.50 -83.16 -46.16
CA TYR G 14 -0.23 -84.01 -47.09
C TYR G 14 0.12 -85.46 -46.80
N ALA G 15 -0.86 -86.21 -46.30
CA ALA G 15 -0.68 -87.63 -46.09
C ALA G 15 -0.57 -88.35 -47.43
N PRO G 16 0.20 -89.44 -47.50
CA PRO G 16 0.33 -90.18 -48.76
C PRO G 16 -0.97 -90.90 -49.11
N ARG G 17 -1.59 -90.48 -50.19
CA ARG G 17 -2.78 -91.14 -50.68
C ARG G 17 -2.41 -92.49 -51.27
N PRO G 18 -3.10 -93.57 -50.90
CA PRO G 18 -2.81 -94.87 -51.51
C PRO G 18 -3.22 -94.91 -52.98
N SER G 19 -2.48 -95.70 -53.75
CA SER G 19 -2.76 -95.84 -55.17
C SER G 19 -3.82 -96.91 -55.39
N ALA G 20 -4.03 -97.24 -56.66
CA ALA G 20 -4.98 -98.29 -57.02
C ALA G 20 -4.41 -99.66 -56.63
N GLY G 21 -5.28 -100.53 -56.12
CA GLY G 21 -4.84 -101.83 -55.69
C GLY G 21 -5.96 -102.75 -55.26
N PRO G 22 -5.62 -103.80 -54.51
CA PRO G 22 -6.57 -104.89 -54.28
C PRO G 22 -7.49 -104.69 -53.09
N HIS G 23 -7.60 -103.47 -52.57
CA HIS G 23 -8.42 -103.22 -51.40
C HIS G 23 -9.18 -101.92 -51.58
N LYS G 24 -10.24 -101.77 -50.78
CA LYS G 24 -10.95 -100.50 -50.68
C LYS G 24 -10.04 -99.46 -50.04
N LEU G 25 -10.21 -98.20 -50.48
CA LEU G 25 -9.25 -97.15 -50.14
C LEU G 25 -9.32 -96.75 -48.67
N ARG G 26 -10.45 -97.03 -48.00
CA ARG G 26 -10.63 -96.53 -46.64
C ARG G 26 -9.79 -97.31 -45.62
N GLU G 27 -9.77 -98.64 -45.72
CA GLU G 27 -8.86 -99.41 -44.88
C GLU G 27 -7.56 -99.75 -45.60
N SER G 28 -7.28 -99.07 -46.70
CA SER G 28 -6.01 -99.23 -47.39
C SER G 28 -4.87 -98.60 -46.60
N LEU G 29 -3.65 -99.03 -46.92
CA LEU G 29 -2.44 -98.51 -46.28
C LEU G 29 -1.21 -98.68 -47.19
N PRO G 30 -0.59 -97.58 -47.60
CA PRO G 30 0.70 -97.68 -48.30
C PRO G 30 1.80 -98.21 -47.41
N LEU G 31 2.77 -98.86 -48.04
CA LEU G 31 3.89 -99.44 -47.31
C LEU G 31 4.83 -98.38 -46.74
N ILE G 32 4.76 -97.15 -47.25
CA ILE G 32 5.64 -96.09 -46.72
C ILE G 32 5.25 -95.72 -45.30
N VAL G 33 3.95 -95.58 -45.02
CA VAL G 33 3.55 -95.32 -43.65
C VAL G 33 3.60 -96.57 -42.80
N PHE G 34 3.71 -97.74 -43.41
CA PHE G 34 3.89 -98.98 -42.65
C PHE G 34 5.31 -99.08 -42.12
N LEU G 35 6.28 -98.64 -42.91
CA LEU G 35 7.68 -98.71 -42.51
C LEU G 35 8.11 -97.49 -41.72
N ARG G 36 8.07 -96.32 -42.34
CA ARG G 36 8.70 -95.14 -41.74
C ARG G 36 7.79 -94.39 -40.79
N ASN G 37 6.53 -94.79 -40.66
CA ASN G 37 5.60 -94.07 -39.80
C ASN G 37 4.93 -94.93 -38.74
N ARG G 38 4.82 -96.23 -38.93
CA ARG G 38 4.28 -97.05 -37.86
C ARG G 38 5.29 -98.05 -37.31
N LEU G 39 6.13 -98.63 -38.16
CA LEU G 39 7.22 -99.45 -37.66
C LEU G 39 8.41 -98.60 -37.22
N LYS G 40 8.37 -97.29 -37.47
CA LYS G 40 9.43 -96.33 -37.14
C LYS G 40 10.77 -96.72 -37.76
N TYR G 41 10.72 -97.27 -38.98
CA TYR G 41 11.72 -98.23 -39.42
C TYR G 41 12.62 -97.61 -40.49
N ALA G 42 12.05 -96.75 -41.34
CA ALA G 42 12.80 -95.81 -42.15
C ALA G 42 12.54 -94.39 -41.67
N LEU G 43 13.15 -93.42 -42.34
CA LEU G 43 12.98 -92.02 -41.98
C LEU G 43 12.45 -91.14 -43.10
N ASN G 44 12.74 -91.45 -44.36
CA ASN G 44 12.28 -90.63 -45.48
C ASN G 44 11.70 -91.55 -46.54
N GLY G 45 10.90 -90.98 -47.43
CA GLY G 45 10.34 -91.74 -48.52
C GLY G 45 11.37 -92.15 -49.56
N ARG G 46 12.51 -91.45 -49.62
CA ARG G 46 13.52 -91.78 -50.62
C ARG G 46 14.24 -93.08 -50.28
N GLU G 47 14.46 -93.36 -49.00
CA GLU G 47 14.98 -94.67 -48.62
C GLU G 47 13.88 -95.71 -48.52
N VAL G 48 12.62 -95.28 -48.38
CA VAL G 48 11.50 -96.18 -48.54
C VAL G 48 11.45 -96.73 -49.96
N LYS G 49 11.70 -95.85 -50.94
CA LYS G 49 11.88 -96.28 -52.32
C LYS G 49 13.11 -97.19 -52.46
N ALA G 50 14.19 -96.85 -51.74
CA ALA G 50 15.40 -97.68 -51.78
C ALA G 50 15.18 -99.01 -51.10
N ILE G 51 14.24 -99.07 -50.15
CA ILE G 51 13.85 -100.35 -49.57
C ILE G 51 13.20 -101.24 -50.62
N LEU G 52 12.34 -100.65 -51.45
CA LEU G 52 11.61 -101.44 -52.44
C LEU G 52 12.51 -101.88 -53.59
N MET G 53 13.45 -101.04 -54.02
CA MET G 53 14.27 -101.38 -55.17
C MET G 53 15.27 -102.48 -54.87
N GLN G 54 15.80 -102.52 -53.65
CA GLN G 54 16.80 -103.53 -53.29
C GLN G 54 16.18 -104.84 -52.83
N ARG G 55 14.85 -104.92 -52.80
CA ARG G 55 14.07 -106.15 -52.70
C ARG G 55 14.36 -106.97 -51.45
N HIS G 56 14.56 -106.31 -50.32
CA HIS G 56 14.69 -107.02 -49.05
C HIS G 56 13.36 -107.14 -48.32
N VAL G 57 12.29 -106.57 -48.87
CA VAL G 57 10.96 -106.69 -48.30
C VAL G 57 10.02 -107.18 -49.40
N LYS G 58 8.97 -107.90 -49.00
CA LYS G 58 8.00 -108.42 -49.94
C LYS G 58 6.68 -108.62 -49.22
N VAL G 59 5.59 -108.57 -49.99
CA VAL G 59 4.24 -108.70 -49.46
C VAL G 59 3.54 -109.83 -50.20
N ASP G 60 3.03 -110.81 -49.44
CA ASP G 60 2.23 -111.93 -49.94
C ASP G 60 3.00 -112.78 -50.96
N GLY G 61 4.30 -112.94 -50.72
CA GLY G 61 5.12 -113.78 -51.57
C GLY G 61 5.63 -113.12 -52.84
N LYS G 62 5.25 -111.87 -53.11
CA LYS G 62 5.73 -111.12 -54.25
C LYS G 62 6.45 -109.88 -53.76
N VAL G 63 7.47 -109.46 -54.53
CA VAL G 63 8.38 -108.40 -54.08
C VAL G 63 7.66 -107.06 -53.99
N ARG G 64 6.85 -106.73 -55.02
CA ARG G 64 5.84 -105.66 -55.00
C ARG G 64 6.46 -104.28 -54.74
N THR G 65 7.27 -103.85 -55.70
CA THR G 65 7.97 -102.57 -55.60
C THR G 65 7.01 -101.43 -55.91
N ASP G 66 6.39 -100.89 -54.86
CA ASP G 66 5.57 -99.70 -54.98
C ASP G 66 5.55 -98.98 -53.64
N THR G 67 5.65 -97.65 -53.69
CA THR G 67 5.57 -96.85 -52.48
C THR G 67 4.17 -96.90 -51.88
N THR G 68 3.15 -96.89 -52.74
CA THR G 68 1.76 -96.76 -52.32
C THR G 68 0.93 -98.00 -52.60
N TYR G 69 1.47 -99.18 -52.32
CA TYR G 69 0.69 -100.41 -52.41
C TYR G 69 -0.27 -100.38 -51.23
N PRO G 70 -1.58 -100.47 -51.44
CA PRO G 70 -2.52 -100.54 -50.31
C PRO G 70 -2.42 -101.87 -49.58
N ALA G 71 -2.46 -101.80 -48.24
CA ALA G 71 -2.39 -102.99 -47.41
C ALA G 71 -3.75 -103.22 -46.75
N GLY G 72 -4.25 -104.45 -46.86
CA GLY G 72 -5.54 -104.82 -46.34
C GLY G 72 -5.48 -105.49 -44.99
N PHE G 73 -6.49 -106.30 -44.71
CA PHE G 73 -6.59 -106.98 -43.43
C PHE G 73 -5.57 -108.13 -43.45
N MET G 74 -4.77 -108.20 -42.36
CA MET G 74 -3.77 -109.24 -42.02
C MET G 74 -2.99 -109.77 -43.21
N ASP G 75 -2.41 -108.85 -43.98
CA ASP G 75 -1.52 -109.22 -45.07
C ASP G 75 -0.23 -109.83 -44.54
N VAL G 76 0.35 -110.72 -45.33
CA VAL G 76 1.64 -111.32 -44.98
C VAL G 76 2.74 -110.43 -45.55
N ILE G 77 3.58 -109.91 -44.67
CA ILE G 77 4.71 -109.07 -45.06
C ILE G 77 5.97 -109.83 -44.70
N THR G 78 6.84 -110.02 -45.67
CA THR G 78 8.08 -110.78 -45.48
C THR G 78 9.27 -109.84 -45.53
N LEU G 79 10.09 -109.89 -44.48
CA LEU G 79 11.29 -109.09 -44.37
C LEU G 79 12.46 -110.01 -44.07
N ASP G 80 13.67 -109.48 -44.29
CA ASP G 80 14.89 -110.28 -44.20
C ASP G 80 15.78 -109.83 -43.04
N ALA G 81 15.17 -109.57 -41.89
CA ALA G 81 15.90 -109.20 -40.68
C ALA G 81 15.71 -110.34 -39.67
N THR G 82 16.75 -111.18 -39.53
CA THR G 82 16.74 -112.42 -38.76
C THR G 82 15.61 -113.37 -39.18
N ASN G 83 15.27 -113.32 -40.47
CA ASN G 83 14.20 -114.12 -41.09
C ASN G 83 12.87 -113.97 -40.35
N GLU G 84 12.47 -112.72 -40.14
CA GLU G 84 11.24 -112.42 -39.42
C GLU G 84 10.10 -112.25 -40.42
N ASN G 85 8.88 -112.44 -39.93
CA ASN G 85 7.70 -112.41 -40.78
C ASN G 85 6.58 -111.71 -40.03
N PHE G 86 5.82 -110.87 -40.74
CA PHE G 86 4.89 -109.94 -40.12
C PHE G 86 3.47 -110.16 -40.63
N ARG G 87 2.50 -109.91 -39.75
CA ARG G 87 1.08 -109.91 -40.11
C ARG G 87 0.36 -108.79 -39.38
N LEU G 88 -0.54 -108.11 -40.09
CA LEU G 88 -1.39 -107.10 -39.52
C LEU G 88 -2.50 -107.75 -38.69
N VAL G 89 -3.14 -106.94 -37.83
CA VAL G 89 -4.36 -107.34 -37.13
C VAL G 89 -5.08 -106.06 -36.72
N TYR G 90 -6.38 -106.16 -36.50
CA TYR G 90 -7.23 -105.02 -36.16
C TYR G 90 -7.34 -104.91 -34.64
N ASP G 91 -7.45 -103.68 -34.15
CA ASP G 91 -7.58 -103.42 -32.72
C ASP G 91 -8.97 -102.88 -32.38
N VAL G 92 -9.35 -103.06 -31.11
CA VAL G 92 -10.64 -102.60 -30.62
C VAL G 92 -10.67 -101.07 -30.56
N LYS G 93 -9.56 -100.45 -30.19
CA LYS G 93 -9.50 -99.02 -29.91
C LYS G 93 -9.34 -98.16 -31.17
N GLY G 94 -9.65 -98.70 -32.35
CA GLY G 94 -9.69 -97.90 -33.56
C GLY G 94 -8.34 -97.60 -34.16
N ARG G 95 -7.54 -98.63 -34.37
CA ARG G 95 -6.20 -98.47 -34.92
C ARG G 95 -5.77 -99.78 -35.58
N PHE G 96 -4.55 -99.79 -36.09
CA PHE G 96 -3.93 -100.95 -36.73
C PHE G 96 -2.92 -101.57 -35.78
N ALA G 97 -2.52 -102.80 -36.09
CA ALA G 97 -1.55 -103.51 -35.26
C ALA G 97 -0.89 -104.60 -36.09
N VAL G 98 0.44 -104.53 -36.21
CA VAL G 98 1.22 -105.55 -36.88
C VAL G 98 2.07 -106.25 -35.83
N HIS G 99 2.28 -107.56 -36.01
CA HIS G 99 3.01 -108.35 -35.03
C HIS G 99 3.80 -109.44 -35.72
N ARG G 100 4.76 -109.99 -34.99
CA ARG G 100 5.61 -111.05 -35.51
C ARG G 100 4.81 -112.34 -35.65
N ILE G 101 4.98 -113.01 -36.77
CA ILE G 101 4.45 -114.36 -36.99
C ILE G 101 5.60 -115.23 -37.44
N THR G 102 5.59 -116.48 -36.99
CA THR G 102 6.57 -117.44 -37.48
C THR G 102 6.11 -117.99 -38.84
N ASP G 103 6.98 -118.79 -39.47
CA ASP G 103 6.79 -119.08 -40.88
C ASP G 103 5.71 -120.12 -41.15
N GLU G 104 5.34 -120.94 -40.15
CA GLU G 104 4.32 -121.94 -40.40
C GLU G 104 2.93 -121.32 -40.50
N GLU G 105 2.62 -120.35 -39.66
CA GLU G 105 1.38 -119.60 -39.82
C GLU G 105 1.49 -118.52 -40.88
N ALA G 106 2.72 -118.18 -41.31
CA ALA G 106 2.90 -117.28 -42.43
C ALA G 106 2.66 -117.95 -43.76
N SER G 107 2.68 -119.29 -43.79
CA SER G 107 2.49 -120.00 -45.05
C SER G 107 1.05 -119.89 -45.54
N TYR G 108 0.11 -119.75 -44.63
CA TYR G 108 -1.29 -119.62 -45.00
C TYR G 108 -1.81 -118.22 -44.75
N LYS G 109 -3.03 -117.98 -45.21
CA LYS G 109 -3.73 -116.71 -44.99
C LYS G 109 -5.22 -116.99 -45.13
N LEU G 110 -5.97 -116.77 -44.06
CA LEU G 110 -7.38 -117.11 -44.03
C LEU G 110 -8.22 -115.91 -44.47
N GLY G 111 -8.85 -116.02 -45.62
CA GLY G 111 -9.54 -114.88 -46.19
C GLY G 111 -10.99 -115.11 -46.56
N LYS G 112 -11.82 -114.10 -46.34
CA LYS G 112 -13.24 -114.17 -46.64
C LYS G 112 -13.47 -114.09 -48.15
N VAL G 113 -14.44 -114.87 -48.64
CA VAL G 113 -14.75 -114.92 -50.06
C VAL G 113 -15.78 -113.82 -50.38
N LYS G 114 -15.64 -113.22 -51.55
CA LYS G 114 -16.56 -112.14 -51.92
C LYS G 114 -17.75 -112.67 -52.71
N LYS G 115 -17.50 -113.34 -53.83
CA LYS G 115 -18.57 -113.83 -54.68
C LYS G 115 -18.15 -115.13 -55.35
N VAL G 116 -19.15 -115.88 -55.78
CA VAL G 116 -18.95 -117.16 -56.45
C VAL G 116 -19.76 -117.15 -57.74
N GLN G 117 -19.17 -117.65 -58.83
CA GLN G 117 -19.81 -117.60 -60.13
C GLN G 117 -19.22 -118.69 -61.03
N LEU G 118 -20.07 -119.32 -61.82
CA LEU G 118 -19.60 -120.19 -62.89
C LEU G 118 -18.97 -119.32 -63.98
N GLY G 119 -17.78 -119.69 -64.42
CA GLY G 119 -16.99 -118.89 -65.33
C GLY G 119 -16.97 -119.45 -66.74
N LYS G 120 -15.91 -119.10 -67.46
CA LYS G 120 -15.75 -119.51 -68.84
C LYS G 120 -15.46 -121.00 -68.94
N LYS G 121 -15.93 -121.60 -70.03
CA LYS G 121 -15.84 -123.04 -70.32
C LYS G 121 -16.47 -123.90 -69.23
N GLY G 122 -17.51 -123.37 -68.57
CA GLY G 122 -18.27 -124.13 -67.60
C GLY G 122 -17.61 -124.36 -66.27
N VAL G 123 -16.45 -123.76 -66.01
CA VAL G 123 -15.75 -123.98 -64.74
C VAL G 123 -16.30 -123.00 -63.71
N PRO G 124 -16.26 -123.36 -62.42
CA PRO G 124 -16.60 -122.37 -61.39
C PRO G 124 -15.37 -121.66 -60.84
N TYR G 125 -15.58 -120.52 -60.19
CA TYR G 125 -14.49 -119.85 -59.49
C TYR G 125 -15.04 -119.19 -58.24
N VAL G 126 -14.14 -118.63 -57.43
CA VAL G 126 -14.53 -117.80 -56.31
C VAL G 126 -13.51 -116.67 -56.18
N VAL G 127 -13.98 -115.51 -55.73
CA VAL G 127 -13.14 -114.34 -55.52
C VAL G 127 -13.16 -113.98 -54.04
N THR G 128 -12.10 -113.33 -53.57
CA THR G 128 -11.96 -112.95 -52.17
C THR G 128 -11.96 -111.43 -52.05
N HIS G 129 -11.74 -110.96 -50.83
CA HIS G 129 -11.74 -109.51 -50.59
C HIS G 129 -10.49 -108.85 -51.13
N ASP G 130 -9.40 -109.60 -51.25
CA ASP G 130 -8.11 -109.07 -51.68
C ASP G 130 -7.89 -109.25 -53.17
N GLY G 131 -8.94 -109.54 -53.93
CA GLY G 131 -8.83 -109.66 -55.37
C GLY G 131 -8.28 -110.99 -55.86
N ARG G 132 -7.93 -111.90 -54.95
CA ARG G 132 -7.41 -113.19 -55.36
C ARG G 132 -8.55 -114.09 -55.80
N THR G 133 -8.41 -114.65 -57.01
CA THR G 133 -9.44 -115.46 -57.62
C THR G 133 -9.02 -116.92 -57.58
N ILE G 134 -9.86 -117.75 -56.97
CA ILE G 134 -9.59 -119.18 -56.83
C ILE G 134 -10.62 -119.91 -57.65
N ARG G 135 -10.17 -120.81 -58.53
CA ARG G 135 -11.10 -121.55 -59.36
C ARG G 135 -11.12 -123.02 -58.94
N TYR G 136 -12.19 -123.71 -59.37
CA TYR G 136 -12.68 -124.97 -58.82
C TYR G 136 -12.73 -124.92 -57.31
N PRO G 137 -13.67 -124.16 -56.73
CA PRO G 137 -13.72 -124.02 -55.27
C PRO G 137 -14.50 -125.13 -54.61
N ASP G 138 -14.73 -124.99 -53.32
CA ASP G 138 -15.65 -125.88 -52.63
C ASP G 138 -17.07 -125.55 -53.07
N PRO G 139 -17.85 -126.53 -53.53
CA PRO G 139 -19.24 -126.24 -53.86
C PRO G 139 -20.12 -125.99 -52.65
N ASN G 140 -19.67 -126.37 -51.45
CA ASN G 140 -20.48 -126.18 -50.25
C ASN G 140 -20.21 -124.84 -49.55
N ILE G 141 -19.29 -124.02 -50.04
CA ILE G 141 -19.15 -122.68 -49.46
C ILE G 141 -20.18 -121.76 -50.10
N LYS G 142 -20.65 -120.81 -49.30
CA LYS G 142 -21.69 -119.87 -49.69
C LYS G 142 -21.11 -118.46 -49.59
N VAL G 143 -21.98 -117.47 -49.71
CA VAL G 143 -21.59 -116.08 -49.49
C VAL G 143 -21.16 -115.90 -48.04
N ASN G 144 -20.15 -115.04 -47.83
CA ASN G 144 -19.61 -114.66 -46.51
C ASN G 144 -19.03 -115.86 -45.77
N ASP G 145 -18.34 -116.73 -46.50
CA ASP G 145 -17.52 -117.79 -45.94
C ASP G 145 -16.06 -117.40 -46.07
N THR G 146 -15.16 -118.32 -45.73
CA THR G 146 -13.74 -118.00 -45.73
C THR G 146 -12.92 -119.15 -46.30
N VAL G 147 -11.68 -118.84 -46.70
CA VAL G 147 -10.81 -119.80 -47.35
C VAL G 147 -9.36 -119.49 -46.95
N LYS G 148 -8.57 -120.55 -46.76
CA LYS G 148 -7.13 -120.41 -46.63
C LYS G 148 -6.48 -120.42 -48.02
N ILE G 149 -5.49 -119.54 -48.22
CA ILE G 149 -4.74 -119.49 -49.48
C ILE G 149 -3.32 -119.98 -49.23
N ASP G 150 -2.69 -120.52 -50.27
CA ASP G 150 -1.48 -121.33 -50.09
C ASP G 150 -0.24 -120.49 -49.92
N LEU G 151 -0.23 -119.27 -50.48
CA LEU G 151 0.89 -118.33 -50.63
C LEU G 151 2.01 -118.85 -51.54
N ALA G 152 1.91 -120.08 -52.06
CA ALA G 152 2.72 -120.56 -53.16
C ALA G 152 1.87 -120.77 -54.41
N SER G 153 0.72 -121.41 -54.26
CA SER G 153 -0.35 -121.38 -55.24
C SER G 153 -1.48 -120.51 -54.68
N GLY G 154 -2.58 -120.44 -55.43
CA GLY G 154 -3.76 -119.74 -54.98
C GLY G 154 -4.87 -120.64 -54.49
N LYS G 155 -4.60 -121.92 -54.27
CA LYS G 155 -5.65 -122.90 -53.99
C LYS G 155 -6.06 -122.92 -52.52
N ILE G 156 -6.74 -123.98 -52.11
CA ILE G 156 -7.36 -124.08 -50.78
C ILE G 156 -6.59 -125.10 -49.95
N THR G 157 -6.23 -124.71 -48.72
CA THR G 157 -5.86 -125.69 -47.71
C THR G 157 -6.94 -125.90 -46.67
N ASP G 158 -7.66 -124.85 -46.28
CA ASP G 158 -8.66 -124.98 -45.22
C ASP G 158 -9.76 -123.96 -45.44
N PHE G 159 -10.92 -124.27 -44.88
CA PHE G 159 -12.17 -123.54 -45.08
C PHE G 159 -13.16 -123.98 -44.02
N ILE G 160 -13.99 -123.05 -43.56
CA ILE G 160 -15.09 -123.35 -42.65
C ILE G 160 -16.31 -122.57 -43.09
N LYS G 161 -17.49 -123.12 -42.80
CA LYS G 161 -18.73 -122.46 -43.13
C LYS G 161 -19.02 -121.31 -42.16
N PHE G 162 -19.74 -120.31 -42.65
CA PHE G 162 -20.33 -119.32 -41.75
C PHE G 162 -21.46 -119.98 -40.98
N ASP G 163 -21.48 -119.75 -39.67
CA ASP G 163 -22.50 -120.35 -38.81
C ASP G 163 -22.70 -119.44 -37.61
N ALA G 164 -23.48 -119.92 -36.64
CA ALA G 164 -23.69 -119.24 -35.38
C ALA G 164 -23.04 -120.06 -34.28
N GLY G 165 -21.96 -119.54 -33.72
CA GLY G 165 -21.26 -120.26 -32.67
C GLY G 165 -19.75 -120.12 -32.74
N LYS G 166 -19.21 -119.85 -33.93
CA LYS G 166 -17.77 -119.81 -34.12
C LYS G 166 -17.29 -118.38 -34.30
N LEU G 167 -15.97 -118.19 -34.17
CA LEU G 167 -15.37 -116.86 -34.10
C LEU G 167 -15.42 -116.17 -35.45
N VAL G 168 -16.26 -115.15 -35.56
CA VAL G 168 -16.45 -114.40 -36.81
C VAL G 168 -16.09 -112.95 -36.51
N TYR G 169 -14.86 -112.56 -36.86
CA TYR G 169 -14.34 -111.23 -36.56
C TYR G 169 -15.13 -110.16 -37.32
N VAL G 170 -15.15 -108.95 -36.78
CA VAL G 170 -15.92 -107.86 -37.34
C VAL G 170 -14.97 -106.82 -37.90
N THR G 171 -15.33 -106.26 -39.05
CA THR G 171 -14.46 -105.34 -39.78
C THR G 171 -15.33 -104.41 -40.62
N GLY G 172 -15.28 -103.13 -40.33
CA GLY G 172 -16.17 -102.17 -40.97
C GLY G 172 -17.44 -101.95 -40.16
N GLY G 173 -18.14 -100.89 -40.51
CA GLY G 173 -19.31 -100.47 -39.76
C GLY G 173 -18.93 -99.48 -38.68
N ARG G 174 -19.91 -99.23 -37.80
CA ARG G 174 -19.69 -98.32 -36.67
C ARG G 174 -18.69 -98.90 -35.68
N ASN G 175 -18.65 -100.22 -35.57
CA ASN G 175 -17.59 -100.86 -34.80
C ASN G 175 -16.45 -101.27 -35.72
N LEU G 176 -15.31 -101.59 -35.10
CA LEU G 176 -14.15 -102.03 -35.84
C LEU G 176 -13.35 -102.98 -34.96
N GLY G 177 -13.64 -104.28 -35.07
CA GLY G 177 -12.83 -105.32 -34.46
C GLY G 177 -12.85 -105.49 -32.94
N ARG G 178 -13.96 -105.94 -32.38
CA ARG G 178 -14.02 -106.35 -30.98
C ARG G 178 -13.67 -107.83 -30.85
N ILE G 179 -12.86 -108.16 -29.85
CA ILE G 179 -12.46 -109.55 -29.62
C ILE G 179 -13.62 -110.31 -28.94
N GLY G 180 -13.89 -111.51 -29.44
CA GLY G 180 -14.93 -112.38 -28.92
C GLY G 180 -15.88 -112.85 -30.01
N THR G 181 -16.27 -111.92 -30.87
CA THR G 181 -16.59 -112.13 -32.30
C THR G 181 -17.73 -113.10 -32.60
N ILE G 182 -18.65 -113.41 -31.66
CA ILE G 182 -19.78 -114.28 -32.00
C ILE G 182 -20.92 -114.08 -31.01
N VAL G 183 -22.15 -113.97 -31.53
CA VAL G 183 -23.29 -114.59 -30.88
C VAL G 183 -24.02 -115.48 -31.88
N HIS G 184 -24.65 -114.87 -32.89
CA HIS G 184 -25.61 -115.53 -33.76
C HIS G 184 -25.95 -114.58 -34.91
N LYS G 185 -26.89 -115.01 -35.77
CA LYS G 185 -27.31 -114.25 -36.94
C LYS G 185 -28.83 -114.28 -37.08
N GLU G 186 -29.40 -113.18 -37.58
CA GLU G 186 -30.81 -113.08 -37.90
C GLU G 186 -31.00 -111.96 -38.94
N ARG G 187 -32.25 -111.80 -39.40
CA ARG G 187 -32.58 -110.88 -40.46
C ARG G 187 -33.14 -109.56 -39.91
N HIS G 188 -33.46 -108.65 -40.82
CA HIS G 188 -33.84 -107.29 -40.48
C HIS G 188 -34.59 -106.67 -41.66
N ASP G 189 -35.37 -105.64 -41.38
CA ASP G 189 -36.00 -104.89 -42.46
C ASP G 189 -34.98 -104.01 -43.17
N GLY G 190 -35.13 -103.89 -44.49
CA GLY G 190 -34.18 -103.13 -45.28
C GLY G 190 -32.95 -103.91 -45.68
N GLY G 191 -32.91 -105.21 -45.41
CA GLY G 191 -31.66 -105.91 -45.48
C GLY G 191 -30.89 -105.64 -44.21
N PHE G 192 -29.59 -105.38 -44.34
CA PHE G 192 -28.66 -105.15 -43.22
C PHE G 192 -28.72 -106.30 -42.22
N ASP G 193 -28.24 -107.46 -42.68
CA ASP G 193 -28.39 -108.72 -41.95
C ASP G 193 -27.70 -108.67 -40.60
N LEU G 194 -28.47 -108.97 -39.55
CA LEU G 194 -28.01 -108.75 -38.19
C LEU G 194 -27.05 -109.85 -37.76
N VAL G 195 -25.83 -109.45 -37.39
CA VAL G 195 -24.85 -110.34 -36.79
C VAL G 195 -24.52 -109.77 -35.42
N HIS G 196 -24.67 -110.60 -34.38
CA HIS G 196 -24.37 -110.20 -33.01
C HIS G 196 -23.05 -110.83 -32.56
N ILE G 197 -22.32 -110.08 -31.75
CA ILE G 197 -21.00 -110.49 -31.28
C ILE G 197 -20.94 -110.33 -29.77
N LYS G 198 -20.44 -111.35 -29.07
CA LYS G 198 -20.26 -111.32 -27.63
C LYS G 198 -18.78 -111.35 -27.31
N ASP G 199 -18.34 -110.39 -26.51
CA ASP G 199 -16.93 -110.28 -26.18
C ASP G 199 -16.58 -111.18 -25.00
N SER G 200 -15.32 -111.11 -24.58
CA SER G 200 -14.90 -111.80 -23.36
C SER G 200 -15.46 -111.13 -22.11
N LEU G 201 -15.85 -109.86 -22.22
CA LEU G 201 -16.53 -109.14 -21.15
C LEU G 201 -18.05 -109.28 -21.22
N ASP G 202 -18.54 -110.12 -22.15
CA ASP G 202 -19.94 -110.56 -22.22
C ASP G 202 -20.92 -109.41 -22.46
N ASN G 203 -20.78 -108.77 -23.62
CA ASN G 203 -21.72 -107.76 -24.07
C ASN G 203 -22.06 -108.10 -25.51
N THR G 204 -23.34 -108.04 -25.84
CA THR G 204 -23.84 -108.38 -27.18
C THR G 204 -24.23 -107.12 -27.92
N PHE G 205 -23.94 -107.07 -29.21
CA PHE G 205 -24.11 -105.86 -30.00
C PHE G 205 -24.14 -106.26 -31.47
N VAL G 206 -24.94 -105.55 -32.26
CA VAL G 206 -25.34 -105.99 -33.60
C VAL G 206 -24.50 -105.30 -34.67
N THR G 207 -24.27 -105.99 -35.80
CA THR G 207 -23.53 -105.48 -36.95
C THR G 207 -24.18 -105.97 -38.24
N ARG G 208 -23.45 -105.83 -39.35
CA ARG G 208 -23.94 -106.14 -40.69
C ARG G 208 -23.27 -107.40 -41.24
N LEU G 209 -23.76 -107.85 -42.41
CA LEU G 209 -23.30 -109.09 -42.99
C LEU G 209 -21.96 -108.93 -43.71
N ASN G 210 -21.65 -107.74 -44.22
CA ASN G 210 -20.41 -107.56 -44.96
C ASN G 210 -19.19 -107.51 -44.06
N ASN G 211 -19.40 -107.36 -42.76
CA ASN G 211 -18.34 -107.36 -41.77
C ASN G 211 -17.98 -108.75 -41.27
N VAL G 212 -18.52 -109.80 -41.91
CA VAL G 212 -18.25 -111.16 -41.48
C VAL G 212 -16.80 -111.52 -41.82
N PHE G 213 -16.08 -112.04 -40.81
CA PHE G 213 -14.71 -112.50 -41.00
C PHE G 213 -14.51 -113.68 -40.07
N VAL G 214 -14.77 -114.89 -40.57
CA VAL G 214 -14.73 -116.09 -39.72
C VAL G 214 -13.26 -116.43 -39.48
N ILE G 215 -12.77 -116.13 -38.27
CA ILE G 215 -11.35 -116.26 -37.99
C ILE G 215 -10.97 -117.58 -37.33
N GLY G 216 -11.91 -118.32 -36.78
CA GLY G 216 -11.55 -119.61 -36.25
C GLY G 216 -12.56 -120.09 -35.21
N GLU G 217 -12.05 -120.86 -34.26
CA GLU G 217 -12.85 -121.57 -33.28
C GLU G 217 -12.55 -121.03 -31.89
N GLN G 218 -13.47 -121.29 -30.97
CA GLN G 218 -13.21 -121.05 -29.56
C GLN G 218 -12.10 -121.97 -29.09
N GLY G 219 -11.19 -121.45 -28.30
CA GLY G 219 -9.97 -122.17 -28.03
C GLY G 219 -8.91 -121.77 -29.04
N LYS G 220 -8.79 -122.55 -30.12
CA LYS G 220 -7.79 -122.28 -31.14
C LYS G 220 -8.44 -121.66 -32.37
N PRO G 221 -8.18 -120.40 -32.68
CA PRO G 221 -8.46 -119.88 -34.02
C PRO G 221 -7.21 -120.01 -34.90
N TYR G 222 -7.43 -119.85 -36.20
CA TYR G 222 -6.32 -120.09 -37.13
C TYR G 222 -5.38 -118.89 -37.21
N ILE G 223 -5.79 -117.74 -36.72
CA ILE G 223 -4.92 -116.56 -36.71
C ILE G 223 -4.16 -116.51 -35.39
N SER G 224 -2.97 -115.93 -35.44
CA SER G 224 -2.14 -115.76 -34.25
C SER G 224 -2.31 -114.34 -33.70
N LEU G 225 -3.48 -114.10 -33.14
CA LEU G 225 -3.77 -112.81 -32.52
C LEU G 225 -2.96 -112.69 -31.22
N PRO G 226 -2.21 -111.61 -31.04
CA PRO G 226 -1.29 -111.52 -29.89
C PRO G 226 -2.01 -111.22 -28.59
N LYS G 227 -1.22 -111.02 -27.54
CA LYS G 227 -1.72 -110.66 -26.22
C LYS G 227 -1.64 -109.15 -26.04
N GLY G 228 -2.71 -108.57 -25.49
CA GLY G 228 -2.77 -107.14 -25.26
C GLY G 228 -1.83 -106.63 -24.20
N ASP H 1 34.97 74.88 54.67
CA ASP H 1 33.91 75.15 55.64
C ASP H 1 32.82 74.10 55.59
N PHE H 2 32.74 73.39 54.47
CA PHE H 2 31.71 72.38 54.27
C PHE H 2 32.22 71.34 53.29
N GLU H 3 32.11 70.07 53.67
CA GLU H 3 32.64 68.97 52.88
C GLU H 3 31.58 67.89 52.71
N VAL H 4 31.60 67.25 51.54
CA VAL H 4 30.85 66.02 51.29
C VAL H 4 31.88 65.00 50.86
N VAL H 5 32.28 64.11 51.76
CA VAL H 5 33.28 63.10 51.48
C VAL H 5 32.51 61.84 51.07
N GLU H 6 32.58 61.52 49.78
CA GLU H 6 31.96 60.30 49.26
C GLU H 6 32.96 59.18 49.04
N GLU H 7 34.20 59.51 48.70
CA GLU H 7 35.25 58.53 48.45
C GLU H 7 36.13 58.39 49.68
N PHE H 8 36.19 57.20 50.25
CA PHE H 8 36.97 56.94 51.45
C PHE H 8 38.16 56.02 51.16
N THR H 9 37.91 54.85 50.61
CA THR H 9 38.99 53.95 50.22
C THR H 9 39.69 54.54 49.01
N PRO H 10 41.03 54.56 48.97
CA PRO H 10 41.73 54.97 47.75
C PRO H 10 41.47 53.97 46.62
N VAL H 11 40.94 54.48 45.51
CA VAL H 11 40.46 53.64 44.42
C VAL H 11 41.68 53.14 43.65
N VAL H 12 42.13 51.94 43.99
CA VAL H 12 43.21 51.26 43.28
C VAL H 12 42.65 49.99 42.65
N LEU H 13 42.88 49.84 41.36
CA LEU H 13 42.33 48.74 40.58
C LEU H 13 43.42 47.71 40.34
N ALA H 14 43.02 46.44 40.33
CA ALA H 14 44.00 45.38 40.04
C ALA H 14 44.43 45.44 38.58
N THR H 15 43.53 45.81 37.67
CA THR H 15 43.92 46.15 36.31
C THR H 15 44.43 47.59 36.31
N PRO H 16 45.67 47.85 35.91
CA PRO H 16 46.21 49.21 36.01
C PRO H 16 45.66 50.14 34.94
N ILE H 17 44.75 51.02 35.34
CA ILE H 17 44.20 52.04 34.45
C ILE H 17 45.09 53.26 34.56
N PRO H 18 45.55 53.83 33.44
CA PRO H 18 46.47 54.98 33.51
C PRO H 18 45.79 56.23 34.05
N GLU H 19 46.63 57.12 34.61
CA GLU H 19 46.13 58.33 35.26
C GLU H 19 45.55 59.33 34.27
N GLU H 20 45.86 59.20 32.98
CA GLU H 20 45.22 60.06 31.99
C GLU H 20 43.75 59.71 31.85
N VAL H 21 43.39 58.45 32.09
CA VAL H 21 41.99 58.05 32.08
C VAL H 21 41.32 58.39 33.40
N GLN H 22 42.04 58.26 34.52
CA GLN H 22 41.45 58.43 35.84
C GLN H 22 41.05 59.88 36.11
N GLN H 23 41.85 60.84 35.62
CA GLN H 23 41.50 62.24 35.80
C GLN H 23 40.38 62.69 34.87
N ALA H 24 39.99 61.85 33.90
CA ALA H 24 38.91 62.18 32.99
C ALA H 24 37.52 61.91 33.57
N GLN H 25 37.44 61.28 34.75
CA GLN H 25 36.14 60.93 35.31
C GLN H 25 35.45 62.11 35.98
N THR H 26 36.15 63.24 36.16
CA THR H 26 35.51 64.43 36.69
C THR H 26 34.82 65.22 35.58
N GLU H 27 35.57 65.53 34.52
CA GLU H 27 35.04 66.28 33.38
C GLU H 27 35.10 65.40 32.14
N ILE H 28 33.95 65.22 31.48
CA ILE H 28 33.90 64.46 30.24
C ILE H 28 34.52 65.32 29.14
N LYS H 29 35.57 64.81 28.51
CA LYS H 29 36.35 65.58 27.56
C LYS H 29 36.24 64.97 26.16
N LEU H 30 36.36 65.84 25.16
CA LEU H 30 36.42 65.39 23.77
C LEU H 30 37.81 64.86 23.47
N PHE H 31 37.87 63.59 23.05
CA PHE H 31 39.11 62.83 22.81
C PHE H 31 40.01 62.73 24.04
N ASN H 32 39.42 62.93 25.23
CA ASN H 32 40.12 63.03 26.52
C ASN H 32 41.21 64.10 26.48
N LYS H 33 40.97 65.17 25.76
CA LYS H 33 41.91 66.29 25.80
C LYS H 33 41.24 67.64 26.00
N TRP H 34 40.07 67.87 25.41
CA TRP H 34 39.43 69.17 25.39
C TRP H 34 38.09 69.11 26.10
N SER H 35 37.87 70.02 27.04
CA SER H 35 36.65 70.03 27.82
C SER H 35 35.51 70.66 27.03
N PHE H 36 34.32 70.10 27.20
CA PHE H 36 33.10 70.69 26.66
C PHE H 36 32.57 71.85 27.50
N GLU H 37 33.11 72.05 28.70
CA GLU H 37 32.66 73.13 29.55
C GLU H 37 33.15 74.47 29.04
N GLU H 38 32.34 75.50 29.25
CA GLU H 38 32.53 76.89 28.79
C GLU H 38 32.62 77.02 27.28
N VAL H 39 32.17 76.02 26.52
CA VAL H 39 32.09 76.12 25.07
C VAL H 39 30.69 76.61 24.71
N GLU H 40 30.53 77.92 24.69
CA GLU H 40 29.23 78.55 24.52
C GLU H 40 29.10 79.09 23.11
N VAL H 41 27.96 78.84 22.47
CA VAL H 41 27.69 79.34 21.13
C VAL H 41 27.52 80.85 21.23
N LYS H 42 28.52 81.59 20.71
CA LYS H 42 28.55 83.04 20.89
C LYS H 42 27.45 83.73 20.10
N ASP H 43 27.28 83.37 18.83
CA ASP H 43 26.24 83.97 18.01
C ASP H 43 24.96 83.18 18.28
N ALA H 44 23.84 83.88 18.26
CA ALA H 44 22.56 83.29 18.66
C ALA H 44 21.98 82.47 17.51
N SER H 45 20.74 82.03 17.67
CA SER H 45 19.89 81.40 16.65
C SER H 45 20.38 80.05 16.13
N LEU H 46 21.52 79.57 16.60
CA LEU H 46 21.98 78.24 16.26
C LEU H 46 22.13 77.36 17.48
N VAL H 47 21.80 77.86 18.67
CA VAL H 47 21.56 76.98 19.80
C VAL H 47 20.32 76.14 19.50
N ASP H 48 20.32 74.92 20.04
CA ASP H 48 19.39 73.81 19.76
C ASP H 48 19.50 73.30 18.33
N TYR H 49 20.51 73.72 17.57
CA TYR H 49 20.84 73.10 16.29
C TYR H 49 22.34 72.83 16.25
N VAL H 50 23.10 73.68 16.91
CA VAL H 50 24.48 73.40 17.28
C VAL H 50 24.45 73.12 18.77
N GLN H 51 24.55 71.86 19.15
CA GLN H 51 24.45 71.48 20.56
C GLN H 51 25.80 70.98 21.04
N VAL H 52 26.24 71.51 22.18
CA VAL H 52 27.46 71.09 22.85
C VAL H 52 27.16 70.94 24.33
N ARG H 53 25.87 70.89 24.68
CA ARG H 53 25.49 70.76 26.09
C ARG H 53 25.87 69.39 26.63
N GLN H 54 25.58 68.34 25.88
CA GLN H 54 26.02 67.03 26.31
C GLN H 54 27.47 66.83 25.88
N PRO H 55 28.37 66.42 26.78
CA PRO H 55 29.74 66.16 26.38
C PRO H 55 29.92 64.73 25.89
N ILE H 56 30.85 64.57 24.95
CA ILE H 56 31.07 63.32 24.24
C ILE H 56 32.56 62.99 24.25
N PHE H 57 32.89 61.71 24.41
CA PHE H 57 34.28 61.29 24.42
C PHE H 57 34.86 61.28 23.02
N VAL H 58 34.32 60.44 22.14
CA VAL H 58 34.77 60.33 20.77
C VAL H 58 33.57 60.53 19.86
N ALA H 59 33.83 61.09 18.68
CA ALA H 59 32.77 61.53 17.78
C ALA H 59 32.25 60.34 16.97
N HIS H 60 31.61 59.40 17.68
CA HIS H 60 31.31 58.13 17.05
C HIS H 60 29.97 57.51 17.47
N THR H 61 29.10 58.24 18.15
CA THR H 61 27.86 57.65 18.66
C THR H 61 26.86 57.48 17.53
N ALA H 62 26.83 56.28 16.95
CA ALA H 62 25.99 55.98 15.80
C ALA H 62 24.62 55.52 16.27
N GLY H 63 23.81 56.48 16.68
CA GLY H 63 22.44 56.23 17.08
C GLY H 63 21.47 56.35 15.92
N ARG H 64 20.20 56.56 16.26
CA ARG H 64 19.16 56.81 15.26
C ARG H 64 19.09 58.33 15.06
N TYR H 65 19.65 58.82 13.95
CA TYR H 65 19.84 60.26 13.82
C TYR H 65 19.42 60.78 12.47
N ALA H 66 18.72 59.97 11.68
CA ALA H 66 18.13 60.44 10.44
C ALA H 66 16.70 59.97 10.26
N ASN H 67 16.17 59.14 11.17
CA ASN H 67 14.82 58.62 10.99
C ASN H 67 13.76 59.70 11.23
N LYS H 68 13.94 60.50 12.27
CA LYS H 68 13.05 61.63 12.50
C LYS H 68 13.50 62.80 11.63
N ARG H 69 12.70 63.87 11.61
CA ARG H 69 13.02 65.01 10.77
C ARG H 69 14.12 65.87 11.37
N PHE H 70 13.87 66.43 12.56
CA PHE H 70 14.82 67.31 13.21
C PHE H 70 15.64 66.62 14.28
N ARG H 71 15.86 65.31 14.13
CA ARG H 71 16.78 64.60 15.02
C ARG H 71 18.23 64.96 14.73
N LYS H 72 18.51 65.56 13.57
CA LYS H 72 19.86 65.99 13.23
C LYS H 72 20.34 67.15 14.09
N ALA H 73 19.43 67.87 14.74
CA ALA H 73 19.82 68.99 15.59
C ALA H 73 20.46 68.51 16.88
N GLN H 74 20.19 67.28 17.29
CA GLN H 74 20.71 66.75 18.54
C GLN H 74 22.15 66.25 18.42
N CYS H 75 22.73 66.27 17.23
CA CYS H 75 24.08 65.77 17.05
C CYS H 75 25.09 66.77 17.59
N PRO H 76 26.11 66.31 18.32
CA PRO H 76 27.25 67.19 18.60
C PRO H 76 27.99 67.49 17.31
N ILE H 77 28.34 68.77 17.14
CA ILE H 77 28.87 69.20 15.84
C ILE H 77 30.29 68.71 15.60
N ILE H 78 30.97 68.21 16.63
CA ILE H 78 32.19 67.44 16.38
C ILE H 78 31.86 66.16 15.64
N GLU H 79 30.78 65.49 16.04
CA GLU H 79 30.37 64.29 15.32
C GLU H 79 29.70 64.62 14.00
N ARG H 80 29.01 65.76 13.93
CA ARG H 80 28.39 66.17 12.68
C ARG H 80 29.44 66.58 11.66
N LEU H 81 30.62 66.98 12.12
CA LEU H 81 31.72 67.28 11.21
C LEU H 81 32.37 66.01 10.69
N THR H 82 32.48 64.98 11.53
CA THR H 82 33.09 63.73 11.11
C THR H 82 32.19 62.98 10.13
N ASN H 83 30.88 63.00 10.38
CA ASN H 83 29.94 62.27 9.53
C ASN H 83 29.81 62.94 8.16
N SER H 84 30.06 64.25 8.10
CA SER H 84 29.95 64.96 6.84
C SER H 84 31.24 64.98 6.05
N LEU H 85 32.27 64.27 6.49
CA LEU H 85 33.51 64.18 5.74
C LEU H 85 33.46 63.16 4.62
N MET H 86 32.35 62.47 4.37
CA MET H 86 32.28 61.50 3.29
C MET H 86 31.79 62.13 1.99
N MET H 87 32.34 63.27 1.59
CA MET H 87 31.84 63.98 0.40
C MET H 87 32.66 63.65 -0.84
N ASN H 88 32.77 62.36 -1.14
CA ASN H 88 33.45 61.87 -2.34
C ASN H 88 33.01 60.44 -2.57
N GLY H 89 33.65 59.78 -3.54
CA GLY H 89 33.41 58.37 -3.79
C GLY H 89 34.53 57.50 -3.27
N ARG H 90 35.57 58.11 -2.73
CA ARG H 90 36.72 57.37 -2.22
C ARG H 90 36.71 57.25 -0.71
N ASN H 91 36.07 58.17 -0.01
CA ASN H 91 36.04 58.14 1.45
C ASN H 91 34.62 57.96 1.95
N ASN H 92 33.86 57.05 1.35
CA ASN H 92 32.53 56.71 1.83
C ASN H 92 32.60 55.52 2.78
N GLY H 93 31.96 55.65 3.93
CA GLY H 93 31.94 54.58 4.91
C GLY H 93 33.27 54.29 5.56
N LYS H 94 34.06 55.33 5.87
CA LYS H 94 35.30 55.18 6.63
C LYS H 94 35.28 56.25 7.72
N LYS H 95 34.64 55.93 8.85
CA LYS H 95 34.54 56.90 9.93
C LYS H 95 35.73 56.86 10.88
N LEU H 96 36.37 55.70 11.05
CA LEU H 96 37.57 55.63 11.88
C LEU H 96 38.72 56.41 11.26
N LYS H 97 38.74 56.51 9.92
CA LYS H 97 39.65 57.43 9.26
C LYS H 97 39.21 58.87 9.48
N ALA H 98 37.89 59.12 9.46
CA ALA H 98 37.39 60.48 9.56
C ALA H 98 37.49 61.01 10.98
N VAL H 99 37.37 60.13 11.97
CA VAL H 99 37.57 60.55 13.36
C VAL H 99 39.03 60.86 13.61
N ARG H 100 39.94 60.05 13.05
CA ARG H 100 41.37 60.26 13.24
C ARG H 100 41.84 61.54 12.53
N ILE H 101 41.17 61.92 11.45
CA ILE H 101 41.48 63.18 10.78
C ILE H 101 41.10 64.36 11.67
N ILE H 102 39.92 64.29 12.29
CA ILE H 102 39.42 65.37 13.14
C ILE H 102 40.24 65.48 14.43
N LYS H 103 40.69 64.34 14.96
CA LYS H 103 41.57 64.35 16.14
C LYS H 103 42.91 65.03 15.82
N HIS H 104 43.43 64.81 14.61
CA HIS H 104 44.59 65.57 14.17
C HIS H 104 44.24 67.02 13.90
N THR H 105 43.01 67.27 13.46
CA THR H 105 42.60 68.64 13.14
C THR H 105 42.44 69.49 14.39
N LEU H 106 41.82 68.94 15.44
CA LEU H 106 41.68 69.68 16.68
C LEU H 106 43.00 69.81 17.42
N ASP H 107 43.98 68.96 17.08
CA ASP H 107 45.32 69.10 17.65
C ASP H 107 46.00 70.33 17.07
N ILE H 108 45.90 70.51 15.74
CA ILE H 108 46.59 71.62 15.08
C ILE H 108 45.93 72.95 15.45
N ILE H 109 44.60 72.96 15.58
CA ILE H 109 43.86 74.18 15.91
C ILE H 109 44.22 74.65 17.31
N ASN H 110 44.33 73.72 18.27
CA ASN H 110 44.70 74.09 19.63
C ASN H 110 46.15 74.54 19.73
N VAL H 111 47.04 73.98 18.92
CA VAL H 111 48.44 74.39 18.91
C VAL H 111 48.56 75.81 18.39
N LEU H 112 47.84 76.13 17.31
CA LEU H 112 47.93 77.44 16.68
C LEU H 112 47.24 78.51 17.51
N THR H 113 45.94 78.40 17.71
CA THR H 113 45.19 79.33 18.53
C THR H 113 44.73 78.62 19.81
N ASP H 114 45.15 79.15 20.96
CA ASP H 114 45.30 78.35 22.15
C ASP H 114 44.14 78.44 23.13
N GLN H 115 42.94 78.85 22.70
CA GLN H 115 41.85 78.90 23.68
C GLN H 115 41.23 77.52 23.88
N ASN H 116 40.63 76.96 22.84
CA ASN H 116 39.95 75.67 22.82
C ASN H 116 39.69 75.31 21.37
N PRO H 117 40.05 74.12 20.92
CA PRO H 117 39.75 73.75 19.53
C PRO H 117 38.28 73.52 19.29
N ILE H 118 37.54 73.12 20.30
CA ILE H 118 36.10 72.92 20.14
C ILE H 118 35.38 74.27 20.06
N GLN H 119 35.85 75.26 20.81
CA GLN H 119 35.27 76.60 20.78
C GLN H 119 35.46 77.26 19.43
N VAL H 120 36.59 76.98 18.77
CA VAL H 120 36.82 77.47 17.41
C VAL H 120 35.81 76.85 16.45
N VAL H 121 35.55 75.54 16.59
CA VAL H 121 34.64 74.82 15.69
C VAL H 121 33.21 75.34 15.87
N VAL H 122 32.80 75.59 17.12
CA VAL H 122 31.50 76.20 17.39
C VAL H 122 31.44 77.60 16.79
N ASP H 123 32.51 78.37 16.92
CA ASP H 123 32.53 79.71 16.35
C ASP H 123 32.65 79.68 14.83
N ALA H 124 33.35 78.68 14.28
CA ALA H 124 33.51 78.63 12.83
C ALA H 124 32.22 78.21 12.14
N ILE H 125 31.47 77.29 12.77
CA ILE H 125 30.22 76.83 12.16
C ILE H 125 29.16 77.93 12.22
N THR H 126 29.10 78.67 13.33
CA THR H 126 28.10 79.73 13.45
C THR H 126 28.44 80.97 12.64
N ASN H 127 29.64 81.07 12.07
CA ASN H 127 29.97 82.22 11.24
C ASN H 127 29.54 82.00 9.79
N THR H 128 29.96 80.89 9.18
CA THR H 128 29.81 80.72 7.75
C THR H 128 28.42 80.28 7.32
N GLY H 129 27.43 80.25 8.21
CA GLY H 129 26.07 80.00 7.80
C GLY H 129 25.53 81.15 6.99
N PRO H 130 25.08 80.87 5.76
CA PRO H 130 24.57 81.96 4.90
C PRO H 130 23.23 82.47 5.39
N ARG H 131 23.22 83.66 6.00
CA ARG H 131 22.02 84.17 6.67
C ARG H 131 20.95 84.62 5.70
N GLU H 132 21.29 84.84 4.44
CA GLU H 132 20.31 85.07 3.39
C GLU H 132 20.65 84.18 2.21
N ASP H 133 19.61 83.73 1.50
CA ASP H 133 19.82 82.81 0.41
C ASP H 133 18.84 83.14 -0.70
N THR H 134 19.15 82.66 -1.90
CA THR H 134 18.39 82.94 -3.10
C THR H 134 17.69 81.68 -3.61
N THR H 135 16.60 81.89 -4.33
CA THR H 135 15.92 80.79 -5.00
C THR H 135 15.32 81.31 -6.30
N ARG H 136 15.08 80.39 -7.22
CA ARG H 136 14.51 80.76 -8.51
C ARG H 136 12.98 80.82 -8.40
N VAL H 137 12.38 81.44 -9.41
CA VAL H 137 10.93 81.49 -9.59
C VAL H 137 10.63 80.88 -10.96
N GLY H 138 9.58 80.06 -11.04
CA GLY H 138 9.20 79.50 -12.32
C GLY H 138 8.71 80.54 -13.29
N GLY H 139 7.50 81.09 -13.05
CA GLY H 139 7.01 82.26 -13.74
C GLY H 139 6.80 82.14 -15.24
N GLY H 140 6.77 80.93 -15.78
CA GLY H 140 6.67 80.75 -17.21
C GLY H 140 7.88 81.25 -17.99
N GLY H 141 9.08 81.00 -17.48
CA GLY H 141 10.30 81.46 -18.11
C GLY H 141 10.93 82.68 -17.47
N ALA H 142 10.18 83.41 -16.65
CA ALA H 142 10.72 84.56 -15.93
C ALA H 142 11.43 84.04 -14.68
N ALA H 143 12.65 83.54 -14.89
CA ALA H 143 13.37 82.81 -13.84
C ALA H 143 14.23 83.72 -12.94
N ARG H 144 13.62 84.74 -12.34
CA ARG H 144 14.37 85.74 -11.58
C ARG H 144 14.71 85.23 -10.18
N ARG H 145 15.93 85.48 -9.73
CA ARG H 145 16.33 85.11 -8.37
C ARG H 145 15.58 85.96 -7.35
N GLN H 146 15.14 85.32 -6.28
CA GLN H 146 14.39 86.01 -5.24
C GLN H 146 14.98 85.63 -3.89
N ALA H 147 15.29 86.62 -3.07
CA ALA H 147 15.89 86.39 -1.77
C ALA H 147 14.86 85.84 -0.79
N VAL H 148 15.24 84.78 -0.07
CA VAL H 148 14.42 84.20 0.98
C VAL H 148 15.30 83.95 2.19
N ASP H 149 14.70 83.99 3.37
CA ASP H 149 15.48 83.75 4.57
C ASP H 149 15.64 82.24 4.76
N VAL H 150 16.43 81.85 5.75
CA VAL H 150 16.96 80.50 5.86
C VAL H 150 16.69 79.97 7.26
N SER H 151 16.31 78.69 7.34
CA SER H 151 16.08 78.03 8.62
C SER H 151 17.39 77.90 9.39
N PRO H 152 17.32 77.92 10.73
CA PRO H 152 18.54 77.65 11.52
C PRO H 152 19.13 76.28 11.31
N LEU H 153 18.31 75.26 11.01
CA LEU H 153 18.87 73.95 10.69
C LEU H 153 19.61 73.98 9.36
N ARG H 154 19.09 74.74 8.40
CA ARG H 154 19.77 74.86 7.11
C ARG H 154 21.05 75.67 7.22
N ARG H 155 21.09 76.63 8.15
CA ARG H 155 22.32 77.39 8.40
C ARG H 155 23.41 76.48 8.96
N VAL H 156 23.04 75.55 9.83
CA VAL H 156 24.00 74.59 10.35
C VAL H 156 24.42 73.62 9.25
N ASN H 157 23.47 73.19 8.43
CA ASN H 157 23.75 72.18 7.40
C ASN H 157 24.62 72.74 6.29
N GLN H 158 24.43 74.00 5.93
CA GLN H 158 25.25 74.59 4.89
C GLN H 158 26.63 74.94 5.40
N ALA H 159 26.75 75.23 6.70
CA ALA H 159 28.04 75.58 7.28
C ALA H 159 28.97 74.39 7.34
N ILE H 160 28.45 73.24 7.76
CA ILE H 160 29.25 72.03 7.87
C ILE H 160 29.62 71.50 6.49
N ALA H 161 28.70 71.62 5.52
CA ALA H 161 28.97 71.14 4.17
C ALA H 161 30.02 72.00 3.47
N LEU H 162 30.00 73.31 3.72
CA LEU H 162 30.96 74.19 3.04
C LEU H 162 32.35 74.08 3.66
N LEU H 163 32.42 73.85 4.98
CA LEU H 163 33.72 73.78 5.65
C LEU H 163 34.43 72.48 5.31
N THR H 164 33.68 71.39 5.14
CA THR H 164 34.29 70.12 4.77
C THR H 164 34.81 70.15 3.34
N ILE H 165 34.01 70.66 2.41
CA ILE H 165 34.42 70.81 1.01
C ILE H 165 35.58 71.79 0.88
N GLY H 166 35.60 72.82 1.72
CA GLY H 166 36.74 73.74 1.74
C GLY H 166 38.03 73.07 2.14
N ALA H 167 37.96 72.05 3.01
CA ALA H 167 39.14 71.24 3.28
C ALA H 167 39.44 70.31 2.13
N ARG H 168 38.41 69.72 1.53
CA ARG H 168 38.64 68.70 0.51
C ARG H 168 39.11 69.33 -0.80
N GLU H 169 38.59 70.50 -1.15
CA GLU H 169 38.99 71.13 -2.40
C GLU H 169 40.37 71.76 -2.31
N ALA H 170 40.77 72.20 -1.11
CA ALA H 170 42.09 72.80 -0.96
C ALA H 170 43.19 71.76 -1.03
N ALA H 171 43.01 70.63 -0.37
CA ALA H 171 43.96 69.51 -0.50
C ALA H 171 43.53 68.55 -1.59
N PHE H 172 43.27 69.08 -2.78
CA PHE H 172 42.88 68.23 -3.90
C PHE H 172 44.10 67.60 -4.54
N ARG H 173 45.04 68.42 -5.00
CA ARG H 173 46.35 67.97 -5.49
C ARG H 173 47.38 68.95 -4.91
N ASN H 174 47.87 68.64 -3.72
CA ASN H 174 48.76 69.54 -3.01
C ASN H 174 49.72 68.72 -2.15
N ILE H 175 50.60 69.43 -1.44
CA ILE H 175 51.46 68.78 -0.47
C ILE H 175 50.81 68.68 0.90
N LYS H 176 49.82 69.51 1.20
CA LYS H 176 49.09 69.44 2.44
C LYS H 176 48.04 68.33 2.38
N THR H 177 47.82 67.68 3.52
CA THR H 177 46.80 66.65 3.66
C THR H 177 45.54 67.29 4.22
N ILE H 178 44.51 66.45 4.43
CA ILE H 178 43.19 66.92 4.82
C ILE H 178 43.21 67.49 6.24
N ALA H 179 44.07 66.93 7.11
CA ALA H 179 44.13 67.38 8.49
C ALA H 179 44.68 68.79 8.60
N GLU H 180 45.65 69.15 7.75
CA GLU H 180 46.25 70.47 7.82
C GLU H 180 45.32 71.54 7.27
N THR H 181 44.65 71.27 6.15
CA THR H 181 43.82 72.30 5.54
C THR H 181 42.49 72.50 6.26
N LEU H 182 41.99 71.48 6.95
CA LEU H 182 40.77 71.67 7.73
C LEU H 182 41.04 72.54 8.95
N ALA H 183 42.25 72.45 9.49
CA ALA H 183 42.64 73.36 10.57
C ALA H 183 42.81 74.78 10.04
N GLU H 184 43.31 74.92 8.81
CA GLU H 184 43.44 76.25 8.21
C GLU H 184 42.08 76.83 7.84
N GLU H 185 41.16 75.98 7.37
CA GLU H 185 39.84 76.45 6.99
C GLU H 185 39.00 76.84 8.20
N LEU H 186 39.10 76.07 9.28
CA LEU H 186 38.27 76.33 10.46
C LEU H 186 38.76 77.56 11.22
N ILE H 187 40.08 77.74 11.30
CA ILE H 187 40.64 78.90 12.01
C ILE H 187 40.31 80.19 11.29
N ASN H 188 40.43 80.18 9.96
CA ASN H 188 40.06 81.36 9.17
C ASN H 188 38.55 81.60 9.20
N ALA H 189 37.76 80.53 9.35
CA ALA H 189 36.31 80.72 9.44
C ALA H 189 35.91 81.30 10.80
N ALA H 190 36.64 80.97 11.86
CA ALA H 190 36.32 81.50 13.17
C ALA H 190 36.63 82.99 13.25
N LYS H 191 37.69 83.44 12.59
CA LYS H 191 38.00 84.86 12.56
C LYS H 191 37.06 85.62 11.64
N GLY H 192 36.48 84.94 10.66
CA GLY H 192 35.80 85.63 9.58
C GLY H 192 36.76 86.43 8.73
N SER H 193 37.90 85.85 8.40
CA SER H 193 39.00 86.57 7.76
C SER H 193 38.91 86.58 6.25
N SER H 194 37.83 86.04 5.68
CA SER H 194 37.49 86.09 4.26
C SER H 194 38.56 85.48 3.36
N THR H 195 39.31 84.50 3.87
CA THR H 195 40.23 83.73 3.03
C THR H 195 39.89 82.25 3.01
N SER H 196 39.01 81.79 3.88
CA SER H 196 38.49 80.44 3.76
C SER H 196 37.43 80.41 2.68
N TYR H 197 37.20 79.21 2.13
CA TYR H 197 36.16 79.01 1.13
C TYR H 197 34.79 79.25 1.75
N ALA H 198 34.63 78.87 3.02
CA ALA H 198 33.31 78.91 3.65
C ALA H 198 32.86 80.34 3.93
N ILE H 199 33.77 81.21 4.36
CA ILE H 199 33.40 82.61 4.55
C ILE H 199 33.22 83.29 3.20
N LYS H 200 33.99 82.87 2.19
CA LYS H 200 33.87 83.45 0.85
C LYS H 200 32.54 83.10 0.20
N LYS H 201 31.91 82.00 0.63
CA LYS H 201 30.57 81.70 0.14
C LYS H 201 29.50 82.34 1.00
N LYS H 202 29.83 82.71 2.24
CA LYS H 202 28.84 83.32 3.12
C LYS H 202 28.43 84.70 2.63
N ASP H 203 29.42 85.54 2.31
CA ASP H 203 29.11 86.87 1.81
C ASP H 203 28.73 86.86 0.34
N GLU H 204 29.12 85.83 -0.42
CA GLU H 204 28.73 85.78 -1.84
C GLU H 204 27.28 85.38 -1.99
N LEU H 205 26.83 84.41 -1.20
CA LEU H 205 25.43 83.99 -1.26
C LEU H 205 24.51 85.06 -0.68
N GLU H 206 25.00 85.82 0.31
CA GLU H 206 24.22 86.93 0.84
C GLU H 206 24.13 88.08 -0.17
N ARG H 207 25.24 88.43 -0.81
CA ARG H 207 25.25 89.56 -1.73
C ARG H 207 24.47 89.25 -3.01
N VAL H 208 24.39 87.96 -3.39
CA VAL H 208 23.47 87.57 -4.45
C VAL H 208 22.03 87.78 -3.98
N ALA H 209 21.74 87.41 -2.74
CA ALA H 209 20.41 87.67 -2.18
C ALA H 209 20.22 89.15 -1.90
N LYS H 210 21.29 89.87 -1.57
CA LYS H 210 21.19 91.31 -1.35
C LYS H 210 21.01 92.09 -2.64
N SER H 211 21.35 91.49 -3.78
CA SER H 211 21.20 92.18 -5.05
C SER H 211 19.75 92.27 -5.49
N ASN H 212 18.88 91.37 -5.00
CA ASN H 212 17.44 91.46 -5.27
C ASN H 212 16.72 90.91 -4.05
N ARG H 213 16.27 91.83 -3.19
CA ARG H 213 15.64 91.47 -1.93
C ARG H 213 14.27 90.86 -2.15
N PRO I 4 -99.06 -90.84 15.61
CA PRO I 4 -97.93 -90.10 16.19
C PRO I 4 -96.89 -91.03 16.80
N GLN I 5 -96.99 -92.32 16.50
CA GLN I 5 -96.12 -93.33 17.09
C GLN I 5 -95.07 -93.87 16.12
N ALA I 6 -95.47 -94.23 14.90
CA ALA I 6 -94.54 -94.78 13.92
C ALA I 6 -94.84 -94.25 12.53
N LYS I 7 -95.10 -92.94 12.42
CA LYS I 7 -95.40 -92.33 11.13
C LYS I 7 -94.62 -91.08 10.81
N ILE I 8 -94.04 -90.41 11.80
CA ILE I 8 -93.41 -89.12 11.59
C ILE I 8 -91.88 -89.27 11.80
N LEU I 9 -91.41 -90.52 11.75
CA LEU I 9 -90.14 -90.92 12.34
C LEU I 9 -88.98 -91.04 11.36
N SER I 10 -89.22 -91.45 10.10
CA SER I 10 -88.23 -91.47 9.03
C SER I 10 -87.02 -92.36 9.33
N GLN I 11 -87.17 -93.69 9.14
CA GLN I 11 -86.28 -94.77 9.58
C GLN I 11 -86.24 -94.88 11.11
N ALA I 12 -87.37 -95.35 11.65
CA ALA I 12 -87.56 -95.59 13.07
C ALA I 12 -86.53 -96.43 13.83
N PRO I 13 -86.07 -97.62 13.39
CA PRO I 13 -85.66 -98.64 14.37
C PRO I 13 -84.35 -98.39 15.13
N THR I 14 -83.75 -97.19 15.10
CA THR I 14 -82.72 -96.92 16.09
C THR I 14 -83.39 -96.37 17.36
N GLU I 15 -82.58 -96.04 18.36
CA GLU I 15 -83.11 -95.89 19.71
C GLU I 15 -83.84 -94.57 19.91
N LEU I 16 -83.13 -93.45 19.79
CA LEU I 16 -83.56 -92.19 20.40
C LEU I 16 -84.76 -91.54 19.69
N GLU I 17 -85.04 -91.90 18.43
CA GLU I 17 -86.22 -91.32 17.80
C GLU I 17 -87.50 -91.95 18.29
N LEU I 18 -87.42 -93.12 18.93
CA LEU I 18 -88.58 -93.68 19.60
C LEU I 18 -88.92 -92.86 20.85
N GLN I 19 -87.93 -92.23 21.47
CA GLN I 19 -88.20 -91.40 22.63
C GLN I 19 -88.87 -90.09 22.25
N VAL I 20 -88.62 -89.59 21.03
CA VAL I 20 -89.37 -88.40 20.62
C VAL I 20 -90.64 -88.81 19.87
N ALA I 21 -90.72 -90.09 19.45
CA ALA I 21 -91.99 -90.63 18.95
C ALA I 21 -93.05 -90.64 20.05
N GLN I 22 -92.69 -91.08 21.26
CA GLN I 22 -93.62 -90.96 22.38
C GLN I 22 -93.70 -89.52 22.87
N ALA I 23 -92.66 -88.72 22.63
CA ALA I 23 -92.75 -87.30 22.96
C ALA I 23 -93.56 -86.53 21.91
N PHE I 24 -93.85 -87.17 20.78
CA PHE I 24 -94.83 -86.61 19.85
C PHE I 24 -96.26 -86.92 20.31
N VAL I 25 -96.43 -87.92 21.18
CA VAL I 25 -97.77 -88.44 21.47
C VAL I 25 -98.52 -87.53 22.43
N GLU I 26 -97.92 -87.20 23.59
CA GLU I 26 -98.59 -86.30 24.53
C GLU I 26 -98.60 -84.85 24.04
N LEU I 27 -97.79 -84.54 23.04
CA LEU I 27 -97.77 -83.25 22.38
C LEU I 27 -98.91 -83.12 21.39
N GLU I 28 -99.59 -84.23 21.09
CA GLU I 28 -100.73 -84.20 20.19
C GLU I 28 -102.02 -83.85 20.92
N ASN I 29 -102.26 -84.45 22.09
CA ASN I 29 -103.57 -84.27 22.74
C ASN I 29 -103.63 -83.02 23.62
N SER I 30 -103.19 -81.89 23.06
CA SER I 30 -103.56 -80.56 23.53
C SER I 30 -104.24 -79.87 22.36
N SER I 31 -105.18 -80.59 21.74
CA SER I 31 -105.83 -80.45 20.45
C SER I 31 -106.22 -79.06 19.92
N PRO I 32 -106.70 -78.09 20.73
CA PRO I 32 -107.06 -76.77 20.14
C PRO I 32 -105.91 -76.02 19.48
N GLU I 33 -104.68 -76.13 19.97
CA GLU I 33 -103.61 -75.36 19.33
C GLU I 33 -102.34 -76.17 19.09
N LEU I 34 -102.15 -77.28 19.82
CA LEU I 34 -100.85 -77.94 19.78
C LEU I 34 -100.76 -78.93 18.61
N LYS I 35 -101.80 -79.73 18.38
CA LYS I 35 -101.77 -80.61 17.23
C LYS I 35 -102.13 -79.88 15.94
N ALA I 36 -102.66 -78.66 16.06
CA ALA I 36 -102.95 -77.86 14.87
C ALA I 36 -101.67 -77.45 14.16
N GLU I 37 -100.62 -77.14 14.91
CA GLU I 37 -99.32 -76.84 14.30
C GLU I 37 -98.47 -78.07 14.08
N LEU I 38 -98.90 -79.24 14.57
CA LEU I 38 -98.11 -80.46 14.47
C LEU I 38 -98.29 -81.19 13.14
N ARG I 39 -99.14 -80.66 12.25
CA ARG I 39 -99.43 -81.33 10.98
C ARG I 39 -98.25 -81.49 10.02
N PRO I 40 -97.49 -80.46 9.63
CA PRO I 40 -96.51 -80.68 8.55
C PRO I 40 -95.12 -81.08 9.00
N LEU I 41 -94.93 -81.47 10.26
CA LEU I 41 -93.59 -81.83 10.74
C LEU I 41 -93.18 -83.21 10.21
N GLN I 42 -91.86 -83.40 10.16
CA GLN I 42 -91.26 -84.69 9.79
C GLN I 42 -89.83 -84.66 10.30
N PHE I 43 -89.53 -85.47 11.30
CA PHE I 43 -88.16 -85.51 11.81
C PHE I 43 -87.43 -86.74 11.29
N LYS I 44 -86.13 -86.59 11.02
CA LYS I 44 -85.42 -87.61 10.25
C LYS I 44 -84.39 -88.40 11.05
N SER I 45 -83.64 -87.79 11.97
CA SER I 45 -82.52 -88.50 12.57
C SER I 45 -82.16 -87.90 13.92
N ILE I 46 -81.36 -88.67 14.66
CA ILE I 46 -80.78 -88.26 15.94
C ILE I 46 -79.27 -88.36 15.82
N ARG I 47 -78.57 -87.35 16.32
CA ARG I 47 -77.14 -87.47 16.60
C ARG I 47 -76.89 -87.18 18.07
N GLU I 48 -76.03 -87.99 18.67
CA GLU I 48 -75.74 -87.95 20.10
C GLU I 48 -74.45 -87.16 20.32
N ILE I 49 -74.49 -86.24 21.28
CA ILE I 49 -73.39 -85.32 21.53
C ILE I 49 -72.96 -85.45 22.98
N ASP I 50 -71.65 -85.57 23.20
CA ASP I 50 -71.08 -85.52 24.53
C ASP I 50 -70.53 -84.13 24.81
N VAL I 51 -70.65 -83.68 26.06
CA VAL I 51 -70.09 -82.41 26.48
C VAL I 51 -69.00 -82.68 27.50
N ALA I 52 -68.35 -81.63 28.00
CA ALA I 52 -67.28 -81.79 28.99
C ALA I 52 -67.78 -82.31 30.32
N GLY I 53 -69.06 -82.12 30.65
CA GLY I 53 -69.61 -82.65 31.87
C GLY I 53 -70.11 -84.07 31.71
N GLY I 54 -70.59 -84.64 32.83
CA GLY I 54 -71.15 -85.98 32.82
C GLY I 54 -72.49 -86.06 32.12
N LYS I 55 -73.21 -84.95 32.02
CA LYS I 55 -74.43 -84.89 31.24
C LYS I 55 -74.09 -84.93 29.75
N LYS I 56 -75.10 -85.17 28.92
CA LYS I 56 -74.89 -85.20 27.48
C LYS I 56 -75.88 -84.31 26.76
N ALA I 57 -75.78 -84.26 25.43
CA ALA I 57 -76.68 -83.44 24.62
C ALA I 57 -77.24 -84.27 23.49
N LEU I 58 -78.45 -83.93 23.07
CA LEU I 58 -79.13 -84.64 22.00
C LEU I 58 -79.51 -83.63 20.92
N ALA I 59 -79.52 -84.10 19.67
CA ALA I 59 -79.90 -83.26 18.53
C ALA I 59 -80.87 -84.03 17.67
N ILE I 60 -81.88 -83.33 17.16
CA ILE I 60 -82.92 -83.92 16.33
C ILE I 60 -82.91 -83.13 15.02
N PHE I 61 -83.13 -83.83 13.90
CA PHE I 61 -82.85 -83.27 12.59
C PHE I 61 -84.09 -83.33 11.70
N VAL I 62 -84.18 -82.36 10.80
CA VAL I 62 -85.33 -82.16 9.93
C VAL I 62 -84.81 -82.07 8.49
N PRO I 63 -85.53 -82.56 7.49
CA PRO I 63 -85.09 -82.38 6.10
C PRO I 63 -85.41 -81.02 5.48
N VAL I 64 -85.81 -80.03 6.28
CA VAL I 64 -86.30 -78.71 5.87
C VAL I 64 -87.38 -78.80 4.79
N PRO I 65 -88.60 -79.31 5.08
CA PRO I 65 -89.73 -78.95 4.20
C PRO I 65 -90.39 -77.64 4.57
N SER I 66 -90.52 -77.38 5.88
CA SER I 66 -91.32 -76.28 6.41
C SER I 66 -90.65 -75.65 7.61
N LEU I 67 -89.35 -75.34 7.48
CA LEU I 67 -88.58 -74.83 8.61
C LEU I 67 -89.03 -73.44 9.04
N ALA I 68 -89.59 -72.65 8.11
CA ALA I 68 -90.08 -71.31 8.46
C ALA I 68 -91.26 -71.39 9.42
N GLY I 69 -92.18 -72.33 9.19
CA GLY I 69 -93.20 -72.60 10.17
C GLY I 69 -92.68 -73.33 11.40
N PHE I 70 -91.60 -74.10 11.22
CA PHE I 70 -91.02 -74.84 12.33
C PHE I 70 -90.24 -73.94 13.29
N HIS I 71 -89.90 -72.72 12.87
CA HIS I 71 -89.15 -71.81 13.71
C HIS I 71 -89.96 -71.38 14.93
N LYS I 72 -91.22 -71.00 14.72
CA LYS I 72 -92.09 -70.68 15.85
C LYS I 72 -92.57 -71.95 16.57
N VAL I 73 -92.50 -73.10 15.90
CA VAL I 73 -92.74 -74.36 16.58
C VAL I 73 -91.62 -74.64 17.58
N GLN I 74 -90.39 -74.29 17.21
CA GLN I 74 -89.20 -74.59 18.02
C GLN I 74 -89.25 -73.90 19.38
N THR I 75 -89.62 -72.61 19.40
CA THR I 75 -89.60 -71.86 20.65
C THR I 75 -90.73 -72.27 21.58
N LYS I 76 -91.86 -72.75 21.02
CA LYS I 76 -92.94 -73.22 21.86
C LYS I 76 -92.63 -74.60 22.42
N LEU I 77 -91.96 -75.45 21.63
CA LEU I 77 -91.69 -76.83 22.00
C LEU I 77 -90.68 -76.95 23.13
N THR I 78 -89.96 -75.87 23.44
CA THR I 78 -88.90 -75.90 24.45
C THR I 78 -89.46 -76.18 25.85
N ARG I 79 -90.47 -75.43 26.28
CA ARG I 79 -90.89 -75.45 27.68
C ARG I 79 -91.60 -76.74 28.07
N GLU I 80 -92.06 -77.55 27.12
CA GLU I 80 -92.70 -78.81 27.43
C GLU I 80 -91.79 -80.01 27.20
N LEU I 81 -90.49 -79.79 27.02
CA LEU I 81 -89.61 -80.92 26.71
C LEU I 81 -88.62 -81.25 27.81
N GLU I 82 -88.13 -80.26 28.58
CA GLU I 82 -87.31 -80.60 29.73
C GLU I 82 -88.14 -81.04 30.93
N LYS I 83 -89.47 -80.95 30.86
CA LYS I 83 -90.29 -81.53 31.91
C LYS I 83 -90.30 -83.05 31.85
N LYS I 84 -89.93 -83.63 30.72
CA LYS I 84 -89.64 -85.06 30.62
C LYS I 84 -88.17 -85.36 30.38
N PHE I 85 -87.47 -84.48 29.66
CA PHE I 85 -86.02 -84.58 29.51
C PHE I 85 -85.33 -83.68 30.53
N GLN I 86 -85.61 -83.96 31.80
CA GLN I 86 -84.89 -83.30 32.88
C GLN I 86 -83.43 -83.73 32.88
N ASP I 87 -82.57 -82.78 33.26
CA ASP I 87 -81.10 -82.90 33.19
C ASP I 87 -80.62 -83.24 31.78
N ARG I 88 -81.32 -82.73 30.77
CA ARG I 88 -81.02 -82.99 29.37
C ARG I 88 -81.12 -81.68 28.59
N HIS I 89 -80.48 -81.64 27.43
CA HIS I 89 -80.63 -80.52 26.53
C HIS I 89 -80.81 -81.05 25.11
N VAL I 90 -81.72 -80.42 24.37
CA VAL I 90 -82.03 -80.83 23.01
C VAL I 90 -81.90 -79.60 22.10
N ILE I 91 -81.35 -79.83 20.91
CA ILE I 91 -81.19 -78.78 19.92
C ILE I 91 -81.82 -79.28 18.63
N PHE I 92 -82.52 -78.38 17.94
CA PHE I 92 -83.40 -78.75 16.84
C PHE I 92 -82.73 -78.29 15.55
N LEU I 93 -82.11 -79.21 14.84
CA LEU I 93 -81.20 -78.87 13.73
C LEU I 93 -81.63 -79.53 12.42
N ALA I 94 -80.73 -79.48 11.44
CA ALA I 94 -80.95 -80.02 10.11
C ALA I 94 -79.60 -80.29 9.46
N GLU I 95 -79.63 -80.81 8.23
CA GLU I 95 -78.42 -81.01 7.45
C GLU I 95 -78.69 -80.60 6.01
N ARG I 96 -77.70 -79.98 5.38
CA ARG I 96 -77.79 -79.55 3.99
C ARG I 96 -76.55 -80.00 3.22
N ARG I 97 -76.72 -80.16 1.92
CA ARG I 97 -75.63 -80.58 1.04
C ARG I 97 -74.88 -79.39 0.47
N THR I 117 -66.81 -71.88 -0.14
CA THR I 117 -68.25 -72.05 -0.28
C THR I 117 -68.79 -72.98 0.80
N LEU I 118 -68.03 -74.03 1.11
CA LEU I 118 -68.43 -74.97 2.15
C LEU I 118 -68.42 -74.32 3.52
N THR I 119 -67.45 -73.44 3.77
CA THR I 119 -67.48 -72.67 5.00
C THR I 119 -68.60 -71.63 4.97
N ALA I 120 -68.93 -71.12 3.78
CA ALA I 120 -70.08 -70.23 3.65
C ALA I 120 -71.38 -71.00 3.86
N VAL I 121 -71.38 -72.30 3.59
CA VAL I 121 -72.49 -73.14 4.00
C VAL I 121 -72.51 -73.28 5.53
N HIS I 122 -71.32 -73.41 6.13
CA HIS I 122 -71.19 -73.82 7.54
C HIS I 122 -71.79 -72.81 8.50
N ASP I 123 -71.74 -71.52 8.16
CA ASP I 123 -72.26 -70.51 9.09
C ASP I 123 -73.78 -70.48 9.07
N LYS I 124 -74.41 -71.08 8.06
CA LYS I 124 -75.87 -71.17 8.04
C LYS I 124 -76.39 -72.14 9.09
N ILE I 125 -75.76 -73.31 9.23
CA ILE I 125 -76.19 -74.25 10.26
C ILE I 125 -75.87 -73.70 11.66
N LEU I 126 -74.88 -72.81 11.78
CA LEU I 126 -74.66 -72.11 13.04
C LEU I 126 -75.83 -71.21 13.41
N GLU I 127 -76.38 -70.46 12.45
CA GLU I 127 -77.41 -69.49 12.82
C GLU I 127 -78.79 -70.14 12.94
N ASP I 128 -79.00 -71.33 12.39
CA ASP I 128 -80.16 -72.11 12.78
C ASP I 128 -79.96 -72.77 14.14
N LEU I 129 -78.71 -73.03 14.52
CA LEU I 129 -78.41 -73.57 15.84
C LEU I 129 -78.69 -72.55 16.93
N VAL I 130 -78.41 -71.28 16.65
CA VAL I 130 -78.46 -70.23 17.67
C VAL I 130 -79.65 -69.30 17.48
N PHE I 131 -80.66 -69.71 16.70
CA PHE I 131 -81.81 -68.86 16.42
C PHE I 131 -82.57 -68.36 17.66
N PRO I 132 -82.77 -69.12 18.74
CA PRO I 132 -83.10 -68.45 20.01
C PRO I 132 -81.95 -67.54 20.45
N THR I 133 -82.24 -66.24 20.52
CA THR I 133 -81.28 -65.16 20.79
C THR I 133 -80.12 -65.20 19.79
N GLU I 134 -80.47 -64.87 18.55
CA GLU I 134 -79.53 -64.96 17.43
C GLU I 134 -78.38 -63.97 17.59
N ILE I 135 -77.19 -64.40 17.15
CA ILE I 135 -75.98 -63.61 17.33
C ILE I 135 -75.97 -62.35 16.47
N VAL I 136 -75.09 -61.43 16.85
CA VAL I 136 -74.92 -60.16 16.11
C VAL I 136 -73.49 -59.93 15.64
N GLY I 137 -72.53 -60.76 16.04
CA GLY I 137 -71.16 -60.48 15.67
C GLY I 137 -70.28 -61.72 15.71
N LYS I 138 -69.18 -61.67 14.95
CA LYS I 138 -68.25 -62.77 14.81
C LYS I 138 -66.81 -62.24 14.90
N ARG I 139 -65.93 -63.05 15.48
CA ARG I 139 -64.60 -62.61 15.92
C ARG I 139 -63.60 -63.74 15.70
N VAL I 140 -62.40 -63.44 15.17
CA VAL I 140 -61.25 -64.35 15.27
C VAL I 140 -60.05 -63.57 15.77
N ARG I 141 -59.03 -64.29 16.22
CA ARG I 141 -57.73 -63.67 16.46
C ARG I 141 -56.62 -64.59 15.97
N TYR I 142 -55.56 -64.02 15.42
CA TYR I 142 -54.42 -64.82 14.98
C TYR I 142 -53.30 -64.58 15.98
N LEU I 143 -52.96 -65.61 16.75
CA LEU I 143 -52.11 -65.44 17.92
C LEU I 143 -50.64 -65.65 17.61
N VAL I 144 -49.82 -65.28 18.60
CA VAL I 144 -48.37 -65.23 18.44
C VAL I 144 -47.73 -66.60 18.28
N GLY I 145 -48.45 -67.69 18.57
CA GLY I 145 -47.98 -69.02 18.27
C GLY I 145 -48.24 -69.48 16.85
N GLY I 146 -48.78 -68.61 16.00
CA GLY I 146 -49.11 -68.96 14.64
C GLY I 146 -50.46 -69.65 14.46
N ASN I 147 -51.20 -69.87 15.54
CA ASN I 147 -52.45 -70.60 15.50
C ASN I 147 -53.64 -69.64 15.49
N LYS I 148 -54.83 -70.21 15.66
CA LYS I 148 -56.08 -69.49 15.43
C LYS I 148 -57.06 -69.76 16.55
N ILE I 149 -57.72 -68.70 17.03
CA ILE I 149 -58.87 -68.81 17.91
C ILE I 149 -60.00 -68.02 17.26
N GLN I 150 -61.24 -68.38 17.57
CA GLN I 150 -62.37 -67.67 17.02
C GLN I 150 -63.56 -67.70 17.97
N LYS I 151 -64.21 -66.53 18.09
CA LYS I 151 -65.11 -66.17 19.17
C LYS I 151 -66.40 -65.61 18.55
N VAL I 152 -67.53 -65.89 19.20
CA VAL I 152 -68.84 -65.54 18.67
C VAL I 152 -69.50 -64.56 19.63
N LEU I 153 -69.99 -63.44 19.09
CA LEU I 153 -70.62 -62.38 19.88
C LEU I 153 -72.12 -62.60 19.90
N LEU I 154 -72.68 -62.73 21.10
CA LEU I 154 -74.03 -63.24 21.32
C LEU I 154 -75.04 -62.10 21.51
N ASP I 155 -76.25 -62.48 21.91
CA ASP I 155 -77.37 -61.58 22.09
C ASP I 155 -77.73 -61.51 23.57
N SER I 156 -78.13 -60.33 24.04
CA SER I 156 -78.31 -60.04 25.46
C SER I 156 -79.77 -60.03 25.90
N LYS I 157 -80.61 -60.91 25.35
CA LYS I 157 -82.02 -60.97 25.73
C LYS I 157 -82.29 -62.31 26.40
N ASP I 158 -82.56 -62.28 27.70
CA ASP I 158 -82.95 -63.44 28.53
C ASP I 158 -81.86 -64.52 28.44
N VAL I 159 -80.73 -64.20 29.08
CA VAL I 159 -79.51 -64.99 28.94
C VAL I 159 -79.30 -65.94 30.11
N GLN I 160 -80.30 -66.15 30.96
CA GLN I 160 -80.10 -66.91 32.19
C GLN I 160 -80.15 -68.41 31.96
N GLN I 161 -80.41 -68.85 30.73
CA GLN I 161 -80.32 -70.28 30.43
C GLN I 161 -79.12 -70.58 29.55
N ILE I 162 -78.72 -69.64 28.68
CA ILE I 162 -77.65 -69.90 27.72
C ILE I 162 -76.30 -70.02 28.41
N ASP I 163 -76.11 -69.32 29.54
CA ASP I 163 -74.86 -69.45 30.30
C ASP I 163 -74.65 -70.87 30.84
N TYR I 164 -75.73 -71.56 31.21
CA TYR I 164 -75.67 -72.97 31.57
C TYR I 164 -75.58 -73.89 30.36
N LYS I 165 -75.80 -73.38 29.14
CA LYS I 165 -75.89 -74.23 27.97
C LYS I 165 -75.20 -73.68 26.73
N LEU I 166 -74.39 -72.62 26.85
CA LEU I 166 -73.57 -72.24 25.70
C LEU I 166 -72.44 -73.25 25.47
N GLU I 167 -72.09 -74.02 26.50
CA GLU I 167 -71.21 -75.18 26.31
C GLU I 167 -71.87 -76.23 25.43
N SER I 168 -73.20 -76.28 25.41
CA SER I 168 -73.89 -77.25 24.57
C SER I 168 -73.82 -76.87 23.09
N PHE I 169 -73.96 -75.59 22.76
CA PHE I 169 -73.73 -75.20 21.37
C PHE I 169 -72.25 -75.16 21.04
N GLN I 170 -71.38 -75.13 22.05
CA GLN I 170 -69.96 -75.38 21.80
C GLN I 170 -69.74 -76.82 21.36
N ALA I 171 -70.35 -77.77 22.08
CA ALA I 171 -69.99 -79.17 21.92
C ALA I 171 -70.59 -79.82 20.69
N VAL I 172 -71.62 -79.22 20.08
CA VAL I 172 -72.25 -79.87 18.94
C VAL I 172 -71.40 -79.70 17.69
N TYR I 173 -70.70 -78.57 17.57
CA TYR I 173 -70.11 -78.21 16.29
C TYR I 173 -68.69 -78.72 16.11
N ASN I 174 -67.90 -78.84 17.19
CA ASN I 174 -66.63 -79.54 17.05
C ASN I 174 -66.86 -81.03 16.89
N LYS I 175 -67.98 -81.53 17.41
CA LYS I 175 -68.43 -82.86 17.02
C LYS I 175 -68.89 -82.87 15.57
N LEU I 176 -69.49 -81.78 15.11
CA LEU I 176 -69.89 -81.69 13.71
C LEU I 176 -68.69 -81.49 12.79
N THR I 177 -67.79 -80.57 13.13
CA THR I 177 -66.65 -80.25 12.28
C THR I 177 -65.32 -80.58 12.92
N GLY I 178 -65.00 -80.00 14.08
CA GLY I 178 -63.70 -80.17 14.67
C GLY I 178 -63.04 -78.87 15.11
N LYS I 179 -63.48 -77.76 14.53
CA LYS I 179 -62.92 -76.46 14.85
C LYS I 179 -63.45 -75.94 16.17
N GLN I 180 -62.56 -75.37 16.99
CA GLN I 180 -62.89 -75.01 18.36
C GLN I 180 -63.44 -73.59 18.40
N ILE I 181 -64.63 -73.43 18.98
CA ILE I 181 -65.31 -72.16 18.97
C ILE I 181 -65.26 -71.57 20.38
N VAL I 182 -65.43 -70.25 20.46
CA VAL I 182 -65.66 -69.55 21.73
C VAL I 182 -66.96 -68.77 21.61
N PHE I 183 -67.76 -68.77 22.67
CA PHE I 183 -68.90 -67.89 22.83
C PHE I 183 -68.69 -67.01 24.05
N GLU I 184 -69.16 -65.76 23.96
CA GLU I 184 -69.17 -64.88 25.12
C GLU I 184 -70.27 -63.84 24.95
N ILE I 185 -71.09 -63.68 25.99
CA ILE I 185 -72.18 -62.71 25.99
C ILE I 185 -71.60 -61.31 26.10
N PRO I 186 -72.30 -60.28 25.62
CA PRO I 186 -71.82 -58.90 25.79
C PRO I 186 -71.64 -58.45 27.23
N SER I 187 -72.51 -58.88 28.14
CA SER I 187 -72.38 -58.46 29.53
C SER I 187 -71.70 -59.53 30.36
N GLY J 2 -27.56 -82.85 -80.31
CA GLY J 2 -27.89 -81.96 -79.22
C GLY J 2 -29.09 -82.43 -78.41
N ILE J 3 -29.49 -83.68 -78.61
CA ILE J 3 -30.63 -84.23 -77.89
C ILE J 3 -30.22 -84.56 -76.47
N SER J 4 -31.18 -84.48 -75.55
CA SER J 4 -30.93 -84.68 -74.13
C SER J 4 -31.50 -86.01 -73.67
N ARG J 5 -30.68 -86.77 -72.94
CA ARG J 5 -31.14 -87.97 -72.25
C ARG J 5 -31.14 -87.76 -70.73
N ASP J 6 -30.85 -86.54 -70.27
CA ASP J 6 -30.66 -86.23 -68.86
C ASP J 6 -31.97 -86.38 -68.09
N SER J 7 -31.83 -86.75 -66.81
CA SER J 7 -32.97 -86.99 -65.95
C SER J 7 -33.51 -85.74 -65.27
N ARG J 8 -32.72 -84.69 -65.15
CA ARG J 8 -33.19 -83.51 -64.42
C ARG J 8 -34.04 -82.58 -65.27
N HIS J 9 -34.18 -82.87 -66.57
CA HIS J 9 -35.02 -82.04 -67.43
C HIS J 9 -36.50 -82.23 -67.11
N LYS J 10 -36.87 -83.40 -66.61
CA LYS J 10 -38.26 -83.76 -66.37
C LYS J 10 -38.84 -82.98 -65.20
N ARG J 11 -40.15 -83.09 -65.04
CA ARG J 11 -40.82 -82.60 -63.85
C ARG J 11 -40.79 -83.67 -62.76
N SER J 12 -40.95 -83.22 -61.51
CA SER J 12 -40.90 -84.13 -60.37
C SER J 12 -42.21 -84.92 -60.26
N ALA J 13 -42.27 -85.79 -59.25
CA ALA J 13 -43.51 -86.51 -58.95
C ALA J 13 -44.62 -85.54 -58.54
N THR J 14 -44.27 -84.54 -57.75
CA THR J 14 -45.17 -83.41 -57.55
C THR J 14 -45.29 -82.58 -58.82
N GLY J 15 -44.20 -82.44 -59.55
CA GLY J 15 -44.18 -81.53 -60.68
C GLY J 15 -43.42 -80.25 -60.39
N ALA J 16 -42.23 -80.39 -59.81
CA ALA J 16 -41.40 -79.24 -59.48
C ALA J 16 -40.98 -78.48 -60.74
N LYS J 17 -40.77 -77.18 -60.57
CA LYS J 17 -40.80 -76.25 -61.70
C LYS J 17 -39.40 -75.97 -62.22
N ARG J 18 -38.75 -77.04 -62.71
CA ARG J 18 -37.59 -76.98 -63.61
C ARG J 18 -36.41 -76.22 -63.00
N ALA J 19 -35.81 -76.86 -61.98
CA ALA J 19 -34.87 -76.22 -61.07
C ALA J 19 -33.62 -75.65 -61.76
N GLN J 20 -33.28 -76.13 -62.96
CA GLN J 20 -32.22 -75.59 -63.83
C GLN J 20 -30.85 -75.61 -63.13
N PHE J 21 -30.37 -76.83 -62.90
CA PHE J 21 -29.11 -76.98 -62.16
C PHE J 21 -27.92 -76.94 -63.11
N ARG J 22 -27.85 -77.86 -64.07
CA ARG J 22 -26.75 -77.92 -65.02
C ARG J 22 -27.23 -77.53 -66.41
N LYS J 23 -26.26 -77.40 -67.31
CA LYS J 23 -26.47 -77.49 -68.74
C LYS J 23 -25.89 -78.82 -69.21
N LYS J 24 -25.85 -79.01 -70.53
CA LYS J 24 -25.47 -80.30 -71.08
C LYS J 24 -23.97 -80.51 -70.99
N ARG J 25 -23.56 -81.73 -70.67
CA ARG J 25 -22.17 -82.15 -70.58
C ARG J 25 -21.90 -83.26 -71.60
N LYS J 26 -20.71 -83.83 -71.52
CA LYS J 26 -20.36 -84.92 -72.44
C LYS J 26 -21.05 -86.23 -72.04
N PHE J 27 -21.25 -86.44 -70.73
CA PHE J 27 -21.72 -87.72 -70.22
C PHE J 27 -23.18 -88.05 -70.54
N GLU J 28 -24.06 -87.08 -70.77
CA GLU J 28 -25.47 -87.40 -71.00
C GLU J 28 -25.81 -87.16 -72.47
N LEU J 29 -24.86 -87.47 -73.34
CA LEU J 29 -24.94 -87.13 -74.76
C LEU J 29 -26.02 -87.97 -75.42
N GLY J 30 -27.23 -87.42 -75.51
CA GLY J 30 -28.31 -88.08 -76.20
C GLY J 30 -28.06 -88.04 -77.68
N ARG J 31 -27.71 -89.19 -78.25
CA ARG J 31 -27.28 -89.25 -79.63
C ARG J 31 -28.47 -89.13 -80.57
N GLN J 32 -28.16 -88.93 -81.85
CA GLN J 32 -29.17 -88.79 -82.88
C GLN J 32 -29.89 -90.12 -83.11
N PRO J 33 -31.16 -90.08 -83.54
CA PRO J 33 -31.81 -91.32 -83.97
C PRO J 33 -31.25 -91.74 -85.31
N ALA J 34 -30.55 -92.88 -85.33
CA ALA J 34 -29.91 -93.36 -86.55
C ALA J 34 -30.86 -94.30 -87.28
N ASN J 35 -31.87 -93.72 -87.91
CA ASN J 35 -32.78 -94.51 -88.72
C ASN J 35 -32.09 -94.94 -90.01
N THR J 36 -32.30 -96.19 -90.38
CA THR J 36 -31.65 -96.81 -91.52
C THR J 36 -32.61 -96.82 -92.71
N LYS J 37 -32.21 -97.55 -93.76
CA LYS J 37 -33.09 -97.92 -94.86
C LYS J 37 -32.50 -99.16 -95.52
N ILE J 38 -33.20 -99.66 -96.52
CA ILE J 38 -32.67 -100.76 -97.32
C ILE J 38 -31.76 -100.23 -98.41
N GLY J 39 -30.81 -101.04 -98.81
CA GLY J 39 -29.85 -100.68 -99.84
C GLY J 39 -28.50 -101.28 -99.53
N ALA J 40 -27.49 -100.80 -100.28
CA ALA J 40 -26.13 -101.34 -100.16
C ALA J 40 -25.51 -100.98 -98.81
N LYS J 41 -24.85 -101.96 -98.20
CA LYS J 41 -24.51 -101.93 -96.78
C LYS J 41 -23.52 -100.82 -96.43
N ARG J 42 -23.83 -100.07 -95.38
CA ARG J 42 -23.01 -98.95 -94.93
C ARG J 42 -22.83 -99.02 -93.42
N ILE J 43 -21.60 -98.79 -92.97
CA ILE J 43 -21.22 -98.96 -91.56
C ILE J 43 -20.59 -97.66 -91.06
N HIS J 44 -21.03 -97.20 -89.88
CA HIS J 44 -20.39 -96.12 -89.16
C HIS J 44 -19.84 -96.69 -87.85
N SER J 45 -18.58 -96.37 -87.55
CA SER J 45 -17.98 -96.70 -86.27
C SER J 45 -18.03 -95.46 -85.37
N VAL J 46 -18.60 -95.61 -84.18
CA VAL J 46 -18.77 -94.51 -83.24
C VAL J 46 -18.05 -94.87 -81.95
N ARG J 47 -17.15 -93.99 -81.51
CA ARG J 47 -16.35 -94.20 -80.31
C ARG J 47 -17.04 -93.52 -79.12
N THR J 48 -17.54 -94.32 -78.19
CA THR J 48 -18.09 -93.82 -76.94
C THR J 48 -17.39 -94.48 -75.76
N ARG J 49 -17.28 -93.73 -74.66
CA ARG J 49 -16.69 -94.18 -73.40
C ARG J 49 -15.26 -94.67 -73.55
N GLY J 50 -14.52 -94.09 -74.49
CA GLY J 50 -13.13 -94.45 -74.69
C GLY J 50 -12.91 -95.64 -75.58
N GLY J 51 -13.39 -96.82 -75.17
CA GLY J 51 -13.06 -98.03 -75.90
C GLY J 51 -14.24 -98.87 -76.35
N ASN J 52 -15.45 -98.33 -76.25
CA ASN J 52 -16.65 -99.01 -76.73
C ASN J 52 -16.96 -98.49 -78.13
N LYS J 53 -16.99 -99.40 -79.09
CA LYS J 53 -17.17 -99.07 -80.51
C LYS J 53 -18.57 -99.50 -80.94
N LYS J 54 -19.50 -98.55 -80.92
CA LYS J 54 -20.84 -98.82 -81.41
C LYS J 54 -20.85 -98.85 -82.94
N TYR J 55 -21.73 -99.67 -83.50
CA TYR J 55 -21.79 -99.89 -84.94
C TYR J 55 -23.13 -99.38 -85.46
N ARG J 56 -23.13 -98.21 -86.10
CA ARG J 56 -24.33 -97.63 -86.66
C ARG J 56 -24.58 -98.22 -88.05
N ALA J 57 -25.70 -98.94 -88.19
CA ALA J 57 -26.09 -99.50 -89.48
C ALA J 57 -26.97 -98.49 -90.21
N LEU J 58 -26.43 -97.89 -91.27
CA LEU J 58 -27.16 -96.88 -92.02
C LEU J 58 -27.94 -97.46 -93.18
N ARG J 59 -27.37 -98.42 -93.89
CA ARG J 59 -28.08 -99.13 -94.95
C ARG J 59 -27.71 -100.59 -94.83
N ILE J 60 -28.66 -101.49 -95.11
CA ILE J 60 -28.44 -102.90 -94.86
C ILE J 60 -29.28 -103.65 -95.92
N GLU J 61 -28.78 -104.78 -96.40
CA GLU J 61 -29.43 -105.50 -97.50
C GLU J 61 -29.76 -106.97 -97.20
N THR J 62 -29.16 -107.59 -96.18
CA THR J 62 -29.44 -108.97 -95.85
C THR J 62 -29.36 -109.19 -94.35
N GLY J 63 -29.86 -110.33 -93.90
CA GLY J 63 -29.92 -110.60 -92.48
C GLY J 63 -29.85 -112.07 -92.14
N ASN J 64 -29.63 -112.35 -90.86
CA ASN J 64 -29.55 -113.71 -90.32
C ASN J 64 -30.83 -113.97 -89.54
N PHE J 65 -31.80 -114.57 -90.22
CA PHE J 65 -33.13 -114.80 -89.65
C PHE J 65 -33.31 -116.31 -89.45
N SER J 66 -33.83 -116.66 -88.29
CA SER J 66 -33.92 -118.04 -87.84
C SER J 66 -35.29 -118.61 -88.15
N TRP J 67 -35.39 -119.94 -88.10
CA TRP J 67 -36.68 -120.62 -88.25
C TRP J 67 -36.65 -121.57 -87.05
N ALA J 68 -37.54 -121.36 -86.09
CA ALA J 68 -37.44 -122.02 -84.79
C ALA J 68 -37.89 -123.48 -84.78
N SER J 69 -38.65 -123.94 -85.80
CA SER J 69 -39.24 -125.28 -85.71
C SER J 69 -38.19 -126.36 -85.91
N GLU J 70 -37.12 -126.06 -86.64
CA GLU J 70 -35.96 -126.93 -86.72
C GLU J 70 -34.69 -126.27 -86.21
N GLY J 71 -34.69 -124.95 -86.01
CA GLY J 71 -33.52 -124.27 -85.49
C GLY J 71 -32.41 -124.10 -86.51
N ILE J 72 -32.66 -123.31 -87.56
CA ILE J 72 -31.65 -123.05 -88.57
C ILE J 72 -31.85 -121.63 -89.10
N SER J 73 -30.76 -121.04 -89.60
CA SER J 73 -30.76 -119.67 -90.09
C SER J 73 -29.72 -119.54 -91.18
N LYS J 74 -30.13 -119.01 -92.33
CA LYS J 74 -29.23 -118.72 -93.43
C LYS J 74 -29.25 -117.22 -93.74
N LYS J 75 -28.60 -116.85 -94.83
CA LYS J 75 -28.52 -115.47 -95.25
C LYS J 75 -29.56 -115.20 -96.32
N THR J 76 -30.44 -114.24 -96.07
CA THR J 76 -31.59 -113.99 -96.93
C THR J 76 -31.60 -112.54 -97.39
N ARG J 77 -31.88 -112.33 -98.67
CA ARG J 77 -31.93 -110.99 -99.23
C ARG J 77 -33.25 -110.32 -98.87
N ILE J 78 -33.17 -109.06 -98.46
CA ILE J 78 -34.31 -108.33 -97.92
C ILE J 78 -35.22 -107.90 -99.07
N ALA J 79 -36.49 -107.68 -98.76
CA ALA J 79 -37.43 -107.15 -99.73
C ALA J 79 -38.08 -105.85 -99.29
N GLY J 80 -38.67 -105.82 -98.10
CA GLY J 80 -39.35 -104.61 -97.64
C GLY J 80 -40.24 -104.84 -96.43
N VAL J 81 -40.33 -103.83 -95.57
CA VAL J 81 -41.13 -103.95 -94.36
C VAL J 81 -42.60 -103.74 -94.69
N VAL J 82 -43.48 -104.45 -93.97
CA VAL J 82 -44.92 -104.33 -94.18
C VAL J 82 -45.66 -103.90 -92.91
N TYR J 83 -45.09 -104.12 -91.72
CA TYR J 83 -45.77 -103.70 -90.50
C TYR J 83 -44.75 -103.49 -89.40
N HIS J 84 -45.02 -102.49 -88.56
CA HIS J 84 -44.28 -102.26 -87.34
C HIS J 84 -45.33 -102.02 -86.26
N PRO J 85 -45.13 -102.53 -85.04
CA PRO J 85 -46.15 -102.36 -84.01
C PRO J 85 -46.23 -100.95 -83.45
N SER J 86 -45.09 -100.31 -83.22
CA SER J 86 -45.06 -99.02 -82.54
C SER J 86 -45.16 -97.83 -83.49
N ASN J 87 -45.18 -98.06 -84.80
CA ASN J 87 -45.22 -96.94 -85.74
C ASN J 87 -45.82 -97.41 -87.05
N ASN J 88 -46.29 -96.45 -87.84
CA ASN J 88 -46.92 -96.75 -89.13
C ASN J 88 -46.20 -96.05 -90.28
N GLU J 89 -45.75 -94.80 -90.07
CA GLU J 89 -44.98 -94.13 -91.09
C GLU J 89 -43.55 -94.65 -91.16
N LEU J 90 -43.13 -95.38 -90.13
CA LEU J 90 -41.85 -96.09 -90.16
C LEU J 90 -41.87 -97.15 -91.26
N VAL J 91 -43.03 -97.77 -91.48
CA VAL J 91 -43.20 -98.76 -92.53
C VAL J 91 -43.10 -98.11 -93.91
N ARG J 92 -43.77 -96.96 -94.08
CA ARG J 92 -43.72 -96.25 -95.36
C ARG J 92 -42.32 -95.72 -95.64
N THR J 93 -41.57 -95.36 -94.58
CA THR J 93 -40.18 -94.96 -94.73
C THR J 93 -39.31 -96.16 -95.12
N ASN J 94 -39.75 -97.37 -94.77
CA ASN J 94 -39.00 -98.62 -94.91
C ASN J 94 -37.64 -98.52 -94.22
N THR J 95 -37.70 -98.21 -92.92
CA THR J 95 -36.55 -98.19 -92.04
C THR J 95 -36.69 -99.35 -91.05
N LEU J 96 -35.66 -100.18 -90.99
CA LEU J 96 -35.73 -101.44 -90.27
C LEU J 96 -35.18 -101.20 -88.86
N THR J 97 -36.08 -101.11 -87.89
CA THR J 97 -35.73 -101.11 -86.48
C THR J 97 -36.06 -102.49 -85.91
N LYS J 98 -35.95 -102.64 -84.59
CA LYS J 98 -36.27 -103.89 -83.92
C LYS J 98 -37.76 -104.20 -84.04
N ALA J 99 -38.07 -105.50 -84.07
CA ALA J 99 -39.43 -106.06 -84.11
C ALA J 99 -40.24 -105.58 -85.32
N ALA J 100 -39.59 -105.25 -86.43
CA ALA J 100 -40.30 -104.85 -87.63
C ALA J 100 -40.51 -106.04 -88.55
N ILE J 101 -41.71 -106.15 -89.12
CA ILE J 101 -42.12 -107.30 -89.90
C ILE J 101 -41.83 -107.02 -91.36
N VAL J 102 -40.79 -107.66 -91.88
CA VAL J 102 -40.21 -107.34 -93.17
C VAL J 102 -40.25 -108.59 -94.06
N GLN J 103 -40.52 -108.37 -95.34
CA GLN J 103 -40.55 -109.43 -96.33
C GLN J 103 -39.14 -109.80 -96.79
N ILE J 104 -38.97 -111.08 -97.12
CA ILE J 104 -37.76 -111.59 -97.76
C ILE J 104 -38.17 -112.61 -98.82
N ASP J 105 -37.22 -112.94 -99.69
CA ASP J 105 -37.36 -114.01 -100.67
C ASP J 105 -36.42 -115.11 -100.21
N ALA J 106 -36.92 -115.99 -99.35
CA ALA J 106 -36.09 -117.03 -98.72
C ALA J 106 -35.91 -118.23 -99.64
N THR J 107 -35.34 -118.01 -100.80
CA THR J 107 -34.89 -119.06 -101.70
C THR J 107 -33.88 -120.06 -101.08
N PRO J 108 -32.84 -119.67 -100.30
CA PRO J 108 -31.98 -120.73 -99.75
C PRO J 108 -32.63 -121.49 -98.61
N PHE J 109 -33.68 -120.93 -97.99
CA PHE J 109 -34.50 -121.71 -97.08
C PHE J 109 -35.22 -122.83 -97.82
N ARG J 110 -35.75 -122.53 -99.01
CA ARG J 110 -36.31 -123.56 -99.87
C ARG J 110 -35.24 -124.52 -100.35
N GLN J 111 -34.06 -123.99 -100.70
CA GLN J 111 -32.97 -124.83 -101.18
C GLN J 111 -32.45 -125.74 -100.07
N TRP J 112 -32.44 -125.26 -98.83
CA TRP J 112 -32.11 -126.14 -97.71
C TRP J 112 -33.19 -127.19 -97.50
N PHE J 113 -34.45 -126.79 -97.69
CA PHE J 113 -35.59 -127.69 -97.49
C PHE J 113 -35.55 -128.84 -98.49
N GLU J 114 -35.21 -128.55 -99.75
CA GLU J 114 -35.06 -129.61 -100.74
C GLU J 114 -33.82 -130.44 -100.46
N ALA J 115 -32.77 -129.82 -99.91
CA ALA J 115 -31.55 -130.55 -99.58
C ALA J 115 -31.63 -131.31 -98.27
N HIS J 116 -32.72 -131.14 -97.50
CA HIS J 116 -32.91 -131.91 -96.28
C HIS J 116 -34.09 -132.86 -96.36
N TYR J 117 -35.08 -132.58 -97.21
CA TYR J 117 -36.24 -133.44 -97.37
C TYR J 117 -36.33 -134.06 -98.75
N GLY J 118 -36.20 -133.26 -99.80
CA GLY J 118 -36.29 -133.76 -101.16
C GLY J 118 -37.67 -133.78 -101.76
N GLN J 119 -38.63 -133.08 -101.14
CA GLN J 119 -40.00 -133.02 -101.65
C GLN J 119 -40.38 -131.57 -101.93
N THR J 120 -41.08 -131.37 -103.04
CA THR J 120 -41.57 -130.05 -103.41
C THR J 120 -42.70 -129.62 -102.48
N LEU J 121 -42.98 -128.33 -102.50
CA LEU J 121 -43.92 -127.72 -101.55
C LEU J 121 -45.34 -127.68 -102.10
N GLY J 122 -45.84 -128.81 -102.60
CA GLY J 122 -47.20 -128.92 -103.08
C GLY J 122 -47.53 -128.06 -104.29
N LYS J 123 -46.54 -127.79 -105.14
CA LYS J 123 -46.72 -126.87 -106.25
C LYS J 123 -47.50 -127.53 -107.39
N ALA J 150 -41.58 -132.96 -89.17
CA ALA J 150 -41.71 -133.63 -90.46
C ALA J 150 -42.45 -132.75 -91.45
N LYS J 151 -43.36 -131.92 -90.93
CA LYS J 151 -44.16 -131.04 -91.75
C LYS J 151 -44.31 -129.70 -91.04
N ILE J 152 -44.80 -128.71 -91.79
CA ILE J 152 -45.10 -127.38 -91.26
C ILE J 152 -46.55 -127.07 -91.56
N GLU J 153 -47.11 -126.16 -90.77
CA GLU J 153 -48.52 -125.80 -90.84
C GLU J 153 -48.81 -125.04 -92.14
N SER J 154 -50.10 -125.02 -92.51
CA SER J 154 -50.47 -124.73 -93.89
C SER J 154 -50.39 -123.25 -94.26
N SER J 155 -50.39 -122.35 -93.27
CA SER J 155 -50.50 -120.93 -93.59
C SER J 155 -49.21 -120.32 -94.13
N VAL J 156 -48.08 -121.04 -94.07
CA VAL J 156 -46.88 -120.58 -94.73
C VAL J 156 -46.72 -121.17 -96.12
N GLU J 157 -47.46 -122.22 -96.46
CA GLU J 157 -47.57 -122.69 -97.84
C GLU J 157 -48.30 -121.72 -98.76
N SER J 158 -48.97 -120.70 -98.19
CA SER J 158 -49.60 -119.68 -99.01
C SER J 158 -48.59 -118.81 -99.74
N GLN J 159 -47.33 -118.75 -99.29
CA GLN J 159 -46.41 -117.77 -99.86
C GLN J 159 -44.97 -118.25 -100.08
N PHE J 160 -44.68 -119.56 -100.02
CA PHE J 160 -43.49 -120.02 -100.74
C PHE J 160 -43.72 -119.97 -102.24
N SER J 161 -44.97 -120.17 -102.69
CA SER J 161 -45.30 -119.96 -104.08
C SER J 161 -45.15 -118.49 -104.45
N ALA J 162 -45.56 -117.59 -103.55
CA ALA J 162 -45.32 -116.17 -103.76
C ALA J 162 -43.84 -115.82 -103.59
N GLY J 163 -43.14 -116.56 -102.73
CA GLY J 163 -41.74 -116.27 -102.50
C GLY J 163 -41.48 -115.01 -101.71
N ARG J 164 -42.46 -114.57 -100.92
CA ARG J 164 -42.36 -113.36 -100.11
C ARG J 164 -42.65 -113.76 -98.67
N LEU J 165 -41.62 -114.21 -97.95
CA LEU J 165 -41.79 -114.70 -96.60
C LEU J 165 -41.62 -113.57 -95.60
N TYR J 166 -42.36 -113.64 -94.50
CA TYR J 166 -42.38 -112.58 -93.50
C TYR J 166 -41.38 -112.93 -92.41
N ALA J 167 -40.70 -111.92 -91.88
CA ALA J 167 -39.76 -112.13 -90.78
C ALA J 167 -39.71 -110.88 -89.92
N CYS J 168 -39.40 -111.06 -88.64
CA CYS J 168 -39.26 -109.92 -87.75
C CYS J 168 -37.81 -109.50 -87.68
N ILE J 169 -37.53 -108.55 -86.79
CA ILE J 169 -36.18 -108.12 -86.46
C ILE J 169 -35.95 -108.39 -84.98
N SER J 170 -34.86 -109.08 -84.66
CA SER J 170 -34.58 -109.44 -83.27
C SER J 170 -33.63 -108.45 -82.61
N SER J 171 -32.51 -108.16 -83.26
CA SER J 171 -31.50 -107.28 -82.69
C SER J 171 -31.79 -105.82 -83.03
N ARG J 172 -31.33 -104.92 -82.16
CA ARG J 172 -31.41 -103.50 -82.45
C ARG J 172 -30.32 -103.14 -83.45
N PRO J 173 -30.66 -102.70 -84.66
CA PRO J 173 -29.63 -102.49 -85.69
C PRO J 173 -28.84 -101.21 -85.50
N GLY J 174 -29.32 -100.28 -84.68
CA GLY J 174 -28.67 -98.98 -84.57
C GLY J 174 -27.33 -99.02 -83.88
N GLN J 175 -27.14 -99.97 -82.97
CA GLN J 175 -25.85 -100.13 -82.30
C GLN J 175 -25.13 -101.42 -82.65
N SER J 176 -25.85 -102.42 -83.16
CA SER J 176 -25.20 -103.68 -83.51
C SER J 176 -24.42 -103.58 -84.82
N GLY J 177 -24.93 -102.79 -85.76
CA GLY J 177 -24.43 -102.88 -87.12
C GLY J 177 -24.74 -104.21 -87.78
N ARG J 178 -25.89 -104.80 -87.44
CA ARG J 178 -26.27 -106.11 -87.94
C ARG J 178 -27.78 -106.20 -87.97
N CYS J 179 -28.29 -107.06 -88.84
CA CYS J 179 -29.73 -107.28 -88.98
C CYS J 179 -30.00 -108.75 -88.66
N ASP J 180 -30.79 -108.98 -87.62
CA ASP J 180 -31.13 -110.34 -87.19
C ASP J 180 -32.61 -110.40 -86.85
N GLY J 181 -33.19 -111.59 -87.04
CA GLY J 181 -34.60 -111.78 -86.75
C GLY J 181 -34.91 -113.27 -86.72
N TYR J 182 -36.21 -113.57 -86.83
CA TYR J 182 -36.63 -114.97 -86.97
C TYR J 182 -37.86 -114.99 -87.85
N ILE J 183 -38.14 -116.17 -88.44
CA ILE J 183 -39.37 -116.28 -89.19
C ILE J 183 -40.51 -116.49 -88.19
N LEU J 184 -41.67 -115.96 -88.52
CA LEU J 184 -42.82 -116.01 -87.63
C LEU J 184 -43.42 -117.42 -87.67
N GLU J 185 -44.01 -117.84 -86.54
CA GLU J 185 -44.18 -119.26 -86.26
C GLU J 185 -45.55 -119.54 -85.65
N GLY J 186 -46.45 -120.12 -86.43
CA GLY J 186 -47.73 -120.54 -85.90
C GLY J 186 -48.68 -119.41 -85.56
N GLU J 187 -48.82 -119.12 -84.26
CA GLU J 187 -49.71 -118.03 -83.84
C GLU J 187 -49.12 -116.67 -84.15
N GLU J 188 -47.81 -116.59 -84.45
CA GLU J 188 -47.20 -115.32 -84.81
C GLU J 188 -47.75 -114.78 -86.12
N LEU J 189 -48.07 -115.66 -87.07
CA LEU J 189 -48.88 -115.19 -88.19
C LEU J 189 -50.27 -114.80 -87.74
N ALA J 190 -50.95 -115.70 -87.00
CA ALA J 190 -52.40 -115.60 -86.79
C ALA J 190 -52.76 -114.39 -85.93
N PHE J 191 -51.79 -113.82 -85.25
CA PHE J 191 -51.99 -112.54 -84.59
C PHE J 191 -51.55 -111.38 -85.48
N TYR J 192 -50.56 -111.59 -86.35
CA TYR J 192 -50.05 -110.46 -87.13
C TYR J 192 -50.76 -110.22 -88.46
N LEU J 193 -51.29 -111.23 -89.17
CA LEU J 193 -52.10 -110.82 -90.32
C LEU J 193 -53.46 -110.31 -89.85
N ARG J 194 -53.86 -110.65 -88.63
CA ARG J 194 -54.98 -109.98 -87.99
C ARG J 194 -54.68 -108.50 -87.78
N ARG J 195 -53.45 -108.18 -87.37
CA ARG J 195 -53.04 -106.79 -87.26
C ARG J 195 -52.65 -106.17 -88.59
N LEU J 196 -52.40 -107.00 -89.60
CA LEU J 196 -52.20 -106.46 -90.96
C LEU J 196 -53.51 -105.96 -91.54
N THR J 197 -54.60 -106.67 -91.27
CA THR J 197 -55.92 -106.28 -91.78
C THR J 197 -56.85 -105.93 -90.63
N LYS K 1 -3.14 -51.96 -23.10
CA LYS K 1 -1.69 -52.08 -23.02
C LYS K 1 -1.30 -53.20 -22.07
N THR K 2 0.01 -53.36 -21.86
CA THR K 2 0.49 -54.45 -21.01
C THR K 2 0.34 -54.11 -19.53
N TYR K 3 1.06 -53.08 -19.06
CA TYR K 3 0.90 -52.61 -17.70
C TYR K 3 -0.12 -51.49 -17.66
N SER K 4 -0.77 -51.34 -16.51
CA SER K 4 -1.78 -50.31 -16.32
C SER K 4 -1.34 -49.35 -15.23
N THR K 5 -1.34 -48.07 -15.55
CA THR K 5 -1.13 -47.04 -14.56
C THR K 5 -2.39 -46.91 -13.69
N PRO K 6 -2.25 -46.39 -12.47
CA PRO K 6 -3.44 -46.00 -11.69
C PRO K 6 -4.21 -44.88 -12.37
N LYS K 7 -5.41 -44.63 -11.83
CA LYS K 7 -6.38 -43.75 -12.49
C LYS K 7 -5.91 -42.31 -12.56
N ARG K 8 -5.10 -41.88 -11.59
CA ARG K 8 -4.51 -40.56 -11.60
C ARG K 8 -3.03 -40.69 -11.30
N PRO K 9 -2.14 -40.32 -12.22
CA PRO K 9 -0.72 -40.54 -11.99
C PRO K 9 0.09 -39.44 -11.33
N TYR K 10 -0.51 -38.57 -10.51
CA TYR K 10 0.25 -37.75 -9.58
C TYR K 10 -0.57 -37.59 -8.30
N GLU K 11 0.01 -38.02 -7.19
CA GLU K 11 -0.51 -37.69 -5.87
C GLU K 11 0.66 -37.18 -5.04
N SER K 12 0.33 -36.68 -3.86
CA SER K 12 1.37 -36.39 -2.88
C SER K 12 2.08 -37.67 -2.47
N SER K 13 1.32 -38.73 -2.21
CA SER K 13 1.92 -40.00 -1.81
C SER K 13 2.52 -40.74 -2.98
N ARG K 14 2.03 -40.52 -4.20
CA ARG K 14 2.50 -41.29 -5.35
C ARG K 14 3.86 -40.80 -5.82
N LEU K 15 4.12 -39.50 -5.67
CA LEU K 15 5.39 -38.95 -6.15
C LEU K 15 6.55 -39.39 -5.29
N ASP K 16 6.30 -39.63 -4.00
CA ASP K 16 7.34 -40.25 -3.18
C ASP K 16 7.21 -41.77 -3.09
N ALA K 17 6.18 -42.36 -3.70
CA ALA K 17 6.16 -43.80 -3.87
C ALA K 17 7.21 -44.25 -4.85
N GLU K 18 7.35 -43.49 -5.94
CA GLU K 18 8.40 -43.79 -6.91
C GLU K 18 9.76 -43.36 -6.39
N LEU K 19 9.79 -42.37 -5.50
CA LEU K 19 11.07 -41.88 -4.98
C LEU K 19 11.65 -42.85 -3.95
N LYS K 20 10.80 -43.37 -3.07
CA LYS K 20 11.28 -44.25 -2.01
C LYS K 20 11.63 -45.63 -2.54
N LEU K 21 10.78 -46.18 -3.41
CA LEU K 21 10.96 -47.56 -3.86
C LEU K 21 12.12 -47.69 -4.83
N ALA K 22 12.32 -46.71 -5.70
CA ALA K 22 13.42 -46.79 -6.66
C ALA K 22 14.76 -46.51 -5.99
N GLY K 23 14.77 -45.62 -5.00
CA GLY K 23 16.03 -45.25 -4.38
C GLY K 23 16.61 -46.29 -3.45
N GLU K 24 15.78 -47.16 -2.89
CA GLU K 24 16.27 -48.18 -1.97
C GLU K 24 16.40 -49.54 -2.64
N PHE K 25 15.73 -49.75 -3.76
CA PHE K 25 15.77 -51.03 -4.46
C PHE K 25 16.41 -50.92 -5.83
N GLY K 26 16.93 -49.75 -6.18
CA GLY K 26 17.65 -49.58 -7.43
C GLY K 26 16.79 -49.68 -8.67
N LEU K 27 15.51 -49.33 -8.57
CA LEU K 27 14.62 -49.44 -9.71
C LEU K 27 14.93 -48.36 -10.75
N LYS K 28 14.67 -48.69 -12.01
CA LYS K 28 15.02 -47.78 -13.10
C LYS K 28 14.01 -46.63 -13.19
N ASN K 29 12.72 -46.95 -13.24
CA ASN K 29 11.69 -45.94 -13.41
C ASN K 29 10.39 -46.47 -12.81
N LYS K 30 9.27 -45.86 -13.18
CA LYS K 30 7.96 -46.28 -12.70
C LYS K 30 7.44 -47.53 -13.40
N LYS K 31 8.13 -48.02 -14.43
CA LYS K 31 7.55 -49.03 -15.31
C LYS K 31 7.43 -50.38 -14.61
N GLU K 32 8.53 -50.86 -14.02
CA GLU K 32 8.55 -52.22 -13.47
C GLU K 32 7.92 -52.29 -12.08
N ILE K 33 7.91 -51.19 -11.33
CA ILE K 33 7.16 -51.19 -10.09
C ILE K 33 5.66 -51.22 -10.39
N TYR K 34 5.22 -50.56 -11.46
CA TYR K 34 3.81 -50.65 -11.86
C TYR K 34 3.49 -52.02 -12.45
N ARG K 35 4.47 -52.67 -13.08
CA ARG K 35 4.25 -54.01 -13.61
C ARG K 35 4.03 -55.02 -12.49
N ILE K 36 4.83 -54.94 -11.42
CA ILE K 36 4.67 -55.85 -10.30
C ILE K 36 3.37 -55.55 -9.56
N SER K 37 3.02 -54.27 -9.44
CA SER K 37 1.73 -53.89 -8.86
C SER K 37 0.56 -54.34 -9.73
N PHE K 38 0.78 -54.43 -11.05
CA PHE K 38 -0.23 -55.03 -11.93
C PHE K 38 -0.38 -56.51 -11.65
N GLN K 39 0.73 -57.21 -11.44
CA GLN K 39 0.69 -58.63 -11.12
C GLN K 39 0.12 -58.88 -9.73
N LEU K 40 0.44 -58.01 -8.77
CA LEU K 40 -0.08 -58.16 -7.42
C LEU K 40 -1.56 -57.86 -7.37
N SER K 41 -2.05 -56.97 -8.22
CA SER K 41 -3.48 -56.67 -8.25
C SER K 41 -4.28 -57.83 -8.82
N LYS K 42 -3.70 -58.57 -9.78
CA LYS K 42 -4.35 -59.78 -10.27
C LYS K 42 -4.37 -60.85 -9.20
N ILE K 43 -3.30 -60.93 -8.41
CA ILE K 43 -3.21 -61.94 -7.36
C ILE K 43 -4.20 -61.62 -6.23
N ARG K 44 -4.26 -60.35 -5.83
CA ARG K 44 -5.14 -59.96 -4.73
C ARG K 44 -6.61 -59.98 -5.13
N ARG K 45 -6.92 -59.73 -6.41
CA ARG K 45 -8.30 -59.88 -6.87
C ARG K 45 -8.66 -61.35 -7.02
N ALA K 46 -7.69 -62.20 -7.39
CA ALA K 46 -7.91 -63.63 -7.35
C ALA K 46 -8.00 -64.12 -5.91
N ALA K 47 -7.41 -63.38 -4.96
CA ALA K 47 -7.53 -63.73 -3.56
C ALA K 47 -8.92 -63.40 -3.02
N ARG K 48 -9.65 -62.53 -3.71
CA ARG K 48 -10.98 -62.16 -3.26
C ARG K 48 -11.93 -63.34 -3.39
N ASP K 49 -12.13 -63.79 -4.64
CA ASP K 49 -13.20 -64.74 -4.95
C ASP K 49 -12.87 -66.14 -4.47
N LEU K 50 -11.63 -66.37 -4.09
CA LEU K 50 -11.30 -67.47 -3.19
C LEU K 50 -12.03 -67.32 -1.87
N LEU K 51 -11.99 -66.12 -1.27
CA LEU K 51 -12.36 -65.95 0.12
C LEU K 51 -13.79 -65.47 0.35
N THR K 52 -14.53 -65.12 -0.71
CA THR K 52 -15.94 -64.85 -0.50
C THR K 52 -16.76 -66.11 -0.33
N ARG K 53 -16.19 -67.26 -0.69
CA ARG K 53 -16.81 -68.56 -0.50
C ARG K 53 -16.39 -69.15 0.84
N ASP K 54 -17.02 -70.27 1.18
CA ASP K 54 -16.91 -70.84 2.52
C ASP K 54 -15.89 -71.98 2.60
N GLU K 55 -15.76 -72.55 3.80
CA GLU K 55 -14.93 -73.71 4.03
C GLU K 55 -15.69 -74.97 3.65
N LYS K 56 -14.95 -75.96 3.15
CA LYS K 56 -15.48 -77.14 2.45
C LYS K 56 -16.29 -76.75 1.23
N ASP K 57 -15.88 -75.70 0.55
CA ASP K 57 -16.34 -75.35 -0.79
C ASP K 57 -15.30 -75.81 -1.80
N PRO K 58 -15.72 -76.42 -2.93
CA PRO K 58 -14.74 -76.97 -3.88
C PRO K 58 -13.84 -75.95 -4.56
N LYS K 59 -14.23 -74.68 -4.59
CA LYS K 59 -13.33 -73.69 -5.17
C LYS K 59 -12.29 -73.22 -4.17
N ARG K 60 -12.70 -73.00 -2.91
CA ARG K 60 -11.79 -72.46 -1.92
C ARG K 60 -10.75 -73.49 -1.50
N LEU K 61 -11.09 -74.78 -1.57
CA LEU K 61 -10.18 -75.82 -1.08
C LEU K 61 -9.02 -76.06 -2.04
N PHE K 62 -9.30 -76.13 -3.34
CA PHE K 62 -8.29 -76.64 -4.26
C PHE K 62 -7.25 -75.60 -4.69
N GLU K 63 -7.65 -74.52 -5.35
CA GLU K 63 -6.61 -73.56 -5.70
C GLU K 63 -6.28 -72.62 -4.56
N GLY K 64 -7.08 -72.63 -3.49
CA GLY K 64 -6.68 -71.95 -2.27
C GLY K 64 -5.47 -72.60 -1.63
N ASN K 65 -5.40 -73.93 -1.70
CA ASN K 65 -4.18 -74.64 -1.33
C ASN K 65 -3.08 -74.29 -2.32
N ALA K 66 -3.41 -74.18 -3.60
CA ALA K 66 -2.39 -74.01 -4.62
C ALA K 66 -1.78 -72.62 -4.59
N LEU K 67 -2.60 -71.59 -4.33
CA LEU K 67 -2.12 -70.21 -4.38
C LEU K 67 -1.08 -69.93 -3.30
N ILE K 68 -1.28 -70.47 -2.09
CA ILE K 68 -0.26 -70.36 -1.07
C ILE K 68 0.93 -71.27 -1.41
N ARG K 69 0.67 -72.39 -2.09
CA ARG K 69 1.76 -73.28 -2.49
C ARG K 69 2.64 -72.66 -3.57
N ARG K 70 2.06 -71.86 -4.47
CA ARG K 70 2.87 -71.20 -5.49
C ARG K 70 3.78 -70.15 -4.90
N LEU K 71 3.29 -69.39 -3.91
CA LEU K 71 4.10 -68.31 -3.36
C LEU K 71 5.17 -68.81 -2.41
N VAL K 72 4.93 -69.94 -1.74
CA VAL K 72 5.99 -70.54 -0.95
C VAL K 72 7.03 -71.19 -1.86
N ARG K 73 6.69 -71.47 -3.12
CA ARG K 73 7.69 -71.92 -4.07
C ARG K 73 8.58 -70.77 -4.52
N VAL K 74 8.01 -69.57 -4.70
CA VAL K 74 8.81 -68.42 -5.11
C VAL K 74 9.39 -67.66 -3.93
N GLY K 75 8.98 -67.99 -2.72
CA GLY K 75 9.59 -67.43 -1.53
C GLY K 75 9.05 -66.09 -1.06
N VAL K 76 7.99 -65.58 -1.70
CA VAL K 76 7.37 -64.34 -1.23
C VAL K 76 6.67 -64.57 0.11
N LEU K 77 5.87 -65.61 0.20
CA LEU K 77 5.16 -65.95 1.42
C LEU K 77 5.94 -67.01 2.19
N SER K 78 5.90 -66.91 3.52
CA SER K 78 6.71 -67.79 4.35
C SER K 78 6.10 -69.19 4.43
N GLU K 79 6.86 -70.10 5.04
CA GLU K 79 6.45 -71.50 5.11
C GLU K 79 5.29 -71.70 6.07
N ASP K 80 5.34 -71.05 7.24
CA ASP K 80 4.26 -71.13 8.22
C ASP K 80 3.07 -70.25 7.87
N LYS K 81 3.16 -69.46 6.82
CA LYS K 81 2.10 -68.53 6.44
C LYS K 81 1.12 -69.17 5.46
N LYS K 82 0.58 -70.32 5.85
CA LYS K 82 -0.42 -71.01 5.04
C LYS K 82 -1.83 -70.56 5.41
N LYS K 83 -2.03 -69.26 5.43
CA LYS K 83 -3.32 -68.65 5.69
C LYS K 83 -3.82 -68.02 4.39
N LEU K 84 -5.12 -68.13 4.14
CA LEU K 84 -5.68 -67.68 2.87
C LEU K 84 -5.82 -66.17 2.78
N ASP K 85 -5.67 -65.45 3.89
CA ASP K 85 -5.73 -64.00 3.88
C ASP K 85 -4.37 -63.33 4.06
N TYR K 86 -3.32 -64.11 4.33
CA TYR K 86 -1.97 -63.54 4.32
C TYR K 86 -1.52 -63.19 2.91
N VAL K 87 -2.08 -63.87 1.91
CA VAL K 87 -1.88 -63.47 0.53
C VAL K 87 -2.53 -62.13 0.22
N LEU K 88 -3.56 -61.73 0.98
CA LEU K 88 -4.06 -60.37 0.89
C LEU K 88 -3.14 -59.39 1.62
N ALA K 89 -2.48 -59.84 2.69
CA ALA K 89 -1.73 -58.94 3.54
C ALA K 89 -0.39 -58.53 2.93
N LEU K 90 0.15 -59.34 2.03
CA LEU K 90 1.45 -59.02 1.45
C LEU K 90 1.33 -57.89 0.44
N LYS K 91 2.32 -57.01 0.44
CA LYS K 91 2.31 -55.79 -0.36
C LYS K 91 3.37 -55.84 -1.45
N VAL K 92 3.55 -54.72 -2.12
CA VAL K 92 4.49 -54.63 -3.24
C VAL K 92 5.94 -54.63 -2.79
N GLU K 93 6.21 -54.43 -1.50
CA GLU K 93 7.61 -54.35 -1.05
C GLU K 93 8.25 -55.72 -0.94
N ASP K 94 7.47 -56.79 -0.82
CA ASP K 94 8.06 -58.12 -0.67
C ASP K 94 8.41 -58.74 -2.01
N PHE K 95 7.68 -58.38 -3.08
CA PHE K 95 8.10 -58.78 -4.42
C PHE K 95 9.42 -58.09 -4.79
N LEU K 96 9.55 -56.81 -4.47
CA LEU K 96 10.80 -56.09 -4.71
C LEU K 96 11.91 -56.60 -3.82
N GLU K 97 11.55 -57.15 -2.66
CA GLU K 97 12.53 -57.81 -1.79
C GLU K 97 13.10 -59.06 -2.46
N ARG K 98 12.27 -59.79 -3.20
CA ARG K 98 12.68 -61.01 -3.88
C ARG K 98 13.33 -60.76 -5.23
N ARG K 99 13.50 -59.50 -5.63
CA ARG K 99 14.17 -59.19 -6.89
C ARG K 99 15.64 -59.56 -6.80
N LEU K 100 16.17 -60.06 -7.92
CA LEU K 100 17.53 -60.60 -7.93
C LEU K 100 18.58 -59.52 -7.76
N GLN K 101 18.31 -58.33 -8.30
CA GLN K 101 19.21 -57.18 -8.13
C GLN K 101 19.33 -56.80 -6.66
N THR K 102 18.20 -56.82 -5.95
CA THR K 102 18.26 -56.61 -4.50
C THR K 102 18.69 -57.87 -3.77
N GLN K 103 18.54 -59.05 -4.40
CA GLN K 103 18.99 -60.27 -3.75
C GLN K 103 20.50 -60.41 -3.83
N VAL K 104 21.11 -59.86 -4.89
CA VAL K 104 22.56 -59.90 -5.01
C VAL K 104 23.20 -59.06 -3.92
N TYR K 105 22.63 -57.88 -3.64
CA TYR K 105 23.09 -57.02 -2.55
C TYR K 105 22.89 -57.72 -1.22
N LYS K 106 21.69 -58.24 -0.98
CA LYS K 106 21.31 -58.68 0.36
C LYS K 106 22.01 -59.96 0.77
N LEU K 107 22.56 -60.71 -0.18
CA LEU K 107 23.39 -61.85 0.16
C LEU K 107 24.84 -61.47 0.41
N GLY K 108 25.20 -60.21 0.26
CA GLY K 108 26.58 -59.79 0.33
C GLY K 108 27.03 -59.27 -1.01
N LEU K 109 28.29 -59.49 -1.39
CA LEU K 109 28.76 -59.55 -2.78
C LEU K 109 28.66 -58.27 -3.60
N ALA K 110 28.03 -57.22 -3.09
CA ALA K 110 27.73 -56.08 -3.96
C ALA K 110 28.05 -54.72 -3.34
N LYS K 111 27.92 -54.62 -2.02
CA LYS K 111 28.17 -53.43 -1.19
C LYS K 111 27.22 -52.27 -1.44
N SER K 112 26.33 -52.37 -2.42
CA SER K 112 25.34 -51.35 -2.75
C SER K 112 24.31 -51.97 -3.70
N VAL K 113 23.21 -51.24 -3.88
CA VAL K 113 22.18 -51.72 -4.81
C VAL K 113 22.62 -51.50 -6.25
N HIS K 114 23.20 -50.34 -6.55
CA HIS K 114 23.52 -50.00 -7.93
C HIS K 114 24.74 -50.77 -8.42
N HIS K 115 25.67 -51.07 -7.51
CA HIS K 115 26.78 -51.95 -7.86
C HIS K 115 26.30 -53.37 -8.12
N ALA K 116 25.22 -53.78 -7.46
CA ALA K 116 24.57 -55.03 -7.82
C ALA K 116 23.93 -54.95 -9.20
N ARG K 117 23.30 -53.81 -9.51
CA ARG K 117 22.68 -53.61 -10.81
C ARG K 117 23.72 -53.60 -11.93
N VAL K 118 24.89 -53.05 -11.65
CA VAL K 118 26.01 -53.13 -12.60
C VAL K 118 26.49 -54.58 -12.73
N LEU K 119 26.62 -55.29 -11.60
CA LEU K 119 27.09 -56.67 -11.62
C LEU K 119 26.07 -57.60 -12.29
N ILE K 120 24.78 -57.27 -12.17
CA ILE K 120 23.76 -58.05 -12.87
C ILE K 120 23.88 -57.88 -14.38
N THR K 121 24.00 -56.64 -14.83
CA THR K 121 23.93 -56.35 -16.25
C THR K 121 25.26 -56.51 -16.96
N GLN K 122 26.37 -56.70 -16.24
CA GLN K 122 27.66 -56.89 -16.87
C GLN K 122 27.97 -58.35 -17.14
N ARG K 123 26.96 -59.25 -17.02
CA ARG K 123 27.06 -60.68 -17.26
C ARG K 123 28.12 -61.31 -16.35
N HIS K 124 27.85 -61.24 -15.05
CA HIS K 124 28.80 -61.68 -14.04
C HIS K 124 28.27 -62.84 -13.20
N ILE K 125 27.10 -62.70 -12.59
CA ILE K 125 26.70 -63.56 -11.48
C ILE K 125 25.62 -64.52 -11.95
N ALA K 126 25.76 -65.79 -11.54
CA ALA K 126 24.99 -66.89 -12.09
C ALA K 126 24.02 -67.45 -11.05
N VAL K 127 22.95 -68.08 -11.55
CA VAL K 127 21.99 -68.78 -10.71
C VAL K 127 22.12 -70.28 -10.99
N GLY K 128 22.94 -70.96 -10.19
CA GLY K 128 23.16 -72.38 -10.37
C GLY K 128 23.89 -72.72 -11.66
N LYS K 129 23.18 -73.37 -12.59
CA LYS K 129 23.79 -73.75 -13.85
C LYS K 129 24.00 -72.55 -14.76
N GLN K 130 23.01 -71.67 -14.86
CA GLN K 130 22.96 -70.69 -15.94
C GLN K 130 23.21 -69.29 -15.43
N ILE K 131 23.96 -68.52 -16.22
CA ILE K 131 24.25 -67.14 -15.85
C ILE K 131 23.23 -66.21 -16.49
N VAL K 132 22.62 -65.36 -15.66
CA VAL K 132 21.49 -64.54 -16.05
C VAL K 132 21.90 -63.07 -15.94
N ASN K 133 21.23 -62.22 -16.72
CA ASN K 133 21.56 -60.80 -16.76
C ASN K 133 20.29 -59.95 -16.78
N ILE K 134 19.33 -60.29 -15.94
CA ILE K 134 18.13 -59.47 -15.80
C ILE K 134 18.06 -58.98 -14.35
N PRO K 135 17.73 -57.72 -14.12
CA PRO K 135 17.62 -57.25 -12.73
C PRO K 135 16.42 -57.83 -12.01
N SER K 136 15.28 -57.90 -12.68
CA SER K 136 14.07 -58.46 -12.09
C SER K 136 13.92 -59.90 -12.58
N PHE K 137 14.18 -60.85 -11.69
CA PHE K 137 14.22 -62.26 -12.05
C PHE K 137 13.23 -63.13 -11.27
N MET K 138 12.76 -62.68 -10.10
CA MET K 138 11.92 -63.43 -9.16
C MET K 138 12.60 -64.74 -8.74
N VAL K 139 13.70 -64.56 -8.00
CA VAL K 139 14.48 -65.68 -7.49
C VAL K 139 13.64 -66.47 -6.50
N ARG K 140 13.50 -67.78 -6.75
CA ARG K 140 12.69 -68.64 -5.92
C ARG K 140 13.38 -68.91 -4.59
N LEU K 141 12.62 -69.50 -3.66
CA LEU K 141 13.14 -69.79 -2.34
C LEU K 141 14.22 -70.88 -2.39
N ASP K 142 14.02 -71.90 -3.23
CA ASP K 142 14.97 -73.01 -3.26
C ASP K 142 16.25 -72.64 -4.00
N SER K 143 16.17 -71.77 -5.00
CA SER K 143 17.31 -71.43 -5.83
C SER K 143 18.11 -70.23 -5.30
N GLU K 144 17.73 -69.68 -4.14
CA GLU K 144 18.39 -68.49 -3.63
C GLU K 144 19.77 -68.78 -3.05
N LYS K 145 20.02 -70.01 -2.60
CA LYS K 145 21.30 -70.38 -1.99
C LYS K 145 22.40 -70.61 -3.01
N HIS K 146 22.10 -70.55 -4.31
CA HIS K 146 23.08 -70.79 -5.37
C HIS K 146 23.26 -69.54 -6.21
N ILE K 147 23.38 -68.40 -5.54
CA ILE K 147 23.63 -67.13 -6.19
C ILE K 147 25.13 -66.85 -6.01
N ASP K 148 25.90 -66.96 -7.08
CA ASP K 148 27.35 -66.85 -7.01
C ASP K 148 27.80 -66.37 -8.39
N PHE K 149 29.01 -65.81 -8.43
CA PHE K 149 29.60 -65.40 -9.70
C PHE K 149 29.84 -66.60 -10.60
N ALA K 150 29.70 -66.39 -11.90
CA ALA K 150 29.86 -67.45 -12.87
C ALA K 150 31.31 -67.93 -12.92
N PRO K 151 31.54 -69.20 -13.26
CA PRO K 151 32.93 -69.66 -13.47
C PRO K 151 33.64 -68.95 -14.60
N THR K 152 32.91 -68.48 -15.60
CA THR K 152 33.49 -67.67 -16.67
C THR K 152 33.38 -66.16 -16.40
N SER K 153 33.75 -65.77 -15.18
CA SER K 153 33.72 -64.38 -14.77
C SER K 153 35.00 -64.05 -14.02
N PRO K 154 35.52 -62.83 -14.17
CA PRO K 154 36.79 -62.48 -13.49
C PRO K 154 36.67 -62.40 -11.99
N PHE K 155 35.49 -62.09 -11.44
CA PHE K 155 35.33 -62.17 -9.99
C PHE K 155 35.24 -63.60 -9.50
N GLY K 156 34.90 -64.54 -10.38
CA GLY K 156 34.87 -65.94 -10.01
C GLY K 156 36.20 -66.62 -10.19
N GLY K 157 36.20 -67.79 -10.81
CA GLY K 157 37.41 -68.56 -10.99
C GLY K 157 37.95 -68.56 -12.41
N ALA K 158 37.96 -67.40 -13.06
CA ALA K 158 38.44 -67.27 -14.43
C ALA K 158 39.62 -66.31 -14.49
N ARG K 159 40.01 -65.98 -15.71
CA ARG K 159 41.04 -64.98 -15.95
C ARG K 159 40.56 -63.61 -15.50
N PRO K 160 41.49 -62.70 -15.16
CA PRO K 160 41.09 -61.32 -14.88
C PRO K 160 40.60 -60.62 -16.15
N GLY K 161 39.98 -59.47 -15.94
CA GLY K 161 39.36 -58.73 -17.02
C GLY K 161 40.35 -58.15 -18.00
N ARG K 162 39.81 -57.62 -19.10
CA ARG K 162 40.63 -57.26 -20.24
C ARG K 162 41.43 -55.99 -19.99
N VAL K 163 41.08 -55.20 -18.98
CA VAL K 163 41.85 -53.99 -18.72
C VAL K 163 42.84 -54.20 -17.59
N ALA K 164 42.60 -55.17 -16.69
CA ALA K 164 43.63 -55.54 -15.73
C ALA K 164 44.78 -56.26 -16.42
N ARG K 165 44.45 -57.13 -17.37
CA ARG K 165 45.49 -57.79 -18.16
C ARG K 165 46.22 -56.81 -19.06
N ARG K 166 45.50 -55.84 -19.63
CA ARG K 166 46.15 -54.80 -20.44
C ARG K 166 47.04 -53.91 -19.59
N ASN K 167 46.61 -53.61 -18.36
CA ASN K 167 47.48 -52.87 -17.44
C ASN K 167 48.68 -53.71 -17.03
N ALA K 168 48.49 -55.02 -16.90
CA ALA K 168 49.62 -55.91 -16.66
C ALA K 168 50.52 -56.00 -17.89
N ALA K 169 49.92 -55.89 -19.09
CA ALA K 169 50.73 -55.88 -20.30
C ALA K 169 51.48 -54.56 -20.47
N ARG K 170 50.87 -53.45 -20.05
CA ARG K 170 51.51 -52.15 -20.19
C ARG K 170 52.70 -51.99 -19.25
N LYS K 171 52.57 -52.47 -18.01
CA LYS K 171 53.72 -52.47 -17.12
C LYS K 171 54.75 -53.51 -17.51
N ALA K 172 54.35 -54.55 -18.24
CA ALA K 172 55.32 -55.48 -18.81
C ALA K 172 56.12 -54.83 -19.92
N GLU K 173 55.49 -53.93 -20.68
CA GLU K 173 56.22 -53.15 -21.67
C GLU K 173 57.16 -52.15 -20.99
N ALA K 174 56.78 -51.68 -19.81
CA ALA K 174 57.66 -50.80 -19.04
C ALA K 174 58.86 -51.55 -18.48
N SER K 175 58.72 -52.86 -18.26
CA SER K 175 59.82 -53.67 -17.78
C SER K 175 60.76 -54.06 -18.92
N ALA L 1 29.71 28.97 46.06
CA ALA L 1 30.70 29.76 45.33
C ALA L 1 30.54 31.24 45.63
N VAL L 2 31.34 32.05 44.96
CA VAL L 2 31.29 33.51 45.08
C VAL L 2 30.03 34.02 44.39
N PRO L 3 29.53 35.20 44.75
CA PRO L 3 28.44 35.80 43.98
C PRO L 3 28.84 36.12 42.56
N SER L 4 27.92 35.93 41.63
CA SER L 4 28.18 36.17 40.22
C SER L 4 26.89 36.57 39.52
N VAL L 5 27.05 37.23 38.37
CA VAL L 5 25.92 37.68 37.55
C VAL L 5 26.41 37.84 36.13
N GLN L 6 25.55 37.54 35.16
CA GLN L 6 25.96 37.44 33.76
C GLN L 6 24.99 38.20 32.88
N THR L 7 25.54 39.03 31.98
CA THR L 7 24.73 39.82 31.06
C THR L 7 25.20 39.61 29.63
N PHE L 8 24.41 40.14 28.69
CA PHE L 8 24.63 39.96 27.26
C PHE L 8 24.56 41.29 26.54
N GLY L 9 25.35 41.41 25.48
CA GLY L 9 25.32 42.61 24.65
C GLY L 9 25.26 42.23 23.19
N LYS L 10 24.74 43.14 22.36
CA LYS L 10 24.45 42.79 20.98
C LYS L 10 24.56 44.02 20.07
N LYS L 11 25.55 43.99 19.17
CA LYS L 11 25.58 44.81 17.98
C LYS L 11 25.48 43.86 16.80
N LYS L 12 25.52 44.41 15.57
CA LYS L 12 25.00 43.86 14.31
C LYS L 12 25.10 42.35 14.13
N SER L 13 26.29 41.80 14.38
CA SER L 13 26.45 40.36 14.51
C SER L 13 27.44 40.00 15.60
N ALA L 14 27.71 40.91 16.54
CA ALA L 14 28.69 40.69 17.59
C ALA L 14 27.97 40.56 18.92
N THR L 15 28.28 39.49 19.64
CA THR L 15 27.71 39.25 20.96
C THR L 15 28.81 39.42 22.02
N ALA L 16 28.38 39.71 23.24
CA ALA L 16 29.28 39.91 24.36
C ALA L 16 28.74 39.18 25.57
N VAL L 17 29.59 38.41 26.23
CA VAL L 17 29.21 37.66 27.43
C VAL L 17 30.08 38.14 28.58
N ALA L 18 29.48 38.91 29.49
CA ALA L 18 30.20 39.50 30.60
C ALA L 18 29.75 38.85 31.91
N HIS L 19 30.71 38.44 32.73
CA HIS L 19 30.43 37.86 34.03
C HIS L 19 31.00 38.74 35.11
N VAL L 20 30.18 39.09 36.10
CA VAL L 20 30.55 40.06 37.13
C VAL L 20 30.55 39.35 38.47
N LYS L 21 31.73 39.27 39.09
CA LYS L 21 31.86 38.65 40.40
C LYS L 21 32.57 39.60 41.35
N ALA L 22 32.40 39.35 42.63
CA ALA L 22 33.10 40.13 43.64
C ALA L 22 34.59 39.84 43.59
N GLY L 23 35.40 40.87 43.80
CA GLY L 23 36.83 40.67 43.73
C GLY L 23 37.69 41.90 43.96
N LYS L 24 38.79 41.98 43.22
CA LYS L 24 39.87 42.91 43.50
C LYS L 24 39.85 44.14 42.62
N GLY L 25 38.79 44.35 41.85
CA GLY L 25 38.78 45.44 40.90
C GLY L 25 39.72 45.25 39.74
N LEU L 26 39.41 44.29 38.86
CA LEU L 26 40.17 44.10 37.64
C LEU L 26 39.20 43.95 36.49
N ILE L 27 39.63 44.35 35.29
CA ILE L 27 38.74 44.45 34.17
C ILE L 27 39.37 43.61 33.06
N LYS L 28 38.66 42.62 32.54
CA LYS L 28 39.26 41.72 31.56
C LYS L 28 38.35 41.56 30.34
N VAL L 29 38.96 41.58 29.15
CA VAL L 29 38.28 41.26 27.90
C VAL L 29 39.16 40.29 27.12
N ASN L 30 38.64 39.08 26.87
CA ASN L 30 39.28 38.02 26.09
C ASN L 30 40.65 37.63 26.66
N GLY L 31 40.80 37.71 27.98
CA GLY L 31 42.07 37.48 28.64
C GLY L 31 42.92 38.72 28.82
N SER L 32 42.87 39.64 27.86
CA SER L 32 43.60 40.89 27.92
C SER L 32 42.88 41.90 28.81
N PRO L 33 43.61 42.82 29.43
CA PRO L 33 42.95 43.92 30.13
C PRO L 33 42.40 44.96 29.17
N ILE L 34 41.63 45.88 29.74
CA ILE L 34 40.95 46.94 29.01
C ILE L 34 41.86 48.01 28.44
N THR L 35 43.13 48.04 28.82
CA THR L 35 44.07 49.02 28.27
C THR L 35 44.72 48.52 26.99
N LEU L 36 44.08 47.60 26.27
CA LEU L 36 44.65 47.01 25.06
C LEU L 36 43.59 46.76 24.00
N VAL L 37 42.56 47.61 23.94
CA VAL L 37 41.51 47.43 22.94
C VAL L 37 42.04 47.91 21.59
N GLU L 38 42.00 47.02 20.61
CA GLU L 38 42.75 47.21 19.36
C GLU L 38 42.26 48.30 18.39
N PRO L 39 40.97 48.69 18.29
CA PRO L 39 40.63 49.83 17.41
C PRO L 39 41.28 51.16 17.77
N GLU L 40 41.73 51.34 19.02
CA GLU L 40 42.66 52.37 19.45
C GLU L 40 42.13 53.80 19.43
N ILE L 41 40.92 54.00 18.89
CA ILE L 41 40.28 55.31 18.93
C ILE L 41 38.96 55.11 19.67
N LEU L 42 38.46 53.88 19.64
CA LEU L 42 37.25 53.51 20.36
C LEU L 42 37.53 52.94 21.74
N ARG L 43 38.78 53.04 22.20
CA ARG L 43 39.11 52.59 23.54
C ARG L 43 38.48 53.50 24.59
N PHE L 44 38.18 54.75 24.24
CA PHE L 44 37.42 55.58 25.16
C PHE L 44 35.92 55.34 25.08
N LYS L 45 35.48 54.52 24.13
CA LYS L 45 34.07 54.14 24.09
C LYS L 45 33.80 52.94 25.00
N VAL L 46 34.82 52.20 25.40
CA VAL L 46 34.64 51.08 26.33
C VAL L 46 34.98 51.49 27.77
N TYR L 47 35.85 52.49 27.95
CA TYR L 47 35.93 53.18 29.23
C TYR L 47 34.70 54.02 29.55
N GLU L 48 33.78 54.17 28.60
CA GLU L 48 32.70 55.15 28.75
C GLU L 48 31.70 54.79 29.85
N PRO L 49 31.23 53.55 30.02
CA PRO L 49 30.45 53.28 31.24
C PRO L 49 31.28 53.24 32.52
N LEU L 50 32.60 53.14 32.42
CA LEU L 50 33.44 53.22 33.61
C LEU L 50 33.49 54.64 34.16
N LEU L 51 33.64 55.63 33.29
CA LEU L 51 33.86 56.99 33.76
C LEU L 51 32.58 57.78 33.96
N LEU L 52 31.43 57.30 33.47
CA LEU L 52 30.16 57.91 33.85
C LEU L 52 29.79 57.56 35.27
N VAL L 53 30.22 56.40 35.74
CA VAL L 53 29.75 55.88 37.02
C VAL L 53 30.71 56.22 38.15
N GLY L 54 31.93 56.63 37.84
CA GLY L 54 32.92 56.80 38.87
C GLY L 54 33.64 55.50 39.12
N LEU L 55 34.96 55.54 39.17
CA LEU L 55 35.76 54.33 39.21
C LEU L 55 35.70 53.62 40.57
N ASP L 56 35.12 54.26 41.59
CA ASP L 56 34.97 53.60 42.88
C ASP L 56 33.94 52.47 42.84
N LYS L 57 32.98 52.54 41.92
CA LYS L 57 31.98 51.48 41.81
C LYS L 57 32.50 50.26 41.06
N PHE L 58 33.70 50.34 40.48
CA PHE L 58 34.36 49.19 39.89
C PHE L 58 35.54 48.71 40.72
N SER L 59 35.76 49.29 41.90
CA SER L 59 36.96 48.98 42.67
C SER L 59 36.89 47.63 43.36
N ASN L 60 35.69 47.04 43.50
CA ASN L 60 35.54 45.78 44.21
C ASN L 60 34.83 44.73 43.38
N ILE L 61 34.51 45.04 42.12
CA ILE L 61 33.84 44.08 41.24
C ILE L 61 34.85 43.64 40.18
N ASP L 62 34.57 42.49 39.58
CA ASP L 62 35.42 41.92 38.54
C ASP L 62 34.53 41.89 37.30
N ILE L 63 35.14 42.05 36.12
CA ILE L 63 34.44 41.98 34.85
C ILE L 63 35.28 41.11 33.93
N ARG L 64 34.67 40.07 33.35
CA ARG L 64 35.32 39.25 32.33
C ARG L 64 34.39 39.13 31.13
N VAL L 65 34.80 39.69 29.99
CA VAL L 65 33.98 39.73 28.79
C VAL L 65 34.63 38.87 27.72
N ARG L 66 33.85 37.97 27.15
CA ARG L 66 34.18 37.34 25.88
C ARG L 66 33.37 38.05 24.79
N VAL L 67 33.97 38.22 23.62
CA VAL L 67 33.28 38.74 22.46
C VAL L 67 33.61 37.89 21.25
N THR L 68 32.58 37.58 20.47
CA THR L 68 32.73 36.86 19.22
C THR L 68 31.85 37.52 18.18
N GLY L 69 32.28 37.42 16.92
CA GLY L 69 31.51 37.95 15.82
C GLY L 69 31.67 39.44 15.63
N GLY L 70 30.99 39.96 14.61
CA GLY L 70 31.09 41.35 14.26
C GLY L 70 32.43 41.69 13.65
N GLY L 71 32.73 42.99 13.65
CA GLY L 71 34.01 43.46 13.15
C GLY L 71 34.83 44.13 14.23
N HIS L 72 35.00 45.45 14.11
CA HIS L 72 35.71 46.23 15.11
C HIS L 72 34.81 47.22 15.82
N VAL L 73 34.04 48.00 15.06
CA VAL L 73 33.11 48.96 15.65
C VAL L 73 31.96 48.24 16.35
N SER L 74 31.49 47.15 15.75
CA SER L 74 30.39 46.41 16.37
C SER L 74 30.86 45.63 17.59
N GLN L 75 32.14 45.28 17.65
CA GLN L 75 32.63 44.54 18.80
C GLN L 75 32.79 45.44 20.01
N VAL L 76 33.30 46.66 19.82
CA VAL L 76 33.52 47.59 20.93
C VAL L 76 32.19 48.04 21.51
N TYR L 77 31.17 48.24 20.65
CA TYR L 77 29.85 48.61 21.14
C TYR L 77 29.20 47.49 21.94
N ALA L 78 29.59 46.24 21.66
CA ALA L 78 29.08 45.13 22.45
C ALA L 78 29.70 45.08 23.84
N ILE L 79 30.98 45.46 23.95
CA ILE L 79 31.67 45.41 25.24
C ILE L 79 31.12 46.48 26.18
N ARG L 80 30.87 47.69 25.66
CA ARG L 80 30.39 48.77 26.51
C ARG L 80 28.95 48.54 26.93
N GLN L 81 28.21 47.73 26.19
CA GLN L 81 26.86 47.38 26.60
C GLN L 81 26.88 46.34 27.71
N ALA L 82 27.76 45.34 27.58
CA ALA L 82 27.80 44.23 28.51
C ALA L 82 28.42 44.65 29.84
N ILE L 83 29.35 45.60 29.81
CA ILE L 83 29.90 46.14 31.06
C ILE L 83 28.85 46.97 31.78
N ALA L 84 28.11 47.80 31.04
CA ALA L 84 27.09 48.64 31.66
C ALA L 84 25.91 47.81 32.14
N LYS L 85 25.52 46.78 31.38
CA LYS L 85 24.50 45.86 31.87
C LYS L 85 25.03 45.02 33.02
N GLY L 86 26.30 44.62 32.94
CA GLY L 86 26.86 43.78 33.98
C GLY L 86 27.02 44.50 35.31
N LEU L 87 27.35 45.79 35.25
CA LEU L 87 27.42 46.59 36.47
C LEU L 87 26.03 46.78 37.07
N VAL L 88 25.03 47.01 36.23
CA VAL L 88 23.70 47.34 36.75
C VAL L 88 22.96 46.06 37.13
N ALA L 89 23.44 44.90 36.71
CA ALA L 89 22.81 43.66 37.15
C ALA L 89 23.45 43.14 38.42
N TYR L 90 24.71 43.48 38.68
CA TYR L 90 25.31 43.19 39.97
C TYR L 90 24.64 44.02 41.06
N HIS L 91 24.43 45.31 40.79
CA HIS L 91 23.94 46.21 41.83
C HIS L 91 22.46 46.01 42.11
N GLN L 92 21.71 45.39 41.20
CA GLN L 92 20.32 45.09 41.48
C GLN L 92 20.15 43.77 42.22
N LYS L 93 21.22 43.01 42.40
CA LYS L 93 21.11 41.66 42.95
C LYS L 93 21.77 41.54 44.31
N TYR L 94 22.97 42.09 44.49
CA TYR L 94 23.68 41.97 45.75
C TYR L 94 24.04 43.30 46.40
N VAL L 95 23.79 44.43 45.74
CA VAL L 95 24.13 45.72 46.30
C VAL L 95 22.79 46.46 46.35
N ASP L 96 22.77 47.70 46.82
CA ASP L 96 21.57 48.54 46.92
C ASP L 96 20.92 48.74 45.54
N GLU L 97 19.59 48.72 45.51
CA GLU L 97 18.92 48.99 44.22
C GLU L 97 18.70 50.48 44.02
N GLN L 98 18.73 51.27 45.09
CA GLN L 98 18.82 52.71 44.91
C GLN L 98 20.18 53.09 44.32
N SER L 99 21.22 52.31 44.65
CA SER L 99 22.47 52.41 43.91
C SER L 99 22.28 51.99 42.46
N LYS L 100 21.48 50.94 42.23
CA LYS L 100 21.16 50.53 40.86
C LYS L 100 20.37 51.61 40.14
N ASN L 101 19.45 52.27 40.84
CA ASN L 101 18.61 53.28 40.21
C ASN L 101 19.42 54.52 39.82
N GLU L 102 20.38 54.91 40.65
CA GLU L 102 21.26 56.01 40.28
C GLU L 102 22.26 55.59 39.22
N LEU L 103 22.64 54.31 39.20
CA LEU L 103 23.48 53.79 38.14
C LEU L 103 22.73 53.73 36.82
N LYS L 104 21.47 53.29 36.86
CA LYS L 104 20.67 53.22 35.65
C LYS L 104 20.34 54.62 35.12
N LYS L 105 20.05 55.56 36.03
CA LYS L 105 19.70 56.93 35.62
C LYS L 105 20.89 57.61 34.98
N ALA L 106 22.11 57.35 35.48
CA ALA L 106 23.30 57.98 34.92
C ALA L 106 23.60 57.46 33.52
N PHE L 107 23.08 56.27 33.18
CA PHE L 107 23.26 55.77 31.82
C PHE L 107 22.19 56.28 30.87
N THR L 108 20.91 56.21 31.28
CA THR L 108 19.86 56.63 30.36
C THR L 108 19.76 58.15 30.23
N SER L 109 20.31 58.91 31.18
CA SER L 109 20.48 60.33 30.94
C SER L 109 21.57 60.56 29.92
N TYR L 110 22.54 59.66 29.82
CA TYR L 110 23.57 59.82 28.81
C TYR L 110 23.10 59.27 27.47
N ASP L 111 22.89 57.95 27.39
CA ASP L 111 22.63 57.31 26.11
C ASP L 111 21.96 55.97 26.37
N ARG L 112 20.96 55.65 25.53
CA ARG L 112 20.14 54.47 25.77
C ARG L 112 20.80 53.18 25.30
N THR L 113 21.83 53.26 24.46
CA THR L 113 22.42 52.05 23.90
C THR L 113 23.27 51.31 24.93
N LEU L 114 23.68 52.01 26.00
CA LEU L 114 24.44 51.34 27.06
C LEU L 114 23.59 50.35 27.82
N LEU L 115 22.27 50.58 27.91
CA LEU L 115 21.43 49.70 28.69
C LEU L 115 20.81 48.61 27.83
N ILE L 116 20.00 48.96 26.84
CA ILE L 116 19.44 47.99 25.90
C ILE L 116 19.74 48.43 24.48
N ALA L 117 19.96 47.45 23.60
CA ALA L 117 20.42 47.72 22.24
C ALA L 117 19.21 47.81 21.32
N ASP L 118 19.05 48.95 20.66
CA ASP L 118 17.96 49.11 19.71
C ASP L 118 18.28 48.31 18.46
N SER L 119 17.43 47.32 18.16
CA SER L 119 17.53 46.59 16.92
C SER L 119 17.17 47.51 15.76
N ARG L 120 18.13 47.76 14.86
CA ARG L 120 17.90 48.63 13.71
C ARG L 120 17.07 47.87 12.69
N ARG L 121 15.77 47.80 12.96
CA ARG L 121 14.86 47.02 12.15
C ARG L 121 14.49 47.75 10.86
N PRO L 122 14.33 47.01 9.77
CA PRO L 122 13.85 47.62 8.53
C PRO L 122 12.40 48.06 8.65
N GLU L 123 12.04 49.05 7.84
CA GLU L 123 10.66 49.52 7.79
C GLU L 123 10.22 49.69 6.34
N PRO L 124 9.07 49.13 5.97
CA PRO L 124 8.49 49.45 4.65
C PRO L 124 7.49 50.59 4.73
N LYS L 125 7.52 51.48 3.75
CA LYS L 125 6.66 52.66 3.76
C LYS L 125 5.25 52.32 3.32
N THR M 6 -58.09 -110.82 -72.73
CA THR M 6 -57.04 -111.83 -72.55
C THR M 6 -55.67 -111.18 -72.45
N VAL M 7 -54.62 -112.01 -72.53
CA VAL M 7 -53.26 -111.51 -72.43
C VAL M 7 -52.85 -110.71 -73.66
N GLN M 8 -53.25 -111.15 -74.85
CA GLN M 8 -52.86 -110.48 -76.09
C GLN M 8 -53.77 -109.28 -76.29
N SER M 9 -53.24 -108.08 -76.00
CA SER M 9 -54.05 -106.87 -76.02
C SER M 9 -53.35 -105.69 -76.66
N GLU M 10 -52.35 -105.92 -77.51
CA GLU M 10 -51.57 -104.83 -78.09
C GLU M 10 -51.23 -105.21 -79.53
N ARG M 11 -50.23 -104.54 -80.10
CA ARG M 11 -49.85 -104.75 -81.49
C ARG M 11 -48.63 -105.64 -81.66
N ALA M 12 -48.11 -106.22 -80.57
CA ALA M 12 -46.92 -107.07 -80.69
C ALA M 12 -47.00 -108.19 -79.67
N PHE M 13 -46.63 -109.40 -80.09
CA PHE M 13 -46.52 -110.51 -79.17
C PHE M 13 -45.29 -110.34 -78.28
N GLN M 14 -45.42 -110.74 -77.02
CA GLN M 14 -44.33 -110.62 -76.07
C GLN M 14 -43.98 -111.99 -75.50
N LYS M 15 -42.68 -112.23 -75.33
CA LYS M 15 -42.17 -113.42 -74.65
C LYS M 15 -40.74 -113.13 -74.20
N GLN M 16 -40.43 -113.45 -72.94
CA GLN M 16 -39.10 -113.23 -72.42
C GLN M 16 -38.14 -114.26 -73.02
N PRO M 17 -36.90 -113.88 -73.30
CA PRO M 17 -35.94 -114.85 -73.85
C PRO M 17 -35.39 -115.82 -72.84
N HIS M 18 -35.46 -115.49 -71.54
CA HIS M 18 -34.98 -116.31 -70.42
C HIS M 18 -33.49 -116.66 -70.58
N ILE M 19 -32.68 -115.61 -70.66
CA ILE M 19 -31.22 -115.63 -70.85
C ILE M 19 -30.77 -116.51 -72.03
N THR M 31 -39.14 -125.90 -70.72
CA THR M 31 -40.20 -125.87 -69.71
C THR M 31 -41.26 -124.84 -70.06
N LYS M 32 -40.93 -123.99 -71.05
CA LYS M 32 -41.76 -122.94 -71.67
C LYS M 32 -42.02 -121.75 -70.77
N ARG M 33 -41.62 -121.85 -69.50
CA ARG M 33 -41.74 -120.76 -68.54
C ARG M 33 -40.70 -121.05 -67.46
N TRP M 34 -39.55 -120.38 -67.53
CA TRP M 34 -38.45 -120.73 -66.64
C TRP M 34 -38.71 -120.15 -65.26
N TYR M 35 -38.81 -121.03 -64.28
CA TYR M 35 -38.89 -120.61 -62.88
C TYR M 35 -37.57 -119.97 -62.46
N LYS M 36 -37.65 -118.82 -61.79
CA LYS M 36 -36.48 -118.17 -61.24
C LYS M 36 -36.64 -118.04 -59.74
N ASN M 37 -35.63 -118.49 -59.01
CA ASN M 37 -35.66 -118.40 -57.55
C ASN M 37 -35.20 -117.02 -57.12
N ALA M 38 -35.99 -116.37 -56.29
CA ALA M 38 -35.68 -115.02 -55.83
C ALA M 38 -34.45 -114.97 -54.94
N GLY M 39 -34.29 -115.94 -54.05
CA GLY M 39 -33.45 -115.75 -52.88
C GLY M 39 -34.20 -114.93 -51.86
N LEU M 40 -33.48 -114.58 -50.79
CA LEU M 40 -33.98 -113.81 -49.64
C LEU M 40 -35.24 -114.42 -49.02
N GLY M 41 -35.36 -115.74 -49.08
CA GLY M 41 -36.52 -116.44 -48.54
C GLY M 41 -37.83 -116.14 -49.25
N PHE M 42 -37.94 -116.55 -50.51
CA PHE M 42 -39.18 -116.29 -51.26
C PHE M 42 -39.46 -117.45 -52.20
N LYS M 43 -40.72 -117.60 -52.55
CA LYS M 43 -41.19 -118.69 -53.41
C LYS M 43 -42.41 -118.21 -54.19
N THR M 44 -42.53 -118.66 -55.43
CA THR M 44 -43.63 -118.26 -56.28
C THR M 44 -44.96 -118.83 -55.79
N PRO M 45 -46.05 -118.09 -55.97
CA PRO M 45 -47.37 -118.72 -55.96
C PRO M 45 -47.55 -119.59 -57.19
N LYS M 46 -48.43 -120.57 -57.07
CA LYS M 46 -48.65 -121.51 -58.17
C LYS M 46 -49.39 -120.86 -59.33
N THR M 47 -50.11 -119.77 -59.07
CA THR M 47 -50.75 -119.03 -60.15
C THR M 47 -49.73 -118.33 -61.04
N ALA M 48 -48.61 -117.89 -60.46
CA ALA M 48 -47.60 -117.18 -61.23
C ALA M 48 -46.84 -118.13 -62.15
N ILE M 49 -46.44 -119.29 -61.63
CA ILE M 49 -45.60 -120.18 -62.39
C ILE M 49 -46.41 -121.03 -63.37
N GLU M 50 -47.69 -121.27 -63.10
CA GLU M 50 -48.60 -121.75 -64.15
C GLU M 50 -49.65 -120.70 -64.53
N GLY M 51 -49.21 -119.50 -64.91
CA GLY M 51 -50.09 -118.50 -65.49
C GLY M 51 -50.08 -118.52 -66.99
N SER M 52 -50.67 -117.47 -67.58
CA SER M 52 -50.66 -117.25 -69.01
C SER M 52 -50.26 -115.83 -69.40
N TYR M 53 -50.34 -114.87 -68.48
CA TYR M 53 -49.81 -113.53 -68.72
C TYR M 53 -48.29 -113.58 -68.87
N ILE M 54 -47.77 -112.76 -69.77
CA ILE M 54 -46.34 -112.82 -70.06
C ILE M 54 -45.57 -111.94 -69.08
N ASP M 55 -45.74 -110.62 -69.21
CA ASP M 55 -45.29 -109.59 -68.25
C ASP M 55 -43.80 -109.72 -67.89
N LYS M 56 -42.94 -109.39 -68.85
CA LYS M 56 -41.50 -109.47 -68.63
C LYS M 56 -41.01 -108.54 -67.53
N LYS M 57 -41.76 -107.49 -67.19
CA LYS M 57 -41.39 -106.61 -66.10
C LYS M 57 -41.79 -107.16 -64.73
N CYS M 58 -42.59 -108.22 -64.68
CA CYS M 58 -42.89 -108.88 -63.42
C CYS M 58 -41.63 -109.55 -62.88
N PRO M 59 -41.38 -109.47 -61.57
CA PRO M 59 -40.11 -109.96 -61.00
C PRO M 59 -39.91 -111.46 -61.11
N PHE M 60 -40.94 -112.24 -61.40
CA PHE M 60 -40.81 -113.68 -61.56
C PHE M 60 -41.11 -114.06 -63.00
N THR M 61 -40.38 -115.05 -63.51
CA THR M 61 -40.39 -115.46 -64.93
C THR M 61 -40.14 -114.27 -65.85
N GLY M 62 -39.18 -113.42 -65.46
CA GLY M 62 -38.85 -112.24 -66.24
C GLY M 62 -37.37 -111.91 -66.12
N LEU M 63 -36.95 -110.96 -66.95
CA LEU M 63 -35.55 -110.57 -66.97
C LEU M 63 -35.16 -109.74 -65.76
N VAL M 64 -36.13 -109.09 -65.10
CA VAL M 64 -35.81 -108.28 -63.93
C VAL M 64 -35.50 -109.18 -62.74
N SER M 65 -34.62 -108.71 -61.87
CA SER M 65 -34.12 -109.49 -60.75
C SER M 65 -34.41 -108.76 -59.44
N ILE M 66 -34.87 -109.51 -58.45
CA ILE M 66 -35.15 -108.99 -57.12
C ILE M 66 -33.95 -109.25 -56.21
N ARG M 67 -33.49 -108.20 -55.54
CA ARG M 67 -32.29 -108.23 -54.71
C ARG M 67 -32.27 -106.96 -53.87
N GLY M 68 -31.38 -106.93 -52.89
CA GLY M 68 -31.10 -105.71 -52.17
C GLY M 68 -32.10 -105.31 -51.10
N LYS M 69 -32.68 -104.12 -51.24
CA LYS M 69 -33.51 -103.54 -50.21
C LYS M 69 -34.88 -104.20 -50.18
N ILE M 70 -35.44 -104.34 -48.97
CA ILE M 70 -36.78 -104.87 -48.78
C ILE M 70 -37.51 -103.95 -47.80
N LEU M 71 -38.85 -103.95 -47.89
CA LEU M 71 -39.70 -103.11 -47.05
C LEU M 71 -41.10 -103.72 -47.11
N THR M 72 -41.88 -103.48 -46.05
CA THR M 72 -43.26 -103.94 -45.99
C THR M 72 -44.20 -102.78 -45.70
N GLY M 73 -45.40 -102.85 -46.27
CA GLY M 73 -46.32 -101.73 -46.17
C GLY M 73 -47.69 -102.08 -46.67
N THR M 74 -48.60 -101.11 -46.55
CA THR M 74 -50.02 -101.32 -46.76
C THR M 74 -50.45 -100.63 -48.05
N VAL M 75 -51.20 -101.35 -48.88
CA VAL M 75 -51.66 -100.81 -50.16
C VAL M 75 -52.74 -99.77 -49.92
N VAL M 76 -52.56 -98.58 -50.49
CA VAL M 76 -53.51 -97.50 -50.30
C VAL M 76 -54.29 -97.17 -51.57
N SER M 77 -53.75 -97.44 -52.75
CA SER M 77 -54.45 -97.15 -54.00
C SER M 77 -54.15 -98.25 -55.02
N THR M 78 -55.19 -98.74 -55.68
CA THR M 78 -55.07 -99.80 -56.67
C THR M 78 -55.96 -99.52 -57.86
N LYS M 79 -56.14 -98.25 -58.20
CA LYS M 79 -57.18 -97.82 -59.12
C LYS M 79 -56.90 -98.15 -60.58
N MET M 80 -55.64 -98.31 -60.97
CA MET M 80 -55.31 -98.38 -62.39
C MET M 80 -54.37 -99.58 -62.58
N HIS M 81 -53.95 -99.79 -63.81
CA HIS M 81 -53.51 -101.08 -64.31
C HIS M 81 -52.01 -101.31 -64.06
N ARG M 82 -51.71 -102.43 -63.40
CA ARG M 82 -50.39 -103.04 -63.23
C ARG M 82 -49.39 -102.22 -62.43
N THR M 83 -49.81 -101.18 -61.71
CA THR M 83 -48.99 -100.62 -60.64
C THR M 83 -49.93 -100.09 -59.56
N ILE M 84 -49.46 -100.11 -58.32
CA ILE M 84 -50.27 -99.77 -57.15
C ILE M 84 -49.46 -98.85 -56.24
N VAL M 85 -50.17 -98.20 -55.33
CA VAL M 85 -49.58 -97.24 -54.40
C VAL M 85 -49.62 -97.83 -53.00
N ILE M 86 -48.47 -97.88 -52.34
CA ILE M 86 -48.33 -98.48 -51.02
C ILE M 86 -48.12 -97.36 -50.00
N ARG M 87 -48.99 -97.31 -49.01
CA ARG M 87 -48.76 -96.46 -47.84
C ARG M 87 -47.90 -97.23 -46.84
N ARG M 88 -46.67 -96.79 -46.65
CA ARG M 88 -45.86 -97.22 -45.52
C ARG M 88 -45.65 -96.01 -44.63
N ALA M 89 -45.67 -96.22 -43.33
CA ALA M 89 -45.68 -95.13 -42.38
C ALA M 89 -45.04 -95.58 -41.07
N TYR M 90 -44.68 -94.60 -40.26
CA TYR M 90 -44.15 -94.87 -38.95
C TYR M 90 -44.52 -93.72 -38.02
N LEU M 91 -44.70 -94.04 -36.74
CA LEU M 91 -44.91 -93.01 -35.72
C LEU M 91 -43.56 -92.38 -35.46
N HIS M 92 -43.24 -91.38 -36.29
CA HIS M 92 -41.87 -90.85 -36.35
C HIS M 92 -41.56 -90.02 -35.11
N TYR M 93 -40.42 -90.32 -34.49
CA TYR M 93 -40.03 -89.70 -33.23
C TYR M 93 -39.36 -88.37 -33.55
N ILE M 94 -40.04 -87.28 -33.27
CA ILE M 94 -39.42 -85.96 -33.30
C ILE M 94 -38.73 -85.77 -31.95
N PRO M 95 -37.41 -85.53 -31.92
CA PRO M 95 -36.69 -85.49 -30.65
C PRO M 95 -37.02 -84.27 -29.79
N LYS M 96 -37.14 -83.09 -30.42
CA LYS M 96 -37.41 -81.87 -29.67
C LYS M 96 -38.85 -81.84 -29.13
N TYR M 97 -39.80 -82.42 -29.88
CA TYR M 97 -41.16 -82.49 -29.38
C TYR M 97 -41.38 -83.67 -28.43
N ASN M 98 -40.43 -84.60 -28.38
CA ASN M 98 -40.53 -85.87 -27.64
C ASN M 98 -41.81 -86.63 -27.98
N ARG M 99 -42.14 -86.66 -29.27
CA ARG M 99 -43.43 -87.18 -29.72
C ARG M 99 -43.21 -88.12 -30.90
N TYR M 100 -43.83 -89.29 -30.83
CA TYR M 100 -43.96 -90.16 -32.00
C TYR M 100 -45.14 -89.62 -32.82
N GLU M 101 -44.87 -89.20 -34.05
CA GLU M 101 -45.90 -88.66 -34.93
C GLU M 101 -45.96 -89.50 -36.19
N LYS M 102 -47.17 -89.93 -36.55
CA LYS M 102 -47.36 -90.74 -37.74
C LYS M 102 -47.15 -89.90 -38.99
N ARG M 103 -46.30 -90.40 -39.90
CA ARG M 103 -46.07 -89.77 -41.19
C ARG M 103 -46.05 -90.85 -42.26
N HIS M 104 -46.86 -90.68 -43.30
CA HIS M 104 -46.90 -91.60 -44.42
C HIS M 104 -46.35 -90.92 -45.67
N LYS M 105 -45.60 -91.70 -46.45
CA LYS M 105 -45.10 -91.27 -47.76
C LYS M 105 -45.44 -92.40 -48.74
N ASN M 106 -46.53 -92.24 -49.46
CA ASN M 106 -47.04 -93.30 -50.32
C ASN M 106 -46.19 -93.42 -51.57
N VAL M 107 -45.44 -94.50 -51.68
CA VAL M 107 -44.58 -94.76 -52.83
C VAL M 107 -45.30 -95.69 -53.81
N PRO M 108 -45.20 -95.44 -55.12
CA PRO M 108 -45.84 -96.33 -56.09
C PRO M 108 -44.92 -97.49 -56.45
N VAL M 109 -45.47 -98.71 -56.42
CA VAL M 109 -44.71 -99.89 -56.80
C VAL M 109 -45.47 -100.61 -57.92
N HIS M 110 -44.75 -101.49 -58.60
CA HIS M 110 -45.36 -102.34 -59.61
C HIS M 110 -46.07 -103.50 -58.95
N VAL M 111 -47.20 -103.93 -59.53
CA VAL M 111 -47.89 -105.13 -59.11
C VAL M 111 -47.91 -106.12 -60.27
N SER M 112 -47.52 -107.35 -59.99
CA SER M 112 -47.61 -108.43 -60.95
C SER M 112 -49.04 -108.95 -61.01
N PRO M 113 -49.46 -109.49 -62.16
CA PRO M 113 -50.76 -110.17 -62.28
C PRO M 113 -50.78 -111.59 -61.71
N ALA M 114 -50.23 -111.76 -60.50
CA ALA M 114 -50.29 -112.99 -59.76
C ALA M 114 -50.95 -112.85 -58.41
N PHE M 115 -51.23 -111.62 -57.97
CA PHE M 115 -51.74 -111.36 -56.63
C PHE M 115 -52.91 -110.38 -56.78
N ARG M 116 -54.11 -110.83 -56.48
CA ARG M 116 -55.30 -109.99 -56.57
C ARG M 116 -55.27 -109.03 -55.39
N VAL M 117 -54.66 -107.87 -55.60
CA VAL M 117 -54.32 -106.95 -54.52
C VAL M 117 -55.39 -105.87 -54.43
N GLN M 118 -55.97 -105.71 -53.25
CA GLN M 118 -56.92 -104.66 -52.93
C GLN M 118 -56.27 -103.75 -51.89
N VAL M 119 -56.98 -102.68 -51.52
CA VAL M 119 -56.49 -101.80 -50.46
C VAL M 119 -56.51 -102.54 -49.12
N GLY M 120 -55.72 -102.02 -48.17
CA GLY M 120 -55.33 -102.82 -47.03
C GLY M 120 -54.21 -103.72 -47.49
N ASP M 121 -54.29 -105.02 -47.16
CA ASP M 121 -53.50 -106.09 -47.78
C ASP M 121 -51.99 -105.86 -47.60
N ILE M 122 -51.56 -106.05 -46.35
CA ILE M 122 -50.14 -105.98 -45.97
C ILE M 122 -49.31 -106.88 -46.88
N VAL M 123 -48.24 -106.30 -47.44
CA VAL M 123 -47.42 -106.94 -48.46
C VAL M 123 -45.96 -106.58 -48.22
N THR M 124 -45.07 -107.17 -49.02
CA THR M 124 -43.65 -106.90 -48.97
C THR M 124 -43.17 -106.45 -50.34
N VAL M 125 -42.29 -105.45 -50.37
CA VAL M 125 -41.82 -104.84 -51.60
C VAL M 125 -40.30 -104.68 -51.59
N GLY M 126 -39.71 -104.71 -52.79
CA GLY M 126 -38.26 -104.66 -52.95
C GLY M 126 -37.85 -104.20 -54.33
N GLN M 127 -36.61 -103.71 -54.42
CA GLN M 127 -36.15 -102.96 -55.59
C GLN M 127 -35.88 -103.86 -56.79
N CYS M 128 -36.29 -103.39 -57.97
CA CYS M 128 -36.47 -104.25 -59.14
C CYS M 128 -35.96 -103.56 -60.41
N ARG M 129 -34.77 -102.92 -60.33
CA ARG M 129 -34.16 -102.09 -61.38
C ARG M 129 -35.16 -101.02 -61.81
N PRO M 130 -35.30 -99.95 -61.03
CA PRO M 130 -36.56 -99.18 -60.94
C PRO M 130 -37.12 -98.68 -62.26
N ILE M 131 -38.42 -98.87 -62.45
CA ILE M 131 -38.99 -99.01 -63.78
C ILE M 131 -39.21 -97.66 -64.47
N SER M 132 -40.13 -96.86 -63.94
CA SER M 132 -40.46 -95.57 -64.57
C SER M 132 -40.48 -94.49 -63.49
N LYS M 133 -39.28 -94.02 -63.12
CA LYS M 133 -39.02 -92.70 -62.53
C LYS M 133 -39.57 -92.50 -61.11
N THR M 134 -40.55 -93.31 -60.70
CA THR M 134 -41.01 -93.38 -59.32
C THR M 134 -41.28 -94.80 -58.86
N VAL M 135 -41.51 -95.75 -59.77
CA VAL M 135 -41.71 -97.14 -59.42
C VAL M 135 -40.33 -97.70 -59.07
N ARG M 136 -40.02 -97.76 -57.77
CA ARG M 136 -38.74 -98.26 -57.32
C ARG M 136 -38.80 -99.65 -56.72
N PHE M 137 -39.96 -100.10 -56.26
CA PHE M 137 -40.05 -101.35 -55.52
C PHE M 137 -41.03 -102.27 -56.25
N ASN M 138 -41.12 -103.52 -55.81
CA ASN M 138 -42.02 -104.48 -56.45
C ASN M 138 -42.51 -105.50 -55.45
N VAL M 139 -43.80 -105.86 -55.56
CA VAL M 139 -44.43 -106.79 -54.64
C VAL M 139 -43.86 -108.18 -54.83
N VAL M 140 -43.67 -108.91 -53.72
CA VAL M 140 -43.20 -110.28 -53.78
C VAL M 140 -44.03 -111.24 -52.93
N LYS M 141 -44.83 -110.76 -51.97
CA LYS M 141 -45.58 -111.65 -51.09
C LYS M 141 -46.77 -110.90 -50.53
N VAL M 142 -47.92 -111.57 -50.47
CA VAL M 142 -49.12 -111.01 -49.87
C VAL M 142 -49.37 -111.70 -48.53
N SER M 143 -50.31 -111.14 -47.77
CA SER M 143 -50.68 -111.70 -46.47
C SER M 143 -52.10 -111.33 -46.11
N SER N 1 -55.87 -56.60 -5.70
CA SER N 1 -55.06 -55.71 -6.51
C SER N 1 -55.05 -54.30 -5.93
N SER N 2 -56.12 -53.55 -6.18
CA SER N 2 -56.28 -52.23 -5.57
C SER N 2 -56.54 -52.35 -4.07
N VAL N 3 -57.16 -53.46 -3.65
CA VAL N 3 -57.35 -53.72 -2.22
C VAL N 3 -56.00 -54.01 -1.56
N LEU N 4 -55.05 -54.57 -2.32
CA LEU N 4 -53.69 -54.71 -1.81
C LEU N 4 -53.01 -53.36 -1.74
N ALA N 5 -53.38 -52.45 -2.64
CA ALA N 5 -52.68 -51.18 -2.77
C ALA N 5 -52.93 -50.27 -1.58
N ASP N 6 -54.21 -50.09 -1.21
CA ASP N 6 -54.53 -49.11 -0.18
C ASP N 6 -54.31 -49.63 1.23
N ALA N 7 -53.98 -50.92 1.37
CA ALA N 7 -53.81 -51.49 2.70
C ALA N 7 -52.48 -51.09 3.31
N LEU N 8 -51.37 -51.44 2.65
CA LEU N 8 -50.06 -51.36 3.28
C LEU N 8 -49.52 -49.93 3.36
N ASN N 9 -49.91 -49.05 2.43
CA ASN N 9 -49.40 -47.69 2.50
C ASN N 9 -50.03 -46.93 3.64
N ALA N 10 -51.27 -47.28 4.00
CA ALA N 10 -51.91 -46.71 5.18
C ALA N 10 -51.28 -47.25 6.46
N ILE N 11 -50.64 -48.42 6.38
CA ILE N 11 -49.95 -48.97 7.53
C ILE N 11 -48.64 -48.21 7.77
N ASN N 12 -47.87 -47.96 6.71
CA ASN N 12 -46.51 -47.49 6.87
C ASN N 12 -46.37 -45.98 6.99
N ASN N 13 -47.47 -45.23 7.04
CA ASN N 13 -47.39 -43.87 7.60
C ASN N 13 -47.95 -43.83 9.01
N ALA N 14 -48.77 -44.81 9.36
CA ALA N 14 -49.29 -44.91 10.71
C ALA N 14 -48.18 -45.20 11.71
N GLU N 15 -47.21 -46.03 11.33
CA GLU N 15 -46.03 -46.21 12.15
C GLU N 15 -45.16 -44.96 12.16
N LYS N 16 -45.19 -44.17 11.09
CA LYS N 16 -44.51 -42.89 11.11
C LYS N 16 -45.22 -41.89 12.02
N THR N 17 -46.54 -41.95 12.09
CA THR N 17 -47.27 -41.15 13.07
C THR N 17 -47.34 -41.84 14.43
N GLY N 18 -46.98 -43.11 14.50
CA GLY N 18 -46.94 -43.82 15.78
C GLY N 18 -48.28 -44.16 16.38
N LYS N 19 -49.33 -44.28 15.57
CA LYS N 19 -50.65 -44.62 16.09
C LYS N 19 -50.71 -46.09 16.48
N ARG N 20 -51.17 -46.35 17.70
CA ARG N 20 -51.23 -47.72 18.21
C ARG N 20 -52.31 -48.53 17.51
N GLN N 21 -53.50 -47.97 17.38
CA GLN N 21 -54.66 -48.69 16.85
C GLN N 21 -55.04 -48.14 15.49
N VAL N 22 -55.06 -49.01 14.47
CA VAL N 22 -55.34 -48.59 13.10
C VAL N 22 -56.45 -49.45 12.51
N LEU N 23 -57.14 -48.89 11.52
CA LEU N 23 -58.33 -49.47 10.92
C LEU N 23 -58.10 -49.62 9.42
N ILE N 24 -58.48 -50.77 8.85
CA ILE N 24 -58.22 -51.05 7.44
C ILE N 24 -59.52 -51.48 6.76
N ARG N 25 -60.00 -50.64 5.85
CA ARG N 25 -61.13 -50.93 4.97
C ARG N 25 -60.68 -50.80 3.52
N PRO N 26 -60.98 -51.76 2.65
CA PRO N 26 -61.82 -52.96 2.81
C PRO N 26 -61.07 -54.15 3.38
N SER N 27 -61.58 -55.36 3.17
CA SER N 27 -60.96 -56.57 3.69
C SER N 27 -61.14 -57.72 2.72
N SER N 28 -60.03 -58.38 2.39
CA SER N 28 -60.04 -59.58 1.56
C SER N 28 -59.29 -60.68 2.29
N LYS N 29 -59.18 -61.86 1.70
CA LYS N 29 -58.49 -62.96 2.38
C LYS N 29 -57.01 -63.02 2.05
N VAL N 30 -56.55 -62.33 1.00
CA VAL N 30 -55.14 -62.38 0.64
C VAL N 30 -54.36 -61.38 1.48
N ILE N 31 -54.99 -60.26 1.87
CA ILE N 31 -54.40 -59.43 2.90
C ILE N 31 -54.48 -60.12 4.26
N ILE N 32 -55.41 -61.07 4.43
CA ILE N 32 -55.55 -61.74 5.71
C ILE N 32 -54.40 -62.71 5.94
N LYS N 33 -54.05 -63.52 4.92
CA LYS N 33 -52.97 -64.49 5.15
C LYS N 33 -51.60 -63.85 5.00
N PHE N 34 -51.52 -62.64 4.46
CA PHE N 34 -50.26 -61.91 4.48
C PHE N 34 -49.95 -61.43 5.90
N LEU N 35 -50.98 -61.06 6.66
CA LEU N 35 -50.76 -60.13 7.75
C LEU N 35 -50.20 -60.81 9.00
N GLN N 36 -50.13 -62.14 9.03
CA GLN N 36 -49.41 -62.79 10.12
C GLN N 36 -47.96 -63.09 9.79
N VAL N 37 -47.51 -62.83 8.56
CA VAL N 37 -46.15 -63.18 8.16
C VAL N 37 -45.15 -62.28 8.89
N MET N 38 -45.45 -60.98 8.98
CA MET N 38 -44.64 -60.11 9.83
C MET N 38 -44.84 -60.42 11.30
N GLN N 39 -46.05 -60.89 11.65
CA GLN N 39 -46.30 -61.34 13.02
C GLN N 39 -45.54 -62.63 13.32
N LYS N 40 -45.43 -63.52 12.33
CA LYS N 40 -44.60 -64.71 12.50
C LYS N 40 -43.14 -64.34 12.66
N HIS N 41 -42.67 -63.38 11.88
CA HIS N 41 -41.28 -62.97 11.90
C HIS N 41 -41.02 -61.79 12.84
N GLY N 42 -42.03 -61.35 13.60
CA GLY N 42 -41.80 -60.47 14.72
C GLY N 42 -41.82 -58.98 14.45
N TYR N 43 -42.49 -58.52 13.40
CA TYR N 43 -42.60 -57.08 13.18
C TYR N 43 -43.86 -56.46 13.81
N ILE N 44 -44.96 -57.19 13.87
CA ILE N 44 -46.19 -56.67 14.45
C ILE N 44 -46.64 -57.59 15.58
N GLY N 45 -47.77 -57.25 16.19
CA GLY N 45 -48.32 -58.01 17.29
C GLY N 45 -49.62 -58.71 16.94
N GLU N 46 -50.70 -58.36 17.65
CA GLU N 46 -52.00 -58.98 17.48
C GLU N 46 -52.91 -58.07 16.66
N PHE N 47 -53.94 -58.68 16.06
CA PHE N 47 -54.88 -57.94 15.22
C PHE N 47 -56.19 -58.70 15.11
N GLU N 48 -57.18 -58.03 14.51
CA GLU N 48 -58.58 -58.42 14.54
C GLU N 48 -59.16 -58.42 13.13
N TYR N 49 -60.47 -58.69 13.05
CA TYR N 49 -61.32 -58.22 11.96
C TYR N 49 -62.64 -57.76 12.56
N ILE N 50 -63.10 -56.57 12.17
CA ILE N 50 -64.53 -56.27 12.25
C ILE N 50 -65.19 -56.75 10.97
N ASP N 51 -66.33 -57.45 11.09
CA ASP N 51 -67.10 -57.89 9.92
C ASP N 51 -68.46 -57.20 9.91
N ASP N 52 -68.52 -56.03 9.28
CA ASP N 52 -69.77 -55.61 8.70
C ASP N 52 -69.98 -56.39 7.41
N HIS N 53 -71.24 -56.73 7.10
CA HIS N 53 -71.48 -57.70 6.04
C HIS N 53 -71.45 -57.09 4.64
N ARG N 54 -70.39 -56.34 4.33
CA ARG N 54 -70.08 -55.98 2.96
C ARG N 54 -68.71 -56.53 2.54
N SER N 55 -67.63 -56.14 3.23
CA SER N 55 -66.31 -56.71 2.98
C SER N 55 -65.50 -57.01 4.24
N GLY N 56 -65.77 -56.34 5.35
CA GLY N 56 -64.98 -56.48 6.55
C GLY N 56 -64.17 -55.22 6.85
N LYS N 57 -63.46 -55.28 7.98
CA LYS N 57 -62.64 -54.18 8.47
C LYS N 57 -61.58 -54.75 9.40
N ILE N 58 -60.32 -54.42 9.16
CA ILE N 58 -59.20 -55.00 9.91
C ILE N 58 -58.79 -54.03 11.01
N VAL N 59 -58.82 -54.52 12.26
CA VAL N 59 -58.30 -53.79 13.41
C VAL N 59 -56.93 -54.34 13.73
N VAL N 60 -55.90 -53.47 13.73
CA VAL N 60 -54.52 -53.89 13.89
C VAL N 60 -53.86 -53.10 15.01
N GLN N 61 -53.30 -53.81 15.98
CA GLN N 61 -52.44 -53.21 16.99
C GLN N 61 -51.03 -53.18 16.46
N LEU N 62 -50.29 -52.12 16.80
CA LEU N 62 -48.94 -51.90 16.30
C LEU N 62 -48.00 -51.72 17.49
N ASN N 63 -46.82 -52.33 17.40
CA ASN N 63 -45.85 -52.30 18.50
C ASN N 63 -44.50 -51.74 18.05
N GLY N 64 -44.51 -50.89 17.02
CA GLY N 64 -43.26 -50.49 16.41
C GLY N 64 -42.73 -51.61 15.52
N ARG N 65 -41.40 -51.71 15.45
CA ARG N 65 -40.68 -52.77 14.73
C ARG N 65 -41.03 -52.84 13.25
N LEU N 66 -41.26 -51.67 12.64
CA LEU N 66 -41.62 -51.64 11.22
C LEU N 66 -41.07 -50.35 10.66
N ASN N 67 -40.15 -50.46 9.70
CA ASN N 67 -39.62 -49.27 9.04
C ASN N 67 -40.46 -48.92 7.81
N LYS N 68 -40.75 -49.91 6.97
CA LYS N 68 -41.52 -49.70 5.75
C LYS N 68 -42.06 -51.04 5.27
N CYS N 69 -43.35 -51.06 4.93
CA CYS N 69 -43.97 -52.19 4.28
C CYS N 69 -44.57 -51.70 2.96
N GLY N 70 -44.61 -52.59 1.97
CA GLY N 70 -45.14 -52.18 0.68
C GLY N 70 -45.27 -53.27 -0.35
N VAL N 71 -46.32 -53.19 -1.16
CA VAL N 71 -46.45 -54.10 -2.30
C VAL N 71 -45.63 -53.58 -3.47
N ILE N 72 -45.41 -54.45 -4.45
CA ILE N 72 -44.70 -54.11 -5.67
C ILE N 72 -45.70 -54.05 -6.81
N SER N 73 -45.46 -53.15 -7.75
CA SER N 73 -46.31 -53.00 -8.93
C SER N 73 -45.43 -52.83 -10.16
N PRO N 74 -45.81 -53.39 -11.31
CA PRO N 74 -46.96 -54.25 -11.64
C PRO N 74 -46.76 -55.70 -11.19
N ARG N 75 -47.45 -56.64 -11.83
CA ARG N 75 -47.34 -58.04 -11.44
C ARG N 75 -45.92 -58.56 -11.71
N PHE N 76 -45.36 -59.24 -10.72
CA PHE N 76 -43.97 -59.69 -10.76
C PHE N 76 -43.93 -61.20 -10.85
N ASN N 77 -43.26 -61.71 -11.86
CA ASN N 77 -42.96 -63.13 -11.98
C ASN N 77 -41.51 -63.39 -11.57
N VAL N 78 -41.29 -64.55 -10.96
CA VAL N 78 -39.99 -64.86 -10.38
C VAL N 78 -39.70 -66.34 -10.58
N LYS N 79 -38.41 -66.65 -10.73
CA LYS N 79 -37.91 -68.02 -10.74
C LYS N 79 -37.32 -68.34 -9.37
N ILE N 80 -36.94 -69.61 -9.18
CA ILE N 80 -36.31 -70.01 -7.93
C ILE N 80 -34.89 -69.44 -7.83
N GLY N 81 -34.17 -69.35 -8.95
CA GLY N 81 -32.80 -68.86 -8.91
C GLY N 81 -32.66 -67.38 -9.23
N ASP N 82 -33.55 -66.55 -8.68
CA ASP N 82 -33.50 -65.12 -8.94
C ASP N 82 -33.66 -64.24 -7.70
N ILE N 83 -34.08 -64.79 -6.56
CA ILE N 83 -34.47 -63.99 -5.40
C ILE N 83 -33.28 -63.24 -4.80
N GLU N 84 -32.09 -63.85 -4.82
CA GLU N 84 -30.90 -63.19 -4.28
C GLU N 84 -30.53 -61.95 -5.09
N LYS N 85 -30.85 -61.96 -6.39
CA LYS N 85 -30.72 -60.74 -7.17
C LYS N 85 -31.83 -59.75 -6.86
N TRP N 86 -33.04 -60.25 -6.55
CA TRP N 86 -34.13 -59.36 -6.18
C TRP N 86 -33.91 -58.72 -4.82
N THR N 87 -33.17 -59.40 -3.93
CA THR N 87 -32.79 -58.79 -2.67
C THR N 87 -31.81 -57.64 -2.90
N ALA N 88 -30.96 -57.75 -3.93
CA ALA N 88 -30.06 -56.67 -4.26
C ALA N 88 -30.79 -55.53 -4.96
N ASN N 89 -31.98 -55.79 -5.49
CA ASN N 89 -32.71 -54.78 -6.25
C ASN N 89 -33.46 -53.82 -5.35
N LEU N 90 -34.42 -54.34 -4.57
CA LEU N 90 -35.39 -53.50 -3.88
C LEU N 90 -35.39 -53.76 -2.37
N LEU N 91 -34.24 -54.12 -1.81
CA LEU N 91 -34.16 -54.44 -0.39
C LEU N 91 -32.85 -53.91 0.16
N PRO N 92 -32.87 -53.24 1.33
CA PRO N 92 -31.65 -52.64 1.89
C PRO N 92 -30.58 -53.61 2.34
N ALA N 93 -30.93 -54.53 3.23
CA ALA N 93 -29.94 -55.31 3.95
C ALA N 93 -29.80 -56.70 3.32
N ARG N 94 -28.95 -57.52 3.94
CA ARG N 94 -28.73 -58.89 3.49
C ARG N 94 -29.19 -59.94 4.49
N GLN N 95 -29.29 -59.58 5.76
CA GLN N 95 -29.77 -60.48 6.80
C GLN N 95 -31.20 -60.19 7.24
N PHE N 96 -31.63 -58.93 7.17
CA PHE N 96 -33.01 -58.56 7.48
C PHE N 96 -33.61 -57.82 6.29
N GLY N 97 -34.91 -57.56 6.38
CA GLY N 97 -35.66 -57.03 5.26
C GLY N 97 -36.16 -58.21 4.44
N TYR N 98 -37.47 -58.39 4.38
CA TYR N 98 -38.05 -59.69 4.05
C TYR N 98 -39.00 -59.50 2.87
N VAL N 99 -38.81 -60.30 1.83
CA VAL N 99 -39.65 -60.23 0.64
C VAL N 99 -40.53 -61.47 0.59
N ILE N 100 -41.59 -61.41 -0.20
CA ILE N 100 -42.64 -62.42 -0.20
C ILE N 100 -42.95 -62.86 -1.62
N LEU N 101 -43.59 -64.02 -1.73
CA LEU N 101 -44.00 -64.58 -3.01
C LEU N 101 -45.12 -65.58 -2.77
N THR N 102 -46.04 -65.69 -3.72
CA THR N 102 -47.16 -66.63 -3.63
C THR N 102 -46.91 -67.81 -4.55
N THR N 103 -46.95 -69.02 -3.98
CA THR N 103 -46.77 -70.27 -4.71
C THR N 103 -47.94 -71.20 -4.44
N SER N 104 -47.78 -72.48 -4.77
CA SER N 104 -48.79 -73.50 -4.45
C SER N 104 -49.03 -73.60 -2.94
N ALA N 105 -48.02 -73.31 -2.12
CA ALA N 105 -48.24 -73.23 -0.69
C ALA N 105 -48.89 -71.92 -0.25
N GLY N 106 -49.06 -70.98 -1.17
CA GLY N 106 -49.62 -69.69 -0.86
C GLY N 106 -48.52 -68.67 -0.57
N ILE N 107 -48.93 -67.58 0.08
CA ILE N 107 -47.93 -66.60 0.51
C ILE N 107 -47.17 -67.13 1.72
N MET N 108 -45.85 -66.97 1.66
CA MET N 108 -44.87 -67.45 2.64
C MET N 108 -43.56 -66.75 2.30
N ASP N 109 -42.55 -66.98 3.13
CA ASP N 109 -41.40 -66.09 3.13
C ASP N 109 -40.22 -66.73 2.39
N HIS N 110 -39.36 -65.87 1.85
CA HIS N 110 -38.54 -66.20 0.68
C HIS N 110 -37.42 -67.19 0.95
N GLU N 111 -36.89 -67.27 2.17
CA GLU N 111 -35.80 -68.22 2.39
C GLU N 111 -36.33 -69.65 2.58
N GLU N 112 -37.58 -69.80 3.06
CA GLU N 112 -38.17 -71.13 3.04
C GLU N 112 -38.73 -71.52 1.67
N ALA N 113 -38.80 -70.59 0.72
CA ALA N 113 -39.05 -70.98 -0.67
C ALA N 113 -37.91 -71.84 -1.19
N ARG N 114 -36.68 -71.52 -0.79
CA ARG N 114 -35.54 -72.35 -1.11
C ARG N 114 -35.59 -73.67 -0.33
N ARG N 115 -36.14 -73.64 0.88
CA ARG N 115 -36.22 -74.87 1.68
C ARG N 115 -37.31 -75.80 1.15
N LYS N 116 -38.36 -75.24 0.57
CA LYS N 116 -39.38 -76.04 -0.09
C LYS N 116 -39.14 -76.18 -1.59
N HIS N 117 -38.08 -75.54 -2.11
CA HIS N 117 -37.60 -75.69 -3.49
C HIS N 117 -38.68 -75.38 -4.53
N VAL N 118 -39.42 -74.29 -4.30
CA VAL N 118 -40.56 -73.95 -5.14
C VAL N 118 -40.44 -72.51 -5.62
N SER N 119 -40.74 -72.29 -6.90
CA SER N 119 -40.90 -70.95 -7.43
C SER N 119 -42.30 -70.42 -7.12
N GLY N 120 -42.46 -69.10 -7.21
CA GLY N 120 -43.70 -68.46 -6.84
C GLY N 120 -43.99 -67.22 -7.64
N LYS N 121 -44.57 -66.21 -7.00
CA LYS N 121 -45.01 -65.00 -7.68
C LYS N 121 -44.98 -63.86 -6.67
N ILE N 122 -44.08 -62.89 -6.88
CA ILE N 122 -43.74 -61.90 -5.88
C ILE N 122 -44.76 -60.76 -5.91
N LEU N 123 -45.26 -60.37 -4.74
CA LEU N 123 -46.18 -59.24 -4.64
C LEU N 123 -45.69 -58.07 -3.79
N GLY N 124 -44.78 -58.29 -2.84
CA GLY N 124 -44.47 -57.20 -1.93
C GLY N 124 -43.11 -57.35 -1.27
N PHE N 125 -42.85 -56.44 -0.34
CA PHE N 125 -41.58 -56.35 0.36
C PHE N 125 -41.79 -55.68 1.70
N VAL N 126 -41.02 -56.12 2.71
CA VAL N 126 -41.06 -55.55 4.05
C VAL N 126 -39.62 -55.37 4.53
N TYR N 127 -39.27 -54.16 4.92
CA TYR N 127 -37.97 -53.91 5.54
C TYR N 127 -38.10 -52.94 6.71
N ALA O 1 39.81 -82.21 -22.61
CA ALA O 1 39.22 -82.33 -23.94
C ALA O 1 37.73 -82.63 -23.85
N VAL O 2 37.10 -82.75 -25.02
CA VAL O 2 35.67 -83.04 -25.05
C VAL O 2 35.43 -84.51 -24.75
N THR O 3 34.18 -84.84 -24.43
CA THR O 3 33.79 -86.21 -24.13
C THR O 3 32.42 -86.47 -24.72
N ILE O 4 32.29 -87.58 -25.46
CA ILE O 4 31.02 -87.97 -26.05
C ILE O 4 30.40 -89.08 -25.21
N ARG O 5 29.08 -89.20 -25.30
CA ARG O 5 28.35 -90.23 -24.57
C ARG O 5 27.16 -90.64 -25.43
N THR O 6 27.20 -91.87 -25.94
CA THR O 6 26.16 -92.36 -26.83
C THR O 6 24.99 -92.90 -26.01
N ARG O 7 23.79 -92.49 -26.38
CA ARG O 7 22.56 -92.98 -25.77
C ARG O 7 21.59 -93.42 -26.84
N LYS O 8 20.77 -94.40 -26.48
CA LYS O 8 19.76 -95.01 -27.35
C LYS O 8 20.37 -95.53 -28.64
N VAL O 9 21.51 -96.22 -28.50
CA VAL O 9 22.13 -96.88 -29.63
C VAL O 9 21.25 -98.04 -30.08
N ILE O 10 21.07 -98.16 -31.39
CA ILE O 10 20.20 -99.17 -31.96
C ILE O 10 20.68 -99.52 -33.37
N SER O 11 20.91 -100.81 -33.61
CA SER O 11 21.37 -101.30 -34.91
C SER O 11 20.20 -101.63 -35.81
N ASN O 12 20.42 -101.51 -37.10
CA ASN O 12 19.37 -101.66 -38.11
C ASN O 12 19.86 -102.50 -39.27
N PRO O 13 19.29 -103.69 -39.49
CA PRO O 13 19.93 -104.66 -40.39
C PRO O 13 19.49 -104.60 -41.85
N LEU O 14 18.25 -104.19 -42.17
CA LEU O 14 17.83 -104.24 -43.57
C LEU O 14 18.42 -103.12 -44.42
N LEU O 15 18.83 -102.02 -43.81
CA LEU O 15 19.41 -100.92 -44.57
C LEU O 15 20.83 -100.67 -44.06
N ALA O 16 21.37 -101.61 -43.29
CA ALA O 16 22.73 -101.61 -42.73
C ALA O 16 23.01 -100.37 -41.89
N ARG O 17 22.00 -99.86 -41.20
CA ARG O 17 22.16 -98.65 -40.40
C ARG O 17 22.48 -98.99 -38.96
N LYS O 18 23.03 -98.01 -38.24
CA LYS O 18 22.91 -97.96 -36.80
C LYS O 18 22.96 -96.50 -36.39
N GLN O 19 22.04 -96.11 -35.51
CA GLN O 19 21.87 -94.72 -35.13
C GLN O 19 21.85 -94.58 -33.62
N PHE O 20 22.31 -93.43 -33.14
CA PHE O 20 22.37 -93.15 -31.73
C PHE O 20 22.36 -91.65 -31.55
N VAL O 21 21.69 -91.17 -30.51
CA VAL O 21 21.92 -89.81 -30.08
C VAL O 21 23.19 -89.76 -29.26
N VAL O 22 23.81 -88.58 -29.20
CA VAL O 22 25.03 -88.43 -28.44
C VAL O 22 24.97 -87.11 -27.69
N ASP O 23 25.40 -87.14 -26.43
CA ASP O 23 25.58 -85.93 -25.65
C ASP O 23 27.06 -85.64 -25.63
N VAL O 24 27.44 -84.46 -26.11
CA VAL O 24 28.82 -84.00 -26.06
C VAL O 24 28.90 -82.90 -25.00
N LEU O 25 29.97 -82.94 -24.21
CA LEU O 25 30.11 -82.12 -23.03
C LEU O 25 31.37 -81.28 -23.21
N HIS O 26 31.19 -80.08 -23.75
CA HIS O 26 32.30 -79.17 -23.94
C HIS O 26 32.73 -78.65 -22.58
N PRO O 27 34.03 -78.61 -22.28
CA PRO O 27 34.46 -77.92 -21.06
C PRO O 27 34.18 -76.43 -21.14
N ASN O 28 34.78 -75.74 -22.12
CA ASN O 28 34.47 -74.34 -22.33
C ASN O 28 34.46 -73.87 -23.78
N ARG O 29 34.99 -74.64 -24.75
CA ARG O 29 35.83 -74.08 -25.79
C ARG O 29 35.18 -73.06 -26.73
N ALA O 30 34.38 -73.50 -27.71
CA ALA O 30 33.53 -72.57 -28.44
C ALA O 30 32.23 -73.19 -28.90
N ASN O 31 32.27 -74.49 -29.20
CA ASN O 31 31.28 -75.12 -30.05
C ASN O 31 31.45 -76.63 -30.09
N VAL O 32 30.69 -77.30 -30.97
CA VAL O 32 30.82 -78.74 -31.12
C VAL O 32 32.14 -79.12 -31.78
N SER O 33 32.53 -78.38 -32.83
CA SER O 33 33.67 -78.67 -33.70
C SER O 33 33.57 -80.10 -34.26
N LYS O 34 32.57 -80.28 -35.14
CA LYS O 34 32.07 -81.60 -35.50
C LYS O 34 33.09 -82.47 -36.23
N ASP O 35 34.19 -81.91 -36.72
CA ASP O 35 35.26 -82.75 -37.26
C ASP O 35 35.95 -83.53 -36.15
N GLU O 36 35.92 -83.02 -34.92
CA GLU O 36 36.54 -83.72 -33.80
C GLU O 36 35.71 -84.93 -33.37
N LEU O 37 34.39 -84.79 -33.27
CA LEU O 37 33.62 -85.86 -32.64
C LEU O 37 33.44 -87.04 -33.60
N ARG O 38 33.45 -86.78 -34.91
CA ARG O 38 33.48 -87.88 -35.87
C ARG O 38 34.82 -88.59 -35.85
N GLU O 39 35.88 -87.88 -35.47
CA GLU O 39 37.16 -88.55 -35.18
C GLU O 39 37.10 -89.22 -33.81
N LYS O 40 36.31 -88.68 -32.88
CA LYS O 40 36.21 -89.26 -31.55
C LYS O 40 35.45 -90.59 -31.58
N LEU O 41 34.36 -90.65 -32.36
CA LEU O 41 33.66 -91.92 -32.49
C LEU O 41 34.40 -92.87 -33.43
N ALA O 42 35.37 -92.36 -34.19
CA ALA O 42 36.20 -93.22 -35.03
C ALA O 42 37.14 -94.09 -34.22
N GLU O 43 37.58 -93.64 -33.05
CA GLU O 43 38.48 -94.40 -32.21
C GLU O 43 37.80 -94.96 -30.97
N VAL O 44 36.55 -94.58 -30.71
CA VAL O 44 35.74 -95.25 -29.71
C VAL O 44 34.89 -96.35 -30.32
N TYR O 45 34.24 -96.11 -31.46
CA TYR O 45 33.53 -97.14 -32.19
C TYR O 45 34.32 -97.52 -33.43
N LYS O 46 34.18 -98.76 -33.86
CA LYS O 46 34.76 -99.17 -35.13
C LYS O 46 33.92 -98.51 -36.21
N ALA O 47 34.35 -97.33 -36.67
CA ALA O 47 33.46 -96.44 -37.39
C ALA O 47 33.71 -96.36 -38.89
N GLU O 48 34.87 -96.82 -39.38
CA GLU O 48 35.28 -96.75 -40.81
C GLU O 48 34.97 -95.38 -41.42
N LYS O 49 35.83 -94.44 -41.01
CA LYS O 49 35.60 -93.02 -40.72
C LYS O 49 34.52 -92.29 -41.52
N ASP O 50 34.53 -92.41 -42.85
CA ASP O 50 33.59 -91.65 -43.67
C ASP O 50 32.19 -92.25 -43.73
N ALA O 51 31.91 -93.29 -42.96
CA ALA O 51 30.60 -93.94 -42.96
C ALA O 51 29.63 -93.30 -41.97
N VAL O 52 30.05 -92.27 -41.25
CA VAL O 52 29.23 -91.66 -40.20
C VAL O 52 28.68 -90.34 -40.74
N SER O 53 27.48 -90.01 -40.29
CA SER O 53 26.84 -88.74 -40.63
C SER O 53 26.15 -88.21 -39.39
N VAL O 54 26.63 -87.07 -38.88
CA VAL O 54 26.08 -86.42 -37.70
C VAL O 54 25.37 -85.15 -38.17
N PHE O 55 24.08 -85.05 -37.87
CA PHE O 55 23.32 -83.90 -38.36
C PHE O 55 22.47 -83.24 -37.28
N GLY O 56 21.97 -84.02 -36.32
CA GLY O 56 21.05 -83.48 -35.33
C GLY O 56 21.74 -82.77 -34.19
N PHE O 57 22.30 -81.60 -34.47
CA PHE O 57 23.15 -80.87 -33.54
C PHE O 57 22.36 -79.70 -32.96
N ARG O 58 21.82 -79.89 -31.77
CA ARG O 58 21.10 -78.84 -31.06
C ARG O 58 21.83 -78.54 -29.77
N THR O 59 22.38 -77.33 -29.67
CA THR O 59 23.08 -76.91 -28.47
C THR O 59 22.11 -76.25 -27.51
N GLN O 60 22.15 -76.67 -26.25
CA GLN O 60 21.38 -76.00 -25.22
C GLN O 60 21.96 -74.63 -24.95
N PHE O 61 21.12 -73.72 -24.47
CA PHE O 61 21.54 -72.33 -24.31
C PHE O 61 22.41 -72.24 -23.05
N GLY O 62 23.58 -71.64 -23.19
CA GLY O 62 24.54 -71.52 -22.11
C GLY O 62 25.88 -72.17 -22.38
N GLY O 63 26.00 -72.98 -23.43
CA GLY O 63 27.27 -73.55 -23.81
C GLY O 63 27.68 -74.73 -22.95
N GLY O 64 28.69 -75.45 -23.44
CA GLY O 64 29.26 -76.56 -22.72
C GLY O 64 28.55 -77.88 -22.92
N LYS O 65 27.41 -77.91 -23.59
CA LYS O 65 26.63 -79.13 -23.74
C LYS O 65 25.82 -79.03 -25.02
N SER O 66 25.83 -80.10 -25.81
CA SER O 66 25.05 -80.16 -27.03
C SER O 66 24.54 -81.58 -27.24
N VAL O 67 23.26 -81.69 -27.57
CA VAL O 67 22.65 -82.98 -27.87
C VAL O 67 22.85 -83.25 -29.35
N GLY O 68 23.72 -84.20 -29.67
CA GLY O 68 24.01 -84.54 -31.04
C GLY O 68 23.32 -85.83 -31.46
N PHE O 69 22.96 -85.88 -32.75
CA PHE O 69 22.35 -87.07 -33.34
C PHE O 69 23.15 -87.46 -34.58
N GLY O 70 23.45 -88.76 -34.69
CA GLY O 70 24.26 -89.25 -35.78
C GLY O 70 23.84 -90.62 -36.23
N LEU O 71 24.33 -91.00 -37.41
CA LEU O 71 24.00 -92.25 -38.06
C LEU O 71 25.24 -92.76 -38.78
N VAL O 72 25.51 -94.06 -38.64
CA VAL O 72 26.69 -94.66 -39.26
C VAL O 72 26.31 -96.04 -39.78
N TYR O 73 26.82 -96.37 -40.98
CA TYR O 73 26.69 -97.72 -41.52
C TYR O 73 28.02 -98.44 -41.43
N ASN O 74 28.07 -99.60 -42.07
CA ASN O 74 29.31 -100.29 -42.39
C ASN O 74 29.49 -100.29 -43.90
N SER O 75 30.64 -100.84 -44.35
CA SER O 75 30.95 -101.11 -45.76
C SER O 75 30.86 -99.86 -46.63
N VAL O 76 31.83 -98.95 -46.49
CA VAL O 76 31.75 -97.58 -47.01
C VAL O 76 31.59 -97.48 -48.52
N ALA O 77 31.79 -98.57 -49.26
CA ALA O 77 31.62 -98.53 -50.71
C ALA O 77 30.16 -98.32 -51.10
N GLU O 78 29.26 -99.11 -50.51
CA GLU O 78 27.83 -98.90 -50.75
C GLU O 78 27.25 -97.78 -49.91
N ALA O 79 27.95 -97.36 -48.84
CA ALA O 79 27.42 -96.33 -47.95
C ALA O 79 27.36 -94.97 -48.62
N LYS O 80 28.14 -94.78 -49.69
CA LYS O 80 28.09 -93.54 -50.44
C LYS O 80 26.76 -93.38 -51.16
N LYS O 81 26.23 -94.47 -51.73
CA LYS O 81 25.02 -94.40 -52.55
C LYS O 81 23.75 -94.76 -51.79
N PHE O 82 23.85 -95.31 -50.58
CA PHE O 82 22.73 -95.29 -49.65
C PHE O 82 22.54 -93.95 -48.96
N GLU O 83 23.46 -93.00 -49.16
CA GLU O 83 23.27 -91.70 -48.55
C GLU O 83 22.52 -90.75 -49.51
N PRO O 84 21.68 -89.88 -48.97
CA PRO O 84 21.11 -88.79 -49.77
C PRO O 84 22.16 -87.78 -50.22
N THR O 85 21.73 -86.88 -51.11
CA THR O 85 22.67 -86.03 -51.83
C THR O 85 23.26 -84.93 -50.96
N TYR O 86 22.66 -84.63 -49.82
CA TYR O 86 22.99 -83.41 -49.09
C TYR O 86 24.07 -83.59 -48.02
N ARG O 87 24.72 -84.76 -47.91
CA ARG O 87 25.82 -84.91 -46.97
C ARG O 87 27.04 -85.67 -47.48
N LEU O 88 27.09 -86.11 -48.74
CA LEU O 88 28.38 -86.63 -49.21
C LEU O 88 29.28 -85.48 -49.67
N VAL O 89 28.72 -84.27 -49.81
CA VAL O 89 29.52 -83.07 -49.99
C VAL O 89 30.31 -82.73 -48.73
N ARG O 90 29.90 -83.23 -47.58
CA ARG O 90 30.66 -83.11 -46.36
C ARG O 90 31.93 -83.96 -46.45
N THR P 1 25.19 97.38 10.42
CA THR P 1 24.39 96.28 9.92
C THR P 1 23.52 95.66 11.03
N PRO P 2 22.30 96.15 11.15
CA PRO P 2 21.38 95.64 12.17
C PRO P 2 20.58 94.37 11.87
N VAL P 3 21.13 93.25 12.32
CA VAL P 3 20.46 91.96 12.23
C VAL P 3 19.35 91.92 13.29
N THR P 4 18.31 91.14 13.03
CA THR P 4 17.17 91.07 13.92
C THR P 4 16.75 89.62 14.12
N LEU P 5 16.96 89.10 15.33
CA LEU P 5 16.59 87.74 15.64
C LEU P 5 15.07 87.63 15.73
N ALA P 6 14.51 86.56 15.18
CA ALA P 6 13.07 86.48 15.02
C ALA P 6 12.56 85.09 15.38
N LYS P 7 11.79 85.00 16.46
CA LYS P 7 11.14 83.76 16.85
C LYS P 7 9.99 83.43 15.91
N VAL P 8 9.93 82.18 15.48
CA VAL P 8 8.83 81.71 14.63
C VAL P 8 7.59 81.55 15.50
N ILE P 9 6.51 82.23 15.11
CA ILE P 9 5.24 82.11 15.83
C ILE P 9 4.42 80.94 15.33
N LYS P 10 4.29 80.80 14.01
CA LYS P 10 3.53 79.69 13.44
C LYS P 10 3.97 79.47 12.01
N VAL P 11 4.31 78.23 11.68
CA VAL P 11 4.57 77.86 10.29
C VAL P 11 3.24 77.72 9.58
N LEU P 12 3.04 78.49 8.53
CA LEU P 12 1.76 78.56 7.84
C LEU P 12 1.56 77.34 6.95
N GLY P 13 0.37 77.22 6.39
CA GLY P 13 0.03 76.11 5.53
C GLY P 13 -1.02 76.49 4.52
N ARG P 14 -1.12 75.65 3.48
CA ARG P 14 -2.07 75.79 2.38
C ARG P 14 -1.96 77.14 1.67
N THR P 15 -0.74 77.65 1.55
CA THR P 15 -0.46 78.89 0.85
C THR P 15 0.27 78.61 -0.45
N GLY P 16 0.16 79.56 -1.37
CA GLY P 16 0.89 79.47 -2.62
C GLY P 16 2.37 79.69 -2.36
N SER P 17 3.19 78.65 -2.52
CA SER P 17 4.62 78.78 -2.34
C SER P 17 5.31 77.66 -3.10
N ARG P 18 6.52 77.94 -3.56
CA ARG P 18 7.31 76.94 -4.25
C ARG P 18 7.80 75.87 -3.28
N GLY P 19 8.28 74.77 -3.85
CA GLY P 19 8.99 73.79 -3.05
C GLY P 19 10.28 74.38 -2.51
N GLY P 20 10.55 74.10 -1.24
CA GLY P 20 11.69 74.70 -0.59
C GLY P 20 11.51 76.12 -0.16
N VAL P 21 10.28 76.63 -0.14
CA VAL P 21 9.95 77.91 0.47
C VAL P 21 8.70 77.69 1.31
N THR P 22 8.78 77.94 2.61
CA THR P 22 7.63 77.83 3.51
C THR P 22 7.38 79.20 4.11
N GLN P 23 6.16 79.71 3.93
CA GLN P 23 5.81 81.02 4.46
C GLN P 23 5.60 80.90 5.97
N VAL P 24 6.27 81.77 6.73
CA VAL P 24 6.39 81.64 8.17
C VAL P 24 6.17 83.01 8.81
N ARG P 25 5.27 83.07 9.78
CA ARG P 25 5.14 84.25 10.63
C ARG P 25 6.26 84.24 11.67
N VAL P 26 7.15 85.22 11.59
CA VAL P 26 8.20 85.38 12.59
C VAL P 26 7.87 86.60 13.45
N GLU P 27 8.51 86.65 14.62
CA GLU P 27 8.26 87.69 15.60
C GLU P 27 9.60 88.09 16.21
N PHE P 28 9.86 89.40 16.26
CA PHE P 28 11.17 89.89 16.67
C PHE P 28 11.44 89.62 18.14
N LEU P 29 12.70 89.75 18.53
CA LEU P 29 13.08 89.54 19.93
C LEU P 29 13.23 90.83 20.71
N GLU P 30 13.14 91.99 20.04
CA GLU P 30 13.18 93.24 20.78
C GLU P 30 11.90 93.51 21.54
N ASP P 31 10.75 93.18 20.94
CA ASP P 31 9.48 93.19 21.66
C ASP P 31 8.71 91.93 21.29
N THR P 32 7.67 91.62 22.06
CA THR P 32 6.87 90.44 21.76
C THR P 32 5.64 90.78 20.91
N SER P 33 5.57 92.02 20.41
CA SER P 33 4.34 92.47 19.75
C SER P 33 4.40 92.31 18.24
N ARG P 34 5.40 92.89 17.60
CA ARG P 34 5.38 93.10 16.16
C ARG P 34 5.75 91.83 15.41
N THR P 35 4.80 91.29 14.64
CA THR P 35 5.03 90.12 13.81
C THR P 35 4.98 90.48 12.33
N ILE P 36 5.87 89.86 11.56
CA ILE P 36 6.02 90.13 10.14
C ILE P 36 6.06 88.79 9.40
N VAL P 37 5.25 88.67 8.35
CA VAL P 37 5.24 87.46 7.52
C VAL P 37 6.48 87.48 6.63
N ARG P 38 7.29 86.43 6.71
CA ARG P 38 8.50 86.29 5.90
C ARG P 38 8.50 84.92 5.24
N ASN P 39 9.53 84.66 4.44
CA ASN P 39 9.69 83.39 3.75
C ASN P 39 10.97 82.71 4.24
N VAL P 40 10.84 81.46 4.67
CA VAL P 40 11.96 80.67 5.16
C VAL P 40 12.19 79.51 4.20
N LYS P 41 13.44 79.31 3.80
CA LYS P 41 13.77 78.39 2.73
C LYS P 41 14.10 76.98 3.24
N GLY P 42 14.86 76.89 4.33
CA GLY P 42 15.28 75.60 4.82
C GLY P 42 14.20 74.88 5.61
N PRO P 43 14.53 73.72 6.15
CA PRO P 43 13.57 73.00 7.00
C PRO P 43 13.38 73.69 8.33
N VAL P 44 12.23 74.33 8.52
CA VAL P 44 11.94 75.13 9.70
C VAL P 44 10.73 74.54 10.42
N ARG P 45 10.84 74.41 11.73
CA ARG P 45 9.76 73.98 12.60
C ARG P 45 9.26 75.17 13.41
N GLU P 46 8.40 74.88 14.37
CA GLU P 46 7.93 75.92 15.28
C GLU P 46 9.05 76.33 16.24
N ASN P 47 8.93 77.56 16.75
CA ASN P 47 9.66 78.14 17.91
C ASN P 47 11.17 78.00 17.84
N ASP P 48 11.72 78.25 16.65
CA ASP P 48 13.15 78.43 16.48
C ASP P 48 13.43 79.86 16.04
N ILE P 49 14.32 80.54 16.74
CA ILE P 49 14.51 81.97 16.50
C ILE P 49 15.47 82.11 15.32
N LEU P 50 15.18 83.09 14.47
CA LEU P 50 15.69 83.14 13.10
C LEU P 50 16.29 84.52 12.85
N VAL P 51 17.42 84.54 12.14
CA VAL P 51 18.15 85.78 11.90
C VAL P 51 17.66 86.40 10.60
N LEU P 52 17.05 87.59 10.72
CA LEU P 52 16.64 88.35 9.55
C LEU P 52 17.69 89.39 9.22
N MET P 53 17.91 89.63 7.92
CA MET P 53 18.86 90.66 7.54
C MET P 53 18.24 92.04 7.69
N GLU P 54 17.09 92.26 7.06
CA GLU P 54 16.35 93.50 7.22
C GLU P 54 14.99 93.18 7.84
N SER P 55 14.23 94.21 8.22
CA SER P 55 13.03 93.95 9.01
C SER P 55 11.82 94.79 8.58
N GLU P 56 11.67 95.14 7.31
CA GLU P 56 10.53 95.95 6.91
C GLU P 56 9.82 95.44 5.67
N ARG P 57 10.42 94.53 4.91
CA ARG P 57 9.75 94.06 3.69
C ARG P 57 8.60 93.14 4.03
N GLU P 58 7.54 93.23 3.22
CA GLU P 58 6.33 92.47 3.42
C GLU P 58 6.34 91.34 2.40
N ALA P 59 6.75 90.15 2.82
CA ALA P 59 7.04 89.07 1.90
C ALA P 59 5.76 88.52 1.27
N ARG P 60 5.66 88.66 -0.04
CA ARG P 60 4.44 88.33 -0.77
C ARG P 60 4.52 86.89 -1.26
N ARG P 61 3.54 86.48 -2.05
CA ARG P 61 3.51 85.15 -2.64
C ARG P 61 4.63 85.01 -3.67
N LEU P 62 5.27 83.84 -3.66
CA LEU P 62 6.42 83.59 -4.53
C LEU P 62 6.03 83.34 -5.98
N ARG P 63 4.74 83.17 -6.28
CA ARG P 63 4.18 82.90 -7.60
C ARG P 63 4.80 81.68 -8.29
N GLN Q 9 81.85 105.67 93.62
CA GLN Q 9 82.55 105.66 92.35
C GLN Q 9 82.92 104.24 91.95
N TYR Q 10 84.08 103.78 92.43
CA TYR Q 10 84.60 102.45 92.12
C TYR Q 10 84.86 101.71 93.41
N LYS Q 11 84.41 100.46 93.48
CA LYS Q 11 84.57 99.63 94.67
C LYS Q 11 85.22 98.30 94.28
N LEU Q 12 86.05 97.78 95.19
CA LEU Q 12 86.78 96.54 94.95
C LEU Q 12 86.05 95.36 95.57
N SER Q 13 85.95 94.28 94.82
CA SER Q 13 85.37 93.04 95.31
C SER Q 13 85.91 91.87 94.50
N VAL Q 14 85.89 90.69 95.11
CA VAL Q 14 86.19 89.44 94.42
C VAL Q 14 84.92 88.59 94.41
N VAL Q 15 84.61 87.99 93.26
CA VAL Q 15 83.31 87.37 93.04
C VAL Q 15 83.42 85.93 92.55
N SER Q 16 84.53 85.55 91.95
CA SER Q 16 84.63 84.26 91.28
C SER Q 16 85.52 83.29 92.04
N GLY Q 17 85.38 82.00 91.69
CA GLY Q 17 86.11 80.95 92.35
C GLY Q 17 87.45 80.66 91.71
N GLY Q 18 88.20 79.77 92.34
CA GLY Q 18 89.56 79.46 91.94
C GLY Q 18 89.79 77.96 91.86
N LYS Q 19 90.96 77.56 92.32
CA LYS Q 19 91.38 76.17 92.26
C LYS Q 19 90.54 75.31 93.22
N PRO Q 20 90.31 74.04 92.89
CA PRO Q 20 89.48 73.20 93.76
C PRO Q 20 90.14 72.76 95.06
N ALA Q 21 91.37 73.20 95.33
CA ALA Q 21 92.05 73.09 96.63
C ALA Q 21 92.21 71.63 97.07
N LEU Q 22 93.02 70.91 96.28
CA LEU Q 22 93.42 69.56 96.63
C LEU Q 22 94.27 69.58 97.91
N ASN Q 23 94.18 68.50 98.69
CA ASN Q 23 94.91 68.36 99.94
C ASN Q 23 96.39 68.06 99.68
N ASN Q 24 97.08 69.08 99.13
CA ASN Q 24 98.48 68.95 98.76
C ASN Q 24 99.42 69.40 99.87
N LEU Q 25 98.88 69.91 100.98
CA LEU Q 25 99.73 70.25 102.12
C LEU Q 25 100.32 69.01 102.77
N SER Q 26 99.60 67.88 102.69
CA SER Q 26 100.15 66.62 103.15
C SER Q 26 101.15 66.06 102.14
N SER Q 27 100.68 65.81 100.92
CA SER Q 27 101.43 65.22 99.79
C SER Q 27 102.01 63.84 100.12
N VAL Q 28 101.45 63.16 101.12
CA VAL Q 28 101.88 61.83 101.54
C VAL Q 28 100.66 60.93 101.41
N THR Q 29 99.48 61.54 101.55
CA THR Q 29 98.23 60.80 101.54
C THR Q 29 97.92 60.23 100.17
N GLY Q 30 97.48 58.97 100.13
CA GLY Q 30 97.06 58.32 98.92
C GLY Q 30 95.64 58.61 98.51
N ASN Q 31 94.89 59.36 99.32
CA ASN Q 31 93.55 59.84 98.96
C ASN Q 31 93.56 61.36 99.11
N LYS Q 32 94.00 62.05 98.06
CA LYS Q 32 94.03 63.51 98.08
C LYS Q 32 92.65 64.12 97.92
N ASN Q 33 91.64 63.33 97.56
CA ASN Q 33 90.30 63.85 97.37
C ASN Q 33 89.66 64.19 98.71
N ILE Q 34 89.10 65.40 98.79
CA ILE Q 34 88.34 65.82 99.94
C ILE Q 34 86.84 65.81 99.67
N ALA Q 35 86.44 65.99 98.41
CA ALA Q 35 85.05 66.20 98.07
C ALA Q 35 84.22 64.94 98.27
N ARG Q 36 83.05 65.11 98.89
CA ARG Q 36 82.25 64.00 99.40
C ARG Q 36 80.84 64.10 98.85
N LEU Q 37 80.34 62.98 98.32
CA LEU Q 37 78.94 62.93 97.91
C LEU Q 37 78.05 62.86 99.15
N SER Q 38 76.80 63.28 98.99
CA SER Q 38 75.88 63.36 100.11
C SER Q 38 75.37 61.97 100.49
N GLN Q 39 74.60 61.93 101.58
CA GLN Q 39 74.08 60.66 102.10
C GLN Q 39 73.11 60.02 101.13
N ASP Q 40 72.18 60.80 100.60
CA ASP Q 40 71.48 60.43 99.38
C ASP Q 40 72.18 61.11 98.21
N GLN Q 41 72.25 60.40 97.08
CA GLN Q 41 73.03 60.85 95.94
C GLN Q 41 72.29 61.97 95.19
N ARG Q 42 72.22 63.13 95.83
CA ARG Q 42 71.52 64.29 95.30
C ARG Q 42 72.46 65.41 94.92
N ASN Q 43 73.52 65.64 95.69
CA ASN Q 43 74.44 66.72 95.37
C ASN Q 43 75.84 66.38 95.82
N TYR Q 44 76.81 66.96 95.13
CA TYR Q 44 78.23 66.73 95.37
C TYR Q 44 78.78 67.92 96.14
N ILE Q 45 79.42 67.67 97.27
CA ILE Q 45 79.97 68.70 98.13
C ILE Q 45 81.46 68.77 97.88
N ILE Q 46 81.92 69.88 97.33
CA ILE Q 46 83.33 70.11 97.05
C ILE Q 46 83.79 71.37 97.78
N PRO Q 47 84.99 71.38 98.36
CA PRO Q 47 85.57 72.63 98.85
C PRO Q 47 86.44 73.29 97.79
N PHE Q 48 86.65 74.59 97.97
CA PHE Q 48 87.55 75.37 97.13
C PHE Q 48 88.48 76.17 98.03
N ASN Q 49 89.30 77.01 97.40
CA ASN Q 49 90.19 77.87 98.16
C ASN Q 49 89.48 79.11 98.72
N ASN Q 50 88.27 79.40 98.23
CA ASN Q 50 87.54 80.56 98.70
C ASN Q 50 86.08 80.29 99.02
N GLN Q 51 85.56 79.10 98.72
CA GLN Q 51 84.16 78.79 98.98
C GLN Q 51 84.02 77.29 99.08
N ILE Q 52 82.80 76.83 99.35
CA ILE Q 52 82.44 75.43 99.29
C ILE Q 52 81.23 75.31 98.38
N LYS Q 53 81.39 74.63 97.25
CA LYS Q 53 80.37 74.55 96.22
C LYS Q 53 79.59 73.25 96.38
N VAL Q 54 78.27 73.35 96.30
CA VAL Q 54 77.38 72.20 96.33
C VAL Q 54 76.80 72.03 94.93
N TYR Q 55 77.17 70.95 94.27
CA TYR Q 55 76.84 70.72 92.86
C TYR Q 55 75.78 69.64 92.76
N SER Q 56 74.62 69.99 92.22
CA SER Q 56 73.53 69.02 92.08
C SER Q 56 73.85 68.05 90.94
N VAL Q 57 73.80 66.75 91.24
CA VAL Q 57 74.26 65.74 90.31
C VAL Q 57 73.29 65.56 89.15
N GLU Q 58 71.98 65.68 89.41
CA GLU Q 58 70.99 65.43 88.37
C GLU Q 58 71.00 66.53 87.30
N THR Q 59 71.03 67.79 87.72
CA THR Q 59 71.01 68.89 86.75
C THR Q 59 72.40 69.29 86.27
N ARG Q 60 73.46 68.68 86.83
CA ARG Q 60 74.86 68.92 86.44
C ARG Q 60 75.24 70.39 86.59
N GLN Q 61 74.89 70.97 87.73
CA GLN Q 61 75.03 72.40 87.94
C GLN Q 61 75.18 72.66 89.44
N CYS Q 62 75.83 73.76 89.78
CA CYS Q 62 76.03 74.14 91.18
C CYS Q 62 74.74 74.71 91.74
N VAL Q 63 74.16 74.04 92.73
CA VAL Q 63 72.88 74.47 93.25
C VAL Q 63 73.01 75.41 94.46
N LYS Q 64 74.19 75.45 95.10
CA LYS Q 64 74.41 76.37 96.20
C LYS Q 64 75.91 76.63 96.34
N THR Q 65 76.24 77.89 96.65
CA THR Q 65 77.59 78.28 97.00
C THR Q 65 77.63 78.70 98.45
N LEU Q 66 78.79 78.52 99.09
CA LEU Q 66 79.00 78.92 100.47
C LEU Q 66 80.29 79.74 100.50
N LYS Q 67 80.16 81.05 100.22
CA LYS Q 67 81.33 81.91 100.14
C LYS Q 67 81.91 82.15 101.53
N PHE Q 68 83.24 82.21 101.60
CA PHE Q 68 83.90 82.45 102.88
C PHE Q 68 83.80 83.90 103.34
N ALA Q 69 83.47 84.82 102.43
CA ALA Q 69 83.27 86.21 102.79
C ALA Q 69 81.87 86.49 103.32
N ASN Q 70 80.97 85.51 103.29
CA ASN Q 70 79.64 85.69 103.85
C ASN Q 70 79.67 85.54 105.36
N ASN Q 71 80.08 84.38 105.85
CA ASN Q 71 80.15 84.17 107.29
C ASN Q 71 81.36 84.89 107.87
N SER Q 72 81.12 85.65 108.94
CA SER Q 72 82.23 86.31 109.64
C SER Q 72 83.09 85.31 110.37
N LEU Q 73 82.52 84.19 110.82
CA LEU Q 73 83.31 83.14 111.44
C LEU Q 73 84.18 82.43 110.42
N LEU Q 74 83.64 82.19 109.21
CA LEU Q 74 84.45 81.62 108.14
C LEU Q 74 85.51 82.60 107.68
N SER Q 75 85.18 83.89 107.65
CA SER Q 75 86.20 84.91 107.43
C SER Q 75 87.15 85.02 108.61
N GLY Q 76 86.68 84.69 109.81
CA GLY Q 76 87.52 84.67 110.98
C GLY Q 76 88.38 83.44 111.15
N ILE Q 77 88.28 82.47 110.24
CA ILE Q 77 89.10 81.27 110.31
C ILE Q 77 89.89 81.12 109.01
N PHE Q 78 89.17 81.05 107.89
CA PHE Q 78 89.84 80.84 106.60
C PHE Q 78 90.53 82.12 106.12
N LEU Q 79 89.86 83.27 106.25
CA LEU Q 79 90.37 84.51 105.67
C LEU Q 79 91.26 85.22 106.69
N GLN Q 80 92.49 84.71 106.80
CA GLN Q 80 93.55 85.38 107.53
C GLN Q 80 94.74 85.46 106.58
N GLU Q 81 95.09 86.69 106.17
CA GLU Q 81 96.05 86.92 105.11
C GLU Q 81 97.49 86.98 105.61
N GLU Q 82 97.73 86.59 106.85
CA GLU Q 82 99.10 86.43 107.35
C GLU Q 82 99.67 85.05 107.04
N GLU Q 83 98.82 84.02 107.05
CA GLU Q 83 99.23 82.67 106.68
C GLU Q 83 97.98 81.91 106.26
N ASN Q 84 98.03 81.30 105.06
CA ASN Q 84 96.92 80.57 104.49
C ASN Q 84 97.05 79.06 104.70
N ASN Q 85 97.61 78.64 105.83
CA ASN Q 85 97.74 77.22 106.14
C ASN Q 85 96.39 76.57 106.41
N GLU Q 86 95.49 77.29 107.08
CA GLU Q 86 94.23 76.72 107.54
C GLU Q 86 93.27 76.60 106.35
N SER Q 87 93.22 75.41 105.77
CA SER Q 87 92.35 75.09 104.65
C SER Q 87 91.56 73.84 104.99
N ILE Q 88 90.67 73.45 104.09
CA ILE Q 88 89.75 72.33 104.33
C ILE Q 88 90.51 71.01 104.27
N VAL Q 89 90.36 70.20 105.31
CA VAL Q 89 91.00 68.90 105.38
C VAL Q 89 90.01 67.75 105.18
N LYS Q 90 88.89 67.78 105.92
CA LYS Q 90 87.91 66.71 105.83
C LYS Q 90 86.50 67.27 105.81
N ILE Q 91 85.65 66.65 105.00
CA ILE Q 91 84.22 66.96 104.93
C ILE Q 91 83.46 65.71 105.32
N LEU Q 92 82.58 65.83 106.31
CA LEU Q 92 81.80 64.71 106.81
C LEU Q 92 80.32 65.06 106.77
N LEU Q 93 79.51 64.16 106.22
CA LEU Q 93 78.07 64.39 106.20
C LEU Q 93 77.47 64.23 107.58
N GLY Q 94 77.87 63.18 108.30
CA GLY Q 94 77.34 62.95 109.64
C GLY Q 94 77.89 63.97 110.62
N ASP Q 95 77.00 64.58 111.39
CA ASP Q 95 77.40 65.60 112.34
C ASP Q 95 78.10 64.97 113.54
N ILE Q 96 79.26 65.53 113.90
CA ILE Q 96 79.94 65.09 115.11
C ILE Q 96 79.15 65.51 116.33
N THR Q 97 78.58 66.71 116.31
CA THR Q 97 77.91 67.26 117.49
C THR Q 97 76.49 66.76 117.62
N VAL Q 98 75.63 67.10 116.66
CA VAL Q 98 74.21 66.79 116.74
C VAL Q 98 73.98 65.34 116.34
N PRO Q 99 73.42 64.50 117.22
CA PRO Q 99 73.27 63.08 116.90
C PRO Q 99 72.07 62.82 116.01
N GLN Q 100 72.32 62.23 114.83
CA GLN Q 100 71.37 61.84 113.77
C GLN Q 100 70.31 62.92 113.52
N GLN Q 101 70.78 64.05 113.01
CA GLN Q 101 69.91 65.17 112.65
C GLN Q 101 68.99 64.81 111.49
N ALA Q 104 70.90 65.75 108.06
CA ALA Q 104 70.14 65.78 106.80
C ALA Q 104 70.68 66.85 105.86
N HIS Q 105 70.95 68.04 106.41
CA HIS Q 105 71.45 69.15 105.61
C HIS Q 105 72.59 69.88 106.31
N LEU Q 106 73.42 69.15 107.06
CA LEU Q 106 74.50 69.76 107.82
C LEU Q 106 75.82 69.06 107.50
N ILE Q 107 76.88 69.85 107.35
CA ILE Q 107 78.19 69.36 106.96
C ILE Q 107 79.20 69.76 108.03
N THR Q 108 79.88 68.77 108.60
CA THR Q 108 80.97 69.02 109.55
C THR Q 108 82.28 69.06 108.79
N VAL Q 109 82.96 70.20 108.84
CA VAL Q 109 84.19 70.44 108.11
C VAL Q 109 85.34 70.53 109.11
N PHE Q 110 86.41 69.81 108.84
CA PHE Q 110 87.63 69.86 109.64
C PHE Q 110 88.70 70.63 108.89
N THR Q 111 89.28 71.64 109.55
CA THR Q 111 90.27 72.49 108.92
C THR Q 111 91.66 71.94 109.16
N ASN Q 112 92.68 72.74 108.84
CA ASN Q 112 94.06 72.28 109.03
C ASN Q 112 94.46 72.29 110.49
N ASN Q 113 93.95 73.23 111.28
CA ASN Q 113 94.21 73.27 112.72
C ASN Q 113 92.87 73.32 113.43
N GLY Q 114 92.27 72.13 113.60
CA GLY Q 114 91.13 71.84 114.46
C GLY Q 114 89.99 72.82 114.61
N HIS Q 115 89.32 73.19 113.52
CA HIS Q 115 88.15 74.06 113.59
C HIS Q 115 86.97 73.29 113.01
N VAL Q 116 86.22 72.61 113.86
CA VAL Q 116 85.04 71.88 113.43
C VAL Q 116 83.93 72.89 113.18
N ILE Q 117 83.62 73.14 111.92
CA ILE Q 117 82.62 74.12 111.51
C ILE Q 117 81.45 73.37 110.88
N VAL Q 118 80.26 73.59 111.40
CA VAL Q 118 79.07 73.04 110.78
C VAL Q 118 78.57 74.06 109.76
N LEU Q 119 77.82 73.58 108.75
CA LEU Q 119 77.31 74.44 107.69
C LEU Q 119 75.94 73.93 107.27
N ASN Q 120 74.99 74.86 107.15
CA ASN Q 120 73.62 74.51 106.78
C ASN Q 120 73.43 74.79 105.29
N TYR Q 121 73.87 73.84 104.47
CA TYR Q 121 73.66 73.92 103.04
C TYR Q 121 72.26 73.45 102.68
N LYS Q 122 71.92 73.57 101.39
CA LYS Q 122 70.58 73.30 100.84
C LYS Q 122 69.51 74.11 101.57
N GLY Q 123 69.63 75.44 101.45
CA GLY Q 123 68.73 76.34 102.13
C GLY Q 123 69.33 77.72 102.29
N LYS Q 124 69.27 78.27 103.50
CA LYS Q 124 69.84 79.57 103.79
C LYS Q 124 70.73 79.47 105.02
N LEU Q 125 71.98 79.91 104.88
CA LEU Q 125 72.93 79.84 105.97
C LEU Q 125 72.80 81.05 106.89
N VAL Q 126 72.93 80.80 108.19
CA VAL Q 126 73.07 81.85 109.19
C VAL Q 126 74.55 81.96 109.53
N GLU Q 127 75.05 83.19 109.59
CA GLU Q 127 76.49 83.43 109.71
C GLU Q 127 76.95 83.43 111.18
N SER Q 128 76.58 82.37 111.90
CA SER Q 128 77.08 82.07 113.24
C SER Q 128 76.84 80.59 113.55
N PRO Q 129 77.58 79.66 112.93
CA PRO Q 129 77.25 78.25 113.08
C PRO Q 129 77.76 77.65 114.38
N LYS Q 130 77.59 76.34 114.54
CA LYS Q 130 78.02 75.62 115.74
C LYS Q 130 79.49 75.24 115.61
N HIS Q 131 80.34 76.26 115.72
CA HIS Q 131 81.78 76.05 115.66
C HIS Q 131 82.32 75.57 116.99
N PHE Q 132 83.20 74.57 116.94
CA PHE Q 132 83.89 74.06 118.12
C PHE Q 132 85.33 73.75 117.75
N LYS Q 133 86.28 74.29 118.52
CA LYS Q 133 87.68 74.10 118.24
C LYS Q 133 88.18 72.81 118.90
N ILE Q 134 89.08 72.12 118.20
CA ILE Q 134 89.65 70.87 118.70
C ILE Q 134 90.78 71.19 119.67
N SER Q 135 90.67 70.70 120.89
CA SER Q 135 91.71 70.88 121.87
C SER Q 135 92.88 69.93 121.61
N LEU Q 136 94.02 70.24 122.22
CA LEU Q 136 95.30 69.52 122.16
C LEU Q 136 95.82 69.32 120.74
N ALA Q 137 95.40 70.12 119.77
CA ALA Q 137 95.91 70.01 118.40
C ALA Q 137 97.09 70.98 118.23
N ASP Q 138 98.22 70.57 118.83
CA ASP Q 138 99.44 71.36 118.70
C ASP Q 138 100.01 71.26 117.29
N GLU Q 139 100.33 70.05 116.86
CA GLU Q 139 100.63 69.81 115.45
C GLU Q 139 99.34 69.87 114.64
N LYS Q 140 99.48 70.18 113.36
CA LYS Q 140 98.32 70.40 112.51
C LYS Q 140 97.61 69.10 112.16
N LEU Q 141 96.29 69.20 112.02
CA LEU Q 141 95.46 68.05 111.68
C LEU Q 141 95.74 67.58 110.26
N ALA Q 142 95.83 66.26 110.09
CA ALA Q 142 96.14 65.66 108.79
C ALA Q 142 94.94 65.02 108.12
N ASN Q 143 94.18 64.19 108.83
CA ASN Q 143 93.02 63.54 108.24
C ASN Q 143 92.05 63.12 109.34
N VAL Q 144 90.77 63.05 108.96
CA VAL Q 144 89.70 62.61 109.85
C VAL Q 144 88.93 61.49 109.13
N PHE Q 145 88.70 60.38 109.82
CA PHE Q 145 87.90 59.28 109.30
C PHE Q 145 86.99 58.76 110.40
N HIS Q 146 86.04 57.91 110.01
CA HIS Q 146 85.02 57.48 110.95
C HIS Q 146 84.48 56.10 110.60
N SER Q 147 84.18 55.34 111.64
CA SER Q 147 83.31 54.17 111.56
C SER Q 147 81.93 54.58 112.06
N GLU Q 148 81.08 53.59 112.31
CA GLU Q 148 79.80 53.85 112.94
C GLU Q 148 80.03 54.24 114.40
N GLY Q 149 79.73 55.49 114.73
CA GLY Q 149 79.78 55.96 116.11
C GLY Q 149 81.16 56.22 116.67
N ASN Q 150 82.20 56.08 115.86
CA ASN Q 150 83.56 56.30 116.33
C ASN Q 150 84.31 57.16 115.34
N TYR Q 151 85.10 58.10 115.85
CA TYR Q 151 85.79 59.07 115.03
C TYR Q 151 87.26 59.10 115.44
N ARG Q 152 88.14 59.24 114.46
CA ARG Q 152 89.58 59.26 114.73
C ARG Q 152 90.26 60.32 113.87
N ILE Q 153 91.48 60.68 114.28
CA ILE Q 153 92.20 61.82 113.73
C ILE Q 153 93.63 61.40 113.44
N LEU Q 154 94.12 61.76 112.25
CA LEU Q 154 95.54 61.70 111.93
C LEU Q 154 96.13 63.10 112.03
N THR Q 155 97.37 63.18 112.50
CA THR Q 155 98.07 64.45 112.63
C THR Q 155 99.47 64.32 112.04
N THR Q 156 99.84 65.26 111.16
CA THR Q 156 101.21 65.36 110.73
C THR Q 156 102.06 65.93 111.85
N PHE Q 157 103.15 65.24 112.19
CA PHE Q 157 103.90 65.55 113.39
C PHE Q 157 105.39 65.44 113.08
N LYS Q 158 106.19 66.20 113.81
CA LYS Q 158 107.64 66.10 113.70
C LYS Q 158 108.27 66.33 115.06
N ASP Q 159 109.47 65.78 115.23
CA ASP Q 159 110.24 65.96 116.46
C ASP Q 159 111.65 66.47 116.15
N ASN Q 166 116.55 61.43 108.12
CA ASN Q 166 115.83 62.54 108.72
C ASN Q 166 114.90 63.20 107.71
N SER Q 167 114.36 64.36 108.11
CA SER Q 167 113.52 65.23 107.28
C SER Q 167 112.26 64.51 106.79
N LEU Q 168 111.56 63.89 107.73
CA LEU Q 168 110.28 63.23 107.42
C LEU Q 168 109.21 63.71 108.37
N GLN Q 169 108.04 63.07 108.34
CA GLN Q 169 106.92 63.46 109.18
C GLN Q 169 106.38 62.26 109.92
N SER Q 170 105.90 62.49 111.13
CA SER Q 170 105.30 61.45 111.96
C SER Q 170 103.78 61.55 111.95
N TYR Q 171 103.13 60.42 112.16
CA TYR Q 171 101.69 60.35 112.31
C TYR Q 171 101.33 59.92 113.71
N ARG Q 172 100.43 60.67 114.34
CA ARG Q 172 99.88 60.34 115.64
C ARG Q 172 98.38 60.13 115.47
N LEU Q 173 97.88 58.99 115.93
CA LEU Q 173 96.48 58.65 115.78
C LEU Q 173 95.72 59.07 117.02
N TYR Q 174 94.81 60.03 116.87
CA TYR Q 174 93.99 60.55 117.95
C TYR Q 174 92.56 60.07 117.75
N ALA Q 175 91.75 60.21 118.80
CA ALA Q 175 90.35 59.83 118.76
C ALA Q 175 89.50 60.95 119.33
N LEU Q 176 88.29 61.12 118.80
CA LEU Q 176 87.41 62.20 119.18
C LEU Q 176 86.22 61.69 120.00
N THR Q 177 85.88 62.45 121.04
CA THR Q 177 84.64 62.27 121.78
C THR Q 177 83.81 63.56 121.69
N PHE Q 178 82.65 63.53 122.33
CA PHE Q 178 81.77 64.69 122.35
C PHE Q 178 80.90 64.59 123.60
N ASP Q 179 80.36 65.74 124.02
CA ASP Q 179 79.31 65.89 125.03
C ASP Q 179 79.79 65.57 126.44
N ASP Q 180 81.10 65.68 126.67
CA ASP Q 180 81.55 66.00 128.02
C ASP Q 180 81.07 67.39 128.40
N ALA Q 181 81.33 68.35 127.53
CA ALA Q 181 80.56 69.57 127.38
C ALA Q 181 80.32 69.78 125.88
N LYS Q 182 79.68 70.90 125.54
CA LYS Q 182 79.42 71.18 124.13
C LYS Q 182 80.70 71.58 123.40
N LYS Q 183 81.55 72.37 124.06
CA LYS Q 183 82.80 72.82 123.46
C LYS Q 183 83.93 71.81 123.60
N GLN Q 184 83.74 70.74 124.38
CA GLN Q 184 84.82 69.84 124.72
C GLN Q 184 84.86 68.67 123.73
N PHE Q 185 86.00 68.50 123.06
CA PHE Q 185 86.27 67.37 122.18
C PHE Q 185 87.52 66.70 122.74
N GLU Q 186 87.34 65.58 123.43
CA GLU Q 186 88.48 64.90 124.06
C GLU Q 186 89.32 64.18 123.02
N VAL Q 187 90.63 64.16 123.26
CA VAL Q 187 91.61 63.51 122.39
C VAL Q 187 92.25 62.38 123.18
N ALA Q 188 92.20 61.17 122.63
CA ALA Q 188 92.52 59.97 123.39
C ALA Q 188 93.91 59.40 123.13
N HIS Q 189 94.57 59.80 122.04
CA HIS Q 189 95.90 59.33 121.63
C HIS Q 189 95.92 57.79 121.47
N GLN Q 190 95.20 57.36 120.42
CA GLN Q 190 95.01 55.94 120.18
C GLN Q 190 96.31 55.23 119.83
N ALA Q 191 97.06 55.76 118.87
CA ALA Q 191 98.27 55.11 118.40
C ALA Q 191 99.22 56.16 117.85
N GLU Q 192 100.42 55.72 117.47
CA GLU Q 192 101.46 56.62 116.98
C GLU Q 192 102.40 55.84 116.08
N TRP Q 193 102.81 56.47 114.98
CA TRP Q 193 103.80 55.91 114.07
C TRP Q 193 104.91 56.94 113.88
N HIS Q 194 106.16 56.48 113.98
CA HIS Q 194 107.27 57.40 114.23
C HIS Q 194 107.70 58.18 113.00
N ASN Q 195 107.62 57.58 111.80
CA ASN Q 195 107.91 58.32 110.57
C ASN Q 195 107.22 57.62 109.42
N VAL Q 196 106.60 58.40 108.54
CA VAL Q 196 105.86 57.86 107.40
C VAL Q 196 106.57 58.29 106.12
N ILE Q 197 106.29 57.53 105.06
CA ILE Q 197 106.80 57.85 103.72
C ILE Q 197 105.60 58.00 102.80
N LEU Q 198 104.76 56.98 102.76
CA LEU Q 198 103.47 57.02 102.08
C LEU Q 198 102.42 56.42 102.99
N SER Q 199 101.19 56.88 102.82
CA SER Q 199 100.08 56.36 103.61
C SER Q 199 98.79 56.56 102.82
N ASN Q 200 97.91 55.56 102.87
CA ASN Q 200 96.60 55.66 102.25
C ASN Q 200 95.58 55.05 103.18
N ILE Q 201 94.37 55.58 103.14
CA ILE Q 201 93.27 55.07 103.94
C ILE Q 201 92.37 54.25 103.02
N SER Q 202 91.72 53.23 103.59
CA SER Q 202 90.85 52.36 102.81
C SER Q 202 89.58 53.10 102.36
N SER Q 203 88.85 52.47 101.45
CA SER Q 203 87.63 53.07 100.93
C SER Q 203 86.53 53.11 101.98
N ASN Q 204 86.55 52.18 102.94
CA ASN Q 204 85.59 52.19 104.04
C ASN Q 204 86.06 53.03 105.22
N GLY Q 205 87.27 53.57 105.16
CA GLY Q 205 87.77 54.39 106.25
C GLY Q 205 88.12 53.63 107.50
N LYS Q 206 88.30 52.31 107.40
CA LYS Q 206 88.56 51.48 108.58
C LYS Q 206 89.97 50.94 108.65
N LEU Q 207 90.73 50.99 107.55
CA LEU Q 207 92.11 50.53 107.53
C LEU Q 207 93.00 51.58 106.88
N LEU Q 208 94.23 51.68 107.38
CA LEU Q 208 95.27 52.40 106.64
C LEU Q 208 96.55 51.58 106.68
N ALA Q 209 97.32 51.69 105.60
CA ALA Q 209 98.68 51.16 105.55
C ALA Q 209 99.65 52.34 105.46
N HIS Q 210 100.83 52.16 106.07
CA HIS Q 210 101.84 53.19 106.06
C HIS Q 210 103.22 52.56 105.96
N MET Q 211 104.21 53.39 105.68
CA MET Q 211 105.58 52.94 105.50
C MET Q 211 106.46 53.57 106.58
N CYS Q 212 107.62 52.96 106.80
CA CYS Q 212 108.59 53.49 107.75
C CYS Q 212 110.00 53.25 107.21
N LYS Q 213 110.85 54.26 107.33
CA LYS Q 213 112.18 54.26 106.72
C LYS Q 213 113.22 53.55 107.59
N ASP Q 214 112.85 53.08 108.77
CA ASP Q 214 113.80 52.59 109.77
C ASP Q 214 114.53 51.31 109.37
N VAL Q 215 114.06 50.60 108.34
CA VAL Q 215 114.72 49.37 107.89
C VAL Q 215 115.98 49.65 107.10
N SER Q 216 116.21 50.91 106.70
CA SER Q 216 117.47 51.31 106.09
C SER Q 216 118.66 51.10 107.04
N THR Q 217 118.42 51.27 108.34
CA THR Q 217 119.44 50.96 109.35
C THR Q 217 119.26 49.55 109.91
N LYS Q 218 118.03 49.07 109.99
CA LYS Q 218 117.76 47.80 110.66
C LYS Q 218 118.16 46.58 109.83
N ASP Q 219 118.20 46.69 108.50
CA ASP Q 219 118.56 45.57 107.65
C ASP Q 219 119.21 46.10 106.38
N HIS Q 220 119.49 45.20 105.43
CA HIS Q 220 120.03 45.59 104.15
C HIS Q 220 118.98 46.16 103.20
N GLU Q 221 117.71 46.04 103.53
CA GLU Q 221 116.65 46.70 102.78
C GLU Q 221 116.51 48.14 103.27
N HIS Q 222 115.45 48.81 102.87
CA HIS Q 222 115.30 50.22 103.21
C HIS Q 222 114.08 50.53 104.05
N LYS Q 223 112.97 49.84 103.83
CA LYS Q 223 111.71 50.29 104.40
C LYS Q 223 110.76 49.11 104.56
N SER Q 224 109.75 49.30 105.40
CA SER Q 224 108.73 48.29 105.67
C SER Q 224 107.34 48.91 105.56
N ILE Q 225 106.40 48.10 105.10
CA ILE Q 225 105.00 48.52 104.94
C ILE Q 225 104.18 47.83 106.03
N SER Q 226 103.38 48.61 106.75
CA SER Q 226 102.59 48.09 107.85
C SER Q 226 101.15 48.58 107.74
N VAL Q 227 100.20 47.65 107.86
CA VAL Q 227 98.78 47.95 107.80
C VAL Q 227 98.23 47.90 109.22
N VAL Q 228 97.50 48.94 109.61
CA VAL Q 228 96.94 49.05 110.95
C VAL Q 228 95.46 49.35 110.84
N SER Q 229 94.63 48.51 111.48
CA SER Q 229 93.21 48.79 111.58
C SER Q 229 92.96 49.89 112.59
N LEU Q 230 92.04 50.79 112.26
CA LEU Q 230 91.89 52.05 112.96
C LEU Q 230 90.92 51.98 114.14
N PHE Q 231 90.20 50.90 114.29
CA PHE Q 231 89.18 50.82 115.33
C PHE Q 231 89.31 49.56 116.16
N ASP Q 232 89.69 48.45 115.54
CA ASP Q 232 89.90 47.18 116.23
C ASP Q 232 91.37 46.80 116.11
N ASP Q 233 91.77 45.83 116.93
CA ASP Q 233 93.11 45.26 116.89
C ASP Q 233 93.21 44.05 115.96
N SER Q 234 92.33 43.96 114.96
CA SER Q 234 92.27 42.78 114.11
C SER Q 234 93.46 42.68 113.18
N VAL Q 235 93.82 43.78 112.52
CA VAL Q 235 94.88 43.78 111.53
C VAL Q 235 96.03 44.63 112.05
N ASN Q 236 97.15 43.99 112.38
CA ASN Q 236 98.41 44.66 112.69
C ASN Q 236 99.49 43.82 112.03
N LEU Q 237 99.78 44.14 110.77
CA LEU Q 237 100.61 43.30 109.93
C LEU Q 237 101.72 44.14 109.30
N SER Q 238 102.97 43.77 109.56
CA SER Q 238 104.12 44.51 109.07
C SER Q 238 105.14 43.56 108.46
N PHE Q 239 105.83 44.03 107.43
CA PHE Q 239 106.86 43.24 106.75
C PHE Q 239 107.75 44.20 105.97
N PRO Q 240 109.04 43.87 105.80
CA PRO Q 240 109.91 44.73 105.01
C PRO Q 240 109.59 44.66 103.53
N LEU Q 241 110.19 45.61 102.77
CA LEU Q 241 109.91 45.71 101.35
C LEU Q 241 110.54 44.57 100.55
N GLY Q 242 111.53 43.88 101.13
CA GLY Q 242 112.18 42.78 100.44
C GLY Q 242 111.29 41.58 100.19
N SER Q 243 110.20 41.45 100.96
CA SER Q 243 109.22 40.41 100.67
C SER Q 243 108.41 40.74 99.43
N ILE Q 244 108.04 42.02 99.27
CA ILE Q 244 107.22 42.41 98.12
C ILE Q 244 108.08 42.57 96.88
N LEU Q 245 109.16 43.35 96.98
CA LEU Q 245 110.03 43.60 95.84
C LEU Q 245 110.81 42.35 95.46
N SER Q 246 111.02 42.18 94.16
CA SER Q 246 111.67 40.97 93.65
C SER Q 246 113.18 41.07 93.84
N SER Q 247 113.87 39.98 93.53
CA SER Q 247 115.32 39.97 93.47
C SER Q 247 115.87 40.30 92.10
N GLN Q 248 115.02 40.28 91.07
CA GLN Q 248 115.45 40.61 89.72
C GLN Q 248 115.54 42.12 89.49
N THR Q 249 114.95 42.92 90.38
CA THR Q 249 114.99 44.37 90.28
C THR Q 249 116.07 44.99 91.15
N GLN Q 250 116.92 44.17 91.78
CA GLN Q 250 117.99 44.69 92.62
C GLN Q 250 119.12 45.31 91.80
N SER Q 251 119.30 44.89 90.54
CA SER Q 251 120.33 45.44 89.68
C SER Q 251 119.83 46.62 88.84
N LEU Q 252 118.52 46.81 88.74
CA LEU Q 252 117.96 47.90 87.95
C LEU Q 252 118.06 49.21 88.71
N SER Q 253 117.66 50.30 88.07
CA SER Q 253 117.80 51.64 88.62
C SER Q 253 116.77 51.89 89.71
N TYR Q 254 116.75 53.13 90.21
CA TYR Q 254 115.83 53.48 91.28
C TYR Q 254 114.41 53.71 90.79
N ASN Q 255 114.18 53.73 89.47
CA ASN Q 255 112.85 53.96 88.92
C ASN Q 255 111.90 52.80 89.10
N THR Q 256 112.36 51.67 89.64
CA THR Q 256 111.49 50.52 89.89
C THR Q 256 111.40 50.11 91.35
N ARG Q 257 112.42 50.36 92.17
CA ARG Q 257 112.36 50.04 93.59
C ARG Q 257 111.71 51.15 94.41
N TYR Q 258 111.38 52.27 93.77
CA TYR Q 258 110.71 53.39 94.42
C TYR Q 258 109.21 53.22 94.25
N VAL Q 259 108.48 53.07 95.37
CA VAL Q 259 107.04 52.95 95.27
C VAL Q 259 106.44 54.33 95.01
N SER Q 260 105.31 54.35 94.33
CA SER Q 260 104.66 55.61 93.96
C SER Q 260 103.28 55.74 94.57
N SER Q 261 102.45 54.71 94.48
CA SER Q 261 101.07 54.79 94.94
C SER Q 261 100.72 53.50 95.65
N MET Q 262 99.70 53.58 96.50
CA MET Q 262 99.40 52.46 97.38
C MET Q 262 97.92 52.50 97.74
N ALA Q 263 97.27 51.34 97.70
CA ALA Q 263 95.87 51.22 98.05
C ALA Q 263 95.65 49.92 98.80
N ILE Q 264 94.60 49.89 99.62
CA ILE Q 264 94.29 48.76 100.47
C ILE Q 264 92.86 48.31 100.17
N ASP Q 265 92.66 46.99 100.11
CA ASP Q 265 91.33 46.41 99.98
C ASP Q 265 90.46 46.80 101.18
N ASN Q 266 89.14 46.88 100.95
CA ASN Q 266 88.20 47.44 101.91
C ASN Q 266 88.14 46.64 103.20
N MET Q 267 88.18 45.31 103.13
CA MET Q 267 88.14 44.53 104.35
C MET Q 267 89.44 43.82 104.68
N GLY Q 268 90.53 44.14 103.97
CA GLY Q 268 91.86 43.81 104.44
C GLY Q 268 92.45 42.47 104.01
N GLN Q 269 92.51 42.22 102.70
CA GLN Q 269 93.20 41.05 102.19
C GLN Q 269 94.06 41.30 100.97
N GLN Q 270 93.91 42.44 100.29
CA GLN Q 270 94.72 42.77 99.13
C GLN Q 270 95.36 44.14 99.34
N LEU Q 271 96.66 44.21 99.10
CA LEU Q 271 97.40 45.47 99.17
C LEU Q 271 98.03 45.73 97.82
N ALA Q 272 97.56 46.78 97.15
CA ALA Q 272 98.07 47.16 95.84
C ALA Q 272 99.14 48.23 96.03
N VAL Q 273 100.37 47.89 95.68
CA VAL Q 273 101.49 48.83 95.73
C VAL Q 273 101.98 49.04 94.31
N GLY Q 274 102.05 50.29 93.88
CA GLY Q 274 102.47 50.59 92.53
C GLY Q 274 103.79 51.32 92.46
N PHE Q 275 104.76 50.72 91.78
CA PHE Q 275 106.09 51.29 91.71
C PHE Q 275 106.13 52.38 90.63
N ALA Q 276 107.29 53.03 90.50
CA ALA Q 276 107.46 54.12 89.56
C ALA Q 276 107.75 53.65 88.14
N SER Q 277 107.92 52.35 87.93
CA SER Q 277 108.15 51.80 86.60
C SER Q 277 106.89 51.27 85.96
N GLY Q 278 105.72 51.60 86.51
CA GLY Q 278 104.48 51.16 85.94
C GLY Q 278 104.10 49.73 86.25
N VAL Q 279 104.71 49.12 87.24
CA VAL Q 279 104.43 47.75 87.63
C VAL Q 279 103.58 47.79 88.89
N ILE Q 280 102.30 47.46 88.76
CA ILE Q 280 101.44 47.35 89.92
C ILE Q 280 101.66 46.00 90.56
N SER Q 281 101.92 46.00 91.87
CA SER Q 281 102.15 44.78 92.63
C SER Q 281 101.05 44.65 93.67
N ILE Q 282 100.16 43.70 93.47
CA ILE Q 282 99.16 43.33 94.47
C ILE Q 282 99.75 42.19 95.29
N VAL Q 283 99.80 42.37 96.61
CA VAL Q 283 100.35 41.38 97.51
C VAL Q 283 99.24 40.93 98.47
N SER Q 284 99.06 39.62 98.59
CA SER Q 284 98.14 39.08 99.58
C SER Q 284 98.70 39.35 100.98
N LEU Q 285 97.82 39.75 101.90
CA LEU Q 285 98.26 40.21 103.20
C LEU Q 285 98.77 39.05 104.06
N ALA Q 286 97.98 37.97 104.16
CA ALA Q 286 98.28 36.93 105.12
C ALA Q 286 99.42 36.01 104.69
N ASP Q 287 99.78 36.02 103.41
CA ASP Q 287 100.80 35.11 102.89
C ASP Q 287 101.95 35.82 102.19
N LEU Q 288 101.94 37.15 102.16
CA LEU Q 288 103.02 38.04 101.69
C LEU Q 288 103.55 37.71 100.29
N GLN Q 289 102.73 37.08 99.44
CA GLN Q 289 103.14 36.72 98.10
C GLN Q 289 102.40 37.57 97.08
N ILE Q 290 103.10 37.92 96.00
CA ILE Q 290 102.73 39.04 95.14
C ILE Q 290 102.20 38.50 93.81
N ARG Q 291 101.55 39.40 93.07
CA ARG Q 291 101.27 39.23 91.66
C ARG Q 291 101.58 40.54 90.96
N LEU Q 292 102.17 40.45 89.77
CA LEU Q 292 102.62 41.63 89.04
C LEU Q 292 101.63 41.94 87.92
N LEU Q 293 101.10 43.16 87.92
CA LEU Q 293 100.17 43.64 86.92
C LEU Q 293 100.82 44.76 86.14
N LYS Q 294 101.10 44.53 84.86
CA LYS Q 294 101.95 45.42 84.07
C LYS Q 294 101.21 45.88 82.82
N TRP Q 295 100.74 47.12 82.83
CA TRP Q 295 100.31 47.78 81.61
C TRP Q 295 100.97 49.15 81.50
N HIS Q 296 101.13 49.81 82.64
CA HIS Q 296 101.57 51.19 82.67
C HIS Q 296 103.05 51.30 82.35
N ILE Q 297 103.41 52.36 81.64
CA ILE Q 297 104.79 52.60 81.23
C ILE Q 297 105.49 53.56 82.16
N ASP Q 298 104.87 54.71 82.43
CA ASP Q 298 105.39 55.66 83.39
C ASP Q 298 104.89 55.30 84.79
N SER Q 299 105.15 56.17 85.76
CA SER Q 299 104.79 55.90 87.15
C SER Q 299 103.29 55.97 87.35
N VAL Q 300 102.74 54.97 88.04
CA VAL Q 300 101.33 55.00 88.40
C VAL Q 300 101.11 56.02 89.50
N LEU Q 301 100.10 56.85 89.34
CA LEU Q 301 99.78 57.85 90.33
C LEU Q 301 98.58 57.49 91.17
N SER Q 302 97.58 56.82 90.59
CA SER Q 302 96.34 56.51 91.28
C SER Q 302 96.18 55.00 91.38
N LEU Q 303 95.85 54.52 92.58
CA LEU Q 303 95.43 53.14 92.80
C LEU Q 303 94.23 53.16 93.71
N SER Q 304 93.17 52.46 93.32
CA SER Q 304 92.00 52.33 94.17
C SER Q 304 91.28 51.03 93.83
N PHE Q 305 90.51 50.55 94.79
CA PHE Q 305 89.78 49.30 94.66
C PHE Q 305 88.29 49.56 94.54
N SER Q 306 87.58 48.54 94.06
CA SER Q 306 86.15 48.47 94.29
C SER Q 306 85.90 47.97 95.71
N HIS Q 307 84.62 47.94 96.09
CA HIS Q 307 84.29 47.60 97.46
C HIS Q 307 84.44 46.11 97.75
N ASP Q 308 84.23 45.27 96.73
CA ASP Q 308 84.47 43.84 96.90
C ASP Q 308 85.92 43.46 96.66
N GLY Q 309 86.74 44.39 96.15
CA GLY Q 309 88.12 44.09 95.87
C GLY Q 309 88.38 43.40 94.55
N SER Q 310 87.32 43.11 93.77
CA SER Q 310 87.50 42.41 92.51
C SER Q 310 88.02 43.32 91.40
N TYR Q 311 87.92 44.64 91.57
CA TYR Q 311 88.31 45.58 90.53
C TYR Q 311 89.32 46.56 91.08
N LEU Q 312 90.39 46.77 90.33
CA LEU Q 312 91.46 47.72 90.69
C LEU Q 312 91.44 48.85 89.68
N LEU Q 313 91.16 50.06 90.15
CA LEU Q 313 91.14 51.24 89.30
C LEU Q 313 92.50 51.92 89.38
N SER Q 314 93.19 52.00 88.25
CA SER Q 314 94.56 52.49 88.23
C SER Q 314 94.70 53.56 87.15
N GLY Q 315 95.79 54.30 87.25
CA GLY Q 315 96.10 55.31 86.25
C GLY Q 315 97.35 56.05 86.64
N GLY Q 316 97.72 57.02 85.81
CA GLY Q 316 98.93 57.77 86.06
C GLY Q 316 99.28 58.78 85.00
N TRP Q 317 100.55 58.79 84.58
CA TRP Q 317 101.03 59.80 83.64
C TRP Q 317 100.44 59.60 82.25
N GLU Q 318 100.24 58.36 81.84
CA GLU Q 318 99.42 58.11 80.67
C GLU Q 318 98.01 58.53 80.98
N LYS Q 319 97.34 59.16 80.01
CA LYS Q 319 96.02 59.73 80.28
C LYS Q 319 94.93 58.66 80.22
N VAL Q 320 95.12 57.56 80.96
CA VAL Q 320 94.27 56.39 80.89
C VAL Q 320 93.93 55.96 82.30
N MET Q 321 92.65 55.89 82.61
CA MET Q 321 92.17 55.15 83.75
C MET Q 321 91.79 53.76 83.27
N SER Q 322 92.17 52.74 84.02
CA SER Q 322 92.04 51.35 83.61
C SER Q 322 91.47 50.53 84.75
N LEU Q 323 90.32 49.91 84.51
CA LEU Q 323 89.69 49.06 85.52
C LEU Q 323 90.23 47.65 85.34
N TRP Q 324 91.21 47.29 86.15
CA TRP Q 324 91.72 45.93 86.15
C TRP Q 324 90.70 44.99 86.78
N GLN Q 325 90.25 44.00 86.02
CA GLN Q 325 89.67 42.83 86.68
C GLN Q 325 90.79 42.06 87.36
N LEU Q 326 90.46 41.42 88.47
CA LEU Q 326 91.47 40.67 89.20
C LEU Q 326 91.37 39.17 88.99
N GLU Q 327 90.21 38.68 88.52
CA GLU Q 327 90.08 37.26 88.27
C GLU Q 327 90.67 36.88 86.92
N THR Q 328 90.10 37.43 85.84
CA THR Q 328 90.59 37.14 84.50
C THR Q 328 91.80 37.99 84.12
N ASN Q 329 92.14 38.98 84.95
CA ASN Q 329 93.26 39.92 84.76
C ASN Q 329 93.17 40.71 83.46
N SER Q 330 91.97 40.90 82.94
CA SER Q 330 91.76 41.77 81.79
C SER Q 330 91.35 43.15 82.27
N GLN Q 331 91.25 44.09 81.33
CA GLN Q 331 91.02 45.47 81.72
C GLN Q 331 90.20 46.20 80.65
N GLN Q 332 89.37 47.13 81.11
CA GLN Q 332 88.61 48.02 80.24
C GLN Q 332 88.97 49.44 80.61
N PHE Q 333 89.38 50.24 79.63
CA PHE Q 333 90.02 51.50 79.92
C PHE Q 333 89.40 52.65 79.13
N LEU Q 334 89.47 53.84 79.73
CA LEU Q 334 89.20 55.13 79.10
C LEU Q 334 90.51 55.73 78.62
N PRO Q 335 90.66 55.98 77.34
CA PRO Q 335 91.99 56.26 76.79
C PRO Q 335 92.42 57.72 76.84
N ARG Q 336 91.47 58.66 76.92
CA ARG Q 336 91.78 60.07 76.95
C ARG Q 336 90.92 60.73 78.02
N LEU Q 337 91.57 61.42 78.95
CA LEU Q 337 90.85 62.08 80.04
C LEU Q 337 91.22 63.55 80.16
N ASN Q 338 91.89 64.11 79.16
CA ASN Q 338 92.39 65.50 79.14
C ASN Q 338 93.30 65.78 80.34
N GLY Q 339 94.41 65.04 80.39
CA GLY Q 339 95.41 65.20 81.42
C GLY Q 339 95.69 63.89 82.13
N ILE Q 340 96.73 63.93 82.96
CA ILE Q 340 97.08 62.77 83.77
C ILE Q 340 96.18 62.73 85.00
N ILE Q 341 96.05 61.55 85.59
CA ILE Q 341 95.20 61.38 86.75
C ILE Q 341 96.06 61.18 87.98
N ILE Q 342 95.51 61.49 89.14
CA ILE Q 342 96.29 61.59 90.37
C ILE Q 342 95.76 60.62 91.42
N ASP Q 343 94.48 60.73 91.76
CA ASP Q 343 93.87 59.86 92.77
C ASP Q 343 92.43 59.59 92.41
N CYS Q 344 92.12 58.32 92.15
CA CYS Q 344 90.77 57.89 91.85
C CYS Q 344 90.14 57.28 93.09
N GLN Q 345 88.82 57.36 93.16
CA GLN Q 345 88.05 56.76 94.24
C GLN Q 345 86.78 56.14 93.66
N VAL Q 346 86.19 55.23 94.42
CA VAL Q 346 84.88 54.68 94.12
C VAL Q 346 83.97 55.13 95.25
N LEU Q 347 83.26 56.25 95.05
CA LEU Q 347 82.57 56.91 96.15
C LEU Q 347 81.27 56.21 96.52
N GLY Q 348 80.56 55.64 95.55
CA GLY Q 348 79.29 55.01 95.79
C GLY Q 348 79.40 53.76 96.62
N PRO Q 349 78.36 53.45 97.41
CA PRO Q 349 78.41 52.23 98.23
C PRO Q 349 78.33 50.96 97.41
N GLN Q 350 77.44 50.92 96.42
CA GLN Q 350 77.44 49.80 95.49
C GLN Q 350 78.65 49.84 94.58
N GLY Q 351 79.10 51.03 94.22
CA GLY Q 351 80.13 51.20 93.22
C GLY Q 351 79.61 52.01 92.06
N ASN Q 352 78.65 52.89 92.34
CA ASN Q 352 77.94 53.61 91.29
C ASN Q 352 78.78 54.71 90.65
N TYR Q 353 79.63 55.38 91.43
CA TYR Q 353 80.33 56.56 90.95
C TYR Q 353 81.83 56.42 91.12
N TYR Q 354 82.58 56.89 90.13
CA TYR Q 354 84.02 56.99 90.19
C TYR Q 354 84.41 58.46 90.22
N SER Q 355 85.21 58.85 91.21
CA SER Q 355 85.70 60.20 91.34
C SER Q 355 87.22 60.20 91.26
N LEU Q 356 87.77 61.00 90.36
CA LEU Q 356 89.21 61.01 90.13
C LEU Q 356 89.65 62.42 89.78
N ILE Q 357 90.94 62.68 89.99
CA ILE Q 357 91.50 64.03 89.93
C ILE Q 357 92.36 64.14 88.68
N LEU Q 358 92.14 65.18 87.90
CA LEU Q 358 92.91 65.42 86.69
C LEU Q 358 93.93 66.53 86.96
N GLN Q 359 95.22 66.19 86.85
CA GLN Q 359 96.27 67.18 87.09
C GLN Q 359 96.39 68.14 85.92
N MET Q 360 96.32 67.61 84.68
CA MET Q 360 96.45 68.36 83.43
C MET Q 360 97.80 69.10 83.40
N THR Q 361 98.85 68.28 83.24
CA THR Q 361 100.24 68.69 83.31
C THR Q 361 100.71 69.48 82.09
N GLU Q 362 99.83 69.87 81.18
CA GLU Q 362 100.20 70.75 80.08
C GLU Q 362 100.68 72.10 80.63
N ASN Q 363 99.96 72.65 81.59
CA ASN Q 363 100.37 73.86 82.27
C ASN Q 363 101.39 73.48 83.33
N ASN Q 364 102.67 73.64 83.00
CA ASN Q 364 103.74 73.41 83.97
C ASN Q 364 103.91 74.56 84.95
N SER Q 365 103.23 75.68 84.72
CA SER Q 365 103.33 76.84 85.59
C SER Q 365 102.35 76.81 86.75
N ASN Q 366 101.41 75.86 86.77
CA ASN Q 366 100.41 75.85 87.82
C ASN Q 366 99.90 74.43 88.00
N SER Q 367 99.48 74.12 89.22
CA SER Q 367 98.83 72.84 89.53
C SER Q 367 97.34 72.97 89.21
N ASP Q 368 97.05 72.89 87.91
CA ASP Q 368 95.70 73.17 87.40
C ASP Q 368 94.81 71.93 87.53
N TYR Q 369 94.44 71.66 88.79
CA TYR Q 369 93.67 70.47 89.12
C TYR Q 369 92.25 70.54 88.57
N GLN Q 370 91.71 69.37 88.25
CA GLN Q 370 90.35 69.26 87.72
C GLN Q 370 89.70 68.03 88.31
N PHE Q 371 88.67 68.24 89.13
CA PHE Q 371 87.96 67.13 89.75
C PHE Q 371 86.93 66.57 88.76
N LEU Q 372 86.90 65.25 88.63
CA LEU Q 372 86.04 64.60 87.65
C LEU Q 372 85.28 63.47 88.30
N LEU Q 373 83.98 63.41 88.04
CA LEU Q 373 83.11 62.35 88.53
C LEU Q 373 82.53 61.61 87.33
N LEU Q 374 82.29 60.32 87.51
CA LEU Q 374 81.77 59.50 86.42
C LEU Q 374 80.64 58.60 86.92
N ASN Q 375 79.77 58.21 85.99
CA ASN Q 375 78.91 57.06 86.21
C ASN Q 375 79.66 55.80 85.81
N ALA Q 376 79.59 54.78 86.68
CA ALA Q 376 80.36 53.57 86.44
C ALA Q 376 79.84 52.76 85.26
N SER Q 377 78.56 52.93 84.90
CA SER Q 377 77.97 52.13 83.85
C SER Q 377 78.36 52.64 82.47
N ASP Q 378 77.96 53.87 82.15
CA ASP Q 378 78.21 54.41 80.82
C ASP Q 378 79.62 54.94 80.63
N LEU Q 379 80.36 55.15 81.73
CA LEU Q 379 81.69 55.76 81.74
C LEU Q 379 81.68 57.12 81.04
N THR Q 380 80.66 57.92 81.33
CA THR Q 380 80.52 59.26 80.79
C THR Q 380 80.73 60.27 81.91
N SER Q 381 81.30 61.41 81.53
CA SER Q 381 81.73 62.43 82.49
C SER Q 381 80.50 63.16 83.03
N LYS Q 382 80.11 62.84 84.26
CA LYS Q 382 78.99 63.51 84.91
C LYS Q 382 79.55 64.50 85.93
N LEU Q 383 79.34 65.79 85.65
CA LEU Q 383 79.68 66.91 86.55
C LEU Q 383 81.18 66.93 86.83
N SER Q 384 81.90 67.40 85.81
CA SER Q 384 83.29 67.79 85.98
C SER Q 384 83.35 69.18 86.58
N ILE Q 385 84.15 69.34 87.63
CA ILE Q 385 84.36 70.63 88.28
C ILE Q 385 85.79 71.06 88.01
N ASN Q 386 85.95 72.30 87.52
CA ASN Q 386 87.26 72.82 87.21
C ASN Q 386 87.23 74.34 87.35
N GLY Q 387 88.33 74.90 87.83
CA GLY Q 387 88.43 76.33 87.98
C GLY Q 387 88.94 77.00 86.73
N PRO Q 388 89.05 78.32 86.78
CA PRO Q 388 89.72 79.05 85.70
C PRO Q 388 91.22 78.83 85.75
N LEU Q 389 91.77 78.28 84.67
CA LEU Q 389 93.18 77.89 84.62
C LEU Q 389 93.91 78.68 83.55
N PRO Q 390 94.65 79.71 83.90
CA PRO Q 390 95.49 80.42 82.92
C PRO Q 390 96.90 79.84 82.89
N VAL Q 391 97.69 80.34 81.94
CA VAL Q 391 99.09 80.00 81.83
C VAL Q 391 99.93 81.16 82.35
N PHE Q 392 100.92 80.85 83.17
CA PHE Q 392 101.78 81.87 83.76
C PHE Q 392 103.15 81.83 83.10
N ASN Q 393 103.85 82.96 83.18
CA ASN Q 393 105.17 83.04 82.60
C ASN Q 393 106.24 82.44 83.49
N SER Q 394 105.91 82.07 84.72
CA SER Q 394 106.83 81.41 85.62
C SER Q 394 106.04 80.55 86.59
N THR Q 395 106.75 79.66 87.28
CA THR Q 395 106.13 78.86 88.34
C THR Q 395 105.73 79.79 89.49
N ILE Q 396 104.50 79.61 89.97
CA ILE Q 396 103.86 80.69 90.73
C ILE Q 396 104.35 80.77 92.17
N LYS Q 397 104.23 79.69 92.96
CA LYS Q 397 104.67 79.72 94.36
C LYS Q 397 104.73 78.30 94.88
N HIS Q 398 105.95 77.82 95.19
CA HIS Q 398 106.22 76.58 95.92
C HIS Q 398 105.65 75.33 95.24
N ILE Q 399 105.31 75.40 93.95
CA ILE Q 399 104.64 74.29 93.30
C ILE Q 399 105.67 73.24 92.88
N GLN Q 400 105.18 72.07 92.48
CA GLN Q 400 106.04 70.97 92.08
C GLN Q 400 105.42 70.32 90.84
N GLN Q 401 105.96 69.17 90.46
CA GLN Q 401 105.46 68.37 89.36
C GLN Q 401 105.34 66.93 89.80
N PRO Q 402 104.43 66.16 89.21
CA PRO Q 402 104.31 64.74 89.58
C PRO Q 402 105.52 63.94 89.12
N ILE Q 403 105.68 62.79 89.75
CA ILE Q 403 106.90 62.00 89.64
C ILE Q 403 106.79 61.00 88.49
N SER Q 404 107.80 60.97 87.63
CA SER Q 404 107.89 59.96 86.59
C SER Q 404 109.34 59.49 86.50
N ALA Q 405 109.62 58.67 85.48
CA ALA Q 405 110.93 58.04 85.38
C ALA Q 405 112.01 59.03 84.95
N MET Q 406 111.72 59.85 83.94
CA MET Q 406 112.71 60.73 83.34
C MET Q 406 112.37 62.19 83.63
N ASN Q 407 113.37 62.95 84.04
CA ASN Q 407 113.18 64.37 84.32
C ASN Q 407 113.01 65.14 83.02
N THR Q 408 111.82 65.71 82.82
CA THR Q 408 111.49 66.46 81.62
C THR Q 408 111.17 67.91 82.00
N LYS Q 409 110.69 68.67 81.03
CA LYS Q 409 110.13 69.99 81.33
C LYS Q 409 108.72 69.90 81.90
N ASN Q 410 108.10 68.72 81.86
CA ASN Q 410 106.78 68.50 82.44
C ASN Q 410 106.81 67.58 83.65
N SER Q 411 107.93 66.93 83.94
CA SER Q 411 107.99 65.95 85.01
C SER Q 411 109.33 66.06 85.75
N ASN Q 412 109.35 65.50 86.96
CA ASN Q 412 110.54 65.45 87.78
C ASN Q 412 110.96 64.01 88.01
N SER Q 413 112.24 63.73 87.86
CA SER Q 413 112.77 62.43 88.23
C SER Q 413 112.85 62.30 89.74
N ILE Q 414 113.15 61.08 90.19
CA ILE Q 414 113.16 60.78 91.63
C ILE Q 414 114.32 61.50 92.32
N THR Q 415 115.50 61.45 91.72
CA THR Q 415 116.65 62.14 92.29
C THR Q 415 116.66 63.63 92.00
N SER Q 416 115.73 64.11 91.18
CA SER Q 416 115.63 65.53 90.86
C SER Q 416 114.43 66.21 91.48
N LEU Q 417 113.71 65.54 92.37
CA LEU Q 417 112.56 66.16 93.03
C LEU Q 417 113.00 67.24 94.00
N ASN Q 418 113.96 66.90 94.87
CA ASN Q 418 114.36 67.85 95.91
C ASN Q 418 115.25 68.94 95.36
N HIS Q 419 116.07 68.63 94.35
CA HIS Q 419 116.97 69.62 93.78
C HIS Q 419 116.22 70.69 93.01
N SER Q 420 115.16 70.31 92.29
CA SER Q 420 114.36 71.30 91.58
C SER Q 420 113.51 72.12 92.54
N LYS Q 421 113.06 71.52 93.65
CA LYS Q 421 112.26 72.25 94.61
C LYS Q 421 113.09 73.29 95.37
N LYS Q 422 114.35 72.95 95.68
CA LYS Q 422 115.23 73.93 96.30
C LYS Q 422 115.65 75.01 95.32
N LYS Q 423 115.83 74.66 94.04
CA LYS Q 423 116.23 75.65 93.04
C LYS Q 423 115.07 76.58 92.70
N GLN Q 424 113.83 76.07 92.77
CA GLN Q 424 112.67 76.93 92.59
C GLN Q 424 112.52 77.92 93.73
N SER Q 425 112.81 77.50 94.97
CA SER Q 425 112.77 78.41 96.10
C SER Q 425 113.92 79.41 96.04
N ARG Q 426 115.11 78.95 95.63
CA ARG Q 426 116.27 79.84 95.61
C ARG Q 426 116.23 80.80 94.42
N LYS Q 427 115.40 80.51 93.41
CA LYS Q 427 115.28 81.44 92.30
C LYS Q 427 114.53 82.71 92.71
N LEU Q 428 113.42 82.56 93.43
CA LEU Q 428 112.65 83.72 93.88
C LEU Q 428 113.23 84.35 95.14
N ILE Q 429 114.10 83.65 95.85
CA ILE Q 429 114.82 84.27 96.97
C ILE Q 429 115.85 85.26 96.44
N LYS Q 430 116.60 84.87 95.41
CA LYS Q 430 117.69 85.70 94.91
C LYS Q 430 117.25 86.61 93.76
N SER Q 431 116.74 86.01 92.68
CA SER Q 431 116.48 86.76 91.47
C SER Q 431 115.17 87.54 91.57
N ARG Q 432 114.90 88.35 90.54
CA ARG Q 432 113.72 89.21 90.52
C ARG Q 432 113.02 89.21 89.17
N ARG Q 433 113.45 88.37 88.22
CA ARG Q 433 112.97 88.40 86.84
C ARG Q 433 111.55 87.89 86.69
N GLN Q 434 110.96 87.34 87.75
CA GLN Q 434 109.63 86.73 87.68
C GLN Q 434 108.55 87.78 87.43
N ASP Q 435 107.60 87.44 86.56
CA ASP Q 435 106.58 88.39 86.11
C ASP Q 435 105.17 87.94 86.43
N PHE Q 436 104.82 86.68 86.13
CA PHE Q 436 103.50 86.09 86.34
C PHE Q 436 102.39 86.88 85.63
N THR Q 437 102.45 86.89 84.30
CA THR Q 437 101.43 87.55 83.49
C THR Q 437 100.70 86.50 82.66
N THR Q 438 99.38 86.55 82.68
CA THR Q 438 98.54 85.61 81.94
C THR Q 438 97.74 86.35 80.88
N ASN Q 439 97.78 85.83 79.64
CA ASN Q 439 96.85 86.28 78.63
C ASN Q 439 95.44 85.81 78.99
N VAL Q 440 94.51 86.75 79.07
CA VAL Q 440 93.08 86.46 79.26
C VAL Q 440 92.30 87.47 78.43
N GLU Q 441 91.40 87.00 77.58
CA GLU Q 441 90.60 87.89 76.76
C GLU Q 441 89.11 87.66 77.01
N ILE Q 442 88.34 88.72 76.78
CA ILE Q 442 86.91 88.74 77.10
C ILE Q 442 86.14 88.94 75.82
N ASN Q 443 85.18 88.06 75.56
CA ASN Q 443 84.29 88.16 74.41
C ASN Q 443 83.43 89.42 74.52
N PRO Q 444 83.39 90.29 73.50
CA PRO Q 444 82.61 91.51 73.63
C PRO Q 444 81.10 91.31 73.53
N ILE Q 445 80.64 90.26 72.86
CA ILE Q 445 79.20 90.06 72.67
C ILE Q 445 78.63 88.97 73.56
N ASN Q 446 79.46 88.08 74.12
CA ASN Q 446 78.98 87.02 74.97
C ASN Q 446 79.49 87.11 76.40
N LYS Q 447 80.42 88.03 76.69
CA LYS Q 447 80.99 88.28 78.02
C LYS Q 447 81.65 87.03 78.61
N ASN Q 448 82.20 86.18 77.76
CA ASN Q 448 82.83 84.95 78.19
C ASN Q 448 84.34 85.13 78.20
N LEU Q 449 84.96 84.83 79.34
CA LEU Q 449 86.40 84.88 79.43
C LEU Q 449 87.02 83.71 78.68
N TYR Q 450 88.03 84.00 77.87
CA TYR Q 450 88.74 82.98 77.13
C TYR Q 450 90.13 82.85 77.73
N PHE Q 451 90.49 81.65 78.16
CA PHE Q 451 91.76 81.42 78.83
C PHE Q 451 92.66 80.61 77.92
N PRO Q 452 93.72 81.21 77.36
CA PRO Q 452 94.65 80.44 76.52
C PRO Q 452 95.48 79.45 77.28
N HIS Q 453 94.90 78.30 77.62
CA HIS Q 453 95.70 77.15 77.99
C HIS Q 453 96.51 76.70 76.77
N ILE Q 454 97.65 76.05 77.01
CA ILE Q 454 98.55 75.75 75.90
C ILE Q 454 97.92 74.68 75.01
N SER Q 455 98.01 74.91 73.69
CA SER Q 455 97.38 74.15 72.61
C SER Q 455 95.86 74.09 72.68
N ALA Q 456 95.23 74.90 73.54
CA ALA Q 456 93.78 74.82 73.73
C ALA Q 456 93.26 76.20 74.09
N VAL Q 457 92.02 76.23 74.60
CA VAL Q 457 91.43 77.43 75.19
C VAL Q 457 90.39 76.96 76.21
N GLN Q 458 90.32 77.65 77.35
CA GLN Q 458 89.32 77.35 78.36
C GLN Q 458 88.27 78.45 78.29
N ILE Q 459 87.16 78.17 77.62
CA ILE Q 459 86.07 79.13 77.51
C ILE Q 459 85.32 79.14 78.83
N PHE Q 460 85.23 80.30 79.45
CA PHE Q 460 84.77 80.43 80.81
C PHE Q 460 83.85 81.64 80.92
N ASP Q 461 82.82 81.52 81.75
CA ASP Q 461 81.98 82.67 82.09
C ASP Q 461 81.95 82.80 83.59
N PHE Q 462 82.39 83.95 84.10
CA PHE Q 462 82.51 84.16 85.54
C PHE Q 462 81.16 84.38 86.22
N TYR Q 463 80.09 84.57 85.45
CA TYR Q 463 78.76 84.69 86.05
C TYR Q 463 78.31 83.37 86.66
N LYS Q 464 78.46 82.28 85.92
CA LYS Q 464 78.12 80.95 86.43
C LYS Q 464 79.27 80.30 87.17
N ASN Q 465 80.48 80.86 87.06
CA ASN Q 465 81.70 80.39 87.75
C ASN Q 465 82.01 78.94 87.41
N GLU Q 466 81.82 78.56 86.14
CA GLU Q 466 82.07 77.20 85.72
C GLU Q 466 82.48 77.18 84.25
N GLN Q 467 83.43 76.31 83.94
CA GLN Q 467 83.91 76.10 82.58
C GLN Q 467 82.78 75.62 81.68
N VAL Q 468 82.66 76.22 80.49
CA VAL Q 468 81.57 75.86 79.59
C VAL Q 468 82.10 75.02 78.43
N ASN Q 469 83.37 75.22 78.06
CA ASN Q 469 83.94 74.52 76.90
C ASN Q 469 85.44 74.34 77.09
N TYR Q 470 86.02 73.52 76.23
CA TYR Q 470 87.45 73.32 76.16
C TYR Q 470 87.78 72.87 74.74
N GLN Q 471 88.27 73.80 73.92
CA GLN Q 471 88.51 73.53 72.51
C GLN Q 471 90.00 73.57 72.25
N TYR Q 472 90.53 72.48 71.70
CA TYR Q 472 91.91 72.46 71.22
C TYR Q 472 91.99 73.25 69.93
N LEU Q 473 93.04 74.04 69.78
CA LEU Q 473 93.16 74.98 68.67
C LEU Q 473 94.42 74.75 67.84
N THR Q 474 95.07 73.61 67.99
CA THR Q 474 96.29 73.33 67.24
C THR Q 474 96.32 71.88 66.82
N SER Q 475 96.89 71.62 65.64
CA SER Q 475 97.19 70.26 65.20
C SER Q 475 98.39 69.74 65.97
N GLY Q 476 98.17 69.23 67.17
CA GLY Q 476 99.26 68.73 67.98
C GLY Q 476 99.13 67.27 68.33
N VAL Q 477 99.70 66.88 69.46
CA VAL Q 477 99.67 65.51 69.95
C VAL Q 477 98.73 65.52 71.16
N ASN Q 478 97.81 66.48 71.15
CA ASN Q 478 96.99 66.91 72.29
C ASN Q 478 96.14 65.81 72.90
N ASN Q 479 95.15 65.32 72.14
CA ASN Q 479 94.31 64.23 72.59
C ASN Q 479 94.42 63.02 71.68
N SER Q 480 95.42 63.00 70.80
CA SER Q 480 95.67 61.81 69.98
C SER Q 480 96.15 60.65 70.84
N MET Q 481 97.05 60.94 71.78
CA MET Q 481 97.54 59.93 72.72
C MET Q 481 98.09 60.67 73.94
N GLY Q 482 98.41 59.90 74.97
CA GLY Q 482 99.02 60.44 76.16
C GLY Q 482 100.50 60.65 75.98
N LYS Q 483 101.24 60.53 77.08
CA LYS Q 483 102.68 60.71 77.05
C LYS Q 483 103.37 59.67 77.92
N VAL Q 484 104.57 59.28 77.50
CA VAL Q 484 105.38 58.27 78.18
C VAL Q 484 106.71 58.91 78.55
N ARG Q 485 107.64 58.08 79.04
CA ARG Q 485 108.84 58.54 79.74
C ARG Q 485 109.73 59.45 78.90
N PHE Q 486 109.67 59.37 77.58
CA PHE Q 486 110.49 60.22 76.74
C PHE Q 486 109.70 61.14 75.82
N GLU Q 487 108.39 60.94 75.69
CA GLU Q 487 107.57 61.85 74.89
C GLU Q 487 107.18 63.11 75.64
N LEU Q 488 107.42 63.17 76.95
CA LEU Q 488 107.07 64.36 77.71
C LEU Q 488 108.00 65.52 77.38
N ASN Q 489 109.25 65.23 77.01
CA ASN Q 489 110.18 66.27 76.60
C ASN Q 489 109.84 66.86 75.24
N LEU Q 490 108.98 66.20 74.46
CA LEU Q 490 108.47 66.78 73.23
C LEU Q 490 107.48 67.87 73.61
N GLN Q 491 107.95 69.12 73.59
CA GLN Q 491 107.18 70.24 74.11
C GLN Q 491 105.98 70.53 73.22
N ASP Q 492 104.82 70.72 73.86
CA ASP Q 492 103.56 70.82 73.16
C ASP Q 492 103.46 72.15 72.42
N PRO Q 493 102.61 72.21 71.39
CA PRO Q 493 102.31 73.49 70.74
C PRO Q 493 101.72 74.51 71.72
N ILE Q 494 102.16 75.76 71.58
CA ILE Q 494 101.84 76.82 72.54
C ILE Q 494 101.09 77.93 71.83
N ILE Q 495 99.91 78.27 72.33
CA ILE Q 495 99.16 79.43 71.84
C ILE Q 495 99.59 80.64 72.65
N THR Q 496 100.06 81.68 71.95
CA THR Q 496 100.54 82.88 72.61
C THR Q 496 99.58 84.06 72.50
N ASP Q 497 99.19 84.42 71.28
CA ASP Q 497 98.35 85.59 71.06
C ASP Q 497 96.94 85.17 70.67
N LEU Q 498 95.98 85.50 71.53
CA LEU Q 498 94.56 85.32 71.25
C LEU Q 498 93.95 86.71 71.39
N LYS Q 499 93.54 87.29 70.27
CA LYS Q 499 92.90 88.59 70.25
C LYS Q 499 91.49 88.47 69.68
N PHE Q 500 90.53 89.03 70.39
CA PHE Q 500 89.15 89.07 69.96
C PHE Q 500 88.91 90.32 69.12
N THR Q 501 88.23 90.14 67.99
CA THR Q 501 87.76 91.30 67.23
C THR Q 501 86.63 91.97 68.00
N LYS Q 502 86.51 93.29 67.81
CA LYS Q 502 85.52 94.06 68.56
C LYS Q 502 84.09 93.76 68.11
N ASP Q 503 83.93 93.20 66.92
CA ASP Q 503 82.61 92.72 66.51
C ASP Q 503 82.20 91.50 67.31
N GLY Q 504 83.16 90.65 67.68
CA GLY Q 504 82.89 89.46 68.46
C GLY Q 504 82.66 88.20 67.67
N GLN Q 505 82.44 88.31 66.36
CA GLN Q 505 82.17 87.16 65.52
C GLN Q 505 83.42 86.59 64.89
N TRP Q 506 84.60 87.08 65.29
CA TRP Q 506 85.86 86.55 64.81
C TRP Q 506 86.87 86.57 65.93
N MET Q 507 87.39 85.39 66.28
CA MET Q 507 88.48 85.30 67.25
C MET Q 507 89.67 84.70 66.53
N ILE Q 508 90.83 85.32 66.71
CA ILE Q 508 92.03 84.90 65.98
C ILE Q 508 93.03 84.36 66.99
N THR Q 509 94.02 83.62 66.47
CA THR Q 509 94.94 82.86 67.30
C THR Q 509 96.30 82.83 66.62
N TYR Q 510 97.34 83.18 67.36
CA TYR Q 510 98.72 83.00 66.92
C TYR Q 510 99.36 81.92 67.78
N GLU Q 511 100.00 80.96 67.11
CA GLU Q 511 100.52 79.77 67.74
C GLU Q 511 101.97 79.56 67.31
N ILE Q 512 102.83 79.25 68.27
CA ILE Q 512 104.25 78.99 67.98
C ILE Q 512 104.49 77.49 68.19
N GLU Q 513 104.82 76.80 67.10
CA GLU Q 513 104.94 75.35 67.13
C GLU Q 513 106.39 74.97 67.34
N TYR Q 514 106.65 74.22 68.38
CA TYR Q 514 108.03 73.88 68.69
C TYR Q 514 108.39 72.55 68.05
N PRO Q 515 109.53 72.46 67.37
CA PRO Q 515 109.92 71.22 66.71
C PRO Q 515 110.39 70.20 67.72
N PRO Q 516 110.40 68.91 67.37
CA PRO Q 516 110.99 67.91 68.26
C PRO Q 516 112.49 68.12 68.42
N ASN Q 517 112.98 67.84 69.63
CA ASN Q 517 114.37 68.11 69.94
C ASN Q 517 115.29 67.08 69.30
N ASP Q 518 116.54 67.51 69.05
CA ASP Q 518 117.64 66.68 68.56
C ASP Q 518 117.33 66.08 67.19
N LEU Q 519 117.01 66.96 66.25
CA LEU Q 519 116.84 66.58 64.85
C LEU Q 519 117.64 67.52 63.97
N LEU Q 520 117.49 67.39 62.64
CA LEU Q 520 118.06 68.39 61.75
C LEU Q 520 117.24 69.67 61.77
N SER Q 521 115.92 69.54 61.83
CA SER Q 521 115.02 70.68 61.85
C SER Q 521 114.59 71.06 63.26
N SER Q 522 115.48 70.87 64.24
CA SER Q 522 115.20 71.19 65.64
C SER Q 522 115.51 72.64 65.97
N LYS Q 523 115.82 73.47 64.99
CA LYS Q 523 116.27 74.83 65.24
C LYS Q 523 115.29 75.92 64.81
N ASP Q 524 114.35 75.61 63.91
CA ASP Q 524 113.45 76.60 63.35
C ASP Q 524 112.05 76.41 63.93
N LEU Q 525 111.51 77.45 64.53
CA LEU Q 525 110.14 77.43 65.03
C LEU Q 525 109.19 77.85 63.92
N THR Q 526 108.13 77.09 63.72
CA THR Q 526 107.11 77.42 62.74
C THR Q 526 105.99 78.17 63.43
N HIS Q 527 105.75 79.40 63.00
CA HIS Q 527 104.76 80.26 63.62
C HIS Q 527 103.48 80.24 62.81
N ILE Q 528 102.36 80.00 63.47
CA ILE Q 528 101.09 79.73 62.80
C ILE Q 528 100.10 80.81 63.18
N LEU Q 529 99.39 81.34 62.18
CA LEU Q 529 98.33 82.31 62.41
C LEU Q 529 97.00 81.70 61.97
N LYS Q 530 95.96 81.92 62.77
CA LYS Q 530 94.65 81.34 62.54
C LYS Q 530 93.58 82.39 62.74
N PHE Q 531 92.51 82.30 61.95
CA PHE Q 531 91.33 83.14 62.11
C PHE Q 531 90.10 82.24 62.20
N TRP Q 532 89.37 82.35 63.30
CA TRP Q 532 88.23 81.50 63.58
C TRP Q 532 86.96 82.33 63.67
N THR Q 533 85.84 81.74 63.28
CA THR Q 533 84.54 82.37 63.42
C THR Q 533 83.53 81.35 63.90
N LYS Q 534 82.44 81.84 64.48
CA LYS Q 534 81.35 81.01 64.96
C LYS Q 534 80.09 81.85 65.07
N ASN Q 535 78.97 81.17 65.18
CA ASN Q 535 77.70 81.84 65.44
C ASN Q 535 77.48 81.95 66.94
N ASP Q 536 76.49 82.77 67.32
CA ASP Q 536 76.15 82.93 68.73
C ASP Q 536 75.51 81.66 69.31
N ASN Q 537 74.86 80.85 68.47
CA ASN Q 537 74.29 79.61 68.95
C ASN Q 537 75.37 78.57 69.23
N GLU Q 538 76.31 78.42 68.32
CA GLU Q 538 77.31 77.37 68.43
C GLU Q 538 78.37 77.74 69.47
N THR Q 539 78.92 76.71 70.11
CA THR Q 539 79.94 76.89 71.13
C THR Q 539 81.30 76.35 70.72
N ASN Q 540 81.45 75.85 69.50
CA ASN Q 540 82.73 75.36 69.00
C ASN Q 540 83.14 76.18 67.79
N TRP Q 541 84.35 76.71 67.83
CA TRP Q 541 84.85 77.58 66.78
C TRP Q 541 85.27 76.77 65.55
N ASN Q 542 85.16 77.40 64.39
CA ASN Q 542 85.52 76.79 63.12
C ASN Q 542 86.64 77.59 62.48
N LEU Q 543 87.69 76.88 62.05
CA LEU Q 543 88.87 77.52 61.46
C LEU Q 543 88.57 77.85 60.01
N LYS Q 544 88.58 79.14 59.69
CA LYS Q 544 88.28 79.57 58.33
C LYS Q 544 89.53 79.83 57.51
N THR Q 545 90.50 80.54 58.07
CA THR Q 545 91.73 80.86 57.33
C THR Q 545 92.93 80.58 58.23
N LYS Q 546 93.92 79.90 57.67
CA LYS Q 546 95.16 79.57 58.38
C LYS Q 546 96.34 80.11 57.58
N VAL Q 547 97.32 80.66 58.29
CA VAL Q 547 98.49 81.24 57.67
C VAL Q 547 99.72 80.52 58.22
N ILE Q 548 100.52 79.94 57.34
CA ILE Q 548 101.73 79.23 57.72
C ILE Q 548 102.91 80.15 57.50
N ASN Q 549 103.66 80.42 58.58
CA ASN Q 549 104.85 81.27 58.65
C ASN Q 549 104.59 82.66 58.08
N PRO Q 550 103.85 83.53 58.79
CA PRO Q 550 103.69 84.90 58.32
C PRO Q 550 105.01 85.66 58.45
N HIS Q 551 105.16 86.67 57.58
CA HIS Q 551 106.36 87.50 57.47
C HIS Q 551 107.61 86.66 57.24
N GLY Q 552 107.50 85.70 56.33
CA GLY Q 552 108.57 84.77 56.09
C GLY Q 552 108.67 83.72 57.18
N ILE Q 553 109.79 83.03 57.19
CA ILE Q 553 110.04 81.97 58.16
C ILE Q 553 110.80 82.54 59.35
N SER Q 554 110.61 81.90 60.51
CA SER Q 554 111.33 82.18 61.76
C SER Q 554 111.16 83.61 62.24
N VAL Q 555 109.99 84.21 62.00
CA VAL Q 555 109.73 85.57 62.42
C VAL Q 555 108.52 85.60 63.36
N PRO Q 556 108.69 85.95 64.62
CA PRO Q 556 107.53 86.09 65.51
C PRO Q 556 106.72 87.33 65.18
N ILE Q 557 105.44 87.29 65.52
CA ILE Q 557 104.49 88.34 65.21
C ILE Q 557 103.99 88.96 66.52
N THR Q 558 104.91 89.05 67.49
CA THR Q 558 104.71 89.16 68.94
C THR Q 558 103.54 90.00 69.46
N LYS Q 559 103.21 91.10 68.79
CA LYS Q 559 102.07 91.92 69.20
C LYS Q 559 101.00 91.95 68.12
N ILE Q 560 99.76 91.72 68.51
CA ILE Q 560 98.62 91.65 67.61
C ILE Q 560 97.53 92.57 68.13
N LEU Q 561 97.03 93.45 67.26
CA LEU Q 561 95.94 94.35 67.60
C LEU Q 561 94.85 94.28 66.55
N PRO Q 562 93.60 94.04 66.93
CA PRO Q 562 92.50 93.98 65.96
C PRO Q 562 92.03 95.39 65.62
N SER Q 563 91.11 95.44 64.65
CA SER Q 563 90.55 96.66 64.09
C SER Q 563 89.30 97.09 64.85
N PRO Q 564 89.02 98.40 64.92
CA PRO Q 564 87.76 98.85 65.51
C PRO Q 564 86.61 98.67 64.52
N ARG Q 565 85.41 98.96 65.01
CA ARG Q 565 84.19 98.78 64.23
C ARG Q 565 84.04 99.78 63.08
N SER Q 566 84.83 100.84 63.07
CA SER Q 566 84.67 101.87 62.04
C SER Q 566 85.21 101.42 60.69
N VAL Q 567 86.35 100.74 60.68
CA VAL Q 567 87.09 100.59 59.43
C VAL Q 567 86.54 99.46 58.55
N ASN Q 568 86.35 98.27 59.09
CA ASN Q 568 85.88 97.13 58.30
C ASN Q 568 84.92 96.27 59.10
N ASN Q 569 84.01 96.93 59.84
CA ASN Q 569 83.05 96.29 60.76
C ASN Q 569 83.76 95.44 61.81
N SER Q 570 84.96 95.87 62.21
CA SER Q 570 85.88 95.15 63.10
C SER Q 570 86.14 93.72 62.61
N GLN Q 571 86.46 93.60 61.32
CA GLN Q 571 86.81 92.32 60.74
C GLN Q 571 88.22 92.36 60.16
N GLY Q 572 89.10 93.17 60.77
CA GLY Q 572 90.49 93.19 60.40
C GLY Q 572 91.37 93.03 61.63
N CYS Q 573 92.60 92.60 61.38
CA CYS Q 573 93.58 92.41 62.45
C CYS Q 573 94.95 92.81 61.94
N LEU Q 574 95.84 93.13 62.88
CA LEU Q 574 97.16 93.64 62.56
C LEU Q 574 98.20 92.80 63.28
N THR Q 575 99.30 92.51 62.60
CA THR Q 575 100.41 91.74 63.16
C THR Q 575 101.68 92.58 63.12
N ALA Q 576 102.33 92.71 64.27
CA ALA Q 576 103.55 93.50 64.39
C ALA Q 576 104.70 92.57 64.74
N ASP Q 577 105.74 92.59 63.92
CA ASP Q 577 106.85 91.66 64.05
C ASP Q 577 107.79 92.08 65.17
N ASN Q 578 108.89 91.33 65.30
CA ASN Q 578 110.02 91.77 66.10
C ASN Q 578 110.98 92.64 65.30
N ASN Q 579 110.69 92.85 64.01
CA ASN Q 579 111.47 93.73 63.15
C ASN Q 579 110.67 94.95 62.71
N GLY Q 580 109.61 95.28 63.45
CA GLY Q 580 108.83 96.46 63.15
C GLY Q 580 107.92 96.36 61.96
N GLY Q 581 107.77 95.17 61.38
CA GLY Q 581 106.93 95.02 60.21
C GLY Q 581 105.46 94.96 60.58
N LEU Q 582 104.64 95.63 59.78
CA LEU Q 582 103.20 95.69 59.99
C LEU Q 582 102.50 95.02 58.81
N LYS Q 583 101.50 94.20 59.11
CA LYS Q 583 100.65 93.58 58.10
C LYS Q 583 99.21 93.68 58.55
N PHE Q 584 98.34 94.07 57.63
CA PHE Q 584 96.91 94.26 57.93
C PHE Q 584 96.13 93.16 57.23
N TRP Q 585 95.75 92.14 57.98
CA TRP Q 585 94.87 91.10 57.48
C TRP Q 585 93.42 91.54 57.64
N SER Q 586 92.62 91.30 56.60
CA SER Q 586 91.23 91.72 56.61
C SER Q 586 90.36 90.63 56.04
N PHE Q 587 89.07 90.67 56.38
CA PHE Q 587 88.10 89.69 55.89
C PHE Q 587 87.50 90.18 54.59
N ASP Q 588 87.77 89.45 53.52
CA ASP Q 588 87.23 89.78 52.21
C ASP Q 588 85.77 89.38 52.12
N SER Q 589 85.05 90.02 51.20
CA SER Q 589 83.65 89.65 50.97
C SER Q 589 83.52 88.58 49.90
N HIS Q 590 84.00 88.85 48.69
CA HIS Q 590 83.84 87.89 47.60
C HIS Q 590 84.81 86.72 47.75
N GLU Q 591 85.92 86.92 48.44
CA GLU Q 591 86.69 85.79 48.93
C GLU Q 591 86.22 85.46 50.33
N SER Q 592 85.98 84.17 50.57
CA SER Q 592 85.43 83.70 51.83
C SER Q 592 86.49 83.49 52.90
N ASN Q 593 87.63 84.14 52.79
CA ASN Q 593 88.75 83.92 53.70
C ASN Q 593 89.37 85.28 54.02
N TRP Q 594 90.56 85.26 54.61
CA TRP Q 594 91.27 86.47 54.99
C TRP Q 594 92.52 86.63 54.14
N CYS Q 595 92.77 87.86 53.68
CA CYS Q 595 93.92 88.15 52.84
C CYS Q 595 94.64 89.37 53.38
N LEU Q 596 95.86 89.58 52.89
CA LEU Q 596 96.61 90.79 53.19
C LEU Q 596 95.97 91.99 52.50
N LYS Q 597 96.10 93.15 53.12
CA LYS Q 597 95.64 94.36 52.47
C LYS Q 597 96.70 95.45 52.44
N LYS Q 598 97.50 95.59 53.49
CA LYS Q 598 98.54 96.59 53.55
C LYS Q 598 99.76 96.00 54.24
N ILE Q 599 100.94 96.24 53.67
CA ILE Q 599 102.18 95.67 54.19
C ILE Q 599 103.23 96.77 54.27
N SER Q 600 103.88 96.87 55.43
CA SER Q 600 105.05 97.73 55.59
C SER Q 600 106.09 96.90 56.34
N LEU Q 601 107.09 96.40 55.61
CA LEU Q 601 108.07 95.46 56.15
C LEU Q 601 109.48 96.04 55.98
N PRO Q 602 109.93 96.86 56.94
CA PRO Q 602 111.31 97.35 56.89
C PRO Q 602 112.26 96.35 57.51
N ASN Q 603 113.21 95.86 56.71
CA ASN Q 603 114.16 94.86 57.18
C ASN Q 603 115.22 95.54 58.03
N PHE Q 604 114.95 95.63 59.33
CA PHE Q 604 115.92 96.19 60.26
C PHE Q 604 117.04 95.19 60.52
N ASN Q 605 118.21 95.72 60.89
CA ASN Q 605 119.30 94.84 61.28
C ASN Q 605 119.07 94.26 62.67
N HIS Q 606 118.63 95.09 63.62
CA HIS Q 606 118.42 94.65 64.98
C HIS Q 606 117.02 94.06 65.15
N PHE Q 607 116.90 93.20 66.17
CA PHE Q 607 115.64 92.53 66.46
C PHE Q 607 115.20 92.92 67.86
N SER Q 608 114.05 93.59 67.95
CA SER Q 608 113.49 94.01 69.23
C SER Q 608 112.19 93.27 69.46
N ASN Q 609 112.14 92.47 70.52
CA ASN Q 609 110.96 91.70 70.87
C ASN Q 609 109.95 92.49 71.68
N SER Q 610 110.27 93.73 72.05
CA SER Q 610 109.40 94.58 72.85
C SER Q 610 108.70 95.55 71.89
N VAL Q 611 107.55 95.12 71.37
CA VAL Q 611 106.80 95.92 70.42
C VAL Q 611 105.35 95.99 70.91
N SER Q 612 104.70 97.11 70.59
CA SER Q 612 103.31 97.33 70.92
C SER Q 612 102.73 98.30 69.91
N LEU Q 613 101.40 98.25 69.77
CA LEU Q 613 100.75 99.15 68.83
C LEU Q 613 99.33 99.43 69.31
N ALA Q 614 98.85 100.63 69.00
CA ALA Q 614 97.50 101.06 69.32
C ALA Q 614 96.90 101.74 68.10
N TRP Q 615 95.57 101.73 68.04
CA TRP Q 615 94.83 102.21 66.88
C TRP Q 615 93.99 103.42 67.28
N SER Q 616 94.16 104.52 66.56
CA SER Q 616 93.33 105.69 66.78
C SER Q 616 91.93 105.41 66.24
N GLN Q 617 90.92 105.51 67.11
CA GLN Q 617 89.60 104.93 66.90
C GLN Q 617 88.85 105.48 65.69
N ASP Q 618 89.23 106.65 65.19
CA ASP Q 618 88.68 107.13 63.93
C ASP Q 618 89.16 106.28 62.75
N GLY Q 619 90.40 105.79 62.84
CA GLY Q 619 90.98 104.99 61.78
C GLY Q 619 91.94 105.72 60.88
N SER Q 620 92.25 106.99 61.16
CA SER Q 620 93.13 107.76 60.28
C SER Q 620 94.58 107.33 60.41
N LEU Q 621 95.05 107.10 61.63
CA LEU Q 621 96.47 106.85 61.84
C LEU Q 621 96.64 105.73 62.87
N ILE Q 622 97.78 105.05 62.78
CA ILE Q 622 98.13 103.95 63.66
C ILE Q 622 99.37 104.33 64.45
N PHE Q 623 99.30 104.21 65.77
CA PHE Q 623 100.48 104.32 66.61
C PHE Q 623 101.18 102.97 66.64
N HIS Q 624 102.43 102.94 66.20
CA HIS Q 624 103.24 101.71 66.22
C HIS Q 624 104.48 101.98 67.06
N GLY Q 625 104.61 101.24 68.16
CA GLY Q 625 105.73 101.45 69.06
C GLY Q 625 106.78 100.36 69.03
N PHE Q 626 107.91 100.64 68.39
CA PHE Q 626 109.07 99.77 68.45
C PHE Q 626 109.90 100.14 69.67
N ASP Q 627 111.12 99.65 69.76
CA ASP Q 627 111.99 100.03 70.86
C ASP Q 627 112.49 101.45 70.63
N ASP Q 628 112.33 102.30 71.67
CA ASP Q 628 112.76 103.70 71.72
C ASP Q 628 112.11 104.62 70.68
N LYS Q 629 111.17 104.12 69.89
CA LYS Q 629 110.67 104.85 68.73
C LYS Q 629 109.19 104.59 68.55
N LEU Q 630 108.39 105.65 68.60
CA LEU Q 630 107.00 105.59 68.16
C LEU Q 630 106.91 106.11 66.74
N GLN Q 631 106.28 105.33 65.86
CA GLN Q 631 106.04 105.74 64.48
C GLN Q 631 104.54 105.90 64.28
N ILE Q 632 104.13 107.08 63.83
CA ILE Q 632 102.73 107.39 63.56
C ILE Q 632 102.49 107.03 62.10
N LEU Q 633 101.89 105.86 61.87
CA LEU Q 633 101.69 105.35 60.52
C LEU Q 633 100.34 105.82 59.97
N ASP Q 634 100.37 106.40 58.78
CA ASP Q 634 99.13 106.67 58.06
C ASP Q 634 98.48 105.37 57.61
N PHE Q 635 97.17 105.29 57.78
CA PHE Q 635 96.46 104.05 57.46
C PHE Q 635 96.38 103.82 55.96
N ASP Q 636 96.25 104.87 55.16
CA ASP Q 636 96.06 104.73 53.73
C ASP Q 636 97.34 104.38 52.98
N THR Q 637 98.51 104.48 53.63
CA THR Q 637 99.78 104.21 52.96
C THR Q 637 100.71 103.28 53.73
N PHE Q 638 100.49 103.06 55.02
CA PHE Q 638 101.41 102.36 55.94
C PHE Q 638 102.82 102.96 55.92
N LYS Q 639 102.87 104.28 55.81
CA LYS Q 639 104.10 105.05 55.94
C LYS Q 639 103.91 106.07 57.04
N LYS Q 640 104.99 106.77 57.39
CA LYS Q 640 104.95 107.75 58.47
C LYS Q 640 104.04 108.92 58.13
N PHE Q 641 103.25 109.34 59.11
CA PHE Q 641 102.29 110.41 58.90
C PHE Q 641 103.01 111.75 58.80
N GLU Q 642 103.36 112.15 57.59
CA GLU Q 642 103.94 113.47 57.36
C GLU Q 642 102.82 114.47 57.05
N SER Q 643 102.93 115.65 57.64
CA SER Q 643 101.94 116.70 57.45
C SER Q 643 102.67 118.01 57.21
N LEU Q 644 102.39 118.64 56.08
CA LEU Q 644 102.97 119.95 55.76
C LEU Q 644 102.30 121.08 56.50
N GLU Q 645 101.16 120.82 57.14
CA GLU Q 645 100.49 121.85 57.94
C GLU Q 645 101.27 122.18 59.19
N ASN Q 646 101.99 121.20 59.75
CA ASN Q 646 102.79 121.30 60.98
C ASN Q 646 101.91 121.74 62.17
N THR Q 647 101.01 120.83 62.53
CA THR Q 647 100.05 121.04 63.62
C THR Q 647 100.57 120.52 64.95
N LYS Q 648 101.90 120.64 65.17
CA LYS Q 648 102.61 120.19 66.38
C LYS Q 648 102.47 118.69 66.60
N THR Q 649 102.38 117.92 65.52
CA THR Q 649 102.29 116.47 65.57
C THR Q 649 103.47 115.92 64.77
N VAL Q 650 104.58 115.67 65.48
CA VAL Q 650 105.78 115.15 64.82
C VAL Q 650 105.56 113.69 64.44
N SER Q 651 106.22 113.26 63.37
CA SER Q 651 106.03 111.91 62.85
C SER Q 651 106.71 110.85 63.70
N GLU Q 652 107.65 111.24 64.54
CA GLU Q 652 108.41 110.31 65.36
C GLU Q 652 108.40 110.75 66.82
N PHE Q 653 108.58 109.78 67.71
CA PHE Q 653 108.70 110.06 69.13
C PHE Q 653 109.83 109.21 69.68
N THR Q 654 110.91 109.87 70.10
CA THR Q 654 112.05 109.19 70.72
C THR Q 654 111.91 109.31 72.22
N LEU Q 655 111.89 108.16 72.90
CA LEU Q 655 111.65 108.10 74.33
C LEU Q 655 112.92 107.62 75.05
N ASP Q 656 112.80 107.51 76.38
CA ASP Q 656 113.98 107.25 77.20
C ASP Q 656 114.44 105.79 77.09
N SER Q 657 113.51 104.84 77.08
CA SER Q 657 113.87 103.44 77.09
C SER Q 657 112.93 102.69 76.15
N GLU Q 658 112.94 101.36 76.25
CA GLU Q 658 112.16 100.52 75.35
C GLU Q 658 110.67 100.64 75.66
N ILE Q 659 109.88 100.82 74.61
CA ILE Q 659 108.44 101.03 74.76
C ILE Q 659 107.77 99.69 75.00
N GLN Q 660 106.99 99.62 76.08
CA GLN Q 660 106.36 98.36 76.48
C GLN Q 660 104.85 98.33 76.30
N THR Q 661 104.16 99.45 76.46
CA THR Q 661 102.70 99.48 76.39
C THR Q 661 102.25 100.81 75.81
N VAL Q 662 101.47 100.75 74.73
CA VAL Q 662 100.84 101.92 74.13
C VAL Q 662 99.35 101.68 74.10
N LYS Q 663 98.60 102.46 74.88
CA LYS Q 663 97.15 102.52 74.81
C LYS Q 663 96.73 103.96 74.68
N LEU Q 664 95.44 104.18 74.49
CA LEU Q 664 94.86 105.51 74.40
C LEU Q 664 93.59 105.58 75.24
N ILE Q 665 93.46 106.64 76.03
CA ILE Q 665 92.22 106.86 76.76
C ILE Q 665 91.12 107.28 75.80
N ASN Q 666 91.41 108.21 74.91
CA ASN Q 666 90.51 108.64 73.86
C ASN Q 666 91.35 109.02 72.65
N ASP Q 667 90.73 109.70 71.68
CA ASP Q 667 91.45 110.14 70.49
C ASP Q 667 92.48 111.23 70.77
N THR Q 668 92.43 111.86 71.94
CA THR Q 668 93.34 112.97 72.24
C THR Q 668 94.65 112.48 72.86
N ASN Q 669 94.55 111.80 74.00
CA ASN Q 669 95.72 111.50 74.82
C ASN Q 669 96.10 110.03 74.70
N LEU Q 670 97.39 109.78 74.58
CA LEU Q 670 97.95 108.45 74.42
C LEU Q 670 98.89 108.17 75.59
N ILE Q 671 98.68 107.05 76.27
CA ILE Q 671 99.58 106.63 77.34
C ILE Q 671 100.66 105.73 76.75
N VAL Q 672 101.91 106.05 77.04
CA VAL Q 672 103.04 105.19 76.71
C VAL Q 672 103.67 104.75 78.02
N ALA Q 673 104.18 103.54 78.05
CA ALA Q 673 104.79 102.97 79.25
C ALA Q 673 106.13 102.35 78.85
N THR Q 674 107.21 102.99 79.25
CA THR Q 674 108.54 102.51 78.91
C THR Q 674 109.01 101.55 79.99
N ARG Q 675 110.30 101.20 79.95
CA ARG Q 675 110.88 100.40 81.02
C ARG Q 675 111.14 101.21 82.29
N THR Q 676 111.03 102.53 82.22
CA THR Q 676 111.29 103.40 83.36
C THR Q 676 110.04 104.12 83.84
N THR Q 677 109.36 104.87 82.97
CA THR Q 677 108.28 105.72 83.39
C THR Q 677 107.05 105.50 82.50
N LEU Q 678 105.98 106.20 82.84
CA LEU Q 678 104.75 106.21 82.07
C LEU Q 678 104.41 107.65 81.74
N ASN Q 679 104.10 107.91 80.47
CA ASN Q 679 103.84 109.26 79.99
C ASN Q 679 102.51 109.32 79.27
N ALA Q 680 101.83 110.45 79.42
CA ALA Q 680 100.60 110.74 78.69
C ALA Q 680 100.89 111.86 77.70
N ILE Q 681 100.64 111.59 76.42
CA ILE Q 681 100.96 112.53 75.34
C ILE Q 681 99.67 112.84 74.59
N ASN Q 682 99.34 114.12 74.52
CA ASN Q 682 98.22 114.59 73.73
C ASN Q 682 98.64 114.74 72.27
N LEU Q 683 97.70 114.47 71.37
CA LEU Q 683 98.01 114.52 69.94
C LEU Q 683 97.53 115.79 69.27
N LEU Q 684 96.47 116.43 69.79
CA LEU Q 684 96.08 117.73 69.29
C LEU Q 684 97.11 118.80 69.63
N ARG Q 685 97.67 118.73 70.84
CA ARG Q 685 98.82 119.54 71.24
C ARG Q 685 99.91 118.55 71.62
N GLY Q 686 100.90 118.41 70.74
CA GLY Q 686 101.90 117.36 70.86
C GLY Q 686 102.94 117.56 71.94
N GLN Q 687 102.53 117.46 73.20
CA GLN Q 687 103.46 117.56 74.31
C GLN Q 687 103.06 116.55 75.39
N VAL Q 688 104.01 116.24 76.26
CA VAL Q 688 103.77 115.30 77.34
C VAL Q 688 103.09 116.03 78.49
N ILE Q 689 102.00 115.46 78.99
CA ILE Q 689 101.24 116.08 80.08
C ILE Q 689 101.86 115.70 81.42
N ASN Q 690 101.93 114.42 81.71
CA ASN Q 690 102.44 113.93 82.99
C ASN Q 690 103.47 112.84 82.76
N SER Q 691 104.34 112.67 83.75
CA SER Q 691 105.38 111.63 83.72
C SER Q 691 105.47 111.03 85.12
N PHE Q 692 104.83 109.88 85.31
CA PHE Q 692 104.86 109.17 86.57
C PHE Q 692 105.90 108.06 86.51
N ASP Q 693 106.78 108.02 87.49
CA ASP Q 693 107.93 107.12 87.45
C ASP Q 693 107.52 105.74 87.95
N LEU Q 694 107.53 104.77 87.04
CA LEU Q 694 107.29 103.38 87.38
C LEU Q 694 108.58 102.60 87.60
N TYR Q 695 109.73 103.28 87.57
CA TYR Q 695 111.03 102.62 87.69
C TYR Q 695 111.28 101.90 89.01
N PRO Q 696 111.00 102.46 90.21
CA PRO Q 696 111.29 101.69 91.44
C PRO Q 696 110.43 100.45 91.62
N PHE Q 697 109.29 100.35 90.93
CA PHE Q 697 108.51 99.13 90.99
C PHE Q 697 108.94 98.12 89.93
N VAL Q 698 109.30 98.58 88.73
CA VAL Q 698 109.77 97.72 87.66
C VAL Q 698 111.15 98.23 87.27
N ASN Q 699 112.20 97.65 87.88
CA ASN Q 699 113.56 97.95 87.46
C ASN Q 699 113.91 97.08 86.25
N GLY Q 700 113.96 95.77 86.47
CA GLY Q 700 114.09 94.80 85.41
C GLY Q 700 113.26 93.57 85.73
N VAL Q 701 112.22 93.77 86.55
CA VAL Q 701 111.48 92.64 87.11
C VAL Q 701 110.42 92.10 86.15
N TYR Q 702 110.20 92.74 85.01
CA TYR Q 702 109.18 92.30 84.08
C TYR Q 702 109.80 92.01 82.71
N LYS Q 703 109.18 91.06 82.01
CA LYS Q 703 109.63 90.70 80.67
C LYS Q 703 108.98 91.62 79.65
N ASN Q 704 109.38 91.44 78.38
CA ASN Q 704 108.98 92.36 77.34
C ASN Q 704 107.60 92.02 76.79
N GLY Q 705 106.79 93.04 76.55
CA GLY Q 705 105.47 92.87 75.97
C GLY Q 705 104.48 92.18 76.87
N HIS Q 706 104.50 92.46 78.16
CA HIS Q 706 103.56 91.86 79.09
C HIS Q 706 102.85 92.86 79.99
N MET Q 707 103.26 94.13 80.01
CA MET Q 707 102.54 95.13 80.78
C MET Q 707 101.26 95.60 80.10
N ASP Q 708 101.08 95.28 78.82
CA ASP Q 708 99.90 95.70 78.09
C ASP Q 708 98.64 95.03 78.61
N ARG Q 709 98.76 93.81 79.13
CA ARG Q 709 97.66 93.14 79.80
C ARG Q 709 97.51 93.58 81.25
N LEU Q 710 98.46 94.35 81.77
CA LEU Q 710 98.29 94.91 83.12
C LEU Q 710 97.59 96.26 83.06
N ILE Q 711 97.86 97.04 82.02
CA ILE Q 711 97.28 98.37 81.85
C ILE Q 711 96.28 98.30 80.71
N THR Q 712 95.00 98.30 81.07
CA THR Q 712 93.91 98.35 80.10
C THR Q 712 93.05 99.57 80.40
N CYS Q 713 92.29 100.01 79.40
CA CYS Q 713 91.58 101.27 79.49
C CYS Q 713 90.10 101.09 79.20
N ASP Q 714 89.27 101.45 80.17
CA ASP Q 714 87.88 101.80 79.90
C ASP Q 714 87.89 103.07 79.06
N GLU Q 715 87.55 102.94 77.77
CA GLU Q 715 87.53 104.08 76.88
C GLU Q 715 86.46 105.11 77.24
N ARG Q 716 85.43 104.70 77.97
CA ARG Q 716 84.42 105.65 78.43
C ARG Q 716 84.93 106.48 79.61
N THR Q 717 85.69 105.86 80.52
CA THR Q 717 86.07 106.54 81.76
C THR Q 717 87.58 106.75 81.89
N GLY Q 718 88.39 105.71 81.85
CA GLY Q 718 89.80 105.87 82.13
C GLY Q 718 90.52 104.54 82.16
N ASN Q 719 91.77 104.59 82.63
CA ASN Q 719 92.67 103.44 82.57
C ASN Q 719 93.27 103.19 83.95
N ILE Q 720 93.47 101.92 84.29
CA ILE Q 720 94.09 101.58 85.56
C ILE Q 720 95.37 100.80 85.29
N ALA Q 721 96.30 100.90 86.24
CA ALA Q 721 97.64 100.33 86.14
C ALA Q 721 97.82 99.25 87.19
N LEU Q 722 99.05 98.74 87.31
CA LEU Q 722 99.34 97.65 88.23
C LEU Q 722 100.75 97.84 88.78
N VAL Q 723 100.84 98.33 90.01
CA VAL Q 723 102.11 98.39 90.74
C VAL Q 723 102.10 97.28 91.79
N ILE Q 724 102.95 96.28 91.58
CA ILE Q 724 102.87 95.02 92.33
C ILE Q 724 104.20 94.83 93.06
N ASN Q 725 104.22 95.20 94.34
CA ASN Q 725 105.39 94.97 95.16
C ASN Q 725 105.41 93.53 95.68
N GLN Q 726 106.54 93.17 96.28
CA GLN Q 726 106.68 91.90 96.97
C GLN Q 726 106.96 92.16 98.44
N GLN Q 727 106.36 91.34 99.31
CA GLN Q 727 106.59 91.53 100.73
C GLN Q 727 108.00 91.07 101.11
N LEU Q 728 108.50 91.64 102.20
CA LEU Q 728 109.86 91.34 102.66
C LEU Q 728 109.96 91.69 104.14
N THR Q 729 111.00 91.15 104.78
CA THR Q 729 111.24 91.39 106.19
C THR Q 729 112.74 91.34 106.44
N ASP Q 730 113.11 91.57 107.70
CA ASP Q 730 114.48 91.45 108.22
C ASP Q 730 115.51 92.29 107.48
N VAL Q 734 115.46 90.84 103.94
CA VAL Q 734 115.49 89.77 102.95
C VAL Q 734 114.12 89.66 102.27
N PRO Q 735 114.12 89.40 100.96
CA PRO Q 735 112.86 89.28 100.23
C PRO Q 735 112.12 87.99 100.59
N THR Q 736 110.80 88.04 100.40
CA THR Q 736 109.93 86.93 100.70
C THR Q 736 109.10 86.61 99.46
N ILE Q 737 108.69 85.34 99.34
CA ILE Q 737 108.05 84.84 98.13
C ILE Q 737 106.66 85.45 97.94
N ASN Q 738 105.97 85.80 99.02
CA ASN Q 738 104.63 86.34 98.90
C ASN Q 738 104.65 87.76 98.33
N TYR Q 739 103.61 88.08 97.57
CA TYR Q 739 103.51 89.35 96.87
C TYR Q 739 102.34 90.16 97.42
N LYS Q 740 102.25 91.40 96.95
CA LYS Q 740 101.18 92.32 97.35
C LYS Q 740 101.00 93.34 96.24
N SER Q 741 99.84 93.34 95.61
CA SER Q 741 99.58 94.20 94.45
C SER Q 741 98.76 95.42 94.86
N ARG Q 742 98.87 96.46 94.05
CA ARG Q 742 98.14 97.72 94.27
C ARG Q 742 97.48 98.14 92.97
N ILE Q 743 96.16 98.25 92.98
CA ILE Q 743 95.43 98.77 91.83
C ILE Q 743 95.34 100.28 91.97
N ILE Q 744 95.80 101.00 90.95
CA ILE Q 744 95.72 102.46 90.91
C ILE Q 744 94.85 102.85 89.72
N ILE Q 745 93.79 103.59 89.99
CA ILE Q 745 92.84 104.03 88.98
C ILE Q 745 93.24 105.42 88.49
N PHE Q 746 93.25 105.60 87.17
CA PHE Q 746 93.60 106.88 86.57
C PHE Q 746 92.54 107.26 85.56
N ASP Q 747 92.46 108.56 85.26
CA ASP Q 747 91.64 109.08 84.18
C ASP Q 747 92.20 110.43 83.76
N SER Q 748 91.76 110.88 82.57
CA SER Q 748 91.98 112.23 82.05
C SER Q 748 93.47 112.58 81.95
N ASP Q 749 94.16 111.83 81.09
CA ASP Q 749 95.62 111.81 80.87
C ASP Q 749 96.41 111.92 82.18
N LEU Q 750 96.15 110.97 83.07
CA LEU Q 750 96.78 110.83 84.39
C LEU Q 750 96.53 112.06 85.25
N SER Q 751 95.25 112.35 85.49
CA SER Q 751 94.90 113.53 86.27
C SER Q 751 95.05 113.26 87.77
N THR Q 752 94.28 112.33 88.30
CA THR Q 752 94.25 112.06 89.72
C THR Q 752 94.15 110.57 89.99
N LYS Q 753 94.72 110.15 91.12
CA LYS Q 753 94.57 108.77 91.59
C LYS Q 753 93.17 108.60 92.16
N LEU Q 754 92.27 108.04 91.35
CA LEU Q 754 90.88 107.89 91.76
C LEU Q 754 90.73 106.82 92.84
N GLY Q 755 91.35 105.67 92.64
CA GLY Q 755 91.30 104.61 93.62
C GLY Q 755 92.64 103.94 93.86
N ASN Q 756 93.15 104.05 95.09
CA ASN Q 756 94.40 103.40 95.47
C ASN Q 756 94.06 102.08 96.15
N PHE Q 757 93.54 101.15 95.36
CA PHE Q 757 93.12 99.86 95.88
C PHE Q 757 94.33 98.96 96.13
N THR Q 758 94.17 98.06 97.09
CA THR Q 758 95.26 97.16 97.50
C THR Q 758 94.72 95.74 97.62
N HIS Q 759 95.39 94.81 96.95
CA HIS Q 759 95.08 93.39 97.04
C HIS Q 759 96.23 92.67 97.72
N HIS Q 760 95.90 91.70 98.58
CA HIS Q 760 96.91 91.03 99.39
C HIS Q 760 97.76 90.04 98.62
N GLU Q 761 97.39 89.70 97.40
CA GLU Q 761 98.19 88.80 96.57
C GLU Q 761 98.48 89.45 95.23
N TYR Q 762 99.20 88.72 94.39
CA TYR Q 762 99.55 89.18 93.05
C TYR Q 762 98.32 89.25 92.17
N ILE Q 763 98.26 90.29 91.34
CA ILE Q 763 97.25 90.40 90.29
C ILE Q 763 97.98 90.24 88.95
N SER Q 764 97.57 89.22 88.19
CA SER Q 764 98.34 88.79 87.04
C SER Q 764 97.86 89.39 85.73
N TRP Q 765 96.59 89.79 85.65
CA TRP Q 765 96.05 90.37 84.44
C TRP Q 765 94.89 91.27 84.82
N ILE Q 766 94.79 92.43 84.17
CA ILE Q 766 93.63 93.30 84.33
C ILE Q 766 93.14 93.68 82.94
N GLY Q 767 91.90 93.32 82.63
CA GLY Q 767 91.18 93.89 81.52
C GLY Q 767 90.06 94.78 82.02
N TRP Q 768 89.22 95.19 81.07
CA TRP Q 768 88.00 95.92 81.40
C TRP Q 768 86.84 95.19 80.78
N ASN Q 769 85.80 94.94 81.59
CA ASN Q 769 84.59 94.33 81.07
C ASN Q 769 83.73 95.41 80.46
N TYR Q 770 83.17 95.12 79.28
CA TYR Q 770 82.64 96.18 78.43
C TYR Q 770 81.26 96.65 78.88
N ASP Q 771 80.77 96.15 80.01
CA ASP Q 771 79.65 96.72 80.74
C ASP Q 771 80.10 97.68 81.85
N THR Q 772 81.23 98.36 81.62
CA THR Q 772 81.83 99.38 82.50
C THR Q 772 82.16 98.81 83.88
N ASP Q 773 83.09 97.85 83.88
CA ASP Q 773 83.77 97.40 85.09
C ASP Q 773 85.11 96.80 84.69
N PHE Q 774 85.95 96.55 85.69
CA PHE Q 774 87.29 96.02 85.47
C PHE Q 774 87.41 94.66 86.15
N ILE Q 775 88.00 93.70 85.45
CA ILE Q 775 88.18 92.35 85.95
C ILE Q 775 89.66 92.08 86.14
N PHE Q 776 90.03 91.47 87.27
CA PHE Q 776 91.41 91.13 87.55
C PHE Q 776 91.53 89.67 87.95
N LEU Q 777 92.72 89.11 87.72
CA LEU Q 777 93.05 87.73 88.04
C LEU Q 777 94.03 87.70 89.22
N ASP Q 778 94.43 86.50 89.63
CA ASP Q 778 95.24 86.32 90.83
C ASP Q 778 96.05 85.05 90.71
N ILE Q 779 97.02 84.89 91.62
CA ILE Q 779 97.74 83.61 91.75
C ILE Q 779 96.79 82.52 92.20
N GLU Q 780 96.21 82.67 93.39
CA GLU Q 780 95.05 81.86 93.76
C GLU Q 780 93.88 82.40 92.96
N SER Q 781 93.54 81.69 91.88
CA SER Q 781 92.90 82.29 90.72
C SER Q 781 91.45 82.71 90.96
N THR Q 782 91.25 83.70 91.81
CA THR Q 782 89.93 84.25 92.10
C THR Q 782 89.76 85.53 91.29
N LEU Q 783 88.90 85.47 90.27
CA LEU Q 783 88.58 86.67 89.51
C LEU Q 783 87.76 87.62 90.37
N GLY Q 784 88.03 88.92 90.20
CA GLY Q 784 87.33 89.93 90.96
C GLY Q 784 86.95 91.09 90.07
N VAL Q 785 86.02 91.90 90.58
CA VAL Q 785 85.47 93.03 89.84
C VAL Q 785 85.77 94.31 90.62
N VAL Q 786 86.33 95.30 89.92
CA VAL Q 786 86.51 96.64 90.45
C VAL Q 786 85.58 97.57 89.68
N GLY Q 787 84.69 98.25 90.40
CA GLY Q 787 83.74 99.13 89.74
C GLY Q 787 82.54 99.37 90.64
N THR Q 788 81.47 99.85 90.00
CA THR Q 788 80.21 100.10 90.69
C THR Q 788 79.54 98.79 91.08
N UNK Q 832 45.09 75.45 111.03
CA UNK Q 832 45.62 74.13 111.32
C UNK Q 832 46.03 73.42 110.04
N UNK Q 833 45.92 74.13 108.92
CA UNK Q 833 46.27 73.56 107.62
C UNK Q 833 47.80 73.49 107.47
N UNK Q 834 48.48 74.49 108.01
CA UNK Q 834 49.95 74.54 107.93
C UNK Q 834 50.59 73.54 108.88
N UNK Q 835 49.84 73.15 109.91
CA UNK Q 835 50.30 72.14 110.85
C UNK Q 835 50.09 70.75 110.26
N UNK Q 836 49.26 70.67 109.23
CA UNK Q 836 49.02 69.41 108.54
C UNK Q 836 49.87 69.31 107.29
N UNK Q 837 50.13 70.44 106.65
CA UNK Q 837 50.87 70.48 105.39
C UNK Q 837 52.34 70.14 105.57
N UNK Q 838 52.95 70.71 106.60
CA UNK Q 838 54.35 70.43 106.91
C UNK Q 838 54.52 69.02 107.44
N UNK Q 839 53.47 68.51 108.08
CA UNK Q 839 53.45 67.13 108.53
C UNK Q 839 53.26 66.19 107.34
N UNK Q 840 52.59 66.69 106.30
CA UNK Q 840 52.41 65.91 105.08
C UNK Q 840 53.60 66.10 104.16
N UNK Q 841 54.41 67.11 104.46
CA UNK Q 841 55.61 67.38 103.67
C UNK Q 841 56.69 66.35 103.99
N UNK Q 842 56.59 65.73 105.16
CA UNK Q 842 57.49 64.66 105.54
C UNK Q 842 56.88 63.32 105.15
N UNK Q 843 55.58 63.33 104.87
CA UNK Q 843 54.86 62.11 104.52
C UNK Q 843 55.20 61.66 103.10
N UNK Q 844 55.27 62.60 102.18
CA UNK Q 844 55.65 62.29 100.80
C UNK Q 844 57.15 62.04 100.73
N UNK Q 845 57.90 62.78 101.54
CA UNK Q 845 59.35 62.63 101.60
C UNK Q 845 59.88 63.11 102.95
N ASN Q 846 62.44 38.77 112.03
CA ASN Q 846 61.09 39.30 112.12
C ASN Q 846 60.07 38.17 112.30
N ASP Q 847 59.12 38.08 111.37
CA ASP Q 847 58.03 37.12 111.50
C ASP Q 847 57.48 36.79 110.13
N GLU Q 848 56.72 35.70 110.07
CA GLU Q 848 55.95 35.37 108.88
C GLU Q 848 54.71 36.27 108.81
N ASP Q 849 54.14 36.37 107.63
CA ASP Q 849 52.98 37.21 107.38
C ASP Q 849 51.79 36.35 106.99
N GLU Q 850 50.68 37.01 106.65
CA GLU Q 850 49.49 36.30 106.19
C GLU Q 850 49.72 35.66 104.83
N GLU Q 851 50.53 36.30 103.98
CA GLU Q 851 50.91 35.68 102.72
C GLU Q 851 51.88 34.53 102.94
N ASP Q 852 52.69 34.57 104.00
CA ASP Q 852 53.64 33.51 104.28
C ASP Q 852 52.98 32.26 104.84
N ILE Q 853 51.73 32.34 105.30
CA ILE Q 853 50.99 31.15 105.67
C ILE Q 853 50.15 30.64 104.51
N ALA Q 854 49.56 31.56 103.74
CA ALA Q 854 48.73 31.18 102.61
C ALA Q 854 49.54 30.56 101.49
N LEU Q 855 50.79 30.99 101.31
CA LEU Q 855 51.66 30.36 100.32
C LEU Q 855 52.03 28.95 100.74
N GLU Q 856 52.10 28.67 102.04
CA GLU Q 856 52.26 27.29 102.49
C GLU Q 856 50.97 26.51 102.35
N PHE Q 857 49.82 27.19 102.39
CA PHE Q 857 48.55 26.53 102.15
C PHE Q 857 48.42 26.11 100.69
N ILE Q 858 48.92 26.93 99.77
CA ILE Q 858 48.92 26.57 98.36
C ILE Q 858 49.89 25.43 98.10
N ASN Q 859 51.07 25.50 98.71
CA ASN Q 859 52.09 24.48 98.48
C ASN Q 859 51.80 23.18 99.22
N GLY Q 860 50.82 23.19 100.13
CA GLY Q 860 50.48 21.98 100.85
C GLY Q 860 49.66 20.97 100.07
N GLU Q 861 48.97 21.39 99.01
CA GLU Q 861 48.08 20.50 98.29
C GLU Q 861 48.90 19.61 97.36
N LYS Q 862 48.85 18.30 97.62
CA LYS Q 862 49.58 17.34 96.81
C LYS Q 862 48.90 17.15 95.46
N LYS Q 863 49.58 16.42 94.57
CA LYS Q 863 49.00 16.11 93.27
C LYS Q 863 47.91 15.05 93.42
N ASP Q 864 46.72 15.36 92.92
CA ASP Q 864 45.59 14.45 92.98
C ASP Q 864 45.17 14.07 91.57
N LYS Q 865 44.69 12.83 91.44
CA LYS Q 865 44.21 12.33 90.16
C LYS Q 865 42.76 12.79 89.97
N LEU Q 866 42.51 13.51 88.88
CA LEU Q 866 41.17 13.97 88.58
C LEU Q 866 40.35 12.83 87.99
N VAL Q 867 39.05 13.05 87.87
CA VAL Q 867 38.14 12.03 87.34
C VAL Q 867 37.73 12.40 85.94
N ASN Q 868 38.46 11.90 84.95
CA ASN Q 868 38.08 12.11 83.57
C ASN Q 868 37.11 11.02 83.13
N MET Q 869 36.41 11.28 82.03
CA MET Q 869 35.26 10.47 81.65
C MET Q 869 35.64 9.09 81.12
N ASN Q 870 36.89 8.89 80.69
CA ASN Q 870 37.31 7.62 80.14
C ASN Q 870 38.08 6.78 81.13
N SER Q 871 37.87 7.02 82.43
CA SER Q 871 38.55 6.27 83.47
C SER Q 871 37.66 5.29 84.20
N PHE Q 872 36.43 5.07 83.72
CA PHE Q 872 35.54 4.15 84.42
C PHE Q 872 34.71 3.29 83.47
N THR Q 873 35.08 3.19 82.19
CA THR Q 873 34.42 2.28 81.27
C THR Q 873 35.15 0.96 81.12
N SER Q 874 35.79 0.49 82.19
CA SER Q 874 36.66 -0.68 82.10
C SER Q 874 36.44 -1.70 83.21
N MET Q 875 35.45 -1.48 84.08
CA MET Q 875 35.09 -2.49 85.06
C MET Q 875 33.83 -3.26 84.70
N PHE Q 876 33.27 -3.02 83.52
CA PHE Q 876 32.12 -3.81 83.08
C PHE Q 876 32.50 -5.21 82.65
N ASP Q 877 33.78 -5.47 82.40
CA ASP Q 877 34.22 -6.82 82.08
C ASP Q 877 34.16 -7.72 83.31
N ASN Q 878 34.35 -7.14 84.49
CA ASN Q 878 34.42 -7.88 85.74
C ASN Q 878 33.39 -7.38 86.75
N ILE Q 879 32.16 -7.18 86.30
CA ILE Q 879 31.06 -6.89 87.22
C ILE Q 879 30.69 -8.15 88.01
N GLN Q 880 30.65 -9.29 87.33
CA GLN Q 880 30.15 -10.50 87.94
C GLN Q 880 31.23 -11.22 88.74
N ASN Q 881 30.78 -11.91 89.80
CA ASN Q 881 31.57 -12.88 90.57
C ASN Q 881 32.79 -12.26 91.23
N VAL Q 882 32.63 -11.06 91.78
CA VAL Q 882 33.74 -10.36 92.43
C VAL Q 882 33.22 -9.80 93.75
N GLN Q 883 34.08 -9.87 94.78
CA GLN Q 883 33.74 -9.42 96.12
C GLN Q 883 33.70 -7.90 96.18
N MET Q 884 32.93 -7.38 97.13
CA MET Q 884 32.72 -5.94 97.24
C MET Q 884 33.98 -5.22 97.71
N ASP Q 885 34.77 -5.85 98.58
CA ASP Q 885 36.03 -5.24 99.00
C ASP Q 885 37.01 -5.17 97.85
N THR Q 886 37.03 -6.20 97.00
CA THR Q 886 37.95 -6.20 95.87
C THR Q 886 37.50 -5.24 94.78
N PHE Q 887 36.20 -5.02 94.64
CA PHE Q 887 35.74 -4.04 93.66
C PHE Q 887 35.97 -2.61 94.15
N PHE Q 888 35.80 -2.39 95.45
CA PHE Q 888 36.04 -1.07 96.01
C PHE Q 888 37.52 -0.74 96.00
N ASP Q 889 38.38 -1.76 96.14
CA ASP Q 889 39.82 -1.55 96.02
C ASP Q 889 40.23 -1.27 94.58
N ARG Q 890 39.53 -1.87 93.61
CA ARG Q 890 39.87 -1.62 92.22
C ARG Q 890 39.42 -0.25 91.75
N VAL Q 891 38.35 0.28 92.37
CA VAL Q 891 38.00 1.69 92.17
C VAL Q 891 39.08 2.56 92.81
N MET Q 892 39.63 2.12 93.94
CA MET Q 892 40.67 2.89 94.63
C MET Q 892 41.96 2.96 93.82
N LYS Q 893 42.28 1.90 93.06
CA LYS Q 893 43.46 1.92 92.21
C LYS Q 893 43.31 2.91 91.07
N VAL Q 894 42.07 3.12 90.60
CA VAL Q 894 41.83 4.12 89.57
C VAL Q 894 42.01 5.52 90.14
N LEU Q 895 41.48 5.76 91.34
CA LEU Q 895 41.47 7.09 91.94
C LEU Q 895 42.62 7.30 92.93
N THR Q 896 43.68 6.51 92.84
CA THR Q 896 44.83 6.72 93.72
C THR Q 896 45.78 7.73 93.09
N SER R 2 85.73 60.72 79.14
CA SER R 2 86.38 60.22 77.94
C SER R 2 86.40 61.29 76.85
N THR R 3 87.11 61.01 75.77
CA THR R 3 87.17 61.91 74.62
C THR R 3 87.36 61.06 73.37
N ALA R 4 86.60 61.36 72.32
CA ALA R 4 86.77 60.69 71.05
C ALA R 4 88.14 61.02 70.45
N ARG R 5 88.76 60.02 69.83
CA ARG R 5 90.10 60.20 69.31
C ARG R 5 90.06 61.05 68.04
N PRO R 6 90.88 62.08 67.93
CA PRO R 6 90.89 62.90 66.72
C PRO R 6 91.51 62.13 65.56
N ARG R 7 90.97 62.36 64.36
CA ARG R 7 91.53 61.77 63.17
C ARG R 7 92.86 62.44 62.84
N ILE R 8 93.76 61.66 62.22
CA ILE R 8 95.02 62.22 61.75
C ILE R 8 94.73 63.14 60.58
N ILE R 9 94.99 64.42 60.76
CA ILE R 9 94.60 65.43 59.78
C ILE R 9 95.62 65.43 58.64
N THR R 10 95.12 65.46 57.41
CA THR R 10 95.99 65.49 56.25
C THR R 10 96.70 66.84 56.17
N SER R 11 97.99 66.79 55.87
CA SER R 11 98.81 67.99 55.85
C SER R 11 98.48 68.84 54.63
N LYS R 12 98.78 70.14 54.75
CA LYS R 12 98.55 71.07 53.66
C LYS R 12 99.61 72.15 53.69
N ALA R 13 100.20 72.40 52.54
CA ALA R 13 101.11 73.53 52.34
C ALA R 13 100.27 74.78 52.11
N PRO R 14 100.89 75.96 52.10
CA PRO R 14 100.22 77.12 51.51
C PRO R 14 99.87 76.87 50.05
N LEU R 15 98.70 77.36 49.65
CA LEU R 15 98.16 77.02 48.35
C LEU R 15 98.91 77.74 47.24
N LEU R 16 99.12 77.03 46.13
CA LEU R 16 99.73 77.62 44.97
C LEU R 16 98.72 78.52 44.26
N PRO R 17 99.18 79.50 43.50
CA PRO R 17 98.26 80.28 42.67
C PRO R 17 97.65 79.44 41.56
N GLN R 18 96.49 79.90 41.10
CA GLN R 18 95.62 79.21 40.13
C GLN R 18 95.23 77.81 40.66
N GLN R 19 94.52 77.82 41.79
CA GLN R 19 93.93 76.61 42.33
C GLN R 19 92.55 76.40 41.72
N THR R 20 92.03 75.19 41.90
CA THR R 20 90.75 74.82 41.32
C THR R 20 89.62 75.52 42.07
N THR R 21 88.95 76.44 41.39
CA THR R 21 87.79 77.11 41.96
C THR R 21 86.62 76.14 42.03
N PRO R 22 85.65 76.38 42.91
CA PRO R 22 84.43 75.55 42.90
C PRO R 22 83.64 75.65 41.61
N GLU R 23 83.70 76.80 40.94
CA GLU R 23 83.02 76.94 39.66
C GLU R 23 83.75 76.18 38.55
N GLN R 24 85.07 76.04 38.68
CA GLN R 24 85.80 75.17 37.76
C GLN R 24 85.51 73.70 38.02
N ARG R 25 85.30 73.34 39.29
CA ARG R 25 85.07 71.94 39.62
C ARG R 25 83.69 71.47 39.17
N TYR R 26 82.73 72.39 39.07
CA TYR R 26 81.43 72.01 38.51
C TYR R 26 81.51 71.85 37.01
N TRP R 27 82.16 72.79 36.32
CA TRP R 27 82.14 72.80 34.86
C TRP R 27 83.01 71.72 34.25
N ARG R 28 84.02 71.24 34.96
CA ARG R 28 84.88 70.19 34.42
C ARG R 28 84.27 68.81 34.55
N GLN R 29 83.07 68.69 35.11
CA GLN R 29 82.32 67.44 35.07
C GLN R 29 81.72 67.15 33.70
N TYR R 30 81.74 68.13 32.79
CA TYR R 30 81.18 67.97 31.45
C TYR R 30 82.22 67.24 30.59
N THR R 31 82.22 65.92 30.73
CA THR R 31 83.22 65.05 30.12
C THR R 31 82.56 64.15 29.10
N SER R 32 83.35 63.17 28.62
CA SER R 32 82.98 62.22 27.57
C SER R 32 82.56 62.94 26.29
N ALA R 33 83.50 63.75 25.79
CA ALA R 33 83.23 64.59 24.63
C ALA R 33 83.23 63.77 23.35
N GLN R 34 82.07 63.23 22.98
CA GLN R 34 81.93 62.54 21.72
C GLN R 34 81.86 63.56 20.58
N LEU R 35 82.21 63.09 19.38
CA LEU R 35 82.21 63.94 18.19
C LEU R 35 81.46 63.23 17.08
N VAL R 36 80.50 63.92 16.48
CA VAL R 36 79.70 63.38 15.39
C VAL R 36 79.97 64.20 14.14
N LYS R 37 80.38 63.52 13.07
CA LYS R 37 80.67 64.21 11.81
C LYS R 37 79.39 64.71 11.16
N GLU R 38 79.48 65.87 10.52
CA GLU R 38 78.34 66.48 9.86
C GLU R 38 78.73 66.90 8.46
N HIS R 39 77.71 67.10 7.62
CA HIS R 39 77.92 67.36 6.20
C HIS R 39 78.29 68.80 5.90
N ASN R 40 78.03 69.73 6.82
CA ASN R 40 78.36 71.14 6.58
C ASN R 40 78.54 71.82 7.94
N SER R 41 78.84 73.10 7.88
CA SER R 41 79.05 73.91 9.08
C SER R 41 77.74 74.09 9.81
N VAL R 42 77.61 73.41 10.95
CA VAL R 42 76.48 73.63 11.85
C VAL R 42 76.51 75.06 12.39
N THR R 43 75.36 75.73 12.31
CA THR R 43 75.26 77.14 12.65
C THR R 43 74.40 77.46 13.86
N HIS R 44 73.44 76.61 14.21
CA HIS R 44 72.56 76.89 15.34
C HIS R 44 72.24 75.59 16.09
N ILE R 45 72.34 75.66 17.42
CA ILE R 45 71.86 74.60 18.30
C ILE R 45 70.88 75.23 19.27
N SER R 46 69.65 74.71 19.29
CA SER R 46 68.62 75.22 20.17
C SER R 46 67.98 74.07 20.93
N PHE R 47 67.85 74.23 22.24
CA PHE R 47 67.30 73.18 23.08
C PHE R 47 65.78 73.27 23.13
N ASN R 48 65.19 72.35 23.84
CA ASN R 48 63.76 72.34 24.10
C ASN R 48 63.48 73.05 25.42
N PRO R 49 62.63 74.08 25.43
CA PRO R 49 62.39 74.78 26.71
C PRO R 49 61.50 74.02 27.67
N GLN R 50 60.46 73.34 27.19
CA GLN R 50 59.48 72.76 28.09
C GLN R 50 60.00 71.49 28.76
N HIS R 51 60.27 70.46 27.97
CA HIS R 51 60.95 69.28 28.50
C HIS R 51 62.32 69.20 27.84
N PRO R 52 63.39 69.59 28.53
CA PRO R 52 64.68 69.81 27.87
C PRO R 52 65.47 68.57 27.49
N HIS R 53 64.82 67.42 27.42
CA HIS R 53 65.50 66.23 26.97
C HIS R 53 65.86 66.23 25.48
N ASP R 54 65.65 67.28 24.69
CA ASP R 54 66.01 67.30 23.28
C ASP R 54 66.71 68.61 22.95
N PHE R 55 67.55 68.56 21.92
CA PHE R 55 68.12 69.75 21.32
C PHE R 55 68.22 69.56 19.82
N ALA R 56 67.90 70.62 19.08
CA ALA R 56 67.90 70.58 17.63
C ALA R 56 69.20 71.16 17.09
N VAL R 57 69.84 70.44 16.17
CA VAL R 57 71.08 70.85 15.56
C VAL R 57 70.84 70.99 14.05
N THR R 58 71.23 72.14 13.51
CA THR R 58 71.02 72.45 12.09
C THR R 58 72.27 72.09 11.29
N SER R 59 72.06 71.85 10.00
CA SER R 59 73.12 71.41 9.11
C SER R 59 72.72 71.79 7.68
N SER R 60 73.39 71.18 6.69
CA SER R 60 73.03 71.36 5.30
C SER R 60 71.70 70.67 5.03
N THR R 61 70.63 71.47 4.92
CA THR R 61 69.27 71.06 4.55
C THR R 61 68.69 70.00 5.49
N ARG R 62 69.16 69.92 6.73
CA ARG R 62 68.74 68.83 7.60
C ARG R 62 68.89 69.27 9.05
N VAL R 63 67.77 69.53 9.71
CA VAL R 63 67.73 69.74 11.15
C VAL R 63 67.37 68.41 11.78
N GLN R 64 68.27 67.89 12.61
CA GLN R 64 68.05 66.60 13.25
C GLN R 64 67.90 66.79 14.75
N ILE R 65 66.91 66.11 15.32
CA ILE R 65 66.63 66.20 16.75
C ILE R 65 67.43 65.13 17.46
N PHE R 66 68.14 65.52 18.51
CA PHE R 66 68.95 64.61 19.29
C PHE R 66 68.21 64.27 20.58
N SER R 67 68.89 63.56 21.49
CA SER R 67 68.33 63.20 22.77
C SER R 67 69.30 63.59 23.87
N SER R 68 68.75 63.87 25.05
CA SER R 68 69.61 64.07 26.21
C SER R 68 69.99 62.75 26.87
N ARG R 69 69.18 61.72 26.71
CA ARG R 69 69.47 60.43 27.33
C ARG R 69 70.46 59.63 26.49
N THR R 70 70.07 59.32 25.24
CA THR R 70 70.87 58.44 24.39
C THR R 70 71.97 59.15 23.64
N ARG R 71 72.00 60.50 23.68
CA ARG R 71 72.85 61.41 22.90
C ARG R 71 73.05 60.93 21.45
N GLN R 72 71.95 60.60 20.80
CA GLN R 72 71.97 60.05 19.46
C GLN R 72 70.85 60.70 18.63
N VAL R 73 70.86 60.43 17.33
CA VAL R 73 69.90 61.03 16.42
C VAL R 73 68.55 60.37 16.62
N ILE R 74 67.58 61.13 17.09
CA ILE R 74 66.21 60.62 17.19
C ILE R 74 65.54 60.68 15.82
N LYS R 75 65.50 61.86 15.22
CA LYS R 75 64.79 62.09 13.97
C LYS R 75 65.60 63.01 13.09
N THR R 76 65.22 63.06 11.82
CA THR R 76 65.82 63.97 10.85
C THR R 76 64.71 64.67 10.08
N PHE R 77 64.98 65.91 9.69
CA PHE R 77 64.03 66.70 8.90
C PHE R 77 64.70 66.99 7.56
N SER R 78 64.23 66.35 6.51
CA SER R 78 64.88 66.41 5.20
C SER R 78 63.90 66.84 4.13
N ARG R 79 63.14 67.90 4.40
CA ARG R 79 62.15 68.44 3.47
C ARG R 79 62.52 69.85 3.03
N PHE R 80 63.79 70.08 2.72
CA PHE R 80 64.28 71.42 2.45
C PHE R 80 64.92 71.49 1.07
N LYS R 81 64.67 72.60 0.37
CA LYS R 81 65.27 72.82 -0.94
C LYS R 81 66.68 73.38 -0.81
N ASP R 82 66.81 74.53 -0.17
CA ASP R 82 68.10 75.12 0.13
C ASP R 82 68.48 74.78 1.56
N VAL R 83 69.59 75.33 2.03
CA VAL R 83 70.11 75.00 3.36
C VAL R 83 69.27 75.68 4.42
N VAL R 84 68.98 74.95 5.48
CA VAL R 84 68.22 75.47 6.61
C VAL R 84 69.18 76.20 7.55
N TYR R 85 68.77 77.39 8.00
CA TYR R 85 69.66 78.24 8.77
C TYR R 85 69.43 78.15 10.27
N SER R 86 68.22 78.40 10.73
CA SER R 86 67.91 78.39 12.15
C SER R 86 66.79 77.39 12.44
N ALA R 87 66.74 76.92 13.68
CA ALA R 87 65.69 76.00 14.12
C ALA R 87 65.50 76.20 15.61
N SER R 88 64.48 76.96 15.98
CA SER R 88 64.22 77.29 17.38
C SER R 88 62.89 76.70 17.82
N PHE R 89 62.92 75.99 18.94
CA PHE R 89 61.72 75.47 19.54
C PHE R 89 60.90 76.62 20.14
N ARG R 90 59.60 76.38 20.28
CA ARG R 90 58.78 77.32 21.04
C ARG R 90 58.86 77.00 22.53
N SER R 91 58.35 77.92 23.35
CA SER R 91 58.39 77.72 24.80
C SER R 91 57.44 76.63 25.26
N ASP R 92 56.41 76.32 24.47
CA ASP R 92 55.58 75.15 24.78
C ASP R 92 56.27 73.85 24.42
N GLY R 93 57.27 73.89 23.54
CA GLY R 93 58.01 72.70 23.18
C GLY R 93 57.37 71.84 22.11
N LYS R 94 56.27 72.29 21.52
CA LYS R 94 55.55 71.47 20.56
C LYS R 94 55.98 71.70 19.12
N LEU R 95 56.31 72.94 18.76
CA LEU R 95 56.40 73.36 17.36
C LEU R 95 57.74 74.06 17.16
N LEU R 96 58.51 73.62 16.17
CA LEU R 96 59.84 74.16 15.93
C LEU R 96 59.95 74.80 14.56
N CYS R 97 60.63 75.94 14.51
CA CYS R 97 60.83 76.68 13.27
C CYS R 97 61.93 76.04 12.43
N ALA R 98 62.00 76.48 11.17
CA ALA R 98 63.10 76.12 10.29
C ALA R 98 63.22 77.23 9.24
N GLY R 99 64.17 78.13 9.44
CA GLY R 99 64.42 79.18 8.46
C GLY R 99 65.27 78.65 7.33
N ASP R 100 64.78 78.81 6.10
CA ASP R 100 65.40 78.23 4.92
C ASP R 100 66.04 79.31 4.07
N ALA R 101 67.10 78.93 3.36
CA ALA R 101 67.80 79.88 2.50
C ALA R 101 67.09 80.12 1.18
N THR R 102 66.08 79.31 0.84
CA THR R 102 65.35 79.54 -0.39
C THR R 102 64.38 80.71 -0.27
N GLY R 103 64.06 81.14 0.94
CA GLY R 103 63.27 82.34 1.12
C GLY R 103 62.10 82.18 2.07
N LEU R 104 61.49 81.00 2.08
CA LEU R 104 60.28 80.76 2.85
C LEU R 104 60.60 79.88 4.05
N VAL R 105 59.93 80.15 5.16
CA VAL R 105 60.19 79.43 6.40
C VAL R 105 59.11 78.37 6.58
N SER R 106 59.46 77.30 7.29
CA SER R 106 58.57 76.20 7.56
C SER R 106 58.64 75.87 9.04
N VAL R 107 57.50 75.83 9.70
CA VAL R 107 57.42 75.46 11.11
C VAL R 107 56.47 74.29 11.25
N TYR R 108 56.92 73.23 11.91
CA TYR R 108 56.06 72.08 12.13
C TYR R 108 56.30 71.50 13.50
N ASP R 109 55.53 70.46 13.81
CA ASP R 109 55.51 69.90 15.15
C ASP R 109 56.78 69.13 15.45
N SER R 110 57.18 69.17 16.71
CA SER R 110 58.34 68.43 17.16
C SER R 110 58.04 66.94 17.16
N TYR R 111 59.10 66.15 17.00
CA TYR R 111 59.07 64.68 16.91
C TYR R 111 58.18 64.19 15.77
N ASN R 112 58.12 64.93 14.68
CA ASN R 112 57.30 64.53 13.55
C ASN R 112 57.80 65.16 12.27
N PRO R 113 58.70 64.50 11.53
CA PRO R 113 59.08 65.00 10.21
C PRO R 113 57.98 64.90 9.17
N ARG R 114 56.97 64.06 9.39
CA ARG R 114 56.01 63.74 8.34
C ARG R 114 55.01 64.86 8.13
N THR R 115 54.57 65.52 9.19
CA THR R 115 53.50 66.50 9.11
C THR R 115 54.11 67.89 9.10
N ILE R 116 54.36 68.41 7.89
CA ILE R 116 54.77 69.81 7.76
C ILE R 116 53.54 70.65 8.03
N LEU R 117 53.52 71.28 9.21
CA LEU R 117 52.31 71.92 9.69
C LEU R 117 52.08 73.26 9.04
N LEU R 118 53.14 74.02 8.81
CA LEU R 118 53.00 75.37 8.30
C LEU R 118 54.22 75.71 7.47
N SER R 119 53.99 76.48 6.40
CA SER R 119 55.07 76.95 5.53
C SER R 119 54.75 78.39 5.16
N ILE R 120 55.25 79.33 5.96
CA ILE R 120 55.03 80.75 5.70
C ILE R 120 56.01 81.21 4.64
N ASN R 121 55.50 81.89 3.62
CA ASN R 121 56.34 82.46 2.57
C ASN R 121 56.78 83.86 2.99
N ALA R 122 58.04 84.00 3.37
CA ALA R 122 58.63 85.30 3.67
C ALA R 122 59.04 86.00 2.38
N SER R 123 59.85 87.05 2.49
CA SER R 123 60.41 87.67 1.31
C SER R 123 61.42 86.74 0.65
N THR R 124 61.73 87.03 -0.62
CA THR R 124 62.54 86.14 -1.45
C THR R 124 63.99 86.06 -1.00
N HIS R 125 64.44 86.97 -0.13
CA HIS R 125 65.76 86.86 0.46
C HIS R 125 65.79 85.69 1.45
N PRO R 126 66.97 85.09 1.67
CA PRO R 126 67.07 84.03 2.68
C PRO R 126 66.82 84.55 4.08
N THR R 127 66.25 83.69 4.92
CA THR R 127 65.93 84.02 6.30
C THR R 127 66.97 83.35 7.20
N HIS R 128 67.71 84.18 7.94
CA HIS R 128 68.82 83.65 8.73
C HIS R 128 68.35 83.12 10.08
N VAL R 129 67.47 83.84 10.77
CA VAL R 129 67.04 83.45 12.11
C VAL R 129 65.52 83.48 12.16
N THR R 130 64.92 82.41 12.67
CA THR R 130 63.48 82.33 12.92
C THR R 130 63.29 81.90 14.37
N LYS R 131 62.91 82.85 15.22
CA LYS R 131 62.74 82.61 16.64
C LYS R 131 61.27 82.77 17.03
N PHE R 132 60.83 81.93 17.95
CA PHE R 132 59.51 82.04 18.54
C PHE R 132 59.56 82.94 19.76
N HIS R 133 58.39 83.49 20.10
CA HIS R 133 58.27 84.36 21.26
C HIS R 133 58.44 83.54 22.54
N THR R 134 59.00 84.17 23.57
CA THR R 134 59.26 83.46 24.81
C THR R 134 58.04 83.49 25.74
N GLN R 135 57.54 84.69 26.07
CA GLN R 135 56.35 84.76 26.91
C GLN R 135 55.09 84.41 26.13
N ASP R 136 54.97 84.94 24.92
CA ASP R 136 53.86 84.57 24.06
C ASP R 136 54.17 83.25 23.35
N ASN R 137 53.11 82.56 22.93
CA ASN R 137 53.27 81.23 22.35
C ASN R 137 52.51 81.10 21.04
N LYS R 138 52.25 82.22 20.36
CA LYS R 138 51.53 82.15 19.10
C LYS R 138 52.07 83.09 18.02
N ILE R 139 53.19 83.75 18.24
CA ILE R 139 53.71 84.72 17.28
C ILE R 139 55.16 84.39 16.94
N LEU R 140 55.44 84.27 15.65
CA LEU R 140 56.77 83.97 15.14
C LEU R 140 57.43 85.28 14.72
N ALA R 141 58.73 85.39 15.01
CA ALA R 141 59.52 86.52 14.56
C ALA R 141 60.67 86.00 13.72
N THR R 142 60.74 86.43 12.47
CA THR R 142 61.79 86.03 11.56
C THR R 142 62.52 87.25 11.04
N ALA R 143 63.78 87.05 10.68
CA ALA R 143 64.56 88.05 9.98
C ALA R 143 64.81 87.57 8.55
N SER R 144 65.57 88.36 7.81
CA SER R 144 65.93 88.00 6.45
C SER R 144 67.18 88.77 6.05
N ASP R 145 67.67 88.46 4.85
CA ASP R 145 68.67 89.30 4.21
C ASP R 145 68.04 90.52 3.55
N ASP R 146 66.71 90.61 3.53
CA ASP R 146 65.95 91.75 3.03
C ASP R 146 65.92 92.92 4.01
N ARG R 147 66.68 92.84 5.10
CA ARG R 147 66.90 93.94 6.06
C ARG R 147 65.61 94.36 6.75
N VAL R 148 64.66 93.44 6.87
CA VAL R 148 63.43 93.67 7.61
C VAL R 148 63.15 92.43 8.47
N THR R 149 62.67 92.67 9.68
CA THR R 149 62.13 91.61 10.50
C THR R 149 60.61 91.62 10.39
N ARG R 150 60.02 90.44 10.51
CA ARG R 150 58.58 90.30 10.40
C ARG R 150 58.06 89.52 11.58
N LEU R 151 56.88 89.90 12.05
CA LEU R 151 56.22 89.24 13.17
C LEU R 151 54.93 88.62 12.66
N TRP R 152 54.92 87.29 12.52
CA TRP R 152 53.76 86.58 12.01
C TRP R 152 53.02 85.91 13.16
N ASP R 153 51.73 86.20 13.26
CA ASP R 153 50.83 85.35 14.04
C ASP R 153 50.53 84.11 13.20
N ILE R 154 50.67 82.93 13.81
CA ILE R 154 50.54 81.69 13.04
C ILE R 154 49.10 81.38 12.65
N SER R 155 48.12 82.10 13.19
CA SER R 155 46.76 82.01 12.68
C SER R 155 46.68 82.54 11.26
N ASN R 156 47.38 83.64 10.97
CA ASN R 156 47.42 84.24 9.65
C ASN R 156 48.85 84.10 9.12
N ALA R 157 49.12 82.97 8.46
CA ALA R 157 50.45 82.65 7.95
C ALA R 157 50.66 83.12 6.51
N TYR R 158 49.97 84.18 6.09
CA TYR R 158 50.11 84.72 4.75
C TYR R 158 50.46 86.20 4.70
N GLU R 159 50.08 86.98 5.71
CA GLU R 159 50.35 88.40 5.75
C GLU R 159 51.02 88.73 7.08
N PRO R 160 52.11 89.51 7.07
CA PRO R 160 52.81 89.81 8.33
C PRO R 160 51.99 90.75 9.19
N GLN R 161 51.91 90.44 10.49
CA GLN R 161 51.13 91.26 11.41
C GLN R 161 51.81 92.60 11.68
N LEU R 162 53.14 92.64 11.67
CA LEU R 162 53.88 93.88 11.87
C LEU R 162 55.20 93.79 11.14
N GLU R 163 55.32 94.50 10.02
CA GLU R 163 56.56 94.49 9.23
C GLU R 163 57.54 95.43 9.91
N LEU R 164 58.39 94.85 10.74
CA LEU R 164 59.32 95.62 11.57
C LEU R 164 60.52 96.03 10.74
N THR R 165 60.59 97.30 10.37
CA THR R 165 61.61 97.79 9.46
C THR R 165 62.51 98.80 10.16
N GLY R 166 63.38 99.43 9.39
CA GLY R 166 64.34 100.38 9.92
C GLY R 166 65.73 99.84 10.12
N ALA R 167 65.98 98.58 9.75
CA ALA R 167 67.29 97.97 9.92
C ALA R 167 68.26 98.50 8.87
N THR R 168 69.56 98.39 9.19
CA THR R 168 70.57 98.92 8.29
C THR R 168 71.04 97.87 7.30
N ASP R 169 71.57 96.75 7.80
CA ASP R 169 72.13 95.70 6.94
C ASP R 169 72.16 94.38 7.68
N TYR R 170 71.48 93.37 7.15
CA TYR R 170 71.64 91.94 7.47
C TYR R 170 71.37 91.65 8.96
N VAL R 171 70.11 91.80 9.35
CA VAL R 171 69.71 91.35 10.68
C VAL R 171 69.81 89.83 10.71
N ARG R 172 70.66 89.31 11.59
CA ARG R 172 70.95 87.88 11.64
C ARG R 172 70.77 87.26 13.01
N THR R 173 70.50 88.05 14.05
CA THR R 173 70.07 87.49 15.33
C THR R 173 69.19 88.50 16.03
N LEU R 174 68.04 88.02 16.52
CA LEU R 174 67.13 88.84 17.30
C LEU R 174 66.74 88.07 18.54
N SER R 175 66.26 88.79 19.55
CA SER R 175 65.85 88.17 20.80
C SER R 175 64.72 88.98 21.41
N PHE R 176 63.98 88.33 22.30
CA PHE R 176 62.92 88.95 23.06
C PHE R 176 63.44 89.27 24.46
N ILE R 177 62.60 89.93 25.24
CA ILE R 177 62.95 90.37 26.59
C ILE R 177 61.87 89.84 27.53
N PRO R 178 62.23 89.09 28.58
CA PRO R 178 61.22 88.35 29.35
C PRO R 178 60.29 89.22 30.19
N ALA R 179 60.64 90.48 30.44
CA ALA R 179 59.73 91.35 31.20
C ALA R 179 58.61 91.88 30.32
N ALA R 180 58.98 92.63 29.28
CA ALA R 180 57.98 93.28 28.46
C ALA R 180 57.74 92.50 27.17
N PRO R 181 56.50 92.13 26.88
CA PRO R 181 56.21 91.44 25.62
C PRO R 181 56.16 92.36 24.42
N HIS R 182 56.07 93.68 24.63
CA HIS R 182 56.02 94.62 23.53
C HIS R 182 57.40 94.98 23.00
N LEU R 183 58.47 94.60 23.69
CA LEU R 183 59.82 95.02 23.36
C LEU R 183 60.57 93.87 22.71
N VAL R 184 61.13 94.11 21.53
CA VAL R 184 61.84 93.11 20.76
C VAL R 184 63.23 93.65 20.44
N ALA R 185 64.26 92.91 20.84
CA ALA R 185 65.63 93.27 20.51
C ALA R 185 65.98 92.74 19.13
N THR R 186 66.70 93.54 18.35
CA THR R 186 67.02 93.20 16.97
C THR R 186 68.45 93.63 16.68
N GLY R 187 69.27 92.67 16.24
CA GLY R 187 70.66 92.93 15.96
C GLY R 187 70.97 92.86 14.48
N SER R 188 71.50 93.94 13.94
CA SER R 188 71.89 94.00 12.55
C SER R 188 73.32 93.48 12.39
N TYR R 189 73.92 93.70 11.23
CA TYR R 189 75.30 93.28 10.98
C TYR R 189 76.22 94.47 10.73
N ASP R 190 75.94 95.60 11.38
CA ASP R 190 76.82 96.74 11.32
C ASP R 190 76.89 97.44 12.67
N GLY R 191 76.75 96.67 13.75
CA GLY R 191 76.46 97.30 15.01
C GLY R 191 75.02 97.79 15.00
N LEU R 192 74.76 98.84 15.78
CA LEU R 192 73.46 99.50 15.88
C LEU R 192 72.37 98.51 16.32
N ILE R 193 72.52 98.06 17.57
CA ILE R 193 71.62 97.07 18.14
C ILE R 193 70.26 97.71 18.37
N ARG R 194 69.31 97.39 17.49
CA ARG R 194 67.99 98.00 17.52
C ARG R 194 67.15 97.41 18.65
N LEU R 195 66.37 98.27 19.30
CA LEU R 195 65.36 97.87 20.26
C LEU R 195 64.02 98.36 19.73
N TYR R 196 63.13 97.42 19.40
CA TYR R 196 61.89 97.73 18.72
C TYR R 196 60.69 97.55 19.62
N ASP R 197 59.64 98.30 19.32
CA ASP R 197 58.37 98.20 20.02
C ASP R 197 57.30 97.74 19.05
N THR R 198 56.58 96.67 19.42
CA THR R 198 55.51 96.17 18.58
C THR R 198 54.13 96.64 19.02
N ARG R 199 54.00 97.21 20.21
CA ARG R 199 52.73 97.83 20.59
C ARG R 199 52.51 99.14 19.83
N SER R 200 53.60 99.81 19.46
CA SER R 200 53.53 101.01 18.64
C SER R 200 53.35 100.67 17.17
N SER R 201 53.60 101.64 16.30
CA SER R 201 53.51 101.40 14.86
C SER R 201 54.56 100.39 14.40
N GLY R 202 55.75 100.42 15.00
CA GLY R 202 56.75 99.41 14.76
C GLY R 202 57.45 99.53 13.42
N SER R 203 57.97 100.71 13.12
CA SER R 203 58.75 100.91 11.91
C SER R 203 60.02 101.70 12.17
N THR R 204 60.40 101.91 13.43
CA THR R 204 61.51 102.74 13.84
C THR R 204 61.82 102.36 15.27
N PRO R 205 63.08 102.13 15.63
CA PRO R 205 63.40 101.72 17.02
C PRO R 205 63.15 102.83 18.02
N ILE R 206 62.89 102.43 19.27
CA ILE R 206 62.85 103.39 20.36
C ILE R 206 64.22 104.02 20.55
N TYR R 207 65.25 103.19 20.53
CA TYR R 207 66.64 103.65 20.64
C TYR R 207 67.52 102.58 20.02
N SER R 208 68.82 102.82 20.07
CA SER R 208 69.78 101.82 19.58
C SER R 208 71.01 101.85 20.46
N LEU R 209 71.72 100.73 20.47
CA LEU R 209 72.97 100.59 21.20
C LEU R 209 74.12 100.69 20.22
N ASN R 210 75.04 101.62 20.47
CA ASN R 210 76.07 101.98 19.48
C ASN R 210 77.27 101.04 19.58
N HIS R 211 77.03 99.78 19.27
CA HIS R 211 78.11 98.85 19.01
C HIS R 211 78.78 99.23 17.70
N ASP R 212 80.11 99.22 17.67
CA ASP R 212 80.81 99.63 16.46
C ASP R 212 80.89 98.50 15.45
N GLN R 213 81.51 97.39 15.81
CA GLN R 213 81.64 96.21 14.97
C GLN R 213 80.30 95.50 14.86
N PRO R 214 80.11 94.67 13.82
CA PRO R 214 78.83 93.95 13.67
C PRO R 214 78.54 93.00 14.83
N VAL R 215 77.26 92.90 15.17
CA VAL R 215 76.80 92.02 16.25
C VAL R 215 76.23 90.75 15.64
N GLU R 216 76.58 89.60 16.23
CA GLU R 216 76.17 88.32 15.70
C GLU R 216 75.16 87.60 16.58
N ASN R 217 74.99 88.03 17.83
CA ASN R 217 74.01 87.43 18.72
C ASN R 217 73.66 88.42 19.82
N VAL R 218 72.36 88.55 20.08
CA VAL R 218 71.85 89.32 21.21
C VAL R 218 70.99 88.37 22.03
N ILE R 219 71.20 88.35 23.34
CA ILE R 219 70.50 87.45 24.26
C ILE R 219 70.09 88.24 25.50
N ALA R 220 68.84 88.09 25.92
CA ALA R 220 68.37 88.72 27.14
C ALA R 220 68.91 87.96 28.34
N VAL R 221 69.94 88.52 28.98
CA VAL R 221 70.50 87.94 30.18
C VAL R 221 69.69 88.29 31.42
N SER R 222 68.77 89.24 31.32
CA SER R 222 67.99 89.72 32.44
C SER R 222 66.78 90.46 31.88
N PRO R 223 65.73 90.67 32.70
CA PRO R 223 64.66 91.58 32.28
C PRO R 223 65.11 93.00 31.98
N THR R 224 66.14 93.50 32.66
CA THR R 224 66.65 94.84 32.40
C THR R 224 68.03 94.87 31.79
N GLN R 225 68.63 93.71 31.49
CA GLN R 225 69.96 93.66 30.89
C GLN R 225 69.95 92.71 29.71
N ILE R 226 70.55 93.14 28.60
CA ILE R 226 70.81 92.24 27.48
C ILE R 226 72.31 92.21 27.25
N VAL R 227 72.76 91.16 26.60
CA VAL R 227 74.17 90.94 26.30
C VAL R 227 74.33 90.78 24.80
N SER R 228 75.36 91.43 24.25
CA SER R 228 75.54 91.55 22.81
C SER R 228 76.82 90.84 22.41
N CYS R 229 76.68 89.81 21.59
CA CYS R 229 77.81 89.02 21.11
C CYS R 229 78.19 89.57 19.73
N GLY R 230 79.22 90.42 19.70
CA GLY R 230 79.62 91.01 18.44
C GLY R 230 81.07 91.41 18.34
N GLY R 231 81.76 90.93 17.31
CA GLY R 231 83.14 91.30 17.11
C GLY R 231 84.05 90.61 18.11
N ASN R 232 85.23 91.21 18.31
CA ASN R 232 86.29 90.57 19.10
C ASN R 232 85.93 90.47 20.58
N ASN R 233 85.09 91.36 21.08
CA ASN R 233 84.64 91.34 22.46
C ASN R 233 83.13 91.08 22.52
N PHE R 234 82.58 91.15 23.73
CA PHE R 234 81.13 91.15 23.90
C PHE R 234 80.78 92.13 25.01
N LYS R 235 79.69 92.86 24.80
CA LYS R 235 79.27 93.92 25.70
C LYS R 235 77.88 93.65 26.23
N VAL R 236 77.62 94.11 27.45
CA VAL R 236 76.30 94.04 28.04
C VAL R 236 75.73 95.46 28.06
N TRP R 237 74.42 95.55 28.18
CA TRP R 237 73.73 96.83 28.16
C TRP R 237 72.62 96.84 29.19
N ASP R 238 72.51 97.93 29.93
CA ASP R 238 71.34 98.17 30.76
C ASP R 238 70.28 98.85 29.90
N LEU R 239 69.08 98.27 29.85
CA LEU R 239 68.06 98.75 28.93
C LEU R 239 67.45 100.08 29.38
N THR R 240 67.12 100.19 30.67
CA THR R 240 66.44 101.38 31.16
C THR R 240 67.39 102.58 31.18
N SER R 241 68.64 102.37 31.58
CA SER R 241 69.63 103.43 31.53
C SER R 241 70.15 103.69 30.13
N ASN R 242 69.92 102.76 29.19
CA ASN R 242 70.39 102.83 27.80
C ASN R 242 71.91 102.98 27.72
N LYS R 243 72.61 102.31 28.64
CA LYS R 243 74.04 102.49 28.80
C LYS R 243 74.71 101.13 28.89
N LYS R 244 75.90 101.01 28.31
CA LYS R 244 76.69 99.80 28.48
C LYS R 244 77.23 99.74 29.90
N LEU R 245 77.42 98.52 30.39
CA LEU R 245 77.85 98.31 31.77
C LEU R 245 79.18 97.61 31.87
N TYR R 246 79.41 96.57 31.08
CA TYR R 246 80.66 95.81 31.10
C TYR R 246 81.08 95.51 29.68
N GLU R 247 82.37 95.23 29.52
CA GLU R 247 82.95 94.92 28.21
C GLU R 247 84.14 94.01 28.43
N ARG R 248 84.09 92.80 27.87
CA ARG R 248 85.10 91.77 28.12
C ARG R 248 85.77 91.41 26.81
N GLY R 249 86.94 91.98 26.58
CA GLY R 249 87.75 91.66 25.41
C GLY R 249 88.73 90.54 25.66
N ASN R 250 88.22 89.31 25.78
CA ASN R 250 89.05 88.16 26.09
C ASN R 250 88.94 87.07 25.02
N PHE R 251 88.95 87.48 23.75
CA PHE R 251 88.85 86.53 22.65
C PHE R 251 89.85 86.86 21.57
N ASN R 252 90.40 85.82 20.94
CA ASN R 252 91.35 86.02 19.84
C ASN R 252 90.64 86.44 18.57
N LYS R 253 89.49 85.84 18.27
CA LYS R 253 88.71 86.17 17.08
C LYS R 253 87.31 86.63 17.51
N ALA R 254 86.46 86.85 16.52
CA ALA R 254 85.13 87.39 16.78
C ALA R 254 84.22 86.31 17.36
N VAL R 255 83.50 86.66 18.42
CA VAL R 255 82.51 85.75 18.98
C VAL R 255 81.29 85.70 18.09
N THR R 256 80.75 84.50 17.89
CA THR R 256 79.66 84.28 16.95
C THR R 256 78.35 83.93 17.63
N CYS R 257 78.34 82.88 18.44
CA CYS R 257 77.12 82.43 19.09
C CYS R 257 77.24 82.56 20.59
N LEU R 258 76.09 82.63 21.26
CA LEU R 258 76.05 82.94 22.68
C LEU R 258 74.75 82.42 23.27
N ASP R 259 74.85 81.79 24.44
CA ASP R 259 73.71 81.21 25.13
C ASP R 259 73.77 81.56 26.60
N TYR R 260 72.61 81.52 27.27
CA TYR R 260 72.53 81.92 28.66
C TYR R 260 71.57 81.01 29.40
N VAL R 261 71.92 80.64 30.64
CA VAL R 261 71.10 79.83 31.51
C VAL R 261 71.09 80.47 32.89
N GLU R 262 69.90 80.50 33.53
CA GLU R 262 69.75 81.06 34.86
C GLU R 262 69.11 80.03 35.78
N ASN R 263 69.55 80.02 37.04
CA ASN R 263 69.00 79.26 38.16
C ASN R 263 69.14 77.75 38.00
N PHE R 264 70.01 77.29 37.11
CA PHE R 264 70.31 75.86 37.07
C PHE R 264 71.22 75.49 38.24
N ASP R 265 71.25 74.19 38.55
CA ASP R 265 71.93 73.69 39.75
C ASP R 265 73.43 73.83 39.57
N SER R 266 74.01 74.82 40.25
CA SER R 266 75.40 75.20 40.05
C SER R 266 75.86 75.96 41.28
N PRO R 267 77.18 76.03 41.54
CA PRO R 267 77.68 76.85 42.65
C PRO R 267 77.44 78.33 42.48
N MET R 268 77.22 78.82 41.27
CA MET R 268 76.80 80.20 41.03
C MET R 268 75.35 80.22 40.59
N GLN R 269 74.77 81.43 40.57
CA GLN R 269 73.35 81.56 40.28
C GLN R 269 73.06 81.36 38.79
N SER R 270 73.88 81.93 37.91
CA SER R 270 73.62 81.85 36.48
C SER R 270 74.93 81.89 35.72
N ALA R 271 74.89 81.38 34.50
CA ALA R 271 76.09 81.23 33.70
C ALA R 271 75.81 81.67 32.28
N LEU R 272 76.73 82.45 31.70
CA LEU R 272 76.62 82.96 30.34
C LEU R 272 77.79 82.43 29.54
N ILE R 273 77.49 81.66 28.49
CA ILE R 273 78.51 81.03 27.67
C ILE R 273 78.54 81.71 26.30
N ALA R 274 79.67 81.59 25.62
CA ALA R 274 79.87 82.27 24.34
C ALA R 274 80.88 81.50 23.49
N SER R 275 80.55 81.30 22.22
CA SER R 275 81.47 80.68 21.27
C SER R 275 82.37 81.75 20.67
N SER R 276 83.65 81.43 20.51
CA SER R 276 84.65 82.45 20.23
C SER R 276 85.26 82.39 18.82
N LEU R 277 84.86 81.42 17.99
CA LEU R 277 85.44 81.13 16.68
C LEU R 277 86.95 80.88 16.74
N ASP R 278 87.44 80.38 17.88
CA ASP R 278 88.81 79.92 18.03
C ASP R 278 88.85 78.51 18.62
N GLY R 279 87.73 77.81 18.57
CA GLY R 279 87.57 76.57 19.29
C GLY R 279 87.22 76.73 20.75
N HIS R 280 87.10 77.96 21.24
CA HIS R 280 86.92 78.21 22.66
C HIS R 280 85.46 78.56 22.94
N VAL R 281 84.89 77.89 23.93
CA VAL R 281 83.60 78.27 24.50
C VAL R 281 83.87 78.68 25.94
N LYS R 282 83.67 79.95 26.26
CA LYS R 282 84.02 80.50 27.56
C LYS R 282 82.76 80.84 28.33
N VAL R 283 82.73 80.45 29.61
CA VAL R 283 81.59 80.70 30.47
C VAL R 283 81.84 81.97 31.28
N PHE R 284 80.77 82.73 31.50
CA PHE R 284 80.82 83.94 32.32
C PHE R 284 79.62 83.94 33.24
N ASP R 285 79.72 84.69 34.34
CA ASP R 285 78.60 84.84 35.26
C ASP R 285 78.36 86.31 35.52
N PRO R 286 77.11 86.76 35.43
CA PRO R 286 76.82 88.19 35.63
C PRO R 286 77.04 88.69 37.04
N LEU R 287 77.09 87.81 38.03
CA LEU R 287 77.35 88.26 39.39
C LEU R 287 78.82 88.62 39.60
N ASP R 288 79.71 87.98 38.86
CA ASP R 288 81.15 88.22 38.98
C ASP R 288 81.66 89.15 37.90
N ASN R 289 80.82 90.11 37.50
CA ASN R 289 81.12 91.14 36.49
C ASN R 289 81.53 90.53 35.14
N PHE R 290 80.89 89.42 34.78
CA PHE R 290 81.06 88.73 33.50
C PHE R 290 82.50 88.29 33.24
N GLN R 291 83.23 87.93 34.29
CA GLN R 291 84.59 87.46 34.10
C GLN R 291 84.59 86.01 33.67
N VAL R 292 85.69 85.60 33.05
CA VAL R 292 85.83 84.24 32.53
C VAL R 292 86.11 83.29 33.70
N LYS R 293 85.45 82.13 33.69
CA LYS R 293 85.62 81.13 34.73
C LYS R 293 86.19 79.82 34.22
N PHE R 294 85.74 79.35 33.06
CA PHE R 294 86.26 78.12 32.48
C PHE R 294 86.08 78.15 30.98
N GLY R 295 87.06 77.61 30.26
CA GLY R 295 86.97 77.55 28.81
C GLY R 295 87.44 76.24 28.22
N TRP R 296 86.53 75.53 27.55
CA TRP R 296 86.88 74.35 26.79
C TRP R 296 87.46 74.77 25.45
N LYS R 297 88.31 73.90 24.88
CA LYS R 297 88.93 74.17 23.59
C LYS R 297 88.67 73.00 22.66
N PHE R 298 88.10 73.28 21.50
CA PHE R 298 87.89 72.29 20.45
C PHE R 298 88.89 72.54 19.32
N SER R 299 88.83 71.68 18.30
CA SER R 299 89.86 71.71 17.25
C SER R 299 89.62 72.87 16.29
N GLY R 300 88.50 72.84 15.58
CA GLY R 300 88.17 73.89 14.64
C GLY R 300 87.43 75.02 15.31
N PRO R 301 87.18 76.10 14.58
CA PRO R 301 86.38 77.20 15.14
C PRO R 301 84.94 76.79 15.32
N VAL R 302 84.31 77.38 16.34
CA VAL R 302 82.96 77.02 16.76
C VAL R 302 81.99 78.12 16.32
N LEU R 303 80.95 77.72 15.58
CA LEU R 303 79.93 78.65 15.12
C LEU R 303 78.67 78.65 15.97
N SER R 304 78.40 77.57 16.69
CA SER R 304 77.18 77.45 17.48
C SER R 304 77.51 76.84 18.83
N CYS R 305 77.05 77.51 19.89
CA CYS R 305 77.22 77.02 21.25
C CYS R 305 75.88 77.06 21.96
N ALA R 306 75.62 76.03 22.76
CA ALA R 306 74.35 75.91 23.46
C ALA R 306 74.53 74.99 24.66
N VAL R 307 73.82 75.31 25.74
CA VAL R 307 73.82 74.50 26.94
C VAL R 307 72.38 74.11 27.22
N SER R 308 72.20 73.06 28.01
CA SER R 308 70.88 72.62 28.38
C SER R 308 70.23 73.63 29.32
N PRO R 309 68.90 73.78 29.26
CA PRO R 309 68.24 74.76 30.13
C PRO R 309 68.22 74.38 31.60
N SER R 310 67.57 75.22 32.41
CA SER R 310 67.68 75.12 33.86
C SER R 310 66.96 73.91 34.42
N THR R 311 65.93 73.45 33.74
CA THR R 311 65.05 72.43 34.32
C THR R 311 65.18 71.14 33.53
N ALA R 312 66.40 70.62 33.36
CA ALA R 312 66.62 69.37 32.66
C ALA R 312 66.21 68.13 33.47
N GLN R 313 66.29 68.18 34.81
CA GLN R 313 66.20 67.05 35.76
C GLN R 313 66.95 65.79 35.32
N GLY R 314 68.03 65.88 34.56
CA GLY R 314 68.75 64.68 34.22
C GLY R 314 70.20 64.93 33.93
N ASN R 315 70.73 64.28 32.89
CA ASN R 315 72.09 64.59 32.47
C ASN R 315 72.06 65.89 31.68
N ARG R 316 72.82 66.87 32.12
CA ARG R 316 72.93 68.12 31.40
C ARG R 316 73.99 68.01 30.31
N HIS R 317 73.79 68.77 29.24
CA HIS R 317 74.61 68.68 28.05
C HIS R 317 75.17 70.05 27.71
N LEU R 318 76.40 70.06 27.19
CA LEU R 318 76.97 71.19 26.48
C LEU R 318 77.15 70.77 25.03
N VAL R 319 76.41 71.40 24.14
CA VAL R 319 76.49 71.09 22.72
C VAL R 319 77.17 72.27 22.04
N ALA R 320 78.30 72.00 21.39
CA ALA R 320 79.06 73.02 20.68
C ALA R 320 79.24 72.56 19.25
N GLY R 321 78.94 73.44 18.31
CA GLY R 321 79.02 73.07 16.90
C GLY R 321 80.11 73.80 16.13
N LEU R 322 80.93 73.06 15.41
CA LEU R 322 82.13 73.59 14.80
C LEU R 322 81.94 73.83 13.31
N SER R 323 82.90 74.53 12.72
CA SER R 323 82.84 74.86 11.29
C SER R 323 83.06 73.63 10.42
N SER R 324 83.85 72.67 10.90
CA SER R 324 84.26 71.53 10.09
C SER R 324 83.23 70.39 10.09
N GLY R 325 81.97 70.68 10.40
CA GLY R 325 80.96 69.65 10.43
C GLY R 325 81.12 68.69 11.60
N LEU R 326 81.33 69.24 12.79
CA LEU R 326 81.50 68.41 13.98
C LEU R 326 80.59 68.92 15.08
N LEU R 327 79.90 68.00 15.74
CA LEU R 327 79.07 68.32 16.89
C LEU R 327 79.69 67.69 18.13
N ALA R 328 80.33 68.52 18.95
CA ALA R 328 80.99 68.05 20.17
C ALA R 328 79.99 68.16 21.32
N ILE R 329 79.69 67.03 21.94
CA ILE R 329 78.71 66.97 23.03
C ILE R 329 79.45 66.59 24.31
N ARG R 330 79.43 67.49 25.29
CA ARG R 330 80.05 67.26 26.59
C ARG R 330 78.96 67.21 27.64
N THR R 331 78.85 66.07 28.33
CA THR R 331 77.68 65.75 29.11
C THR R 331 78.07 65.56 30.57
N LYS R 332 77.34 66.20 31.48
CA LYS R 332 77.46 65.93 32.90
C LYS R 332 76.39 64.91 33.28
N LYS R 333 76.80 63.68 33.53
CA LYS R 333 75.87 62.61 33.83
C LYS R 333 75.42 62.68 35.28
N LYS R 334 74.51 61.78 35.65
CA LYS R 334 74.02 61.71 37.02
C LYS R 334 74.21 60.32 37.59
N LYS R 353 62.10 39.90 52.85
CA LYS R 353 61.78 39.61 51.46
C LYS R 353 60.35 39.07 51.34
N SER R 354 60.11 37.94 52.00
CA SER R 354 58.79 37.33 51.99
C SER R 354 57.80 38.16 52.79
N ASN R 355 56.52 38.04 52.44
CA ASN R 355 55.50 38.88 53.07
C ASN R 355 55.23 38.46 54.50
N ASN R 356 55.58 37.23 54.88
CA ASN R 356 55.56 36.88 56.29
C ASN R 356 56.71 37.54 57.03
N PHE R 357 57.79 37.86 56.32
CA PHE R 357 58.92 38.50 57.00
C PHE R 357 58.73 40.01 57.14
N GLN R 358 57.82 40.62 56.38
CA GLN R 358 57.49 42.01 56.65
C GLN R 358 56.50 42.13 57.81
N ARG R 359 55.60 41.16 57.96
CA ARG R 359 54.73 41.12 59.12
C ARG R 359 55.46 40.62 60.36
N MET R 360 56.60 39.98 60.16
CA MET R 360 57.52 39.65 61.23
C MET R 360 57.98 40.91 61.96
N MET R 361 58.72 41.77 61.26
CA MET R 361 59.42 42.91 61.85
C MET R 361 58.88 44.16 61.20
N ARG R 362 57.84 44.73 61.79
CA ARG R 362 57.11 45.84 61.18
C ARG R 362 57.62 47.21 61.62
N GLY R 363 58.27 47.32 62.76
CA GLY R 363 58.61 48.61 63.32
C GLY R 363 59.98 49.13 62.90
N SER R 364 60.56 48.53 61.88
CA SER R 364 61.88 48.97 61.44
C SER R 364 61.83 50.26 60.63
N GLU R 365 60.67 50.64 60.12
CA GLU R 365 60.48 51.88 59.37
C GLU R 365 59.51 52.80 60.09
N TYR R 366 59.70 52.97 61.40
CA TYR R 366 58.79 53.81 62.18
C TYR R 366 59.38 55.17 62.54
N GLN R 367 60.60 55.18 63.10
CA GLN R 367 61.41 56.35 63.40
C GLN R 367 60.78 57.31 64.40
N GLY R 368 59.76 56.88 65.15
CA GLY R 368 59.20 57.70 66.20
C GLY R 368 58.44 58.93 65.76
N ASP R 369 57.28 58.74 65.15
CA ASP R 369 56.49 59.86 64.67
C ASP R 369 55.41 60.30 65.65
N GLN R 370 55.06 59.47 66.63
CA GLN R 370 54.00 59.82 67.57
C GLN R 370 54.31 59.45 69.01
N GLU R 371 55.50 58.97 69.32
CA GLU R 371 55.82 58.60 70.69
C GLU R 371 56.27 59.83 71.47
N HIS R 372 56.22 59.69 72.81
CA HIS R 372 56.39 60.84 73.70
C HIS R 372 57.83 61.34 73.70
N ILE R 373 58.77 60.48 74.09
CA ILE R 373 60.17 60.86 74.27
C ILE R 373 61.01 60.13 73.24
N ILE R 374 61.85 60.88 72.52
CA ILE R 374 62.76 60.32 71.53
C ILE R 374 64.19 60.50 72.04
N HIS R 375 64.94 59.42 72.06
CA HIS R 375 66.32 59.44 72.54
C HIS R 375 67.20 58.74 71.52
N ASN R 376 67.95 59.52 70.75
CA ASN R 376 68.91 58.99 69.78
C ASN R 376 70.30 59.03 70.39
N ASP R 377 70.95 57.87 70.47
CA ASP R 377 72.29 57.80 71.02
C ASP R 377 73.24 57.01 70.14
N LYS R 378 72.85 56.71 68.90
CA LYS R 378 73.77 56.08 67.96
C LYS R 378 74.83 57.08 67.54
N VAL R 379 76.09 56.77 67.85
CA VAL R 379 77.18 57.66 67.47
C VAL R 379 77.39 57.58 65.97
N ARG R 380 77.58 58.75 65.35
CA ARG R 380 77.67 58.83 63.90
C ARG R 380 78.96 58.21 63.39
N SER R 381 78.83 57.31 62.41
CA SER R 381 79.98 56.63 61.85
C SER R 381 80.84 57.60 61.05
N GLN R 382 82.15 57.37 61.09
CA GLN R 382 83.12 58.24 60.46
C GLN R 382 83.56 57.63 59.13
N ARG R 383 84.48 58.32 58.47
CA ARG R 383 85.23 57.73 57.38
C ARG R 383 86.06 56.57 57.92
N ARG R 384 86.26 55.53 57.10
CA ARG R 384 87.05 54.38 57.53
C ARG R 384 88.50 54.79 57.76
N MET R 385 89.15 54.10 58.68
CA MET R 385 90.50 54.48 59.06
C MET R 385 91.49 53.80 58.15
N ARG R 386 92.49 54.55 57.69
CA ARG R 386 93.44 54.03 56.73
C ARG R 386 94.46 53.12 57.43
N ALA R 387 95.37 52.57 56.62
CA ALA R 387 96.34 51.60 57.13
C ALA R 387 97.35 52.26 58.07
N PHE R 388 97.78 53.48 57.75
CA PHE R 388 98.76 54.15 58.60
C PHE R 388 98.13 54.67 59.87
N GLU R 389 96.86 55.08 59.81
CA GLU R 389 96.20 55.65 60.98
C GLU R 389 95.94 54.57 62.03
N ARG R 390 95.66 53.34 61.57
CA ARG R 390 95.48 52.22 62.50
C ARG R 390 96.78 51.90 63.22
N ASN R 391 97.91 51.92 62.51
CA ASN R 391 99.18 51.54 63.12
C ASN R 391 99.70 52.62 64.06
N ILE R 392 99.40 53.89 63.76
CA ILE R 392 99.80 54.97 64.64
C ILE R 392 98.98 54.95 65.92
N ASN R 393 97.67 54.68 65.80
CA ASN R 393 96.80 54.59 66.98
C ASN R 393 97.16 53.39 67.85
N GLN R 394 97.55 52.29 67.23
CA GLN R 394 98.05 51.13 67.97
C GLN R 394 99.54 51.24 68.28
N PHE R 395 100.16 52.36 67.91
CA PHE R 395 101.55 52.72 68.23
C PHE R 395 102.55 51.73 67.65
N LYS R 396 102.22 51.09 66.53
CA LYS R 396 103.20 50.31 65.77
C LYS R 396 103.86 51.26 64.78
N TRP R 397 104.73 52.11 65.32
CA TRP R 397 105.34 53.18 64.54
C TRP R 397 106.30 52.64 63.50
N SER R 398 107.03 51.58 63.83
CA SER R 398 107.95 50.96 62.88
C SER R 398 107.19 50.33 61.72
N GLU R 399 106.04 49.72 62.01
CA GLU R 399 105.23 49.17 60.95
C GLU R 399 104.40 50.24 60.24
N ALA R 400 104.19 51.40 60.87
CA ALA R 400 103.43 52.46 60.23
C ALA R 400 104.21 53.11 59.10
N LEU R 401 105.52 53.28 59.28
CA LEU R 401 106.35 53.92 58.26
C LEU R 401 106.46 53.04 57.01
N ASP R 402 106.58 51.73 57.20
CA ASP R 402 106.55 50.82 56.06
C ASP R 402 105.16 50.75 55.44
N ASN R 403 104.11 51.01 56.23
CA ASN R 403 102.76 51.02 55.70
C ASN R 403 102.48 52.25 54.86
N ALA R 404 103.23 53.33 55.06
CA ALA R 404 103.00 54.55 54.29
C ALA R 404 103.48 54.41 52.85
N PHE R 405 104.62 53.76 52.64
CA PHE R 405 105.25 53.76 51.32
C PHE R 405 104.83 52.58 50.47
N VAL R 406 103.52 52.36 50.35
CA VAL R 406 102.98 51.49 49.32
C VAL R 406 102.94 52.30 48.03
N PRO R 407 103.44 51.77 46.91
CA PRO R 407 103.62 52.60 45.70
C PRO R 407 102.33 53.12 45.07
N GLY R 408 101.18 52.51 45.35
CA GLY R 408 99.95 53.02 44.80
C GLY R 408 99.31 54.15 45.56
N MET R 409 99.93 54.60 46.65
CA MET R 409 99.31 55.58 47.53
C MET R 409 99.78 56.98 47.13
N ALA R 410 98.90 57.96 47.34
CA ALA R 410 99.15 59.33 46.90
C ALA R 410 100.31 59.97 47.66
N LYS R 411 100.98 60.90 47.00
CA LYS R 411 102.16 61.53 47.59
C LYS R 411 101.80 62.53 48.67
N GLU R 412 100.53 62.97 48.71
CA GLU R 412 100.11 63.91 49.75
C GLU R 412 100.08 63.25 51.11
N LEU R 413 99.62 61.99 51.17
CA LEU R 413 99.44 61.34 52.46
C LEU R 413 100.69 60.63 52.94
N THR R 414 101.63 60.35 52.02
CA THR R 414 102.95 59.88 52.44
C THR R 414 103.68 60.97 53.21
N LEU R 415 103.48 62.23 52.82
CA LEU R 415 104.00 63.35 53.58
C LEU R 415 103.29 63.49 54.92
N THR R 416 102.01 63.09 54.97
CA THR R 416 101.25 63.20 56.21
C THR R 416 101.76 62.21 57.26
N VAL R 417 102.11 61.00 56.85
CA VAL R 417 102.67 60.02 57.78
C VAL R 417 104.05 60.46 58.25
N LEU R 418 104.84 61.02 57.34
CA LEU R 418 106.17 61.49 57.70
C LEU R 418 106.11 62.67 58.65
N GLN R 419 105.12 63.56 58.47
CA GLN R 419 104.97 64.69 59.36
C GLN R 419 104.46 64.25 60.73
N GLU R 420 103.43 63.40 60.76
CA GLU R 420 102.78 63.07 62.01
C GLU R 420 103.63 62.15 62.88
N LEU R 421 104.39 61.25 62.24
CA LEU R 421 105.29 60.40 63.02
C LEU R 421 106.48 61.21 63.53
N ARG R 422 106.84 62.27 62.82
CA ARG R 422 107.86 63.18 63.32
C ARG R 422 107.34 63.98 64.51
N LYS R 423 106.09 64.43 64.43
CA LYS R 423 105.55 65.30 65.47
C LYS R 423 105.21 64.50 66.72
N ARG R 424 104.40 63.45 66.59
CA ARG R 424 103.95 62.70 67.75
C ARG R 424 105.07 61.86 68.34
N GLY R 425 105.59 60.92 67.57
CA GLY R 425 106.71 60.10 67.99
C GLY R 425 108.02 60.73 67.61
N LYS R 426 108.99 59.87 67.30
CA LYS R 426 110.28 60.31 66.81
C LYS R 426 110.60 59.57 65.52
N VAL R 427 111.50 60.16 64.73
CA VAL R 427 111.95 59.50 63.52
C VAL R 427 112.95 58.41 63.85
N ARG R 428 113.53 58.44 65.05
CA ARG R 428 114.47 57.41 65.45
C ARG R 428 113.76 56.12 65.83
N VAL R 429 112.58 56.22 66.43
CA VAL R 429 111.82 55.03 66.83
C VAL R 429 111.33 54.27 65.60
N ALA R 430 111.06 54.97 64.51
CA ALA R 430 110.64 54.30 63.29
C ALA R 430 111.82 53.74 62.49
N LEU R 431 113.04 53.98 62.95
CA LEU R 431 114.23 53.52 62.24
C LEU R 431 115.11 52.60 63.07
N TYR R 432 114.70 52.26 64.29
CA TYR R 432 115.52 51.41 65.14
C TYR R 432 115.54 49.97 64.63
N GLY R 433 114.40 49.45 64.21
CA GLY R 433 114.31 48.09 63.73
C GLY R 433 114.47 47.92 62.24
N ARG R 434 114.94 48.94 61.53
CA ARG R 434 115.04 48.86 60.08
C ARG R 434 116.23 47.99 59.68
N ASP R 435 116.06 47.26 58.58
CA ASP R 435 117.11 46.46 57.97
C ASP R 435 117.61 47.18 56.72
N GLU R 436 118.56 46.54 56.04
CA GLU R 436 119.10 47.12 54.81
C GLU R 436 118.07 47.13 53.69
N SER R 437 117.27 46.07 53.60
CA SER R 437 116.25 46.02 52.55
C SER R 437 115.06 46.91 52.88
N THR R 438 114.79 47.13 54.17
CA THR R 438 113.62 47.89 54.57
C THR R 438 113.78 49.39 54.33
N LEU R 439 115.02 49.88 54.29
CA LEU R 439 115.26 51.30 54.02
C LEU R 439 115.02 51.65 52.56
N GLU R 440 115.12 50.68 51.67
CA GLU R 440 114.96 50.94 50.23
C GLU R 440 113.60 51.51 49.81
N PRO R 441 112.45 51.10 50.36
CA PRO R 441 111.23 51.88 50.09
C PRO R 441 111.27 53.31 50.61
N LEU R 442 112.01 53.58 51.68
CA LEU R 442 112.08 54.95 52.19
C LEU R 442 112.93 55.83 51.28
N LEU R 443 114.10 55.34 50.86
CA LEU R 443 115.00 56.18 50.06
C LEU R 443 114.51 56.31 48.62
N ASN R 444 113.64 55.40 48.17
CA ASN R 444 113.09 55.52 46.83
C ASN R 444 112.06 56.62 46.74
N TRP R 445 111.48 57.03 47.86
CA TRP R 445 110.47 58.09 47.82
C TRP R 445 111.11 59.46 47.97
N CYS R 446 112.18 59.57 48.76
CA CYS R 446 112.85 60.86 48.91
C CYS R 446 113.62 61.24 47.66
N LEU R 447 113.93 60.27 46.80
CA LEU R 447 114.42 60.59 45.46
C LEU R 447 113.36 61.34 44.67
N LYS R 448 112.10 60.94 44.80
CA LYS R 448 111.01 61.58 44.08
C LYS R 448 110.36 62.70 44.87
N GLY R 449 110.80 62.97 46.10
CA GLY R 449 110.14 63.96 46.92
C GLY R 449 111.00 65.15 47.30
N ILE R 450 112.30 65.10 46.95
CA ILE R 450 113.21 66.18 47.31
C ILE R 450 112.97 67.40 46.43
N GLU R 451 112.38 67.23 45.25
CA GLU R 451 112.23 68.34 44.32
C GLU R 451 111.18 69.36 44.77
N ASP R 452 110.09 68.90 45.38
CA ASP R 452 109.03 69.81 45.76
C ASP R 452 109.38 70.56 47.05
N VAL R 453 108.98 71.83 47.10
CA VAL R 453 109.12 72.64 48.31
C VAL R 453 108.19 72.12 49.41
N ARG R 454 107.07 71.50 49.02
CA ARG R 454 106.04 71.04 49.95
C ARG R 454 106.56 69.98 50.91
N SER R 455 107.49 69.15 50.45
CA SER R 455 107.97 68.03 51.25
C SER R 455 109.41 68.16 51.73
N ALA R 456 110.22 69.01 51.10
CA ALA R 456 111.67 68.98 51.30
C ALA R 456 112.08 69.44 52.70
N SER R 457 111.20 70.16 53.40
CA SER R 457 111.47 70.48 54.79
C SER R 457 111.32 69.26 55.70
N ILE R 458 110.62 68.22 55.24
CA ILE R 458 110.36 67.02 56.01
C ILE R 458 111.28 65.91 55.48
N VAL R 459 111.62 66.00 54.20
CA VAL R 459 112.63 65.09 53.61
C VAL R 459 113.99 65.35 54.24
N ALA R 460 114.26 66.59 54.63
CA ALA R 460 115.55 66.95 55.23
C ALA R 460 115.77 66.25 56.55
N ASP R 461 114.73 66.16 57.39
CA ASP R 461 114.88 65.48 58.66
C ASP R 461 114.91 63.96 58.49
N TRP R 462 114.04 63.43 57.62
CA TRP R 462 113.86 61.99 57.49
C TRP R 462 115.00 61.29 56.76
N VAL R 463 115.93 62.04 56.17
CA VAL R 463 117.08 61.44 55.50
C VAL R 463 118.27 61.61 56.43
N ALA R 464 118.28 62.72 57.18
CA ALA R 464 119.38 62.99 58.11
C ALA R 464 119.37 62.02 59.29
N VAL R 465 118.23 61.40 59.59
CA VAL R 465 118.21 60.34 60.59
C VAL R 465 118.87 59.07 60.02
N VAL R 466 118.71 58.82 58.72
CA VAL R 466 119.35 57.66 58.11
C VAL R 466 120.85 57.87 58.01
N LEU R 467 121.28 59.11 57.71
CA LEU R 467 122.70 59.39 57.56
C LEU R 467 123.42 59.38 58.90
N GLU R 468 122.71 59.68 59.99
CA GLU R 468 123.37 59.75 61.30
C GLU R 468 123.31 58.43 62.05
N LEU R 469 122.42 57.51 61.68
CA LEU R 469 122.26 56.26 62.39
C LEU R 469 122.72 55.05 61.56
N TYR R 470 122.30 54.99 60.30
CA TYR R 470 122.68 53.91 59.40
C TYR R 470 123.83 54.30 58.48
N GLY R 471 124.74 55.14 58.96
CA GLY R 471 125.93 55.45 58.21
C GLY R 471 127.02 54.41 58.31
N ASN R 472 126.78 53.34 59.06
CA ASN R 472 127.72 52.22 59.19
C ASN R 472 127.42 51.11 58.19
N THR R 473 126.14 50.89 57.88
CA THR R 473 125.76 49.87 56.92
C THR R 473 125.89 50.33 55.47
N LEU R 474 126.17 51.61 55.23
CA LEU R 474 126.49 52.05 53.88
C LEU R 474 127.89 51.60 53.47
N GLU R 475 128.75 51.31 54.44
CA GLU R 475 130.13 50.93 54.15
C GLU R 475 130.23 49.56 53.50
N SER R 476 129.29 48.66 53.77
CA SER R 476 129.32 47.31 53.22
C SER R 476 128.26 47.05 52.16
N SER R 477 127.09 47.64 52.26
CA SER R 477 126.00 47.38 51.32
C SER R 477 126.09 48.33 50.13
N PRO R 478 126.31 47.84 48.91
CA PRO R 478 126.43 48.74 47.76
C PRO R 478 125.10 49.23 47.21
N VAL R 479 123.99 48.63 47.61
CA VAL R 479 122.69 49.00 47.05
C VAL R 479 122.26 50.38 47.55
N LEU R 480 122.47 50.66 48.84
CA LEU R 480 122.15 51.97 49.37
C LEU R 480 123.19 53.01 48.97
N GLN R 481 124.39 52.58 48.55
CA GLN R 481 125.38 53.50 48.04
C GLN R 481 124.95 54.13 46.73
N GLU R 482 124.30 53.35 45.87
CA GLU R 482 123.74 53.90 44.63
C GLU R 482 122.59 54.85 44.93
N LEU R 483 121.79 54.54 45.98
CA LEU R 483 120.67 55.40 46.35
C LEU R 483 121.16 56.75 46.85
N MET R 484 122.25 56.75 47.64
CA MET R 484 122.71 58.01 48.21
C MET R 484 123.42 58.86 47.17
N ILE R 485 124.05 58.21 46.18
CA ILE R 485 124.64 58.93 45.06
C ILE R 485 123.56 59.59 44.22
N ASP R 486 122.47 58.85 43.94
CA ASP R 486 121.38 59.41 43.13
C ASP R 486 120.63 60.50 43.90
N LEU R 487 120.63 60.41 45.23
CA LEU R 487 120.11 61.52 46.03
C LEU R 487 121.05 62.71 45.98
N LYS R 488 122.36 62.46 45.89
CA LYS R 488 123.33 63.54 45.79
C LYS R 488 123.22 64.26 44.46
N THR R 489 123.00 63.50 43.38
CA THR R 489 122.86 64.13 42.06
C THR R 489 121.54 64.87 41.91
N LYS R 490 120.53 64.55 42.73
CA LYS R 490 119.27 65.25 42.66
C LYS R 490 119.22 66.47 43.58
N VAL R 491 120.04 66.48 44.64
CA VAL R 491 120.09 67.66 45.49
C VAL R 491 121.00 68.74 44.89
N ARG R 492 121.89 68.37 43.97
CA ARG R 492 122.61 69.34 43.16
C ARG R 492 121.66 70.13 42.26
N HIS R 493 120.64 69.47 41.72
CA HIS R 493 119.66 70.20 40.92
C HIS R 493 118.74 71.03 41.80
N GLU R 494 118.43 70.54 43.01
CA GLU R 494 117.46 71.22 43.86
C GLU R 494 118.04 72.51 44.44
N ILE R 495 119.29 72.45 44.93
CA ILE R 495 119.94 73.63 45.48
C ILE R 495 120.20 74.68 44.41
N HIS R 496 120.65 74.23 43.24
CA HIS R 496 120.91 75.15 42.12
C HIS R 496 119.62 75.79 41.63
N LYS R 497 118.51 75.05 41.65
CA LYS R 497 117.21 75.65 41.36
C LYS R 497 116.82 76.67 42.42
N SER R 498 117.09 76.36 43.69
CA SER R 498 116.82 77.32 44.75
C SER R 498 117.80 78.48 44.72
N LYS R 499 119.05 78.23 44.28
CA LYS R 499 119.98 79.32 44.07
C LYS R 499 119.54 80.22 42.94
N GLU R 500 118.96 79.63 41.87
CA GLU R 500 118.37 80.44 40.81
C GLU R 500 117.14 81.17 41.30
N ALA R 501 116.39 80.57 42.23
CA ALA R 501 115.19 81.19 42.76
C ALA R 501 115.53 82.42 43.60
N GLN R 502 116.67 82.39 44.29
CA GLN R 502 117.10 83.55 45.05
C GLN R 502 117.63 84.65 44.14
N ARG R 503 118.13 84.27 42.96
CA ARG R 503 118.54 85.28 41.99
C ARG R 503 117.33 86.03 41.44
N ILE R 504 116.24 85.31 41.14
CA ILE R 504 115.07 86.00 40.64
C ILE R 504 114.30 86.66 41.78
N GLU R 505 114.52 86.22 43.01
CA GLU R 505 114.09 87.02 44.15
C GLU R 505 114.89 88.31 44.21
N GLY R 506 116.16 88.27 43.82
CA GLY R 506 116.98 89.48 43.81
C GLY R 506 116.62 90.43 42.69
N MET R 507 115.96 89.91 41.65
CA MET R 507 115.37 90.76 40.61
C MET R 507 114.29 91.68 41.14
N LEU R 508 113.43 91.19 42.02
CA LEU R 508 112.22 91.93 42.37
C LEU R 508 112.53 93.10 43.29
N GLN R 509 113.72 93.11 43.90
CA GLN R 509 114.15 94.28 44.64
C GLN R 509 114.78 95.34 43.74
N LEU R 510 115.29 94.96 42.57
CA LEU R 510 115.84 95.94 41.64
C LEU R 510 114.73 96.79 41.02
N LEU R 511 113.68 96.16 40.55
CA LEU R 511 112.66 96.82 39.75
C LEU R 511 111.51 97.38 40.59
N THR R 512 111.55 97.22 41.91
CA THR R 512 110.52 97.80 42.76
C THR R 512 110.95 99.19 43.24
N UNK S 1 157.52 63.80 51.82
CA UNK S 1 158.58 64.79 51.80
C UNK S 1 158.03 66.18 51.55
N UNK S 2 157.12 66.29 50.59
CA UNK S 2 156.49 67.56 50.26
C UNK S 2 155.48 67.95 51.34
N UNK S 3 154.92 66.94 52.00
CA UNK S 3 153.95 67.17 53.06
C UNK S 3 154.23 66.26 54.25
N UNK S 4 154.85 65.11 53.97
CA UNK S 4 155.14 64.12 55.00
C UNK S 4 156.26 64.60 55.92
N UNK S 5 157.29 65.22 55.32
CA UNK S 5 158.41 65.75 56.10
C UNK S 5 157.95 67.01 56.84
N UNK S 6 156.97 67.69 56.28
CA UNK S 6 156.34 68.82 56.96
C UNK S 6 155.50 68.29 58.11
N UNK S 7 154.89 67.12 57.92
CA UNK S 7 154.13 66.46 58.96
C UNK S 7 155.08 65.89 60.01
N UNK S 8 156.26 65.49 59.56
CA UNK S 8 157.31 65.02 60.46
C UNK S 8 157.89 66.19 61.23
N UNK S 9 157.83 67.37 60.62
CA UNK S 9 158.25 68.61 61.29
C UNK S 9 157.17 69.04 62.27
N UNK S 10 155.94 68.64 61.99
CA UNK S 10 154.82 68.93 62.87
C UNK S 10 154.62 67.80 63.87
N UNK S 11 155.38 66.73 63.70
CA UNK S 11 155.34 65.59 64.60
C UNK S 11 156.03 65.93 65.91
N UNK S 12 157.04 66.79 65.83
CA UNK S 12 157.77 67.23 67.01
C UNK S 12 157.16 68.50 67.58
N UNK S 13 154.91 72.11 66.89
CA UNK S 13 155.71 73.08 67.61
C UNK S 13 155.95 74.32 66.76
N UNK S 14 155.28 75.42 67.12
CA UNK S 14 155.36 76.73 66.45
C UNK S 14 155.05 76.67 64.95
N UNK S 15 156.03 76.20 64.18
CA UNK S 15 155.87 76.08 62.73
C UNK S 15 155.05 74.84 62.36
N UNK S 16 153.76 74.88 62.65
CA UNK S 16 152.86 73.79 62.30
C UNK S 16 151.96 74.23 61.15
N UNK S 17 151.37 75.41 61.30
CA UNK S 17 150.52 76.00 60.27
C UNK S 17 151.37 76.45 59.09
N UNK S 18 152.61 76.83 59.38
CA UNK S 18 153.57 77.18 58.35
C UNK S 18 154.04 75.92 57.62
N UNK S 19 153.99 74.79 58.31
CA UNK S 19 154.29 73.51 57.71
C UNK S 19 153.07 72.98 56.97
N UNK S 20 151.90 73.49 57.37
CA UNK S 20 150.64 73.06 56.77
C UNK S 20 150.35 73.83 55.49
N UNK S 21 150.59 75.14 55.51
CA UNK S 21 150.23 76.01 54.40
C UNK S 21 151.37 76.20 53.40
N UNK S 22 152.29 75.24 53.36
CA UNK S 22 153.38 75.28 52.40
C UNK S 22 152.87 74.82 51.03
N UNK S 23 152.97 73.52 50.79
CA UNK S 23 152.47 72.94 49.55
C UNK S 23 152.04 71.49 49.78
N UNK S 24 150.73 71.27 49.79
CA UNK S 24 150.19 69.93 49.95
C UNK S 24 149.09 69.69 48.91
N UNK S 25 149.03 68.46 48.40
CA UNK S 25 148.09 68.12 47.33
C UNK S 25 146.69 67.81 47.87
N UNK S 26 145.90 67.13 47.05
CA UNK S 26 144.55 66.73 47.44
C UNK S 26 144.59 65.35 48.09
N UNK S 27 145.63 64.59 47.77
CA UNK S 27 145.81 63.27 48.35
C UNK S 27 146.52 63.37 49.69
N UNK S 28 147.05 64.55 49.99
CA UNK S 28 147.69 64.83 51.27
C UNK S 28 146.63 64.88 52.37
N UNK S 29 145.42 65.24 52.00
CA UNK S 29 144.28 65.17 52.91
C UNK S 29 143.83 63.73 53.09
N UNK S 30 144.15 62.90 52.09
CA UNK S 30 143.78 61.49 52.13
C UNK S 30 144.84 60.65 52.81
N UNK S 31 146.09 60.78 52.37
CA UNK S 31 147.19 60.00 52.92
C UNK S 31 147.54 60.46 54.32
N UNK S 32 147.90 61.73 54.45
CA UNK S 32 148.29 62.28 55.74
C UNK S 32 147.08 62.77 56.52
N UNK S 33 146.18 61.85 56.85
CA UNK S 33 145.02 62.17 57.66
C UNK S 33 145.26 61.75 59.10
N UNK S 34 146.21 60.83 59.27
CA UNK S 34 146.60 60.36 60.59
C UNK S 34 148.05 59.89 60.57
N UNK S 35 148.48 59.39 59.43
CA UNK S 35 149.85 58.91 59.25
C UNK S 35 150.78 60.06 58.87
N ASP S 36 146.48 61.53 69.25
CA ASP S 36 146.32 62.94 69.60
C ASP S 36 146.98 63.83 68.56
N HIS S 37 147.60 63.21 67.55
CA HIS S 37 148.27 63.98 66.51
C HIS S 37 147.27 64.66 65.60
N LEU S 38 146.13 64.02 65.34
CA LEU S 38 145.06 64.69 64.60
C LEU S 38 144.37 65.74 65.45
N SER S 39 144.45 65.61 66.78
CA SER S 39 143.97 66.68 67.66
C SER S 39 144.88 67.89 67.57
N LYS S 40 146.19 67.68 67.45
CA LYS S 40 147.12 68.79 67.31
C LYS S 40 146.98 69.46 65.94
N ILE S 41 146.64 68.68 64.92
CA ILE S 41 146.39 69.23 63.59
C ILE S 41 145.13 70.07 63.60
N PHE S 42 144.07 69.57 64.25
CA PHE S 42 142.81 70.30 64.35
C PHE S 42 142.95 71.55 65.21
N LEU S 43 143.83 71.53 66.21
CA LEU S 43 143.97 72.68 67.10
C LEU S 43 144.60 73.87 66.39
N THR S 44 145.66 73.64 65.60
CA THR S 44 146.30 74.75 64.91
C THR S 44 145.49 75.20 63.70
N ILE S 45 144.65 74.32 63.15
CA ILE S 45 143.75 74.73 62.08
C ILE S 45 142.65 75.61 62.64
N SER S 46 142.13 75.26 63.82
CA SER S 46 141.03 76.00 64.43
C SER S 46 141.45 77.39 64.87
N LYS S 47 142.70 77.55 65.32
CA LYS S 47 143.17 78.87 65.75
C LYS S 47 143.37 79.80 64.57
N SER S 48 143.79 79.27 63.42
CA SER S 48 144.00 80.11 62.26
C SER S 48 142.68 80.49 61.60
N ILE S 49 141.70 79.58 61.61
CA ILE S 49 140.41 79.85 61.00
C ILE S 49 139.62 80.88 61.82
N THR S 50 139.67 80.76 63.15
CA THR S 50 138.95 81.71 64.00
C THR S 50 139.59 83.10 64.02
N GLN S 51 140.81 83.24 63.52
CA GLN S 51 141.42 84.56 63.37
C GLN S 51 141.28 85.11 61.95
N ASN S 52 140.95 84.25 60.98
CA ASN S 52 140.75 84.69 59.60
C ASN S 52 139.65 83.83 58.99
N PRO S 53 138.39 84.19 59.18
CA PRO S 53 137.28 83.36 58.67
C PRO S 53 136.98 83.53 57.20
N TRP S 54 137.61 84.49 56.51
CA TRP S 54 137.32 84.75 55.11
C TRP S 54 138.56 84.61 54.24
N ASN S 55 139.49 83.74 54.65
CA ASN S 55 140.64 83.42 53.81
C ASN S 55 140.20 82.49 52.68
N GLU S 56 140.62 82.82 51.46
CA GLU S 56 140.28 82.01 50.29
C GLU S 56 141.33 80.96 49.98
N GLU S 57 142.38 80.84 50.79
CA GLU S 57 143.40 79.84 50.58
C GLU S 57 142.84 78.44 50.84
N ASN S 58 143.06 77.53 49.90
CA ASN S 58 142.42 76.23 49.93
C ASN S 58 143.16 75.19 50.76
N LEU S 59 144.35 75.51 51.28
CA LEU S 59 145.09 74.55 52.08
C LEU S 59 144.45 74.33 53.45
N LEU S 60 143.91 75.39 54.05
CA LEU S 60 143.39 75.31 55.41
C LEU S 60 142.03 74.60 55.52
N PRO S 61 140.94 75.01 54.83
CA PRO S 61 139.65 74.38 55.13
C PRO S 61 139.46 73.00 54.53
N LEU S 62 140.27 72.63 53.53
CA LEU S 62 140.16 71.30 52.94
C LEU S 62 140.63 70.24 53.92
N TRP S 63 141.63 70.56 54.74
CA TRP S 63 142.05 69.62 55.78
C TRP S 63 141.03 69.56 56.91
N LEU S 64 140.35 70.68 57.19
CA LEU S 64 139.31 70.67 58.22
C LEU S 64 138.11 69.87 57.76
N LYS S 65 137.77 69.95 56.47
CA LYS S 65 136.65 69.19 55.93
C LYS S 65 136.91 67.69 55.99
N TRP S 66 138.11 67.28 55.58
CA TRP S 66 138.39 65.85 55.49
C TRP S 66 138.74 65.26 56.86
N LEU S 67 139.11 66.10 57.83
CA LEU S 67 139.25 65.61 59.19
C LEU S 67 137.90 65.37 59.82
N LEU S 68 136.90 66.16 59.44
CA LEU S 68 135.55 66.04 59.98
C LEU S 68 134.69 65.08 59.18
N THR S 69 135.23 64.41 58.17
CA THR S 69 134.52 63.36 57.47
C THR S 69 135.20 62.00 57.56
N LEU S 70 136.44 61.95 58.03
CA LEU S 70 137.19 60.70 58.14
C LEU S 70 137.52 60.33 59.58
N LYS S 71 138.08 61.28 60.34
CA LYS S 71 138.44 61.04 61.73
C LYS S 71 137.45 61.67 62.70
N SER S 72 136.23 61.97 62.24
CA SER S 72 135.27 62.67 63.08
C SER S 72 134.65 61.77 64.14
N GLY S 73 134.84 60.46 64.03
CA GLY S 73 134.36 59.55 65.07
C GLY S 73 135.14 59.67 66.37
N GLU S 74 136.39 60.11 66.31
CA GLU S 74 137.21 60.32 67.50
C GLU S 74 137.58 61.77 67.74
N LEU S 75 137.57 62.62 66.70
CA LEU S 75 137.87 64.04 66.87
C LEU S 75 136.80 64.78 67.65
N ASN S 76 135.60 64.21 67.77
CA ASN S 76 134.54 64.80 68.58
C ASN S 76 134.93 64.84 70.06
N SER S 77 135.59 63.78 70.54
CA SER S 77 135.92 63.70 71.96
C SER S 77 137.36 63.26 72.20
N ILE S 78 138.29 63.68 71.32
CA ILE S 78 139.70 63.41 71.59
C ILE S 78 140.22 64.33 72.69
N LYS S 79 139.66 65.53 72.81
CA LYS S 79 139.99 66.45 73.88
C LYS S 79 138.69 66.99 74.47
N ASP S 80 138.76 67.39 75.74
CA ASP S 80 137.53 67.71 76.46
C ASP S 80 137.53 69.11 77.06
N LYS S 81 138.71 69.67 77.32
CA LYS S 81 138.77 70.94 78.04
C LYS S 81 138.83 72.15 77.11
N HIS S 82 139.86 72.24 76.28
CA HIS S 82 140.09 73.46 75.51
C HIS S 82 139.33 73.50 74.18
N THR S 83 139.15 72.36 73.51
CA THR S 83 138.51 72.37 72.21
C THR S 83 137.00 72.60 72.30
N LYS S 84 136.40 72.40 73.48
CA LYS S 84 134.99 72.70 73.66
C LYS S 84 134.76 74.21 73.64
N LYS S 85 135.68 74.97 74.25
CA LYS S 85 135.65 76.42 74.11
C LYS S 85 135.99 76.85 72.69
N ASN S 86 136.88 76.10 72.04
CA ASN S 86 137.27 76.42 70.66
C ASN S 86 136.13 76.17 69.69
N CYS S 87 135.40 75.07 69.88
CA CYS S 87 134.30 74.72 68.98
C CYS S 87 133.14 75.70 69.11
N LYS S 88 132.84 76.12 70.34
CA LYS S 88 131.80 77.13 70.54
C LYS S 88 132.22 78.50 70.01
N HIS S 89 133.51 78.81 70.07
CA HIS S 89 134.00 80.07 69.52
C HIS S 89 133.96 80.06 68.01
N LEU S 90 134.45 79.00 67.38
CA LEU S 90 134.58 78.98 65.93
C LEU S 90 133.26 78.71 65.22
N LYS S 91 132.27 78.15 65.92
CA LYS S 91 130.93 78.05 65.35
C LYS S 91 130.32 79.43 65.17
N SER S 92 130.47 80.30 66.17
CA SER S 92 129.98 81.66 66.06
C SER S 92 130.80 82.47 65.05
N ALA S 93 132.09 82.15 64.92
CA ALA S 93 132.91 82.80 63.90
C ALA S 93 132.49 82.38 62.50
N LEU S 94 131.95 81.17 62.36
CA LEU S 94 131.52 80.66 61.07
C LEU S 94 130.03 80.88 60.81
N ARG S 95 129.35 81.60 61.70
CA ARG S 95 127.93 81.89 61.50
C ARG S 95 127.69 82.94 60.42
N SER S 96 128.75 83.62 59.97
CA SER S 96 128.58 84.79 59.11
C SER S 96 128.11 84.41 57.71
N SER S 97 128.46 83.20 57.25
CA SER S 97 128.14 82.82 55.87
C SER S 97 126.66 82.55 55.68
N GLU S 98 126.06 81.78 56.59
CA GLU S 98 124.67 81.38 56.43
C GLU S 98 123.68 82.52 56.68
N GLU S 99 124.10 83.57 57.39
CA GLU S 99 123.27 84.75 57.54
C GLU S 99 123.53 85.79 56.45
N ILE S 100 124.53 85.58 55.60
CA ILE S 100 124.79 86.48 54.48
C ILE S 100 124.53 85.80 53.13
N LEU S 101 124.38 84.47 53.12
CA LEU S 101 124.14 83.75 51.87
C LEU S 101 122.86 84.12 51.13
N PRO S 102 121.69 84.33 51.76
CA PRO S 102 120.54 84.83 50.96
C PRO S 102 120.74 86.24 50.42
N VAL S 103 121.44 87.09 51.15
CA VAL S 103 121.68 88.46 50.67
C VAL S 103 122.72 88.46 49.55
N LEU S 104 123.81 87.70 49.72
CA LEU S 104 124.89 87.75 48.76
C LEU S 104 124.56 86.97 47.49
N LEU S 105 123.61 86.03 47.56
CA LEU S 105 123.19 85.36 46.34
C LEU S 105 122.30 86.26 45.49
N GLY S 106 121.58 87.18 46.12
CA GLY S 106 120.82 88.15 45.37
C GLY S 106 121.71 89.14 44.65
N ILE S 107 122.85 89.48 45.24
CA ILE S 107 123.76 90.47 44.66
C ILE S 107 124.37 89.95 43.37
N GLN S 108 124.85 88.72 43.38
CA GLN S 108 125.34 88.12 42.14
C GLN S 108 124.22 87.80 41.18
N GLY S 109 122.99 87.65 41.69
CA GLY S 109 121.85 87.60 40.81
C GLY S 109 121.61 88.94 40.12
N ARG S 110 121.77 90.03 40.87
CA ARG S 110 121.66 91.36 40.29
C ARG S 110 122.84 91.65 39.36
N LEU S 111 124.02 91.14 39.70
CA LEU S 111 125.21 91.39 38.91
C LEU S 111 125.26 90.50 37.68
N GLU S 112 124.42 89.47 37.63
CA GLU S 112 124.43 88.57 36.48
C GLU S 112 123.81 89.26 35.28
N MET S 113 122.69 89.96 35.48
CA MET S 113 122.01 90.61 34.36
C MET S 113 122.62 91.93 33.98
N LEU S 114 123.39 92.58 34.87
CA LEU S 114 123.60 94.02 34.73
C LEU S 114 124.62 94.30 33.64
N ARG S 115 125.53 93.36 33.41
CA ARG S 115 126.30 93.38 32.17
C ARG S 115 125.66 92.56 31.07
N ARG S 116 124.67 91.73 31.38
CA ARG S 116 123.86 91.09 30.34
C ARG S 116 122.85 92.07 29.76
N GLN S 117 122.30 92.94 30.61
CA GLN S 117 121.47 94.03 30.10
C GLN S 117 122.31 95.08 29.40
N ALA S 118 123.53 95.29 29.89
CA ALA S 118 124.48 96.14 29.18
C ALA S 118 124.92 95.50 27.87
N LYS S 119 124.95 94.16 27.82
CA LYS S 119 125.12 93.46 26.55
C LYS S 119 123.94 93.73 25.62
N LEU S 120 122.74 93.81 26.18
CA LEU S 120 121.58 94.21 25.37
C LEU S 120 121.58 95.71 25.11
N ARG S 121 122.21 96.49 25.98
CA ARG S 121 122.24 97.95 25.80
C ARG S 121 123.13 98.33 24.62
N GLU S 122 124.30 97.69 24.49
CA GLU S 122 125.20 97.99 23.38
C GLU S 122 124.66 97.47 22.05
N ASP S 123 123.72 96.52 22.07
CA ASP S 123 123.08 96.06 20.85
C ASP S 123 121.86 96.93 20.53
N SER T 1 37.56 58.26 81.75
CA SER T 1 38.49 58.89 82.69
C SER T 1 39.04 57.89 83.69
N PRO T 2 40.36 57.93 83.93
CA PRO T 2 40.96 56.98 84.87
C PRO T 2 40.64 57.26 86.33
N VAL T 3 40.25 58.48 86.68
CA VAL T 3 39.92 58.83 88.05
C VAL T 3 38.42 58.69 88.23
N LEU T 4 38.00 57.86 89.18
CA LEU T 4 36.58 57.56 89.34
C LEU T 4 35.86 58.69 90.07
N GLN T 5 36.25 58.95 91.31
CA GLN T 5 35.65 60.03 92.10
C GLN T 5 36.75 60.81 92.79
N SER T 6 36.67 62.14 92.72
CA SER T 6 37.61 63.02 93.38
C SER T 6 36.84 64.13 94.08
N ALA T 7 37.22 64.42 95.32
CA ALA T 7 36.52 65.43 96.10
C ALA T 7 37.53 66.39 96.71
N TYR T 8 37.25 67.68 96.59
CA TYR T 8 38.09 68.70 97.20
C TYR T 8 37.76 68.85 98.67
N ASP T 9 38.76 69.28 99.43
CA ASP T 9 38.51 69.73 100.79
C ASP T 9 37.84 71.10 100.73
N PRO T 10 37.20 71.54 101.82
CA PRO T 10 36.85 72.94 101.93
C PRO T 10 38.09 73.81 101.96
N SER T 11 37.96 75.02 101.39
CA SER T 11 38.96 76.06 101.21
C SER T 11 40.07 75.70 100.22
N GLY T 12 39.99 74.51 99.60
CA GLY T 12 40.80 74.18 98.45
C GLY T 12 42.30 74.04 98.67
N GLN T 13 42.74 73.02 99.38
CA GLN T 13 44.17 72.80 99.53
C GLN T 13 44.58 71.40 99.12
N TYR T 14 43.67 70.43 99.20
CA TYR T 14 43.96 69.06 98.81
C TYR T 14 42.73 68.46 98.15
N LEU T 15 42.95 67.36 97.43
CA LEU T 15 41.85 66.52 96.99
C LEU T 15 42.19 65.06 97.21
N CYS T 16 41.20 64.28 97.62
CA CYS T 16 41.32 62.83 97.69
C CYS T 16 40.64 62.25 96.46
N TYR T 17 41.38 61.48 95.68
CA TYR T 17 40.87 60.89 94.45
C TYR T 17 41.09 59.39 94.49
N VAL T 18 40.15 58.66 93.90
CA VAL T 18 40.21 57.21 93.85
C VAL T 18 40.48 56.78 92.42
N THR T 19 41.15 55.64 92.28
CA THR T 19 41.58 55.17 90.97
C THR T 19 41.74 53.66 91.00
N VAL T 20 41.72 53.06 89.81
CA VAL T 20 41.90 51.63 89.66
C VAL T 20 43.39 51.32 89.62
N ALA T 21 43.80 50.28 90.32
CA ALA T 21 45.20 49.89 90.39
C ALA T 21 45.26 48.37 90.40
N LEU T 22 45.44 47.77 89.22
CA LEU T 22 45.42 46.31 89.01
C LEU T 22 44.14 45.69 89.56
N ASP T 23 43.01 46.33 89.26
CA ASP T 23 41.67 45.97 89.74
C ASP T 23 41.60 45.92 91.27
N LYS T 24 42.31 46.84 91.92
CA LYS T 24 42.19 47.09 93.35
C LYS T 24 42.23 48.60 93.54
N GLN T 25 41.13 49.16 94.04
CA GLN T 25 41.01 50.61 94.15
C GLN T 25 41.94 51.15 95.23
N ARG T 26 42.51 52.33 94.95
CA ARG T 26 43.38 53.00 95.90
C ARG T 26 43.04 54.47 95.97
N VAL T 27 43.14 55.03 97.18
CA VAL T 27 42.76 56.41 97.47
C VAL T 27 44.02 57.16 97.87
N GLY T 28 44.22 58.33 97.27
CA GLY T 28 45.38 59.14 97.55
C GLY T 28 45.03 60.61 97.63
N VAL T 29 45.81 61.34 98.42
CA VAL T 29 45.61 62.76 98.67
C VAL T 29 46.79 63.52 98.09
N GLN T 30 46.50 64.56 97.31
CA GLN T 30 47.52 65.37 96.67
C GLN T 30 47.32 66.84 97.02
N PRO T 31 48.38 67.57 97.36
CA PRO T 31 48.25 69.03 97.48
C PRO T 31 48.03 69.66 96.11
N THR T 32 47.30 70.77 96.10
CA THR T 32 46.83 71.36 94.86
C THR T 32 47.45 72.71 94.52
N GLN T 33 48.35 73.22 95.36
CA GLN T 33 48.93 74.54 95.12
C GLN T 33 50.42 74.47 94.80
N ARG T 34 51.22 73.86 95.69
CA ARG T 34 52.69 73.80 95.63
C ARG T 34 53.33 75.18 95.46
N TRP T 44 55.81 65.63 94.16
CA TRP T 44 55.15 64.38 93.85
C TRP T 44 54.58 63.77 95.13
N ASN T 45 54.02 62.58 95.04
CA ASN T 45 53.54 61.86 96.21
C ASN T 45 53.57 60.36 95.92
N GLU T 46 53.63 59.58 96.99
CA GLU T 46 53.68 58.14 96.87
C GLU T 46 52.85 57.40 97.89
N ASN T 47 52.10 58.09 98.75
CA ASN T 47 51.37 57.46 99.83
C ASN T 47 49.91 57.28 99.42
N PHE T 48 49.44 56.03 99.45
CA PHE T 48 48.08 55.66 99.08
C PHE T 48 47.53 54.74 100.15
N LEU T 49 46.23 54.48 100.08
CA LEU T 49 45.60 53.40 100.82
C LEU T 49 45.01 52.44 99.81
N TYR T 50 45.48 51.21 99.82
CA TYR T 50 44.89 50.18 98.99
C TYR T 50 43.67 49.58 99.68
N LEU T 51 42.72 49.12 98.88
CA LEU T 51 41.59 48.35 99.38
C LEU T 51 41.93 46.87 99.21
N GLU T 52 41.87 46.12 100.31
CA GLU T 52 42.46 44.79 100.35
C GLU T 52 41.61 43.77 99.60
N ASP T 53 40.36 44.11 99.30
CA ASP T 53 39.52 43.21 98.53
C ASP T 53 39.26 43.78 97.14
N SER T 54 39.22 42.89 96.16
CA SER T 54 39.10 43.29 94.76
C SER T 54 37.67 43.57 94.34
N LYS T 55 36.69 43.34 95.21
CA LYS T 55 35.29 43.58 94.87
C LYS T 55 34.78 44.91 95.38
N LEU T 56 35.15 45.29 96.60
CA LEU T 56 34.59 46.47 97.24
C LEU T 56 35.17 47.75 96.64
N LYS T 57 34.28 48.67 96.25
CA LYS T 57 34.63 49.86 95.50
C LYS T 57 34.07 51.10 96.18
N VAL T 58 34.81 52.20 96.06
CA VAL T 58 34.43 53.45 96.72
C VAL T 58 33.34 54.13 95.91
N THR T 59 32.22 54.44 96.56
CA THR T 59 31.05 55.02 95.92
C THR T 59 30.89 56.51 96.19
N CYS T 60 31.26 56.98 97.37
CA CYS T 60 31.03 58.37 97.74
C CYS T 60 32.10 58.81 98.74
N LEU T 61 32.36 60.11 98.78
CA LEU T 61 33.56 60.65 99.40
C LEU T 61 33.29 62.04 99.94
N LYS T 62 33.87 62.35 101.11
CA LYS T 62 33.66 63.64 101.76
C LYS T 62 34.78 63.88 102.77
N TRP T 63 35.11 65.15 102.97
CA TRP T 63 36.13 65.57 103.92
C TRP T 63 35.51 65.92 105.27
N VAL T 64 36.37 66.05 106.26
CA VAL T 64 35.98 66.45 107.62
C VAL T 64 36.87 67.63 108.02
N ASN T 65 36.24 68.72 108.44
CA ASN T 65 36.99 69.89 108.91
C ASN T 65 37.26 69.81 110.41
N ASP T 70 42.79 66.36 116.44
CA ASP T 70 41.81 66.48 115.38
C ASP T 70 42.47 66.54 114.01
N THR T 71 43.04 65.42 113.59
CA THR T 71 43.69 65.34 112.29
C THR T 71 42.65 65.37 111.18
N VAL T 72 43.10 65.76 109.98
CA VAL T 72 42.22 65.82 108.83
C VAL T 72 41.91 64.40 108.36
N ALA T 73 40.62 64.11 108.20
CA ALA T 73 40.17 62.77 107.83
C ALA T 73 39.13 62.88 106.72
N ILE T 74 39.10 61.89 105.85
CA ILE T 74 38.12 61.82 104.79
C ILE T 74 37.18 60.65 105.07
N ILE T 75 36.03 60.68 104.41
CA ILE T 75 34.95 59.73 104.65
C ILE T 75 34.81 58.84 103.43
N LEU T 76 34.76 57.53 103.65
CA LEU T 76 34.64 56.55 102.58
C LEU T 76 33.42 55.66 102.85
N GLY T 77 32.26 56.10 102.37
CA GLY T 77 31.09 55.24 102.35
C GLY T 77 31.04 54.55 101.01
N MET T 78 30.92 53.23 101.03
CA MET T 78 31.26 52.49 99.82
C MET T 78 30.46 51.19 99.74
N ASN T 79 30.93 50.28 98.89
CA ASN T 79 30.12 49.17 98.39
C ASN T 79 29.93 48.10 99.46
N ASN T 80 30.96 47.85 100.27
CA ASN T 80 30.93 46.70 101.19
C ASN T 80 29.92 46.87 102.31
N GLY T 81 29.46 48.10 102.58
CA GLY T 81 28.43 48.38 103.55
C GLY T 81 28.90 49.28 104.68
N GLU T 82 30.18 49.27 104.98
CA GLU T 82 30.71 50.07 106.07
C GLU T 82 31.15 51.43 105.55
N ILE T 83 31.27 52.38 106.48
CA ILE T 83 31.75 53.72 106.19
C ILE T 83 33.08 53.87 106.89
N TRP T 84 34.14 54.11 106.11
CA TRP T 84 35.49 54.18 106.63
C TRP T 84 35.82 55.62 107.00
N LEU T 85 36.56 55.80 108.08
CA LEU T 85 37.12 57.09 108.47
C LEU T 85 38.63 57.00 108.39
N TYR T 86 39.22 57.71 107.43
CA TYR T 86 40.62 57.55 107.07
C TYR T 86 41.36 58.87 107.28
N SER T 87 42.33 58.86 108.19
CA SER T 87 43.14 60.03 108.47
C SER T 87 44.18 60.21 107.37
N VAL T 88 44.35 61.46 106.91
CA VAL T 88 45.24 61.73 105.79
C VAL T 88 46.70 61.57 106.19
N LEU T 89 47.07 62.04 107.38
CA LEU T 89 48.47 62.15 107.75
C LEU T 89 49.12 60.80 107.98
N ALA T 90 48.43 59.89 108.67
CA ALA T 90 48.89 58.52 108.86
C ALA T 90 47.97 57.61 108.05
N ASN T 91 48.56 56.83 107.14
CA ASN T 91 47.79 56.02 106.19
C ASN T 91 47.16 54.85 106.95
N GLU T 92 46.03 55.15 107.59
CA GLU T 92 45.38 54.22 108.50
C GLU T 92 43.93 54.64 108.65
N VAL T 93 43.01 53.69 108.56
CA VAL T 93 41.62 53.97 108.88
C VAL T 93 41.47 53.96 110.40
N THR T 94 40.79 54.97 110.93
CA THR T 94 40.65 55.07 112.37
C THR T 94 39.48 54.25 112.87
N TYR T 95 38.34 54.35 112.18
CA TYR T 95 37.13 53.66 112.59
C TYR T 95 36.32 53.33 111.35
N LYS T 96 35.54 52.25 111.44
CA LYS T 96 34.61 51.87 110.39
C LYS T 96 33.20 51.90 110.95
N PHE T 97 32.36 52.76 110.39
CA PHE T 97 30.96 52.84 110.77
C PHE T 97 30.18 51.80 109.97
N THR T 98 29.53 50.88 110.67
CA THR T 98 28.92 49.72 110.04
C THR T 98 27.42 49.93 109.89
N THR T 99 26.94 49.91 108.65
CA THR T 99 25.52 49.79 108.38
C THR T 99 25.06 48.39 108.78
N GLY T 100 23.87 48.32 109.41
CA GLY T 100 23.36 47.05 109.90
C GLY T 100 23.10 46.03 108.80
N ASN T 101 22.63 46.49 107.64
CA ASN T 101 22.45 45.62 106.50
C ASN T 101 23.75 45.57 105.69
N SER T 102 23.69 44.95 104.51
CA SER T 102 24.84 44.86 103.61
C SER T 102 24.41 45.45 102.28
N TYR T 103 24.55 46.77 102.14
CA TYR T 103 24.19 47.47 100.92
C TYR T 103 25.20 48.58 100.68
N GLU T 104 25.32 49.00 99.43
CA GLU T 104 26.22 50.08 99.11
C GLU T 104 25.62 51.42 99.57
N ILE T 105 26.49 52.39 99.80
CA ILE T 105 26.10 53.71 100.25
C ILE T 105 26.19 54.64 99.06
N LYS T 106 25.04 55.19 98.64
CA LYS T 106 25.02 56.01 97.45
C LYS T 106 25.55 57.41 97.71
N ASP T 107 25.34 57.96 98.90
CA ASP T 107 25.81 59.31 99.20
C ASP T 107 26.08 59.45 100.69
N ILE T 108 26.95 60.40 101.02
CA ILE T 108 27.34 60.69 102.39
C ILE T 108 27.25 62.21 102.57
N ASP T 109 27.08 62.62 103.83
CA ASP T 109 27.20 64.02 104.19
C ASP T 109 27.59 64.11 105.66
N LEU T 110 28.40 65.11 105.97
CA LEU T 110 28.83 65.33 107.35
C LEU T 110 28.78 66.81 107.66
N MET T 111 27.90 67.19 108.59
CA MET T 111 27.87 68.54 109.13
C MET T 111 27.69 68.43 110.63
N GLY T 112 28.59 69.07 111.37
CA GLY T 112 28.65 68.78 112.79
C GLY T 112 29.24 67.40 113.02
N ASN T 113 28.74 66.72 114.04
CA ASN T 113 29.12 65.34 114.31
C ASN T 113 28.10 64.34 113.79
N GLN T 114 27.12 64.79 113.02
CA GLN T 114 26.00 63.96 112.58
C GLN T 114 26.18 63.60 111.11
N LEU T 115 26.91 62.51 110.88
CA LEU T 115 27.05 61.96 109.54
C LEU T 115 25.73 61.35 109.08
N TRP T 116 25.39 61.54 107.81
CA TRP T 116 24.15 61.01 107.25
C TRP T 116 24.47 60.32 105.92
N CYS T 117 23.87 59.15 105.72
CA CYS T 117 24.14 58.35 104.53
C CYS T 117 22.86 57.69 104.03
N ILE T 118 22.91 57.25 102.77
CA ILE T 118 21.78 56.61 102.11
C ILE T 118 22.12 55.16 101.84
N ASP T 119 21.25 54.25 102.27
CA ASP T 119 21.31 52.88 101.84
C ASP T 119 20.88 52.77 100.37
N SER T 120 21.24 51.65 99.74
CA SER T 120 20.67 51.36 98.43
C SER T 120 19.18 51.02 98.51
N SER T 121 18.69 50.64 99.69
CA SER T 121 17.28 50.36 99.93
C SER T 121 16.61 51.48 100.70
N ASP T 122 16.96 52.73 100.41
CA ASP T 122 16.35 53.98 100.86
C ASP T 122 16.47 54.23 102.36
N ALA T 123 17.19 53.41 103.11
CA ALA T 123 17.23 53.56 104.56
C ALA T 123 18.24 54.66 104.93
N PHE T 124 17.75 55.73 105.55
CA PHE T 124 18.65 56.71 106.12
C PHE T 124 19.35 56.17 107.36
N TYR T 125 20.56 56.64 107.60
CA TYR T 125 21.26 56.37 108.84
C TYR T 125 21.93 57.64 109.34
N GLN T 126 22.07 57.72 110.66
CA GLN T 126 22.72 58.85 111.32
C GLN T 126 23.81 58.33 112.24
N PHE T 127 25.01 58.89 112.10
CA PHE T 127 26.16 58.42 112.85
C PHE T 127 26.78 59.57 113.62
N ASP T 128 27.25 59.27 114.83
CA ASP T 128 27.91 60.26 115.69
C ASP T 128 29.41 60.04 115.66
N LEU T 129 30.16 61.13 115.52
CA LEU T 129 31.62 61.02 115.51
C LEU T 129 32.19 60.83 116.91
N LEU T 130 31.62 61.50 117.90
CA LEU T 130 32.19 61.46 119.25
C LEU T 130 31.92 60.11 119.93
N GLN T 131 30.76 59.52 119.69
CA GLN T 131 30.39 58.27 120.35
C GLN T 131 30.65 57.05 119.47
N PHE T 132 30.90 57.25 118.17
CA PHE T 132 31.10 56.19 117.17
C PHE T 132 29.91 55.22 117.14
N LYS T 133 28.71 55.78 117.24
CA LYS T 133 27.49 55.00 117.32
C LYS T 133 26.53 55.37 116.19
N LEU T 134 25.60 54.47 115.92
CA LEU T 134 24.54 54.70 114.93
C LEU T 134 23.30 55.20 115.66
N LEU T 135 22.77 56.33 115.21
CA LEU T 135 21.68 56.96 115.94
C LEU T 135 20.34 56.28 115.65
N GLN T 136 19.90 56.32 114.39
CA GLN T 136 18.55 55.88 114.06
C GLN T 136 18.54 55.38 112.62
N HIS T 137 18.48 54.06 112.46
CA HIS T 137 18.12 53.49 111.17
C HIS T 137 16.67 53.84 110.88
N PHE T 138 16.43 54.53 109.77
CA PHE T 138 15.16 55.24 109.60
C PHE T 138 14.77 55.23 108.13
N ARG T 139 13.59 54.70 107.85
CA ARG T 139 13.05 54.61 106.49
C ARG T 139 11.84 55.53 106.34
N ILE T 140 11.48 55.77 105.08
CA ILE T 140 10.37 56.63 104.72
C ILE T 140 9.46 55.93 103.73
N ASN T 141 8.46 56.65 103.23
CA ASN T 141 7.64 56.20 102.12
C ASN T 141 7.81 57.16 100.94
N ASN T 142 7.22 56.75 99.81
CA ASN T 142 7.06 57.54 98.59
C ASN T 142 8.38 57.92 97.92
N CYS T 143 9.49 57.25 98.25
CA CYS T 143 10.77 57.43 97.56
C CYS T 143 11.39 56.04 97.40
N VAL T 144 11.11 55.40 96.27
CA VAL T 144 11.55 54.03 96.08
C VAL T 144 13.04 53.95 95.78
N GLN T 145 13.63 55.01 95.22
CA GLN T 145 15.06 55.11 95.02
C GLN T 145 15.54 56.46 95.53
N LEU T 146 16.64 56.44 96.29
CA LEU T 146 17.27 57.66 96.78
C LEU T 146 18.77 57.49 96.64
N ASN T 147 19.43 58.43 95.97
CA ASN T 147 20.85 58.26 95.67
C ASN T 147 21.73 59.46 96.01
N LYS T 148 21.18 60.61 96.36
CA LYS T 148 21.97 61.79 96.69
C LYS T 148 21.34 62.52 97.85
N LEU T 149 22.15 62.94 98.83
CA LEU T 149 21.65 63.75 99.94
C LEU T 149 22.59 64.92 100.21
N THR T 150 22.00 66.06 100.53
CA THR T 150 22.67 67.16 101.21
C THR T 150 21.74 67.68 102.30
N ILE T 151 22.33 68.28 103.33
CA ILE T 151 21.52 68.88 104.39
C ILE T 151 21.73 70.38 104.33
N VAL T 152 20.78 71.11 104.92
CA VAL T 152 20.79 72.57 104.84
C VAL T 152 21.60 73.13 106.00
N PRO T 153 22.31 74.25 105.80
CA PRO T 153 23.04 74.89 106.90
C PRO T 153 22.20 75.95 107.61
N ALA T 154 21.06 75.55 108.16
CA ALA T 154 20.16 76.48 108.82
C ALA T 154 20.72 77.01 110.13
N GLY T 155 21.70 76.33 110.71
CA GLY T 155 22.33 76.76 111.93
C GLY T 155 23.25 75.68 112.47
N ASP T 156 23.18 75.41 113.76
CA ASP T 156 23.84 74.23 114.30
C ASP T 156 22.98 72.98 114.14
N SER T 157 21.71 73.14 113.79
CA SER T 157 20.80 72.02 113.69
C SER T 157 21.07 71.21 112.43
N VAL T 158 20.42 70.04 112.38
CA VAL T 158 20.59 69.08 111.29
C VAL T 158 19.33 68.97 110.43
N ALA T 159 18.26 69.69 110.78
CA ALA T 159 16.92 69.44 110.29
C ALA T 159 16.78 69.75 108.79
N GLN T 160 15.72 69.20 108.21
CA GLN T 160 15.31 69.27 106.79
C GLN T 160 16.47 69.02 105.82
N LEU T 161 16.97 67.78 105.86
CA LEU T 161 17.89 67.32 104.83
C LEU T 161 17.17 67.19 103.49
N LEU T 162 17.89 67.46 102.41
CA LEU T 162 17.40 67.21 101.06
C LEU T 162 17.86 65.82 100.63
N VAL T 163 16.97 65.07 99.99
CA VAL T 163 17.34 63.81 99.37
C VAL T 163 16.65 63.75 98.02
N ALA T 164 17.34 63.14 97.04
CA ALA T 164 16.85 63.21 95.67
C ALA T 164 17.37 62.04 94.86
N SER T 165 16.50 61.49 94.02
CA SER T 165 16.88 60.57 92.95
C SER T 165 15.77 60.64 91.92
N HIS T 166 16.06 61.20 90.74
CA HIS T 166 15.13 61.43 89.60
C HIS T 166 13.87 62.22 89.98
N SER T 167 13.89 62.86 91.16
CA SER T 167 12.92 63.80 91.71
C SER T 167 13.53 64.27 93.03
N ILE T 168 13.21 65.47 93.50
CA ILE T 168 13.85 66.04 94.67
C ILE T 168 12.80 66.23 95.77
N SER T 169 13.16 65.84 96.99
CA SER T 169 12.25 65.94 98.12
C SER T 169 13.02 66.47 99.33
N LEU T 170 12.51 67.55 99.93
CA LEU T 170 13.02 68.00 101.22
C LEU T 170 12.30 67.28 102.34
N ILE T 171 13.07 66.66 103.23
CA ILE T 171 12.52 65.80 104.27
C ILE T 171 13.02 66.27 105.63
N ASP T 172 12.09 66.63 106.50
CA ASP T 172 12.42 67.02 107.86
C ASP T 172 12.62 65.78 108.73
N ILE T 173 13.72 65.75 109.48
CA ILE T 173 14.01 64.61 110.33
C ILE T 173 13.07 64.56 111.52
N GLU T 174 12.74 65.72 112.10
CA GLU T 174 12.05 65.78 113.38
C GLU T 174 10.63 65.24 113.29
N GLU T 175 9.91 65.57 112.23
CA GLU T 175 8.58 64.99 112.02
C GLU T 175 8.62 63.75 111.16
N LYS T 176 9.81 63.36 110.66
CA LYS T 176 10.04 62.14 109.88
C LYS T 176 9.19 62.10 108.60
N LYS T 177 9.00 63.25 107.97
CA LYS T 177 8.08 63.36 106.85
C LYS T 177 8.68 64.26 105.76
N VAL T 178 8.19 64.07 104.54
CA VAL T 178 8.60 64.94 103.44
C VAL T 178 7.81 66.25 103.51
N VAL T 179 8.53 67.36 103.35
CA VAL T 179 7.91 68.67 103.49
C VAL T 179 7.37 69.15 102.15
N MET T 180 8.23 69.24 101.14
CA MET T 180 7.81 69.73 99.84
C MET T 180 8.66 69.05 98.77
N THR T 181 7.99 68.56 97.72
CA THR T 181 8.68 67.96 96.60
C THR T 181 8.96 69.00 95.53
N PHE T 182 9.84 68.65 94.60
CA PHE T 182 10.17 69.50 93.47
C PHE T 182 10.11 68.69 92.19
N PRO T 183 9.74 69.33 91.07
CA PRO T 183 9.79 68.62 89.78
C PRO T 183 11.24 68.41 89.35
N GLY T 184 11.69 67.17 89.42
CA GLY T 184 13.09 66.86 89.21
C GLY T 184 13.50 66.80 87.76
N HIS T 185 14.30 65.79 87.42
CA HIS T 185 14.84 65.65 86.08
C HIS T 185 14.58 64.23 85.58
N VAL T 186 14.62 64.08 84.26
CA VAL T 186 14.31 62.80 83.62
C VAL T 186 15.38 61.76 83.90
N SER T 187 16.60 62.17 84.18
CA SER T 187 17.70 61.29 84.55
C SER T 187 17.89 61.31 86.07
N PRO T 188 18.61 60.33 86.62
CA PRO T 188 18.99 60.43 88.03
C PRO T 188 19.87 61.63 88.30
N VAL T 189 19.69 62.24 89.47
CA VAL T 189 20.43 63.45 89.81
C VAL T 189 21.87 63.10 90.18
N SER T 190 22.82 63.85 89.62
CA SER T 190 24.23 63.65 89.91
C SER T 190 24.75 64.64 90.93
N THR T 191 24.51 65.93 90.72
CA THR T 191 24.98 66.98 91.60
C THR T 191 23.79 67.59 92.34
N LEU T 192 23.87 67.60 93.67
CA LEU T 192 22.83 68.19 94.48
C LEU T 192 23.51 68.88 95.66
N GLN T 193 23.70 70.19 95.54
CA GLN T 193 24.38 70.97 96.57
C GLN T 193 23.53 72.17 96.91
N VAL T 194 23.50 72.53 98.20
CA VAL T 194 22.88 73.78 98.60
C VAL T 194 23.92 74.89 98.42
N ILE T 195 23.45 76.08 98.07
CA ILE T 195 24.37 77.18 97.77
C ILE T 195 24.18 78.29 98.79
N THR T 196 22.99 78.87 98.80
CA THR T 196 22.60 79.82 99.83
C THR T 196 21.53 79.19 100.70
N ASN T 197 20.96 79.97 101.61
CA ASN T 197 19.96 79.44 102.53
C ASN T 197 18.59 79.24 101.90
N GLU T 198 18.40 79.69 100.66
CA GLU T 198 17.10 79.57 100.01
C GLU T 198 17.15 78.94 98.63
N PHE T 199 18.31 78.64 98.08
CA PHE T 199 18.44 78.06 96.76
C PHE T 199 19.44 76.92 96.78
N PHE T 200 19.11 75.83 96.09
CA PHE T 200 20.02 74.70 95.95
C PHE T 200 20.08 74.27 94.49
N ILE T 201 21.27 73.91 94.04
CA ILE T 201 21.50 73.51 92.66
C ILE T 201 21.07 72.05 92.51
N SER T 202 20.66 71.67 91.30
CA SER T 202 20.31 70.29 91.01
C SER T 202 20.70 69.98 89.57
N GLY T 203 21.38 68.85 89.38
CA GLY T 203 21.82 68.45 88.06
C GLY T 203 21.75 66.96 87.85
N ALA T 204 21.31 66.54 86.68
CA ALA T 204 21.09 65.14 86.40
C ALA T 204 22.36 64.51 85.83
N GLU T 205 22.26 63.25 85.40
CA GLU T 205 23.36 62.55 84.75
C GLU T 205 23.18 62.64 83.24
N GLY T 206 24.21 63.12 82.56
CA GLY T 206 24.13 63.27 81.12
C GLY T 206 23.23 64.39 80.66
N ASP T 207 22.90 65.32 81.54
CA ASP T 207 22.03 66.45 81.23
C ASP T 207 22.83 67.74 81.29
N ARG T 208 22.56 68.64 80.34
CA ARG T 208 23.24 69.91 80.24
C ARG T 208 22.52 71.03 80.97
N PHE T 209 21.72 70.70 81.98
CA PHE T 209 20.86 71.67 82.64
C PHE T 209 21.07 71.63 84.15
N LEU T 210 21.05 72.81 84.77
CA LEU T 210 21.14 72.95 86.21
C LEU T 210 20.06 73.92 86.68
N ASN T 211 19.38 73.55 87.76
CA ASN T 211 18.28 74.36 88.28
C ASN T 211 18.58 74.76 89.72
N VAL T 212 18.35 76.03 90.03
CA VAL T 212 18.42 76.53 91.40
C VAL T 212 16.98 76.56 91.92
N TYR T 213 16.56 75.45 92.53
CA TYR T 213 15.23 75.36 93.09
C TYR T 213 15.16 76.08 94.43
N ASP T 214 14.05 76.75 94.67
CA ASP T 214 13.84 77.42 95.94
C ASP T 214 13.44 76.40 97.01
N ILE T 215 14.04 76.53 98.19
CA ILE T 215 13.71 75.64 99.29
C ILE T 215 12.40 76.04 99.98
N HIS T 216 11.92 77.26 99.75
CA HIS T 216 10.70 77.73 100.36
C HIS T 216 9.57 77.95 99.36
N SER T 217 9.89 78.53 98.21
CA SER T 217 8.84 78.76 97.20
C SER T 217 8.50 77.48 96.46
N GLY T 218 9.50 76.64 96.17
CA GLY T 218 9.32 75.48 95.33
C GLY T 218 9.48 75.73 93.85
N MET T 219 9.28 76.96 93.39
CA MET T 219 9.50 77.32 92.01
C MET T 219 10.99 77.55 91.76
N THR T 220 11.47 77.10 90.60
CA THR T 220 12.84 77.35 90.21
C THR T 220 13.05 78.85 89.96
N LYS T 221 14.15 79.39 90.51
CA LYS T 221 14.47 80.79 90.28
C LYS T 221 14.90 81.02 88.84
N CYS T 222 15.83 80.20 88.36
CA CYS T 222 16.25 80.20 86.96
C CYS T 222 16.86 78.84 86.67
N VAL T 223 17.20 78.62 85.41
CA VAL T 223 17.84 77.40 84.99
C VAL T 223 19.19 77.75 84.35
N LEU T 224 20.19 76.94 84.62
CA LEU T 224 21.53 77.15 84.10
C LEU T 224 21.82 76.09 83.07
N VAL T 225 22.07 76.52 81.83
CA VAL T 225 22.42 75.60 80.75
C VAL T 225 23.92 75.64 80.54
N ALA T 226 24.48 74.51 80.16
CA ALA T 226 25.89 74.41 79.81
C ALA T 226 26.03 74.31 78.30
N GLU T 227 27.24 74.02 77.83
CA GLU T 227 27.44 73.65 76.43
C GLU T 227 27.41 72.15 76.21
N SER T 228 27.74 71.36 77.22
CA SER T 228 27.74 69.91 77.11
C SER T 228 27.20 69.33 78.42
N ASP T 229 27.26 68.01 78.53
CA ASP T 229 26.75 67.31 79.71
C ASP T 229 27.61 67.61 80.93
N ILE T 230 27.00 67.48 82.10
CA ILE T 230 27.54 68.01 83.35
C ILE T 230 28.01 66.85 84.22
N LYS T 231 29.26 66.94 84.68
CA LYS T 231 29.87 65.90 85.49
C LYS T 231 30.13 66.36 86.93
N GLU T 232 30.87 67.45 87.10
CA GLU T 232 31.27 67.90 88.42
C GLU T 232 30.95 69.38 88.58
N LEU T 233 30.69 69.77 89.83
CA LEU T 233 30.27 71.13 90.14
C LEU T 233 30.87 71.56 91.47
N SER T 234 31.30 72.81 91.53
CA SER T 234 31.67 73.44 92.79
C SER T 234 31.22 74.90 92.73
N HIS T 235 31.01 75.48 93.90
CA HIS T 235 30.41 76.81 93.98
C HIS T 235 31.13 77.63 95.03
N SER T 236 31.13 78.94 94.83
CA SER T 236 31.61 79.85 95.85
C SER T 236 30.58 79.99 96.97
N GLY T 237 31.07 80.35 98.16
CA GLY T 237 30.20 80.41 99.32
C GLY T 237 29.21 81.56 99.32
N GLN T 238 29.48 82.61 98.55
CA GLN T 238 28.62 83.78 98.50
C GLN T 238 27.69 83.78 97.30
N ALA T 239 27.59 82.65 96.58
CA ALA T 239 26.66 82.42 95.48
C ALA T 239 26.86 83.40 94.33
N ASP T 240 28.08 83.87 94.12
CA ASP T 240 28.39 84.75 93.00
C ASP T 240 29.01 84.00 91.83
N SER T 241 29.57 82.83 92.05
CA SER T 241 30.21 82.06 90.99
C SER T 241 29.89 80.59 91.17
N ILE T 242 29.53 79.93 90.06
CA ILE T 242 29.36 78.49 90.01
C ILE T 242 30.31 77.94 88.97
N ALA T 243 31.20 77.05 89.38
CA ALA T 243 32.21 76.46 88.50
C ALA T 243 31.83 75.02 88.23
N VAL T 244 31.38 74.74 87.01
CA VAL T 244 30.87 73.43 86.64
C VAL T 244 31.79 72.81 85.60
N THR T 245 32.26 71.60 85.89
CA THR T 245 33.17 70.89 84.99
C THR T 245 32.35 69.92 84.16
N THR T 246 32.39 70.07 82.84
CA THR T 246 31.62 69.23 81.95
C THR T 246 32.30 67.87 81.79
N GLU T 247 31.58 66.95 81.14
CA GLU T 247 32.06 65.58 81.00
C GLU T 247 33.15 65.45 79.94
N ASP T 248 33.04 66.20 78.83
CA ASP T 248 34.01 66.09 77.74
C ASP T 248 35.35 66.70 78.11
N GLY T 249 35.40 67.56 79.11
CA GLY T 249 36.62 68.17 79.57
C GLY T 249 36.72 69.61 79.13
N SER T 250 36.29 70.50 80.03
CA SER T 250 36.29 71.95 79.89
C SER T 250 35.77 72.50 81.22
N LEU T 251 35.66 73.81 81.33
CA LEU T 251 35.10 74.38 82.55
C LEU T 251 34.35 75.66 82.20
N GLU T 252 33.12 75.75 82.67
CA GLU T 252 32.31 76.95 82.53
C GLU T 252 32.13 77.57 83.90
N ILE T 253 32.18 78.89 83.97
CA ILE T 253 31.93 79.62 85.20
C ILE T 253 30.85 80.66 84.92
N PHE T 254 29.75 80.58 85.66
CA PHE T 254 28.72 81.60 85.59
C PHE T 254 28.95 82.60 86.70
N VAL T 255 28.96 83.88 86.36
CA VAL T 255 29.08 84.96 87.33
C VAL T 255 27.69 85.46 87.67
N ASP T 256 27.37 85.48 88.98
CA ASP T 256 26.09 85.87 89.56
C ASP T 256 24.92 85.10 88.94
N PRO T 257 24.74 83.82 89.28
CA PRO T 257 23.62 83.07 88.73
C PRO T 257 22.25 83.56 89.20
N LEU T 258 22.18 84.24 90.34
CA LEU T 258 20.92 84.69 90.91
C LEU T 258 20.53 86.09 90.46
N VAL T 259 21.32 86.74 89.63
CA VAL T 259 20.98 88.08 89.16
C VAL T 259 19.92 87.97 88.07
N SER T 260 19.20 89.06 87.85
CA SER T 260 18.11 89.07 86.87
C SER T 260 18.34 90.14 85.80
N GLY T 267 19.22 84.86 78.20
CA GLY T 267 17.83 85.06 78.54
C GLY T 267 17.60 85.21 80.03
N ASN T 268 16.37 85.60 80.39
CA ASN T 268 16.05 85.77 81.80
C ASN T 268 15.89 84.43 82.50
N LYS T 269 15.22 83.48 81.87
CA LYS T 269 14.96 82.19 82.51
C LYS T 269 16.18 81.27 82.44
N SER T 270 16.87 81.27 81.30
CA SER T 270 18.03 80.40 81.09
C SER T 270 19.27 81.25 80.97
N LYS T 271 20.31 80.89 81.72
CA LYS T 271 21.58 81.60 81.68
C LYS T 271 22.64 80.66 81.11
N LYS T 272 23.37 81.16 80.11
CA LYS T 272 24.38 80.34 79.44
C LYS T 272 25.72 80.51 80.15
N SER T 273 26.78 79.96 79.55
CA SER T 273 28.10 80.06 80.14
C SER T 273 28.64 81.47 79.99
N SER T 274 29.03 82.08 81.11
CA SER T 274 29.61 83.41 81.06
C SER T 274 31.03 83.36 80.51
N LYS T 275 31.91 82.61 81.19
CA LYS T 275 33.27 82.41 80.73
C LYS T 275 33.52 80.92 80.59
N LYS T 276 34.46 80.58 79.72
CA LYS T 276 34.81 79.20 79.42
C LYS T 276 36.31 79.03 79.57
N ILE T 277 36.73 77.93 80.21
CA ILE T 277 38.14 77.62 80.39
C ILE T 277 38.39 76.22 79.88
N GLN T 278 39.27 76.08 78.90
CA GLN T 278 39.73 74.79 78.41
C GLN T 278 41.22 74.69 78.65
N ILE T 279 41.72 73.45 78.66
CA ILE T 279 43.16 73.20 78.76
C ILE T 279 43.55 72.38 77.54
N VAL T 280 44.41 72.96 76.70
CA VAL T 280 44.86 72.35 75.46
C VAL T 280 46.37 72.31 75.48
N SER T 281 46.94 71.14 75.21
CA SER T 281 48.39 70.97 75.22
C SER T 281 49.02 71.71 74.04
N LYS T 282 50.34 71.86 74.11
CA LYS T 282 51.06 72.70 73.15
C LYS T 282 51.13 72.08 71.76
N ASP T 283 51.00 70.75 71.66
CA ASP T 283 51.07 70.09 70.37
C ASP T 283 49.77 70.14 69.59
N GLY T 284 48.71 70.70 70.16
CA GLY T 284 47.40 70.73 69.54
C GLY T 284 46.41 69.72 70.07
N ARG T 285 46.86 68.78 70.89
CA ARG T 285 45.97 67.80 71.49
C ARG T 285 45.17 68.44 72.62
N LYS T 286 43.99 67.90 72.85
CA LYS T 286 43.11 68.37 73.93
C LYS T 286 43.36 67.54 75.19
N VAL T 287 43.16 68.18 76.33
CA VAL T 287 43.44 67.59 77.64
C VAL T 287 42.16 67.66 78.46
N PRO T 288 41.66 66.55 79.01
CA PRO T 288 40.39 66.59 79.73
C PRO T 288 40.52 67.28 81.08
N ILE T 289 39.40 67.79 81.56
CA ILE T 289 39.31 68.51 82.83
C ILE T 289 38.35 67.78 83.75
N TYR T 290 38.77 67.58 84.99
CA TYR T 290 37.90 67.06 86.02
C TYR T 290 38.12 67.86 87.30
N ASN T 291 37.02 68.06 88.05
CA ASN T 291 37.03 68.56 89.43
C ASN T 291 37.69 69.93 89.55
N ALA T 292 37.02 70.94 89.00
CA ALA T 292 37.48 72.29 89.24
C ALA T 292 37.06 72.76 90.62
N PHE T 293 37.69 73.84 91.08
CA PHE T 293 37.39 74.45 92.37
C PHE T 293 37.38 75.95 92.19
N ILE T 294 36.51 76.63 92.93
CA ILE T 294 36.43 78.08 92.88
C ILE T 294 36.36 78.62 94.30
N ASN T 295 36.82 79.86 94.47
CA ASN T 295 36.83 80.56 95.75
C ASN T 295 36.75 82.05 95.44
N LYS T 296 37.13 82.88 96.41
CA LYS T 296 37.17 84.33 96.21
C LYS T 296 38.31 84.65 95.25
N ASP T 297 37.95 84.88 93.98
CA ASP T 297 38.85 85.26 92.89
C ASP T 297 39.95 84.23 92.62
N LEU T 298 39.73 82.98 93.02
CA LEU T 298 40.72 81.92 92.86
C LEU T 298 40.05 80.73 92.20
N LEU T 299 40.66 80.23 91.13
CA LEU T 299 40.21 79.02 90.48
C LEU T 299 41.36 78.03 90.45
N ASN T 300 41.03 76.75 90.64
CA ASN T 300 42.03 75.68 90.69
C ASN T 300 41.56 74.58 89.75
N VAL T 301 41.94 74.68 88.48
CA VAL T 301 41.58 73.67 87.50
C VAL T 301 42.51 72.47 87.70
N SER T 302 41.94 71.27 87.61
CA SER T 302 42.69 70.04 87.80
C SER T 302 42.57 69.16 86.57
N TRP T 303 43.64 68.46 86.25
CA TRP T 303 43.65 67.52 85.14
C TRP T 303 44.68 66.45 85.43
N LEU T 304 44.77 65.47 84.53
CA LEU T 304 45.68 64.34 84.67
C LEU T 304 46.83 64.50 83.70
N GLN T 305 48.03 64.73 84.23
CA GLN T 305 49.22 64.86 83.41
C GLN T 305 49.62 63.52 82.81
N ASN T 306 49.94 62.57 83.68
CA ASN T 306 50.14 61.18 83.28
C ASN T 306 48.78 60.49 83.38
N ALA T 307 48.77 59.16 83.35
CA ALA T 307 47.50 58.44 83.37
C ALA T 307 46.79 58.52 84.71
N THR T 308 47.53 58.76 85.80
CA THR T 308 46.91 58.83 87.12
C THR T 308 47.33 60.05 87.92
N MET T 309 48.51 60.59 87.63
CA MET T 309 49.06 61.68 88.43
C MET T 309 48.31 62.98 88.14
N PRO T 310 47.72 63.62 89.14
CA PRO T 310 46.96 64.85 88.88
C PRO T 310 47.81 66.11 88.95
N TYR T 311 47.63 67.01 87.99
CA TYR T 311 48.34 68.27 87.95
C TYR T 311 47.34 69.42 88.09
N PHE T 312 47.82 70.54 88.64
CA PHE T 312 46.94 71.63 89.03
C PHE T 312 47.51 72.96 88.54
N LYS T 313 46.66 73.98 88.58
CA LYS T 313 47.04 75.32 88.16
C LYS T 313 46.11 76.32 88.85
N ASN T 314 46.68 77.22 89.64
CA ASN T 314 45.91 78.33 90.18
C ASN T 314 45.90 79.49 89.19
N LEU T 315 44.76 80.15 89.06
CA LEU T 315 44.62 81.23 88.08
C LEU T 315 43.48 82.13 88.51
N GLN T 316 43.71 83.43 88.44
CA GLN T 316 42.68 84.41 88.74
C GLN T 316 41.75 84.52 87.55
N TRP T 317 40.45 84.36 87.80
CA TRP T 317 39.49 84.12 86.73
C TRP T 317 38.63 85.33 86.40
N ARG T 318 38.92 86.50 86.95
CA ARG T 318 38.12 87.67 86.61
C ARG T 318 38.71 88.47 85.45
N GLU T 319 40.04 88.59 85.38
CA GLU T 319 40.69 89.25 84.26
C GLU T 319 40.73 88.38 83.02
N ILE T 320 40.42 87.09 83.15
CA ILE T 320 40.42 86.17 82.02
C ILE T 320 39.23 86.47 81.12
N PRO T 321 39.41 86.49 79.78
CA PRO T 321 38.29 86.81 78.89
C PRO T 321 37.22 85.74 78.82
N ASN T 322 36.21 85.96 77.97
CA ASN T 322 35.04 85.08 77.93
C ASN T 322 35.38 83.71 77.35
N GLU T 323 36.41 83.62 76.52
CA GLU T 323 36.94 82.35 76.07
C GLU T 323 38.42 82.29 76.42
N TYR T 324 38.88 81.14 76.88
CA TYR T 324 40.26 81.01 77.34
C TYR T 324 40.74 79.59 77.14
N THR T 325 41.98 79.44 76.72
CA THR T 325 42.64 78.15 76.59
C THR T 325 43.94 78.20 77.39
N VAL T 326 43.97 77.49 78.52
CA VAL T 326 45.22 77.31 79.24
C VAL T 326 46.09 76.36 78.44
N GLU T 327 47.34 76.75 78.22
CA GLU T 327 48.27 75.94 77.45
C GLU T 327 49.35 75.38 78.38
N ILE T 328 49.56 74.08 78.32
CA ILE T 328 50.55 73.39 79.14
C ILE T 328 51.54 72.68 78.25
N SER T 329 52.50 71.97 78.85
CA SER T 329 53.61 71.36 78.12
C SER T 329 53.65 69.86 78.39
N LEU T 330 52.91 69.10 77.58
CA LEU T 330 53.10 67.67 77.51
C LEU T 330 54.33 67.37 76.65
N ASN T 331 55.10 66.37 77.06
CA ASN T 331 56.23 65.93 76.26
C ASN T 331 55.70 65.10 75.09
N TRP T 332 55.20 65.76 74.05
CA TRP T 332 54.55 65.06 72.95
C TRP T 332 55.57 64.45 72.01
N ASN T 333 56.55 65.24 71.58
CA ASN T 333 57.59 64.77 70.68
C ASN T 333 58.94 65.29 71.15
N ASN T 334 59.10 65.36 72.47
CA ASN T 334 60.27 65.99 73.07
C ASN T 334 61.52 65.14 72.87
N LYS T 335 62.57 65.77 72.37
CA LYS T 335 63.87 65.12 72.28
C LYS T 335 64.48 65.00 73.66
N ASN T 336 65.09 63.87 73.95
CA ASN T 336 65.60 63.60 75.30
C ASN T 336 66.97 64.24 75.43
N LYS T 337 66.98 65.48 75.91
CA LYS T 337 68.25 66.09 76.31
C LYS T 337 68.75 65.45 77.59
N SER T 338 70.07 65.38 77.72
CA SER T 338 70.69 64.75 78.87
C SER T 338 71.68 65.71 79.50
N ALA T 339 71.84 65.57 80.83
CA ALA T 339 72.81 66.40 81.53
C ALA T 339 74.24 66.03 81.18
N ASP T 340 74.52 64.72 81.09
CA ASP T 340 75.86 64.27 80.71
C ASP T 340 76.13 64.53 79.23
N ARG T 341 75.17 64.21 78.37
CA ARG T 341 75.39 64.25 76.93
C ARG T 341 75.30 65.68 76.41
N ASP T 342 76.03 65.93 75.33
CA ASP T 342 75.91 67.16 74.56
C ASP T 342 74.73 67.05 73.59
N LEU T 343 74.69 67.95 72.60
CA LEU T 343 73.70 67.85 71.53
C LEU T 343 73.89 66.59 70.70
N HIS T 344 75.08 66.02 70.65
CA HIS T 344 75.35 64.86 69.79
C HIS T 344 76.38 63.97 70.47
N GLY T 345 75.90 63.01 71.26
CA GLY T 345 76.73 61.91 71.73
C GLY T 345 77.75 62.23 72.80
N LYS T 346 78.65 63.19 72.54
CA LYS T 346 79.81 63.39 73.37
C LYS T 346 79.45 64.07 74.69
N ASP T 347 80.41 64.06 75.62
CA ASP T 347 80.26 64.72 76.89
C ASP T 347 80.66 66.19 76.77
N LEU T 348 80.29 66.99 77.77
CA LEU T 348 80.71 68.37 77.80
C LEU T 348 82.01 68.60 78.57
N ALA T 349 82.52 67.58 79.25
CA ALA T 349 83.89 67.59 79.74
C ALA T 349 84.85 66.96 78.74
N SER T 350 84.34 66.38 77.67
CA SER T 350 85.19 65.94 76.58
C SER T 350 85.69 67.15 75.82
N ALA T 351 87.00 67.29 75.73
CA ALA T 351 87.58 68.43 75.02
C ALA T 351 87.35 68.27 73.53
N THR T 352 86.72 69.26 72.92
CA THR T 352 86.38 69.21 71.51
C THR T 352 87.66 69.31 70.68
N ASN T 353 87.96 68.25 69.94
CA ASN T 353 89.23 68.14 69.25
C ASN T 353 89.31 69.07 68.06
N TYR T 354 90.52 69.50 67.74
CA TYR T 354 90.72 70.42 66.63
C TYR T 354 90.56 69.69 65.31
N VAL T 355 89.75 70.25 64.42
CA VAL T 355 89.58 69.73 63.07
C VAL T 355 89.87 70.86 62.09
N GLU T 356 90.83 70.62 61.20
CA GLU T 356 91.15 71.62 60.18
C GLU T 356 90.02 71.74 59.17
N GLY T 357 89.55 70.61 58.65
CA GLY T 357 88.39 70.62 57.78
C GLY T 357 88.72 71.22 56.42
N ASN T 358 87.85 72.14 55.99
CA ASN T 358 87.98 72.82 54.71
C ASN T 358 88.63 74.19 54.84
N ALA T 359 89.57 74.33 55.78
CA ALA T 359 90.20 75.62 56.02
C ALA T 359 91.20 75.93 54.92
N ARG T 360 91.13 77.15 54.40
CA ARG T 360 92.11 77.60 53.42
C ARG T 360 93.44 77.91 54.13
N VAL T 361 94.52 77.37 53.60
CA VAL T 361 95.85 77.57 54.16
C VAL T 361 96.64 78.42 53.17
N THR T 362 97.12 79.56 53.64
CA THR T 362 97.88 80.50 52.82
C THR T 362 99.27 80.67 53.41
N SER T 363 100.03 81.62 52.86
CA SER T 363 101.34 81.99 53.34
C SER T 363 101.35 83.47 53.69
N GLY T 364 102.41 83.89 54.37
CA GLY T 364 102.55 85.29 54.73
C GLY T 364 102.97 86.20 53.60
N ASP T 365 103.40 85.64 52.47
CA ASP T 365 103.86 86.40 51.34
C ASP T 365 102.83 86.51 50.22
N ASN T 366 101.73 85.78 50.30
CA ASN T 366 100.77 85.71 49.21
C ASN T 366 99.92 86.98 49.13
N PHE T 367 100.42 87.99 48.42
CA PHE T 367 99.70 89.23 48.25
C PHE T 367 98.52 89.03 47.30
N LYS T 368 97.45 89.79 47.55
CA LYS T 368 96.26 89.69 46.69
C LYS T 368 95.51 91.01 46.81
N HIS T 369 95.60 91.82 45.74
CA HIS T 369 95.03 93.18 45.67
C HIS T 369 95.53 94.07 46.81
N VAL T 370 96.80 93.92 47.14
CA VAL T 370 97.39 94.66 48.25
C VAL T 370 97.78 96.05 47.80
N THR T 432 114.39 87.06 13.82
CA THR T 432 115.13 85.83 13.51
C THR T 432 114.25 84.61 13.73
N GLY T 433 113.01 84.68 13.26
CA GLY T 433 112.06 83.59 13.42
C GLY T 433 111.49 83.49 14.82
N THR T 434 110.78 84.54 15.24
CA THR T 434 110.24 84.61 16.58
C THR T 434 108.84 83.99 16.63
N VAL T 435 108.23 84.00 17.81
CA VAL T 435 106.85 83.55 18.00
C VAL T 435 106.08 84.61 18.77
N THR T 436 106.39 85.88 18.54
CA THR T 436 105.86 86.98 19.35
C THR T 436 104.34 87.09 19.22
N VAL T 437 103.83 87.12 17.99
CA VAL T 437 102.41 87.37 17.78
C VAL T 437 101.56 86.18 18.24
N ILE T 438 102.07 84.96 18.10
CA ILE T 438 101.31 83.81 18.56
C ILE T 438 101.42 83.67 20.08
N LEU T 439 102.39 84.33 20.70
CA LEU T 439 102.42 84.41 22.15
C LEU T 439 101.53 85.53 22.65
N SER T 440 101.50 86.65 21.92
CA SER T 440 100.63 87.77 22.31
C SER T 440 99.16 87.42 22.09
N GLN T 441 98.88 86.62 21.07
CA GLN T 441 97.52 86.11 20.88
C GLN T 441 97.14 85.15 22.01
N ALA T 442 98.11 84.37 22.49
CA ALA T 442 97.86 83.40 23.55
C ALA T 442 97.87 84.03 24.94
N LEU T 443 98.18 85.33 25.04
CA LEU T 443 98.10 86.02 26.33
C LEU T 443 96.96 87.02 26.39
N GLN T 444 96.58 87.61 25.25
CA GLN T 444 95.39 88.45 25.21
C GLN T 444 94.13 87.63 25.46
N SER T 445 94.05 86.45 24.84
CA SER T 445 93.08 85.45 25.24
C SER T 445 93.73 84.50 26.24
N ASN T 446 92.91 83.80 27.01
CA ASN T 446 93.41 82.88 28.02
C ASN T 446 93.47 81.46 27.47
N ASP T 447 94.24 81.30 26.39
CA ASP T 447 94.36 80.03 25.69
C ASP T 447 95.61 79.32 26.21
N HIS T 448 95.44 78.59 27.31
CA HIS T 448 96.58 77.90 27.93
C HIS T 448 97.00 76.68 27.12
N SER T 449 96.11 76.19 26.25
CA SER T 449 96.47 75.06 25.40
C SER T 449 97.39 75.46 24.26
N LEU T 450 97.56 76.76 24.01
CA LEU T 450 98.48 77.25 23.01
C LEU T 450 99.72 77.90 23.58
N LEU T 451 99.67 78.39 24.83
CA LEU T 451 100.83 78.99 25.48
C LEU T 451 101.94 77.97 25.69
N GLU T 452 101.57 76.72 25.99
CA GLU T 452 102.56 75.68 26.19
C GLU T 452 103.25 75.32 24.88
N THR T 453 102.52 75.40 23.76
CA THR T 453 103.11 75.15 22.46
C THR T 453 104.13 76.22 22.08
N VAL T 454 103.89 77.46 22.49
CA VAL T 454 104.89 78.51 22.32
C VAL T 454 106.08 78.25 23.25
N LEU T 455 105.80 77.76 24.44
CA LEU T 455 106.82 77.64 25.48
C LEU T 455 107.67 76.37 25.36
N ASN T 456 107.41 75.52 24.37
CA ASN T 456 108.21 74.32 24.20
C ASN T 456 109.61 74.62 23.69
N ASN T 457 109.83 75.78 23.07
CA ASN T 457 111.12 76.11 22.51
C ASN T 457 112.11 76.43 23.63
N ARG T 458 113.38 76.03 23.42
CA ARG T 458 114.43 76.24 24.40
C ARG T 458 115.67 76.87 23.78
N ASP T 459 115.59 77.35 22.56
CA ASP T 459 116.69 78.04 21.91
C ASP T 459 116.77 79.45 22.47
N GLU T 460 117.85 79.75 23.21
CA GLU T 460 117.89 80.93 24.05
C GLU T 460 117.96 82.22 23.25
N ARG T 461 118.50 82.18 22.03
CA ARG T 461 118.51 83.39 21.21
C ARG T 461 117.11 83.74 20.72
N VAL T 462 116.27 82.73 20.50
CA VAL T 462 114.88 82.98 20.14
C VAL T 462 114.11 83.57 21.32
N ILE T 463 114.46 83.12 22.54
CA ILE T 463 113.81 83.64 23.74
C ILE T 463 114.14 85.12 23.95
N ARG T 464 115.37 85.51 23.60
CA ARG T 464 115.74 86.92 23.64
C ARG T 464 114.95 87.74 22.63
N ASP T 465 114.80 87.22 21.41
CA ASP T 465 114.19 87.99 20.34
C ASP T 465 112.67 88.08 20.50
N THR T 466 112.07 87.13 21.22
CA THR T 466 110.62 87.19 21.41
C THR T 466 110.24 88.25 22.42
N ILE T 467 111.01 88.39 23.51
CA ILE T 467 110.73 89.40 24.51
C ILE T 467 111.06 90.79 23.97
N PHE T 468 111.99 90.87 23.01
CA PHE T 468 112.35 92.13 22.38
C PHE T 468 111.13 92.71 21.65
N ARG T 469 110.51 91.90 20.80
CA ARG T 469 109.29 92.32 20.11
C ARG T 469 108.05 91.85 20.86
N LEU T 470 107.99 92.14 22.16
CA LEU T 470 106.84 91.80 22.98
C LEU T 470 106.20 93.07 23.49
N LYS T 471 104.88 93.12 23.50
CA LYS T 471 104.17 94.26 24.05
C LYS T 471 104.38 94.32 25.55
N PRO T 472 104.76 95.50 26.09
CA PRO T 472 105.03 95.58 27.53
C PRO T 472 103.81 95.42 28.40
N ALA T 473 102.62 95.69 27.89
CA ALA T 473 101.40 95.43 28.65
C ALA T 473 101.14 93.94 28.77
N LEU T 474 101.49 93.16 27.74
CA LEU T 474 101.31 91.72 27.78
C LEU T 474 102.41 90.99 28.55
N ALA T 475 103.52 91.67 28.85
CA ALA T 475 104.61 91.02 29.57
C ALA T 475 104.23 90.77 31.03
N VAL T 476 103.42 91.65 31.62
CA VAL T 476 102.95 91.47 32.99
C VAL T 476 102.03 90.26 33.06
N ILE T 477 101.24 90.03 32.01
CA ILE T 477 100.41 88.83 31.93
C ILE T 477 101.28 87.59 31.76
N LEU T 478 102.40 87.72 31.03
CA LEU T 478 103.30 86.60 30.83
C LEU T 478 103.98 86.18 32.12
N LEU T 479 104.30 87.15 32.98
CA LEU T 479 104.94 86.83 34.26
C LEU T 479 103.98 86.14 35.20
N GLU T 480 102.68 86.45 35.10
CA GLU T 480 101.70 85.78 35.95
C GLU T 480 101.48 84.34 35.48
N ARG T 481 101.49 84.12 34.16
CA ARG T 481 101.26 82.76 33.65
C ARG T 481 102.50 81.90 33.84
N LEU T 482 103.68 82.48 33.73
CA LEU T 482 104.91 81.72 34.00
C LEU T 482 105.03 81.38 35.48
N ALA T 483 104.53 82.25 36.35
CA ALA T 483 104.59 82.00 37.79
C ALA T 483 103.66 80.87 38.19
N GLU T 484 102.52 80.75 37.52
CA GLU T 484 101.59 79.67 37.83
C GLU T 484 102.11 78.33 37.36
N ARG T 485 102.93 78.32 36.31
CA ARG T 485 103.46 77.05 35.82
C ARG T 485 104.68 76.61 36.61
N ILE T 486 105.48 77.55 37.12
CA ILE T 486 106.61 77.14 37.95
C ILE T 486 106.15 76.76 39.35
N ALA T 487 105.02 77.31 39.81
CA ALA T 487 104.50 76.90 41.11
C ALA T 487 103.87 75.51 41.03
N ARG T 488 103.09 75.25 39.99
CA ARG T 488 102.47 73.94 39.82
C ARG T 488 103.49 72.87 39.48
N GLN T 489 104.35 73.12 38.51
CA GLN T 489 105.31 72.13 38.04
C GLN T 489 106.69 72.51 38.56
N THR T 490 107.14 71.81 39.60
CA THR T 490 108.46 72.09 40.17
C THR T 490 109.58 71.59 39.27
N HIS T 491 109.31 70.61 38.42
CA HIS T 491 110.32 70.16 37.47
C HIS T 491 110.50 71.14 36.32
N ARG T 492 109.54 72.03 36.09
CA ARG T 492 109.62 73.03 35.03
C ARG T 492 110.31 74.30 35.48
N GLN T 493 111.10 74.24 36.55
CA GLN T 493 111.90 75.38 36.97
C GLN T 493 113.16 75.54 36.12
N GLY T 494 113.49 74.55 35.29
CA GLY T 494 114.63 74.64 34.42
C GLY T 494 114.47 75.63 33.28
N PRO T 495 113.61 75.30 32.30
CA PRO T 495 113.49 76.17 31.12
C PRO T 495 112.76 77.48 31.38
N LEU T 496 111.81 77.48 32.31
CA LEU T 496 111.04 78.68 32.54
C LEU T 496 111.77 79.73 33.38
N ASN T 497 112.91 79.37 33.98
CA ASN T 497 113.67 80.36 34.73
C ASN T 497 114.39 81.33 33.80
N VAL T 498 114.73 80.88 32.59
CA VAL T 498 115.32 81.81 31.62
C VAL T 498 114.24 82.64 30.95
N TRP T 499 112.97 82.21 30.99
CA TRP T 499 111.90 83.01 30.42
C TRP T 499 111.58 84.20 31.30
N VAL T 500 111.52 83.98 32.62
CA VAL T 500 111.26 85.07 33.54
C VAL T 500 112.48 85.98 33.64
N LYS T 501 113.69 85.44 33.48
CA LYS T 501 114.90 86.26 33.55
C LYS T 501 114.99 87.21 32.36
N TRP T 502 114.71 86.70 31.15
CA TRP T 502 114.79 87.54 29.96
C TRP T 502 113.67 88.57 29.91
N CYS T 503 112.53 88.28 30.53
CA CYS T 503 111.43 89.23 30.50
C CYS T 503 111.68 90.41 31.42
N LEU T 504 112.24 90.15 32.60
CA LEU T 504 112.49 91.23 33.55
C LEU T 504 113.66 92.11 33.11
N ILE T 505 114.52 91.59 32.23
CA ILE T 505 115.63 92.39 31.72
C ILE T 505 115.14 93.40 30.70
N ILE T 506 114.38 92.94 29.70
CA ILE T 506 114.00 93.80 28.59
C ILE T 506 112.94 94.82 29.02
N HIS T 507 111.92 94.36 29.74
CA HIS T 507 110.83 95.23 30.19
C HIS T 507 111.06 95.71 31.63
N GLY T 508 112.33 95.85 32.01
CA GLY T 508 112.65 96.34 33.34
C GLY T 508 112.27 97.81 33.54
N GLY T 509 112.43 98.61 32.49
CA GLY T 509 112.10 100.02 32.60
C GLY T 509 110.61 100.26 32.76
N TYR T 510 109.78 99.49 32.06
CA TYR T 510 108.33 99.61 32.22
C TYR T 510 107.87 99.09 33.57
N LEU T 511 108.61 98.14 34.15
CA LEU T 511 108.15 97.53 35.39
C LEU T 511 108.36 98.46 36.59
N VAL T 512 109.33 99.37 36.50
CA VAL T 512 109.48 100.38 37.54
C VAL T 512 108.31 101.36 37.51
N SER T 513 107.78 101.63 36.32
CA SER T 513 106.74 102.64 36.15
C SER T 513 105.41 102.20 36.77
N ILE T 514 105.07 100.93 36.65
CA ILE T 514 103.82 100.43 37.22
C ILE T 514 103.99 100.27 38.73
N PRO T 515 103.20 100.96 39.57
CA PRO T 515 103.52 101.01 41.00
C PRO T 515 103.15 99.78 41.82
N ASN T 516 102.02 99.14 41.55
CA ASN T 516 101.56 98.02 42.37
C ASN T 516 102.20 96.71 41.87
N LEU T 517 103.50 96.62 42.12
CA LEU T 517 104.24 95.42 41.72
C LEU T 517 103.95 94.24 42.62
N MET T 518 103.62 94.49 43.89
CA MET T 518 103.25 93.40 44.78
C MET T 518 101.88 92.85 44.40
N SER T 519 101.03 93.67 43.78
CA SER T 519 99.75 93.18 43.29
C SER T 519 99.91 92.35 42.02
N THR T 520 100.75 92.82 41.09
CA THR T 520 100.86 92.18 39.78
C THR T 520 101.66 90.88 39.86
N LEU T 521 102.88 90.96 40.39
CA LEU T 521 103.79 89.82 40.44
C LEU T 521 103.70 89.08 41.77
N SER T 522 102.50 89.02 42.36
CA SER T 522 102.31 88.30 43.61
C SER T 522 102.55 86.82 43.44
N SER T 523 102.10 86.26 42.32
CA SER T 523 102.36 84.85 42.04
C SER T 523 103.83 84.59 41.80
N LEU T 524 104.54 85.57 41.21
CA LEU T 524 105.98 85.41 41.02
C LEU T 524 106.74 85.54 42.32
N HIS T 525 106.38 86.53 43.15
CA HIS T 525 107.11 86.77 44.39
C HIS T 525 106.85 85.68 45.42
N SER T 526 105.64 85.11 45.42
CA SER T 526 105.34 84.05 46.39
C SER T 526 106.05 82.76 46.00
N THR T 527 106.14 82.47 44.70
CA THR T 527 106.83 81.27 44.27
C THR T 527 108.33 81.36 44.52
N LEU T 528 108.90 82.55 44.36
CA LEU T 528 110.34 82.72 44.53
C LEU T 528 110.73 82.70 46.00
N LYS T 529 109.95 83.34 46.86
CA LYS T 529 110.26 83.35 48.29
C LYS T 529 110.10 81.96 48.89
N ARG T 530 109.11 81.21 48.43
CA ARG T 530 108.92 79.85 48.93
C ARG T 530 110.00 78.91 48.44
N ARG T 531 110.52 79.13 47.24
CA ARG T 531 111.60 78.29 46.72
C ARG T 531 112.98 78.72 47.20
N SER T 532 113.07 79.81 47.95
CA SER T 532 114.37 80.32 48.42
C SER T 532 114.64 80.04 49.88
N ASP T 533 113.60 79.93 50.71
CA ASP T 533 113.82 79.66 52.13
C ASP T 533 114.20 78.22 52.41
N LEU T 534 114.07 77.32 51.43
CA LEU T 534 114.47 75.93 51.58
C LEU T 534 115.98 75.77 51.75
N LEU T 535 116.76 76.73 51.24
CA LEU T 535 118.19 76.55 51.00
C LEU T 535 119.03 76.20 52.24
N PRO T 536 118.88 76.80 53.43
CA PRO T 536 119.62 76.28 54.58
C PRO T 536 119.25 74.86 54.97
N ARG T 537 118.01 74.44 54.73
CA ARG T 537 117.64 73.05 55.01
C ARG T 537 118.21 72.10 53.96
N LEU T 538 118.26 72.54 52.69
CA LEU T 538 118.85 71.70 51.66
C LEU T 538 120.36 71.64 51.78
N LEU T 539 120.98 72.73 52.25
CA LEU T 539 122.42 72.70 52.47
C LEU T 539 122.79 71.83 53.66
N ALA T 540 121.91 71.78 54.67
CA ALA T 540 122.16 70.94 55.83
C ALA T 540 122.07 69.46 55.49
N LEU T 541 121.18 69.11 54.57
CA LEU T 541 121.10 67.72 54.12
C LEU T 541 122.30 67.36 53.24
N ASP T 542 122.78 68.32 52.44
CA ASP T 542 123.80 68.01 51.44
C ASP T 542 125.17 67.76 52.08
N ALA T 543 125.55 68.58 53.06
CA ALA T 543 126.84 68.36 53.71
C ALA T 543 126.80 67.14 54.63
N ARG T 544 125.62 66.84 55.18
CA ARG T 544 125.47 65.59 55.92
C ARG T 544 125.41 64.40 54.98
N LEU T 545 124.94 64.61 53.74
CA LEU T 545 125.09 63.58 52.71
C LEU T 545 126.56 63.37 52.36
N ASP T 546 127.33 64.45 52.29
CA ASP T 546 128.71 64.36 51.85
C ASP T 546 129.61 63.76 52.93
N CYS T 547 129.15 63.75 54.18
CA CYS T 547 129.92 63.08 55.23
C CYS T 547 129.90 61.56 55.02
N THR T 548 128.72 61.01 54.73
CA THR T 548 128.63 59.57 54.48
C THR T 548 129.10 59.20 53.08
N ILE T 549 129.03 60.15 52.14
CA ILE T 549 129.58 59.90 50.80
C ILE T 549 131.09 59.83 50.85
N ASN T 550 131.71 60.76 51.58
CA ASN T 550 133.17 60.71 51.70
C ASN T 550 133.63 59.61 52.66
N LYS T 551 132.71 59.06 53.46
CA LYS T 551 133.06 57.93 54.32
C LYS T 551 133.30 56.66 53.51
N PHE T 552 132.49 56.43 52.47
CA PHE T 552 132.62 55.21 51.69
C PHE T 552 133.39 55.38 50.38
N LYS T 553 133.61 56.62 49.91
CA LYS T 553 134.52 56.81 48.78
C LYS T 553 135.96 56.54 49.19
N THR T 554 136.31 56.85 50.44
CA THR T 554 137.65 56.54 50.92
C THR T 554 137.85 55.05 51.12
N LEU T 555 136.86 54.36 51.68
CA LEU T 555 136.96 52.93 51.93
C LEU T 555 135.58 52.28 51.93
N SER U 1 -5.99 18.51 68.63
CA SER U 1 -4.92 18.19 67.69
C SER U 1 -5.50 17.53 66.44
N SER U 2 -4.74 16.59 65.88
CA SER U 2 -5.20 15.83 64.72
C SER U 2 -5.98 14.61 65.20
N LEU U 3 -6.26 13.68 64.30
CA LEU U 3 -7.03 12.50 64.65
C LEU U 3 -6.17 11.28 64.97
N SER U 4 -5.13 11.02 64.17
CA SER U 4 -4.42 9.75 64.29
C SER U 4 -3.49 9.71 65.49
N ASP U 5 -3.08 10.88 66.01
CA ASP U 5 -2.26 10.88 67.21
C ASP U 5 -3.08 10.53 68.44
N GLN U 6 -4.37 10.87 68.44
CA GLN U 6 -5.25 10.46 69.53
C GLN U 6 -5.54 8.97 69.47
N LEU U 7 -5.53 8.40 68.27
CA LEU U 7 -5.82 6.98 68.11
C LEU U 7 -4.69 6.11 68.66
N ALA U 8 -3.45 6.57 68.56
CA ALA U 8 -2.32 5.83 69.11
C ALA U 8 -2.35 5.83 70.63
N GLN U 9 -2.96 6.87 71.22
CA GLN U 9 -3.17 6.88 72.66
C GLN U 9 -4.20 5.82 73.06
N VAL U 10 -5.24 5.65 72.25
CA VAL U 10 -6.21 4.58 72.49
C VAL U 10 -5.58 3.23 72.22
N ALA U 11 -4.73 3.14 71.19
CA ALA U 11 -4.10 1.87 70.85
C ALA U 11 -3.08 1.44 71.88
N SER U 12 -2.41 2.41 72.52
CA SER U 12 -1.49 2.06 73.59
C SER U 12 -2.24 1.65 74.86
N ASN U 13 -3.43 2.20 75.08
CA ASN U 13 -4.24 1.80 76.23
C ASN U 13 -4.77 0.37 76.06
N ASN U 14 -5.24 0.06 74.86
CA ASN U 14 -5.89 -1.22 74.58
C ASN U 14 -4.99 -2.19 73.82
N ALA U 15 -3.70 -2.20 74.14
CA ALA U 15 -2.77 -3.10 73.48
C ALA U 15 -2.71 -4.46 74.14
N THR U 16 -3.49 -4.70 75.19
CA THR U 16 -3.53 -5.99 75.86
C THR U 16 -4.85 -6.72 75.74
N VAL U 17 -5.93 -6.04 75.38
CA VAL U 17 -7.21 -6.72 75.21
C VAL U 17 -7.24 -7.35 73.83
N ALA U 18 -7.58 -8.63 73.77
CA ALA U 18 -7.66 -9.37 72.53
C ALA U 18 -9.04 -9.18 71.91
N LEU U 19 -9.07 -8.73 70.67
CA LEU U 19 -10.32 -8.49 69.96
C LEU U 19 -10.60 -9.50 68.87
N ASP U 20 -9.61 -9.80 68.04
CA ASP U 20 -9.73 -10.82 67.02
C ASP U 20 -8.79 -11.97 67.38
N ARG U 21 -8.79 -13.01 66.55
CA ARG U 21 -7.80 -14.05 66.75
C ARG U 21 -6.42 -13.62 66.26
N LYS U 22 -6.35 -12.64 65.35
CA LYS U 22 -5.07 -12.08 64.96
C LYS U 22 -4.42 -11.33 66.13
N ARG U 23 -5.23 -10.58 66.87
CA ARG U 23 -4.71 -9.87 68.05
C ARG U 23 -4.33 -10.85 69.15
N ARG U 24 -5.07 -11.96 69.27
CA ARG U 24 -4.67 -13.01 70.20
C ARG U 24 -3.40 -13.71 69.72
N GLN U 25 -3.24 -13.85 68.40
CA GLN U 25 -2.03 -14.46 67.85
C GLN U 25 -0.81 -13.59 68.09
N LYS U 26 -0.97 -12.28 67.97
CA LYS U 26 0.17 -11.39 68.12
C LYS U 26 0.47 -11.05 69.58
N LEU U 27 -0.38 -11.48 70.52
CA LEU U 27 -0.15 -11.28 71.93
C LEU U 27 0.29 -12.54 72.64
N HIS U 28 -0.23 -13.69 72.23
CA HIS U 28 0.19 -14.95 72.83
C HIS U 28 1.50 -15.46 72.27
N SER U 29 1.98 -14.91 71.15
CA SER U 29 3.26 -15.29 70.60
C SER U 29 4.43 -14.66 71.34
N ALA U 30 4.16 -13.75 72.27
CA ALA U 30 5.19 -13.28 73.18
C ALA U 30 5.61 -14.42 74.10
N SER U 31 6.88 -14.81 74.02
CA SER U 31 7.30 -16.07 74.63
C SER U 31 8.71 -15.92 75.16
N LEU U 32 8.89 -16.20 76.45
CA LEU U 32 10.21 -16.13 77.05
C LEU U 32 11.08 -17.32 76.64
N ILE U 33 10.46 -18.49 76.48
CA ILE U 33 11.19 -19.74 76.27
C ILE U 33 10.87 -20.35 74.91
N TYR U 34 9.60 -20.57 74.62
CA TYR U 34 9.22 -21.20 73.36
C TYR U 34 9.40 -20.24 72.19
N ASN U 35 9.32 -20.78 70.98
CA ASN U 35 9.42 -19.98 69.78
C ASN U 35 8.07 -19.37 69.46
N SER U 36 7.94 -18.77 68.27
CA SER U 36 6.71 -18.06 67.93
C SER U 36 5.58 -19.03 67.60
N LYS U 37 5.88 -20.14 66.92
CA LYS U 37 4.84 -21.07 66.52
C LYS U 37 4.31 -21.88 67.70
N THR U 38 5.20 -22.27 68.62
CA THR U 38 4.77 -23.06 69.77
C THR U 38 4.00 -22.21 70.76
N ALA U 39 4.30 -20.91 70.84
CA ALA U 39 3.58 -20.02 71.75
C ALA U 39 2.14 -19.81 71.29
N ALA U 40 1.93 -19.76 69.97
CA ALA U 40 0.59 -19.48 69.46
C ALA U 40 -0.32 -20.70 69.59
N THR U 41 0.24 -21.90 69.69
CA THR U 41 -0.57 -23.10 69.69
C THR U 41 -0.50 -23.85 71.01
N GLN U 42 -0.56 -23.13 72.13
CA GLN U 42 -0.61 -23.77 73.43
C GLN U 42 -1.60 -23.04 74.33
N ASP U 43 -2.24 -23.80 75.20
CA ASP U 43 -3.32 -23.33 76.05
C ASP U 43 -2.77 -22.84 77.39
N TYR U 44 -3.63 -22.14 78.13
CA TYR U 44 -3.22 -21.52 79.40
C TYR U 44 -2.90 -22.57 80.45
N ASP U 45 -3.59 -23.71 80.42
CA ASP U 45 -3.32 -24.75 81.41
C ASP U 45 -1.97 -25.42 81.16
N PHE U 46 -1.59 -25.55 79.89
CA PHE U 46 -0.31 -26.20 79.57
C PHE U 46 0.87 -25.34 80.01
N ILE U 47 0.72 -24.01 79.94
CA ILE U 47 1.71 -23.12 80.52
C ILE U 47 1.69 -23.22 82.03
N PHE U 48 0.51 -23.39 82.62
CA PHE U 48 0.38 -23.41 84.07
C PHE U 48 0.89 -24.72 84.67
N GLU U 49 0.89 -25.80 83.89
CA GLU U 49 1.47 -27.06 84.37
C GLU U 49 2.97 -26.92 84.58
N ASN U 50 3.66 -26.26 83.64
CA ASN U 50 5.08 -25.99 83.83
C ASN U 50 5.32 -24.90 84.85
N ALA U 51 4.36 -23.98 85.01
CA ALA U 51 4.50 -22.89 85.97
C ALA U 51 4.44 -23.40 87.40
N SER U 52 3.53 -24.34 87.68
CA SER U 52 3.43 -24.89 89.02
C SER U 52 4.65 -25.74 89.37
N LYS U 53 5.25 -26.38 88.37
CA LYS U 53 6.50 -27.09 88.61
C LYS U 53 7.65 -26.10 88.80
N ALA U 54 7.57 -24.94 88.15
CA ALA U 54 8.65 -23.96 88.26
C ALA U 54 8.68 -23.31 89.63
N LEU U 55 7.53 -22.89 90.14
CA LEU U 55 7.47 -22.23 91.43
C LEU U 55 7.68 -23.21 92.58
N GLU U 56 7.34 -24.50 92.39
CA GLU U 56 7.67 -25.50 93.40
C GLU U 56 9.16 -25.71 93.49
N GLU U 57 9.87 -25.61 92.37
CA GLU U 57 11.32 -25.68 92.40
C GLU U 57 11.91 -24.42 93.04
N LEU U 58 11.27 -23.27 92.84
CA LEU U 58 11.77 -22.05 93.44
C LEU U 58 11.46 -21.98 94.93
N SER U 59 10.36 -22.59 95.37
CA SER U 59 10.05 -22.63 96.80
C SER U 59 11.02 -23.52 97.54
N GLN U 60 11.61 -24.51 96.85
CA GLN U 60 12.69 -25.30 97.43
C GLN U 60 13.95 -24.46 97.61
N ILE U 61 14.19 -23.52 96.70
CA ILE U 61 15.42 -22.72 96.75
C ILE U 61 15.32 -21.67 97.85
N GLU U 62 14.28 -20.82 97.79
CA GLU U 62 13.99 -19.91 98.88
C GLU U 62 12.49 -19.95 99.18
N PRO U 63 12.11 -19.98 100.44
CA PRO U 63 10.69 -20.15 100.79
C PRO U 63 9.87 -18.87 100.74
N LYS U 64 10.40 -17.78 100.20
CA LYS U 64 9.62 -16.56 100.05
C LYS U 64 8.57 -16.67 98.96
N PHE U 65 8.74 -17.62 98.03
CA PHE U 65 7.78 -17.83 96.96
C PHE U 65 6.58 -18.67 97.38
N ALA U 66 6.56 -19.18 98.61
CA ALA U 66 5.42 -19.95 99.09
C ALA U 66 4.19 -19.09 99.27
N ILE U 67 4.35 -17.78 99.45
CA ILE U 67 3.21 -16.88 99.44
C ILE U 67 2.61 -16.79 98.04
N PHE U 68 3.46 -16.67 97.02
CA PHE U 68 2.99 -16.46 95.65
C PHE U 68 2.34 -17.69 95.03
N SER U 69 2.44 -18.85 95.68
CA SER U 69 1.70 -20.02 95.23
C SER U 69 0.20 -19.83 95.44
N ARG U 70 -0.18 -19.09 96.47
CA ARG U 70 -1.59 -18.98 96.84
C ARG U 70 -2.24 -17.67 96.40
N THR U 71 -1.47 -16.72 95.85
CA THR U 71 -2.06 -15.46 95.40
C THR U 71 -1.89 -15.20 93.90
N LEU U 72 -0.73 -15.49 93.34
CA LEU U 72 -0.52 -15.27 91.91
C LEU U 72 -0.49 -16.55 91.11
N PHE U 73 -0.09 -17.67 91.71
CA PHE U 73 0.06 -18.94 91.01
C PHE U 73 -0.95 -19.96 91.50
N SER U 74 -2.10 -19.50 91.98
CA SER U 74 -3.19 -20.42 92.29
C SER U 74 -3.88 -20.85 91.01
N GLU U 75 -4.65 -21.95 91.12
CA GLU U 75 -5.44 -22.40 89.98
C GLU U 75 -6.61 -21.47 89.70
N SER U 76 -7.00 -20.65 90.67
CA SER U 76 -8.00 -19.62 90.43
C SER U 76 -7.43 -18.45 89.64
N SER U 77 -6.12 -18.35 89.52
CA SER U 77 -5.49 -17.27 88.76
C SER U 77 -5.30 -17.65 87.30
N ILE U 78 -6.35 -18.16 86.67
CA ILE U 78 -6.28 -18.55 85.27
C ILE U 78 -7.40 -17.82 84.53
N SER U 79 -8.61 -17.91 85.06
CA SER U 79 -9.78 -17.33 84.41
C SER U 79 -9.77 -15.81 84.46
N LEU U 80 -9.15 -15.22 85.48
CA LEU U 80 -9.16 -13.76 85.62
C LEU U 80 -8.17 -13.13 84.65
N ASP U 81 -8.53 -11.94 84.17
CA ASP U 81 -7.68 -11.16 83.29
C ASP U 81 -7.52 -9.77 83.88
N ARG U 82 -6.44 -9.09 83.50
CA ARG U 82 -6.26 -7.71 83.93
C ARG U 82 -7.29 -6.79 83.28
N ASN U 83 -7.73 -7.12 82.06
CA ASN U 83 -8.64 -6.27 81.31
C ASN U 83 -10.09 -6.66 81.53
N VAL U 84 -10.44 -7.21 82.68
CA VAL U 84 -11.83 -7.42 83.06
C VAL U 84 -12.01 -6.89 84.47
N GLN U 85 -10.91 -6.58 85.13
CA GLN U 85 -10.93 -6.14 86.51
C GLN U 85 -10.73 -4.63 86.59
N THR U 86 -11.38 -4.01 87.58
CA THR U 86 -11.46 -2.56 87.67
C THR U 86 -10.16 -1.98 88.21
N LYS U 87 -10.16 -0.67 88.44
CA LYS U 87 -8.92 0.03 88.79
C LYS U 87 -8.53 -0.15 90.25
N GLU U 88 -9.47 -0.50 91.13
CA GLU U 88 -9.13 -0.61 92.53
C GLU U 88 -8.37 -1.89 92.86
N GLU U 89 -8.41 -2.89 91.97
CA GLU U 89 -7.71 -4.14 92.20
C GLU U 89 -6.58 -4.41 91.23
N ILE U 90 -6.48 -3.64 90.14
CA ILE U 90 -5.35 -3.81 89.25
C ILE U 90 -4.10 -3.15 89.83
N LYS U 91 -4.28 -2.22 90.78
CA LYS U 91 -3.15 -1.68 91.51
C LYS U 91 -2.58 -2.72 92.47
N ASP U 92 -3.46 -3.51 93.10
CA ASP U 92 -3.01 -4.61 93.94
C ASP U 92 -2.35 -5.70 93.11
N LEU U 93 -2.81 -5.89 91.88
CA LEU U 93 -2.18 -6.87 91.01
C LEU U 93 -0.83 -6.36 90.51
N ASP U 94 -0.68 -5.04 90.38
CA ASP U 94 0.57 -4.48 89.88
C ASP U 94 1.70 -4.64 90.89
N ASN U 95 1.46 -4.27 92.16
CA ASN U 95 2.53 -4.35 93.13
C ASN U 95 2.77 -5.78 93.63
N ALA U 96 1.80 -6.68 93.46
CA ALA U 96 2.06 -8.08 93.71
C ALA U 96 3.01 -8.65 92.67
N ILE U 97 2.88 -8.23 91.42
CA ILE U 97 3.84 -8.60 90.38
C ILE U 97 5.19 -7.96 90.66
N ASN U 98 5.17 -6.71 91.12
CA ASN U 98 6.42 -6.02 91.46
C ASN U 98 7.08 -6.63 92.69
N ALA U 99 6.29 -7.16 93.61
CA ALA U 99 6.87 -7.85 94.75
C ALA U 99 7.49 -9.17 94.34
N TYR U 100 6.91 -9.84 93.34
CA TYR U 100 7.48 -11.10 92.88
C TYR U 100 8.78 -10.87 92.12
N LEU U 101 8.81 -9.86 91.27
CA LEU U 101 10.00 -9.59 90.45
C LEU U 101 11.17 -9.14 91.32
N LEU U 102 10.90 -8.41 92.39
CA LEU U 102 11.96 -8.03 93.32
C LEU U 102 12.47 -9.24 94.08
N LEU U 103 11.58 -10.15 94.46
CA LEU U 103 12.00 -11.38 95.12
C LEU U 103 12.59 -12.40 94.16
N ALA U 104 12.46 -12.19 92.85
CA ALA U 104 13.02 -13.10 91.87
C ALA U 104 14.02 -12.41 90.94
N SER U 105 14.46 -11.19 91.27
CA SER U 105 15.48 -10.55 90.44
C SER U 105 16.84 -11.19 90.63
N SER U 106 17.13 -11.69 91.83
CA SER U 106 18.37 -12.41 92.06
C SER U 106 18.36 -13.76 91.36
N LYS U 107 17.27 -14.51 91.51
CA LYS U 107 17.15 -15.82 90.89
C LYS U 107 16.75 -15.61 89.44
N TRP U 108 17.75 -15.52 88.57
CA TRP U 108 17.49 -15.47 87.14
C TRP U 108 18.43 -16.33 86.32
N TYR U 109 19.51 -16.84 86.90
CA TYR U 109 20.44 -17.71 86.20
C TYR U 109 19.98 -19.17 86.18
N LEU U 110 18.78 -19.44 86.67
CA LEU U 110 18.24 -20.78 86.78
C LEU U 110 17.01 -20.88 85.87
N ALA U 111 16.96 -21.93 85.07
CA ALA U 111 15.81 -22.25 84.23
C ALA U 111 14.47 -22.44 84.95
N PRO U 112 14.41 -22.86 86.24
CA PRO U 112 13.13 -22.74 86.96
C PRO U 112 12.59 -21.32 87.06
N THR U 113 13.44 -20.31 87.17
CA THR U 113 12.95 -18.94 87.28
C THR U 113 12.39 -18.44 85.97
N LEU U 114 13.01 -18.84 84.85
CA LEU U 114 12.54 -18.40 83.55
C LEU U 114 11.22 -19.06 83.18
N HIS U 115 11.02 -20.30 83.62
CA HIS U 115 9.74 -20.95 83.42
C HIS U 115 8.65 -20.34 84.29
N ALA U 116 9.02 -19.85 85.48
CA ALA U 116 8.04 -19.25 86.37
C ALA U 116 7.58 -17.89 85.86
N THR U 117 8.50 -17.07 85.36
CA THR U 117 8.13 -15.77 84.85
C THR U 117 7.53 -15.83 83.45
N GLU U 118 7.64 -16.97 82.76
CA GLU U 118 7.04 -17.10 81.44
C GLU U 118 5.52 -17.07 81.52
N TRP U 119 4.96 -17.74 82.52
CA TRP U 119 3.51 -17.75 82.67
C TRP U 119 3.00 -16.40 83.18
N LEU U 120 3.82 -15.69 83.95
CA LEU U 120 3.45 -14.33 84.37
C LEU U 120 3.45 -13.38 83.18
N VAL U 121 4.29 -13.67 82.18
CA VAL U 121 4.27 -12.89 80.94
C VAL U 121 2.98 -13.15 80.17
N ARG U 122 2.60 -14.42 80.05
CA ARG U 122 1.48 -14.78 79.18
C ARG U 122 0.13 -14.53 79.83
N ARG U 123 -0.02 -14.82 81.12
CA ARG U 123 -1.33 -14.73 81.76
C ARG U 123 -1.64 -13.32 82.25
N PHE U 124 -0.62 -12.55 82.63
CA PHE U 124 -0.84 -11.23 83.19
C PHE U 124 -0.26 -10.10 82.35
N GLN U 125 0.22 -10.40 81.14
CA GLN U 125 0.58 -9.42 80.11
C GLN U 125 1.64 -8.42 80.59
N ILE U 126 2.61 -8.88 81.37
CA ILE U 126 3.58 -7.97 81.96
C ILE U 126 4.61 -7.45 80.97
N HIS U 127 4.63 -7.96 79.75
CA HIS U 127 5.50 -7.44 78.72
C HIS U 127 4.90 -6.24 78.01
N VAL U 128 3.65 -5.87 78.31
CA VAL U 128 3.03 -4.66 77.79
C VAL U 128 2.58 -3.73 78.90
N LYS U 129 1.97 -4.28 79.97
CA LYS U 129 1.33 -3.43 80.97
C LYS U 129 2.35 -2.78 81.90
N ASN U 130 3.08 -3.59 82.67
CA ASN U 130 4.12 -3.06 83.56
C ASN U 130 5.47 -3.54 83.02
N THR U 131 6.01 -2.77 82.07
CA THR U 131 7.26 -3.13 81.43
C THR U 131 8.46 -2.58 82.17
N GLU U 132 8.26 -1.59 83.03
CA GLU U 132 9.39 -0.92 83.67
C GLU U 132 10.03 -1.82 84.73
N MET U 133 9.22 -2.33 85.66
CA MET U 133 9.76 -3.11 86.77
C MET U 133 10.34 -4.45 86.30
N LEU U 134 9.81 -4.98 85.20
CA LEU U 134 10.42 -6.16 84.57
C LEU U 134 11.81 -5.84 84.02
N LEU U 135 11.94 -4.69 83.36
CA LEU U 135 13.21 -4.35 82.72
C LEU U 135 14.25 -3.90 83.74
N LEU U 136 13.81 -3.29 84.85
CA LEU U 136 14.76 -2.90 85.89
C LEU U 136 15.29 -4.12 86.64
N SER U 137 14.47 -5.17 86.75
CA SER U 137 14.87 -6.34 87.51
C SER U 137 15.97 -7.12 86.80
N THR U 138 15.89 -7.21 85.48
CA THR U 138 16.83 -7.99 84.70
C THR U 138 17.91 -7.13 84.06
N LEU U 139 18.02 -5.86 84.45
CA LEU U 139 18.92 -4.92 83.76
C LEU U 139 20.38 -5.27 83.98
N ASN U 140 20.72 -5.89 85.11
CA ASN U 140 22.09 -6.26 85.39
C ASN U 140 22.55 -7.49 84.60
N TYR U 141 21.63 -8.21 83.97
CA TYR U 141 21.95 -9.37 83.14
C TYR U 141 21.93 -9.04 81.66
N TYR U 142 22.38 -7.84 81.27
CA TYR U 142 22.30 -7.40 79.89
C TYR U 142 23.25 -8.17 78.97
N GLN U 143 24.34 -8.72 79.49
CA GLN U 143 25.20 -9.56 78.66
C GLN U 143 24.55 -10.89 78.36
N THR U 144 23.72 -11.38 79.28
CA THR U 144 23.09 -12.69 79.15
C THR U 144 22.05 -12.68 78.03
N PRO U 145 21.80 -13.82 77.39
CA PRO U 145 20.79 -13.86 76.31
C PRO U 145 19.37 -13.72 76.79
N VAL U 146 19.10 -13.84 78.09
CA VAL U 146 17.72 -13.70 78.56
C VAL U 146 17.28 -12.23 78.52
N PHE U 147 18.23 -11.30 78.55
CA PHE U 147 17.87 -9.90 78.33
C PHE U 147 17.63 -9.63 76.86
N LYS U 148 18.37 -10.29 75.97
CA LYS U 148 18.11 -10.17 74.54
C LYS U 148 16.77 -10.78 74.17
N ARG U 149 16.37 -11.84 74.89
CA ARG U 149 15.02 -12.38 74.71
C ARG U 149 13.97 -11.42 75.21
N ILE U 150 14.23 -10.76 76.35
CA ILE U 150 13.22 -9.89 76.97
C ILE U 150 12.99 -8.64 76.12
N LEU U 151 14.06 -8.11 75.52
CA LEU U 151 13.91 -6.98 74.61
C LEU U 151 13.14 -7.38 73.35
N SER U 152 13.28 -8.63 72.92
CA SER U 152 12.55 -9.10 71.75
C SER U 152 11.07 -9.30 72.03
N ILE U 153 10.69 -9.38 73.30
CA ILE U 153 9.29 -9.53 73.67
C ILE U 153 8.67 -8.18 73.96
N ILE U 154 9.37 -7.34 74.73
CA ILE U 154 8.78 -6.20 75.42
C ILE U 154 8.51 -5.06 74.44
N LYS U 155 7.64 -4.14 74.87
CA LYS U 155 7.46 -2.85 74.22
C LYS U 155 8.06 -1.78 75.11
N LEU U 156 8.95 -0.97 74.54
CA LEU U 156 9.80 -0.10 75.34
C LEU U 156 9.03 1.12 75.84
N PRO U 157 9.19 1.48 77.11
CA PRO U 157 8.67 2.75 77.61
C PRO U 157 9.44 3.92 77.02
N PRO U 158 8.90 5.14 77.09
CA PRO U 158 9.64 6.30 76.57
C PRO U 158 10.96 6.59 77.29
N LEU U 159 11.14 6.10 78.51
CA LEU U 159 12.37 6.38 79.24
C LEU U 159 13.53 5.49 78.80
N PHE U 160 13.27 4.26 78.39
CA PHE U 160 14.34 3.39 77.88
C PHE U 160 14.38 3.46 76.35
N ASN U 161 14.46 4.68 75.83
CA ASN U 161 14.53 4.85 74.38
C ASN U 161 15.93 4.67 73.84
N CYS U 162 16.94 4.59 74.70
CA CYS U 162 18.29 4.36 74.24
C CYS U 162 18.51 2.91 73.81
N LEU U 163 17.67 1.99 74.27
CA LEU U 163 17.71 0.59 73.86
C LEU U 163 16.78 0.31 72.69
N SER U 164 16.39 1.35 71.94
CA SER U 164 15.43 1.16 70.86
C SER U 164 16.07 0.51 69.64
N ASN U 165 17.39 0.58 69.52
CA ASN U 165 18.09 -0.08 68.42
C ASN U 165 18.58 -1.47 68.80
N PHE U 166 18.35 -1.89 70.04
CA PHE U 166 18.81 -3.19 70.51
C PHE U 166 17.69 -4.20 70.70
N VAL U 167 16.48 -3.87 70.29
CA VAL U 167 15.40 -4.85 70.27
C VAL U 167 15.52 -5.69 69.01
N ARG U 168 15.42 -7.01 69.17
CA ARG U 168 15.62 -8.01 68.11
C ARG U 168 16.98 -7.84 67.43
N SER U 169 18.01 -7.61 68.24
CA SER U 169 19.37 -7.42 67.76
C SER U 169 20.20 -8.64 68.12
N GLU U 170 20.97 -9.14 67.15
CA GLU U 170 21.81 -10.31 67.39
C GLU U 170 22.98 -10.00 68.31
N LYS U 171 23.42 -8.74 68.36
CA LYS U 171 24.45 -8.40 69.32
C LYS U 171 23.82 -7.84 70.58
N PRO U 172 24.32 -8.21 71.76
CA PRO U 172 23.73 -7.72 73.01
C PRO U 172 24.04 -6.26 73.23
N PRO U 173 23.26 -5.55 74.06
CA PRO U 173 23.65 -4.19 74.44
C PRO U 173 24.96 -4.18 75.20
N THR U 174 25.72 -3.12 74.98
CA THR U 174 27.10 -3.02 75.46
C THR U 174 27.16 -2.16 76.72
N ALA U 175 28.39 -1.94 77.19
CA ALA U 175 28.59 -1.14 78.39
C ALA U 175 28.36 0.34 78.12
N LEU U 176 28.71 0.80 76.91
CA LEU U 176 28.58 2.22 76.60
C LEU U 176 27.12 2.63 76.44
N THR U 177 26.29 1.74 75.89
CA THR U 177 24.88 2.10 75.74
C THR U 177 24.11 2.00 77.04
N MET U 178 24.64 1.32 78.05
CA MET U 178 23.96 1.29 79.33
C MET U 178 24.18 2.59 80.09
N ILE U 179 25.35 3.19 79.94
CA ILE U 179 25.63 4.49 80.56
C ILE U 179 24.84 5.59 79.87
N LYS U 180 24.68 5.49 78.54
CA LYS U 180 23.85 6.44 77.81
C LYS U 180 22.38 6.34 78.22
N LEU U 181 21.94 5.16 78.65
CA LEU U 181 20.62 5.03 79.27
C LEU U 181 20.61 5.72 80.63
N PHE U 182 21.63 5.50 81.44
CA PHE U 182 21.67 6.04 82.80
C PHE U 182 22.02 7.53 82.84
N ASN U 183 22.44 8.11 81.71
CA ASN U 183 22.74 9.53 81.67
C ASN U 183 21.48 10.40 81.69
N ASP U 184 20.32 9.82 81.44
CA ASP U 184 19.07 10.56 81.48
C ASP U 184 18.77 10.99 82.90
N MET U 185 18.30 12.24 83.04
CA MET U 185 18.11 12.83 84.36
C MET U 185 16.94 12.17 85.07
N ASP U 186 15.85 11.90 84.35
CA ASP U 186 14.65 11.33 84.97
C ASP U 186 14.82 9.85 85.29
N PHE U 187 15.62 9.12 84.50
CA PHE U 187 15.78 7.69 84.72
C PHE U 187 16.54 7.41 86.01
N LEU U 188 17.41 8.32 86.43
CA LEU U 188 18.11 8.17 87.70
C LEU U 188 17.14 8.24 88.88
N LYS U 189 16.11 9.08 88.78
CA LYS U 189 15.10 9.15 89.82
C LYS U 189 14.23 7.90 89.84
N LEU U 190 14.01 7.30 88.67
CA LEU U 190 13.17 6.10 88.63
C LEU U 190 13.93 4.91 89.20
N TYR U 191 15.23 4.84 88.93
CA TYR U 191 16.04 3.79 89.54
C TYR U 191 16.21 4.02 91.03
N THR U 192 16.11 5.28 91.47
CA THR U 192 16.10 5.57 92.90
C THR U 192 14.87 4.96 93.58
N SER U 193 13.71 5.08 92.93
CA SER U 193 12.50 4.45 93.46
C SER U 193 12.60 2.94 93.39
N TYR U 194 13.29 2.42 92.38
CA TYR U 194 13.51 0.98 92.29
C TYR U 194 14.48 0.51 93.37
N LEU U 195 15.53 1.30 93.62
CA LEU U 195 16.51 0.90 94.63
C LEU U 195 15.95 1.05 96.04
N ASP U 196 15.18 2.12 96.28
CA ASP U 196 14.57 2.31 97.60
C ASP U 196 13.54 1.22 97.89
N GLN U 197 12.81 0.78 96.87
CA GLN U 197 11.92 -0.36 97.04
C GLN U 197 12.71 -1.65 97.16
N CYS U 198 13.91 -1.70 96.58
CA CYS U 198 14.75 -2.89 96.68
C CYS U 198 15.31 -3.04 98.09
N ILE U 199 15.74 -1.92 98.70
CA ILE U 199 16.29 -1.95 100.05
C ILE U 199 15.20 -2.22 101.07
N LYS U 200 14.02 -1.60 100.88
CA LYS U 200 12.90 -1.72 101.82
C LYS U 200 12.38 -3.15 101.90
N HIS U 201 12.38 -3.87 100.77
CA HIS U 201 11.99 -5.27 100.76
C HIS U 201 13.12 -6.21 101.12
N ASN U 202 14.30 -5.67 101.45
CA ASN U 202 15.46 -6.37 101.99
C ASN U 202 16.00 -7.46 101.07
N ALA U 203 15.81 -7.34 99.76
CA ALA U 203 16.38 -8.28 98.82
C ALA U 203 17.32 -7.51 97.89
N THR U 204 18.54 -7.27 98.38
CA THR U 204 19.60 -6.64 97.61
C THR U 204 20.80 -7.57 97.62
N TYR U 205 21.37 -7.82 96.45
CA TYR U 205 22.41 -8.83 96.30
C TYR U 205 23.62 -8.19 95.64
N THR U 206 24.64 -9.02 95.39
CA THR U 206 25.93 -8.50 94.96
C THR U 206 25.90 -8.02 93.52
N ASN U 207 25.29 -8.80 92.62
CA ASN U 207 25.47 -8.58 91.18
C ASN U 207 24.74 -7.34 90.70
N GLN U 208 23.53 -7.09 91.21
CA GLN U 208 22.83 -5.87 90.81
C GLN U 208 23.41 -4.65 91.50
N LEU U 209 24.09 -4.83 92.63
CA LEU U 209 24.68 -3.69 93.32
C LEU U 209 26.08 -3.40 92.80
N LEU U 210 26.76 -4.42 92.29
CA LEU U 210 28.01 -4.20 91.56
C LEU U 210 27.73 -3.45 90.26
N PHE U 211 26.65 -3.79 89.57
CA PHE U 211 26.31 -3.14 88.33
C PHE U 211 25.78 -1.73 88.55
N THR U 212 25.03 -1.50 89.64
CA THR U 212 24.51 -0.17 89.92
C THR U 212 25.64 0.78 90.32
N THR U 213 26.64 0.27 91.05
CA THR U 213 27.82 1.09 91.31
C THR U 213 28.62 1.33 90.04
N CYS U 214 28.66 0.34 89.14
CA CYS U 214 29.40 0.51 87.90
C CYS U 214 28.77 1.50 86.94
N CYS U 215 27.49 1.82 87.13
CA CYS U 215 26.84 2.84 86.32
C CYS U 215 26.69 4.17 87.05
N PHE U 216 26.63 4.17 88.38
CA PHE U 216 26.55 5.43 89.12
C PHE U 216 27.88 6.16 89.09
N ILE U 217 28.99 5.42 89.12
CA ILE U 217 30.31 6.05 89.05
C ILE U 217 30.54 6.64 87.66
N ASN U 218 30.09 5.93 86.63
CA ASN U 218 30.28 6.41 85.26
C ASN U 218 29.40 7.61 84.93
N VAL U 219 28.21 7.69 85.51
CA VAL U 219 27.32 8.80 85.17
C VAL U 219 27.79 10.09 85.85
N VAL U 220 28.55 9.97 86.93
CA VAL U 220 29.26 11.14 87.46
C VAL U 220 30.48 11.45 86.60
N ALA U 221 31.18 10.41 86.15
CA ALA U 221 32.37 10.59 85.32
C ALA U 221 32.01 11.14 83.93
N PHE U 222 30.87 10.70 83.37
CA PHE U 222 30.44 11.25 82.09
C PHE U 222 29.90 12.66 82.23
N ASN U 223 29.47 13.05 83.43
CA ASN U 223 28.98 14.39 83.67
C ASN U 223 29.99 15.22 84.48
N SER U 224 31.25 14.81 84.51
CA SER U 224 32.28 15.57 85.22
C SER U 224 32.58 16.90 84.54
N ASN U 225 32.34 17.00 83.23
CA ASN U 225 32.59 18.25 82.51
C ASN U 225 31.55 19.31 82.88
N ASN U 226 30.27 18.98 82.73
CA ASN U 226 29.20 19.93 83.00
C ASN U 226 29.01 20.05 84.50
N ASP U 227 29.41 21.19 85.04
CA ASP U 227 29.23 21.43 86.48
C ASP U 227 27.77 21.68 86.82
N GLU U 228 26.99 22.22 85.87
CA GLU U 228 25.57 22.42 86.10
C GLU U 228 24.85 21.08 86.20
N LYS U 229 25.24 20.11 85.37
CA LYS U 229 24.61 18.80 85.38
C LYS U 229 24.91 18.03 86.66
N LEU U 230 26.13 18.15 87.20
CA LEU U 230 26.45 17.47 88.45
C LEU U 230 25.81 18.15 89.65
N ASN U 231 25.50 19.44 89.53
CA ASN U 231 24.68 20.11 90.55
C ASN U 231 23.27 19.53 90.48
N GLN U 232 22.77 19.27 89.28
CA GLN U 232 21.45 18.66 89.14
C GLN U 232 21.47 17.20 89.56
N LEU U 233 22.63 16.56 89.53
CA LEU U 233 22.77 15.14 89.85
C LEU U 233 23.12 14.89 91.32
N VAL U 234 23.44 15.94 92.09
CA VAL U 234 23.74 15.77 93.52
C VAL U 234 22.60 15.20 94.38
N PRO U 235 21.31 15.59 94.21
CA PRO U 235 20.35 15.09 95.21
C PRO U 235 19.89 13.68 94.95
N ILE U 236 20.33 13.06 93.85
CA ILE U 236 19.93 11.69 93.56
C ILE U 236 20.90 10.71 94.21
N LEU U 237 22.18 10.79 93.82
CA LEU U 237 23.16 9.82 94.27
C LEU U 237 23.54 9.98 95.73
N LEU U 238 23.26 11.16 96.32
CA LEU U 238 23.43 11.28 97.76
C LEU U 238 22.24 10.70 98.52
N GLU U 239 21.02 10.85 97.98
CA GLU U 239 19.86 10.22 98.61
C GLU U 239 19.91 8.70 98.45
N ILE U 240 20.46 8.22 97.34
CA ILE U 240 20.69 6.79 97.18
C ILE U 240 21.72 6.31 98.20
N SER U 241 22.82 7.06 98.34
CA SER U 241 23.85 6.71 99.31
C SER U 241 23.37 6.93 100.75
N ALA U 242 22.33 7.73 100.95
CA ALA U 242 21.69 7.79 102.26
C ALA U 242 20.89 6.54 102.54
N LYS U 243 20.12 6.08 101.55
CA LYS U 243 19.31 4.87 101.74
C LYS U 243 20.17 3.62 101.71
N LEU U 244 21.24 3.62 100.92
CA LEU U 244 22.13 2.47 100.87
C LEU U 244 22.93 2.32 102.15
N LEU U 245 23.28 3.43 102.80
CA LEU U 245 23.95 3.38 104.09
C LEU U 245 23.00 2.96 105.19
N ALA U 246 21.70 3.26 105.04
CA ALA U 246 20.72 2.89 106.05
C ALA U 246 20.43 1.38 106.05
N SER U 247 20.79 0.69 104.98
CA SER U 247 20.64 -0.77 104.96
C SER U 247 21.62 -1.42 105.92
N LYS U 248 21.18 -2.53 106.51
CA LYS U 248 21.97 -3.26 107.50
C LYS U 248 22.82 -4.35 106.87
N SER U 249 22.81 -4.48 105.55
CA SER U 249 23.50 -5.57 104.88
C SER U 249 25.00 -5.31 104.84
N LYS U 250 25.76 -6.35 104.52
CA LYS U 250 27.21 -6.26 104.37
C LYS U 250 27.61 -5.70 103.01
N ASP U 251 26.69 -5.63 102.06
CA ASP U 251 26.96 -5.26 100.68
C ASP U 251 26.58 -3.82 100.36
N CYS U 252 25.49 -3.32 100.92
CA CYS U 252 25.04 -1.97 100.60
C CYS U 252 25.93 -0.91 101.24
N GLN U 253 26.62 -1.25 102.32
CA GLN U 253 27.50 -0.28 102.96
C GLN U 253 28.74 -0.01 102.12
N ILE U 254 29.35 -1.07 101.57
CA ILE U 254 30.51 -0.90 100.69
C ILE U 254 30.11 -0.25 99.38
N ALA U 255 28.91 -0.58 98.88
CA ALA U 255 28.43 0.01 97.65
C ALA U 255 28.11 1.50 97.82
N ALA U 256 27.65 1.88 99.01
CA ALA U 256 27.47 3.31 99.30
C ALA U 256 28.80 4.01 99.49
N HIS U 257 29.83 3.27 99.92
CA HIS U 257 31.16 3.86 100.05
C HIS U 257 31.76 4.15 98.69
N THR U 258 31.46 3.31 97.69
CA THR U 258 32.00 3.52 96.35
C THR U 258 31.40 4.74 95.68
N ILE U 259 30.10 4.98 95.91
CA ILE U 259 29.44 6.16 95.35
C ILE U 259 29.96 7.42 96.02
N LEU U 260 30.17 7.38 97.33
CA LEU U 260 30.50 8.59 98.09
C LEU U 260 31.93 9.05 97.83
N VAL U 261 32.81 8.14 97.39
CA VAL U 261 34.20 8.54 97.17
C VAL U 261 34.35 9.26 95.84
N VAL U 262 33.91 8.62 94.75
CA VAL U 262 34.18 9.13 93.42
C VAL U 262 33.36 10.38 93.13
N PHE U 263 32.16 10.48 93.72
CA PHE U 263 31.36 11.68 93.55
C PHE U 263 32.01 12.89 94.20
N ALA U 264 32.61 12.71 95.38
CA ALA U 264 33.29 13.82 96.03
C ALA U 264 34.61 14.14 95.36
N THR U 265 35.26 13.14 94.76
CA THR U 265 36.51 13.39 94.05
C THR U 265 36.25 14.14 92.75
N ALA U 266 35.11 13.86 92.11
CA ALA U 266 34.74 14.59 90.90
C ALA U 266 34.00 15.88 91.20
N LEU U 267 33.63 16.12 92.45
CA LEU U 267 32.89 17.33 92.81
C LEU U 267 33.15 17.68 94.26
N PRO U 268 33.97 18.69 94.56
CA PRO U 268 34.11 19.14 95.94
C PRO U 268 32.82 19.71 96.49
N LEU U 269 32.55 19.43 97.76
CA LEU U 269 31.28 19.72 98.40
C LEU U 269 31.49 20.65 99.59
N LYS U 270 30.37 21.17 100.11
CA LYS U 270 30.39 21.94 101.33
C LYS U 270 30.82 21.07 102.50
N LYS U 271 31.46 21.70 103.49
CA LYS U 271 32.03 20.97 104.63
C LYS U 271 30.95 20.29 105.45
N THR U 272 29.80 20.96 105.64
CA THR U 272 28.72 20.39 106.43
C THR U 272 28.06 19.21 105.74
N ILE U 273 28.07 19.20 104.41
CA ILE U 273 27.53 18.05 103.67
C ILE U 273 28.43 16.83 103.83
N ILE U 274 29.75 17.03 103.74
CA ILE U 274 30.67 15.92 103.96
C ILE U 274 30.76 15.59 105.45
N LEU U 275 30.44 16.55 106.32
CA LEU U 275 30.30 16.22 107.74
C LEU U 275 29.12 15.31 107.99
N ALA U 276 28.02 15.53 107.26
CA ALA U 276 26.90 14.59 107.33
C ALA U 276 27.25 13.26 106.68
N ALA U 277 28.19 13.26 105.74
CA ALA U 277 28.65 12.02 105.14
C ALA U 277 29.43 11.18 106.14
N MET U 278 30.13 11.83 107.07
CA MET U 278 30.78 11.08 108.16
C MET U 278 29.76 10.38 109.05
N GLU U 279 28.72 11.11 109.48
CA GLU U 279 27.82 10.57 110.49
C GLU U 279 26.94 9.47 109.94
N THR U 280 26.61 9.53 108.65
CA THR U 280 25.83 8.46 108.05
C THR U 280 26.65 7.21 107.80
N ILE U 281 27.94 7.37 107.46
CA ILE U 281 28.83 6.22 107.37
C ILE U 281 29.08 5.62 108.75
N LEU U 282 29.31 6.48 109.74
CA LEU U 282 29.70 6.05 111.07
C LEU U 282 28.56 5.47 111.88
N SER U 283 27.32 5.63 111.43
CA SER U 283 26.17 5.26 112.27
C SER U 283 25.99 3.76 112.34
N ASN U 284 25.71 3.12 111.20
CA ASN U 284 25.35 1.72 111.16
C ASN U 284 26.47 0.84 110.60
N LEU U 285 27.71 1.17 110.93
CA LEU U 285 28.86 0.39 110.48
C LEU U 285 29.17 -0.69 111.51
N ASP U 286 28.83 -1.94 111.19
CA ASP U 286 29.14 -3.07 112.04
C ASP U 286 29.71 -4.26 111.30
N ALA U 287 29.68 -4.26 109.97
CA ALA U 287 30.26 -5.35 109.19
C ALA U 287 31.78 -5.28 109.25
N LYS U 288 32.41 -6.44 109.48
CA LYS U 288 33.87 -6.50 109.58
C LYS U 288 34.52 -6.19 108.23
N GLU U 289 33.95 -6.70 107.15
CA GLU U 289 34.52 -6.44 105.83
C GLU U 289 34.30 -5.00 105.37
N ALA U 290 33.31 -4.31 105.93
CA ALA U 290 33.01 -2.95 105.55
C ALA U 290 33.72 -1.91 106.41
N LYS U 291 34.41 -2.32 107.47
CA LYS U 291 35.09 -1.36 108.34
C LYS U 291 36.35 -0.83 107.68
N HIS U 292 37.04 -1.67 106.89
CA HIS U 292 38.23 -1.21 106.19
C HIS U 292 37.86 -0.27 105.04
N SER U 293 36.75 -0.55 104.36
CA SER U 293 36.30 0.32 103.28
C SER U 293 35.78 1.65 103.81
N ALA U 294 35.19 1.64 105.00
CA ALA U 294 34.65 2.88 105.57
C ALA U 294 35.77 3.81 106.02
N LEU U 295 36.89 3.25 106.50
CA LEU U 295 38.00 4.09 106.93
C LEU U 295 38.69 4.74 105.73
N LEU U 296 38.76 4.04 104.61
CA LEU U 296 39.37 4.62 103.42
C LEU U 296 38.46 5.64 102.77
N THR U 297 37.14 5.50 102.95
CA THR U 297 36.20 6.46 102.38
C THR U 297 36.25 7.78 103.13
N ILE U 298 36.25 7.73 104.47
CA ILE U 298 36.36 8.92 105.29
C ILE U 298 37.73 9.58 105.09
N CYS U 299 38.75 8.78 104.86
CA CYS U 299 40.06 9.28 104.45
C CYS U 299 39.99 10.04 103.13
N LYS U 300 39.29 9.49 102.14
CA LYS U 300 39.23 10.14 100.84
C LYS U 300 38.28 11.33 100.86
N LEU U 301 37.23 11.27 101.68
CA LEU U 301 36.26 12.35 101.73
C LEU U 301 36.84 13.60 102.35
N PHE U 302 37.81 13.46 103.25
CA PHE U 302 38.38 14.63 103.90
C PHE U 302 39.35 15.36 102.99
N GLN U 303 40.08 14.64 102.15
CA GLN U 303 41.03 15.29 101.26
C GLN U 303 40.39 15.80 99.98
N THR U 304 39.11 15.54 99.77
CA THR U 304 38.44 16.09 98.60
C THR U 304 38.20 17.59 98.76
N LEU U 305 37.69 17.99 99.92
CA LEU U 305 37.33 19.39 100.11
C LEU U 305 38.55 20.21 100.50
N LYS U 306 38.57 21.46 100.03
CA LYS U 306 39.69 22.37 100.21
C LYS U 306 39.15 23.73 100.61
N GLY U 307 39.86 24.39 101.51
CA GLY U 307 39.45 25.70 101.98
C GLY U 307 40.00 25.96 103.36
N GLN U 308 39.67 27.15 103.87
CA GLN U 308 40.01 27.45 105.26
C GLN U 308 39.10 26.66 106.18
N GLY U 309 39.66 26.21 107.30
CA GLY U 309 38.91 25.33 108.18
C GLY U 309 38.73 23.93 107.63
N ASN U 310 39.55 23.53 106.65
CA ASN U 310 39.48 22.17 106.11
C ASN U 310 39.89 21.16 107.16
N VAL U 311 40.92 21.46 107.93
CA VAL U 311 41.50 20.49 108.85
C VAL U 311 41.25 20.94 110.29
N ASP U 312 40.15 21.64 110.51
CA ASP U 312 39.81 22.14 111.83
C ASP U 312 39.25 21.01 112.70
N GLN U 313 38.82 21.36 113.91
CA GLN U 313 38.35 20.37 114.86
C GLN U 313 36.96 19.88 114.50
N LEU U 314 36.75 18.58 114.64
CA LEU U 314 35.45 17.97 114.41
C LEU U 314 34.52 18.31 115.57
N PRO U 315 33.21 18.21 115.35
CA PRO U 315 32.27 18.28 116.48
C PRO U 315 32.46 17.10 117.43
N SER U 316 32.11 17.32 118.70
CA SER U 316 32.27 16.30 119.72
C SER U 316 31.33 15.13 119.51
N LYS U 317 30.18 15.37 118.86
CA LYS U 317 29.28 14.28 118.53
C LYS U 317 29.91 13.33 117.52
N ILE U 318 30.59 13.89 116.50
CA ILE U 318 31.25 13.07 115.51
C ILE U 318 32.51 12.43 116.07
N PHE U 319 33.22 13.12 116.96
CA PHE U 319 34.48 12.60 117.48
C PHE U 319 34.27 11.41 118.40
N LYS U 320 33.28 11.48 119.29
CA LYS U 320 33.00 10.34 120.14
C LYS U 320 32.33 9.21 119.37
N LEU U 321 31.63 9.53 118.28
CA LEU U 321 31.14 8.49 117.40
C LEU U 321 32.30 7.80 116.67
N PHE U 322 33.33 8.55 116.33
CA PHE U 322 34.49 7.95 115.69
C PHE U 322 35.35 7.20 116.68
N ASP U 323 35.36 7.62 117.95
CA ASP U 323 36.12 6.91 118.97
C ASP U 323 35.51 5.57 119.28
N SER U 324 34.17 5.49 119.29
CA SER U 324 33.50 4.21 119.53
C SER U 324 33.61 3.29 118.32
N LYS U 325 33.40 3.84 117.12
CA LYS U 325 33.39 3.03 115.91
C LYS U 325 34.78 2.76 115.36
N PHE U 326 35.82 3.40 115.88
CA PHE U 326 37.17 3.18 115.41
C PHE U 326 38.12 3.42 116.57
N ASP U 327 38.80 2.37 117.02
CA ASP U 327 39.79 2.51 118.07
C ASP U 327 41.02 3.23 117.52
N THR U 328 41.76 3.87 118.43
CA THR U 328 42.99 4.54 118.04
C THR U 328 44.05 3.53 117.61
N VAL U 329 44.04 2.34 118.21
CA VAL U 329 44.93 1.27 117.78
C VAL U 329 44.56 0.79 116.38
N SER U 330 43.26 0.77 116.08
CA SER U 330 42.78 0.31 114.79
C SER U 330 43.21 1.24 113.66
N ILE U 331 43.17 2.56 113.89
CA ILE U 331 43.62 3.48 112.86
C ILE U 331 45.14 3.54 112.81
N LEU U 332 45.82 3.13 113.88
CA LEU U 332 47.29 3.05 113.84
C LEU U 332 47.73 1.84 113.03
N THR U 333 47.05 0.70 113.19
CA THR U 333 47.37 -0.47 112.39
C THR U 333 46.95 -0.30 110.94
N PHE U 334 45.96 0.56 110.68
CA PHE U 334 45.63 0.92 109.31
C PHE U 334 46.76 1.72 108.67
N LEU U 335 47.40 2.59 109.44
CA LEU U 335 48.51 3.37 108.92
C LEU U 335 49.78 2.53 108.78
N ASP U 336 49.81 1.35 109.41
CA ASP U 336 50.96 0.46 109.31
C ASP U 336 51.11 -0.14 107.91
N LYS U 337 50.03 -0.15 107.13
CA LYS U 337 50.05 -0.72 105.79
C LYS U 337 50.95 0.08 104.87
N GLU U 338 51.84 -0.61 104.16
CA GLU U 338 52.85 0.04 103.34
C GLU U 338 52.30 0.63 102.05
N ASP U 339 51.04 0.35 101.70
CA ASP U 339 50.37 1.12 100.66
C ASP U 339 50.22 2.57 101.07
N LYS U 340 49.77 2.80 102.31
CA LYS U 340 49.70 4.08 103.02
C LYS U 340 48.98 5.16 102.22
N PRO U 341 47.66 5.13 102.14
CA PRO U 341 46.93 6.12 101.33
C PRO U 341 47.02 7.52 101.92
N VAL U 342 46.45 8.47 101.19
CA VAL U 342 46.60 9.88 101.54
C VAL U 342 45.62 10.28 102.65
N CYS U 343 46.02 10.06 103.89
CA CYS U 343 45.19 10.37 105.05
C CYS U 343 45.67 11.63 105.77
N ASP U 344 46.32 12.55 105.04
CA ASP U 344 47.02 13.65 105.69
C ASP U 344 46.07 14.66 106.28
N LYS U 345 45.03 15.05 105.54
CA LYS U 345 44.10 16.06 106.04
C LYS U 345 43.20 15.50 107.14
N PHE U 346 42.92 14.19 107.09
CA PHE U 346 42.06 13.61 108.11
C PHE U 346 42.78 13.48 109.44
N ILE U 347 44.07 13.11 109.42
CA ILE U 347 44.81 12.86 110.65
C ILE U 347 45.02 14.14 111.43
N THR U 348 45.39 15.24 110.75
CA THR U 348 45.57 16.51 111.43
C THR U 348 44.24 17.09 111.88
N SER U 349 43.13 16.69 111.26
CA SER U 349 41.83 17.08 111.77
C SER U 349 41.38 16.14 112.88
N TYR U 350 41.90 14.91 112.88
CA TYR U 350 41.59 13.98 113.95
C TYR U 350 42.31 14.36 115.24
N THR U 351 43.59 14.70 115.15
CA THR U 351 44.36 14.96 116.36
C THR U 351 44.08 16.31 116.98
N ARG U 352 43.54 17.26 116.21
CA ARG U 352 43.08 18.51 116.83
C ARG U 352 41.83 18.26 117.64
N SER U 353 40.97 17.34 117.20
CA SER U 353 39.83 16.94 118.00
C SER U 353 40.26 16.07 119.17
N ILE U 354 41.39 15.37 119.05
CA ILE U 354 41.95 14.64 120.17
C ILE U 354 42.44 15.62 121.23
N ALA U 355 43.17 16.65 120.80
CA ALA U 355 43.73 17.61 121.74
C ALA U 355 42.66 18.49 122.38
N ARG U 356 41.50 18.63 121.73
CA ARG U 356 40.45 19.46 122.28
C ARG U 356 39.57 18.69 123.27
N TYR U 357 39.17 17.48 122.92
CA TYR U 357 38.08 16.83 123.64
C TYR U 357 38.56 15.93 124.78
N ASP U 358 39.34 14.89 124.48
CA ASP U 358 39.73 13.97 125.53
C ASP U 358 40.79 14.57 126.45
N ARG U 359 41.80 15.24 125.86
CA ARG U 359 42.90 15.93 126.58
C ARG U 359 43.68 15.01 127.52
N SER U 360 43.68 13.73 127.25
CA SER U 360 44.32 12.77 128.15
C SER U 360 45.28 11.84 127.41
N LYS U 361 44.95 11.44 126.19
CA LYS U 361 45.75 10.51 125.41
C LYS U 361 46.55 11.31 124.39
N LEU U 362 47.79 11.64 124.76
CA LEU U 362 48.75 12.23 123.84
C LEU U 362 49.85 11.27 123.44
N ASN U 363 49.79 10.02 123.88
CA ASN U 363 50.74 9.03 123.39
C ASN U 363 50.38 8.56 122.00
N ILE U 364 49.12 8.73 121.60
CA ILE U 364 48.69 8.29 120.27
C ILE U 364 49.26 9.20 119.19
N ILE U 365 49.25 10.52 119.43
CA ILE U 365 49.79 11.47 118.46
C ILE U 365 51.31 11.36 118.38
N LEU U 366 51.96 10.88 119.45
CA LEU U 366 53.37 10.52 119.35
C LEU U 366 53.56 9.37 118.38
N SER U 367 52.64 8.39 118.41
CA SER U 367 52.72 7.29 117.46
C SER U 367 52.13 7.67 116.12
N LEU U 368 51.20 8.64 116.11
CA LEU U 368 50.61 9.08 114.84
C LEU U 368 51.61 9.88 114.03
N LEU U 369 52.36 10.78 114.67
CA LEU U 369 53.31 11.62 113.96
C LEU U 369 54.52 10.81 113.47
N LYS U 370 54.93 9.80 114.23
CA LYS U 370 56.03 8.95 113.79
C LYS U 370 55.61 8.07 112.61
N LYS U 371 54.34 7.71 112.53
CA LYS U 371 53.88 6.85 111.45
C LYS U 371 53.69 7.62 110.15
N ILE U 372 52.86 8.66 110.19
CA ILE U 372 52.50 9.40 108.98
C ILE U 372 53.56 10.46 108.71
N ARG U 373 53.66 10.86 107.44
CA ARG U 373 54.45 12.02 107.03
C ARG U 373 53.46 13.12 106.67
N LEU U 374 53.57 14.26 107.35
CA LEU U 374 52.62 15.34 107.20
C LEU U 374 53.25 16.50 106.45
N GLU U 375 52.39 17.35 105.89
CA GLU U 375 52.84 18.51 105.13
C GLU U 375 53.18 19.66 106.07
N ARG U 376 53.47 20.83 105.52
CA ARG U 376 53.97 21.92 106.34
C ARG U 376 52.86 22.59 107.14
N TYR U 377 51.78 23.00 106.47
CA TYR U 377 50.75 23.79 107.13
C TYR U 377 49.92 22.95 108.10
N GLU U 378 49.83 21.64 107.87
CA GLU U 378 49.11 20.78 108.80
C GLU U 378 49.90 20.60 110.09
N VAL U 379 51.22 20.58 110.01
CA VAL U 379 52.05 20.49 111.20
C VAL U 379 51.95 21.78 112.00
N ARG U 380 51.87 22.93 111.30
CA ARG U 380 51.74 24.22 111.97
C ARG U 380 50.44 24.32 112.74
N LEU U 381 49.35 23.79 112.19
CA LEU U 381 48.07 23.85 112.87
C LEU U 381 48.00 22.87 114.03
N ILE U 382 48.77 21.79 113.97
CA ILE U 382 48.85 20.86 115.09
C ILE U 382 49.61 21.50 116.26
N ILE U 383 50.75 22.11 115.96
CA ILE U 383 51.60 22.71 116.99
C ILE U 383 50.91 23.91 117.64
N THR U 384 50.16 24.67 116.84
CA THR U 384 49.42 25.82 117.36
C THR U 384 48.33 25.40 118.34
N ASP U 385 47.66 24.28 118.07
CA ASP U 385 46.69 23.78 119.04
C ASP U 385 47.37 23.15 120.24
N LEU U 386 48.54 22.54 120.06
CA LEU U 386 49.25 21.99 121.20
C LEU U 386 49.90 23.09 122.04
N ILE U 387 50.23 24.22 121.42
CA ILE U 387 50.66 25.39 122.18
C ILE U 387 49.50 25.94 122.99
N TYR U 388 48.30 25.99 122.39
CA TYR U 388 47.11 26.36 123.13
C TYR U 388 46.76 25.33 124.21
N LEU U 389 47.10 24.06 123.95
CA LEU U 389 46.98 23.04 124.98
C LEU U 389 47.97 23.27 126.11
N SER U 390 49.15 23.80 125.80
CA SER U 390 50.16 24.06 126.83
C SER U 390 49.75 25.19 127.76
N GLU U 391 48.88 26.09 127.28
CA GLU U 391 48.44 27.20 128.11
C GLU U 391 47.42 26.75 129.16
N ILE U 392 46.48 25.89 128.77
CA ILE U 392 45.31 25.64 129.61
C ILE U 392 45.44 24.33 130.40
N LEU U 393 46.05 23.29 129.83
CA LEU U 393 46.14 22.00 130.49
C LEU U 393 47.23 22.01 131.54
N GLU U 394 46.99 21.30 132.64
CA GLU U 394 48.00 21.11 133.67
C GLU U 394 49.07 20.18 133.11
N ASP U 395 50.19 20.78 132.70
CA ASP U 395 51.10 20.18 131.72
C ASP U 395 51.86 19.01 132.32
N LYS U 396 51.51 17.81 131.86
CA LYS U 396 52.33 16.64 132.14
C LYS U 396 53.55 16.62 131.23
N SER U 397 54.51 15.77 131.57
CA SER U 397 55.77 15.71 130.85
C SER U 397 55.65 15.04 129.48
N GLN U 398 54.54 14.36 129.20
CA GLN U 398 54.35 13.80 127.86
C GLN U 398 54.08 14.89 126.84
N LEU U 399 53.55 16.03 127.29
CA LEU U 399 53.44 17.20 126.41
C LEU U 399 54.83 17.74 126.06
N VAL U 400 55.76 17.70 127.03
CA VAL U 400 57.14 18.06 126.76
C VAL U 400 57.78 17.06 125.81
N GLU U 401 57.41 15.77 125.93
CA GLU U 401 57.89 14.77 125.00
C GLU U 401 57.35 15.00 123.60
N LEU U 402 56.12 15.49 123.48
CA LEU U 402 55.54 15.74 122.17
C LEU U 402 56.21 16.92 121.47
N PHE U 403 56.51 17.99 122.21
CA PHE U 403 57.26 19.09 121.63
C PHE U 403 58.73 18.74 121.45
N GLU U 404 59.24 17.72 122.16
CA GLU U 404 60.59 17.24 121.93
C GLU U 404 60.71 16.62 120.54
N TYR U 405 59.65 15.97 120.07
CA TYR U 405 59.61 15.56 118.67
C TYR U 405 59.52 16.76 117.76
N PHE U 406 58.78 17.79 118.18
CA PHE U 406 58.56 18.97 117.34
C PHE U 406 59.82 19.80 117.18
N ILE U 407 60.77 19.72 118.11
CA ILE U 407 62.06 20.35 117.94
C ILE U 407 63.10 19.39 117.35
N SER U 408 62.82 18.08 117.34
CA SER U 408 63.71 17.13 116.70
C SER U 408 63.66 17.26 115.19
N ILE U 409 62.50 17.59 114.63
CA ILE U 409 62.34 17.78 113.20
C ILE U 409 61.57 19.08 112.99
N ASN U 410 62.10 19.95 112.12
CA ASN U 410 61.51 21.24 111.73
C ASN U 410 61.33 22.15 112.95
N GLU U 411 62.46 22.47 113.60
CA GLU U 411 62.42 23.30 114.79
C GLU U 411 62.22 24.78 114.48
N ASP U 412 62.39 25.19 113.22
CA ASP U 412 62.09 26.58 112.88
C ASP U 412 60.59 26.85 112.86
N LEU U 413 59.79 25.83 112.56
CA LEU U 413 58.35 25.99 112.49
C LEU U 413 57.75 26.22 113.87
N VAL U 414 58.17 25.42 114.86
CA VAL U 414 57.66 25.58 116.22
C VAL U 414 58.20 26.86 116.83
N LEU U 415 59.41 27.28 116.44
CA LEU U 415 59.97 28.53 116.94
C LEU U 415 59.25 29.74 116.34
N LYS U 416 58.82 29.63 115.08
CA LYS U 416 58.16 30.75 114.42
C LYS U 416 56.77 30.99 114.97
N CYS U 417 56.00 29.91 115.16
CA CYS U 417 54.65 30.06 115.72
C CYS U 417 54.69 30.39 117.20
N LEU U 418 55.76 30.04 117.90
CA LEU U 418 55.94 30.50 119.27
C LEU U 418 56.19 32.00 119.32
N LYS U 419 56.87 32.53 118.31
CA LYS U 419 57.04 33.98 118.20
C LYS U 419 55.71 34.65 117.89
N SER U 420 54.83 33.95 117.17
CA SER U 420 53.51 34.48 116.88
C SER U 420 52.64 34.54 118.14
N LEU U 421 52.74 33.51 118.99
CA LEU U 421 51.95 33.41 120.22
C LEU U 421 52.90 33.17 121.39
N GLY U 422 53.38 34.26 121.99
CA GLY U 422 54.19 34.14 123.18
C GLY U 422 55.67 34.36 122.97
N LEU U 423 56.48 33.79 123.85
CA LEU U 423 57.92 33.96 123.83
C LEU U 423 58.59 32.60 123.66
N THR U 424 59.70 32.58 122.91
CA THR U 424 60.44 31.35 122.67
C THR U 424 61.04 30.79 123.96
N GLY U 425 61.57 31.66 124.81
CA GLY U 425 62.16 31.22 126.07
C GLY U 425 61.15 30.86 127.13
N UNK U 426 59.89 31.22 126.90
CA UNK U 426 58.84 30.97 127.86
C UNK U 426 58.27 29.56 127.74
N UNK U 427 58.71 28.84 126.70
CA UNK U 427 58.22 27.49 126.47
C UNK U 427 58.80 26.50 127.48
N UNK U 428 60.07 26.69 127.83
CA UNK U 428 60.73 25.82 128.80
C UNK U 428 60.23 26.11 130.20
N UNK U 429 59.84 27.36 130.44
CA UNK U 429 59.30 27.77 131.73
C UNK U 429 57.88 27.25 131.90
N UNK U 430 57.15 27.13 130.79
CA UNK U 430 55.78 26.65 130.83
C UNK U 430 55.74 25.13 130.63
N UNK U 431 56.88 24.56 130.24
CA UNK U 431 56.98 23.12 130.04
C UNK U 431 58.42 22.65 130.23
N GLU V 1 157.39 31.85 75.30
CA GLU V 1 156.93 32.71 74.20
C GLU V 1 155.44 32.96 74.27
N ARG V 2 154.74 32.73 73.15
CA ARG V 2 153.30 32.87 73.13
C ARG V 2 152.78 31.91 72.07
N MET V 3 151.50 32.07 71.71
CA MET V 3 150.89 31.11 70.80
C MET V 3 149.79 31.76 69.99
N ILE V 4 149.39 31.07 68.94
CA ILE V 4 148.34 31.51 68.02
C ILE V 4 147.13 30.62 68.18
N VAL V 5 145.96 31.16 67.84
CA VAL V 5 144.74 30.38 67.75
C VAL V 5 144.28 30.36 66.30
N HIS V 6 143.42 29.39 66.01
CA HIS V 6 142.73 29.25 64.72
C HIS V 6 141.25 29.14 65.03
N ARG V 7 140.56 30.29 64.99
CA ARG V 7 139.17 30.41 65.43
C ARG V 7 138.25 30.04 64.27
N CYS V 8 137.66 28.86 64.34
CA CYS V 8 136.88 28.30 63.23
C CYS V 8 135.39 28.52 63.47
N ARG V 9 134.70 29.01 62.43
CA ARG V 9 133.24 29.11 62.45
C ARG V 9 132.60 28.51 61.21
N PHE V 10 133.39 27.88 60.33
CA PHE V 10 132.88 27.43 59.05
C PHE V 10 132.02 26.17 59.15
N VAL V 11 132.18 25.38 60.21
CA VAL V 11 131.47 24.11 60.32
C VAL V 11 130.02 24.36 60.73
N ASP V 12 129.09 23.76 59.98
CA ASP V 12 127.66 23.92 60.23
C ASP V 12 127.20 22.78 61.12
N PHE V 13 127.21 22.99 62.43
CA PHE V 13 126.66 22.04 63.38
C PHE V 13 125.60 22.73 64.20
N THR V 14 124.44 22.08 64.35
CA THR V 14 123.33 22.59 65.14
C THR V 14 122.49 21.42 65.60
N PRO V 15 121.90 21.50 66.79
CA PRO V 15 120.91 20.49 67.18
C PRO V 15 119.56 20.78 66.57
N ALA V 16 118.55 20.00 66.94
CA ALA V 16 117.20 20.27 66.48
C ALA V 16 116.42 20.98 67.57
N THR V 17 115.15 21.26 67.30
CA THR V 17 114.28 21.82 68.32
C THR V 17 113.95 20.78 69.37
N ILE V 18 113.91 21.23 70.63
CA ILE V 18 113.53 20.36 71.74
C ILE V 18 112.01 20.24 71.73
N THR V 19 111.51 19.03 71.50
CA THR V 19 110.08 18.83 71.29
C THR V 19 109.35 18.36 72.54
N SER V 20 109.90 17.39 73.27
CA SER V 20 109.22 16.86 74.44
C SER V 20 110.23 16.58 75.54
N LEU V 21 109.78 16.77 76.78
CA LEU V 21 110.55 16.44 77.96
C LEU V 21 109.73 15.51 78.85
N ALA V 22 110.44 14.74 79.68
CA ALA V 22 109.81 13.81 80.61
C ALA V 22 110.80 13.47 81.71
N PHE V 23 110.38 13.63 82.96
CA PHE V 23 111.22 13.26 84.08
C PHE V 23 111.15 11.76 84.33
N SER V 24 111.86 11.30 85.35
CA SER V 24 111.91 9.89 85.68
C SER V 24 111.16 9.54 86.96
N HIS V 25 110.46 10.50 87.56
CA HIS V 25 109.85 10.28 88.86
C HIS V 25 108.66 11.22 89.02
N LYS V 26 107.93 11.04 90.11
CA LYS V 26 107.01 12.06 90.60
C LYS V 26 107.78 13.03 91.49
N SER V 27 107.07 13.99 92.09
CA SER V 27 107.78 15.02 92.84
C SER V 27 108.14 14.55 94.25
N ASN V 28 107.13 14.33 95.09
CA ASN V 28 107.26 13.85 96.48
C ASN V 28 108.18 14.75 97.31
N ILE V 29 107.69 15.96 97.58
CA ILE V 29 108.47 16.99 98.28
C ILE V 29 108.89 16.57 99.69
N ASN V 30 108.21 15.62 100.31
CA ASN V 30 108.68 15.10 101.58
C ASN V 30 109.90 14.22 101.39
N LYS V 31 109.92 13.43 100.33
CA LYS V 31 111.03 12.51 100.07
C LYS V 31 112.21 13.28 99.48
N LEU V 32 113.41 12.74 99.69
CA LEU V 32 114.62 13.30 99.11
C LEU V 32 114.69 13.00 97.61
N THR V 33 115.73 13.52 96.98
CA THR V 33 115.96 13.25 95.55
C THR V 33 116.41 11.80 95.37
N PRO V 34 115.70 11.00 94.59
CA PRO V 34 116.17 9.64 94.31
C PRO V 34 117.39 9.67 93.40
N SER V 35 118.20 8.62 93.51
CA SER V 35 119.44 8.54 92.75
C SER V 35 119.21 8.22 91.28
N ASP V 36 118.01 7.81 90.89
CA ASP V 36 117.67 7.58 89.49
C ASP V 36 116.86 8.73 88.90
N LEU V 37 117.05 9.94 89.41
CA LEU V 37 116.38 11.10 88.84
C LEU V 37 117.06 11.48 87.53
N ARG V 38 116.35 11.26 86.42
CA ARG V 38 116.82 11.65 85.09
C ARG V 38 115.70 12.38 84.37
N LEU V 39 116.06 13.04 83.28
CA LEU V 39 115.07 13.59 82.37
C LEU V 39 115.48 13.28 80.94
N ALA V 40 114.50 13.23 80.06
CA ALA V 40 114.72 12.93 78.66
C ALA V 40 114.46 14.19 77.83
N ILE V 41 115.33 14.45 76.87
CA ILE V 41 115.17 15.56 75.94
C ILE V 41 114.95 15.00 74.54
N GLY V 42 113.79 15.26 73.97
CA GLY V 42 113.47 14.74 72.66
C GLY V 42 113.66 15.75 71.55
N ARG V 43 114.74 15.60 70.79
CA ARG V 43 115.00 16.49 69.68
C ARG V 43 114.18 16.07 68.46
N SER V 44 114.12 16.96 67.47
CA SER V 44 113.47 16.65 66.21
C SER V 44 114.40 15.91 65.24
N ASN V 45 115.65 15.70 65.61
CA ASN V 45 116.58 14.91 64.83
C ASN V 45 116.58 13.44 65.25
N GLY V 46 115.59 13.02 66.01
CA GLY V 46 115.60 11.68 66.57
C GLY V 46 116.56 11.51 67.71
N ASN V 47 117.02 12.61 68.29
CA ASN V 47 118.03 12.56 69.34
C ASN V 47 117.35 12.59 70.70
N ILE V 48 117.59 11.56 71.50
CA ILE V 48 117.07 11.47 72.86
C ILE V 48 118.26 11.56 73.80
N GLU V 49 118.23 12.53 74.71
CA GLU V 49 119.33 12.79 75.62
C GLU V 49 118.84 12.58 77.04
N ILE V 50 119.54 11.75 77.80
CA ILE V 50 119.22 11.49 79.19
C ILE V 50 120.15 12.31 80.06
N TRP V 51 119.59 13.19 80.87
CA TRP V 51 120.36 14.16 81.64
C TRP V 51 120.16 13.92 83.13
N ASN V 52 121.24 14.07 83.89
CA ASN V 52 121.14 14.10 85.34
C ASN V 52 120.97 15.54 85.79
N PRO V 53 119.85 15.91 86.42
CA PRO V 53 119.69 17.28 86.91
C PRO V 53 120.57 17.58 88.11
N ARG V 54 120.97 16.58 88.87
CA ARG V 54 121.86 16.80 90.00
C ARG V 54 123.26 17.14 89.52
N ASN V 55 123.99 17.86 90.36
CA ASN V 55 125.41 18.18 90.19
C ASN V 55 125.68 18.96 88.91
N ASN V 56 125.03 20.14 88.83
CA ASN V 56 125.26 21.15 87.80
C ASN V 56 124.95 20.65 86.38
N TRP V 57 123.99 19.73 86.29
CA TRP V 57 123.29 19.36 85.05
C TRP V 57 124.23 18.81 83.97
N PHE V 58 124.81 17.65 84.27
CA PHE V 58 125.66 16.96 83.32
C PHE V 58 124.85 15.96 82.51
N GLN V 59 125.14 15.90 81.22
CA GLN V 59 124.44 14.99 80.30
C GLN V 59 125.11 13.62 80.33
N GLU V 60 124.30 12.57 80.46
CA GLU V 60 124.86 11.22 80.57
C GLU V 60 124.92 10.51 79.22
N MET V 61 123.78 10.28 78.59
CA MET V 61 123.68 9.34 77.48
C MET V 61 122.97 10.00 76.32
N VAL V 62 123.41 9.69 75.09
CA VAL V 62 122.84 10.26 73.87
C VAL V 62 122.48 9.14 72.91
N ILE V 63 121.21 9.13 72.48
CA ILE V 63 120.70 8.15 71.52
C ILE V 63 120.28 8.90 70.27
N GLU V 64 120.88 8.55 69.14
CA GLU V 64 120.71 9.29 67.90
C GLU V 64 119.81 8.51 66.94
N GLY V 65 118.81 9.19 66.39
CA GLY V 65 117.83 8.54 65.53
C GLY V 65 118.22 8.43 64.08
N GLY V 66 118.46 9.56 63.42
CA GLY V 66 119.00 9.58 62.07
C GLY V 66 118.11 10.36 61.11
N LYS V 67 118.08 9.90 59.85
CA LYS V 67 117.51 10.65 58.75
C LYS V 67 115.98 10.61 58.81
N ASP V 68 115.38 11.79 58.98
CA ASP V 68 113.92 12.00 59.05
C ASP V 68 113.29 11.16 60.15
N ARG V 69 113.86 11.28 61.35
CA ARG V 69 113.32 10.68 62.56
C ARG V 69 113.18 11.79 63.60
N SER V 70 112.14 11.70 64.42
CA SER V 70 111.88 12.72 65.42
C SER V 70 111.12 12.10 66.58
N ILE V 71 111.02 12.86 67.66
CA ILE V 71 110.29 12.45 68.86
C ILE V 71 109.15 13.44 69.06
N GLU V 72 107.92 12.92 69.06
CA GLU V 72 106.73 13.72 69.29
C GLU V 72 106.22 13.61 70.71
N GLY V 73 106.90 12.86 71.56
CA GLY V 73 106.47 12.67 72.93
C GLY V 73 107.28 11.60 73.64
N LEU V 74 107.44 11.74 74.94
CA LEU V 74 108.18 10.78 75.75
C LEU V 74 107.38 10.40 76.97
N CYS V 75 107.69 9.21 77.50
CA CYS V 75 107.12 8.75 78.76
C CYS V 75 108.17 7.92 79.47
N TRP V 76 108.01 7.79 80.78
CA TRP V 76 108.96 7.06 81.62
C TRP V 76 108.20 6.07 82.50
N SER V 77 108.22 4.81 82.12
CA SER V 77 107.61 3.75 82.90
C SER V 77 108.54 3.41 84.05
N ASN V 78 108.32 4.03 85.20
CA ASN V 78 109.15 3.82 86.38
C ASN V 78 108.31 3.07 87.41
N VAL V 79 108.33 1.75 87.35
CA VAL V 79 107.71 0.94 88.38
C VAL V 79 108.62 0.91 89.59
N ASN V 80 108.03 0.90 90.78
CA ASN V 80 108.80 1.00 92.01
C ASN V 80 109.53 -0.32 92.28
N GLY V 81 110.81 -0.23 92.57
CA GLY V 81 111.63 -1.39 92.84
C GLY V 81 112.22 -2.09 91.63
N GLU V 82 111.41 -2.26 90.58
CA GLU V 82 111.83 -2.99 89.40
C GLU V 82 112.54 -2.05 88.41
N SER V 83 112.81 -2.55 87.22
CA SER V 83 113.54 -1.79 86.22
C SER V 83 112.66 -0.74 85.56
N LEU V 84 113.24 0.42 85.27
CA LEU V 84 112.55 1.50 84.60
C LEU V 84 112.87 1.47 83.11
N ARG V 85 111.90 1.91 82.31
CA ARG V 85 111.99 1.89 80.86
C ARG V 85 111.59 3.24 80.31
N LEU V 86 112.08 3.54 79.12
CA LEU V 86 111.77 4.78 78.42
C LEU V 86 110.91 4.45 77.21
N PHE V 87 109.75 5.08 77.13
CA PHE V 87 108.86 4.97 75.98
C PHE V 87 108.87 6.27 75.21
N SER V 88 108.70 6.19 73.90
CA SER V 88 108.72 7.37 73.06
C SER V 88 107.85 7.16 71.84
N ILE V 89 107.58 8.25 71.15
CA ILE V 89 106.92 8.23 69.86
C ILE V 89 107.94 8.59 68.79
N GLY V 90 107.80 7.97 67.62
CA GLY V 90 108.45 8.50 66.44
C GLY V 90 107.54 9.50 65.78
N GLY V 91 107.53 9.53 64.45
CA GLY V 91 106.54 10.31 63.76
C GLY V 91 105.33 9.45 63.44
N SER V 92 105.61 8.21 63.01
CA SER V 92 104.58 7.28 62.57
C SER V 92 103.93 6.59 63.76
N THR V 93 103.20 5.52 63.49
CA THR V 93 102.31 4.88 64.45
C THR V 93 102.99 3.80 65.29
N VAL V 94 104.30 3.88 65.48
CA VAL V 94 105.04 2.87 66.23
C VAL V 94 105.60 3.52 67.48
N VAL V 95 105.19 3.00 68.64
CA VAL V 95 105.84 3.40 69.88
C VAL V 95 107.13 2.61 70.04
N THR V 96 108.14 3.24 70.63
CA THR V 96 109.47 2.66 70.74
C THR V 96 109.85 2.58 72.20
N GLU V 97 109.78 1.38 72.77
CA GLU V 97 110.41 1.13 74.04
C GLU V 97 111.92 1.13 73.84
N TRP V 98 112.62 1.87 74.69
CA TRP V 98 114.04 2.11 74.51
C TRP V 98 114.85 1.28 75.50
N ASP V 99 115.80 0.51 74.97
CA ASP V 99 116.81 -0.13 75.82
C ASP V 99 117.74 0.97 76.32
N LEU V 100 117.59 1.34 77.59
CA LEU V 100 118.54 2.28 78.18
C LEU V 100 119.89 1.65 78.46
N ALA V 101 120.01 0.32 78.38
CA ALA V 101 121.29 -0.35 78.53
C ALA V 101 122.22 -0.03 77.37
N THR V 102 121.72 -0.13 76.13
CA THR V 102 122.56 -0.02 74.96
C THR V 102 122.19 1.12 74.03
N GLY V 103 121.01 1.72 74.17
CA GLY V 103 120.59 2.79 73.28
C GLY V 103 119.84 2.34 72.04
N LEU V 104 119.85 1.05 71.74
CA LEU V 104 119.05 0.53 70.64
C LEU V 104 117.58 0.52 71.04
N PRO V 105 116.65 0.59 70.08
CA PRO V 105 115.24 0.40 70.42
C PRO V 105 114.96 -1.01 70.87
N LEU V 106 114.35 -1.14 72.05
CA LEU V 106 114.10 -2.46 72.63
C LEU V 106 113.03 -3.22 71.86
N ARG V 107 111.97 -2.53 71.45
CA ARG V 107 110.90 -3.18 70.69
C ARG V 107 110.17 -2.10 69.90
N ASN V 108 110.18 -2.22 68.57
CA ASN V 108 109.41 -1.34 67.71
C ASN V 108 107.97 -1.84 67.68
N TYR V 109 107.25 -1.55 68.75
CA TYR V 109 105.86 -2.00 68.89
C TYR V 109 104.96 -1.11 68.04
N ASP V 110 104.46 -1.67 66.94
CA ASP V 110 103.47 -0.96 66.16
C ASP V 110 102.15 -0.89 66.91
N CYS V 111 101.50 0.26 66.85
CA CYS V 111 100.17 0.41 67.39
C CYS V 111 99.15 -0.01 66.33
N ASN V 112 97.87 0.24 66.58
CA ASN V 112 96.86 -0.19 65.61
C ASN V 112 96.49 0.92 64.64
N SER V 113 95.91 2.00 65.14
CA SER V 113 95.19 2.94 64.30
C SER V 113 95.93 4.26 64.15
N GLY V 114 95.70 4.91 63.01
CA GLY V 114 96.07 6.29 62.78
C GLY V 114 97.56 6.54 62.78
N VAL V 115 97.92 7.78 63.07
CA VAL V 115 99.29 8.21 63.31
C VAL V 115 99.35 8.79 64.71
N ILE V 116 100.32 8.35 65.51
CA ILE V 116 100.33 8.68 66.92
C ILE V 116 100.82 10.12 67.11
N TRP V 117 100.05 10.90 67.86
CA TRP V 117 100.38 12.29 68.17
C TRP V 117 101.02 12.41 69.55
N SER V 118 100.34 11.91 70.59
CA SER V 118 100.74 12.13 71.96
C SER V 118 100.73 10.81 72.73
N ILE V 119 101.42 10.82 73.87
CA ILE V 119 101.53 9.63 74.72
C ILE V 119 101.41 10.08 76.17
N SER V 120 100.84 9.20 77.00
CA SER V 120 100.64 9.51 78.41
C SER V 120 100.48 8.22 79.19
N ILE V 121 101.23 8.08 80.28
CA ILE V 121 101.12 6.92 81.16
C ILE V 121 100.08 7.20 82.23
N ASN V 122 99.58 6.14 82.83
CA ASN V 122 98.60 6.26 83.90
C ASN V 122 99.32 6.27 85.25
N ASP V 123 98.56 6.17 86.33
CA ASP V 123 99.16 5.94 87.62
C ASP V 123 99.68 4.50 87.69
N SER V 124 100.77 4.32 88.44
CA SER V 124 101.53 3.08 88.63
C SER V 124 102.14 2.54 87.34
N GLN V 125 102.13 3.35 86.25
CA GLN V 125 102.85 3.08 85.01
C GLN V 125 102.42 1.77 84.35
N ASP V 126 101.13 1.47 84.40
CA ASP V 126 100.60 0.23 83.86
C ASP V 126 100.07 0.36 82.44
N LYS V 127 99.33 1.42 82.13
CA LYS V 127 98.66 1.54 80.85
C LYS V 127 99.22 2.72 80.07
N LEU V 128 99.74 2.45 78.88
CA LEU V 128 100.09 3.50 77.95
C LEU V 128 98.87 3.90 77.15
N SER V 129 98.72 5.20 76.90
CA SER V 129 97.67 5.69 76.02
C SER V 129 98.32 6.50 74.91
N VAL V 130 97.88 6.28 73.68
CA VAL V 130 98.42 6.98 72.52
C VAL V 130 97.27 7.58 71.73
N GLY V 131 97.39 8.87 71.40
CA GLY V 131 96.36 9.57 70.68
C GLY V 131 96.58 9.55 69.19
N CYS V 132 95.80 8.75 68.48
CA CYS V 132 96.00 8.57 67.06
C CYS V 132 95.41 9.74 66.27
N ASP V 133 95.94 9.94 65.07
CA ASP V 133 95.43 10.97 64.17
C ASP V 133 94.10 10.59 63.55
N ASN V 134 93.78 9.29 63.52
CA ASN V 134 92.48 8.86 63.02
C ASN V 134 91.35 9.33 63.93
N GLY V 135 91.57 9.26 65.23
CA GLY V 135 90.54 9.66 66.18
C GLY V 135 90.50 8.72 67.36
N THR V 136 91.08 7.54 67.18
CA THR V 136 91.11 6.55 68.25
C THR V 136 92.13 6.96 69.31
N VAL V 137 91.86 6.54 70.54
CA VAL V 137 92.88 6.46 71.59
C VAL V 137 93.04 4.99 71.92
N VAL V 138 94.28 4.56 72.09
CA VAL V 138 94.63 3.15 72.20
C VAL V 138 95.30 2.91 73.53
N LEU V 139 94.76 1.97 74.30
CA LEU V 139 95.35 1.60 75.59
C LEU V 139 96.27 0.40 75.37
N ILE V 140 97.54 0.59 75.68
CA ILE V 140 98.55 -0.46 75.59
C ILE V 140 99.03 -0.78 76.99
N ASP V 141 98.90 -2.04 77.39
CA ASP V 141 99.25 -2.43 78.75
C ASP V 141 100.75 -2.68 78.87
N ILE V 142 101.28 -2.37 80.06
CA ILE V 142 102.66 -2.68 80.42
C ILE V 142 102.61 -3.64 81.59
N SER V 143 103.05 -4.88 81.38
CA SER V 143 103.07 -5.88 82.46
C SER V 143 104.11 -6.93 82.11
N GLY V 144 105.13 -7.05 82.94
CA GLY V 144 106.12 -8.10 82.76
C GLY V 144 107.53 -7.60 82.51
N GLY V 145 107.83 -6.39 82.97
CA GLY V 145 109.15 -5.84 82.82
C GLY V 145 109.40 -5.30 81.42
N PRO V 146 110.68 -5.18 81.04
CA PRO V 146 111.00 -4.61 79.73
C PRO V 146 110.68 -5.56 78.59
N GLY V 147 110.40 -4.95 77.43
CA GLY V 147 110.29 -5.68 76.19
C GLY V 147 108.95 -6.31 75.90
N VAL V 148 107.98 -6.18 76.79
CA VAL V 148 106.67 -6.81 76.61
C VAL V 148 105.60 -5.72 76.52
N LEU V 149 104.83 -5.77 75.43
CA LEU V 149 103.69 -4.90 75.24
C LEU V 149 102.59 -5.70 74.58
N GLU V 150 101.35 -5.44 74.99
CA GLU V 150 100.21 -6.12 74.39
C GLU V 150 99.09 -5.10 74.23
N HIS V 151 98.25 -5.33 73.23
CA HIS V 151 97.15 -4.41 72.95
C HIS V 151 95.95 -4.77 73.81
N ASP V 152 95.48 -3.81 74.61
CA ASP V 152 94.39 -4.10 75.54
C ASP V 152 93.02 -3.71 74.99
N THR V 153 92.80 -2.42 74.73
CA THR V 153 91.46 -1.93 74.40
C THR V 153 91.57 -0.59 73.68
N ILE V 154 90.97 -0.50 72.50
CA ILE V 154 90.76 0.79 71.86
C ILE V 154 89.48 1.39 72.39
N LEU V 155 89.57 2.57 73.01
CA LEU V 155 88.39 3.26 73.48
C LEU V 155 87.64 3.85 72.30
N MET V 156 86.39 4.27 72.57
CA MET V 156 85.46 4.65 71.51
C MET V 156 85.95 5.93 70.83
N ARG V 157 86.03 5.88 69.50
CA ARG V 157 86.75 6.89 68.76
C ARG V 157 85.82 8.03 68.35
N GLN V 158 86.38 8.99 67.61
CA GLN V 158 85.65 10.15 67.16
C GLN V 158 86.28 10.63 65.85
N GLU V 159 85.67 11.67 65.28
CA GLU V 159 86.08 12.16 63.97
C GLU V 159 87.40 12.94 64.03
N ALA V 160 87.62 13.71 65.08
CA ALA V 160 88.77 14.59 65.14
C ALA V 160 89.99 13.86 65.70
N ARG V 161 91.16 14.38 65.36
CA ARG V 161 92.43 13.81 65.81
C ARG V 161 92.72 14.24 67.24
N VAL V 162 93.21 13.30 68.04
CA VAL V 162 93.59 13.57 69.42
C VAL V 162 94.99 14.14 69.43
N LEU V 163 95.15 15.32 70.06
CA LEU V 163 96.42 16.02 70.07
C LEU V 163 97.16 15.93 71.40
N THR V 164 96.47 15.60 72.49
CA THR V 164 97.10 15.52 73.79
C THR V 164 96.34 14.52 74.65
N LEU V 165 97.01 14.02 75.70
CA LEU V 165 96.43 13.03 76.58
C LEU V 165 96.94 13.23 78.00
N ALA V 166 96.10 12.86 78.97
CA ALA V 166 96.50 12.85 80.37
C ALA V 166 95.55 11.93 81.12
N TRP V 167 96.10 11.09 81.98
CA TRP V 167 95.30 10.25 82.85
C TRP V 167 95.02 10.98 84.15
N LYS V 168 93.74 11.04 84.53
CA LYS V 168 93.40 11.48 85.89
C LYS V 168 93.93 10.49 86.92
N LYS V 169 93.59 9.22 86.75
CA LYS V 169 94.06 8.11 87.54
C LYS V 169 94.02 6.90 86.61
N ASP V 170 93.97 5.70 87.19
CA ASP V 170 93.73 4.50 86.40
C ASP V 170 92.28 4.31 86.00
N ASP V 171 91.43 5.34 86.11
CA ASP V 171 90.01 5.23 85.81
C ASP V 171 89.55 6.05 84.62
N PHE V 172 90.20 7.17 84.31
CA PHE V 172 89.71 8.07 83.27
C PHE V 172 90.86 8.56 82.39
N VAL V 173 90.54 8.79 81.12
CA VAL V 173 91.48 9.38 80.16
C VAL V 173 90.88 10.71 79.71
N ILE V 174 91.62 11.78 79.94
CA ILE V 174 91.21 13.12 79.52
C ILE V 174 92.13 13.53 78.37
N GLY V 175 91.55 13.74 77.21
CA GLY V 175 92.33 14.06 76.02
C GLY V 175 91.67 15.10 75.16
N GLY V 176 92.50 15.97 74.57
CA GLY V 176 91.97 17.00 73.71
C GLY V 176 91.74 16.53 72.29
N CYS V 177 91.10 17.39 71.50
CA CYS V 177 90.79 17.05 70.11
C CYS V 177 90.92 18.29 69.25
N SER V 178 91.16 18.08 67.96
CA SER V 178 91.34 19.20 67.04
C SER V 178 90.04 19.79 66.54
N ASP V 179 88.89 19.26 66.96
CA ASP V 179 87.63 19.92 66.69
C ASP V 179 87.39 21.11 67.60
N GLY V 180 88.20 21.28 68.65
CA GLY V 180 88.04 22.37 69.56
C GLY V 180 87.29 21.96 70.81
N ARG V 181 87.52 20.73 71.27
CA ARG V 181 86.85 20.24 72.45
C ARG V 181 87.77 19.28 73.20
N ILE V 182 87.53 19.15 74.50
CA ILE V 182 88.27 18.22 75.34
C ILE V 182 87.32 17.12 75.78
N ARG V 183 87.67 15.88 75.50
CA ARG V 183 86.82 14.74 75.77
C ARG V 183 87.35 13.95 76.96
N ILE V 184 86.43 13.40 77.75
CA ILE V 184 86.76 12.56 78.88
C ILE V 184 86.35 11.13 78.53
N TRP V 185 87.34 10.25 78.38
CA TRP V 185 87.08 8.83 78.26
C TRP V 185 87.13 8.18 79.64
N SER V 186 86.54 7.00 79.75
CA SER V 186 86.61 6.21 80.97
C SER V 186 87.26 4.87 80.69
N ALA V 187 88.01 4.38 81.67
CA ALA V 187 88.64 3.06 81.55
C ALA V 187 88.72 2.46 82.97
N GLN V 188 87.69 1.70 83.33
CA GLN V 188 87.59 1.10 84.66
C GLN V 188 87.32 -0.38 84.51
N LYS V 189 88.19 -1.20 85.10
CA LYS V 189 87.98 -2.64 85.07
C LYS V 189 86.84 -3.02 86.00
N ASN V 190 86.22 -4.17 85.68
CA ASN V 190 85.00 -4.69 86.33
C ASN V 190 83.88 -3.67 86.31
N ASP V 191 83.75 -2.96 85.19
CA ASP V 191 82.73 -1.94 85.02
C ASP V 191 82.13 -2.05 83.63
N GLU V 192 80.93 -1.53 83.49
CA GLU V 192 80.24 -1.46 82.21
C GLU V 192 80.57 -0.20 81.44
N ASN V 193 81.53 0.60 81.92
CA ASN V 193 81.82 1.90 81.31
C ASN V 193 83.19 1.94 80.64
N MET V 194 83.78 0.78 80.32
CA MET V 194 84.90 0.73 79.40
C MET V 194 84.50 1.25 78.02
N GLY V 195 85.44 1.97 77.41
CA GLY V 195 85.32 2.41 76.03
C GLY V 195 84.16 3.35 75.80
N ARG V 196 83.97 4.30 76.71
CA ARG V 196 82.85 5.22 76.64
C ARG V 196 83.37 6.62 76.94
N LEU V 197 83.27 7.52 75.97
CA LEU V 197 83.62 8.91 76.22
C LEU V 197 82.35 9.63 76.67
N LEU V 198 82.38 10.15 77.89
CA LEU V 198 81.17 10.55 78.59
C LEU V 198 81.05 12.05 78.85
N HIS V 199 82.03 12.84 78.43
CA HIS V 199 81.93 14.30 78.53
C HIS V 199 82.61 14.91 77.32
N THR V 200 82.01 15.97 76.79
CA THR V 200 82.58 16.71 75.66
C THR V 200 82.49 18.19 76.00
N MET V 201 83.52 18.72 76.65
CA MET V 201 83.57 20.14 76.95
C MET V 201 84.21 20.89 75.77
N LYS V 202 83.52 21.92 75.30
CA LYS V 202 83.93 22.64 74.11
C LYS V 202 84.69 23.92 74.48
N VAL V 203 85.56 24.35 73.57
CA VAL V 203 86.33 25.57 73.72
C VAL V 203 85.78 26.59 72.72
N ASP V 204 85.87 27.87 73.08
CA ASP V 204 85.42 28.93 72.18
C ASP V 204 86.32 29.02 70.96
N LYS V 205 85.72 29.23 69.80
CA LYS V 205 86.43 29.19 68.54
C LYS V 205 86.74 30.61 68.06
N ALA V 206 87.96 30.81 67.58
CA ALA V 206 88.30 32.06 66.91
C ALA V 206 87.54 32.16 65.59
N LYS V 207 87.20 33.39 65.22
CA LYS V 207 86.29 33.60 64.10
C LYS V 207 86.92 33.31 62.74
N LYS V 208 88.25 33.33 62.64
CA LYS V 208 88.90 32.99 61.39
C LYS V 208 89.71 31.70 61.49
N GLU V 209 90.65 31.61 62.42
CA GLU V 209 91.48 30.43 62.52
C GLU V 209 90.73 29.29 63.19
N SER V 210 90.97 28.07 62.70
CA SER V 210 90.38 26.89 63.33
C SER V 210 91.05 26.62 64.66
N THR V 211 90.24 26.37 65.68
CA THR V 211 90.76 26.15 67.03
C THR V 211 91.04 24.68 67.26
N LEU V 212 92.22 24.41 67.79
CA LEU V 212 92.61 23.05 68.11
C LEU V 212 93.54 23.09 69.33
N VAL V 213 93.23 22.25 70.32
CA VAL V 213 93.92 22.32 71.60
C VAL V 213 95.24 21.56 71.51
N TRP V 214 96.10 21.78 72.50
CA TRP V 214 97.45 21.24 72.43
C TRP V 214 97.92 20.53 73.69
N SER V 215 97.41 20.86 74.87
CA SER V 215 97.90 20.22 76.09
C SER V 215 96.81 20.25 77.14
N VAL V 216 96.39 19.08 77.61
CA VAL V 216 95.44 18.95 78.70
C VAL V 216 96.10 18.13 79.80
N ILE V 217 95.96 18.57 81.05
CA ILE V 217 96.50 17.87 82.20
C ILE V 217 95.42 17.78 83.27
N TYR V 218 95.69 16.95 84.28
CA TYR V 218 94.83 16.85 85.44
C TYR V 218 95.57 17.32 86.68
N LEU V 219 94.87 17.99 87.58
CA LEU V 219 95.43 18.46 88.84
C LEU V 219 94.96 17.56 89.97
N PRO V 220 95.87 16.80 90.61
CA PRO V 220 95.44 15.82 91.62
C PRO V 220 94.77 16.39 92.87
N ARG V 221 95.13 17.60 93.32
CA ARG V 221 94.60 18.08 94.60
C ARG V 221 93.13 18.46 94.48
N THR V 222 92.77 19.21 93.45
CA THR V 222 91.37 19.50 93.18
C THR V 222 90.85 18.45 92.19
N ASP V 223 89.67 18.70 91.61
CA ASP V 223 89.16 17.85 90.54
C ASP V 223 89.15 18.64 89.25
N GLN V 224 90.17 19.46 89.05
CA GLN V 224 90.23 20.39 87.94
C GLN V 224 91.18 19.88 86.86
N ILE V 225 90.78 20.05 85.61
CA ILE V 225 91.68 19.87 84.48
C ILE V 225 92.03 21.25 83.95
N ALA V 226 93.13 21.33 83.20
CA ALA V 226 93.60 22.56 82.61
C ALA V 226 93.94 22.29 81.16
N SER V 227 93.60 23.22 80.27
CA SER V 227 93.72 22.97 78.85
C SER V 227 94.43 24.13 78.16
N GLY V 228 95.11 23.82 77.06
CA GLY V 228 95.60 24.83 76.15
C GLY V 228 94.54 25.17 75.12
N ASP V 229 94.91 26.06 74.21
CA ASP V 229 93.99 26.51 73.17
C ASP V 229 94.80 27.06 72.01
N SER V 230 94.17 27.12 70.84
CA SER V 230 94.79 27.80 69.71
C SER V 230 94.63 29.31 69.81
N THR V 231 93.53 29.77 70.41
CA THR V 231 93.30 31.20 70.58
C THR V 231 94.25 31.81 71.60
N GLY V 232 94.77 31.01 72.52
CA GLY V 232 95.63 31.53 73.55
C GLY V 232 94.91 31.68 74.87
N SER V 233 94.19 30.65 75.26
CA SER V 233 93.42 30.66 76.49
C SER V 233 93.83 29.48 77.36
N ILE V 234 93.82 29.70 78.67
CA ILE V 234 94.00 28.64 79.66
C ILE V 234 92.69 28.51 80.40
N LYS V 235 92.05 27.35 80.29
CA LYS V 235 90.71 27.14 80.82
C LYS V 235 90.74 26.03 81.85
N PHE V 236 90.16 26.29 83.02
CA PHE V 236 90.12 25.35 84.11
C PHE V 236 88.71 24.77 84.23
N TRP V 237 88.50 23.61 83.62
CA TRP V 237 87.28 22.86 83.85
C TRP V 237 87.38 22.11 85.17
N ASP V 238 86.24 21.63 85.66
CA ASP V 238 86.24 20.61 86.68
C ASP V 238 85.93 19.27 86.02
N PHE V 239 86.51 18.20 86.57
CA PHE V 239 86.42 16.89 85.93
C PHE V 239 85.00 16.35 85.99
N GLN V 240 84.45 16.18 87.18
CA GLN V 240 83.03 16.00 87.32
C GLN V 240 82.33 17.31 87.00
N PHE V 241 81.10 17.21 86.48
CA PHE V 241 80.16 18.25 86.07
C PHE V 241 80.56 19.00 84.80
N ALA V 242 81.78 18.77 84.29
CA ALA V 242 82.21 19.16 82.93
C ALA V 242 82.06 20.66 82.65
N THR V 243 82.29 21.50 83.64
CA THR V 243 82.02 22.93 83.56
C THR V 243 83.29 23.70 83.92
N LEU V 244 83.54 24.81 83.23
CA LEU V 244 84.77 25.53 83.49
C LEU V 244 84.61 26.41 84.74
N ASN V 245 85.55 26.27 85.67
CA ASN V 245 85.53 27.08 86.88
C ASN V 245 86.23 28.42 86.65
N GLN V 246 87.29 28.43 85.86
CA GLN V 246 88.04 29.65 85.57
C GLN V 246 88.32 29.72 84.08
N SER V 247 88.45 30.95 83.59
CA SER V 247 88.80 31.20 82.20
C SER V 247 89.77 32.37 82.14
N PHE V 248 90.78 32.26 81.28
CA PHE V 248 91.79 33.28 81.15
C PHE V 248 92.13 33.48 79.69
N LYS V 249 92.43 34.72 79.32
CA LYS V 249 93.09 35.00 78.05
C LYS V 249 94.58 35.04 78.35
N ALA V 250 95.29 33.98 77.99
CA ALA V 250 96.66 33.82 78.43
C ALA V 250 97.60 34.75 77.69
N HIS V 251 97.69 34.60 76.37
CA HIS V 251 98.59 35.39 75.55
C HIS V 251 98.08 35.41 74.11
N ASP V 252 98.96 35.81 73.19
CA ASP V 252 98.52 36.18 71.84
C ASP V 252 98.19 35.00 70.95
N ALA V 253 98.89 33.88 71.09
CA ALA V 253 98.72 32.76 70.16
C ALA V 253 98.72 31.46 70.96
N ASP V 254 98.91 30.34 70.27
CA ASP V 254 98.53 29.04 70.82
C ASP V 254 99.48 28.56 71.91
N VAL V 255 98.88 28.06 73.00
CA VAL V 255 99.61 27.41 74.07
C VAL V 255 100.07 26.04 73.58
N LEU V 256 101.16 25.51 74.15
CA LEU V 256 101.67 24.22 73.72
C LEU V 256 101.86 23.21 74.85
N CYS V 257 102.31 23.61 76.04
CA CYS V 257 102.51 22.65 77.12
C CYS V 257 102.18 23.26 78.46
N LEU V 258 101.79 22.39 79.40
CA LEU V 258 101.39 22.79 80.75
C LEU V 258 101.93 21.77 81.74
N THR V 259 102.32 22.23 82.94
CA THR V 259 102.66 21.35 84.05
C THR V 259 102.27 21.98 85.37
N THR V 260 102.12 21.13 86.39
CA THR V 260 101.85 21.53 87.76
C THR V 260 103.00 21.05 88.66
N ASP V 261 102.79 21.21 89.96
CA ASP V 261 103.58 20.54 90.99
C ASP V 261 102.70 19.51 91.69
N THR V 262 103.28 18.83 92.69
CA THR V 262 102.54 17.74 93.32
C THR V 262 101.44 18.25 94.24
N ASP V 263 101.60 19.44 94.83
CA ASP V 263 100.54 20.03 95.63
C ASP V 263 99.54 20.78 94.78
N ASN V 264 99.88 21.04 93.51
CA ASN V 264 99.05 21.76 92.56
C ASN V 264 98.67 23.15 93.05
N ASN V 265 99.60 23.80 93.74
CA ASN V 265 99.43 25.20 94.11
C ASN V 265 99.52 26.11 92.89
N TYR V 266 100.22 25.69 91.85
CA TYR V 266 100.35 26.52 90.67
C TYR V 266 100.56 25.67 89.43
N VAL V 267 100.21 26.25 88.29
CA VAL V 267 100.32 25.64 86.97
C VAL V 267 101.11 26.61 86.09
N PHE V 268 101.68 26.09 85.01
CA PHE V 268 102.41 26.90 84.05
C PHE V 268 101.75 26.86 82.69
N SER V 269 102.34 27.59 81.75
CA SER V 269 101.75 27.73 80.41
C SER V 269 102.87 28.04 79.42
N ALA V 270 103.08 27.14 78.47
CA ALA V 270 104.09 27.29 77.43
C ALA V 270 103.40 27.71 76.14
N GLY V 271 103.64 28.96 75.73
CA GLY V 271 103.09 29.48 74.51
C GLY V 271 104.04 29.33 73.34
N VAL V 272 103.60 29.87 72.20
CA VAL V 272 104.47 29.97 71.03
C VAL V 272 105.21 31.31 71.03
N ASP V 273 104.86 32.20 71.95
CA ASP V 273 105.38 33.55 72.00
C ASP V 273 106.35 33.74 73.17
N ARG V 274 107.14 32.72 73.44
CA ARG V 274 108.30 32.73 74.35
C ARG V 274 107.94 32.98 75.81
N LYS V 275 106.66 32.91 76.18
CA LYS V 275 106.22 33.36 77.49
C LYS V 275 105.81 32.17 78.35
N ILE V 276 106.40 32.07 79.53
CA ILE V 276 106.03 31.06 80.53
C ILE V 276 105.12 31.76 81.54
N PHE V 277 103.82 31.74 81.26
CA PHE V 277 102.85 32.24 82.23
C PHE V 277 102.72 31.26 83.39
N GLN V 278 102.40 31.79 84.56
CA GLN V 278 102.08 30.96 85.70
C GLN V 278 100.77 31.42 86.31
N PHE V 279 99.97 30.47 86.76
CA PHE V 279 98.70 30.72 87.42
C PHE V 279 98.75 30.05 88.78
N SER V 280 98.57 30.82 89.84
CA SER V 280 98.82 30.32 91.19
C SER V 280 97.52 30.23 91.99
N GLN V 281 97.58 29.44 93.06
CA GLN V 281 96.42 29.19 93.91
C GLN V 281 96.82 29.12 95.38
N ASN V 282 98.02 29.59 95.75
CA ASN V 282 98.64 29.21 97.01
C ASN V 282 98.04 29.91 98.24
N THR V 283 97.33 31.01 98.07
CA THR V 283 96.79 31.71 99.23
C THR V 283 95.61 30.94 99.81
N ASN V 284 95.36 31.17 101.10
CA ASN V 284 94.31 30.44 101.81
C ASN V 284 92.92 30.82 101.32
N LYS V 285 92.72 32.07 100.92
CA LYS V 285 91.42 32.46 100.38
C LYS V 285 91.20 31.89 98.99
N SER V 286 92.27 31.70 98.21
CA SER V 286 92.14 30.99 96.95
C SER V 286 91.99 29.50 97.15
N GLN V 287 92.56 28.97 98.24
CA GLN V 287 92.41 27.54 98.53
C GLN V 287 91.01 27.21 99.00
N LYS V 288 90.32 28.19 99.62
CA LYS V 288 88.95 27.94 100.06
C LYS V 288 87.97 27.98 98.90
N ASN V 289 88.26 28.75 97.84
CA ASN V 289 87.32 28.95 96.76
C ASN V 289 87.78 28.39 95.42
N ASN V 290 88.96 27.76 95.36
CA ASN V 290 89.51 27.09 94.18
C ASN V 290 89.66 28.02 92.98
N ARG V 291 89.98 29.28 93.25
CA ARG V 291 90.15 30.27 92.19
C ARG V 291 91.61 30.41 91.79
N TRP V 292 91.83 30.63 90.50
CA TRP V 292 93.17 30.79 89.96
C TRP V 292 93.39 32.23 89.53
N VAL V 293 94.63 32.70 89.72
CA VAL V 293 95.04 34.03 89.30
C VAL V 293 96.42 33.93 88.66
N ASN V 294 96.63 34.65 87.56
CA ASN V 294 97.94 34.67 86.93
C ASN V 294 98.88 35.56 87.74
N SER V 295 99.85 34.94 88.41
CA SER V 295 100.76 35.68 89.28
C SER V 295 101.70 36.57 88.46
N SER V 296 102.35 36.00 87.45
CA SER V 296 103.35 36.73 86.68
C SER V 296 103.58 36.02 85.35
N ASN V 297 104.51 36.56 84.59
CA ASN V 297 105.01 35.94 83.37
C ASN V 297 106.47 36.35 83.20
N ARG V 298 107.22 35.53 82.48
CA ARG V 298 108.64 35.78 82.30
C ARG V 298 109.08 35.20 80.97
N LEU V 299 109.33 36.06 79.98
CA LEU V 299 109.79 35.58 78.69
C LEU V 299 111.26 35.17 78.79
N LEU V 300 111.57 34.01 78.24
CA LEU V 300 112.96 33.56 78.28
C LEU V 300 113.49 33.09 76.94
N HIS V 301 112.68 32.38 76.16
CA HIS V 301 113.21 31.64 75.03
C HIS V 301 113.35 32.55 73.82
N GLY V 302 113.94 32.00 72.76
CA GLY V 302 114.21 32.78 71.58
C GLY V 302 113.06 32.80 70.59
N ASN V 303 112.62 31.63 70.15
CA ASN V 303 111.58 31.56 69.12
C ASN V 303 110.26 31.05 69.66
N ASP V 304 110.22 29.82 70.18
CA ASP V 304 108.99 29.19 70.66
C ASP V 304 109.27 28.52 71.99
N ILE V 305 108.23 27.98 72.60
CA ILE V 305 108.36 26.99 73.67
C ILE V 305 107.55 25.76 73.25
N ARG V 306 108.15 24.58 73.37
CA ARG V 306 107.49 23.36 72.94
C ARG V 306 107.25 22.35 74.05
N ALA V 307 107.92 22.46 75.19
CA ALA V 307 107.76 21.48 76.26
C ALA V 307 108.20 22.07 77.58
N ILE V 308 107.40 21.88 78.62
CA ILE V 308 107.75 22.22 79.99
C ILE V 308 107.54 20.98 80.85
N CYS V 309 108.53 20.68 81.68
CA CYS V 309 108.37 19.69 82.75
C CYS V 309 108.85 20.29 84.05
N ALA V 310 108.33 19.76 85.15
CA ALA V 310 108.65 20.28 86.48
C ALA V 310 108.83 19.12 87.44
N TYR V 311 109.83 19.24 88.31
CA TYR V 311 110.10 18.24 89.33
C TYR V 311 110.42 18.95 90.64
N GLN V 312 109.68 18.62 91.68
CA GLN V 312 109.95 19.10 93.03
C GLN V 312 110.55 17.98 93.87
N SER V 313 111.14 18.36 95.00
CA SER V 313 111.70 17.39 95.95
C SER V 313 111.86 18.09 97.29
N LYS V 314 112.59 17.43 98.20
CA LYS V 314 112.92 18.06 99.47
C LYS V 314 113.96 19.17 99.28
N GLY V 315 114.98 18.91 98.48
CA GLY V 315 116.06 19.87 98.34
C GLY V 315 116.30 20.35 96.93
N ALA V 316 115.29 20.21 96.07
CA ALA V 316 115.40 20.67 94.69
C ALA V 316 114.00 20.98 94.17
N ASP V 317 113.87 22.13 93.51
CA ASP V 317 112.59 22.53 92.93
C ASP V 317 112.90 23.35 91.67
N PHE V 318 112.84 22.68 90.52
CA PHE V 318 113.16 23.32 89.25
C PHE V 318 112.14 22.90 88.21
N LEU V 319 111.83 23.82 87.30
CA LEU V 319 111.10 23.50 86.09
C LEU V 319 112.03 23.66 84.90
N VAL V 320 111.84 22.82 83.90
CA VAL V 320 112.70 22.77 82.72
C VAL V 320 111.85 23.03 81.48
N SER V 321 112.31 23.94 80.64
CA SER V 321 111.56 24.29 79.44
C SER V 321 112.50 24.45 78.26
N GLY V 322 112.03 24.05 77.08
CA GLY V 322 112.81 24.19 75.87
C GLY V 322 111.88 24.39 74.68
N GLY V 323 112.43 25.01 73.63
CA GLY V 323 111.62 25.34 72.49
C GLY V 323 112.31 25.23 71.14
N VAL V 324 111.84 26.00 70.17
CA VAL V 324 112.45 26.01 68.84
C VAL V 324 113.85 26.60 68.90
N GLU V 325 114.05 27.62 69.72
CA GLU V 325 115.41 28.01 70.09
C GLU V 325 116.05 26.87 70.87
N LYS V 326 117.15 26.36 70.34
CA LYS V 326 117.61 25.01 70.68
C LYS V 326 118.40 24.96 71.97
N THR V 327 117.85 25.52 73.04
CA THR V 327 118.50 25.49 74.35
C THR V 327 117.52 24.98 75.39
N LEU V 328 117.90 25.08 76.65
CA LEU V 328 117.12 24.47 77.73
C LEU V 328 117.33 25.29 78.99
N VAL V 329 116.32 26.07 79.38
CA VAL V 329 116.44 26.97 80.51
C VAL V 329 115.78 26.33 81.73
N ILE V 330 116.22 26.75 82.91
CA ILE V 330 115.80 26.17 84.18
C ILE V 330 115.45 27.30 85.13
N ASN V 331 114.25 27.25 85.70
CA ASN V 331 113.80 28.23 86.67
C ASN V 331 113.41 27.52 87.96
N SER V 332 113.51 28.24 89.08
CA SER V 332 113.06 27.70 90.35
C SER V 332 111.54 27.63 90.39
N LEU V 333 111.03 26.64 91.13
CA LEU V 333 109.60 26.37 91.10
C LEU V 333 108.84 27.31 92.04
N THR V 334 109.24 27.38 93.30
CA THR V 334 108.52 28.20 94.27
C THR V 334 108.77 29.69 94.04
N SER V 335 109.90 30.05 93.46
CA SER V 335 110.26 31.45 93.27
C SER V 335 110.43 31.76 91.78
N PHE V 336 109.46 31.34 90.97
CA PHE V 336 109.54 31.54 89.52
C PHE V 336 109.54 33.02 89.14
N SER V 337 108.83 33.85 89.92
CA SER V 337 108.83 35.27 89.64
C SER V 337 110.15 35.95 90.01
N ASN V 338 110.97 35.32 90.86
CA ASN V 338 112.22 35.91 91.32
C ASN V 338 113.43 35.02 91.10
N GLY V 339 113.32 34.00 90.25
CA GLY V 339 114.37 33.01 90.15
C GLY V 339 115.57 33.46 89.34
N ASN V 340 116.68 32.75 89.56
CA ASN V 340 117.89 32.92 88.77
C ASN V 340 117.85 31.89 87.64
N TYR V 341 117.53 32.36 86.44
CA TYR V 341 117.44 31.48 85.29
C TYR V 341 118.83 31.06 84.81
N ARG V 342 118.89 29.92 84.13
CA ARG V 342 120.14 29.48 83.52
C ARG V 342 119.84 28.79 82.20
N LYS V 343 120.30 29.38 81.11
CA LYS V 343 120.10 28.83 79.77
C LYS V 343 121.27 27.93 79.43
N MET V 344 120.96 26.73 78.94
CA MET V 344 121.99 25.77 78.59
C MET V 344 122.73 26.22 77.35
N PRO V 345 123.96 25.74 77.15
CA PRO V 345 124.59 25.85 75.83
C PRO V 345 123.78 25.09 74.79
N THR V 346 123.78 25.63 73.56
CA THR V 346 123.00 25.04 72.49
C THR V 346 123.52 23.64 72.13
N VAL V 347 124.83 23.47 72.13
CA VAL V 347 125.45 22.17 71.90
C VAL V 347 126.21 21.79 73.16
N GLU V 348 125.87 20.65 73.74
CA GLU V 348 126.69 20.06 74.78
C GLU V 348 127.73 19.14 74.13
N PRO V 349 129.01 19.42 74.27
CA PRO V 349 130.03 18.67 73.52
C PRO V 349 130.43 17.34 74.16
N TYR V 350 129.58 16.80 75.05
CA TYR V 350 129.87 15.55 75.77
C TYR V 350 130.15 14.40 74.80
N SER V 351 129.35 14.30 73.74
CA SER V 351 129.69 13.47 72.60
C SER V 351 130.34 14.38 71.57
N LYS V 352 131.67 14.35 71.52
CA LYS V 352 132.42 15.28 70.67
C LYS V 352 132.22 14.94 69.20
N ASN V 353 131.90 15.96 68.40
CA ASN V 353 131.56 15.77 67.00
C ASN V 353 132.67 16.19 66.04
N VAL V 354 133.71 16.84 66.52
CA VAL V 354 134.82 17.30 65.68
C VAL V 354 136.11 16.72 66.24
N LEU V 355 136.98 16.25 65.36
CA LEU V 355 138.31 15.83 65.74
C LEU V 355 139.35 16.50 64.86
N VAL V 356 140.60 16.42 65.30
CA VAL V 356 141.72 17.10 64.65
C VAL V 356 142.84 16.09 64.41
N ASN V 357 143.73 16.43 63.49
CA ASN V 357 144.93 15.63 63.24
C ASN V 357 146.09 16.57 63.00
N LYS V 358 147.17 16.39 63.77
CA LYS V 358 148.39 17.17 63.54
C LYS V 358 149.03 16.78 62.22
N GLU V 359 148.96 15.49 61.85
CA GLU V 359 149.40 15.06 60.54
C GLU V 359 148.45 15.61 59.47
N GLN V 360 149.04 16.17 58.41
CA GLN V 360 148.38 16.75 57.23
C GLN V 360 147.56 18.01 57.53
N ARG V 361 147.56 18.47 58.79
CA ARG V 361 146.90 19.70 59.25
C ARG V 361 145.39 19.68 58.92
N LEU V 362 144.70 18.71 59.50
CA LEU V 362 143.30 18.44 59.16
C LEU V 362 142.40 18.61 60.37
N VAL V 363 141.29 19.31 60.16
CA VAL V 363 140.15 19.26 61.08
C VAL V 363 139.00 18.57 60.34
N VAL V 364 138.35 17.63 61.03
CA VAL V 364 137.25 16.86 60.45
C VAL V 364 136.11 16.88 61.45
N SER V 365 134.92 17.27 60.98
CA SER V 365 133.69 17.22 61.75
C SER V 365 132.70 16.32 61.04
N TRP V 366 131.56 16.09 61.70
CA TRP V 366 130.51 15.30 61.08
C TRP V 366 129.15 15.72 61.61
N SER V 367 128.15 15.53 60.77
CA SER V 367 126.73 15.66 61.10
C SER V 367 126.08 14.30 60.87
N GLU V 368 124.75 14.28 60.86
CA GLU V 368 124.02 13.06 60.56
C GLU V 368 124.25 12.63 59.13
N SER V 369 125.05 11.57 58.96
CA SER V 369 125.44 10.98 57.67
C SER V 369 126.11 11.98 56.73
N THR V 370 126.85 12.95 57.30
CA THR V 370 127.58 13.95 56.52
C THR V 370 128.86 14.27 57.27
N VAL V 371 129.95 13.62 56.89
CA VAL V 371 131.27 13.87 57.47
C VAL V 371 132.05 14.73 56.51
N LYS V 372 132.45 15.92 56.96
CA LYS V 372 133.15 16.88 56.12
C LYS V 372 134.59 17.06 56.62
N ILE V 373 135.50 17.25 55.67
CA ILE V 373 136.93 17.33 55.94
C ILE V 373 137.44 18.69 55.49
N TRP V 374 138.07 19.42 56.40
CA TRP V 374 138.71 20.69 56.08
C TRP V 374 140.21 20.57 56.29
N THR V 375 140.98 20.98 55.29
CA THR V 375 142.40 21.19 55.51
C THR V 375 142.64 22.66 55.88
N MET V 376 143.81 22.93 56.46
CA MET V 376 144.13 24.27 56.89
C MET V 376 145.64 24.46 56.84
N GLY V 377 146.05 25.73 56.79
CA GLY V 377 147.46 26.08 56.73
C GLY V 377 147.85 27.16 57.73
N ASN V 385 144.43 29.44 54.79
CA ASN V 385 143.15 29.58 55.47
C ASN V 385 142.47 28.22 55.62
N TYR V 386 141.34 28.03 54.96
CA TYR V 386 140.62 26.77 54.99
C TYR V 386 140.36 26.31 53.57
N LYS V 387 140.10 25.02 53.42
CA LYS V 387 139.59 24.46 52.18
C LYS V 387 138.69 23.29 52.53
N LEU V 388 137.44 23.34 52.09
CA LEU V 388 136.59 22.17 52.22
C LEU V 388 137.04 21.12 51.22
N VAL V 389 137.31 19.92 51.71
CA VAL V 389 138.03 18.94 50.90
C VAL V 389 137.13 17.77 50.50
N CYS V 390 136.65 17.02 51.49
CA CYS V 390 135.96 15.76 51.23
C CYS V 390 134.59 15.78 51.90
N LYS V 391 133.55 15.81 51.09
CA LYS V 391 132.18 15.64 51.55
C LYS V 391 131.78 14.21 51.26
N LEU V 392 131.59 13.41 52.30
CA LEU V 392 131.47 11.97 52.14
C LEU V 392 130.09 11.58 51.61
N THR V 393 130.09 10.64 50.68
CA THR V 393 128.89 10.12 50.03
C THR V 393 128.28 8.93 50.79
N LEU V 394 128.05 9.15 52.09
CA LEU V 394 127.49 8.13 52.98
C LEU V 394 126.02 7.94 52.64
N LYS V 395 125.73 6.92 51.83
CA LYS V 395 124.41 6.75 51.23
C LYS V 395 123.54 5.71 51.95
N ASP V 396 124.08 4.52 52.22
CA ASP V 396 123.27 3.45 52.78
C ASP V 396 122.97 3.64 54.26
N ASP V 397 123.94 4.16 55.01
CA ASP V 397 123.80 4.25 56.46
C ASP V 397 122.93 5.44 56.84
N GLN V 398 122.11 5.27 57.87
CA GLN V 398 121.25 6.32 58.39
C GLN V 398 121.68 6.78 59.78
N ASN V 399 122.80 6.30 60.30
CA ASN V 399 123.25 6.65 61.63
C ASN V 399 124.68 7.17 61.59
N ILE V 400 125.03 7.97 62.60
CA ILE V 400 126.39 8.46 62.77
C ILE V 400 126.76 8.29 64.24
N SER V 401 128.06 8.22 64.50
CA SER V 401 128.58 8.11 65.86
C SER V 401 129.96 8.76 65.89
N THR V 402 130.73 8.45 66.93
CA THR V 402 132.07 9.00 67.09
C THR V 402 133.00 8.42 66.02
N CYS V 403 133.61 9.31 65.22
CA CYS V 403 134.54 8.90 64.19
C CYS V 403 135.97 9.16 64.64
N SER V 404 136.89 8.35 64.13
CA SER V 404 138.29 8.44 64.52
C SER V 404 139.16 8.45 63.27
N LEU V 405 140.27 9.17 63.35
CA LEU V 405 141.22 9.30 62.25
C LEU V 405 142.56 8.77 62.71
N SER V 406 143.29 8.15 61.78
CA SER V 406 144.54 7.50 62.12
C SER V 406 145.63 8.54 62.39
N PRO V 407 146.33 8.43 63.53
CA PRO V 407 147.44 9.36 63.80
C PRO V 407 148.65 9.02 62.94
N ASP V 408 149.10 10.01 62.16
CA ASP V 408 150.07 9.84 61.08
C ASP V 408 149.64 8.74 60.11
N GLY V 409 148.33 8.72 59.81
CA GLY V 409 147.76 7.75 58.92
C GLY V 409 146.59 8.35 58.18
N GLN V 410 145.93 7.52 57.37
CA GLN V 410 144.93 8.01 56.44
C GLN V 410 143.65 7.19 56.49
N VAL V 411 143.25 6.73 57.68
CA VAL V 411 142.09 5.85 57.82
C VAL V 411 141.03 6.59 58.63
N LEU V 412 139.85 6.76 58.04
CA LEU V 412 138.69 7.27 58.74
C LEU V 412 137.72 6.12 59.01
N VAL V 413 137.46 5.85 60.28
CA VAL V 413 136.45 4.90 60.69
C VAL V 413 135.22 5.66 61.13
N VAL V 414 134.06 5.29 60.60
CA VAL V 414 132.79 5.88 60.99
C VAL V 414 131.97 4.82 61.71
N GLY V 415 131.44 5.18 62.88
CA GLY V 415 130.71 4.23 63.69
C GLY V 415 129.22 4.39 63.61
N ARG V 416 128.49 3.32 63.90
CA ARG V 416 127.03 3.32 63.96
C ARG V 416 126.61 2.42 65.10
N PRO V 417 125.38 2.58 65.60
CA PRO V 417 124.81 1.56 66.50
C PRO V 417 124.59 0.20 65.84
N SER V 418 124.61 0.11 64.51
CA SER V 418 124.45 -1.16 63.81
C SER V 418 125.73 -1.61 63.11
N THR V 419 126.30 -0.78 62.25
CA THR V 419 127.43 -1.17 61.41
C THR V 419 128.66 -0.32 61.74
N THR V 420 129.71 -0.49 60.94
CA THR V 420 130.94 0.30 61.06
C THR V 420 131.67 0.24 59.73
N LYS V 421 131.93 1.41 59.14
CA LYS V 421 132.67 1.50 57.88
C LYS V 421 134.02 2.16 58.11
N VAL V 422 134.98 1.81 57.25
CA VAL V 422 136.30 2.41 57.26
C VAL V 422 136.61 2.94 55.87
N PHE V 423 137.27 4.08 55.80
CA PHE V 423 137.60 4.72 54.54
C PHE V 423 139.05 5.17 54.55
N HIS V 424 139.63 5.25 53.36
CA HIS V 424 141.00 5.73 53.20
C HIS V 424 141.00 7.02 52.40
N LEU V 425 141.92 7.92 52.74
CA LEU V 425 142.02 9.24 52.14
C LEU V 425 143.40 9.42 51.53
N GLN V 426 143.45 9.70 50.24
CA GLN V 426 144.70 10.00 49.57
C GLN V 426 144.63 11.38 48.94
N PRO V 427 145.45 12.33 49.37
CA PRO V 427 145.42 13.67 48.77
C PRO V 427 145.99 13.67 47.35
N VAL V 428 145.23 14.24 46.43
CA VAL V 428 145.72 14.56 45.10
C VAL V 428 146.05 16.05 45.00
N GLY V 429 146.22 16.71 46.15
CA GLY V 429 146.38 18.14 46.20
C GLY V 429 145.32 18.78 47.06
N ASN V 430 144.41 19.53 46.44
CA ASN V 430 143.34 20.16 47.19
C ASN V 430 142.27 19.16 47.62
N LYS V 431 142.12 18.06 46.87
CA LYS V 431 141.06 17.09 47.11
C LYS V 431 141.63 15.80 47.70
N LEU V 432 140.82 15.14 48.51
CA LEU V 432 141.16 13.84 49.10
C LEU V 432 140.22 12.81 48.50
N LYS V 433 140.77 11.91 47.70
CA LYS V 433 139.96 10.82 47.17
C LYS V 433 139.65 9.84 48.29
N VAL V 434 138.46 9.23 48.22
CA VAL V 434 138.00 8.31 49.24
C VAL V 434 137.89 6.91 48.63
N THR V 435 138.31 5.91 49.40
CA THR V 435 138.18 4.50 49.01
C THR V 435 137.68 3.74 50.23
N LYS V 436 136.55 3.06 50.08
CA LYS V 436 136.05 2.22 51.16
C LYS V 436 136.92 0.97 51.29
N LEU V 437 137.13 0.54 52.53
CA LEU V 437 137.93 -0.63 52.82
C LEU V 437 136.99 -1.72 53.31
N ASP V 438 136.86 -2.79 52.52
CA ASP V 438 135.93 -3.85 52.86
C ASP V 438 136.46 -4.69 54.01
N ASN V 439 135.61 -4.92 55.02
CA ASN V 439 135.97 -5.72 56.17
C ASN V 439 134.74 -6.44 56.67
N ASP V 440 134.79 -7.77 56.67
CA ASP V 440 133.69 -8.56 57.20
C ASP V 440 133.60 -8.46 58.72
N LEU V 441 134.73 -8.17 59.37
CA LEU V 441 134.75 -8.02 60.82
C LEU V 441 134.09 -6.71 61.24
N LEU V 442 134.42 -5.63 60.55
CA LEU V 442 133.95 -4.31 60.98
C LEU V 442 132.54 -4.02 60.51
N LEU V 443 132.17 -4.48 59.30
CA LEU V 443 130.82 -4.21 58.81
C LEU V 443 129.77 -5.05 59.54
N ARG V 444 130.17 -6.14 60.19
CA ARG V 444 129.25 -6.91 61.00
C ARG V 444 129.10 -6.30 62.39
N THR V 445 130.21 -5.94 63.02
CA THR V 445 130.21 -5.44 64.38
C THR V 445 129.76 -3.99 64.43
N SER V 446 129.10 -3.63 65.52
CA SER V 446 128.74 -2.24 65.78
C SER V 446 129.85 -1.54 66.54
N THR V 447 129.67 -0.25 66.79
CA THR V 447 130.66 0.54 67.51
C THR V 447 129.96 1.72 68.18
N LYS V 448 130.09 1.80 69.50
CA LYS V 448 129.70 3.02 70.19
C LYS V 448 130.88 3.98 70.33
N LEU V 449 132.07 3.45 70.58
CA LEU V 449 133.29 4.23 70.73
C LEU V 449 134.42 3.55 69.97
N VAL V 450 135.21 4.32 69.25
CA VAL V 450 136.37 3.81 68.54
C VAL V 450 137.54 4.77 68.73
N LYS V 451 138.68 4.23 69.14
CA LYS V 451 139.91 4.99 69.26
C LYS V 451 141.02 4.26 68.51
N PHE V 452 142.00 5.02 68.05
CA PHE V 452 143.09 4.48 67.23
C PHE V 452 144.25 4.09 68.13
N ILE V 453 144.52 2.78 68.20
CA ILE V 453 145.67 2.30 68.96
C ILE V 453 146.97 2.69 68.27
N ASP V 454 147.02 2.50 66.95
CA ASP V 454 148.22 2.77 66.17
C ASP V 454 147.79 3.26 64.80
N ASN V 455 148.71 3.23 63.83
CA ASN V 455 148.38 3.65 62.47
C ASN V 455 147.37 2.71 61.82
N SER V 456 147.49 1.40 62.06
CA SER V 456 146.56 0.42 61.56
C SER V 456 145.84 -0.35 62.66
N LYS V 457 146.06 0.01 63.92
CA LYS V 457 145.44 -0.68 65.05
C LYS V 457 144.41 0.22 65.70
N ILE V 458 143.23 -0.33 65.96
CA ILE V 458 142.13 0.39 66.60
C ILE V 458 141.64 -0.42 67.79
N VAL V 459 140.92 0.26 68.68
CA VAL V 459 140.18 -0.37 69.76
C VAL V 459 138.71 -0.05 69.60
N ILE V 460 137.87 -1.09 69.67
CA ILE V 460 136.45 -0.98 69.36
C ILE V 460 135.66 -1.32 70.62
N CYS V 461 134.80 -0.40 71.04
CA CYS V 461 133.82 -0.65 72.10
C CYS V 461 132.46 -0.72 71.42
N SER V 462 131.84 -1.89 71.43
CA SER V 462 130.67 -2.15 70.61
C SER V 462 129.42 -1.58 71.28
N CYS V 463 128.24 -1.88 70.72
CA CYS V 463 127.00 -1.42 71.31
C CYS V 463 126.69 -2.15 72.61
N GLU V 464 127.08 -3.42 72.71
CA GLU V 464 127.00 -4.16 73.97
C GLU V 464 128.24 -3.98 74.83
N ASP V 465 129.18 -3.14 74.37
CA ASP V 465 130.40 -2.77 75.09
C ASP V 465 131.29 -3.98 75.39
N ASP V 466 131.71 -4.64 74.31
CA ASP V 466 132.79 -5.61 74.36
C ASP V 466 133.99 -5.03 73.62
N VAL V 467 135.16 -5.15 74.21
CA VAL V 467 136.37 -4.45 73.77
C VAL V 467 137.15 -5.37 72.85
N PHE V 468 137.52 -4.85 71.67
CA PHE V 468 138.30 -5.61 70.70
C PHE V 468 139.47 -4.78 70.21
N ILE V 469 140.38 -5.45 69.50
CA ILE V 469 141.47 -4.80 68.76
C ILE V 469 141.42 -5.32 67.33
N VAL V 470 141.41 -4.40 66.37
CA VAL V 470 141.47 -4.74 64.96
C VAL V 470 142.75 -4.15 64.39
N ASP V 471 143.59 -4.99 63.80
CA ASP V 471 144.91 -4.59 63.34
C ASP V 471 145.07 -4.56 61.82
N LEU V 472 144.05 -5.03 61.07
CA LEU V 472 144.08 -5.20 59.61
C LEU V 472 145.26 -6.04 59.13
N PRO V 480 139.57 -11.28 64.60
CA PRO V 480 139.38 -10.22 65.58
C PRO V 480 140.04 -10.53 66.91
N GLN V 481 140.75 -9.55 67.47
CA GLN V 481 141.45 -9.71 68.75
C GLN V 481 140.61 -9.03 69.83
N GLU V 482 139.83 -9.82 70.55
CA GLU V 482 139.00 -9.28 71.62
C GLU V 482 139.85 -8.99 72.85
N VAL V 483 139.33 -8.14 73.73
CA VAL V 483 140.01 -7.71 74.94
C VAL V 483 139.18 -8.17 76.13
N GLU V 484 139.83 -8.82 77.10
CA GLU V 484 139.16 -9.22 78.32
C GLU V 484 138.86 -8.00 79.19
N LEU V 485 137.96 -8.20 80.16
CA LEU V 485 137.54 -7.13 81.04
C LEU V 485 137.06 -7.74 82.35
N LEU V 486 136.79 -6.88 83.32
CA LEU V 486 136.24 -7.29 84.61
C LEU V 486 134.86 -6.68 84.78
N GLU V 487 134.00 -7.40 85.50
CA GLU V 487 132.63 -7.00 85.72
C GLU V 487 132.43 -6.64 87.19
N VAL V 488 131.81 -5.49 87.44
CA VAL V 488 131.41 -5.07 88.77
C VAL V 488 129.90 -5.14 88.84
N THR V 489 129.37 -5.66 89.95
CA THR V 489 127.95 -5.97 90.07
C THR V 489 127.11 -4.68 90.12
N SER V 490 125.79 -4.86 90.07
CA SER V 490 124.86 -3.76 89.93
C SER V 490 124.25 -3.42 91.30
N THR V 491 124.15 -2.13 91.58
CA THR V 491 123.62 -1.65 92.85
C THR V 491 122.10 -1.57 92.79
N LYS V 492 121.51 -0.94 93.81
CA LYS V 492 120.06 -0.82 93.88
C LYS V 492 119.53 0.19 92.85
N SER V 493 120.27 1.27 92.63
CA SER V 493 119.82 2.28 91.66
C SER V 493 120.23 1.89 90.24
N SER V 494 121.16 0.96 90.08
CA SER V 494 121.68 0.64 88.76
C SER V 494 121.02 -0.58 88.13
N ILE V 495 120.13 -1.27 88.82
CA ILE V 495 119.39 -2.36 88.18
C ILE V 495 118.24 -1.79 87.38
N LYS V 496 117.73 -0.63 87.79
CA LYS V 496 116.68 0.04 87.03
C LYS V 496 117.23 0.94 85.94
N VAL V 497 118.32 1.65 86.19
CA VAL V 497 119.01 2.43 85.16
C VAL V 497 120.20 1.60 84.69
N PRO V 498 120.14 0.99 83.52
CA PRO V 498 121.10 -0.07 83.20
C PRO V 498 122.44 0.43 82.67
N TYR V 499 122.51 1.65 82.16
CA TYR V 499 123.77 2.15 81.61
C TYR V 499 124.65 2.80 82.67
N ILE V 500 124.28 2.70 83.95
CA ILE V 500 125.18 3.14 85.02
C ILE V 500 126.43 2.27 85.05
N ASN V 501 126.27 0.96 84.87
CA ASN V 501 127.43 0.08 84.82
C ASN V 501 128.12 0.07 83.47
N ARG V 502 127.57 0.76 82.47
CA ARG V 502 128.08 0.72 81.11
C ARG V 502 129.30 1.63 80.97
N ILE V 503 129.97 1.53 79.82
CA ILE V 503 131.24 2.21 79.59
C ILE V 503 130.98 3.51 78.82
N ASN V 504 131.48 4.62 79.34
CA ASN V 504 131.20 5.94 78.80
C ASN V 504 132.26 6.44 77.82
N HIS V 505 133.54 6.42 78.21
CA HIS V 505 134.60 7.02 77.40
C HIS V 505 135.81 6.10 77.33
N LEU V 506 136.59 6.27 76.26
CA LEU V 506 137.83 5.55 76.05
C LEU V 506 138.97 6.53 75.82
N GLU V 507 140.19 6.05 76.02
CA GLU V 507 141.39 6.83 75.73
C GLU V 507 142.54 5.86 75.47
N VAL V 508 143.44 6.27 74.58
CA VAL V 508 144.58 5.44 74.17
C VAL V 508 145.84 6.31 74.17
N ASP V 509 146.91 5.78 74.77
CA ASP V 509 148.22 6.44 74.72
C ASP V 509 149.30 5.37 74.76
N GLN V 510 150.07 5.26 73.67
CA GLN V 510 151.14 4.30 73.49
C GLN V 510 150.64 2.86 73.67
N ASN V 511 149.50 2.57 73.01
CA ASN V 511 148.79 1.29 73.05
C ASN V 511 148.41 0.87 74.48
N ILE V 512 148.18 1.84 75.36
CA ILE V 512 147.69 1.60 76.70
C ILE V 512 146.33 2.28 76.82
N ALA V 513 145.31 1.50 77.17
CA ALA V 513 143.94 1.98 77.15
C ALA V 513 143.40 2.11 78.57
N VAL V 514 142.64 3.17 78.80
CA VAL V 514 141.87 3.34 80.02
C VAL V 514 140.39 3.27 79.67
N ILE V 515 139.62 2.61 80.51
CA ILE V 515 138.20 2.34 80.26
C ILE V 515 137.40 2.93 81.41
N SER V 516 136.42 3.78 81.09
CA SER V 516 135.59 4.41 82.09
C SER V 516 134.30 3.63 82.29
N ARG V 517 133.62 3.91 83.41
CA ARG V 517 132.32 3.31 83.71
C ARG V 517 131.57 4.29 84.60
N GLY V 518 130.25 4.37 84.42
CA GLY V 518 129.44 5.38 85.08
C GLY V 518 129.30 5.21 86.58
N CYS V 519 129.73 4.08 87.14
CA CYS V 519 129.77 3.88 88.59
C CYS V 519 131.03 4.46 89.23
N GLY V 520 131.77 5.31 88.52
CA GLY V 520 133.04 5.81 89.04
C GLY V 520 134.11 4.76 89.13
N VAL V 521 134.15 3.83 88.19
CA VAL V 521 135.13 2.75 88.16
C VAL V 521 135.90 2.86 86.85
N VAL V 522 137.23 2.93 86.95
CA VAL V 522 138.06 3.04 85.76
C VAL V 522 138.98 1.83 85.66
N ASP V 523 138.94 1.20 84.49
CA ASP V 523 139.77 0.05 84.19
C ASP V 523 140.89 0.49 83.26
N ILE V 524 142.10 -0.05 83.49
CA ILE V 524 143.29 0.35 82.76
C ILE V 524 143.85 -0.88 82.08
N LEU V 525 143.99 -0.82 80.76
CA LEU V 525 144.34 -1.96 79.94
C LEU V 525 145.75 -1.81 79.37
N ASP V 526 146.57 -2.84 79.58
CA ASP V 526 147.87 -2.95 78.92
C ASP V 526 147.71 -3.85 77.71
N LEU V 527 147.60 -3.25 76.52
CA LEU V 527 147.24 -3.98 75.32
C LEU V 527 148.44 -4.55 74.58
N LYS V 528 149.63 -4.53 75.17
CA LYS V 528 150.70 -5.40 74.72
C LYS V 528 150.51 -6.83 75.22
N ALA V 529 149.69 -7.02 76.26
CA ALA V 529 149.41 -8.35 76.78
C ALA V 529 147.95 -8.58 77.14
N ARG V 530 147.08 -7.58 76.93
CA ARG V 530 145.63 -7.63 77.22
C ARG V 530 145.35 -7.96 78.69
N ILE V 531 145.87 -7.09 79.57
CA ILE V 531 145.72 -7.25 81.02
C ILE V 531 145.08 -5.98 81.58
N SER V 532 144.03 -6.15 82.38
CA SER V 532 143.29 -5.05 82.96
C SER V 532 143.83 -4.68 84.34
N LYS V 533 143.60 -3.42 84.73
CA LYS V 533 144.03 -2.93 86.04
C LYS V 533 142.93 -2.05 86.65
N PRO V 534 142.48 -2.37 87.87
CA PRO V 534 141.30 -1.70 88.42
C PRO V 534 141.62 -0.47 89.28
N LEU V 535 140.79 0.55 89.11
CA LEU V 535 140.70 1.69 90.00
C LEU V 535 139.24 2.09 90.12
N ALA V 536 138.82 2.45 91.31
CA ALA V 536 137.39 2.55 91.58
C ALA V 536 137.15 3.67 92.60
N ARG V 537 135.97 3.63 93.24
CA ARG V 537 135.42 4.55 94.23
C ARG V 537 135.59 6.03 93.89
N LEU V 538 135.47 6.37 92.61
CA LEU V 538 135.26 7.76 92.22
C LEU V 538 133.80 8.11 92.51
N ASN V 539 133.58 9.10 93.37
CA ASN V 539 132.31 9.27 94.04
C ASN V 539 131.20 9.76 93.12
N ASN V 540 131.53 10.38 91.99
CA ASN V 540 130.49 10.90 91.11
C ASN V 540 130.65 10.34 89.70
N PHE V 541 129.87 10.86 88.76
CA PHE V 541 129.94 10.39 87.39
C PHE V 541 131.22 10.90 86.72
N ILE V 542 131.85 10.03 85.94
CA ILE V 542 133.03 10.41 85.19
C ILE V 542 132.62 11.16 83.94
N THR V 543 133.18 12.36 83.76
CA THR V 543 132.86 13.16 82.59
C THR V 543 133.84 12.92 81.44
N ALA V 544 135.14 12.91 81.75
CA ALA V 544 136.14 12.70 80.73
C ALA V 544 137.40 12.12 81.38
N VAL V 545 138.24 11.52 80.53
CA VAL V 545 139.46 10.86 80.99
C VAL V 545 140.60 11.23 80.03
N HIS V 546 141.83 11.19 80.54
CA HIS V 546 143.01 11.52 79.76
C HIS V 546 144.22 10.88 80.41
N ILE V 547 145.10 10.34 79.58
CA ILE V 547 146.29 9.62 80.02
C ILE V 547 147.51 10.50 79.81
N ASN V 548 148.34 10.62 80.85
CA ASN V 548 149.61 11.34 80.76
C ASN V 548 150.73 10.31 80.71
N THR V 549 151.36 10.17 79.55
CA THR V 549 152.53 9.30 79.43
C THR V 549 153.70 9.84 80.23
N SER V 550 153.90 11.15 80.20
CA SER V 550 154.86 11.78 81.10
C SER V 550 154.32 11.72 82.52
N ARG V 551 155.18 11.33 83.45
CA ARG V 551 154.97 11.08 84.89
C ARG V 551 154.06 9.89 85.18
N LYS V 552 153.55 9.20 84.15
CA LYS V 552 152.80 7.94 84.24
C LYS V 552 151.57 8.08 85.13
N SER V 553 150.62 8.88 84.66
CA SER V 553 149.40 9.13 85.41
C SER V 553 148.23 9.33 84.45
N VAL V 554 147.03 9.29 85.01
CA VAL V 554 145.79 9.54 84.27
C VAL V 554 145.04 10.65 84.99
N VAL V 555 144.65 11.68 84.24
CA VAL V 555 143.91 12.82 84.78
C VAL V 555 142.45 12.67 84.39
N VAL V 556 141.56 12.64 85.37
CA VAL V 556 140.14 12.40 85.16
C VAL V 556 139.34 13.52 85.82
N ILE V 557 138.40 14.09 85.07
CA ILE V 557 137.48 15.10 85.58
C ILE V 557 136.13 14.43 85.84
N THR V 558 135.53 14.75 86.98
CA THR V 558 134.25 14.16 87.36
C THR V 558 133.15 15.21 87.33
N ALA V 559 131.96 14.82 87.79
CA ALA V 559 130.78 15.67 87.66
C ALA V 559 130.77 16.85 88.64
N ASP V 560 131.63 16.84 89.65
CA ASP V 560 131.74 17.94 90.61
C ASP V 560 132.62 19.08 90.12
N ASN V 561 133.02 19.05 88.83
CA ASN V 561 134.07 19.91 88.27
C ASN V 561 135.36 19.78 89.07
N LYS V 562 135.64 18.58 89.55
CA LYS V 562 136.78 18.29 90.41
C LYS V 562 137.76 17.41 89.67
N ILE V 563 139.01 17.80 89.65
CA ILE V 563 140.02 17.07 88.89
C ILE V 563 140.60 15.99 89.79
N TYR V 564 141.11 14.93 89.17
CA TYR V 564 141.71 13.83 89.90
C TYR V 564 142.83 13.25 89.02
N GLU V 565 144.02 13.16 89.58
CA GLU V 565 145.18 12.66 88.86
C GLU V 565 145.56 11.32 89.49
N PHE V 566 145.14 10.23 88.86
CA PHE V 566 145.41 8.89 89.36
C PHE V 566 146.78 8.43 88.89
N ASN V 567 147.61 7.98 89.83
CA ASN V 567 148.96 7.52 89.49
C ASN V 567 148.90 6.10 88.95
N MET V 568 149.70 5.83 87.92
CA MET V 568 149.75 4.53 87.27
C MET V 568 150.95 3.73 87.74
N ASN V 569 150.91 2.44 87.43
CA ASN V 569 152.00 1.52 87.76
C ASN V 569 151.91 0.33 86.81
N LEU V 570 152.84 0.25 85.87
CA LEU V 570 152.95 -0.94 85.02
C LEU V 570 154.05 -1.82 85.62
N ASN V 571 153.64 -2.48 86.73
CA ASN V 571 154.49 -3.36 87.54
C ASN V 571 155.76 -2.66 88.03
N SER V 572 155.63 -1.38 88.39
CA SER V 572 156.78 -0.58 88.80
C SER V 572 156.53 0.09 90.15
N GLU V 580 153.89 5.08 93.50
CA GLU V 580 153.01 3.94 93.25
C GLU V 580 151.71 4.06 94.05
N SER V 581 151.33 5.30 94.35
CA SER V 581 150.08 5.54 95.06
C SER V 581 148.88 5.37 94.12
N VAL V 582 147.69 5.34 94.72
CA VAL V 582 146.46 5.24 93.94
C VAL V 582 146.25 6.52 93.12
N LEU V 583 146.53 7.67 93.72
CA LEU V 583 146.44 8.95 93.03
C LEU V 583 147.79 9.65 93.14
N THR V 584 148.10 10.47 92.14
CA THR V 584 149.34 11.23 92.11
C THR V 584 149.34 12.27 93.23
N GLN V 585 150.51 12.45 93.85
CA GLN V 585 150.65 13.35 95.00
C GLN V 585 150.35 14.82 94.66
N TRP V 586 150.37 15.19 93.39
CA TRP V 586 149.81 16.48 92.99
C TRP V 586 148.32 16.54 93.28
N SER V 587 147.59 15.47 92.95
CA SER V 587 146.16 15.46 93.22
C SER V 587 145.89 15.28 94.71
N LYS V 588 146.82 14.66 95.43
CA LYS V 588 146.70 14.55 96.88
C LYS V 588 146.81 15.92 97.54
N ASN V 589 147.73 16.75 97.06
CA ASN V 589 148.03 18.02 97.72
C ASN V 589 147.18 19.18 97.24
N ASN V 590 146.66 19.13 96.02
CA ASN V 590 146.13 20.34 95.38
C ASN V 590 144.64 20.31 95.11
N THR V 591 144.04 19.16 94.78
CA THR V 591 142.66 19.17 94.27
C THR V 591 141.63 19.44 95.36
N ASP V 592 141.99 19.33 96.64
CA ASP V 592 141.10 19.80 97.69
C ASP V 592 140.99 21.32 97.68
N ASN V 593 142.11 22.00 97.45
CA ASN V 593 142.12 23.45 97.29
C ASN V 593 142.12 23.78 95.80
N LEU V 594 140.97 23.52 95.18
CA LEU V 594 140.79 23.82 93.78
C LEU V 594 140.74 25.34 93.58
N PRO V 595 141.13 25.84 92.41
CA PRO V 595 140.88 27.24 92.08
C PRO V 595 139.39 27.56 92.09
N LYS V 596 139.06 28.75 92.59
CA LYS V 596 137.66 29.10 92.81
C LYS V 596 136.91 29.28 91.50
N GLU V 597 137.59 29.74 90.46
CA GLU V 597 136.97 29.82 89.14
C GLU V 597 136.68 28.43 88.59
N TRP V 598 137.59 27.47 88.86
CA TRP V 598 137.30 26.08 88.53
C TRP V 598 136.18 25.52 89.39
N LYS V 599 136.06 26.02 90.62
CA LYS V 599 135.00 25.54 91.51
C LYS V 599 133.64 26.10 91.11
N THR V 600 133.60 27.34 90.60
CA THR V 600 132.35 28.03 90.38
C THR V 600 131.79 27.84 88.96
N LEU V 601 132.52 27.21 88.05
CA LEU V 601 132.00 27.01 86.70
C LEU V 601 130.95 25.92 86.71
N LYS V 602 129.90 26.12 85.93
CA LYS V 602 128.74 25.23 85.92
C LYS V 602 128.66 24.40 84.64
N GLU V 603 129.80 24.13 84.02
CA GLU V 603 129.87 23.27 82.84
C GLU V 603 131.06 22.34 82.99
N ASN V 604 130.79 21.03 82.96
CA ASN V 604 131.82 20.05 83.22
C ASN V 604 132.81 19.97 82.07
N CYS V 605 134.07 19.67 82.40
CA CYS V 605 135.11 19.59 81.40
C CYS V 605 134.97 18.32 80.57
N VAL V 606 135.05 18.47 79.25
CA VAL V 606 134.86 17.37 78.31
C VAL V 606 136.14 17.08 77.54
N GLY V 607 136.82 18.13 77.05
CA GLY V 607 137.99 17.96 76.22
C GLY V 607 139.27 18.19 76.99
N ILE V 608 140.07 17.15 77.11
CA ILE V 608 141.39 17.22 77.71
C ILE V 608 142.41 16.77 76.68
N PHE V 609 143.37 17.64 76.37
CA PHE V 609 144.42 17.32 75.43
C PHE V 609 145.74 17.86 75.95
N SER V 610 146.83 17.20 75.55
CA SER V 610 148.15 17.53 76.06
C SER V 610 148.84 18.57 75.18
N ASP V 611 149.90 19.16 75.72
CA ASP V 611 150.70 20.15 75.03
C ASP V 611 152.09 19.59 74.80
N ILE V 612 152.56 19.63 73.55
CA ILE V 612 153.89 19.13 73.24
C ILE V 612 154.96 20.20 73.44
N GLU V 613 154.58 21.44 73.73
CA GLU V 613 155.54 22.43 74.21
C GLU V 613 156.09 22.03 75.57
N ASN V 614 155.22 21.59 76.47
CA ASN V 614 155.63 21.10 77.78
C ASN V 614 154.67 19.99 78.18
N SER V 615 155.19 18.78 78.35
CA SER V 615 154.35 17.63 78.67
C SER V 615 153.92 17.61 80.13
N SER V 616 154.49 18.47 80.98
CA SER V 616 154.02 18.61 82.35
C SER V 616 152.79 19.51 82.47
N ARG V 617 152.36 20.13 81.37
CA ARG V 617 151.20 21.01 81.37
C ARG V 617 150.10 20.42 80.51
N LEU V 618 148.86 20.63 80.95
CA LEU V 618 147.69 20.03 80.34
C LEU V 618 146.67 21.12 80.04
N TRP V 619 145.79 20.83 79.08
CA TRP V 619 144.77 21.78 78.65
C TRP V 619 143.39 21.19 78.89
N PHE V 620 142.52 21.96 79.53
CA PHE V 620 141.14 21.57 79.77
C PHE V 620 140.19 22.56 79.12
N TRP V 621 139.16 22.04 78.46
CA TRP V 621 138.11 22.91 77.93
C TRP V 621 136.77 22.22 78.03
N GLY V 622 135.73 23.02 78.26
CA GLY V 622 134.37 22.54 78.38
C GLY V 622 133.44 23.32 77.46
N ALA V 623 132.22 23.54 77.94
CA ALA V 623 131.20 24.18 77.13
C ALA V 623 131.30 25.70 77.13
N THR V 624 132.09 26.30 78.01
CA THR V 624 132.22 27.75 78.03
C THR V 624 133.66 28.22 78.13
N TRP V 625 134.53 27.40 78.71
CA TRP V 625 135.83 27.87 79.18
C TRP V 625 136.95 27.01 78.61
N ILE V 626 138.15 27.59 78.59
CA ILE V 626 139.39 26.90 78.21
C ILE V 626 140.42 27.21 79.29
N SER V 627 141.05 26.18 79.83
CA SER V 627 142.00 26.37 80.92
C SER V 627 143.25 25.51 80.72
N ARG V 628 144.37 26.03 81.22
CA ARG V 628 145.63 25.30 81.30
C ARG V 628 145.96 25.03 82.76
N ILE V 629 146.53 23.86 83.03
CA ILE V 629 146.96 23.50 84.37
C ILE V 629 148.36 22.89 84.25
N ASP V 630 149.32 23.46 84.98
CA ASP V 630 150.63 22.86 85.12
C ASP V 630 150.61 21.91 86.31
N PHE V 631 151.26 20.76 86.14
CA PHE V 631 151.25 19.72 87.17
C PHE V 631 152.48 19.77 88.07
N ASP V 632 153.12 20.93 88.16
CA ASP V 632 154.31 21.11 89.00
C ASP V 632 154.09 22.05 90.16
N VAL V 633 153.34 23.14 89.96
CA VAL V 633 153.17 24.14 91.00
C VAL V 633 152.11 23.66 92.00
N ASP V 634 152.06 24.34 93.15
CA ASP V 634 151.07 24.10 94.19
C ASP V 634 150.74 25.45 94.84
N PHE V 635 149.66 26.06 94.38
CA PHE V 635 149.27 27.38 94.84
C PHE V 635 148.77 27.32 96.29
N PRO V 636 148.94 28.43 97.06
CA PRO V 636 148.66 28.37 98.51
C PRO V 636 147.20 28.19 98.91
N ILE V 637 146.97 28.21 100.22
CA ILE V 637 145.74 27.70 100.81
C ILE V 637 144.68 28.79 100.96
N ASN V 638 145.11 30.03 101.19
CA ASN V 638 144.28 31.20 101.53
C ASN V 638 143.41 30.94 102.75
N UNK V 688 143.91 31.38 103.91
CA UNK V 688 143.30 31.22 105.23
C UNK V 688 142.98 29.77 105.57
N UNK V 689 124.43 24.20 96.35
CA UNK V 689 124.68 25.42 95.61
C UNK V 689 123.60 26.45 95.86
N UNK V 690 122.63 26.52 94.95
CA UNK V 690 121.52 27.47 95.07
C UNK V 690 120.28 26.92 94.37
N UNK V 691 120.09 27.32 93.12
CA UNK V 691 118.97 26.85 92.33
C UNK V 691 119.45 25.86 91.28
N UNK V 692 118.65 25.69 90.22
CA UNK V 692 118.96 24.84 89.07
C UNK V 692 119.27 23.39 89.43
N UNK V 693 120.48 23.13 89.90
CA UNK V 693 120.92 21.78 90.24
C UNK V 693 120.26 21.30 91.52
N UNK V 694 120.29 19.98 91.73
CA UNK V 694 119.72 19.39 92.94
C UNK V 694 120.59 19.70 94.14
N UNK V 695 120.10 20.57 95.02
CA UNK V 695 120.88 21.01 96.17
C UNK V 695 120.52 20.24 97.43
N UNK V 696 120.04 19.02 97.27
CA UNK V 696 119.67 18.19 98.42
C UNK V 696 120.89 17.49 99.02
N UNK V 697 120.76 16.19 99.26
CA UNK V 697 121.85 15.40 99.83
C UNK V 697 121.71 13.94 99.44
N UNK V 698 121.95 13.63 98.18
CA UNK V 698 121.79 12.26 97.69
C UNK V 698 122.97 11.82 96.83
N UNK V 699 123.41 10.59 97.05
CA UNK V 699 124.54 10.03 96.30
C UNK V 699 124.11 9.59 94.90
N UNK V 700 125.08 9.28 94.06
CA UNK V 700 124.79 8.89 92.68
C UNK V 700 124.76 7.37 92.51
N UNK V 701 124.40 6.67 93.58
CA UNK V 701 124.29 5.22 93.55
C UNK V 701 123.32 4.73 94.62
N UNK V 702 123.56 3.53 95.15
CA UNK V 702 122.71 2.98 96.19
C UNK V 702 122.98 3.65 97.53
N HIS V 703 152.04 28.45 87.86
CA HIS V 703 150.92 29.34 87.55
C HIS V 703 150.02 28.75 86.47
N PHE V 704 148.85 29.36 86.30
CA PHE V 704 147.85 28.85 85.37
C PHE V 704 146.94 29.99 84.97
N PHE V 705 146.06 29.71 84.01
CA PHE V 705 145.06 30.69 83.59
C PHE V 705 143.85 29.95 83.05
N PHE V 706 142.74 30.66 82.95
CA PHE V 706 141.56 30.20 82.26
C PHE V 706 140.94 31.38 81.53
N THR V 707 140.21 31.09 80.45
CA THR V 707 139.59 32.14 79.66
C THR V 707 138.13 31.81 79.41
N ASP V 708 137.32 32.88 79.32
CA ASP V 708 135.92 32.78 78.97
C ASP V 708 135.61 33.65 77.76
N LYS V 709 136.62 33.98 76.97
CA LYS V 709 136.42 34.86 75.82
C LYS V 709 135.66 34.17 74.70
N TYR V 710 135.96 32.90 74.45
CA TYR V 710 135.24 32.12 73.44
C TYR V 710 134.13 31.32 74.13
N LYS V 711 133.10 32.05 74.56
CA LYS V 711 132.00 31.44 75.29
C LYS V 711 131.17 30.46 74.47
N PRO V 712 130.77 30.73 73.18
CA PRO V 712 130.24 29.61 72.39
C PRO V 712 131.34 28.87 71.65
N LEU V 713 131.36 27.55 71.75
CA LEU V 713 132.42 26.75 71.12
C LEU V 713 131.93 25.32 70.91
N LEU V 714 132.64 24.62 70.02
CA LEU V 714 132.40 23.20 69.75
C LEU V 714 133.59 22.34 70.15
N PHE V 715 134.77 22.61 69.62
CA PHE V 715 135.93 21.75 69.78
C PHE V 715 137.18 22.58 69.97
N VAL V 716 138.03 22.18 70.90
CA VAL V 716 139.29 22.86 71.17
C VAL V 716 140.38 21.82 71.30
N ASP V 717 141.44 21.96 70.51
CA ASP V 717 142.56 21.03 70.50
C ASP V 717 143.79 21.75 69.97
N LEU V 718 144.88 21.01 69.80
CA LEU V 718 146.14 21.54 69.27
C LEU V 718 146.32 21.02 67.85
N ILE V 719 146.23 21.90 66.86
CA ILE V 719 146.48 21.52 65.48
C ILE V 719 147.97 21.25 65.26
N SER V 720 148.83 21.97 65.97
CA SER V 720 150.27 21.87 65.80
C SER V 720 150.91 22.14 67.17
N SER V 721 152.19 22.54 67.14
CA SER V 721 153.05 22.55 68.33
C SER V 721 152.51 23.46 69.42
N ASN V 722 152.45 24.76 69.16
CA ASN V 722 151.86 25.69 70.11
C ASN V 722 150.54 26.28 69.63
N GLU V 723 150.20 26.10 68.36
CA GLU V 723 149.04 26.75 67.78
C GLU V 723 147.75 26.06 68.19
N LEU V 724 146.88 26.81 68.86
CA LEU V 724 145.62 26.32 69.37
C LEU V 724 144.57 26.33 68.27
N ALA V 725 143.63 25.38 68.36
CA ALA V 725 142.50 25.30 67.44
C ALA V 725 141.23 25.63 68.21
N ILE V 726 140.46 26.60 67.70
CA ILE V 726 139.19 27.01 68.29
C ILE V 726 138.09 26.76 67.27
N ILE V 727 137.12 25.93 67.62
CA ILE V 727 136.01 25.63 66.73
C ILE V 727 134.72 26.03 67.44
N GLU V 728 133.99 26.98 66.85
CA GLU V 728 132.78 27.51 67.46
C GLU V 728 131.60 27.41 66.52
N ARG V 729 130.49 28.06 66.88
CA ARG V 729 129.31 28.13 66.03
C ARG V 729 128.89 29.58 65.86
N ASN V 730 128.33 29.88 64.68
CA ASN V 730 127.55 31.10 64.51
C ASN V 730 126.11 30.72 64.82
N PRO V 731 125.60 31.10 66.02
CA PRO V 731 124.36 30.48 66.54
C PRO V 731 123.10 30.77 65.75
N LEU V 732 122.79 32.06 65.52
CA LEU V 732 121.60 32.45 64.79
C LEU V 732 121.88 33.58 63.82
N THR V 733 123.11 33.69 63.32
CA THR V 733 123.51 34.81 62.49
C THR V 733 123.74 34.43 61.03
N PHE V 734 124.22 33.23 60.75
CA PHE V 734 124.62 32.90 59.39
C PHE V 734 124.01 31.59 58.89
N HIS V 735 123.77 30.64 59.79
CA HIS V 735 123.45 29.28 59.37
C HIS V 735 122.11 28.77 59.86
N SER V 736 121.68 29.12 61.06
CA SER V 736 120.36 28.71 61.52
C SER V 736 119.29 29.65 60.97
N LYS V 737 119.32 30.93 61.39
CA LYS V 737 118.46 32.01 60.90
C LYS V 737 116.97 31.68 61.03
N GLN V 738 116.59 31.05 62.13
CA GLN V 738 115.24 30.56 62.31
C GLN V 738 114.28 31.71 62.60
N LYS V 739 113.05 31.58 62.11
CA LYS V 739 112.02 32.58 62.33
C LYS V 739 111.52 32.54 63.78
N ALA V 740 110.88 33.63 64.18
CA ALA V 740 110.34 33.74 65.53
C ALA V 740 109.08 34.58 65.52
N PHE V 741 108.19 34.33 66.47
CA PHE V 741 107.11 35.26 66.71
C PHE V 741 107.66 36.52 67.37
N ILE V 742 107.25 37.66 66.85
CA ILE V 742 107.85 38.92 67.25
C ILE V 742 107.18 39.43 68.52
N GLN V 743 108.00 39.98 69.42
CA GLN V 743 107.53 40.73 70.57
C GLN V 743 108.41 41.96 70.70
N PRO V 744 107.89 43.15 70.38
CA PRO V 744 108.75 44.33 70.30
C PRO V 744 109.18 44.82 71.67
N LYS V 745 110.39 45.38 71.71
CA LYS V 745 110.94 45.98 72.92
C LYS V 745 110.74 47.48 72.83
N LEU V 746 110.03 48.04 73.80
CA LEU V 746 109.67 49.46 73.75
C LEU V 746 110.88 50.33 74.03
N VAL V 747 111.08 51.33 73.18
CA VAL V 747 112.27 52.18 73.22
C VAL V 747 111.93 53.64 73.43
N PHE V 748 110.88 54.14 72.78
CA PHE V 748 110.45 55.56 72.78
C PHE V 748 111.56 56.52 72.38
N LYS W 1 -0.91 69.18 48.18
CA LYS W 1 -0.51 68.49 46.97
C LYS W 1 -0.59 66.97 47.16
N SER W 2 -0.42 66.52 48.41
CA SER W 2 -0.34 65.09 48.68
C SER W 2 -1.16 64.67 49.89
N ASP W 3 -2.02 65.53 50.41
CA ASP W 3 -2.86 65.16 51.54
C ASP W 3 -4.23 64.69 51.04
N PHE W 4 -4.19 63.56 50.34
CA PHE W 4 -5.40 62.95 49.81
C PHE W 4 -6.02 62.03 50.86
N LYS W 5 -7.34 61.95 50.82
CA LYS W 5 -8.06 61.07 51.72
C LYS W 5 -9.35 60.62 51.04
N PHE W 6 -9.89 59.51 51.52
CA PHE W 6 -11.10 58.95 50.94
C PHE W 6 -12.30 59.81 51.29
N SER W 7 -13.12 60.13 50.29
CA SER W 7 -14.24 61.03 50.48
C SER W 7 -15.56 60.52 49.93
N ASN W 8 -15.55 59.65 48.94
CA ASN W 8 -16.80 59.19 48.32
C ASN W 8 -16.53 57.86 47.62
N LEU W 9 -17.37 56.88 47.88
CA LEU W 9 -17.34 55.64 47.10
C LEU W 9 -18.49 55.73 46.11
N LEU W 10 -18.17 56.22 44.92
CA LEU W 10 -19.13 56.27 43.83
C LEU W 10 -19.46 54.87 43.38
N GLY W 11 -20.72 54.66 43.02
CA GLY W 11 -21.17 53.33 42.61
C GLY W 11 -21.32 52.40 43.81
N THR W 12 -21.80 51.19 43.50
CA THR W 12 -22.15 50.14 44.47
C THR W 12 -23.03 50.70 45.58
N VAL W 13 -24.24 51.09 45.18
CA VAL W 13 -25.14 51.82 46.07
C VAL W 13 -25.60 50.94 47.23
N TYR W 14 -25.80 49.66 46.97
CA TYR W 14 -26.15 48.72 48.04
C TYR W 14 -25.60 47.35 47.68
N ARG W 15 -25.00 46.68 48.66
CA ARG W 15 -24.42 45.35 48.44
C ARG W 15 -25.13 44.27 49.24
N GLN W 16 -25.17 44.39 50.56
CA GLN W 16 -25.84 43.44 51.43
C GLN W 16 -26.07 44.12 52.77
N GLY W 17 -27.04 43.61 53.52
CA GLY W 17 -27.31 44.13 54.84
C GLY W 17 -28.54 45.00 54.92
N ASN W 18 -28.63 45.72 56.04
CA ASN W 18 -29.85 46.42 56.44
C ASN W 18 -29.77 47.89 56.06
N ILE W 19 -30.45 48.24 54.97
CA ILE W 19 -30.64 49.65 54.60
C ILE W 19 -31.55 50.31 55.62
N THR W 20 -31.30 51.58 55.91
CA THR W 20 -32.09 52.33 56.86
C THR W 20 -32.15 53.79 56.45
N PHE W 21 -33.12 54.49 57.01
CA PHE W 21 -33.25 55.92 56.85
C PHE W 21 -32.71 56.62 58.09
N SER W 22 -32.71 57.95 58.05
CA SER W 22 -32.48 58.71 59.25
C SER W 22 -33.78 58.84 60.03
N ASP W 23 -33.73 59.55 61.15
CA ASP W 23 -34.97 59.87 61.85
C ASP W 23 -35.82 60.85 61.04
N ASP W 24 -35.17 61.75 60.33
CA ASP W 24 -35.86 62.52 59.31
C ASP W 24 -35.82 61.75 57.99
N GLY W 25 -36.51 62.28 57.00
CA GLY W 25 -36.47 61.65 55.69
C GLY W 25 -35.32 62.06 54.82
N LYS W 26 -34.37 62.83 55.36
CA LYS W 26 -33.30 63.39 54.55
C LYS W 26 -32.27 62.33 54.18
N GLN W 27 -31.60 61.77 55.17
CA GLN W 27 -30.47 60.89 54.94
C GLN W 27 -30.92 59.46 54.74
N LEU W 28 -30.32 58.80 53.75
CA LEU W 28 -30.52 57.38 53.49
C LEU W 28 -29.18 56.68 53.64
N LEU W 29 -29.11 55.75 54.58
CA LEU W 29 -27.87 55.03 54.88
C LEU W 29 -27.95 53.64 54.26
N SER W 30 -26.97 53.31 53.43
CA SER W 30 -26.99 52.03 52.78
C SER W 30 -25.71 51.26 53.06
N PRO W 31 -25.80 49.98 53.40
CA PRO W 31 -24.60 49.20 53.68
C PRO W 31 -23.91 48.78 52.39
N VAL W 32 -22.81 49.43 52.08
CA VAL W 32 -21.92 48.99 51.04
C VAL W 32 -21.01 47.94 51.68
N GLY W 33 -20.46 47.03 50.86
CA GLY W 33 -19.75 45.85 51.35
C GLY W 33 -18.56 46.10 52.25
N ASN W 34 -18.05 47.33 52.31
CA ASN W 34 -17.10 47.73 53.34
C ASN W 34 -17.70 48.68 54.37
N ARG W 35 -18.30 49.77 53.92
CA ARG W 35 -18.53 50.92 54.78
C ARG W 35 -19.93 51.47 54.55
N VAL W 36 -20.35 52.32 55.47
CA VAL W 36 -21.67 52.95 55.39
C VAL W 36 -21.60 54.11 54.41
N SER W 37 -22.57 54.15 53.49
CA SER W 37 -22.70 55.26 52.56
C SER W 37 -23.90 56.10 52.98
N VAL W 38 -23.67 57.39 53.17
CA VAL W 38 -24.71 58.32 53.61
C VAL W 38 -25.06 59.21 52.42
N PHE W 39 -26.18 58.93 51.78
CA PHE W 39 -26.73 59.83 50.79
C PHE W 39 -27.76 60.73 51.43
N ASP W 40 -28.10 61.81 50.73
CA ASP W 40 -29.13 62.74 51.15
C ASP W 40 -30.02 63.04 49.96
N LEU W 41 -31.31 62.73 50.09
CA LEU W 41 -32.23 62.79 48.97
C LEU W 41 -32.99 64.10 48.89
N ILE W 42 -32.76 65.02 49.81
CA ILE W 42 -33.34 66.37 49.76
C ILE W 42 -32.29 67.38 49.32
N ASN W 43 -31.23 67.53 50.11
CA ASN W 43 -30.04 68.29 49.70
C ASN W 43 -29.12 67.30 48.98
N ASN W 44 -29.04 67.42 47.65
CA ASN W 44 -28.42 66.37 46.83
C ASN W 44 -26.91 66.38 47.01
N LYS W 45 -26.47 65.73 48.08
CA LYS W 45 -25.07 65.57 48.41
C LYS W 45 -24.86 64.18 48.99
N SER W 46 -23.83 63.50 48.51
CA SER W 46 -23.49 62.17 49.01
C SER W 46 -22.27 62.23 49.92
N PHE W 47 -22.07 61.15 50.66
CA PHE W 47 -20.98 61.05 51.61
C PHE W 47 -20.75 59.58 51.93
N THR W 48 -19.50 59.16 51.86
CA THR W 48 -19.13 57.80 52.24
C THR W 48 -18.13 57.90 53.39
N PHE W 49 -18.34 57.06 54.40
CA PHE W 49 -17.54 57.12 55.61
C PHE W 49 -16.13 56.62 55.34
N GLU W 50 -15.15 57.30 55.92
CA GLU W 50 -13.75 56.99 55.63
C GLU W 50 -13.28 55.74 56.36
N TYR W 51 -13.96 55.30 57.39
CA TYR W 51 -13.51 54.14 58.14
C TYR W 51 -13.87 52.85 57.38
N GLU W 52 -13.05 51.83 57.60
CA GLU W 52 -13.19 50.56 56.90
C GLU W 52 -13.53 49.47 57.90
N HIS W 53 -14.52 48.66 57.56
CA HIS W 53 -14.76 47.44 58.31
C HIS W 53 -13.78 46.37 57.89
N ARG W 54 -13.83 45.23 58.59
CA ARG W 54 -12.93 44.14 58.25
C ARG W 54 -13.56 43.17 57.25
N LYS W 55 -14.87 42.97 57.30
CA LYS W 55 -15.58 42.15 56.33
C LYS W 55 -16.88 42.88 56.00
N ASN W 56 -17.83 42.15 55.41
CA ASN W 56 -19.08 42.75 54.95
C ASN W 56 -19.96 43.18 56.11
N ILE W 57 -20.71 44.27 55.90
CA ILE W 57 -21.56 44.82 56.94
C ILE W 57 -22.82 43.98 57.05
N ALA W 58 -23.14 43.55 58.28
CA ALA W 58 -24.35 42.76 58.50
C ALA W 58 -25.57 43.65 58.74
N ALA W 59 -25.50 44.53 59.73
CA ALA W 59 -26.66 45.34 60.08
C ALA W 59 -26.20 46.74 60.45
N ILE W 60 -27.09 47.71 60.24
CA ILE W 60 -26.84 49.12 60.49
C ILE W 60 -28.07 49.71 61.17
N ASP W 61 -27.87 50.41 62.28
CA ASP W 61 -28.95 51.19 62.87
C ASP W 61 -28.43 52.53 63.35
N LEU W 62 -29.22 53.57 63.10
CA LEU W 62 -28.88 54.92 63.50
C LEU W 62 -29.77 55.34 64.66
N ASN W 63 -29.19 56.12 65.59
CA ASN W 63 -29.93 56.65 66.71
C ASN W 63 -31.00 57.62 66.23
N LYS W 64 -32.11 57.69 66.97
CA LYS W 64 -33.23 58.55 66.58
C LYS W 64 -32.90 60.04 66.76
N GLN W 65 -31.81 60.38 67.45
CA GLN W 65 -31.35 61.75 67.47
C GLN W 65 -30.37 62.06 66.35
N GLY W 66 -30.04 61.07 65.52
CA GLY W 66 -29.11 61.26 64.42
C GLY W 66 -27.69 61.54 64.86
N THR W 67 -27.24 60.91 65.91
CA THR W 67 -25.94 61.23 66.49
C THR W 67 -25.01 60.02 66.59
N LEU W 68 -25.55 58.84 66.88
CA LEU W 68 -24.75 57.64 67.03
C LEU W 68 -25.14 56.62 65.97
N LEU W 69 -24.14 56.08 65.28
CA LEU W 69 -24.35 55.06 64.27
C LEU W 69 -23.57 53.81 64.66
N ILE W 70 -24.26 52.67 64.66
CA ILE W 70 -23.64 51.38 64.95
C ILE W 70 -23.71 50.55 63.69
N SER W 71 -22.55 50.14 63.19
CA SER W 71 -22.45 49.24 62.05
C SER W 71 -21.74 47.99 62.51
N ILE W 72 -22.38 46.84 62.33
CA ILE W 72 -21.91 45.58 62.89
C ILE W 72 -21.58 44.63 61.74
N ASP W 73 -20.36 44.09 61.77
CA ASP W 73 -19.89 43.15 60.76
C ASP W 73 -20.61 41.81 60.88
N GLU W 74 -20.42 40.96 59.88
CA GLU W 74 -21.07 39.65 59.87
C GLU W 74 -20.48 38.70 60.90
N ASP W 75 -19.27 38.97 61.39
CA ASP W 75 -18.67 38.20 62.47
C ASP W 75 -18.81 38.89 63.81
N GLY W 76 -19.56 39.99 63.87
CA GLY W 76 -19.79 40.67 65.12
C GLY W 76 -18.80 41.75 65.48
N ARG W 77 -18.03 42.25 64.53
CA ARG W 77 -17.08 43.34 64.79
C ARG W 77 -17.85 44.66 64.77
N ALA W 78 -18.40 45.03 65.93
CA ALA W 78 -19.17 46.25 66.02
C ALA W 78 -18.27 47.48 66.00
N ILE W 79 -18.70 48.52 65.29
CA ILE W 79 -17.96 49.77 65.22
C ILE W 79 -18.93 50.91 65.48
N LEU W 80 -18.69 51.67 66.55
CA LEU W 80 -19.43 52.90 66.78
C LEU W 80 -18.94 54.01 65.86
N VAL W 81 -19.86 54.88 65.48
CA VAL W 81 -19.53 56.09 64.71
C VAL W 81 -20.24 57.27 65.36
N ASN W 82 -19.46 58.27 65.75
CA ASN W 82 -20.02 59.59 66.04
C ASN W 82 -20.46 60.18 64.72
N PHE W 83 -21.79 60.26 64.50
CA PHE W 83 -22.30 60.50 63.17
C PHE W 83 -22.03 61.90 62.67
N LYS W 84 -22.18 62.91 63.53
CA LYS W 84 -21.86 64.28 63.12
C LYS W 84 -20.36 64.54 63.09
N ALA W 85 -19.60 63.90 63.97
CA ALA W 85 -18.14 64.04 63.93
C ALA W 85 -17.51 63.20 62.83
N ARG W 86 -18.24 62.19 62.35
CA ARG W 86 -17.81 61.28 61.27
C ARG W 86 -16.49 60.58 61.60
N ASN W 87 -16.35 60.16 62.86
CA ASN W 87 -15.18 59.44 63.31
C ASN W 87 -15.61 58.24 64.15
N VAL W 88 -14.64 57.39 64.44
CA VAL W 88 -14.89 56.13 65.12
C VAL W 88 -14.78 56.32 66.63
N LEU W 89 -15.79 55.84 67.36
CA LEU W 89 -15.78 55.93 68.81
C LEU W 89 -15.25 54.67 69.49
N HIS W 90 -15.67 53.49 69.05
CA HIS W 90 -15.22 52.26 69.67
C HIS W 90 -15.29 51.10 68.69
N HIS W 91 -14.50 50.07 68.96
CA HIS W 91 -14.43 48.85 68.15
C HIS W 91 -14.81 47.66 69.03
N PHE W 92 -16.10 47.35 69.08
CA PHE W 92 -16.53 46.20 69.87
C PHE W 92 -16.48 44.93 69.03
N ASN W 93 -16.29 43.80 69.71
CA ASN W 93 -16.28 42.49 69.07
C ASN W 93 -17.33 41.61 69.72
N PHE W 94 -18.54 41.60 69.15
CA PHE W 94 -19.53 40.60 69.52
C PHE W 94 -19.08 39.24 69.03
N LYS W 95 -19.16 38.25 69.91
CA LYS W 95 -18.48 36.98 69.68
C LYS W 95 -19.15 36.11 68.63
N GLU W 96 -20.44 36.31 68.38
CA GLU W 96 -21.20 35.49 67.45
C GLU W 96 -21.61 36.31 66.25
N LYS W 97 -22.40 35.71 65.37
CA LYS W 97 -22.93 36.42 64.21
C LYS W 97 -24.20 37.18 64.60
N CYS W 98 -24.19 38.48 64.34
CA CYS W 98 -25.32 39.33 64.65
C CYS W 98 -26.17 39.57 63.41
N SER W 99 -27.49 39.64 63.62
CA SER W 99 -28.44 39.69 62.52
C SER W 99 -29.27 40.95 62.47
N ALA W 100 -29.59 41.55 63.62
CA ALA W 100 -30.43 42.74 63.62
C ALA W 100 -29.99 43.68 64.73
N VAL W 101 -29.89 44.96 64.40
CA VAL W 101 -29.54 46.01 65.36
C VAL W 101 -30.66 47.04 65.34
N LYS W 102 -31.15 47.42 66.51
CA LYS W 102 -32.15 48.46 66.58
C LYS W 102 -32.04 49.20 67.91
N PHE W 103 -31.87 50.51 67.83
CA PHE W 103 -31.95 51.35 69.02
C PHE W 103 -33.39 51.46 69.48
N SER W 104 -33.56 51.81 70.75
CA SER W 104 -34.85 52.26 71.22
C SER W 104 -35.18 53.61 70.58
N PRO W 105 -36.47 53.91 70.40
CA PRO W 105 -36.85 55.28 70.01
C PRO W 105 -36.45 56.34 71.02
N ASP W 106 -36.31 55.99 72.31
CA ASP W 106 -35.70 56.90 73.25
C ASP W 106 -34.22 57.10 72.95
N GLY W 107 -33.54 56.05 72.53
CA GLY W 107 -32.13 56.13 72.22
C GLY W 107 -31.19 55.87 73.38
N ARG W 108 -31.73 55.59 74.58
CA ARG W 108 -30.87 55.38 75.74
C ARG W 108 -30.18 54.02 75.68
N LEU W 109 -30.88 53.00 75.19
CA LEU W 109 -30.33 51.64 75.20
C LEU W 109 -30.79 50.90 73.95
N PHE W 110 -29.94 50.04 73.44
CA PHE W 110 -30.20 49.35 72.18
C PHE W 110 -30.11 47.84 72.36
N ALA W 111 -30.77 47.13 71.44
CA ALA W 111 -30.89 45.68 71.50
C ALA W 111 -30.19 45.06 70.31
N LEU W 112 -29.55 43.92 70.54
CA LEU W 112 -28.80 43.22 69.52
C LEU W 112 -29.28 41.77 69.43
N ALA W 113 -29.60 41.34 68.21
CA ALA W 113 -29.97 39.94 67.94
C ALA W 113 -28.76 39.22 67.39
N SER W 114 -27.93 38.69 68.29
CA SER W 114 -26.73 37.96 67.92
C SER W 114 -26.86 36.52 68.39
N GLY W 115 -26.75 35.58 67.47
CA GLY W 115 -26.88 34.17 67.84
C GLY W 115 -28.31 33.86 68.24
N ARG W 116 -28.45 32.96 69.20
CA ARG W 116 -29.74 32.63 69.77
C ARG W 116 -30.11 33.53 70.93
N PHE W 117 -29.27 34.50 71.25
CA PHE W 117 -29.48 35.40 72.38
C PHE W 117 -29.90 36.78 71.88
N LEU W 118 -30.58 37.51 72.76
CA LEU W 118 -30.84 38.93 72.59
C LEU W 118 -30.01 39.68 73.62
N GLN W 119 -29.16 40.59 73.15
CA GLN W 119 -28.29 41.37 74.01
C GLN W 119 -28.80 42.80 74.05
N ILE W 120 -29.04 43.31 75.26
CA ILE W 120 -29.48 44.68 75.45
C ILE W 120 -28.37 45.44 76.16
N TRP W 121 -27.88 46.49 75.51
CA TRP W 121 -26.77 47.28 76.01
C TRP W 121 -27.21 48.74 76.13
N LYS W 122 -26.58 49.45 77.05
CA LYS W 122 -26.82 50.88 77.21
C LYS W 122 -25.89 51.65 76.29
N THR W 123 -26.45 52.56 75.50
CA THR W 123 -25.63 53.33 74.57
C THR W 123 -24.79 54.35 75.32
N PRO W 124 -23.51 54.50 74.98
CA PRO W 124 -22.69 55.53 75.63
C PRO W 124 -23.10 56.93 75.19
N ASP W 125 -22.85 57.88 76.08
CA ASP W 125 -23.13 59.28 75.76
C ASP W 125 -22.13 59.79 74.73
N VAL W 126 -22.64 60.55 73.76
CA VAL W 126 -21.80 61.08 72.70
C VAL W 126 -20.88 62.18 73.23
N ASN W 127 -21.40 63.04 74.11
CA ASN W 127 -20.63 64.15 74.63
C ASN W 127 -19.57 63.74 75.63
N LYS W 128 -19.66 62.53 76.18
CA LYS W 128 -18.56 61.99 76.96
C LYS W 128 -17.40 61.63 76.05
N ASP W 129 -16.20 61.67 76.60
CA ASP W 129 -15.00 61.43 75.82
C ASP W 129 -14.86 59.96 75.46
N ARG W 130 -13.91 59.67 74.58
CA ARG W 130 -13.68 58.30 74.11
C ARG W 130 -13.08 57.46 75.22
N GLN W 131 -13.91 56.71 75.93
CA GLN W 131 -13.45 55.87 77.03
C GLN W 131 -13.06 54.50 76.50
N PHE W 132 -12.39 53.72 77.36
CA PHE W 132 -11.96 52.39 76.97
C PHE W 132 -13.14 51.43 76.87
N ALA W 133 -14.06 51.47 77.83
CA ALA W 133 -15.17 50.54 77.92
C ALA W 133 -16.47 51.32 77.97
N PRO W 134 -16.94 51.81 76.82
CA PRO W 134 -18.19 52.60 76.82
C PRO W 134 -19.44 51.75 76.83
N PHE W 135 -19.33 50.46 76.53
CA PHE W 135 -20.49 49.59 76.41
C PHE W 135 -20.73 48.87 77.72
N VAL W 136 -21.93 49.03 78.27
CA VAL W 136 -22.35 48.33 79.48
C VAL W 136 -23.64 47.59 79.16
N ARG W 137 -23.65 46.28 79.36
CA ARG W 137 -24.83 45.50 78.98
C ARG W 137 -25.86 45.50 80.11
N HIS W 138 -27.10 45.82 79.75
CA HIS W 138 -28.22 45.74 80.66
C HIS W 138 -28.46 44.30 81.07
N ARG W 139 -28.86 43.47 80.11
CA ARG W 139 -29.17 42.06 80.34
C ARG W 139 -28.78 41.27 79.12
N VAL W 140 -28.88 39.95 79.24
CA VAL W 140 -28.89 39.05 78.10
C VAL W 140 -30.08 38.10 78.27
N HIS W 141 -30.85 37.93 77.20
CA HIS W 141 -32.02 37.05 77.23
C HIS W 141 -31.76 35.88 76.30
N ALA W 142 -31.85 34.68 76.87
CA ALA W 142 -31.46 33.45 76.16
C ALA W 142 -32.63 32.55 75.86
N GLY W 143 -33.86 33.00 76.09
CA GLY W 143 -35.01 32.15 75.90
C GLY W 143 -35.38 31.92 74.45
N HIS W 144 -34.53 31.20 73.72
CA HIS W 144 -34.85 30.83 72.35
C HIS W 144 -34.10 29.55 72.00
N PHE W 145 -34.56 28.91 70.92
CA PHE W 145 -34.05 27.59 70.56
C PHE W 145 -33.19 27.59 69.31
N GLN W 146 -33.25 28.65 68.50
CA GLN W 146 -32.34 28.80 67.37
C GLN W 146 -31.99 30.28 67.26
N ASP W 147 -31.32 30.64 66.17
CA ASP W 147 -30.78 31.98 65.97
C ASP W 147 -31.90 33.02 65.86
N ILE W 148 -31.68 34.18 66.45
CA ILE W 148 -32.64 35.27 66.32
C ILE W 148 -32.38 35.98 65.00
N THR W 149 -33.42 36.13 64.19
CA THR W 149 -33.27 36.67 62.85
C THR W 149 -33.90 38.05 62.66
N SER W 150 -34.66 38.54 63.64
CA SER W 150 -35.27 39.86 63.51
C SER W 150 -35.41 40.48 64.88
N LEU W 151 -35.54 41.81 64.89
CA LEU W 151 -35.67 42.57 66.12
C LEU W 151 -36.59 43.75 65.85
N THR W 152 -37.46 44.06 66.80
CA THR W 152 -38.36 45.20 66.66
C THR W 152 -38.69 45.73 68.05
N TRP W 153 -38.33 46.98 68.30
CA TRP W 153 -38.65 47.66 69.54
C TRP W 153 -40.12 48.08 69.55
N SER W 154 -40.57 48.57 70.69
CA SER W 154 -41.92 49.10 70.79
C SER W 154 -41.96 50.54 70.31
N GLN W 155 -43.18 51.07 70.16
CA GLN W 155 -43.34 52.51 70.03
C GLN W 155 -43.05 53.20 71.34
N ASP W 156 -43.20 52.49 72.46
CA ASP W 156 -42.65 52.90 73.74
C ASP W 156 -41.21 52.41 73.80
N SER W 157 -40.59 52.48 74.98
CA SER W 157 -39.20 52.08 75.12
C SER W 157 -39.02 50.98 76.15
N ARG W 158 -40.04 50.15 76.37
CA ARG W 158 -39.99 49.15 77.41
C ARG W 158 -40.25 47.72 76.95
N PHE W 159 -40.75 47.52 75.73
CA PHE W 159 -41.04 46.17 75.23
C PHE W 159 -40.21 45.88 73.99
N ILE W 160 -39.51 44.75 74.00
CA ILE W 160 -38.73 44.28 72.88
C ILE W 160 -39.23 42.90 72.50
N LEU W 161 -39.58 42.71 71.23
CA LEU W 161 -39.96 41.40 70.73
C LEU W 161 -38.96 40.93 69.67
N THR W 162 -38.66 39.63 69.70
CA THR W 162 -37.70 39.02 68.80
C THR W 162 -38.33 37.81 68.14
N THR W 163 -38.10 37.64 66.84
CA THR W 163 -38.48 36.43 66.12
C THR W 163 -37.23 35.68 65.72
N SER W 164 -37.26 34.37 65.88
CA SER W 164 -36.05 33.57 65.76
C SER W 164 -36.14 32.59 64.61
N LYS W 165 -35.03 31.87 64.41
CA LYS W 165 -35.01 30.80 63.40
C LYS W 165 -35.86 29.63 63.83
N ASP W 166 -36.02 29.44 65.15
CA ASP W 166 -37.04 28.55 65.67
C ASP W 166 -38.41 29.16 65.39
N LEU W 167 -39.44 28.30 65.40
CA LEU W 167 -40.77 28.69 64.95
C LEU W 167 -41.42 29.75 65.84
N SER W 168 -40.94 29.91 67.07
CA SER W 168 -41.54 30.81 68.04
C SER W 168 -41.05 32.25 67.85
N ALA W 169 -41.71 33.17 68.56
CA ALA W 169 -41.31 34.56 68.64
C ALA W 169 -41.80 35.12 69.97
N LYS W 170 -40.88 35.70 70.75
CA LYS W 170 -41.15 36.04 72.14
C LYS W 170 -41.04 37.54 72.37
N ILE W 171 -41.84 38.04 73.31
CA ILE W 171 -41.80 39.44 73.74
C ILE W 171 -41.08 39.49 75.07
N TRP W 172 -40.02 40.30 75.15
CA TRP W 172 -39.23 40.45 76.36
C TRP W 172 -39.31 41.89 76.86
N SER W 173 -39.64 42.05 78.13
CA SER W 173 -39.69 43.37 78.74
C SER W 173 -38.29 43.77 79.19
N VAL W 174 -37.88 44.99 78.84
CA VAL W 174 -36.56 45.47 79.21
C VAL W 174 -36.50 45.89 80.67
N ASP W 175 -37.65 46.07 81.31
CA ASP W 175 -37.68 46.36 82.74
C ASP W 175 -37.85 45.07 83.52
N SER W 176 -37.19 45.00 84.69
CA SER W 176 -37.24 43.79 85.49
C SER W 176 -38.60 43.60 86.15
N GLU W 177 -39.22 44.71 86.57
CA GLU W 177 -40.49 44.61 87.29
C GLU W 177 -41.64 44.23 86.37
N GLU W 178 -41.55 44.60 85.09
CA GLU W 178 -42.60 44.31 84.12
C GLU W 178 -42.43 42.96 83.44
N LYS W 179 -41.75 42.02 84.09
CA LYS W 179 -41.57 40.69 83.51
C LYS W 179 -42.88 39.92 83.44
N ASN W 180 -43.78 40.14 84.41
CA ASN W 180 -45.07 39.47 84.41
C ASN W 180 -46.01 40.01 83.35
N LEU W 181 -45.79 41.25 82.89
CA LEU W 181 -46.69 41.84 81.90
C LEU W 181 -46.47 41.28 80.50
N ALA W 182 -45.23 40.96 80.14
CA ALA W 182 -44.92 40.51 78.78
C ALA W 182 -43.89 39.39 78.86
N ALA W 183 -44.39 38.15 78.90
CA ALA W 183 -43.52 36.99 78.91
C ALA W 183 -44.04 35.84 78.07
N THR W 184 -45.17 36.01 77.37
CA THR W 184 -45.78 34.92 76.63
C THR W 184 -45.02 34.64 75.34
N THR W 185 -45.16 33.42 74.85
CA THR W 185 -44.42 32.93 73.70
C THR W 185 -45.42 32.78 72.56
N PHE W 186 -45.21 33.53 71.49
CA PHE W 186 -46.04 33.35 70.30
C PHE W 186 -45.37 32.37 69.34
N ASN W 187 -46.15 31.38 68.90
CA ASN W 187 -45.67 30.37 67.98
C ASN W 187 -46.83 29.98 67.08
N GLY W 188 -46.70 28.85 66.40
CA GLY W 188 -47.73 28.39 65.50
C GLY W 188 -47.48 28.68 64.04
N HIS W 189 -46.45 29.44 63.72
CA HIS W 189 -46.06 29.61 62.33
C HIS W 189 -45.49 28.29 61.78
N ARG W 190 -45.81 28.01 60.53
CA ARG W 190 -45.34 26.79 59.88
C ARG W 190 -43.91 26.89 59.40
N ASP W 191 -43.32 28.07 59.39
CA ASP W 191 -42.00 28.24 58.80
C ASP W 191 -41.27 29.37 59.51
N TYR W 192 -40.23 29.88 58.84
CA TYR W 192 -39.25 30.78 59.41
C TYR W 192 -39.90 32.12 59.74
N VAL W 193 -40.13 32.39 61.02
CA VAL W 193 -40.70 33.69 61.36
C VAL W 193 -39.58 34.74 61.33
N MET W 194 -39.75 35.78 60.53
CA MET W 194 -38.73 36.78 60.33
C MET W 194 -39.26 38.19 60.52
N GLY W 195 -40.33 38.35 61.27
CA GLY W 195 -40.75 39.69 61.66
C GLY W 195 -42.02 39.67 62.47
N ALA W 196 -41.97 40.34 63.61
CA ALA W 196 -43.17 40.67 64.36
C ALA W 196 -43.10 42.15 64.68
N PHE W 197 -44.26 42.76 64.85
CA PHE W 197 -44.32 44.19 65.05
C PHE W 197 -45.49 44.51 65.97
N PHE W 198 -45.30 45.47 66.85
CA PHE W 198 -46.43 46.05 67.55
C PHE W 198 -47.27 46.87 66.58
N SER W 199 -48.54 47.03 66.90
CA SER W 199 -49.44 47.85 66.10
C SER W 199 -49.22 49.33 66.44
N HIS W 200 -50.13 50.19 65.98
CA HIS W 200 -50.09 51.58 66.39
C HIS W 200 -50.37 51.72 67.87
N ASP W 201 -51.33 50.95 68.38
CA ASP W 201 -51.44 50.74 69.81
C ASP W 201 -50.56 49.57 70.23
N GLN W 202 -50.26 49.50 71.53
CA GLN W 202 -49.40 48.48 72.09
C GLN W 202 -50.09 47.11 72.14
N GLU W 203 -51.41 47.08 71.95
CA GLU W 203 -52.24 45.90 72.12
C GLU W 203 -51.94 44.78 71.11
N LYS W 204 -51.96 45.09 69.81
CA LYS W 204 -51.84 44.04 68.82
C LYS W 204 -50.38 43.80 68.41
N ILE W 205 -50.08 42.55 68.07
CA ILE W 205 -48.80 42.16 67.49
C ILE W 205 -49.07 41.37 66.22
N TYR W 206 -48.53 41.85 65.10
CA TYR W 206 -48.63 41.17 63.81
C TYR W 206 -47.31 40.48 63.53
N THR W 207 -47.34 39.16 63.38
CA THR W 207 -46.14 38.38 63.09
C THR W 207 -46.19 37.88 61.65
N VAL W 208 -45.10 38.09 60.92
CA VAL W 208 -44.98 37.69 59.52
C VAL W 208 -43.94 36.59 59.42
N SER W 209 -44.24 35.54 58.66
CA SER W 209 -43.38 34.38 58.54
C SER W 209 -42.90 34.23 57.09
N LYS W 210 -42.08 33.20 56.88
CA LYS W 210 -41.54 32.94 55.55
C LYS W 210 -42.56 32.28 54.64
N ASP W 211 -43.43 31.43 55.18
CA ASP W 211 -44.35 30.67 54.35
C ASP W 211 -45.46 31.52 53.75
N GLY W 212 -45.63 32.75 54.22
CA GLY W 212 -46.62 33.64 53.66
C GLY W 212 -47.73 33.95 54.64
N ALA W 213 -47.58 33.49 55.87
CA ALA W 213 -48.62 33.60 56.88
C ALA W 213 -48.38 34.84 57.74
N VAL W 214 -49.42 35.65 57.88
CA VAL W 214 -49.43 36.77 58.82
C VAL W 214 -50.42 36.43 59.93
N PHE W 215 -49.94 36.41 61.16
CA PHE W 215 -50.77 36.12 62.32
C PHE W 215 -51.03 37.39 63.10
N VAL W 216 -52.29 37.61 63.46
CA VAL W 216 -52.70 38.76 64.24
C VAL W 216 -53.02 38.30 65.64
N TRP W 217 -52.20 38.73 66.61
CA TRP W 217 -52.33 38.30 67.99
C TRP W 217 -53.01 39.38 68.81
N GLU W 218 -54.08 39.02 69.51
CA GLU W 218 -54.87 39.96 70.28
C GLU W 218 -55.12 39.42 71.67
N PHE W 219 -55.04 40.30 72.66
CA PHE W 219 -55.20 39.93 74.06
C PHE W 219 -56.68 39.88 74.38
N THR W 220 -57.27 38.68 74.42
CA THR W 220 -58.70 38.52 74.62
C THR W 220 -58.97 37.13 75.19
N LYS W 221 -60.24 36.77 75.24
CA LYS W 221 -60.70 35.49 75.76
C LYS W 221 -60.87 34.50 74.61
N ARG W 222 -61.49 33.36 74.91
CA ARG W 222 -61.73 32.32 73.91
C ARG W 222 -62.76 32.74 72.87
N LYS W 244 -57.07 33.70 83.71
CA LYS W 244 -57.89 34.73 83.09
C LYS W 244 -58.00 34.50 81.58
N TYR W 245 -57.31 35.34 80.80
CA TYR W 245 -57.35 35.27 79.35
C TYR W 245 -56.13 35.99 78.78
N SER W 246 -55.48 35.37 77.80
CA SER W 246 -54.21 35.89 77.31
C SER W 246 -53.83 35.42 75.91
N TRP W 247 -53.80 36.37 74.96
CA TRP W 247 -53.08 36.28 73.68
C TRP W 247 -53.59 35.13 72.80
N ARG W 248 -54.82 35.27 72.35
CA ARG W 248 -55.36 34.38 71.33
C ARG W 248 -54.93 34.86 69.95
N ILE W 249 -55.37 34.13 68.92
CA ILE W 249 -55.19 34.55 67.53
C ILE W 249 -56.55 34.99 67.00
N THR W 250 -56.62 36.23 66.51
CA THR W 250 -57.87 36.72 65.97
C THR W 250 -58.09 36.24 64.54
N LYS W 251 -57.14 36.51 63.64
CA LYS W 251 -57.29 36.14 62.25
C LYS W 251 -55.92 35.95 61.63
N LYS W 252 -55.84 34.98 60.73
CA LYS W 252 -54.63 34.71 59.97
C LYS W 252 -54.82 35.17 58.53
N HIS W 253 -53.71 35.56 57.90
CA HIS W 253 -53.73 36.03 56.53
C HIS W 253 -52.61 35.37 55.75
N PHE W 254 -52.86 35.11 54.47
CA PHE W 254 -51.93 34.36 53.64
C PHE W 254 -51.65 35.11 52.36
N PHE W 255 -50.37 35.18 51.98
CA PHE W 255 -49.98 35.92 50.79
C PHE W 255 -50.30 35.15 49.52
N TYR W 256 -50.39 33.82 49.61
CA TYR W 256 -50.61 32.91 48.48
C TYR W 256 -49.56 33.06 47.38
N ALA W 257 -48.30 33.29 47.77
CA ALA W 257 -47.19 33.20 46.83
C ALA W 257 -46.74 31.75 46.79
N ASN W 258 -46.89 31.11 45.63
CA ASN W 258 -46.73 29.65 45.53
C ASN W 258 -45.29 29.22 45.73
N GLN W 259 -44.36 29.85 45.04
CA GLN W 259 -42.95 29.53 45.18
C GLN W 259 -42.12 30.71 45.63
N ALA W 260 -42.71 31.91 45.74
CA ALA W 260 -41.99 33.05 46.29
C ALA W 260 -42.08 33.00 47.81
N LYS W 261 -40.94 33.13 48.47
CA LYS W 261 -40.87 33.12 49.92
C LYS W 261 -40.48 34.51 50.42
N VAL W 262 -41.02 34.86 51.58
CA VAL W 262 -40.75 36.16 52.18
C VAL W 262 -39.30 36.20 52.65
N LYS W 263 -38.59 37.27 52.33
CA LYS W 263 -37.20 37.42 52.73
C LYS W 263 -36.99 38.37 53.90
N CYS W 264 -37.58 39.56 53.87
CA CYS W 264 -37.63 40.40 55.06
C CYS W 264 -38.83 41.35 54.97
N VAL W 265 -39.24 41.88 56.12
CA VAL W 265 -40.42 42.72 56.24
C VAL W 265 -40.09 43.92 57.12
N THR W 266 -40.92 44.96 56.99
CA THR W 266 -40.92 46.07 57.93
C THR W 266 -42.33 46.63 58.02
N PHE W 267 -42.58 47.39 59.08
CA PHE W 267 -43.95 47.82 59.36
C PHE W 267 -43.92 49.14 60.11
N HIS W 268 -44.32 50.21 59.43
CA HIS W 268 -44.54 51.47 60.11
C HIS W 268 -45.91 51.44 60.78
N PRO W 269 -45.98 51.61 62.10
CA PRO W 269 -47.26 51.41 62.79
C PRO W 269 -48.24 52.56 62.63
N ALA W 270 -47.74 53.77 62.39
CA ALA W 270 -48.63 54.93 62.30
C ALA W 270 -49.45 54.91 61.02
N THR W 271 -48.87 54.44 59.92
CA THR W 271 -49.59 54.29 58.68
C THR W 271 -50.05 52.85 58.44
N ARG W 272 -49.84 51.98 59.44
CA ARG W 272 -50.23 50.55 59.48
C ARG W 272 -49.89 49.79 58.18
N LEU W 273 -48.70 50.07 57.66
CA LEU W 273 -48.25 49.52 56.38
C LEU W 273 -47.22 48.41 56.59
N LEU W 274 -47.54 47.20 56.16
CA LEU W 274 -46.50 46.22 55.91
C LEU W 274 -45.91 46.45 54.54
N ALA W 275 -44.63 46.10 54.39
CA ALA W 275 -43.97 46.03 53.11
C ALA W 275 -43.15 44.75 53.09
N VAL W 276 -43.64 43.74 52.38
CA VAL W 276 -43.05 42.42 52.41
C VAL W 276 -42.09 42.29 51.23
N GLY W 277 -41.10 41.42 51.38
CA GLY W 277 -40.16 41.19 50.31
C GLY W 277 -40.08 39.74 49.89
N PHE W 278 -40.54 39.42 48.69
CA PHE W 278 -40.46 38.05 48.20
C PHE W 278 -39.16 37.83 47.45
N THR W 279 -38.72 36.57 47.44
CA THR W 279 -37.49 36.21 46.75
C THR W 279 -37.66 36.14 45.24
N SER W 280 -38.89 36.10 44.74
CA SER W 280 -39.10 36.15 43.29
C SER W 280 -38.79 37.54 42.76
N GLY W 281 -39.13 38.58 43.52
CA GLY W 281 -38.82 39.93 43.12
C GLY W 281 -39.94 40.91 43.40
N GLU W 282 -41.10 40.39 43.77
CA GLU W 282 -42.26 41.23 44.03
C GLU W 282 -42.25 41.72 45.46
N PHE W 283 -42.77 42.92 45.67
CA PHE W 283 -43.00 43.45 47.00
C PHE W 283 -44.41 43.99 47.08
N ARG W 284 -45.06 43.76 48.21
CA ARG W 284 -46.47 44.10 48.39
C ARG W 284 -46.64 45.02 49.59
N LEU W 285 -47.67 45.86 49.53
CA LEU W 285 -48.00 46.80 50.60
C LEU W 285 -49.39 46.47 51.14
N TYR W 286 -49.49 46.37 52.46
CA TYR W 286 -50.70 45.87 53.11
C TYR W 286 -51.15 46.81 54.23
N ASP W 287 -52.46 46.93 54.39
CA ASP W 287 -53.06 47.63 55.52
C ASP W 287 -53.55 46.57 56.50
N LEU W 288 -53.07 46.63 57.74
CA LEU W 288 -53.05 45.45 58.60
C LEU W 288 -54.38 45.01 59.25
N PRO W 289 -55.28 45.87 59.75
CA PRO W 289 -56.54 45.33 60.28
C PRO W 289 -57.49 44.80 59.21
N ASP W 290 -57.27 45.10 57.93
CA ASP W 290 -58.12 44.61 56.87
C ASP W 290 -57.44 43.60 55.95
N PHE W 291 -56.12 43.61 55.87
CA PHE W 291 -55.30 42.83 54.95
C PHE W 291 -55.74 43.03 53.50
N THR W 292 -55.54 44.26 53.04
CA THR W 292 -55.79 44.60 51.65
C THR W 292 -54.47 44.97 50.96
N LEU W 293 -54.29 44.46 49.76
CA LEU W 293 -53.08 44.71 48.97
C LEU W 293 -53.19 46.10 48.35
N ILE W 294 -52.38 47.04 48.85
CA ILE W 294 -52.47 48.40 48.33
C ILE W 294 -51.77 48.51 46.97
N GLN W 295 -50.46 48.26 46.94
CA GLN W 295 -49.71 48.23 45.69
C GLN W 295 -48.77 47.04 45.71
N GLN W 296 -48.63 46.39 44.55
CA GLN W 296 -47.66 45.32 44.36
C GLN W 296 -46.89 45.59 43.09
N LEU W 297 -45.59 45.81 43.22
CA LEU W 297 -44.71 46.06 42.09
C LEU W 297 -43.64 44.99 42.06
N SER W 298 -42.76 45.07 41.07
CA SER W 298 -41.71 44.07 40.91
C SER W 298 -40.44 44.75 40.42
N MET W 299 -39.30 44.28 40.90
CA MET W 299 -38.01 44.75 40.39
C MET W 299 -37.58 43.93 39.19
N GLY W 300 -37.43 42.63 39.39
CA GLY W 300 -36.91 41.74 38.38
C GLY W 300 -36.82 40.33 38.94
N GLN W 301 -35.69 39.66 38.72
CA GLN W 301 -35.50 38.31 39.20
C GLN W 301 -34.69 38.26 40.49
N ASN W 302 -34.40 39.38 41.06
CA ASN W 302 -33.58 39.39 42.26
C ASN W 302 -34.45 39.23 43.49
N PRO W 303 -33.94 38.57 44.55
CA PRO W 303 -34.67 38.55 45.82
C PRO W 303 -34.61 39.90 46.50
N VAL W 304 -35.75 40.33 47.04
CA VAL W 304 -35.81 41.59 47.78
C VAL W 304 -35.18 41.36 49.14
N ASN W 305 -33.92 41.75 49.29
CA ASN W 305 -33.16 41.34 50.45
C ASN W 305 -33.41 42.23 51.65
N THR W 306 -33.73 43.51 51.44
CA THR W 306 -33.86 44.43 52.55
C THR W 306 -35.00 45.40 52.30
N VAL W 307 -35.86 45.56 53.31
CA VAL W 307 -36.98 46.49 53.30
C VAL W 307 -36.88 47.37 54.54
N SER W 308 -36.99 48.68 54.35
CA SER W 308 -37.05 49.61 55.48
C SER W 308 -38.04 50.71 55.18
N VAL W 309 -38.48 51.40 56.23
CA VAL W 309 -39.53 52.41 56.12
C VAL W 309 -39.03 53.71 56.73
N ASN W 310 -39.63 54.81 56.27
CA ASN W 310 -39.36 56.12 56.84
C ASN W 310 -40.02 56.24 58.21
N GLN W 311 -39.56 57.22 58.98
CA GLN W 311 -40.20 57.50 60.27
C GLN W 311 -41.57 58.13 60.05
N THR W 312 -41.72 58.93 59.01
CA THR W 312 -43.02 59.53 58.70
C THR W 312 -43.94 58.56 57.97
N GLY W 313 -43.45 57.40 57.55
CA GLY W 313 -44.27 56.39 56.91
C GLY W 313 -44.81 56.74 55.54
N GLU W 314 -44.00 57.39 54.70
CA GLU W 314 -44.37 57.55 53.30
C GLU W 314 -43.21 57.32 52.35
N TRP W 315 -42.02 57.02 52.84
CA TRP W 315 -40.89 56.64 52.00
C TRP W 315 -40.46 55.22 52.36
N LEU W 316 -40.31 54.38 51.34
CA LEU W 316 -39.93 52.98 51.53
C LEU W 316 -38.65 52.70 50.77
N ALA W 317 -37.64 52.22 51.48
CA ALA W 317 -36.34 51.93 50.89
C ALA W 317 -36.26 50.42 50.65
N PHE W 318 -36.18 50.04 49.39
CA PHE W 318 -36.18 48.64 48.96
C PHE W 318 -34.85 48.31 48.31
N GLY W 319 -34.29 47.15 48.65
CA GLY W 319 -33.00 46.80 48.09
C GLY W 319 -32.79 45.33 47.82
N SER W 320 -32.15 45.02 46.69
CA SER W 320 -31.81 43.66 46.33
C SER W 320 -30.29 43.53 46.28
N SER W 321 -29.79 42.33 46.51
CA SER W 321 -28.36 42.14 46.71
C SER W 321 -27.63 41.63 45.48
N LYS W 322 -28.19 40.63 44.79
CA LYS W 322 -27.44 39.92 43.76
C LYS W 322 -27.25 40.73 42.49
N LEU W 323 -28.01 41.81 42.30
CA LEU W 323 -27.71 42.79 41.26
C LEU W 323 -27.20 44.09 41.84
N GLY W 324 -27.22 44.24 43.16
CA GLY W 324 -26.70 45.41 43.82
C GLY W 324 -27.46 46.69 43.56
N GLN W 325 -28.79 46.62 43.62
CA GLN W 325 -29.63 47.77 43.29
C GLN W 325 -30.36 48.25 44.54
N LEU W 326 -30.72 49.53 44.52
CA LEU W 326 -31.44 50.17 45.61
C LEU W 326 -32.58 50.98 45.03
N LEU W 327 -33.75 50.88 45.66
CA LEU W 327 -34.95 51.49 45.12
C LEU W 327 -35.72 52.13 46.26
N VAL W 328 -35.74 53.46 46.30
CA VAL W 328 -36.53 54.21 47.27
C VAL W 328 -37.82 54.65 46.58
N TYR W 329 -38.96 54.22 47.12
CA TYR W 329 -40.23 54.36 46.46
C TYR W 329 -41.27 54.88 47.44
N GLU W 330 -41.87 56.03 47.12
CA GLU W 330 -42.99 56.52 47.89
C GLU W 330 -44.22 55.67 47.60
N TRP W 331 -44.85 55.14 48.65
CA TRP W 331 -45.97 54.23 48.44
C TRP W 331 -47.23 54.95 47.99
N GLN W 332 -47.37 56.23 48.35
CA GLN W 332 -48.60 56.95 48.07
C GLN W 332 -48.76 57.23 46.58
N SER W 333 -47.88 58.05 46.02
CA SER W 333 -47.89 58.28 44.59
C SER W 333 -47.15 57.13 43.90
N GLU W 334 -47.80 56.54 42.89
CA GLU W 334 -47.24 55.39 42.20
C GLU W 334 -46.11 55.86 41.29
N SER W 335 -44.97 56.14 41.91
CA SER W 335 -43.80 56.72 41.25
C SER W 335 -42.58 56.58 42.15
N TYR W 336 -41.44 56.20 41.57
CA TYR W 336 -40.22 56.06 42.35
C TYR W 336 -39.65 57.43 42.72
N ILE W 337 -38.53 57.39 43.44
CA ILE W 337 -37.68 58.55 43.66
C ILE W 337 -36.29 58.32 43.09
N LEU W 338 -35.70 57.16 43.39
CA LEU W 338 -34.48 56.74 42.73
C LEU W 338 -34.50 55.23 42.56
N LYS W 339 -34.18 54.80 41.34
CA LYS W 339 -33.98 53.39 41.02
C LYS W 339 -32.55 53.30 40.51
N GLN W 340 -31.63 53.00 41.41
CA GLN W 340 -30.22 52.96 41.09
C GLN W 340 -29.72 51.52 41.20
N GLN W 341 -28.66 51.23 40.47
CA GLN W 341 -28.16 49.86 40.39
C GLN W 341 -26.66 49.90 40.15
N GLY W 342 -25.89 49.59 41.18
CA GLY W 342 -24.46 49.41 41.01
C GLY W 342 -24.16 48.04 40.45
N HIS W 343 -22.87 47.76 40.27
CA HIS W 343 -22.45 46.46 39.78
C HIS W 343 -21.09 46.13 40.38
N PHE W 344 -21.07 45.10 41.23
CA PHE W 344 -19.86 44.65 41.88
C PHE W 344 -18.91 44.01 40.87
N ASP W 345 -17.60 44.22 41.09
CA ASP W 345 -16.50 43.49 40.46
C ASP W 345 -16.32 43.77 38.95
N SER W 346 -17.18 44.59 38.36
CA SER W 346 -17.32 44.61 36.92
C SER W 346 -16.87 45.89 36.25
N THR W 347 -16.52 46.93 37.00
CA THR W 347 -16.19 48.22 36.40
C THR W 347 -14.83 48.14 35.73
N ASN W 348 -14.82 47.86 34.42
CA ASN W 348 -13.58 47.63 33.69
C ASN W 348 -12.81 48.91 33.42
N SER W 349 -13.50 50.04 33.25
CA SER W 349 -12.81 51.24 32.82
C SER W 349 -13.50 52.48 33.38
N LEU W 350 -12.84 53.61 33.19
CA LEU W 350 -13.31 54.90 33.71
C LEU W 350 -13.06 55.99 32.69
N ALA W 351 -13.87 57.04 32.76
CA ALA W 351 -13.66 58.25 31.97
C ALA W 351 -14.33 59.42 32.68
N TYR W 352 -13.53 60.40 33.07
CA TYR W 352 -14.09 61.62 33.62
C TYR W 352 -14.73 62.46 32.52
N SER W 353 -15.65 63.31 32.91
CA SER W 353 -16.12 64.37 32.03
C SER W 353 -15.16 65.54 32.13
N PRO W 354 -15.11 66.40 31.10
CA PRO W 354 -14.28 67.62 31.19
C PRO W 354 -14.63 68.53 32.36
N ASP W 355 -15.91 68.68 32.67
CA ASP W 355 -16.28 69.17 33.99
C ASP W 355 -16.16 68.03 34.99
N GLY W 356 -15.64 68.35 36.18
CA GLY W 356 -15.35 67.31 37.15
C GLY W 356 -16.53 66.86 37.99
N SER W 357 -17.72 66.79 37.38
CA SER W 357 -18.94 66.43 38.09
C SER W 357 -19.52 65.10 37.63
N ARG W 358 -19.15 64.61 36.46
CA ARG W 358 -19.67 63.37 35.93
C ARG W 358 -18.53 62.39 35.69
N VAL W 359 -18.67 61.19 36.23
CA VAL W 359 -17.74 60.11 35.97
C VAL W 359 -18.53 58.95 35.42
N VAL W 360 -18.21 58.54 34.22
CA VAL W 360 -18.86 57.39 33.61
C VAL W 360 -17.97 56.18 33.86
N THR W 361 -18.53 54.98 33.68
CA THR W 361 -17.78 53.77 33.91
C THR W 361 -18.24 52.67 32.96
N ALA W 362 -17.38 51.69 32.76
CA ALA W 362 -17.73 50.49 32.02
C ALA W 362 -18.28 49.45 32.98
N SER W 363 -18.76 48.34 32.41
CA SER W 363 -19.24 47.21 33.18
C SER W 363 -19.00 45.93 32.40
N GLU W 364 -19.01 44.81 33.11
CA GLU W 364 -19.00 43.51 32.43
C GLU W 364 -20.33 43.21 31.79
N ASP W 365 -21.40 43.87 32.24
CA ASP W 365 -22.73 43.67 31.67
C ASP W 365 -22.91 44.39 30.35
N GLY W 366 -21.96 45.23 29.96
CA GLY W 366 -22.14 46.12 28.83
C GLY W 366 -22.72 47.46 29.17
N LYS W 367 -22.99 47.71 30.44
CA LYS W 367 -23.62 48.95 30.86
C LYS W 367 -22.59 50.07 30.95
N ILE W 368 -22.90 51.20 30.35
CA ILE W 368 -22.12 52.42 30.48
C ILE W 368 -22.97 53.42 31.24
N LYS W 369 -22.58 53.72 32.48
CA LYS W 369 -23.41 54.45 33.41
C LYS W 369 -22.75 55.75 33.79
N VAL W 370 -23.45 56.85 33.56
CA VAL W 370 -22.95 58.19 33.87
C VAL W 370 -23.30 58.45 35.34
N TRP W 371 -22.34 58.19 36.22
CA TRP W 371 -22.53 58.51 37.62
C TRP W 371 -22.31 60.00 37.87
N ASP W 372 -22.81 60.47 39.00
CA ASP W 372 -22.65 61.85 39.41
C ASP W 372 -21.79 61.93 40.66
N ILE W 373 -20.92 62.95 40.72
CA ILE W 373 -19.99 63.06 41.84
C ILE W 373 -20.72 63.48 43.11
N THR W 374 -21.60 64.48 43.01
CA THR W 374 -22.18 65.09 44.20
C THR W 374 -23.15 64.17 44.92
N SER W 375 -24.00 63.47 44.18
CA SER W 375 -24.86 62.43 44.72
C SER W 375 -24.49 61.12 44.04
N GLY W 376 -24.21 60.10 44.84
CA GLY W 376 -23.65 58.87 44.32
C GLY W 376 -24.62 57.95 43.59
N PHE W 377 -25.35 58.50 42.62
CA PHE W 377 -26.35 57.76 41.87
C PHE W 377 -26.12 58.00 40.39
N CYS W 378 -26.42 56.98 39.59
CA CYS W 378 -26.18 57.08 38.15
C CYS W 378 -27.23 57.99 37.52
N LEU W 379 -26.79 58.83 36.59
CA LEU W 379 -27.75 59.66 35.88
C LEU W 379 -28.46 58.86 34.80
N ALA W 380 -27.70 58.39 33.81
CA ALA W 380 -28.26 57.63 32.70
C ALA W 380 -27.46 56.34 32.52
N THR W 381 -28.14 55.35 31.94
CA THR W 381 -27.53 54.06 31.64
C THR W 381 -27.52 53.83 30.14
N PHE W 382 -26.54 53.07 29.68
CA PHE W 382 -26.41 52.73 28.27
C PHE W 382 -26.09 51.25 28.15
N GLU W 383 -27.05 50.47 27.65
CA GLU W 383 -26.95 49.01 27.66
C GLU W 383 -26.83 48.42 26.26
N GLU W 384 -26.49 49.23 25.25
CA GLU W 384 -26.53 48.77 23.88
C GLU W 384 -25.36 47.87 23.50
N HIS W 385 -24.39 47.69 24.39
CA HIS W 385 -23.35 46.70 24.17
C HIS W 385 -23.76 45.38 24.80
N THR W 386 -23.79 44.32 24.00
CA THR W 386 -24.12 43.01 24.53
C THR W 386 -22.96 42.45 25.34
N SER W 387 -21.75 42.54 24.81
CA SER W 387 -20.57 42.03 25.50
C SER W 387 -20.09 43.02 26.54
N SER W 388 -18.99 42.68 27.21
CA SER W 388 -18.44 43.54 28.25
C SER W 388 -17.73 44.74 27.64
N VAL W 389 -18.02 45.92 28.16
CA VAL W 389 -17.34 47.14 27.72
C VAL W 389 -15.99 47.20 28.43
N THR W 390 -14.92 47.38 27.65
CA THR W 390 -13.58 47.25 28.18
C THR W 390 -12.79 48.55 28.26
N ALA W 391 -13.17 49.59 27.50
CA ALA W 391 -12.52 50.88 27.63
C ALA W 391 -13.47 51.98 27.25
N VAL W 392 -13.44 53.06 28.03
CA VAL W 392 -14.35 54.18 27.93
C VAL W 392 -13.55 55.46 27.93
N GLN W 393 -13.80 56.35 26.94
CA GLN W 393 -13.11 57.62 26.85
C GLN W 393 -14.07 58.73 26.42
N PHE W 394 -13.64 59.96 26.64
CA PHE W 394 -14.38 61.17 26.32
C PHE W 394 -13.66 61.97 25.25
N ALA W 395 -14.42 62.83 24.55
CA ALA W 395 -13.85 63.67 23.50
C ALA W 395 -14.73 64.89 23.27
N LYS W 396 -14.09 66.00 22.89
CA LYS W 396 -14.71 67.22 22.35
C LYS W 396 -15.73 67.81 23.35
N ARG W 397 -15.16 68.31 24.45
CA ARG W 397 -15.84 69.03 25.52
C ARG W 397 -16.92 68.20 26.22
N GLY W 398 -16.84 66.88 26.15
CA GLY W 398 -17.72 66.01 26.89
C GLY W 398 -19.11 65.83 26.30
N GLN W 399 -19.41 66.44 25.17
CA GLN W 399 -20.72 66.24 24.57
C GLN W 399 -20.79 64.88 23.88
N VAL W 400 -19.71 64.45 23.24
CA VAL W 400 -19.65 63.14 22.62
C VAL W 400 -18.73 62.27 23.45
N MET W 401 -18.87 60.96 23.30
CA MET W 401 -18.18 59.99 24.16
C MET W 401 -18.18 58.65 23.45
N PHE W 402 -17.14 57.86 23.71
CA PHE W 402 -16.89 56.64 22.95
C PHE W 402 -16.66 55.48 23.91
N SER W 403 -16.84 54.26 23.41
CA SER W 403 -16.69 53.08 24.25
C SER W 403 -16.33 51.88 23.39
N SER W 404 -15.38 51.08 23.87
CA SER W 404 -14.96 49.86 23.20
C SER W 404 -15.43 48.66 24.00
N SER W 405 -15.86 47.62 23.31
CA SER W 405 -16.33 46.40 23.94
C SER W 405 -15.72 45.19 23.24
N LEU W 406 -15.93 44.03 23.84
CA LEU W 406 -15.50 42.76 23.26
C LEU W 406 -16.47 42.25 22.19
N ASP W 407 -17.56 42.97 21.95
CA ASP W 407 -18.56 42.61 20.96
C ASP W 407 -18.08 42.77 19.53
N GLY W 408 -16.92 43.38 19.31
CA GLY W 408 -16.46 43.63 17.97
C GLY W 408 -16.83 45.00 17.45
N THR W 409 -17.16 45.93 18.34
CA THR W 409 -17.57 47.26 17.90
C THR W 409 -17.01 48.30 18.85
N VAL W 410 -16.85 49.51 18.32
CA VAL W 410 -16.60 50.70 19.13
C VAL W 410 -17.74 51.66 18.84
N ARG W 411 -18.43 52.10 19.87
CA ARG W 411 -19.68 52.82 19.72
C ARG W 411 -19.54 54.24 20.27
N ALA W 412 -19.88 55.21 19.43
CA ALA W 412 -20.00 56.57 19.91
C ALA W 412 -21.30 56.74 20.66
N TRP W 413 -21.39 57.80 21.45
CA TRP W 413 -22.61 58.10 22.17
C TRP W 413 -22.79 59.60 22.25
N ASP W 414 -24.04 60.03 22.42
CA ASP W 414 -24.29 61.40 22.84
C ASP W 414 -24.53 61.43 24.35
N LEU W 415 -24.32 62.62 24.92
CA LEU W 415 -24.80 62.90 26.27
C LEU W 415 -25.88 63.98 26.25
N ILE W 416 -26.39 64.32 25.07
CA ILE W 416 -27.46 65.28 24.92
C ILE W 416 -28.74 64.60 24.47
N ARG W 417 -28.65 63.66 23.53
CA ARG W 417 -29.79 62.87 23.10
C ARG W 417 -29.71 61.42 23.53
N TYR W 418 -28.63 61.03 24.24
CA TYR W 418 -28.43 59.71 24.84
C TYR W 418 -28.48 58.57 23.81
N ARG W 419 -27.93 58.81 22.62
CA ARG W 419 -28.01 57.79 21.59
C ARG W 419 -26.69 57.70 20.84
N ASN W 420 -26.47 56.54 20.23
CA ASN W 420 -25.30 56.33 19.41
C ASN W 420 -25.39 57.10 18.11
N PHE W 421 -24.25 57.56 17.60
CA PHE W 421 -24.22 58.14 16.27
C PHE W 421 -23.92 57.04 15.26
N ARG W 422 -22.79 56.37 15.45
CA ARG W 422 -22.35 55.28 14.61
C ARG W 422 -21.86 54.15 15.51
N THR W 423 -21.92 52.94 14.99
CA THR W 423 -21.32 51.78 15.63
C THR W 423 -20.21 51.32 14.68
N PHE W 424 -19.00 51.83 14.89
CA PHE W 424 -17.88 51.43 14.07
C PHE W 424 -17.51 49.99 14.38
N THR W 425 -17.09 49.26 13.34
CA THR W 425 -16.76 47.86 13.48
C THR W 425 -15.52 47.55 12.64
N GLY W 426 -14.96 46.37 12.87
CA GLY W 426 -13.85 45.88 12.09
C GLY W 426 -14.30 45.19 10.82
N THR W 427 -13.34 44.60 10.13
CA THR W 427 -13.64 43.84 8.93
C THR W 427 -14.14 42.43 9.24
N GLU W 428 -13.86 41.91 10.43
CA GLU W 428 -14.31 40.58 10.81
C GLU W 428 -14.77 40.50 12.26
N ARG W 429 -14.93 41.65 12.92
CA ARG W 429 -15.33 41.77 14.33
C ARG W 429 -14.36 41.01 15.25
N ILE W 430 -13.15 41.55 15.31
CA ILE W 430 -12.14 41.18 16.29
C ILE W 430 -12.51 41.79 17.64
N GLN W 431 -11.83 41.36 18.70
CA GLN W 431 -12.08 41.91 20.02
C GLN W 431 -11.44 43.29 20.16
N PHE W 432 -11.58 43.90 21.34
CA PHE W 432 -10.99 45.21 21.58
C PHE W 432 -10.44 45.26 23.00
N ASN W 433 -9.29 45.91 23.17
CA ASN W 433 -8.72 46.14 24.50
C ASN W 433 -8.93 47.57 24.98
N CYS W 434 -8.43 48.54 24.23
CA CYS W 434 -8.48 49.93 24.66
C CYS W 434 -9.08 50.79 23.56
N LEU W 435 -9.38 52.03 23.91
CA LEU W 435 -9.84 53.02 22.97
C LEU W 435 -9.11 54.32 23.21
N ALA W 436 -8.89 55.08 22.14
CA ALA W 436 -8.38 56.43 22.24
C ALA W 436 -9.05 57.29 21.18
N VAL W 437 -9.10 58.59 21.45
CA VAL W 437 -9.74 59.55 20.57
C VAL W 437 -8.81 60.74 20.37
N ASP W 438 -8.90 61.32 19.18
CA ASP W 438 -8.30 62.63 18.95
C ASP W 438 -9.05 63.68 19.77
N PRO W 439 -8.35 64.69 20.28
CA PRO W 439 -9.04 65.77 21.01
C PRO W 439 -10.05 66.53 20.17
N SER W 440 -9.80 66.67 18.88
CA SER W 440 -10.86 67.05 17.94
C SER W 440 -11.64 65.79 17.58
N GLY W 441 -12.96 65.92 17.52
CA GLY W 441 -13.80 64.77 17.28
C GLY W 441 -13.79 64.30 15.83
N GLU W 442 -12.66 63.77 15.38
CA GLU W 442 -12.54 63.34 14.01
C GLU W 442 -12.16 61.87 13.87
N VAL W 443 -11.19 61.40 14.65
CA VAL W 443 -10.67 60.04 14.51
C VAL W 443 -10.86 59.29 15.82
N VAL W 444 -11.37 58.07 15.72
CA VAL W 444 -11.39 57.12 16.82
C VAL W 444 -10.47 55.96 16.46
N CYS W 445 -9.85 55.37 17.47
CA CYS W 445 -8.97 54.22 17.28
C CYS W 445 -9.10 53.26 18.45
N ALA W 446 -8.78 52.00 18.20
CA ALA W 446 -8.92 50.99 19.23
C ALA W 446 -7.94 49.86 18.95
N GLY W 447 -7.56 49.16 20.02
CA GLY W 447 -6.58 48.10 19.91
C GLY W 447 -7.14 46.79 20.42
N SER W 448 -6.49 45.70 20.03
CA SER W 448 -7.04 44.37 20.18
C SER W 448 -6.02 43.38 20.72
N LEU W 449 -6.54 42.36 21.41
CA LEU W 449 -5.75 41.17 21.73
C LEU W 449 -5.51 40.30 20.50
N ASP W 450 -6.50 40.20 19.62
CA ASP W 450 -6.47 39.16 18.60
C ASP W 450 -5.73 39.59 17.35
N ASN W 451 -6.15 40.69 16.73
CA ASN W 451 -5.60 41.05 15.43
C ASN W 451 -4.38 41.97 15.55
N PHE W 452 -4.24 42.65 16.69
CA PHE W 452 -3.14 43.58 17.05
C PHE W 452 -2.71 44.51 15.93
N ASP W 453 -3.70 45.12 15.28
CA ASP W 453 -3.48 46.23 14.37
C ASP W 453 -4.33 47.40 14.86
N ILE W 454 -3.74 48.58 14.92
CA ILE W 454 -4.48 49.74 15.42
C ILE W 454 -5.44 50.20 14.33
N HIS W 455 -6.67 49.74 14.39
CA HIS W 455 -7.70 50.19 13.48
C HIS W 455 -8.07 51.63 13.78
N VAL W 456 -8.33 52.42 12.74
CA VAL W 456 -8.76 53.80 12.88
C VAL W 456 -10.02 54.00 12.06
N TRP W 457 -10.95 54.78 12.60
CA TRP W 457 -12.17 55.14 11.91
C TRP W 457 -12.29 56.66 11.88
N SER W 458 -13.07 57.17 10.94
CA SER W 458 -13.47 58.56 11.04
C SER W 458 -14.74 58.66 11.89
N VAL W 459 -14.91 59.81 12.54
CA VAL W 459 -16.15 60.06 13.26
C VAL W 459 -17.30 60.26 12.29
N GLN W 460 -17.06 60.99 11.20
CA GLN W 460 -18.12 61.28 10.23
C GLN W 460 -18.49 60.02 9.45
N THR W 461 -17.55 59.48 8.69
CA THR W 461 -17.79 58.27 7.93
C THR W 461 -17.47 57.05 8.78
N GLY W 462 -18.43 56.16 8.93
CA GLY W 462 -18.27 55.00 9.80
C GLY W 462 -17.31 53.95 9.29
N GLN W 463 -16.91 54.03 8.02
CA GLN W 463 -15.92 53.12 7.48
C GLN W 463 -14.56 53.39 8.11
N LEU W 464 -13.76 52.34 8.21
CA LEU W 464 -12.42 52.45 8.76
C LEU W 464 -11.47 52.94 7.68
N LEU W 465 -10.54 53.80 8.06
CA LEU W 465 -9.61 54.38 7.09
C LEU W 465 -8.53 53.40 6.72
N ASP W 466 -7.79 52.91 7.70
CA ASP W 466 -6.69 51.98 7.47
C ASP W 466 -6.43 51.20 8.75
N ALA W 467 -5.45 50.32 8.69
CA ALA W 467 -5.00 49.56 9.85
C ALA W 467 -3.54 49.89 10.09
N LEU W 468 -3.28 50.73 11.09
CA LEU W 468 -1.90 51.07 11.44
C LEU W 468 -1.24 49.88 12.11
N SER W 469 -0.44 49.14 11.35
CA SER W 469 0.12 47.88 11.78
C SER W 469 1.64 47.97 11.87
N GLY W 470 2.24 46.92 12.42
CA GLY W 470 3.67 46.90 12.62
C GLY W 470 4.08 46.38 13.98
N HIS W 471 3.13 45.82 14.73
CA HIS W 471 3.38 45.34 16.07
C HIS W 471 3.37 43.82 16.15
N GLU W 472 4.16 43.30 17.08
CA GLU W 472 4.17 41.88 17.41
C GLU W 472 3.46 41.72 18.74
N GLY W 473 2.25 41.15 18.72
CA GLY W 473 1.47 41.01 19.91
C GLY W 473 0.60 42.22 20.16
N PRO W 474 -0.29 42.11 21.15
CA PRO W 474 -1.43 43.04 21.26
C PRO W 474 -1.01 44.45 21.65
N VAL W 475 -1.58 45.42 20.93
CA VAL W 475 -1.57 46.80 21.37
C VAL W 475 -2.42 46.93 22.63
N SER W 476 -1.79 47.33 23.73
CA SER W 476 -2.50 47.35 25.00
C SER W 476 -3.25 48.65 25.22
N CYS W 477 -2.54 49.78 25.16
CA CYS W 477 -3.16 51.07 25.38
C CYS W 477 -2.79 52.05 24.27
N LEU W 478 -3.69 52.99 24.01
CA LEU W 478 -3.47 54.04 23.03
C LEU W 478 -3.89 55.38 23.62
N SER W 479 -3.30 56.46 23.12
CA SER W 479 -3.66 57.81 23.51
C SER W 479 -3.18 58.80 22.46
N PHE W 480 -4.03 59.77 22.12
CA PHE W 480 -3.69 60.84 21.21
C PHE W 480 -3.12 62.02 21.98
N SER W 481 -2.17 62.73 21.37
CA SER W 481 -1.62 63.93 21.98
C SER W 481 -2.56 65.10 21.77
N GLN W 482 -2.72 65.92 22.81
CA GLN W 482 -3.68 67.02 22.80
C GLN W 482 -3.16 68.24 22.07
N GLU W 483 -1.87 68.29 21.73
CA GLU W 483 -1.31 69.42 20.99
C GLU W 483 -0.72 69.00 19.65
N ASN W 484 0.18 68.02 19.65
CA ASN W 484 0.82 67.62 18.41
C ASN W 484 -0.07 66.74 17.54
N SER W 485 -1.11 66.15 18.12
CA SER W 485 -2.05 65.23 17.46
C SER W 485 -1.33 64.04 16.82
N VAL W 486 -0.57 63.33 17.65
CA VAL W 486 0.00 62.05 17.30
C VAL W 486 -0.41 61.04 18.36
N LEU W 487 -0.40 59.77 17.99
CA LEU W 487 -0.85 58.71 18.89
C LEU W 487 0.33 57.84 19.30
N ALA W 488 0.28 57.36 20.53
CA ALA W 488 1.30 56.47 21.07
C ALA W 488 0.66 55.14 21.43
N SER W 489 1.32 54.05 21.04
CA SER W 489 0.77 52.72 21.21
C SER W 489 1.62 51.93 22.19
N ALA W 490 0.99 51.42 23.24
CA ALA W 490 1.65 50.50 24.15
C ALA W 490 1.31 49.08 23.73
N SER W 491 2.33 48.25 23.60
CA SER W 491 2.16 46.92 23.01
C SER W 491 2.95 45.89 23.79
N TRP W 492 2.65 44.63 23.56
CA TRP W 492 3.37 43.54 24.21
C TRP W 492 4.60 43.13 23.41
N ASP W 493 5.00 43.95 22.44
CA ASP W 493 6.24 43.85 21.69
C ASP W 493 7.42 44.47 22.43
N LYS W 494 7.18 44.98 23.65
CA LYS W 494 8.13 45.78 24.43
C LYS W 494 8.58 47.03 23.67
N THR W 495 7.71 47.58 22.83
CA THR W 495 8.04 48.73 21.99
C THR W 495 6.94 49.76 22.12
N ILE W 496 7.31 51.02 22.31
CA ILE W 496 6.36 52.12 22.23
C ILE W 496 6.44 52.72 20.84
N ARG W 497 5.31 52.74 20.14
CA ARG W 497 5.26 53.19 18.77
C ARG W 497 4.59 54.55 18.70
N ILE W 498 5.24 55.51 18.04
CA ILE W 498 4.67 56.83 17.83
C ILE W 498 4.23 56.91 16.37
N TRP W 499 2.96 57.17 16.15
CA TRP W 499 2.38 57.24 14.82
C TRP W 499 1.98 58.67 14.53
N SER W 500 2.61 59.27 13.53
CA SER W 500 2.22 60.59 13.05
C SER W 500 1.37 60.38 11.81
N ILE W 501 0.06 60.35 11.99
CA ILE W 501 -0.87 59.94 10.95
C ILE W 501 -1.54 61.11 10.26
N PHE W 502 -1.18 62.34 10.59
CA PHE W 502 -1.85 63.52 10.06
C PHE W 502 -0.91 64.29 9.14
N GLY W 503 -1.42 64.67 7.98
CA GLY W 503 -0.74 65.61 7.10
C GLY W 503 0.51 65.09 6.44
N ARG W 504 0.36 64.10 5.56
CA ARG W 504 1.38 63.58 4.65
C ARG W 504 2.58 62.95 5.36
N SER W 505 2.52 62.75 6.66
CA SER W 505 3.68 62.24 7.39
C SER W 505 3.78 60.73 7.28
N GLN W 506 2.80 60.02 7.87
CA GLN W 506 2.65 58.56 7.83
C GLN W 506 3.90 57.83 8.31
N GLN W 507 4.60 58.42 9.28
CA GLN W 507 5.88 57.89 9.73
C GLN W 507 5.72 57.20 11.08
N VAL W 508 6.55 56.19 11.29
CA VAL W 508 6.46 55.29 12.43
C VAL W 508 7.77 55.39 13.21
N GLU W 509 7.67 55.66 14.51
CA GLU W 509 8.86 55.82 15.36
C GLU W 509 8.76 54.86 16.53
N PRO W 510 9.64 53.85 16.61
CA PRO W 510 9.59 52.93 17.74
C PRO W 510 10.52 53.34 18.88
N ILE W 511 10.01 53.17 20.10
CA ILE W 511 10.77 53.39 21.33
C ILE W 511 10.66 52.09 22.11
N GLU W 512 11.70 51.27 22.05
CA GLU W 512 11.65 49.96 22.67
C GLU W 512 12.12 50.04 24.12
N VAL W 513 11.44 49.30 24.98
CA VAL W 513 11.64 49.36 26.43
C VAL W 513 12.12 48.01 26.93
N TYR W 514 12.28 47.90 28.26
CA TYR W 514 12.85 46.68 28.85
C TYR W 514 11.93 45.47 28.67
N SER W 515 10.66 45.60 29.04
CA SER W 515 9.80 44.44 29.17
C SER W 515 8.43 44.76 28.59
N ASP W 516 7.46 43.90 28.90
CA ASP W 516 6.13 43.94 28.29
C ASP W 516 5.39 45.17 28.78
N VAL W 517 5.36 46.20 27.95
CA VAL W 517 4.87 47.50 28.36
C VAL W 517 3.36 47.59 28.12
N LEU W 518 2.65 48.11 29.12
CA LEU W 518 1.21 48.28 29.02
C LEU W 518 0.79 49.53 29.79
N ALA W 519 -0.44 49.97 29.53
CA ALA W 519 -1.11 51.09 30.19
C ALA W 519 -0.33 52.41 30.02
N LEU W 520 -0.27 52.85 28.77
CA LEU W 520 0.35 54.10 28.42
C LEU W 520 -0.48 55.28 28.93
N SER W 521 0.20 56.41 29.14
CA SER W 521 -0.47 57.68 29.38
C SER W 521 0.44 58.80 28.93
N MET W 522 -0.15 59.96 28.68
CA MET W 522 0.56 61.07 28.06
C MET W 522 0.14 62.37 28.73
N ARG W 523 1.09 63.31 28.80
CA ARG W 523 0.87 64.57 29.48
C ARG W 523 -0.14 65.43 28.74
N PRO W 524 -0.86 66.30 29.45
CA PRO W 524 -1.66 67.33 28.76
C PRO W 524 -0.81 68.33 28.01
N ASP W 525 0.47 68.46 28.33
CA ASP W 525 1.39 69.22 27.49
C ASP W 525 1.61 68.52 26.16
N GLY W 526 1.55 67.20 26.13
CA GLY W 526 1.68 66.47 24.89
C GLY W 526 3.09 66.27 24.40
N LYS W 527 4.07 66.28 25.31
CA LYS W 527 5.45 66.02 24.93
C LYS W 527 6.08 64.89 25.72
N GLU W 528 5.31 64.16 26.53
CA GLU W 528 5.86 63.06 27.31
C GLU W 528 4.93 61.86 27.26
N VAL W 529 5.52 60.67 27.42
CA VAL W 529 4.80 59.41 27.42
C VAL W 529 5.14 58.69 28.72
N ALA W 530 4.13 58.39 29.53
CA ALA W 530 4.30 57.57 30.71
C ALA W 530 3.80 56.17 30.41
N VAL W 531 4.62 55.17 30.76
CA VAL W 531 4.32 53.78 30.45
C VAL W 531 4.60 52.93 31.68
N SER W 532 3.99 51.74 31.72
CA SER W 532 4.16 50.82 32.84
C SER W 532 4.63 49.47 32.30
N THR W 533 5.88 49.13 32.57
CA THR W 533 6.42 47.87 32.12
C THR W 533 5.88 46.73 33.00
N LEU W 534 5.97 45.50 32.46
CA LEU W 534 5.59 44.32 33.23
C LEU W 534 6.59 44.05 34.33
N LYS W 535 7.86 44.45 34.14
CA LYS W 535 8.90 44.28 35.14
C LYS W 535 8.67 45.11 36.39
N GLY W 536 7.73 46.05 36.35
CA GLY W 536 7.35 46.85 37.49
C GLY W 536 7.64 48.31 37.32
N GLN W 537 8.75 48.66 36.69
CA GLN W 537 9.19 50.04 36.56
C GLN W 537 8.27 50.84 35.66
N ILE W 538 8.19 52.13 35.94
CA ILE W 538 7.42 53.08 35.14
C ILE W 538 8.43 54.00 34.46
N SER W 539 8.39 54.03 33.14
CA SER W 539 9.29 54.86 32.36
C SER W 539 8.57 56.08 31.81
N ILE W 540 9.32 57.16 31.65
CA ILE W 540 8.80 58.42 31.12
C ILE W 540 9.71 58.87 29.98
N PHE W 541 9.15 59.08 28.81
CA PHE W 541 9.90 59.46 27.63
C PHE W 541 9.53 60.86 27.18
N ASN W 542 10.14 61.27 26.06
CA ASN W 542 9.74 62.46 25.33
C ASN W 542 9.40 62.07 23.91
N ILE W 543 8.26 62.57 23.41
CA ILE W 543 7.74 62.12 22.13
C ILE W 543 8.59 62.63 20.98
N GLU W 544 8.91 63.92 21.00
CA GLU W 544 9.69 64.51 19.92
C GLU W 544 11.15 64.06 19.97
N ASP W 545 11.73 64.05 21.16
CA ASP W 545 13.11 63.61 21.36
C ASP W 545 13.03 62.25 22.04
N ALA W 546 13.15 61.18 21.23
CA ALA W 546 12.82 59.80 21.62
C ALA W 546 13.71 59.22 22.72
N LYS W 547 14.65 59.94 23.32
CA LYS W 547 15.41 59.41 24.44
C LYS W 547 14.54 59.35 25.69
N GLN W 548 15.00 58.55 26.65
CA GLN W 548 14.29 58.37 27.91
C GLN W 548 14.72 59.45 28.90
N VAL W 549 13.75 60.13 29.48
CA VAL W 549 14.02 61.27 30.34
C VAL W 549 13.63 60.98 31.79
N GLY W 550 13.67 59.72 32.20
CA GLY W 550 13.43 59.39 33.59
C GLY W 550 12.57 58.18 33.81
N ASN W 551 13.00 57.28 34.68
CA ASN W 551 12.22 56.13 35.08
C ASN W 551 12.10 56.11 36.60
N ILE W 552 11.02 55.51 37.08
CA ILE W 552 10.76 55.38 38.51
C ILE W 552 10.50 53.92 38.83
N ASP W 553 11.23 53.39 39.81
CA ASP W 553 11.05 52.01 40.22
C ASP W 553 9.80 51.89 41.07
N CYS W 554 9.14 50.76 40.98
CA CYS W 554 7.81 50.65 41.55
C CYS W 554 7.55 49.33 42.25
N ARG W 555 8.51 48.40 42.22
CA ARG W 555 8.23 47.03 42.65
C ARG W 555 8.16 46.93 44.17
N LYS W 556 8.88 47.79 44.88
CA LYS W 556 8.97 47.67 46.33
C LYS W 556 7.71 48.14 47.03
N ASP W 557 7.11 49.24 46.57
CA ASP W 557 5.94 49.82 47.22
C ASP W 557 4.66 49.34 46.56
N ILE W 558 4.48 48.02 46.55
CA ILE W 558 3.29 47.39 46.01
C ILE W 558 2.90 46.25 46.96
N ILE W 559 1.63 46.24 47.38
CA ILE W 559 1.12 45.20 48.26
C ILE W 559 0.44 44.16 47.38
N SER W 560 1.13 43.05 47.16
CA SER W 560 0.58 41.92 46.40
C SER W 560 -0.03 40.97 47.41
N GLY W 561 -1.36 40.95 47.47
CA GLY W 561 -2.04 40.18 48.50
C GLY W 561 -1.97 38.69 48.22
N ARG W 562 -1.57 37.92 49.22
CA ARG W 562 -1.59 36.47 49.11
C ARG W 562 -3.03 35.99 49.13
N PHE W 563 -3.43 35.30 48.06
CA PHE W 563 -4.80 34.81 47.99
C PHE W 563 -4.96 33.60 48.91
N ASN W 564 -6.21 33.23 49.19
CA ASN W 564 -6.44 32.05 50.00
C ASN W 564 -6.20 30.77 49.22
N GLN W 565 -6.32 30.80 47.90
CA GLN W 565 -5.97 29.65 47.08
C GLN W 565 -4.52 29.65 46.66
N ASP W 566 -3.73 30.60 47.15
CA ASP W 566 -2.33 30.70 46.76
C ASP W 566 -1.51 29.58 47.37
N ARG W 567 -0.37 29.33 46.75
CA ARG W 567 0.58 28.33 47.23
C ARG W 567 1.99 28.90 47.14
N PHE W 568 2.14 30.17 47.51
CA PHE W 568 3.41 30.86 47.54
C PHE W 568 3.29 32.03 48.49
N THR W 569 4.43 32.53 48.95
CA THR W 569 4.45 33.70 49.81
C THR W 569 4.06 34.95 49.02
N ALA W 570 3.68 36.00 49.77
CA ALA W 570 3.38 37.28 49.14
C ALA W 570 4.63 38.01 48.68
N LYS W 571 5.81 37.58 49.11
CA LYS W 571 7.06 38.20 48.65
C LYS W 571 7.31 37.86 47.19
N ASN W 572 7.41 36.58 46.86
CA ASN W 572 7.64 36.15 45.50
C ASN W 572 6.35 35.89 44.74
N SER W 573 5.23 36.46 45.21
CA SER W 573 3.99 36.41 44.46
C SER W 573 4.10 37.35 43.28
N GLU W 574 4.33 36.82 42.09
CA GLU W 574 4.53 37.62 40.90
C GLU W 574 3.22 37.99 40.22
N ARG W 575 2.10 37.87 40.92
CA ARG W 575 0.79 38.07 40.33
C ARG W 575 0.51 39.54 40.06
N SER W 576 0.77 40.40 41.03
CA SER W 576 0.30 41.77 40.97
C SER W 576 1.36 42.73 41.44
N LYS W 577 2.62 42.45 41.13
CA LYS W 577 3.72 43.33 41.51
C LYS W 577 4.13 44.24 40.36
N PHE W 578 3.15 44.67 39.57
CA PHE W 578 3.36 45.62 38.49
C PHE W 578 2.19 46.60 38.51
N PHE W 579 2.18 47.50 37.54
CA PHE W 579 1.11 48.48 37.40
C PHE W 579 0.46 48.33 36.04
N THR W 580 -0.86 48.34 36.03
CA THR W 580 -1.61 48.25 34.78
C THR W 580 -2.54 49.43 34.59
N THR W 581 -2.22 50.56 35.23
CA THR W 581 -2.97 51.81 35.00
C THR W 581 -2.09 52.98 35.38
N ILE W 582 -1.93 53.94 34.46
CA ILE W 582 -1.22 55.18 34.69
C ILE W 582 -2.06 56.32 34.15
N HIS W 583 -2.20 57.40 34.91
CA HIS W 583 -2.66 58.66 34.34
C HIS W 583 -1.91 59.82 34.97
N TYR W 584 -1.52 60.78 34.13
CA TYR W 584 -0.88 62.00 34.59
C TYR W 584 -1.85 62.89 35.32
N SER W 585 -1.31 63.77 36.15
CA SER W 585 -2.05 64.93 36.62
C SER W 585 -2.19 65.93 35.49
N PHE W 586 -3.28 66.71 35.53
CA PHE W 586 -3.46 67.72 34.51
C PHE W 586 -2.52 68.89 34.66
N ASP W 587 -1.95 69.07 35.85
CA ASP W 587 -0.85 70.00 36.02
C ASP W 587 0.43 69.51 35.34
N GLY W 588 0.53 68.20 35.10
CA GLY W 588 1.76 67.64 34.57
C GLY W 588 2.81 67.37 35.62
N MET W 589 2.40 67.20 36.87
CA MET W 589 3.34 67.12 37.98
C MET W 589 3.25 65.80 38.75
N ALA W 590 2.19 65.03 38.54
CA ALA W 590 2.00 63.81 39.33
C ALA W 590 1.47 62.69 38.46
N ILE W 591 1.77 61.46 38.87
CA ILE W 591 1.31 60.25 38.21
C ILE W 591 0.67 59.36 39.27
N VAL W 592 -0.58 58.97 39.05
CA VAL W 592 -1.22 57.94 39.87
C VAL W 592 -1.04 56.62 39.16
N ALA W 593 -0.43 55.66 39.86
CA ALA W 593 -0.26 54.31 39.35
C ALA W 593 -1.13 53.37 40.15
N GLY W 594 -1.97 52.62 39.44
CA GLY W 594 -2.81 51.63 40.07
C GLY W 594 -2.72 50.32 39.33
N GLY W 595 -2.92 49.20 40.02
CA GLY W 595 -2.79 47.93 39.35
C GLY W 595 -3.66 46.82 39.90
N ASN W 596 -3.28 45.58 39.57
CA ASN W 596 -3.94 44.39 40.08
C ASN W 596 -3.75 44.20 41.58
N ASN W 597 -2.83 44.95 42.19
CA ASN W 597 -2.48 44.81 43.59
C ASN W 597 -3.54 45.43 44.50
N ASN W 598 -3.23 45.49 45.79
CA ASN W 598 -4.05 46.13 46.80
C ASN W 598 -3.64 47.58 47.04
N SER W 599 -2.87 48.18 46.13
CA SER W 599 -2.27 49.47 46.40
C SER W 599 -2.56 50.45 45.27
N ILE W 600 -2.70 51.71 45.65
CA ILE W 600 -2.77 52.84 44.73
C ILE W 600 -1.65 53.80 45.11
N CYS W 601 -0.77 54.11 44.17
CA CYS W 601 0.38 54.95 44.43
C CYS W 601 0.30 56.23 43.62
N LEU W 602 0.85 57.30 44.16
CA LEU W 602 0.76 58.64 43.59
C LEU W 602 2.18 59.20 43.49
N TYR W 603 2.85 58.96 42.37
CA TYR W 603 4.24 59.37 42.21
C TYR W 603 4.33 60.80 41.72
N ASP W 604 5.47 61.43 42.03
CA ASP W 604 5.80 62.75 41.53
C ASP W 604 6.80 62.58 40.38
N VAL W 605 6.55 63.28 39.28
CA VAL W 605 7.29 63.04 38.03
C VAL W 605 8.74 63.51 38.10
N PRO W 606 9.09 64.79 38.36
CA PRO W 606 10.51 65.15 38.26
C PRO W 606 11.32 64.80 39.49
N ASN W 607 10.70 64.38 40.59
CA ASN W 607 11.39 64.14 41.85
C ASN W 607 11.53 62.65 42.16
N GLU W 608 11.03 61.78 41.28
CA GLU W 608 11.36 60.35 41.19
C GLU W 608 10.76 59.52 42.33
N VAL W 609 10.18 60.15 43.34
CA VAL W 609 9.81 59.43 44.55
C VAL W 609 8.30 59.52 44.74
N LEU W 610 7.76 58.54 45.46
CA LEU W 610 6.33 58.49 45.74
C LEU W 610 5.95 59.57 46.74
N LEU W 611 4.68 59.96 46.71
CA LEU W 611 4.14 60.89 47.68
C LEU W 611 3.53 60.17 48.87
N LYS W 612 2.49 59.37 48.63
CA LYS W 612 1.93 58.50 49.65
C LYS W 612 1.22 57.35 48.96
N ARG W 613 1.00 56.28 49.71
CA ARG W 613 0.45 55.04 49.17
C ARG W 613 -0.91 54.76 49.79
N PHE W 614 -1.84 54.29 48.98
CA PHE W 614 -3.22 54.09 49.40
C PHE W 614 -3.56 52.61 49.37
N ILE W 615 -4.18 52.13 50.44
CA ILE W 615 -4.74 50.78 50.46
C ILE W 615 -6.18 50.89 49.99
N VAL W 616 -6.51 50.18 48.90
CA VAL W 616 -7.79 50.35 48.24
C VAL W 616 -8.93 49.76 49.08
N SER W 617 -8.72 48.58 49.67
CA SER W 617 -9.79 47.97 50.45
C SER W 617 -9.18 47.08 51.53
N ARG W 618 -9.98 46.83 52.57
CA ARG W 618 -9.61 45.94 53.67
C ARG W 618 -10.78 44.97 53.83
N ASN W 619 -10.68 43.83 53.15
CA ASN W 619 -11.77 42.85 53.12
C ASN W 619 -11.21 41.47 52.84
N MET W 620 -11.36 40.54 53.79
CA MET W 620 -11.12 39.15 53.44
C MET W 620 -12.26 38.56 52.62
N ALA W 621 -13.38 39.27 52.46
CA ALA W 621 -14.34 38.92 51.43
C ALA W 621 -13.72 39.05 50.05
N LEU W 622 -12.84 40.03 49.87
CA LEU W 622 -11.97 40.06 48.70
C LEU W 622 -10.75 39.18 48.95
N ASN W 623 -10.04 38.86 47.87
CA ASN W 623 -8.99 37.86 47.98
C ASN W 623 -7.70 38.45 48.52
N GLY W 624 -7.11 39.41 47.82
CA GLY W 624 -5.77 39.85 48.13
C GLY W 624 -5.64 41.04 49.04
N THR W 625 -6.34 41.02 50.18
CA THR W 625 -6.24 42.12 51.11
C THR W 625 -5.10 41.97 52.10
N LEU W 626 -4.46 40.80 52.16
CA LEU W 626 -3.51 40.50 53.23
C LEU W 626 -2.25 39.87 52.66
N GLU W 627 -1.10 40.37 53.09
CA GLU W 627 0.15 39.68 52.80
C GLU W 627 0.35 38.48 53.71
N PHE W 628 -0.11 38.56 54.95
CA PHE W 628 0.08 37.52 55.96
C PHE W 628 -1.27 36.88 56.28
N LEU W 629 -1.47 35.66 55.79
CA LEU W 629 -2.68 34.93 56.14
C LEU W 629 -2.53 34.28 57.50
N ASN W 630 -3.67 33.98 58.13
CA ASN W 630 -3.66 33.46 59.48
C ASN W 630 -3.34 31.97 59.49
N SER W 631 -2.59 31.55 60.52
CA SER W 631 -2.14 30.17 60.60
C SER W 631 -3.15 29.24 61.25
N LYS W 632 -4.25 29.76 61.79
CA LYS W 632 -5.32 28.92 62.31
C LYS W 632 -6.36 28.57 61.26
N LYS W 633 -6.07 28.83 59.98
CA LYS W 633 -6.98 28.47 58.92
C LYS W 633 -6.51 27.29 58.09
N MET W 634 -5.23 26.99 58.03
CA MET W 634 -4.79 25.75 57.40
C MET W 634 -4.92 24.64 58.40
N THR W 635 -5.75 23.64 58.09
CA THR W 635 -5.78 22.40 58.84
C THR W 635 -4.67 21.49 58.32
N GLU W 636 -4.74 20.21 58.67
CA GLU W 636 -3.82 19.24 58.07
C GLU W 636 -4.13 18.96 56.61
N ALA W 637 -5.31 19.36 56.13
CA ALA W 637 -5.61 19.30 54.71
C ALA W 637 -6.61 20.41 54.38
N GLY W 638 -6.24 21.28 53.44
CA GLY W 638 -7.15 22.29 52.94
C GLY W 638 -7.28 23.52 53.82
N SER W 639 -7.37 24.69 53.18
CA SER W 639 -7.67 25.91 53.91
C SER W 639 -9.12 25.87 54.39
N LEU W 640 -9.37 26.49 55.54
CA LEU W 640 -10.70 26.42 56.15
C LEU W 640 -11.70 27.26 55.38
N ASP W 641 -11.28 28.43 54.90
CA ASP W 641 -12.20 29.27 54.14
C ASP W 641 -12.36 28.87 52.68
N LEU W 642 -11.51 27.97 52.17
CA LEU W 642 -11.70 27.40 50.85
C LEU W 642 -12.66 26.23 50.85
N ILE W 643 -13.07 25.76 52.03
CA ILE W 643 -14.03 24.67 52.13
C ILE W 643 -15.39 25.17 51.67
N ASP W 644 -15.98 24.47 50.70
CA ASP W 644 -17.26 24.86 50.11
C ASP W 644 -18.35 24.66 51.15
N ASP W 645 -18.81 25.77 51.73
CA ASP W 645 -19.76 25.74 52.83
C ASP W 645 -21.16 26.15 52.38
N ALA W 646 -21.48 25.96 51.10
CA ALA W 646 -22.80 26.31 50.61
C ALA W 646 -23.87 25.35 51.07
N GLY W 647 -23.51 24.11 51.40
CA GLY W 647 -24.50 23.11 51.77
C GLY W 647 -25.12 23.31 53.13
N GLU W 648 -24.45 24.03 54.03
CA GLU W 648 -24.98 24.28 55.36
C GLU W 648 -26.10 25.31 55.37
N ASN W 649 -26.32 26.00 54.25
CA ASN W 649 -27.40 26.99 54.19
C ASN W 649 -28.75 26.31 54.16
N SER W 650 -29.77 27.01 54.67
CA SER W 650 -31.10 26.42 54.82
C SER W 650 -31.95 26.55 53.56
N ASP W 651 -31.51 27.31 52.57
CA ASP W 651 -32.35 27.57 51.41
C ASP W 651 -31.91 26.70 50.24
N LEU W 652 -32.50 26.97 49.07
CA LEU W 652 -32.26 26.17 47.87
C LEU W 652 -31.49 26.91 46.80
N GLU W 653 -31.85 28.16 46.52
CA GLU W 653 -31.27 28.88 45.37
C GLU W 653 -29.79 29.20 45.58
N ASP W 654 -29.38 29.49 46.81
CA ASP W 654 -27.96 29.71 47.04
C ASP W 654 -27.22 28.39 47.24
N ARG W 655 -27.95 27.31 47.52
CA ARG W 655 -27.32 25.99 47.56
C ARG W 655 -26.97 25.50 46.16
N ILE W 656 -27.65 26.02 45.14
CA ILE W 656 -27.42 25.60 43.77
C ILE W 656 -26.09 26.16 43.31
N ASP W 657 -25.19 25.28 42.90
CA ASP W 657 -23.88 25.68 42.40
C ASP W 657 -23.83 25.46 40.91
N ASN W 658 -23.73 26.55 40.16
CA ASN W 658 -23.50 26.50 38.72
C ASN W 658 -22.12 27.02 38.36
N SER W 659 -21.14 26.76 39.23
CA SER W 659 -19.80 27.32 39.06
C SER W 659 -19.05 26.57 37.98
N LEU W 660 -18.73 27.26 36.89
CA LEU W 660 -17.92 26.70 35.83
C LEU W 660 -16.46 26.62 36.27
N PRO W 661 -15.68 25.68 35.71
CA PRO W 661 -14.28 25.54 36.15
C PRO W 661 -13.40 26.72 35.80
N GLY W 662 -13.56 27.31 34.62
CA GLY W 662 -12.66 28.35 34.17
C GLY W 662 -13.27 29.73 34.11
N SER W 663 -14.06 30.09 35.13
CA SER W 663 -14.74 31.38 35.16
C SER W 663 -13.89 32.43 35.87
N GLN W 664 -12.71 32.66 35.32
CA GLN W 664 -11.86 33.75 35.77
C GLN W 664 -12.30 35.02 35.07
N ARG W 665 -12.88 35.95 35.84
CA ARG W 665 -13.48 37.20 35.36
C ARG W 665 -14.56 36.90 34.32
N GLY W 666 -15.62 36.26 34.81
CA GLY W 666 -16.68 35.77 33.95
C GLY W 666 -17.77 36.77 33.65
N GLY W 667 -19.02 36.35 33.79
CA GLY W 667 -20.16 37.21 33.54
C GLY W 667 -21.05 37.35 34.76
N ASP W 668 -20.88 36.44 35.72
CA ASP W 668 -21.62 36.52 36.99
C ASP W 668 -20.66 36.33 38.16
N LEU W 669 -21.21 36.18 39.37
CA LEU W 669 -20.42 35.85 40.54
C LEU W 669 -20.76 34.48 41.13
N SER W 670 -21.94 33.94 40.83
CA SER W 670 -22.26 32.58 41.24
C SER W 670 -21.43 31.54 40.50
N THR W 671 -20.90 31.91 39.33
CA THR W 671 -20.05 31.02 38.55
C THR W 671 -18.59 31.07 38.98
N ARG W 672 -18.25 31.91 39.95
CA ARG W 672 -16.84 32.20 40.24
C ARG W 672 -16.15 31.02 40.94
N LYS W 673 -16.83 30.41 41.93
CA LYS W 673 -16.40 29.36 42.85
C LYS W 673 -15.35 29.81 43.85
N MET W 674 -14.86 31.05 43.75
CA MET W 674 -13.92 31.63 44.68
C MET W 674 -14.50 32.94 45.22
N ARG W 675 -13.72 33.64 45.91
CA ARG W 675 -14.07 35.00 46.25
C ARG W 675 -13.47 35.96 45.21
N PRO W 676 -14.08 37.12 44.98
CA PRO W 676 -13.50 38.05 44.00
C PRO W 676 -12.18 38.62 44.46
N GLU W 677 -11.29 38.86 43.49
CA GLU W 677 -9.98 39.40 43.78
C GLU W 677 -10.04 40.92 43.74
N VAL W 678 -9.21 41.57 44.56
CA VAL W 678 -9.18 43.02 44.57
C VAL W 678 -8.21 43.51 43.50
N ARG W 679 -8.63 44.54 42.78
CA ARG W 679 -7.79 45.20 41.79
C ARG W 679 -8.40 46.55 41.47
N VAL W 680 -7.56 47.47 41.05
CA VAL W 680 -8.01 48.71 40.43
C VAL W 680 -7.54 48.68 38.99
N THR W 681 -8.38 49.17 38.08
CA THR W 681 -8.14 48.95 36.67
C THR W 681 -8.17 50.21 35.81
N SER W 682 -8.74 51.31 36.29
CA SER W 682 -8.71 52.55 35.51
C SER W 682 -8.79 53.72 36.47
N VAL W 683 -7.77 54.57 36.46
CA VAL W 683 -7.70 55.73 37.33
C VAL W 683 -7.51 56.96 36.45
N GLN W 684 -8.27 58.00 36.73
CA GLN W 684 -8.10 59.29 36.09
C GLN W 684 -8.12 60.38 37.15
N PHE W 685 -7.32 61.42 36.95
CA PHE W 685 -7.43 62.59 37.79
C PHE W 685 -8.70 63.35 37.46
N SER W 686 -9.26 64.01 38.47
CA SER W 686 -10.33 64.95 38.19
C SER W 686 -9.75 66.20 37.54
N PRO W 687 -10.42 66.73 36.52
CA PRO W 687 -9.90 67.93 35.85
C PRO W 687 -10.18 69.21 36.60
N THR W 688 -10.91 69.18 37.72
CA THR W 688 -11.29 70.41 38.40
C THR W 688 -10.75 70.52 39.82
N ALA W 689 -11.02 69.55 40.68
CA ALA W 689 -10.99 69.78 42.12
C ALA W 689 -9.96 68.94 42.87
N ASN W 690 -8.78 68.75 42.27
CA ASN W 690 -7.60 68.14 42.91
C ASN W 690 -7.87 66.73 43.43
N ALA W 691 -8.61 65.94 42.68
CA ALA W 691 -9.00 64.61 43.10
C ALA W 691 -8.72 63.61 41.99
N PHE W 692 -8.80 62.32 42.34
CA PHE W 692 -8.60 61.27 41.36
C PHE W 692 -9.49 60.08 41.72
N ALA W 693 -10.11 59.50 40.70
CA ALA W 693 -11.07 58.42 40.89
C ALA W 693 -10.52 57.13 40.30
N ALA W 694 -10.58 56.06 41.10
CA ALA W 694 -10.04 54.77 40.70
C ALA W 694 -11.16 53.74 40.69
N ALA W 695 -11.36 53.08 39.57
CA ALA W 695 -12.37 52.03 39.45
C ALA W 695 -11.83 50.77 40.11
N SER W 696 -12.46 50.34 41.19
CA SER W 696 -11.95 49.27 42.01
C SER W 696 -12.88 48.08 41.94
N THR W 697 -12.46 46.98 42.60
CA THR W 697 -13.37 45.86 42.82
C THR W 697 -14.54 46.28 43.70
N GLU W 698 -14.26 47.07 44.74
CA GLU W 698 -15.29 47.59 45.63
C GLU W 698 -16.18 48.63 44.96
N GLY W 699 -15.86 49.07 43.75
CA GLY W 699 -16.68 50.03 43.04
C GLY W 699 -15.86 51.10 42.37
N LEU W 700 -16.08 52.34 42.77
CA LEU W 700 -15.37 53.49 42.20
C LEU W 700 -14.95 54.38 43.38
N LEU W 701 -13.72 54.18 43.83
CA LEU W 701 -13.18 55.01 44.91
C LEU W 701 -12.88 56.41 44.41
N ILE W 702 -13.18 57.41 45.23
CA ILE W 702 -12.83 58.80 44.96
C ILE W 702 -12.04 59.31 46.15
N TYR W 703 -10.76 59.56 45.96
CA TYR W 703 -9.95 60.24 46.96
C TYR W 703 -9.88 61.71 46.60
N SER W 704 -10.11 62.57 47.59
CA SER W 704 -10.12 64.01 47.36
C SER W 704 -9.44 64.72 48.53
N THR W 705 -9.00 65.95 48.27
CA THR W 705 -8.39 66.79 49.29
C THR W 705 -9.28 67.98 49.65
N ASN W 706 -10.58 67.90 49.35
CA ASN W 706 -11.45 69.06 49.43
C ASN W 706 -11.81 69.48 50.85
N ASP W 707 -11.45 68.68 51.87
CA ASP W 707 -11.73 69.08 53.24
C ASP W 707 -10.88 70.27 53.66
N THR W 708 -9.63 70.32 53.16
CA THR W 708 -8.67 71.42 53.35
C THR W 708 -8.43 71.74 54.82
N ILE W 709 -8.41 70.71 55.66
CA ILE W 709 -8.01 70.86 57.06
C ILE W 709 -6.54 70.46 57.12
N LEU W 710 -5.68 71.41 56.83
CA LEU W 710 -4.23 71.20 56.80
C LEU W 710 -3.56 72.56 56.81
N PHE W 711 -2.55 72.71 57.66
CA PHE W 711 -1.83 73.98 57.78
C PHE W 711 -0.71 74.00 56.75
N ASP W 712 -1.04 74.46 55.55
CA ASP W 712 -0.04 74.56 54.49
C ASP W 712 0.38 76.01 54.35
N PRO W 713 1.59 76.39 54.74
CA PRO W 713 1.99 77.79 54.63
C PRO W 713 2.67 78.09 53.31
N PHE W 714 2.97 79.36 53.07
CA PHE W 714 3.82 79.75 51.95
C PHE W 714 4.53 81.04 52.33
N ASP W 715 5.83 80.93 52.64
CA ASP W 715 6.71 82.04 52.99
C ASP W 715 6.19 82.82 54.19
N LEU W 716 5.97 82.09 55.28
CA LEU W 716 5.46 82.68 56.51
C LEU W 716 6.53 83.56 57.17
N ASP W 717 6.10 84.24 58.24
CA ASP W 717 6.99 85.09 59.02
C ASP W 717 6.44 85.16 60.43
N VAL W 718 7.21 85.80 61.31
CA VAL W 718 6.84 85.86 62.73
C VAL W 718 5.61 86.76 62.92
N ASP W 719 5.55 87.86 62.18
CA ASP W 719 4.49 88.85 62.42
C ASP W 719 3.13 88.43 61.88
N VAL W 720 3.09 87.67 60.80
CA VAL W 720 1.85 87.33 60.11
C VAL W 720 1.08 86.28 60.90
N THR W 721 -0.15 86.62 61.27
CA THR W 721 -1.00 85.83 62.14
C THR W 721 -2.44 85.96 61.65
N PRO W 722 -3.33 85.08 62.09
CA PRO W 722 -4.77 85.34 61.87
C PRO W 722 -5.27 86.61 62.52
N HIS W 723 -4.63 87.07 63.60
CA HIS W 723 -4.99 88.36 64.17
C HIS W 723 -4.57 89.50 63.25
N SER W 724 -3.47 89.32 62.51
CA SER W 724 -3.02 90.34 61.58
C SER W 724 -3.91 90.39 60.34
N THR W 725 -4.61 89.29 60.04
CA THR W 725 -5.52 89.28 58.91
C THR W 725 -6.77 90.12 59.19
N VAL W 726 -7.38 89.92 60.35
CA VAL W 726 -8.61 90.65 60.68
C VAL W 726 -8.29 92.10 60.99
N GLU W 727 -7.10 92.37 61.53
CA GLU W 727 -6.71 93.76 61.77
C GLU W 727 -6.46 94.50 60.46
N ALA W 728 -5.91 93.83 59.46
CA ALA W 728 -5.71 94.46 58.16
C ALA W 728 -7.04 94.73 57.46
N LEU W 729 -8.08 93.96 57.80
CA LEU W 729 -9.41 94.25 57.28
C LEU W 729 -10.04 95.44 58.00
N ARG W 730 -9.59 95.74 59.22
CA ARG W 730 -10.13 96.88 59.95
C ARG W 730 -9.61 98.19 59.39
N GLU W 731 -8.32 98.24 59.07
CA GLU W 731 -7.70 99.44 58.48
C GLU W 731 -7.75 99.43 56.96
N LYS W 732 -8.52 98.49 56.37
CA LYS W 732 -8.89 98.45 54.96
C LYS W 732 -7.71 98.30 54.02
N GLN W 733 -6.59 97.74 54.48
CA GLN W 733 -5.48 97.40 53.59
C GLN W 733 -5.85 96.10 52.91
N PHE W 734 -6.61 96.22 51.81
CA PHE W 734 -7.30 95.07 51.23
C PHE W 734 -6.34 94.10 50.56
N LEU W 735 -5.41 94.61 49.76
CA LEU W 735 -4.44 93.72 49.12
C LEU W 735 -3.44 93.17 50.13
N ASN W 736 -3.09 93.97 51.15
CA ASN W 736 -2.24 93.47 52.21
C ASN W 736 -2.96 92.42 53.05
N ALA W 737 -4.29 92.51 53.13
CA ALA W 737 -5.04 91.49 53.86
C ALA W 737 -5.14 90.20 53.06
N LEU W 738 -5.44 90.29 51.75
CA LEU W 738 -5.73 89.10 50.96
C LEU W 738 -4.48 88.31 50.62
N VAL W 739 -3.40 89.01 50.25
CA VAL W 739 -2.17 88.33 49.85
C VAL W 739 -1.53 87.66 51.06
N MET W 740 -1.50 88.34 52.19
CA MET W 740 -1.01 87.76 53.43
C MET W 740 -2.01 86.81 54.07
N ALA W 741 -3.25 86.75 53.59
CA ALA W 741 -4.11 85.61 53.91
C ALA W 741 -3.70 84.35 53.16
N PHE W 742 -3.18 84.49 51.94
CA PHE W 742 -2.66 83.36 51.20
C PHE W 742 -1.35 82.85 51.79
N ARG W 743 -0.69 83.66 52.61
CA ARG W 743 0.52 83.24 53.32
C ARG W 743 0.21 82.09 54.28
N LEU W 744 -0.90 82.20 55.01
CA LEU W 744 -1.35 81.07 55.84
C LEU W 744 -2.01 79.99 55.00
N ASN W 745 -2.71 80.39 53.93
CA ASN W 745 -3.47 79.51 53.03
C ASN W 745 -4.48 78.67 53.80
N GLU W 746 -5.16 79.29 54.76
CA GLU W 746 -6.29 78.68 55.45
C GLU W 746 -7.57 79.12 54.77
N GLU W 747 -8.47 78.16 54.53
CA GLU W 747 -9.64 78.41 53.69
C GLU W 747 -10.61 79.39 54.34
N TYR W 748 -10.82 79.30 55.65
CA TYR W 748 -11.67 80.29 56.32
C TYR W 748 -10.99 81.64 56.41
N LEU W 749 -9.65 81.67 56.43
CA LEU W 749 -8.94 82.94 56.42
C LEU W 749 -9.05 83.61 55.06
N ILE W 750 -8.98 82.81 53.99
CA ILE W 750 -9.19 83.32 52.64
C ILE W 750 -10.65 83.76 52.47
N ASN W 751 -11.59 82.97 53.02
CA ASN W 751 -13.00 83.30 52.89
C ASN W 751 -13.38 84.54 53.67
N LYS W 752 -12.63 84.85 54.74
CA LYS W 752 -12.94 86.03 55.54
C LYS W 752 -12.64 87.31 54.77
N VAL W 753 -11.49 87.37 54.11
CA VAL W 753 -11.11 88.59 53.39
C VAL W 753 -11.83 88.66 52.05
N TYR W 754 -12.20 87.53 51.46
CA TYR W 754 -12.79 87.53 50.13
C TYR W 754 -14.20 88.08 50.12
N GLU W 755 -14.97 87.82 51.17
CA GLU W 755 -16.36 88.23 51.22
C GLU W 755 -16.56 89.59 51.87
N ALA W 756 -15.48 90.26 52.29
CA ALA W 756 -15.61 91.51 53.03
C ALA W 756 -15.20 92.74 52.24
N ILE W 757 -14.45 92.60 51.16
CA ILE W 757 -13.95 93.74 50.40
C ILE W 757 -15.05 94.23 49.46
N PRO W 758 -15.16 95.53 49.20
CA PRO W 758 -16.25 96.04 48.36
C PRO W 758 -15.98 95.78 46.88
N ILE W 759 -17.01 96.07 46.09
CA ILE W 759 -16.96 95.79 44.65
C ILE W 759 -15.99 96.73 43.95
N LYS W 760 -15.98 98.01 44.36
CA LYS W 760 -15.15 99.00 43.69
C LYS W 760 -13.66 98.79 43.94
N GLU W 761 -13.29 98.13 45.03
CA GLU W 761 -11.89 97.82 45.31
C GLU W 761 -11.47 96.47 44.76
N ILE W 762 -12.38 95.72 44.13
CA ILE W 762 -12.01 94.45 43.50
C ILE W 762 -11.02 94.59 42.35
N PRO W 763 -11.22 95.46 41.33
CA PRO W 763 -10.27 95.44 40.21
C PRO W 763 -8.91 96.01 40.54
N LEU W 764 -8.79 96.88 41.54
CA LEU W 764 -7.47 97.35 41.95
C LEU W 764 -6.72 96.25 42.69
N VAL W 765 -7.44 95.45 43.48
CA VAL W 765 -6.81 94.35 44.22
C VAL W 765 -6.38 93.25 43.26
N ALA W 766 -7.27 92.88 42.32
CA ALA W 766 -7.00 91.76 41.44
C ALA W 766 -5.91 92.08 40.41
N SER W 767 -5.68 93.37 40.13
CA SER W 767 -4.66 93.74 39.16
C SER W 767 -3.26 93.64 39.76
N ASN W 768 -3.13 93.72 41.08
CA ASN W 768 -1.82 93.74 41.72
C ASN W 768 -1.56 92.51 42.58
N ILE W 769 -2.35 91.45 42.41
CA ILE W 769 -2.06 90.19 43.09
C ILE W 769 -0.82 89.56 42.46
N PRO W 770 0.16 89.14 43.25
CA PRO W 770 1.41 88.62 42.68
C PRO W 770 1.22 87.29 41.97
N ALA W 771 2.21 86.96 41.15
CA ALA W 771 2.14 85.81 40.25
C ALA W 771 2.21 84.49 40.98
N ILE W 772 2.74 84.49 42.21
CA ILE W 772 2.82 83.25 42.98
C ILE W 772 1.44 82.80 43.46
N TYR W 773 0.63 83.75 43.92
CA TYR W 773 -0.65 83.43 44.53
C TYR W 773 -1.80 83.32 43.54
N LEU W 774 -1.53 83.52 42.24
CA LEU W 774 -2.58 83.34 41.24
C LEU W 774 -3.14 81.91 41.11
N PRO W 775 -2.36 80.82 41.16
CA PRO W 775 -3.02 79.50 41.20
C PRO W 775 -3.80 79.23 42.47
N ARG W 776 -3.50 79.92 43.57
CA ARG W 776 -4.24 79.69 44.79
C ARG W 776 -5.61 80.37 44.76
N ILE W 777 -5.67 81.59 44.22
CA ILE W 777 -6.95 82.31 44.20
C ILE W 777 -7.90 81.70 43.17
N LEU W 778 -7.38 81.22 42.04
CA LEU W 778 -8.23 80.61 41.04
C LEU W 778 -8.72 79.23 41.49
N LYS W 779 -7.92 78.54 42.30
CA LYS W 779 -8.38 77.30 42.90
C LYS W 779 -9.43 77.58 43.97
N PHE W 780 -9.30 78.69 44.69
CA PHE W 780 -10.26 79.03 45.73
C PHE W 780 -11.60 79.45 45.13
N ILE W 781 -11.58 80.29 44.10
CA ILE W 781 -12.81 80.81 43.51
C ILE W 781 -13.60 79.70 42.84
N GLY W 782 -12.90 78.82 42.10
CA GLY W 782 -13.57 77.68 41.49
C GLY W 782 -14.15 76.69 42.49
N ASP W 783 -13.46 76.50 43.61
CA ASP W 783 -13.97 75.59 44.63
C ASP W 783 -15.13 76.19 45.41
N PHE W 784 -15.03 77.47 45.78
CA PHE W 784 -16.01 78.06 46.68
C PHE W 784 -17.31 78.40 45.96
N ALA W 785 -17.22 78.89 44.72
CA ALA W 785 -18.41 79.41 44.05
C ALA W 785 -19.32 78.33 43.50
N ILE W 786 -18.91 77.06 43.52
CA ILE W 786 -19.76 75.97 43.06
C ILE W 786 -20.98 75.84 43.97
N GLU W 787 -20.75 75.86 45.29
CA GLU W 787 -21.84 75.89 46.25
C GLU W 787 -21.72 77.18 47.07
N SER W 788 -22.24 78.26 46.51
CA SER W 788 -22.30 79.55 47.17
C SER W 788 -23.36 80.38 46.47
N GLN W 789 -24.12 81.13 47.27
CA GLN W 789 -25.25 81.87 46.72
C GLN W 789 -24.84 83.13 45.97
N HIS W 790 -23.59 83.56 46.08
CA HIS W 790 -23.14 84.81 45.46
C HIS W 790 -22.66 84.56 44.04
N ILE W 791 -23.62 84.53 43.11
CA ILE W 791 -23.28 84.44 41.70
C ILE W 791 -22.69 85.78 41.23
N GLU W 792 -23.31 86.88 41.61
CA GLU W 792 -22.92 88.19 41.10
C GLU W 792 -21.58 88.63 41.64
N PHE W 793 -21.30 88.33 42.91
CA PHE W 793 -20.02 88.70 43.49
C PHE W 793 -18.88 87.88 42.91
N ASN W 794 -19.08 86.56 42.79
CA ASN W 794 -18.01 85.69 42.33
C ASN W 794 -17.68 85.92 40.87
N LEU W 795 -18.68 86.21 40.04
CA LEU W 795 -18.43 86.47 38.64
C LEU W 795 -17.86 87.86 38.39
N ILE W 796 -18.02 88.78 39.34
CA ILE W 796 -17.29 90.04 39.28
C ILE W 796 -15.81 89.79 39.50
N TRP W 797 -15.49 88.92 40.46
CA TRP W 797 -14.10 88.55 40.72
C TRP W 797 -13.49 87.79 39.56
N ILE W 798 -14.29 86.97 38.87
CA ILE W 798 -13.80 86.21 37.74
C ILE W 798 -13.54 87.14 36.55
N LYS W 799 -14.41 88.13 36.35
CA LYS W 799 -14.19 89.12 35.29
C LYS W 799 -12.94 89.95 35.54
N ALA W 800 -12.76 90.41 36.78
CA ALA W 800 -11.64 91.29 37.10
C ALA W 800 -10.32 90.54 37.05
N LEU W 801 -10.30 89.28 37.48
CA LEU W 801 -9.06 88.52 37.47
C LEU W 801 -8.65 88.15 36.05
N LEU W 802 -9.60 87.72 35.23
CA LEU W 802 -9.27 87.28 33.88
C LEU W 802 -8.97 88.45 32.95
N SER W 803 -9.46 89.65 33.25
CA SER W 803 -9.20 90.78 32.37
C SER W 803 -7.98 91.58 32.80
N ALA W 804 -7.45 91.32 33.99
CA ALA W 804 -6.24 92.00 34.44
C ALA W 804 -5.01 91.10 34.46
N SER W 805 -5.20 89.78 34.46
CA SER W 805 -4.07 88.86 34.49
C SER W 805 -4.30 87.69 33.54
N GLY W 806 -5.04 87.91 32.45
CA GLY W 806 -5.30 86.83 31.52
C GLY W 806 -4.11 86.46 30.65
N GLY W 807 -3.15 87.38 30.52
CA GLY W 807 -1.96 87.09 29.75
C GLY W 807 -1.07 86.03 30.39
N TYR W 808 -0.94 86.08 31.72
CA TYR W 808 -0.12 85.13 32.44
C TYR W 808 -0.73 83.72 32.37
N ILE W 809 -2.06 83.62 32.48
CA ILE W 809 -2.73 82.33 32.41
C ILE W 809 -2.59 81.72 31.02
N ASN W 810 -2.58 82.57 29.99
CA ASN W 810 -2.26 82.09 28.64
C ASN W 810 -0.80 81.67 28.54
N GLU W 811 0.10 82.40 29.21
CA GLU W 811 1.52 82.07 29.13
C GLU W 811 1.86 80.82 29.89
N HIS W 812 1.11 80.51 30.96
CA HIS W 812 1.28 79.27 31.71
C HIS W 812 -0.09 78.60 31.78
N LYS W 813 -0.42 77.84 30.74
CA LYS W 813 -1.73 77.20 30.67
C LYS W 813 -1.81 75.98 31.57
N TYR W 814 -0.75 75.19 31.62
CA TYR W 814 -0.80 73.91 32.33
C TYR W 814 -0.68 74.08 33.83
N LEU W 815 -0.21 75.23 34.32
CA LEU W 815 -0.21 75.48 35.75
C LEU W 815 -1.62 75.73 36.26
N PHE W 816 -2.49 76.30 35.42
CA PHE W 816 -3.80 76.76 35.85
C PHE W 816 -4.93 75.92 35.27
N SER W 817 -4.62 74.83 34.57
CA SER W 817 -5.64 74.15 33.77
C SER W 817 -6.66 73.42 34.62
N THR W 818 -6.28 73.00 35.83
CA THR W 818 -7.24 72.41 36.75
C THR W 818 -8.18 73.48 37.30
N ALA W 819 -7.63 74.64 37.65
CA ALA W 819 -8.45 75.71 38.21
C ALA W 819 -9.27 76.41 37.13
N MET W 820 -8.70 76.58 35.93
CA MET W 820 -9.41 77.28 34.86
C MET W 820 -10.56 76.45 34.33
N ARG W 821 -10.45 75.13 34.40
CA ARG W 821 -11.58 74.29 34.02
C ARG W 821 -12.68 74.36 35.06
N SER W 822 -12.32 74.53 36.34
CA SER W 822 -13.31 74.60 37.40
C SER W 822 -14.10 75.90 37.35
N ILE W 823 -13.47 76.98 36.90
CA ILE W 823 -14.16 78.26 36.80
C ILE W 823 -15.17 78.22 35.65
N GLN W 824 -14.78 77.68 34.50
CA GLN W 824 -15.73 77.56 33.40
C GLN W 824 -16.73 76.44 33.64
N ARG W 825 -16.43 75.52 34.55
CA ARG W 825 -17.46 74.61 35.06
C ARG W 825 -18.50 75.38 35.85
N PHE W 826 -18.05 76.35 36.65
CA PHE W 826 -18.96 77.09 37.52
C PHE W 826 -19.91 77.98 36.73
N ILE W 827 -19.43 78.60 35.66
CA ILE W 827 -20.32 79.48 34.92
C ILE W 827 -21.30 78.68 34.05
N VAL W 828 -20.91 77.47 33.62
CA VAL W 828 -21.79 76.69 32.75
C VAL W 828 -22.82 75.95 33.58
N ARG W 829 -22.39 75.28 34.66
CA ARG W 829 -23.26 74.33 35.34
C ARG W 829 -24.31 75.02 36.22
N VAL W 830 -23.94 76.08 36.93
CA VAL W 830 -24.88 76.73 37.84
C VAL W 830 -25.20 78.16 37.42
N ALA W 831 -24.30 78.85 36.74
CA ALA W 831 -24.56 80.24 36.38
C ALA W 831 -25.16 80.44 35.00
N LYS W 832 -25.04 79.47 34.09
CA LYS W 832 -25.61 79.66 32.77
C LYS W 832 -27.13 79.48 32.76
N GLU W 833 -27.65 78.48 33.47
CA GLU W 833 -29.08 78.23 33.43
C GLU W 833 -29.87 79.29 34.20
N VAL W 834 -29.23 80.05 35.09
CA VAL W 834 -29.85 81.25 35.63
C VAL W 834 -30.00 82.30 34.53
N VAL W 835 -28.99 82.45 33.68
CA VAL W 835 -29.07 83.35 32.53
C VAL W 835 -30.09 82.81 31.54
N ASN W 836 -30.19 81.48 31.39
CA ASN W 836 -31.20 80.88 30.53
C ASN W 836 -32.60 81.15 31.04
N THR W 837 -32.81 81.08 32.36
CA THR W 837 -34.13 81.38 32.89
C THR W 837 -34.39 82.88 32.91
N THR W 838 -33.33 83.69 32.96
CA THR W 838 -33.50 85.12 32.82
C THR W 838 -33.95 85.48 31.42
N THR W 839 -33.37 84.82 30.41
CA THR W 839 -33.76 85.10 29.04
C THR W 839 -35.13 84.50 28.72
N ASP W 840 -35.42 83.31 29.26
CA ASP W 840 -36.69 82.66 28.95
C ASP W 840 -37.86 83.39 29.58
N ASN W 841 -37.68 83.92 30.79
CA ASN W 841 -38.74 84.68 31.43
C ASN W 841 -38.95 86.03 30.76
N LYS W 842 -37.86 86.65 30.30
CA LYS W 842 -37.96 87.94 29.63
C LYS W 842 -38.65 87.82 28.28
N TYR W 843 -38.33 86.77 27.52
CA TYR W 843 -38.90 86.62 26.19
C TYR W 843 -40.38 86.25 26.24
N THR W 844 -40.78 85.43 27.21
CA THR W 844 -42.19 85.08 27.30
C THR W 844 -43.01 86.19 27.94
N TYR W 845 -42.34 87.14 28.62
CA TYR W 845 -43.06 88.32 29.10
C TYR W 845 -43.30 89.28 27.95
N ARG W 846 -42.32 89.41 27.05
CA ARG W 846 -42.45 90.28 25.89
C ARG W 846 -43.57 89.82 24.98
N PHE W 847 -43.74 88.49 24.85
CA PHE W 847 -44.80 87.95 24.02
C PHE W 847 -46.17 88.16 24.65
N LEU W 848 -46.28 87.94 25.96
CA LEU W 848 -47.60 87.87 26.58
C LEU W 848 -48.20 89.26 26.81
N VAL W 849 -47.38 90.30 26.77
CA VAL W 849 -47.88 91.62 27.13
C VAL W 849 -48.02 92.55 25.92
N SER W 850 -47.44 92.17 24.77
CA SER W 850 -47.44 93.05 23.61
C SER W 850 -48.28 92.52 22.46
N THR W 851 -48.57 91.23 22.45
CA THR W 851 -49.25 90.58 21.34
C THR W 851 -50.77 90.61 21.57
N ASP W 852 -51.48 89.76 20.82
CA ASP W 852 -52.94 89.66 20.76
C ASP W 852 -53.66 89.48 22.09
N GLY W 853 -54.96 89.73 22.10
CA GLY W 853 -55.77 89.54 23.28
C GLY W 853 -56.43 88.19 23.31
N SER W 854 -57.74 88.14 23.06
CA SER W 854 -58.49 86.89 23.12
C SER W 854 -59.65 86.96 22.13
N MET W 855 -60.56 85.99 22.27
CA MET W 855 -61.82 85.89 21.51
C MET W 855 -61.62 85.87 19.99
N SER X 1 -22.03 -25.31 66.87
CA SER X 1 -22.98 -26.27 66.34
C SER X 1 -23.10 -27.48 67.25
N LYS X 2 -22.08 -28.33 67.24
CA LYS X 2 -22.09 -29.53 68.07
C LYS X 2 -21.99 -29.18 69.55
N THR X 3 -21.30 -28.08 69.88
CA THR X 3 -21.28 -27.60 71.25
C THR X 3 -22.67 -27.13 71.68
N ARG X 4 -23.40 -26.49 70.78
CA ARG X 4 -24.76 -26.03 71.08
C ARG X 4 -25.70 -27.21 71.31
N TYR X 5 -25.49 -28.31 70.57
CA TYR X 5 -26.33 -29.49 70.76
C TYR X 5 -26.04 -30.18 72.09
N TYR X 6 -24.77 -30.28 72.47
CA TYR X 6 -24.43 -30.95 73.72
C TYR X 6 -24.86 -30.14 74.93
N LEU X 7 -24.78 -28.81 74.85
CA LEU X 7 -25.23 -27.97 75.96
C LEU X 7 -26.75 -27.96 76.07
N GLU X 8 -27.45 -28.30 74.97
CA GLU X 8 -28.90 -28.48 75.05
C GLU X 8 -29.25 -29.72 75.87
N GLN X 9 -28.43 -30.76 75.81
CA GLN X 9 -28.70 -31.95 76.62
C GLN X 9 -28.30 -31.77 78.08
N CYS X 10 -27.55 -30.73 78.42
CA CYS X 10 -27.34 -30.43 79.83
C CYS X 10 -28.46 -29.58 80.41
N ILE X 11 -29.42 -29.16 79.59
CA ILE X 11 -30.56 -28.40 80.11
C ILE X 11 -31.54 -29.26 80.93
N PRO X 12 -32.15 -30.34 80.40
CA PRO X 12 -33.37 -30.86 81.06
C PRO X 12 -33.12 -31.56 82.37
N GLU X 13 -31.91 -32.06 82.65
CA GLU X 13 -31.63 -32.57 83.98
C GLU X 13 -31.31 -31.45 84.94
N MET X 14 -31.05 -30.26 84.41
CA MET X 14 -30.64 -29.17 85.26
C MET X 14 -31.74 -28.12 85.39
N ASP X 15 -32.69 -28.12 84.45
CA ASP X 15 -33.96 -27.46 84.71
C ASP X 15 -34.70 -28.17 85.85
N ASP X 16 -34.51 -29.48 85.97
CA ASP X 16 -34.93 -30.22 87.15
C ASP X 16 -34.16 -29.78 88.39
N LEU X 17 -32.87 -29.46 88.24
CA LEU X 17 -32.05 -29.03 89.37
C LEU X 17 -32.48 -27.67 89.90
N VAL X 18 -32.89 -26.78 88.99
CA VAL X 18 -33.41 -25.48 89.41
C VAL X 18 -34.76 -25.64 90.10
N GLU X 19 -35.55 -26.63 89.64
CA GLU X 19 -36.92 -26.83 90.14
C GLU X 19 -36.93 -27.19 91.62
N LYS X 20 -36.03 -28.06 92.06
CA LYS X 20 -35.90 -28.32 93.48
C LYS X 20 -35.01 -27.26 94.13
N GLY X 21 -35.34 -26.94 95.38
CA GLY X 21 -34.69 -25.84 96.07
C GLY X 21 -33.30 -26.14 96.57
N LEU X 22 -32.35 -26.33 95.67
CA LEU X 22 -30.95 -26.54 96.03
C LEU X 22 -29.99 -25.72 95.17
N PHE X 23 -30.48 -25.00 94.17
CA PHE X 23 -29.65 -24.16 93.34
C PHE X 23 -30.47 -22.99 92.83
N THR X 24 -29.86 -21.82 92.73
CA THR X 24 -30.51 -20.61 92.27
C THR X 24 -30.03 -20.28 90.85
N LYS X 25 -30.72 -19.34 90.21
CA LYS X 25 -30.60 -19.15 88.77
C LYS X 25 -29.25 -18.57 88.37
N ASN X 26 -28.73 -17.62 89.15
CA ASN X 26 -27.38 -17.13 88.88
C ASN X 26 -26.33 -18.15 89.30
N GLU X 27 -26.68 -19.02 90.25
CA GLU X 27 -25.74 -20.04 90.69
C GLU X 27 -25.55 -21.12 89.63
N VAL X 28 -26.53 -21.32 88.76
CA VAL X 28 -26.41 -22.30 87.69
C VAL X 28 -26.08 -21.69 86.34
N SER X 29 -26.15 -20.35 86.21
CA SER X 29 -25.82 -19.72 84.94
C SER X 29 -24.33 -19.82 84.64
N LEU X 30 -23.49 -19.67 85.67
CA LEU X 30 -22.05 -19.74 85.44
C LEU X 30 -21.56 -21.18 85.29
N ILE X 31 -22.37 -22.16 85.70
CA ILE X 31 -21.99 -23.57 85.52
C ILE X 31 -22.03 -23.94 84.04
N MET X 32 -23.04 -23.45 83.31
CA MET X 32 -23.00 -23.56 81.86
C MET X 32 -21.87 -22.76 81.23
N LYS X 33 -21.48 -21.64 81.85
CA LYS X 33 -20.41 -20.82 81.28
C LYS X 33 -19.08 -21.55 81.34
N LYS X 34 -18.88 -22.38 82.37
CA LYS X 34 -17.73 -23.27 82.38
C LYS X 34 -17.96 -24.48 81.48
N ARG X 35 -19.20 -24.98 81.44
CA ARG X 35 -19.48 -26.18 80.66
C ARG X 35 -19.46 -25.88 79.17
N THR X 36 -19.94 -24.70 78.76
CA THR X 36 -19.82 -24.33 77.35
C THR X 36 -18.37 -24.06 76.98
N ASP X 37 -17.57 -23.62 77.95
CA ASP X 37 -16.14 -23.40 77.69
C ASP X 37 -15.41 -24.72 77.47
N PHE X 38 -15.75 -25.74 78.26
CA PHE X 38 -15.07 -27.02 78.10
C PHE X 38 -15.59 -27.79 76.90
N GLU X 39 -16.89 -27.71 76.61
CA GLU X 39 -17.42 -28.43 75.46
C GLU X 39 -16.98 -27.79 74.15
N HIS X 40 -16.72 -26.48 74.16
CA HIS X 40 -16.07 -25.86 73.02
C HIS X 40 -14.61 -26.28 72.93
N ARG X 41 -13.98 -26.58 74.07
CA ARG X 41 -12.62 -27.08 74.03
C ARG X 41 -12.55 -28.52 73.53
N LEU X 42 -13.65 -29.26 73.65
CA LEU X 42 -13.65 -30.66 73.23
C LEU X 42 -14.03 -30.79 71.76
N ASN X 43 -15.22 -30.31 71.39
CA ASN X 43 -15.75 -30.50 70.04
C ASN X 43 -15.23 -29.39 69.13
N SER X 44 -13.93 -29.45 68.86
CA SER X 44 -13.26 -28.44 68.05
C SER X 44 -11.99 -29.03 67.48
N ARG X 45 -11.37 -28.28 66.58
CA ARG X 45 -10.04 -28.63 66.09
C ARG X 45 -9.02 -28.47 67.22
N GLY X 46 -8.03 -29.36 67.21
CA GLY X 46 -6.91 -29.26 68.14
C GLY X 46 -7.25 -29.46 69.60
N SER X 47 -8.12 -30.41 69.90
CA SER X 47 -8.43 -30.72 71.29
C SER X 47 -7.27 -31.51 71.91
N SER X 48 -7.29 -31.62 73.23
CA SER X 48 -6.23 -32.34 73.94
C SER X 48 -6.85 -33.30 74.92
N ILE X 49 -6.03 -34.23 75.40
CA ILE X 49 -6.49 -35.18 76.41
C ILE X 49 -6.67 -34.48 77.75
N ASN X 50 -5.90 -33.43 78.02
CA ASN X 50 -6.04 -32.69 79.26
C ASN X 50 -7.32 -31.87 79.28
N ASP X 51 -7.88 -31.58 78.11
CA ASP X 51 -9.20 -30.95 78.05
C ASP X 51 -10.27 -31.92 78.52
N TYR X 52 -10.09 -33.22 78.25
CA TYR X 52 -10.99 -34.22 78.78
C TYR X 52 -10.79 -34.42 80.27
N ILE X 53 -9.53 -34.41 80.71
CA ILE X 53 -9.21 -34.67 82.11
C ILE X 53 -9.69 -33.52 83.00
N LYS X 54 -9.58 -32.29 82.50
CA LYS X 54 -10.10 -31.15 83.25
C LYS X 54 -11.62 -31.16 83.30
N TYR X 55 -12.25 -31.70 82.26
CA TYR X 55 -13.71 -31.74 82.23
C TYR X 55 -14.27 -32.82 83.15
N ILE X 56 -13.62 -33.99 83.22
CA ILE X 56 -14.10 -35.03 84.12
C ILE X 56 -13.79 -34.67 85.56
N ASN X 57 -12.76 -33.86 85.79
CA ASN X 57 -12.48 -33.38 87.13
C ASN X 57 -13.48 -32.32 87.55
N TYR X 58 -13.86 -31.45 86.61
CA TYR X 58 -14.83 -30.40 86.91
C TYR X 58 -16.23 -30.98 87.09
N GLU X 59 -16.61 -31.95 86.26
CA GLU X 59 -17.94 -32.52 86.35
C GLU X 59 -18.12 -33.38 87.59
N SER X 60 -17.04 -34.00 88.06
CA SER X 60 -17.10 -34.69 89.34
C SER X 60 -17.18 -33.69 90.49
N ASN X 61 -16.60 -32.50 90.31
CA ASN X 61 -16.70 -31.47 91.34
C ASN X 61 -18.10 -30.87 91.40
N VAL X 62 -18.85 -30.93 90.29
CA VAL X 62 -20.26 -30.56 90.33
C VAL X 62 -21.03 -31.57 91.17
N ASN X 63 -20.77 -32.86 90.95
CA ASN X 63 -21.49 -33.92 91.66
C ASN X 63 -21.06 -34.00 93.12
N LYS X 64 -19.82 -33.64 93.42
CA LYS X 64 -19.38 -33.63 94.82
C LYS X 64 -20.05 -32.51 95.59
N LEU X 65 -20.20 -31.34 94.97
CA LEU X 65 -20.93 -30.25 95.61
C LEU X 65 -22.41 -30.57 95.71
N ARG X 66 -22.98 -31.16 94.66
CA ARG X 66 -24.42 -31.40 94.61
C ARG X 66 -24.83 -32.49 95.59
N ALA X 67 -23.95 -33.47 95.83
CA ALA X 67 -24.20 -34.44 96.89
C ALA X 67 -24.12 -33.78 98.27
N LYS X 68 -23.23 -32.80 98.43
CA LYS X 68 -23.17 -32.06 99.67
C LYS X 68 -24.35 -31.11 99.80
N ARG X 69 -24.77 -30.50 98.69
CA ARG X 69 -25.83 -29.49 98.74
C ARG X 69 -27.19 -30.13 99.00
N CYS X 70 -27.43 -31.32 98.44
CA CYS X 70 -28.70 -31.99 98.67
C CYS X 70 -28.82 -32.50 100.10
N LYS X 71 -27.70 -32.88 100.72
CA LYS X 71 -27.73 -33.28 102.12
C LYS X 71 -27.79 -32.09 103.05
N ARG X 72 -27.40 -30.91 102.56
CA ARG X 72 -27.39 -29.71 103.39
C ARG X 72 -28.76 -29.04 103.44
N ILE X 73 -29.40 -28.88 102.28
CA ILE X 73 -30.51 -27.95 102.19
C ILE X 73 -31.88 -28.62 102.20
N LEU X 74 -31.96 -29.93 101.94
CA LEU X 74 -33.26 -30.58 102.01
C LEU X 74 -33.23 -31.96 102.67
N GLN X 75 -32.12 -32.33 103.30
CA GLN X 75 -32.00 -33.50 104.19
C GLN X 75 -32.32 -34.82 103.48
N VAL X 76 -31.79 -35.00 102.28
CA VAL X 76 -31.99 -36.24 101.54
C VAL X 76 -30.64 -36.87 101.24
N LYS X 77 -30.63 -38.20 101.20
CA LYS X 77 -29.45 -38.92 100.73
C LYS X 77 -29.33 -38.87 99.22
N LYS X 78 -30.47 -38.80 98.52
CA LYS X 78 -30.51 -38.67 97.07
C LYS X 78 -31.86 -38.04 96.71
N THR X 79 -31.96 -37.55 95.48
CA THR X 79 -33.09 -36.73 95.08
C THR X 79 -34.25 -37.52 94.49
N ASN X 80 -34.04 -38.79 94.14
CA ASN X 80 -35.01 -39.65 93.44
C ASN X 80 -35.53 -39.00 92.16
N SER X 81 -34.62 -38.40 91.39
CA SER X 81 -35.02 -37.65 90.22
C SER X 81 -33.93 -37.76 89.15
N LEU X 82 -34.03 -36.90 88.14
CA LEU X 82 -33.13 -36.98 86.99
C LEU X 82 -31.74 -36.45 87.31
N SER X 83 -31.66 -35.51 88.25
CA SER X 83 -30.37 -34.94 88.63
C SER X 83 -29.55 -35.85 89.52
N ASP X 84 -30.10 -37.00 89.95
CA ASP X 84 -29.31 -37.95 90.74
C ASP X 84 -28.21 -38.59 89.92
N TRP X 85 -28.49 -38.90 88.65
CA TRP X 85 -27.59 -39.72 87.87
C TRP X 85 -27.03 -39.05 86.62
N SER X 86 -27.64 -37.97 86.14
CA SER X 86 -27.29 -37.46 84.82
C SER X 86 -25.96 -36.72 84.83
N ILE X 87 -25.58 -36.13 85.96
CA ILE X 87 -24.23 -35.57 86.09
C ILE X 87 -23.19 -36.67 86.01
N GLN X 88 -23.46 -37.80 86.68
CA GLN X 88 -22.63 -38.99 86.51
C GLN X 88 -22.69 -39.51 85.08
N GLN X 89 -23.87 -39.45 84.47
CA GLN X 89 -24.01 -39.88 83.07
C GLN X 89 -23.26 -38.96 82.12
N ARG X 90 -23.15 -37.68 82.48
CA ARG X 90 -22.33 -36.76 81.69
C ARG X 90 -20.86 -37.17 81.74
N ILE X 91 -20.38 -37.60 82.92
CA ILE X 91 -18.99 -37.99 83.10
C ILE X 91 -18.64 -39.20 82.25
N GLY X 92 -19.57 -40.15 82.15
CA GLY X 92 -19.34 -41.31 81.29
C GLY X 92 -19.36 -40.97 79.81
N PHE X 93 -20.03 -39.88 79.44
CA PHE X 93 -20.08 -39.51 78.03
C PHE X 93 -18.82 -38.75 77.60
N ILE X 94 -18.22 -37.97 78.51
CA ILE X 94 -16.90 -37.40 78.24
C ILE X 94 -15.87 -38.50 78.13
N TYR X 95 -16.04 -39.55 78.95
CA TYR X 95 -15.19 -40.73 78.89
C TYR X 95 -15.31 -41.45 77.55
N GLN X 96 -16.54 -41.57 77.04
CA GLN X 96 -16.73 -42.28 75.78
C GLN X 96 -16.20 -41.45 74.61
N ARG X 97 -16.30 -40.12 74.70
CA ARG X 97 -15.85 -39.27 73.61
C ARG X 97 -14.33 -39.20 73.57
N GLY X 98 -13.69 -39.13 74.73
CA GLY X 98 -12.24 -39.06 74.77
C GLY X 98 -11.58 -40.37 74.39
N THR X 99 -12.17 -41.49 74.80
CA THR X 99 -11.60 -42.80 74.47
C THR X 99 -11.73 -43.10 72.99
N ASN X 100 -12.80 -42.62 72.34
CA ASN X 100 -12.93 -42.81 70.91
C ASN X 100 -11.98 -41.89 70.14
N LYS X 101 -11.86 -40.64 70.58
CA LYS X 101 -10.99 -39.69 69.88
C LYS X 101 -9.52 -39.96 70.15
N PHE X 102 -9.16 -40.23 71.41
CA PHE X 102 -7.78 -40.46 71.83
C PHE X 102 -7.69 -41.84 72.46
N PRO X 103 -7.54 -42.89 71.66
CA PRO X 103 -7.45 -44.24 72.22
C PRO X 103 -6.05 -44.68 72.61
N GLN X 104 -5.01 -43.89 72.29
CA GLN X 104 -3.65 -44.27 72.63
C GLN X 104 -3.37 -44.11 74.12
N ASP X 105 -4.03 -43.17 74.78
CA ASP X 105 -3.68 -42.82 76.15
C ASP X 105 -4.27 -43.84 77.10
N LEU X 106 -3.41 -44.69 77.67
CA LEU X 106 -3.86 -45.68 78.63
C LEU X 106 -4.21 -45.04 79.97
N LYS X 107 -3.66 -43.86 80.25
CA LYS X 107 -3.99 -43.15 81.48
C LYS X 107 -5.45 -42.71 81.47
N PHE X 108 -5.96 -42.30 80.32
CA PHE X 108 -7.37 -41.96 80.23
C PHE X 108 -8.24 -43.21 80.25
N TRP X 109 -7.73 -44.31 79.72
CA TRP X 109 -8.47 -45.57 79.76
C TRP X 109 -8.57 -46.11 81.18
N ALA X 110 -7.47 -46.03 81.94
CA ALA X 110 -7.47 -46.57 83.30
C ALA X 110 -8.28 -45.68 84.25
N MET X 111 -8.29 -44.38 83.99
CA MET X 111 -9.16 -43.49 84.77
C MET X 111 -10.63 -43.78 84.48
N TYR X 112 -10.95 -44.15 83.24
CA TYR X 112 -12.31 -44.54 82.90
C TYR X 112 -12.68 -45.87 83.56
N LEU X 113 -11.76 -46.84 83.55
CA LEU X 113 -12.09 -48.15 84.09
C LEU X 113 -12.09 -48.12 85.62
N ASN X 114 -11.27 -47.28 86.24
CA ASN X 114 -11.33 -47.14 87.68
C ASN X 114 -12.53 -46.30 88.11
N TYR X 115 -13.06 -45.49 87.20
CA TYR X 115 -14.33 -44.82 87.47
C TYR X 115 -15.48 -45.81 87.52
N MET X 116 -15.45 -46.81 86.64
CA MET X 116 -16.54 -47.77 86.59
C MET X 116 -16.48 -48.74 87.77
N LYS X 117 -15.28 -49.10 88.20
CA LYS X 117 -15.12 -50.02 89.32
C LYS X 117 -15.47 -49.36 90.64
N ALA X 118 -15.30 -48.05 90.74
CA ALA X 118 -15.61 -47.33 91.97
C ALA X 118 -17.12 -47.23 92.19
N ARG X 119 -17.87 -46.88 91.15
CA ARG X 119 -19.31 -46.75 91.26
C ARG X 119 -20.05 -48.01 90.84
N GLY X 120 -19.42 -49.18 90.96
CA GLY X 120 -19.92 -50.44 90.44
C GLY X 120 -21.21 -51.00 91.02
N ASN X 121 -21.83 -50.29 91.95
CA ASN X 121 -23.15 -50.67 92.44
C ASN X 121 -24.20 -50.56 91.34
N GLN X 122 -24.13 -49.50 90.54
CA GLN X 122 -25.12 -49.27 89.49
C GLN X 122 -24.59 -49.55 88.10
N THR X 123 -23.29 -49.80 87.93
CA THR X 123 -22.76 -50.14 86.62
C THR X 123 -23.16 -51.56 86.23
N SER X 124 -23.56 -51.71 84.97
CA SER X 124 -23.95 -53.01 84.46
C SER X 124 -22.74 -53.88 84.25
N TYR X 125 -22.91 -55.19 84.48
CA TYR X 125 -21.84 -56.14 84.19
C TYR X 125 -21.60 -56.25 82.70
N LYS X 126 -22.63 -56.02 81.88
CA LYS X 126 -22.45 -56.01 80.44
C LYS X 126 -21.83 -54.71 79.96
N LYS X 127 -21.92 -53.63 80.75
CA LYS X 127 -21.30 -52.38 80.36
C LYS X 127 -19.79 -52.44 80.49
N ILE X 128 -19.28 -53.13 81.52
CA ILE X 128 -17.84 -53.34 81.63
C ILE X 128 -17.38 -54.32 80.57
N HIS X 129 -18.27 -55.20 80.11
CA HIS X 129 -17.95 -56.10 79.00
C HIS X 129 -17.72 -55.34 77.71
N ASN X 130 -18.48 -54.25 77.49
CA ASN X 130 -18.34 -53.49 76.26
C ASN X 130 -17.03 -52.72 76.23
N ILE X 131 -16.60 -52.18 77.37
CA ILE X 131 -15.39 -51.38 77.41
C ILE X 131 -14.16 -52.28 77.35
N TYR X 132 -14.19 -53.41 78.05
CA TYR X 132 -13.08 -54.36 77.99
C TYR X 132 -12.95 -54.99 76.60
N ASN X 133 -14.07 -55.18 75.91
CA ASN X 133 -14.00 -55.64 74.52
C ASN X 133 -13.39 -54.57 73.64
N GLN X 134 -13.69 -53.30 73.91
CA GLN X 134 -13.15 -52.21 73.10
C GLN X 134 -11.66 -52.02 73.36
N LEU X 135 -11.24 -52.11 74.62
CA LEU X 135 -9.84 -51.84 74.94
C LEU X 135 -8.93 -52.98 74.49
N LEU X 136 -9.41 -54.22 74.58
CA LEU X 136 -8.58 -55.35 74.17
C LEU X 136 -8.45 -55.40 72.66
N LYS X 137 -9.45 -54.93 71.92
CA LYS X 137 -9.31 -54.79 70.48
C LYS X 137 -8.27 -53.74 70.11
N LEU X 138 -8.32 -52.58 70.79
CA LEU X 138 -7.42 -51.49 70.44
C LEU X 138 -5.99 -51.78 70.86
N HIS X 139 -5.80 -52.49 71.98
CA HIS X 139 -4.47 -52.85 72.47
C HIS X 139 -4.41 -54.35 72.70
N PRO X 140 -4.22 -55.15 71.65
CA PRO X 140 -4.09 -56.60 71.85
C PRO X 140 -2.75 -57.00 72.41
N THR X 141 -1.74 -56.15 72.33
CA THR X 141 -0.39 -56.48 72.79
C THR X 141 -0.03 -55.70 74.05
N ASN X 142 -0.99 -55.53 74.94
CA ASN X 142 -0.77 -54.87 76.23
C ASN X 142 -1.13 -55.98 77.23
N VAL X 143 -0.11 -56.49 77.92
CA VAL X 143 -0.33 -57.57 78.88
C VAL X 143 -1.04 -57.07 80.13
N ASP X 144 -0.94 -55.79 80.44
CA ASP X 144 -1.48 -55.30 81.71
C ASP X 144 -3.00 -55.17 81.66
N ILE X 145 -3.57 -54.95 80.47
CA ILE X 145 -5.02 -54.90 80.37
C ILE X 145 -5.60 -56.28 80.15
N TRP X 146 -4.79 -57.24 79.71
CA TRP X 146 -5.26 -58.61 79.57
C TRP X 146 -5.42 -59.25 80.95
N ILE X 147 -4.57 -58.87 81.90
CA ILE X 147 -4.66 -59.43 83.23
C ILE X 147 -5.57 -58.61 84.14
N SER X 148 -5.74 -57.31 83.87
CA SER X 148 -6.65 -56.51 84.69
C SER X 148 -8.10 -56.86 84.40
N CYS X 149 -8.41 -57.17 83.14
CA CYS X 149 -9.72 -57.73 82.81
C CYS X 149 -9.88 -59.13 83.41
N ALA X 150 -8.79 -59.90 83.43
CA ALA X 150 -8.83 -61.23 84.04
C ALA X 150 -8.94 -61.15 85.55
N LYS X 151 -8.34 -60.12 86.16
CA LYS X 151 -8.44 -59.96 87.60
C LYS X 151 -9.84 -59.54 88.02
N TYR X 152 -10.45 -58.60 87.28
CA TYR X 152 -11.78 -58.10 87.62
C TYR X 152 -12.84 -59.17 87.40
N GLU X 153 -12.67 -60.03 86.40
CA GLU X 153 -13.65 -61.06 86.14
C GLU X 153 -13.52 -62.25 87.08
N TYR X 154 -12.41 -62.34 87.82
CA TYR X 154 -12.16 -63.42 88.77
C TYR X 154 -12.25 -62.98 90.22
N GLU X 155 -11.59 -61.88 90.58
CA GLU X 155 -11.54 -61.48 91.98
C GLU X 155 -12.87 -60.89 92.43
N VAL X 156 -13.69 -60.40 91.50
CA VAL X 156 -14.98 -59.82 91.85
C VAL X 156 -16.12 -60.79 91.56
N HIS X 157 -16.14 -61.41 90.38
CA HIS X 157 -17.28 -62.21 89.96
C HIS X 157 -17.02 -63.71 89.93
N ALA X 158 -15.75 -64.13 89.77
CA ALA X 158 -15.32 -65.53 89.74
C ALA X 158 -16.05 -66.33 88.66
N ASN X 159 -16.19 -65.74 87.47
CA ASN X 159 -16.75 -66.46 86.32
C ASN X 159 -15.62 -67.26 85.69
N PHE X 160 -15.60 -68.55 86.01
CA PHE X 160 -14.43 -69.38 85.75
C PHE X 160 -14.27 -69.68 84.27
N LYS X 161 -15.39 -69.86 83.59
CA LYS X 161 -15.38 -70.17 82.17
C LYS X 161 -14.89 -68.98 81.36
N SER X 162 -15.38 -67.77 81.69
CA SER X 162 -14.99 -66.57 80.95
C SER X 162 -13.59 -66.11 81.31
N CYS X 163 -13.13 -66.38 82.54
CA CYS X 163 -11.77 -66.00 82.92
C CYS X 163 -10.74 -66.86 82.21
N ARG X 164 -11.08 -68.11 81.91
CA ARG X 164 -10.23 -68.93 81.07
C ARG X 164 -10.16 -68.38 79.65
N ASN X 165 -11.30 -67.96 79.11
CA ASN X 165 -11.33 -67.50 77.72
C ASN X 165 -10.63 -66.15 77.56
N ILE X 166 -10.55 -65.37 78.64
CA ILE X 166 -9.69 -64.19 78.63
C ILE X 166 -8.22 -64.61 78.51
N PHE X 167 -7.83 -65.62 79.28
CA PHE X 167 -6.43 -66.04 79.29
C PHE X 167 -6.07 -66.80 78.03
N GLN X 168 -7.01 -67.57 77.47
CA GLN X 168 -6.73 -68.29 76.22
C GLN X 168 -6.59 -67.33 75.05
N ASN X 169 -7.44 -66.30 75.00
CA ASN X 169 -7.34 -65.32 73.93
C ASN X 169 -6.13 -64.41 74.14
N GLY X 170 -5.81 -64.10 75.39
CA GLY X 170 -4.64 -63.28 75.66
C GLY X 170 -3.34 -63.97 75.32
N LEU X 171 -3.22 -65.26 75.67
CA LEU X 171 -2.01 -66.00 75.34
C LEU X 171 -1.91 -66.32 73.87
N ARG X 172 -3.05 -66.33 73.15
CA ARG X 172 -3.00 -66.46 71.70
C ARG X 172 -2.41 -65.21 71.06
N PHE X 173 -2.81 -64.03 71.54
CA PHE X 173 -2.26 -62.78 71.00
C PHE X 173 -0.80 -62.60 71.38
N ASN X 174 -0.48 -62.73 72.67
CA ASN X 174 0.86 -62.43 73.18
C ASN X 174 1.39 -63.62 73.98
N PRO X 175 1.94 -64.64 73.30
CA PRO X 175 2.70 -65.65 74.03
C PRO X 175 4.17 -65.29 74.19
N ASP X 176 4.62 -64.20 73.59
CA ASP X 176 6.02 -63.81 73.65
C ASP X 176 6.38 -63.22 75.01
N VAL X 177 5.48 -62.47 75.61
CA VAL X 177 5.76 -61.87 76.93
C VAL X 177 5.75 -62.97 77.99
N PRO X 178 6.59 -62.90 79.01
CA PRO X 178 6.56 -63.94 80.05
C PRO X 178 5.55 -63.68 81.15
N LYS X 179 5.02 -62.46 81.26
CA LYS X 179 4.14 -62.14 82.37
C LYS X 179 2.75 -62.73 82.19
N LEU X 180 2.29 -62.90 80.95
CA LEU X 180 0.98 -63.50 80.72
C LEU X 180 1.00 -65.00 81.01
N TRP X 181 2.14 -65.64 80.75
CA TRP X 181 2.34 -67.00 81.22
C TRP X 181 2.36 -67.03 82.75
N TYR X 182 2.99 -66.02 83.35
CA TYR X 182 3.14 -65.95 84.80
C TYR X 182 1.79 -65.75 85.48
N GLU X 183 0.92 -64.95 84.88
CA GLU X 183 -0.39 -64.70 85.48
C GLU X 183 -1.39 -65.82 85.18
N TYR X 184 -1.16 -66.59 84.12
CA TYR X 184 -2.04 -67.72 83.85
C TYR X 184 -1.79 -68.85 84.82
N VAL X 185 -0.53 -69.17 85.08
CA VAL X 185 -0.23 -70.22 86.06
C VAL X 185 -0.51 -69.73 87.47
N LYS X 186 -0.52 -68.41 87.69
CA LYS X 186 -1.00 -67.88 88.95
C LYS X 186 -2.50 -68.09 89.08
N PHE X 187 -3.23 -67.94 87.98
CA PHE X 187 -4.67 -68.18 88.01
C PHE X 187 -4.98 -69.67 88.07
N GLU X 188 -4.23 -70.48 87.32
CA GLU X 188 -4.54 -71.90 87.21
C GLU X 188 -4.27 -72.63 88.52
N LEU X 189 -3.14 -72.34 89.16
CA LEU X 189 -2.80 -73.01 90.41
C LEU X 189 -3.72 -72.55 91.54
N ASN X 190 -3.95 -71.24 91.65
CA ASN X 190 -4.70 -70.73 92.80
C ASN X 190 -6.19 -71.02 92.69
N PHE X 191 -6.69 -71.28 91.48
CA PHE X 191 -8.06 -71.77 91.35
C PHE X 191 -8.18 -73.18 91.91
N ILE X 192 -7.12 -73.98 91.75
CA ILE X 192 -7.11 -75.33 92.29
C ILE X 192 -7.00 -75.30 93.82
N THR X 193 -6.18 -74.39 94.35
CA THR X 193 -5.97 -74.33 95.80
C THR X 193 -7.21 -73.84 96.53
N LYS X 194 -7.99 -72.94 95.92
CA LYS X 194 -9.24 -72.57 96.55
C LYS X 194 -10.29 -73.66 96.37
N LEU X 195 -10.17 -74.46 95.31
CA LEU X 195 -11.12 -75.55 95.07
C LEU X 195 -10.93 -76.66 96.09
N ILE X 196 -9.67 -76.97 96.43
CA ILE X 196 -9.41 -77.92 97.49
C ILE X 196 -9.64 -77.29 98.86
N ASN X 197 -9.68 -75.95 98.93
CA ASN X 197 -10.13 -75.29 100.15
C ASN X 197 -11.64 -75.33 100.28
N ARG X 198 -12.35 -75.19 99.16
CA ARG X 198 -13.81 -75.31 99.18
C ARG X 198 -14.25 -76.75 99.45
N ARG X 199 -13.47 -77.72 98.95
CA ARG X 199 -13.71 -79.11 99.28
C ARG X 199 -13.42 -79.38 100.75
N LYS X 200 -12.44 -78.69 101.32
CA LYS X 200 -12.20 -78.78 102.75
C LYS X 200 -13.31 -78.11 103.55
N VAL X 201 -13.88 -77.02 103.03
CA VAL X 201 -14.94 -76.31 103.73
C VAL X 201 -16.20 -77.18 103.83
N MET X 202 -16.61 -77.77 102.72
CA MET X 202 -17.77 -78.66 102.73
C MET X 202 -17.42 -80.07 103.17
N GLY X 203 -16.13 -80.38 103.33
CA GLY X 203 -15.73 -81.53 104.10
C GLY X 203 -15.69 -81.27 105.59
N LEU X 204 -15.71 -80.00 105.99
CA LEU X 204 -15.76 -79.66 107.41
C LEU X 204 -17.19 -79.49 107.89
N ILE X 205 -18.10 -79.15 106.98
CA ILE X 205 -19.46 -78.79 107.38
C ILE X 205 -20.41 -80.00 107.36
N ASN X 206 -20.02 -81.10 106.74
CA ASN X 206 -20.88 -82.27 106.70
C ASN X 206 -20.57 -83.23 107.85
N ALA X 263 -4.70 -87.61 92.86
CA ALA X 263 -3.89 -86.41 93.03
C ALA X 263 -3.74 -85.66 91.71
N LEU X 264 -4.86 -85.17 91.19
CA LEU X 264 -4.91 -84.43 89.94
C LEU X 264 -4.96 -82.93 90.17
N ARG X 265 -4.27 -82.44 91.20
CA ARG X 265 -4.31 -81.04 91.58
C ARG X 265 -3.06 -80.28 91.19
N GLY X 266 -2.08 -80.93 90.58
CA GLY X 266 -0.87 -80.25 90.17
C GLY X 266 -0.47 -80.54 88.74
N ASP X 267 -1.14 -81.51 88.12
CA ASP X 267 -0.82 -81.90 86.75
C ASP X 267 -1.25 -80.83 85.76
N ILE X 268 -2.38 -80.18 86.02
CA ILE X 268 -2.87 -79.12 85.14
C ILE X 268 -1.96 -77.91 85.19
N ALA X 269 -1.45 -77.59 86.39
CA ALA X 269 -0.46 -76.54 86.50
C ALA X 269 0.85 -76.96 85.85
N LEU X 270 1.17 -78.26 85.90
CA LEU X 270 2.43 -78.73 85.32
C LEU X 270 2.38 -78.75 83.80
N THR X 271 1.24 -79.13 83.20
CA THR X 271 1.20 -79.20 81.74
C THR X 271 1.13 -77.81 81.12
N ILE X 272 0.56 -76.83 81.82
CA ILE X 272 0.67 -75.44 81.37
C ILE X 272 2.09 -74.94 81.59
N PHE X 273 2.73 -75.42 82.67
CA PHE X 273 4.15 -75.13 82.88
C PHE X 273 5.01 -75.75 81.78
N ASP X 274 4.58 -76.89 81.23
CA ASP X 274 5.36 -77.52 80.17
C ASP X 274 5.20 -76.79 78.85
N VAL X 275 4.06 -76.11 78.64
CA VAL X 275 3.87 -75.30 77.44
C VAL X 275 4.72 -74.03 77.52
N CYS X 276 5.12 -73.64 78.74
CA CYS X 276 5.72 -72.33 78.98
C CYS X 276 7.09 -72.18 78.31
N MET X 277 8.01 -73.13 78.52
CA MET X 277 9.32 -72.97 77.88
C MET X 277 9.25 -73.31 76.40
N LYS X 278 8.29 -74.16 76.02
CA LYS X 278 8.24 -74.64 74.66
C LYS X 278 7.73 -73.56 73.72
N THR X 279 6.88 -72.67 74.22
CA THR X 279 6.44 -71.52 73.42
C THR X 279 7.43 -70.36 73.54
N LEU X 280 7.94 -70.10 74.75
CA LEU X 280 8.87 -68.99 74.95
C LEU X 280 10.22 -69.28 74.32
N GLY X 281 10.69 -70.53 74.41
CA GLY X 281 11.94 -70.90 73.78
C GLY X 281 11.85 -70.87 72.27
N LYS X 282 10.68 -71.22 71.73
CA LYS X 282 10.44 -71.05 70.30
C LYS X 282 10.46 -69.58 69.90
N HIS X 283 9.84 -68.73 70.72
CA HIS X 283 9.76 -67.31 70.39
C HIS X 283 11.09 -66.61 70.53
N TYR X 284 11.91 -67.02 71.50
CA TYR X 284 13.23 -66.42 71.65
C TYR X 284 14.18 -66.90 70.57
N ILE X 285 14.01 -68.14 70.10
CA ILE X 285 14.76 -68.62 68.96
C ILE X 285 14.32 -67.89 67.69
N ASN X 286 13.03 -67.59 67.58
CA ASN X 286 12.54 -66.79 66.45
C ASN X 286 13.09 -65.37 66.51
N LYS X 287 13.32 -64.84 67.70
CA LYS X 287 14.04 -63.59 67.81
C LYS X 287 15.52 -63.80 67.55
N HIS X 288 16.20 -62.70 67.16
CA HIS X 288 17.65 -62.60 66.99
C HIS X 288 18.17 -63.62 65.97
N LYS X 289 17.73 -63.43 64.73
CA LYS X 289 18.18 -64.26 63.64
C LYS X 289 19.23 -63.55 62.80
N SER X 295 24.03 -66.91 58.38
CA SER X 295 24.00 -67.55 59.68
C SER X 295 24.90 -68.78 59.70
N ASP X 296 25.32 -69.18 60.90
CA ASP X 296 26.21 -70.33 61.05
C ASP X 296 25.86 -71.02 62.38
N SER X 297 26.69 -72.00 62.76
CA SER X 297 26.40 -72.81 63.94
C SER X 297 26.67 -72.07 65.24
N LYS X 298 27.57 -71.07 65.23
CA LYS X 298 27.90 -70.38 66.47
C LYS X 298 26.81 -69.42 66.89
N MET X 299 25.98 -68.95 65.95
CA MET X 299 24.89 -68.05 66.29
C MET X 299 23.81 -68.77 67.11
N ASN X 300 23.53 -70.03 66.78
CA ASN X 300 22.57 -70.79 67.56
C ASN X 300 23.16 -71.37 68.85
N ILE X 301 24.49 -71.45 68.95
CA ILE X 301 25.11 -71.94 70.17
C ILE X 301 24.92 -70.92 71.30
N GLU X 302 25.20 -69.65 71.02
CA GLU X 302 24.99 -68.62 72.02
C GLU X 302 23.51 -68.32 72.24
N LEU X 303 22.70 -68.52 71.20
CA LEU X 303 21.26 -68.34 71.35
C LEU X 303 20.65 -69.42 72.23
N ASN X 304 21.13 -70.66 72.10
CA ASN X 304 20.61 -71.75 72.93
C ASN X 304 21.04 -71.58 74.39
N LYS X 305 22.26 -71.09 74.61
CA LYS X 305 22.70 -70.81 75.97
C LYS X 305 21.98 -69.61 76.55
N GLU X 306 21.69 -68.60 75.71
CA GLU X 306 20.87 -67.46 76.16
C GLU X 306 19.43 -67.90 76.44
N THR X 307 18.93 -68.85 75.65
CA THR X 307 17.61 -69.42 75.93
C THR X 307 17.59 -70.17 77.25
N LEU X 308 18.68 -70.88 77.57
CA LEU X 308 18.77 -71.62 78.82
C LEU X 308 18.74 -70.68 80.02
N ASN X 309 19.39 -69.51 79.89
CA ASN X 309 19.28 -68.51 80.94
C ASN X 309 17.92 -67.83 80.90
N TYR X 310 17.31 -67.73 79.71
CA TYR X 310 15.98 -67.12 79.59
C TYR X 310 14.91 -67.99 80.21
N LEU X 311 15.06 -69.30 80.11
CA LEU X 311 14.02 -70.21 80.57
C LEU X 311 14.18 -70.55 82.05
N PHE X 312 15.39 -70.87 82.48
CA PHE X 312 15.60 -71.35 83.85
C PHE X 312 15.56 -70.23 84.88
N SER X 313 15.76 -68.98 84.48
CA SER X 313 15.52 -67.87 85.40
C SER X 313 14.03 -67.72 85.68
N GLU X 314 13.21 -67.88 84.64
CA GLU X 314 11.77 -67.88 84.85
C GLU X 314 11.29 -69.19 85.47
N SER X 315 11.96 -70.30 85.16
CA SER X 315 11.65 -71.56 85.83
C SER X 315 12.04 -71.51 87.30
N LEU X 316 13.06 -70.72 87.64
CA LEU X 316 13.33 -70.42 89.04
C LEU X 316 12.20 -69.62 89.65
N ARG X 317 11.65 -68.66 88.89
CA ARG X 317 10.50 -67.90 89.36
C ARG X 317 9.25 -68.74 89.45
N TYR X 318 9.10 -69.72 88.55
CA TYR X 318 7.98 -70.66 88.64
C TYR X 318 8.13 -71.57 89.84
N ILE X 319 9.36 -71.90 90.20
CA ILE X 319 9.63 -72.63 91.45
C ILE X 319 9.22 -71.77 92.64
N LYS X 320 9.52 -70.47 92.58
CA LYS X 320 9.12 -69.55 93.64
C LYS X 320 7.60 -69.38 93.71
N LEU X 321 6.89 -69.57 92.60
CA LEU X 321 5.43 -69.63 92.66
C LEU X 321 4.95 -70.87 93.39
N PHE X 322 5.62 -72.01 93.18
CA PHE X 322 5.31 -73.20 93.96
C PHE X 322 5.68 -73.01 95.42
N ASP X 323 6.73 -72.23 95.69
CA ASP X 323 7.08 -71.84 97.04
C ASP X 323 6.16 -70.76 97.60
N GLU X 324 5.47 -70.01 96.73
CA GLU X 324 4.64 -68.90 97.21
C GLU X 324 3.37 -69.38 97.89
N PHE X 325 2.78 -70.47 97.42
CA PHE X 325 1.62 -71.03 98.09
C PHE X 325 2.08 -71.75 99.35
N UNK X 326 3.32 -72.26 99.29
CA UNK X 326 4.03 -72.90 100.41
C UNK X 326 3.30 -74.09 101.05
N UNK X 327 2.22 -73.80 101.78
CA UNK X 327 1.45 -74.83 102.48
C UNK X 327 0.73 -75.77 101.54
N UNK X 328 1.46 -76.76 101.01
CA UNK X 328 0.89 -77.77 100.13
C UNK X 328 1.75 -79.03 100.10
N UNK X 329 1.10 -80.17 99.91
CA UNK X 329 1.81 -81.43 99.66
C UNK X 329 2.01 -81.56 98.16
N UNK X 330 1.28 -80.73 97.41
CA UNK X 330 1.41 -80.66 95.97
C UNK X 330 2.55 -79.72 95.60
N UNK X 331 3.04 -78.97 96.58
CA UNK X 331 4.14 -78.04 96.38
C UNK X 331 5.44 -78.80 96.13
N UNK X 332 5.55 -79.98 96.73
CA UNK X 332 6.71 -80.84 96.53
C UNK X 332 6.42 -81.84 95.41
N UNK X 333 5.15 -82.00 95.08
CA UNK X 333 4.74 -82.94 94.04
C UNK X 333 4.85 -82.28 92.66
N UNK X 334 4.93 -80.96 92.65
CA UNK X 334 5.04 -80.22 91.40
C UNK X 334 6.48 -79.78 91.16
N UNK X 335 7.16 -79.36 92.23
CA UNK X 335 8.52 -78.86 92.12
C UNK X 335 9.51 -79.97 91.77
N UNK X 336 9.20 -81.19 92.21
CA UNK X 336 10.02 -82.35 91.89
C UNK X 336 9.67 -82.87 90.50
N UNK X 337 8.53 -82.42 89.98
CA UNK X 337 8.13 -82.76 88.62
C UNK X 337 8.44 -81.59 87.69
N UNK X 338 9.10 -80.57 88.23
CA UNK X 338 9.51 -79.41 87.45
C UNK X 338 11.02 -79.34 87.34
N UNK X 339 11.70 -79.46 88.49
CA UNK X 339 13.16 -79.36 88.54
C UNK X 339 13.82 -80.57 87.89
N UNK X 340 13.16 -81.71 87.96
CA UNK X 340 13.65 -82.92 87.31
C UNK X 340 13.31 -82.87 85.82
N UNK X 341 12.28 -82.10 85.49
CA UNK X 341 11.88 -81.91 84.10
C UNK X 341 12.45 -80.62 83.55
N UNK X 342 13.28 -79.95 84.36
CA UNK X 342 13.92 -78.71 83.95
C UNK X 342 15.02 -78.98 82.95
N UNK X 343 16.06 -79.67 83.40
CA UNK X 343 17.15 -80.06 82.52
C UNK X 343 17.04 -81.54 82.17
N UNK X 344 15.84 -81.95 81.78
CA UNK X 344 15.58 -83.34 81.44
C UNK X 344 15.95 -83.62 79.99
N UNK X 345 16.19 -82.57 79.23
CA UNK X 345 16.51 -82.71 77.81
C UNK X 345 17.59 -81.74 77.37
N UNK X 346 18.32 -82.13 76.33
CA UNK X 346 19.35 -81.30 75.75
C UNK X 346 18.82 -80.62 74.49
N UNK X 347 17.64 -80.01 74.61
CA UNK X 347 16.93 -79.43 73.47
C UNK X 347 17.62 -78.19 72.95
N UNK X 348 18.21 -77.41 73.85
CA UNK X 348 18.95 -76.21 73.46
C UNK X 348 20.27 -76.61 72.81
N UNK X 349 21.30 -76.75 73.62
CA UNK X 349 22.61 -77.21 73.16
C UNK X 349 23.31 -77.95 74.28
N UNK X 350 23.27 -79.28 74.20
CA UNK X 350 23.79 -80.21 75.21
C UNK X 350 23.17 -79.96 76.59
N UNK X 351 23.91 -80.35 77.63
CA UNK X 351 23.46 -80.14 79.00
C UNK X 351 24.66 -79.86 79.89
N UNK X 352 25.55 -79.01 79.42
CA UNK X 352 26.75 -78.65 80.16
C UNK X 352 26.40 -77.82 81.38
N UNK X 353 26.26 -78.51 82.51
CA UNK X 353 25.85 -77.86 83.76
C UNK X 353 26.97 -77.02 84.37
N UNK X 354 27.27 -75.90 83.74
CA UNK X 354 28.33 -75.01 84.24
C UNK X 354 27.80 -74.19 85.40
N UNK X 355 26.79 -73.38 85.12
CA UNK X 355 26.16 -72.56 86.15
C UNK X 355 24.83 -73.18 86.56
N UNK X 356 24.66 -74.46 86.25
CA UNK X 356 23.45 -75.18 86.63
C UNK X 356 23.71 -75.97 87.91
N UNK X 357 24.76 -75.59 88.63
CA UNK X 357 25.05 -76.18 89.93
C UNK X 357 24.02 -75.69 90.93
N UNK X 358 23.56 -74.45 90.73
CA UNK X 358 22.47 -73.90 91.53
C UNK X 358 21.17 -74.58 91.15
N UNK X 359 21.07 -74.99 89.89
CA UNK X 359 19.93 -75.78 89.43
C UNK X 359 20.04 -77.20 89.99
N UNK X 360 21.28 -77.63 90.23
CA UNK X 360 21.53 -78.90 90.89
C UNK X 360 21.35 -78.74 92.39
N UNK X 361 21.46 -77.50 92.86
CA UNK X 361 21.27 -77.20 94.29
C UNK X 361 19.79 -77.07 94.62
N UNK X 362 18.96 -76.99 93.58
CA UNK X 362 17.52 -77.00 93.74
C UNK X 362 17.05 -78.39 94.11
N UNK X 363 17.78 -79.39 93.62
CA UNK X 363 17.48 -80.80 93.92
C UNK X 363 17.92 -81.15 95.34
N UNK X 364 18.94 -80.45 95.83
CA UNK X 364 19.44 -80.68 97.19
C UNK X 364 18.44 -80.17 98.22
N UNK X 365 17.86 -79.00 97.96
CA UNK X 365 16.87 -78.43 98.85
C UNK X 365 15.47 -78.55 98.24
N UNK X 366 15.18 -79.73 97.69
CA UNK X 366 13.86 -80.01 97.12
C UNK X 366 12.92 -80.53 98.20
N UNK X 367 13.50 -80.89 99.34
CA UNK X 367 12.74 -81.37 100.48
C UNK X 367 13.40 -80.91 101.79
N UNK X 368 14.29 -79.93 101.66
CA UNK X 368 14.98 -79.38 102.82
C UNK X 368 14.37 -78.06 103.24
N UNK X 369 12.31 -84.39 112.88
CA UNK X 369 13.66 -84.65 112.39
C UNK X 369 13.63 -85.66 111.26
N UNK X 370 14.54 -86.63 111.32
CA UNK X 370 14.67 -87.74 110.36
C UNK X 370 14.86 -87.31 108.90
N UNK X 371 13.79 -86.78 108.30
CA UNK X 371 13.81 -86.37 106.89
C UNK X 371 14.71 -85.16 106.62
N UNK X 372 15.01 -84.40 107.67
CA UNK X 372 15.92 -83.26 107.54
C UNK X 372 17.38 -83.70 107.44
N UNK X 373 17.64 -84.95 107.83
CA UNK X 373 18.98 -85.52 107.75
C UNK X 373 18.95 -86.87 107.04
N UNK X 374 17.89 -87.13 106.29
CA UNK X 374 17.76 -88.40 105.57
C UNK X 374 18.48 -88.32 104.22
N UNK X 375 17.70 -88.33 103.14
CA UNK X 375 18.26 -88.32 101.79
C UNK X 375 18.82 -86.94 101.43
N UNK X 376 18.35 -85.90 102.12
CA UNK X 376 18.83 -84.55 101.89
C UNK X 376 20.27 -84.41 102.40
N UNK X 377 20.58 -85.15 103.45
CA UNK X 377 21.94 -85.18 103.98
C UNK X 377 22.80 -86.10 103.12
N UNK X 378 22.14 -87.07 102.48
CA UNK X 378 22.81 -88.02 101.62
C UNK X 378 23.19 -87.36 100.29
N UNK X 379 22.26 -86.58 99.73
CA UNK X 379 22.46 -85.94 98.43
C UNK X 379 23.44 -84.78 98.48
N UNK X 380 23.81 -84.35 99.69
CA UNK X 380 24.85 -83.34 99.87
C UNK X 380 26.20 -84.00 100.13
N UNK X 381 26.29 -85.28 99.77
CA UNK X 381 27.53 -86.05 99.96
C UNK X 381 27.64 -87.17 98.93
N UNK X 382 26.56 -87.92 98.75
CA UNK X 382 26.56 -89.03 97.79
C UNK X 382 26.28 -88.53 96.38
N UNK X 383 25.54 -87.44 96.27
CA UNK X 383 25.23 -86.84 94.97
C UNK X 383 26.10 -85.62 94.74
N UNK X 384 26.84 -85.22 95.77
CA UNK X 384 27.74 -84.07 95.67
C UNK X 384 29.12 -84.50 95.19
N UNK X 385 29.31 -85.81 95.05
CA UNK X 385 30.58 -86.35 94.60
C UNK X 385 30.46 -86.81 93.15
N UNK X 386 29.44 -86.31 92.46
CA UNK X 386 29.24 -86.65 91.05
C UNK X 386 29.99 -85.66 90.16
N UNK X 387 30.42 -84.55 90.74
CA UNK X 387 31.17 -83.53 90.02
C UNK X 387 32.55 -83.33 90.64
N UNK X 388 32.81 -82.13 91.15
CA UNK X 388 34.08 -81.82 91.79
C UNK X 388 33.85 -81.05 93.07
N UNK X 389 34.91 -80.41 93.57
CA UNK X 389 34.84 -79.66 94.82
C UNK X 389 34.66 -78.17 94.57
N UNK X 390 33.82 -77.84 93.59
CA UNK X 390 33.52 -76.45 93.28
C UNK X 390 32.02 -76.20 93.41
N UNK X 391 31.35 -77.06 94.17
CA UNK X 391 29.90 -76.96 94.33
C UNK X 391 29.45 -77.50 95.68
N UNK X 392 30.35 -78.15 96.40
CA UNK X 392 30.03 -78.73 97.69
C UNK X 392 30.00 -77.67 98.78
N UNK X 393 30.57 -76.51 98.50
CA UNK X 393 30.59 -75.40 99.44
C UNK X 393 29.25 -74.69 99.49
N UNK X 394 28.67 -74.43 98.32
CA UNK X 394 27.41 -73.71 98.21
C UNK X 394 26.23 -74.57 98.67
N UNK X 395 26.42 -75.89 98.63
CA UNK X 395 25.40 -76.81 99.14
C UNK X 395 25.54 -76.93 100.65
N UNK X 396 26.67 -76.49 101.17
CA UNK X 396 26.93 -76.53 102.60
C UNK X 396 26.58 -75.20 103.26
N UNK X 397 27.05 -74.09 102.67
CA UNK X 397 26.90 -72.77 103.26
C UNK X 397 25.45 -72.28 103.32
N UNK X 398 24.64 -72.70 102.35
CA UNK X 398 23.23 -72.38 102.36
C UNK X 398 22.53 -73.26 103.39
N UNK X 399 23.02 -74.49 103.52
CA UNK X 399 22.48 -75.43 104.51
C UNK X 399 22.97 -75.07 105.91
N UNK X 400 24.14 -74.46 105.98
CA UNK X 400 24.67 -73.96 107.25
C UNK X 400 23.89 -72.72 107.66
N UNK X 401 23.41 -71.97 106.67
CA UNK X 401 22.57 -70.81 106.91
C UNK X 401 21.19 -71.28 107.37
N UNK X 402 20.78 -72.45 106.89
CA UNK X 402 19.57 -73.08 107.36
C UNK X 402 19.82 -73.65 108.76
N UNK X 403 21.07 -74.02 109.01
CA UNK X 403 21.50 -74.47 110.33
C UNK X 403 21.72 -73.26 111.23
N UNK X 404 21.95 -72.10 110.61
CA UNK X 404 22.00 -70.84 111.35
C UNK X 404 20.59 -70.32 111.56
N UNK X 405 19.64 -70.91 110.83
CA UNK X 405 18.22 -70.62 111.01
C UNK X 405 17.61 -71.62 112.00
N UNK X 406 18.21 -71.72 113.18
CA UNK X 406 17.76 -72.64 114.20
C UNK X 406 16.77 -71.96 115.14
N UNK X 407 14.77 -85.60 122.46
CA UNK X 407 15.18 -84.50 123.33
C UNK X 407 14.70 -83.16 122.77
N UNK X 408 15.62 -82.20 122.64
CA UNK X 408 15.27 -80.88 122.13
C UNK X 408 16.46 -80.23 121.43
N UNK X 409 17.14 -79.34 122.14
CA UNK X 409 18.25 -78.58 121.57
C UNK X 409 19.59 -79.27 121.78
N UNK X 410 19.56 -80.45 122.39
CA UNK X 410 20.78 -81.20 122.65
C UNK X 410 21.23 -81.95 121.40
N UNK X 411 20.29 -82.17 120.49
CA UNK X 411 20.58 -82.89 119.24
C UNK X 411 20.86 -81.91 118.11
N UNK X 412 20.93 -80.62 118.44
CA UNK X 412 21.25 -79.59 117.46
C UNK X 412 22.72 -79.69 117.05
N UNK X 413 23.58 -79.82 118.05
CA UNK X 413 25.02 -80.00 117.81
C UNK X 413 25.45 -81.38 118.29
N UNK X 414 24.85 -82.42 117.70
CA UNK X 414 25.16 -83.79 118.07
C UNK X 414 24.91 -84.71 116.87
N UNK X 415 24.48 -84.13 115.76
CA UNK X 415 24.22 -84.88 114.54
C UNK X 415 24.52 -84.03 113.31
N UNK X 416 24.69 -82.73 113.54
CA UNK X 416 25.00 -81.80 112.46
C UNK X 416 26.30 -81.07 112.74
N UNK X 417 26.77 -81.18 113.98
CA UNK X 417 28.04 -80.57 114.38
C UNK X 417 28.96 -81.62 115.00
N UNK X 418 28.57 -82.88 114.88
CA UNK X 418 29.36 -83.99 115.40
C UNK X 418 29.67 -84.99 114.29
N UNK X 419 29.47 -84.55 113.04
CA UNK X 419 29.75 -85.38 111.88
C UNK X 419 30.19 -84.51 110.70
N UNK X 420 29.76 -83.26 110.69
CA UNK X 420 30.10 -82.33 109.63
C UNK X 420 30.10 -80.89 110.14
N TYR Y 1 -8.81 62.95 -60.33
CA TYR Y 1 -10.16 63.23 -59.89
C TYR Y 1 -10.70 64.51 -60.51
N GLN Y 2 -11.81 65.00 -59.98
CA GLN Y 2 -12.42 66.23 -60.48
C GLN Y 2 -13.02 67.00 -59.33
N ARG Y 3 -13.21 68.30 -59.55
CA ARG Y 3 -13.91 69.19 -58.63
C ARG Y 3 -14.98 69.92 -59.42
N PHE Y 4 -16.23 69.48 -59.31
CA PHE Y 4 -17.32 70.14 -59.99
C PHE Y 4 -18.07 71.05 -59.02
N GLU Y 5 -18.43 72.23 -59.51
CA GLU Y 5 -19.13 73.22 -58.71
C GLU Y 5 -20.33 73.71 -59.51
N GLN Y 6 -21.37 74.12 -58.79
CA GLN Y 6 -22.63 74.49 -59.43
C GLN Y 6 -22.49 75.84 -60.12
N ALA Y 7 -23.06 75.96 -61.31
CA ALA Y 7 -22.99 77.22 -62.04
C ALA Y 7 -24.03 78.21 -61.54
N ALA Y 8 -25.30 77.79 -61.51
CA ALA Y 8 -26.39 78.61 -61.01
C ALA Y 8 -27.52 77.69 -60.59
N ALA Y 9 -28.58 78.28 -60.04
CA ALA Y 9 -29.80 77.58 -59.71
C ALA Y 9 -30.96 78.26 -60.43
N PHE Y 10 -31.87 77.46 -60.98
CA PHE Y 10 -32.95 77.97 -61.80
C PHE Y 10 -34.29 77.61 -61.20
N GLY Y 11 -35.33 78.34 -61.60
CA GLY Y 11 -36.67 78.12 -61.10
C GLY Y 11 -36.81 78.45 -59.63
N VAL Y 12 -36.13 79.49 -59.16
CA VAL Y 12 -36.00 79.78 -57.74
C VAL Y 12 -36.65 81.15 -57.51
N ILE Y 13 -37.72 81.39 -58.26
CA ILE Y 13 -38.35 82.71 -58.40
C ILE Y 13 -38.87 83.25 -57.07
N ALA Y 14 -39.51 82.40 -56.26
CA ALA Y 14 -40.10 82.84 -55.00
C ALA Y 14 -39.89 81.74 -53.97
N SER Y 15 -38.97 81.98 -53.03
CA SER Y 15 -38.77 81.08 -51.91
C SER Y 15 -39.68 81.49 -50.76
N ASN Y 16 -39.44 80.92 -49.58
CA ASN Y 16 -40.32 81.12 -48.42
C ASN Y 16 -39.83 82.32 -47.62
N ALA Y 17 -40.12 83.51 -48.16
CA ALA Y 17 -39.81 84.76 -47.46
C ALA Y 17 -40.73 85.85 -47.97
N ASN Y 18 -40.82 86.93 -47.19
CA ASN Y 18 -41.63 88.07 -47.57
C ASN Y 18 -40.85 88.96 -48.54
N CYS Y 19 -41.48 89.33 -49.64
CA CYS Y 19 -40.84 90.11 -50.68
C CYS Y 19 -40.80 91.58 -50.29
N VAL Y 20 -40.08 92.38 -51.09
CA VAL Y 20 -40.05 93.83 -50.91
C VAL Y 20 -40.17 94.47 -52.30
N TRP Y 21 -40.59 95.73 -52.32
CA TRP Y 21 -40.96 96.41 -53.55
C TRP Y 21 -40.13 97.66 -53.75
N ILE Y 22 -39.76 97.94 -55.00
CA ILE Y 22 -38.91 99.05 -55.37
C ILE Y 22 -39.70 99.96 -56.29
N PRO Y 23 -39.73 101.27 -56.07
CA PRO Y 23 -40.44 102.18 -56.97
C PRO Y 23 -39.61 102.48 -58.21
N ALA Y 24 -40.21 103.27 -59.10
CA ALA Y 24 -39.55 103.70 -60.34
C ALA Y 24 -40.07 105.06 -60.78
N PRO Y 34 -45.14 100.29 -63.01
CA PRO Y 34 -43.80 99.98 -63.51
C PRO Y 34 -42.80 99.73 -62.39
N GLY Y 35 -43.25 99.13 -61.31
CA GLY Y 35 -42.41 98.92 -60.15
C GLY Y 35 -41.44 97.78 -60.34
N GLN Y 36 -40.63 97.56 -59.31
CA GLN Y 36 -39.66 96.48 -59.28
C GLN Y 36 -39.85 95.68 -57.99
N LEU Y 37 -39.43 94.42 -58.01
CA LEU Y 37 -39.72 93.49 -56.94
C LEU Y 37 -38.48 92.68 -56.59
N ILE Y 38 -38.23 92.51 -55.30
CA ILE Y 38 -37.16 91.65 -54.80
C ILE Y 38 -37.83 90.48 -54.07
N THR Y 39 -37.59 89.27 -54.55
CA THR Y 39 -38.05 88.05 -53.90
C THR Y 39 -36.85 87.26 -53.39
N SER Y 40 -37.13 86.08 -52.84
CA SER Y 40 -36.11 85.27 -52.20
C SER Y 40 -35.77 84.06 -53.05
N ALA Y 41 -34.51 83.67 -53.00
CA ALA Y 41 -34.00 82.45 -53.60
C ALA Y 41 -33.29 81.64 -52.53
N LEU Y 42 -32.76 80.48 -52.92
CA LEU Y 42 -31.97 79.66 -52.01
C LEU Y 42 -30.52 80.10 -52.10
N GLU Y 43 -30.00 80.62 -50.98
CA GLU Y 43 -28.66 81.24 -50.87
C GLU Y 43 -28.49 82.40 -51.85
N ASP Y 44 -29.59 83.09 -52.14
CA ASP Y 44 -29.62 84.22 -53.06
C ASP Y 44 -30.94 84.94 -52.88
N VAL Y 45 -31.09 86.07 -53.55
CA VAL Y 45 -32.36 86.78 -53.66
C VAL Y 45 -32.54 87.21 -55.10
N ASN Y 46 -33.78 87.17 -55.57
CA ASN Y 46 -34.11 87.46 -56.95
C ASN Y 46 -34.72 88.84 -57.08
N ILE Y 47 -34.19 89.63 -58.00
CA ILE Y 47 -34.63 91.01 -58.23
C ILE Y 47 -34.90 91.20 -59.72
N TRP Y 48 -36.04 91.78 -60.05
CA TRP Y 48 -36.42 91.98 -61.44
C TRP Y 48 -37.31 93.20 -61.59
N ASP Y 49 -37.84 93.36 -62.80
CA ASP Y 49 -38.92 94.30 -63.05
C ASP Y 49 -40.27 93.57 -62.98
N ILE Y 50 -41.30 94.29 -62.56
CA ILE Y 50 -42.66 93.75 -62.63
C ILE Y 50 -43.09 93.63 -64.09
N LYS Y 51 -42.67 94.58 -64.93
CA LYS Y 51 -43.09 94.64 -66.32
C LYS Y 51 -42.51 93.48 -67.14
N THR Y 52 -41.19 93.37 -67.19
CA THR Y 52 -40.56 92.33 -67.99
C THR Y 52 -40.64 90.97 -67.29
N GLY Y 53 -40.04 90.85 -66.11
CA GLY Y 53 -40.10 89.65 -65.31
C GLY Y 53 -38.78 88.91 -65.18
N ASP Y 54 -37.93 88.99 -66.20
CA ASP Y 54 -36.65 88.29 -66.16
C ASP Y 54 -35.70 88.96 -65.19
N LEU Y 55 -34.76 88.17 -64.68
CA LEU Y 55 -33.84 88.61 -63.64
C LEU Y 55 -32.93 89.73 -64.13
N VAL Y 56 -32.62 90.66 -63.25
CA VAL Y 56 -31.68 91.72 -63.56
C VAL Y 56 -30.33 91.53 -62.87
N SER Y 57 -30.29 90.82 -61.74
CA SER Y 57 -29.08 90.46 -61.01
C SER Y 57 -29.47 89.43 -59.96
N LYS Y 58 -28.46 88.80 -59.37
CA LYS Y 58 -28.65 87.92 -58.23
C LYS Y 58 -27.53 88.17 -57.22
N LEU Y 59 -27.90 88.17 -55.94
CA LEU Y 59 -27.00 88.60 -54.88
C LEU Y 59 -26.46 87.36 -54.16
N SER Y 60 -25.22 86.99 -54.49
CA SER Y 60 -24.53 85.91 -53.79
C SER Y 60 -23.03 86.17 -53.90
N ASP Y 61 -22.28 85.56 -52.98
CA ASP Y 61 -20.83 85.60 -53.05
C ASP Y 61 -20.35 84.51 -54.00
N GLY Y 62 -19.04 84.26 -54.02
CA GLY Y 62 -18.51 83.18 -54.82
C GLY Y 62 -18.43 81.87 -54.05
N LEU Y 63 -19.53 81.44 -53.44
CA LEU Y 63 -19.51 80.18 -52.70
C LEU Y 63 -20.37 79.15 -53.43
N PRO Y 64 -19.78 78.17 -54.10
CA PRO Y 64 -20.54 77.00 -54.51
C PRO Y 64 -20.39 75.88 -53.51
N PRO Y 65 -21.43 75.06 -53.33
CA PRO Y 65 -21.26 73.80 -52.58
C PRO Y 65 -20.32 72.87 -53.33
N GLY Y 66 -19.63 72.02 -52.57
CA GLY Y 66 -18.63 71.15 -53.13
C GLY Y 66 -17.26 71.76 -53.29
N ALA Y 67 -17.14 73.08 -53.16
CA ALA Y 67 -15.86 73.75 -53.14
C ALA Y 67 -15.39 73.87 -51.69
N SER Y 68 -14.37 74.69 -51.45
CA SER Y 68 -13.84 74.86 -50.10
C SER Y 68 -14.75 75.68 -49.20
N ASP Y 69 -15.78 76.33 -49.73
CA ASP Y 69 -16.61 77.23 -48.94
C ASP Y 69 -17.63 76.47 -48.10
N ALA Y 70 -18.54 75.77 -48.76
CA ALA Y 70 -19.61 75.08 -48.05
C ALA Y 70 -19.13 73.76 -47.46
N ARG Y 71 -19.71 73.39 -46.32
CA ARG Y 71 -19.36 72.18 -45.61
C ARG Y 71 -20.56 71.25 -45.53
N GLY Y 72 -20.43 70.20 -44.73
CA GLY Y 72 -21.44 69.15 -44.68
C GLY Y 72 -22.72 69.56 -43.97
N ALA Y 73 -23.46 70.49 -44.58
CA ALA Y 73 -24.74 70.96 -44.07
C ALA Y 73 -25.50 71.58 -45.23
N LYS Y 74 -26.83 71.53 -45.15
CA LYS Y 74 -27.66 72.17 -46.14
C LYS Y 74 -27.49 73.69 -46.04
N PRO Y 75 -27.54 74.41 -47.16
CA PRO Y 75 -27.32 75.86 -47.10
C PRO Y 75 -28.50 76.58 -46.46
N ALA Y 76 -28.22 77.76 -45.95
CA ALA Y 76 -29.23 78.55 -45.26
C ALA Y 76 -30.23 79.13 -46.26
N GLU Y 77 -31.49 78.74 -46.13
CA GLU Y 77 -32.53 79.34 -46.95
C GLU Y 77 -32.76 80.78 -46.50
N CYS Y 78 -32.91 81.67 -47.47
CA CYS Y 78 -33.26 83.06 -47.18
C CYS Y 78 -34.71 83.08 -46.73
N THR Y 79 -34.91 83.02 -45.41
CA THR Y 79 -36.25 82.92 -44.84
C THR Y 79 -36.89 84.27 -44.57
N TYR Y 80 -36.14 85.37 -44.66
CA TYR Y 80 -36.72 86.71 -44.62
C TYR Y 80 -35.78 87.69 -45.29
N LEU Y 81 -36.35 88.74 -45.87
CA LEU Y 81 -35.59 89.85 -46.41
C LEU Y 81 -36.36 91.14 -46.15
N GLU Y 82 -35.62 92.24 -46.01
CA GLU Y 82 -36.21 93.54 -45.79
C GLU Y 82 -35.25 94.60 -46.32
N ALA Y 83 -35.77 95.59 -47.04
CA ALA Y 83 -34.95 96.59 -47.70
C ALA Y 83 -35.43 98.00 -47.37
N HIS Y 84 -34.48 98.91 -47.20
CA HIS Y 84 -34.75 100.33 -47.04
C HIS Y 84 -34.26 101.05 -48.30
N LYS Y 85 -35.03 102.03 -48.75
CA LYS Y 85 -34.74 102.70 -50.01
C LYS Y 85 -33.89 103.96 -49.84
N ASP Y 86 -33.40 104.23 -48.62
CA ASP Y 86 -32.47 105.33 -48.43
C ASP Y 86 -31.03 104.86 -48.58
N THR Y 87 -30.63 103.89 -47.74
CA THR Y 87 -29.28 103.35 -47.82
C THR Y 87 -29.12 102.29 -48.90
N ASP Y 88 -30.24 101.83 -49.48
CA ASP Y 88 -30.30 100.70 -50.40
C ASP Y 88 -29.67 99.45 -49.79
N LEU Y 89 -30.04 99.18 -48.55
CA LEU Y 89 -29.54 98.05 -47.80
C LEU Y 89 -30.63 97.00 -47.67
N LEU Y 90 -30.35 95.79 -48.15
CA LEU Y 90 -31.26 94.66 -48.04
C LEU Y 90 -30.77 93.77 -46.92
N ALA Y 91 -31.48 93.78 -45.79
CA ALA Y 91 -31.16 92.90 -44.66
C ALA Y 91 -31.88 91.58 -44.88
N VAL Y 92 -31.13 90.50 -45.03
CA VAL Y 92 -31.69 89.18 -45.24
C VAL Y 92 -31.50 88.36 -43.98
N GLY Y 93 -32.54 87.63 -43.59
CA GLY Y 93 -32.47 86.68 -42.50
C GLY Y 93 -32.40 85.27 -43.07
N TYR Y 94 -31.45 84.49 -42.55
CA TYR Y 94 -31.21 83.16 -43.06
C TYR Y 94 -31.68 82.12 -42.04
N ALA Y 95 -31.60 80.85 -42.43
CA ALA Y 95 -32.22 79.77 -41.68
C ALA Y 95 -31.43 79.34 -40.46
N ASP Y 96 -30.17 79.74 -40.33
CA ASP Y 96 -29.35 79.35 -39.19
C ASP Y 96 -29.14 80.49 -38.20
N GLY Y 97 -29.93 81.56 -38.33
CA GLY Y 97 -29.81 82.68 -37.43
C GLY Y 97 -28.74 83.69 -37.78
N VAL Y 98 -28.04 83.52 -38.91
CA VAL Y 98 -27.05 84.49 -39.32
C VAL Y 98 -27.74 85.64 -40.03
N ILE Y 99 -27.20 86.85 -39.88
CA ILE Y 99 -27.82 88.06 -40.40
C ILE Y 99 -26.85 88.69 -41.38
N LYS Y 100 -27.31 88.90 -42.62
CA LYS Y 100 -26.52 89.53 -43.65
C LYS Y 100 -27.26 90.77 -44.17
N VAL Y 101 -26.48 91.79 -44.54
CA VAL Y 101 -27.00 93.02 -45.11
C VAL Y 101 -26.33 93.26 -46.46
N TRP Y 102 -27.12 93.59 -47.46
CA TRP Y 102 -26.65 93.65 -48.83
C TRP Y 102 -26.79 95.05 -49.41
N ASP Y 103 -25.69 95.59 -49.93
CA ASP Y 103 -25.76 96.79 -50.74
C ASP Y 103 -26.38 96.45 -52.09
N LEU Y 104 -27.36 97.25 -52.52
CA LEU Y 104 -28.05 96.93 -53.77
C LEU Y 104 -27.20 97.23 -54.98
N MET Y 105 -26.53 98.38 -55.00
CA MET Y 105 -25.69 98.72 -56.15
C MET Y 105 -24.39 97.93 -56.16
N SER Y 106 -23.78 97.74 -54.99
CA SER Y 106 -22.50 97.05 -54.92
C SER Y 106 -22.63 95.53 -54.91
N LYS Y 107 -23.87 95.02 -54.83
CA LYS Y 107 -24.25 93.59 -54.82
C LYS Y 107 -23.35 92.72 -53.94
N THR Y 108 -23.00 93.23 -52.76
CA THR Y 108 -22.05 92.58 -51.88
C THR Y 108 -22.53 92.68 -50.44
N VAL Y 109 -22.40 91.57 -49.70
CA VAL Y 109 -22.67 91.59 -48.26
C VAL Y 109 -21.50 92.22 -47.54
N LEU Y 110 -21.79 93.09 -46.57
CA LEU Y 110 -20.75 93.79 -45.84
C LEU Y 110 -20.65 93.41 -44.36
N LEU Y 111 -21.76 93.08 -43.70
CA LEU Y 111 -21.74 92.67 -42.31
C LEU Y 111 -22.45 91.33 -42.15
N ASN Y 112 -21.86 90.46 -41.33
CA ASN Y 112 -22.38 89.10 -41.15
C ASN Y 112 -22.40 88.80 -39.65
N PHE Y 113 -23.53 89.05 -39.01
CA PHE Y 113 -23.71 88.75 -37.60
C PHE Y 113 -24.37 87.39 -37.44
N ASN Y 114 -24.35 86.88 -36.22
CA ASN Y 114 -25.14 85.70 -35.84
C ASN Y 114 -25.38 85.74 -34.34
N GLY Y 115 -26.65 85.68 -33.95
CA GLY Y 115 -27.00 85.66 -32.55
C GLY Y 115 -28.16 84.74 -32.24
N HIS Y 116 -28.67 84.06 -33.26
CA HIS Y 116 -29.83 83.20 -33.11
C HIS Y 116 -29.48 81.78 -33.48
N LYS Y 117 -30.04 80.83 -32.72
CA LYS Y 117 -29.89 79.42 -33.02
C LYS Y 117 -31.00 78.88 -33.92
N ALA Y 118 -31.94 79.72 -34.33
CA ALA Y 118 -33.08 79.30 -35.12
C ALA Y 118 -33.27 80.24 -36.30
N ALA Y 119 -34.20 79.88 -37.18
CA ALA Y 119 -34.45 80.66 -38.39
C ALA Y 119 -35.10 82.00 -38.05
N ILE Y 120 -34.70 83.03 -38.77
CA ILE Y 120 -35.12 84.40 -38.48
C ILE Y 120 -36.50 84.64 -39.08
N THR Y 121 -37.45 84.99 -38.23
CA THR Y 121 -38.84 85.16 -38.67
C THR Y 121 -39.11 86.57 -39.19
N LEU Y 122 -38.85 87.58 -38.37
CA LEU Y 122 -39.18 88.96 -38.71
C LEU Y 122 -37.93 89.84 -38.66
N LEU Y 123 -37.89 90.80 -39.58
CA LEU Y 123 -36.83 91.80 -39.60
C LEU Y 123 -37.46 93.18 -39.81
N GLN Y 124 -37.09 94.11 -38.95
CA GLN Y 124 -37.55 95.50 -39.05
C GLN Y 124 -36.40 96.41 -38.66
N PHE Y 125 -35.90 97.18 -39.62
CA PHE Y 125 -34.76 98.04 -39.37
C PHE Y 125 -35.05 99.45 -39.86
N ASP Y 126 -34.68 100.43 -39.05
CA ASP Y 126 -34.94 101.83 -39.32
C ASP Y 126 -33.61 102.56 -39.55
N GLY Y 127 -33.53 103.30 -40.66
CA GLY Y 127 -32.34 104.06 -40.94
C GLY Y 127 -32.21 105.36 -40.18
N THR Y 128 -33.24 105.74 -39.42
CA THR Y 128 -33.20 107.00 -38.68
C THR Y 128 -32.24 106.96 -37.50
N GLY Y 129 -31.96 105.77 -36.95
CA GLY Y 129 -30.93 105.62 -35.95
C GLY Y 129 -29.88 104.65 -36.44
N THR Y 130 -30.14 104.09 -37.63
CA THR Y 130 -29.37 103.02 -38.26
C THR Y 130 -29.21 101.85 -37.29
N ARG Y 131 -30.32 101.17 -37.04
CA ARG Y 131 -30.39 100.04 -36.14
C ARG Y 131 -31.15 98.91 -36.81
N LEU Y 132 -30.80 97.67 -36.45
CA LEU Y 132 -31.36 96.48 -37.08
C LEU Y 132 -31.93 95.58 -35.99
N ILE Y 133 -33.23 95.32 -36.06
CA ILE Y 133 -33.95 94.51 -35.09
C ILE Y 133 -34.32 93.19 -35.76
N SER Y 134 -33.98 92.08 -35.10
CA SER Y 134 -34.17 90.75 -35.67
C SER Y 134 -35.03 89.89 -34.75
N GLY Y 135 -35.91 89.11 -35.37
CA GLY Y 135 -36.74 88.18 -34.62
C GLY Y 135 -36.67 86.78 -35.21
N SER Y 136 -36.40 85.79 -34.38
CA SER Y 136 -36.16 84.43 -34.85
C SER Y 136 -37.26 83.49 -34.38
N LYS Y 137 -37.10 82.19 -34.67
CA LYS Y 137 -38.11 81.21 -34.31
C LYS Y 137 -38.11 80.88 -32.83
N ASP Y 138 -37.04 81.22 -32.10
CA ASP Y 138 -37.08 81.14 -30.65
C ASP Y 138 -37.49 82.51 -30.10
N SER Y 139 -37.30 82.70 -28.79
CA SER Y 139 -37.88 83.87 -28.12
C SER Y 139 -37.11 85.16 -28.37
N ASN Y 140 -35.83 85.06 -28.74
CA ASN Y 140 -34.92 86.19 -28.59
C ASN Y 140 -35.13 87.22 -29.69
N ILE Y 141 -35.36 88.47 -29.29
CA ILE Y 141 -35.28 89.62 -30.19
C ILE Y 141 -33.97 90.34 -29.92
N ILE Y 142 -33.11 90.41 -30.92
CA ILE Y 142 -31.79 91.02 -30.78
C ILE Y 142 -31.73 92.24 -31.69
N VAL Y 143 -31.29 93.36 -31.12
CA VAL Y 143 -31.19 94.62 -31.85
C VAL Y 143 -29.72 94.92 -32.11
N TRP Y 144 -29.35 94.95 -33.37
CA TRP Y 144 -28.01 95.32 -33.80
C TRP Y 144 -28.03 96.75 -34.34
N ASP Y 145 -26.86 97.36 -34.35
CA ASP Y 145 -26.65 98.62 -35.04
C ASP Y 145 -25.63 98.42 -36.16
N LEU Y 146 -25.92 99.00 -37.32
CA LEU Y 146 -25.02 98.84 -38.46
C LEU Y 146 -23.82 99.77 -38.38
N VAL Y 147 -23.78 100.68 -37.41
CA VAL Y 147 -22.65 101.58 -37.25
C VAL Y 147 -21.64 101.10 -36.21
N GLY Y 148 -22.03 100.21 -35.30
CA GLY Y 148 -21.14 99.72 -34.29
C GLY Y 148 -20.90 98.22 -34.36
N GLU Y 149 -21.79 97.53 -35.09
CA GLU Y 149 -21.73 96.08 -35.35
C GLU Y 149 -21.71 95.25 -34.07
N VAL Y 150 -22.44 95.70 -33.06
CA VAL Y 150 -22.50 95.04 -31.76
C VAL Y 150 -23.97 94.86 -31.40
N GLY Y 151 -24.34 93.65 -30.96
CA GLY Y 151 -25.67 93.40 -30.45
C GLY Y 151 -25.94 94.25 -29.24
N LEU Y 152 -26.78 95.28 -29.41
CA LEU Y 152 -26.88 96.33 -28.39
C LEU Y 152 -27.70 95.85 -27.20
N TYR Y 153 -28.92 95.42 -27.43
CA TYR Y 153 -29.79 94.99 -26.33
C TYR Y 153 -30.69 93.87 -26.84
N LYS Y 154 -30.75 92.79 -26.07
CA LYS Y 154 -31.47 91.59 -26.46
C LYS Y 154 -32.74 91.50 -25.63
N LEU Y 155 -33.88 91.31 -26.29
CA LEU Y 155 -35.18 91.24 -25.65
C LEU Y 155 -35.59 89.77 -25.60
N ARG Y 156 -35.56 89.19 -24.41
CA ARG Y 156 -35.82 87.76 -24.24
C ARG Y 156 -36.83 87.59 -23.10
N SER Y 157 -38.11 87.61 -23.46
CA SER Y 157 -39.16 87.28 -22.50
C SER Y 157 -40.25 86.39 -23.07
N HIS Y 158 -40.26 86.12 -24.38
CA HIS Y 158 -41.26 85.24 -24.96
C HIS Y 158 -40.98 83.78 -24.60
N LYS Y 159 -41.86 82.91 -25.04
CA LYS Y 159 -41.69 81.49 -24.77
C LYS Y 159 -41.66 80.65 -26.04
N ASP Y 160 -42.48 80.96 -27.05
CA ASP Y 160 -42.56 80.11 -28.22
C ASP Y 160 -41.74 80.64 -29.40
N SER Y 161 -42.08 81.82 -29.90
CA SER Y 161 -41.46 82.30 -31.14
C SER Y 161 -41.62 83.83 -31.22
N ILE Y 162 -41.41 84.37 -32.41
CA ILE Y 162 -41.73 85.75 -32.74
C ILE Y 162 -42.45 85.72 -34.08
N THR Y 163 -43.65 86.29 -34.14
CA THR Y 163 -44.34 86.43 -35.42
C THR Y 163 -44.97 87.79 -35.65
N GLY Y 164 -45.22 88.59 -34.62
CA GLY Y 164 -45.60 89.98 -34.80
C GLY Y 164 -44.42 90.87 -34.45
N PHE Y 165 -44.43 92.09 -34.99
CA PHE Y 165 -43.27 92.96 -34.87
C PHE Y 165 -43.65 94.40 -35.16
N TRP Y 166 -43.33 95.30 -34.22
CA TRP Y 166 -43.47 96.73 -34.47
C TRP Y 166 -42.53 97.49 -33.55
N CYS Y 167 -41.80 98.45 -34.11
CA CYS Y 167 -40.95 99.35 -33.34
C CYS Y 167 -41.49 100.77 -33.45
N GLN Y 168 -41.64 101.43 -32.31
CA GLN Y 168 -42.23 102.77 -32.25
C GLN Y 168 -41.16 103.74 -31.72
N GLY Y 169 -40.33 104.22 -32.63
CA GLY Y 169 -39.25 105.11 -32.24
C GLY Y 169 -38.21 104.41 -31.39
N GLU Y 170 -38.00 104.89 -30.18
CA GLU Y 170 -36.99 104.31 -29.32
C GLU Y 170 -37.44 104.27 -27.85
N ASP Y 171 -38.67 103.84 -27.57
CA ASP Y 171 -38.93 103.57 -26.15
C ASP Y 171 -39.67 102.25 -25.97
N TRP Y 172 -40.47 101.81 -26.94
CA TRP Y 172 -41.22 100.56 -26.84
C TRP Y 172 -40.96 99.65 -28.04
N LEU Y 173 -41.38 98.39 -27.88
CA LEU Y 173 -41.36 97.37 -28.93
C LEU Y 173 -42.49 96.38 -28.67
N ILE Y 174 -43.25 96.07 -29.71
CA ILE Y 174 -44.40 95.17 -29.60
C ILE Y 174 -44.15 93.97 -30.49
N SER Y 175 -44.27 92.76 -29.92
CA SER Y 175 -44.10 91.54 -30.68
C SER Y 175 -45.10 90.50 -30.20
N THR Y 176 -45.48 89.60 -31.11
CA THR Y 176 -46.33 88.47 -30.78
C THR Y 176 -45.58 87.18 -31.05
N SER Y 177 -45.87 86.16 -30.24
CA SER Y 177 -45.21 84.88 -30.33
C SER Y 177 -46.12 83.87 -31.05
N LYS Y 178 -45.60 82.65 -31.25
CA LYS Y 178 -46.40 81.55 -31.77
C LYS Y 178 -47.11 80.78 -30.67
N ASP Y 179 -47.25 81.37 -29.48
CA ASP Y 179 -48.34 81.08 -28.56
C ASP Y 179 -49.05 82.40 -28.31
N GLY Y 180 -50.37 82.33 -28.18
CA GLY Y 180 -51.22 83.51 -28.32
C GLY Y 180 -51.12 84.54 -27.22
N MET Y 181 -50.01 85.25 -27.19
CA MET Y 181 -49.69 86.21 -26.13
C MET Y 181 -48.71 87.26 -26.67
N ILE Y 182 -48.96 88.52 -26.30
CA ILE Y 182 -48.35 89.69 -26.92
C ILE Y 182 -47.62 90.47 -25.84
N LYS Y 183 -46.44 91.00 -26.17
CA LYS Y 183 -45.58 91.70 -25.21
C LYS Y 183 -45.29 93.13 -25.64
N LEU Y 184 -45.04 93.98 -24.65
CA LEU Y 184 -44.48 95.31 -24.86
C LEU Y 184 -43.31 95.48 -23.89
N TRP Y 185 -42.15 95.87 -24.42
CA TRP Y 185 -40.97 96.09 -23.61
C TRP Y 185 -40.65 97.57 -23.53
N ASP Y 186 -39.72 97.90 -22.64
CA ASP Y 186 -39.13 99.22 -22.59
C ASP Y 186 -37.69 99.19 -23.10
N LEU Y 187 -37.33 100.24 -23.84
CA LEU Y 187 -35.95 100.47 -24.25
C LEU Y 187 -35.01 100.64 -23.07
N LYS Y 188 -35.30 101.62 -22.22
CA LYS Y 188 -34.35 102.00 -21.17
C LYS Y 188 -34.30 100.96 -20.06
N THR Y 189 -35.47 100.48 -19.61
CA THR Y 189 -35.49 99.55 -18.48
C THR Y 189 -35.18 98.12 -18.88
N HIS Y 190 -35.09 97.83 -20.18
CA HIS Y 190 -34.70 96.54 -20.77
C HIS Y 190 -35.65 95.40 -20.42
N GLN Y 191 -36.82 95.68 -19.87
CA GLN Y 191 -37.73 94.65 -19.40
C GLN Y 191 -39.13 94.92 -19.95
N CYS Y 192 -39.99 93.92 -19.83
CA CYS Y 192 -41.36 94.07 -20.29
C CYS Y 192 -42.17 94.93 -19.34
N ILE Y 193 -43.29 95.43 -19.86
CA ILE Y 193 -44.26 96.17 -19.07
C ILE Y 193 -45.54 95.37 -18.90
N GLU Y 194 -46.15 94.94 -20.02
CA GLU Y 194 -47.42 94.26 -20.00
C GLU Y 194 -47.37 93.02 -20.88
N THR Y 195 -48.09 91.98 -20.46
CA THR Y 195 -48.40 90.88 -21.33
C THR Y 195 -49.91 90.70 -21.36
N HIS Y 196 -50.40 90.19 -22.49
CA HIS Y 196 -51.83 90.02 -22.71
C HIS Y 196 -52.00 88.86 -23.65
N ILE Y 197 -52.87 87.90 -23.30
CA ILE Y 197 -53.15 86.83 -24.24
C ILE Y 197 -54.05 87.38 -25.34
N ALA Y 198 -53.88 86.87 -26.56
CA ALA Y 198 -54.71 87.32 -27.66
C ALA Y 198 -55.76 86.27 -28.01
N HIS Y 199 -55.34 85.06 -28.33
CA HIS Y 199 -56.23 84.00 -28.73
C HIS Y 199 -55.91 82.73 -27.95
N THR Y 200 -56.83 81.77 -28.03
CA THR Y 200 -56.59 80.45 -27.43
C THR Y 200 -55.40 79.77 -28.10
N GLY Y 201 -55.36 79.80 -29.42
CA GLY Y 201 -54.17 79.46 -30.16
C GLY Y 201 -53.32 80.69 -30.36
N GLU Y 202 -52.36 80.57 -31.27
CA GLU Y 202 -51.37 81.63 -31.47
C GLU Y 202 -51.97 82.82 -32.22
N CYS Y 203 -51.23 83.92 -32.20
CA CYS Y 203 -51.58 85.14 -32.94
C CYS Y 203 -50.46 85.41 -33.92
N TRP Y 204 -50.70 85.10 -35.20
CA TRP Y 204 -49.62 85.16 -36.20
C TRP Y 204 -49.29 86.60 -36.58
N GLY Y 205 -50.24 87.31 -37.18
CA GLY Y 205 -49.97 88.58 -37.83
C GLY Y 205 -50.19 89.76 -36.91
N LEU Y 206 -49.41 90.81 -37.13
CA LEU Y 206 -49.57 92.07 -36.43
C LEU Y 206 -49.37 93.23 -37.40
N ALA Y 207 -50.39 94.07 -37.52
CA ALA Y 207 -50.29 95.32 -38.27
C ALA Y 207 -50.67 96.46 -37.34
N VAL Y 208 -49.94 97.57 -37.47
CA VAL Y 208 -50.08 98.68 -36.53
C VAL Y 208 -50.27 99.96 -37.32
N LYS Y 209 -51.37 100.66 -37.07
CA LYS Y 209 -51.44 102.10 -37.22
C LYS Y 209 -51.32 102.72 -35.83
N ASP Y 210 -51.02 104.03 -35.80
CA ASP Y 210 -50.71 104.72 -34.55
C ASP Y 210 -51.90 104.79 -33.59
N ASP Y 211 -53.11 104.50 -34.04
CA ASP Y 211 -54.26 104.39 -33.15
C ASP Y 211 -54.63 102.94 -32.82
N LEU Y 212 -54.64 102.05 -33.82
CA LEU Y 212 -55.15 100.70 -33.63
C LEU Y 212 -54.11 99.64 -33.98
N LEU Y 213 -54.12 98.55 -33.21
CA LEU Y 213 -53.28 97.38 -33.43
C LEU Y 213 -54.19 96.20 -33.77
N ILE Y 214 -53.94 95.55 -34.90
CA ILE Y 214 -54.75 94.44 -35.37
C ILE Y 214 -53.92 93.17 -35.33
N THR Y 215 -54.47 92.12 -34.72
CA THR Y 215 -53.78 90.85 -34.59
C THR Y 215 -54.73 89.71 -34.92
N THR Y 216 -54.41 88.94 -35.95
CA THR Y 216 -55.21 87.78 -36.33
C THR Y 216 -54.94 86.61 -35.38
N GLY Y 217 -55.77 85.58 -35.49
CA GLY Y 217 -55.67 84.45 -34.59
C GLY Y 217 -55.53 83.11 -35.28
N THR Y 218 -56.36 82.14 -34.89
CA THR Y 218 -56.31 80.80 -35.43
C THR Y 218 -57.58 80.35 -36.13
N ASP Y 219 -58.71 81.02 -35.88
CA ASP Y 219 -60.01 80.59 -36.39
C ASP Y 219 -60.74 81.74 -37.06
N SER Y 220 -60.01 82.43 -37.96
CA SER Y 220 -60.51 83.57 -38.75
C SER Y 220 -61.00 84.71 -37.85
N GLN Y 221 -60.19 85.04 -36.86
CA GLN Y 221 -60.52 86.03 -35.86
C GLN Y 221 -59.41 87.05 -35.73
N VAL Y 222 -59.75 88.33 -35.80
CA VAL Y 222 -58.80 89.41 -35.55
C VAL Y 222 -59.21 90.12 -34.27
N LYS Y 223 -58.20 90.63 -33.57
CA LYS Y 223 -58.42 91.47 -32.40
C LYS Y 223 -57.88 92.86 -32.68
N ILE Y 224 -58.75 93.86 -32.54
CA ILE Y 224 -58.39 95.26 -32.74
C ILE Y 224 -58.05 95.82 -31.37
N TRP Y 225 -56.81 96.26 -31.21
CA TRP Y 225 -56.29 96.74 -29.93
C TRP Y 225 -55.81 98.17 -30.07
N LYS Y 226 -55.94 98.95 -29.00
CA LYS Y 226 -55.54 100.34 -29.01
C LYS Y 226 -54.43 100.56 -28.00
N LEU Y 227 -53.32 101.14 -28.44
CA LEU Y 227 -52.22 101.48 -27.56
C LEU Y 227 -52.49 102.81 -26.87
N ASP Y 228 -51.77 103.02 -25.76
CA ASP Y 228 -51.84 104.29 -25.05
C ASP Y 228 -50.52 104.50 -24.31
N ILE Y 229 -50.32 105.74 -23.86
CA ILE Y 229 -49.10 106.12 -23.16
C ILE Y 229 -49.49 106.31 -21.69
N GLU Y 230 -50.55 105.63 -21.27
CA GLU Y 230 -51.00 105.69 -19.89
C GLU Y 230 -50.00 104.99 -18.99
N ASN Y 231 -49.67 105.62 -17.87
CA ASN Y 231 -48.66 105.11 -16.94
C ASN Y 231 -49.26 104.27 -15.83
N ASP Y 232 -50.51 103.82 -15.99
CA ASP Y 232 -51.17 103.00 -14.98
C ASP Y 232 -50.54 101.61 -14.93
N LYS Y 233 -50.54 101.02 -13.73
CA LYS Y 233 -49.80 99.79 -13.48
C LYS Y 233 -50.49 98.58 -14.13
N MET Y 234 -51.80 98.47 -13.98
CA MET Y 234 -52.53 97.26 -14.36
C MET Y 234 -53.06 97.33 -15.78
N GLY Y 235 -53.95 98.30 -16.06
CA GLY Y 235 -54.59 98.41 -17.35
C GLY Y 235 -54.41 99.80 -17.95
N GLY Y 236 -55.05 99.98 -19.10
CA GLY Y 236 -54.97 101.23 -19.84
C GLY Y 236 -53.79 101.35 -20.76
N LYS Y 237 -52.78 100.47 -20.62
CA LYS Y 237 -51.67 100.47 -21.56
C LYS Y 237 -52.10 99.88 -22.90
N LEU Y 238 -52.97 98.87 -22.88
CA LEU Y 238 -53.36 98.17 -24.10
C LEU Y 238 -54.68 97.47 -23.84
N THR Y 239 -55.72 97.86 -24.58
CA THR Y 239 -57.07 97.36 -24.39
C THR Y 239 -57.59 96.64 -25.64
N GLU Y 240 -58.71 95.95 -25.48
CA GLU Y 240 -59.14 94.87 -26.36
C GLU Y 240 -60.60 94.97 -26.80
N MET Y 241 -61.05 96.12 -27.32
CA MET Y 241 -62.48 96.41 -27.34
C MET Y 241 -63.23 95.58 -28.40
N GLY Y 242 -62.54 95.20 -29.48
CA GLY Y 242 -63.29 94.68 -30.62
C GLY Y 242 -62.73 93.39 -31.18
N ILE Y 243 -63.63 92.59 -31.74
CA ILE Y 243 -63.30 91.34 -32.41
C ILE Y 243 -64.12 91.28 -33.70
N PHE Y 244 -63.43 91.09 -34.83
CA PHE Y 244 -64.06 90.97 -36.13
C PHE Y 244 -63.78 89.59 -36.71
N GLU Y 245 -64.71 89.11 -37.53
CA GLU Y 245 -64.65 87.74 -38.04
C GLU Y 245 -64.70 87.72 -39.56
N LYS Y 246 -64.90 86.52 -40.13
CA LYS Y 246 -65.11 86.28 -41.57
C LYS Y 246 -63.93 86.76 -42.41
N GLN Y 247 -62.79 86.10 -42.19
CA GLN Y 247 -61.73 86.12 -43.19
C GLN Y 247 -61.94 84.98 -44.18
N SER Y 248 -62.06 83.77 -43.65
CA SER Y 248 -62.26 82.52 -44.35
C SER Y 248 -62.74 81.56 -43.27
N LYS Y 249 -62.67 80.25 -43.50
CA LYS Y 249 -62.57 79.39 -42.33
C LYS Y 249 -61.16 79.41 -41.77
N GLN Y 250 -60.15 79.53 -42.63
CA GLN Y 250 -58.76 79.52 -42.22
C GLN Y 250 -58.37 80.86 -41.61
N ARG Y 251 -57.11 81.00 -41.23
CA ARG Y 251 -56.63 82.13 -40.46
C ARG Y 251 -55.49 82.82 -41.18
N GLY Y 252 -55.22 84.06 -40.79
CA GLY Y 252 -54.19 84.86 -41.41
C GLY Y 252 -52.81 84.61 -40.83
N LEU Y 253 -51.80 85.11 -41.55
CA LEU Y 253 -50.41 85.00 -41.11
C LEU Y 253 -49.68 86.33 -41.10
N LYS Y 254 -49.96 87.22 -42.04
CA LYS Y 254 -49.30 88.52 -42.12
C LYS Y 254 -50.33 89.58 -42.48
N ILE Y 255 -50.34 90.67 -41.72
CA ILE Y 255 -51.26 91.79 -41.92
C ILE Y 255 -50.43 93.05 -42.15
N GLU Y 256 -50.81 93.84 -43.15
CA GLU Y 256 -50.08 95.07 -43.47
C GLU Y 256 -51.07 96.13 -43.93
N PHE Y 257 -50.72 97.39 -43.66
CA PHE Y 257 -51.62 98.52 -43.84
C PHE Y 257 -50.90 99.62 -44.61
N ILE Y 258 -51.64 100.32 -45.48
CA ILE Y 258 -51.14 101.53 -46.11
C ILE Y 258 -52.24 102.59 -46.09
N THR Y 259 -51.82 103.86 -46.16
CA THR Y 259 -52.74 104.99 -46.08
C THR Y 259 -53.19 105.43 -47.47
N ASN Y 260 -53.79 106.62 -47.55
CA ASN Y 260 -54.21 107.23 -48.81
C ASN Y 260 -53.03 107.50 -49.75
N SER Y 266 -56.09 104.25 -46.53
CA SER Y 266 -56.82 103.82 -45.35
C SER Y 266 -57.35 102.40 -45.53
N PHE Y 267 -56.55 101.56 -46.17
CA PHE Y 267 -56.91 100.18 -46.46
C PHE Y 267 -55.84 99.26 -45.91
N PHE Y 268 -56.26 98.08 -45.44
CA PHE Y 268 -55.32 97.06 -45.00
C PHE Y 268 -55.83 95.68 -45.42
N TYR Y 269 -54.90 94.74 -45.52
CA TYR Y 269 -55.21 93.41 -46.01
C TYR Y 269 -54.65 92.35 -45.06
N ILE Y 270 -55.33 91.19 -45.05
CA ILE Y 270 -54.88 90.02 -44.31
C ILE Y 270 -54.76 88.88 -45.31
N GLN Y 271 -53.64 88.15 -45.26
CA GLN Y 271 -53.42 87.02 -46.14
C GLN Y 271 -53.51 85.72 -45.34
N ASN Y 272 -54.33 84.79 -45.83
CA ASN Y 272 -54.55 83.53 -45.16
C ASN Y 272 -53.57 82.48 -45.68
N ALA Y 273 -53.83 81.21 -45.36
CA ALA Y 273 -53.13 80.10 -45.97
C ALA Y 273 -54.01 79.31 -46.94
N ASP Y 274 -55.22 79.79 -47.20
CA ASP Y 274 -56.19 79.08 -48.03
C ASP Y 274 -56.52 79.88 -49.29
N LYS Y 275 -55.48 80.38 -49.96
CA LYS Y 275 -55.54 81.12 -51.23
C LYS Y 275 -56.31 82.43 -51.12
N THR Y 276 -56.60 82.93 -49.92
CA THR Y 276 -57.53 84.01 -49.71
C THR Y 276 -56.82 85.21 -49.10
N ILE Y 277 -56.73 86.29 -49.86
CA ILE Y 277 -56.34 87.60 -49.33
C ILE Y 277 -57.61 88.41 -49.19
N GLU Y 278 -57.87 88.87 -47.97
CA GLU Y 278 -59.05 89.67 -47.66
C GLU Y 278 -58.61 91.10 -47.39
N THR Y 279 -59.31 92.05 -47.98
CA THR Y 279 -59.02 93.47 -47.83
C THR Y 279 -60.15 94.15 -47.08
N PHE Y 280 -59.81 94.88 -46.03
CA PHE Y 280 -60.78 95.66 -45.27
C PHE Y 280 -60.31 97.11 -45.20
N ARG Y 281 -61.27 98.03 -45.11
CA ARG Y 281 -60.97 99.45 -45.06
C ARG Y 281 -61.20 99.97 -43.65
N ILE Y 282 -60.22 100.69 -43.10
CA ILE Y 282 -60.39 101.35 -41.82
C ILE Y 282 -60.81 102.79 -42.07
N ARG Y 283 -61.50 103.37 -41.10
CA ARG Y 283 -62.03 104.72 -41.25
C ARG Y 283 -61.36 105.67 -40.25
N UNK Y 284 -61.80 106.92 -40.24
CA UNK Y 284 -61.18 107.93 -39.38
C UNK Y 284 -62.16 108.44 -38.33
N UNK Y 285 -62.03 109.72 -37.98
CA UNK Y 285 -62.87 110.33 -36.95
C UNK Y 285 -64.30 110.53 -37.45
N UNK Y 286 -64.49 111.51 -38.33
CA UNK Y 286 -65.82 111.87 -38.83
C UNK Y 286 -66.43 110.80 -39.73
N UNK Y 287 -65.59 109.93 -40.28
CA UNK Y 287 -66.06 108.79 -41.06
C UNK Y 287 -66.75 107.78 -40.15
N UNK Y 288 -66.30 107.72 -38.90
CA UNK Y 288 -66.90 106.84 -37.91
C UNK Y 288 -67.87 107.61 -37.01
N UNK Y 289 -67.69 108.91 -36.89
CA UNK Y 289 -68.56 109.74 -36.05
C UNK Y 289 -69.93 109.93 -36.72
N UNK Y 290 -69.93 110.00 -38.04
CA UNK Y 290 -71.18 110.05 -38.79
C UNK Y 290 -71.78 108.65 -38.81
N UNK Y 291 -70.90 107.65 -38.70
CA UNK Y 291 -71.32 106.26 -38.57
C UNK Y 291 -71.80 106.01 -37.14
N UNK Y 292 -71.29 106.80 -36.20
CA UNK Y 292 -71.72 106.71 -34.80
C UNK Y 292 -73.14 107.25 -34.67
N UNK Y 293 -73.43 108.30 -35.41
CA UNK Y 293 -74.78 108.86 -35.46
C UNK Y 293 -75.71 107.92 -36.21
N UNK Y 294 -75.15 107.22 -37.18
CA UNK Y 294 -75.87 106.18 -37.91
C UNK Y 294 -76.13 105.00 -36.99
N UNK Y 295 -75.18 104.75 -36.09
CA UNK Y 295 -75.33 103.71 -35.08
C UNK Y 295 -76.25 104.22 -33.98
N UNK Y 296 -76.26 105.53 -33.77
CA UNK Y 296 -77.18 106.15 -32.80
C UNK Y 296 -78.59 106.11 -33.35
N UNK Y 297 -78.69 106.15 -34.68
CA UNK Y 297 -79.97 105.96 -35.36
C UNK Y 297 -80.34 104.49 -35.35
N UNK Y 298 -79.33 103.63 -35.19
CA UNK Y 298 -79.55 102.20 -35.04
C UNK Y 298 -79.80 101.84 -33.58
N UNK Y 299 -79.26 102.64 -32.68
CA UNK Y 299 -79.47 102.42 -31.24
C UNK Y 299 -80.86 102.87 -30.83
N UNK Y 300 -81.38 103.88 -31.53
CA UNK Y 300 -82.72 104.39 -31.25
C UNK Y 300 -83.76 103.40 -31.75
N UNK Y 301 -83.44 102.71 -32.85
CA UNK Y 301 -84.34 101.73 -33.42
C UNK Y 301 -84.01 100.33 -32.92
N UNK Y 304 -83.50 99.59 -23.28
CA UNK Y 304 -82.80 100.80 -22.86
C UNK Y 304 -81.54 101.01 -23.69
N UNK Y 305 -80.38 100.78 -23.09
CA UNK Y 305 -79.11 100.92 -23.79
C UNK Y 305 -78.58 99.56 -24.21
N UNK Y 306 -79.48 98.74 -24.74
CA UNK Y 306 -79.13 97.38 -25.18
C UNK Y 306 -78.33 97.42 -26.48
N UNK Y 307 -78.75 98.28 -27.40
CA UNK Y 307 -78.09 98.39 -28.70
C UNK Y 307 -76.79 99.19 -28.59
N UNK Y 308 -76.73 100.09 -27.60
CA UNK Y 308 -75.54 100.91 -27.38
C UNK Y 308 -74.39 100.06 -26.86
N UNK Y 309 -74.73 99.06 -26.04
CA UNK Y 309 -73.74 98.09 -25.58
C UNK Y 309 -73.46 97.10 -26.70
N UNK Y 310 -74.44 96.91 -27.59
CA UNK Y 310 -74.26 96.07 -28.76
C UNK Y 310 -73.52 96.82 -29.86
N UNK Y 311 -73.45 98.14 -29.71
CA UNK Y 311 -72.59 98.96 -30.56
C UNK Y 311 -71.22 99.07 -29.91
N UNK Y 312 -71.11 98.54 -28.70
CA UNK Y 312 -69.84 98.49 -27.99
C UNK Y 312 -69.35 97.05 -27.89
N UNK Y 313 -69.94 96.18 -28.71
CA UNK Y 313 -69.57 94.76 -28.73
C UNK Y 313 -69.82 94.15 -30.10
N TYR Y 317 -69.81 95.99 -33.13
CA TYR Y 317 -68.88 97.10 -32.90
C TYR Y 317 -67.96 97.34 -34.09
N SER Y 318 -67.50 96.25 -34.72
CA SER Y 318 -66.39 96.29 -35.66
C SER Y 318 -66.70 97.03 -36.95
N SER Y 319 -67.96 97.36 -37.22
CA SER Y 319 -68.29 98.22 -38.35
C SER Y 319 -67.92 99.68 -38.11
N PHE Y 320 -67.55 100.05 -36.88
CA PHE Y 320 -67.09 101.40 -36.61
C PHE Y 320 -65.76 101.68 -37.28
N ILE Y 321 -64.89 100.68 -37.36
CA ILE Y 321 -63.58 100.82 -37.99
C ILE Y 321 -63.48 100.02 -39.28
N LEU Y 322 -63.71 98.70 -39.20
CA LEU Y 322 -63.40 97.80 -40.30
C LEU Y 322 -64.55 97.79 -41.30
N HIS Y 323 -64.34 98.47 -42.42
CA HIS Y 323 -65.29 98.43 -43.54
C HIS Y 323 -64.82 97.34 -44.49
N PRO Y 324 -65.57 96.24 -44.66
CA PRO Y 324 -65.10 95.14 -45.51
C PRO Y 324 -65.13 95.47 -46.99
N PHE Y 325 -63.95 95.46 -47.62
CA PHE Y 325 -63.86 95.86 -49.03
C PHE Y 325 -64.22 94.69 -49.95
N GLN Y 326 -63.38 93.65 -49.95
CA GLN Y 326 -63.54 92.46 -50.79
C GLN Y 326 -62.52 91.41 -50.35
N THR Y 327 -62.56 90.26 -51.01
CA THR Y 327 -61.59 89.18 -50.82
C THR Y 327 -61.00 88.81 -52.18
N ILE Y 328 -59.80 88.23 -52.14
CA ILE Y 328 -59.08 87.84 -53.35
C ILE Y 328 -58.75 86.35 -53.25
N ARG Y 329 -59.22 85.57 -54.22
CA ARG Y 329 -59.02 84.13 -54.23
C ARG Y 329 -57.99 83.77 -55.28
N SER Y 330 -56.88 83.16 -54.84
CA SER Y 330 -55.86 82.66 -55.75
C SER Y 330 -56.08 81.16 -55.98
N LEU Y 331 -55.13 80.51 -56.66
CA LEU Y 331 -55.19 79.08 -56.89
C LEU Y 331 -54.06 78.30 -56.25
N TYR Y 332 -52.91 78.93 -56.00
CA TYR Y 332 -51.84 78.32 -55.24
C TYR Y 332 -51.77 78.97 -53.87
N LYS Y 333 -51.17 78.25 -52.92
CA LYS Y 333 -51.10 78.71 -51.52
C LYS Y 333 -50.30 80.00 -51.42
N ILE Y 334 -50.95 81.02 -50.86
CA ILE Y 334 -50.36 82.36 -50.85
C ILE Y 334 -49.29 82.43 -49.78
N LYS Y 335 -48.10 82.87 -50.17
CA LYS Y 335 -46.93 82.82 -49.30
C LYS Y 335 -46.54 84.21 -48.79
N SER Y 336 -46.32 85.15 -49.70
CA SER Y 336 -45.90 86.49 -49.34
C SER Y 336 -46.71 87.50 -50.13
N ALA Y 337 -46.88 88.69 -49.55
CA ALA Y 337 -47.62 89.74 -50.21
C ALA Y 337 -47.18 91.10 -49.68
N SER Y 338 -46.79 91.98 -50.59
CA SER Y 338 -46.59 93.39 -50.28
C SER Y 338 -47.32 94.18 -51.34
N TRP Y 339 -47.81 95.37 -50.98
CA TRP Y 339 -48.76 96.04 -51.84
C TRP Y 339 -48.57 97.55 -51.80
N THR Y 340 -48.83 98.18 -52.94
CA THR Y 340 -48.71 99.62 -53.13
C THR Y 340 -50.06 100.22 -53.47
N THR Y 341 -50.06 101.53 -53.71
CA THR Y 341 -51.20 102.25 -54.24
C THR Y 341 -50.70 103.44 -55.05
N VAL Y 342 -51.41 103.74 -56.14
CA VAL Y 342 -51.05 104.84 -57.03
C VAL Y 342 -52.23 105.79 -57.15
N SER Y 343 -51.96 107.09 -56.93
CA SER Y 343 -52.89 108.21 -57.07
C SER Y 343 -54.12 108.10 -56.16
N SER Y 344 -54.03 107.27 -55.10
CA SER Y 344 -55.11 107.01 -54.14
C SER Y 344 -56.39 106.52 -54.80
N SER Y 345 -56.25 105.80 -55.92
CA SER Y 345 -57.40 105.26 -56.64
C SER Y 345 -57.22 103.82 -57.09
N LYS Y 346 -56.00 103.32 -57.21
CA LYS Y 346 -55.73 101.96 -57.66
C LYS Y 346 -54.73 101.34 -56.72
N LEU Y 347 -55.19 100.47 -55.83
CA LEU Y 347 -54.29 99.74 -54.95
C LEU Y 347 -53.77 98.51 -55.70
N GLU Y 348 -52.46 98.37 -55.73
CA GLU Y 348 -51.82 97.30 -56.49
C GLU Y 348 -51.11 96.37 -55.52
N LEU Y 349 -51.43 95.08 -55.61
CA LEU Y 349 -50.95 94.07 -54.67
C LEU Y 349 -50.05 93.08 -55.41
N VAL Y 350 -48.85 92.87 -54.87
CA VAL Y 350 -47.91 91.89 -55.40
C VAL Y 350 -48.01 90.64 -54.55
N LEU Y 351 -48.04 89.48 -55.20
CA LEU Y 351 -48.21 88.21 -54.51
C LEU Y 351 -47.16 87.22 -54.99
N THR Y 352 -46.62 86.45 -54.06
CA THR Y 352 -45.81 85.27 -54.37
C THR Y 352 -46.55 84.05 -53.87
N THR Y 353 -46.70 83.06 -54.76
CA THR Y 353 -47.52 81.89 -54.46
C THR Y 353 -46.66 80.82 -53.77
N SER Y 354 -47.26 79.64 -53.56
CA SER Y 354 -46.49 78.49 -53.09
C SER Y 354 -45.49 78.04 -54.15
N SER Y 355 -45.92 78.01 -55.41
CA SER Y 355 -45.03 77.73 -56.51
C SER Y 355 -44.16 78.96 -56.79
N ASN Y 356 -43.19 78.78 -57.69
CA ASN Y 356 -42.29 79.88 -58.07
C ASN Y 356 -42.98 80.76 -59.12
N THR Y 357 -44.02 81.46 -58.66
CA THR Y 357 -44.89 82.25 -59.51
C THR Y 357 -45.23 83.55 -58.80
N ILE Y 358 -45.35 84.63 -59.57
CA ILE Y 358 -45.61 85.96 -59.04
C ILE Y 358 -46.93 86.45 -59.60
N GLU Y 359 -47.80 86.94 -58.72
CA GLU Y 359 -49.08 87.52 -59.11
C GLU Y 359 -49.12 89.00 -58.72
N TYR Y 360 -49.59 89.81 -59.67
CA TYR Y 360 -49.78 91.25 -59.46
C TYR Y 360 -51.28 91.53 -59.56
N TYR Y 361 -51.87 92.00 -58.47
CA TYR Y 361 -53.31 92.23 -58.39
C TYR Y 361 -53.54 93.73 -58.22
N SER Y 362 -54.25 94.34 -59.16
CA SER Y 362 -54.57 95.75 -59.11
C SER Y 362 -56.08 95.90 -58.93
N ILE Y 363 -56.48 96.72 -57.96
CA ILE Y 363 -57.89 96.91 -57.62
C ILE Y 363 -58.22 98.40 -57.66
N PRO Y 364 -59.21 98.82 -58.44
CA PRO Y 364 -59.60 100.24 -58.45
C PRO Y 364 -60.58 100.58 -57.33
N TYR Y 365 -60.51 101.83 -56.90
CA TYR Y 365 -61.44 102.31 -55.88
C TYR Y 365 -61.56 103.82 -55.98
N GLU Y 366 -62.68 104.33 -55.47
CA GLU Y 366 -62.95 105.76 -55.35
C GLU Y 366 -63.23 106.10 -53.89
N LYS Y 367 -62.52 105.40 -52.98
CA LYS Y 367 -62.64 105.44 -51.53
C LYS Y 367 -64.01 104.98 -51.01
N ARG Y 368 -64.87 104.44 -51.87
CA ARG Y 368 -66.19 103.96 -51.47
C ARG Y 368 -66.50 102.55 -51.98
N ASP Y 369 -66.04 102.20 -53.18
CA ASP Y 369 -66.54 101.03 -53.87
C ASP Y 369 -65.40 100.14 -54.33
N PRO Y 370 -65.61 98.82 -54.36
CA PRO Y 370 -64.60 97.92 -54.95
C PRO Y 370 -64.39 98.12 -56.44
N THR Y 371 -65.40 98.66 -57.17
CA THR Y 371 -65.32 99.20 -58.53
C THR Y 371 -65.16 98.08 -59.59
N SER Y 372 -64.94 96.85 -59.14
CA SER Y 372 -64.68 95.69 -60.00
C SER Y 372 -64.82 94.44 -59.15
N PRO Y 373 -65.39 93.35 -59.70
CA PRO Y 373 -65.53 92.11 -58.92
C PRO Y 373 -64.20 91.44 -58.61
N ALA Y 374 -63.37 91.24 -59.62
CA ALA Y 374 -62.13 90.52 -59.45
C ALA Y 374 -60.93 91.44 -59.60
N PRO Y 375 -59.84 91.18 -58.89
CA PRO Y 375 -58.61 91.95 -59.13
C PRO Y 375 -58.01 91.67 -60.49
N LEU Y 376 -57.32 92.67 -61.02
CA LEU Y 376 -56.76 92.60 -62.36
C LEU Y 376 -55.39 91.94 -62.33
N LYS Y 377 -55.19 90.94 -63.17
CA LYS Y 377 -53.89 90.27 -63.31
C LYS Y 377 -53.09 90.98 -64.40
N THR Y 378 -52.65 92.19 -64.07
CA THR Y 378 -51.93 93.01 -65.04
C THR Y 378 -50.52 92.52 -65.29
N HIS Y 379 -49.93 91.77 -64.36
CA HIS Y 379 -48.59 91.24 -64.53
C HIS Y 379 -48.50 89.87 -63.89
N THR Y 380 -48.00 88.89 -64.64
CA THR Y 380 -47.81 87.54 -64.14
C THR Y 380 -46.44 87.03 -64.54
N ILE Y 381 -45.74 86.40 -63.59
CA ILE Y 381 -44.46 85.74 -63.85
C ILE Y 381 -44.68 84.25 -63.66
N GLU Y 382 -44.80 83.53 -64.77
CA GLU Y 382 -45.03 82.10 -64.73
C GLU Y 382 -44.07 81.37 -65.66
N LEU Y 383 -43.60 82.06 -66.68
CA LEU Y 383 -42.81 81.44 -67.75
C LEU Y 383 -41.37 81.16 -67.35
N GLN Y 384 -40.90 81.37 -66.12
CA GLN Y 384 -39.52 81.05 -65.77
C GLN Y 384 -39.39 80.14 -64.55
N GLY Y 385 -40.47 79.88 -63.81
CA GLY Y 385 -40.39 79.03 -62.65
C GLY Y 385 -40.54 77.56 -62.98
N GLN Y 386 -41.24 76.82 -62.13
CA GLN Y 386 -41.47 75.40 -62.36
C GLN Y 386 -42.94 75.06 -62.17
N ARG Y 387 -43.64 75.86 -61.35
CA ARG Y 387 -45.09 75.91 -61.11
C ARG Y 387 -45.59 74.72 -60.27
N THR Y 388 -44.74 73.70 -60.08
CA THR Y 388 -44.98 72.54 -59.22
C THR Y 388 -43.64 71.82 -59.08
N ASP Y 389 -43.68 70.62 -58.52
CA ASP Y 389 -42.45 69.84 -58.35
C ASP Y 389 -42.02 69.24 -59.69
N VAL Y 390 -40.77 69.46 -60.04
CA VAL Y 390 -40.19 68.87 -61.25
C VAL Y 390 -39.89 67.40 -61.01
N ARG Y 391 -40.15 66.57 -62.01
CA ARG Y 391 -40.12 65.11 -61.85
C ARG Y 391 -39.02 64.43 -62.63
N SER Y 392 -38.67 64.90 -63.83
CA SER Y 392 -37.66 64.25 -64.64
C SER Y 392 -36.94 65.28 -65.51
N ILE Y 393 -35.71 64.95 -65.90
CA ILE Y 393 -34.85 65.84 -66.66
C ILE Y 393 -34.53 65.18 -67.99
N ASP Y 394 -34.16 66.00 -68.97
CA ASP Y 394 -33.61 65.54 -70.24
C ASP Y 394 -32.42 66.42 -70.62
N ILE Y 395 -31.34 65.77 -71.07
CA ILE Y 395 -30.16 66.46 -71.59
C ILE Y 395 -29.95 66.02 -73.02
N SER Y 396 -29.81 66.98 -73.93
CA SER Y 396 -29.51 66.67 -75.31
C SER Y 396 -28.00 66.41 -75.49
N ASP Y 397 -27.61 66.10 -76.72
CA ASP Y 397 -26.21 65.82 -77.00
C ASP Y 397 -25.37 67.10 -76.96
N ASP Y 398 -25.91 68.20 -77.46
CA ASP Y 398 -25.21 69.49 -77.51
C ASP Y 398 -25.65 70.42 -76.40
N ASN Y 399 -25.95 69.84 -75.22
CA ASN Y 399 -26.26 70.56 -73.98
C ASN Y 399 -27.50 71.46 -74.16
N LYS Y 400 -28.64 70.80 -74.37
CA LYS Y 400 -29.94 71.45 -74.40
C LYS Y 400 -30.83 70.74 -73.38
N LEU Y 401 -31.22 71.45 -72.33
CA LEU Y 401 -31.90 70.85 -71.19
C LEU Y 401 -33.41 70.85 -71.37
N LEU Y 402 -34.07 69.88 -70.74
CA LEU Y 402 -35.51 69.90 -70.59
C LEU Y 402 -35.89 69.48 -69.18
N ALA Y 403 -36.98 70.07 -68.69
CA ALA Y 403 -37.50 69.79 -67.36
C ALA Y 403 -38.96 69.40 -67.47
N THR Y 404 -39.35 68.39 -66.70
CA THR Y 404 -40.71 67.85 -66.74
C THR Y 404 -41.25 67.82 -65.32
N ALA Y 405 -42.40 68.43 -65.12
CA ALA Y 405 -42.98 68.57 -63.78
C ALA Y 405 -44.31 67.83 -63.71
N SER Y 406 -44.98 67.94 -62.57
CA SER Y 406 -46.13 67.09 -62.29
C SER Y 406 -47.41 67.63 -62.92
N ASN Y 407 -47.69 68.92 -62.74
CA ASN Y 407 -48.96 69.47 -63.23
C ASN Y 407 -48.99 69.64 -64.74
N GLY Y 408 -47.84 69.61 -65.42
CA GLY Y 408 -47.85 69.66 -66.86
C GLY Y 408 -46.89 70.64 -67.51
N SER Y 409 -45.95 71.19 -66.75
CA SER Y 409 -45.01 72.16 -67.28
C SER Y 409 -43.80 71.42 -67.84
N LEU Y 410 -43.78 71.20 -69.15
CA LEU Y 410 -42.59 70.71 -69.85
C LEU Y 410 -41.86 71.93 -70.39
N LYS Y 411 -40.73 72.26 -69.79
CA LYS Y 411 -39.99 73.46 -70.15
C LYS Y 411 -38.65 73.08 -70.78
N ILE Y 412 -38.24 73.86 -71.77
CA ILE Y 412 -37.04 73.59 -72.56
C ILE Y 412 -36.00 74.64 -72.22
N TRP Y 413 -34.91 74.22 -71.60
CA TRP Y 413 -33.90 75.13 -71.07
C TRP Y 413 -32.60 75.01 -71.87
N ASN Y 414 -31.87 76.11 -71.94
CA ASN Y 414 -30.52 76.10 -72.51
C ASN Y 414 -29.54 76.62 -71.48
N ILE Y 415 -28.41 75.93 -71.35
CA ILE Y 415 -27.44 76.24 -70.30
C ILE Y 415 -26.72 77.55 -70.58
N LYS Y 416 -26.36 77.79 -71.85
CA LYS Y 416 -25.60 78.99 -72.21
C LYS Y 416 -26.38 80.28 -72.02
N THR Y 417 -27.72 80.22 -72.01
CA THR Y 417 -28.55 81.36 -71.67
C THR Y 417 -29.01 81.33 -70.22
N HIS Y 418 -29.03 80.12 -69.61
CA HIS Y 418 -29.58 79.85 -68.28
C HIS Y 418 -31.06 80.22 -68.19
N LYS Y 419 -31.76 80.21 -69.31
CA LYS Y 419 -33.16 80.60 -69.39
C LYS Y 419 -33.92 79.49 -70.08
N CYS Y 420 -35.17 79.76 -70.44
CA CYS Y 420 -36.02 78.81 -71.12
C CYS Y 420 -36.38 79.32 -72.50
N ILE Y 421 -36.93 78.42 -73.33
CA ILE Y 421 -37.44 78.82 -74.64
C ILE Y 421 -38.95 78.87 -74.60
N ARG Y 422 -39.59 77.74 -74.30
CA ARG Y 422 -41.05 77.68 -74.26
C ARG Y 422 -41.50 76.53 -73.38
N THR Y 423 -42.78 76.57 -73.02
CA THR Y 423 -43.38 75.59 -72.12
C THR Y 423 -44.72 75.15 -72.71
N PHE Y 424 -45.13 73.92 -72.38
CA PHE Y 424 -46.37 73.36 -72.89
C PHE Y 424 -47.23 72.84 -71.75
N GLU Y 425 -48.31 72.13 -72.08
CA GLU Y 425 -49.19 71.50 -71.11
C GLU Y 425 -49.28 70.02 -71.43
N CYS Y 426 -48.93 69.17 -70.46
CA CYS Y 426 -48.70 67.75 -70.76
C CYS Y 426 -49.23 66.84 -69.67
N GLY Y 427 -50.32 67.23 -69.01
CA GLY Y 427 -51.01 66.33 -68.08
C GLY Y 427 -50.23 66.05 -66.81
N TYR Y 428 -50.51 64.89 -66.21
CA TYR Y 428 -49.78 64.45 -65.01
C TYR Y 428 -48.53 63.69 -65.43
N ALA Y 429 -47.58 64.45 -65.98
CA ALA Y 429 -46.36 63.88 -66.54
C ALA Y 429 -45.39 63.48 -65.45
N LEU Y 430 -44.71 62.35 -65.65
CA LEU Y 430 -43.75 61.83 -64.69
C LEU Y 430 -42.33 61.73 -65.25
N THR Y 431 -42.14 61.07 -66.38
CA THR Y 431 -40.82 60.84 -66.95
C THR Y 431 -40.72 61.42 -68.36
N CYS Y 432 -39.49 61.69 -68.78
CA CYS Y 432 -39.22 62.23 -70.11
C CYS Y 432 -37.89 61.73 -70.63
N LYS Y 433 -37.89 61.23 -71.87
CA LYS Y 433 -36.67 60.87 -72.58
C LYS Y 433 -36.59 61.67 -73.87
N PHE Y 434 -35.35 62.03 -74.24
CA PHE Y 434 -35.10 62.92 -75.36
C PHE Y 434 -34.59 62.11 -76.55
N LEU Y 435 -35.34 62.13 -77.64
CA LEU Y 435 -34.87 61.52 -78.88
C LEU Y 435 -33.88 62.46 -79.56
N PRO Y 436 -32.69 61.99 -79.94
CA PRO Y 436 -31.73 62.87 -80.61
C PRO Y 436 -32.12 63.16 -82.05
N GLY Y 437 -32.74 62.18 -82.71
CA GLY Y 437 -33.15 62.33 -84.09
C GLY Y 437 -34.35 63.25 -84.24
N GLY Y 438 -34.14 64.44 -84.79
CA GLY Y 438 -35.18 65.43 -84.92
C GLY Y 438 -35.45 66.25 -83.69
N LEU Y 439 -34.74 65.97 -82.59
CA LEU Y 439 -34.88 66.65 -81.29
C LEU Y 439 -36.33 66.60 -80.79
N LEU Y 440 -36.83 65.38 -80.66
CA LEU Y 440 -38.18 65.13 -80.19
C LEU Y 440 -38.14 64.59 -78.77
N VAL Y 441 -39.19 64.90 -78.01
CA VAL Y 441 -39.23 64.59 -76.58
C VAL Y 441 -40.35 63.59 -76.33
N ILE Y 442 -40.00 62.40 -75.87
CA ILE Y 442 -40.97 61.38 -75.49
C ILE Y 442 -41.36 61.62 -74.04
N LEU Y 443 -42.66 61.68 -73.78
CA LEU Y 443 -43.19 62.12 -72.50
C LEU Y 443 -44.03 61.00 -71.87
N GLY Y 444 -43.86 60.80 -70.57
CA GLY Y 444 -44.63 59.80 -69.86
C GLY Y 444 -45.52 60.39 -68.80
N THR Y 445 -46.83 60.18 -68.92
CA THR Y 445 -47.80 60.71 -67.98
C THR Y 445 -48.17 59.65 -66.93
N ARG Y 446 -48.75 60.12 -65.82
CA ARG Y 446 -49.31 59.17 -64.86
C ARG Y 446 -50.55 58.50 -65.42
N ASN Y 447 -51.28 59.17 -66.30
CA ASN Y 447 -52.26 58.49 -67.12
C ASN Y 447 -51.55 57.54 -68.07
N GLY Y 448 -52.23 56.45 -68.41
CA GLY Y 448 -51.64 55.46 -69.29
C GLY Y 448 -51.58 55.91 -70.74
N GLU Y 449 -50.74 56.88 -71.04
CA GLU Y 449 -50.66 57.44 -72.39
C GLU Y 449 -49.25 57.91 -72.66
N LEU Y 450 -48.95 58.12 -73.94
CA LEU Y 450 -47.64 58.57 -74.38
C LEU Y 450 -47.77 59.86 -75.18
N GLN Y 451 -46.71 60.66 -75.15
CA GLN Y 451 -46.69 61.93 -75.87
C GLN Y 451 -45.32 62.12 -76.53
N LEU Y 452 -45.34 62.67 -77.74
CA LEU Y 452 -44.13 63.13 -78.40
C LEU Y 452 -44.30 64.62 -78.72
N PHE Y 453 -43.34 65.42 -78.25
CA PHE Y 453 -43.39 66.88 -78.39
C PHE Y 453 -42.18 67.33 -79.19
N ASP Y 454 -42.42 68.23 -80.15
CA ASP Y 454 -41.38 68.70 -81.06
C ASP Y 454 -40.89 70.08 -80.64
N LEU Y 455 -39.86 70.55 -81.34
CA LEU Y 455 -39.30 71.88 -81.11
C LEU Y 455 -39.75 72.89 -82.15
N ALA Y 456 -39.48 72.63 -83.43
CA ALA Y 456 -39.78 73.60 -84.47
C ALA Y 456 -41.28 73.68 -84.74
N SER Y 457 -41.95 72.53 -84.82
CA SER Y 457 -43.39 72.49 -85.03
C SER Y 457 -44.08 72.54 -83.67
N SER Y 458 -45.37 72.23 -83.64
CA SER Y 458 -46.15 72.30 -82.40
C SER Y 458 -45.86 71.08 -81.53
N SER Y 459 -46.64 70.91 -80.48
CA SER Y 459 -46.42 69.84 -79.51
C SER Y 459 -47.33 68.64 -79.74
N LEU Y 460 -48.65 68.86 -79.75
CA LEU Y 460 -49.62 67.76 -79.82
C LEU Y 460 -49.80 67.29 -81.27
N LEU Y 461 -48.74 66.67 -81.79
CA LEU Y 461 -48.83 66.07 -83.12
C LEU Y 461 -49.44 64.68 -83.04
N ASP Y 462 -48.76 63.76 -82.36
CA ASP Y 462 -49.20 62.37 -82.24
C ASP Y 462 -48.98 61.92 -80.80
N THR Y 463 -49.99 62.12 -79.95
CA THR Y 463 -49.95 61.69 -78.56
C THR Y 463 -50.88 60.50 -78.43
N ILE Y 464 -50.30 59.33 -78.20
CA ILE Y 464 -51.06 58.08 -78.14
C ILE Y 464 -51.78 58.02 -76.78
N GLU Y 465 -53.10 58.13 -76.82
CA GLU Y 465 -53.89 57.94 -75.61
C GLU Y 465 -54.10 56.46 -75.34
N ASP Y 466 -54.42 56.15 -74.08
CA ASP Y 466 -54.85 54.82 -73.62
C ASP Y 466 -53.78 53.74 -73.85
N ALA Y 467 -52.51 54.13 -73.76
CA ALA Y 467 -51.42 53.17 -73.94
C ALA Y 467 -51.26 52.22 -72.75
N HIS Y 468 -51.75 52.60 -71.58
CA HIS Y 468 -51.70 51.75 -70.41
C HIS Y 468 -52.94 52.03 -69.56
N ASP Y 469 -53.12 51.22 -68.52
CA ASP Y 469 -54.25 51.36 -67.61
C ASP Y 469 -53.85 52.09 -66.33
N ALA Y 470 -52.86 51.56 -65.63
CA ALA Y 470 -52.40 52.15 -64.38
C ALA Y 470 -51.27 53.14 -64.66
N ALA Y 471 -50.59 53.58 -63.60
CA ALA Y 471 -49.54 54.57 -63.74
C ALA Y 471 -48.28 53.96 -64.32
N ILE Y 472 -47.73 54.59 -65.34
CA ILE Y 472 -46.41 54.21 -65.85
C ILE Y 472 -45.35 54.95 -65.03
N TRP Y 473 -44.16 54.36 -64.95
CA TRP Y 473 -43.12 54.91 -64.08
C TRP Y 473 -41.74 54.98 -64.70
N SER Y 474 -41.45 54.23 -65.75
CA SER Y 474 -40.12 54.21 -66.34
C SER Y 474 -40.23 54.12 -67.86
N LEU Y 475 -39.41 54.93 -68.54
CA LEU Y 475 -39.26 54.93 -69.98
C LEU Y 475 -37.78 54.90 -70.32
N ASP Y 476 -37.44 54.20 -71.40
CA ASP Y 476 -36.09 54.29 -71.96
C ASP Y 476 -36.17 54.06 -73.46
N LEU Y 477 -35.01 54.06 -74.09
CA LEU Y 477 -34.93 54.01 -75.55
C LEU Y 477 -33.62 53.36 -75.95
N THR Y 478 -33.58 52.87 -77.18
CA THR Y 478 -32.34 52.38 -77.73
C THR Y 478 -31.44 53.54 -78.15
N SER Y 479 -30.18 53.23 -78.45
CA SER Y 479 -29.25 54.26 -78.93
C SER Y 479 -29.63 54.77 -80.30
N ASP Y 480 -30.30 53.96 -81.12
CA ASP Y 480 -30.82 54.44 -82.39
C ASP Y 480 -32.00 55.37 -82.18
N GLY Y 481 -32.81 55.11 -81.16
CA GLY Y 481 -33.98 55.90 -80.88
C GLY Y 481 -35.25 55.45 -81.58
N LYS Y 482 -35.15 54.51 -82.53
CA LYS Y 482 -36.33 54.03 -83.22
C LYS Y 482 -37.13 53.04 -82.37
N ARG Y 483 -36.52 52.45 -81.35
CA ARG Y 483 -37.18 51.50 -80.48
C ARG Y 483 -37.30 52.07 -79.08
N LEU Y 484 -38.46 51.87 -78.46
CA LEU Y 484 -38.79 52.49 -77.18
C LEU Y 484 -39.40 51.44 -76.26
N VAL Y 485 -39.24 51.65 -74.96
CA VAL Y 485 -39.77 50.76 -73.94
C VAL Y 485 -40.53 51.60 -72.91
N THR Y 486 -41.68 51.11 -72.45
CA THR Y 486 -42.50 51.81 -71.47
C THR Y 486 -42.80 50.84 -70.34
N GLY Y 487 -42.13 51.03 -69.20
CA GLY Y 487 -42.38 50.24 -68.02
C GLY Y 487 -43.43 50.90 -67.15
N SER Y 488 -44.36 50.09 -66.65
CA SER Y 488 -45.55 50.59 -65.97
C SER Y 488 -45.85 49.77 -64.74
N ALA Y 489 -46.85 50.22 -63.98
CA ALA Y 489 -47.39 49.46 -62.86
C ALA Y 489 -48.56 48.57 -63.28
N ASP Y 490 -48.75 48.37 -64.58
CA ASP Y 490 -49.73 47.45 -65.11
C ASP Y 490 -49.20 46.02 -65.20
N LYS Y 491 -48.05 45.75 -64.56
CA LYS Y 491 -47.30 44.50 -64.66
C LYS Y 491 -46.98 44.15 -66.12
N THR Y 492 -46.69 45.19 -66.90
CA THR Y 492 -46.40 45.05 -68.32
C THR Y 492 -45.25 45.96 -68.70
N VAL Y 493 -44.48 45.52 -69.69
CA VAL Y 493 -43.52 46.38 -70.39
C VAL Y 493 -43.80 46.26 -71.89
N LYS Y 494 -43.87 47.41 -72.56
CA LYS Y 494 -44.32 47.47 -73.94
C LYS Y 494 -43.20 48.00 -74.82
N PHE Y 495 -42.98 47.34 -75.95
CA PHE Y 495 -41.98 47.80 -76.91
C PHE Y 495 -42.65 48.61 -78.01
N TRP Y 496 -42.05 49.75 -78.34
CA TRP Y 496 -42.62 50.71 -79.27
C TRP Y 496 -41.64 51.01 -80.38
N ASP Y 497 -42.15 51.12 -81.61
CA ASP Y 497 -41.34 51.48 -82.76
C ASP Y 497 -42.01 52.63 -83.51
N PHE Y 498 -41.19 53.48 -84.11
CA PHE Y 498 -41.66 54.65 -84.82
C PHE Y 498 -41.63 54.39 -86.33
N LYS Y 499 -42.81 54.41 -86.95
CA LYS Y 499 -42.96 54.15 -88.38
C LYS Y 499 -43.41 55.41 -89.08
N VAL Y 500 -42.65 55.84 -90.08
CA VAL Y 500 -42.98 57.04 -90.83
C VAL Y 500 -43.65 56.67 -92.15
N LEU Y 516 -45.77 58.53 -89.49
CA LEU Y 516 -45.15 59.48 -88.57
C LEU Y 516 -45.63 59.24 -87.15
N LYS Y 517 -45.98 58.00 -86.83
CA LYS Y 517 -46.60 57.66 -85.56
C LYS Y 517 -45.90 56.45 -84.94
N LEU Y 518 -46.00 56.37 -83.61
CA LEU Y 518 -45.50 55.24 -82.86
C LEU Y 518 -46.53 54.11 -82.85
N HIS Y 519 -46.04 52.88 -82.82
CA HIS Y 519 -46.88 51.70 -82.73
C HIS Y 519 -46.27 50.74 -81.72
N HIS Y 520 -47.09 49.86 -81.16
CA HIS Y 520 -46.59 48.87 -80.23
C HIS Y 520 -46.06 47.67 -80.98
N ASP Y 521 -45.02 47.05 -80.41
CA ASP Y 521 -44.36 45.91 -81.04
C ASP Y 521 -44.48 44.63 -80.24
N THR Y 522 -44.12 44.65 -78.97
CA THR Y 522 -44.15 43.46 -78.13
C THR Y 522 -44.39 43.88 -76.70
N THR Y 523 -45.46 43.34 -76.10
CA THR Y 523 -45.81 43.62 -74.72
C THR Y 523 -45.58 42.36 -73.89
N LEU Y 524 -44.75 42.47 -72.85
CA LEU Y 524 -44.48 41.37 -71.95
C LEU Y 524 -45.20 41.59 -70.63
N GLU Y 525 -46.10 40.68 -70.27
CA GLU Y 525 -46.63 40.69 -68.93
C GLU Y 525 -45.60 40.12 -67.96
N LEU Y 526 -45.74 40.50 -66.69
CA LEU Y 526 -44.79 40.06 -65.67
C LEU Y 526 -45.57 39.76 -64.40
N THR Y 527 -44.84 39.57 -63.30
CA THR Y 527 -45.44 39.17 -62.04
C THR Y 527 -45.80 40.34 -61.14
N ASP Y 528 -45.07 41.45 -61.22
CA ASP Y 528 -45.26 42.58 -60.32
C ASP Y 528 -45.19 43.87 -61.12
N ASP Y 529 -45.43 44.97 -60.43
CA ASP Y 529 -45.35 46.29 -61.04
C ASP Y 529 -43.91 46.65 -61.33
N ILE Y 530 -43.68 47.32 -62.46
CA ILE Y 530 -42.34 47.63 -62.96
C ILE Y 530 -42.07 49.10 -62.74
N LEU Y 531 -40.97 49.41 -62.04
CA LEU Y 531 -40.67 50.76 -61.61
C LEU Y 531 -39.48 51.39 -62.31
N CYS Y 532 -38.44 50.62 -62.63
CA CYS Y 532 -37.26 51.18 -63.30
C CYS Y 532 -36.83 50.28 -64.44
N VAL Y 533 -36.68 50.87 -65.62
CA VAL Y 533 -36.24 50.17 -66.82
C VAL Y 533 -35.10 50.95 -67.45
N ARG Y 534 -33.96 50.29 -67.68
CA ARG Y 534 -32.89 50.89 -68.45
C ARG Y 534 -32.49 49.96 -69.59
N VAL Y 535 -32.38 50.53 -70.79
CA VAL Y 535 -31.80 49.84 -71.94
C VAL Y 535 -30.29 50.02 -71.88
N SER Y 536 -29.56 48.97 -72.26
CA SER Y 536 -28.11 49.02 -72.26
C SER Y 536 -27.59 49.99 -73.32
N PRO Y 537 -26.49 50.69 -73.02
CA PRO Y 537 -25.80 51.45 -74.08
C PRO Y 537 -25.16 50.57 -75.13
N ASP Y 538 -24.92 49.30 -74.82
CA ASP Y 538 -24.51 48.33 -75.82
C ASP Y 538 -25.69 47.79 -76.62
N ASP Y 539 -26.92 48.21 -76.27
CA ASP Y 539 -28.18 47.82 -76.94
C ASP Y 539 -28.38 46.30 -76.91
N ARG Y 540 -28.05 45.70 -75.77
CA ARG Y 540 -28.17 44.26 -75.59
C ARG Y 540 -28.93 43.85 -74.34
N TYR Y 541 -29.09 44.73 -73.35
CA TYR Y 541 -29.73 44.39 -72.08
C TYR Y 541 -30.90 45.33 -71.81
N LEU Y 542 -31.86 44.82 -71.05
CA LEU Y 542 -33.00 45.61 -70.58
C LEU Y 542 -33.36 45.11 -69.18
N ALA Y 543 -32.96 45.86 -68.17
CA ALA Y 543 -33.20 45.49 -66.78
C ALA Y 543 -34.56 46.00 -66.34
N ILE Y 544 -35.21 45.26 -65.44
CA ILE Y 544 -36.53 45.60 -64.95
C ILE Y 544 -36.52 45.50 -63.43
N SER Y 545 -36.97 46.56 -62.76
CA SER Y 545 -37.14 46.57 -61.32
C SER Y 545 -38.60 46.23 -61.02
N LEU Y 546 -38.83 45.07 -60.42
CA LEU Y 546 -40.19 44.67 -60.08
C LEU Y 546 -40.63 45.36 -58.79
N LEU Y 547 -41.90 45.16 -58.43
CA LEU Y 547 -42.41 45.72 -57.18
C LEU Y 547 -41.83 45.02 -55.95
N ASP Y 548 -41.31 43.80 -56.11
CA ASP Y 548 -40.55 43.15 -55.06
C ASP Y 548 -39.14 43.72 -55.02
N ASN Y 549 -38.27 43.11 -54.21
CA ASN Y 549 -36.86 43.48 -54.17
C ASN Y 549 -36.06 42.74 -55.23
N THR Y 550 -36.51 42.80 -56.48
CA THR Y 550 -35.95 41.99 -57.55
C THR Y 550 -35.64 42.84 -58.76
N VAL Y 551 -34.43 42.66 -59.29
CA VAL Y 551 -34.01 43.28 -60.54
C VAL Y 551 -33.76 42.16 -61.53
N LYS Y 552 -34.62 42.04 -62.53
CA LYS Y 552 -34.49 41.02 -63.57
C LYS Y 552 -34.04 41.70 -64.86
N VAL Y 553 -32.91 41.24 -65.40
CA VAL Y 553 -32.32 41.80 -66.61
C VAL Y 553 -32.55 40.81 -67.75
N PHE Y 554 -33.07 41.32 -68.86
CA PHE Y 554 -33.33 40.49 -70.03
C PHE Y 554 -32.35 40.85 -71.14
N PHE Y 555 -32.23 39.93 -72.11
CA PHE Y 555 -31.53 40.24 -73.35
C PHE Y 555 -32.46 41.05 -74.24
N LEU Y 556 -31.97 42.21 -74.71
CA LEU Y 556 -32.80 43.09 -75.52
C LEU Y 556 -33.11 42.48 -76.89
N ASP Y 557 -32.25 41.58 -77.36
CA ASP Y 557 -32.47 40.96 -78.66
C ASP Y 557 -33.60 39.93 -78.62
N SER Y 558 -33.85 39.30 -77.48
CA SER Y 558 -34.61 38.06 -77.47
C SER Y 558 -35.69 37.92 -76.41
N MET Y 559 -35.71 38.77 -75.37
CA MET Y 559 -36.64 38.66 -74.22
C MET Y 559 -36.55 37.27 -73.56
N LYS Y 560 -35.33 36.83 -73.27
CA LYS Y 560 -35.10 35.42 -72.95
C LYS Y 560 -34.81 35.15 -71.48
N PHE Y 561 -35.08 36.12 -70.59
CA PHE Y 561 -34.99 35.97 -69.12
C PHE Y 561 -33.58 35.55 -68.70
N TYR Y 562 -32.64 36.47 -68.92
CA TYR Y 562 -31.22 36.17 -68.73
C TYR Y 562 -30.88 35.95 -67.26
N LEU Y 563 -31.28 36.87 -66.39
CA LEU Y 563 -30.80 36.81 -65.01
C LEU Y 563 -31.76 37.59 -64.11
N SER Y 564 -31.72 37.26 -62.81
CA SER Y 564 -32.45 37.97 -61.79
C SER Y 564 -31.52 38.28 -60.62
N LEU Y 565 -31.71 39.45 -60.02
CA LEU Y 565 -30.98 39.87 -58.83
C LEU Y 565 -31.96 40.03 -57.69
N TYR Y 566 -31.48 39.82 -56.46
CA TYR Y 566 -32.36 39.77 -55.31
C TYR Y 566 -31.58 40.09 -54.05
N GLY Y 567 -32.25 40.71 -53.08
CA GLY Y 567 -31.66 40.97 -51.79
C GLY Y 567 -31.69 42.43 -51.38
N HIS Y 568 -32.64 43.19 -51.92
CA HIS Y 568 -32.74 44.61 -51.65
C HIS Y 568 -33.70 44.97 -50.52
N LYS Y 569 -34.53 44.01 -50.07
CA LYS Y 569 -35.50 44.14 -48.99
C LYS Y 569 -36.60 45.19 -49.21
N LEU Y 570 -36.62 45.83 -50.37
CA LEU Y 570 -37.54 46.91 -50.70
C LEU Y 570 -37.55 47.03 -52.22
N PRO Y 571 -38.59 47.62 -52.81
CA PRO Y 571 -38.61 47.79 -54.28
C PRO Y 571 -37.51 48.73 -54.77
N VAL Y 572 -36.93 48.37 -55.90
CA VAL Y 572 -35.77 49.07 -56.44
C VAL Y 572 -36.25 50.25 -57.29
N LEU Y 573 -35.73 51.44 -57.00
CA LEU Y 573 -36.16 52.65 -57.67
C LEU Y 573 -35.27 53.04 -58.84
N SER Y 574 -33.98 52.72 -58.80
CA SER Y 574 -33.04 53.11 -59.85
C SER Y 574 -32.20 51.91 -60.27
N ILE Y 575 -32.06 51.72 -61.57
CA ILE Y 575 -31.15 50.73 -62.14
C ILE Y 575 -30.19 51.43 -63.08
N ASP Y 576 -28.90 51.16 -62.92
CA ASP Y 576 -27.90 51.57 -63.89
C ASP Y 576 -27.01 50.38 -64.23
N ILE Y 577 -26.51 50.38 -65.46
CA ILE Y 577 -25.39 49.53 -65.84
C ILE Y 577 -24.36 50.43 -66.50
N SER Y 578 -23.11 49.96 -66.54
CA SER Y 578 -22.02 50.78 -67.02
C SER Y 578 -22.08 50.93 -68.54
N PHE Y 579 -21.20 51.80 -69.05
CA PHE Y 579 -21.18 52.07 -70.48
C PHE Y 579 -20.60 50.90 -71.28
N ASP Y 580 -19.63 50.18 -70.69
CA ASP Y 580 -19.08 49.00 -71.31
C ASP Y 580 -19.85 47.72 -70.96
N SER Y 581 -20.90 47.86 -70.14
CA SER Y 581 -21.84 46.79 -69.78
C SER Y 581 -21.15 45.62 -69.09
N LYS Y 582 -20.39 45.92 -68.04
CA LYS Y 582 -19.83 44.90 -67.17
C LYS Y 582 -20.45 44.85 -65.78
N MET Y 583 -20.84 45.99 -65.21
CA MET Y 583 -21.39 45.98 -63.86
C MET Y 583 -22.74 46.69 -63.83
N ILE Y 584 -23.64 46.16 -63.02
CA ILE Y 584 -24.94 46.75 -62.76
C ILE Y 584 -24.85 47.54 -61.46
N ILE Y 585 -25.42 48.74 -61.44
CA ILE Y 585 -25.51 49.50 -60.19
C ILE Y 585 -26.97 49.81 -59.93
N THR Y 586 -27.48 49.28 -58.82
CA THR Y 586 -28.88 49.44 -58.43
C THR Y 586 -28.95 50.00 -57.02
N SER Y 587 -30.08 50.62 -56.71
CA SER Y 587 -30.35 51.09 -55.36
C SER Y 587 -31.85 51.17 -55.15
N SER Y 588 -32.27 50.90 -53.92
CA SER Y 588 -33.69 50.88 -53.57
C SER Y 588 -33.95 51.91 -52.47
N ALA Y 589 -35.16 51.87 -51.92
CA ALA Y 589 -35.57 52.80 -50.89
C ALA Y 589 -35.01 52.47 -49.51
N ASP Y 590 -34.28 51.38 -49.37
CA ASP Y 590 -33.67 51.01 -48.10
C ASP Y 590 -32.25 51.54 -47.95
N LYS Y 591 -31.91 52.62 -48.67
CA LYS Y 591 -30.71 53.44 -48.47
C LYS Y 591 -29.41 52.67 -48.72
N ASN Y 592 -29.38 51.75 -49.69
CA ASN Y 592 -28.12 51.10 -50.01
C ASN Y 592 -27.97 50.96 -51.50
N ILE Y 593 -26.72 51.01 -51.95
CA ILE Y 593 -26.35 50.76 -53.34
C ILE Y 593 -25.68 49.40 -53.39
N LYS Y 594 -26.28 48.48 -54.13
CA LYS Y 594 -25.80 47.11 -54.25
C LYS Y 594 -25.31 46.95 -55.68
N ILE Y 595 -24.01 47.17 -55.90
CA ILE Y 595 -23.42 47.11 -57.22
C ILE Y 595 -23.34 45.65 -57.66
N TRP Y 596 -23.99 45.33 -58.76
CA TRP Y 596 -24.02 43.96 -59.27
C TRP Y 596 -23.06 43.80 -60.43
N GLY Y 597 -22.89 42.55 -60.86
CA GLY Y 597 -22.11 42.24 -62.03
C GLY Y 597 -22.99 41.77 -63.18
N LEU Y 598 -22.83 42.39 -64.35
CA LEU Y 598 -23.70 42.06 -65.47
C LEU Y 598 -23.36 40.70 -66.07
N ASP Y 599 -22.10 40.27 -65.97
CA ASP Y 599 -21.68 39.04 -66.61
C ASP Y 599 -22.22 37.81 -65.89
N PHE Y 600 -22.12 37.79 -64.56
CA PHE Y 600 -22.42 36.59 -63.79
C PHE Y 600 -23.52 36.75 -62.77
N GLY Y 601 -23.98 37.97 -62.49
CA GLY Y 601 -24.94 38.18 -61.44
C GLY Y 601 -24.37 38.26 -60.05
N ASP Y 602 -23.06 38.43 -59.92
CA ASP Y 602 -22.41 38.56 -58.62
C ASP Y 602 -22.56 40.00 -58.13
N CYS Y 603 -21.83 40.34 -57.08
CA CYS Y 603 -21.78 41.70 -56.57
C CYS Y 603 -20.35 42.08 -56.28
N HIS Y 604 -20.14 43.36 -56.06
CA HIS Y 604 -18.83 43.88 -55.72
C HIS Y 604 -18.83 44.71 -54.44
N LYS Y 605 -19.88 45.47 -54.19
CA LYS Y 605 -19.93 46.37 -53.05
C LYS Y 605 -21.38 46.67 -52.70
N SER Y 606 -21.76 46.40 -51.45
CA SER Y 606 -23.04 46.82 -50.91
C SER Y 606 -22.79 47.99 -49.98
N LEU Y 607 -23.23 49.18 -50.40
CA LEU Y 607 -22.81 50.42 -49.78
C LEU Y 607 -24.03 51.17 -49.23
N PHE Y 608 -24.13 51.26 -47.92
CA PHE Y 608 -25.17 52.06 -47.29
C PHE Y 608 -24.77 53.54 -47.32
N ALA Y 609 -25.70 54.38 -47.77
CA ALA Y 609 -25.51 55.82 -47.80
C ALA Y 609 -26.88 56.47 -47.86
N HIS Y 610 -26.89 57.81 -47.84
CA HIS Y 610 -28.07 58.63 -48.12
C HIS Y 610 -29.23 58.37 -47.17
N GLN Y 611 -29.10 58.87 -45.94
CA GLN Y 611 -29.82 58.44 -44.74
C GLN Y 611 -31.34 58.40 -44.83
N ASP Y 612 -31.97 58.99 -45.85
CA ASP Y 612 -33.44 58.91 -45.95
C ASP Y 612 -33.88 57.75 -46.83
N SER Y 613 -33.60 57.84 -48.14
CA SER Y 613 -33.87 56.82 -49.14
C SER Y 613 -33.23 57.20 -50.46
N ILE Y 614 -32.57 56.27 -51.13
CA ILE Y 614 -31.87 56.58 -52.38
C ILE Y 614 -32.88 56.57 -53.52
N MET Y 615 -32.89 57.65 -54.30
CA MET Y 615 -33.90 57.84 -55.34
C MET Y 615 -33.39 57.49 -56.74
N ASN Y 616 -32.31 58.11 -57.20
CA ASN Y 616 -31.85 57.89 -58.56
C ASN Y 616 -30.33 57.80 -58.62
N VAL Y 617 -29.84 57.08 -59.62
CA VAL Y 617 -28.42 56.86 -59.86
C VAL Y 617 -28.15 57.15 -61.33
N LYS Y 618 -27.12 57.96 -61.59
CA LYS Y 618 -26.70 58.26 -62.96
C LYS Y 618 -25.21 57.99 -63.09
N PHE Y 619 -24.78 57.66 -64.31
CA PHE Y 619 -23.42 57.24 -64.62
C PHE Y 619 -22.67 58.29 -65.43
N LEU Y 620 -21.38 58.44 -65.15
CA LEU Y 620 -20.51 59.18 -66.05
C LEU Y 620 -20.31 58.37 -67.32
N PRO Y 621 -20.34 59.03 -68.49
CA PRO Y 621 -20.30 58.28 -69.76
C PRO Y 621 -18.91 57.85 -70.20
N GLN Y 622 -17.86 58.22 -69.48
CA GLN Y 622 -16.50 57.82 -69.85
C GLN Y 622 -15.75 57.08 -68.74
N SER Y 623 -16.18 57.17 -67.49
CA SER Y 623 -15.50 56.52 -66.38
C SER Y 623 -16.52 55.86 -65.46
N HIS Y 624 -16.05 54.87 -64.72
CA HIS Y 624 -16.91 54.15 -63.79
C HIS Y 624 -17.18 55.02 -62.57
N ASN Y 625 -18.16 55.91 -62.67
CA ASN Y 625 -18.50 56.83 -61.61
C ASN Y 625 -20.02 56.95 -61.56
N PHE Y 626 -20.59 56.95 -60.35
CA PHE Y 626 -22.03 57.01 -60.22
C PHE Y 626 -22.43 58.09 -59.23
N PHE Y 627 -23.32 58.97 -59.67
CA PHE Y 627 -23.87 60.04 -58.85
C PHE Y 627 -25.20 59.56 -58.28
N SER Y 628 -25.33 59.63 -56.96
CA SER Y 628 -26.53 59.22 -56.27
C SER Y 628 -27.25 60.44 -55.70
N CYS Y 629 -28.50 60.63 -56.09
CA CYS Y 629 -29.35 61.65 -55.52
C CYS Y 629 -30.44 60.97 -54.72
N SER Y 630 -30.89 61.63 -53.66
CA SER Y 630 -31.71 60.94 -52.67
C SER Y 630 -32.65 61.93 -51.99
N LYS Y 631 -33.43 61.43 -51.05
CA LYS Y 631 -34.44 62.23 -50.37
C LYS Y 631 -33.85 63.18 -49.32
N ASP Y 632 -32.63 62.92 -48.85
CA ASP Y 632 -32.04 63.74 -47.79
C ASP Y 632 -31.09 64.79 -48.34
N ALA Y 633 -31.38 65.31 -49.53
CA ALA Y 633 -30.80 66.56 -50.07
C ALA Y 633 -29.30 66.49 -50.28
N VAL Y 634 -28.76 65.31 -50.56
CA VAL Y 634 -27.33 65.17 -50.76
C VAL Y 634 -27.08 64.40 -52.06
N VAL Y 635 -26.19 64.94 -52.89
CA VAL Y 635 -25.76 64.29 -54.11
C VAL Y 635 -24.31 63.87 -53.92
N LYS Y 636 -24.05 62.57 -54.01
CA LYS Y 636 -22.74 62.02 -53.71
C LYS Y 636 -22.14 61.40 -54.96
N TYR Y 637 -20.85 61.62 -55.16
CA TYR Y 637 -20.13 61.17 -56.34
C TYR Y 637 -19.08 60.15 -55.89
N TRP Y 638 -19.24 58.91 -56.34
CA TRP Y 638 -18.38 57.81 -55.93
C TRP Y 638 -17.61 57.27 -57.13
N ASP Y 639 -16.57 56.51 -56.84
CA ASP Y 639 -15.77 55.85 -57.86
C ASP Y 639 -16.14 54.38 -57.95
N GLY Y 640 -16.04 53.83 -59.15
CA GLY Y 640 -16.37 52.43 -59.36
C GLY Y 640 -15.22 51.48 -59.15
N GLU Y 641 -14.10 52.00 -58.66
CA GLU Y 641 -12.92 51.18 -58.40
C GLU Y 641 -12.49 51.20 -56.94
N LYS Y 642 -12.90 52.18 -56.15
CA LYS Y 642 -12.66 52.19 -54.71
C LYS Y 642 -13.93 52.23 -53.88
N PHE Y 643 -15.05 52.73 -54.43
CA PHE Y 643 -16.34 52.85 -53.75
C PHE Y 643 -16.26 53.68 -52.47
N GLU Y 644 -15.50 54.76 -52.54
CA GLU Y 644 -15.48 55.78 -51.49
C GLU Y 644 -16.11 57.07 -52.01
N CYS Y 645 -16.50 57.93 -51.08
CA CYS Y 645 -17.09 59.21 -51.45
C CYS Y 645 -16.00 60.14 -51.97
N ILE Y 646 -16.07 60.46 -53.25
CA ILE Y 646 -15.07 61.34 -53.84
C ILE Y 646 -15.50 62.80 -53.75
N GLN Y 647 -16.79 63.09 -53.91
CA GLN Y 647 -17.32 64.43 -53.72
C GLN Y 647 -18.68 64.33 -53.06
N LYS Y 648 -19.00 65.34 -52.26
CA LYS Y 648 -20.30 65.42 -51.58
C LYS Y 648 -20.89 66.80 -51.85
N LEU Y 649 -22.12 66.83 -52.36
CA LEU Y 649 -22.77 68.06 -52.80
C LEU Y 649 -23.95 68.36 -51.89
N TYR Y 650 -24.12 69.63 -51.55
CA TYR Y 650 -25.14 70.09 -50.61
C TYR Y 650 -25.84 71.32 -51.18
N ALA Y 651 -26.35 71.19 -52.40
CA ALA Y 651 -26.92 72.32 -53.13
C ALA Y 651 -28.14 72.92 -52.42
N HIS Y 652 -29.03 72.08 -51.92
CA HIS Y 652 -30.28 72.56 -51.36
C HIS Y 652 -30.65 71.70 -50.16
N GLN Y 653 -31.90 71.84 -49.70
CA GLN Y 653 -32.34 71.22 -48.47
C GLN Y 653 -33.57 70.32 -48.62
N SER Y 654 -34.30 70.41 -49.73
CA SER Y 654 -35.49 69.60 -49.92
C SER Y 654 -35.15 68.31 -50.65
N GLU Y 655 -36.17 67.59 -51.09
CA GLU Y 655 -35.98 66.31 -51.77
C GLU Y 655 -35.41 66.52 -53.17
N VAL Y 656 -34.66 65.53 -53.66
CA VAL Y 656 -34.12 65.53 -55.01
C VAL Y 656 -34.91 64.49 -55.80
N TRP Y 657 -35.68 64.95 -56.78
CA TRP Y 657 -36.59 64.04 -57.49
C TRP Y 657 -35.87 63.25 -58.56
N ALA Y 658 -35.06 63.92 -59.39
CA ALA Y 658 -34.41 63.25 -60.51
C ALA Y 658 -33.00 63.78 -60.68
N LEU Y 659 -32.22 63.06 -61.47
CA LEU Y 659 -30.82 63.40 -61.73
C LEU Y 659 -30.52 63.10 -63.19
N ALA Y 660 -29.55 63.81 -63.75
CA ALA Y 660 -29.17 63.64 -65.14
C ALA Y 660 -27.71 64.02 -65.33
N VAL Y 661 -27.04 63.30 -66.22
CA VAL Y 661 -25.62 63.48 -66.51
C VAL Y 661 -25.45 63.64 -68.01
N ALA Y 662 -24.63 64.62 -68.42
CA ALA Y 662 -24.38 64.88 -69.83
C ALA Y 662 -23.70 63.70 -70.51
N THR Y 663 -24.01 63.52 -71.80
CA THR Y 663 -23.56 62.35 -72.53
C THR Y 663 -22.09 62.43 -72.97
N ASP Y 664 -21.51 63.63 -73.03
CA ASP Y 664 -20.10 63.69 -73.41
C ASP Y 664 -19.26 64.53 -72.46
N GLY Y 665 -19.79 65.64 -71.96
CA GLY Y 665 -19.01 66.51 -71.09
C GLY Y 665 -18.89 65.96 -69.69
N GLY Y 666 -20.02 65.87 -69.00
CA GLY Y 666 -20.02 65.30 -67.66
C GLY Y 666 -20.61 66.20 -66.60
N PHE Y 667 -21.30 67.26 -66.99
CA PHE Y 667 -21.98 68.07 -65.99
C PHE Y 667 -23.25 67.35 -65.53
N VAL Y 668 -23.55 67.51 -64.24
CA VAL Y 668 -24.63 66.79 -63.59
C VAL Y 668 -25.75 67.78 -63.31
N VAL Y 669 -26.98 67.40 -63.67
CA VAL Y 669 -28.16 68.22 -63.45
C VAL Y 669 -29.00 67.54 -62.38
N SER Y 670 -29.32 68.28 -61.32
CA SER Y 670 -30.11 67.77 -60.21
C SER Y 670 -31.43 68.52 -60.14
N SER Y 671 -32.54 67.78 -60.16
CA SER Y 671 -33.88 68.35 -60.08
C SER Y 671 -34.41 68.15 -58.68
N SER Y 672 -34.88 69.23 -58.06
CA SER Y 672 -35.18 69.24 -56.64
C SER Y 672 -36.68 69.31 -56.38
N HIS Y 673 -37.06 69.12 -55.12
CA HIS Y 673 -38.44 69.31 -54.71
C HIS Y 673 -38.80 70.78 -54.62
N ASP Y 674 -37.87 71.62 -54.16
CA ASP Y 674 -38.12 73.06 -54.15
C ASP Y 674 -37.63 73.73 -55.43
N HIS Y 675 -38.00 73.09 -56.56
CA HIS Y 675 -37.93 73.65 -57.92
C HIS Y 675 -36.54 74.17 -58.29
N SER Y 676 -35.50 73.46 -57.84
CA SER Y 676 -34.12 73.88 -58.06
C SER Y 676 -33.46 72.99 -59.10
N ILE Y 677 -32.82 73.62 -60.08
CA ILE Y 677 -32.09 72.92 -61.13
C ILE Y 677 -30.63 73.34 -61.00
N ARG Y 678 -29.79 72.44 -60.49
CA ARG Y 678 -28.38 72.74 -60.25
C ARG Y 678 -27.54 72.01 -61.28
N ILE Y 679 -26.71 72.76 -62.00
CA ILE Y 679 -25.84 72.19 -63.03
C ILE Y 679 -24.40 72.32 -62.56
N TRP Y 680 -23.69 71.20 -62.53
CA TRP Y 680 -22.39 71.10 -61.88
C TRP Y 680 -21.29 70.94 -62.92
N GLU Y 681 -20.67 72.05 -63.30
CA GLU Y 681 -19.59 72.02 -64.27
C GLU Y 681 -18.28 71.64 -63.59
N GLU Y 682 -17.55 70.72 -64.20
CA GLU Y 682 -16.34 70.15 -63.63
C GLU Y 682 -15.12 71.01 -63.94
N THR Y 683 -14.16 70.99 -63.03
CA THR Y 683 -12.90 71.70 -63.22
C THR Y 683 -11.74 70.72 -63.33
N SER Y 741 -4.44 81.10 -11.01
CA SER Y 741 -3.65 82.33 -11.00
C SER Y 741 -3.32 82.74 -9.57
N LEU Y 742 -4.29 83.34 -8.90
CA LEU Y 742 -4.11 83.78 -7.53
C LEU Y 742 -4.49 82.65 -6.57
N LYS Y 743 -4.46 82.95 -5.28
CA LYS Y 743 -4.81 82.00 -4.24
C LYS Y 743 -5.72 82.73 -3.25
N ALA Y 744 -6.57 81.97 -2.56
CA ALA Y 744 -7.35 82.53 -1.46
C ALA Y 744 -6.40 83.05 -0.38
N GLY Y 745 -6.76 84.18 0.21
CA GLY Y 745 -5.85 84.92 1.05
C GLY Y 745 -5.15 86.01 0.26
N GLU Y 746 -4.61 85.65 -0.90
CA GLU Y 746 -4.07 86.68 -1.79
C GLU Y 746 -5.18 87.43 -2.51
N ARG Y 747 -6.30 86.75 -2.80
CA ARG Y 747 -7.42 87.42 -3.45
C ARG Y 747 -8.10 88.40 -2.51
N LEU Y 748 -8.14 88.09 -1.22
CA LEU Y 748 -8.78 88.98 -0.27
C LEU Y 748 -7.86 90.18 0.00
N MET Y 749 -6.54 89.96 -0.09
CA MET Y 749 -5.56 91.01 0.16
C MET Y 749 -5.69 92.14 -0.86
N GLU Y 750 -5.80 91.78 -2.15
CA GLU Y 750 -5.98 92.76 -3.19
C GLU Y 750 -7.36 93.40 -3.12
N ALA Y 751 -8.35 92.65 -2.64
CA ALA Y 751 -9.65 93.24 -2.35
C ALA Y 751 -9.57 94.19 -1.16
N LEU Y 752 -8.81 93.81 -0.12
CA LEU Y 752 -8.66 94.68 1.05
C LEU Y 752 -7.89 95.95 0.72
N ASP Y 753 -6.85 95.82 -0.12
CA ASP Y 753 -6.02 96.98 -0.44
C ASP Y 753 -6.77 97.97 -1.34
N LEU Y 754 -7.60 97.45 -2.25
CA LEU Y 754 -8.28 98.33 -3.20
C LEU Y 754 -9.41 99.10 -2.53
N GLY Y 755 -10.23 98.42 -1.73
CA GLY Y 755 -11.40 99.07 -1.16
C GLY Y 755 -11.07 100.08 -0.08
N ILE Y 756 -10.11 99.75 0.79
CA ILE Y 756 -9.80 100.63 1.91
C ILE Y 756 -8.98 101.84 1.46
N ALA Y 757 -8.16 101.71 0.43
CA ALA Y 757 -7.56 102.89 -0.20
C ALA Y 757 -8.62 103.78 -0.82
N GLU Y 758 -9.69 103.18 -1.34
CA GLU Y 758 -10.84 103.96 -1.75
C GLU Y 758 -11.61 104.50 -0.54
N ILE Y 759 -11.68 103.71 0.54
CA ILE Y 759 -12.37 104.15 1.75
C ILE Y 759 -11.58 105.28 2.41
N GLU Y 760 -10.26 105.13 2.51
CA GLU Y 760 -9.44 106.21 3.04
C GLU Y 760 -9.37 107.38 2.07
N GLY Y 761 -9.61 107.13 0.79
CA GLY Y 761 -9.72 108.22 -0.16
C GLY Y 761 -10.94 109.09 0.09
N LEU Y 762 -12.09 108.46 0.32
CA LEU Y 762 -13.30 109.24 0.57
C LEU Y 762 -13.33 109.78 2.00
N GLU Y 763 -12.57 109.17 2.91
CA GLU Y 763 -12.52 109.66 4.28
C GLU Y 763 -11.75 110.97 4.38
N ALA Y 764 -10.60 111.05 3.70
CA ALA Y 764 -9.85 112.30 3.66
C ALA Y 764 -10.58 113.36 2.84
N TYR Y 765 -11.35 112.94 1.83
CA TYR Y 765 -12.14 113.90 1.07
C TYR Y 765 -13.31 114.42 1.89
N ASN Y 766 -13.88 113.57 2.75
CA ASN Y 766 -14.93 114.05 3.66
C ASN Y 766 -14.36 115.00 4.70
N ARG Y 767 -13.12 114.77 5.13
CA ARG Y 767 -12.46 115.72 6.02
C ARG Y 767 -12.05 116.98 5.29
N ASP Y 768 -11.90 116.91 3.96
CA ASP Y 768 -11.59 118.11 3.18
C ASP Y 768 -12.77 119.07 3.15
N MET Y 769 -13.97 118.56 2.82
CA MET Y 769 -15.15 119.41 2.75
C MET Y 769 -15.65 119.83 4.12
N LYS Y 770 -15.25 119.12 5.18
CA LYS Y 770 -15.50 119.61 6.53
C LYS Y 770 -14.58 120.78 6.86
N LEU Y 771 -13.42 120.86 6.22
CA LEU Y 771 -12.50 121.96 6.40
C LEU Y 771 -12.68 123.02 5.32
N UNK Y 772 -13.34 122.66 4.23
CA UNK Y 772 -13.58 123.59 3.14
C UNK Y 772 -14.82 124.44 3.39
N UNK Y 773 -15.99 123.86 3.13
CA UNK Y 773 -17.25 124.57 3.25
C UNK Y 773 -17.74 124.63 4.69
N UNK Y 774 -16.98 125.30 5.55
CA UNK Y 774 -17.35 125.48 6.96
C UNK Y 774 -16.62 126.69 7.52
N UNK Y 775 -15.30 126.60 7.57
CA UNK Y 775 -14.47 127.70 8.04
C UNK Y 775 -14.39 128.79 6.98
N UNK Y 776 -13.48 128.62 6.03
CA UNK Y 776 -13.30 129.57 4.95
C UNK Y 776 -13.97 129.06 3.67
N UNK Y 777 -13.23 129.09 2.57
CA UNK Y 777 -13.73 128.56 1.30
C UNK Y 777 -13.01 127.26 0.99
N UNK Y 778 -11.69 127.37 0.75
CA UNK Y 778 -10.77 126.25 0.50
C UNK Y 778 -11.14 125.35 -0.67
N UNK Y 779 -10.46 125.55 -1.80
CA UNK Y 779 -10.64 124.72 -2.98
C UNK Y 779 -10.14 123.30 -2.71
N UNK Y 780 -11.08 122.38 -2.55
CA UNK Y 780 -10.78 121.01 -2.11
C UNK Y 780 -10.13 120.15 -3.19
N UNK Y 781 -10.07 118.84 -2.92
CA UNK Y 781 -9.46 117.90 -3.84
C UNK Y 781 -10.38 117.54 -5.00
N UNK Y 782 -11.64 117.98 -4.91
CA UNK Y 782 -12.67 117.87 -5.95
C UNK Y 782 -12.92 116.42 -6.38
N LYS Y 783 -13.35 115.60 -5.43
CA LYS Y 783 -13.67 114.18 -5.62
C LYS Y 783 -12.53 113.34 -6.20
N PRO Y 784 -11.76 112.69 -5.33
CA PRO Y 784 -10.79 111.69 -5.81
C PRO Y 784 -11.51 110.55 -6.51
N GLN Y 785 -10.95 110.14 -7.64
CA GLN Y 785 -11.66 109.23 -8.54
C GLN Y 785 -11.68 107.81 -7.99
N GLY Y 786 -12.84 107.17 -8.07
CA GLY Y 786 -12.92 105.76 -7.78
C GLY Y 786 -12.20 104.93 -8.84
N ASN Y 787 -11.83 103.72 -8.46
CA ASN Y 787 -11.08 102.85 -9.36
C ASN Y 787 -11.98 102.36 -10.50
N ALA Y 788 -11.37 102.22 -11.68
CA ALA Y 788 -12.13 101.78 -12.85
C ALA Y 788 -12.56 100.32 -12.73
N VAL Y 789 -11.82 99.51 -11.97
CA VAL Y 789 -12.27 98.17 -11.64
C VAL Y 789 -13.50 98.22 -10.73
N LEU Y 790 -13.56 99.21 -9.84
CA LEU Y 790 -14.73 99.37 -8.97
C LEU Y 790 -15.94 99.90 -9.75
N ILE Y 791 -15.72 100.84 -10.65
CA ILE Y 791 -16.85 101.52 -11.30
C ILE Y 791 -17.40 100.74 -12.49
N ALA Y 792 -16.66 99.74 -12.99
CA ALA Y 792 -17.15 98.98 -14.15
C ALA Y 792 -18.29 98.05 -13.75
N VAL Y 793 -18.13 97.34 -12.63
CA VAL Y 793 -19.20 96.51 -12.10
C VAL Y 793 -20.14 97.34 -11.23
N ASN Y 794 -19.69 98.53 -10.81
CA ASN Y 794 -20.41 99.45 -9.91
C ASN Y 794 -20.79 98.76 -8.60
N LYS Y 795 -19.78 98.27 -7.90
CA LYS Y 795 -19.92 97.77 -6.55
C LYS Y 795 -19.33 98.79 -5.59
N THR Y 796 -20.06 99.07 -4.51
CA THR Y 796 -19.54 99.93 -3.46
C THR Y 796 -18.34 99.26 -2.79
N PRO Y 797 -17.35 100.04 -2.32
CA PRO Y 797 -16.12 99.43 -1.79
C PRO Y 797 -16.32 98.57 -0.56
N GLU Y 798 -17.35 98.82 0.24
CA GLU Y 798 -17.67 97.88 1.31
C GLU Y 798 -18.22 96.57 0.74
N GLN Y 799 -18.98 96.64 -0.35
CA GLN Y 799 -19.55 95.43 -0.94
C GLN Y 799 -18.51 94.63 -1.69
N TYR Y 800 -17.60 95.31 -2.41
CA TYR Y 800 -16.64 94.63 -3.28
C TYR Y 800 -15.64 93.80 -2.47
N ILE Y 801 -15.25 94.30 -1.30
CA ILE Y 801 -14.47 93.48 -0.38
C ILE Y 801 -15.30 92.30 0.13
N MET Y 802 -16.61 92.52 0.29
CA MET Y 802 -17.44 91.59 1.05
C MET Y 802 -17.68 90.30 0.29
N ASP Y 803 -17.97 90.37 -1.01
CA ASP Y 803 -18.32 89.15 -1.72
C ASP Y 803 -17.11 88.29 -2.04
N THR Y 804 -15.89 88.85 -1.94
CA THR Y 804 -14.71 88.01 -2.00
C THR Y 804 -14.62 87.08 -0.80
N LEU Y 805 -15.17 87.50 0.35
CA LEU Y 805 -15.26 86.61 1.51
C LEU Y 805 -16.23 85.46 1.25
N LEU Y 806 -17.36 85.73 0.59
CA LEU Y 806 -18.26 84.64 0.20
C LEU Y 806 -17.65 83.78 -0.89
N ARG Y 807 -16.83 84.35 -1.77
CA ARG Y 807 -16.22 83.56 -2.83
C ARG Y 807 -15.10 82.65 -2.32
N ILE Y 808 -14.49 82.98 -1.19
CA ILE Y 808 -13.53 82.07 -0.57
C ILE Y 808 -14.29 80.93 0.09
N ARG Y 809 -13.90 79.70 -0.21
CA ARG Y 809 -14.61 78.54 0.32
C ARG Y 809 -14.38 78.34 1.81
N MET Y 810 -15.23 77.49 2.38
CA MET Y 810 -15.43 77.36 3.81
C MET Y 810 -14.26 76.70 4.53
N SER Y 811 -13.60 75.73 3.89
CA SER Y 811 -12.44 75.12 4.49
C SER Y 811 -11.16 75.87 4.18
N GLN Y 812 -11.18 76.68 3.13
CA GLN Y 812 -10.03 77.50 2.79
C GLN Y 812 -9.97 78.79 3.59
N LEU Y 813 -11.06 79.19 4.23
CA LEU Y 813 -11.10 80.49 4.91
C LEU Y 813 -10.29 80.47 6.20
N GLU Y 814 -10.27 79.34 6.91
CA GLU Y 814 -9.55 79.28 8.18
C GLU Y 814 -8.04 79.31 7.97
N ASP Y 815 -7.57 78.85 6.82
CA ASP Y 815 -6.14 78.85 6.53
C ASP Y 815 -5.68 80.03 5.69
N ALA Y 816 -6.59 80.72 5.00
CA ALA Y 816 -6.24 81.92 4.27
C ALA Y 816 -6.47 83.19 5.08
N LEU Y 817 -6.92 83.07 6.31
CA LEU Y 817 -7.10 84.22 7.17
C LEU Y 817 -5.91 84.47 8.08
N MET Y 818 -5.04 83.48 8.25
CA MET Y 818 -3.80 83.63 8.97
C MET Y 818 -2.61 83.95 8.08
N VAL Y 819 -2.80 83.95 6.75
CA VAL Y 819 -1.75 84.40 5.87
C VAL Y 819 -1.72 85.92 5.82
N MET Y 820 -2.74 86.57 6.36
CA MET Y 820 -2.87 88.01 6.32
C MET Y 820 -2.08 88.62 7.49
N PRO Y 821 -1.13 89.50 7.22
CA PRO Y 821 -0.30 90.03 8.30
C PRO Y 821 -1.00 91.16 9.05
N PHE Y 822 -0.32 91.74 10.04
CA PHE Y 822 -0.99 92.64 10.96
C PHE Y 822 -1.31 93.99 10.31
N SER Y 823 -0.57 94.37 9.27
CA SER Y 823 -0.85 95.63 8.59
C SER Y 823 -2.19 95.58 7.87
N TYR Y 824 -2.52 94.43 7.30
CA TYR Y 824 -3.83 94.27 6.69
C TYR Y 824 -4.90 93.95 7.72
N VAL Y 825 -4.50 93.46 8.89
CA VAL Y 825 -5.45 93.20 9.97
C VAL Y 825 -6.05 94.52 10.45
N LEU Y 826 -5.22 95.56 10.56
CA LEU Y 826 -5.70 96.89 10.91
C LEU Y 826 -6.61 97.46 9.83
N LYS Y 827 -6.35 97.11 8.57
CA LYS Y 827 -7.24 97.50 7.50
C LYS Y 827 -8.57 96.75 7.59
N PHE Y 828 -8.52 95.45 7.92
CA PHE Y 828 -9.74 94.66 7.97
C PHE Y 828 -10.63 95.06 9.14
N LEU Y 829 -10.03 95.54 10.23
CA LEU Y 829 -10.82 96.12 11.30
C LEU Y 829 -11.43 97.45 10.87
N LYS Y 830 -10.72 98.19 10.02
CA LYS Y 830 -11.27 99.42 9.46
C LYS Y 830 -12.38 99.12 8.45
N PHE Y 831 -12.28 97.98 7.76
CA PHE Y 831 -13.29 97.61 6.78
C PHE Y 831 -14.63 97.29 7.43
N ILE Y 832 -14.60 96.55 8.54
CA ILE Y 832 -15.84 96.21 9.23
C ILE Y 832 -16.47 97.43 9.86
N ASP Y 833 -15.65 98.36 10.37
CA ASP Y 833 -16.15 99.61 10.92
C ASP Y 833 -16.77 100.52 9.86
N THR Y 834 -16.48 100.29 8.58
CA THR Y 834 -17.15 101.03 7.51
C THR Y 834 -18.39 100.31 7.01
N VAL Y 835 -18.39 98.98 6.98
CA VAL Y 835 -19.59 98.25 6.57
C VAL Y 835 -20.59 98.19 7.72
N MET Y 836 -20.17 98.50 8.94
CA MET Y 836 -21.10 98.61 10.06
C MET Y 836 -21.96 99.86 9.93
N GLN Y 837 -21.50 100.86 9.18
CA GLN Y 837 -22.29 102.06 9.00
C GLN Y 837 -23.49 101.83 8.09
N ASN Y 838 -23.43 100.80 7.25
CA ASN Y 838 -24.58 100.33 6.48
C ASN Y 838 -25.09 99.07 7.14
N LYS Y 839 -26.13 99.21 7.98
CA LYS Y 839 -26.65 98.09 8.76
C LYS Y 839 -27.32 97.04 7.88
N THR Y 840 -27.78 97.45 6.69
CA THR Y 840 -28.36 96.51 5.74
C THR Y 840 -27.32 95.53 5.21
N LEU Y 841 -26.09 95.99 5.02
CA LEU Y 841 -25.03 95.13 4.53
C LEU Y 841 -24.51 94.19 5.60
N LEU Y 842 -24.62 94.55 6.88
CA LEU Y 842 -24.10 93.69 7.94
C LEU Y 842 -25.01 92.47 8.15
N HIS Y 843 -26.31 92.70 8.30
CA HIS Y 843 -27.25 91.65 8.65
C HIS Y 843 -27.47 90.64 7.53
N SER Y 844 -27.01 90.93 6.31
CA SER Y 844 -27.07 89.95 5.23
C SER Y 844 -26.15 88.76 5.50
N HIS Y 845 -24.94 89.03 5.98
CA HIS Y 845 -23.95 87.99 6.30
C HIS Y 845 -23.35 88.24 7.67
N LEU Y 846 -24.21 88.47 8.67
CA LEU Y 846 -23.74 88.72 10.03
C LEU Y 846 -22.99 87.55 10.69
N PRO Y 847 -23.43 86.28 10.62
CA PRO Y 847 -22.59 85.22 11.19
C PRO Y 847 -21.29 84.98 10.42
N LEU Y 848 -21.24 85.33 9.14
CA LEU Y 848 -19.99 85.21 8.40
C LEU Y 848 -18.99 86.27 8.84
N ILE Y 849 -19.47 87.50 9.06
CA ILE Y 849 -18.62 88.57 9.57
C ILE Y 849 -18.14 88.25 10.98
N CYS Y 850 -19.06 87.71 11.80
CA CYS Y 850 -18.74 87.33 13.18
C CYS Y 850 -17.69 86.23 13.22
N LYS Y 851 -17.80 85.25 12.32
CA LYS Y 851 -16.81 84.17 12.29
C LYS Y 851 -15.47 84.66 11.77
N ASN Y 852 -15.47 85.58 10.80
CA ASN Y 852 -14.22 86.07 10.23
C ASN Y 852 -13.52 87.05 11.16
N LEU Y 853 -14.28 87.94 11.81
CA LEU Y 853 -13.66 88.94 12.68
C LEU Y 853 -13.10 88.31 13.94
N PHE Y 854 -13.83 87.37 14.54
CA PHE Y 854 -13.42 86.83 15.83
C PHE Y 854 -12.50 85.63 15.68
N PHE Y 855 -11.99 85.39 14.47
CA PHE Y 855 -10.87 84.49 14.27
C PHE Y 855 -9.58 85.25 14.03
N ILE Y 856 -9.65 86.41 13.36
CA ILE Y 856 -8.46 87.24 13.16
C ILE Y 856 -8.00 87.82 14.50
N ILE Y 857 -8.94 88.40 15.25
CA ILE Y 857 -8.59 89.04 16.51
C ILE Y 857 -8.22 87.98 17.55
N LYS Y 858 -8.80 86.79 17.46
CA LYS Y 858 -8.38 85.68 18.32
C LYS Y 858 -6.96 85.23 18.01
N PHE Y 859 -6.59 85.16 16.72
CA PHE Y 859 -5.27 84.67 16.37
C PHE Y 859 -4.21 85.77 16.48
N ASN Y 860 -4.55 86.99 16.09
CA ASN Y 860 -3.62 88.12 16.14
C ASN Y 860 -3.77 88.93 17.41
N HIS Y 861 -4.06 88.27 18.53
CA HIS Y 861 -4.46 88.97 19.76
C HIS Y 861 -3.28 89.70 20.39
N LYS Y 862 -2.08 89.11 20.32
CA LYS Y 862 -0.95 89.66 21.06
C LYS Y 862 -0.45 90.94 20.43
N GLU Y 863 -0.48 91.04 19.11
CA GLU Y 863 -0.09 92.29 18.46
C GLU Y 863 -1.20 93.33 18.55
N LEU Y 864 -2.46 92.90 18.48
CA LEU Y 864 -3.57 93.84 18.47
C LEU Y 864 -3.78 94.50 19.83
N VAL Y 865 -3.38 93.83 20.90
CA VAL Y 865 -3.54 94.41 22.23
C VAL Y 865 -2.30 95.21 22.64
N SER Y 866 -1.11 94.73 22.31
CA SER Y 866 0.12 95.37 22.78
C SER Y 866 0.65 96.42 21.80
N GLN Y 867 -0.21 96.92 20.91
CA GLN Y 867 0.11 98.08 20.10
C GLN Y 867 -0.81 99.23 20.48
N LYS Y 868 -0.21 100.33 20.94
CA LYS Y 868 -0.97 101.45 21.49
C LYS Y 868 -1.44 102.34 20.35
N ASN Y 869 -2.76 102.56 20.31
CA ASN Y 869 -3.36 103.46 19.32
C ASN Y 869 -4.71 103.89 19.86
N GLU Y 870 -4.94 105.20 19.93
CA GLU Y 870 -6.25 105.70 20.35
C GLU Y 870 -7.31 105.41 19.30
N GLU Y 871 -6.93 105.40 18.01
CA GLU Y 871 -7.87 105.09 16.95
C GLU Y 871 -8.32 103.64 17.01
N LEU Y 872 -7.42 102.73 17.37
CA LEU Y 872 -7.81 101.33 17.53
C LEU Y 872 -8.72 101.14 18.73
N LYS Y 873 -8.53 101.95 19.78
CA LYS Y 873 -9.42 101.91 20.93
C LYS Y 873 -10.81 102.41 20.55
N LEU Y 874 -10.88 103.40 19.66
CA LEU Y 874 -12.16 103.94 19.25
C LEU Y 874 -12.86 103.03 18.24
N GLN Y 875 -12.10 102.39 17.35
CA GLN Y 875 -12.71 101.59 16.29
C GLN Y 875 -13.31 100.31 16.84
N ILE Y 876 -12.62 99.65 17.78
CA ILE Y 876 -13.16 98.44 18.37
C ILE Y 876 -14.32 98.78 19.30
N ASN Y 877 -14.28 99.96 19.94
CA ASN Y 877 -15.42 100.40 20.77
C ASN Y 877 -16.66 100.65 19.92
N ARG Y 878 -16.48 101.16 18.71
CA ARG Y 878 -17.62 101.33 17.81
C ARG Y 878 -18.11 99.98 17.29
N VAL Y 879 -17.19 99.05 17.05
CA VAL Y 879 -17.59 97.83 16.36
C VAL Y 879 -18.04 96.76 17.36
N LYS Y 880 -17.61 96.82 18.62
CA LYS Y 880 -18.10 95.86 19.60
C LYS Y 880 -19.50 96.23 20.05
N THR Y 881 -19.75 97.53 20.24
CA THR Y 881 -21.07 97.98 20.70
C THR Y 881 -22.12 97.82 19.61
N GLU Y 882 -21.71 97.91 18.35
CA GLU Y 882 -22.67 97.80 17.26
C GLU Y 882 -22.93 96.34 16.88
N LEU Y 883 -21.90 95.49 16.94
CA LEU Y 883 -22.11 94.08 16.64
C LEU Y 883 -22.91 93.39 17.73
N ARG Y 884 -22.68 93.77 18.99
CA ARG Y 884 -23.49 93.24 20.08
C ARG Y 884 -24.94 93.70 19.97
N SER Y 885 -25.15 94.96 19.58
CA SER Y 885 -26.51 95.47 19.41
C SER Y 885 -27.19 94.81 18.21
N ALA Y 886 -26.43 94.54 17.15
CA ALA Y 886 -26.99 93.84 16.00
C ALA Y 886 -27.24 92.37 16.32
N LEU Y 887 -26.37 91.76 17.12
CA LEU Y 887 -26.59 90.38 17.51
C LEU Y 887 -27.72 90.26 18.52
N LYS Y 888 -27.86 91.24 19.42
CA LYS Y 888 -28.98 91.21 20.35
C LYS Y 888 -30.31 91.47 19.65
N SER Y 889 -30.27 92.20 18.54
CA SER Y 889 -31.49 92.45 17.77
C SER Y 889 -31.98 91.18 17.11
N THR Y 890 -31.06 90.36 16.58
CA THR Y 890 -31.47 89.11 15.95
C THR Y 890 -31.58 87.96 16.93
N GLU Y 891 -31.17 88.15 18.19
CA GLU Y 891 -31.38 87.16 19.24
C GLU Y 891 -32.68 87.42 19.99
N ASP Y 892 -33.13 88.68 20.03
CA ASP Y 892 -34.42 88.99 20.64
C ASP Y 892 -35.56 88.46 19.78
N ASP Y 893 -35.40 88.48 18.45
CA ASP Y 893 -36.45 87.95 17.58
C ASP Y 893 -36.52 86.43 17.65
N LEU Y 894 -35.35 85.78 17.79
CA LEU Y 894 -35.33 84.32 17.88
C LEU Y 894 -35.93 83.83 19.19
N GLY Y 895 -35.57 84.48 20.29
CA GLY Y 895 -36.07 84.04 21.59
C GLY Y 895 -37.53 84.39 21.80
N PHE Y 896 -38.02 85.43 21.13
CA PHE Y 896 -39.45 85.72 21.17
C PHE Y 896 -40.23 84.66 20.40
N ASN Y 897 -39.70 84.21 19.27
CA ASN Y 897 -40.41 83.23 18.46
C ASN Y 897 -40.38 81.85 19.10
N VAL Y 898 -39.35 81.56 19.89
CA VAL Y 898 -39.30 80.29 20.62
C VAL Y 898 -40.35 80.27 21.72
N GLN Y 899 -40.39 81.33 22.53
CA GLN Y 899 -41.32 81.36 23.65
C GLN Y 899 -42.74 81.67 23.18
N GLY Y 900 -42.87 82.48 22.12
CA GLY Y 900 -44.20 82.83 21.64
C GLY Y 900 -44.93 81.66 21.01
N LEU Y 901 -44.22 80.84 20.24
CA LEU Y 901 -44.86 79.72 19.56
C LEU Y 901 -44.89 78.46 20.41
N LYS Y 902 -44.12 78.39 21.49
CA LYS Y 902 -44.31 77.34 22.46
C LYS Y 902 -45.63 77.54 23.21
N PHE Y 903 -46.01 78.81 23.40
CA PHE Y 903 -47.32 79.12 23.97
C PHE Y 903 -48.44 78.69 23.04
N VAL Y 904 -48.24 78.90 21.72
CA VAL Y 904 -49.25 78.55 20.73
C VAL Y 904 -49.44 77.03 20.67
N LYS Y 905 -48.34 76.29 20.86
CA LYS Y 905 -48.42 74.83 20.93
C LYS Y 905 -49.19 74.38 22.17
N GLN Y 906 -48.81 74.91 23.34
CA GLN Y 906 -49.39 74.40 24.58
C GLN Y 906 -50.83 74.88 24.79
N GLN Y 907 -51.20 76.00 24.15
CA GLN Y 907 -52.60 76.43 24.20
C GLN Y 907 -53.49 75.47 23.42
N TRP Y 908 -53.02 75.02 22.26
CA TRP Y 908 -53.76 74.04 21.47
C TRP Y 908 -53.79 72.69 22.15
N ASN Y 909 -52.73 72.35 22.88
CA ASN Y 909 -52.66 71.05 23.55
C ASN Y 909 -53.55 70.98 24.78
N LEU Y 910 -54.13 72.08 25.23
CA LEU Y 910 -55.19 72.03 26.23
C LEU Y 910 -56.56 72.36 25.65
N ARG Y 911 -56.62 73.09 24.53
CA ARG Y 911 -57.92 73.44 23.97
C ARG Y 911 -58.46 72.33 23.09
N HIS Y 912 -57.75 72.01 21.99
CA HIS Y 912 -58.27 71.03 21.05
C HIS Y 912 -58.04 69.60 21.52
N ASN Y 913 -56.98 69.35 22.27
CA ASN Y 913 -56.66 68.00 22.72
C ASN Y 913 -57.60 67.61 23.85
N TYR Y 914 -58.34 66.53 23.66
CA TYR Y 914 -59.16 65.95 24.73
C TYR Y 914 -58.27 65.08 25.60
N GLU Y 915 -57.97 65.56 26.81
CA GLU Y 915 -57.00 64.87 27.66
C GLU Y 915 -57.67 63.69 28.37
N PHE Y 916 -56.82 62.84 28.95
CA PHE Y 916 -57.26 61.56 29.52
C PHE Y 916 -56.84 61.48 30.97
N VAL Y 917 -57.77 61.06 31.83
CA VAL Y 917 -57.52 61.02 33.27
C VAL Y 917 -56.58 59.87 33.64
N ASP Y 918 -56.75 58.72 32.99
CA ASP Y 918 -56.03 57.49 33.33
C ASP Y 918 -54.55 57.65 33.00
N GLU Y 919 -53.74 57.83 34.04
CA GLU Y 919 -52.38 58.37 33.90
C GLU Y 919 -51.46 57.42 33.15
N TYR Y 920 -51.45 56.14 33.54
CA TYR Y 920 -50.60 55.17 32.83
C TYR Y 920 -51.16 54.84 31.45
N ASP Y 921 -52.47 54.99 31.26
CA ASP Y 921 -53.04 54.80 29.94
C ASP Y 921 -52.87 56.05 29.09
N GLN Y 922 -52.79 57.23 29.72
CA GLN Y 922 -52.49 58.45 28.97
C GLN Y 922 -51.05 58.48 28.50
N GLN Y 923 -50.12 58.04 29.36
CA GLN Y 923 -48.71 58.07 28.98
C GLN Y 923 -48.38 56.97 27.98
N GLU Y 924 -49.20 55.91 27.91
CA GLU Y 924 -49.02 54.93 26.84
C GLU Y 924 -49.55 55.46 25.52
N LYS Y 925 -50.64 56.24 25.57
CA LYS Y 925 -51.23 56.77 24.34
C LYS Y 925 -50.39 57.90 23.76
N GLU Y 926 -49.71 58.69 24.61
CA GLU Y 926 -48.83 59.73 24.10
C GLU Y 926 -47.59 59.14 23.45
N SER Y 927 -47.11 58.00 23.95
CA SER Y 927 -45.97 57.34 23.32
C SER Y 927 -46.34 56.77 21.96
N ASN Y 928 -47.57 56.31 21.80
CA ASN Y 928 -48.03 55.86 20.49
C ASN Y 928 -48.30 57.02 19.55
N SER Y 929 -48.68 58.19 20.09
CA SER Y 929 -48.99 59.36 19.30
C SER Y 929 -47.78 60.27 19.08
N ALA Y 930 -46.63 59.93 19.67
CA ALA Y 930 -45.42 60.71 19.47
C ALA Y 930 -44.78 60.37 18.11
N ARG Y 931 -43.79 61.17 17.74
CA ARG Y 931 -43.09 60.95 16.48
C ARG Y 931 -42.14 59.77 16.59
N LYS Y 932 -42.09 58.96 15.53
CA LYS Y 932 -41.23 57.79 15.48
C LYS Y 932 -40.41 57.82 14.20
N ARG Y 933 -39.17 57.35 14.28
CA ARG Y 933 -38.25 57.37 13.15
C ARG Y 933 -37.40 56.12 13.17
N VAL Y 934 -37.04 55.64 11.98
CA VAL Y 934 -36.31 54.39 11.81
C VAL Y 934 -34.87 54.71 11.41
N PHE Y 935 -33.92 54.04 12.07
CA PHE Y 935 -32.51 54.18 11.76
C PHE Y 935 -31.88 52.81 11.62
N GLY Y 936 -30.82 52.74 10.81
CA GLY Y 936 -30.10 51.49 10.64
C GLY Y 936 -29.16 51.24 11.81
N THR Y 937 -29.19 50.01 12.32
CA THR Y 937 -28.45 49.64 13.52
C THR Y 937 -27.63 48.39 13.29
N VAL Y 938 -26.67 48.17 14.20
CA VAL Y 938 -25.86 46.95 14.22
C VAL Y 938 -26.02 46.33 15.60
N ILE Y 939 -26.42 45.07 15.64
CA ILE Y 939 -26.59 44.37 16.91
C ILE Y 939 -25.25 43.91 17.46
N PRO Z 13 -29.73 -23.32 107.52
CA PRO Z 13 -28.74 -24.33 107.10
C PRO Z 13 -27.45 -23.70 106.57
N PRO Z 14 -26.51 -23.37 107.45
CA PRO Z 14 -25.22 -22.83 107.01
C PRO Z 14 -24.36 -23.92 106.39
N PRO Z 15 -23.47 -23.56 105.46
CA PRO Z 15 -22.63 -24.57 104.81
C PRO Z 15 -21.36 -24.87 105.58
N ASP Z 16 -20.87 -26.10 105.37
CA ASP Z 16 -19.56 -26.47 105.86
C ASP Z 16 -18.48 -25.80 105.02
N GLU Z 17 -17.26 -25.73 105.59
CA GLU Z 17 -16.15 -25.15 104.85
C GLU Z 17 -15.68 -26.04 103.72
N GLU Z 18 -15.92 -27.36 103.83
CA GLU Z 18 -15.52 -28.28 102.77
C GLU Z 18 -16.38 -28.08 101.52
N GLU Z 19 -17.69 -27.96 101.71
CA GLU Z 19 -18.55 -27.64 100.57
C GLU Z 19 -18.42 -26.17 100.16
N GLN Z 20 -17.96 -25.31 101.08
CA GLN Z 20 -17.63 -23.94 100.70
C GLN Z 20 -16.41 -23.89 99.80
N LEU Z 21 -15.41 -24.71 100.12
CA LEU Z 21 -14.21 -24.79 99.29
C LEU Z 21 -14.51 -25.44 97.94
N LEU Z 22 -15.44 -26.41 97.94
CA LEU Z 22 -15.82 -27.05 96.68
C LEU Z 22 -16.67 -26.12 95.83
N ALA Z 23 -17.44 -25.23 96.47
CA ALA Z 23 -18.25 -24.28 95.71
C ALA Z 23 -17.40 -23.22 95.05
N LYS Z 24 -16.30 -22.83 95.71
CA LYS Z 24 -15.46 -21.74 95.19
C LYS Z 24 -14.73 -22.16 93.93
N PHE Z 25 -14.30 -23.42 93.85
CA PHE Z 25 -13.64 -23.90 92.64
C PHE Z 25 -14.66 -24.13 91.53
N VAL Z 26 -15.85 -24.61 91.88
CA VAL Z 26 -16.81 -25.01 90.85
C VAL Z 26 -17.63 -23.83 90.34
N PHE Z 27 -17.60 -22.68 91.01
CA PHE Z 27 -18.29 -21.49 90.51
C PHE Z 27 -17.34 -20.47 89.91
N GLY Z 28 -16.04 -20.72 89.91
CA GLY Z 28 -15.06 -19.75 89.45
C GLY Z 28 -14.97 -18.54 90.36
N ASP Z 29 -14.87 -18.78 91.67
CA ASP Z 29 -14.86 -17.69 92.64
C ASP Z 29 -13.52 -16.96 92.62
N THR Z 30 -13.57 -15.66 92.40
CA THR Z 30 -12.38 -14.82 92.42
C THR Z 30 -12.30 -13.92 93.65
N THR Z 31 -13.32 -13.95 94.52
CA THR Z 31 -13.29 -13.11 95.71
C THR Z 31 -12.26 -13.61 96.71
N ASP Z 32 -12.07 -14.93 96.78
CA ASP Z 32 -11.08 -15.49 97.71
C ASP Z 32 -9.66 -15.16 97.25
N LEU Z 33 -9.43 -15.14 95.94
CA LEU Z 33 -8.10 -14.79 95.44
C LEU Z 33 -7.85 -13.29 95.54
N GLN Z 34 -8.85 -12.47 95.30
CA GLN Z 34 -8.68 -11.02 95.38
C GLN Z 34 -8.46 -10.57 96.81
N GLU Z 35 -9.09 -11.24 97.77
CA GLU Z 35 -8.81 -10.97 99.18
C GLU Z 35 -7.41 -11.44 99.55
N ASN Z 36 -6.96 -12.57 98.99
CA ASN Z 36 -5.63 -13.08 99.29
C ASN Z 36 -4.54 -12.33 98.54
N LEU Z 37 -4.91 -11.54 97.53
CA LEU Z 37 -3.92 -10.79 96.77
C LEU Z 37 -3.68 -9.40 97.34
N ALA Z 38 -4.71 -8.77 97.91
CA ALA Z 38 -4.52 -7.50 98.57
C ALA Z 38 -4.13 -7.65 100.04
N LYS Z 39 -4.04 -8.88 100.53
CA LYS Z 39 -3.68 -9.08 101.94
C LYS Z 39 -2.22 -8.75 102.19
N PHE Z 40 -1.32 -9.22 101.33
CA PHE Z 40 0.09 -8.97 101.50
C PHE Z 40 0.48 -7.69 100.76
N ASN Z 41 1.27 -6.85 101.43
CA ASN Z 41 1.87 -5.66 100.83
C ASN Z 41 3.11 -5.36 101.67
N ALA Z 42 4.28 -5.76 101.16
CA ALA Z 42 5.57 -5.68 101.85
C ALA Z 42 5.51 -6.38 103.21
N ASP Z 43 5.29 -7.69 103.16
CA ASP Z 43 5.21 -8.52 104.36
C ASP Z 43 6.57 -8.96 104.89
N PHE Z 44 7.65 -8.31 104.46
CA PHE Z 44 9.00 -8.71 104.82
C PHE Z 44 9.77 -7.52 105.36
N GLU Z 122 -7.07 16.18 119.95
CA GLU Z 122 -8.49 16.29 120.27
C GLU Z 122 -9.04 17.66 119.87
N ALA Z 123 -8.98 18.62 120.78
CA ALA Z 123 -9.48 19.96 120.53
C ALA Z 123 -8.75 20.96 121.40
N ALA Z 124 -8.12 21.95 120.78
CA ALA Z 124 -7.43 23.00 121.51
C ALA Z 124 -8.33 24.20 121.81
N TRP Z 125 -9.55 24.22 121.27
CA TRP Z 125 -10.48 25.30 121.53
C TRP Z 125 -11.89 24.78 121.29
N ILE Z 126 -12.84 25.28 122.07
CA ILE Z 126 -14.25 24.93 121.92
C ILE Z 126 -15.02 26.23 121.76
N ASP Z 127 -15.71 26.37 120.62
CA ASP Z 127 -16.52 27.55 120.35
C ASP Z 127 -17.85 27.40 121.06
N SER Z 128 -18.06 28.21 122.11
CA SER Z 128 -19.28 28.10 122.90
C SER Z 128 -20.50 28.58 122.13
N ASP Z 129 -20.32 29.53 121.21
CA ASP Z 129 -21.41 30.06 120.41
C ASP Z 129 -21.52 29.38 119.04
N ASP Z 130 -21.11 28.11 118.97
CA ASP Z 130 -21.27 27.31 117.76
C ASP Z 130 -22.27 26.18 117.93
N GLU Z 131 -22.79 25.97 119.13
CA GLU Z 131 -23.78 24.94 119.37
C GLU Z 131 -25.20 25.47 119.32
N LYS Z 132 -25.42 26.72 119.78
CA LYS Z 132 -26.75 27.31 119.82
C LYS Z 132 -27.28 27.68 118.44
N ILE Z 133 -26.43 27.71 117.43
CA ILE Z 133 -26.85 28.13 116.09
C ILE Z 133 -27.62 27.00 115.43
N LYS Z 134 -28.67 27.36 114.69
CA LYS Z 134 -29.53 26.41 113.99
C LYS Z 134 -29.66 26.86 112.54
N VAL Z 135 -28.73 26.43 111.70
CA VAL Z 135 -28.71 26.87 110.31
C VAL Z 135 -29.78 26.11 109.52
N PRO Z 136 -30.36 26.70 108.48
CA PRO Z 136 -31.11 25.91 107.51
C PRO Z 136 -30.17 25.33 106.45
N ILE Z 137 -30.63 24.26 105.82
CA ILE Z 137 -29.85 23.52 104.85
C ILE Z 137 -30.51 23.51 103.47
N LEU Z 138 -31.83 23.35 103.42
CA LEU Z 138 -32.56 23.18 102.17
C LEU Z 138 -32.89 24.51 101.48
N VAL Z 139 -32.19 25.60 101.79
CA VAL Z 139 -32.50 26.90 101.19
C VAL Z 139 -31.55 27.28 100.06
N THR Z 140 -30.37 26.66 99.98
CA THR Z 140 -29.41 26.94 98.93
C THR Z 140 -28.94 25.62 98.33
N ASN Z 141 -28.75 25.61 97.01
CA ASN Z 141 -28.45 24.38 96.29
C ASN Z 141 -27.07 23.82 96.62
N LYS Z 142 -26.16 24.65 97.13
CA LYS Z 142 -24.86 24.12 97.55
C LYS Z 142 -24.97 23.34 98.84
N THR Z 143 -25.89 23.72 99.73
CA THR Z 143 -26.08 23.00 100.98
C THR Z 143 -27.10 21.88 100.85
N LYS Z 144 -27.80 21.78 99.72
CA LYS Z 144 -28.83 20.76 99.56
C LYS Z 144 -28.27 19.38 99.30
N LYS Z 145 -26.95 19.25 99.13
CA LYS Z 145 -26.31 17.94 99.09
C LYS Z 145 -25.86 17.48 100.46
N LEU Z 146 -26.04 18.29 101.50
CA LEU Z 146 -25.62 17.93 102.84
C LEU Z 146 -26.72 17.24 103.64
N ARG Z 147 -27.95 17.18 103.12
CA ARG Z 147 -29.01 16.49 103.83
C ARG Z 147 -28.83 14.98 103.68
N THR Z 148 -29.11 14.26 104.76
CA THR Z 148 -29.06 12.80 104.76
C THR Z 148 -30.43 12.15 104.74
N SER Z 149 -31.38 12.70 105.49
CA SER Z 149 -32.78 12.33 105.36
C SER Z 149 -33.44 13.28 104.39
N TYR Z 150 -34.77 13.26 104.32
CA TYR Z 150 -35.51 14.21 103.52
C TYR Z 150 -36.51 15.02 104.34
N ASN Z 151 -36.61 14.76 105.63
CA ASN Z 151 -37.48 15.50 106.54
C ASN Z 151 -36.67 16.29 107.55
N GLU Z 152 -35.49 16.75 107.15
CA GLU Z 152 -34.63 17.58 107.99
C GLU Z 152 -34.29 18.86 107.23
N SER Z 153 -34.57 19.99 107.83
CA SER Z 153 -34.21 21.27 107.25
C SER Z 153 -33.44 22.16 108.21
N LYS Z 154 -33.78 22.14 109.49
CA LYS Z 154 -33.10 22.93 110.50
C LYS Z 154 -32.17 22.00 111.28
N ILE Z 155 -30.87 22.18 111.09
CA ILE Z 155 -29.85 21.33 111.68
C ILE Z 155 -28.87 22.22 112.43
N ASN Z 156 -28.57 21.85 113.68
CA ASN Z 156 -27.68 22.63 114.54
C ASN Z 156 -26.25 22.61 114.00
N GLY Z 157 -25.44 23.51 114.54
CA GLY Z 157 -24.15 23.81 113.94
C GLY Z 157 -23.14 22.68 114.04
N VAL Z 158 -23.14 21.96 115.16
CA VAL Z 158 -22.15 20.90 115.36
C VAL Z 158 -22.41 19.74 114.41
N HIS Z 159 -23.68 19.44 114.11
CA HIS Z 159 -23.98 18.47 113.07
C HIS Z 159 -23.72 19.04 111.68
N TYR Z 160 -23.94 20.33 111.52
CA TYR Z 160 -23.73 20.97 110.22
C TYR Z 160 -22.24 21.08 109.90
N ILE Z 161 -21.43 21.42 110.89
CA ILE Z 161 -20.00 21.55 110.63
C ILE Z 161 -19.34 20.18 110.54
N ASN Z 162 -19.97 19.14 111.08
CA ASN Z 162 -19.48 17.79 110.87
C ASN Z 162 -19.85 17.29 109.48
N ARG Z 163 -21.06 17.63 109.02
CA ARG Z 163 -21.48 17.27 107.66
C ARG Z 163 -20.64 18.00 106.62
N LEU Z 164 -20.36 19.28 106.85
CA LEU Z 164 -19.62 20.07 105.87
C LEU Z 164 -18.16 19.68 105.83
N ARG Z 165 -17.65 19.10 106.92
CA ARG Z 165 -16.30 18.55 106.90
C ARG Z 165 -16.21 17.34 105.99
N SER Z 166 -17.22 16.45 106.05
CA SER Z 166 -17.20 15.25 105.23
C SER Z 166 -17.44 15.58 103.76
N GLN Z 167 -18.22 16.62 103.48
CA GLN Z 167 -18.42 17.06 102.10
C GLN Z 167 -17.15 17.68 101.54
N PHE Z 168 -16.38 18.37 102.39
CA PHE Z 168 -15.10 18.92 101.96
C PHE Z 168 -14.07 17.82 101.77
N GLU Z 169 -14.18 16.73 102.53
CA GLU Z 169 -13.30 15.58 102.31
C GLU Z 169 -13.64 14.87 101.01
N LYS Z 170 -14.88 14.99 100.55
CA LYS Z 170 -15.25 14.42 99.26
C LYS Z 170 -14.74 15.29 98.10
N ILE Z 171 -14.77 16.62 98.28
CA ILE Z 171 -14.36 17.52 97.22
C ILE Z 171 -12.85 17.52 97.06
N TYR Z 172 -12.15 17.89 98.11
CA TYR Z 172 -10.71 17.74 98.17
C TYR Z 172 -10.37 16.48 98.94
N PRO Z 173 -9.59 15.55 98.38
CA PRO Z 173 -9.26 14.33 99.13
C PRO Z 173 -8.27 14.59 100.25
N ARG Z 174 -7.91 13.56 101.01
CA ARG Z 174 -6.98 13.71 102.12
C ARG Z 174 -5.67 13.02 101.78
N PRO Z 175 -4.62 13.76 101.41
CA PRO Z 175 -3.33 13.12 101.12
C PRO Z 175 -2.65 12.64 102.38
N LYS Z 176 -1.70 11.73 102.19
CA LYS Z 176 -1.18 10.91 103.28
C LYS Z 176 -0.18 11.65 104.16
N TRP Z 177 0.40 12.75 103.70
CA TRP Z 177 1.41 13.46 104.48
C TRP Z 177 0.87 14.19 105.68
N VAL Z 178 -0.43 14.52 105.71
CA VAL Z 178 -0.96 15.24 106.87
C VAL Z 178 -1.12 14.28 108.06
N ASP Z 179 -1.17 12.98 107.79
CA ASP Z 179 -1.43 11.99 108.83
C ASP Z 179 -0.21 11.14 109.16
N ASP Z 180 0.55 10.73 108.14
CA ASP Z 180 1.67 9.82 108.36
C ASP Z 180 2.90 10.52 108.92
N GLU Z 181 2.99 11.83 108.80
CA GLU Z 181 4.18 12.57 109.22
C GLU Z 181 3.83 13.52 110.36
N SER Z 182 4.70 13.54 111.37
CA SER Z 182 4.53 14.43 112.52
C SER Z 182 5.91 14.64 113.14
N ASP Z 183 6.41 15.86 113.09
CA ASP Z 183 7.75 16.15 113.62
C ASP Z 183 7.79 16.08 115.13
N SER Z 184 6.71 16.51 115.80
CA SER Z 184 6.54 16.54 117.26
C SER Z 184 7.65 17.30 117.99
N ASN Z 202 25.20 6.22 119.23
CA ASN Z 202 24.91 7.58 119.66
C ASN Z 202 24.69 8.50 118.47
N GLY Z 203 24.91 7.98 117.27
CA GLY Z 203 24.81 8.75 116.05
C GLY Z 203 23.39 8.78 115.49
N ASP Z 204 23.29 9.26 114.26
CA ASP Z 204 22.02 9.35 113.55
C ASP Z 204 22.21 8.88 112.12
N ILE Z 205 21.11 8.41 111.53
CA ILE Z 205 21.15 7.84 110.19
C ILE Z 205 20.59 8.79 109.13
N ASN Z 206 19.66 9.67 109.50
CA ASN Z 206 19.07 10.62 108.56
C ASN Z 206 19.81 11.94 108.51
N ALA Z 207 21.10 11.95 108.84
CA ALA Z 207 21.86 13.20 108.86
C ALA Z 207 22.10 13.72 107.44
N LEU Z 208 22.34 12.81 106.49
CA LEU Z 208 22.52 13.23 105.11
C LEU Z 208 21.23 13.73 104.50
N THR Z 209 20.10 13.11 104.87
CA THR Z 209 18.80 13.54 104.36
C THR Z 209 18.41 14.90 104.95
N LYS Z 210 18.76 15.14 106.22
CA LYS Z 210 18.46 16.42 106.85
C LYS Z 210 19.26 17.55 106.24
N ILE Z 211 20.55 17.30 105.95
CA ILE Z 211 21.42 18.34 105.41
C ILE Z 211 21.03 18.68 103.97
N LEU Z 212 20.67 17.66 103.18
CA LEU Z 212 20.28 17.88 101.78
C LEU Z 212 18.99 18.69 101.69
N SER Z 213 18.11 18.56 102.69
CA SER Z 213 16.92 19.39 102.73
C SER Z 213 17.26 20.84 103.03
N THR Z 214 18.23 21.08 103.91
CA THR Z 214 18.55 22.42 104.36
C THR Z 214 19.62 23.10 103.51
N THR Z 215 20.22 22.41 102.55
CA THR Z 215 21.25 22.97 101.70
C THR Z 215 20.78 22.95 100.26
N TYR Z 216 20.89 24.08 99.57
CA TYR Z 216 20.40 24.23 98.21
C TYR Z 216 21.50 24.45 97.18
N ASN Z 217 22.69 24.85 97.61
CA ASN Z 217 23.84 24.97 96.73
C ASN Z 217 25.01 24.25 97.36
N TYR Z 218 25.74 23.50 96.53
CA TYR Z 218 26.57 22.40 97.00
C TYR Z 218 28.04 22.54 96.63
N LYS Z 219 28.38 23.39 95.67
CA LYS Z 219 29.77 23.71 95.37
C LYS Z 219 30.45 24.40 96.55
N ASP Z 220 31.68 23.98 96.85
CA ASP Z 220 32.49 24.62 97.88
C ASP Z 220 33.16 25.84 97.26
N THR Z 221 32.35 26.86 96.97
CA THR Z 221 32.83 28.09 96.37
C THR Z 221 32.70 29.30 97.27
N LEU Z 222 31.91 29.23 98.35
CA LEU Z 222 31.80 30.33 99.29
C LEU Z 222 32.98 30.39 100.25
N SER Z 223 33.85 29.38 100.24
CA SER Z 223 35.01 29.40 101.12
C SER Z 223 36.08 30.37 100.61
N ASN Z 224 36.16 30.55 99.29
CA ASN Z 224 37.30 31.18 98.61
C ASN Z 224 38.61 30.49 99.03
N SER Z 225 38.71 29.24 98.56
CA SER Z 225 39.58 28.23 99.13
C SER Z 225 41.07 28.50 98.97
N LYS Z 226 41.44 29.51 98.16
CA LYS Z 226 42.81 29.91 97.82
C LYS Z 226 43.54 28.87 96.99
N LEU Z 227 42.84 27.80 96.60
CA LEU Z 227 43.30 26.85 95.59
C LEU Z 227 42.24 26.87 94.49
N LEU Z 228 42.66 27.19 93.26
CA LEU Z 228 41.73 27.26 92.14
C LEU Z 228 41.16 25.89 91.81
N PRO Z 229 39.87 25.79 91.48
CA PRO Z 229 39.31 24.50 91.06
C PRO Z 229 39.88 24.06 89.73
N PRO Z 230 40.26 22.80 89.60
CA PRO Z 230 40.76 22.30 88.33
C PRO Z 230 39.65 22.12 87.32
N LYS Z 231 40.07 21.99 86.05
CA LYS Z 231 39.28 21.60 84.87
C LYS Z 231 38.30 22.68 84.41
N LYS Z 232 38.16 23.77 85.16
CA LYS Z 232 37.35 24.91 84.77
C LYS Z 232 38.06 26.18 85.20
N LEU Z 233 37.85 27.25 84.44
CA LEU Z 233 38.49 28.52 84.73
C LEU Z 233 37.46 29.63 84.59
N ASP Z 234 37.44 30.53 85.57
CA ASP Z 234 36.57 31.70 85.54
C ASP Z 234 37.39 32.92 85.18
N ILE Z 235 37.19 33.43 83.96
CA ILE Z 235 37.98 34.55 83.46
C ILE Z 235 37.03 35.67 83.07
N VAL Z 236 37.55 36.89 83.13
CA VAL Z 236 36.88 38.08 82.63
C VAL Z 236 37.84 38.80 81.70
N ARG Z 237 37.34 39.22 80.55
CA ARG Z 237 38.13 40.02 79.64
C ARG Z 237 37.83 41.51 79.84
N LEU Z 238 38.87 42.31 79.93
CA LEU Z 238 38.77 43.75 80.02
C LEU Z 238 39.16 44.38 78.70
N LYS Z 239 39.22 45.71 78.67
CA LYS Z 239 39.72 46.42 77.50
C LYS Z 239 41.21 46.16 77.33
N ASP Z 240 41.64 46.04 76.08
CA ASP Z 240 43.05 45.82 75.76
C ASP Z 240 43.88 47.03 76.16
N ALA Z 241 45.11 46.76 76.62
CA ALA Z 241 45.99 47.84 77.04
C ALA Z 241 46.50 48.66 75.87
N ASN Z 242 46.57 48.08 74.68
CA ASN Z 242 47.03 48.81 73.50
C ASN Z 242 45.92 49.64 72.85
N ALA Z 243 44.69 49.57 73.38
CA ALA Z 243 43.58 50.28 72.76
C ALA Z 243 43.66 51.79 72.97
N SER Z 244 44.39 52.24 74.00
CA SER Z 244 44.58 53.67 74.18
C SER Z 244 45.47 54.26 73.09
N HIS Z 245 46.55 53.57 72.76
CA HIS Z 245 47.46 53.99 71.71
C HIS Z 245 48.15 52.77 71.11
N PRO Z 246 47.87 52.44 69.86
CA PRO Z 246 48.36 51.17 69.30
C PRO Z 246 49.83 51.21 68.98
N SER Z 247 50.42 50.02 68.95
CA SER Z 247 51.82 49.88 68.55
C SER Z 247 51.89 49.79 67.03
N HIS Z 248 53.09 49.52 66.50
CA HIS Z 248 53.25 49.33 65.07
C HIS Z 248 53.96 48.05 64.71
N SER Z 249 54.64 47.40 65.64
CA SER Z 249 55.31 46.14 65.39
C SER Z 249 54.70 45.07 66.30
N ALA Z 250 55.21 43.85 66.14
CA ALA Z 250 54.80 42.77 67.02
C ALA Z 250 55.34 43.00 68.42
N ILE Z 251 54.47 42.82 69.41
CA ILE Z 251 54.87 42.99 70.80
C ILE Z 251 55.79 41.85 71.19
N GLN Z 252 57.01 42.16 71.59
CA GLN Z 252 58.02 41.14 71.82
C GLN Z 252 58.22 40.78 73.27
N SER Z 253 57.96 41.70 74.20
CA SER Z 253 58.08 41.39 75.62
C SER Z 253 57.19 42.31 76.44
N LEU Z 254 56.69 41.78 77.54
CA LEU Z 254 55.86 42.52 78.47
C LEU Z 254 56.41 42.34 79.88
N SER Z 255 56.07 43.30 80.74
CA SER Z 255 56.44 43.21 82.15
C SER Z 255 55.45 44.04 82.96
N PHE Z 256 55.22 43.59 84.19
CA PHE Z 256 54.37 44.30 85.13
C PHE Z 256 55.22 44.83 86.26
N HIS Z 257 54.86 46.00 86.76
CA HIS Z 257 55.60 46.57 87.87
C HIS Z 257 55.34 45.76 89.15
N PRO Z 258 56.38 45.46 89.92
CA PRO Z 258 56.19 44.61 91.11
C PRO Z 258 55.36 45.25 92.21
N SER Z 259 55.20 46.57 92.22
CA SER Z 259 54.26 47.17 93.15
C SER Z 259 53.24 48.07 92.48
N LYS Z 260 53.65 48.87 91.50
CA LYS Z 260 52.77 49.82 90.85
C LYS Z 260 51.91 49.12 89.80
N PRO Z 261 50.77 49.71 89.45
CA PRO Z 261 50.09 49.26 88.22
C PRO Z 261 50.73 49.86 86.98
N LEU Z 262 51.55 49.08 86.29
CA LEU Z 262 52.31 49.59 85.14
C LEU Z 262 52.65 48.40 84.26
N LEU Z 263 52.24 48.45 82.99
CA LEU Z 263 52.62 47.45 82.01
C LEU Z 263 53.58 48.08 81.02
N LEU Z 264 54.75 47.48 80.88
CA LEU Z 264 55.76 47.93 79.92
C LEU Z 264 55.72 47.03 78.70
N THR Z 265 55.50 47.63 77.54
CA THR Z 265 55.42 46.90 76.28
C THR Z 265 56.58 47.32 75.38
N GLY Z 266 57.20 46.35 74.73
CA GLY Z 266 58.26 46.64 73.79
C GLY Z 266 58.26 45.64 72.67
N GLY Z 267 58.63 46.11 71.48
CA GLY Z 267 58.72 45.26 70.31
C GLY Z 267 59.75 45.77 69.33
N TYR Z 268 59.62 45.40 68.06
CA TYR Z 268 60.53 45.90 67.04
C TYR Z 268 60.20 47.32 66.60
N ASP Z 269 59.22 47.97 67.23
CA ASP Z 269 58.87 49.36 67.02
C ASP Z 269 59.87 50.32 67.64
N LYS Z 270 60.87 49.80 68.37
CA LYS Z 270 61.87 50.57 69.10
C LYS Z 270 61.21 51.50 70.11
N THR Z 271 60.15 51.02 70.75
CA THR Z 271 59.37 51.81 71.69
C THR Z 271 59.24 51.06 73.01
N LEU Z 272 59.31 51.80 74.11
CA LEU Z 272 59.00 51.28 75.43
C LEU Z 272 57.73 51.96 75.91
N ARG Z 273 56.58 51.40 75.58
CA ARG Z 273 55.29 52.00 75.89
C ARG Z 273 54.84 51.50 77.26
N ILE Z 274 54.94 52.36 78.26
CA ILE Z 274 54.48 52.05 79.61
C ILE Z 274 53.03 52.50 79.71
N TYR Z 275 52.12 51.55 79.81
CA TYR Z 275 50.71 51.84 79.98
C TYR Z 275 50.34 51.74 81.46
N HIS Z 276 49.21 52.35 81.80
CA HIS Z 276 48.58 52.12 83.09
C HIS Z 276 47.50 51.07 82.95
N ILE Z 277 47.33 50.27 84.00
CA ILE Z 277 46.39 49.16 83.96
C ILE Z 277 45.20 49.44 84.85
N ASP Z 278 44.15 50.01 84.27
CA ASP Z 278 42.88 50.15 84.95
C ASP Z 278 42.05 48.90 84.68
N GLY Z 279 40.77 48.95 85.02
CA GLY Z 279 39.88 47.85 84.67
C GLY Z 279 39.16 48.14 83.37
N LYS Z 280 38.89 49.41 83.11
CA LYS Z 280 38.11 49.81 81.96
C LYS Z 280 38.85 50.72 81.00
N THR Z 281 39.60 51.70 81.50
CA THR Z 281 40.22 52.72 80.66
C THR Z 281 41.73 52.75 80.91
N ASN Z 282 42.48 51.99 80.11
CA ASN Z 282 43.93 52.08 80.13
C ASN Z 282 44.38 53.35 79.43
N HIS Z 283 45.56 53.84 79.83
CA HIS Z 283 46.11 55.05 79.23
C HIS Z 283 47.63 54.98 79.24
N LEU Z 284 48.25 55.75 78.36
CA LEU Z 284 49.70 55.85 78.29
C LEU Z 284 50.21 56.62 79.49
N VAL Z 285 51.11 56.00 80.26
CA VAL Z 285 51.88 56.77 81.23
C VAL Z 285 53.02 57.50 80.52
N THR Z 286 53.77 56.78 79.70
CA THR Z 286 54.82 57.37 78.87
C THR Z 286 55.08 56.43 77.70
N SER Z 287 55.76 56.95 76.70
CA SER Z 287 56.08 56.14 75.51
C SER Z 287 57.44 56.61 74.99
N LEU Z 288 58.50 55.95 75.41
CA LEU Z 288 59.85 56.30 75.03
C LEU Z 288 60.24 55.55 73.76
N HIS Z 289 60.69 56.29 72.75
CA HIS Z 289 61.11 55.71 71.49
C HIS Z 289 62.62 55.86 71.35
N LEU Z 290 63.34 54.75 71.48
CA LEU Z 290 64.75 54.74 71.13
C LEU Z 290 64.88 54.77 69.61
N VAL Z 291 66.03 55.23 69.14
CA VAL Z 291 66.29 55.38 67.71
C VAL Z 291 67.31 54.33 67.29
N GLY Z 292 66.92 53.48 66.35
CA GLY Z 292 67.79 52.46 65.83
C GLY Z 292 67.97 51.24 66.71
N SER Z 293 67.28 51.17 67.84
CA SER Z 293 67.48 50.10 68.81
C SER Z 293 66.22 49.24 68.92
N PRO Z 294 66.18 48.08 68.29
CA PRO Z 294 65.03 47.18 68.45
C PRO Z 294 64.98 46.61 69.85
N ILE Z 295 63.77 46.35 70.32
CA ILE Z 295 63.52 45.86 71.67
C ILE Z 295 62.95 44.46 71.57
N GLN Z 296 63.69 43.48 72.09
CA GLN Z 296 63.20 42.11 72.14
C GLN Z 296 62.80 41.68 73.53
N THR Z 297 63.57 42.06 74.55
CA THR Z 297 63.24 41.78 75.93
C THR Z 297 63.30 43.07 76.73
N CYS Z 298 62.29 43.31 77.55
CA CYS Z 298 62.22 44.50 78.38
C CYS Z 298 61.49 44.18 79.67
N THR Z 299 62.22 44.22 80.78
CA THR Z 299 61.69 43.88 82.10
C THR Z 299 61.99 45.01 83.07
N PHE Z 300 61.10 45.18 84.05
CA PHE Z 300 61.34 46.10 85.13
C PHE Z 300 62.34 45.50 86.12
N TYR Z 301 62.85 46.35 87.01
CA TYR Z 301 63.69 45.88 88.11
C TYR Z 301 63.56 46.86 89.25
N THR Z 302 63.20 46.36 90.43
CA THR Z 302 63.19 47.14 91.66
C THR Z 302 64.20 46.52 92.61
N SER Z 303 65.04 47.35 93.21
CA SER Z 303 66.03 46.86 94.18
C SER Z 303 65.33 46.39 95.45
N LEU Z 304 65.92 45.39 96.09
CA LEU Z 304 65.34 44.81 97.29
C LEU Z 304 65.47 45.76 98.48
N SER Z 305 66.65 46.35 98.67
CA SER Z 305 66.92 47.16 99.85
C SER Z 305 66.39 48.58 99.70
N ASN Z 306 66.62 49.19 98.54
CA ASN Z 306 66.29 50.60 98.36
C ASN Z 306 64.78 50.81 98.27
N GLN Z 307 64.11 49.98 97.47
CA GLN Z 307 62.67 50.08 97.14
C GLN Z 307 62.33 51.41 96.45
N ASN Z 308 63.31 52.07 95.85
CA ASN Z 308 63.07 53.35 95.21
C ASN Z 308 63.85 53.58 93.92
N GLN Z 309 64.60 52.59 93.44
CA GLN Z 309 65.36 52.80 92.20
C GLN Z 309 64.48 52.66 90.98
N GLN Z 310 63.87 51.48 90.81
CA GLN Z 310 62.88 51.17 89.76
C GLN Z 310 63.46 51.37 88.35
N ASN Z 311 64.56 50.66 88.09
CA ASN Z 311 65.18 50.74 86.78
C ASN Z 311 64.38 49.94 85.74
N ILE Z 312 64.48 50.38 84.50
CA ILE Z 312 63.85 49.72 83.36
C ILE Z 312 64.97 49.28 82.43
N PHE Z 313 65.15 47.98 82.29
CA PHE Z 313 66.20 47.42 81.44
C PHE Z 313 65.59 46.93 80.15
N THR Z 314 66.13 47.38 79.03
CA THR Z 314 65.73 46.89 77.72
C THR Z 314 66.98 46.62 76.89
N ALA Z 315 66.85 45.68 75.97
CA ALA Z 315 67.97 45.30 75.11
C ALA Z 315 67.41 44.90 73.76
N GLY Z 316 68.25 44.27 72.96
CA GLY Z 316 67.84 43.86 71.63
C GLY Z 316 69.00 43.22 70.89
N ARG Z 317 68.87 43.16 69.58
CA ARG Z 317 69.88 42.54 68.73
C ARG Z 317 70.99 43.54 68.38
N ARG Z 318 71.57 44.11 69.43
CA ARG Z 318 72.65 45.07 69.34
C ARG Z 318 73.70 44.67 70.36
N ARG Z 319 74.69 45.54 70.54
CA ARG Z 319 75.73 45.33 71.54
C ARG Z 319 75.52 46.15 72.79
N TYR Z 320 74.37 46.79 72.94
CA TYR Z 320 74.10 47.65 74.09
C TYR Z 320 72.78 47.27 74.74
N MET Z 321 72.67 47.61 76.02
CA MET Z 321 71.45 47.45 76.79
C MET Z 321 71.10 48.79 77.40
N HIS Z 322 69.92 49.32 77.08
CA HIS Z 322 69.51 50.62 77.55
C HIS Z 322 68.86 50.49 78.93
N SER Z 323 69.36 51.24 79.89
CA SER Z 323 68.84 51.23 81.25
C SER Z 323 68.13 52.56 81.51
N TRP Z 324 66.87 52.49 81.88
CA TRP Z 324 66.05 53.68 82.12
C TRP Z 324 65.73 53.77 83.60
N ASP Z 325 66.07 54.89 84.20
CA ASP Z 325 65.82 55.14 85.61
C ASP Z 325 64.39 55.63 85.81
N LEU Z 326 63.95 55.63 87.07
CA LEU Z 326 62.66 56.20 87.44
C LEU Z 326 62.77 56.93 88.77
N SER Z 334 59.54 64.53 85.37
CA SER Z 334 59.58 65.86 84.77
C SER Z 334 59.46 65.77 83.25
N GLN Z 335 60.52 66.14 82.54
CA GLN Z 335 60.49 66.21 81.08
C GLN Z 335 61.45 65.24 80.42
N THR Z 336 62.71 65.21 80.84
CA THR Z 336 63.73 64.41 80.17
C THR Z 336 63.68 62.97 80.68
N ALA Z 337 64.64 62.15 80.25
CA ALA Z 337 64.74 60.77 80.68
C ALA Z 337 66.21 60.40 80.78
N LYS Z 338 66.59 59.79 81.91
CA LYS Z 338 67.96 59.37 82.14
C LYS Z 338 68.13 57.94 81.62
N ILE Z 339 68.78 57.81 80.46
CA ILE Z 339 68.95 56.53 79.78
C ILE Z 339 70.44 56.32 79.55
N GLU Z 340 71.04 55.43 80.32
CA GLU Z 340 72.41 55.00 80.08
C GLU Z 340 72.40 53.69 79.29
N LYS Z 341 73.49 53.43 78.60
CA LYS Z 341 73.61 52.23 77.79
C LYS Z 341 74.77 51.38 78.30
N PHE Z 342 74.55 50.08 78.35
CA PHE Z 342 75.53 49.14 78.87
C PHE Z 342 76.33 48.51 77.73
N SER Z 343 77.06 49.38 77.03
CA SER Z 343 77.81 48.98 75.83
C SER Z 343 79.24 48.60 76.15
N ARG Z 344 79.52 48.10 77.35
CA ARG Z 344 80.89 47.81 77.77
C ARG Z 344 80.95 46.46 78.48
N LEU Z 345 81.40 45.44 77.76
CA LEU Z 345 81.88 44.22 78.41
C LEU Z 345 83.27 44.51 78.96
N TYR Z 346 83.38 44.56 80.29
CA TYR Z 346 84.61 45.02 80.91
C TYR Z 346 85.74 44.01 80.76
N GLY Z 347 85.44 42.74 80.53
CA GLY Z 347 86.49 41.77 80.30
C GLY Z 347 86.62 41.29 78.87
N HIS Z 348 85.49 40.99 78.23
CA HIS Z 348 85.52 40.28 76.96
C HIS Z 348 84.24 40.44 76.16
N GLU Z 349 84.33 41.03 74.98
CA GLU Z 349 83.21 41.14 74.07
C GLU Z 349 83.17 40.01 73.06
N SER Z 350 84.05 39.02 73.19
CA SER Z 350 84.10 37.91 72.25
C SER Z 350 82.89 37.00 72.41
N THR Z 351 82.36 36.88 73.62
CA THR Z 351 81.28 35.93 73.86
C THR Z 351 79.93 36.49 73.45
N GLN Z 352 79.45 37.53 74.13
CA GLN Z 352 78.11 38.03 73.86
C GLN Z 352 78.20 39.22 72.90
N ARG Z 353 78.02 38.92 71.62
CA ARG Z 353 77.89 39.96 70.61
C ARG Z 353 76.45 40.41 70.43
N SER Z 354 75.53 39.85 71.21
CA SER Z 354 74.13 40.28 71.19
C SER Z 354 73.60 40.27 72.61
N PHE Z 355 72.82 41.29 72.95
CA PHE Z 355 72.27 41.47 74.28
C PHE Z 355 70.84 41.02 74.41
N GLU Z 356 70.26 40.41 73.37
CA GLU Z 356 68.81 40.27 73.24
C GLU Z 356 68.19 39.32 74.24
N ASN Z 357 68.97 38.43 74.84
CA ASN Z 357 68.46 37.48 75.82
C ASN Z 357 69.02 37.85 77.17
N PHE Z 358 68.24 38.56 77.98
CA PHE Z 358 68.66 38.92 79.31
C PHE Z 358 67.53 38.70 80.31
N LYS Z 359 67.92 38.45 81.55
CA LYS Z 359 66.99 38.35 82.67
C LYS Z 359 67.67 38.96 83.89
N VAL Z 360 66.94 39.80 84.62
CA VAL Z 360 67.49 40.56 85.73
C VAL Z 360 67.07 39.88 87.02
N ALA Z 361 68.06 39.52 87.84
CA ALA Z 361 67.78 38.95 89.15
C ALA Z 361 68.53 39.73 90.22
N HIS Z 362 68.49 39.25 91.46
CA HIS Z 362 69.22 39.86 92.55
C HIS Z 362 70.31 38.92 93.03
N LEU Z 363 71.17 39.43 93.91
CA LEU Z 363 72.30 38.67 94.40
C LEU Z 363 72.77 39.28 95.71
N GLN Z 364 73.28 38.42 96.59
CA GLN Z 364 73.83 38.84 97.87
C GLN Z 364 75.34 38.71 97.85
N ASN Z 365 76.01 39.70 98.42
CA ASN Z 365 77.47 39.72 98.46
C ASN Z 365 78.03 38.57 99.30
N SER Z 366 77.36 38.28 100.42
CA SER Z 366 77.67 37.27 101.44
C SER Z 366 78.93 37.56 102.25
N GLN Z 367 79.69 38.60 101.90
CA GLN Z 367 80.67 39.18 102.80
C GLN Z 367 80.01 40.26 103.64
N THR Z 368 79.43 41.25 102.96
CA THR Z 368 78.41 42.11 103.53
C THR Z 368 77.04 41.60 103.10
N ASN Z 369 76.00 42.08 103.77
CA ASN Z 369 74.63 41.79 103.35
C ASN Z 369 74.11 42.88 102.42
N SER Z 370 74.88 43.18 101.38
CA SER Z 370 74.57 44.26 100.45
C SER Z 370 73.93 43.63 99.23
N VAL Z 371 72.60 43.53 99.24
CA VAL Z 371 71.88 42.96 98.11
C VAL Z 371 71.86 43.99 96.98
N HIS Z 372 71.97 43.50 95.75
CA HIS Z 372 71.97 44.35 94.58
C HIS Z 372 71.54 43.52 93.39
N GLY Z 373 71.12 44.21 92.33
CA GLY Z 373 70.70 43.53 91.14
C GLY Z 373 71.88 42.99 90.35
N ILE Z 374 71.61 41.96 89.57
CA ILE Z 374 72.53 41.46 88.56
C ILE Z 374 71.75 41.29 87.27
N VAL Z 375 72.44 41.41 86.15
CA VAL Z 375 71.88 41.10 84.85
C VAL Z 375 72.67 39.94 84.26
N LEU Z 376 71.97 39.01 83.63
CA LEU Z 376 72.55 37.80 83.10
C LEU Z 376 72.29 37.76 81.61
N LEU Z 377 73.31 37.46 80.82
CA LEU Z 377 73.23 37.60 79.38
C LEU Z 377 73.69 36.33 78.69
N GLN Z 378 72.97 35.93 77.64
CA GLN Z 378 73.42 34.84 76.79
C GLN Z 378 74.60 35.28 75.93
N GLY Z 379 75.41 34.31 75.52
CA GLY Z 379 76.63 34.63 74.81
C GLY Z 379 76.82 33.88 73.50
N ASN Z 380 78.06 33.53 73.19
CA ASN Z 380 78.34 32.87 71.92
C ASN Z 380 77.90 31.41 71.93
N ASN Z 381 78.56 30.59 72.74
CA ASN Z 381 78.29 29.16 72.73
C ASN Z 381 77.70 28.65 74.02
N GLY Z 382 78.38 28.88 75.14
CA GLY Z 382 77.88 28.38 76.40
C GLY Z 382 77.92 29.45 77.47
N TRP Z 383 78.41 30.62 77.10
CA TRP Z 383 78.75 31.66 78.05
C TRP Z 383 77.49 32.38 78.51
N ILE Z 384 77.15 32.22 79.78
CA ILE Z 384 76.21 33.11 80.45
C ILE Z 384 77.05 34.06 81.30
N ASN Z 385 77.02 35.35 80.95
CA ASN Z 385 77.83 36.35 81.64
C ASN Z 385 76.96 37.19 82.54
N ILE Z 386 77.42 37.41 83.76
CA ILE Z 386 76.65 38.09 84.79
C ILE Z 386 77.32 39.43 85.05
N LEU Z 387 76.57 40.51 84.84
CA LEU Z 387 77.07 41.87 85.06
C LEU Z 387 76.36 42.51 86.23
N HIS Z 388 76.99 43.54 86.77
CA HIS Z 388 76.37 44.35 87.81
C HIS Z 388 75.27 45.22 87.21
N SER Z 389 74.17 45.38 87.96
CA SER Z 389 72.99 46.06 87.43
C SER Z 389 73.18 47.56 87.29
N THR Z 390 73.91 48.19 88.20
CA THR Z 390 74.10 49.63 88.18
C THR Z 390 75.53 50.04 87.87
N SER Z 391 76.52 49.38 88.47
CA SER Z 391 77.91 49.75 88.23
C SER Z 391 78.39 49.27 86.86
N GLY Z 392 77.77 48.24 86.31
CA GLY Z 392 78.11 47.79 84.98
C GLY Z 392 79.33 46.90 84.90
N LEU Z 393 79.99 46.61 86.01
CA LEU Z 393 81.17 45.76 85.98
C LEU Z 393 80.77 44.32 85.70
N TRP Z 394 81.63 43.62 84.96
CA TRP Z 394 81.46 42.18 84.76
C TRP Z 394 81.77 41.50 86.08
N LEU Z 395 80.77 40.86 86.66
CA LEU Z 395 80.93 40.25 87.97
C LEU Z 395 81.51 38.85 87.85
N MET Z 396 80.82 37.98 87.12
CA MET Z 396 81.22 36.60 86.97
C MET Z 396 80.61 36.07 85.68
N GLY Z 397 81.09 34.92 85.23
CA GLY Z 397 80.56 34.34 84.02
C GLY Z 397 80.71 32.85 83.97
N CYS Z 398 79.62 32.15 83.67
CA CYS Z 398 79.61 30.69 83.64
C CYS Z 398 79.39 30.23 82.21
N LYS Z 399 80.05 29.13 81.86
CA LYS Z 399 79.98 28.56 80.52
C LYS Z 399 79.40 27.15 80.60
N ILE Z 400 78.36 26.91 79.83
CA ILE Z 400 77.78 25.60 79.71
C ILE Z 400 78.33 24.95 78.44
N GLU Z 401 78.08 23.65 78.30
CA GLU Z 401 78.50 23.00 77.06
C GLU Z 401 77.36 23.02 76.06
N GLY Z 402 77.71 22.81 74.79
CA GLY Z 402 76.70 22.85 73.75
C GLY Z 402 76.26 24.27 73.45
N VAL Z 403 74.96 24.44 73.26
CA VAL Z 403 74.36 25.73 72.94
C VAL Z 403 73.40 26.09 74.07
N ILE Z 404 73.51 27.33 74.56
CA ILE Z 404 72.48 27.83 75.46
C ILE Z 404 71.20 28.01 74.67
N THR Z 405 70.07 27.70 75.29
CA THR Z 405 68.80 28.11 74.74
C THR Z 405 67.96 28.91 75.72
N ASP Z 406 68.10 28.64 77.02
CA ASP Z 406 67.40 29.44 78.02
C ASP Z 406 68.14 29.35 79.35
N PHE Z 407 67.79 30.26 80.24
CA PHE Z 407 68.32 30.30 81.59
C PHE Z 407 67.29 30.94 82.49
N CYS Z 408 67.14 30.40 83.70
CA CYS Z 408 66.26 30.99 84.70
C CYS Z 408 66.97 30.95 86.05
N ILE Z 409 66.41 31.66 87.03
CA ILE Z 409 67.11 31.92 88.29
C ILE Z 409 66.22 31.48 89.44
N ASP Z 410 66.76 30.63 90.31
CA ASP Z 410 66.08 30.12 91.49
C ASP Z 410 66.75 30.66 92.74
N TYR Z 411 65.94 31.02 93.73
CA TYR Z 411 66.44 31.54 94.99
C TYR Z 411 66.35 30.47 96.08
N GLN Z 412 67.14 30.65 97.13
CA GLN Z 412 67.15 29.77 98.28
C GLN Z 412 67.47 30.55 99.55
N PRO Z 413 66.50 30.81 100.42
CA PRO Z 413 66.81 31.49 101.67
C PRO Z 413 67.46 30.57 102.69
N ILE Z 414 68.72 30.84 103.03
CA ILE Z 414 69.42 30.00 104.00
C ILE Z 414 69.01 30.36 105.42
N SER Z 415 69.18 31.62 105.78
CA SER Z 415 69.06 32.05 107.17
C SER Z 415 68.32 33.38 107.20
N ARG Z 416 68.39 34.07 108.33
CA ARG Z 416 67.66 35.31 108.55
C ARG Z 416 68.27 36.44 107.73
N GLY Z 417 67.52 36.90 106.73
CA GLY Z 417 67.96 37.99 105.87
C GLY Z 417 69.15 37.65 104.98
N LYS Z 418 69.19 36.43 104.47
CA LYS Z 418 70.32 35.99 103.65
C LYS Z 418 69.84 34.87 102.74
N PHE Z 419 70.11 35.02 101.45
CA PHE Z 419 69.59 34.06 100.47
C PHE Z 419 70.63 33.81 99.40
N ARG Z 420 70.66 32.58 98.91
CA ARG Z 420 71.59 32.16 97.88
C ARG Z 420 70.85 32.02 96.56
N THR Z 421 71.38 32.64 95.51
CA THR Z 421 70.77 32.62 94.20
C THR Z 421 71.38 31.51 93.36
N ILE Z 422 70.52 30.71 92.74
CA ILE Z 422 70.95 29.59 91.92
C ILE Z 422 70.50 29.84 90.49
N LEU Z 423 71.44 29.85 89.56
CA LEU Z 423 71.12 30.04 88.16
C LEU Z 423 70.93 28.69 87.49
N ILE Z 424 69.77 28.51 86.86
CA ILE Z 424 69.41 27.28 86.18
C ILE Z 424 69.47 27.54 84.69
N ALA Z 425 70.39 26.87 84.00
CA ALA Z 425 70.59 27.06 82.57
C ALA Z 425 70.55 25.71 81.88
N VAL Z 426 70.21 25.73 80.59
CA VAL Z 426 69.90 24.50 79.86
C VAL Z 426 70.70 24.45 78.56
N ASN Z 427 71.08 23.24 78.17
CA ASN Z 427 71.62 22.95 76.85
C ASN Z 427 70.45 22.78 75.87
N ALA Z 428 70.76 22.48 74.62
CA ALA Z 428 69.72 22.03 73.71
C ALA Z 428 69.28 20.62 74.07
N TYR Z 429 70.21 19.81 74.56
CA TYR Z 429 69.94 18.40 74.83
C TYR Z 429 69.12 18.21 76.10
N GLY Z 430 69.27 19.10 77.08
CA GLY Z 430 68.58 18.92 78.33
C GLY Z 430 69.52 18.80 79.50
N GLU Z 431 70.80 19.04 79.26
CA GLU Z 431 71.79 19.04 80.32
C GLU Z 431 71.60 20.30 81.14
N VAL Z 432 70.73 20.24 82.13
CA VAL Z 432 70.40 21.40 82.95
C VAL Z 432 71.47 21.57 84.01
N TRP Z 433 72.05 22.76 84.08
CA TRP Z 433 73.09 23.07 85.04
C TRP Z 433 72.52 23.97 86.13
N GLU Z 434 73.08 23.87 87.32
CA GLU Z 434 72.66 24.70 88.45
C GLU Z 434 73.90 25.33 89.07
N PHE Z 435 74.17 26.57 88.71
CA PHE Z 435 75.30 27.33 89.23
C PHE Z 435 74.89 28.05 90.51
N ASP Z 436 75.87 28.30 91.38
CA ASP Z 436 75.63 29.00 92.63
C ASP Z 436 76.30 30.37 92.53
N LEU Z 437 75.50 31.38 92.22
CA LEU Z 437 76.01 32.72 92.01
C LEU Z 437 76.32 33.46 93.31
N ASN Z 438 75.91 32.93 94.46
CA ASN Z 438 76.16 33.61 95.72
C ASN Z 438 77.63 33.60 96.07
N LYS Z 439 78.27 32.45 95.94
CA LYS Z 439 79.73 32.37 96.01
C LYS Z 439 80.28 32.52 94.61
N ASN Z 440 81.57 32.23 94.42
CA ASN Z 440 82.20 32.35 93.11
C ASN Z 440 81.67 31.29 92.15
N GLY Z 441 82.06 31.43 90.88
CA GLY Z 441 81.55 30.60 89.81
C GLY Z 441 81.84 29.12 89.93
N HIS Z 442 80.81 28.35 90.23
CA HIS Z 442 80.93 26.91 90.39
C HIS Z 442 79.60 26.29 90.03
N VAL Z 443 79.47 24.99 90.28
CA VAL Z 443 78.26 24.24 89.95
C VAL Z 443 77.74 23.56 91.22
N ILE Z 444 76.43 23.58 91.39
CA ILE Z 444 75.81 22.80 92.46
C ILE Z 444 75.48 21.40 91.97
N ARG Z 445 74.80 21.30 90.84
CA ARG Z 445 74.42 20.01 90.27
C ARG Z 445 74.16 20.16 88.78
N ARG Z 446 74.39 19.08 88.05
CA ARG Z 446 73.93 18.95 86.68
C ARG Z 446 73.08 17.69 86.56
N TRP Z 447 72.11 17.73 85.66
CA TRP Z 447 71.22 16.59 85.49
C TRP Z 447 70.65 16.61 84.08
N LYS Z 448 69.71 15.71 83.83
CA LYS Z 448 69.18 15.46 82.50
C LYS Z 448 67.67 15.48 82.54
N ASP Z 449 67.07 16.33 81.69
CA ASP Z 449 65.63 16.31 81.51
C ASP Z 449 65.23 15.10 80.68
N GLN Z 450 64.24 14.34 81.14
CA GLN Z 450 63.85 13.11 80.47
C GLN Z 450 63.13 13.45 79.17
N GLY Z 451 63.89 13.58 78.09
CA GLY Z 451 63.36 14.04 76.82
C GLY Z 451 63.92 15.39 76.47
N GLY Z 452 63.16 16.19 75.72
CA GLY Z 452 63.57 17.53 75.37
C GLY Z 452 64.75 17.59 74.41
N VAL Z 453 64.55 17.12 73.19
CA VAL Z 453 65.65 17.09 72.22
C VAL Z 453 65.95 18.50 71.70
N GLY Z 454 64.93 19.32 71.51
CA GLY Z 454 65.13 20.71 71.18
C GLY Z 454 64.41 21.56 72.20
N ILE Z 455 65.15 22.26 73.04
CA ILE Z 455 64.60 22.93 74.22
C ILE Z 455 64.61 24.42 73.94
N THR Z 456 63.51 25.10 74.26
CA THR Z 456 63.42 26.53 74.05
C THR Z 456 63.45 27.33 75.36
N LYS Z 457 62.63 26.98 76.35
CA LYS Z 457 62.57 27.80 77.55
C LYS Z 457 62.53 26.97 78.81
N ILE Z 458 63.13 27.55 79.86
CA ILE Z 458 62.98 27.11 81.24
C ILE Z 458 62.47 28.29 82.07
N GLN Z 459 61.39 28.05 82.80
CA GLN Z 459 60.94 28.98 83.83
C GLN Z 459 60.80 28.26 85.15
N VAL Z 460 61.41 28.83 86.20
CA VAL Z 460 61.31 28.32 87.55
C VAL Z 460 60.35 29.23 88.29
N GLY Z 461 59.22 28.68 88.71
CA GLY Z 461 58.20 29.48 89.34
C GLY Z 461 57.64 28.89 90.61
N GLY Z 462 56.53 29.45 91.09
CA GLY Z 462 55.92 29.06 92.33
C GLY Z 462 56.30 29.93 93.51
N GLY Z 463 57.38 30.70 93.39
CA GLY Z 463 57.79 31.61 94.43
C GLY Z 463 58.28 32.92 93.86
N THR Z 464 59.51 33.30 94.20
CA THR Z 464 60.13 34.50 93.69
C THR Z 464 60.89 34.17 92.41
N THR Z 465 60.63 34.93 91.35
CA THR Z 465 61.30 34.73 90.07
C THR Z 465 61.74 36.08 89.52
N THR Z 466 62.46 36.04 88.41
CA THR Z 466 62.96 37.27 87.81
C THR Z 466 61.86 38.10 87.15
N THR Z 467 60.71 37.49 86.85
CA THR Z 467 59.60 38.22 86.25
C THR Z 467 58.67 38.83 87.30
N CYS Z 468 58.38 38.10 88.37
CA CYS Z 468 57.50 38.56 89.45
C CYS Z 468 58.20 38.31 90.77
N PRO Z 469 59.11 39.20 91.18
CA PRO Z 469 59.88 38.96 92.41
C PRO Z 469 59.17 39.47 93.65
N ALA Z 470 59.80 39.26 94.81
CA ALA Z 470 59.35 39.89 96.04
C ALA Z 470 59.94 41.30 96.12
N LEU Z 471 59.64 41.99 97.22
CA LEU Z 471 60.06 43.38 97.37
C LEU Z 471 61.07 43.56 98.48
N GLN Z 472 61.44 42.48 99.18
CA GLN Z 472 62.33 42.58 100.32
C GLN Z 472 63.00 41.22 100.53
N ILE Z 473 64.01 41.21 101.39
CA ILE Z 473 64.74 39.97 101.67
C ILE Z 473 63.90 39.01 102.50
N SER Z 474 62.91 39.51 103.26
CA SER Z 474 62.09 38.64 104.07
C SER Z 474 61.14 37.81 103.23
N LYS Z 475 60.60 38.39 102.16
CA LYS Z 475 59.60 37.72 101.35
C LYS Z 475 60.18 36.92 100.20
N ILE Z 476 61.50 36.81 100.11
CA ILE Z 476 62.13 35.99 99.09
C ILE Z 476 61.96 34.52 99.47
N LYS Z 477 61.31 33.76 98.61
CA LYS Z 477 60.95 32.38 98.88
C LYS Z 477 61.52 31.51 97.78
N GLN Z 478 61.93 30.29 98.14
CA GLN Z 478 62.39 29.32 97.17
C GLN Z 478 61.24 28.93 96.24
N ASN Z 479 61.55 28.82 94.95
CA ASN Z 479 60.57 28.37 93.98
C ASN Z 479 60.26 26.89 94.19
N ARG Z 480 59.01 26.52 93.90
CA ARG Z 480 58.62 25.14 94.15
C ARG Z 480 58.61 24.31 92.88
N TRP Z 481 58.33 24.90 91.72
CA TRP Z 481 58.37 24.11 90.49
C TRP Z 481 59.37 24.62 89.47
N LEU Z 482 59.65 23.74 88.51
CA LEU Z 482 60.63 23.94 87.46
C LEU Z 482 60.01 23.37 86.18
N ALA Z 483 59.88 24.21 85.16
CA ALA Z 483 59.28 23.80 83.90
C ALA Z 483 60.33 23.85 82.81
N VAL Z 484 60.42 22.78 82.01
CA VAL Z 484 61.38 22.68 80.92
C VAL Z 484 60.58 22.55 79.64
N GLY Z 485 60.65 23.58 78.79
CA GLY Z 485 59.86 23.63 77.57
C GLY Z 485 60.70 23.19 76.37
N SER Z 486 60.08 22.39 75.51
CA SER Z 486 60.75 21.88 74.33
C SER Z 486 60.41 22.74 73.12
N GLU Z 487 60.81 22.28 71.93
CA GLU Z 487 60.41 22.89 70.67
C GLU Z 487 59.40 22.05 69.91
N SER Z 488 59.14 20.83 70.34
CA SER Z 488 58.11 20.00 69.75
C SER Z 488 56.78 20.15 70.44
N GLY Z 489 56.67 21.09 71.37
CA GLY Z 489 55.42 21.42 72.02
C GLY Z 489 55.28 20.87 73.43
N PHE Z 490 56.10 19.91 73.82
CA PHE Z 490 55.96 19.34 75.14
C PHE Z 490 56.60 20.24 76.19
N VAL Z 491 56.06 20.16 77.41
CA VAL Z 491 56.59 20.87 78.56
C VAL Z 491 56.67 19.87 79.70
N ASN Z 492 57.86 19.69 80.26
CA ASN Z 492 58.08 18.74 81.35
C ASN Z 492 58.18 19.52 82.66
N LEU Z 493 57.31 19.19 83.60
CA LEU Z 493 57.32 19.84 84.90
C LEU Z 493 58.10 19.00 85.90
N TYR Z 494 58.78 19.69 86.83
CA TYR Z 494 59.54 19.03 87.87
C TYR Z 494 59.25 19.74 89.18
N ASP Z 495 58.71 19.00 90.15
CA ASP Z 495 58.60 19.52 91.50
C ASP Z 495 59.99 19.61 92.11
N ARG Z 496 60.29 20.74 92.77
CA ARG Z 496 61.64 20.93 93.29
C ARG Z 496 61.89 20.08 94.54
N ASN Z 497 60.84 19.54 95.14
CA ASN Z 497 60.99 18.76 96.36
C ASN Z 497 61.67 17.42 96.10
N ASN Z 498 61.59 16.89 94.88
CA ASN Z 498 62.30 15.68 94.52
C ASN Z 498 63.26 15.84 93.36
N ALA Z 499 63.22 16.96 92.64
CA ALA Z 499 64.19 17.18 91.58
C ALA Z 499 65.56 17.58 92.10
N MET Z 500 65.63 18.21 93.28
CA MET Z 500 66.92 18.56 93.86
C MET Z 500 67.62 17.37 94.50
N THR Z 501 66.91 16.26 94.70
CA THR Z 501 67.42 15.08 95.39
C THR Z 501 67.75 13.92 94.46
N SER Z 502 66.91 13.68 93.44
CA SER Z 502 67.02 12.44 92.67
C SER Z 502 68.19 12.46 91.72
N SER Z 503 68.64 13.65 91.29
CA SER Z 503 69.80 13.94 90.42
C SER Z 503 69.64 13.46 88.98
N THR Z 504 68.55 12.73 88.70
CA THR Z 504 68.09 12.50 87.32
C THR Z 504 66.58 12.39 87.40
N PRO Z 505 65.89 13.51 87.60
CA PRO Z 505 64.51 13.45 88.10
C PRO Z 505 63.50 13.06 87.03
N THR Z 506 62.51 12.32 87.48
CA THR Z 506 61.36 11.99 86.63
C THR Z 506 60.43 13.19 86.55
N PRO Z 507 59.97 13.55 85.36
CA PRO Z 507 58.94 14.60 85.26
C PRO Z 507 57.64 14.17 85.91
N VAL Z 508 56.97 15.14 86.53
CA VAL Z 508 55.68 14.86 87.16
C VAL Z 508 54.62 14.57 86.11
N ALA Z 509 54.55 15.41 85.08
CA ALA Z 509 53.64 15.17 83.96
C ALA Z 509 54.19 15.86 82.73
N ALA Z 510 54.07 15.21 81.59
CA ALA Z 510 54.55 15.72 80.31
C ALA Z 510 53.33 16.25 79.55
N LEU Z 511 53.10 17.54 79.66
CA LEU Z 511 51.97 18.16 78.98
C LEU Z 511 52.23 18.21 77.48
N ASP Z 512 51.18 17.99 76.69
CA ASP Z 512 51.34 17.81 75.26
C ASP Z 512 50.40 18.65 74.43
N GLN Z 513 49.63 19.54 75.04
CA GLN Z 513 48.50 20.12 74.35
C GLN Z 513 48.89 21.27 73.42
N LEU Z 514 50.13 21.73 73.50
CA LEU Z 514 50.65 22.63 72.47
C LEU Z 514 51.48 21.83 71.48
N THR Z 515 51.43 22.26 70.22
CA THR Z 515 52.07 21.53 69.13
C THR Z 515 53.38 22.17 68.68
N THR Z 516 53.38 23.47 68.43
CA THR Z 516 54.54 24.14 67.87
C THR Z 516 55.53 24.51 68.98
N THR Z 517 56.54 25.31 68.64
CA THR Z 517 57.63 25.56 69.56
C THR Z 517 57.20 26.50 70.69
N ILE Z 518 57.71 26.21 71.89
CA ILE Z 518 57.32 26.98 73.07
C ILE Z 518 58.03 28.33 73.05
N SER Z 519 57.26 29.40 73.18
CA SER Z 519 57.81 30.74 73.21
C SER Z 519 57.84 31.37 74.58
N ASN Z 520 56.93 30.99 75.47
CA ASN Z 520 56.85 31.56 76.80
C ASN Z 520 56.38 30.49 77.78
N LEU Z 521 57.11 30.33 78.87
CA LEU Z 521 56.61 29.65 80.05
C LEU Z 521 56.60 30.66 81.18
N GLN Z 522 55.45 30.85 81.80
CA GLN Z 522 55.34 31.77 82.91
C GLN Z 522 54.41 31.19 83.96
N PHE Z 523 54.86 31.23 85.20
CA PHE Z 523 54.07 30.77 86.32
C PHE Z 523 53.33 31.94 86.96
N SER Z 524 52.17 31.65 87.52
CA SER Z 524 51.46 32.63 88.34
C SER Z 524 52.28 32.92 89.59
N PRO Z 525 52.19 34.14 90.12
CA PRO Z 525 52.91 34.47 91.37
C PRO Z 525 52.48 33.63 92.57
N ASP Z 526 51.26 33.13 92.59
CA ASP Z 526 50.90 32.15 93.60
C ASP Z 526 51.53 30.79 93.30
N GLY Z 527 51.75 30.49 92.03
CA GLY Z 527 52.31 29.22 91.63
C GLY Z 527 51.31 28.19 91.19
N GLN Z 528 50.08 28.60 90.85
CA GLN Z 528 49.02 27.64 90.60
C GLN Z 528 48.57 27.59 89.15
N ILE Z 529 48.98 28.52 88.31
CA ILE Z 529 48.65 28.50 86.89
C ILE Z 529 49.94 28.69 86.11
N LEU Z 530 50.29 27.70 85.31
CA LEU Z 530 51.44 27.80 84.42
C LEU Z 530 50.92 28.11 83.02
N CYS Z 531 51.48 29.13 82.40
CA CYS Z 531 51.03 29.57 81.09
C CYS Z 531 52.09 29.22 80.05
N MET Z 532 51.79 28.24 79.21
CA MET Z 532 52.65 27.91 78.09
C MET Z 532 52.08 28.55 76.84
N ALA Z 533 52.94 29.20 76.07
CA ALA Z 533 52.52 29.95 74.90
C ALA Z 533 53.42 29.60 73.73
N SER Z 534 52.83 29.34 72.58
CA SER Z 534 53.59 29.15 71.35
C SER Z 534 53.34 30.31 70.41
N ARG Z 535 54.27 30.50 69.48
CA ARG Z 535 54.26 31.69 68.62
C ARG Z 535 54.25 31.35 67.14
N ALA Z 536 54.11 30.08 66.77
CA ALA Z 536 54.12 29.70 65.37
C ALA Z 536 52.72 29.46 64.79
N VAL Z 537 51.67 29.66 65.59
CA VAL Z 537 50.32 29.44 65.12
C VAL Z 537 49.38 30.34 65.93
N LYS Z 538 48.26 30.69 65.33
CA LYS Z 538 47.22 31.42 66.04
C LYS Z 538 46.60 30.55 67.12
N ASP Z 539 46.18 31.20 68.21
CA ASP Z 539 45.47 30.59 69.34
C ASP Z 539 46.29 29.47 69.97
N ALA Z 540 47.48 29.84 70.43
CA ALA Z 540 48.47 28.88 70.92
C ALA Z 540 48.76 29.08 72.40
N LEU Z 541 47.73 29.42 73.17
CA LEU Z 541 47.86 29.62 74.61
C LEU Z 541 47.18 28.46 75.33
N ARG Z 542 47.86 27.90 76.32
CA ARG Z 542 47.32 26.81 77.13
C ARG Z 542 47.64 27.09 78.58
N LEU Z 543 46.61 27.25 79.40
CA LEU Z 543 46.79 27.34 80.85
C LEU Z 543 46.56 25.97 81.45
N VAL Z 544 47.42 25.60 82.41
CA VAL Z 544 47.32 24.31 83.07
C VAL Z 544 47.14 24.52 84.57
N HIS Z 545 46.19 23.79 85.14
CA HIS Z 545 45.99 23.84 86.57
C HIS Z 545 47.15 23.13 87.28
N LEU Z 546 47.58 23.71 88.39
CA LEU Z 546 48.68 23.18 89.14
C LEU Z 546 48.15 22.98 90.56
N PRO Z 547 48.48 21.87 91.23
CA PRO Z 547 49.33 20.75 90.80
C PRO Z 547 48.62 19.61 90.11
N SER Z 548 47.42 19.82 89.56
CA SER Z 548 46.72 18.73 88.88
C SER Z 548 47.34 18.40 87.54
N CYS Z 549 48.14 19.34 86.97
CA CYS Z 549 48.79 19.21 85.66
C CYS Z 549 47.79 18.94 84.55
N SER Z 550 46.62 19.56 84.65
CA SER Z 550 45.54 19.42 83.69
C SER Z 550 45.28 20.75 83.01
N VAL Z 551 45.19 20.72 81.68
CA VAL Z 551 44.83 21.92 80.92
C VAL Z 551 43.39 22.27 81.23
N PHE Z 552 43.10 23.57 81.31
CA PHE Z 552 41.74 24.01 81.54
C PHE Z 552 40.90 23.76 80.29
N SER Z 553 39.70 23.25 80.48
CA SER Z 553 38.85 22.90 79.36
C SER Z 553 38.10 24.10 78.80
N ASN Z 554 37.56 24.95 79.68
CA ASN Z 554 36.76 26.08 79.23
C ASN Z 554 37.60 27.29 78.84
N TRP Z 555 38.90 27.26 79.08
CA TRP Z 555 39.80 28.31 78.63
C TRP Z 555 41.03 27.71 77.97
N PRO Z 556 41.42 28.20 76.80
CA PRO Z 556 40.74 29.19 75.97
C PRO Z 556 39.80 28.53 74.97
N THR Z 557 38.84 29.26 74.42
CA THR Z 557 37.88 28.70 73.49
C THR Z 557 38.32 28.98 72.05
N SER Z 558 37.43 28.69 71.11
CA SER Z 558 37.68 29.01 69.71
C SER Z 558 37.29 30.43 69.35
N GLY Z 559 36.77 31.20 70.31
CA GLY Z 559 36.39 32.58 70.04
C GLY Z 559 37.23 33.57 70.83
N THR Z 560 38.37 33.12 71.34
CA THR Z 560 39.17 34.10 72.05
C THR Z 560 40.15 34.81 71.12
N PRO Z 561 40.39 36.09 71.30
CA PRO Z 561 41.37 36.78 70.46
C PRO Z 561 42.79 36.63 70.98
N LEU Z 562 43.60 35.84 70.28
CA LEU Z 562 44.99 35.66 70.68
C LEU Z 562 45.96 36.06 69.58
N GLY Z 563 45.77 35.57 68.37
CA GLY Z 563 46.76 35.77 67.33
C GLY Z 563 47.98 34.90 67.60
N LYS Z 564 49.07 35.27 66.95
CA LYS Z 564 50.35 34.64 67.24
C LYS Z 564 50.85 35.16 68.58
N VAL Z 565 50.70 34.35 69.64
CA VAL Z 565 51.05 34.81 70.98
C VAL Z 565 52.56 34.84 71.12
N THR Z 566 53.10 36.05 71.33
CA THR Z 566 54.54 36.25 71.37
C THR Z 566 55.08 36.53 72.76
N SER Z 567 54.28 37.08 73.66
CA SER Z 567 54.72 37.34 75.03
C SER Z 567 53.51 37.44 75.94
N VAL Z 568 53.57 36.74 77.06
CA VAL Z 568 52.52 36.76 78.07
C VAL Z 568 53.09 37.42 79.32
N ALA Z 569 52.21 38.06 80.10
CA ALA Z 569 52.60 38.68 81.34
C ALA Z 569 51.51 38.46 82.39
N PHE Z 570 51.94 38.14 83.60
CA PHE Z 570 51.03 38.01 84.73
C PHE Z 570 50.96 39.32 85.50
N SER Z 571 50.14 39.33 86.53
CA SER Z 571 50.20 40.47 87.41
C SER Z 571 50.61 40.04 88.80
N PRO Z 572 51.42 40.83 89.50
CA PRO Z 572 51.89 40.39 90.83
C PRO Z 572 50.82 40.40 91.89
N SER Z 573 49.78 41.22 91.73
CA SER Z 573 48.72 41.32 92.73
C SER Z 573 47.35 40.94 92.18
N GLY Z 574 46.93 41.55 91.07
CA GLY Z 574 45.56 41.42 90.62
C GLY Z 574 45.19 40.16 89.90
N GLY Z 575 46.15 39.27 89.62
CA GLY Z 575 45.85 38.07 88.88
C GLY Z 575 45.54 38.28 87.43
N LEU Z 576 45.95 39.41 86.86
CA LEU Z 576 45.66 39.72 85.48
C LEU Z 576 46.61 38.97 84.55
N LEU Z 577 46.24 38.94 83.28
CA LEU Z 577 47.02 38.23 82.26
C LEU Z 577 47.02 39.07 81.00
N ALA Z 578 48.15 39.70 80.70
CA ALA Z 578 48.32 40.49 79.50
C ALA Z 578 49.02 39.64 78.45
N VAL Z 579 48.39 39.48 77.29
CA VAL Z 579 48.88 38.61 76.23
C VAL Z 579 49.10 39.44 74.98
N GLY Z 580 50.32 39.38 74.45
CA GLY Z 580 50.66 40.08 73.24
C GLY Z 580 50.24 39.31 72.01
N ASN Z 581 50.55 39.88 70.85
CA ASN Z 581 50.25 39.25 69.57
C ASN Z 581 51.16 39.84 68.51
N GLU Z 582 51.07 39.29 67.30
CA GLU Z 582 51.80 39.84 66.17
C GLU Z 582 51.15 41.10 65.62
N GLN Z 583 49.89 41.35 65.96
CA GLN Z 583 49.21 42.57 65.54
C GLN Z 583 49.53 43.75 66.46
N GLY Z 584 50.28 43.54 67.52
CA GLY Z 584 50.60 44.59 68.46
C GLY Z 584 49.42 45.08 69.27
N LYS Z 585 48.55 44.18 69.69
CA LYS Z 585 47.41 44.50 70.56
C LYS Z 585 47.51 43.64 71.81
N VAL Z 586 48.04 44.21 72.88
CA VAL Z 586 48.15 43.48 74.15
C VAL Z 586 46.77 43.40 74.77
N ARG Z 587 46.21 42.18 74.79
CA ARG Z 587 44.85 41.96 75.26
C ARG Z 587 44.88 41.42 76.67
N LEU Z 588 43.97 41.91 77.52
CA LEU Z 588 44.07 41.76 78.95
C LEU Z 588 42.92 40.94 79.49
N TRP Z 589 43.23 39.92 80.28
CA TRP Z 589 42.25 39.05 80.91
C TRP Z 589 42.45 39.10 82.43
N LYS Z 590 41.43 38.65 83.16
CA LYS Z 590 41.47 38.67 84.62
C LYS Z 590 41.04 37.32 85.15
N LEU Z 591 41.93 36.65 85.88
CA LEU Z 591 41.58 35.41 86.57
C LEU Z 591 40.81 35.78 87.83
N ASN Z 592 39.55 35.35 87.90
CA ASN Z 592 38.64 35.89 88.89
C ASN Z 592 38.75 35.24 90.26
N HIS Z 593 39.52 34.17 90.40
CA HIS Z 593 39.69 33.57 91.72
C HIS Z 593 40.57 34.44 92.60
N TYR Z 594 41.64 34.98 92.03
CA TYR Z 594 42.58 35.83 92.75
C TYR Z 594 41.95 37.13 93.22
N LYS AA 1 -5.50 71.01 86.58
CA LYS AA 1 -4.80 70.09 85.70
C LYS AA 1 -5.73 69.52 84.64
N ASN AA 2 -6.95 70.04 84.58
CA ASN AA 2 -7.90 69.63 83.57
C ASN AA 2 -7.49 70.17 82.19
N SER AA 3 -7.95 69.49 81.15
CA SER AA 3 -7.62 69.83 79.78
C SER AA 3 -8.89 69.98 78.94
N LYS AA 4 -8.81 70.83 77.93
CA LYS AA 4 -9.88 71.00 76.97
C LYS AA 4 -9.55 70.40 75.61
N ILE AA 5 -8.39 69.75 75.47
CA ILE AA 5 -7.97 69.15 74.22
C ILE AA 5 -7.76 67.64 74.36
N PHE AA 6 -7.12 67.19 75.43
CA PHE AA 6 -6.85 65.78 75.62
C PHE AA 6 -7.55 65.26 76.86
N SER AA 7 -7.77 63.94 76.88
CA SER AA 7 -8.44 63.25 77.97
C SER AA 7 -7.83 61.86 78.03
N PRO AA 8 -7.59 61.33 79.23
CA PRO AA 8 -6.85 60.06 79.34
C PRO AA 8 -7.68 58.87 78.87
N PHE AA 9 -7.01 57.93 78.21
CA PHE AA 9 -7.64 56.73 77.69
C PHE AA 9 -7.38 55.52 78.58
N ARG AA 10 -6.12 55.15 78.71
CA ARG AA 10 -5.64 54.05 79.56
C ARG AA 10 -4.12 54.14 79.58
N ILE AA 11 -3.50 53.17 80.25
CA ILE AA 11 -2.04 53.09 80.35
C ILE AA 11 -1.62 51.83 79.61
N ILE AA 12 -1.14 52.00 78.37
CA ILE AA 12 -0.78 50.87 77.52
C ILE AA 12 0.55 50.30 77.96
N GLY AA 13 0.60 48.99 78.17
CA GLY AA 13 1.85 48.29 78.37
C GLY AA 13 2.12 47.79 79.77
N ASN AA 14 1.12 47.76 80.64
CA ASN AA 14 1.30 47.33 82.01
C ASN AA 14 0.53 46.04 82.28
N VAL AA 15 1.12 45.18 83.10
CA VAL AA 15 0.49 43.91 83.44
C VAL AA 15 0.34 43.82 84.95
N SER AA 16 1.44 43.98 85.68
CA SER AA 16 1.43 43.91 87.13
C SER AA 16 2.44 44.90 87.69
N ASN AA 17 2.27 45.22 88.96
CA ASN AA 17 3.17 46.15 89.63
C ASN AA 17 3.90 45.57 90.82
N GLY AA 18 3.37 44.52 91.45
CA GLY AA 18 4.05 43.92 92.58
C GLY AA 18 3.14 43.61 93.75
N VAL AA 19 1.93 44.15 93.71
CA VAL AA 19 0.92 43.83 94.73
C VAL AA 19 0.50 42.38 94.57
N PRO AA 20 0.31 41.62 95.66
CA PRO AA 20 -0.20 40.26 95.54
C PRO AA 20 -1.58 40.23 94.90
N PHE AA 21 -1.64 39.66 93.70
CA PHE AA 21 -2.88 39.62 92.94
C PHE AA 21 -3.83 38.58 93.52
N ALA AA 22 -5.05 38.58 93.01
CA ALA AA 22 -6.03 37.57 93.34
C ALA AA 22 -6.44 36.81 92.10
N THR AA 23 -6.98 35.62 92.31
CA THR AA 23 -7.60 34.85 91.26
C THR AA 23 -8.95 34.36 91.75
N GLY AA 24 -9.90 34.26 90.83
CA GLY AA 24 -11.22 33.82 91.19
C GLY AA 24 -11.71 32.73 90.27
N THR AA 25 -12.27 31.67 90.83
CA THR AA 25 -12.90 30.67 89.98
C THR AA 25 -14.20 31.24 89.42
N LEU AA 26 -14.54 30.83 88.20
CA LEU AA 26 -15.74 31.30 87.53
C LEU AA 26 -16.21 30.16 86.63
N GLY AA 27 -17.08 29.32 87.18
CA GLY AA 27 -17.45 28.09 86.50
C GLY AA 27 -16.26 27.16 86.34
N SER AA 28 -15.89 26.88 85.10
CA SER AA 28 -14.69 26.12 84.80
C SER AA 28 -13.47 27.00 84.60
N THR AA 29 -13.64 28.18 83.99
CA THR AA 29 -12.51 29.04 83.69
C THR AA 29 -12.09 29.82 84.94
N PHE AA 30 -10.93 30.46 84.84
CA PHE AA 30 -10.39 31.27 85.91
C PHE AA 30 -10.01 32.63 85.36
N TYR AA 31 -10.07 33.66 86.21
CA TYR AA 31 -9.62 34.99 85.82
C TYR AA 31 -8.55 35.44 86.82
N ILE AA 32 -7.45 35.96 86.29
CA ILE AA 32 -6.33 36.45 87.08
C ILE AA 32 -6.49 37.95 87.17
N VAL AA 33 -6.91 38.46 88.33
CA VAL AA 33 -7.12 39.89 88.50
C VAL AA 33 -5.92 40.50 89.22
N THR AA 34 -5.25 41.41 88.54
CA THR AA 34 -4.11 42.14 89.07
C THR AA 34 -4.44 43.62 89.15
N CYS AA 35 -3.54 44.39 89.74
CA CYS AA 35 -3.72 45.83 89.81
C CYS AA 35 -2.46 46.52 89.33
N VAL AA 36 -2.64 47.65 88.65
CA VAL AA 36 -1.55 48.50 88.21
C VAL AA 36 -1.84 49.90 88.76
N GLY AA 37 -1.22 50.23 89.88
CA GLY AA 37 -1.28 51.56 90.44
C GLY AA 37 -2.66 52.02 90.87
N LYS AA 38 -3.23 52.95 90.11
CA LYS AA 38 -4.53 53.52 90.41
C LYS AA 38 -5.65 52.85 89.64
N THR AA 39 -5.37 51.75 88.95
CA THR AA 39 -6.39 50.96 88.28
C THR AA 39 -6.06 49.49 88.46
N PHE AA 40 -6.92 48.62 87.92
CA PHE AA 40 -6.73 47.19 88.05
C PHE AA 40 -7.25 46.51 86.79
N GLN AA 41 -6.70 45.34 86.49
CA GLN AA 41 -6.99 44.64 85.25
C GLN AA 41 -7.38 43.20 85.55
N ILE AA 42 -8.17 42.63 84.64
CA ILE AA 42 -8.65 41.26 84.75
C ILE AA 42 -8.11 40.46 83.58
N TYR AA 43 -7.33 39.43 83.87
CA TYR AA 43 -6.72 38.59 82.85
C TYR AA 43 -7.33 37.21 82.88
N ASP AA 44 -7.70 36.70 81.70
CA ASP AA 44 -8.19 35.34 81.59
C ASP AA 44 -7.04 34.34 81.81
N ALA AA 45 -7.39 33.11 82.18
CA ALA AA 45 -6.37 32.14 82.53
C ALA AA 45 -5.89 31.35 81.32
N ASN AA 46 -6.79 30.94 80.43
CA ASN AA 46 -6.40 30.01 79.38
C ASN AA 46 -5.76 30.69 78.18
N THR AA 47 -5.85 32.02 78.07
CA THR AA 47 -5.21 32.74 76.97
C THR AA 47 -4.37 33.93 77.42
N LEU AA 48 -4.51 34.37 78.67
CA LEU AA 48 -3.91 35.60 79.20
C LEU AA 48 -4.24 36.82 78.35
N HIS AA 49 -5.47 36.87 77.87
CA HIS AA 49 -5.98 38.08 77.24
C HIS AA 49 -6.54 39.00 78.30
N LEU AA 50 -6.37 40.30 78.09
CA LEU AA 50 -7.00 41.27 78.98
C LEU AA 50 -8.49 41.29 78.74
N LEU AA 51 -9.27 41.19 79.81
CA LEU AA 51 -10.72 41.18 79.70
C LEU AA 51 -11.36 42.50 80.13
N PHE AA 52 -11.12 42.94 81.35
CA PHE AA 52 -11.69 44.17 81.85
C PHE AA 52 -10.64 44.96 82.61
N VAL AA 53 -10.74 46.29 82.50
CA VAL AA 53 -10.03 47.20 83.38
C VAL AA 53 -11.07 48.03 84.11
N SER AA 54 -10.60 48.79 85.10
CA SER AA 54 -11.49 49.72 85.79
C SER AA 54 -11.93 50.82 84.85
N GLU AA 55 -13.22 51.13 84.87
CA GLU AA 55 -13.74 52.23 84.07
C GLU AA 55 -13.22 53.56 84.58
N LYS AA 56 -13.24 53.75 85.89
CA LYS AA 56 -12.74 54.96 86.53
C LYS AA 56 -11.61 54.59 87.47
N GLU AA 57 -10.50 55.33 87.39
CA GLU AA 57 -9.32 55.01 88.17
C GLU AA 57 -9.54 55.34 89.65
N THR AA 58 -8.88 54.56 90.49
CA THR AA 58 -8.93 54.80 91.92
C THR AA 58 -8.13 56.06 92.28
N PRO AA 59 -8.51 56.77 93.34
CA PRO AA 59 -7.75 57.99 93.72
C PRO AA 59 -6.33 57.71 94.17
N SER AA 60 -6.03 56.52 94.67
CA SER AA 60 -4.68 56.21 95.14
C SER AA 60 -4.35 54.78 94.72
N SER AA 61 -3.28 54.24 95.29
CA SER AA 61 -2.80 52.92 94.91
C SER AA 61 -3.70 51.85 95.50
N ILE AA 62 -3.85 50.75 94.77
CA ILE AA 62 -4.62 49.60 95.24
C ILE AA 62 -3.71 48.76 96.12
N VAL AA 63 -4.14 48.54 97.36
CA VAL AA 63 -3.31 47.88 98.36
C VAL AA 63 -3.62 46.39 98.46
N ALA AA 64 -4.90 46.02 98.48
CA ALA AA 64 -5.29 44.63 98.61
C ALA AA 64 -6.31 44.27 97.54
N LEU AA 65 -6.18 43.07 97.00
CA LEU AA 65 -7.09 42.59 95.97
C LEU AA 65 -7.62 41.22 96.36
N SER AA 66 -8.94 41.07 96.28
CA SER AA 66 -9.57 39.77 96.46
C SER AA 66 -10.71 39.66 95.46
N ALA AA 67 -11.07 38.42 95.12
CA ALA AA 67 -12.10 38.19 94.12
C ALA AA 67 -12.89 36.94 94.47
N HIS AA 68 -14.20 37.10 94.53
CA HIS AA 68 -15.14 35.99 94.61
C HIS AA 68 -15.46 35.53 93.20
N PHE AA 69 -16.58 34.81 93.02
CA PHE AA 69 -16.94 34.23 91.73
C PHE AA 69 -17.09 35.29 90.64
N HIS AA 70 -17.78 36.38 90.95
CA HIS AA 70 -18.01 37.44 89.98
C HIS AA 70 -17.48 38.80 90.41
N TYR AA 71 -17.54 39.11 91.71
CA TYR AA 71 -17.30 40.47 92.19
C TYR AA 71 -15.86 40.59 92.68
N VAL AA 72 -15.09 41.42 91.99
CA VAL AA 72 -13.73 41.71 92.39
C VAL AA 72 -13.71 42.82 93.44
N TYR AA 73 -12.98 42.58 94.53
CA TYR AA 73 -12.92 43.51 95.65
C TYR AA 73 -11.55 44.19 95.65
N ALA AA 74 -11.52 45.46 95.30
CA ALA AA 74 -10.30 46.25 95.34
C ALA AA 74 -10.28 47.11 96.59
N ALA AA 75 -9.08 47.30 97.15
CA ALA AA 75 -8.93 48.01 98.42
C ALA AA 75 -7.85 49.08 98.25
N TYR AA 76 -8.28 50.31 98.01
CA TYR AA 76 -7.38 51.45 97.98
C TYR AA 76 -7.50 52.22 99.29
N GLU AA 77 -6.93 53.44 99.30
CA GLU AA 77 -6.41 54.16 100.48
C GLU AA 77 -7.24 54.08 101.75
N ASN AA 78 -8.54 54.29 101.65
CA ASN AA 78 -9.37 54.30 102.84
C ASN AA 78 -10.56 53.37 102.66
N LYS AA 79 -11.00 53.22 101.42
CA LYS AA 79 -12.23 52.54 101.10
C LYS AA 79 -11.93 51.27 100.31
N VAL AA 80 -12.81 50.29 100.46
CA VAL AA 80 -12.76 49.09 99.64
C VAL AA 80 -13.86 49.20 98.60
N GLY AA 81 -13.64 48.57 97.46
CA GLY AA 81 -14.57 48.73 96.36
C GLY AA 81 -15.02 47.41 95.77
N ILE AA 82 -16.33 47.26 95.61
CA ILE AA 82 -16.90 46.06 95.02
C ILE AA 82 -17.20 46.37 93.56
N TYR AA 83 -16.51 45.68 92.66
CA TYR AA 83 -16.63 45.92 91.24
C TYR AA 83 -17.10 44.67 90.52
N LYS AA 84 -17.85 44.87 89.44
CA LYS AA 84 -18.19 43.82 88.49
C LYS AA 84 -18.03 44.40 87.10
N ARG AA 85 -17.40 43.64 86.20
CA ARG AA 85 -17.18 43.97 84.79
C ARG AA 85 -16.31 45.22 84.61
N GLY AA 86 -15.59 45.64 85.64
CA GLY AA 86 -14.90 46.91 85.64
C GLY AA 86 -15.75 48.07 86.12
N ILE AA 87 -17.05 47.89 86.21
CA ILE AA 87 -17.96 48.96 86.62
C ILE AA 87 -17.95 49.05 88.14
N GLU AA 88 -17.92 50.27 88.67
CA GLU AA 88 -18.02 50.48 90.10
C GLU AA 88 -19.46 50.24 90.52
N GLU AA 89 -19.75 49.02 90.99
CA GLU AA 89 -21.11 48.68 91.36
C GLU AA 89 -21.46 49.15 92.77
N HIS AA 90 -20.52 49.05 93.71
CA HIS AA 90 -20.74 49.56 95.05
C HIS AA 90 -19.41 49.97 95.65
N LEU AA 91 -19.44 51.07 96.41
CA LEU AA 91 -18.29 51.57 97.14
C LEU AA 91 -18.58 51.42 98.63
N LEU AA 92 -17.75 50.65 99.31
CA LEU AA 92 -17.91 50.39 100.74
C LEU AA 92 -16.89 51.23 101.50
N GLU AA 93 -17.37 52.13 102.35
CA GLU AA 93 -16.52 53.07 103.04
C GLU AA 93 -16.18 52.58 104.43
N LEU AA 94 -14.90 52.70 104.79
CA LEU AA 94 -14.44 52.35 106.13
C LEU AA 94 -14.38 53.63 106.95
N GLU AA 95 -15.08 53.64 108.09
CA GLU AA 95 -15.26 54.84 108.90
C GLU AA 95 -14.08 55.08 109.84
N THR AA 96 -12.87 55.11 109.28
CA THR AA 96 -11.64 55.31 110.03
C THR AA 96 -10.70 56.05 109.07
N ASP AA 97 -9.68 56.75 109.60
CA ASP AA 97 -8.73 57.47 108.75
C ASP AA 97 -7.50 56.65 108.39
N ALA AA 98 -7.33 55.47 108.97
CA ALA AA 98 -6.17 54.63 108.68
C ALA AA 98 -6.34 53.93 107.33
N ASN AA 99 -5.27 53.28 106.88
CA ASN AA 99 -5.23 52.70 105.54
C ASN AA 99 -5.48 51.20 105.58
N VAL AA 100 -6.23 50.72 104.59
CA VAL AA 100 -6.55 49.29 104.46
C VAL AA 100 -5.36 48.56 103.85
N GLU AA 101 -4.95 47.46 104.47
CA GLU AA 101 -3.80 46.70 104.01
C GLU AA 101 -4.12 45.30 103.52
N HIS AA 102 -5.11 44.62 104.11
CA HIS AA 102 -5.47 43.28 103.67
C HIS AA 102 -6.99 43.14 103.67
N LEU AA 103 -7.48 42.31 102.75
CA LEU AA 103 -8.91 42.25 102.47
C LEU AA 103 -9.28 40.79 102.20
N CYS AA 104 -9.95 40.18 103.18
CA CYS AA 104 -10.48 38.83 103.04
C CYS AA 104 -11.98 38.88 102.88
N ILE AA 105 -12.52 37.98 102.06
CA ILE AA 105 -13.95 37.86 101.85
C ILE AA 105 -14.32 36.40 101.99
N PHE AA 106 -15.17 36.08 102.95
CA PHE AA 106 -15.77 34.75 103.05
C PHE AA 106 -17.23 34.92 103.43
N GLY AA 107 -18.11 34.31 102.65
CA GLY AA 107 -19.52 34.31 102.96
C GLY AA 107 -20.17 35.68 102.82
N ASP AA 108 -21.07 35.97 103.75
CA ASP AA 108 -21.67 37.29 103.85
C ASP AA 108 -20.81 38.26 104.65
N TYR AA 109 -19.67 37.81 105.15
CA TYR AA 109 -18.83 38.59 106.06
C TYR AA 109 -17.56 39.02 105.33
N LEU AA 110 -17.58 40.23 104.79
CA LEU AA 110 -16.37 40.85 104.29
C LEU AA 110 -15.47 41.22 105.46
N CYS AA 111 -14.17 41.08 105.25
CA CYS AA 111 -13.21 41.20 106.35
C CYS AA 111 -12.11 42.16 105.90
N ALA AA 112 -12.27 43.43 106.24
CA ALA AA 112 -11.28 44.45 105.89
C ALA AA 112 -10.41 44.77 107.10
N SER AA 113 -9.10 44.68 106.91
CA SER AA 113 -8.13 44.91 107.98
C SER AA 113 -7.32 46.15 107.66
N THR AA 114 -7.37 47.13 108.56
CA THR AA 114 -6.56 48.32 108.40
C THR AA 114 -5.13 48.04 108.86
N ASP AA 115 -4.25 49.02 108.65
CA ASP AA 115 -2.86 48.85 109.04
C ASP AA 115 -2.65 48.98 110.54
N ASP AA 116 -3.51 49.72 111.23
CA ASP AA 116 -3.35 49.90 112.68
C ASP AA 116 -4.13 48.86 113.48
N ASN AA 117 -3.98 47.59 113.08
CA ASN AA 117 -4.41 46.41 113.82
C ASN AA 117 -5.91 46.42 114.16
N SER AA 118 -6.73 46.85 113.20
CA SER AA 118 -8.17 46.80 113.35
C SER AA 118 -8.78 46.05 112.18
N ILE AA 119 -9.66 45.10 112.48
CA ILE AA 119 -10.33 44.29 111.47
C ILE AA 119 -11.79 44.74 111.42
N PHE AA 120 -12.21 45.25 110.27
CA PHE AA 120 -13.59 45.62 110.07
C PHE AA 120 -14.37 44.45 109.49
N ILE AA 121 -15.59 44.25 109.97
CA ILE AA 121 -16.46 43.17 109.52
C ILE AA 121 -17.67 43.79 108.84
N TYR AA 122 -17.96 43.34 107.62
CA TYR AA 122 -19.08 43.87 106.84
C TYR AA 122 -20.06 42.75 106.50
N LYS AA 123 -21.34 42.97 106.79
CA LYS AA 123 -22.36 41.95 106.70
C LYS AA 123 -23.31 42.25 105.56
N LYS AA 124 -23.70 41.20 104.82
CA LYS AA 124 -24.81 41.32 103.89
C LYS AA 124 -26.10 41.54 104.64
N SER AA 125 -26.88 42.54 104.23
CA SER AA 125 -28.14 42.85 104.90
C SER AA 125 -29.17 41.75 104.67
N ASP AA 126 -29.34 41.33 103.42
CA ASP AA 126 -30.15 40.22 102.96
C ASP AA 126 -29.27 38.99 102.81
N PRO AA 127 -29.74 37.79 103.19
CA PRO AA 127 -28.95 36.58 102.92
C PRO AA 127 -28.73 36.27 101.45
N GLN AA 128 -29.54 36.83 100.55
CA GLN AA 128 -29.34 36.69 99.11
C GLN AA 128 -28.67 37.92 98.49
N ASP AA 129 -28.01 38.74 99.30
CA ASP AA 129 -27.24 39.85 98.76
C ASP AA 129 -26.03 39.36 97.99
N LYS AA 130 -25.63 40.13 97.00
CA LYS AA 130 -24.50 39.75 96.17
C LYS AA 130 -23.15 40.24 96.69
N TYR AA 131 -23.16 41.18 97.65
CA TYR AA 131 -21.94 41.67 98.27
C TYR AA 131 -22.29 42.26 99.62
N PRO AA 132 -21.39 42.22 100.60
CA PRO AA 132 -21.68 42.84 101.89
C PRO AA 132 -21.64 44.36 101.82
N SER AA 133 -22.61 44.99 102.45
CA SER AA 133 -22.71 46.45 102.44
C SER AA 133 -22.85 47.05 103.83
N GLU AA 134 -23.57 46.41 104.74
CA GLU AA 134 -23.75 46.97 106.07
C GLU AA 134 -22.51 46.70 106.93
N PHE AA 135 -22.36 47.51 107.96
CA PHE AA 135 -21.18 47.46 108.83
C PHE AA 135 -21.54 46.69 110.09
N TYR AA 136 -20.86 45.56 110.31
CA TYR AA 136 -21.21 44.69 111.43
C TYR AA 136 -20.52 45.15 112.72
N THR AA 137 -19.19 45.07 112.76
CA THR AA 137 -18.43 45.41 113.96
C THR AA 137 -16.99 45.72 113.57
N LYS AA 138 -16.21 46.11 114.57
CA LYS AA 138 -14.82 46.53 114.39
C LYS AA 138 -13.96 45.73 115.38
N LEU AA 139 -13.45 44.59 114.94
CA LEU AA 139 -12.53 43.82 115.74
C LEU AA 139 -11.20 44.54 115.87
N THR AA 140 -10.56 44.40 117.03
CA THR AA 140 -9.31 45.06 117.32
C THR AA 140 -8.31 44.05 117.84
N VAL AA 141 -7.10 44.07 117.28
CA VAL AA 141 -5.98 43.30 117.80
C VAL AA 141 -5.09 44.25 118.57
N THR AA 142 -4.89 43.97 119.85
CA THR AA 142 -4.09 44.85 120.70
C THR AA 142 -2.61 44.50 120.54
N GLU AA 143 -1.77 45.11 121.36
CA GLU AA 143 -0.35 44.79 121.36
C GLU AA 143 0.00 43.60 122.22
N ILE AA 144 -0.95 43.09 123.01
CA ILE AA 144 -0.72 41.89 123.79
C ILE AA 144 -1.20 40.64 123.09
N GLN AA 145 -2.03 40.76 122.05
CA GLN AA 145 -2.49 39.61 121.29
C GLN AA 145 -1.54 39.23 120.17
N GLY AA 146 -0.77 40.18 119.65
CA GLY AA 146 0.17 39.88 118.59
C GLY AA 146 0.71 41.16 117.99
N GLY AA 147 1.41 40.99 116.87
CA GLY AA 147 1.96 42.10 116.12
C GLY AA 147 0.96 42.63 115.11
N GLU AA 148 1.49 43.23 114.05
CA GLU AA 148 0.65 43.73 112.98
C GLU AA 148 0.07 42.58 112.17
N ILE AA 149 -1.07 42.82 111.55
CA ILE AA 149 -1.80 41.79 110.83
C ILE AA 149 -1.10 41.48 109.51
N VAL AA 150 -0.44 40.33 109.45
CA VAL AA 150 0.28 39.93 108.23
C VAL AA 150 -0.71 39.57 107.13
N SER AA 151 -1.72 38.78 107.46
CA SER AA 151 -2.72 38.38 106.48
C SER AA 151 -4.02 38.02 107.17
N LEU AA 152 -5.10 38.02 106.40
CA LEU AA 152 -6.39 37.50 106.83
C LEU AA 152 -6.77 36.34 105.93
N GLN AA 153 -6.98 35.17 106.53
CA GLN AA 153 -7.43 33.99 105.81
C GLN AA 153 -8.68 33.45 106.48
N HIS AA 154 -9.47 32.70 105.71
CA HIS AA 154 -10.60 31.96 106.25
C HIS AA 154 -10.39 30.50 105.90
N LEU AA 155 -10.13 29.68 106.91
CA LEU AA 155 -9.92 28.26 106.68
C LEU AA 155 -11.25 27.58 106.36
N ALA AA 156 -11.15 26.43 105.70
CA ALA AA 156 -12.33 25.69 105.27
C ALA AA 156 -13.04 25.04 106.44
N THR AA 157 -14.37 24.92 106.31
CA THR AA 157 -15.27 24.26 107.26
C THR AA 157 -15.16 24.85 108.67
N TYR AA 158 -15.05 26.17 108.75
CA TYR AA 158 -15.14 26.90 110.00
C TYR AA 158 -16.36 27.79 109.96
N LEU AA 159 -17.24 27.65 110.94
CA LEU AA 159 -18.51 28.38 110.95
C LEU AA 159 -18.29 29.73 111.62
N ASN AA 160 -18.26 30.77 110.78
CA ASN AA 160 -18.11 32.18 111.20
C ASN AA 160 -16.83 32.41 111.99
N LYS AA 161 -15.74 31.81 111.52
CA LYS AA 161 -14.43 31.98 112.13
C LYS AA 161 -13.47 32.65 111.15
N LEU AA 162 -12.75 33.65 111.63
CA LEU AA 162 -11.74 34.35 110.85
C LEU AA 162 -10.36 34.02 111.42
N THR AA 163 -9.46 33.56 110.56
CA THR AA 163 -8.10 33.24 110.99
C THR AA 163 -7.22 34.46 110.75
N VAL AA 164 -6.64 34.98 111.82
CA VAL AA 164 -5.77 36.14 111.76
C VAL AA 164 -4.35 35.70 112.10
N VAL AA 165 -3.40 36.05 111.25
CA VAL AA 165 -2.00 35.74 111.48
C VAL AA 165 -1.24 37.04 111.71
N THR AA 166 -0.58 37.13 112.86
CA THR AA 166 0.24 38.28 113.19
C THR AA 166 1.70 37.96 112.88
N LYS AA 167 2.60 38.85 113.31
CA LYS AA 167 4.02 38.59 113.11
C LYS AA 167 4.56 37.59 114.11
N SER AA 168 3.79 37.24 115.14
CA SER AA 168 4.27 36.33 116.19
C SER AA 168 3.32 35.18 116.50
N ASN AA 169 2.04 35.28 116.21
CA ASN AA 169 1.10 34.23 116.58
C ASN AA 169 -0.10 34.27 115.64
N VAL AA 170 -0.96 33.26 115.78
CA VAL AA 170 -2.17 33.12 114.97
C VAL AA 170 -3.37 33.20 115.90
N LEU AA 171 -4.38 33.97 115.50
CA LEU AA 171 -5.59 34.15 116.30
C LEU AA 171 -6.82 33.75 115.50
N LEU AA 172 -7.91 33.53 116.22
CA LEU AA 172 -9.20 33.19 115.63
C LEU AA 172 -10.25 34.14 116.15
N PHE AA 173 -11.20 34.52 115.29
CA PHE AA 173 -12.24 35.47 115.67
C PHE AA 173 -13.60 34.96 115.22
N ASN AA 174 -14.50 34.77 116.17
CA ASN AA 174 -15.89 34.42 115.87
C ASN AA 174 -16.60 35.71 115.45
N VAL AA 175 -16.64 35.95 114.14
CA VAL AA 175 -17.06 37.24 113.61
C VAL AA 175 -18.55 37.51 113.81
N ARG AA 176 -19.36 36.48 114.06
CA ARG AA 176 -20.76 36.72 114.39
C ARG AA 176 -20.88 37.37 115.77
N THR AA 177 -20.01 36.97 116.71
CA THR AA 177 -20.03 37.52 118.06
C THR AA 177 -18.87 38.48 118.32
N GLY AA 178 -17.88 38.52 117.45
CA GLY AA 178 -16.73 39.40 117.64
C GLY AA 178 -15.85 39.03 118.81
N LYS AA 179 -15.61 37.74 119.02
CA LYS AA 179 -14.87 37.27 120.19
C LYS AA 179 -13.71 36.39 119.78
N LEU AA 180 -12.56 36.59 120.43
CA LEU AA 180 -11.43 35.68 120.29
C LEU AA 180 -11.78 34.33 120.90
N VAL AA 181 -11.53 33.25 120.15
CA VAL AA 181 -11.79 31.92 120.65
C VAL AA 181 -10.53 31.07 120.80
N PHE AA 182 -9.42 31.42 120.14
CA PHE AA 182 -8.20 30.64 120.27
C PHE AA 182 -7.02 31.52 119.90
N THR AA 183 -5.94 31.40 120.67
CA THR AA 183 -4.67 32.02 120.34
C THR AA 183 -3.59 30.96 120.19
N SER AA 184 -2.74 31.12 119.19
CA SER AA 184 -1.66 30.17 118.99
C SER AA 184 -0.50 30.49 119.94
N ASN AA 185 0.43 29.56 120.04
CA ASN AA 185 1.68 29.83 120.72
C ASN AA 185 2.53 30.76 119.89
N GLU AA 186 3.47 31.43 120.54
CA GLU AA 186 4.30 32.42 119.88
C GLU AA 186 5.27 31.77 118.91
N PHE AA 187 5.39 32.34 117.71
CA PHE AA 187 6.36 31.89 116.73
C PHE AA 187 7.58 32.76 116.86
N PRO AA 188 8.77 32.20 117.08
CA PRO AA 188 9.98 33.04 117.25
C PRO AA 188 10.38 33.81 116.00
N ASP AA 189 9.98 33.37 114.82
CA ASP AA 189 10.28 34.09 113.60
C ASP AA 189 9.13 35.03 113.23
N GLN AA 190 9.40 35.93 112.29
CA GLN AA 190 8.40 36.87 111.80
C GLN AA 190 7.68 36.22 110.62
N ILE AA 191 6.38 35.96 110.79
CA ILE AA 191 5.61 35.31 109.73
C ILE AA 191 5.36 36.32 108.61
N THR AA 192 5.57 35.88 107.37
CA THR AA 192 5.46 36.76 106.22
C THR AA 192 4.28 36.47 105.32
N THR AA 193 3.75 35.25 105.33
CA THR AA 193 2.66 34.90 104.43
C THR AA 193 1.80 33.81 105.04
N ALA AA 194 0.58 33.69 104.54
CA ALA AA 194 -0.34 32.67 104.98
C ALA AA 194 -1.12 32.14 103.78
N GLU AA 195 -1.56 30.89 103.88
CA GLU AA 195 -2.33 30.24 102.82
C GLU AA 195 -3.11 29.07 103.40
N PRO AA 196 -4.38 28.92 103.03
CA PRO AA 196 -5.11 27.70 103.39
C PRO AA 196 -4.63 26.50 102.58
N ALA AA 197 -5.08 25.33 103.01
CA ALA AA 197 -4.66 24.08 102.41
C ALA AA 197 -5.87 23.23 102.02
N PRO AA 198 -5.72 22.34 101.03
CA PRO AA 198 -6.80 21.37 100.74
C PRO AA 198 -7.11 20.43 101.89
N VAL AA 199 -6.14 20.13 102.75
CA VAL AA 199 -6.45 19.38 103.97
C VAL AA 199 -7.15 20.31 104.95
N LEU AA 200 -7.95 19.73 105.83
CA LEU AA 200 -8.79 20.51 106.71
C LEU AA 200 -8.00 21.01 107.92
N ASP AA 201 -8.34 22.23 108.36
CA ASP AA 201 -7.79 22.89 109.55
C ASP AA 201 -6.29 23.09 109.47
N ILE AA 202 -5.77 23.29 108.27
CA ILE AA 202 -4.34 23.41 108.02
C ILE AA 202 -4.08 24.74 107.31
N ILE AA 203 -3.20 25.55 107.90
CA ILE AA 203 -2.74 26.79 107.30
C ILE AA 203 -1.22 26.73 107.21
N ALA AA 204 -0.68 27.24 106.11
CA ALA AA 204 0.77 27.25 105.88
C ALA AA 204 1.31 28.64 106.16
N LEU AA 205 2.34 28.72 107.00
CA LEU AA 205 2.95 29.98 107.38
C LEU AA 205 4.38 30.01 106.90
N GLY AA 206 4.75 31.07 106.16
CA GLY AA 206 6.10 31.27 105.69
C GLY AA 206 6.73 32.44 106.40
N THR AA 207 7.94 32.22 106.94
CA THR AA 207 8.63 33.24 107.71
C THR AA 207 9.75 33.89 106.90
N VAL AA 208 10.31 34.96 107.48
CA VAL AA 208 11.36 35.71 106.82
C VAL AA 208 12.65 34.90 106.74
N THR AA 209 13.03 34.24 107.84
CA THR AA 209 13.95 33.12 107.71
C THR AA 209 13.20 31.97 107.06
N GLY AA 210 13.91 31.24 106.20
CA GLY AA 210 13.22 30.32 105.30
C GLY AA 210 12.66 29.08 105.95
N GLU AA 211 11.64 29.26 106.78
CA GLU AA 211 10.94 28.16 107.43
C GLU AA 211 9.48 28.21 107.02
N VAL AA 212 8.96 27.07 106.54
CA VAL AA 212 7.54 26.92 106.28
C VAL AA 212 6.98 26.15 107.46
N ILE AA 213 6.20 26.84 108.30
CA ILE AA 213 5.59 26.23 109.47
C ILE AA 213 4.14 25.96 109.14
N MET AA 214 3.72 24.72 109.31
CA MET AA 214 2.49 24.21 108.77
C MET AA 214 1.55 23.91 109.93
N PHE AA 215 0.72 24.88 110.28
CA PHE AA 215 0.08 24.91 111.59
C PHE AA 215 -1.31 24.26 111.52
N ASN AA 216 -1.45 23.12 112.19
CA ASN AA 216 -2.76 22.51 112.35
C ASN AA 216 -3.58 23.30 113.35
N MET AA 217 -4.64 23.94 112.88
CA MET AA 217 -5.39 24.86 113.72
C MET AA 217 -6.35 24.16 114.67
N ARG AA 218 -6.63 22.87 114.46
CA ARG AA 218 -7.49 22.14 115.39
C ARG AA 218 -6.74 21.75 116.64
N LYS AA 219 -5.60 21.07 116.47
CA LYS AA 219 -4.79 20.69 117.63
C LYS AA 219 -3.99 21.86 118.17
N GLY AA 220 -3.84 22.93 117.40
CA GLY AA 220 -2.99 24.05 117.81
C GLY AA 220 -1.52 23.69 117.84
N LYS AA 221 -1.09 22.77 116.99
CA LYS AA 221 0.30 22.35 116.94
C LYS AA 221 0.76 22.32 115.49
N ARG AA 222 2.04 22.65 115.29
CA ARG AA 222 2.63 22.55 113.95
C ARG AA 222 2.87 21.10 113.60
N ILE AA 223 2.99 20.83 112.29
CA ILE AA 223 3.15 19.46 111.82
C ILE AA 223 4.45 19.31 111.06
N ARG AA 224 4.60 20.03 109.96
CA ARG AA 224 5.78 19.93 109.10
C ARG AA 224 6.52 21.26 109.10
N THR AA 225 7.81 21.21 109.36
CA THR AA 225 8.67 22.39 109.34
C THR AA 225 9.64 22.23 108.17
N ILE AA 226 9.33 22.91 107.07
CA ILE AA 226 10.13 22.86 105.85
C ILE AA 226 11.13 23.99 105.88
N LYS AA 227 12.41 23.66 105.76
CA LYS AA 227 13.48 24.63 105.89
C LYS AA 227 14.03 25.00 104.51
N ILE AA 228 14.18 26.30 104.28
CA ILE AA 228 14.77 26.85 103.07
C ILE AA 228 15.94 27.71 103.52
N PRO AA 229 17.14 27.53 102.95
CA PRO AA 229 18.32 28.23 103.50
C PRO AA 229 18.35 29.73 103.25
N GLN AA 230 18.07 30.50 104.30
CA GLN AA 230 18.31 31.96 104.38
C GLN AA 230 17.57 32.76 103.32
N SER AA 231 16.41 32.29 102.85
CA SER AA 231 15.67 32.99 101.80
C SER AA 231 14.37 33.53 102.37
N ARG AA 232 14.08 34.79 102.04
CA ARG AA 232 12.82 35.40 102.45
C ARG AA 232 11.67 34.77 101.67
N ILE AA 233 10.68 34.26 102.39
CA ILE AA 233 9.55 33.55 101.79
C ILE AA 233 8.42 34.53 101.56
N SER AA 234 7.91 34.57 100.33
CA SER AA 234 6.85 35.50 99.97
C SER AA 234 5.55 34.83 99.57
N SER AA 235 5.61 33.72 98.85
CA SER AA 235 4.41 33.08 98.32
C SER AA 235 4.28 31.66 98.85
N LEU AA 236 3.04 31.23 99.06
CA LEU AA 236 2.74 29.86 99.46
C LEU AA 236 1.45 29.43 98.78
N SER AA 237 1.45 28.23 98.21
CA SER AA 237 0.25 27.66 97.62
C SER AA 237 0.40 26.15 97.51
N PHE AA 238 -0.71 25.47 97.34
CA PHE AA 238 -0.75 24.02 97.19
C PHE AA 238 -1.37 23.64 95.86
N ARG AA 239 -0.84 22.60 95.25
CA ARG AA 239 -1.41 22.04 94.03
C ARG AA 239 -2.60 21.17 94.43
N THR AA 240 -3.81 21.65 94.14
CA THR AA 240 -5.03 21.01 94.60
C THR AA 240 -5.54 19.93 93.64
N ASP AA 241 -4.70 19.45 92.73
CA ASP AA 241 -5.08 18.34 91.85
C ASP AA 241 -5.25 17.05 92.63
N GLY AA 242 -4.43 16.85 93.65
CA GLY AA 242 -4.46 15.62 94.43
C GLY AA 242 -3.06 15.15 94.72
N SER AA 243 -2.15 15.44 93.79
CA SER AA 243 -0.73 15.20 94.03
C SER AA 243 -0.21 16.24 95.01
N SER AA 244 0.58 15.79 95.98
CA SER AA 244 1.00 16.63 97.10
C SER AA 244 2.19 17.48 96.67
N HIS AA 245 1.90 18.69 96.20
CA HIS AA 245 2.92 19.64 95.79
C HIS AA 245 2.68 20.95 96.53
N LEU AA 246 3.71 21.42 97.23
CA LEU AA 246 3.68 22.72 97.89
C LEU AA 246 4.59 23.67 97.14
N SER AA 247 4.04 24.80 96.71
CA SER AA 247 4.82 25.82 96.01
C SER AA 247 5.14 26.93 96.99
N VAL AA 248 6.42 27.14 97.24
CA VAL AA 248 6.90 28.24 98.06
C VAL AA 248 7.69 29.19 97.17
N GLY AA 249 7.37 30.47 97.24
CA GLY AA 249 7.98 31.45 96.38
C GLY AA 249 8.82 32.46 97.12
N THR AA 250 10.13 32.45 96.87
CA THR AA 250 10.99 33.40 97.55
C THR AA 250 10.93 34.76 96.87
N SER AA 251 11.31 35.79 97.63
CA SER AA 251 11.42 37.13 97.08
C SER AA 251 12.71 37.33 96.30
N SER AA 252 13.63 36.36 96.33
CA SER AA 252 14.86 36.43 95.58
C SER AA 252 14.74 35.84 94.18
N GLY AA 253 13.52 35.77 93.64
CA GLY AA 253 13.32 35.26 92.30
C GLY AA 253 13.32 33.76 92.16
N ASP AA 254 13.19 33.02 93.25
CA ASP AA 254 13.22 31.57 93.21
C ASP AA 254 11.85 30.99 93.54
N LEU AA 255 11.53 29.87 92.90
CA LEU AA 255 10.27 29.16 93.11
C LEU AA 255 10.61 27.70 93.40
N ILE AA 256 10.32 27.26 94.63
CA ILE AA 256 10.71 25.94 95.10
C ILE AA 256 9.46 25.10 95.25
N PHE AA 257 9.49 23.89 94.69
CA PHE AA 257 8.38 22.95 94.77
C PHE AA 257 8.76 21.78 95.66
N TYR AA 258 7.89 21.46 96.61
CA TYR AA 258 8.13 20.36 97.54
C TYR AA 258 7.10 19.25 97.36
N ASP AA 259 7.59 18.02 97.33
CA ASP AA 259 6.73 16.84 97.37
C ASP AA 259 6.54 16.47 98.83
N LEU AA 260 5.36 16.76 99.37
CA LEU AA 260 5.11 16.52 100.79
C LEU AA 260 4.97 15.04 101.12
N ASP AA 261 4.62 14.22 100.13
CA ASP AA 261 4.54 12.78 100.37
C ASP AA 261 5.92 12.18 100.62
N ARG AA 262 6.88 12.48 99.76
CA ARG AA 262 8.21 11.92 99.87
C ARG AA 262 9.18 12.77 100.68
N ARG AA 263 8.72 13.91 101.19
CA ARG AA 263 9.51 14.85 102.00
C ARG AA 263 10.77 15.32 101.26
N SER AA 264 10.65 15.52 99.95
CA SER AA 264 11.80 15.82 99.11
C SER AA 264 11.48 16.99 98.19
N ARG AA 265 12.55 17.58 97.64
CA ARG AA 265 12.44 18.66 96.69
C ARG AA 265 11.96 18.14 95.34
N ILE AA 266 11.56 19.07 94.47
CA ILE AA 266 11.17 18.74 93.11
C ILE AA 266 12.01 19.55 92.14
N HIS AA 267 11.95 20.86 92.27
CA HIS AA 267 12.63 21.75 91.34
C HIS AA 267 12.74 23.13 91.96
N VAL AA 268 13.85 23.79 91.71
CA VAL AA 268 14.08 25.15 92.14
C VAL AA 268 14.21 26.02 90.88
N LEU AA 269 13.11 26.65 90.49
CA LEU AA 269 13.16 27.57 89.37
C LEU AA 269 13.94 28.81 89.75
N LYS AA 270 14.91 29.18 88.92
CA LYS AA 270 15.79 30.30 89.20
C LYS AA 270 15.43 31.47 88.30
N ASN AA 271 15.31 32.66 88.91
CA ASN AA 271 15.17 33.94 88.22
C ASN AA 271 13.93 34.00 87.34
N ILE AA 272 12.79 33.61 87.92
CA ILE AA 272 11.53 33.83 87.21
C ILE AA 272 11.04 35.25 87.37
N HIS AA 273 11.59 36.00 88.35
CA HIS AA 273 11.37 37.43 88.49
C HIS AA 273 12.64 38.04 89.03
N ARG AA 274 12.82 39.33 88.77
CA ARG AA 274 14.06 40.01 89.14
C ARG AA 274 14.12 40.25 90.65
N GLU AA 275 15.34 40.40 91.16
CA GLU AA 275 15.55 40.53 92.59
C GLU AA 275 15.07 41.88 93.11
N SER AA 276 15.40 42.95 92.40
CA SER AA 276 15.26 44.30 92.95
C SER AA 276 13.80 44.76 93.01
N TYR AA 277 12.91 44.17 92.22
CA TYR AA 277 11.54 44.62 92.15
C TYR AA 277 10.61 43.86 93.09
N GLY AA 278 11.14 42.93 93.88
CA GLY AA 278 10.37 42.17 94.85
C GLY AA 278 10.41 40.67 94.64
N GLY AA 279 10.74 40.21 93.44
CA GLY AA 279 10.79 38.78 93.19
C GLY AA 279 9.42 38.17 93.01
N VAL AA 280 9.24 36.94 93.48
CA VAL AA 280 7.97 36.24 93.33
C VAL AA 280 7.02 36.72 94.42
N THR AA 281 6.22 37.73 94.11
CA THR AA 281 5.31 38.29 95.11
C THR AA 281 4.16 37.35 95.39
N GLN AA 282 3.36 37.04 94.38
CA GLN AA 282 2.23 36.13 94.51
C GLN AA 282 2.33 35.04 93.45
N ALA AA 283 2.24 33.79 93.87
CA ALA AA 283 2.26 32.66 92.96
C ALA AA 283 1.34 31.59 93.50
N THR AA 284 0.35 31.20 92.72
CA THR AA 284 -0.62 30.21 93.17
C THR AA 284 -0.97 29.27 92.03
N PHE AA 285 -1.39 28.07 92.41
CA PHE AA 285 -1.89 27.10 91.44
C PHE AA 285 -3.34 27.42 91.12
N LEU AA 286 -3.72 27.18 89.87
CA LEU AA 286 -5.14 27.15 89.55
C LEU AA 286 -5.76 25.91 90.20
N ASN AA 287 -6.99 26.06 90.68
CA ASN AA 287 -7.58 25.11 91.62
C ASN AA 287 -7.93 23.81 90.91
N GLY AA 288 -7.07 22.79 91.08
CA GLY AA 288 -7.30 21.48 90.54
C GLY AA 288 -6.56 21.18 89.25
N GLN AA 289 -5.79 22.12 88.73
CA GLN AA 289 -5.10 21.93 87.47
C GLN AA 289 -3.62 22.28 87.65
N PRO AA 290 -2.72 21.59 86.92
CA PRO AA 290 -1.28 21.81 87.12
C PRO AA 290 -0.71 23.00 86.35
N ILE AA 291 -1.34 24.16 86.52
CA ILE AA 291 -0.86 25.41 85.94
C ILE AA 291 -0.72 26.41 87.08
N ILE AA 292 0.51 26.86 87.32
CA ILE AA 292 0.79 27.83 88.37
C ILE AA 292 1.05 29.19 87.73
N VAL AA 293 0.39 30.21 88.24
CA VAL AA 293 0.50 31.58 87.73
C VAL AA 293 1.32 32.38 88.73
N THR AA 294 2.44 32.93 88.28
CA THR AA 294 3.33 33.72 89.11
C THR AA 294 3.38 35.16 88.62
N SER AA 295 3.53 36.07 89.56
CA SER AA 295 3.66 37.49 89.21
C SER AA 295 4.52 38.18 90.25
N GLY AA 296 5.11 39.30 89.86
CA GLY AA 296 5.97 40.05 90.74
C GLY AA 296 6.01 41.52 90.42
N GLY AA 297 7.01 42.22 90.92
CA GLY AA 297 7.17 43.63 90.64
C GLY AA 297 7.86 43.96 89.34
N ASP AA 298 8.27 42.94 88.58
CA ASP AA 298 9.02 43.15 87.35
C ASP AA 298 8.12 43.43 86.15
N ASN AA 299 6.83 43.70 86.38
CA ASN AA 299 5.82 43.93 85.34
C ASN AA 299 5.76 42.75 84.38
N SER AA 300 5.51 41.57 84.93
CA SER AA 300 5.36 40.36 84.14
C SER AA 300 4.46 39.40 84.90
N LEU AA 301 3.95 38.41 84.16
CA LEU AA 301 3.03 37.43 84.74
C LEU AA 301 3.13 36.15 83.95
N LYS AA 302 3.80 35.15 84.51
CA LYS AA 302 4.14 33.94 83.79
C LYS AA 302 3.27 32.77 84.25
N GLU AA 303 3.14 31.77 83.38
CA GLU AA 303 2.44 30.53 83.70
C GLU AA 303 3.38 29.35 83.50
N TYR AA 304 3.37 28.43 84.45
CA TYR AA 304 4.20 27.23 84.39
C TYR AA 304 3.34 25.99 84.56
N VAL AA 305 3.69 24.95 83.80
CA VAL AA 305 2.92 23.71 83.79
C VAL AA 305 3.80 22.56 84.29
N PHE AA 306 3.21 21.74 85.15
CA PHE AA 306 3.78 20.45 85.52
C PHE AA 306 3.27 19.42 84.52
N ASP AA 307 4.17 18.95 83.65
CA ASP AA 307 3.80 17.97 82.65
C ASP AA 307 3.52 16.62 83.31
N PRO AA 308 2.68 15.79 82.69
CA PRO AA 308 2.50 14.42 83.19
C PRO AA 308 3.79 13.61 83.07
N SER AA 309 3.92 12.62 83.94
CA SER AA 309 5.16 11.87 84.08
C SER AA 309 5.47 11.04 82.83
N LEU AA 310 6.76 10.95 82.52
CA LEU AA 310 7.20 10.14 81.39
C LEU AA 310 7.01 8.65 81.66
N SER AA 311 7.18 8.23 82.91
CA SER AA 311 6.99 6.83 83.27
C SER AA 311 5.51 6.47 83.24
N GLN AA 312 5.21 5.34 82.58
CA GLN AA 312 3.82 4.91 82.47
C GLN AA 312 3.28 4.32 83.77
N GLY AA 313 4.15 3.75 84.60
CA GLY AA 313 3.69 3.03 85.77
C GLY AA 313 4.05 3.65 87.11
N SER AA 314 5.21 4.31 87.18
CA SER AA 314 5.66 4.84 88.46
C SER AA 314 4.87 6.08 88.87
N GLY AA 315 4.95 7.13 88.07
CA GLY AA 315 4.10 8.28 88.32
C GLY AA 315 4.67 9.27 89.31
N ASP AA 316 4.29 9.12 90.58
CA ASP AA 316 4.54 10.09 91.63
C ASP AA 316 6.02 10.33 91.91
N VAL AA 317 6.89 9.36 91.65
CA VAL AA 317 8.31 9.57 91.93
C VAL AA 317 8.96 10.43 90.86
N VAL AA 318 8.87 10.01 89.61
CA VAL AA 318 9.52 10.74 88.51
C VAL AA 318 8.50 11.79 88.10
N VAL AA 319 8.66 12.96 88.67
CA VAL AA 319 7.78 14.07 88.32
C VAL AA 319 8.51 14.99 87.35
N GLN AA 320 7.75 15.58 86.44
CA GLN AA 320 8.34 16.37 85.39
C GLN AA 320 8.76 17.74 85.92
N PRO AA 321 9.77 18.36 85.31
CA PRO AA 321 10.10 19.73 85.68
C PRO AA 321 9.00 20.68 85.25
N PRO AA 322 8.80 21.78 85.98
CA PRO AA 322 7.88 22.82 85.51
C PRO AA 322 8.37 23.45 84.22
N ARG AA 323 7.43 23.80 83.37
CA ARG AA 323 7.71 24.18 81.99
C ARG AA 323 6.95 25.45 81.66
N TYR AA 324 7.65 26.37 81.00
CA TYR AA 324 7.13 27.71 80.73
C TYR AA 324 5.95 27.66 79.75
N LEU AA 325 5.00 28.57 79.97
CA LEU AA 325 3.77 28.64 79.20
C LEU AA 325 3.50 30.12 78.97
N ARG AA 326 2.22 30.46 78.71
CA ARG AA 326 1.72 31.83 78.52
C ARG AA 326 2.33 32.84 79.50
N SER AA 327 2.74 33.98 78.96
CA SER AA 327 3.28 35.06 79.79
C SER AA 327 3.01 36.40 79.12
N ARG AA 328 2.53 37.35 79.89
CA ARG AA 328 2.36 38.72 79.45
C ARG AA 328 3.18 39.64 80.33
N GLY AA 329 3.83 40.62 79.74
CA GLY AA 329 4.70 41.48 80.52
C GLY AA 329 4.95 42.81 79.86
N GLY AA 330 5.62 43.68 80.62
CA GLY AA 330 6.04 44.98 80.12
C GLY AA 330 7.45 45.28 80.55
N HIS AA 331 7.87 46.55 80.46
CA HIS AA 331 9.19 46.92 80.93
C HIS AA 331 9.22 46.95 82.45
N SER AA 332 10.35 46.54 83.01
CA SER AA 332 10.55 46.68 84.44
C SER AA 332 10.85 48.11 84.84
N GLN AA 333 11.27 48.94 83.90
CA GLN AA 333 11.63 50.33 84.09
C GLN AA 333 10.59 51.23 83.44
N PRO AA 334 10.58 52.52 83.77
CA PRO AA 334 9.82 53.47 82.97
C PRO AA 334 10.37 53.55 81.55
N PRO AA 335 9.50 53.75 80.56
CA PRO AA 335 9.95 53.73 79.17
C PRO AA 335 10.49 55.10 78.75
N SER AA 336 11.63 55.08 78.07
CA SER AA 336 12.29 56.33 77.69
C SER AA 336 11.68 56.93 76.43
N TYR AA 337 11.79 56.23 75.32
CA TYR AA 337 11.37 56.76 74.02
C TYR AA 337 10.17 55.99 73.51
N ILE AA 338 9.27 56.69 72.82
CA ILE AA 338 8.12 56.08 72.17
C ILE AA 338 7.99 56.65 70.77
N ALA AA 339 7.75 55.76 69.80
CA ALA AA 339 7.46 56.15 68.43
C ALA AA 339 6.24 55.38 67.98
N PHE AA 340 5.80 55.64 66.75
CA PHE AA 340 4.67 54.93 66.18
C PHE AA 340 5.13 54.15 64.95
N ALA AA 341 4.72 52.90 64.86
CA ALA AA 341 5.21 52.00 63.84
C ALA AA 341 4.42 52.06 62.55
N ASP AA 342 3.21 52.60 62.56
CA ASP AA 342 2.40 52.65 61.35
C ASP AA 342 1.38 53.76 61.46
N SER AA 343 0.79 54.11 60.32
CA SER AA 343 -0.21 55.17 60.23
C SER AA 343 -1.59 54.75 60.72
N GLN AA 344 -1.78 53.47 61.01
CA GLN AA 344 -3.07 52.97 61.45
C GLN AA 344 -3.28 53.10 62.95
N SER AA 345 -2.30 53.68 63.66
CA SER AA 345 -2.28 53.81 65.13
C SER AA 345 -2.44 52.45 65.79
N HIS AA 346 -1.73 51.46 65.25
CA HIS AA 346 -1.80 50.10 65.73
C HIS AA 346 -0.66 49.75 66.68
N PHE AA 347 0.59 49.90 66.24
CA PHE AA 347 1.74 49.43 66.99
C PHE AA 347 2.53 50.61 67.52
N MET AA 348 3.00 50.49 68.76
CA MET AA 348 3.82 51.50 69.41
C MET AA 348 5.13 50.86 69.84
N LEU AA 349 6.24 51.41 69.36
CA LEU AA 349 7.57 50.95 69.76
C LEU AA 349 8.01 51.76 70.97
N SER AA 350 8.37 51.06 72.04
CA SER AA 350 8.83 51.70 73.26
C SER AA 350 10.14 51.07 73.70
N ALA AA 351 11.16 51.90 73.85
CA ALA AA 351 12.46 51.47 74.35
C ALA AA 351 12.65 52.06 75.74
N SER AA 352 12.92 51.20 76.71
CA SER AA 352 12.96 51.60 78.09
C SER AA 352 14.38 51.56 78.62
N LYS AA 353 14.49 51.81 79.92
CA LYS AA 353 15.76 51.70 80.63
C LYS AA 353 16.00 50.29 81.14
N ASP AA 354 15.11 49.34 80.83
CA ASP AA 354 15.33 47.93 81.08
C ASP AA 354 16.09 47.25 79.95
N ARG AA 355 16.83 48.03 79.16
CA ARG AA 355 17.74 47.55 78.11
C ARG AA 355 17.02 46.77 77.02
N SER AA 356 15.75 47.09 76.78
CA SER AA 356 14.96 46.30 75.84
C SER AA 356 14.22 47.19 74.84
N LEU AA 357 13.38 46.57 74.02
CA LEU AA 357 12.56 47.30 73.06
C LEU AA 357 11.31 46.47 72.81
N TRP AA 358 10.15 47.04 73.12
CA TRP AA 358 8.88 46.34 72.98
C TRP AA 358 8.05 46.98 71.89
N SER AA 359 7.22 46.17 71.25
CA SER AA 359 6.28 46.64 70.25
C SER AA 359 4.88 46.40 70.80
N PHE AA 360 4.39 47.36 71.57
CA PHE AA 360 3.05 47.27 72.12
C PHE AA 360 2.02 47.49 71.02
N SER AA 361 0.76 47.17 71.34
CA SER AA 361 -0.34 47.39 70.41
C SER AA 361 -1.43 48.18 71.12
N LEU AA 362 -1.87 49.26 70.47
CA LEU AA 362 -2.96 50.06 71.02
C LEU AA 362 -4.31 49.43 70.74
N ARG AA 363 -4.38 48.47 69.82
CA ARG AA 363 -5.65 47.86 69.44
C ARG AA 363 -6.00 46.67 70.32
N LYS AA 364 -5.13 45.66 70.34
CA LYS AA 364 -5.32 44.48 71.18
C LYS AA 364 -4.14 44.41 72.15
N ASP AA 365 -4.44 44.40 73.44
CA ASP AA 365 -3.40 44.49 74.45
C ASP AA 365 -2.61 43.20 74.63
N ALA AA 366 -3.06 42.10 74.04
CA ALA AA 366 -2.30 40.85 74.06
C ALA AA 366 -1.42 40.68 72.83
N GLN AA 367 -1.41 41.66 71.92
CA GLN AA 367 -0.59 41.57 70.72
C GLN AA 367 0.84 42.05 70.94
N SER AA 368 1.18 42.45 72.16
CA SER AA 368 2.50 43.02 72.43
C SER AA 368 3.58 41.97 72.37
N GLN AA 369 4.77 42.40 71.96
CA GLN AA 369 5.92 41.52 71.84
C GLN AA 369 7.16 42.24 72.34
N GLU AA 370 8.13 41.46 72.80
CA GLU AA 370 9.46 41.97 73.08
C GLU AA 370 10.34 41.66 71.87
N MET AA 371 10.85 42.71 71.24
CA MET AA 371 11.53 42.53 69.97
C MET AA 371 12.92 41.98 70.21
N SER AA 372 13.27 40.93 69.45
CA SER AA 372 14.37 40.05 69.81
C SER AA 372 15.72 40.68 69.52
N GLN AA 373 16.58 40.67 70.53
CA GLN AA 373 17.97 41.11 70.37
C GLN AA 373 18.89 39.93 70.08
N ARG AA 374 18.55 39.14 69.07
CA ARG AA 374 19.35 38.00 68.66
C ARG AA 374 20.04 38.36 67.36
N LEU AA 375 21.37 38.48 67.41
CA LEU AA 375 22.13 39.01 66.29
C LEU AA 375 22.16 38.05 65.13
N HIS AA 376 22.05 38.59 63.92
CA HIS AA 376 22.18 37.78 62.71
C HIS AA 376 23.63 37.37 62.50
N LYS AA 377 23.81 36.31 61.74
CA LYS AA 377 25.15 35.85 61.39
C LYS AA 377 25.78 36.80 60.39
N LYS AA 378 27.08 37.01 60.53
CA LYS AA 378 27.78 37.95 59.65
C LYS AA 378 27.94 37.37 58.26
N GLN AA 379 27.87 38.26 57.26
CA GLN AA 379 27.94 37.82 55.87
C GLN AA 379 29.36 37.44 55.45
N ASP AA 380 30.36 37.95 56.17
CA ASP AA 380 31.75 37.73 55.78
C ASP AA 380 32.20 36.30 56.06
N GLY AA 381 31.61 35.64 57.03
CA GLY AA 381 32.14 34.38 57.53
C GLY AA 381 33.02 34.54 58.74
N GLY AA 382 33.17 35.75 59.26
CA GLY AA 382 33.90 35.98 60.49
C GLY AA 382 32.94 36.09 61.66
N ARG AA 383 33.34 35.52 62.79
CA ARG AA 383 32.51 35.53 63.98
C ARG AA 383 32.42 36.93 64.56
N VAL AA 384 31.22 37.31 64.98
CA VAL AA 384 30.98 38.66 65.49
C VAL AA 384 31.51 38.77 66.91
N GLY AA 385 31.59 39.99 67.41
CA GLY AA 385 32.12 40.25 68.74
C GLY AA 385 31.07 40.11 69.81
N GLY AA 386 31.31 40.78 70.93
CA GLY AA 386 30.40 40.72 72.07
C GLY AA 386 30.77 39.61 73.03
N SER AA 387 30.07 39.62 74.16
CA SER AA 387 30.33 38.65 75.21
C SER AA 387 29.72 37.29 74.86
N THR AA 388 30.36 36.23 75.37
CA THR AA 388 29.77 34.90 75.25
C THR AA 388 28.57 34.76 76.19
N ILE AA 389 28.71 35.24 77.42
CA ILE AA 389 27.57 35.35 78.32
C ILE AA 389 26.75 36.54 77.83
N LYS AA 390 25.62 36.26 77.19
CA LYS AA 390 24.89 37.29 76.47
C LYS AA 390 24.17 38.24 77.42
N SER AA 391 24.24 39.53 77.10
CA SER AA 391 23.51 40.56 77.81
C SER AA 391 22.79 41.42 76.79
N LYS AA 392 21.87 42.25 77.28
CA LYS AA 392 21.06 43.05 76.38
C LYS AA 392 21.84 44.25 75.85
N PHE AA 393 21.23 44.94 74.89
CA PHE AA 393 21.81 46.14 74.32
C PHE AA 393 21.75 47.29 75.33
N PRO AA 394 22.58 48.31 75.17
CA PRO AA 394 22.45 49.50 76.02
C PRO AA 394 21.17 50.27 75.73
N GLU AA 395 20.85 51.19 76.65
CA GLU AA 395 19.58 51.90 76.63
C GLU AA 395 19.47 52.83 75.41
N ILE AA 396 18.33 52.77 74.76
CA ILE AA 396 18.10 53.45 73.49
C ILE AA 396 17.57 54.85 73.77
N VAL AA 397 18.21 55.86 73.16
CA VAL AA 397 17.89 57.26 73.45
C VAL AA 397 17.29 57.98 72.25
N ALA AA 398 17.57 57.52 71.03
CA ALA AA 398 16.98 58.12 69.84
C ALA AA 398 16.53 57.04 68.88
N LEU AA 399 15.45 57.32 68.15
CA LEU AA 399 14.81 56.30 67.34
C LEU AA 399 14.22 56.94 66.10
N ALA AA 400 14.13 56.16 65.03
CA ALA AA 400 13.54 56.63 63.78
C ALA AA 400 13.05 55.43 62.98
N ILE AA 401 11.86 55.56 62.41
CA ILE AA 401 11.22 54.48 61.66
C ILE AA 401 10.56 55.05 60.41
N GLU AA 402 10.74 54.36 59.29
CA GLU AA 402 10.00 54.65 58.06
C GLU AA 402 9.17 53.44 57.70
N ASN AA 403 7.86 53.64 57.53
CA ASN AA 403 6.93 52.57 57.26
C ASN AA 403 6.68 52.35 55.77
N ALA AA 404 7.43 53.03 54.91
CA ALA AA 404 7.15 52.96 53.47
C ALA AA 404 7.53 51.60 52.91
N ARG AA 405 8.78 51.21 53.06
CA ARG AA 405 9.27 49.92 52.57
C ARG AA 405 9.61 49.06 53.77
N ILE AA 406 8.63 48.24 54.18
CA ILE AA 406 8.70 47.46 55.41
C ILE AA 406 8.75 45.98 55.04
N GLY AA 407 9.62 45.23 55.71
CA GLY AA 407 9.66 43.80 55.60
C GLY AA 407 10.60 43.27 54.54
N GLU AA 408 10.97 44.11 53.58
CA GLU AA 408 11.98 43.74 52.60
C GLU AA 408 13.40 44.05 53.05
N TRP AA 409 13.57 44.99 53.98
CA TRP AA 409 14.84 45.21 54.68
C TRP AA 409 14.55 45.90 55.99
N GLU AA 410 15.60 46.44 56.61
CA GLU AA 410 15.45 47.06 57.91
C GLU AA 410 14.82 48.43 57.79
N ASN AA 411 13.89 48.74 58.69
CA ASN AA 411 13.18 50.00 58.62
C ASN AA 411 13.20 50.78 59.93
N ILE AA 412 13.92 50.32 60.94
CA ILE AA 412 14.08 51.04 62.20
C ILE AA 412 15.56 51.24 62.44
N ILE AA 413 15.96 52.47 62.75
CA ILE AA 413 17.30 52.74 63.26
C ILE AA 413 17.13 53.28 64.68
N THR AA 414 17.74 52.60 65.64
CA THR AA 414 17.70 53.02 67.03
C THR AA 414 19.09 53.44 67.47
N ALA AA 415 19.14 54.45 68.31
CA ALA AA 415 20.39 54.99 68.82
C ALA AA 415 20.51 54.72 70.30
N HIS AA 416 21.58 54.06 70.71
CA HIS AA 416 21.73 53.75 72.12
C HIS AA 416 22.53 54.81 72.84
N LYS AA 417 22.44 54.77 74.17
CA LYS AA 417 23.29 55.59 75.01
C LYS AA 417 24.73 55.09 74.93
N ASP AA 418 25.68 56.02 74.79
CA ASP AA 418 27.13 55.84 74.87
C ASP AA 418 27.68 54.75 73.95
N GLU AA 419 27.03 54.53 72.80
CA GLU AA 419 27.52 53.58 71.81
C GLU AA 419 27.88 54.30 70.53
N LYS AA 420 28.97 53.87 69.91
CA LYS AA 420 29.51 54.53 68.72
C LYS AA 420 28.89 54.00 67.43
N PHE AA 421 27.81 53.25 67.51
CA PHE AA 421 27.10 52.82 66.31
C PHE AA 421 25.62 52.73 66.60
N ALA AA 422 24.81 53.01 65.59
CA ALA AA 422 23.39 52.76 65.71
C ALA AA 422 23.07 51.37 65.17
N ARG AA 423 21.94 50.85 65.58
CA ARG AA 423 21.54 49.48 65.27
C ARG AA 423 20.27 49.47 64.44
N THR AA 424 20.16 48.50 63.57
CA THR AA 424 19.01 48.34 62.71
C THR AA 424 18.04 47.33 63.29
N TRP AA 425 16.76 47.57 63.06
CA TRP AA 425 15.72 46.66 63.53
C TRP AA 425 14.70 46.48 62.42
N ASP AA 426 14.25 45.25 62.22
CA ASP AA 426 13.20 44.96 61.25
C ASP AA 426 11.87 44.89 61.98
N MET AA 427 10.91 45.73 61.59
CA MET AA 427 9.64 45.79 62.29
C MET AA 427 8.76 44.59 61.97
N ARG AA 428 8.77 44.14 60.71
CA ARG AA 428 7.91 43.03 60.31
C ARG AA 428 8.39 41.71 60.92
N ASN AA 429 9.70 41.47 60.90
CA ASN AA 429 10.23 40.25 61.51
C ASN AA 429 10.34 40.35 63.03
N LYS AA 430 10.25 41.55 63.58
CA LYS AA 430 10.38 41.84 65.02
C LYS AA 430 11.69 41.30 65.58
N ARG AA 431 12.78 41.81 65.03
CA ARG AA 431 14.11 41.26 65.28
C ARG AA 431 15.14 42.32 64.88
N VAL AA 432 16.26 42.34 65.59
CA VAL AA 432 17.36 43.25 65.27
C VAL AA 432 17.94 42.89 63.92
N GLY AA 433 18.16 43.91 63.08
CA GLY AA 433 18.68 43.70 61.75
C GLY AA 433 20.15 43.37 61.74
N ARG AA 434 20.69 43.20 60.53
CA ARG AA 434 22.04 42.70 60.35
C ARG AA 434 23.05 43.80 60.04
N TRP AA 435 22.70 45.06 60.24
CA TRP AA 435 23.60 46.16 59.95
C TRP AA 435 23.74 47.09 61.15
N THR AA 436 24.97 47.50 61.41
CA THR AA 436 25.29 48.55 62.38
C THR AA 436 26.00 49.67 61.65
N PHE AA 437 25.69 50.91 62.02
CA PHE AA 437 26.17 52.08 61.29
C PHE AA 437 27.08 52.90 62.16
N ASP AA 438 28.39 52.83 61.89
CA ASP AA 438 29.38 53.56 62.67
C ASP AA 438 29.41 55.02 62.24
N THR AA 439 29.76 55.89 63.20
CA THR AA 439 29.90 57.31 62.91
C THR AA 439 31.16 57.65 62.15
N THR AA 440 32.20 56.80 62.22
CA THR AA 440 33.49 56.95 61.54
C THR AA 440 34.23 58.23 61.91
N ASP AA 441 33.93 58.84 63.06
CA ASP AA 441 34.76 59.95 63.53
C ASP AA 441 34.98 59.90 65.04
N ASP AA 442 34.80 58.72 65.65
CA ASP AA 442 34.87 58.48 67.10
C ASP AA 442 33.84 59.40 67.78
N GLY AA 443 32.60 58.96 67.74
CA GLY AA 443 31.54 59.73 68.35
C GLY AA 443 30.29 58.95 68.70
N PHE AA 444 29.67 59.29 69.82
CA PHE AA 444 28.37 58.74 70.15
C PHE AA 444 27.32 59.35 69.24
N VAL AA 445 26.23 58.63 69.03
CA VAL AA 445 25.17 59.09 68.13
C VAL AA 445 24.15 59.82 68.99
N LYS AA 446 23.78 61.04 68.58
CA LYS AA 446 22.75 61.76 69.31
C LYS AA 446 21.47 61.98 68.53
N SER AA 447 21.46 61.70 67.23
CA SER AA 447 20.23 61.82 66.45
C SER AA 447 20.31 60.93 65.23
N VAL AA 448 19.18 60.33 64.86
CA VAL AA 448 19.07 59.49 63.68
C VAL AA 448 17.78 59.83 62.97
N ALA AA 449 17.71 59.48 61.68
CA ALA AA 449 16.56 59.81 60.87
C ALA AA 449 16.47 58.85 59.69
N MET AA 450 15.30 58.81 59.06
CA MET AA 450 15.06 58.06 57.84
C MET AA 450 14.65 59.01 56.73
N SER AA 451 14.89 58.58 55.50
CA SER AA 451 14.19 59.18 54.38
C SER AA 451 12.76 58.68 54.35
N GLN AA 452 11.88 59.43 53.69
CA GLN AA 452 10.51 58.95 53.53
C GLN AA 452 10.41 57.81 52.54
N CYS AA 453 11.35 57.72 51.59
CA CYS AA 453 11.40 56.55 50.72
C CYS AA 453 11.85 55.31 51.47
N GLY AA 454 12.64 55.47 52.52
CA GLY AA 454 13.09 54.36 53.32
C GLY AA 454 14.40 53.74 52.89
N ASN AA 455 14.97 54.17 51.78
CA ASN AA 455 16.25 53.62 51.36
C ASN AA 455 17.42 54.18 52.15
N PHE AA 456 17.32 55.42 52.62
CA PHE AA 456 18.44 56.14 53.17
C PHE AA 456 18.23 56.40 54.65
N GLY AA 457 19.26 56.15 55.45
CA GLY AA 457 19.24 56.46 56.87
C GLY AA 457 20.36 57.41 57.22
N PHE AA 458 20.04 58.41 58.05
CA PHE AA 458 20.97 59.46 58.42
C PHE AA 458 21.40 59.29 59.86
N ILE AA 459 22.69 59.50 60.11
CA ILE AA 459 23.32 59.21 61.39
C ILE AA 459 24.06 60.47 61.83
N GLY AA 460 23.78 60.94 63.04
CA GLY AA 460 24.37 62.15 63.57
C GLY AA 460 25.34 61.88 64.69
N SER AA 461 26.60 62.19 64.45
CA SER AA 461 27.66 61.93 65.42
C SER AA 461 27.65 62.98 66.51
N SER AA 462 28.46 62.75 67.54
CA SER AA 462 28.67 63.75 68.57
C SER AA 462 29.77 64.74 68.20
N ASN AA 463 30.42 64.57 67.05
CA ASN AA 463 31.45 65.50 66.60
C ASN AA 463 31.07 66.14 65.27
N GLY AA 464 29.79 66.16 64.93
CA GLY AA 464 29.30 66.93 63.81
C GLY AA 464 29.15 66.17 62.50
N SER AA 465 29.70 64.97 62.39
CA SER AA 465 29.67 64.26 61.12
C SER AA 465 28.30 63.64 60.90
N ILE AA 466 27.57 64.16 59.93
CA ILE AA 466 26.27 63.63 59.54
C ILE AA 466 26.56 62.61 58.44
N THR AA 467 26.74 61.35 58.84
CA THR AA 467 26.94 60.30 57.86
C THR AA 467 25.60 59.80 57.34
N ILE AA 468 25.60 59.38 56.09
CA ILE AA 468 24.40 58.89 55.43
C ILE AA 468 24.66 57.45 55.00
N TYR AA 469 23.94 56.51 55.61
CA TYR AA 469 24.07 55.10 55.30
C TYR AA 469 22.89 54.63 54.46
N ASN AA 470 23.04 53.43 53.92
CA ASN AA 470 21.99 52.79 53.14
C ASN AA 470 21.48 51.56 53.86
N MET AA 471 20.30 51.11 53.46
CA MET AA 471 19.60 50.09 54.22
C MET AA 471 19.89 48.68 53.74
N GLN AA 472 20.18 48.49 52.46
CA GLN AA 472 20.33 47.16 51.90
C GLN AA 472 21.64 46.50 52.36
N SER AA 473 22.76 47.07 51.95
CA SER AA 473 24.06 46.51 52.27
C SER AA 473 24.67 47.11 53.53
N GLY AA 474 24.06 48.14 54.09
CA GLY AA 474 24.67 48.86 55.19
C GLY AA 474 25.91 49.63 54.78
N ILE AA 475 26.03 49.96 53.51
CA ILE AA 475 27.22 50.63 53.00
C ILE AA 475 27.03 52.13 53.21
N LEU AA 476 28.14 52.86 53.28
CA LEU AA 476 28.12 54.27 53.64
C LEU AA 476 28.17 55.07 52.34
N ARG AA 477 27.11 55.82 52.06
CA ARG AA 477 27.05 56.58 50.82
C ARG AA 477 27.80 57.91 50.94
N LYS AA 478 27.32 58.80 51.81
CA LYS AA 478 27.85 60.14 51.93
C LYS AA 478 28.21 60.45 53.37
N LYS AA 479 29.12 61.40 53.55
CA LYS AA 479 29.50 61.86 54.88
C LYS AA 479 29.50 63.38 54.87
N TYR AA 480 28.37 63.98 55.24
CA TYR AA 480 28.30 65.42 55.37
C TYR AA 480 28.97 65.86 56.66
N LYS AA 481 29.56 67.06 56.64
CA LYS AA 481 30.22 67.61 57.81
C LYS AA 481 30.13 69.13 57.74
N LEU AA 482 29.37 69.72 58.65
CA LEU AA 482 29.21 71.17 58.72
C LEU AA 482 29.39 71.74 60.11
N HIS AA 483 29.12 70.97 61.16
CA HIS AA 483 29.09 71.48 62.52
C HIS AA 483 30.44 71.26 63.20
N LYS AA 484 30.55 71.76 64.42
CA LYS AA 484 31.67 71.46 65.31
C LYS AA 484 31.23 70.85 66.63
N ARG AA 485 30.00 71.07 67.07
CA ARG AA 485 29.45 70.43 68.24
C ARG AA 485 28.70 69.17 67.83
N ALA AA 486 27.96 68.59 68.76
CA ALA AA 486 27.18 67.39 68.49
C ALA AA 486 25.95 67.74 67.66
N VAL AA 487 25.68 66.94 66.64
CA VAL AA 487 24.47 67.12 65.84
C VAL AA 487 23.29 66.59 66.63
N THR AA 488 22.29 67.45 66.86
CA THR AA 488 21.17 67.13 67.73
C THR AA 488 19.85 67.06 66.96
N GLY AA 489 19.91 66.76 65.67
CA GLY AA 489 18.71 66.49 64.90
C GLY AA 489 18.96 66.48 63.41
N ILE AA 490 18.42 65.49 62.71
CA ILE AA 490 18.53 65.37 61.27
C ILE AA 490 17.14 65.07 60.73
N SER AA 491 16.82 65.58 59.54
CA SER AA 491 15.64 65.15 58.84
C SER AA 491 15.84 65.30 57.34
N LEU AA 492 14.80 64.92 56.60
CA LEU AA 492 14.76 65.07 55.16
C LEU AA 492 13.29 65.20 54.74
N ASP AA 493 13.05 66.01 53.72
CA ASP AA 493 11.70 66.33 53.27
C ASP AA 493 11.11 65.15 52.49
N GLY AA 494 9.93 65.36 51.93
CA GLY AA 494 9.29 64.28 51.17
C GLY AA 494 9.93 64.05 49.83
N MET AA 495 10.55 65.08 49.26
CA MET AA 495 11.04 65.05 47.90
C MET AA 495 12.41 64.41 47.77
N ASN AA 496 13.03 64.03 48.89
CA ASN AA 496 14.44 63.66 48.98
C ASN AA 496 15.34 64.75 48.41
N ARG AA 497 14.95 66.01 48.61
CA ARG AA 497 15.75 67.14 48.14
C ARG AA 497 16.28 67.96 49.30
N LYS AA 498 15.42 68.48 50.17
CA LYS AA 498 15.84 69.38 51.23
C LYS AA 498 16.19 68.59 52.48
N MET AA 499 17.46 68.62 52.85
CA MET AA 499 17.95 67.95 54.05
C MET AA 499 18.31 68.99 55.08
N VAL AA 500 17.71 68.89 56.26
CA VAL AA 500 17.94 69.84 57.34
C VAL AA 500 18.71 69.16 58.45
N SER AA 501 19.47 69.94 59.21
CA SER AA 501 20.21 69.43 60.35
C SER AA 501 20.33 70.54 61.38
N CYS AA 502 20.57 70.15 62.63
CA CYS AA 502 20.72 71.11 63.71
C CYS AA 502 21.63 70.55 64.78
N GLY AA 503 22.49 71.40 65.33
CA GLY AA 503 23.44 70.97 66.33
C GLY AA 503 23.45 71.84 67.57
N LEU AA 504 24.43 71.62 68.45
CA LEU AA 504 24.54 72.41 69.66
C LEU AA 504 25.26 73.74 69.44
N ASP AA 505 25.70 74.02 68.21
CA ASP AA 505 26.26 75.32 67.89
C ASP AA 505 25.20 76.29 67.40
N GLY AA 506 23.93 75.93 67.47
CA GLY AA 506 22.85 76.80 67.05
C GLY AA 506 22.68 76.92 65.55
N ILE AA 507 23.35 76.06 64.78
CA ILE AA 507 23.36 76.16 63.34
C ILE AA 507 22.30 75.23 62.78
N VAL AA 508 21.38 75.78 61.98
CA VAL AA 508 20.44 75.00 61.21
C VAL AA 508 20.93 74.95 59.77
N GLY AA 509 21.50 73.82 59.37
CA GLY AA 509 22.12 73.70 58.05
C GLY AA 509 21.19 73.03 57.06
N PHE AA 510 20.97 73.70 55.94
CA PHE AA 510 20.10 73.19 54.88
C PHE AA 510 20.98 72.62 53.78
N TYR AA 511 20.78 71.35 53.47
CA TYR AA 511 21.55 70.68 52.42
C TYR AA 511 20.62 70.23 51.30
N ASP AA 512 21.14 70.22 50.09
CA ASP AA 512 20.50 69.51 49.00
C ASP AA 512 20.98 68.07 49.00
N PHE AA 513 20.08 67.15 48.71
CA PHE AA 513 20.40 65.73 48.77
C PHE AA 513 20.64 65.10 47.40
N ASN AA 514 20.02 65.61 46.34
CA ASN AA 514 20.26 65.07 45.01
C ASN AA 514 21.69 65.40 44.55
N LYS AA 515 22.08 66.65 44.65
CA LYS AA 515 23.48 67.03 44.57
C LYS AA 515 24.06 67.06 45.98
N SER AA 516 25.25 67.62 46.16
CA SER AA 516 25.92 67.61 47.44
C SER AA 516 26.37 69.00 47.84
N THR AA 517 25.46 69.96 47.71
CA THR AA 517 25.76 71.36 48.00
C THR AA 517 25.02 71.81 49.25
N LEU AA 518 25.67 72.65 50.05
CA LEU AA 518 25.01 73.30 51.18
C LEU AA 518 24.11 74.40 50.65
N LEU AA 519 22.80 74.30 50.91
CA LEU AA 519 21.86 75.27 50.38
C LEU AA 519 21.96 76.58 51.14
N GLY AA 520 22.18 76.54 52.44
CA GLY AA 520 22.25 77.75 53.23
C GLY AA 520 22.46 77.43 54.68
N LYS AA 521 22.64 78.48 55.46
CA LYS AA 521 22.89 78.38 56.89
C LYS AA 521 21.95 79.33 57.63
N LEU AA 522 21.59 78.94 58.85
CA LEU AA 522 20.71 79.76 59.68
C LEU AA 522 21.22 79.69 61.11
N LYS AA 523 21.93 80.72 61.54
CA LYS AA 523 22.49 80.76 62.88
C LYS AA 523 21.46 81.34 63.85
N LEU AA 524 21.21 80.61 64.93
CA LEU AA 524 20.31 81.06 65.98
C LEU AA 524 21.13 81.46 67.20
N ASP AA 525 20.42 81.78 68.29
CA ASP AA 525 21.08 82.22 69.52
C ASP AA 525 21.40 81.05 70.43
N ALA AA 526 20.38 80.30 70.85
CA ALA AA 526 20.55 79.19 71.76
C ALA AA 526 20.96 77.93 71.02
N PRO AA 527 21.59 76.98 71.70
CA PRO AA 527 21.77 75.66 71.11
C PRO AA 527 20.45 74.93 70.95
N ILE AA 528 20.44 74.00 69.99
CA ILE AA 528 19.24 73.27 69.60
C ILE AA 528 19.31 71.88 70.22
N THR AA 529 18.26 71.48 70.93
CA THR AA 529 18.24 70.19 71.62
C THR AA 529 17.62 69.09 70.78
N ALA AA 530 16.36 69.27 70.37
CA ALA AA 530 15.63 68.26 69.63
C ALA AA 530 14.87 68.92 68.49
N MET AA 531 14.55 68.13 67.48
CA MET AA 531 13.88 68.66 66.30
C MET AA 531 12.98 67.60 65.68
N VAL AA 532 11.72 67.96 65.45
CA VAL AA 532 10.74 67.10 64.82
C VAL AA 532 10.28 67.78 63.54
N TYR AA 533 10.40 67.07 62.42
CA TYR AA 533 10.01 67.56 61.12
C TYR AA 533 8.60 67.07 60.78
N HIS AA 534 7.79 67.97 60.22
CA HIS AA 534 6.50 67.60 59.66
C HIS AA 534 6.63 67.65 58.15
N ARG AA 535 6.45 66.50 57.50
CA ARG AA 535 6.75 66.39 56.09
C ARG AA 535 5.66 66.99 55.22
N SER AA 536 4.42 67.00 55.68
CA SER AA 536 3.32 67.52 54.86
C SER AA 536 3.34 69.03 54.79
N SER AA 537 3.62 69.71 55.89
CA SER AA 537 3.55 71.16 55.95
C SER AA 537 4.89 71.84 55.72
N ASP AA 538 5.97 71.05 55.57
CA ASP AA 538 7.34 71.54 55.35
C ASP AA 538 7.82 72.48 56.45
N LEU AA 539 7.35 72.24 57.68
CA LEU AA 539 7.78 73.00 58.84
C LEU AA 539 8.43 72.07 59.84
N PHE AA 540 9.59 72.45 60.35
CA PHE AA 540 10.23 71.74 61.44
C PHE AA 540 10.43 72.68 62.61
N ALA AA 541 10.23 72.17 63.82
CA ALA AA 541 10.37 72.95 65.02
C ALA AA 541 11.62 72.53 65.77
N LEU AA 542 12.22 73.47 66.50
CA LEU AA 542 13.38 73.20 67.33
C LEU AA 542 13.06 73.55 68.77
N ALA AA 543 13.43 72.66 69.68
CA ALA AA 543 13.38 72.95 71.12
C ALA AA 543 14.71 73.58 71.48
N LEU AA 544 14.72 74.89 71.69
CA LEU AA 544 15.95 75.63 71.89
C LEU AA 544 16.44 75.50 73.34
N ASP AA 545 17.43 76.31 73.69
CA ASP AA 545 17.99 76.33 75.03
C ASP AA 545 17.68 77.59 75.80
N ASP AA 546 17.03 78.57 75.19
CA ASP AA 546 16.47 79.69 75.93
C ASP AA 546 15.02 79.44 76.36
N LEU AA 547 14.64 78.16 76.45
CA LEU AA 547 13.32 77.68 76.85
C LEU AA 547 12.24 78.22 75.91
N SER AA 548 12.38 77.89 74.64
CA SER AA 548 11.46 78.36 73.62
C SER AA 548 11.42 77.34 72.49
N ILE AA 549 10.34 77.40 71.71
CA ILE AA 549 10.18 76.58 70.51
C ILE AA 549 10.22 77.51 69.31
N VAL AA 550 11.12 77.25 68.39
CA VAL AA 550 11.24 78.00 67.14
C VAL AA 550 10.89 77.07 65.99
N VAL AA 551 9.98 77.51 65.13
CA VAL AA 551 9.58 76.76 63.95
C VAL AA 551 10.18 77.47 62.73
N ILE AA 552 10.85 76.70 61.88
CA ILE AA 552 11.54 77.23 60.71
C ILE AA 552 10.96 76.57 59.47
N ASP AA 553 10.56 77.37 58.49
CA ASP AA 553 10.18 76.84 57.20
C ASP AA 553 11.41 76.28 56.50
N ALA AA 554 11.27 75.08 55.94
CA ALA AA 554 12.42 74.37 55.41
C ALA AA 554 12.86 74.90 54.05
N VAL AA 555 11.99 75.64 53.36
CA VAL AA 555 12.30 76.09 52.00
C VAL AA 555 12.66 77.58 52.01
N THR AA 556 11.99 78.37 52.85
CA THR AA 556 12.15 79.82 52.84
C THR AA 556 13.15 80.31 53.87
N GLN AA 557 14.03 79.43 54.37
CA GLN AA 557 15.31 79.79 54.98
C GLN AA 557 15.21 80.52 56.32
N ARG AA 558 14.00 80.87 56.77
CA ARG AA 558 13.86 81.82 57.86
C ARG AA 558 12.92 81.31 58.94
N VAL AA 559 13.04 81.92 60.12
CA VAL AA 559 12.18 81.63 61.24
C VAL AA 559 10.77 82.13 60.95
N VAL AA 560 9.78 81.24 61.09
CA VAL AA 560 8.41 81.61 60.80
C VAL AA 560 7.53 81.65 62.05
N ARG AA 561 7.85 80.89 63.10
CA ARG AA 561 7.07 80.92 64.32
C ARG AA 561 8.00 80.81 65.51
N GLN AA 562 7.69 81.58 66.55
CA GLN AA 562 8.49 81.56 67.78
C GLN AA 562 7.55 81.54 68.97
N LEU AA 563 7.72 80.54 69.83
CA LEU AA 563 6.81 80.29 70.94
C LEU AA 563 7.61 80.32 72.24
N TRP AA 564 7.08 81.02 73.24
CA TRP AA 564 7.75 81.17 74.52
C TRP AA 564 6.78 80.83 75.64
N GLY AA 565 7.34 80.40 76.78
CA GLY AA 565 6.52 80.22 77.96
C GLY AA 565 6.88 79.07 78.88
N HIS AA 566 7.71 78.13 78.41
CA HIS AA 566 8.08 77.00 79.25
C HIS AA 566 9.13 77.42 80.27
N SER AA 567 8.89 77.06 81.53
CA SER AA 567 9.74 77.50 82.63
C SER AA 567 10.95 76.61 82.85
N ASN AA 568 11.11 75.55 82.06
CA ASN AA 568 12.26 74.66 82.19
C ASN AA 568 12.56 74.07 80.81
N ARG AA 569 13.39 73.03 80.80
CA ARG AA 569 13.82 72.44 79.53
C ARG AA 569 12.66 71.73 78.84
N ILE AA 570 12.44 72.08 77.57
CA ILE AA 570 11.48 71.36 76.74
C ILE AA 570 12.06 69.97 76.49
N THR AA 571 11.43 68.95 77.09
CA THR AA 571 11.98 67.60 77.04
C THR AA 571 11.79 66.98 75.67
N ALA AA 572 10.54 66.88 75.21
CA ALA AA 572 10.27 66.37 73.87
C ALA AA 572 8.98 67.01 73.37
N PHE AA 573 8.79 66.94 72.07
CA PHE AA 573 7.68 67.61 71.41
C PHE AA 573 7.36 66.89 70.12
N ASP AA 574 6.16 67.13 69.60
CA ASP AA 574 5.72 66.48 68.36
C ASP AA 574 4.65 67.34 67.70
N PHE AA 575 4.57 67.23 66.38
CA PHE AA 575 3.60 67.99 65.61
C PHE AA 575 2.25 67.30 65.56
N SER AA 576 1.21 68.09 65.30
CA SER AA 576 -0.09 67.54 64.98
C SER AA 576 -0.04 66.89 63.61
N PRO AA 577 -0.89 65.89 63.36
CA PRO AA 577 -0.97 65.30 62.01
C PRO AA 577 -1.36 66.28 60.92
N GLU AA 578 -2.22 67.25 61.23
CA GLU AA 578 -2.58 68.28 60.26
C GLU AA 578 -1.66 69.48 60.31
N GLY AA 579 -0.65 69.47 61.19
CA GLY AA 579 0.31 70.54 61.27
C GLY AA 579 -0.15 71.76 62.03
N ARG AA 580 -1.37 71.75 62.57
CA ARG AA 580 -1.87 72.94 63.24
C ARG AA 580 -1.28 73.12 64.63
N TRP AA 581 -0.88 72.03 65.29
CA TRP AA 581 -0.52 72.09 66.70
C TRP AA 581 0.87 71.53 66.95
N ILE AA 582 1.51 72.07 67.98
CA ILE AA 582 2.69 71.48 68.59
C ILE AA 582 2.38 71.25 70.05
N VAL AA 583 2.49 70.01 70.50
CA VAL AA 583 2.47 69.70 71.92
C VAL AA 583 3.90 69.65 72.41
N SER AA 584 4.11 69.93 73.68
CA SER AA 584 5.46 69.99 74.22
C SER AA 584 5.43 69.68 75.70
N ALA AA 585 6.32 68.80 76.13
CA ALA AA 585 6.45 68.43 77.54
C ALA AA 585 7.73 69.04 78.08
N SER AA 586 7.61 69.73 79.21
CA SER AA 586 8.75 70.40 79.82
C SER AA 586 8.93 69.90 81.24
N LEU AA 587 10.08 70.25 81.83
CA LEU AA 587 10.51 69.69 83.09
C LEU AA 587 9.80 70.28 84.30
N ASP AA 588 8.96 71.31 84.08
CA ASP AA 588 8.14 71.86 85.15
C ASP AA 588 6.82 71.14 85.29
N SER AA 589 6.73 69.89 84.81
CA SER AA 589 5.55 69.03 84.88
C SER AA 589 4.34 69.66 84.21
N THR AA 590 4.57 70.36 83.09
CA THR AA 590 3.52 70.97 82.31
C THR AA 590 3.56 70.45 80.88
N ILE AA 591 2.39 70.36 80.26
CA ILE AA 591 2.26 70.00 78.86
C ILE AA 591 1.42 71.09 78.20
N ARG AA 592 1.97 71.73 77.18
CA ARG AA 592 1.32 72.84 76.51
C ARG AA 592 1.10 72.50 75.05
N THR AA 593 -0.03 72.93 74.51
CA THR AA 593 -0.43 72.63 73.13
C THR AA 593 -0.48 73.95 72.36
N TRP AA 594 0.64 74.32 71.75
CA TRP AA 594 0.71 75.56 70.99
C TRP AA 594 -0.01 75.41 69.67
N ASP AA 595 -0.72 76.45 69.26
CA ASP AA 595 -1.37 76.51 67.96
C ASP AA 595 -0.53 77.39 67.04
N LEU AA 596 -0.02 76.81 65.97
CA LEU AA 596 0.92 77.48 65.07
C LEU AA 596 0.35 78.67 64.28
N PRO AA 597 -0.97 78.72 63.89
CA PRO AA 597 -1.50 80.00 63.38
C PRO AA 597 -1.40 81.15 64.36
N THR AA 598 -2.05 81.04 65.52
CA THR AA 598 -2.12 82.16 66.43
C THR AA 598 -0.85 82.36 67.25
N GLY AA 599 0.05 81.38 67.26
CA GLY AA 599 1.30 81.50 68.00
C GLY AA 599 1.15 81.54 69.50
N GLY AA 600 0.21 80.80 70.06
CA GLY AA 600 -0.01 80.80 71.50
C GLY AA 600 -0.53 79.47 71.99
N CYS AA 601 -0.38 79.26 73.29
CA CYS AA 601 -0.84 78.03 73.92
C CYS AA 601 -2.35 78.06 74.08
N ILE AA 602 -3.01 76.96 73.69
CA ILE AA 602 -4.46 76.86 73.82
C ILE AA 602 -4.90 75.86 74.88
N ASP AA 603 -3.99 75.05 75.40
CA ASP AA 603 -4.32 74.16 76.51
C ASP AA 603 -3.05 73.85 77.29
N GLY AA 604 -3.13 73.99 78.61
CA GLY AA 604 -2.02 73.68 79.46
C GLY AA 604 -2.39 72.65 80.51
N ILE AA 605 -1.77 71.48 80.45
CA ILE AA 605 -2.06 70.39 81.38
C ILE AA 605 -0.91 70.29 82.36
N ILE AA 606 -1.18 70.51 83.63
CA ILE AA 606 -0.16 70.31 84.65
C ILE AA 606 -0.23 68.86 85.07
N VAL AA 607 0.41 67.99 84.30
CA VAL AA 607 0.47 66.58 84.64
C VAL AA 607 1.40 66.38 85.83
N ASP AA 608 1.00 65.47 86.72
CA ASP AA 608 1.68 65.37 88.02
C ASP AA 608 3.05 64.71 87.89
N ASN AA 609 3.14 63.67 87.07
CA ASN AA 609 4.42 63.07 86.75
C ASN AA 609 5.06 63.80 85.58
N VAL AA 610 6.37 64.01 85.67
CA VAL AA 610 7.08 64.77 84.65
C VAL AA 610 7.13 63.94 83.36
N ALA AA 611 6.66 64.53 82.27
CA ALA AA 611 6.52 63.81 81.01
C ALA AA 611 7.83 63.89 80.24
N THR AA 612 8.47 62.74 80.04
CA THR AA 612 9.74 62.72 79.31
C THR AA 612 9.53 62.94 77.83
N ASN AA 613 8.52 62.28 77.25
CA ASN AA 613 8.27 62.34 75.82
C ASN AA 613 6.79 62.53 75.56
N VAL AA 614 6.49 63.19 74.44
CA VAL AA 614 5.15 63.22 73.87
C VAL AA 614 5.28 62.89 72.40
N LYS AA 615 4.25 62.27 71.84
CA LYS AA 615 4.28 61.84 70.45
C LYS AA 615 2.86 61.68 69.96
N PHE AA 616 2.48 62.45 68.95
CA PHE AA 616 1.20 62.26 68.30
C PHE AA 616 1.19 60.98 67.47
N SER AA 617 0.01 60.41 67.34
CA SER AA 617 -0.19 59.36 66.35
C SER AA 617 -0.23 59.97 64.97
N PRO AA 618 0.20 59.23 63.93
CA PRO AA 618 -0.01 59.72 62.56
C PRO AA 618 -1.46 59.88 62.20
N ASN AA 619 -2.35 59.05 62.73
CA ASN AA 619 -3.76 59.30 62.63
C ASN AA 619 -4.10 60.32 63.73
N GLY AA 620 -5.10 61.15 63.48
CA GLY AA 620 -5.41 62.21 64.42
C GLY AA 620 -6.31 61.78 65.56
N ASP AA 621 -5.87 60.80 66.35
CA ASP AA 621 -6.71 60.29 67.43
C ASP AA 621 -6.00 60.26 68.78
N LEU AA 622 -4.72 59.94 68.79
CA LEU AA 622 -4.02 59.60 70.02
C LEU AA 622 -2.81 60.47 70.25
N LEU AA 623 -2.65 60.91 71.50
CA LEU AA 623 -1.42 61.56 71.96
C LEU AA 623 -0.76 60.60 72.94
N ALA AA 624 0.39 60.06 72.55
CA ALA AA 624 1.12 59.11 73.38
C ALA AA 624 2.19 59.84 74.15
N THR AA 625 2.26 59.61 75.46
CA THR AA 625 3.28 60.22 76.29
C THR AA 625 3.82 59.19 77.26
N THR AA 626 5.06 59.42 77.70
CA THR AA 626 5.70 58.62 78.72
C THR AA 626 6.12 59.53 79.86
N HIS AA 627 6.07 59.01 81.07
CA HIS AA 627 6.36 59.80 82.25
C HIS AA 627 7.66 59.34 82.89
N VAL AA 628 8.12 60.12 83.87
CA VAL AA 628 9.36 59.81 84.58
C VAL AA 628 9.19 58.53 85.40
N THR AA 629 8.07 58.39 86.10
CA THR AA 629 7.77 57.15 86.81
C THR AA 629 6.57 56.47 86.17
N GLY AA 630 6.46 55.16 86.39
CA GLY AA 630 5.43 54.37 85.76
C GLY AA 630 5.93 53.67 84.52
N ASN AA 631 5.81 52.34 84.49
CA ASN AA 631 6.35 51.55 83.38
C ASN AA 631 5.51 51.65 82.12
N GLY AA 632 4.26 52.09 82.22
CA GLY AA 632 3.37 52.10 81.08
C GLY AA 632 3.52 53.35 80.25
N ILE AA 633 2.66 53.45 79.24
CA ILE AA 633 2.62 54.57 78.32
C ILE AA 633 1.23 55.18 78.38
N CYS AA 634 1.13 56.41 78.87
CA CYS AA 634 -0.15 57.09 78.95
C CYS AA 634 -0.60 57.54 77.57
N ILE AA 635 -1.86 57.24 77.24
CA ILE AA 635 -2.44 57.57 75.95
C ILE AA 635 -3.58 58.54 76.19
N TRP AA 636 -3.56 59.66 75.47
CA TRP AA 636 -4.61 60.67 75.56
C TRP AA 636 -5.44 60.66 74.28
N THR AA 637 -6.76 60.69 74.44
CA THR AA 637 -7.63 60.80 73.29
C THR AA 637 -7.70 62.24 72.80
N ASN AA 638 -7.62 62.43 71.49
CA ASN AA 638 -7.71 63.74 70.88
C ASN AA 638 -9.19 64.11 70.78
N ARG AA 639 -9.59 65.14 71.51
CA ARG AA 639 -10.98 65.57 71.49
C ARG AA 639 -11.30 66.50 70.33
N ALA AA 640 -10.31 66.81 69.48
CA ALA AA 640 -10.58 67.62 68.30
C ALA AA 640 -11.33 66.84 67.23
N GLN AA 641 -11.30 65.51 67.28
CA GLN AA 641 -12.02 64.71 66.30
C GLN AA 641 -13.52 64.69 66.54
N PHE AA 642 -13.98 65.16 67.70
CA PHE AA 642 -15.41 65.25 67.98
C PHE AA 642 -15.88 66.68 68.13
N LYS AA 643 -15.27 67.44 69.04
CA LYS AA 643 -15.68 68.80 69.35
C LYS AA 643 -14.73 69.79 68.72
N THR AA 644 -15.26 70.93 68.28
CA THR AA 644 -14.44 72.00 67.74
C THR AA 644 -13.58 72.62 68.85
N VAL AA 645 -12.48 73.25 68.42
CA VAL AA 645 -11.45 73.73 69.33
C VAL AA 645 -11.43 75.25 69.30
N SER AA 646 -11.56 75.86 70.48
CA SER AA 646 -11.47 77.31 70.61
C SER AA 646 -10.01 77.70 70.74
N THR AA 647 -9.47 78.36 69.72
CA THR AA 647 -8.08 78.80 69.72
C THR AA 647 -7.98 80.07 70.57
N ARG AA 648 -7.78 79.88 71.87
CA ARG AA 648 -7.68 80.99 72.81
C ARG AA 648 -6.43 80.82 73.67
N THR AA 649 -5.71 81.92 73.89
CA THR AA 649 -4.57 81.90 74.79
C THR AA 649 -5.04 81.75 76.22
N ILE AA 650 -4.55 80.73 76.91
CA ILE AA 650 -5.16 80.30 78.16
C ILE AA 650 -4.12 80.11 79.26
N ASP AA 651 -2.84 80.28 78.91
CA ASP AA 651 -1.77 79.91 79.83
C ASP AA 651 -1.68 80.88 81.01
N GLU AA 652 -1.94 82.17 80.79
CA GLU AA 652 -1.88 83.10 81.90
C GLU AA 652 -3.10 82.98 82.81
N SER AA 653 -4.23 82.55 82.26
CA SER AA 653 -5.45 82.44 83.07
C SER AA 653 -5.41 81.24 84.00
N GLU AA 654 -4.92 80.10 83.51
CA GLU AA 654 -4.87 78.90 84.34
C GLU AA 654 -3.76 78.97 85.37
N PHE AA 655 -2.59 79.45 84.97
CA PHE AA 655 -1.41 79.32 85.82
C PHE AA 655 -1.16 80.62 86.59
N LEU AA 684 -17.43 86.54 67.68
CA LEU AA 684 -16.11 86.36 68.27
C LEU AA 684 -15.74 84.88 68.29
N ASN AA 685 -16.75 84.01 68.34
CA ASN AA 685 -16.50 82.58 68.30
C ASN AA 685 -16.27 82.08 66.88
N ASP AA 686 -16.51 82.92 65.88
CA ASP AA 686 -16.27 82.53 64.49
C ASP AA 686 -14.78 82.41 64.21
N ILE AA 687 -14.00 83.41 64.62
CA ILE AA 687 -12.56 83.34 64.42
C ILE AA 687 -11.92 82.38 65.44
N ASP AA 688 -12.56 82.21 66.61
CA ASP AA 688 -11.97 81.37 67.65
C ASP AA 688 -12.04 79.89 67.28
N PHE AA 689 -13.13 79.47 66.64
CA PHE AA 689 -13.31 78.08 66.27
C PHE AA 689 -12.72 77.75 64.90
N ASN AA 690 -11.96 78.68 64.31
CA ASN AA 690 -11.34 78.65 62.97
C ASN AA 690 -12.31 78.20 61.87
N THR AA 691 -13.60 78.48 62.01
CA THR AA 691 -14.59 78.24 60.97
C THR AA 691 -15.33 79.53 60.70
N TYR AA 692 -15.33 79.97 59.44
CA TYR AA 692 -15.96 81.21 59.04
C TYR AA 692 -17.23 80.91 58.25
N THR AA 693 -18.38 81.21 58.86
CA THR AA 693 -19.64 81.06 58.16
C THR AA 693 -19.81 82.16 57.13
N SER AA 694 -20.35 81.79 55.97
CA SER AA 694 -20.53 82.75 54.89
C SER AA 694 -21.71 83.68 55.18
N LEU AA 695 -21.59 84.91 54.68
CA LEU AA 695 -22.69 85.86 54.81
C LEU AA 695 -23.84 85.46 53.90
N GLU AA 696 -25.05 85.87 54.30
CA GLU AA 696 -26.21 85.65 53.44
C GLU AA 696 -26.17 86.52 52.20
N GLN AA 697 -25.71 87.77 52.35
CA GLN AA 697 -25.54 88.66 51.22
C GLN AA 697 -24.42 89.64 51.54
N ILE AA 698 -23.58 89.91 50.55
CA ILE AA 698 -22.47 90.85 50.75
C ILE AA 698 -23.00 92.28 50.87
N ASP AA 699 -23.85 92.70 49.93
CA ASP AA 699 -24.44 94.02 49.96
C ASP AA 699 -25.76 93.97 49.21
N LYS AA 700 -26.57 95.01 49.40
CA LYS AA 700 -27.91 95.01 48.85
C LYS AA 700 -27.91 95.12 47.32
N GLU AA 701 -26.86 95.68 46.73
CA GLU AA 701 -26.80 95.80 45.28
C GLU AA 701 -26.24 94.56 44.60
N LEU AA 702 -25.84 93.54 45.36
CA LEU AA 702 -25.46 92.28 44.75
C LEU AA 702 -26.71 91.51 44.32
N LEU AA 703 -26.49 90.43 43.59
CA LEU AA 703 -27.57 89.54 43.15
C LEU AA 703 -27.22 88.13 43.62
N THR AA 704 -27.61 87.82 44.84
CA THR AA 704 -27.25 86.55 45.47
C THR AA 704 -28.41 85.57 45.38
N LEU AA 705 -28.07 84.28 45.39
CA LEU AA 705 -29.06 83.22 45.20
C LEU AA 705 -29.75 82.89 46.52
N SER AA 706 -30.49 81.79 46.53
CA SER AA 706 -31.20 81.32 47.70
C SER AA 706 -30.38 80.30 48.47
N ILE AA 707 -30.53 80.31 49.80
CA ILE AA 707 -29.88 79.32 50.64
C ILE AA 707 -30.60 77.99 50.46
N GLY AA 708 -29.85 76.97 50.08
CA GLY AA 708 -30.40 75.65 49.89
C GLY AA 708 -29.69 74.88 48.79
N PRO AA 709 -30.29 73.79 48.34
CA PRO AA 709 -29.69 73.04 47.22
C PRO AA 709 -29.83 73.79 45.92
N ARG AA 710 -28.81 73.65 45.08
CA ARG AA 710 -28.80 74.35 43.79
C ARG AA 710 -29.70 73.71 42.77
N SER AA 711 -30.15 72.48 43.00
CA SER AA 711 -31.06 71.79 42.10
C SER AA 711 -32.52 72.03 42.43
N LYS AA 712 -32.81 72.88 43.42
CA LYS AA 712 -34.19 73.23 43.73
C LYS AA 712 -34.80 74.04 42.58
N MET AA 713 -33.99 74.84 41.90
CA MET AA 713 -34.46 75.53 40.71
C MET AA 713 -34.68 74.57 39.55
N ASN AA 714 -33.96 73.45 39.55
CA ASN AA 714 -34.14 72.47 38.48
C ASN AA 714 -35.43 71.68 38.66
N THR AA 715 -35.79 71.40 39.92
CA THR AA 715 -37.00 70.64 40.17
C THR AA 715 -38.25 71.49 39.97
N LEU AA 716 -38.14 72.80 40.18
CA LEU AA 716 -39.30 73.66 40.04
C LEU AA 716 -39.65 73.89 38.57
N LEU AA 717 -38.66 73.87 37.69
CA LEU AA 717 -38.93 74.03 36.26
C LEU AA 717 -39.54 72.76 35.68
N HIS AA 718 -38.99 71.60 36.05
CA HIS AA 718 -39.32 70.35 35.39
C HIS AA 718 -39.91 69.35 36.38
N LEU AA 719 -40.89 69.80 37.16
CA LEU AA 719 -41.52 68.93 38.15
C LEU AA 719 -42.32 67.82 37.49
N ASP AA 720 -42.97 68.11 36.36
CA ASP AA 720 -43.82 67.12 35.73
C ASP AA 720 -43.01 66.02 35.05
N VAL AA 721 -41.90 66.38 34.40
CA VAL AA 721 -41.14 65.40 33.64
C VAL AA 721 -40.38 64.44 34.57
N ILE AA 722 -39.96 64.92 35.74
CA ILE AA 722 -39.22 64.09 36.68
C ILE AA 722 -40.10 63.00 37.26
N ARG AA 723 -41.34 63.35 37.65
CA ARG AA 723 -42.27 62.35 38.15
C ARG AA 723 -42.70 61.38 37.06
N LYS AA 724 -42.81 61.86 35.83
CA LYS AA 724 -43.23 61.00 34.73
C LYS AA 724 -42.15 59.98 34.36
N ARG AA 725 -40.88 60.36 34.52
CA ARG AA 725 -39.81 59.38 34.38
C ARG AA 725 -39.80 58.41 35.55
N SER AA 726 -39.97 58.92 36.77
CA SER AA 726 -39.86 58.13 37.98
C SER AA 726 -41.06 57.22 38.22
N LYS AA 727 -42.13 57.35 37.43
CA LYS AA 727 -43.21 56.39 37.50
C LYS AA 727 -42.74 55.03 37.00
N PRO AA 728 -43.30 53.93 37.52
CA PRO AA 728 -42.95 52.61 37.01
C PRO AA 728 -43.47 52.40 35.60
N LYS AA 729 -42.89 51.38 34.94
CA LYS AA 729 -43.16 51.13 33.52
C LYS AA 729 -44.61 50.72 33.28
N GLU AA 730 -45.17 49.90 34.16
CA GLU AA 730 -46.56 49.50 34.07
C GLU AA 730 -47.32 50.08 35.25
N ALA AA 731 -48.64 50.06 35.14
CA ALA AA 731 -49.50 50.40 36.27
C ALA AA 731 -49.42 49.28 37.30
N PRO AA 732 -49.13 49.59 38.56
CA PRO AA 732 -49.11 48.54 39.58
C PRO AA 732 -50.51 48.02 39.86
N LYS AA 733 -50.58 46.78 40.31
CA LYS AA 733 -51.88 46.18 40.62
C LYS AA 733 -52.40 46.71 41.94
N LYS AA 734 -53.71 46.90 42.02
CA LYS AA 734 -54.37 47.43 43.20
C LYS AA 734 -55.56 46.54 43.56
N SER AA 735 -55.79 46.37 44.85
CA SER AA 735 -57.06 45.83 45.33
C SER AA 735 -57.99 47.03 45.47
N GLU AA 736 -58.96 47.13 44.55
CA GLU AA 736 -59.79 48.33 44.43
C GLU AA 736 -60.89 48.43 45.47
N LYS AA 737 -60.89 47.56 46.49
CA LYS AA 737 -61.79 47.68 47.64
C LYS AA 737 -61.16 48.49 48.77
N LEU AA 738 -60.18 49.34 48.47
CA LEU AA 738 -59.51 50.14 49.48
C LEU AA 738 -60.45 51.21 50.05
N PRO AA 739 -60.22 51.63 51.29
CA PRO AA 739 -60.87 52.85 51.79
C PRO AA 739 -60.45 54.06 50.96
N PHE AA 740 -61.42 54.95 50.73
CA PHE AA 740 -61.16 56.14 49.92
C PHE AA 740 -60.24 57.11 50.66
N PHE AA 741 -60.56 57.40 51.92
CA PHE AA 741 -59.75 58.29 52.74
C PHE AA 741 -58.75 57.53 53.61
N LEU AA 742 -57.96 56.65 53.00
CA LEU AA 742 -56.93 55.96 53.75
C LEU AA 742 -55.74 56.88 54.04
N GLN AA 743 -55.49 57.86 53.17
CA GLN AA 743 -54.46 58.85 53.45
C GLN AA 743 -54.86 59.73 54.62
N LEU AA 744 -56.13 60.11 54.70
CA LEU AA 744 -56.62 60.87 55.84
C LEU AA 744 -56.84 59.99 57.07
N SER AA 745 -56.79 58.67 56.92
CA SER AA 745 -56.86 57.76 58.06
C SER AA 745 -55.46 57.41 58.57
N GLY AA 746 -54.66 58.44 58.83
CA GLY AA 746 -53.38 58.25 59.48
C GLY AA 746 -53.61 57.99 60.96
N GLU AA 747 -53.21 56.81 61.43
CA GLU AA 747 -53.53 56.41 62.80
C GLU AA 747 -52.66 57.17 63.79
N LYS AA 748 -53.28 58.01 64.60
CA LYS AA 748 -52.58 58.78 65.62
C LYS AA 748 -53.51 59.10 66.78
N ARG AA 792 -65.99 80.79 53.32
CA ARG AA 792 -64.87 80.83 52.38
C ARG AA 792 -63.63 81.40 53.05
N LEU AA 793 -63.84 82.32 53.99
CA LEU AA 793 -62.72 83.02 54.63
C LEU AA 793 -61.93 82.09 55.54
N GLY AA 794 -62.62 81.32 56.38
CA GLY AA 794 -61.94 80.41 57.30
C GLY AA 794 -61.31 79.21 56.63
N PHE AA 795 -61.76 78.85 55.43
CA PHE AA 795 -61.24 77.70 54.72
C PHE AA 795 -60.15 78.05 53.72
N GLU AA 796 -59.76 79.32 53.63
CA GLU AA 796 -58.67 79.70 52.75
C GLU AA 796 -57.33 79.28 53.36
N SER AA 797 -56.36 79.06 52.48
CA SER AA 797 -55.07 78.54 52.90
C SER AA 797 -54.25 79.60 53.63
N HIS AA 798 -53.20 79.15 54.31
CA HIS AA 798 -52.35 80.05 55.05
C HIS AA 798 -51.53 80.94 54.13
N PHE AA 799 -51.17 80.42 52.95
CA PHE AA 799 -50.54 81.25 51.93
C PHE AA 799 -51.52 82.30 51.41
N THR AA 800 -52.76 81.90 51.15
CA THR AA 800 -53.75 82.80 50.57
C THR AA 800 -54.14 83.90 51.55
N LYS AA 801 -54.22 83.56 52.84
CA LYS AA 801 -54.46 84.57 53.86
C LYS AA 801 -53.30 85.54 53.96
N GLN AA 802 -52.08 85.02 53.88
CA GLN AA 802 -50.89 85.88 53.90
C GLN AA 802 -50.79 86.73 52.65
N LEU AA 803 -51.23 86.20 51.50
CA LEU AA 803 -51.26 86.99 50.27
C LEU AA 803 -52.33 88.09 50.35
N ARG AA 804 -53.46 87.79 50.98
CA ARG AA 804 -54.47 88.81 51.20
C ARG AA 804 -54.00 89.84 52.22
N GLU AA 805 -53.33 89.38 53.29
CA GLU AA 805 -52.75 90.31 54.26
C GLU AA 805 -51.56 91.05 53.68
N GLY AA 806 -50.89 90.46 52.68
CA GLY AA 806 -49.78 91.15 52.04
C GLY AA 806 -50.22 92.37 51.26
N SER AA 807 -51.41 92.31 50.64
CA SER AA 807 -51.94 93.47 49.96
C SER AA 807 -52.45 94.51 50.94
N GLN AA 808 -52.86 94.10 52.14
CA GLN AA 808 -53.34 95.04 53.14
C GLN AA 808 -52.19 95.84 53.73
N SER AA 809 -51.09 95.17 54.06
CA SER AA 809 -49.95 95.82 54.71
C SER AA 809 -48.90 96.31 53.74
N LYS AA 810 -49.08 96.07 52.44
CA LYS AA 810 -48.16 96.44 51.36
C LYS AA 810 -46.76 95.86 51.54
N ASP AA 811 -46.64 94.73 52.23
CA ASP AA 811 -45.38 94.04 52.45
C ASP AA 811 -45.57 92.57 52.15
N TYR AA 812 -44.59 91.98 51.48
CA TYR AA 812 -44.68 90.58 51.08
C TYR AA 812 -43.49 89.77 51.56
N SER AA 813 -42.60 90.35 52.37
CA SER AA 813 -41.45 89.61 52.90
C SER AA 813 -41.89 88.52 53.87
N SER AA 814 -43.03 88.71 54.53
CA SER AA 814 -43.61 87.61 55.31
C SER AA 814 -44.14 86.51 54.40
N LEU AA 815 -44.66 86.89 53.23
CA LEU AA 815 -45.17 85.89 52.29
C LEU AA 815 -44.04 85.14 51.62
N LEU AA 816 -42.98 85.84 51.21
CA LEU AA 816 -41.91 85.22 50.43
C LEU AA 816 -41.07 84.28 51.27
N ALA AA 817 -41.10 84.44 52.60
CA ALA AA 817 -40.41 83.51 53.48
C ALA AA 817 -41.03 82.12 53.41
N THR AA 818 -42.36 82.05 53.40
CA THR AA 818 -43.03 80.76 53.26
C THR AA 818 -42.99 80.27 51.82
N LEU AA 819 -42.85 81.18 50.86
CA LEU AA 819 -42.79 80.77 49.46
C LEU AA 819 -41.48 80.05 49.15
N ILE AA 820 -40.39 80.47 49.79
CA ILE AA 820 -39.11 79.79 49.59
C ILE AA 820 -39.14 78.40 50.24
N ASN AA 821 -39.62 78.32 51.47
CA ASN AA 821 -39.48 77.11 52.27
C ASN AA 821 -40.47 76.02 51.90
N PHE AA 822 -41.43 76.30 51.02
CA PHE AA 822 -42.40 75.29 50.63
C PHE AA 822 -41.75 74.24 49.72
N SER AA 823 -42.33 73.04 49.75
CA SER AA 823 -41.89 71.95 48.90
C SER AA 823 -42.18 72.25 47.44
N PRO AA 824 -41.37 71.72 46.51
CA PRO AA 824 -41.65 71.91 45.08
C PRO AA 824 -42.99 71.38 44.64
N ALA AA 825 -43.44 70.24 45.18
CA ALA AA 825 -44.77 69.73 44.87
C ALA AA 825 -45.85 70.61 45.49
N ALA AA 826 -45.53 71.24 46.63
CA ALA AA 826 -46.49 72.16 47.24
C ALA AA 826 -46.54 73.47 46.49
N VAL AA 827 -45.41 73.92 45.93
CA VAL AA 827 -45.35 75.19 45.21
C VAL AA 827 -46.14 75.11 43.91
N ASP AA 828 -46.00 74.01 43.17
CA ASP AA 828 -46.74 73.83 41.93
C ASP AA 828 -48.24 73.67 42.20
N LEU AA 829 -48.59 73.11 43.35
CA LEU AA 829 -49.97 73.15 43.80
C LEU AA 829 -50.40 74.57 44.13
N GLU AA 830 -49.48 75.35 44.72
CA GLU AA 830 -49.80 76.70 45.17
C GLU AA 830 -49.95 77.66 43.99
N ILE AA 831 -49.01 77.62 43.04
CA ILE AA 831 -49.00 78.60 41.95
C ILE AA 831 -50.14 78.34 40.96
N ARG AA 832 -50.39 77.07 40.63
CA ARG AA 832 -51.45 76.76 39.68
C ARG AA 832 -52.85 76.94 40.26
N SER AA 833 -52.99 77.08 41.57
CA SER AA 833 -54.27 77.36 42.20
C SER AA 833 -54.13 78.63 43.02
N LEU AA 834 -54.30 79.77 42.36
CA LEU AA 834 -54.24 81.06 43.02
C LEU AA 834 -55.61 81.66 43.29
N ASN AA 835 -56.68 80.97 42.89
CA ASN AA 835 -58.08 81.39 43.07
C ASN AA 835 -58.36 82.77 42.46
N SER AA 836 -57.68 83.08 41.35
CA SER AA 836 -57.79 84.38 40.70
C SER AA 836 -58.07 84.14 39.22
N PHE AA 837 -59.36 83.95 38.90
CA PHE AA 837 -59.80 83.78 37.52
C PHE AA 837 -60.66 84.95 37.06
N GLU AA 838 -61.74 85.26 37.78
CA GLU AA 838 -62.61 86.38 37.42
C GLU AA 838 -62.07 87.75 37.82
N PRO AA 839 -61.68 88.05 39.06
CA PRO AA 839 -61.20 89.42 39.35
C PRO AA 839 -59.72 89.65 39.10
N PHE AA 840 -58.93 88.59 38.90
CA PHE AA 840 -57.47 88.63 38.71
C PHE AA 840 -56.76 89.35 39.84
N ASP AA 841 -57.27 89.24 41.08
CA ASP AA 841 -56.69 89.98 42.19
C ASP AA 841 -55.44 89.30 42.72
N GLU AA 842 -55.50 87.98 42.93
CA GLU AA 842 -54.36 87.29 43.52
C GLU AA 842 -53.23 87.09 42.53
N ILE AA 843 -53.51 87.21 41.23
CA ILE AA 843 -52.44 87.32 40.24
C ILE AA 843 -51.68 88.62 40.46
N VAL AA 844 -52.42 89.71 40.69
CA VAL AA 844 -51.80 91.02 40.89
C VAL AA 844 -51.05 91.07 42.21
N TRP AA 845 -51.61 90.47 43.27
CA TRP AA 845 -50.91 90.44 44.55
C TRP AA 845 -49.66 89.57 44.48
N PHE AA 846 -49.70 88.46 43.76
CA PHE AA 846 -48.52 87.60 43.67
C PHE AA 846 -47.44 88.21 42.78
N ILE AA 847 -47.84 88.92 41.73
CA ILE AA 847 -46.86 89.61 40.89
C ILE AA 847 -46.20 90.73 41.67
N ASP AA 848 -47.00 91.51 42.41
CA ASP AA 848 -46.45 92.55 43.26
C ASP AA 848 -45.67 91.98 44.43
N ALA AA 849 -45.94 90.73 44.81
CA ALA AA 849 -45.09 90.05 45.79
C ALA AA 849 -43.72 89.76 45.21
N LEU AA 850 -43.65 89.43 43.92
CA LEU AA 850 -42.37 89.08 43.33
C LEU AA 850 -41.62 90.31 42.82
N THR AA 851 -42.31 91.44 42.67
CA THR AA 851 -41.58 92.70 42.46
C THR AA 851 -40.79 93.07 43.70
N GLN AA 852 -41.38 92.88 44.87
CA GLN AA 852 -40.67 93.12 46.12
C GLN AA 852 -39.60 92.06 46.35
N GLY AA 853 -39.81 90.85 45.85
CA GLY AA 853 -38.80 89.81 45.98
C GLY AA 853 -37.56 90.08 45.15
N LEU AA 854 -37.73 90.56 43.92
CA LEU AA 854 -36.58 90.89 43.09
C LEU AA 854 -35.92 92.18 43.55
N LYS AA 855 -36.69 93.09 44.16
CA LYS AA 855 -36.11 94.31 44.69
C LYS AA 855 -35.25 94.04 45.92
N SER AA 856 -35.53 92.97 46.66
CA SER AA 856 -34.69 92.59 47.79
C SER AA 856 -33.41 91.91 47.35
N ASN AA 857 -33.36 91.41 46.10
CA ASN AA 857 -32.20 90.83 45.42
C ASN AA 857 -31.67 89.55 46.06
N LYS AA 858 -32.33 89.04 47.10
CA LYS AA 858 -32.03 87.72 47.59
C LYS AA 858 -32.93 86.70 46.90
N ASN AA 859 -32.46 85.45 46.85
CA ASN AA 859 -33.18 84.30 46.30
C ASN AA 859 -33.63 84.56 44.86
N PHE AA 860 -32.72 85.12 44.06
CA PHE AA 860 -33.08 85.58 42.72
C PHE AA 860 -33.31 84.40 41.78
N GLU AA 861 -32.61 83.30 42.00
CA GLU AA 861 -32.81 82.09 41.20
C GLU AA 861 -34.20 81.51 41.42
N LEU AA 862 -34.67 81.53 42.67
CA LEU AA 862 -35.99 80.99 42.97
C LEU AA 862 -37.10 81.92 42.46
N TYR AA 863 -36.90 83.23 42.58
CA TYR AA 863 -37.97 84.18 42.24
C TYR AA 863 -38.16 84.29 40.74
N GLU AA 864 -37.13 83.99 39.96
CA GLU AA 864 -37.30 83.94 38.51
C GLU AA 864 -38.09 82.70 38.09
N THR AA 865 -37.87 81.58 38.79
CA THR AA 865 -38.58 80.36 38.45
C THR AA 865 -40.03 80.41 38.90
N PHE AA 866 -40.37 81.31 39.81
CA PHE AA 866 -41.75 81.38 40.29
C PHE AA 866 -42.67 82.01 39.25
N MET AA 867 -42.22 83.04 38.53
CA MET AA 867 -43.08 83.53 37.45
C MET AA 867 -42.92 82.71 36.18
N SER AA 868 -41.86 81.92 36.08
CA SER AA 868 -41.81 80.93 35.01
C SER AA 868 -42.88 79.87 35.20
N LEU AA 869 -43.20 79.56 36.46
CA LEU AA 869 -44.32 78.68 36.75
C LEU AA 869 -45.65 79.42 36.65
N LEU AA 870 -45.65 80.74 36.87
CA LEU AA 870 -46.87 81.53 36.69
C LEU AA 870 -47.25 81.61 35.22
N PHE AA 871 -46.28 81.83 34.35
CA PHE AA 871 -46.55 81.91 32.92
C PHE AA 871 -46.80 80.53 32.33
N LYS AA 872 -46.36 79.48 33.01
CA LYS AA 872 -46.70 78.13 32.60
C LYS AA 872 -48.15 77.80 32.96
N ALA AA 873 -48.59 78.25 34.13
CA ALA AA 873 -49.94 77.92 34.60
C ALA AA 873 -50.97 78.89 34.03
N HIS AA 874 -50.87 80.16 34.38
CA HIS AA 874 -51.85 81.16 33.99
C HIS AA 874 -51.34 82.07 32.88
N GLY AA 875 -50.49 81.53 32.01
CA GLY AA 875 -50.06 82.29 30.84
C GLY AA 875 -51.19 82.54 29.86
N ASP AA 876 -52.08 81.55 29.71
CA ASP AA 876 -53.26 81.76 28.89
C ASP AA 876 -54.25 82.70 29.57
N VAL AA 877 -54.23 82.74 30.90
CA VAL AA 877 -55.16 83.60 31.64
C VAL AA 877 -54.81 85.07 31.44
N ILE AA 878 -53.53 85.42 31.60
CA ILE AA 878 -53.15 86.82 31.45
C ILE AA 878 -53.03 87.23 29.99
N HIS AA 879 -52.91 86.28 29.07
CA HIS AA 879 -52.94 86.63 27.66
C HIS AA 879 -54.38 86.92 27.22
N ALA AA 880 -55.34 86.21 27.82
CA ALA AA 880 -56.75 86.48 27.56
C ALA AA 880 -57.14 87.87 28.05
N ASN AA 881 -56.85 88.17 29.31
CA ASN AA 881 -57.02 89.53 29.80
C ASN AA 881 -55.69 90.26 29.80
N ASN AA 882 -55.14 90.42 28.60
CA ASN AA 882 -54.08 91.39 28.39
C ASN AA 882 -54.71 92.78 28.25
N LYS AA 883 -53.84 93.80 28.23
CA LYS AA 883 -54.15 95.21 27.97
C LYS AA 883 -55.05 95.87 29.02
N ASN AA 884 -55.47 95.12 30.03
CA ASN AA 884 -56.17 95.70 31.17
C ASN AA 884 -55.20 96.56 31.99
N GLN AA 885 -55.68 97.73 32.42
CA GLN AA 885 -54.78 98.74 32.97
C GLN AA 885 -54.28 98.39 34.36
N ASP AA 886 -54.90 97.40 35.02
CA ASP AA 886 -54.42 96.99 36.34
C ASP AA 886 -53.38 95.87 36.22
N ILE AA 887 -53.64 94.89 35.36
CA ILE AA 887 -52.70 93.78 35.19
C ILE AA 887 -51.45 94.24 34.46
N ALA AA 888 -51.60 95.10 33.45
CA ALA AA 888 -50.45 95.58 32.72
C ALA AA 888 -49.60 96.54 33.55
N SER AA 889 -50.20 97.20 34.54
CA SER AA 889 -49.42 98.03 35.45
C SER AA 889 -48.54 97.18 36.36
N ALA AA 890 -49.06 96.04 36.81
CA ALA AA 890 -48.29 95.16 37.68
C ALA AA 890 -47.16 94.48 36.93
N LEU AA 891 -47.41 94.09 35.67
CA LEU AA 891 -46.38 93.44 34.88
C LEU AA 891 -45.30 94.42 34.44
N GLN AA 892 -45.68 95.65 34.09
CA GLN AA 892 -44.69 96.65 33.71
C GLN AA 892 -43.88 97.12 34.90
N ASN AA 893 -44.46 97.09 36.11
CA ASN AA 893 -43.70 97.40 37.30
C ASN AA 893 -42.70 96.29 37.62
N TRP AA 894 -42.97 95.06 37.17
CA TRP AA 894 -42.01 93.99 37.35
C TRP AA 894 -40.86 94.11 36.34
N GLU AA 895 -41.15 94.58 35.14
CA GLU AA 895 -40.10 94.73 34.14
C GLU AA 895 -39.14 95.85 34.49
N ASP AA 896 -39.66 96.94 35.08
CA ASP AA 896 -38.79 98.03 35.51
C ASP AA 896 -37.88 97.62 36.66
N VAL AA 897 -38.33 96.68 37.49
CA VAL AA 897 -37.40 96.03 38.42
C VAL AA 897 -36.44 95.12 37.66
N HIS AA 898 -36.97 94.33 36.71
CA HIS AA 898 -36.17 93.34 36.00
C HIS AA 898 -35.23 93.96 34.97
N LYS AA 899 -35.36 95.25 34.68
CA LYS AA 899 -34.54 95.89 33.67
C LYS AA 899 -33.07 95.98 34.08
N LYS AA 900 -32.77 95.95 35.38
CA LYS AA 900 -31.41 95.94 35.87
C LYS AA 900 -30.94 94.54 36.23
N GLU AA 901 -31.48 93.51 35.58
CA GLU AA 901 -31.06 92.13 35.78
C GLU AA 901 -30.33 91.57 34.58
N ASP AA 902 -29.96 92.43 33.62
CA ASP AA 902 -29.10 92.04 32.52
C ASP AA 902 -27.63 92.20 32.86
N ARG AA 903 -27.32 92.67 34.07
CA ARG AA 903 -25.93 92.85 34.48
C ARG AA 903 -25.23 91.50 34.67
N LEU AA 904 -25.94 90.51 35.21
CA LEU AA 904 -25.37 89.17 35.29
C LEU AA 904 -25.33 88.51 33.93
N ASP AA 905 -26.25 88.88 33.03
CA ASP AA 905 -26.20 88.39 31.66
C ASP AA 905 -24.98 88.92 30.94
N ASP AA 906 -24.69 90.21 31.11
CA ASP AA 906 -23.50 90.80 30.53
C ASP AA 906 -22.24 90.26 31.22
N LEU AA 907 -22.36 89.90 32.50
CA LEU AA 907 -21.23 89.34 33.22
C LEU AA 907 -20.91 87.93 32.75
N VAL AA 908 -21.95 87.11 32.53
CA VAL AA 908 -21.74 85.73 32.13
C VAL AA 908 -21.24 85.64 30.70
N LYS AA 909 -21.84 86.43 29.80
CA LYS AA 909 -21.45 86.41 28.39
C LYS AA 909 -20.04 86.97 28.19
N PHE AA 910 -19.55 87.75 29.14
CA PHE AA 910 -18.15 88.15 29.10
C PHE AA 910 -17.25 87.08 29.67
N CYS AA 911 -17.65 86.45 30.78
CA CYS AA 911 -16.69 85.73 31.62
C CYS AA 911 -16.26 84.41 30.99
N MET AA 912 -17.17 83.68 30.34
CA MET AA 912 -16.71 82.40 29.81
C MET AA 912 -16.16 82.56 28.39
N GLY AA 913 -16.51 83.65 27.71
CA GLY AA 913 -15.83 83.98 26.46
C GLY AA 913 -14.35 84.27 26.67
N VAL AA 914 -14.02 84.96 27.75
CA VAL AA 914 -12.62 85.10 28.14
C VAL AA 914 -12.05 83.76 28.61
N ALA AA 915 -12.85 83.00 29.37
CA ALA AA 915 -12.37 81.73 29.91
C ALA AA 915 -12.18 80.70 28.79
N ALA AA 916 -13.00 80.79 27.73
CA ALA AA 916 -12.75 79.92 26.58
C ALA AA 916 -11.54 80.39 25.79
N PHE AA 917 -11.35 81.70 25.66
CA PHE AA 917 -10.26 82.21 24.84
C PHE AA 917 -8.91 82.03 25.53
N VAL AA 918 -8.85 82.28 26.83
CA VAL AA 918 -7.58 82.19 27.56
C VAL AA 918 -7.13 80.75 27.68
N THR AA 919 -8.04 79.84 27.99
CA THR AA 919 -7.68 78.44 28.20
C THR AA 919 -7.34 77.72 26.90
N THR AA 920 -7.90 78.16 25.78
CA THR AA 920 -7.64 77.50 24.50
C THR AA 920 -6.59 78.20 23.67
N ALA AA 921 -5.91 79.21 24.20
CA ALA AA 921 -4.83 79.86 23.47
C ALA AA 921 -3.48 79.32 23.91
N MET BA 1 -23.00 2.00 95.85
CA MET BA 1 -23.45 2.19 94.48
C MET BA 1 -23.27 0.90 93.68
N LYS BA 2 -24.38 0.21 93.43
CA LYS BA 2 -24.33 -1.03 92.68
C LYS BA 2 -24.20 -0.72 91.19
N ILE BA 3 -22.97 -0.57 90.73
CA ILE BA 3 -22.69 -0.30 89.32
C ILE BA 3 -21.85 -1.44 88.78
N LYS BA 4 -22.32 -2.04 87.68
CA LYS BA 4 -21.59 -3.08 86.98
C LYS BA 4 -22.04 -3.10 85.53
N THR BA 5 -21.10 -3.33 84.63
CA THR BA 5 -21.35 -3.22 83.20
C THR BA 5 -21.11 -4.57 82.52
N ILE BA 6 -21.20 -4.57 81.20
CA ILE BA 6 -21.00 -5.77 80.40
C ILE BA 6 -19.52 -6.12 80.37
N LYS BA 7 -19.14 -7.16 81.10
CA LYS BA 7 -17.75 -7.60 81.15
C LYS BA 7 -17.58 -8.73 80.13
N ARG BA 8 -16.98 -8.40 78.99
CA ARG BA 8 -16.82 -9.37 77.91
C ARG BA 8 -15.70 -10.37 78.21
N SER BA 9 -14.63 -9.89 78.87
CA SER BA 9 -13.48 -10.62 79.40
C SER BA 9 -12.52 -11.15 78.33
N ALA BA 10 -12.90 -11.07 77.05
CA ALA BA 10 -12.08 -11.30 75.86
C ALA BA 10 -11.41 -12.68 75.83
N ASP BA 11 -11.84 -13.63 76.64
CA ASP BA 11 -11.21 -14.94 76.72
C ASP BA 11 -12.15 -16.09 76.44
N ASP BA 12 -13.44 -15.93 76.75
CA ASP BA 12 -14.39 -16.97 76.38
C ASP BA 12 -14.64 -16.96 74.88
N TYR BA 13 -14.77 -15.78 74.29
CA TYR BA 13 -15.18 -15.67 72.89
C TYR BA 13 -14.02 -15.96 71.95
N VAL BA 14 -12.97 -15.14 71.99
CA VAL BA 14 -11.78 -15.39 71.19
C VAL BA 14 -10.94 -16.45 71.90
N PRO BA 15 -10.65 -17.57 71.26
CA PRO BA 15 -9.93 -18.65 71.95
C PRO BA 15 -8.47 -18.32 72.19
N VAL BA 16 -7.91 -18.96 73.22
CA VAL BA 16 -6.51 -18.73 73.58
C VAL BA 16 -5.58 -19.35 72.54
N LYS BA 17 -5.88 -20.57 72.11
CA LYS BA 17 -5.07 -21.23 71.10
C LYS BA 17 -5.27 -20.59 69.74
N SER BA 18 -4.34 -20.87 68.84
CA SER BA 18 -4.54 -20.57 67.43
C SER BA 18 -5.08 -21.78 66.67
N THR BA 19 -5.28 -22.91 67.34
CA THR BA 19 -5.83 -24.08 66.70
C THR BA 19 -7.30 -24.31 66.99
N GLN BA 20 -7.83 -23.75 68.07
CA GLN BA 20 -9.24 -23.89 68.38
C GLN BA 20 -10.07 -23.04 67.44
N GLU BA 21 -11.22 -23.56 67.04
CA GLU BA 21 -12.19 -22.75 66.33
C GLU BA 21 -12.79 -21.71 67.27
N SER BA 22 -13.21 -20.58 66.70
CA SER BA 22 -13.85 -19.54 67.48
C SER BA 22 -15.18 -20.04 68.01
N GLN BA 23 -15.46 -19.74 69.28
CA GLN BA 23 -16.72 -20.20 69.85
C GLN BA 23 -17.87 -19.37 69.29
N MET BA 24 -19.06 -19.93 69.39
CA MET BA 24 -20.24 -19.38 68.74
C MET BA 24 -21.23 -19.17 69.87
N PRO BA 25 -21.28 -17.96 70.43
CA PRO BA 25 -22.33 -17.64 71.40
C PRO BA 25 -23.65 -17.51 70.70
N ARG BA 26 -24.72 -17.79 71.43
CA ARG BA 26 -26.02 -17.95 70.78
C ARG BA 26 -27.12 -17.44 71.68
N ASN BA 27 -27.87 -16.45 71.18
CA ASN BA 27 -29.09 -15.98 71.81
C ASN BA 27 -30.25 -16.27 70.88
N LEU BA 28 -31.20 -17.09 71.33
CA LEU BA 28 -32.33 -17.50 70.51
C LEU BA 28 -33.52 -16.56 70.64
N ASN BA 29 -33.28 -15.31 71.01
CA ASN BA 29 -34.38 -14.36 71.16
C ASN BA 29 -34.99 -14.04 69.80
N PRO BA 30 -36.32 -13.96 69.71
CA PRO BA 30 -36.94 -13.60 68.43
C PRO BA 30 -36.60 -12.20 67.96
N GLU BA 31 -36.35 -11.27 68.88
CA GLU BA 31 -36.06 -9.88 68.50
C GLU BA 31 -34.72 -9.76 67.79
N LEU BA 32 -33.75 -10.60 68.14
CA LEU BA 32 -32.43 -10.53 67.53
C LEU BA 32 -32.39 -11.13 66.14
N HIS BA 33 -33.41 -11.91 65.76
CA HIS BA 33 -33.54 -12.46 64.41
C HIS BA 33 -34.85 -11.96 63.84
N PRO BA 34 -34.84 -10.82 63.14
CA PRO BA 34 -36.10 -10.15 62.78
C PRO BA 34 -36.98 -10.85 61.76
N PHE BA 35 -36.42 -11.22 60.62
CA PHE BA 35 -37.20 -11.74 59.50
C PHE BA 35 -37.17 -13.26 59.51
N GLU BA 36 -38.29 -13.88 59.88
CA GLU BA 36 -38.37 -15.32 59.97
C GLU BA 36 -38.97 -15.94 58.71
N ARG BA 37 -40.21 -15.59 58.38
CA ARG BA 37 -40.87 -16.20 57.23
C ARG BA 37 -40.32 -15.64 55.93
N ALA BA 38 -39.91 -14.38 55.95
CA ALA BA 38 -39.34 -13.76 54.76
C ALA BA 38 -38.00 -14.39 54.40
N ARG BA 39 -37.14 -14.62 55.40
CA ARG BA 39 -35.79 -15.10 55.12
C ARG BA 39 -35.80 -16.57 54.74
N GLU BA 40 -36.69 -17.36 55.35
CA GLU BA 40 -36.73 -18.78 55.03
C GLU BA 40 -37.38 -19.05 53.68
N TYR BA 41 -38.16 -18.09 53.18
CA TYR BA 41 -38.65 -18.19 51.82
C TYR BA 41 -37.51 -18.02 50.82
N THR BA 42 -36.58 -17.12 51.11
CA THR BA 42 -35.43 -16.92 50.22
C THR BA 42 -34.47 -18.09 50.29
N LYS BA 43 -34.36 -18.74 51.46
CA LYS BA 43 -33.61 -19.98 51.54
C LYS BA 43 -34.31 -21.09 50.77
N ALA BA 44 -35.65 -21.02 50.71
CA ALA BA 44 -36.40 -22.01 49.95
C ALA BA 44 -36.31 -21.74 48.46
N LEU BA 45 -36.30 -20.48 48.06
CA LEU BA 45 -36.22 -20.15 46.64
C LEU BA 45 -34.83 -20.40 46.10
N ASN BA 46 -33.80 -20.20 46.93
CA ASN BA 46 -32.45 -20.55 46.50
C ASN BA 46 -32.24 -22.05 46.45
N ALA BA 47 -32.96 -22.81 47.27
CA ALA BA 47 -32.87 -24.27 47.21
C ALA BA 47 -33.48 -24.82 45.94
N THR BA 48 -34.58 -24.21 45.46
CA THR BA 48 -35.18 -24.66 44.22
C THR BA 48 -34.34 -24.24 43.03
N LYS BA 49 -33.69 -23.08 43.11
CA LYS BA 49 -32.80 -22.66 42.05
C LYS BA 49 -31.53 -23.51 42.03
N LEU BA 50 -31.08 -23.95 43.21
CA LEU BA 50 -29.90 -24.81 43.26
C LEU BA 50 -30.21 -26.22 42.75
N GLU BA 51 -31.41 -26.72 43.02
CA GLU BA 51 -31.72 -28.09 42.61
C GLU BA 51 -32.05 -28.16 41.12
N ARG BA 52 -32.32 -27.03 40.48
CA ARG BA 52 -32.56 -27.06 39.05
C ARG BA 52 -31.26 -26.90 38.27
N MET BA 53 -30.28 -26.21 38.85
CA MET BA 53 -28.96 -26.17 38.24
C MET BA 53 -28.20 -27.47 38.46
N PHE BA 54 -28.61 -28.25 39.47
CA PHE BA 54 -27.95 -29.51 39.76
C PHE BA 54 -28.68 -30.70 39.21
N ALA BA 55 -29.77 -30.48 38.48
CA ALA BA 55 -30.57 -31.58 37.93
C ALA BA 55 -29.79 -32.22 36.79
N LYS BA 56 -29.02 -33.26 37.11
CA LYS BA 56 -28.24 -34.00 36.14
C LYS BA 56 -28.70 -35.45 36.20
N PRO BA 57 -29.79 -35.79 35.51
CA PRO BA 57 -30.35 -37.14 35.66
C PRO BA 57 -29.54 -38.20 34.95
N PHE BA 58 -29.01 -37.92 33.77
CA PHE BA 58 -28.19 -38.90 33.10
C PHE BA 58 -26.86 -39.04 33.82
N VAL BA 59 -26.47 -40.28 34.07
CA VAL BA 59 -25.31 -40.53 34.91
C VAL BA 59 -24.45 -41.58 34.21
N GLY BA 60 -25.01 -42.22 33.20
CA GLY BA 60 -24.23 -43.10 32.35
C GLY BA 60 -25.08 -44.23 31.81
N GLN BA 61 -24.60 -44.81 30.71
CA GLN BA 61 -25.23 -46.00 30.13
C GLN BA 61 -24.43 -47.23 30.50
N LEU BA 62 -25.00 -48.38 30.21
CA LEU BA 62 -24.41 -49.67 30.57
C LEU BA 62 -23.69 -50.26 29.38
N GLY BA 63 -22.37 -50.42 29.50
CA GLY BA 63 -21.57 -51.11 28.50
C GLY BA 63 -21.61 -50.46 27.14
N TYR BA 64 -21.72 -51.28 26.11
CA TYR BA 64 -22.02 -50.82 24.78
C TYR BA 64 -23.48 -51.09 24.40
N GLY BA 65 -24.24 -51.72 25.28
CA GLY BA 65 -25.64 -51.97 25.04
C GLY BA 65 -25.87 -53.13 24.09
N HIS BA 66 -27.15 -53.43 23.88
CA HIS BA 66 -27.56 -54.48 22.97
C HIS BA 66 -27.59 -53.91 21.55
N ARG BA 67 -28.20 -54.65 20.61
CA ARG BA 67 -28.14 -54.24 19.22
C ARG BA 67 -29.50 -54.20 18.54
N ASP BA 68 -30.60 -54.39 19.27
CA ASP BA 68 -31.92 -54.17 18.69
C ASP BA 68 -32.90 -53.45 19.61
N GLY BA 69 -32.65 -53.36 20.91
CA GLY BA 69 -33.61 -52.78 21.81
C GLY BA 69 -34.09 -53.78 22.83
N VAL BA 70 -33.80 -53.53 24.11
CA VAL BA 70 -34.16 -54.47 25.16
C VAL BA 70 -35.67 -54.39 25.41
N TYR BA 71 -36.31 -55.56 25.54
CA TYR BA 71 -37.73 -55.66 25.84
C TYR BA 71 -38.00 -56.44 27.10
N ALA BA 72 -36.96 -56.79 27.85
CA ALA BA 72 -37.11 -57.49 29.13
C ALA BA 72 -35.88 -57.23 29.97
N ILE BA 73 -36.05 -56.64 31.14
CA ILE BA 73 -34.97 -56.45 32.09
C ILE BA 73 -35.45 -56.94 33.46
N ALA BA 74 -34.54 -57.55 34.21
CA ALA BA 74 -34.83 -58.02 35.55
C ALA BA 74 -33.67 -57.70 36.48
N LYS BA 75 -33.94 -56.87 37.48
CA LYS BA 75 -32.94 -56.52 38.48
C LYS BA 75 -32.78 -57.68 39.46
N ASN BA 76 -31.59 -57.78 40.04
CA ASN BA 76 -31.37 -58.79 41.07
C ASN BA 76 -32.00 -58.32 42.37
N TYR BA 77 -32.89 -59.13 42.93
CA TYR BA 77 -33.62 -58.71 44.11
C TYR BA 77 -32.80 -58.89 45.38
N GLY BA 78 -31.81 -59.77 45.37
CA GLY BA 78 -30.99 -60.01 46.54
C GLY BA 78 -29.62 -59.38 46.46
N SER BA 79 -29.29 -58.79 45.31
CA SER BA 79 -27.99 -58.16 45.12
C SER BA 79 -28.15 -56.84 44.38
N LEU BA 80 -27.41 -55.83 44.83
CA LEU BA 80 -27.58 -54.47 44.34
C LEU BA 80 -26.86 -54.20 43.04
N ASN BA 81 -25.92 -55.06 42.64
CA ASN BA 81 -24.98 -54.73 41.57
C ASN BA 81 -25.26 -55.44 40.24
N LYS BA 82 -26.35 -56.18 40.11
CA LYS BA 82 -26.53 -57.01 38.93
C LYS BA 82 -27.91 -56.86 38.33
N LEU BA 83 -27.98 -56.94 36.99
CA LEU BA 83 -29.24 -57.04 36.28
C LEU BA 83 -29.02 -57.80 34.98
N ALA BA 84 -30.12 -58.18 34.35
CA ALA BA 84 -30.11 -59.00 33.14
C ALA BA 84 -30.96 -58.34 32.07
N THR BA 85 -30.40 -58.17 30.87
CA THR BA 85 -31.11 -57.55 29.76
C THR BA 85 -31.15 -58.50 28.56
N GLY BA 86 -32.27 -58.50 27.85
CA GLY BA 86 -32.41 -59.32 26.66
C GLY BA 86 -33.10 -58.60 25.52
N SER BA 87 -32.49 -58.57 24.35
CA SER BA 87 -33.03 -57.84 23.21
C SER BA 87 -33.61 -58.79 22.17
N ALA BA 88 -34.01 -58.21 21.03
CA ALA BA 88 -34.74 -58.91 20.00
C ALA BA 88 -33.88 -59.87 19.17
N ASP BA 89 -32.56 -59.86 19.34
CA ASP BA 89 -31.72 -60.87 18.72
C ASP BA 89 -31.73 -62.19 19.48
N GLY BA 90 -32.44 -62.26 20.61
CA GLY BA 90 -32.33 -63.43 21.43
C GLY BA 90 -31.01 -63.54 22.15
N VAL BA 91 -30.39 -62.41 22.47
CA VAL BA 91 -29.14 -62.37 23.20
C VAL BA 91 -29.40 -61.80 24.59
N ILE BA 92 -28.90 -62.49 25.61
CA ILE BA 92 -29.09 -62.08 26.99
C ILE BA 92 -27.72 -61.81 27.60
N LYS BA 93 -27.59 -60.66 28.27
CA LYS BA 93 -26.33 -60.23 28.85
C LYS BA 93 -26.54 -59.91 30.33
N TYR BA 94 -25.57 -60.27 31.15
CA TYR BA 94 -25.61 -59.99 32.58
C TYR BA 94 -24.67 -58.84 32.91
N TRP BA 95 -25.22 -57.80 33.53
CA TRP BA 95 -24.55 -56.51 33.66
C TRP BA 95 -24.15 -56.26 35.11
N ASN BA 96 -22.90 -55.87 35.32
CA ASN BA 96 -22.47 -55.26 36.57
C ASN BA 96 -22.43 -53.75 36.36
N MET BA 97 -23.32 -53.02 37.03
CA MET BA 97 -23.29 -51.58 36.84
C MET BA 97 -22.24 -50.88 37.70
N SER BA 98 -21.53 -51.62 38.56
CA SER BA 98 -20.44 -51.03 39.32
C SER BA 98 -19.29 -50.62 38.42
N THR BA 99 -19.02 -51.42 37.41
CA THR BA 99 -17.99 -51.14 36.42
C THR BA 99 -18.61 -50.69 35.09
N ARG BA 100 -19.93 -50.92 34.94
CA ARG BA 100 -20.70 -50.73 33.70
C ARG BA 100 -20.10 -51.57 32.58
N GLU BA 101 -19.81 -52.84 32.91
CA GLU BA 101 -19.31 -53.83 31.98
C GLU BA 101 -20.10 -55.12 32.19
N GLU BA 102 -20.42 -55.79 31.08
CA GLU BA 102 -21.10 -57.08 31.16
C GLU BA 102 -20.16 -58.13 31.73
N PHE BA 103 -20.72 -59.06 32.52
CA PHE BA 103 -19.98 -60.28 32.83
C PHE BA 103 -19.79 -61.11 31.56
N VAL BA 104 -20.91 -61.60 31.00
CA VAL BA 104 -20.90 -62.48 29.84
C VAL BA 104 -22.12 -62.18 28.98
N SER BA 105 -22.23 -62.89 27.86
CA SER BA 105 -23.35 -62.78 26.95
C SER BA 105 -23.72 -64.18 26.46
N PHE BA 106 -24.98 -64.33 26.05
CA PHE BA 106 -25.49 -65.64 25.63
C PHE BA 106 -26.46 -65.47 24.47
N LYS BA 107 -26.13 -66.05 23.33
CA LYS BA 107 -27.08 -66.15 22.23
C LYS BA 107 -28.12 -67.20 22.61
N ALA BA 108 -29.23 -66.73 23.17
CA ALA BA 108 -30.17 -67.63 23.81
C ALA BA 108 -31.11 -68.29 22.80
N HIS BA 109 -31.93 -67.49 22.13
CA HIS BA 109 -33.02 -68.01 21.33
C HIS BA 109 -33.02 -67.40 19.94
N TYR BA 110 -33.57 -68.15 18.98
CA TYR BA 110 -33.69 -67.67 17.62
C TYR BA 110 -34.81 -66.65 17.48
N GLY BA 111 -35.79 -66.68 18.37
CA GLY BA 111 -36.84 -65.70 18.39
C GLY BA 111 -36.52 -64.53 19.32
N LEU BA 112 -37.52 -63.67 19.49
CA LEU BA 112 -37.37 -62.54 20.39
C LEU BA 112 -37.45 -63.00 21.84
N VAL BA 113 -36.59 -62.44 22.69
CA VAL BA 113 -36.70 -62.66 24.12
C VAL BA 113 -37.92 -61.90 24.62
N THR BA 114 -38.91 -62.64 25.14
CA THR BA 114 -40.14 -62.04 25.61
C THR BA 114 -40.18 -61.90 27.14
N GLY BA 115 -39.17 -62.38 27.84
CA GLY BA 115 -39.15 -62.25 29.29
C GLY BA 115 -37.82 -62.63 29.90
N LEU BA 116 -37.55 -62.10 31.10
CA LEU BA 116 -36.33 -62.40 31.83
C LEU BA 116 -36.60 -62.26 33.32
N CYS BA 117 -36.13 -63.22 34.10
CA CYS BA 117 -36.11 -63.09 35.56
C CYS BA 117 -34.80 -63.65 36.09
N VAL BA 118 -34.43 -63.17 37.27
CA VAL BA 118 -33.35 -63.76 38.05
C VAL BA 118 -33.96 -64.39 39.29
N THR BA 119 -33.30 -65.43 39.79
CA THR BA 119 -33.79 -66.18 40.95
C THR BA 119 -32.62 -66.98 41.51
N GLN BA 120 -32.88 -67.66 42.64
CA GLN BA 120 -31.94 -68.61 43.22
C GLN BA 120 -32.68 -69.94 43.34
N PRO BA 121 -32.61 -70.79 42.33
CA PRO BA 121 -33.44 -72.00 42.31
C PRO BA 121 -32.92 -73.06 43.28
N ARG BA 122 -33.83 -73.95 43.66
CA ARG BA 122 -33.52 -75.08 44.52
C ARG BA 122 -33.81 -76.36 43.76
N PHE BA 123 -32.83 -77.25 43.70
CA PHE BA 123 -32.98 -78.54 43.04
C PHE BA 123 -32.87 -79.66 44.07
N HIS BA 124 -33.56 -80.77 43.79
CA HIS BA 124 -33.64 -81.85 44.76
C HIS BA 124 -32.32 -82.62 44.86
N ASP BA 125 -31.58 -82.76 43.75
CA ASP BA 125 -30.33 -83.50 43.79
C ASP BA 125 -29.21 -82.69 44.42
N LYS BA 126 -29.16 -81.39 44.16
CA LYS BA 126 -28.09 -80.56 44.68
C LYS BA 126 -28.60 -79.12 44.84
N LYS BA 127 -28.01 -78.40 45.78
CA LYS BA 127 -28.22 -76.96 45.88
C LYS BA 127 -27.17 -76.24 45.06
N PRO BA 128 -27.54 -75.42 44.09
CA PRO BA 128 -26.55 -74.77 43.24
C PRO BA 128 -25.81 -73.66 43.97
N ASP BA 129 -24.64 -73.32 43.44
CA ASP BA 129 -23.79 -72.31 44.05
C ASP BA 129 -24.36 -70.92 43.82
N LEU BA 130 -25.21 -70.46 44.75
CA LEU BA 130 -25.84 -69.16 44.61
C LEU BA 130 -24.87 -68.02 44.89
N LYS BA 131 -23.84 -68.28 45.69
CA LYS BA 131 -22.87 -67.23 46.00
C LYS BA 131 -22.00 -66.88 44.80
N SER BA 132 -21.44 -67.90 44.13
CA SER BA 132 -20.56 -67.68 43.00
C SER BA 132 -21.29 -67.60 41.67
N GLN BA 133 -22.59 -67.90 41.64
CA GLN BA 133 -23.33 -67.92 40.39
C GLN BA 133 -24.76 -67.44 40.61
N ASN BA 134 -25.15 -66.41 39.86
CA ASN BA 134 -26.54 -66.02 39.76
C ASN BA 134 -27.19 -66.78 38.61
N PHE BA 135 -28.51 -66.65 38.47
CA PHE BA 135 -29.27 -67.49 37.56
C PHE BA 135 -30.31 -66.67 36.82
N MET BA 136 -30.13 -66.51 35.51
CA MET BA 136 -31.20 -65.99 34.67
C MET BA 136 -32.32 -67.01 34.54
N LEU BA 137 -33.44 -66.54 34.00
CA LEU BA 137 -34.53 -67.44 33.61
C LEU BA 137 -35.29 -66.76 32.48
N SER BA 138 -34.95 -67.13 31.24
CA SER BA 138 -35.41 -66.41 30.07
C SER BA 138 -36.77 -66.93 29.61
N CYS BA 139 -37.28 -66.31 28.54
CA CYS BA 139 -38.56 -66.68 27.96
C CYS BA 139 -38.53 -66.27 26.49
N SER BA 140 -38.55 -67.24 25.60
CA SER BA 140 -38.38 -66.98 24.19
C SER BA 140 -39.72 -66.66 23.54
N ASP BA 141 -39.71 -66.54 22.22
CA ASP BA 141 -40.93 -66.47 21.44
C ASP BA 141 -41.33 -67.82 20.86
N ASP BA 142 -40.35 -68.64 20.50
CA ASP BA 142 -40.62 -69.93 19.88
C ASP BA 142 -40.57 -71.06 20.91
N LYS BA 143 -41.50 -70.98 21.87
CA LYS BA 143 -41.90 -72.10 22.73
C LYS BA 143 -40.77 -72.58 23.64
N THR BA 144 -39.95 -71.65 24.13
CA THR BA 144 -38.73 -72.06 24.83
C THR BA 144 -38.56 -71.28 26.11
N VAL BA 145 -38.28 -72.00 27.20
CA VAL BA 145 -37.85 -71.43 28.47
C VAL BA 145 -36.50 -72.04 28.82
N LYS BA 146 -35.53 -71.21 29.17
CA LYS BA 146 -34.16 -71.69 29.39
C LYS BA 146 -33.59 -71.12 30.67
N LEU BA 147 -33.01 -71.98 31.50
CA LEU BA 147 -32.21 -71.54 32.63
C LEU BA 147 -30.79 -71.22 32.18
N TRP BA 148 -30.14 -70.31 32.90
CA TRP BA 148 -28.78 -69.90 32.59
C TRP BA 148 -28.01 -69.65 33.87
N SER BA 149 -26.98 -70.45 34.11
CA SER BA 149 -26.07 -70.19 35.22
C SER BA 149 -25.05 -69.15 34.80
N ILE BA 150 -24.92 -68.08 35.59
CA ILE BA 150 -24.08 -66.95 35.24
C ILE BA 150 -22.99 -66.80 36.29
N ASN BA 151 -21.73 -66.92 35.87
CA ASN BA 151 -20.60 -66.77 36.76
C ASN BA 151 -20.38 -65.30 37.11
N VAL BA 152 -20.29 -65.00 38.40
CA VAL BA 152 -20.00 -63.64 38.86
C VAL BA 152 -18.68 -63.66 39.62
N ASP BA 153 -18.24 -62.50 40.08
CA ASP BA 153 -16.97 -62.38 40.78
C ASP BA 153 -17.12 -61.48 42.01
N ASP BA 154 -18.22 -61.63 42.75
CA ASP BA 154 -18.39 -60.93 44.00
C ASP BA 154 -17.80 -61.67 45.19
N TYR BA 155 -17.30 -62.88 44.98
CA TYR BA 155 -16.78 -63.71 46.06
C TYR BA 155 -15.41 -64.23 45.65
N SER BA 156 -14.43 -64.06 46.54
CA SER BA 156 -13.10 -64.58 46.32
C SER BA 156 -12.88 -65.92 47.00
N ASN BA 157 -13.93 -66.48 47.63
CA ASN BA 157 -13.80 -67.72 48.37
C ASN BA 157 -13.63 -68.93 47.45
N LYS BA 158 -14.29 -68.93 46.31
CA LYS BA 158 -14.13 -70.00 45.35
C LYS BA 158 -12.78 -69.85 44.63
N ASN BA 159 -12.26 -70.99 44.15
CA ASN BA 159 -10.98 -71.12 43.43
C ASN BA 159 -9.80 -70.59 44.24
N ASN BA 168 -16.33 -73.84 34.97
CA ASN BA 168 -17.33 -74.85 34.65
C ASN BA 168 -18.74 -74.29 34.86
N GLU BA 169 -19.73 -75.11 34.47
CA GLU BA 169 -21.18 -74.85 34.43
C GLU BA 169 -21.52 -73.42 34.00
N GLU BA 170 -20.89 -72.98 32.91
CA GLU BA 170 -20.92 -71.58 32.50
C GLU BA 170 -22.26 -71.12 31.95
N GLY BA 171 -23.20 -72.03 31.66
CA GLY BA 171 -24.50 -71.61 31.22
C GLY BA 171 -25.32 -72.77 30.70
N LEU BA 172 -26.62 -72.48 30.53
CA LEU BA 172 -27.62 -73.39 29.96
C LEU BA 172 -27.71 -74.69 30.77
N ILE BA 173 -28.17 -74.54 32.00
CA ILE BA 173 -28.35 -75.70 32.87
C ILE BA 173 -29.50 -76.57 32.39
N ARG BA 174 -30.65 -75.97 32.10
CA ARG BA 174 -31.82 -76.75 31.73
C ARG BA 174 -32.66 -75.97 30.74
N THR BA 175 -33.45 -76.72 29.96
CA THR BA 175 -34.37 -76.16 28.99
C THR BA 175 -35.76 -76.69 29.26
N PHE BA 176 -36.77 -75.94 28.79
CA PHE BA 176 -38.16 -76.32 28.97
C PHE BA 176 -38.88 -76.19 27.64
N ASP BA 177 -39.78 -77.14 27.37
CA ASP BA 177 -40.45 -77.22 26.09
C ASP BA 177 -41.66 -76.28 26.08
N GLY BA 178 -42.39 -76.28 24.95
CA GLY BA 178 -43.59 -75.49 24.82
C GLY BA 178 -44.36 -75.82 23.55
N GLU BA 179 -45.67 -75.57 23.56
CA GLU BA 179 -46.51 -75.83 22.39
C GLU BA 179 -47.04 -74.58 21.73
N SER BA 180 -47.21 -73.49 22.49
CA SER BA 180 -47.60 -72.21 21.95
C SER BA 180 -46.59 -71.16 22.41
N ALA BA 181 -46.64 -69.99 21.78
CA ALA BA 181 -45.65 -68.95 22.03
C ALA BA 181 -45.81 -68.36 23.42
N PHE BA 182 -44.69 -68.01 24.03
CA PHE BA 182 -44.67 -67.44 25.36
C PHE BA 182 -44.40 -65.95 25.28
N GLN BA 183 -45.22 -65.16 25.96
CA GLN BA 183 -45.11 -63.71 25.92
C GLN BA 183 -44.44 -63.12 27.15
N GLY BA 184 -44.36 -63.86 28.25
CA GLY BA 184 -43.78 -63.31 29.46
C GLY BA 184 -43.51 -64.40 30.47
N ILE BA 185 -42.67 -64.06 31.45
CA ILE BA 185 -42.25 -64.96 32.50
C ILE BA 185 -42.18 -64.17 33.81
N ASP BA 186 -42.49 -64.83 34.91
CA ASP BA 186 -42.27 -64.24 36.23
C ASP BA 186 -41.88 -65.33 37.21
N SER BA 187 -40.86 -65.06 38.01
CA SER BA 187 -40.34 -66.00 38.99
C SER BA 187 -40.89 -65.69 40.36
N HIS BA 188 -41.30 -66.73 41.08
CA HIS BA 188 -41.78 -66.57 42.45
C HIS BA 188 -40.65 -66.13 43.36
N ARG BA 189 -40.98 -65.31 44.35
CA ARG BA 189 -39.97 -64.82 45.28
C ARG BA 189 -39.48 -65.92 46.22
N GLU BA 190 -40.30 -66.94 46.46
CA GLU BA 190 -39.92 -68.07 47.29
C GLU BA 190 -40.10 -69.37 46.51
N ASN BA 191 -39.58 -70.45 47.11
CA ASN BA 191 -39.74 -71.87 46.74
C ASN BA 191 -39.47 -72.19 45.26
N SER BA 192 -38.68 -71.35 44.57
CA SER BA 192 -38.07 -71.65 43.27
C SER BA 192 -39.10 -71.98 42.18
N THR BA 193 -40.24 -71.30 42.21
CA THR BA 193 -41.32 -71.53 41.27
C THR BA 193 -41.33 -70.39 40.26
N PHE BA 194 -41.84 -70.65 39.06
CA PHE BA 194 -42.00 -69.60 38.06
C PHE BA 194 -43.11 -69.98 37.10
N ALA BA 195 -43.78 -68.98 36.54
CA ALA BA 195 -44.89 -69.18 35.64
C ALA BA 195 -44.67 -68.42 34.34
N THR BA 196 -45.08 -69.00 33.23
CA THR BA 196 -44.97 -68.38 31.93
C THR BA 196 -46.27 -67.68 31.56
N GLY BA 197 -46.20 -66.84 30.53
CA GLY BA 197 -47.38 -66.21 30.00
C GLY BA 197 -47.30 -66.15 28.49
N GLY BA 198 -48.48 -66.18 27.87
CA GLY BA 198 -48.56 -66.20 26.42
C GLY BA 198 -49.95 -66.53 25.92
N ALA BA 199 -50.04 -67.48 24.99
CA ALA BA 199 -51.35 -67.94 24.51
C ALA BA 199 -52.06 -68.78 25.57
N LYS BA 200 -51.34 -69.36 26.52
CA LYS BA 200 -51.92 -70.11 27.62
C LYS BA 200 -50.94 -70.09 28.78
N ILE BA 201 -51.39 -69.61 29.92
CA ILE BA 201 -50.53 -69.51 31.09
C ILE BA 201 -50.47 -70.86 31.79
N HIS BA 202 -49.27 -71.30 32.13
CA HIS BA 202 -49.09 -72.49 32.93
C HIS BA 202 -47.86 -72.33 33.83
N LEU BA 203 -47.98 -72.87 35.03
CA LEU BA 203 -46.92 -72.82 36.03
C LEU BA 203 -45.80 -73.78 35.64
N TRP BA 204 -44.61 -73.54 36.18
CA TRP BA 204 -43.45 -74.35 35.88
C TRP BA 204 -42.68 -74.62 37.16
N ASP BA 205 -42.15 -75.82 37.29
CA ASP BA 205 -41.24 -76.18 38.36
C ASP BA 205 -39.83 -76.30 37.81
N VAL BA 206 -38.84 -75.97 38.64
CA VAL BA 206 -37.45 -76.06 38.20
C VAL BA 206 -37.03 -77.52 38.04
N ASN BA 207 -37.48 -78.40 38.92
CA ASN BA 207 -37.09 -79.79 38.88
C ASN BA 207 -37.93 -80.62 37.91
N ARG BA 208 -39.05 -80.10 37.44
CA ARG BA 208 -39.95 -80.83 36.56
C ARG BA 208 -39.97 -80.18 35.18
N LEU BA 209 -39.66 -80.96 34.16
CA LEU BA 209 -39.70 -80.45 32.79
C LEU BA 209 -41.12 -80.41 32.23
N LYS BA 210 -42.07 -81.08 32.89
CA LYS BA 210 -43.42 -81.16 32.37
C LYS BA 210 -44.17 -79.85 32.60
N PRO BA 211 -45.16 -79.54 31.75
CA PRO BA 211 -46.09 -78.46 32.08
C PRO BA 211 -46.89 -78.80 33.34
N VAL BA 212 -46.72 -77.98 34.38
CA VAL BA 212 -47.11 -78.40 35.72
C VAL BA 212 -48.63 -78.25 35.92
N SER BA 213 -49.12 -77.02 35.83
CA SER BA 213 -50.54 -76.74 36.07
C SER BA 213 -50.99 -75.66 35.09
N ASP BA 214 -52.01 -75.98 34.29
CA ASP BA 214 -52.45 -75.10 33.22
C ASP BA 214 -53.68 -74.32 33.66
N LEU BA 215 -53.67 -73.01 33.39
CA LEU BA 215 -54.73 -72.10 33.80
C LEU BA 215 -55.24 -71.32 32.60
N SER BA 216 -56.53 -70.99 32.63
CA SER BA 216 -57.20 -70.17 31.64
C SER BA 216 -58.58 -69.78 32.17
N TRP BA 217 -59.06 -68.62 31.74
CA TRP BA 217 -60.46 -68.28 31.96
C TRP BA 217 -61.35 -69.14 31.07
N GLY BA 218 -61.23 -68.92 29.77
CA GLY BA 218 -61.77 -69.75 28.71
C GLY BA 218 -60.69 -69.92 27.69
N ALA BA 219 -60.90 -69.43 26.48
CA ALA BA 219 -59.83 -69.27 25.50
C ALA BA 219 -59.35 -67.82 25.58
N ASP BA 220 -58.19 -67.61 26.21
CA ASP BA 220 -57.69 -66.27 26.45
C ASP BA 220 -56.18 -66.26 26.39
N ASN BA 221 -55.61 -65.06 26.24
CA ASN BA 221 -54.19 -64.87 25.96
C ASN BA 221 -53.63 -63.79 26.89
N ILE BA 222 -52.32 -63.85 27.11
CA ILE BA 222 -51.67 -63.10 28.18
C ILE BA 222 -50.40 -62.48 27.62
N THR BA 223 -50.18 -61.20 27.91
CA THR BA 223 -48.96 -60.55 27.46
C THR BA 223 -47.93 -60.34 28.57
N SER BA 224 -48.33 -60.36 29.84
CA SER BA 224 -47.41 -60.15 30.94
C SER BA 224 -48.01 -60.73 32.21
N LEU BA 225 -47.17 -60.87 33.25
CA LEU BA 225 -47.57 -61.37 34.55
C LEU BA 225 -46.53 -60.94 35.57
N LYS BA 226 -46.93 -60.95 36.85
CA LYS BA 226 -46.04 -60.48 37.90
C LYS BA 226 -46.45 -61.05 39.25
N PHE BA 227 -45.53 -61.71 39.94
CA PHE BA 227 -45.75 -62.14 41.31
C PHE BA 227 -45.64 -60.95 42.26
N ASN BA 228 -46.26 -61.07 43.42
CA ASN BA 228 -46.09 -60.03 44.44
C ASN BA 228 -44.88 -60.36 45.33
N GLN BA 229 -44.52 -59.39 46.16
CA GLN BA 229 -43.37 -59.57 47.04
C GLN BA 229 -43.78 -60.21 48.36
N ASN BA 230 -44.68 -59.55 49.09
CA ASN BA 230 -45.22 -60.08 50.33
C ASN BA 230 -46.60 -60.68 50.05
N GLU BA 231 -47.00 -61.62 50.89
CA GLU BA 231 -48.06 -62.59 50.61
C GLU BA 231 -47.79 -63.24 49.25
N THR BA 232 -46.67 -63.97 49.21
CA THR BA 232 -45.93 -64.22 47.97
C THR BA 232 -46.67 -65.10 46.97
N ASP BA 233 -47.71 -65.83 47.39
CA ASP BA 233 -48.42 -66.74 46.50
C ASP BA 233 -49.54 -66.06 45.72
N ILE BA 234 -49.48 -64.74 45.54
CA ILE BA 234 -50.43 -64.01 44.72
C ILE BA 234 -49.75 -63.66 43.40
N LEU BA 235 -50.25 -64.20 42.31
CA LEU BA 235 -49.70 -63.93 40.98
C LEU BA 235 -50.74 -63.17 40.18
N ALA BA 236 -50.39 -61.98 39.75
CA ALA BA 236 -51.24 -61.18 38.88
C ALA BA 236 -50.76 -61.30 37.44
N SER BA 237 -51.69 -61.11 36.51
CA SER BA 237 -51.33 -61.15 35.11
C SER BA 237 -52.22 -60.23 34.32
N THR BA 238 -51.70 -59.78 33.19
CA THR BA 238 -52.43 -58.91 32.29
C THR BA 238 -52.85 -59.74 31.09
N GLY BA 239 -54.15 -59.77 30.81
CA GLY BA 239 -54.68 -60.43 29.65
C GLY BA 239 -54.60 -59.53 28.43
N SER BA 240 -54.99 -60.08 27.29
CA SER BA 240 -54.90 -59.34 26.03
C SER BA 240 -56.21 -58.72 25.61
N ASP BA 241 -57.35 -59.33 25.95
CA ASP BA 241 -58.66 -58.74 25.69
C ASP BA 241 -59.06 -57.86 26.88
N ASN BA 242 -58.30 -56.75 27.02
CA ASN BA 242 -58.35 -55.68 28.02
C ASN BA 242 -58.75 -56.13 29.42
N SER BA 243 -58.04 -57.11 29.95
CA SER BA 243 -58.45 -57.80 31.16
C SER BA 243 -57.26 -57.97 32.10
N ILE BA 244 -57.49 -57.73 33.38
CA ILE BA 244 -56.51 -57.97 34.43
C ILE BA 244 -57.02 -59.11 35.30
N VAL BA 245 -56.20 -60.13 35.48
CA VAL BA 245 -56.59 -61.34 36.21
C VAL BA 245 -55.69 -61.50 37.43
N LEU BA 246 -56.18 -62.21 38.43
CA LEU BA 246 -55.44 -62.50 39.65
C LEU BA 246 -55.53 -63.99 39.98
N TYR BA 247 -54.44 -64.52 40.54
CA TYR BA 247 -54.41 -65.89 41.02
C TYR BA 247 -53.87 -65.96 42.44
N ASP BA 248 -54.27 -67.00 43.17
CA ASP BA 248 -53.68 -67.37 44.44
C ASP BA 248 -53.15 -68.79 44.29
N LEU BA 249 -51.86 -68.98 44.57
CA LEU BA 249 -51.24 -70.27 44.33
C LEU BA 249 -51.65 -71.30 45.37
N ARG BA 250 -51.79 -70.91 46.64
CA ARG BA 250 -52.12 -71.86 47.69
C ARG BA 250 -53.58 -72.31 47.61
N THR BA 251 -54.44 -71.55 46.93
CA THR BA 251 -55.80 -71.99 46.65
C THR BA 251 -55.89 -72.80 45.36
N ASN BA 252 -54.83 -72.79 44.55
CA ASN BA 252 -54.73 -73.52 43.27
C ASN BA 252 -55.84 -73.12 42.30
N SER BA 253 -56.19 -71.84 42.29
CA SER BA 253 -57.27 -71.36 41.44
C SER BA 253 -57.10 -69.87 41.22
N PRO BA 254 -57.42 -69.36 40.03
CA PRO BA 254 -57.53 -67.91 39.83
C PRO BA 254 -58.72 -67.34 40.61
N THR BA 255 -58.64 -66.04 40.91
CA THR BA 255 -59.66 -65.39 41.70
C THR BA 255 -60.74 -64.74 40.84
N GLN BA 256 -60.36 -63.77 39.99
CA GLN BA 256 -61.34 -63.01 39.23
C GLN BA 256 -60.64 -62.38 38.04
N LYS BA 257 -61.43 -61.70 37.21
CA LYS BA 257 -60.93 -60.96 36.07
C LYS BA 257 -61.64 -59.61 36.00
N ILE BA 258 -60.95 -58.54 36.36
CA ILE BA 258 -61.47 -57.20 36.09
C ILE BA 258 -61.17 -56.84 34.65
N VAL BA 259 -62.20 -56.38 33.94
CA VAL BA 259 -62.08 -56.02 32.53
C VAL BA 259 -62.08 -54.50 32.46
N GLN BA 260 -61.32 -53.97 31.51
CA GLN BA 260 -61.14 -52.52 31.38
C GLN BA 260 -61.59 -52.06 29.99
N THR BA 261 -61.40 -50.76 29.74
CA THR BA 261 -61.80 -50.19 28.45
C THR BA 261 -60.89 -50.67 27.33
N MET BA 262 -59.58 -50.60 27.54
CA MET BA 262 -58.62 -51.01 26.53
C MET BA 262 -57.37 -51.49 27.25
N ARG BA 263 -56.57 -52.31 26.55
CA ARG BA 263 -55.64 -53.23 27.19
C ARG BA 263 -54.45 -52.51 27.83
N THR BA 264 -53.83 -53.20 28.79
CA THR BA 264 -52.68 -52.69 29.52
C THR BA 264 -51.45 -53.52 29.17
N ASN BA 265 -50.29 -53.07 29.63
CA ASN BA 265 -49.04 -53.74 29.32
C ASN BA 265 -48.39 -54.41 30.53
N ALA BA 266 -48.08 -53.63 31.57
CA ALA BA 266 -47.20 -54.10 32.62
C ALA BA 266 -47.84 -53.91 33.99
N ILE BA 267 -47.43 -54.77 34.92
CA ILE BA 267 -47.88 -54.72 36.30
C ILE BA 267 -46.68 -55.00 37.19
N CYS BA 268 -46.63 -54.30 38.33
CA CYS BA 268 -45.68 -54.65 39.38
C CYS BA 268 -46.31 -54.29 40.71
N TRP BA 269 -45.95 -55.04 41.74
CA TRP BA 269 -46.61 -54.94 43.02
C TRP BA 269 -45.88 -53.97 43.93
N ASN BA 270 -46.63 -53.33 44.82
CA ASN BA 270 -46.02 -52.52 45.86
C ASN BA 270 -45.33 -53.44 46.85
N PRO BA 271 -44.03 -53.27 47.10
CA PRO BA 271 -43.35 -54.15 48.05
C PRO BA 271 -43.73 -53.89 49.49
N MET BA 272 -44.08 -52.65 49.85
CA MET BA 272 -44.38 -52.35 51.24
C MET BA 272 -45.85 -52.54 51.58
N GLU BA 273 -46.72 -52.59 50.59
CA GLU BA 273 -48.16 -52.66 50.85
C GLU BA 273 -48.79 -54.00 50.55
N ALA BA 274 -48.33 -54.69 49.50
CA ALA BA 274 -48.62 -56.09 49.13
C ALA BA 274 -50.06 -56.36 48.69
N PHE BA 275 -50.96 -55.38 48.76
CA PHE BA 275 -52.25 -55.51 48.11
C PHE BA 275 -52.45 -54.45 47.04
N ASN BA 276 -51.44 -53.64 46.77
CA ASN BA 276 -51.54 -52.55 45.82
C ASN BA 276 -50.57 -52.80 44.67
N PHE BA 277 -51.02 -52.49 43.46
CA PHE BA 277 -50.21 -52.70 42.27
C PHE BA 277 -50.54 -51.61 41.26
N VAL BA 278 -49.57 -51.31 40.41
CA VAL BA 278 -49.72 -50.29 39.37
C VAL BA 278 -49.87 -50.99 38.03
N THR BA 279 -50.87 -50.57 37.26
CA THR BA 279 -51.13 -51.10 35.93
C THR BA 279 -50.88 -50.02 34.89
N ALA BA 280 -50.32 -50.41 33.76
CA ALA BA 280 -49.90 -49.49 32.71
C ALA BA 280 -50.80 -49.66 31.50
N ASN BA 281 -51.93 -48.95 31.49
CA ASN BA 281 -52.90 -49.04 30.41
C ASN BA 281 -52.48 -48.20 29.22
N GLU BA 282 -52.61 -48.76 28.03
CA GLU BA 282 -52.02 -48.26 26.78
C GLU BA 282 -52.63 -46.92 26.30
N ASP BA 283 -53.44 -46.20 27.06
CA ASP BA 283 -53.61 -44.77 26.86
C ASP BA 283 -52.48 -44.04 27.59
N HIS BA 284 -52.64 -42.74 27.83
CA HIS BA 284 -51.63 -42.00 28.59
C HIS BA 284 -51.84 -42.07 30.12
N ASN BA 285 -52.20 -43.26 30.59
CA ASN BA 285 -52.61 -43.41 31.98
C ASN BA 285 -51.93 -44.60 32.64
N ALA BA 286 -51.63 -44.43 33.92
CA ALA BA 286 -51.26 -45.53 34.81
C ALA BA 286 -52.21 -45.53 35.98
N TYR BA 287 -52.65 -46.73 36.37
CA TYR BA 287 -53.69 -46.87 37.37
C TYR BA 287 -53.17 -47.58 38.61
N TYR BA 288 -53.60 -47.09 39.76
CA TYR BA 288 -53.21 -47.64 41.06
C TYR BA 288 -54.42 -48.32 41.66
N TYR BA 289 -54.30 -49.61 41.97
CA TYR BA 289 -55.43 -50.42 42.38
C TYR BA 289 -55.28 -50.93 43.80
N ASP BA 290 -56.23 -51.76 44.21
CA ASP BA 290 -56.23 -52.47 45.48
C ASP BA 290 -56.96 -53.78 45.27
N MET BA 291 -56.39 -54.87 45.79
CA MET BA 291 -56.92 -56.20 45.51
C MET BA 291 -58.23 -56.48 46.25
N ARG BA 292 -58.52 -55.73 47.32
CA ARG BA 292 -59.74 -55.96 48.08
C ARG BA 292 -60.96 -55.52 47.29
N ASN BA 293 -60.89 -54.35 46.66
CA ASN BA 293 -61.95 -53.87 45.78
C ASN BA 293 -61.31 -53.29 44.54
N LEU BA 294 -61.58 -53.93 43.40
CA LEU BA 294 -61.01 -53.49 42.13
C LEU BA 294 -61.83 -52.41 41.44
N SER BA 295 -63.04 -52.13 41.92
CA SER BA 295 -63.87 -51.11 41.29
C SER BA 295 -63.40 -49.70 41.64
N ARG BA 296 -62.83 -49.51 42.83
CA ARG BA 296 -62.32 -48.20 43.24
C ARG BA 296 -60.80 -48.24 43.11
N SER BA 297 -60.30 -47.70 41.99
CA SER BA 297 -58.87 -47.52 41.83
C SER BA 297 -58.40 -46.42 42.78
N LEU BA 298 -57.28 -46.69 43.48
CA LEU BA 298 -56.86 -45.79 44.53
C LEU BA 298 -56.30 -44.48 43.97
N ASN BA 299 -55.59 -44.54 42.84
CA ASN BA 299 -55.00 -43.35 42.26
C ASN BA 299 -54.85 -43.56 40.76
N VAL BA 300 -54.77 -42.46 40.01
CA VAL BA 300 -54.44 -42.52 38.59
C VAL BA 300 -53.28 -41.57 38.34
N PHE BA 301 -52.58 -41.79 37.24
CA PHE BA 301 -51.49 -40.93 36.81
C PHE BA 301 -51.64 -40.71 35.32
N LYS BA 302 -51.83 -39.47 34.89
CA LYS BA 302 -52.20 -39.17 33.52
C LYS BA 302 -51.32 -38.08 32.93
N ASP BA 303 -50.00 -38.20 33.07
CA ASP BA 303 -49.09 -37.16 32.62
C ASP BA 303 -48.30 -37.54 31.37
N HIS BA 304 -48.63 -38.64 30.71
CA HIS BA 304 -47.94 -39.05 29.50
C HIS BA 304 -48.60 -38.42 28.28
N VAL BA 305 -48.28 -38.92 27.09
CA VAL BA 305 -49.08 -38.62 25.91
C VAL BA 305 -49.42 -39.84 25.08
N SER BA 306 -48.74 -40.97 25.23
CA SER BA 306 -48.93 -42.13 24.38
C SER BA 306 -49.07 -43.39 25.24
N ALA BA 307 -49.00 -44.54 24.60
CA ALA BA 307 -49.13 -45.82 25.28
C ALA BA 307 -47.93 -46.07 26.18
N VAL BA 308 -48.22 -46.50 27.41
CA VAL BA 308 -47.20 -46.76 28.42
C VAL BA 308 -46.81 -48.24 28.39
N MET BA 309 -45.51 -48.50 28.33
CA MET BA 309 -45.01 -49.87 28.25
C MET BA 309 -44.78 -50.50 29.62
N ASP BA 310 -44.22 -49.75 30.56
CA ASP BA 310 -43.73 -50.32 31.80
C ASP BA 310 -44.02 -49.42 32.99
N VAL BA 311 -44.12 -50.04 34.16
CA VAL BA 311 -44.21 -49.37 35.45
C VAL BA 311 -43.37 -50.16 36.45
N ASP BA 312 -42.76 -49.46 37.40
CA ASP BA 312 -42.00 -50.14 38.43
C ASP BA 312 -42.03 -49.34 39.73
N PHE BA 313 -42.39 -50.02 40.82
CA PHE BA 313 -42.38 -49.40 42.13
C PHE BA 313 -40.95 -49.18 42.63
N SER BA 314 -40.79 -48.16 43.45
CA SER BA 314 -39.59 -48.04 44.25
C SER BA 314 -39.62 -49.12 45.33
N PRO BA 315 -38.46 -49.64 45.73
CA PRO BA 315 -38.42 -50.61 46.83
C PRO BA 315 -38.77 -50.01 48.18
N THR BA 316 -38.76 -48.68 48.32
CA THR BA 316 -39.31 -48.03 49.51
C THR BA 316 -40.81 -47.78 49.41
N GLY BA 317 -41.44 -48.18 48.32
CA GLY BA 317 -42.89 -48.15 48.23
C GLY BA 317 -43.50 -46.77 48.15
N ASP BA 318 -42.72 -45.74 47.85
CA ASP BA 318 -43.17 -44.36 47.84
C ASP BA 318 -43.38 -43.82 46.44
N GLU BA 319 -42.47 -44.09 45.53
CA GLU BA 319 -42.51 -43.52 44.18
C GLU BA 319 -42.65 -44.62 43.15
N ILE BA 320 -43.21 -44.26 42.00
CA ILE BA 320 -43.41 -45.17 40.88
C ILE BA 320 -42.78 -44.57 39.65
N VAL BA 321 -41.81 -45.27 39.07
CA VAL BA 321 -41.23 -44.87 37.80
C VAL BA 321 -42.03 -45.55 36.69
N THR BA 322 -42.07 -44.93 35.52
CA THR BA 322 -42.83 -45.47 34.41
C THR BA 322 -42.23 -44.96 33.09
N GLY BA 323 -42.56 -45.64 32.01
CA GLY BA 323 -42.07 -45.26 30.71
C GLY BA 323 -43.01 -45.63 29.58
N SER BA 324 -43.11 -44.77 28.58
CA SER BA 324 -44.12 -44.90 27.54
C SER BA 324 -43.46 -44.94 26.17
N TYR BA 325 -44.31 -45.04 25.13
CA TYR BA 325 -43.80 -45.17 23.77
C TYR BA 325 -43.18 -43.87 23.28
N ASP BA 326 -43.74 -42.71 23.66
CA ASP BA 326 -43.03 -41.47 23.46
C ASP BA 326 -41.79 -41.45 24.37
N LYS BA 327 -40.73 -40.84 23.87
CA LYS BA 327 -39.39 -40.97 24.44
C LYS BA 327 -39.32 -40.18 25.75
N SER BA 328 -39.87 -40.76 26.80
CA SER BA 328 -39.95 -40.08 28.09
C SER BA 328 -40.03 -41.11 29.20
N ILE BA 329 -39.64 -40.67 30.40
CA ILE BA 329 -39.72 -41.46 31.61
C ILE BA 329 -40.30 -40.57 32.70
N ARG BA 330 -41.41 -41.00 33.30
CA ARG BA 330 -42.09 -40.21 34.32
C ARG BA 330 -41.90 -40.84 35.69
N ILE BA 331 -41.65 -40.01 36.68
CA ILE BA 331 -41.58 -40.44 38.08
C ILE BA 331 -42.63 -39.65 38.85
N TYR BA 332 -43.41 -40.35 39.66
CA TYR BA 332 -44.35 -39.67 40.54
C TYR BA 332 -44.41 -40.36 41.89
N LYS BA 333 -44.80 -39.59 42.89
CA LYS BA 333 -45.09 -40.15 44.19
C LYS BA 333 -46.40 -40.93 44.16
N THR BA 334 -46.63 -41.72 45.21
CA THR BA 334 -47.82 -42.54 45.28
C THR BA 334 -49.07 -41.69 45.47
N ASN BA 335 -49.02 -40.72 46.39
CA ASN BA 335 -50.22 -39.98 46.76
C ASN BA 335 -50.60 -38.91 45.75
N HIS BA 336 -49.63 -38.31 45.06
CA HIS BA 336 -49.88 -37.05 44.36
C HIS BA 336 -50.71 -37.26 43.10
N GLY BA 337 -50.45 -38.32 42.35
CA GLY BA 337 -51.23 -38.56 41.15
C GLY BA 337 -50.80 -37.77 39.94
N HIS BA 338 -49.70 -37.04 40.00
CA HIS BA 338 -49.14 -36.36 38.84
C HIS BA 338 -47.63 -36.52 38.85
N SER BA 339 -47.05 -36.57 37.66
CA SER BA 339 -45.63 -36.91 37.52
C SER BA 339 -44.76 -35.77 38.02
N ARG BA 340 -43.92 -36.07 39.00
CA ARG BA 340 -43.07 -35.04 39.58
C ARG BA 340 -41.80 -34.79 38.78
N GLU BA 341 -41.47 -35.66 37.83
CA GLU BA 341 -40.23 -35.48 37.09
C GLU BA 341 -40.32 -36.22 35.76
N ILE BA 342 -39.71 -35.64 34.74
CA ILE BA 342 -39.64 -36.25 33.41
C ILE BA 342 -38.19 -36.34 32.98
N TYR BA 343 -37.77 -37.54 32.57
CA TYR BA 343 -36.44 -37.75 32.03
C TYR BA 343 -36.57 -38.10 30.54
N HIS BA 344 -35.73 -37.47 29.73
CA HIS BA 344 -35.77 -37.69 28.29
C HIS BA 344 -34.44 -37.31 27.69
N THR BA 345 -34.10 -37.98 26.59
CA THR BA 345 -32.97 -37.59 25.73
C THR BA 345 -33.39 -37.80 24.29
N LYS BA 346 -32.68 -37.10 23.38
CA LYS BA 346 -32.82 -37.42 21.96
C LYS BA 346 -32.22 -38.79 21.64
N ARG BA 347 -31.23 -39.21 22.44
CA ARG BA 347 -30.54 -40.47 22.24
C ARG BA 347 -31.33 -41.66 22.76
N MET BA 348 -32.44 -41.44 23.45
CA MET BA 348 -33.39 -42.51 23.76
C MET BA 348 -34.52 -42.45 22.75
N GLN BA 349 -35.01 -43.63 22.37
CA GLN BA 349 -36.23 -43.75 21.59
C GLN BA 349 -37.02 -44.94 22.12
N HIS BA 350 -38.28 -44.68 22.52
CA HIS BA 350 -39.30 -45.69 22.78
C HIS BA 350 -38.86 -46.68 23.87
N VAL BA 351 -38.79 -46.16 25.11
CA VAL BA 351 -38.50 -47.00 26.26
C VAL BA 351 -39.58 -48.06 26.42
N PHE BA 352 -39.15 -49.29 26.71
CA PHE BA 352 -40.04 -50.42 26.86
C PHE BA 352 -40.05 -51.02 28.26
N GLN BA 353 -38.91 -51.08 28.92
CA GLN BA 353 -38.82 -51.61 30.27
C GLN BA 353 -38.04 -50.63 31.13
N VAL BA 354 -38.64 -50.23 32.25
CA VAL BA 354 -37.96 -49.35 33.19
C VAL BA 354 -38.14 -49.92 34.59
N LYS BA 355 -37.03 -50.05 35.32
CA LYS BA 355 -37.07 -50.56 36.68
C LYS BA 355 -36.35 -49.59 37.60
N TYR BA 356 -36.71 -49.67 38.87
CA TYR BA 356 -35.96 -48.97 39.91
C TYR BA 356 -34.67 -49.71 40.21
N SER BA 357 -33.87 -49.15 41.10
CA SER BA 357 -32.81 -49.92 41.73
C SER BA 357 -33.42 -50.66 42.91
N MET BA 358 -32.58 -51.39 43.64
CA MET BA 358 -33.03 -52.09 44.82
C MET BA 358 -32.84 -51.25 46.08
N ASP BA 359 -32.04 -50.18 46.00
CA ASP BA 359 -32.00 -49.23 47.10
C ASP BA 359 -32.71 -47.91 46.78
N SER BA 360 -33.51 -47.86 45.70
CA SER BA 360 -34.39 -46.73 45.34
C SER BA 360 -33.62 -45.44 45.05
N LYS BA 361 -32.33 -45.53 44.76
CA LYS BA 361 -31.56 -44.34 44.42
C LYS BA 361 -31.26 -44.24 42.93
N TYR BA 362 -31.46 -45.31 42.18
CA TYR BA 362 -31.15 -45.32 40.75
C TYR BA 362 -32.31 -45.91 40.00
N ILE BA 363 -32.40 -45.59 38.70
CA ILE BA 363 -33.49 -46.04 37.85
C ILE BA 363 -32.88 -46.51 36.53
N ILE BA 364 -33.16 -47.75 36.16
CA ILE BA 364 -32.63 -48.34 34.95
C ILE BA 364 -33.70 -48.26 33.87
N SER BA 365 -33.34 -47.70 32.72
CA SER BA 365 -34.29 -47.47 31.63
C SER BA 365 -33.80 -48.19 30.39
N GLY BA 366 -34.69 -48.93 29.75
CA GLY BA 366 -34.40 -49.56 28.49
C GLY BA 366 -34.58 -48.61 27.33
N SER BA 367 -34.54 -49.17 26.12
CA SER BA 367 -34.73 -48.40 24.90
C SER BA 367 -35.10 -49.33 23.76
N ASP BA 368 -35.51 -48.73 22.66
CA ASP BA 368 -35.60 -49.42 21.38
C ASP BA 368 -34.33 -49.24 20.55
N ASP BA 369 -33.36 -48.47 21.06
CA ASP BA 369 -32.11 -48.21 20.36
C ASP BA 369 -31.02 -49.20 20.75
N GLY BA 370 -31.33 -50.19 21.59
CA GLY BA 370 -30.33 -51.13 22.03
C GLY BA 370 -29.46 -50.65 23.16
N ASN BA 371 -29.84 -49.56 23.83
CA ASN BA 371 -29.08 -49.03 24.94
C ASN BA 371 -29.86 -49.21 26.24
N VAL BA 372 -29.13 -49.54 27.30
CA VAL BA 372 -29.69 -49.68 28.63
C VAL BA 372 -29.07 -48.58 29.48
N ARG BA 373 -29.79 -47.49 29.66
CA ARG BA 373 -29.30 -46.38 30.46
C ARG BA 373 -29.65 -46.59 31.93
N LEU BA 374 -28.77 -46.11 32.80
CA LEU BA 374 -29.03 -46.08 34.22
C LEU BA 374 -29.08 -44.62 34.64
N TRP BA 375 -29.95 -44.31 35.60
CA TRP BA 375 -30.30 -42.92 35.90
C TRP BA 375 -30.31 -42.70 37.40
N ARG BA 376 -30.64 -41.48 37.79
CA ARG BA 376 -30.79 -41.12 39.19
C ARG BA 376 -32.26 -41.08 39.57
N SER BA 377 -32.53 -41.34 40.85
CA SER BA 377 -33.89 -41.20 41.35
C SER BA 377 -34.29 -39.73 41.45
N LYS BA 378 -33.57 -38.98 42.28
CA LYS BA 378 -33.69 -37.52 42.33
C LYS BA 378 -32.53 -36.93 41.54
N ALA BA 379 -32.84 -35.97 40.66
CA ALA BA 379 -31.82 -35.45 39.77
C ALA BA 379 -30.85 -34.49 40.46
N TRP BA 380 -31.20 -33.95 41.63
CA TRP BA 380 -30.32 -33.00 42.31
C TRP BA 380 -29.42 -33.66 43.33
N GLU BA 381 -29.78 -34.84 43.83
CA GLU BA 381 -28.94 -35.52 44.81
C GLU BA 381 -27.72 -36.13 44.13
N ARG BA 382 -26.74 -36.51 44.95
CA ARG BA 382 -25.50 -37.08 44.46
C ARG BA 382 -25.22 -38.40 45.17
N SER BA 383 -24.23 -39.11 44.65
CA SER BA 383 -23.86 -40.43 45.16
C SER BA 383 -22.84 -40.36 46.29
N ASN BA 384 -22.49 -39.16 46.74
CA ASN BA 384 -21.46 -38.99 47.74
C ASN BA 384 -21.94 -39.47 49.11
N VAL BA 385 -20.97 -39.73 49.99
CA VAL BA 385 -21.20 -39.67 51.42
C VAL BA 385 -20.77 -38.29 51.90
N LYS BA 386 -21.65 -37.62 52.62
CA LYS BA 386 -21.45 -36.22 52.98
C LYS BA 386 -21.07 -36.11 54.44
N THR BA 387 -20.43 -34.99 54.77
CA THR BA 387 -20.18 -34.69 56.16
C THR BA 387 -21.49 -34.28 56.84
N THR BA 388 -21.47 -34.29 58.18
CA THR BA 388 -22.69 -34.01 58.94
C THR BA 388 -23.13 -32.57 58.80
N ARG BA 389 -22.22 -31.66 58.46
CA ARG BA 389 -22.63 -30.29 58.17
C ARG BA 389 -23.34 -30.20 56.82
N GLU BA 390 -22.81 -30.89 55.81
CA GLU BA 390 -23.45 -30.85 54.49
C GLU BA 390 -24.70 -31.70 54.45
N LYS BA 391 -24.74 -32.80 55.22
CA LYS BA 391 -25.93 -33.65 55.27
C LYS BA 391 -27.11 -32.90 55.86
N ASN BA 392 -26.85 -32.11 56.92
CA ASN BA 392 -27.92 -31.33 57.55
C ASN BA 392 -28.41 -30.22 56.63
N LYS BA 393 -27.49 -29.53 55.95
CA LYS BA 393 -27.89 -28.38 55.14
C LYS BA 393 -28.61 -28.82 53.87
N LEU BA 394 -28.19 -29.95 53.28
CA LEU BA 394 -28.94 -30.52 52.17
C LEU BA 394 -30.32 -31.00 52.62
N GLU BA 395 -30.39 -31.57 53.83
CA GLU BA 395 -31.67 -31.92 54.43
C GLU BA 395 -32.51 -30.68 54.67
N TYR BA 396 -31.89 -29.61 55.19
CA TYR BA 396 -32.61 -28.38 55.52
C TYR BA 396 -33.12 -27.69 54.27
N ASP BA 397 -32.45 -27.90 53.14
CA ASP BA 397 -32.95 -27.38 51.88
C ASP BA 397 -34.17 -28.17 51.42
N GLU BA 398 -34.31 -29.42 51.86
CA GLU BA 398 -35.40 -30.27 51.36
C GLU BA 398 -36.68 -30.06 52.16
N LYS BA 399 -36.59 -30.05 53.49
CA LYS BA 399 -37.80 -29.92 54.32
C LYS BA 399 -38.39 -28.52 54.23
N LEU BA 400 -37.52 -27.50 54.11
CA LEU BA 400 -38.00 -26.14 53.90
C LEU BA 400 -38.64 -25.99 52.54
N LYS BA 401 -38.18 -26.76 51.55
CA LYS BA 401 -38.83 -26.77 50.25
C LYS BA 401 -40.18 -27.47 50.32
N GLU BA 402 -40.34 -28.41 51.26
CA GLU BA 402 -41.57 -29.19 51.35
C GLU BA 402 -42.74 -28.33 51.83
N ARG BA 403 -42.52 -27.54 52.88
CA ARG BA 403 -43.60 -26.73 53.42
C ARG BA 403 -43.85 -25.47 52.59
N PHE BA 404 -42.79 -24.94 51.97
CA PHE BA 404 -42.89 -23.73 51.16
C PHE BA 404 -43.10 -24.03 49.68
N ARG BA 405 -43.82 -25.10 49.35
CA ARG BA 405 -44.07 -25.42 47.95
C ARG BA 405 -45.12 -24.51 47.33
N HIS BA 406 -46.04 -23.98 48.15
CA HIS BA 406 -47.34 -23.55 47.66
C HIS BA 406 -47.41 -22.12 47.14
N MET BA 407 -46.47 -21.24 47.46
CA MET BA 407 -46.43 -19.97 46.74
C MET BA 407 -45.92 -20.19 45.32
N PRO BA 408 -46.49 -19.48 44.34
CA PRO BA 408 -46.36 -19.93 42.94
C PRO BA 408 -44.99 -19.76 42.33
N GLU BA 409 -44.06 -19.07 43.00
CA GLU BA 409 -42.74 -18.87 42.41
C GLU BA 409 -41.75 -19.90 42.89
N ILE BA 410 -42.07 -20.58 43.99
CA ILE BA 410 -41.49 -21.89 44.22
C ILE BA 410 -42.08 -22.88 43.22
N LYS BA 411 -43.38 -22.73 42.93
CA LYS BA 411 -44.04 -23.61 41.98
C LYS BA 411 -43.60 -23.31 40.54
N ARG BA 412 -43.15 -22.08 40.28
CA ARG BA 412 -42.75 -21.71 38.93
C ARG BA 412 -41.44 -22.39 38.55
N ILE BA 413 -40.48 -22.44 39.48
CA ILE BA 413 -39.18 -23.03 39.17
C ILE BA 413 -39.25 -24.56 39.26
N SER BA 414 -40.05 -25.09 40.18
CA SER BA 414 -40.09 -26.53 40.40
C SER BA 414 -40.87 -27.28 39.32
N ARG BA 415 -41.74 -26.60 38.58
CA ARG BA 415 -42.60 -27.31 37.64
C ARG BA 415 -42.03 -27.38 36.22
N HIS BA 416 -41.36 -26.32 35.76
CA HIS BA 416 -40.98 -26.23 34.36
C HIS BA 416 -39.80 -27.13 34.06
N ARG BA 417 -39.93 -27.92 33.00
CA ARG BA 417 -38.88 -28.81 32.53
C ARG BA 417 -38.89 -28.80 31.01
N HIS BA 418 -37.72 -29.02 30.42
CA HIS BA 418 -37.59 -29.00 28.98
C HIS BA 418 -38.08 -30.33 28.42
N VAL BA 419 -39.26 -30.34 27.80
CA VAL BA 419 -39.72 -31.55 27.13
C VAL BA 419 -39.59 -31.29 25.64
N PRO BA 420 -39.44 -32.32 24.81
CA PRO BA 420 -39.37 -32.08 23.36
C PRO BA 420 -40.72 -31.66 22.80
N GLN BA 421 -40.67 -31.05 21.61
CA GLN BA 421 -41.89 -30.59 20.97
C GLN BA 421 -42.73 -31.74 20.44
N VAL BA 422 -42.17 -32.94 20.34
CA VAL BA 422 -42.98 -34.12 20.03
C VAL BA 422 -43.95 -34.40 21.16
N ILE BA 423 -43.49 -34.30 22.40
CA ILE BA 423 -44.37 -34.43 23.54
C ILE BA 423 -45.29 -33.22 23.67
N LYS BA 424 -44.74 -32.02 23.45
CA LYS BA 424 -45.46 -30.80 23.79
C LYS BA 424 -46.61 -30.53 22.83
N LYS BA 425 -46.38 -30.73 21.52
CA LYS BA 425 -47.43 -30.46 20.53
C LYS BA 425 -48.60 -31.43 20.67
N ALA BA 426 -48.30 -32.71 20.88
CA ALA BA 426 -49.36 -33.70 21.04
C ALA BA 426 -50.08 -33.53 22.38
N GLN BA 427 -49.40 -33.01 23.40
CA GLN BA 427 -50.06 -32.69 24.66
C GLN BA 427 -51.03 -31.54 24.50
N GLU BA 428 -50.70 -30.56 23.64
CA GLU BA 428 -51.60 -29.46 23.36
C GLU BA 428 -52.86 -29.94 22.65
N ILE BA 429 -52.71 -30.88 21.70
CA ILE BA 429 -53.86 -31.46 21.03
C ILE BA 429 -54.69 -32.29 22.00
N LYS BA 430 -54.02 -33.01 22.90
CA LYS BA 430 -54.70 -33.81 23.92
C LYS BA 430 -55.44 -32.92 24.91
N ASN BA 431 -54.78 -31.84 25.37
CA ASN BA 431 -55.42 -30.95 26.34
C ASN BA 431 -56.56 -30.15 25.71
N ILE BA 432 -56.46 -29.86 24.42
CA ILE BA 432 -57.57 -29.23 23.71
C ILE BA 432 -58.74 -30.22 23.62
N GLU BA 433 -58.45 -31.47 23.27
CA GLU BA 433 -59.49 -32.47 23.13
C GLU BA 433 -60.09 -32.88 24.47
N LEU BA 434 -59.27 -32.92 25.53
CA LEU BA 434 -59.79 -33.26 26.85
C LEU BA 434 -60.67 -32.15 27.39
N SER BA 435 -60.26 -30.90 27.23
CA SER BA 435 -61.11 -29.79 27.61
C SER BA 435 -62.32 -29.67 26.69
N SER BA 436 -62.19 -30.12 25.44
CA SER BA 436 -63.37 -30.23 24.57
C SER BA 436 -64.35 -31.24 25.13
N ILE BA 437 -63.83 -32.36 25.64
CA ILE BA 437 -64.67 -33.40 26.22
C ILE BA 437 -65.36 -32.89 27.49
N LYS BA 438 -64.68 -32.03 28.25
CA LYS BA 438 -65.21 -31.54 29.52
C LYS BA 438 -66.43 -30.64 29.33
N ARG BA 439 -66.34 -29.62 28.45
CA ARG BA 439 -67.50 -28.76 28.28
C ARG BA 439 -68.57 -29.38 27.40
N ARG BA 440 -68.23 -30.38 26.60
CA ARG BA 440 -69.26 -31.11 25.88
C ARG BA 440 -70.00 -32.10 26.77
N GLU BA 441 -69.46 -32.39 27.95
CA GLU BA 441 -70.20 -33.13 28.96
C GLU BA 441 -70.89 -32.21 29.95
N ALA BA 442 -70.39 -30.98 30.11
CA ALA BA 442 -70.97 -30.04 31.06
C ALA BA 442 -72.32 -29.52 30.57
N ASN BA 443 -72.46 -29.29 29.26
CA ASN BA 443 -73.75 -28.87 28.73
C ASN BA 443 -74.75 -30.01 28.76
N GLU BA 444 -74.27 -31.25 28.64
CA GLU BA 444 -75.13 -32.42 28.85
C GLU BA 444 -75.50 -32.55 30.33
N ARG BA 445 -74.61 -32.13 31.22
CA ARG BA 445 -74.89 -32.17 32.65
C ARG BA 445 -75.95 -31.13 33.02
N ARG BA 446 -75.93 -29.98 32.34
CA ARG BA 446 -76.92 -28.94 32.63
C ARG BA 446 -78.29 -29.29 32.07
N THR BA 447 -78.33 -29.93 30.89
CA THR BA 447 -79.61 -30.23 30.26
C THR BA 447 -80.27 -31.46 30.89
N ARG BA 448 -79.53 -32.56 30.98
CA ARG BA 448 -80.05 -33.75 31.63
C ARG BA 448 -80.11 -33.55 33.14
N LYS BA 449 -81.10 -34.17 33.77
CA LYS BA 449 -81.44 -33.79 35.15
C LYS BA 449 -80.44 -34.36 36.15
N ASP BA 450 -80.36 -35.69 36.26
CA ASP BA 450 -79.45 -36.32 37.22
C ASP BA 450 -78.85 -37.57 36.57
N MET BA 451 -77.72 -37.39 35.93
CA MET BA 451 -76.87 -38.45 35.44
C MET BA 451 -75.86 -38.86 36.51
N PRO BA 452 -75.31 -40.07 36.45
CA PRO BA 452 -74.36 -40.49 37.49
C PRO BA 452 -73.07 -39.68 37.49
N TYR BA 453 -72.71 -39.18 38.67
CA TYR BA 453 -71.45 -38.47 38.89
C TYR BA 453 -70.34 -39.50 39.09
N ILE BA 454 -69.90 -40.07 37.96
CA ILE BA 454 -68.88 -41.11 37.99
C ILE BA 454 -67.54 -40.48 38.31
N SER BA 455 -66.86 -41.05 39.30
CA SER BA 455 -65.54 -40.56 39.70
C SER BA 455 -64.51 -40.91 38.64
N GLU BA 456 -63.49 -40.07 38.54
CA GLU BA 456 -62.41 -40.29 37.59
C GLU BA 456 -61.55 -41.49 37.97
N ARG BA 457 -61.59 -41.92 39.23
CA ARG BA 457 -60.98 -43.18 39.63
C ARG BA 457 -61.78 -44.40 39.18
N LYS BA 458 -63.02 -44.21 38.74
CA LYS BA 458 -63.89 -45.29 38.32
C LYS BA 458 -64.24 -45.24 36.83
N LYS BA 459 -63.79 -44.23 36.10
CA LYS BA 459 -64.21 -44.06 34.71
C LYS BA 459 -63.53 -45.03 33.77
N GLN BA 460 -62.44 -45.67 34.19
CA GLN BA 460 -61.63 -46.50 33.31
C GLN BA 460 -61.92 -47.98 33.44
N ILE BA 461 -63.03 -48.36 34.06
CA ILE BA 461 -63.38 -49.77 34.27
C ILE BA 461 -64.70 -50.04 33.56
N VAL BA 462 -64.68 -51.02 32.65
CA VAL BA 462 -65.92 -51.50 32.05
C VAL BA 462 -66.75 -52.26 33.10
N GLY BA 463 -66.11 -53.16 33.84
CA GLY BA 463 -66.81 -53.84 34.90
C GLY BA 463 -65.93 -54.91 35.53
N THR BA 464 -66.49 -55.55 36.55
CA THR BA 464 -65.84 -56.64 37.28
C THR BA 464 -66.69 -57.91 37.13
N VAL BA 465 -66.30 -58.95 37.87
CA VAL BA 465 -67.02 -60.21 37.83
C VAL BA 465 -68.30 -60.12 38.63
N VAL CA 1 -12.01 -86.54 -119.02
CA VAL CA 1 -12.86 -86.76 -117.86
C VAL CA 1 -13.88 -87.85 -118.16
N LEU CA 2 -14.95 -87.47 -118.87
CA LEU CA 2 -16.04 -88.39 -119.17
C LEU CA 2 -16.75 -87.93 -120.43
N LYS CA 3 -17.16 -88.89 -121.25
CA LYS CA 3 -18.06 -88.66 -122.37
C LYS CA 3 -19.05 -89.83 -122.39
N SER CA 4 -20.15 -89.67 -121.66
CA SER CA 4 -21.17 -90.72 -121.56
C SER CA 4 -22.52 -90.13 -121.92
N THR CA 5 -23.06 -90.54 -123.05
CA THR CA 5 -24.37 -90.09 -123.52
C THR CA 5 -25.40 -91.20 -123.29
N SER CA 6 -26.61 -90.94 -123.75
CA SER CA 6 -27.66 -91.96 -123.83
C SER CA 6 -27.87 -92.42 -125.25
N ALA CA 7 -26.77 -92.46 -126.03
CA ALA CA 7 -26.74 -92.85 -127.44
C ALA CA 7 -27.70 -92.02 -128.29
N ASN CA 8 -27.72 -90.71 -128.04
CA ASN CA 8 -28.59 -89.80 -128.79
C ASN CA 8 -27.84 -88.56 -129.26
N ASP CA 9 -26.49 -88.60 -129.25
CA ASP CA 9 -25.62 -87.47 -129.60
C ASP CA 9 -25.92 -86.23 -128.75
N VAL CA 10 -26.22 -86.47 -127.47
CA VAL CA 10 -26.35 -85.40 -126.48
C VAL CA 10 -25.25 -85.66 -125.46
N SER CA 11 -24.17 -84.88 -125.55
CA SER CA 11 -22.95 -85.17 -124.81
C SER CA 11 -23.12 -84.76 -123.36
N VAL CA 12 -23.61 -85.70 -122.56
CA VAL CA 12 -23.77 -85.49 -121.13
C VAL CA 12 -22.43 -85.70 -120.44
N TYR CA 13 -22.03 -84.72 -119.64
CA TYR CA 13 -20.81 -84.80 -118.85
C TYR CA 13 -21.16 -84.88 -117.38
N GLN CA 14 -20.50 -85.77 -116.66
CA GLN CA 14 -20.76 -86.03 -115.25
C GLN CA 14 -19.49 -85.75 -114.46
N VAL CA 15 -19.58 -84.86 -113.48
CA VAL CA 15 -18.42 -84.49 -112.68
C VAL CA 15 -18.64 -84.93 -111.24
N SER CA 16 -17.52 -85.20 -110.55
CA SER CA 16 -17.47 -85.66 -109.16
C SER CA 16 -18.27 -86.94 -108.93
N GLY CA 17 -18.32 -87.80 -109.94
CA GLY CA 17 -19.06 -89.05 -109.83
C GLY CA 17 -18.31 -90.08 -108.99
N THR CA 18 -18.93 -91.25 -108.87
CA THR CA 18 -18.31 -92.34 -108.12
C THR CA 18 -17.20 -93.03 -108.89
N ASN CA 19 -17.11 -92.80 -110.21
CA ASN CA 19 -16.01 -93.35 -110.97
C ASN CA 19 -14.70 -92.63 -110.65
N VAL CA 20 -14.73 -91.30 -110.57
CA VAL CA 20 -13.57 -90.52 -110.19
C VAL CA 20 -13.47 -90.51 -108.67
N SER CA 21 -12.25 -90.45 -108.18
CA SER CA 21 -11.99 -90.47 -106.75
C SER CA 21 -11.67 -89.06 -106.25
N ARG CA 22 -11.47 -88.94 -104.94
CA ARG CA 22 -11.02 -87.69 -104.36
C ARG CA 22 -9.54 -87.51 -104.69
N SER CA 23 -9.24 -86.52 -105.54
CA SER CA 23 -7.87 -86.28 -105.96
C SER CA 23 -7.01 -85.73 -104.82
N LEU CA 24 -7.62 -85.14 -103.80
CA LEU CA 24 -6.96 -84.78 -102.55
C LEU CA 24 -7.65 -85.51 -101.40
N PRO CA 25 -7.61 -86.85 -101.40
CA PRO CA 25 -8.32 -87.58 -100.34
C PRO CA 25 -7.63 -87.50 -98.99
N ASP CA 26 -6.31 -87.62 -98.95
CA ASP CA 26 -5.56 -87.49 -97.71
C ASP CA 26 -4.17 -86.99 -98.07
N TRP CA 27 -3.97 -85.68 -97.92
CA TRP CA 27 -2.69 -85.07 -98.30
C TRP CA 27 -1.57 -85.51 -97.37
N ILE CA 28 -1.85 -85.61 -96.08
CA ILE CA 28 -0.82 -86.01 -95.12
C ILE CA 28 -0.80 -87.52 -94.92
N ALA CA 29 -1.97 -88.14 -94.84
CA ALA CA 29 -2.03 -89.57 -94.57
C ALA CA 29 -1.69 -90.42 -95.79
N LYS CA 30 -2.10 -89.99 -96.98
CA LYS CA 30 -1.93 -90.82 -98.18
C LYS CA 30 -1.08 -90.15 -99.26
N LYS CA 31 -1.39 -88.90 -99.61
CA LYS CA 31 -0.83 -88.32 -100.83
C LYS CA 31 0.64 -87.94 -100.69
N ARG CA 32 1.10 -87.61 -99.48
CA ARG CA 32 2.51 -87.34 -99.27
C ARG CA 32 3.35 -88.59 -99.45
N LYS CA 33 2.87 -89.73 -98.94
CA LYS CA 33 3.59 -90.98 -99.08
C LYS CA 33 3.44 -91.58 -100.48
N ARG CA 34 2.28 -91.41 -101.11
CA ARG CA 34 2.01 -92.00 -102.41
C ARG CA 34 2.33 -91.07 -103.57
N GLN CA 35 2.97 -89.94 -103.30
CA GLN CA 35 3.43 -89.07 -104.38
C GLN CA 35 4.53 -89.74 -105.18
N LEU CA 36 5.54 -90.28 -104.50
CA LEU CA 36 6.55 -91.07 -105.18
C LEU CA 36 6.05 -92.47 -105.53
N LYS CA 37 5.18 -93.03 -104.69
CA LYS CA 37 4.65 -94.37 -104.94
C LYS CA 37 3.60 -94.39 -106.05
N ASN CA 38 3.09 -93.23 -106.46
CA ASN CA 38 2.13 -93.16 -107.56
C ASN CA 38 2.33 -91.83 -108.26
N ASP CA 39 2.90 -91.86 -109.47
CA ASP CA 39 2.96 -90.66 -110.30
C ASP CA 39 1.56 -90.19 -110.67
N LEU CA 40 0.72 -91.12 -111.13
CA LEU CA 40 -0.74 -91.00 -111.22
C LEU CA 40 -1.15 -89.82 -112.13
N GLU CA 41 -0.81 -89.98 -113.42
CA GLU CA 41 -1.21 -88.99 -114.41
C GLU CA 41 -2.72 -88.93 -114.59
N TYR CA 42 -3.40 -90.06 -114.37
CA TYR CA 42 -4.86 -90.07 -114.38
C TYR CA 42 -5.43 -89.30 -113.20
N GLN CA 43 -4.81 -89.44 -112.02
CA GLN CA 43 -5.31 -88.76 -110.83
C GLN CA 43 -4.97 -87.27 -110.87
N ASN CA 44 -3.84 -86.90 -111.46
CA ASN CA 44 -3.56 -85.50 -111.72
C ASN CA 44 -4.50 -84.94 -112.78
N ARG CA 45 -5.00 -85.80 -113.67
CA ARG CA 45 -6.04 -85.39 -114.60
C ARG CA 45 -7.42 -85.35 -113.97
N VAL CA 46 -7.59 -85.94 -112.79
CA VAL CA 46 -8.87 -85.86 -112.09
C VAL CA 46 -9.01 -84.47 -111.50
N GLU CA 47 -10.07 -83.77 -111.90
CA GLU CA 47 -10.31 -82.40 -111.48
C GLU CA 47 -11.49 -82.40 -110.52
N LEU CA 48 -11.20 -82.13 -109.24
CA LEU CA 48 -12.26 -82.00 -108.25
C LEU CA 48 -13.05 -80.73 -108.51
N ILE CA 49 -14.37 -80.81 -108.34
CA ILE CA 49 -15.26 -79.69 -108.55
C ILE CA 49 -15.88 -79.34 -107.20
N GLN CA 50 -15.82 -78.05 -106.85
CA GLN CA 50 -16.38 -77.37 -105.67
C GLN CA 50 -16.08 -78.04 -104.32
N ASP CA 51 -15.11 -78.95 -104.27
CA ASP CA 51 -14.23 -79.28 -103.14
C ASP CA 51 -14.97 -79.53 -101.82
N PHE CA 52 -15.82 -80.54 -101.84
CA PHE CA 52 -16.26 -81.21 -100.62
C PHE CA 52 -16.68 -82.62 -100.98
N GLU CA 53 -16.82 -83.45 -99.95
CA GLU CA 53 -17.37 -84.79 -100.10
C GLU CA 53 -18.47 -84.98 -99.06
N PHE CA 54 -19.51 -85.69 -99.44
CA PHE CA 54 -20.70 -85.72 -98.58
C PHE CA 54 -21.19 -87.17 -98.54
N SER CA 55 -20.96 -87.81 -97.40
CA SER CA 55 -21.15 -89.24 -97.26
C SER CA 55 -22.57 -89.56 -96.82
N GLU CA 56 -23.18 -90.55 -97.49
CA GLU CA 56 -24.62 -90.85 -97.42
C GLU CA 56 -25.44 -89.58 -97.59
N ALA CA 57 -25.30 -88.99 -98.78
CA ALA CA 57 -25.33 -87.54 -98.99
C ALA CA 57 -26.58 -86.86 -98.47
N SER CA 58 -27.74 -87.09 -99.09
CA SER CA 58 -28.92 -86.41 -98.57
C SER CA 58 -30.18 -87.13 -98.99
N ASN CA 59 -31.23 -86.86 -98.23
CA ASN CA 59 -32.60 -87.04 -98.67
C ASN CA 59 -33.24 -85.72 -99.08
N LYS CA 60 -32.47 -84.64 -99.10
CA LYS CA 60 -32.96 -83.32 -99.52
C LYS CA 60 -31.78 -82.46 -99.95
N ILE CA 61 -31.80 -82.02 -101.20
CA ILE CA 61 -30.82 -81.06 -101.71
C ILE CA 61 -31.58 -79.85 -102.20
N LYS CA 62 -30.95 -78.68 -102.08
CA LYS CA 62 -31.59 -77.43 -102.48
C LYS CA 62 -30.53 -76.43 -102.92
N VAL CA 63 -30.93 -75.53 -103.81
CA VAL CA 63 -30.10 -74.41 -104.26
C VAL CA 63 -30.95 -73.16 -104.22
N SER CA 64 -30.48 -72.14 -103.51
CA SER CA 64 -31.15 -70.85 -103.54
C SER CA 64 -31.00 -70.19 -104.91
N ARG CA 65 -32.08 -69.59 -105.41
CA ARG CA 65 -32.06 -68.97 -106.72
C ARG CA 65 -31.26 -67.67 -106.74
N ASP CA 66 -30.97 -67.10 -105.58
CA ASP CA 66 -30.19 -65.89 -105.48
C ASP CA 66 -29.12 -66.07 -104.43
N GLY CA 67 -27.97 -65.46 -104.66
CA GLY CA 67 -26.80 -65.64 -103.82
C GLY CA 67 -25.88 -66.76 -104.23
N GLN CA 68 -26.35 -67.67 -105.10
CA GLN CA 68 -25.58 -68.81 -105.62
C GLN CA 68 -25.04 -69.66 -104.48
N TYR CA 69 -25.98 -70.26 -103.75
CA TYR CA 69 -25.69 -71.12 -102.62
C TYR CA 69 -26.41 -72.46 -102.77
N CYS CA 70 -25.90 -73.47 -102.07
CA CYS CA 70 -26.47 -74.81 -102.08
C CYS CA 70 -26.75 -75.29 -100.67
N MET CA 71 -27.72 -76.20 -100.55
CA MET CA 71 -28.23 -76.67 -99.26
C MET CA 71 -28.21 -78.19 -99.26
N ALA CA 72 -27.72 -78.78 -98.16
CA ALA CA 72 -27.55 -80.23 -98.08
C ALA CA 72 -27.76 -80.74 -96.66
N THR CA 73 -28.32 -81.96 -96.55
CA THR CA 73 -28.72 -82.57 -95.27
C THR CA 73 -28.08 -83.95 -95.15
N GLY CA 74 -26.99 -84.04 -94.39
CA GLY CA 74 -26.28 -85.31 -94.25
C GLY CA 74 -26.96 -86.29 -93.32
N THR CA 75 -26.61 -87.57 -93.47
CA THR CA 75 -27.30 -88.65 -92.76
C THR CA 75 -26.38 -89.65 -92.06
N TYR CA 76 -25.05 -89.55 -92.20
CA TYR CA 76 -24.17 -90.27 -91.28
C TYR CA 76 -24.38 -89.81 -89.85
N LYS CA 77 -24.39 -88.51 -89.66
CA LYS CA 77 -25.12 -87.85 -88.59
C LYS CA 77 -26.06 -86.84 -89.24
N PRO CA 78 -27.17 -86.51 -88.59
CA PRO CA 78 -28.03 -85.43 -89.08
C PRO CA 78 -27.29 -84.10 -89.20
N GLN CA 79 -27.16 -83.64 -90.44
CA GLN CA 79 -26.31 -82.51 -90.78
C GLN CA 79 -27.14 -81.46 -91.50
N ILE CA 80 -26.70 -80.21 -91.40
CA ILE CA 80 -27.14 -79.15 -92.30
C ILE CA 80 -25.87 -78.48 -92.84
N HIS CA 81 -25.91 -78.12 -94.12
CA HIS CA 81 -24.67 -77.80 -94.83
C HIS CA 81 -24.88 -76.64 -95.79
N VAL CA 82 -23.96 -75.67 -95.73
CA VAL CA 82 -23.99 -74.49 -96.57
C VAL CA 82 -22.80 -74.54 -97.51
N TYR CA 83 -23.04 -74.35 -98.80
CA TYR CA 83 -21.98 -74.30 -99.80
C TYR CA 83 -22.15 -73.03 -100.63
N ASP CA 84 -21.03 -72.38 -100.93
CA ASP CA 84 -21.02 -71.11 -101.62
C ASP CA 84 -20.34 -71.27 -102.97
N PHE CA 85 -21.10 -71.06 -104.05
CA PHE CA 85 -20.55 -71.15 -105.40
C PHE CA 85 -19.55 -70.05 -105.68
N ALA CA 86 -19.66 -68.91 -105.00
CA ALA CA 86 -18.65 -67.88 -105.09
C ALA CA 86 -17.38 -68.26 -104.33
N ASN CA 87 -17.46 -69.24 -103.43
CA ASN CA 87 -16.23 -69.65 -102.74
C ASN CA 87 -15.96 -71.15 -102.85
N LEU CA 88 -16.80 -71.91 -103.56
CA LEU CA 88 -16.46 -73.22 -104.13
C LEU CA 88 -16.11 -74.28 -103.09
N SER CA 89 -16.67 -74.19 -101.88
CA SER CA 89 -16.34 -75.17 -100.84
C SER CA 89 -17.44 -75.19 -99.79
N LEU CA 90 -17.14 -75.85 -98.67
CA LEU CA 90 -18.00 -75.85 -97.50
C LEU CA 90 -17.99 -74.47 -96.88
N LYS CA 91 -19.10 -73.74 -97.06
CA LYS CA 91 -19.23 -72.48 -96.34
C LYS CA 91 -19.47 -72.72 -94.86
N PHE CA 92 -20.32 -73.68 -94.53
CA PHE CA 92 -20.73 -73.89 -93.15
C PHE CA 92 -21.33 -75.28 -92.99
N ASP CA 93 -21.01 -75.91 -91.86
CA ASP CA 93 -21.55 -77.20 -91.48
C ASP CA 93 -22.06 -77.12 -90.04
N ARG CA 94 -23.26 -77.67 -89.82
CA ARG CA 94 -23.80 -77.79 -88.48
C ARG CA 94 -24.60 -79.09 -88.37
N HIS CA 95 -24.51 -79.70 -87.20
CA HIS CA 95 -25.34 -80.85 -86.89
C HIS CA 95 -26.76 -80.41 -86.57
N THR CA 96 -27.68 -81.38 -86.62
CA THR CA 96 -29.05 -81.16 -86.17
C THR CA 96 -29.54 -82.42 -85.49
N ASP CA 97 -30.80 -82.40 -85.08
CA ASP CA 97 -31.33 -83.48 -84.24
C ASP CA 97 -31.61 -84.73 -85.05
N ALA CA 98 -32.51 -84.64 -86.02
CA ALA CA 98 -32.92 -85.78 -86.81
C ALA CA 98 -32.68 -85.50 -88.28
N GLU CA 99 -32.92 -86.53 -89.10
CA GLU CA 99 -32.66 -86.45 -90.53
C GLU CA 99 -33.74 -85.64 -91.22
N ASN CA 100 -33.34 -84.58 -91.89
CA ASN CA 100 -34.28 -83.66 -92.55
C ASN CA 100 -34.85 -84.33 -93.79
N VAL CA 101 -36.05 -84.92 -93.66
CA VAL CA 101 -36.66 -85.57 -94.80
C VAL CA 101 -37.29 -84.57 -95.78
N ASP CA 102 -37.61 -83.36 -95.32
CA ASP CA 102 -38.02 -82.30 -96.23
C ASP CA 102 -37.52 -80.97 -95.67
N PHE CA 103 -37.35 -80.00 -96.58
CA PHE CA 103 -36.73 -78.74 -96.22
C PHE CA 103 -37.20 -77.67 -97.21
N THR CA 104 -37.37 -76.44 -96.72
CA THR CA 104 -37.57 -75.29 -97.58
C THR CA 104 -36.81 -74.10 -97.01
N ILE CA 105 -36.46 -73.18 -97.91
CA ILE CA 105 -35.59 -72.04 -97.61
C ILE CA 105 -36.41 -70.77 -97.77
N LEU CA 106 -35.97 -69.70 -97.09
CA LEU CA 106 -36.46 -68.36 -97.40
C LEU CA 106 -35.95 -67.95 -98.78
N SER CA 107 -36.62 -66.96 -99.38
CA SER CA 107 -36.46 -66.62 -100.79
C SER CA 107 -35.08 -66.08 -101.16
N ASP CA 108 -34.25 -65.71 -100.18
CA ASP CA 108 -32.94 -65.14 -100.46
C ASP CA 108 -31.86 -65.75 -99.58
N ASP CA 109 -30.82 -66.27 -100.24
CA ASP CA 109 -29.43 -66.50 -99.77
C ASP CA 109 -29.29 -66.92 -98.30
N TRP CA 110 -29.94 -68.05 -98.00
CA TRP CA 110 -29.65 -68.94 -96.85
C TRP CA 110 -29.91 -68.31 -95.49
N THR CA 111 -30.53 -67.12 -95.45
CA THR CA 111 -30.72 -66.40 -94.19
C THR CA 111 -31.61 -67.16 -93.23
N LYS CA 112 -32.74 -67.65 -93.70
CA LYS CA 112 -33.65 -68.40 -92.85
C LYS CA 112 -34.07 -69.68 -93.56
N SER CA 113 -34.20 -70.75 -92.78
CA SER CA 113 -34.35 -72.09 -93.32
C SER CA 113 -35.32 -72.89 -92.48
N VAL CA 114 -36.27 -73.55 -93.13
CA VAL CA 114 -37.32 -74.31 -92.47
C VAL CA 114 -37.10 -75.79 -92.74
N HIS CA 115 -36.96 -76.57 -91.68
CA HIS CA 115 -36.57 -77.97 -91.77
C HIS CA 115 -37.67 -78.87 -91.23
N LEU CA 116 -37.78 -80.07 -91.80
CA LEU CA 116 -38.78 -81.06 -91.38
C LEU CA 116 -38.12 -82.43 -91.34
N GLN CA 117 -38.35 -83.16 -90.25
CA GLN CA 117 -37.67 -84.43 -90.04
C GLN CA 117 -38.63 -85.59 -89.79
N ASN CA 118 -38.05 -86.73 -89.35
CA ASN CA 118 -38.86 -87.88 -88.95
C ASN CA 118 -39.75 -87.56 -87.77
N ASP CA 119 -39.22 -86.82 -86.79
CA ASP CA 119 -40.09 -86.32 -85.74
C ASP CA 119 -40.87 -85.11 -86.22
N ARG CA 120 -41.84 -84.69 -85.42
CA ARG CA 120 -42.80 -83.66 -85.81
C ARG CA 120 -42.33 -82.26 -85.45
N SER CA 121 -41.02 -82.02 -85.43
CA SER CA 121 -40.47 -80.72 -85.06
C SER CA 121 -40.07 -79.94 -86.30
N ILE CA 122 -40.61 -78.73 -86.43
CA ILE CA 122 -40.23 -77.80 -87.50
C ILE CA 122 -39.13 -76.90 -86.97
N GLN CA 123 -38.04 -76.80 -87.73
CA GLN CA 123 -36.86 -76.06 -87.30
C GLN CA 123 -36.77 -74.75 -88.09
N PHE CA 124 -37.06 -73.64 -87.44
CA PHE CA 124 -36.80 -72.31 -87.98
C PHE CA 124 -35.36 -71.96 -87.61
N GLN CA 125 -34.50 -71.85 -88.61
CA GLN CA 125 -33.08 -71.65 -88.39
C GLN CA 125 -32.63 -70.40 -89.12
N ASN CA 126 -32.16 -69.41 -88.37
CA ASN CA 126 -31.76 -68.11 -88.88
C ASN CA 126 -30.26 -68.11 -89.18
N LYS CA 127 -29.68 -66.91 -89.33
CA LYS CA 127 -28.24 -66.74 -89.49
C LYS CA 127 -27.44 -67.34 -88.34
N GLY CA 128 -28.00 -67.39 -87.13
CA GLY CA 128 -27.33 -68.03 -86.02
C GLY CA 128 -27.46 -69.54 -86.05
N GLY CA 129 -27.69 -70.15 -84.90
CA GLY CA 129 -27.84 -71.59 -84.86
C GLY CA 129 -29.05 -72.08 -84.10
N LEU CA 130 -29.97 -72.74 -84.82
CA LEU CA 130 -31.14 -73.43 -84.26
C LEU CA 130 -32.01 -72.48 -83.44
N HIS CA 131 -32.61 -71.52 -84.15
CA HIS CA 131 -33.33 -70.44 -83.51
C HIS CA 131 -34.57 -70.92 -82.76
N TYR CA 132 -35.34 -71.83 -83.34
CA TYR CA 132 -36.51 -72.34 -82.65
C TYR CA 132 -36.90 -73.70 -83.21
N THR CA 133 -37.44 -74.54 -82.33
CA THR CA 133 -38.00 -75.84 -82.69
C THR CA 133 -39.45 -75.90 -82.23
N THR CA 134 -40.33 -76.37 -83.11
CA THR CA 134 -41.77 -76.36 -82.87
C THR CA 134 -42.29 -77.80 -82.78
N ARG CA 135 -43.62 -77.92 -82.78
CA ARG CA 135 -44.27 -79.22 -82.84
C ARG CA 135 -45.37 -79.18 -83.89
N ILE CA 136 -45.58 -80.33 -84.54
CA ILE CA 136 -46.61 -80.48 -85.57
C ILE CA 136 -47.61 -81.48 -85.03
N PRO CA 137 -48.92 -81.26 -85.23
CA PRO CA 137 -49.92 -82.21 -84.70
C PRO CA 137 -49.83 -83.61 -85.28
N LYS CA 138 -49.65 -83.74 -86.58
CA LYS CA 138 -49.29 -85.02 -87.16
C LYS CA 138 -47.78 -85.10 -87.31
N PHE CA 139 -47.31 -86.08 -88.08
CA PHE CA 139 -45.89 -86.22 -88.36
C PHE CA 139 -45.46 -85.30 -89.50
N GLY CA 140 -44.29 -85.54 -90.06
CA GLY CA 140 -43.83 -84.73 -91.17
C GLY CA 140 -43.49 -85.53 -92.41
N ARG CA 141 -44.08 -85.16 -93.55
CA ARG CA 141 -43.72 -85.79 -94.82
C ARG CA 141 -43.52 -84.75 -95.91
N SER CA 142 -44.14 -83.58 -95.76
CA SER CA 142 -44.07 -82.56 -96.78
C SER CA 142 -44.38 -81.19 -96.18
N LEU CA 143 -43.68 -80.17 -96.68
CA LEU CA 143 -43.94 -78.79 -96.29
C LEU CA 143 -43.48 -77.87 -97.41
N VAL CA 144 -44.09 -76.69 -97.50
CA VAL CA 144 -43.78 -75.72 -98.54
C VAL CA 144 -44.28 -74.36 -98.07
N TYR CA 145 -43.69 -73.30 -98.63
CA TYR CA 145 -43.90 -71.94 -98.14
C TYR CA 145 -44.30 -71.00 -99.27
N ASN CA 146 -45.23 -70.10 -98.99
CA ASN CA 146 -45.60 -69.02 -99.90
C ASN CA 146 -45.23 -67.69 -99.26
N LYS CA 147 -44.41 -66.91 -99.97
CA LYS CA 147 -44.14 -65.55 -99.52
C LYS CA 147 -45.38 -64.67 -99.63
N VAL CA 148 -46.25 -64.95 -100.59
CA VAL CA 148 -47.56 -64.32 -100.62
C VAL CA 148 -48.39 -64.87 -99.46
N ASN CA 149 -49.05 -63.96 -98.74
CA ASN CA 149 -49.94 -64.19 -97.59
C ASN CA 149 -49.23 -64.75 -96.35
N CYS CA 150 -47.91 -64.91 -96.40
CA CYS CA 150 -47.05 -65.23 -95.25
C CYS CA 150 -47.46 -66.52 -94.55
N ASP CA 151 -47.36 -67.63 -95.27
CA ASP CA 151 -47.87 -68.89 -94.74
C ASP CA 151 -47.13 -70.08 -95.34
N LEU CA 152 -46.33 -70.74 -94.51
CA LEU CA 152 -45.95 -72.13 -94.72
C LEU CA 152 -47.13 -73.03 -94.37
N TYR CA 153 -47.18 -74.21 -94.98
CA TYR CA 153 -48.12 -75.21 -94.50
C TYR CA 153 -47.55 -76.62 -94.66
N VAL CA 154 -47.89 -77.45 -93.67
CA VAL CA 154 -47.26 -78.75 -93.41
C VAL CA 154 -48.36 -79.81 -93.38
N GLY CA 155 -48.09 -80.97 -93.98
CA GLY CA 155 -49.02 -82.08 -93.89
C GLY CA 155 -48.38 -83.45 -93.98
N ALA CA 156 -48.91 -84.42 -93.22
CA ALA CA 156 -48.46 -85.80 -93.30
C ALA CA 156 -49.58 -86.73 -92.81
N SER CA 157 -50.29 -87.34 -93.76
CA SER CA 157 -51.14 -88.53 -93.57
C SER CA 157 -52.26 -88.29 -92.56
N GLY CA 158 -53.20 -87.44 -92.94
CA GLY CA 158 -54.37 -87.26 -92.08
C GLY CA 158 -55.48 -86.38 -92.61
N ASN CA 159 -56.04 -85.57 -91.73
CA ASN CA 159 -57.25 -84.82 -92.03
C ASN CA 159 -57.08 -83.31 -92.01
N GLU CA 160 -56.11 -82.77 -91.28
CA GLU CA 160 -55.96 -81.34 -91.12
C GLU CA 160 -54.60 -80.89 -91.65
N LEU CA 161 -54.62 -79.91 -92.55
CA LEU CA 161 -53.40 -79.33 -93.11
C LEU CA 161 -53.05 -78.11 -92.28
N TYR CA 162 -51.84 -78.11 -91.73
CA TYR CA 162 -51.46 -77.14 -90.70
C TYR CA 162 -50.82 -75.93 -91.37
N ARG CA 163 -51.60 -74.87 -91.52
CA ARG CA 163 -51.14 -73.65 -92.18
C ARG CA 163 -50.39 -72.82 -91.14
N LEU CA 164 -49.05 -72.81 -91.26
CA LEU CA 164 -48.21 -72.02 -90.37
C LEU CA 164 -48.15 -70.60 -90.90
N ASN CA 165 -49.24 -69.86 -90.69
CA ASN CA 165 -49.30 -68.45 -91.03
C ASN CA 165 -48.40 -67.71 -90.05
N LEU CA 166 -47.18 -67.40 -90.48
CA LEU CA 166 -46.16 -66.94 -89.56
C LEU CA 166 -46.45 -65.52 -89.05
N GLU CA 167 -47.26 -64.76 -89.78
CA GLU CA 167 -47.75 -63.49 -89.25
C GLU CA 167 -48.61 -63.74 -88.02
N LYS CA 168 -48.42 -62.88 -87.01
CA LYS CA 168 -48.97 -62.90 -85.65
C LYS CA 168 -48.50 -64.10 -84.81
N GLY CA 169 -47.60 -64.93 -85.35
CA GLY CA 169 -46.89 -65.90 -84.53
C GLY CA 169 -47.66 -67.14 -84.14
N ARG CA 170 -48.70 -67.49 -84.86
CA ARG CA 170 -49.45 -68.71 -84.58
C ARG CA 170 -49.42 -69.61 -85.82
N PHE CA 171 -50.19 -70.69 -85.75
CA PHE CA 171 -50.52 -71.47 -86.94
C PHE CA 171 -52.02 -71.78 -86.88
N LEU CA 172 -52.69 -71.60 -88.01
CA LEU CA 172 -54.14 -71.63 -88.05
C LEU CA 172 -54.57 -72.45 -89.27
N ASN CA 173 -55.87 -72.35 -89.59
CA ASN CA 173 -56.50 -72.82 -90.82
C ASN CA 173 -56.31 -74.32 -91.04
N PRO CA 174 -56.97 -75.18 -90.26
CA PRO CA 174 -56.84 -76.62 -90.50
C PRO CA 174 -57.66 -77.05 -91.70
N PHE CA 175 -56.99 -77.30 -92.82
CA PHE CA 175 -57.68 -77.57 -94.08
C PHE CA 175 -58.13 -79.02 -94.09
N LYS CA 176 -59.39 -79.25 -94.44
CA LYS CA 176 -59.98 -80.58 -94.37
C LYS CA 176 -59.48 -81.43 -95.53
N LEU CA 177 -58.64 -82.42 -95.24
CA LEU CA 177 -58.20 -83.38 -96.24
C LEU CA 177 -59.19 -84.52 -96.40
N ASP CA 178 -58.95 -85.32 -97.44
CA ASP CA 178 -59.73 -86.51 -97.75
C ASP CA 178 -58.79 -87.71 -97.77
N THR CA 179 -59.23 -88.81 -97.13
CA THR CA 179 -58.61 -90.14 -97.01
C THR CA 179 -57.08 -90.16 -96.82
N GLU CA 180 -56.56 -89.17 -96.07
CA GLU CA 180 -55.22 -89.18 -95.47
C GLU CA 180 -54.09 -89.27 -96.49
N GLY CA 181 -54.27 -88.71 -97.68
CA GLY CA 181 -53.17 -88.65 -98.63
C GLY CA 181 -52.70 -87.25 -98.94
N VAL CA 182 -51.53 -86.89 -98.42
CA VAL CA 182 -50.95 -85.57 -98.66
C VAL CA 182 -49.44 -85.70 -98.93
N ASN CA 183 -49.03 -86.86 -99.45
CA ASN CA 183 -47.63 -87.29 -99.44
C ASN CA 183 -46.68 -86.34 -100.17
N HIS CA 184 -47.20 -85.52 -101.08
CA HIS CA 184 -46.46 -84.38 -101.58
C HIS CA 184 -47.34 -83.13 -101.49
N VAL CA 185 -46.70 -81.99 -101.33
CA VAL CA 185 -47.36 -80.70 -101.37
C VAL CA 185 -46.65 -79.85 -102.40
N SER CA 186 -47.39 -78.98 -103.08
CA SER CA 186 -46.84 -78.20 -104.17
C SER CA 186 -47.44 -76.80 -104.18
N ILE CA 187 -46.77 -75.91 -104.91
CA ILE CA 187 -47.09 -74.49 -104.95
C ILE CA 187 -47.27 -74.06 -106.39
N ASN CA 188 -48.38 -73.38 -106.67
CA ASN CA 188 -48.48 -72.55 -107.87
C ASN CA 188 -47.92 -71.18 -107.51
N GLU CA 189 -46.76 -70.84 -108.06
CA GLU CA 189 -45.97 -69.70 -107.62
C GLU CA 189 -46.65 -68.37 -107.93
N VAL CA 190 -47.50 -68.31 -108.96
CA VAL CA 190 -48.15 -67.07 -109.34
C VAL CA 190 -49.53 -66.89 -108.69
N ASN CA 191 -50.29 -67.97 -108.44
CA ASN CA 191 -51.64 -67.83 -107.93
C ASN CA 191 -51.93 -68.58 -106.65
N GLY CA 192 -51.03 -69.44 -106.18
CA GLY CA 192 -51.26 -70.13 -104.92
C GLY CA 192 -52.28 -71.24 -104.97
N LEU CA 193 -52.36 -71.98 -106.09
CA LEU CA 193 -53.13 -73.20 -106.11
C LEU CA 193 -52.47 -74.24 -105.23
N LEU CA 194 -53.23 -74.80 -104.30
CA LEU CA 194 -52.70 -75.86 -103.45
C LEU CA 194 -52.60 -77.16 -104.24
N ALA CA 195 -51.87 -78.12 -103.69
CA ALA CA 195 -51.76 -79.45 -104.28
C ALA CA 195 -51.39 -80.45 -103.19
N ALA CA 196 -52.06 -81.60 -103.19
CA ALA CA 196 -51.84 -82.65 -102.22
C ALA CA 196 -51.77 -83.99 -102.91
N GLY CA 197 -50.79 -84.81 -102.54
CA GLY CA 197 -50.63 -86.11 -103.15
C GLY CA 197 -51.41 -87.20 -102.43
N THR CA 198 -52.60 -87.52 -102.94
CA THR CA 198 -53.50 -88.45 -102.29
C THR CA 198 -53.16 -89.88 -102.70
N GLU CA 199 -53.39 -90.83 -101.79
CA GLU CA 199 -53.10 -92.23 -102.05
C GLU CA 199 -54.00 -92.86 -103.10
N THR CA 200 -55.11 -92.22 -103.46
CA THR CA 200 -56.02 -92.71 -104.48
C THR CA 200 -56.08 -91.76 -105.68
N ASN CA 201 -54.90 -91.27 -106.08
CA ASN CA 201 -54.64 -90.33 -107.18
C ASN CA 201 -55.66 -89.19 -107.28
N VAL CA 202 -55.82 -88.50 -106.16
CA VAL CA 202 -56.58 -87.25 -106.10
C VAL CA 202 -55.58 -86.13 -105.83
N VAL CA 203 -55.93 -84.92 -106.22
CA VAL CA 203 -55.17 -83.74 -105.84
C VAL CA 203 -56.15 -82.62 -105.48
N GLU CA 204 -55.85 -81.91 -104.40
CA GLU CA 204 -56.71 -80.82 -103.96
C GLU CA 204 -56.19 -79.50 -104.53
N PHE CA 205 -57.07 -78.50 -104.53
CA PHE CA 205 -56.73 -77.14 -104.90
C PHE CA 205 -57.52 -76.21 -103.98
N TRP CA 206 -56.83 -75.29 -103.32
CA TRP CA 206 -57.46 -74.42 -102.35
C TRP CA 206 -57.19 -72.96 -102.66
N ASP CA 207 -58.18 -72.12 -102.43
CA ASP CA 207 -57.97 -70.68 -102.41
C ASP CA 207 -57.48 -70.27 -101.02
N PRO CA 208 -56.26 -69.75 -100.88
CA PRO CA 208 -55.74 -69.48 -99.54
C PRO CA 208 -56.43 -68.32 -98.84
N ARG CA 209 -56.76 -67.26 -99.58
CA ARG CA 209 -57.45 -66.13 -98.98
C ARG CA 209 -58.88 -66.48 -98.60
N SER CA 210 -59.55 -67.29 -99.41
CA SER CA 210 -60.91 -67.71 -99.12
C SER CA 210 -60.98 -68.90 -98.16
N ARG CA 211 -59.84 -69.55 -97.91
CA ARG CA 211 -59.72 -70.70 -97.00
C ARG CA 211 -60.66 -71.85 -97.40
N SER CA 212 -60.80 -72.09 -98.70
CA SER CA 212 -61.74 -73.08 -99.19
C SER CA 212 -61.18 -73.79 -100.41
N ARG CA 213 -61.44 -75.09 -100.51
CA ARG CA 213 -61.07 -75.84 -101.68
C ARG CA 213 -62.08 -75.62 -102.80
N VAL CA 214 -61.66 -75.90 -104.03
CA VAL CA 214 -62.49 -75.57 -105.18
C VAL CA 214 -62.88 -76.80 -105.99
N SER CA 215 -62.01 -77.82 -106.01
CA SER CA 215 -62.23 -78.96 -106.89
C SER CA 215 -61.36 -80.13 -106.44
N LYS CA 216 -61.54 -81.26 -107.13
CA LYS CA 216 -60.69 -82.43 -107.00
C LYS CA 216 -60.43 -82.99 -108.39
N LEU CA 217 -59.33 -83.72 -108.54
CA LEU CA 217 -58.96 -84.33 -109.80
C LEU CA 217 -58.75 -85.82 -109.63
N TYR CA 218 -58.68 -86.53 -110.75
CA TYR CA 218 -58.44 -87.97 -110.74
C TYR CA 218 -57.50 -88.32 -111.88
N LEU CA 219 -56.56 -89.22 -111.60
CA LEU CA 219 -55.53 -89.61 -112.55
C LEU CA 219 -55.69 -91.10 -112.82
N GLU CA 220 -56.12 -91.45 -114.04
CA GLU CA 220 -56.49 -92.82 -114.37
C GLU CA 220 -55.52 -93.37 -115.41
N ASN CA 221 -54.70 -94.32 -114.99
CA ASN CA 221 -53.87 -95.06 -115.93
C ASN CA 221 -54.73 -95.96 -116.80
N ASN CA 222 -54.42 -96.01 -118.09
CA ASN CA 222 -55.15 -96.89 -119.00
C ASN CA 222 -54.85 -98.35 -118.71
N ILE CA 223 -53.63 -98.68 -118.31
CA ILE CA 223 -53.30 -100.04 -117.92
C ILE CA 223 -53.82 -100.32 -116.51
N ASP CA 224 -53.36 -99.53 -115.54
CA ASP CA 224 -53.82 -99.54 -114.14
C ASP CA 224 -53.65 -100.93 -113.50
N ASN CA 225 -52.38 -101.31 -113.34
CA ASN CA 225 -52.05 -102.58 -112.69
C ASN CA 225 -52.50 -102.59 -111.24
N ARG CA 226 -52.32 -101.49 -110.53
CA ARG CA 226 -52.69 -101.36 -109.13
C ARG CA 226 -53.19 -99.93 -108.92
N PRO CA 227 -54.10 -99.70 -107.98
CA PRO CA 227 -54.32 -98.33 -107.51
C PRO CA 227 -53.06 -97.73 -106.94
N PHE CA 228 -52.83 -96.46 -107.23
CA PHE CA 228 -51.55 -95.83 -106.97
C PHE CA 228 -51.73 -94.50 -106.26
N GLN CA 229 -50.69 -94.10 -105.54
CA GLN CA 229 -50.58 -92.75 -105.00
C GLN CA 229 -49.82 -91.88 -105.98
N VAL CA 230 -50.35 -90.69 -106.25
CA VAL CA 230 -49.54 -89.68 -106.93
C VAL CA 230 -48.47 -89.20 -105.95
N THR CA 231 -47.24 -89.17 -106.43
CA THR CA 231 -46.10 -89.00 -105.52
C THR CA 231 -45.52 -87.60 -105.52
N THR CA 232 -45.73 -86.85 -106.60
CA THR CA 232 -45.29 -85.45 -106.64
C THR CA 232 -46.18 -84.68 -107.60
N THR CA 233 -46.28 -83.38 -107.32
CA THR CA 233 -47.00 -82.43 -108.16
C THR CA 233 -46.15 -81.18 -108.27
N SER CA 234 -46.33 -80.44 -109.36
CA SER CA 234 -45.56 -79.23 -109.58
C SER CA 234 -46.29 -78.32 -110.55
N PHE CA 235 -46.12 -77.01 -110.37
CA PHE CA 235 -46.72 -76.00 -111.21
C PHE CA 235 -45.64 -75.22 -111.96
N ARG CA 236 -45.85 -75.02 -113.25
CA ARG CA 236 -44.92 -74.25 -114.06
C ARG CA 236 -45.01 -72.77 -113.71
N ASN CA 237 -43.95 -72.03 -114.08
CA ASN CA 237 -43.86 -70.62 -113.74
C ASN CA 237 -44.83 -69.76 -114.53
N ASP CA 238 -45.31 -70.23 -115.68
CA ASP CA 238 -46.24 -69.43 -116.48
C ASP CA 238 -47.65 -69.41 -115.91
N GLY CA 239 -47.97 -70.30 -114.97
CA GLY CA 239 -49.29 -70.37 -114.39
C GLY CA 239 -50.31 -71.12 -115.21
N LEU CA 240 -49.87 -71.92 -116.19
CA LEU CA 240 -50.80 -72.64 -117.06
C LEU CA 240 -50.73 -74.14 -116.86
N THR CA 241 -49.56 -74.75 -117.02
CA THR CA 241 -49.46 -76.20 -117.04
C THR CA 241 -49.26 -76.76 -115.64
N PHE CA 242 -49.69 -78.01 -115.47
CA PHE CA 242 -49.64 -78.72 -114.20
C PHE CA 242 -49.05 -80.11 -114.42
N ALA CA 243 -48.22 -80.55 -113.47
CA ALA CA 243 -47.56 -81.83 -113.60
C ALA CA 243 -47.96 -82.76 -112.46
N CYS CA 244 -48.08 -84.05 -112.80
CA CYS CA 244 -48.33 -85.09 -111.82
C CYS CA 244 -47.40 -86.26 -112.07
N GLY CA 245 -47.01 -86.94 -111.00
CA GLY CA 245 -46.18 -88.13 -111.09
C GLY CA 245 -46.45 -89.08 -109.95
N THR CA 246 -46.65 -90.36 -110.27
CA THR CA 246 -47.16 -91.34 -109.32
C THR CA 246 -46.09 -92.36 -108.95
N SER CA 247 -46.50 -93.34 -108.14
CA SER CA 247 -45.59 -94.40 -107.72
C SER CA 247 -45.37 -95.42 -108.84
N ASN CA 248 -46.26 -95.47 -109.83
CA ASN CA 248 -46.13 -96.41 -110.93
C ASN CA 248 -45.28 -95.88 -112.07
N GLY CA 249 -44.54 -94.79 -111.85
CA GLY CA 249 -43.66 -94.26 -112.87
C GLY CA 249 -44.36 -93.55 -114.00
N TYR CA 250 -45.61 -93.13 -113.79
CA TYR CA 250 -46.38 -92.45 -114.82
C TYR CA 250 -46.35 -90.95 -114.55
N SER CA 251 -45.78 -90.20 -115.49
CA SER CA 251 -45.69 -88.76 -115.40
C SER CA 251 -46.77 -88.14 -116.28
N TYR CA 252 -47.56 -87.24 -115.71
CA TYR CA 252 -48.67 -86.61 -116.39
C TYR CA 252 -48.41 -85.11 -116.49
N ILE CA 253 -48.50 -84.57 -117.69
CA ILE CA 253 -48.33 -83.14 -117.93
C ILE CA 253 -49.69 -82.59 -118.31
N TYR CA 254 -50.40 -82.03 -117.34
CA TYR CA 254 -51.78 -81.58 -117.52
C TYR CA 254 -51.81 -80.12 -117.93
N ASP CA 255 -52.09 -79.89 -119.21
CA ASP CA 255 -52.41 -78.54 -119.66
C ASP CA 255 -53.79 -78.17 -119.13
N LEU CA 256 -53.87 -77.08 -118.36
CA LEU CA 256 -55.12 -76.72 -117.71
C LEU CA 256 -56.11 -76.14 -118.70
N ARG CA 257 -56.86 -77.00 -119.37
CA ARG CA 257 -58.00 -76.58 -120.18
C ARG CA 257 -59.16 -77.56 -120.05
N THR CA 258 -59.41 -78.04 -118.83
CA THR CA 258 -60.46 -79.02 -118.48
C THR CA 258 -60.33 -80.28 -119.34
N SER CA 259 -59.21 -80.96 -119.12
CA SER CA 259 -58.87 -82.13 -119.91
C SER CA 259 -58.66 -83.31 -118.98
N GLU CA 260 -59.47 -84.35 -119.17
CA GLU CA 260 -59.16 -85.66 -118.60
C GLU CA 260 -57.78 -86.22 -119.00
N PRO CA 261 -57.36 -86.25 -120.29
CA PRO CA 261 -56.00 -86.74 -120.55
C PRO CA 261 -54.92 -85.68 -120.50
N SER CA 262 -53.71 -86.08 -120.85
CA SER CA 262 -52.51 -85.30 -120.59
C SER CA 262 -51.43 -85.75 -121.57
N ILE CA 263 -50.19 -85.37 -121.30
CA ILE CA 263 -49.03 -85.98 -121.93
C ILE CA 263 -48.56 -87.09 -120.99
N ILE CA 264 -48.82 -88.32 -121.37
CA ILE CA 264 -48.62 -89.48 -120.49
C ILE CA 264 -47.40 -90.24 -120.96
N LYS CA 265 -46.43 -90.41 -120.05
CA LYS CA 265 -45.28 -91.24 -120.31
C LYS CA 265 -44.98 -92.10 -119.07
N ASP CA 266 -44.45 -93.29 -119.33
CA ASP CA 266 -44.11 -94.23 -118.27
C ASP CA 266 -42.60 -94.45 -118.25
N GLN CA 267 -42.07 -94.61 -117.04
CA GLN CA 267 -40.66 -94.92 -116.89
C GLN CA 267 -40.41 -96.39 -117.22
N GLY CA 268 -39.13 -96.72 -117.43
CA GLY CA 268 -38.76 -98.08 -117.74
C GLY CA 268 -38.73 -99.01 -116.55
N TYR CA 269 -38.85 -98.48 -115.34
CA TYR CA 269 -38.80 -99.30 -114.13
C TYR CA 269 -40.03 -99.06 -113.27
N GLY CA 270 -40.52 -97.82 -113.26
CA GLY CA 270 -41.75 -97.48 -112.58
C GLY CA 270 -41.72 -97.63 -111.07
N PHE CA 271 -40.58 -97.33 -110.45
CA PHE CA 271 -40.48 -97.46 -108.99
C PHE CA 271 -41.28 -96.37 -108.30
N ASP CA 272 -41.21 -95.14 -108.82
CA ASP CA 272 -41.78 -93.94 -108.23
C ASP CA 272 -41.62 -92.83 -109.25
N ILE CA 273 -42.18 -91.67 -108.95
CA ILE CA 273 -41.80 -90.41 -109.60
C ILE CA 273 -41.49 -89.44 -108.49
N LYS CA 274 -40.22 -89.02 -108.41
CA LYS CA 274 -39.78 -88.28 -107.22
C LYS CA 274 -40.01 -86.79 -107.37
N LYS CA 275 -39.47 -86.18 -108.43
CA LYS CA 275 -39.59 -84.74 -108.60
C LYS CA 275 -39.68 -84.43 -110.08
N ILE CA 276 -40.41 -83.36 -110.39
CA ILE CA 276 -40.61 -82.91 -111.77
C ILE CA 276 -40.17 -81.46 -111.84
N ILE CA 277 -39.21 -81.17 -112.72
CA ILE CA 277 -38.62 -79.84 -112.85
C ILE CA 277 -38.78 -79.36 -114.27
N TRP CA 278 -39.27 -78.13 -114.43
CA TRP CA 278 -39.34 -77.52 -115.75
C TRP CA 278 -38.02 -76.86 -116.13
N LEU CA 279 -37.91 -76.50 -117.40
CA LEU CA 279 -36.78 -75.80 -117.97
C LEU CA 279 -37.23 -74.61 -118.80
N ASP CA 280 -38.26 -73.90 -118.32
CA ASP CA 280 -38.75 -72.71 -119.00
C ASP CA 280 -37.77 -71.55 -118.91
N ASN CA 281 -36.93 -71.52 -117.86
CA ASN CA 281 -36.00 -70.41 -117.67
C ASN CA 281 -34.87 -70.45 -118.69
N VAL CA 282 -34.56 -71.63 -119.21
CA VAL CA 282 -33.53 -71.78 -120.23
C VAL CA 282 -34.22 -71.88 -121.59
N GLY CA 283 -33.44 -71.69 -122.66
CA GLY CA 283 -33.96 -71.78 -124.00
C GLY CA 283 -34.30 -73.19 -124.41
N THR CA 284 -34.85 -73.32 -125.63
CA THR CA 284 -35.47 -74.54 -126.17
C THR CA 284 -36.54 -75.06 -125.21
N GLU CA 285 -37.62 -74.27 -125.16
CA GLU CA 285 -38.72 -74.41 -124.23
C GLU CA 285 -39.50 -75.71 -124.56
N ASN CA 286 -40.30 -76.16 -123.57
CA ASN CA 286 -41.08 -77.40 -123.50
C ASN CA 286 -40.21 -78.62 -123.26
N LYS CA 287 -39.10 -78.46 -122.55
CA LYS CA 287 -38.28 -79.56 -122.06
C LYS CA 287 -38.51 -79.68 -120.56
N ILE CA 288 -38.70 -80.92 -120.08
CA ILE CA 288 -39.05 -81.16 -118.69
C ILE CA 288 -38.38 -82.46 -118.26
N VAL CA 289 -37.99 -82.52 -116.99
CA VAL CA 289 -37.22 -83.64 -116.47
C VAL CA 289 -37.96 -84.24 -115.27
N THR CA 290 -38.17 -85.55 -115.31
CA THR CA 290 -38.70 -86.31 -114.19
C THR CA 290 -37.63 -87.28 -113.73
N CYS CA 291 -37.65 -87.62 -112.44
CA CYS CA 291 -36.63 -88.47 -111.85
C CYS CA 291 -37.28 -89.63 -111.11
N ASP CA 292 -36.79 -90.83 -111.38
CA ASP CA 292 -37.14 -92.01 -110.61
C ASP CA 292 -36.08 -92.22 -109.53
N LYS CA 293 -36.12 -93.38 -108.87
CA LYS CA 293 -35.08 -93.71 -107.91
C LYS CA 293 -33.73 -93.95 -108.58
N ARG CA 294 -33.75 -94.46 -109.82
CA ARG CA 294 -32.51 -94.85 -110.48
C ARG CA 294 -32.38 -94.29 -111.89
N ILE CA 295 -33.26 -93.39 -112.32
CA ILE CA 295 -33.12 -92.76 -113.62
C ILE CA 295 -33.71 -91.36 -113.55
N ALA CA 296 -33.02 -90.40 -114.17
CA ALA CA 296 -33.52 -89.06 -114.41
C ALA CA 296 -33.60 -88.85 -115.91
N LYS CA 297 -34.76 -88.40 -116.39
CA LYS CA 297 -35.05 -88.39 -117.81
C LYS CA 297 -35.59 -87.02 -118.20
N ILE CA 298 -34.83 -86.30 -119.01
CA ILE CA 298 -35.25 -85.03 -119.61
C ILE CA 298 -35.91 -85.34 -120.95
N TRP CA 299 -37.09 -84.76 -121.17
CA TRP CA 299 -37.88 -85.10 -122.35
C TRP CA 299 -38.71 -83.91 -122.75
N ASP CA 300 -39.22 -83.96 -123.99
CA ASP CA 300 -40.04 -82.88 -124.54
C ASP CA 300 -41.49 -83.08 -124.12
N ARG CA 301 -42.08 -82.04 -123.53
CA ARG CA 301 -43.44 -82.14 -123.02
C ARG CA 301 -44.49 -82.07 -124.13
N LEU CA 302 -44.13 -81.58 -125.31
CA LEU CA 302 -45.07 -81.49 -126.42
C LEU CA 302 -44.84 -82.57 -127.46
N ASP CA 303 -43.59 -82.84 -127.81
CA ASP CA 303 -43.30 -83.90 -128.77
C ASP CA 303 -43.48 -85.28 -128.14
N GLY CA 304 -43.36 -85.39 -126.83
CA GLY CA 304 -43.48 -86.67 -126.17
C GLY CA 304 -42.29 -87.58 -126.39
N LYS CA 305 -41.14 -87.04 -126.77
CA LYS CA 305 -39.95 -87.81 -127.02
C LYS CA 305 -38.88 -87.48 -125.99
N ALA CA 306 -38.01 -88.45 -125.73
CA ALA CA 306 -36.98 -88.31 -124.72
C ALA CA 306 -35.84 -87.46 -125.27
N TYR CA 307 -35.49 -86.39 -124.56
CA TYR CA 307 -34.35 -85.57 -124.97
C TYR CA 307 -33.04 -86.27 -124.61
N ALA CA 308 -32.84 -86.56 -123.33
CA ALA CA 308 -31.66 -87.29 -122.87
C ALA CA 308 -32.04 -88.02 -121.59
N SER CA 309 -31.06 -88.72 -121.03
CA SER CA 309 -31.26 -89.44 -119.78
C SER CA 309 -29.92 -89.55 -119.07
N MET CA 310 -29.96 -89.50 -117.74
CA MET CA 310 -28.77 -89.63 -116.92
C MET CA 310 -28.96 -90.86 -116.04
N GLU CA 311 -28.02 -91.80 -116.14
CA GLU CA 311 -28.07 -93.03 -115.37
C GLU CA 311 -27.01 -93.01 -114.29
N PRO CA 312 -27.37 -92.97 -113.01
CA PRO CA 312 -26.36 -93.01 -111.95
C PRO CA 312 -26.00 -94.44 -111.57
N SER CA 313 -24.85 -94.57 -110.92
CA SER CA 313 -24.41 -95.88 -110.47
C SER CA 313 -25.06 -96.30 -109.16
N VAL CA 314 -25.67 -95.36 -108.44
CA VAL CA 314 -26.38 -95.66 -107.20
C VAL CA 314 -27.69 -94.87 -107.22
N ASP CA 315 -28.61 -95.28 -106.36
CA ASP CA 315 -29.94 -94.67 -106.33
C ASP CA 315 -29.89 -93.24 -105.79
N ILE CA 316 -30.77 -92.40 -106.34
CA ILE CA 316 -30.88 -91.00 -105.96
C ILE CA 316 -32.33 -90.74 -105.59
N ASN CA 317 -32.57 -89.67 -104.83
CA ASN CA 317 -33.93 -89.29 -104.50
C ASN CA 317 -34.16 -87.78 -104.48
N ASP CA 318 -33.23 -86.97 -105.01
CA ASP CA 318 -33.46 -85.53 -105.17
C ASP CA 318 -32.76 -85.05 -106.44
N ILE CA 319 -33.37 -84.07 -107.10
CA ILE CA 319 -32.78 -83.40 -108.25
C ILE CA 319 -32.89 -81.89 -108.04
N GLU CA 320 -31.77 -81.18 -108.12
CA GLU CA 320 -31.74 -79.74 -108.04
C GLU CA 320 -31.04 -79.16 -109.26
N HIS CA 321 -31.54 -78.02 -109.73
CA HIS CA 321 -31.08 -77.40 -110.97
C HIS CA 321 -30.99 -75.89 -110.77
N VAL CA 322 -29.80 -75.35 -110.90
CA VAL CA 322 -29.61 -73.89 -110.89
C VAL CA 322 -30.19 -73.31 -112.18
N PRO CA 323 -31.05 -72.30 -112.10
CA PRO CA 323 -31.63 -71.73 -113.32
C PRO CA 323 -30.59 -70.99 -114.16
N GLY CA 324 -30.88 -70.90 -115.46
CA GLY CA 324 -29.95 -70.32 -116.40
C GLY CA 324 -28.80 -71.22 -116.78
N THR CA 325 -28.86 -72.49 -116.40
CA THR CA 325 -27.70 -73.37 -116.56
C THR CA 325 -28.04 -74.59 -117.40
N GLY CA 326 -27.06 -75.48 -117.56
CA GLY CA 326 -27.28 -76.82 -118.05
C GLY CA 326 -26.80 -77.81 -117.00
N MET CA 327 -26.94 -77.39 -115.74
CA MET CA 327 -26.27 -77.99 -114.59
C MET CA 327 -27.31 -78.56 -113.63
N PHE CA 328 -26.96 -79.68 -113.00
CA PHE CA 328 -27.87 -80.40 -112.13
C PHE CA 328 -27.17 -80.95 -110.90
N PHE CA 329 -27.92 -81.07 -109.80
CA PHE CA 329 -27.48 -81.72 -108.58
C PHE CA 329 -28.33 -82.94 -108.25
N THR CA 330 -27.73 -83.91 -107.56
CA THR CA 330 -28.43 -85.05 -107.00
C THR CA 330 -28.14 -85.17 -105.51
N ALA CA 331 -28.97 -85.94 -104.82
CA ALA CA 331 -28.71 -86.36 -103.45
C ALA CA 331 -28.70 -87.88 -103.46
N ASN CA 332 -27.53 -88.45 -103.76
CA ASN CA 332 -27.41 -89.90 -103.86
C ASN CA 332 -27.22 -90.52 -102.47
N GLU CA 333 -27.41 -91.83 -102.42
CA GLU CA 333 -27.22 -92.57 -101.17
C GLU CA 333 -25.83 -93.20 -101.15
N SER CA 334 -24.81 -92.36 -101.33
CA SER CA 334 -23.44 -92.82 -101.41
C SER CA 334 -22.52 -91.64 -101.09
N ILE CA 335 -21.24 -91.95 -100.90
CA ILE CA 335 -20.25 -90.95 -100.49
C ILE CA 335 -19.91 -89.86 -101.51
N PRO CA 336 -20.00 -90.02 -102.88
CA PRO CA 336 -19.83 -88.82 -103.70
C PRO CA 336 -21.15 -88.16 -104.02
N MET CA 337 -21.10 -87.03 -104.74
CA MET CA 337 -22.29 -86.33 -105.22
C MET CA 337 -22.30 -86.45 -106.74
N HIS CA 338 -23.37 -87.01 -107.29
CA HIS CA 338 -23.50 -86.99 -108.73
C HIS CA 338 -24.04 -85.63 -109.16
N THR CA 339 -23.20 -84.87 -109.86
CA THR CA 339 -23.63 -83.61 -110.47
C THR CA 339 -23.16 -83.62 -111.90
N TYR CA 340 -24.02 -83.20 -112.82
CA TYR CA 340 -23.76 -83.42 -114.23
C TYR CA 340 -24.19 -82.21 -115.05
N TYR CA 341 -23.50 -82.01 -116.16
CA TYR CA 341 -23.65 -80.82 -116.98
C TYR CA 341 -23.94 -81.23 -118.42
N ILE CA 342 -24.98 -80.65 -119.01
CA ILE CA 342 -25.31 -80.89 -120.41
C ILE CA 342 -25.21 -79.55 -121.14
N PRO CA 343 -24.18 -79.34 -121.95
CA PRO CA 343 -24.03 -78.06 -122.66
C PRO CA 343 -25.12 -77.80 -123.69
N SER CA 344 -25.69 -78.84 -124.30
CA SER CA 344 -26.79 -78.64 -125.22
C SER CA 344 -28.06 -78.23 -124.49
N LEU CA 345 -28.19 -78.62 -123.22
CA LEU CA 345 -29.34 -78.21 -122.43
C LEU CA 345 -29.25 -76.74 -122.05
N GLY CA 346 -28.05 -76.27 -121.71
CA GLY CA 346 -27.82 -74.90 -121.35
C GLY CA 346 -26.36 -74.60 -121.13
N PRO CA 347 -26.00 -73.32 -121.10
CA PRO CA 347 -24.59 -72.95 -120.87
C PRO CA 347 -24.22 -73.07 -119.39
N SER CA 348 -22.91 -73.05 -119.15
CA SER CA 348 -22.43 -73.19 -117.78
C SER CA 348 -22.58 -71.86 -117.03
N PRO CA 349 -22.78 -71.91 -115.71
CA PRO CA 349 -22.89 -70.65 -114.94
C PRO CA 349 -21.56 -69.95 -114.72
N ARG CA 350 -21.60 -68.86 -113.95
CA ARG CA 350 -20.44 -67.98 -113.83
C ARG CA 350 -19.30 -68.63 -113.06
N TRP CA 351 -19.61 -69.36 -111.98
CA TRP CA 351 -18.58 -70.07 -111.23
C TRP CA 351 -17.98 -71.23 -112.02
N CYS CA 352 -18.74 -71.82 -112.96
CA CYS CA 352 -18.23 -72.85 -113.85
C CYS CA 352 -17.86 -72.30 -115.23
N SER CA 353 -17.25 -71.11 -115.27
CA SER CA 353 -16.83 -70.49 -116.51
C SER CA 353 -15.76 -71.29 -117.25
N PHE CA 354 -15.04 -72.16 -116.57
CA PHE CA 354 -14.07 -73.03 -117.21
C PHE CA 354 -14.51 -74.48 -117.32
N LEU CA 355 -15.56 -74.87 -116.60
CA LEU CA 355 -16.10 -76.22 -116.77
C LEU CA 355 -16.75 -76.40 -118.13
N ASP CA 356 -17.21 -75.31 -118.75
CA ASP CA 356 -17.68 -75.38 -120.13
C ASP CA 356 -16.53 -75.62 -121.10
N SER CA 357 -15.32 -75.21 -120.73
CA SER CA 357 -14.19 -75.25 -121.66
C SER CA 357 -13.46 -76.59 -121.63
N ILE CA 358 -13.33 -77.19 -120.45
CA ILE CA 358 -12.33 -78.25 -120.29
C ILE CA 358 -12.86 -79.58 -120.79
N THR CA 359 -14.17 -79.78 -120.82
CA THR CA 359 -14.72 -81.06 -121.24
C THR CA 359 -15.39 -81.02 -122.60
N GLU CA 360 -15.50 -79.84 -123.21
CA GLU CA 360 -16.06 -79.76 -124.55
C GLU CA 360 -15.06 -80.27 -125.58
N GLU CA 361 -13.78 -80.01 -125.38
CA GLU CA 361 -12.72 -80.45 -126.28
C GLU CA 361 -11.78 -81.47 -125.67
N LEU CA 362 -11.46 -81.32 -124.38
CA LEU CA 362 -10.59 -82.20 -123.61
C LEU CA 362 -9.20 -82.39 -124.22
N GLN DA 1 -61.68 -28.13 64.64
CA GLN DA 1 -61.68 -29.55 64.33
C GLN DA 1 -62.62 -29.87 63.17
N THR DA 2 -62.14 -30.65 62.21
CA THR DA 2 -62.92 -31.05 61.05
C THR DA 2 -62.78 -32.57 60.90
N LYS DA 3 -63.84 -33.21 60.41
CA LYS DA 3 -63.89 -34.67 60.34
C LYS DA 3 -62.99 -35.22 59.23
N ASP DA 4 -61.68 -35.22 59.47
CA ASP DA 4 -60.73 -35.86 58.58
C ASP DA 4 -59.57 -36.34 59.44
N LYS DA 5 -59.44 -37.66 59.59
CA LYS DA 5 -58.49 -38.20 60.57
C LYS DA 5 -57.06 -38.09 60.09
N LYS DA 6 -56.82 -37.94 58.79
CA LYS DA 6 -55.46 -37.69 58.32
C LYS DA 6 -55.06 -36.25 58.61
N LEU DA 7 -55.96 -35.31 58.35
CA LEU DA 7 -55.66 -33.89 58.57
C LEU DA 7 -55.56 -33.57 60.05
N ARG DA 8 -56.45 -34.16 60.86
CA ARG DA 8 -56.43 -33.85 62.29
C ARG DA 8 -55.28 -34.54 63.00
N ALA DA 9 -54.71 -35.59 62.41
CA ALA DA 9 -53.49 -36.17 62.98
C ALA DA 9 -52.29 -35.27 62.70
N GLY DA 10 -52.26 -34.64 61.53
CA GLY DA 10 -51.20 -33.69 61.24
C GLY DA 10 -51.32 -32.40 62.03
N LEU DA 11 -52.55 -31.99 62.33
CA LEU DA 11 -52.76 -30.71 63.01
C LEU DA 11 -52.31 -30.77 64.46
N LYS DA 12 -52.59 -31.88 65.15
CA LYS DA 12 -52.03 -32.06 66.49
C LYS DA 12 -50.54 -32.34 66.44
N LYS DA 13 -50.05 -32.88 65.32
CA LYS DA 13 -48.61 -33.02 65.13
C LYS DA 13 -47.96 -31.67 64.88
N ILE DA 14 -48.67 -30.77 64.19
CA ILE DA 14 -48.15 -29.42 63.95
C ILE DA 14 -48.06 -28.65 65.26
N ASP DA 15 -49.09 -28.76 66.10
CA ASP DA 15 -49.12 -28.02 67.36
C ASP DA 15 -48.13 -28.61 68.37
N GLU DA 16 -47.93 -29.93 68.36
CA GLU DA 16 -46.97 -30.54 69.27
C GLU DA 16 -45.54 -30.19 68.88
N GLN DA 17 -45.26 -30.16 67.57
CA GLN DA 17 -43.94 -29.74 67.12
C GLN DA 17 -43.72 -28.25 67.36
N TYR DA 18 -44.79 -27.45 67.31
CA TYR DA 18 -44.68 -26.02 67.59
C TYR DA 18 -44.37 -25.78 69.06
N LYS DA 19 -45.12 -26.43 69.96
CA LYS DA 19 -44.96 -26.15 71.39
C LYS DA 19 -43.67 -26.72 71.93
N LYS DA 20 -43.08 -27.71 71.25
CA LYS DA 20 -41.80 -28.24 71.68
C LYS DA 20 -40.68 -27.29 71.28
N ALA DA 21 -40.81 -26.64 70.13
CA ALA DA 21 -39.75 -25.75 69.65
C ALA DA 21 -39.67 -24.48 70.49
N VAL DA 22 -40.81 -23.93 70.89
CA VAL DA 22 -40.82 -22.75 71.75
C VAL DA 22 -40.33 -23.09 73.15
N SER DA 23 -40.74 -24.26 73.67
CA SER DA 23 -40.30 -24.66 75.00
C SER DA 23 -38.81 -25.01 75.01
N SER DA 24 -38.28 -25.47 73.88
CA SER DA 24 -36.83 -25.64 73.79
C SER DA 24 -36.12 -24.32 73.59
N ALA DA 25 -36.79 -23.36 72.95
CA ALA DA 25 -36.22 -22.02 72.82
C ALA DA 25 -36.15 -21.33 74.17
N ALA DA 26 -37.18 -21.51 75.01
CA ALA DA 26 -37.13 -20.98 76.36
C ALA DA 26 -36.20 -21.80 77.25
N ALA DA 27 -35.92 -23.05 76.87
CA ALA DA 27 -34.99 -23.87 77.63
C ALA DA 27 -33.56 -23.38 77.52
N THR DA 28 -33.21 -22.70 76.44
CA THR DA 28 -31.87 -22.19 76.22
C THR DA 28 -31.59 -20.89 76.95
N ASP DA 29 -32.49 -20.46 77.86
CA ASP DA 29 -32.29 -19.23 78.61
C ASP DA 29 -31.14 -19.32 79.60
N TYR DA 30 -30.78 -20.54 80.02
CA TYR DA 30 -29.63 -20.70 80.91
C TYR DA 30 -28.31 -20.48 80.19
N LEU DA 31 -28.30 -20.60 78.85
CA LEU DA 31 -27.07 -20.58 78.09
C LEU DA 31 -26.63 -19.17 77.68
N LEU DA 32 -27.36 -18.14 78.08
CA LEU DA 32 -26.88 -16.78 77.89
C LEU DA 32 -25.71 -16.54 78.84
N PRO DA 33 -24.53 -16.16 78.34
CA PRO DA 33 -23.35 -16.07 79.21
C PRO DA 33 -23.40 -14.97 80.25
N GLU DA 34 -23.69 -13.74 79.84
CA GLU DA 34 -23.60 -12.59 80.72
C GLU DA 34 -24.93 -11.83 80.72
N SER DA 35 -25.35 -11.43 81.91
CA SER DA 35 -26.54 -10.59 82.04
C SER DA 35 -26.16 -9.12 81.80
N ASN DA 36 -27.18 -8.31 81.52
CA ASN DA 36 -26.98 -6.89 81.29
C ASN DA 36 -26.74 -6.17 82.61
N GLY DA 37 -26.14 -4.98 82.52
CA GLY DA 37 -25.83 -4.20 83.69
C GLY DA 37 -27.02 -3.44 84.23
N TYR DA 38 -26.83 -2.87 85.42
CA TYR DA 38 -27.90 -2.14 86.10
C TYR DA 38 -27.28 -1.07 86.98
N LEU DA 39 -28.15 -0.25 87.57
CA LEU DA 39 -27.76 0.83 88.48
C LEU DA 39 -28.75 0.83 89.64
N GLU DA 40 -28.44 0.07 90.68
CA GLU DA 40 -29.29 0.05 91.85
C GLU DA 40 -28.89 1.19 92.79
N PRO DA 41 -29.80 2.14 93.08
CA PRO DA 41 -29.37 3.36 93.75
C PRO DA 41 -29.03 3.18 95.22
N GLU DA 42 -29.43 2.06 95.84
CA GLU DA 42 -29.01 1.60 97.18
C GLU DA 42 -29.54 2.45 98.34
N ASN DA 43 -30.21 3.56 98.04
CA ASN DA 43 -30.71 4.48 99.05
C ASN DA 43 -31.84 5.29 98.43
N GLU DA 44 -32.66 5.87 99.28
CA GLU DA 44 -33.53 6.95 98.84
C GLU DA 44 -32.79 8.28 98.81
N LEU DA 45 -31.62 8.35 99.43
CA LEU DA 45 -30.86 9.60 99.46
C LEU DA 45 -30.22 9.90 98.11
N GLU DA 46 -29.60 8.90 97.49
CA GLU DA 46 -28.88 9.08 96.23
C GLU DA 46 -29.72 8.54 95.09
N LYS DA 47 -29.94 9.36 94.08
CA LYS DA 47 -30.73 8.98 92.92
C LYS DA 47 -29.80 8.40 91.86
N THR DA 48 -30.32 8.24 90.65
CA THR DA 48 -29.55 7.63 89.56
C THR DA 48 -29.09 8.63 88.51
N PHE DA 49 -29.70 9.82 88.44
CA PHE DA 49 -29.29 10.82 87.46
C PHE DA 49 -28.12 11.67 87.94
N LYS DA 50 -27.91 11.78 89.25
CA LYS DA 50 -26.77 12.54 89.77
C LYS DA 50 -25.45 11.79 89.61
N VAL DA 51 -25.51 10.51 89.23
CA VAL DA 51 -24.30 9.75 88.96
C VAL DA 51 -23.67 10.27 87.67
N GLN DA 52 -22.39 10.61 87.74
CA GLN DA 52 -21.71 11.28 86.65
C GLN DA 52 -20.66 10.37 86.03
N GLN DA 53 -20.18 10.77 84.85
CA GLN DA 53 -19.22 9.97 84.11
C GLN DA 53 -17.83 10.02 84.74
N SER DA 54 -17.58 11.00 85.61
CA SER DA 54 -16.28 11.10 86.26
C SER DA 54 -16.09 10.00 87.30
N GLU DA 55 -17.16 9.57 87.95
CA GLU DA 55 -17.05 8.50 88.95
C GLU DA 55 -17.55 7.16 88.46
N ILE DA 56 -18.19 7.12 87.29
CA ILE DA 56 -18.52 5.84 86.67
C ILE DA 56 -17.23 5.14 86.24
N LYS DA 57 -16.31 5.90 85.64
CA LYS DA 57 -15.08 5.34 85.08
C LYS DA 57 -14.17 4.76 86.15
N SER DA 58 -14.30 5.24 87.40
CA SER DA 58 -13.51 4.67 88.48
C SER DA 58 -14.08 3.33 88.95
N SER DA 59 -15.39 3.16 88.89
CA SER DA 59 -16.04 1.95 89.37
C SER DA 59 -16.38 0.97 88.25
N VAL DA 60 -16.02 1.28 87.02
CA VAL DA 60 -16.26 0.39 85.89
C VAL DA 60 -14.92 -0.19 85.47
N ASP DA 61 -14.92 -1.47 85.09
CA ASP DA 61 -13.74 -2.22 84.70
C ASP DA 61 -13.00 -1.56 83.54
N VAL DA 62 -11.70 -1.84 83.47
CA VAL DA 62 -10.79 -1.11 82.59
C VAL DA 62 -10.99 -1.44 81.12
N SER DA 63 -11.79 -2.46 80.81
CA SER DA 63 -12.13 -2.75 79.41
C SER DA 63 -13.03 -1.68 78.83
N THR DA 64 -14.19 -1.47 79.45
CA THR DA 64 -15.10 -0.43 78.98
C THR DA 64 -14.72 0.95 79.49
N ALA DA 65 -13.79 1.05 80.45
CA ALA DA 65 -13.28 2.35 80.83
C ALA DA 65 -12.40 2.93 79.72
N ASN DA 66 -11.54 2.11 79.14
CA ASN DA 66 -10.72 2.55 78.02
C ASN DA 66 -11.56 2.72 76.76
N LYS DA 67 -12.69 2.01 76.67
CA LYS DA 67 -13.60 2.15 75.55
C LYS DA 67 -14.39 3.44 75.59
N ALA DA 68 -14.41 4.15 76.73
CA ALA DA 68 -15.06 5.45 76.82
C ALA DA 68 -14.17 6.47 76.12
N LEU DA 69 -14.35 6.55 74.80
CA LEU DA 69 -13.47 7.35 73.97
C LEU DA 69 -13.98 8.80 73.90
N ASP DA 70 -13.18 9.72 74.45
CA ASP DA 70 -13.47 11.15 74.38
C ASP DA 70 -12.49 11.75 73.41
N LEU DA 71 -12.93 11.97 72.17
CA LEU DA 71 -12.07 12.56 71.16
C LEU DA 71 -12.10 14.09 71.27
N SER DA 72 -11.36 14.74 70.36
CA SER DA 72 -11.35 16.20 70.28
C SER DA 72 -10.95 16.56 68.85
N LEU DA 73 -11.94 16.91 68.03
CA LEU DA 73 -11.72 17.34 66.65
C LEU DA 73 -12.33 18.73 66.53
N LYS DA 74 -11.55 19.75 66.86
CA LYS DA 74 -12.09 21.09 67.04
C LYS DA 74 -12.38 21.78 65.71
N GLU DA 75 -11.59 21.49 64.68
CA GLU DA 75 -11.54 22.36 63.50
C GLU DA 75 -12.72 22.18 62.55
N PHE DA 76 -13.63 21.24 62.80
CA PHE DA 76 -14.72 20.97 61.87
C PHE DA 76 -16.05 21.04 62.60
N GLY DA 77 -17.12 20.74 61.85
CA GLY DA 77 -18.46 20.99 62.31
C GLY DA 77 -18.94 19.93 63.28
N PRO DA 78 -20.23 19.98 63.61
CA PRO DA 78 -20.81 18.98 64.50
C PRO DA 78 -20.82 17.59 63.86
N TYR DA 79 -20.08 16.68 64.46
CA TYR DA 79 -19.85 15.37 63.87
C TYR DA 79 -21.07 14.46 64.04
N HIS DA 80 -21.42 13.78 62.96
CA HIS DA 80 -22.50 12.80 62.97
C HIS DA 80 -21.91 11.40 63.12
N ILE DA 81 -22.47 10.63 64.05
CA ILE DA 81 -21.96 9.31 64.40
C ILE DA 81 -22.91 8.26 63.85
N LYS DA 82 -22.35 7.26 63.18
CA LYS DA 82 -23.07 6.05 62.84
C LYS DA 82 -22.14 4.87 63.10
N TYR DA 83 -22.43 4.11 64.14
CA TYR DA 83 -21.70 2.87 64.38
C TYR DA 83 -22.13 1.83 63.35
N ALA DA 84 -21.29 0.81 63.21
CA ALA DA 84 -21.69 -0.32 62.39
C ALA DA 84 -22.73 -1.15 63.14
N LYS DA 85 -23.34 -2.10 62.41
CA LYS DA 85 -24.39 -2.93 63.00
C LYS DA 85 -23.83 -3.83 64.09
N ASN DA 86 -22.58 -4.26 63.96
CA ASN DA 86 -21.82 -4.81 65.09
C ASN DA 86 -20.92 -3.71 65.63
N GLY DA 87 -20.82 -3.65 66.95
CA GLY DA 87 -20.06 -2.58 67.58
C GLY DA 87 -18.56 -2.74 67.47
N THR DA 88 -18.03 -2.61 66.26
CA THR DA 88 -16.61 -2.74 66.02
C THR DA 88 -16.00 -1.59 65.23
N HIS DA 89 -16.78 -0.85 64.45
CA HIS DA 89 -16.27 0.24 63.65
C HIS DA 89 -17.15 1.46 63.86
N LEU DA 90 -16.54 2.62 63.75
CA LEU DA 90 -17.23 3.88 64.01
C LEU DA 90 -17.06 4.74 62.77
N LEU DA 91 -18.05 5.58 62.49
CA LEU DA 91 -17.99 6.47 61.34
C LEU DA 91 -18.38 7.87 61.78
N ILE DA 92 -17.48 8.82 61.56
CA ILE DA 92 -17.74 10.21 61.86
C ILE DA 92 -18.05 10.94 60.57
N THR DA 93 -18.93 11.93 60.66
CA THR DA 93 -19.30 12.73 59.51
C THR DA 93 -19.20 14.19 59.95
N GLY DA 94 -18.06 14.82 59.67
CA GLY DA 94 -17.93 16.23 59.94
C GLY DA 94 -18.83 17.04 59.03
N ARG DA 95 -19.44 18.07 59.61
CA ARG DA 95 -20.34 18.92 58.83
C ARG DA 95 -19.57 19.75 57.82
N LYS DA 96 -18.30 20.03 58.09
CA LYS DA 96 -17.49 20.76 57.11
C LYS DA 96 -16.76 19.80 56.17
N GLY DA 97 -15.85 18.98 56.69
CA GLY DA 97 -15.12 18.12 55.78
C GLY DA 97 -14.69 16.72 56.17
N HIS DA 98 -14.96 16.27 57.38
CA HIS DA 98 -14.25 15.13 57.92
C HIS DA 98 -15.11 13.87 57.92
N VAL DA 99 -14.59 12.81 57.28
CA VAL DA 99 -15.12 11.46 57.39
C VAL DA 99 -13.95 10.53 57.61
N ALA DA 100 -13.99 9.76 58.71
CA ALA DA 100 -12.93 8.81 59.00
C ALA DA 100 -13.55 7.45 59.27
N SER DA 101 -13.19 6.46 58.45
CA SER DA 101 -13.65 5.08 58.62
C SER DA 101 -12.93 4.48 59.82
N MET DA 102 -13.43 4.80 60.99
CA MET DA 102 -12.71 4.58 62.23
C MET DA 102 -12.85 3.13 62.69
N ASP DA 103 -11.72 2.45 62.87
CA ASP DA 103 -11.72 1.27 63.73
C ASP DA 103 -11.56 1.74 65.16
N TRP DA 104 -12.44 1.24 66.03
CA TRP DA 104 -12.70 1.91 67.29
C TRP DA 104 -12.12 1.19 68.50
N ARG DA 105 -12.32 -0.13 68.61
CA ARG DA 105 -11.83 -0.85 69.78
C ARG DA 105 -10.31 -0.93 69.78
N LYS DA 106 -9.71 -1.21 68.63
CA LYS DA 106 -8.29 -0.99 68.42
C LYS DA 106 -8.09 0.38 67.79
N GLY DA 107 -6.86 0.87 67.85
CA GLY DA 107 -6.60 2.24 67.46
C GLY DA 107 -6.35 2.47 65.98
N GLN DA 108 -6.62 1.49 65.13
CA GLN DA 108 -6.33 1.65 63.71
C GLN DA 108 -7.34 2.59 63.07
N LEU DA 109 -6.95 3.17 61.93
CA LEU DA 109 -7.80 4.04 61.15
C LEU DA 109 -7.80 3.54 59.72
N ARG DA 110 -8.94 3.03 59.26
CA ARG DA 110 -8.99 2.39 57.95
C ARG DA 110 -8.90 3.41 56.83
N ALA DA 111 -9.63 4.51 56.93
CA ALA DA 111 -9.65 5.49 55.85
C ALA DA 111 -9.94 6.87 56.43
N GLU DA 112 -9.09 7.84 56.11
CA GLU DA 112 -9.30 9.23 56.47
C GLU DA 112 -9.53 10.03 55.21
N LEU DA 113 -10.61 10.79 55.17
CA LEU DA 113 -10.97 11.53 53.97
C LEU DA 113 -11.32 12.97 54.33
N PHE DA 114 -10.82 13.91 53.53
CA PHE DA 114 -11.08 15.33 53.71
C PHE DA 114 -11.87 15.80 52.49
N LEU DA 115 -13.18 15.86 52.65
CA LEU DA 115 -14.11 16.11 51.55
C LEU DA 115 -14.61 17.54 51.71
N ASN DA 116 -14.18 18.42 50.82
CA ASN DA 116 -14.39 19.85 51.01
C ASN DA 116 -15.85 20.30 50.89
N GLU DA 117 -16.74 19.45 50.39
CA GLU DA 117 -18.15 19.78 50.45
C GLU DA 117 -18.71 19.43 51.83
N THR DA 118 -19.85 20.03 52.17
CA THR DA 118 -20.45 19.80 53.47
C THR DA 118 -21.04 18.39 53.55
N CYS DA 119 -20.34 17.51 54.26
CA CYS DA 119 -20.84 16.16 54.48
C CYS DA 119 -21.92 16.18 55.55
N HIS DA 120 -22.97 15.38 55.36
CA HIS DA 120 -24.12 15.41 56.24
C HIS DA 120 -24.29 14.12 57.04
N SER DA 121 -24.39 12.98 56.37
CA SER DA 121 -24.60 11.72 57.06
C SER DA 121 -23.85 10.62 56.33
N ALA DA 122 -23.16 9.77 57.08
CA ALA DA 122 -22.44 8.65 56.51
C ALA DA 122 -22.78 7.39 57.29
N THR DA 123 -22.74 6.25 56.61
CA THR DA 123 -23.07 4.99 57.25
C THR DA 123 -22.34 3.83 56.57
N TYR DA 124 -21.91 2.87 57.37
CA TYR DA 124 -21.50 1.58 56.84
C TYR DA 124 -22.74 0.85 56.32
N LEU DA 125 -22.60 0.18 55.18
CA LEU DA 125 -23.76 -0.45 54.58
C LEU DA 125 -23.81 -1.95 54.85
N GLN DA 126 -22.80 -2.72 54.45
CA GLN DA 126 -22.88 -4.16 54.61
C GLN DA 126 -21.84 -4.73 55.56
N ASN DA 127 -20.69 -4.08 55.69
CA ASN DA 127 -19.61 -4.54 56.54
C ASN DA 127 -18.86 -3.32 57.04
N GLU DA 128 -17.66 -3.53 57.58
CA GLU DA 128 -16.81 -2.41 57.91
C GLU DA 128 -16.08 -1.85 56.70
N GLN DA 129 -16.14 -2.54 55.56
CA GLN DA 129 -15.36 -2.13 54.40
C GLN DA 129 -16.05 -1.01 53.63
N TYR DA 130 -17.24 -1.26 53.11
CA TYR DA 130 -17.92 -0.32 52.24
C TYR DA 130 -18.81 0.59 53.07
N PHE DA 131 -18.62 1.90 52.92
CA PHE DA 131 -19.43 2.90 53.59
C PHE DA 131 -19.74 4.02 52.61
N ALA DA 132 -20.84 4.73 52.87
CA ALA DA 132 -21.33 5.72 51.93
C ALA DA 132 -21.59 7.02 52.67
N VAL DA 133 -21.05 8.12 52.16
CA VAL DA 133 -21.23 9.44 52.76
C VAL DA 133 -22.19 10.24 51.89
N ALA DA 134 -22.68 11.35 52.45
CA ALA DA 134 -23.63 12.21 51.77
C ALA DA 134 -23.06 13.61 51.68
N GLN DA 135 -22.78 14.07 50.46
CA GLN DA 135 -22.15 15.35 50.24
C GLN DA 135 -23.21 16.44 50.10
N LYS DA 136 -22.80 17.60 49.57
CA LYS DA 136 -23.69 18.72 49.37
C LYS DA 136 -24.82 18.39 48.39
N LYS DA 137 -24.49 17.68 47.32
CA LYS DA 137 -25.47 17.42 46.26
C LYS DA 137 -25.57 15.95 45.87
N TYR DA 138 -24.58 15.12 46.13
CA TYR DA 138 -24.63 13.74 45.69
C TYR DA 138 -24.13 12.81 46.78
N THR DA 139 -24.61 11.57 46.73
CA THR DA 139 -24.21 10.55 47.70
C THR DA 139 -23.10 9.72 47.10
N PHE DA 140 -21.96 9.66 47.77
CA PHE DA 140 -20.83 8.87 47.29
C PHE DA 140 -20.76 7.59 48.10
N ILE DA 141 -20.02 6.61 47.60
CA ILE DA 141 -19.85 5.33 48.29
C ILE DA 141 -18.38 4.95 48.24
N TYR DA 142 -17.84 4.57 49.40
CA TYR DA 142 -16.41 4.40 49.57
C TYR DA 142 -16.06 2.97 49.97
N ASP DA 143 -14.78 2.67 49.90
CA ASP DA 143 -14.22 1.40 50.33
C ASP DA 143 -13.41 1.59 51.61
N HIS DA 144 -12.74 0.53 52.03
CA HIS DA 144 -11.94 0.57 53.26
C HIS DA 144 -10.70 1.45 53.11
N GLU DA 145 -10.26 1.68 51.88
CA GLU DA 145 -9.08 2.49 51.63
C GLU DA 145 -9.41 3.95 51.38
N GLY DA 146 -10.68 4.34 51.44
CA GLY DA 146 -11.08 5.69 51.17
C GLY DA 146 -11.25 6.03 49.70
N THR DA 147 -11.11 5.05 48.81
CA THR DA 147 -11.31 5.30 47.39
C THR DA 147 -12.79 5.46 47.09
N GLU DA 148 -13.07 6.27 46.07
CA GLU DA 148 -14.43 6.32 45.54
C GLU DA 148 -14.75 5.01 44.82
N LEU DA 149 -16.01 4.61 44.90
CA LEU DA 149 -16.50 3.47 44.14
C LEU DA 149 -17.53 3.88 43.10
N HIS DA 150 -18.57 4.60 43.50
CA HIS DA 150 -19.54 5.14 42.56
C HIS DA 150 -19.92 6.54 42.98
N ARG DA 151 -20.30 7.35 42.00
CA ARG DA 151 -20.99 8.60 42.24
C ARG DA 151 -22.45 8.32 41.91
N LEU DA 152 -23.30 8.31 42.93
CA LEU DA 152 -24.71 8.02 42.71
C LEU DA 152 -25.38 9.21 42.04
N LYS DA 153 -25.86 8.99 40.81
CA LYS DA 153 -26.43 10.07 40.02
C LYS DA 153 -27.75 10.56 40.60
N GLN DA 154 -28.52 9.66 41.18
CA GLN DA 154 -29.71 10.04 41.93
C GLN DA 154 -29.30 10.26 43.39
N HIS DA 155 -30.28 10.33 44.30
CA HIS DA 155 -30.11 10.84 45.68
C HIS DA 155 -29.48 12.23 45.64
N ILE DA 156 -30.17 13.12 44.93
CA ILE DA 156 -29.67 14.46 44.63
C ILE DA 156 -29.73 15.41 45.82
N GLU DA 157 -30.35 15.02 46.92
CA GLU DA 157 -30.13 15.61 48.23
C GLU DA 157 -30.23 14.49 49.25
N ALA DA 158 -29.25 14.39 50.14
CA ALA DA 158 -29.25 13.37 51.19
C ALA DA 158 -28.85 14.03 52.51
N ARG DA 159 -29.85 14.52 53.24
CA ARG DA 159 -29.56 15.06 54.57
C ARG DA 159 -29.49 13.94 55.59
N HIS DA 160 -30.34 12.93 55.48
CA HIS DA 160 -30.37 11.80 56.40
C HIS DA 160 -30.29 10.53 55.58
N LEU DA 161 -29.20 9.81 55.72
CA LEU DA 161 -28.91 8.62 54.94
C LEU DA 161 -28.80 7.42 55.89
N ASP DA 162 -29.53 6.36 55.58
CA ASP DA 162 -29.59 5.18 56.44
C ASP DA 162 -29.46 3.92 55.60
N PHE DA 163 -29.30 2.80 56.28
CA PHE DA 163 -29.21 1.51 55.61
C PHE DA 163 -29.95 0.46 56.42
N LEU DA 164 -30.56 -0.49 55.71
CA LEU DA 164 -31.21 -1.64 56.32
C LEU DA 164 -30.58 -2.90 55.71
N PRO DA 165 -30.08 -3.82 56.53
CA PRO DA 165 -29.03 -4.72 56.06
C PRO DA 165 -29.49 -5.97 55.32
N TYR DA 166 -30.70 -6.45 55.60
CA TYR DA 166 -31.11 -7.73 55.04
C TYR DA 166 -31.64 -7.62 53.62
N HIS DA 167 -31.76 -6.42 53.07
CA HIS DA 167 -32.21 -6.25 51.71
C HIS DA 167 -31.13 -5.66 50.81
N TYR DA 168 -29.95 -5.35 51.37
CA TYR DA 168 -28.90 -4.57 50.72
C TYR DA 168 -29.44 -3.27 50.17
N LEU DA 169 -30.23 -2.58 50.99
CA LEU DA 169 -31.05 -1.46 50.53
C LEU DA 169 -30.52 -0.18 51.14
N LEU DA 170 -30.01 0.71 50.29
CA LEU DA 170 -29.57 2.04 50.70
C LEU DA 170 -30.70 3.01 50.50
N VAL DA 171 -31.09 3.71 51.56
CA VAL DA 171 -32.19 4.65 51.51
C VAL DA 171 -31.63 6.06 51.58
N THR DA 172 -32.31 6.99 50.92
CA THR DA 172 -31.92 8.40 50.90
C THR DA 172 -33.17 9.28 50.84
N ALA DA 173 -33.22 10.28 51.70
CA ALA DA 173 -34.24 11.32 51.63
C ALA DA 173 -33.69 12.57 52.30
N GLY DA 174 -33.58 13.64 51.53
CA GLY DA 174 -32.92 14.85 51.99
C GLY DA 174 -33.86 16.05 51.92
N GLU DA 175 -33.30 17.18 51.47
CA GLU DA 175 -34.10 18.38 51.32
C GLU DA 175 -35.08 18.27 50.17
N THR DA 176 -34.77 17.45 49.16
CA THR DA 176 -35.80 17.04 48.22
C THR DA 176 -36.84 16.19 48.93
N GLY DA 177 -38.09 16.31 48.48
CA GLY DA 177 -39.14 15.52 49.08
C GLY DA 177 -39.06 14.04 48.78
N TRP DA 178 -38.36 13.68 47.69
CA TRP DA 178 -38.32 12.30 47.25
C TRP DA 178 -37.50 11.42 48.18
N LEU DA 179 -37.99 10.21 48.41
CA LEU DA 179 -37.24 9.14 49.05
C LEU DA 179 -36.82 8.15 47.98
N LYS DA 180 -35.53 7.87 47.89
CA LYS DA 180 -34.98 7.00 46.86
C LYS DA 180 -34.43 5.75 47.52
N TYR DA 181 -34.91 4.60 47.09
CA TYR DA 181 -34.39 3.30 47.53
C TYR DA 181 -33.31 2.87 46.56
N HIS DA 182 -32.16 2.46 47.07
CA HIS DA 182 -31.09 2.00 46.21
C HIS DA 182 -30.56 0.65 46.69
N ASP DA 183 -30.29 -0.23 45.74
CA ASP DA 183 -29.76 -1.55 46.01
C ASP DA 183 -28.24 -1.50 45.86
N VAL DA 184 -27.52 -1.71 46.96
CA VAL DA 184 -26.07 -1.75 46.90
C VAL DA 184 -25.54 -3.09 46.41
N SER DA 185 -26.41 -4.09 46.26
CA SER DA 185 -26.00 -5.36 45.72
C SER DA 185 -26.01 -5.41 44.21
N THR DA 186 -26.95 -4.72 43.56
CA THR DA 186 -27.06 -4.75 42.10
C THR DA 186 -26.91 -3.41 41.43
N GLY DA 187 -27.00 -2.30 42.16
CA GLY DA 187 -26.91 -0.98 41.55
C GLY DA 187 -28.19 -0.46 40.96
N GLN DA 188 -29.25 -1.26 40.92
CA GLN DA 188 -30.53 -0.81 40.41
C GLN DA 188 -31.23 0.04 41.46
N LEU DA 189 -31.57 1.27 41.11
CA LEU DA 189 -32.42 2.09 41.96
C LEU DA 189 -33.81 1.47 41.96
N VAL DA 190 -34.16 0.82 43.07
CA VAL DA 190 -35.36 -0.01 43.12
C VAL DA 190 -36.61 0.85 43.06
N SER DA 191 -36.69 1.88 43.89
CA SER DA 191 -37.90 2.68 43.96
C SER DA 191 -37.54 4.14 44.10
N GLU DA 192 -38.49 5.00 43.69
CA GLU DA 192 -38.33 6.44 43.79
C GLU DA 192 -39.69 6.99 44.20
N LEU DA 193 -39.89 7.16 45.50
CA LEU DA 193 -41.17 7.59 46.05
C LEU DA 193 -41.20 9.11 46.18
N ARG DA 194 -42.22 9.73 45.60
CA ARG DA 194 -42.45 11.16 45.75
C ARG DA 194 -43.36 11.36 46.95
N THR DA 195 -42.80 11.85 48.05
CA THR DA 195 -43.56 11.92 49.29
C THR DA 195 -44.55 13.06 49.30
N LYS DA 196 -44.24 14.16 48.60
CA LYS DA 196 -45.07 15.37 48.50
C LYS DA 196 -45.42 15.93 49.87
N ALA DA 197 -44.42 15.97 50.76
CA ALA DA 197 -44.64 16.47 52.11
C ALA DA 197 -43.46 17.33 52.55
N GLY DA 198 -42.95 18.15 51.63
CA GLY DA 198 -41.85 19.03 51.94
C GLY DA 198 -40.54 18.29 52.11
N PRO DA 199 -39.56 18.93 52.72
CA PRO DA 199 -38.28 18.25 52.95
C PRO DA 199 -38.39 17.28 54.12
N THR DA 200 -37.84 16.08 53.91
CA THR DA 200 -37.84 15.08 54.96
C THR DA 200 -36.85 15.47 56.05
N MET DA 201 -37.30 15.42 57.30
CA MET DA 201 -36.53 15.94 58.41
C MET DA 201 -36.07 14.89 59.41
N ALA DA 202 -36.42 13.62 59.20
CA ALA DA 202 -36.06 12.58 60.16
C ALA DA 202 -36.04 11.22 59.48
N MET DA 203 -35.05 10.40 59.80
CA MET DA 203 -34.88 9.07 59.27
C MET DA 203 -34.86 8.04 60.39
N ALA DA 204 -35.54 6.92 60.17
CA ALA DA 204 -35.52 5.81 61.11
C ALA DA 204 -35.87 4.52 60.39
N GLN DA 205 -35.08 3.49 60.64
CA GLN DA 205 -35.33 2.17 60.09
C GLN DA 205 -35.94 1.29 61.17
N ASN DA 206 -36.98 0.56 60.80
CA ASN DA 206 -37.56 -0.39 61.73
C ASN DA 206 -36.77 -1.69 61.61
N PRO DA 207 -36.11 -2.16 62.67
CA PRO DA 207 -35.35 -3.41 62.56
C PRO DA 207 -36.23 -4.62 62.38
N TRP DA 208 -37.44 -4.61 62.95
CA TRP DA 208 -38.34 -5.74 62.84
C TRP DA 208 -39.00 -5.82 61.47
N ASN DA 209 -39.15 -4.70 60.78
CA ASN DA 209 -40.05 -4.62 59.64
C ASN DA 209 -39.40 -4.09 58.36
N ALA DA 210 -38.24 -3.45 58.44
CA ALA DA 210 -37.53 -2.76 57.36
C ALA DA 210 -38.36 -1.69 56.67
N VAL DA 211 -39.39 -1.16 57.33
CA VAL DA 211 -40.16 -0.05 56.78
C VAL DA 211 -39.46 1.25 57.12
N MET DA 212 -39.59 2.23 56.24
CA MET DA 212 -39.01 3.55 56.43
C MET DA 212 -39.96 4.47 57.16
N HIS DA 213 -39.41 5.20 58.13
CA HIS DA 213 -40.16 6.20 58.88
C HIS DA 213 -39.65 7.58 58.52
N LEU DA 214 -40.55 8.52 58.28
CA LEU DA 214 -40.22 9.80 57.69
C LEU DA 214 -40.85 10.94 58.48
N GLY DA 215 -40.03 11.73 59.16
CA GLY DA 215 -40.48 12.93 59.82
C GLY DA 215 -40.51 14.08 58.84
N HIS DA 216 -41.69 14.68 58.67
CA HIS DA 216 -41.86 15.78 57.75
C HIS DA 216 -42.06 17.08 58.51
N SER DA 217 -42.14 18.18 57.75
CA SER DA 217 -42.39 19.49 58.34
C SER DA 217 -43.82 19.67 58.79
N ASN DA 218 -44.75 18.85 58.28
CA ASN DA 218 -46.14 18.91 58.72
C ASN DA 218 -46.37 18.29 60.08
N GLY DA 219 -45.38 17.58 60.62
CA GLY DA 219 -45.51 16.92 61.89
C GLY DA 219 -46.09 15.53 61.85
N THR DA 220 -46.32 14.99 60.66
CA THR DA 220 -46.84 13.64 60.51
C THR DA 220 -45.70 12.72 60.12
N VAL DA 221 -45.43 11.73 60.96
CA VAL DA 221 -44.49 10.68 60.57
C VAL DA 221 -45.21 9.71 59.65
N SER DA 222 -44.55 9.32 58.56
CA SER DA 222 -45.17 8.52 57.52
C SER DA 222 -44.37 7.25 57.33
N LEU DA 223 -45.04 6.11 57.44
CA LEU DA 223 -44.40 4.84 57.17
C LEU DA 223 -44.26 4.64 55.67
N TRP DA 224 -43.21 3.92 55.27
CA TRP DA 224 -42.92 3.79 53.86
C TRP DA 224 -42.35 2.41 53.57
N SER DA 225 -42.54 1.97 52.33
CA SER DA 225 -42.10 0.68 51.82
C SER DA 225 -42.09 0.80 50.30
N PRO DA 226 -41.11 0.20 49.62
CA PRO DA 226 -41.02 0.37 48.17
C PRO DA 226 -42.03 -0.43 47.36
N SER DA 227 -42.97 -1.13 48.02
CA SER DA 227 -43.95 -1.92 47.30
C SER DA 227 -45.01 -1.04 46.66
N MET DA 228 -45.36 0.08 47.28
CA MET DA 228 -46.36 1.00 46.75
C MET DA 228 -45.80 2.41 46.76
N PRO DA 229 -46.21 3.25 45.79
CA PRO DA 229 -45.76 4.65 45.80
C PRO DA 229 -46.60 5.58 46.66
N GLU DA 230 -47.44 5.00 47.52
CA GLU DA 230 -48.21 5.72 48.52
C GLU DA 230 -47.62 5.47 49.90
N PRO DA 231 -47.74 6.41 50.83
CA PRO DA 231 -47.30 6.14 52.21
C PRO DA 231 -48.19 5.10 52.84
N LEU DA 232 -47.57 4.25 53.67
CA LEU DA 232 -48.30 3.12 54.24
C LEU DA 232 -49.27 3.58 55.32
N VAL DA 233 -48.75 4.16 56.39
CA VAL DA 233 -49.58 4.83 57.39
C VAL DA 233 -49.04 6.24 57.58
N LYS DA 234 -49.86 7.09 58.18
CA LYS DA 234 -49.50 8.47 58.46
C LYS DA 234 -49.96 8.80 59.87
N LEU DA 235 -49.00 8.94 60.79
CA LEU DA 235 -49.29 9.22 62.18
C LEU DA 235 -48.99 10.69 62.45
N LEU DA 236 -50.03 11.49 62.70
CA LEU DA 236 -49.85 12.88 63.06
C LEU DA 236 -49.35 12.92 64.49
N SER DA 237 -48.02 12.91 64.66
CA SER DA 237 -47.42 12.75 65.98
C SER DA 237 -47.43 14.07 66.75
N ALA DA 238 -46.70 15.06 66.26
CA ALA DA 238 -46.52 16.31 66.99
C ALA DA 238 -46.82 17.49 66.09
N ARG DA 239 -47.12 18.63 66.72
CA ARG DA 239 -47.34 19.84 65.96
C ARG DA 239 -46.01 20.42 65.49
N GLY DA 240 -46.08 21.32 64.52
CA GLY DA 240 -44.89 21.89 63.93
C GLY DA 240 -44.14 20.87 63.10
N PRO DA 241 -42.81 20.90 63.15
CA PRO DA 241 -42.02 19.88 62.46
C PRO DA 241 -41.70 18.70 63.35
N VAL DA 242 -41.04 17.69 62.81
CA VAL DA 242 -40.54 16.56 63.57
C VAL DA 242 -39.03 16.55 63.45
N ASN DA 243 -38.34 16.63 64.58
CA ASN DA 243 -36.88 16.76 64.56
C ASN DA 243 -36.21 15.42 64.29
N SER DA 244 -36.52 14.41 65.11
CA SER DA 244 -35.91 13.10 64.94
C SER DA 244 -36.86 12.03 65.43
N ILE DA 245 -36.73 10.83 64.87
CA ILE DA 245 -37.54 9.69 65.25
C ILE DA 245 -36.61 8.49 65.41
N ALA DA 246 -37.02 7.54 66.25
CA ALA DA 246 -36.23 6.34 66.47
C ALA DA 246 -37.16 5.22 66.90
N ILE DA 247 -36.88 4.01 66.43
CA ILE DA 247 -37.72 2.85 66.64
C ILE DA 247 -36.95 1.83 67.45
N ASP DA 248 -37.64 1.12 68.34
CA ASP DA 248 -37.05 0.09 69.17
C ASP DA 248 -36.55 -1.08 68.32
N ARG DA 249 -35.59 -1.83 68.88
CA ARG DA 249 -35.12 -3.05 68.26
C ARG DA 249 -36.23 -4.09 68.17
N SER DA 250 -37.15 -4.07 69.14
CA SER DA 250 -38.32 -4.95 69.10
C SER DA 250 -39.28 -4.62 67.97
N GLY DA 251 -39.22 -3.41 67.42
CA GLY DA 251 -40.17 -3.01 66.41
C GLY DA 251 -41.54 -2.74 66.95
N TYR DA 252 -41.65 -2.49 68.25
CA TYR DA 252 -42.92 -2.31 68.93
C TYR DA 252 -43.14 -0.88 69.38
N TYR DA 253 -42.08 -0.12 69.67
CA TYR DA 253 -42.21 1.24 70.14
C TYR DA 253 -41.38 2.19 69.29
N MET DA 254 -41.91 3.40 69.13
CA MET DA 254 -41.16 4.48 68.51
C MET DA 254 -41.24 5.71 69.40
N ALA DA 255 -40.16 6.48 69.41
CA ALA DA 255 -40.13 7.80 70.02
C ALA DA 255 -40.05 8.84 68.90
N THR DA 256 -40.80 9.92 69.05
CA THR DA 256 -40.76 11.03 68.12
C THR DA 256 -40.60 12.32 68.89
N THR DA 257 -39.98 13.32 68.26
CA THR DA 257 -39.83 14.62 68.88
C THR DA 257 -39.82 15.69 67.80
N GLY DA 258 -40.19 16.91 68.18
CA GLY DA 258 -40.27 18.01 67.26
C GLY DA 258 -40.05 19.32 67.97
N ALA DA 259 -40.11 20.41 67.21
CA ALA DA 259 -39.82 21.74 67.71
C ALA DA 259 -41.01 22.39 68.42
N ASP DA 260 -42.04 21.62 68.78
CA ASP DA 260 -43.16 22.14 69.56
C ASP DA 260 -42.99 21.88 71.05
N ARG DA 261 -41.76 21.64 71.50
CA ARG DA 261 -41.42 21.26 72.87
C ARG DA 261 -42.20 20.04 73.34
N SER DA 262 -42.23 19.02 72.48
CA SER DA 262 -43.02 17.83 72.72
C SER DA 262 -42.21 16.60 72.35
N MET DA 263 -42.55 15.48 73.00
CA MET DA 263 -41.95 14.19 72.66
C MET DA 263 -42.96 13.11 72.98
N LYS DA 264 -43.29 12.28 71.99
CA LYS DA 264 -44.33 11.28 72.12
C LYS DA 264 -43.77 9.88 71.92
N ILE DA 265 -44.40 8.91 72.57
CA ILE DA 265 -44.04 7.50 72.46
C ILE DA 265 -45.20 6.77 71.82
N TRP DA 266 -44.95 6.12 70.68
CA TRP DA 266 -46.00 5.46 69.91
C TRP DA 266 -45.79 3.95 69.91
N ASP DA 267 -46.92 3.23 69.96
CA ASP DA 267 -46.96 1.80 69.70
C ASP DA 267 -47.38 1.62 68.25
N ILE DA 268 -46.48 1.07 67.42
CA ILE DA 268 -46.73 1.00 65.99
C ILE DA 268 -47.80 -0.04 65.65
N ARG DA 269 -47.91 -1.10 66.45
CA ARG DA 269 -48.80 -2.22 66.14
C ARG DA 269 -50.27 -1.82 66.18
N ASN DA 270 -50.65 -0.95 67.10
CA ASN DA 270 -52.02 -0.46 67.18
C ASN DA 270 -52.16 1.01 66.79
N PHE DA 271 -51.04 1.68 66.48
CA PHE DA 271 -50.98 3.10 66.10
C PHE DA 271 -51.63 3.99 67.16
N LYS DA 272 -51.23 3.76 68.41
CA LYS DA 272 -51.74 4.51 69.54
C LYS DA 272 -50.58 4.99 70.38
N GLN DA 273 -50.67 6.23 70.86
CA GLN DA 273 -49.62 6.79 71.71
C GLN DA 273 -49.81 6.29 73.13
N LEU DA 274 -48.74 5.71 73.70
CA LEU DA 274 -48.82 5.21 75.07
C LEU DA 274 -48.85 6.35 76.08
N HIS DA 275 -47.95 7.32 75.91
CA HIS DA 275 -47.91 8.52 76.73
C HIS DA 275 -47.15 9.59 75.98
N SER DA 276 -47.62 10.83 76.11
CA SER DA 276 -47.00 11.97 75.44
C SER DA 276 -46.41 12.89 76.50
N VAL DA 277 -45.16 13.28 76.31
CA VAL DA 277 -44.49 14.19 77.22
C VAL DA 277 -44.47 15.58 76.60
N GLU DA 278 -45.03 16.55 77.31
CA GLU DA 278 -45.09 17.92 76.84
C GLU DA 278 -44.27 18.83 77.75
N SER DA 279 -43.95 20.01 77.21
CA SER DA 279 -43.33 21.11 77.94
C SER DA 279 -41.97 20.74 78.54
N LEU DA 280 -41.21 19.93 77.81
CA LEU DA 280 -39.79 19.81 78.13
C LEU DA 280 -39.10 21.11 77.70
N PRO DA 281 -38.05 21.55 78.45
CA PRO DA 281 -37.49 22.91 78.28
C PRO DA 281 -36.97 23.25 76.89
N THR DA 282 -36.01 22.51 76.39
CA THR DA 282 -35.58 22.74 75.02
C THR DA 282 -36.05 21.57 74.14
N PRO DA 283 -36.36 21.83 72.87
CA PRO DA 283 -36.86 20.76 72.00
C PRO DA 283 -35.82 19.69 71.75
N GLY DA 284 -36.28 18.44 71.70
CA GLY DA 284 -35.40 17.31 71.50
C GLY DA 284 -34.82 17.25 70.11
N THR DA 285 -33.52 17.48 69.99
CA THR DA 285 -32.88 17.41 68.68
C THR DA 285 -32.68 15.97 68.23
N ASN DA 286 -32.45 15.06 69.18
CA ASN DA 286 -32.19 13.66 68.84
C ASN DA 286 -32.85 12.74 69.86
N VAL DA 287 -33.39 11.63 69.37
CA VAL DA 287 -33.87 10.56 70.23
C VAL DA 287 -33.32 9.24 69.70
N SER DA 288 -33.11 8.29 70.62
CA SER DA 288 -32.62 6.96 70.25
C SER DA 288 -33.00 6.00 71.37
N ILE DA 289 -33.28 4.74 71.00
CA ILE DA 289 -33.72 3.72 71.94
C ILE DA 289 -32.67 2.62 71.96
N SER DA 290 -32.24 2.23 73.16
CA SER DA 290 -31.22 1.21 73.31
C SER DA 290 -31.79 -0.17 73.01
N ASP DA 291 -30.93 -1.18 73.11
CA ASP DA 291 -31.35 -2.56 72.85
C ASP DA 291 -32.25 -3.08 73.95
N THR DA 292 -31.96 -2.74 75.20
CA THR DA 292 -32.77 -3.17 76.34
C THR DA 292 -33.80 -2.13 76.76
N GLY DA 293 -34.32 -1.35 75.81
CA GLY DA 293 -35.39 -0.41 76.09
C GLY DA 293 -35.01 0.78 76.95
N LEU DA 294 -33.81 1.33 76.75
CA LEU DA 294 -33.37 2.53 77.45
C LEU DA 294 -33.46 3.69 76.46
N LEU DA 295 -34.46 4.55 76.67
CA LEU DA 295 -34.72 5.65 75.75
C LEU DA 295 -33.78 6.83 76.02
N ALA DA 296 -33.20 7.37 74.96
CA ALA DA 296 -32.30 8.51 75.05
C ALA DA 296 -32.98 9.72 74.42
N LEU DA 297 -32.83 10.88 75.06
CA LEU DA 297 -33.36 12.13 74.54
C LEU DA 297 -32.29 13.19 74.63
N SER DA 298 -32.03 13.88 73.53
CA SER DA 298 -31.00 14.91 73.45
C SER DA 298 -31.66 16.27 73.42
N ARG DA 299 -31.64 16.97 74.56
CA ARG DA 299 -32.19 18.31 74.61
C ARG DA 299 -31.29 19.34 73.92
N GLY DA 300 -30.03 18.99 73.70
CA GLY DA 300 -29.13 19.79 72.90
C GLY DA 300 -27.86 20.20 73.61
N PRO DA 301 -27.96 20.70 74.84
CA PRO DA 301 -26.77 20.73 75.69
C PRO DA 301 -26.73 19.57 76.68
N HIS DA 302 -27.85 18.85 76.77
CA HIS DA 302 -27.96 17.74 77.71
C HIS DA 302 -28.24 16.45 76.96
N VAL DA 303 -27.93 15.33 77.62
CA VAL DA 303 -28.33 14.01 77.16
C VAL DA 303 -29.06 13.35 78.32
N THR DA 304 -30.32 13.01 78.11
CA THR DA 304 -31.14 12.41 79.15
C THR DA 304 -31.53 10.99 78.76
N LEU DA 305 -31.56 10.11 79.75
CA LEU DA 305 -31.86 8.70 79.54
C LEU DA 305 -32.93 8.27 80.52
N TRP DA 306 -33.93 7.53 80.04
CA TRP DA 306 -34.98 6.99 80.88
C TRP DA 306 -35.02 5.48 80.74
N LYS DA 307 -34.98 4.78 81.86
CA LYS DA 307 -35.06 3.33 81.86
C LYS DA 307 -36.51 2.91 82.05
N ASP DA 308 -36.96 1.96 81.22
CA ASP DA 308 -38.31 1.39 81.23
C ASP DA 308 -39.38 2.46 81.06
N ALA DA 309 -39.14 3.40 80.14
CA ALA DA 309 -40.13 4.40 79.78
C ALA DA 309 -40.86 4.03 78.50
N LEU DA 310 -41.04 2.74 78.24
CA LEU DA 310 -41.60 2.26 76.99
C LEU DA 310 -42.88 1.45 77.16
N LYS DA 311 -43.08 0.80 78.30
CA LYS DA 311 -44.17 -0.15 78.45
C LYS DA 311 -45.51 0.57 78.57
N LEU DA 312 -46.59 -0.24 78.60
CA LEU DA 312 -47.93 0.28 78.38
C LEU DA 312 -48.51 1.03 79.57
N SER DA 313 -47.90 0.91 80.75
CA SER DA 313 -48.46 1.54 81.93
C SER DA 313 -48.24 3.05 81.90
N GLY DA 314 -49.22 3.78 82.42
CA GLY DA 314 -49.14 5.23 82.47
C GLY DA 314 -48.24 5.78 83.56
N ASP DA 315 -47.80 4.93 84.49
CA ASP DA 315 -46.84 5.38 85.49
C ASP DA 315 -45.47 5.61 84.87
N SER DA 316 -45.13 4.83 83.86
CA SER DA 316 -43.79 4.87 83.26
C SER DA 316 -43.65 5.94 82.19
N LYS DA 317 -44.49 6.97 82.20
CA LYS DA 317 -44.25 8.14 81.36
C LYS DA 317 -42.97 8.82 81.82
N PRO DA 318 -42.02 9.08 80.92
CA PRO DA 318 -40.76 9.70 81.34
C PRO DA 318 -40.96 11.14 81.80
N CYS DA 319 -40.21 11.52 82.82
CA CYS DA 319 -40.38 12.82 83.45
C CYS DA 319 -39.05 13.22 84.09
N PHE DA 320 -38.98 14.47 84.51
CA PHE DA 320 -37.75 15.03 85.05
C PHE DA 320 -37.71 15.06 86.57
N GLY DA 321 -38.78 14.65 87.25
CA GLY DA 321 -38.79 14.78 88.69
C GLY DA 321 -39.88 13.96 89.32
N SER DA 322 -39.94 14.05 90.65
CA SER DA 322 -40.91 13.32 91.46
C SER DA 322 -41.16 14.11 92.73
N MET DA 323 -42.41 14.51 92.95
CA MET DA 323 -42.74 15.31 94.13
C MET DA 323 -42.75 14.43 95.36
N GLY DA 324 -41.88 14.73 96.32
CA GLY DA 324 -41.86 14.02 97.58
C GLY DA 324 -41.37 12.60 97.51
N GLY DA 325 -40.60 12.26 96.49
CA GLY DA 325 -40.14 10.89 96.30
C GLY DA 325 -41.24 9.92 95.94
N ASN DA 326 -42.18 10.33 95.10
CA ASN DA 326 -43.22 9.44 94.62
C ASN DA 326 -42.60 8.42 93.66
N PRO DA 327 -42.67 7.12 93.95
CA PRO DA 327 -41.98 6.13 93.09
C PRO DA 327 -42.68 5.87 91.77
N HIS DA 328 -43.90 6.37 91.57
CA HIS DA 328 -44.63 6.06 90.35
C HIS DA 328 -44.07 6.79 89.14
N ARG DA 329 -43.63 8.03 89.32
CA ARG DA 329 -43.07 8.79 88.20
C ARG DA 329 -41.72 8.23 87.77
N ASN DA 330 -41.42 8.37 86.49
CA ASN DA 330 -40.19 7.84 85.92
C ASN DA 330 -39.13 8.93 85.95
N THR DA 331 -38.28 8.89 86.97
CA THR DA 331 -37.12 9.75 87.02
C THR DA 331 -36.13 9.35 85.92
N PRO DA 332 -35.31 10.30 85.44
CA PRO DA 332 -34.34 9.95 84.39
C PRO DA 332 -33.28 8.99 84.92
N TYR DA 333 -32.92 8.02 84.08
CA TYR DA 333 -31.98 6.98 84.48
C TYR DA 333 -30.57 7.55 84.66
N MET DA 334 -30.13 8.36 83.71
CA MET DA 334 -28.85 9.05 83.83
C MET DA 334 -28.87 10.27 82.94
N SER DA 335 -28.55 11.42 83.51
CA SER DA 335 -28.41 12.66 82.76
C SER DA 335 -26.94 13.08 82.76
N HIS DA 336 -26.48 13.57 81.61
CA HIS DA 336 -25.11 14.05 81.48
C HIS DA 336 -25.14 15.42 80.86
N LEU DA 337 -24.32 16.32 81.40
CA LEU DA 337 -24.23 17.69 80.91
C LEU DA 337 -22.96 17.87 80.10
N PHE DA 338 -23.11 18.39 78.90
CA PHE DA 338 -21.97 18.78 78.10
C PHE DA 338 -21.64 20.24 78.36
N ALA DA 339 -20.42 20.65 77.99
CA ALA DA 339 -19.91 21.94 78.41
C ALA DA 339 -20.61 23.08 77.70
N GLY DA 340 -20.41 23.20 76.40
CA GLY DA 340 -21.05 24.27 75.66
C GLY DA 340 -21.47 23.82 74.28
N ASN DA 341 -21.58 22.51 74.10
CA ASN DA 341 -21.75 21.92 72.78
C ASN DA 341 -23.22 21.66 72.49
N LYS DA 342 -23.58 21.79 71.22
CA LYS DA 342 -24.87 21.35 70.72
C LYS DA 342 -24.66 20.00 70.05
N VAL DA 343 -25.32 18.96 70.57
CA VAL DA 343 -25.10 17.62 70.08
C VAL DA 343 -25.78 17.45 68.73
N GLU DA 344 -25.21 16.60 67.88
CA GLU DA 344 -25.67 16.42 66.51
C GLU DA 344 -26.48 15.15 66.33
N ASN DA 345 -26.00 14.03 66.87
CA ASN DA 345 -26.75 12.79 66.90
C ASN DA 345 -26.19 11.95 68.04
N LEU DA 346 -26.90 10.88 68.36
CA LEU DA 346 -26.40 9.95 69.38
C LEU DA 346 -26.76 8.53 68.97
N GLY DA 347 -25.80 7.63 69.10
CA GLY DA 347 -25.98 6.25 68.67
C GLY DA 347 -25.28 5.29 69.60
N PHE DA 348 -25.95 4.20 69.92
CA PHE DA 348 -25.43 3.23 70.87
C PHE DA 348 -24.53 2.23 70.17
N VAL DA 349 -23.50 1.78 70.86
CA VAL DA 349 -22.82 0.56 70.41
C VAL DA 349 -23.77 -0.62 70.64
N PRO DA 350 -24.01 -1.46 69.62
CA PRO DA 350 -25.11 -2.44 69.72
C PRO DA 350 -24.87 -3.58 70.70
N PHE DA 351 -23.62 -3.87 71.07
CA PHE DA 351 -23.36 -5.04 71.91
C PHE DA 351 -22.45 -4.73 73.09
N GLU DA 352 -22.07 -3.48 73.27
CA GLU DA 352 -21.54 -3.00 74.54
C GLU DA 352 -22.51 -1.95 75.06
N ASP DA 353 -22.17 -1.35 76.21
CA ASP DA 353 -23.07 -0.39 76.84
C ASP DA 353 -22.38 0.96 76.89
N LEU DA 354 -22.45 1.68 75.77
CA LEU DA 354 -21.95 3.04 75.63
C LEU DA 354 -22.84 3.77 74.63
N LEU DA 355 -23.05 5.05 74.82
CA LEU DA 355 -23.73 5.87 73.82
C LEU DA 355 -22.74 6.88 73.28
N GLY DA 356 -22.65 6.95 71.95
CA GLY DA 356 -21.74 7.86 71.31
C GLY DA 356 -22.43 9.15 70.93
N VAL DA 357 -22.13 10.22 71.63
CA VAL DA 357 -22.78 11.51 71.43
C VAL DA 357 -21.90 12.35 70.53
N GLY DA 358 -22.45 12.83 69.42
CA GLY DA 358 -21.70 13.64 68.49
C GLY DA 358 -21.87 15.12 68.74
N HIS DA 359 -20.87 15.75 69.31
CA HIS DA 359 -20.90 17.17 69.57
C HIS DA 359 -20.04 17.91 68.55
N GLN DA 360 -19.98 19.23 68.70
CA GLN DA 360 -19.27 20.07 67.73
C GLN DA 360 -17.76 19.88 67.78
N THR DA 361 -17.19 19.65 68.96
CA THR DA 361 -15.75 19.57 69.11
C THR DA 361 -15.24 18.13 68.99
N GLY DA 362 -16.11 17.19 68.68
CA GLY DA 362 -15.67 15.83 68.50
C GLY DA 362 -16.61 14.76 69.01
N ILE DA 363 -16.05 13.65 69.49
CA ILE DA 363 -16.80 12.45 69.85
C ILE DA 363 -16.56 12.13 71.31
N THR DA 364 -17.64 11.88 72.04
CA THR DA 364 -17.57 11.35 73.39
C THR DA 364 -18.38 10.07 73.47
N ASN DA 365 -17.99 9.20 74.39
CA ASN DA 365 -18.70 7.95 74.66
C ASN DA 365 -19.03 7.92 76.15
N LEU DA 366 -20.28 8.21 76.49
CA LEU DA 366 -20.71 8.15 77.88
C LEU DA 366 -21.06 6.71 78.24
N ILE DA 367 -20.60 6.26 79.39
CA ILE DA 367 -20.84 4.89 79.82
C ILE DA 367 -22.22 4.79 80.46
N VAL DA 368 -22.95 3.74 80.12
CA VAL DA 368 -24.23 3.42 80.72
C VAL DA 368 -24.17 1.99 81.23
N PRO DA 369 -24.97 1.65 82.25
CA PRO DA 369 -24.95 0.25 82.71
C PRO DA 369 -25.69 -0.71 81.80
N GLY DA 370 -26.88 -0.35 81.32
CA GLY DA 370 -27.74 -1.35 80.73
C GLY DA 370 -28.36 -1.03 79.38
N ALA DA 371 -27.58 -0.44 78.47
CA ALA DA 371 -28.11 -0.18 77.13
C ALA DA 371 -28.03 -1.41 76.24
N GLY DA 372 -26.81 -1.89 75.98
CA GLY DA 372 -26.64 -2.96 75.03
C GLY DA 372 -26.95 -4.32 75.60
N GLU DA 373 -27.34 -5.23 74.72
CA GLU DA 373 -27.52 -6.62 75.09
C GLU DA 373 -26.18 -7.32 75.20
N ALA DA 374 -26.04 -8.18 76.20
CA ALA DA 374 -24.78 -8.84 76.49
C ALA DA 374 -24.68 -10.22 75.89
N ASN DA 375 -25.67 -10.65 75.11
CA ASN DA 375 -25.69 -11.97 74.49
C ASN DA 375 -25.92 -11.78 73.00
N TYR DA 376 -24.84 -11.58 72.25
CA TYR DA 376 -24.96 -11.39 70.82
C TYR DA 376 -25.05 -12.72 70.09
N ASP DA 377 -25.65 -12.69 68.92
CA ASP DA 377 -25.79 -13.88 68.09
C ASP DA 377 -24.66 -13.93 67.07
N ALA DA 378 -23.92 -15.03 67.07
CA ALA DA 378 -22.75 -15.14 66.21
C ALA DA 378 -23.11 -15.40 64.74
N LEU DA 379 -24.34 -15.82 64.46
CA LEU DA 379 -24.75 -16.05 63.08
C LEU DA 379 -25.32 -14.82 62.40
N GLU DA 380 -25.49 -13.72 63.13
CA GLU DA 380 -25.95 -12.47 62.55
C GLU DA 380 -24.92 -11.35 62.68
N LEU DA 381 -24.39 -11.14 63.89
CA LEU DA 381 -23.54 -9.97 64.15
C LEU DA 381 -22.44 -10.35 65.14
N ASN DA 382 -21.19 -10.30 64.69
CA ASN DA 382 -20.05 -10.64 65.52
C ASN DA 382 -19.20 -9.40 65.78
N PRO DA 383 -19.10 -8.93 67.02
CA PRO DA 383 -18.06 -7.95 67.34
C PRO DA 383 -16.65 -8.47 67.15
N PHE DA 384 -16.44 -9.76 67.36
CA PHE DA 384 -15.14 -10.40 67.15
C PHE DA 384 -15.26 -11.27 65.90
N GLU DA 385 -15.02 -10.67 64.74
CA GLU DA 385 -15.11 -11.35 63.47
C GLU DA 385 -13.78 -11.18 62.72
N THR DA 386 -13.20 -12.29 62.28
CA THR DA 386 -11.96 -12.25 61.54
C THR DA 386 -12.25 -11.98 60.06
N LYS DA 387 -11.19 -11.98 59.25
CA LYS DA 387 -11.34 -11.69 57.83
C LYS DA 387 -12.08 -12.81 57.10
N LYS DA 388 -11.68 -14.06 57.36
CA LYS DA 388 -12.27 -15.18 56.63
C LYS DA 388 -13.69 -15.45 57.08
N GLN DA 389 -14.03 -15.09 58.31
CA GLN DA 389 -15.41 -15.22 58.77
C GLN DA 389 -16.29 -14.14 58.16
N ARG DA 390 -15.72 -12.95 57.93
CA ARG DA 390 -16.49 -11.86 57.36
C ARG DA 390 -16.76 -12.08 55.88
N GLN DA 391 -15.74 -12.45 55.12
CA GLN DA 391 -15.89 -12.54 53.66
C GLN DA 391 -16.67 -13.77 53.23
N GLU DA 392 -16.83 -14.77 54.10
CA GLU DA 392 -17.80 -15.82 53.86
C GLU DA 392 -19.20 -15.33 54.14
N GLN DA 393 -19.35 -14.48 55.17
CA GLN DA 393 -20.68 -14.07 55.64
C GLN DA 393 -21.35 -13.12 54.66
N GLU DA 394 -20.59 -12.22 54.03
CA GLU DA 394 -21.20 -11.28 53.10
C GLU DA 394 -21.62 -11.96 51.80
N VAL DA 395 -20.92 -13.03 51.41
CA VAL DA 395 -21.38 -13.84 50.29
C VAL DA 395 -22.64 -14.61 50.67
N ARG DA 396 -22.67 -15.14 51.89
CA ARG DA 396 -23.84 -15.88 52.37
C ARG DA 396 -25.05 -14.96 52.52
N THR DA 397 -24.84 -13.74 53.02
CA THR DA 397 -25.93 -12.79 53.11
C THR DA 397 -26.38 -12.32 51.73
N LEU DA 398 -25.47 -12.31 50.75
CA LEU DA 398 -25.86 -12.02 49.37
C LEU DA 398 -26.79 -13.09 48.82
N LEU DA 399 -26.52 -14.37 49.16
CA LEU DA 399 -27.40 -15.45 48.77
C LEU DA 399 -28.75 -15.34 49.48
N ASN DA 400 -28.73 -14.95 50.74
CA ASN DA 400 -29.92 -14.89 51.57
C ASN DA 400 -30.52 -13.49 51.65
N LYS DA 401 -30.34 -12.68 50.61
CA LYS DA 401 -30.82 -11.31 50.66
C LYS DA 401 -32.33 -11.27 50.48
N LEU DA 402 -32.96 -10.35 51.16
CA LEU DA 402 -34.40 -10.21 51.02
C LEU DA 402 -34.72 -9.26 49.87
N PRO DA 403 -35.60 -9.66 48.97
CA PRO DA 403 -35.99 -8.77 47.87
C PRO DA 403 -36.84 -7.61 48.38
N ALA DA 404 -36.82 -6.52 47.62
CA ALA DA 404 -37.40 -5.27 48.09
C ALA DA 404 -38.93 -5.27 48.07
N ASP DA 405 -39.55 -6.25 47.42
CA ASP DA 405 -41.01 -6.36 47.46
C ASP DA 405 -41.49 -6.81 48.83
N THR DA 406 -40.62 -7.49 49.60
CA THR DA 406 -41.02 -8.18 50.81
C THR DA 406 -41.42 -7.22 51.93
N ILE DA 407 -41.02 -5.96 51.84
CA ILE DA 407 -41.21 -4.99 52.92
C ILE DA 407 -42.68 -4.61 53.01
N THR DA 408 -43.37 -5.13 54.03
CA THR DA 408 -44.76 -4.81 54.30
C THR DA 408 -44.94 -4.38 55.75
N LEU DA 409 -46.19 -4.27 56.20
CA LEU DA 409 -46.44 -3.90 57.59
C LEU DA 409 -46.07 -5.02 58.56
N ASP DA 410 -46.27 -6.28 58.16
CA ASP DA 410 -45.96 -7.41 59.02
C ASP DA 410 -45.13 -8.42 58.22
N PRO DA 411 -43.95 -8.81 58.70
CA PRO DA 411 -43.18 -9.84 57.99
C PRO DA 411 -43.75 -11.24 58.13
N ASN DA 412 -44.65 -11.46 59.11
CA ASN DA 412 -45.31 -12.75 59.24
C ASN DA 412 -46.41 -12.94 58.20
N SER DA 413 -46.79 -11.89 57.48
CA SER DA 413 -47.81 -11.97 56.44
C SER DA 413 -47.20 -12.12 55.05
N ILE DA 414 -46.07 -12.82 54.94
CA ILE DA 414 -45.43 -12.99 53.65
C ILE DA 414 -45.62 -14.40 53.08
N GLY DA 415 -45.96 -15.38 53.91
CA GLY DA 415 -46.21 -16.71 53.42
C GLY DA 415 -47.68 -17.07 53.53
N SER DA 416 -48.51 -16.05 53.70
CA SER DA 416 -49.92 -16.25 54.00
C SER DA 416 -50.70 -16.52 52.71
N VAL DA 417 -52.02 -16.54 52.83
CA VAL DA 417 -52.92 -16.71 51.71
C VAL DA 417 -53.47 -15.35 51.33
N ASP DA 418 -53.84 -15.20 50.06
CA ASP DA 418 -54.43 -13.96 49.57
C ASP DA 418 -55.77 -13.71 50.27
N LYS DA 419 -55.97 -12.48 50.74
CA LYS DA 419 -57.12 -12.17 51.56
C LYS DA 419 -58.42 -12.15 50.74
N ARG DA 420 -58.34 -11.81 49.45
CA ARG DA 420 -59.51 -11.82 48.61
C ARG DA 420 -59.95 -13.23 48.22
N SER DA 421 -59.10 -14.23 48.41
CA SER DA 421 -59.53 -15.61 48.27
C SER DA 421 -60.42 -16.01 49.44
N SER DA 422 -61.16 -17.10 49.25
CA SER DA 422 -62.00 -17.63 50.32
C SER DA 422 -61.14 -18.22 51.43
N THR DA 423 -61.64 -18.10 52.66
CA THR DA 423 -60.92 -18.63 53.81
C THR DA 423 -60.85 -20.15 53.77
N ILE DA 424 -61.99 -20.80 53.51
CA ILE DA 424 -61.99 -22.22 53.23
C ILE DA 424 -61.54 -22.46 51.79
N ARG DA 425 -61.04 -23.65 51.51
CA ARG DA 425 -60.66 -24.00 50.16
C ARG DA 425 -61.88 -24.53 49.41
N LEU DA 426 -61.70 -24.92 48.16
CA LEU DA 426 -62.81 -25.29 47.31
C LEU DA 426 -62.57 -26.68 46.72
N ASN DA 427 -63.56 -27.56 46.84
CA ASN DA 427 -63.49 -28.85 46.20
C ASN DA 427 -63.78 -28.73 44.71
N ALA DA 428 -63.45 -29.79 43.97
CA ALA DA 428 -63.92 -29.88 42.59
C ALA DA 428 -65.43 -30.04 42.55
N LYS DA 429 -65.98 -30.76 43.53
CA LYS DA 429 -67.44 -30.80 43.70
C LYS DA 429 -67.99 -29.43 44.08
N ASP DA 430 -67.28 -28.71 44.95
CA ASP DA 430 -67.74 -27.40 45.39
C ASP DA 430 -67.55 -26.33 44.32
N LEU DA 431 -66.57 -26.51 43.43
CA LEU DA 431 -66.44 -25.60 42.29
C LEU DA 431 -67.58 -25.81 41.31
N ALA DA 432 -68.00 -27.06 41.10
CA ALA DA 432 -69.15 -27.33 40.25
C ALA DA 432 -70.44 -26.88 40.91
N GLN DA 433 -70.49 -26.88 42.24
CA GLN DA 433 -71.63 -26.27 42.93
C GLN DA 433 -71.61 -24.75 42.76
N THR DA 434 -70.42 -24.14 42.70
CA THR DA 434 -70.32 -22.73 42.38
C THR DA 434 -70.71 -22.45 40.94
N THR DA 435 -70.44 -23.42 40.05
CA THR DA 435 -70.95 -23.34 38.68
C THR DA 435 -72.47 -23.48 38.66
N MET DA 436 -73.02 -24.28 39.56
CA MET DA 436 -74.47 -24.38 39.70
C MET DA 436 -75.07 -23.09 40.24
N ASP DA 437 -74.30 -22.32 41.01
CA ASP DA 437 -74.74 -20.98 41.39
C ASP DA 437 -74.77 -20.06 40.17
N ALA DA 438 -73.79 -20.19 39.29
CA ALA DA 438 -73.71 -19.37 38.08
C ALA DA 438 -74.73 -19.81 37.05
N VAL EA 1 -16.80 -11.23 46.54
CA VAL EA 1 -15.53 -10.83 47.13
C VAL EA 1 -14.65 -12.04 47.38
N ARG EA 2 -15.28 -13.21 47.51
CA ARG EA 2 -14.58 -14.45 47.82
C ARG EA 2 -14.27 -15.26 46.57
N LYS EA 3 -14.32 -14.64 45.39
CA LYS EA 3 -14.23 -15.29 44.09
C LYS EA 3 -15.20 -16.46 44.02
N LEU EA 4 -16.48 -16.09 44.08
CA LEU EA 4 -17.57 -16.98 44.45
C LEU EA 4 -17.74 -18.14 43.49
N LYS EA 5 -17.99 -19.32 44.05
CA LYS EA 5 -18.01 -20.58 43.31
C LYS EA 5 -19.24 -20.65 42.41
N HIS EA 6 -19.29 -21.71 41.58
CA HIS EA 6 -20.18 -21.72 40.41
C HIS EA 6 -21.63 -21.81 40.86
N HIS EA 7 -21.91 -22.60 41.91
CA HIS EA 7 -23.30 -22.82 42.30
C HIS EA 7 -23.92 -21.56 42.90
N GLU EA 8 -23.10 -20.64 43.38
CA GLU EA 8 -23.63 -19.36 43.82
C GLU EA 8 -23.38 -18.24 42.83
N GLN EA 9 -22.49 -18.43 41.86
CA GLN EA 9 -22.24 -17.38 40.88
C GLN EA 9 -23.40 -17.27 39.90
N LYS EA 10 -24.02 -18.41 39.55
CA LYS EA 10 -25.20 -18.36 38.70
C LYS EA 10 -26.38 -17.75 39.45
N LEU EA 11 -26.45 -17.97 40.76
CA LEU EA 11 -27.45 -17.30 41.58
C LEU EA 11 -27.15 -15.82 41.73
N LEU EA 12 -25.89 -15.42 41.58
CA LEU EA 12 -25.48 -14.04 41.78
C LEU EA 12 -24.80 -13.46 40.56
N LYS EA 13 -25.41 -13.65 39.37
CA LYS EA 13 -24.82 -13.15 38.13
C LYS EA 13 -24.82 -11.63 38.08
N LYS EA 14 -25.80 -10.99 38.72
CA LYS EA 14 -26.04 -9.57 38.52
C LYS EA 14 -25.49 -8.70 39.65
N VAL EA 15 -24.66 -9.27 40.54
CA VAL EA 15 -24.16 -8.51 41.68
C VAL EA 15 -22.73 -8.06 41.40
N ASP EA 16 -22.44 -6.80 41.76
CA ASP EA 16 -21.10 -6.22 41.66
C ASP EA 16 -21.09 -4.99 42.55
N PHE EA 17 -20.26 -5.00 43.60
CA PHE EA 17 -20.18 -3.82 44.45
C PHE EA 17 -19.35 -2.72 43.82
N LEU EA 18 -18.57 -3.05 42.79
CA LEU EA 18 -17.62 -2.12 42.20
C LEU EA 18 -18.09 -1.53 40.89
N GLU EA 19 -19.05 -2.16 40.22
CA GLU EA 19 -19.42 -1.72 38.88
C GLU EA 19 -20.95 -1.74 38.81
N TRP EA 20 -21.55 -0.56 38.61
CA TRP EA 20 -22.99 -0.41 38.52
C TRP EA 20 -23.37 0.22 37.20
N LYS EA 21 -24.62 0.01 36.79
CA LYS EA 21 -25.06 0.44 35.46
C LYS EA 21 -25.17 1.96 35.35
N GLN EA 22 -25.44 2.66 36.46
CA GLN EA 22 -25.51 4.10 36.39
C GLN EA 22 -24.12 4.74 36.32
N ASP EA 23 -23.07 3.96 36.58
CA ASP EA 23 -21.70 4.47 36.62
C ASP EA 23 -21.09 4.62 35.25
N GLN EA 24 -21.87 4.40 34.18
CA GLN EA 24 -21.55 4.57 32.74
C GLN EA 24 -20.14 4.12 32.37
N GLY EA 25 -19.79 2.91 32.79
CA GLY EA 25 -18.52 2.33 32.43
C GLY EA 25 -17.31 2.97 33.06
N HIS EA 26 -17.51 3.77 34.12
CA HIS EA 26 -16.45 4.52 34.80
C HIS EA 26 -15.69 5.43 33.84
N ARG EA 27 -16.43 6.12 32.97
CA ARG EA 27 -15.79 7.10 32.10
C ARG EA 27 -15.45 8.38 32.83
N ASP EA 28 -15.97 8.55 34.04
CA ASP EA 28 -15.62 9.73 34.83
C ASP EA 28 -14.16 9.67 35.26
N THR EA 29 -13.78 8.60 35.96
CA THR EA 29 -12.42 8.49 36.44
C THR EA 29 -11.42 8.12 35.36
N GLN EA 30 -11.88 7.64 34.20
CA GLN EA 30 -10.95 7.30 33.13
C GLN EA 30 -10.40 8.55 32.46
N VAL EA 31 -11.26 9.51 32.15
CA VAL EA 31 -10.79 10.77 31.59
C VAL EA 31 -10.27 11.69 32.68
N MET EA 32 -10.56 11.40 33.94
CA MET EA 32 -10.02 12.19 35.04
C MET EA 32 -8.55 11.88 35.25
N ARG EA 33 -8.19 10.60 35.20
CA ARG EA 33 -6.82 10.21 35.42
C ARG EA 33 -5.93 10.55 34.22
N THR EA 34 -6.49 10.46 33.02
CA THR EA 34 -5.70 10.72 31.82
C THR EA 34 -5.28 12.18 31.75
N TYR EA 35 -6.13 13.09 32.20
CA TYR EA 35 -5.92 14.52 32.00
C TYR EA 35 -5.67 15.27 33.29
N HIS EA 36 -5.79 14.60 34.45
CA HIS EA 36 -5.39 15.09 35.77
C HIS EA 36 -6.13 16.37 36.17
N ILE EA 37 -7.43 16.23 36.36
CA ILE EA 37 -8.22 17.31 36.96
C ILE EA 37 -8.40 17.00 38.44
N GLN EA 38 -8.52 18.05 39.25
CA GLN EA 38 -8.33 17.90 40.69
C GLN EA 38 -9.58 17.42 41.40
N ASN EA 39 -10.65 18.21 41.37
CA ASN EA 39 -11.83 17.92 42.17
C ASN EA 39 -12.72 16.89 41.47
N ARG EA 40 -13.93 16.70 41.96
CA ARG EA 40 -14.78 15.59 41.54
C ARG EA 40 -15.92 15.98 40.62
N GLU EA 41 -16.45 17.19 40.73
CA GLU EA 41 -17.60 17.60 39.94
C GLU EA 41 -17.22 18.29 38.64
N ASP EA 42 -15.92 18.48 38.37
CA ASP EA 42 -15.51 19.25 37.20
C ASP EA 42 -15.79 18.51 35.90
N TYR EA 43 -15.70 17.19 35.91
CA TYR EA 43 -16.01 16.39 34.73
C TYR EA 43 -17.48 16.54 34.35
N HIS EA 44 -18.37 16.52 35.34
CA HIS EA 44 -19.79 16.62 35.09
C HIS EA 44 -20.21 18.04 34.73
N LYS EA 45 -19.47 19.05 35.19
CA LYS EA 45 -19.78 20.42 34.79
C LYS EA 45 -19.50 20.64 33.31
N TYR EA 46 -18.49 19.94 32.77
CA TYR EA 46 -18.28 19.96 31.34
C TYR EA 46 -19.31 19.11 30.62
N ASN EA 47 -19.79 18.04 31.27
CA ASN EA 47 -20.73 17.14 30.62
C ASN EA 47 -22.10 17.78 30.41
N ARG EA 48 -22.46 18.76 31.25
CA ARG EA 48 -23.70 19.49 31.02
C ARG EA 48 -23.59 20.37 29.78
N ILE EA 49 -22.43 21.00 29.59
CA ILE EA 49 -22.21 21.80 28.39
C ILE EA 49 -22.02 20.91 27.17
N CYS EA 50 -21.24 19.83 27.31
CA CYS EA 50 -21.04 18.90 26.20
C CYS EA 50 -22.33 18.17 25.85
N GLY EA 51 -23.23 18.01 26.84
CA GLY EA 51 -24.57 17.57 26.53
C GLY EA 51 -25.41 18.66 25.89
N ASP EA 52 -25.14 19.92 26.23
CA ASP EA 52 -25.92 21.02 25.66
C ASP EA 52 -25.54 21.30 24.21
N ILE EA 53 -24.27 21.06 23.85
CA ILE EA 53 -23.86 21.13 22.45
C ILE EA 53 -24.57 20.05 21.65
N ARG EA 54 -24.64 18.84 22.21
CA ARG EA 54 -25.36 17.76 21.55
C ARG EA 54 -26.86 17.99 21.55
N ARG EA 55 -27.39 18.71 22.54
CA ARG EA 55 -28.80 19.06 22.52
C ARG EA 55 -29.09 20.04 21.39
N LEU EA 56 -28.21 21.00 21.18
CA LEU EA 56 -28.36 21.90 20.04
C LEU EA 56 -27.92 21.24 18.74
N ALA EA 57 -27.22 20.10 18.82
CA ALA EA 57 -26.90 19.34 17.62
C ALA EA 57 -28.14 18.69 17.04
N ASN EA 58 -28.91 17.99 17.89
CA ASN EA 58 -30.08 17.28 17.39
C ASN EA 58 -31.19 18.25 17.04
N LYS EA 59 -31.32 19.34 17.79
CA LYS EA 59 -32.38 20.31 17.55
C LYS EA 59 -32.14 21.13 16.30
N LEU EA 60 -30.90 21.15 15.81
CA LEU EA 60 -30.63 21.78 14.53
C LEU EA 60 -31.04 20.88 13.37
N SER EA 61 -31.22 19.59 13.63
CA SER EA 61 -31.44 18.63 12.56
C SER EA 61 -32.90 18.26 12.33
N LEU EA 62 -33.82 18.63 13.24
CA LEU EA 62 -35.22 18.47 12.88
C LEU EA 62 -35.64 19.53 11.86
N LEU EA 63 -34.90 20.64 11.78
CA LEU EA 63 -35.14 21.70 10.83
C LEU EA 63 -34.89 21.19 9.41
N PRO EA 64 -35.53 21.80 8.42
CA PRO EA 64 -35.24 21.45 7.03
C PRO EA 64 -33.81 21.76 6.67
N PRO EA 65 -33.19 20.98 5.77
CA PRO EA 65 -31.76 21.13 5.48
C PRO EA 65 -31.41 22.45 4.80
N THR EA 66 -32.20 22.85 3.81
CA THR EA 66 -31.97 24.14 3.14
C THR EA 66 -32.78 25.26 3.79
N ASP EA 67 -32.65 25.39 5.10
CA ASP EA 67 -33.27 26.50 5.82
C ASP EA 67 -32.27 27.64 5.95
N PRO EA 68 -32.60 28.85 5.52
CA PRO EA 68 -31.65 29.97 5.63
C PRO EA 68 -31.33 30.35 7.07
N PHE EA 69 -32.26 30.13 8.00
CA PHE EA 69 -31.93 30.29 9.40
C PHE EA 69 -30.99 29.19 9.87
N ARG EA 70 -31.15 27.98 9.34
CA ARG EA 70 -30.18 26.96 9.68
C ARG EA 70 -28.84 27.26 9.03
N ARG EA 71 -28.84 27.62 7.72
CA ARG EA 71 -27.63 27.88 6.93
C ARG EA 71 -26.65 28.87 7.58
N LYS EA 72 -27.13 29.75 8.44
CA LYS EA 72 -26.26 30.67 9.15
C LYS EA 72 -25.78 30.11 10.48
N HIS EA 73 -26.53 29.16 11.07
CA HIS EA 73 -26.44 28.99 12.51
C HIS EA 73 -25.32 28.07 12.97
N GLU EA 74 -25.21 26.85 12.43
CA GLU EA 74 -24.20 25.94 13.00
C GLU EA 74 -22.80 26.32 12.56
N GLN EA 75 -22.65 27.00 11.41
CA GLN EA 75 -21.34 27.52 11.05
C GLN EA 75 -20.90 28.62 12.00
N LEU EA 76 -21.86 29.37 12.53
CA LEU EA 76 -21.57 30.30 13.63
C LEU EA 76 -21.17 29.55 14.88
N LEU EA 77 -21.82 28.41 15.16
CA LEU EA 77 -21.47 27.64 16.34
C LEU EA 77 -20.17 26.86 16.13
N LEU EA 78 -19.90 26.42 14.90
CA LEU EA 78 -18.65 25.71 14.59
C LEU EA 78 -17.46 26.63 14.75
N ASP EA 79 -17.58 27.88 14.31
CA ASP EA 79 -16.49 28.84 14.47
C ASP EA 79 -16.30 29.20 15.94
N LYS EA 80 -17.38 29.19 16.71
CA LYS EA 80 -17.29 29.44 18.15
C LYS EA 80 -16.51 28.33 18.83
N LEU EA 81 -16.77 27.07 18.46
CA LEU EA 81 -16.06 25.96 19.06
C LEU EA 81 -14.66 25.78 18.49
N TYR EA 82 -14.43 26.22 17.24
CA TYR EA 82 -13.07 26.21 16.70
C TYR EA 82 -12.22 27.24 17.42
N ALA EA 83 -12.76 28.45 17.63
CA ALA EA 83 -12.06 29.45 18.41
C ALA EA 83 -11.98 29.05 19.88
N MET EA 84 -12.92 28.22 20.34
CA MET EA 84 -12.78 27.62 21.67
C MET EA 84 -11.63 26.63 21.68
N GLY EA 85 -11.48 25.86 20.60
CA GLY EA 85 -10.48 24.82 20.55
C GLY EA 85 -10.99 23.44 20.87
N VAL EA 86 -12.27 23.30 21.26
CA VAL EA 86 -12.80 21.99 21.62
C VAL EA 86 -12.93 21.08 20.40
N LEU EA 87 -13.33 21.62 19.25
CA LEU EA 87 -13.34 20.86 18.02
C LEU EA 87 -12.41 21.51 17.03
N THR EA 88 -11.68 20.69 16.29
CA THR EA 88 -10.61 21.16 15.42
C THR EA 88 -10.85 20.79 13.97
N THR EA 89 -12.10 20.94 13.51
CA THR EA 89 -12.46 20.60 12.15
C THR EA 89 -13.61 21.51 11.72
N LYS EA 90 -13.46 22.13 10.56
CA LYS EA 90 -14.50 22.96 9.99
C LYS EA 90 -15.30 22.29 8.88
N SER EA 91 -14.93 21.10 8.43
CA SER EA 91 -15.60 20.50 7.28
C SER EA 91 -16.93 19.86 7.69
N LYS EA 92 -16.87 18.83 8.54
CA LYS EA 92 -18.07 18.11 8.91
C LYS EA 92 -18.89 18.90 9.92
N ILE EA 93 -20.20 18.67 9.92
CA ILE EA 93 -21.05 19.16 10.98
C ILE EA 93 -21.51 18.03 11.90
N SER EA 94 -21.42 16.77 11.44
CA SER EA 94 -21.70 15.65 12.33
C SER EA 94 -20.65 15.48 13.41
N ASP EA 95 -19.50 16.14 13.27
CA ASP EA 95 -18.52 16.20 14.35
C ASP EA 95 -19.01 17.03 15.53
N LEU EA 96 -20.00 17.90 15.33
CA LEU EA 96 -20.45 18.73 16.45
C LEU EA 96 -21.36 17.94 17.40
N GLU EA 97 -21.81 16.76 16.99
CA GLU EA 97 -22.44 15.82 17.92
C GLU EA 97 -21.54 14.66 18.31
N ASN EA 98 -20.66 14.21 17.42
CA ASN EA 98 -19.80 13.08 17.70
C ASN EA 98 -18.46 13.50 18.31
N LYS EA 99 -17.74 14.38 17.63
CA LYS EA 99 -16.40 14.75 18.09
C LYS EA 99 -16.41 15.75 19.23
N VAL EA 100 -17.56 16.34 19.56
CA VAL EA 100 -17.64 17.18 20.74
C VAL EA 100 -17.65 16.28 21.97
N THR EA 101 -16.59 16.37 22.76
CA THR EA 101 -16.28 15.38 23.78
C THR EA 101 -15.75 16.12 24.99
N VAL EA 102 -15.86 15.50 26.17
CA VAL EA 102 -15.22 16.09 27.34
C VAL EA 102 -13.71 15.98 27.24
N SER EA 103 -13.21 14.87 26.68
CA SER EA 103 -11.78 14.76 26.42
C SER EA 103 -11.34 15.76 25.36
N ALA EA 104 -12.26 16.16 24.47
CA ALA EA 104 -11.98 17.27 23.58
C ALA EA 104 -12.03 18.60 24.31
N ILE EA 105 -12.81 18.70 25.38
CA ILE EA 105 -12.92 19.97 26.09
C ILE EA 105 -11.93 20.05 27.26
N CYS EA 106 -11.40 18.92 27.71
CA CYS EA 106 -10.43 18.96 28.80
C CYS EA 106 -8.99 18.99 28.33
N ARG EA 107 -8.74 18.70 27.05
CA ARG EA 107 -7.41 18.91 26.50
C ARG EA 107 -7.14 20.37 26.16
N ARG EA 108 -8.17 21.21 26.22
CA ARG EA 108 -8.01 22.64 26.10
C ARG EA 108 -7.91 23.32 27.45
N ARG EA 109 -7.79 22.54 28.52
CA ARG EA 109 -7.44 23.12 29.81
C ARG EA 109 -5.98 23.53 29.80
N LEU EA 110 -5.60 24.32 30.80
CA LEU EA 110 -4.22 24.80 30.90
C LEU EA 110 -3.17 23.71 31.04
N PRO EA 111 -3.25 22.74 31.99
CA PRO EA 111 -2.10 21.84 32.17
C PRO EA 111 -1.91 20.84 31.03
N VAL EA 112 -2.97 20.51 30.29
CA VAL EA 112 -2.81 19.70 29.10
C VAL EA 112 -2.13 20.50 28.00
N ILE EA 113 -2.48 21.79 27.88
CA ILE EA 113 -1.93 22.64 26.83
C ILE EA 113 -0.45 22.93 27.06
N MET EA 114 -0.01 22.88 28.33
CA MET EA 114 1.41 22.80 28.62
C MET EA 114 2.06 21.59 27.97
N HIS EA 115 1.41 20.43 28.07
CA HIS EA 115 2.01 19.21 27.56
C HIS EA 115 2.00 19.17 26.04
N ARG EA 116 1.03 19.85 25.42
CA ARG EA 116 1.03 19.96 23.97
C ARG EA 116 2.10 20.92 23.48
N LEU EA 117 2.41 21.94 24.28
CA LEU EA 117 3.50 22.86 23.98
C LEU EA 117 4.83 22.38 24.56
N LYS EA 118 4.84 21.21 25.19
CA LYS EA 118 6.01 20.53 25.73
C LYS EA 118 6.73 21.35 26.80
N MET EA 119 6.02 22.25 27.47
CA MET EA 119 6.64 23.06 28.50
C MET EA 119 6.73 22.34 29.83
N ALA EA 120 6.03 21.23 29.99
CA ALA EA 120 6.08 20.45 31.21
C ALA EA 120 6.48 19.03 30.87
N GLU EA 121 7.07 18.35 31.87
CA GLU EA 121 7.54 16.99 31.66
C GLU EA 121 6.39 16.01 31.49
N THR EA 122 5.40 16.05 32.38
CA THR EA 122 4.21 15.23 32.31
C THR EA 122 2.97 16.12 32.21
N ILE EA 123 1.79 15.50 32.28
CA ILE EA 123 0.53 16.21 32.41
C ILE EA 123 0.22 16.54 33.86
N GLN EA 124 0.90 15.90 34.81
CA GLN EA 124 0.71 16.17 36.23
C GLN EA 124 1.70 17.21 36.75
N ASP EA 125 2.92 17.22 36.22
CA ASP EA 125 3.92 18.20 36.65
C ASP EA 125 3.57 19.60 36.18
N ALA EA 126 2.71 19.72 35.16
CA ALA EA 126 2.16 21.02 34.81
C ALA EA 126 1.29 21.57 35.92
N VAL EA 127 0.48 20.71 36.55
CA VAL EA 127 -0.41 21.12 37.63
C VAL EA 127 0.40 21.58 38.83
N LYS EA 128 1.54 20.93 39.06
CA LYS EA 128 2.45 21.34 40.12
C LYS EA 128 3.03 22.72 39.85
N PHE EA 129 3.41 23.00 38.61
CA PHE EA 129 4.02 24.28 38.28
C PHE EA 129 2.99 25.40 38.24
N ILE EA 130 1.76 25.09 37.82
CA ILE EA 130 0.69 26.09 37.79
C ILE EA 130 0.32 26.50 39.22
N GLU EA 131 0.22 25.52 40.12
CA GLU EA 131 -0.20 25.80 41.48
C GLU EA 131 0.87 26.54 42.27
N GLN EA 132 2.14 26.33 41.93
CA GLN EA 132 3.21 27.04 42.63
C GLN EA 132 3.35 28.48 42.17
N GLY EA 133 2.65 28.89 41.13
CA GLY EA 133 2.72 30.27 40.70
C GLY EA 133 3.86 30.55 39.75
N HIS EA 134 3.88 29.84 38.63
CA HIS EA 134 4.94 29.99 37.64
C HIS EA 134 4.43 30.39 36.27
N VAL EA 135 3.14 30.25 35.99
CA VAL EA 135 2.62 30.25 34.63
C VAL EA 135 1.71 31.45 34.45
N ARG EA 136 1.93 32.21 33.38
CA ARG EA 136 1.15 33.40 33.10
C ARG EA 136 0.54 33.30 31.72
N VAL EA 137 -0.58 34.00 31.56
CA VAL EA 137 -1.29 34.11 30.28
C VAL EA 137 -1.32 35.60 29.96
N GLY EA 138 -0.31 36.08 29.25
CA GLY EA 138 -0.15 37.49 29.01
C GLY EA 138 0.51 38.21 30.17
N PRO EA 139 -0.16 39.22 30.71
CA PRO EA 139 0.40 39.98 31.82
C PRO EA 139 0.35 39.28 33.17
N ASN EA 140 -0.77 38.61 33.45
CA ASN EA 140 -1.07 38.10 34.78
C ASN EA 140 -0.84 36.59 34.85
N LEU EA 141 -0.36 36.14 35.99
CA LEU EA 141 -0.31 34.71 36.23
C LEU EA 141 -1.64 34.24 36.81
N ILE EA 142 -2.01 33.02 36.46
CA ILE EA 142 -3.23 32.40 37.00
C ILE EA 142 -2.81 31.20 37.83
N ASN EA 143 -3.46 31.05 38.97
CA ASN EA 143 -3.16 29.98 39.90
C ASN EA 143 -4.13 28.83 39.83
N ASP EA 144 -5.34 29.05 39.33
CA ASP EA 144 -6.31 27.97 39.20
C ASP EA 144 -5.94 27.11 38.01
N PRO EA 145 -5.68 25.81 38.21
CA PRO EA 145 -5.30 24.96 37.07
C PRO EA 145 -6.45 24.60 36.19
N ALA EA 146 -7.69 24.83 36.62
CA ALA EA 146 -8.87 24.50 35.82
C ALA EA 146 -9.27 25.66 34.93
N TYR EA 147 -8.32 26.18 34.16
CA TYR EA 147 -8.55 27.31 33.28
C TYR EA 147 -8.56 26.80 31.84
N LEU EA 148 -9.69 26.99 31.16
CA LEU EA 148 -9.74 26.69 29.74
C LEU EA 148 -9.07 27.82 28.98
N VAL EA 149 -8.05 27.47 28.19
CA VAL EA 149 -7.33 28.44 27.39
C VAL EA 149 -7.90 28.45 25.98
N THR EA 150 -8.23 29.64 25.50
CA THR EA 150 -8.81 29.83 24.18
C THR EA 150 -7.77 29.48 23.11
N ARG EA 151 -8.25 28.98 21.96
CA ARG EA 151 -7.40 28.63 20.82
C ARG EA 151 -6.53 29.81 20.38
N ASN EA 152 -7.08 31.02 20.39
CA ASN EA 152 -6.28 32.20 20.14
C ASN EA 152 -5.31 32.43 21.29
N MET EA 153 -5.77 32.21 22.52
CA MET EA 153 -5.01 32.55 23.71
C MET EA 153 -3.92 31.51 24.00
N GLU EA 154 -3.90 30.42 23.24
CA GLU EA 154 -2.93 29.35 23.44
C GLU EA 154 -1.52 29.81 23.09
N ASP EA 155 -1.39 30.85 22.29
CA ASP EA 155 -0.10 31.28 21.80
C ASP EA 155 0.72 31.99 22.88
N TYR EA 156 0.10 32.47 23.94
CA TYR EA 156 0.72 33.46 24.82
C TYR EA 156 1.11 32.90 26.18
N VAL EA 157 0.95 31.61 26.43
CA VAL EA 157 1.24 31.04 27.74
C VAL EA 157 2.74 30.83 27.88
N THR EA 158 3.39 31.68 28.68
CA THR EA 158 4.81 31.56 28.94
C THR EA 158 5.03 31.30 30.42
N TRP EA 159 6.28 31.31 30.85
CA TRP EA 159 6.58 31.31 32.27
C TRP EA 159 6.59 32.74 32.79
N VAL EA 160 6.39 32.89 34.09
CA VAL EA 160 6.43 34.21 34.68
C VAL EA 160 7.88 34.66 34.83
N ASP EA 161 8.07 35.97 34.86
CA ASP EA 161 9.41 36.55 34.92
C ASP EA 161 10.00 36.39 36.32
N ASN EA 162 11.32 36.59 36.41
CA ASN EA 162 12.15 36.62 37.63
C ASN EA 162 12.05 35.33 38.47
N SER EA 163 11.66 34.26 37.83
CA SER EA 163 11.30 33.02 38.49
C SER EA 163 12.37 31.95 38.34
N LYS EA 164 12.39 31.02 39.30
CA LYS EA 164 13.38 29.94 39.26
C LYS EA 164 13.02 28.85 38.28
N ILE EA 165 11.80 28.89 37.73
CA ILE EA 165 11.37 27.92 36.75
C ILE EA 165 11.87 28.34 35.37
N LYS EA 166 12.21 29.63 35.23
CA LYS EA 166 12.74 30.19 34.00
C LYS EA 166 14.26 30.25 34.02
N LYS EA 167 14.86 30.44 35.21
CA LYS EA 167 16.30 30.55 35.33
C LYS EA 167 17.02 29.27 34.93
N THR EA 168 16.45 28.12 35.33
CA THR EA 168 17.04 26.83 34.97
C THR EA 168 16.96 26.59 33.47
N LEU EA 169 15.87 27.05 32.86
CA LEU EA 169 15.68 26.89 31.42
C LEU EA 169 16.71 27.70 30.64
N LEU EA 170 17.01 28.91 31.08
CA LEU EA 170 17.96 29.74 30.35
C LEU EA 170 19.40 29.41 30.69
N ARG EA 171 19.65 28.80 31.85
CA ARG EA 171 21.01 28.48 32.25
C ARG EA 171 21.58 27.32 31.45
N TYR EA 172 20.72 26.38 31.04
CA TYR EA 172 21.18 25.30 30.18
C TYR EA 172 21.55 25.83 28.81
N ARG EA 173 20.81 26.82 28.31
CA ARG EA 173 21.11 27.39 27.00
C ARG EA 173 22.27 28.37 27.05
N ASN EA 174 22.74 28.73 28.25
CA ASN EA 174 23.76 29.76 28.49
C ASN EA 174 23.34 31.09 27.85
N GLN EA 175 22.21 31.58 28.36
CA GLN EA 175 21.52 32.70 27.74
C GLN EA 175 21.03 33.70 28.77
N ILE EA 176 21.31 33.48 30.06
CA ILE EA 176 20.79 34.28 31.17
C ILE EA 176 21.28 35.72 31.06
N ASP EA 177 20.37 36.62 30.73
CA ASP EA 177 20.61 38.06 30.73
C ASP EA 177 19.95 38.59 32.00
N ASP EA 178 20.75 38.73 33.05
CA ASP EA 178 20.21 39.04 34.36
C ASP EA 178 20.05 40.54 34.58
N PHE EA 179 20.21 41.36 33.54
CA PHE EA 179 19.74 42.74 33.62
C PHE EA 179 18.23 42.77 33.75
N ASP EA 180 17.53 41.89 33.03
CA ASP EA 180 16.11 41.70 33.18
C ASP EA 180 15.73 40.77 34.31
N PHE EA 181 16.69 40.50 35.21
CA PHE EA 181 16.67 39.58 36.35
C PHE EA 181 15.89 38.29 36.10
N SER EA 182 16.14 37.67 34.97
CA SER EA 182 15.45 36.44 34.60
C SER EA 182 16.23 35.24 35.13
N ASN FA 1 -82.79 36.34 32.34
CA ASN FA 1 -81.62 36.82 31.64
C ASN FA 1 -81.85 38.21 31.06
N SER FA 2 -82.84 38.91 31.63
CA SER FA 2 -83.24 40.28 31.29
C SER FA 2 -83.65 40.44 29.83
N GLN FA 3 -84.16 39.36 29.22
CA GLN FA 3 -84.70 39.33 27.85
C GLN FA 3 -83.69 39.77 26.79
N VAL FA 4 -82.41 39.58 27.05
CA VAL FA 4 -81.35 39.87 26.08
C VAL FA 4 -81.10 38.58 25.31
N PHE FA 5 -81.91 38.35 24.28
CA PHE FA 5 -81.85 37.09 23.55
C PHE FA 5 -82.33 37.31 22.12
N GLY FA 6 -82.03 36.33 21.28
CA GLY FA 6 -82.48 36.37 19.91
C GLY FA 6 -82.47 34.99 19.31
N VAL FA 7 -82.51 34.95 17.98
CA VAL FA 7 -82.48 33.69 17.24
C VAL FA 7 -81.78 33.92 15.92
N ALA FA 8 -80.99 32.95 15.49
CA ALA FA 8 -80.27 33.00 14.22
C ALA FA 8 -80.77 31.87 13.33
N ARG FA 9 -81.53 32.23 12.29
CA ARG FA 9 -82.01 31.25 11.32
C ARG FA 9 -81.00 31.21 10.18
N ILE FA 10 -80.11 30.22 10.21
CA ILE FA 10 -79.01 30.12 9.26
C ILE FA 10 -79.46 29.20 8.13
N TYR FA 11 -79.80 29.78 6.99
CA TYR FA 11 -80.11 29.02 5.77
C TYR FA 11 -78.81 28.88 4.99
N ALA FA 12 -78.19 27.71 5.06
CA ALA FA 12 -76.88 27.49 4.48
C ALA FA 12 -76.91 26.33 3.49
N SER FA 13 -76.02 26.40 2.50
CA SER FA 13 -75.91 25.38 1.48
C SER FA 13 -74.48 24.86 1.40
N PHE FA 14 -74.16 24.10 0.34
CA PHE FA 14 -72.82 23.56 0.18
C PHE FA 14 -71.82 24.67 -0.14
N ASN FA 15 -72.19 25.63 -0.98
CA ASN FA 15 -71.29 26.69 -1.40
C ASN FA 15 -71.81 28.09 -1.10
N ASP FA 16 -72.87 28.20 -0.28
CA ASP FA 16 -73.42 29.50 0.07
C ASP FA 16 -74.10 29.41 1.43
N THR FA 17 -74.29 30.57 2.05
CA THR FA 17 -74.95 30.64 3.35
C THR FA 17 -75.64 31.98 3.50
N PHE FA 18 -76.64 32.01 4.37
CA PHE FA 18 -77.35 33.24 4.69
C PHE FA 18 -77.82 33.18 6.14
N VAL FA 19 -77.95 34.35 6.76
CA VAL FA 19 -78.31 34.45 8.16
C VAL FA 19 -79.55 35.33 8.29
N HIS FA 20 -80.52 34.86 9.05
CA HIS FA 20 -81.74 35.60 9.34
C HIS FA 20 -81.77 35.90 10.83
N VAL FA 21 -81.74 37.19 11.18
CA VAL FA 21 -81.75 37.63 12.56
C VAL FA 21 -83.21 37.66 13.02
N THR FA 22 -83.54 36.82 14.00
CA THR FA 22 -84.91 36.62 14.42
C THR FA 22 -85.05 36.72 15.94
N ASP FA 23 -86.23 37.12 16.37
CA ASP FA 23 -86.69 36.94 17.74
C ASP FA 23 -87.47 35.63 17.81
N LEU FA 24 -88.26 35.44 18.87
CA LEU FA 24 -89.30 34.42 18.83
C LEU FA 24 -90.30 34.70 17.71
N SER FA 25 -90.64 35.98 17.54
CA SER FA 25 -91.36 36.46 16.37
C SER FA 25 -90.34 36.89 15.30
N GLY FA 26 -90.77 37.64 14.30
CA GLY FA 26 -89.87 38.12 13.27
C GLY FA 26 -89.04 39.34 13.63
N LYS FA 27 -88.96 39.70 14.90
CA LYS FA 27 -88.27 40.91 15.35
C LYS FA 27 -86.76 40.73 15.42
N GLU FA 28 -86.09 41.65 16.12
CA GLU FA 28 -84.63 41.72 16.31
C GLU FA 28 -83.91 41.83 14.95
N THR FA 29 -84.18 42.95 14.29
CA THR FA 29 -83.57 43.28 13.00
C THR FA 29 -82.11 43.69 13.23
N ILE FA 30 -81.24 42.68 13.29
CA ILE FA 30 -79.83 42.91 13.62
C ILE FA 30 -79.01 43.03 12.35
N ALA FA 31 -78.90 41.95 11.58
CA ALA FA 31 -78.02 41.88 10.42
C ALA FA 31 -78.43 40.68 9.57
N ARG FA 32 -77.66 40.45 8.52
CA ARG FA 32 -77.85 39.29 7.64
C ARG FA 32 -76.52 39.02 6.95
N VAL FA 33 -75.94 37.85 7.21
CA VAL FA 33 -74.62 37.53 6.69
C VAL FA 33 -74.74 37.06 5.25
N THR FA 34 -73.94 37.66 4.37
CA THR FA 34 -73.92 37.27 2.97
C THR FA 34 -73.09 36.00 2.79
N GLY FA 35 -73.20 35.41 1.60
CA GLY FA 35 -72.52 34.16 1.30
C GLY FA 35 -71.14 34.33 0.69
N GLY FA 36 -71.05 35.12 -0.37
CA GLY FA 36 -69.79 35.26 -1.08
C GLY FA 36 -69.29 36.69 -1.19
N MET FA 37 -69.95 37.62 -0.49
CA MET FA 37 -69.51 39.01 -0.51
C MET FA 37 -68.24 39.23 0.29
N LYS FA 38 -67.92 38.34 1.24
CA LYS FA 38 -66.69 38.48 2.01
C LYS FA 38 -65.47 38.15 1.16
N VAL FA 39 -65.57 37.12 0.32
CA VAL FA 39 -64.48 36.72 -0.56
C VAL FA 39 -65.09 36.09 -1.81
N LYS FA 40 -64.64 36.55 -2.98
CA LYS FA 40 -65.16 36.09 -4.26
C LYS FA 40 -64.04 35.35 -5.00
N ALA FA 41 -63.93 34.05 -4.72
CA ALA FA 41 -62.98 33.20 -5.41
C ALA FA 41 -63.53 31.81 -5.69
N ASP FA 42 -64.80 31.56 -5.37
CA ASP FA 42 -65.56 30.33 -5.58
C ASP FA 42 -65.01 29.12 -4.82
N ARG FA 43 -64.04 29.34 -3.93
CA ARG FA 43 -63.58 28.30 -3.01
C ARG FA 43 -63.39 28.79 -1.59
N ASP FA 44 -63.18 30.09 -1.36
CA ASP FA 44 -63.04 30.60 0.00
C ASP FA 44 -64.38 30.66 0.72
N GLU FA 45 -65.47 30.86 -0.03
CA GLU FA 45 -66.80 30.85 0.57
C GLU FA 45 -67.17 29.45 1.06
N SER FA 46 -66.73 28.42 0.33
CA SER FA 46 -66.88 27.05 0.82
C SER FA 46 -65.98 26.79 2.02
N SER FA 47 -64.82 27.46 2.08
CA SER FA 47 -63.96 27.37 3.24
C SER FA 47 -64.55 28.16 4.41
N PRO FA 48 -64.09 27.89 5.63
CA PRO FA 48 -64.64 28.59 6.80
C PRO FA 48 -64.06 29.98 7.02
N TYR FA 49 -63.11 30.43 6.20
CA TYR FA 49 -62.52 31.75 6.40
C TYR FA 49 -63.48 32.86 6.01
N ALA FA 50 -64.15 32.71 4.86
CA ALA FA 50 -65.04 33.77 4.40
C ALA FA 50 -66.36 33.78 5.16
N ALA FA 51 -66.82 32.61 5.60
CA ALA FA 51 -68.05 32.55 6.38
C ALA FA 51 -67.88 33.16 7.76
N MET FA 52 -66.72 32.94 8.39
CA MET FA 52 -66.45 33.56 9.68
C MET FA 52 -66.17 35.06 9.54
N LEU FA 53 -65.63 35.48 8.38
CA LEU FA 53 -65.42 36.90 8.14
C LEU FA 53 -66.74 37.65 8.01
N ALA FA 54 -67.73 37.05 7.34
CA ALA FA 54 -69.05 37.65 7.27
C ALA FA 54 -69.76 37.57 8.62
N ALA FA 55 -69.50 36.51 9.38
CA ALA FA 55 -70.11 36.36 10.70
C ALA FA 55 -69.51 37.31 11.73
N GLN FA 56 -68.28 37.78 11.51
CA GLN FA 56 -67.67 38.75 12.41
C GLN FA 56 -68.38 40.10 12.31
N ASP FA 57 -68.73 40.52 11.10
CA ASP FA 57 -69.50 41.75 10.93
C ASP FA 57 -70.96 41.56 11.31
N VAL FA 58 -71.48 40.33 11.16
CA VAL FA 58 -72.85 40.04 11.55
C VAL FA 58 -73.02 40.07 13.06
N ALA FA 59 -72.04 39.51 13.78
CA ALA FA 59 -72.10 39.51 15.24
C ALA FA 59 -71.85 40.89 15.82
N ALA FA 60 -71.08 41.73 15.12
CA ALA FA 60 -70.89 43.11 15.56
C ALA FA 60 -72.18 43.91 15.45
N LYS FA 61 -72.93 43.71 14.37
CA LYS FA 61 -74.23 44.37 14.24
C LYS FA 61 -75.28 43.73 15.15
N CYS FA 62 -75.11 42.44 15.46
CA CYS FA 62 -76.00 41.78 16.41
C CYS FA 62 -75.81 42.32 17.82
N LYS FA 63 -74.57 42.64 18.19
CA LYS FA 63 -74.32 43.29 19.47
C LYS FA 63 -74.81 44.73 19.45
N GLU FA 64 -74.84 45.37 18.28
CA GLU FA 64 -75.40 46.72 18.18
C GLU FA 64 -76.91 46.70 18.37
N VAL FA 65 -77.58 45.65 17.90
CA VAL FA 65 -79.02 45.54 18.07
C VAL FA 65 -79.38 45.28 19.53
N GLY FA 66 -78.68 44.35 20.16
CA GLY FA 66 -78.92 44.05 21.56
C GLY FA 66 -79.43 42.65 21.83
N ILE FA 67 -79.04 41.69 21.00
CA ILE FA 67 -79.41 40.29 21.18
C ILE FA 67 -78.16 39.53 21.60
N THR FA 68 -78.21 38.92 22.78
CA THR FA 68 -77.07 38.18 23.33
C THR FA 68 -77.21 36.68 23.12
N ALA FA 69 -78.27 36.08 23.65
CA ALA FA 69 -78.51 34.66 23.44
C ALA FA 69 -79.05 34.41 22.04
N VAL FA 70 -78.59 33.32 21.44
CA VAL FA 70 -78.95 32.97 20.06
C VAL FA 70 -79.64 31.62 20.08
N HIS FA 71 -80.89 31.59 19.61
CA HIS FA 71 -81.61 30.34 19.43
C HIS FA 71 -81.35 29.83 18.02
N VAL FA 72 -80.65 28.71 17.92
CA VAL FA 72 -80.18 28.20 16.63
C VAL FA 72 -81.35 27.63 15.84
N LYS FA 73 -81.40 27.97 14.56
CA LYS FA 73 -82.36 27.41 13.60
C LYS FA 73 -81.56 27.05 12.36
N ILE FA 74 -81.01 25.84 12.35
CA ILE FA 74 -80.10 25.40 11.28
C ILE FA 74 -80.97 24.93 10.12
N ARG FA 75 -81.00 25.73 9.04
CA ARG FA 75 -81.79 25.42 7.86
C ARG FA 75 -80.88 25.02 6.72
N ALA FA 76 -81.18 23.88 6.09
CA ALA FA 76 -80.47 23.41 4.92
C ALA FA 76 -81.34 23.63 3.68
N THR FA 77 -80.80 23.23 2.52
CA THR FA 77 -81.56 23.36 1.28
C THR FA 77 -82.71 22.35 1.24
N GLY FA 78 -82.42 21.09 1.54
CA GLY FA 78 -83.46 20.07 1.60
C GLY FA 78 -83.98 19.66 0.24
N GLY FA 79 -85.00 18.82 0.26
CA GLY FA 79 -85.66 18.35 -0.95
C GLY FA 79 -84.80 17.47 -1.83
N THR FA 80 -84.63 17.87 -3.09
CA THR FA 80 -83.81 17.14 -4.03
C THR FA 80 -82.33 17.51 -3.94
N ARG FA 81 -81.98 18.44 -3.08
CA ARG FA 81 -80.60 18.87 -2.88
C ARG FA 81 -79.91 17.93 -1.89
N THR FA 82 -78.71 18.32 -1.45
CA THR FA 82 -77.94 17.49 -0.53
C THR FA 82 -78.51 17.51 0.89
N LYS FA 83 -79.35 18.52 1.21
CA LYS FA 83 -79.98 18.70 2.53
C LYS FA 83 -78.95 18.82 3.65
N THR FA 84 -77.83 19.46 3.35
CA THR FA 84 -76.76 19.64 4.31
C THR FA 84 -75.96 20.88 3.92
N PRO FA 85 -75.34 21.54 4.89
CA PRO FA 85 -74.51 22.72 4.55
C PRO FA 85 -73.07 22.34 4.33
N GLY FA 86 -72.24 23.32 3.97
CA GLY FA 86 -70.82 23.11 3.85
C GLY FA 86 -70.12 23.35 5.17
N PRO FA 87 -69.16 24.28 5.18
CA PRO FA 87 -68.52 24.68 6.44
C PRO FA 87 -69.16 25.87 7.13
N GLY FA 88 -70.33 26.32 6.67
CA GLY FA 88 -70.99 27.46 7.28
C GLY FA 88 -71.50 27.18 8.69
N GLY FA 89 -71.95 25.95 8.93
CA GLY FA 89 -72.43 25.59 10.25
C GLY FA 89 -71.33 25.55 11.29
N GLN FA 90 -70.15 25.06 10.90
CA GLN FA 90 -69.02 25.04 11.83
C GLN FA 90 -68.44 26.44 12.01
N ALA FA 91 -68.49 27.27 10.97
CA ALA FA 91 -67.97 28.63 11.08
C ALA FA 91 -68.88 29.51 11.93
N ALA FA 92 -70.20 29.31 11.82
CA ALA FA 92 -71.13 30.06 12.66
C ALA FA 92 -71.05 29.62 14.11
N LEU FA 93 -70.81 28.32 14.34
CA LEU FA 93 -70.63 27.82 15.70
C LEU FA 93 -69.33 28.32 16.30
N ARG FA 94 -68.28 28.44 15.48
CA ARG FA 94 -67.01 28.98 15.96
C ARG FA 94 -67.13 30.49 16.20
N ALA FA 95 -67.92 31.18 15.38
CA ALA FA 95 -68.14 32.60 15.60
C ALA FA 95 -69.01 32.85 16.82
N LEU FA 96 -69.94 31.92 17.11
CA LEU FA 96 -70.74 32.02 18.32
C LEU FA 96 -69.91 31.77 19.57
N ALA FA 97 -68.96 30.83 19.48
CA ALA FA 97 -68.05 30.57 20.60
C ALA FA 97 -67.06 31.71 20.79
N ARG FA 98 -66.62 32.34 19.69
CA ARG FA 98 -65.72 33.48 19.81
C ARG FA 98 -66.43 34.69 20.37
N SER FA 99 -67.69 34.91 19.97
CA SER FA 99 -68.47 36.02 20.51
C SER FA 99 -68.98 35.75 21.91
N GLY FA 100 -68.98 34.49 22.36
CA GLY FA 100 -69.48 34.17 23.68
C GLY FA 100 -70.98 34.23 23.80
N LEU FA 101 -71.71 33.97 22.72
CA LEU FA 101 -73.17 33.98 22.76
C LEU FA 101 -73.68 32.79 23.57
N ARG FA 102 -74.78 33.02 24.31
CA ARG FA 102 -75.35 31.99 25.15
C ARG FA 102 -76.06 30.95 24.28
N ILE FA 103 -75.79 29.67 24.56
CA ILE FA 103 -76.38 28.57 23.81
C ILE FA 103 -77.67 28.15 24.49
N GLY FA 104 -78.76 28.14 23.72
CA GLY FA 104 -80.06 27.76 24.24
C GLY FA 104 -81.13 27.83 23.18
N ARG FA 105 -82.14 26.95 23.31
CA ARG FA 105 -83.23 26.79 22.34
C ARG FA 105 -82.71 26.51 20.93
N ILE FA 106 -81.69 25.67 20.85
CA ILE FA 106 -81.06 25.34 19.58
C ILE FA 106 -81.92 24.31 18.86
N GLU FA 107 -82.23 24.57 17.59
CA GLU FA 107 -83.05 23.68 16.79
C GLU FA 107 -82.52 23.65 15.36
N ASP FA 108 -83.05 22.72 14.58
CA ASP FA 108 -82.71 22.58 13.16
C ASP FA 108 -83.95 22.94 12.34
N VAL FA 109 -83.79 23.91 11.45
CA VAL FA 109 -84.88 24.36 10.58
C VAL FA 109 -84.71 23.82 9.17
N THR FA 110 -83.97 22.72 9.01
CA THR FA 110 -83.76 22.14 7.69
C THR FA 110 -85.03 21.49 7.16
N PRO FA 111 -85.24 21.51 5.85
CA PRO FA 111 -86.43 20.94 5.21
C PRO FA 111 -86.11 19.66 4.44
N GLU GA 1 -81.64 23.40 26.84
CA GLU GA 1 -82.02 23.64 25.46
C GLU GA 1 -82.96 22.55 24.95
N SER GA 2 -83.00 22.35 23.64
CA SER GA 2 -83.85 21.34 23.03
C SER GA 2 -83.09 20.02 22.93
N SER GA 3 -83.65 19.06 22.21
CA SER GA 3 -83.03 17.75 22.06
C SER GA 3 -83.28 17.22 20.67
N PHE GA 4 -82.43 16.29 20.25
CA PHE GA 4 -82.56 15.60 18.98
C PHE GA 4 -82.79 14.12 19.25
N MET GA 5 -83.93 13.59 18.79
CA MET GA 5 -84.31 12.22 19.03
C MET GA 5 -84.77 11.56 17.75
N THR GA 6 -84.43 10.27 17.59
CA THR GA 6 -84.81 9.51 16.42
C THR GA 6 -84.86 8.03 16.79
N LEU GA 7 -85.78 7.31 16.16
CA LEU GA 7 -85.90 5.88 16.40
C LEU GA 7 -84.94 5.12 15.49
N PHE GA 8 -84.54 3.93 15.93
CA PHE GA 8 -83.53 3.15 15.21
C PHE GA 8 -84.07 1.79 14.80
N PRO GA 9 -83.28 0.99 14.07
CA PRO GA 9 -83.77 -0.34 13.65
C PRO GA 9 -83.66 -1.38 14.75
N LYS GA 10 -83.96 -2.64 14.41
CA LYS GA 10 -83.94 -3.71 15.40
C LYS GA 10 -82.51 -4.04 15.81
N TYR GA 11 -81.60 -4.19 14.84
CA TYR GA 11 -80.22 -4.51 15.14
C TYR GA 11 -79.36 -3.29 15.42
N ARG GA 12 -79.92 -2.07 15.28
CA ARG GA 12 -79.14 -0.87 15.51
C ARG GA 12 -78.91 -0.64 17.00
N GLU GA 13 -79.89 -0.95 17.84
CA GLU GA 13 -79.75 -0.75 19.28
C GLU GA 13 -78.76 -1.75 19.88
N SER GA 14 -78.72 -2.98 19.35
CA SER GA 14 -77.73 -3.94 19.79
C SER GA 14 -76.32 -3.55 19.33
N TYR GA 15 -76.21 -2.96 18.15
CA TYR GA 15 -74.90 -2.54 17.65
C TYR GA 15 -74.41 -1.29 18.37
N LEU GA 16 -75.32 -0.35 18.67
CA LEU GA 16 -74.92 0.89 19.32
C LEU GA 16 -74.59 0.70 20.79
N LYS GA 17 -75.18 -0.31 21.44
CA LYS GA 17 -74.91 -0.54 22.86
C LYS GA 17 -73.51 -1.09 23.10
N THR GA 18 -72.87 -1.67 22.08
CA THR GA 18 -71.50 -2.15 22.23
C THR GA 18 -70.48 -1.02 22.22
N ILE GA 19 -70.85 0.17 21.77
CA ILE GA 19 -69.94 1.30 21.71
C ILE GA 19 -70.57 2.50 22.42
N TRP GA 20 -71.59 2.24 23.24
CA TRP GA 20 -72.28 3.31 23.95
C TRP GA 20 -71.50 3.82 25.16
N ASN GA 21 -70.41 3.14 25.54
CA ASN GA 21 -69.65 3.56 26.72
C ASN GA 21 -68.84 4.82 26.44
N ASP GA 22 -67.95 4.75 25.45
CA ASP GA 22 -67.10 5.90 25.14
C ASP GA 22 -67.85 6.98 24.38
N VAL GA 23 -68.97 6.62 23.74
CA VAL GA 23 -69.76 7.61 23.02
C VAL GA 23 -70.48 8.54 23.99
N THR GA 24 -71.06 7.96 25.06
CA THR GA 24 -71.75 8.78 26.05
C THR GA 24 -70.76 9.50 26.95
N ARG GA 25 -69.55 8.95 27.12
CA ARG GA 25 -68.55 9.60 27.96
C ARG GA 25 -67.98 10.85 27.29
N ALA GA 26 -68.03 10.92 25.96
CA ALA GA 26 -67.59 12.10 25.24
C ALA GA 26 -68.74 13.06 24.95
N LEU GA 27 -69.95 12.53 24.78
CA LEU GA 27 -71.10 13.38 24.50
C LEU GA 27 -71.55 14.16 25.72
N ASP GA 28 -71.49 13.54 26.90
CA ASP GA 28 -71.88 14.22 28.13
C ASP GA 28 -70.88 15.30 28.52
N LYS GA 29 -69.59 15.10 28.18
CA LYS GA 29 -68.62 16.16 28.37
C LYS GA 29 -68.82 17.28 27.35
N HIS GA 30 -69.38 16.96 26.19
CA HIS GA 30 -69.68 17.94 25.15
C HIS GA 30 -71.14 18.37 25.18
N ASN GA 31 -71.82 18.16 26.32
CA ASN GA 31 -73.21 18.60 26.56
C ASN GA 31 -74.19 17.99 25.56
N ILE GA 32 -74.12 16.67 25.40
CA ILE GA 32 -75.07 15.91 24.61
C ILE GA 32 -75.51 14.71 25.44
N ALA GA 33 -76.82 14.61 25.71
CA ALA GA 33 -77.35 13.56 26.57
C ALA GA 33 -77.67 12.30 25.76
N CYS GA 34 -76.60 11.70 25.21
CA CYS GA 34 -76.72 10.54 24.32
C CYS GA 34 -77.09 9.31 25.12
N VAL GA 35 -78.37 8.93 25.06
CA VAL GA 35 -78.87 7.74 25.73
C VAL GA 35 -79.72 6.96 24.74
N LEU GA 36 -79.84 5.66 24.99
CA LEU GA 36 -80.61 4.76 24.14
C LEU GA 36 -81.86 4.35 24.91
N ASP GA 37 -83.01 4.91 24.51
CA ASP GA 37 -84.29 4.58 25.14
C ASP GA 37 -84.78 3.27 24.52
N LEU GA 38 -84.45 2.15 25.17
CA LEU GA 38 -84.82 0.85 24.65
C LEU GA 38 -86.31 0.56 24.83
N VAL GA 39 -86.97 1.22 25.79
CA VAL GA 39 -88.40 1.03 25.97
C VAL GA 39 -89.18 1.65 24.81
N GLU GA 40 -88.78 2.83 24.37
CA GLU GA 40 -89.41 3.49 23.23
C GLU GA 40 -88.75 3.15 21.91
N GLY GA 41 -87.61 2.46 21.93
CA GLY GA 41 -86.90 2.13 20.70
C GLY GA 41 -86.33 3.31 19.97
N SER GA 42 -85.72 4.25 20.70
CA SER GA 42 -85.21 5.47 20.08
C SER GA 42 -83.95 5.93 20.82
N MET GA 43 -83.16 6.75 20.15
CA MET GA 43 -81.97 7.35 20.72
C MET GA 43 -82.14 8.87 20.72
N THR GA 44 -81.86 9.48 21.87
CA THR GA 44 -82.05 10.91 22.05
C THR GA 44 -80.77 11.53 22.60
N VAL GA 45 -80.63 12.84 22.37
CA VAL GA 45 -79.50 13.61 22.89
C VAL GA 45 -79.95 15.04 23.17
N LYS GA 46 -79.81 15.48 24.41
CA LYS GA 46 -80.22 16.81 24.83
C LYS GA 46 -79.02 17.74 24.94
N THR GA 47 -79.17 18.96 24.43
CA THR GA 47 -78.10 19.94 24.44
C THR GA 47 -78.06 20.61 25.81
N THR GA 48 -77.01 20.31 26.59
CA THR GA 48 -76.84 20.89 27.91
C THR GA 48 -75.98 22.15 27.82
N ARG GA 49 -75.53 22.66 28.96
CA ARG GA 49 -74.77 23.89 29.04
C ARG GA 49 -73.27 23.67 29.23
N LYS GA 50 -72.79 22.44 29.04
CA LYS GA 50 -71.37 22.11 29.23
C LYS GA 50 -70.62 21.98 27.92
N THR GA 51 -70.96 22.78 26.92
CA THR GA 51 -70.32 22.73 25.61
C THR GA 51 -69.55 24.01 25.37
N TYR GA 52 -68.30 23.88 24.95
CA TYR GA 52 -67.47 25.03 24.63
C TYR GA 52 -67.64 25.52 23.20
N ASP GA 53 -68.42 24.81 22.39
CA ASP GA 53 -68.71 25.21 21.02
C ASP GA 53 -70.17 24.90 20.71
N PRO GA 54 -70.77 25.63 19.78
CA PRO GA 54 -72.17 25.36 19.41
C PRO GA 54 -72.35 24.29 18.35
N ALA GA 55 -71.26 23.67 17.89
CA ALA GA 55 -71.34 22.63 16.88
C ALA GA 55 -71.57 21.24 17.47
N ILE GA 56 -71.65 21.13 18.80
CA ILE GA 56 -71.86 19.83 19.43
C ILE GA 56 -73.26 19.32 19.15
N ILE GA 57 -74.25 20.22 19.11
CA ILE GA 57 -75.63 19.83 18.80
C ILE GA 57 -75.75 19.39 17.35
N LEU GA 58 -75.03 20.06 16.44
CA LEU GA 58 -75.04 19.66 15.04
C LEU GA 58 -74.29 18.34 14.83
N LYS GA 59 -73.20 18.14 15.57
CA LYS GA 59 -72.43 16.91 15.43
C LYS GA 59 -73.16 15.72 16.03
N ALA GA 60 -73.91 15.94 17.11
CA ALA GA 60 -74.69 14.86 17.71
C ALA GA 60 -75.89 14.50 16.83
N ARG GA 61 -76.42 15.47 16.09
CA ARG GA 61 -77.50 15.18 15.15
C ARG GA 61 -76.99 14.37 13.97
N ASP GA 62 -75.78 14.66 13.51
CA ASP GA 62 -75.17 13.87 12.44
C ASP GA 62 -74.77 12.49 12.94
N LEU GA 63 -74.33 12.40 14.20
CA LEU GA 63 -73.97 11.11 14.77
C LEU GA 63 -75.19 10.24 15.03
N ILE GA 64 -76.31 10.85 15.40
CA ILE GA 64 -77.55 10.10 15.59
C ILE GA 64 -78.08 9.60 14.25
N LYS GA 65 -77.93 10.41 13.20
CA LYS GA 65 -78.32 9.97 11.86
C LYS GA 65 -77.39 8.87 11.35
N LEU GA 66 -76.11 8.95 11.69
CA LEU GA 66 -75.17 7.89 11.31
C LEU GA 66 -75.40 6.62 12.10
N LEU GA 67 -75.80 6.74 13.37
CA LEU GA 67 -76.08 5.56 14.19
C LEU GA 67 -77.37 4.89 13.77
N ALA GA 68 -78.36 5.68 13.33
CA ALA GA 68 -79.63 5.13 12.90
C ALA GA 68 -79.64 4.69 11.45
N ARG GA 69 -78.52 4.83 10.74
CA ARG GA 69 -78.41 4.40 9.35
C ARG GA 69 -77.97 2.94 9.23
N SER GA 70 -77.89 2.22 10.37
CA SER GA 70 -77.43 0.83 10.44
C SER GA 70 -76.03 0.66 9.86
N VAL GA 71 -75.17 1.64 10.12
CA VAL GA 71 -73.79 1.62 9.65
C VAL GA 71 -72.87 1.47 10.86
N PRO GA 72 -71.55 1.38 10.66
CA PRO GA 72 -70.64 1.32 11.82
C PRO GA 72 -70.60 2.65 12.56
N PHE GA 73 -71.16 2.66 13.77
CA PHE GA 73 -71.27 3.88 14.55
C PHE GA 73 -69.92 4.46 14.96
N PRO GA 74 -68.94 3.67 15.41
CA PRO GA 74 -67.62 4.24 15.74
C PRO GA 74 -66.87 4.77 14.53
N GLN GA 75 -67.15 4.27 13.33
CA GLN GA 75 -66.51 4.73 12.12
C GLN GA 75 -67.27 5.85 11.42
N ALA GA 76 -68.41 6.28 11.96
CA ALA GA 76 -69.22 7.31 11.31
C ALA GA 76 -69.66 8.43 12.24
N VAL GA 77 -69.36 8.36 13.54
CA VAL GA 77 -69.69 9.42 14.48
C VAL GA 77 -68.51 10.32 14.78
N LYS GA 78 -67.37 10.13 14.11
CA LYS GA 78 -66.20 10.97 14.29
C LYS GA 78 -66.16 12.11 13.28
N ILE GA 79 -67.32 12.58 12.82
CA ILE GA 79 -67.40 13.64 11.83
C ILE GA 79 -67.74 14.96 12.52
N LEU GA 80 -67.40 15.06 13.81
CA LEU GA 80 -67.66 16.28 14.57
C LEU GA 80 -66.76 17.43 14.12
N GLN GA 81 -65.64 17.15 13.47
CA GLN GA 81 -64.78 18.19 12.94
C GLN GA 81 -65.42 18.84 11.72
N ASP GA 82 -64.87 20.00 11.34
CA ASP GA 82 -65.42 20.76 10.21
C ASP GA 82 -65.13 20.06 8.88
N ASP GA 83 -63.92 19.53 8.72
CA ASP GA 83 -63.54 18.85 7.47
C ASP GA 83 -63.81 17.35 7.54
N MET GA 84 -65.03 16.98 7.92
CA MET GA 84 -65.43 15.58 7.99
C MET GA 84 -66.95 15.54 7.85
N ALA GA 85 -67.43 15.05 6.72
CA ALA GA 85 -68.86 15.03 6.42
C ALA GA 85 -69.34 13.60 6.29
N CYS GA 86 -70.40 13.27 7.04
CA CYS GA 86 -71.03 11.95 6.97
C CYS GA 86 -72.51 12.15 6.72
N ASP GA 87 -73.03 11.52 5.67
CA ASP GA 87 -74.43 11.67 5.31
C ASP GA 87 -74.93 10.37 4.70
N VAL GA 88 -76.25 10.21 4.70
CA VAL GA 88 -76.91 9.02 4.18
C VAL GA 88 -77.86 9.45 3.08
N ILE GA 89 -77.79 8.78 1.93
CA ILE GA 89 -78.66 9.05 0.79
C ILE GA 89 -79.64 7.89 0.64
N LYS GA 90 -80.93 8.20 0.64
CA LYS GA 90 -81.98 7.19 0.54
C LYS GA 90 -82.21 6.90 -0.94
N ILE GA 91 -81.69 5.77 -1.41
CA ILE GA 91 -81.83 5.37 -2.81
C ILE GA 91 -82.99 4.43 -3.03
N GLY GA 92 -83.82 4.18 -2.01
CA GLY GA 92 -84.94 3.27 -2.16
C GLY GA 92 -86.09 3.83 -2.99
N ASN GA 93 -86.19 5.15 -3.07
CA ASN GA 93 -87.23 5.79 -3.89
C ASN GA 93 -86.72 6.08 -5.30
N PHE GA 94 -86.20 5.05 -5.97
CA PHE GA 94 -85.66 5.22 -7.31
C PHE GA 94 -86.20 4.16 -8.25
N VAL GA 95 -86.53 2.98 -7.72
CA VAL GA 95 -87.03 1.87 -8.52
C VAL GA 95 -88.29 1.32 -7.87
N THR GA 96 -89.08 0.63 -8.69
CA THR GA 96 -90.33 0.00 -8.24
C THR GA 96 -90.30 -1.51 -8.28
N ASN GA 97 -89.76 -2.10 -9.34
CA ASN GA 97 -89.66 -3.55 -9.42
C ASN GA 97 -88.57 -4.07 -8.50
N LYS GA 98 -88.86 -5.20 -7.83
CA LYS GA 98 -87.88 -5.78 -6.91
C LYS GA 98 -86.71 -6.39 -7.66
N GLU GA 99 -86.98 -6.98 -8.83
CA GLU GA 99 -85.89 -7.52 -9.64
C GLU GA 99 -85.03 -6.41 -10.24
N ARG GA 100 -85.65 -5.29 -10.61
CA ARG GA 100 -84.88 -4.14 -11.08
C ARG GA 100 -84.09 -3.50 -9.95
N PHE GA 101 -84.66 -3.50 -8.73
CA PHE GA 101 -83.94 -2.99 -7.58
C PHE GA 101 -82.79 -3.90 -7.20
N VAL GA 102 -82.97 -5.22 -7.34
CA VAL GA 102 -81.90 -6.17 -7.05
C VAL GA 102 -80.80 -6.07 -8.10
N LYS GA 103 -81.19 -5.85 -9.36
CA LYS GA 103 -80.20 -5.69 -10.42
C LYS GA 103 -79.44 -4.38 -10.28
N ARG GA 104 -80.11 -3.33 -9.84
CA ARG GA 104 -79.43 -2.05 -9.62
C ARG GA 104 -78.53 -2.12 -8.39
N ARG GA 105 -78.93 -2.90 -7.38
CA ARG GA 105 -78.09 -3.05 -6.19
C ARG GA 105 -76.84 -3.87 -6.49
N GLN GA 106 -76.97 -4.85 -7.38
CA GLN GA 106 -75.79 -5.62 -7.79
C GLN GA 106 -74.84 -4.76 -8.62
N ARG GA 107 -75.39 -3.87 -9.45
CA ARG GA 107 -74.55 -2.93 -10.18
C ARG GA 107 -73.93 -1.89 -9.25
N LEU GA 108 -74.68 -1.49 -8.22
CA LEU GA 108 -74.14 -0.57 -7.22
C LEU GA 108 -73.08 -1.23 -6.36
N VAL GA 109 -73.26 -2.51 -6.05
CA VAL GA 109 -72.20 -3.26 -5.36
C VAL GA 109 -71.02 -3.50 -6.29
N GLY GA 110 -71.30 -3.87 -7.53
CA GLY GA 110 -70.27 -4.16 -8.49
C GLY GA 110 -69.77 -5.59 -8.38
N PRO GA 111 -68.84 -5.97 -9.25
CA PRO GA 111 -68.28 -7.33 -9.17
C PRO GA 111 -67.35 -7.50 -7.99
N ASN GA 112 -67.79 -8.33 -7.02
CA ASN GA 112 -67.08 -8.61 -5.77
C ASN GA 112 -66.80 -7.33 -4.97
N GLY GA 113 -67.74 -6.40 -5.00
CA GLY GA 113 -67.65 -5.18 -4.20
C GLY GA 113 -66.69 -4.09 -4.64
N ASN GA 114 -65.42 -4.45 -4.89
CA ASN GA 114 -64.39 -3.46 -5.19
C ASN GA 114 -64.49 -2.91 -6.61
N THR GA 115 -65.27 -3.53 -7.48
CA THR GA 115 -65.40 -3.01 -8.84
C THR GA 115 -66.23 -1.73 -8.91
N LEU GA 116 -67.09 -1.50 -7.93
CA LEU GA 116 -67.86 -0.27 -7.85
C LEU GA 116 -67.47 0.61 -6.67
N LYS GA 117 -66.76 0.07 -5.68
CA LYS GA 117 -66.27 0.85 -4.55
C LYS GA 117 -64.90 1.47 -4.82
N ALA GA 118 -64.30 1.18 -5.97
CA ALA GA 118 -63.02 1.80 -6.31
C ALA GA 118 -63.17 3.29 -6.57
N LEU GA 119 -64.25 3.69 -7.23
CA LEU GA 119 -64.54 5.11 -7.40
C LEU GA 119 -64.93 5.76 -6.08
N GLU GA 120 -65.57 4.99 -5.18
CA GLU GA 120 -65.84 5.48 -3.83
C GLU GA 120 -64.54 5.66 -3.04
N LEU GA 121 -63.60 4.74 -3.22
CA LEU GA 121 -62.29 4.90 -2.61
C LEU GA 121 -61.49 6.03 -3.27
N LEU GA 122 -61.70 6.23 -4.58
CA LEU GA 122 -61.06 7.35 -5.26
C LEU GA 122 -61.66 8.69 -4.82
N THR GA 123 -62.95 8.71 -4.50
CA THR GA 123 -63.60 9.90 -3.98
C THR GA 123 -63.49 10.02 -2.46
N LYS GA 124 -62.83 9.05 -1.81
CA LYS GA 124 -62.61 8.98 -0.36
C LYS GA 124 -63.93 9.01 0.42
N CYS GA 125 -64.74 7.98 0.19
CA CYS GA 125 -66.03 7.83 0.85
C CYS GA 125 -66.14 6.44 1.44
N TYR GA 126 -66.53 6.38 2.72
CA TYR GA 126 -66.78 5.10 3.39
C TYR GA 126 -68.24 4.70 3.17
N ILE GA 127 -68.54 4.33 1.93
CA ILE GA 127 -69.90 4.05 1.51
C ILE GA 127 -70.35 2.70 2.04
N LEU GA 128 -71.56 2.66 2.60
CA LEU GA 128 -72.15 1.43 3.09
C LEU GA 128 -73.65 1.48 2.84
N VAL GA 129 -74.13 0.62 1.95
CA VAL GA 129 -75.53 0.58 1.57
C VAL GA 129 -76.25 -0.40 2.48
N GLN GA 130 -77.26 0.09 3.21
CA GLN GA 130 -78.03 -0.72 4.14
C GLN GA 130 -79.52 -0.54 3.82
N GLY GA 131 -80.10 -1.54 3.18
CA GLY GA 131 -81.50 -1.50 2.82
C GLY GA 131 -81.81 -0.50 1.71
N ASN GA 132 -82.62 0.50 2.03
CA ASN GA 132 -83.01 1.53 1.07
C ASN GA 132 -82.13 2.76 1.12
N THR GA 133 -81.11 2.78 1.99
CA THR GA 133 -80.25 3.94 2.16
C THR GA 133 -78.78 3.51 2.09
N VAL GA 134 -77.94 4.46 1.72
CA VAL GA 134 -76.49 4.26 1.65
C VAL GA 134 -75.82 5.41 2.37
N SER GA 135 -74.98 5.09 3.37
CA SER GA 135 -74.31 6.09 4.19
C SER GA 135 -72.82 6.10 3.85
N ALA GA 136 -72.29 7.30 3.62
CA ALA GA 136 -70.88 7.49 3.30
C ALA GA 136 -70.30 8.60 4.16
N MET GA 137 -69.02 8.48 4.50
CA MET GA 137 -68.33 9.47 5.31
C MET GA 137 -67.00 9.83 4.66
N GLY GA 138 -66.58 11.08 4.87
CA GLY GA 138 -65.35 11.56 4.31
C GLY GA 138 -65.33 13.06 4.14
N PRO GA 139 -64.46 13.56 3.26
CA PRO GA 139 -64.45 15.00 2.97
C PRO GA 139 -65.69 15.43 2.20
N PHE GA 140 -66.11 16.68 2.44
CA PHE GA 140 -67.32 17.19 1.80
C PHE GA 140 -67.12 17.40 0.30
N LYS GA 141 -65.91 17.77 -0.11
CA LYS GA 141 -65.62 17.93 -1.54
C LYS GA 141 -65.62 16.58 -2.25
N GLY GA 142 -65.08 15.55 -1.61
CA GLY GA 142 -65.05 14.23 -2.20
C GLY GA 142 -66.36 13.49 -2.15
N LEU GA 143 -67.26 13.86 -1.24
CA LEU GA 143 -68.54 13.18 -1.11
C LEU GA 143 -69.66 13.86 -1.88
N LYS GA 144 -69.48 15.13 -2.26
CA LYS GA 144 -70.50 15.82 -3.04
C LYS GA 144 -70.59 15.26 -4.45
N GLU GA 145 -69.43 15.00 -5.08
CA GLU GA 145 -69.44 14.36 -6.38
C GLU GA 145 -69.76 12.88 -6.27
N VAL GA 146 -69.44 12.26 -5.13
CA VAL GA 146 -69.74 10.84 -4.93
C VAL GA 146 -71.23 10.62 -4.79
N ARG GA 147 -71.92 11.49 -4.05
CA ARG GA 147 -73.37 11.37 -3.89
C ARG GA 147 -74.11 11.70 -5.17
N ARG GA 148 -73.57 12.64 -5.97
CA ARG GA 148 -74.15 12.93 -7.28
C ARG GA 148 -73.97 11.76 -8.23
N VAL GA 149 -72.82 11.10 -8.18
CA VAL GA 149 -72.60 9.90 -8.98
C VAL GA 149 -73.46 8.75 -8.46
N VAL GA 150 -73.71 8.71 -7.16
CA VAL GA 150 -74.58 7.68 -6.58
C VAL GA 150 -76.02 7.91 -7.03
N GLU GA 151 -76.43 9.17 -7.12
CA GLU GA 151 -77.78 9.47 -7.62
C GLU GA 151 -77.90 9.17 -9.11
N ASP GA 152 -76.81 9.38 -9.87
CA ASP GA 152 -76.81 9.00 -11.27
C ASP GA 152 -76.84 7.49 -11.44
N CYS GA 153 -76.14 6.76 -10.56
CA CYS GA 153 -76.17 5.30 -10.61
C CYS GA 153 -77.51 4.76 -10.09
N MET GA 154 -78.21 5.53 -9.27
CA MET GA 154 -79.52 5.10 -8.78
C MET GA 154 -80.62 5.30 -9.81
N LYS GA 155 -80.33 5.97 -10.93
CA LYS GA 155 -81.31 6.16 -11.97
C LYS GA 155 -81.52 4.87 -12.75
N ASN GA 156 -82.50 4.91 -13.66
CA ASN GA 156 -82.89 3.72 -14.42
C ASN GA 156 -81.86 3.31 -15.47
N ILE GA 157 -80.87 4.15 -15.76
CA ILE GA 157 -79.83 3.82 -16.74
C ILE GA 157 -78.87 2.82 -16.12
N HIS GA 158 -78.08 2.17 -16.96
CA HIS GA 158 -77.11 1.19 -16.48
C HIS GA 158 -75.93 1.91 -15.81
N PRO GA 159 -75.56 1.52 -14.59
CA PRO GA 159 -74.46 2.21 -13.90
C PRO GA 159 -73.08 1.70 -14.26
N ILE GA 160 -72.95 0.81 -15.25
CA ILE GA 160 -71.65 0.32 -15.67
C ILE GA 160 -70.86 1.41 -16.37
N TYR GA 161 -71.52 2.20 -17.24
CA TYR GA 161 -70.85 3.30 -17.91
C TYR GA 161 -70.60 4.46 -16.95
N HIS GA 162 -71.46 4.63 -15.94
CA HIS GA 162 -71.25 5.68 -14.95
C HIS GA 162 -70.07 5.35 -14.05
N ILE GA 163 -69.88 4.07 -13.71
CA ILE GA 163 -68.72 3.66 -12.93
C ILE GA 163 -67.45 3.80 -13.74
N LYS GA 164 -67.52 3.51 -15.04
CA LYS GA 164 -66.36 3.69 -15.91
C LYS GA 164 -66.02 5.15 -16.10
N GLU GA 165 -67.04 6.01 -16.18
CA GLU GA 165 -66.81 7.45 -16.26
C GLU GA 165 -66.28 8.02 -14.95
N LEU GA 166 -66.71 7.44 -13.82
CA LEU GA 166 -66.18 7.87 -12.52
C LEU GA 166 -64.72 7.48 -12.36
N MET GA 167 -64.34 6.31 -12.86
CA MET GA 167 -62.94 5.91 -12.85
C MET GA 167 -62.12 6.74 -13.83
N ILE GA 168 -62.74 7.14 -14.95
CA ILE GA 168 -62.05 8.01 -15.90
C ILE GA 168 -61.86 9.40 -15.33
N LYS GA 169 -62.85 9.91 -14.58
CA LYS GA 169 -62.72 11.20 -13.93
C LYS GA 169 -61.71 11.15 -12.80
N ARG GA 170 -61.63 10.02 -12.09
CA ARG GA 170 -60.63 9.85 -11.05
C ARG GA 170 -59.23 9.76 -11.63
N GLU GA 171 -59.10 9.11 -12.80
CA GLU GA 171 -57.80 9.05 -13.46
C GLU GA 171 -57.40 10.41 -14.03
N LEU GA 172 -58.38 11.18 -14.50
CA LEU GA 172 -58.09 12.52 -15.02
C LEU GA 172 -57.85 13.53 -13.90
N ALA GA 173 -58.16 13.18 -12.65
CA ALA GA 173 -57.94 14.09 -11.54
C ALA GA 173 -56.47 14.19 -11.14
N LYS GA 174 -55.62 13.28 -11.62
CA LYS GA 174 -54.19 13.35 -11.31
C LYS GA 174 -53.53 14.52 -12.03
N ARG GA 175 -53.93 14.75 -13.29
CA ARG GA 175 -53.44 15.84 -14.16
C ARG GA 175 -51.92 15.88 -14.32
N ALA HA 1 34.25 -36.72 26.49
CA ALA HA 1 35.33 -35.78 26.78
C ALA HA 1 36.49 -36.49 27.48
N ARG HA 2 37.36 -35.70 28.11
CA ARG HA 2 38.53 -36.25 28.79
C ARG HA 2 38.57 -35.82 30.24
N GLY HA 3 39.68 -36.08 30.92
CA GLY HA 3 39.86 -35.72 32.30
C GLY HA 3 40.26 -34.30 32.58
N GLY HA 4 40.25 -33.44 31.56
CA GLY HA 4 40.61 -32.04 31.74
C GLY HA 4 39.58 -31.10 31.18
N ALA HA 5 38.53 -31.64 30.56
CA ALA HA 5 37.47 -30.81 30.02
C ALA HA 5 36.61 -30.24 31.15
N LYS HA 6 36.15 -29.00 30.96
CA LYS HA 6 35.36 -28.28 31.94
C LYS HA 6 34.01 -27.95 31.34
N VAL HA 7 32.97 -27.97 32.19
CA VAL HA 7 31.60 -27.72 31.75
C VAL HA 7 30.94 -26.75 32.74
N VAL HA 8 29.83 -26.17 32.29
CA VAL HA 8 29.01 -25.27 33.09
C VAL HA 8 27.66 -25.92 33.30
N ILE HA 9 27.28 -26.10 34.56
CA ILE HA 9 26.03 -26.78 34.91
C ILE HA 9 24.92 -25.75 34.96
N GLU HA 10 23.95 -25.88 34.07
CA GLU HA 10 22.78 -25.04 34.03
C GLU HA 10 21.55 -25.91 34.27
N PRO HA 11 20.61 -25.50 35.14
CA PRO HA 11 19.48 -26.37 35.48
C PRO HA 11 18.50 -26.48 34.32
N HIS HA 12 18.09 -27.71 34.02
CA HIS HA 12 17.08 -27.96 33.00
C HIS HA 12 15.71 -27.50 33.50
N ARG HA 13 14.78 -27.35 32.55
CA ARG HA 13 13.43 -26.92 32.89
C ARG HA 13 12.72 -27.93 33.78
N HIS HA 14 12.94 -29.21 33.54
CA HIS HA 14 12.50 -30.23 34.49
C HIS HA 14 13.37 -30.14 35.74
N ALA HA 15 12.72 -30.08 36.90
CA ALA HA 15 13.46 -29.91 38.15
C ALA HA 15 14.19 -31.19 38.52
N GLY HA 16 15.40 -31.02 39.05
CA GLY HA 16 16.25 -32.14 39.39
C GLY HA 16 17.14 -32.63 38.27
N VAL HA 17 16.84 -32.26 37.03
CA VAL HA 17 17.68 -32.58 35.88
C VAL HA 17 18.49 -31.34 35.56
N TYR HA 18 19.78 -31.51 35.30
CA TYR HA 18 20.70 -30.43 35.02
C TYR HA 18 21.38 -30.66 33.68
N ILE HA 19 21.90 -29.59 33.10
CA ILE HA 19 22.48 -29.61 31.76
C ILE HA 19 23.94 -29.21 31.87
N ALA HA 20 24.83 -30.05 31.36
CA ALA HA 20 26.26 -29.76 31.35
C ALA HA 20 26.61 -29.18 29.99
N ARG HA 21 26.82 -27.86 29.93
CA ARG HA 21 27.17 -27.21 28.69
C ARG HA 21 28.68 -27.16 28.53
N GLY HA 22 29.19 -27.85 27.52
CA GLY HA 22 30.59 -27.77 27.12
C GLY HA 22 30.67 -27.47 25.63
N LYS HA 23 31.70 -28.02 24.98
CA LYS HA 23 31.73 -28.01 23.53
C LYS HA 23 30.60 -28.82 22.94
N GLU HA 24 30.16 -29.86 23.66
CA GLU HA 24 28.90 -30.54 23.40
C GLU HA 24 28.11 -30.56 24.71
N ASP HA 25 26.79 -30.55 24.59
CA ASP HA 25 25.94 -30.49 25.77
C ASP HA 25 25.59 -31.89 26.26
N LEU HA 26 25.55 -32.03 27.57
CA LEU HA 26 25.37 -33.32 28.24
C LEU HA 26 24.21 -33.23 29.22
N LEU HA 27 23.61 -34.37 29.51
CA LEU HA 27 22.49 -34.46 30.44
C LEU HA 27 22.96 -35.10 31.74
N VAL HA 28 22.86 -34.36 32.84
CA VAL HA 28 23.55 -34.72 34.07
C VAL HA 28 22.57 -34.64 35.24
N THR HA 29 22.83 -35.44 36.27
CA THR HA 29 22.01 -35.46 37.48
C THR HA 29 22.94 -35.62 38.68
N LYS HA 30 22.57 -35.00 39.81
CA LYS HA 30 23.41 -35.00 41.01
C LYS HA 30 23.39 -36.37 41.68
N ASN HA 31 24.56 -36.86 42.08
CA ASN HA 31 24.70 -38.22 42.56
C ASN HA 31 24.39 -38.32 44.05
N MET HA 32 23.85 -39.47 44.45
CA MET HA 32 23.69 -39.82 45.85
C MET HA 32 24.99 -40.25 46.50
N ALA HA 33 25.57 -41.35 46.00
CA ALA HA 33 26.82 -41.89 46.51
C ALA HA 33 27.95 -41.46 45.59
N PRO HA 34 28.89 -40.65 46.04
CA PRO HA 34 29.94 -40.16 45.15
C PRO HA 34 31.06 -41.17 44.97
N GLY HA 35 31.80 -40.98 43.87
CA GLY HA 35 33.04 -41.70 43.64
C GLY HA 35 32.92 -42.96 42.82
N GLU HA 36 31.73 -43.54 42.70
CA GLU HA 36 31.54 -44.80 41.99
C GLU HA 36 30.43 -44.65 40.98
N SER HA 37 30.72 -45.00 39.73
CA SER HA 37 29.70 -44.99 38.67
C SER HA 37 28.94 -46.31 38.69
N VAL HA 38 27.61 -46.22 38.66
CA VAL HA 38 26.77 -47.41 38.75
C VAL HA 38 26.88 -48.30 37.52
N TYR HA 39 27.09 -47.73 36.33
CA TYR HA 39 27.29 -48.57 35.16
C TYR HA 39 28.41 -48.05 34.27
N GLY HA 40 29.39 -47.36 34.84
CA GLY HA 40 30.54 -46.93 34.09
C GLY HA 40 30.37 -45.66 33.31
N GLU HA 41 29.30 -44.91 33.52
CA GLU HA 41 29.16 -43.62 32.88
C GLU HA 41 30.11 -42.61 33.52
N LYS HA 42 30.42 -41.56 32.78
CA LYS HA 42 31.32 -40.53 33.30
C LYS HA 42 30.60 -39.66 34.32
N ARG HA 43 31.39 -38.89 35.06
CA ARG HA 43 30.82 -38.09 36.14
C ARG HA 43 31.61 -36.80 36.30
N ILE HA 44 30.90 -35.74 36.69
CA ILE HA 44 31.46 -34.40 36.83
C ILE HA 44 31.52 -34.05 38.30
N SER HA 45 32.57 -33.34 38.69
CA SER HA 45 32.78 -32.95 40.07
C SER HA 45 32.89 -31.43 40.17
N VAL HA 46 32.15 -30.84 41.11
CA VAL HA 46 32.26 -29.43 41.43
C VAL HA 46 32.65 -29.32 42.89
N GLU HA 47 33.08 -28.12 43.29
CA GLU HA 47 33.39 -27.82 44.68
C GLU HA 47 32.71 -26.52 45.08
N GLU HA 48 31.99 -26.56 46.19
CA GLU HA 48 31.27 -25.38 46.68
C GLU HA 48 31.69 -25.06 48.11
N PRO HA 49 32.07 -23.80 48.39
CA PRO HA 49 32.45 -23.40 49.75
C PRO HA 49 31.24 -23.03 50.61
N VAL HA 55 32.61 -21.46 56.18
CA VAL HA 55 32.33 -22.90 56.14
C VAL HA 55 33.38 -23.62 55.30
N PRO HA 56 33.76 -24.83 55.73
CA PRO HA 56 34.64 -25.65 54.90
C PRO HA 56 33.94 -26.08 53.63
N PRO HA 57 34.67 -26.28 52.53
CA PRO HA 57 34.02 -26.61 51.26
C PRO HA 57 33.50 -28.03 51.23
N THR HA 58 32.51 -28.25 50.36
CA THR HA 58 31.99 -29.57 50.07
C THR HA 58 32.23 -29.91 48.60
N LYS HA 59 32.39 -31.19 48.31
CA LYS HA 59 32.66 -31.67 46.97
C LYS HA 59 31.52 -32.61 46.57
N VAL HA 60 30.50 -32.05 45.93
CA VAL HA 60 29.35 -32.81 45.45
C VAL HA 60 29.63 -33.20 44.01
N GLU HA 61 29.23 -34.43 43.65
CA GLU HA 61 29.59 -35.02 42.37
C GLU HA 61 28.33 -35.20 41.54
N TYR HA 62 28.44 -34.90 40.25
CA TYR HA 62 27.33 -34.98 39.32
C TYR HA 62 27.63 -36.10 38.32
N ARG HA 63 26.58 -36.83 37.92
CA ARG HA 63 26.77 -38.02 37.11
C ARG HA 63 25.96 -37.90 35.82
N VAL HA 64 26.61 -38.21 34.69
CA VAL HA 64 25.95 -38.04 33.40
C VAL HA 64 24.94 -39.15 33.20
N TRP HA 65 23.90 -38.86 32.43
CA TRP HA 65 22.81 -39.78 32.15
C TRP HA 65 22.96 -40.28 30.71
N ASN HA 66 23.10 -41.59 30.56
CA ASN HA 66 23.31 -42.14 29.23
C ASN HA 66 21.97 -42.25 28.50
N PRO HA 67 21.83 -41.63 27.33
CA PRO HA 67 20.52 -41.62 26.67
C PRO HA 67 20.22 -42.92 25.95
N PHE HA 68 21.22 -43.57 25.39
CA PHE HA 68 21.00 -44.74 24.56
C PHE HA 68 20.78 -46.02 25.35
N ARG HA 69 21.07 -46.02 26.65
CA ARG HA 69 20.82 -47.18 27.49
C ARG HA 69 19.65 -46.98 28.44
N SER HA 70 19.32 -45.75 28.80
CA SER HA 70 18.19 -45.45 29.66
C SER HA 70 17.17 -44.67 28.86
N LYS HA 71 15.94 -45.20 28.78
CA LYS HA 71 14.94 -44.62 27.90
C LYS HA 71 14.32 -43.34 28.45
N LEU HA 72 14.45 -43.08 29.74
CA LEU HA 72 13.95 -41.83 30.29
C LEU HA 72 14.80 -40.65 29.84
N ALA HA 73 16.11 -40.85 29.72
CA ALA HA 73 17.00 -39.78 29.28
C ALA HA 73 16.80 -39.47 27.81
N ALA HA 74 16.35 -40.45 27.04
CA ALA HA 74 16.03 -40.19 25.64
C ALA HA 74 14.79 -39.30 25.51
N GLY HA 75 13.87 -39.41 26.47
CA GLY HA 75 12.66 -38.62 26.40
C GLY HA 75 12.86 -37.20 26.89
N ILE HA 76 13.86 -36.98 27.76
CA ILE HA 76 14.11 -35.65 28.30
C ILE HA 76 14.69 -34.74 27.22
N MET HA 77 15.73 -35.21 26.52
CA MET HA 77 16.28 -34.44 25.41
C MET HA 77 15.35 -34.43 24.20
N GLY HA 78 14.41 -35.37 24.12
CA GLY HA 78 13.33 -35.23 23.17
C GLY HA 78 12.44 -34.06 23.50
N GLY HA 79 12.18 -33.83 24.78
CA GLY HA 79 11.39 -32.69 25.20
C GLY HA 79 9.96 -33.06 25.53
N LEU HA 80 9.61 -33.06 26.81
CA LEU HA 80 8.27 -33.39 27.24
C LEU HA 80 7.62 -32.18 27.90
N ASP HA 81 6.30 -32.19 27.94
CA ASP HA 81 5.55 -31.08 28.51
C ASP HA 81 5.75 -31.01 30.02
N GLU HA 82 5.43 -32.09 30.72
CA GLU HA 82 5.75 -32.20 32.14
C GLU HA 82 5.93 -33.67 32.47
N LEU HA 83 7.17 -34.11 32.54
CA LEU HA 83 7.46 -35.42 33.10
C LEU HA 83 7.19 -35.36 34.60
N PHE HA 84 6.25 -36.19 35.05
CA PHE HA 84 5.69 -36.11 36.39
C PHE HA 84 6.64 -36.58 37.47
N ILE HA 85 7.76 -37.20 37.12
CA ILE HA 85 8.77 -37.57 38.10
C ILE HA 85 9.41 -36.30 38.65
N ALA HA 86 9.35 -36.14 39.96
CA ALA HA 86 9.49 -34.85 40.61
C ALA HA 86 10.69 -34.82 41.56
N PRO HA 87 11.19 -33.63 41.90
CA PRO HA 87 12.26 -33.56 42.91
C PRO HA 87 11.88 -34.03 44.30
N GLY HA 88 10.60 -34.10 44.64
CA GLY HA 88 10.23 -34.53 45.97
C GLY HA 88 9.33 -35.74 46.04
N LYS HA 89 8.67 -36.07 44.93
CA LYS HA 89 7.65 -37.11 44.93
C LYS HA 89 8.30 -38.49 44.89
N LYS HA 90 7.46 -39.52 44.97
CA LYS HA 90 7.90 -40.90 44.96
C LYS HA 90 7.54 -41.57 43.63
N VAL HA 91 8.38 -42.51 43.21
CA VAL HA 91 8.31 -43.10 41.89
C VAL HA 91 8.33 -44.62 42.01
N LEU HA 92 7.39 -45.28 41.34
CA LEU HA 92 7.34 -46.74 41.32
C LEU HA 92 7.90 -47.19 39.98
N TYR HA 93 9.15 -47.66 39.99
CA TYR HA 93 9.72 -48.27 38.81
C TYR HA 93 9.12 -49.64 38.56
N LEU HA 94 9.06 -50.02 37.29
CA LEU HA 94 8.79 -51.39 36.88
C LEU HA 94 9.88 -51.84 35.92
N GLY HA 95 10.45 -53.02 36.17
CA GLY HA 95 11.43 -53.59 35.28
C GLY HA 95 12.85 -53.09 35.43
N ALA HA 96 13.19 -52.49 36.57
CA ALA HA 96 14.57 -52.08 36.82
C ALA HA 96 15.39 -53.33 37.09
N ALA HA 97 16.05 -53.86 36.07
CA ALA HA 97 16.90 -55.03 36.28
C ALA HA 97 18.20 -54.63 36.96
N SER HA 98 19.01 -53.86 36.28
CA SER HA 98 20.17 -53.23 36.88
C SER HA 98 19.84 -51.77 37.16
N GLY HA 99 20.85 -50.99 37.52
CA GLY HA 99 20.65 -49.57 37.68
C GLY HA 99 20.92 -48.81 36.40
N THR HA 100 20.35 -49.30 35.29
CA THR HA 100 20.52 -48.61 34.02
C THR HA 100 19.82 -47.26 34.01
N SER HA 101 18.67 -47.17 34.67
CA SER HA 101 17.99 -45.90 34.85
C SER HA 101 17.46 -45.67 36.25
N VAL HA 102 17.34 -46.70 37.08
CA VAL HA 102 16.77 -46.50 38.42
C VAL HA 102 17.74 -45.80 39.34
N SER HA 103 19.02 -45.74 38.98
CA SER HA 103 19.96 -44.91 39.73
C SER HA 103 19.69 -43.43 39.49
N HIS HA 104 19.41 -43.05 38.24
CA HIS HA 104 19.17 -41.65 37.93
C HIS HA 104 17.80 -41.19 38.39
N VAL HA 105 16.81 -42.09 38.36
CA VAL HA 105 15.50 -41.76 38.87
C VAL HA 105 15.57 -41.57 40.39
N SER HA 106 16.42 -42.35 41.05
CA SER HA 106 16.71 -42.12 42.46
C SER HA 106 17.44 -40.79 42.65
N ASP HA 107 18.31 -40.44 41.70
CA ASP HA 107 19.06 -39.20 41.80
C ASP HA 107 18.20 -37.97 41.61
N VAL HA 108 17.10 -38.08 40.86
CA VAL HA 108 16.27 -36.92 40.56
C VAL HA 108 15.15 -36.74 41.60
N VAL HA 109 14.91 -37.73 42.46
CA VAL HA 109 13.90 -37.57 43.50
C VAL HA 109 14.47 -37.22 44.86
N GLY HA 110 15.79 -37.21 45.00
CA GLY HA 110 16.43 -36.69 46.19
C GLY HA 110 16.34 -37.60 47.39
N PRO HA 111 16.91 -37.16 48.51
CA PRO HA 111 16.75 -37.94 49.76
C PRO HA 111 15.36 -37.86 50.35
N GLU HA 112 14.59 -36.82 50.04
CA GLU HA 112 13.26 -36.68 50.64
C GLU HA 112 12.27 -37.68 50.05
N GLY HA 113 12.37 -37.96 48.76
CA GLY HA 113 11.54 -38.96 48.14
C GLY HA 113 12.27 -40.27 47.94
N VAL HA 114 11.49 -41.35 47.83
CA VAL HA 114 12.04 -42.69 47.66
C VAL HA 114 11.53 -43.28 46.35
N VAL HA 115 12.22 -44.31 45.90
CA VAL HA 115 11.96 -44.96 44.62
C VAL HA 115 11.81 -46.46 44.85
N TYR HA 116 10.78 -47.05 44.26
CA TYR HA 116 10.44 -48.43 44.54
C TYR HA 116 10.80 -49.21 43.28
N ALA HA 117 11.92 -49.92 43.31
CA ALA HA 117 12.33 -50.69 42.14
C ALA HA 117 11.72 -52.08 42.16
N VAL HA 118 11.06 -52.45 41.07
CA VAL HA 118 10.34 -53.72 40.97
C VAL HA 118 10.92 -54.51 39.81
N GLU HA 119 11.31 -55.76 40.08
CA GLU HA 119 11.85 -56.64 39.05
C GLU HA 119 11.62 -58.09 39.47
N PHE HA 120 11.73 -59.01 38.52
CA PHE HA 120 11.44 -60.41 38.80
C PHE HA 120 12.67 -61.28 39.02
N SER HA 121 13.62 -61.25 38.08
CA SER HA 121 14.68 -62.25 38.08
C SER HA 121 15.70 -61.98 39.17
N HIS HA 122 16.17 -63.05 39.81
CA HIS HA 122 17.07 -62.90 40.95
C HIS HA 122 18.48 -62.53 40.52
N ARG HA 123 18.84 -62.83 39.27
CA ARG HA 123 20.19 -62.49 38.79
C ARG HA 123 20.45 -60.98 38.69
N PRO HA 124 19.57 -60.13 38.15
CA PRO HA 124 19.79 -58.69 38.32
C PRO HA 124 19.22 -58.12 39.62
N GLY HA 125 18.39 -58.89 40.33
CA GLY HA 125 17.91 -58.43 41.61
C GLY HA 125 18.97 -58.43 42.69
N ARG HA 126 20.00 -59.27 42.51
CA ARG HA 126 21.15 -59.22 43.41
C ARG HA 126 21.93 -57.93 43.23
N GLU HA 127 22.02 -57.44 42.00
CA GLU HA 127 22.62 -56.13 41.75
C GLU HA 127 21.73 -55.02 42.29
N LEU HA 128 20.41 -55.20 42.19
CA LEU HA 128 19.47 -54.19 42.68
C LEU HA 128 19.52 -54.11 44.20
N ILE HA 129 19.81 -55.22 44.86
CA ILE HA 129 20.00 -55.23 46.31
C ILE HA 129 21.26 -54.45 46.68
N SER HA 130 22.34 -54.66 45.91
CA SER HA 130 23.65 -54.11 46.26
C SER HA 130 23.69 -52.58 46.07
N MET HA 131 22.92 -52.06 45.13
CA MET HA 131 22.90 -50.62 44.93
C MET HA 131 21.98 -49.93 45.92
N ALA HA 132 20.87 -50.57 46.29
CA ALA HA 132 19.85 -49.94 47.12
C ALA HA 132 20.30 -49.78 48.57
N LYS HA 133 21.38 -50.44 48.98
CA LYS HA 133 21.96 -50.22 50.29
C LYS HA 133 23.09 -49.21 50.27
N LYS HA 134 23.34 -48.57 49.12
CA LYS HA 134 24.24 -47.43 49.04
C LYS HA 134 23.52 -46.15 48.68
N ARG HA 135 22.41 -46.24 47.95
CA ARG HA 135 21.48 -45.12 47.82
C ARG HA 135 20.27 -45.44 48.69
N PRO HA 136 20.08 -44.76 49.82
CA PRO HA 136 19.03 -45.17 50.76
C PRO HA 136 17.61 -44.92 50.28
N ASN HA 137 17.41 -44.13 49.22
CA ASN HA 137 16.06 -43.92 48.72
C ASN HA 137 15.55 -45.07 47.86
N ILE HA 138 16.42 -45.99 47.46
CA ILE HA 138 15.98 -47.15 46.69
C ILE HA 138 15.66 -48.28 47.65
N ILE HA 139 14.50 -48.91 47.45
CA ILE HA 139 14.21 -50.22 48.02
C ILE HA 139 13.79 -51.13 46.88
N PRO HA 140 14.31 -52.36 46.81
CA PRO HA 140 13.97 -53.22 45.68
C PRO HA 140 12.83 -54.18 45.99
N ILE HA 141 12.11 -54.57 44.94
CA ILE HA 141 11.05 -55.56 45.04
C ILE HA 141 11.42 -56.68 44.08
N ILE HA 142 11.87 -57.82 44.62
CA ILE HA 142 12.14 -58.99 43.79
C ILE HA 142 10.83 -59.70 43.45
N GLU HA 143 9.74 -59.36 44.14
CA GLU HA 143 8.44 -59.97 43.93
C GLU HA 143 7.90 -59.62 42.55
N ASP HA 144 7.12 -60.57 41.99
CA ASP HA 144 6.64 -60.50 40.61
C ASP HA 144 5.76 -59.29 40.37
N ALA HA 145 6.06 -58.57 39.29
CA ALA HA 145 5.38 -57.31 38.98
C ALA HA 145 3.96 -57.51 38.45
N ARG HA 146 3.64 -58.70 37.93
CA ARG HA 146 2.31 -58.93 37.37
C ARG HA 146 1.24 -58.98 38.45
N HIS HA 147 1.61 -59.41 39.66
CA HIS HA 147 0.66 -59.55 40.76
C HIS HA 147 1.01 -58.55 41.85
N PRO HA 148 0.30 -57.43 41.94
CA PRO HA 148 0.59 -56.44 42.99
C PRO HA 148 0.15 -56.87 44.37
N GLN HA 149 -0.71 -57.89 44.46
CA GLN HA 149 -1.13 -58.40 45.77
C GLN HA 149 0.02 -59.03 46.52
N LYS HA 150 0.99 -59.60 45.80
CA LYS HA 150 2.04 -60.36 46.46
C LYS HA 150 3.08 -59.45 47.13
N TYR HA 151 3.16 -58.18 46.71
CA TYR HA 151 4.09 -57.23 47.30
C TYR HA 151 3.39 -55.99 47.86
N ARG HA 152 2.11 -56.09 48.18
CA ARG HA 152 1.37 -54.93 48.67
C ARG HA 152 1.75 -54.51 50.08
N MET HA 153 2.62 -55.28 50.75
CA MET HA 153 3.11 -54.86 52.05
C MET HA 153 4.06 -53.68 51.92
N LEU HA 154 4.86 -53.69 50.85
CA LEU HA 154 6.10 -52.96 50.78
C LEU HA 154 5.97 -51.58 50.15
N ILE HA 155 4.85 -51.30 49.48
CA ILE HA 155 4.66 -50.03 48.78
C ILE HA 155 3.39 -49.38 49.31
N GLY HA 156 3.50 -48.12 49.74
CA GLY HA 156 2.32 -47.36 50.11
C GLY HA 156 2.22 -45.99 49.46
N MET HA 157 1.21 -45.83 48.59
CA MET HA 157 0.83 -44.58 47.92
C MET HA 157 2.02 -43.86 47.27
N VAL HA 158 2.56 -44.52 46.25
CA VAL HA 158 3.51 -43.87 45.38
C VAL HA 158 2.80 -42.78 44.58
N ASP HA 159 3.58 -41.85 44.05
CA ASP HA 159 3.01 -40.73 43.31
C ASP HA 159 3.19 -40.90 41.81
N CYS HA 160 4.22 -41.62 41.38
CA CYS HA 160 4.48 -41.83 39.96
C CYS HA 160 4.73 -43.30 39.70
N VAL HA 161 4.33 -43.76 38.53
CA VAL HA 161 4.60 -45.11 38.06
C VAL HA 161 5.29 -45.02 36.70
N PHE HA 162 6.40 -45.75 36.57
CA PHE HA 162 7.14 -45.73 35.32
C PHE HA 162 7.31 -47.18 34.89
N ALA HA 163 6.95 -47.46 33.64
CA ALA HA 163 6.98 -48.80 33.08
C ALA HA 163 8.20 -48.97 32.19
N ASP HA 164 8.94 -50.05 32.42
CA ASP HA 164 10.01 -50.45 31.51
C ASP HA 164 10.00 -51.94 31.25
N VAL HA 165 9.03 -52.68 31.78
CA VAL HA 165 8.93 -54.11 31.56
C VAL HA 165 8.47 -54.36 30.13
N ALA HA 166 8.93 -55.46 29.53
CA ALA HA 166 8.70 -55.74 28.12
C ALA HA 166 7.69 -56.86 27.89
N GLN HA 167 6.81 -57.13 28.84
CA GLN HA 167 5.78 -58.12 28.63
C GLN HA 167 4.66 -57.55 27.76
N PRO HA 168 4.02 -58.39 26.93
CA PRO HA 168 2.98 -57.87 26.02
C PRO HA 168 1.71 -57.40 26.72
N ASP HA 169 1.48 -57.78 27.97
CA ASP HA 169 0.35 -57.25 28.72
C ASP HA 169 0.77 -56.04 29.56
N GLN HA 170 1.30 -55.02 28.88
CA GLN HA 170 1.75 -53.82 29.56
C GLN HA 170 0.59 -53.02 30.12
N ALA HA 171 -0.55 -53.02 29.42
CA ALA HA 171 -1.70 -52.27 29.87
C ALA HA 171 -2.33 -52.89 31.12
N ARG HA 172 -2.30 -54.23 31.21
CA ARG HA 172 -2.87 -54.89 32.37
C ARG HA 172 -1.98 -54.73 33.60
N ILE HA 173 -0.66 -54.77 33.41
CA ILE HA 173 0.25 -54.76 34.54
C ILE HA 173 0.40 -53.33 35.09
N ILE HA 174 0.14 -52.32 34.25
CA ILE HA 174 0.23 -50.94 34.71
C ILE HA 174 -1.06 -50.52 35.40
N ALA HA 175 -2.20 -50.95 34.87
CA ALA HA 175 -3.49 -50.66 35.49
C ALA HA 175 -3.61 -51.33 36.85
N LEU HA 176 -3.12 -52.56 36.97
CA LEU HA 176 -3.23 -53.26 38.24
C LEU HA 176 -2.28 -52.68 39.28
N ASN HA 177 -1.22 -51.99 38.86
CA ASN HA 177 -0.38 -51.26 39.80
C ASN HA 177 -0.96 -49.90 40.13
N SER HA 178 -1.48 -49.19 39.12
CA SER HA 178 -1.94 -47.83 39.34
C SER HA 178 -3.27 -47.78 40.08
N HIS HA 179 -4.06 -48.84 40.02
CA HIS HA 179 -5.32 -48.88 40.75
C HIS HA 179 -5.14 -49.04 42.25
N MET HA 180 -3.94 -49.36 42.71
CA MET HA 180 -3.74 -49.70 44.10
C MET HA 180 -2.59 -48.97 44.75
N PHE HA 181 -1.65 -48.43 43.98
CA PHE HA 181 -0.49 -47.77 44.54
C PHE HA 181 -0.31 -46.33 44.09
N LEU HA 182 -0.89 -45.95 42.97
CA LEU HA 182 -0.75 -44.59 42.49
C LEU HA 182 -1.77 -43.68 43.15
N LYS HA 183 -1.36 -42.46 43.45
CA LYS HA 183 -2.28 -41.48 43.98
C LYS HA 183 -3.21 -40.99 42.87
N ASP HA 184 -4.28 -40.33 43.29
CA ASP HA 184 -5.12 -39.62 42.33
C ASP HA 184 -4.35 -38.43 41.76
N GLN HA 185 -4.62 -38.13 40.49
CA GLN HA 185 -3.91 -37.13 39.68
C GLN HA 185 -2.40 -37.40 39.63
N GLY HA 186 -2.01 -38.68 39.65
CA GLY HA 186 -0.62 -39.04 39.60
C GLY HA 186 -0.16 -39.41 38.19
N GLY HA 187 1.13 -39.19 37.94
CA GLY HA 187 1.67 -39.35 36.60
C GLY HA 187 1.91 -40.80 36.23
N VAL HA 188 1.56 -41.13 35.00
CA VAL HA 188 1.76 -42.47 34.44
C VAL HA 188 2.69 -42.33 33.25
N VAL HA 189 3.89 -42.87 33.36
CA VAL HA 189 4.84 -42.94 32.26
C VAL HA 189 5.00 -44.40 31.88
N ILE HA 190 4.86 -44.71 30.59
CA ILE HA 190 5.00 -46.08 30.11
C ILE HA 190 5.86 -46.05 28.85
N SER HA 191 6.94 -46.82 28.86
CA SER HA 191 7.83 -46.92 27.70
C SER HA 191 7.31 -48.04 26.81
N ILE HA 192 6.54 -47.68 25.80
CA ILE HA 192 5.87 -48.65 24.95
C ILE HA 192 6.88 -49.16 23.92
N LYS HA 193 7.09 -50.48 23.90
CA LYS HA 193 7.94 -51.11 22.90
C LYS HA 193 7.04 -51.89 21.92
N ALA HA 194 7.10 -51.52 20.65
CA ALA HA 194 6.17 -52.09 19.67
C ALA HA 194 6.55 -53.49 19.23
N ASN HA 195 7.80 -53.91 19.42
CA ASN HA 195 8.19 -55.27 19.07
C ASN HA 195 7.71 -56.24 20.15
N CYS HA 196 7.71 -55.81 21.40
CA CYS HA 196 7.42 -56.67 22.53
C CYS HA 196 5.91 -56.84 22.79
N ILE HA 197 5.05 -56.08 22.13
CA ILE HA 197 3.63 -56.14 22.43
C ILE HA 197 2.89 -56.93 21.35
N ASP HA 198 3.01 -56.50 20.09
CA ASP HA 198 2.42 -57.26 18.99
C ASP HA 198 3.30 -57.01 17.76
N SER HA 199 4.24 -57.93 17.53
CA SER HA 199 5.20 -57.80 16.45
C SER HA 199 4.59 -58.02 15.07
N THR HA 200 3.43 -58.65 14.99
CA THR HA 200 2.80 -58.89 13.69
C THR HA 200 2.26 -57.61 13.07
N VAL HA 201 1.88 -56.64 13.89
CA VAL HA 201 1.33 -55.38 13.43
C VAL HA 201 2.37 -54.29 13.68
N ASP HA 202 2.21 -53.16 12.99
CA ASP HA 202 3.25 -52.13 12.93
C ASP HA 202 3.28 -51.31 14.21
N ALA HA 203 4.15 -50.29 14.21
CA ALA HA 203 4.46 -49.54 15.43
C ALA HA 203 3.30 -48.62 15.84
N GLU HA 204 2.75 -47.87 14.90
CA GLU HA 204 1.72 -46.89 15.24
C GLU HA 204 0.41 -47.55 15.59
N THR HA 205 0.16 -48.75 15.04
CA THR HA 205 -0.98 -49.54 15.46
C THR HA 205 -0.84 -50.00 16.91
N VAL HA 206 0.37 -50.34 17.32
CA VAL HA 206 0.63 -50.72 18.71
C VAL HA 206 0.45 -49.51 19.63
N PHE HA 207 0.93 -48.34 19.20
CA PHE HA 207 0.82 -47.14 20.01
C PHE HA 207 -0.63 -46.69 20.13
N ALA HA 208 -1.42 -46.84 19.07
CA ALA HA 208 -2.83 -46.49 19.14
C ALA HA 208 -3.60 -47.48 19.99
N ARG HA 209 -3.18 -48.75 20.00
CA ARG HA 209 -3.87 -49.76 20.79
C ARG HA 209 -3.60 -49.60 22.28
N GLU HA 210 -2.34 -49.34 22.64
CA GLU HA 210 -1.96 -49.32 24.05
C GLU HA 210 -2.41 -48.04 24.72
N VAL HA 211 -2.47 -46.92 23.99
CA VAL HA 211 -2.96 -45.70 24.61
C VAL HA 211 -4.48 -45.75 24.71
N GLN HA 212 -5.12 -46.64 23.95
CA GLN HA 212 -6.56 -46.80 24.08
C GLN HA 212 -6.91 -47.73 25.22
N LYS HA 213 -6.09 -48.75 25.44
CA LYS HA 213 -6.27 -49.62 26.61
C LYS HA 213 -6.03 -48.85 27.90
N LEU HA 214 -5.10 -47.90 27.88
CA LEU HA 214 -4.87 -47.04 29.05
C LEU HA 214 -6.05 -46.11 29.29
N ARG HA 215 -6.68 -45.63 28.21
CA ARG HA 215 -7.88 -44.82 28.36
C ARG HA 215 -9.04 -45.64 28.90
N GLU HA 216 -9.09 -46.93 28.58
CA GLU HA 216 -10.12 -47.81 29.11
C GLU HA 216 -9.92 -48.03 30.61
N GLU HA 217 -8.68 -48.05 31.06
CA GLU HA 217 -8.36 -48.23 32.47
C GLU HA 217 -8.25 -46.92 33.22
N ARG HA 218 -8.89 -45.87 32.71
CA ARG HA 218 -8.99 -44.54 33.33
C ARG HA 218 -7.61 -43.91 33.59
N ILE HA 219 -6.71 -44.04 32.63
CA ILE HA 219 -5.46 -43.30 32.63
C ILE HA 219 -5.51 -42.36 31.43
N LYS HA 220 -5.67 -41.08 31.70
CA LYS HA 220 -5.70 -40.09 30.64
C LYS HA 220 -4.29 -39.87 30.11
N PRO HA 221 -4.07 -39.95 28.80
CA PRO HA 221 -2.77 -39.60 28.26
C PRO HA 221 -2.63 -38.09 28.13
N LEU HA 222 -1.41 -37.61 28.38
CA LEU HA 222 -1.10 -36.21 28.19
C LEU HA 222 -0.22 -35.96 26.97
N GLU HA 223 0.81 -36.80 26.77
CA GLU HA 223 1.76 -36.58 25.70
C GLU HA 223 2.42 -37.89 25.35
N GLN HA 224 2.88 -37.99 24.11
CA GLN HA 224 3.69 -39.11 23.68
C GLN HA 224 4.90 -38.57 22.93
N LEU HA 225 5.99 -39.32 23.00
CA LEU HA 225 7.24 -38.93 22.36
C LEU HA 225 7.89 -40.18 21.79
N THR HA 226 8.27 -40.12 20.52
CA THR HA 226 8.76 -41.31 19.84
C THR HA 226 10.19 -41.68 20.24
N LEU HA 227 10.97 -40.70 20.71
CA LEU HA 227 12.39 -40.84 21.06
C LEU HA 227 13.19 -41.53 19.95
N GLU HA 228 12.93 -41.09 18.72
CA GLU HA 228 13.46 -41.77 17.54
C GLU HA 228 14.98 -41.81 17.40
N PRO HA 229 15.75 -40.70 17.51
CA PRO HA 229 17.19 -40.81 17.19
C PRO HA 229 18.01 -41.59 18.19
N TYR HA 230 17.46 -41.90 19.36
CA TYR HA 230 18.17 -42.69 20.35
C TYR HA 230 17.80 -44.17 20.23
N GLU HA 231 16.53 -44.46 19.97
CA GLU HA 231 16.04 -45.82 19.84
C GLU HA 231 15.00 -45.91 18.72
N ARG HA 232 15.22 -46.84 17.79
CA ARG HA 232 14.21 -47.22 16.81
C ARG HA 232 13.04 -47.91 17.48
N ASP HA 233 11.84 -47.59 16.98
CA ASP HA 233 10.62 -48.35 17.20
C ASP HA 233 10.21 -48.35 18.68
N HIS HA 234 10.11 -47.16 19.26
CA HIS HA 234 9.80 -47.01 20.67
C HIS HA 234 8.91 -45.79 20.84
N CYS HA 235 8.38 -45.64 22.06
CA CYS HA 235 7.66 -44.45 22.49
C CYS HA 235 7.59 -44.45 24.01
N ILE HA 236 7.40 -43.26 24.56
CA ILE HA 236 7.02 -43.10 25.96
C ILE HA 236 5.72 -42.29 25.99
N VAL HA 237 4.76 -42.76 26.77
CA VAL HA 237 3.48 -42.08 26.92
C VAL HA 237 3.39 -41.60 28.35
N VAL HA 238 3.33 -40.29 28.53
CA VAL HA 238 3.21 -39.66 29.83
C VAL HA 238 1.79 -39.16 29.99
N GLY HA 239 1.17 -39.50 31.11
CA GLY HA 239 -0.21 -39.09 31.31
C GLY HA 239 -0.54 -39.08 32.79
N ARG HA 240 -1.74 -38.59 33.09
CA ARG HA 240 -2.20 -38.40 34.45
C ARG HA 240 -3.30 -39.41 34.77
N TYR HA 241 -3.18 -40.06 35.92
CA TYR HA 241 -4.20 -41.00 36.40
C TYR HA 241 -5.37 -40.18 36.92
N MET HA 242 -6.42 -40.04 36.10
CA MET HA 242 -7.53 -39.19 36.47
C MET HA 242 -8.40 -39.84 37.54
N ARG HA 243 -8.99 -40.99 37.23
CA ARG HA 243 -9.81 -41.85 38.07
C ARG HA 243 -11.14 -41.23 38.50
N SER HA 244 -11.41 -39.98 38.14
CA SER HA 244 -12.68 -39.33 38.50
C SER HA 244 -12.98 -38.30 37.42
N GLY HA 245 -13.77 -38.71 36.43
CA GLY HA 245 -14.10 -37.81 35.35
C GLY HA 245 -12.93 -37.54 34.42
N LEU HA 246 -12.55 -38.55 33.63
CA LEU HA 246 -11.49 -38.37 32.64
C LEU HA 246 -11.84 -37.33 31.60
N LYS HA 247 -13.13 -37.19 31.29
CA LYS HA 247 -13.59 -36.18 30.34
C LYS HA 247 -13.49 -34.79 30.95
N LYS IA 6 77.37 -31.82 29.76
CA LYS IA 6 77.07 -30.50 29.23
C LYS IA 6 78.12 -29.48 29.64
N VAL IA 7 78.29 -29.30 30.95
CA VAL IA 7 79.23 -28.31 31.47
C VAL IA 7 80.65 -28.84 31.35
N VAL IA 8 81.52 -28.05 30.73
CA VAL IA 8 82.94 -28.38 30.68
C VAL IA 8 83.57 -28.06 32.03
N ILE IA 9 84.23 -29.04 32.61
CA ILE IA 9 84.82 -28.90 33.94
C ILE IA 9 86.30 -28.61 33.78
N GLU IA 10 86.88 -27.94 34.79
CA GLU IA 10 88.29 -27.58 34.75
C GLU IA 10 88.83 -27.42 36.17
N PRO IA 11 89.78 -28.25 36.59
CA PRO IA 11 90.40 -28.05 37.91
C PRO IA 11 91.27 -26.81 37.94
N HIS IA 12 91.39 -26.23 39.14
CA HIS IA 12 92.15 -25.01 39.33
C HIS IA 12 93.62 -25.32 39.51
N ARG IA 13 94.42 -24.24 39.60
CA ARG IA 13 95.81 -24.38 40.03
C ARG IA 13 95.88 -24.88 41.46
N HIS IA 14 95.03 -24.36 42.33
CA HIS IA 14 94.87 -24.92 43.66
C HIS IA 14 94.10 -26.22 43.56
N ALA IA 15 94.59 -27.27 44.21
CA ALA IA 15 93.93 -28.56 44.14
C ALA IA 15 92.69 -28.57 45.02
N GLY IA 16 91.69 -29.35 44.59
CA GLY IA 16 90.47 -29.51 45.33
C GLY IA 16 89.37 -28.52 45.02
N VAL IA 17 89.66 -27.47 44.25
CA VAL IA 17 88.68 -26.47 43.85
C VAL IA 17 88.64 -26.46 42.33
N TYR IA 18 87.44 -26.32 41.77
CA TYR IA 18 87.24 -26.44 40.33
C TYR IA 18 86.49 -25.23 39.79
N ILE IA 19 86.45 -25.14 38.46
CA ILE IA 19 85.71 -24.10 37.76
C ILE IA 19 84.78 -24.79 36.77
N ALA IA 20 83.48 -24.54 36.90
CA ALA IA 20 82.49 -25.11 35.99
C ALA IA 20 82.29 -24.15 34.84
N ARG IA 21 82.80 -24.52 33.67
CA ARG IA 21 82.71 -23.68 32.49
C ARG IA 21 81.62 -24.22 31.57
N GLY IA 22 80.39 -23.85 31.86
CA GLY IA 22 79.27 -24.10 30.97
C GLY IA 22 79.04 -22.92 30.05
N LYS IA 23 77.78 -22.70 29.68
CA LYS IA 23 77.43 -21.44 29.03
C LYS IA 23 77.59 -20.27 30.00
N GLU IA 24 77.23 -20.48 31.25
CA GLU IA 24 77.60 -19.59 32.34
C GLU IA 24 78.81 -20.18 33.07
N ASP IA 25 79.55 -19.31 33.75
CA ASP IA 25 80.81 -19.71 34.37
C ASP IA 25 80.74 -19.48 35.88
N LEU IA 26 81.27 -20.44 36.64
CA LEU IA 26 81.22 -20.40 38.10
C LEU IA 26 82.47 -21.06 38.68
N LEU IA 27 82.72 -20.77 39.96
CA LEU IA 27 83.75 -21.44 40.73
C LEU IA 27 83.09 -22.40 41.71
N VAL IA 28 83.50 -23.67 41.68
CA VAL IA 28 82.69 -24.76 42.21
C VAL IA 28 83.60 -25.71 42.99
N THR IA 29 83.04 -26.35 44.02
CA THR IA 29 83.78 -27.31 44.82
C THR IA 29 82.99 -28.60 44.96
N LYS IA 30 83.71 -29.72 45.00
CA LYS IA 30 83.10 -31.02 45.24
C LYS IA 30 82.48 -31.06 46.63
N ASN IA 31 81.25 -31.55 46.71
CA ASN IA 31 80.56 -31.67 47.98
C ASN IA 31 81.18 -32.74 48.86
N MET IA 32 80.96 -32.60 50.16
CA MET IA 32 81.17 -33.66 51.13
C MET IA 32 79.87 -34.10 51.77
N ALA IA 33 78.90 -33.19 51.93
CA ALA IA 33 77.56 -33.53 52.37
C ALA IA 33 76.64 -33.54 51.16
N PRO IA 34 76.16 -34.71 50.72
CA PRO IA 34 75.33 -34.75 49.50
C PRO IA 34 73.89 -34.33 49.78
N GLY IA 35 73.34 -33.57 48.85
CA GLY IA 35 71.96 -33.13 48.93
C GLY IA 35 71.66 -32.19 50.07
N GLU IA 36 72.56 -31.25 50.36
CA GLU IA 36 72.36 -30.33 51.48
C GLU IA 36 73.14 -29.05 51.22
N SER IA 37 72.44 -27.97 50.94
CA SER IA 37 73.04 -26.64 50.89
C SER IA 37 72.76 -25.94 52.21
N VAL IA 38 73.74 -25.17 52.69
CA VAL IA 38 73.63 -24.61 54.03
C VAL IA 38 73.40 -23.10 54.07
N TYR IA 39 73.46 -22.39 52.93
CA TYR IA 39 72.90 -21.05 52.89
C TYR IA 39 72.24 -20.74 51.54
N GLY IA 40 71.69 -21.75 50.87
CA GLY IA 40 71.03 -21.50 49.60
C GLY IA 40 72.00 -21.25 48.46
N GLU IA 41 72.76 -22.28 48.09
CA GLU IA 41 73.73 -22.19 47.01
C GLU IA 41 73.42 -23.22 45.93
N LYS IA 42 73.70 -22.85 44.69
CA LYS IA 42 73.43 -23.72 43.56
C LYS IA 42 74.54 -24.77 43.41
N ARG IA 43 74.31 -25.73 42.52
CA ARG IA 43 75.20 -26.88 42.41
C ARG IA 43 75.08 -27.46 41.01
N ILE IA 44 76.06 -28.30 40.67
CA ILE IA 44 76.08 -29.04 39.42
C ILE IA 44 76.45 -30.48 39.73
N SER IA 45 75.59 -31.42 39.35
CA SER IA 45 75.88 -32.84 39.50
C SER IA 45 76.42 -33.37 38.18
N VAL IA 46 77.68 -33.78 38.17
CA VAL IA 46 78.32 -34.24 36.95
C VAL IA 46 79.47 -35.20 37.29
N LYS IA 59 78.15 -40.38 39.27
CA LYS IA 59 78.61 -38.99 39.18
C LYS IA 59 78.66 -38.35 40.56
N VAL IA 60 79.32 -37.20 40.65
CA VAL IA 60 79.61 -36.54 41.92
C VAL IA 60 78.86 -35.21 41.98
N GLU IA 61 78.15 -34.99 43.08
CA GLU IA 61 77.45 -33.74 43.33
C GLU IA 61 78.42 -32.70 43.88
N TYR IA 62 78.27 -31.46 43.43
CA TYR IA 62 79.22 -30.39 43.72
C TYR IA 62 78.55 -29.28 44.52
N ARG IA 63 79.29 -28.18 44.72
CA ARG IA 63 78.76 -27.00 45.39
C ARG IA 63 79.52 -25.78 44.92
N VAL IA 64 78.82 -24.65 44.82
CA VAL IA 64 79.37 -23.47 44.17
C VAL IA 64 79.91 -22.50 45.21
N TRP IA 65 80.86 -21.66 44.80
CA TRP IA 65 81.28 -20.50 45.55
C TRP IA 65 81.00 -19.25 44.72
N ASN IA 66 80.96 -18.10 45.41
CA ASN IA 66 80.87 -16.82 44.74
C ASN IA 66 81.50 -15.85 45.73
N PRO IA 67 82.47 -15.03 45.30
CA PRO IA 67 83.33 -14.32 46.24
C PRO IA 67 82.69 -13.17 47.00
N PHE IA 68 81.43 -12.83 46.74
CA PHE IA 68 80.83 -11.64 47.33
C PHE IA 68 80.51 -11.77 48.81
N ARG IA 69 80.59 -12.97 49.38
CA ARG IA 69 80.54 -13.12 50.84
C ARG IA 69 81.68 -13.94 51.40
N SER IA 70 82.52 -14.54 50.55
CA SER IA 70 83.64 -15.36 51.01
C SER IA 70 84.92 -14.62 50.63
N LYS IA 71 85.65 -14.13 51.64
CA LYS IA 71 86.88 -13.40 51.39
C LYS IA 71 88.02 -14.29 50.95
N LEU IA 72 87.96 -15.59 51.25
CA LEU IA 72 88.93 -16.51 50.67
C LEU IA 72 88.70 -16.69 49.18
N ALA IA 73 87.43 -16.73 48.76
CA ALA IA 73 87.08 -16.97 47.36
C ALA IA 73 87.53 -15.84 46.45
N ALA IA 74 87.54 -14.61 46.96
CA ALA IA 74 88.10 -13.50 46.20
C ALA IA 74 89.62 -13.65 46.06
N GLY IA 75 90.27 -14.21 47.07
CA GLY IA 75 91.69 -14.51 46.96
C GLY IA 75 91.96 -15.62 45.96
N ILE IA 76 91.06 -16.59 45.86
CA ILE IA 76 91.20 -17.65 44.86
C ILE IA 76 91.00 -17.08 43.47
N MET IA 77 89.95 -16.27 43.30
CA MET IA 77 89.56 -15.80 41.99
C MET IA 77 90.47 -14.69 41.48
N GLY IA 78 91.05 -13.89 42.39
CA GLY IA 78 92.02 -12.90 41.98
C GLY IA 78 93.35 -13.48 41.54
N GLY IA 79 93.62 -14.73 41.91
CA GLY IA 79 94.86 -15.39 41.54
C GLY IA 79 95.81 -15.46 42.70
N LEU IA 80 95.87 -16.61 43.37
CA LEU IA 80 96.74 -16.80 44.53
C LEU IA 80 97.80 -17.84 44.17
N ASP IA 81 99.07 -17.51 44.43
CA ASP IA 81 100.17 -18.32 43.95
C ASP IA 81 100.28 -19.64 44.71
N GLU IA 82 100.22 -19.57 46.03
CA GLU IA 82 100.34 -20.77 46.87
C GLU IA 82 99.25 -20.74 47.92
N LEU IA 83 98.09 -21.27 47.57
CA LEU IA 83 97.03 -21.46 48.56
C LEU IA 83 97.46 -22.57 49.50
N PHE IA 84 97.82 -22.20 50.73
CA PHE IA 84 98.29 -23.19 51.70
C PHE IA 84 97.17 -24.08 52.21
N ILE IA 85 95.91 -23.69 51.98
CA ILE IA 85 94.81 -24.63 52.14
C ILE IA 85 94.90 -25.67 51.04
N ALA IA 86 95.04 -26.93 51.42
CA ALA IA 86 95.35 -28.03 50.53
C ALA IA 86 94.37 -29.16 50.76
N PRO IA 87 94.16 -30.05 49.75
CA PRO IA 87 93.15 -31.12 49.92
C PRO IA 87 93.53 -32.26 50.85
N GLY IA 88 94.62 -32.13 51.60
CA GLY IA 88 94.95 -33.10 52.61
C GLY IA 88 95.57 -32.47 53.84
N LYS IA 89 95.36 -31.17 54.01
CA LYS IA 89 96.03 -30.40 55.04
C LYS IA 89 95.03 -29.79 56.01
N LYS IA 90 95.49 -29.62 57.26
CA LYS IA 90 94.68 -29.02 58.30
C LYS IA 90 94.65 -27.50 58.15
N VAL IA 91 93.49 -26.90 58.36
CA VAL IA 91 93.27 -25.47 58.19
C VAL IA 91 92.73 -24.90 59.50
N LEU IA 92 93.35 -23.83 59.99
CA LEU IA 92 92.82 -23.08 61.12
C LEU IA 92 92.03 -21.91 60.57
N TYR IA 93 90.71 -21.96 60.71
CA TYR IA 93 89.85 -20.89 60.23
C TYR IA 93 89.77 -19.87 61.35
N LEU IA 94 90.47 -18.75 61.21
CA LEU IA 94 90.41 -17.71 62.23
C LEU IA 94 89.27 -16.76 61.87
N GLY IA 95 88.30 -16.61 62.77
CA GLY IA 95 87.14 -15.79 62.48
C GLY IA 95 86.06 -16.46 61.66
N ALA IA 96 85.41 -17.48 62.22
CA ALA IA 96 84.41 -18.28 61.51
C ALA IA 96 83.07 -17.55 61.53
N ALA IA 97 82.84 -16.72 60.51
CA ALA IA 97 81.62 -15.93 60.42
C ALA IA 97 80.48 -16.82 59.93
N SER IA 98 79.82 -17.49 60.88
CA SER IA 98 78.56 -18.23 60.70
C SER IA 98 78.65 -19.39 59.71
N GLY IA 99 79.86 -19.90 59.45
CA GLY IA 99 80.02 -21.02 58.55
C GLY IA 99 79.76 -20.73 57.10
N THR IA 100 79.75 -19.45 56.70
CA THR IA 100 79.46 -19.12 55.30
C THR IA 100 80.61 -19.52 54.39
N SER IA 101 81.82 -19.62 54.91
CA SER IA 101 82.95 -20.12 54.15
C SER IA 101 83.69 -21.25 54.84
N VAL IA 102 83.39 -21.52 56.11
CA VAL IA 102 83.98 -22.66 56.79
C VAL IA 102 83.47 -23.96 56.19
N SER IA 103 82.20 -23.99 55.80
CA SER IA 103 81.67 -25.13 55.06
C SER IA 103 82.34 -25.27 53.70
N HIS IA 104 82.79 -24.15 53.12
CA HIS IA 104 83.45 -24.21 51.84
C HIS IA 104 84.87 -24.76 51.96
N VAL IA 105 85.58 -24.43 53.03
CA VAL IA 105 86.94 -24.96 53.17
C VAL IA 105 86.89 -26.40 53.65
N SER IA 106 85.75 -26.85 54.19
CA SER IA 106 85.58 -28.27 54.48
C SER IA 106 85.47 -29.07 53.19
N ASP IA 107 84.87 -28.48 52.16
CA ASP IA 107 84.70 -29.18 50.89
C ASP IA 107 86.01 -29.24 50.10
N VAL IA 108 86.97 -28.37 50.42
CA VAL IA 108 88.19 -28.30 49.62
C VAL IA 108 89.36 -29.04 50.29
N VAL IA 109 89.24 -29.40 51.56
CA VAL IA 109 90.30 -30.17 52.19
C VAL IA 109 89.92 -31.64 52.39
N GLY IA 110 88.67 -32.00 52.14
CA GLY IA 110 88.24 -33.38 52.22
C GLY IA 110 88.14 -33.89 53.65
N PRO IA 111 88.01 -35.20 53.81
CA PRO IA 111 87.92 -35.77 55.16
C PRO IA 111 89.27 -36.14 55.76
N GLU IA 112 90.35 -35.60 55.17
CA GLU IA 112 91.69 -36.03 55.53
C GLU IA 112 92.23 -35.26 56.74
N GLY IA 113 92.35 -33.94 56.62
CA GLY IA 113 92.83 -33.11 57.71
C GLY IA 113 91.67 -32.37 58.35
N VAL IA 114 91.67 -32.35 59.68
CA VAL IA 114 90.59 -31.69 60.41
C VAL IA 114 90.77 -30.18 60.35
N VAL IA 115 89.71 -29.47 59.99
CA VAL IA 115 89.73 -28.02 59.86
C VAL IA 115 89.16 -27.41 61.13
N TYR IA 116 89.90 -26.46 61.71
CA TYR IA 116 89.55 -25.86 63.00
C TYR IA 116 88.97 -24.48 62.75
N ALA IA 117 87.84 -24.18 63.40
CA ALA IA 117 87.16 -22.90 63.25
C ALA IA 117 87.02 -22.24 64.61
N VAL IA 118 87.43 -20.99 64.73
CA VAL IA 118 87.30 -20.22 65.95
C VAL IA 118 86.36 -19.04 65.71
N GLU IA 119 85.70 -18.60 66.78
CA GLU IA 119 84.72 -17.52 66.73
C GLU IA 119 84.45 -17.04 68.16
N PHE IA 120 83.93 -15.81 68.28
CA PHE IA 120 83.49 -15.25 69.55
C PHE IA 120 81.98 -15.19 69.71
N SER IA 121 81.26 -14.63 68.74
CA SER IA 121 79.89 -14.23 68.96
C SER IA 121 78.96 -15.43 68.99
N HIS IA 122 77.76 -15.22 69.54
CA HIS IA 122 76.81 -16.29 69.78
C HIS IA 122 75.95 -16.60 68.57
N ARG IA 123 75.59 -15.57 67.79
CA ARG IA 123 74.81 -15.82 66.57
C ARG IA 123 75.57 -16.66 65.53
N PRO IA 124 76.85 -16.42 65.21
CA PRO IA 124 77.58 -17.44 64.43
C PRO IA 124 77.82 -18.73 65.19
N GLY IA 125 77.86 -18.67 66.52
CA GLY IA 125 78.14 -19.86 67.30
C GLY IA 125 77.04 -20.90 67.23
N ARG IA 126 75.78 -20.44 67.22
CA ARG IA 126 74.66 -21.37 67.05
C ARG IA 126 74.63 -21.93 65.63
N GLU IA 127 75.01 -21.12 64.65
CA GLU IA 127 75.04 -21.60 63.27
C GLU IA 127 76.22 -22.54 63.03
N LEU IA 128 77.34 -22.31 63.72
CA LEU IA 128 78.50 -23.18 63.54
C LEU IA 128 78.26 -24.56 64.11
N ILE IA 129 77.74 -24.64 65.34
CA ILE IA 129 77.54 -25.92 66.01
C ILE IA 129 76.47 -26.74 65.30
N SER IA 130 75.41 -26.08 64.84
CA SER IA 130 74.35 -26.77 64.11
C SER IA 130 74.79 -27.22 62.72
N MET IA 131 75.83 -26.60 62.15
CA MET IA 131 76.34 -27.06 60.86
C MET IA 131 77.54 -27.99 61.00
N ALA IA 132 78.32 -27.88 62.08
CA ALA IA 132 79.35 -28.86 62.38
C ALA IA 132 78.80 -30.19 62.86
N LYS IA 133 77.51 -30.23 63.23
CA LYS IA 133 76.82 -31.50 63.44
C LYS IA 133 76.76 -32.30 62.15
N LYS IA 134 76.48 -31.62 61.04
CA LYS IA 134 76.40 -32.29 59.75
C LYS IA 134 77.78 -32.60 59.19
N ARG IA 135 78.77 -31.74 59.46
CA ARG IA 135 80.08 -31.87 58.84
C ARG IA 135 81.10 -32.35 59.86
N PRO IA 136 81.62 -33.58 59.76
CA PRO IA 136 82.68 -34.02 60.68
C PRO IA 136 84.07 -33.50 60.33
N ASN IA 137 84.23 -32.77 59.22
CA ASN IA 137 85.54 -32.16 58.94
C ASN IA 137 85.82 -31.02 59.91
N ILE IA 138 84.81 -30.20 60.18
CA ILE IA 138 84.98 -28.99 60.97
C ILE IA 138 84.75 -29.32 62.44
N ILE IA 139 85.63 -28.84 63.30
CA ILE IA 139 85.37 -28.76 64.74
C ILE IA 139 85.35 -27.29 65.13
N PRO IA 140 84.27 -26.81 65.76
CA PRO IA 140 84.19 -25.40 66.11
C PRO IA 140 84.72 -25.10 67.51
N ILE IA 141 85.45 -23.99 67.60
CA ILE IA 141 85.90 -23.44 68.87
C ILE IA 141 85.21 -22.10 69.07
N ILE IA 142 84.71 -21.86 70.28
CA ILE IA 142 83.85 -20.71 70.53
C ILE IA 142 84.56 -19.75 71.48
N GLU IA 143 85.88 -19.88 71.58
CA GLU IA 143 86.64 -19.12 72.55
C GLU IA 143 87.41 -18.01 71.82
N ASP IA 144 87.85 -17.01 72.60
CA ASP IA 144 88.59 -15.86 72.08
C ASP IA 144 89.87 -16.27 71.38
N ALA IA 145 90.11 -15.68 70.21
CA ALA IA 145 91.27 -16.00 69.39
C ALA IA 145 92.53 -15.26 69.82
N ARG IA 146 92.42 -14.31 70.75
CA ARG IA 146 93.62 -13.70 71.32
C ARG IA 146 94.25 -14.56 72.41
N HIS IA 147 93.56 -15.62 72.84
CA HIS IA 147 94.05 -16.51 73.90
C HIS IA 147 94.14 -17.92 73.32
N PRO IA 148 95.25 -18.26 72.66
CA PRO IA 148 95.42 -19.63 72.16
C PRO IA 148 95.64 -20.64 73.27
N GLN IA 149 96.06 -20.20 74.45
CA GLN IA 149 96.17 -21.10 75.59
C GLN IA 149 94.82 -21.53 76.11
N LYS IA 150 93.76 -20.75 75.87
CA LYS IA 150 92.45 -21.11 76.35
C LYS IA 150 91.83 -22.26 75.57
N TYR IA 151 92.28 -22.48 74.34
CA TYR IA 151 91.95 -23.72 73.63
C TYR IA 151 93.22 -24.42 73.18
N ARG IA 152 94.22 -24.46 74.06
CA ARG IA 152 95.44 -25.22 73.82
C ARG IA 152 95.19 -26.72 73.88
N MET IA 153 94.11 -27.17 74.53
CA MET IA 153 93.78 -28.59 74.62
C MET IA 153 93.28 -29.19 73.29
N LEU IA 154 93.34 -28.51 72.15
CA LEU IA 154 92.71 -29.03 70.93
C LEU IA 154 93.63 -29.15 69.72
N ILE IA 155 94.58 -28.22 69.51
CA ILE IA 155 95.30 -28.12 68.25
C ILE IA 155 96.79 -28.37 68.49
N GLY IA 156 97.43 -29.12 67.58
CA GLY IA 156 98.87 -29.12 67.52
C GLY IA 156 99.41 -29.03 66.11
N MET IA 157 100.09 -27.92 65.79
CA MET IA 157 100.59 -27.57 64.46
C MET IA 157 99.59 -27.81 63.33
N VAL IA 158 98.55 -26.97 63.26
CA VAL IA 158 97.70 -26.93 62.08
C VAL IA 158 98.56 -26.63 60.85
N ASP IA 159 98.19 -27.23 59.72
CA ASP IA 159 99.05 -27.20 58.55
C ASP IA 159 99.05 -25.84 57.88
N CYS IA 160 97.97 -25.08 58.04
CA CYS IA 160 97.92 -23.69 57.63
C CYS IA 160 96.84 -22.98 58.43
N VAL IA 161 96.91 -21.66 58.44
CA VAL IA 161 95.93 -20.82 59.11
C VAL IA 161 95.48 -19.76 58.11
N PHE IA 162 94.17 -19.52 58.05
CA PHE IA 162 93.67 -18.38 57.28
C PHE IA 162 92.92 -17.52 58.27
N ALA IA 163 93.13 -16.21 58.21
CA ALA IA 163 92.47 -15.29 59.11
C ALA IA 163 91.45 -14.45 58.35
N ASP IA 164 90.32 -14.19 58.99
CA ASP IA 164 89.29 -13.30 58.49
C ASP IA 164 88.75 -12.42 59.61
N VAL IA 165 89.59 -12.15 60.60
CA VAL IA 165 89.17 -11.37 61.76
C VAL IA 165 89.04 -9.91 61.38
N ALA IA 166 88.18 -9.18 62.10
CA ALA IA 166 87.96 -7.76 61.86
C ALA IA 166 88.17 -6.95 63.13
N GLN IA 167 88.97 -7.46 64.05
CA GLN IA 167 89.37 -6.72 65.23
C GLN IA 167 90.76 -6.13 65.02
N PRO IA 168 91.00 -4.86 65.41
CA PRO IA 168 92.15 -4.11 64.89
C PRO IA 168 93.53 -4.60 65.34
N ASP IA 169 93.62 -5.66 66.12
CA ASP IA 169 94.90 -6.33 66.35
C ASP IA 169 95.01 -7.60 65.49
N GLN IA 170 94.96 -7.45 64.15
CA GLN IA 170 95.03 -8.63 63.29
C GLN IA 170 96.42 -9.26 63.33
N ALA IA 171 97.45 -8.42 63.40
CA ALA IA 171 98.82 -8.93 63.42
C ALA IA 171 99.13 -9.62 64.73
N ARG IA 172 98.58 -9.12 65.84
CA ARG IA 172 98.82 -9.75 67.14
C ARG IA 172 98.01 -11.03 67.28
N ILE IA 173 96.78 -11.04 66.74
CA ILE IA 173 95.92 -12.22 66.87
C ILE IA 173 96.43 -13.35 65.96
N ILE IA 174 97.25 -13.02 64.96
CA ILE IA 174 97.94 -14.06 64.22
C ILE IA 174 99.18 -14.51 64.98
N ALA IA 175 99.97 -13.55 65.46
CA ALA IA 175 101.24 -13.86 66.13
C ALA IA 175 101.02 -14.57 67.45
N LEU IA 176 99.89 -14.33 68.11
CA LEU IA 176 99.56 -15.11 69.29
C LEU IA 176 99.24 -16.55 68.91
N ASN IA 177 98.38 -16.74 67.90
CA ASN IA 177 97.96 -18.08 67.53
C ASN IA 177 99.03 -18.83 66.75
N SER IA 178 99.68 -18.18 65.77
CA SER IA 178 100.57 -18.92 64.89
C SER IA 178 101.91 -19.26 65.54
N HIS IA 179 102.27 -18.63 66.66
CA HIS IA 179 103.55 -18.94 67.27
C HIS IA 179 103.56 -20.29 67.99
N MET IA 180 102.40 -20.88 68.26
CA MET IA 180 102.40 -22.15 68.98
C MET IA 180 101.36 -23.14 68.47
N PHE IA 181 100.58 -22.77 67.45
CA PHE IA 181 99.64 -23.68 66.79
C PHE IA 181 99.99 -23.99 65.35
N LEU IA 182 101.17 -23.61 64.86
CA LEU IA 182 101.50 -23.74 63.45
C LEU IA 182 102.73 -24.63 63.25
N LYS IA 183 102.72 -25.39 62.16
CA LYS IA 183 103.87 -26.19 61.77
C LYS IA 183 104.99 -25.28 61.27
N ASP IA 184 106.23 -25.65 61.59
CA ASP IA 184 107.39 -24.97 61.04
C ASP IA 184 107.43 -25.14 59.53
N GLN IA 185 107.87 -24.07 58.84
CA GLN IA 185 107.73 -23.90 57.39
C GLN IA 185 106.27 -24.10 56.97
N GLY IA 186 105.38 -23.46 57.71
CA GLY IA 186 103.97 -23.47 57.41
C GLY IA 186 103.54 -22.17 56.74
N GLY IA 187 102.30 -22.19 56.25
CA GLY IA 187 101.73 -21.05 55.54
C GLY IA 187 100.68 -20.36 56.39
N VAL IA 188 100.69 -19.02 56.33
CA VAL IA 188 99.75 -18.19 57.07
C VAL IA 188 99.04 -17.28 56.08
N VAL IA 189 97.71 -17.27 56.16
CA VAL IA 189 96.86 -16.42 55.32
C VAL IA 189 96.11 -15.49 56.27
N ILE IA 190 95.92 -14.24 55.86
CA ILE IA 190 95.19 -13.28 56.68
C ILE IA 190 94.42 -12.32 55.76
N SER IA 191 93.16 -12.09 56.09
CA SER IA 191 92.35 -11.07 55.44
C SER IA 191 92.39 -9.81 56.28
N ILE IA 192 92.83 -8.71 55.66
CA ILE IA 192 92.93 -7.42 56.32
C ILE IA 192 92.23 -6.38 55.47
N LYS IA 193 91.38 -5.56 56.10
CA LYS IA 193 90.72 -4.46 55.44
C LYS IA 193 91.12 -3.15 56.11
N ALA IA 194 91.28 -2.10 55.31
CA ALA IA 194 91.76 -0.83 55.84
C ALA IA 194 90.64 -0.02 56.48
N ASN IA 195 89.38 -0.36 56.23
CA ASN IA 195 88.28 0.35 56.89
C ASN IA 195 88.18 -0.03 58.35
N CYS IA 196 88.62 -1.23 58.72
CA CYS IA 196 88.62 -1.63 60.12
C CYS IA 196 89.68 -0.90 60.92
N ILE IA 197 90.88 -0.77 60.35
CA ILE IA 197 92.06 -0.41 61.14
C ILE IA 197 92.34 1.09 61.09
N ASP IA 198 92.30 1.71 59.92
CA ASP IA 198 92.56 3.15 59.81
C ASP IA 198 91.38 3.91 59.23
N SER IA 199 90.91 3.53 58.04
CA SER IA 199 89.75 4.12 57.34
C SER IA 199 89.89 5.62 57.06
N THR IA 200 91.11 6.15 57.05
CA THR IA 200 91.32 7.56 56.75
C THR IA 200 92.54 7.84 55.91
N VAL IA 201 93.32 6.81 55.54
CA VAL IA 201 94.51 6.99 54.72
C VAL IA 201 94.38 6.10 53.51
N ASP IA 202 95.44 6.06 52.68
CA ASP IA 202 95.45 5.19 51.52
C ASP IA 202 95.49 3.73 51.95
N ALA IA 203 94.85 2.88 51.16
CA ALA IA 203 94.78 1.45 51.49
C ALA IA 203 96.14 0.78 51.38
N GLU IA 204 96.97 1.23 50.42
CA GLU IA 204 98.25 0.60 50.19
C GLU IA 204 99.23 0.85 51.33
N THR IA 205 99.14 2.01 51.98
CA THR IA 205 100.00 2.26 53.13
C THR IA 205 99.56 1.47 54.35
N VAL IA 206 98.26 1.16 54.43
CA VAL IA 206 97.76 0.28 55.48
C VAL IA 206 98.34 -1.12 55.30
N PHE IA 207 98.30 -1.63 54.07
CA PHE IA 207 98.82 -2.97 53.81
C PHE IA 207 100.34 -2.98 53.88
N ALA IA 208 100.98 -1.85 53.61
CA ALA IA 208 102.43 -1.73 53.81
C ALA IA 208 102.76 -1.74 55.30
N ARG IA 209 101.88 -1.17 56.13
CA ARG IA 209 102.07 -1.25 57.57
C ARG IA 209 101.89 -2.68 58.07
N GLU IA 210 100.93 -3.40 57.48
CA GLU IA 210 100.61 -4.74 57.98
C GLU IA 210 101.66 -5.77 57.59
N VAL IA 211 102.35 -5.58 56.46
CA VAL IA 211 103.35 -6.56 56.08
C VAL IA 211 104.62 -6.42 56.90
N GLN IA 212 104.98 -5.20 57.32
CA GLN IA 212 106.07 -5.04 58.27
C GLN IA 212 105.66 -5.46 59.67
N LYS IA 213 104.36 -5.37 59.96
CA LYS IA 213 103.84 -5.94 61.20
C LYS IA 213 104.01 -7.44 61.23
N LEU IA 214 103.75 -8.10 60.10
CA LEU IA 214 103.94 -9.55 60.03
C LEU IA 214 105.41 -9.91 59.94
N ARG IA 215 106.24 -9.01 59.39
CA ARG IA 215 107.68 -9.29 59.29
C ARG IA 215 108.35 -9.35 60.65
N GLU IA 216 107.83 -8.61 61.63
CA GLU IA 216 108.36 -8.64 62.98
C GLU IA 216 107.96 -9.90 63.74
N GLU IA 217 107.05 -10.70 63.21
CA GLU IA 217 106.53 -11.88 63.90
C GLU IA 217 107.01 -13.18 63.26
N ARG IA 218 108.22 -13.15 62.69
CA ARG IA 218 108.88 -14.30 62.05
C ARG IA 218 108.05 -14.89 60.92
N ILE IA 219 107.38 -14.02 60.17
CA ILE IA 219 106.59 -14.40 59.01
C ILE IA 219 107.15 -13.67 57.81
N LYS IA 220 107.54 -14.40 56.78
CA LYS IA 220 108.00 -13.80 55.54
C LYS IA 220 106.80 -13.64 54.62
N PRO IA 221 106.38 -12.42 54.28
CA PRO IA 221 105.17 -12.23 53.48
C PRO IA 221 105.42 -12.58 52.02
N LEU IA 222 104.64 -13.52 51.50
CA LEU IA 222 104.78 -13.90 50.10
C LEU IA 222 104.01 -12.95 49.20
N GLU IA 223 102.70 -12.94 49.29
CA GLU IA 223 101.89 -12.23 48.32
C GLU IA 223 100.77 -11.50 49.02
N GLN IA 224 100.47 -10.29 48.53
CA GLN IA 224 99.28 -9.55 48.93
C GLN IA 224 98.51 -9.18 47.67
N LEU IA 225 97.19 -9.34 47.74
CA LEU IA 225 96.31 -9.13 46.60
C LEU IA 225 95.19 -8.17 46.99
N THR IA 226 94.88 -7.24 46.10
CA THR IA 226 93.77 -6.33 46.28
C THR IA 226 92.49 -6.99 45.79
N LEU IA 227 91.48 -7.01 46.65
CA LEU IA 227 90.24 -7.75 46.37
C LEU IA 227 89.21 -6.86 45.70
N GLU IA 228 89.62 -6.16 44.63
CA GLU IA 228 88.87 -5.00 44.15
C GLU IA 228 87.44 -5.24 43.63
N PRO IA 229 87.10 -6.26 42.84
CA PRO IA 229 85.74 -6.25 42.25
C PRO IA 229 84.66 -6.81 43.15
N TYR IA 230 85.00 -7.38 44.31
CA TYR IA 230 84.00 -7.97 45.20
C TYR IA 230 83.95 -7.30 46.56
N GLU IA 231 85.11 -7.02 47.17
CA GLU IA 231 85.16 -6.38 48.48
C GLU IA 231 86.09 -5.17 48.38
N ARG IA 232 85.49 -3.98 48.33
CA ARG IA 232 86.25 -2.74 48.33
C ARG IA 232 87.05 -2.60 49.62
N ASP IA 233 88.29 -2.13 49.49
CA ASP IA 233 89.20 -1.80 50.58
C ASP IA 233 89.58 -3.02 51.41
N HIS IA 234 89.66 -4.19 50.79
CA HIS IA 234 90.05 -5.43 51.45
C HIS IA 234 91.33 -5.98 50.86
N CYS IA 235 91.85 -7.04 51.47
CA CYS IA 235 93.11 -7.62 51.06
C CYS IA 235 93.23 -9.05 51.56
N ILE IA 236 94.12 -9.81 50.92
CA ILE IA 236 94.53 -11.14 51.37
C ILE IA 236 96.05 -11.19 51.33
N VAL IA 237 96.67 -11.48 52.46
CA VAL IA 237 98.12 -11.67 52.56
C VAL IA 237 98.40 -13.14 52.81
N VAL IA 238 99.29 -13.72 52.01
CA VAL IA 238 99.79 -15.06 52.26
C VAL IA 238 101.29 -14.97 52.50
N GLY IA 239 101.84 -15.98 53.17
CA GLY IA 239 103.26 -15.98 53.45
C GLY IA 239 103.64 -17.20 54.24
N ARG IA 240 104.96 -17.39 54.36
CA ARG IA 240 105.52 -18.51 55.11
C ARG IA 240 105.81 -18.09 56.54
N TYR IA 241 105.81 -19.07 57.43
CA TYR IA 241 106.07 -18.84 58.85
C TYR IA 241 107.13 -19.82 59.32
N MET IA 242 108.25 -19.30 59.84
CA MET IA 242 109.42 -20.12 60.11
C MET IA 242 109.80 -20.12 61.59
N ARG IA 243 110.22 -21.30 62.06
CA ARG IA 243 111.21 -21.48 63.13
C ARG IA 243 110.68 -21.18 64.53
N SER IA 244 109.40 -21.38 64.79
CA SER IA 244 108.90 -21.42 66.17
C SER IA 244 107.61 -22.22 66.21
N GLY IA 245 107.42 -22.98 67.29
CA GLY IA 245 106.19 -23.73 67.49
C GLY IA 245 105.96 -24.85 66.51
N ASN JA 1 78.87 -7.96 76.58
CA ASN JA 1 78.61 -7.31 77.87
C ASN JA 1 77.43 -6.30 77.89
N PRO JA 2 77.34 -5.29 76.95
CA PRO JA 2 76.22 -4.35 77.05
C PRO JA 2 74.94 -4.89 76.43
N LYS JA 3 73.92 -4.04 76.33
CA LYS JA 3 72.69 -4.42 75.65
C LYS JA 3 72.94 -4.66 74.16
N ALA JA 4 73.67 -3.76 73.52
CA ALA JA 4 74.02 -3.91 72.11
C ALA JA 4 75.26 -3.10 71.80
N PHE JA 5 75.49 -2.93 70.49
CA PHE JA 5 76.64 -2.24 69.93
C PHE JA 5 76.18 -0.76 69.83
N PRO JA 6 76.96 0.16 69.26
CA PRO JA 6 77.39 1.34 70.02
C PRO JA 6 76.27 2.25 70.49
N LEU JA 7 76.50 2.85 71.66
CA LEU JA 7 75.62 3.85 72.22
C LEU JA 7 76.25 5.22 72.01
N ALA JA 8 75.53 6.12 71.35
CA ALA JA 8 76.06 7.45 71.08
C ALA JA 8 76.13 8.26 72.36
N ASP JA 9 77.14 9.11 72.45
CA ASP JA 9 77.42 9.88 73.65
C ASP JA 9 76.52 11.10 73.72
N ALA JA 10 76.88 12.08 74.55
CA ALA JA 10 76.14 13.33 74.61
C ALA JA 10 76.31 14.14 73.32
N ALA JA 11 77.51 14.14 72.74
CA ALA JA 11 77.80 15.04 71.64
C ALA JA 11 77.29 14.50 70.31
N LEU JA 12 77.35 13.17 70.11
CA LEU JA 12 76.93 12.60 68.83
C LEU JA 12 75.41 12.64 68.68
N THR JA 13 74.70 12.69 69.79
CA THR JA 13 73.26 12.61 69.72
C THR JA 13 72.65 13.97 69.41
N GLN JA 14 73.45 15.04 69.49
CA GLN JA 14 73.04 16.31 68.91
C GLN JA 14 72.90 16.22 67.40
N GLN JA 15 73.97 15.83 66.70
CA GLN JA 15 73.93 15.83 65.25
C GLN JA 15 73.08 14.67 64.71
N ILE JA 16 72.94 13.60 65.49
CA ILE JA 16 72.15 12.48 64.99
C ILE JA 16 70.67 12.71 65.25
N LEU JA 17 70.32 13.64 66.13
CA LEU JA 17 68.92 14.02 66.27
C LEU JA 17 68.66 15.39 65.69
N ASP JA 18 69.69 16.04 65.14
CA ASP JA 18 69.44 17.22 64.31
C ASP JA 18 69.00 16.80 62.92
N VAL JA 19 69.58 15.72 62.39
CA VAL JA 19 69.25 15.29 61.03
C VAL JA 19 67.83 14.73 60.99
N VAL JA 20 67.45 13.94 62.00
CA VAL JA 20 66.11 13.37 62.01
C VAL JA 20 65.06 14.40 62.37
N GLN JA 21 65.47 15.54 62.94
CA GLN JA 21 64.56 16.66 63.07
C GLN JA 21 64.37 17.36 61.73
N GLN JA 22 65.46 17.51 60.98
CA GLN JA 22 65.35 18.10 59.65
C GLN JA 22 64.73 17.13 58.65
N ALA JA 23 64.91 15.82 58.86
CA ALA JA 23 64.26 14.84 57.99
C ALA JA 23 62.76 14.84 58.18
N ALA JA 24 62.30 14.89 59.44
CA ALA JA 24 60.87 14.99 59.71
C ALA JA 24 60.31 16.34 59.30
N ASN JA 25 61.14 17.39 59.34
CA ASN JA 25 60.76 18.67 58.75
C ASN JA 25 60.58 18.51 57.24
N LEU JA 26 61.42 17.68 56.61
CA LEU JA 26 61.26 17.37 55.20
C LEU JA 26 60.23 16.27 54.96
N ARG JA 27 59.83 15.56 56.03
CA ARG JA 27 58.99 14.35 55.96
C ARG JA 27 59.55 13.32 54.99
N GLN JA 28 60.72 12.79 55.35
CA GLN JA 28 61.40 11.70 54.65
C GLN JA 28 61.67 10.52 55.57
N LEU JA 29 61.89 10.80 56.86
CA LEU JA 29 62.15 9.78 57.86
C LEU JA 29 60.97 8.84 58.08
N LYS JA 30 61.27 7.55 58.19
CA LYS JA 30 60.29 6.52 58.50
C LYS JA 30 60.46 6.07 59.95
N LYS JA 31 59.35 5.95 60.66
CA LYS JA 31 59.36 5.81 62.12
C LYS JA 31 58.71 4.49 62.55
N GLY JA 32 59.19 3.95 63.66
CA GLY JA 32 58.68 2.71 64.21
C GLY JA 32 59.63 1.55 64.00
N ALA JA 33 59.52 0.55 64.88
CA ALA JA 33 60.42 -0.60 64.79
C ALA JA 33 60.04 -1.50 63.63
N ASN JA 34 58.74 -1.67 63.37
CA ASN JA 34 58.32 -2.53 62.27
C ASN JA 34 58.52 -1.84 60.93
N GLU JA 35 58.35 -0.52 60.87
CA GLU JA 35 58.62 0.19 59.63
C GLU JA 35 60.12 0.33 59.36
N ALA JA 36 60.96 0.25 60.39
CA ALA JA 36 62.39 0.25 60.16
C ALA JA 36 62.84 -1.05 59.52
N THR JA 37 62.11 -2.14 59.79
CA THR JA 37 62.39 -3.42 59.13
C THR JA 37 61.96 -3.38 57.68
N LYS JA 38 60.89 -2.62 57.37
CA LYS JA 38 60.37 -2.55 56.01
C LYS JA 38 61.36 -1.90 55.06
N THR JA 39 61.95 -0.77 55.47
CA THR JA 39 62.93 -0.10 54.63
C THR JA 39 64.26 -0.83 54.59
N LEU JA 40 64.54 -1.71 55.55
CA LEU JA 40 65.75 -2.51 55.49
C LEU JA 40 65.64 -3.59 54.41
N ASN JA 41 64.48 -4.25 54.33
CA ASN JA 41 64.29 -5.27 53.31
C ASN JA 41 64.17 -4.64 51.93
N ARG JA 42 63.65 -3.42 51.84
CA ARG JA 42 63.64 -2.71 50.56
C ARG JA 42 65.04 -2.31 50.15
N GLY JA 43 65.93 -2.06 51.11
CA GLY JA 43 67.25 -1.56 50.78
C GLY JA 43 67.31 -0.08 50.52
N ILE JA 44 66.39 0.70 51.08
CA ILE JA 44 66.37 2.14 50.87
C ILE JA 44 66.60 2.85 52.19
N SER JA 45 67.35 2.23 53.09
CA SER JA 45 67.63 2.82 54.39
C SER JA 45 68.92 3.61 54.34
N GLU JA 46 68.94 4.73 55.06
CA GLU JA 46 70.14 5.54 55.21
C GLU JA 46 70.94 5.06 56.41
N PHE JA 47 70.34 5.12 57.60
CA PHE JA 47 70.83 4.49 58.82
C PHE JA 47 69.66 4.34 59.79
N ILE JA 48 69.82 3.46 60.77
CA ILE JA 48 68.77 3.11 61.70
C ILE JA 48 69.14 3.63 63.08
N ILE JA 49 68.17 4.24 63.77
CA ILE JA 49 68.39 4.88 65.06
C ILE JA 49 67.54 4.14 66.08
N MET JA 50 68.14 3.22 66.82
CA MET JA 50 67.42 2.52 67.88
C MET JA 50 67.57 3.24 69.22
N ALA JA 51 66.73 2.84 70.16
CA ALA JA 51 66.71 3.39 71.51
C ALA JA 51 67.27 2.37 72.49
N ALA JA 52 67.95 2.86 73.53
CA ALA JA 52 68.70 2.00 74.43
C ALA JA 52 67.97 1.72 75.75
N ASP JA 53 66.76 2.23 75.93
CA ASP JA 53 66.01 1.99 77.15
C ASP JA 53 64.60 1.54 76.83
N CYS JA 54 64.46 0.65 75.85
CA CYS JA 54 63.16 0.08 75.55
C CYS JA 54 62.76 -0.91 76.64
N GLU JA 55 61.45 -1.11 76.78
CA GLU JA 55 60.90 -2.01 77.80
C GLU JA 55 60.10 -3.11 77.13
N PRO JA 56 60.70 -4.29 76.89
CA PRO JA 56 62.11 -4.63 77.11
C PRO JA 56 62.99 -4.22 75.95
N ILE JA 57 64.32 -4.22 76.15
CA ILE JA 57 65.27 -3.82 75.12
C ILE JA 57 65.37 -4.84 73.99
N GLU JA 58 64.74 -6.01 74.15
CA GLU JA 58 64.85 -7.08 73.19
C GLU JA 58 64.06 -6.83 71.91
N ILE JA 59 62.97 -6.09 71.97
CA ILE JA 59 61.98 -6.05 70.89
C ILE JA 59 62.46 -5.24 69.69
N LEU JA 60 63.64 -4.65 69.78
CA LEU JA 60 64.28 -4.00 68.65
C LEU JA 60 65.71 -4.48 68.45
N LEU JA 61 66.10 -5.56 69.11
CA LEU JA 61 67.40 -6.19 68.93
C LEU JA 61 67.45 -7.01 67.64
N HIS JA 62 66.31 -7.24 66.99
CA HIS JA 62 66.29 -7.90 65.70
C HIS JA 62 66.93 -7.05 64.61
N LEU JA 63 66.92 -5.73 64.78
CA LEU JA 63 67.44 -4.84 63.75
C LEU JA 63 68.96 -4.90 63.57
N PRO JA 64 69.81 -5.05 64.61
CA PRO JA 64 71.23 -5.32 64.32
C PRO JA 64 71.49 -6.61 63.57
N LEU JA 65 70.64 -7.63 63.70
CA LEU JA 65 70.84 -8.84 62.92
C LEU JA 65 70.50 -8.62 61.45
N LEU JA 66 69.53 -7.74 61.17
CA LEU JA 66 69.24 -7.35 59.79
C LEU JA 66 70.15 -6.23 59.32
N CYS JA 67 71.12 -5.81 60.14
CA CYS JA 67 71.98 -4.70 59.79
C CYS JA 67 73.25 -5.18 59.09
N GLU JA 68 73.98 -6.11 59.73
CA GLU JA 68 75.30 -6.51 59.26
C GLU JA 68 75.26 -7.61 58.19
N ASP JA 69 74.37 -7.43 57.22
CA ASP JA 69 74.35 -8.21 56.00
C ASP JA 69 74.34 -7.34 54.75
N LYS JA 70 73.64 -6.20 54.80
CA LYS JA 70 73.74 -5.17 53.80
C LYS JA 70 74.53 -3.96 54.30
N ASN JA 71 75.13 -4.09 55.49
CA ASN JA 71 76.09 -3.13 56.06
C ASN JA 71 75.50 -1.74 56.26
N VAL JA 72 74.21 -1.66 56.53
CA VAL JA 72 73.59 -0.37 56.85
C VAL JA 72 74.05 0.07 58.25
N PRO JA 73 74.24 1.36 58.50
CA PRO JA 73 74.67 1.79 59.83
C PRO JA 73 73.54 1.77 60.85
N TYR JA 74 73.94 1.69 62.11
CA TYR JA 74 73.03 1.60 63.23
C TYR JA 74 73.68 2.10 64.50
N VAL JA 75 72.96 2.95 65.22
CA VAL JA 75 73.39 3.54 66.49
C VAL JA 75 72.35 3.26 67.55
N PHE JA 76 72.68 3.64 68.79
CA PHE JA 76 71.73 3.66 69.89
C PHE JA 76 71.72 5.03 70.54
N VAL JA 77 70.52 5.57 70.75
CA VAL JA 77 70.33 6.79 71.52
C VAL JA 77 69.78 6.37 72.88
N PRO JA 78 70.07 7.09 73.97
CA PRO JA 78 69.71 6.59 75.30
C PRO JA 78 68.28 6.81 75.75
N SER JA 79 67.38 7.31 74.91
CA SER JA 79 66.02 7.53 75.34
C SER JA 79 65.05 7.34 74.18
N ARG JA 80 64.00 6.55 74.41
CA ARG JA 80 62.95 6.41 73.41
C ARG JA 80 62.19 7.72 73.23
N VAL JA 81 61.93 8.40 74.34
CA VAL JA 81 61.05 9.56 74.30
C VAL JA 81 61.78 10.75 73.68
N ALA JA 82 63.10 10.83 73.86
CA ALA JA 82 63.88 11.86 73.19
C ALA JA 82 63.96 11.60 71.69
N LEU JA 83 64.08 10.33 71.29
CA LEU JA 83 63.97 9.98 69.87
C LEU JA 83 62.57 10.25 69.36
N GLY JA 84 61.56 10.08 70.22
CA GLY JA 84 60.19 10.31 69.80
C GLY JA 84 59.89 11.77 69.53
N ARG JA 85 60.62 12.68 70.17
CA ARG JA 85 60.35 14.09 69.97
C ARG JA 85 61.12 14.66 68.79
N ALA JA 86 62.31 14.14 68.51
CA ALA JA 86 63.03 14.53 67.30
C ALA JA 86 62.38 13.94 66.07
N CYS JA 87 61.59 12.88 66.24
CA CYS JA 87 60.82 12.33 65.13
C CYS JA 87 59.63 13.20 64.82
N GLY JA 88 59.17 14.02 65.76
CA GLY JA 88 58.04 14.88 65.53
C GLY JA 88 56.71 14.16 65.65
N VAL JA 89 56.54 13.37 66.71
CA VAL JA 89 55.32 12.60 66.93
C VAL JA 89 55.14 12.44 68.44
N SER JA 90 53.89 12.55 68.88
CA SER JA 90 53.56 12.63 70.30
C SER JA 90 53.79 11.34 71.05
N ARG JA 91 53.98 10.21 70.37
CA ARG JA 91 54.21 8.94 71.03
C ARG JA 91 55.69 8.58 70.98
N PRO JA 92 56.18 7.82 71.97
CA PRO JA 92 57.59 7.41 71.95
C PRO JA 92 57.87 6.44 70.81
N VAL JA 93 58.99 6.67 70.12
CA VAL JA 93 59.45 5.83 69.03
C VAL JA 93 60.75 5.19 69.46
N ILE JA 94 60.82 3.86 69.36
CA ILE JA 94 62.03 3.16 69.76
C ILE JA 94 63.02 3.00 68.61
N ALA JA 95 62.56 3.02 67.36
CA ALA JA 95 63.45 2.80 66.23
C ALA JA 95 63.05 3.72 65.09
N ALA JA 96 63.97 4.57 64.67
CA ALA JA 96 63.76 5.49 63.56
C ALA JA 96 64.69 5.12 62.43
N SER JA 97 64.21 5.30 61.20
CA SER JA 97 64.94 4.88 60.01
C SER JA 97 64.85 5.98 58.96
N ILE JA 98 65.98 6.64 58.70
CA ILE JA 98 66.06 7.61 57.62
C ILE JA 98 66.08 6.85 56.29
N THR JA 99 65.31 7.33 55.32
CA THR JA 99 65.34 6.80 53.98
C THR JA 99 66.26 7.63 53.09
N THR JA 100 66.83 6.99 52.07
CA THR JA 100 67.73 7.67 51.17
C THR JA 100 66.97 8.50 50.15
N ASN JA 101 67.54 9.65 49.80
CA ASN JA 101 66.99 10.49 48.75
C ASN JA 101 68.20 11.28 48.26
N ASP JA 102 68.62 11.05 47.02
CA ASP JA 102 69.77 11.76 46.47
C ASP JA 102 69.43 13.22 46.19
N ALA JA 103 68.18 13.52 45.85
CA ALA JA 103 67.75 14.90 45.64
C ALA JA 103 67.14 15.48 46.92
N SER JA 104 67.97 15.53 47.96
CA SER JA 104 67.55 16.02 49.27
C SER JA 104 68.47 17.16 49.71
N ALA JA 105 67.89 18.12 50.42
CA ALA JA 105 68.60 19.31 50.86
C ALA JA 105 69.28 19.13 52.20
N ILE JA 106 69.28 17.92 52.75
CA ILE JA 106 69.96 17.66 54.02
C ILE JA 106 71.21 16.85 53.73
N LYS JA 107 71.76 17.01 52.52
CA LYS JA 107 72.76 16.08 51.99
C LYS JA 107 74.08 16.18 52.74
N THR JA 108 74.53 17.40 53.03
CA THR JA 108 75.81 17.56 53.73
C THR JA 108 75.71 17.11 55.17
N GLN JA 109 74.55 17.30 55.80
CA GLN JA 109 74.36 16.79 57.16
C GLN JA 109 74.30 15.27 57.15
N ILE JA 110 73.58 14.69 56.19
CA ILE JA 110 73.25 13.27 56.26
C ILE JA 110 74.44 12.39 55.89
N TYR JA 111 75.44 12.93 55.18
CA TYR JA 111 76.64 12.16 54.93
C TYR JA 111 77.73 12.47 55.93
N ALA JA 112 77.59 13.58 56.65
CA ALA JA 112 78.44 13.80 57.82
C ALA JA 112 78.14 12.78 58.89
N VAL JA 113 76.86 12.57 59.20
CA VAL JA 113 76.52 11.71 60.33
C VAL JA 113 76.62 10.24 59.92
N LYS JA 114 76.62 9.97 58.61
CA LYS JA 114 76.96 8.64 58.10
C LYS JA 114 78.36 8.20 58.47
N ASP JA 115 79.35 9.04 58.20
CA ASP JA 115 80.72 8.59 58.33
C ASP JA 115 81.24 8.64 59.75
N LYS JA 116 80.65 9.46 60.63
CA LYS JA 116 81.15 9.46 62.01
C LYS JA 116 80.56 8.31 62.81
N ILE JA 117 79.48 7.70 62.32
CA ILE JA 117 78.99 6.48 62.94
C ILE JA 117 79.49 5.23 62.24
N GLU JA 118 80.14 5.37 61.07
CA GLU JA 118 81.03 4.30 60.64
C GLU JA 118 82.21 4.15 61.58
N THR JA 119 82.77 5.27 62.03
CA THR JA 119 83.83 5.22 63.03
C THR JA 119 83.32 4.68 64.37
N LEU JA 120 82.05 4.95 64.68
CA LEU JA 120 81.48 4.48 65.94
C LEU JA 120 81.33 2.96 65.95
N LEU JA 121 81.25 2.34 64.77
CA LEU JA 121 81.23 0.89 64.66
C LEU JA 121 82.65 0.34 64.59
N ASN KA 1 15.40 -73.64 39.97
CA ASN KA 1 15.68 -75.07 39.85
C ASN KA 1 16.70 -75.47 38.73
N PRO KA 2 16.57 -74.99 37.45
CA PRO KA 2 17.57 -75.39 36.45
C PRO KA 2 18.82 -74.53 36.51
N LYS KA 3 19.69 -74.66 35.49
CA LYS KA 3 20.78 -73.72 35.33
C LYS KA 3 20.24 -72.30 35.18
N ALA KA 4 19.28 -72.14 34.28
CA ALA KA 4 18.69 -70.85 33.94
C ALA KA 4 17.33 -71.10 33.31
N PHE KA 5 16.85 -70.08 32.63
CA PHE KA 5 15.53 -70.04 32.00
C PHE KA 5 15.67 -70.65 30.60
N PRO KA 6 14.63 -70.65 29.74
CA PRO KA 6 14.14 -71.91 29.16
C PRO KA 6 15.11 -72.62 28.21
N LEU KA 7 14.91 -73.92 28.12
CA LEU KA 7 15.66 -74.78 27.20
C LEU KA 7 14.75 -75.17 26.05
N ALA KA 8 15.26 -75.09 24.83
CA ALA KA 8 14.45 -75.34 23.64
C ALA KA 8 14.14 -76.83 23.50
N ASP KA 9 13.00 -77.12 22.88
CA ASP KA 9 12.56 -78.49 22.66
C ASP KA 9 13.26 -79.07 21.44
N ALA KA 10 12.78 -80.22 20.95
CA ALA KA 10 13.37 -80.83 19.77
C ALA KA 10 13.06 -80.04 18.51
N ALA KA 11 11.80 -79.61 18.35
CA ALA KA 11 11.42 -78.90 17.14
C ALA KA 11 11.94 -77.46 17.14
N LEU KA 12 12.03 -76.85 18.32
CA LEU KA 12 12.47 -75.47 18.40
C LEU KA 12 13.97 -75.35 18.12
N THR KA 13 14.74 -76.36 18.51
CA THR KA 13 16.19 -76.32 18.26
C THR KA 13 16.50 -76.39 16.78
N GLN KA 14 15.68 -77.09 16.00
CA GLN KA 14 15.96 -77.27 14.59
C GLN KA 14 15.71 -75.99 13.80
N GLN KA 15 14.67 -75.24 14.15
CA GLN KA 15 14.39 -73.99 13.46
C GLN KA 15 15.42 -72.92 13.78
N ILE KA 16 15.94 -72.90 15.01
CA ILE KA 16 16.90 -71.86 15.34
C ILE KA 16 18.32 -72.26 14.96
N LEU KA 17 18.61 -73.56 14.86
CA LEU KA 17 19.91 -73.94 14.34
C LEU KA 17 19.96 -73.88 12.82
N ASP KA 18 18.80 -73.91 12.16
CA ASP KA 18 18.77 -73.59 10.74
C ASP KA 18 19.01 -72.11 10.50
N VAL KA 19 18.51 -71.26 11.41
CA VAL KA 19 18.71 -69.82 11.30
C VAL KA 19 20.19 -69.47 11.44
N VAL KA 20 20.87 -70.09 12.41
CA VAL KA 20 22.30 -69.86 12.55
C VAL KA 20 23.11 -70.59 11.46
N GLN KA 21 22.52 -71.56 10.78
CA GLN KA 21 23.21 -72.15 9.63
C GLN KA 21 23.22 -71.20 8.44
N GLN KA 22 22.07 -70.58 8.15
CA GLN KA 22 22.03 -69.58 7.11
C GLN KA 22 22.76 -68.30 7.53
N ALA KA 23 22.87 -68.07 8.84
CA ALA KA 23 23.66 -66.92 9.31
C ALA KA 23 25.14 -67.12 9.02
N ALA KA 24 25.65 -68.33 9.22
CA ALA KA 24 27.05 -68.62 8.90
C ALA KA 24 27.28 -68.69 7.41
N ASN KA 25 26.27 -69.13 6.64
CA ASN KA 25 26.35 -69.07 5.19
C ASN KA 25 26.36 -67.63 4.70
N LEU KA 26 25.57 -66.76 5.35
CA LEU KA 26 25.55 -65.34 5.00
C LEU KA 26 26.76 -64.59 5.53
N ARG KA 27 27.52 -65.23 6.44
CA ARG KA 27 28.64 -64.62 7.18
C ARG KA 27 28.09 -63.40 7.94
N GLN KA 28 27.25 -63.69 8.93
CA GLN KA 28 26.69 -62.68 9.82
C GLN KA 28 26.81 -63.04 11.29
N LEU KA 29 26.80 -64.33 11.61
CA LEU KA 29 26.85 -64.78 12.99
C LEU KA 29 28.18 -64.49 13.67
N LYS KA 30 28.10 -63.88 14.85
CA LYS KA 30 29.26 -63.59 15.69
C LYS KA 30 29.32 -64.64 16.78
N LYS KA 31 30.39 -65.43 16.79
CA LYS KA 31 30.41 -66.70 17.48
C LYS KA 31 31.45 -66.74 18.58
N GLY KA 32 31.12 -67.40 19.68
CA GLY KA 32 31.99 -67.44 20.83
C GLY KA 32 31.36 -66.73 22.02
N ALA KA 33 31.82 -67.10 23.22
CA ALA KA 33 31.25 -66.54 24.43
C ALA KA 33 31.68 -65.09 24.63
N ASN KA 34 32.92 -64.77 24.28
CA ASN KA 34 33.43 -63.42 24.50
C ASN KA 34 32.83 -62.43 23.50
N GLU KA 35 32.64 -62.86 22.25
CA GLU KA 35 32.06 -61.98 21.24
C GLU KA 35 30.57 -61.79 21.47
N ALA KA 36 29.93 -62.74 22.15
CA ALA KA 36 28.54 -62.57 22.53
C ALA KA 36 28.39 -61.40 23.49
N THR KA 37 29.33 -61.25 24.43
CA THR KA 37 29.35 -60.08 25.29
C THR KA 37 29.72 -58.82 24.52
N LYS KA 38 30.54 -58.97 23.48
CA LYS KA 38 30.99 -57.82 22.71
C LYS KA 38 29.85 -57.20 21.92
N THR KA 39 29.09 -58.03 21.20
CA THR KA 39 27.94 -57.52 20.46
C THR KA 39 26.79 -57.10 21.37
N LEU KA 40 26.77 -57.58 22.62
CA LEU KA 40 25.84 -57.03 23.59
C LEU KA 40 26.30 -55.66 24.07
N ASN KA 41 27.61 -55.49 24.30
CA ASN KA 41 28.13 -54.20 24.70
C ASN KA 41 28.08 -53.18 23.57
N ARG KA 42 28.24 -53.62 22.32
CA ARG KA 42 27.98 -52.73 21.20
C ARG KA 42 26.49 -52.46 21.06
N GLY KA 43 25.65 -53.40 21.51
CA GLY KA 43 24.22 -53.25 21.41
C GLY KA 43 23.64 -53.57 20.06
N ILE KA 44 24.30 -54.42 19.28
CA ILE KA 44 23.90 -54.65 17.90
C ILE KA 44 23.51 -56.10 17.66
N SER KA 45 22.85 -56.74 18.60
CA SER KA 45 22.50 -58.15 18.45
C SER KA 45 21.00 -58.38 18.35
N GLU KA 46 20.61 -59.45 17.65
CA GLU KA 46 19.22 -59.88 17.76
C GLU KA 46 18.94 -60.69 19.02
N PHE KA 47 19.61 -61.81 19.17
CA PHE KA 47 19.37 -62.77 20.23
C PHE KA 47 20.59 -63.67 20.36
N ILE KA 48 20.69 -64.34 21.52
CA ILE KA 48 21.85 -65.13 21.90
C ILE KA 48 21.45 -66.59 22.00
N ILE KA 49 22.20 -67.45 21.32
CA ILE KA 49 22.09 -68.91 21.43
C ILE KA 49 23.30 -69.37 22.25
N MET KA 50 23.06 -69.78 23.48
CA MET KA 50 24.15 -70.40 24.21
C MET KA 50 23.73 -71.77 24.75
N ALA KA 51 24.72 -72.56 25.14
CA ALA KA 51 24.56 -74.00 25.28
C ALA KA 51 24.17 -74.38 26.70
N ALA KA 52 23.73 -75.63 26.87
CA ALA KA 52 23.23 -76.12 28.14
C ALA KA 52 24.06 -77.24 28.73
N ASP KA 53 25.14 -77.66 28.07
CA ASP KA 53 25.97 -78.76 28.54
C ASP KA 53 27.43 -78.33 28.61
N CYS KA 54 27.66 -77.07 28.97
CA CYS KA 54 29.00 -76.53 29.00
C CYS KA 54 29.78 -77.09 30.18
N GLU KA 55 31.10 -76.95 30.11
CA GLU KA 55 32.00 -77.66 31.03
C GLU KA 55 32.92 -76.66 31.72
N PRO KA 56 32.51 -76.05 32.84
CA PRO KA 56 31.20 -76.15 33.50
C PRO KA 56 30.15 -75.21 32.93
N ILE KA 57 28.93 -75.31 33.47
CA ILE KA 57 27.79 -74.52 33.01
C ILE KA 57 27.82 -73.08 33.51
N GLU KA 58 28.80 -72.72 34.33
CA GLU KA 58 28.82 -71.38 34.87
C GLU KA 58 29.60 -70.38 34.01
N ILE KA 59 30.35 -70.85 33.02
CA ILE KA 59 31.26 -69.95 32.30
C ILE KA 59 30.51 -69.16 31.24
N LEU KA 60 29.24 -69.49 31.03
CA LEU KA 60 28.40 -68.78 30.07
C LEU KA 60 27.13 -68.22 30.71
N LEU KA 61 26.98 -68.34 32.02
CA LEU KA 61 25.86 -67.75 32.74
C LEU KA 61 26.00 -66.25 32.94
N HIS KA 62 27.13 -65.67 32.55
CA HIS KA 62 27.29 -64.22 32.58
C HIS KA 62 26.41 -63.54 31.54
N LEU KA 63 26.09 -64.24 30.45
CA LEU KA 63 25.30 -63.64 29.39
C LEU KA 63 23.88 -63.24 29.79
N PRO KA 64 23.06 -64.07 30.49
CA PRO KA 64 21.72 -63.56 30.89
C PRO KA 64 21.74 -62.36 31.81
N LEU KA 65 22.79 -62.19 32.63
CA LEU KA 65 22.90 -60.95 33.40
C LEU KA 65 23.17 -59.76 32.49
N LEU KA 66 23.74 -60.00 31.31
CA LEU KA 66 23.86 -58.94 30.31
C LEU KA 66 22.71 -58.94 29.32
N CYS KA 67 21.82 -59.94 29.35
CA CYS KA 67 20.69 -59.94 28.42
C CYS KA 67 19.56 -59.05 28.88
N GLU KA 68 18.92 -59.37 30.01
CA GLU KA 68 17.65 -58.72 30.30
C GLU KA 68 17.80 -57.36 30.98
N ASP KA 69 18.61 -56.48 30.40
CA ASP KA 69 18.62 -55.06 30.75
C ASP KA 69 18.28 -54.18 29.57
N LYS KA 70 18.57 -54.66 28.36
CA LYS KA 70 18.13 -54.06 27.11
C LYS KA 70 17.20 -54.98 26.35
N ASN KA 71 16.70 -56.04 27.02
CA ASN KA 71 15.64 -56.92 26.55
C ASN KA 71 16.01 -57.65 25.26
N VAL KA 72 17.23 -58.17 25.17
CA VAL KA 72 17.58 -59.05 24.06
C VAL KA 72 17.20 -60.49 24.42
N PRO KA 73 16.51 -61.21 23.55
CA PRO KA 73 16.10 -62.59 23.87
C PRO KA 73 17.26 -63.58 23.89
N TYR KA 74 17.01 -64.71 24.54
CA TYR KA 74 18.02 -65.74 24.74
C TYR KA 74 17.32 -67.07 24.95
N VAL KA 75 17.93 -68.14 24.44
CA VAL KA 75 17.46 -69.50 24.63
C VAL KA 75 18.65 -70.42 24.92
N PHE KA 76 18.35 -71.70 25.05
CA PHE KA 76 19.33 -72.74 25.31
C PHE KA 76 19.22 -73.83 24.25
N VAL KA 77 20.37 -74.31 23.77
CA VAL KA 77 20.40 -75.53 22.97
C VAL KA 77 21.00 -76.64 23.81
N PRO KA 78 20.55 -77.89 23.68
CA PRO KA 78 20.97 -78.93 24.61
C PRO KA 78 22.39 -79.46 24.42
N SER KA 79 23.08 -79.10 23.35
CA SER KA 79 24.43 -79.64 23.17
C SER KA 79 25.33 -78.61 22.50
N ARG KA 80 26.60 -78.58 22.92
CA ARG KA 80 27.59 -77.72 22.28
C ARG KA 80 27.91 -78.18 20.87
N VAL KA 81 27.89 -79.50 20.63
CA VAL KA 81 28.42 -80.03 19.38
C VAL KA 81 27.42 -79.86 18.25
N ALA KA 82 26.14 -79.63 18.58
CA ALA KA 82 25.18 -79.32 17.53
C ALA KA 82 25.21 -77.83 17.19
N LEU KA 83 25.38 -76.99 18.22
CA LEU KA 83 25.55 -75.55 17.98
C LEU KA 83 26.88 -75.28 17.30
N GLY KA 84 27.90 -76.09 17.61
CA GLY KA 84 29.18 -75.94 16.94
C GLY KA 84 29.13 -76.31 15.47
N ARG KA 85 28.37 -77.36 15.12
CA ARG KA 85 28.28 -77.76 13.73
C ARG KA 85 27.25 -76.96 12.95
N ALA KA 86 26.21 -76.43 13.61
CA ALA KA 86 25.28 -75.54 12.92
C ALA KA 86 25.92 -74.20 12.61
N CYS KA 87 26.99 -73.85 13.34
CA CYS KA 87 27.78 -72.69 12.97
C CYS KA 87 28.84 -73.06 11.95
N GLY KA 88 29.20 -74.34 11.87
CA GLY KA 88 30.03 -74.85 10.80
C GLY KA 88 31.53 -74.65 10.93
N VAL KA 89 32.02 -74.65 12.17
CA VAL KA 89 33.45 -74.59 12.44
C VAL KA 89 33.84 -75.85 13.20
N SER KA 90 35.10 -76.25 13.08
CA SER KA 90 35.58 -77.56 13.52
C SER KA 90 35.61 -77.73 15.05
N ARG KA 91 35.45 -76.66 15.82
CA ARG KA 91 35.44 -76.75 17.27
C ARG KA 91 34.04 -76.42 17.81
N PRO KA 92 33.67 -76.98 18.96
CA PRO KA 92 32.36 -76.66 19.55
C PRO KA 92 32.28 -75.21 20.01
N VAL KA 93 31.09 -74.64 19.86
CA VAL KA 93 30.81 -73.28 20.31
C VAL KA 93 29.84 -73.38 21.47
N ILE KA 94 30.12 -72.65 22.54
CA ILE KA 94 29.21 -72.66 23.68
C ILE KA 94 28.21 -71.52 23.62
N ALA KA 95 28.48 -70.48 22.83
CA ALA KA 95 27.61 -69.31 22.81
C ALA KA 95 27.70 -68.65 21.44
N ALA KA 96 26.55 -68.48 20.79
CA ALA KA 96 26.45 -67.83 19.50
C ALA KA 96 25.58 -66.60 19.61
N SER KA 97 25.85 -65.60 18.76
CA SER KA 97 25.12 -64.34 18.79
C SER KA 97 24.97 -63.80 17.38
N ILE KA 98 23.73 -63.64 16.92
CA ILE KA 98 23.46 -63.04 15.62
C ILE KA 98 23.44 -61.52 15.78
N THR KA 99 24.16 -60.81 14.90
CA THR KA 99 24.26 -59.36 14.98
C THR KA 99 23.32 -58.70 13.98
N THR KA 100 23.03 -57.42 14.23
CA THR KA 100 22.02 -56.72 13.47
C THR KA 100 22.50 -56.31 12.11
N ASN KA 101 21.65 -56.61 11.12
CA ASN KA 101 21.88 -56.25 9.73
C ASN KA 101 20.50 -56.20 9.09
N ASP KA 102 20.05 -54.99 8.74
CA ASP KA 102 18.73 -54.86 8.11
C ASP KA 102 18.76 -55.44 6.70
N ALA KA 103 19.88 -55.35 6.00
CA ALA KA 103 19.99 -55.91 4.66
C ALA KA 103 20.57 -57.33 4.72
N SER KA 104 19.85 -58.21 5.40
CA SER KA 104 20.22 -59.61 5.51
C SER KA 104 19.17 -60.48 4.83
N ALA KA 105 19.59 -61.63 4.32
CA ALA KA 105 18.73 -62.51 3.55
C ALA KA 105 17.87 -63.42 4.39
N ILE KA 106 17.87 -63.24 5.71
CA ILE KA 106 17.19 -64.17 6.61
C ILE KA 106 16.08 -63.43 7.36
N LYS KA 107 15.46 -62.46 6.69
CA LYS KA 107 14.60 -61.49 7.37
C LYS KA 107 13.34 -62.13 7.93
N THR KA 108 12.73 -63.04 7.16
CA THR KA 108 11.51 -63.69 7.63
C THR KA 108 11.81 -64.72 8.70
N GLN KA 109 12.92 -65.44 8.57
CA GLN KA 109 13.27 -66.49 9.52
C GLN KA 109 13.72 -65.90 10.85
N ILE KA 110 14.41 -64.75 10.81
CA ILE KA 110 15.00 -64.22 12.03
C ILE KA 110 13.97 -63.47 12.89
N TYR KA 111 12.83 -63.09 12.32
CA TYR KA 111 11.74 -62.61 13.16
C TYR KA 111 10.75 -63.70 13.51
N ALA KA 112 10.75 -64.81 12.76
CA ALA KA 112 9.98 -65.96 13.18
C ALA KA 112 10.56 -66.58 14.45
N VAL KA 113 11.89 -66.69 14.53
CA VAL KA 113 12.49 -67.25 15.73
C VAL KA 113 12.77 -66.17 16.76
N LYS KA 114 12.59 -64.89 16.41
CA LYS KA 114 12.54 -63.84 17.41
C LYS KA 114 11.37 -64.02 18.36
N ASP KA 115 10.15 -63.87 17.83
CA ASP KA 115 8.97 -63.78 18.68
C ASP KA 115 8.56 -65.13 19.27
N LYS KA 116 8.86 -66.24 18.60
CA LYS KA 116 8.44 -67.53 19.12
C LYS KA 116 9.32 -67.99 20.27
N ILE KA 117 10.46 -67.34 20.50
CA ILE KA 117 11.17 -67.56 21.75
C ILE KA 117 10.92 -66.44 22.75
N GLU KA 118 10.27 -65.36 22.34
CA GLU KA 118 9.77 -64.39 23.33
C GLU KA 118 8.57 -64.95 24.08
N THR KA 119 7.74 -65.78 23.43
CA THR KA 119 6.72 -66.50 24.17
C THR KA 119 7.31 -67.62 25.02
N LEU KA 120 8.52 -68.05 24.70
CA LEU KA 120 9.17 -69.06 25.54
C LEU KA 120 9.67 -68.46 26.84
N LEU KA 121 9.81 -67.14 26.91
CA LEU KA 121 10.18 -66.46 28.13
C LEU KA 121 8.94 -66.15 28.97
N PHE LA 1 -7.47 -106.83 -25.42
CA PHE LA 1 -6.35 -106.74 -26.35
C PHE LA 1 -6.12 -105.30 -26.78
N ASP LA 2 -4.86 -104.90 -26.88
CA ASP LA 2 -4.47 -103.54 -27.23
C ASP LA 2 -3.51 -103.59 -28.41
N ALA LA 3 -3.08 -102.41 -28.87
CA ALA LA 3 -2.15 -102.32 -29.99
C ALA LA 3 -0.94 -101.46 -29.67
N GLY LA 4 -1.11 -100.50 -28.77
CA GLY LA 4 -0.04 -99.56 -28.47
C GLY LA 4 1.16 -100.21 -27.81
N ASP LA 5 0.91 -101.15 -26.90
CA ASP LA 5 2.00 -101.90 -26.29
C ASP LA 5 2.65 -102.85 -27.29
N LEU LA 6 1.91 -103.26 -28.32
CA LEU LA 6 2.51 -104.07 -29.38
C LEU LA 6 3.42 -103.22 -30.25
N ASP LA 7 3.18 -101.91 -30.31
CA ASP LA 7 4.03 -101.03 -31.09
C ASP LA 7 5.38 -100.83 -30.43
N LYS LA 8 5.41 -100.70 -29.10
CA LYS LA 8 6.68 -100.33 -28.47
C LYS LA 8 7.61 -101.54 -28.29
N ASP LA 9 7.05 -102.74 -28.19
CA ASP LA 9 7.91 -103.92 -28.09
C ASP LA 9 8.46 -104.34 -29.44
N ILE LA 10 7.72 -104.08 -30.52
CA ILE LA 10 8.17 -104.44 -31.85
C ILE LA 10 9.27 -103.49 -32.33
N ILE LA 11 9.41 -102.32 -31.71
CA ILE LA 11 10.54 -101.46 -32.00
C ILE LA 11 11.64 -101.58 -30.95
N ALA LA 12 11.34 -102.17 -29.79
CA ALA LA 12 12.37 -102.52 -28.82
C ALA LA 12 12.81 -103.97 -28.94
N SER LA 13 12.24 -104.73 -29.88
CA SER LA 13 12.74 -106.06 -30.17
C SER LA 13 14.15 -106.01 -30.74
N ARG LA 14 14.42 -105.02 -31.58
CA ARG LA 14 15.77 -104.79 -32.08
C ARG LA 14 16.68 -104.14 -31.05
N LEU LA 15 16.11 -103.54 -30.01
CA LEU LA 15 16.90 -102.78 -29.05
C LEU LA 15 17.74 -103.68 -28.16
N LYS LA 16 18.98 -103.28 -27.92
CA LYS LA 16 19.94 -104.11 -27.19
C LYS LA 16 21.00 -103.19 -26.60
N GLU LA 17 22.11 -103.80 -26.14
CA GLU LA 17 23.28 -103.12 -25.58
C GLU LA 17 22.92 -102.26 -24.37
N ASP LA 18 22.02 -102.78 -23.54
CA ASP LA 18 21.56 -102.10 -22.32
C ASP LA 18 21.75 -103.05 -21.15
N VAL LA 19 22.95 -103.04 -20.58
CA VAL LA 19 23.26 -103.88 -19.42
C VAL LA 19 23.22 -102.99 -18.18
N ALA LA 20 24.05 -101.95 -18.17
CA ALA LA 20 24.01 -100.99 -17.07
C ALA LA 20 22.77 -100.11 -17.14
N GLU LA 21 22.19 -99.96 -18.33
CA GLU LA 21 20.93 -99.23 -18.47
C GLU LA 21 19.76 -100.01 -17.89
N GLN LA 22 19.87 -101.32 -17.77
CA GLN LA 22 18.82 -102.12 -17.16
C GLN LA 22 18.79 -101.91 -15.65
N GLN LA 23 17.63 -102.18 -15.07
CA GLN LA 23 17.42 -102.00 -13.64
C GLN LA 23 17.66 -103.31 -12.91
N GLY LA 24 18.43 -103.25 -11.84
CA GLY LA 24 18.76 -104.43 -11.07
C GLY LA 24 18.47 -104.24 -9.59
N ARG LA 25 17.90 -105.28 -8.99
CA ARG LA 25 17.47 -105.25 -7.60
C ARG LA 25 18.27 -106.27 -6.79
N VAL LA 26 17.86 -106.45 -5.54
CA VAL LA 26 18.55 -107.38 -4.63
C VAL LA 26 18.29 -108.81 -5.06
N PHE LA 27 19.37 -109.58 -5.19
CA PHE LA 27 19.28 -111.02 -5.38
C PHE LA 27 19.99 -111.81 -4.30
N ARG LA 28 20.90 -111.21 -3.55
CA ARG LA 28 21.62 -111.88 -2.48
C ARG LA 28 20.79 -111.90 -1.21
N TYR LA 29 20.74 -113.04 -0.54
CA TYR LA 29 20.02 -113.21 0.71
C TYR LA 29 20.86 -113.95 1.72
N PHE LA 30 22.12 -113.54 1.89
CA PHE LA 30 23.07 -114.24 2.74
C PHE LA 30 23.04 -113.77 4.19
N GLY LA 31 21.94 -113.16 4.63
CA GLY LA 31 21.90 -112.60 5.98
C GLY LA 31 21.96 -113.67 7.06
N ASP LA 32 21.33 -114.81 6.84
CA ASP LA 32 21.50 -115.94 7.71
C ASP LA 32 22.73 -116.78 7.37
N LYS LA 33 23.33 -116.55 6.20
CA LYS LA 33 24.58 -117.23 5.88
C LYS LA 33 25.75 -116.63 6.64
N LEU LA 34 25.78 -115.30 6.77
CA LEU LA 34 26.82 -114.62 7.52
C LEU LA 34 26.43 -114.55 8.99
N LEU LA 35 27.30 -115.05 9.86
CA LEU LA 35 27.04 -115.08 11.29
C LEU LA 35 28.08 -114.26 12.03
N ILE LA 36 27.61 -113.40 12.93
CA ILE LA 36 28.49 -112.44 13.61
C ILE LA 36 29.39 -113.15 14.63
N SER LA 37 28.91 -114.24 15.22
CA SER LA 37 29.65 -114.92 16.28
C SER LA 37 30.92 -115.58 15.76
N GLU LA 38 30.87 -116.13 14.54
CA GLU LA 38 32.06 -116.74 13.95
C GLU LA 38 32.96 -115.74 13.24
N ALA LA 39 32.57 -114.47 13.20
CA ALA LA 39 33.40 -113.47 12.54
C ALA LA 39 34.59 -113.11 13.42
N LYS LA 40 35.79 -113.13 12.84
CA LYS LA 40 36.99 -112.71 13.54
C LYS LA 40 37.22 -111.23 13.32
N GLN LA 41 37.47 -110.50 14.40
CA GLN LA 41 37.52 -109.04 14.38
C GLN LA 41 38.95 -108.60 14.72
N SER LA 42 39.79 -108.53 13.69
CA SER LA 42 41.15 -108.03 13.85
C SER LA 42 41.17 -106.51 13.73
N PHE LA 43 42.33 -105.93 14.01
CA PHE LA 43 42.52 -104.49 13.89
C PHE LA 43 43.98 -104.20 13.60
N THR LA 44 44.21 -103.23 12.72
CA THR LA 44 45.55 -102.73 12.42
C THR LA 44 45.71 -101.37 13.11
N ARG LA 45 46.75 -101.26 13.94
CA ARG LA 45 47.01 -100.04 14.70
C ARG LA 45 48.01 -99.20 13.94
N VAL LA 46 47.51 -98.25 13.14
CA VAL LA 46 48.36 -97.37 12.34
C VAL LA 46 48.89 -96.26 13.23
N GLY LA 47 49.87 -95.52 12.72
CA GLY LA 47 50.45 -94.41 13.48
C GLY LA 47 49.84 -93.06 13.21
N GLU LA 48 49.01 -92.92 12.19
CA GLU LA 48 48.42 -91.64 11.85
C GLU LA 48 47.25 -91.35 12.78
N ASN LA 49 46.65 -90.17 12.62
CA ASN LA 49 45.49 -89.80 13.40
C ASN LA 49 44.39 -89.26 12.49
N ASN LA 50 43.15 -89.48 12.92
CA ASN LA 50 41.93 -89.03 12.25
C ASN LA 50 41.84 -89.57 10.82
N LEU LA 51 41.74 -90.89 10.74
CA LEU LA 51 41.62 -91.59 9.46
C LEU LA 51 40.26 -91.30 8.85
N THR LA 52 40.24 -90.56 7.75
CA THR LA 52 38.99 -89.95 7.27
C THR LA 52 38.19 -90.83 6.33
N CYS LA 53 38.84 -91.60 5.45
CA CYS LA 53 38.10 -92.39 4.48
C CYS LA 53 38.92 -93.60 4.05
N ILE LA 54 38.21 -94.64 3.61
CA ILE LA 54 38.82 -95.82 3.00
C ILE LA 54 38.05 -96.19 1.75
N SER LA 55 38.74 -96.89 0.84
CA SER LA 55 38.12 -97.38 -0.39
C SER LA 55 38.92 -98.57 -0.87
N CYS LA 56 38.22 -99.58 -1.39
CA CYS LA 56 38.87 -100.80 -1.87
C CYS LA 56 38.50 -101.03 -3.33
N PHE LA 57 39.39 -101.71 -4.05
CA PHE LA 57 39.11 -102.19 -5.39
C PHE LA 57 39.02 -103.71 -5.36
N GLN LA 58 37.91 -104.23 -5.86
CA GLN LA 58 37.72 -105.68 -5.97
C GLN LA 58 37.55 -106.05 -7.42
N PRO LA 59 38.40 -106.90 -7.98
CA PRO LA 59 38.17 -107.37 -9.36
C PRO LA 59 36.95 -108.29 -9.44
N VAL LA 60 36.35 -108.33 -10.61
CA VAL LA 60 35.15 -109.12 -10.82
C VAL LA 60 35.46 -110.32 -11.70
N ARG LA 78 44.78 -110.43 -6.63
CA ARG LA 78 45.54 -109.36 -5.99
C ARG LA 78 44.63 -108.23 -5.55
N LEU LA 79 44.08 -108.35 -4.34
CA LEU LA 79 43.21 -107.32 -3.80
C LEU LA 79 44.01 -106.09 -3.39
N PHE LA 80 43.32 -104.97 -3.27
CA PHE LA 80 43.99 -103.71 -2.99
C PHE LA 80 43.03 -102.79 -2.24
N ALA LA 81 43.58 -101.96 -1.36
CA ALA LA 81 42.79 -101.06 -0.53
C ALA LA 81 43.51 -99.72 -0.44
N TYR LA 82 42.74 -98.69 -0.06
CA TYR LA 82 43.27 -97.33 0.05
C TYR LA 82 42.73 -96.67 1.30
N THR LA 83 43.47 -95.68 1.80
CA THR LA 83 43.04 -94.91 2.96
C THR LA 83 43.68 -93.53 2.93
N VAL LA 84 43.06 -92.59 3.63
CA VAL LA 84 43.58 -91.24 3.78
C VAL LA 84 43.49 -90.85 5.25
N SER LA 85 44.28 -89.83 5.61
CA SER LA 85 44.34 -89.34 6.99
C SER LA 85 44.39 -87.83 6.99
N LYS LA 86 44.30 -87.25 8.18
CA LYS LA 86 44.40 -85.81 8.35
C LYS LA 86 45.84 -85.33 8.45
N ASP LA 87 46.81 -86.23 8.34
CA ASP LA 87 48.22 -85.89 8.26
C ASP LA 87 48.68 -85.64 6.83
N LEU LA 88 47.73 -85.31 5.93
CA LEU LA 88 47.97 -85.10 4.50
C LEU LA 88 48.60 -86.33 3.86
N GLN LA 89 48.13 -87.51 4.26
CA GLN LA 89 48.77 -88.78 3.92
C GLN LA 89 47.80 -89.66 3.16
N LEU LA 90 48.25 -90.18 2.02
CA LEU LA 90 47.53 -91.20 1.26
C LEU LA 90 48.32 -92.50 1.33
N THR LA 91 47.65 -93.58 1.71
CA THR LA 91 48.29 -94.87 1.91
C THR LA 91 47.48 -95.95 1.21
N LYS LA 92 48.16 -96.83 0.49
CA LYS LA 92 47.54 -97.96 -0.17
C LYS LA 92 47.91 -99.26 0.54
N TYR LA 93 46.94 -100.15 0.67
CA TYR LA 93 47.09 -101.35 1.48
C TYR LA 93 46.86 -102.59 0.62
N ASP LA 94 47.26 -103.74 1.17
CA ASP LA 94 46.98 -105.05 0.59
C ASP LA 94 46.10 -105.84 1.55
N ILE LA 95 44.95 -106.29 1.07
CA ILE LA 95 43.98 -107.01 1.89
C ILE LA 95 43.64 -108.33 1.23
N THR LA 96 44.59 -108.89 0.46
CA THR LA 96 44.33 -110.10 -0.32
C THR LA 96 44.18 -111.32 0.58
N ASP LA 97 45.04 -111.45 1.59
CA ASP LA 97 44.91 -112.55 2.53
C ASP LA 97 43.82 -112.22 3.54
N PHE LA 98 42.82 -113.10 3.64
CA PHE LA 98 41.69 -112.83 4.53
C PHE LA 98 42.06 -113.03 5.98
N SER LA 99 42.87 -114.06 6.28
CA SER LA 99 43.28 -114.31 7.66
C SER LA 99 44.27 -113.25 8.14
N LYS LA 100 45.16 -112.80 7.27
CA LYS LA 100 46.15 -111.82 7.66
C LYS LA 100 45.54 -110.43 7.81
N ARG LA 101 46.21 -109.59 8.59
CA ARG LA 101 45.79 -108.22 8.76
C ARG LA 101 46.07 -107.42 7.49
N PRO LA 102 45.38 -106.29 7.30
CA PRO LA 102 45.76 -105.36 6.23
C PRO LA 102 47.16 -104.79 6.45
N LYS LA 103 47.99 -104.90 5.42
CA LYS LA 103 49.39 -104.48 5.49
C LYS LA 103 49.62 -103.29 4.57
N LYS LA 104 50.61 -102.47 4.92
CA LYS LA 104 50.93 -101.28 4.15
C LYS LA 104 51.83 -101.66 2.98
N LEU LA 105 51.43 -101.28 1.76
CA LEU LA 105 52.28 -101.49 0.60
C LEU LA 105 53.15 -100.26 0.34
N LYS LA 106 52.52 -99.12 0.08
CA LYS LA 106 53.22 -97.87 -0.18
C LYS LA 106 52.43 -96.72 0.43
N TYR LA 107 53.09 -95.57 0.58
CA TYR LA 107 52.44 -94.40 1.16
C TYR LA 107 53.08 -93.14 0.60
N ALA LA 108 52.34 -92.04 0.70
CA ALA LA 108 52.82 -90.74 0.26
C ALA LA 108 52.16 -89.67 1.13
N LYS LA 109 52.88 -88.56 1.31
CA LYS LA 109 52.44 -87.49 2.19
C LYS LA 109 52.63 -86.15 1.51
N GLY LA 110 51.60 -85.30 1.56
CA GLY LA 110 51.71 -83.94 1.08
C GLY LA 110 52.10 -82.97 2.18
N GLY LA 111 52.37 -81.72 1.78
CA GLY LA 111 52.76 -80.71 2.74
C GLY LA 111 53.24 -79.41 2.12
N ALA LA 112 54.27 -78.81 2.73
CA ALA LA 112 54.80 -77.55 2.25
C ALA LA 112 55.57 -77.68 0.94
N LYS LA 113 55.95 -78.90 0.57
CA LYS LA 113 56.58 -79.14 -0.73
C LYS LA 113 55.59 -79.04 -1.88
N TYR LA 114 54.29 -79.06 -1.61
CA TYR LA 114 53.26 -78.97 -2.63
C TYR LA 114 52.27 -77.85 -2.37
N ILE LA 115 52.61 -76.89 -1.51
CA ILE LA 115 51.73 -75.75 -1.29
C ILE LA 115 51.80 -74.83 -2.50
N PRO LA 116 50.66 -74.47 -3.11
CA PRO LA 116 50.69 -73.62 -4.29
C PRO LA 116 51.12 -72.20 -3.94
N THR LA 117 51.67 -71.52 -4.95
CA THR LA 117 52.17 -70.16 -4.80
C THR LA 117 51.30 -69.10 -5.46
N SER LA 118 50.62 -69.44 -6.55
CA SER LA 118 49.76 -68.46 -7.22
C SER LA 118 48.52 -68.18 -6.38
N LYS LA 119 47.82 -69.24 -5.94
CA LYS LA 119 46.82 -69.25 -4.87
C LYS LA 119 45.50 -68.55 -5.26
N HIS LA 120 45.45 -67.91 -6.44
CA HIS LA 120 44.34 -67.03 -6.74
C HIS LA 120 43.70 -67.33 -8.09
N GLU LA 121 44.47 -67.92 -9.01
CA GLU LA 121 44.04 -68.04 -10.40
C GLU LA 121 43.08 -69.21 -10.56
N TYR LA 122 42.75 -69.53 -11.81
CA TYR LA 122 41.90 -70.68 -12.10
C TYR LA 122 42.62 -71.98 -11.82
N GLU LA 123 43.95 -71.98 -11.86
CA GLU LA 123 44.73 -73.19 -11.69
C GLU LA 123 45.10 -73.40 -10.23
N ASN LA 124 45.02 -74.65 -9.81
CA ASN LA 124 45.55 -75.13 -8.54
C ASN LA 124 46.36 -76.39 -8.80
N THR LA 125 47.27 -76.30 -9.77
CA THR LA 125 47.90 -77.46 -10.37
C THR LA 125 49.18 -77.89 -9.65
N THR LA 126 49.28 -77.64 -8.34
CA THR LA 126 50.34 -78.25 -7.56
C THR LA 126 50.14 -79.75 -7.49
N GLU LA 127 51.25 -80.49 -7.40
CA GLU LA 127 51.21 -81.92 -7.61
C GLU LA 127 50.56 -82.65 -6.44
N GLY LA 128 51.17 -82.56 -5.26
CA GLY LA 128 50.61 -83.20 -4.09
C GLY LA 128 49.58 -82.33 -3.40
N HIS LA 129 48.89 -82.94 -2.44
CA HIS LA 129 47.93 -82.20 -1.64
C HIS LA 129 48.64 -81.29 -0.64
N TYR LA 130 47.90 -80.30 -0.15
CA TYR LA 130 48.45 -79.39 0.84
C TYR LA 130 47.55 -79.12 2.03
N ASP LA 131 46.28 -79.52 2.00
CA ASP LA 131 45.38 -79.22 3.11
C ASP LA 131 44.24 -80.21 3.12
N GLU LA 132 44.22 -81.09 4.14
CA GLU LA 132 43.04 -81.85 4.58
C GLU LA 132 42.50 -82.75 3.46
N ILE LA 133 43.27 -83.79 3.15
CA ILE LA 133 42.77 -84.85 2.28
C ILE LA 133 41.62 -85.55 3.02
N LEU LA 134 40.40 -85.30 2.55
CA LEU LA 134 39.21 -85.75 3.26
C LEU LA 134 38.67 -87.08 2.77
N THR LA 135 38.87 -87.41 1.49
CA THR LA 135 38.23 -88.56 0.89
C THR LA 135 39.19 -89.28 -0.04
N VAL LA 136 38.91 -90.55 -0.28
CA VAL LA 136 39.65 -91.39 -1.21
C VAL LA 136 38.65 -92.15 -2.07
N ALA LA 137 39.06 -92.49 -3.29
CA ALA LA 137 38.17 -93.19 -4.22
C ALA LA 137 39.04 -93.96 -5.22
N ALA LA 138 38.85 -95.27 -5.26
CA ALA LA 138 39.54 -96.12 -6.23
C ALA LA 138 38.56 -96.55 -7.32
N SER LA 139 38.99 -96.41 -8.57
CA SER LA 139 38.12 -96.70 -9.70
C SER LA 139 37.97 -98.20 -9.92
N PRO LA 140 36.86 -98.64 -10.51
CA PRO LA 140 36.69 -100.07 -10.81
C PRO LA 140 37.65 -100.63 -11.87
N ASP LA 141 38.39 -99.79 -12.61
CA ASP LA 141 39.34 -100.35 -13.56
C ASP LA 141 40.65 -100.76 -12.89
N GLY LA 142 40.88 -100.37 -11.63
CA GLY LA 142 42.08 -100.75 -10.91
C GLY LA 142 43.32 -99.96 -11.28
N LYS LA 143 43.19 -98.92 -12.08
CA LYS LA 143 44.33 -98.17 -12.57
C LYS LA 143 44.45 -96.78 -11.98
N TYR LA 144 43.35 -96.02 -11.92
CA TYR LA 144 43.38 -94.64 -11.45
C TYR LA 144 42.69 -94.55 -10.11
N VAL LA 145 43.34 -93.88 -9.15
CA VAL LA 145 42.78 -93.67 -7.81
C VAL LA 145 42.84 -92.18 -7.51
N VAL LA 146 41.69 -91.59 -7.19
CA VAL LA 146 41.56 -90.15 -7.02
C VAL LA 146 41.17 -89.84 -5.59
N THR LA 147 41.82 -88.82 -5.01
CA THR LA 147 41.52 -88.32 -3.68
C THR LA 147 41.03 -86.89 -3.78
N GLY LA 148 40.61 -86.35 -2.64
CA GLY LA 148 40.13 -84.98 -2.60
C GLY LA 148 39.88 -84.54 -1.17
N GLY LA 149 39.59 -83.25 -1.02
CA GLY LA 149 39.32 -82.71 0.29
C GLY LA 149 39.05 -81.22 0.33
N ARG LA 150 39.50 -80.55 1.39
CA ARG LA 150 39.32 -79.12 1.55
C ARG LA 150 40.28 -78.30 0.71
N ASP LA 151 41.23 -78.94 0.04
CA ASP LA 151 42.20 -78.25 -0.81
C ASP LA 151 41.67 -77.97 -2.20
N ARG LA 152 40.39 -78.26 -2.45
CA ARG LA 152 39.62 -78.06 -3.70
C ARG LA 152 40.32 -78.55 -4.97
N LYS LA 153 41.17 -79.57 -4.84
CA LYS LA 153 41.81 -80.19 -5.99
C LYS LA 153 41.42 -81.67 -6.06
N LEU LA 154 41.00 -82.11 -7.23
CA LEU LA 154 40.79 -83.52 -7.49
C LEU LA 154 42.08 -84.10 -8.05
N ILE LA 155 42.84 -84.80 -7.22
CA ILE LA 155 44.14 -85.32 -7.58
C ILE LA 155 44.00 -86.83 -7.77
N VAL LA 156 44.24 -87.30 -8.98
CA VAL LA 156 44.16 -88.73 -9.27
C VAL LA 156 45.58 -89.29 -9.33
N TRP LA 157 45.75 -90.50 -8.78
CA TRP LA 157 47.06 -91.11 -8.59
C TRP LA 157 47.13 -92.41 -9.37
N SER LA 158 48.35 -92.78 -9.75
CA SER LA 158 48.58 -94.10 -10.30
C SER LA 158 48.51 -95.15 -9.20
N THR LA 159 47.91 -96.30 -9.53
CA THR LA 159 47.77 -97.35 -8.53
C THR LA 159 49.10 -98.08 -8.30
N GLU LA 160 49.91 -98.22 -9.35
CA GLU LA 160 51.06 -99.11 -9.30
C GLU LA 160 52.19 -98.54 -8.45
N SER LA 161 52.40 -97.22 -8.48
CA SER LA 161 53.53 -96.65 -7.76
C SER LA 161 53.20 -95.34 -7.06
N LEU LA 162 51.90 -95.04 -6.88
CA LEU LA 162 51.39 -93.88 -6.14
C LEU LA 162 51.88 -92.55 -6.71
N SER LA 163 52.09 -92.49 -8.02
CA SER LA 163 52.44 -91.24 -8.65
C SER LA 163 51.16 -90.49 -9.04
N PRO LA 164 51.02 -89.22 -8.65
CA PRO LA 164 49.81 -88.46 -9.05
C PRO LA 164 49.84 -88.12 -10.53
N VAL LA 165 49.03 -88.84 -11.32
CA VAL LA 165 49.08 -88.70 -12.77
C VAL LA 165 48.49 -87.38 -13.23
N LYS LA 166 47.39 -86.93 -12.62
CA LYS LA 166 46.72 -85.72 -13.07
C LYS LA 166 46.07 -85.04 -11.87
N VAL LA 167 46.12 -83.71 -11.86
CA VAL LA 167 45.37 -82.90 -10.92
C VAL LA 167 44.38 -82.04 -11.70
N ILE LA 168 43.26 -81.71 -11.08
CA ILE LA 168 42.24 -80.88 -11.70
C ILE LA 168 41.48 -80.15 -10.59
N PRO LA 169 41.30 -78.83 -10.69
CA PRO LA 169 40.65 -78.09 -9.61
C PRO LA 169 39.14 -78.00 -9.79
N THR LA 170 38.48 -77.66 -8.69
CA THR LA 170 37.04 -77.41 -8.71
C THR LA 170 36.69 -76.02 -9.19
N LYS LA 171 37.69 -75.16 -9.41
CA LYS LA 171 37.56 -73.79 -9.91
C LYS LA 171 36.69 -72.91 -9.02
N ASP LA 172 36.63 -73.21 -7.73
CA ASP LA 172 35.96 -72.36 -6.76
C ASP LA 172 36.72 -72.42 -5.45
N ARG LA 173 36.93 -71.26 -4.83
CA ARG LA 173 37.69 -71.22 -3.59
C ARG LA 173 36.87 -71.76 -2.42
N ARG LA 174 35.54 -71.72 -2.52
CA ARG LA 174 34.66 -72.31 -1.52
C ARG LA 174 34.37 -73.78 -1.79
N GLY LA 175 34.77 -74.30 -2.95
CA GLY LA 175 34.38 -75.64 -3.35
C GLY LA 175 35.23 -76.76 -2.77
N GLU LA 176 35.13 -76.98 -1.47
CA GLU LA 176 35.79 -78.12 -0.85
C GLU LA 176 35.11 -79.42 -1.26
N VAL LA 177 35.90 -80.49 -1.32
CA VAL LA 177 35.43 -81.80 -1.76
C VAL LA 177 35.07 -82.60 -0.52
N LEU LA 178 33.86 -83.15 -0.49
CA LEU LA 178 33.35 -83.81 0.70
C LEU LA 178 33.15 -85.31 0.55
N SER LA 179 32.84 -85.80 -0.66
CA SER LA 179 32.65 -87.23 -0.89
C SER LA 179 32.79 -87.50 -2.38
N LEU LA 180 33.19 -88.73 -2.72
CA LEU LA 180 33.26 -89.17 -4.09
C LEU LA 180 32.61 -90.53 -4.25
N ALA LA 181 32.18 -90.81 -5.48
CA ALA LA 181 31.58 -92.10 -5.81
C ALA LA 181 31.93 -92.44 -7.25
N PHE LA 182 31.81 -93.73 -7.57
CA PHE LA 182 32.20 -94.24 -8.87
C PHE LA 182 31.06 -95.04 -9.49
N ARG LA 183 30.89 -94.88 -10.80
CA ARG LA 183 29.98 -95.74 -11.55
C ARG LA 183 30.53 -97.16 -11.56
N LYS LA 184 29.65 -98.12 -11.28
CA LYS LA 184 30.07 -99.52 -11.18
C LYS LA 184 30.40 -100.08 -12.55
N ASN LA 185 31.53 -100.77 -12.63
CA ASN LA 185 32.10 -101.32 -13.87
C ASN LA 185 32.31 -100.24 -14.93
N SER LA 186 32.71 -99.06 -14.48
CA SER LA 186 33.01 -97.94 -15.38
C SER LA 186 34.04 -97.08 -14.66
N ASP LA 187 34.22 -95.84 -15.14
CA ASP LA 187 35.12 -94.91 -14.46
C ASP LA 187 34.54 -93.51 -14.39
N GLN LA 188 33.21 -93.36 -14.42
CA GLN LA 188 32.58 -92.05 -14.30
C GLN LA 188 32.56 -91.63 -12.84
N LEU LA 189 33.51 -90.78 -12.46
CA LEU LA 189 33.59 -90.27 -11.11
C LEU LA 189 32.47 -89.27 -10.84
N TYR LA 190 31.88 -89.37 -9.65
CA TYR LA 190 30.90 -88.40 -9.18
C TYR LA 190 31.49 -87.70 -7.97
N ALA LA 191 31.55 -86.37 -8.03
CA ALA LA 191 32.24 -85.58 -7.02
C ALA LA 191 31.26 -84.66 -6.31
N SER LA 192 31.50 -84.47 -5.02
CA SER LA 192 30.70 -83.58 -4.19
C SER LA 192 31.49 -82.33 -3.86
N CYS LA 193 30.86 -81.17 -3.98
CA CYS LA 193 31.54 -79.90 -3.77
C CYS LA 193 30.79 -79.09 -2.73
N ALA LA 194 31.54 -78.30 -1.94
CA ALA LA 194 30.98 -77.57 -0.81
C ALA LA 194 30.17 -76.35 -1.20
N ASP LA 195 30.21 -75.93 -2.46
CA ASP LA 195 29.38 -74.80 -2.91
C ASP LA 195 28.06 -75.26 -3.49
N PHE LA 196 27.50 -76.34 -2.92
CA PHE LA 196 26.21 -76.93 -3.31
C PHE LA 196 26.20 -77.35 -4.78
N LYS LA 197 27.29 -77.97 -5.22
CA LYS LA 197 27.43 -78.43 -6.59
C LYS LA 197 27.90 -79.88 -6.59
N ILE LA 198 27.44 -80.62 -7.60
CA ILE LA 198 27.82 -82.02 -7.81
C ILE LA 198 28.42 -82.12 -9.21
N ARG LA 199 29.66 -82.60 -9.30
CA ARG LA 199 30.38 -82.61 -10.55
C ARG LA 199 30.72 -84.04 -10.98
N THR LA 200 30.97 -84.20 -12.28
CA THR LA 200 31.30 -85.49 -12.87
C THR LA 200 32.60 -85.37 -13.66
N TYR LA 201 33.36 -86.47 -13.70
CA TYR LA 201 34.63 -86.50 -14.40
C TYR LA 201 34.81 -87.85 -15.11
N SER LA 202 35.45 -87.80 -16.27
CA SER LA 202 35.90 -89.01 -16.97
C SER LA 202 37.39 -89.15 -16.68
N ILE LA 203 37.75 -90.13 -15.84
CA ILE LA 203 39.11 -90.22 -15.33
C ILE LA 203 40.06 -90.79 -16.39
N ASN LA 204 39.54 -91.53 -17.37
CA ASN LA 204 40.40 -92.06 -18.44
C ASN LA 204 40.93 -90.93 -19.31
N GLN LA 205 40.13 -89.89 -19.53
CA GLN LA 205 40.52 -88.76 -20.36
C GLN LA 205 40.85 -87.51 -19.55
N PHE LA 206 40.67 -87.56 -18.22
CA PHE LA 206 40.87 -86.44 -17.29
C PHE LA 206 40.07 -85.21 -17.72
N SER LA 207 38.79 -85.42 -18.02
CA SER LA 207 37.93 -84.40 -18.56
C SER LA 207 36.71 -84.17 -17.67
N GLN LA 208 36.38 -82.90 -17.46
CA GLN LA 208 35.14 -82.56 -16.76
C GLN LA 208 33.95 -82.84 -17.68
N LEU LA 209 32.86 -83.33 -17.08
CA LEU LA 209 31.71 -83.74 -17.89
C LEU LA 209 30.48 -82.88 -17.62
N GLU LA 210 30.01 -82.80 -16.38
CA GLU LA 210 28.69 -82.22 -16.12
C GLU LA 210 28.61 -81.83 -14.66
N ILE LA 211 27.87 -80.75 -14.40
CA ILE LA 211 27.72 -80.20 -13.06
C ILE LA 211 26.25 -80.24 -12.68
N LEU LA 212 25.97 -80.71 -11.46
CA LEU LA 212 24.62 -80.74 -10.91
C LEU LA 212 24.53 -79.80 -9.73
N TYR LA 213 23.34 -79.21 -9.56
CA TYR LA 213 23.13 -78.10 -8.64
C TYR LA 213 21.79 -78.30 -7.93
N GLY LA 214 21.68 -77.75 -6.72
CA GLY LA 214 20.38 -77.69 -6.10
C GLY LA 214 20.22 -77.83 -4.60
N HIS LA 215 21.26 -78.25 -3.89
CA HIS LA 215 21.14 -78.43 -2.46
C HIS LA 215 21.19 -77.10 -1.73
N HIS LA 216 20.55 -77.05 -0.56
CA HIS LA 216 20.60 -75.83 0.24
C HIS LA 216 21.84 -75.81 1.12
N ASP LA 217 22.13 -76.93 1.77
CA ASP LA 217 23.32 -77.08 2.60
C ASP LA 217 24.38 -77.87 1.85
N ILE LA 218 25.51 -78.08 2.50
CA ILE LA 218 26.64 -78.78 1.89
C ILE LA 218 26.29 -80.24 1.67
N VAL LA 219 26.64 -80.75 0.50
CA VAL LA 219 26.40 -82.16 0.17
C VAL LA 219 27.39 -83.01 0.97
N GLU LA 220 26.84 -83.82 1.88
CA GLU LA 220 27.68 -84.53 2.83
C GLU LA 220 28.21 -85.84 2.25
N ASP LA 221 27.36 -86.59 1.58
CA ASP LA 221 27.76 -87.88 1.02
C ASP LA 221 27.08 -88.10 -0.32
N ILE LA 222 27.72 -88.91 -1.15
CA ILE LA 222 27.21 -89.26 -2.47
C ILE LA 222 27.40 -90.76 -2.65
N SER LA 223 26.40 -91.41 -3.24
CA SER LA 223 26.47 -92.84 -3.52
C SER LA 223 26.13 -93.06 -4.99
N ALA LA 224 26.71 -94.11 -5.57
CA ALA LA 224 26.52 -94.42 -6.98
C ALA LA 224 26.25 -95.91 -7.14
N LEU LA 225 25.88 -96.28 -8.37
CA LEU LA 225 25.61 -97.65 -8.73
C LEU LA 225 26.01 -97.84 -10.19
N ALA LA 226 25.54 -98.94 -10.81
CA ALA LA 226 25.87 -99.18 -12.21
C ALA LA 226 25.08 -98.27 -13.14
N MET LA 227 23.82 -98.02 -12.83
CA MET LA 227 22.98 -97.17 -13.66
C MET LA 227 23.43 -95.72 -13.51
N GLU LA 228 23.28 -94.96 -14.59
CA GLU LA 228 23.73 -93.56 -14.62
C GLU LA 228 22.83 -92.66 -13.79
N ARG LA 229 22.83 -92.84 -12.47
CA ARG LA 229 22.08 -92.00 -11.56
C ARG LA 229 22.77 -92.06 -10.21
N CYS LA 230 22.54 -91.03 -9.42
CA CYS LA 230 23.15 -90.94 -8.09
C CYS LA 230 22.16 -90.30 -7.13
N VAL LA 231 22.43 -90.50 -5.85
CA VAL LA 231 21.71 -89.82 -4.79
C VAL LA 231 22.72 -89.06 -3.93
N THR LA 232 22.41 -87.80 -3.65
CA THR LA 232 23.24 -86.93 -2.83
C THR LA 232 22.38 -86.35 -1.73
N VAL LA 233 23.01 -86.03 -0.60
CA VAL LA 233 22.29 -85.60 0.58
C VAL LA 233 22.90 -84.32 1.13
N GLY LA 234 22.07 -83.30 1.33
CA GLY LA 234 22.48 -82.09 2.01
C GLY LA 234 22.09 -82.20 3.47
N ALA LA 235 22.91 -81.63 4.34
CA ALA LA 235 22.74 -81.89 5.78
C ALA LA 235 21.60 -81.06 6.36
N ARG LA 236 21.77 -79.74 6.44
CA ARG LA 236 20.89 -78.96 7.29
C ARG LA 236 19.52 -78.68 6.67
N ASP LA 237 19.37 -78.86 5.36
CA ASP LA 237 18.05 -78.83 4.76
C ASP LA 237 17.32 -80.15 4.88
N ARG LA 238 18.02 -81.22 5.28
CA ARG LA 238 17.50 -82.57 5.47
C ARG LA 238 16.83 -83.09 4.20
N THR LA 239 17.62 -83.10 3.12
CA THR LA 239 17.13 -83.46 1.79
C THR LA 239 17.92 -84.65 1.28
N ALA LA 240 17.21 -85.67 0.81
CA ALA LA 240 17.79 -86.74 0.02
C ALA LA 240 17.40 -86.48 -1.43
N MET LA 241 18.41 -86.36 -2.30
CA MET LA 241 18.19 -85.82 -3.64
C MET LA 241 18.76 -86.80 -4.64
N LEU LA 242 17.87 -87.45 -5.40
CA LEU LA 242 18.25 -88.40 -6.44
C LEU LA 242 18.27 -87.69 -7.79
N TRP LA 243 19.36 -87.90 -8.54
CA TRP LA 243 19.57 -87.19 -9.79
C TRP LA 243 19.72 -88.19 -10.92
N LYS LA 244 19.07 -87.90 -12.05
CA LYS LA 244 19.43 -88.53 -13.32
C LYS LA 244 20.45 -87.63 -14.00
N ILE LA 245 21.73 -88.00 -13.91
CA ILE LA 245 22.85 -87.22 -14.41
C ILE LA 245 22.80 -86.98 -15.93
N PRO LA 246 22.51 -87.96 -16.81
CA PRO LA 246 22.33 -87.58 -18.22
C PRO LA 246 21.07 -86.78 -18.50
N ASP LA 247 20.11 -86.74 -17.58
CA ASP LA 247 18.85 -86.07 -17.81
C ASP LA 247 18.72 -84.76 -17.04
N GLU LA 248 19.63 -84.50 -16.09
CA GLU LA 248 19.63 -83.29 -15.22
C GLU LA 248 18.31 -83.13 -14.48
N THR LA 249 17.79 -84.23 -13.94
CA THR LA 249 16.48 -84.26 -13.31
C THR LA 249 16.61 -84.70 -11.87
N ARG LA 250 16.06 -83.90 -10.96
CA ARG LA 250 16.19 -84.15 -9.53
C ARG LA 250 14.98 -84.88 -8.97
N LEU LA 251 15.17 -85.50 -7.81
CA LEU LA 251 14.11 -86.20 -7.09
C LEU LA 251 14.25 -85.85 -5.61
N THR LA 252 13.35 -85.03 -5.10
CA THR LA 252 13.40 -84.61 -3.71
C THR LA 252 12.86 -85.71 -2.79
N PHE LA 253 13.40 -85.74 -1.59
CA PHE LA 253 12.89 -86.63 -0.53
C PHE LA 253 12.96 -85.87 0.79
N ARG LA 254 11.80 -85.45 1.29
CA ARG LA 254 11.69 -84.76 2.56
C ARG LA 254 11.36 -85.76 3.66
N GLY LA 255 11.58 -85.35 4.89
CA GLY LA 255 11.35 -86.22 6.02
C GLY LA 255 9.94 -86.07 6.55
N GLY LA 256 9.80 -85.48 7.73
CA GLY LA 256 8.48 -85.25 8.27
C GLY LA 256 8.15 -86.12 9.45
N ASP LA 257 9.17 -86.50 10.23
CA ASP LA 257 8.96 -87.24 11.47
C ASP LA 257 8.44 -86.24 12.51
N GLU LA 258 7.12 -86.08 12.53
CA GLU LA 258 6.47 -85.11 13.41
C GLU LA 258 6.56 -85.57 14.86
N PRO LA 259 7.20 -84.80 15.74
CA PRO LA 259 7.50 -85.33 17.09
C PRO LA 259 6.27 -85.42 17.98
N GLN LA 260 5.36 -84.45 17.92
CA GLN LA 260 4.23 -84.43 18.83
C GLN LA 260 3.20 -85.50 18.47
N LYS LA 261 3.23 -86.01 17.25
CA LYS LA 261 2.38 -87.14 16.89
C LYS LA 261 3.08 -88.47 17.12
N LEU LA 262 4.41 -88.49 17.00
CA LEU LA 262 5.14 -89.75 17.21
C LEU LA 262 5.24 -90.08 18.69
N LEU LA 263 5.23 -89.07 19.57
CA LEU LA 263 5.11 -89.37 20.99
C LEU LA 263 3.67 -89.74 21.35
N ARG LA 264 2.70 -89.20 20.60
CA ARG LA 264 1.30 -89.49 20.86
C ARG LA 264 0.95 -90.94 20.54
N ARG LA 265 1.51 -91.47 19.45
CA ARG LA 265 1.24 -92.84 19.08
C ARG LA 265 1.96 -93.83 19.98
N TRP LA 266 3.04 -93.39 20.64
CA TRP LA 266 3.67 -94.26 21.64
C TRP LA 266 2.87 -94.28 22.93
N MET LA 267 2.32 -93.12 23.32
CA MET LA 267 1.54 -93.06 24.56
C MET LA 267 0.21 -93.79 24.43
N LYS LA 268 -0.39 -93.78 23.23
CA LYS LA 268 -1.60 -94.55 23.00
C LYS LA 268 -1.32 -96.04 22.78
N GLU LA 269 -0.06 -96.42 22.56
CA GLU LA 269 0.30 -97.83 22.45
C GLU LA 269 1.25 -98.22 23.58
N PRO LA 288 12.35 -93.63 24.40
CA PRO LA 288 11.17 -93.04 23.75
C PRO LA 288 11.30 -91.54 23.58
N LEU LA 289 12.52 -91.02 23.70
CA LEU LA 289 12.78 -89.61 23.45
C LEU LA 289 12.94 -89.41 21.94
N PHE LA 290 11.97 -88.74 21.32
CA PHE LA 290 11.94 -88.59 19.87
C PHE LA 290 12.76 -87.36 19.50
N PHE LA 291 14.05 -87.55 19.27
CA PHE LA 291 14.90 -86.46 18.83
C PHE LA 291 14.57 -86.10 17.39
N CYS LA 292 14.38 -84.80 17.15
CA CYS LA 292 14.15 -84.34 15.79
C CYS LA 292 15.45 -84.40 14.99
N GLU LA 293 15.35 -84.82 13.74
CA GLU LA 293 16.52 -84.83 12.88
C GLU LA 293 16.89 -83.41 12.48
N GLY LA 294 18.19 -83.14 12.46
CA GLY LA 294 18.68 -81.83 12.06
C GLY LA 294 19.49 -81.92 10.79
N SER LA 295 20.12 -83.07 10.59
CA SER LA 295 20.89 -83.32 9.39
C SER LA 295 20.67 -84.76 8.95
N ILE LA 296 21.00 -85.03 7.70
CA ILE LA 296 21.14 -86.39 7.21
C ILE LA 296 22.56 -86.47 6.65
N ASP LA 297 23.32 -87.48 7.07
CA ASP LA 297 24.76 -87.46 6.84
C ASP LA 297 25.19 -88.44 5.76
N VAL LA 298 24.88 -89.73 5.93
CA VAL LA 298 25.41 -90.80 5.10
C VAL LA 298 24.28 -91.42 4.30
N VAL LA 299 24.52 -91.69 3.03
CA VAL LA 299 23.52 -92.27 2.15
C VAL LA 299 24.15 -93.38 1.31
N SER LA 300 23.34 -94.40 1.01
CA SER LA 300 23.70 -95.47 0.08
C SER LA 300 22.41 -96.11 -0.40
N MET LA 301 22.45 -96.75 -1.56
CA MET LA 301 21.30 -97.51 -2.05
C MET LA 301 21.54 -99.00 -1.90
N VAL LA 302 20.59 -99.67 -1.27
CA VAL LA 302 20.58 -101.13 -1.25
C VAL LA 302 20.27 -101.73 -2.62
N ASP LA 303 19.38 -101.09 -3.38
CA ASP LA 303 19.07 -101.49 -4.74
C ASP LA 303 18.63 -100.25 -5.52
N ASP LA 304 18.09 -100.46 -6.72
CA ASP LA 304 17.57 -99.35 -7.49
C ASP LA 304 16.33 -98.74 -6.85
N PHE LA 305 15.46 -99.57 -6.29
CA PHE LA 305 14.16 -99.11 -5.81
C PHE LA 305 14.19 -98.58 -4.38
N HIS LA 306 15.24 -98.85 -3.61
CA HIS LA 306 15.30 -98.40 -2.22
C HIS LA 306 16.70 -97.93 -1.88
N PHE LA 307 16.76 -96.96 -0.96
CA PHE LA 307 18.03 -96.47 -0.44
C PHE LA 307 17.88 -96.14 1.03
N ILE LA 308 19.01 -96.17 1.75
CA ILE LA 308 19.04 -95.93 3.19
C ILE LA 308 19.74 -94.60 3.44
N THR LA 309 19.34 -93.93 4.52
CA THR LA 309 19.89 -92.63 4.89
C THR LA 309 20.30 -92.65 6.36
N GLY LA 310 21.40 -91.99 6.67
CA GLY LA 310 21.83 -91.83 8.05
C GLY LA 310 21.72 -90.40 8.52
N SER LA 311 20.89 -90.17 9.54
CA SER LA 311 20.67 -88.83 10.06
C SER LA 311 21.59 -88.56 11.25
N ASP LA 312 21.43 -87.41 11.90
CA ASP LA 312 22.22 -87.08 13.08
C ASP LA 312 21.34 -87.09 14.34
N ASN LA 313 20.40 -88.02 14.39
CA ASN LA 313 19.66 -88.29 15.62
C ASN LA 313 19.42 -89.79 15.77
N GLY LA 314 20.33 -90.60 15.22
CA GLY LA 314 20.18 -92.04 15.26
C GLY LA 314 19.21 -92.61 14.25
N ASN LA 315 18.66 -91.79 13.36
CA ASN LA 315 17.62 -92.23 12.45
C ASN LA 315 18.22 -92.95 11.26
N ILE LA 316 17.73 -94.16 10.98
CA ILE LA 316 18.07 -94.90 9.78
C ILE LA 316 16.78 -95.09 9.00
N CYS LA 317 16.63 -94.35 7.92
CA CYS LA 317 15.41 -94.37 7.13
C CYS LA 317 15.65 -95.10 5.82
N LEU LA 318 14.88 -96.15 5.59
CA LEU LA 318 14.87 -96.81 4.29
C LEU LA 318 13.79 -96.18 3.44
N TRP LA 319 14.17 -95.65 2.29
CA TRP LA 319 13.28 -94.88 1.43
C TRP LA 319 12.97 -95.66 0.18
N SER LA 320 11.69 -95.92 -0.07
CA SER LA 320 11.28 -96.37 -1.39
C SER LA 320 11.35 -95.21 -2.37
N LEU LA 321 11.70 -95.52 -3.61
CA LEU LA 321 11.70 -94.48 -4.63
C LEU LA 321 10.30 -94.06 -5.05
N ALA LA 322 9.29 -94.89 -4.80
CA ALA LA 322 7.92 -94.50 -5.08
C ALA LA 322 7.37 -93.56 -4.02
N LYS LA 323 7.83 -93.68 -2.78
CA LYS LA 323 7.26 -92.97 -1.66
C LYS LA 323 8.14 -91.79 -1.26
N LYS LA 324 7.56 -90.60 -1.20
CA LYS LA 324 8.27 -89.44 -0.67
C LYS LA 324 8.52 -89.57 0.82
N LYS LA 325 7.60 -90.19 1.54
CA LYS LA 325 7.79 -90.54 2.94
C LYS LA 325 8.70 -91.76 3.06
N PRO LA 326 9.40 -91.93 4.18
CA PRO LA 326 10.20 -93.16 4.36
C PRO LA 326 9.30 -94.37 4.52
N ILE LA 327 9.60 -95.43 3.77
CA ILE LA 327 8.81 -96.65 3.86
C ILE LA 327 9.14 -97.42 5.13
N PHE LA 328 10.29 -97.16 5.75
CA PHE LA 328 10.63 -97.76 7.04
C PHE LA 328 11.39 -96.73 7.85
N THR LA 329 10.85 -96.37 9.01
CA THR LA 329 11.50 -95.42 9.89
C THR LA 329 12.06 -96.14 11.12
N GLU LA 330 13.31 -95.88 11.41
CA GLU LA 330 13.98 -96.44 12.60
C GLU LA 330 14.49 -95.29 13.45
N ARG LA 331 14.24 -95.38 14.76
CA ARG LA 331 14.78 -94.44 15.73
C ARG LA 331 16.22 -94.81 16.10
N ILE LA 332 16.71 -94.27 17.22
CA ILE LA 332 18.11 -94.27 17.66
C ILE LA 332 18.75 -95.66 17.61
N ALA LA 333 19.82 -95.78 16.82
CA ALA LA 333 20.44 -97.07 16.57
C ALA LA 333 21.57 -97.35 17.54
N HIS LA 334 22.48 -96.38 17.72
CA HIS LA 334 23.59 -96.52 18.66
C HIS LA 334 23.29 -95.89 20.01
N GLY LA 335 22.01 -95.81 20.38
CA GLY LA 335 21.62 -95.34 21.69
C GLY LA 335 21.84 -93.84 21.86
N ILE LA 336 21.85 -93.43 23.12
CA ILE LA 336 22.09 -92.06 23.48
C ILE LA 336 23.52 -91.93 24.01
N LEU LA 337 24.02 -90.70 24.01
CA LEU LA 337 25.35 -90.43 24.51
C LEU LA 337 25.38 -90.62 26.03
N PRO LA 338 26.55 -90.93 26.59
CA PRO LA 338 26.68 -90.93 28.05
C PRO LA 338 26.42 -89.56 28.64
N GLU LA 339 25.88 -89.57 29.85
CA GLU LA 339 25.53 -88.33 30.53
C GLU LA 339 26.80 -87.54 30.88
N PRO LA 340 26.76 -86.21 30.79
CA PRO LA 340 27.90 -85.41 31.25
C PRO LA 340 28.12 -85.59 32.75
N SER LA 341 29.38 -85.48 33.15
CA SER LA 341 29.77 -85.76 34.52
C SER LA 341 29.19 -84.72 35.48
N PHE LA 342 28.80 -85.19 36.66
CA PHE LA 342 28.10 -84.33 37.61
C PHE LA 342 29.02 -83.27 38.18
N ASN LA 343 30.29 -83.60 38.37
CA ASN LA 343 31.24 -82.62 38.89
C ASN LA 343 31.90 -81.81 37.78
N ASP LA 344 31.71 -82.20 36.52
CA ASP LA 344 32.30 -81.47 35.40
C ASP LA 344 31.35 -80.47 34.77
N ILE LA 345 30.04 -80.62 35.00
CA ILE LA 345 29.07 -79.59 34.66
C ILE LA 345 28.74 -78.71 35.87
N SER LA 346 29.29 -79.04 37.03
CA SER LA 346 28.88 -78.49 38.32
C SER LA 346 29.10 -76.99 38.51
N GLY LA 347 30.36 -76.57 38.59
CA GLY LA 347 30.67 -75.23 39.06
C GLY LA 347 30.25 -74.95 40.48
N GLU LA 348 30.01 -75.98 41.29
CA GLU LA 348 29.43 -75.82 42.61
C GLU LA 348 29.82 -77.02 43.46
N THR LA 349 29.69 -76.87 44.78
CA THR LA 349 30.19 -77.88 45.69
C THR LA 349 29.10 -78.82 46.21
N ASP LA 350 27.82 -78.55 45.96
CA ASP LA 350 26.73 -79.37 46.47
C ASP LA 350 26.34 -80.40 45.42
N GLU LA 351 26.43 -81.68 45.79
CA GLU LA 351 26.27 -82.77 44.83
C GLU LA 351 24.83 -82.88 44.33
N GLU LA 352 23.86 -82.67 45.23
CA GLU LA 352 22.46 -82.81 44.82
C GLU LA 352 22.02 -81.68 43.91
N LEU LA 353 22.70 -80.53 43.97
CA LEU LA 353 22.43 -79.48 42.99
C LEU LA 353 23.04 -79.82 41.64
N ARG LA 354 24.12 -80.59 41.62
CA ARG LA 354 24.66 -81.09 40.35
C ARG LA 354 23.74 -82.14 39.75
N LYS LA 355 23.02 -82.90 40.57
CA LYS LA 355 21.99 -83.80 40.06
C LYS LA 355 20.83 -83.01 39.48
N ARG LA 356 20.51 -81.87 40.08
CA ARG LA 356 19.57 -80.93 39.46
C ARG LA 356 20.20 -80.18 38.31
N GLN LA 357 21.52 -80.20 38.20
CA GLN LA 357 22.22 -79.64 37.06
C GLN LA 357 22.43 -80.66 35.94
N LEU LA 358 21.84 -81.85 36.05
CA LEU LA 358 21.88 -82.81 34.95
C LEU LA 358 20.59 -82.80 34.16
N GLN LA 359 19.49 -82.36 34.78
CA GLN LA 359 18.16 -82.18 34.21
C GLN LA 359 17.51 -83.46 33.69
N GLY LA 360 18.05 -84.63 34.05
CA GLY LA 360 17.42 -85.88 33.70
C GLY LA 360 17.50 -86.19 32.22
N LYS LA 361 16.34 -86.50 31.64
CA LYS LA 361 16.27 -86.94 30.25
C LYS LA 361 16.34 -85.79 29.25
N LYS LA 362 16.22 -84.55 29.71
CA LYS LA 362 16.16 -83.41 28.79
C LYS LA 362 17.51 -83.15 28.14
N LEU LA 363 18.58 -83.24 28.91
CA LEU LA 363 19.92 -82.94 28.40
C LEU LA 363 20.55 -84.15 27.72
N LEU LA 364 19.88 -85.31 27.73
CA LEU LA 364 20.42 -86.51 27.09
C LEU LA 364 20.39 -86.36 25.58
N GLN LA 365 21.51 -86.66 24.94
CA GLN LA 365 21.66 -86.48 23.50
C GLN LA 365 21.92 -87.83 22.84
N PRO LA 366 21.43 -88.04 21.63
CA PRO LA 366 21.62 -89.34 20.97
C PRO LA 366 22.99 -89.47 20.32
N PHE LA 367 23.37 -90.72 20.05
CA PHE LA 367 24.49 -90.99 19.19
C PHE LA 367 24.08 -90.79 17.74
N TRP LA 368 25.02 -90.28 16.93
CA TRP LA 368 24.69 -89.85 15.59
C TRP LA 368 25.31 -90.79 14.56
N ILE LA 369 24.61 -90.97 13.44
CA ILE LA 369 25.04 -91.90 12.40
C ILE LA 369 26.10 -91.20 11.56
N THR LA 370 27.37 -91.47 11.86
CA THR LA 370 28.44 -90.91 11.03
C THR LA 370 28.89 -91.88 9.94
N SER LA 371 28.39 -93.12 9.95
CA SER LA 371 28.74 -94.10 8.93
C SER LA 371 27.57 -95.03 8.68
N LEU LA 372 27.26 -95.27 7.42
CA LEU LA 372 26.17 -96.18 7.04
C LEU LA 372 26.46 -96.68 5.62
N TYR LA 373 26.95 -97.91 5.51
CA TYR LA 373 27.31 -98.48 4.23
C TYR LA 373 26.52 -99.76 3.97
N ALA LA 374 26.12 -99.95 2.72
CA ALA LA 374 25.38 -101.14 2.29
C ALA LA 374 26.18 -101.89 1.23
N ILE LA 375 26.23 -103.21 1.38
CA ILE LA 375 26.67 -104.08 0.29
C ILE LA 375 25.64 -104.03 -0.82
N PRO LA 376 26.03 -103.83 -2.09
CA PRO LA 376 25.05 -103.68 -3.17
C PRO LA 376 24.30 -104.98 -3.45
N TYR LA 377 22.98 -104.82 -3.69
CA TYR LA 377 22.06 -105.90 -4.06
C TYR LA 377 22.05 -107.02 -3.01
N SER LA 378 22.12 -106.62 -1.74
CA SER LA 378 22.12 -107.58 -0.64
C SER LA 378 20.99 -107.24 0.33
N ASN LA 379 20.92 -107.95 1.45
CA ASN LA 379 19.91 -107.67 2.47
C ASN LA 379 20.49 -106.98 3.70
N VAL LA 380 21.80 -106.93 3.84
CA VAL LA 380 22.44 -106.46 5.06
C VAL LA 380 23.18 -105.15 4.76
N PHE LA 381 23.10 -104.22 5.70
CA PHE LA 381 23.93 -103.02 5.68
C PHE LA 381 24.52 -102.81 7.06
N ILE LA 382 25.65 -102.12 7.11
CA ILE LA 382 26.41 -101.91 8.34
C ILE LA 382 26.30 -100.44 8.72
N SER LA 383 25.85 -100.19 9.95
CA SER LA 383 25.82 -98.85 10.52
C SER LA 383 26.96 -98.70 11.53
N GLY LA 384 27.39 -97.46 11.73
CA GLY LA 384 28.49 -97.19 12.63
C GLY LA 384 28.40 -95.81 13.23
N SER LA 385 29.04 -95.65 14.38
CA SER LA 385 29.11 -94.38 15.09
C SER LA 385 30.34 -94.42 15.99
N TRP LA 386 30.46 -93.47 16.92
CA TRP LA 386 31.56 -93.47 17.87
C TRP LA 386 31.18 -94.14 19.19
N SER LA 387 30.28 -95.11 19.14
CA SER LA 387 30.05 -96.04 20.24
C SER LA 387 31.01 -97.23 20.19
N GLY LA 388 31.85 -97.32 19.17
CA GLY LA 388 32.67 -98.50 18.97
C GLY LA 388 31.90 -99.70 18.50
N SER LA 389 30.74 -99.49 17.88
CA SER LA 389 29.85 -100.57 17.48
C SER LA 389 29.59 -100.51 15.98
N LEU LA 390 29.64 -101.67 15.33
CA LEU LA 390 29.29 -101.81 13.92
C LEU LA 390 28.05 -102.71 13.87
N LYS LA 391 26.89 -102.10 13.65
CA LYS LA 391 25.61 -102.80 13.71
C LYS LA 391 25.16 -103.22 12.32
N VAL LA 392 24.77 -104.48 12.19
CA VAL LA 392 24.36 -105.07 10.92
C VAL LA 392 22.85 -105.28 10.94
N TRP LA 393 22.20 -104.98 9.82
CA TRP LA 393 20.75 -104.96 9.75
C TRP LA 393 20.27 -105.68 8.50
N LYS LA 394 19.53 -106.77 8.68
CA LYS LA 394 19.04 -107.57 7.57
C LYS LA 394 17.61 -107.16 7.24
N ILE LA 395 17.38 -106.79 5.98
CA ILE LA 395 16.07 -106.34 5.54
C ILE LA 395 15.18 -107.55 5.27
N SER LA 396 13.88 -107.28 5.14
CA SER LA 396 12.93 -108.33 4.81
C SER LA 396 12.97 -108.64 3.31
N ASP LA 397 12.37 -109.77 2.95
CA ASP LA 397 12.27 -110.15 1.54
C ASP LA 397 11.28 -109.27 0.79
N ASN LA 398 10.29 -108.70 1.49
CA ASN LA 398 9.39 -107.73 0.89
C ASN LA 398 10.00 -106.34 0.82
N LEU LA 399 11.17 -106.14 1.43
CA LEU LA 399 11.95 -104.89 1.38
C LEU LA 399 11.16 -103.72 1.98
N ARG LA 400 10.62 -103.93 3.17
CA ARG LA 400 9.91 -102.89 3.89
C ARG LA 400 10.33 -102.75 5.35
N SER LA 401 11.19 -103.62 5.87
CA SER LA 401 11.61 -103.56 7.26
C SER LA 401 12.92 -104.31 7.43
N PHE LA 402 13.81 -103.76 8.25
CA PHE LA 402 15.02 -104.46 8.65
C PHE LA 402 15.06 -104.61 10.18
N GLU LA 403 15.77 -105.64 10.62
CA GLU LA 403 15.99 -105.89 12.04
C GLU LA 403 17.47 -105.99 12.31
N LEU LA 404 17.86 -105.68 13.55
CA LEU LA 404 19.26 -105.66 13.94
C LEU LA 404 19.74 -107.10 14.10
N LEU LA 405 20.75 -107.49 13.32
CA LEU LA 405 21.33 -108.81 13.49
C LEU LA 405 22.22 -108.87 14.73
N GLY LA 406 23.03 -107.85 14.95
CA GLY LA 406 23.91 -107.83 16.09
C GLY LA 406 24.96 -106.74 15.96
N GLU LA 407 25.94 -106.80 16.86
CA GLU LA 407 26.96 -105.78 16.99
C GLU LA 407 28.34 -106.37 16.73
N LEU LA 408 29.15 -105.65 15.96
CA LEU LA 408 30.56 -105.98 15.75
C LEU LA 408 31.39 -104.93 16.49
N SER LA 409 31.93 -105.32 17.65
CA SER LA 409 32.61 -104.39 18.54
C SER LA 409 34.10 -104.69 18.63
N GLY LA 410 34.70 -105.15 17.53
CA GLY LA 410 36.13 -105.46 17.55
C GLY LA 410 37.03 -104.24 17.55
N ALA LA 411 36.49 -103.06 17.23
CA ALA LA 411 37.25 -101.82 17.30
C ALA LA 411 36.39 -100.77 17.99
N LYS LA 412 37.05 -99.83 18.68
CA LYS LA 412 36.38 -98.79 19.44
C LYS LA 412 36.89 -97.44 19.00
N GLY LA 413 35.97 -96.53 18.68
CA GLY LA 413 36.33 -95.19 18.30
C GLY LA 413 35.34 -94.64 17.28
N VAL LA 414 35.72 -93.53 16.67
CA VAL LA 414 34.88 -92.83 15.70
C VAL LA 414 35.14 -93.47 14.34
N VAL LA 415 34.23 -94.33 13.90
CA VAL LA 415 34.32 -94.94 12.58
C VAL LA 415 33.90 -93.90 11.54
N THR LA 416 34.55 -93.91 10.39
CA THR LA 416 34.27 -92.92 9.35
C THR LA 416 33.70 -93.54 8.08
N LYS LA 417 34.38 -94.54 7.51
CA LYS LA 417 33.92 -95.18 6.30
C LYS LA 417 33.95 -96.70 6.48
N ILE LA 418 32.95 -97.37 5.93
CA ILE LA 418 32.84 -98.82 5.99
C ILE LA 418 32.94 -99.38 4.58
N GLN LA 419 33.81 -100.37 4.41
CA GLN LA 419 34.03 -101.02 3.12
C GLN LA 419 33.92 -102.52 3.27
N VAL LA 420 33.37 -103.17 2.24
CA VAL LA 420 33.17 -104.61 2.25
C VAL LA 420 33.89 -105.24 1.07
N VAL LA 421 34.27 -106.50 1.23
CA VAL LA 421 34.80 -107.35 0.17
C VAL LA 421 34.22 -108.74 0.38
N GLU LA 422 33.59 -109.31 -0.65
CA GLU LA 422 33.24 -110.71 -0.64
C GLU LA 422 34.10 -111.45 -1.66
N SER LA 423 34.29 -112.74 -1.41
CA SER LA 423 35.13 -113.57 -2.28
C SER LA 423 34.71 -115.02 -2.14
N GLY LA 424 34.95 -115.78 -3.21
CA GLY LA 424 34.66 -117.20 -3.18
C GLY LA 424 33.73 -117.65 -4.29
N LYS LA 425 32.88 -118.63 -3.99
CA LYS LA 425 31.97 -119.21 -4.95
C LYS LA 425 30.64 -118.44 -4.92
N HIS LA 426 29.62 -119.03 -5.55
CA HIS LA 426 28.29 -118.42 -5.58
C HIS LA 426 27.65 -118.41 -4.20
N GLY LA 427 27.68 -119.55 -3.51
CA GLY LA 427 27.09 -119.64 -2.19
C GLY LA 427 28.09 -119.50 -1.07
N LYS LA 428 29.21 -120.21 -1.19
CA LYS LA 428 30.26 -120.18 -0.17
C LYS LA 428 31.07 -118.91 -0.38
N GLU LA 429 30.72 -117.86 0.36
CA GLU LA 429 31.33 -116.54 0.17
C GLU LA 429 32.01 -116.10 1.47
N LYS LA 430 33.33 -116.10 1.47
CA LYS LA 430 34.08 -115.45 2.53
C LYS LA 430 33.94 -113.93 2.38
N PHE LA 431 33.92 -113.24 3.50
CA PHE LA 431 33.71 -111.80 3.51
C PHE LA 431 34.88 -111.11 4.20
N ARG LA 432 35.24 -109.92 3.72
CA ARG LA 432 36.22 -109.08 4.37
C ARG LA 432 35.60 -107.69 4.54
N ILE LA 433 35.57 -107.21 5.77
CA ILE LA 433 34.93 -105.94 6.10
C ILE LA 433 36.00 -104.96 6.54
N LEU LA 434 36.02 -103.79 5.92
CA LEU LA 434 36.99 -102.75 6.23
C LEU LA 434 36.26 -101.57 6.85
N ALA LA 435 36.71 -101.11 8.01
CA ALA LA 435 36.15 -99.94 8.68
C ALA LA 435 37.29 -99.06 9.18
N SER LA 436 37.16 -97.75 8.97
CA SER LA 436 38.21 -96.79 9.29
C SER LA 436 37.86 -96.10 10.60
N ILE LA 437 38.56 -96.47 11.66
CA ILE LA 437 38.36 -95.91 12.99
C ILE LA 437 39.26 -94.69 13.15
N ALA LA 438 38.67 -93.57 13.58
CA ALA LA 438 39.41 -92.32 13.73
C ALA LA 438 39.23 -91.79 15.15
N LYS LA 439 40.06 -90.81 15.51
CA LYS LA 439 39.97 -90.19 16.83
C LYS LA 439 38.89 -89.13 16.91
N GLU LA 440 38.39 -88.64 15.78
CA GLU LA 440 37.38 -87.59 15.77
C GLU LA 440 36.61 -87.67 14.46
N HIS LA 441 35.75 -86.68 14.22
CA HIS LA 441 34.92 -86.64 13.02
C HIS LA 441 35.77 -86.31 11.80
N ARG LA 442 35.21 -86.59 10.62
CA ARG LA 442 35.92 -86.37 9.37
C ARG LA 442 36.09 -84.88 9.08
N LEU LA 443 35.04 -84.09 9.27
CA LEU LA 443 35.02 -82.71 8.83
C LEU LA 443 35.49 -81.72 9.89
N GLY LA 444 35.88 -82.21 11.07
CA GLY LA 444 36.30 -81.31 12.13
C GLY LA 444 36.69 -82.09 13.36
N ARG LA 445 36.96 -81.35 14.45
CA ARG LA 445 37.33 -82.05 15.68
C ARG LA 445 36.10 -82.58 16.39
N TRP LA 446 35.28 -81.66 16.94
CA TRP LA 446 33.94 -81.91 17.49
C TRP LA 446 33.86 -83.08 18.48
N ILE LA 447 34.92 -83.37 19.22
CA ILE LA 447 34.98 -84.61 19.98
C ILE LA 447 35.19 -84.29 21.45
N ALA LA 448 34.73 -85.19 22.30
CA ALA LA 448 34.87 -85.10 23.75
C ALA LA 448 34.69 -86.48 24.35
N ASN LA 449 35.36 -86.71 25.48
CA ASN LA 449 35.34 -87.91 26.33
C ASN LA 449 35.40 -89.25 25.58
N VAL LA 450 36.12 -89.29 24.46
CA VAL LA 450 36.21 -90.52 23.67
C VAL LA 450 37.28 -91.42 24.30
N SER LA 451 36.92 -92.67 24.53
CA SER LA 451 37.79 -93.62 25.23
C SER LA 451 38.31 -94.66 24.25
N GLY LA 452 39.61 -94.89 24.29
CA GLY LA 452 40.23 -95.91 23.44
C GLY LA 452 40.17 -95.62 21.96
N ALA LA 453 40.42 -94.37 21.57
CA ALA LA 453 40.33 -93.96 20.17
C ALA LA 453 41.62 -94.37 19.46
N ARG LA 454 41.64 -95.61 18.99
CA ARG LA 454 42.78 -96.16 18.27
C ARG LA 454 42.54 -95.98 16.77
N ASN LA 455 43.37 -95.15 16.14
CA ASN LA 455 43.26 -94.96 14.70
C ASN LA 455 43.75 -96.19 13.96
N GLY LA 456 43.10 -96.49 12.86
CA GLY LA 456 43.52 -97.61 12.05
C GLY LA 456 42.35 -98.16 11.25
N ILE LA 457 42.51 -99.41 10.83
CA ILE LA 457 41.56 -100.07 9.95
C ILE LA 457 40.97 -101.25 10.72
N TYR LA 458 39.65 -101.26 10.87
CA TYR LA 458 38.98 -102.37 11.50
C TYR LA 458 38.69 -103.45 10.46
N SER LA 459 39.19 -104.66 10.72
CA SER LA 459 39.03 -105.77 9.80
C SER LA 459 38.13 -106.83 10.43
N ALA LA 460 37.04 -107.16 9.73
CA ALA LA 460 36.13 -108.22 10.16
C ALA LA 460 35.99 -109.21 9.02
N VAL LA 461 36.18 -110.49 9.34
CA VAL LA 461 36.13 -111.56 8.34
C VAL LA 461 35.01 -112.51 8.71
N ILE LA 462 33.98 -112.56 7.87
CA ILE LA 462 32.78 -113.36 8.11
C ILE LA 462 32.71 -114.44 7.04
N ASP LA 463 32.33 -115.65 7.44
CA ASP LA 463 32.26 -116.79 6.54
C ASP LA 463 30.82 -117.16 6.24
N GLN LA 464 30.65 -117.90 5.13
CA GLN LA 464 29.36 -118.37 4.59
C GLN LA 464 28.36 -117.24 4.36
N LYS MA 1 14.82 5.58 -73.72
CA LYS MA 1 14.85 6.78 -74.54
C LYS MA 1 14.80 6.40 -76.01
N TYR MA 2 15.02 5.10 -76.27
CA TYR MA 2 14.92 4.60 -77.64
C TYR MA 2 13.49 4.59 -78.12
N THR MA 3 12.53 4.48 -77.21
CA THR MA 3 11.13 4.75 -77.54
C THR MA 3 10.96 6.25 -77.74
N THR MA 4 10.64 6.65 -78.97
CA THR MA 4 10.64 8.06 -79.33
C THR MA 4 9.24 8.49 -79.75
N PHE MA 5 8.76 9.58 -79.17
CA PHE MA 5 7.47 10.16 -79.51
C PHE MA 5 7.66 11.55 -80.08
N GLN MA 6 6.66 12.01 -80.82
CA GLN MA 6 6.72 13.28 -81.52
C GLN MA 6 5.49 14.11 -81.18
N GLY MA 7 5.71 15.41 -80.93
CA GLY MA 7 4.63 16.33 -80.67
C GLY MA 7 4.16 16.28 -79.22
N SER MA 8 3.29 17.24 -78.89
CA SER MA 8 2.72 17.35 -77.55
C SER MA 8 1.39 16.64 -77.43
N GLN MA 9 0.98 15.90 -78.45
CA GLN MA 9 -0.27 15.16 -78.39
C GLN MA 9 -0.13 13.97 -77.45
N ASN MA 10 -1.22 13.71 -76.69
CA ASN MA 10 -1.33 12.72 -75.60
C ASN MA 10 -0.07 12.63 -74.74
N PHE MA 11 0.35 13.79 -74.24
CA PHE MA 11 1.60 13.89 -73.49
C PHE MA 11 1.47 13.27 -72.10
N ARG MA 12 0.32 13.48 -71.44
CA ARG MA 12 0.14 12.89 -70.11
C ARG MA 12 -0.09 11.38 -70.19
N LEU MA 13 -0.59 10.89 -71.32
CA LEU MA 13 -0.70 9.45 -71.50
C LEU MA 13 0.67 8.81 -71.66
N ARG MA 14 1.54 9.44 -72.45
CA ARG MA 14 2.85 8.89 -72.74
C ARG MA 14 3.73 8.87 -71.50
N ILE MA 15 3.59 9.88 -70.63
CA ILE MA 15 4.34 9.90 -69.38
C ILE MA 15 3.83 8.82 -68.44
N VAL MA 16 2.52 8.73 -68.28
CA VAL MA 16 1.96 7.84 -67.27
C VAL MA 16 2.00 6.38 -67.73
N LEU MA 17 2.09 6.13 -69.04
CA LEU MA 17 2.30 4.76 -69.49
C LEU MA 17 3.73 4.34 -69.25
N ALA MA 18 4.69 5.22 -69.52
CA ALA MA 18 6.10 4.92 -69.27
C ALA MA 18 6.41 4.80 -67.79
N THR MA 19 5.65 5.52 -66.95
CA THR MA 19 5.75 5.32 -65.50
C THR MA 19 5.29 3.93 -65.12
N LEU MA 20 4.25 3.43 -65.78
CA LEU MA 20 3.84 2.04 -65.56
C LEU MA 20 4.75 1.07 -66.28
N SER MA 21 5.27 1.45 -67.46
CA SER MA 21 6.11 0.55 -68.23
C SER MA 21 7.48 0.36 -67.61
N GLY MA 22 8.10 1.44 -67.16
CA GLY MA 22 9.48 1.41 -66.74
C GLY MA 22 10.48 1.63 -67.85
N LYS MA 23 10.05 1.56 -69.10
CA LYS MA 23 10.94 1.87 -70.22
C LYS MA 23 11.11 3.38 -70.33
N PRO MA 24 12.34 3.87 -70.41
CA PRO MA 24 12.54 5.31 -70.60
C PRO MA 24 12.10 5.75 -71.99
N ILE MA 25 11.58 6.99 -72.05
CA ILE MA 25 11.03 7.53 -73.27
C ILE MA 25 11.73 8.85 -73.58
N LYS MA 26 11.61 9.26 -74.84
CA LYS MA 26 12.19 10.50 -75.32
C LYS MA 26 11.18 11.18 -76.24
N ILE MA 27 10.89 12.45 -75.96
CA ILE MA 27 9.93 13.22 -76.74
C ILE MA 27 10.68 14.30 -77.50
N GLU MA 28 10.45 14.37 -78.80
CA GLU MA 28 11.14 15.31 -79.68
C GLU MA 28 10.12 16.06 -80.51
N LYS MA 29 10.53 17.26 -80.96
CA LYS MA 29 9.74 18.14 -81.84
C LYS MA 29 8.40 18.51 -81.21
N ILE MA 30 8.44 18.95 -79.96
CA ILE MA 30 7.25 19.46 -79.29
C ILE MA 30 6.93 20.85 -79.83
N ARG MA 31 5.91 20.93 -80.69
CA ARG MA 31 5.46 22.16 -81.35
C ARG MA 31 6.59 22.82 -82.13
N SER MA 32 7.09 22.09 -83.13
CA SER MA 32 8.21 22.58 -83.93
C SER MA 32 7.81 23.69 -84.88
N GLY MA 33 6.52 23.87 -85.15
CA GLY MA 33 6.06 24.91 -86.05
C GLY MA 33 5.60 26.16 -85.31
N ASP MA 34 6.02 26.32 -84.06
CA ASP MA 34 5.59 27.44 -83.24
C ASP MA 34 6.80 28.28 -82.83
N LEU MA 35 6.61 29.60 -82.86
CA LEU MA 35 7.65 30.53 -82.43
C LEU MA 35 7.85 30.50 -80.92
N ASN MA 36 6.90 29.97 -80.17
CA ASN MA 36 7.07 29.66 -78.75
C ASN MA 36 7.04 28.14 -78.59
N PRO MA 37 8.10 27.44 -78.97
CA PRO MA 37 8.04 25.98 -79.09
C PRO MA 37 8.28 25.30 -77.75
N GLY MA 38 8.31 23.97 -77.80
CA GLY MA 38 8.68 23.19 -76.64
C GLY MA 38 7.56 23.06 -75.62
N LEU MA 39 7.98 22.79 -74.39
CA LEU MA 39 7.03 22.61 -73.30
C LEU MA 39 6.42 23.94 -72.89
N LYS MA 40 5.13 23.92 -72.57
CA LYS MA 40 4.49 25.06 -71.96
C LYS MA 40 4.71 25.03 -70.44
N ASP MA 41 4.09 25.98 -69.75
CA ASP MA 41 4.31 26.09 -68.30
C ASP MA 41 3.60 24.98 -67.54
N TYR MA 42 2.41 24.58 -68.00
CA TYR MA 42 1.65 23.57 -67.28
C TYR MA 42 2.23 22.17 -67.49
N GLU MA 43 2.82 21.91 -68.66
CA GLU MA 43 3.39 20.59 -68.93
C GLU MA 43 4.67 20.38 -68.14
N VAL MA 44 5.37 21.46 -67.83
CA VAL MA 44 6.52 21.37 -66.94
C VAL MA 44 6.08 21.02 -65.53
N SER MA 45 5.02 21.68 -65.05
CA SER MA 45 4.52 21.45 -63.70
C SER MA 45 3.91 20.07 -63.52
N PHE MA 46 3.37 19.50 -64.60
CA PHE MA 46 2.94 18.11 -64.56
C PHE MA 46 4.15 17.18 -64.43
N LEU MA 47 5.25 17.52 -65.10
CA LEU MA 47 6.48 16.76 -64.94
C LEU MA 47 7.09 16.96 -63.56
N ARG MA 48 6.83 18.12 -62.93
CA ARG MA 48 7.21 18.30 -61.54
C ARG MA 48 6.36 17.40 -60.63
N LEU MA 49 5.12 17.15 -61.02
CA LEU MA 49 4.23 16.36 -60.19
C LEU MA 49 4.60 14.88 -60.24
N ILE MA 50 4.95 14.38 -61.42
CA ILE MA 50 5.39 12.99 -61.56
C ILE MA 50 6.73 12.80 -60.85
N GLU MA 51 7.61 13.81 -60.93
CA GLU MA 51 8.88 13.77 -60.21
C GLU MA 51 8.68 13.78 -58.70
N SER MA 52 7.63 14.46 -58.22
CA SER MA 52 7.38 14.52 -56.79
C SER MA 52 6.85 13.19 -56.25
N VAL MA 53 5.94 12.55 -56.98
CA VAL MA 53 5.32 11.34 -56.46
C VAL MA 53 6.12 10.08 -56.73
N THR MA 54 7.11 10.13 -57.63
CA THR MA 54 7.94 8.98 -57.96
C THR MA 54 9.38 9.29 -57.63
N ASN MA 55 9.99 8.47 -56.78
CA ASN MA 55 11.41 8.57 -56.51
C ASN MA 55 12.20 7.73 -57.52
N GLY MA 56 13.42 8.16 -57.79
CA GLY MA 56 14.24 7.53 -58.80
C GLY MA 56 13.99 8.00 -60.21
N SER MA 57 12.99 8.85 -60.42
CA SER MA 57 12.73 9.37 -61.75
C SER MA 57 13.70 10.48 -62.09
N VAL MA 58 14.20 10.48 -63.33
CA VAL MA 58 15.12 11.50 -63.82
C VAL MA 58 14.53 12.07 -65.10
N ILE MA 59 14.18 13.36 -65.07
CA ILE MA 59 13.57 14.04 -66.20
C ILE MA 59 14.48 15.17 -66.64
N GLU MA 60 14.79 15.22 -67.94
CA GLU MA 60 15.67 16.24 -68.49
C GLU MA 60 14.96 16.97 -69.62
N ILE MA 61 15.11 18.30 -69.63
CA ILE MA 61 14.65 19.15 -70.71
C ILE MA 61 15.84 19.91 -71.27
N SER MA 62 15.94 19.97 -72.60
CA SER MA 62 17.03 20.68 -73.25
C SER MA 62 16.80 22.19 -73.19
N TYR MA 63 17.69 22.94 -73.86
CA TYR MA 63 17.62 24.39 -73.78
C TYR MA 63 16.46 24.95 -74.60
N THR MA 64 16.07 24.28 -75.67
CA THR MA 64 14.96 24.75 -76.49
C THR MA 64 13.61 24.34 -75.95
N GLY MA 65 13.58 23.35 -75.05
CA GLY MA 65 12.34 22.86 -74.50
C GLY MA 65 11.63 21.81 -75.32
N THR MA 66 12.07 21.57 -76.56
CA THR MA 66 11.42 20.60 -77.44
C THR MA 66 11.93 19.18 -77.23
N THR MA 67 12.89 18.98 -76.33
CA THR MA 67 13.45 17.67 -76.03
C THR MA 67 13.12 17.31 -74.59
N VAL MA 68 12.45 16.18 -74.39
CA VAL MA 68 12.11 15.70 -73.06
C VAL MA 68 12.60 14.26 -72.95
N ILE MA 69 13.47 14.01 -71.98
CA ILE MA 69 13.98 12.67 -71.69
C ILE MA 69 13.46 12.29 -70.32
N TYR MA 70 12.76 11.16 -70.23
CA TYR MA 70 12.12 10.73 -69.01
C TYR MA 70 12.59 9.32 -68.67
N ARG MA 71 13.38 9.19 -67.60
CA ARG MA 71 13.81 7.89 -67.10
C ARG MA 71 13.02 7.57 -65.84
N PRO MA 72 12.04 6.68 -65.90
CA PRO MA 72 11.18 6.43 -64.74
C PRO MA 72 11.89 5.67 -63.64
N GLY MA 73 11.38 5.85 -62.42
CA GLY MA 73 11.82 5.08 -61.27
C GLY MA 73 10.63 4.35 -60.66
N ILE MA 74 10.72 4.03 -59.37
CA ILE MA 74 9.62 3.36 -58.69
C ILE MA 74 8.59 4.42 -58.30
N ILE MA 75 7.39 3.96 -57.91
CA ILE MA 75 6.28 4.85 -57.60
C ILE MA 75 6.12 4.83 -56.08
N VAL MA 76 6.50 5.91 -55.43
CA VAL MA 76 6.45 5.96 -53.96
C VAL MA 76 5.15 6.60 -53.52
N GLY MA 77 4.96 7.87 -53.87
CA GLY MA 77 3.79 8.60 -53.43
C GLY MA 77 3.91 9.05 -51.99
N GLY MA 78 2.86 9.70 -51.52
CA GLY MA 78 2.87 10.18 -50.15
C GLY MA 78 1.88 11.31 -49.95
N ALA MA 79 2.19 12.16 -48.97
CA ALA MA 79 1.32 13.27 -48.58
C ALA MA 79 2.05 14.57 -48.89
N SER MA 80 1.82 15.10 -50.08
CA SER MA 80 2.44 16.34 -50.52
C SER MA 80 1.41 17.22 -51.19
N THR MA 81 1.64 18.52 -51.15
CA THR MA 81 0.78 19.49 -51.81
C THR MA 81 1.25 19.69 -53.25
N HIS MA 82 0.50 20.52 -53.97
CA HIS MA 82 0.84 20.81 -55.36
C HIS MA 82 0.28 22.17 -55.75
N ILE MA 83 0.97 22.83 -56.68
CA ILE MA 83 0.60 24.17 -57.14
C ILE MA 83 0.28 24.04 -58.63
N CYS MA 84 -0.99 23.84 -58.95
CA CYS MA 84 -1.40 23.80 -60.35
C CYS MA 84 -1.48 25.22 -60.89
N PRO MA 85 -0.74 25.55 -61.95
CA PRO MA 85 -0.86 26.89 -62.54
C PRO MA 85 -2.20 27.08 -63.22
N SER MA 86 -2.62 28.35 -63.30
CA SER MA 86 -3.98 28.68 -63.72
C SER MA 86 -4.20 28.57 -65.22
N SER MA 87 -3.26 28.04 -66.00
CA SER MA 87 -3.52 27.80 -67.41
C SER MA 87 -4.50 26.65 -67.60
N LYS MA 88 -4.38 25.61 -66.79
CA LYS MA 88 -5.26 24.45 -66.81
C LYS MA 88 -5.70 24.13 -65.39
N PRO MA 89 -6.94 23.67 -65.21
CA PRO MA 89 -7.45 23.44 -63.86
C PRO MA 89 -6.84 22.18 -63.24
N VAL MA 90 -7.18 21.97 -61.96
CA VAL MA 90 -6.73 20.77 -61.26
C VAL MA 90 -7.46 19.52 -61.71
N GLY MA 91 -8.57 19.67 -62.45
CA GLY MA 91 -9.20 18.53 -63.08
C GLY MA 91 -8.35 17.89 -64.14
N TYR MA 92 -7.42 18.65 -64.73
CA TYR MA 92 -6.36 18.04 -65.52
C TYR MA 92 -5.48 17.16 -64.64
N PHE MA 93 -4.98 17.72 -63.54
CA PHE MA 93 -3.88 17.09 -62.82
C PHE MA 93 -4.32 15.93 -61.93
N VAL MA 94 -5.61 15.77 -61.68
CA VAL MA 94 -6.08 14.64 -60.89
C VAL MA 94 -5.99 13.35 -61.69
N GLU MA 95 -6.35 13.41 -62.98
CA GLU MA 95 -6.57 12.21 -63.78
C GLU MA 95 -5.33 11.34 -64.04
N PRO MA 96 -4.13 11.86 -64.36
CA PRO MA 96 -2.96 10.96 -64.41
C PRO MA 96 -2.58 10.36 -63.07
N MET MA 97 -2.93 11.02 -61.97
CA MET MA 97 -2.72 10.39 -60.66
C MET MA 97 -3.78 9.34 -60.37
N LEU MA 98 -4.93 9.43 -61.04
CA LEU MA 98 -5.89 8.33 -60.95
C LEU MA 98 -5.39 7.11 -61.74
N TYR MA 99 -4.55 7.34 -62.75
CA TYR MA 99 -3.90 6.24 -63.44
C TYR MA 99 -2.88 5.56 -62.53
N LEU MA 100 -2.16 6.35 -61.74
CA LEU MA 100 -1.09 5.87 -60.88
C LEU MA 100 -1.54 5.64 -59.45
N ALA MA 101 -2.85 5.48 -59.23
CA ALA MA 101 -3.37 5.50 -57.86
C ALA MA 101 -3.00 4.26 -57.03
N PRO MA 102 -3.36 3.00 -57.44
CA PRO MA 102 -3.18 1.91 -56.47
C PRO MA 102 -1.84 1.21 -56.54
N PHE MA 103 -0.87 1.79 -57.24
CA PHE MA 103 0.41 1.11 -57.44
C PHE MA 103 1.56 1.87 -56.80
N SER MA 104 1.37 2.35 -55.58
CA SER MA 104 2.36 3.17 -54.92
C SER MA 104 2.87 2.48 -53.66
N LYS MA 105 4.08 2.88 -53.24
CA LYS MA 105 4.63 2.39 -51.98
C LYS MA 105 3.81 2.86 -50.80
N LYS MA 106 3.41 4.13 -50.81
CA LYS MA 106 2.61 4.72 -49.76
C LYS MA 106 1.19 4.96 -50.29
N LYS MA 107 0.39 5.64 -49.48
CA LYS MA 107 -0.95 6.04 -49.88
C LYS MA 107 -0.95 7.48 -50.34
N PHE MA 108 -1.76 7.79 -51.35
CA PHE MA 108 -1.84 9.14 -51.85
C PHE MA 108 -2.65 10.02 -50.91
N SER MA 109 -2.11 11.17 -50.55
CA SER MA 109 -2.89 12.25 -49.96
C SER MA 109 -2.34 13.54 -50.56
N ILE MA 110 -2.83 13.91 -51.73
CA ILE MA 110 -2.25 15.00 -52.52
C ILE MA 110 -3.23 16.15 -52.55
N LEU MA 111 -2.75 17.34 -52.18
CA LEU MA 111 -3.58 18.53 -52.04
C LEU MA 111 -3.21 19.51 -53.16
N PHE MA 112 -3.85 19.34 -54.31
CA PHE MA 112 -3.73 20.31 -55.38
C PHE MA 112 -4.54 21.55 -55.02
N LYS MA 113 -4.16 22.69 -55.61
CA LYS MA 113 -4.97 23.89 -55.50
C LYS MA 113 -4.80 24.76 -56.73
N GLY MA 114 -5.90 25.39 -57.14
CA GLY MA 114 -5.94 26.19 -58.34
C GLY MA 114 -7.37 26.26 -58.87
N ILE MA 115 -7.48 26.38 -60.19
CA ILE MA 115 -8.78 26.34 -60.85
C ILE MA 115 -9.32 24.92 -60.78
N THR MA 116 -10.64 24.79 -60.64
CA THR MA 116 -11.29 23.49 -60.50
C THR MA 116 -12.30 23.23 -61.60
N ALA MA 117 -12.27 23.99 -62.68
CA ALA MA 117 -13.26 23.82 -63.75
C ALA MA 117 -12.70 24.35 -65.06
N SER MA 118 -13.18 23.76 -66.15
CA SER MA 118 -12.94 24.21 -67.53
C SER MA 118 -13.96 23.52 -68.42
N HIS MA 119 -14.12 24.06 -69.64
CA HIS MA 119 -14.96 23.39 -70.62
C HIS MA 119 -14.30 22.12 -71.16
N ASN MA 120 -12.99 22.19 -71.41
CA ASN MA 120 -12.28 21.12 -72.09
C ASN MA 120 -11.62 20.13 -71.14
N ASP MA 121 -11.76 20.32 -69.83
CA ASP MA 121 -11.18 19.40 -68.86
C ASP MA 121 -12.27 18.90 -67.92
N ALA MA 122 -11.94 17.81 -67.23
CA ALA MA 122 -12.92 17.12 -66.39
C ALA MA 122 -13.24 17.93 -65.14
N GLY MA 123 -14.53 18.03 -64.83
CA GLY MA 123 -14.95 18.69 -63.62
C GLY MA 123 -14.66 17.85 -62.39
N ILE MA 124 -14.79 18.49 -61.23
CA ILE MA 124 -14.48 17.81 -59.98
C ILE MA 124 -15.59 16.81 -59.62
N GLU MA 125 -16.84 17.14 -59.92
CA GLU MA 125 -17.91 16.16 -59.74
C GLU MA 125 -17.95 15.19 -60.90
N ALA MA 126 -17.29 15.52 -62.02
CA ALA MA 126 -17.17 14.60 -63.12
C ALA MA 126 -16.17 13.49 -62.80
N ILE MA 127 -15.10 13.84 -62.10
CA ILE MA 127 -14.09 12.85 -61.72
C ILE MA 127 -14.62 11.93 -60.62
N LYS MA 128 -15.31 12.52 -59.62
CA LYS MA 128 -15.72 11.80 -58.43
C LYS MA 128 -16.77 10.73 -58.74
N TRP MA 129 -17.73 11.06 -59.59
CA TRP MA 129 -18.84 10.16 -59.88
C TRP MA 129 -18.70 9.45 -61.22
N GLY MA 130 -17.67 9.75 -62.00
CA GLY MA 130 -17.56 9.17 -63.31
C GLY MA 130 -16.35 8.28 -63.52
N LEU MA 131 -15.24 8.62 -62.87
CA LEU MA 131 -14.02 7.84 -63.00
C LEU MA 131 -13.86 6.79 -61.91
N MET MA 132 -13.90 7.20 -60.65
CA MET MA 132 -13.76 6.31 -59.50
C MET MA 132 -14.77 5.15 -59.40
N PRO MA 133 -15.98 5.23 -59.98
CA PRO MA 133 -16.73 3.98 -60.19
C PRO MA 133 -16.01 2.92 -61.01
N VAL MA 134 -15.17 3.31 -61.98
CA VAL MA 134 -14.51 2.32 -62.81
C VAL MA 134 -13.44 1.56 -62.03
N MET MA 135 -12.61 2.27 -61.25
CA MET MA 135 -11.67 1.53 -60.41
C MET MA 135 -12.30 0.96 -59.16
N GLU MA 136 -13.52 1.38 -58.81
CA GLU MA 136 -14.31 0.57 -57.89
C GLU MA 136 -14.68 -0.75 -58.52
N LYS MA 137 -14.96 -0.75 -59.82
CA LYS MA 137 -15.21 -1.99 -60.55
C LYS MA 137 -13.92 -2.69 -60.95
N PHE MA 138 -12.77 -2.01 -60.86
CA PHE MA 138 -11.51 -2.63 -61.25
C PHE MA 138 -10.73 -3.18 -60.07
N GLY MA 139 -10.93 -2.65 -58.87
CA GLY MA 139 -10.23 -3.20 -57.72
C GLY MA 139 -9.82 -2.21 -56.65
N VAL MA 140 -9.95 -0.91 -56.90
CA VAL MA 140 -9.63 0.07 -55.88
C VAL MA 140 -10.86 0.33 -55.02
N ARG MA 141 -10.80 -0.06 -53.75
CA ARG MA 141 -11.93 0.07 -52.83
C ARG MA 141 -12.02 1.46 -52.24
N GLU MA 142 -11.00 1.90 -51.52
CA GLU MA 142 -11.06 3.13 -50.74
C GLU MA 142 -10.36 4.25 -51.51
N CYS MA 143 -11.11 4.84 -52.45
CA CYS MA 143 -10.66 6.00 -53.20
C CYS MA 143 -11.66 7.12 -53.00
N ALA MA 144 -11.16 8.33 -52.77
CA ALA MA 144 -12.02 9.48 -52.54
C ALA MA 144 -11.31 10.75 -53.00
N LEU MA 145 -12.07 11.83 -53.10
CA LEU MA 145 -11.54 13.13 -53.52
C LEU MA 145 -12.36 14.20 -52.81
N HIS MA 146 -11.83 14.69 -51.69
CA HIS MA 146 -12.53 15.69 -50.91
C HIS MA 146 -12.40 17.06 -51.56
N THR MA 147 -13.55 17.66 -51.88
CA THR MA 147 -13.59 19.03 -52.40
C THR MA 147 -13.85 19.95 -51.23
N LEU MA 148 -12.77 20.32 -50.53
CA LEU MA 148 -12.89 21.15 -49.33
C LEU MA 148 -13.33 22.56 -49.68
N LYS MA 149 -12.73 23.16 -50.71
CA LYS MA 149 -13.25 24.39 -51.27
C LYS MA 149 -13.01 24.39 -52.77
N ARG MA 150 -13.98 24.90 -53.51
CA ARG MA 150 -14.00 24.81 -54.96
C ARG MA 150 -13.72 26.18 -55.57
N GLY MA 151 -12.81 26.20 -56.56
CA GLY MA 151 -12.50 27.41 -57.29
C GLY MA 151 -13.37 27.58 -58.52
N SER MA 152 -12.98 28.54 -59.34
CA SER MA 152 -13.68 28.86 -60.59
C SER MA 152 -12.70 29.61 -61.49
N PRO MA 153 -12.90 29.57 -62.81
CA PRO MA 153 -12.02 30.34 -63.69
C PRO MA 153 -12.32 31.83 -63.58
N PRO MA 154 -11.30 32.69 -63.70
CA PRO MA 154 -9.88 32.38 -63.87
C PRO MA 154 -9.06 32.57 -62.60
N LEU MA 155 -9.66 32.99 -61.48
CA LEU MA 155 -8.89 33.20 -60.26
C LEU MA 155 -8.55 31.88 -59.57
N GLY MA 156 -9.44 30.90 -59.63
CA GLY MA 156 -9.21 29.63 -58.97
C GLY MA 156 -9.36 29.74 -57.46
N GLY MA 157 -8.30 29.44 -56.74
CA GLY MA 157 -8.31 29.53 -55.29
C GLY MA 157 -8.97 28.38 -54.58
N GLY MA 158 -9.38 27.34 -55.29
CA GLY MA 158 -9.99 26.16 -54.67
C GLY MA 158 -8.99 25.02 -54.62
N GLU MA 159 -9.09 24.22 -53.56
CA GLU MA 159 -8.19 23.10 -53.35
C GLU MA 159 -8.99 21.81 -53.16
N VAL MA 160 -8.43 20.71 -53.66
CA VAL MA 160 -9.05 19.39 -53.57
C VAL MA 160 -8.05 18.43 -52.98
N HIS MA 161 -8.55 17.39 -52.32
CA HIS MA 161 -7.72 16.45 -51.56
C HIS MA 161 -7.95 15.05 -52.13
N LEU MA 162 -7.05 14.63 -53.02
CA LEU MA 162 -7.13 13.30 -53.62
C LEU MA 162 -6.50 12.30 -52.66
N VAL MA 163 -7.31 11.38 -52.15
CA VAL MA 163 -6.86 10.35 -51.24
C VAL MA 163 -7.18 8.98 -51.83
N VAL MA 164 -6.15 8.13 -51.91
CA VAL MA 164 -6.31 6.74 -52.34
C VAL MA 164 -5.67 5.87 -51.28
N ASP MA 165 -6.48 5.03 -50.64
CA ASP MA 165 -6.02 4.23 -49.52
C ASP MA 165 -5.77 2.77 -49.89
N SER MA 166 -6.48 2.25 -50.88
CA SER MA 166 -6.29 0.87 -51.30
C SER MA 166 -5.13 0.80 -52.28
N LEU MA 167 -4.18 -0.11 -52.02
CA LEU MA 167 -3.04 -0.35 -52.88
C LEU MA 167 -3.08 -1.81 -53.27
N ILE MA 168 -3.70 -2.11 -54.42
CA ILE MA 168 -3.85 -3.48 -54.86
C ILE MA 168 -2.59 -3.90 -55.62
N ALA MA 169 -2.23 -5.18 -55.49
CA ALA MA 169 -1.10 -5.71 -56.24
C ALA MA 169 -1.41 -5.74 -57.73
N GLN MA 170 -2.64 -6.12 -58.09
CA GLN MA 170 -3.10 -6.14 -59.46
C GLN MA 170 -4.58 -5.82 -59.53
N PRO MA 171 -4.99 -5.00 -60.50
CA PRO MA 171 -6.43 -4.84 -60.74
C PRO MA 171 -7.02 -6.13 -61.30
N ILE MA 172 -8.28 -6.37 -60.97
CA ILE MA 172 -8.92 -7.60 -61.40
C ILE MA 172 -9.25 -7.50 -62.89
N THR MA 173 -9.30 -8.65 -63.55
CA THR MA 173 -9.64 -8.68 -64.96
C THR MA 173 -11.13 -8.39 -65.14
N MET MA 174 -11.45 -7.72 -66.23
CA MET MA 174 -12.80 -7.23 -66.47
C MET MA 174 -13.48 -8.06 -67.55
N HIS MA 175 -14.69 -8.53 -67.24
CA HIS MA 175 -15.53 -9.28 -68.17
C HIS MA 175 -16.89 -8.61 -68.20
N GLU MA 176 -17.08 -7.72 -69.18
CA GLU MA 176 -18.34 -7.00 -69.35
C GLU MA 176 -18.71 -7.08 -70.83
N ILE MA 177 -19.73 -7.88 -71.15
CA ILE MA 177 -20.07 -8.17 -72.54
C ILE MA 177 -21.53 -7.86 -72.81
N ASP MA 178 -22.16 -7.10 -71.90
CA ASP MA 178 -23.59 -6.81 -72.01
C ASP MA 178 -23.83 -5.32 -71.83
N ARG MA 179 -24.82 -4.81 -72.53
CA ARG MA 179 -25.19 -3.41 -72.42
C ARG MA 179 -25.91 -3.16 -71.10
N PRO MA 180 -25.41 -2.30 -70.22
CA PRO MA 180 -26.06 -2.07 -68.93
C PRO MA 180 -27.31 -1.23 -69.08
N ILE MA 181 -28.22 -1.41 -68.14
CA ILE MA 181 -29.48 -0.67 -68.10
C ILE MA 181 -29.35 0.42 -67.04
N ILE MA 182 -29.69 1.65 -67.41
CA ILE MA 182 -29.59 2.77 -66.49
C ILE MA 182 -30.69 2.66 -65.44
N SER MA 183 -30.30 2.74 -64.17
CA SER MA 183 -31.26 2.70 -63.07
C SER MA 183 -31.55 4.06 -62.47
N SER MA 184 -30.62 5.01 -62.59
CA SER MA 184 -30.80 6.33 -62.03
C SER MA 184 -29.98 7.33 -62.83
N ILE MA 185 -30.50 8.53 -62.97
CA ILE MA 185 -29.80 9.62 -63.62
C ILE MA 185 -29.60 10.69 -62.56
N THR MA 186 -28.48 10.62 -61.85
CA THR MA 186 -28.16 11.58 -60.81
C THR MA 186 -27.38 12.76 -61.39
N GLY MA 187 -27.39 13.86 -60.66
CA GLY MA 187 -26.69 15.05 -61.09
C GLY MA 187 -26.31 15.91 -59.92
N VAL MA 188 -25.19 16.61 -60.07
CA VAL MA 188 -24.73 17.61 -59.10
C VAL MA 188 -24.60 18.93 -59.84
N ALA MA 189 -25.38 19.92 -59.40
CA ALA MA 189 -25.34 21.27 -59.95
C ALA MA 189 -24.80 22.20 -58.88
N TYR MA 190 -23.75 22.94 -59.21
CA TYR MA 190 -23.09 23.80 -58.25
C TYR MA 190 -23.15 25.25 -58.68
N SER MA 191 -23.17 26.14 -57.70
CA SER MA 191 -23.22 27.58 -57.93
C SER MA 191 -22.37 28.26 -56.87
N THR MA 192 -21.19 28.72 -57.26
CA THR MA 192 -20.24 29.34 -56.35
C THR MA 192 -20.13 30.82 -56.68
N ARG MA 193 -20.32 31.67 -55.67
CA ARG MA 193 -20.25 33.13 -55.76
C ARG MA 193 -21.19 33.70 -56.81
N VAL MA 194 -22.35 33.06 -57.00
CA VAL MA 194 -23.37 33.52 -57.93
C VAL MA 194 -24.73 33.40 -57.24
N SER MA 195 -25.77 33.70 -58.00
CA SER MA 195 -27.11 33.79 -57.43
C SER MA 195 -27.66 32.43 -57.04
N PRO MA 196 -28.45 32.35 -55.97
CA PRO MA 196 -29.13 31.09 -55.62
C PRO MA 196 -30.16 30.66 -56.64
N SER MA 197 -30.66 31.56 -57.48
CA SER MA 197 -31.64 31.17 -58.49
C SER MA 197 -31.01 30.43 -59.67
N LEU MA 198 -29.69 30.44 -59.78
CA LEU MA 198 -29.03 29.77 -60.90
C LEU MA 198 -29.10 28.25 -60.78
N VAL MA 199 -29.03 27.72 -59.55
CA VAL MA 199 -29.01 26.27 -59.38
C VAL MA 199 -30.38 25.66 -59.67
N ASN MA 200 -31.45 26.44 -59.52
CA ASN MA 200 -32.78 25.97 -59.91
C ASN MA 200 -32.92 25.93 -61.42
N ARG MA 201 -32.21 26.82 -62.12
CA ARG MA 201 -32.31 26.85 -63.58
C ARG MA 201 -31.50 25.73 -64.22
N MET MA 202 -30.53 25.15 -63.49
CA MET MA 202 -29.88 23.94 -63.95
C MET MA 202 -30.84 22.77 -63.95
N ILE MA 203 -31.64 22.65 -62.88
CA ILE MA 203 -32.55 21.52 -62.74
C ILE MA 203 -33.70 21.65 -63.75
N ASP MA 204 -34.26 22.85 -63.87
CA ASP MA 204 -35.40 23.05 -64.77
C ASP MA 204 -34.99 22.95 -66.23
N GLY MA 205 -33.78 23.39 -66.57
CA GLY MA 205 -33.29 23.24 -67.93
C GLY MA 205 -33.00 21.80 -68.31
N ALA MA 206 -32.44 21.02 -67.39
CA ALA MA 206 -32.13 19.63 -67.69
C ALA MA 206 -33.37 18.75 -67.67
N LYS MA 207 -34.29 19.01 -66.74
CA LYS MA 207 -35.51 18.21 -66.63
C LYS MA 207 -36.50 18.50 -67.74
N LYS MA 208 -36.36 19.61 -68.46
CA LYS MA 208 -37.22 19.89 -69.61
C LYS MA 208 -36.98 18.86 -70.71
N VAL MA 209 -35.73 18.50 -70.96
CA VAL MA 209 -35.43 17.47 -71.94
C VAL MA 209 -35.66 16.08 -71.36
N LEU MA 210 -35.16 15.85 -70.14
CA LEU MA 210 -35.14 14.52 -69.55
C LEU MA 210 -36.48 14.06 -68.98
N LYS MA 211 -37.56 14.84 -69.15
CA LYS MA 211 -38.87 14.40 -68.68
C LYS MA 211 -39.47 13.33 -69.57
N ASN MA 212 -38.91 13.09 -70.76
CA ASN MA 212 -39.41 12.08 -71.68
C ASN MA 212 -38.76 10.71 -71.46
N LEU MA 213 -38.24 10.45 -70.26
CA LEU MA 213 -37.63 9.17 -69.93
C LEU MA 213 -38.40 8.50 -68.81
N GLN MA 214 -38.49 7.17 -68.89
CA GLN MA 214 -39.22 6.41 -67.88
C GLN MA 214 -38.47 6.39 -66.55
N CYS MA 215 -37.13 6.48 -66.59
CA CYS MA 215 -36.35 6.47 -65.37
C CYS MA 215 -36.42 7.84 -64.69
N GLU MA 216 -36.08 7.85 -63.41
CA GLU MA 216 -36.17 9.06 -62.59
C GLU MA 216 -34.89 9.89 -62.68
N VAL MA 217 -35.07 11.21 -62.57
CA VAL MA 217 -33.96 12.17 -62.64
C VAL MA 217 -34.00 13.03 -61.38
N ASN MA 218 -32.95 12.94 -60.56
CA ASN MA 218 -32.72 13.88 -59.46
C ASN MA 218 -31.39 14.57 -59.68
N ILE MA 219 -31.38 15.89 -59.50
CA ILE MA 219 -30.16 16.69 -59.53
C ILE MA 219 -30.07 17.42 -58.19
N THR MA 220 -28.97 17.20 -57.47
CA THR MA 220 -28.81 17.86 -56.18
C THR MA 220 -28.27 19.27 -56.36
N ALA MA 221 -28.31 20.04 -55.27
CA ALA MA 221 -27.88 21.43 -55.27
C ALA MA 221 -26.63 21.58 -54.42
N ASP MA 222 -25.65 22.31 -54.92
CA ASP MA 222 -24.39 22.57 -54.21
C ASP MA 222 -24.17 24.07 -54.22
N VAL MA 223 -24.75 24.76 -53.26
CA VAL MA 223 -24.63 26.22 -53.15
C VAL MA 223 -23.51 26.51 -52.15
N TRP MA 224 -22.30 26.66 -52.67
CA TRP MA 224 -21.14 26.95 -51.83
C TRP MA 224 -21.20 28.40 -51.37
N ARG MA 225 -21.26 28.61 -50.06
CA ARG MA 225 -21.25 29.92 -49.47
C ARG MA 225 -19.86 30.23 -48.93
N GLY MA 226 -19.74 31.34 -48.20
CA GLY MA 226 -18.63 31.68 -47.33
C GLY MA 226 -17.31 31.86 -48.05
N GLU MA 227 -16.22 31.61 -47.31
CA GLU MA 227 -14.89 31.69 -47.89
C GLU MA 227 -14.60 30.48 -48.76
N ASN MA 228 -15.22 29.34 -48.47
CA ASN MA 228 -14.95 28.11 -49.20
C ASN MA 228 -15.73 28.00 -50.50
N SER MA 229 -16.28 29.09 -51.02
CA SER MA 229 -16.84 29.11 -52.36
C SER MA 229 -15.82 29.49 -53.41
N GLY MA 230 -14.60 29.83 -53.02
CA GLY MA 230 -13.57 30.23 -53.95
C GLY MA 230 -13.68 31.71 -54.31
N LYS MA 231 -12.61 32.21 -54.93
CA LYS MA 231 -12.53 33.62 -55.26
C LYS MA 231 -13.38 33.97 -56.47
N SER MA 232 -13.11 33.33 -57.60
CA SER MA 232 -13.86 33.60 -58.81
C SER MA 232 -15.26 33.01 -58.73
N PRO MA 233 -16.23 33.64 -59.38
CA PRO MA 233 -17.57 33.03 -59.47
C PRO MA 233 -17.65 32.06 -60.63
N GLY MA 234 -18.63 31.16 -60.54
CA GLY MA 234 -18.86 30.20 -61.59
C GLY MA 234 -20.00 29.28 -61.24
N TRP MA 235 -20.47 28.56 -62.26
CA TRP MA 235 -21.51 27.57 -62.10
C TRP MA 235 -21.32 26.46 -63.13
N GLY MA 236 -21.83 25.28 -62.82
CA GLY MA 236 -21.75 24.15 -63.72
C GLY MA 236 -22.59 23.01 -63.20
N ILE MA 237 -22.72 21.98 -64.04
CA ILE MA 237 -23.56 20.83 -63.72
C ILE MA 237 -22.95 19.59 -64.37
N THR MA 238 -23.05 18.46 -63.68
CA THR MA 238 -22.60 17.18 -64.19
C THR MA 238 -23.68 16.13 -63.94
N LEU MA 239 -24.20 15.55 -65.02
CA LEU MA 239 -25.26 14.55 -64.94
C LEU MA 239 -24.67 13.16 -65.15
N VAL MA 240 -24.94 12.25 -64.24
CA VAL MA 240 -24.36 10.92 -64.24
C VAL MA 240 -25.49 9.90 -64.37
N ALA MA 241 -25.40 9.05 -65.38
CA ALA MA 241 -26.38 7.99 -65.61
C ALA MA 241 -25.87 6.74 -64.91
N GLN MA 242 -26.34 6.51 -63.68
CA GLN MA 242 -25.83 5.43 -62.84
C GLN MA 242 -26.65 4.17 -63.05
N SER MA 243 -25.96 3.04 -63.18
CA SER MA 243 -26.58 1.73 -63.26
C SER MA 243 -26.30 0.99 -61.96
N LYS MA 244 -27.37 0.54 -61.28
CA LYS MA 244 -27.23 -0.02 -59.95
C LYS MA 244 -26.78 -1.48 -59.95
N GLN MA 245 -26.82 -2.16 -61.10
CA GLN MA 245 -26.50 -3.59 -61.10
C GLN MA 245 -25.00 -3.82 -61.08
N LYS MA 246 -24.25 -3.13 -61.92
CA LYS MA 246 -22.81 -3.35 -62.04
C LYS MA 246 -22.00 -2.07 -61.83
N GLY MA 247 -22.60 -1.02 -61.31
CA GLY MA 247 -21.89 0.20 -60.98
C GLY MA 247 -21.32 0.98 -62.14
N TRP MA 248 -22.09 1.17 -63.20
CA TRP MA 248 -21.64 1.88 -64.38
C TRP MA 248 -22.16 3.32 -64.37
N SER MA 249 -21.39 4.20 -64.99
CA SER MA 249 -21.72 5.62 -65.00
C SER MA 249 -21.29 6.23 -66.32
N TYR MA 250 -22.20 7.01 -66.91
CA TYR MA 250 -21.93 7.76 -68.12
C TYR MA 250 -22.24 9.21 -67.80
N PHE MA 251 -21.36 10.13 -68.18
CA PHE MA 251 -21.48 11.50 -67.71
C PHE MA 251 -21.02 12.47 -68.79
N ALA MA 252 -21.54 13.70 -68.69
CA ALA MA 252 -21.03 14.83 -69.45
C ALA MA 252 -21.28 16.08 -68.61
N GLU MA 253 -20.49 17.11 -68.87
CA GLU MA 253 -20.58 18.31 -68.05
C GLU MA 253 -20.13 19.53 -68.84
N ASP MA 254 -20.57 20.69 -68.37
CA ASP MA 254 -20.09 21.97 -68.88
C ASP MA 254 -20.28 23.03 -67.81
N ILE MA 255 -19.38 24.00 -67.79
CA ILE MA 255 -19.43 25.10 -66.85
C ILE MA 255 -19.96 26.33 -67.57
N GLY MA 256 -20.37 27.33 -66.79
CA GLY MA 256 -20.92 28.54 -67.37
C GLY MA 256 -19.86 29.47 -67.92
N ASP MA 257 -20.32 30.42 -68.71
CA ASP MA 257 -19.48 31.45 -69.31
C ASP MA 257 -20.10 32.81 -69.04
N ALA MA 258 -19.45 33.86 -69.55
CA ALA MA 258 -19.90 35.23 -69.33
C ALA MA 258 -21.13 35.50 -70.18
N GLY MA 259 -22.31 35.33 -69.60
CA GLY MA 259 -23.56 35.60 -70.28
C GLY MA 259 -24.30 34.38 -70.79
N SER MA 260 -23.81 33.18 -70.50
CA SER MA 260 -24.52 31.98 -70.92
C SER MA 260 -25.74 31.75 -70.03
N ILE MA 261 -26.86 31.42 -70.65
CA ILE MA 261 -28.10 31.17 -69.90
C ILE MA 261 -27.97 29.83 -69.16
N PRO MA 262 -28.23 29.80 -67.85
CA PRO MA 262 -28.12 28.52 -67.12
C PRO MA 262 -29.16 27.48 -67.52
N GLU MA 263 -30.31 27.90 -68.05
CA GLU MA 263 -31.25 26.92 -68.61
C GLU MA 263 -30.70 26.34 -69.90
N GLU MA 264 -29.97 27.15 -70.69
CA GLU MA 264 -29.35 26.64 -71.90
C GLU MA 264 -28.18 25.73 -71.58
N LEU MA 265 -27.44 26.03 -70.49
CA LEU MA 265 -26.35 25.16 -70.06
C LEU MA 265 -26.89 23.82 -69.56
N GLY MA 266 -27.99 23.85 -68.82
CA GLY MA 266 -28.61 22.60 -68.40
C GLY MA 266 -29.21 21.82 -69.55
N GLU MA 267 -29.66 22.54 -70.59
CA GLU MA 267 -30.12 21.88 -71.80
C GLU MA 267 -28.96 21.31 -72.60
N LYS MA 268 -27.82 22.00 -72.60
CA LYS MA 268 -26.68 21.54 -73.39
C LYS MA 268 -25.99 20.35 -72.75
N VAL MA 269 -25.96 20.29 -71.41
CA VAL MA 269 -25.37 19.14 -70.74
C VAL MA 269 -26.25 17.91 -70.90
N ALA MA 270 -27.57 18.09 -70.76
CA ALA MA 270 -28.50 16.96 -70.88
C ALA MA 270 -28.57 16.44 -72.30
N CYS MA 271 -28.48 17.32 -73.29
CA CYS MA 271 -28.46 16.85 -74.68
C CYS MA 271 -27.14 16.18 -75.02
N GLN MA 272 -26.03 16.62 -74.40
CA GLN MA 272 -24.76 15.95 -74.58
C GLN MA 272 -24.76 14.59 -73.88
N LEU MA 273 -25.42 14.50 -72.72
CA LEU MA 273 -25.49 13.24 -71.99
C LEU MA 273 -26.28 12.19 -72.78
N LEU MA 274 -27.39 12.60 -73.40
CA LEU MA 274 -28.16 11.68 -74.23
C LEU MA 274 -27.36 11.22 -75.44
N GLU MA 275 -26.61 12.14 -76.06
CA GLU MA 275 -25.75 11.74 -77.17
C GLU MA 275 -24.58 10.89 -76.69
N GLU MA 276 -24.09 11.11 -75.47
CA GLU MA 276 -22.99 10.30 -74.95
C GLU MA 276 -23.42 8.87 -74.67
N ILE MA 277 -24.63 8.69 -74.13
CA ILE MA 277 -25.12 7.36 -73.79
C ILE MA 277 -25.36 6.53 -75.06
N SER MA 278 -25.99 7.14 -76.06
CA SER MA 278 -26.27 6.42 -77.30
C SER MA 278 -25.01 6.14 -78.11
N LYS MA 279 -23.97 6.96 -77.96
CA LYS MA 279 -22.71 6.72 -78.65
C LYS MA 279 -21.80 5.75 -77.92
N SER MA 280 -22.17 5.32 -76.71
CA SER MA 280 -21.31 4.50 -75.88
C SER MA 280 -21.85 3.07 -75.81
N ALA MA 281 -21.06 2.22 -75.16
CA ALA MA 281 -21.45 0.84 -74.85
C ALA MA 281 -20.64 0.42 -73.64
N ALA MA 282 -21.29 0.32 -72.47
CA ALA MA 282 -20.81 -0.28 -71.23
C ALA MA 282 -19.69 0.50 -70.53
N VAL MA 283 -19.15 1.52 -71.21
CA VAL MA 283 -18.16 2.45 -70.68
C VAL MA 283 -18.39 3.76 -71.38
N GLY MA 284 -18.01 4.86 -70.73
CA GLY MA 284 -18.11 6.15 -71.37
C GLY MA 284 -16.98 6.38 -72.35
N ARG MA 285 -17.20 7.32 -73.27
CA ARG MA 285 -16.17 7.68 -74.25
C ARG MA 285 -14.99 8.36 -73.58
N ASN MA 286 -15.27 9.24 -72.61
CA ASN MA 286 -14.18 9.86 -71.86
C ASN MA 286 -13.56 8.89 -70.86
N GLN MA 287 -14.36 7.98 -70.29
CA GLN MA 287 -13.81 6.93 -69.43
C GLN MA 287 -13.06 5.85 -70.19
N LEU MA 288 -13.15 5.83 -71.52
CA LEU MA 288 -12.53 4.76 -72.29
C LEU MA 288 -11.00 4.71 -72.19
N PRO MA 289 -10.23 5.81 -72.25
CA PRO MA 289 -8.78 5.66 -71.96
C PRO MA 289 -8.49 5.31 -70.50
N LEU MA 290 -9.39 5.64 -69.58
CA LEU MA 290 -9.24 5.16 -68.21
C LEU MA 290 -9.43 3.66 -68.14
N ALA MA 291 -10.39 3.14 -68.90
CA ALA MA 291 -10.65 1.70 -68.89
C ALA MA 291 -9.54 0.91 -69.55
N ILE MA 292 -9.11 1.34 -70.74
CA ILE MA 292 -8.33 0.50 -71.66
C ILE MA 292 -6.97 0.15 -71.08
N VAL MA 293 -6.34 1.11 -70.41
CA VAL MA 293 -5.03 0.84 -69.83
C VAL MA 293 -5.11 -0.10 -68.63
N TYR MA 294 -6.29 -0.31 -68.04
CA TYR MA 294 -6.36 -1.08 -66.81
C TYR MA 294 -6.39 -2.59 -67.06
N MET MA 295 -7.02 -3.05 -68.16
CA MET MA 295 -6.85 -4.47 -68.47
C MET MA 295 -5.46 -4.75 -69.02
N VAL MA 296 -4.79 -3.73 -69.57
CA VAL MA 296 -3.42 -3.91 -70.01
C VAL MA 296 -2.51 -4.18 -68.81
N ILE MA 297 -2.65 -3.37 -67.76
CA ILE MA 297 -1.90 -3.60 -66.53
C ILE MA 297 -2.54 -4.65 -65.64
N GLY MA 298 -3.63 -5.27 -66.08
CA GLY MA 298 -4.10 -6.49 -65.45
C GLY MA 298 -3.16 -7.64 -65.71
N LYS MA 299 -3.33 -8.71 -64.96
CA LYS MA 299 -2.39 -9.82 -64.95
C LYS MA 299 -2.55 -10.67 -66.21
N GLU MA 300 -1.85 -11.82 -66.25
CA GLU MA 300 -1.76 -12.62 -67.46
C GLU MA 300 -3.08 -13.31 -67.75
N ASP MA 301 -3.93 -12.66 -68.54
CA ASP MA 301 -5.30 -13.08 -68.78
C ASP MA 301 -5.81 -12.32 -70.00
N ILE MA 302 -7.06 -12.61 -70.37
CA ILE MA 302 -7.76 -11.87 -71.41
C ILE MA 302 -8.97 -11.21 -70.77
N GLY MA 303 -9.08 -9.90 -70.92
CA GLY MA 303 -10.21 -9.13 -70.43
C GLY MA 303 -11.07 -8.66 -71.60
N ARG MA 304 -12.39 -8.79 -71.44
CA ARG MA 304 -13.33 -8.51 -72.51
C ARG MA 304 -14.18 -7.29 -72.14
N LEU MA 305 -14.24 -6.32 -73.05
CA LEU MA 305 -15.03 -5.11 -72.86
C LEU MA 305 -15.84 -4.85 -74.11
N ARG MA 306 -17.15 -4.72 -73.95
CA ARG MA 306 -18.04 -4.37 -75.05
C ARG MA 306 -17.95 -2.88 -75.31
N ILE MA 307 -17.66 -2.48 -76.54
CA ILE MA 307 -17.60 -1.07 -76.91
C ILE MA 307 -18.41 -0.85 -78.19
N ASN MA 308 -18.60 0.42 -78.54
CA ASN MA 308 -19.48 0.85 -79.61
C ASN MA 308 -18.65 1.30 -80.81
N LYS MA 309 -19.32 1.34 -81.98
CA LYS MA 309 -18.72 1.91 -83.17
C LYS MA 309 -18.44 3.40 -83.00
N GLU MA 310 -19.37 4.10 -82.34
CA GLU MA 310 -19.18 5.53 -82.12
C GLU MA 310 -18.10 5.80 -81.10
N GLN MA 311 -17.85 4.85 -80.20
CA GLN MA 311 -16.70 4.96 -79.31
C GLN MA 311 -15.38 4.80 -80.07
N ILE MA 312 -15.39 4.05 -81.17
CA ILE MA 312 -14.21 3.94 -82.02
C ILE MA 312 -14.04 5.28 -82.74
N ASP MA 313 -13.05 6.04 -82.32
CA ASP MA 313 -12.75 7.34 -82.92
C ASP MA 313 -11.25 7.40 -83.19
N GLU MA 314 -10.79 8.56 -83.65
CA GLU MA 314 -9.38 8.73 -83.97
C GLU MA 314 -8.51 8.75 -82.72
N ARG MA 315 -9.07 9.22 -81.60
CA ARG MA 315 -8.32 9.22 -80.34
C ARG MA 315 -8.09 7.80 -79.83
N PHE MA 316 -9.05 6.90 -80.09
CA PHE MA 316 -8.88 5.51 -79.68
C PHE MA 316 -7.81 4.81 -80.50
N ILE MA 317 -7.65 5.20 -81.76
CA ILE MA 317 -6.62 4.62 -82.61
C ILE MA 317 -5.24 5.03 -82.16
N ILE MA 318 -5.06 6.31 -81.80
CA ILE MA 318 -3.78 6.80 -81.32
C ILE MA 318 -3.44 6.19 -79.96
N LEU MA 319 -4.45 6.04 -79.10
CA LEU MA 319 -4.24 5.44 -77.78
C LEU MA 319 -3.84 3.97 -77.90
N LEU MA 320 -4.46 3.23 -78.82
CA LEU MA 320 -4.08 1.84 -79.03
C LEU MA 320 -2.71 1.74 -79.71
N ARG MA 321 -2.35 2.74 -80.52
CA ARG MA 321 -1.03 2.74 -81.14
C ARG MA 321 0.07 2.98 -80.12
N ASP MA 322 -0.21 3.81 -79.12
CA ASP MA 322 0.78 4.08 -78.07
C ASP MA 322 1.01 2.85 -77.20
N ILE MA 323 -0.06 2.13 -76.87
CA ILE MA 323 0.05 0.91 -76.09
C ILE MA 323 0.74 -0.18 -76.90
N LYS MA 324 0.47 -0.25 -78.21
CA LYS MA 324 1.18 -1.17 -79.09
C LYS MA 324 2.64 -0.81 -79.23
N LYS MA 325 2.97 0.47 -79.23
CA LYS MA 325 4.37 0.88 -79.31
C LYS MA 325 5.11 0.60 -78.01
N ILE MA 326 4.50 0.94 -76.88
CA ILE MA 326 5.19 0.82 -75.60
C ILE MA 326 5.20 -0.62 -75.11
N PHE MA 327 4.03 -1.20 -74.89
CA PHE MA 327 3.92 -2.51 -74.25
C PHE MA 327 4.05 -3.68 -75.22
N ASN MA 328 4.04 -3.41 -76.54
CA ASN MA 328 4.09 -4.43 -77.60
C ASN MA 328 2.95 -5.44 -77.46
N THR MA 329 1.77 -4.96 -77.09
CA THR MA 329 0.58 -5.80 -76.99
C THR MA 329 -0.47 -5.29 -77.96
N GLU MA 330 -1.41 -6.17 -78.29
CA GLU MA 330 -2.44 -5.88 -79.27
C GLU MA 330 -3.82 -5.99 -78.66
N VAL MA 331 -4.79 -5.38 -79.33
CA VAL MA 331 -6.19 -5.47 -78.94
C VAL MA 331 -6.93 -6.13 -80.10
N PHE MA 332 -7.59 -7.26 -79.81
CA PHE MA 332 -8.33 -8.00 -80.82
C PHE MA 332 -9.80 -7.60 -80.71
N LEU MA 333 -10.39 -7.24 -81.84
CA LEU MA 333 -11.74 -6.69 -81.89
C LEU MA 333 -12.66 -7.72 -82.54
N LYS MA 334 -13.50 -8.40 -81.69
CA LYS MA 334 -14.41 -9.37 -82.29
C LYS MA 334 -15.83 -8.82 -82.36
N PRO MA 335 -16.52 -9.03 -83.47
CA PRO MA 335 -17.93 -8.61 -83.56
C PRO MA 335 -18.82 -9.44 -82.66
N VAL MA 336 -19.89 -8.81 -82.18
CA VAL MA 336 -20.81 -9.47 -81.26
C VAL MA 336 -21.94 -10.06 -82.12
N ASP MA 337 -22.60 -11.09 -81.59
CA ASP MA 337 -23.68 -11.78 -82.27
C ASP MA 337 -25.02 -11.05 -82.19
N GLU MA 338 -25.07 -9.84 -81.61
CA GLU MA 338 -26.28 -9.04 -81.62
C GLU MA 338 -26.55 -8.54 -83.03
N ALA MA 339 -27.69 -8.91 -83.60
CA ALA MA 339 -28.02 -8.52 -84.96
C ALA MA 339 -28.57 -7.10 -85.07
N ASP MA 340 -28.90 -6.46 -83.94
CA ASP MA 340 -29.47 -5.12 -83.98
C ASP MA 340 -28.45 -4.05 -84.28
N ASN MA 341 -27.16 -4.32 -84.07
CA ASN MA 341 -26.13 -3.33 -84.29
C ASN MA 341 -24.82 -4.04 -84.62
N GLU MA 342 -23.73 -3.29 -84.63
CA GLU MA 342 -22.39 -3.80 -84.88
C GLU MA 342 -21.47 -3.41 -83.74
N ASP MA 343 -21.90 -3.69 -82.51
CA ASP MA 343 -21.10 -3.39 -81.32
C ASP MA 343 -19.82 -4.23 -81.31
N MET MA 344 -18.86 -3.81 -80.52
CA MET MA 344 -17.51 -4.31 -80.65
C MET MA 344 -17.06 -4.85 -79.30
N ILE MA 345 -16.63 -6.11 -79.27
CA ILE MA 345 -16.11 -6.72 -78.05
C ILE MA 345 -14.60 -6.61 -78.08
N ALA MA 346 -14.03 -5.77 -77.22
CA ALA MA 346 -12.59 -5.55 -77.19
C ALA MA 346 -11.96 -6.55 -76.23
N THR MA 347 -11.12 -7.44 -76.76
CA THR MA 347 -10.40 -8.40 -75.95
C THR MA 347 -8.94 -7.98 -75.87
N ILE MA 348 -8.44 -7.84 -74.65
CA ILE MA 348 -7.12 -7.28 -74.39
C ILE MA 348 -6.33 -8.27 -73.55
N LYS MA 349 -5.16 -8.66 -74.03
CA LYS MA 349 -4.27 -9.50 -73.25
C LYS MA 349 -3.59 -8.65 -72.18
N GLY MA 350 -3.64 -9.10 -70.93
CA GLY MA 350 -3.02 -8.37 -69.86
C GLY MA 350 -1.57 -8.75 -69.69
N ILE MA 351 -0.65 -7.83 -69.96
CA ILE MA 351 0.76 -8.06 -69.68
C ILE MA 351 0.97 -7.97 -68.17
N GLY MA 352 1.74 -8.91 -67.64
CA GLY MA 352 1.94 -9.05 -66.20
C GLY MA 352 2.57 -7.85 -65.52
N PHE MA 353 1.90 -7.36 -64.50
CA PHE MA 353 2.37 -6.22 -63.73
C PHE MA 353 2.39 -6.60 -62.24
N THR MA 354 3.30 -5.97 -61.50
CA THR MA 354 3.41 -6.19 -60.07
C THR MA 354 3.38 -4.85 -59.35
N ASN MA 355 2.97 -4.89 -58.08
CA ASN MA 355 3.21 -3.78 -57.16
C ASN MA 355 4.67 -3.84 -56.77
N THR MA 356 5.50 -3.16 -57.56
CA THR MA 356 6.94 -3.21 -57.38
C THR MA 356 7.36 -2.53 -56.08
N SER MA 357 6.78 -1.38 -55.77
CA SER MA 357 7.22 -0.59 -54.63
C SER MA 357 6.46 -0.88 -53.34
N LYS MA 358 5.46 -1.76 -53.36
CA LYS MA 358 4.62 -1.95 -52.20
C LYS MA 358 5.34 -2.72 -51.09
N LYS MA 359 5.11 -2.32 -49.85
CA LYS MA 359 5.61 -3.07 -48.70
C LYS MA 359 4.81 -4.36 -48.55
N ILE MA 360 5.46 -5.36 -47.97
CA ILE MA 360 4.80 -6.64 -47.73
C ILE MA 360 4.89 -6.99 -46.24
N THR NA 1 -16.38 -41.43 -37.80
CA THR NA 1 -17.08 -40.62 -36.82
C THR NA 1 -17.50 -39.28 -37.44
N MET NA 2 -17.34 -38.19 -36.69
CA MET NA 2 -17.73 -36.86 -37.13
C MET NA 2 -16.52 -35.96 -37.35
N GLN NA 3 -15.67 -35.80 -36.34
CA GLN NA 3 -14.57 -34.84 -36.42
C GLN NA 3 -13.46 -35.31 -37.35
N ARG NA 4 -13.35 -36.62 -37.60
CA ARG NA 4 -12.35 -37.11 -38.54
C ARG NA 4 -12.71 -36.73 -39.98
N SER NA 5 -14.00 -36.64 -40.30
CA SER NA 5 -14.42 -36.24 -41.63
C SER NA 5 -14.10 -34.78 -41.89
N SER NA 6 -14.27 -33.93 -40.88
CA SER NA 6 -13.87 -32.53 -41.02
C SER NA 6 -12.36 -32.37 -40.95
N ASP NA 7 -11.67 -33.27 -40.24
CA ASP NA 7 -10.22 -33.20 -40.19
C ASP NA 7 -9.60 -33.71 -41.48
N VAL NA 8 -10.21 -34.70 -42.12
CA VAL NA 8 -9.68 -35.17 -43.41
C VAL NA 8 -10.06 -34.22 -44.53
N ASN NA 9 -11.02 -33.32 -44.31
CA ASN NA 9 -11.35 -32.30 -45.28
C ASN NA 9 -10.24 -31.26 -45.38
N GLU NA 10 -9.61 -30.92 -44.25
CA GLU NA 10 -8.65 -29.83 -44.26
C GLU NA 10 -7.24 -30.27 -44.64
N ARG NA 11 -6.99 -31.58 -44.74
CA ARG NA 11 -5.73 -32.04 -45.34
C ARG NA 11 -5.77 -31.87 -46.85
N LYS NA 12 -6.91 -32.20 -47.45
CA LYS NA 12 -7.09 -32.01 -48.88
C LYS NA 12 -7.32 -30.55 -49.22
N LEU NA 13 -7.61 -29.73 -48.23
CA LEU NA 13 -7.62 -28.28 -48.40
C LEU NA 13 -6.20 -27.78 -48.62
N HIS NA 14 -6.08 -26.77 -49.48
CA HIS NA 14 -4.77 -26.27 -49.88
C HIS NA 14 -4.90 -24.78 -50.18
N VAL NA 15 -3.90 -24.23 -50.87
CA VAL NA 15 -3.88 -22.82 -51.23
C VAL NA 15 -4.54 -22.63 -52.61
N PRO NA 16 -5.38 -21.61 -52.77
CA PRO NA 16 -5.93 -21.31 -54.11
C PRO NA 16 -4.87 -20.63 -54.97
N MET NA 17 -4.42 -21.33 -56.02
CA MET NA 17 -3.38 -20.84 -56.89
C MET NA 17 -3.78 -21.09 -58.33
N VAL NA 18 -3.04 -20.44 -59.24
CA VAL NA 18 -3.25 -20.57 -60.69
C VAL NA 18 -2.05 -21.30 -61.27
N ASP NA 19 -2.30 -22.35 -62.03
CA ASP NA 19 -1.22 -23.18 -62.55
C ASP NA 19 -0.55 -22.54 -63.76
N ARG NA 20 -1.37 -22.05 -64.71
CA ARG NA 20 -0.93 -21.46 -65.98
C ARG NA 20 -0.02 -22.41 -66.76
N THR NA 21 -0.58 -23.57 -67.11
CA THR NA 21 0.13 -24.60 -67.84
C THR NA 21 -0.78 -25.10 -68.96
N PRO NA 22 -0.30 -25.13 -70.21
CA PRO NA 22 -1.13 -25.62 -71.32
C PRO NA 22 -1.34 -27.12 -71.22
N GLU NA 23 -2.60 -27.53 -71.08
CA GLU NA 23 -2.93 -28.93 -70.89
C GLU NA 23 -2.85 -29.72 -72.19
N ASP NA 24 -2.84 -29.06 -73.35
CA ASP NA 24 -2.82 -29.77 -74.62
C ASP NA 24 -1.43 -30.30 -74.93
N ASP NA 25 -0.45 -29.41 -75.06
CA ASP NA 25 0.94 -29.77 -75.33
C ASP NA 25 1.78 -29.24 -74.18
N PRO NA 26 1.91 -29.99 -73.10
CA PRO NA 26 2.70 -29.52 -71.97
C PRO NA 26 4.18 -29.56 -72.29
N PRO NA 27 4.99 -28.74 -71.64
CA PRO NA 27 6.44 -28.87 -71.80
C PRO NA 27 6.93 -30.14 -71.16
N PRO NA 28 8.07 -30.68 -71.61
CA PRO NA 28 8.66 -31.83 -70.92
C PRO NA 28 9.15 -31.43 -69.54
N PHE NA 29 8.73 -32.20 -68.53
CA PHE NA 29 9.06 -31.88 -67.15
C PHE NA 29 10.54 -32.10 -66.91
N ILE NA 30 11.17 -31.13 -66.25
CA ILE NA 30 12.61 -31.05 -66.16
C ILE NA 30 13.06 -31.74 -64.87
N VAL NA 31 14.02 -32.65 -65.02
CA VAL NA 31 14.54 -33.42 -63.89
C VAL NA 31 16.06 -33.30 -63.87
N ALA NA 32 16.61 -33.20 -62.67
CA ALA NA 32 18.05 -33.01 -62.48
C ALA NA 32 18.55 -34.06 -61.49
N VAL NA 33 19.59 -34.77 -61.88
CA VAL NA 33 20.21 -35.79 -61.04
C VAL NA 33 21.55 -35.24 -60.56
N VAL NA 34 21.78 -35.32 -59.24
CA VAL NA 34 22.98 -34.76 -58.63
C VAL NA 34 23.30 -35.59 -57.40
N GLY NA 35 24.53 -35.46 -56.91
CA GLY NA 35 24.97 -36.19 -55.74
C GLY NA 35 26.46 -36.06 -55.56
N PRO NA 36 27.07 -37.02 -54.86
CA PRO NA 36 28.54 -37.06 -54.82
C PRO NA 36 29.09 -37.41 -56.19
N PRO NA 37 30.25 -36.88 -56.56
CA PRO NA 37 30.80 -37.18 -57.88
C PRO NA 37 31.37 -38.57 -58.01
N GLY NA 38 32.00 -39.09 -56.95
CA GLY NA 38 32.61 -40.41 -57.01
C GLY NA 38 31.61 -41.55 -56.96
N THR NA 39 30.38 -41.29 -56.49
CA THR NA 39 29.35 -42.32 -56.46
C THR NA 39 28.85 -42.67 -57.85
N GLY NA 40 28.94 -41.74 -58.81
CA GLY NA 40 28.53 -42.02 -60.16
C GLY NA 40 27.09 -41.65 -60.43
N LYS NA 41 26.89 -40.69 -61.33
CA LYS NA 41 25.57 -40.29 -61.79
C LYS NA 41 25.35 -40.47 -63.28
N THR NA 42 26.42 -40.52 -64.08
CA THR NA 42 26.24 -40.78 -65.51
C THR NA 42 25.94 -42.25 -65.77
N THR NA 43 26.34 -43.15 -64.87
CA THR NA 43 26.04 -44.56 -65.05
C THR NA 43 24.57 -44.86 -64.81
N LEU NA 44 23.97 -44.20 -63.82
CA LEU NA 44 22.53 -44.30 -63.63
C LEU NA 44 21.78 -43.68 -64.79
N ILE NA 45 22.24 -42.53 -65.27
CA ILE NA 45 21.52 -41.83 -66.33
C ILE NA 45 21.71 -42.54 -67.67
N ARG NA 46 22.76 -43.36 -67.81
CA ARG NA 46 22.91 -44.16 -69.02
C ARG NA 46 21.94 -45.33 -69.01
N SER NA 47 21.84 -46.02 -67.88
CA SER NA 47 21.03 -47.23 -67.81
C SER NA 47 19.54 -46.91 -67.76
N LEU NA 48 19.19 -45.75 -67.19
CA LEU NA 48 17.78 -45.38 -67.08
C LEU NA 48 17.18 -45.04 -68.43
N VAL NA 49 17.94 -44.32 -69.28
CA VAL NA 49 17.43 -43.98 -70.59
C VAL NA 49 17.65 -45.12 -71.59
N ARG NA 50 18.52 -46.08 -71.29
CA ARG NA 50 18.69 -47.22 -72.18
C ARG NA 50 17.45 -48.12 -72.11
N ARG NA 51 16.94 -48.35 -70.90
CA ARG NA 51 15.71 -49.12 -70.74
C ARG NA 51 14.50 -48.34 -71.24
N MET NA 52 14.53 -47.01 -71.08
CA MET NA 52 13.38 -46.21 -71.49
C MET NA 52 13.29 -46.05 -73.00
N THR NA 53 14.42 -45.86 -73.69
CA THR NA 53 14.39 -45.63 -75.13
C THR NA 53 14.37 -46.89 -75.95
N LYS NA 54 14.82 -48.02 -75.38
CA LYS NA 54 15.28 -49.19 -76.12
C LYS NA 54 16.29 -48.78 -77.20
N SER NA 55 17.27 -47.98 -76.78
CA SER NA 55 18.37 -47.56 -77.64
C SER NA 55 19.51 -47.13 -76.72
N THR NA 56 20.59 -47.90 -76.70
CA THR NA 56 21.68 -47.61 -75.79
C THR NA 56 22.52 -46.44 -76.28
N LEU NA 57 23.14 -45.75 -75.32
CA LEU NA 57 24.01 -44.62 -75.60
C LEU NA 57 25.29 -44.78 -74.80
N ASN NA 58 26.26 -43.91 -75.10
CA ASN NA 58 27.54 -43.89 -74.41
C ASN NA 58 27.99 -42.44 -74.26
N ASP NA 59 28.59 -42.13 -73.11
CA ASP NA 59 29.07 -40.77 -72.76
C ASP NA 59 27.98 -39.71 -72.94
N ILE NA 60 26.93 -39.85 -72.14
CA ILE NA 60 25.78 -38.96 -72.22
C ILE NA 60 26.13 -37.63 -71.56
N GLN NA 61 25.98 -36.54 -72.30
CA GLN NA 61 26.24 -35.21 -71.77
C GLN NA 61 25.12 -34.28 -72.21
N GLY NA 62 24.91 -33.23 -71.41
CA GLY NA 62 23.90 -32.23 -71.72
C GLY NA 62 22.49 -32.72 -71.47
N PRO NA 63 21.51 -31.93 -71.88
CA PRO NA 63 20.11 -32.35 -71.72
C PRO NA 63 19.75 -33.47 -72.69
N ILE NA 64 18.95 -34.42 -72.20
CA ILE NA 64 18.44 -35.53 -73.00
C ILE NA 64 16.94 -35.59 -72.82
N THR NA 65 16.21 -35.61 -73.93
CA THR NA 65 14.75 -35.58 -73.91
C THR NA 65 14.20 -36.91 -74.39
N VAL NA 66 13.42 -37.58 -73.54
CA VAL NA 66 12.82 -38.86 -73.88
C VAL NA 66 11.37 -38.86 -73.39
N VAL NA 67 10.46 -39.29 -74.26
CA VAL NA 67 9.07 -39.43 -73.87
C VAL NA 67 8.92 -40.65 -72.95
N SER NA 68 8.07 -40.50 -71.93
CA SER NA 68 7.83 -41.58 -70.98
C SER NA 68 6.34 -41.56 -70.65
N GLY NA 69 5.58 -42.39 -71.33
CA GLY NA 69 4.13 -42.36 -71.24
C GLY NA 69 3.50 -41.50 -72.31
N LYS NA 70 2.20 -41.68 -72.48
CA LYS NA 70 1.48 -40.96 -73.52
C LYS NA 70 1.27 -39.49 -73.19
N HIS NA 71 1.40 -39.09 -71.93
CA HIS NA 71 1.16 -37.72 -71.53
C HIS NA 71 2.32 -37.07 -70.78
N ARG NA 72 3.47 -37.74 -70.68
CA ARG NA 72 4.63 -37.18 -70.00
C ARG NA 72 5.88 -37.34 -70.84
N ARG NA 73 6.83 -36.46 -70.59
CA ARG NA 73 8.19 -36.61 -71.11
C ARG NA 73 9.13 -35.88 -70.17
N LEU NA 74 10.35 -36.39 -70.06
CA LEU NA 74 11.32 -35.92 -69.07
C LEU NA 74 12.59 -35.46 -69.76
N THR NA 75 13.18 -34.38 -69.24
CA THR NA 75 14.50 -33.93 -69.67
C THR NA 75 15.47 -34.18 -68.52
N PHE NA 76 16.36 -35.16 -68.70
CA PHE NA 76 17.29 -35.54 -67.66
C PHE NA 76 18.54 -34.67 -67.73
N LEU NA 77 18.88 -34.05 -66.60
CA LEU NA 77 20.00 -33.13 -66.52
C LEU NA 77 21.02 -33.68 -65.54
N GLU NA 78 22.23 -33.94 -66.03
CA GLU NA 78 23.32 -34.41 -65.18
C GLU NA 78 24.06 -33.19 -64.67
N CYS NA 79 23.77 -32.78 -63.45
CA CYS NA 79 24.46 -31.64 -62.86
C CYS NA 79 25.73 -32.11 -62.17
N PRO NA 80 26.90 -31.56 -62.53
CA PRO NA 80 28.11 -31.88 -61.77
C PRO NA 80 28.05 -31.27 -60.37
N ALA NA 81 28.79 -31.90 -59.46
CA ALA NA 81 28.72 -31.53 -58.05
C ALA NA 81 29.61 -30.36 -57.68
N ASP NA 82 30.71 -30.14 -58.42
CA ASP NA 82 31.71 -29.17 -58.01
C ASP NA 82 31.25 -27.74 -58.23
N ASP NA 83 30.57 -27.48 -59.34
CA ASP NA 83 30.15 -26.13 -59.72
C ASP NA 83 28.93 -25.74 -58.91
N LEU NA 84 29.18 -25.12 -57.75
CA LEU NA 84 28.08 -24.63 -56.92
C LEU NA 84 27.34 -23.49 -57.60
N ASN NA 85 28.06 -22.68 -58.39
CA ASN NA 85 27.46 -21.53 -59.07
C ASN NA 85 26.46 -21.95 -60.14
N ALA NA 86 26.65 -23.13 -60.74
CA ALA NA 86 25.63 -23.70 -61.61
C ALA NA 86 24.65 -24.58 -60.87
N MET NA 87 25.05 -25.12 -59.72
CA MET NA 87 24.18 -25.92 -58.88
C MET NA 87 23.07 -25.08 -58.26
N ILE NA 88 23.33 -23.82 -57.94
CA ILE NA 88 22.27 -22.95 -57.44
C ILE NA 88 21.35 -22.54 -58.59
N ASP NA 89 21.87 -22.56 -59.81
CA ASP NA 89 21.05 -22.24 -60.98
C ASP NA 89 20.14 -23.40 -61.35
N ILE NA 90 20.61 -24.63 -61.18
CA ILE NA 90 19.81 -25.78 -61.59
C ILE NA 90 18.77 -26.11 -60.54
N ALA NA 91 18.92 -25.60 -59.31
CA ALA NA 91 17.90 -25.82 -58.30
C ALA NA 91 16.70 -24.92 -58.52
N LYS NA 92 16.88 -23.79 -59.18
CA LYS NA 92 15.78 -22.89 -59.45
C LYS NA 92 14.89 -23.42 -60.57
N ILE NA 93 15.47 -24.14 -61.53
CA ILE NA 93 14.74 -24.56 -62.71
C ILE NA 93 14.09 -25.94 -62.58
N ALA NA 94 14.57 -26.78 -61.67
CA ALA NA 94 14.16 -28.18 -61.66
C ALA NA 94 12.77 -28.35 -61.08
N ASP NA 95 12.05 -29.33 -61.62
CA ASP NA 95 10.71 -29.68 -61.15
C ASP NA 95 10.66 -31.03 -60.45
N LEU NA 96 11.50 -31.98 -60.87
CA LEU NA 96 11.73 -33.22 -60.17
C LEU NA 96 13.22 -33.34 -59.94
N VAL NA 97 13.63 -33.95 -58.83
CA VAL NA 97 15.05 -34.17 -58.56
C VAL NA 97 15.26 -35.61 -58.09
N LEU NA 98 16.16 -36.32 -58.78
CA LEU NA 98 16.56 -37.66 -58.40
C LEU NA 98 17.89 -37.56 -57.67
N LEU NA 99 17.81 -37.15 -56.41
CA LEU NA 99 19.01 -36.98 -55.60
C LEU NA 99 19.58 -38.33 -55.19
N LEU NA 100 20.85 -38.57 -55.48
CA LEU NA 100 21.52 -39.81 -55.11
C LEU NA 100 22.48 -39.55 -53.96
N ILE NA 101 22.51 -40.50 -53.02
CA ILE NA 101 23.35 -40.40 -51.84
C ILE NA 101 24.01 -41.76 -51.61
N ASP NA 102 25.11 -41.75 -50.87
CA ASP NA 102 25.82 -42.98 -50.53
C ASP NA 102 25.40 -43.45 -49.13
N GLY NA 103 25.03 -44.72 -49.03
CA GLY NA 103 24.62 -45.27 -47.75
C GLY NA 103 25.76 -45.37 -46.76
N ASN NA 104 26.96 -45.71 -47.24
CA ASN NA 104 28.12 -45.84 -46.35
C ASN NA 104 28.67 -44.49 -45.92
N PHE NA 105 28.33 -43.41 -46.61
CA PHE NA 105 28.72 -42.07 -46.19
C PHE NA 105 27.63 -41.36 -45.40
N GLY NA 106 26.40 -41.87 -45.42
CA GLY NA 106 25.30 -41.20 -44.77
C GLY NA 106 24.79 -40.06 -45.62
N PHE NA 107 25.51 -38.95 -45.65
CA PHE NA 107 25.10 -37.81 -46.45
C PHE NA 107 26.36 -37.04 -46.87
N GLU NA 108 26.14 -35.90 -47.52
CA GLU NA 108 27.20 -35.01 -47.96
C GLU NA 108 26.61 -33.61 -48.06
N MET NA 109 27.40 -32.61 -47.70
CA MET NA 109 26.84 -31.26 -47.78
C MET NA 109 26.77 -30.72 -49.19
N GLU NA 110 27.39 -31.40 -50.17
CA GLU NA 110 27.12 -31.05 -51.56
C GLU NA 110 25.66 -31.33 -51.92
N THR NA 111 25.13 -32.46 -51.44
CA THR NA 111 23.71 -32.73 -51.60
C THR NA 111 22.88 -31.94 -50.60
N MET NA 112 23.39 -31.72 -49.40
CA MET NA 112 22.60 -31.07 -48.35
C MET NA 112 22.47 -29.57 -48.60
N GLU NA 113 23.47 -28.96 -49.25
CA GLU NA 113 23.29 -27.60 -49.73
C GLU NA 113 22.19 -27.55 -50.79
N PHE NA 114 22.18 -28.54 -51.69
CA PHE NA 114 21.24 -28.56 -52.81
C PHE NA 114 19.80 -28.66 -52.33
N LEU NA 115 19.58 -29.39 -51.23
CA LEU NA 115 18.26 -29.41 -50.62
C LEU NA 115 17.90 -28.04 -50.06
N ASN NA 116 18.88 -27.32 -49.51
CA ASN NA 116 18.59 -26.03 -48.90
C ASN NA 116 18.32 -24.96 -49.97
N ILE NA 117 19.02 -25.02 -51.09
CA ILE NA 117 18.71 -24.12 -52.20
C ILE NA 117 17.35 -24.47 -52.80
N ALA NA 118 17.05 -25.77 -52.88
CA ALA NA 118 15.73 -26.21 -53.34
C ALA NA 118 14.65 -25.79 -52.34
N GLN NA 119 14.93 -25.87 -51.04
CA GLN NA 119 13.92 -25.49 -50.04
C GLN NA 119 13.63 -24.00 -50.08
N HIS NA 120 14.64 -23.18 -50.36
CA HIS NA 120 14.43 -21.74 -50.32
C HIS NA 120 13.85 -21.22 -51.62
N HIS NA 121 14.22 -21.80 -52.76
CA HIS NA 121 13.73 -21.33 -54.05
C HIS NA 121 12.49 -22.09 -54.51
N GLY NA 122 11.72 -22.65 -53.59
CA GLY NA 122 10.54 -23.40 -53.95
C GLY NA 122 10.90 -24.86 -54.12
N MET NA 123 10.37 -25.72 -53.25
CA MET NA 123 10.81 -27.11 -53.22
C MET NA 123 10.18 -27.90 -54.36
N PRO NA 124 10.97 -28.50 -55.25
CA PRO NA 124 10.41 -29.38 -56.28
C PRO NA 124 10.12 -30.75 -55.66
N ARG NA 125 9.50 -31.61 -56.47
CA ARG NA 125 9.29 -32.99 -56.05
C ARG NA 125 10.63 -33.72 -56.00
N VAL NA 126 10.86 -34.43 -54.90
CA VAL NA 126 12.14 -35.10 -54.66
C VAL NA 126 11.92 -36.60 -54.63
N LEU NA 127 12.75 -37.34 -55.35
CA LEU NA 127 12.75 -38.80 -55.33
C LEU NA 127 14.17 -39.25 -55.04
N GLY NA 128 14.43 -39.60 -53.79
CA GLY NA 128 15.78 -39.98 -53.40
C GLY NA 128 16.13 -41.39 -53.88
N VAL NA 129 17.42 -41.60 -54.14
CA VAL NA 129 17.96 -42.91 -54.43
C VAL NA 129 19.25 -43.07 -53.64
N ALA NA 130 19.55 -44.30 -53.24
CA ALA NA 130 20.76 -44.58 -52.48
C ALA NA 130 21.53 -45.72 -53.15
N THR NA 131 22.85 -45.58 -53.18
CA THR NA 131 23.72 -46.54 -53.83
C THR NA 131 24.72 -47.11 -52.84
N HIS NA 132 25.43 -48.14 -53.30
CA HIS NA 132 26.43 -48.89 -52.53
C HIS NA 132 25.86 -49.42 -51.22
N LEU NA 133 24.75 -50.17 -51.33
CA LEU NA 133 24.06 -50.70 -50.17
C LEU NA 133 24.56 -52.08 -49.78
N ASP NA 134 25.74 -52.49 -50.27
CA ASP NA 134 26.39 -53.70 -49.79
C ASP NA 134 27.30 -53.37 -48.60
N LEU NA 135 26.65 -52.89 -47.54
CA LEU NA 135 27.32 -52.38 -46.35
C LEU NA 135 28.12 -53.47 -45.62
N PHE NA 136 27.41 -54.42 -45.02
CA PHE NA 136 28.00 -55.51 -44.26
C PHE NA 136 26.87 -56.53 -44.11
N LYS NA 137 27.24 -57.79 -43.80
CA LYS NA 137 26.35 -58.94 -43.90
C LYS NA 137 25.10 -58.84 -43.03
N SER NA 138 25.13 -58.09 -41.94
CA SER NA 138 23.97 -57.97 -41.06
C SER NA 138 22.94 -57.06 -41.70
N GLN NA 139 21.80 -57.64 -42.08
CA GLN NA 139 20.72 -56.86 -42.65
C GLN NA 139 19.97 -56.05 -41.59
N SER NA 140 20.16 -56.37 -40.31
CA SER NA 140 19.54 -55.57 -39.25
C SER NA 140 20.20 -54.20 -39.15
N THR NA 141 21.53 -54.16 -39.16
CA THR NA 141 22.23 -52.88 -39.14
C THR NA 141 22.16 -52.19 -40.49
N LEU NA 142 22.00 -52.96 -41.57
CA LEU NA 142 21.67 -52.38 -42.86
C LEU NA 142 20.31 -51.72 -42.82
N ARG NA 143 19.35 -52.34 -42.12
CA ARG NA 143 18.07 -51.70 -41.88
C ARG NA 143 18.22 -50.49 -40.96
N ALA NA 144 19.14 -50.56 -40.00
CA ALA NA 144 19.38 -49.43 -39.10
C ALA NA 144 19.99 -48.24 -39.85
N SER NA 145 20.85 -48.52 -40.83
CA SER NA 145 21.34 -47.46 -41.69
C SER NA 145 20.22 -46.92 -42.58
N LYS NA 146 19.33 -47.80 -43.05
CA LYS NA 146 18.23 -47.37 -43.89
C LYS NA 146 17.18 -46.60 -43.08
N LYS NA 147 17.00 -46.96 -41.82
CA LYS NA 147 15.99 -46.31 -40.98
C LYS NA 147 16.37 -44.87 -40.67
N ARG NA 148 17.63 -44.63 -40.32
CA ARG NA 148 18.09 -43.28 -40.06
C ARG NA 148 18.17 -42.47 -41.34
N LEU NA 149 18.50 -43.11 -42.47
CA LEU NA 149 18.61 -42.39 -43.72
C LEU NA 149 17.24 -41.94 -44.23
N LYS NA 150 16.20 -42.74 -43.97
CA LYS NA 150 14.85 -42.30 -44.28
C LYS NA 150 14.44 -41.14 -43.38
N HIS NA 151 14.81 -41.19 -42.10
CA HIS NA 151 14.44 -40.12 -41.18
C HIS NA 151 15.22 -38.84 -41.45
N ARG NA 152 16.51 -38.96 -41.79
CA ARG NA 152 17.31 -37.79 -42.12
C ARG NA 152 16.87 -37.17 -43.44
N PHE NA 153 16.39 -37.99 -44.37
CA PHE NA 153 15.86 -37.47 -45.63
C PHE NA 153 14.51 -36.81 -45.42
N TRP NA 154 13.62 -37.45 -44.65
CA TRP NA 154 12.25 -36.97 -44.51
C TRP NA 154 12.15 -35.71 -43.67
N THR NA 155 13.16 -35.39 -42.87
CA THR NA 155 13.10 -34.19 -42.05
C THR NA 155 13.36 -32.91 -42.85
N GLU NA 156 13.78 -33.04 -44.11
CA GLU NA 156 14.10 -31.89 -44.93
C GLU NA 156 13.47 -31.91 -46.32
N VAL NA 157 12.67 -32.93 -46.65
CA VAL NA 157 12.21 -33.11 -48.00
C VAL NA 157 10.68 -33.12 -48.03
N TYR NA 158 10.08 -33.56 -46.92
CA TYR NA 158 8.82 -34.29 -46.83
C TYR NA 158 7.69 -33.71 -47.66
N GLN NA 159 7.27 -34.48 -48.66
CA GLN NA 159 6.02 -34.29 -49.38
C GLN NA 159 5.23 -35.59 -49.40
N GLY NA 160 5.47 -36.47 -48.42
CA GLY NA 160 5.15 -37.87 -48.58
C GLY NA 160 6.14 -38.60 -49.44
N ALA NA 161 7.34 -38.05 -49.62
CA ALA NA 161 8.31 -38.52 -50.59
C ALA NA 161 8.94 -39.85 -50.15
N LYS NA 162 9.48 -40.56 -51.12
CA LYS NA 162 10.05 -41.88 -50.91
C LYS NA 162 11.48 -41.92 -51.44
N LEU NA 163 12.35 -42.63 -50.74
CA LEU NA 163 13.65 -43.01 -51.27
C LEU NA 163 13.71 -44.52 -51.38
N PHE NA 164 14.45 -45.00 -52.38
CA PHE NA 164 14.72 -46.42 -52.50
C PHE NA 164 16.16 -46.60 -52.93
N TYR NA 165 16.52 -47.81 -53.34
CA TYR NA 165 17.90 -48.23 -53.35
C TYR NA 165 18.29 -48.79 -54.71
N LEU NA 166 19.58 -48.73 -55.00
CA LEU NA 166 20.17 -49.27 -56.22
C LEU NA 166 21.20 -50.30 -55.83
N SER NA 167 21.18 -51.46 -56.50
CA SER NA 167 22.00 -52.57 -56.07
C SER NA 167 23.44 -52.46 -56.56
N GLY NA 168 23.66 -52.46 -57.87
CA GLY NA 168 25.03 -52.53 -58.35
C GLY NA 168 25.20 -52.06 -59.77
N VAL NA 169 26.47 -52.01 -60.17
CA VAL NA 169 26.90 -51.54 -61.49
C VAL NA 169 27.70 -52.69 -62.13
N ILE NA 170 27.25 -53.91 -61.83
CA ILE NA 170 27.93 -55.21 -61.96
C ILE NA 170 28.71 -55.40 -63.26
N ASN NA 171 28.08 -55.07 -64.38
CA ASN NA 171 28.73 -55.10 -65.68
C ASN NA 171 28.58 -53.76 -66.37
N GLY NA 172 28.63 -52.68 -65.59
CA GLY NA 172 28.31 -51.36 -66.11
C GLY NA 172 26.83 -51.08 -66.21
N ARG NA 173 25.97 -51.98 -65.73
CA ARG NA 173 24.54 -51.83 -65.85
C ARG NA 173 23.88 -52.16 -64.52
N TYR NA 174 22.71 -51.60 -64.31
CA TYR NA 174 21.93 -51.68 -63.10
C TYR NA 174 20.86 -52.77 -63.21
N PRO NA 175 20.32 -53.25 -62.09
CA PRO NA 175 19.18 -54.17 -62.15
C PRO NA 175 17.96 -53.53 -62.78
N ASP NA 176 17.40 -54.21 -63.79
CA ASP NA 176 16.29 -53.65 -64.55
C ASP NA 176 15.01 -53.61 -63.73
N ARG NA 177 14.90 -54.46 -62.71
CA ARG NA 177 13.75 -54.40 -61.81
C ARG NA 177 13.75 -53.11 -61.01
N GLU NA 178 14.93 -52.67 -60.55
CA GLU NA 178 15.03 -51.39 -59.85
C GLU NA 178 14.80 -50.23 -60.81
N ILE NA 179 15.22 -50.38 -62.07
CA ILE NA 179 14.98 -49.34 -63.07
C ILE NA 179 13.49 -49.24 -63.38
N LEU NA 180 12.82 -50.38 -63.54
CA LEU NA 180 11.38 -50.39 -63.80
C LEU NA 180 10.60 -49.85 -62.60
N ASN NA 181 11.05 -50.17 -61.38
CA ASN NA 181 10.44 -49.59 -60.20
C ASN NA 181 10.70 -48.08 -60.12
N LEU NA 182 11.89 -47.65 -60.55
CA LEU NA 182 12.16 -46.22 -60.66
C LEU NA 182 11.32 -45.60 -61.76
N SER NA 183 11.12 -46.32 -62.87
CA SER NA 183 10.38 -45.77 -63.99
C SER NA 183 8.89 -45.66 -63.67
N ARG NA 184 8.38 -46.54 -62.82
CA ARG NA 184 7.00 -46.39 -62.33
C ARG NA 184 6.89 -45.16 -61.44
N PHE NA 185 7.86 -44.95 -60.56
CA PHE NA 185 7.76 -43.90 -59.55
C PHE NA 185 7.89 -42.51 -60.17
N ILE NA 186 8.71 -42.38 -61.22
CA ILE NA 186 8.78 -41.09 -61.90
C ILE NA 186 7.56 -40.84 -62.79
N SER NA 187 6.83 -41.89 -63.16
CA SER NA 187 5.66 -41.74 -64.00
C SER NA 187 4.38 -41.50 -63.22
N VAL NA 188 4.43 -41.57 -61.89
CA VAL NA 188 3.26 -41.34 -61.04
C VAL NA 188 3.48 -40.17 -60.10
N MET NA 189 4.51 -39.35 -60.33
CA MET NA 189 4.91 -38.38 -59.33
C MET NA 189 3.94 -37.20 -59.24
N LYS NA 190 3.33 -36.83 -60.38
CA LYS NA 190 2.29 -35.81 -60.49
C LYS NA 190 2.79 -34.45 -60.00
N PHE NA 191 3.71 -33.88 -60.79
CA PHE NA 191 4.44 -32.67 -60.44
C PHE NA 191 3.50 -31.49 -60.21
N ARG NA 192 3.83 -30.69 -59.19
CA ARG NA 192 3.05 -29.56 -58.74
C ARG NA 192 3.61 -28.26 -59.31
N PRO NA 193 2.75 -27.37 -59.81
CA PRO NA 193 3.23 -26.04 -60.22
C PRO NA 193 3.71 -25.23 -59.03
N LEU NA 194 4.67 -24.34 -59.30
CA LEU NA 194 5.32 -23.56 -58.26
C LEU NA 194 5.23 -22.08 -58.58
N LYS NA 195 5.38 -21.25 -57.53
CA LYS NA 195 5.03 -19.84 -57.63
C LYS NA 195 6.04 -19.09 -58.49
N TRP NA 196 7.32 -19.40 -58.34
CA TRP NA 196 8.36 -18.75 -59.15
C TRP NA 196 8.22 -19.10 -60.63
N ARG NA 197 7.91 -20.35 -60.93
CA ARG NA 197 7.83 -20.78 -62.32
C ARG NA 197 6.45 -20.58 -62.93
N ASN NA 198 5.50 -20.04 -62.18
CA ASN NA 198 4.21 -19.67 -62.74
C ASN NA 198 4.19 -18.25 -63.26
N GLU NA 199 5.30 -17.52 -63.17
CA GLU NA 199 5.39 -16.15 -63.65
C GLU NA 199 6.49 -15.93 -64.67
N HIS NA 200 7.65 -16.53 -64.47
CA HIS NA 200 8.83 -16.21 -65.26
C HIS NA 200 9.05 -17.24 -66.34
N PRO NA 201 9.14 -16.84 -67.61
CA PRO NA 201 9.35 -17.81 -68.68
C PRO NA 201 10.80 -18.28 -68.72
N TYR NA 202 11.02 -19.52 -68.29
CA TYR NA 202 12.35 -20.10 -68.30
C TYR NA 202 12.44 -21.13 -69.41
N MET NA 203 13.68 -21.49 -69.75
CA MET NA 203 13.98 -22.18 -70.99
C MET NA 203 15.38 -22.75 -70.89
N LEU NA 204 15.55 -23.96 -71.43
CA LEU NA 204 16.77 -24.73 -71.28
C LEU NA 204 17.35 -25.07 -72.65
N ALA NA 205 18.67 -24.90 -72.78
CA ALA NA 205 19.36 -24.96 -74.07
C ALA NA 205 19.43 -26.40 -74.57
N ASP NA 206 18.57 -26.75 -75.52
CA ASP NA 206 18.66 -28.06 -76.14
C ASP NA 206 19.82 -28.12 -77.13
N ARG NA 207 20.01 -27.08 -77.95
CA ARG NA 207 21.20 -26.99 -78.78
C ARG NA 207 21.57 -25.53 -78.96
N PHE NA 208 22.83 -25.31 -79.33
CA PHE NA 208 23.47 -24.01 -79.15
C PHE NA 208 24.58 -23.87 -80.18
N THR NA 209 24.41 -22.94 -81.13
CA THR NA 209 25.41 -22.73 -82.15
C THR NA 209 25.41 -21.26 -82.57
N ASP NA 210 26.54 -20.83 -83.12
CA ASP NA 210 26.74 -19.42 -83.46
C ASP NA 210 26.41 -19.15 -84.91
N LEU NA 211 25.85 -17.97 -85.17
CA LEU NA 211 25.53 -17.51 -86.51
C LEU NA 211 26.33 -16.24 -86.77
N THR NA 212 27.57 -16.41 -87.21
CA THR NA 212 28.43 -15.30 -87.57
C THR NA 212 29.16 -15.63 -88.87
N HIS NA 213 29.56 -14.60 -89.59
CA HIS NA 213 30.34 -14.79 -90.80
C HIS NA 213 31.77 -15.18 -90.43
N PRO NA 214 32.32 -16.25 -91.01
CA PRO NA 214 33.75 -16.56 -90.82
C PRO NA 214 34.67 -15.47 -91.35
N GLU NA 215 34.25 -14.76 -92.40
CA GLU NA 215 35.00 -13.61 -92.88
C GLU NA 215 34.98 -12.47 -91.89
N LEU NA 216 33.90 -12.34 -91.11
CA LEU NA 216 33.85 -11.32 -90.07
C LEU NA 216 34.79 -11.65 -88.92
N ILE NA 217 34.96 -12.94 -88.62
CA ILE NA 217 35.96 -13.35 -87.64
C ILE NA 217 37.36 -13.09 -88.17
N GLU NA 218 37.55 -13.25 -89.48
CA GLU NA 218 38.84 -12.97 -90.10
C GLU NA 218 39.16 -11.48 -90.07
N THR NA 219 38.16 -10.63 -90.26
CA THR NA 219 38.40 -9.19 -90.32
C THR NA 219 38.39 -8.51 -88.96
N GLN NA 220 38.02 -9.23 -87.89
CA GLN NA 220 37.97 -8.64 -86.56
C GLN NA 220 38.88 -9.33 -85.56
N GLY NA 221 39.44 -10.49 -85.90
CA GLY NA 221 40.39 -11.18 -85.03
C GLY NA 221 39.82 -11.73 -83.73
N LEU NA 222 38.58 -12.23 -83.77
CA LEU NA 222 37.89 -12.98 -82.72
C LEU NA 222 37.68 -12.22 -81.42
N GLN NA 223 38.01 -10.92 -81.37
CA GLN NA 223 37.68 -10.11 -80.19
C GLN NA 223 36.26 -9.61 -80.20
N ILE NA 224 35.54 -9.78 -81.32
CA ILE NA 224 34.17 -9.30 -81.44
C ILE NA 224 33.22 -10.26 -80.73
N ASP NA 225 32.27 -9.72 -80.00
CA ASP NA 225 31.20 -10.54 -79.45
C ASP NA 225 30.30 -11.03 -80.57
N ARG NA 226 29.91 -12.30 -80.50
CA ARG NA 226 29.24 -12.98 -81.59
C ARG NA 226 27.73 -12.83 -81.50
N LYS NA 227 27.07 -13.22 -82.59
CA LYS NA 227 25.63 -13.45 -82.61
C LYS NA 227 25.43 -14.96 -82.55
N VAL NA 228 24.61 -15.40 -81.60
CA VAL NA 228 24.46 -16.81 -81.32
C VAL NA 228 22.98 -17.16 -81.33
N ALA NA 229 22.68 -18.42 -81.61
CA ALA NA 229 21.32 -18.92 -81.64
C ALA NA 229 21.19 -20.08 -80.67
N ILE NA 230 20.16 -20.04 -79.83
CA ILE NA 230 19.94 -21.07 -78.83
C ILE NA 230 18.61 -21.76 -79.16
N TYR NA 231 18.49 -23.02 -78.75
CA TYR NA 231 17.32 -23.83 -79.06
C TYR NA 231 16.87 -24.54 -77.79
N GLY NA 232 15.58 -24.81 -77.69
CA GLY NA 232 15.08 -25.58 -76.58
C GLY NA 232 13.59 -25.43 -76.39
N TYR NA 233 13.14 -25.68 -75.16
CA TYR NA 233 11.73 -25.75 -74.83
C TYR NA 233 11.37 -24.65 -73.84
N LEU NA 234 10.36 -23.86 -74.18
CA LEU NA 234 9.85 -22.85 -73.27
C LEU NA 234 9.08 -23.50 -72.13
N HIS NA 235 8.85 -22.73 -71.08
CA HIS NA 235 8.23 -23.27 -69.87
C HIS NA 235 7.48 -22.16 -69.13
N GLY NA 236 6.41 -22.56 -68.46
CA GLY NA 236 5.76 -21.71 -67.48
C GLY NA 236 4.82 -20.65 -68.04
N THR NA 237 5.39 -19.58 -68.58
CA THR NA 237 4.62 -18.43 -69.03
C THR NA 237 5.03 -18.07 -70.45
N PRO NA 238 4.13 -17.44 -71.22
CA PRO NA 238 4.48 -17.06 -72.59
C PRO NA 238 5.58 -16.01 -72.69
N LEU NA 239 6.75 -16.41 -73.17
CA LEU NA 239 7.79 -15.47 -73.53
C LEU NA 239 7.38 -14.82 -74.84
N PRO NA 240 6.95 -13.55 -74.85
CA PRO NA 240 6.20 -13.02 -75.99
C PRO NA 240 7.05 -12.85 -77.24
N SER NA 241 6.39 -12.96 -78.38
CA SER NA 241 7.05 -13.05 -79.68
C SER NA 241 7.46 -11.71 -80.26
N ALA NA 242 7.31 -10.62 -79.51
CA ALA NA 242 7.83 -9.34 -79.95
C ALA NA 242 9.36 -9.39 -79.96
N PRO NA 243 10.02 -9.02 -81.05
CA PRO NA 243 11.48 -9.10 -81.09
C PRO NA 243 12.14 -8.02 -80.25
N GLY NA 244 12.73 -8.42 -79.12
CA GLY NA 244 13.38 -7.46 -78.26
C GLY NA 244 12.94 -7.49 -76.81
N THR NA 245 12.37 -8.61 -76.36
CA THR NA 245 12.03 -8.75 -74.95
C THR NA 245 13.29 -8.85 -74.11
N ARG NA 246 13.27 -8.17 -72.96
CA ARG NA 246 14.40 -8.14 -72.05
C ARG NA 246 14.48 -9.48 -71.33
N VAL NA 247 15.61 -10.16 -71.46
CA VAL NA 247 15.67 -11.56 -71.06
C VAL NA 247 17.12 -11.91 -70.75
N HIS NA 248 17.32 -12.97 -69.96
CA HIS NA 248 18.60 -13.18 -69.28
C HIS NA 248 19.04 -14.63 -69.36
N ILE NA 249 20.36 -14.81 -69.50
CA ILE NA 249 21.01 -16.11 -69.33
C ILE NA 249 21.79 -16.05 -68.02
N ALA NA 250 21.48 -16.96 -67.10
CA ALA NA 250 22.14 -16.99 -65.80
C ALA NA 250 23.52 -17.61 -65.95
N GLY NA 251 24.55 -16.76 -65.90
CA GLY NA 251 25.91 -17.24 -65.99
C GLY NA 251 26.72 -16.52 -67.05
N VAL NA 252 26.04 -15.76 -67.91
CA VAL NA 252 26.72 -14.98 -68.94
C VAL NA 252 26.45 -13.51 -68.68
N GLY NA 253 25.17 -13.12 -68.72
CA GLY NA 253 24.80 -11.75 -68.49
C GLY NA 253 23.39 -11.50 -68.99
N ASP NA 254 23.04 -10.22 -69.01
CA ASP NA 254 21.72 -9.80 -69.46
C ASP NA 254 21.77 -9.50 -70.95
N PHE NA 255 20.74 -9.91 -71.68
CA PHE NA 255 20.71 -9.78 -73.13
C PHE NA 255 19.32 -9.37 -73.57
N SER NA 256 19.06 -9.50 -74.87
CA SER NA 256 17.73 -9.32 -75.43
C SER NA 256 17.63 -10.16 -76.70
N VAL NA 257 16.42 -10.62 -77.00
CA VAL NA 257 16.22 -11.45 -78.18
C VAL NA 257 16.24 -10.57 -79.43
N ALA NA 258 16.80 -11.10 -80.51
CA ALA NA 258 16.83 -10.39 -81.79
C ALA NA 258 15.64 -10.78 -82.67
N GLN NA 259 15.42 -12.09 -82.87
CA GLN NA 259 14.21 -12.56 -83.51
C GLN NA 259 13.87 -13.93 -82.94
N ILE NA 260 12.58 -14.24 -82.93
CA ILE NA 260 12.09 -15.45 -82.28
C ILE NA 260 11.23 -16.25 -83.26
N GLU NA 261 11.52 -17.53 -83.38
CA GLU NA 261 10.84 -18.38 -84.34
C GLU NA 261 10.58 -19.75 -83.72
N LYS NA 262 9.33 -20.20 -83.81
CA LYS NA 262 8.96 -21.52 -83.32
C LYS NA 262 9.25 -22.58 -84.38
N LEU NA 263 9.24 -23.83 -83.94
CA LEU NA 263 9.58 -24.96 -84.78
C LEU NA 263 8.59 -26.08 -84.52
N PRO NA 264 8.46 -27.04 -85.43
CA PRO NA 264 7.79 -28.30 -85.09
C PRO NA 264 8.58 -29.05 -84.02
N ASP NA 265 7.87 -29.86 -83.25
CA ASP NA 265 8.49 -30.54 -82.12
C ASP NA 265 9.40 -31.66 -82.60
N PRO NA 266 10.68 -31.67 -82.22
CA PRO NA 266 11.55 -32.80 -82.57
C PRO NA 266 11.12 -34.12 -81.97
N CYS NA 267 10.56 -34.12 -80.76
CA CYS NA 267 9.91 -35.32 -80.26
C CYS NA 267 8.40 -35.09 -80.27
N PRO NA 268 7.64 -35.92 -80.97
CA PRO NA 268 6.18 -35.73 -81.00
C PRO NA 268 5.44 -36.60 -79.99
N THR NA 269 4.37 -36.07 -79.44
CA THR NA 269 3.47 -36.91 -78.68
C THR NA 269 2.67 -37.81 -79.62
N PRO NA 270 2.40 -39.04 -79.23
CA PRO NA 270 1.60 -39.94 -80.07
C PRO NA 270 0.12 -39.56 -80.03
N PHE NA 271 -0.66 -40.25 -80.84
CA PHE NA 271 -2.09 -39.99 -80.94
C PHE NA 271 -2.90 -41.14 -80.37
N ARG NA 303 -8.06 -48.52 -71.84
CA ARG NA 303 -6.63 -48.28 -71.70
C ARG NA 303 -5.86 -48.93 -72.85
N LYS NA 304 -4.99 -48.16 -73.50
CA LYS NA 304 -4.19 -48.63 -74.60
C LYS NA 304 -2.72 -48.48 -74.26
N ARG NA 305 -1.90 -49.43 -74.72
CA ARG NA 305 -0.50 -49.44 -74.37
C ARG NA 305 0.29 -48.45 -75.23
N LEU NA 306 1.55 -48.29 -74.86
CA LEU NA 306 2.53 -47.60 -75.68
C LEU NA 306 3.10 -48.60 -76.69
N ASP NA 307 3.74 -48.11 -77.75
CA ASP NA 307 4.44 -48.98 -78.68
C ASP NA 307 5.87 -48.48 -78.82
N ASP NA 308 6.78 -49.39 -79.20
CA ASP NA 308 8.20 -49.08 -79.26
C ASP NA 308 8.57 -48.29 -80.52
N LYS NA 309 7.64 -48.06 -81.45
CA LYS NA 309 7.90 -47.31 -82.68
C LYS NA 309 7.83 -45.81 -82.47
N ASP NA 310 6.89 -45.33 -81.65
CA ASP NA 310 6.74 -43.89 -81.47
C ASP NA 310 7.69 -43.32 -80.44
N LYS NA 311 8.23 -44.14 -79.54
CA LYS NA 311 9.20 -43.62 -78.59
C LYS NA 311 10.53 -43.35 -79.30
N LEU NA 312 11.18 -42.28 -78.87
CA LEU NA 312 12.44 -41.82 -79.45
C LEU NA 312 13.08 -40.84 -78.49
N ILE NA 313 14.35 -40.56 -78.72
CA ILE NA 313 15.09 -39.59 -77.93
C ILE NA 313 15.69 -38.55 -78.87
N TYR NA 314 15.45 -37.28 -78.55
CA TYR NA 314 16.05 -36.16 -79.26
C TYR NA 314 17.04 -35.51 -78.32
N ALA NA 315 18.32 -35.51 -78.69
CA ALA NA 315 19.33 -34.95 -77.80
C ALA NA 315 20.54 -34.48 -78.59
N PRO NA 316 20.71 -33.18 -78.76
CA PRO NA 316 21.96 -32.66 -79.33
C PRO NA 316 22.97 -32.30 -78.26
N MET NA 317 24.22 -32.08 -78.67
CA MET NA 317 25.41 -32.24 -77.85
C MET NA 317 25.32 -33.51 -77.01
N SER NA 318 25.09 -34.62 -77.72
CA SER NA 318 24.92 -35.92 -77.11
C SER NA 318 25.36 -36.96 -78.13
N ASP NA 319 25.61 -38.17 -77.65
CA ASP NA 319 26.09 -39.25 -78.50
C ASP NA 319 24.93 -40.20 -78.78
N VAL NA 320 24.15 -39.88 -79.81
CA VAL NA 320 23.26 -40.87 -80.42
C VAL NA 320 24.12 -41.98 -80.99
N GLY NA 321 23.64 -43.23 -80.86
CA GLY NA 321 24.46 -44.45 -80.82
C GLY NA 321 25.60 -44.66 -81.78
N GLY NA 322 25.63 -43.94 -82.90
CA GLY NA 322 26.79 -43.93 -83.75
C GLY NA 322 27.44 -42.57 -83.94
N VAL NA 323 26.75 -41.49 -83.58
CA VAL NA 323 27.17 -40.14 -83.95
C VAL NA 323 27.42 -39.29 -82.71
N LEU NA 324 28.11 -38.17 -82.92
CA LEU NA 324 28.12 -37.02 -82.03
C LEU NA 324 28.68 -35.84 -82.80
N MET NA 325 28.26 -34.64 -82.40
CA MET NA 325 28.55 -33.44 -83.17
C MET NA 325 29.38 -32.47 -82.35
N ASP NA 326 30.23 -31.72 -83.04
CA ASP NA 326 30.94 -30.59 -82.47
C ASP NA 326 30.11 -29.33 -82.69
N LYS NA 327 30.73 -28.16 -82.51
CA LYS NA 327 30.11 -26.91 -82.93
C LYS NA 327 29.87 -26.91 -84.44
N ASP NA 328 30.90 -27.25 -85.21
CA ASP NA 328 30.76 -27.46 -86.65
C ASP NA 328 30.96 -28.93 -86.99
N ALA NA 329 31.99 -29.55 -86.40
CA ALA NA 329 32.46 -30.85 -86.85
C ALA NA 329 31.59 -31.98 -86.31
N VAL NA 330 32.02 -33.20 -86.65
CA VAL NA 330 31.28 -34.42 -86.32
C VAL NA 330 32.26 -35.58 -86.31
N TYR NA 331 32.13 -36.46 -85.33
CA TYR NA 331 32.86 -37.73 -85.31
C TYR NA 331 31.88 -38.88 -85.46
N ILE NA 332 32.44 -40.08 -85.63
CA ILE NA 332 31.65 -41.28 -85.88
C ILE NA 332 32.26 -42.43 -85.08
N ASP NA 333 31.47 -43.49 -84.92
CA ASP NA 333 31.90 -44.67 -84.18
C ASP NA 333 32.94 -45.46 -84.97
N ILE NA 334 33.56 -46.43 -84.29
CA ILE NA 334 34.61 -47.23 -84.91
C ILE NA 334 34.05 -48.15 -86.00
N GLY NA 335 32.81 -48.60 -85.86
CA GLY NA 335 32.19 -49.46 -86.85
C GLY NA 335 32.72 -50.89 -86.86
N UNK NA 478 42.04 -56.82 -104.72
CA UNK NA 478 40.59 -56.73 -104.65
C UNK NA 478 40.17 -55.75 -103.56
N UNK NA 479 40.12 -56.25 -102.33
CA UNK NA 479 39.79 -55.41 -101.18
C UNK NA 479 40.94 -54.48 -100.87
N UNK NA 480 42.15 -54.93 -101.18
CA UNK NA 480 43.35 -54.12 -101.03
C UNK NA 480 43.35 -53.02 -102.09
N UNK NA 481 42.80 -53.34 -103.26
CA UNK NA 481 42.61 -52.35 -104.31
C UNK NA 481 41.52 -51.39 -103.89
N UNK NA 482 40.52 -51.92 -103.19
CA UNK NA 482 39.46 -51.11 -102.60
C UNK NA 482 40.01 -50.29 -101.44
N UNK NA 483 41.06 -50.82 -100.82
CA UNK NA 483 41.79 -50.07 -99.80
C UNK NA 483 42.73 -49.07 -100.47
N UNK NA 484 43.08 -49.36 -101.73
CA UNK NA 484 43.92 -48.46 -102.51
C UNK NA 484 43.07 -47.45 -103.27
N UNK NA 485 41.75 -47.58 -103.14
CA UNK NA 485 40.82 -46.62 -103.73
C UNK NA 485 40.95 -45.29 -103.00
N UNK NA 486 41.17 -45.37 -101.69
CA UNK NA 486 41.44 -44.18 -100.88
C UNK NA 486 42.83 -43.66 -101.16
N UNK NA 487 43.72 -44.56 -101.58
CA UNK NA 487 45.08 -44.17 -101.96
C UNK NA 487 45.06 -43.54 -103.34
N UNK NA 488 44.12 -43.96 -104.17
CA UNK NA 488 43.94 -43.39 -105.50
C UNK NA 488 43.09 -42.13 -105.41
N UNK NA 489 42.51 -41.91 -104.23
CA UNK NA 489 41.66 -40.76 -103.98
C UNK NA 489 42.46 -39.50 -103.69
N UNK NA 490 43.78 -39.63 -103.59
CA UNK NA 490 44.65 -38.51 -103.26
C UNK NA 490 44.73 -37.50 -104.41
N UNK NA 491 45.30 -37.94 -105.54
CA UNK NA 491 45.47 -37.08 -106.70
C UNK NA 491 44.37 -37.32 -107.73
N UNK NA 492 43.18 -37.67 -107.24
CA UNK NA 492 42.05 -37.95 -108.10
C UNK NA 492 41.43 -36.67 -108.64
N UNK NA 493 41.83 -36.28 -109.84
CA UNK NA 493 41.31 -35.07 -110.47
C UNK NA 493 40.34 -35.43 -111.59
N UNK NA 494 39.54 -34.46 -112.00
CA UNK NA 494 38.60 -34.66 -113.09
C UNK NA 494 39.35 -34.67 -114.42
N UNK NA 495 39.92 -35.82 -114.75
CA UNK NA 495 40.69 -35.97 -115.99
C UNK NA 495 39.78 -36.05 -117.20
N UNK NA 496 38.52 -36.42 -116.94
CA UNK NA 496 37.51 -36.46 -117.98
C UNK NA 496 37.17 -35.05 -118.45
N UNK NA 497 37.26 -34.10 -117.52
CA UNK NA 497 37.00 -32.70 -117.84
C UNK NA 497 38.32 -31.95 -117.98
N UNK NA 498 39.30 -32.58 -118.63
CA UNK NA 498 40.62 -31.98 -118.79
C UNK NA 498 41.36 -32.50 -120.00
N UNK NA 499 41.44 -33.83 -120.13
CA UNK NA 499 42.23 -34.46 -121.17
C UNK NA 499 41.62 -34.28 -122.55
N UNK NA 500 40.35 -34.65 -122.69
CA UNK NA 500 39.56 -34.53 -123.93
C UNK NA 500 40.19 -35.22 -125.13
N UNK NA 501 39.79 -34.78 -126.33
CA UNK NA 501 40.31 -35.34 -127.57
C UNK NA 501 40.62 -34.22 -128.55
N UNK NA 502 40.31 -34.45 -129.83
CA UNK NA 502 40.55 -33.45 -130.87
C UNK NA 502 39.31 -32.59 -131.10
N UNK NA 503 38.74 -32.08 -130.01
CA UNK NA 503 37.53 -31.25 -130.08
C UNK NA 503 37.40 -30.36 -128.86
N UNK NA 504 36.42 -29.47 -128.90
CA UNK NA 504 36.13 -28.58 -127.78
C UNK NA 504 34.62 -28.43 -127.62
N UNK NA 505 34.14 -27.19 -127.73
CA UNK NA 505 32.70 -26.92 -127.60
C UNK NA 505 32.31 -25.63 -128.32
N UNK NA 506 33.32 -24.89 -128.79
CA UNK NA 506 33.08 -23.62 -129.46
C UNK NA 506 32.54 -23.81 -130.87
N ASN NA 507 -12.89 -4.92 -91.48
CA ASN NA 507 -11.61 -4.99 -90.79
C ASN NA 507 -11.23 -3.64 -90.17
N ILE NA 508 -11.27 -3.57 -88.84
CA ILE NA 508 -10.72 -2.42 -88.11
C ILE NA 508 -9.67 -2.82 -87.09
N GLY NA 509 -9.61 -4.10 -86.67
CA GLY NA 509 -8.58 -4.52 -85.73
C GLY NA 509 -7.19 -4.48 -86.36
N LYS NA 510 -7.08 -4.85 -87.63
CA LYS NA 510 -5.79 -4.76 -88.29
C LYS NA 510 -5.50 -3.35 -88.78
N LEU NA 511 -6.48 -2.70 -89.41
CA LEU NA 511 -6.24 -1.44 -90.12
C LEU NA 511 -5.86 -0.30 -89.18
N ILE NA 512 -6.20 -0.43 -87.89
CA ILE NA 512 -5.63 0.44 -86.87
C ILE NA 512 -4.13 0.22 -86.74
N TYR NA 513 -3.70 -1.05 -86.79
CA TYR NA 513 -2.35 -1.39 -86.36
C TYR NA 513 -1.28 -1.17 -87.44
N MET NA 514 -1.63 -0.88 -88.68
CA MET NA 514 -0.64 -0.24 -89.55
C MET NA 514 -0.27 1.13 -89.03
N ASP NA 515 1.02 1.47 -89.13
CA ASP NA 515 1.55 2.73 -88.65
C ASP NA 515 1.81 3.73 -89.77
N ASN NA 516 1.97 3.26 -91.00
CA ASN NA 516 2.10 4.18 -92.13
C ASN NA 516 0.78 4.88 -92.43
N ILE NA 517 -0.33 4.22 -92.13
CA ILE NA 517 -1.66 4.76 -92.41
C ILE NA 517 -2.00 5.79 -91.35
N SER NA 518 -2.46 6.97 -91.78
CA SER NA 518 -2.93 7.98 -90.84
C SER NA 518 -4.24 7.52 -90.19
N PRO NA 519 -4.48 7.91 -88.94
CA PRO NA 519 -5.76 7.55 -88.29
C PRO NA 519 -6.98 8.18 -88.95
N GLU NA 520 -6.81 9.28 -89.69
CA GLU NA 520 -7.90 9.79 -90.52
C GLU NA 520 -8.25 8.81 -91.63
N GLU NA 521 -7.22 8.26 -92.30
CA GLU NA 521 -7.42 7.31 -93.38
C GLU NA 521 -8.03 6.00 -92.88
N CYS NA 522 -7.76 5.65 -91.63
CA CYS NA 522 -8.40 4.49 -91.01
C CYS NA 522 -9.91 4.69 -90.90
N ILE NA 523 -10.34 5.91 -90.57
CA ILE NA 523 -11.76 6.23 -90.56
C ILE NA 523 -12.30 6.25 -91.99
N ARG NA 524 -11.50 6.75 -92.94
CA ARG NA 524 -11.92 6.78 -94.34
C ARG NA 524 -12.08 5.38 -94.91
N ARG NA 525 -11.19 4.45 -94.55
CA ARG NA 525 -11.37 3.08 -94.96
C ARG NA 525 -12.54 2.42 -94.23
N TRP NA 526 -12.85 2.89 -93.03
CA TRP NA 526 -14.00 2.37 -92.29
C TRP NA 526 -15.32 2.96 -92.78
N ARG NA 527 -15.30 4.11 -93.45
CA ARG NA 527 -16.54 4.77 -93.86
C ARG NA 527 -16.69 4.86 -95.37
N GLY NA 528 -15.67 5.36 -96.08
CA GLY NA 528 -15.76 5.50 -97.52
C GLY NA 528 -14.61 6.28 -98.13
N VAL NA 565 -7.88 16.75 -82.09
CA VAL NA 565 -7.86 15.32 -81.78
C VAL NA 565 -6.70 15.01 -80.85
N ASP NA 566 -6.99 15.02 -79.54
CA ASP NA 566 -5.96 14.78 -78.55
C ASP NA 566 -6.61 14.28 -77.26
N LEU NA 567 -5.82 13.55 -76.47
CA LEU NA 567 -6.28 13.04 -75.18
C LEU NA 567 -6.03 14.05 -74.05
N GLU NA 568 -5.30 15.13 -74.32
CA GLU NA 568 -5.09 16.15 -73.30
C GLU NA 568 -6.39 16.88 -72.96
N LYS NA 569 -7.20 17.17 -73.96
CA LYS NA 569 -8.56 17.61 -73.69
C LYS NA 569 -9.41 16.44 -73.26
N PHE NA 570 -10.48 16.72 -72.51
CA PHE NA 570 -11.28 15.67 -71.90
C PHE NA 570 -12.59 15.41 -72.64
N VAL NA 571 -13.31 16.46 -72.98
CA VAL NA 571 -14.64 16.30 -73.60
C VAL NA 571 -14.48 15.81 -75.04
N PRO NA 572 -15.23 14.82 -75.48
CA PRO NA 572 -15.16 14.38 -76.87
C PRO NA 572 -15.87 15.36 -77.80
N TYR NA 573 -15.89 15.02 -79.09
CA TYR NA 573 -16.49 15.90 -80.08
C TYR NA 573 -18.02 15.82 -80.02
N PHE NA 574 -18.65 16.98 -80.19
CA PHE NA 574 -20.10 17.05 -80.31
C PHE NA 574 -20.42 18.08 -81.40
N ASP NA 575 -21.68 18.06 -81.83
CA ASP NA 575 -22.16 19.02 -82.82
C ASP NA 575 -22.56 20.32 -82.11
N THR NA 576 -23.25 21.19 -82.82
CA THR NA 576 -23.82 22.38 -82.20
C THR NA 576 -24.96 21.98 -81.27
N PHE NA 577 -25.27 22.89 -80.33
CA PHE NA 577 -26.37 22.65 -79.41
C PHE NA 577 -27.71 22.64 -80.12
N GLU NA 578 -27.84 23.44 -81.19
CA GLU NA 578 -29.04 23.40 -82.01
C GLU NA 578 -29.19 22.06 -82.70
N LYS NA 579 -28.09 21.52 -83.23
CA LYS NA 579 -28.13 20.23 -83.91
C LYS NA 579 -28.43 19.09 -82.96
N LEU NA 580 -27.87 19.15 -81.75
CA LEU NA 580 -28.09 18.06 -80.79
C LEU NA 580 -29.48 18.10 -80.20
N ALA NA 581 -30.02 19.30 -79.96
CA ALA NA 581 -31.37 19.41 -79.39
C ALA NA 581 -32.43 19.05 -80.42
N LYS NA 582 -32.20 19.38 -81.69
CA LYS NA 582 -33.12 18.97 -82.75
C LYS NA 582 -33.06 17.48 -83.00
N LYS NA 583 -31.87 16.88 -82.88
CA LYS NA 583 -31.73 15.44 -83.01
C LYS NA 583 -32.38 14.72 -81.84
N TRP NA 584 -32.25 15.27 -80.63
CA TRP NA 584 -32.80 14.66 -79.43
C TRP NA 584 -34.13 15.27 -79.03
N LYS NA 585 -34.87 15.84 -79.99
CA LYS NA 585 -36.27 16.17 -79.74
C LYS NA 585 -37.09 14.92 -79.46
N SER NA 586 -36.85 13.86 -80.23
CA SER NA 586 -37.37 12.55 -79.92
C SER NA 586 -36.30 11.72 -79.25
N VAL NA 587 -36.70 10.98 -78.21
CA VAL NA 587 -35.78 10.17 -77.43
C VAL NA 587 -36.03 8.67 -77.63
N ASP NA 588 -36.82 8.30 -78.64
CA ASP NA 588 -37.22 6.92 -78.81
C ASP NA 588 -36.08 6.01 -79.28
N ALA NA 589 -35.01 6.58 -79.83
CA ALA NA 589 -33.89 5.77 -80.27
C ALA NA 589 -32.98 5.35 -79.12
N ILE NA 590 -33.19 5.89 -77.92
CA ILE NA 590 -32.39 5.54 -76.76
C ILE NA 590 -33.21 4.86 -75.66
N LYS NA 591 -34.53 4.84 -75.77
CA LYS NA 591 -35.40 4.34 -74.71
C LYS NA 591 -35.34 2.83 -74.53
N GLU NA 592 -34.68 2.11 -75.43
CA GLU NA 592 -34.51 0.67 -75.25
C GLU NA 592 -33.59 0.35 -74.08
N ARG NA 593 -32.61 1.22 -73.81
CA ARG NA 593 -31.58 0.97 -72.80
C ARG NA 593 -32.02 1.32 -71.37
N PHE NA 594 -33.30 1.54 -71.14
CA PHE NA 594 -33.78 2.00 -69.84
C PHE NA 594 -34.67 0.96 -69.19
N LEU NA 595 -34.85 1.10 -67.89
CA LEU NA 595 -35.68 0.18 -67.11
C LEU NA 595 -37.16 0.46 -67.34
N THR NA 708 -19.68 -23.87 -50.80
CA THR NA 708 -18.43 -23.83 -50.06
C THR NA 708 -17.50 -22.78 -50.70
N TRP NA 709 -16.78 -22.04 -49.86
CA TRP NA 709 -16.07 -20.86 -50.33
C TRP NA 709 -14.81 -21.21 -51.13
N TYR NA 710 -14.13 -22.31 -50.77
CA TYR NA 710 -12.88 -22.64 -51.44
C TYR NA 710 -13.14 -23.14 -52.86
N GLU NA 711 -14.15 -24.00 -53.04
CA GLU NA 711 -14.45 -24.48 -54.39
C GLU NA 711 -15.11 -23.38 -55.23
N LEU NA 712 -15.75 -22.40 -54.59
CA LEU NA 712 -16.29 -21.26 -55.31
C LEU NA 712 -15.17 -20.42 -55.92
N GLN NA 713 -14.10 -20.20 -55.17
CA GLN NA 713 -12.97 -19.45 -55.70
C GLN NA 713 -12.19 -20.30 -56.69
N LYS NA 714 -12.13 -21.61 -56.47
CA LYS NA 714 -11.45 -22.49 -57.40
C LYS NA 714 -12.21 -22.62 -58.72
N ALA NA 715 -13.54 -22.61 -58.65
CA ALA NA 715 -14.32 -22.62 -59.89
C ALA NA 715 -14.25 -21.28 -60.62
N LYS NA 716 -14.01 -20.20 -59.87
CA LYS NA 716 -13.80 -18.90 -60.50
C LYS NA 716 -12.51 -18.89 -61.33
N ILE NA 717 -11.46 -19.54 -60.82
CA ILE NA 717 -10.20 -19.60 -61.54
C ILE NA 717 -10.33 -20.49 -62.78
N SER NA 718 -11.04 -21.61 -62.66
CA SER NA 718 -11.22 -22.51 -63.80
C SER NA 718 -12.14 -21.88 -64.86
N LYS NA 719 -13.14 -21.12 -64.42
CA LYS NA 719 -13.96 -20.37 -65.37
C LYS NA 719 -13.15 -19.26 -66.03
N GLN NA 720 -12.22 -18.66 -65.29
CA GLN NA 720 -11.31 -17.68 -65.86
C GLN NA 720 -10.39 -18.31 -66.89
N LEU NA 721 -9.89 -19.51 -66.59
CA LEU NA 721 -8.97 -20.18 -67.52
C LEU NA 721 -9.71 -20.75 -68.72
N GLU NA 722 -10.95 -21.21 -68.53
CA GLU NA 722 -11.75 -21.71 -69.64
C GLU NA 722 -12.13 -20.58 -70.59
N ILE NA 723 -12.50 -19.42 -70.05
CA ILE NA 723 -12.86 -18.29 -70.89
C ILE NA 723 -11.63 -17.67 -71.53
N ASN NA 724 -10.43 -17.95 -71.02
CA ASN NA 724 -9.21 -17.57 -71.72
C ASN NA 724 -9.03 -18.41 -72.98
N ASN NA 725 -9.45 -19.67 -72.93
CA ASN NA 725 -9.32 -20.55 -74.08
C ASN NA 725 -10.29 -20.17 -75.19
N ILE NA 726 -11.48 -19.70 -74.82
CA ILE NA 726 -12.47 -19.30 -75.82
C ILE NA 726 -12.02 -18.04 -76.56
N GLU NA 727 -11.34 -17.13 -75.84
CA GLU NA 727 -10.75 -15.97 -76.50
C GLU NA 727 -9.59 -16.36 -77.41
N TYR NA 728 -8.91 -17.46 -77.10
CA TYR NA 728 -7.73 -17.85 -77.85
C TYR NA 728 -8.09 -18.45 -79.21
N GLN NA 729 -9.24 -19.11 -79.33
CA GLN NA 729 -9.55 -19.86 -80.54
C GLN NA 729 -10.22 -18.99 -81.62
N GLU NA 730 -10.03 -17.68 -81.59
CA GLU NA 730 -10.56 -16.79 -82.62
C GLU NA 730 -9.41 -16.04 -83.27
N MET NA 731 -9.54 -15.82 -84.59
CA MET NA 731 -8.55 -15.16 -85.45
C MET NA 731 -7.20 -15.88 -85.36
N THR NA 732 -7.22 -17.09 -85.93
CA THR NA 732 -6.13 -18.06 -85.78
C THR NA 732 -4.73 -17.60 -86.18
N PRO NA 733 -4.46 -16.95 -87.33
CA PRO NA 733 -3.05 -16.69 -87.65
C PRO NA 733 -2.41 -15.58 -86.84
N GLU NA 734 -3.15 -14.50 -86.58
CA GLU NA 734 -2.58 -13.40 -85.80
C GLU NA 734 -2.42 -13.77 -84.34
N GLN NA 735 -3.37 -14.56 -83.78
CA GLN NA 735 -3.25 -14.96 -82.39
C GLN NA 735 -2.13 -15.95 -82.19
N ARG NA 736 -1.80 -16.75 -83.21
CA ARG NA 736 -0.76 -17.76 -83.07
C ARG NA 736 0.62 -17.12 -83.01
N GLN NA 737 0.75 -15.93 -83.60
CA GLN NA 737 2.05 -15.26 -83.62
C GLN NA 737 2.16 -14.25 -82.50
N ARG NA 738 1.26 -13.27 -82.47
CA ARG NA 738 1.51 -12.06 -81.68
C ARG NA 738 0.89 -12.13 -80.28
N ILE NA 739 -0.43 -12.28 -80.19
CA ILE NA 739 -1.11 -12.06 -78.92
C ILE NA 739 -0.96 -13.23 -77.95
N GLU NA 740 -0.58 -14.41 -78.44
CA GLU NA 740 -0.29 -15.50 -77.50
C GLU NA 740 1.12 -15.39 -76.96
N GLY NA 741 2.09 -15.26 -77.86
CA GLY NA 741 3.48 -15.22 -77.46
C GLY NA 741 4.06 -16.54 -77.01
N PHE NA 742 3.69 -17.64 -77.67
CA PHE NA 742 4.36 -18.95 -77.58
C PHE NA 742 4.34 -19.49 -76.15
N LYS NA 743 3.12 -19.90 -75.74
CA LYS NA 743 2.72 -20.01 -74.34
C LYS NA 743 3.66 -20.86 -73.49
N ALA NA 744 3.91 -22.10 -73.91
CA ALA NA 744 4.81 -23.05 -73.25
C ALA NA 744 4.94 -24.26 -74.15
N GLY NA 745 6.02 -25.01 -73.94
CA GLY NA 745 6.19 -26.32 -74.54
C GLY NA 745 6.62 -26.34 -75.99
N SER NA 746 6.43 -25.24 -76.72
CA SER NA 746 6.84 -25.21 -78.12
C SER NA 746 8.36 -25.12 -78.22
N TYR NA 747 8.92 -25.82 -79.20
CA TYR NA 747 10.35 -25.73 -79.45
C TYR NA 747 10.68 -24.37 -80.04
N VAL NA 748 11.64 -23.68 -79.42
CA VAL NA 748 11.88 -22.27 -79.70
C VAL NA 748 13.30 -22.11 -80.25
N ARG NA 749 13.47 -21.12 -81.12
CA ARG NA 749 14.78 -20.73 -81.62
C ARG NA 749 14.85 -19.21 -81.61
N ILE NA 750 15.78 -18.67 -80.84
CA ILE NA 750 16.01 -17.23 -80.76
C ILE NA 750 17.47 -16.98 -81.09
N VAL NA 751 17.73 -15.91 -81.83
CA VAL NA 751 19.09 -15.49 -82.11
C VAL NA 751 19.38 -14.24 -81.30
N PHE NA 752 20.66 -13.97 -81.12
CA PHE NA 752 21.08 -12.92 -80.20
C PHE NA 752 22.03 -11.92 -80.84
N GLU NA 753 22.59 -11.05 -80.02
CA GLU NA 753 23.62 -10.11 -80.42
C GLU NA 753 24.46 -9.82 -79.19
N LYS NA 754 25.69 -9.34 -79.43
CA LYS NA 754 26.74 -9.00 -78.44
C LYS NA 754 26.95 -10.10 -77.38
N VAL NA 755 26.77 -11.35 -77.78
CA VAL NA 755 27.10 -12.48 -76.90
C VAL NA 755 28.61 -12.64 -76.92
N PRO NA 756 29.28 -12.60 -75.77
CA PRO NA 756 30.74 -12.68 -75.74
C PRO NA 756 31.27 -14.03 -76.20
N MET NA 757 32.46 -14.00 -76.81
CA MET NA 757 33.00 -15.19 -77.44
C MET NA 757 33.55 -16.20 -76.42
N GLU NA 758 33.72 -15.79 -75.16
CA GLU NA 758 34.13 -16.74 -74.13
C GLU NA 758 33.00 -17.69 -73.79
N PHE NA 759 31.76 -17.28 -74.04
CA PHE NA 759 30.62 -18.19 -73.92
C PHE NA 759 30.69 -19.29 -74.97
N VAL NA 760 31.14 -18.97 -76.18
CA VAL NA 760 31.11 -19.94 -77.26
C VAL NA 760 32.39 -20.77 -77.31
N LYS NA 761 33.55 -20.11 -77.14
CA LYS NA 761 34.82 -20.81 -77.25
C LYS NA 761 35.07 -21.75 -76.07
N ASN NA 762 34.73 -21.31 -74.86
CA ASN NA 762 34.86 -22.13 -73.67
C ASN NA 762 33.59 -22.91 -73.34
N PHE NA 763 32.78 -23.22 -74.34
CA PHE NA 763 31.48 -23.84 -74.08
C PHE NA 763 31.66 -25.30 -73.71
N ASN NA 764 31.02 -25.71 -72.60
CA ASN NA 764 30.98 -27.10 -72.20
C ASN NA 764 29.57 -27.62 -72.35
N PRO NA 765 29.36 -28.69 -73.14
CA PRO NA 765 28.03 -29.29 -73.22
C PRO NA 765 27.54 -29.88 -71.91
N LYS NA 766 28.45 -30.28 -71.01
CA LYS NA 766 28.03 -30.85 -69.74
C LYS NA 766 27.40 -29.80 -68.84
N PHE NA 767 27.81 -28.55 -68.96
CA PHE NA 767 27.19 -27.50 -68.16
C PHE NA 767 25.83 -27.12 -68.75
N PRO NA 768 24.87 -26.76 -67.91
CA PRO NA 768 23.57 -26.32 -68.41
C PRO NA 768 23.51 -24.82 -68.64
N ILE NA 769 22.66 -24.44 -69.58
CA ILE NA 769 22.39 -23.04 -69.88
C ILE NA 769 20.89 -22.82 -69.71
N VAL NA 770 20.53 -21.90 -68.83
CA VAL NA 770 19.13 -21.54 -68.63
C VAL NA 770 18.91 -20.17 -69.27
N MET NA 771 17.64 -19.83 -69.44
CA MET NA 771 17.28 -18.66 -70.24
C MET NA 771 16.08 -18.05 -69.52
N GLY NA 772 16.37 -17.03 -68.70
CA GLY NA 772 15.40 -16.52 -67.74
C GLY NA 772 14.67 -15.26 -68.16
N GLY NA 773 13.33 -15.34 -68.15
CA GLY NA 773 12.50 -14.21 -68.52
C GLY NA 773 12.43 -13.13 -67.46
N LEU NA 774 12.95 -11.95 -67.79
CA LEU NA 774 12.95 -10.85 -66.84
C LEU NA 774 11.65 -10.06 -66.95
N LEU NA 775 11.55 -9.03 -66.14
CA LEU NA 775 10.37 -8.18 -66.00
C LEU NA 775 10.82 -6.73 -65.98
N PRO NA 776 9.87 -5.79 -66.17
CA PRO NA 776 10.21 -4.38 -65.91
C PRO NA 776 10.67 -4.10 -64.48
N THR NA 777 10.19 -4.88 -63.51
CA THR NA 777 10.78 -4.83 -62.18
C THR NA 777 12.21 -5.36 -62.19
N GLU NA 778 12.47 -6.43 -62.95
CA GLU NA 778 13.72 -7.14 -62.82
C GLU NA 778 14.87 -6.51 -63.62
N ILE NA 779 14.58 -5.58 -64.53
CA ILE NA 779 15.67 -4.97 -65.29
C ILE NA 779 16.39 -3.90 -64.46
N LYS NA 780 15.64 -3.16 -63.64
CA LYS NA 780 16.16 -1.95 -63.01
C LYS NA 780 17.18 -2.29 -61.92
N PHE NA 781 17.90 -1.25 -61.48
CA PHE NA 781 19.01 -1.40 -60.54
C PHE NA 781 18.86 -0.35 -59.44
N GLY NA 782 18.32 -0.78 -58.30
CA GLY NA 782 18.23 0.09 -57.15
C GLY NA 782 18.77 -0.57 -55.91
N ILE NA 783 18.06 -0.44 -54.80
CA ILE NA 783 18.42 -1.17 -53.58
C ILE NA 783 17.20 -1.98 -53.15
N VAL NA 784 17.47 -3.07 -52.45
CA VAL NA 784 16.41 -3.92 -51.92
C VAL NA 784 16.65 -4.15 -50.43
N LYS NA 785 15.65 -3.79 -49.62
CA LYS NA 785 15.64 -4.19 -48.23
C LYS NA 785 15.30 -5.68 -48.17
N ALA NA 786 15.97 -6.39 -47.27
CA ALA NA 786 15.73 -7.81 -47.12
C ALA NA 786 16.02 -8.20 -45.68
N ARG NA 787 15.45 -9.32 -45.25
CA ARG NA 787 15.78 -9.92 -43.97
C ARG NA 787 16.41 -11.28 -44.17
N LEU NA 788 17.57 -11.47 -43.55
CA LEU NA 788 18.29 -12.73 -43.67
C LEU NA 788 18.93 -13.05 -42.34
N ARG NA 789 19.15 -14.34 -42.11
CA ARG NA 789 19.85 -14.83 -40.94
C ARG NA 789 21.13 -15.51 -41.39
N ARG NA 790 22.00 -15.79 -40.43
CA ARG NA 790 23.02 -16.79 -40.67
C ARG NA 790 22.33 -18.14 -40.81
N HIS NA 791 22.52 -18.78 -41.96
CA HIS NA 791 22.02 -20.13 -42.18
C HIS NA 791 22.74 -21.05 -41.20
N ARG NA 792 21.98 -21.71 -40.32
CA ARG NA 792 22.51 -22.29 -39.10
C ARG NA 792 23.45 -23.48 -39.32
N TRP NA 793 23.49 -23.98 -40.55
CA TRP NA 793 24.55 -24.90 -40.92
C TRP NA 793 25.90 -24.20 -40.98
N HIS NA 794 25.92 -22.94 -41.41
CA HIS NA 794 27.17 -22.18 -41.50
C HIS NA 794 27.66 -21.83 -40.11
N LYS NA 795 28.99 -21.88 -39.94
CA LYS NA 795 29.57 -21.69 -38.61
C LYS NA 795 29.70 -20.21 -38.26
N LYS NA 796 30.48 -19.46 -39.05
CA LYS NA 796 30.77 -18.07 -38.73
C LYS NA 796 29.59 -17.17 -39.06
N ILE NA 797 29.36 -16.17 -38.21
CA ILE NA 797 28.37 -15.15 -38.51
C ILE NA 797 28.93 -14.18 -39.54
N LEU NA 798 28.07 -13.69 -40.42
CA LEU NA 798 28.51 -12.77 -41.44
C LEU NA 798 28.70 -11.37 -40.87
N LYS NA 799 29.45 -10.56 -41.59
CA LYS NA 799 29.82 -9.23 -41.17
C LYS NA 799 29.27 -8.21 -42.17
N THR NA 800 28.88 -7.06 -41.65
CA THR NA 800 28.40 -5.98 -42.51
C THR NA 800 29.53 -5.45 -43.39
N ASN NA 801 29.14 -5.01 -44.59
CA ASN NA 801 30.03 -4.50 -45.63
C ASN NA 801 31.12 -5.52 -45.99
N ASP NA 802 30.72 -6.78 -46.11
CA ASP NA 802 31.56 -7.88 -46.53
C ASP NA 802 30.93 -8.55 -47.74
N PRO NA 803 31.73 -9.10 -48.67
CA PRO NA 803 31.16 -9.63 -49.91
C PRO NA 803 30.28 -10.86 -49.69
N LEU NA 804 29.29 -10.99 -50.55
CA LEU NA 804 28.27 -12.03 -50.39
C LEU NA 804 27.67 -12.34 -51.75
N VAL NA 805 27.89 -13.56 -52.22
CA VAL NA 805 27.35 -14.01 -53.51
C VAL NA 805 25.94 -14.52 -53.24
N LEU NA 806 24.95 -13.80 -53.72
CA LEU NA 806 23.57 -14.21 -53.54
C LEU NA 806 22.92 -14.51 -54.89
N SER NA 807 21.87 -15.32 -54.84
CA SER NA 807 21.11 -15.74 -56.01
C SER NA 807 19.66 -15.31 -55.81
N LEU NA 808 19.36 -14.07 -56.19
CA LEU NA 808 18.02 -13.53 -56.09
C LEU NA 808 17.46 -13.40 -57.51
N GLY NA 809 16.32 -14.04 -57.76
CA GLY NA 809 15.82 -14.11 -59.11
C GLY NA 809 16.65 -15.06 -59.94
N TRP NA 810 16.64 -14.82 -61.26
CA TRP NA 810 17.45 -15.64 -62.14
C TRP NA 810 18.93 -15.30 -62.03
N ARG NA 811 19.24 -14.07 -61.60
CA ARG NA 811 20.62 -13.62 -61.56
C ARG NA 811 21.34 -14.22 -60.36
N ARG NA 812 22.67 -14.15 -60.42
CA ARG NA 812 23.52 -14.54 -59.29
C ARG NA 812 24.73 -13.62 -59.30
N PHE NA 813 24.99 -12.98 -58.17
CA PHE NA 813 25.92 -11.86 -58.16
C PHE NA 813 26.44 -11.63 -56.75
N GLN NA 814 27.60 -10.99 -56.65
CA GLN NA 814 28.21 -10.68 -55.38
C GLN NA 814 28.02 -9.20 -55.05
N THR NA 815 27.82 -8.90 -53.77
CA THR NA 815 27.42 -7.58 -53.34
C THR NA 815 28.08 -7.31 -51.99
N LEU NA 816 28.18 -6.03 -51.62
CA LEU NA 816 28.49 -5.60 -50.27
C LEU NA 816 27.19 -5.19 -49.59
N PRO NA 817 26.53 -6.07 -48.84
CA PRO NA 817 25.32 -5.67 -48.14
C PRO NA 817 25.64 -5.10 -46.77
N ILE NA 818 24.63 -4.46 -46.18
CA ILE NA 818 24.70 -3.93 -44.84
C ILE NA 818 23.55 -4.48 -44.02
N TYR NA 819 23.86 -5.17 -42.93
CA TYR NA 819 22.86 -5.77 -42.07
C TYR NA 819 22.42 -4.73 -41.03
N THR NA 820 21.15 -4.35 -41.06
CA THR NA 820 20.61 -3.33 -40.18
C THR NA 820 19.56 -3.92 -39.25
N THR NA 821 19.01 -3.06 -38.41
CA THR NA 821 17.85 -3.41 -37.58
C THR NA 821 16.98 -2.17 -37.39
N THR NA 822 15.75 -2.42 -36.98
CA THR NA 822 14.83 -1.36 -36.59
C THR NA 822 14.76 -1.39 -35.07
N ASP NA 823 15.45 -0.45 -34.43
CA ASP NA 823 15.46 -0.37 -32.98
C ASP NA 823 14.10 0.12 -32.49
N SER NA 824 13.25 -0.85 -32.13
CA SER NA 824 11.85 -0.63 -31.75
C SER NA 824 11.05 0.08 -32.85
N ARG NA 825 11.40 -0.23 -34.11
CA ARG NA 825 10.68 0.22 -35.31
C ARG NA 825 10.59 1.74 -35.41
N THR NA 826 11.72 2.40 -35.19
CA THR NA 826 11.81 3.85 -35.32
C THR NA 826 12.74 4.30 -36.44
N ARG NA 827 13.77 3.51 -36.76
CA ARG NA 827 14.79 3.90 -37.72
C ARG NA 827 15.35 2.64 -38.36
N THR NA 828 16.52 2.80 -39.00
CA THR NA 828 17.27 1.68 -39.59
C THR NA 828 18.71 1.81 -39.10
N ARG NA 829 19.04 1.12 -38.01
CA ARG NA 829 20.36 1.22 -37.39
C ARG NA 829 21.26 0.08 -37.84
N MET NA 830 22.46 0.42 -38.31
CA MET NA 830 23.35 -0.58 -38.89
C MET NA 830 24.24 -1.25 -37.84
N LEU NA 831 24.24 -2.58 -37.89
CA LEU NA 831 24.98 -3.43 -36.97
C LEU NA 831 26.37 -3.68 -37.53
N LYS NA 832 27.13 -4.55 -36.89
CA LYS NA 832 28.39 -5.00 -37.45
C LYS NA 832 28.42 -6.47 -37.80
N TYR NA 833 27.61 -7.29 -37.13
CA TYR NA 833 27.47 -8.70 -37.46
C TYR NA 833 26.00 -9.05 -37.47
N THR NA 834 25.62 -9.97 -38.34
CA THR NA 834 24.27 -10.48 -38.31
C THR NA 834 24.07 -11.31 -37.04
N PRO NA 835 22.87 -11.27 -36.46
CA PRO NA 835 22.62 -12.04 -35.24
C PRO NA 835 22.70 -13.54 -35.49
N GLU NA 836 23.05 -14.25 -34.43
CA GLU NA 836 23.42 -15.66 -34.54
C GLU NA 836 22.22 -16.54 -34.87
N HIS NA 837 21.02 -16.20 -34.40
CA HIS NA 837 19.93 -17.14 -34.56
C HIS NA 837 18.60 -16.47 -34.94
N THR NA 838 18.65 -15.34 -35.66
CA THR NA 838 17.41 -14.73 -36.15
C THR NA 838 17.67 -13.95 -37.42
N TYR NA 839 16.58 -13.72 -38.16
CA TYR NA 839 16.61 -12.79 -39.29
C TYR NA 839 16.87 -11.39 -38.80
N CYS NA 840 17.59 -10.61 -39.60
CA CYS NA 840 17.76 -9.19 -39.37
C CYS NA 840 17.72 -8.48 -40.71
N ASN NA 841 17.39 -7.20 -40.66
CA ASN NA 841 17.22 -6.42 -41.88
C ASN NA 841 18.55 -6.22 -42.60
N ALA NA 842 18.52 -6.33 -43.92
CA ALA NA 842 19.72 -6.15 -44.73
C ALA NA 842 19.35 -5.39 -45.99
N ALA NA 843 20.27 -4.54 -46.43
CA ALA NA 843 20.04 -3.70 -47.60
C ALA NA 843 21.30 -3.66 -48.44
N PHE NA 844 21.13 -3.66 -49.76
CA PHE NA 844 22.26 -3.65 -50.67
C PHE NA 844 21.82 -3.14 -52.03
N TYR NA 845 22.76 -2.51 -52.74
CA TYR NA 845 22.55 -2.12 -54.12
C TYR NA 845 22.48 -3.36 -55.00
N GLY NA 846 21.71 -3.28 -56.07
CA GLY NA 846 21.70 -4.35 -57.03
C GLY NA 846 20.47 -4.35 -57.90
N PRO NA 847 20.28 -5.43 -58.66
CA PRO NA 847 19.09 -5.54 -59.50
C PRO NA 847 17.85 -5.78 -58.66
N LEU NA 848 16.85 -4.94 -58.87
CA LEU NA 848 15.58 -5.09 -58.17
C LEU NA 848 14.88 -6.35 -58.64
N CYS NA 849 14.37 -7.13 -57.71
CA CYS NA 849 13.45 -8.21 -58.02
C CYS NA 849 12.31 -8.14 -57.03
N SER NA 850 11.16 -8.70 -57.44
CA SER NA 850 9.85 -8.41 -56.86
C SER NA 850 9.80 -8.79 -55.38
N PRO NA 851 8.94 -8.14 -54.59
CA PRO NA 851 8.82 -8.49 -53.16
C PRO NA 851 8.35 -9.93 -52.98
N ASN NA 852 8.75 -10.49 -51.84
CA ASN NA 852 8.60 -11.91 -51.48
C ASN NA 852 9.31 -12.83 -52.47
N THR NA 853 10.38 -12.37 -53.08
CA THR NA 853 11.26 -13.27 -53.83
C THR NA 853 12.35 -13.79 -52.89
N PRO NA 854 12.34 -15.08 -52.56
CA PRO NA 854 13.37 -15.61 -51.68
C PRO NA 854 14.71 -15.70 -52.39
N PHE NA 855 15.77 -15.67 -51.57
CA PHE NA 855 17.13 -15.71 -52.10
C PHE NA 855 18.01 -16.47 -51.13
N CYS NA 856 19.03 -17.11 -51.69
CA CYS NA 856 20.03 -17.83 -50.89
C CYS NA 856 21.37 -17.15 -51.14
N GLY NA 857 21.99 -16.66 -50.07
CA GLY NA 857 23.28 -16.01 -50.17
C GLY NA 857 24.36 -17.00 -49.82
N VAL NA 858 25.42 -17.03 -50.61
CA VAL NA 858 26.50 -17.98 -50.41
C VAL NA 858 27.81 -17.21 -50.28
N GLN NA 859 28.76 -17.84 -49.60
CA GLN NA 859 30.13 -17.35 -49.46
C GLN NA 859 30.94 -17.69 -50.70
N ILE NA 860 32.27 -17.71 -50.54
CA ILE NA 860 33.23 -18.08 -51.58
C ILE NA 860 32.83 -19.32 -52.36
N VAL NA 861 32.77 -19.19 -53.67
CA VAL NA 861 32.19 -20.21 -54.55
C VAL NA 861 33.26 -21.03 -55.25
N ALA NA 862 34.53 -20.65 -55.12
CA ALA NA 862 35.61 -21.37 -55.79
C ALA NA 862 35.81 -22.74 -55.17
N ASN NA 863 36.08 -23.73 -56.02
CA ASN NA 863 36.24 -25.11 -55.57
C ASN NA 863 37.55 -25.34 -54.82
N SER NA 864 38.51 -24.43 -54.97
CA SER NA 864 39.79 -24.59 -54.29
C SER NA 864 39.65 -24.43 -52.78
N ASP NA 865 38.84 -23.48 -52.34
CA ASP NA 865 38.64 -23.22 -50.91
C ASP NA 865 37.20 -23.60 -50.55
N THR NA 866 37.00 -24.88 -50.25
CA THR NA 866 35.71 -25.37 -49.78
C THR NA 866 35.78 -25.88 -48.35
N GLY NA 867 36.66 -26.83 -48.07
CA GLY NA 867 36.85 -27.34 -46.72
C GLY NA 867 35.72 -28.24 -46.27
N ASN NA 868 35.80 -28.62 -44.99
CA ASN NA 868 34.76 -29.43 -44.37
C ASN NA 868 33.60 -28.61 -43.84
N GLY NA 869 33.66 -27.29 -43.97
CA GLY NA 869 32.59 -26.44 -43.49
C GLY NA 869 31.48 -26.29 -44.51
N PHE NA 870 30.41 -25.63 -44.07
CA PHE NA 870 29.26 -25.41 -44.92
C PHE NA 870 29.50 -24.18 -45.80
N ARG NA 871 28.83 -24.15 -46.95
CA ARG NA 871 29.05 -23.06 -47.91
C ARG NA 871 27.95 -22.02 -47.87
N ILE NA 872 26.69 -22.42 -47.72
CA ILE NA 872 25.58 -21.48 -47.70
C ILE NA 872 25.61 -20.72 -46.38
N ALA NA 873 25.71 -19.39 -46.47
CA ALA NA 873 25.87 -18.57 -45.27
C ALA NA 873 24.57 -17.91 -44.84
N ALA NA 874 23.85 -17.32 -45.80
CA ALA NA 874 22.65 -16.57 -45.48
C ALA NA 874 21.51 -16.96 -46.40
N THR NA 875 20.30 -16.96 -45.84
CA THR NA 875 19.09 -17.17 -46.60
C THR NA 875 18.03 -16.22 -46.08
N GLY NA 876 17.10 -15.85 -46.94
CA GLY NA 876 16.05 -14.95 -46.52
C GLY NA 876 15.19 -14.49 -47.68
N ILE NA 877 14.39 -13.47 -47.42
CA ILE NA 877 13.42 -12.96 -48.37
C ILE NA 877 13.56 -11.45 -48.45
N VAL NA 878 13.37 -10.90 -49.66
CA VAL NA 878 13.33 -9.46 -49.81
C VAL NA 878 11.99 -8.93 -49.30
N GLU NA 879 11.96 -7.65 -48.94
CA GLU NA 879 10.77 -7.07 -48.34
C GLU NA 879 10.39 -5.75 -49.00
N GLU NA 880 11.36 -5.05 -49.57
CA GLU NA 880 11.10 -3.71 -50.07
C GLU NA 880 11.99 -3.41 -51.26
N ILE NA 881 11.39 -2.84 -52.30
CA ILE NA 881 12.11 -2.27 -53.44
C ILE NA 881 12.07 -0.77 -53.27
N ASP NA 882 13.23 -0.13 -53.29
CA ASP NA 882 13.31 1.31 -53.16
C ASP NA 882 14.58 1.79 -53.81
N VAL NA 883 14.84 3.09 -53.70
CA VAL NA 883 16.13 3.66 -54.04
C VAL NA 883 16.76 4.39 -52.87
N ASN NA 884 16.03 4.60 -51.78
CA ASN NA 884 16.53 5.36 -50.65
C ASN NA 884 16.41 4.54 -49.37
N ILE NA 885 17.47 4.56 -48.57
CA ILE NA 885 17.40 4.11 -47.18
C ILE NA 885 18.04 5.18 -46.31
N GLU NA 886 17.32 5.58 -45.25
CA GLU NA 886 17.89 6.52 -44.28
C GLU NA 886 18.61 5.69 -43.22
N ILE NA 887 19.70 5.06 -43.64
CA ILE NA 887 20.41 4.08 -42.84
C ILE NA 887 21.42 4.79 -41.94
N VAL NA 888 21.36 4.51 -40.65
CA VAL NA 888 21.92 5.38 -39.61
C VAL NA 888 22.92 4.59 -38.77
N LYS NA 889 24.09 5.18 -38.52
CA LYS NA 889 25.01 4.67 -37.52
C LYS NA 889 24.85 5.50 -36.26
N LYS NA 890 24.65 4.85 -35.13
CA LYS NA 890 24.61 5.57 -33.87
C LYS NA 890 26.03 5.75 -33.36
N LEU NA 891 26.48 6.99 -33.26
CA LEU NA 891 27.79 7.32 -32.72
C LEU NA 891 27.60 8.25 -31.54
N LYS NA 892 28.45 8.09 -30.53
CA LYS NA 892 28.35 8.89 -29.32
C LYS NA 892 29.61 9.73 -29.17
N LEU NA 893 29.45 11.03 -28.98
CA LEU NA 893 30.58 11.90 -28.77
C LEU NA 893 30.96 11.87 -27.29
N VAL NA 894 32.08 11.21 -26.99
CA VAL NA 894 32.52 10.95 -25.62
C VAL NA 894 33.26 12.18 -25.11
N GLY NA 895 33.08 12.49 -23.83
CA GLY NA 895 33.86 13.54 -23.22
C GLY NA 895 34.01 13.31 -21.73
N PHE NA 896 34.75 14.21 -21.09
CA PHE NA 896 35.02 14.10 -19.67
C PHE NA 896 34.67 15.41 -18.97
N PRO NA 897 34.07 15.33 -17.80
CA PRO NA 897 33.91 16.53 -16.97
C PRO NA 897 35.18 16.80 -16.16
N TYR NA 898 35.53 18.08 -16.05
CA TYR NA 898 36.76 18.46 -15.38
C TYR NA 898 36.57 19.43 -14.23
N LYS NA 899 35.45 20.16 -14.16
CA LYS NA 899 35.15 21.00 -13.01
C LYS NA 899 33.67 20.84 -12.73
N ILE NA 900 33.34 20.15 -11.65
CA ILE NA 900 31.96 19.96 -11.26
C ILE NA 900 31.62 20.95 -10.15
N PHE NA 901 30.34 21.25 -10.04
CA PHE NA 901 29.72 21.73 -8.82
C PHE NA 901 28.62 20.73 -8.48
N LYS NA 902 27.83 21.05 -7.47
CA LYS NA 902 26.56 20.37 -7.32
C LYS NA 902 25.67 20.78 -8.48
N ASN NA 903 25.11 19.79 -9.18
CA ASN NA 903 24.08 19.89 -10.21
C ASN NA 903 24.59 20.55 -11.50
N THR NA 904 25.86 20.99 -11.57
CA THR NA 904 26.37 21.70 -12.74
C THR NA 904 27.82 21.30 -12.95
N ALA NA 905 28.13 20.84 -14.16
CA ALA NA 905 29.47 20.35 -14.47
C ALA NA 905 30.01 21.03 -15.71
N PHE NA 906 31.21 21.57 -15.62
CA PHE NA 906 31.94 22.01 -16.79
C PHE NA 906 32.60 20.81 -17.44
N ILE NA 907 32.36 20.61 -18.73
CA ILE NA 907 32.77 19.40 -19.43
C ILE NA 907 33.80 19.76 -20.48
N LYS NA 908 34.93 19.06 -20.45
CA LYS NA 908 36.04 19.29 -21.36
C LYS NA 908 36.12 18.17 -22.40
N ASP NA 909 36.97 18.39 -23.40
CA ASP NA 909 37.28 17.55 -24.57
C ASP NA 909 36.07 16.90 -25.23
N MET NA 910 34.94 17.60 -25.22
CA MET NA 910 33.77 17.21 -25.98
C MET NA 910 33.89 17.65 -27.43
N PHE NA 911 34.20 18.91 -27.64
CA PHE NA 911 34.29 19.49 -28.97
C PHE NA 911 35.66 20.16 -29.13
N SER NA 912 35.95 20.56 -30.36
CA SER NA 912 37.22 21.19 -30.70
C SER NA 912 37.05 22.66 -31.06
N SER NA 913 35.89 23.26 -30.74
CA SER NA 913 35.64 24.66 -31.03
C SER NA 913 34.52 25.16 -30.14
N ALA NA 914 34.39 26.48 -30.04
CA ALA NA 914 33.19 27.05 -29.43
C ALA NA 914 32.05 27.16 -30.43
N MET NA 915 32.37 27.07 -31.73
CA MET NA 915 31.34 27.04 -32.76
C MET NA 915 30.54 25.74 -32.70
N GLU NA 916 31.21 24.64 -32.36
CA GLU NA 916 30.55 23.33 -32.29
C GLU NA 916 29.52 23.29 -31.18
N VAL NA 917 29.80 23.93 -30.04
CA VAL NA 917 28.86 23.97 -28.94
C VAL NA 917 27.64 24.80 -29.30
N ALA NA 918 27.84 25.86 -30.12
CA ALA NA 918 26.71 26.67 -30.55
C ALA NA 918 25.80 25.90 -31.50
N ARG NA 919 26.38 24.98 -32.27
CA ARG NA 919 25.57 24.14 -33.14
C ARG NA 919 24.93 22.99 -32.38
N PHE NA 920 25.33 22.76 -31.14
CA PHE NA 920 24.91 21.60 -30.37
C PHE NA 920 24.25 21.95 -29.05
N GLU NA 921 24.05 23.23 -28.76
CA GLU NA 921 23.46 23.62 -27.49
C GLU NA 921 21.99 23.22 -27.42
N GLY NA 922 21.59 22.74 -26.24
CA GLY NA 922 20.28 22.16 -26.05
C GLY NA 922 20.22 20.67 -26.25
N ALA NA 923 21.34 20.01 -26.52
CA ALA NA 923 21.34 18.57 -26.71
C ALA NA 923 21.16 17.86 -25.38
N GLN NA 924 20.68 16.62 -25.44
CA GLN NA 924 20.37 15.86 -24.23
C GLN NA 924 21.52 14.92 -23.94
N ILE NA 925 22.49 15.41 -23.18
CA ILE NA 925 23.67 14.65 -22.80
C ILE NA 925 23.29 13.66 -21.69
N LYS NA 926 23.84 12.46 -21.79
CA LYS NA 926 23.68 11.45 -20.74
C LYS NA 926 25.05 10.98 -20.31
N THR NA 927 25.11 10.38 -19.13
CA THR NA 927 26.35 9.90 -18.56
C THR NA 927 26.37 8.38 -18.56
N VAL NA 928 27.52 7.83 -18.13
CA VAL NA 928 27.65 6.39 -18.00
C VAL NA 928 26.79 5.88 -16.85
N SER NA 929 26.60 6.69 -15.81
CA SER NA 929 25.78 6.27 -14.67
C SER NA 929 24.29 6.26 -14.98
N GLY NA 930 23.89 6.80 -16.12
CA GLY NA 930 22.51 6.69 -16.56
C GLY NA 930 21.66 7.91 -16.32
N ILE NA 931 22.17 8.91 -15.62
CA ILE NA 931 21.38 10.12 -15.39
C ILE NA 931 21.44 11.01 -16.62
N ARG NA 932 20.40 11.82 -16.77
CA ARG NA 932 20.20 12.63 -17.95
C ARG NA 932 20.90 13.98 -17.77
N GLY NA 933 20.60 14.91 -18.65
CA GLY NA 933 21.14 16.24 -18.53
C GLY NA 933 21.15 16.94 -19.88
N GLU NA 934 21.56 18.21 -19.85
CA GLU NA 934 21.57 19.03 -21.04
C GLU NA 934 22.80 19.92 -21.04
N ILE NA 935 23.26 20.27 -22.24
CA ILE NA 935 24.29 21.29 -22.38
C ILE NA 935 23.58 22.59 -22.72
N LYS NA 936 24.10 23.71 -22.21
CA LYS NA 936 23.40 24.98 -22.33
C LYS NA 936 24.20 26.05 -23.04
N ARG NA 937 25.41 26.36 -22.60
CA ARG NA 937 26.18 27.48 -23.14
C ARG NA 937 27.65 27.13 -23.19
N ALA NA 938 28.34 27.69 -24.18
CA ALA NA 938 29.76 27.43 -24.36
C ALA NA 938 30.58 28.26 -23.40
N LEU NA 939 31.59 27.65 -22.79
CA LEU NA 939 32.55 28.40 -21.99
C LEU NA 939 33.42 29.25 -22.92
N SER NA 940 33.97 30.33 -22.34
CA SER NA 940 34.65 31.35 -23.13
C SER NA 940 36.16 31.14 -23.21
N LYS NA 941 36.84 31.16 -22.06
CA LYS NA 941 38.30 31.18 -22.05
C LYS NA 941 38.92 29.83 -22.43
N PRO NA 942 38.39 28.67 -22.02
CA PRO NA 942 38.75 27.44 -22.74
C PRO NA 942 38.12 27.44 -24.13
N GLU NA 943 38.78 26.73 -25.05
CA GLU NA 943 38.43 26.85 -26.45
C GLU NA 943 37.15 26.10 -26.82
N GLY NA 944 36.81 25.03 -26.10
CA GLY NA 944 35.66 24.24 -26.50
C GLY NA 944 34.81 23.68 -25.38
N HIS NA 945 35.11 24.07 -24.14
CA HIS NA 945 34.37 23.54 -23.01
C HIS NA 945 33.00 24.21 -22.93
N TYR NA 946 32.12 23.62 -22.14
CA TYR NA 946 30.79 24.20 -21.94
C TYR NA 946 30.38 24.02 -20.49
N ARG NA 947 29.12 24.36 -20.22
CA ARG NA 947 28.48 24.09 -18.93
C ARG NA 947 27.29 23.19 -19.16
N ALA NA 948 27.15 22.18 -18.32
CA ALA NA 948 26.06 21.23 -18.42
C ALA NA 948 25.33 21.15 -17.08
N ALA NA 949 24.01 21.25 -17.13
CA ALA NA 949 23.19 21.05 -15.95
C ALA NA 949 22.60 19.65 -15.99
N PHE NA 950 22.91 18.85 -14.98
CA PHE NA 950 22.47 17.48 -14.91
C PHE NA 950 21.28 17.38 -13.97
N GLU NA 951 20.73 16.17 -13.83
CA GLU NA 951 19.68 15.97 -12.84
C GLU NA 951 20.26 15.65 -11.46
N ASP NA 952 21.53 15.30 -11.38
CA ASP NA 952 22.17 15.05 -10.11
C ASP NA 952 23.64 15.39 -10.25
N LYS NA 953 24.33 15.48 -9.12
CA LYS NA 953 25.73 15.87 -9.09
C LYS NA 953 26.57 14.75 -9.69
N ILE NA 954 27.17 15.02 -10.83
CA ILE NA 954 28.03 14.05 -11.50
C ILE NA 954 29.40 14.03 -10.84
N LEU NA 955 30.06 12.90 -10.96
CA LEU NA 955 31.48 12.73 -10.66
C LEU NA 955 32.30 13.10 -11.89
N MET NA 956 33.61 13.20 -11.71
CA MET NA 956 34.52 13.06 -12.84
C MET NA 956 35.12 11.68 -12.93
N SER NA 957 34.65 10.74 -12.11
CA SER NA 957 34.79 9.34 -12.48
C SER NA 957 33.91 9.02 -13.67
N ASP NA 958 32.77 9.70 -13.78
CA ASP NA 958 31.81 9.44 -14.83
C ASP NA 958 32.30 10.00 -16.17
N ILE NA 959 31.69 9.49 -17.24
CA ILE NA 959 32.03 9.86 -18.60
C ILE NA 959 30.75 10.16 -19.35
N VAL NA 960 30.66 11.36 -19.92
CA VAL NA 960 29.44 11.81 -20.60
C VAL NA 960 29.46 11.34 -22.05
N ILE NA 961 28.29 10.95 -22.54
CA ILE NA 961 28.13 10.47 -23.91
C ILE NA 961 26.91 11.16 -24.52
N LEU NA 962 27.10 11.72 -25.71
CA LEU NA 962 26.04 12.42 -26.43
C LEU NA 962 25.68 11.60 -27.66
N ARG NA 963 24.47 11.06 -27.69
CA ARG NA 963 24.06 10.24 -28.81
C ARG NA 963 23.88 11.11 -30.05
N SER NA 964 24.22 10.54 -31.20
CA SER NA 964 24.20 11.26 -32.47
C SER NA 964 24.09 10.23 -33.58
N TRP NA 965 23.57 10.67 -34.72
CA TRP NA 965 23.04 9.76 -35.72
C TRP NA 965 23.52 10.19 -37.10
N TYR NA 966 24.56 9.53 -37.60
CA TYR NA 966 25.18 9.80 -38.90
C TYR NA 966 24.54 8.91 -39.93
N PRO NA 967 24.00 9.45 -41.02
CA PRO NA 967 23.57 8.60 -42.14
C PRO NA 967 24.75 8.08 -42.94
N VAL NA 968 24.79 6.76 -43.12
CA VAL NA 968 25.82 6.09 -43.87
C VAL NA 968 25.24 5.69 -45.23
N ARG NA 969 26.10 5.16 -46.10
CA ARG NA 969 25.69 4.80 -47.44
C ARG NA 969 26.10 3.38 -47.76
N VAL NA 970 25.18 2.62 -48.37
CA VAL NA 970 25.53 1.31 -48.89
C VAL NA 970 26.47 1.46 -50.08
N LYS NA 971 27.38 0.51 -50.23
CA LYS NA 971 28.30 0.53 -51.35
C LYS NA 971 27.58 0.07 -52.62
N LYS NA 972 27.88 0.74 -53.73
CA LYS NA 972 27.19 0.52 -54.99
C LYS NA 972 27.86 -0.55 -55.84
N PHE NA 973 28.54 -1.51 -55.22
CA PHE NA 973 29.22 -2.56 -55.97
C PHE NA 973 28.22 -3.60 -56.47
N TYR NA 974 28.45 -4.06 -57.69
CA TYR NA 974 27.64 -5.11 -58.30
C TYR NA 974 28.51 -5.86 -59.28
N ASN NA 975 28.44 -7.18 -59.23
CA ASN NA 975 29.24 -8.01 -60.11
C ASN NA 975 28.53 -9.33 -60.35
N PRO NA 976 28.01 -9.58 -61.55
CA PRO NA 976 27.52 -10.92 -61.89
C PRO NA 976 28.68 -11.90 -61.91
N VAL NA 977 28.38 -13.13 -61.51
CA VAL NA 977 29.44 -14.09 -61.24
C VAL NA 977 30.13 -14.55 -62.53
N THR NA 978 29.40 -14.58 -63.65
CA THR NA 978 29.89 -14.97 -64.97
C THR NA 978 30.62 -16.31 -64.95
N SER NA 979 29.88 -17.35 -64.53
CA SER NA 979 30.51 -18.62 -64.20
C SER NA 979 31.01 -19.34 -65.44
N LEU NA 980 30.12 -19.64 -66.38
CA LEU NA 980 30.53 -20.35 -67.58
C LEU NA 980 31.05 -19.41 -68.66
N LEU NA 981 31.05 -18.10 -68.41
CA LEU NA 981 31.88 -17.21 -69.22
C LEU NA 981 33.35 -17.43 -68.96
N LEU NA 982 33.70 -17.76 -67.72
CA LEU NA 982 35.05 -18.20 -67.39
C LEU NA 982 35.33 -19.55 -68.04
N LYS NA 983 36.59 -19.78 -68.38
CA LYS NA 983 36.96 -20.95 -69.19
C LYS NA 983 36.80 -22.24 -68.39
N GLU NA 984 37.32 -22.26 -67.16
CA GLU NA 984 37.26 -23.47 -66.35
C GLU NA 984 35.86 -23.74 -65.80
N LYS NA 985 35.02 -22.69 -65.73
CA LYS NA 985 33.64 -22.65 -65.24
C LYS NA 985 33.52 -22.92 -63.74
N THR NA 986 34.62 -23.17 -63.04
CA THR NA 986 34.70 -23.22 -61.59
C THR NA 986 35.87 -22.34 -61.17
N GLU NA 987 36.16 -22.37 -59.86
CA GLU NA 987 37.24 -21.60 -59.23
C GLU NA 987 37.12 -20.10 -59.50
N TRP NA 988 35.89 -19.60 -59.57
CA TRP NA 988 35.68 -18.17 -59.76
C TRP NA 988 35.91 -17.45 -58.43
N LYS NA 989 36.85 -16.51 -58.43
CA LYS NA 989 37.19 -15.77 -57.22
C LYS NA 989 36.88 -14.30 -57.46
N GLY NA 990 35.85 -13.79 -56.80
CA GLY NA 990 35.52 -12.39 -56.89
C GLY NA 990 36.16 -11.59 -55.77
N LEU NA 991 35.37 -10.77 -55.09
CA LEU NA 991 35.90 -10.02 -53.96
C LEU NA 991 36.11 -10.94 -52.77
N ARG NA 992 37.27 -10.81 -52.15
CA ARG NA 992 37.63 -11.67 -51.03
C ARG NA 992 37.09 -11.11 -49.71
N LEU NA 993 37.00 -11.99 -48.72
CA LEU NA 993 36.51 -11.61 -47.40
C LEU NA 993 37.55 -10.78 -46.67
N THR NA 994 37.11 -10.19 -45.55
CA THR NA 994 38.00 -9.37 -44.72
C THR NA 994 39.11 -10.21 -44.09
N GLY NA 995 38.78 -11.42 -43.64
CA GLY NA 995 39.81 -12.31 -43.13
C GLY NA 995 40.71 -12.84 -44.23
N GLN NA 996 40.21 -12.88 -45.46
CA GLN NA 996 41.03 -13.31 -46.59
C GLN NA 996 42.05 -12.23 -46.98
N ILE NA 997 41.62 -10.97 -46.99
CA ILE NA 997 42.52 -9.92 -47.44
C ILE NA 997 43.50 -9.50 -46.34
N ARG NA 998 43.13 -9.71 -45.07
CA ARG NA 998 44.07 -9.38 -44.00
C ARG NA 998 45.19 -10.41 -43.92
N ALA NA 999 44.88 -11.68 -44.19
CA ALA NA 999 45.92 -12.69 -44.21
C ALA NA 999 46.76 -12.60 -45.48
N ALA NA 1000 46.19 -12.08 -46.57
CA ALA NA 1000 46.93 -12.00 -47.82
C ALA NA 1000 48.03 -10.95 -47.77
N MET NA 1001 47.70 -9.75 -47.29
CA MET NA 1001 48.65 -8.65 -47.26
C MET NA 1001 49.30 -8.44 -45.90
N ASN NA 1002 49.07 -9.37 -44.97
CA ASN NA 1002 49.77 -9.46 -43.67
C ASN NA 1002 49.55 -8.21 -42.81
N LEU NA 1003 48.29 -7.99 -42.46
CA LEU NA 1003 47.92 -7.00 -41.46
C LEU NA 1003 47.21 -7.72 -40.31
N GLU NA 1004 46.76 -6.94 -39.33
CA GLU NA 1004 46.16 -7.47 -38.12
C GLU NA 1004 44.75 -6.93 -37.95
N THR NA 1005 43.97 -7.63 -37.14
CA THR NA 1005 42.62 -7.19 -36.81
C THR NA 1005 42.69 -5.97 -35.91
N PRO NA 1006 42.07 -4.85 -36.29
CA PRO NA 1006 42.15 -3.64 -35.46
C PRO NA 1006 41.32 -3.81 -34.19
N SER NA 1007 42.00 -3.66 -33.05
CA SER NA 1007 41.37 -3.87 -31.75
C SER NA 1007 41.85 -2.77 -30.83
N ASN NA 1008 41.00 -1.77 -30.60
CA ASN NA 1008 41.33 -0.70 -29.67
C ASN NA 1008 41.29 -1.26 -28.25
N PRO NA 1009 42.40 -1.21 -27.50
CA PRO NA 1009 42.46 -1.91 -26.21
C PRO NA 1009 41.62 -1.30 -25.12
N ASP NA 1010 41.15 -0.06 -25.27
CA ASP NA 1010 40.23 0.49 -24.29
C ASP NA 1010 38.83 -0.07 -24.44
N SER NA 1011 38.52 -0.70 -25.57
CA SER NA 1011 37.22 -1.32 -25.79
C SER NA 1011 37.16 -2.77 -25.32
N ALA NA 1012 38.24 -3.29 -24.74
CA ALA NA 1012 38.21 -4.64 -24.23
C ALA NA 1012 37.42 -4.70 -22.93
N TYR NA 1013 36.89 -5.89 -22.64
CA TYR NA 1013 36.15 -6.12 -21.42
C TYR NA 1013 37.05 -6.72 -20.36
N HIS NA 1014 36.69 -6.49 -19.10
CA HIS NA 1014 37.41 -7.05 -17.96
C HIS NA 1014 36.43 -7.42 -16.87
N LYS NA 1015 36.79 -8.43 -16.09
CA LYS NA 1015 35.99 -8.85 -14.95
C LYS NA 1015 36.28 -7.89 -13.81
N ILE NA 1016 35.52 -6.78 -13.78
CA ILE NA 1016 35.74 -5.76 -12.77
C ILE NA 1016 35.12 -6.21 -11.45
N GLU NA 1017 35.90 -6.17 -10.38
CA GLU NA 1017 35.43 -6.48 -9.05
C GLU NA 1017 35.31 -5.15 -8.32
N ARG NA 1018 34.08 -4.74 -8.04
CA ARG NA 1018 33.84 -3.52 -7.31
C ARG NA 1018 33.82 -3.81 -5.83
N VAL NA 1019 34.44 -2.94 -5.04
CA VAL NA 1019 34.39 -3.08 -3.60
C VAL NA 1019 33.02 -2.64 -3.09
N GLU NA 1020 32.69 -3.04 -1.88
CA GLU NA 1020 31.55 -2.44 -1.22
C GLU NA 1020 31.87 -0.99 -0.90
N ARG NA 1021 30.90 -0.11 -1.11
CA ARG NA 1021 31.11 1.30 -0.89
C ARG NA 1021 30.27 1.75 0.30
N HIS NA 1022 30.93 2.35 1.27
CA HIS NA 1022 30.28 2.91 2.43
C HIS NA 1022 30.19 4.42 2.28
N PHE NA 1023 29.34 5.03 3.08
CA PHE NA 1023 29.14 6.47 3.04
C PHE NA 1023 29.28 7.02 4.44
N ASN NA 1024 29.72 8.28 4.51
CA ASN NA 1024 29.93 8.92 5.79
C ASN NA 1024 28.60 9.19 6.49
N GLY NA 1025 28.65 9.30 7.80
CA GLY NA 1025 27.46 9.58 8.56
C GLY NA 1025 27.01 11.02 8.37
N LEU NA 1026 25.80 11.30 8.85
CA LEU NA 1026 25.27 12.65 8.78
C LEU NA 1026 26.04 13.55 9.75
N LYS NA 1027 26.45 14.71 9.26
CA LYS NA 1027 27.16 15.69 10.07
C LYS NA 1027 26.27 16.91 10.15
N VAL NA 1028 25.57 17.05 11.28
CA VAL NA 1028 24.67 18.17 11.49
C VAL NA 1028 25.49 19.45 11.65
N PRO NA 1029 25.20 20.51 10.90
CA PRO NA 1029 25.99 21.75 11.00
C PRO NA 1029 25.80 22.43 12.35
N LYS NA 1030 26.74 23.34 12.64
CA LYS NA 1030 26.87 23.88 13.98
C LYS NA 1030 25.70 24.79 14.36
N ALA NA 1031 25.09 25.44 13.36
CA ALA NA 1031 24.00 26.37 13.64
C ALA NA 1031 22.73 25.63 14.06
N VAL NA 1032 22.37 24.59 13.31
CA VAL NA 1032 21.15 23.86 13.62
C VAL NA 1032 21.33 22.95 14.83
N GLN NA 1033 22.56 22.43 15.03
CA GLN NA 1033 22.85 21.65 16.23
C GLN NA 1033 22.80 22.51 17.48
N LYS NA 1034 23.12 23.80 17.34
CA LYS NA 1034 23.01 24.72 18.47
C LYS NA 1034 21.55 24.96 18.84
N GLU NA 1035 20.66 25.03 17.86
CA GLU NA 1035 19.24 25.32 18.10
C GLU NA 1035 18.45 24.06 17.80
N LEU NA 1036 18.30 23.20 18.79
CA LEU NA 1036 17.44 22.03 18.73
C LEU NA 1036 16.74 21.91 20.07
N PRO NA 1037 15.56 21.30 20.11
CA PRO NA 1037 14.90 21.06 21.39
C PRO NA 1037 15.67 20.06 22.25
N PHE NA 1038 15.38 20.10 23.55
CA PHE NA 1038 16.11 19.28 24.52
C PHE NA 1038 15.88 17.79 24.32
N LYS NA 1039 14.69 17.40 23.85
CA LYS NA 1039 14.43 15.99 23.62
C LYS NA 1039 15.22 15.43 22.46
N SER NA 1040 15.68 16.29 21.54
CA SER NA 1040 16.40 15.86 20.35
C SER NA 1040 17.68 16.68 20.23
N GLN NA 1041 18.73 16.23 20.90
CA GLN NA 1041 20.06 16.81 20.77
C GLN NA 1041 21.06 15.68 20.60
N ILE NA 1042 21.95 15.82 19.63
CA ILE NA 1042 22.92 14.76 19.34
C ILE NA 1042 24.05 14.82 20.36
N HIS NA 1043 24.20 13.75 21.13
CA HIS NA 1043 25.28 13.67 22.11
C HIS NA 1043 26.56 13.25 21.41
N GLN NA 1044 27.50 14.18 21.29
CA GLN NA 1044 28.78 13.91 20.63
C GLN NA 1044 29.89 14.21 21.63
N MET NA 1045 30.51 13.17 22.16
CA MET NA 1045 31.64 13.36 23.04
C MET NA 1045 32.86 13.79 22.24
N LYS NA 1046 33.65 14.70 22.83
CA LYS NA 1046 34.85 15.18 22.18
C LYS NA 1046 36.07 14.49 22.78
N PRO NA 1047 37.08 14.17 21.98
CA PRO NA 1047 38.21 13.37 22.49
C PRO NA 1047 39.07 14.14 23.46
N GLN NA 1048 39.58 13.43 24.46
CA GLN NA 1048 40.42 14.02 25.49
C GLN NA 1048 41.89 13.80 25.14
N LYS NA 1049 42.69 14.85 25.29
CA LYS NA 1049 44.09 14.84 24.89
C LYS NA 1049 45.06 14.77 26.06
N LYS NA 1050 44.79 15.50 27.14
CA LYS NA 1050 45.54 15.31 28.37
C LYS NA 1050 45.18 13.96 28.96
N LYS NA 1051 46.18 13.17 29.34
CA LYS NA 1051 45.94 11.81 29.78
C LYS NA 1051 45.28 11.78 31.14
N THR NA 1052 44.12 11.13 31.21
CA THR NA 1052 43.38 10.93 32.44
C THR NA 1052 44.20 10.04 33.39
N TYR NA 1053 44.04 10.27 34.69
CA TYR NA 1053 44.76 9.47 35.69
C TYR NA 1053 44.32 8.02 35.67
N MET NA 1054 43.08 7.75 35.26
CA MET NA 1054 42.63 6.38 35.07
C MET NA 1054 43.43 5.70 33.96
N ALA NA 1055 43.71 6.43 32.88
CA ALA NA 1055 44.52 5.87 31.80
C ALA NA 1055 46.00 5.81 32.16
N LYS NA 1056 46.45 6.62 33.11
CA LYS NA 1056 47.84 6.58 33.54
C LYS NA 1056 48.09 5.61 34.66
N ARG NA 1057 47.05 4.99 35.21
CA ARG NA 1057 47.20 4.05 36.31
C ARG NA 1057 46.93 2.60 35.91
N ALA NA 1058 45.88 2.39 35.10
CA ALA NA 1058 45.22 1.08 34.98
C ALA NA 1058 46.16 0.01 34.43
N VAL NA 1059 46.34 -1.05 35.20
CA VAL NA 1059 47.22 -2.14 34.83
C VAL NA 1059 46.48 -3.09 33.90
N VAL NA 1060 47.07 -3.31 32.73
CA VAL NA 1060 46.59 -4.31 31.78
C VAL NA 1060 47.58 -5.46 31.79
N LEU NA 1061 47.06 -6.68 31.91
CA LEU NA 1061 47.91 -7.84 32.11
C LEU NA 1061 48.65 -8.18 30.83
N GLY NA 1062 49.95 -8.40 30.94
CA GLY NA 1062 50.78 -8.71 29.80
C GLY NA 1062 51.06 -10.19 29.68
N GLY NA 1063 51.47 -10.60 28.48
CA GLY NA 1063 51.85 -11.98 28.25
C GLY NA 1063 50.69 -12.89 27.91
N ASP NA 1064 50.32 -13.76 28.86
CA ASP NA 1064 49.37 -14.82 28.57
C ASP NA 1064 47.94 -14.29 28.43
N GLU NA 1065 47.59 -13.24 29.17
CA GLU NA 1065 46.25 -12.69 29.08
C GLU NA 1065 46.03 -11.98 27.75
N LYS NA 1066 47.09 -11.36 27.22
CA LYS NA 1066 47.02 -10.70 25.91
C LYS NA 1066 46.72 -11.72 24.80
N LYS NA 1067 47.31 -12.91 24.89
CA LYS NA 1067 46.96 -13.99 23.97
C LYS NA 1067 45.51 -14.43 24.18
N ALA NA 1068 45.06 -14.46 25.43
CA ALA NA 1068 43.68 -14.87 25.70
C ALA NA 1068 42.69 -13.78 25.29
N ARG NA 1069 43.03 -12.51 25.50
CA ARG NA 1069 42.13 -11.43 25.14
C ARG NA 1069 42.05 -11.27 23.62
N SER NA 1070 43.15 -11.57 22.92
CA SER NA 1070 43.12 -11.57 21.47
C SER NA 1070 42.25 -12.69 20.93
N PHE NA 1071 42.26 -13.84 21.62
CA PHE NA 1071 41.47 -14.99 21.20
C PHE NA 1071 39.98 -14.73 21.33
N ILE NA 1072 39.57 -14.10 22.43
CA ILE NA 1072 38.15 -13.80 22.64
C ILE NA 1072 37.70 -12.71 21.68
N GLN NA 1073 38.61 -11.80 21.32
CA GLN NA 1073 38.32 -10.85 20.24
C GLN NA 1073 38.15 -11.56 18.91
N LYS NA 1074 38.90 -12.63 18.67
CA LYS NA 1074 38.75 -13.38 17.44
C LYS NA 1074 37.47 -14.21 17.44
N VAL NA 1075 37.17 -14.85 18.58
CA VAL NA 1075 36.01 -15.74 18.67
C VAL NA 1075 34.71 -14.95 18.54
N LEU NA 1076 34.64 -13.78 19.18
CA LEU NA 1076 33.44 -12.94 19.07
C LEU NA 1076 33.30 -12.35 17.68
N THR NA 1077 34.42 -12.14 16.98
CA THR NA 1077 34.35 -11.62 15.62
C THR NA 1077 33.83 -12.66 14.65
N ILE NA 1078 34.27 -13.92 14.79
CA ILE NA 1078 33.82 -14.98 13.90
C ILE NA 1078 32.36 -15.33 14.19
N SER NA 1079 31.97 -15.25 15.47
CA SER NA 1079 30.59 -15.53 15.83
C SER NA 1079 29.66 -14.43 15.33
N LYS NA 1080 30.13 -13.19 15.26
CA LYS NA 1080 29.35 -12.14 14.64
C LYS NA 1080 29.42 -12.22 13.12
N ALA NA 1081 30.42 -12.90 12.58
CA ALA NA 1081 30.47 -13.12 11.14
C ALA NA 1081 29.43 -14.14 10.71
N LYS NA 1082 29.35 -15.25 11.44
CA LYS NA 1082 28.41 -16.31 11.08
C LYS NA 1082 26.97 -15.91 11.35
N ASP NA 1083 26.75 -15.10 12.39
CA ASP NA 1083 25.40 -14.63 12.68
C ASP NA 1083 24.91 -13.64 11.63
N SER NA 1084 25.77 -12.73 11.21
CA SER NA 1084 25.36 -11.72 10.24
C SER NA 1084 25.22 -12.31 8.85
N LYS NA 1085 26.03 -13.33 8.52
CA LYS NA 1085 25.91 -13.94 7.21
C LYS NA 1085 24.69 -14.84 7.13
N ARG NA 1086 24.34 -15.50 8.24
CA ARG NA 1086 23.14 -16.33 8.24
C ARG NA 1086 21.89 -15.48 8.23
N LYS NA 1087 21.98 -14.26 8.76
CA LYS NA 1087 20.80 -13.39 8.81
C LYS NA 1087 20.44 -12.86 7.42
N GLU NA 1088 21.43 -12.42 6.65
CA GLU NA 1088 21.12 -11.89 5.32
C GLU NA 1088 20.81 -13.03 4.35
N GLN NA 1089 21.36 -14.21 4.60
CA GLN NA 1089 20.96 -15.39 3.83
C GLN NA 1089 19.52 -15.76 4.16
N LYS NA 1090 19.12 -15.62 5.42
CA LYS NA 1090 17.72 -15.83 5.79
C LYS NA 1090 16.83 -14.71 5.23
N ALA NA 1091 17.39 -13.53 5.03
CA ALA NA 1091 16.62 -12.44 4.44
C ALA NA 1091 16.53 -12.59 2.92
N SER NA 1092 17.34 -13.48 2.34
CA SER NA 1092 17.34 -13.63 0.89
C SER NA 1092 16.13 -14.42 0.40
N GLN NA 1093 15.98 -15.66 0.86
CA GLN NA 1093 14.88 -16.47 0.36
C GLN NA 1093 13.55 -16.12 1.03
N ARG NA 1094 13.57 -15.32 2.09
CA ARG NA 1094 12.33 -14.80 2.65
C ARG NA 1094 11.63 -13.89 1.66
N LYS NA 1095 12.41 -13.05 0.96
CA LYS NA 1095 11.87 -12.27 -0.14
C LYS NA 1095 11.44 -13.18 -1.29
N GLU NA 1096 12.21 -14.23 -1.56
CA GLU NA 1096 11.92 -15.12 -2.69
C GLU NA 1096 10.69 -15.97 -2.43
N ARG NA 1097 10.56 -16.52 -1.23
CA ARG NA 1097 9.39 -17.35 -0.89
C ARG NA 1097 8.12 -16.51 -0.83
N LEU NA 1098 8.21 -15.29 -0.29
CA LEU NA 1098 7.05 -14.41 -0.25
C LEU NA 1098 6.64 -13.96 -1.65
N LYS NA 1099 7.62 -13.73 -2.53
CA LYS NA 1099 7.32 -13.45 -3.93
C LYS NA 1099 6.69 -14.68 -4.60
N LYS NA 1100 7.20 -15.87 -4.28
CA LYS NA 1100 6.57 -17.10 -4.74
C LYS NA 1100 5.19 -17.27 -4.14
N LEU NA 1101 5.03 -16.91 -2.86
CA LEU NA 1101 3.71 -16.96 -2.24
C LEU NA 1101 2.80 -15.87 -2.78
N ALA NA 1102 3.37 -14.74 -3.23
CA ALA NA 1102 2.57 -13.70 -3.86
C ALA NA 1102 2.01 -14.16 -5.20
N LYS NA 1103 2.73 -15.06 -5.88
CA LYS NA 1103 2.25 -15.60 -7.14
C LYS NA 1103 1.12 -16.60 -6.92
N MET NA 1104 1.17 -17.33 -5.80
CA MET NA 1104 0.21 -18.39 -5.56
C MET NA 1104 -1.15 -17.80 -5.21
N GLU NA 1105 -1.15 -16.77 -4.36
CA GLU NA 1105 -2.40 -16.16 -3.88
C GLU NA 1105 -3.16 -15.41 -4.97
N GLU NA 1106 -2.46 -14.79 -5.93
CA GLU NA 1106 -3.17 -14.14 -7.03
C GLU NA 1106 -3.77 -15.15 -7.99
N GLU NA 1107 -3.16 -16.34 -8.08
CA GLU NA 1107 -3.80 -17.43 -8.80
C GLU NA 1107 -5.07 -17.88 -8.09
N LYS NA 1108 -5.01 -17.96 -6.76
CA LYS NA 1108 -6.21 -18.26 -5.97
C LYS NA 1108 -7.25 -17.15 -6.10
N SER NA 1109 -6.81 -15.90 -6.09
CA SER NA 1109 -7.74 -14.78 -6.18
C SER NA 1109 -8.37 -14.70 -7.56
N GLN NA 1110 -7.60 -15.01 -8.61
CA GLN NA 1110 -8.16 -15.07 -9.96
C GLN NA 1110 -9.12 -16.24 -10.11
N ARG NA 1111 -8.80 -17.39 -9.50
CA ARG NA 1111 -9.70 -18.53 -9.55
C ARG NA 1111 -10.96 -18.30 -8.73
N ASP NA 1112 -10.84 -17.62 -7.59
CA ASP NA 1112 -12.01 -17.34 -6.76
C ASP NA 1112 -12.93 -16.33 -7.42
N LYS NA 1113 -12.35 -15.35 -8.12
CA LYS NA 1113 -13.18 -14.44 -8.92
C LYS NA 1113 -13.78 -15.17 -10.11
N GLU NA 1114 -13.05 -16.14 -10.65
CA GLU NA 1114 -13.58 -16.97 -11.74
C GLU NA 1114 -14.73 -17.86 -11.24
N LYS NA 1115 -14.56 -18.44 -10.06
CA LYS NA 1115 -15.55 -19.38 -9.55
C LYS NA 1115 -16.85 -18.69 -9.15
N LYS NA 1116 -16.74 -17.46 -8.63
CA LYS NA 1116 -17.95 -16.73 -8.30
C LYS NA 1116 -18.69 -16.25 -9.54
N LYS NA 1117 -17.97 -16.03 -10.64
CA LYS NA 1117 -18.65 -15.70 -11.89
C LYS NA 1117 -19.42 -16.90 -12.43
N GLU NA 1118 -18.92 -18.12 -12.20
CA GLU NA 1118 -19.68 -19.31 -12.57
C GLU NA 1118 -20.88 -19.49 -11.66
N TYR NA 1119 -20.73 -19.16 -10.37
CA TYR NA 1119 -21.85 -19.28 -9.44
C TYR NA 1119 -22.91 -18.23 -9.73
N PHE NA 1120 -22.50 -17.00 -9.99
CA PHE NA 1120 -23.44 -15.91 -10.23
C PHE NA 1120 -23.80 -15.77 -11.70
N ALA NA 1121 -23.29 -16.65 -12.56
CA ALA NA 1121 -23.97 -16.90 -13.83
C ALA NA 1121 -25.34 -17.52 -13.58
N GLN NA 1122 -25.43 -18.40 -12.58
CA GLN NA 1122 -26.71 -18.96 -12.19
C GLN NA 1122 -27.55 -17.94 -11.43
N ASN NA 1123 -26.92 -16.99 -10.77
CA ASN NA 1123 -27.63 -15.97 -10.00
C ASN NA 1123 -27.21 -14.56 -10.40
N PRO OA 14 29.37 115.16 -38.30
CA PRO OA 14 29.42 115.17 -39.77
C PRO OA 14 30.26 114.03 -40.34
N VAL OA 15 30.82 114.24 -41.53
CA VAL OA 15 31.59 113.23 -42.24
C VAL OA 15 33.01 113.75 -42.47
N LEU OA 16 33.99 112.90 -42.20
CA LEU OA 16 35.40 113.25 -42.37
C LEU OA 16 35.97 112.50 -43.56
N THR OA 17 36.79 113.20 -44.34
CA THR OA 17 37.28 112.71 -45.63
C THR OA 17 38.80 112.54 -45.56
N SER OA 18 39.40 112.25 -46.73
CA SER OA 18 40.82 111.95 -46.82
C SER OA 18 41.64 113.02 -47.54
N LYS OA 19 41.00 113.99 -48.18
CA LYS OA 19 41.73 114.96 -48.99
C LYS OA 19 42.17 116.19 -48.20
N ASP OA 20 41.27 116.75 -47.40
CA ASP OA 20 41.59 117.95 -46.63
C ASP OA 20 42.59 117.63 -45.52
N LYS OA 21 43.46 118.59 -45.24
CA LYS OA 21 44.60 118.40 -44.35
C LYS OA 21 44.61 119.43 -43.23
N ILE OA 22 43.44 119.70 -42.65
CA ILE OA 22 43.29 120.76 -41.65
C ILE OA 22 42.80 120.22 -40.31
N THR OA 23 41.84 119.30 -40.33
CA THR OA 23 41.20 118.84 -39.09
C THR OA 23 42.14 117.92 -38.31
N LYS OA 24 42.07 118.03 -36.98
CA LYS OA 24 42.83 117.13 -36.11
C LYS OA 24 42.20 115.75 -36.18
N ARG OA 25 42.74 114.91 -37.04
CA ARG OA 25 42.30 113.53 -37.24
C ARG OA 25 43.40 112.60 -36.75
N MET OA 26 43.20 111.30 -36.97
CA MET OA 26 44.25 110.34 -36.66
C MET OA 26 44.35 109.36 -37.83
N ILE OA 27 45.58 108.97 -38.15
CA ILE OA 27 45.86 108.18 -39.34
C ILE OA 27 46.50 106.86 -38.90
N VAL OA 28 46.01 105.76 -39.46
CA VAL OA 28 46.67 104.46 -39.31
C VAL OA 28 46.92 103.93 -40.72
N VAL OA 29 48.19 103.65 -41.01
CA VAL OA 29 48.56 103.02 -42.27
C VAL OA 29 49.07 101.61 -41.96
N LEU OA 30 48.88 100.72 -42.93
CA LEU OA 30 49.21 99.31 -42.75
C LEU OA 30 50.15 98.90 -43.88
N ALA OA 31 51.37 98.51 -43.53
CA ALA OA 31 52.39 98.14 -44.50
C ALA OA 31 52.66 96.64 -44.44
N MET OA 32 53.34 96.14 -45.48
CA MET OA 32 53.40 94.72 -45.82
C MET OA 32 52.04 94.05 -45.74
N ALA OA 33 51.09 94.61 -46.48
CA ALA OA 33 49.81 93.93 -46.68
C ALA OA 33 49.98 92.87 -47.76
N SER OA 34 49.64 91.63 -47.43
CA SER OA 34 49.83 90.52 -48.37
C SER OA 34 48.59 90.29 -49.23
N LEU OA 35 48.10 91.36 -49.85
CA LEU OA 35 46.99 91.24 -50.80
C LEU OA 35 47.50 91.10 -52.22
N GLU OA 36 48.41 90.16 -52.42
CA GLU OA 36 48.92 89.85 -53.75
C GLU OA 36 47.87 89.03 -54.50
N THR OA 37 47.86 89.18 -55.82
CA THR OA 37 46.88 88.53 -56.66
C THR OA 37 47.57 87.63 -57.68
N HIS OA 38 47.19 86.36 -57.68
CA HIS OA 38 47.66 85.40 -58.68
C HIS OA 38 46.56 85.16 -59.71
N LYS OA 39 46.98 85.05 -60.97
CA LYS OA 39 46.08 84.77 -62.08
C LYS OA 39 46.10 83.28 -62.36
N ILE OA 40 44.94 82.64 -62.28
CA ILE OA 40 44.83 81.22 -62.58
C ILE OA 40 43.77 81.02 -63.67
N ASP OA 48 41.20 80.23 -66.06
CA ASP OA 48 41.05 81.65 -66.29
C ASP OA 48 40.21 82.32 -65.22
N LYS OA 49 40.82 82.52 -64.05
CA LYS OA 49 40.16 83.23 -62.95
C LYS OA 49 41.21 84.04 -62.20
N TYR OA 50 40.74 85.07 -61.49
CA TYR OA 50 41.62 86.03 -60.82
C TYR OA 50 41.38 85.87 -59.31
N VAL OA 51 42.41 85.41 -58.59
CA VAL OA 51 42.24 84.98 -57.20
C VAL OA 51 43.32 85.63 -56.34
N LEU OA 52 43.06 85.69 -55.03
CA LEU OA 52 43.97 86.27 -54.05
C LEU OA 52 45.01 85.23 -53.62
N LEU OA 53 45.92 85.66 -52.74
CA LEU OA 53 47.02 84.84 -52.26
C LEU OA 53 46.82 84.54 -50.78
N ASN OA 54 46.89 83.26 -50.41
CA ASN OA 54 46.78 82.84 -49.02
C ASN OA 54 47.86 81.82 -48.71
N CYS OA 55 48.20 81.72 -47.42
CA CYS OA 55 49.20 80.75 -46.96
C CYS OA 55 48.63 79.36 -46.77
N ASP OA 56 47.31 79.18 -46.88
CA ASP OA 56 46.69 77.87 -46.74
C ASP OA 56 45.78 77.50 -47.89
N ASP OA 57 45.43 78.43 -48.77
CA ASP OA 57 44.66 78.09 -49.96
C ASP OA 57 45.47 77.26 -50.94
N HIS OA 58 46.77 77.50 -51.01
CA HIS OA 58 47.63 76.82 -51.96
C HIS OA 58 49.04 76.72 -51.40
N GLN OA 59 49.65 75.55 -51.57
CA GLN OA 59 50.98 75.25 -51.05
C GLN OA 59 52.03 75.18 -52.15
N GLY OA 60 51.79 74.35 -53.17
CA GLY OA 60 52.68 74.28 -54.30
C GLY OA 60 52.70 75.50 -55.19
N LEU OA 61 51.64 76.32 -55.14
CA LEU OA 61 51.68 77.59 -55.85
C LEU OA 61 52.62 78.58 -55.18
N LEU OA 62 52.71 78.55 -53.85
CA LEU OA 62 53.69 79.37 -53.15
C LEU OA 62 55.10 78.83 -53.36
N LYS OA 63 55.22 77.53 -53.68
CA LYS OA 63 56.51 76.96 -54.04
C LYS OA 63 56.98 77.48 -55.39
N LYS OA 64 56.05 77.94 -56.24
CA LYS OA 64 56.36 78.24 -57.63
C LYS OA 64 57.25 79.47 -57.78
N MET OA 65 56.93 80.58 -57.11
CA MET OA 65 57.82 81.72 -57.19
C MET OA 65 58.90 81.71 -56.12
N GLY OA 66 58.94 80.69 -55.26
CA GLY OA 66 60.08 80.46 -54.39
C GLY OA 66 59.96 80.99 -52.98
N ARG OA 67 58.99 81.85 -52.70
CA ARG OA 67 58.83 82.33 -51.34
C ARG OA 67 58.26 81.22 -50.45
N ASP OA 68 58.53 81.32 -49.15
CA ASP OA 68 58.09 80.29 -48.22
C ASP OA 68 56.65 80.53 -47.81
N ILE OA 69 56.18 79.80 -46.78
CA ILE OA 69 54.79 79.87 -46.36
C ILE OA 69 54.47 81.11 -45.54
N SER OA 70 55.49 81.88 -45.14
CA SER OA 70 55.30 82.91 -44.12
C SER OA 70 54.56 84.13 -44.65
N GLU OA 71 54.90 84.58 -45.86
CA GLU OA 71 54.49 85.91 -46.30
C GLU OA 71 53.02 86.00 -46.72
N ALA OA 72 52.43 84.92 -47.21
CA ALA OA 72 51.12 84.99 -47.87
C ALA OA 72 49.96 84.95 -46.87
N ARG OA 73 49.95 85.91 -45.95
CA ARG OA 73 48.95 85.97 -44.88
C ARG OA 73 48.21 87.29 -44.92
N PRO OA 74 47.10 87.36 -45.68
CA PRO OA 74 46.31 88.59 -45.73
C PRO OA 74 45.23 88.71 -44.68
N ASP OA 75 45.00 87.64 -43.89
CA ASP OA 75 43.96 87.67 -42.88
C ASP OA 75 44.28 88.62 -41.72
N ILE OA 76 45.57 88.90 -41.50
CA ILE OA 76 45.95 89.92 -40.52
C ILE OA 76 45.46 91.29 -40.96
N THR OA 77 45.63 91.59 -42.26
CA THR OA 77 45.11 92.84 -42.81
C THR OA 77 43.58 92.87 -42.77
N HIS OA 78 42.95 91.69 -42.88
CA HIS OA 78 41.52 91.60 -42.64
C HIS OA 78 41.21 91.85 -41.17
N GLN OA 79 42.03 91.30 -40.27
CA GLN OA 79 41.82 91.50 -38.85
C GLN OA 79 42.16 92.93 -38.42
N CYS OA 80 43.17 93.53 -39.06
CA CYS OA 80 43.53 94.91 -38.74
C CYS OA 80 42.45 95.87 -39.20
N LEU OA 81 41.93 95.67 -40.42
CA LEU OA 81 40.95 96.59 -40.97
C LEU OA 81 39.61 96.48 -40.26
N LEU OA 82 39.26 95.26 -39.81
CA LEU OA 82 37.97 95.05 -39.16
C LEU OA 82 37.91 95.75 -37.80
N THR OA 83 38.95 95.58 -36.99
CA THR OA 83 38.94 96.12 -35.63
C THR OA 83 39.04 97.64 -35.64
N LEU OA 84 39.70 98.22 -36.64
CA LEU OA 84 39.83 99.67 -36.70
C LEU OA 84 38.54 100.34 -37.11
N LEU OA 85 37.70 99.67 -37.89
CA LEU OA 85 36.54 100.30 -38.48
C LEU OA 85 35.26 100.09 -37.69
N ASP OA 86 35.22 99.15 -36.75
CA ASP OA 86 34.13 99.10 -35.77
C ASP OA 86 34.53 99.75 -34.45
N SER OA 87 35.70 100.38 -34.41
CA SER OA 87 36.17 101.03 -33.20
C SER OA 87 35.30 102.25 -32.87
N PRO OA 88 35.22 102.64 -31.59
CA PRO OA 88 34.43 103.84 -31.25
C PRO OA 88 34.97 105.14 -31.86
N ILE OA 89 36.25 105.18 -32.26
CA ILE OA 89 36.73 106.34 -32.99
C ILE OA 89 36.20 106.36 -34.41
N ASN OA 90 35.79 105.22 -34.95
CA ASN OA 90 35.07 105.22 -36.22
C ASN OA 90 33.62 105.64 -36.04
N LYS OA 91 33.05 105.42 -34.87
CA LYS OA 91 31.70 105.90 -34.57
C LYS OA 91 31.69 107.41 -34.47
N ALA OA 92 32.77 108.01 -33.97
CA ALA OA 92 32.97 109.45 -34.11
C ALA OA 92 33.49 109.82 -35.49
N GLY OA 93 34.00 108.85 -36.25
CA GLY OA 93 34.46 109.10 -37.60
C GLY OA 93 35.72 109.93 -37.70
N LYS OA 94 36.55 109.95 -36.65
CA LYS OA 94 37.69 110.83 -36.57
C LYS OA 94 38.98 110.18 -37.06
N LEU OA 95 38.90 109.25 -38.01
CA LEU OA 95 40.09 108.59 -38.53
C LEU OA 95 39.99 108.41 -40.03
N GLN OA 96 41.16 108.21 -40.65
CA GLN OA 96 41.28 107.73 -42.01
C GLN OA 96 42.28 106.58 -42.02
N VAL OA 97 41.96 105.52 -42.74
CA VAL OA 97 42.76 104.30 -42.78
C VAL OA 97 43.33 104.15 -44.19
N TYR OA 98 44.63 103.85 -44.27
CA TYR OA 98 45.27 103.54 -45.53
C TYR OA 98 45.93 102.18 -45.41
N ILE OA 99 46.00 101.46 -46.52
CA ILE OA 99 46.65 100.15 -46.57
C ILE OA 99 47.59 100.15 -47.76
N GLN OA 100 48.87 99.91 -47.51
CA GLN OA 100 49.86 99.83 -48.58
C GLN OA 100 50.34 98.40 -48.75
N THR OA 101 50.18 97.88 -49.96
CA THR OA 101 50.61 96.53 -50.32
C THR OA 101 52.13 96.55 -50.49
N SER OA 102 52.77 95.39 -50.26
CA SER OA 102 54.21 95.24 -50.43
C SER OA 102 54.66 95.54 -51.87
N ARG OA 103 53.77 95.37 -52.86
CA ARG OA 103 54.03 95.86 -54.21
C ARG OA 103 54.02 97.37 -54.30
N GLY OA 104 53.40 98.06 -53.34
CA GLY OA 104 53.32 99.50 -53.35
C GLY OA 104 51.95 100.08 -53.63
N ILE OA 105 50.92 99.25 -53.68
CA ILE OA 105 49.57 99.71 -54.04
C ILE OA 105 48.92 100.26 -52.76
N LEU OA 106 49.04 101.57 -52.56
CA LEU OA 106 48.39 102.21 -51.44
C LEU OA 106 46.89 102.33 -51.68
N ILE OA 107 46.10 101.89 -50.70
CA ILE OA 107 44.65 101.82 -50.82
C ILE OA 107 44.05 102.74 -49.77
N GLU OA 108 43.27 103.72 -50.22
CA GLU OA 108 42.55 104.60 -49.30
C GLU OA 108 41.23 103.95 -48.91
N VAL OA 109 40.92 103.98 -47.62
CA VAL OA 109 39.72 103.33 -47.09
C VAL OA 109 38.80 104.40 -46.53
N ASN OA 110 37.56 104.42 -47.01
CA ASN OA 110 36.56 105.34 -46.50
C ASN OA 110 36.15 104.91 -45.08
N PRO OA 111 35.96 105.87 -44.16
CA PRO OA 111 35.58 105.51 -42.78
C PRO OA 111 34.21 104.84 -42.64
N THR OA 112 33.31 104.99 -43.60
CA THR OA 112 31.98 104.40 -43.48
C THR OA 112 31.87 103.04 -44.17
N VAL OA 113 33.01 102.40 -44.46
CA VAL OA 113 33.00 101.13 -45.19
C VAL OA 113 32.55 100.01 -44.27
N ARG OA 114 31.52 99.28 -44.70
CA ARG OA 114 31.06 98.08 -44.00
C ARG OA 114 31.80 96.89 -44.60
N ILE OA 115 32.89 96.50 -43.96
CA ILE OA 115 33.82 95.50 -44.49
C ILE OA 115 33.18 94.11 -44.41
N PRO OA 116 33.42 93.22 -45.37
CA PRO OA 116 32.94 91.84 -45.23
C PRO OA 116 33.62 91.12 -44.07
N ARG OA 117 32.80 90.62 -43.15
CA ARG OA 117 33.32 89.94 -41.97
C ARG OA 117 33.87 88.56 -42.32
N THR OA 118 33.20 87.85 -43.23
CA THR OA 118 33.71 86.57 -43.69
C THR OA 118 34.92 86.79 -44.57
N PHE OA 119 35.93 85.92 -44.41
CA PHE OA 119 37.19 86.08 -45.11
C PHE OA 119 37.06 85.85 -46.61
N LYS OA 120 36.14 84.96 -47.02
CA LYS OA 120 35.97 84.70 -48.44
C LYS OA 120 35.31 85.88 -49.15
N ARG OA 121 34.29 86.47 -48.53
CA ARG OA 121 33.68 87.68 -49.09
C ARG OA 121 34.61 88.87 -48.95
N PHE OA 122 35.50 88.85 -47.97
CA PHE OA 122 36.58 89.82 -47.89
C PHE OA 122 37.53 89.68 -49.07
N SER OA 123 37.89 88.43 -49.40
CA SER OA 123 38.87 88.20 -50.46
C SER OA 123 38.29 88.51 -51.83
N GLY OA 124 36.99 88.35 -51.99
CA GLY OA 124 36.37 88.69 -53.26
C GLY OA 124 36.26 90.18 -53.49
N LEU OA 125 36.33 90.97 -52.41
CA LEU OA 125 36.24 92.42 -52.54
C LEU OA 125 37.60 93.06 -52.80
N MET OA 126 38.67 92.51 -52.22
CA MET OA 126 40.00 92.98 -52.57
C MET OA 126 40.42 92.61 -53.98
N VAL OA 127 39.96 91.48 -54.51
CA VAL OA 127 40.27 91.20 -55.92
C VAL OA 127 39.45 92.09 -56.83
N GLN OA 128 38.25 92.52 -56.39
CA GLN OA 128 37.53 93.54 -57.15
C GLN OA 128 38.19 94.89 -56.98
N LEU OA 129 38.80 95.13 -55.81
CA LEU OA 129 39.50 96.39 -55.57
C LEU OA 129 40.77 96.49 -56.42
N LEU OA 130 41.51 95.39 -56.55
CA LEU OA 130 42.78 95.45 -57.26
C LEU OA 130 42.59 95.48 -58.77
N HIS OA 131 41.50 94.93 -59.28
CA HIS OA 131 41.30 94.84 -60.73
C HIS OA 131 40.38 95.92 -61.29
N LYS OA 132 39.74 96.72 -60.43
CA LYS OA 132 38.99 97.88 -60.88
C LYS OA 132 39.68 99.18 -60.50
N LEU OA 133 40.68 99.13 -59.62
CA LEU OA 133 41.43 100.28 -59.09
C LEU OA 133 40.56 101.29 -58.36
N SER OA 134 39.36 100.87 -57.95
CA SER OA 134 38.34 101.65 -57.25
C SER OA 134 37.23 100.68 -56.89
N ILE OA 135 36.46 101.05 -55.87
CA ILE OA 135 35.23 100.34 -55.51
C ILE OA 135 34.12 101.37 -55.46
N ARG OA 136 33.16 101.24 -56.36
CA ARG OA 136 32.07 102.20 -56.50
C ARG OA 136 30.75 101.48 -56.20
N SER OA 137 30.00 101.99 -55.23
CA SER OA 137 28.80 101.32 -54.75
C SER OA 137 27.65 101.50 -55.73
N VAL OA 138 26.49 100.95 -55.36
CA VAL OA 138 25.29 101.10 -56.19
C VAL OA 138 24.78 102.55 -56.12
N ASN OA 139 24.85 103.15 -54.93
CA ASN OA 139 24.50 104.57 -54.78
C ASN OA 139 25.48 105.45 -55.54
N SER OA 140 26.76 105.06 -55.54
CA SER OA 140 27.82 105.59 -56.41
C SER OA 140 28.07 107.08 -56.22
N GLU OA 141 27.82 107.62 -55.02
CA GLU OA 141 28.06 109.03 -54.79
C GLU OA 141 29.54 109.33 -54.62
N GLU OA 142 30.31 108.37 -54.07
CA GLU OA 142 31.73 108.54 -53.84
C GLU OA 142 32.33 107.14 -53.73
N LYS OA 143 33.47 106.93 -54.37
CA LYS OA 143 34.06 105.60 -54.43
C LYS OA 143 34.70 105.24 -53.10
N LEU OA 144 34.30 104.09 -52.55
CA LEU OA 144 34.60 103.71 -51.17
C LEU OA 144 36.08 103.39 -50.96
N LEU OA 145 36.59 102.39 -51.67
CA LEU OA 145 38.00 102.03 -51.60
C LEU OA 145 38.68 102.43 -52.90
N LYS OA 146 39.56 103.44 -52.82
CA LYS OA 146 40.26 103.97 -53.97
C LYS OA 146 41.76 103.76 -53.79
N VAL OA 147 42.40 103.22 -54.81
CA VAL OA 147 43.85 103.05 -54.77
C VAL OA 147 44.53 104.37 -55.18
N ILE OA 148 45.70 104.62 -54.61
CA ILE OA 148 46.48 105.81 -54.91
C ILE OA 148 47.95 105.42 -55.08
N LYS OA 149 48.80 106.42 -55.27
CA LYS OA 149 50.22 106.21 -55.53
C LYS OA 149 51.05 106.61 -54.31
N ASN OA 150 52.08 105.82 -54.04
CA ASN OA 150 53.05 106.17 -53.00
C ASN OA 150 53.82 107.42 -53.39
N PRO OA 151 54.29 108.23 -52.42
CA PRO OA 151 54.23 108.09 -50.94
C PRO OA 151 52.90 108.41 -50.30
N ILE OA 152 52.76 107.96 -49.04
CA ILE OA 152 51.59 108.26 -48.22
C ILE OA 152 51.55 109.75 -47.87
N THR OA 153 52.72 110.40 -47.81
CA THR OA 153 52.83 111.80 -47.43
C THR OA 153 52.23 112.76 -48.45
N ASP OA 154 51.91 112.29 -49.65
CA ASP OA 154 51.12 113.09 -50.58
C ASP OA 154 49.72 113.35 -50.02
N HIS OA 155 49.11 112.33 -49.45
CA HIS OA 155 47.76 112.43 -48.90
C HIS OA 155 47.74 112.56 -47.37
N LEU OA 156 48.91 112.56 -46.72
CA LEU OA 156 48.96 112.74 -45.28
C LEU OA 156 48.63 114.18 -44.94
N PRO OA 157 47.99 114.44 -43.80
CA PRO OA 157 47.76 115.81 -43.35
C PRO OA 157 49.07 116.50 -42.99
N THR OA 158 49.04 117.84 -43.07
CA THR OA 158 50.26 118.64 -42.98
C THR OA 158 50.82 118.64 -41.56
N LYS OA 159 50.04 119.14 -40.60
CA LYS OA 159 50.47 119.15 -39.20
C LYS OA 159 50.32 117.74 -38.66
N CYS OA 160 51.37 116.94 -38.83
CA CYS OA 160 51.34 115.53 -38.50
C CYS OA 160 52.60 115.13 -37.75
N ARG OA 161 52.46 114.07 -36.95
CA ARG OA 161 53.59 113.42 -36.31
C ARG OA 161 53.61 111.95 -36.75
N LYS OA 162 54.74 111.52 -37.26
CA LYS OA 162 54.89 110.18 -37.82
C LYS OA 162 55.64 109.32 -36.80
N VAL OA 163 54.94 108.35 -36.21
CA VAL OA 163 55.54 107.40 -35.29
C VAL OA 163 55.32 106.00 -35.85
N THR OA 164 56.17 105.06 -35.40
CA THR OA 164 56.13 103.69 -35.87
C THR OA 164 56.01 102.75 -34.69
N LEU OA 165 54.99 101.90 -34.72
CA LEU OA 165 54.86 100.84 -33.72
C LEU OA 165 55.96 99.81 -33.91
N SER OA 166 56.69 99.52 -32.84
CA SER OA 166 57.82 98.61 -32.92
C SER OA 166 58.09 98.04 -31.54
N PHE OA 167 58.93 96.99 -31.52
CA PHE OA 167 59.25 96.28 -30.29
C PHE OA 167 60.50 96.83 -29.61
N ASP OA 168 61.50 97.25 -30.39
CA ASP OA 168 62.76 97.74 -29.83
C ASP OA 168 62.62 99.14 -29.25
N ALA OA 169 61.61 99.90 -29.69
CA ALA OA 169 61.40 101.25 -29.21
C ALA OA 169 60.95 101.24 -27.74
N PRO OA 170 61.23 102.30 -26.98
CA PRO OA 170 60.79 102.34 -25.58
C PRO OA 170 59.27 102.45 -25.46
N VAL OA 171 58.78 101.94 -24.34
CA VAL OA 171 57.34 101.89 -24.08
C VAL OA 171 56.85 103.27 -23.67
N ILE OA 172 55.77 103.73 -24.30
CA ILE OA 172 55.15 105.00 -23.97
C ILE OA 172 53.76 104.73 -23.41
N ARG OA 173 53.17 105.76 -22.82
CA ARG OA 173 51.76 105.74 -22.44
C ARG OA 173 50.95 106.40 -23.54
N VAL OA 174 49.97 105.67 -24.06
CA VAL OA 174 49.22 106.13 -25.23
C VAL OA 174 48.28 107.28 -24.87
N GLN OA 175 47.83 107.36 -23.60
CA GLN OA 175 47.00 108.49 -23.20
C GLN OA 175 47.85 109.73 -22.94
N ASP OA 176 49.05 109.56 -22.38
CA ASP OA 176 49.92 110.69 -22.13
C ASP OA 176 50.48 111.26 -23.42
N TYR OA 177 50.73 110.40 -24.41
CA TYR OA 177 51.38 110.85 -25.64
C TYR OA 177 50.45 111.71 -26.49
N ILE OA 178 49.20 111.29 -26.65
CA ILE OA 178 48.28 111.98 -27.55
C ILE OA 178 47.84 113.31 -26.94
N GLU OA 179 47.55 113.32 -25.64
CA GLU OA 179 47.06 114.53 -24.98
C GLU OA 179 48.14 115.59 -24.81
N LYS OA 180 49.41 115.23 -24.89
CA LYS OA 180 50.51 116.19 -24.78
C LYS OA 180 51.02 116.60 -26.15
N LEU OA 181 50.12 116.70 -27.13
CA LEU OA 181 50.49 117.13 -28.47
C LEU OA 181 49.61 118.31 -28.87
N ASP OA 182 49.85 118.82 -30.07
CA ASP OA 182 49.20 120.06 -30.51
C ASP OA 182 47.73 119.83 -30.82
N ASP OA 183 46.98 120.93 -30.85
CA ASP OA 183 45.58 120.90 -31.22
C ASP OA 183 45.37 120.83 -32.72
N ASP OA 184 46.43 120.99 -33.51
CA ASP OA 184 46.39 120.79 -34.95
C ASP OA 184 47.11 119.52 -35.39
N GLU OA 185 47.76 118.81 -34.47
CA GLU OA 185 48.57 117.66 -34.84
C GLU OA 185 47.70 116.46 -35.17
N SER OA 186 47.95 115.84 -36.31
CA SER OA 186 47.24 114.66 -36.77
C SER OA 186 48.19 113.46 -36.64
N ILE OA 187 47.90 112.60 -35.67
CA ILE OA 187 48.82 111.51 -35.34
C ILE OA 187 48.71 110.40 -36.39
N CYS OA 188 49.85 109.98 -36.92
CA CYS OA 188 49.92 108.92 -37.91
C CYS OA 188 50.85 107.83 -37.41
N VAL OA 189 50.35 106.60 -37.35
CA VAL OA 189 51.09 105.46 -36.83
C VAL OA 189 51.28 104.45 -37.96
N PHE OA 190 52.52 104.05 -38.18
CA PHE OA 190 52.85 103.08 -39.24
C PHE OA 190 52.82 101.68 -38.63
N VAL OA 191 51.60 101.15 -38.48
CA VAL OA 191 51.41 99.84 -37.89
C VAL OA 191 51.79 98.79 -38.93
N GLY OA 192 52.78 97.95 -38.60
CA GLY OA 192 53.25 96.94 -39.52
C GLY OA 192 52.38 95.70 -39.54
N ALA OA 193 51.74 95.43 -40.68
CA ALA OA 193 50.90 94.25 -40.84
C ALA OA 193 51.65 93.07 -41.41
N MET OA 194 52.95 92.97 -41.16
CA MET OA 194 53.76 91.86 -41.63
C MET OA 194 53.44 90.60 -40.81
N ALA OA 195 53.85 89.45 -41.33
CA ALA OA 195 53.79 88.23 -40.55
C ALA OA 195 54.85 88.27 -39.46
N ARG OA 196 56.13 88.30 -39.87
CA ARG OA 196 57.25 88.44 -38.94
C ARG OA 196 58.37 89.11 -39.73
N GLY OA 197 58.82 90.27 -39.30
CA GLY OA 197 59.80 90.99 -40.09
C GLY OA 197 60.45 92.12 -39.31
N LYS OA 198 61.25 92.90 -40.01
CA LYS OA 198 61.99 93.98 -39.41
C LYS OA 198 61.19 95.28 -39.46
N ASP OA 199 61.74 96.32 -38.83
CA ASP OA 199 61.09 97.63 -38.74
C ASP OA 199 61.73 98.65 -39.68
N ASN OA 200 62.26 98.20 -40.81
CA ASN OA 200 62.88 99.09 -41.79
C ASN OA 200 61.88 99.66 -42.79
N PHE OA 201 60.60 99.32 -42.66
CA PHE OA 201 59.61 99.74 -43.63
C PHE OA 201 59.22 101.20 -43.49
N ALA OA 202 59.46 101.81 -42.34
CA ALA OA 202 59.00 103.17 -42.09
C ALA OA 202 60.06 104.10 -41.53
N ASP OA 203 61.22 103.59 -41.11
CA ASP OA 203 62.26 104.43 -40.52
C ASP OA 203 62.90 105.37 -41.53
N GLU OA 204 62.75 105.10 -42.82
CA GLU OA 204 63.17 106.03 -43.86
C GLU OA 204 62.22 107.20 -44.02
N TYR OA 205 61.03 107.14 -43.41
CA TYR OA 205 60.03 108.21 -43.52
C TYR OA 205 59.69 108.85 -42.18
N VAL OA 206 59.49 108.06 -41.13
CA VAL OA 206 58.87 108.58 -39.91
C VAL OA 206 59.89 109.32 -39.06
N ASP OA 207 59.38 110.04 -38.07
CA ASP OA 207 60.24 110.81 -37.17
C ASP OA 207 60.91 109.90 -36.14
N GLU OA 208 60.11 109.16 -35.37
CA GLU OA 208 60.63 108.31 -34.32
C GLU OA 208 59.79 107.04 -34.26
N LYS OA 209 60.19 106.11 -33.39
CA LYS OA 209 59.45 104.88 -33.16
C LYS OA 209 58.99 104.82 -31.71
N VAL OA 210 57.83 104.21 -31.50
CA VAL OA 210 57.27 104.05 -30.16
C VAL OA 210 56.84 102.60 -29.98
N GLY OA 211 56.79 102.19 -28.72
CA GLY OA 211 56.29 100.87 -28.37
C GLY OA 211 55.09 100.97 -27.47
N LEU OA 212 54.06 100.15 -27.72
CA LEU OA 212 52.84 100.26 -26.94
C LEU OA 212 52.93 99.50 -25.63
N SER OA 213 53.55 98.32 -25.65
CA SER OA 213 53.72 97.53 -24.43
C SER OA 213 55.00 96.72 -24.55
N ASN OA 214 55.53 96.32 -23.39
CA ASN OA 214 56.79 95.59 -23.33
C ASN OA 214 56.67 94.16 -23.84
N TYR OA 215 55.48 93.60 -23.90
CA TYR OA 215 55.27 92.31 -24.54
C TYR OA 215 55.24 92.49 -26.04
N PRO OA 216 55.45 91.42 -26.81
CA PRO OA 216 55.15 91.47 -28.24
C PRO OA 216 53.65 91.64 -28.46
N LEU OA 217 53.31 92.40 -29.50
CA LEU OA 217 51.93 92.74 -29.81
C LEU OA 217 51.52 92.09 -31.12
N SER OA 218 50.23 91.74 -31.20
CA SER OA 218 49.67 91.37 -32.49
C SER OA 218 49.14 92.61 -33.19
N ALA OA 219 49.26 92.61 -34.52
CA ALA OA 219 48.90 93.79 -35.30
C ALA OA 219 47.40 94.08 -35.27
N SER OA 220 46.59 93.04 -35.02
CA SER OA 220 45.15 93.25 -34.90
C SER OA 220 44.80 93.91 -33.57
N VAL OA 221 45.57 93.63 -32.52
CA VAL OA 221 45.25 94.18 -31.21
C VAL OA 221 46.12 95.39 -30.88
N ALA OA 222 47.26 95.57 -31.56
CA ALA OA 222 48.07 96.77 -31.31
C ALA OA 222 47.43 97.99 -31.93
N CYS OA 223 46.82 97.83 -33.10
CA CYS OA 223 46.03 98.93 -33.66
C CYS OA 223 44.77 99.17 -32.85
N SER OA 224 44.25 98.13 -32.21
CA SER OA 224 43.14 98.33 -31.28
C SER OA 224 43.63 98.96 -29.98
N LYS OA 225 44.87 98.66 -29.58
CA LYS OA 225 45.43 99.28 -28.37
C LYS OA 225 45.64 100.76 -28.56
N PHE OA 226 46.07 101.18 -29.76
CA PHE OA 226 46.23 102.60 -30.03
C PHE OA 226 44.88 103.29 -30.15
N CYS OA 227 43.87 102.59 -30.69
CA CYS OA 227 42.59 103.23 -30.93
C CYS OA 227 41.81 103.46 -29.63
N HIS OA 228 41.83 102.51 -28.70
CA HIS OA 228 41.13 102.67 -27.44
C HIS OA 228 41.85 103.58 -26.46
N GLY OA 229 43.11 103.92 -26.73
CA GLY OA 229 43.77 104.98 -26.00
C GLY OA 229 43.53 106.32 -26.66
N ALA OA 230 43.29 106.30 -27.97
CA ALA OA 230 42.96 107.53 -28.68
C ALA OA 230 41.55 107.98 -28.36
N GLU OA 231 40.65 107.03 -28.11
CA GLU OA 231 39.27 107.37 -27.77
C GLU OA 231 39.19 108.02 -26.39
N ASP OA 232 40.01 107.56 -25.44
CA ASP OA 232 40.00 108.16 -24.11
C ASP OA 232 40.70 109.52 -24.12
N ALA OA 233 41.75 109.66 -24.94
CA ALA OA 233 42.48 110.92 -24.99
C ALA OA 233 41.74 112.00 -25.76
N TRP OA 234 40.75 111.63 -26.57
CA TRP OA 234 39.96 112.60 -27.33
C TRP OA 234 38.54 112.73 -26.81
N ASN OA 235 38.21 112.05 -25.71
CA ASN OA 235 36.88 112.02 -25.09
C ASN OA 235 35.81 111.55 -26.08
N ILE OA 236 35.96 110.30 -26.53
CA ILE OA 236 34.99 109.71 -27.43
C ILE OA 236 34.31 108.53 -26.75
N GLN PA 1 65.69 102.77 -0.83
CA GLN PA 1 65.46 102.51 0.59
C GLN PA 1 65.08 101.05 0.81
N LYS PA 2 63.97 100.64 0.20
CA LYS PA 2 63.49 99.27 0.37
C LYS PA 2 64.38 98.30 -0.39
N ALA PA 3 64.63 97.14 0.22
CA ALA PA 3 65.52 96.15 -0.35
C ALA PA 3 64.93 95.51 -1.60
N LEU PA 4 65.81 95.21 -2.55
CA LEU PA 4 65.41 94.59 -3.79
C LEU PA 4 65.05 93.12 -3.57
N PRO PA 5 64.27 92.52 -4.49
CA PRO PA 5 64.11 91.07 -4.46
C PRO PA 5 65.44 90.35 -4.68
N ALA PA 6 65.55 89.16 -4.08
CA ALA PA 6 66.78 88.37 -4.21
C ALA PA 6 66.98 87.87 -5.64
N SER PA 7 65.89 87.59 -6.34
CA SER PA 7 65.94 87.18 -7.74
C SER PA 7 65.37 88.29 -8.60
N LEU PA 8 66.11 88.66 -9.65
CA LEU PA 8 65.68 89.73 -10.54
C LEU PA 8 65.54 89.26 -11.99
N VAL PA 9 65.60 87.96 -12.25
CA VAL PA 9 65.34 87.49 -13.61
C VAL PA 9 63.85 87.59 -13.90
N PRO PA 10 63.45 87.88 -15.13
CA PRO PA 10 62.01 87.81 -15.46
C PRO PA 10 61.56 86.36 -15.54
N GLN PA 11 60.44 86.07 -14.90
CA GLN PA 11 59.91 84.73 -14.85
C GLN PA 11 58.48 84.72 -15.38
N ALA PA 12 58.04 83.56 -15.84
CA ALA PA 12 56.71 83.42 -16.41
C ALA PA 12 55.66 83.52 -15.32
N PRO PA 13 54.61 84.32 -15.51
CA PRO PA 13 53.50 84.35 -14.55
C PRO PA 13 52.74 83.03 -14.57
N PRO PA 14 52.07 82.67 -13.48
CA PRO PA 14 51.34 81.40 -13.45
C PRO PA 14 50.15 81.40 -14.40
N VAL PA 15 49.86 80.22 -14.95
CA VAL PA 15 48.76 80.05 -15.90
C VAL PA 15 47.50 79.79 -15.08
N LEU PA 16 46.61 80.76 -15.04
CA LEU PA 16 45.39 80.64 -14.26
C LEU PA 16 44.39 79.73 -14.96
N THR PA 17 43.74 78.88 -14.16
CA THR PA 17 42.78 77.92 -14.67
C THR PA 17 41.61 77.83 -13.69
N SER PA 18 40.67 76.94 -13.99
CA SER PA 18 39.51 76.73 -13.13
C SER PA 18 39.85 75.95 -11.87
N LYS PA 19 41.00 75.29 -11.83
CA LYS PA 19 41.42 74.58 -10.61
C LYS PA 19 41.74 75.57 -9.49
N ASP PA 20 42.36 76.69 -9.83
CA ASP PA 20 42.71 77.72 -8.86
C ASP PA 20 41.61 78.77 -8.83
N LYS PA 21 41.05 79.02 -7.66
CA LYS PA 21 40.00 80.00 -7.46
C LYS PA 21 40.38 80.98 -6.35
N ILE PA 22 41.63 81.44 -6.38
CA ILE PA 22 42.15 82.28 -5.32
C ILE PA 22 42.53 83.66 -5.86
N THR PA 23 43.39 83.67 -6.86
CA THR PA 23 44.04 84.91 -7.29
C THR PA 23 43.08 85.83 -8.02
N LYS PA 24 43.40 87.12 -8.00
CA LYS PA 24 42.62 88.11 -8.72
C LYS PA 24 42.87 87.94 -10.22
N ARG PA 25 41.79 87.75 -10.98
CA ARG PA 25 41.93 87.50 -12.40
C ARG PA 25 40.73 88.04 -13.14
N MET PA 26 40.86 88.03 -14.46
CA MET PA 26 39.85 88.49 -15.40
C MET PA 26 39.21 87.31 -16.10
N ILE PA 27 37.88 87.33 -16.18
CA ILE PA 27 37.14 86.29 -16.89
C ILE PA 27 36.31 86.94 -17.99
N VAL PA 28 36.52 86.50 -19.23
CA VAL PA 28 35.72 86.90 -20.37
C VAL PA 28 35.08 85.65 -20.93
N VAL PA 29 33.76 85.69 -21.15
CA VAL PA 29 33.02 84.55 -21.67
C VAL PA 29 32.32 85.00 -22.95
N LEU PA 30 32.67 84.35 -24.06
CA LEU PA 30 32.01 84.60 -25.34
C LEU PA 30 30.73 83.77 -25.36
N ALA PA 31 29.70 84.27 -24.70
CA ALA PA 31 28.46 83.53 -24.52
C ALA PA 31 27.61 83.60 -25.78
N MET PA 32 26.71 82.61 -25.91
CA MET PA 32 25.82 82.41 -27.05
C MET PA 32 26.58 82.35 -28.37
N ALA PA 33 27.71 81.66 -28.33
CA ALA PA 33 28.48 81.40 -29.53
C ALA PA 33 27.77 80.36 -30.38
N SER PA 34 27.92 80.48 -31.70
CA SER PA 34 27.21 79.62 -32.65
C SER PA 34 28.24 78.66 -33.25
N LEU PA 35 28.46 77.53 -32.56
CA LEU PA 35 29.50 76.57 -32.92
C LEU PA 35 28.89 75.17 -32.83
N GLU PA 36 28.44 74.64 -33.96
CA GLU PA 36 27.89 73.29 -34.03
C GLU PA 36 28.39 72.61 -35.30
N THR PA 37 28.33 71.28 -35.31
CA THR PA 37 28.85 70.46 -36.39
C THR PA 37 27.73 69.71 -37.10
N HIS PA 38 27.99 69.33 -38.35
CA HIS PA 38 27.04 68.58 -39.15
C HIS PA 38 27.81 67.83 -40.24
N LYS PA 39 27.28 66.67 -40.64
CA LYS PA 39 27.97 65.78 -41.55
C LYS PA 39 27.55 65.98 -43.00
N ILE PA 40 28.52 66.25 -43.86
CA ILE PA 40 28.31 66.33 -45.31
C ILE PA 40 28.67 64.97 -45.91
N SER PA 41 27.76 64.41 -46.67
CA SER PA 41 27.99 63.11 -47.31
C SER PA 41 27.38 63.08 -48.72
N ASP PA 48 30.73 62.00 -45.55
CA ASP PA 48 32.09 61.88 -46.05
C ASP PA 48 33.03 62.85 -45.35
N LYS PA 49 32.47 63.96 -44.87
CA LYS PA 49 33.26 64.96 -44.18
C LYS PA 49 32.39 65.68 -43.15
N TYR PA 50 33.05 66.34 -42.20
CA TYR PA 50 32.39 67.07 -41.13
C TYR PA 50 32.79 68.53 -41.19
N VAL PA 51 31.80 69.42 -41.17
CA VAL PA 51 32.03 70.84 -41.36
C VAL PA 51 31.41 71.62 -40.21
N LEU PA 52 31.98 72.79 -39.94
CA LEU PA 52 31.38 73.76 -39.04
C LEU PA 52 30.36 74.58 -39.82
N LEU PA 53 29.18 74.80 -39.22
CA LEU PA 53 28.15 75.57 -39.90
C LEU PA 53 28.52 77.04 -39.96
N ASN PA 54 28.37 77.62 -41.16
CA ASN PA 54 28.73 79.00 -41.44
C ASN PA 54 27.53 79.71 -42.03
N CYS PA 55 27.43 81.02 -41.77
CA CYS PA 55 26.39 81.82 -42.40
C CYS PA 55 26.69 82.11 -43.86
N ASP PA 56 27.91 81.87 -44.31
CA ASP PA 56 28.35 82.19 -45.66
C ASP PA 56 28.67 80.97 -46.51
N ASP PA 57 29.28 79.94 -45.92
CA ASP PA 57 29.74 78.80 -46.70
C ASP PA 57 28.58 77.93 -47.17
N HIS PA 58 27.81 77.38 -46.24
CA HIS PA 58 26.66 76.55 -46.57
C HIS PA 58 25.45 77.05 -45.81
N GLN PA 59 24.47 77.61 -46.55
CA GLN PA 59 23.25 78.13 -45.96
C GLN PA 59 22.03 77.27 -46.23
N GLY PA 60 22.00 76.55 -47.35
CA GLY PA 60 20.84 75.71 -47.66
C GLY PA 60 20.75 74.50 -46.76
N LEU PA 61 21.86 74.09 -46.15
CA LEU PA 61 21.83 73.08 -45.10
C LEU PA 61 21.06 73.59 -43.89
N LEU PA 62 21.29 74.86 -43.51
CA LEU PA 62 20.60 75.45 -42.37
C LEU PA 62 19.13 75.67 -42.68
N LYS PA 63 18.80 75.89 -43.96
CA LYS PA 63 17.41 76.04 -44.36
C LYS PA 63 16.64 74.74 -44.17
N LYS PA 64 17.28 73.61 -44.47
CA LYS PA 64 16.64 72.32 -44.23
C LYS PA 64 16.56 72.00 -42.74
N MET PA 65 17.47 72.54 -41.94
CA MET PA 65 17.43 72.32 -40.50
C MET PA 65 16.39 73.18 -39.80
N GLY PA 66 15.85 74.18 -40.49
CA GLY PA 66 14.86 75.06 -39.93
C GLY PA 66 15.40 76.28 -39.22
N ARG PA 67 16.68 76.29 -38.89
CA ARG PA 67 17.30 77.45 -38.26
C ARG PA 67 17.52 78.55 -39.30
N ASP PA 68 17.57 79.78 -38.82
CA ASP PA 68 17.85 80.91 -39.69
C ASP PA 68 19.32 80.91 -40.08
N ILE PA 69 19.61 81.52 -41.23
CA ILE PA 69 20.97 81.54 -41.78
C ILE PA 69 21.87 82.43 -40.93
N SER PA 70 21.36 83.58 -40.51
CA SER PA 70 22.17 84.61 -39.86
C SER PA 70 22.59 84.26 -38.43
N GLU PA 71 22.03 83.20 -37.84
CA GLU PA 71 22.41 82.86 -36.47
C GLU PA 71 23.79 82.23 -36.40
N ALA PA 72 24.10 81.29 -37.29
CA ALA PA 72 25.33 80.51 -37.22
C ALA PA 72 26.49 81.35 -37.74
N ARG PA 73 27.10 82.10 -36.83
CA ARG PA 73 28.23 82.99 -37.15
C ARG PA 73 29.40 82.63 -36.25
N PRO PA 74 30.21 81.65 -36.63
CA PRO PA 74 31.42 81.35 -35.85
C PRO PA 74 32.59 82.25 -36.20
N ASP PA 75 32.46 83.13 -37.19
CA ASP PA 75 33.54 84.02 -37.56
C ASP PA 75 33.77 85.09 -36.49
N ILE PA 76 32.69 85.62 -35.91
CA ILE PA 76 32.83 86.65 -34.89
C ILE PA 76 33.38 86.06 -33.60
N THR PA 77 33.08 84.79 -33.33
CA THR PA 77 33.68 84.13 -32.17
C THR PA 77 35.15 83.82 -32.42
N HIS PA 78 35.52 83.60 -33.69
CA HIS PA 78 36.91 83.34 -34.02
C HIS PA 78 37.76 84.60 -33.84
N GLN PA 79 37.29 85.74 -34.35
CA GLN PA 79 38.07 86.96 -34.25
C GLN PA 79 37.99 87.56 -32.86
N CYS PA 80 37.00 87.16 -32.05
CA CYS PA 80 36.99 87.54 -30.65
C CYS PA 80 38.11 86.84 -29.89
N LEU PA 81 38.36 85.58 -30.22
CA LEU PA 81 39.43 84.83 -29.56
C LEU PA 81 40.80 85.36 -29.96
N LEU PA 82 40.96 85.73 -31.23
CA LEU PA 82 42.24 86.24 -31.71
C LEU PA 82 42.54 87.61 -31.11
N THR PA 83 41.51 88.41 -30.87
CA THR PA 83 41.72 89.70 -30.23
C THR PA 83 42.00 89.55 -28.74
N LEU PA 84 41.27 88.64 -28.08
CA LEU PA 84 41.39 88.52 -26.62
C LEU PA 84 42.69 87.84 -26.21
N LEU PA 85 43.07 86.77 -26.90
CA LEU PA 85 44.24 86.01 -26.48
C LEU PA 85 45.55 86.62 -26.92
N ASP PA 86 45.53 87.54 -27.87
CA ASP PA 86 46.73 88.27 -28.26
C ASP PA 86 46.89 89.56 -27.50
N SER PA 87 45.99 89.85 -26.57
CA SER PA 87 46.10 91.03 -25.73
C SER PA 87 47.31 90.90 -24.81
N PRO PA 88 47.91 92.03 -24.39
CA PRO PA 88 49.05 91.95 -23.47
C PRO PA 88 48.72 91.38 -22.09
N ILE PA 89 47.44 91.34 -21.71
CA ILE PA 89 47.09 90.74 -20.43
C ILE PA 89 47.29 89.23 -20.49
N ASN PA 90 47.03 88.61 -21.64
CA ASN PA 90 47.32 87.19 -21.79
C ASN PA 90 48.81 86.90 -21.77
N LYS PA 91 49.61 87.83 -22.32
CA LYS PA 91 51.05 87.73 -22.15
C LYS PA 91 51.44 88.01 -20.70
N ALA PA 92 50.67 88.82 -19.99
CA ALA PA 92 50.88 89.03 -18.56
C ALA PA 92 50.28 87.92 -17.70
N GLY PA 93 49.47 87.04 -18.31
CA GLY PA 93 48.91 85.89 -17.61
C GLY PA 93 47.93 86.22 -16.51
N LYS PA 94 47.04 87.17 -16.76
CA LYS PA 94 46.08 87.60 -15.77
C LYS PA 94 44.63 87.29 -16.14
N LEU PA 95 44.38 86.63 -17.26
CA LEU PA 95 43.02 86.26 -17.62
C LEU PA 95 42.95 84.86 -18.20
N GLN PA 96 41.77 84.27 -18.10
CA GLN PA 96 41.40 83.09 -18.86
C GLN PA 96 40.05 83.38 -19.50
N VAL PA 97 39.72 82.62 -20.53
CA VAL PA 97 38.55 82.91 -21.36
C VAL PA 97 37.77 81.62 -21.57
N TYR PA 98 36.45 81.71 -21.46
CA TYR PA 98 35.55 80.60 -21.69
C TYR PA 98 34.68 80.89 -22.90
N ILE PA 99 34.14 79.83 -23.49
CA ILE PA 99 33.16 79.94 -24.57
C ILE PA 99 31.89 79.24 -24.13
N GLN PA 100 30.79 79.97 -24.09
CA GLN PA 100 29.49 79.41 -23.79
C GLN PA 100 28.73 79.37 -25.11
N THR PA 101 28.46 78.17 -25.61
CA THR PA 101 27.79 78.04 -26.88
C THR PA 101 26.28 78.17 -26.70
N SER PA 102 25.57 78.25 -27.83
CA SER PA 102 24.11 78.35 -27.78
C SER PA 102 23.47 77.03 -27.38
N ARG PA 103 24.14 75.92 -27.61
CA ARG PA 103 23.59 74.61 -27.32
C ARG PA 103 23.90 74.14 -25.90
N GLY PA 104 24.54 74.97 -25.09
CA GLY PA 104 24.86 74.63 -23.72
C GLY PA 104 26.25 74.06 -23.51
N ILE PA 105 27.00 73.79 -24.58
CA ILE PA 105 28.37 73.33 -24.43
C ILE PA 105 29.23 74.49 -23.95
N LEU PA 106 29.97 74.26 -22.87
CA LEU PA 106 30.83 75.28 -22.28
C LEU PA 106 32.28 74.84 -22.39
N ILE PA 107 33.09 75.65 -23.07
CA ILE PA 107 34.46 75.29 -23.42
C ILE PA 107 35.41 76.24 -22.72
N GLU PA 108 36.39 75.67 -22.02
CA GLU PA 108 37.40 76.45 -21.32
C GLU PA 108 38.64 76.55 -22.20
N VAL PA 109 39.02 77.77 -22.55
CA VAL PA 109 40.18 78.03 -23.38
C VAL PA 109 41.35 78.38 -22.47
N ASN PA 110 42.39 77.57 -22.52
CA ASN PA 110 43.55 77.80 -21.66
C ASN PA 110 44.34 78.99 -22.18
N PRO PA 111 44.94 79.79 -21.29
CA PRO PA 111 45.58 81.04 -21.72
C PRO PA 111 46.86 80.89 -22.55
N THR PA 112 47.38 79.68 -22.73
CA THR PA 112 48.62 79.49 -23.44
C THR PA 112 48.45 79.02 -24.88
N VAL PA 113 47.22 78.82 -25.35
CA VAL PA 113 47.02 78.18 -26.65
C VAL PA 113 47.30 79.18 -27.77
N ARG PA 114 47.99 78.70 -28.80
CA ARG PA 114 48.19 79.46 -30.03
C ARG PA 114 47.02 79.15 -30.95
N ILE PA 115 46.11 80.09 -31.08
CA ILE PA 115 44.88 79.91 -31.87
C ILE PA 115 45.25 79.82 -33.34
N PRO PA 116 44.61 78.93 -34.12
CA PRO PA 116 44.78 78.98 -35.57
C PRO PA 116 44.32 80.30 -36.15
N ARG PA 117 45.07 80.80 -37.13
CA ARG PA 117 44.89 82.18 -37.57
C ARG PA 117 43.77 82.31 -38.58
N THR PA 118 43.81 81.53 -39.65
CA THR PA 118 42.80 81.62 -40.68
C THR PA 118 41.51 80.92 -40.21
N PHE PA 119 40.42 81.21 -40.92
CA PHE PA 119 39.12 80.73 -40.51
C PHE PA 119 38.96 79.23 -40.77
N LYS PA 120 39.60 78.73 -41.84
CA LYS PA 120 39.41 77.33 -42.19
C LYS PA 120 40.18 76.41 -41.24
N ARG PA 121 41.30 76.88 -40.69
CA ARG PA 121 42.04 76.05 -39.76
C ARG PA 121 41.38 76.02 -38.38
N PHE PA 122 40.77 77.13 -37.98
CA PHE PA 122 40.06 77.17 -36.71
C PHE PA 122 38.80 76.31 -36.74
N SER PA 123 38.12 76.27 -37.89
CA SER PA 123 36.96 75.39 -38.03
C SER PA 123 37.37 73.93 -38.00
N GLY PA 124 38.56 73.61 -38.49
CA GLY PA 124 39.08 72.25 -38.35
C GLY PA 124 39.45 71.92 -36.92
N LEU PA 125 39.88 72.92 -36.15
CA LEU PA 125 40.25 72.70 -34.76
C LEU PA 125 39.03 72.44 -33.89
N MET PA 126 37.92 73.10 -34.20
CA MET PA 126 36.79 73.05 -33.29
C MET PA 126 35.93 71.82 -33.61
N VAL PA 127 35.90 71.41 -34.87
CA VAL PA 127 35.09 70.26 -35.27
C VAL PA 127 35.66 68.95 -34.71
N GLN PA 128 36.93 68.93 -34.31
CA GLN PA 128 37.45 67.79 -33.56
C GLN PA 128 37.39 68.03 -32.07
N LEU PA 129 37.21 69.29 -31.65
CA LEU PA 129 37.08 69.59 -30.23
C LEU PA 129 35.73 69.11 -29.69
N LEU PA 130 34.67 69.28 -30.49
CA LEU PA 130 33.33 68.91 -30.02
C LEU PA 130 33.09 67.41 -30.04
N HIS PA 131 34.00 66.62 -30.62
CA HIS PA 131 33.83 65.18 -30.66
C HIS PA 131 34.86 64.40 -29.87
N LYS PA 132 36.03 64.98 -29.60
CA LYS PA 132 37.02 64.37 -28.73
C LYS PA 132 37.05 64.98 -27.33
N LEU PA 133 36.27 66.05 -27.13
CA LEU PA 133 36.02 66.75 -25.86
C LEU PA 133 37.23 67.51 -25.30
N SER PA 134 38.39 67.37 -25.93
CA SER PA 134 39.61 68.05 -25.50
C SER PA 134 40.65 67.93 -26.61
N ILE PA 135 41.50 68.96 -26.71
CA ILE PA 135 42.61 68.98 -27.66
C ILE PA 135 43.90 68.99 -26.86
N ARG PA 136 44.75 67.99 -27.08
CA ARG PA 136 45.96 67.86 -26.31
C ARG PA 136 47.05 68.79 -26.85
N SER PA 137 48.14 68.89 -26.11
CA SER PA 137 49.24 69.77 -26.45
C SER PA 137 50.27 69.06 -27.31
N VAL PA 138 50.99 69.85 -28.10
CA VAL PA 138 52.04 69.29 -28.93
C VAL PA 138 53.28 68.94 -28.09
N ASN PA 139 53.39 69.51 -26.89
CA ASN PA 139 54.43 69.12 -25.95
C ASN PA 139 53.92 68.13 -24.91
N SER PA 140 52.68 67.66 -25.05
CA SER PA 140 52.05 66.63 -24.23
C SER PA 140 51.99 66.99 -22.74
N GLU PA 141 51.89 68.28 -22.42
CA GLU PA 141 51.86 68.70 -21.02
C GLU PA 141 50.44 68.74 -20.48
N GLU PA 142 49.58 69.57 -21.08
CA GLU PA 142 48.25 69.79 -20.55
C GLU PA 142 47.36 70.24 -21.70
N LYS PA 143 46.16 69.68 -21.76
CA LYS PA 143 45.29 69.84 -22.91
C LYS PA 143 44.68 71.24 -22.96
N LEU PA 144 44.82 71.91 -24.10
CA LEU PA 144 44.56 73.36 -24.15
C LEU PA 144 43.07 73.66 -24.08
N LEU PA 145 42.31 73.25 -25.08
CA LEU PA 145 40.88 73.56 -25.13
C LEU PA 145 40.14 72.38 -24.51
N LYS PA 146 39.62 72.59 -23.30
CA LYS PA 146 38.96 71.54 -22.53
C LYS PA 146 37.48 71.89 -22.40
N VAL PA 147 36.62 70.95 -22.76
CA VAL PA 147 35.18 71.13 -22.59
C VAL PA 147 34.83 70.76 -21.16
N ILE PA 148 34.28 71.71 -20.42
CA ILE PA 148 34.05 71.54 -18.99
C ILE PA 148 32.55 71.47 -18.72
N LYS PA 149 32.22 71.22 -17.46
CA LYS PA 149 30.85 70.95 -17.06
C LYS PA 149 30.06 72.25 -16.90
N ASN PA 150 28.79 72.20 -17.27
CA ASN PA 150 27.86 73.26 -16.94
C ASN PA 150 27.62 73.28 -15.44
N PRO PA 151 27.32 74.45 -14.85
CA PRO PA 151 27.20 75.79 -15.43
C PRO PA 151 28.54 76.51 -15.49
N ILE PA 152 28.52 77.84 -15.60
CA ILE PA 152 29.75 78.62 -15.59
C ILE PA 152 30.06 79.17 -14.20
N THR PA 153 29.05 79.35 -13.34
CA THR PA 153 29.24 80.05 -12.08
C THR PA 153 30.05 79.23 -11.08
N ASP PA 154 30.04 77.89 -11.20
CA ASP PA 154 30.87 77.08 -10.34
C ASP PA 154 32.34 77.12 -10.77
N HIS PA 155 32.60 77.29 -12.06
CA HIS PA 155 33.96 77.31 -12.57
C HIS PA 155 34.61 78.68 -12.49
N LEU PA 156 33.86 79.72 -12.15
CA LEU PA 156 34.43 81.03 -11.92
C LEU PA 156 35.19 81.02 -10.59
N PRO PA 157 36.09 82.00 -10.37
CA PRO PA 157 36.72 82.12 -9.05
C PRO PA 157 35.71 82.46 -7.97
N THR PA 158 36.12 82.22 -6.72
CA THR PA 158 35.18 82.22 -5.59
C THR PA 158 34.68 83.63 -5.28
N LYS PA 159 35.58 84.55 -4.96
CA LYS PA 159 35.22 85.95 -4.80
C LYS PA 159 35.00 86.52 -6.19
N CYS PA 160 33.73 86.62 -6.59
CA CYS PA 160 33.36 86.75 -7.98
C CYS PA 160 32.50 87.98 -8.21
N ARG PA 161 32.74 88.64 -9.35
CA ARG PA 161 31.95 89.80 -9.77
C ARG PA 161 31.51 89.57 -11.21
N LYS PA 162 30.20 89.52 -11.44
CA LYS PA 162 29.65 89.18 -12.75
C LYS PA 162 28.87 90.37 -13.30
N VAL PA 163 29.28 90.84 -14.47
CA VAL PA 163 28.56 91.85 -15.24
C VAL PA 163 28.57 91.45 -16.70
N THR PA 164 27.73 92.12 -17.49
CA THR PA 164 27.60 91.82 -18.90
C THR PA 164 27.71 93.10 -19.73
N LEU PA 165 28.04 92.92 -21.00
CA LEU PA 165 28.15 94.05 -21.93
C LEU PA 165 26.90 94.11 -22.79
N SER PA 166 26.25 95.26 -22.78
CA SER PA 166 24.98 95.44 -23.47
C SER PA 166 24.96 96.77 -24.22
N PHE PA 167 23.79 97.12 -24.74
CA PHE PA 167 23.56 98.37 -25.45
C PHE PA 167 22.81 99.40 -24.61
N ASP PA 168 21.72 99.01 -23.96
CA ASP PA 168 20.90 99.92 -23.17
C ASP PA 168 21.48 100.22 -21.80
N ALA PA 169 22.57 99.54 -21.43
CA ALA PA 169 23.17 99.69 -20.11
C ALA PA 169 23.84 101.06 -19.98
N PRO PA 170 23.93 101.59 -18.76
CA PRO PA 170 24.63 102.87 -18.56
C PRO PA 170 26.11 102.78 -18.89
N VAL PA 171 26.66 103.87 -19.40
CA VAL PA 171 28.04 103.92 -19.84
C VAL PA 171 28.89 104.39 -18.68
N ILE PA 172 29.76 103.51 -18.18
CA ILE PA 172 30.76 103.87 -17.19
C ILE PA 172 32.13 103.65 -17.81
N ARG PA 173 33.12 104.37 -17.28
CA ARG PA 173 34.49 104.18 -17.71
C ARG PA 173 34.98 102.80 -17.27
N VAL PA 174 35.72 102.14 -18.15
CA VAL PA 174 36.27 100.82 -17.83
C VAL PA 174 37.31 100.92 -16.72
N GLN PA 175 38.01 102.04 -16.64
CA GLN PA 175 38.96 102.27 -15.56
C GLN PA 175 38.25 102.37 -14.21
N ASP PA 176 37.12 103.07 -14.17
CA ASP PA 176 36.46 103.38 -12.91
C ASP PA 176 35.79 102.15 -12.30
N TYR PA 177 35.41 101.18 -13.14
CA TYR PA 177 34.80 99.97 -12.59
C TYR PA 177 35.83 99.05 -11.99
N ILE PA 178 37.04 99.01 -12.57
CA ILE PA 178 38.07 98.11 -12.07
C ILE PA 178 38.65 98.62 -10.75
N GLU PA 179 38.89 99.93 -10.64
CA GLU PA 179 39.50 100.44 -9.42
C GLU PA 179 38.50 100.44 -8.26
N LYS PA 180 37.21 100.59 -8.54
CA LYS PA 180 36.20 100.47 -7.50
C LYS PA 180 35.92 99.03 -7.12
N LEU PA 181 36.37 98.07 -7.91
CA LEU PA 181 36.33 96.67 -7.53
C LEU PA 181 37.37 96.42 -6.44
N ASP PA 182 37.14 95.37 -5.65
CA ASP PA 182 37.91 95.13 -4.43
C ASP PA 182 39.30 94.58 -4.77
N ASP PA 183 40.10 94.36 -3.73
CA ASP PA 183 41.51 93.99 -3.87
C ASP PA 183 41.73 92.52 -4.16
N ASP PA 184 40.70 91.68 -4.07
CA ASP PA 184 40.87 90.27 -4.35
C ASP PA 184 39.72 89.67 -5.14
N GLU PA 185 38.75 90.46 -5.58
CA GLU PA 185 37.63 89.96 -6.37
C GLU PA 185 38.05 89.77 -7.81
N SER PA 186 37.51 88.74 -8.45
CA SER PA 186 37.81 88.44 -9.84
C SER PA 186 36.70 88.97 -10.73
N ILE PA 187 37.06 89.82 -11.68
CA ILE PA 187 36.08 90.44 -12.57
C ILE PA 187 35.72 89.46 -13.69
N CYS PA 188 34.43 89.23 -13.86
CA CYS PA 188 33.92 88.28 -14.84
C CYS PA 188 32.93 89.00 -15.73
N VAL PA 189 33.26 89.16 -17.01
CA VAL PA 189 32.44 89.92 -17.94
C VAL PA 189 31.93 88.97 -19.02
N PHE PA 190 30.62 88.93 -19.19
CA PHE PA 190 29.95 87.99 -20.07
C PHE PA 190 29.47 88.76 -21.29
N VAL PA 191 30.18 88.61 -22.40
CA VAL PA 191 29.89 89.40 -23.59
C VAL PA 191 29.06 88.58 -24.56
N GLY PA 192 28.40 89.28 -25.47
CA GLY PA 192 27.58 88.64 -26.48
C GLY PA 192 28.33 88.34 -27.75
N ALA PA 193 28.64 87.06 -27.97
CA ALA PA 193 29.38 86.64 -29.15
C ALA PA 193 28.47 86.32 -30.32
N MET PA 194 27.19 86.62 -30.21
CA MET PA 194 26.23 86.39 -31.29
C MET PA 194 26.03 87.67 -32.10
N ALA PA 195 25.30 87.55 -33.20
CA ALA PA 195 25.26 88.60 -34.21
C ALA PA 195 24.43 89.81 -33.78
N ARG PA 196 23.12 89.62 -33.59
CA ARG PA 196 22.22 90.75 -33.34
C ARG PA 196 20.96 90.21 -32.69
N GLY PA 197 20.64 90.72 -31.51
CA GLY PA 197 19.47 90.22 -30.80
C GLY PA 197 19.48 90.66 -29.35
N LYS PA 198 18.70 89.95 -28.55
CA LYS PA 198 18.51 90.29 -27.14
C LYS PA 198 19.77 90.00 -26.34
N ASP PA 199 20.08 90.90 -25.40
CA ASP PA 199 21.19 90.70 -24.47
C ASP PA 199 20.74 90.01 -23.19
N ASN PA 200 20.09 88.85 -23.35
CA ASN PA 200 19.60 88.10 -22.19
C ASN PA 200 20.17 86.69 -22.32
N PHE PA 201 21.47 86.61 -22.59
CA PHE PA 201 22.11 85.30 -22.67
C PHE PA 201 22.50 84.79 -21.29
N ALA PA 202 22.92 85.68 -20.40
CA ALA PA 202 23.38 85.28 -19.08
C ALA PA 202 22.97 86.30 -18.02
N ASP PA 203 21.81 86.93 -18.18
CA ASP PA 203 21.31 87.84 -17.15
C ASP PA 203 20.91 87.12 -15.87
N GLU PA 204 20.75 85.79 -15.94
CA GLU PA 204 20.59 84.98 -14.74
C GLU PA 204 21.84 84.97 -13.88
N TYR PA 205 23.02 84.99 -14.49
CA TYR PA 205 24.26 84.89 -13.74
C TYR PA 205 24.73 86.26 -13.27
N VAL PA 206 24.82 87.22 -14.19
CA VAL PA 206 25.25 88.58 -13.85
C VAL PA 206 24.10 89.30 -13.16
N ASP PA 207 24.38 90.44 -12.55
CA ASP PA 207 23.36 91.18 -11.82
C ASP PA 207 23.12 92.59 -12.34
N GLU PA 208 24.16 93.29 -12.81
CA GLU PA 208 23.96 94.58 -13.46
C GLU PA 208 24.56 94.54 -14.85
N LYS PA 209 23.84 95.08 -15.83
CA LYS PA 209 24.40 95.25 -17.15
C LYS PA 209 25.24 96.51 -17.22
N VAL PA 210 26.40 96.41 -17.88
CA VAL PA 210 27.36 97.51 -17.98
C VAL PA 210 27.64 97.78 -19.44
N GLY PA 211 27.53 99.05 -19.84
CA GLY PA 211 27.77 99.45 -21.22
C GLY PA 211 29.05 100.24 -21.37
N LEU PA 212 29.58 100.30 -22.60
CA LEU PA 212 30.83 101.02 -22.85
C LEU PA 212 30.65 102.25 -23.72
N SER PA 213 29.65 102.28 -24.59
CA SER PA 213 29.42 103.45 -25.42
C SER PA 213 27.95 103.51 -25.80
N ASN PA 214 27.50 104.71 -26.17
CA ASN PA 214 26.15 104.86 -26.71
C ASN PA 214 26.06 104.38 -28.15
N TYR PA 215 27.21 104.27 -28.82
CA TYR PA 215 27.30 103.92 -30.22
C TYR PA 215 27.35 102.40 -30.38
N PRO PA 216 26.94 101.87 -31.54
CA PRO PA 216 27.02 100.42 -31.77
C PRO PA 216 28.45 99.93 -31.85
N LEU PA 217 28.77 98.97 -30.98
CA LEU PA 217 30.09 98.35 -30.94
C LEU PA 217 29.96 96.90 -31.38
N SER PA 218 30.90 96.45 -32.20
CA SER PA 218 30.92 95.07 -32.66
C SER PA 218 31.36 94.14 -31.52
N ALA PA 219 31.26 92.84 -31.76
CA ALA PA 219 31.61 91.87 -30.73
C ALA PA 219 33.12 91.84 -30.49
N SER PA 220 33.91 92.03 -31.55
CA SER PA 220 35.37 92.02 -31.41
C SER PA 220 35.87 93.23 -30.66
N VAL PA 221 35.28 94.40 -30.92
CA VAL PA 221 35.77 95.63 -30.32
C VAL PA 221 35.17 95.86 -28.94
N ALA PA 222 34.11 95.12 -28.58
CA ALA PA 222 33.54 95.24 -27.24
C ALA PA 222 34.47 94.62 -26.20
N CYS PA 223 35.00 93.43 -26.48
CA CYS PA 223 35.97 92.83 -25.57
C CYS PA 223 37.33 93.50 -25.68
N SER PA 224 37.63 94.10 -26.83
CA SER PA 224 38.92 94.76 -27.00
C SER PA 224 38.99 96.06 -26.23
N LYS PA 225 37.88 96.80 -26.16
CA LYS PA 225 37.85 98.07 -25.44
C LYS PA 225 38.04 97.87 -23.94
N PHE PA 226 37.31 96.90 -23.38
CA PHE PA 226 37.34 96.73 -21.93
C PHE PA 226 38.64 96.06 -21.49
N CYS PA 227 39.21 95.18 -22.33
CA CYS PA 227 40.48 94.55 -21.97
C CYS PA 227 41.64 95.53 -22.07
N HIS PA 228 41.54 96.52 -22.95
CA HIS PA 228 42.57 97.55 -23.00
C HIS PA 228 42.41 98.54 -21.85
N GLY PA 229 41.22 98.61 -21.26
CA GLY PA 229 41.07 99.31 -19.99
C GLY PA 229 41.59 98.49 -18.82
N ALA PA 230 41.69 97.17 -19.00
CA ALA PA 230 42.19 96.33 -17.92
C ALA PA 230 43.70 96.47 -17.75
N GLU PA 231 44.43 96.60 -18.85
CA GLU PA 231 45.88 96.83 -18.77
C GLU PA 231 46.18 98.19 -18.17
N ASP PA 232 45.40 99.21 -18.52
CA ASP PA 232 45.63 100.55 -18.00
C ASP PA 232 45.14 100.71 -16.57
N ALA PA 233 44.39 99.75 -16.03
CA ALA PA 233 43.96 99.79 -14.65
C ALA PA 233 44.73 98.83 -13.75
N TRP PA 234 45.20 97.71 -14.28
CA TRP PA 234 46.04 96.81 -13.52
C TRP PA 234 47.52 97.11 -13.67
N ASN PA 235 47.87 98.14 -14.45
CA ASN PA 235 49.19 98.77 -14.48
C ASN PA 235 50.29 97.79 -14.92
N ILE PA 236 50.10 97.23 -16.11
CA ILE PA 236 51.07 96.30 -16.67
C ILE PA 236 52.11 97.05 -17.47
N THR QA 1 2.94 22.05 54.59
CA THR QA 1 3.85 21.05 54.03
C THR QA 1 3.09 19.97 53.28
N ARG QA 2 1.99 20.36 52.66
CA ARG QA 2 1.21 19.44 51.86
C ARG QA 2 1.90 19.18 50.52
N LYS QA 3 1.46 18.11 49.85
CA LYS QA 3 1.89 17.87 48.48
C LYS QA 3 1.10 18.76 47.54
N PHE QA 4 1.46 18.73 46.26
CA PHE QA 4 0.88 19.65 45.30
C PHE QA 4 0.09 18.87 44.27
N GLY QA 5 -0.98 19.49 43.78
CA GLY QA 5 -1.86 18.80 42.86
C GLY QA 5 -2.60 17.64 43.50
N LEU QA 6 -3.16 17.85 44.69
CA LEU QA 6 -3.94 16.82 45.36
C LEU QA 6 -5.19 16.47 44.57
N VAL QA 7 -5.41 15.18 44.38
CA VAL QA 7 -6.57 14.68 43.66
C VAL QA 7 -7.25 13.64 44.53
N LYS QA 8 -8.57 13.54 44.39
CA LYS QA 8 -9.33 12.61 45.21
C LYS QA 8 -9.05 11.19 44.78
N ARG QA 9 -8.86 10.30 45.75
CA ARG QA 9 -8.55 8.91 45.45
C ARG QA 9 -9.80 8.21 44.93
N THR QA 10 -9.67 7.59 43.76
CA THR QA 10 -10.80 6.99 43.07
C THR QA 10 -10.38 5.60 42.57
N LEU QA 11 -11.22 5.01 41.74
CA LEU QA 11 -11.06 3.62 41.32
C LEU QA 11 -10.21 3.58 40.05
N ASN QA 12 -9.05 2.93 40.13
CA ASN QA 12 -8.09 2.86 39.04
C ASN QA 12 -8.58 1.81 38.06
N THR QA 13 -9.51 2.18 37.17
CA THR QA 13 -10.41 1.23 36.50
C THR QA 13 -9.67 0.29 35.54
N LYS QA 14 -8.48 0.65 35.08
CA LYS QA 14 -7.70 -0.28 34.29
C LYS QA 14 -6.64 -1.01 35.11
N LYS QA 15 -6.69 -0.90 36.44
CA LYS QA 15 -5.55 -1.38 37.21
C LYS QA 15 -5.91 -2.36 38.33
N ASP QA 16 -7.03 -2.15 39.02
CA ASP QA 16 -7.26 -2.87 40.27
C ASP QA 16 -7.72 -4.30 40.00
N GLN QA 17 -7.52 -5.15 40.99
CA GLN QA 17 -7.88 -6.56 40.85
C GLN QA 17 -9.24 -6.89 41.46
N ARG QA 18 -9.95 -5.91 41.99
CA ARG QA 18 -11.28 -6.17 42.52
C ARG QA 18 -12.33 -6.27 41.44
N LEU QA 19 -12.00 -5.88 40.21
CA LEU QA 19 -12.86 -6.13 39.06
C LEU QA 19 -12.85 -7.61 38.71
N LYS QA 20 -13.85 -8.02 37.93
CA LYS QA 20 -13.82 -9.36 37.35
C LYS QA 20 -12.85 -9.43 36.18
N LYS QA 21 -12.81 -8.38 35.36
CA LYS QA 21 -12.14 -8.46 34.07
C LYS QA 21 -10.63 -8.27 34.17
N ASN QA 22 -10.12 -7.78 35.29
CA ASN QA 22 -8.68 -7.71 35.53
C ASN QA 22 -8.20 -8.78 36.49
N GLN QA 23 -8.90 -9.92 36.56
CA GLN QA 23 -8.49 -11.03 37.42
C GLN QA 23 -7.49 -11.96 36.76
N GLU QA 24 -6.82 -11.52 35.69
CA GLU QA 24 -5.88 -12.37 34.96
C GLU QA 24 -4.53 -12.47 35.65
N ASN QA 25 -4.25 -11.63 36.63
CA ASN QA 25 -2.97 -11.69 37.35
C ASN QA 25 -3.18 -11.44 38.83
N THR QA 35 7.59 -21.82 27.34
CA THR QA 35 7.61 -23.23 26.97
C THR QA 35 7.08 -23.41 25.56
N ARG QA 36 7.97 -23.33 24.58
CA ARG QA 36 7.59 -23.47 23.18
C ARG QA 36 7.19 -24.91 22.88
N ASN QA 37 6.16 -25.08 22.05
CA ASN QA 37 5.71 -26.41 21.65
C ASN QA 37 5.86 -26.58 20.14
N ILE QA 38 6.57 -27.63 19.74
CA ILE QA 38 6.58 -28.05 18.35
C ILE QA 38 6.22 -29.53 18.33
N PRO QA 39 5.04 -29.88 17.84
CA PRO QA 39 4.69 -31.31 17.69
C PRO QA 39 5.51 -31.93 16.57
N GLN QA 40 6.24 -32.99 16.90
CA GLN QA 40 7.09 -33.64 15.92
C GLN QA 40 6.24 -34.41 14.91
N VAL QA 41 6.84 -34.67 13.74
CA VAL QA 41 6.18 -35.52 12.76
C VAL QA 41 6.31 -36.96 13.22
N SER QA 42 5.43 -37.82 12.71
CA SER QA 42 5.46 -39.22 13.10
C SER QA 42 6.68 -39.91 12.51
N SER QA 43 7.36 -40.72 13.33
CA SER QA 43 8.56 -41.41 12.90
C SER QA 43 8.28 -42.50 11.88
N ALA QA 44 7.04 -42.96 11.75
CA ALA QA 44 6.66 -43.89 10.72
C ALA QA 44 6.12 -43.19 9.48
N LEU QA 45 6.41 -41.90 9.32
CA LEU QA 45 5.92 -41.11 8.20
C LEU QA 45 7.10 -40.53 7.42
N PHE QA 46 7.05 -40.74 6.10
CA PHE QA 46 7.96 -40.13 5.13
C PHE QA 46 7.51 -38.71 4.82
N PHE QA 47 7.91 -38.18 3.66
CA PHE QA 47 7.31 -36.95 3.16
C PHE QA 47 5.79 -37.10 3.04
N GLN QA 48 5.33 -38.16 2.36
CA GLN QA 48 3.90 -38.39 2.20
C GLN QA 48 3.48 -39.86 2.28
N TYR QA 49 4.39 -40.78 2.61
CA TYR QA 49 4.05 -42.21 2.58
C TYR QA 49 3.19 -42.64 3.75
N ASN QA 50 3.71 -42.48 4.97
CA ASN QA 50 3.24 -43.15 6.19
C ASN QA 50 3.26 -44.66 5.91
N GLN QA 51 4.49 -45.16 5.89
CA GLN QA 51 4.80 -46.55 5.58
C GLN QA 51 4.20 -47.55 6.58
N ALA QA 52 3.75 -47.09 7.76
CA ALA QA 52 3.08 -47.97 8.71
C ALA QA 52 1.68 -48.36 8.26
N ILE QA 53 1.15 -47.78 7.19
CA ILE QA 53 -0.11 -48.22 6.61
C ILE QA 53 0.16 -49.56 5.95
N LYS QA 54 -0.18 -50.64 6.64
CA LYS QA 54 0.00 -52.00 6.17
C LYS QA 54 -1.22 -52.80 6.60
N PRO QA 55 -1.52 -53.91 5.93
CA PRO QA 55 -2.64 -54.75 6.36
C PRO QA 55 -2.36 -55.41 7.70
N PRO QA 56 -3.38 -55.56 8.56
CA PRO QA 56 -4.79 -55.17 8.40
C PRO QA 56 -5.04 -53.69 8.66
N TYR QA 57 -6.18 -53.16 8.22
CA TYR QA 57 -6.48 -51.74 8.29
C TYR QA 57 -7.68 -51.51 9.18
N GLN QA 58 -7.70 -50.35 9.84
CA GLN QA 58 -8.80 -49.95 10.70
C GLN QA 58 -9.34 -48.62 10.20
N VAL QA 59 -10.58 -48.60 9.75
CA VAL QA 59 -11.16 -47.39 9.15
C VAL QA 59 -11.95 -46.64 10.22
N LEU QA 60 -11.90 -45.32 10.17
CA LEU QA 60 -12.80 -44.51 10.98
C LEU QA 60 -14.00 -44.11 10.15
N ILE QA 61 -15.19 -44.29 10.73
CA ILE QA 61 -16.43 -44.14 9.99
C ILE QA 61 -17.22 -42.98 10.58
N ASP QA 62 -17.79 -42.16 9.70
CA ASP QA 62 -18.73 -41.11 10.08
C ASP QA 62 -20.14 -41.48 9.60
N THR QA 63 -21.10 -40.58 9.88
CA THR QA 63 -22.49 -40.84 9.49
C THR QA 63 -22.70 -40.73 7.98
N ASN QA 64 -22.00 -39.79 7.34
CA ASN QA 64 -22.19 -39.59 5.90
C ASN QA 64 -21.59 -40.74 5.10
N PHE QA 65 -20.63 -41.46 5.69
CA PHE QA 65 -20.23 -42.73 5.12
C PHE QA 65 -21.32 -43.79 5.30
N ILE QA 66 -21.95 -43.79 6.48
CA ILE QA 66 -22.96 -44.81 6.78
C ILE QA 66 -24.21 -44.60 5.95
N ASN QA 67 -24.69 -43.35 5.89
CA ASN QA 67 -25.97 -43.07 5.25
C ASN QA 67 -25.88 -43.21 3.73
N PHE QA 68 -24.72 -42.87 3.16
CA PHE QA 68 -24.55 -43.03 1.72
C PHE QA 68 -24.35 -44.49 1.32
N SER QA 69 -23.76 -45.29 2.20
CA SER QA 69 -23.59 -46.72 1.91
C SER QA 69 -24.94 -47.43 1.89
N ILE QA 70 -25.86 -47.00 2.75
CA ILE QA 70 -27.23 -47.51 2.68
C ILE QA 70 -27.91 -47.00 1.41
N GLN QA 71 -27.62 -45.75 1.03
CA GLN QA 71 -28.18 -45.18 -0.20
C GLN QA 71 -27.64 -45.89 -1.45
N LYS QA 72 -26.42 -46.40 -1.40
CA LYS QA 72 -25.79 -47.01 -2.56
C LYS QA 72 -25.67 -48.53 -2.44
N LYS QA 73 -26.49 -49.15 -1.58
CA LYS QA 73 -26.78 -50.59 -1.57
C LYS QA 73 -25.55 -51.44 -1.29
N VAL QA 74 -24.62 -50.96 -0.48
CA VAL QA 74 -23.37 -51.66 -0.20
C VAL QA 74 -23.23 -51.80 1.30
N ASP QA 75 -23.07 -53.04 1.76
CA ASP QA 75 -22.77 -53.34 3.15
C ASP QA 75 -21.28 -53.09 3.40
N ILE QA 76 -20.93 -52.84 4.67
CA ILE QA 76 -19.62 -52.29 5.00
C ILE QA 76 -18.50 -53.29 4.73
N VAL QA 77 -18.51 -54.42 5.46
CA VAL QA 77 -17.31 -55.25 5.62
C VAL QA 77 -16.87 -55.87 4.31
N ARG QA 78 -17.79 -56.44 3.55
CA ARG QA 78 -17.38 -56.97 2.26
C ARG QA 78 -17.38 -55.88 1.19
N GLY QA 79 -17.97 -54.73 1.48
CA GLY QA 79 -17.88 -53.60 0.56
C GLY QA 79 -16.53 -52.90 0.63
N MET QA 80 -15.93 -52.85 1.82
CA MET QA 80 -14.56 -52.38 1.97
C MET QA 80 -13.58 -53.30 1.27
N MET QA 81 -13.97 -54.56 1.06
CA MET QA 81 -13.10 -55.52 0.40
C MET QA 81 -12.84 -55.13 -1.05
N ASP QA 82 -13.80 -54.51 -1.74
CA ASP QA 82 -13.62 -54.32 -3.18
C ASP QA 82 -12.63 -53.21 -3.50
N CYS QA 83 -12.67 -52.11 -2.75
CA CYS QA 83 -11.82 -50.99 -3.13
C CYS QA 83 -10.41 -51.11 -2.58
N LEU QA 84 -10.27 -51.24 -1.27
CA LEU QA 84 -8.95 -51.28 -0.65
C LEU QA 84 -8.24 -52.61 -0.93
N LEU QA 85 -9.00 -53.66 -1.22
CA LEU QA 85 -8.58 -54.96 -1.75
C LEU QA 85 -7.78 -55.82 -0.78
N ALA QA 86 -7.44 -55.31 0.39
CA ALA QA 86 -6.74 -56.08 1.40
C ALA QA 86 -7.61 -56.21 2.64
N LYS QA 87 -7.14 -57.02 3.59
CA LYS QA 87 -7.92 -57.34 4.78
C LYS QA 87 -8.02 -56.11 5.68
N CYS QA 88 -9.25 -55.81 6.09
CA CYS QA 88 -9.50 -54.60 6.86
C CYS QA 88 -10.73 -54.79 7.72
N ASN QA 89 -10.67 -54.28 8.95
CA ASN QA 89 -11.78 -54.34 9.86
C ASN QA 89 -12.15 -52.93 10.33
N PRO QA 90 -13.45 -52.61 10.38
CA PRO QA 90 -13.87 -51.26 10.75
C PRO QA 90 -14.04 -51.08 12.24
N LEU QA 91 -13.73 -49.87 12.70
CA LEU QA 91 -13.96 -49.52 14.10
C LEU QA 91 -14.64 -48.17 14.17
N ILE QA 92 -15.63 -48.06 15.03
CA ILE QA 92 -16.46 -46.87 15.17
C ILE QA 92 -16.33 -46.35 16.60
N THR QA 93 -16.03 -45.06 16.74
CA THR QA 93 -15.89 -44.47 18.06
C THR QA 93 -17.23 -44.38 18.76
N ASP QA 94 -17.16 -44.29 20.09
CA ASP QA 94 -18.38 -44.13 20.88
C ASP QA 94 -19.02 -42.77 20.67
N CYS QA 95 -18.22 -41.76 20.30
CA CYS QA 95 -18.77 -40.44 20.01
C CYS QA 95 -19.59 -40.46 18.73
N VAL QA 96 -19.08 -41.16 17.71
CA VAL QA 96 -19.73 -41.15 16.39
C VAL QA 96 -21.05 -41.90 16.44
N MET QA 97 -21.06 -43.09 17.06
CA MET QA 97 -22.28 -43.88 17.14
C MET QA 97 -23.32 -43.22 18.03
N ALA QA 98 -22.89 -42.42 19.01
CA ALA QA 98 -23.83 -41.63 19.79
C ALA QA 98 -24.52 -40.58 18.93
N GLU QA 99 -23.77 -39.90 18.06
CA GLU QA 99 -24.41 -38.86 17.25
C GLU QA 99 -25.02 -39.42 15.98
N LEU QA 100 -24.53 -40.56 15.49
CA LEU QA 100 -25.18 -41.25 14.38
C LEU QA 100 -26.58 -41.70 14.77
N GLU QA 101 -26.72 -42.23 15.97
CA GLU QA 101 -28.03 -42.63 16.47
C GLU QA 101 -28.77 -41.45 17.07
N LYS QA 102 -28.15 -40.28 17.13
CA LYS QA 102 -28.87 -39.06 17.45
C LYS QA 102 -29.56 -38.45 16.23
N LEU QA 103 -29.34 -39.02 15.03
CA LEU QA 103 -30.10 -38.59 13.87
C LEU QA 103 -31.58 -38.89 14.03
N GLY QA 104 -31.93 -40.00 14.66
CA GLY QA 104 -33.29 -40.25 15.05
C GLY QA 104 -33.95 -41.43 14.35
N PRO QA 105 -35.25 -41.32 14.09
CA PRO QA 105 -36.02 -42.47 13.62
C PRO QA 105 -35.81 -42.78 12.15
N LYS QA 106 -35.54 -41.76 11.34
CA LYS QA 106 -35.49 -41.92 9.89
C LYS QA 106 -34.19 -42.55 9.39
N TYR QA 107 -33.27 -42.90 10.29
CA TYR QA 107 -32.06 -43.60 9.89
C TYR QA 107 -31.80 -44.82 10.77
N ARG QA 108 -32.85 -45.41 11.35
CA ARG QA 108 -32.66 -46.51 12.30
C ARG QA 108 -32.26 -47.80 11.61
N ILE QA 109 -32.53 -47.94 10.31
CA ILE QA 109 -32.03 -49.10 9.58
C ILE QA 109 -30.52 -48.99 9.38
N ALA QA 110 -30.02 -47.77 9.16
CA ALA QA 110 -28.59 -47.54 9.12
C ALA QA 110 -27.97 -47.65 10.51
N LEU QA 111 -28.76 -47.38 11.55
CA LEU QA 111 -28.33 -47.64 12.91
C LEU QA 111 -28.11 -49.14 13.13
N LYS QA 112 -29.04 -49.95 12.60
CA LYS QA 112 -29.00 -51.40 12.84
C LYS QA 112 -27.82 -52.05 12.11
N LEU QA 113 -27.49 -51.54 10.92
CA LEU QA 113 -26.33 -52.04 10.20
C LEU QA 113 -25.03 -51.60 10.89
N ALA QA 114 -25.07 -50.49 11.63
CA ALA QA 114 -23.87 -50.04 12.33
C ALA QA 114 -23.55 -50.93 13.53
N ARG QA 115 -24.54 -51.27 14.33
CA ARG QA 115 -24.32 -52.14 15.48
C ARG QA 115 -24.27 -53.59 14.99
N ASP QA 116 -23.10 -54.21 15.09
CA ASP QA 116 -22.83 -55.48 14.44
C ASP QA 116 -21.57 -56.06 15.08
N PRO QA 117 -21.53 -57.35 15.40
CA PRO QA 117 -20.30 -57.95 15.96
C PRO QA 117 -19.10 -57.91 15.01
N ARG QA 118 -19.31 -57.78 13.70
CA ARG QA 118 -18.19 -57.67 12.78
C ARG QA 118 -17.64 -56.25 12.67
N ILE QA 119 -18.44 -55.24 12.98
CA ILE QA 119 -17.96 -53.86 13.09
C ILE QA 119 -17.44 -53.68 14.50
N LYS QA 120 -16.14 -53.42 14.63
CA LYS QA 120 -15.58 -53.21 15.96
C LYS QA 120 -15.99 -51.83 16.49
N ARG QA 121 -15.90 -51.69 17.80
CA ARG QA 121 -16.21 -50.44 18.47
C ARG QA 121 -15.08 -50.11 19.43
N LEU QA 122 -14.84 -48.83 19.64
CA LEU QA 122 -13.85 -48.39 20.62
C LEU QA 122 -14.39 -47.18 21.35
N SER QA 123 -13.89 -46.97 22.57
CA SER QA 123 -14.39 -45.96 23.47
C SER QA 123 -13.90 -44.57 23.07
N CYS QA 124 -14.17 -43.59 23.92
CA CYS QA 124 -13.89 -42.20 23.59
C CYS QA 124 -13.68 -41.42 24.88
N SER QA 125 -13.11 -40.22 24.75
CA SER QA 125 -12.96 -39.31 25.88
C SER QA 125 -13.04 -37.87 25.34
N HIS QA 126 -14.26 -37.33 25.32
CA HIS QA 126 -14.50 -35.94 24.91
C HIS QA 126 -15.67 -35.39 25.72
N LYS QA 127 -15.61 -34.10 26.02
CA LYS QA 127 -16.77 -33.40 26.57
C LYS QA 127 -17.62 -32.83 25.43
N GLY QA 128 -18.09 -33.74 24.59
CA GLY QA 128 -18.85 -33.34 23.41
C GLY QA 128 -19.20 -34.55 22.59
N THR QA 129 -19.77 -34.28 21.41
CA THR QA 129 -20.21 -35.35 20.53
C THR QA 129 -19.89 -35.07 19.06
N TYR QA 130 -18.93 -34.19 18.78
CA TYR QA 130 -18.61 -33.80 17.42
C TYR QA 130 -17.80 -34.92 16.76
N ALA QA 131 -18.30 -35.42 15.63
CA ALA QA 131 -17.62 -36.51 14.93
C ALA QA 131 -16.36 -36.02 14.22
N ASP QA 132 -16.40 -34.80 13.68
CA ASP QA 132 -15.29 -34.31 12.89
C ASP QA 132 -14.09 -33.94 13.74
N ASP QA 133 -14.34 -33.47 14.97
CA ASP QA 133 -13.24 -33.07 15.83
C ASP QA 133 -12.54 -34.28 16.44
N CYS QA 134 -13.30 -35.33 16.75
CA CYS QA 134 -12.69 -36.54 17.31
C CYS QA 134 -11.86 -37.29 16.28
N LEU QA 135 -12.38 -37.39 15.06
CA LEU QA 135 -11.72 -38.16 14.01
C LEU QA 135 -10.40 -37.52 13.61
N VAL QA 136 -10.34 -36.19 13.62
CA VAL QA 136 -9.11 -35.48 13.29
C VAL QA 136 -8.08 -35.64 14.41
N HIS QA 137 -8.53 -35.52 15.66
CA HIS QA 137 -7.60 -35.58 16.80
C HIS QA 137 -7.00 -36.97 16.98
N ARG QA 138 -7.75 -38.03 16.68
CA ARG QA 138 -7.17 -39.37 16.70
C ARG QA 138 -6.18 -39.54 15.56
N VAL QA 139 -6.43 -38.87 14.44
CA VAL QA 139 -5.55 -38.95 13.28
C VAL QA 139 -4.24 -38.20 13.56
N LEU QA 140 -4.35 -37.01 14.18
CA LEU QA 140 -3.17 -36.19 14.46
C LEU QA 140 -2.23 -36.87 15.44
N GLN QA 141 -2.77 -37.50 16.48
CA GLN QA 141 -1.95 -38.08 17.52
C GLN QA 141 -1.32 -39.41 17.12
N HIS QA 142 -1.76 -40.01 16.03
CA HIS QA 142 -1.20 -41.32 15.72
C HIS QA 142 -0.67 -41.44 14.30
N LYS QA 143 -1.38 -40.86 13.32
CA LYS QA 143 -1.11 -41.04 11.88
C LYS QA 143 -1.05 -42.52 11.52
N CYS QA 144 -2.00 -43.28 12.05
CA CYS QA 144 -2.09 -44.72 11.97
C CYS QA 144 -3.35 -45.20 11.25
N TYR QA 145 -4.45 -44.49 11.43
CA TYR QA 145 -5.74 -44.91 10.90
C TYR QA 145 -5.92 -44.47 9.46
N ILE QA 146 -6.99 -44.98 8.87
CA ILE QA 146 -7.51 -44.56 7.57
C ILE QA 146 -8.95 -44.13 7.81
N VAL QA 147 -9.42 -43.09 7.12
CA VAL QA 147 -10.68 -42.46 7.48
C VAL QA 147 -11.66 -42.57 6.32
N ALA QA 148 -12.92 -42.87 6.64
CA ALA QA 148 -14.02 -42.88 5.70
C ALA QA 148 -14.92 -41.69 5.96
N THR QA 149 -15.08 -40.83 4.96
CA THR QA 149 -15.77 -39.55 5.10
C THR QA 149 -16.44 -39.21 3.77
N ASN QA 150 -17.63 -38.61 3.82
CA ASN QA 150 -18.32 -38.19 2.60
C ASN QA 150 -18.98 -36.82 2.76
N ASP QA 151 -18.27 -35.87 3.35
CA ASP QA 151 -18.63 -34.47 3.22
C ASP QA 151 -17.37 -33.64 3.05
N ALA QA 152 -17.51 -32.52 2.33
CA ALA QA 152 -16.34 -31.77 1.88
C ALA QA 152 -15.67 -31.01 3.01
N GLY QA 153 -16.40 -30.74 4.09
CA GLY QA 153 -15.81 -30.03 5.22
C GLY QA 153 -14.77 -30.86 5.95
N LEU QA 154 -15.11 -32.09 6.29
CA LEU QA 154 -14.14 -32.96 6.95
C LEU QA 154 -13.12 -33.53 5.97
N LYS QA 155 -13.49 -33.68 4.70
CA LYS QA 155 -12.57 -34.22 3.71
C LYS QA 155 -11.39 -33.29 3.48
N GLN QA 156 -11.64 -31.98 3.46
CA GLN QA 156 -10.56 -31.02 3.29
C GLN QA 156 -9.71 -30.92 4.55
N ARG QA 157 -10.29 -31.22 5.70
CA ARG QA 157 -9.55 -31.16 6.96
C ARG QA 157 -8.54 -32.30 7.06
N ILE QA 158 -8.87 -33.47 6.52
CA ILE QA 158 -7.97 -34.62 6.54
C ILE QA 158 -7.07 -34.65 5.30
N ARG QA 159 -7.46 -33.96 4.22
CA ARG QA 159 -6.55 -33.85 3.08
C ARG QA 159 -5.37 -32.93 3.38
N LYS QA 160 -5.51 -32.05 4.38
CA LYS QA 160 -4.45 -31.11 4.70
C LYS QA 160 -3.40 -31.67 5.65
N ILE QA 161 -3.65 -32.81 6.28
CA ILE QA 161 -2.64 -33.53 7.05
C ILE QA 161 -2.02 -34.60 6.16
N PRO QA 162 -0.70 -34.67 6.02
CA PRO QA 162 -0.09 -35.64 5.12
C PRO QA 162 -0.13 -37.04 5.68
N GLY QA 163 -0.05 -38.02 4.77
CA GLY QA 163 0.11 -39.41 5.14
C GLY QA 163 -1.14 -40.10 5.65
N ILE QA 164 -2.29 -39.45 5.59
CA ILE QA 164 -3.52 -40.02 6.12
C ILE QA 164 -4.39 -40.43 4.93
N PRO QA 165 -4.57 -41.73 4.68
CA PRO QA 165 -5.43 -42.15 3.57
C PRO QA 165 -6.89 -41.89 3.91
N LEU QA 166 -7.59 -41.27 2.97
CA LEU QA 166 -9.02 -41.02 3.07
C LEU QA 166 -9.73 -41.81 1.98
N MET QA 167 -10.94 -42.28 2.30
CA MET QA 167 -11.78 -42.87 1.28
C MET QA 167 -13.19 -42.33 1.41
N SER QA 168 -13.90 -42.34 0.29
CA SER QA 168 -15.27 -41.86 0.22
C SER QA 168 -16.07 -42.89 -0.57
N VAL QA 169 -17.30 -42.55 -0.92
CA VAL QA 169 -18.13 -43.39 -1.75
C VAL QA 169 -18.76 -42.52 -2.83
N GLY QA 170 -18.87 -43.09 -4.03
CA GLY QA 170 -19.52 -42.44 -5.14
C GLY QA 170 -19.87 -43.43 -6.23
N GLY QA 171 -21.10 -43.38 -6.73
CA GLY QA 171 -21.51 -44.27 -7.79
C GLY QA 171 -22.02 -45.60 -7.28
N HIS QA 172 -21.15 -46.60 -7.24
CA HIS QA 172 -21.53 -47.93 -6.80
C HIS QA 172 -20.58 -48.52 -5.75
N ALA QA 173 -19.37 -48.00 -5.62
CA ALA QA 173 -18.42 -48.54 -4.66
C ALA QA 173 -17.56 -47.41 -4.14
N TYR QA 174 -16.61 -47.75 -3.27
CA TYR QA 174 -15.76 -46.73 -2.65
C TYR QA 174 -14.61 -46.32 -3.58
N VAL QA 175 -13.86 -45.33 -3.12
CA VAL QA 175 -12.65 -44.86 -3.79
C VAL QA 175 -11.68 -44.32 -2.76
N ILE QA 176 -10.46 -44.84 -2.75
CA ILE QA 176 -9.42 -44.36 -1.86
C ILE QA 176 -8.66 -43.24 -2.56
N GLU QA 177 -8.06 -42.37 -1.76
CA GLU QA 177 -7.39 -41.19 -2.30
C GLU QA 177 -5.89 -41.20 -2.09
N LYS QA 178 -5.41 -41.32 -0.86
CA LYS QA 178 -3.99 -41.15 -0.57
C LYS QA 178 -3.21 -42.45 -0.48
N LEU QA 179 -3.84 -43.58 -0.72
CA LEU QA 179 -3.13 -44.84 -0.61
C LEU QA 179 -2.26 -45.07 -1.84
N PRO QA 180 -0.99 -45.41 -1.66
CA PRO QA 180 -0.16 -45.79 -2.82
C PRO QA 180 -0.57 -47.11 -3.44
N ASP QA 181 -1.02 -48.06 -2.62
CA ASP QA 181 -1.41 -49.37 -3.13
C ASP QA 181 -2.91 -49.33 -3.46
N VAL QA 182 -3.21 -48.62 -4.55
CA VAL QA 182 -4.59 -48.57 -5.04
C VAL QA 182 -5.03 -49.86 -5.70
N PHE QA 183 -4.09 -50.64 -6.23
CA PHE QA 183 -4.42 -51.97 -6.74
C PHE QA 183 -3.26 -52.94 -6.49
N MET RA 1 3.68 36.92 17.49
CA MET RA 1 4.17 36.86 16.11
C MET RA 1 4.70 35.51 15.69
N LEU RA 2 5.96 35.29 16.08
CA LEU RA 2 6.70 34.11 15.64
C LEU RA 2 6.07 32.83 16.17
N ARG RA 3 5.51 32.88 17.37
CA ARG RA 3 4.71 31.76 17.83
C ARG RA 3 3.37 31.72 17.12
N ARG RA 4 2.79 32.90 16.86
CA ARG RA 4 1.47 32.97 16.22
C ARG RA 4 1.51 32.45 14.80
N GLN RA 5 2.54 32.84 14.03
CA GLN RA 5 2.68 32.35 12.67
C GLN RA 5 3.04 30.87 12.65
N ALA RA 6 3.71 30.38 13.68
CA ALA RA 6 3.95 28.95 13.80
C ALA RA 6 2.69 28.22 14.22
N ARG RA 7 1.83 28.89 15.00
CA ARG RA 7 0.61 28.22 15.46
C ARG RA 7 -0.43 28.11 14.36
N GLU RA 8 -0.60 29.17 13.56
CA GLU RA 8 -1.65 29.12 12.54
C GLU RA 8 -1.19 28.35 11.31
N ARG RA 9 0.10 28.11 11.16
CA ARG RA 9 0.57 27.25 10.07
C ARG RA 9 0.38 25.78 10.44
N ARG RA 10 0.34 25.47 11.74
CA ARG RA 10 0.07 24.11 12.16
C ARG RA 10 -1.40 23.77 12.00
N GLU RA 11 -2.27 24.72 12.34
CA GLU RA 11 -3.71 24.49 12.25
C GLU RA 11 -4.16 24.44 10.80
N TYR RA 12 -3.46 25.17 9.92
CA TYR RA 12 -3.79 25.15 8.51
C TYR RA 12 -3.37 23.83 7.87
N LEU RA 13 -2.16 23.35 8.18
CA LEU RA 13 -1.64 22.16 7.52
C LEU RA 13 -2.36 20.90 8.00
N TYR RA 14 -2.81 20.88 9.26
CA TYR RA 14 -3.63 19.78 9.71
C TYR RA 14 -4.99 19.82 9.04
N ARG RA 15 -5.54 21.03 8.84
CA ARG RA 15 -6.82 21.16 8.17
C ARG RA 15 -6.72 20.83 6.69
N LYS RA 16 -5.53 20.93 6.11
CA LYS RA 16 -5.33 20.42 4.76
C LYS RA 16 -5.39 18.89 4.73
N ALA RA 17 -4.76 18.25 5.71
CA ALA RA 17 -4.78 16.79 5.76
C ALA RA 17 -6.13 16.27 6.24
N GLN RA 18 -6.93 17.10 6.90
CA GLN RA 18 -8.24 16.67 7.34
C GLN RA 18 -9.22 16.58 6.17
N GLU RA 19 -9.21 17.58 5.29
CA GLU RA 19 -10.10 17.53 4.13
C GLU RA 19 -9.63 16.55 3.07
N LEU RA 20 -8.35 16.16 3.12
CA LEU RA 20 -7.87 15.08 2.26
C LEU RA 20 -8.55 13.76 2.62
N GLN RA 21 -8.70 13.48 3.91
CA GLN RA 21 -9.45 12.31 4.34
C GLN RA 21 -10.95 12.51 4.14
N ASP RA 22 -11.42 13.75 4.21
CA ASP RA 22 -12.83 14.07 4.07
C ASP RA 22 -13.30 14.07 2.62
N SER RA 23 -12.37 14.12 1.66
CA SER RA 23 -12.76 14.19 0.25
C SER RA 23 -13.40 12.89 -0.21
N GLN RA 24 -12.96 11.76 0.33
CA GLN RA 24 -13.65 10.50 0.06
C GLN RA 24 -15.04 10.48 0.69
N LEU RA 25 -15.15 10.99 1.93
CA LEU RA 25 -16.45 11.07 2.57
C LEU RA 25 -17.36 12.09 1.91
N GLN RA 26 -16.80 13.19 1.40
CA GLN RA 26 -17.57 14.15 0.63
C GLN RA 26 -18.03 13.54 -0.70
N GLN RA 27 -17.15 12.76 -1.33
CA GLN RA 27 -17.53 12.03 -2.54
C GLN RA 27 -18.61 10.99 -2.24
N LYS RA 28 -18.48 10.29 -1.12
CA LYS RA 28 -19.48 9.29 -0.75
C LYS RA 28 -20.80 9.95 -0.36
N ARG RA 29 -20.74 11.15 0.25
CA ARG RA 29 -21.96 11.85 0.60
C ARG RA 29 -22.64 12.48 -0.61
N GLN RA 30 -21.90 12.66 -1.71
CA GLN RA 30 -22.54 13.05 -2.97
C GLN RA 30 -23.48 11.96 -3.45
N ILE RA 31 -23.09 10.70 -3.28
CA ILE RA 31 -23.89 9.56 -3.72
C ILE RA 31 -25.19 9.47 -2.92
N ILE RA 32 -25.15 9.81 -1.63
CA ILE RA 32 -26.36 9.79 -0.81
C ILE RA 32 -27.34 10.86 -1.26
N LYS RA 33 -26.82 12.03 -1.68
CA LYS RA 33 -27.70 13.10 -2.14
C LYS RA 33 -28.34 12.77 -3.48
N GLN RA 34 -27.59 12.12 -4.37
CA GLN RA 34 -28.15 11.72 -5.66
C GLN RA 34 -29.16 10.59 -5.49
N ALA RA 35 -28.82 9.59 -4.67
CA ALA RA 35 -29.67 8.40 -4.55
C ALA RA 35 -30.98 8.70 -3.86
N LEU RA 36 -30.97 9.62 -2.89
CA LEU RA 36 -32.21 10.04 -2.24
C LEU RA 36 -33.11 10.80 -3.18
N ALA RA 37 -32.55 11.46 -4.20
CA ALA RA 37 -33.34 12.21 -5.16
C ALA RA 37 -33.66 11.40 -6.42
N GLN RA 38 -32.63 11.02 -7.18
CA GLN RA 38 -32.79 10.39 -8.48
C GLN RA 38 -31.83 9.22 -8.60
N GLY RA 39 -32.36 8.00 -8.71
CA GLY RA 39 -31.53 6.82 -8.90
C GLY RA 39 -31.51 5.93 -7.67
N LYS RA 40 -32.28 4.84 -7.68
CA LYS RA 40 -32.51 4.10 -6.45
C LYS RA 40 -31.31 3.25 -6.01
N PRO RA 41 -30.51 2.67 -6.92
CA PRO RA 41 -29.29 1.97 -6.48
C PRO RA 41 -28.28 2.84 -5.73
N LEU RA 42 -27.94 2.40 -4.51
CA LEU RA 42 -26.98 2.69 -3.44
C LEU RA 42 -25.89 1.63 -3.42
N PRO RA 43 -24.62 2.02 -3.47
CA PRO RA 43 -23.56 1.03 -3.59
C PRO RA 43 -23.29 0.27 -2.30
N LYS RA 44 -22.40 -0.73 -2.42
CA LYS RA 44 -22.35 -1.82 -1.45
C LYS RA 44 -21.76 -1.38 -0.12
N GLU RA 45 -20.65 -0.66 -0.16
CA GLU RA 45 -19.93 -0.32 1.07
C GLU RA 45 -20.66 0.76 1.85
N LEU RA 46 -21.35 1.67 1.16
CA LEU RA 46 -22.11 2.71 1.84
C LEU RA 46 -23.41 2.15 2.41
N ALA RA 47 -23.84 0.97 1.96
CA ALA RA 47 -25.10 0.40 2.40
C ALA RA 47 -25.05 -0.14 3.83
N GLU RA 48 -23.92 -0.72 4.24
CA GLU RA 48 -23.87 -1.37 5.55
C GLU RA 48 -23.67 -0.39 6.71
N ASP RA 49 -22.73 0.54 6.57
CA ASP RA 49 -22.24 1.31 7.71
C ASP RA 49 -23.29 2.30 8.18
N GLU RA 50 -23.91 2.01 9.32
CA GLU RA 50 -24.95 2.85 9.89
C GLU RA 50 -24.39 4.12 10.51
N SER RA 51 -23.07 4.19 10.73
CA SER RA 51 -22.45 5.42 11.22
C SER RA 51 -22.58 6.54 10.20
N LEU RA 52 -22.35 6.23 8.93
CA LEU RA 52 -22.55 7.22 7.87
C LEU RA 52 -24.04 7.51 7.67
N GLN RA 53 -24.90 6.54 7.98
CA GLN RA 53 -26.34 6.74 7.84
C GLN RA 53 -26.88 7.72 8.87
N LYS RA 54 -26.34 7.70 10.09
CA LYS RA 54 -26.66 8.73 11.07
C LYS RA 54 -25.81 9.98 10.89
N ASP RA 55 -24.75 9.90 10.09
CA ASP RA 55 -23.93 11.07 9.81
C ASP RA 55 -24.64 12.04 8.87
N PHE RA 56 -25.45 11.51 7.94
CA PHE RA 56 -26.05 12.34 6.91
C PHE RA 56 -27.19 13.19 7.44
N ARG RA 57 -27.79 12.82 8.58
CA ARG RA 57 -28.86 13.64 9.15
C ARG RA 57 -28.34 14.99 9.61
N TYR RA 58 -27.07 15.05 10.00
CA TYR RA 58 -26.44 16.33 10.27
C TYR RA 58 -25.85 16.90 8.99
N ASP RA 59 -25.05 16.10 8.27
CA ASP RA 59 -24.28 16.49 7.09
C ASP RA 59 -25.12 16.80 5.87
N GLN RA 60 -26.46 16.81 5.93
CA GLN RA 60 -27.25 17.30 4.81
C GLN RA 60 -27.12 18.79 4.63
N SER RA 61 -26.69 19.52 5.65
CA SER RA 61 -26.48 20.97 5.57
C SER RA 61 -25.00 21.23 5.31
N LEU RA 62 -24.60 21.02 4.06
CA LEU RA 62 -23.30 21.43 3.55
C LEU RA 62 -23.46 21.83 2.09
N LYS RA 63 -22.46 22.55 1.58
CA LYS RA 63 -22.45 22.94 0.17
C LYS RA 63 -21.19 22.44 -0.53
N GLN RA 72 -13.84 28.84 -7.78
CA GLN RA 72 -13.37 28.70 -6.41
C GLN RA 72 -12.10 29.51 -6.19
N VAL RA 73 -12.14 30.42 -5.22
CA VAL RA 73 -10.97 31.18 -4.82
C VAL RA 73 -10.06 30.27 -4.01
N ASP RA 74 -8.74 30.45 -4.15
CA ASP RA 74 -7.78 29.61 -3.46
C ASP RA 74 -7.84 29.84 -1.95
N ASP RA 75 -7.56 28.78 -1.20
CA ASP RA 75 -7.89 28.75 0.21
C ASP RA 75 -6.91 29.60 1.03
N GLU RA 76 -5.68 29.78 0.54
CA GLU RA 76 -4.77 30.74 1.16
C GLU RA 76 -5.17 32.18 0.91
N TYR RA 77 -6.00 32.44 -0.10
CA TYR RA 77 -6.48 33.79 -0.40
C TYR RA 77 -7.98 33.93 -0.15
N ALA RA 78 -8.61 32.96 0.52
CA ALA RA 78 -10.06 32.97 0.64
C ALA RA 78 -10.53 34.05 1.60
N ALA RA 79 -9.78 34.29 2.67
CA ALA RA 79 -10.19 35.31 3.65
C ALA RA 79 -9.98 36.71 3.09
N THR RA 80 -8.82 36.95 2.45
CA THR RA 80 -8.44 38.27 1.97
C THR RA 80 -8.69 38.44 0.48
N SER RA 81 -9.73 37.81 -0.06
CA SER RA 81 -9.97 37.82 -1.50
C SER RA 81 -10.37 39.20 -1.99
N GLY RA 82 -11.35 39.83 -1.34
CA GLY RA 82 -11.79 41.14 -1.77
C GLY RA 82 -12.10 42.07 -0.61
N ILE RA 83 -11.68 41.69 0.59
CA ILE RA 83 -11.96 42.49 1.78
C ILE RA 83 -10.91 43.56 2.02
N MET RA 84 -9.79 43.51 1.32
CA MET RA 84 -8.68 44.43 1.56
C MET RA 84 -7.87 44.55 0.28
N ASP RA 85 -7.18 45.67 0.13
CA ASP RA 85 -6.43 45.98 -1.08
C ASP RA 85 -4.96 45.65 -0.90
N PRO RA 86 -4.39 44.84 -1.78
CA PRO RA 86 -3.06 44.27 -1.53
C PRO RA 86 -1.90 45.24 -1.69
N ARG RA 87 -1.22 45.54 -0.59
CA ARG RA 87 0.01 46.33 -0.65
C ARG RA 87 1.19 45.38 -0.86
N ILE RA 88 2.01 45.69 -1.87
CA ILE RA 88 3.02 44.76 -2.37
C ILE RA 88 4.36 45.47 -2.50
N ILE RA 89 5.43 44.68 -2.46
CA ILE RA 89 6.79 45.18 -2.35
C ILE RA 89 7.61 44.61 -3.49
N VAL RA 90 8.32 45.48 -4.21
CA VAL RA 90 9.25 45.09 -5.26
C VAL RA 90 10.67 45.35 -4.76
N THR RA 91 11.51 44.33 -4.80
CA THR RA 91 12.88 44.43 -4.31
C THR RA 91 13.84 43.92 -5.37
N THR RA 92 15.11 44.27 -5.20
CA THR RA 92 16.17 43.75 -6.05
C THR RA 92 16.90 42.62 -5.32
N SER RA 93 17.71 41.88 -6.07
CA SER RA 93 18.40 40.72 -5.52
C SER RA 93 19.44 41.07 -4.45
N ARG RA 94 20.56 41.65 -4.89
CA ARG RA 94 21.63 42.12 -4.01
C ARG RA 94 22.62 42.92 -4.85
N ASP RA 95 22.96 44.14 -4.39
CA ASP RA 95 23.80 45.12 -5.08
C ASP RA 95 23.29 45.34 -6.50
N PRO RA 96 22.17 46.06 -6.66
CA PRO RA 96 21.53 46.14 -7.97
C PRO RA 96 22.34 46.94 -8.97
N SER RA 97 22.31 46.48 -10.22
CA SER RA 97 22.77 47.28 -11.33
C SER RA 97 21.76 48.37 -11.65
N THR RA 98 22.15 49.27 -12.55
CA THR RA 98 21.30 50.41 -12.89
C THR RA 98 20.07 49.97 -13.67
N ARG RA 99 20.19 48.94 -14.50
CA ARG RA 99 19.11 48.54 -15.40
C ARG RA 99 17.92 47.95 -14.64
N LEU RA 100 18.17 47.04 -13.70
CA LEU RA 100 17.02 46.51 -12.98
C LEU RA 100 16.54 47.43 -11.88
N SER RA 101 17.34 48.44 -11.50
CA SER RA 101 16.81 49.51 -10.67
C SER RA 101 15.78 50.33 -11.43
N GLN RA 102 16.03 50.54 -12.73
CA GLN RA 102 14.99 51.09 -13.60
C GLN RA 102 13.83 50.10 -13.75
N PHE RA 103 14.16 48.82 -13.85
CA PHE RA 103 13.16 47.82 -14.19
C PHE RA 103 12.26 47.48 -13.00
N ALA RA 104 12.83 47.51 -11.78
CA ALA RA 104 12.00 47.34 -10.59
C ALA RA 104 11.05 48.51 -10.40
N LYS RA 105 11.44 49.69 -10.86
CA LYS RA 105 10.52 50.83 -10.86
C LYS RA 105 9.39 50.62 -11.86
N GLU RA 106 9.68 49.97 -12.98
CA GLU RA 106 8.65 49.74 -13.99
C GLU RA 106 7.69 48.63 -13.57
N ILE RA 107 8.19 47.64 -12.84
CA ILE RA 107 7.31 46.61 -12.27
C ILE RA 107 6.46 47.22 -11.15
N LYS RA 108 7.06 48.10 -10.34
CA LYS RA 108 6.31 48.85 -9.34
C LYS RA 108 5.28 49.75 -9.98
N LEU RA 109 5.60 50.31 -11.14
CA LEU RA 109 4.65 51.18 -11.83
C LEU RA 109 3.54 50.38 -12.49
N LEU RA 110 3.84 49.17 -12.95
CA LEU RA 110 2.82 48.31 -13.56
C LEU RA 110 1.84 47.78 -12.51
N PHE RA 111 2.26 47.76 -11.25
CA PHE RA 111 1.50 47.11 -10.19
C PHE RA 111 0.86 48.18 -9.33
N PRO RA 112 -0.47 48.27 -9.25
CA PRO RA 112 -1.08 49.20 -8.32
C PRO RA 112 -0.86 48.78 -6.88
N ASN RA 113 -0.84 49.77 -5.99
CA ASN RA 113 -0.56 49.62 -4.55
C ASN RA 113 0.79 48.96 -4.30
N ALA RA 114 1.80 49.35 -5.07
CA ALA RA 114 3.12 48.77 -4.97
C ALA RA 114 4.14 49.82 -4.56
N VAL RA 115 5.10 49.40 -3.74
CA VAL RA 115 6.25 50.24 -3.39
C VAL RA 115 7.50 49.49 -3.82
N ARG RA 116 8.60 50.24 -3.91
CA ARG RA 116 9.89 49.70 -4.32
C ARG RA 116 10.92 50.12 -3.29
N LEU RA 117 11.36 49.18 -2.45
CA LEU RA 117 12.42 49.43 -1.49
C LEU RA 117 13.68 48.73 -1.96
N ASN RA 118 14.80 49.46 -1.94
CA ASN RA 118 16.07 48.88 -2.35
C ASN RA 118 16.56 47.87 -1.33
N ARG RA 119 17.19 46.81 -1.82
CA ARG RA 119 17.74 45.77 -0.97
C ARG RA 119 19.25 45.84 -1.03
N GLY RA 120 19.86 46.15 0.11
CA GLY RA 120 21.29 46.14 0.25
C GLY RA 120 21.66 45.82 1.68
N ASN RA 121 22.50 44.81 1.87
CA ASN RA 121 22.91 44.26 3.16
C ASN RA 121 21.74 43.76 4.01
N TYR RA 122 20.59 43.49 3.42
CA TYR RA 122 19.51 42.80 4.11
C TYR RA 122 19.79 41.32 4.15
N VAL RA 123 19.08 40.62 5.01
CA VAL RA 123 19.02 39.17 4.97
C VAL RA 123 17.56 38.76 4.89
N MET RA 124 17.31 37.75 4.07
CA MET RA 124 15.97 37.29 3.71
C MET RA 124 15.11 36.84 4.91
N PRO RA 125 15.66 36.20 5.96
CA PRO RA 125 14.86 36.10 7.20
C PRO RA 125 14.46 37.44 7.80
N ASN RA 126 15.36 38.42 7.80
CA ASN RA 126 15.04 39.70 8.43
C ASN RA 126 14.14 40.55 7.55
N LEU RA 127 14.15 40.32 6.24
CA LEU RA 127 13.22 41.03 5.38
C LEU RA 127 11.80 40.53 5.57
N VAL RA 128 11.61 39.21 5.56
CA VAL RA 128 10.26 38.65 5.67
C VAL RA 128 9.72 38.80 7.09
N ASP RA 129 10.60 39.01 8.07
CA ASP RA 129 10.13 39.37 9.41
C ASP RA 129 9.64 40.81 9.42
N ALA RA 130 10.22 41.66 8.56
CA ALA RA 130 9.79 43.05 8.50
C ALA RA 130 8.47 43.21 7.74
N CYS RA 131 8.25 42.40 6.71
CA CYS RA 131 6.98 42.51 5.99
C CYS RA 131 5.86 41.74 6.69
N LYS RA 132 6.21 40.76 7.52
CA LYS RA 132 5.20 40.21 8.41
C LYS RA 132 4.88 41.17 9.54
N LYS RA 133 5.86 41.99 9.93
CA LYS RA 133 5.63 43.03 10.92
C LYS RA 133 4.62 44.06 10.41
N SER RA 134 5.00 44.82 9.39
CA SER RA 134 4.16 45.93 8.94
C SER RA 134 2.93 45.45 8.19
N GLY RA 135 3.00 44.27 7.60
CA GLY RA 135 1.84 43.69 6.97
C GLY RA 135 1.80 44.04 5.50
N THR RA 136 2.15 43.08 4.65
CA THR RA 136 2.03 43.25 3.21
C THR RA 136 1.42 41.98 2.64
N THR RA 137 1.16 42.00 1.34
CA THR RA 137 0.52 40.87 0.70
C THR RA 137 1.56 39.91 0.09
N ASP RA 138 2.40 40.42 -0.80
CA ASP RA 138 3.44 39.57 -1.39
C ASP RA 138 4.63 40.42 -1.81
N LEU RA 139 5.76 39.74 -1.98
CA LEU RA 139 7.02 40.35 -2.37
C LEU RA 139 7.42 39.86 -3.75
N VAL RA 140 7.96 40.77 -4.56
CA VAL RA 140 8.47 40.43 -5.88
C VAL RA 140 9.94 40.83 -5.89
N VAL RA 141 10.84 39.85 -5.83
CA VAL RA 141 12.27 40.10 -5.92
C VAL RA 141 12.70 39.74 -7.34
N LEU RA 142 13.74 40.42 -7.83
CA LEU RA 142 14.19 40.27 -9.20
C LEU RA 142 15.68 39.96 -9.23
N HIS RA 143 16.04 38.87 -9.90
CA HIS RA 143 17.43 38.62 -10.24
C HIS RA 143 17.67 39.13 -11.66
N GLU RA 144 18.90 39.06 -12.12
CA GLU RA 144 19.24 39.59 -13.44
C GLU RA 144 20.46 38.85 -13.98
N HIS RA 145 20.90 39.24 -15.17
CA HIS RA 145 22.15 38.74 -15.74
C HIS RA 145 22.73 39.86 -16.61
N ARG RA 146 23.64 40.63 -16.03
CA ARG RA 146 24.36 41.73 -16.66
C ARG RA 146 23.41 42.73 -17.31
N GLY RA 147 22.57 43.33 -16.46
CA GLY RA 147 21.61 44.32 -16.94
C GLY RA 147 20.21 43.79 -17.21
N VAL RA 148 20.07 42.83 -18.11
CA VAL RA 148 18.75 42.32 -18.43
C VAL RA 148 18.27 41.42 -17.29
N PRO RA 149 16.97 41.39 -16.98
CA PRO RA 149 16.50 40.57 -15.87
C PRO RA 149 16.22 39.13 -16.30
N THR RA 150 16.33 38.22 -15.35
CA THR RA 150 16.17 36.81 -15.66
C THR RA 150 15.18 36.09 -14.76
N SER RA 151 15.08 36.45 -13.48
CA SER RA 151 14.23 35.74 -12.54
C SER RA 151 13.28 36.71 -11.84
N LEU RA 152 12.11 36.20 -11.48
CA LEU RA 152 11.07 36.99 -10.82
C LEU RA 152 10.28 36.06 -9.92
N THR RA 153 10.44 36.22 -8.61
CA THR RA 153 9.77 35.36 -7.64
C THR RA 153 8.70 36.16 -6.90
N ILE RA 154 7.48 35.64 -6.91
CA ILE RA 154 6.36 36.23 -6.19
C ILE RA 154 6.06 35.35 -5.00
N SER RA 155 6.12 35.91 -3.80
CA SER RA 155 6.00 35.13 -2.57
C SER RA 155 4.98 35.78 -1.64
N HIS RA 156 3.86 35.12 -1.44
CA HIS RA 156 2.79 35.62 -0.57
C HIS RA 156 3.14 35.37 0.89
N PHE RA 157 2.95 36.41 1.72
CA PHE RA 157 3.59 36.46 3.03
C PHE RA 157 2.95 35.72 4.21
N PRO RA 158 1.62 35.75 4.46
CA PRO RA 158 1.12 34.99 5.62
C PRO RA 158 1.15 33.48 5.42
N HIS RA 159 2.37 32.93 5.48
CA HIS RA 159 2.77 31.59 5.00
C HIS RA 159 2.03 31.16 3.74
N GLY RA 160 2.00 32.07 2.76
CA GLY RA 160 1.34 31.80 1.51
C GLY RA 160 2.27 31.11 0.55
N PRO RA 161 1.78 30.77 -0.64
CA PRO RA 161 2.62 30.10 -1.63
C PRO RA 161 3.53 31.09 -2.35
N THR RA 162 4.72 30.62 -2.67
CA THR RA 162 5.64 31.38 -3.50
C THR RA 162 5.67 30.77 -4.89
N ALA RA 163 5.99 31.60 -5.87
CA ALA RA 163 6.02 31.17 -7.27
C ALA RA 163 7.16 31.86 -7.96
N GLN RA 164 8.18 31.10 -8.33
CA GLN RA 164 9.38 31.64 -8.96
C GLN RA 164 9.28 31.46 -10.47
N PHE RA 165 9.56 32.54 -11.20
CA PHE RA 165 9.40 32.57 -12.64
C PHE RA 165 10.74 32.87 -13.29
N SER RA 166 10.85 32.50 -14.55
CA SER RA 166 12.00 32.86 -15.38
C SER RA 166 11.52 33.61 -16.61
N LEU RA 167 12.07 34.80 -16.82
CA LEU RA 167 11.65 35.71 -17.88
C LEU RA 167 12.83 36.02 -18.79
N HIS RA 168 12.58 36.01 -20.10
CA HIS RA 168 13.66 36.12 -21.07
C HIS RA 168 13.55 37.37 -21.94
N ASN RA 169 12.45 37.53 -22.66
CA ASN RA 169 12.33 38.63 -23.64
C ASN RA 169 11.83 39.86 -22.92
N VAL RA 170 12.75 40.70 -22.47
CA VAL RA 170 12.44 41.91 -21.72
C VAL RA 170 12.87 43.12 -22.52
N VAL RA 171 11.90 43.90 -22.99
CA VAL RA 171 12.12 45.23 -23.51
C VAL RA 171 11.32 46.20 -22.64
N MET RA 172 11.93 47.32 -22.28
CA MET RA 172 11.38 48.19 -21.25
C MET RA 172 11.13 49.61 -21.79
N ARG RA 173 10.39 50.38 -20.99
CA ARG RA 173 9.91 51.69 -21.43
C ARG RA 173 11.02 52.73 -21.42
N HIS RA 174 12.01 52.58 -20.54
CA HIS RA 174 13.11 53.55 -20.49
C HIS RA 174 14.05 53.41 -21.67
N ASP RA 175 14.00 52.30 -22.40
CA ASP RA 175 14.92 52.09 -23.51
C ASP RA 175 14.53 52.91 -24.73
N ILE RA 176 13.23 53.01 -25.02
CA ILE RA 176 12.80 53.40 -26.36
C ILE RA 176 12.80 54.91 -26.60
N ILE RA 177 11.94 55.65 -25.89
CA ILE RA 177 11.72 57.07 -26.11
C ILE RA 177 11.31 57.72 -24.80
N ASN RA 178 11.08 59.03 -24.83
CA ASN RA 178 10.41 59.71 -23.73
C ASN RA 178 8.91 59.65 -24.00
N ALA RA 179 8.34 58.46 -23.77
CA ALA RA 179 6.97 58.17 -24.17
C ALA RA 179 5.92 58.85 -23.29
N GLY RA 180 6.32 59.42 -22.15
CA GLY RA 180 5.37 60.09 -21.28
C GLY RA 180 5.32 59.49 -19.91
N ASN RA 181 4.10 59.21 -19.42
CA ASN RA 181 3.93 58.60 -18.11
C ASN RA 181 2.90 57.48 -18.21
N GLN RA 182 3.11 56.45 -17.40
CA GLN RA 182 2.18 55.32 -17.38
C GLN RA 182 0.87 55.72 -16.71
N SER RA 183 -0.16 54.91 -16.93
CA SER RA 183 -1.51 55.28 -16.53
C SER RA 183 -1.69 55.24 -15.03
N GLU RA 184 -1.18 54.18 -14.38
CA GLU RA 184 -1.23 53.93 -12.93
C GLU RA 184 -2.64 53.83 -12.38
N VAL RA 185 -3.65 53.62 -13.23
CA VAL RA 185 -5.00 53.37 -12.75
C VAL RA 185 -5.13 51.90 -12.38
N ASN RA 186 -6.21 51.56 -11.67
CA ASN RA 186 -6.55 50.17 -11.38
C ASN RA 186 -6.89 49.48 -12.70
N PRO RA 187 -6.12 48.48 -13.10
CA PRO RA 187 -6.22 47.96 -14.47
C PRO RA 187 -7.15 46.77 -14.60
N HIS RA 188 -7.70 46.63 -15.81
CA HIS RA 188 -8.36 45.40 -16.18
C HIS RA 188 -7.32 44.31 -16.39
N LEU RA 189 -7.74 43.06 -16.19
CA LEU RA 189 -6.87 41.90 -16.35
C LEU RA 189 -7.47 40.99 -17.40
N ILE RA 190 -6.65 40.58 -18.36
CA ILE RA 190 -7.07 39.69 -19.43
C ILE RA 190 -6.29 38.39 -19.28
N PHE RA 191 -6.99 37.32 -18.93
CA PHE RA 191 -6.37 36.03 -18.70
C PHE RA 191 -6.83 35.05 -19.77
N ASP RA 192 -5.89 34.40 -20.44
CA ASP RA 192 -6.20 33.62 -21.62
C ASP RA 192 -5.48 32.29 -21.60
N ASN RA 193 -6.19 31.23 -22.01
CA ASN RA 193 -5.65 29.90 -22.29
C ASN RA 193 -5.03 29.23 -21.07
N PHE RA 194 -5.51 29.54 -19.88
CA PHE RA 194 -5.18 28.79 -18.68
C PHE RA 194 -6.23 27.71 -18.51
N THR RA 195 -5.82 26.45 -18.57
CA THR RA 195 -6.76 25.34 -18.54
C THR RA 195 -6.44 24.31 -17.48
N THR RA 196 -5.16 24.09 -17.18
CA THR RA 196 -4.77 23.00 -16.29
C THR RA 196 -5.08 23.33 -14.84
N ALA RA 197 -4.93 22.32 -13.97
CA ALA RA 197 -5.14 22.51 -12.55
C ALA RA 197 -4.09 23.46 -11.96
N LEU RA 198 -2.84 23.36 -12.44
CA LEU RA 198 -1.85 24.36 -12.10
C LEU RA 198 -2.13 25.68 -12.79
N GLY RA 199 -2.83 25.64 -13.93
CA GLY RA 199 -3.22 26.88 -14.59
C GLY RA 199 -4.17 27.71 -13.76
N LYS RA 200 -5.19 27.08 -13.19
CA LYS RA 200 -6.09 27.78 -12.28
C LYS RA 200 -5.41 28.18 -10.99
N ARG RA 201 -4.40 27.40 -10.56
CA ARG RA 201 -3.64 27.75 -9.38
C ARG RA 201 -2.76 28.96 -9.63
N VAL RA 202 -2.13 29.03 -10.80
CA VAL RA 202 -1.25 30.15 -11.08
C VAL RA 202 -2.05 31.41 -11.45
N VAL RA 203 -3.33 31.24 -11.78
CA VAL RA 203 -4.21 32.41 -11.95
C VAL RA 203 -4.41 33.10 -10.61
N CYS RA 204 -4.77 32.33 -9.59
CA CYS RA 204 -5.13 32.92 -8.29
C CYS RA 204 -3.90 33.38 -7.52
N ILE RA 205 -2.73 32.83 -7.82
CA ILE RA 205 -1.49 33.27 -7.19
C ILE RA 205 -1.02 34.61 -7.74
N LEU RA 206 -1.63 35.08 -8.83
CA LEU RA 206 -1.19 36.27 -9.54
C LEU RA 206 -2.30 37.30 -9.75
N LYS RA 207 -3.55 36.87 -9.85
CA LYS RA 207 -4.67 37.80 -10.01
C LYS RA 207 -4.88 38.63 -8.75
N HIS RA 208 -4.55 38.08 -7.59
CA HIS RA 208 -4.75 38.76 -6.32
C HIS RA 208 -3.71 39.83 -6.05
N LEU RA 209 -2.71 39.98 -6.93
CA LEU RA 209 -1.69 41.00 -6.76
C LEU RA 209 -2.20 42.38 -7.15
N PHE RA 210 -3.30 42.46 -7.87
CA PHE RA 210 -3.93 43.72 -8.24
C PHE RA 210 -5.06 44.03 -7.27
N ASN RA 211 -5.51 45.29 -7.29
CA ASN RA 211 -6.57 45.71 -6.39
C ASN RA 211 -7.91 45.18 -6.87
N ALA RA 212 -8.82 45.02 -5.92
CA ALA RA 212 -10.13 44.42 -6.19
C ALA RA 212 -11.04 45.41 -6.87
N GLY RA 213 -11.74 44.96 -7.91
CA GLY RA 213 -12.78 45.73 -8.54
C GLY RA 213 -12.35 46.96 -9.31
N PRO RA 214 -11.72 46.77 -10.48
CA PRO RA 214 -11.39 47.92 -11.32
C PRO RA 214 -12.64 48.49 -11.98
N LYS RA 215 -12.47 49.66 -12.60
CA LYS RA 215 -13.59 50.42 -13.12
C LYS RA 215 -14.21 49.74 -14.35
N LYS RA 216 -15.44 50.14 -14.65
CA LYS RA 216 -16.11 49.66 -15.86
C LYS RA 216 -15.45 50.24 -17.10
N ASP RA 217 -14.96 51.46 -17.04
CA ASP RA 217 -14.28 52.12 -18.14
C ASP RA 217 -12.85 52.49 -17.76
N SER RA 218 -12.17 51.58 -17.07
CA SER RA 218 -10.73 51.74 -16.84
C SER RA 218 -9.99 51.65 -18.16
N GLU RA 219 -9.00 52.51 -18.34
CA GLU RA 219 -8.42 52.76 -19.65
C GLU RA 219 -7.11 52.03 -19.90
N ARG RA 220 -6.72 51.09 -19.05
CA ARG RA 220 -5.55 50.27 -19.33
C ARG RA 220 -5.86 48.80 -19.08
N VAL RA 221 -5.27 47.94 -19.90
CA VAL RA 221 -5.52 46.51 -19.87
C VAL RA 221 -4.18 45.78 -19.81
N ILE RA 222 -4.07 44.81 -18.92
CA ILE RA 222 -2.87 44.00 -18.77
C ILE RA 222 -3.24 42.56 -19.08
N THR RA 223 -2.82 42.09 -20.24
CA THR RA 223 -3.17 40.76 -20.73
C THR RA 223 -2.09 39.76 -20.34
N PHE RA 224 -2.49 38.52 -20.08
CA PHE RA 224 -1.58 37.45 -19.68
C PHE RA 224 -1.83 36.25 -20.59
N ALA RA 225 -1.01 36.11 -21.62
CA ALA RA 225 -1.22 35.10 -22.66
C ALA RA 225 -0.43 33.85 -22.36
N ASN RA 226 -1.11 32.70 -22.42
CA ASN RA 226 -0.53 31.39 -22.15
C ASN RA 226 -0.10 30.68 -23.44
N ARG RA 227 0.23 31.44 -24.47
CA ARG RA 227 0.37 30.90 -25.83
C ARG RA 227 1.70 30.17 -25.94
N GLY RA 228 1.70 28.88 -25.59
CA GLY RA 228 2.85 28.02 -25.81
C GLY RA 228 3.69 27.76 -24.59
N ASP RA 229 3.05 27.49 -23.44
CA ASP RA 229 3.67 27.19 -22.15
C ASP RA 229 4.56 28.33 -21.63
N PHE RA 230 4.31 29.56 -22.07
CA PHE RA 230 5.00 30.74 -21.56
C PHE RA 230 3.93 31.77 -21.26
N ILE RA 231 3.78 32.12 -19.98
CA ILE RA 231 2.82 33.17 -19.62
C ILE RA 231 3.45 34.50 -20.05
N SER RA 232 2.92 35.05 -21.13
CA SER RA 232 3.45 36.26 -21.75
C SER RA 232 2.52 37.42 -21.44
N VAL RA 233 3.06 38.47 -20.84
CA VAL RA 233 2.28 39.58 -20.34
C VAL RA 233 2.75 40.88 -20.98
N ARG RA 234 1.79 41.67 -21.46
CA ARG RA 234 2.02 43.01 -21.96
C ARG RA 234 0.96 43.92 -21.37
N GLN RA 235 1.26 45.21 -21.33
CA GLN RA 235 0.34 46.21 -20.82
C GLN RA 235 -0.11 47.07 -22.00
N HIS RA 236 -1.39 47.39 -22.07
CA HIS RA 236 -1.92 48.18 -23.15
C HIS RA 236 -2.89 49.21 -22.62
N VAL RA 237 -3.02 50.32 -23.35
CA VAL RA 237 -4.08 51.27 -23.15
C VAL RA 237 -4.98 51.22 -24.39
N TYR RA 238 -6.21 51.68 -24.24
CA TYR RA 238 -7.17 51.53 -25.31
C TYR RA 238 -8.23 52.63 -25.25
N VAL RA 239 -8.88 52.84 -26.40
CA VAL RA 239 -10.09 53.64 -26.50
C VAL RA 239 -11.12 52.81 -27.25
N ARG RA 240 -12.37 53.29 -27.24
CA ARG RA 240 -13.44 52.68 -28.02
C ARG RA 240 -13.86 53.68 -29.09
N THR RA 241 -13.48 53.42 -30.33
CA THR RA 241 -13.78 54.33 -31.43
C THR RA 241 -15.18 54.03 -31.97
N ARG RA 242 -15.52 54.65 -33.10
CA ARG RA 242 -16.85 54.48 -33.67
C ARG RA 242 -17.06 53.13 -34.32
N GLU RA 243 -15.97 52.44 -34.70
CA GLU RA 243 -16.09 51.15 -35.37
C GLU RA 243 -15.20 50.04 -34.82
N GLY RA 244 -14.12 50.35 -34.10
CA GLY RA 244 -13.26 49.33 -33.56
C GLY RA 244 -12.30 49.85 -32.51
N VAL RA 245 -12.05 49.04 -31.48
CA VAL RA 245 -11.12 49.43 -30.42
C VAL RA 245 -9.70 49.39 -30.95
N GLU RA 246 -8.97 50.47 -30.76
CA GLU RA 246 -7.54 50.51 -31.01
C GLU RA 246 -6.79 50.39 -29.70
N ILE RA 247 -5.67 49.66 -29.73
CA ILE RA 247 -4.84 49.49 -28.55
C ILE RA 247 -3.43 49.94 -28.90
N ALA RA 248 -2.67 50.26 -27.86
CA ALA RA 248 -1.30 50.74 -28.02
C ALA RA 248 -0.48 50.22 -26.85
N GLU RA 249 0.70 49.68 -27.17
CA GLU RA 249 1.53 49.05 -26.15
C GLU RA 249 2.20 50.10 -25.28
N VAL RA 250 2.37 49.75 -24.00
CA VAL RA 250 3.11 50.55 -23.04
C VAL RA 250 3.65 49.58 -21.99
N GLY RA 251 4.83 49.85 -21.47
CA GLY RA 251 5.37 49.03 -20.41
C GLY RA 251 5.95 47.72 -20.93
N PRO RA 252 6.53 46.94 -20.02
CA PRO RA 252 7.44 45.87 -20.44
C PRO RA 252 6.74 44.67 -21.06
N ARG RA 253 7.25 44.27 -22.24
CA ARG RA 253 6.97 42.96 -22.79
C ARG RA 253 7.72 41.91 -21.99
N PHE RA 254 7.06 40.79 -21.71
CA PHE RA 254 7.69 39.72 -20.96
C PHE RA 254 7.49 38.40 -21.70
N GLU RA 255 8.44 37.50 -21.53
CA GLU RA 255 8.31 36.10 -21.93
C GLU RA 255 8.68 35.28 -20.71
N MET RA 256 7.67 35.02 -19.88
CA MET RA 256 7.86 34.51 -18.54
C MET RA 256 7.30 33.09 -18.45
N ARG RA 257 7.99 32.24 -17.69
CA ARG RA 257 7.52 30.89 -17.44
C ARG RA 257 7.93 30.48 -16.04
N LEU RA 258 6.98 29.94 -15.27
CA LEU RA 258 7.27 29.51 -13.91
C LEU RA 258 8.07 28.21 -13.93
N PHE RA 259 8.94 28.04 -12.93
CA PHE RA 259 9.69 26.80 -12.81
C PHE RA 259 9.53 26.11 -11.46
N GLU RA 260 9.13 26.82 -10.42
CA GLU RA 260 8.77 26.15 -9.18
C GLU RA 260 7.65 26.92 -8.49
N LEU RA 261 6.93 26.22 -7.63
CA LEU RA 261 5.82 26.80 -6.89
C LEU RA 261 5.79 26.10 -5.54
N ARG RA 262 6.48 26.67 -4.56
CA ARG RA 262 6.52 26.09 -3.22
C ARG RA 262 5.35 26.60 -2.41
N LEU RA 263 4.84 25.72 -1.54
CA LEU RA 263 3.71 26.10 -0.70
C LEU RA 263 4.10 27.08 0.40
N GLY RA 264 5.37 27.06 0.82
CA GLY RA 264 5.84 27.99 1.81
C GLY RA 264 6.20 29.33 1.20
N THR RA 265 6.79 30.18 2.03
CA THR RA 265 7.27 31.47 1.56
C THR RA 265 8.64 31.30 0.91
N LEU RA 266 9.18 32.39 0.39
CA LEU RA 266 10.51 32.37 -0.22
C LEU RA 266 11.63 32.29 0.81
N GLU RA 267 11.33 32.52 2.08
CA GLU RA 267 12.34 32.42 3.12
C GLU RA 267 12.72 30.98 3.43
N ASN RA 268 11.92 30.01 3.02
CA ASN RA 268 12.02 28.68 3.61
C ASN RA 268 13.04 27.82 2.88
N LYS RA 269 12.93 27.73 1.55
CA LYS RA 269 13.68 26.89 0.61
C LYS RA 269 13.84 25.44 1.05
N ASP RA 270 12.91 24.91 1.87
CA ASP RA 270 12.80 23.49 2.14
C ASP RA 270 11.35 23.08 2.31
N ALA RA 271 10.43 23.92 1.83
CA ALA RA 271 9.00 23.71 2.07
C ALA RA 271 8.43 22.72 1.06
N ASP RA 272 7.12 22.51 1.14
CA ASP RA 272 6.46 21.51 0.30
C ASP RA 272 6.34 22.04 -1.13
N VAL RA 273 7.05 21.40 -2.05
CA VAL RA 273 7.03 21.78 -3.45
C VAL RA 273 5.70 21.29 -4.04
N GLU RA 274 4.77 22.21 -4.25
CA GLU RA 274 3.53 21.86 -4.92
C GLU RA 274 3.77 21.48 -6.37
N TRP RA 275 4.63 22.22 -7.06
CA TRP RA 275 4.97 21.91 -8.44
C TRP RA 275 6.38 22.39 -8.71
N GLN RA 276 7.10 21.64 -9.54
CA GLN RA 276 8.44 21.98 -9.96
C GLN RA 276 8.58 21.65 -11.44
N LEU RA 277 9.31 22.49 -12.17
CA LEU RA 277 9.58 22.21 -13.58
C LEU RA 277 10.51 21.02 -13.69
N ARG RA 278 10.14 20.05 -14.53
CA ARG RA 278 10.96 18.88 -14.79
C ARG RA 278 11.46 18.97 -16.23
N ARG RA 279 12.77 18.92 -16.41
CA ARG RA 279 13.36 19.06 -17.74
C ARG RA 279 14.24 17.90 -18.17
N PHE RA 280 14.76 17.11 -17.24
CA PHE RA 280 15.51 15.90 -17.59
C PHE RA 280 14.60 14.68 -17.62
N ILE RA 281 13.48 14.80 -18.33
CA ILE RA 281 12.40 13.82 -18.30
C ILE RA 281 12.05 13.47 -19.74
N ARG RA 282 11.73 12.20 -19.98
CA ARG RA 282 11.42 11.71 -21.32
C ARG RA 282 10.18 12.37 -21.91
N THR RA 283 9.23 12.78 -21.06
CA THR RA 283 8.03 13.45 -21.52
C THR RA 283 8.02 14.94 -21.20
N ALA RA 284 9.19 15.52 -20.89
CA ALA RA 284 9.25 16.93 -20.52
C ALA RA 284 8.94 17.83 -21.70
N ASN RA 285 9.37 17.44 -22.90
CA ASN RA 285 9.08 18.20 -24.11
C ASN RA 285 7.70 17.92 -24.67
N LYS RA 286 6.97 16.96 -24.12
CA LYS RA 286 5.69 16.54 -24.72
C LYS RA 286 4.60 17.58 -24.54
N LYS RA 287 4.40 18.05 -23.31
CA LYS RA 287 3.20 18.80 -23.00
C LYS RA 287 3.56 19.99 -22.11
N ASP RA 288 2.52 20.64 -21.59
CA ASP RA 288 2.64 21.92 -20.91
C ASP RA 288 2.21 21.78 -19.46
N TYR RA 289 2.79 22.66 -18.63
CA TYR RA 289 2.54 22.75 -17.18
C TYR RA 289 2.87 21.42 -16.49
N LEU RA 290 4.15 21.09 -16.56
CA LEU RA 290 4.65 19.81 -16.10
C LEU RA 290 6.00 19.96 -15.41
N GLY SA 1 86.94 7.39 -20.92
CA GLY SA 1 86.55 6.63 -22.08
C GLY SA 1 85.86 7.46 -23.14
N LEU SA 2 84.63 7.10 -23.47
CA LEU SA 2 83.82 7.83 -24.44
C LEU SA 2 82.92 8.86 -23.80
N ALA SA 3 83.05 9.09 -22.48
CA ALA SA 3 82.24 10.09 -21.80
C ALA SA 3 82.60 11.49 -22.26
N GLU SA 4 83.87 11.72 -22.60
CA GLU SA 4 84.27 12.99 -23.19
C GLU SA 4 83.64 13.17 -24.57
N LYS SA 5 83.59 12.10 -25.36
CA LYS SA 5 83.00 12.16 -26.69
C LYS SA 5 81.49 12.38 -26.61
N ALA SA 6 80.83 11.75 -25.64
CA ALA SA 6 79.39 11.92 -25.47
C ALA SA 6 79.04 13.35 -25.04
N LEU SA 7 79.87 13.94 -24.19
CA LEU SA 7 79.65 15.32 -23.79
C LEU SA 7 80.00 16.29 -24.92
N LYS SA 8 80.89 15.88 -25.83
CA LYS SA 8 81.29 16.74 -26.94
C LYS SA 8 80.13 16.94 -27.92
N ALA SA 9 79.46 15.85 -28.28
CA ALA SA 9 78.34 15.96 -29.23
C ALA SA 9 77.13 16.59 -28.59
N LEU SA 10 77.00 16.45 -27.27
CA LEU SA 10 75.88 17.08 -26.56
C LEU SA 10 76.08 18.60 -26.47
N ILE SA 11 77.32 19.04 -26.25
CA ILE SA 11 77.61 20.46 -26.19
C ILE SA 11 77.50 21.08 -27.58
N LEU SA 12 77.92 20.36 -28.60
CA LEU SA 12 77.91 20.87 -29.98
C LEU SA 12 76.48 21.09 -30.48
N GLN SA 13 75.57 20.16 -30.17
CA GLN SA 13 74.22 20.29 -30.71
C GLN SA 13 73.38 21.27 -29.91
N CYS SA 14 73.68 21.46 -28.62
CA CYS SA 14 72.81 22.30 -27.78
C CYS SA 14 72.95 23.78 -28.12
N GLU SA 15 74.05 24.19 -28.73
CA GLU SA 15 74.13 25.54 -29.26
C GLU SA 15 73.74 25.60 -30.73
N GLU SA 16 73.36 24.48 -31.32
CA GLU SA 16 73.02 24.41 -32.74
C GLU SA 16 71.57 24.02 -32.98
N ASN SA 17 71.03 23.11 -32.17
CA ASN SA 17 69.64 22.69 -32.35
C ASN SA 17 68.69 23.79 -31.92
N PRO SA 18 67.75 24.21 -32.77
CA PRO SA 18 66.79 25.26 -32.38
C PRO SA 18 65.89 24.88 -31.21
N SER SA 19 65.60 23.58 -31.02
CA SER SA 19 64.81 23.17 -29.88
C SER SA 19 65.60 23.26 -28.59
N LEU SA 20 66.90 22.97 -28.65
CA LEU SA 20 67.75 22.94 -27.47
C LEU SA 20 68.46 24.27 -27.21
N LYS SA 21 67.93 25.37 -27.73
CA LYS SA 21 68.60 26.66 -27.54
C LYS SA 21 68.43 27.22 -26.14
N ASN SA 22 67.48 26.71 -25.37
CA ASN SA 22 67.11 27.35 -24.12
C ASN SA 22 67.51 26.59 -22.86
N ASP SA 23 67.65 25.26 -22.93
CA ASP SA 23 68.00 24.48 -21.75
C ASP SA 23 69.51 24.61 -21.50
N LYS SA 24 69.86 25.07 -20.30
CA LYS SA 24 71.25 25.32 -19.94
C LYS SA 24 71.78 24.39 -18.88
N ASP SA 25 70.95 23.47 -18.36
CA ASP SA 25 71.38 22.54 -17.33
C ASP SA 25 71.69 21.18 -17.94
N ILE SA 26 72.61 20.47 -17.30
CA ILE SA 26 73.07 19.16 -17.76
C ILE SA 26 72.76 18.14 -16.68
N HIS SA 27 72.09 17.06 -17.05
CA HIS SA 27 71.69 16.01 -16.14
C HIS SA 27 72.30 14.68 -16.53
N ILE SA 28 72.79 13.95 -15.55
CA ILE SA 28 73.05 12.52 -15.71
C ILE SA 28 71.94 11.78 -14.97
N ILE SA 29 71.39 10.77 -15.60
CA ILE SA 29 70.35 9.96 -14.96
C ILE SA 29 70.95 8.59 -14.69
N ILE SA 30 70.47 7.95 -13.65
CA ILE SA 30 71.00 6.66 -13.21
C ILE SA 30 69.86 5.67 -13.14
N ASN SA 31 69.96 4.58 -13.90
CA ASN SA 31 69.04 3.47 -13.78
C ASN SA 31 69.79 2.28 -13.21
N THR SA 32 69.26 1.72 -12.14
CA THR SA 32 69.87 0.60 -11.44
C THR SA 32 69.06 -0.66 -11.68
N GLY SA 33 69.65 -1.79 -11.30
CA GLY SA 33 68.94 -3.06 -11.41
C GLY SA 33 67.85 -3.19 -10.38
N LYS SA 34 68.22 -3.21 -9.12
CA LYS SA 34 67.24 -3.22 -8.04
C LYS SA 34 66.65 -1.83 -7.86
N LYS SA 35 65.46 -1.81 -7.27
CA LYS SA 35 64.80 -0.54 -6.94
C LYS SA 35 65.15 -0.16 -5.51
N MET SA 36 65.66 1.05 -5.33
CA MET SA 36 65.91 1.56 -3.99
C MET SA 36 64.59 1.84 -3.28
N GLY SA 37 64.48 1.38 -2.03
CA GLY SA 37 63.19 1.24 -1.40
C GLY SA 37 62.57 2.52 -0.87
N ILE SA 38 63.36 3.57 -0.72
CA ILE SA 38 62.84 4.79 -0.11
C ILE SA 38 62.00 5.56 -1.13
N ASN SA 39 60.76 5.85 -0.76
CA ASN SA 39 59.84 6.54 -1.66
C ASN SA 39 60.22 8.01 -1.78
N ARG SA 40 59.57 8.70 -2.71
CA ARG SA 40 59.94 10.06 -3.03
C ARG SA 40 59.31 11.00 -2.03
N ASP SA 41 60.13 11.48 -1.09
CA ASP SA 41 59.82 12.64 -0.27
C ASP SA 41 60.17 13.92 -1.06
N ASN SA 42 60.20 15.06 -0.39
CA ASN SA 42 60.50 16.31 -1.06
C ASN SA 42 61.62 17.08 -0.38
N ILE SA 43 62.44 16.40 0.43
CA ILE SA 43 63.64 17.02 1.00
C ILE SA 43 64.84 16.57 0.16
N PRO SA 44 65.51 17.48 -0.54
CA PRO SA 44 66.61 17.09 -1.42
C PRO SA 44 67.90 16.88 -0.65
N ARG SA 45 68.40 15.65 -0.69
CA ARG SA 45 69.70 15.36 -0.11
C ARG SA 45 70.78 15.85 -1.05
N ILE SA 46 71.75 16.61 -0.53
CA ILE SA 46 72.78 17.17 -1.39
C ILE SA 46 74.04 16.37 -1.24
N ILE SA 47 74.88 16.43 -2.26
CA ILE SA 47 76.15 15.72 -2.29
C ILE SA 47 77.23 16.77 -2.55
N PRO SA 48 78.45 16.55 -2.07
CA PRO SA 48 79.53 17.48 -2.37
C PRO SA 48 80.23 17.17 -3.68
N LEU SA 49 80.89 18.18 -4.21
CA LEU SA 49 81.81 18.05 -5.33
C LEU SA 49 83.19 18.49 -4.84
N THR SA 50 84.10 17.53 -4.71
CA THR SA 50 85.30 17.72 -3.89
C THR SA 50 86.35 18.59 -4.57
N LYS SA 51 86.32 18.72 -5.89
CA LYS SA 51 87.35 19.47 -6.60
C LYS SA 51 86.84 20.79 -7.16
N TYR SA 52 85.77 20.76 -7.94
CA TYR SA 52 85.27 21.91 -8.70
C TYR SA 52 83.94 22.36 -8.11
N LYS SA 53 83.87 23.63 -7.72
CA LYS SA 53 82.62 24.21 -7.25
C LYS SA 53 81.71 24.49 -8.44
N LEU SA 54 80.42 24.24 -8.27
CA LEU SA 54 79.48 24.45 -9.37
C LEU SA 54 79.14 25.93 -9.50
N PHE SA 55 78.40 26.47 -8.53
CA PHE SA 55 77.95 27.86 -8.53
C PHE SA 55 78.43 28.55 -7.26
N LYS SA 56 78.85 29.80 -7.40
CA LYS SA 56 79.03 30.54 -6.16
C LYS SA 56 77.73 31.26 -5.81
N PRO SA 57 77.38 31.45 -4.53
CA PRO SA 57 76.01 31.86 -4.18
C PRO SA 57 75.68 33.33 -4.41
N ARG SA 58 76.52 34.06 -5.13
CA ARG SA 58 76.24 35.46 -5.46
C ARG SA 58 75.86 35.63 -6.93
N ASP SA 59 75.30 34.60 -7.55
CA ASP SA 59 74.76 34.72 -8.90
C ASP SA 59 73.39 34.04 -9.03
N LEU SA 60 72.78 33.66 -7.93
CA LEU SA 60 71.48 32.99 -7.93
C LEU SA 60 70.50 33.79 -7.10
N ASN SA 61 69.26 33.89 -7.57
CA ASN SA 61 68.21 34.50 -6.77
C ASN SA 61 67.73 33.52 -5.72
N ILE SA 62 67.82 33.92 -4.46
CA ILE SA 62 67.59 33.03 -3.32
C ILE SA 62 66.40 33.54 -2.52
N LEU SA 63 65.35 32.72 -2.45
CA LEU SA 63 64.19 33.00 -1.61
C LEU SA 63 64.24 32.14 -0.37
N LEU SA 64 64.06 32.76 0.79
CA LEU SA 64 64.02 32.03 2.05
C LEU SA 64 62.63 32.12 2.65
N ILE SA 65 62.09 30.98 3.02
CA ILE SA 65 60.83 30.89 3.76
C ILE SA 65 61.18 30.59 5.20
N THR SA 66 60.72 31.44 6.12
CA THR SA 66 61.06 31.31 7.52
C THR SA 66 59.80 31.07 8.35
N LYS SA 67 59.97 31.13 9.67
CA LYS SA 67 58.90 30.91 10.62
C LYS SA 67 57.92 32.09 10.58
N ASP SA 68 56.76 31.88 11.21
CA ASP SA 68 55.71 32.91 11.23
C ASP SA 68 56.08 34.23 11.92
N PRO SA 69 56.76 34.28 13.10
CA PRO SA 69 57.08 35.61 13.64
C PRO SA 69 58.08 36.38 12.80
N SER SA 70 59.18 35.74 12.39
CA SER SA 70 60.08 36.20 11.32
C SER SA 70 60.73 37.56 11.56
N ALA SA 71 60.76 38.03 12.80
CA ALA SA 71 61.34 39.34 13.05
C ALA SA 71 62.85 39.26 13.06
N LEU SA 72 63.41 38.47 13.98
CA LEU SA 72 64.86 38.35 14.08
C LEU SA 72 65.43 37.40 13.03
N TYR SA 73 64.60 36.59 12.40
CA TYR SA 73 65.05 35.89 11.20
C TYR SA 73 65.32 36.86 10.07
N ARG SA 74 64.45 37.86 9.91
CA ARG SA 74 64.67 38.89 8.91
C ARG SA 74 65.79 39.85 9.34
N GLU SA 75 65.80 40.22 10.61
CA GLU SA 75 66.65 41.32 11.07
C GLU SA 75 68.12 40.92 11.11
N THR SA 76 68.41 39.70 11.58
CA THR SA 76 69.81 39.31 11.77
C THR SA 76 70.51 39.02 10.45
N LEU SA 77 69.83 38.32 9.54
CA LEU SA 77 70.45 37.97 8.27
C LEU SA 77 70.53 39.13 7.30
N THR SA 78 69.79 40.21 7.53
CA THR SA 78 69.88 41.38 6.66
C THR SA 78 70.97 42.34 7.11
N LYS SA 79 71.22 42.41 8.42
CA LYS SA 79 72.17 43.35 9.01
C LYS SA 79 73.32 42.62 9.71
N ASP SA 80 73.90 41.62 9.04
CA ASP SA 80 75.09 40.97 9.54
C ASP SA 80 76.32 41.22 8.67
N GLU SA 81 76.12 41.55 7.39
CA GLU SA 81 77.11 41.75 6.34
C GLU SA 81 77.87 40.48 5.96
N HIS SA 82 77.54 39.33 6.53
CA HIS SA 82 77.94 38.05 5.96
C HIS SA 82 76.94 37.60 4.92
N THR SA 83 75.65 37.81 5.20
CA THR SA 83 74.56 37.42 4.31
C THR SA 83 73.77 38.60 3.78
N SER SA 84 74.23 39.84 3.99
CA SER SA 84 73.44 41.00 3.60
C SER SA 84 73.35 41.17 2.10
N GLU SA 85 74.40 40.80 1.37
CA GLU SA 85 74.38 40.82 -0.09
C GLU SA 85 74.17 39.42 -0.67
N LEU SA 86 73.52 38.54 0.08
CA LEU SA 86 73.34 37.16 -0.35
C LEU SA 86 71.87 36.82 -0.60
N PHE SA 87 71.01 37.03 0.38
CA PHE SA 87 69.60 36.67 0.25
C PHE SA 87 68.87 37.69 -0.62
N LYS SA 88 67.99 37.20 -1.49
CA LYS SA 88 67.22 38.14 -2.31
C LYS SA 88 66.05 38.71 -1.53
N GLU SA 89 65.21 37.85 -0.96
CA GLU SA 89 64.04 38.31 -0.23
C GLU SA 89 63.66 37.23 0.76
N ILE SA 90 63.21 37.64 1.94
CA ILE SA 90 62.84 36.74 3.02
C ILE SA 90 61.35 36.88 3.28
N ILE SA 91 60.65 35.76 3.31
CA ILE SA 91 59.20 35.77 3.50
C ILE SA 91 58.83 34.79 4.61
N SER SA 92 57.90 35.19 5.46
CA SER SA 92 57.29 34.26 6.40
C SER SA 92 56.26 33.40 5.67
N VAL SA 93 56.08 32.17 6.18
CA VAL SA 93 55.26 31.18 5.50
C VAL SA 93 53.79 31.59 5.48
N LYS SA 94 53.31 32.23 6.55
CA LYS SA 94 51.93 32.71 6.59
C LYS SA 94 51.74 33.89 5.64
N ASN SA 95 52.75 34.75 5.53
CA ASN SA 95 52.67 35.86 4.58
C ASN SA 95 52.87 35.38 3.14
N LEU SA 96 53.62 34.29 2.94
CA LEU SA 96 53.80 33.77 1.59
C LEU SA 96 52.50 33.16 1.07
N ARG SA 97 51.75 32.48 1.93
CA ARG SA 97 50.45 31.95 1.56
C ARG SA 97 49.46 33.06 1.27
N ARG SA 98 49.49 34.13 2.06
CA ARG SA 98 48.50 35.18 1.94
C ARG SA 98 48.75 36.09 0.74
N ARG SA 99 50.03 36.38 0.45
CA ARG SA 99 50.37 37.33 -0.60
C ARG SA 99 50.43 36.66 -1.98
N PHE SA 100 51.25 35.62 -2.10
CA PHE SA 100 51.48 34.94 -3.37
C PHE SA 100 50.52 33.77 -3.48
N LYS SA 101 49.44 33.96 -4.24
CA LYS SA 101 48.44 32.92 -4.43
C LYS SA 101 47.82 33.09 -5.80
N GLY SA 102 47.60 31.97 -6.48
CA GLY SA 102 46.94 31.97 -7.78
C GLY SA 102 47.94 31.79 -8.91
N SER SA 103 47.91 32.71 -9.86
CA SER SA 103 48.85 32.68 -10.98
C SER SA 103 50.14 33.42 -10.69
N LYS SA 104 50.28 34.00 -9.51
CA LYS SA 104 51.51 34.68 -9.13
C LYS SA 104 52.61 33.72 -8.69
N LEU SA 105 52.29 32.43 -8.50
CA LEU SA 105 53.34 31.47 -8.24
C LEU SA 105 54.17 31.18 -9.48
N THR SA 106 53.60 31.40 -10.66
CA THR SA 106 54.34 31.22 -11.91
C THR SA 106 55.43 32.26 -12.06
N GLN SA 107 55.12 33.52 -11.75
CA GLN SA 107 56.14 34.56 -11.83
C GLN SA 107 57.12 34.44 -10.67
N LEU SA 108 56.69 33.86 -9.56
CA LEU SA 108 57.62 33.55 -8.48
C LEU SA 108 58.56 32.42 -8.88
N TYR SA 109 58.09 31.50 -9.73
CA TYR SA 109 58.95 30.46 -10.25
C TYR SA 109 59.95 31.01 -11.25
N LYS SA 110 59.49 31.91 -12.13
CA LYS SA 110 60.35 32.41 -13.21
C LYS SA 110 61.40 33.39 -12.71
N ASP SA 111 61.00 34.31 -11.82
CA ASP SA 111 61.91 35.37 -11.41
C ASP SA 111 63.00 34.85 -10.49
N PHE SA 112 62.67 33.93 -9.60
CA PHE SA 112 63.57 33.51 -8.53
C PHE SA 112 64.12 32.15 -8.89
N ASP SA 113 65.45 32.04 -8.94
CA ASP SA 113 66.09 30.86 -9.52
C ASP SA 113 66.37 29.76 -8.50
N LEU SA 114 66.27 30.03 -7.21
CA LEU SA 114 66.44 28.98 -6.22
C LEU SA 114 65.64 29.31 -4.98
N VAL SA 115 65.06 28.28 -4.37
CA VAL SA 115 64.20 28.38 -3.20
C VAL SA 115 64.75 27.48 -2.11
N VAL SA 116 64.84 28.00 -0.90
CA VAL SA 116 65.36 27.26 0.24
C VAL SA 116 64.53 27.65 1.45
N ALA SA 117 64.27 26.69 2.34
CA ALA SA 117 63.48 26.96 3.53
C ALA SA 117 64.13 26.26 4.71
N ASP SA 118 63.76 26.70 5.90
CA ASP SA 118 64.26 26.08 7.12
C ASP SA 118 63.59 24.73 7.33
N TYR SA 119 64.17 23.94 8.23
CA TYR SA 119 63.64 22.61 8.51
C TYR SA 119 62.34 22.64 9.30
N ARG SA 120 61.95 23.80 9.84
CA ARG SA 120 60.73 23.88 10.62
C ARG SA 120 59.49 23.75 9.75
N VAL SA 121 59.45 24.46 8.62
CA VAL SA 121 58.20 24.64 7.91
C VAL SA 121 58.32 24.14 6.46
N HIS SA 122 59.34 23.32 6.21
CA HIS SA 122 59.56 22.81 4.86
C HIS SA 122 58.49 21.78 4.48
N HIS SA 123 58.00 21.00 5.44
CA HIS SA 123 56.96 20.03 5.12
C HIS SA 123 55.62 20.69 4.82
N LEU SA 124 55.39 21.89 5.35
CA LEU SA 124 54.16 22.62 5.08
C LEU SA 124 54.19 23.32 3.73
N LEU SA 125 55.33 23.34 3.06
CA LEU SA 125 55.50 24.09 1.82
C LEU SA 125 54.65 23.67 0.61
N PRO SA 126 54.54 22.38 0.21
CA PRO SA 126 53.98 22.08 -1.13
C PRO SA 126 52.52 22.43 -1.32
N GLU SA 127 51.76 22.71 -0.26
CA GLU SA 127 50.38 23.13 -0.41
C GLU SA 127 50.21 24.65 -0.46
N VAL SA 128 51.28 25.41 -0.27
CA VAL SA 128 51.21 26.85 -0.40
C VAL SA 128 52.10 27.39 -1.51
N LEU SA 129 53.05 26.61 -2.02
CA LEU SA 129 54.00 27.07 -3.01
C LEU SA 129 53.70 26.54 -4.40
N GLY SA 130 52.88 25.51 -4.51
CA GLY SA 130 52.33 25.10 -5.79
C GLY SA 130 52.98 23.86 -6.36
N SER SA 131 52.26 23.24 -7.29
CA SER SA 131 52.72 22.04 -7.99
C SER SA 131 53.62 22.36 -9.18
N ARG SA 132 53.77 23.63 -9.53
CA ARG SA 132 54.67 24.00 -10.62
C ARG SA 132 56.12 23.77 -10.22
N PHE SA 133 56.44 24.00 -8.94
CA PHE SA 133 57.80 23.77 -8.45
C PHE SA 133 58.13 22.29 -8.41
N TYR SA 134 57.15 21.45 -8.10
CA TYR SA 134 57.38 20.01 -7.97
C TYR SA 134 57.11 19.29 -9.29
N HIS SA 135 57.69 19.82 -10.36
CA HIS SA 135 57.75 19.15 -11.66
C HIS SA 135 59.23 18.95 -11.93
N GLY SA 136 59.78 17.87 -11.39
CA GLY SA 136 61.21 17.71 -11.42
C GLY SA 136 61.87 18.40 -10.25
N SER SA 137 63.16 18.71 -10.42
CA SER SA 137 63.97 19.25 -9.34
C SER SA 137 64.80 20.44 -9.83
N LYS SA 138 64.15 21.36 -10.56
CA LYS SA 138 64.82 22.61 -10.88
C LYS SA 138 64.76 23.57 -9.70
N LYS SA 139 63.55 23.92 -9.28
CA LYS SA 139 63.33 24.77 -8.11
C LYS SA 139 62.67 23.99 -6.99
N LEU SA 140 63.15 22.77 -6.77
CA LEU SA 140 62.78 22.04 -5.56
C LEU SA 140 63.31 22.80 -4.35
N PRO SA 141 62.54 22.94 -3.27
CA PRO SA 141 63.01 23.74 -2.13
C PRO SA 141 64.10 23.01 -1.35
N TYR SA 142 65.24 23.68 -1.19
CA TYR SA 142 66.39 23.05 -0.55
C TYR SA 142 66.27 23.17 0.98
N MET SA 143 67.34 22.87 1.68
CA MET SA 143 67.33 22.72 3.14
C MET SA 143 68.37 23.63 3.77
N ILE SA 144 67.98 24.34 4.83
CA ILE SA 144 68.94 24.99 5.71
C ILE SA 144 68.52 24.80 7.15
N ARG SA 145 69.50 24.67 8.03
CA ARG SA 145 69.28 24.85 9.45
C ARG SA 145 69.30 26.35 9.76
N MET SA 146 68.98 26.70 10.99
CA MET SA 146 68.91 28.10 11.36
C MET SA 146 69.66 28.44 12.63
N SER SA 147 69.82 27.49 13.55
CA SER SA 147 70.24 27.82 14.90
C SER SA 147 71.57 27.19 15.32
N LYS SA 148 71.95 26.07 14.69
CA LYS SA 148 73.10 25.25 15.10
C LYS SA 148 73.00 24.81 16.56
N GLU SA 149 71.81 24.43 16.98
CA GLU SA 149 71.60 23.79 18.27
C GLU SA 149 70.33 22.96 18.19
N VAL SA 150 70.27 21.91 18.99
CA VAL SA 150 69.28 20.87 18.84
C VAL SA 150 68.19 21.04 19.89
N LYS SA 151 67.11 20.28 19.74
CA LYS SA 151 66.02 20.26 20.70
C LYS SA 151 65.83 18.84 21.20
N LEU SA 152 65.84 18.67 22.51
CA LEU SA 152 65.61 17.37 23.13
C LEU SA 152 64.14 17.23 23.48
N LYS SA 153 63.78 16.15 24.17
CA LYS SA 153 62.40 15.94 24.58
C LYS SA 153 62.06 16.86 25.75
N ARG SA 154 60.91 17.52 25.65
CA ARG SA 154 60.31 18.45 26.62
C ARG SA 154 61.14 19.72 26.85
N GLN SA 155 62.21 19.93 26.09
CA GLN SA 155 62.99 21.15 26.24
C GLN SA 155 62.36 22.27 25.43
N GLN SA 156 62.35 23.47 26.00
CA GLN SA 156 61.85 24.64 25.30
C GLN SA 156 62.78 25.00 24.15
N MET SA 157 62.18 25.31 23.00
CA MET SA 157 62.97 25.76 21.86
C MET SA 157 63.55 27.14 22.14
N VAL SA 158 64.87 27.23 22.18
CA VAL SA 158 65.58 28.49 22.31
C VAL SA 158 65.84 29.01 20.90
N GLU SA 159 65.41 30.24 20.62
CA GLU SA 159 65.48 30.74 19.25
C GLU SA 159 66.80 31.46 19.07
N LYS SA 160 67.52 31.09 18.03
CA LYS SA 160 68.81 31.67 17.70
C LYS SA 160 68.98 31.58 16.19
N CYS SA 161 69.59 32.60 15.59
CA CYS SA 161 69.91 32.58 14.17
C CYS SA 161 71.32 33.09 13.96
N ASP SA 162 72.25 32.18 13.68
CA ASP SA 162 73.64 32.57 13.43
C ASP SA 162 73.83 32.75 11.93
N PRO SA 163 74.15 33.96 11.46
CA PRO SA 163 74.20 34.18 10.01
C PRO SA 163 75.42 33.59 9.34
N ILE SA 164 76.54 33.47 10.06
CA ILE SA 164 77.78 32.95 9.47
C ILE SA 164 77.61 31.49 9.10
N TYR SA 165 76.99 30.70 9.98
CA TYR SA 165 76.87 29.27 9.72
C TYR SA 165 75.76 28.98 8.70
N VAL SA 166 74.75 29.84 8.59
CA VAL SA 166 73.77 29.60 7.54
C VAL SA 166 74.25 30.16 6.20
N ARG SA 167 75.19 31.10 6.23
CA ARG SA 167 75.85 31.51 4.99
C ARG SA 167 76.75 30.41 4.49
N ALA SA 168 77.43 29.71 5.41
CA ALA SA 168 78.30 28.61 5.03
C ALA SA 168 77.52 27.42 4.48
N GLN SA 169 76.26 27.28 4.89
CA GLN SA 169 75.42 26.25 4.28
C GLN SA 169 75.07 26.59 2.86
N LEU SA 170 74.70 27.85 2.60
CA LEU SA 170 74.39 28.26 1.24
C LEU SA 170 75.63 28.27 0.37
N ARG SA 171 76.81 28.47 0.98
CA ARG SA 171 78.05 28.16 0.30
C ARG SA 171 78.19 26.67 0.05
N SER SA 172 77.76 25.84 1.02
CA SER SA 172 77.91 24.41 0.85
C SER SA 172 76.81 23.81 -0.01
N ILE SA 173 75.75 24.56 -0.33
CA ILE SA 173 74.62 24.01 -1.06
C ILE SA 173 74.52 24.55 -2.48
N CYS SA 174 75.18 25.65 -2.79
CA CYS SA 174 75.23 26.16 -4.16
C CYS SA 174 76.48 25.73 -4.89
N LYS SA 175 77.52 25.29 -4.18
CA LYS SA 175 78.78 24.87 -4.77
C LYS SA 175 78.69 23.50 -5.44
N ASN SA 176 77.58 22.78 -5.29
CA ASN SA 176 77.51 21.39 -5.68
C ASN SA 176 76.08 21.07 -6.10
N THR SA 177 75.77 19.78 -6.18
CA THR SA 177 74.49 19.30 -6.68
C THR SA 177 73.81 18.40 -5.65
N SER SA 178 72.58 18.00 -5.97
CA SER SA 178 71.72 17.30 -5.02
C SER SA 178 70.92 16.21 -5.71
N TYR SA 179 70.56 15.18 -4.94
CA TYR SA 179 69.71 14.09 -5.42
C TYR SA 179 68.47 13.99 -4.57
N ILE SA 180 67.37 13.62 -5.21
CA ILE SA 180 66.12 13.35 -4.52
C ILE SA 180 65.81 11.86 -4.69
N PRO SA 181 65.76 11.08 -3.60
CA PRO SA 181 65.59 9.63 -3.73
C PRO SA 181 64.19 9.26 -4.19
N ASN SA 182 64.13 8.18 -4.98
CA ASN SA 182 62.90 7.79 -5.66
C ASN SA 182 62.61 6.32 -5.43
N ASN SA 183 61.36 5.95 -5.68
CA ASN SA 183 60.93 4.57 -5.47
C ASN SA 183 61.49 3.63 -6.52
N ASP SA 184 61.44 4.03 -7.79
CA ASP SA 184 61.97 3.20 -8.87
C ASP SA 184 63.45 3.50 -9.04
N ASN SA 185 64.07 2.90 -10.06
CA ASN SA 185 65.51 3.01 -10.25
C ASN SA 185 65.96 4.35 -10.81
N CYS SA 186 65.15 4.99 -11.66
CA CYS SA 186 65.60 6.14 -12.44
C CYS SA 186 65.61 7.39 -11.57
N LEU SA 187 66.80 7.87 -11.23
CA LEU SA 187 66.99 9.14 -10.54
C LEU SA 187 67.94 10.00 -11.35
N SER SA 188 67.73 11.31 -11.31
CA SER SA 188 68.50 12.25 -12.12
C SER SA 188 69.17 13.28 -11.23
N VAL SA 189 70.45 13.55 -11.51
CA VAL SA 189 71.19 14.61 -10.82
C VAL SA 189 71.72 15.60 -11.84
N ARG SA 190 71.61 16.87 -11.49
CA ARG SA 190 72.02 17.98 -12.34
C ARG SA 190 73.48 18.30 -12.05
N VAL SA 191 74.39 17.75 -12.84
CA VAL SA 191 75.81 18.00 -12.69
C VAL SA 191 76.25 18.98 -13.77
N GLY SA 192 76.83 20.08 -13.34
CA GLY SA 192 77.47 20.99 -14.25
C GLY SA 192 76.52 21.84 -15.07
N TYR SA 193 77.13 22.72 -15.86
CA TYR SA 193 76.41 23.67 -16.70
C TYR SA 193 77.17 23.82 -18.02
N ILE SA 194 76.48 24.35 -19.02
CA ILE SA 194 77.04 24.43 -20.37
C ILE SA 194 78.17 25.45 -20.45
N GLN SA 195 78.02 26.60 -19.80
CA GLN SA 195 78.99 27.68 -19.93
C GLN SA 195 79.66 28.05 -18.62
N LYS SA 196 79.28 27.43 -17.50
CA LYS SA 196 80.03 27.61 -16.27
C LYS SA 196 81.42 26.98 -16.38
N HIS SA 197 81.51 25.82 -17.02
CA HIS SA 197 82.78 25.13 -17.21
C HIS SA 197 82.66 24.21 -18.43
N SER SA 198 83.62 23.29 -18.57
CA SER SA 198 83.77 22.52 -19.79
C SER SA 198 83.83 21.02 -19.54
N ILE SA 199 84.25 20.28 -20.58
CA ILE SA 199 84.13 18.82 -20.56
C ILE SA 199 84.98 18.12 -19.51
N PRO SA 200 86.28 18.45 -19.30
CA PRO SA 200 86.98 17.80 -18.18
C PRO SA 200 86.44 18.18 -16.80
N GLU SA 201 85.79 19.34 -16.68
CA GLU SA 201 85.17 19.69 -15.41
C GLU SA 201 83.92 18.86 -15.15
N ILE SA 202 83.12 18.62 -16.20
CA ILE SA 202 81.93 17.79 -16.06
C ILE SA 202 82.30 16.33 -15.83
N LEU SA 203 83.42 15.89 -16.43
CA LEU SA 203 83.83 14.49 -16.35
C LEU SA 203 84.19 14.06 -14.93
N GLN SA 204 84.92 14.91 -14.20
CA GLN SA 204 85.19 14.58 -12.80
C GLN SA 204 84.02 14.93 -11.90
N ASN SA 205 83.09 15.76 -12.37
CA ASN SA 205 81.82 15.91 -11.65
C ASN SA 205 81.00 14.63 -11.74
N ILE SA 206 81.07 13.95 -12.89
CA ILE SA 206 80.43 12.65 -13.03
C ILE SA 206 81.06 11.63 -12.10
N GLN SA 207 82.40 11.64 -12.03
CA GLN SA 207 83.13 10.64 -11.25
C GLN SA 207 82.91 10.83 -9.75
N ASP SA 208 82.85 12.08 -9.29
CA ASP SA 208 82.61 12.31 -7.87
C ASP SA 208 81.15 12.04 -7.50
N THR SA 209 80.24 12.18 -8.46
CA THR SA 209 78.84 11.87 -8.21
C THR SA 209 78.62 10.37 -8.04
N ILE SA 210 79.20 9.57 -8.94
CA ILE SA 210 79.00 8.13 -8.87
C ILE SA 210 79.83 7.53 -7.75
N ASN SA 211 80.89 8.22 -7.29
CA ASN SA 211 81.63 7.74 -6.13
C ASN SA 211 80.81 7.89 -4.86
N PHE SA 212 80.08 9.00 -4.74
CA PHE SA 212 79.31 9.23 -3.52
C PHE SA 212 78.04 8.37 -3.51
N LEU SA 213 77.40 8.21 -4.67
CA LEU SA 213 76.15 7.45 -4.73
C LEU SA 213 76.36 5.95 -4.58
N THR SA 214 77.54 5.44 -4.91
CA THR SA 214 77.84 4.02 -4.77
C THR SA 214 78.65 3.71 -3.52
N ASP SA 215 78.78 4.66 -2.60
CA ASP SA 215 79.52 4.41 -1.38
C ASP SA 215 78.76 3.46 -0.48
N LYS SA 216 79.34 2.28 -0.23
CA LYS SA 216 78.68 1.29 0.62
C LYS SA 216 78.77 1.66 2.09
N SER SA 217 79.79 2.43 2.47
CA SER SA 217 79.79 3.11 3.75
C SER SA 217 79.02 4.41 3.63
N LYS SA 218 78.91 5.15 4.74
CA LYS SA 218 78.26 6.46 4.83
C LYS SA 218 76.79 6.34 4.39
N ARG SA 219 76.03 5.65 5.25
CA ARG SA 219 74.69 5.20 4.87
C ARG SA 219 73.68 6.33 4.65
N PRO SA 220 73.33 7.16 5.64
CA PRO SA 220 72.07 7.93 5.52
C PRO SA 220 72.09 9.08 4.53
N GLN SA 221 73.24 9.57 4.08
CA GLN SA 221 73.22 10.55 2.99
C GLN SA 221 73.78 9.95 1.70
N GLY SA 222 74.54 8.86 1.80
CA GLY SA 222 75.23 8.34 0.64
C GLY SA 222 74.87 6.95 0.20
N GLY SA 223 74.47 6.09 1.13
CA GLY SA 223 74.18 4.71 0.79
C GLY SA 223 72.80 4.51 0.18
N VAL SA 224 72.57 5.11 -0.98
CA VAL SA 224 71.25 5.04 -1.61
C VAL SA 224 71.23 4.06 -2.77
N ILE SA 225 72.21 4.14 -3.66
CA ILE SA 225 72.30 3.16 -4.74
C ILE SA 225 73.02 1.92 -4.22
N LYS SA 226 72.32 0.79 -4.23
CA LYS SA 226 72.85 -0.47 -3.73
C LYS SA 226 73.17 -1.39 -4.89
N GLY SA 227 74.04 -2.37 -4.62
CA GLY SA 227 74.48 -3.29 -5.64
C GLY SA 227 75.42 -2.63 -6.64
N GLY SA 228 74.94 -2.39 -7.85
CA GLY SA 228 75.74 -1.73 -8.86
C GLY SA 228 74.87 -0.92 -9.80
N ILE SA 229 75.47 0.11 -10.38
CA ILE SA 229 74.78 0.94 -11.36
C ILE SA 229 74.79 0.21 -12.70
N ILE SA 230 73.60 0.04 -13.28
CA ILE SA 230 73.49 -0.61 -14.58
C ILE SA 230 74.07 0.29 -15.67
N SER SA 231 73.64 1.55 -15.70
CA SER SA 231 74.12 2.50 -16.68
C SER SA 231 73.88 3.92 -16.19
N ILE SA 232 74.52 4.87 -16.86
CA ILE SA 232 74.29 6.29 -16.61
C ILE SA 232 74.11 6.97 -17.95
N PHE SA 233 73.24 7.98 -17.99
CA PHE SA 233 72.87 8.61 -19.25
C PHE SA 233 72.93 10.12 -19.08
N VAL SA 234 73.82 10.78 -19.82
CA VAL SA 234 73.97 12.22 -19.78
C VAL SA 234 72.95 12.86 -20.72
N LYS SA 235 72.29 13.90 -20.25
CA LYS SA 235 71.23 14.55 -21.02
C LYS SA 235 71.08 15.99 -20.57
N THR SA 236 70.44 16.79 -21.41
CA THR SA 236 69.92 18.07 -20.98
C THR SA 236 68.46 17.86 -20.59
N SER SA 237 67.75 18.96 -20.32
CA SER SA 237 66.35 18.82 -19.92
C SER SA 237 65.43 18.47 -21.08
N ASN SA 238 65.89 18.62 -22.33
CA ASN SA 238 65.08 18.31 -23.49
C ASN SA 238 65.79 17.48 -24.54
N SER SA 239 67.02 17.03 -24.28
CA SER SA 239 67.78 16.26 -25.25
C SER SA 239 67.50 14.77 -25.06
N THR SA 240 68.23 13.92 -25.76
CA THR SA 240 68.17 12.49 -25.55
C THR SA 240 69.20 12.07 -24.51
N SER SA 241 69.03 10.86 -24.00
CA SER SA 241 69.87 10.33 -22.93
C SER SA 241 71.03 9.58 -23.55
N LEU SA 242 72.17 10.26 -23.72
CA LEU SA 242 73.35 9.66 -24.35
C LEU SA 242 74.01 8.65 -23.41
N PRO SA 243 74.36 7.45 -23.88
CA PRO SA 243 74.77 6.38 -22.98
C PRO SA 243 76.26 6.35 -22.66
N ILE SA 244 76.55 6.09 -21.37
CA ILE SA 244 77.90 5.83 -20.88
C ILE SA 244 77.82 4.80 -19.76
N TYR SA 245 78.95 4.14 -19.50
CA TYR SA 245 79.13 3.13 -18.44
C TYR SA 245 78.11 2.00 -18.60
N GLN SA 246 78.32 1.24 -19.68
CA GLN SA 246 77.34 0.25 -20.14
C GLN SA 246 77.17 -0.89 -19.13
N PHE SA 247 78.21 -1.22 -18.37
CA PHE SA 247 78.09 -2.27 -17.37
C PHE SA 247 78.84 -1.94 -16.09
N SER TA 1 -77.11 69.74 72.35
CA SER TA 1 -78.28 70.62 72.40
C SER TA 1 -78.62 71.13 71.01
N ARG TA 2 -78.05 70.50 69.99
CA ARG TA 2 -78.25 70.90 68.60
C ARG TA 2 -79.45 70.18 68.00
N LYS TA 3 -79.98 70.76 66.93
CA LYS TA 3 -81.11 70.19 66.21
C LYS TA 3 -80.82 70.18 64.72
N ILE TA 4 -81.01 69.03 64.08
CA ILE TA 4 -80.79 68.86 62.66
C ILE TA 4 -82.10 68.41 62.02
N MET TA 5 -82.54 69.13 61.01
CA MET TA 5 -83.80 68.85 60.33
C MET TA 5 -83.49 68.16 59.00
N VAL TA 6 -83.91 66.90 58.88
CA VAL TA 6 -83.66 66.15 57.64
C VAL TA 6 -84.59 66.67 56.55
N PRO TA 7 -84.11 66.84 55.32
CA PRO TA 7 -84.97 67.34 54.26
C PRO TA 7 -85.66 66.19 53.53
N PRO TA 8 -86.43 66.50 52.48
CA PRO TA 8 -87.10 65.42 51.74
C PRO TA 8 -86.17 64.64 50.82
N HIS TA 9 -84.94 65.10 50.60
CA HIS TA 9 -84.03 64.43 49.69
C HIS TA 9 -83.42 63.16 50.28
N ARG TA 10 -83.58 62.92 51.58
CA ARG TA 10 -83.13 61.68 52.20
C ARG TA 10 -84.14 61.17 53.23
N MET TA 11 -85.43 61.19 52.88
CA MET TA 11 -86.46 60.90 53.87
C MET TA 11 -86.56 59.40 54.17
N THR TA 12 -86.93 58.60 53.17
CA THR TA 12 -87.08 57.17 53.34
C THR TA 12 -85.72 56.50 53.49
N PRO TA 13 -84.67 57.05 52.85
CA PRO TA 13 -83.32 56.51 53.08
C PRO TA 13 -82.86 56.62 54.52
N LEU TA 14 -83.24 57.68 55.22
CA LEU TA 14 -82.99 57.74 56.66
C LEU TA 14 -83.96 56.86 57.43
N ARG TA 15 -85.15 56.62 56.88
CA ARG TA 15 -86.12 55.77 57.55
C ARG TA 15 -85.70 54.30 57.53
N ASN TA 16 -85.07 53.86 56.44
CA ASN TA 16 -84.54 52.51 56.39
C ASN TA 16 -83.36 52.33 57.33
N SER TA 17 -82.54 53.37 57.47
CA SER TA 17 -81.42 53.38 58.41
C SER TA 17 -81.75 54.12 59.70
N TRP TA 18 -83.00 54.02 60.17
CA TRP TA 18 -83.40 54.71 61.40
C TRP TA 18 -82.69 54.14 62.61
N THR TA 19 -82.46 52.83 62.64
CA THR TA 19 -81.71 52.19 63.71
C THR TA 19 -80.39 51.61 63.24
N LYS TA 20 -80.11 51.64 61.94
CA LYS TA 20 -78.86 51.08 61.44
C LYS TA 20 -77.66 51.94 61.83
N ILE TA 21 -77.82 53.26 61.78
CA ILE TA 21 -76.74 54.16 62.18
C ILE TA 21 -76.93 54.70 63.59
N TYR TA 22 -78.14 54.59 64.15
CA TYR TA 22 -78.45 55.04 65.51
C TYR TA 22 -77.67 54.23 66.54
N PRO TA 23 -77.60 52.91 66.37
CA PRO TA 23 -76.94 52.06 67.38
C PRO TA 23 -75.43 52.25 67.37
N PRO TA 24 -74.86 52.61 66.21
CA PRO TA 24 -73.41 52.82 66.18
C PRO TA 24 -72.99 54.11 66.86
N LEU TA 25 -73.71 55.21 66.64
CA LEU TA 25 -73.38 56.47 67.30
C LEU TA 25 -73.70 56.43 68.78
N VAL TA 26 -74.72 55.67 69.18
CA VAL TA 26 -75.01 55.49 70.59
C VAL TA 26 -73.94 54.65 71.27
N GLU TA 27 -73.32 53.73 70.52
CA GLU TA 27 -72.25 52.92 71.09
C GLU TA 27 -70.97 53.73 71.26
N HIS TA 28 -70.65 54.59 70.30
CA HIS TA 28 -69.38 55.31 70.33
C HIS TA 28 -69.49 56.61 71.12
N LEU TA 29 -70.56 57.36 70.93
CA LEU TA 29 -70.71 58.68 71.53
C LEU TA 29 -71.81 58.77 72.57
N LYS TA 30 -72.92 58.05 72.37
CA LYS TA 30 -74.09 58.02 73.24
C LYS TA 30 -74.68 59.43 73.43
N LEU TA 31 -75.17 59.97 72.32
CA LEU TA 31 -75.85 61.26 72.33
C LEU TA 31 -77.35 61.03 72.48
N GLN TA 32 -77.97 61.80 73.37
CA GLN TA 32 -79.40 61.67 73.63
C GLN TA 32 -80.19 62.26 72.47
N VAL TA 33 -80.72 61.39 71.61
CA VAL TA 33 -81.46 61.81 70.43
C VAL TA 33 -82.45 60.70 70.08
N ARG TA 34 -83.57 61.11 69.47
CA ARG TA 34 -84.60 60.18 69.06
C ARG TA 34 -85.16 60.61 67.71
N MET TA 35 -85.80 59.66 67.03
CA MET TA 35 -86.39 59.92 65.72
C MET TA 35 -87.70 60.69 65.91
N ASN TA 36 -87.56 62.00 66.10
CA ASN TA 36 -88.72 62.87 66.31
C ASN TA 36 -89.25 63.32 64.96
N LEU TA 37 -89.93 62.39 64.28
CA LEU TA 37 -90.44 62.60 62.94
C LEU TA 37 -91.69 63.47 62.89
N LYS TA 38 -92.24 63.87 64.05
CA LYS TA 38 -93.40 64.74 64.07
C LYS TA 38 -93.08 66.12 63.50
N THR TA 39 -91.93 66.68 63.88
CA THR TA 39 -91.45 67.93 63.32
C THR TA 39 -90.40 67.73 62.24
N LYS TA 40 -90.13 66.47 61.87
CA LYS TA 40 -89.12 66.07 60.87
C LYS TA 40 -87.73 66.59 61.22
N SER TA 41 -87.41 66.59 62.51
CA SER TA 41 -86.11 67.05 62.99
C SER TA 41 -85.72 66.24 64.21
N VAL TA 42 -84.42 66.05 64.38
CA VAL TA 42 -83.88 65.26 65.49
C VAL TA 42 -83.00 66.16 66.34
N GLU TA 43 -83.29 66.20 67.64
CA GLU TA 43 -82.53 67.00 68.59
C GLU TA 43 -81.56 66.09 69.34
N LEU TA 44 -80.27 66.41 69.28
CA LEU TA 44 -79.23 65.61 69.91
C LEU TA 44 -78.54 66.43 70.99
N ARG TA 45 -78.35 65.81 72.16
CA ARG TA 45 -77.72 66.46 73.29
C ARG TA 45 -76.80 65.48 73.99
N THR TA 46 -75.93 66.02 74.84
CA THR TA 46 -75.00 65.19 75.59
C THR TA 46 -75.72 64.44 76.70
N ASN TA 47 -75.44 63.14 76.82
CA ASN TA 47 -76.07 62.32 77.84
C ASN TA 47 -75.50 62.65 79.22
N PRO TA 48 -76.25 62.36 80.29
CA PRO TA 48 -75.77 62.69 81.64
C PRO TA 48 -74.63 61.81 82.13
N LYS TA 49 -74.45 60.62 81.54
CA LYS TA 49 -73.39 59.72 81.96
C LYS TA 49 -72.35 59.47 80.87
N PHE TA 50 -72.48 60.10 79.70
CA PHE TA 50 -71.55 59.90 78.59
C PHE TA 50 -71.19 61.22 77.95
N THR TA 51 -70.95 62.24 78.76
CA THR TA 51 -70.61 63.59 78.28
C THR TA 51 -69.11 63.84 78.36
N THR TA 52 -68.30 62.81 78.06
CA THR TA 52 -66.85 62.92 78.21
C THR TA 52 -66.20 63.74 77.10
N ASP TA 53 -66.92 64.08 76.04
CA ASP TA 53 -66.37 64.87 74.93
C ASP TA 53 -67.32 66.01 74.61
N PRO TA 54 -66.90 67.27 74.72
CA PRO TA 54 -67.76 68.38 74.30
C PRO TA 54 -68.01 68.42 72.81
N GLY TA 55 -67.06 67.93 72.00
CA GLY TA 55 -67.23 67.86 70.57
C GLY TA 55 -68.00 66.66 70.07
N ALA TA 56 -68.40 65.76 70.97
CA ALA TA 56 -69.19 64.60 70.56
C ALA TA 56 -70.59 65.01 70.11
N LEU TA 57 -71.16 66.05 70.73
CA LEU TA 57 -72.42 66.60 70.25
C LEU TA 57 -72.22 67.31 68.92
N GLN TA 58 -71.05 67.91 68.71
CA GLN TA 58 -70.78 68.58 67.44
C GLN TA 58 -70.45 67.57 66.35
N LYS TA 59 -69.76 66.48 66.69
CA LYS TA 59 -69.40 65.48 65.69
C LYS TA 59 -70.61 64.67 65.26
N GLY TA 60 -71.50 64.37 66.20
CA GLY TA 60 -72.74 63.68 65.85
C GLY TA 60 -73.66 64.54 65.01
N ALA TA 61 -73.65 65.86 65.26
CA ALA TA 61 -74.47 66.76 64.46
C ALA TA 61 -73.94 66.88 63.04
N ASP TA 62 -72.62 66.77 62.85
CA ASP TA 62 -72.05 66.78 61.51
C ASP TA 62 -72.42 65.51 60.75
N PHE TA 63 -72.42 64.37 61.44
CA PHE TA 63 -72.84 63.11 60.80
C PHE TA 63 -74.34 63.11 60.53
N ILE TA 64 -75.12 63.75 61.41
CA ILE TA 64 -76.55 63.92 61.15
C ILE TA 64 -76.77 64.87 59.98
N LYS TA 65 -75.94 65.92 59.89
CA LYS TA 65 -76.01 66.80 58.73
C LYS TA 65 -75.50 66.13 57.47
N ALA TA 66 -74.57 65.18 57.61
CA ALA TA 66 -74.10 64.42 56.45
C ALA TA 66 -75.20 63.52 55.90
N PHE TA 67 -75.93 62.85 56.80
CA PHE TA 67 -77.04 62.01 56.36
C PHE TA 67 -78.20 62.83 55.83
N THR TA 68 -78.38 64.05 56.34
CA THR TA 68 -79.43 64.93 55.84
C THR TA 68 -79.07 65.48 54.46
N LEU TA 69 -77.80 65.85 54.26
CA LEU TA 69 -77.38 66.41 52.98
C LEU TA 69 -77.20 65.37 51.89
N GLY TA 70 -77.17 64.09 52.22
CA GLY TA 70 -77.07 63.03 51.22
C GLY TA 70 -75.81 62.20 51.27
N PHE TA 71 -74.91 62.40 52.24
CA PHE TA 71 -73.74 61.54 52.34
C PHE TA 71 -74.13 60.18 52.88
N ASP TA 72 -73.45 59.14 52.37
CA ASP TA 72 -73.79 57.77 52.70
C ASP TA 72 -73.27 57.40 54.09
N LEU TA 73 -73.56 56.17 54.51
CA LEU TA 73 -73.11 55.70 55.82
C LEU TA 73 -71.61 55.46 55.86
N ASP TA 74 -70.99 55.21 54.70
CA ASP TA 74 -69.54 55.12 54.63
C ASP TA 74 -68.89 56.48 54.93
N ASP TA 75 -69.47 57.56 54.40
CA ASP TA 75 -69.02 58.90 54.76
C ASP TA 75 -69.35 59.23 56.20
N SER TA 76 -70.49 58.74 56.70
CA SER TA 76 -70.85 58.93 58.10
C SER TA 76 -69.93 58.16 59.03
N ILE TA 77 -69.46 56.98 58.59
CA ILE TA 77 -68.41 56.28 59.33
C ILE TA 77 -67.10 57.05 59.27
N ALA TA 78 -66.83 57.68 58.11
CA ALA TA 78 -65.67 58.57 58.02
C ALA TA 78 -65.92 59.86 58.80
N LEU TA 79 -67.19 60.25 58.96
CA LEU TA 79 -67.50 61.39 59.82
C LEU TA 79 -67.30 61.06 61.30
N LEU TA 80 -67.39 59.77 61.66
CA LEU TA 80 -67.04 59.36 63.01
C LEU TA 80 -65.53 59.43 63.22
N ARG TA 81 -64.76 58.93 62.25
CA ARG TA 81 -63.30 59.04 62.27
C ARG TA 81 -62.84 60.26 61.50
N LEU TA 82 -63.29 61.44 61.93
CA LEU TA 82 -63.07 62.70 61.24
C LEU TA 82 -62.00 63.55 61.91
N ASP TA 83 -60.90 62.91 62.35
CA ASP TA 83 -59.80 63.65 62.97
C ASP TA 83 -59.14 64.62 61.99
N ASP TA 84 -59.16 64.30 60.70
CA ASP TA 84 -58.71 65.23 59.65
C ASP TA 84 -59.70 65.14 58.50
N LEU TA 85 -60.77 65.94 58.57
CA LEU TA 85 -61.80 65.98 57.54
C LEU TA 85 -62.59 67.26 57.71
N TYR TA 86 -63.23 67.69 56.63
CA TYR TA 86 -64.02 68.91 56.64
C TYR TA 86 -65.06 68.85 55.52
N ILE TA 87 -66.23 69.42 55.79
CA ILE TA 87 -67.33 69.43 54.84
C ILE TA 87 -67.76 70.88 54.61
N GLU TA 88 -67.79 71.29 53.34
CA GLU TA 88 -68.24 72.63 52.96
C GLU TA 88 -69.37 72.48 51.95
N THR TA 89 -70.55 72.99 52.32
CA THR TA 89 -71.73 72.89 51.45
C THR TA 89 -71.88 74.18 50.65
N PHE TA 90 -71.00 74.32 49.66
CA PHE TA 90 -71.03 75.45 48.75
C PHE TA 90 -72.05 75.18 47.65
N GLU TA 91 -73.11 75.95 47.62
CA GLU TA 91 -74.20 75.75 46.68
C GLU TA 91 -74.00 76.63 45.44
N VAL TA 92 -75.03 76.71 44.61
CA VAL TA 92 -75.01 77.57 43.42
C VAL TA 92 -75.18 79.02 43.85
N LYS TA 93 -74.96 79.93 42.90
CA LYS TA 93 -75.00 81.39 43.04
C LYS TA 93 -73.94 81.93 44.01
N ASP TA 94 -72.93 81.12 44.35
CA ASP TA 94 -71.72 81.66 44.97
C ASP TA 94 -70.79 82.17 43.89
N VAL TA 95 -70.40 81.30 42.95
CA VAL TA 95 -69.87 81.72 41.66
C VAL TA 95 -71.08 81.82 40.75
N LYS TA 96 -71.75 82.97 40.81
CA LYS TA 96 -73.08 83.11 40.23
C LYS TA 96 -73.03 83.16 38.71
N THR TA 97 -74.06 82.59 38.09
CA THR TA 97 -74.21 82.58 36.64
C THR TA 97 -75.70 82.60 36.32
N LEU TA 98 -76.03 82.39 35.05
CA LEU TA 98 -77.44 82.35 34.65
C LEU TA 98 -78.09 81.07 35.13
N THR TA 99 -79.26 81.20 35.74
CA THR TA 99 -79.97 80.08 36.33
C THR TA 99 -80.84 79.33 35.33
N GLY TA 100 -80.88 79.76 34.07
CA GLY TA 100 -81.74 79.13 33.09
C GLY TA 100 -81.02 78.11 32.23
N ASP TA 101 -80.78 78.47 30.96
CA ASP TA 101 -80.17 77.54 30.03
C ASP TA 101 -78.69 77.32 30.32
N HIS TA 102 -78.01 78.34 30.87
CA HIS TA 102 -76.59 78.19 31.19
C HIS TA 102 -76.39 77.29 32.40
N LEU TA 103 -77.33 77.28 33.34
CA LEU TA 103 -77.23 76.37 34.47
C LEU TA 103 -77.46 74.92 34.05
N SER TA 104 -78.32 74.71 33.05
CA SER TA 104 -78.52 73.36 32.52
C SER TA 104 -77.29 72.89 31.75
N ARG TA 105 -76.63 73.79 31.03
CA ARG TA 105 -75.37 73.46 30.39
C ARG TA 105 -74.25 73.27 31.41
N ALA TA 106 -74.30 74.00 32.52
CA ALA TA 106 -73.34 73.79 33.60
C ALA TA 106 -73.58 72.47 34.30
N ILE TA 107 -74.84 72.05 34.39
CA ILE TA 107 -75.16 70.73 34.96
C ILE TA 107 -74.66 69.63 34.04
N GLY TA 108 -74.77 69.82 32.74
CA GLY TA 108 -74.17 68.89 31.80
C GLY TA 108 -72.65 68.92 31.84
N ARG TA 109 -72.07 70.09 32.08
CA ARG TA 109 -70.62 70.21 32.16
C ARG TA 109 -70.07 69.61 33.44
N ILE TA 110 -70.80 69.72 34.55
CA ILE TA 110 -70.35 69.14 35.81
C ILE TA 110 -70.43 67.62 35.77
N ALA TA 111 -71.51 67.08 35.21
CA ALA TA 111 -71.66 65.64 35.11
C ALA TA 111 -70.74 65.06 34.04
N GLY TA 112 -70.69 65.69 32.88
CA GLY TA 112 -69.87 65.17 31.79
C GLY TA 112 -70.58 64.03 31.09
N LYS TA 113 -69.93 62.88 31.04
CA LYS TA 113 -70.50 61.69 30.40
C LYS TA 113 -71.31 60.89 31.42
N ASP TA 114 -72.45 61.48 31.80
CA ASP TA 114 -73.40 60.93 32.78
C ASP TA 114 -72.72 60.66 34.13
N GLY TA 115 -72.22 61.74 34.73
CA GLY TA 115 -71.54 61.65 36.00
C GLY TA 115 -70.09 61.22 35.93
N LYS TA 116 -69.53 61.08 34.72
CA LYS TA 116 -68.15 60.64 34.59
C LYS TA 116 -67.17 61.72 35.04
N THR TA 117 -67.47 62.98 34.74
CA THR TA 117 -66.58 64.07 35.15
C THR TA 117 -66.64 64.29 36.65
N LYS TA 118 -67.83 64.12 37.25
CA LYS TA 118 -67.95 64.25 38.70
C LYS TA 118 -67.26 63.09 39.42
N PHE TA 119 -67.34 61.89 38.86
CA PHE TA 119 -66.65 60.75 39.44
C PHE TA 119 -65.14 60.88 39.28
N ALA TA 120 -64.69 61.44 38.16
CA ALA TA 120 -63.26 61.64 37.95
C ALA TA 120 -62.71 62.74 38.85
N ILE TA 121 -63.48 63.82 39.04
CA ILE TA 121 -63.03 64.90 39.91
C ILE TA 121 -63.05 64.47 41.37
N GLU TA 122 -63.98 63.57 41.73
CA GLU TA 122 -64.02 63.07 43.09
C GLU TA 122 -62.86 62.11 43.37
N ASN TA 123 -62.57 61.21 42.44
CA ASN TA 123 -61.56 60.19 42.68
C ASN TA 123 -60.15 60.75 42.61
N ALA TA 124 -59.88 61.61 41.63
CA ALA TA 124 -58.51 62.11 41.43
C ALA TA 124 -58.12 63.11 42.51
N THR TA 125 -59.01 64.04 42.84
CA THR TA 125 -58.71 65.07 43.83
C THR TA 125 -58.94 64.59 45.26
N ARG TA 126 -59.36 63.33 45.43
CA ARG TA 126 -59.56 62.67 46.73
C ARG TA 126 -60.59 63.42 47.58
N THR TA 127 -61.82 63.47 47.08
CA THR TA 127 -62.90 64.13 47.79
C THR TA 127 -64.21 63.43 47.45
N ARG TA 128 -65.21 63.66 48.30
CA ARG TA 128 -66.56 63.18 48.06
C ARG TA 128 -67.44 64.39 47.74
N ILE TA 129 -67.86 64.50 46.48
CA ILE TA 129 -68.61 65.66 46.02
C ILE TA 129 -70.08 65.30 45.88
N VAL TA 130 -70.89 65.79 46.80
CA VAL TA 130 -72.34 65.58 46.72
C VAL TA 130 -72.92 66.71 45.86
N LEU TA 131 -72.88 66.52 44.54
CA LEU TA 131 -73.30 67.54 43.59
C LEU TA 131 -74.79 67.36 43.31
N ALA TA 132 -75.59 68.30 43.80
CA ALA TA 132 -77.01 68.34 43.50
C ALA TA 132 -77.21 69.18 42.23
N ASP TA 133 -78.46 69.56 41.95
CA ASP TA 133 -78.74 70.46 40.85
C ASP TA 133 -78.19 71.86 41.12
N SER TA 134 -78.14 72.26 42.40
CA SER TA 134 -77.55 73.54 42.79
C SER TA 134 -76.56 73.44 43.93
N LYS TA 135 -76.67 72.46 44.81
CA LYS TA 135 -75.81 72.36 45.98
C LYS TA 135 -74.67 71.39 45.71
N ILE TA 136 -73.48 71.75 46.19
CA ILE TA 136 -72.29 70.91 46.06
C ILE TA 136 -71.71 70.76 47.46
N HIS TA 137 -72.04 69.65 48.12
CA HIS TA 137 -71.50 69.35 49.45
C HIS TA 137 -70.23 68.54 49.26
N ILE TA 138 -69.08 69.19 49.38
CA ILE TA 138 -67.79 68.56 49.21
C ILE TA 138 -67.21 68.23 50.58
N LEU TA 139 -66.75 66.98 50.73
CA LEU TA 139 -66.14 66.50 51.97
C LEU TA 139 -64.73 66.04 51.70
N GLY TA 140 -63.80 66.41 52.56
CA GLY TA 140 -62.42 66.02 52.39
C GLY TA 140 -61.51 66.81 53.31
N GLY TA 141 -60.21 66.70 53.03
CA GLY TA 141 -59.21 67.42 53.78
C GLY TA 141 -59.12 68.88 53.37
N PHE TA 142 -58.24 69.61 54.05
CA PHE TA 142 -58.15 71.05 53.87
C PHE TA 142 -57.60 71.41 52.49
N THR TA 143 -56.54 70.71 52.05
CA THR TA 143 -56.07 70.90 50.69
C THR TA 143 -57.01 70.24 49.68
N HIS TA 144 -57.74 69.21 50.10
CA HIS TA 144 -58.64 68.52 49.20
C HIS TA 144 -59.89 69.34 48.92
N ILE TA 145 -60.41 70.03 49.95
CA ILE TA 145 -61.57 70.90 49.75
C ILE TA 145 -61.18 72.11 48.90
N ARG TA 146 -59.99 72.66 49.14
CA ARG TA 146 -59.48 73.78 48.35
C ARG TA 146 -59.28 73.40 46.89
N MET TA 147 -58.75 72.20 46.64
CA MET TA 147 -58.60 71.74 45.26
C MET TA 147 -59.94 71.38 44.66
N ALA TA 148 -60.90 70.92 45.47
CA ALA TA 148 -62.25 70.72 44.98
C ALA TA 148 -62.93 72.06 44.69
N ARG TA 149 -62.68 73.06 45.54
CA ARG TA 149 -63.28 74.38 45.33
C ARG TA 149 -62.69 75.07 44.11
N GLU TA 150 -61.39 74.92 43.90
CA GLU TA 150 -60.75 75.60 42.77
C GLU TA 150 -61.11 74.93 41.44
N SER TA 151 -61.43 73.63 41.49
CA SER TA 151 -61.81 72.93 40.26
C SER TA 151 -63.22 73.27 39.84
N VAL TA 152 -64.14 73.43 40.79
CA VAL TA 152 -65.53 73.68 40.42
C VAL TA 152 -65.75 75.12 40.01
N VAL TA 153 -64.89 76.04 40.49
CA VAL TA 153 -65.00 77.41 39.99
C VAL TA 153 -64.28 77.54 38.66
N SER TA 154 -63.45 76.56 38.29
CA SER TA 154 -62.81 76.57 36.99
C SER TA 154 -63.80 76.20 35.89
N LEU TA 155 -64.64 75.18 36.14
CA LEU TA 155 -65.57 74.71 35.11
C LEU TA 155 -66.75 75.65 34.92
N ILE TA 156 -67.19 76.34 35.97
CA ILE TA 156 -68.30 77.27 35.82
C ILE TA 156 -67.84 78.55 35.13
N LEU TA 157 -66.56 78.90 35.25
CA LEU TA 157 -66.08 80.15 34.66
C LEU TA 157 -65.72 79.98 33.19
N GLY TA 158 -65.34 78.78 32.79
CA GLY TA 158 -65.00 78.54 31.40
C GLY TA 158 -63.56 78.12 31.20
N SER TA 159 -63.35 76.86 30.83
CA SER TA 159 -62.03 76.31 30.56
C SER TA 159 -62.20 75.12 29.62
N PRO TA 160 -61.23 74.84 28.75
CA PRO TA 160 -61.36 73.70 27.84
C PRO TA 160 -61.24 72.39 28.60
N PRO TA 161 -61.82 71.31 28.07
CA PRO TA 161 -61.70 69.99 28.74
C PRO TA 161 -60.28 69.48 28.88
N GLY TA 162 -59.41 69.76 27.91
CA GLY TA 162 -58.04 69.28 28.01
C GLY TA 162 -57.22 70.05 29.03
N LYS TA 163 -57.64 71.29 29.34
CA LYS TA 163 -57.00 72.04 30.41
C LYS TA 163 -57.31 71.43 31.76
N VAL TA 164 -58.60 71.18 32.04
CA VAL TA 164 -58.98 70.70 33.36
C VAL TA 164 -58.61 69.24 33.56
N TYR TA 165 -58.71 68.41 32.50
CA TYR TA 165 -58.34 67.00 32.64
C TYR TA 165 -56.84 66.86 32.83
N GLY TA 166 -56.06 67.74 32.22
CA GLY TA 166 -54.66 67.85 32.58
C GLY TA 166 -54.48 68.36 33.99
N ASN TA 167 -55.38 69.22 34.45
CA ASN TA 167 -55.24 69.82 35.77
C ASN TA 167 -55.56 68.82 36.88
N LEU TA 168 -56.62 68.01 36.71
CA LEU TA 168 -56.92 67.03 37.76
C LEU TA 168 -55.91 65.90 37.81
N ARG TA 169 -55.12 65.69 36.75
CA ARG TA 169 -54.01 64.76 36.83
C ARG TA 169 -52.93 65.29 37.76
N THR TA 170 -52.51 66.55 37.55
CA THR TA 170 -51.35 67.05 38.26
C THR TA 170 -51.68 67.52 39.67
N VAL TA 171 -52.93 67.87 39.97
CA VAL TA 171 -53.26 68.16 41.36
C VAL TA 171 -53.45 66.86 42.14
N ALA TA 172 -53.67 65.75 41.44
CA ALA TA 172 -53.71 64.46 42.12
C ALA TA 172 -52.31 64.06 42.58
N SER TA 173 -51.28 64.50 41.86
CA SER TA 173 -49.91 64.17 42.24
C SER TA 173 -49.42 65.06 43.38
N ARG TA 174 -49.88 66.31 43.40
CA ARG TA 174 -49.32 67.28 44.34
C ARG TA 174 -49.80 67.07 45.77
N LEU TA 175 -51.00 66.55 45.96
CA LEU TA 175 -51.46 66.23 47.32
C LEU TA 175 -51.06 64.83 47.74
N LYS TA 176 -50.85 63.93 46.79
CA LYS TA 176 -50.46 62.56 47.12
C LYS TA 176 -48.99 62.49 47.52
N GLU TA 177 -48.18 63.40 46.99
CA GLU TA 177 -46.77 63.52 47.34
C GLU TA 177 -46.57 64.72 48.27
N ARG TA 178 -45.89 64.48 49.37
CA ARG TA 178 -45.85 65.46 50.46
C ARG TA 178 -44.49 66.12 50.65
N TYR TA 179 -43.40 65.40 50.40
CA TYR TA 179 -42.05 65.94 50.63
C TYR TA 179 -41.70 67.05 49.63
N SER UA 1 -10.06 -71.78 115.24
CA SER UA 1 -10.08 -73.23 115.04
C SER UA 1 -9.58 -73.59 113.65
N LYS UA 2 -9.80 -74.84 113.25
CA LYS UA 2 -9.44 -75.27 111.90
C LYS UA 2 -10.42 -74.72 110.85
N PHE UA 3 -11.63 -74.34 111.27
CA PHE UA 3 -12.56 -73.68 110.36
C PHE UA 3 -12.07 -72.30 109.98
N GLN UA 4 -11.51 -71.55 110.93
CA GLN UA 4 -11.03 -70.20 110.70
C GLN UA 4 -9.56 -70.14 110.32
N GLU UA 5 -8.85 -71.27 110.38
CA GLU UA 5 -7.45 -71.28 109.95
C GLU UA 5 -7.33 -71.15 108.44
N ILE UA 6 -8.18 -71.88 107.70
CA ILE UA 6 -8.13 -71.86 106.25
C ILE UA 6 -8.62 -70.52 105.69
N GLU UA 7 -9.53 -69.84 106.39
CA GLU UA 7 -10.03 -68.55 105.94
C GLU UA 7 -8.94 -67.48 106.02
N THR UA 8 -8.07 -67.57 107.03
CA THR UA 8 -6.92 -66.68 107.11
C THR UA 8 -5.89 -67.00 106.05
N ASN UA 9 -5.76 -68.28 105.69
CA ASN UA 9 -4.81 -68.72 104.68
C ASN UA 9 -5.35 -68.60 103.26
N LEU UA 10 -6.62 -68.23 103.10
CA LEU UA 10 -7.13 -67.92 101.76
C LEU UA 10 -6.52 -66.64 101.20
N LYS UA 11 -6.31 -65.66 102.07
CA LYS UA 11 -5.84 -64.35 101.63
C LYS UA 11 -4.33 -64.27 101.45
N LYS UA 12 -3.60 -65.33 101.77
CA LYS UA 12 -2.15 -65.35 101.61
C LYS UA 12 -1.71 -65.81 100.23
N LEU UA 13 -2.64 -66.02 99.31
CA LEU UA 13 -2.30 -66.45 97.96
C LEU UA 13 -1.65 -65.30 97.20
N PRO UA 14 -0.75 -65.61 96.27
CA PRO UA 14 -0.24 -64.55 95.38
C PRO UA 14 -1.29 -64.14 94.35
N LYS UA 15 -1.79 -62.92 94.45
CA LYS UA 15 -2.89 -62.46 93.62
C LYS UA 15 -2.37 -62.05 92.24
N LEU UA 16 -3.28 -61.57 91.39
CA LEU UA 16 -2.94 -61.22 90.01
C LEU UA 16 -2.34 -59.83 90.00
N GLU UA 17 -1.04 -59.74 89.75
CA GLU UA 17 -0.30 -58.48 89.81
C GLU UA 17 -0.36 -57.80 88.44
N THR UA 18 -0.96 -56.62 88.40
CA THR UA 18 -1.06 -55.83 87.18
C THR UA 18 -0.43 -54.45 87.42
N GLY UA 19 -0.37 -53.66 86.35
CA GLY UA 19 0.19 -52.33 86.44
C GLY UA 19 -0.60 -51.31 85.63
N PHE UA 20 -1.69 -51.76 85.01
CA PHE UA 20 -2.52 -50.87 84.22
C PHE UA 20 -3.39 -49.97 85.11
N ASP UA 21 -3.91 -50.51 86.20
CA ASP UA 21 -4.72 -49.72 87.11
C ASP UA 21 -3.88 -48.78 87.98
N ALA UA 22 -2.59 -49.03 88.09
CA ALA UA 22 -1.73 -48.18 88.90
C ALA UA 22 -1.43 -46.84 88.23
N LEU UA 23 -1.60 -46.76 86.91
CA LEU UA 23 -1.35 -45.51 86.19
C LEU UA 23 -2.61 -44.67 86.02
N ALA UA 24 -3.70 -45.02 86.71
CA ALA UA 24 -4.84 -44.13 86.87
C ALA UA 24 -4.68 -43.18 88.04
N ASN UA 25 -3.62 -43.35 88.84
CA ASN UA 25 -3.35 -42.47 89.97
C ASN UA 25 -1.86 -42.09 89.97
N LYS UA 26 -1.16 -42.29 88.85
CA LYS UA 26 0.26 -41.98 88.81
C LYS UA 26 0.46 -40.48 88.64
N LYS UA 27 1.50 -39.96 89.30
CA LYS UA 27 1.80 -38.54 89.31
C LYS UA 27 3.03 -38.25 88.45
N LYS UA 28 3.19 -36.99 88.10
CA LYS UA 28 4.34 -36.53 87.32
C LYS UA 28 5.42 -36.03 88.27
N LYS UA 29 6.64 -36.53 88.09
CA LYS UA 29 7.75 -36.25 89.00
C LYS UA 29 8.84 -35.40 88.38
N LYS UA 30 9.22 -35.65 87.14
CA LYS UA 30 10.35 -34.98 86.52
C LYS UA 30 9.94 -33.59 86.03
N ASN UA 31 10.88 -32.87 85.45
CA ASN UA 31 10.70 -31.47 85.07
C ASN UA 31 10.67 -31.34 83.54
N VAL UA 32 10.60 -30.09 83.08
CA VAL UA 32 10.50 -29.77 81.67
C VAL UA 32 11.81 -29.17 81.20
N LEU UA 33 11.93 -29.01 79.87
CA LEU UA 33 13.17 -28.59 79.24
C LEU UA 33 13.01 -27.23 78.58
N PRO UA 34 14.04 -26.39 78.60
CA PRO UA 34 13.96 -25.08 77.97
C PRO UA 34 14.42 -25.09 76.53
N SER UA 35 14.25 -23.95 75.87
CA SER UA 35 14.68 -23.75 74.50
C SER UA 35 15.68 -22.61 74.40
N ASN UA 52 21.58 -24.71 52.48
CA ASN UA 52 20.56 -24.65 51.43
C ASN UA 52 20.00 -26.04 51.12
N ASP UA 53 19.00 -26.07 50.25
CA ASP UA 53 18.41 -27.33 49.85
C ASP UA 53 19.35 -28.08 48.90
N TRP UA 54 19.08 -29.38 48.74
CA TRP UA 54 19.94 -30.25 47.96
C TRP UA 54 19.84 -30.00 46.46
N PHE UA 55 18.85 -29.23 46.01
CA PHE UA 55 18.57 -29.05 44.60
C PHE UA 55 18.77 -27.63 44.10
N THR UA 56 19.13 -26.69 44.98
CA THR UA 56 19.36 -25.30 44.56
C THR UA 56 20.83 -25.12 44.22
N LEU UA 57 21.10 -24.80 42.96
CA LEU UA 57 22.46 -24.53 42.52
C LEU UA 57 22.93 -23.20 43.11
N PRO UA 58 24.21 -23.09 43.47
CA PRO UA 58 24.70 -21.87 44.11
C PRO UA 58 24.72 -20.68 43.17
N LYS UA 59 24.52 -19.51 43.74
CA LYS UA 59 24.47 -18.27 42.98
C LYS UA 59 25.88 -17.83 42.57
N PRO UA 60 26.05 -17.33 41.35
CA PRO UA 60 27.32 -16.69 40.99
C PRO UA 60 27.47 -15.36 41.71
N ASP UA 61 28.60 -15.20 42.40
CA ASP UA 61 28.96 -13.93 43.00
C ASP UA 61 29.74 -13.08 41.99
N ASP UA 62 30.33 -11.99 42.45
CA ASP UA 62 31.13 -11.11 41.59
C ASP UA 62 32.61 -11.35 41.86
N ASN UA 63 32.97 -12.59 42.18
CA ASN UA 63 34.35 -12.95 42.46
C ASN UA 63 34.68 -14.21 41.66
N MET UA 64 35.99 -14.43 41.51
CA MET UA 64 36.57 -15.35 40.52
C MET UA 64 36.00 -15.04 39.13
N ARG UA 65 35.90 -13.74 38.82
CA ARG UA 65 35.16 -13.32 37.64
C ARG UA 65 35.97 -13.47 36.36
N ARG UA 66 37.30 -13.43 36.45
CA ARG UA 66 38.13 -13.53 35.26
C ARG UA 66 38.13 -14.95 34.69
N GLU UA 67 37.85 -15.95 35.54
CA GLU UA 67 37.89 -17.32 35.07
C GLU UA 67 36.52 -17.86 34.68
N VAL UA 68 35.44 -17.13 34.92
CA VAL UA 68 34.11 -17.63 34.65
C VAL UA 68 33.48 -17.01 33.40
N GLN UA 69 33.69 -15.71 33.14
CA GLN UA 69 32.97 -15.08 32.03
C GLN UA 69 33.64 -15.43 30.72
N ARG UA 70 34.91 -15.83 30.77
CA ARG UA 70 35.61 -16.29 29.59
C ARG UA 70 35.02 -17.61 29.13
N ASP UA 71 34.71 -18.48 30.08
CA ASP UA 71 34.02 -19.74 29.76
C ASP UA 71 32.58 -19.47 29.33
N LEU UA 72 31.91 -18.54 30.00
CA LEU UA 72 30.52 -18.21 29.66
C LEU UA 72 30.42 -17.60 28.27
N LEU UA 73 31.35 -16.71 27.92
CA LEU UA 73 31.33 -16.11 26.59
C LEU UA 73 31.72 -17.12 25.52
N LEU UA 74 32.55 -18.10 25.87
CA LEU UA 74 32.91 -19.12 24.90
C LEU UA 74 31.78 -20.11 24.68
N ILE UA 75 31.02 -20.43 25.73
CA ILE UA 75 29.87 -21.31 25.58
C ILE UA 75 28.75 -20.61 24.81
N LYS UA 76 28.55 -19.31 25.09
CA LYS UA 76 27.52 -18.52 24.43
C LYS UA 76 27.78 -18.39 22.94
N HIS UA 77 29.05 -18.27 22.55
CA HIS UA 77 29.45 -18.15 21.16
C HIS UA 77 30.20 -19.40 20.69
N ARG UA 78 29.73 -20.57 21.10
CA ARG UA 78 30.39 -21.83 20.76
C ARG UA 78 30.12 -22.26 19.32
N ALA UA 79 29.21 -21.60 18.61
CA ALA UA 79 28.87 -22.00 17.25
C ALA UA 79 29.96 -21.69 16.25
N ALA UA 80 30.94 -20.86 16.62
CA ALA UA 80 32.02 -20.49 15.72
C ALA UA 80 33.37 -21.02 16.17
N LEU UA 81 33.41 -21.85 17.21
CA LEU UA 81 34.68 -22.40 17.69
C LEU UA 81 35.26 -23.41 16.71
N ASP UA 82 34.41 -24.11 15.97
CA ASP UA 82 34.83 -25.15 15.06
C ASP UA 82 33.84 -25.03 13.90
N PRO UA 83 34.31 -24.92 12.65
CA PRO UA 83 33.39 -24.76 11.52
C PRO UA 83 32.62 -26.02 11.16
N LYS UA 84 32.89 -27.15 11.80
CA LYS UA 84 32.27 -28.41 11.43
C LYS UA 84 31.41 -28.95 12.56
N ARG UA 85 30.76 -28.06 13.31
CA ARG UA 85 29.92 -28.50 14.42
C ARG UA 85 28.44 -28.20 14.18
N HIS UA 86 28.09 -26.92 13.95
CA HIS UA 86 26.75 -26.49 13.57
C HIS UA 86 25.68 -26.89 14.60
N TYR UA 87 25.77 -26.27 15.76
CA TYR UA 87 24.84 -26.56 16.85
C TYR UA 87 23.44 -26.01 16.53
N LYS UA 88 22.49 -26.39 17.37
CA LYS UA 88 21.12 -25.89 17.27
C LYS UA 88 21.08 -24.40 17.57
N LYS UA 89 20.24 -23.67 16.83
CA LYS UA 89 20.16 -22.23 17.02
C LYS UA 89 19.42 -21.92 18.31
N GLN UA 90 20.10 -21.25 19.23
CA GLN UA 90 19.51 -20.88 20.50
C GLN UA 90 20.17 -19.59 20.99
N ARG UA 91 19.77 -19.15 22.17
CA ARG UA 91 20.15 -17.84 22.68
C ARG UA 91 21.19 -17.95 23.79
N TRP UA 92 20.88 -18.68 24.86
CA TRP UA 92 21.75 -18.97 25.99
C TRP UA 92 22.27 -17.70 26.66
N GLU UA 93 21.35 -16.99 27.29
CA GLU UA 93 21.73 -15.97 28.26
C GLU UA 93 22.45 -16.63 29.43
N VAL UA 94 23.31 -15.86 30.09
CA VAL UA 94 24.08 -16.37 31.23
C VAL UA 94 23.11 -16.60 32.38
N PRO UA 95 23.00 -17.82 32.88
CA PRO UA 95 21.97 -18.13 33.88
C PRO UA 95 22.28 -17.52 35.23
N GLU UA 96 21.24 -17.31 36.02
CA GLU UA 96 21.37 -16.66 37.30
C GLU UA 96 21.75 -17.61 38.43
N ARG UA 97 21.73 -18.93 38.20
CA ARG UA 97 22.26 -19.91 39.13
C ARG UA 97 22.98 -20.97 38.31
N PHE UA 98 24.30 -21.07 38.44
CA PHE UA 98 25.05 -22.08 37.72
C PHE UA 98 26.30 -22.44 38.51
N ALA UA 99 27.07 -23.38 37.96
CA ALA UA 99 28.28 -23.87 38.61
C ALA UA 99 29.22 -24.41 37.54
N ILE UA 100 30.46 -24.65 37.95
CA ILE UA 100 31.53 -25.07 37.05
C ILE UA 100 32.07 -26.41 37.55
N GLY UA 101 32.18 -27.37 36.64
CA GLY UA 101 32.75 -28.66 37.00
C GLY UA 101 33.58 -29.22 35.88
N THR UA 102 34.40 -30.22 36.23
CA THR UA 102 35.27 -30.89 35.28
C THR UA 102 34.96 -32.37 35.26
N ILE UA 103 35.08 -32.97 34.07
CA ILE UA 103 34.77 -34.38 33.89
C ILE UA 103 35.96 -35.20 34.37
N ILE UA 104 35.70 -36.16 35.25
CA ILE UA 104 36.76 -36.98 35.81
C ILE UA 104 36.51 -38.44 35.48
N GLU UA 105 37.59 -39.21 35.40
CA GLU UA 105 37.53 -40.65 35.18
C GLU UA 105 38.50 -41.35 36.13
N SER UA 122 42.43 -28.98 33.64
CA SER UA 122 42.66 -28.00 32.58
C SER UA 122 41.48 -27.04 32.47
N THR UA 123 41.48 -26.22 31.42
CA THR UA 123 40.46 -25.20 31.20
C THR UA 123 40.10 -25.24 29.72
N ILE UA 124 38.83 -24.90 29.40
CA ILE UA 124 38.40 -24.90 28.01
C ILE UA 124 39.03 -23.75 27.23
N LEU UA 125 39.54 -22.72 27.91
CA LEU UA 125 40.34 -21.72 27.22
C LEU UA 125 41.72 -22.27 26.90
N GLU UA 126 42.39 -22.90 27.87
CA GLU UA 126 43.76 -23.33 27.65
C GLU UA 126 43.84 -24.57 26.77
N THR UA 127 42.75 -25.33 26.65
CA THR UA 127 42.70 -26.41 25.68
C THR UA 127 42.30 -25.92 24.30
N LEU UA 128 41.82 -24.68 24.20
CA LEU UA 128 41.66 -24.04 22.91
C LEU UA 128 42.85 -23.17 22.56
N MET UA 129 43.68 -22.82 23.54
CA MET UA 129 44.97 -22.18 23.25
C MET UA 129 45.89 -23.14 22.53
N GLY UA 130 46.06 -24.34 23.08
CA GLY UA 130 47.08 -25.27 22.64
C GLY UA 130 46.77 -25.99 21.35
N ASP UA 131 45.56 -25.87 20.82
CA ASP UA 131 45.25 -26.45 19.53
C ASP UA 131 45.93 -25.58 18.47
N GLU UA 132 46.28 -26.21 17.35
CA GLU UA 132 46.93 -25.53 16.25
C GLU UA 132 46.05 -25.38 15.03
N ALA UA 133 45.21 -26.38 14.74
CA ALA UA 133 44.33 -26.30 13.58
C ALA UA 133 43.24 -25.26 13.78
N SER UA 134 42.66 -25.18 14.97
CA SER UA 134 41.70 -24.13 15.26
C SER UA 134 42.39 -22.78 15.38
N ASN UA 135 43.63 -22.75 15.86
CA ASN UA 135 44.38 -21.50 15.93
C ASN UA 135 44.76 -21.01 14.54
N LYS UA 136 45.07 -21.94 13.62
CA LYS UA 136 45.33 -21.53 12.25
C LYS UA 136 44.06 -21.11 11.55
N TYR UA 137 42.92 -21.67 11.94
CA TYR UA 137 41.65 -21.25 11.36
C TYR UA 137 41.23 -19.89 11.90
N PHE UA 138 41.42 -19.66 13.20
CA PHE UA 138 40.97 -18.42 13.82
C PHE UA 138 41.81 -17.24 13.38
N LYS UA 139 43.10 -17.45 13.17
CA LYS UA 139 43.94 -16.39 12.63
C LYS UA 139 43.59 -16.10 11.17
N ARG UA 140 43.25 -17.15 10.41
CA ARG UA 140 42.90 -16.95 9.01
C ARG UA 140 41.53 -16.28 8.88
N LYS UA 141 40.53 -16.79 9.59
CA LYS UA 141 39.16 -16.32 9.40
C LYS UA 141 38.97 -14.92 9.98
N TYR UA 142 39.76 -14.54 10.98
CA TYR UA 142 39.73 -13.16 11.42
C TYR UA 142 40.34 -12.22 10.38
N ASN UA 143 41.29 -12.73 9.58
CA ASN UA 143 41.92 -11.90 8.56
C ASN UA 143 40.96 -11.64 7.41
N GLU UA 144 40.14 -12.64 7.05
CA GLU UA 144 39.18 -12.42 5.96
C GLU UA 144 38.09 -11.43 6.33
N ILE UA 145 37.60 -11.47 7.57
CA ILE UA 145 36.56 -10.52 7.95
C ILE UA 145 37.17 -9.14 8.18
N GLN UA 146 38.47 -9.07 8.51
CA GLN UA 146 39.14 -7.78 8.61
C GLN UA 146 39.28 -7.14 7.23
N GLU UA 147 39.72 -7.92 6.25
CA GLU UA 147 39.92 -7.40 4.90
C GLU UA 147 38.63 -7.27 4.11
N LYS UA 148 37.52 -7.82 4.60
CA LYS UA 148 36.21 -7.54 4.01
C LYS UA 148 35.42 -6.47 4.75
N SER UA 149 35.97 -5.91 5.83
CA SER UA 149 35.35 -4.75 6.46
C SER UA 149 36.09 -3.46 6.15
N THR UA 150 37.39 -3.55 5.85
CA THR UA 150 38.20 -2.40 5.49
C THR UA 150 38.25 -2.17 3.98
N SER UA 151 37.48 -2.94 3.21
CA SER UA 151 37.66 -3.02 1.76
C SER UA 151 37.32 -1.72 1.05
N GLY UA 152 36.44 -0.90 1.62
CA GLY UA 152 36.12 0.37 0.99
C GLY UA 152 35.84 1.51 1.94
N ARG UA 153 36.27 1.39 3.20
CA ARG UA 153 35.88 2.40 4.18
C ARG UA 153 36.76 3.64 4.12
N LYS UA 154 38.02 3.53 4.52
CA LYS UA 154 38.88 4.70 4.47
C LYS UA 154 40.24 4.40 3.87
N ALA UA 155 40.72 3.16 4.04
CA ALA UA 155 41.98 2.76 3.45
C ALA UA 155 41.89 2.76 1.93
N HIS UA 156 40.75 2.31 1.39
CA HIS UA 156 40.51 2.43 -0.04
C HIS UA 156 40.27 3.88 -0.44
N TYR UA 157 39.58 4.64 0.42
CA TYR UA 157 39.21 6.01 0.08
C TYR UA 157 40.43 6.92 0.02
N LYS UA 158 41.34 6.79 0.98
CA LYS UA 158 42.52 7.63 0.98
C LYS UA 158 43.57 7.09 0.01
N LYS UA 159 43.41 5.86 -0.48
CA LYS UA 159 44.23 5.42 -1.60
C LYS UA 159 43.75 6.07 -2.90
N MET UA 160 42.45 6.28 -3.02
CA MET UA 160 41.90 6.85 -4.24
C MET UA 160 42.17 8.35 -4.34
N LYS UA 161 42.03 9.07 -3.23
CA LYS UA 161 42.25 10.51 -3.26
C LYS UA 161 43.72 10.85 -3.44
N GLU UA 162 44.60 10.04 -2.83
CA GLU UA 162 46.03 10.32 -2.95
C GLU UA 162 46.55 9.96 -4.33
N MET UA 163 45.98 8.95 -4.98
CA MET UA 163 46.42 8.61 -6.33
C MET UA 163 45.90 9.63 -7.35
N ARG UA 164 44.84 10.37 -7.00
CA ARG UA 164 44.43 11.52 -7.81
C ARG UA 164 45.45 12.65 -7.70
N LYS UA 165 46.05 12.81 -6.52
CA LYS UA 165 47.01 13.86 -6.21
C LYS UA 165 48.45 13.36 -6.24
N LYS UA 166 48.68 12.11 -6.64
CA LYS UA 166 50.06 11.62 -6.74
C LYS UA 166 50.80 12.29 -7.89
N ARG UA 167 50.25 12.21 -9.10
CA ARG UA 167 50.59 13.12 -10.18
C ARG UA 167 50.24 14.56 -9.80
N SER VA 1 -15.76 -27.52 -31.24
CA SER VA 1 -15.12 -26.96 -32.43
C SER VA 1 -15.48 -25.49 -32.58
N PRO VA 2 -14.50 -24.65 -32.94
CA PRO VA 2 -14.78 -23.21 -32.99
C PRO VA 2 -15.68 -22.82 -34.15
N PHE VA 3 -15.54 -23.46 -35.30
CA PHE VA 3 -16.35 -23.07 -36.44
C PHE VA 3 -17.07 -24.24 -37.09
N GLY VA 4 -16.43 -25.40 -37.21
CA GLY VA 4 -17.01 -26.54 -37.88
C GLY VA 4 -17.06 -27.78 -37.01
N GLY VA 5 -16.28 -28.77 -37.38
CA GLY VA 5 -16.11 -29.97 -36.58
C GLY VA 5 -14.64 -30.26 -36.32
N SER VA 6 -13.78 -29.34 -36.76
CA SER VA 6 -12.34 -29.53 -36.68
C SER VA 6 -11.74 -28.73 -35.54
N SER VA 7 -10.57 -29.16 -35.11
CA SER VA 7 -9.78 -28.46 -34.10
C SER VA 7 -8.62 -27.69 -34.69
N HIS VA 8 -8.54 -27.60 -36.02
CA HIS VA 8 -7.48 -26.86 -36.69
C HIS VA 8 -8.05 -26.12 -37.88
N ALA VA 9 -7.22 -25.30 -38.51
CA ALA VA 9 -7.71 -24.39 -39.54
C ALA VA 9 -6.60 -24.03 -40.51
N LYS VA 10 -6.73 -24.46 -41.76
CA LYS VA 10 -5.92 -23.90 -42.83
C LYS VA 10 -6.40 -22.49 -43.13
N GLY VA 11 -5.47 -21.58 -43.42
CA GLY VA 11 -5.84 -20.19 -43.62
C GLY VA 11 -4.77 -19.41 -44.31
N ILE VA 12 -5.20 -18.48 -45.17
CA ILE VA 12 -4.30 -17.64 -45.95
C ILE VA 12 -3.99 -16.38 -45.15
N VAL VA 13 -2.71 -16.09 -44.99
CA VAL VA 13 -2.28 -14.86 -44.32
C VAL VA 13 -2.49 -13.69 -45.27
N LEU VA 14 -3.15 -12.63 -44.78
CA LEU VA 14 -3.41 -11.46 -45.59
C LEU VA 14 -2.36 -10.38 -45.35
N GLU VA 15 -2.17 -10.00 -44.09
CA GLU VA 15 -1.26 -8.92 -43.73
C GLU VA 15 -0.67 -9.24 -42.37
N LYS VA 16 -0.13 -8.22 -41.70
CA LYS VA 16 0.58 -8.44 -40.44
C LYS VA 16 0.39 -7.20 -39.57
N LEU VA 17 -0.55 -7.27 -38.64
CA LEU VA 17 -0.72 -6.21 -37.66
C LEU VA 17 0.44 -6.17 -36.69
N GLY VA 18 0.71 -4.97 -36.16
CA GLY VA 18 1.72 -4.82 -35.14
C GLY VA 18 3.14 -4.85 -35.61
N ILE VA 19 3.38 -4.82 -36.92
CA ILE VA 19 4.73 -4.68 -37.42
C ILE VA 19 5.19 -3.22 -37.27
N GLU VA 20 4.26 -2.29 -37.11
CA GLU VA 20 4.56 -0.90 -36.82
C GLU VA 20 4.52 -0.59 -35.34
N SER VA 21 4.23 -1.58 -34.49
CA SER VA 21 4.26 -1.37 -33.05
C SER VA 21 5.70 -1.24 -32.57
N LYS VA 22 5.89 -0.40 -31.55
CA LYS VA 22 7.23 -0.06 -31.12
C LYS VA 22 7.84 -1.14 -30.22
N GLN VA 23 7.11 -1.54 -29.19
CA GLN VA 23 7.66 -2.47 -28.21
C GLN VA 23 7.80 -3.87 -28.81
N PRO VA 24 8.97 -4.50 -28.72
CA PRO VA 24 9.12 -5.85 -29.25
C PRO VA 24 8.31 -6.86 -28.47
N ASN VA 25 7.87 -7.89 -29.20
CA ASN VA 25 6.99 -9.01 -28.83
C ASN VA 25 5.86 -8.65 -27.86
N SER VA 26 5.24 -7.50 -28.09
CA SER VA 26 4.02 -7.14 -27.38
C SER VA 26 2.84 -7.87 -27.99
N ALA VA 27 1.70 -7.82 -27.29
CA ALA VA 27 0.52 -8.53 -27.74
C ALA VA 27 -0.06 -7.91 -29.00
N ILE VA 28 0.01 -6.58 -29.12
CA ILE VA 28 -0.44 -5.91 -30.34
C ILE VA 28 0.53 -6.22 -31.48
N ARG VA 29 1.81 -6.42 -31.16
CA ARG VA 29 2.80 -6.76 -32.17
C ARG VA 29 2.53 -8.16 -32.73
N LYS VA 30 2.23 -9.11 -31.86
CA LYS VA 30 2.25 -10.52 -32.22
C LYS VA 30 1.08 -10.92 -33.11
N CYS VA 31 -0.04 -10.18 -33.06
CA CYS VA 31 -1.24 -10.66 -33.72
C CYS VA 31 -1.21 -10.38 -35.21
N VAL VA 32 -1.63 -11.38 -35.99
CA VAL VA 32 -1.78 -11.26 -37.44
C VAL VA 32 -3.23 -11.56 -37.78
N ARG VA 33 -3.59 -11.28 -39.03
CA ARG VA 33 -4.93 -11.62 -39.51
C ARG VA 33 -4.81 -12.70 -40.58
N VAL VA 34 -5.82 -13.56 -40.63
CA VAL VA 34 -5.80 -14.73 -41.49
C VAL VA 34 -7.23 -15.08 -41.85
N GLN VA 35 -7.47 -15.41 -43.12
CA GLN VA 35 -8.80 -15.78 -43.58
C GLN VA 35 -8.90 -17.29 -43.71
N LEU VA 36 -9.91 -17.87 -43.10
CA LEU VA 36 -10.13 -19.30 -43.17
C LEU VA 36 -10.66 -19.67 -44.54
N ILE VA 37 -10.20 -20.81 -45.07
CA ILE VA 37 -10.45 -21.13 -46.47
C ILE VA 37 -11.89 -21.57 -46.69
N LYS VA 38 -12.50 -22.24 -45.70
CA LYS VA 38 -13.82 -22.82 -45.92
C LYS VA 38 -14.94 -21.79 -45.94
N ASN VA 39 -14.73 -20.59 -45.40
CA ASN VA 39 -15.77 -19.57 -45.41
C ASN VA 39 -15.30 -18.21 -45.86
N GLY VA 40 -14.01 -17.91 -45.86
CA GLY VA 40 -13.51 -16.64 -46.33
C GLY VA 40 -13.55 -15.52 -45.31
N LYS VA 41 -14.11 -15.75 -44.12
CA LYS VA 41 -14.13 -14.72 -43.11
C LYS VA 41 -12.74 -14.53 -42.51
N LYS VA 42 -12.48 -13.32 -42.05
CA LYS VA 42 -11.15 -12.95 -41.56
C LYS VA 42 -11.13 -13.04 -40.04
N VAL VA 43 -10.12 -13.73 -39.52
CA VAL VA 43 -9.97 -13.89 -38.08
C VAL VA 43 -8.56 -13.44 -37.71
N THR VA 44 -8.40 -13.03 -36.46
CA THR VA 44 -7.10 -12.62 -35.96
C THR VA 44 -6.41 -13.81 -35.30
N ALA VA 45 -5.08 -13.75 -35.26
CA ALA VA 45 -4.30 -14.90 -34.84
C ALA VA 45 -3.02 -14.43 -34.16
N PHE VA 46 -2.78 -14.91 -32.95
CA PHE VA 46 -1.52 -14.66 -32.29
C PHE VA 46 -0.41 -15.47 -32.96
N VAL VA 47 0.78 -14.87 -33.02
CA VAL VA 47 1.98 -15.62 -33.38
C VAL VA 47 2.94 -15.43 -32.22
N PRO VA 48 3.35 -16.48 -31.54
CA PRO VA 48 4.14 -16.32 -30.32
C PRO VA 48 5.55 -15.86 -30.62
N ASN VA 49 6.20 -15.31 -29.59
CA ASN VA 49 7.66 -15.20 -29.43
C ASN VA 49 8.42 -14.68 -30.67
N ASP VA 50 8.35 -13.34 -30.85
CA ASP VA 50 8.41 -12.54 -32.08
C ASP VA 50 9.26 -13.06 -33.25
N GLY VA 51 10.27 -13.88 -32.98
CA GLY VA 51 11.09 -14.43 -34.05
C GLY VA 51 10.33 -15.27 -35.07
N CYS VA 52 9.19 -15.84 -34.67
CA CYS VA 52 8.39 -16.57 -35.66
C CYS VA 52 7.39 -15.67 -36.39
N LEU VA 53 7.13 -14.47 -35.86
CA LEU VA 53 6.46 -13.45 -36.68
C LEU VA 53 7.39 -13.00 -37.81
N ASN VA 54 8.69 -13.13 -37.59
CA ASN VA 54 9.67 -12.79 -38.62
C ASN VA 54 9.72 -13.91 -39.67
N PHE VA 55 9.13 -15.06 -39.37
CA PHE VA 55 9.16 -16.18 -40.32
C PHE VA 55 7.95 -16.18 -41.23
N VAL VA 56 6.75 -15.95 -40.69
CA VAL VA 56 5.54 -15.91 -41.51
C VAL VA 56 5.52 -14.62 -42.32
N ASP VA 57 5.29 -14.73 -43.63
CA ASP VA 57 5.14 -13.52 -44.42
C ASP VA 57 3.77 -13.36 -45.08
N GLU VA 58 3.41 -14.14 -46.11
CA GLU VA 58 2.26 -13.78 -46.94
C GLU VA 58 1.93 -14.94 -47.88
N ASN VA 59 0.69 -15.45 -47.83
CA ASN VA 59 0.31 -16.78 -48.37
C ASN VA 59 1.25 -17.89 -47.89
N ASP VA 60 1.12 -18.24 -46.62
CA ASP VA 60 1.85 -19.38 -46.11
C ASP VA 60 0.97 -20.57 -45.79
N GLU VA 61 -0.35 -20.43 -45.93
CA GLU VA 61 -1.38 -21.42 -45.60
C GLU VA 61 -1.13 -22.03 -44.21
N VAL VA 62 -1.24 -21.14 -43.22
CA VAL VA 62 -0.87 -21.50 -41.86
C VAL VA 62 -1.96 -22.34 -41.20
N LEU VA 63 -1.58 -23.03 -40.13
CA LEU VA 63 -2.50 -23.82 -39.33
C LEU VA 63 -2.82 -23.11 -38.02
N LEU VA 64 -4.09 -23.11 -37.65
CA LEU VA 64 -4.57 -22.34 -36.51
C LEU VA 64 -5.19 -23.25 -35.47
N ALA VA 65 -4.73 -23.13 -34.23
CA ALA VA 65 -5.30 -23.82 -33.09
C ALA VA 65 -5.83 -22.80 -32.10
N GLY VA 66 -6.56 -23.28 -31.10
CA GLY VA 66 -7.10 -22.39 -30.09
C GLY VA 66 -6.02 -21.83 -29.18
N PHE VA 67 -6.37 -20.75 -28.47
CA PHE VA 67 -5.39 -20.15 -27.58
C PHE VA 67 -5.34 -20.86 -26.23
N GLY VA 68 -6.47 -20.95 -25.54
CA GLY VA 68 -6.53 -21.60 -24.25
C GLY VA 68 -5.78 -20.89 -23.14
N ARG VA 69 -5.92 -19.57 -23.05
CA ARG VA 69 -5.24 -18.81 -22.01
C ARG VA 69 -5.82 -19.12 -20.64
N LYS VA 70 -4.96 -19.13 -19.62
CA LYS VA 70 -5.34 -19.44 -18.25
C LYS VA 70 -5.61 -18.20 -17.41
N GLY VA 71 -5.57 -17.03 -18.03
CA GLY VA 71 -5.83 -15.79 -17.31
C GLY VA 71 -5.42 -14.61 -18.14
N LYS VA 72 -5.82 -13.43 -17.67
CA LYS VA 72 -5.44 -12.21 -18.35
C LYS VA 72 -3.96 -11.90 -18.11
N ALA VA 73 -3.25 -11.56 -19.18
CA ALA VA 73 -1.83 -11.29 -19.12
C ALA VA 73 -1.60 -9.81 -18.78
N LYS VA 74 -0.36 -9.35 -18.98
CA LYS VA 74 -0.01 -7.98 -18.65
C LYS VA 74 -0.72 -6.98 -19.57
N GLY VA 75 -0.63 -7.21 -20.88
CA GLY VA 75 -1.28 -6.32 -21.83
C GLY VA 75 -1.92 -7.05 -22.99
N ASP VA 76 -2.39 -8.27 -22.75
CA ASP VA 76 -2.96 -9.09 -23.82
C ASP VA 76 -4.30 -8.54 -24.29
N ILE VA 77 -4.57 -8.70 -25.59
CA ILE VA 77 -5.87 -8.33 -26.14
C ILE VA 77 -6.82 -9.50 -25.89
N PRO VA 78 -7.91 -9.29 -25.15
CA PRO VA 78 -8.91 -10.36 -25.02
C PRO VA 78 -9.66 -10.55 -26.33
N GLY VA 79 -10.19 -11.76 -26.51
CA GLY VA 79 -10.95 -12.05 -27.70
C GLY VA 79 -10.15 -12.80 -28.75
N VAL VA 80 -8.83 -12.59 -28.75
CA VAL VA 80 -7.96 -13.23 -29.73
C VAL VA 80 -7.80 -14.68 -29.31
N ARG VA 81 -8.35 -15.61 -30.11
CA ARG VA 81 -8.47 -16.99 -29.69
C ARG VA 81 -7.55 -17.94 -30.43
N PHE VA 82 -6.78 -17.46 -31.40
CA PHE VA 82 -6.08 -18.36 -32.31
C PHE VA 82 -4.58 -18.12 -32.28
N LYS VA 83 -3.82 -19.21 -32.32
CA LYS VA 83 -2.37 -19.17 -32.43
C LYS VA 83 -1.93 -19.97 -33.64
N VAL VA 84 -0.90 -19.48 -34.33
CA VAL VA 84 -0.34 -20.19 -35.47
C VAL VA 84 0.54 -21.32 -34.96
N VAL VA 85 0.27 -22.54 -35.42
CA VAL VA 85 1.00 -23.71 -34.96
C VAL VA 85 1.87 -24.30 -36.06
N LYS VA 86 1.40 -24.29 -37.31
CA LYS VA 86 2.17 -24.84 -38.42
C LYS VA 86 2.14 -23.87 -39.58
N VAL VA 87 3.31 -23.49 -40.10
CA VAL VA 87 3.43 -22.62 -41.25
C VAL VA 87 4.00 -23.45 -42.40
N SER VA 88 3.30 -23.40 -43.55
CA SER VA 88 3.64 -24.15 -44.77
C SER VA 88 3.78 -25.66 -44.52
N GLY VA 89 2.90 -26.18 -43.65
CA GLY VA 89 2.91 -27.59 -43.32
C GLY VA 89 4.09 -28.09 -42.53
N VAL VA 90 4.62 -27.28 -41.60
CA VAL VA 90 5.67 -27.70 -40.69
C VAL VA 90 5.57 -26.84 -39.43
N SER VA 91 5.86 -27.45 -38.28
CA SER VA 91 5.52 -26.87 -36.98
C SER VA 91 6.33 -25.63 -36.67
N LEU VA 92 5.65 -24.58 -36.20
CA LEU VA 92 6.25 -23.27 -36.02
C LEU VA 92 7.30 -23.26 -34.91
N LEU VA 93 7.11 -24.09 -33.88
CA LEU VA 93 8.13 -24.21 -32.84
C LEU VA 93 9.39 -24.88 -33.36
N ALA VA 94 9.26 -25.75 -34.37
CA ALA VA 94 10.44 -26.36 -34.96
C ALA VA 94 11.23 -25.35 -35.79
N LEU VA 95 10.53 -24.38 -36.39
CA LEU VA 95 11.23 -23.28 -37.05
C LEU VA 95 11.94 -22.39 -36.03
N TRP VA 96 11.31 -22.15 -34.87
CA TRP VA 96 11.96 -21.37 -33.84
C TRP VA 96 13.13 -22.11 -33.23
N LYS VA 97 13.09 -23.45 -33.24
CA LYS VA 97 14.24 -24.26 -32.90
C LYS VA 97 15.16 -24.50 -34.09
N GLU VA 98 14.85 -23.88 -35.24
CA GLU VA 98 15.44 -24.10 -36.57
C GLU VA 98 15.86 -25.56 -36.81
N LYS VA 99 14.89 -26.44 -36.64
CA LYS VA 99 15.06 -27.82 -37.04
C LYS VA 99 14.82 -27.98 -38.54
N LYS VA 100 13.76 -27.37 -39.07
CA LYS VA 100 13.40 -27.46 -40.47
C LYS VA 100 13.45 -26.07 -41.09
N GLU VA 101 13.03 -25.99 -42.36
CA GLU VA 101 13.03 -24.72 -43.09
C GLU VA 101 11.69 -24.57 -43.79
N LYS VA 102 11.32 -23.34 -44.07
CA LYS VA 102 10.06 -23.05 -44.73
C LYS VA 102 10.16 -23.39 -46.22
N PRO VA 103 9.33 -24.28 -46.73
CA PRO VA 103 9.32 -24.51 -48.18
C PRO VA 103 8.46 -23.48 -48.90
N ARG VA 104 8.89 -23.14 -50.11
CA ARG VA 104 8.21 -22.12 -50.89
C ARG VA 104 7.56 -22.71 -52.13
N GLN WA 1 -67.77 -77.26 32.98
CA GLN WA 1 -68.97 -76.84 33.68
C GLN WA 1 -68.61 -75.61 34.52
N ARG WA 2 -68.81 -74.44 33.92
CA ARG WA 2 -68.06 -73.25 34.29
C ARG WA 2 -68.73 -72.40 35.36
N ILE WA 3 -70.04 -72.53 35.54
CA ILE WA 3 -70.75 -71.72 36.52
C ILE WA 3 -70.45 -72.21 37.93
N GLN WA 4 -70.27 -73.52 38.10
CA GLN WA 4 -69.81 -74.02 39.38
C GLN WA 4 -68.32 -73.76 39.64
N GLN WA 5 -67.47 -73.64 38.61
CA GLN WA 5 -66.07 -73.37 38.93
C GLN WA 5 -65.82 -71.88 39.13
N ARG WA 6 -66.55 -71.00 38.43
CA ARG WA 6 -66.26 -69.60 38.72
C ARG WA 6 -67.01 -69.12 39.96
N HIS WA 7 -67.99 -69.89 40.43
CA HIS WA 7 -68.47 -69.74 41.79
C HIS WA 7 -67.35 -69.99 42.79
N ASP WA 8 -66.57 -71.04 42.55
CA ASP WA 8 -65.38 -71.30 43.37
C ASP WA 8 -64.33 -70.21 43.19
N ARG WA 9 -64.21 -69.68 41.98
CA ARG WA 9 -63.29 -68.57 41.74
C ARG WA 9 -63.75 -67.32 42.48
N LYS WA 10 -65.06 -67.06 42.47
CA LYS WA 10 -65.63 -65.97 43.25
C LYS WA 10 -65.51 -66.24 44.75
N ALA WA 11 -65.58 -67.52 45.16
CA ALA WA 11 -65.34 -67.87 46.55
C ALA WA 11 -63.86 -67.70 46.90
N ALA WA 12 -62.96 -68.05 45.97
CA ALA WA 12 -61.53 -67.96 46.24
C ALA WA 12 -61.05 -66.52 46.29
N TYR WA 13 -61.76 -65.60 45.62
CA TYR WA 13 -61.48 -64.18 45.80
C TYR WA 13 -61.79 -63.74 47.22
N GLU WA 14 -62.87 -64.27 47.79
CA GLU WA 14 -63.19 -63.99 49.19
C GLU WA 14 -62.21 -64.68 50.12
N ILE WA 15 -61.74 -65.88 49.74
CA ILE WA 15 -60.81 -66.64 50.58
C ILE WA 15 -59.45 -65.95 50.61
N SER WA 16 -58.97 -65.50 49.45
CA SER WA 16 -57.63 -64.90 49.35
C SER WA 16 -57.56 -63.55 50.06
N ARG WA 17 -58.69 -62.87 50.21
CA ARG WA 17 -58.68 -61.53 50.81
C ARG WA 17 -58.43 -61.57 52.30
N GLN WA 18 -58.70 -62.70 52.96
CA GLN WA 18 -58.53 -62.77 54.41
C GLN WA 18 -57.06 -62.83 54.80
N GLU WA 19 -56.24 -63.54 54.03
CA GLU WA 19 -54.82 -63.62 54.37
C GLU WA 19 -54.02 -62.45 53.85
N VAL WA 20 -54.65 -61.51 53.14
CA VAL WA 20 -54.01 -60.24 52.84
C VAL WA 20 -54.46 -59.17 53.83
N SER WA 21 -55.68 -59.30 54.37
CA SER WA 21 -56.15 -58.39 55.41
C SER WA 21 -55.40 -58.57 56.73
N LYS WA 22 -54.73 -59.70 56.92
CA LYS WA 22 -53.86 -59.87 58.08
C LYS WA 22 -52.55 -59.10 57.91
N TRP WA 23 -52.25 -58.67 56.70
CA TRP WA 23 -51.13 -57.77 56.44
C TRP WA 23 -51.51 -56.30 56.47
N ASN WA 24 -52.80 -56.00 56.63
CA ASN WA 24 -53.26 -54.62 56.54
C ASN WA 24 -52.95 -53.83 57.81
N ASP WA 25 -52.73 -54.52 58.93
CA ASP WA 25 -52.51 -53.81 60.19
C ASP WA 25 -51.13 -53.18 60.25
N ILE WA 26 -50.11 -53.89 59.78
CA ILE WA 26 -48.74 -53.39 59.87
C ILE WA 26 -48.49 -52.31 58.83
N VAL WA 27 -49.12 -52.41 57.66
CA VAL WA 27 -48.96 -51.38 56.63
C VAL WA 27 -49.79 -50.13 56.95
N GLN WA 28 -50.88 -50.25 57.70
CA GLN WA 28 -51.60 -49.07 58.16
C GLN WA 28 -50.81 -48.31 59.21
N GLN WA 29 -49.95 -49.01 59.95
CA GLN WA 29 -48.99 -48.33 60.82
C GLN WA 29 -47.99 -47.51 60.01
N ASN WA 30 -47.56 -48.05 58.86
CA ASN WA 30 -46.50 -47.41 58.07
C ASN WA 30 -46.95 -46.10 57.44
N ARG WA 31 -48.23 -45.99 57.06
CA ARG WA 31 -48.72 -44.73 56.52
C ARG WA 31 -48.81 -43.64 57.58
N ARG WA 32 -49.12 -44.02 58.81
CA ARG WA 32 -49.10 -43.08 59.93
C ARG WA 32 -47.74 -42.99 60.61
N ALA WA 33 -46.76 -43.76 60.16
CA ALA WA 33 -45.44 -43.75 60.76
C ALA WA 33 -44.69 -42.47 60.38
N ASP WA 34 -43.94 -41.94 61.34
CA ASP WA 34 -43.19 -40.73 61.09
C ASP WA 34 -41.96 -40.99 60.21
N HIS WA 35 -41.21 -42.05 60.51
CA HIS WA 35 -39.92 -42.29 59.90
C HIS WA 35 -39.81 -43.75 59.48
N LEU WA 36 -39.18 -43.99 58.32
CA LEU WA 36 -39.11 -45.32 57.73
C LEU WA 36 -37.66 -45.67 57.38
N ILE WA 37 -36.96 -46.23 58.35
CA ILE WA 37 -35.69 -46.92 58.09
C ILE WA 37 -35.97 -48.11 57.16
N PHE WA 38 -35.20 -48.24 56.07
CA PHE WA 38 -35.50 -49.30 55.11
C PHE WA 38 -35.29 -50.74 55.61
N PRO WA 39 -34.28 -51.07 56.47
CA PRO WA 39 -34.38 -52.36 57.15
C PRO WA 39 -35.51 -52.41 58.16
N LEU WA 40 -36.73 -52.62 57.66
CA LEU WA 40 -37.90 -52.79 58.52
C LEU WA 40 -37.77 -54.05 59.36
N ASN WA 41 -37.13 -55.08 58.81
CA ASN WA 41 -36.80 -56.29 59.54
C ASN WA 41 -35.35 -56.20 60.00
N LYS WA 42 -35.14 -56.35 61.30
CA LYS WA 42 -33.78 -56.35 61.83
C LYS WA 42 -33.06 -57.61 61.37
N PRO WA 43 -31.78 -57.53 61.00
CA PRO WA 43 -31.05 -58.72 60.58
C PRO WA 43 -30.73 -59.61 61.77
N THR WA 44 -30.19 -60.79 61.46
CA THR WA 44 -29.79 -61.72 62.49
C THR WA 44 -28.56 -61.19 63.21
N GLU WA 45 -28.78 -60.48 64.31
CA GLU WA 45 -27.70 -59.89 65.10
C GLU WA 45 -26.92 -61.01 65.76
N HIS WA 46 -25.77 -61.32 65.20
CA HIS WA 46 -25.02 -62.51 65.60
C HIS WA 46 -24.29 -62.25 66.93
N ASN WA 47 -23.67 -63.31 67.45
CA ASN WA 47 -22.95 -63.24 68.71
C ASN WA 47 -21.68 -62.43 68.51
N HIS WA 48 -21.60 -61.28 69.19
CA HIS WA 48 -20.48 -60.36 69.01
C HIS WA 48 -19.18 -60.96 69.52
N ALA WA 49 -18.09 -60.65 68.83
CA ALA WA 49 -16.78 -61.18 69.16
C ALA WA 49 -16.25 -60.49 70.40
N SER WA 50 -16.38 -61.15 71.55
CA SER WA 50 -15.83 -60.67 72.80
C SER WA 50 -14.79 -61.65 73.29
N ALA WA 51 -13.79 -61.12 74.00
CA ALA WA 51 -12.72 -61.96 74.53
C ALA WA 51 -13.15 -62.83 75.70
N PHE WA 52 -14.34 -62.58 76.27
CA PHE WA 52 -14.82 -63.37 77.39
C PHE WA 52 -15.32 -64.75 76.98
N THR WA 53 -15.54 -65.00 75.69
CA THR WA 53 -16.05 -66.28 75.23
C THR WA 53 -15.09 -66.91 74.23
N ARG WA 54 -15.03 -68.23 74.24
CA ARG WA 54 -14.28 -68.95 73.22
C ARG WA 54 -14.99 -68.84 71.88
N THR WA 55 -14.20 -68.98 70.81
CA THR WA 55 -14.75 -68.82 69.47
C THR WA 55 -15.63 -70.00 69.06
N GLN WA 56 -15.27 -71.22 69.46
CA GLN WA 56 -16.03 -72.40 69.08
C GLN WA 56 -16.21 -73.40 70.21
N ASP WA 57 -15.49 -73.26 71.33
CA ASP WA 57 -15.31 -74.21 72.44
C ASP WA 57 -14.64 -75.52 72.00
N VAL WA 58 -14.12 -75.59 70.78
CA VAL WA 58 -13.34 -76.73 70.30
C VAL WA 58 -11.88 -76.36 70.57
N PRO WA 59 -10.98 -77.32 70.75
CA PRO WA 59 -9.56 -76.96 70.79
C PRO WA 59 -9.03 -76.47 69.45
N GLN WA 60 -8.76 -75.17 69.36
CA GLN WA 60 -8.25 -74.57 68.13
C GLN WA 60 -6.74 -74.42 68.15
N THR WA 61 -6.18 -73.93 69.26
CA THR WA 61 -4.75 -73.81 69.44
C THR WA 61 -4.24 -74.98 70.28
N GLU WA 62 -2.90 -75.09 70.36
CA GLU WA 62 -2.28 -76.22 71.03
C GLU WA 62 -2.46 -76.15 72.55
N LEU WA 63 -2.57 -74.94 73.11
CA LEU WA 63 -2.86 -74.82 74.53
C LEU WA 63 -4.27 -75.27 74.85
N GLN WA 64 -5.21 -75.04 73.93
CA GLN WA 64 -6.58 -75.50 74.13
C GLN WA 64 -6.67 -77.02 74.08
N GLU WA 65 -5.83 -77.66 73.27
CA GLU WA 65 -5.80 -79.11 73.18
C GLU WA 65 -5.31 -79.72 74.49
N LYS WA 66 -4.23 -79.18 75.05
CA LYS WA 66 -3.62 -79.76 76.22
C LYS WA 66 -4.31 -79.36 77.52
N VAL WA 67 -5.22 -78.39 77.48
CA VAL WA 67 -5.96 -78.03 78.68
C VAL WA 67 -7.37 -78.62 78.66
N ASP WA 68 -7.86 -79.05 77.50
CA ASP WA 68 -9.15 -79.74 77.47
C ASP WA 68 -8.99 -81.23 77.70
N GLN WA 69 -7.80 -81.77 77.44
CA GLN WA 69 -7.56 -83.18 77.75
C GLN WA 69 -7.46 -83.40 79.25
N VAL WA 70 -6.75 -82.52 79.95
CA VAL WA 70 -6.58 -82.69 81.39
C VAL WA 70 -7.83 -82.26 82.14
N LEU WA 71 -8.68 -81.44 81.53
CA LEU WA 71 -9.96 -81.10 82.14
C LEU WA 71 -10.94 -82.26 82.03
N GLN WA 72 -10.96 -82.93 80.87
CA GLN WA 72 -11.88 -84.04 80.68
C GLN WA 72 -11.40 -85.30 81.39
N GLU WA 73 -10.09 -85.45 81.58
CA GLU WA 73 -9.58 -86.59 82.34
C GLU WA 73 -9.91 -86.44 83.82
N SER WA 74 -9.68 -85.25 84.38
CA SER WA 74 -9.98 -85.00 85.79
C SER WA 74 -11.46 -84.82 86.07
N ASN WA 75 -12.25 -84.46 85.04
CA ASN WA 75 -13.70 -84.25 85.11
C ASN WA 75 -14.14 -83.23 86.17
N UNK WA 76 -13.30 -82.24 86.44
CA UNK WA 76 -13.60 -81.23 87.43
C UNK WA 76 -13.89 -79.90 86.76
N UNK WA 77 -14.66 -79.95 85.67
CA UNK WA 77 -15.03 -78.74 84.93
C UNK WA 77 -16.22 -78.06 85.58
N UNK WA 78 -15.99 -77.43 86.74
CA UNK WA 78 -16.98 -76.74 87.56
C UNK WA 78 -18.17 -77.63 87.93
N UNK WA 79 -17.91 -78.92 88.12
CA UNK WA 79 -18.95 -79.87 88.52
C UNK WA 79 -19.14 -79.80 90.02
N UNK WA 80 -18.11 -79.30 90.71
CA UNK WA 80 -18.18 -79.08 92.15
C UNK WA 80 -18.67 -77.66 92.42
N UNK WA 81 -18.87 -76.91 91.35
CA UNK WA 81 -19.38 -75.55 91.44
C UNK WA 81 -20.77 -75.48 90.82
N UNK WA 82 -21.43 -76.63 90.72
CA UNK WA 82 -22.76 -76.72 90.14
C UNK WA 82 -23.58 -77.84 90.76
N UNK WA 83 -22.89 -78.91 91.17
CA UNK WA 83 -23.55 -80.06 91.78
C UNK WA 83 -23.12 -80.25 93.23
N UNK WA 84 -21.82 -80.44 93.44
CA UNK WA 84 -21.29 -80.61 94.79
C UNK WA 84 -20.98 -79.25 95.43
N UNK WA 85 -22.04 -78.47 95.64
CA UNK WA 85 -21.91 -77.13 96.19
C UNK WA 85 -23.19 -76.74 96.92
N UNK WA 86 -24.22 -77.58 96.78
CA UNK WA 86 -25.52 -77.31 97.38
C UNK WA 86 -25.51 -77.58 98.89
N UNK WA 87 -25.31 -76.53 99.67
CA UNK WA 87 -25.33 -76.63 101.12
C UNK WA 87 -25.67 -75.29 101.76
N UNK WA 88 -25.71 -74.24 100.94
CA UNK WA 88 -25.99 -72.89 101.42
C UNK WA 88 -27.46 -72.71 101.77
N UNK WA 89 -30.17 -70.20 111.83
CA UNK WA 89 -30.87 -69.09 112.47
C UNK WA 89 -30.19 -68.72 113.79
N UNK WA 90 -30.49 -67.51 114.27
CA UNK WA 90 -29.97 -66.94 115.52
C UNK WA 90 -28.43 -66.93 115.58
N UNK WA 91 -27.87 -67.47 116.66
CA UNK WA 91 -26.43 -67.45 116.87
C UNK WA 91 -25.71 -68.49 116.02
N UNK WA 92 -26.46 -69.45 115.47
CA UNK WA 92 -25.87 -70.48 114.62
C UNK WA 92 -25.54 -69.90 113.25
N UNK WA 93 -26.48 -69.15 112.68
CA UNK WA 93 -26.28 -68.53 111.39
C UNK WA 93 -25.37 -67.31 111.51
N UNK WA 94 -25.41 -66.67 112.67
CA UNK WA 94 -24.56 -65.51 112.93
C UNK WA 94 -23.42 -65.90 113.88
N UNK WA 95 -22.75 -66.99 113.57
CA UNK WA 95 -21.64 -67.48 114.39
C UNK WA 95 -20.36 -66.73 114.05
N UNK WA 96 -19.35 -67.47 113.64
CA UNK WA 96 -18.10 -66.86 113.19
C UNK WA 96 -18.17 -66.59 111.69
N UNK WA 97 -17.05 -66.75 110.99
CA UNK WA 97 -17.03 -66.52 109.56
C UNK WA 97 -17.54 -67.73 108.80
N UNK WA 98 -18.84 -67.99 108.92
CA UNK WA 98 -19.49 -69.08 108.20
C UNK WA 98 -20.32 -68.52 107.06
N UNK WA 99 -20.73 -67.25 107.22
CA UNK WA 99 -21.47 -66.54 106.18
C UNK WA 99 -20.48 -65.95 105.18
N UNK WA 100 -19.22 -65.87 105.57
CA UNK WA 100 -18.16 -65.41 104.69
C UNK WA 100 -17.30 -66.59 104.25
N UNK WA 101 -17.67 -67.78 104.71
CA UNK WA 101 -16.96 -69.00 104.32
C UNK WA 101 -17.38 -69.40 102.92
N UNK WA 102 -18.66 -69.24 102.63
CA UNK WA 102 -19.20 -69.61 101.33
C UNK WA 102 -18.85 -68.56 100.28
N UNK WA 103 -19.21 -67.31 100.56
CA UNK WA 103 -19.12 -66.23 99.57
C UNK WA 103 -17.69 -65.81 99.20
N UNK WA 104 -16.70 -66.29 99.94
CA UNK WA 104 -15.31 -66.07 99.59
C UNK WA 104 -14.77 -67.24 98.79
N UNK WA 105 -15.65 -68.20 98.50
CA UNK WA 105 -15.28 -69.37 97.72
C UNK WA 105 -16.44 -69.85 96.85
N UNK WA 106 -17.51 -69.04 96.81
CA UNK WA 106 -18.69 -69.38 96.02
C UNK WA 106 -18.43 -69.17 94.54
N UNK WA 107 -19.12 -69.96 93.72
CA UNK WA 107 -19.03 -69.82 92.27
C UNK WA 107 -19.86 -68.63 91.82
N UNK WA 108 -19.76 -68.29 90.53
CA UNK WA 108 -20.49 -67.17 89.97
C UNK WA 108 -21.98 -67.50 89.89
N UNK WA 109 -22.29 -68.76 89.63
CA UNK WA 109 -23.68 -69.21 89.59
C UNK WA 109 -24.25 -69.25 91.00
N UNK WA 110 -23.38 -69.47 91.98
CA UNK WA 110 -23.79 -69.53 93.38
C UNK WA 110 -24.14 -68.14 93.90
N UNK WA 111 -23.58 -67.11 93.27
CA UNK WA 111 -23.85 -65.73 93.67
C UNK WA 111 -25.11 -65.21 93.00
N UNK WA 112 -25.64 -65.98 92.05
CA UNK WA 112 -26.87 -65.61 91.36
C UNK WA 112 -28.00 -66.58 91.67
N UNK WA 113 -27.69 -67.60 92.46
CA UNK WA 113 -28.70 -68.57 92.90
C UNK WA 113 -29.09 -68.31 94.34
N UNK WA 114 -28.09 -68.06 95.19
CA UNK WA 114 -28.33 -67.77 96.59
C UNK WA 114 -28.95 -66.39 96.75
N UNK WA 115 -28.60 -65.48 95.85
CA UNK WA 115 -29.17 -64.14 95.85
C UNK WA 115 -30.61 -64.19 95.36
N UNK WA 116 -30.90 -65.13 94.47
CA UNK WA 116 -32.25 -65.34 93.97
C UNK WA 116 -33.08 -66.06 95.03
N UNK WA 117 -32.39 -66.87 95.83
CA UNK WA 117 -33.05 -67.61 96.91
C UNK WA 117 -33.38 -66.68 98.07
N UNK WA 118 -32.44 -65.79 98.40
CA UNK WA 118 -32.61 -64.87 99.52
C UNK WA 118 -33.66 -63.81 99.20
N UNK WA 119 -33.80 -63.49 97.92
CA UNK WA 119 -34.84 -62.57 97.47
C UNK WA 119 -36.20 -63.24 97.59
N UNK WA 120 -36.22 -64.55 97.39
CA UNK WA 120 -37.45 -65.33 97.55
C UNK WA 120 -37.69 -65.59 99.03
N UNK WA 121 -36.60 -65.69 99.80
CA UNK WA 121 -36.70 -65.92 101.23
C UNK WA 121 -37.21 -64.68 101.94
N UNK WA 122 -36.84 -63.51 101.42
CA UNK WA 122 -37.31 -62.24 101.96
C UNK WA 122 -38.76 -62.00 101.54
N UNK WA 123 -39.14 -62.62 100.43
CA UNK WA 123 -40.52 -62.52 99.95
C UNK WA 123 -41.44 -63.40 100.79
N UNK WA 124 -40.87 -64.39 101.45
CA UNK WA 124 -41.62 -65.27 102.33
C UNK WA 124 -41.28 -65.00 103.79
N UNK WA 125 -40.64 -63.86 104.05
CA UNK WA 125 -40.28 -63.46 105.40
C UNK WA 125 -41.29 -62.47 105.96
N UNK WA 126 -42.43 -62.34 105.27
CA UNK WA 126 -43.48 -61.44 105.70
C UNK WA 126 -44.83 -61.90 105.17
N UNK WA 127 -44.94 -61.99 103.85
CA UNK WA 127 -46.17 -62.43 103.20
C UNK WA 127 -46.07 -63.89 102.80
N ASN WA 128 -55.62 12.02 64.13
CA ASN WA 128 -56.03 11.10 63.08
C ASN WA 128 -54.93 10.13 62.71
N VAL WA 129 -55.32 8.91 62.35
CA VAL WA 129 -54.41 7.91 61.80
C VAL WA 129 -54.98 7.47 60.46
N ILE WA 130 -54.19 7.64 59.40
CA ILE WA 130 -54.61 7.32 58.05
C ILE WA 130 -53.84 6.10 57.58
N ILE WA 131 -54.55 5.05 57.20
CA ILE WA 131 -53.93 3.81 56.75
C ILE WA 131 -54.41 3.54 55.32
N ASN WA 132 -53.52 2.98 54.52
CA ASN WA 132 -53.84 2.69 53.13
C ASN WA 132 -54.81 1.52 53.02
N GLU WA 133 -55.63 1.55 51.97
CA GLU WA 133 -56.55 0.48 51.65
C GLU WA 133 -56.22 -0.20 50.33
N LYS WA 134 -55.21 0.26 49.61
CA LYS WA 134 -54.85 -0.34 48.34
C LYS WA 134 -54.24 -1.72 48.53
N VAL WA 135 -54.53 -2.62 47.59
CA VAL WA 135 -53.86 -3.90 47.57
C VAL WA 135 -52.42 -3.71 47.09
N ASN WA 136 -51.57 -4.66 47.43
CA ASN WA 136 -50.17 -4.62 47.01
C ASN WA 136 -50.04 -5.40 45.70
N LYS WA 137 -49.89 -4.67 44.60
CA LYS WA 137 -49.84 -5.32 43.29
C LYS WA 137 -48.55 -6.11 43.10
N LYS WA 138 -47.47 -5.70 43.75
CA LYS WA 138 -46.23 -6.47 43.66
C LYS WA 138 -46.13 -7.56 44.71
N ASN WA 139 -46.66 -7.33 45.91
CA ASN WA 139 -46.61 -8.33 46.97
C ASN WA 139 -47.82 -9.25 46.98
N LEU WA 140 -48.71 -9.14 45.99
CA LEU WA 140 -49.75 -10.14 45.80
C LEU WA 140 -49.14 -11.48 45.40
N LYS WA 141 -47.99 -11.46 44.74
CA LYS WA 141 -47.33 -12.65 44.22
C LYS WA 141 -46.38 -13.27 45.23
N TYR WA 142 -46.31 -12.77 46.46
CA TYR WA 142 -45.60 -13.46 47.52
C TYR WA 142 -46.49 -14.33 48.38
N GLN WA 143 -47.79 -14.07 48.39
CA GLN WA 143 -48.73 -14.86 49.17
C GLN WA 143 -49.37 -15.95 48.32
N SER WA 144 -49.75 -17.04 48.97
CA SER WA 144 -50.36 -18.15 48.27
C SER WA 144 -51.75 -17.80 47.77
N SER WA 145 -52.13 -18.39 46.63
CA SER WA 145 -53.40 -18.04 46.00
C SER WA 145 -54.58 -18.63 46.76
N ALA WA 146 -54.45 -19.87 47.22
CA ALA WA 146 -55.54 -20.54 47.92
C ALA WA 146 -54.95 -21.57 48.86
N VAL WA 147 -55.80 -22.05 49.78
CA VAL WA 147 -55.42 -23.13 50.68
C VAL WA 147 -55.29 -24.40 49.85
N PRO WA 148 -54.15 -25.08 49.90
CA PRO WA 148 -53.95 -26.27 49.07
C PRO WA 148 -54.72 -27.47 49.60
N PHE WA 149 -54.69 -28.55 48.81
CA PHE WA 149 -55.37 -29.79 49.19
C PHE WA 149 -54.90 -30.43 50.50
N PRO WA 150 -53.60 -30.55 50.85
CA PRO WA 150 -53.26 -31.20 52.13
C PRO WA 150 -53.75 -30.46 53.38
N PHE WA 151 -54.17 -29.22 53.27
CA PHE WA 151 -54.81 -28.50 54.36
C PHE WA 151 -56.26 -28.22 53.95
N GLU WA 152 -56.99 -27.51 54.81
CA GLU WA 152 -58.37 -27.17 54.50
C GLU WA 152 -58.74 -25.72 54.77
N ASN WA 153 -58.04 -25.01 55.65
CA ASN WA 153 -58.46 -23.67 56.05
C ASN WA 153 -57.24 -22.77 56.15
N ARG WA 154 -57.50 -21.45 56.17
CA ARG WA 154 -56.42 -20.49 56.32
C ARG WA 154 -55.78 -20.58 57.70
N GLU WA 155 -56.57 -20.89 58.72
CA GLU WA 155 -56.03 -21.05 60.07
C GLU WA 155 -55.16 -22.30 60.18
N GLN WA 156 -55.51 -23.35 59.43
CA GLN WA 156 -54.69 -24.56 59.46
C GLN WA 156 -53.38 -24.36 58.71
N TYR WA 157 -53.42 -23.63 57.59
CA TYR WA 157 -52.21 -23.37 56.82
C TYR WA 157 -51.25 -22.46 57.57
N GLU WA 158 -51.78 -21.45 58.26
CA GLU WA 158 -50.92 -20.54 59.01
C GLU WA 158 -50.36 -21.21 60.26
N ARG WA 159 -51.04 -22.23 60.78
CA ARG WA 159 -50.56 -22.92 61.97
C ARG WA 159 -49.33 -23.75 61.67
N SER WA 160 -49.24 -24.31 60.46
CA SER WA 160 -48.01 -25.01 60.08
C SER WA 160 -46.89 -24.02 59.78
N LEU WA 161 -47.24 -22.83 59.31
CA LEU WA 161 -46.26 -21.82 58.96
C LEU WA 161 -45.97 -20.86 60.11
N ARG WA 162 -46.25 -21.26 61.35
CA ARG WA 162 -46.04 -20.35 62.48
C ARG WA 162 -44.56 -20.28 62.85
N MET WA 163 -43.97 -21.40 63.21
CA MET WA 163 -42.68 -21.39 63.88
C MET WA 163 -41.59 -21.51 62.81
N PRO WA 164 -40.62 -20.58 62.80
CA PRO WA 164 -39.53 -20.67 61.81
C PRO WA 164 -38.69 -21.93 61.96
N ILE WA 165 -38.13 -22.36 60.82
CA ILE WA 165 -37.64 -23.72 60.66
C ILE WA 165 -36.14 -23.81 60.90
N GLY WA 166 -35.39 -22.79 60.51
CA GLY WA 166 -33.95 -22.85 60.60
C GLY WA 166 -33.42 -22.78 62.02
N GLN WA 167 -32.11 -23.02 62.13
CA GLN WA 167 -31.44 -23.02 63.43
C GLN WA 167 -31.30 -21.62 64.02
N GLU WA 168 -31.53 -20.57 63.24
CA GLU WA 168 -31.41 -19.20 63.73
C GLU WA 168 -32.54 -18.82 64.68
N TRP WA 169 -33.58 -19.64 64.79
CA TRP WA 169 -34.71 -19.36 65.67
C TRP WA 169 -35.08 -20.53 66.57
N THR WA 170 -34.44 -21.68 66.43
CA THR WA 170 -34.72 -22.85 67.25
C THR WA 170 -33.43 -23.40 67.83
N SER WA 171 -33.55 -24.10 68.95
CA SER WA 171 -32.43 -24.84 69.50
C SER WA 171 -32.17 -26.07 68.64
N ARG WA 172 -30.95 -26.62 68.78
CA ARG WA 172 -30.49 -27.64 67.84
C ARG WA 172 -31.24 -28.95 67.99
N ALA WA 173 -31.56 -29.35 69.22
CA ALA WA 173 -32.36 -30.56 69.42
C ALA WA 173 -33.79 -30.34 68.96
N SER WA 174 -34.32 -29.13 69.14
CA SER WA 174 -35.60 -28.80 68.53
C SER WA 174 -35.47 -28.65 67.03
N HIS WA 175 -34.30 -28.26 66.54
CA HIS WA 175 -34.08 -28.22 65.10
C HIS WA 175 -34.06 -29.62 64.51
N GLN WA 176 -33.29 -30.53 65.12
CA GLN WA 176 -33.17 -31.89 64.57
C GLN WA 176 -34.46 -32.71 64.73
N GLU WA 177 -35.37 -32.26 65.60
CA GLU WA 177 -36.69 -32.88 65.63
C GLU WA 177 -37.49 -32.52 64.37
N LEU WA 178 -37.38 -31.26 63.90
CA LEU WA 178 -38.19 -30.90 62.75
C LEU WA 178 -37.49 -31.26 61.45
N ILE WA 179 -36.18 -31.54 61.50
CA ILE WA 179 -35.51 -31.95 60.28
C ILE WA 179 -35.19 -33.45 60.28
N LYS WA 180 -36.09 -34.20 59.66
CA LYS WA 180 -35.97 -35.63 59.36
C LYS WA 180 -37.01 -35.93 58.29
N PRO WA 181 -36.62 -36.52 57.17
CA PRO WA 181 -37.61 -36.87 56.14
C PRO WA 181 -38.45 -38.07 56.56
N ARG WA 182 -39.59 -38.21 55.90
CA ARG WA 182 -40.49 -39.32 56.19
C ARG WA 182 -39.87 -40.65 55.80
N ILE WA 183 -39.35 -40.73 54.58
CA ILE WA 183 -38.52 -41.86 54.22
C ILE WA 183 -37.10 -41.61 54.73
N MET WA 184 -36.50 -42.64 55.33
CA MET WA 184 -35.37 -42.40 56.20
C MET WA 184 -34.19 -43.23 55.70
N THR WA 185 -33.03 -42.59 55.58
CA THR WA 185 -31.99 -43.00 54.64
C THR WA 185 -30.92 -43.89 55.24
N LYS WA 186 -30.31 -44.68 54.36
CA LYS WA 186 -29.08 -45.45 54.50
C LYS WA 186 -28.60 -45.73 53.07
N PRO WA 187 -27.38 -45.31 52.69
CA PRO WA 187 -27.04 -45.23 51.26
C PRO WA 187 -26.88 -46.54 50.50
N GLY WA 188 -26.03 -47.44 50.99
CA GLY WA 188 -25.66 -48.60 50.20
C GLY WA 188 -25.92 -49.95 50.82
N GLN WA 189 -27.07 -50.11 51.46
CA GLN WA 189 -27.39 -51.35 52.16
C GLN WA 189 -28.48 -52.14 51.42
N VAL WA 190 -28.43 -53.46 51.54
CA VAL WA 190 -29.43 -54.31 50.92
C VAL WA 190 -30.74 -54.20 51.70
N ILE WA 191 -31.82 -53.84 51.02
CA ILE WA 191 -33.13 -53.74 51.66
C ILE WA 191 -34.02 -54.83 51.08
N ASP WA 192 -35.10 -55.11 51.78
CA ASP WA 192 -35.88 -56.31 51.53
C ASP WA 192 -37.32 -55.95 51.90
N PRO WA 193 -38.29 -56.31 51.06
CA PRO WA 193 -39.71 -56.09 51.42
C PRO WA 193 -40.10 -56.86 52.67
N LEU WA 194 -40.86 -56.19 53.53
CA LEU WA 194 -41.01 -56.59 54.92
C LEU WA 194 -41.84 -57.87 55.04
N LYS WA 195 -41.55 -58.63 56.10
CA LYS WA 195 -41.98 -60.02 56.19
C LYS WA 195 -42.90 -60.31 57.37
N ALA WA 196 -43.01 -59.41 58.34
CA ALA WA 196 -43.72 -59.72 59.57
C ALA WA 196 -45.23 -59.65 59.35
N PRO WA 197 -45.97 -60.75 59.59
CA PRO WA 197 -47.42 -60.79 59.39
C PRO WA 197 -48.20 -60.55 60.68
N GLN XA 5 -0.26 58.95 -20.76
CA GLN XA 5 -0.02 58.25 -22.01
C GLN XA 5 -1.23 58.34 -22.93
N LEU XA 6 -2.42 58.08 -22.34
CA LEU XA 6 -3.64 58.09 -23.14
C LEU XA 6 -4.03 59.48 -23.60
N LYS XA 7 -3.83 60.49 -22.75
CA LYS XA 7 -4.09 61.86 -23.19
C LYS XA 7 -3.03 62.37 -24.15
N ASN XA 8 -1.84 61.76 -24.18
CA ASN XA 8 -0.86 62.03 -25.22
C ASN XA 8 -1.22 61.32 -26.53
N LEU XA 9 -2.20 60.43 -26.50
CA LEU XA 9 -2.52 59.56 -27.62
C LEU XA 9 -3.96 59.69 -28.09
N LYS XA 10 -4.85 60.22 -27.25
CA LYS XA 10 -6.25 60.41 -27.64
C LYS XA 10 -6.40 61.50 -28.69
N ALA XA 11 -5.46 62.44 -28.77
CA ALA XA 11 -5.57 63.54 -29.73
C ALA XA 11 -5.38 63.05 -31.16
N ALA XA 12 -4.57 61.99 -31.34
CA ALA XA 12 -4.32 61.48 -32.68
C ALA XA 12 -5.53 60.73 -33.23
N LEU XA 13 -6.17 59.90 -32.40
CA LEU XA 13 -7.31 59.13 -32.86
C LEU XA 13 -8.58 59.97 -33.02
N LYS XA 14 -8.71 61.06 -32.26
CA LYS XA 14 -9.85 61.95 -32.42
C LYS XA 14 -9.68 62.93 -33.57
N ALA XA 15 -8.47 63.03 -34.14
CA ALA XA 15 -8.31 63.81 -35.36
C ALA XA 15 -8.88 63.09 -36.57
N ARG XA 16 -8.97 61.77 -36.51
CA ARG XA 16 -9.52 60.97 -37.60
C ARG XA 16 -10.52 59.94 -37.09
N GLU XA 43 -10.44 53.73 -46.66
CA GLU XA 43 -10.88 55.05 -46.18
C GLU XA 43 -10.13 55.42 -44.91
N LYS XA 44 -10.53 54.84 -43.78
CA LYS XA 44 -9.88 55.06 -42.50
C LYS XA 44 -8.87 53.97 -42.16
N LYS XA 45 -8.63 53.01 -43.05
CA LYS XA 45 -7.76 51.89 -42.73
C LYS XA 45 -6.29 52.31 -42.71
N LYS XA 46 -5.89 53.20 -43.62
CA LYS XA 46 -4.51 53.67 -43.61
C LYS XA 46 -4.26 54.63 -42.46
N ALA XA 47 -5.29 55.35 -42.02
CA ALA XA 47 -5.14 56.22 -40.86
C ALA XA 47 -5.08 55.43 -39.57
N ILE XA 48 -5.70 54.25 -39.54
CA ILE XA 48 -5.75 53.47 -38.31
C ILE XA 48 -4.50 52.59 -38.17
N ALA XA 49 -3.77 52.38 -39.26
CA ALA XA 49 -2.54 51.61 -39.19
C ALA XA 49 -1.32 52.51 -39.01
N GLU XA 50 -1.41 53.75 -39.50
CA GLU XA 50 -0.34 54.72 -39.27
C GLU XA 50 -0.32 55.11 -37.80
N ILE XA 51 -1.51 55.21 -37.18
CA ILE XA 51 -1.62 55.39 -35.74
C ILE XA 51 -1.11 54.16 -35.00
N ARG XA 52 -1.40 52.97 -35.54
CA ARG XA 52 -0.92 51.73 -34.93
C ARG XA 52 0.60 51.58 -35.07
N GLU XA 53 1.17 52.18 -36.12
CA GLU XA 53 2.61 52.06 -36.34
C GLU XA 53 3.39 52.96 -35.38
N GLU XA 54 2.89 54.16 -35.10
CA GLU XA 54 3.65 55.08 -34.25
C GLU XA 54 3.51 54.72 -32.77
N PHE XA 55 2.34 54.22 -32.36
CA PHE XA 55 2.02 54.07 -30.95
C PHE XA 55 2.30 52.67 -30.42
N ASN XA 56 2.99 51.84 -31.20
CA ASN XA 56 3.55 50.59 -30.70
C ASN XA 56 5.07 50.77 -30.70
N PRO XA 57 5.63 51.47 -29.73
CA PRO XA 57 7.04 51.86 -29.82
C PRO XA 57 8.02 50.75 -29.50
N PHE XA 58 7.54 49.63 -28.97
CA PHE XA 58 8.43 48.53 -28.62
C PHE XA 58 8.84 47.69 -29.82
N GLU XA 59 8.19 47.86 -30.97
CA GLU XA 59 8.61 47.19 -32.19
C GLU XA 59 9.73 47.93 -32.91
N ILE XA 60 10.06 49.15 -32.49
CA ILE XA 60 11.15 49.94 -33.07
C ILE XA 60 12.17 50.20 -31.98
N LYS XA 61 13.40 49.77 -32.20
CA LYS XA 61 14.46 49.98 -31.23
C LYS XA 61 15.10 51.34 -31.48
N ALA XA 62 15.49 52.00 -30.38
CA ALA XA 62 16.10 53.33 -30.47
C ALA XA 62 17.23 53.43 -29.46
N ALA XA 63 18.11 54.40 -29.69
CA ALA XA 63 19.28 54.60 -28.85
C ALA XA 63 19.44 56.08 -28.55
N ARG XA 64 20.14 56.38 -27.46
CA ARG XA 64 20.31 57.74 -26.98
C ARG XA 64 21.18 58.56 -27.92
N ASN XA 65 20.85 59.84 -28.05
CA ASN XA 65 21.61 60.74 -28.89
C ASN XA 65 22.94 61.11 -28.26
N LYS XA 66 23.91 61.46 -29.10
CA LYS XA 66 25.25 61.80 -28.62
C LYS XA 66 25.84 62.93 -29.45
N ARG XA 78 15.99 60.40 -28.39
CA ARG XA 78 16.52 59.14 -28.91
C ARG XA 78 16.12 58.93 -30.37
N ILE XA 79 17.00 58.30 -31.14
CA ILE XA 79 16.82 58.11 -32.57
C ILE XA 79 16.65 56.62 -32.84
N ALA XA 80 15.69 56.29 -33.71
CA ALA XA 80 15.42 54.91 -34.07
C ALA XA 80 16.59 54.31 -34.86
N VAL XA 81 16.92 53.05 -34.55
CA VAL XA 81 18.05 52.37 -35.15
C VAL XA 81 17.63 51.13 -35.94
N GLY XA 82 16.69 50.34 -35.43
CA GLY XA 82 16.31 49.12 -36.11
C GLY XA 82 14.93 48.66 -35.72
N LYS XA 83 14.47 47.62 -36.43
CA LYS XA 83 13.13 47.06 -36.25
C LYS XA 83 13.27 45.60 -35.82
N PRO XA 84 13.28 45.32 -34.53
CA PRO XA 84 13.36 43.91 -34.09
C PRO XA 84 12.10 43.11 -34.37
N GLY XA 85 10.96 43.79 -34.49
CA GLY XA 85 9.72 43.09 -34.78
C GLY XA 85 9.59 42.65 -36.22
N ILE XA 86 10.35 43.26 -37.13
CA ILE XA 86 10.28 42.91 -38.54
C ILE XA 86 11.44 42.02 -38.95
N SER XA 87 12.63 42.28 -38.42
CA SER XA 87 13.82 41.53 -38.84
C SER XA 87 13.81 40.13 -38.26
N LYS XA 88 13.23 39.94 -37.07
CA LYS XA 88 13.10 38.59 -36.52
C LYS XA 88 12.06 37.77 -37.27
N GLN XA 89 11.07 38.43 -37.87
CA GLN XA 89 10.13 37.74 -38.74
C GLN XA 89 10.81 37.31 -40.04
N ILE XA 90 11.69 38.18 -40.55
CA ILE XA 90 12.43 37.88 -41.77
C ILE XA 90 13.44 36.75 -41.52
N GLY XA 91 14.13 36.81 -40.38
CA GLY XA 91 15.10 35.77 -40.06
C GLY XA 91 14.47 34.42 -39.78
N GLU XA 92 13.29 34.41 -39.17
CA GLU XA 92 12.62 33.14 -38.89
C GLU XA 92 12.06 32.51 -40.16
N GLU XA 93 11.46 33.33 -41.03
CA GLU XA 93 10.86 32.78 -42.26
C GLU XA 93 11.93 32.41 -43.27
N GLN XA 94 13.12 33.00 -43.18
CA GLN XA 94 14.23 32.54 -44.01
C GLN XA 94 14.73 31.18 -43.53
N ARG XA 95 14.74 30.97 -42.22
CA ARG XA 95 15.12 29.67 -41.67
C ARG XA 95 14.07 28.61 -42.00
N LYS XA 96 12.79 29.01 -42.04
CA LYS XA 96 11.74 28.07 -42.41
C LYS XA 96 11.83 27.69 -43.87
N ARG XA 97 12.18 28.65 -44.74
CA ARG XA 97 12.34 28.36 -46.16
C ARG XA 97 13.57 27.50 -46.41
N ALA XA 98 14.63 27.69 -45.62
CA ALA XA 98 15.81 26.85 -45.75
C ALA XA 98 15.56 25.45 -45.20
N PHE XA 99 14.76 25.36 -44.12
CA PHE XA 99 14.46 24.04 -43.56
C PHE XA 99 13.47 23.28 -44.44
N GLU XA 100 12.52 24.00 -45.04
CA GLU XA 100 11.57 23.35 -45.96
C GLU XA 100 12.27 22.89 -47.23
N ALA XA 101 13.33 23.59 -47.64
CA ALA XA 101 14.17 23.11 -48.73
C ALA XA 101 14.93 21.86 -48.32
N ARG XA 102 15.33 21.78 -47.05
CA ARG XA 102 16.00 20.58 -46.56
C ARG XA 102 14.99 19.45 -46.33
N LYS XA 103 13.72 19.80 -46.09
CA LYS XA 103 12.71 18.77 -45.86
C LYS XA 103 12.31 18.08 -47.15
N MET XA 104 12.33 18.80 -48.26
CA MET XA 104 11.94 18.24 -49.56
C MET XA 104 13.10 17.67 -50.36
N MET XA 105 14.33 17.78 -49.85
CA MET XA 105 15.50 17.40 -50.65
C MET XA 105 15.89 15.94 -50.42
N LYS XA 106 16.09 15.53 -49.16
CA LYS XA 106 16.87 14.32 -48.91
C LYS XA 106 16.11 13.02 -49.17
N ASN XA 107 14.81 13.07 -49.43
CA ASN XA 107 14.05 11.85 -49.66
C ASN XA 107 14.18 11.31 -51.08
N LYS XA 108 14.84 12.04 -51.98
CA LYS XA 108 15.00 11.64 -53.36
C LYS XA 108 16.40 11.96 -53.86
N ARG XA 109 16.67 11.55 -55.11
CA ARG XA 109 17.84 12.02 -55.85
C ARG XA 109 17.45 12.80 -57.09
N GLY XA 110 16.63 12.21 -57.96
CA GLY XA 110 16.36 12.78 -59.26
C GLY XA 110 15.46 13.99 -59.20
N GLY XA 111 15.48 14.75 -60.29
CA GLY XA 111 14.67 15.95 -60.39
C GLY XA 111 14.61 16.42 -61.83
N VAL XA 112 13.68 17.32 -62.07
CA VAL XA 112 13.50 17.86 -63.41
C VAL XA 112 14.61 18.87 -63.69
N ILE XA 113 15.37 18.64 -64.75
CA ILE XA 113 16.44 19.54 -65.17
C ILE XA 113 15.89 20.38 -66.32
N ASP XA 114 15.76 21.68 -66.09
CA ASP XA 114 15.17 22.59 -67.04
C ASP XA 114 16.19 23.64 -67.46
N LYS XA 115 16.14 24.03 -68.73
CA LYS XA 115 17.01 25.06 -69.27
C LYS XA 115 16.22 25.97 -70.18
N ARG XA 116 16.71 27.19 -70.36
CA ARG XA 116 16.06 28.18 -71.22
C ARG XA 116 17.06 28.84 -72.16
N UNK XA 277 27.40 65.26 -62.04
CA UNK XA 277 27.98 66.38 -61.31
C UNK XA 277 29.44 66.60 -61.70
N UNK XA 278 30.22 67.15 -60.78
CA UNK XA 278 31.63 67.41 -61.02
C UNK XA 278 32.46 66.15 -60.76
N UNK XA 279 31.83 65.15 -60.14
CA UNK XA 279 32.48 63.86 -59.89
C UNK XA 279 32.66 63.13 -61.21
N UNK XA 280 31.71 63.31 -62.12
CA UNK XA 280 31.81 62.77 -63.47
C UNK XA 280 32.85 63.56 -64.26
N UNK XA 281 32.96 64.84 -63.92
CA UNK XA 281 34.00 65.69 -64.50
C UNK XA 281 35.35 65.32 -63.90
N UNK XA 282 35.34 64.85 -62.66
CA UNK XA 282 36.54 64.38 -61.99
C UNK XA 282 36.92 63.01 -62.55
N UNK XA 283 35.92 62.23 -62.93
CA UNK XA 283 36.13 60.91 -63.49
C UNK XA 283 36.71 61.01 -64.90
N UNK XA 284 36.14 61.90 -65.70
CA UNK XA 284 36.54 62.06 -67.09
C UNK XA 284 37.89 62.79 -67.22
N UNK XA 285 38.31 63.46 -66.16
CA UNK XA 285 39.59 64.17 -66.16
C UNK XA 285 40.76 63.19 -66.10
N UNK XA 286 40.50 61.99 -65.57
CA UNK XA 286 41.50 60.94 -65.51
C UNK XA 286 41.26 59.89 -66.59
N UNK XA 287 39.99 59.76 -66.99
CA UNK XA 287 39.60 58.79 -68.00
C UNK XA 287 40.09 59.19 -69.37
N UNK XA 288 39.98 60.48 -69.69
CA UNK XA 288 40.46 61.00 -70.96
C UNK XA 288 41.98 61.16 -70.91
N UNK XA 289 42.52 61.24 -69.70
CA UNK XA 289 43.95 61.39 -69.49
C UNK XA 289 44.72 60.13 -69.89
N UNK XA 290 44.43 59.03 -69.23
CA UNK XA 290 45.17 57.78 -69.45
C UNK XA 290 44.75 57.04 -70.72
N UNK XA 291 43.73 57.54 -71.41
CA UNK XA 291 43.27 56.93 -72.65
C UNK XA 291 44.27 57.16 -73.78
N UNK XA 292 44.55 58.42 -74.07
CA UNK XA 292 45.45 58.77 -75.16
C UNK XA 292 46.90 58.83 -74.68
N UNK XA 293 47.11 58.74 -73.38
CA UNK XA 293 48.46 58.62 -72.84
C UNK XA 293 48.94 57.19 -73.03
N UNK XA 294 48.00 56.26 -73.08
CA UNK XA 294 48.28 54.87 -73.41
C UNK XA 294 48.63 54.79 -74.90
N UNK XA 295 48.00 55.65 -75.69
CA UNK XA 295 48.32 55.79 -77.10
C UNK XA 295 49.67 56.49 -77.23
N UNK XA 296 49.97 57.37 -76.29
CA UNK XA 296 51.25 58.05 -76.24
C UNK XA 296 52.32 57.10 -75.71
N UNK XA 297 51.89 56.13 -74.90
CA UNK XA 297 52.79 55.08 -74.44
C UNK XA 297 53.04 54.09 -75.58
N UNK XA 298 52.06 53.96 -76.46
CA UNK XA 298 52.18 53.07 -77.61
C UNK XA 298 52.56 53.86 -78.85
N UNK XA 299 52.89 55.13 -78.67
CA UNK XA 299 53.33 55.97 -79.78
C UNK XA 299 54.73 55.58 -80.20
N UNK XA 300 55.59 55.34 -79.22
CA UNK XA 300 56.98 54.96 -79.48
C UNK XA 300 57.19 53.48 -79.20
N UNK XA 301 56.11 52.71 -79.21
CA UNK XA 301 56.21 51.26 -79.05
C UNK XA 301 56.60 50.62 -80.38
N UNK XA 302 56.17 51.26 -81.46
CA UNK XA 302 56.48 50.77 -82.81
C UNK XA 302 57.34 51.79 -83.55
N UNK XA 303 57.44 53.00 -83.00
CA UNK XA 303 58.29 54.03 -83.59
C UNK XA 303 59.74 53.80 -83.21
N UNK XA 304 59.95 53.06 -82.12
CA UNK XA 304 61.30 52.67 -81.72
C UNK XA 304 61.71 51.43 -82.51
N UNK XA 305 60.72 50.76 -83.09
CA UNK XA 305 60.97 49.61 -83.96
C UNK XA 305 61.43 50.08 -85.33
N UNK XA 306 61.15 51.34 -85.64
CA UNK XA 306 61.61 51.96 -86.87
C UNK XA 306 62.98 52.60 -86.67
N UNK XA 307 63.54 52.39 -85.48
CA UNK XA 307 64.92 52.76 -85.19
C UNK XA 307 65.67 51.52 -84.73
N UNK XA 308 64.98 50.39 -84.81
CA UNK XA 308 65.57 49.11 -84.44
C UNK XA 308 65.65 48.18 -85.65
N UNK XA 309 64.71 48.34 -86.57
CA UNK XA 309 64.73 47.60 -87.82
C UNK XA 309 65.31 48.46 -88.92
N UNK XA 310 65.86 49.61 -88.52
CA UNK XA 310 66.53 50.52 -89.44
C UNK XA 310 67.96 50.77 -88.98
N UNK XA 311 68.27 50.32 -87.77
CA UNK XA 311 69.63 50.41 -87.24
C UNK XA 311 70.44 49.24 -87.76
N UNK XA 312 69.75 48.19 -88.18
CA UNK XA 312 70.39 47.04 -88.81
C UNK XA 312 70.25 47.15 -90.32
N UNK XA 313 69.26 47.91 -90.75
CA UNK XA 313 69.03 48.15 -92.18
C UNK XA 313 69.96 49.26 -92.69
N UNK XA 314 70.51 50.04 -91.76
CA UNK XA 314 71.52 51.02 -92.10
C UNK XA 314 72.80 50.30 -92.48
N UNK XA 315 73.04 49.18 -91.81
CA UNK XA 315 74.14 48.30 -92.16
C UNK XA 315 73.61 47.13 -92.99
N UNK XA 316 73.06 47.44 -94.16
CA UNK XA 316 72.50 46.43 -95.04
C UNK XA 316 72.60 46.86 -96.50
N UNK XA 317 71.50 46.74 -97.23
CA UNK XA 317 71.47 47.08 -98.65
C UNK XA 317 71.39 48.59 -98.86
N UNK XA 318 71.01 49.31 -97.82
CA UNK XA 318 70.97 50.77 -97.86
C UNK XA 318 72.39 51.32 -97.81
N UNK XA 319 73.30 50.55 -97.21
CA UNK XA 319 74.71 50.92 -97.14
C UNK XA 319 75.40 50.68 -98.47
N UNK XA 320 74.87 49.73 -99.25
CA UNK XA 320 75.46 49.34 -100.53
C UNK XA 320 75.34 50.46 -101.57
N UNK XA 321 74.23 51.18 -101.52
CA UNK XA 321 74.03 52.33 -102.40
C UNK XA 321 74.76 53.54 -101.83
N UNK XA 322 75.11 53.47 -100.55
CA UNK XA 322 75.85 54.52 -99.89
C UNK XA 322 77.36 54.28 -99.98
N UNK XA 323 77.72 53.09 -100.46
CA UNK XA 323 79.13 52.73 -100.61
C UNK XA 323 79.62 53.02 -102.02
N UNK XA 324 78.76 52.81 -103.01
CA UNK XA 324 79.10 53.04 -104.41
C UNK XA 324 78.73 54.45 -104.84
N UNK XA 325 78.25 55.25 -103.90
CA UNK XA 325 77.87 56.63 -104.17
C UNK XA 325 79.11 57.50 -104.31
N UNK XA 326 79.61 57.63 -105.53
CA UNK XA 326 80.77 58.46 -105.81
C UNK XA 326 80.33 59.76 -106.48
N UNK XA 327 79.03 60.04 -106.41
CA UNK XA 327 78.47 61.24 -107.02
C UNK XA 327 77.89 62.16 -105.95
N UNK XA 328 77.29 63.26 -106.40
CA UNK XA 328 76.68 64.22 -105.48
C UNK XA 328 75.29 64.62 -105.96
N UNK XA 329 82.72 77.46 -104.69
CA UNK XA 329 83.46 78.34 -103.81
C UNK XA 329 83.78 79.67 -104.51
N UNK XA 330 82.87 80.09 -105.39
CA UNK XA 330 83.05 81.34 -106.11
C UNK XA 330 82.56 82.52 -105.28
N UNK XA 331 81.77 82.23 -104.25
CA UNK XA 331 81.24 83.25 -103.37
C UNK XA 331 82.13 83.42 -102.14
N UNK XA 332 83.32 82.83 -102.20
CA UNK XA 332 84.30 82.96 -101.14
C UNK XA 332 85.10 84.24 -101.30
N UNK XA 333 84.96 84.88 -102.46
CA UNK XA 333 85.61 86.16 -102.72
C UNK XA 333 84.91 87.27 -101.94
N UNK XA 334 83.62 87.09 -101.70
CA UNK XA 334 82.88 87.98 -100.83
C UNK XA 334 83.18 87.64 -99.38
N UNK XA 335 83.56 86.38 -99.15
CA UNK XA 335 84.00 85.94 -97.84
C UNK XA 335 85.48 86.24 -97.66
N UNK XA 336 86.16 86.54 -98.76
CA UNK XA 336 87.54 87.00 -98.71
C UNK XA 336 87.56 88.44 -98.22
N UNK XA 337 86.46 89.16 -98.48
CA UNK XA 337 86.29 90.51 -97.97
C UNK XA 337 86.03 90.47 -96.47
N UNK XA 338 85.51 89.35 -95.99
CA UNK XA 338 85.34 89.12 -94.56
C UNK XA 338 86.58 88.44 -93.98
N UNK XA 339 87.57 88.18 -94.83
CA UNK XA 339 88.82 87.57 -94.41
C UNK XA 339 90.00 88.50 -94.68
N UNK XA 340 89.70 89.71 -95.16
CA UNK XA 340 90.74 90.71 -95.42
C UNK XA 340 90.25 92.10 -95.01
N UNK XA 341 89.47 92.15 -93.94
CA UNK XA 341 89.00 93.42 -93.41
C UNK XA 341 89.48 93.61 -91.97
N UNK XA 342 89.61 92.50 -91.26
CA UNK XA 342 90.04 92.54 -89.87
C UNK XA 342 91.27 91.66 -89.65
N UNK XA 343 91.67 90.92 -90.68
CA UNK XA 343 92.83 90.04 -90.59
C UNK XA 343 94.12 90.84 -90.67
N UNK XA 344 94.06 92.00 -91.32
CA UNK XA 344 95.22 92.85 -91.49
C UNK XA 344 95.44 93.73 -90.26
N UNK XA 345 95.41 95.04 -90.47
CA UNK XA 345 95.65 95.99 -89.38
C UNK XA 345 94.35 96.56 -88.83
N UNK XA 346 93.63 95.74 -88.07
CA UNK XA 346 92.38 96.17 -87.46
C UNK XA 346 92.20 95.53 -86.08
N UNK XA 347 92.21 96.37 -85.04
CA UNK XA 347 92.06 95.89 -83.68
C UNK XA 347 90.60 95.75 -83.30
N UNK XA 348 90.26 96.15 -82.08
CA UNK XA 348 88.89 96.04 -81.59
C UNK XA 348 88.51 97.23 -80.72
N UNK XA 349 87.26 97.26 -80.29
CA UNK XA 349 86.75 98.34 -79.44
C UNK XA 349 85.60 97.85 -78.58
N UNK XA 350 85.62 98.23 -77.31
CA UNK XA 350 84.56 97.83 -76.38
C UNK XA 350 84.00 99.03 -75.64
N UNK XA 351 84.41 100.22 -76.04
CA UNK XA 351 83.90 101.46 -75.47
C UNK XA 351 82.49 101.71 -75.97
N UNK XA 352 81.60 102.14 -75.07
CA UNK XA 352 80.21 102.37 -75.44
C UNK XA 352 79.55 103.44 -74.58
N UNK XA 353 78.56 103.04 -73.79
CA UNK XA 353 77.77 103.99 -73.00
C UNK XA 353 78.55 104.51 -71.79
N UNK XA 354 78.40 105.80 -71.52
CA UNK XA 354 79.06 106.44 -70.39
C UNK XA 354 78.31 107.71 -69.98
N UNK XA 355 76.98 107.67 -70.12
CA UNK XA 355 76.15 108.82 -69.79
C UNK XA 355 76.04 108.99 -68.27
N UNK XA 356 76.77 109.96 -67.75
CA UNK XA 356 76.78 110.22 -66.31
C UNK XA 356 75.95 111.45 -65.96
N UNK XA 357 74.87 111.66 -66.69
CA UNK XA 357 73.99 112.80 -66.46
C UNK XA 357 73.17 112.61 -65.19
N UNK XA 358 72.90 111.35 -64.86
CA UNK XA 358 72.15 111.02 -63.66
C UNK XA 358 72.54 109.63 -63.15
N UNK XA 359 73.60 109.07 -63.73
CA UNK XA 359 74.08 107.76 -63.36
C UNK XA 359 75.23 107.85 -62.36
N UNK XA 360 75.88 109.01 -62.31
CA UNK XA 360 77.01 109.22 -61.43
C UNK XA 360 76.58 109.72 -60.07
N UNK XA 361 75.41 110.37 -60.03
CA UNK XA 361 74.90 110.93 -58.78
C UNK XA 361 74.26 109.86 -57.90
N UNK XA 362 73.88 108.74 -58.50
CA UNK XA 362 73.21 107.68 -57.76
C UNK XA 362 74.13 106.48 -57.56
N UNK XA 363 75.37 106.60 -58.03
CA UNK XA 363 76.34 105.51 -57.89
C UNK XA 363 77.11 105.64 -56.57
N UNK XA 364 77.59 106.85 -56.29
CA UNK XA 364 78.37 107.11 -55.09
C UNK XA 364 77.48 107.28 -53.86
N UNK XA 365 76.23 107.70 -54.09
CA UNK XA 365 75.27 107.88 -53.01
C UNK XA 365 74.82 106.53 -52.46
N UNK XA 366 74.64 105.56 -53.35
CA UNK XA 366 74.30 104.20 -52.95
C UNK XA 366 75.53 103.52 -52.37
N UNK XA 367 76.71 103.91 -52.85
CA UNK XA 367 77.96 103.36 -52.34
C UNK XA 367 78.24 103.91 -50.94
N UNK XA 368 77.78 105.13 -50.68
CA UNK XA 368 77.91 105.73 -49.36
C UNK XA 368 76.77 105.25 -48.46
N UNK XA 369 75.80 104.58 -49.07
CA UNK XA 369 74.74 103.90 -48.33
C UNK XA 369 75.07 102.41 -48.24
N UNK XA 370 76.30 102.07 -48.59
CA UNK XA 370 76.76 100.68 -48.55
C UNK XA 370 78.10 100.57 -47.84
N UNK XA 371 79.12 101.24 -48.37
CA UNK XA 371 80.47 101.18 -47.82
C UNK XA 371 80.59 101.93 -46.50
N UNK XA 372 79.67 102.85 -46.26
CA UNK XA 372 79.57 103.54 -44.98
C UNK XA 372 78.39 102.99 -44.20
N UNK XA 373 77.94 101.80 -44.59
CA UNK XA 373 76.80 101.16 -43.95
C UNK XA 373 77.16 99.75 -43.51
N UNK XA 374 77.80 99.00 -44.40
CA UNK XA 374 78.19 97.63 -44.11
C UNK XA 374 79.31 97.59 -43.08
N UNK XA 375 80.14 98.62 -43.09
CA UNK XA 375 81.18 98.77 -42.08
C UNK XA 375 80.58 99.38 -40.82
N UNK XA 376 79.43 100.04 -40.98
CA UNK XA 376 78.74 100.66 -39.86
C UNK XA 376 77.85 99.64 -39.15
N UNK XA 377 77.37 98.67 -39.91
CA UNK XA 377 76.56 97.60 -39.34
C UNK XA 377 77.44 96.66 -38.54
N UNK XA 378 78.67 96.47 -39.01
CA UNK XA 378 79.63 95.62 -38.34
C UNK XA 378 80.38 96.41 -37.26
N UNK XA 379 80.09 97.71 -37.17
CA UNK XA 379 80.66 98.55 -36.13
C UNK XA 379 79.92 98.33 -34.81
N UNK XA 380 78.68 97.85 -34.91
CA UNK XA 380 77.88 97.58 -33.74
C UNK XA 380 77.42 96.12 -33.73
N UNK XA 381 77.74 95.40 -34.80
CA UNK XA 381 77.39 93.98 -34.91
C UNK XA 381 78.36 93.27 -35.85
N UNK XA 382 109.66 90.45 -58.05
CA UNK XA 382 109.01 89.20 -58.46
C UNK XA 382 109.15 88.16 -57.36
N UNK XA 383 110.31 88.14 -56.71
CA UNK XA 383 110.58 87.18 -55.65
C UNK XA 383 110.04 87.67 -54.30
N UNK XA 384 110.43 86.98 -53.24
CA UNK XA 384 109.91 87.29 -51.91
C UNK XA 384 111.01 87.76 -50.96
N UNK XA 385 110.60 88.20 -49.78
CA UNK XA 385 111.48 88.67 -48.68
C UNK XA 385 112.43 89.79 -49.10
N UNK XA 386 113.72 89.50 -49.08
CA UNK XA 386 114.74 90.50 -49.42
C UNK XA 386 115.44 90.14 -50.72
N UNK XA 387 114.86 89.21 -51.48
CA UNK XA 387 115.44 88.80 -52.75
C UNK XA 387 115.14 89.84 -53.83
N UNK XA 388 113.85 90.13 -54.02
CA UNK XA 388 113.44 91.13 -55.00
C UNK XA 388 113.44 92.51 -54.38
N UNK XA 389 113.66 92.57 -53.07
CA UNK XA 389 113.76 93.84 -52.36
C UNK XA 389 115.20 94.36 -52.40
N UNK XA 390 116.08 93.58 -53.01
CA UNK XA 390 117.46 94.00 -53.25
C UNK XA 390 117.74 93.99 -54.74
N UNK XA 391 116.98 93.18 -55.48
CA UNK XA 391 117.14 93.08 -56.93
C UNK XA 391 116.57 94.32 -57.61
N UNK XA 392 115.36 94.72 -57.20
CA UNK XA 392 114.73 95.91 -57.73
C UNK XA 392 115.34 97.15 -57.08
N UNK XA 393 115.84 96.97 -55.86
CA UNK XA 393 116.48 98.05 -55.13
C UNK XA 393 117.98 97.81 -55.01
N UNK XA 394 118.70 98.02 -56.11
CA UNK XA 394 120.15 97.88 -56.12
C UNK XA 394 120.80 99.20 -56.49
N UNK XA 395 119.98 100.21 -56.74
CA UNK XA 395 120.48 101.53 -57.11
C UNK XA 395 119.81 102.64 -56.29
N UNK XA 396 119.10 103.53 -56.98
CA UNK XA 396 118.48 104.68 -56.33
C UNK XA 396 116.99 104.46 -56.06
N UNK XA 397 116.65 104.23 -54.80
CA UNK XA 397 115.27 104.11 -54.38
C UNK XA 397 114.77 105.42 -53.79
N UNK XA 398 115.36 106.53 -54.24
CA UNK XA 398 114.95 107.86 -53.83
C UNK XA 398 113.86 108.36 -54.78
N UNK XA 399 113.63 107.59 -55.83
CA UNK XA 399 112.50 107.79 -56.72
C UNK XA 399 111.92 106.40 -57.01
N UNK XA 400 111.67 105.66 -55.93
CA UNK XA 400 111.31 104.25 -56.01
C UNK XA 400 109.88 104.01 -56.49
N UNK XA 401 109.09 105.07 -56.61
CA UNK XA 401 107.73 104.96 -57.11
C UNK XA 401 107.74 104.60 -58.60
N UNK XA 402 108.76 105.07 -59.31
CA UNK XA 402 108.97 104.70 -60.71
C UNK XA 402 109.61 103.32 -60.77
N UNK XA 403 110.29 102.95 -59.70
CA UNK XA 403 110.88 101.62 -59.59
C UNK XA 403 109.86 100.64 -59.05
N UNK XA 404 108.76 101.18 -58.52
CA UNK XA 404 107.68 100.34 -57.99
C UNK XA 404 106.93 99.67 -59.12
N UNK XA 405 106.83 100.36 -60.25
CA UNK XA 405 106.09 99.85 -61.40
C UNK XA 405 106.97 98.98 -62.30
N UNK XA 406 108.19 98.70 -61.86
CA UNK XA 406 109.09 97.84 -62.60
C UNK XA 406 108.62 96.39 -62.53
N UNK XA 407 108.14 96.00 -61.36
CA UNK XA 407 107.63 94.65 -61.15
C UNK XA 407 106.10 94.65 -61.08
N UNK XA 408 105.51 95.84 -60.92
CA UNK XA 408 104.07 95.96 -60.83
C UNK XA 408 103.42 95.86 -62.20
N UNK XA 409 104.01 96.53 -63.18
CA UNK XA 409 103.45 96.55 -64.54
C UNK XA 409 103.73 95.25 -65.29
N UNK XA 410 104.58 94.40 -64.72
CA UNK XA 410 104.86 93.08 -65.30
C UNK XA 410 103.68 92.16 -65.09
N UNK XA 411 102.88 92.44 -64.07
CA UNK XA 411 101.68 91.66 -63.78
C UNK XA 411 100.42 92.46 -64.09
N UNK XA 412 100.57 93.77 -64.25
CA UNK XA 412 99.43 94.63 -64.53
C UNK XA 412 99.11 94.66 -66.02
N UNK XA 413 100.05 94.20 -66.83
CA UNK XA 413 99.87 94.18 -68.28
C UNK XA 413 98.87 93.11 -68.69
N UNK XA 414 99.37 91.90 -68.96
CA UNK XA 414 98.50 90.79 -69.31
C UNK XA 414 97.84 90.24 -68.05
N UNK XA 415 96.70 89.56 -68.22
CA UNK XA 415 95.99 88.97 -67.10
C UNK XA 415 96.35 87.49 -66.98
N UNK XA 416 97.58 87.15 -67.32
CA UNK XA 416 98.06 85.77 -67.24
C UNK XA 416 99.17 85.65 -66.20
N UNK XA 417 99.87 86.75 -65.96
CA UNK XA 417 100.97 86.76 -65.00
C UNK XA 417 100.63 87.61 -63.76
N UNK XA 418 99.34 87.92 -63.61
CA UNK XA 418 98.89 88.71 -62.46
C UNK XA 418 98.72 87.83 -61.23
N LYS XA 419 98.32 88.45 -60.11
CA LYS XA 419 98.06 87.79 -58.81
C LYS XA 419 99.22 86.98 -58.21
N GLU XA 420 99.66 85.95 -58.94
CA GLU XA 420 100.68 85.03 -58.45
C GLU XA 420 102.01 85.73 -58.21
N LYS XA 421 102.40 86.63 -59.11
CA LYS XA 421 103.57 87.47 -58.86
C LYS XA 421 103.31 88.46 -57.74
N LEU XA 422 102.06 88.91 -57.61
CA LEU XA 422 101.73 89.91 -56.60
C LEU XA 422 101.58 89.31 -55.21
N GLY XA 423 101.52 87.98 -55.10
CA GLY XA 423 101.50 87.35 -53.79
C GLY XA 423 102.80 87.50 -53.02
N LYS XA 424 103.92 87.66 -53.72
CA LYS XA 424 105.18 88.00 -53.11
C LYS XA 424 105.53 89.47 -53.24
N PHE XA 425 104.95 90.15 -54.24
CA PHE XA 425 105.29 91.55 -54.49
C PHE XA 425 104.65 92.46 -53.45
N THR XA 426 103.50 92.05 -52.89
CA THR XA 426 102.93 92.77 -51.75
C THR XA 426 103.79 92.60 -50.50
N ALA XA 427 104.28 91.38 -50.27
CA ALA XA 427 105.11 91.12 -49.10
C ALA XA 427 106.47 91.81 -49.22
N VAL XA 428 106.94 92.02 -50.45
CA VAL XA 428 108.17 92.79 -50.65
C VAL XA 428 107.92 94.25 -50.32
N LEU XA 429 106.78 94.80 -50.78
CA LEU XA 429 106.47 96.22 -50.60
C LEU XA 429 106.28 96.58 -49.13
N LEU XA 430 105.57 95.73 -48.39
CA LEU XA 430 105.36 95.98 -46.97
C LEU XA 430 106.66 95.88 -46.20
N ARG XA 431 107.52 94.94 -46.57
CA ARG XA 431 108.82 94.82 -45.90
C ARG XA 431 109.83 95.83 -46.44
N HIS XA 432 109.60 96.42 -47.62
CA HIS XA 432 110.50 97.47 -48.09
C HIS XA 432 110.25 98.77 -47.34
N ILE XA 433 108.99 99.06 -47.02
CA ILE XA 433 108.66 100.23 -46.21
C ILE XA 433 109.23 100.07 -44.80
N ILE XA 434 109.14 98.86 -44.26
CA ILE XA 434 109.66 98.56 -42.92
C ILE XA 434 111.18 98.65 -42.90
N PHE XA 435 111.84 98.09 -43.91
CA PHE XA 435 113.31 98.08 -43.93
C PHE XA 435 113.87 99.47 -44.17
N LEU XA 436 113.21 100.28 -45.01
CA LEU XA 436 113.70 101.64 -45.26
C LEU XA 436 113.47 102.54 -44.05
N SER XA 437 112.34 102.39 -43.36
CA SER XA 437 112.06 103.24 -42.20
C SER XA 437 112.94 102.87 -41.02
N ASN XA 438 113.27 101.58 -40.88
CA ASN XA 438 114.15 101.16 -39.79
C ASN XA 438 115.61 101.54 -40.04
N GLN XA 439 115.99 101.71 -41.32
CA GLN XA 439 117.39 101.91 -41.64
C GLN XA 439 117.84 103.34 -41.39
N ASN XA 440 117.26 104.30 -42.10
CA ASN XA 440 117.79 105.66 -42.09
C ASN XA 440 116.69 106.69 -42.27
N TYR XA 441 116.83 107.79 -41.53
CA TYR XA 441 116.08 109.01 -41.80
C TYR XA 441 117.02 110.20 -41.94
N LEU XA 442 118.33 109.96 -42.11
CA LEU XA 442 119.26 111.04 -42.39
C LEU XA 442 119.05 111.61 -43.79
N LYS XA 443 118.55 110.80 -44.72
CA LYS XA 443 117.91 111.34 -45.91
C LYS XA 443 116.69 112.14 -45.49
N ASN XA 444 116.52 113.33 -46.07
CA ASN XA 444 115.54 114.28 -45.56
C ASN XA 444 114.11 113.84 -45.91
N VAL XA 445 113.15 114.64 -45.44
CA VAL XA 445 111.72 114.31 -45.54
C VAL XA 445 111.26 114.26 -47.00
N GLN XA 446 111.82 115.13 -47.85
CA GLN XA 446 111.46 115.10 -49.27
C GLN XA 446 112.00 113.87 -49.97
N SER XA 447 113.10 113.30 -49.47
CA SER XA 447 113.64 112.08 -50.09
C SER XA 447 112.85 110.86 -49.68
N PHE XA 448 112.36 110.80 -48.44
CA PHE XA 448 111.70 109.60 -47.95
C PHE XA 448 110.17 109.71 -47.97
N LYS XA 449 109.62 110.73 -47.29
CA LYS XA 449 108.19 110.80 -47.05
C LYS XA 449 107.41 111.07 -48.34
N ARG XA 450 108.01 111.81 -49.28
CA ARG XA 450 107.37 112.02 -50.58
C ARG XA 450 107.23 110.71 -51.34
N THR XA 451 108.27 109.87 -51.31
CA THR XA 451 108.17 108.55 -51.93
C THR XA 451 107.41 107.57 -51.05
N GLN XA 452 107.34 107.83 -49.74
CA GLN XA 452 106.62 106.92 -48.84
C GLN XA 452 105.11 106.99 -49.07
N ASN XA 453 104.57 108.20 -49.22
CA ASN XA 453 103.14 108.35 -49.50
C ASN XA 453 102.79 107.87 -50.91
N ALA XA 454 103.78 107.85 -51.82
CA ALA XA 454 103.58 107.16 -53.09
C ALA XA 454 103.44 105.67 -52.88
N LEU XA 455 104.25 105.10 -51.98
CA LEU XA 455 104.18 103.66 -51.71
C LEU XA 455 102.91 103.28 -50.96
N ILE XA 456 102.42 104.18 -50.10
CA ILE XA 456 101.15 103.95 -49.41
C ILE XA 456 99.99 103.99 -50.41
N SER XA 457 100.03 104.96 -51.33
CA SER XA 457 98.99 105.08 -52.34
C SER XA 457 99.03 103.92 -53.32
N ILE XA 458 100.23 103.40 -53.62
CA ILE XA 458 100.35 102.18 -54.42
C ILE XA 458 99.75 101.00 -53.67
N LEU XA 459 100.03 100.91 -52.37
CA LEU XA 459 99.50 99.82 -51.56
C LEU XA 459 97.98 99.90 -51.41
N LYS XA 460 97.42 101.11 -51.42
CA LYS XA 460 95.97 101.24 -51.35
C LYS XA 460 95.31 100.84 -52.66
N SER XA 461 96.02 100.98 -53.79
CA SER XA 461 95.44 100.61 -55.08
C SER XA 461 95.36 99.10 -55.23
N LEU XA 462 96.42 98.38 -54.85
CA LEU XA 462 96.47 96.93 -55.02
C LEU XA 462 95.63 96.18 -53.98
N SER XA 463 95.44 96.76 -52.80
CA SER XA 463 94.80 96.03 -51.71
C SER XA 463 93.30 95.82 -51.94
N GLU XA 464 92.69 96.60 -52.84
CA GLU XA 464 91.28 96.41 -53.15
C GLU XA 464 91.04 95.08 -53.85
N LYS XA 465 91.92 94.70 -54.76
CA LYS XA 465 91.81 93.41 -55.43
C LYS XA 465 92.54 92.29 -54.70
N TYR XA 466 93.38 92.62 -53.72
CA TYR XA 466 94.21 91.62 -53.03
C TYR XA 466 94.21 91.94 -51.54
N ASN XA 467 93.28 91.33 -50.80
CA ASN XA 467 93.18 91.53 -49.37
C ASN XA 467 93.71 90.38 -48.54
N ARG XA 468 93.66 89.14 -49.06
CA ARG XA 468 94.17 88.01 -48.30
C ARG XA 468 95.69 87.99 -48.24
N GLU XA 469 96.36 88.65 -49.20
CA GLU XA 469 97.81 88.72 -49.15
C GLU XA 469 98.26 89.70 -48.07
N LEU XA 470 97.57 90.84 -47.95
CA LEU XA 470 97.96 91.84 -46.97
C LEU XA 470 97.59 91.39 -45.56
N SER XA 471 96.43 90.76 -45.40
CA SER XA 471 95.98 90.34 -44.08
C SER XA 471 96.82 89.18 -43.55
N GLU XA 472 97.27 88.29 -44.43
CA GLU XA 472 98.21 87.25 -44.02
C GLU XA 472 99.56 87.85 -43.62
N GLU XA 473 100.03 88.84 -44.39
CA GLU XA 473 101.32 89.46 -44.11
C GLU XA 473 101.26 90.32 -42.85
N CYS XA 474 100.12 90.98 -42.61
CA CYS XA 474 99.97 91.77 -41.40
C CYS XA 474 99.87 90.87 -40.17
N ARG XA 475 99.28 89.69 -40.32
CA ARG XA 475 99.22 88.75 -39.20
C ARG XA 475 100.56 88.07 -38.96
N ASP XA 476 101.28 87.74 -40.04
CA ASP XA 476 102.56 87.07 -39.89
C ASP XA 476 103.62 88.00 -39.33
N TYR XA 477 103.63 89.27 -39.76
CA TYR XA 477 104.60 90.22 -39.22
C TYR XA 477 104.33 90.56 -37.76
N ILE XA 478 103.05 90.65 -37.38
CA ILE XA 478 102.75 91.03 -36.00
C ILE XA 478 102.94 89.84 -35.07
N ASN XA 479 102.93 88.61 -35.59
CA ASN XA 479 103.31 87.47 -34.78
C ASN XA 479 104.82 87.38 -34.62
N GLU XA 480 105.57 87.84 -35.63
CA GLU XA 480 107.02 87.96 -35.49
C GLU XA 480 107.39 89.07 -34.51
N MET XA 481 106.64 90.17 -34.54
CA MET XA 481 107.02 91.34 -33.76
C MET XA 481 106.71 91.13 -32.28
N GLN XA 482 105.64 90.37 -31.98
CA GLN XA 482 105.40 89.96 -30.60
C GLN XA 482 106.48 89.00 -30.10
N ALA XA 483 106.97 88.12 -30.98
CA ALA XA 483 108.04 87.20 -30.59
C ALA XA 483 109.34 87.94 -30.35
N ARG XA 484 109.57 89.03 -31.08
CA ARG XA 484 110.74 89.85 -30.83
C ARG XA 484 110.60 90.63 -29.52
N TYR XA 485 109.37 90.98 -29.16
CA TYR XA 485 109.15 91.72 -27.93
C TYR XA 485 109.34 90.84 -26.69
N LYS XA 486 109.15 89.53 -26.84
CA LYS XA 486 109.35 88.63 -25.71
C LYS XA 486 110.76 88.06 -25.67
N LYS XA 487 111.42 87.97 -26.82
CA LYS XA 487 112.81 87.50 -26.85
C LYS XA 487 113.76 88.53 -26.29
N ASN XA 488 113.61 89.78 -26.70
CA ASN XA 488 114.35 90.91 -26.15
C ASN XA 488 113.36 91.95 -25.67
N HIS XA 489 113.72 92.63 -24.57
CA HIS XA 489 112.75 93.30 -23.71
C HIS XA 489 112.03 94.45 -24.42
N PHE XA 490 112.77 95.48 -24.80
CA PHE XA 490 112.10 96.61 -25.45
C PHE XA 490 112.75 97.01 -26.75
N ASP XA 491 114.08 96.94 -26.85
CA ASP XA 491 114.81 97.51 -27.97
C ASP XA 491 114.72 96.69 -29.25
N ALA XA 492 114.16 95.48 -29.19
CA ALA XA 492 114.01 94.67 -30.40
C ALA XA 492 112.96 95.22 -31.34
N LEU XA 493 111.99 95.99 -30.83
CA LEU XA 493 111.00 96.65 -31.66
C LEU XA 493 111.48 98.07 -31.91
N SER XA 494 112.03 98.30 -33.10
CA SER XA 494 112.74 99.54 -33.40
C SER XA 494 111.75 100.64 -33.77
N ASN XA 495 112.28 101.76 -34.27
CA ASN XA 495 111.47 102.94 -34.51
C ASN XA 495 110.57 102.82 -35.74
N GLY XA 496 110.82 101.85 -36.60
CA GLY XA 496 110.02 101.68 -37.79
C GLY XA 496 108.82 100.77 -37.61
N ASP XA 497 108.17 100.85 -36.45
CA ASP XA 497 106.96 100.09 -36.19
C ASP XA 497 105.72 100.96 -36.04
N LEU XA 498 105.89 102.26 -35.78
CA LEU XA 498 104.75 103.16 -35.76
C LEU XA 498 104.20 103.36 -37.17
N VAL XA 499 105.07 103.31 -38.18
CA VAL XA 499 104.62 103.41 -39.56
C VAL XA 499 103.84 102.18 -39.98
N PHE XA 500 104.16 101.01 -39.41
CA PHE XA 500 103.41 99.79 -39.71
C PHE XA 500 102.00 99.87 -39.14
N PHE XA 501 101.85 100.45 -37.96
CA PHE XA 501 100.51 100.64 -37.41
C PHE XA 501 99.83 101.85 -38.02
N SER XA 502 100.60 102.73 -38.67
CA SER XA 502 100.00 103.74 -39.54
C SER XA 502 99.56 103.12 -40.86
N ILE XA 503 100.25 102.07 -41.30
CA ILE XA 503 99.83 101.34 -42.50
C ILE XA 503 98.52 100.60 -42.24
N ILE XA 504 98.40 100.00 -41.04
CA ILE XA 504 97.17 99.29 -40.67
C ILE XA 504 95.99 100.25 -40.58
N GLY XA 505 96.22 101.44 -40.02
CA GLY XA 505 95.16 102.41 -39.85
C GLY XA 505 94.72 103.10 -41.12
N ILE XA 506 95.48 102.96 -42.21
CA ILE XA 506 95.12 103.60 -43.48
C ILE XA 506 94.78 102.60 -44.57
N LEU XA 507 95.12 101.32 -44.39
CA LEU XA 507 94.76 100.30 -45.36
C LEU XA 507 93.47 99.56 -45.01
N PHE XA 508 93.19 99.40 -43.72
CA PHE XA 508 92.02 98.66 -43.25
C PHE XA 508 91.14 99.56 -42.40
N SER XA 509 89.84 99.35 -42.50
CA SER XA 509 88.86 100.16 -41.76
C SER XA 509 88.75 99.61 -40.35
N THR XA 510 89.28 100.36 -39.38
CA THR XA 510 89.33 99.96 -37.98
C THR XA 510 88.00 100.15 -37.26
N SER XA 511 86.94 100.55 -37.94
CA SER XA 511 85.66 100.82 -37.31
C SER XA 511 84.88 99.57 -36.94
N ASP XA 512 85.34 98.39 -37.37
CA ASP XA 512 84.59 97.16 -37.13
C ASP XA 512 84.66 96.75 -35.66
N GLN XA 513 83.69 95.94 -35.25
CA GLN XA 513 83.68 95.39 -33.90
C GLN XA 513 84.85 94.45 -33.70
N TYR XA 514 85.05 93.52 -34.63
CA TYR XA 514 86.16 92.59 -34.59
C TYR XA 514 86.72 92.43 -35.99
N HIS XA 515 88.04 92.39 -36.09
CA HIS XA 515 88.72 92.14 -37.36
C HIS XA 515 89.80 91.09 -37.15
N LEU XA 516 90.14 90.39 -38.22
CA LEU XA 516 91.18 89.37 -38.16
C LEU XA 516 92.57 89.99 -38.02
N VAL XA 517 92.72 91.28 -38.33
CA VAL XA 517 94.00 91.96 -38.29
C VAL XA 517 94.00 93.09 -37.26
N ILE XA 518 92.96 93.93 -37.28
CA ILE XA 518 92.95 95.16 -36.50
C ILE XA 518 92.82 94.87 -35.00
N THR XA 519 91.93 93.96 -34.63
CA THR XA 519 91.80 93.63 -33.21
C THR XA 519 92.99 92.83 -32.66
N PRO XA 520 93.68 91.98 -33.43
CA PRO XA 520 95.04 91.60 -32.99
C PRO XA 520 96.00 92.79 -32.90
N ALA XA 521 95.87 93.77 -33.78
CA ALA XA 521 96.77 94.92 -33.74
C ALA XA 521 96.43 95.85 -32.57
N LEU XA 522 95.14 96.03 -32.29
CA LEU XA 522 94.75 96.94 -31.22
C LEU XA 522 95.04 96.35 -29.84
N ILE XA 523 95.13 95.02 -29.74
CA ILE XA 523 95.43 94.42 -28.45
C ILE XA 523 96.93 94.21 -28.28
N LEU XA 524 97.70 94.19 -29.38
CA LEU XA 524 99.15 94.04 -29.25
C LEU XA 524 99.81 95.35 -28.86
N MET XA 525 99.35 96.47 -29.42
CA MET XA 525 99.87 97.76 -29.01
C MET XA 525 99.31 98.18 -27.66
N SER XA 526 98.17 97.61 -27.26
CA SER XA 526 97.70 97.76 -25.89
C SER XA 526 98.68 97.12 -24.90
N GLN XA 527 99.24 95.97 -25.28
CA GLN XA 527 100.31 95.35 -24.48
C GLN XA 527 101.54 96.24 -24.44
N PHE XA 528 101.91 96.82 -25.59
CA PHE XA 528 103.07 97.69 -25.65
C PHE XA 528 102.82 99.03 -24.96
N LEU XA 529 101.56 99.43 -24.81
CA LEU XA 529 101.28 100.63 -24.03
C LEU XA 529 101.33 100.36 -22.54
N GLU XA 530 101.20 99.09 -22.13
CA GLU XA 530 101.10 98.75 -20.72
C GLU XA 530 102.40 98.18 -20.16
N GLN XA 531 102.89 97.09 -20.76
CA GLN XA 531 103.92 96.28 -20.11
C GLN XA 531 105.33 96.82 -20.25
N ILE XA 532 105.57 97.76 -21.17
CA ILE XA 532 106.93 98.28 -21.34
C ILE XA 532 107.21 99.32 -20.27
N LYS XA 533 108.49 99.60 -20.06
CA LYS XA 533 108.95 100.52 -19.02
C LYS XA 533 109.15 101.89 -19.65
N PHE XA 534 108.28 102.84 -19.31
CA PHE XA 534 108.36 104.20 -19.84
C PHE XA 534 109.27 105.02 -18.92
N ASN XA 535 110.57 104.84 -19.09
CA ASN XA 535 111.54 105.55 -18.28
C ASN XA 535 112.49 106.44 -19.08
N SER XA 536 112.36 106.46 -20.41
CA SER XA 536 113.23 107.27 -21.24
C SER XA 536 112.40 108.05 -22.25
N LEU XA 537 112.85 109.28 -22.54
CA LEU XA 537 112.08 110.21 -23.37
C LEU XA 537 111.95 109.75 -24.81
N LYS XA 538 112.83 108.87 -25.28
CA LYS XA 538 112.61 108.21 -26.57
C LYS XA 538 111.35 107.35 -26.52
N ARG XA 539 111.16 106.62 -25.42
CA ARG XA 539 109.97 105.80 -25.27
C ARG XA 539 108.74 106.64 -24.93
N ILE XA 540 108.94 107.79 -24.27
CA ILE XA 540 107.84 108.72 -24.03
C ILE XA 540 107.34 109.30 -25.36
N ALA XA 541 108.27 109.68 -26.24
CA ALA XA 541 107.89 110.15 -27.56
C ALA XA 541 107.39 109.00 -28.44
N PHE XA 542 107.82 107.77 -28.15
CA PHE XA 542 107.26 106.60 -28.83
C PHE XA 542 105.80 106.39 -28.46
N GLY XA 543 105.47 106.59 -27.18
CA GLY XA 543 104.08 106.51 -26.76
C GLY XA 543 103.28 107.76 -27.12
N ALA XA 544 103.96 108.87 -27.37
CA ALA XA 544 103.28 110.08 -27.83
C ALA XA 544 102.75 109.92 -29.24
N VAL XA 545 103.42 109.09 -30.06
CA VAL XA 545 102.85 108.69 -31.34
C VAL XA 545 101.65 107.76 -31.12
N LEU XA 546 101.71 106.95 -30.06
CA LEU XA 546 100.74 105.86 -29.88
C LEU XA 546 99.35 106.38 -29.55
N VAL XA 547 99.24 107.48 -28.81
CA VAL XA 547 97.93 108.04 -28.52
C VAL XA 547 97.31 108.64 -29.78
N ARG XA 548 98.13 109.14 -30.69
CA ARG XA 548 97.61 109.58 -31.98
C ARG XA 548 97.28 108.40 -32.88
N ILE XA 549 97.94 107.26 -32.67
CA ILE XA 549 97.65 106.06 -33.45
C ILE XA 549 96.27 105.51 -33.08
N VAL XA 550 95.98 105.43 -31.79
CA VAL XA 550 94.68 104.92 -31.36
C VAL XA 550 93.56 105.95 -31.57
N SER XA 551 93.89 107.22 -31.74
CA SER XA 551 92.88 108.21 -32.07
C SER XA 551 92.37 108.02 -33.49
N GLN XA 552 93.27 107.70 -34.42
CA GLN XA 552 92.85 107.37 -35.78
C GLN XA 552 92.17 106.00 -35.82
N TYR XA 553 92.46 105.13 -34.85
CA TYR XA 553 91.86 103.80 -34.83
C TYR XA 553 90.39 103.86 -34.46
N GLN XA 554 90.05 104.68 -33.46
CA GLN XA 554 88.68 104.76 -32.95
C GLN XA 554 88.05 106.11 -33.24
N ARG XA 555 88.32 106.66 -34.42
CA ARG XA 555 87.83 107.99 -34.76
C ARG XA 555 86.34 107.97 -35.10
N ILE XA 556 85.82 106.84 -35.58
CA ILE XA 556 84.42 106.77 -35.99
C ILE XA 556 83.73 105.67 -35.20
N SER XA 557 84.49 104.65 -34.77
CA SER XA 557 83.91 103.58 -33.97
C SER XA 557 83.63 104.03 -32.54
N LYS XA 558 84.45 104.97 -32.03
CA LYS XA 558 84.32 105.56 -30.69
C LYS XA 558 84.35 104.52 -29.58
N ARG XA 559 85.20 103.51 -29.73
CA ARG XA 559 85.39 102.53 -28.68
C ARG XA 559 86.25 103.10 -27.56
N TYR XA 560 86.17 102.45 -26.40
CA TYR XA 560 86.84 102.92 -25.19
C TYR XA 560 87.89 101.89 -24.77
N ILE XA 561 89.13 102.33 -24.65
CA ILE XA 561 90.19 101.49 -24.10
C ILE XA 561 90.44 101.96 -22.67
N PRO XA 562 90.73 101.05 -21.73
CA PRO XA 562 90.95 101.48 -20.34
C PRO XA 562 92.40 101.80 -20.05
N GLU XA 563 93.20 101.93 -21.09
CA GLU XA 563 94.64 102.10 -20.95
C GLU XA 563 95.16 103.47 -21.36
N VAL XA 564 94.42 104.21 -22.18
CA VAL XA 564 94.85 105.56 -22.54
C VAL XA 564 94.78 106.47 -21.32
N VAL XA 565 93.84 106.20 -20.40
CA VAL XA 565 93.83 106.89 -19.11
C VAL XA 565 95.03 106.45 -18.28
N TYR XA 566 95.39 105.16 -18.36
CA TYR XA 566 96.56 104.67 -17.63
C TYR XA 566 97.85 105.23 -18.19
N PHE XA 567 97.93 105.36 -19.52
CA PHE XA 567 99.12 105.93 -20.14
C PHE XA 567 99.23 107.42 -19.82
N PHE XA 568 98.08 108.11 -19.74
CA PHE XA 568 98.10 109.53 -19.41
C PHE XA 568 98.49 109.75 -17.95
N GLN XA 569 98.07 108.84 -17.05
CA GLN XA 569 98.43 108.96 -15.64
C GLN XA 569 99.91 108.72 -15.42
N LYS XA 570 100.49 107.78 -16.18
CA LYS XA 570 101.91 107.47 -16.01
C LYS XA 570 102.81 108.53 -16.64
N ILE XA 571 102.24 109.43 -17.43
CA ILE XA 571 103.05 110.46 -18.09
C ILE XA 571 103.15 111.70 -17.22
N LEU XA 572 102.01 112.15 -16.67
CA LEU XA 572 101.92 113.49 -16.10
C LEU XA 572 102.69 113.62 -14.78
N LEU XA 573 102.76 112.54 -14.00
CA LEU XA 573 103.49 112.59 -12.74
C LEU XA 573 105.00 112.64 -12.94
N THR XA 574 105.50 112.26 -14.12
CA THR XA 574 106.93 112.35 -14.39
C THR XA 574 107.40 113.80 -14.48
N PHE XA 575 106.50 114.71 -14.84
CA PHE XA 575 106.79 116.13 -14.92
C PHE XA 575 106.47 116.87 -13.62
N ILE XA 576 106.08 116.13 -12.58
CA ILE XA 576 105.79 116.73 -11.29
C ILE XA 576 106.85 116.39 -10.24
N VAL XA 577 107.51 115.22 -10.36
CA VAL XA 577 108.39 114.69 -9.32
C VAL XA 577 109.65 115.54 -9.09
N GLU XA 578 110.01 116.39 -10.07
CA GLU XA 578 111.09 117.38 -9.98
C GLU XA 578 112.46 116.78 -9.63
N PRO XA 585 105.65 111.11 -5.91
CA PRO XA 585 105.98 112.17 -4.96
C PRO XA 585 105.19 112.05 -3.65
N LEU XA 586 104.89 113.21 -3.04
CA LEU XA 586 104.08 113.27 -1.84
C LEU XA 586 102.63 113.61 -2.12
N ASP XA 587 102.25 113.67 -3.40
CA ASP XA 587 100.87 113.96 -3.80
C ASP XA 587 100.05 112.68 -3.98
N PHE XA 588 100.47 111.82 -4.90
CA PHE XA 588 99.75 110.59 -5.22
C PHE XA 588 100.73 109.45 -5.33
N GLU XA 589 100.42 108.33 -4.69
CA GLU XA 589 101.22 107.12 -4.78
C GLU XA 589 100.45 105.95 -5.39
N ASN XA 590 99.41 106.24 -6.17
CA ASN XA 590 98.60 105.22 -6.81
C ASN XA 590 98.80 105.19 -8.33
N ILE XA 591 99.98 105.61 -8.79
CA ILE XA 591 100.29 105.65 -10.22
C ILE XA 591 101.46 104.73 -10.57
N ARG XA 592 102.49 104.68 -9.71
CA ARG XA 592 103.65 103.80 -9.82
C ARG XA 592 104.42 104.06 -11.12
N LEU XA 593 105.06 105.23 -11.15
CA LEU XA 593 105.92 105.61 -12.26
C LEU XA 593 107.10 104.65 -12.41
N ASP XA 594 107.67 104.64 -13.62
CA ASP XA 594 108.83 103.82 -13.89
C ASP XA 594 110.09 104.42 -13.27
N SER XA 595 110.43 105.65 -13.64
CA SER XA 595 111.61 106.32 -13.12
C SER XA 595 111.27 107.76 -12.75
N TYR XA 596 111.86 108.23 -11.65
CA TYR XA 596 111.69 109.60 -11.20
C TYR XA 596 112.78 110.53 -11.72
N GLU XA 597 113.64 110.04 -12.62
CA GLU XA 597 114.83 110.81 -13.01
C GLU XA 597 114.49 112.00 -13.89
N LEU XA 598 113.45 111.90 -14.71
CA LEU XA 598 113.09 112.99 -15.60
C LEU XA 598 112.14 113.97 -14.91
N GLY XA 599 112.12 115.19 -15.44
CA GLY XA 599 111.28 116.23 -14.89
C GLY XA 599 111.10 117.34 -15.91
N LEU XA 600 110.33 118.35 -15.51
CA LEU XA 600 109.99 119.47 -16.38
C LEU XA 600 110.33 120.79 -15.70
N PRO XA 601 111.56 121.28 -15.86
CA PRO XA 601 111.86 122.65 -15.45
C PRO XA 601 111.14 123.65 -16.33
N LEU XA 602 110.78 124.78 -15.75
CA LEU XA 602 110.01 125.81 -16.45
C LEU XA 602 110.90 126.81 -17.17
N ASP XA 603 111.84 126.29 -17.96
CA ASP XA 603 112.77 127.11 -18.72
C ASP XA 603 112.39 127.24 -20.18
N VAL XA 604 111.29 126.63 -20.61
CA VAL XA 604 110.81 126.73 -21.98
C VAL XA 604 110.04 128.04 -22.11
N ASP XA 605 109.79 128.47 -23.35
CA ASP XA 605 109.02 129.69 -23.60
C ASP XA 605 107.51 129.46 -23.50
N PHE XA 606 107.06 128.19 -23.54
CA PHE XA 606 105.69 127.69 -23.49
C PHE XA 606 104.67 128.52 -24.26
N THR XA 607 105.02 128.92 -25.47
CA THR XA 607 104.18 129.74 -26.33
C THR XA 607 103.63 128.92 -27.48
N LYS XA 608 102.80 129.54 -28.31
CA LYS XA 608 102.15 128.86 -29.42
C LYS XA 608 103.04 128.70 -30.63
N LYS XA 609 104.20 129.37 -30.67
CA LYS XA 609 105.18 129.15 -31.73
C LYS XA 609 106.18 128.06 -31.36
N ARG XA 610 105.98 127.38 -30.22
CA ARG XA 610 106.64 126.12 -29.97
C ARG XA 610 106.14 125.07 -30.96
N SER XA 611 106.98 124.06 -31.20
CA SER XA 611 106.77 123.13 -32.30
C SER XA 611 105.55 122.25 -32.08
N THR XA 612 105.07 121.65 -33.17
CA THR XA 612 103.84 120.87 -33.20
C THR XA 612 104.03 119.47 -32.63
N ILE XA 613 103.11 118.55 -32.94
CA ILE XA 613 103.17 117.19 -32.43
C ILE XA 613 104.42 116.46 -32.92
N ILE XA 614 104.98 116.87 -34.06
CA ILE XA 614 106.21 116.43 -34.73
C ILE XA 614 106.44 114.92 -34.68
N PRO XA 615 105.75 114.12 -35.50
CA PRO XA 615 106.02 112.68 -35.50
C PRO XA 615 107.35 112.29 -36.15
N LEU XA 616 108.44 112.92 -35.71
CA LEU XA 616 109.79 112.60 -36.13
C LEU XA 616 110.45 111.70 -35.09
N HIS XA 617 109.84 110.52 -34.93
CA HIS XA 617 110.31 109.53 -33.98
C HIS XA 617 111.69 109.01 -34.36
N THR XA 618 111.97 108.93 -35.66
CA THR XA 618 113.32 108.58 -36.11
C THR XA 618 114.31 109.71 -35.81
N LEU XA 619 113.85 110.96 -35.85
CA LEU XA 619 114.68 112.07 -35.42
C LEU XA 619 114.67 112.25 -33.91
N SER XA 620 113.80 111.51 -33.21
CA SER XA 620 113.72 111.66 -31.76
C SER XA 620 114.72 110.78 -31.03
N THR XA 621 115.22 109.73 -31.68
CA THR XA 621 116.02 108.76 -30.95
C THR XA 621 117.47 109.21 -30.74
N MET XA 622 117.94 110.27 -31.41
CA MET XA 622 119.17 110.91 -30.98
C MET XA 622 118.95 112.25 -30.30
N ASP XA 623 117.79 112.88 -30.53
CA ASP XA 623 117.49 114.17 -29.90
C ASP XA 623 117.15 114.03 -28.42
N THR XA 624 116.58 112.90 -28.02
CA THR XA 624 116.17 112.70 -26.63
C THR XA 624 117.33 112.32 -25.71
N GLU XA 625 118.51 112.06 -26.26
CA GLU XA 625 119.66 111.74 -25.40
C GLU XA 625 120.14 112.98 -24.65
N ALA XA 626 120.60 113.99 -25.39
CA ALA XA 626 120.94 115.29 -24.80
C ALA XA 626 119.80 116.26 -25.06
N HIS XA 627 118.71 116.05 -24.32
CA HIS XA 627 117.49 116.79 -24.61
C HIS XA 627 117.40 118.05 -23.76
N PRO XA 628 117.24 119.23 -24.37
CA PRO XA 628 116.87 120.42 -23.60
C PRO XA 628 115.37 120.50 -23.39
N VAL XA 629 114.89 121.63 -22.85
CA VAL XA 629 113.49 121.75 -22.47
C VAL XA 629 112.56 121.90 -23.67
N ASP XA 630 113.09 122.04 -24.89
CA ASP XA 630 112.24 122.24 -26.05
C ASP XA 630 111.50 120.97 -26.44
N GLN XA 631 112.21 119.82 -26.47
CA GLN XA 631 111.63 118.60 -27.01
C GLN XA 631 110.63 117.97 -26.05
N CYS XA 632 110.94 117.97 -24.75
CA CYS XA 632 110.05 117.33 -23.78
C CYS XA 632 108.73 118.07 -23.63
N VAL XA 633 108.75 119.39 -23.79
CA VAL XA 633 107.51 120.15 -23.82
C VAL XA 633 106.71 119.84 -25.09
N SER XA 634 107.41 119.68 -26.22
CA SER XA 634 106.74 119.35 -27.48
C SER XA 634 106.15 117.94 -27.43
N VAL XA 635 106.82 117.02 -26.75
CA VAL XA 635 106.22 115.71 -26.49
C VAL XA 635 105.03 115.85 -25.54
N LEU XA 636 105.18 116.72 -24.54
CA LEU XA 636 104.09 116.96 -23.57
C LEU XA 636 102.87 117.60 -24.24
N LEU XA 637 103.10 118.62 -25.07
CA LEU XA 637 101.98 119.30 -25.71
C LEU XA 637 101.30 118.42 -26.76
N ASN XA 638 102.01 117.42 -27.27
CA ASN XA 638 101.36 116.37 -28.06
C ASN XA 638 100.42 115.55 -27.18
N VAL XA 639 100.81 115.29 -25.93
CA VAL XA 639 100.01 114.44 -25.04
C VAL XA 639 98.74 115.15 -24.62
N MET XA 640 98.84 116.45 -24.29
CA MET XA 640 97.63 117.24 -24.01
C MET XA 640 96.76 117.39 -25.23
N GLU XA 641 97.35 117.45 -26.43
CA GLU XA 641 96.56 117.52 -27.65
C GLU XA 641 95.76 116.24 -27.87
N SER XA 642 96.39 115.08 -27.62
CA SER XA 642 95.65 113.83 -27.69
C SER XA 642 94.71 113.66 -26.51
N LEU XA 643 94.95 114.39 -25.42
CA LEU XA 643 94.07 114.30 -24.26
C LEU XA 643 92.71 114.94 -24.53
N ASP XA 644 92.71 116.16 -25.07
CA ASP XA 644 91.43 116.85 -25.27
C ASP XA 644 90.66 116.29 -26.45
N ALA XA 645 91.33 115.61 -27.37
CA ALA XA 645 90.62 114.96 -28.47
C ALA XA 645 89.81 113.77 -27.97
N THR XA 646 90.41 112.94 -27.11
CA THR XA 646 89.71 111.78 -26.58
C THR XA 646 88.61 112.16 -25.60
N ILE XA 647 88.78 113.27 -24.89
CA ILE XA 647 87.71 113.79 -24.04
C ILE XA 647 86.52 114.24 -24.89
N SER XA 648 86.81 114.93 -25.99
CA SER XA 648 85.74 115.46 -26.83
C SER XA 648 85.14 114.40 -27.74
N THR XA 649 85.70 113.19 -27.79
CA THR XA 649 85.19 112.14 -28.66
C THR XA 649 84.55 110.99 -27.89
N VAL XA 650 85.29 110.38 -26.96
CA VAL XA 650 84.84 109.12 -26.38
C VAL XA 650 84.65 109.22 -24.87
N TRP XA 651 85.42 110.10 -24.21
CA TRP XA 651 85.42 110.09 -22.75
C TRP XA 651 84.19 110.78 -22.18
N LYS XA 652 83.69 111.82 -22.85
CA LYS XA 652 82.46 112.47 -22.38
C LYS XA 652 81.23 111.62 -22.67
N SER XA 653 81.30 110.71 -23.63
CA SER XA 653 80.19 109.81 -23.90
C SER XA 653 80.17 108.63 -22.94
N LEU XA 654 81.26 108.41 -22.22
CA LEU XA 654 81.25 107.41 -21.16
C LEU XA 654 80.36 107.88 -20.02
N PRO XA 655 79.50 107.02 -19.47
CA PRO XA 655 78.73 107.41 -18.27
C PRO XA 655 79.58 107.50 -17.02
N ALA XA 656 80.82 107.01 -17.03
CA ALA XA 656 81.78 107.19 -15.95
C ALA XA 656 82.81 108.26 -16.29
N PHE XA 657 82.37 109.36 -16.91
CA PHE XA 657 83.30 110.40 -17.34
C PHE XA 657 83.99 111.06 -16.16
N ASN XA 658 83.25 111.31 -15.08
CA ASN XA 658 83.87 111.89 -13.88
C ASN XA 658 84.84 110.91 -13.23
N GLU XA 659 84.47 109.62 -13.18
CA GLU XA 659 85.35 108.62 -12.60
C GLU XA 659 86.58 108.37 -13.46
N ILE XA 660 86.47 108.57 -14.78
CA ILE XA 660 87.65 108.55 -15.64
C ILE XA 660 88.54 109.75 -15.35
N ILE XA 661 87.93 110.94 -15.25
CA ILE XA 661 88.70 112.18 -15.24
C ILE XA 661 89.23 112.56 -13.86
N LEU XA 662 88.78 111.90 -12.79
CA LEU XA 662 89.18 112.28 -11.43
C LEU XA 662 90.68 112.15 -11.14
N PRO XA 663 91.39 111.07 -11.53
CA PRO XA 663 92.85 111.15 -11.42
C PRO XA 663 93.47 112.10 -12.42
N ILE XA 664 92.83 112.30 -13.58
CA ILE XA 664 93.34 113.26 -14.56
C ILE XA 664 93.13 114.68 -14.05
N GLN XA 665 91.98 114.96 -13.43
CA GLN XA 665 91.71 116.30 -12.89
C GLN XA 665 92.65 116.63 -11.74
N GLN XA 666 92.98 115.65 -10.91
CA GLN XA 666 93.94 115.86 -9.83
C GLN XA 666 95.35 116.07 -10.38
N LEU XA 667 95.70 115.34 -11.44
CA LEU XA 667 97.02 115.52 -12.05
C LEU XA 667 97.12 116.87 -12.75
N LEU XA 668 96.05 117.28 -13.43
CA LEU XA 668 96.03 118.61 -14.05
C LEU XA 668 95.92 119.72 -13.00
N SER XA 669 95.41 119.41 -11.81
CA SER XA 669 95.43 120.38 -10.73
C SER XA 669 96.85 120.62 -10.24
N ALA XA 670 97.71 119.60 -10.32
CA ALA XA 670 99.12 119.80 -10.01
C ALA XA 670 99.83 120.61 -11.08
N TYR XA 671 99.31 120.55 -12.32
CA TYR XA 671 99.86 121.37 -13.40
C TYR XA 671 99.52 122.83 -13.21
N THR XA 672 98.27 123.12 -12.85
CA THR XA 672 97.83 124.51 -12.69
C THR XA 672 98.25 125.11 -11.35
N SER XA 673 98.82 124.32 -10.44
CA SER XA 673 99.31 124.84 -9.17
C SER XA 673 100.81 125.11 -9.21
N LYS XA 674 101.60 124.12 -9.63
CA LYS XA 674 103.04 124.28 -9.65
C LYS XA 674 103.48 125.11 -10.86
N TYR XA 675 103.13 124.66 -12.05
CA TYR XA 675 103.60 125.31 -13.27
C TYR XA 675 102.90 126.66 -13.48
N SER XA 676 101.57 126.62 -13.63
CA SER XA 676 100.67 127.78 -13.76
C SER XA 676 101.01 128.68 -14.94
N ASP XA 677 101.71 128.16 -15.96
CA ASP XA 677 102.09 128.92 -17.13
C ASP XA 677 101.62 128.32 -18.43
N PHE XA 678 101.31 127.02 -18.46
CA PHE XA 678 100.73 126.41 -19.64
C PHE XA 678 99.29 126.88 -19.83
N GLU XA 679 98.82 126.78 -21.07
CA GLU XA 679 97.48 127.21 -21.43
C GLU XA 679 96.55 126.05 -21.74
N LYS XA 680 97.00 125.08 -22.53
CA LYS XA 680 96.19 123.93 -22.93
C LYS XA 680 95.80 123.01 -21.75
N PRO XA 681 96.68 122.66 -20.78
CA PRO XA 681 96.16 121.98 -19.58
C PRO XA 681 95.18 122.81 -18.78
N ARG XA 682 95.35 124.13 -18.73
CA ARG XA 682 94.36 124.98 -18.10
C ARG XA 682 93.04 124.97 -18.87
N ASN XA 683 93.13 124.95 -20.21
CA ASN XA 683 91.93 124.94 -21.03
C ASN XA 683 91.21 123.60 -20.95
N ILE XA 684 91.96 122.51 -20.79
CA ILE XA 684 91.36 121.19 -20.61
C ILE XA 684 90.64 121.12 -19.27
N LEU XA 685 91.21 121.76 -18.24
CA LEU XA 685 90.59 121.79 -16.91
C LEU XA 685 89.25 122.49 -16.92
N ASN XA 686 89.15 123.60 -17.67
CA ASN XA 686 87.87 124.28 -17.81
C ASN XA 686 86.90 123.45 -18.64
N LYS XA 687 87.42 122.68 -19.59
CA LYS XA 687 86.56 121.83 -20.41
C LYS XA 687 86.03 120.65 -19.61
N VAL XA 688 86.88 120.00 -18.82
CA VAL XA 688 86.43 118.82 -18.10
C VAL XA 688 85.59 119.19 -16.88
N GLU XA 689 85.75 120.41 -16.35
CA GLU XA 689 84.86 120.85 -15.28
C GLU XA 689 83.49 121.20 -15.82
N LYS XA 690 83.44 121.73 -17.06
CA LYS XA 690 82.16 122.02 -17.68
C LYS XA 690 81.43 120.73 -18.07
N LEU XA 691 82.16 119.73 -18.54
CA LEU XA 691 81.52 118.48 -18.92
C LEU XA 691 81.21 117.61 -17.70
N THR XA 692 81.79 117.92 -16.54
CA THR XA 692 81.45 117.19 -15.32
C THR XA 692 80.05 117.53 -14.84
N LYS XA 693 79.69 118.81 -14.84
CA LYS XA 693 78.35 119.20 -14.42
C LYS XA 693 77.29 118.83 -15.46
N PHE XA 694 77.70 118.65 -16.72
CA PHE XA 694 76.77 118.09 -17.71
C PHE XA 694 76.52 116.62 -17.46
N THR XA 695 77.51 115.89 -16.95
CA THR XA 695 77.30 114.51 -16.54
C THR XA 695 76.46 114.49 -15.27
N GLU XA 696 75.37 113.74 -15.30
CA GLU XA 696 74.36 113.85 -14.24
C GLU XA 696 74.55 112.84 -13.12
N HIS XA 697 75.43 111.85 -13.29
CA HIS XA 697 75.68 110.76 -12.34
C HIS XA 697 74.39 110.04 -11.98
N ILE XA 698 73.60 109.74 -13.00
CA ILE XA 698 72.36 108.96 -12.82
C ILE XA 698 72.73 107.54 -12.40
N PRO XA 699 72.12 107.00 -11.35
CA PRO XA 699 72.34 105.57 -11.03
C PRO XA 699 71.79 104.68 -12.14
N LEU XA 700 72.43 103.53 -12.29
CA LEU XA 700 72.16 102.66 -13.42
C LEU XA 700 70.78 102.01 -13.32
N ALA XA 701 70.26 101.60 -14.47
CA ALA XA 701 68.99 100.92 -14.57
C ALA XA 701 69.07 99.77 -15.56
N LEU XA 702 70.23 99.13 -15.66
CA LEU XA 702 70.46 98.14 -16.71
C LEU XA 702 69.79 96.81 -16.40
N GLN XA 703 69.47 96.56 -15.14
CA GLN XA 703 68.95 95.25 -14.74
C GLN XA 703 67.43 95.16 -14.81
N ASN XA 704 66.75 96.25 -15.17
CA ASN XA 704 65.32 96.14 -15.47
C ASN XA 704 65.14 95.47 -16.81
N HIS XA 705 64.24 94.49 -16.87
CA HIS XA 705 64.02 93.74 -18.09
C HIS XA 705 62.52 93.56 -18.34
N LYS XA 706 62.18 93.42 -19.61
CA LYS XA 706 60.79 93.17 -19.99
C LYS XA 706 60.36 91.80 -19.48
N PRO XA 707 59.15 91.68 -18.95
CA PRO XA 707 58.72 90.42 -18.33
C PRO XA 707 58.55 89.31 -19.34
N VAL XA 708 58.86 88.09 -18.90
CA VAL XA 708 58.70 86.91 -19.75
C VAL XA 708 57.21 86.64 -19.93
N SER XA 709 56.77 86.61 -21.18
CA SER XA 709 55.36 86.43 -21.48
C SER XA 709 54.93 84.99 -21.21
N ILE XA 710 53.63 84.77 -21.27
CA ILE XA 710 53.07 83.42 -21.15
C ILE XA 710 53.52 82.59 -22.35
N PRO XA 711 54.06 81.38 -22.14
CA PRO XA 711 54.53 80.59 -23.28
C PRO XA 711 53.41 80.10 -24.19
N THR XA 712 53.39 80.61 -25.41
CA THR XA 712 52.36 80.22 -26.37
C THR XA 712 52.55 78.76 -26.78
N HIS XA 713 51.44 78.05 -26.90
CA HIS XA 713 51.46 76.60 -27.05
C HIS XA 713 50.61 76.19 -28.23
N ALA XA 714 51.10 75.25 -29.02
CA ALA XA 714 50.41 74.80 -30.21
C ALA XA 714 49.63 73.52 -29.94
N PRO XA 715 48.40 73.42 -30.44
CA PRO XA 715 47.62 72.19 -30.27
C PRO XA 715 47.84 71.20 -31.40
N LYS XA 716 47.92 69.93 -31.04
CA LYS XA 716 48.11 68.85 -32.02
C LYS XA 716 46.78 68.13 -32.26
N TYR XA 717 46.47 67.92 -33.52
CA TYR XA 717 45.18 67.34 -33.95
C TYR XA 717 45.32 66.92 -35.40
N GLU XA 718 44.21 66.48 -35.99
CA GLU XA 718 44.16 66.05 -37.37
C GLU XA 718 43.08 66.83 -38.09
N GLU XA 719 43.42 67.38 -39.26
CA GLU XA 719 42.45 68.10 -40.06
C GLU XA 719 41.44 67.13 -40.66
N ASN XA 720 40.18 67.60 -40.78
CA ASN XA 720 39.03 66.84 -41.28
C ASN XA 720 38.82 65.56 -40.47
N PHE XA 721 38.51 65.75 -39.19
CA PHE XA 721 38.42 64.65 -38.23
C PHE XA 721 37.05 63.99 -38.35
N ASN XA 722 37.02 62.79 -38.92
CA ASN XA 722 35.80 61.99 -38.95
C ASN XA 722 35.75 61.13 -37.70
N PRO XA 723 34.77 61.31 -36.81
CA PRO XA 723 34.76 60.56 -35.55
C PRO XA 723 34.42 59.09 -35.71
N ASP XA 724 33.82 58.69 -36.83
CA ASP XA 724 33.47 57.30 -37.07
C ASP XA 724 34.63 56.50 -37.65
N LYS XA 725 35.78 57.14 -37.88
CA LYS XA 725 36.98 56.48 -38.34
C LYS XA 725 38.04 56.53 -37.25
N LYS XA 726 38.73 55.41 -37.05
CA LYS XA 726 39.85 55.38 -36.12
C LYS XA 726 40.99 56.26 -36.61
N SER XA 727 41.72 56.85 -35.67
CA SER XA 727 42.79 57.77 -36.01
C SER XA 727 43.97 57.02 -36.62
N TYR XA 728 44.75 57.74 -37.42
CA TYR XA 728 45.89 57.14 -38.11
C TYR XA 728 47.00 56.93 -37.10
N ASP XA 729 47.17 55.69 -36.66
CA ASP XA 729 48.32 55.33 -35.86
C ASP XA 729 49.57 55.38 -36.73
N PRO XA 730 50.65 56.03 -36.28
CA PRO XA 730 51.91 55.97 -37.03
C PRO XA 730 52.50 54.57 -37.13
N ASP XA 731 52.31 53.74 -36.10
CA ASP XA 731 52.69 52.35 -36.15
C ASP XA 731 51.66 51.61 -37.00
N ARG XA 732 52.04 51.28 -38.24
CA ARG XA 732 51.09 50.65 -39.15
C ARG XA 732 50.80 49.20 -38.77
N THR XA 733 51.71 48.58 -38.01
CA THR XA 733 51.40 47.28 -37.42
C THR XA 733 50.30 47.41 -36.37
N ARG XA 734 50.42 48.41 -35.49
CA ARG XA 734 49.39 48.63 -34.47
C ARG XA 734 48.08 49.11 -35.07
N SER XA 735 48.16 49.85 -36.17
CA SER XA 735 46.95 50.32 -36.83
C SER XA 735 46.19 49.17 -37.49
N GLU XA 736 46.92 48.18 -38.02
CA GLU XA 736 46.26 47.07 -38.67
C GLU XA 736 45.76 46.03 -37.66
N ILE XA 737 46.40 45.94 -36.49
CA ILE XA 737 45.96 44.96 -35.49
C ILE XA 737 44.58 45.30 -34.95
N ASN XA 738 44.36 46.57 -34.60
CA ASN XA 738 43.09 46.96 -33.99
C ASN XA 738 41.94 46.96 -34.98
N LYS XA 739 42.24 47.20 -36.26
CA LYS XA 739 41.20 47.11 -37.29
C LYS XA 739 40.81 45.65 -37.51
N MET XA 740 41.81 44.76 -37.55
CA MET XA 740 41.61 43.35 -37.87
C MET XA 740 41.41 42.48 -36.62
N LYS XA 741 41.57 43.05 -35.42
CA LYS XA 741 40.96 42.40 -34.26
C LYS XA 741 39.51 42.84 -34.09
N ALA XA 742 39.13 43.97 -34.67
CA ALA XA 742 37.73 44.35 -34.69
C ALA XA 742 36.96 43.50 -35.69
N GLN XA 743 37.65 42.97 -36.70
CA GLN XA 743 37.02 42.03 -37.61
C GLN XA 743 36.85 40.66 -36.96
N LEU XA 744 37.60 40.39 -35.89
CA LEU XA 744 37.33 39.20 -35.09
C LEU XA 744 36.00 39.32 -34.37
N LYS XA 745 35.87 40.32 -33.50
CA LYS XA 745 34.74 40.42 -32.58
C LYS XA 745 33.42 40.68 -33.32
N LYS XA 746 33.49 41.37 -34.46
CA LYS XA 746 32.29 41.61 -35.26
C LYS XA 746 31.83 40.33 -35.94
N GLU XA 747 32.77 39.58 -36.53
CA GLU XA 747 32.37 38.41 -37.32
C GLU XA 747 32.23 37.15 -36.47
N ARG XA 748 32.87 37.08 -35.31
CA ARG XA 748 32.67 35.94 -34.43
C ARG XA 748 31.30 36.01 -33.76
N LYS XA 749 30.92 37.19 -33.27
CA LYS XA 749 29.64 37.35 -32.61
C LYS XA 749 28.48 37.21 -33.58
N PHE XA 750 28.69 37.62 -34.83
CA PHE XA 750 27.65 37.43 -35.85
C PHE XA 750 27.48 35.97 -36.19
N THR XA 751 28.60 35.23 -36.28
CA THR XA 751 28.50 33.79 -36.49
C THR XA 751 28.11 33.05 -35.21
N MET XA 752 28.37 33.65 -34.04
CA MET XA 752 27.81 33.14 -32.80
C MET XA 752 26.30 33.16 -32.83
N LYS XA 753 25.72 34.28 -33.28
CA LYS XA 753 24.28 34.44 -33.18
C LYS XA 753 23.54 33.69 -34.28
N GLU XA 754 24.13 33.61 -35.48
CA GLU XA 754 23.45 32.97 -36.60
C GLU XA 754 23.32 31.47 -36.39
N ILE XA 755 24.38 30.83 -35.88
CA ILE XA 755 24.34 29.41 -35.61
C ILE XA 755 23.44 29.12 -34.42
N ARG XA 756 23.39 30.03 -33.45
CA ARG XA 756 22.58 29.83 -32.25
C ARG XA 756 21.09 29.83 -32.57
N LYS XA 757 20.65 30.75 -33.43
CA LYS XA 757 19.24 30.74 -33.82
C LYS XA 757 18.97 29.64 -34.85
N ASP XA 758 20.01 29.17 -35.54
CA ASP XA 758 19.84 28.00 -36.41
C ASP XA 758 19.61 26.75 -35.59
N ALA XA 759 20.35 26.58 -34.50
CA ALA XA 759 20.20 25.40 -33.65
C ALA XA 759 18.89 25.46 -32.88
N LYS XA 760 18.44 26.66 -32.54
CA LYS XA 760 17.15 26.79 -31.86
C LYS XA 760 15.99 26.58 -32.80
N PHE XA 761 16.16 26.89 -34.09
CA PHE XA 761 15.09 26.64 -35.04
C PHE XA 761 14.97 25.17 -35.38
N GLU XA 762 16.10 24.47 -35.46
CA GLU XA 762 16.05 23.02 -35.64
C GLU XA 762 15.55 22.33 -34.38
N ALA XA 763 15.73 22.97 -33.22
CA ALA XA 763 15.15 22.46 -31.98
C ALA XA 763 13.63 22.48 -32.03
N ARG XA 764 13.07 23.54 -32.61
CA ARG XA 764 11.62 23.73 -32.59
C ARG XA 764 10.92 22.74 -33.49
N GLN XA 765 11.48 22.50 -34.68
CA GLN XA 765 10.80 21.63 -35.63
C GLN XA 765 10.98 20.16 -35.30
N ARG XA 766 12.13 19.79 -34.73
CA ARG XA 766 12.39 18.39 -34.39
C ARG XA 766 11.52 17.92 -33.23
N ILE XA 767 11.36 18.77 -32.21
CA ILE XA 767 10.54 18.43 -31.06
C ILE XA 767 9.07 18.35 -31.46
N GLU XA 768 8.61 19.28 -32.30
CA GLU XA 768 7.20 19.27 -32.71
C GLU XA 768 6.91 18.16 -33.72
N GLU XA 769 7.94 17.59 -34.33
CA GLU XA 769 7.72 16.41 -35.17
C GLU XA 769 7.69 15.15 -34.33
N LYS XA 770 8.60 15.05 -33.35
CA LYS XA 770 8.67 13.83 -32.54
C LYS XA 770 7.48 13.77 -31.60
N ASN XA 771 6.90 14.92 -31.26
CA ASN XA 771 5.63 14.92 -30.54
C ASN XA 771 4.47 14.60 -31.47
N LYS XA 772 4.63 14.80 -32.77
CA LYS XA 772 3.54 14.55 -33.70
C LYS XA 772 3.38 13.06 -33.98
N GLU XA 773 4.46 12.36 -34.30
CA GLU XA 773 4.36 10.93 -34.60
C GLU XA 773 4.13 10.07 -33.36
N SER XA 774 4.65 10.47 -32.20
CA SER XA 774 4.41 9.71 -30.99
C SER XA 774 2.96 9.82 -30.55
N SER XA 775 2.33 10.98 -30.77
CA SER XA 775 0.90 11.08 -30.56
C SER XA 775 0.14 10.30 -31.63
N ASP XA 776 0.68 10.26 -32.86
CA ASP XA 776 0.02 9.53 -33.94
C ASP XA 776 0.16 8.04 -33.76
N TYR XA 777 1.34 7.57 -33.32
CA TYR XA 777 1.54 6.14 -33.08
C TYR XA 777 0.68 5.65 -31.93
N HIS XA 778 0.51 6.47 -30.89
CA HIS XA 778 -0.42 6.13 -29.82
C HIS XA 778 -1.86 6.15 -30.30
N ALA XA 779 -2.18 7.04 -31.24
CA ALA XA 779 -3.54 7.10 -31.78
C ALA XA 779 -3.85 5.88 -32.63
N LYS XA 780 -2.88 5.40 -33.41
CA LYS XA 780 -3.12 4.23 -34.25
C LYS XA 780 -3.12 2.95 -33.44
N MET XA 781 -2.21 2.86 -32.44
CA MET XA 781 -2.11 1.62 -31.67
C MET XA 781 -3.30 1.43 -30.76
N ALA XA 782 -3.86 2.53 -30.23
CA ALA XA 782 -5.11 2.44 -29.49
C ALA XA 782 -6.28 2.15 -30.43
N HIS XA 783 -6.18 2.62 -31.68
CA HIS XA 783 -7.23 2.35 -32.66
C HIS XA 783 -7.25 0.87 -33.04
N ILE XA 784 -6.07 0.28 -33.23
CA ILE XA 784 -6.01 -1.12 -33.66
C ILE XA 784 -6.40 -2.05 -32.52
N VAL XA 785 -5.91 -1.77 -31.30
CA VAL XA 785 -6.18 -2.62 -30.14
C VAL XA 785 -7.66 -2.61 -29.79
N ASN XA 786 -8.30 -1.45 -29.84
CA ASN XA 786 -9.71 -1.37 -29.50
C ASN XA 786 -10.60 -1.96 -30.60
N THR XA 787 -10.10 -2.02 -31.84
CA THR XA 787 -10.96 -2.54 -32.90
C THR XA 787 -10.80 -4.05 -33.09
N ILE XA 788 -9.83 -4.67 -32.41
CA ILE XA 788 -9.77 -6.13 -32.47
C ILE XA 788 -10.44 -6.70 -31.21
N ASN XA 789 -10.40 -5.95 -30.12
CA ASN XA 789 -11.05 -6.38 -28.88
C ASN XA 789 -12.56 -6.31 -29.01
N THR XA 790 -13.07 -5.42 -29.85
CA THR XA 790 -14.52 -5.28 -30.01
C THR XA 790 -15.04 -6.07 -31.20
N GLU XA 791 -14.48 -5.85 -32.38
CA GLU XA 791 -14.99 -6.46 -33.59
C GLU XA 791 -14.62 -7.93 -33.75
N GLU XA 792 -13.73 -8.45 -32.91
CA GLU XA 792 -13.44 -9.88 -32.88
C GLU XA 792 -13.73 -10.52 -31.53
N GLY XA 793 -13.79 -9.76 -30.44
CA GLY XA 793 -14.21 -10.32 -29.17
C GLY XA 793 -15.71 -10.55 -29.09
N ALA XA 794 -16.47 -9.97 -30.02
CA ALA XA 794 -17.92 -10.16 -30.02
C ALA XA 794 -18.28 -11.56 -30.50
N GLU XA 795 -17.58 -12.06 -31.52
CA GLU XA 795 -17.90 -13.39 -32.04
C GLU XA 795 -17.39 -14.50 -31.13
N LYS XA 796 -16.32 -14.26 -30.38
CA LYS XA 796 -15.88 -15.27 -29.42
C LYS XA 796 -16.81 -15.32 -28.21
N ASN XA 797 -17.44 -14.20 -27.87
CA ASN XA 797 -18.42 -14.21 -26.79
C ASN XA 797 -19.73 -14.81 -27.29
N LYS XA 798 -20.04 -14.64 -28.57
CA LYS XA 798 -21.22 -15.28 -29.15
C LYS XA 798 -21.03 -16.79 -29.25
N TYR XA 799 -19.83 -17.22 -29.60
CA TYR XA 799 -19.57 -18.66 -29.76
C TYR XA 799 -19.47 -19.35 -28.41
N GLU XA 800 -18.77 -18.75 -27.44
CA GLU XA 800 -18.55 -19.43 -26.16
C GLU XA 800 -19.81 -19.48 -25.32
N ARG XA 801 -20.73 -18.53 -25.52
CA ARG XA 801 -22.00 -18.56 -24.81
C ARG XA 801 -22.87 -19.73 -25.28
N GLU XA 802 -22.97 -19.92 -26.59
CA GLU XA 802 -23.75 -21.05 -27.10
C GLU XA 802 -23.00 -22.36 -26.93
N ARG XA 803 -21.68 -22.32 -26.79
CA ARG XA 803 -20.92 -23.54 -26.52
C ARG XA 803 -21.15 -24.02 -25.09
N LYS XA 804 -21.18 -23.09 -24.14
CA LYS XA 804 -21.47 -23.45 -22.75
C LYS XA 804 -22.92 -23.85 -22.57
N LEU XA 805 -23.83 -23.25 -23.33
CA LEU XA 805 -25.24 -23.61 -23.22
C LEU XA 805 -25.52 -24.99 -23.82
N ARG XA 806 -24.78 -25.37 -24.85
CA ARG XA 806 -24.92 -26.69 -25.45
C ARG XA 806 -23.58 -27.41 -25.53
N LYS YA 1 10.01 -18.64 -20.48
CA LYS YA 1 8.88 -19.02 -21.30
C LYS YA 1 9.33 -19.57 -22.65
N LEU YA 2 9.56 -18.69 -23.61
CA LEU YA 2 10.00 -19.07 -24.95
C LEU YA 2 11.20 -18.19 -25.33
N VAL YA 3 12.38 -18.61 -24.89
CA VAL YA 3 13.63 -17.92 -25.14
C VAL YA 3 14.72 -18.95 -25.39
N HIS YA 4 15.94 -18.48 -25.62
CA HIS YA 4 17.10 -19.34 -25.83
C HIS YA 4 18.17 -19.02 -24.79
N ASP YA 5 19.20 -19.87 -24.77
CA ASP YA 5 20.40 -19.53 -24.01
C ASP YA 5 21.23 -18.48 -24.72
N VAL YA 6 21.26 -18.49 -26.05
CA VAL YA 6 21.92 -17.42 -26.80
C VAL YA 6 21.10 -16.14 -26.74
N GLN YA 7 19.78 -16.25 -26.57
CA GLN YA 7 18.93 -15.08 -26.33
C GLN YA 7 19.27 -14.42 -25.00
N LYS YA 8 19.51 -15.21 -23.96
CA LYS YA 8 19.79 -14.71 -22.61
C LYS YA 8 21.27 -14.73 -22.31
N LYS YA 9 22.11 -14.41 -23.30
CA LYS YA 9 23.53 -14.79 -23.29
C LYS YA 9 24.35 -14.18 -22.17
N GLN YA 10 24.64 -12.89 -22.26
CA GLN YA 10 25.36 -12.05 -21.31
C GLN YA 10 25.46 -10.67 -21.93
N HIS YA 11 25.68 -9.66 -21.09
CA HIS YA 11 25.98 -8.30 -21.57
C HIS YA 11 27.01 -7.73 -20.59
N ARG YA 12 28.28 -7.88 -20.92
CA ARG YA 12 29.36 -7.56 -20.00
C ARG YA 12 29.47 -6.05 -19.77
N GLU YA 13 29.98 -5.69 -18.60
CA GLU YA 13 30.16 -4.29 -18.23
C GLU YA 13 31.61 -3.88 -18.52
N ARG YA 14 31.77 -2.80 -19.26
CA ARG YA 14 33.10 -2.34 -19.65
C ARG YA 14 33.70 -1.48 -18.55
N SER YA 15 35.01 -1.53 -18.44
CA SER YA 15 35.72 -0.96 -17.30
C SER YA 15 36.02 0.52 -17.53
N GLN YA 16 36.69 1.11 -16.55
CA GLN YA 16 37.18 2.49 -16.65
C GLN YA 16 38.28 2.55 -17.70
N LEU YA 17 38.36 3.71 -18.38
CA LEU YA 17 39.38 3.94 -19.40
C LEU YA 17 40.78 3.83 -18.81
N THR YA 18 41.66 3.15 -19.54
CA THR YA 18 43.05 3.03 -19.11
C THR YA 18 43.78 4.37 -19.22
N SER YA 19 43.38 5.21 -20.18
CA SER YA 19 43.94 6.55 -20.27
C SER YA 19 43.50 7.44 -19.11
N ARG YA 20 42.37 7.13 -18.50
CA ARG YA 20 41.82 7.95 -17.43
C ARG YA 20 41.70 7.13 -16.15
N SER YA 21 42.74 6.37 -15.82
CA SER YA 21 42.70 5.48 -14.67
C SER YA 21 42.96 6.18 -13.35
N ARG YA 22 43.35 7.46 -13.38
CA ARG YA 22 43.55 8.21 -12.14
C ARG YA 22 42.23 8.43 -11.42
N TYR YA 23 41.17 8.76 -12.17
CA TYR YA 23 39.83 8.86 -11.62
C TYR YA 23 39.15 7.50 -11.78
N GLY YA 24 39.54 6.57 -10.91
CA GLY YA 24 39.13 5.19 -11.05
C GLY YA 24 37.68 4.95 -10.67
N PHE YA 25 37.27 3.68 -10.79
CA PHE YA 25 35.97 3.16 -10.40
C PHE YA 25 34.84 3.89 -11.16
N LEU YA 26 34.82 3.64 -12.47
CA LEU YA 26 33.72 4.08 -13.31
C LEU YA 26 32.42 3.44 -12.84
N GLU YA 27 31.46 4.27 -12.45
CA GLU YA 27 30.27 3.80 -11.77
C GLU YA 27 29.10 3.71 -12.74
N LYS YA 28 28.42 2.58 -12.73
CA LYS YA 28 27.28 2.32 -13.59
C LYS YA 28 26.00 2.75 -12.88
N HIS YA 29 24.84 2.31 -13.39
CA HIS YA 29 23.57 2.71 -12.79
C HIS YA 29 23.35 2.06 -11.43
N LYS YA 30 23.91 0.88 -11.20
CA LYS YA 30 23.73 0.23 -9.91
C LYS YA 30 24.63 0.82 -8.84
N ASP YA 31 25.65 1.59 -9.22
CA ASP YA 31 26.46 2.30 -8.25
C ASP YA 31 26.03 3.74 -8.05
N TYR YA 32 25.29 4.31 -9.01
CA TYR YA 32 24.75 5.64 -8.80
C TYR YA 32 23.62 5.62 -7.77
N VAL YA 33 22.79 4.57 -7.80
CA VAL YA 33 21.58 4.57 -6.99
C VAL YA 33 21.91 4.34 -5.52
N LYS YA 34 23.08 3.76 -5.23
CA LYS YA 34 23.54 3.73 -3.84
C LYS YA 34 23.94 5.12 -3.37
N ARG YA 35 24.51 5.92 -4.28
CA ARG YA 35 24.86 7.30 -3.95
C ARG YA 35 23.61 8.17 -3.84
N ALA YA 36 22.61 7.89 -4.66
CA ALA YA 36 21.40 8.71 -4.64
C ALA YA 36 20.54 8.40 -3.43
N GLN YA 37 20.49 7.13 -3.01
CA GLN YA 37 19.75 6.77 -1.80
C GLN YA 37 20.45 7.29 -0.56
N ASP YA 38 21.78 7.29 -0.54
CA ASP YA 38 22.51 7.75 0.63
C ASP YA 38 22.55 9.26 0.75
N PHE YA 39 22.12 9.98 -0.28
CA PHE YA 39 22.04 11.43 -0.18
C PHE YA 39 20.63 11.90 0.12
N HIS YA 40 19.62 11.26 -0.47
CA HIS YA 40 18.24 11.63 -0.20
C HIS YA 40 17.80 11.22 1.20
N ARG YA 41 18.42 10.17 1.75
CA ARG YA 41 18.12 9.78 3.12
C ARG YA 41 18.69 10.79 4.10
N LYS YA 42 19.92 11.26 3.85
CA LYS YA 42 20.53 12.22 4.77
C LYS YA 42 19.95 13.62 4.57
N GLN YA 43 19.50 13.96 3.37
CA GLN YA 43 18.83 15.24 3.18
C GLN YA 43 17.44 15.23 3.79
N SER YA 44 16.85 14.04 3.94
CA SER YA 44 15.56 13.97 4.61
C SER YA 44 15.70 14.19 6.12
N THR YA 45 16.70 13.54 6.75
CA THR YA 45 16.85 13.70 8.18
C THR YA 45 17.51 15.02 8.55
N LEU YA 46 18.21 15.65 7.62
CA LEU YA 46 18.65 17.02 7.86
C LEU YA 46 17.48 17.99 7.77
N LYS YA 47 16.54 17.70 6.88
CA LYS YA 47 15.34 18.55 6.77
C LYS YA 47 14.44 18.38 7.97
N VAL YA 48 14.34 17.16 8.51
CA VAL YA 48 13.52 16.92 9.69
C VAL YA 48 14.14 17.59 10.91
N LEU YA 49 15.47 17.51 11.03
CA LEU YA 49 16.16 18.18 12.13
C LEU YA 49 16.12 19.70 11.98
N ARG YA 50 16.04 20.20 10.75
CA ARG YA 50 15.90 21.64 10.56
C ARG YA 50 14.49 22.11 10.88
N GLU YA 51 13.49 21.27 10.62
CA GLU YA 51 12.12 21.64 10.95
C GLU YA 51 11.91 21.65 12.46
N LYS YA 52 12.62 20.78 13.18
CA LYS YA 52 12.57 20.81 14.64
C LYS YA 52 13.36 22.01 15.18
N ALA YA 53 14.30 22.53 14.39
CA ALA YA 53 15.06 23.70 14.81
C ALA YA 53 14.20 24.95 14.82
N LYS YA 54 13.38 25.13 13.79
CA LYS YA 54 12.52 26.30 13.69
C LYS YA 54 11.34 26.25 14.64
N GLU YA 55 11.04 25.07 15.19
CA GLU YA 55 9.86 24.86 16.01
C GLU YA 55 10.25 24.51 17.43
N ARG YA 56 11.23 25.24 18.00
CA ARG YA 56 11.81 24.84 19.27
C ARG YA 56 10.85 25.08 20.43
N ASN YA 57 10.09 26.19 20.38
CA ASN YA 57 9.20 26.72 21.41
C ASN YA 57 10.09 26.97 22.62
N PRO YA 58 10.77 28.11 22.66
CA PRO YA 58 11.81 28.33 23.68
C PRO YA 58 11.29 28.58 25.10
N ASP YA 59 10.38 27.74 25.58
CA ASP YA 59 9.91 27.79 26.96
C ASP YA 59 9.77 26.40 27.54
N GLU YA 60 10.35 25.38 26.91
CA GLU YA 60 10.18 24.01 27.35
C GLU YA 60 11.05 23.74 28.57
N TYR YA 61 10.56 22.87 29.44
CA TYR YA 61 11.36 22.35 30.54
C TYR YA 61 11.15 20.84 30.58
N TYR YA 62 12.24 20.10 30.42
CA TYR YA 62 12.33 18.70 30.79
C TYR YA 62 13.26 18.64 31.98
N HIS YA 63 12.97 17.77 32.95
CA HIS YA 63 13.66 17.87 34.24
C HIS YA 63 15.13 17.43 34.22
N ALA YA 64 15.71 17.21 33.05
CA ALA YA 64 17.15 16.99 32.91
C ALA YA 64 17.91 18.24 32.51
N MET YA 65 17.28 19.42 32.53
CA MET YA 65 18.02 20.66 32.29
C MET YA 65 18.97 21.01 33.42
N HIS YA 66 18.85 20.37 34.59
CA HIS YA 66 19.79 20.60 35.67
C HIS YA 66 21.10 19.83 35.44
N SER YA 67 21.00 18.53 35.24
CA SER YA 67 22.19 17.68 35.21
C SER YA 67 22.95 17.82 33.90
N ARG YA 68 22.25 18.07 32.79
CA ARG YA 68 22.91 18.19 31.50
C ARG YA 68 23.48 19.58 31.34
N LYS YA 69 24.75 19.66 30.97
CA LYS YA 69 25.44 20.93 30.80
C LYS YA 69 25.69 21.20 29.32
N THR YA 70 26.08 22.44 29.02
CA THR YA 70 26.30 22.88 27.66
C THR YA 70 27.61 23.67 27.60
N ASP YA 71 28.35 23.50 26.51
CA ASP YA 71 29.54 24.30 26.27
C ASP YA 71 29.16 25.76 26.03
N ALA YA 72 30.16 26.64 26.19
CA ALA YA 72 29.93 28.06 26.01
C ALA YA 72 29.66 28.44 24.57
N LYS YA 73 30.04 27.60 23.60
CA LYS YA 73 29.77 27.89 22.21
C LYS YA 73 28.30 27.71 21.87
N GLY YA 74 27.63 26.73 22.50
CA GLY YA 74 26.22 26.53 22.27
C GLY YA 74 25.79 25.08 22.18
N LEU YA 75 26.70 24.19 21.78
CA LEU YA 75 26.39 22.78 21.66
C LEU YA 75 26.60 22.08 22.99
N LEU YA 76 25.80 21.04 23.23
CA LEU YA 76 25.82 20.35 24.51
C LEU YA 76 27.05 19.46 24.63
N ILE YA 77 27.37 19.09 25.87
CA ILE YA 77 28.55 18.31 26.17
C ILE YA 77 28.13 17.04 26.89
N SER YA 78 28.86 15.96 26.63
CA SER YA 78 28.65 14.68 27.28
C SER YA 78 30.01 14.14 27.71
N SER YA 79 30.08 13.61 28.93
CA SER YA 79 31.34 13.17 29.49
C SER YA 79 31.82 11.89 28.82
N ARG YA 80 33.13 11.68 28.84
CA ARG YA 80 33.74 10.50 28.23
C ARG YA 80 33.35 9.23 28.97
N HIS YA 81 33.36 9.27 30.29
CA HIS YA 81 32.98 8.10 31.06
C HIS YA 81 31.49 7.80 30.92
N GLY YA 82 30.67 8.85 30.89
CA GLY YA 82 29.24 8.70 30.76
C GLY YA 82 28.51 8.34 32.04
N ASP YA 83 29.21 7.81 33.04
CA ASP YA 83 28.61 7.49 34.31
C ASP YA 83 28.23 8.77 35.06
N GLU YA 84 27.23 8.65 35.92
CA GLU YA 84 26.78 9.76 36.75
C GLU YA 84 27.51 9.82 38.08
N GLU YA 85 28.64 9.13 38.20
CA GLU YA 85 29.39 9.03 39.44
C GLU YA 85 30.87 9.30 39.30
N ASP YA 86 31.44 9.23 38.11
CA ASP YA 86 32.88 9.34 37.90
C ASP YA 86 33.21 10.66 37.21
N GLU YA 87 32.54 11.73 37.64
CA GLU YA 87 32.92 13.06 37.18
C GLU YA 87 34.27 13.47 37.75
N SER YA 88 34.56 13.08 38.99
CA SER YA 88 35.83 13.37 39.65
C SER YA 88 36.08 12.28 40.67
N LEU YA 89 37.05 12.50 41.55
CA LEU YA 89 37.37 11.55 42.60
C LEU YA 89 37.56 12.29 43.93
N SER YA 90 37.03 11.71 45.00
CA SER YA 90 37.19 12.29 46.32
C SER YA 90 38.60 12.01 46.85
N MET YA 91 38.93 12.66 47.97
CA MET YA 91 40.26 12.50 48.54
C MET YA 91 40.46 11.15 49.19
N ASP YA 92 39.40 10.53 49.69
CA ASP YA 92 39.56 9.19 50.25
C ASP YA 92 39.80 8.16 49.15
N GLN YA 93 39.24 8.39 47.97
CA GLN YA 93 39.50 7.50 46.85
C GLN YA 93 40.90 7.72 46.30
N VAL YA 94 41.35 8.97 46.24
CA VAL YA 94 42.66 9.28 45.69
C VAL YA 94 43.76 8.78 46.62
N LYS YA 95 43.54 8.87 47.93
CA LYS YA 95 44.49 8.35 48.90
C LYS YA 95 44.63 6.85 48.80
N LEU YA 96 43.51 6.14 48.59
CA LEU YA 96 43.56 4.69 48.47
C LEU YA 96 44.15 4.26 47.14
N LEU YA 97 43.81 4.96 46.06
CA LEU YA 97 44.27 4.55 44.74
C LEU YA 97 45.75 4.83 44.55
N LYS YA 98 46.28 5.88 45.18
CA LYS YA 98 47.71 6.12 45.11
C LYS YA 98 48.50 5.13 45.94
N THR YA 99 47.88 4.61 47.02
CA THR YA 99 48.49 3.54 47.78
C THR YA 99 48.63 2.26 46.96
N GLN YA 100 47.58 1.93 46.19
CA GLN YA 100 47.63 0.77 45.32
C GLN YA 100 48.64 0.97 44.19
N ASP YA 101 48.81 2.22 43.75
CA ASP YA 101 49.83 2.50 42.75
C ASP YA 101 51.23 2.39 43.33
N SER YA 102 51.40 2.72 44.61
CA SER YA 102 52.71 2.61 45.21
C SER YA 102 53.06 1.17 45.53
N ASN YA 103 52.05 0.34 45.82
CA ASN YA 103 52.32 -1.06 46.14
C ASN YA 103 52.74 -1.84 44.91
N TYR YA 104 52.12 -1.57 43.77
CA TYR YA 104 52.40 -2.32 42.55
C TYR YA 104 53.82 -2.01 42.06
N VAL YA 105 54.21 -0.73 42.12
CA VAL YA 105 55.50 -0.31 41.56
C VAL YA 105 56.65 -0.87 42.38
N ARG YA 106 56.53 -0.87 43.71
CA ARG YA 106 57.57 -1.47 44.53
C ARG YA 106 57.57 -3.01 44.41
N THR YA 107 56.45 -3.61 44.01
CA THR YA 107 56.43 -5.05 43.86
C THR YA 107 57.16 -5.46 42.59
N LEU YA 108 57.00 -4.69 41.52
CA LEU YA 108 57.81 -4.88 40.33
C LEU YA 108 59.27 -4.52 40.61
N ARG YA 109 59.50 -3.51 41.44
CA ARG YA 109 60.86 -3.09 41.76
C ARG YA 109 61.58 -4.13 42.59
N GLN YA 110 60.88 -4.74 43.54
CA GLN YA 110 61.51 -5.77 44.36
C GLN YA 110 61.63 -7.08 43.60
N ILE YA 111 60.81 -7.28 42.57
CA ILE YA 111 60.98 -8.43 41.68
C ILE YA 111 62.28 -8.28 40.89
N GLU YA 112 62.51 -7.08 40.34
CA GLU YA 112 63.72 -6.85 39.57
C GLU YA 112 64.96 -6.79 40.46
N LEU YA 113 64.78 -6.38 41.72
CA LEU YA 113 65.90 -6.39 42.65
C LEU YA 113 66.29 -7.80 43.05
N LYS YA 114 65.30 -8.67 43.29
CA LYS YA 114 65.60 -10.04 43.68
C LYS YA 114 66.17 -10.83 42.51
N LYS YA 115 65.69 -10.54 41.30
CA LYS YA 115 66.27 -11.18 40.12
C LYS YA 115 67.66 -10.64 39.80
N LEU YA 116 67.98 -9.44 40.30
CA LEU YA 116 69.32 -8.90 40.12
C LEU YA 116 70.33 -9.67 40.96
N GLU YA 117 70.01 -9.87 42.24
CA GLU YA 117 70.94 -10.58 43.11
C GLU YA 117 70.91 -12.09 42.84
N LYS YA 118 69.79 -12.61 42.31
CA LYS YA 118 69.81 -13.95 41.76
C LYS YA 118 70.60 -13.99 40.46
N GLY YA 119 70.55 -12.89 39.70
CA GLY YA 119 71.35 -12.80 38.49
C GLY YA 119 72.81 -12.56 38.76
N ALA YA 120 73.15 -12.08 39.95
CA ALA YA 120 74.56 -11.97 40.33
C ALA YA 120 75.08 -13.25 40.95
N LYS YA 121 74.19 -14.19 41.25
CA LYS YA 121 74.60 -15.42 41.92
C LYS YA 121 75.33 -16.36 40.98
N GLN YA 122 74.82 -16.54 39.76
CA GLN YA 122 75.42 -17.48 38.83
C GLN YA 122 76.31 -16.80 37.79
N LEU YA 123 76.48 -15.50 37.87
CA LEU YA 123 77.36 -14.77 36.96
C LEU YA 123 78.79 -14.78 37.48
N MET YA 124 79.74 -14.58 36.57
CA MET YA 124 81.16 -14.59 36.88
C MET YA 124 81.72 -13.20 36.64
N PHE YA 125 82.38 -12.63 37.63
CA PHE YA 125 83.05 -11.35 37.49
C PHE YA 125 84.55 -11.54 37.60
N LYS YA 126 85.28 -11.17 36.54
CA LYS YA 126 86.72 -11.35 36.53
C LYS YA 126 87.40 -10.31 37.42
N SER YA 127 88.41 -10.74 38.17
CA SER YA 127 89.12 -9.87 39.10
C SER YA 127 90.42 -9.38 38.49
N SER YA 128 90.67 -8.08 38.60
CA SER YA 128 91.93 -7.47 38.18
C SER YA 128 92.43 -6.57 39.31
N GLY YA 129 93.12 -7.18 40.28
CA GLY YA 129 93.63 -6.47 41.43
C GLY YA 129 95.13 -6.26 41.37
N ASN YA 130 95.64 -5.67 42.45
CA ASN YA 130 97.08 -5.42 42.56
C ASN YA 130 97.75 -6.63 43.22
N HIS YA 131 97.82 -7.70 42.43
CA HIS YA 131 98.48 -8.94 42.83
C HIS YA 131 99.98 -8.69 42.86
N THR YA 132 100.54 -8.49 44.05
CA THR YA 132 101.96 -8.19 44.17
C THR YA 132 102.70 -9.22 45.01
N ILE YA 133 103.87 -9.61 44.52
CA ILE YA 133 104.70 -10.66 45.09
C ILE YA 133 105.96 -10.01 45.66
N PHE YA 134 106.20 -10.22 46.95
CA PHE YA 134 107.39 -9.66 47.56
C PHE YA 134 108.62 -10.47 47.19
N VAL YA 135 109.78 -9.82 47.21
CA VAL YA 135 111.05 -10.45 46.86
C VAL YA 135 112.07 -10.08 47.94
N ASP YA 136 113.11 -10.91 48.06
CA ASP YA 136 114.08 -10.77 49.15
C ASP YA 136 115.42 -10.22 48.68
N SER YA 137 115.69 -10.18 47.38
CA SER YA 137 116.99 -9.77 46.88
C SER YA 137 116.81 -8.91 45.63
N ARG YA 138 117.78 -8.03 45.41
CA ARG YA 138 117.73 -7.17 44.23
C ARG YA 138 118.07 -7.95 42.96
N GLU YA 139 118.85 -9.02 43.08
CA GLU YA 139 119.16 -9.82 41.91
C GLU YA 139 117.96 -10.62 41.42
N LYS YA 140 117.08 -11.03 42.34
CA LYS YA 140 115.83 -11.65 41.94
C LYS YA 140 114.77 -10.60 41.61
N MET YA 141 115.03 -9.35 41.99
CA MET YA 141 114.08 -8.27 41.73
C MET YA 141 114.03 -7.92 40.24
N ASN YA 142 115.20 -7.84 39.60
CA ASN YA 142 115.30 -7.41 38.22
C ASN YA 142 115.32 -8.57 37.23
N GLU YA 143 115.48 -9.81 37.70
CA GLU YA 143 115.39 -10.97 36.83
C GLU YA 143 114.01 -11.59 36.82
N PHE YA 144 113.07 -11.00 37.55
CA PHE YA 144 111.72 -11.54 37.65
C PHE YA 144 110.97 -11.42 36.33
N THR YA 145 110.27 -12.49 35.98
CA THR YA 145 109.35 -12.53 34.88
C THR YA 145 108.25 -13.44 35.42
N PRO YA 146 106.97 -13.09 35.23
CA PRO YA 146 105.90 -13.97 35.71
C PRO YA 146 105.88 -15.34 35.05
N GLU YA 147 106.32 -15.44 33.80
CA GLU YA 147 106.44 -16.76 33.18
C GLU YA 147 107.53 -17.60 33.84
N LYS YA 148 108.54 -16.94 34.42
CA LYS YA 148 109.55 -17.66 35.17
C LYS YA 148 109.05 -18.04 36.56
N PHE YA 149 108.28 -17.16 37.20
CA PHE YA 149 107.90 -17.38 38.59
C PHE YA 149 106.77 -18.40 38.69
N PHE YA 150 105.73 -18.23 37.89
CA PHE YA 150 104.61 -19.17 37.88
C PHE YA 150 104.89 -20.41 37.05
N ASN YA 151 106.11 -20.51 36.49
CA ASN YA 151 106.62 -21.53 35.55
C ASN YA 151 105.56 -22.04 34.58
N THR YA 152 104.98 -21.09 33.84
CA THR YA 152 103.96 -21.40 32.85
C THR YA 152 104.01 -20.39 31.71
N THR YA 153 103.15 -20.59 30.73
CA THR YA 153 103.17 -19.78 29.52
C THR YA 153 102.59 -18.39 29.77
N SER YA 154 102.81 -17.49 28.81
CA SER YA 154 102.40 -16.10 28.96
C SER YA 154 100.89 -15.94 28.93
N GLU YA 155 100.21 -16.67 28.04
CA GLU YA 155 98.75 -16.58 27.97
C GLU YA 155 98.08 -17.23 29.16
N MET YA 156 98.76 -18.16 29.84
CA MET YA 156 98.26 -18.73 31.07
C MET YA 156 98.44 -17.80 32.26
N VAL YA 157 99.45 -16.92 32.20
CA VAL YA 157 99.77 -16.06 33.34
C VAL YA 157 98.71 -14.98 33.52
N ASN YA 158 98.32 -14.32 32.43
CA ASN YA 158 97.48 -13.13 32.52
C ASN YA 158 96.05 -13.43 32.95
N ARG YA 159 95.56 -14.65 32.72
CA ARG YA 159 94.27 -15.03 33.24
C ARG YA 159 94.34 -15.20 34.76
N SER YA 160 93.41 -14.54 35.46
CA SER YA 160 93.42 -14.54 36.91
C SER YA 160 92.45 -15.54 37.53
N GLU YA 161 91.41 -15.94 36.80
CA GLU YA 161 90.47 -16.91 37.34
C GLU YA 161 91.09 -18.29 37.51
N ASN YA 162 92.07 -18.63 36.66
CA ASN YA 162 92.96 -19.77 36.87
C ASN YA 162 94.29 -19.50 36.17
N ARG YA 163 95.37 -20.02 36.75
CA ARG YA 163 96.71 -19.85 36.20
C ARG YA 163 97.44 -21.18 36.43
N LEU YA 164 97.33 -22.07 35.46
CA LEU YA 164 97.78 -23.44 35.66
C LEU YA 164 99.26 -23.58 35.38
N THR YA 165 99.93 -24.40 36.20
CA THR YA 165 101.36 -24.64 36.08
C THR YA 165 101.62 -25.51 34.85
N LYS YA 166 102.86 -25.48 34.34
CA LYS YA 166 103.23 -26.32 33.20
C LYS YA 166 103.17 -27.80 33.53
N ASP YA 167 103.35 -28.17 34.79
CA ASP YA 167 103.07 -29.54 35.20
C ASP YA 167 101.58 -29.85 35.13
N GLN YA 168 100.73 -28.85 35.39
CA GLN YA 168 99.29 -29.00 35.28
C GLN YA 168 98.79 -28.92 33.84
N LEU YA 169 99.64 -28.50 32.90
CA LEU YA 169 99.30 -28.50 31.47
C LEU YA 169 99.58 -29.84 30.80
N ALA YA 170 99.76 -30.91 31.57
CA ALA YA 170 99.99 -32.23 31.00
C ALA YA 170 99.22 -33.29 31.79
N ASN YA 178 86.35 -28.55 25.55
CA ASN YA 178 86.90 -27.56 24.64
C ASN YA 178 85.83 -26.99 23.73
N ALA YA 179 85.09 -27.86 23.07
CA ALA YA 179 84.02 -27.45 22.17
C ALA YA 179 82.78 -28.31 22.34
N SER YA 180 82.51 -28.79 23.56
CA SER YA 180 81.26 -29.48 23.83
C SER YA 180 80.07 -28.54 23.69
N SER YA 181 80.21 -27.31 24.19
CA SER YA 181 79.34 -26.23 23.74
C SER YA 181 79.81 -25.86 22.34
N ILE YA 182 79.12 -26.42 21.32
CA ILE YA 182 79.69 -26.50 19.99
C ILE YA 182 79.74 -25.13 19.32
N MET YA 183 80.72 -24.98 18.40
CA MET YA 183 81.33 -23.76 17.84
C MET YA 183 81.40 -22.65 18.88
N PRO YA 184 82.21 -22.80 19.94
CA PRO YA 184 82.18 -21.81 21.03
C PRO YA 184 82.88 -20.50 20.71
N LYS YA 185 83.45 -20.35 19.51
CA LYS YA 185 84.08 -19.09 19.13
C LYS YA 185 83.05 -17.99 18.86
N GLU YA 186 81.78 -18.35 18.67
CA GLU YA 186 80.73 -17.37 18.51
C GLU YA 186 79.57 -17.69 19.42
N SER YA 187 79.47 -18.95 19.86
CA SER YA 187 78.34 -19.38 20.68
C SER YA 187 78.57 -19.10 22.15
N LEU YA 188 79.77 -19.38 22.65
CA LEU YA 188 80.03 -19.27 24.08
C LEU YA 188 80.16 -17.81 24.52
N ASP YA 189 80.90 -17.00 23.76
CA ASP YA 189 81.19 -15.63 24.17
C ASP YA 189 79.95 -14.74 24.05
N LYS YA 190 79.12 -14.98 23.04
CA LYS YA 190 77.88 -14.21 22.90
C LYS YA 190 76.90 -14.56 24.00
N LYS YA 191 76.76 -15.85 24.32
CA LYS YA 191 75.81 -16.27 25.34
C LYS YA 191 76.27 -15.87 26.74
N LYS YA 192 77.59 -15.84 26.96
CA LYS YA 192 78.11 -15.30 28.22
C LYS YA 192 77.86 -13.81 28.32
N LEU YA 193 77.96 -13.10 27.19
CA LEU YA 193 77.63 -11.69 27.15
C LEU YA 193 76.14 -11.45 27.36
N LYS YA 194 75.29 -12.40 26.96
CA LYS YA 194 73.85 -12.23 27.10
C LYS YA 194 73.40 -12.33 28.54
N LYS YA 195 74.12 -13.10 29.37
CA LYS YA 195 73.82 -13.11 30.80
C LYS YA 195 74.18 -11.78 31.45
N PHE YA 196 75.28 -11.16 30.99
CA PHE YA 196 75.62 -9.81 31.44
C PHE YA 196 74.59 -8.80 30.97
N LYS YA 197 74.05 -9.00 29.77
CA LYS YA 197 73.07 -8.08 29.23
C LYS YA 197 71.76 -8.15 29.99
N GLN YA 198 71.40 -9.36 30.45
CA GLN YA 198 70.14 -9.52 31.17
C GLN YA 198 70.23 -8.94 32.58
N VAL YA 199 71.41 -9.02 33.21
CA VAL YA 199 71.61 -8.40 34.50
C VAL YA 199 71.62 -6.88 34.36
N LYS YA 200 72.19 -6.36 33.27
CA LYS YA 200 72.14 -4.93 33.01
C LYS YA 200 70.71 -4.46 32.75
N GLN YA 201 69.91 -5.27 32.06
CA GLN YA 201 68.50 -4.94 31.90
C GLN YA 201 67.74 -5.09 33.20
N HIS YA 202 68.22 -5.97 34.09
CA HIS YA 202 67.65 -6.02 35.44
C HIS YA 202 67.95 -4.74 36.21
N LEU YA 203 69.16 -4.21 36.06
CA LEU YA 203 69.57 -3.05 36.84
C LEU YA 203 68.92 -1.77 36.31
N GLN YA 204 68.85 -1.61 35.00
CA GLN YA 204 68.29 -0.39 34.44
C GLN YA 204 66.77 -0.34 34.58
N ARG YA 205 66.13 -1.51 34.68
CA ARG YA 205 64.71 -1.53 35.00
C ARG YA 205 64.48 -1.24 36.47
N GLU YA 206 65.40 -1.69 37.34
CA GLU YA 206 65.24 -1.49 38.77
C GLU YA 206 65.43 -0.04 39.17
N THR YA 207 66.47 0.62 38.64
CA THR YA 207 66.69 2.02 38.99
C THR YA 207 65.69 2.94 38.31
N GLN YA 208 65.07 2.48 37.22
CA GLN YA 208 63.96 3.24 36.66
C GLN YA 208 62.71 3.08 37.52
N LEU YA 209 62.52 1.90 38.10
CA LEU YA 209 61.38 1.70 38.99
C LEU YA 209 61.59 2.36 40.35
N LYS YA 210 62.85 2.58 40.73
CA LYS YA 210 63.13 3.31 41.96
C LYS YA 210 62.78 4.78 41.81
N GLN YA 211 63.15 5.38 40.67
CA GLN YA 211 62.83 6.78 40.43
C GLN YA 211 61.34 6.97 40.19
N VAL YA 212 60.67 5.96 39.63
CA VAL YA 212 59.24 6.03 39.45
C VAL YA 212 58.53 5.97 40.80
N GLN YA 213 58.96 5.05 41.68
CA GLN YA 213 58.35 4.88 43.00
C GLN YA 213 58.52 6.12 43.87
N GLN YA 214 59.69 6.76 43.80
CA GLN YA 214 59.94 7.94 44.62
C GLN YA 214 59.08 9.12 44.18
N ARG YA 215 58.67 9.13 42.92
CA ARG YA 215 57.91 10.27 42.41
C ARG YA 215 56.45 10.24 42.83
N MET YA 216 55.86 9.07 43.06
CA MET YA 216 54.54 9.12 43.68
C MET YA 216 54.59 8.98 45.20
N ASP YA 217 55.70 8.49 45.75
CA ASP YA 217 55.82 8.44 47.20
C ASP YA 217 55.95 9.84 47.80
N ALA YA 218 56.59 10.76 47.08
CA ALA YA 218 56.54 12.16 47.49
C ALA YA 218 55.16 12.75 47.23
N GLN YA 219 54.48 12.28 46.18
CA GLN YA 219 53.12 12.73 45.91
C GLN YA 219 52.14 12.18 46.93
N ARG YA 220 52.33 10.94 47.37
CA ARG YA 220 51.41 10.34 48.33
C ARG YA 220 51.56 10.98 49.71
N GLU YA 221 52.78 11.33 50.09
CA GLU YA 221 53.01 12.04 51.35
C GLU YA 221 52.63 13.51 51.26
N LEU YA 222 52.39 14.02 50.06
CA LEU YA 222 51.94 15.40 49.90
C LEU YA 222 50.48 15.59 50.30
N LEU YA 223 49.70 14.52 50.34
CA LEU YA 223 48.26 14.61 50.50
C LEU YA 223 47.79 14.48 51.94
N LYS YA 224 48.68 14.23 52.89
CA LYS YA 224 48.21 13.70 54.16
C LYS YA 224 47.67 14.79 55.09
N LYS YA 225 48.56 15.63 55.62
CA LYS YA 225 48.21 16.65 56.61
C LYS YA 225 49.28 17.73 56.58
N GLY YA 226 49.29 18.58 57.59
CA GLY YA 226 50.36 19.52 57.80
C GLY YA 226 50.26 20.75 56.92
N SER YA 227 51.09 21.74 57.24
CA SER YA 227 51.18 22.97 56.46
C SER YA 227 52.24 22.79 55.38
N LYS YA 228 51.79 22.55 54.16
CA LYS YA 228 52.73 22.37 53.06
C LYS YA 228 53.31 23.72 52.64
N LYS YA 229 54.49 23.67 52.03
CA LYS YA 229 55.11 24.86 51.48
C LYS YA 229 55.96 24.44 50.30
N LYS YA 230 55.70 25.02 49.13
CA LYS YA 230 56.38 24.63 47.90
C LYS YA 230 57.61 25.50 47.70
N ILE YA 231 58.79 24.95 47.97
CA ILE YA 231 60.04 25.64 47.69
C ILE YA 231 60.43 25.34 46.25
N VAL YA 232 61.24 26.22 45.67
CA VAL YA 232 61.66 26.12 44.28
C VAL YA 232 63.16 26.38 44.20
N ASP YA 233 63.90 25.43 43.65
CA ASP YA 233 65.33 25.59 43.45
C ASP YA 233 65.59 26.57 42.30
N SER YA 234 66.77 27.19 42.32
CA SER YA 234 67.16 28.12 41.27
C SER YA 234 67.33 27.43 39.93
N SER YA 235 67.63 26.13 39.92
CA SER YA 235 67.64 25.35 38.69
C SER YA 235 66.25 24.93 38.25
N GLY YA 236 65.22 25.13 39.08
CA GLY YA 236 63.86 24.78 38.74
C GLY YA 236 63.37 23.47 39.30
N LYS YA 237 64.18 22.76 40.10
CA LYS YA 237 63.79 21.48 40.68
C LYS YA 237 62.92 21.75 41.90
N ILE YA 238 61.63 21.45 41.81
CA ILE YA 238 60.72 21.76 42.89
C ILE YA 238 60.82 20.69 43.98
N SER YA 239 60.39 21.06 45.18
CA SER YA 239 60.33 20.15 46.32
C SER YA 239 59.26 20.67 47.26
N PHE YA 240 59.15 20.06 48.43
CA PHE YA 240 58.19 20.49 49.43
C PHE YA 240 58.81 20.39 50.81
N LYS YA 241 58.95 21.53 51.48
CA LYS YA 241 59.37 21.62 52.85
C LYS YA 241 58.18 21.93 53.74
N TRP YA 242 58.14 21.29 54.91
CA TRP YA 242 56.94 21.28 55.74
C TRP YA 242 57.15 22.13 56.99
N LYS YA 243 56.05 22.43 57.65
CA LYS YA 243 56.12 23.16 58.90
C LYS YA 243 56.63 22.24 60.01
N LYS YA 244 57.12 22.87 61.07
CA LYS YA 244 57.66 22.13 62.21
C LYS YA 244 56.60 21.90 63.28
N GLN YA 245 55.49 21.29 62.87
CA GLN YA 245 54.36 21.04 63.77
C GLN YA 245 54.33 19.57 64.14
N ARG YA 246 54.31 19.29 65.45
CA ARG YA 246 54.27 17.92 65.96
C ARG YA 246 52.85 17.39 65.84
N LYS YA 247 52.67 16.37 65.00
CA LYS YA 247 51.34 15.79 64.81
C LYS YA 247 50.99 14.89 65.98
N ARG YA 248 49.83 15.14 66.58
CA ARG YA 248 49.40 14.41 67.77
C ARG YA 248 48.99 12.98 67.44
N ALA ZA 1 69.80 59.43 -109.33
CA ALA ZA 1 69.81 59.24 -107.88
C ALA ZA 1 68.93 58.06 -107.49
N LEU ZA 2 68.65 57.96 -106.18
CA LEU ZA 2 67.82 56.92 -105.58
C LEU ZA 2 68.29 55.50 -105.91
N PRO ZA 3 69.58 55.22 -105.80
CA PRO ZA 3 70.05 53.84 -105.95
C PRO ZA 3 69.57 52.97 -104.81
N GLU ZA 4 69.29 51.70 -105.14
CA GLU ZA 4 68.68 50.72 -104.24
C GLU ZA 4 67.37 51.24 -103.63
N LYS ZA 5 66.39 51.46 -104.52
CA LYS ZA 5 65.11 52.02 -104.12
C LYS ZA 5 64.29 51.07 -103.27
N VAL ZA 6 64.60 49.77 -103.30
CA VAL ZA 6 63.99 48.81 -102.36
C VAL ZA 6 64.69 48.78 -101.02
N ILE ZA 7 65.74 49.59 -100.86
CA ILE ZA 7 66.49 49.66 -99.61
C ILE ZA 7 66.35 51.07 -99.03
N LYS ZA 8 65.18 51.67 -99.23
CA LYS ZA 8 64.92 53.05 -98.83
C LYS ZA 8 64.80 53.12 -97.31
N ALA ZA 9 65.95 53.26 -96.65
CA ALA ZA 9 65.98 53.37 -95.20
C ALA ZA 9 65.50 54.72 -94.71
N TYR ZA 10 65.44 55.73 -95.59
CA TYR ZA 10 64.86 57.02 -95.21
C TYR ZA 10 63.37 56.89 -94.95
N THR ZA 11 62.66 56.12 -95.78
CA THR ZA 11 61.26 55.85 -95.54
C THR ZA 11 61.05 54.82 -94.44
N THR ZA 12 62.01 53.90 -94.26
CA THR ZA 12 61.88 52.89 -93.21
C THR ZA 12 62.16 53.48 -91.84
N VAL ZA 13 62.86 54.61 -91.77
CA VAL ZA 13 63.10 55.31 -90.52
C VAL ZA 13 62.50 56.71 -90.53
N GLY ZA 14 61.52 56.94 -91.41
CA GLY ZA 14 60.86 58.23 -91.47
C GLY ZA 14 59.94 58.51 -90.30
N SER ZA 15 59.46 57.46 -89.62
CA SER ZA 15 58.60 57.66 -88.45
C SER ZA 15 59.38 58.26 -87.29
N ILE ZA 16 60.64 57.86 -87.12
CA ILE ZA 16 61.50 58.48 -86.11
C ILE ZA 16 61.88 59.89 -86.54
N LEU ZA 17 62.17 60.09 -87.82
CA LEU ZA 17 62.63 61.38 -88.30
C LEU ZA 17 61.50 62.41 -88.39
N LYS ZA 18 60.24 61.98 -88.34
CA LYS ZA 18 59.13 62.91 -88.34
C LYS ZA 18 58.63 63.23 -86.94
N THR ZA 19 58.95 62.40 -85.95
CA THR ZA 19 58.47 62.56 -84.59
C THR ZA 19 59.60 62.35 -83.59
N TRP ZA 20 60.73 63.02 -83.82
CA TRP ZA 20 61.86 62.94 -82.90
C TRP ZA 20 61.78 64.04 -81.83
N THR ZA 21 60.70 63.98 -81.05
CA THR ZA 21 60.54 64.92 -79.94
C THR ZA 21 61.53 64.61 -78.82
N HIS ZA 22 61.63 63.33 -78.43
CA HIS ZA 22 62.58 62.88 -77.43
C HIS ZA 22 62.83 61.40 -77.63
N GLY ZA 23 63.92 60.92 -77.04
CA GLY ZA 23 64.25 59.50 -77.10
C GLY ZA 23 65.63 59.22 -77.68
N LYS ZA 24 65.66 58.49 -78.80
CA LYS ZA 24 66.89 58.09 -79.47
C LYS ZA 24 67.08 58.92 -80.74
N LEU ZA 25 68.14 58.57 -81.48
CA LEU ZA 25 68.51 59.29 -82.70
C LEU ZA 25 68.19 58.45 -83.93
N PRO ZA 26 68.03 59.09 -85.09
CA PRO ZA 26 67.74 58.36 -86.32
C PRO ZA 26 68.99 57.68 -86.88
N LYS ZA 27 68.95 56.35 -86.93
CA LYS ZA 27 70.14 55.59 -87.36
C LYS ZA 27 70.33 55.68 -88.87
N LEU ZA 28 69.24 55.67 -89.63
CA LEU ZA 28 69.36 55.76 -91.09
C LEU ZA 28 69.80 57.14 -91.53
N PHE ZA 29 69.39 58.19 -90.80
CA PHE ZA 29 69.89 59.52 -91.08
C PHE ZA 29 71.35 59.68 -90.69
N LYS ZA 30 71.79 58.92 -89.67
CA LYS ZA 30 73.21 58.91 -89.32
C LYS ZA 30 74.03 58.20 -90.40
N VAL ZA 31 73.47 57.15 -91.00
CA VAL ZA 31 74.16 56.45 -92.08
C VAL ZA 31 74.00 57.16 -93.42
N ILE ZA 32 73.07 58.10 -93.52
CA ILE ZA 32 72.88 58.92 -94.72
C ILE ZA 32 74.06 59.88 -94.88
N PRO ZA 33 74.70 60.30 -93.78
CA PRO ZA 33 75.80 61.26 -93.89
C PRO ZA 33 77.07 60.68 -94.50
N SER ZA 34 77.19 59.35 -94.59
CA SER ZA 34 78.35 58.73 -95.21
C SER ZA 34 78.31 58.79 -96.74
N LEU ZA 35 77.18 59.19 -97.32
CA LEU ZA 35 77.05 59.33 -98.77
C LEU ZA 35 77.14 60.81 -99.14
N ARG ZA 36 77.72 61.08 -100.31
CA ARG ZA 36 77.88 62.45 -100.80
C ARG ZA 36 76.67 62.93 -101.57
N ASN ZA 37 75.60 62.15 -101.64
CA ASN ZA 37 74.37 62.51 -102.34
C ASN ZA 37 73.30 63.01 -101.37
N TRP ZA 38 73.70 63.79 -100.36
CA TRP ZA 38 72.78 64.22 -99.32
C TRP ZA 38 71.76 65.22 -99.84
N GLN ZA 39 72.12 66.01 -100.86
CA GLN ZA 39 71.17 66.96 -101.43
C GLN ZA 39 70.07 66.27 -102.21
N ASP ZA 40 70.35 65.10 -102.79
CA ASP ZA 40 69.36 64.35 -103.54
C ASP ZA 40 68.66 63.29 -102.70
N VAL ZA 41 69.00 63.16 -101.42
CA VAL ZA 41 68.42 62.15 -100.55
C VAL ZA 41 67.55 62.78 -99.46
N ILE ZA 42 67.93 63.95 -98.95
CA ILE ZA 42 67.23 64.55 -97.83
C ILE ZA 42 65.92 65.21 -98.22
N TYR ZA 43 65.64 65.35 -99.52
CA TYR ZA 43 64.38 65.96 -99.95
C TYR ZA 43 63.20 65.05 -99.68
N VAL ZA 44 63.38 63.74 -99.79
CA VAL ZA 44 62.31 62.76 -99.57
C VAL ZA 44 62.65 61.89 -98.37
N THR ZA 45 63.40 62.45 -97.41
CA THR ZA 45 63.78 61.74 -96.20
C THR ZA 45 63.03 62.27 -94.97
N ASN ZA 46 61.79 62.73 -95.18
CA ASN ZA 46 60.87 63.31 -94.18
C ASN ZA 46 61.51 64.48 -93.44
N PRO ZA 47 62.18 65.39 -94.16
CA PRO ZA 47 62.81 66.53 -93.47
C PRO ZA 47 61.93 67.77 -93.48
N GLU ZA 48 60.82 67.71 -94.21
CA GLU ZA 48 59.88 68.82 -94.31
C GLU ZA 48 58.58 68.58 -93.56
N GLU ZA 49 58.42 67.40 -92.94
CA GLU ZA 49 57.21 67.04 -92.20
C GLU ZA 49 57.58 66.58 -90.80
N TRP ZA 50 58.43 67.36 -90.13
CA TRP ZA 50 58.95 67.00 -88.82
C TRP ZA 50 58.74 68.15 -87.85
N SER ZA 51 58.71 67.80 -86.55
CA SER ZA 51 58.52 68.77 -85.49
C SER ZA 51 59.78 69.59 -85.29
N PRO ZA 52 59.68 70.71 -84.56
CA PRO ZA 52 60.89 71.51 -84.27
C PRO ZA 52 61.93 70.79 -83.43
N HIS ZA 53 61.51 69.90 -82.54
CA HIS ZA 53 62.47 69.08 -81.82
C HIS ZA 53 63.09 68.03 -82.73
N VAL ZA 54 62.32 67.54 -83.70
CA VAL ZA 54 62.86 66.62 -84.70
C VAL ZA 54 63.83 67.34 -85.62
N VAL ZA 55 63.53 68.60 -85.96
CA VAL ZA 55 64.43 69.39 -86.78
C VAL ZA 55 65.70 69.74 -86.01
N TYR ZA 56 65.58 70.02 -84.71
CA TYR ZA 56 66.75 70.34 -83.90
C TYR ZA 56 67.62 69.12 -83.67
N GLU ZA 57 67.02 67.94 -83.56
CA GLU ZA 57 67.79 66.71 -83.42
C GLU ZA 57 68.56 66.38 -84.70
N ALA ZA 58 67.96 66.67 -85.85
CA ALA ZA 58 68.63 66.39 -87.12
C ALA ZA 58 69.71 67.42 -87.41
N THR ZA 59 69.48 68.69 -87.05
CA THR ZA 59 70.45 69.74 -87.35
C THR ZA 59 71.65 69.66 -86.42
N LYS ZA 60 71.45 69.23 -85.17
CA LYS ZA 60 72.57 69.08 -84.25
C LYS ZA 60 73.41 67.86 -84.58
N LEU ZA 61 72.77 66.79 -85.07
CA LEU ZA 61 73.49 65.57 -85.40
C LEU ZA 61 74.32 65.71 -86.68
N PHE ZA 62 74.00 66.67 -87.53
CA PHE ZA 62 74.75 66.86 -88.77
C PHE ZA 62 75.81 67.93 -88.62
N VAL ZA 63 75.41 69.13 -88.19
CA VAL ZA 63 76.30 70.30 -88.19
C VAL ZA 63 77.39 70.25 -87.14
N SER ZA 64 77.31 69.33 -86.17
CA SER ZA 64 78.37 69.22 -85.18
C SER ZA 64 79.61 68.57 -85.76
N ASN ZA 65 79.47 67.81 -86.85
CA ASN ZA 65 80.61 67.16 -87.48
C ASN ZA 65 80.57 67.26 -89.01
N LEU ZA 66 79.80 68.20 -89.55
CA LEU ZA 66 79.70 68.36 -91.00
C LEU ZA 66 80.95 69.06 -91.55
N THR ZA 67 81.13 68.94 -92.85
CA THR ZA 67 82.22 69.60 -93.54
C THR ZA 67 81.83 71.05 -93.86
N ALA ZA 68 82.75 71.76 -94.51
CA ALA ZA 68 82.48 73.15 -94.91
C ALA ZA 68 81.42 73.20 -96.01
N LYS ZA 69 81.49 72.26 -96.96
CA LYS ZA 69 80.47 72.18 -97.99
C LYS ZA 69 79.18 71.58 -97.46
N GLU ZA 70 79.27 70.70 -96.46
CA GLU ZA 70 78.08 70.07 -95.90
C GLU ZA 70 77.28 71.05 -95.04
N SER ZA 71 77.97 71.86 -94.24
CA SER ZA 71 77.29 72.86 -93.43
C SER ZA 71 76.72 73.98 -94.29
N GLN ZA 72 77.39 74.31 -95.39
CA GLN ZA 72 76.86 75.27 -96.34
C GLN ZA 72 75.64 74.70 -97.06
N LYS ZA 73 75.66 73.40 -97.36
CA LYS ZA 73 74.50 72.76 -97.97
C LYS ZA 73 73.36 72.62 -96.97
N PHE ZA 74 73.69 72.42 -95.69
CA PHE ZA 74 72.66 72.37 -94.65
C PHE ZA 74 72.03 73.74 -94.44
N ILE ZA 75 72.83 74.80 -94.57
CA ILE ZA 75 72.31 76.16 -94.37
C ILE ZA 75 71.39 76.56 -95.52
N ASN ZA 76 71.79 76.25 -96.75
CA ASN ZA 76 71.08 76.72 -97.93
C ASN ZA 76 69.88 75.86 -98.30
N LEU ZA 77 69.74 74.67 -97.73
CA LEU ZA 77 68.64 73.77 -98.06
C LEU ZA 77 67.79 73.43 -96.85
N ILE ZA 78 68.40 73.10 -95.72
CA ILE ZA 78 67.65 72.66 -94.55
C ILE ZA 78 67.37 73.80 -93.59
N LEU ZA 79 68.39 74.61 -93.27
CA LEU ZA 79 68.24 75.65 -92.25
C LEU ZA 79 67.43 76.84 -92.78
N LEU ZA 80 67.63 77.23 -94.04
CA LEU ZA 80 66.90 78.37 -94.58
C LEU ZA 80 65.44 78.03 -94.81
N GLU ZA 81 65.16 76.79 -95.23
CA GLU ZA 81 63.78 76.38 -95.45
C GLU ZA 81 63.03 76.24 -94.13
N ARG ZA 82 63.71 75.73 -93.09
CA ARG ZA 82 63.09 75.64 -91.77
C ARG ZA 82 62.90 77.02 -91.15
N PHE ZA 83 63.82 77.96 -91.42
CA PHE ZA 83 63.62 79.34 -90.98
C PHE ZA 83 62.47 79.99 -91.72
N ARG ZA 84 62.29 79.66 -93.00
CA ARG ZA 84 61.09 80.08 -93.72
C ARG ZA 84 59.86 79.34 -93.20
N ASP ZA 85 60.04 78.09 -92.79
CA ASP ZA 85 58.94 77.35 -92.17
C ASP ZA 85 58.59 77.91 -90.80
N ASN ZA 86 59.60 78.40 -90.07
CA ASN ZA 86 59.35 79.03 -88.78
C ASN ZA 86 58.59 80.35 -88.96
N ILE ZA 87 58.88 81.08 -90.04
CA ILE ZA 87 58.13 82.28 -90.35
C ILE ZA 87 56.71 81.93 -90.82
N GLU ZA 88 56.57 80.84 -91.57
CA GLU ZA 88 55.27 80.47 -92.13
C GLU ZA 88 54.34 79.89 -91.08
N THR ZA 89 54.86 79.03 -90.21
CA THR ZA 89 54.03 78.38 -89.20
C THR ZA 89 53.69 79.30 -88.03
N SER ZA 90 54.35 80.45 -87.92
CA SER ZA 90 54.05 81.42 -86.88
C SER ZA 90 52.97 82.37 -87.40
N GLU ZA 91 51.72 82.06 -87.10
CA GLU ZA 91 50.61 82.87 -87.59
C GLU ZA 91 50.51 84.19 -86.85
N ASP ZA 92 50.82 84.19 -85.55
CA ASP ZA 92 50.76 85.38 -84.72
C ASP ZA 92 52.14 85.77 -84.20
N HIS ZA 93 53.17 85.55 -85.04
CA HIS ZA 93 54.57 85.91 -84.80
C HIS ZA 93 55.10 85.26 -83.51
N SER ZA 94 55.11 83.94 -83.52
CA SER ZA 94 55.65 83.15 -82.42
C SER ZA 94 56.91 82.41 -82.88
N LEU ZA 95 57.44 81.56 -82.01
CA LEU ZA 95 58.61 80.75 -82.33
C LEU ZA 95 58.62 79.53 -81.43
N ASN ZA 96 59.43 78.55 -81.82
CA ASN ZA 96 59.61 77.33 -81.05
C ASN ZA 96 60.94 77.38 -80.32
N TYR ZA 97 60.93 76.97 -79.05
CA TYR ZA 97 62.16 76.90 -78.27
C TYR ZA 97 63.10 75.82 -78.80
N HIS ZA 98 62.53 74.73 -79.34
CA HIS ZA 98 63.35 73.71 -79.99
C HIS ZA 98 63.97 74.24 -81.27
N ILE ZA 99 63.23 75.06 -82.01
CA ILE ZA 99 63.77 75.68 -83.23
C ILE ZA 99 64.83 76.72 -82.87
N TYR ZA 100 64.72 77.33 -81.69
CA TYR ZA 100 65.72 78.29 -81.25
C TYR ZA 100 67.04 77.58 -80.93
N ARG ZA 101 66.98 76.37 -80.37
CA ARG ZA 101 68.19 75.60 -80.16
C ARG ZA 101 68.74 75.07 -81.48
N ALA ZA 102 67.87 74.87 -82.46
CA ALA ZA 102 68.32 74.48 -83.80
C ALA ZA 102 69.05 75.63 -84.49
N VAL ZA 103 68.57 76.85 -84.30
CA VAL ZA 103 69.20 78.01 -84.93
C VAL ZA 103 70.55 78.30 -84.30
N LYS ZA 104 70.67 78.11 -82.99
CA LYS ZA 104 71.95 78.32 -82.32
C LYS ZA 104 72.96 77.23 -82.69
N LYS ZA 105 72.49 76.00 -82.88
CA LYS ZA 105 73.39 74.92 -83.28
C LYS ZA 105 73.76 75.04 -84.75
N SER ZA 106 72.87 75.60 -85.58
CA SER ZA 106 73.21 75.82 -86.99
C SER ZA 106 74.20 76.96 -87.14
N LEU ZA 107 74.08 78.00 -86.31
CA LEU ZA 107 74.98 79.14 -86.34
C LEU ZA 107 76.20 78.96 -85.44
N TYR ZA 108 76.45 77.74 -84.96
CA TYR ZA 108 77.64 77.50 -84.14
C TYR ZA 108 78.92 77.56 -84.96
N LYS ZA 109 78.81 77.32 -86.26
CA LYS ZA 109 79.95 77.48 -87.17
C LYS ZA 109 79.67 78.65 -88.09
N PRO ZA 110 79.78 79.89 -87.58
CA PRO ZA 110 79.31 81.06 -88.35
C PRO ZA 110 80.18 81.41 -89.55
N SER ZA 111 81.38 80.84 -89.67
CA SER ZA 111 82.14 80.98 -90.91
C SER ZA 111 81.48 80.25 -92.06
N ALA ZA 112 80.79 79.15 -91.76
CA ALA ZA 112 80.03 78.41 -92.77
C ALA ZA 112 78.53 78.61 -92.65
N PHE ZA 113 78.05 79.16 -91.53
CA PHE ZA 113 76.62 79.41 -91.37
C PHE ZA 113 76.18 80.74 -91.94
N PHE ZA 114 77.11 81.58 -92.39
CA PHE ZA 114 76.78 82.88 -92.96
C PHE ZA 114 76.47 82.81 -94.45
N LYS ZA 115 76.27 81.61 -95.01
CA LYS ZA 115 75.91 81.49 -96.41
C LYS ZA 115 74.41 81.69 -96.62
N GLY ZA 116 73.59 80.83 -96.02
CA GLY ZA 116 72.16 80.92 -96.18
C GLY ZA 116 71.38 80.93 -94.88
N PHE ZA 117 72.01 80.46 -93.80
CA PHE ZA 117 71.33 80.41 -92.51
C PHE ZA 117 71.21 81.79 -91.87
N LEU ZA 118 72.20 82.66 -92.10
CA LEU ZA 118 72.21 83.99 -91.52
C LEU ZA 118 72.06 85.10 -92.55
N PHE ZA 119 72.87 85.07 -93.62
CA PHE ZA 119 72.79 86.12 -94.64
C PHE ZA 119 71.48 86.08 -95.42
N PRO ZA 120 71.00 84.93 -95.91
CA PRO ZA 120 69.75 84.93 -96.68
C PRO ZA 120 68.52 85.16 -95.82
N LEU ZA 121 68.58 84.82 -94.52
CA LEU ZA 121 67.48 85.13 -93.63
C LEU ZA 121 67.42 86.62 -93.30
N VAL ZA 122 68.56 87.30 -93.36
CA VAL ZA 122 68.57 88.74 -93.11
C VAL ZA 122 68.27 89.50 -94.40
N GLU ZA 123 68.64 88.93 -95.55
CA GLU ZA 123 68.40 89.61 -96.82
C GLU ZA 123 66.93 89.58 -97.20
N THR ZA 124 66.28 88.43 -97.06
CA THR ZA 124 64.89 88.25 -97.44
C THR ZA 124 64.02 88.10 -96.20
N GLY ZA 125 62.70 88.12 -96.43
CA GLY ZA 125 61.74 87.99 -95.35
C GLY ZA 125 61.71 89.16 -94.39
N CYS ZA 126 61.73 90.39 -94.91
CA CYS ZA 126 61.76 91.58 -94.07
C CYS ZA 126 60.42 91.80 -93.38
N ASN ZA 127 60.30 91.30 -92.15
CA ASN ZA 127 59.05 91.40 -91.40
C ASN ZA 127 59.38 91.47 -89.91
N VAL ZA 128 58.39 91.91 -89.14
CA VAL ZA 128 58.54 92.00 -87.69
C VAL ZA 128 58.60 90.61 -87.06
N ARG ZA 129 57.93 89.62 -87.66
CA ARG ZA 129 58.00 88.26 -87.14
C ARG ZA 129 59.38 87.65 -87.34
N GLU ZA 130 60.03 87.96 -88.47
CA GLU ZA 130 61.40 87.52 -88.68
C GLU ZA 130 62.39 88.36 -87.89
N ALA ZA 131 62.04 89.62 -87.59
CA ALA ZA 131 62.91 90.47 -86.80
C ALA ZA 131 62.96 90.04 -85.34
N THR ZA 132 61.85 89.52 -84.81
CA THR ZA 132 61.83 89.05 -83.43
C THR ZA 132 62.66 87.78 -83.26
N ILE ZA 133 62.63 86.89 -84.26
CA ILE ZA 133 63.47 85.71 -84.23
C ILE ZA 133 64.94 86.09 -84.42
N ALA ZA 134 65.20 87.11 -85.25
CA ALA ZA 134 66.56 87.59 -85.43
C ALA ZA 134 67.07 88.30 -84.17
N GLY ZA 135 66.19 89.05 -83.50
CA GLY ZA 135 66.58 89.71 -82.27
C GLY ZA 135 66.86 88.73 -81.14
N SER ZA 136 66.09 87.64 -81.08
CA SER ZA 136 66.30 86.63 -80.05
C SER ZA 136 67.58 85.85 -80.27
N VAL ZA 137 67.97 85.64 -81.54
CA VAL ZA 137 69.19 84.91 -81.84
C VAL ZA 137 70.43 85.79 -81.78
N LEU ZA 138 70.26 87.12 -81.76
CA LEU ZA 138 71.39 88.03 -81.75
C LEU ZA 138 72.06 88.14 -80.38
N ALA ZA 139 71.41 87.69 -79.32
CA ALA ZA 139 71.95 87.78 -77.96
C ALA ZA 139 71.78 86.45 -77.23
N LYS ZA 140 72.12 85.36 -77.90
CA LYS ZA 140 71.97 84.03 -77.33
C LYS ZA 140 73.29 83.31 -77.16
N VAL ZA 141 74.11 83.23 -78.20
CA VAL ZA 141 75.33 82.44 -78.17
C VAL ZA 141 76.52 83.29 -78.59
N SER ZA 142 77.69 82.67 -78.72
CA SER ZA 142 78.90 83.40 -79.08
C SER ZA 142 78.85 83.81 -80.54
N VAL ZA 143 79.16 85.07 -80.81
CA VAL ZA 143 79.22 85.61 -82.17
C VAL ZA 143 80.66 85.93 -82.51
N PRO ZA 144 81.32 85.12 -83.34
CA PRO ZA 144 82.75 85.32 -83.59
C PRO ZA 144 83.01 86.49 -84.54
N ALA ZA 145 84.29 86.75 -84.76
CA ALA ZA 145 84.69 87.84 -85.64
C ALA ZA 145 84.50 87.49 -87.11
N LEU ZA 146 84.38 86.19 -87.42
CA LEU ZA 146 84.11 85.76 -88.79
C LEU ZA 146 82.70 86.18 -89.22
N HIS ZA 147 81.73 86.05 -88.31
CA HIS ZA 147 80.38 86.51 -88.61
C HIS ZA 147 80.28 88.04 -88.53
N SER ZA 148 81.12 88.66 -87.70
CA SER ZA 148 81.10 90.12 -87.57
C SER ZA 148 81.60 90.79 -88.83
N SER ZA 149 82.65 90.23 -89.45
CA SER ZA 149 83.16 90.79 -90.70
C SER ZA 149 82.19 90.53 -91.85
N ALA ZA 150 81.49 89.40 -91.82
CA ALA ZA 150 80.46 89.13 -92.82
C ALA ZA 150 79.27 90.06 -92.65
N ALA ZA 151 78.91 90.37 -91.40
CA ALA ZA 151 77.86 91.34 -91.15
C ALA ZA 151 78.30 92.75 -91.50
N LEU ZA 152 79.58 93.07 -91.30
CA LEU ZA 152 80.09 94.38 -91.69
C LEU ZA 152 80.18 94.52 -93.20
N SER ZA 153 80.48 93.43 -93.90
CA SER ZA 153 80.50 93.46 -95.35
C SER ZA 153 79.09 93.57 -95.93
N TYR ZA 154 78.12 92.96 -95.26
CA TYR ZA 154 76.73 93.07 -95.71
C TYR ZA 154 76.16 94.46 -95.42
N LEU ZA 155 76.51 95.04 -94.27
CA LEU ZA 155 75.97 96.35 -93.91
C LEU ZA 155 76.62 97.48 -94.69
N LEU ZA 156 77.87 97.29 -95.14
CA LEU ZA 156 78.53 98.32 -95.94
C LEU ZA 156 77.93 98.41 -97.33
N ARG ZA 157 77.53 97.28 -97.90
CA ARG ZA 157 76.85 97.23 -99.18
C ARG ZA 157 75.34 97.27 -99.05
N LEU ZA 158 74.81 97.47 -97.84
CA LEU ZA 158 73.38 97.45 -97.60
C LEU ZA 158 72.73 98.70 -98.18
N PRO ZA 159 71.64 98.56 -98.93
CA PRO ZA 159 70.90 99.75 -99.39
C PRO ZA 159 69.99 100.30 -98.30
N PHE ZA 160 69.15 101.28 -98.65
CA PHE ZA 160 68.31 101.94 -97.65
C PHE ZA 160 67.05 101.15 -97.32
N SER ZA 161 67.20 99.88 -96.95
CA SER ZA 161 66.08 99.09 -96.50
C SER ZA 161 65.83 99.30 -95.01
N PRO ZA 162 64.60 99.13 -94.55
CA PRO ZA 162 64.30 99.36 -93.14
C PRO ZA 162 64.68 98.16 -92.29
N PRO ZA 163 64.90 97.00 -92.92
CA PRO ZA 163 65.16 95.78 -92.14
C PRO ZA 163 66.58 95.69 -91.63
N THR ZA 164 67.54 96.23 -92.41
CA THR ZA 164 68.95 96.07 -92.08
C THR ZA 164 69.38 96.94 -90.91
N THR ZA 165 68.58 97.93 -90.52
CA THR ZA 165 68.94 98.80 -89.41
C THR ZA 165 68.84 98.09 -88.08
N VAL ZA 166 67.84 97.21 -87.93
CA VAL ZA 166 67.65 96.50 -86.66
C VAL ZA 166 68.76 95.48 -86.43
N PHE ZA 167 69.17 94.78 -87.50
CA PHE ZA 167 70.22 93.77 -87.35
C PHE ZA 167 71.59 94.43 -87.14
N ILE ZA 168 71.81 95.60 -87.74
CA ILE ZA 168 73.07 96.31 -87.53
C ILE ZA 168 73.14 96.87 -86.12
N LYS ZA 169 72.01 97.37 -85.59
CA LYS ZA 169 71.99 97.85 -84.21
C LYS ZA 169 72.07 96.69 -83.22
N ILE ZA 170 71.65 95.49 -83.63
CA ILE ZA 170 71.84 94.31 -82.79
C ILE ZA 170 73.31 93.94 -82.72
N LEU ZA 171 74.05 94.12 -83.81
CA LEU ZA 171 75.48 93.80 -83.81
C LEU ZA 171 76.27 94.86 -83.06
N LEU ZA 172 75.78 96.10 -83.02
CA LEU ZA 172 76.46 97.15 -82.28
C LEU ZA 172 76.28 96.97 -80.78
N ASP ZA 173 75.10 96.52 -80.35
CA ASP ZA 173 74.84 96.34 -78.92
C ASP ZA 173 75.52 95.10 -78.37
N LYS ZA 174 75.89 94.15 -79.24
CA LYS ZA 174 76.59 92.96 -78.77
C LYS ZA 174 78.03 93.26 -78.39
N LYS ZA 175 78.61 94.30 -79.00
CA LYS ZA 175 79.96 94.82 -78.74
C LYS ZA 175 81.03 93.75 -78.96
N TYR ZA 176 81.09 93.28 -80.21
CA TYR ZA 176 82.10 92.30 -80.61
C TYR ZA 176 83.38 93.02 -81.01
N ALA ZA 177 84.30 92.29 -81.63
CA ALA ZA 177 85.55 92.87 -82.11
C ALA ZA 177 85.30 93.75 -83.33
N LEU ZA 178 85.09 95.03 -83.10
CA LEU ZA 178 84.85 95.95 -84.21
C LEU ZA 178 86.15 96.28 -84.93
N PRO ZA 179 86.27 95.99 -86.21
CA PRO ZA 179 87.52 96.29 -86.92
C PRO ZA 179 87.65 97.77 -87.21
N TYR ZA 180 88.90 98.19 -87.46
CA TYR ZA 180 89.15 99.57 -87.84
C TYR ZA 180 88.60 99.87 -89.23
N GLN ZA 181 88.63 98.87 -90.12
CA GLN ZA 181 88.02 99.04 -91.43
C GLN ZA 181 86.50 99.08 -91.34
N THR ZA 182 85.92 98.32 -90.40
CA THR ZA 182 84.47 98.34 -90.23
C THR ZA 182 84.00 99.62 -89.55
N VAL ZA 183 84.82 100.18 -88.66
CA VAL ZA 183 84.48 101.45 -88.03
C VAL ZA 183 84.52 102.58 -89.05
N ASP ZA 184 85.47 102.53 -89.98
CA ASP ZA 184 85.51 103.51 -91.06
C ASP ZA 184 84.34 103.32 -92.02
N ASP ZA 185 83.94 102.06 -92.23
CA ASP ZA 185 82.75 101.79 -93.04
C ASP ZA 185 81.47 102.20 -92.32
N CYS ZA 186 81.45 102.08 -90.99
CA CYS ZA 186 80.29 102.55 -90.23
C CYS ZA 186 80.21 104.07 -90.22
N VAL ZA 187 81.36 104.74 -90.16
CA VAL ZA 187 81.38 106.20 -90.23
C VAL ZA 187 81.00 106.68 -91.62
N TYR ZA 188 81.42 105.95 -92.66
CA TYR ZA 188 81.04 106.30 -94.02
C TYR ZA 188 79.56 106.03 -94.28
N TYR ZA 189 79.02 104.98 -93.64
CA TYR ZA 189 77.59 104.73 -93.74
C TYR ZA 189 76.77 105.76 -92.99
N PHE ZA 190 77.31 106.26 -91.86
CA PHE ZA 190 76.59 107.25 -91.07
C PHE ZA 190 76.55 108.61 -91.76
N MET ZA 191 77.58 108.95 -92.53
CA MET ZA 191 77.59 110.22 -93.25
C MET ZA 191 76.72 110.14 -94.51
N ARG ZA 192 76.44 108.94 -94.99
CA ARG ZA 192 75.72 108.76 -96.25
C ARG ZA 192 74.24 108.43 -96.04
N PHE ZA 193 73.94 107.46 -95.18
CA PHE ZA 193 72.56 107.06 -94.97
C PHE ZA 193 71.77 108.12 -94.20
N ARG ZA 194 72.37 108.70 -93.18
CA ARG ZA 194 71.71 109.76 -92.43
C ARG ZA 194 71.72 111.06 -93.24
N ILE ZA 195 70.94 112.03 -92.77
CA ILE ZA 195 70.73 113.27 -93.51
C ILE ZA 195 71.86 114.25 -93.26
N LEU ZA 196 72.93 114.13 -94.05
CA LEU ZA 196 73.99 115.13 -94.02
C LEU ZA 196 73.58 116.34 -94.84
N ASP ZA 197 74.35 117.42 -94.69
CA ASP ZA 197 74.05 118.65 -95.41
C ASP ZA 197 74.36 118.52 -96.90
N ASP ZA 198 75.43 117.82 -97.26
CA ASP ZA 198 75.81 117.68 -98.66
C ASP ZA 198 75.25 116.39 -99.27
N GLY ZA 199 75.61 115.24 -98.70
CA GLY ZA 199 75.17 113.98 -99.23
C GLY ZA 199 73.95 113.43 -98.53
N SER ZA 200 72.83 113.35 -99.24
CA SER ZA 200 71.59 112.87 -98.65
C SER ZA 200 70.94 111.80 -99.52
N ASN ZA 201 69.75 111.36 -99.13
CA ASN ZA 201 69.04 110.28 -99.81
C ASN ZA 201 67.55 110.54 -99.66
N GLY ZA 202 66.75 109.49 -99.88
CA GLY ZA 202 65.31 109.60 -99.81
C GLY ZA 202 64.76 109.16 -98.47
N GLU ZA 203 64.27 107.92 -98.41
CA GLU ZA 203 63.73 107.37 -97.16
C GLU ZA 203 64.79 107.18 -96.08
N ASP ZA 204 66.07 107.11 -96.46
CA ASP ZA 204 67.12 106.94 -95.47
C ASP ZA 204 67.40 108.25 -94.73
N ALA ZA 205 67.22 109.39 -95.40
CA ALA ZA 205 67.72 110.66 -94.89
C ALA ZA 205 66.61 111.65 -94.53
N THR ZA 206 65.73 111.99 -95.48
CA THR ZA 206 64.83 113.12 -95.29
C THR ZA 206 63.38 112.73 -95.10
N ARG ZA 207 62.98 111.52 -95.50
CA ARG ZA 207 61.58 111.10 -95.38
C ARG ZA 207 61.27 110.61 -93.98
N VAL ZA 208 60.13 109.93 -93.82
CA VAL ZA 208 59.69 109.40 -92.52
C VAL ZA 208 60.66 108.32 -92.05
N LEU ZA 209 61.39 108.62 -90.99
CA LEU ZA 209 62.43 107.72 -90.48
C LEU ZA 209 61.79 106.53 -89.76
N PRO ZA 210 62.26 105.32 -90.00
CA PRO ZA 210 61.77 104.17 -89.23
C PRO ZA 210 62.28 104.19 -87.80
N VAL ZA 211 61.61 103.43 -86.94
CA VAL ZA 211 62.02 103.33 -85.55
C VAL ZA 211 63.34 102.57 -85.43
N ILE ZA 212 63.52 101.53 -86.25
CA ILE ZA 212 64.78 100.79 -86.27
C ILE ZA 212 65.88 101.65 -86.89
N TRP ZA 213 65.52 102.50 -87.86
CA TRP ZA 213 66.50 103.39 -88.48
C TRP ZA 213 66.99 104.45 -87.50
N HIS ZA 214 66.08 104.98 -86.67
CA HIS ZA 214 66.48 105.93 -85.64
C HIS ZA 214 67.25 105.23 -84.52
N LYS ZA 215 66.89 103.97 -84.23
CA LYS ZA 215 67.61 103.23 -83.20
C LYS ZA 215 69.01 102.83 -83.65
N ALA ZA 216 69.18 102.53 -84.96
CA ALA ZA 216 70.50 102.14 -85.45
C ALA ZA 216 71.47 103.31 -85.44
N PHE ZA 217 70.98 104.51 -85.77
CA PHE ZA 217 71.83 105.70 -85.68
C PHE ZA 217 72.13 106.05 -84.23
N LEU ZA 218 71.18 105.80 -83.34
CA LEU ZA 218 71.40 106.09 -81.92
C LEU ZA 218 72.34 105.08 -81.29
N THR ZA 219 72.26 103.82 -81.70
CA THR ZA 219 73.12 102.79 -81.10
C THR ZA 219 74.55 102.89 -81.61
N PHE ZA 220 74.72 103.26 -82.89
CA PHE ZA 220 76.06 103.33 -83.47
C PHE ZA 220 76.85 104.50 -82.89
N ALA ZA 221 76.17 105.60 -82.56
CA ALA ZA 221 76.85 106.71 -81.91
C ALA ZA 221 77.13 106.43 -80.44
N GLN ZA 222 76.39 105.51 -79.84
CA GLN ZA 222 76.52 105.22 -78.42
C GLN ZA 222 77.29 103.93 -78.12
N ARG ZA 223 77.74 103.21 -79.15
CA ARG ZA 223 78.52 101.99 -78.94
C ARG ZA 223 79.80 101.94 -79.75
N TYR ZA 224 80.03 102.87 -80.67
CA TYR ZA 224 81.25 102.95 -81.45
C TYR ZA 224 81.78 104.38 -81.47
N LYS ZA 225 81.63 105.09 -80.35
CA LYS ZA 225 81.99 106.49 -80.27
C LYS ZA 225 83.49 106.72 -80.15
N ASN ZA 226 84.27 105.68 -79.87
CA ASN ZA 226 85.70 105.83 -79.63
C ASN ZA 226 86.53 105.20 -80.76
N ASP ZA 227 86.00 105.18 -81.98
CA ASP ZA 227 86.73 104.62 -83.11
C ASP ZA 227 86.68 105.47 -84.37
N ILE ZA 228 85.71 106.37 -84.54
CA ILE ZA 228 85.56 107.13 -85.78
C ILE ZA 228 86.56 108.27 -85.82
N THR ZA 229 86.71 108.89 -86.98
CA THR ZA 229 87.57 110.05 -87.12
C THR ZA 229 86.94 111.26 -86.44
N GLN ZA 230 87.78 112.22 -86.09
CA GLN ZA 230 87.33 113.37 -85.31
C GLN ZA 230 86.43 114.29 -86.14
N ASP ZA 231 86.81 114.55 -87.39
CA ASP ZA 231 85.99 115.39 -88.26
C ASP ZA 231 84.75 114.64 -88.76
N GLN ZA 232 84.84 113.32 -88.89
CA GLN ZA 232 83.71 112.54 -89.38
C GLN ZA 232 82.64 112.39 -88.31
N ARG ZA 233 83.05 112.25 -87.04
CA ARG ZA 233 82.08 112.10 -85.95
C ARG ZA 233 81.34 113.40 -85.70
N ASP ZA 234 82.01 114.54 -85.84
CA ASP ZA 234 81.34 115.83 -85.72
C ASP ZA 234 80.43 116.08 -86.92
N PHE ZA 235 80.84 115.61 -88.10
CA PHE ZA 235 79.98 115.73 -89.28
C PHE ZA 235 78.78 114.80 -89.19
N LEU ZA 236 78.97 113.62 -88.58
CA LEU ZA 236 77.84 112.74 -88.31
C LEU ZA 236 76.94 113.32 -87.25
N LEU ZA 237 77.52 114.01 -86.27
CA LEU ZA 237 76.72 114.72 -85.27
C LEU ZA 237 76.03 115.94 -85.88
N GLU ZA 238 76.66 116.58 -86.86
CA GLU ZA 238 76.02 117.67 -87.59
C GLU ZA 238 74.85 117.15 -88.41
N THR ZA 239 74.99 115.96 -88.98
CA THR ZA 239 73.85 115.31 -89.64
C THR ZA 239 72.79 114.91 -88.63
N VAL ZA 240 73.22 114.49 -87.43
CA VAL ZA 240 72.26 114.11 -86.39
C VAL ZA 240 71.54 115.33 -85.84
N ARG ZA 241 72.24 116.46 -85.72
CA ARG ZA 241 71.61 117.67 -85.20
C ARG ZA 241 70.70 118.31 -86.24
N GLN ZA 242 70.94 118.05 -87.53
CA GLN ZA 242 70.14 118.69 -88.57
C GLN ZA 242 68.76 118.06 -88.71
N ARG ZA 243 68.71 116.73 -88.79
CA ARG ZA 243 67.46 116.02 -89.06
C ARG ZA 243 67.31 114.84 -88.10
N GLY ZA 244 67.52 115.08 -86.81
CA GLY ZA 244 67.30 114.07 -85.80
C GLY ZA 244 66.38 114.58 -84.71
N HIS ZA 245 65.73 113.63 -84.05
CA HIS ZA 245 64.81 113.98 -82.96
C HIS ZA 245 65.59 114.45 -81.74
N LYS ZA 246 64.87 115.14 -80.85
CA LYS ZA 246 65.49 115.66 -79.63
C LYS ZA 246 65.83 114.53 -78.66
N ASP ZA 247 65.11 113.42 -78.72
CA ASP ZA 247 65.43 112.27 -77.89
C ASP ZA 247 66.24 111.22 -78.64
N ILE ZA 248 65.87 110.94 -79.89
CA ILE ZA 248 66.51 109.87 -80.65
C ILE ZA 248 67.91 110.30 -81.11
N GLY ZA 249 68.06 111.55 -81.57
CA GLY ZA 249 69.28 111.97 -82.20
C GLY ZA 249 70.21 112.78 -81.31
N PRO ZA 250 69.64 113.70 -80.52
CA PRO ZA 250 70.51 114.60 -79.75
C PRO ZA 250 71.14 113.96 -78.53
N GLU ZA 251 70.56 112.88 -78.00
CA GLU ZA 251 71.14 112.22 -76.84
C GLU ZA 251 72.40 111.45 -77.22
N ILE ZA 252 72.34 110.68 -78.31
CA ILE ZA 252 73.50 109.90 -78.74
C ILE ZA 252 74.56 110.79 -79.36
N ARG ZA 253 74.17 111.98 -79.84
CA ARG ZA 253 75.15 112.93 -80.36
C ARG ZA 253 76.01 113.50 -79.23
N ARG ZA 254 75.44 113.63 -78.03
CA ARG ZA 254 76.22 114.06 -76.88
C ARG ZA 254 77.25 113.01 -76.48
N GLU ZA 255 76.85 111.73 -76.54
CA GLU ZA 255 77.81 110.66 -76.28
C GLU ZA 255 78.82 110.53 -77.41
N LEU ZA 256 78.41 110.85 -78.64
CA LEU ZA 256 79.35 110.90 -79.74
C LEU ZA 256 80.27 112.10 -79.63
N LEU ZA 257 79.79 113.21 -79.05
CA LEU ZA 257 80.64 114.36 -78.81
C LEU ZA 257 81.67 114.06 -77.72
N ALA ZA 258 81.27 113.28 -76.71
CA ALA ZA 258 82.23 112.84 -75.69
C ALA ZA 258 83.22 111.83 -76.26
N GLY ZA 259 82.80 111.08 -77.28
CA GLY ZA 259 83.73 110.21 -77.97
C GLY ZA 259 84.70 110.97 -78.84
N ALA ZA 260 85.78 110.29 -79.22
CA ALA ZA 260 86.87 110.94 -79.93
C ALA ZA 260 87.47 109.92 -80.89
N SER ZA 261 88.69 110.21 -81.37
CA SER ZA 261 89.39 109.36 -82.32
C SER ZA 261 89.76 108.01 -81.72
N ALA AB 1 -151.25 7.98 -31.50
CA ALA AB 1 -151.50 9.35 -31.94
C ALA AB 1 -152.19 10.16 -30.84
N PRO AB 2 -152.94 9.48 -29.98
CA PRO AB 2 -153.61 10.17 -28.89
C PRO AB 2 -152.64 10.64 -27.83
N GLU AB 3 -153.02 11.71 -27.13
CA GLU AB 3 -152.20 12.29 -26.07
C GLU AB 3 -152.68 11.89 -24.68
N SER AB 4 -153.33 10.74 -24.57
CA SER AB 4 -153.84 10.27 -23.29
C SER AB 4 -152.70 9.71 -22.44
N VAL AB 5 -152.95 9.66 -21.13
CA VAL AB 5 -152.02 9.00 -20.22
C VAL AB 5 -152.00 7.50 -20.47
N ALA AB 6 -153.15 6.92 -20.79
CA ALA AB 6 -153.19 5.52 -21.20
C ALA AB 6 -152.57 5.33 -22.58
N ASP AB 7 -152.70 6.31 -23.46
CA ASP AB 7 -152.05 6.24 -24.76
C ASP AB 7 -150.53 6.34 -24.63
N PHE AB 8 -150.06 7.16 -23.68
CA PHE AB 8 -148.63 7.19 -23.38
C PHE AB 8 -148.18 5.89 -22.72
N GLU AB 9 -149.04 5.29 -21.89
CA GLU AB 9 -148.74 3.99 -21.30
C GLU AB 9 -148.76 2.89 -22.35
N ARG AB 10 -149.66 2.98 -23.32
CA ARG AB 10 -149.70 2.00 -24.40
C ARG AB 10 -148.51 2.17 -25.34
N LEU AB 11 -148.08 3.41 -25.55
CA LEU AB 11 -146.89 3.65 -26.35
C LEU AB 11 -145.63 3.16 -25.63
N LEU AB 12 -145.59 3.32 -24.31
CA LEU AB 12 -144.47 2.79 -23.53
C LEU AB 12 -144.50 1.27 -23.47
N ILE AB 13 -145.69 0.67 -23.55
CA ILE AB 13 -145.80 -0.79 -23.57
C ILE AB 13 -145.28 -1.34 -24.89
N GLY AB 14 -145.64 -0.69 -26.00
CA GLY AB 14 -145.12 -1.10 -27.29
C GLY AB 14 -143.64 -0.83 -27.45
N ASN AB 15 -143.17 0.30 -26.94
CA ASN AB 15 -141.76 0.68 -27.00
C ASN AB 15 -141.23 0.87 -25.59
N PRO AB 16 -140.61 -0.16 -24.99
CA PRO AB 16 -140.10 -0.01 -23.62
C PRO AB 16 -138.83 0.82 -23.54
N ASN AB 17 -138.11 1.01 -24.64
CA ASN AB 17 -136.88 1.79 -24.65
C ASN AB 17 -137.13 3.26 -24.97
N SER AB 18 -138.38 3.68 -25.12
CA SER AB 18 -138.71 5.06 -25.45
C SER AB 18 -138.56 5.92 -24.20
N SER AB 19 -137.32 6.31 -23.92
CA SER AB 19 -137.05 7.16 -22.77
C SER AB 19 -137.48 8.61 -23.02
N VAL AB 20 -137.42 9.05 -24.28
CA VAL AB 20 -137.86 10.40 -24.62
C VAL AB 20 -139.37 10.52 -24.48
N VAL AB 21 -140.11 9.48 -24.86
CA VAL AB 21 -141.55 9.47 -24.66
C VAL AB 21 -141.88 9.36 -23.18
N TRP AB 22 -141.08 8.60 -22.43
CA TRP AB 22 -141.27 8.50 -20.98
C TRP AB 22 -140.94 9.82 -20.30
N MET AB 23 -139.94 10.54 -20.82
CA MET AB 23 -139.64 11.87 -20.28
C MET AB 23 -140.73 12.87 -20.65
N ASN AB 24 -141.31 12.73 -21.85
CA ASN AB 24 -142.38 13.64 -22.26
C ASN AB 24 -143.66 13.37 -21.48
N TYR AB 25 -143.92 12.11 -21.13
CA TYR AB 25 -145.11 11.79 -20.34
C TYR AB 25 -144.95 12.26 -18.90
N MET AB 26 -143.74 12.17 -18.35
CA MET AB 26 -143.49 12.66 -17.01
C MET AB 26 -143.52 14.19 -16.97
N ALA AB 27 -143.06 14.84 -18.04
CA ALA AB 27 -143.15 16.29 -18.12
C ALA AB 27 -144.59 16.74 -18.30
N PHE AB 28 -145.41 15.95 -19.01
CA PHE AB 28 -146.83 16.24 -19.11
C PHE AB 28 -147.52 16.05 -17.76
N GLN AB 29 -147.07 15.07 -16.98
CA GLN AB 29 -147.57 14.92 -15.61
C GLN AB 29 -147.14 16.10 -14.74
N LEU AB 30 -145.90 16.56 -14.91
CA LEU AB 30 -145.42 17.71 -14.15
C LEU AB 30 -146.12 19.00 -14.60
N GLN AB 31 -146.47 19.09 -15.89
CA GLN AB 31 -147.23 20.22 -16.38
C GLN AB 31 -148.68 20.20 -15.90
N LEU AB 32 -149.18 19.02 -15.52
CA LEU AB 32 -150.52 18.88 -14.95
C LEU AB 32 -150.51 18.94 -13.42
N SER AB 33 -149.55 19.66 -12.84
CA SER AB 33 -149.35 19.90 -11.41
C SER AB 33 -149.05 18.64 -10.61
N GLU AB 34 -148.72 17.52 -11.26
CA GLU AB 34 -148.27 16.32 -10.57
C GLU AB 34 -146.75 16.22 -10.60
N ILE AB 35 -146.11 17.21 -9.95
CA ILE AB 35 -144.65 17.24 -9.90
C ILE AB 35 -144.11 16.13 -9.02
N GLU AB 36 -144.81 15.82 -7.92
CA GLU AB 36 -144.39 14.73 -7.05
C GLU AB 36 -144.60 13.38 -7.73
N LYS AB 37 -145.65 13.25 -8.52
CA LYS AB 37 -145.86 12.03 -9.31
C LYS AB 37 -144.82 11.90 -10.42
N ALA AB 38 -144.40 13.03 -10.99
CA ALA AB 38 -143.30 13.00 -11.96
C ALA AB 38 -141.98 12.67 -11.27
N ARG AB 39 -141.82 13.09 -10.01
CA ARG AB 39 -140.66 12.70 -9.23
C ARG AB 39 -140.69 11.21 -8.91
N GLU AB 40 -141.88 10.65 -8.67
CA GLU AB 40 -142.00 9.21 -8.49
C GLU AB 40 -141.80 8.48 -9.80
N LEU AB 41 -142.15 9.11 -10.92
CA LEU AB 41 -141.96 8.52 -12.24
C LEU AB 41 -140.50 8.52 -12.69
N ALA AB 42 -139.62 9.24 -11.97
CA ALA AB 42 -138.20 9.22 -12.30
C ALA AB 42 -137.60 7.85 -12.02
N GLU AB 43 -138.02 7.20 -10.94
CA GLU AB 43 -137.58 5.84 -10.68
C GLU AB 43 -138.19 4.86 -11.68
N ARG AB 44 -139.41 5.14 -12.16
CA ARG AB 44 -139.99 4.34 -13.22
C ARG AB 44 -139.23 4.51 -14.53
N ALA AB 45 -138.81 5.74 -14.83
CA ALA AB 45 -137.96 5.97 -15.99
C ALA AB 45 -136.56 5.39 -15.79
N LEU AB 46 -136.08 5.35 -14.55
CA LEU AB 46 -134.81 4.70 -14.25
C LEU AB 46 -134.92 3.19 -14.45
N LYS AB 47 -136.06 2.61 -14.08
CA LYS AB 47 -136.31 1.20 -14.38
C LYS AB 47 -136.53 0.96 -15.86
N THR AB 48 -137.07 1.96 -16.57
CA THR AB 48 -137.28 1.85 -18.01
C THR AB 48 -135.98 1.93 -18.79
N ILE AB 49 -134.93 2.49 -18.20
CA ILE AB 49 -133.64 2.57 -18.87
C ILE AB 49 -132.96 1.21 -18.79
N ASN AB 50 -132.63 0.64 -19.94
CA ASN AB 50 -131.98 -0.66 -19.99
C ASN AB 50 -130.52 -0.53 -19.58
N PHE AB 51 -129.94 -1.66 -19.15
CA PHE AB 51 -128.54 -1.69 -18.79
C PHE AB 51 -127.63 -1.57 -20.01
N ARG AB 52 -128.08 -2.05 -21.16
CA ARG AB 52 -127.32 -1.89 -22.40
C ARG AB 52 -127.34 -0.44 -22.87
N GLU AB 53 -128.45 0.25 -22.67
CA GLU AB 53 -128.57 1.65 -23.08
C GLU AB 53 -127.82 2.55 -22.10
N GLU AB 54 -127.00 3.44 -22.64
CA GLU AB 54 -126.22 4.37 -21.82
C GLU AB 54 -126.52 5.82 -22.13
N ALA AB 55 -126.68 6.19 -23.40
CA ALA AB 55 -126.99 7.57 -23.75
C ALA AB 55 -128.41 7.95 -23.36
N GLU AB 56 -129.33 6.98 -23.36
CA GLU AB 56 -130.69 7.25 -22.91
C GLU AB 56 -130.74 7.51 -21.40
N LYS AB 57 -129.93 6.78 -20.64
CA LYS AB 57 -129.85 7.01 -19.20
C LYS AB 57 -129.18 8.34 -18.89
N LEU AB 58 -128.21 8.75 -19.73
CA LEU AB 58 -127.63 10.08 -19.59
C LEU AB 58 -128.64 11.16 -19.94
N ASN AB 59 -129.46 10.91 -20.98
CA ASN AB 59 -130.50 11.86 -21.33
C ASN AB 59 -131.62 11.90 -20.30
N ILE AB 60 -131.91 10.76 -19.66
CA ILE AB 60 -132.90 10.72 -18.59
C ILE AB 60 -132.38 11.47 -17.37
N TRP AB 61 -131.09 11.33 -17.08
CA TRP AB 61 -130.49 12.09 -15.98
C TRP AB 61 -130.42 13.57 -16.31
N ILE AB 62 -130.24 13.91 -17.59
CA ILE AB 62 -130.25 15.30 -18.02
C ILE AB 62 -131.65 15.88 -17.90
N ALA AB 63 -132.68 15.08 -18.20
CA ALA AB 63 -134.05 15.53 -18.01
C ALA AB 63 -134.41 15.64 -16.54
N MET AB 64 -133.81 14.78 -15.70
CA MET AB 64 -134.02 14.87 -14.26
C MET AB 64 -133.36 16.12 -13.69
N LEU AB 65 -132.20 16.51 -14.21
CA LEU AB 65 -131.57 17.76 -13.79
C LEU AB 65 -132.34 18.95 -14.32
N ASN AB 66 -132.95 18.82 -15.49
CA ASN AB 66 -133.77 19.91 -16.04
C ASN AB 66 -135.04 20.12 -15.23
N LEU AB 67 -135.62 19.03 -14.72
CA LEU AB 67 -136.78 19.15 -13.85
C LEU AB 67 -136.38 19.70 -12.49
N GLU AB 68 -135.19 19.31 -12.00
CA GLU AB 68 -134.71 19.84 -10.72
C GLU AB 68 -134.29 21.31 -10.85
N ASN AB 69 -133.90 21.74 -12.04
CA ASN AB 69 -133.60 23.16 -12.25
C ASN AB 69 -134.88 23.98 -12.38
N THR AB 70 -135.93 23.39 -12.97
CA THR AB 70 -137.14 24.16 -13.25
C THR AB 70 -137.99 24.31 -11.98
N PHE AB 71 -138.28 23.20 -11.30
CA PHE AB 71 -139.18 23.21 -10.16
C PHE AB 71 -138.59 22.44 -8.99
N GLY AB 72 -137.32 22.70 -8.68
CA GLY AB 72 -136.67 22.04 -7.57
C GLY AB 72 -135.85 23.02 -6.76
N THR AB 73 -135.51 22.60 -5.55
CA THR AB 73 -134.73 23.43 -4.64
C THR AB 73 -133.25 23.16 -4.82
N GLU AB 74 -132.42 23.88 -4.04
CA GLU AB 74 -130.98 23.69 -4.11
C GLU AB 74 -130.56 22.35 -3.51
N GLU AB 75 -131.25 21.92 -2.45
CA GLU AB 75 -130.96 20.62 -1.87
C GLU AB 75 -131.41 19.48 -2.79
N THR AB 76 -132.48 19.70 -3.54
CA THR AB 76 -132.93 18.72 -4.52
C THR AB 76 -131.96 18.63 -5.68
N LEU AB 77 -131.39 19.76 -6.09
CA LEU AB 77 -130.38 19.75 -7.16
C LEU AB 77 -129.08 19.14 -6.67
N GLU AB 78 -128.73 19.36 -5.41
CA GLU AB 78 -127.52 18.76 -4.86
C GLU AB 78 -127.67 17.25 -4.69
N GLU AB 79 -128.87 16.79 -4.32
CA GLU AB 79 -129.12 15.36 -4.23
C GLU AB 79 -129.15 14.71 -5.60
N VAL AB 80 -129.67 15.43 -6.60
CA VAL AB 80 -129.66 14.92 -7.96
C VAL AB 80 -128.24 14.86 -8.51
N PHE AB 81 -127.41 15.85 -8.15
CA PHE AB 81 -126.01 15.84 -8.58
C PHE AB 81 -125.23 14.72 -7.91
N SER AB 82 -125.54 14.43 -6.65
CA SER AB 82 -124.88 13.32 -5.96
C SER AB 82 -125.35 11.98 -6.50
N ARG AB 83 -126.62 11.90 -6.89
CA ARG AB 83 -127.14 10.66 -7.47
C ARG AB 83 -126.58 10.42 -8.86
N ALA AB 84 -126.44 11.48 -9.66
CA ALA AB 84 -125.88 11.34 -11.01
C ALA AB 84 -124.39 11.05 -10.96
N CYS AB 85 -123.69 11.55 -9.95
CA CYS AB 85 -122.27 11.25 -9.80
C CYS AB 85 -122.06 9.79 -9.42
N GLN AB 86 -122.93 9.24 -8.57
CA GLN AB 86 -122.82 7.83 -8.20
C GLN AB 86 -123.28 6.92 -9.33
N TYR AB 87 -124.12 7.41 -10.23
CA TYR AB 87 -124.66 6.57 -11.30
C TYR AB 87 -123.76 6.62 -12.55
N MET AB 88 -123.32 7.81 -12.93
CA MET AB 88 -122.58 7.96 -14.17
C MET AB 88 -121.53 9.07 -13.99
N ASP AB 89 -120.99 9.56 -15.09
CA ASP AB 89 -119.93 10.56 -15.06
C ASP AB 89 -120.48 11.91 -14.62
N SER AB 90 -119.60 12.70 -13.99
CA SER AB 90 -119.97 14.01 -13.48
C SER AB 90 -119.41 15.17 -14.30
N TYR AB 91 -118.42 14.92 -15.16
CA TYR AB 91 -117.87 15.99 -15.98
C TYR AB 91 -118.88 16.45 -17.02
N THR AB 92 -119.54 15.51 -17.69
CA THR AB 92 -120.61 15.86 -18.61
C THR AB 92 -121.86 16.29 -17.87
N ILE AB 93 -122.05 15.79 -16.65
CA ILE AB 93 -123.19 16.19 -15.83
C ILE AB 93 -123.04 17.64 -15.38
N HIS AB 94 -121.82 18.04 -15.02
CA HIS AB 94 -121.56 19.43 -14.70
C HIS AB 94 -121.64 20.31 -15.94
N THR AB 95 -121.31 19.76 -17.11
CA THR AB 95 -121.45 20.49 -18.36
C THR AB 95 -122.92 20.77 -18.66
N LYS AB 96 -123.80 19.79 -18.42
CA LYS AB 96 -125.23 20.01 -18.60
C LYS AB 96 -125.79 20.91 -17.51
N LEU AB 97 -125.22 20.84 -16.30
CA LEU AB 97 -125.68 21.69 -15.21
C LEU AB 97 -125.36 23.16 -15.46
N LEU AB 98 -124.18 23.43 -16.04
CA LEU AB 98 -123.84 24.80 -16.39
C LEU AB 98 -124.69 25.30 -17.55
N GLY AB 99 -124.99 24.43 -18.51
CA GLY AB 99 -125.87 24.81 -19.60
C GLY AB 99 -127.30 25.08 -19.16
N ILE AB 100 -127.77 24.30 -18.19
CA ILE AB 100 -129.11 24.52 -17.64
C ILE AB 100 -129.16 25.81 -16.83
N TYR AB 101 -128.09 26.10 -16.10
CA TYR AB 101 -128.02 27.35 -15.34
C TYR AB 101 -127.92 28.56 -16.27
N GLU AB 102 -127.22 28.40 -17.40
CA GLU AB 102 -127.14 29.48 -18.37
C GLU AB 102 -128.47 29.67 -19.10
N ILE AB 103 -129.19 28.57 -19.34
CA ILE AB 103 -130.52 28.67 -19.97
C ILE AB 103 -131.51 29.30 -19.02
N SER AB 104 -131.40 29.00 -17.72
CA SER AB 104 -132.26 29.59 -16.70
C SER AB 104 -131.71 30.91 -16.16
N GLU AB 105 -130.60 31.39 -16.73
CA GLU AB 105 -129.93 32.64 -16.35
C GLU AB 105 -129.51 32.65 -14.88
N LYS AB 106 -129.14 31.49 -14.35
CA LYS AB 106 -128.60 31.38 -12.99
C LYS AB 106 -127.13 31.77 -13.04
N PHE AB 107 -126.88 33.08 -13.00
CA PHE AB 107 -125.52 33.59 -13.17
C PHE AB 107 -124.65 33.30 -11.96
N ASP AB 108 -125.22 33.38 -10.76
CA ASP AB 108 -124.45 33.08 -9.56
C ASP AB 108 -124.17 31.59 -9.44
N LYS AB 109 -125.13 30.76 -9.88
CA LYS AB 109 -124.93 29.30 -9.83
C LYS AB 109 -123.92 28.85 -10.88
N ALA AB 110 -123.93 29.46 -12.07
CA ALA AB 110 -123.02 29.05 -13.13
C ALA AB 110 -121.60 29.52 -12.85
N ALA AB 111 -121.45 30.70 -12.23
CA ALA AB 111 -120.12 31.21 -11.90
C ALA AB 111 -119.47 30.37 -10.81
N GLU AB 112 -120.25 29.90 -9.85
CA GLU AB 112 -119.74 28.95 -8.87
C GLU AB 112 -119.45 27.60 -9.52
N LEU AB 113 -120.28 27.21 -10.51
CA LEU AB 113 -120.01 25.98 -11.25
C LEU AB 113 -118.79 26.11 -12.13
N PHE AB 114 -118.56 27.29 -12.70
CA PHE AB 114 -117.39 27.49 -13.54
C PHE AB 114 -116.10 27.58 -12.73
N LYS AB 115 -116.20 27.80 -11.42
CA LYS AB 115 -115.00 27.88 -10.60
C LYS AB 115 -114.71 26.56 -9.90
N ALA AB 116 -115.74 25.94 -9.30
CA ALA AB 116 -115.53 24.74 -8.51
C ALA AB 116 -115.26 23.51 -9.37
N THR AB 117 -116.02 23.34 -10.45
CA THR AB 117 -115.84 22.16 -11.29
C THR AB 117 -114.56 22.25 -12.12
N ALA AB 118 -114.14 23.47 -12.48
CA ALA AB 118 -112.84 23.65 -13.10
C ALA AB 118 -111.72 23.34 -12.12
N LYS AB 119 -111.93 23.67 -10.84
CA LYS AB 119 -110.95 23.33 -9.82
C LYS AB 119 -110.94 21.85 -9.53
N LYS AB 120 -112.11 21.20 -9.57
CA LYS AB 120 -112.20 19.80 -9.19
C LYS AB 120 -111.75 18.88 -10.32
N PHE AB 121 -112.45 18.93 -11.46
CA PHE AB 121 -112.16 18.02 -12.56
C PHE AB 121 -112.08 18.74 -13.90
N GLY AB 122 -111.71 20.01 -13.91
CA GLY AB 122 -111.60 20.78 -15.13
C GLY AB 122 -110.22 20.88 -15.71
N GLY AB 123 -109.28 20.04 -15.28
CA GLY AB 123 -107.94 20.06 -15.85
C GLY AB 123 -107.92 19.61 -17.30
N GLU AB 124 -108.64 18.53 -17.61
CA GLU AB 124 -108.77 18.06 -18.98
C GLU AB 124 -109.96 18.69 -19.71
N LYS AB 125 -110.78 19.46 -19.00
CA LYS AB 125 -111.95 20.10 -19.61
C LYS AB 125 -111.60 21.52 -20.07
N VAL AB 126 -110.74 21.57 -21.09
CA VAL AB 126 -110.36 22.86 -21.67
C VAL AB 126 -111.53 23.48 -22.43
N SER AB 127 -112.40 22.64 -23.02
CA SER AB 127 -113.56 23.16 -23.71
C SER AB 127 -114.57 23.75 -22.74
N ILE AB 128 -114.68 23.17 -21.55
CA ILE AB 128 -115.56 23.72 -20.52
C ILE AB 128 -115.02 25.05 -20.00
N TRP AB 129 -113.70 25.17 -19.88
CA TRP AB 129 -113.10 26.46 -19.52
C TRP AB 129 -113.29 27.48 -20.64
N VAL AB 130 -113.24 27.02 -21.90
CA VAL AB 130 -113.55 27.89 -23.02
C VAL AB 130 -115.03 28.25 -23.02
N SER AB 131 -115.90 27.31 -22.64
CA SER AB 131 -117.32 27.61 -22.53
C SER AB 131 -117.60 28.55 -21.36
N TRP AB 132 -116.82 28.42 -20.28
CA TRP AB 132 -116.93 29.36 -19.16
C TRP AB 132 -116.48 30.76 -19.58
N GLY AB 133 -115.43 30.84 -20.39
CA GLY AB 133 -115.04 32.13 -20.95
C GLY AB 133 -116.05 32.66 -21.94
N ASP AB 134 -116.67 31.76 -22.72
CA ASP AB 134 -117.71 32.17 -23.65
C ASP AB 134 -118.96 32.64 -22.93
N PHE AB 135 -119.27 32.06 -21.76
CA PHE AB 135 -120.38 32.54 -20.95
C PHE AB 135 -120.06 33.92 -20.37
N LEU AB 136 -118.81 34.15 -19.99
CA LEU AB 136 -118.40 35.49 -19.55
C LEU AB 136 -118.41 36.49 -20.69
N ILE AB 137 -118.09 36.04 -21.91
CA ILE AB 137 -118.19 36.90 -23.08
C ILE AB 137 -119.65 37.24 -23.37
N SER AB 138 -120.55 36.28 -23.16
CA SER AB 138 -121.98 36.56 -23.24
C SER AB 138 -122.43 37.46 -22.09
N HIS AB 139 -121.76 37.36 -20.94
CA HIS AB 139 -122.04 38.23 -19.80
C HIS AB 139 -121.20 39.50 -19.79
N ASN AB 140 -120.54 39.81 -20.92
CA ASN AB 140 -119.74 41.01 -21.12
C ASN AB 140 -118.59 41.13 -20.13
N GLU AB 141 -118.02 40.00 -19.72
CA GLU AB 141 -116.82 39.97 -18.89
C GLU AB 141 -115.67 39.48 -19.76
N GLU AB 142 -114.79 40.41 -20.16
CA GLU AB 142 -113.71 40.10 -21.09
C GLU AB 142 -112.33 40.10 -20.44
N GLN AB 143 -112.01 41.13 -19.65
CA GLN AB 143 -110.69 41.22 -19.03
C GLN AB 143 -110.53 40.18 -17.93
N GLU AB 144 -111.60 39.92 -17.17
CA GLU AB 144 -111.53 38.89 -16.13
C GLU AB 144 -111.48 37.49 -16.73
N ALA AB 145 -112.17 37.29 -17.86
CA ALA AB 145 -112.14 35.99 -18.51
C ALA AB 145 -110.79 35.74 -19.18
N ARG AB 146 -110.17 36.79 -19.71
CA ARG AB 146 -108.85 36.64 -20.32
C ARG AB 146 -107.78 36.32 -19.28
N THR AB 147 -107.89 36.93 -18.09
CA THR AB 147 -106.99 36.59 -17.00
C THR AB 147 -107.25 35.18 -16.48
N ILE AB 148 -108.51 34.76 -16.48
CA ILE AB 148 -108.85 33.39 -16.10
C ILE AB 148 -108.35 32.40 -17.15
N LEU AB 149 -108.42 32.79 -18.43
CA LEU AB 149 -107.93 31.91 -19.49
C LEU AB 149 -106.41 31.79 -19.46
N GLY AB 150 -105.71 32.87 -19.11
CA GLY AB 150 -104.27 32.79 -18.94
C GLY AB 150 -103.87 31.95 -17.74
N ASN AB 151 -104.66 32.04 -16.66
CA ASN AB 151 -104.39 31.21 -15.49
C ASN AB 151 -104.72 29.74 -15.78
N ALA AB 152 -105.77 29.49 -16.56
CA ALA AB 152 -106.11 28.12 -16.93
C ALA AB 152 -105.08 27.54 -17.88
N LEU AB 153 -104.55 28.37 -18.80
CA LEU AB 153 -103.50 27.91 -19.70
C LEU AB 153 -102.20 27.65 -18.96
N LYS AB 154 -101.93 28.41 -17.89
CA LYS AB 154 -100.77 28.15 -17.06
C LYS AB 154 -100.92 26.84 -16.28
N ALA AB 155 -102.13 26.55 -15.83
CA ALA AB 155 -102.37 25.31 -15.09
C ALA AB 155 -102.39 24.09 -16.01
N LEU AB 156 -102.87 24.26 -17.24
CA LEU AB 156 -102.97 23.16 -18.18
C LEU AB 156 -101.61 22.76 -18.72
N PRO AB 157 -101.48 21.56 -19.28
CA PRO AB 157 -100.21 21.15 -19.90
C PRO AB 157 -99.95 21.92 -21.18
N LYS AB 158 -98.66 22.03 -21.52
CA LYS AB 158 -98.26 22.81 -22.68
C LYS AB 158 -98.65 22.14 -23.99
N ARG AB 159 -98.71 20.80 -24.01
CA ARG AB 159 -99.16 20.10 -25.21
C ARG AB 159 -100.62 20.35 -25.49
N ASN AB 160 -101.45 20.37 -24.44
CA ASN AB 160 -102.86 20.70 -24.60
C ASN AB 160 -103.11 22.20 -24.68
N HIS AB 161 -102.11 23.03 -24.37
CA HIS AB 161 -102.29 24.47 -24.41
C HIS AB 161 -102.37 25.00 -25.83
N ILE AB 162 -101.80 24.27 -26.79
CA ILE AB 162 -101.86 24.69 -28.19
C ILE AB 162 -103.28 24.54 -28.73
N GLU AB 163 -103.93 23.43 -28.41
CA GLU AB 163 -105.31 23.24 -28.84
C GLU AB 163 -106.27 24.10 -28.03
N VAL AB 164 -105.94 24.39 -26.76
CA VAL AB 164 -106.77 25.26 -25.95
C VAL AB 164 -106.71 26.69 -26.45
N VAL AB 165 -105.53 27.13 -26.90
CA VAL AB 165 -105.40 28.45 -27.50
C VAL AB 165 -106.14 28.50 -28.83
N ARG AB 166 -106.14 27.40 -29.57
CA ARG AB 166 -106.91 27.32 -30.81
C ARG AB 166 -108.41 27.38 -30.53
N LYS AB 167 -108.85 26.73 -29.46
CA LYS AB 167 -110.26 26.80 -29.08
C LYS AB 167 -110.62 28.18 -28.54
N PHE AB 168 -109.67 28.82 -27.83
CA PHE AB 168 -109.93 30.15 -27.30
C PHE AB 168 -109.95 31.20 -28.41
N ALA AB 169 -109.09 31.05 -29.41
CA ALA AB 169 -109.09 31.98 -30.54
C ALA AB 169 -110.34 31.79 -31.40
N GLN AB 170 -110.82 30.55 -31.51
CA GLN AB 170 -112.05 30.30 -32.24
C GLN AB 170 -113.26 30.86 -31.50
N LEU AB 171 -113.24 30.77 -30.16
CA LEU AB 171 -114.32 31.34 -29.37
C LEU AB 171 -114.28 32.86 -29.37
N GLU AB 172 -113.08 33.45 -29.38
CA GLU AB 172 -112.97 34.90 -29.39
C GLU AB 172 -113.30 35.48 -30.74
N PHE AB 173 -113.03 34.74 -31.83
CA PHE AB 173 -113.37 35.23 -33.16
C PHE AB 173 -114.88 35.17 -33.39
N ALA AB 174 -115.53 34.13 -32.88
CA ALA AB 174 -116.97 33.96 -33.12
C ALA AB 174 -117.80 34.77 -32.14
N LYS AB 175 -117.67 34.47 -30.84
CA LYS AB 175 -118.52 35.09 -29.84
C LYS AB 175 -117.93 36.35 -29.24
N GLY AB 176 -116.61 36.42 -29.10
CA GLY AB 176 -115.97 37.56 -28.49
C GLY AB 176 -115.71 38.69 -29.48
N ASP AB 177 -114.80 39.57 -29.09
CA ASP AB 177 -114.42 40.68 -29.96
C ASP AB 177 -113.60 40.16 -31.14
N PRO AB 178 -113.89 40.61 -32.36
CA PRO AB 178 -113.08 40.18 -33.51
C PRO AB 178 -111.64 40.68 -33.45
N GLU AB 179 -111.39 41.82 -32.81
CA GLU AB 179 -110.02 42.29 -32.62
C GLU AB 179 -109.25 41.39 -31.66
N ARG AB 180 -109.93 40.92 -30.60
CA ARG AB 180 -109.29 39.97 -29.68
C ARG AB 180 -109.13 38.60 -30.33
N GLY AB 181 -110.07 38.22 -31.18
CA GLY AB 181 -109.95 36.96 -31.91
C GLY AB 181 -108.83 36.98 -32.92
N ARG AB 182 -108.66 38.11 -33.62
CA ARG AB 182 -107.56 38.25 -34.58
C ARG AB 182 -106.22 38.34 -33.86
N SER AB 183 -106.21 38.95 -32.67
CA SER AB 183 -104.97 39.02 -31.89
C SER AB 183 -104.57 37.65 -31.36
N LEU AB 184 -105.54 36.85 -30.95
CA LEU AB 184 -105.25 35.50 -30.47
C LEU AB 184 -104.83 34.59 -31.63
N PHE AB 185 -105.44 34.79 -32.81
CA PHE AB 185 -105.07 34.00 -33.97
C PHE AB 185 -103.67 34.37 -34.48
N GLU AB 186 -103.31 35.66 -34.38
CA GLU AB 186 -101.98 36.09 -34.80
C GLU AB 186 -100.91 35.61 -33.81
N GLY AB 187 -101.22 35.67 -32.51
CA GLY AB 187 -100.27 35.21 -31.51
C GLY AB 187 -100.04 33.71 -31.56
N LEU AB 188 -101.09 32.95 -31.89
CA LEU AB 188 -100.93 31.50 -32.08
C LEU AB 188 -100.14 31.20 -33.34
N VAL AB 189 -100.30 32.03 -34.38
CA VAL AB 189 -99.53 31.87 -35.60
C VAL AB 189 -98.07 32.21 -35.35
N ALA AB 190 -97.80 33.20 -34.51
CA ALA AB 190 -96.42 33.54 -34.16
C ALA AB 190 -95.78 32.47 -33.28
N ASP AB 191 -96.58 31.83 -32.43
CA ASP AB 191 -96.06 30.80 -31.54
C ASP AB 191 -95.68 29.53 -32.32
N ALA AB 192 -96.54 29.11 -33.25
CA ALA AB 192 -96.29 27.90 -34.03
C ALA AB 192 -95.91 28.28 -35.44
N PRO AB 193 -94.65 28.11 -35.86
CA PRO AB 193 -94.23 28.51 -37.20
C PRO AB 193 -94.57 27.52 -38.30
N LYS AB 194 -95.24 26.40 -37.99
CA LYS AB 194 -95.62 25.41 -38.96
C LYS AB 194 -97.07 24.98 -38.74
N ARG AB 195 -97.94 25.97 -38.55
CA ARG AB 195 -99.35 25.73 -38.23
C ARG AB 195 -100.19 26.18 -39.43
N ILE AB 196 -100.57 25.21 -40.26
CA ILE AB 196 -101.52 25.50 -41.34
C ILE AB 196 -102.93 25.63 -40.78
N ASP AB 197 -103.18 25.04 -39.61
CA ASP AB 197 -104.47 25.21 -38.94
C ASP AB 197 -104.67 26.63 -38.48
N LEU AB 198 -103.62 27.26 -37.95
CA LEU AB 198 -103.71 28.66 -37.53
C LEU AB 198 -103.84 29.61 -38.71
N TRP AB 199 -103.24 29.24 -39.85
CA TRP AB 199 -103.46 30.01 -41.07
C TRP AB 199 -104.89 29.87 -41.56
N ASN AB 200 -105.46 28.66 -41.45
CA ASN AB 200 -106.86 28.45 -41.83
C ASN AB 200 -107.81 29.11 -40.84
N VAL AB 201 -107.46 29.11 -39.55
CA VAL AB 201 -108.30 29.76 -38.54
C VAL AB 201 -108.26 31.28 -38.72
N TYR AB 202 -107.10 31.83 -39.09
CA TYR AB 202 -107.02 33.25 -39.39
C TYR AB 202 -107.75 33.58 -40.69
N VAL AB 203 -107.75 32.65 -41.64
CA VAL AB 203 -108.53 32.83 -42.86
C VAL AB 203 -110.02 32.74 -42.56
N ASP AB 204 -110.41 31.84 -41.66
CA ASP AB 204 -111.82 31.72 -41.29
C ASP AB 204 -112.28 32.91 -40.47
N GLN AB 205 -111.39 33.47 -39.64
CA GLN AB 205 -111.73 34.67 -38.89
C GLN AB 205 -111.84 35.88 -39.81
N GLU AB 206 -110.98 35.95 -40.83
CA GLU AB 206 -111.06 37.04 -41.80
C GLU AB 206 -112.29 36.90 -42.68
N VAL AB 207 -112.68 35.65 -43.01
CA VAL AB 207 -113.88 35.44 -43.81
C VAL AB 207 -115.15 35.65 -43.00
N LYS AB 208 -115.07 35.64 -41.67
CA LYS AB 208 -116.23 35.94 -40.85
C LYS AB 208 -116.65 37.40 -41.01
N ALA AB 209 -115.67 38.31 -41.07
CA ALA AB 209 -115.95 39.71 -41.33
C ALA AB 209 -116.01 40.03 -42.81
N LYS AB 210 -115.43 39.16 -43.67
CA LYS AB 210 -115.42 39.31 -45.13
C LYS AB 210 -114.79 40.63 -45.57
N ASP AB 211 -113.73 41.04 -44.89
CA ASP AB 211 -113.04 42.28 -45.24
C ASP AB 211 -112.04 42.02 -46.36
N LYS AB 212 -112.14 42.81 -47.43
CA LYS AB 212 -111.26 42.63 -48.58
C LYS AB 212 -109.84 43.09 -48.27
N LYS AB 213 -109.70 44.15 -47.48
CA LYS AB 213 -108.37 44.63 -47.12
C LYS AB 213 -107.67 43.67 -46.16
N LYS AB 214 -108.43 43.08 -45.24
CA LYS AB 214 -107.86 42.09 -44.33
C LYS AB 214 -107.52 40.80 -45.06
N VAL AB 215 -108.32 40.41 -46.06
CA VAL AB 215 -108.03 39.22 -46.85
C VAL AB 215 -106.79 39.45 -47.71
N GLU AB 216 -106.63 40.67 -48.24
CA GLU AB 216 -105.42 41.02 -48.97
C GLU AB 216 -104.21 41.05 -48.05
N ASP AB 217 -104.39 41.51 -46.81
CA ASP AB 217 -103.33 41.48 -45.83
C ASP AB 217 -103.01 40.05 -45.41
N LEU AB 218 -104.04 39.20 -45.30
CA LEU AB 218 -103.81 37.80 -44.98
C LEU AB 218 -103.15 37.07 -46.14
N PHE AB 219 -103.49 37.43 -47.38
CA PHE AB 219 -102.83 36.84 -48.54
C PHE AB 219 -101.38 37.29 -48.64
N GLU AB 220 -101.11 38.55 -48.25
CA GLU AB 220 -99.74 39.02 -48.22
C GLU AB 220 -98.93 38.34 -47.13
N ARG AB 221 -99.57 38.09 -45.98
CA ARG AB 221 -98.90 37.36 -44.91
C ARG AB 221 -98.68 35.89 -45.29
N ILE AB 222 -99.62 35.31 -46.04
CA ILE AB 222 -99.44 33.96 -46.53
C ILE AB 222 -98.34 33.91 -47.58
N ILE AB 223 -98.24 34.97 -48.40
CA ILE AB 223 -97.15 35.07 -49.37
C ILE AB 223 -95.82 35.26 -48.67
N THR AB 224 -95.82 35.97 -47.53
CA THR AB 224 -94.61 36.14 -46.75
C THR AB 224 -94.18 34.82 -46.11
N LYS AB 225 -95.14 33.99 -45.72
CA LYS AB 225 -94.82 32.69 -45.14
C LYS AB 225 -94.36 31.72 -46.21
N LYS AB 226 -93.58 30.72 -45.79
CA LYS AB 226 -93.08 29.69 -46.68
C LYS AB 226 -93.99 28.47 -46.62
N ILE AB 227 -94.30 27.90 -47.79
CA ILE AB 227 -95.23 26.79 -47.90
C ILE AB 227 -94.61 25.70 -48.78
N THR AB 228 -95.21 24.52 -48.72
CA THR AB 228 -94.76 23.39 -49.52
C THR AB 228 -95.38 23.47 -50.91
N ARG AB 229 -95.22 22.40 -51.70
CA ARG AB 229 -95.79 22.37 -53.05
C ARG AB 229 -97.30 22.26 -53.00
N LYS AB 230 -97.82 21.33 -52.19
CA LYS AB 230 -99.27 21.21 -52.05
C LYS AB 230 -99.85 22.32 -51.19
N GLN AB 231 -99.06 22.85 -50.26
CA GLN AB 231 -99.55 23.90 -49.37
C GLN AB 231 -99.71 25.22 -50.12
N ALA AB 232 -98.79 25.54 -51.02
CA ALA AB 232 -98.92 26.75 -51.83
C ALA AB 232 -100.03 26.62 -52.86
N LYS AB 233 -100.27 25.39 -53.34
CA LYS AB 233 -101.40 25.16 -54.26
C LYS AB 233 -102.72 25.36 -53.55
N PHE AB 234 -102.83 24.93 -52.28
CA PHE AB 234 -104.03 25.19 -51.51
C PHE AB 234 -104.13 26.66 -51.13
N PHE AB 235 -103.00 27.31 -50.89
CA PHE AB 235 -103.00 28.74 -50.58
C PHE AB 235 -103.39 29.56 -51.81
N PHE AB 236 -102.93 29.15 -52.99
CA PHE AB 236 -103.34 29.82 -54.22
C PHE AB 236 -104.81 29.57 -54.53
N ASN AB 237 -105.30 28.37 -54.20
CA ASN AB 237 -106.73 28.09 -54.36
C ASN AB 237 -107.56 28.87 -53.35
N LYS AB 238 -107.04 29.05 -52.14
CA LYS AB 238 -107.73 29.87 -51.15
C LYS AB 238 -107.71 31.35 -51.54
N TRP AB 239 -106.60 31.81 -52.13
CA TRP AB 239 -106.54 33.17 -52.62
C TRP AB 239 -107.44 33.37 -53.83
N LEU AB 240 -107.57 32.35 -54.68
CA LEU AB 240 -108.50 32.42 -55.81
C LEU AB 240 -109.94 32.36 -55.33
N GLN AB 241 -110.21 31.59 -54.27
CA GLN AB 241 -111.56 31.55 -53.71
C GLN AB 241 -111.90 32.86 -53.01
N PHE AB 242 -110.90 33.49 -52.38
CA PHE AB 242 -111.11 34.80 -51.78
C PHE AB 242 -111.31 35.87 -52.84
N GLU AB 243 -110.60 35.75 -53.96
CA GLU AB 243 -110.79 36.67 -55.07
C GLU AB 243 -112.13 36.44 -55.76
N GLU AB 244 -112.59 35.19 -55.83
CA GLU AB 244 -113.90 34.91 -56.40
C GLU AB 244 -115.01 35.39 -55.48
N SER AB 245 -114.80 35.32 -54.17
CA SER AB 245 -115.79 35.82 -53.22
C SER AB 245 -115.82 37.35 -53.23
N GLU AB 246 -114.68 38.00 -53.47
CA GLU AB 246 -114.65 39.45 -53.53
C GLU AB 246 -115.24 39.96 -54.85
N GLY AB 247 -114.69 39.48 -55.97
CA GLY AB 247 -115.17 39.88 -57.29
C GLY AB 247 -114.25 40.83 -58.04
N ASP AB 248 -113.09 41.16 -57.49
CA ASP AB 248 -112.15 42.05 -58.17
C ASP AB 248 -111.35 41.24 -59.19
N GLU AB 249 -111.63 41.46 -60.47
CA GLU AB 249 -110.94 40.72 -61.52
C GLU AB 249 -109.49 41.15 -61.67
N LYS AB 250 -109.20 42.43 -61.43
CA LYS AB 250 -107.82 42.91 -61.51
C LYS AB 250 -106.98 42.34 -60.38
N THR AB 251 -107.55 42.23 -59.18
CA THR AB 251 -106.84 41.60 -58.07
C THR AB 251 -106.73 40.09 -58.28
N ILE AB 252 -107.72 39.48 -58.93
CA ILE AB 252 -107.65 38.05 -59.23
C ILE AB 252 -106.57 37.77 -60.27
N GLU AB 253 -106.43 38.66 -61.25
CA GLU AB 253 -105.36 38.53 -62.22
C GLU AB 253 -104.00 38.79 -61.60
N TYR AB 254 -103.94 39.72 -60.63
CA TYR AB 254 -102.69 39.96 -59.91
C TYR AB 254 -102.34 38.80 -59.00
N VAL AB 255 -103.35 38.16 -58.41
CA VAL AB 255 -103.12 36.97 -57.59
C VAL AB 255 -102.66 35.79 -58.45
N LYS AB 256 -103.24 35.67 -59.65
CA LYS AB 256 -102.84 34.60 -60.55
C LYS AB 256 -101.44 34.82 -61.09
N ALA AB 257 -101.06 36.08 -61.32
CA ALA AB 257 -99.70 36.39 -61.75
C ALA AB 257 -98.70 36.14 -60.62
N LYS AB 258 -99.08 36.44 -59.38
CA LYS AB 258 -98.21 36.17 -58.25
C LYS AB 258 -98.10 34.67 -57.97
N ALA AB 259 -99.18 33.92 -58.22
CA ALA AB 259 -99.13 32.48 -58.06
C ALA AB 259 -98.26 31.82 -59.12
N THR AB 260 -98.28 32.35 -60.34
CA THR AB 260 -97.40 31.85 -61.39
C THR AB 260 -95.95 32.19 -61.11
N GLU AB 261 -95.70 33.36 -60.51
CA GLU AB 261 -94.34 33.72 -60.11
C GLU AB 261 -93.87 32.86 -58.94
N TYR AB 262 -94.78 32.53 -58.02
CA TYR AB 262 -94.42 31.65 -56.91
C TYR AB 262 -94.23 30.21 -57.38
N VAL AB 263 -94.95 29.82 -58.43
CA VAL AB 263 -94.75 28.48 -59.02
C VAL AB 263 -93.39 28.41 -59.70
N ALA AB 264 -92.98 29.50 -60.35
CA ALA AB 264 -91.67 29.57 -60.99
C ALA AB 264 -90.60 29.77 -59.93
N SER AB 265 -90.21 28.68 -59.29
CA SER AB 265 -89.22 28.72 -58.22
C SER AB 265 -88.47 27.39 -58.13
N LEU BB 1 -154.77 5.21 -10.86
CA LEU BB 1 -154.40 6.42 -10.15
C LEU BB 1 -155.36 6.71 -9.01
N PHE BB 2 -154.81 7.05 -7.84
CA PHE BB 2 -155.65 7.35 -6.69
C PHE BB 2 -156.38 8.68 -6.87
N LYS BB 3 -155.74 9.64 -7.56
CA LYS BB 3 -156.40 10.92 -7.84
C LYS BB 3 -157.51 10.75 -8.87
N SER BB 4 -157.36 9.79 -9.79
CA SER BB 4 -158.38 9.53 -10.80
C SER BB 4 -159.46 8.57 -10.33
N ASN BB 5 -159.37 8.06 -9.11
CA ASN BB 5 -160.35 7.12 -8.58
C ASN BB 5 -161.11 7.68 -7.38
N ILE BB 6 -160.42 8.29 -6.42
CA ILE BB 6 -161.08 8.83 -5.23
C ILE BB 6 -161.86 10.09 -5.54
N PHE BB 7 -161.52 10.80 -6.62
CA PHE BB 7 -162.25 12.01 -6.98
C PHE BB 7 -163.63 11.68 -7.53
N LYS BB 8 -163.75 10.56 -8.26
CA LYS BB 8 -165.04 10.16 -8.81
C LYS BB 8 -165.99 9.70 -7.72
N LEU BB 9 -165.47 9.05 -6.67
CA LEU BB 9 -166.30 8.65 -5.54
C LEU BB 9 -166.72 9.86 -4.72
N GLN BB 10 -165.83 10.86 -4.62
CA GLN BB 10 -166.17 12.06 -3.87
C GLN BB 10 -167.12 12.99 -4.62
N ILE BB 11 -167.24 12.83 -5.93
CA ILE BB 11 -168.10 13.70 -6.71
C ILE BB 11 -169.45 13.06 -7.01
N ASP BB 12 -169.54 11.74 -6.96
CA ASP BB 12 -170.79 11.05 -7.28
C ASP BB 12 -171.84 11.22 -6.19
N GLU BB 13 -171.44 11.42 -4.94
CA GLU BB 13 -172.40 11.63 -3.87
C GLU BB 13 -173.08 13.00 -4.00
N LEU BB 14 -172.32 14.03 -4.37
CA LEU BB 14 -172.89 15.34 -4.62
C LEU BB 14 -173.45 15.49 -6.02
N LEU BB 15 -173.25 14.49 -6.89
CA LEU BB 15 -173.82 14.53 -8.23
C LEU BB 15 -175.33 14.37 -8.23
N GLU BB 16 -175.89 13.74 -7.18
CA GLU BB 16 -177.34 13.64 -7.06
C GLU BB 16 -177.99 14.98 -6.76
N GLN BB 17 -177.24 15.92 -6.19
CA GLN BB 17 -177.77 17.26 -5.94
C GLN BB 17 -177.88 18.08 -7.21
N VAL BB 18 -177.20 17.68 -8.28
CA VAL BB 18 -177.27 18.37 -9.57
C VAL BB 18 -177.62 17.37 -10.66
N LYS BB 19 -178.26 16.26 -10.27
CA LYS BB 19 -178.63 15.23 -11.22
C LYS BB 19 -179.84 15.67 -12.04
N LEU BB 20 -180.12 14.90 -13.09
CA LEU BB 20 -181.23 15.18 -14.00
C LEU BB 20 -182.23 14.04 -13.95
N LYS BB 21 -183.46 14.34 -14.36
CA LYS BB 21 -184.56 13.38 -14.37
C LYS BB 21 -185.02 13.17 -15.80
N GLN BB 22 -185.34 11.92 -16.13
CA GLN BB 22 -185.82 11.58 -17.47
C GLN BB 22 -187.22 12.14 -17.71
N LYS BB 23 -188.06 12.16 -16.68
CA LYS BB 23 -189.39 12.74 -16.81
C LYS BB 23 -189.31 14.25 -16.95
N HIS BB 24 -188.33 14.88 -16.29
CA HIS BB 24 -188.14 16.32 -16.45
C HIS BB 24 -187.59 16.66 -17.83
N VAL BB 25 -186.76 15.78 -18.38
CA VAL BB 25 -186.21 15.99 -19.72
C VAL BB 25 -187.30 15.84 -20.78
N LEU BB 26 -188.21 14.88 -20.58
CA LEU BB 26 -189.30 14.69 -21.53
C LEU BB 26 -190.31 15.83 -21.46
N LYS BB 27 -190.55 16.37 -20.27
CA LYS BB 27 -191.45 17.51 -20.13
C LYS BB 27 -190.83 18.78 -20.71
N VAL BB 28 -189.52 18.94 -20.58
CA VAL BB 28 -188.83 20.07 -21.17
C VAL BB 28 -188.81 19.97 -22.70
N GLU BB 29 -188.66 18.75 -23.21
CA GLU BB 29 -188.66 18.54 -24.67
C GLU BB 29 -190.04 18.78 -25.26
N LYS BB 30 -191.09 18.43 -24.53
CA LYS BB 30 -192.44 18.72 -25.00
C LYS BB 30 -192.74 20.21 -24.92
N PHE BB 31 -192.20 20.89 -23.91
CA PHE BB 31 -192.38 22.33 -23.79
C PHE BB 31 -191.60 23.08 -24.86
N LEU BB 32 -190.40 22.57 -25.21
CA LEU BB 32 -189.59 23.20 -26.25
C LEU BB 32 -190.20 23.00 -27.62
N HIS BB 33 -190.82 21.83 -27.85
CA HIS BB 33 -191.48 21.57 -29.13
C HIS BB 33 -192.73 22.42 -29.29
N LYS BB 34 -193.45 22.66 -28.19
CA LYS BB 34 -194.61 23.54 -28.24
C LYS BB 34 -194.18 25.00 -28.42
N LEU BB 35 -193.05 25.38 -27.81
CA LEU BB 35 -192.53 26.73 -27.99
C LEU BB 35 -192.00 26.95 -29.39
N TYR BB 36 -191.39 25.92 -29.98
CA TYR BB 36 -190.89 26.03 -31.35
C TYR BB 36 -192.03 26.09 -32.35
N ASP BB 37 -193.13 25.37 -32.09
CA ASP BB 37 -194.30 25.46 -32.95
C ASP BB 37 -195.02 26.78 -32.80
N ILE BB 38 -195.00 27.36 -31.59
CA ILE BB 38 -195.60 28.67 -31.39
C ILE BB 38 -194.76 29.76 -32.06
N LEU BB 39 -193.43 29.66 -31.97
CA LEU BB 39 -192.55 30.64 -32.57
C LEU BB 39 -192.52 30.55 -34.09
N GLN BB 40 -192.90 29.40 -34.66
CA GLN BB 40 -192.95 29.26 -36.11
C GLN BB 40 -194.16 29.96 -36.71
N GLU BB 41 -195.15 30.33 -35.91
CA GLU BB 41 -196.35 31.01 -36.39
C GLU BB 41 -196.17 32.52 -36.50
N ILE BB 42 -195.02 33.05 -36.14
CA ILE BB 42 -194.76 34.49 -36.23
C ILE BB 42 -194.19 34.79 -37.61
N PRO BB 43 -195.01 35.27 -38.55
CA PRO BB 43 -194.50 35.54 -39.90
C PRO BB 43 -193.95 36.96 -40.03
N ASP BB 44 -193.48 37.30 -41.23
CA ASP BB 44 -192.95 38.63 -41.48
C ASP BB 44 -194.07 39.64 -41.65
N TRP BB 45 -193.94 40.78 -40.98
CA TRP BB 45 -194.92 41.84 -41.10
C TRP BB 45 -194.65 42.69 -42.34
N GLU BB 46 -195.45 43.73 -42.51
CA GLU BB 46 -195.30 44.63 -43.66
C GLU BB 46 -194.10 45.55 -43.46
N GLU BB 47 -193.71 46.22 -44.55
CA GLU BB 47 -192.62 47.18 -44.50
C GLU BB 47 -193.07 48.43 -43.74
N LYS BB 48 -192.40 48.72 -42.62
CA LYS BB 48 -192.80 49.79 -41.73
C LYS BB 48 -191.59 50.63 -41.36
N SER BB 49 -191.82 51.92 -41.18
CA SER BB 49 -190.80 52.84 -40.70
C SER BB 49 -190.89 52.95 -39.18
N LEU BB 50 -190.19 53.93 -38.61
CA LEU BB 50 -190.29 54.17 -37.17
C LEU BB 50 -191.65 54.74 -36.80
N ALA BB 51 -192.22 55.57 -37.67
CA ALA BB 51 -193.54 56.12 -37.41
C ALA BB 51 -194.63 55.08 -37.59
N GLU BB 52 -194.46 54.18 -38.56
CA GLU BB 52 -195.44 53.11 -38.76
C GLU BB 52 -195.35 52.05 -37.67
N VAL BB 53 -194.14 51.84 -37.11
CA VAL BB 53 -194.01 50.99 -35.93
C VAL BB 53 -194.66 51.65 -34.73
N ASP BB 54 -194.57 52.98 -34.64
CA ASP BB 54 -195.29 53.72 -33.60
C ASP BB 54 -196.79 53.74 -33.86
N SER BB 55 -197.19 53.54 -35.11
CA SER BB 55 -198.62 53.41 -35.41
C SER BB 55 -199.15 52.04 -35.02
N PHE BB 56 -198.26 51.06 -34.79
CA PHE BB 56 -198.70 49.70 -34.51
C PHE BB 56 -198.70 49.39 -33.02
N PHE BB 57 -197.54 49.54 -32.36
CA PHE BB 57 -197.38 49.03 -31.00
C PHE BB 57 -196.69 50.07 -30.11
N LYS BB 58 -197.17 51.31 -30.15
CA LYS BB 58 -196.68 52.31 -29.21
C LYS BB 58 -197.39 52.18 -27.86
N ASN BB 59 -198.71 52.39 -27.86
CA ASN BB 59 -199.53 52.19 -26.66
C ASN BB 59 -200.12 50.79 -26.62
N LYS BB 60 -199.25 49.79 -26.73
CA LYS BB 60 -199.67 48.40 -26.74
C LYS BB 60 -199.52 47.78 -25.34
N ILE BB 61 -200.34 46.77 -25.07
CA ILE BB 61 -200.23 46.04 -23.81
C ILE BB 61 -198.93 45.23 -23.79
N VAL BB 62 -198.55 44.67 -24.94
CA VAL BB 62 -197.29 43.95 -25.06
C VAL BB 62 -196.32 44.78 -25.91
N SER BB 63 -195.47 45.55 -25.24
CA SER BB 63 -194.46 46.36 -25.91
C SER BB 63 -193.07 45.93 -25.44
N VAL BB 64 -192.11 45.98 -26.35
CA VAL BB 64 -190.76 45.49 -26.08
C VAL BB 64 -190.02 46.47 -25.19
N PRO BB 65 -189.13 45.99 -24.32
CA PRO BB 65 -188.30 46.90 -23.52
C PRO BB 65 -187.18 47.50 -24.33
N PHE BB 66 -187.45 48.63 -24.99
CA PHE BB 66 -186.48 49.27 -25.87
C PHE BB 66 -185.27 49.78 -25.08
N VAL BB 67 -184.10 49.70 -25.71
CA VAL BB 67 -182.87 50.18 -25.10
C VAL BB 67 -182.91 51.69 -24.99
N ASP BB 68 -182.16 52.23 -24.02
CA ASP BB 68 -182.21 53.65 -23.69
C ASP BB 68 -181.63 54.49 -24.82
N PRO BB 69 -182.17 55.70 -25.07
CA PRO BB 69 -183.25 56.42 -24.39
C PRO BB 69 -184.66 55.98 -24.82
N LYS BB 70 -185.67 56.81 -24.59
CA LYS BB 70 -187.04 56.43 -24.92
C LYS BB 70 -187.24 56.39 -26.43
N PRO BB 71 -188.22 55.61 -26.91
CA PRO BB 71 -188.42 55.49 -28.37
C PRO BB 71 -189.03 56.74 -28.98
N ILE BB 72 -188.23 57.49 -29.71
CA ILE BB 72 -188.66 58.74 -30.31
C ILE BB 72 -188.19 58.80 -31.76
N PRO BB 73 -188.81 59.66 -32.57
CA PRO BB 73 -188.41 59.75 -33.99
C PRO BB 73 -187.29 60.75 -34.23
N GLN BB 74 -186.59 61.16 -33.15
CA GLN BB 74 -185.48 62.09 -33.29
C GLN BB 74 -184.30 61.44 -34.01
N ASN BB 75 -184.04 60.16 -33.74
CA ASN BB 75 -182.97 59.42 -34.39
C ASN BB 75 -183.51 58.42 -35.41
N THR BB 76 -184.63 58.75 -36.04
CA THR BB 76 -185.27 57.86 -37.02
C THR BB 76 -184.71 58.11 -38.42
N ASN BB 77 -183.43 57.78 -38.59
CA ASN BB 77 -182.76 57.87 -39.88
C ASN BB 77 -182.96 56.64 -40.74
N TYR BB 78 -183.60 55.60 -40.21
CA TYR BB 78 -183.86 54.38 -40.95
C TYR BB 78 -185.27 53.92 -40.64
N LYS BB 79 -185.61 52.70 -41.05
CA LYS BB 79 -186.92 52.13 -40.84
C LYS BB 79 -186.87 51.09 -39.72
N PHE BB 80 -188.06 50.61 -39.34
CA PHE BB 80 -188.19 49.63 -38.27
C PHE BB 80 -189.44 48.80 -38.53
N ASN BB 81 -189.25 47.55 -38.98
CA ASN BB 81 -190.35 46.67 -39.30
C ASN BB 81 -190.10 45.29 -38.71
N TYR BB 82 -191.19 44.63 -38.32
CA TYR BB 82 -191.12 43.27 -37.82
C TYR BB 82 -190.89 42.31 -38.99
N LYS BB 83 -189.91 41.42 -38.84
CA LYS BB 83 -189.54 40.47 -39.88
C LYS BB 83 -189.98 39.07 -39.50
N LYS BB 84 -189.63 38.11 -40.34
CA LYS BB 84 -189.98 36.72 -40.08
C LYS BB 84 -189.12 36.15 -38.95
N PRO BB 85 -189.71 35.61 -37.90
CA PRO BB 85 -188.91 35.05 -36.80
C PRO BB 85 -188.25 33.75 -37.21
N ASP BB 86 -187.04 33.54 -36.69
CA ASP BB 86 -186.26 32.34 -36.95
C ASP BB 86 -185.95 31.66 -35.63
N ILE BB 87 -186.30 30.38 -35.51
CA ILE BB 87 -186.07 29.61 -34.30
C ILE BB 87 -185.41 28.30 -34.66
N SER BB 88 -184.69 27.73 -33.69
CA SER BB 88 -184.00 26.47 -33.87
C SER BB 88 -183.86 25.79 -32.52
N LEU BB 89 -183.57 24.49 -32.56
CA LEU BB 89 -183.37 23.70 -31.34
C LEU BB 89 -181.94 23.90 -30.85
N ILE BB 90 -181.72 25.06 -30.24
CA ILE BB 90 -180.42 25.46 -29.72
C ILE BB 90 -180.62 26.14 -28.37
N GLY BB 91 -179.51 26.57 -27.77
CA GLY BB 91 -179.55 27.21 -26.48
C GLY BB 91 -178.89 26.38 -25.40
N SER BB 92 -179.48 26.38 -24.19
CA SER BB 92 -178.94 25.56 -23.12
C SER BB 92 -179.23 24.09 -23.34
N PHE BB 93 -180.31 23.76 -24.07
CA PHE BB 93 -180.65 22.39 -24.36
C PHE BB 93 -179.83 21.80 -25.51
N ALA BB 94 -179.07 22.63 -26.23
CA ALA BB 94 -178.22 22.11 -27.30
C ALA BB 94 -177.02 21.33 -26.76
N LEU BB 95 -176.53 21.71 -25.57
CA LEU BB 95 -175.41 21.03 -24.94
C LEU BB 95 -175.75 20.54 -23.54
N LYS BB 96 -177.06 20.49 -23.22
CA LYS BB 96 -177.58 20.10 -21.89
C LYS BB 96 -176.99 20.96 -20.77
N ALA BB 97 -177.01 22.27 -20.97
CA ALA BB 97 -176.44 23.19 -20.00
C ALA BB 97 -177.29 23.35 -18.76
N GLY BB 98 -178.58 22.99 -18.83
CA GLY BB 98 -179.43 23.10 -17.66
C GLY BB 98 -179.15 21.98 -16.68
N ILE BB 99 -178.89 22.34 -15.43
CA ILE BB 99 -178.59 21.39 -14.37
C ILE BB 99 -179.54 21.66 -13.20
N TYR BB 100 -180.18 20.59 -12.70
CA TYR BB 100 -181.14 20.73 -11.60
C TYR BB 100 -180.37 20.75 -10.27
N GLN BB 101 -179.77 21.91 -10.00
CA GLN BB 101 -178.99 22.13 -8.80
C GLN BB 101 -179.93 22.51 -7.65
N PRO BB 102 -179.38 22.78 -6.46
CA PRO BB 102 -180.22 23.24 -5.35
C PRO BB 102 -180.87 24.60 -5.59
N ASN BB 103 -180.23 25.47 -6.38
CA ASN BB 103 -180.80 26.75 -6.74
C ASN BB 103 -181.48 26.73 -8.11
N GLY BB 104 -181.51 25.58 -8.78
CA GLY BB 104 -182.12 25.49 -10.09
C GLY BB 104 -181.26 26.10 -11.18
N SER BB 105 -181.86 26.22 -12.35
CA SER BB 105 -181.18 26.78 -13.52
C SER BB 105 -182.26 27.34 -14.46
N SER BB 106 -181.84 27.66 -15.68
CA SER BB 106 -182.73 28.18 -16.71
C SER BB 106 -182.36 27.55 -18.04
N ILE BB 107 -182.94 28.08 -19.12
CA ILE BB 107 -182.67 27.59 -20.48
C ILE BB 107 -182.51 28.79 -21.41
N ASP BB 108 -182.11 28.49 -22.64
CA ASP BB 108 -181.92 29.51 -23.66
C ASP BB 108 -182.56 29.03 -24.97
N THR BB 109 -182.93 30.00 -25.81
CA THR BB 109 -183.57 29.71 -27.09
C THR BB 109 -182.84 30.44 -28.21
N LEU BB 110 -182.88 29.85 -29.40
CA LEU BB 110 -182.24 30.41 -30.58
C LEU BB 110 -183.16 31.46 -31.20
N LEU BB 111 -183.09 32.67 -30.66
CA LEU BB 111 -183.90 33.79 -31.14
C LEU BB 111 -183.01 34.99 -31.37
N THR BB 112 -183.22 35.66 -32.51
CA THR BB 112 -182.46 36.86 -32.85
C THR BB 112 -183.27 37.67 -33.84
N MET BB 113 -182.94 38.96 -33.93
CA MET BB 113 -183.59 39.82 -34.90
C MET BB 113 -183.08 39.49 -36.31
N PRO BB 114 -183.95 39.45 -37.30
CA PRO BB 114 -183.52 39.08 -38.65
C PRO BB 114 -182.81 40.23 -39.35
N LYS BB 115 -182.28 39.91 -40.54
CA LYS BB 115 -181.55 40.90 -41.32
C LYS BB 115 -182.47 41.93 -41.97
N GLU BB 116 -183.77 41.64 -42.06
CA GLU BB 116 -184.70 42.64 -42.61
C GLU BB 116 -184.94 43.77 -41.63
N LEU BB 117 -184.83 43.51 -40.33
CA LEU BB 117 -185.03 44.54 -39.32
C LEU BB 117 -183.71 45.18 -38.86
N PHE BB 118 -182.64 44.39 -38.79
CA PHE BB 118 -181.34 44.87 -38.33
C PHE BB 118 -180.41 45.00 -39.53
N GLU BB 119 -179.78 46.17 -39.66
CA GLU BB 119 -178.89 46.45 -40.78
C GLU BB 119 -177.53 46.89 -40.24
N LYS BB 120 -176.51 46.69 -41.08
CA LYS BB 120 -175.15 47.08 -40.69
C LYS BB 120 -174.96 48.60 -40.69
N LYS BB 121 -175.74 49.31 -41.51
CA LYS BB 121 -175.68 50.77 -41.51
C LYS BB 121 -176.28 51.35 -40.24
N ASP BB 122 -177.27 50.68 -39.66
CA ASP BB 122 -177.87 51.11 -38.39
C ASP BB 122 -177.10 50.60 -37.17
N PHE BB 123 -176.03 49.83 -37.38
CA PHE BB 123 -175.23 49.36 -36.25
C PHE BB 123 -174.46 50.50 -35.60
N LEU BB 124 -174.08 51.52 -36.38
CA LEU BB 124 -173.40 52.68 -35.82
C LEU BB 124 -174.37 53.54 -35.04
N ASN BB 125 -173.88 54.08 -33.91
CA ASN BB 125 -174.61 55.00 -33.02
C ASN BB 125 -175.90 54.39 -32.45
N PHE BB 126 -175.90 53.05 -32.33
CA PHE BB 126 -176.99 52.27 -31.71
C PHE BB 126 -178.35 52.50 -32.38
N ARG BB 127 -178.34 52.73 -33.69
CA ARG BB 127 -179.60 52.94 -34.40
C ARG BB 127 -180.35 51.63 -34.64
N CYS BB 128 -179.63 50.51 -34.72
CA CYS BB 128 -180.28 49.21 -34.92
C CYS BB 128 -180.94 48.69 -33.65
N LEU BB 129 -180.58 49.25 -32.48
CA LEU BB 129 -181.22 48.84 -31.24
C LEU BB 129 -182.68 49.31 -31.18
N HIS BB 130 -182.95 50.51 -31.69
CA HIS BB 130 -184.33 51.00 -31.73
C HIS BB 130 -185.13 50.28 -32.81
N LYS BB 131 -184.48 49.90 -33.91
CA LYS BB 131 -185.18 49.20 -34.98
C LYS BB 131 -185.53 47.77 -34.57
N ARG BB 132 -184.63 47.10 -33.83
CA ARG BB 132 -184.91 45.75 -33.37
C ARG BB 132 -185.95 45.75 -32.26
N SER BB 133 -185.96 46.79 -31.44
CA SER BB 133 -186.95 46.88 -30.36
C SER BB 133 -188.33 47.18 -30.90
N VAL BB 134 -188.43 48.03 -31.92
CA VAL BB 134 -189.71 48.31 -32.56
C VAL BB 134 -190.21 47.08 -33.32
N TYR BB 135 -189.29 46.31 -33.91
CA TYR BB 135 -189.66 45.05 -34.53
C TYR BB 135 -190.12 44.02 -33.50
N LEU BB 136 -189.47 44.01 -32.33
CA LEU BB 136 -189.89 43.10 -31.26
C LEU BB 136 -191.21 43.55 -30.63
N ALA BB 137 -191.46 44.86 -30.57
CA ALA BB 137 -192.73 45.35 -30.04
C ALA BB 137 -193.87 45.07 -31.02
N TYR BB 138 -193.59 45.15 -32.32
CA TYR BB 138 -194.61 44.82 -33.32
C TYR BB 138 -194.89 43.32 -33.34
N LEU BB 139 -193.85 42.50 -33.12
CA LEU BB 139 -194.01 41.06 -33.06
C LEU BB 139 -194.56 40.59 -31.72
N THR BB 140 -194.59 41.45 -30.70
CA THR BB 140 -195.14 41.07 -29.41
C THR BB 140 -196.67 40.99 -29.46
N HIS BB 141 -197.31 41.71 -30.36
CA HIS BB 141 -198.74 41.55 -30.57
C HIS BB 141 -199.05 40.18 -31.16
N HIS BB 142 -198.22 39.71 -32.09
CA HIS BB 142 -198.36 38.36 -32.60
C HIS BB 142 -197.89 37.32 -31.59
N LEU BB 143 -197.01 37.72 -30.66
CA LEU BB 143 -196.57 36.81 -29.62
C LEU BB 143 -197.67 36.55 -28.59
N LEU BB 144 -198.54 37.52 -28.35
CA LEU BB 144 -199.62 37.37 -27.40
C LEU BB 144 -200.86 36.71 -27.99
N ILE BB 145 -200.92 36.53 -29.31
CA ILE BB 145 -202.08 35.92 -29.94
C ILE BB 145 -201.67 34.70 -30.74
N LEU BB 146 -200.84 34.92 -31.77
CA LEU BB 146 -200.47 33.82 -32.67
C LEU BB 146 -199.45 32.88 -32.03
N LEU BB 147 -198.48 33.42 -31.29
CA LEU BB 147 -197.44 32.61 -30.67
C LEU BB 147 -197.76 32.31 -29.20
N LYS BB 148 -198.98 32.56 -28.75
CA LYS BB 148 -199.42 32.25 -27.40
C LYS BB 148 -200.16 30.92 -27.33
N LYS BB 149 -199.76 29.95 -28.16
CA LYS BB 149 -200.41 28.65 -28.22
C LYS BB 149 -199.70 27.59 -27.38
N ASP BB 150 -199.12 28.01 -26.24
CA ASP BB 150 -198.46 27.06 -25.36
C ASP BB 150 -199.45 26.15 -24.66
N LYS BB 151 -200.69 26.60 -24.47
CA LYS BB 151 -201.80 25.85 -23.87
C LYS BB 151 -201.47 25.37 -22.46
N LEU BB 152 -200.75 26.21 -21.70
CA LEU BB 152 -200.38 25.88 -20.33
C LEU BB 152 -200.51 27.10 -19.42
N ASP BB 153 -201.47 27.98 -19.70
CA ASP BB 153 -201.61 29.22 -18.95
C ASP BB 153 -202.10 29.02 -17.53
N SER BB 154 -202.67 27.85 -17.21
CA SER BB 154 -203.07 27.58 -15.83
C SER BB 154 -201.86 27.36 -14.93
N PHE BB 155 -200.80 26.75 -15.47
CA PHE BB 155 -199.59 26.48 -14.71
C PHE BB 155 -198.42 27.37 -15.07
N LEU BB 156 -198.41 27.94 -16.27
CA LEU BB 156 -197.32 28.79 -16.74
C LEU BB 156 -197.84 30.19 -17.02
N GLN BB 157 -196.91 31.12 -17.22
CA GLN BB 157 -197.24 32.50 -17.52
C GLN BB 157 -196.25 33.04 -18.55
N LEU BB 158 -196.69 34.05 -19.28
CA LEU BB 158 -195.88 34.70 -20.31
C LEU BB 158 -195.60 36.14 -19.88
N GLU BB 159 -194.32 36.51 -19.88
CA GLU BB 159 -193.91 37.84 -19.46
C GLU BB 159 -192.58 38.18 -20.13
N TYR BB 160 -192.25 39.46 -20.09
CA TYR BB 160 -190.98 39.96 -20.63
C TYR BB 160 -190.01 40.21 -19.50
N SER BB 161 -188.75 39.82 -19.72
CA SER BB 161 -187.72 39.99 -18.71
C SER BB 161 -186.45 40.52 -19.37
N TYR BB 162 -185.61 41.15 -18.56
CA TYR BB 162 -184.33 41.68 -19.03
C TYR BB 162 -183.22 40.66 -18.79
N PHE BB 163 -182.29 40.58 -19.73
CA PHE BB 163 -181.19 39.63 -19.66
C PHE BB 163 -179.90 40.35 -19.25
N ASP BB 164 -179.19 39.75 -18.29
CA ASP BB 164 -177.90 40.25 -17.77
C ASP BB 164 -178.01 41.67 -17.22
N ASN BB 165 -179.16 41.97 -16.58
CA ASN BB 165 -179.46 43.26 -15.95
C ASN BB 165 -179.35 44.43 -16.93
N ASP BB 166 -179.76 44.19 -18.18
CA ASP BB 166 -179.70 45.20 -19.23
C ASP BB 166 -181.04 45.22 -19.97
N PRO BB 167 -181.61 46.41 -20.22
CA PRO BB 167 -182.89 46.45 -20.96
C PRO BB 167 -182.73 46.15 -22.44
N LEU BB 168 -181.52 46.26 -23.00
CA LEU BB 168 -181.33 45.96 -24.41
C LEU BB 168 -181.45 44.47 -24.68
N LEU BB 169 -180.86 43.64 -23.81
CA LEU BB 169 -180.93 42.19 -23.97
C LEU BB 169 -182.19 41.68 -23.28
N PRO BB 170 -183.12 41.06 -24.00
CA PRO BB 170 -184.34 40.56 -23.38
C PRO BB 170 -184.22 39.11 -22.94
N ILE BB 171 -185.15 38.69 -22.09
CA ILE BB 171 -185.26 37.32 -21.62
C ILE BB 171 -186.72 36.91 -21.72
N LEU BB 172 -186.98 35.81 -22.43
CA LEU BB 172 -188.34 35.31 -22.57
C LEU BB 172 -188.73 34.47 -21.36
N ARG BB 173 -189.79 34.89 -20.66
CA ARG BB 173 -190.25 34.22 -19.45
C ARG BB 173 -191.45 33.35 -19.82
N ILE BB 174 -191.17 32.13 -20.28
CA ILE BB 174 -192.20 31.15 -20.60
C ILE BB 174 -191.83 29.87 -19.84
N SER BB 175 -192.35 29.73 -18.62
CA SER BB 175 -192.06 28.58 -17.78
C SER BB 175 -193.19 28.41 -16.78
N CYS BB 176 -193.29 27.20 -16.24
CA CYS BB 176 -194.36 26.88 -15.30
C CYS BB 176 -194.12 27.55 -13.95
N SER BB 177 -195.15 28.19 -13.42
CA SER BB 177 -195.05 28.84 -12.13
C SER BB 177 -195.07 27.80 -11.00
N LYS BB 178 -194.63 28.24 -9.83
CA LYS BB 178 -194.60 27.37 -8.65
C LYS BB 178 -195.99 27.25 -8.01
N ASP BB 186 -199.70 22.03 -20.96
CA ASP BB 186 -199.11 21.41 -22.15
C ASP BB 186 -197.62 21.73 -22.24
N TYR BB 187 -197.30 23.01 -22.37
CA TYR BB 187 -195.92 23.48 -22.45
C TYR BB 187 -195.35 23.87 -21.10
N ASN BB 188 -195.90 23.34 -20.00
CA ASN BB 188 -195.39 23.65 -18.68
C ASN BB 188 -194.08 22.91 -18.43
N PHE BB 189 -193.16 23.58 -17.75
CA PHE BB 189 -191.87 23.01 -17.38
C PHE BB 189 -191.74 22.86 -15.87
N TYR BB 190 -192.82 22.41 -15.22
CA TYR BB 190 -192.81 22.24 -13.77
C TYR BB 190 -191.93 21.07 -13.35
N LYS BB 191 -191.88 20.00 -14.14
CA LYS BB 191 -190.98 18.89 -13.85
C LYS BB 191 -189.52 19.30 -14.01
N THR BB 192 -189.21 20.09 -15.04
CA THR BB 192 -187.85 20.59 -15.23
C THR BB 192 -187.52 21.65 -14.19
N ARG BB 193 -188.51 22.47 -13.81
CA ARG BB 193 -188.39 23.55 -12.83
C ARG BB 193 -187.30 24.55 -13.21
N PHE BB 194 -187.26 24.91 -14.48
CA PHE BB 194 -186.26 25.84 -15.00
C PHE BB 194 -186.96 26.96 -15.77
N SER BB 195 -186.21 28.03 -16.00
CA SER BB 195 -186.70 29.21 -16.71
C SER BB 195 -186.15 29.22 -18.13
N ILE BB 196 -186.43 30.31 -18.86
CA ILE BB 196 -185.99 30.47 -20.23
C ILE BB 196 -185.43 31.88 -20.41
N ASN BB 197 -184.70 32.06 -21.50
CA ASN BB 197 -184.11 33.36 -21.82
C ASN BB 197 -183.91 33.46 -23.32
N LEU BB 198 -184.46 34.51 -23.92
CA LEU BB 198 -184.32 34.73 -25.36
C LEU BB 198 -184.46 36.22 -25.65
N LEU BB 199 -183.68 36.69 -26.62
CA LEU BB 199 -183.67 38.09 -27.01
C LEU BB 199 -183.77 38.19 -28.53
N ILE BB 200 -183.58 39.41 -29.04
CA ILE BB 200 -183.56 39.67 -30.47
C ILE BB 200 -182.22 40.36 -30.75
N GLY BB 201 -181.20 39.56 -31.09
CA GLY BB 201 -179.88 40.07 -31.35
C GLY BB 201 -179.59 40.23 -32.83
N PHE BB 202 -178.38 40.70 -33.11
CA PHE BB 202 -177.95 40.90 -34.48
C PHE BB 202 -177.68 39.56 -35.16
N PRO BB 203 -177.70 39.54 -36.50
CA PRO BB 203 -177.48 38.29 -37.23
C PRO BB 203 -175.99 37.96 -37.29
N TYR BB 204 -175.68 36.83 -37.93
CA TYR BB 204 -174.30 36.39 -38.06
C TYR BB 204 -173.56 37.28 -39.06
N LYS BB 205 -172.38 37.74 -38.64
CA LYS BB 205 -171.51 38.66 -39.39
C LYS BB 205 -172.24 39.96 -39.76
N VAL BB 206 -173.11 40.44 -38.88
CA VAL BB 206 -173.79 41.71 -39.10
C VAL BB 206 -172.81 42.87 -38.94
N PHE BB 207 -171.95 42.80 -37.93
CA PHE BB 207 -170.94 43.82 -37.67
C PHE BB 207 -169.56 43.22 -37.91
N GLU BB 208 -168.74 43.96 -38.67
CA GLU BB 208 -167.40 43.49 -38.97
C GLU BB 208 -166.50 43.59 -37.75
N PRO BB 209 -165.37 42.87 -37.75
CA PRO BB 209 -164.44 42.95 -36.61
C PRO BB 209 -163.75 44.30 -36.50
N LYS BB 210 -163.62 45.04 -37.60
CA LYS BB 210 -163.10 46.40 -37.52
C LYS BB 210 -164.07 47.33 -36.81
N LYS BB 211 -165.38 47.17 -37.09
CA LYS BB 211 -166.40 47.92 -36.38
C LYS BB 211 -166.64 47.39 -34.97
N LEU BB 212 -166.29 46.13 -34.70
CA LEU BB 212 -166.40 45.54 -33.38
C LEU BB 212 -165.06 45.49 -32.66
N LEU BB 213 -164.12 46.36 -33.04
CA LEU BB 213 -162.82 46.42 -32.41
C LEU BB 213 -162.93 47.06 -31.03
N PRO BB 214 -161.88 46.93 -30.20
CA PRO BB 214 -161.90 47.61 -28.89
C PRO BB 214 -161.96 49.13 -28.98
N ASN BB 215 -161.36 49.72 -30.02
CA ASN BB 215 -161.40 51.16 -30.20
C ASN BB 215 -162.63 51.63 -30.96
N ARG BB 216 -163.44 50.71 -31.49
CA ARG BB 216 -164.63 51.05 -32.27
C ARG BB 216 -165.87 50.71 -31.45
N ASN BB 217 -166.65 51.72 -31.12
CA ASN BB 217 -167.88 51.53 -30.36
C ASN BB 217 -169.09 51.48 -31.29
N CYS BB 218 -170.00 50.55 -31.03
CA CYS BB 218 -171.23 50.45 -31.81
C CYS BB 218 -172.12 51.67 -31.56
N ILE BB 219 -172.22 52.11 -30.31
CA ILE BB 219 -172.94 53.33 -29.98
C ILE BB 219 -171.90 54.46 -30.03
N ARG BB 220 -171.68 54.99 -31.23
CA ARG BB 220 -170.68 56.02 -31.46
C ARG BB 220 -171.22 57.35 -30.94
N ILE BB 221 -171.02 57.57 -29.64
CA ILE BB 221 -171.47 58.79 -28.99
C ILE BB 221 -170.28 59.53 -28.38
N LEU BB 230 -165.59 58.15 -30.22
CA LEU BB 230 -166.21 57.29 -29.21
C LEU BB 230 -165.17 56.47 -28.47
N PRO BB 231 -165.37 56.25 -27.18
CA PRO BB 231 -164.41 55.47 -26.40
C PRO BB 231 -164.65 53.97 -26.50
N ALA BB 232 -163.89 53.19 -25.73
CA ALA BB 232 -164.02 51.74 -25.76
C ALA BB 232 -165.30 51.31 -25.06
N THR BB 233 -166.27 50.84 -25.84
CA THR BB 233 -167.56 50.40 -25.30
C THR BB 233 -167.40 49.08 -24.57
N PRO BB 234 -167.44 49.09 -23.23
CA PRO BB 234 -167.26 47.84 -22.48
C PRO BB 234 -168.50 46.94 -22.50
N LEU BB 235 -169.66 47.48 -22.85
CA LEU BB 235 -170.90 46.70 -22.85
C LEU BB 235 -171.61 46.71 -24.19
N TYR BB 236 -171.58 47.85 -24.90
CA TYR BB 236 -172.28 47.94 -26.19
C TYR BB 236 -171.56 47.14 -27.26
N ASN BB 237 -170.23 47.27 -27.33
CA ASN BB 237 -169.47 46.53 -28.33
C ASN BB 237 -169.36 45.06 -27.97
N PHE BB 238 -169.39 44.75 -26.66
CA PHE BB 238 -169.30 43.35 -26.23
C PHE BB 238 -170.59 42.60 -26.53
N SER BB 239 -171.75 43.25 -26.31
CA SER BB 239 -173.03 42.59 -26.57
C SER BB 239 -173.31 42.48 -28.07
N VAL BB 240 -172.81 43.44 -28.85
CA VAL BB 240 -172.97 43.37 -30.30
C VAL BB 240 -172.12 42.25 -30.89
N LEU BB 241 -170.92 42.06 -30.34
CA LEU BB 241 -170.09 40.94 -30.78
C LEU BB 241 -170.63 39.61 -30.27
N SER BB 242 -171.26 39.62 -29.09
CA SER BB 242 -171.84 38.39 -28.55
C SER BB 242 -173.09 37.98 -29.33
N SER BB 243 -173.91 38.95 -29.73
CA SER BB 243 -175.13 38.63 -30.48
C SER BB 243 -174.81 38.20 -31.90
N SER BB 244 -173.73 38.71 -32.48
CA SER BB 244 -173.39 38.36 -33.86
C SER BB 244 -172.77 36.97 -33.95
N THR BB 245 -172.02 36.57 -32.94
CA THR BB 245 -171.26 35.32 -32.98
C THR BB 245 -171.61 34.39 -31.83
N HIS BB 246 -172.88 34.37 -31.42
CA HIS BB 246 -173.30 33.40 -30.41
C HIS BB 246 -173.40 32.00 -30.99
N GLU BB 247 -173.95 31.88 -32.20
CA GLU BB 247 -174.10 30.56 -32.83
C GLU BB 247 -172.76 30.00 -33.28
N ASN BB 248 -171.84 30.86 -33.72
CA ASN BB 248 -170.52 30.42 -34.12
C ASN BB 248 -169.71 29.93 -32.91
N TYR BB 249 -169.87 30.61 -31.77
CA TYR BB 249 -169.21 30.15 -30.55
C TYR BB 249 -169.85 28.88 -30.01
N LEU BB 250 -171.17 28.75 -30.16
CA LEU BB 250 -171.86 27.54 -29.70
C LEU BB 250 -171.53 26.35 -30.58
N LYS BB 251 -171.38 26.57 -31.90
CA LYS BB 251 -171.02 25.49 -32.79
C LYS BB 251 -169.56 25.05 -32.58
N TYR BB 252 -168.69 26.01 -32.25
CA TYR BB 252 -167.31 25.67 -31.92
C TYR BB 252 -167.22 24.94 -30.59
N LEU BB 253 -168.08 25.32 -29.63
CA LEU BB 253 -168.11 24.62 -28.35
C LEU BB 253 -168.72 23.23 -28.49
N TYR BB 254 -169.70 23.08 -29.38
CA TYR BB 254 -170.29 21.77 -29.64
C TYR BB 254 -169.31 20.87 -30.39
N LYS BB 255 -168.52 21.45 -31.29
CA LYS BB 255 -167.48 20.68 -31.97
C LYS BB 255 -166.36 20.29 -31.01
N THR BB 256 -166.06 21.17 -30.05
CA THR BB 256 -165.06 20.82 -29.04
C THR BB 256 -165.61 19.78 -28.07
N LYS BB 257 -166.92 19.85 -27.76
CA LYS BB 257 -167.53 18.84 -26.91
C LYS BB 257 -167.67 17.51 -27.63
N LYS BB 258 -167.79 17.54 -28.96
CA LYS BB 258 -167.84 16.30 -29.73
C LYS BB 258 -166.45 15.68 -29.86
N GLN BB 259 -165.41 16.52 -29.95
CA GLN BB 259 -164.06 16.00 -30.10
C GLN BB 259 -163.52 15.45 -28.79
N THR BB 260 -163.87 16.07 -27.67
CA THR BB 260 -163.38 15.67 -26.35
C THR BB 260 -164.41 14.78 -25.68
N GLU BB 261 -164.01 13.56 -25.34
CA GLU BB 261 -164.93 12.63 -24.69
C GLU BB 261 -165.22 13.05 -23.25
N SER BB 262 -164.22 13.60 -22.56
CA SER BB 262 -164.37 14.05 -21.19
C SER BB 262 -164.78 15.51 -21.08
N PHE BB 263 -165.38 16.07 -22.14
CA PHE BB 263 -165.82 17.47 -22.10
C PHE BB 263 -167.03 17.64 -21.20
N VAL BB 264 -167.86 16.60 -21.05
CA VAL BB 264 -169.00 16.68 -20.15
C VAL BB 264 -168.53 16.69 -18.70
N GLU BB 265 -167.50 15.89 -18.39
CA GLU BB 265 -166.95 15.89 -17.04
C GLU BB 265 -166.20 17.18 -16.75
N ALA BB 266 -165.57 17.77 -17.76
CA ALA BB 266 -164.91 19.05 -17.59
C ALA BB 266 -165.91 20.18 -17.39
N THR BB 267 -167.05 20.11 -18.09
CA THR BB 267 -168.10 21.12 -17.91
C THR BB 267 -168.80 20.95 -16.56
N VAL BB 268 -168.89 19.71 -16.07
CA VAL BB 268 -169.46 19.47 -14.76
C VAL BB 268 -168.53 19.98 -13.66
N LEU BB 269 -167.22 19.79 -13.83
CA LEU BB 269 -166.26 20.31 -12.88
C LEU BB 269 -166.17 21.84 -12.96
N GLY BB 270 -166.31 22.39 -14.18
CA GLY BB 270 -166.33 23.83 -14.33
C GLY BB 270 -167.56 24.47 -13.70
N ARG BB 271 -168.71 23.80 -13.81
CA ARG BB 271 -169.91 24.30 -13.16
C ARG BB 271 -169.82 24.18 -11.64
N LEU BB 272 -169.15 23.12 -11.16
CA LEU BB 272 -168.95 22.97 -9.73
C LEU BB 272 -167.98 24.01 -9.19
N TRP BB 273 -166.95 24.35 -9.97
CA TRP BB 273 -166.02 25.40 -9.54
C TRP BB 273 -166.66 26.77 -9.61
N LEU BB 274 -167.54 27.00 -10.59
CA LEU BB 274 -168.27 28.27 -10.66
C LEU BB 274 -169.27 28.39 -9.52
N GLN BB 275 -169.91 27.27 -9.13
CA GLN BB 275 -170.79 27.28 -7.98
C GLN BB 275 -170.00 27.45 -6.68
N GLN BB 276 -168.79 26.89 -6.62
CA GLN BB 276 -167.94 27.07 -5.45
C GLN BB 276 -167.45 28.51 -5.33
N ARG BB 277 -167.16 29.14 -6.46
CA ARG BB 277 -166.74 30.54 -6.45
C ARG BB 277 -167.90 31.51 -6.34
N GLY BB 278 -169.14 31.03 -6.50
CA GLY BB 278 -170.29 31.91 -6.45
C GLY BB 278 -170.45 32.79 -7.66
N PHE BB 279 -169.84 32.43 -8.79
CA PHE BB 279 -169.88 33.22 -10.01
C PHE BB 279 -170.61 32.46 -11.10
N SER BB 280 -171.20 33.21 -12.02
CA SER BB 280 -171.97 32.63 -13.12
C SER BB 280 -171.57 33.36 -14.40
N SER BB 281 -172.34 33.14 -15.46
CA SER BB 281 -172.10 33.77 -16.76
C SER BB 281 -172.79 35.12 -16.91
N ASN BB 282 -173.09 35.80 -15.80
CA ASN BB 282 -173.78 37.08 -15.83
C ASN BB 282 -172.75 38.20 -16.05
N MET BB 283 -173.21 39.44 -15.88
CA MET BB 283 -172.33 40.59 -16.09
C MET BB 283 -171.34 40.73 -14.94
N SER BB 284 -170.07 40.96 -15.29
CA SER BB 284 -169.02 41.18 -14.30
C SER BB 284 -168.39 42.56 -14.38
N HIS BB 285 -168.34 43.17 -15.56
CA HIS BB 285 -167.80 44.51 -15.71
C HIS BB 285 -168.83 45.60 -15.43
N SER BB 286 -170.09 45.23 -15.18
CA SER BB 286 -171.16 46.19 -14.90
C SER BB 286 -171.43 46.32 -13.41
N GLY BB 287 -170.39 46.19 -12.59
CA GLY BB 287 -170.55 46.27 -11.14
C GLY BB 287 -171.35 45.14 -10.53
N SER BB 288 -171.09 43.91 -10.94
CA SER BB 288 -171.82 42.76 -10.42
C SER BB 288 -170.91 41.54 -10.47
N LEU BB 289 -171.34 40.48 -9.80
CA LEU BB 289 -170.60 39.21 -9.79
C LEU BB 289 -171.07 38.35 -10.94
N GLY BB 290 -170.12 37.89 -11.75
CA GLY BB 290 -170.48 37.07 -12.90
C GLY BB 290 -169.29 36.89 -13.84
N GLY BB 291 -169.61 36.64 -15.11
CA GLY BB 291 -168.58 36.45 -16.12
C GLY BB 291 -168.03 35.04 -16.16
N PHE BB 292 -167.28 34.67 -15.14
CA PHE BB 292 -166.66 33.34 -15.06
C PHE BB 292 -167.75 32.34 -14.64
N GLY BB 293 -168.36 31.72 -15.64
CA GLY BB 293 -169.43 30.74 -15.40
C GLY BB 293 -169.48 29.71 -16.48
N THR BB 294 -170.70 29.36 -16.91
CA THR BB 294 -170.87 28.32 -17.91
C THR BB 294 -170.42 28.79 -19.28
N PHE BB 295 -170.65 30.07 -19.60
CA PHE BB 295 -170.21 30.60 -20.89
C PHE BB 295 -168.70 30.76 -20.95
N GLU BB 296 -168.08 31.10 -19.82
CA GLU BB 296 -166.63 31.25 -19.78
C GLU BB 296 -165.93 29.90 -19.80
N PHE BB 297 -166.47 28.91 -19.09
CA PHE BB 297 -165.84 27.60 -19.01
C PHE BB 297 -165.99 26.83 -20.31
N THR BB 298 -167.03 27.14 -21.09
CA THR BB 298 -167.21 26.50 -22.39
C THR BB 298 -166.18 26.97 -23.41
N ILE BB 299 -165.58 28.14 -23.22
CA ILE BB 299 -164.55 28.63 -24.12
C ILE BB 299 -163.16 28.41 -23.55
N LEU BB 300 -163.03 28.44 -22.21
CA LEU BB 300 -161.73 28.26 -21.59
C LEU BB 300 -161.26 26.81 -21.67
N MET BB 301 -162.16 25.87 -21.42
CA MET BB 301 -161.81 24.45 -21.52
C MET BB 301 -161.63 24.01 -22.97
N ALA BB 302 -162.36 24.67 -23.89
CA ALA BB 302 -162.19 24.36 -25.30
C ALA BB 302 -160.86 24.86 -25.84
N ALA BB 303 -160.43 26.06 -25.39
CA ALA BB 303 -159.16 26.60 -25.83
C ALA BB 303 -157.98 25.87 -25.18
N LEU BB 304 -158.18 25.38 -23.95
CA LEU BB 304 -157.12 24.63 -23.28
C LEU BB 304 -156.94 23.25 -23.92
N LEU BB 305 -158.04 22.58 -24.28
CA LEU BB 305 -157.94 21.28 -24.91
C LEU BB 305 -157.42 21.37 -26.33
N ASN BB 306 -157.73 22.47 -27.04
CA ASN BB 306 -157.21 22.68 -28.38
C ASN BB 306 -155.77 23.18 -28.39
N GLY BB 307 -155.25 23.57 -27.22
CA GLY BB 307 -153.88 24.04 -27.15
C GLY BB 307 -153.73 25.47 -27.63
N GLY BB 308 -152.49 25.82 -27.97
CA GLY BB 308 -152.19 27.17 -28.39
C GLY BB 308 -152.18 28.16 -27.25
N GLY BB 309 -151.24 27.98 -26.33
CA GLY BB 309 -151.13 28.86 -25.17
C GLY BB 309 -150.40 30.14 -25.47
N ILE BB 310 -149.76 30.70 -24.44
CA ILE BB 310 -148.98 31.93 -24.61
C ILE BB 310 -147.75 31.67 -25.49
N ASN BB 311 -147.16 30.48 -25.37
CA ASN BB 311 -146.09 30.04 -26.25
C ASN BB 311 -146.61 29.23 -27.43
N SER BB 312 -147.94 29.29 -27.68
CA SER BB 312 -148.63 28.53 -28.74
C SER BB 312 -148.40 27.03 -28.61
N ASN BB 313 -148.40 26.54 -27.38
CA ASN BB 313 -148.19 25.13 -27.07
C ASN BB 313 -149.49 24.49 -26.65
N LYS BB 314 -149.48 23.15 -26.63
CA LYS BB 314 -150.65 22.37 -26.25
C LYS BB 314 -150.87 22.46 -24.75
N ILE BB 315 -151.90 23.22 -24.34
CA ILE BB 315 -152.22 23.33 -22.92
C ILE BB 315 -152.80 22.02 -22.39
N LEU BB 316 -153.71 21.42 -23.14
CA LEU BB 316 -154.30 20.13 -22.78
C LEU BB 316 -154.71 19.42 -24.07
N LEU BB 317 -155.45 18.32 -23.91
CA LEU BB 317 -155.91 17.54 -25.05
C LEU BB 317 -157.18 16.81 -24.64
N HIS BB 318 -157.74 16.06 -25.60
CA HIS BB 318 -158.92 15.25 -25.33
C HIS BB 318 -158.59 13.95 -24.59
N GLY BB 319 -157.31 13.59 -24.51
CA GLY BB 319 -156.92 12.37 -23.81
C GLY BB 319 -156.81 12.49 -22.32
N PHE BB 320 -157.02 13.67 -21.76
CA PHE BB 320 -156.99 13.84 -20.30
C PHE BB 320 -158.20 13.16 -19.67
N SER BB 321 -158.00 12.64 -18.46
CA SER BB 321 -159.05 11.94 -17.75
C SER BB 321 -160.02 12.94 -17.12
N SER BB 322 -161.06 12.44 -16.46
CA SER BB 322 -162.05 13.31 -15.84
C SER BB 322 -161.45 14.06 -14.64
N TYR BB 323 -160.73 13.32 -13.78
CA TYR BB 323 -160.05 13.98 -12.67
C TYR BB 323 -158.77 14.68 -13.13
N GLN BB 324 -158.18 14.21 -14.23
CA GLN BB 324 -156.98 14.86 -14.75
C GLN BB 324 -157.29 16.22 -15.36
N LEU BB 325 -158.41 16.31 -16.09
CA LEU BB 325 -158.81 17.60 -16.63
C LEU BB 325 -159.37 18.51 -15.56
N PHE BB 326 -160.00 17.94 -14.52
CA PHE BB 326 -160.47 18.74 -13.40
C PHE BB 326 -159.30 19.34 -12.61
N LYS BB 327 -158.25 18.55 -12.40
CA LYS BB 327 -157.04 19.09 -11.78
C LYS BB 327 -156.31 20.02 -12.74
N GLY BB 328 -156.40 19.74 -14.04
CA GLY BB 328 -155.78 20.63 -15.03
C GLY BB 328 -156.48 21.97 -15.13
N VAL BB 329 -157.82 21.97 -15.04
CA VAL BB 329 -158.56 23.23 -15.10
C VAL BB 329 -158.36 24.03 -13.83
N ILE BB 330 -158.18 23.36 -12.69
CA ILE BB 330 -157.88 24.05 -11.44
C ILE BB 330 -156.49 24.66 -11.49
N LYS BB 331 -155.53 23.97 -12.11
CA LYS BB 331 -154.19 24.52 -12.25
C LYS BB 331 -154.15 25.64 -13.29
N TYR BB 332 -154.90 25.50 -14.39
CA TYR BB 332 -154.91 26.52 -15.42
C TYR BB 332 -155.71 27.75 -15.02
N LEU BB 333 -156.58 27.64 -14.01
CA LEU BB 333 -157.31 28.81 -13.53
C LEU BB 333 -156.38 29.80 -12.85
N ALA BB 334 -155.43 29.30 -12.06
CA ALA BB 334 -154.44 30.16 -11.42
C ALA BB 334 -153.32 30.56 -12.38
N THR BB 335 -153.10 29.77 -13.43
CA THR BB 335 -152.04 30.02 -14.40
C THR BB 335 -152.55 30.70 -15.66
N MET BB 336 -153.80 31.18 -15.65
CA MET BB 336 -154.35 31.84 -16.83
C MET BB 336 -153.74 33.22 -17.02
N ASP BB 337 -153.79 33.71 -18.26
CA ASP BB 337 -153.27 35.03 -18.63
C ASP BB 337 -154.31 35.67 -19.56
N LEU BB 338 -155.27 36.38 -18.97
CA LEU BB 338 -156.34 36.99 -19.75
C LEU BB 338 -156.54 38.46 -19.46
N CYS BB 339 -156.40 38.89 -18.20
CA CYS BB 339 -156.68 40.27 -17.81
C CYS BB 339 -155.42 41.12 -17.81
N HIS BB 340 -154.45 40.79 -16.96
CA HIS BB 340 -153.24 41.59 -16.81
C HIS BB 340 -151.98 40.83 -17.19
N ASP BB 341 -152.11 39.68 -17.84
CA ASP BB 341 -150.93 38.89 -18.20
C ASP BB 341 -150.97 38.33 -19.61
N GLY BB 342 -152.05 38.52 -20.36
CA GLY BB 342 -152.08 37.99 -21.71
C GLY BB 342 -153.46 38.15 -22.33
N HIS BB 343 -153.62 37.49 -23.48
CA HIS BB 343 -154.86 37.49 -24.23
C HIS BB 343 -154.89 36.24 -25.11
N LEU BB 344 -156.07 35.91 -25.61
CA LEU BB 344 -156.27 34.72 -26.43
C LEU BB 344 -156.95 35.11 -27.73
N GLN BB 345 -156.78 34.25 -28.74
CA GLN BB 345 -157.33 34.52 -30.08
C GLN BB 345 -157.65 33.19 -30.75
N PHE BB 346 -158.94 32.89 -30.87
CA PHE BB 346 -159.39 31.64 -31.48
C PHE BB 346 -160.09 31.94 -32.80
N HIS BB 347 -159.92 31.04 -33.76
CA HIS BB 347 -160.60 31.15 -35.04
C HIS BB 347 -161.95 30.44 -34.96
N SER BB 348 -162.63 30.28 -36.10
CA SER BB 348 -163.83 29.47 -36.15
C SER BB 348 -163.49 28.03 -35.85
N ASN BB 349 -162.77 27.37 -36.77
CA ASN BB 349 -161.94 26.22 -36.39
C ASN BB 349 -160.71 26.18 -37.28
N PRO BB 357 -160.07 27.31 -37.57
CA PRO BB 357 -158.82 27.26 -38.35
C PRO BB 357 -157.58 27.14 -37.48
N ALA BB 358 -157.64 27.70 -36.27
CA ALA BB 358 -156.49 27.81 -35.38
C ALA BB 358 -156.98 28.28 -34.02
N SER BB 359 -156.08 28.24 -33.04
CA SER BB 359 -156.32 28.75 -31.70
C SER BB 359 -154.98 29.04 -31.05
N LYS BB 360 -154.73 30.30 -30.72
CA LYS BB 360 -153.45 30.68 -30.13
C LYS BB 360 -153.66 31.82 -29.14
N TYR BB 361 -152.75 31.93 -28.18
CA TYR BB 361 -152.81 32.97 -27.17
C TYR BB 361 -151.48 33.73 -27.13
N ILE BB 362 -151.50 34.86 -26.41
CA ILE BB 362 -150.33 35.71 -26.26
C ILE BB 362 -150.18 36.06 -24.78
N ASP BB 363 -149.02 36.62 -24.45
CA ASP BB 363 -148.72 37.07 -23.10
C ASP BB 363 -148.81 38.58 -22.95
N GLU BB 364 -149.55 39.25 -23.84
CA GLU BB 364 -149.67 40.71 -23.82
C GLU BB 364 -150.70 41.10 -22.77
N GLY BB 365 -150.20 41.44 -21.58
CA GLY BB 365 -151.07 41.88 -20.50
C GLY BB 365 -151.54 43.30 -20.67
N PHE BB 366 -152.82 43.48 -20.94
CA PHE BB 366 -153.40 44.81 -21.17
C PHE BB 366 -154.03 45.40 -19.93
N GLN BB 367 -153.89 44.73 -18.77
CA GLN BB 367 -154.45 45.12 -17.48
C GLN BB 367 -155.98 45.27 -17.54
N THR BB 368 -156.62 44.45 -18.39
CA THR BB 368 -158.07 44.48 -18.57
C THR BB 368 -158.48 43.14 -19.18
N PRO BB 369 -159.61 42.58 -18.78
CA PRO BB 369 -160.02 41.28 -19.34
C PRO BB 369 -160.50 41.39 -20.78
N THR BB 370 -159.73 40.82 -21.71
CA THR BB 370 -160.07 40.84 -23.12
C THR BB 370 -159.38 39.69 -23.82
N LEU BB 371 -160.15 38.86 -24.52
CA LEU BB 371 -159.62 37.77 -25.34
C LEU BB 371 -160.25 37.88 -26.72
N PHE BB 372 -159.66 38.72 -27.57
CA PHE BB 372 -160.21 39.00 -28.89
C PHE BB 372 -159.95 37.81 -29.81
N ASP BB 373 -161.01 37.15 -30.26
CA ASP BB 373 -160.91 35.96 -31.08
C ASP BB 373 -160.37 36.29 -32.46
N LYS BB 374 -159.73 35.30 -33.09
CA LYS BB 374 -159.04 35.53 -34.36
C LYS BB 374 -160.03 35.65 -35.51
N SER BB 375 -160.79 34.58 -35.78
CA SER BB 375 -161.77 34.59 -36.85
C SER BB 375 -163.20 34.54 -36.36
N THR BB 376 -163.43 34.22 -35.08
CA THR BB 376 -164.77 34.30 -34.52
C THR BB 376 -165.20 35.75 -34.26
N LYS BB 377 -164.23 36.66 -34.14
CA LYS BB 377 -164.44 38.11 -34.04
C LYS BB 377 -165.28 38.48 -32.81
N VAL BB 378 -164.81 38.07 -31.65
CA VAL BB 378 -165.48 38.36 -30.39
C VAL BB 378 -164.44 38.40 -29.28
N ASN BB 379 -164.45 39.47 -28.49
CA ASN BB 379 -163.63 39.55 -27.30
C ASN BB 379 -164.30 38.72 -26.20
N ILE BB 380 -163.68 37.58 -25.88
CA ILE BB 380 -164.31 36.60 -25.00
C ILE BB 380 -164.40 37.10 -23.57
N LEU BB 381 -163.35 37.77 -23.09
CA LEU BB 381 -163.29 38.22 -21.70
C LEU BB 381 -163.82 39.63 -21.51
N THR BB 382 -164.41 40.24 -22.55
CA THR BB 382 -164.91 41.61 -22.46
C THR BB 382 -166.12 41.72 -21.53
N LYS BB 383 -166.86 40.64 -21.31
CA LYS BB 383 -167.94 40.66 -20.33
C LYS BB 383 -167.42 40.70 -18.90
N MET BB 384 -166.17 40.27 -18.67
CA MET BB 384 -165.57 40.31 -17.36
C MET BB 384 -164.75 41.59 -17.19
N THR BB 385 -164.18 41.75 -16.00
CA THR BB 385 -163.38 42.92 -15.68
C THR BB 385 -162.10 42.48 -14.96
N VAL BB 386 -161.09 43.34 -15.04
CA VAL BB 386 -159.82 43.06 -14.37
C VAL BB 386 -159.97 43.13 -12.85
N SER BB 387 -160.90 43.97 -12.36
CA SER BB 387 -161.18 44.01 -10.93
C SER BB 387 -161.81 42.71 -10.44
N SER BB 388 -162.72 42.15 -11.23
CA SER BB 388 -163.28 40.85 -10.90
C SER BB 388 -162.28 39.74 -11.15
N TYR BB 389 -161.35 39.93 -12.08
CA TYR BB 389 -160.32 38.93 -12.34
C TYR BB 389 -159.28 38.89 -11.23
N GLN BB 390 -159.08 40.01 -10.53
CA GLN BB 390 -158.15 40.04 -9.40
C GLN BB 390 -158.67 39.18 -8.25
N ILE BB 391 -159.98 39.25 -7.99
CA ILE BB 391 -160.59 38.37 -7.00
C ILE BB 391 -160.60 36.93 -7.51
N LEU BB 392 -160.79 36.75 -8.82
CA LEU BB 392 -160.83 35.41 -9.40
C LEU BB 392 -159.46 34.74 -9.36
N LYS BB 393 -158.40 35.51 -9.63
CA LYS BB 393 -157.05 34.95 -9.60
C LYS BB 393 -156.62 34.64 -8.17
N GLU BB 394 -157.11 35.42 -7.19
CA GLU BB 394 -156.80 35.14 -5.79
C GLU BB 394 -157.47 33.86 -5.32
N TYR BB 395 -158.70 33.62 -5.77
CA TYR BB 395 -159.40 32.40 -5.39
C TYR BB 395 -158.85 31.19 -6.13
N ALA BB 396 -158.40 31.38 -7.38
CA ALA BB 396 -157.87 30.27 -8.15
C ALA BB 396 -156.50 29.84 -7.66
N GLY BB 397 -155.72 30.77 -7.09
CA GLY BB 397 -154.44 30.39 -6.52
C GLY BB 397 -154.58 29.51 -5.29
N GLU BB 398 -155.57 29.80 -4.44
CA GLU BB 398 -155.85 28.93 -3.31
C GLU BB 398 -156.48 27.62 -3.76
N THR BB 399 -157.25 27.66 -4.86
CA THR BB 399 -157.85 26.44 -5.38
C THR BB 399 -156.80 25.53 -6.01
N LEU BB 400 -155.83 26.11 -6.71
CA LEU BB 400 -154.74 25.30 -7.27
C LEU BB 400 -153.82 24.78 -6.19
N ARG BB 401 -153.63 25.55 -5.12
CA ARG BB 401 -152.84 25.07 -3.99
C ARG BB 401 -153.55 23.95 -3.24
N MET BB 402 -154.88 24.05 -3.11
CA MET BB 402 -155.64 22.98 -2.50
C MET BB 402 -155.70 21.74 -3.39
N LEU BB 403 -155.71 21.94 -4.71
CA LEU BB 403 -155.65 20.80 -5.63
C LEU BB 403 -154.30 20.12 -5.58
N ASN BB 404 -153.23 20.89 -5.41
CA ASN BB 404 -151.90 20.31 -5.26
C ASN BB 404 -151.74 19.62 -3.91
N ASN BB 405 -152.41 20.14 -2.87
CA ASN BB 405 -152.33 19.54 -1.55
C ASN BB 405 -153.11 18.23 -1.50
N VAL BB 406 -152.51 17.21 -0.89
CA VAL BB 406 -153.14 15.90 -0.79
C VAL BB 406 -153.18 15.47 0.67
N VAL BB 407 -153.23 16.44 1.58
CA VAL BB 407 -153.25 16.17 3.02
C VAL BB 407 -154.67 16.18 3.56
N GLN BB 408 -155.46 17.17 3.19
CA GLN BB 408 -156.84 17.29 3.66
C GLN BB 408 -157.79 16.58 2.70
N ASP BB 409 -158.77 15.87 3.25
CA ASP BB 409 -159.75 15.15 2.45
C ASP BB 409 -160.98 16.01 2.17
N GLN BB 410 -160.75 17.19 1.61
CA GLN BB 410 -161.81 18.14 1.27
C GLN BB 410 -162.08 18.18 -0.22
N PHE BB 411 -162.03 17.03 -0.89
CA PHE BB 411 -162.28 16.97 -2.34
C PHE BB 411 -163.73 17.30 -2.66
N SER BB 412 -164.67 16.76 -1.89
CA SER BB 412 -166.07 17.13 -2.05
C SER BB 412 -166.42 18.41 -1.31
N ASN BB 413 -165.64 18.76 -0.28
CA ASN BB 413 -165.94 19.96 0.51
C ASN BB 413 -165.60 21.23 -0.25
N ILE BB 414 -164.45 21.25 -0.92
CA ILE BB 414 -164.00 22.47 -1.61
C ILE BB 414 -164.85 22.73 -2.85
N PHE BB 415 -165.31 21.68 -3.52
CA PHE BB 415 -166.09 21.87 -4.75
C PHE BB 415 -167.50 22.35 -4.44
N LEU BB 416 -168.03 22.00 -3.26
CA LEU BB 416 -169.40 22.33 -2.88
C LEU BB 416 -169.51 23.53 -1.96
N THR BB 417 -168.39 24.13 -1.55
CA THR BB 417 -168.41 25.29 -0.68
C THR BB 417 -168.55 26.55 -1.53
N ASN BB 418 -169.78 27.07 -1.60
CA ASN BB 418 -170.02 28.30 -2.36
C ASN BB 418 -169.45 29.50 -1.63
N ILE BB 419 -168.78 30.37 -2.38
CA ILE BB 419 -168.22 31.59 -1.79
C ILE BB 419 -169.33 32.56 -1.38
N SER BB 420 -170.43 32.58 -2.13
CA SER BB 420 -171.55 33.47 -1.85
C SER BB 420 -172.59 32.84 -0.93
N ARG BB 421 -172.33 31.63 -0.43
CA ARG BB 421 -173.26 30.99 0.51
C ARG BB 421 -173.28 31.71 1.85
N PHE BB 422 -172.11 32.10 2.36
CA PHE BB 422 -171.98 32.85 3.60
C PHE BB 422 -171.27 34.15 3.26
N ASP BB 423 -172.06 35.19 2.98
CA ASP BB 423 -171.49 36.48 2.60
C ASP BB 423 -170.80 37.17 3.76
N ASN BB 424 -171.32 36.99 4.98
CA ASN BB 424 -170.69 37.60 6.15
C ASN BB 424 -169.38 36.92 6.49
N LEU BB 425 -169.30 35.59 6.31
CA LEU BB 425 -168.08 34.86 6.61
C LEU BB 425 -167.01 35.08 5.54
N LYS BB 426 -167.40 35.09 4.28
CA LYS BB 426 -166.43 35.17 3.18
C LYS BB 426 -165.95 36.59 2.92
N TYR BB 427 -166.63 37.61 3.44
CA TYR BB 427 -166.23 39.00 3.25
C TYR BB 427 -165.92 39.62 4.61
N ASP BB 428 -164.76 40.26 4.72
CA ASP BB 428 -164.36 40.88 5.97
C ASP BB 428 -165.19 42.13 6.26
N LEU BB 429 -165.41 42.96 5.25
CA LEU BB 429 -166.17 44.19 5.42
C LEU BB 429 -166.83 44.56 4.10
N CYS BB 430 -168.02 45.17 4.21
CA CYS BB 430 -168.75 45.64 3.04
C CYS BB 430 -169.31 47.03 3.34
N TYR BB 431 -169.06 47.96 2.44
CA TYR BB 431 -169.53 49.34 2.57
C TYR BB 431 -170.70 49.55 1.63
N ASP BB 432 -171.88 49.80 2.19
CA ASP BB 432 -173.11 49.94 1.42
C ASP BB 432 -173.70 51.31 1.64
N VAL BB 433 -174.14 51.94 0.55
CA VAL BB 433 -174.79 53.25 0.60
C VAL BB 433 -176.04 53.21 -0.26
N GLN BB 434 -176.94 54.16 0.00
CA GLN BB 434 -178.18 54.27 -0.74
C GLN BB 434 -177.99 55.27 -1.88
N LEU BB 435 -178.25 54.84 -3.10
CA LEU BB 435 -178.06 55.68 -4.27
C LEU BB 435 -179.39 56.29 -4.72
N PRO BB 436 -179.72 57.49 -4.26
CA PRO BB 436 -180.95 58.16 -4.74
C PRO BB 436 -180.73 58.81 -6.11
N LEU BB 437 -180.85 57.99 -7.15
CA LEU BB 437 -180.56 58.45 -8.51
C LEU BB 437 -181.62 59.42 -9.04
N GLY BB 438 -182.84 59.32 -8.54
CA GLY BB 438 -183.90 60.20 -9.00
C GLY BB 438 -184.35 59.88 -10.41
N LYS BB 439 -184.97 60.88 -11.04
CA LYS BB 439 -185.44 60.76 -12.41
C LYS BB 439 -184.29 61.04 -13.38
N TYR BB 440 -184.62 61.22 -14.66
CA TYR BB 440 -183.60 61.53 -15.67
C TYR BB 440 -183.01 62.92 -15.50
N ASN BB 441 -183.74 63.84 -14.86
CA ASN BB 441 -183.24 65.18 -14.61
C ASN BB 441 -182.75 65.37 -13.17
N ASN BB 442 -182.69 64.29 -12.39
CA ASN BB 442 -182.25 64.35 -11.00
C ASN BB 442 -181.04 63.46 -10.74
N LEU BB 443 -180.32 63.07 -11.78
CA LEU BB 443 -179.17 62.18 -11.64
C LEU BB 443 -177.92 62.88 -11.14
N GLU BB 444 -177.89 64.20 -11.14
CA GLU BB 444 -176.72 64.96 -10.73
C GLU BB 444 -176.70 65.30 -9.24
N THR BB 445 -177.72 64.89 -8.49
CA THR BB 445 -177.77 65.23 -7.07
C THR BB 445 -176.92 64.28 -6.24
N SER BB 446 -177.29 62.99 -6.24
CA SER BB 446 -176.53 62.01 -5.46
C SER BB 446 -175.23 61.60 -6.15
N LEU BB 447 -175.22 61.57 -7.47
CA LEU BB 447 -174.06 61.11 -8.24
C LEU BB 447 -173.42 62.29 -8.96
N ALA BB 448 -172.09 62.30 -8.99
CA ALA BB 448 -171.32 63.35 -9.64
C ALA BB 448 -170.44 62.79 -10.75
N ALA BB 449 -170.82 61.64 -11.31
CA ALA BB 449 -170.07 61.00 -12.39
C ALA BB 449 -170.37 61.77 -13.69
N THR BB 450 -169.60 62.83 -13.91
CA THR BB 450 -169.77 63.69 -15.09
C THR BB 450 -169.16 62.99 -16.29
N PHE BB 451 -170.00 62.49 -17.18
CA PHE BB 451 -169.57 61.80 -18.39
C PHE BB 451 -169.87 62.68 -19.60
N GLY BB 452 -168.90 62.82 -20.48
CA GLY BB 452 -169.05 63.62 -21.69
C GLY BB 452 -169.74 62.87 -22.79
N SER BB 453 -169.21 63.02 -24.01
CA SER BB 453 -169.77 62.32 -25.16
C SER BB 453 -169.26 60.89 -25.23
N MET BB 454 -167.94 60.72 -25.31
CA MET BB 454 -167.37 59.37 -25.38
C MET BB 454 -167.42 58.67 -24.03
N GLU BB 455 -167.41 59.44 -22.94
CA GLU BB 455 -167.47 58.86 -21.60
C GLU BB 455 -168.83 58.25 -21.33
N ARG BB 456 -169.90 58.89 -21.82
CA ARG BB 456 -171.23 58.31 -21.67
C ARG BB 456 -171.49 57.21 -22.69
N VAL BB 457 -170.66 57.13 -23.74
CA VAL BB 457 -170.75 56.02 -24.69
C VAL BB 457 -170.29 54.72 -24.03
N LYS BB 458 -169.27 54.80 -23.17
CA LYS BB 458 -168.73 53.61 -22.52
C LYS BB 458 -169.38 53.37 -21.16
N PHE BB 459 -169.93 54.41 -20.55
CA PHE BB 459 -170.42 54.35 -19.18
C PHE BB 459 -171.80 54.98 -19.08
N ILE BB 460 -172.72 54.53 -19.95
CA ILE BB 460 -174.08 55.05 -19.98
C ILE BB 460 -174.84 54.68 -18.70
N THR BB 461 -174.61 53.49 -18.17
CA THR BB 461 -175.30 53.05 -16.96
C THR BB 461 -174.78 53.79 -15.74
N LEU BB 462 -175.67 54.05 -14.78
CA LEU BB 462 -175.26 54.67 -13.53
C LEU BB 462 -174.46 53.70 -12.68
N GLU BB 463 -174.67 52.40 -12.85
CA GLU BB 463 -173.87 51.38 -12.19
C GLU BB 463 -172.52 51.16 -12.87
N ASN BB 464 -172.28 51.78 -14.01
CA ASN BB 464 -171.00 51.69 -14.70
C ASN BB 464 -170.18 52.96 -14.53
N PHE BB 465 -170.81 54.12 -14.66
CA PHE BB 465 -170.08 55.39 -14.56
C PHE BB 465 -169.68 55.70 -13.13
N LEU BB 466 -170.59 55.51 -12.18
CA LEU BB 466 -170.29 55.85 -10.79
C LEU BB 466 -169.38 54.81 -10.15
N ALA BB 467 -169.50 53.54 -10.55
CA ALA BB 467 -168.65 52.50 -9.99
C ALA BB 467 -167.21 52.62 -10.49
N HIS BB 468 -167.04 53.03 -11.75
CA HIS BB 468 -165.70 53.24 -12.28
C HIS BB 468 -165.04 54.46 -11.64
N LYS BB 469 -165.83 55.49 -11.32
CA LYS BB 469 -165.30 56.63 -10.59
C LYS BB 469 -164.98 56.26 -9.15
N ILE BB 470 -165.77 55.37 -8.56
CA ILE BB 470 -165.51 54.90 -7.21
C ILE BB 470 -164.27 54.01 -7.17
N THR BB 471 -164.12 53.16 -8.18
CA THR BB 471 -162.96 52.26 -8.23
C THR BB 471 -161.68 53.01 -8.53
N ASN BB 472 -161.77 54.06 -9.36
CA ASN BB 472 -160.60 54.90 -9.62
C ASN BB 472 -160.21 55.72 -8.39
N VAL BB 473 -161.21 56.16 -7.62
CA VAL BB 473 -160.93 56.86 -6.37
C VAL BB 473 -160.35 55.91 -5.33
N ALA BB 474 -160.85 54.66 -5.31
CA ALA BB 474 -160.33 53.67 -4.37
C ALA BB 474 -158.91 53.25 -4.74
N ARG BB 475 -158.62 53.14 -6.04
CA ARG BB 475 -157.27 52.77 -6.47
C ARG BB 475 -156.28 53.91 -6.24
N TYR BB 476 -156.74 55.17 -6.36
CA TYR BB 476 -155.84 56.29 -6.17
C TYR BB 476 -155.56 56.55 -4.70
N ALA BB 477 -156.55 56.35 -3.83
CA ALA BB 477 -156.39 56.66 -2.41
C ALA BB 477 -155.81 55.49 -1.63
N LEU BB 478 -156.49 54.33 -1.67
CA LEU BB 478 -156.02 53.17 -0.92
C LEU BB 478 -154.78 52.57 -1.57
N GLY BB 479 -154.78 52.43 -2.88
CA GLY BB 479 -153.65 51.86 -3.60
C GLY BB 479 -153.46 50.38 -3.35
N ASP BB 480 -152.42 50.03 -2.59
CA ASP BB 480 -152.16 48.64 -2.25
C ASP BB 480 -153.02 48.13 -1.11
N ARG BB 481 -153.83 49.00 -0.50
CA ARG BB 481 -154.65 48.64 0.65
C ARG BB 481 -155.91 47.86 0.29
N ILE BB 482 -156.11 47.51 -0.97
CA ILE BB 482 -157.23 46.68 -1.41
C ILE BB 482 -156.67 45.53 -2.24
N LYS BB 483 -156.99 44.30 -1.83
CA LYS BB 483 -156.55 43.13 -2.58
C LYS BB 483 -157.34 42.94 -3.87
N TYR BB 484 -158.64 43.26 -3.84
CA TYR BB 484 -159.50 43.12 -5.01
C TYR BB 484 -160.66 44.09 -4.88
N ILE BB 485 -161.35 44.31 -5.99
CA ILE BB 485 -162.49 45.23 -6.05
C ILE BB 485 -163.72 44.46 -6.46
N GLN BB 486 -164.79 44.61 -5.69
CA GLN BB 486 -166.07 43.98 -5.99
C GLN BB 486 -167.18 44.93 -5.58
N ILE BB 487 -168.13 45.17 -6.49
CA ILE BB 487 -169.22 46.10 -6.26
C ILE BB 487 -170.54 45.43 -6.64
N GLU BB 488 -171.63 45.98 -6.09
CA GLU BB 488 -172.96 45.48 -6.36
C GLU BB 488 -173.93 46.66 -6.38
N MET BB 489 -174.89 46.61 -7.29
CA MET BB 489 -175.89 47.66 -7.46
C MET BB 489 -177.27 47.05 -7.25
N VAL BB 490 -177.80 47.19 -6.04
CA VAL BB 490 -179.12 46.65 -5.71
C VAL BB 490 -180.19 47.58 -6.27
N GLY BB 491 -181.31 47.00 -6.69
CA GLY BB 491 -182.42 47.75 -7.23
C GLY BB 491 -182.63 47.63 -8.72
N GLN BB 492 -181.84 46.81 -9.41
CA GLN BB 492 -181.98 46.64 -10.85
C GLN BB 492 -183.18 45.74 -11.14
N LYS BB 493 -184.17 46.27 -11.85
CA LYS BB 493 -185.36 45.52 -12.19
C LYS BB 493 -185.05 44.53 -13.31
N SER BB 494 -185.47 43.28 -13.13
CA SER BB 494 -185.24 42.23 -14.12
C SER BB 494 -186.45 41.98 -15.02
N ASP BB 495 -187.66 42.06 -14.47
CA ASP BB 495 -188.86 41.83 -15.25
C ASP BB 495 -189.15 43.06 -16.11
N PHE BB 496 -189.13 42.88 -17.43
CA PHE BB 496 -189.37 43.98 -18.34
C PHE BB 496 -190.86 44.29 -18.39
N PRO BB 497 -191.28 45.52 -18.11
CA PRO BB 497 -192.70 45.86 -18.15
C PRO BB 497 -193.19 46.02 -19.59
N ILE BB 498 -194.08 45.11 -20.01
CA ILE BB 498 -194.62 45.16 -21.37
C ILE BB 498 -195.56 46.35 -21.53
N THR BB 499 -196.35 46.64 -20.49
CA THR BB 499 -197.27 47.78 -20.55
C THR BB 499 -196.52 49.10 -20.52
N LYS BB 500 -195.45 49.18 -19.74
CA LYS BB 500 -194.64 50.39 -19.67
C LYS BB 500 -193.57 50.36 -20.75
N ARG BB 501 -192.61 51.29 -20.68
CA ARG BB 501 -191.57 51.38 -21.70
C ARG BB 501 -190.54 50.28 -21.54
N LYS BB 502 -190.01 50.11 -20.34
CA LYS BB 502 -188.96 49.13 -20.08
C LYS BB 502 -189.04 48.74 -18.61
N VAL BB 503 -187.99 48.07 -18.13
CA VAL BB 503 -187.92 47.64 -16.73
C VAL BB 503 -187.40 48.79 -15.88
N TYR BB 504 -188.30 49.66 -15.44
CA TYR BB 504 -187.95 50.79 -14.59
C TYR BB 504 -188.88 50.77 -13.38
N SER BB 505 -188.28 50.73 -12.19
CA SER BB 505 -189.02 50.67 -10.94
C SER BB 505 -188.52 51.75 -9.99
N ASN BB 506 -189.34 52.04 -8.98
CA ASN BB 506 -188.99 53.03 -7.95
C ASN BB 506 -187.96 52.41 -7.01
N THR BB 507 -186.71 52.44 -7.45
CA THR BB 507 -185.60 51.83 -6.72
C THR BB 507 -184.85 52.93 -5.99
N GLY BB 508 -185.11 53.07 -4.69
CA GLY BB 508 -184.48 54.09 -3.88
C GLY BB 508 -184.89 55.50 -4.24
N GLY BB 509 -186.16 55.73 -4.56
CA GLY BB 509 -186.61 57.03 -5.00
C GLY BB 509 -186.06 57.44 -6.35
N ASN BB 510 -185.95 56.51 -7.28
CA ASN BB 510 -185.39 56.76 -8.60
C ASN BB 510 -186.30 56.21 -9.68
N HIS BB 511 -186.42 56.96 -10.77
CA HIS BB 511 -187.12 56.44 -11.95
C HIS BB 511 -186.32 55.29 -12.58
N PHE BB 512 -185.00 55.40 -12.58
CA PHE BB 512 -184.15 54.31 -13.03
C PHE BB 512 -184.09 53.21 -11.98
N ASN BB 513 -183.59 52.05 -12.40
CA ASN BB 513 -183.53 50.87 -11.54
C ASN BB 513 -182.16 50.81 -10.87
N PHE BB 514 -181.98 51.65 -9.85
CA PHE BB 514 -180.73 51.69 -9.08
C PHE BB 514 -181.07 52.22 -7.69
N ASP BB 515 -181.16 51.31 -6.72
CA ASP BB 515 -181.54 51.68 -5.36
C ASP BB 515 -180.32 51.93 -4.48
N PHE BB 516 -179.47 50.92 -4.31
CA PHE BB 516 -178.35 51.01 -3.39
C PHE BB 516 -177.10 50.47 -4.06
N VAL BB 517 -175.95 50.94 -3.58
CA VAL BB 517 -174.65 50.48 -4.06
C VAL BB 517 -173.86 49.94 -2.87
N ARG BB 518 -173.27 48.76 -3.06
CA ARG BB 518 -172.50 48.12 -2.01
C ARG BB 518 -171.18 47.64 -2.59
N VAL BB 519 -170.08 47.98 -1.93
CA VAL BB 519 -168.74 47.62 -2.37
C VAL BB 519 -168.14 46.69 -1.32
N LYS BB 520 -167.72 45.51 -1.75
CA LYS BB 520 -167.08 44.53 -0.86
C LYS BB 520 -165.61 44.88 -0.73
N LEU BB 521 -165.19 45.20 0.50
CA LEU BB 521 -163.81 45.63 0.76
C LEU BB 521 -162.91 44.40 0.82
N ILE BB 522 -162.48 43.92 -0.34
CA ILE BB 522 -161.50 42.85 -0.41
C ILE BB 522 -160.12 43.48 -0.24
N VAL BB 523 -159.60 43.44 0.99
CA VAL BB 523 -158.41 44.19 1.37
C VAL BB 523 -157.36 43.22 1.88
N ASN BB 524 -156.15 43.33 1.35
CA ASN BB 524 -155.01 42.61 1.91
C ASN BB 524 -154.60 43.27 3.22
N PRO BB 525 -154.62 42.54 4.35
CA PRO BB 525 -154.44 43.21 5.66
C PRO BB 525 -153.03 43.68 5.93
N SER BB 526 -152.04 43.13 5.23
CA SER BB 526 -150.66 43.55 5.43
C SER BB 526 -150.41 44.94 4.85
N GLU BB 527 -150.92 45.20 3.65
CA GLU BB 527 -150.73 46.49 3.00
C GLU BB 527 -151.82 47.51 3.34
N CYS BB 528 -152.87 47.09 4.03
CA CYS BB 528 -153.91 48.00 4.48
C CYS BB 528 -153.78 48.37 5.96
N ASP BB 529 -152.62 48.10 6.57
CA ASP BB 529 -152.39 48.39 7.98
C ASP BB 529 -151.93 49.81 8.22
N LYS BB 530 -151.87 50.65 7.19
CA LYS BB 530 -151.46 52.04 7.30
C LYS BB 530 -152.69 52.93 7.39
N LEU BB 531 -152.79 53.71 8.46
CA LEU BB 531 -153.89 54.65 8.67
C LEU BB 531 -153.42 56.09 8.58
N VAL BB 532 -152.39 56.46 9.35
CA VAL BB 532 -151.78 57.79 9.29
C VAL BB 532 -150.28 57.55 9.17
N THR BB 533 -149.77 57.51 7.94
CA THR BB 533 -148.37 57.22 7.68
C THR BB 533 -148.01 57.81 6.32
N LYS BB 534 -146.87 57.40 5.78
CA LYS BB 534 -146.43 57.86 4.47
C LYS BB 534 -147.29 57.27 3.37
N GLY BB 535 -147.60 58.09 2.37
CA GLY BB 535 -148.42 57.67 1.26
C GLY BB 535 -147.71 57.77 -0.06
N PRO BB 536 -148.22 58.62 -0.96
CA PRO BB 536 -147.58 58.79 -2.27
C PRO BB 536 -146.28 59.58 -2.15
N ALA BB 537 -145.19 58.96 -2.58
CA ALA BB 537 -143.87 59.55 -2.43
C ALA BB 537 -143.64 60.65 -3.45
N HIS BB 538 -143.13 61.80 -2.98
CA HIS BB 538 -142.81 62.93 -3.83
C HIS BB 538 -141.31 63.16 -3.85
N SER BB 539 -140.87 63.93 -4.84
CA SER BB 539 -139.45 64.23 -5.02
C SER BB 539 -139.33 65.62 -5.64
N GLU BB 540 -138.15 65.91 -6.18
CA GLU BB 540 -137.96 67.16 -6.93
C GLU BB 540 -138.83 67.17 -8.19
N THR BB 541 -138.91 66.05 -8.88
CA THR BB 541 -139.83 65.91 -10.00
C THR BB 541 -141.25 65.77 -9.46
N MET BB 542 -142.17 66.57 -10.00
CA MET BB 542 -143.54 66.59 -9.53
C MET BB 542 -144.28 65.36 -10.04
N SER BB 543 -144.39 64.35 -9.20
CA SER BB 543 -145.17 63.17 -9.55
C SER BB 543 -146.66 63.50 -9.57
N THR BB 544 -147.35 62.98 -10.58
CA THR BB 544 -148.79 63.24 -10.71
C THR BB 544 -149.57 62.54 -9.61
N GLU BB 545 -149.11 61.37 -9.18
CA GLU BB 545 -149.78 60.68 -8.07
C GLU BB 545 -149.52 61.38 -6.75
N ALA BB 546 -148.31 61.90 -6.56
CA ALA BB 546 -147.97 62.55 -5.29
C ALA BB 546 -148.60 63.93 -5.17
N ALA BB 547 -148.66 64.69 -6.27
CA ALA BB 547 -149.24 66.03 -6.21
C ALA BB 547 -150.76 65.97 -6.07
N VAL BB 548 -151.40 65.00 -6.71
CA VAL BB 548 -152.85 64.83 -6.63
C VAL BB 548 -153.24 63.83 -5.55
N PHE BB 549 -152.32 63.47 -4.65
CA PHE BB 549 -152.64 62.58 -3.55
C PHE BB 549 -153.60 63.23 -2.56
N LYS BB 550 -153.48 64.55 -2.37
CA LYS BB 550 -154.42 65.26 -1.52
C LYS BB 550 -155.82 65.26 -2.11
N ASN BB 551 -155.93 65.42 -3.44
CA ASN BB 551 -157.24 65.38 -4.08
C ASN BB 551 -157.78 63.97 -4.18
N PHE BB 552 -156.90 62.96 -4.29
CA PHE BB 552 -157.36 61.58 -4.41
C PHE BB 552 -157.91 61.06 -3.09
N TRP BB 553 -157.27 61.42 -1.98
CA TRP BB 553 -157.69 60.97 -0.65
C TRP BB 553 -158.65 61.95 0.02
N GLY BB 554 -159.41 62.72 -0.75
CA GLY BB 554 -160.29 63.71 -0.18
C GLY BB 554 -159.60 65.03 0.03
N ILE BB 555 -159.11 65.26 1.25
CA ILE BB 555 -158.24 66.38 1.55
C ILE BB 555 -157.05 65.88 2.37
N LYS BB 556 -156.95 64.55 2.50
CA LYS BB 556 -156.08 63.95 3.50
C LYS BB 556 -154.61 63.95 3.09
N SER BB 557 -154.28 63.27 1.99
CA SER BB 557 -152.90 62.89 1.70
C SER BB 557 -152.13 64.05 1.05
N SER BB 558 -151.92 65.09 1.85
CA SER BB 558 -151.05 66.19 1.43
C SER BB 558 -149.59 65.75 1.50
N LEU BB 559 -148.80 66.25 0.55
CA LEU BB 559 -147.40 65.84 0.43
C LEU BB 559 -146.58 66.47 1.55
N ARG BB 560 -146.07 65.63 2.44
CA ARG BB 560 -145.26 66.06 3.58
C ARG BB 560 -143.86 65.43 3.48
N ARG BB 561 -143.08 65.58 4.54
CA ARG BB 561 -141.77 64.97 4.60
C ARG BB 561 -141.88 63.48 4.91
N PHE BB 562 -140.78 62.75 4.70
CA PHE BB 562 -140.70 61.33 4.98
C PHE BB 562 -139.66 61.09 6.08
N LYS BB 563 -139.52 59.81 6.45
CA LYS BB 563 -138.60 59.45 7.53
C LYS BB 563 -137.16 59.51 7.08
N ASP BB 564 -136.87 59.09 5.84
CA ASP BB 564 -135.51 59.05 5.32
C ASP BB 564 -135.10 60.34 4.61
N GLY BB 565 -135.73 61.46 4.94
CA GLY BB 565 -135.42 62.72 4.32
C GLY BB 565 -136.10 62.98 2.99
N SER BB 566 -136.91 62.04 2.51
CA SER BB 566 -137.62 62.19 1.25
C SER BB 566 -138.95 62.91 1.50
N ILE BB 567 -139.81 62.92 0.48
CA ILE BB 567 -141.12 63.55 0.56
C ILE BB 567 -142.18 62.49 0.26
N THR BB 568 -143.21 62.42 1.11
CA THR BB 568 -144.28 61.47 0.92
C THR BB 568 -145.58 62.07 1.42
N HIS BB 569 -146.69 61.64 0.81
CA HIS BB 569 -148.00 62.10 1.22
C HIS BB 569 -148.38 61.51 2.57
N CYS BB 570 -149.28 62.20 3.27
CA CYS BB 570 -149.71 61.80 4.61
C CYS BB 570 -151.21 61.56 4.58
N CYS BB 571 -151.61 60.35 4.22
CA CYS BB 571 -153.03 59.99 4.19
C CYS BB 571 -153.56 59.88 5.62
N VAL BB 572 -154.80 60.34 5.82
CA VAL BB 572 -155.41 60.40 7.14
C VAL BB 572 -156.53 59.37 7.19
N TRP BB 573 -156.36 58.36 8.03
CA TRP BB 573 -157.40 57.38 8.32
C TRP BB 573 -157.41 57.11 9.81
N SER BB 574 -158.59 56.83 10.35
CA SER BB 574 -158.78 56.61 11.77
C SER BB 574 -159.06 55.15 12.03
N THR BB 575 -158.25 54.52 12.87
CA THR BB 575 -158.43 53.13 13.27
C THR BB 575 -159.00 53.10 14.68
N SER BB 576 -160.07 52.31 14.86
CA SER BB 576 -160.76 52.25 16.14
C SER BB 576 -160.93 50.80 16.57
N SER BB 577 -160.94 50.60 17.89
CA SER BB 577 -161.26 49.29 18.46
C SER BB 577 -162.75 49.09 18.66
N SER BB 578 -163.56 50.13 18.45
CA SER BB 578 -165.01 50.04 18.56
C SER BB 578 -165.71 50.34 17.24
N GLU BB 579 -164.96 50.54 16.16
CA GLU BB 579 -165.55 50.86 14.87
C GLU BB 579 -164.58 50.41 13.79
N PRO BB 580 -165.00 50.40 12.53
CA PRO BB 580 -164.11 50.00 11.44
C PRO BB 580 -163.28 51.15 10.89
N ILE BB 581 -162.05 50.83 10.52
CA ILE BB 581 -161.17 51.83 9.92
C ILE BB 581 -161.49 52.07 8.45
N ILE BB 582 -162.23 51.16 7.82
CA ILE BB 582 -162.62 51.34 6.43
C ILE BB 582 -163.63 52.48 6.29
N SER BB 583 -164.54 52.60 7.27
CA SER BB 583 -165.55 53.66 7.23
C SER BB 583 -164.92 55.02 7.43
N SER BB 584 -163.90 55.12 8.29
CA SER BB 584 -163.20 56.40 8.47
C SER BB 584 -162.37 56.76 7.24
N ILE BB 585 -161.80 55.75 6.58
CA ILE BB 585 -161.07 55.99 5.34
C ILE BB 585 -162.02 56.38 4.21
N VAL BB 586 -163.21 55.79 4.19
CA VAL BB 586 -164.20 56.12 3.16
C VAL BB 586 -164.75 57.52 3.39
N ASN BB 587 -164.97 57.90 4.64
CA ASN BB 587 -165.48 59.23 4.94
C ASN BB 587 -164.44 60.31 4.66
N PHE BB 588 -163.15 59.96 4.73
CA PHE BB 588 -162.11 60.95 4.49
C PHE BB 588 -161.82 61.10 2.99
N ALA BB 589 -162.07 60.06 2.19
CA ALA BB 589 -161.61 60.03 0.82
C ALA BB 589 -162.75 59.91 -0.20
N LEU BB 590 -163.98 60.24 0.18
CA LEU BB 590 -165.08 60.26 -0.79
C LEU BB 590 -165.87 61.55 -0.76
N GLN BB 591 -166.09 62.15 0.42
CA GLN BB 591 -166.87 63.37 0.50
C GLN BB 591 -166.13 64.56 -0.09
N LYS BB 592 -164.83 64.66 0.16
CA LYS BB 592 -164.00 65.72 -0.39
C LYS BB 592 -163.30 65.30 -1.68
N HIS BB 593 -163.59 64.11 -2.19
CA HIS BB 593 -162.96 63.61 -3.41
C HIS BB 593 -163.94 63.38 -4.55
N VAL BB 594 -165.10 62.78 -4.28
CA VAL BB 594 -166.07 62.51 -5.33
C VAL BB 594 -167.39 63.18 -5.03
N SER BB 595 -168.04 62.77 -3.94
CA SER BB 595 -169.36 63.30 -3.59
C SER BB 595 -169.62 63.05 -2.10
N LYS BB 596 -170.30 64.00 -1.47
CA LYS BB 596 -170.66 63.91 -0.07
C LYS BB 596 -172.11 63.45 0.13
N LYS BB 597 -172.79 63.06 -0.95
CA LYS BB 597 -174.18 62.64 -0.88
C LYS BB 597 -174.35 61.15 -0.62
N ALA BB 598 -173.25 60.41 -0.44
CA ALA BB 598 -173.28 58.98 -0.18
C ALA BB 598 -172.49 58.67 1.08
N GLN BB 599 -173.00 57.72 1.87
CA GLN BB 599 -172.36 57.29 3.11
C GLN BB 599 -172.31 55.77 3.11
N ILE BB 600 -171.20 55.21 2.65
CA ILE BB 600 -171.02 53.77 2.56
C ILE BB 600 -170.17 53.34 3.76
N SER BB 601 -170.76 52.55 4.64
CA SER BB 601 -170.08 52.10 5.86
C SER BB 601 -170.75 50.81 6.33
N ASN BB 602 -170.05 50.12 7.23
CA ASN BB 602 -170.56 48.88 7.83
C ASN BB 602 -170.95 49.19 9.26
N GLU BB 603 -172.27 49.22 9.52
CA GLU BB 603 -172.75 49.50 10.87
C GLU BB 603 -172.57 48.31 11.79
N THR BB 604 -172.57 47.09 11.25
CA THR BB 604 -172.37 45.91 12.08
C THR BB 604 -170.92 45.77 12.53
N ILE BB 605 -169.98 46.36 11.78
CA ILE BB 605 -168.58 46.34 12.19
C ILE BB 605 -168.37 47.21 13.42
N LYS BB 606 -169.03 48.37 13.46
CA LYS BB 606 -168.96 49.23 14.64
C LYS BB 606 -169.77 48.66 15.79
N LYS BB 607 -170.86 47.95 15.49
CA LYS BB 607 -171.70 47.37 16.52
C LYS BB 607 -171.06 46.16 17.19
N PHE BB 608 -170.23 45.41 16.47
CA PHE BB 608 -169.58 44.23 17.03
C PHE BB 608 -168.25 44.57 17.71
N HIS BB 609 -167.52 45.54 17.18
CA HIS BB 609 -166.24 45.92 17.79
C HIS BB 609 -166.45 46.69 19.09
N ASN BB 610 -167.54 47.46 19.19
CA ASN BB 610 -167.86 48.11 20.45
C ASN BB 610 -168.34 47.10 21.48
N PHE BB 611 -169.08 46.07 21.04
CA PHE BB 611 -169.51 45.02 21.95
C PHE BB 611 -168.36 44.10 22.34
N LEU BB 612 -167.32 44.01 21.52
CA LEU BB 612 -166.16 43.23 21.89
C LEU BB 612 -165.37 43.93 23.00
N PRO BB 613 -164.87 43.18 23.97
CA PRO BB 613 -164.12 43.81 25.07
C PRO BB 613 -162.75 44.29 24.63
N LEU BB 614 -162.27 45.32 25.33
CA LEU BB 614 -160.96 45.90 25.08
C LEU BB 614 -160.21 46.04 26.40
N PRO BB 615 -158.88 46.03 26.37
CA PRO BB 615 -158.11 46.19 27.60
C PRO BB 615 -158.17 47.62 28.12
N ASN BB 616 -158.02 47.74 29.44
CA ASN BB 616 -158.02 49.04 30.11
C ASN BB 616 -156.61 49.63 30.10
N LEU BB 617 -156.19 50.07 28.92
CA LEU BB 617 -154.87 50.62 28.68
C LEU BB 617 -155.00 51.91 27.88
N PRO BB 618 -153.96 52.74 27.89
CA PRO BB 618 -154.00 53.98 27.10
C PRO BB 618 -153.97 53.70 25.61
N SER BB 619 -154.61 54.60 24.85
CA SER BB 619 -154.79 54.50 23.40
C SER BB 619 -155.45 53.18 22.98
N SER BB 620 -156.45 52.77 23.77
CA SER BB 620 -157.19 51.54 23.45
C SER BB 620 -158.08 51.74 22.24
N ALA BB 621 -158.78 52.88 22.18
CA ALA BB 621 -159.60 53.19 21.01
C ALA BB 621 -158.77 53.76 19.86
N LYS BB 622 -157.59 54.31 20.15
CA LYS BB 622 -156.73 54.83 19.09
C LYS BB 622 -156.09 53.70 18.30
N THR BB 623 -155.73 52.62 18.96
CA THR BB 623 -155.13 51.46 18.30
C THR BB 623 -156.20 50.45 17.93
N SER BB 624 -155.99 49.76 16.82
CA SER BB 624 -156.94 48.75 16.36
C SER BB 624 -156.60 47.40 16.99
N VAL BB 625 -157.25 46.33 16.52
CA VAL BB 625 -156.99 45.01 17.05
C VAL BB 625 -155.67 44.43 16.58
N LEU BB 626 -155.11 44.96 15.48
CA LEU BB 626 -153.82 44.48 14.99
C LEU BB 626 -152.65 44.95 15.85
N ASN BB 627 -152.84 46.01 16.63
CA ASN BB 627 -151.77 46.52 17.48
C ASN BB 627 -151.76 45.76 18.80
N LEU BB 628 -150.64 45.12 19.11
CA LEU BB 628 -150.49 44.35 20.33
C LEU BB 628 -149.32 44.87 21.15
N SER BB 629 -149.25 46.19 21.31
CA SER BB 629 -148.13 46.79 22.04
C SER BB 629 -148.24 46.52 23.54
N SER BB 630 -149.46 46.42 24.07
CA SER BB 630 -149.64 46.10 25.48
C SER BB 630 -149.23 44.66 25.78
N PHE BB 631 -149.54 43.74 24.88
CA PHE BB 631 -149.10 42.36 25.04
C PHE BB 631 -147.60 42.22 24.81
N PHE BB 632 -147.04 43.03 23.90
CA PHE BB 632 -145.60 42.99 23.67
C PHE BB 632 -144.83 43.58 24.84
N ASN BB 633 -145.39 44.60 25.49
CA ASN BB 633 -144.75 45.17 26.68
C ASN BB 633 -144.82 44.21 27.85
N LEU BB 634 -145.92 43.46 27.98
CA LEU BB 634 -146.02 42.45 29.02
C LEU BB 634 -145.10 41.27 28.72
N LYS BB 635 -144.93 40.93 27.44
CA LYS BB 635 -144.00 39.87 27.07
C LYS BB 635 -142.54 40.31 27.25
N LYS BB 636 -142.26 41.60 27.04
CA LYS BB 636 -140.89 42.09 27.24
C LYS BB 636 -140.54 42.14 28.73
N SER BB 637 -141.53 42.44 29.58
CA SER BB 637 -141.30 42.41 31.02
C SER BB 637 -141.12 40.98 31.53
N PHE BB 638 -141.85 40.03 30.94
CA PHE BB 638 -141.69 38.63 31.32
C PHE BB 638 -140.36 38.07 30.80
N ASP BB 639 -139.91 38.56 29.64
CA ASP BB 639 -138.62 38.12 29.10
C ASP BB 639 -137.47 38.69 29.92
N ASP BB 640 -137.62 39.91 30.42
CA ASP BB 640 -136.59 40.49 31.28
C ASP BB 640 -136.53 39.79 32.63
N LEU BB 641 -137.69 39.36 33.14
CA LEU BB 641 -137.71 38.60 34.39
C LEU BB 641 -137.15 37.20 34.19
N TYR BB 642 -137.41 36.60 33.02
CA TYR BB 642 -136.87 35.28 32.73
C TYR BB 642 -135.37 35.34 32.48
N LYS BB 643 -134.88 36.44 31.90
CA LYS BB 643 -133.43 36.60 31.70
C LYS BB 643 -132.72 36.83 33.02
N ILE BB 644 -133.37 37.53 33.96
CA ILE BB 644 -132.81 37.72 35.29
C ILE BB 644 -132.79 36.41 36.06
N ILE BB 645 -133.83 35.59 35.89
CA ILE BB 645 -133.87 34.28 36.53
C ILE BB 645 -132.84 33.35 35.91
N PHE BB 646 -132.63 33.44 34.60
CA PHE BB 646 -131.61 32.63 33.94
C PHE BB 646 -130.20 33.09 34.31
N GLN BB 647 -130.01 34.40 34.53
CA GLN BB 647 -128.72 34.89 34.97
C GLN BB 647 -128.41 34.50 36.41
N MET BB 648 -129.44 34.46 37.25
CA MET BB 648 -129.25 34.05 38.65
C MET BB 648 -129.00 32.55 38.72
N LYS BB 649 -128.01 32.16 39.52
CA LYS BB 649 -127.63 30.76 39.69
C LYS BB 649 -127.72 30.38 41.16
N LEU BB 650 -128.23 29.17 41.41
CA LEU BB 650 -128.37 28.66 42.76
C LEU BB 650 -127.64 27.33 42.89
N PRO BB 651 -127.63 26.72 44.08
CA PRO BB 651 -126.97 25.41 44.23
C PRO BB 651 -127.68 24.28 43.50
N LEU BB 652 -128.97 24.43 43.20
CA LEU BB 652 -129.72 23.43 42.45
C LEU BB 652 -129.80 23.88 40.99
N SER BB 653 -129.33 23.02 40.09
CA SER BB 653 -129.32 23.35 38.67
C SER BB 653 -130.74 23.25 38.09
N VAL BB 654 -131.02 24.12 37.12
CA VAL BB 654 -132.30 24.13 36.43
C VAL BB 654 -132.06 23.83 34.95
N LYS BB 655 -133.15 23.62 34.22
CA LYS BB 655 -133.08 23.33 32.80
C LYS BB 655 -133.65 24.43 31.93
N SER BB 656 -134.91 24.81 32.15
CA SER BB 656 -135.55 25.84 31.34
C SER BB 656 -136.70 26.44 32.12
N ILE BB 657 -137.12 27.64 31.69
CA ILE BB 657 -138.28 28.30 32.24
C ILE BB 657 -139.09 28.88 31.09
N LEU BB 658 -140.15 28.16 30.69
CA LEU BB 658 -140.93 28.53 29.52
C LEU BB 658 -142.31 29.01 29.91
N PRO BB 659 -142.77 30.14 29.39
CA PRO BB 659 -144.12 30.60 29.70
C PRO BB 659 -145.14 30.09 28.70
N VAL BB 660 -146.30 29.69 29.21
CA VAL BB 660 -147.40 29.19 28.38
C VAL BB 660 -148.69 29.89 28.78
N GLY BB 661 -148.57 31.00 29.50
CA GLY BB 661 -149.72 31.71 30.03
C GLY BB 661 -150.32 32.68 29.05
N SER BB 662 -151.06 33.65 29.60
CA SER BB 662 -151.75 34.64 28.77
C SER BB 662 -150.76 35.63 28.14
N ALA BB 663 -149.62 35.87 28.79
CA ALA BB 663 -148.60 36.72 28.20
C ALA BB 663 -147.95 36.06 26.99
N PHE BB 664 -147.76 34.74 27.05
CA PHE BB 664 -147.19 34.01 25.93
C PHE BB 664 -148.23 33.70 24.85
N ARG BB 665 -149.52 33.84 25.16
CA ARG BB 665 -150.57 33.57 24.20
C ARG BB 665 -150.94 34.83 23.41
N TYR BB 666 -151.36 35.89 24.13
CA TYR BB 666 -151.75 37.19 23.57
C TYR BB 666 -152.90 37.07 22.56
N THR BB 667 -153.81 36.12 22.78
CA THR BB 667 -154.95 35.92 21.91
C THR BB 667 -156.21 35.61 22.71
N SER BB 668 -156.32 36.16 23.92
CA SER BB 668 -157.45 35.90 24.80
C SER BB 668 -158.62 36.81 24.44
N LEU BB 669 -159.63 36.86 25.33
CA LEU BB 669 -160.77 37.73 25.10
C LEU BB 669 -160.39 39.20 25.20
N CYS BB 670 -159.42 39.53 26.05
CA CYS BB 670 -158.93 40.89 26.18
C CYS BB 670 -157.40 40.86 26.20
N GLN BB 671 -156.81 41.99 25.82
CA GLN BB 671 -155.36 42.15 25.82
C GLN BB 671 -154.88 42.45 27.24
N PRO BB 672 -153.56 42.61 27.42
CA PRO BB 672 -153.04 42.92 28.76
C PRO BB 672 -153.38 44.34 29.19
N VAL BB 673 -154.33 44.46 30.13
CA VAL BB 673 -154.78 45.75 30.63
C VAL BB 673 -153.69 46.36 31.50
N PRO BB 674 -153.66 47.69 31.64
CA PRO BB 674 -152.62 48.31 32.47
C PRO BB 674 -152.84 48.11 33.95
N PHE BB 675 -151.99 47.28 34.57
CA PHE BB 675 -151.96 47.00 36.01
C PHE BB 675 -153.29 46.43 36.50
N ALA BB 676 -153.63 45.25 35.98
CA ALA BB 676 -154.82 44.54 36.43
C ALA BB 676 -154.58 43.96 37.82
N TYR BB 677 -155.53 44.18 38.73
CA TYR BB 677 -155.34 43.76 40.12
C TYR BB 677 -155.81 42.33 40.34
N SER BB 678 -157.06 42.03 40.03
CA SER BB 678 -157.67 40.74 40.30
C SER BB 678 -158.41 40.22 39.08
N ASP BB 679 -157.75 40.26 37.92
CA ASP BB 679 -158.35 39.76 36.70
C ASP BB 679 -158.43 38.23 36.72
N PRO BB 680 -159.38 37.65 35.98
CA PRO BB 680 -159.44 36.18 35.89
C PRO BB 680 -158.24 35.57 35.18
N ASP BB 681 -157.62 36.30 34.25
CA ASP BB 681 -156.42 35.86 33.57
C ASP BB 681 -155.24 36.79 33.88
N PHE BB 682 -155.17 37.23 35.15
CA PHE BB 682 -154.10 38.14 35.54
C PHE BB 682 -152.76 37.42 35.65
N PHE BB 683 -152.77 36.16 36.08
CA PHE BB 683 -151.55 35.39 36.28
C PHE BB 683 -151.12 34.77 34.96
N GLN BB 684 -149.86 35.00 34.59
CA GLN BB 684 -149.27 34.39 33.40
C GLN BB 684 -148.48 33.17 33.83
N ASP BB 685 -148.85 32.00 33.33
CA ASP BB 685 -148.23 30.76 33.75
C ASP BB 685 -146.86 30.59 33.10
N VAL BB 686 -145.85 30.30 33.92
CA VAL BB 686 -144.50 30.02 33.45
C VAL BB 686 -144.06 28.72 34.10
N ILE BB 687 -143.71 27.73 33.27
CA ILE BB 687 -143.31 26.42 33.77
C ILE BB 687 -141.79 26.37 33.86
N LEU BB 688 -141.28 26.08 35.05
CA LEU BB 688 -139.85 25.99 35.30
C LEU BB 688 -139.48 24.54 35.57
N GLU BB 689 -138.43 24.08 34.91
CA GLU BB 689 -137.95 22.70 35.04
C GLU BB 689 -136.56 22.69 35.65
N PHE BB 690 -136.34 21.76 36.57
CA PHE BB 690 -135.05 21.61 37.23
C PHE BB 690 -134.17 20.66 36.43
N GLU BB 691 -133.04 20.27 37.01
CA GLU BB 691 -132.10 19.36 36.36
C GLU BB 691 -132.49 17.92 36.65
N THR BB 692 -131.60 16.99 36.34
CA THR BB 692 -131.85 15.56 36.56
C THR BB 692 -131.74 15.27 38.05
N SER BB 693 -132.88 15.06 38.70
CA SER BB 693 -132.96 14.77 40.13
C SER BB 693 -133.82 13.53 40.33
N PRO BB 694 -133.34 12.36 39.87
CA PRO BB 694 -134.11 11.13 40.05
C PRO BB 694 -133.90 10.45 41.39
N LYS BB 695 -133.12 11.05 42.30
CA LYS BB 695 -132.88 10.47 43.61
C LYS BB 695 -134.04 10.65 44.57
N TRP BB 696 -135.04 11.44 44.21
CA TRP BB 696 -136.22 11.62 45.05
C TRP BB 696 -137.08 10.36 45.02
N PRO BB 697 -137.90 10.16 46.05
CA PRO BB 697 -138.72 8.94 46.12
C PRO BB 697 -139.90 9.01 45.18
N ASP BB 698 -140.56 7.85 45.02
CA ASP BB 698 -141.71 7.75 44.13
C ASP BB 698 -142.95 8.42 44.70
N GLU BB 699 -143.02 8.61 46.01
CA GLU BB 699 -144.15 9.30 46.63
C GLU BB 699 -144.14 10.78 46.27
N ILE BB 700 -145.33 11.36 46.16
CA ILE BB 700 -145.46 12.75 45.75
C ILE BB 700 -144.99 13.68 46.86
N THR BB 701 -145.36 13.37 48.11
CA THR BB 701 -144.94 14.21 49.23
C THR BB 701 -143.47 14.02 49.55
N SER BB 702 -142.94 12.80 49.35
CA SER BB 702 -141.54 12.55 49.64
C SER BB 702 -140.62 13.17 48.59
N LEU BB 703 -141.04 13.16 47.32
CA LEU BB 703 -140.24 13.80 46.29
C LEU BB 703 -140.30 15.31 46.40
N GLU BB 704 -141.42 15.86 46.87
CA GLU BB 704 -141.53 17.30 47.05
C GLU BB 704 -140.65 17.78 48.19
N LYS BB 705 -140.56 16.99 49.28
CA LYS BB 705 -139.70 17.37 50.39
C LYS BB 705 -138.23 17.19 50.05
N ALA BB 706 -137.90 16.22 49.20
CA ALA BB 706 -136.51 15.99 48.82
C ALA BB 706 -136.00 17.04 47.85
N LYS BB 707 -136.87 17.52 46.96
CA LYS BB 707 -136.47 18.48 45.94
C LYS BB 707 -136.57 19.93 46.40
N THR BB 708 -137.08 20.18 47.61
CA THR BB 708 -137.20 21.53 48.14
C THR BB 708 -136.05 21.92 49.05
N ALA BB 709 -134.87 21.32 48.85
CA ALA BB 709 -133.70 21.70 49.65
C ALA BB 709 -133.23 23.11 49.30
N PHE BB 710 -133.24 23.45 48.00
CA PHE BB 710 -132.87 24.78 47.54
C PHE BB 710 -134.05 25.57 47.02
N LEU BB 711 -135.23 24.96 46.93
CA LEU BB 711 -136.41 25.68 46.43
C LEU BB 711 -136.92 26.68 47.46
N LEU BB 712 -136.81 26.37 48.74
CA LEU BB 712 -137.20 27.32 49.78
C LEU BB 712 -136.24 28.50 49.84
N LYS BB 713 -134.94 28.25 49.61
CA LYS BB 713 -133.97 29.34 49.57
C LYS BB 713 -134.13 30.16 48.30
N ILE BB 714 -134.53 29.53 47.20
CA ILE BB 714 -134.76 30.26 45.95
C ILE BB 714 -136.01 31.13 46.07
N GLN BB 715 -137.04 30.63 46.75
CA GLN BB 715 -138.26 31.41 46.95
C GLN BB 715 -138.02 32.59 47.90
N GLU BB 716 -137.12 32.43 48.87
CA GLU BB 716 -136.81 33.53 49.78
C GLU BB 716 -135.93 34.58 49.09
N GLU BB 717 -134.98 34.14 48.27
CA GLU BB 717 -134.07 35.05 47.60
C GLU BB 717 -134.66 35.70 46.35
N LEU BB 718 -135.79 35.19 45.84
CA LEU BB 718 -136.41 35.81 44.69
C LEU BB 718 -137.10 37.13 45.06
N SER BB 719 -137.51 37.28 46.32
CA SER BB 719 -138.07 38.54 46.77
C SER BB 719 -137.01 39.60 47.02
N ALA BB 720 -135.74 39.21 47.12
CA ALA BB 720 -134.65 40.15 47.37
C ALA BB 720 -133.91 40.50 46.09
N ASN BB 721 -133.47 39.50 45.33
CA ASN BB 721 -132.73 39.74 44.10
C ASN BB 721 -133.63 40.20 42.96
N SER BB 722 -134.94 39.98 43.07
CA SER BB 722 -135.91 40.36 42.05
C SER BB 722 -137.10 41.06 42.70
N SER BB 723 -136.80 42.07 43.54
CA SER BB 723 -137.81 42.78 44.31
C SER BB 723 -138.75 43.62 43.45
N THR BB 724 -138.39 43.89 42.20
CA THR BB 724 -139.35 44.50 41.27
C THR BB 724 -140.52 43.55 41.00
N TYR BB 725 -140.24 42.26 40.85
CA TYR BB 725 -141.26 41.24 40.81
C TYR BB 725 -141.51 40.71 42.22
N ARG BB 726 -142.24 39.60 42.33
CA ARG BB 726 -142.51 38.99 43.62
C ARG BB 726 -142.39 37.47 43.48
N SER BB 727 -142.58 36.78 44.60
CA SER BB 727 -142.50 35.32 44.63
C SER BB 727 -143.32 34.81 45.81
N PHE BB 728 -143.62 33.52 45.77
CA PHE BB 728 -144.40 32.88 46.82
C PHE BB 728 -144.06 31.38 46.81
N PHE BB 729 -144.76 30.63 47.66
CA PHE BB 729 -144.63 29.18 47.70
C PHE BB 729 -145.95 28.61 48.21
N SER BB 730 -146.80 28.17 47.28
CA SER BB 730 -148.14 27.68 47.62
C SER BB 730 -148.44 26.44 46.79
N ARG BB 731 -149.12 25.48 47.39
CA ARG BB 731 -149.56 24.29 46.67
C ARG BB 731 -150.75 24.62 45.78
N ASP BB 732 -150.75 24.04 44.59
CA ASP BB 732 -151.81 24.27 43.61
C ASP BB 732 -152.84 23.14 43.70
N GLU BB 733 -154.11 23.51 43.84
CA GLU BB 733 -155.20 22.55 43.93
C GLU BB 733 -155.92 22.37 42.60
N SER BB 734 -155.40 22.95 41.51
CA SER BB 734 -156.05 22.80 40.21
C SER BB 734 -155.86 21.40 39.64
N ILE BB 735 -154.70 20.81 39.88
CA ILE BB 735 -154.41 19.45 39.39
C ILE BB 735 -155.18 18.45 40.24
N PRO BB 736 -155.62 17.32 39.67
CA PRO BB 736 -156.38 16.35 40.44
C PRO BB 736 -155.46 15.46 41.26
N TYR BB 737 -155.76 15.34 42.57
CA TYR BB 737 -155.03 14.52 43.54
C TYR BB 737 -153.55 14.89 43.61
N ASN BB 738 -153.25 16.19 43.55
CA ASN BB 738 -151.88 16.67 43.64
C ASN BB 738 -151.93 18.07 44.23
N LEU BB 739 -151.68 18.18 45.54
CA LEU BB 739 -151.69 19.46 46.24
C LEU BB 739 -150.51 19.54 47.21
N GLU BB 740 -149.34 19.12 46.73
CA GLU BB 740 -148.11 19.09 47.53
C GLU BB 740 -146.96 19.73 46.76
N ILE BB 741 -147.20 20.92 46.22
CA ILE BB 741 -146.20 21.61 45.41
C ILE BB 741 -145.88 22.96 46.03
N VAL BB 742 -145.01 23.72 45.36
CA VAL BB 742 -144.66 25.08 45.79
C VAL BB 742 -144.57 25.93 44.53
N THR BB 743 -145.57 26.79 44.32
CA THR BB 743 -145.64 27.64 43.15
C THR BB 743 -145.47 29.10 43.55
N LEU BB 744 -144.76 29.85 42.72
CA LEU BB 744 -144.46 31.25 43.00
C LEU BB 744 -145.53 32.13 42.35
N ASN BB 745 -146.31 32.83 43.17
CA ASN BB 745 -147.29 33.79 42.69
C ASN BB 745 -146.59 35.13 42.50
N ILE BB 746 -146.00 35.30 41.32
CA ILE BB 746 -145.19 36.48 41.04
C ILE BB 746 -146.10 37.66 40.75
N LEU BB 747 -145.87 38.76 41.47
CA LEU BB 747 -146.61 40.00 41.28
C LEU BB 747 -145.65 41.07 40.78
N THR BB 748 -146.04 41.75 39.70
CA THR BB 748 -145.22 42.77 39.09
C THR BB 748 -145.22 44.04 39.94
N PRO BB 749 -144.31 44.98 39.66
CA PRO BB 749 -144.34 46.27 40.36
C PRO BB 749 -145.60 47.07 40.12
N GLU BB 750 -146.22 46.93 38.95
CA GLU BB 750 -147.52 47.53 38.71
C GLU BB 750 -148.67 46.70 39.26
N GLY BB 751 -148.42 45.44 39.61
CA GLY BB 751 -149.45 44.56 40.12
C GLY BB 751 -149.89 43.46 39.17
N TYR BB 752 -149.22 43.30 38.03
CA TYR BB 752 -149.55 42.21 37.13
C TYR BB 752 -149.10 40.87 37.71
N GLY BB 753 -149.93 39.85 37.50
CA GLY BB 753 -149.70 38.54 38.08
C GLY BB 753 -148.89 37.62 37.18
N PHE BB 754 -148.23 36.65 37.79
CA PHE BB 754 -147.51 35.61 37.08
C PHE BB 754 -147.43 34.38 37.97
N LYS BB 755 -147.41 33.21 37.34
CA LYS BB 755 -147.41 31.92 38.06
C LYS BB 755 -146.18 31.13 37.64
N PHE BB 756 -145.13 31.21 38.46
CA PHE BB 756 -143.92 30.43 38.23
C PHE BB 756 -144.10 29.08 38.92
N ARG BB 757 -144.55 28.09 38.17
CA ARG BB 757 -144.84 26.76 38.70
C ARG BB 757 -143.73 25.80 38.31
N VAL BB 758 -143.23 25.06 39.29
CA VAL BB 758 -142.17 24.08 39.09
C VAL BB 758 -142.82 22.71 39.00
N LEU BB 759 -142.67 22.05 37.85
CA LEU BB 759 -143.24 20.73 37.61
C LEU BB 759 -142.12 19.69 37.63
N THR BB 760 -142.31 18.65 38.43
CA THR BB 760 -141.34 17.57 38.55
C THR BB 760 -141.77 16.38 37.70
N GLU BB 761 -140.96 15.32 37.73
CA GLU BB 761 -141.22 14.10 36.99
C GLU BB 761 -141.76 12.98 37.87
N ARG BB 762 -142.24 13.31 39.07
CA ARG BB 762 -142.74 12.30 39.99
C ARG BB 762 -144.10 11.76 39.56
N ASP BB 763 -144.89 12.55 38.84
CA ASP BB 763 -146.20 12.08 38.39
C ASP BB 763 -146.08 11.03 37.30
N GLU BB 764 -145.14 11.21 36.36
CA GLU BB 764 -144.93 10.22 35.31
C GLU BB 764 -144.23 8.98 35.85
N ILE BB 765 -143.37 9.16 36.85
CA ILE BB 765 -142.67 8.03 37.45
C ILE BB 765 -143.64 7.17 38.26
N LEU BB 766 -144.61 7.81 38.94
CA LEU BB 766 -145.59 7.06 39.72
C LEU BB 766 -146.59 6.34 38.82
N TYR BB 767 -146.92 6.92 37.67
CA TYR BB 767 -147.86 6.28 36.76
C TYR BB 767 -147.23 5.13 35.99
N LEU BB 768 -145.90 5.09 35.89
CA LEU BB 768 -145.22 4.07 35.10
C LEU BB 768 -144.60 2.99 35.98
N ARG BB 769 -143.78 3.39 36.95
CA ARG BB 769 -143.03 2.44 37.76
C ARG BB 769 -143.65 2.16 39.12
N ALA BB 770 -144.33 3.13 39.72
CA ALA BB 770 -144.91 2.97 41.05
C ALA BB 770 -146.42 2.80 41.02
N ILE BB 771 -146.98 2.41 39.86
CA ILE BB 771 -148.42 2.23 39.73
C ILE BB 771 -148.90 0.87 40.23
N ALA BB 772 -147.98 -0.02 40.61
CA ALA BB 772 -148.38 -1.33 41.11
C ALA BB 772 -148.96 -1.24 42.51
N ASN BB 773 -148.59 -0.21 43.28
CA ASN BB 773 -149.10 -0.04 44.64
C ASN BB 773 -150.52 0.51 44.66
N ALA BB 774 -151.05 0.98 43.54
CA ALA BB 774 -152.41 1.48 43.49
C ALA BB 774 -153.40 0.31 43.60
N ARG BB 775 -154.47 0.51 44.36
CA ARG BB 775 -155.47 -0.52 44.58
C ARG BB 775 -156.48 -0.52 43.46
N ASN BB 776 -157.59 -1.25 43.64
CA ASN BB 776 -158.65 -1.29 42.64
C ASN BB 776 -159.38 0.03 42.53
N GLU BB 777 -159.44 0.81 43.62
CA GLU BB 777 -160.01 2.15 43.58
C GLU BB 777 -159.06 3.18 43.00
N LEU BB 778 -157.78 2.83 42.81
CA LEU BB 778 -156.80 3.75 42.25
C LEU BB 778 -156.09 3.19 41.03
N LYS BB 779 -156.49 2.03 40.53
CA LYS BB 779 -155.90 1.50 39.30
C LYS BB 779 -156.21 2.36 38.09
N PRO BB 780 -157.45 2.78 37.85
CA PRO BB 780 -157.70 3.74 36.77
C PRO BB 780 -157.19 5.15 37.07
N GLU BB 781 -157.00 5.47 38.36
CA GLU BB 781 -156.47 6.77 38.76
C GLU BB 781 -154.96 6.75 38.95
N LEU BB 782 -154.30 5.63 38.62
CA LEU BB 782 -152.84 5.57 38.74
C LEU BB 782 -152.16 6.46 37.70
N GLU BB 783 -152.72 6.54 36.50
CA GLU BB 783 -152.22 7.43 35.47
C GLU BB 783 -152.87 8.80 35.51
N ALA BB 784 -153.76 9.05 36.47
CA ALA BB 784 -154.42 10.35 36.55
C ALA BB 784 -153.48 11.44 37.06
N THR BB 785 -152.48 11.05 37.87
CA THR BB 785 -151.48 12.02 38.33
C THR BB 785 -150.61 12.50 37.17
N PHE BB 786 -150.22 11.59 36.27
CA PHE BB 786 -149.47 11.98 35.09
C PHE BB 786 -150.35 12.70 34.07
N LEU BB 787 -151.64 12.34 34.01
CA LEU BB 787 -152.55 13.01 33.10
C LEU BB 787 -152.82 14.45 33.54
N LYS BB 788 -152.91 14.69 34.85
CA LYS BB 788 -153.07 16.05 35.35
C LYS BB 788 -151.79 16.85 35.18
N PHE BB 789 -150.63 16.20 35.25
CA PHE BB 789 -149.36 16.90 35.07
C PHE BB 789 -149.12 17.24 33.61
N THR BB 790 -149.53 16.35 32.70
CA THR BB 790 -149.33 16.55 31.26
C THR BB 790 -150.51 17.23 30.59
N ALA BB 791 -151.52 17.66 31.36
CA ALA BB 791 -152.65 18.37 30.77
C ALA BB 791 -152.26 19.75 30.27
N LYS BB 792 -151.27 20.38 30.92
CA LYS BB 792 -150.82 21.70 30.48
C LYS BB 792 -149.29 21.82 30.51
N TYR BB 793 -148.56 20.70 30.58
CA TYR BB 793 -147.11 20.76 30.59
C TYR BB 793 -146.45 19.67 29.74
N LEU BB 794 -147.22 18.98 28.89
CA LEU BB 794 -146.62 17.94 28.03
C LEU BB 794 -145.85 18.56 26.88
N ALA BB 795 -146.54 19.33 26.04
CA ALA BB 795 -145.93 20.03 24.91
C ALA BB 795 -146.39 21.47 24.84
N SER BB 796 -146.71 22.07 26.00
CA SER BB 796 -147.18 23.45 26.03
C SER BB 796 -146.06 24.44 25.77
N VAL BB 797 -144.82 24.06 26.09
CA VAL BB 797 -143.68 24.92 25.78
C VAL BB 797 -143.45 24.98 24.28
N ARG BB 798 -143.58 23.83 23.60
CA ARG BB 798 -143.47 23.83 22.14
C ARG BB 798 -144.69 24.46 21.50
N HIS BB 799 -145.86 24.36 22.14
CA HIS BB 799 -147.07 24.99 21.61
C HIS BB 799 -147.00 26.51 21.74
N THR BB 800 -146.45 27.01 22.86
CA THR BB 800 -146.29 28.45 23.02
C THR BB 800 -145.20 29.01 22.11
N ARG BB 801 -144.17 28.21 21.82
CA ARG BB 801 -143.14 28.65 20.90
C ARG BB 801 -143.65 28.71 19.47
N THR BB 802 -144.49 27.76 19.07
CA THR BB 802 -145.05 27.75 17.73
C THR BB 802 -146.19 28.75 17.57
N LEU BB 803 -146.75 29.25 18.66
CA LEU BB 803 -147.86 30.19 18.58
C LEU BB 803 -147.40 31.61 18.23
N GLU BB 804 -146.09 31.88 18.34
CA GLU BB 804 -145.59 33.21 18.00
C GLU BB 804 -145.64 33.45 16.50
N ASN BB 805 -145.37 32.41 15.70
CA ASN BB 805 -145.45 32.55 14.24
C ASN BB 805 -146.90 32.66 13.78
N ILE BB 806 -147.81 31.96 14.46
CA ILE BB 806 -149.23 32.02 14.11
C ILE BB 806 -149.81 33.39 14.47
N SER BB 807 -149.40 33.94 15.62
CA SER BB 807 -149.85 35.28 16.02
C SER BB 807 -149.26 36.36 15.13
N HIS BB 808 -148.02 36.18 14.67
CA HIS BB 808 -147.41 37.14 13.76
C HIS BB 808 -148.04 37.08 12.37
N SER BB 809 -148.44 35.89 11.92
CA SER BB 809 -149.05 35.76 10.61
C SER BB 809 -150.49 36.24 10.61
N TYR BB 810 -151.33 35.64 11.46
CA TYR BB 810 -152.75 35.96 11.53
C TYR BB 810 -152.96 36.90 12.72
N GLN BB 811 -152.88 38.21 12.45
CA GLN BB 811 -153.12 39.19 13.50
C GLN BB 811 -154.62 39.30 13.83
N PHE BB 812 -155.48 39.05 12.85
CA PHE BB 812 -156.92 39.11 13.07
C PHE BB 812 -157.46 37.87 13.77
N TYR BB 813 -156.65 36.82 13.92
CA TYR BB 813 -157.09 35.63 14.64
C TYR BB 813 -157.23 35.89 16.13
N SER BB 814 -156.39 36.78 16.68
CA SER BB 814 -156.55 37.19 18.06
C SER BB 814 -157.87 37.92 18.31
N PRO BB 815 -158.30 38.86 17.46
CA PRO BB 815 -159.65 39.43 17.63
C PRO BB 815 -160.76 38.43 17.35
N VAL BB 816 -160.52 37.45 16.49
CA VAL BB 816 -161.52 36.42 16.23
C VAL BB 816 -161.64 35.50 17.45
N VAL BB 817 -160.52 35.18 18.09
CA VAL BB 817 -160.55 34.40 19.33
C VAL BB 817 -161.15 35.24 20.46
N ARG BB 818 -160.92 36.55 20.44
CA ARG BB 818 -161.53 37.43 21.43
C ARG BB 818 -163.05 37.51 21.23
N LEU BB 819 -163.50 37.54 19.97
CA LEU BB 819 -164.93 37.54 19.70
C LEU BB 819 -165.57 36.20 20.02
N PHE BB 820 -164.82 35.11 19.81
CA PHE BB 820 -165.34 33.78 20.14
C PHE BB 820 -165.42 33.57 21.65
N LYS BB 821 -164.44 34.10 22.39
CA LYS BB 821 -164.47 33.96 23.85
C LYS BB 821 -165.55 34.86 24.47
N ARG BB 822 -165.78 36.03 23.88
CA ARG BB 822 -166.84 36.91 24.37
C ARG BB 822 -168.21 36.34 24.07
N TRP BB 823 -168.37 35.67 22.92
CA TRP BB 823 -169.63 35.03 22.59
C TRP BB 823 -169.88 33.81 23.47
N LEU BB 824 -168.82 33.08 23.81
CA LEU BB 824 -168.96 31.92 24.70
C LEU BB 824 -169.24 32.37 26.13
N ASP BB 825 -168.69 33.52 26.53
CA ASP BB 825 -168.98 34.05 27.87
C ASP BB 825 -170.42 34.54 27.96
N THR BB 826 -170.94 35.14 26.88
CA THR BB 826 -172.32 35.61 26.89
C THR BB 826 -173.31 34.45 26.78
N HIS BB 827 -172.97 33.41 26.01
CA HIS BB 827 -173.84 32.25 25.89
C HIS BB 827 -173.82 31.36 27.12
N LEU BB 828 -172.74 31.43 27.92
CA LEU BB 828 -172.54 30.66 29.15
C LEU BB 828 -172.64 29.15 28.90
N LEU BB 829 -171.82 28.70 27.93
CA LEU BB 829 -171.79 27.28 27.58
C LEU BB 829 -170.37 26.75 27.40
N LEU BB 830 -169.37 27.42 27.98
CA LEU BB 830 -167.98 27.01 27.87
C LEU BB 830 -167.35 26.71 29.22
N GLY BB 831 -168.17 26.49 30.25
CA GLY BB 831 -167.68 26.20 31.58
C GLY BB 831 -167.58 24.74 31.95
N HIS BB 832 -168.04 23.84 31.09
CA HIS BB 832 -168.00 22.41 31.36
C HIS BB 832 -166.84 21.71 30.66
N ILE BB 833 -165.90 22.47 30.08
CA ILE BB 833 -164.77 21.92 29.36
C ILE BB 833 -163.51 22.64 29.83
N THR BB 834 -162.38 22.27 29.23
CA THR BB 834 -161.10 22.86 29.57
C THR BB 834 -160.87 24.13 28.76
N ASP BB 835 -159.67 24.69 28.84
CA ASP BB 835 -159.34 25.92 28.13
C ASP BB 835 -158.28 25.74 27.05
N GLU BB 836 -157.53 24.64 27.06
CA GLU BB 836 -156.53 24.40 26.03
C GLU BB 836 -157.17 24.06 24.69
N LEU BB 837 -158.29 23.32 24.72
CA LEU BB 837 -158.98 22.97 23.49
C LEU BB 837 -159.71 24.17 22.91
N ALA BB 838 -160.24 25.05 23.76
CA ALA BB 838 -160.94 26.23 23.28
C ALA BB 838 -159.98 27.26 22.69
N GLU BB 839 -158.75 27.33 23.21
CA GLU BB 839 -157.78 28.28 22.68
C GLU BB 839 -157.21 27.80 21.35
N LEU BB 840 -157.08 26.50 21.17
CA LEU BB 840 -156.48 25.93 19.97
C LEU BB 840 -157.48 25.69 18.86
N ILE BB 841 -158.78 25.89 19.11
CA ILE BB 841 -159.78 25.64 18.07
C ILE BB 841 -160.05 26.87 17.22
N ALA BB 842 -159.74 28.07 17.71
CA ALA BB 842 -159.99 29.30 16.98
C ALA BB 842 -158.98 29.55 15.87
N ILE BB 843 -157.85 28.84 15.86
CA ILE BB 843 -156.83 29.05 14.83
C ILE BB 843 -157.07 28.22 13.58
N LYS BB 844 -158.12 27.39 13.57
CA LYS BB 844 -158.43 26.59 12.39
C LYS BB 844 -158.82 27.43 11.18
N PRO BB 845 -159.66 28.47 11.30
CA PRO BB 845 -160.05 29.23 10.10
C PRO BB 845 -158.93 30.09 9.52
N PHE BB 846 -157.87 30.35 10.28
CA PHE BB 846 -156.74 31.14 9.80
C PHE BB 846 -155.61 30.28 9.27
N VAL BB 847 -155.22 29.23 10.00
CA VAL BB 847 -154.17 28.33 9.54
C VAL BB 847 -154.66 27.49 8.36
N ASP BB 848 -155.93 27.09 8.39
CA ASP BB 848 -156.54 26.27 7.34
C ASP BB 848 -157.78 27.00 6.84
N PRO BB 849 -157.60 28.02 5.99
CA PRO BB 849 -158.76 28.77 5.51
C PRO BB 849 -159.66 27.99 4.57
N ALA BB 850 -159.13 26.99 3.88
CA ALA BB 850 -159.93 26.19 2.96
C ALA BB 850 -160.93 25.33 3.73
N PRO BB 851 -162.17 25.17 3.21
CA PRO BB 851 -162.72 25.67 1.94
C PRO BB 851 -163.50 26.96 2.07
N TYR BB 852 -162.96 27.98 2.75
CA TYR BB 852 -163.63 29.25 2.93
C TYR BB 852 -162.60 30.37 2.83
N PHE BB 853 -162.99 31.56 3.27
CA PHE BB 853 -162.07 32.68 3.28
C PHE BB 853 -161.14 32.60 4.49
N ILE BB 854 -160.10 33.44 4.48
CA ILE BB 854 -159.14 33.50 5.57
C ILE BB 854 -159.65 34.47 6.63
N PRO BB 855 -158.95 34.64 7.75
CA PRO BB 855 -159.42 35.55 8.80
C PRO BB 855 -159.15 37.01 8.41
N GLY BB 856 -160.22 37.72 8.07
CA GLY BB 856 -160.11 39.12 7.72
C GLY BB 856 -160.86 40.00 8.70
N SER BB 857 -161.88 39.45 9.34
CA SER BB 857 -162.66 40.17 10.33
C SER BB 857 -162.89 39.27 11.53
N LEU BB 858 -163.12 39.90 12.68
CA LEU BB 858 -163.40 39.14 13.90
C LEU BB 858 -164.77 38.48 13.83
N GLU BB 859 -165.77 39.17 13.26
CA GLU BB 859 -167.09 38.58 13.11
C GLU BB 859 -167.10 37.49 12.05
N ASN BB 860 -166.32 37.67 10.98
CA ASN BB 860 -166.22 36.65 9.95
C ASN BB 860 -165.45 35.43 10.44
N GLY BB 861 -164.42 35.65 11.28
CA GLY BB 861 -163.70 34.53 11.86
C GLY BB 861 -164.52 33.76 12.87
N PHE BB 862 -165.35 34.46 13.64
CA PHE BB 862 -166.20 33.79 14.61
C PHE BB 862 -167.32 33.02 13.93
N LEU BB 863 -167.83 33.54 12.81
CA LEU BB 863 -168.86 32.83 12.05
C LEU BB 863 -168.29 31.61 11.36
N LYS BB 864 -167.04 31.69 10.90
CA LYS BB 864 -166.39 30.53 10.29
C LYS BB 864 -166.04 29.48 11.33
N VAL BB 865 -165.72 29.92 12.55
CA VAL BB 865 -165.43 28.98 13.64
C VAL BB 865 -166.70 28.25 14.06
N LEU BB 866 -167.83 28.97 14.07
CA LEU BB 866 -169.11 28.32 14.39
C LEU BB 866 -169.55 27.38 13.27
N LYS BB 867 -169.25 27.74 12.02
CA LYS BB 867 -169.57 26.86 10.90
C LYS BB 867 -168.68 25.62 10.89
N PHE BB 868 -167.41 25.78 11.30
CA PHE BB 868 -166.51 24.64 11.38
C PHE BB 868 -166.89 23.73 12.54
N ILE BB 869 -167.36 24.31 13.64
CA ILE BB 869 -167.84 23.50 14.77
C ILE BB 869 -169.13 22.78 14.39
N SER BB 870 -169.99 23.42 13.61
CA SER BB 870 -171.21 22.77 13.15
C SER BB 870 -170.92 21.70 12.10
N GLN BB 871 -169.89 21.91 11.28
CA GLN BB 871 -169.49 20.88 10.32
C GLN BB 871 -168.87 19.69 11.03
N TRP BB 872 -168.08 19.93 12.07
CA TRP BB 872 -167.48 18.85 12.87
C TRP BB 872 -168.49 18.47 13.96
N ASN BB 873 -169.50 17.71 13.55
CA ASN BB 873 -170.53 17.24 14.48
C ASN BB 873 -169.95 16.19 15.40
N TRP BB 874 -170.00 16.45 16.71
CA TRP BB 874 -169.31 15.62 17.69
C TRP BB 874 -169.91 14.22 17.78
N LYS BB 875 -171.22 14.09 17.60
CA LYS BB 875 -171.83 12.77 17.59
C LYS BB 875 -171.55 12.03 16.29
N ASP BB 876 -171.35 12.76 15.20
CA ASP BB 876 -171.17 12.13 13.89
C ASP BB 876 -169.69 11.94 13.54
N ASP BB 877 -168.94 13.04 13.48
CA ASP BB 877 -167.54 12.99 13.03
C ASP BB 877 -166.63 13.60 14.07
N PRO BB 878 -165.77 12.83 14.73
CA PRO BB 878 -164.80 13.41 15.67
C PRO BB 878 -163.79 14.29 14.96
N LEU BB 879 -163.43 15.39 15.62
CA LEU BB 879 -162.57 16.39 14.99
C LEU BB 879 -161.12 15.92 14.92
N ILE BB 880 -160.41 16.42 13.92
CA ILE BB 880 -159.00 16.14 13.73
C ILE BB 880 -158.37 17.32 13.01
N LEU BB 881 -157.15 17.68 13.42
CA LEU BB 881 -156.47 18.83 12.84
C LEU BB 881 -154.97 18.61 12.91
N ASP BB 882 -154.24 19.34 12.07
CA ASP BB 882 -152.79 19.30 12.04
C ASP BB 882 -152.25 20.72 12.08
N LEU BB 883 -151.21 20.93 12.87
CA LEU BB 883 -150.59 22.25 13.01
C LEU BB 883 -149.63 22.47 11.85
N VAL BB 884 -150.03 23.30 10.91
CA VAL BB 884 -149.23 23.61 9.72
C VAL BB 884 -148.81 25.07 9.78
N LYS BB 885 -147.51 25.31 9.60
CA LYS BB 885 -147.00 26.67 9.61
C LYS BB 885 -147.41 27.40 8.34
N PRO BB 886 -147.48 28.73 8.39
CA PRO BB 886 -147.87 29.52 7.21
C PRO BB 886 -146.74 29.58 6.20
N GLU BB 887 -146.95 28.98 5.03
CA GLU BB 887 -145.96 28.97 3.97
C GLU BB 887 -145.98 30.27 3.17
N GLU BB 914 -143.50 20.79 9.52
CA GLU BB 914 -144.58 21.38 10.29
C GLU BB 914 -145.87 20.58 10.11
N ARG BB 915 -146.38 20.56 8.88
CA ARG BB 915 -147.60 19.83 8.59
C ARG BB 915 -147.36 18.32 8.64
N LEU BB 916 -148.32 17.59 9.20
CA LEU BB 916 -148.23 16.14 9.31
C LEU BB 916 -148.72 15.48 8.04
N THR BB 917 -148.17 14.30 7.75
CA THR BB 917 -148.54 13.56 6.57
C THR BB 917 -149.85 12.80 6.79
N LEU BB 918 -150.34 12.18 5.72
CA LEU BB 918 -151.56 11.36 5.83
C LEU BB 918 -151.31 10.11 6.67
N ALA BB 919 -150.10 9.54 6.59
CA ALA BB 919 -149.76 8.42 7.47
C ALA BB 919 -149.63 8.87 8.92
N GLN BB 920 -149.13 10.09 9.13
CA GLN BB 920 -149.10 10.65 10.48
C GLN BB 920 -150.51 10.98 10.98
N TYR BB 921 -151.39 11.40 10.08
CA TYR BB 921 -152.78 11.67 10.44
C TYR BB 921 -153.63 10.42 10.48
N LYS BB 922 -153.10 9.27 10.04
CA LYS BB 922 -153.86 8.02 10.10
C LYS BB 922 -153.99 7.53 11.54
N GLY BB 923 -152.96 7.76 12.35
CA GLY BB 923 -153.05 7.38 13.77
C GLY BB 923 -154.05 8.23 14.53
N ILE BB 924 -154.15 9.52 14.18
CA ILE BB 924 -155.16 10.39 14.78
C ILE BB 924 -156.55 10.00 14.32
N GLN BB 925 -156.68 9.59 13.06
CA GLN BB 925 -157.96 9.13 12.55
C GLN BB 925 -158.36 7.79 13.16
N MET BB 926 -157.37 6.93 13.42
CA MET BB 926 -157.67 5.66 14.09
C MET BB 926 -158.02 5.88 15.55
N ASN BB 927 -157.40 6.86 16.19
CA ASN BB 927 -157.74 7.18 17.58
C ASN BB 927 -159.10 7.84 17.68
N PHE BB 928 -159.47 8.65 16.68
CA PHE BB 928 -160.79 9.26 16.65
C PHE BB 928 -161.87 8.23 16.37
N THR BB 929 -161.56 7.24 15.53
CA THR BB 929 -162.51 6.16 15.28
C THR BB 929 -162.66 5.25 16.49
N ASN BB 930 -161.56 5.04 17.23
CA ASN BB 930 -161.63 4.24 18.45
C ASN BB 930 -162.39 4.97 19.55
N LEU BB 931 -162.25 6.30 19.61
CA LEU BB 931 -163.01 7.09 20.58
C LEU BB 931 -164.49 7.14 20.22
N ARG BB 932 -164.79 7.18 18.91
CA ARG BB 932 -166.18 7.14 18.48
C ARG BB 932 -166.80 5.77 18.69
N ASN BB 933 -166.01 4.70 18.56
CA ASN BB 933 -166.53 3.37 18.81
C ASN BB 933 -166.75 3.12 20.30
N SER BB 934 -165.87 3.67 21.14
CA SER BB 934 -166.03 3.50 22.58
C SER BB 934 -167.17 4.36 23.12
N ASP BB 935 -167.29 5.59 22.63
CA ASP BB 935 -168.32 6.53 23.07
C ASP BB 935 -169.05 7.08 21.85
N PRO BB 936 -170.04 6.35 21.33
CA PRO BB 936 -170.85 6.89 20.23
C PRO BB 936 -171.65 8.13 20.60
N ASN BB 937 -172.13 8.21 21.84
CA ASN BB 937 -172.82 9.41 22.30
C ASN BB 937 -171.86 10.50 22.75
N GLY BB 938 -170.60 10.16 22.97
CA GLY BB 938 -169.61 11.12 23.43
C GLY BB 938 -169.84 11.67 24.82
N THR BB 939 -170.19 10.80 25.77
CA THR BB 939 -170.42 11.23 27.15
C THR BB 939 -169.13 11.68 27.82
N HIS BB 940 -168.03 10.99 27.53
CA HIS BB 940 -166.72 11.37 28.07
C HIS BB 940 -165.90 12.21 27.11
N LEU BB 941 -166.03 11.98 25.80
CA LEU BB 941 -165.31 12.75 24.79
C LEU BB 941 -166.22 12.86 23.57
N GLN BB 942 -166.91 14.00 23.46
CA GLN BB 942 -167.81 14.22 22.33
C GLN BB 942 -167.04 14.52 21.06
N PHE BB 943 -166.29 15.61 21.05
CA PHE BB 943 -165.46 15.98 19.91
C PHE BB 943 -164.00 15.70 20.26
N PHE BB 944 -163.31 14.98 19.38
CA PHE BB 944 -161.92 14.61 19.63
C PHE BB 944 -161.01 15.81 19.42
N VAL BB 945 -160.25 16.16 20.45
CA VAL BB 945 -159.27 17.27 20.35
C VAL BB 945 -157.98 16.63 19.85
N ALA BB 946 -157.89 16.46 18.54
CA ALA BB 946 -156.77 15.77 17.90
C ALA BB 946 -155.88 16.80 17.23
N SER BB 947 -154.58 16.72 17.51
CA SER BB 947 -153.59 17.61 16.93
C SER BB 947 -152.37 16.78 16.56
N LYS BB 948 -151.33 17.46 16.04
CA LYS BB 948 -150.07 16.80 15.75
C LYS BB 948 -149.37 16.35 17.02
N ASN BB 949 -149.40 17.19 18.05
CA ASN BB 949 -148.85 16.83 19.36
C ASN BB 949 -149.86 16.10 20.25
N ASP BB 950 -151.10 15.96 19.79
CA ASP BB 950 -152.15 15.27 20.54
C ASP BB 950 -152.80 14.24 19.61
N PRO BB 951 -152.10 13.16 19.29
CA PRO BB 951 -152.66 12.16 18.37
C PRO BB 951 -153.73 11.28 19.00
N SER BB 952 -153.85 11.26 20.33
CA SER BB 952 -154.88 10.46 20.97
C SER BB 952 -156.27 11.04 20.78
N GLY BB 953 -156.37 12.38 20.73
CA GLY BB 953 -157.65 13.04 20.56
C GLY BB 953 -158.38 13.38 21.83
N ILE BB 954 -157.91 12.89 22.98
CA ILE BB 954 -158.56 13.15 24.26
C ILE BB 954 -157.58 13.82 25.21
N LEU BB 955 -156.65 14.61 24.64
CA LEU BB 955 -155.67 15.31 25.46
C LEU BB 955 -156.31 16.41 26.29
N TYR BB 956 -157.28 17.13 25.71
CA TYR BB 956 -157.98 18.20 26.42
C TYR BB 956 -159.47 18.17 26.16
N SER BB 957 -160.03 16.98 25.93
CA SER BB 957 -161.45 16.80 25.66
C SER BB 957 -162.02 15.66 26.50
N SER BB 958 -161.69 15.66 27.78
CA SER BB 958 -162.13 14.63 28.71
C SER BB 958 -163.07 15.27 29.74
N GLY BB 959 -164.18 14.58 30.02
CA GLY BB 959 -165.15 15.06 30.97
C GLY BB 959 -166.16 16.05 30.42
N ILE BB 960 -166.13 16.35 29.13
CA ILE BB 960 -167.11 17.25 28.53
C ILE BB 960 -168.45 16.53 28.43
N PRO BB 961 -169.54 17.11 28.91
CA PRO BB 961 -170.84 16.41 28.85
C PRO BB 961 -171.40 16.39 27.44
N LEU BB 962 -171.99 15.24 27.07
CA LEU BB 962 -172.61 15.10 25.76
C LEU BB 962 -173.82 16.01 25.60
N PRO BB 963 -174.74 16.10 26.57
CA PRO BB 963 -175.90 16.99 26.37
C PRO BB 963 -175.55 18.47 26.44
N ILE BB 964 -174.50 18.84 27.19
CA ILE BB 964 -174.06 20.23 27.22
C ILE BB 964 -173.42 20.62 25.89
N ALA BB 965 -172.63 19.71 25.30
CA ALA BB 965 -172.01 19.99 24.02
C ALA BB 965 -173.04 19.99 22.89
N THR BB 966 -174.05 19.13 22.99
CA THR BB 966 -175.12 19.12 21.99
C THR BB 966 -175.98 20.37 22.08
N ARG BB 967 -176.22 20.86 23.30
CA ARG BB 967 -176.96 22.10 23.46
C ARG BB 967 -176.15 23.31 23.02
N LEU BB 968 -174.83 23.27 23.24
CA LEU BB 968 -173.98 24.38 22.81
C LEU BB 968 -173.83 24.41 21.30
N THR BB 969 -173.79 23.25 20.65
CA THR BB 969 -173.72 23.20 19.20
C THR BB 969 -175.04 23.61 18.57
N ALA BB 970 -176.17 23.27 19.21
CA ALA BB 970 -177.47 23.69 18.70
C ALA BB 970 -177.68 25.18 18.92
N LEU BB 971 -177.17 25.73 20.02
CA LEU BB 971 -177.31 27.16 20.28
C LEU BB 971 -176.42 27.97 19.35
N ALA BB 972 -175.23 27.46 19.02
CA ALA BB 972 -174.34 28.16 18.10
C ALA BB 972 -174.89 28.17 16.68
N LYS BB 973 -175.53 27.07 16.26
CA LYS BB 973 -176.16 27.03 14.94
C LYS BB 973 -177.39 27.92 14.90
N VAL BB 974 -178.13 28.01 16.00
CA VAL BB 974 -179.29 28.88 16.06
C VAL BB 974 -178.87 30.35 16.07
N ALA BB 975 -177.79 30.68 16.79
CA ALA BB 975 -177.33 32.05 16.86
C ALA BB 975 -176.71 32.51 15.55
N VAL BB 976 -176.08 31.59 14.81
CA VAL BB 976 -175.58 31.92 13.48
C VAL BB 976 -176.73 32.15 12.52
N ASN BB 977 -177.80 31.37 12.65
CA ASN BB 977 -178.99 31.59 11.82
C ASN BB 977 -179.73 32.85 12.24
N LEU BB 978 -179.75 33.17 13.53
CA LEU BB 978 -180.44 34.35 14.00
C LEU BB 978 -179.70 35.63 13.63
N LEU BB 979 -178.36 35.58 13.62
CA LEU BB 979 -177.58 36.75 13.23
C LEU BB 979 -177.71 37.03 11.74
N GLN BB 980 -177.82 35.98 10.92
CA GLN BB 980 -178.04 36.18 9.49
C GLN BB 980 -179.45 36.67 9.21
N THR BB 981 -180.43 36.22 10.00
CA THR BB 981 -181.82 36.62 9.79
C THR BB 981 -182.08 38.05 10.27
N HIS BB 982 -181.31 38.53 11.25
CA HIS BB 982 -181.50 39.86 11.81
C HIS BB 982 -180.71 40.94 11.08
N GLY BB 983 -180.28 40.67 9.84
CA GLY BB 983 -179.55 41.66 9.08
C GLY BB 983 -178.11 41.81 9.56
N LEU BB 984 -177.63 43.05 9.51
CA LEU BB 984 -176.27 43.39 9.96
C LEU BB 984 -176.37 44.65 10.81
N ASN BB 985 -176.57 44.47 12.12
CA ASN BB 985 -176.73 45.57 13.04
C ASN BB 985 -176.34 45.09 14.44
N GLN BB 986 -176.68 45.89 15.46
CA GLN BB 986 -176.39 45.50 16.83
C GLN BB 986 -177.28 44.35 17.30
N GLN BB 987 -178.49 44.23 16.73
CA GLN BB 987 -179.36 43.11 17.05
C GLN BB 987 -178.78 41.80 16.52
N THR BB 988 -178.17 41.84 15.33
CA THR BB 988 -177.47 40.66 14.81
C THR BB 988 -176.21 40.38 15.60
N ILE BB 989 -175.54 41.42 16.09
CA ILE BB 989 -174.36 41.23 16.95
C ILE BB 989 -174.79 40.65 18.29
N ASN BB 990 -175.92 41.09 18.83
CA ASN BB 990 -176.44 40.55 20.07
C ASN BB 990 -177.25 39.28 19.86
N LEU BB 991 -177.44 38.83 18.61
CA LEU BB 991 -178.12 37.57 18.37
C LEU BB 991 -177.28 36.39 18.84
N LEU BB 992 -175.96 36.51 18.76
CA LEU BB 992 -175.04 35.51 19.27
C LEU BB 992 -174.46 35.87 20.63
N PHE BB 993 -174.95 36.93 21.27
CA PHE BB 993 -174.38 37.39 22.53
C PHE BB 993 -175.46 37.65 23.59
N THR BB 994 -176.66 37.14 23.39
CA THR BB 994 -177.75 37.26 24.38
C THR BB 994 -178.38 35.90 24.59
N PRO BB 995 -177.84 35.09 25.50
CA PRO BB 995 -178.50 33.83 25.84
C PRO BB 995 -179.77 34.06 26.64
N GLY BB 996 -180.64 33.04 26.63
CA GLY BB 996 -181.87 33.12 27.38
C GLY BB 996 -181.67 33.14 28.87
N LEU BB 997 -180.75 32.29 29.37
CA LEU BB 997 -180.38 32.17 30.79
C LEU BB 997 -181.59 31.88 31.68
N LYS BB 998 -182.51 31.05 31.18
CA LYS BB 998 -183.71 30.70 31.90
C LYS BB 998 -184.15 29.30 31.47
N ASP BB 999 -185.32 28.89 31.99
CA ASP BB 999 -185.93 27.58 31.74
C ASP BB 999 -184.99 26.43 32.12
N TYR BB 1000 -184.27 26.59 33.23
CA TYR BB 1000 -183.34 25.59 33.74
C TYR BB 1000 -183.81 25.11 35.11
N ASP BB 1001 -182.99 24.25 35.72
CA ASP BB 1001 -183.28 23.80 37.07
C ASP BB 1001 -183.11 24.93 38.08
N PHE BB 1002 -182.04 25.71 37.94
CA PHE BB 1002 -181.82 26.91 38.75
C PHE BB 1002 -181.66 28.08 37.80
N VAL BB 1003 -182.47 29.12 37.99
CA VAL BB 1003 -182.41 30.30 37.13
C VAL BB 1003 -181.16 31.10 37.46
N VAL BB 1004 -180.49 31.60 36.43
CA VAL BB 1004 -179.27 32.36 36.62
C VAL BB 1004 -179.63 33.80 36.96
N ASP BB 1005 -179.84 34.08 38.24
CA ASP BB 1005 -180.19 35.41 38.71
C ASP BB 1005 -179.75 35.49 40.17
N LEU BB 1006 -178.62 36.15 40.42
CA LEU BB 1006 -178.04 36.23 41.75
C LEU BB 1006 -177.75 37.68 42.11
N ARG BB 1007 -177.58 37.92 43.41
CA ARG BB 1007 -177.23 39.24 43.92
C ARG BB 1007 -176.14 39.05 44.96
N THR BB 1008 -174.94 39.52 44.66
CA THR BB 1008 -173.79 39.35 45.55
C THR BB 1008 -173.14 40.70 45.82
N PRO BB 1009 -172.52 40.86 46.99
CA PRO BB 1009 -171.91 42.15 47.33
C PRO BB 1009 -170.42 42.20 47.00
N ILE BB 1010 -169.87 41.08 46.56
CA ILE BB 1010 -168.42 40.99 46.27
C ILE BB 1010 -168.26 41.45 44.82
N GLY BB 1011 -168.17 42.76 44.65
CA GLY BB 1011 -167.99 43.34 43.33
C GLY BB 1011 -166.53 43.60 43.05
N LEU BB 1012 -166.05 43.03 41.93
CA LEU BB 1012 -164.65 43.15 41.55
C LEU BB 1012 -164.53 43.44 40.06
N LYS BB 1013 -165.36 44.35 39.56
CA LYS BB 1013 -165.32 44.70 38.14
C LYS BB 1013 -164.11 45.56 37.82
N SER BB 1014 -163.80 46.55 38.67
CA SER BB 1014 -162.66 47.42 38.42
C SER BB 1014 -161.34 46.68 38.63
N SER BB 1015 -161.32 45.73 39.57
CA SER BB 1015 -160.12 44.92 39.79
C SER BB 1015 -159.89 43.95 38.64
N CYS BB 1016 -160.95 43.47 38.00
CA CYS BB 1016 -160.81 42.55 36.88
C CYS BB 1016 -160.50 43.26 35.57
N GLY BB 1017 -160.59 44.58 35.52
CA GLY BB 1017 -160.35 45.33 34.31
C GLY BB 1017 -161.56 45.55 33.43
N ILE BB 1018 -162.69 44.91 33.75
CA ILE BB 1018 -163.93 45.10 32.99
C ILE BB 1018 -164.64 46.33 33.55
N LEU BB 1019 -164.65 47.41 32.77
CA LEU BB 1019 -165.21 48.67 33.23
C LEU BB 1019 -166.74 48.60 33.24
N SER BB 1020 -167.33 49.56 33.95
CA SER BB 1020 -168.79 49.62 34.08
C SER BB 1020 -169.42 50.15 32.79
N ALA BB 1032 -157.66 53.71 40.57
CA ALA BB 1032 -156.75 53.13 39.59
C ALA BB 1032 -155.57 52.45 40.28
N PRO BB 1033 -155.58 51.11 40.32
CA PRO BB 1033 -154.48 50.39 40.93
C PRO BB 1033 -153.24 50.41 40.05
N SER BB 1034 -152.09 50.68 40.67
CA SER BB 1034 -150.82 50.72 39.95
C SER BB 1034 -149.69 50.05 40.73
N ASN BB 1035 -150.01 49.15 41.65
CA ASN BB 1035 -148.98 48.49 42.46
C ASN BB 1035 -149.52 47.13 42.90
N PHE BB 1036 -148.60 46.29 43.37
CA PHE BB 1036 -148.96 44.98 43.87
C PHE BB 1036 -149.68 45.11 45.22
N PRO BB 1037 -150.50 44.12 45.58
CA PRO BB 1037 -151.23 44.20 46.85
C PRO BB 1037 -150.32 43.96 48.04
N GLU BB 1038 -150.80 44.37 49.21
CA GLU BB 1038 -150.01 44.25 50.43
C GLU BB 1038 -149.94 42.80 50.91
N ASN BB 1039 -151.03 42.05 50.77
CA ASN BB 1039 -151.10 40.68 51.25
C ASN BB 1039 -151.69 39.79 50.17
N LEU BB 1040 -151.31 38.50 50.22
CA LEU BB 1040 -151.85 37.54 49.27
C LEU BB 1040 -153.31 37.23 49.56
N ASN BB 1041 -153.70 37.23 50.85
CA ASN BB 1041 -155.10 37.03 51.19
C ASN BB 1041 -155.94 38.24 50.83
N ASP BB 1042 -155.35 39.45 50.91
CA ASP BB 1042 -156.07 40.65 50.50
C ASP BB 1042 -156.24 40.73 48.99
N LEU BB 1043 -155.26 40.23 48.24
CA LEU BB 1043 -155.39 40.17 46.78
C LEU BB 1043 -156.42 39.13 46.36
N SER BB 1044 -156.49 38.01 47.08
CA SER BB 1044 -157.49 36.99 46.77
C SER BB 1044 -158.88 37.44 47.19
N GLU BB 1045 -159.00 38.19 48.27
CA GLU BB 1045 -160.29 38.74 48.69
C GLU BB 1045 -160.72 39.92 47.83
N LYS BB 1046 -159.79 40.53 47.08
CA LYS BB 1046 -160.15 41.62 46.18
C LYS BB 1046 -160.95 41.14 44.99
N MET BB 1047 -160.78 39.87 44.59
CA MET BB 1047 -161.54 39.30 43.50
C MET BB 1047 -162.92 38.87 43.99
N ASP BB 1048 -163.78 38.48 43.06
CA ASP BB 1048 -165.13 38.05 43.40
C ASP BB 1048 -165.11 36.56 43.76
N PRO BB 1049 -165.49 36.18 44.98
CA PRO BB 1049 -165.52 34.77 45.35
C PRO BB 1049 -166.82 34.05 45.03
N THR BB 1050 -167.76 34.72 44.36
CA THR BB 1050 -169.02 34.07 43.99
C THR BB 1050 -168.81 33.03 42.90
N TYR BB 1051 -167.86 33.26 42.00
CA TYR BB 1051 -167.55 32.28 40.97
C TYR BB 1051 -166.84 31.06 41.56
N GLN BB 1052 -166.02 31.26 42.59
CA GLN BB 1052 -165.37 30.14 43.26
C GLN BB 1052 -166.37 29.33 44.08
N LEU BB 1053 -167.36 30.01 44.67
CA LEU BB 1053 -168.40 29.31 45.41
C LEU BB 1053 -169.33 28.56 44.49
N VAL BB 1054 -169.60 29.12 43.30
CA VAL BB 1054 -170.43 28.43 42.32
C VAL BB 1054 -169.70 27.23 41.74
N LYS BB 1055 -168.38 27.35 41.55
CA LYS BB 1055 -167.59 26.22 41.06
C LYS BB 1055 -167.46 25.13 42.11
N TYR BB 1056 -167.38 25.52 43.38
CA TYR BB 1056 -167.32 24.52 44.45
C TYR BB 1056 -168.66 23.82 44.62
N LEU BB 1057 -169.77 24.55 44.44
CA LEU BB 1057 -171.08 23.93 44.50
C LEU BB 1057 -171.34 23.03 43.31
N ASN BB 1058 -170.83 23.41 42.13
CA ASN BB 1058 -170.97 22.57 40.94
C ASN BB 1058 -170.10 21.33 41.03
N LEU BB 1059 -168.94 21.44 41.66
CA LEU BB 1059 -168.07 20.27 41.82
C LEU BB 1059 -168.61 19.29 42.85
N LYS BB 1060 -169.25 19.79 43.90
CA LYS BB 1060 -169.79 18.92 44.93
C LYS BB 1060 -171.04 18.19 44.45
N TYR BB 1061 -171.84 18.84 43.59
CA TYR BB 1061 -173.08 18.28 43.08
C TYR BB 1061 -173.03 18.08 41.58
N LYS BB 1062 -171.92 17.58 41.06
CA LYS BB 1062 -171.79 17.35 39.62
C LYS BB 1062 -172.63 16.19 39.13
N ASN BB 1063 -173.00 15.27 40.01
CA ASN BB 1063 -173.80 14.11 39.60
C ASN BB 1063 -175.26 14.47 39.39
N SER BB 1064 -175.80 15.38 40.20
CA SER BB 1064 -177.23 15.66 40.20
C SER BB 1064 -177.57 17.06 39.70
N LEU BB 1065 -177.03 18.10 40.34
CA LEU BB 1065 -177.41 19.49 40.04
C LEU BB 1065 -176.16 20.27 39.65
N ILE BB 1066 -175.87 20.28 38.36
CA ILE BB 1066 -174.69 20.97 37.86
C ILE BB 1066 -175.01 22.45 37.68
N LEU BB 1067 -174.19 23.29 38.30
CA LEU BB 1067 -174.33 24.75 38.18
C LEU BB 1067 -173.42 25.20 37.04
N SER BB 1068 -173.96 25.15 35.83
CA SER BB 1068 -173.19 25.52 34.64
C SER BB 1068 -172.99 27.02 34.57
N SER BB 1069 -171.85 27.42 33.99
CA SER BB 1069 -171.50 28.82 33.87
C SER BB 1069 -170.59 28.99 32.66
N ARG BB 1070 -169.94 30.15 32.56
CA ARG BB 1070 -169.03 30.46 31.47
C ARG BB 1070 -167.60 30.44 32.00
N LYS BB 1071 -166.67 30.14 31.09
CA LYS BB 1071 -165.24 30.11 31.46
C LYS BB 1071 -164.71 31.51 31.73
N TYR BB 1072 -165.07 32.47 30.88
CA TYR BB 1072 -164.63 33.86 31.04
C TYR BB 1072 -165.56 34.54 32.05
N ILE BB 1073 -165.16 34.52 33.31
CA ILE BB 1073 -165.97 35.11 34.37
C ILE BB 1073 -165.97 36.63 34.28
N GLY BB 1074 -164.82 37.22 33.94
CA GLY BB 1074 -164.75 38.67 33.81
C GLY BB 1074 -165.53 39.20 32.62
N VAL BB 1075 -165.50 38.48 31.50
CA VAL BB 1075 -166.27 38.89 30.33
C VAL BB 1075 -167.76 38.72 30.56
N ASN BB 1076 -168.16 37.65 31.26
CA ASN BB 1076 -169.57 37.43 31.54
C ASN BB 1076 -170.11 38.42 32.57
N GLY BB 1077 -169.26 38.84 33.51
CA GLY BB 1077 -169.66 39.82 34.49
C GLY BB 1077 -169.76 41.21 33.92
N GLY BB 1078 -168.64 41.76 33.46
CA GLY BB 1078 -168.65 43.06 32.80
C GLY BB 1078 -168.77 44.23 33.74
N GLU BB 1079 -169.94 44.88 33.73
CA GLU BB 1079 -170.13 46.09 34.53
C GLU BB 1079 -170.25 45.76 36.01
N LYS BB 1080 -171.00 44.72 36.36
CA LYS BB 1080 -171.19 44.37 37.76
C LYS BB 1080 -170.02 43.57 38.31
N GLY BB 1081 -169.78 42.38 37.75
CA GLY BB 1081 -168.70 41.54 38.20
C GLY BB 1081 -168.90 40.92 39.57
N ASP BB 1082 -170.13 40.87 40.06
CA ASP BB 1082 -170.43 40.32 41.38
C ASP BB 1082 -171.36 39.12 41.31
N LYS BB 1083 -172.44 39.19 40.54
CA LYS BB 1083 -173.38 38.08 40.45
C LYS BB 1083 -172.80 36.95 39.61
N ASN BB 1084 -172.94 35.73 40.11
CA ASN BB 1084 -172.46 34.53 39.43
C ASN BB 1084 -173.65 33.84 38.78
N VAL BB 1085 -173.62 33.70 37.47
CA VAL BB 1085 -174.68 33.02 36.73
C VAL BB 1085 -174.47 31.52 36.85
N ILE BB 1086 -175.46 30.82 37.40
CA ILE BB 1086 -175.39 29.38 37.62
C ILE BB 1086 -176.63 28.77 36.99
N THR BB 1087 -176.50 28.30 35.75
CA THR BB 1087 -177.58 27.60 35.08
C THR BB 1087 -177.68 26.18 35.64
N GLY BB 1088 -178.90 25.77 35.99
CA GLY BB 1088 -179.12 24.49 36.63
C GLY BB 1088 -179.34 23.38 35.64
N LEU BB 1089 -178.54 22.32 35.76
CA LEU BB 1089 -178.71 21.09 34.99
C LEU BB 1089 -179.04 19.97 35.97
N ILE BB 1090 -180.27 19.46 35.89
CA ILE BB 1090 -180.79 18.51 36.87
C ILE BB 1090 -180.79 17.12 36.26
N LYS BB 1091 -180.22 16.17 36.99
CA LYS BB 1091 -180.32 14.76 36.64
C LYS BB 1091 -181.69 14.23 37.04
N PRO BB 1092 -182.07 13.04 36.57
CA PRO BB 1092 -183.40 12.50 36.85
C PRO BB 1092 -183.59 11.98 38.27
N LEU BB 1093 -182.55 11.99 39.10
CA LEU BB 1093 -182.64 11.53 40.48
C LEU BB 1093 -182.51 12.69 41.46
N PHE BB 1094 -183.07 13.85 41.10
CA PHE BB 1094 -183.02 15.03 41.95
C PHE BB 1094 -184.33 15.34 42.65
N LYS BB 1095 -185.45 14.82 42.17
CA LYS BB 1095 -186.74 15.00 42.83
C LYS BB 1095 -187.55 13.72 42.98
N GLY BB 1096 -187.34 12.72 42.14
CA GLY BB 1096 -188.12 11.50 42.15
C GLY BB 1096 -187.56 10.45 43.07
N ALA BB 1097 -187.65 9.19 42.62
CA ALA BB 1097 -187.22 8.04 43.39
C ALA BB 1097 -186.22 7.21 42.58
N HIS BB 1098 -185.19 6.73 43.26
CA HIS BB 1098 -184.17 5.88 42.65
C HIS BB 1098 -184.15 4.52 43.36
N LYS BB 1099 -183.15 3.71 43.02
CA LYS BB 1099 -183.00 2.40 43.65
C LYS BB 1099 -182.55 2.54 45.09
N PHE BB 1100 -183.06 1.64 45.94
CA PHE BB 1100 -182.72 1.67 47.36
C PHE BB 1100 -181.31 1.15 47.60
N ARG BB 1101 -180.35 2.06 47.66
CA ARG BB 1101 -178.93 1.71 47.89
C ARG BB 1101 -178.36 2.73 48.87
N VAL BB 1102 -178.39 2.39 50.16
CA VAL BB 1102 -177.83 3.27 51.17
C VAL BB 1102 -176.32 3.14 51.28
N ASN BB 1103 -175.73 2.07 50.74
CA ASN BB 1103 -174.30 1.86 50.76
C ASN BB 1103 -173.60 2.42 49.53
N LEU BB 1104 -174.33 3.08 48.64
CA LEU BB 1104 -173.77 3.63 47.41
C LEU BB 1104 -173.30 5.07 47.58
N ASP BB 1105 -173.31 5.59 48.81
CA ASP BB 1105 -172.90 6.95 49.17
C ASP BB 1105 -173.69 8.02 48.43
N CYS BB 1106 -174.98 7.76 48.20
CA CYS BB 1106 -175.86 8.73 47.57
C CYS BB 1106 -176.65 9.48 48.65
N ASN BB 1107 -177.49 10.41 48.22
CA ASN BB 1107 -178.33 11.17 49.13
C ASN BB 1107 -179.69 10.50 49.31
N VAL BB 1108 -179.67 9.22 49.68
CA VAL BB 1108 -180.90 8.45 49.87
C VAL BB 1108 -181.34 8.62 51.31
N LYS BB 1109 -182.52 9.19 51.50
CA LYS BB 1109 -183.07 9.46 52.82
C LYS BB 1109 -184.57 9.25 52.80
N PRO BB 1110 -185.27 9.43 53.93
CA PRO BB 1110 -186.71 9.13 53.97
C PRO BB 1110 -187.57 10.16 53.24
N VAL BB 1111 -187.98 9.81 52.03
CA VAL BB 1111 -189.04 10.50 51.30
C VAL BB 1111 -190.07 9.44 50.96
N ASP BB 1112 -189.61 8.36 50.33
CA ASP BB 1112 -190.33 7.11 50.25
C ASP BB 1112 -189.83 6.20 51.37
N ASP BB 1113 -190.23 4.93 51.33
CA ASP BB 1113 -189.78 3.94 52.31
C ASP BB 1113 -188.27 3.71 52.23
N GLU BB 1114 -187.79 3.13 51.14
CA GLU BB 1114 -186.36 2.97 50.92
C GLU BB 1114 -185.98 3.35 49.50
N ASN BB 1115 -186.91 3.18 48.56
CA ASN BB 1115 -186.67 3.48 47.16
C ASN BB 1115 -186.80 4.98 46.97
N VAL BB 1116 -185.69 5.69 47.17
CA VAL BB 1116 -185.66 7.16 47.11
C VAL BB 1116 -184.45 7.58 46.30
N ILE BB 1117 -184.42 8.86 45.96
CA ILE BB 1117 -183.32 9.48 45.21
C ILE BB 1117 -182.76 10.61 46.07
N LEU BB 1118 -181.81 11.36 45.52
CA LEU BB 1118 -181.34 12.58 46.15
C LEU BB 1118 -182.49 13.56 46.29
N ASN BB 1119 -182.89 13.83 47.53
CA ASN BB 1119 -184.11 14.59 47.79
C ASN BB 1119 -183.93 16.06 47.42
N LYS BB 1120 -184.98 16.64 46.83
CA LYS BB 1120 -184.92 18.04 46.42
C LYS BB 1120 -184.94 18.98 47.62
N GLU BB 1121 -185.74 18.64 48.64
CA GLU BB 1121 -185.78 19.46 49.85
C GLU BB 1121 -184.49 19.34 50.65
N ALA BB 1122 -183.86 18.16 50.63
CA ALA BB 1122 -182.58 17.99 51.31
C ALA BB 1122 -181.46 18.71 50.56
N ILE BB 1123 -181.50 18.71 49.24
CA ILE BB 1123 -180.49 19.40 48.44
C ILE BB 1123 -180.64 20.91 48.58
N PHE BB 1124 -181.88 21.40 48.66
CA PHE BB 1124 -182.12 22.83 48.84
C PHE BB 1124 -181.67 23.30 50.21
N HIS BB 1125 -181.92 22.48 51.25
CA HIS BB 1125 -181.44 22.82 52.59
C HIS BB 1125 -179.93 22.70 52.70
N GLU BB 1126 -179.33 21.79 51.91
CA GLU BB 1126 -177.87 21.69 51.88
C GLU BB 1126 -177.24 22.91 51.22
N ILE BB 1127 -177.85 23.40 50.14
CA ILE BB 1127 -177.32 24.58 49.44
C ILE BB 1127 -177.84 25.88 50.02
N ALA BB 1128 -178.63 25.83 51.09
CA ALA BB 1128 -179.14 27.05 51.70
C ALA BB 1128 -178.03 27.84 52.38
N ALA BB 1129 -177.17 27.17 53.13
CA ALA BB 1129 -176.08 27.86 53.81
C ALA BB 1129 -174.97 28.25 52.85
N PHE BB 1130 -174.78 27.47 51.77
CA PHE BB 1130 -173.76 27.82 50.78
C PHE BB 1130 -174.17 29.04 49.97
N GLY BB 1131 -175.48 29.20 49.73
CA GLY BB 1131 -176.00 30.32 48.99
C GLY BB 1131 -176.63 31.42 49.82
N ASN BB 1132 -176.45 31.42 51.14
CA ASN BB 1132 -177.06 32.43 51.98
C ASN BB 1132 -176.39 33.80 51.84
N ASP BB 1133 -175.11 33.83 51.46
CA ASP BB 1133 -174.44 35.11 51.27
C ASP BB 1133 -174.91 35.82 50.01
N MET BB 1134 -175.33 35.05 48.99
CA MET BB 1134 -175.85 35.62 47.76
C MET BB 1134 -177.28 35.15 47.52
N VAL BB 1135 -178.11 35.22 48.57
CA VAL BB 1135 -179.46 34.68 48.54
C VAL BB 1135 -180.36 35.56 47.69
N ILE BB 1136 -180.64 35.12 46.47
CA ILE BB 1136 -181.53 35.85 45.58
C ILE BB 1136 -182.69 34.94 45.15
N ASN BB 1137 -182.37 33.87 44.43
CA ASN BB 1137 -183.41 32.98 43.90
C ASN BB 1137 -182.81 31.60 43.64
N PHE BB 1138 -183.13 30.64 44.50
CA PHE BB 1138 -182.81 29.23 44.31
C PHE BB 1138 -183.70 28.41 45.23
N GLU BB 1139 -184.14 27.27 44.75
CA GLU BB 1139 -185.08 26.44 45.51
C GLU BB 1139 -184.83 24.98 45.19
N THR BB 1140 -185.78 24.13 45.59
CA THR BB 1140 -185.68 22.70 45.39
C THR BB 1140 -186.00 22.34 43.94
N ASP BB 1141 -185.59 21.13 43.55
CA ASP BB 1141 -185.86 20.63 42.20
C ASP BB 1141 -187.33 20.22 42.05
N ILE CB 1 -192.87 13.57 54.10
CA ILE CB 1 -192.18 14.84 54.27
C ILE CB 1 -191.47 14.86 55.63
N GLU CB 2 -191.89 15.77 56.51
CA GLU CB 2 -191.30 15.85 57.84
C GLU CB 2 -191.74 14.68 58.70
N ASP CB 3 -192.99 14.24 58.56
CA ASP CB 3 -193.48 13.11 59.34
C ASP CB 3 -192.86 11.79 58.87
N ILE CB 4 -192.63 11.65 57.56
CA ILE CB 4 -191.98 10.46 57.03
C ILE CB 4 -190.48 10.59 57.21
N SER CB 5 -189.97 10.09 58.34
CA SER CB 5 -188.57 10.21 58.70
C SER CB 5 -188.03 8.86 59.15
N ALA CB 6 -188.29 7.83 58.36
CA ALA CB 6 -187.77 6.49 58.63
C ALA CB 6 -187.44 5.82 57.31
N MET CB 7 -186.40 4.99 57.33
CA MET CB 7 -185.97 4.25 56.16
C MET CB 7 -186.07 2.76 56.42
N LYS CB 8 -186.30 1.99 55.35
CA LYS CB 8 -186.48 0.55 55.46
C LYS CB 8 -185.16 -0.21 55.47
N ASN CB 9 -184.03 0.48 55.35
CA ASN CB 9 -182.71 -0.13 55.42
C ASN CB 9 -182.13 -0.13 56.82
N GLY CB 10 -182.99 -0.13 57.85
CA GLY CB 10 -182.53 -0.05 59.21
C GLY CB 10 -182.05 1.32 59.63
N PHE CB 11 -182.48 2.38 58.94
CA PHE CB 11 -182.03 3.73 59.21
C PHE CB 11 -183.18 4.56 59.75
N ILE CB 12 -182.96 5.15 60.92
CA ILE CB 12 -183.92 6.12 61.48
C ILE CB 12 -183.47 7.51 61.07
N VAL CB 13 -184.30 8.19 60.29
CA VAL CB 13 -183.94 9.47 59.67
C VAL CB 13 -184.29 10.60 60.63
N VAL CB 14 -183.33 11.50 60.84
CA VAL CB 14 -183.58 12.70 61.63
C VAL CB 14 -183.78 13.86 60.66
N PRO CB 15 -185.04 14.20 60.32
CA PRO CB 15 -185.26 15.30 59.37
C PRO CB 15 -184.98 16.66 60.01
N PHE CB 16 -183.87 17.27 59.62
CA PHE CB 16 -183.44 18.53 60.21
C PHE CB 16 -184.25 19.69 59.62
N LYS CB 17 -184.99 20.39 60.47
CA LYS CB 17 -185.65 21.60 60.05
C LYS CB 17 -184.61 22.71 59.84
N LEU CB 18 -184.70 23.38 58.70
CA LEU CB 18 -183.72 24.40 58.35
C LEU CB 18 -184.42 25.67 57.91
N PRO CB 19 -183.76 26.82 58.07
CA PRO CB 19 -184.36 28.07 57.59
C PRO CB 19 -184.32 28.16 56.07
N ASP CB 20 -185.49 28.09 55.44
CA ASP CB 20 -185.59 28.11 53.99
C ASP CB 20 -185.34 29.52 53.48
N HIS CB 21 -184.09 29.80 53.12
CA HIS CB 21 -183.70 31.10 52.59
C HIS CB 21 -183.99 31.15 51.09
N LYS CB 22 -183.43 32.16 50.41
CA LYS CB 22 -183.59 32.28 48.97
C LYS CB 22 -182.68 31.34 48.18
N ALA CB 23 -181.85 30.55 48.87
CA ALA CB 23 -181.12 29.45 48.26
C ALA CB 23 -181.78 28.11 48.55
N LEU CB 24 -182.99 28.11 49.11
CA LEU CB 24 -183.71 26.90 49.47
C LEU CB 24 -185.21 27.07 49.18
N PRO CB 25 -186.02 26.03 49.41
CA PRO CB 25 -187.48 26.11 49.24
C PRO CB 25 -188.23 25.91 50.54
N ALA CB 30 -188.00 26.42 56.88
CA ALA CB 30 -188.90 25.27 57.04
C ALA CB 30 -188.48 24.14 56.13
N SER CB 31 -187.26 24.22 55.59
CA SER CB 31 -186.76 23.17 54.71
C SER CB 31 -186.41 21.93 55.51
N LEU CB 32 -186.77 20.77 54.97
CA LEU CB 32 -186.55 19.48 55.64
C LEU CB 32 -185.26 18.88 55.09
N HIS CB 33 -184.18 19.06 55.83
CA HIS CB 33 -182.89 18.44 55.48
C HIS CB 33 -182.97 16.96 55.81
N PHE CB 34 -183.20 16.15 54.78
CA PHE CB 34 -183.45 14.72 54.96
C PHE CB 34 -182.12 13.99 55.09
N MET CB 35 -181.81 13.55 56.31
CA MET CB 35 -180.61 12.77 56.59
C MET CB 35 -180.98 11.57 57.44
N PHE CB 36 -180.38 10.42 57.11
CA PHE CB 36 -180.68 9.16 57.78
C PHE CB 36 -179.49 8.72 58.63
N ALA CB 37 -179.74 7.74 59.49
CA ALA CB 37 -178.70 7.18 60.35
C ALA CB 37 -179.03 5.72 60.60
N LYS CB 38 -178.22 4.82 60.06
CA LYS CB 38 -178.42 3.39 60.16
C LYS CB 38 -177.49 2.78 61.20
N ARG CB 39 -178.05 1.95 62.06
CA ARG CB 39 -177.27 1.28 63.11
C ARG CB 39 -176.37 0.23 62.47
N HIS CB 40 -175.09 0.54 62.37
CA HIS CB 40 -174.11 -0.32 61.73
C HIS CB 40 -173.34 -1.12 62.78
N GLN CB 41 -172.97 -2.35 62.43
CA GLN CB 41 -172.18 -3.22 63.30
C GLN CB 41 -171.10 -3.85 62.44
N SER CB 42 -169.90 -3.27 62.47
CA SER CB 42 -168.79 -3.75 61.66
C SER CB 42 -167.50 -3.50 62.43
N SER CB 43 -166.37 -3.60 61.73
CA SER CB 43 -165.06 -3.41 62.36
C SER CB 43 -164.70 -1.95 62.60
N ASN CB 44 -165.48 -1.02 62.05
CA ASN CB 44 -165.20 0.41 62.25
C ASN CB 44 -165.54 0.83 63.67
N SER CB 45 -164.75 1.77 64.20
CA SER CB 45 -164.99 2.29 65.54
C SER CB 45 -166.21 3.19 65.61
N ASN CB 46 -166.65 3.74 64.47
CA ASN CB 46 -167.89 4.52 64.44
C ASN CB 46 -169.12 3.63 64.53
N GLU CB 47 -168.99 2.34 64.24
CA GLU CB 47 -170.09 1.39 64.36
C GLU CB 47 -170.17 0.72 65.72
N SER CB 48 -169.32 1.14 66.67
CA SER CB 48 -169.33 0.56 68.00
C SER CB 48 -170.52 1.07 68.81
N ASP CB 49 -171.64 0.35 68.73
CA ASP CB 49 -172.92 0.68 69.39
C ASP CB 49 -173.41 2.08 69.02
N CYS CB 50 -173.22 2.45 67.75
CA CYS CB 50 -173.66 3.75 67.25
C CYS CB 50 -174.26 3.55 65.87
N LEU CB 51 -174.87 4.61 65.36
CA LEU CB 51 -175.58 4.58 64.09
C LEU CB 51 -174.75 5.31 63.03
N PHE CB 52 -174.43 4.60 61.94
CA PHE CB 52 -173.74 5.22 60.82
C PHE CB 52 -174.72 6.05 60.01
N LEU CB 53 -174.34 7.29 59.71
CA LEU CB 53 -175.25 8.21 59.05
C LEU CB 53 -175.34 7.93 57.55
N VAL CB 54 -176.35 8.51 56.91
CA VAL CB 54 -176.56 8.38 55.48
C VAL CB 54 -177.25 9.64 55.00
N ASN CB 55 -176.99 10.00 53.73
CA ASN CB 55 -177.50 11.21 53.08
C ASN CB 55 -177.13 12.47 53.86
N LEU CB 56 -175.83 12.69 53.97
CA LEU CB 56 -175.31 13.82 54.74
C LEU CB 56 -175.55 15.13 53.99
N PRO CB 57 -176.17 16.12 54.61
CA PRO CB 57 -176.31 17.43 53.95
C PRO CB 57 -174.99 18.16 53.85
N LEU CB 58 -174.88 19.01 52.82
CA LEU CB 58 -173.68 19.77 52.57
C LEU CB 58 -173.64 21.01 53.47
N LEU CB 59 -172.61 21.83 53.24
CA LEU CB 59 -172.31 23.05 54.01
C LEU CB 59 -172.18 22.74 55.51
N SER CB 60 -171.17 21.92 55.83
CA SER CB 60 -170.97 21.46 57.18
C SER CB 60 -170.37 22.57 58.05
N ASN CB 61 -170.40 22.35 59.36
CA ASN CB 61 -169.91 23.31 60.34
C ASN CB 61 -169.29 22.52 61.49
N ILE CB 62 -169.07 23.20 62.61
CA ILE CB 62 -168.51 22.53 63.79
C ILE CB 62 -169.51 21.56 64.39
N GLU CB 63 -170.80 21.93 64.39
CA GLU CB 63 -171.84 21.07 64.94
C GLU CB 63 -173.05 20.99 64.02
N HIS CB 64 -172.84 21.07 62.70
CA HIS CB 64 -173.96 20.97 61.77
C HIS CB 64 -174.48 19.54 61.67
N MET CB 65 -173.58 18.56 61.77
CA MET CB 65 -174.00 17.16 61.79
C MET CB 65 -174.73 16.83 63.09
N LYS CB 66 -174.32 17.45 64.20
CA LYS CB 66 -175.07 17.30 65.45
C LYS CB 66 -176.39 18.03 65.38
N LYS CB 67 -176.46 19.14 64.63
CA LYS CB 67 -177.72 19.85 64.45
C LYS CB 67 -178.65 19.13 63.49
N PHE CB 68 -178.14 18.21 62.67
CA PHE CB 68 -179.01 17.37 61.85
C PHE CB 68 -179.81 16.42 62.72
N VAL CB 69 -179.20 15.92 63.79
CA VAL CB 69 -179.90 15.14 64.80
C VAL CB 69 -180.20 15.98 66.04
N GLY CB 70 -180.32 17.30 65.87
CA GLY CB 70 -180.50 18.24 66.98
C GLY CB 70 -181.84 18.19 67.66
N GLN CB 71 -182.81 17.43 67.16
CA GLN CB 71 -184.07 17.24 67.87
C GLN CB 71 -183.87 16.42 69.13
N LEU CB 72 -182.89 15.50 69.11
CA LEU CB 72 -182.51 14.79 70.33
C LEU CB 72 -181.84 15.73 71.32
N CYS CB 73 -180.97 16.63 70.82
CA CYS CB 73 -180.30 17.57 71.71
C CYS CB 73 -181.23 18.70 72.14
N GLY CB 74 -182.16 19.09 71.27
CA GLY CB 74 -183.07 20.17 71.59
C GLY CB 74 -184.20 19.78 72.53
N LYS CB 75 -184.42 18.48 72.73
CA LYS CB 75 -185.46 17.99 73.62
C LYS CB 75 -184.89 17.23 74.81
N TYR CB 76 -184.03 16.25 74.57
CA TYR CB 76 -183.52 15.39 75.63
C TYR CB 76 -182.21 15.87 76.22
N ASP CB 77 -181.64 16.97 75.71
CA ASP CB 77 -180.38 17.56 76.16
C ASP CB 77 -179.23 16.55 76.08
N THR CB 78 -178.91 16.19 74.83
CA THR CB 78 -178.00 15.08 74.54
C THR CB 78 -176.59 15.37 75.01
N VAL CB 79 -176.06 14.49 75.85
CA VAL CB 79 -174.68 14.54 76.32
C VAL CB 79 -174.11 13.13 76.25
N SER CB 80 -173.00 12.98 75.54
CA SER CB 80 -172.37 11.68 75.34
C SER CB 80 -170.89 11.89 75.03
N HIS CB 81 -170.24 10.81 74.60
CA HIS CB 81 -168.86 10.85 74.14
C HIS CB 81 -168.81 10.56 72.65
N VAL CB 82 -167.61 10.48 72.09
CA VAL CB 82 -167.42 10.21 70.67
C VAL CB 82 -166.26 9.22 70.50
N GLU CB 83 -166.46 8.21 69.66
CA GLU CB 83 -165.40 7.26 69.32
C GLU CB 83 -164.78 7.57 67.97
N GLU CB 84 -165.58 7.58 66.91
CA GLU CB 84 -165.07 7.83 65.57
C GLU CB 84 -166.21 8.33 64.68
N LEU CB 85 -165.83 8.97 63.58
CA LEU CB 85 -166.78 9.43 62.57
C LEU CB 85 -166.02 9.57 61.25
N LEU CB 86 -166.55 8.97 60.19
CA LEU CB 86 -165.87 8.94 58.91
C LEU CB 86 -166.91 8.98 57.79
N TYR CB 87 -166.45 8.65 56.58
CA TYR CB 87 -167.25 8.63 55.34
C TYR CB 87 -167.88 10.00 55.06
N ASN CB 88 -167.14 11.06 55.36
CA ASN CB 88 -167.58 12.44 55.12
C ASN CB 88 -166.57 13.12 54.21
N ASP CB 89 -167.04 13.69 53.11
CA ASP CB 89 -166.19 14.38 52.16
C ASP CB 89 -166.84 15.70 51.76
N GLU CB 90 -166.01 16.74 51.62
CA GLU CB 90 -166.52 18.03 51.19
C GLU CB 90 -166.88 18.03 49.71
N PHE CB 91 -166.03 17.42 48.87
CA PHE CB 91 -166.28 17.36 47.45
C PHE CB 91 -165.96 16.00 46.83
N GLY CB 92 -165.59 15.00 47.63
CA GLY CB 92 -165.27 13.69 47.10
C GLY CB 92 -163.89 13.54 46.50
N LEU CB 93 -163.01 14.52 46.70
CA LEU CB 93 -161.66 14.48 46.15
C LEU CB 93 -160.65 13.83 47.10
N HIS CB 94 -161.09 13.35 48.26
CA HIS CB 94 -160.21 12.74 49.24
C HIS CB 94 -160.12 11.22 49.09
N GLU CB 95 -160.72 10.66 48.03
CA GLU CB 95 -160.68 9.21 47.84
C GLU CB 95 -159.29 8.73 47.45
N VAL CB 96 -158.59 9.50 46.62
CA VAL CB 96 -157.25 9.15 46.15
C VAL CB 96 -156.31 10.26 46.62
N ASP CB 97 -155.50 9.95 47.63
CA ASP CB 97 -154.53 10.92 48.12
C ASP CB 97 -153.33 10.99 47.18
N LEU CB 98 -152.57 12.09 47.31
CA LEU CB 98 -151.40 12.27 46.47
C LEU CB 98 -150.28 11.32 46.88
N SER CB 99 -150.01 11.21 48.18
CA SER CB 99 -148.95 10.33 48.64
C SER CB 99 -149.36 8.87 48.59
N ALA CB 100 -150.66 8.58 48.74
CA ALA CB 100 -151.13 7.20 48.74
C ALA CB 100 -151.11 6.60 47.34
N LEU CB 101 -151.43 7.40 46.33
CA LEU CB 101 -151.44 6.88 44.96
C LEU CB 101 -150.02 6.75 44.40
N THR CB 102 -149.12 7.66 44.77
CA THR CB 102 -147.77 7.68 44.24
C THR CB 102 -146.83 6.71 44.96
N SER CB 103 -147.24 6.14 46.08
CA SER CB 103 -146.40 5.21 46.83
C SER CB 103 -147.10 3.88 47.07
N PRO CB 118 -169.43 4.72 57.02
CA PRO CB 118 -169.82 3.76 55.97
C PRO CB 118 -169.88 4.40 54.59
N ARG CB 119 -171.04 4.93 54.22
CA ARG CB 119 -171.24 5.56 52.93
C ARG CB 119 -172.04 6.83 53.12
N ASN CB 120 -171.43 7.98 52.78
CA ASN CB 120 -172.01 9.32 52.92
C ASN CB 120 -172.46 9.59 54.36
N THR CB 121 -171.61 9.25 55.32
CA THR CB 121 -171.93 9.39 56.72
C THR CB 121 -171.40 10.71 57.26
N ALA CB 122 -172.25 11.44 57.96
CA ALA CB 122 -171.85 12.69 58.60
C ALA CB 122 -171.25 12.39 59.98
N LEU CB 123 -171.04 13.43 60.78
CA LEU CB 123 -170.48 13.27 62.12
C LEU CB 123 -171.60 13.11 63.15
N LEU CB 124 -172.39 12.06 62.96
CA LEU CB 124 -173.48 11.71 63.86
C LEU CB 124 -173.19 10.30 64.40
N LYS CB 125 -172.41 10.25 65.47
CA LYS CB 125 -172.01 8.99 66.08
C LYS CB 125 -171.60 9.27 67.52
N PHE CB 126 -171.34 8.19 68.26
CA PHE CB 126 -170.96 8.31 69.67
C PHE CB 126 -170.06 7.14 70.04
N VAL CB 127 -169.62 7.14 71.29
CA VAL CB 127 -168.73 6.08 71.78
C VAL CB 127 -169.48 4.76 71.92
N ASP CB 128 -170.68 4.80 72.48
CA ASP CB 128 -171.47 3.58 72.70
C ASP CB 128 -172.94 3.96 72.63
N ALA CB 129 -173.80 3.04 73.07
CA ALA CB 129 -175.24 3.28 73.10
C ALA CB 129 -175.77 3.67 74.47
N ALA CB 130 -175.05 3.29 75.54
CA ALA CB 130 -175.47 3.66 76.89
C ALA CB 130 -175.27 5.15 77.14
N SER CB 131 -174.13 5.69 76.71
CA SER CB 131 -173.90 7.13 76.83
C SER CB 131 -174.76 7.91 75.85
N ILE CB 132 -175.11 7.30 74.72
CA ILE CB 132 -175.92 7.95 73.70
C ILE CB 132 -177.40 7.60 73.85
N ASN CB 133 -177.83 7.16 75.03
CA ASN CB 133 -179.25 6.93 75.28
C ASN CB 133 -180.03 8.24 75.24
N ASN CB 134 -179.41 9.34 75.63
CA ASN CB 134 -180.01 10.66 75.45
C ASN CB 134 -179.67 11.28 74.10
N CYS CB 135 -178.81 10.64 73.31
CA CYS CB 135 -178.37 11.19 72.03
C CYS CB 135 -178.84 10.35 70.85
N TRP CB 136 -178.51 9.06 70.81
CA TRP CB 136 -178.87 8.24 69.66
C TRP CB 136 -180.25 7.62 69.83
N ASN CB 137 -180.59 7.17 71.04
CA ASN CB 137 -181.91 6.63 71.28
C ASN CB 137 -182.98 7.72 71.27
N ALA CB 138 -182.61 8.94 71.70
CA ALA CB 138 -183.53 10.06 71.60
C ALA CB 138 -183.72 10.51 70.15
N LEU CB 139 -182.67 10.40 69.33
CA LEU CB 139 -182.80 10.71 67.91
C LEU CB 139 -183.65 9.66 67.19
N LYS CB 140 -183.58 8.41 67.63
CA LYS CB 140 -184.50 7.40 67.13
C LYS CB 140 -185.93 7.68 67.57
N LYS CB 141 -186.10 8.21 68.78
CA LYS CB 141 -187.41 8.69 69.21
C LYS CB 141 -187.81 9.94 68.43
N TYR CB 142 -186.83 10.80 68.13
CA TYR CB 142 -187.10 11.99 67.32
C TYR CB 142 -187.28 11.69 65.85
N SER CB 143 -186.93 10.47 65.40
CA SER CB 143 -187.25 10.07 64.03
C SER CB 143 -188.76 9.92 63.85
N ASN CB 144 -189.44 9.31 64.82
CA ASN CB 144 -190.89 9.28 64.80
C ASN CB 144 -191.48 10.62 65.21
N LEU CB 145 -190.76 11.38 66.04
CA LEU CB 145 -191.21 12.68 66.51
C LEU CB 145 -190.58 13.84 65.72
N HIS CB 146 -190.28 13.63 64.44
CA HIS CB 146 -189.78 14.73 63.63
C HIS CB 146 -190.88 15.76 63.34
N ALA CB 147 -192.12 15.30 63.19
CA ALA CB 147 -193.25 16.20 63.08
C ALA CB 147 -193.90 16.49 64.42
N LYS CB 148 -193.76 15.58 65.39
CA LYS CB 148 -194.30 15.79 66.72
C LYS CB 148 -193.45 16.74 67.56
N HIS CB 149 -192.14 16.74 67.35
CA HIS CB 149 -191.25 17.64 68.09
C HIS CB 149 -190.43 18.48 67.11
N PRO CB 150 -191.08 19.09 66.11
CA PRO CB 150 -190.33 19.98 65.21
C PRO CB 150 -189.90 21.28 65.89
N ASN CB 151 -190.63 21.72 66.91
CA ASN CB 151 -190.17 22.87 67.70
C ASN CB 151 -188.95 22.50 68.54
N GLU CB 152 -188.89 21.26 69.01
CA GLU CB 152 -187.69 20.78 69.70
C GLU CB 152 -186.52 20.61 68.74
N LEU CB 153 -186.80 20.36 67.47
CA LEU CB 153 -185.76 20.31 66.46
C LEU CB 153 -185.25 21.72 66.19
N PHE CB 154 -183.93 21.89 66.24
CA PHE CB 154 -183.33 23.19 66.03
C PHE CB 154 -183.39 23.59 64.56
N GLU CB 155 -183.66 24.87 64.31
CA GLU CB 155 -183.67 25.40 62.95
C GLU CB 155 -182.24 25.45 62.43
N TRP CB 156 -181.96 24.70 61.36
CA TRP CB 156 -180.60 24.58 60.83
C TRP CB 156 -180.30 25.80 59.95
N THR CB 157 -180.08 26.93 60.60
CA THR CB 157 -179.70 28.17 59.94
C THR CB 157 -178.18 28.32 60.09
N TYR CB 158 -177.45 27.59 59.25
CA TYR CB 158 -175.99 27.59 59.31
C TYR CB 158 -175.43 28.88 58.72
N THR CB 159 -174.11 29.03 58.84
CA THR CB 159 -173.44 30.24 58.42
C THR CB 159 -173.38 30.35 56.91
N THR CB 160 -173.44 31.58 56.41
CA THR CB 160 -173.32 31.83 54.98
C THR CB 160 -171.89 31.59 54.51
N PRO CB 161 -171.72 31.24 53.24
CA PRO CB 161 -170.35 31.06 52.70
C PRO CB 161 -169.70 32.41 52.44
N SER CB 162 -168.76 32.77 53.31
CA SER CB 162 -168.08 34.05 53.20
C SER CB 162 -166.96 33.98 52.16
N PHE CB 163 -166.43 35.15 51.81
CA PHE CB 163 -165.34 35.22 50.85
C PHE CB 163 -163.98 34.96 51.48
N THR CB 164 -163.90 34.83 52.81
CA THR CB 164 -162.62 34.60 53.46
C THR CB 164 -162.10 33.19 53.21
N THR CB 165 -163.00 32.22 53.02
CA THR CB 165 -162.56 30.86 52.70
C THR CB 165 -161.94 30.79 51.32
N PHE CB 166 -162.52 31.51 50.34
CA PHE CB 166 -161.91 31.58 49.02
C PHE CB 166 -160.68 32.48 49.02
N VAL CB 167 -160.61 33.44 49.96
CA VAL CB 167 -159.43 34.29 50.06
C VAL CB 167 -158.24 33.49 50.59
N ASN CB 168 -158.48 32.65 51.61
CA ASN CB 168 -157.40 31.85 52.18
C ASN CB 168 -157.00 30.70 51.25
N PHE CB 169 -157.93 30.23 50.41
CA PHE CB 169 -157.62 29.16 49.48
C PHE CB 169 -156.70 29.64 48.36
N TYR CB 170 -156.92 30.86 47.88
CA TYR CB 170 -156.12 31.42 46.80
C TYR CB 170 -154.92 32.22 47.31
N LYS CB 171 -154.77 32.38 48.63
CA LYS CB 171 -153.62 33.09 49.16
C LYS CB 171 -152.38 32.22 49.09
N PRO CB 172 -151.19 32.83 49.08
CA PRO CB 172 -149.95 32.05 49.14
C PRO CB 172 -149.77 31.40 50.50
N LEU CB 173 -149.14 30.23 50.48
CA LEU CB 173 -148.87 29.49 51.71
C LEU CB 173 -147.57 29.97 52.35
N ASP CB 174 -147.40 29.65 53.63
CA ASP CB 174 -146.21 30.04 54.36
C ASP CB 174 -145.00 29.24 53.89
N ILE CB 175 -143.88 29.93 53.70
CA ILE CB 175 -142.66 29.25 53.27
C ILE CB 175 -142.09 28.39 54.39
N ASP CB 176 -142.14 28.89 55.63
CA ASP CB 176 -141.56 28.16 56.76
C ASP CB 176 -142.43 26.97 57.17
N TYR CB 177 -143.70 26.97 56.76
CA TYR CB 177 -144.57 25.81 57.03
C TYR CB 177 -144.15 24.60 56.22
N LEU CB 178 -143.62 24.82 55.02
CA LEU CB 178 -143.15 23.74 54.17
C LEU CB 178 -141.65 23.51 54.26
N LYS CB 179 -140.88 24.53 54.65
CA LYS CB 179 -139.43 24.37 54.77
C LYS CB 179 -139.07 23.55 56.00
N GLU CB 180 -139.89 23.65 57.06
CA GLU CB 180 -139.66 22.82 58.25
C GLU CB 180 -139.96 21.36 57.96
N ASP CB 181 -140.98 21.08 57.15
CA ASP CB 181 -141.28 19.70 56.78
C ASP CB 181 -140.25 19.16 55.79
N ILE CB 182 -139.72 20.03 54.93
CA ILE CB 182 -138.69 19.61 53.98
C ILE CB 182 -137.38 19.31 54.70
N HIS CB 183 -137.04 20.12 55.70
CA HIS CB 183 -135.81 19.88 56.46
C HIS CB 183 -135.93 18.65 57.36
N THR CB 184 -137.14 18.35 57.84
CA THR CB 184 -137.34 17.17 58.68
C THR CB 184 -137.31 15.89 57.84
N HIS CB 185 -137.88 15.95 56.64
CA HIS CB 185 -137.93 14.78 55.75
C HIS CB 185 -136.69 14.65 54.88
N MET CB 186 -135.72 15.56 55.01
CA MET CB 186 -134.48 15.45 54.22
C MET CB 186 -133.61 14.32 54.73
N ALA CB 187 -133.69 13.99 56.01
CA ALA CB 187 -132.90 12.91 56.58
C ALA CB 187 -133.51 11.55 56.22
N MET EB 1 150.97 64.34 -26.23
CA MET EB 1 151.53 65.50 -25.56
C MET EB 1 152.13 65.11 -24.21
N VAL EB 2 152.46 66.13 -23.40
CA VAL EB 2 152.98 65.88 -22.07
C VAL EB 2 151.89 65.30 -21.17
N LEU EB 3 150.66 65.76 -21.32
CA LEU EB 3 149.55 65.20 -20.56
C LEU EB 3 149.20 63.80 -21.06
N LEU EB 4 149.29 63.57 -22.37
CA LEU EB 4 148.95 62.27 -22.93
C LEU EB 4 150.00 61.22 -22.57
N ILE EB 5 151.26 61.63 -22.46
CA ILE EB 5 152.32 60.70 -22.06
C ILE EB 5 152.18 60.33 -20.59
N SER EB 6 151.84 61.29 -19.74
CA SER EB 6 151.72 61.02 -18.31
C SER EB 6 150.46 60.23 -17.99
N GLU EB 7 149.37 60.48 -18.73
CA GLU EB 7 148.13 59.75 -18.49
C GLU EB 7 148.23 58.30 -18.95
N ILE EB 8 148.94 58.07 -20.06
CA ILE EB 8 149.15 56.70 -20.53
C ILE EB 8 150.07 55.94 -19.60
N LYS EB 9 151.10 56.63 -19.06
CA LYS EB 9 152.05 55.98 -18.17
C LYS EB 9 151.42 55.62 -16.83
N ASP EB 10 150.56 56.48 -16.31
CA ASP EB 10 149.88 56.19 -15.04
C ASP EB 10 148.84 55.09 -15.22
N ILE EB 11 148.18 55.04 -16.37
CA ILE EB 11 147.21 53.98 -16.61
C ILE EB 11 147.90 52.63 -16.81
N ALA EB 12 149.02 52.63 -17.53
CA ALA EB 12 149.75 51.39 -17.74
C ALA EB 12 150.46 50.93 -16.48
N LYS EB 13 150.97 51.87 -15.70
CA LYS EB 13 151.64 51.54 -14.44
C LYS EB 13 150.84 52.05 -13.25
N LYS EB 22 157.70 48.13 -8.69
CA LYS EB 22 156.92 48.45 -9.88
C LYS EB 22 155.71 49.31 -9.51
N GLN EB 23 154.85 48.77 -8.64
CA GLN EB 23 153.68 49.53 -8.20
C GLN EB 23 154.06 50.64 -7.23
N TYR EB 24 155.21 50.50 -6.55
CA TYR EB 24 155.65 51.54 -5.62
C TYR EB 24 156.12 52.78 -6.36
N ASN EB 25 156.91 52.60 -7.42
CA ASN EB 25 157.35 53.74 -8.22
C ASN EB 25 156.23 54.31 -9.05
N SER EB 26 155.27 53.48 -9.47
CA SER EB 26 154.10 53.97 -10.20
C SER EB 26 153.22 54.82 -9.30
N ILE EB 27 153.13 54.47 -8.01
CA ILE EB 27 152.41 55.31 -7.05
C ILE EB 27 153.16 56.61 -6.81
N ILE EB 28 154.49 56.56 -6.79
CA ILE EB 28 155.29 57.75 -6.56
C ILE EB 28 155.24 58.67 -7.78
N LYS EB 29 155.27 58.10 -8.99
CA LYS EB 29 155.26 58.92 -10.19
C LYS EB 29 153.88 59.53 -10.44
N LEU EB 30 152.82 58.81 -10.09
CA LEU EB 30 151.47 59.35 -10.27
C LEU EB 30 151.16 60.40 -9.22
N ILE EB 31 151.81 60.34 -8.06
CA ILE EB 31 151.58 61.35 -7.02
C ILE EB 31 152.15 62.69 -7.44
N ASN EB 32 153.31 62.69 -8.09
CA ASN EB 32 153.89 63.94 -8.57
C ASN EB 32 153.10 64.50 -9.75
N GLU EB 33 152.51 63.61 -10.56
CA GLU EB 33 151.69 64.08 -11.68
C GLU EB 33 150.37 64.67 -11.19
N LEU EB 34 149.81 64.12 -10.12
CA LEU EB 34 148.58 64.66 -9.58
C LEU EB 34 148.81 65.97 -8.83
N VAL EB 35 149.98 66.12 -8.21
CA VAL EB 35 150.30 67.37 -7.52
C VAL EB 35 150.55 68.49 -8.52
N ILE EB 36 151.09 68.14 -9.69
CA ILE EB 36 151.42 69.11 -10.72
C ILE EB 36 150.15 69.61 -11.41
N PRO EB 37 149.13 68.77 -11.57
CA PRO EB 37 147.98 69.17 -12.40
C PRO EB 37 147.08 70.21 -11.76
N GLU EB 38 146.78 70.09 -10.48
CA GLU EB 38 145.88 71.04 -9.83
C GLU EB 38 146.56 72.37 -9.57
N ASN EB 39 147.88 72.35 -9.34
CA ASN EB 39 148.62 73.60 -9.11
C ASN EB 39 148.75 74.41 -10.39
N VAL EB 40 148.85 73.74 -11.54
CA VAL EB 40 148.93 74.45 -12.81
C VAL EB 40 147.58 75.06 -13.17
N THR EB 41 146.48 74.38 -12.81
CA THR EB 41 145.15 74.88 -13.11
C THR EB 41 144.80 76.10 -12.28
N GLN EB 42 145.31 76.19 -11.05
CA GLN EB 42 145.04 77.36 -10.21
C GLN EB 42 145.78 78.59 -10.71
N LEU EB 43 146.97 78.43 -11.28
CA LEU EB 43 147.72 79.57 -11.79
C LEU EB 43 147.15 80.05 -13.12
N GLU EB 44 146.67 79.13 -13.96
CA GLU EB 44 146.19 79.46 -15.28
C GLU EB 44 144.84 80.18 -15.24
N PHE EB 54 139.90 69.32 -23.82
CA PHE EB 54 139.77 68.31 -22.78
C PHE EB 54 141.11 68.06 -22.08
N LEU EB 55 141.83 69.15 -21.80
CA LEU EB 55 143.11 69.05 -21.12
C LEU EB 55 142.93 68.63 -19.66
N VAL EB 56 142.01 69.27 -18.96
CA VAL EB 56 141.73 68.90 -17.58
C VAL EB 56 140.90 67.63 -17.51
N MET EB 57 140.16 67.33 -18.59
CA MET EB 57 139.33 66.13 -18.60
C MET EB 57 140.17 64.87 -18.66
N SER EB 58 141.25 64.88 -19.44
CA SER EB 58 142.14 63.72 -19.50
C SER EB 58 142.95 63.58 -18.22
N LEU EB 59 143.33 64.71 -17.60
CA LEU EB 59 144.09 64.66 -16.37
C LEU EB 59 143.24 64.18 -15.19
N PHE EB 60 141.97 64.60 -15.14
CA PHE EB 60 141.10 64.16 -14.06
C PHE EB 60 140.67 62.71 -14.23
N GLN EB 61 140.49 62.25 -15.47
CA GLN EB 61 140.12 60.86 -15.70
C GLN EB 61 141.27 59.92 -15.37
N ILE EB 62 142.51 60.34 -15.68
CA ILE EB 62 143.67 59.54 -15.31
C ILE EB 62 143.87 59.54 -13.80
N PHE EB 63 143.60 60.68 -13.15
CA PHE EB 63 143.72 60.74 -11.70
C PHE EB 63 142.62 59.95 -11.01
N ARG EB 64 141.44 59.87 -11.63
CA ARG EB 64 140.36 59.06 -11.07
C ARG EB 64 140.64 57.57 -11.25
N LYS EB 65 141.23 57.19 -12.39
CA LYS EB 65 141.48 55.78 -12.66
C LYS EB 65 142.63 55.26 -11.82
N LEU EB 66 143.67 56.06 -11.62
CA LEU EB 66 144.81 55.63 -10.81
C LEU EB 66 144.46 55.56 -9.33
N PHE EB 67 143.59 56.47 -8.87
CA PHE EB 67 143.11 56.38 -7.49
C PHE EB 67 142.15 55.21 -7.32
N SER EB 68 141.41 54.85 -8.36
CA SER EB 68 140.54 53.68 -8.29
C SER EB 68 141.34 52.39 -8.21
N ARG EB 69 142.44 52.31 -8.95
CA ARG EB 69 143.35 51.19 -8.81
C ARG EB 69 144.05 51.20 -7.45
N GLY EB 70 144.37 52.39 -6.94
CA GLY EB 70 144.89 52.51 -5.59
C GLY EB 70 143.87 52.15 -4.53
N ASP EB 71 142.59 52.43 -4.80
CA ASP EB 71 141.53 52.04 -3.86
C ASP EB 71 141.29 50.53 -3.91
N LEU EB 72 141.62 49.88 -5.03
CA LEU EB 72 141.50 48.43 -5.12
C LEU EB 72 142.50 47.74 -4.19
N THR EB 73 143.76 48.18 -4.21
CA THR EB 73 144.78 47.60 -3.35
C THR EB 73 144.83 48.34 -2.02
N LYS EB 84 152.68 47.94 5.96
CA LYS EB 84 153.23 48.78 7.02
C LYS EB 84 153.12 50.26 6.65
N GLU EB 85 153.40 50.56 5.38
CA GLU EB 85 153.34 51.91 4.88
C GLU EB 85 152.53 52.07 3.59
N GLN EB 86 151.96 50.98 3.06
CA GLN EB 86 151.13 51.08 1.86
C GLN EB 86 149.81 51.76 2.16
N PHE EB 87 149.23 51.50 3.34
CA PHE EB 87 147.97 52.13 3.71
C PHE EB 87 148.19 53.59 4.09
N VAL EB 88 149.34 53.92 4.68
CA VAL EB 88 149.63 55.29 5.06
C VAL EB 88 149.87 56.17 3.83
N ASN EB 89 150.57 55.62 2.83
CA ASN EB 89 150.83 56.37 1.61
C ASN EB 89 149.58 56.50 0.75
N TRP EB 90 148.73 55.48 0.75
CA TRP EB 90 147.48 55.55 0.00
C TRP EB 90 146.51 56.53 0.65
N CYS EB 91 146.52 56.61 1.98
CA CYS EB 91 145.68 57.58 2.67
C CYS EB 91 146.23 59.00 2.50
N ARG EB 92 147.56 59.12 2.39
CA ARG EB 92 148.16 60.44 2.16
C ARG EB 92 147.91 60.92 0.74
N LYS EB 93 147.93 60.01 -0.24
CA LYS EB 93 147.73 60.40 -1.63
C LYS EB 93 146.25 60.68 -1.91
N VAL EB 94 145.35 59.94 -1.27
CA VAL EB 94 143.92 60.21 -1.43
C VAL EB 94 143.55 61.53 -0.77
N TYR EB 95 144.16 61.85 0.37
CA TYR EB 95 143.93 63.13 1.01
C TYR EB 95 144.57 64.26 0.21
N GLU EB 96 145.66 63.96 -0.50
CA GLU EB 96 146.27 64.95 -1.37
C GLU EB 96 145.41 65.21 -2.59
N ALA EB 97 144.84 64.16 -3.17
CA ALA EB 97 144.05 64.32 -4.39
C ALA EB 97 142.69 64.96 -4.10
N PHE EB 98 142.10 64.64 -2.94
CA PHE EB 98 140.81 65.22 -2.59
C PHE EB 98 140.93 66.70 -2.23
N LYS EB 99 142.00 67.07 -1.53
CA LYS EB 99 142.21 68.48 -1.19
C LYS EB 99 142.60 69.30 -2.41
N THR EB 100 143.28 68.70 -3.37
CA THR EB 100 143.66 69.42 -4.58
C THR EB 100 142.45 69.73 -5.44
N LYS EB 101 141.50 68.79 -5.53
CA LYS EB 101 140.27 69.05 -6.27
C LYS EB 101 139.36 70.01 -5.51
N LEU EB 102 139.42 69.98 -4.17
CA LEU EB 102 138.60 70.89 -3.38
C LEU EB 102 139.06 72.33 -3.52
N LEU EB 103 140.37 72.55 -3.63
CA LEU EB 103 140.88 73.90 -3.86
C LEU EB 103 140.62 74.34 -5.30
N ALA EB 104 140.43 73.38 -6.21
CA ALA EB 104 140.19 73.72 -7.61
C ALA EB 104 138.81 74.32 -7.81
N ILE EB 105 137.79 73.71 -7.20
CA ILE EB 105 136.42 74.20 -7.36
C ILE EB 105 136.21 75.51 -6.60
N ILE EB 106 136.83 75.63 -5.43
CA ILE EB 106 136.60 76.79 -4.55
C ILE EB 106 137.23 78.04 -5.14
N SER EB 107 138.45 77.93 -5.66
CA SER EB 107 139.15 79.08 -6.21
C SER EB 107 139.34 78.93 -7.72
N THR EB 113 134.42 76.05 -16.28
CA THR EB 113 133.27 75.26 -16.73
C THR EB 113 133.60 73.77 -16.72
N SER EB 114 134.59 73.38 -17.53
CA SER EB 114 135.00 71.98 -17.58
C SER EB 114 135.71 71.55 -16.31
N LEU EB 115 136.36 72.50 -15.62
CA LEU EB 115 137.02 72.18 -14.36
C LEU EB 115 136.00 71.89 -13.27
N GLY EB 116 134.87 72.59 -13.29
CA GLY EB 116 133.81 72.31 -12.34
C GLY EB 116 133.15 70.97 -12.57
N LEU EB 117 132.94 70.60 -13.84
CA LEU EB 117 132.28 69.33 -14.16
C LEU EB 117 133.18 68.15 -13.83
N ASP EB 118 134.49 68.29 -14.04
CA ASP EB 118 135.42 67.22 -13.68
C ASP EB 118 135.58 67.10 -12.17
N SER EB 119 135.38 68.21 -11.45
CA SER EB 119 135.57 68.19 -10.00
C SER EB 119 134.46 67.39 -9.31
N LEU EB 120 133.22 67.55 -9.76
CA LEU EB 120 132.11 66.84 -9.13
C LEU EB 120 132.13 65.37 -9.46
N ASP EB 121 132.50 65.00 -10.69
CA ASP EB 121 132.58 63.59 -11.07
C ASP EB 121 133.72 62.89 -10.31
N VAL EB 122 134.80 63.62 -10.04
CA VAL EB 122 135.83 63.13 -9.14
C VAL EB 122 135.25 62.97 -7.73
N TYR EB 123 134.46 63.96 -7.30
CA TYR EB 123 133.95 63.96 -5.94
C TYR EB 123 132.83 62.94 -5.77
N LEU EB 124 132.18 62.55 -6.88
CA LEU EB 124 131.34 61.36 -6.86
C LEU EB 124 132.19 60.09 -6.70
N GLN EB 125 133.34 60.05 -7.37
CA GLN EB 125 134.16 58.84 -7.37
C GLN EB 125 134.83 58.62 -6.03
N LEU EB 126 135.37 59.68 -5.42
CA LEU EB 126 136.10 59.51 -4.16
C LEU EB 126 135.14 59.25 -3.01
N ALA EB 127 133.90 59.72 -3.12
CA ALA EB 127 132.89 59.39 -2.12
C ALA EB 127 132.46 57.94 -2.22
N GLU EB 128 132.30 57.43 -3.46
CA GLU EB 128 131.88 56.05 -3.65
C GLU EB 128 132.95 55.06 -3.21
N LEU EB 129 134.21 55.35 -3.51
CA LEU EB 129 135.30 54.47 -3.12
C LEU EB 129 135.51 54.49 -1.61
N GLU EB 130 135.32 55.65 -0.98
CA GLU EB 130 135.46 55.74 0.46
C GLU EB 130 134.26 55.16 1.19
N SER EB 131 133.06 55.21 0.58
CA SER EB 131 131.88 54.64 1.22
C SER EB 131 132.00 53.13 1.36
N THR EB 132 132.67 52.48 0.41
CA THR EB 132 132.98 51.07 0.57
C THR EB 132 134.13 50.87 1.55
N HIS EB 133 135.10 51.78 1.56
CA HIS EB 133 136.40 51.53 2.18
C HIS EB 133 136.86 52.70 3.03
N PHE EB 134 136.00 53.18 3.93
CA PHE EB 134 136.48 54.01 5.05
C PHE EB 134 136.46 53.27 6.37
N ALA EB 135 135.30 52.70 6.73
CA ALA EB 135 135.13 52.10 8.04
C ALA EB 135 135.93 50.81 8.16
N SER EB 136 136.23 50.44 9.41
CA SER EB 136 136.88 49.18 9.71
C SER EB 136 135.89 48.03 9.86
N GLU EB 137 134.64 48.22 9.42
CA GLU EB 137 133.62 47.18 9.41
C GLU EB 137 133.05 47.14 7.99
N LYS EB 138 133.60 46.29 7.13
CA LYS EB 138 133.00 46.09 5.83
C LYS EB 138 131.71 45.28 5.98
N GLY EB 139 130.70 45.65 5.20
CA GLY EB 139 129.36 45.18 5.42
C GLY EB 139 128.52 46.10 6.28
N ALA EB 140 129.15 46.98 7.06
CA ALA EB 140 128.44 48.03 7.76
C ALA EB 140 128.43 49.28 6.90
N PRO EB 141 127.26 49.82 6.53
CA PRO EB 141 127.22 50.99 5.66
C PRO EB 141 127.78 52.24 6.32
N PHE EB 142 128.40 53.08 5.49
CA PHE EB 142 128.92 54.36 5.93
C PHE EB 142 129.09 55.26 4.70
N PHE EB 143 129.11 56.56 4.95
CA PHE EB 143 129.36 57.58 3.95
C PHE EB 143 130.50 58.46 4.44
N PRO EB 144 131.26 59.09 3.53
CA PRO EB 144 132.29 60.03 3.97
C PRO EB 144 131.71 61.35 4.43
N ASN EB 145 131.93 61.70 5.70
CA ASN EB 145 131.34 62.92 6.24
C ASN EB 145 132.31 64.10 6.21
N LYS EB 146 133.60 63.83 6.42
CA LYS EB 146 134.58 64.91 6.42
C LYS EB 146 134.77 65.48 5.02
N THR EB 147 134.77 64.61 4.00
CA THR EB 147 134.85 65.09 2.63
C THR EB 147 133.55 65.74 2.19
N PHE EB 148 132.42 65.30 2.74
CA PHE EB 148 131.14 65.92 2.42
C PHE EB 148 131.03 67.32 3.03
N ARG EB 149 131.59 67.50 4.23
CA ARG EB 149 131.59 68.81 4.87
C ARG EB 149 132.46 69.79 4.11
N LYS EB 150 133.62 69.33 3.61
CA LYS EB 150 134.45 70.18 2.76
C LYS EB 150 133.77 70.46 1.43
N LEU EB 151 132.98 69.50 0.93
CA LEU EB 151 132.20 69.72 -0.28
C LEU EB 151 131.18 70.84 -0.08
N ILE EB 152 130.57 70.88 1.11
CA ILE EB 152 129.64 71.96 1.45
C ILE EB 152 130.37 73.30 1.47
N ILE EB 153 131.59 73.32 2.01
CA ILE EB 153 132.37 74.55 2.05
C ILE EB 153 132.83 74.94 0.65
N ALA EB 154 133.29 73.97 -0.15
CA ALA EB 154 133.85 74.28 -1.45
C ALA EB 154 132.77 74.73 -2.43
N LEU EB 155 131.57 74.13 -2.34
CA LEU EB 155 130.50 74.55 -3.23
C LEU EB 155 129.89 75.88 -2.81
N TRP EB 156 129.91 76.20 -1.52
CA TRP EB 156 129.31 77.43 -1.03
C TRP EB 156 130.34 78.52 -0.76
N SER EB 157 131.57 78.35 -1.21
CA SER EB 157 132.54 79.45 -1.26
C SER EB 157 132.83 79.92 -2.67
N SER EB 158 132.70 79.05 -3.66
CA SER EB 158 132.88 79.43 -5.05
C SER EB 158 131.74 80.33 -5.49
N ASN EB 159 132.04 81.60 -5.77
CA ASN EB 159 131.03 82.58 -6.11
C ASN EB 159 131.37 83.25 -7.43
N MET EB 160 130.32 83.58 -8.19
CA MET EB 160 130.43 84.35 -9.41
C MET EB 160 129.32 85.40 -9.34
N GLY EB 161 129.54 86.52 -10.03
CA GLY EB 161 128.74 87.72 -9.78
C GLY EB 161 127.28 87.60 -10.15
N GLU EB 162 126.98 86.96 -11.28
CA GLU EB 162 125.58 86.89 -11.72
C GLU EB 162 124.79 85.81 -10.98
N ILE EB 163 125.45 84.95 -10.22
CA ILE EB 163 124.76 83.93 -9.44
C ILE EB 163 124.43 84.47 -8.05
N GLU EB 164 125.47 84.80 -7.28
CA GLU EB 164 125.32 85.36 -5.96
C GLU EB 164 124.64 86.71 -6.03
N ASP EB 165 123.43 86.81 -5.48
CA ASP EB 165 122.50 87.93 -5.64
C ASP EB 165 122.26 88.22 -7.12
N VAL EB 166 121.55 87.26 -7.74
CA VAL EB 166 121.26 87.29 -9.17
C VAL EB 166 120.46 88.53 -9.53
N LYS EB 167 120.89 89.22 -10.58
CA LYS EB 167 120.39 90.56 -10.86
C LYS EB 167 118.99 90.57 -11.45
N SER EB 168 118.74 89.70 -12.44
CA SER EB 168 117.48 89.76 -13.17
C SER EB 168 116.35 89.10 -12.38
N SER EB 169 116.47 87.80 -12.14
CA SER EB 169 115.45 87.04 -11.43
C SER EB 169 116.11 85.79 -10.86
N GLY EB 170 115.29 84.88 -10.34
CA GLY EB 170 115.80 83.63 -9.80
C GLY EB 170 116.58 83.84 -8.51
N ALA EB 171 117.40 82.83 -8.20
CA ALA EB 171 118.21 82.87 -6.98
C ALA EB 171 119.71 82.89 -7.27
N SER EB 172 120.24 81.88 -7.98
CA SER EB 172 121.67 81.80 -8.24
C SER EB 172 121.92 80.89 -9.43
N GLU EB 173 122.46 81.44 -10.51
CA GLU EB 173 122.77 80.67 -11.70
C GLU EB 173 124.26 80.35 -11.78
N ASN EB 174 124.67 79.41 -10.93
CA ASN EB 174 125.97 78.77 -11.05
C ASN EB 174 125.79 77.41 -11.70
N LEU EB 175 126.47 77.22 -12.84
CA LEU EB 175 126.22 76.03 -13.67
C LEU EB 175 126.66 74.75 -12.98
N ILE EB 176 127.69 74.83 -12.14
CA ILE EB 176 128.11 73.67 -11.35
C ILE EB 176 127.06 73.35 -10.28
N ILE EB 177 126.57 74.37 -9.59
CA ILE EB 177 125.66 74.18 -8.47
C ILE EB 177 124.29 73.71 -8.96
N VAL EB 178 123.79 74.29 -10.05
CA VAL EB 178 122.47 73.90 -10.54
C VAL EB 178 122.51 72.53 -11.20
N GLU EB 179 123.67 72.07 -11.66
CA GLU EB 179 123.76 70.71 -12.17
C GLU EB 179 124.09 69.72 -11.05
N PHE EB 180 124.59 70.21 -9.92
CA PHE EB 180 124.77 69.35 -8.76
C PHE EB 180 123.42 69.10 -8.09
N THR EB 181 122.57 70.11 -8.07
CA THR EB 181 121.28 69.98 -7.39
C THR EB 181 120.27 69.19 -8.21
N GLU EB 182 120.30 69.33 -9.53
CA GLU EB 182 119.24 68.77 -10.36
C GLU EB 182 119.47 67.33 -10.79
N LYS EB 183 120.65 66.77 -10.57
CA LYS EB 183 120.87 65.37 -10.92
C LYS EB 183 121.65 64.58 -9.88
N TYR EB 184 122.15 65.21 -8.82
CA TYR EB 184 122.83 64.48 -7.74
C TYR EB 184 122.14 64.66 -6.40
N TYR EB 185 121.80 65.89 -6.02
CA TYR EB 185 121.14 66.11 -4.74
C TYR EB 185 119.69 65.61 -4.78
N THR EB 186 118.98 65.90 -5.86
CA THR EB 186 117.55 65.60 -5.91
C THR EB 186 117.26 64.14 -6.27
N LYS EB 187 118.28 63.33 -6.51
CA LYS EB 187 118.06 61.95 -6.92
C LYS EB 187 118.40 60.91 -5.87
N PHE EB 188 119.18 61.25 -4.84
CA PHE EB 188 119.71 60.26 -3.92
C PHE EB 188 119.30 60.58 -2.49
N ALA EB 189 118.64 59.62 -1.84
CA ALA EB 189 118.08 59.85 -0.52
C ALA EB 189 119.14 59.84 0.57
N ASP EB 190 120.19 59.01 0.43
CA ASP EB 190 121.25 59.00 1.43
C ASP EB 190 122.11 60.25 1.34
N ILE EB 191 122.11 60.89 0.16
CA ILE EB 191 122.74 62.20 0.04
C ILE EB 191 121.99 63.23 0.86
N GLN EB 192 120.64 63.24 0.74
CA GLN EB 192 119.83 64.36 1.20
C GLN EB 192 119.81 64.49 2.72
N TYR EB 193 119.71 63.37 3.43
CA TYR EB 193 119.72 63.43 4.89
C TYR EB 193 121.08 63.85 5.41
N TYR EB 194 122.15 63.33 4.82
CA TYR EB 194 123.49 63.73 5.21
C TYR EB 194 123.91 65.05 4.59
N PHE EB 195 123.18 65.52 3.58
CA PHE EB 195 123.35 66.90 3.14
C PHE EB 195 122.92 67.86 4.24
N GLN EB 196 121.77 67.59 4.85
CA GLN EB 196 121.23 68.48 5.87
C GLN EB 196 121.95 68.31 7.20
N SER EB 197 122.36 67.07 7.52
CA SER EB 197 123.00 66.79 8.80
C SER EB 197 124.37 67.45 8.88
N GLU EB 198 125.11 67.46 7.77
CA GLU EB 198 126.34 68.25 7.74
C GLU EB 198 126.05 69.74 7.75
N PHE EB 199 124.93 70.16 7.16
CA PHE EB 199 124.66 71.58 6.99
C PHE EB 199 124.28 72.24 8.31
N ASN EB 200 123.58 71.50 9.18
CA ASN EB 200 123.35 72.00 10.53
C ASN EB 200 124.66 72.09 11.32
N GLN EB 201 125.61 71.21 11.01
CA GLN EB 201 126.91 71.26 11.67
C GLN EB 201 127.74 72.44 11.17
N LEU EB 202 127.54 72.85 9.91
CA LEU EB 202 128.24 74.03 9.41
C LEU EB 202 127.74 75.31 10.06
N LEU EB 203 126.43 75.48 10.16
CA LEU EB 203 125.90 76.74 10.69
C LEU EB 203 125.97 76.81 12.21
N GLU EB 204 126.34 75.74 12.89
CA GLU EB 204 126.74 75.83 14.28
C GLU EB 204 128.25 75.94 14.45
N ASP EB 205 129.01 75.79 13.36
CA ASP EB 205 130.46 75.98 13.41
C ASP EB 205 130.78 77.46 13.20
N PRO EB 206 131.52 78.09 14.11
CA PRO EB 206 131.73 79.54 14.05
C PRO EB 206 132.70 80.00 12.98
N ALA EB 207 133.36 79.09 12.28
CA ALA EB 207 134.38 79.47 11.31
C ALA EB 207 133.79 79.85 9.94
N TYR EB 208 132.49 79.65 9.73
CA TYR EB 208 131.92 79.89 8.41
C TYR EB 208 130.57 80.60 8.47
N GLN EB 209 130.33 81.40 9.52
CA GLN EB 209 128.99 81.94 9.76
C GLN EB 209 128.60 83.00 8.74
N ASP EB 210 129.55 83.88 8.38
CA ASP EB 210 129.24 84.90 7.38
C ASP EB 210 129.11 84.30 5.98
N LEU EB 211 129.88 83.25 5.71
CA LEU EB 211 129.87 82.62 4.38
C LEU EB 211 128.53 81.94 4.11
N LEU EB 212 127.99 81.24 5.10
CA LEU EB 212 126.74 80.51 4.88
C LEU EB 212 125.55 81.45 4.87
N LEU EB 213 125.60 82.53 5.66
CA LEU EB 213 124.50 83.47 5.73
C LEU EB 213 124.47 84.45 4.56
N LYS EB 214 125.52 84.51 3.75
CA LYS EB 214 125.50 85.36 2.57
C LYS EB 214 125.14 84.60 1.30
N ASN EB 215 125.42 83.30 1.23
CA ASN EB 215 125.05 82.50 0.08
C ASN EB 215 123.59 82.07 0.24
N VAL EB 216 122.68 83.00 0.00
CA VAL EB 216 121.26 82.80 0.21
C VAL EB 216 120.59 82.26 -1.04
N GLY EB 217 120.95 82.80 -2.21
CA GLY EB 217 120.44 82.28 -3.47
C GLY EB 217 120.95 80.89 -3.79
N LYS EB 218 122.08 80.50 -3.20
CA LYS EB 218 122.55 79.12 -3.35
C LYS EB 218 121.60 78.15 -2.67
N TRP EB 219 121.00 78.56 -1.55
CA TRP EB 219 120.03 77.70 -0.87
C TRP EB 219 118.69 77.66 -1.60
N LEU EB 220 118.26 78.78 -2.16
CA LEU EB 220 116.95 78.81 -2.83
C LEU EB 220 117.00 78.08 -4.15
N ALA EB 221 118.18 77.99 -4.77
CA ALA EB 221 118.37 77.12 -5.92
C ALA EB 221 118.55 75.67 -5.52
N LEU EB 222 118.70 75.40 -4.22
CA LEU EB 222 118.93 74.05 -3.73
C LEU EB 222 117.67 73.39 -3.19
N VAL EB 223 116.58 74.13 -3.02
CA VAL EB 223 115.37 73.62 -2.37
C VAL EB 223 114.15 73.66 -3.27
N ASN EB 224 114.26 74.15 -4.50
CA ASN EB 224 113.10 74.33 -5.35
C ASN EB 224 112.77 73.12 -6.20
N HIS EB 225 113.24 71.93 -5.84
CA HIS EB 225 112.95 70.75 -6.63
C HIS EB 225 111.52 70.27 -6.42
N ASP EB 226 111.00 70.45 -5.19
CA ASP EB 226 109.82 69.74 -4.67
C ASP EB 226 109.97 68.24 -4.84
N LYS EB 227 111.19 67.75 -4.59
CA LYS EB 227 111.54 66.34 -4.77
C LYS EB 227 112.44 65.89 -3.62
N HIS EB 228 112.06 66.27 -2.40
CA HIS EB 228 112.84 65.89 -1.23
C HIS EB 228 112.50 64.46 -0.80
N CYS EB 229 113.15 64.01 0.27
CA CYS EB 229 112.86 62.69 0.82
C CYS EB 229 111.48 62.65 1.46
N SER EB 230 111.10 63.72 2.15
CA SER EB 230 109.79 63.81 2.79
C SER EB 230 108.73 64.38 1.86
N SER EB 231 109.06 64.62 0.60
CA SER EB 231 108.06 65.05 -0.36
C SER EB 231 107.06 63.93 -0.62
N VAL EB 232 105.79 64.31 -0.73
CA VAL EB 232 104.69 63.36 -0.86
C VAL EB 232 104.69 62.69 -2.23
N ASP EB 233 105.32 63.31 -3.23
CA ASP EB 233 105.30 62.88 -4.63
C ASP EB 233 105.88 61.48 -4.85
N ALA EB 234 107.17 61.28 -4.57
CA ALA EB 234 107.80 60.00 -4.83
C ALA EB 234 109.01 59.86 -3.90
N ASP EB 235 109.87 58.88 -4.18
CA ASP EB 235 111.08 58.62 -3.43
C ASP EB 235 112.30 58.87 -4.31
N LEU EB 236 113.48 58.65 -3.74
CA LEU EB 236 114.75 58.89 -4.42
C LEU EB 236 115.51 57.57 -4.53
N GLU EB 237 116.74 57.66 -5.03
CA GLU EB 237 117.65 56.53 -5.14
C GLU EB 237 118.66 56.58 -4.00
N ILE EB 238 119.69 55.74 -4.08
CA ILE EB 238 120.77 55.73 -3.10
C ILE EB 238 122.10 55.89 -3.83
N PHE EB 239 122.87 56.90 -3.42
CA PHE EB 239 124.20 57.13 -3.97
C PHE EB 239 125.23 56.23 -3.30
N VAL EB 240 125.32 56.30 -1.98
CA VAL EB 240 126.02 55.28 -1.21
C VAL EB 240 125.29 53.95 -1.37
N PRO EB 241 126.00 52.83 -1.59
CA PRO EB 241 125.30 51.54 -1.88
C PRO EB 241 124.38 51.03 -0.78
N ASN EB 242 124.59 51.44 0.48
CA ASN EB 242 123.66 51.11 1.54
C ASN EB 242 123.53 52.29 2.48
N PRO EB 243 122.31 52.64 2.88
CA PRO EB 243 122.14 53.74 3.83
C PRO EB 243 122.26 53.26 5.27
N PRO EB 244 123.16 53.85 6.05
CA PRO EB 244 123.28 53.44 7.47
C PRO EB 244 122.21 54.07 8.36
N GLN EB 245 120.96 53.69 8.08
CA GLN EB 245 119.74 54.26 8.68
C GLN EB 245 119.72 55.78 8.59
N ALA EB 246 119.81 56.27 7.35
CA ALA EB 246 119.62 57.69 7.12
C ALA EB 246 118.16 58.08 7.15
N ILE EB 247 117.26 57.10 6.98
CA ILE EB 247 115.83 57.34 6.82
C ILE EB 247 115.04 56.91 8.04
N GLU EB 248 115.72 56.41 9.08
CA GLU EB 248 115.04 55.89 10.28
C GLU EB 248 114.35 57.00 11.07
N ASN EB 249 114.79 58.24 10.93
CA ASN EB 249 114.20 59.39 11.62
C ASN EB 249 114.01 60.50 10.59
N GLU EB 250 112.84 60.50 9.95
CA GLU EB 250 112.48 61.61 9.08
C GLU EB 250 112.22 62.88 9.89
N SER EB 251 111.88 62.73 11.17
CA SER EB 251 111.79 63.88 12.07
C SER EB 251 113.15 64.55 12.21
N LYS EB 252 114.22 63.77 12.34
CA LYS EB 252 115.56 64.32 12.42
C LYS EB 252 115.96 64.96 11.09
N PHE EB 253 115.48 64.40 9.98
CA PHE EB 253 115.67 65.03 8.68
C PHE EB 253 114.95 66.38 8.61
N LYS EB 254 113.73 66.45 9.17
CA LYS EB 254 112.98 67.69 9.11
C LYS EB 254 113.39 68.66 10.21
N SER EB 255 113.88 68.16 11.34
CA SER EB 255 114.41 69.06 12.36
C SER EB 255 115.70 69.72 11.91
N ASN EB 256 116.53 68.98 11.16
CA ASN EB 256 117.70 69.60 10.52
C ASN EB 256 117.25 70.52 9.39
N PHE EB 257 116.14 70.19 8.74
CA PHE EB 257 115.63 71.00 7.65
C PHE EB 257 115.13 72.35 8.16
N GLU EB 258 114.41 72.35 9.28
CA GLU EB 258 113.91 73.60 9.82
C GLU EB 258 115.00 74.41 10.52
N LYS EB 259 116.03 73.74 11.05
CA LYS EB 259 117.11 74.49 11.68
C LYS EB 259 118.00 75.16 10.65
N ASN EB 260 118.14 74.55 9.47
CA ASN EB 260 118.84 75.22 8.37
C ASN EB 260 118.02 76.38 7.84
N TRP EB 261 116.69 76.24 7.83
CA TRP EB 261 115.83 77.24 7.24
C TRP EB 261 115.75 78.51 8.09
N LEU EB 262 115.63 78.34 9.41
CA LEU EB 262 115.47 79.50 10.29
C LEU EB 262 116.75 80.30 10.37
N SER EB 263 117.90 79.64 10.22
CA SER EB 263 119.17 80.34 10.21
C SER EB 263 119.35 81.15 8.93
N LEU EB 264 119.07 80.53 7.78
CA LEU EB 264 119.35 81.17 6.50
C LEU EB 264 118.33 82.25 6.16
N LEU EB 265 117.08 82.12 6.63
CA LEU EB 265 116.11 83.19 6.46
C LEU EB 265 116.43 84.40 7.32
N ASN EB 266 117.24 84.22 8.37
CA ASN EB 266 117.67 85.35 9.17
C ASN EB 266 118.75 86.16 8.45
N GLY EB 267 119.60 85.50 7.67
CA GLY EB 267 120.78 86.15 7.15
C GLY EB 267 120.73 86.66 5.73
N GLN EB 268 120.69 87.99 5.58
CA GLN EB 268 120.98 88.73 4.36
C GLN EB 268 120.03 88.36 3.21
N LEU EB 269 118.76 88.63 3.46
CA LEU EB 269 117.78 88.55 2.38
C LEU EB 269 117.89 89.81 1.53
N SER EB 270 117.33 89.75 0.32
CA SER EB 270 117.46 90.87 -0.61
C SER EB 270 116.12 91.09 -1.28
N LEU EB 271 116.13 91.84 -2.37
CA LEU EB 271 114.88 92.20 -3.05
C LEU EB 271 114.27 91.01 -3.77
N GLN EB 272 115.00 90.43 -4.73
CA GLN EB 272 114.43 89.34 -5.51
C GLN EB 272 114.43 88.03 -4.73
N GLN EB 273 115.24 87.92 -3.68
CA GLN EB 273 115.19 86.73 -2.84
C GLN EB 273 113.93 86.71 -1.98
N TYR EB 274 113.45 87.88 -1.57
CA TYR EB 274 112.27 87.96 -0.74
C TYR EB 274 111.00 87.58 -1.50
N LYS EB 275 110.90 88.03 -2.76
CA LYS EB 275 109.73 87.72 -3.57
C LYS EB 275 109.69 86.24 -3.92
N SER EB 276 110.86 85.65 -4.19
CA SER EB 276 110.91 84.23 -4.55
C SER EB 276 110.59 83.35 -3.35
N ILE EB 277 111.12 83.69 -2.17
CA ILE EB 277 110.93 82.86 -0.98
C ILE EB 277 109.50 82.88 -0.49
N LEU EB 278 108.71 83.89 -0.87
CA LEU EB 278 107.31 83.91 -0.44
C LEU EB 278 106.48 82.94 -1.27
N LEU EB 279 106.92 82.63 -2.49
CA LEU EB 279 106.29 81.56 -3.27
C LEU EB 279 106.59 80.20 -2.66
N ILE EB 280 107.84 79.97 -2.28
CA ILE EB 280 108.27 78.67 -1.79
C ILE EB 280 107.70 78.41 -0.39
N LEU EB 281 107.52 79.46 0.41
CA LEU EB 281 107.02 79.31 1.77
C LEU EB 281 105.57 78.84 1.79
N HIS EB 282 104.75 79.36 0.87
CA HIS EB 282 103.39 78.89 0.76
C HIS EB 282 103.32 77.48 0.18
N LYS EB 283 104.17 77.18 -0.79
CA LYS EB 283 104.01 75.96 -1.58
C LYS EB 283 104.65 74.75 -0.91
N ARG EB 284 105.97 74.78 -0.72
CA ARG EB 284 106.71 73.56 -0.42
C ARG EB 284 107.69 73.75 0.74
N ILE EB 285 107.33 74.57 1.73
CA ILE EB 285 108.14 74.78 2.92
C ILE EB 285 107.36 74.44 4.18
N ILE EB 286 106.13 74.96 4.30
CA ILE EB 286 105.19 74.69 5.39
C ILE EB 286 104.92 73.20 5.59
N PRO EB 287 104.69 72.33 4.55
CA PRO EB 287 104.48 70.90 4.86
C PRO EB 287 105.75 70.13 5.18
N HIS EB 288 106.88 70.81 5.39
CA HIS EB 288 108.14 70.17 5.72
C HIS EB 288 108.75 70.69 7.01
N PHE EB 289 107.94 71.22 7.92
CA PHE EB 289 108.41 71.78 9.18
C PHE EB 289 107.79 71.05 10.36
N HIS EB 290 108.25 71.44 11.55
CA HIS EB 290 107.62 71.03 12.80
C HIS EB 290 107.23 72.20 13.69
N THR EB 291 107.77 73.39 13.46
CA THR EB 291 107.35 74.60 14.17
C THR EB 291 107.00 75.67 13.13
N PRO EB 292 105.84 75.56 12.48
CA PRO EB 292 105.44 76.60 11.53
C PRO EB 292 104.96 77.87 12.21
N THR EB 293 104.71 77.83 13.52
CA THR EB 293 104.32 79.02 14.26
C THR EB 293 105.43 80.07 14.27
N LYS EB 294 106.68 79.64 14.14
CA LYS EB 294 107.79 80.56 13.96
C LYS EB 294 107.66 81.30 12.63
N LEU EB 295 107.31 80.58 11.56
CA LEU EB 295 107.27 81.17 10.23
C LEU EB 295 106.06 82.07 10.02
N MET EB 296 104.99 81.87 10.79
CA MET EB 296 103.84 82.76 10.69
C MET EB 296 104.16 84.14 11.22
N ASP EB 297 105.05 84.23 12.21
CA ASP EB 297 105.52 85.53 12.67
C ASP EB 297 106.39 86.20 11.61
N PHE EB 298 107.11 85.38 10.82
CA PHE EB 298 107.81 85.92 9.65
C PHE EB 298 106.81 86.31 8.56
N LEU EB 299 105.68 85.62 8.50
CA LEU EB 299 104.68 85.95 7.48
C LEU EB 299 103.92 87.21 7.85
N THR EB 300 103.57 87.37 9.14
CA THR EB 300 102.62 88.43 9.50
C THR EB 300 103.29 89.78 9.69
N ASP EB 301 104.62 89.83 9.80
CA ASP EB 301 105.27 91.13 9.74
C ASP EB 301 105.72 91.47 8.32
N SER EB 302 105.85 90.46 7.46
CA SER EB 302 106.04 90.72 6.03
C SER EB 302 104.73 91.14 5.38
N TYR EB 303 103.60 90.59 5.85
CA TYR EB 303 102.30 91.04 5.38
C TYR EB 303 102.01 92.46 5.86
N ASN EB 304 102.50 92.81 7.05
CA ASN EB 304 102.38 94.16 7.56
C ASN EB 304 103.52 95.07 7.10
N LEU EB 305 104.48 94.55 6.34
CA LEU EB 305 105.66 95.31 5.97
C LEU EB 305 105.30 96.39 4.96
N GLN EB 306 105.74 97.62 5.23
CA GLN EB 306 105.46 98.74 4.34
C GLN EB 306 106.65 99.69 4.41
N SER EB 307 107.57 99.56 3.47
CA SER EB 307 108.69 100.47 3.33
C SER EB 307 108.39 101.45 2.20
N SER EB 308 109.39 102.28 1.87
CA SER EB 308 109.26 103.24 0.78
C SER EB 308 109.67 102.67 -0.58
N ASN EB 309 109.99 101.37 -0.63
CA ASN EB 309 110.39 100.71 -1.87
C ASN EB 309 109.17 100.04 -2.48
N LYS EB 310 108.93 100.33 -3.77
CA LYS EB 310 107.73 99.81 -4.43
C LYS EB 310 107.85 98.32 -4.73
N ASN EB 311 109.03 97.87 -5.13
CA ASN EB 311 109.23 96.44 -5.38
C ASN EB 311 109.18 95.65 -4.08
N ALA EB 312 109.64 96.24 -2.98
CA ALA EB 312 109.52 95.62 -1.67
C ALA EB 312 108.16 95.86 -1.01
N GLY EB 313 107.27 96.59 -1.66
CA GLY EB 313 105.92 96.79 -1.18
C GLY EB 313 104.85 95.98 -1.89
N VAL EB 314 105.24 95.14 -2.84
CA VAL EB 314 104.30 94.35 -3.65
C VAL EB 314 104.25 92.97 -2.99
N VAL EB 315 105.15 92.74 -2.04
CA VAL EB 315 105.28 91.49 -1.29
C VAL EB 315 104.04 90.97 -0.54
N PRO EB 316 103.15 91.75 0.09
CA PRO EB 316 102.11 91.10 0.90
C PRO EB 316 100.98 90.47 0.10
N ILE EB 317 101.03 90.50 -1.23
CA ILE EB 317 100.18 89.61 -2.02
C ILE EB 317 100.55 88.16 -1.75
N LEU EB 318 101.85 87.86 -1.83
CA LEU EB 318 102.33 86.49 -1.63
C LEU EB 318 102.35 86.12 -0.15
N ALA EB 319 102.61 87.10 0.72
CA ALA EB 319 102.73 86.83 2.14
C ALA EB 319 101.37 86.49 2.75
N LEU EB 320 100.30 87.04 2.17
CA LEU EB 320 98.96 86.67 2.63
C LEU EB 320 98.59 85.26 2.23
N ASN EB 321 99.14 84.77 1.11
CA ASN EB 321 98.88 83.40 0.69
C ASN EB 321 99.53 82.40 1.63
N GLY EB 322 100.74 82.72 2.11
CA GLY EB 322 101.35 81.88 3.12
C GLY EB 322 100.66 81.97 4.46
N LEU EB 323 100.17 83.17 4.82
CA LEU EB 323 99.56 83.37 6.13
C LEU EB 323 98.21 82.68 6.22
N PHE EB 324 97.41 82.76 5.16
CA PHE EB 324 96.10 82.11 5.19
C PHE EB 324 96.22 80.60 5.04
N GLU EB 325 97.33 80.13 4.46
CA GLU EB 325 97.56 78.69 4.37
C GLU EB 325 97.76 78.08 5.75
N LEU EB 326 98.54 78.75 6.60
CA LEU EB 326 98.71 78.29 7.97
C LEU EB 326 97.50 78.60 8.83
N MET EB 327 96.75 79.64 8.47
CA MET EB 327 95.55 80.02 9.22
C MET EB 327 94.49 78.92 9.13
N LYS EB 328 94.44 78.23 8.00
CA LYS EB 328 93.52 77.11 7.83
C LYS EB 328 93.95 75.93 8.68
N ARG EB 329 95.26 75.75 8.85
CA ARG EB 329 95.76 74.66 9.69
C ARG EB 329 95.57 74.98 11.17
N PHE EB 330 96.18 76.06 11.64
CA PHE EB 330 96.04 76.52 13.01
C PHE EB 330 95.21 77.79 12.99
N ASN EB 331 94.07 77.77 13.67
CA ASN EB 331 93.13 78.88 13.59
C ASN EB 331 93.58 80.04 14.48
N LEU EB 332 94.42 80.90 13.94
CA LEU EB 332 94.83 82.12 14.61
C LEU EB 332 94.03 83.28 14.02
N GLU EB 333 94.40 84.51 14.41
CA GLU EB 333 93.72 85.68 13.85
C GLU EB 333 94.71 86.82 13.74
N TYR EB 334 95.05 87.19 12.52
CA TYR EB 334 95.72 88.46 12.29
C TYR EB 334 94.71 89.55 12.59
N PRO EB 335 95.00 90.48 13.50
CA PRO EB 335 93.97 91.40 13.98
C PRO EB 335 93.56 92.42 12.93
N ASN EB 336 92.25 92.67 12.86
CA ASN EB 336 91.61 93.63 11.95
C ASN EB 336 91.92 93.28 10.49
N PHE EB 337 91.39 92.13 10.08
CA PHE EB 337 91.78 91.53 8.80
C PHE EB 337 91.23 92.30 7.61
N TYR EB 338 89.96 92.70 7.66
CA TYR EB 338 89.30 93.18 6.46
C TYR EB 338 89.49 94.66 6.19
N MET EB 339 89.98 95.45 7.14
CA MET EB 339 90.44 96.78 6.75
C MET EB 339 91.87 96.73 6.21
N LYS EB 340 92.60 95.66 6.53
CA LYS EB 340 93.87 95.42 5.84
C LYS EB 340 93.65 94.90 4.43
N LEU EB 341 92.56 94.17 4.21
CA LEU EB 341 92.24 93.70 2.87
C LEU EB 341 91.78 94.85 1.98
N TYR EB 342 90.99 95.76 2.53
CA TYR EB 342 90.59 96.95 1.79
C TYR EB 342 91.75 97.93 1.60
N GLN EB 343 92.75 97.88 2.49
CA GLN EB 343 93.93 98.69 2.28
C GLN EB 343 94.83 98.11 1.20
N ILE EB 344 94.95 96.78 1.16
CA ILE EB 344 95.90 96.15 0.25
C ILE EB 344 95.40 96.14 -1.19
N ILE EB 345 94.09 96.26 -1.42
CA ILE EB 345 93.60 96.30 -2.78
C ILE EB 345 93.91 97.67 -3.38
N ASN EB 346 94.59 97.67 -4.52
CA ASN EB 346 95.33 98.83 -4.96
C ASN EB 346 95.52 98.71 -6.46
N PRO EB 347 95.77 99.82 -7.17
CA PRO EB 347 96.03 99.72 -8.62
C PRO EB 347 97.35 99.06 -8.97
N ASP EB 348 98.21 98.79 -7.99
CA ASP EB 348 99.43 98.05 -8.28
C ASP EB 348 99.23 96.54 -8.21
N LEU EB 349 98.05 96.07 -7.77
CA LEU EB 349 97.86 94.64 -7.59
C LEU EB 349 97.71 93.91 -8.91
N MET EB 350 96.90 94.45 -9.82
CA MET EB 350 96.67 93.81 -11.11
C MET EB 350 97.64 94.27 -12.18
N HIS EB 351 98.56 95.18 -11.85
CA HIS EB 351 99.60 95.56 -12.79
C HIS EB 351 100.86 94.74 -12.62
N VAL EB 352 101.11 94.21 -11.43
CA VAL EB 352 102.20 93.26 -11.22
C VAL EB 352 101.71 91.88 -11.61
N LYS EB 353 102.62 90.93 -11.70
CA LYS EB 353 102.31 89.60 -12.22
C LYS EB 353 101.77 88.65 -11.16
N TYR EB 354 101.22 89.17 -10.07
CA TYR EB 354 100.69 88.34 -8.99
C TYR EB 354 99.21 88.55 -8.74
N ARG EB 355 98.47 89.05 -9.74
CA ARG EB 355 97.02 89.15 -9.59
C ARG EB 355 96.36 87.78 -9.65
N ALA EB 356 97.00 86.83 -10.33
CA ALA EB 356 96.42 85.50 -10.52
C ALA EB 356 96.40 84.72 -9.22
N ARG EB 357 97.46 84.83 -8.42
CA ARG EB 357 97.52 84.11 -7.16
C ARG EB 357 96.59 84.73 -6.13
N PHE EB 358 96.53 86.06 -6.10
CA PHE EB 358 95.72 86.75 -5.10
C PHE EB 358 94.23 86.59 -5.34
N PHE EB 359 93.80 86.56 -6.59
CA PHE EB 359 92.37 86.47 -6.86
C PHE EB 359 91.82 85.06 -6.61
N ARG EB 360 92.69 84.06 -6.57
CA ARG EB 360 92.29 82.77 -6.01
C ARG EB 360 92.15 82.87 -4.50
N LEU EB 361 93.06 83.59 -3.84
CA LEU EB 361 93.02 83.73 -2.39
C LEU EB 361 91.92 84.69 -1.95
N MET EB 362 91.64 85.73 -2.76
CA MET EB 362 90.56 86.66 -2.44
C MET EB 362 89.20 86.01 -2.60
N ASP EB 363 89.09 85.01 -3.49
CA ASP EB 363 87.81 84.34 -3.73
C ASP EB 363 87.37 83.52 -2.51
N VAL EB 364 88.32 82.81 -1.89
CA VAL EB 364 88.00 82.06 -0.67
C VAL EB 364 87.98 82.97 0.55
N PHE EB 365 88.43 84.22 0.43
CA PHE EB 365 88.26 85.18 1.51
C PHE EB 365 86.82 85.68 1.56
N LEU EB 366 86.31 86.14 0.43
CA LEU EB 366 85.00 86.78 0.38
C LEU EB 366 83.85 85.78 0.25
N SER EB 367 84.15 84.48 0.23
CA SER EB 367 83.10 83.48 0.19
C SER EB 367 82.58 83.12 1.56
N SER EB 368 83.06 83.80 2.60
CA SER EB 368 82.54 83.62 3.95
C SER EB 368 81.11 84.10 4.04
N THR EB 369 80.33 83.42 4.87
CA THR EB 369 78.95 83.83 5.12
C THR EB 369 78.84 84.93 6.17
N HIS EB 370 79.87 85.11 7.00
CA HIS EB 370 79.84 86.10 8.07
C HIS EB 370 80.35 87.46 7.60
N LEU EB 371 79.81 87.96 6.49
CA LEU EB 371 80.26 89.22 5.92
C LEU EB 371 79.08 90.16 5.74
N SER EB 372 79.28 91.42 6.10
CA SER EB 372 78.24 92.43 5.99
C SER EB 372 78.05 92.85 4.54
N ALA EB 373 76.92 93.50 4.29
CA ALA EB 373 76.64 93.98 2.94
C ALA EB 373 77.52 95.16 2.58
N HIS EB 374 77.84 96.02 3.55
CA HIS EB 374 78.73 97.14 3.30
C HIS EB 374 80.15 96.68 3.03
N LEU EB 375 80.55 95.54 3.62
CA LEU EB 375 81.89 95.01 3.42
C LEU EB 375 82.05 94.47 2.00
N VAL EB 376 81.01 93.83 1.47
CA VAL EB 376 81.12 93.28 0.12
C VAL EB 376 80.76 94.32 -0.93
N ALA EB 377 80.04 95.37 -0.54
CA ALA EB 377 79.81 96.47 -1.49
C ALA EB 377 81.07 97.30 -1.68
N SER EB 378 81.81 97.53 -0.61
CA SER EB 378 83.04 98.31 -0.70
C SER EB 378 84.10 97.57 -1.50
N PHE EB 379 84.14 96.24 -1.39
CA PHE EB 379 85.16 95.47 -2.09
C PHE EB 379 84.87 95.39 -3.58
N ILE EB 380 83.59 95.35 -3.96
CA ILE EB 380 83.23 95.40 -5.38
C ILE EB 380 83.53 96.77 -5.96
N LYS EB 381 83.12 97.83 -5.25
CA LYS EB 381 83.22 99.19 -5.78
C LYS EB 381 84.67 99.65 -5.87
N LYS EB 382 85.50 99.23 -4.92
CA LYS EB 382 86.95 99.47 -5.04
C LYS EB 382 87.52 98.70 -6.21
N LEU EB 383 87.08 97.45 -6.39
CA LEU EB 383 87.55 96.67 -7.54
C LEU EB 383 86.99 97.21 -8.85
N ALA EB 384 85.82 97.85 -8.80
CA ALA EB 384 85.25 98.46 -10.00
C ALA EB 384 86.08 99.64 -10.46
N ARG EB 385 86.59 100.44 -9.50
CA ARG EB 385 87.44 101.57 -9.85
C ARG EB 385 88.77 101.12 -10.43
N LEU EB 386 89.30 100.00 -9.93
CA LEU EB 386 90.53 99.46 -10.49
C LEU EB 386 90.29 98.78 -11.84
N THR EB 387 89.06 98.27 -12.06
CA THR EB 387 88.68 97.75 -13.36
C THR EB 387 88.62 98.87 -14.40
N LEU EB 388 88.38 100.11 -13.96
CA LEU EB 388 88.31 101.24 -14.87
C LEU EB 388 89.68 101.56 -15.48
N GLU EB 389 90.75 101.24 -14.76
CA GLU EB 389 92.12 101.48 -15.20
C GLU EB 389 92.92 100.19 -15.00
N SER EB 390 92.90 99.31 -15.99
CA SER EB 390 93.52 98.01 -15.88
C SER EB 390 93.78 97.46 -17.27
N PRO EB 391 94.74 96.55 -17.42
CA PRO EB 391 94.90 95.83 -18.69
C PRO EB 391 93.73 94.89 -18.94
N PRO EB 392 93.47 94.52 -20.20
CA PRO EB 392 92.36 93.59 -20.49
C PRO EB 392 92.55 92.20 -19.91
N SER EB 393 93.78 91.81 -19.55
CA SER EB 393 93.96 90.57 -18.81
C SER EB 393 93.38 90.67 -17.41
N ALA EB 394 93.37 91.88 -16.84
CA ALA EB 394 92.79 92.07 -15.51
C ALA EB 394 91.27 92.11 -15.57
N ILE EB 395 90.70 92.62 -16.66
CA ILE EB 395 89.24 92.71 -16.77
C ILE EB 395 88.65 91.32 -16.92
N VAL EB 396 89.32 90.47 -17.69
CA VAL EB 396 88.89 89.08 -17.85
C VAL EB 396 89.00 88.34 -16.52
N THR EB 397 90.00 88.69 -15.71
CA THR EB 397 90.17 88.04 -14.42
C THR EB 397 89.12 88.46 -13.40
N VAL EB 398 88.70 89.73 -13.41
CA VAL EB 398 87.94 90.28 -12.29
C VAL EB 398 86.43 90.27 -12.55
N ILE EB 399 85.99 90.15 -13.81
CA ILE EB 399 84.55 90.07 -14.10
C ILE EB 399 83.86 88.85 -13.49
N PRO EB 400 84.42 87.62 -13.54
CA PRO EB 400 83.78 86.53 -12.78
C PRO EB 400 83.85 86.70 -11.27
N PHE EB 401 84.77 87.51 -10.76
CA PHE EB 401 84.82 87.75 -9.32
C PHE EB 401 83.67 88.65 -8.88
N ILE EB 402 83.36 89.68 -9.66
CA ILE EB 402 82.21 90.54 -9.36
C ILE EB 402 80.91 89.77 -9.60
N TYR EB 403 80.91 88.86 -10.57
CA TYR EB 403 79.75 88.03 -10.84
C TYR EB 403 79.43 87.11 -9.67
N ASN EB 404 80.46 86.52 -9.06
CA ASN EB 404 80.25 85.64 -7.93
C ASN EB 404 79.83 86.40 -6.69
N LEU EB 405 80.40 87.60 -6.50
CA LEU EB 405 80.09 88.39 -5.30
C LEU EB 405 78.68 88.97 -5.37
N ILE EB 406 78.21 89.31 -6.57
CA ILE EB 406 76.90 89.95 -6.69
C ILE EB 406 75.77 88.94 -6.56
N ARG EB 407 76.07 87.65 -6.65
CA ARG EB 407 75.04 86.63 -6.48
C ARG EB 407 75.21 85.81 -5.20
N LYS EB 408 76.40 85.80 -4.61
CA LYS EB 408 76.55 85.26 -3.26
C LYS EB 408 75.78 86.10 -2.26
N HIS EB 409 75.77 87.41 -2.46
CA HIS EB 409 74.89 88.32 -1.71
C HIS EB 409 73.90 88.92 -2.70
N PRO EB 410 72.65 88.46 -2.74
CA PRO EB 410 71.68 89.09 -3.63
C PRO EB 410 71.21 90.45 -3.16
N ASN EB 411 71.49 90.81 -1.92
CA ASN EB 411 71.04 92.10 -1.39
C ASN EB 411 71.82 93.26 -1.98
N CYS EB 412 73.03 93.03 -2.45
CA CYS EB 412 73.82 94.09 -3.08
C CYS EB 412 73.55 94.22 -4.57
N MET EB 413 72.37 93.79 -5.02
CA MET EB 413 71.92 94.07 -6.38
C MET EB 413 71.60 95.54 -6.57
N ILE EB 414 71.35 96.27 -5.49
CA ILE EB 414 71.06 97.71 -5.54
C ILE EB 414 72.27 98.49 -6.02
N MET EB 415 73.48 98.03 -5.73
CA MET EB 415 74.67 98.77 -6.12
C MET EB 415 75.04 98.51 -7.58
N LEU EB 416 74.31 97.63 -8.26
CA LEU EB 416 74.39 97.54 -9.73
C LEU EB 416 73.37 98.45 -10.38
N HIS EB 417 72.09 98.32 -10.01
CA HIS EB 417 71.07 99.24 -10.50
C HIS EB 417 70.16 99.66 -9.35
N ASN EB 418 69.70 100.90 -9.39
CA ASN EB 418 68.81 101.38 -8.35
C ASN EB 418 67.37 101.33 -8.85
N PRO EB 419 66.43 100.82 -8.05
CA PRO EB 419 65.06 100.69 -8.53
C PRO EB 419 64.29 102.00 -8.54
N ALA EB 420 64.70 102.95 -7.70
CA ALA EB 420 63.97 104.20 -7.58
C ALA EB 420 64.31 105.20 -8.68
N PHE EB 421 65.32 104.92 -9.50
CA PHE EB 421 65.71 105.80 -10.59
C PHE EB 421 65.29 105.25 -11.95
N ILE EB 422 64.29 104.37 -11.97
CA ILE EB 422 63.75 103.81 -13.20
C ILE EB 422 62.35 104.38 -13.40
N SER EB 423 62.09 104.88 -14.61
CA SER EB 423 60.82 105.54 -14.91
C SER EB 423 59.97 104.62 -15.78
N ASN EB 424 58.81 104.22 -15.26
CA ASN EB 424 57.77 103.52 -15.99
C ASN EB 424 56.82 104.52 -16.63
N PRO EB 425 56.12 104.15 -17.71
CA PRO EB 425 55.17 105.09 -18.31
C PRO EB 425 53.93 105.34 -17.45
N PHE EB 426 53.35 104.28 -16.90
CA PHE EB 426 52.08 104.38 -16.17
C PHE EB 426 52.35 104.92 -14.77
N GLN EB 427 52.54 106.23 -14.68
CA GLN EB 427 52.75 106.87 -13.39
C GLN EB 427 52.23 108.30 -13.46
N THR EB 428 51.90 108.84 -12.30
CA THR EB 428 51.32 110.17 -12.17
C THR EB 428 52.37 111.23 -12.47
N PRO EB 429 51.99 112.31 -13.19
CA PRO EB 429 53.01 113.27 -13.63
C PRO EB 429 53.60 114.13 -12.53
N ASP EB 430 52.89 114.32 -11.41
CA ASP EB 430 53.49 115.08 -10.30
C ASP EB 430 54.57 114.27 -9.61
N GLN EB 431 54.44 112.94 -9.61
CA GLN EB 431 55.50 112.08 -9.10
C GLN EB 431 56.68 112.01 -10.07
N VAL EB 432 56.44 112.26 -11.36
CA VAL EB 432 57.51 112.32 -12.35
C VAL EB 432 58.42 113.50 -12.06
N ALA EB 433 57.84 114.67 -11.77
CA ALA EB 433 58.62 115.85 -11.42
C ALA EB 433 59.31 115.69 -10.08
N ASN EB 434 58.73 114.87 -9.19
CA ASN EB 434 59.43 114.50 -7.97
C ASN EB 434 60.65 113.63 -8.29
N LEU EB 435 60.51 112.75 -9.29
CA LEU EB 435 61.64 111.91 -9.68
C LEU EB 435 62.72 112.71 -10.39
N LYS EB 436 62.32 113.71 -11.19
CA LYS EB 436 63.31 114.52 -11.90
C LYS EB 436 64.09 115.41 -10.96
N THR EB 437 63.43 115.96 -9.95
CA THR EB 437 64.13 116.74 -8.93
C THR EB 437 65.01 115.84 -8.07
N LEU EB 438 64.55 114.61 -7.80
CA LEU EB 438 65.39 113.65 -7.10
C LEU EB 438 66.56 113.22 -7.97
N LYS EB 439 66.35 113.16 -9.29
CA LYS EB 439 67.45 112.92 -10.22
C LYS EB 439 68.45 114.07 -10.21
N GLU EB 440 67.96 115.30 -10.06
CA GLU EB 440 68.86 116.45 -9.99
C GLU EB 440 69.59 116.51 -8.67
N ASN EB 441 68.92 116.13 -7.57
CA ASN EB 441 69.50 116.26 -6.25
C ASN EB 441 70.45 115.12 -5.88
N TYR EB 442 70.60 114.12 -6.74
CA TYR EB 442 71.41 112.96 -6.38
C TYR EB 442 72.89 113.28 -6.50
N VAL EB 443 73.66 112.77 -5.54
CA VAL EB 443 75.11 112.81 -5.56
C VAL EB 443 75.63 111.41 -5.28
N ASP EB 444 76.88 111.16 -5.67
CA ASP EB 444 77.51 109.88 -5.41
C ASP EB 444 78.24 109.93 -4.07
N PRO EB 445 77.82 109.16 -3.07
CA PRO EB 445 78.43 109.27 -1.72
C PRO EB 445 79.55 108.29 -1.43
N PHE EB 446 80.04 107.54 -2.41
CA PHE EB 446 81.09 106.56 -2.16
C PHE EB 446 82.43 107.27 -1.98
N ASP EB 447 82.96 107.24 -0.75
CA ASP EB 447 84.28 107.77 -0.51
C ASP EB 447 85.34 106.81 -1.03
N VAL EB 448 86.52 107.36 -1.33
CA VAL EB 448 87.63 106.60 -1.85
C VAL EB 448 88.79 106.56 -0.86
N HIS EB 449 89.05 107.66 -0.18
CA HIS EB 449 90.28 107.80 0.59
C HIS EB 449 90.25 107.02 1.90
N GLU EB 450 89.06 106.78 2.46
CA GLU EB 450 88.98 106.14 3.76
C GLU EB 450 89.23 104.64 3.64
N SER EB 451 89.47 104.02 4.80
CA SER EB 451 89.99 102.65 4.88
C SER EB 451 88.98 101.64 5.40
N ASP EB 452 88.08 102.05 6.28
CA ASP EB 452 87.12 101.10 6.86
C ASP EB 452 86.07 100.73 5.83
N PRO EB 453 85.89 99.45 5.51
CA PRO EB 453 84.89 99.06 4.52
C PRO EB 453 83.46 99.10 5.03
N GLU EB 454 83.26 99.28 6.33
CA GLU EB 454 81.92 99.44 6.88
C GLU EB 454 81.48 100.90 6.92
N LEU EB 455 82.31 101.81 6.41
CA LEU EB 455 81.98 103.23 6.42
C LEU EB 455 81.75 103.82 5.05
N THR EB 456 82.27 103.19 3.98
CA THR EB 456 82.02 103.69 2.64
C THR EB 456 80.59 103.40 2.24
N HIS EB 457 79.98 104.37 1.56
CA HIS EB 457 78.59 104.21 1.10
C HIS EB 457 78.54 103.60 -0.30
N ALA EB 458 79.20 102.46 -0.46
CA ALA EB 458 79.25 101.79 -1.75
C ALA EB 458 77.92 101.12 -2.11
N LEU EB 459 77.13 100.73 -1.10
CA LEU EB 459 75.80 100.19 -1.38
C LEU EB 459 74.88 101.25 -1.98
N ASP EB 460 75.07 102.51 -1.61
CA ASP EB 460 74.30 103.59 -2.20
C ASP EB 460 74.79 103.93 -3.59
N SER EB 461 76.03 103.58 -3.92
CA SER EB 461 76.63 103.96 -5.18
C SER EB 461 76.19 103.02 -6.29
N SER EB 462 76.71 103.25 -7.49
CA SER EB 462 76.38 102.44 -8.66
C SER EB 462 77.66 102.04 -9.36
N LEU EB 463 77.53 101.13 -10.32
CA LEU EB 463 78.68 100.69 -11.12
C LEU EB 463 78.72 101.45 -12.45
N TRP EB 464 79.11 102.73 -12.35
CA TRP EB 464 79.37 103.50 -13.56
C TRP EB 464 80.63 103.01 -14.25
N GLU EB 465 81.59 102.47 -13.48
CA GLU EB 465 82.80 101.92 -14.08
C GLU EB 465 82.47 100.73 -14.97
N LEU EB 466 81.60 99.84 -14.51
CA LEU EB 466 81.11 98.79 -15.38
C LEU EB 466 80.23 99.31 -16.50
N ALA EB 467 79.57 100.46 -16.29
CA ALA EB 467 78.75 101.06 -17.34
C ALA EB 467 79.60 101.54 -18.51
N SER EB 468 80.87 101.85 -18.25
CA SER EB 468 81.78 102.18 -19.34
C SER EB 468 82.38 100.94 -19.98
N LEU EB 469 82.17 99.76 -19.39
CA LEU EB 469 82.87 98.58 -19.88
C LEU EB 469 82.09 97.75 -20.89
N MET EB 470 80.78 97.96 -21.05
CA MET EB 470 80.12 97.31 -22.20
C MET EB 470 80.56 97.94 -23.51
N GLU EB 471 80.93 99.21 -23.51
CA GLU EB 471 81.53 99.80 -24.70
C GLU EB 471 83.06 99.66 -24.68
N HIS EB 472 83.51 98.44 -24.47
CA HIS EB 472 84.94 98.14 -24.47
C HIS EB 472 85.42 97.91 -25.90
N TYR EB 473 86.72 98.13 -26.11
CA TYR EB 473 87.28 97.93 -27.44
C TYR EB 473 87.44 96.46 -27.79
N HIS EB 474 87.66 95.61 -26.79
CA HIS EB 474 87.84 94.21 -27.17
C HIS EB 474 86.50 93.49 -27.16
N PRO EB 475 86.24 92.63 -28.15
CA PRO EB 475 84.92 91.96 -28.22
C PRO EB 475 84.65 91.00 -27.08
N ASN EB 476 85.65 90.21 -26.66
CA ASN EB 476 85.42 89.25 -25.59
C ASN EB 476 85.27 89.93 -24.24
N VAL EB 477 86.01 91.04 -24.04
CA VAL EB 477 85.88 91.80 -22.80
C VAL EB 477 84.52 92.50 -22.74
N ALA EB 478 84.07 93.03 -23.88
CA ALA EB 478 82.75 93.63 -23.93
C ALA EB 478 81.65 92.59 -23.80
N THR EB 479 81.93 91.35 -24.23
CA THR EB 479 80.98 90.27 -24.03
C THR EB 479 80.86 89.90 -22.55
N LEU EB 480 81.98 89.90 -21.82
CA LEU EB 480 81.93 89.61 -20.39
C LEU EB 480 81.26 90.74 -19.62
N ALA EB 481 81.42 91.97 -20.08
CA ALA EB 481 80.68 93.08 -19.48
C ALA EB 481 79.20 93.02 -19.83
N LYS EB 482 78.87 92.48 -21.01
CA LYS EB 482 77.48 92.25 -21.35
C LYS EB 482 76.81 91.21 -20.46
N ILE EB 483 77.58 90.33 -19.81
CA ILE EB 483 77.00 89.29 -18.96
C ILE EB 483 76.31 89.92 -17.75
N PHE EB 484 76.81 91.06 -17.28
CA PHE EB 484 76.11 91.80 -16.25
C PHE EB 484 74.84 92.46 -16.80
N ALA EB 485 74.77 92.70 -18.12
CA ALA EB 485 73.62 93.38 -18.68
C ALA EB 485 72.42 92.44 -18.83
N GLN EB 486 72.62 91.25 -19.42
CA GLN EB 486 71.59 90.21 -19.38
C GLN EB 486 71.32 89.77 -17.95
N PRO EB 487 70.09 89.33 -17.66
CA PRO EB 487 69.75 88.92 -16.29
C PRO EB 487 70.51 87.68 -15.84
N PHE EB 488 70.62 87.54 -14.53
CA PHE EB 488 71.60 86.65 -13.90
C PHE EB 488 71.09 85.22 -13.96
N LYS EB 489 71.62 84.42 -14.90
CA LYS EB 489 71.14 83.06 -15.08
C LYS EB 489 71.98 82.03 -14.34
N LYS EB 490 73.26 81.91 -14.68
CA LYS EB 490 74.08 80.82 -14.16
C LYS EB 490 74.65 81.16 -12.80
N LEU EB 491 74.68 80.15 -11.92
CA LEU EB 491 75.01 80.38 -10.51
C LEU EB 491 76.47 80.75 -10.32
N SER EB 492 77.37 79.84 -10.68
CA SER EB 492 78.80 80.12 -10.63
C SER EB 492 79.27 80.63 -11.99
N TYR EB 493 80.52 81.06 -12.07
CA TYR EB 493 81.04 81.52 -13.35
C TYR EB 493 82.40 80.90 -13.69
N ASN EB 494 82.79 79.83 -12.98
CA ASN EB 494 83.99 79.03 -13.26
C ASN EB 494 85.25 79.88 -13.20
N MET EB 495 85.57 80.30 -11.96
CA MET EB 495 86.61 81.28 -11.67
C MET EB 495 87.96 80.90 -12.26
N GLU EB 496 88.38 79.64 -12.09
CA GLU EB 496 89.71 79.23 -12.52
C GLU EB 496 89.84 79.10 -14.03
N ASP EB 497 88.73 79.04 -14.77
CA ASP EB 497 88.82 78.95 -16.22
C ASP EB 497 89.02 80.32 -16.86
N PHE EB 498 88.44 81.36 -16.27
CA PHE EB 498 88.48 82.70 -16.85
C PHE EB 498 89.48 83.61 -16.15
N LEU EB 499 90.45 83.05 -15.44
CA LEU EB 499 91.37 83.84 -14.63
C LEU EB 499 92.73 84.00 -15.28
N ASP EB 500 93.41 82.89 -15.56
CA ASP EB 500 94.82 82.92 -15.96
C ASP EB 500 94.89 83.27 -17.45
N TRP EB 501 94.85 84.57 -17.75
CA TRP EB 501 95.00 85.05 -19.11
C TRP EB 501 96.00 86.19 -19.11
N ASN EB 502 96.81 86.24 -20.17
CA ASN EB 502 97.78 87.30 -20.34
C ASN EB 502 97.69 87.81 -21.78
N TYR EB 503 98.60 88.72 -22.12
CA TYR EB 503 98.59 89.33 -23.44
C TYR EB 503 98.97 88.33 -24.52
N ASP EB 504 99.98 87.50 -24.26
CA ASP EB 504 100.37 86.48 -25.24
C ASP EB 504 99.33 85.38 -25.34
N SER EB 505 98.59 85.13 -24.26
CA SER EB 505 97.50 84.17 -24.30
C SER EB 505 96.38 84.64 -25.22
N LEU EB 506 96.07 85.94 -25.17
CA LEU EB 506 95.04 86.48 -26.05
C LEU EB 506 95.52 86.54 -27.50
N LEU EB 507 96.81 86.78 -27.71
CA LEU EB 507 97.34 86.82 -29.06
C LEU EB 507 97.44 85.43 -29.67
N ASN EB 508 97.67 84.42 -28.83
CA ASN EB 508 97.61 83.04 -29.32
C ASN EB 508 96.16 82.62 -29.56
N ALA EB 509 95.22 83.22 -28.83
CA ALA EB 509 93.81 82.93 -29.07
C ALA EB 509 93.34 83.52 -30.38
N GLU EB 510 93.74 84.76 -30.68
CA GLU EB 510 93.30 85.42 -31.90
C GLU EB 510 94.00 84.88 -33.14
N SER EB 511 95.17 84.26 -32.98
CA SER EB 511 95.87 83.70 -34.14
C SER EB 511 95.25 82.39 -34.59
N SER EB 512 94.72 81.60 -33.66
CA SER EB 512 94.23 80.26 -33.95
C SER EB 512 92.84 80.05 -33.35
N ARG EB 513 91.94 81.00 -33.58
CA ARG EB 513 90.56 80.85 -33.14
C ARG EB 513 89.77 80.02 -34.13
N ASP FB 1 89.38 120.92 70.27
CA ASP FB 1 90.39 120.59 69.27
C ASP FB 1 90.69 121.80 68.39
N TYR FB 2 91.79 122.48 68.69
CA TYR FB 2 92.19 123.65 67.92
C TYR FB 2 92.73 123.23 66.56
N VAL FB 3 92.28 123.92 65.51
CA VAL FB 3 92.62 123.54 64.14
C VAL FB 3 93.34 124.68 63.45
N GLN FB 4 93.67 124.49 62.18
CA GLN FB 4 94.44 125.48 61.43
C GLN FB 4 93.56 126.67 61.04
N VAL FB 5 94.21 127.84 60.94
CA VAL FB 5 93.54 129.06 60.53
C VAL FB 5 94.24 129.62 59.30
N ALA FB 6 93.77 130.77 58.81
CA ALA FB 6 94.37 131.40 57.65
C ALA FB 6 94.54 132.90 57.88
N SER FB 24 93.08 138.49 56.08
CA SER FB 24 93.10 138.15 54.67
C SER FB 24 93.51 139.36 53.82
N SER FB 25 93.04 140.54 54.24
CA SER FB 25 93.34 141.78 53.54
C SER FB 25 93.38 142.89 54.58
N ILE FB 26 93.29 144.15 54.11
CA ILE FB 26 93.25 145.28 55.01
C ILE FB 26 91.93 145.32 55.78
N SER FB 27 90.83 144.96 55.11
CA SER FB 27 89.52 144.94 55.74
C SER FB 27 89.18 143.54 56.25
N GLN FB 28 88.09 143.46 57.00
CA GLN FB 28 87.65 142.22 57.63
C GLN FB 28 86.35 141.75 56.98
N TYR FB 29 86.34 140.48 56.56
CA TYR FB 29 85.13 139.90 55.99
C TYR FB 29 84.12 139.59 57.08
N ILE FB 30 82.86 139.95 56.85
CA ILE FB 30 81.83 139.85 57.87
C ILE FB 30 80.71 138.92 57.44
N ILE FB 31 80.00 139.27 56.36
CA ILE FB 31 78.81 138.51 55.96
C ILE FB 31 79.26 137.22 55.27
N ASN FB 32 79.02 136.09 55.92
CA ASN FB 32 79.60 134.82 55.49
C ASN FB 32 78.58 133.90 54.83
N PRO FB 33 78.31 134.09 53.53
CA PRO FB 33 77.54 133.07 52.80
C PRO FB 33 78.48 132.00 52.26
N THR FB 34 78.28 130.76 52.70
CA THR FB 34 79.16 129.64 52.34
C THR FB 34 78.31 128.49 51.83
N PRO FB 35 77.77 128.61 50.62
CA PRO FB 35 77.04 127.47 50.01
C PRO FB 35 77.98 126.51 49.31
N LYS FB 36 78.70 125.72 50.10
CA LYS FB 36 79.72 124.80 49.60
C LYS FB 36 79.36 123.37 49.99
N LEU FB 37 79.44 122.47 49.02
CA LEU FB 37 79.24 121.04 49.26
C LEU FB 37 80.53 120.30 49.55
N THR FB 38 81.66 120.76 49.02
CA THR FB 38 82.96 120.19 49.30
C THR FB 38 83.70 120.95 50.41
N PHE FB 39 83.03 121.90 51.06
CA PHE FB 39 83.52 122.73 52.16
C PHE FB 39 84.74 123.56 51.77
N ASP FB 40 84.93 123.85 50.48
CA ASP FB 40 86.02 124.69 50.01
C ASP FB 40 85.55 125.77 49.06
N TYR FB 41 84.29 126.18 49.15
CA TYR FB 41 83.73 127.25 48.31
C TYR FB 41 82.93 128.20 49.19
N PRO FB 42 83.61 128.91 50.10
CA PRO FB 42 82.91 129.94 50.89
C PRO FB 42 83.01 131.30 50.24
N ILE FB 43 82.18 132.24 50.69
CA ILE FB 43 82.17 133.59 50.11
C ILE FB 43 81.87 134.60 51.21
N PRO FB 44 82.88 135.06 51.95
CA PRO FB 44 82.61 136.07 52.99
C PRO FB 44 82.79 137.49 52.49
N SER FB 45 81.90 138.38 52.89
CA SER FB 45 81.87 139.75 52.39
C SER FB 45 82.34 140.73 53.46
N THR FB 46 83.08 141.74 53.05
CA THR FB 46 83.66 142.70 53.99
C THR FB 46 82.66 143.80 54.32
N ASN FB 47 83.06 144.69 55.23
CA ASN FB 47 82.24 145.85 55.57
C ASN FB 47 82.18 146.84 54.41
N ILE FB 48 83.25 146.93 53.64
CA ILE FB 48 83.26 147.71 52.40
C ILE FB 48 82.55 146.90 51.32
N ILE FB 49 82.29 147.53 50.17
CA ILE FB 49 81.56 146.88 49.09
C ILE FB 49 82.32 145.71 48.47
N THR FB 50 83.64 145.66 48.64
CA THR FB 50 84.42 144.54 48.13
C THR FB 50 84.14 143.27 48.92
N ALA FB 51 83.94 142.17 48.21
CA ALA FB 51 83.62 140.88 48.82
C ALA FB 51 84.54 139.81 48.24
N CYS FB 52 84.80 138.78 49.03
CA CYS FB 52 85.76 137.74 48.67
C CYS FB 52 85.09 136.38 48.64
N ASN FB 53 85.46 135.57 47.64
CA ASN FB 53 85.03 134.18 47.57
C ASN FB 53 86.22 133.29 47.93
N ALA FB 54 86.07 132.52 49.00
CA ALA FB 54 87.16 131.76 49.58
C ALA FB 54 87.23 130.37 48.99
N GLU FB 55 88.43 129.93 48.63
CA GLU FB 55 88.67 128.58 48.09
C GLU FB 55 89.76 127.92 48.94
N LYS FB 56 89.34 127.19 49.97
CA LYS FB 56 90.29 126.54 50.87
C LYS FB 56 89.60 125.36 51.53
N GLY FB 57 90.19 124.18 51.40
CA GLY FB 57 89.62 122.98 52.00
C GLY FB 57 90.31 122.58 53.29
N ALA FB 59 94.72 126.17 49.52
CA ALA FB 59 94.92 127.20 48.50
C ALA FB 59 94.83 128.59 49.11
N ASN FB 60 93.79 128.80 49.93
CA ASN FB 60 93.51 130.05 50.63
C ASN FB 60 93.37 131.24 49.67
N ILE FB 61 92.74 130.99 48.53
CA ILE FB 61 92.55 132.03 47.52
C ILE FB 61 91.22 132.75 47.78
N ASP FB 62 91.26 134.07 47.70
CA ASP FB 62 90.08 134.92 47.93
C ASP FB 62 89.81 135.69 46.64
N GLY FB 63 89.02 135.10 45.75
CA GLY FB 63 88.70 135.75 44.50
C GLY FB 63 87.68 136.85 44.64
N ASN FB 64 87.49 137.60 43.56
CA ASN FB 64 86.52 138.68 43.55
C ASN FB 64 85.10 138.14 43.51
N ILE FB 65 84.18 138.91 44.07
CA ILE FB 65 82.77 138.54 44.13
C ILE FB 65 81.93 139.61 43.44
N GLU FB 66 82.49 140.20 42.37
CA GLU FB 66 81.91 141.29 41.58
C GLU FB 66 81.63 142.52 42.45
N ALA FB 67 82.73 143.08 42.94
CA ALA FB 67 82.70 144.27 43.79
C ALA FB 67 82.25 145.50 43.01
N LEU FB 94 66.83 130.29 50.08
CA LEU FB 94 67.67 129.11 49.88
C LEU FB 94 68.86 129.43 48.97
N MET FB 95 69.98 128.75 49.22
CA MET FB 95 71.19 128.97 48.43
C MET FB 95 71.93 127.62 48.37
N VAL FB 96 71.83 126.96 47.22
CA VAL FB 96 72.48 125.67 47.02
C VAL FB 96 73.78 125.89 46.28
N ASN FB 97 74.64 124.86 46.26
CA ASN FB 97 75.95 124.92 45.63
C ASN FB 97 75.80 124.73 44.11
N LYS FB 98 75.29 125.78 43.46
CA LYS FB 98 75.07 125.76 42.02
C LYS FB 98 75.53 127.02 41.31
N GLY FB 99 76.04 128.02 42.04
CA GLY FB 99 76.43 129.27 41.42
C GLY FB 99 77.79 129.23 40.77
N ASN FB 100 77.89 128.56 39.63
CA ASN FB 100 79.14 128.49 38.86
C ASN FB 100 79.13 129.56 37.78
N TYR FB 101 79.02 130.81 38.24
CA TYR FB 101 78.91 131.97 37.34
C TYR FB 101 77.57 131.98 36.60
N THR FB 102 76.49 131.77 37.34
CA THR FB 102 75.15 131.66 36.75
C THR FB 102 74.24 132.82 37.13
N LEU FB 103 74.02 133.04 38.43
CA LEU FB 103 73.08 134.06 38.88
C LEU FB 103 73.44 134.47 40.30
N ASN FB 104 72.55 135.23 40.94
CA ASN FB 104 72.77 135.72 42.30
C ASN FB 104 72.26 134.70 43.30
N VAL FB 105 73.13 133.74 43.61
CA VAL FB 105 72.80 132.73 44.61
C VAL FB 105 72.86 133.28 46.03
N ILE FB 106 73.63 134.34 46.26
CA ILE FB 106 73.73 134.95 47.57
C ILE FB 106 72.81 136.16 47.62
N THR FB 107 72.52 136.62 48.84
CA THR FB 107 71.62 137.74 49.08
C THR FB 107 72.39 138.96 49.59
N LYS FB 108 73.58 139.20 49.03
CA LYS FB 108 74.39 140.36 49.39
C LYS FB 108 73.79 141.60 48.73
N ALA FB 109 73.28 142.51 49.54
CA ALA FB 109 72.60 143.70 49.05
C ALA FB 109 73.61 144.83 48.83
N LEU FB 110 73.10 146.04 48.61
CA LEU FB 110 73.94 147.21 48.42
C LEU FB 110 74.34 147.78 49.78
N GLU FB 111 74.93 148.98 49.79
CA GLU FB 111 75.43 149.59 51.02
C GLU FB 111 74.27 150.26 51.75
N ASP FB 112 73.48 149.41 52.43
CA ASP FB 112 72.34 149.80 53.27
C ASP FB 112 71.30 150.62 52.50
N THR FB 113 71.02 150.21 51.27
CA THR FB 113 70.10 150.91 50.40
C THR FB 113 68.71 150.29 50.50
N THR FB 114 67.79 150.77 49.68
CA THR FB 114 66.41 150.29 49.67
C THR FB 114 66.20 149.05 48.81
N ASP FB 115 67.25 148.56 48.16
CA ASP FB 115 67.14 147.38 47.29
C ASP FB 115 68.36 146.50 47.54
N THR FB 116 68.54 145.50 46.69
CA THR FB 116 69.70 144.62 46.71
C THR FB 116 70.49 144.79 45.42
N SER FB 117 71.52 143.95 45.25
CA SER FB 117 72.36 144.00 44.06
C SER FB 117 72.59 142.59 43.55
N ASN FB 118 72.07 142.28 42.38
CA ASN FB 118 72.28 140.97 41.77
C ASN FB 118 73.70 140.87 41.22
N ASP FB 119 74.20 139.63 41.16
CA ASP FB 119 75.54 139.37 40.65
C ASP FB 119 75.57 137.99 40.03
N HIS FB 120 75.79 137.93 38.72
CA HIS FB 120 75.82 136.66 37.99
C HIS FB 120 77.14 135.96 38.27
N LEU FB 121 77.20 135.34 39.45
CA LEU FB 121 78.41 134.65 39.88
C LEU FB 121 78.06 133.38 40.64
N ASP FB 127 73.39 139.51 36.12
CA ASP FB 127 71.96 139.50 36.36
C ASP FB 127 71.49 140.88 36.81
N ASN FB 128 70.27 141.25 36.40
CA ASN FB 128 69.66 142.52 36.76
C ASN FB 128 68.37 142.30 37.52
N LYS FB 129 68.39 141.38 38.48
CA LYS FB 129 67.23 141.04 39.30
C LYS FB 129 67.53 141.44 40.74
N ALA FB 130 67.23 142.70 41.07
CA ALA FB 130 67.43 143.20 42.42
C ALA FB 130 66.25 142.79 43.29
N TYR FB 131 66.54 142.18 44.43
CA TYR FB 131 65.49 141.72 45.36
C TYR FB 131 65.09 142.87 46.29
N THR FB 132 64.44 143.86 45.69
CA THR FB 132 63.98 145.03 46.44
C THR FB 132 62.77 144.67 47.30
N GLY FB 133 62.60 145.42 48.38
CA GLY FB 133 61.49 145.19 49.28
C GLY FB 133 60.14 145.68 48.79
N SER FB 134 60.12 146.47 47.71
CA SER FB 134 58.91 147.04 47.09
C SER FB 134 58.09 147.87 48.09
N ASP FB 135 58.79 148.61 48.96
CA ASP FB 135 58.12 149.45 49.94
C ASP FB 135 58.80 150.79 50.13
N GLU FB 136 59.81 151.12 49.32
CA GLU FB 136 60.63 152.33 49.37
C GLU FB 136 61.36 152.51 50.70
N PHE FB 137 61.60 151.42 51.43
CA PHE FB 137 62.39 151.42 52.64
C PHE FB 137 63.52 150.40 52.50
N LEU FB 138 64.32 150.28 53.55
CA LEU FB 138 65.48 149.39 53.50
C LEU FB 138 65.05 147.93 53.62
N SER FB 139 65.32 147.16 52.58
CA SER FB 139 65.02 145.73 52.62
C SER FB 139 66.04 145.02 53.50
N GLN FB 140 65.54 144.22 54.45
CA GLN FB 140 66.41 143.61 55.45
C GLN FB 140 67.12 142.38 54.90
N TYR FB 141 66.36 141.36 54.52
CA TYR FB 141 66.94 140.11 54.02
C TYR FB 141 66.00 139.48 53.02
N LYS FB 142 66.58 138.78 52.05
CA LYS FB 142 65.83 138.10 51.00
C LYS FB 142 66.22 136.64 50.97
N ILE FB 143 65.22 135.76 50.95
CA ILE FB 143 65.43 134.32 50.88
C ILE FB 143 64.62 133.77 49.72
N LYS FB 144 65.25 132.94 48.90
CA LYS FB 144 64.62 132.39 47.70
C LYS FB 144 64.18 130.95 47.93
N ALA FB 145 63.51 130.40 46.93
CA ALA FB 145 63.15 128.99 46.92
C ALA FB 145 64.27 128.19 46.27
N LYS FB 146 64.01 126.89 46.08
CA LYS FB 146 65.00 126.04 45.42
C LYS FB 146 65.09 126.32 43.93
N ALA FB 147 63.94 126.49 43.27
CA ALA FB 147 63.88 126.75 41.84
C ALA FB 147 63.69 128.23 41.52
N LYS FB 148 63.79 129.10 42.53
CA LYS FB 148 63.62 130.55 42.43
C LYS FB 148 62.25 130.94 41.87
N VAL FB 149 61.22 130.16 42.19
CA VAL FB 149 59.87 130.50 41.78
C VAL FB 149 59.36 131.70 42.58
N MET FB 150 59.63 131.72 43.88
CA MET FB 150 59.27 132.83 44.74
C MET FB 150 60.44 133.15 45.66
N SER FB 151 60.95 134.38 45.55
CA SER FB 151 62.03 134.87 46.41
C SER FB 151 61.49 136.08 47.16
N ILE FB 152 61.13 135.88 48.43
CA ILE FB 152 60.49 136.92 49.22
C ILE FB 152 61.56 137.82 49.82
N LYS FB 153 61.49 139.12 49.53
CA LYS FB 153 62.36 140.11 50.10
C LYS FB 153 61.59 140.92 51.13
N ILE FB 154 62.12 141.01 52.34
CA ILE FB 154 61.44 141.62 53.47
C ILE FB 154 61.98 143.04 53.66
N ASP FB 155 61.07 144.01 53.62
CA ASP FB 155 61.42 145.42 53.74
C ASP FB 155 61.18 145.92 55.16
N THR FB 156 61.61 147.16 55.40
CA THR FB 156 61.43 147.81 56.69
C THR FB 156 60.03 148.37 56.91
N LYS FB 157 59.19 148.34 55.88
CA LYS FB 157 57.80 148.78 56.00
C LYS FB 157 56.82 147.61 56.09
N ASN FB 158 57.33 146.39 56.27
CA ASN FB 158 56.50 145.20 56.43
C ASN FB 158 55.82 144.78 55.13
N SER FB 159 56.52 144.96 54.01
CA SER FB 159 56.05 144.53 52.70
C SER FB 159 56.99 143.47 52.15
N LEU FB 160 56.43 142.34 51.74
CA LEU FB 160 57.20 141.23 51.20
C LEU FB 160 56.94 141.11 49.70
N VAL FB 161 57.99 141.21 48.90
CA VAL FB 161 57.90 141.09 47.46
C VAL FB 161 58.49 139.75 47.06
N ILE FB 162 57.66 138.87 46.52
CA ILE FB 162 58.10 137.53 46.11
C ILE FB 162 58.69 137.69 44.72
N ALA FB 163 59.97 138.02 44.68
CA ALA FB 163 60.66 138.32 43.43
C ALA FB 163 61.28 137.03 42.87
N ILE FB 164 62.12 137.18 41.85
CA ILE FB 164 62.91 136.08 41.31
C ILE FB 164 64.30 136.62 40.99
N LEU FB 165 65.33 135.91 41.42
CA LEU FB 165 66.71 136.36 41.20
C LEU FB 165 67.22 136.02 39.81
N GLN FB 166 66.50 135.23 39.04
CA GLN FB 166 66.95 134.83 37.70
C GLN FB 166 66.04 135.30 36.59
N ASN FB 167 64.76 135.57 36.86
CA ASN FB 167 63.84 136.03 35.82
C ASN FB 167 64.03 137.49 35.47
N GLY FB 168 64.72 138.26 36.31
CA GLY FB 168 64.98 139.66 36.04
C GLY FB 168 63.95 140.63 36.56
N LEU FB 169 62.84 140.14 37.13
CA LEU FB 169 61.78 141.03 37.59
C LEU FB 169 61.10 140.41 38.80
N ILE FB 170 60.35 141.23 39.50
CA ILE FB 170 59.58 140.78 40.67
C ILE FB 170 58.35 140.03 40.16
N GLU FB 171 58.16 138.79 40.65
CA GLU FB 171 57.04 137.98 40.20
C GLU FB 171 55.72 138.46 40.80
N ILE FB 172 55.74 138.86 42.07
CA ILE FB 172 54.55 139.34 42.75
C ILE FB 172 55.01 140.27 43.87
N PHE FB 173 54.07 141.08 44.37
CA PHE FB 173 54.35 141.99 45.48
C PHE FB 173 53.23 141.87 46.51
N ASP FB 174 53.59 142.12 47.77
CA ASP FB 174 52.63 142.04 48.85
C ASP FB 174 53.06 142.96 49.99
N PHE FB 175 52.11 143.31 50.83
CA PHE FB 175 52.34 144.13 52.02
C PHE FB 175 51.69 143.42 53.21
N LYS FB 176 52.53 142.84 54.08
CA LYS FB 176 52.04 141.99 55.16
C LYS FB 176 51.99 142.68 56.51
N LEU FB 177 53.02 143.43 56.87
CA LEU FB 177 53.13 144.02 58.20
C LEU FB 177 53.38 145.52 58.10
N THR FB 178 53.70 146.14 59.23
CA THR FB 178 54.03 147.55 59.31
C THR FB 178 55.42 147.83 59.85
N LEU FB 179 55.94 146.99 60.73
CA LEU FB 179 57.27 147.19 61.28
C LEU FB 179 58.33 146.61 60.33
N LEU FB 180 59.57 146.58 60.80
CA LEU FB 180 60.71 146.13 59.98
C LEU FB 180 60.70 144.61 59.89
N HIS FB 181 60.27 144.08 58.75
CA HIS FB 181 60.25 142.64 58.55
C HIS FB 181 61.67 142.10 58.39
N SER FB 182 62.00 141.06 59.15
CA SER FB 182 63.36 140.56 59.21
C SER FB 182 63.73 139.75 57.97
N PHE FB 183 63.03 138.64 57.75
CA PHE FB 183 63.33 137.75 56.64
C PHE FB 183 62.07 136.96 56.31
N ASP FB 184 62.24 135.90 55.51
CA ASP FB 184 61.13 135.05 55.12
C ASP FB 184 61.69 133.66 54.79
N ILE FB 185 60.79 132.71 54.57
CA ILE FB 185 61.17 131.35 54.20
C ILE FB 185 59.99 130.74 53.46
N SER FB 186 60.28 129.77 52.59
CA SER FB 186 59.24 129.12 51.79
C SER FB 186 59.53 127.63 51.71
N TYR FB 187 58.56 126.89 51.18
CA TYR FB 187 58.70 125.45 50.98
C TYR FB 187 59.33 125.19 49.61
N ASP FB 188 59.34 123.92 49.20
CA ASP FB 188 60.05 123.54 47.98
C ASP FB 188 59.15 123.61 46.74
N ASN FB 189 57.85 123.36 46.90
CA ASN FB 189 56.97 123.24 45.74
C ASN FB 189 55.77 124.16 45.83
N LEU FB 190 56.01 125.43 46.15
CA LEU FB 190 55.00 126.50 46.22
C LEU FB 190 53.90 126.14 47.23
N LYS FB 191 54.31 126.11 48.49
CA LYS FB 191 53.49 125.57 49.57
C LYS FB 191 53.62 126.53 50.75
N TYR FB 192 53.26 126.04 51.94
CA TYR FB 192 53.19 126.86 53.15
C TYR FB 192 54.53 127.51 53.49
N ALA FB 193 54.46 128.79 53.85
CA ALA FB 193 55.64 129.64 53.97
C ALA FB 193 55.60 130.39 55.29
N LYS FB 194 56.75 130.92 55.69
CA LYS FB 194 56.87 131.64 56.94
C LYS FB 194 57.70 132.90 56.74
N TRP FB 195 57.38 133.93 57.52
CA TRP FB 195 58.10 135.19 57.50
C TRP FB 195 57.98 135.83 58.87
N PHE FB 196 58.93 136.72 59.17
CA PHE FB 196 59.03 137.33 60.50
C PHE FB 196 59.09 138.84 60.39
N THR FB 197 58.69 139.51 61.48
CA THR FB 197 58.72 140.96 61.58
C THR FB 197 59.25 141.36 62.95
N GLU FB 198 59.52 142.65 63.11
CA GLU FB 198 60.11 143.18 64.34
C GLU FB 198 59.08 143.45 65.42
N ASN FB 199 57.79 143.20 65.16
CA ASN FB 199 56.75 143.42 66.15
C ASN FB 199 56.55 142.22 67.07
N GLY FB 200 57.43 141.21 66.99
CA GLY FB 200 57.29 140.03 67.80
C GLY FB 200 56.32 139.01 67.26
N THR FB 201 55.81 139.20 66.05
CA THR FB 201 54.90 138.27 65.42
C THR FB 201 55.52 137.76 64.12
N GLU FB 202 55.59 136.45 63.98
CA GLU FB 202 56.11 135.80 62.78
C GLU FB 202 54.94 135.09 62.09
N TYR FB 203 54.51 135.64 60.96
CA TYR FB 203 53.33 135.14 60.28
C TYR FB 203 53.63 133.85 59.53
N VAL FB 204 52.55 133.13 59.20
CA VAL FB 204 52.63 131.91 58.40
C VAL FB 204 51.69 132.08 57.21
N PHE FB 205 52.21 131.83 56.02
CA PHE FB 205 51.47 132.06 54.79
C PHE FB 205 51.80 130.92 53.81
N VAL FB 206 51.49 131.13 52.54
CA VAL FB 206 51.86 130.19 51.49
C VAL FB 206 52.71 130.92 50.47
N LEU FB 207 53.60 130.18 49.81
CA LEU FB 207 54.54 130.76 48.86
C LEU FB 207 53.94 130.95 47.47
N CYS FB 208 52.94 130.14 47.09
CA CYS FB 208 52.33 130.25 45.78
C CYS FB 208 51.49 131.52 45.66
N PRO FB 209 50.32 131.56 46.30
CA PRO FB 209 49.55 132.80 46.30
C PRO FB 209 49.85 133.66 47.52
N LEU FB 210 49.30 134.87 47.56
CA LEU FB 210 49.38 135.72 48.76
C LEU FB 210 48.25 135.31 49.69
N GLN FB 211 48.44 134.17 50.35
CA GLN FB 211 47.42 133.58 51.21
C GLN FB 211 48.03 133.32 52.59
N ASP FB 212 47.66 134.15 53.56
CA ASP FB 212 48.12 133.96 54.93
C ASP FB 212 47.29 132.90 55.63
N ASP FB 213 47.95 132.09 56.45
CA ASP FB 213 47.29 130.99 57.15
C ASP FB 213 47.24 131.19 58.66
N LYS FB 214 48.38 131.47 59.29
CA LYS FB 214 48.45 131.61 60.74
C LYS FB 214 49.64 132.52 61.08
N VAL FB 215 50.03 132.50 62.35
CA VAL FB 215 51.17 133.29 62.81
C VAL FB 215 51.92 132.51 63.89
N CYS FB 216 53.01 133.10 64.38
CA CYS FB 216 53.78 132.49 65.47
C CYS FB 216 54.44 133.63 66.25
N TYR FB 217 53.83 134.00 67.37
CA TYR FB 217 54.25 135.17 68.14
C TYR FB 217 55.19 134.75 69.25
N LYS FB 218 56.32 135.46 69.35
CA LYS FB 218 57.27 135.24 70.44
C LYS FB 218 56.98 136.18 71.61
N LEU FB 219 57.73 136.00 72.69
CA LEU FB 219 57.59 136.88 73.85
C LEU FB 219 58.08 138.29 73.54
N LEU FB 220 59.19 138.40 72.81
CA LEU FB 220 59.70 139.69 72.36
C LEU FB 220 59.97 139.62 70.86
N GLU FB 221 60.63 140.65 70.32
CA GLU FB 221 61.02 140.63 68.91
C GLU FB 221 62.14 139.64 68.71
N LEU FB 222 61.88 138.57 67.95
CA LEU FB 222 62.82 137.48 67.79
C LEU FB 222 63.98 137.92 66.90
N THR FB 223 65.20 137.89 67.46
CA THR FB 223 66.38 138.26 66.69
C THR FB 223 66.78 137.19 65.70
N ASP FB 224 66.70 135.92 66.10
CA ASP FB 224 67.06 134.80 65.24
C ASP FB 224 65.88 133.83 65.17
N CYS FB 225 65.61 133.32 63.96
CA CYS FB 225 64.51 132.39 63.73
C CYS FB 225 65.02 131.31 62.77
N GLY FB 226 65.50 130.20 63.33
CA GLY FB 226 66.01 129.11 62.53
C GLY FB 226 65.00 127.99 62.30
N SER FB 227 64.42 127.95 61.09
CA SER FB 227 63.40 126.97 60.75
C SER FB 227 63.84 126.18 59.53
N GLY FB 228 62.99 125.23 59.13
CA GLY FB 228 63.29 124.40 57.98
C GLY FB 228 62.37 123.20 57.92
N GLU FB 229 62.82 122.19 57.17
CA GLU FB 229 62.11 120.93 57.02
C GLU FB 229 62.79 119.76 57.73
N SER FB 230 64.10 119.59 57.50
CA SER FB 230 64.85 118.66 58.35
C SER FB 230 65.09 119.25 59.73
N SER FB 231 65.18 120.58 59.79
CA SER FB 231 65.22 121.44 60.96
C SER FB 231 63.94 121.38 61.80
N PRO FB 232 62.82 120.83 61.25
CA PRO FB 232 61.48 121.43 61.34
C PRO FB 232 61.00 122.14 62.60
N ILE FB 233 61.62 121.92 63.77
CA ILE FB 233 61.38 122.81 64.90
C ILE FB 233 61.95 124.17 64.54
N LYS FB 234 61.27 125.24 64.94
CA LYS FB 234 61.65 126.61 64.58
C LYS FB 234 62.17 127.29 65.84
N GLU FB 235 63.49 127.27 66.02
CA GLU FB 235 64.09 127.91 67.19
C GLU FB 235 64.02 129.42 67.07
N LEU FB 236 63.60 130.08 68.15
CA LEU FB 236 63.46 131.52 68.19
C LEU FB 236 64.22 132.08 69.38
N SER FB 237 65.03 133.11 69.13
CA SER FB 237 65.75 133.81 70.18
C SER FB 237 65.58 135.32 69.97
N SER FB 238 65.18 136.02 71.01
CA SER FB 238 64.86 137.43 70.93
C SER FB 238 66.10 138.27 71.28
N THR FB 239 65.89 139.57 71.50
CA THR FB 239 66.92 140.41 72.10
C THR FB 239 67.05 140.20 73.60
N ILE FB 240 66.03 139.61 74.23
CA ILE FB 240 66.02 139.24 75.64
C ILE FB 240 65.95 137.73 75.70
N ILE FB 241 66.68 137.08 74.78
CA ILE FB 241 66.45 135.74 74.21
C ILE FB 241 66.09 134.65 75.20
N GLU FB 242 64.98 133.97 74.91
CA GLU FB 242 64.60 132.73 75.55
C GLU FB 242 64.55 131.66 74.45
N GLY FB 243 65.14 130.51 74.71
CA GLY FB 243 65.30 129.50 73.67
C GLY FB 243 64.02 128.77 73.29
N PHE FB 244 63.07 129.50 72.69
CA PHE FB 244 61.77 128.93 72.33
C PHE FB 244 61.87 128.30 70.96
N SER FB 245 61.73 126.98 70.89
CA SER FB 245 61.78 126.24 69.63
C SER FB 245 60.34 125.92 69.22
N PHE FB 246 59.77 126.79 68.40
CA PHE FB 246 58.40 126.61 67.95
C PHE FB 246 58.32 125.56 66.84
N GLU FB 247 57.10 125.24 66.44
CA GLU FB 247 56.86 124.29 65.37
C GLU FB 247 56.52 125.06 64.09
N ASN FB 248 57.31 124.84 63.04
CA ASN FB 248 57.13 125.51 61.76
C ASN FB 248 56.33 124.65 60.77
N SER FB 249 55.81 123.52 61.23
CA SER FB 249 55.04 122.62 60.38
C SER FB 249 53.54 122.74 60.61
N LYS FB 250 53.10 122.98 61.84
CA LYS FB 250 51.68 123.13 62.16
C LYS FB 250 51.37 124.50 62.76
N LEU FB 251 52.29 125.46 62.60
CA LEU FB 251 52.19 126.82 63.14
C LEU FB 251 51.95 126.82 64.64
N CYS FB 252 52.67 125.96 65.35
CA CYS FB 252 52.52 125.80 66.79
C CYS FB 252 53.86 125.96 67.50
N TYR FB 253 53.91 125.60 68.78
CA TYR FB 253 55.13 125.64 69.57
C TYR FB 253 55.57 124.22 69.88
N GLN FB 254 56.82 123.89 69.54
CA GLN FB 254 57.38 122.57 69.82
C GLN FB 254 58.17 122.55 71.12
N PHE FB 255 58.80 123.66 71.49
CA PHE FB 255 59.53 123.74 72.74
C PHE FB 255 59.54 125.20 73.20
N GLY FB 256 59.32 125.40 74.49
CA GLY FB 256 59.26 126.74 75.05
C GLY FB 256 60.31 127.02 76.11
N LYS FB 257 61.55 126.61 75.85
CA LYS FB 257 62.63 126.78 76.82
C LYS FB 257 63.01 128.25 76.96
N LEU FB 258 63.68 128.55 78.07
CA LEU FB 258 64.03 129.93 78.40
C LEU FB 258 65.38 129.94 79.11
N TYR FB 259 65.72 131.10 79.68
CA TYR FB 259 66.97 131.28 80.43
C TYR FB 259 68.19 131.29 79.54
N LYS FB 260 68.04 131.74 78.30
CA LYS FB 260 69.14 131.73 77.34
C LYS FB 260 70.02 132.98 77.53
N LEU FB 261 70.97 133.17 76.65
CA LEU FB 261 71.91 134.28 76.72
C LEU FB 261 71.32 135.50 76.01
N ASN FB 262 72.15 136.50 75.73
CA ASN FB 262 71.74 137.72 75.04
C ASN FB 262 71.62 137.50 73.54
N GLN FB 263 71.55 138.59 72.78
CA GLN FB 263 71.52 138.54 71.31
C GLN FB 263 72.83 137.94 70.81
N GLY FB 264 72.75 136.74 70.24
CA GLY FB 264 73.95 135.99 69.90
C GLY FB 264 74.66 136.55 68.69
N LYS FB 265 75.96 136.30 68.63
CA LYS FB 265 76.77 136.77 67.50
C LYS FB 265 76.48 135.96 66.24
N ILE FB 266 76.43 134.64 66.35
CA ILE FB 266 76.09 133.76 65.24
C ILE FB 266 75.59 132.43 65.82
N TYR FB 267 74.55 131.89 65.21
CA TYR FB 267 74.00 130.59 65.59
C TYR FB 267 74.58 129.54 64.65
N ILE FB 268 75.70 128.95 65.06
CA ILE FB 268 76.41 127.98 64.22
C ILE FB 268 75.79 126.61 64.39
N TYR FB 269 74.79 126.28 63.57
CA TYR FB 269 74.23 124.95 63.58
C TYR FB 269 75.16 123.98 62.86
N SER FB 270 74.95 122.69 63.12
CA SER FB 270 75.75 121.65 62.50
C SER FB 270 75.22 121.36 61.10
N LEU FB 271 75.80 120.34 60.46
CA LEU FB 271 75.27 119.86 59.19
C LEU FB 271 73.86 119.32 59.32
N PRO FB 272 73.51 118.55 60.36
CA PRO FB 272 72.10 118.19 60.56
C PRO FB 272 71.24 119.36 60.99
N HIS FB 273 71.82 120.44 61.51
CA HIS FB 273 71.16 121.67 61.94
C HIS FB 273 70.51 121.57 63.30
N CYS FB 274 70.55 120.41 63.97
CA CYS FB 274 69.96 120.29 65.30
C CYS FB 274 70.91 120.85 66.37
N GLN FB 275 72.13 120.31 66.43
CA GLN FB 275 73.11 120.77 67.40
C GLN FB 275 73.66 122.13 66.95
N LEU FB 276 73.32 123.17 67.68
CA LEU FB 276 73.72 124.54 67.35
C LEU FB 276 74.84 124.99 68.28
N GLN FB 277 75.96 125.41 67.70
CA GLN FB 277 77.06 126.01 68.45
C GLN FB 277 76.77 127.49 68.57
N GLN FB 278 75.85 127.83 69.48
CA GLN FB 278 75.33 129.19 69.58
C GLN FB 278 76.37 130.09 70.24
N VAL FB 279 76.96 130.99 69.46
CA VAL FB 279 77.81 132.02 70.02
C VAL FB 279 76.94 133.03 70.75
N ILE FB 280 77.46 133.59 71.85
CA ILE FB 280 76.70 134.51 72.68
C ILE FB 280 77.33 135.88 72.61
N GLU FB 281 76.75 136.84 73.34
CA GLU FB 281 77.35 138.18 73.43
C GLU FB 281 78.69 138.16 74.14
N PHE FB 282 78.89 137.21 75.04
CA PHE FB 282 80.19 137.00 75.68
C PHE FB 282 81.09 136.18 74.75
N PRO FB 283 82.33 135.92 75.16
CA PRO FB 283 83.25 135.18 74.29
C PRO FB 283 82.98 133.68 74.21
N MET FB 284 82.09 133.16 75.05
CA MET FB 284 81.84 131.72 75.08
C MET FB 284 81.01 131.28 73.88
N VAL FB 285 81.28 130.07 73.41
CA VAL FB 285 80.51 129.45 72.34
C VAL FB 285 79.81 128.22 72.90
N ASP FB 286 78.57 128.39 73.36
CA ASP FB 286 77.80 127.31 73.95
C ASP FB 286 77.24 126.42 72.85
N LYS FB 287 77.66 125.16 72.83
CA LYS FB 287 77.29 124.21 71.78
C LYS FB 287 76.56 123.03 72.40
N LEU FB 288 75.31 122.83 72.00
CA LEU FB 288 74.52 121.68 72.40
C LEU FB 288 73.39 121.49 71.40
N SER FB 289 72.59 120.45 71.61
CA SER FB 289 71.50 120.14 70.71
C SER FB 289 70.33 121.12 70.92
N PRO FB 290 69.49 121.29 69.90
CA PRO FB 290 68.25 122.07 70.10
C PRO FB 290 67.31 121.45 71.12
N GLY FB 291 67.26 120.12 71.18
CA GLY FB 291 66.51 119.47 72.24
C GLY FB 291 67.10 119.69 73.61
N ASP FB 292 68.42 119.80 73.69
CA ASP FB 292 69.07 120.16 74.95
C ASP FB 292 68.77 121.60 75.32
N ASP FB 293 68.94 122.53 74.36
CA ASP FB 293 68.77 123.98 74.52
C ASP FB 293 69.60 124.51 75.69
N LEU FB 294 70.84 124.08 75.77
CA LEU FB 294 71.71 124.33 76.91
C LEU FB 294 73.14 124.45 76.41
N ILE FB 295 74.10 124.30 77.31
CA ILE FB 295 75.52 124.34 76.99
C ILE FB 295 76.15 123.00 77.34
N SER FB 296 76.81 122.39 76.36
CA SER FB 296 77.60 121.19 76.57
C SER FB 296 79.08 121.43 76.31
N PHE FB 297 79.41 122.06 75.19
CA PHE FB 297 80.78 122.48 74.89
C PHE FB 297 80.93 123.95 75.27
N GLN FB 298 81.98 124.25 76.03
CA GLN FB 298 82.20 125.59 76.57
C GLN FB 298 83.61 126.06 76.27
N PRO FB 299 83.93 126.29 75.01
CA PRO FB 299 85.20 126.97 74.68
C PRO FB 299 85.00 128.47 74.53
N VAL FB 300 86.09 129.24 74.56
CA VAL FB 300 85.99 130.69 74.45
C VAL FB 300 87.26 131.26 73.84
N SER FB 301 87.09 132.14 72.85
CA SER FB 301 88.20 132.90 72.27
C SER FB 301 88.32 134.22 73.02
N VAL FB 302 89.08 135.17 72.44
CA VAL FB 302 89.14 136.52 73.02
C VAL FB 302 87.79 137.21 72.89
N ASN FB 303 87.06 136.96 71.80
CA ASN FB 303 85.71 137.49 71.62
C ASN FB 303 84.85 136.36 71.05
N ARG FB 304 83.63 136.71 70.62
CA ARG FB 304 82.69 135.74 70.08
C ARG FB 304 82.92 135.57 68.58
N VAL FB 305 82.23 134.57 68.02
CA VAL FB 305 82.27 134.28 66.59
C VAL FB 305 81.04 134.94 65.97
N LEU FB 306 81.23 136.07 65.30
CA LEU FB 306 80.13 136.79 64.68
C LEU FB 306 79.66 136.16 63.38
N LEU FB 307 80.49 135.37 62.72
CA LEU FB 307 80.12 134.67 61.49
C LEU FB 307 80.79 133.29 61.52
N THR FB 308 80.05 132.30 62.02
CA THR FB 308 80.50 130.92 62.05
C THR FB 308 79.56 130.10 61.19
N VAL FB 309 79.95 129.87 59.93
CA VAL FB 309 79.13 129.17 58.96
C VAL FB 309 79.49 127.70 58.99
N ASN FB 310 78.55 126.86 58.55
CA ASN FB 310 78.72 125.43 58.58
C ASN FB 310 79.40 124.91 57.31
N ASN FB 311 79.90 123.69 57.40
CA ASN FB 311 80.61 123.02 56.32
C ASN FB 311 79.87 121.71 55.98
N VAL FB 312 80.52 120.89 55.14
CA VAL FB 312 79.95 119.59 54.78
C VAL FB 312 79.91 118.65 55.96
N ILE FB 313 80.99 118.62 56.75
CA ILE FB 313 81.04 117.78 57.95
C ILE FB 313 80.24 118.45 59.06
N TYR FB 314 79.82 117.65 60.04
CA TYR FB 314 78.96 118.14 61.10
C TYR FB 314 79.73 119.05 62.06
N LEU FB 315 80.94 118.65 62.45
CA LEU FB 315 81.73 119.43 63.38
C LEU FB 315 82.64 120.44 62.70
N LEU FB 316 82.63 120.51 61.37
CA LEU FB 316 83.49 121.43 60.64
C LEU FB 316 82.77 122.76 60.43
N ASP FB 317 83.47 123.86 60.69
CA ASP FB 317 82.92 125.19 60.54
C ASP FB 317 84.04 126.18 60.23
N LEU FB 318 83.66 127.28 59.59
CA LEU FB 318 84.57 128.38 59.30
C LEU FB 318 84.21 129.57 60.18
N LEU FB 319 85.17 130.03 60.97
CA LEU FB 319 84.91 131.02 62.01
C LEU FB 319 85.72 132.29 61.76
N HIS FB 320 85.02 133.42 61.74
CA HIS FB 320 85.65 134.74 61.68
C HIS FB 320 84.62 135.75 62.16
N CYS FB 321 85.03 136.62 63.07
CA CYS FB 321 84.12 137.61 63.64
C CYS FB 321 84.04 138.84 62.73
N SER FB 322 83.31 139.86 63.16
CA SER FB 322 83.30 141.13 62.44
C SER FB 322 84.66 141.80 62.49
N THR FB 323 85.31 141.77 63.65
CA THR FB 323 86.70 142.16 63.79
C THR FB 323 87.56 140.90 63.73
N LEU FB 324 88.87 141.05 63.96
CA LEU FB 324 89.83 139.92 63.91
C LEU FB 324 89.88 139.30 62.51
N SER FB 325 90.41 140.09 61.58
CA SER FB 325 90.46 139.70 60.18
C SER FB 325 91.48 138.59 59.93
N GLN FB 326 91.14 137.37 60.36
CA GLN FB 326 91.98 136.20 60.11
C GLN FB 326 91.03 134.99 60.10
N ARG FB 327 90.80 134.43 58.92
CA ARG FB 327 89.85 133.33 58.77
C ARG FB 327 90.37 132.07 59.44
N GLU FB 328 89.46 131.34 60.08
CA GLU FB 328 89.83 130.13 60.81
C GLU FB 328 88.84 129.02 60.48
N LEU FB 329 89.36 127.78 60.46
CA LEU FB 329 88.56 126.58 60.30
C LEU FB 329 88.46 125.89 61.65
N THR FB 330 87.24 125.48 62.03
CA THR FB 330 86.98 124.90 63.34
C THR FB 330 86.44 123.49 63.15
N HIS FB 331 87.26 122.50 63.50
CA HIS FB 331 86.83 121.09 63.47
C HIS FB 331 86.40 120.63 64.86
N VAL FB 332 85.33 121.28 65.36
CA VAL FB 332 84.80 120.96 66.67
C VAL FB 332 83.31 121.32 66.72
N LYS FB 495 133.75 115.63 80.99
CA LYS FB 495 133.13 114.47 80.34
C LYS FB 495 131.62 114.65 80.25
N THR FB 496 131.16 115.88 80.45
CA THR FB 496 129.73 116.15 80.38
C THR FB 496 129.21 116.14 78.95
N LEU FB 497 130.10 116.34 77.97
CA LEU FB 497 129.69 116.27 76.58
C LEU FB 497 129.40 114.84 76.15
N THR FB 498 130.21 113.88 76.63
CA THR FB 498 130.02 112.48 76.26
C THR FB 498 128.82 111.88 76.97
N PHE FB 499 128.62 112.23 78.25
CA PHE FB 499 127.53 111.64 79.01
C PHE FB 499 126.17 112.19 78.57
N LEU FB 500 126.13 113.44 78.11
CA LEU FB 500 124.91 113.96 77.51
C LEU FB 500 124.62 113.28 76.18
N LEU FB 501 125.66 112.98 75.41
CA LEU FB 501 125.48 112.22 74.18
C LEU FB 501 125.09 110.77 74.47
N THR FB 502 125.51 110.24 75.62
CA THR FB 502 125.07 108.92 76.03
C THR FB 502 123.60 108.92 76.45
N HIS FB 503 123.10 110.07 76.89
CA HIS FB 503 121.69 110.20 77.25
C HIS FB 503 120.83 110.10 75.99
N PRO FB 504 119.77 109.30 75.99
CA PRO FB 504 119.12 108.93 74.72
C PRO FB 504 118.11 109.92 74.17
N LEU FB 505 118.12 111.17 74.61
CA LEU FB 505 117.20 112.16 74.06
C LEU FB 505 117.92 113.48 73.77
N PHE FB 506 117.71 114.00 72.56
CA PHE FB 506 118.18 115.29 72.06
C PHE FB 506 117.13 115.78 71.06
N PRO FB 507 116.40 116.87 71.36
CA PRO FB 507 115.19 117.19 70.58
C PRO FB 507 115.39 117.55 69.10
N LEU FB 508 116.00 118.70 68.81
CA LEU FB 508 116.16 119.08 67.41
C LEU FB 508 117.54 119.69 67.14
N SER FB 509 118.03 120.50 68.08
CA SER FB 509 118.95 121.59 67.76
C SER FB 509 120.33 121.08 67.38
N ARG FB 510 120.97 120.33 68.29
CA ARG FB 510 122.26 119.75 67.97
C ARG FB 510 122.13 118.34 67.40
N THR FB 511 120.97 118.01 66.81
CA THR FB 511 120.82 116.76 66.08
C THR FB 511 121.00 116.96 64.59
N ARG FB 512 120.30 117.95 64.03
CA ARG FB 512 120.45 118.26 62.61
C ARG FB 512 121.79 118.89 62.30
N ASN FB 513 122.45 119.48 63.29
CA ASN FB 513 123.81 120.00 63.15
C ASN FB 513 124.65 119.38 64.27
N LEU FB 514 125.17 118.18 64.01
CA LEU FB 514 126.21 117.60 64.84
C LEU FB 514 127.38 117.08 64.03
N LEU FB 515 127.13 116.53 62.84
CA LEU FB 515 128.19 115.95 62.04
C LEU FB 515 129.13 117.01 61.47
N SER FB 516 128.67 118.26 61.37
CA SER FB 516 129.59 119.35 61.12
C SER FB 516 130.50 119.58 62.32
N LEU FB 517 129.94 119.57 63.53
CA LEU FB 517 130.71 119.83 64.73
C LEU FB 517 131.54 118.63 65.16
N LEU FB 518 130.99 117.42 65.02
CA LEU FB 518 131.66 116.24 65.56
C LEU FB 518 132.80 115.74 64.67
N ARG FB 519 132.95 116.28 63.47
CA ARG FB 519 134.04 115.88 62.58
C ARG FB 519 135.38 116.43 63.07
N PRO FB 522 138.41 111.14 66.09
CA PRO FB 522 137.99 111.79 67.34
C PRO FB 522 137.18 110.87 68.24
N ARG FB 523 137.47 110.88 69.54
CA ARG FB 523 136.72 110.04 70.47
C ARG FB 523 135.30 110.57 70.66
N LEU FB 524 135.09 111.87 70.44
CA LEU FB 524 133.73 112.42 70.47
C LEU FB 524 132.93 111.95 69.27
N PHE FB 525 133.59 111.80 68.12
CA PHE FB 525 132.92 111.33 66.91
C PHE FB 525 132.55 109.85 67.03
N LYS FB 526 133.41 109.05 67.68
CA LYS FB 526 133.11 107.64 67.89
C LYS FB 526 131.98 107.45 68.89
N GLN FB 527 131.93 108.30 69.92
CA GLN FB 527 130.86 108.21 70.91
C GLN FB 527 129.53 108.68 70.33
N ALA FB 528 129.57 109.68 69.43
CA ALA FB 528 128.33 110.14 68.81
C ALA FB 528 127.80 109.15 67.78
N ILE FB 529 128.69 108.35 67.19
CA ILE FB 529 128.24 107.35 66.22
C ILE FB 529 127.51 106.22 66.92
N VAL FB 530 128.05 105.72 68.03
CA VAL FB 530 127.49 104.54 68.66
C VAL FB 530 126.30 104.85 69.57
N THR FB 531 126.12 106.11 69.99
CA THR FB 531 125.01 106.46 70.87
C THR FB 531 124.58 107.89 70.55
N CYS FB 532 123.49 108.02 69.80
CA CYS FB 532 122.84 109.30 69.52
C CYS FB 532 121.39 109.00 69.17
N PRO FB 533 120.43 109.78 69.70
CA PRO FB 533 119.02 109.52 69.37
C PRO FB 533 118.67 109.83 67.93
N ASN FB 534 118.96 111.04 67.46
CA ASN FB 534 118.69 111.47 66.10
C ASN FB 534 120.01 111.67 65.36
N LEU FB 535 120.07 111.18 64.13
CA LEU FB 535 121.25 111.30 63.30
C LEU FB 535 120.87 111.83 61.93
N PRO FB 536 121.77 112.58 61.29
CA PRO FB 536 121.50 113.05 59.92
C PRO FB 536 121.48 111.90 58.93
N LEU FB 537 120.56 111.97 57.96
CA LEU FB 537 120.47 110.92 56.96
C LEU FB 537 121.54 111.08 55.89
N ASN FB 538 121.50 112.21 55.17
CA ASN FB 538 122.38 112.40 54.01
C ASN FB 538 123.82 112.66 54.45
N GLU FB 539 124.01 113.27 55.62
CA GLU FB 539 125.36 113.62 56.06
C GLU FB 539 126.11 112.39 56.56
N LEU FB 540 125.41 111.48 57.24
CA LEU FB 540 126.03 110.20 57.60
C LEU FB 540 126.27 109.33 56.37
N LEU FB 541 125.41 109.46 55.36
CA LEU FB 541 125.66 108.79 54.08
C LEU FB 541 126.87 109.37 53.37
N GLU FB 542 127.11 110.68 53.54
CA GLU FB 542 128.34 111.28 53.00
C GLU FB 542 129.56 110.77 53.74
N GLU FB 543 129.44 110.55 55.06
CA GLU FB 543 130.52 109.93 55.81
C GLU FB 543 130.62 108.44 55.50
N LEU FB 544 129.53 107.82 55.05
CA LEU FB 544 129.58 106.42 54.64
C LEU FB 544 130.36 106.26 53.35
N PHE FB 545 130.17 107.17 52.40
CA PHE FB 545 130.80 107.06 51.09
C PHE FB 545 132.19 107.67 51.05
N SER FB 546 132.71 108.14 52.17
CA SER FB 546 134.10 108.56 52.24
C SER FB 546 135.01 107.33 52.31
N ILE FB 547 136.31 107.58 52.15
CA ILE FB 547 137.28 106.54 51.85
C ILE FB 547 138.24 106.30 53.02
N ARG FB 548 137.78 106.66 54.23
CA ARG FB 548 138.64 106.63 55.42
C ARG FB 548 138.99 105.21 55.82
N ASN FB 549 137.98 104.41 56.18
CA ASN FB 549 138.10 103.00 56.57
C ASN FB 549 139.08 102.80 57.73
N ARG FB 550 138.73 103.39 58.87
CA ARG FB 550 139.34 103.04 60.15
C ARG FB 550 138.37 102.16 60.94
N GLU FB 551 137.68 101.28 60.20
CA GLU FB 551 136.53 100.45 60.59
C GLU FB 551 135.33 101.28 61.01
N LEU FB 552 135.30 102.57 60.68
CA LEU FB 552 134.09 103.35 60.85
C LEU FB 552 133.09 103.07 59.75
N LEU FB 553 133.56 102.58 58.61
CA LEU FB 553 132.65 102.16 57.54
C LEU FB 553 131.81 100.97 57.97
N LEU FB 554 132.42 100.02 58.69
CA LEU FB 554 131.64 98.92 59.25
C LEU FB 554 130.84 99.34 60.47
N ASP FB 555 131.31 100.38 61.18
CA ASP FB 555 130.64 100.83 62.39
C ASP FB 555 129.31 101.51 62.05
N ILE FB 556 129.32 102.41 61.08
CA ILE FB 556 128.10 103.15 60.77
C ILE FB 556 127.21 102.41 59.80
N SER FB 557 127.71 101.37 59.13
CA SER FB 557 126.84 100.49 58.36
C SER FB 557 125.90 99.72 59.27
N PHE FB 558 126.39 99.35 60.46
CA PHE FB 558 125.54 98.75 61.48
C PHE FB 558 124.58 99.78 62.06
N ARG FB 559 124.97 101.05 62.05
CA ARG FB 559 124.12 102.10 62.61
C ARG FB 559 122.98 102.44 61.67
N ILE FB 560 123.25 102.50 60.36
CA ILE FB 560 122.23 102.97 59.43
C ILE FB 560 121.22 101.85 59.14
N LEU FB 561 121.63 100.60 59.30
CA LEU FB 561 120.72 99.48 59.08
C LEU FB 561 119.89 99.18 60.32
N GLN FB 562 120.19 99.84 61.43
CA GLN FB 562 119.48 99.55 62.67
C GLN FB 562 118.26 100.44 62.85
N ASP FB 563 118.46 101.76 62.79
CA ASP FB 563 117.39 102.69 63.15
C ASP FB 563 116.75 103.48 62.00
N PHE FB 564 117.35 103.54 60.82
CA PHE FB 564 116.63 103.91 59.59
C PHE FB 564 116.22 102.67 58.82
N THR FB 565 115.07 102.78 58.14
CA THR FB 565 114.37 101.65 57.54
C THR FB 565 114.91 101.34 56.14
N ARG FB 566 114.52 100.16 55.64
CA ARG FB 566 115.04 99.68 54.35
C ARG FB 566 114.49 100.49 53.18
N ASP FB 567 113.22 100.90 53.26
CA ASP FB 567 112.68 101.73 52.18
C ASP FB 567 113.21 103.15 52.28
N SER FB 568 113.30 103.71 53.48
CA SER FB 568 113.56 105.14 53.64
C SER FB 568 115.02 105.48 53.38
N ILE FB 569 115.93 104.50 53.48
CA ILE FB 569 117.34 104.77 53.19
C ILE FB 569 117.50 104.94 51.67
N LYS FB 570 116.61 104.30 50.90
CA LYS FB 570 116.82 104.14 49.46
C LYS FB 570 116.72 105.46 48.71
N GLN FB 571 115.67 106.25 48.96
CA GLN FB 571 115.60 107.53 48.26
C GLN FB 571 116.54 108.56 48.84
N GLU FB 572 116.97 108.38 50.10
CA GLU FB 572 117.92 109.31 50.69
C GLU FB 572 119.28 109.20 50.04
N MET FB 573 119.62 108.02 49.53
CA MET FB 573 120.82 107.83 48.73
C MET FB 573 120.51 107.66 47.25
N LYS FB 574 119.25 107.87 46.84
CA LYS FB 574 118.95 108.28 45.47
C LYS FB 574 119.31 109.75 45.26
N LYS FB 575 118.97 110.60 46.25
CA LYS FB 575 119.23 112.03 46.13
C LYS FB 575 120.71 112.37 46.23
N LEU FB 576 121.52 111.45 46.76
CA LEU FB 576 122.95 111.68 46.86
C LEU FB 576 123.59 111.62 45.48
N SER FB 577 124.81 112.15 45.39
CA SER FB 577 125.49 112.35 44.12
C SER FB 577 125.95 111.03 43.53
N LYS FB 578 126.54 111.09 42.34
CA LYS FB 578 126.92 109.90 41.59
C LYS FB 578 128.38 109.50 41.77
N LEU FB 579 129.30 110.48 41.77
CA LEU FB 579 130.73 110.19 41.70
C LEU FB 579 131.23 109.51 42.97
N ASP FB 580 130.61 109.81 44.11
CA ASP FB 580 131.00 109.16 45.35
C ASP FB 580 130.53 107.71 45.41
N VAL FB 581 129.56 107.33 44.57
CA VAL FB 581 129.01 105.98 44.65
C VAL FB 581 129.96 104.96 44.01
N GLN FB 582 130.46 105.25 42.80
CA GLN FB 582 131.41 104.31 42.19
C GLN FB 582 132.75 104.33 42.91
N ASN FB 583 133.09 105.44 43.57
CA ASN FB 583 134.28 105.45 44.41
C ASN FB 583 134.10 104.53 45.62
N PHE FB 584 132.87 104.42 46.11
CA PHE FB 584 132.59 103.51 47.22
C PHE FB 584 132.68 102.06 46.77
N ILE FB 585 132.07 101.71 45.63
CA ILE FB 585 132.03 100.32 45.22
C ILE FB 585 133.37 99.87 44.63
N GLU FB 586 134.21 100.83 44.20
CA GLU FB 586 135.57 100.45 43.83
C GLU FB 586 136.41 100.21 45.09
N PHE FB 587 136.08 100.89 46.18
CA PHE FB 587 136.81 100.65 47.43
C PHE FB 587 136.34 99.37 48.11
N ILE FB 588 135.04 99.05 48.03
CA ILE FB 588 134.53 97.84 48.65
C ILE FB 588 135.04 96.62 47.90
N THR FB 589 135.09 96.68 46.57
CA THR FB 589 135.65 95.59 45.78
C THR FB 589 137.17 95.48 45.92
N SER FB 590 137.83 96.49 46.48
CA SER FB 590 139.26 96.40 46.77
C SER FB 590 139.50 95.89 48.19
N GLY FB 591 138.92 96.56 49.18
CA GLY FB 591 139.07 96.17 50.57
C GLY FB 591 138.47 97.17 51.54
N SER FB 605 131.48 92.38 58.24
CA SER FB 605 131.43 92.64 56.81
C SER FB 605 130.07 92.26 56.23
N THR FB 606 129.19 91.73 57.09
CA THR FB 606 127.85 91.37 56.65
C THR FB 606 127.02 92.59 56.31
N GLN FB 607 127.14 93.65 57.12
CA GLN FB 607 126.40 94.88 56.84
C GLN FB 607 126.96 95.61 55.62
N LEU FB 608 128.25 95.43 55.33
CA LEU FB 608 128.83 96.00 54.12
C LEU FB 608 128.24 95.35 52.86
N PHE FB 609 128.02 94.04 52.91
CA PHE FB 609 127.42 93.36 51.77
C PHE FB 609 125.94 93.70 51.62
N GLN FB 610 125.26 93.97 52.74
CA GLN FB 610 123.89 94.44 52.67
C GLN FB 610 123.82 95.84 52.07
N LEU FB 611 124.83 96.65 52.36
CA LEU FB 611 124.95 97.94 51.68
C LEU FB 611 125.40 97.78 50.23
N LEU FB 612 126.13 96.70 49.91
CA LEU FB 612 126.52 96.45 48.53
C LEU FB 612 125.30 96.16 47.66
N SER FB 613 124.30 95.49 48.23
CA SER FB 613 123.02 95.32 47.54
C SER FB 613 122.30 96.65 47.40
N LEU FB 614 122.46 97.54 48.39
CA LEU FB 614 121.74 98.81 48.35
C LEU FB 614 122.36 99.79 47.37
N VAL FB 615 123.70 99.82 47.27
CA VAL FB 615 124.33 100.74 46.32
C VAL FB 615 124.16 100.25 44.89
N LEU FB 616 123.96 98.93 44.70
CA LEU FB 616 123.59 98.44 43.39
C LEU FB 616 122.16 98.79 43.06
N ASP FB 617 121.32 98.91 44.08
CA ASP FB 617 119.92 99.27 43.85
C ASP FB 617 119.75 100.77 43.64
N SER FB 618 120.61 101.60 44.28
CA SER FB 618 120.50 103.04 44.10
C SER FB 618 120.97 103.47 42.72
N ILE FB 619 121.96 102.77 42.16
CA ILE FB 619 122.37 103.03 40.79
C ILE FB 619 121.24 102.67 39.84
N GLY FB 620 120.58 101.55 40.09
CA GLY FB 620 119.44 101.14 39.29
C GLY FB 620 119.86 100.56 37.96
N LEU FB 621 119.39 101.17 36.87
CA LEU FB 621 119.69 100.70 35.52
C LEU FB 621 120.23 101.83 34.65
N PHE FB 622 121.01 102.74 35.23
CA PHE FB 622 121.43 103.95 34.53
C PHE FB 622 122.93 103.98 34.26
N SER FB 623 123.77 103.88 35.29
CA SER FB 623 125.21 104.12 35.16
C SER FB 623 125.96 102.89 35.68
N LEU FB 624 126.16 101.91 34.80
CA LEU FB 624 126.87 100.68 35.15
C LEU FB 624 128.12 100.60 34.28
N GLU FB 625 129.28 100.89 34.87
CA GLU FB 625 130.54 100.84 34.14
C GLU FB 625 130.92 99.40 33.84
N GLY FB 626 131.41 99.18 32.63
CA GLY FB 626 131.77 97.84 32.17
C GLY FB 626 132.92 97.20 32.91
N ALA FB 627 134.02 97.95 33.11
CA ALA FB 627 135.17 97.40 33.81
C ALA FB 627 134.90 97.30 35.31
N LEU FB 628 134.13 98.25 35.86
CA LEU FB 628 133.84 98.24 37.29
C LEU FB 628 132.89 97.11 37.65
N LEU FB 629 131.95 96.78 36.76
CA LEU FB 629 131.07 95.66 37.00
C LEU FB 629 131.79 94.33 36.89
N GLU FB 630 132.74 94.21 35.95
CA GLU FB 630 133.48 92.97 35.81
C GLU FB 630 134.45 92.78 36.97
N ASN FB 631 134.96 93.88 37.53
CA ASN FB 631 135.71 93.78 38.79
C ASN FB 631 134.80 93.34 39.92
N LEU FB 632 133.56 93.87 39.95
CA LEU FB 632 132.64 93.53 41.02
C LEU FB 632 132.08 92.13 40.86
N THR FB 633 131.89 91.66 39.62
CA THR FB 633 131.33 90.33 39.39
C THR FB 633 132.29 89.24 39.84
N LEU FB 634 133.58 89.40 39.56
CA LEU FB 634 134.56 88.42 40.01
C LEU FB 634 134.74 88.48 41.51
N TYR FB 635 134.57 89.66 42.10
CA TYR FB 635 134.69 89.81 43.55
C TYR FB 635 133.56 89.12 44.29
N ILE FB 636 132.33 89.26 43.78
CA ILE FB 636 131.20 88.64 44.43
C ILE FB 636 131.19 87.14 44.19
N ASP FB 637 131.57 86.70 42.98
CA ASP FB 637 131.54 85.27 42.64
C ASP FB 637 132.55 84.47 43.44
N LYS FB 638 133.73 85.04 43.71
CA LYS FB 638 134.65 84.37 44.62
C LYS FB 638 134.19 84.47 46.06
N GLN FB 639 133.29 85.41 46.38
CA GLN FB 639 132.69 85.42 47.70
C GLN FB 639 131.44 84.54 47.76
N VAL FB 640 130.90 84.15 46.60
CA VAL FB 640 129.92 83.07 46.59
C VAL FB 640 130.60 81.75 46.93
N GLU FB 641 131.75 81.49 46.31
CA GLU FB 641 132.45 80.23 46.52
C GLU FB 641 133.11 80.17 47.90
N ILE FB 642 133.26 81.31 48.57
CA ILE FB 642 133.73 81.26 49.95
C ILE FB 642 132.55 81.23 50.92
N ALA FB 643 131.34 81.53 50.43
CA ALA FB 643 130.17 81.43 51.30
C ALA FB 643 129.64 80.00 51.33
N GLU FB 644 129.58 79.35 50.16
CA GLU FB 644 129.10 77.96 50.14
C GLU FB 644 130.13 77.02 50.74
N ARG FB 645 131.42 77.37 50.64
CA ARG FB 645 132.45 76.59 51.33
C ARG FB 645 132.31 76.73 52.84
N ASN FB 646 131.97 77.93 53.31
CA ASN FB 646 131.92 78.17 54.75
C ASN FB 646 130.66 77.58 55.37
N THR FB 647 129.56 77.53 54.62
CA THR FB 647 128.36 76.87 55.14
C THR FB 647 128.55 75.36 55.21
N GLU FB 648 129.33 74.80 54.28
CA GLU FB 648 129.72 73.41 54.38
C GLU FB 648 130.62 73.19 55.59
N LEU FB 649 131.49 74.16 55.89
CA LEU FB 649 132.34 74.08 57.07
C LEU FB 649 131.51 74.13 58.34
N TRP FB 650 130.45 74.94 58.35
CA TRP FB 650 129.63 75.05 59.55
C TRP FB 650 128.78 73.81 59.78
N ASN FB 651 128.44 73.10 58.71
CA ASN FB 651 127.67 71.88 58.88
C ASN FB 651 128.54 70.73 59.37
N LEU FB 652 129.77 70.64 58.87
CA LEU FB 652 130.66 69.54 59.27
C LEU FB 652 131.16 69.68 60.68
N ILE FB 653 131.28 70.90 61.21
CA ILE FB 653 131.61 71.07 62.62
C ILE FB 653 130.40 70.83 63.51
N ASP FB 654 129.19 70.87 62.95
CA ASP FB 654 128.01 70.45 63.70
C ASP FB 654 127.90 68.94 63.79
N THR FB 655 128.60 68.23 62.91
CA THR FB 655 128.64 66.77 62.96
C THR FB 655 129.57 66.31 64.07
N ALA FB 676 133.25 41.15 62.41
CA ALA FB 676 132.76 41.31 61.06
C ALA FB 676 132.39 39.97 60.45
N LEU FB 677 133.37 39.31 59.82
CA LEU FB 677 133.21 37.99 59.23
C LEU FB 677 134.30 37.10 59.84
N PRO FB 678 134.09 36.61 61.06
CA PRO FB 678 135.14 35.90 61.79
C PRO FB 678 135.18 34.40 61.49
N THR FB 679 135.18 34.05 60.20
CA THR FB 679 135.22 32.65 59.81
C THR FB 679 136.56 32.01 60.18
N TYR FB 680 137.67 32.74 60.01
CA TYR FB 680 138.96 32.30 60.51
C TYR FB 680 139.79 33.55 60.79
N THR FB 681 139.87 33.93 62.06
CA THR FB 681 140.74 35.00 62.51
C THR FB 681 141.98 34.38 63.15
N MET FB 682 143.15 34.84 62.73
CA MET FB 682 144.40 34.40 63.34
C MET FB 682 144.78 35.30 64.50
N GLU FB 683 143.90 35.34 65.50
CA GLU FB 683 144.09 36.24 66.62
C GLU FB 683 145.17 35.70 67.55
N TYR FB 684 145.60 36.55 68.47
CA TYR FB 684 146.88 36.35 69.14
C TYR FB 684 146.61 36.36 70.64
N LEU FB 685 146.81 35.24 71.34
CA LEU FB 685 146.64 35.30 72.78
C LEU FB 685 147.90 34.85 73.52
N ASP FB 686 147.79 34.81 74.84
CA ASP FB 686 148.90 34.47 75.72
C ASP FB 686 148.36 33.88 77.02
N ILE FB 687 149.25 33.23 77.75
CA ILE FB 687 148.95 32.68 79.06
C ILE FB 687 148.72 33.80 80.08
N ILE GB 1 124.43 17.88 33.46
CA ILE GB 1 124.39 16.44 33.26
C ILE GB 1 124.11 15.75 34.59
N LYS GB 2 124.21 16.52 35.68
CA LYS GB 2 123.96 15.97 37.00
C LYS GB 2 122.47 15.75 37.27
N THR GB 3 121.59 16.33 36.45
CA THR GB 3 120.17 16.02 36.53
C THR GB 3 119.91 14.58 36.11
N LYS GB 4 120.66 14.08 35.13
CA LYS GB 4 120.58 12.67 34.77
C LYS GB 4 121.27 11.80 35.81
N LYS GB 5 122.21 12.37 36.57
CA LYS GB 5 122.98 11.56 37.52
C LYS GB 5 122.15 11.19 38.75
N ARG GB 6 121.38 12.14 39.29
CA ARG GB 6 120.52 11.78 40.40
C ARG GB 6 119.24 11.11 39.96
N LYS GB 7 118.90 11.20 38.66
CA LYS GB 7 117.85 10.35 38.10
C LYS GB 7 118.26 8.89 38.14
N THR GB 8 119.53 8.61 37.82
CA THR GB 8 120.05 7.25 37.97
C THR GB 8 120.15 6.86 39.44
N LEU GB 9 120.39 7.82 40.33
CA LEU GB 9 120.42 7.53 41.76
C LEU GB 9 119.02 7.13 42.25
N LYS GB 10 117.98 7.74 41.68
CA LYS GB 10 116.61 7.34 41.98
C LYS GB 10 116.27 5.98 41.38
N ASN GB 11 117.06 5.52 40.40
CA ASN GB 11 116.75 4.25 39.76
C ASN GB 11 117.23 3.10 40.65
N LEU GB 12 118.46 3.18 41.17
CA LEU GB 12 118.92 2.13 42.07
C LEU GB 12 118.32 2.26 43.47
N ARG GB 13 117.86 3.44 43.86
CA ARG GB 13 117.24 3.58 45.17
C ARG GB 13 115.77 3.19 45.15
N LYS GB 14 115.17 2.99 43.99
CA LYS GB 14 113.81 2.47 43.95
C LYS GB 14 113.81 0.98 44.27
N ASP GB 15 112.69 0.52 44.84
CA ASP GB 15 112.58 -0.87 45.28
C ASP GB 15 111.24 -1.49 44.89
N SER GB 16 110.52 -0.89 43.95
CA SER GB 16 109.21 -1.40 43.56
C SER GB 16 109.00 -1.14 42.07
N VAL GB 17 108.93 -2.20 41.28
CA VAL GB 17 108.67 -2.09 39.85
C VAL GB 17 107.34 -2.80 39.58
N LYS GB 18 106.64 -2.34 38.54
CA LYS GB 18 105.32 -2.87 38.21
C LYS GB 18 105.45 -3.69 36.93
N ARG GB 19 105.79 -4.97 37.11
CA ARG GB 19 105.96 -5.86 35.97
C ARG GB 19 104.59 -6.22 35.40
N GLY GB 20 104.16 -5.46 34.39
CA GLY GB 20 102.83 -5.66 33.83
C GLY GB 20 101.76 -5.23 34.81
N LYS GB 21 100.72 -6.05 34.91
CA LYS GB 21 99.71 -5.87 35.95
C LYS GB 21 100.31 -6.14 37.32
N PHE GB 22 101.23 -7.11 37.41
CA PHE GB 22 101.83 -7.50 38.67
C PHE GB 22 102.85 -6.46 39.14
N ARG GB 23 103.10 -6.46 40.45
CA ARG GB 23 104.07 -5.58 41.07
C ARG GB 23 104.97 -6.40 41.97
N VAL GB 24 106.21 -5.96 42.14
CA VAL GB 24 107.16 -6.64 43.01
C VAL GB 24 107.80 -5.62 43.94
N GLN GB 25 107.71 -5.86 45.24
CA GLN GB 25 108.33 -5.03 46.25
C GLN GB 25 109.56 -5.73 46.82
N LEU GB 26 110.62 -4.96 47.02
CA LEU GB 26 111.82 -5.47 47.67
C LEU GB 26 111.63 -5.40 49.18
N LEU GB 27 111.99 -6.49 49.86
CA LEU GB 27 111.88 -6.57 51.31
C LEU GB 27 113.21 -6.15 51.93
N SER GB 28 113.15 -5.27 52.93
CA SER GB 28 114.34 -4.75 53.57
C SER GB 28 114.87 -5.79 54.56
N THR GB 29 116.00 -5.48 55.18
CA THR GB 29 116.69 -6.41 56.07
C THR GB 29 116.05 -6.39 57.45
N THR GB 30 116.15 -7.52 58.16
CA THR GB 30 115.56 -7.63 59.49
C THR GB 30 116.32 -6.83 60.54
N GLN GB 31 117.63 -6.65 60.38
CA GLN GB 31 118.40 -5.92 61.37
C GLN GB 31 118.14 -4.43 61.32
N ASP GB 32 117.79 -3.91 60.13
CA ASP GB 32 117.44 -2.49 60.04
C ASP GB 32 116.05 -2.23 60.60
N SER GB 33 115.17 -3.24 60.59
CA SER GB 33 113.81 -3.04 61.08
C SER GB 33 113.78 -3.00 62.60
N LYS GB 34 114.63 -3.79 63.25
CA LYS GB 34 114.55 -3.90 64.70
C LYS GB 34 115.41 -2.86 65.42
N THR GB 35 116.59 -2.56 64.87
CA THR GB 35 117.55 -1.70 65.55
C THR GB 35 117.46 -0.25 65.11
N LEU GB 36 116.37 0.16 64.44
CA LEU GB 36 116.22 1.52 63.99
C LEU GB 36 114.76 1.93 64.16
N PRO GB 37 114.47 3.09 64.72
CA PRO GB 37 113.08 3.56 64.83
C PRO GB 37 112.52 3.90 63.46
N PRO GB 38 111.19 3.86 63.28
CA PRO GB 38 110.63 4.11 61.96
C PRO GB 38 110.72 5.57 61.54
N LYS GB 39 110.61 5.77 60.23
CA LYS GB 39 110.62 7.12 59.67
C LYS GB 39 109.37 7.88 60.06
N LYS GB 40 109.54 9.16 60.38
CA LYS GB 40 108.40 10.06 60.39
C LYS GB 40 107.94 10.29 58.96
N GLU GB 41 106.64 10.50 58.79
CA GLU GB 41 106.09 10.74 57.47
C GLU GB 41 105.69 12.20 57.35
N SER GB 42 105.67 12.69 56.11
CA SER GB 42 105.62 14.13 55.86
C SER GB 42 104.25 14.73 56.19
N SER GB 43 103.21 13.91 56.20
CA SER GB 43 101.86 14.46 56.40
C SER GB 43 101.62 14.84 57.86
N ILE GB 44 102.32 14.18 58.79
CA ILE GB 44 102.01 14.40 60.20
C ILE GB 44 102.86 15.52 60.77
N ILE GB 45 104.05 15.75 60.19
CA ILE GB 45 104.93 16.78 60.75
C ILE GB 45 104.68 18.12 60.06
N ARG GB 46 104.39 18.11 58.76
CA ARG GB 46 104.14 19.37 58.08
C ARG GB 46 102.77 19.95 58.43
N SER GB 47 101.86 19.11 58.95
CA SER GB 47 100.59 19.63 59.45
C SER GB 47 100.81 20.44 60.73
N LYS GB 48 101.75 20.02 61.57
CA LYS GB 48 102.09 20.79 62.75
C LYS GB 48 102.94 22.02 62.40
N ASP GB 49 103.81 21.88 61.41
CA ASP GB 49 104.81 22.91 61.13
C ASP GB 49 104.15 24.14 60.54
N ARG GB 50 103.30 23.97 59.53
CA ARG GB 50 102.68 25.14 58.93
C ARG GB 50 101.46 25.63 59.70
N TRP GB 51 100.99 24.86 60.68
CA TRP GB 51 100.01 25.42 61.62
C TRP GB 51 100.69 26.38 62.59
N LEU GB 52 101.86 26.00 63.11
CA LEU GB 52 102.60 26.88 63.99
C LEU GB 52 103.15 28.09 63.24
N ASN GB 53 103.56 27.90 61.99
CA ASN GB 53 104.11 28.96 61.17
C ASN GB 53 103.10 29.50 60.16
N ARG GB 54 101.81 29.50 60.51
CA ARG GB 54 100.81 30.08 59.63
C ARG GB 54 100.95 31.60 59.61
N LYS GB 55 100.39 32.21 58.57
CA LYS GB 55 100.52 33.65 58.39
C LYS GB 55 99.55 34.45 59.24
N ALA GB 56 98.66 33.80 59.98
CA ALA GB 56 97.75 34.52 60.86
C ALA GB 56 98.45 35.12 62.08
N LEU GB 57 99.59 34.56 62.48
CA LEU GB 57 100.46 35.18 63.46
C LEU GB 57 101.73 35.61 62.76
N ASN GB 58 102.18 36.82 63.05
CA ASN GB 58 103.21 37.48 62.24
C ASN GB 58 104.59 37.01 62.68
N LYS GB 59 104.91 35.78 62.29
CA LYS GB 59 106.21 35.22 62.62
C LYS GB 59 107.28 35.75 61.66
N GLY GB 60 108.53 35.49 62.01
CA GLY GB 60 109.66 35.92 61.20
C GLY GB 60 110.12 37.33 61.52
N TYR HB 1 -71.83 73.96 -18.64
CA TYR HB 1 -73.04 73.20 -18.32
C TYR HB 1 -73.79 73.79 -17.13
N LYS HB 2 -74.83 74.56 -17.40
CA LYS HB 2 -75.68 75.05 -16.32
C LYS HB 2 -76.55 73.93 -15.78
N GLY HB 3 -76.89 74.04 -14.50
CA GLY HB 3 -77.77 73.06 -13.90
C GLY HB 3 -78.66 73.61 -12.80
N ILE HB 4 -79.97 73.45 -12.95
CA ILE HB 4 -80.94 73.79 -11.92
C ILE HB 4 -81.82 72.56 -11.66
N SER HB 5 -82.74 72.71 -10.71
CA SER HB 5 -83.63 71.61 -10.36
C SER HB 5 -84.95 72.17 -9.85
N LEU HB 6 -85.96 71.31 -9.82
CA LEU HB 6 -87.28 71.66 -9.32
C LEU HB 6 -87.72 70.60 -8.31
N ASN HB 7 -88.50 71.03 -7.33
CA ASN HB 7 -88.90 70.20 -6.20
C ASN HB 7 -90.41 70.31 -6.00
N PRO HB 8 -91.11 69.17 -5.96
CA PRO HB 8 -92.53 69.21 -5.53
C PRO HB 8 -92.66 69.65 -4.09
N ILE HB 9 -93.74 70.36 -3.80
CA ILE HB 9 -93.81 71.14 -2.58
C ILE HB 9 -94.79 70.54 -1.58
N TYR HB 10 -95.66 69.64 -2.03
CA TYR HB 10 -96.63 69.01 -1.16
C TYR HB 10 -96.26 67.55 -0.95
N ALA HB 11 -96.12 67.16 0.31
CA ALA HB 11 -95.86 65.77 0.67
C ALA HB 11 -96.45 65.53 2.06
N GLY HB 12 -96.03 64.43 2.70
CA GLY HB 12 -96.52 64.13 4.03
C GLY HB 12 -97.96 63.67 4.03
N SER HB 13 -98.66 63.99 5.11
CA SER HB 13 -100.07 63.67 5.23
C SER HB 13 -100.91 64.71 4.47
N SER HB 14 -102.22 64.55 4.53
CA SER HB 14 -103.14 65.49 3.88
C SER HB 14 -103.51 66.64 4.79
N ALA HB 15 -102.49 67.32 5.31
CA ALA HB 15 -102.70 68.50 6.14
C ALA HB 15 -103.16 69.67 5.29
N VAL HB 16 -103.98 70.53 5.88
CA VAL HB 16 -104.49 71.69 5.16
C VAL HB 16 -103.39 72.73 5.03
N ALA HB 17 -103.14 73.16 3.80
CA ALA HB 17 -102.22 74.27 3.57
C ALA HB 17 -102.84 75.57 4.06
N THR HB 18 -101.99 76.52 4.43
CA THR HB 18 -102.46 77.81 4.91
C THR HB 18 -101.63 78.94 4.30
N VAL HB 19 -102.33 80.01 3.92
CA VAL HB 19 -101.71 81.18 3.34
C VAL HB 19 -102.07 82.38 4.21
N SER HB 20 -101.43 83.51 3.91
CA SER HB 20 -101.72 84.78 4.58
C SER HB 20 -102.89 85.46 3.88
N GLU HB 21 -103.10 86.75 4.17
CA GLU HB 21 -104.20 87.47 3.55
C GLU HB 21 -103.97 87.71 2.06
N ASN HB 22 -102.73 87.67 1.60
CA ASN HB 22 -102.45 87.75 0.18
C ASN HB 22 -102.24 86.35 -0.41
N GLY HB 23 -102.23 86.28 -1.73
CA GLY HB 23 -101.91 85.06 -2.44
C GLY HB 23 -100.44 84.90 -2.78
N LYS HB 24 -99.56 85.66 -2.14
CA LYS HB 24 -98.14 85.70 -2.49
C LYS HB 24 -97.30 84.82 -1.57
N ILE HB 25 -97.92 83.97 -0.76
CA ILE HB 25 -97.21 83.11 0.18
C ILE HB 25 -98.02 81.83 0.36
N LEU HB 26 -97.37 80.77 0.82
CA LEU HB 26 -98.02 79.48 1.05
C LEU HB 26 -97.17 78.67 2.01
N ALA HB 27 -97.84 77.81 2.79
CA ALA HB 27 -97.18 76.87 3.70
C ALA HB 27 -97.72 75.48 3.43
N THR HB 28 -96.81 74.52 3.26
CA THR HB 28 -97.16 73.18 2.83
C THR HB 28 -96.26 72.15 3.51
N PRO HB 29 -96.80 70.99 3.88
CA PRO HB 29 -96.01 70.01 4.64
C PRO HB 29 -95.29 68.99 3.78
N VAL HB 30 -94.21 68.44 4.37
CA VAL HB 30 -93.52 67.25 3.91
C VAL HB 30 -93.60 66.28 5.10
N LEU HB 31 -93.16 65.03 4.88
CA LEU HB 31 -93.19 64.00 5.93
C LEU HB 31 -92.35 64.37 7.16
N ASP HB 32 -91.31 65.18 7.00
CA ASP HB 32 -90.51 65.61 8.14
C ASP HB 32 -90.27 67.11 8.22
N GLU HB 33 -90.39 67.85 7.12
CA GLU HB 33 -90.13 69.28 7.13
C GLU HB 33 -91.34 70.03 6.61
N ILE HB 34 -91.27 71.36 6.70
CA ILE HB 34 -92.33 72.25 6.23
C ILE HB 34 -91.74 73.18 5.18
N ASN HB 35 -92.36 73.23 4.01
CA ASN HB 35 -91.94 74.13 2.95
C ASN HB 35 -92.66 75.47 3.08
N ILE HB 36 -91.91 76.53 3.31
CA ILE HB 36 -92.42 77.89 3.29
C ILE HB 36 -92.02 78.51 1.97
N ILE HB 37 -93.03 78.88 1.16
CA ILE HB 37 -92.79 79.34 -0.20
C ILE HB 37 -93.50 80.67 -0.42
N ASP HB 38 -92.92 81.49 -1.29
CA ASP HB 38 -93.54 82.72 -1.75
C ASP HB 38 -93.96 82.53 -3.20
N LEU HB 39 -95.26 82.68 -3.47
CA LEU HB 39 -95.82 82.35 -4.77
C LEU HB 39 -96.44 83.59 -5.39
N THR HB 40 -95.63 84.35 -6.13
CA THR HB 40 -96.07 85.53 -6.85
C THR HB 40 -96.14 85.16 -8.32
N PRO HB 41 -97.15 85.64 -9.06
CA PRO HB 41 -97.16 85.47 -10.51
C PRO HB 41 -95.99 86.20 -11.15
N GLY HB 42 -95.07 85.42 -11.72
CA GLY HB 42 -93.82 85.93 -12.25
C GLY HB 42 -92.61 85.61 -11.42
N SER HB 43 -92.79 85.36 -10.11
CA SER HB 43 -91.68 84.98 -9.25
C SER HB 43 -92.23 84.06 -8.16
N ARG HB 44 -92.20 82.75 -8.40
CA ARG HB 44 -92.68 81.76 -7.45
C ARG HB 44 -91.50 80.86 -7.08
N LYS HB 45 -91.07 80.97 -5.82
CA LYS HB 45 -89.92 80.22 -5.32
C LYS HB 45 -90.19 79.86 -3.87
N ILE HB 46 -89.13 79.44 -3.17
CA ILE HB 46 -89.24 79.07 -1.77
C ILE HB 46 -88.71 80.21 -0.92
N LEU HB 47 -89.10 80.20 0.36
CA LEU HB 47 -88.45 81.07 1.34
C LEU HB 47 -87.35 80.32 2.08
N HIS HB 48 -87.73 79.25 2.78
CA HIS HB 48 -86.79 78.39 3.49
C HIS HB 48 -87.50 77.07 3.81
N LYS HB 49 -86.73 76.13 4.35
CA LYS HB 49 -87.25 74.88 4.85
C LYS HB 49 -87.03 74.81 6.36
N ILE HB 50 -88.04 74.34 7.08
CA ILE HB 50 -87.96 74.14 8.53
C ILE HB 50 -88.12 72.65 8.77
N SER HB 51 -87.05 72.00 9.24
CA SER HB 51 -87.02 70.55 9.41
C SER HB 51 -86.76 70.23 10.87
N ASN HB 52 -87.81 69.83 11.58
CA ASN HB 52 -87.65 69.31 12.93
C ASN HB 52 -87.06 67.91 12.86
N GLU HB 53 -86.02 67.66 13.64
CA GLU HB 53 -85.34 66.36 13.64
C GLU HB 53 -86.15 65.40 14.51
N ASP HB 54 -87.24 64.89 13.94
CA ASP HB 54 -88.16 64.01 14.63
C ASP HB 54 -88.58 62.88 13.71
N GLU HB 55 -89.07 61.81 14.32
CA GLU HB 55 -89.68 60.70 13.57
C GLU HB 55 -91.17 60.93 13.33
N GLN HB 56 -91.71 62.06 13.76
CA GLN HB 56 -93.15 62.30 13.75
C GLN HB 56 -93.51 63.27 12.64
N GLU HB 57 -94.50 62.88 11.83
CA GLU HB 57 -94.98 63.73 10.75
C GLU HB 57 -95.81 64.88 11.31
N ILE HB 58 -95.74 66.03 10.63
CA ILE HB 58 -96.46 67.22 11.06
C ILE HB 58 -97.93 67.05 10.67
N THR HB 59 -98.81 66.95 11.68
CA THR HB 59 -100.21 66.61 11.42
C THR HB 59 -100.97 67.78 10.84
N ALA HB 60 -100.72 69.00 11.32
CA ALA HB 60 -101.44 70.16 10.85
C ALA HB 60 -100.55 71.40 10.97
N LEU HB 61 -100.92 72.43 10.23
CA LEU HB 61 -100.18 73.70 10.25
C LEU HB 61 -101.12 74.85 9.93
N LYS HB 62 -100.93 75.96 10.62
CA LYS HB 62 -101.70 77.18 10.37
C LYS HB 62 -100.75 78.36 10.24
N LEU HB 63 -100.98 79.18 9.22
CA LEU HB 63 -100.20 80.38 8.97
C LEU HB 63 -101.01 81.59 9.38
N THR HB 64 -100.32 82.57 9.97
CA THR HB 64 -100.95 83.81 10.36
C THR HB 64 -101.37 84.60 9.12
N PRO HB 65 -102.49 85.34 9.17
CA PRO HB 65 -102.93 86.12 7.99
C PRO HB 65 -101.95 87.21 7.53
N ASP HB 66 -100.93 87.55 8.29
CA ASP HB 66 -99.74 88.21 7.77
C ASP HB 66 -98.56 87.27 7.94
N GLY HB 67 -97.63 87.32 7.00
CA GLY HB 67 -96.53 86.36 6.98
C GLY HB 67 -95.48 86.58 8.05
N GLN HB 68 -95.86 86.36 9.31
CA GLN HB 68 -94.98 86.61 10.44
C GLN HB 68 -94.80 85.40 11.33
N TYR HB 69 -95.86 84.62 11.59
CA TYR HB 69 -95.78 83.46 12.46
C TYR HB 69 -96.40 82.26 11.77
N LEU HB 70 -95.96 81.07 12.20
CA LEU HB 70 -96.49 79.81 11.70
C LEU HB 70 -96.55 78.82 12.85
N THR HB 71 -97.72 78.23 13.07
CA THR HB 71 -97.92 77.21 14.10
C THR HB 71 -98.09 75.86 13.43
N TYR HB 72 -97.54 74.82 14.07
CA TYR HB 72 -97.62 73.48 13.50
C TYR HB 72 -97.59 72.44 14.62
N VAL HB 73 -98.37 71.38 14.46
CA VAL HB 73 -98.43 70.27 15.40
C VAL HB 73 -97.96 69.00 14.69
N SER HB 74 -97.08 68.26 15.34
CA SER HB 74 -96.52 67.04 14.79
C SER HB 74 -97.43 65.86 15.13
N GLN HB 75 -96.97 64.65 14.81
CA GLN HB 75 -97.74 63.45 15.16
C GLN HB 75 -97.70 63.20 16.66
N ALA HB 76 -96.59 63.54 17.31
CA ALA HB 76 -96.52 63.47 18.76
C ALA HB 76 -97.35 64.57 19.40
N GLN HB 77 -97.55 64.46 20.72
CA GLN HB 77 -98.30 65.44 21.49
C GLN HB 77 -97.45 66.69 21.77
N LEU HB 78 -97.23 67.46 20.72
CA LEU HB 78 -96.36 68.62 20.80
C LEU HB 78 -96.82 69.68 19.80
N LEU HB 79 -96.81 70.94 20.22
CA LEU HB 79 -97.17 72.06 19.36
C LEU HB 79 -96.05 73.10 19.39
N LYS HB 80 -95.49 73.40 18.22
CA LYS HB 80 -94.47 74.43 18.07
C LYS HB 80 -94.98 75.58 17.23
N ILE HB 81 -94.72 76.80 17.67
CA ILE HB 81 -94.95 77.98 16.86
C ILE HB 81 -93.60 78.47 16.35
N PHE HB 82 -93.62 79.20 15.23
CA PHE HB 82 -92.40 79.57 14.52
C PHE HB 82 -92.59 80.92 13.87
N HIS HB 83 -91.61 81.81 14.07
CA HIS HB 83 -91.66 83.15 13.49
C HIS HB 83 -90.96 83.14 12.13
N LEU HB 84 -91.54 83.87 11.17
CA LEU HB 84 -91.17 83.75 9.78
C LEU HB 84 -89.99 84.66 9.40
N LYS HB 85 -90.08 85.96 9.73
CA LYS HB 85 -89.05 86.90 9.29
C LYS HB 85 -87.72 86.66 10.01
N THR HB 86 -87.77 86.38 11.30
CA THR HB 86 -86.56 86.03 12.03
C THR HB 86 -86.07 84.62 11.69
N GLY HB 87 -86.98 83.75 11.28
CA GLY HB 87 -86.63 82.38 10.95
C GLY HB 87 -86.19 81.55 12.13
N LYS HB 88 -86.83 81.71 13.28
CA LYS HB 88 -86.48 80.96 14.48
C LYS HB 88 -87.74 80.41 15.14
N VAL HB 89 -87.60 79.24 15.76
CA VAL HB 89 -88.71 78.65 16.50
C VAL HB 89 -88.81 79.31 17.87
N VAL HB 90 -89.99 79.81 18.21
CA VAL HB 90 -90.17 80.68 19.36
C VAL HB 90 -90.66 79.92 20.58
N ARG HB 91 -91.67 79.07 20.42
CA ARG HB 91 -92.17 78.23 21.51
C ARG HB 91 -92.32 76.79 21.05
N SER HB 92 -92.26 75.88 22.01
CA SER HB 92 -92.47 74.45 21.77
C SER HB 92 -93.07 73.86 23.03
N MET HB 93 -94.37 73.57 23.01
CA MET HB 93 -95.09 73.14 24.19
C MET HB 93 -95.92 71.90 23.88
N LYS HB 94 -96.05 71.02 24.88
CA LYS HB 94 -96.86 69.82 24.76
C LYS HB 94 -98.32 70.15 25.03
N ILE HB 95 -99.22 69.58 24.23
CA ILE HB 95 -100.65 69.76 24.39
C ILE HB 95 -101.36 68.50 24.85
N SER HB 96 -100.65 67.36 24.87
CA SER HB 96 -101.15 66.06 25.34
C SER HB 96 -102.35 65.56 24.54
N SER HB 97 -102.47 65.96 23.28
CA SER HB 97 -103.58 65.56 22.42
C SER HB 97 -103.22 65.79 20.98
N PRO HB 98 -103.51 64.86 20.08
CA PRO HB 98 -103.33 65.13 18.68
C PRO HB 98 -104.33 66.15 18.18
N SER HB 99 -103.87 67.37 17.95
CA SER HB 99 -104.76 68.46 17.58
C SER HB 99 -104.90 68.48 16.08
N TYR HB 100 -105.87 67.71 15.58
CA TYR HB 100 -106.10 67.57 14.14
C TYR HB 100 -106.76 68.80 13.55
N ILE HB 101 -107.50 69.57 14.36
CA ILE HB 101 -108.10 70.83 13.93
C ILE HB 101 -107.50 71.96 14.74
N LEU HB 102 -107.02 72.99 14.04
CA LEU HB 102 -106.52 74.20 14.65
C LEU HB 102 -107.30 75.38 14.09
N ASP HB 103 -107.24 76.51 14.80
CA ASP HB 103 -107.91 77.72 14.34
C ASP HB 103 -107.17 78.93 14.89
N ALA HB 104 -106.87 79.88 14.01
CA ALA HB 104 -106.25 81.14 14.40
C ALA HB 104 -107.30 82.24 14.47
N ASP HB 105 -107.00 83.27 15.27
CA ASP HB 105 -107.90 84.40 15.41
C ASP HB 105 -107.80 85.32 14.19
N SER HB 106 -108.72 86.29 14.13
CA SER HB 106 -108.64 87.31 13.08
C SER HB 106 -107.43 88.21 13.27
N THR HB 107 -107.02 88.41 14.52
CA THR HB 107 -105.77 89.11 14.83
C THR HB 107 -104.62 88.11 14.85
N SER HB 108 -103.48 88.53 15.37
CA SER HB 108 -102.31 87.66 15.45
C SER HB 108 -101.95 87.38 16.91
N THR HB 109 -102.97 87.09 17.72
CA THR HB 109 -102.75 86.92 19.15
C THR HB 109 -103.22 85.57 19.69
N LEU HB 110 -104.35 85.06 19.22
CA LEU HB 110 -104.98 83.89 19.80
C LEU HB 110 -104.98 82.73 18.80
N LEU HB 111 -104.54 81.56 19.28
CA LEU HB 111 -104.54 80.32 18.51
C LEU HB 111 -105.28 79.25 19.30
N ALA HB 112 -106.31 78.66 18.70
CA ALA HB 112 -107.11 77.63 19.34
C ALA HB 112 -106.91 76.31 18.61
N VAL HB 113 -106.64 75.24 19.37
CA VAL HB 113 -106.46 73.92 18.81
C VAL HB 113 -107.58 73.01 19.32
N GLY HB 114 -107.79 71.90 18.62
CA GLY HB 114 -108.81 70.94 19.00
C GLY HB 114 -108.38 69.52 18.70
N GLY HB 115 -108.43 68.65 19.71
CA GLY HB 115 -107.82 67.35 19.58
C GLY HB 115 -108.74 66.14 19.58
N THR HB 116 -108.14 64.97 19.41
CA THR HB 116 -108.90 63.72 19.37
C THR HB 116 -109.36 63.29 20.76
N ASP HB 117 -108.84 63.89 21.81
CA ASP HB 117 -109.33 63.63 23.16
C ASP HB 117 -110.65 64.32 23.47
N GLY HB 118 -111.15 65.19 22.58
CA GLY HB 118 -112.40 65.88 22.77
C GLY HB 118 -112.30 67.25 23.40
N SER HB 119 -111.11 67.67 23.80
CA SER HB 119 -110.91 68.96 24.44
C SER HB 119 -110.37 69.99 23.45
N ILE HB 120 -110.64 71.25 23.76
CA ILE HB 120 -110.07 72.38 23.02
C ILE HB 120 -109.34 73.29 24.00
N ILE HB 121 -108.15 73.74 23.60
CA ILE HB 121 -107.42 74.77 24.33
C ILE HB 121 -107.17 75.91 23.36
N VAL HB 122 -107.01 77.10 23.92
CA VAL HB 122 -106.66 78.29 23.15
C VAL HB 122 -105.51 78.99 23.85
N VAL HB 123 -104.46 79.32 23.09
CA VAL HB 123 -103.20 79.80 23.62
C VAL HB 123 -102.88 81.15 23.01
N ASP HB 124 -102.54 82.12 23.86
CA ASP HB 124 -101.93 83.35 23.40
C ASP HB 124 -100.52 83.07 22.92
N ILE HB 125 -100.16 83.60 21.75
CA ILE HB 125 -98.83 83.36 21.19
C ILE HB 125 -97.83 84.45 21.55
N GLU HB 126 -98.28 85.54 22.17
CA GLU HB 126 -97.34 86.57 22.62
C GLU HB 126 -96.59 86.11 23.86
N ASN HB 127 -97.29 85.50 24.82
CA ASN HB 127 -96.69 84.95 26.02
C ASN HB 127 -97.02 83.47 26.12
N GLY HB 128 -96.02 82.66 26.45
CA GLY HB 128 -96.16 81.21 26.41
C GLY HB 128 -96.99 80.60 27.52
N TYR HB 129 -98.30 80.86 27.50
CA TYR HB 129 -99.21 80.29 28.47
C TYR HB 129 -100.58 80.09 27.83
N ILE HB 130 -101.25 79.01 28.21
CA ILE HB 130 -102.59 78.74 27.71
C ILE HB 130 -103.58 79.64 28.46
N THR HB 131 -104.41 80.36 27.70
CA THR HB 131 -105.38 81.26 28.31
C THR HB 131 -106.49 80.48 29.01
N HIS HB 132 -107.21 79.64 28.28
CA HIS HB 132 -108.22 78.78 28.87
C HIS HB 132 -108.39 77.54 28.01
N SER HB 133 -108.75 76.44 28.66
CA SER HB 133 -108.93 75.14 28.03
C SER HB 133 -110.31 74.61 28.35
N PHE HB 134 -111.03 74.17 27.33
CA PHE HB 134 -112.38 73.61 27.49
C PHE HB 134 -112.35 72.14 27.09
N LYS HB 135 -112.70 71.27 28.04
CA LYS HB 135 -113.00 69.89 27.66
C LYS HB 135 -114.34 69.83 26.93
N GLY HB 136 -115.41 70.23 27.62
CA GLY HB 136 -116.71 70.36 26.99
C GLY HB 136 -117.31 69.03 26.61
N HIS HB 137 -117.64 68.90 25.32
CA HIS HB 137 -118.18 67.66 24.80
C HIS HB 137 -117.09 66.59 24.69
N GLY HB 138 -117.53 65.34 24.71
CA GLY HB 138 -116.63 64.23 24.48
C GLY HB 138 -116.40 63.88 23.03
N GLY HB 139 -117.00 64.63 22.10
CA GLY HB 139 -116.83 64.34 20.69
C GLY HB 139 -115.46 64.77 20.19
N THR HB 140 -114.93 63.99 19.24
CA THR HB 140 -113.63 64.29 18.65
C THR HB 140 -113.74 65.51 17.75
N ILE HB 141 -112.80 66.45 17.90
CA ILE HB 141 -112.91 67.75 17.24
C ILE HB 141 -112.70 67.60 15.74
N SER HB 142 -113.67 68.10 14.97
CA SER HB 142 -113.65 68.00 13.51
C SER HB 142 -113.68 69.36 12.82
N SER HB 143 -114.03 70.44 13.51
CA SER HB 143 -113.94 71.78 12.95
C SER HB 143 -113.82 72.79 14.08
N LEU HB 144 -113.20 73.93 13.80
CA LEU HB 144 -113.07 75.04 14.74
C LEU HB 144 -113.22 76.35 13.99
N LYS HB 145 -113.66 77.38 14.71
CA LYS HB 145 -113.85 78.69 14.11
C LYS HB 145 -113.77 79.77 15.18
N PHE HB 146 -113.07 80.85 14.85
CA PHE HB 146 -113.08 82.07 15.66
C PHE HB 146 -114.08 83.05 15.07
N TYR HB 147 -114.85 83.70 15.94
CA TYR HB 147 -115.71 84.82 15.54
C TYR HB 147 -115.47 85.98 16.49
N GLY HB 148 -115.29 87.17 15.92
CA GLY HB 148 -115.09 88.35 16.73
C GLY HB 148 -114.49 89.46 15.90
N GLN HB 149 -114.11 90.53 16.60
CA GLN HB 149 -113.47 91.68 15.97
C GLN HB 149 -112.17 91.97 16.68
N LEU HB 150 -111.55 93.13 16.40
CA LEU HB 150 -110.34 93.52 17.10
C LEU HB 150 -110.60 93.80 18.57
N ASN HB 151 -111.80 94.28 18.92
CA ASN HB 151 -112.23 94.43 20.30
C ASN HB 151 -113.74 94.25 20.32
N SER HB 152 -114.20 93.03 20.59
CA SER HB 152 -115.61 92.69 20.54
C SER HB 152 -115.98 91.85 21.74
N LYS HB 153 -117.21 92.05 22.23
CA LYS HB 153 -117.77 91.18 23.25
C LYS HB 153 -118.31 89.88 22.69
N ILE HB 154 -118.50 89.80 21.37
CA ILE HB 154 -118.97 88.57 20.74
C ILE HB 154 -117.72 87.80 20.33
N TRP HB 155 -117.17 87.06 21.28
CA TRP HB 155 -115.98 86.24 21.09
C TRP HB 155 -116.42 84.79 21.14
N LEU HB 156 -116.76 84.24 19.97
CA LEU HB 156 -117.37 82.92 19.88
C LEU HB 156 -116.35 81.91 19.36
N LEU HB 157 -116.25 80.78 20.06
CA LEU HB 157 -115.39 79.66 19.66
C LEU HB 157 -116.29 78.45 19.43
N ALA HB 158 -116.58 78.15 18.17
CA ALA HB 158 -117.46 77.05 17.80
C ALA HB 158 -116.62 75.82 17.44
N SER HB 159 -117.01 74.68 18.00
CA SER HB 159 -116.28 73.43 17.83
C SER HB 159 -117.23 72.35 17.33
N GLY HB 160 -117.08 71.97 16.06
CA GLY HB 160 -117.85 70.90 15.47
C GLY HB 160 -117.13 69.57 15.59
N ASP HB 161 -117.89 68.50 15.65
CA ASP HB 161 -117.37 67.17 15.94
C ASP HB 161 -117.90 66.15 14.92
N THR HB 162 -117.44 64.89 15.09
CA THR HB 162 -117.79 63.81 14.17
C THR HB 162 -119.26 63.41 14.27
N ASN HB 163 -119.85 63.46 15.46
CA ASN HB 163 -121.30 63.42 15.56
C ASN HB 163 -121.87 64.80 15.27
N GLY HB 164 -123.15 64.83 14.91
CA GLY HB 164 -123.74 66.02 14.33
C GLY HB 164 -124.10 67.13 15.29
N MET HB 165 -123.10 67.74 15.92
CA MET HB 165 -123.38 68.88 16.78
C MET HB 165 -122.17 69.80 16.80
N VAL HB 166 -122.41 71.07 17.12
CA VAL HB 166 -121.38 72.07 17.30
C VAL HB 166 -121.67 72.81 18.60
N LYS HB 167 -120.63 72.97 19.42
CA LYS HB 167 -120.74 73.64 20.71
C LYS HB 167 -120.01 74.98 20.64
N VAL HB 168 -120.68 76.04 21.12
CA VAL HB 168 -120.18 77.40 21.00
C VAL HB 168 -119.81 77.90 22.39
N TRP HB 169 -118.56 78.33 22.55
CA TRP HB 169 -118.08 78.94 23.79
C TRP HB 169 -117.96 80.45 23.61
N ASP HB 170 -118.21 81.19 24.70
CA ASP HB 170 -117.89 82.60 24.80
C ASP HB 170 -116.61 82.75 25.63
N LEU HB 171 -115.58 83.32 25.01
CA LEU HB 171 -114.30 83.50 25.68
C LEU HB 171 -114.28 84.72 26.59
N VAL HB 172 -115.24 85.63 26.42
CA VAL HB 172 -115.35 86.78 27.32
C VAL HB 172 -115.84 86.34 28.70
N LYS HB 173 -116.77 85.38 28.75
CA LYS HB 173 -117.23 84.81 30.01
C LYS HB 173 -116.44 83.58 30.41
N ARG HB 174 -115.57 83.08 29.52
CA ARG HB 174 -114.74 81.88 29.71
C ARG HB 174 -115.59 80.64 30.02
N LYS HB 175 -116.77 80.59 29.42
CA LYS HB 175 -117.72 79.49 29.61
C LYS HB 175 -118.26 79.10 28.24
N CYS HB 176 -119.30 78.26 28.23
CA CYS HB 176 -119.96 77.83 27.01
C CYS HB 176 -121.35 78.47 26.92
N LEU HB 177 -121.88 78.53 25.70
CA LEU HB 177 -123.20 79.12 25.46
C LEU HB 177 -124.22 78.12 24.93
N HIS HB 178 -123.92 77.48 23.80
CA HIS HB 178 -124.93 76.75 23.07
C HIS HB 178 -124.38 75.41 22.58
N THR HB 179 -125.29 74.47 22.36
CA THR HB 179 -124.98 73.17 21.79
C THR HB 179 -126.14 72.77 20.89
N LEU HB 180 -125.83 72.44 19.64
CA LEU HB 180 -126.85 72.26 18.61
C LEU HB 180 -126.77 70.83 18.07
N GLN HB 181 -127.46 69.90 18.74
CA GLN HB 181 -127.46 68.49 18.34
C GLN HB 181 -128.41 68.32 17.16
N GLU HB 182 -127.87 68.53 15.95
CA GLU HB 182 -128.73 68.55 14.76
C GLU HB 182 -128.41 67.46 13.76
N HIS HB 183 -127.18 67.39 13.25
CA HIS HB 183 -126.88 66.56 12.09
C HIS HB 183 -126.64 65.11 12.50
N THR HB 184 -126.30 64.28 11.51
CA THR HB 184 -125.95 62.89 11.73
C THR HB 184 -124.51 62.58 11.35
N SER HB 185 -123.80 63.51 10.71
CA SER HB 185 -122.43 63.28 10.29
C SER HB 185 -121.53 64.37 10.87
N ALA HB 186 -120.27 64.42 10.41
CA ALA HB 186 -119.30 65.33 11.00
C ALA HB 186 -119.57 66.78 10.60
N VAL HB 187 -118.95 67.69 11.33
CA VAL HB 187 -119.01 69.11 11.05
C VAL HB 187 -117.62 69.56 10.62
N ARG HB 188 -117.54 70.20 9.46
CA ARG HB 188 -116.26 70.59 8.89
C ARG HB 188 -116.14 72.08 8.61
N GLY HB 189 -117.23 72.72 8.19
CA GLY HB 189 -117.18 74.15 7.91
C GLY HB 189 -118.02 74.97 8.87
N LEU HB 190 -117.39 75.95 9.52
CA LEU HB 190 -118.07 76.85 10.44
C LEU HB 190 -117.69 78.29 10.12
N ASP HB 191 -118.68 79.17 10.17
CA ASP HB 191 -118.47 80.61 10.02
C ASP HB 191 -119.68 81.32 10.61
N ILE HB 192 -119.41 82.39 11.36
CA ILE HB 192 -120.45 83.14 12.07
C ILE HB 192 -120.49 84.55 11.49
N ILE HB 193 -121.69 84.97 11.07
CA ILE HB 193 -121.91 86.28 10.45
C ILE HB 193 -122.94 87.04 11.27
N GLU HB 194 -122.70 88.32 11.51
CA GLU HB 194 -123.63 89.17 12.23
C GLU HB 194 -124.92 89.37 11.44
N VAL HB 195 -126.03 89.51 12.17
CA VAL HB 195 -127.33 89.74 11.56
C VAL HB 195 -127.45 91.18 11.07
N LEU HB 203 -127.72 87.24 15.04
CA LEU HB 203 -126.47 86.56 14.72
C LEU HB 203 -126.76 85.28 13.94
N ASN HB 204 -125.96 85.03 12.90
CA ASN HB 204 -126.15 83.89 12.01
C ASN HB 204 -124.96 82.94 12.18
N LEU HB 205 -125.25 81.68 12.50
CA LEU HB 205 -124.25 80.64 12.67
C LEU HB 205 -124.49 79.55 11.63
N LEU HB 206 -123.43 79.16 10.93
CA LEU HB 206 -123.51 78.15 9.88
C LEU HB 206 -122.93 76.83 10.38
N SER HB 207 -123.67 75.75 10.17
CA SER HB 207 -123.23 74.41 10.56
C SER HB 207 -123.56 73.43 9.44
N GLY HB 208 -122.79 72.36 9.35
CA GLY HB 208 -122.95 71.42 8.27
C GLY HB 208 -122.77 69.98 8.72
N GLY HB 209 -123.47 69.09 8.02
CA GLY HB 209 -123.28 67.66 8.16
C GLY HB 209 -122.81 67.05 6.85
N ARG HB 210 -121.94 66.05 6.91
CA ARG HB 210 -121.32 65.54 5.69
C ARG HB 210 -122.25 64.69 4.84
N ASP HB 211 -123.40 64.27 5.35
CA ASP HB 211 -124.32 63.46 4.56
C ASP HB 211 -124.89 64.25 3.38
N ASP HB 212 -125.81 65.19 3.66
CA ASP HB 212 -126.29 66.12 2.64
C ASP HB 212 -126.60 67.51 3.19
N ILE HB 213 -126.38 67.80 4.46
CA ILE HB 213 -127.09 68.85 5.16
C ILE HB 213 -126.17 70.04 5.42
N ILE HB 214 -126.65 71.23 5.08
CA ILE HB 214 -126.03 72.50 5.48
C ILE HB 214 -127.10 73.31 6.22
N ASN HB 215 -126.75 73.82 7.40
CA ASN HB 215 -127.73 74.43 8.29
C ASN HB 215 -127.28 75.79 8.77
N LEU HB 216 -128.19 76.75 8.78
CA LEU HB 216 -127.94 78.07 9.32
C LEU HB 216 -128.84 78.30 10.53
N TRP HB 217 -128.33 79.06 11.51
CA TRP HB 217 -129.00 79.21 12.80
C TRP HB 217 -129.10 80.68 13.17
N ASP HB 218 -130.24 81.06 13.74
CA ASP HB 218 -130.33 82.33 14.46
C ASP HB 218 -129.64 82.18 15.81
N PHE HB 219 -128.78 83.14 16.14
CA PHE HB 219 -127.92 83.02 17.30
C PHE HB 219 -128.01 84.28 18.13
N ASN HB 220 -127.69 84.15 19.42
CA ASN HB 220 -127.69 85.27 20.36
C ASN HB 220 -126.85 84.88 21.56
N MET HB 221 -126.56 85.87 22.41
CA MET HB 221 -125.98 85.58 23.72
C MET HB 221 -127.02 85.06 24.70
N LYS HB 222 -128.30 85.17 24.36
CA LYS HB 222 -129.38 84.56 25.12
C LYS HB 222 -129.48 83.07 24.73
N LYS HB 223 -130.48 82.38 25.27
CA LYS HB 223 -130.61 80.94 25.11
C LYS HB 223 -131.36 80.54 23.84
N LYS HB 224 -131.39 81.39 22.81
CA LYS HB 224 -132.10 81.09 21.57
C LYS HB 224 -131.10 80.65 20.51
N CYS HB 225 -131.27 79.42 20.01
CA CYS HB 225 -130.50 78.89 18.89
C CYS HB 225 -131.46 78.05 18.06
N LYS HB 226 -132.10 78.68 17.07
CA LYS HB 226 -133.16 78.06 16.30
C LYS HB 226 -132.73 77.88 14.85
N LEU HB 227 -133.27 76.84 14.22
CA LEU HB 227 -132.94 76.52 12.84
C LEU HB 227 -133.78 77.36 11.88
N LEU HB 228 -133.14 77.89 10.85
CA LEU HB 228 -133.84 78.66 9.83
C LEU HB 228 -134.26 77.79 8.65
N LYS HB 229 -133.28 77.19 7.97
CA LYS HB 229 -133.55 76.35 6.80
C LYS HB 229 -132.59 75.18 6.78
N THR HB 230 -133.08 74.05 6.28
CA THR HB 230 -132.26 72.88 5.99
C THR HB 230 -132.26 72.67 4.48
N LEU HB 231 -131.07 72.65 3.88
CA LEU HB 231 -130.93 72.60 2.43
C LEU HB 231 -130.17 71.33 2.06
N PRO HB 232 -130.87 70.22 1.76
CA PRO HB 232 -130.19 68.99 1.37
C PRO HB 232 -129.70 69.06 -0.07
N VAL HB 233 -128.38 69.21 -0.24
CA VAL HB 233 -127.77 69.25 -1.57
C VAL HB 233 -127.61 67.81 -2.06
N ASN HB 234 -127.34 67.65 -3.35
CA ASN HB 234 -127.14 66.33 -3.95
C ASN HB 234 -125.67 65.94 -3.98
N GLN HB 235 -125.00 66.06 -2.83
CA GLN HB 235 -123.56 65.86 -2.71
C GLN HB 235 -123.21 65.75 -1.24
N GLN HB 236 -122.28 64.84 -0.92
CA GLN HB 236 -121.73 64.82 0.42
C GLN HB 236 -120.87 66.06 0.65
N VAL HB 237 -120.95 66.61 1.85
CA VAL HB 237 -120.41 67.94 2.12
C VAL HB 237 -119.03 67.81 2.74
N GLU HB 238 -118.08 68.59 2.24
CA GLU HB 238 -116.71 68.62 2.74
C GLU HB 238 -116.34 69.95 3.39
N SER HB 239 -116.87 71.07 2.87
CA SER HB 239 -116.64 72.37 3.47
C SER HB 239 -117.79 73.29 3.08
N CYS HB 240 -117.97 74.35 3.87
CA CYS HB 240 -119.06 75.29 3.64
C CYS HB 240 -118.70 76.64 4.26
N GLY HB 241 -119.43 77.66 3.82
CA GLY HB 241 -119.23 79.00 4.34
C GLY HB 241 -120.18 79.98 3.69
N PHE HB 242 -120.11 81.22 4.15
CA PHE HB 242 -120.96 82.30 3.65
C PHE HB 242 -120.18 83.20 2.70
N LEU HB 243 -120.92 83.97 1.91
CA LEU HB 243 -120.35 84.98 1.04
C LEU HB 243 -121.18 86.25 1.11
N LYS HB 244 -120.53 87.38 0.84
CA LYS HB 244 -121.19 88.67 0.80
C LYS HB 244 -121.51 89.12 -0.62
N ASP HB 245 -121.31 88.25 -1.62
CA ASP HB 245 -121.72 88.55 -2.98
C ASP HB 245 -123.24 88.57 -3.05
N GLY HB 246 -123.80 89.58 -3.71
CA GLY HB 246 -125.23 89.78 -3.67
C GLY HB 246 -125.65 90.21 -2.29
N ASP HB 247 -125.31 91.44 -1.90
CA ASP HB 247 -125.23 91.87 -0.50
C ASP HB 247 -126.56 91.81 0.25
N GLY HB 248 -127.69 91.71 -0.44
CA GLY HB 248 -128.96 91.49 0.23
C GLY HB 248 -129.07 90.13 0.90
N LYS HB 249 -128.43 89.11 0.32
CA LYS HB 249 -128.53 87.73 0.81
C LYS HB 249 -127.15 87.19 1.15
N ARG HB 250 -127.03 86.55 2.31
CA ARG HB 250 -125.80 85.89 2.70
C ARG HB 250 -125.73 84.56 1.94
N ILE HB 251 -125.07 84.58 0.79
CA ILE HB 251 -125.08 83.45 -0.12
C ILE HB 251 -124.11 82.38 0.38
N ILE HB 252 -124.62 81.17 0.55
CA ILE HB 252 -123.80 80.06 1.05
C ILE HB 252 -123.02 79.44 -0.10
N TYR HB 253 -121.75 79.14 0.15
CA TYR HB 253 -120.95 78.35 -0.78
C TYR HB 253 -120.58 77.04 -0.10
N THR HB 254 -120.47 75.98 -0.91
CA THR HB 254 -120.04 74.69 -0.41
C THR HB 254 -119.09 74.04 -1.40
N ALA HB 255 -118.27 73.13 -0.89
CA ALA HB 255 -117.38 72.31 -1.71
C ALA HB 255 -117.60 70.86 -1.32
N GLY HB 256 -117.91 70.02 -2.31
CA GLY HB 256 -118.26 68.65 -2.03
C GLY HB 256 -117.13 67.66 -2.21
N GLY HB 257 -117.41 66.39 -1.93
CA GLY HB 257 -116.41 65.34 -2.07
C GLY HB 257 -116.03 65.04 -3.51
N ASP HB 258 -116.88 65.41 -4.48
CA ASP HB 258 -116.56 65.29 -5.89
C ASP HB 258 -115.92 66.56 -6.45
N ALA HB 259 -115.29 67.37 -5.58
CA ALA HB 259 -114.56 68.59 -5.94
C ALA HB 259 -115.44 69.59 -6.69
N ILE HB 260 -116.70 69.68 -6.32
CA ILE HB 260 -117.65 70.57 -6.99
C ILE HB 260 -117.94 71.74 -6.07
N PHE HB 261 -117.74 72.95 -6.60
CA PHE HB 261 -117.97 74.18 -5.86
C PHE HB 261 -119.35 74.71 -6.24
N GLN HB 262 -120.28 74.67 -5.30
CA GLN HB 262 -121.67 75.00 -5.56
C GLN HB 262 -122.06 76.27 -4.80
N LEU HB 263 -122.82 77.12 -5.47
CA LEU HB 263 -123.25 78.40 -4.92
C LEU HB 263 -124.76 78.33 -4.66
N ILE HB 264 -125.15 78.51 -3.39
CA ILE HB 264 -126.52 78.30 -2.96
C ILE HB 264 -127.01 79.54 -2.24
N ASP HB 265 -128.19 80.03 -2.62
CA ASP HB 265 -128.79 81.19 -1.97
C ASP HB 265 -129.19 80.87 -0.53
N SER HB 266 -129.38 81.93 0.26
CA SER HB 266 -129.77 81.75 1.65
C SER HB 266 -131.23 81.32 1.78
N GLU HB 267 -132.08 81.72 0.84
CA GLU HB 267 -133.50 81.42 0.93
C GLU HB 267 -133.89 80.07 0.33
N SER HB 268 -133.16 79.60 -0.69
CA SER HB 268 -133.49 78.36 -1.35
C SER HB 268 -132.24 77.50 -1.51
N GLY HB 269 -132.43 76.18 -1.45
CA GLY HB 269 -131.36 75.24 -1.55
C GLY HB 269 -130.90 74.90 -2.96
N SER HB 270 -131.52 75.52 -3.97
CA SER HB 270 -131.10 75.29 -5.35
C SER HB 270 -129.76 75.95 -5.63
N VAL HB 271 -128.94 75.29 -6.43
CA VAL HB 271 -127.63 75.82 -6.77
C VAL HB 271 -127.78 76.96 -7.76
N LEU HB 272 -126.97 78.01 -7.59
CA LEU HB 272 -127.01 79.16 -8.47
C LEU HB 272 -126.03 78.99 -9.64
N LYS HB 273 -124.75 78.78 -9.33
CA LYS HB 273 -123.73 78.54 -10.35
C LYS HB 273 -122.80 77.44 -9.82
N ARG HB 274 -123.14 76.19 -10.13
CA ARG HB 274 -122.21 75.10 -9.88
C ARG HB 274 -121.06 75.19 -10.87
N THR HB 275 -119.83 75.06 -10.38
CA THR HB 275 -118.67 75.45 -11.15
C THR HB 275 -118.33 74.49 -12.28
N ASN HB 276 -117.96 73.26 -11.95
CA ASN HB 276 -117.51 72.30 -12.94
C ASN HB 276 -117.88 70.91 -12.48
N LYS HB 277 -117.83 69.96 -13.42
CA LYS HB 277 -118.07 68.56 -13.14
C LYS HB 277 -116.85 67.75 -13.57
N PRO HB 278 -116.15 67.09 -12.65
CA PRO HB 278 -114.90 66.42 -13.01
C PRO HB 278 -115.15 65.10 -13.72
N ILE HB 279 -114.05 64.50 -14.18
CA ILE HB 279 -114.11 63.25 -14.93
C ILE HB 279 -114.24 62.03 -14.02
N GLU HB 280 -113.94 62.17 -12.73
CA GLU HB 280 -114.00 61.07 -11.77
C GLU HB 280 -114.11 61.64 -10.37
N GLU HB 281 -113.92 60.78 -9.37
CA GLU HB 281 -114.00 61.19 -7.97
C GLU HB 281 -112.73 61.95 -7.61
N LEU HB 282 -112.78 63.27 -7.75
CA LEU HB 282 -111.67 64.13 -7.36
C LEU HB 282 -111.85 64.52 -5.90
N PHE HB 283 -110.91 64.10 -5.05
CA PHE HB 283 -111.03 64.30 -3.61
C PHE HB 283 -110.39 65.61 -3.20
N ILE HB 284 -111.06 66.34 -2.30
CA ILE HB 284 -110.54 67.59 -1.76
C ILE HB 284 -110.26 67.40 -0.27
N ILE HB 285 -109.55 68.37 0.31
CA ILE HB 285 -109.24 68.39 1.73
C ILE HB 285 -109.64 69.68 2.41
N GLY HB 286 -110.32 70.58 1.71
CA GLY HB 286 -110.77 71.83 2.30
C GLY HB 286 -110.75 72.94 1.28
N VAL HB 287 -110.99 74.16 1.78
CA VAL HB 287 -110.94 75.37 0.97
C VAL HB 287 -110.11 76.42 1.73
N LEU HB 288 -109.61 77.39 0.97
CA LEU HB 288 -108.80 78.47 1.52
C LEU HB 288 -109.31 79.81 1.01
N PRO HB 289 -110.28 80.42 1.70
CA PRO HB 289 -110.83 81.70 1.23
C PRO HB 289 -109.96 82.87 1.66
N ILE HB 290 -109.50 83.66 0.68
CA ILE HB 290 -108.83 84.92 0.98
C ILE HB 290 -109.82 85.90 1.60
N LEU HB 291 -111.02 85.98 1.00
CA LEU HB 291 -112.16 86.80 1.43
C LEU HB 291 -111.86 88.29 1.39
N SER HB 292 -110.80 88.68 0.68
CA SER HB 292 -110.50 90.08 0.39
C SER HB 292 -110.56 90.36 -1.09
N ASN HB 293 -110.03 89.45 -1.90
CA ASN HB 293 -110.14 89.51 -3.36
C ASN HB 293 -111.15 88.51 -3.89
N SER HB 294 -111.96 87.91 -3.00
CA SER HB 294 -112.90 86.82 -3.30
C SER HB 294 -112.17 85.64 -3.97
N GLN HB 295 -111.03 85.27 -3.40
CA GLN HB 295 -110.21 84.18 -3.91
C GLN HB 295 -110.29 82.99 -2.96
N MET HB 296 -110.69 81.84 -3.49
CA MET HB 296 -110.71 80.60 -2.72
C MET HB 296 -109.79 79.58 -3.37
N PHE HB 297 -108.80 79.11 -2.61
CA PHE HB 297 -107.90 78.04 -3.04
C PHE HB 297 -108.52 76.72 -2.58
N LEU HB 298 -108.97 75.93 -3.55
CA LEU HB 298 -109.45 74.58 -3.24
C LEU HB 298 -108.27 73.63 -3.19
N VAL HB 299 -107.92 73.17 -1.98
CA VAL HB 299 -106.86 72.20 -1.78
C VAL HB 299 -107.44 70.82 -1.98
N LEU HB 300 -106.72 69.97 -2.72
CA LEU HB 300 -107.21 68.64 -3.06
C LEU HB 300 -106.30 67.58 -2.47
N SER HB 301 -106.84 66.36 -2.35
CA SER HB 301 -106.13 65.25 -1.72
C SER HB 301 -105.01 64.68 -2.58
N ASP HB 302 -105.00 64.96 -3.89
CA ASP HB 302 -103.92 64.53 -4.76
C ASP HB 302 -102.86 65.60 -4.97
N GLN HB 303 -102.59 66.41 -3.93
CA GLN HB 303 -101.59 67.48 -3.92
C GLN HB 303 -101.85 68.51 -5.01
N THR HB 304 -103.08 69.01 -5.06
CA THR HB 304 -103.50 69.94 -6.09
C THR HB 304 -104.19 71.14 -5.45
N LEU HB 305 -103.93 72.33 -5.99
CA LEU HB 305 -104.57 73.55 -5.56
C LEU HB 305 -105.26 74.21 -6.75
N GLN HB 306 -106.51 74.62 -6.55
CA GLN HB 306 -107.29 75.28 -7.58
C GLN HB 306 -107.68 76.67 -7.11
N LEU HB 307 -107.21 77.69 -7.81
CA LEU HB 307 -107.60 79.07 -7.52
C LEU HB 307 -108.78 79.45 -8.40
N ILE HB 308 -109.84 79.94 -7.77
CA ILE HB 308 -111.04 80.35 -8.46
C ILE HB 308 -111.54 81.65 -7.84
N ASN HB 309 -111.90 82.61 -8.68
CA ASN HB 309 -112.40 83.89 -8.23
C ASN HB 309 -113.93 83.87 -8.18
N VAL HB 310 -114.53 85.03 -7.92
CA VAL HB 310 -115.98 85.16 -7.97
C VAL HB 310 -116.39 85.52 -9.39
N GLU HB 311 -117.58 85.09 -9.79
CA GLU HB 311 -118.09 85.38 -11.13
C GLU HB 311 -119.38 86.18 -11.08
N ASP HB 319 -123.97 80.44 -15.48
CA ASP HB 319 -124.48 79.10 -15.20
C ASP HB 319 -123.40 78.21 -14.60
N THR HB 320 -122.23 78.17 -15.25
CA THR HB 320 -121.09 77.41 -14.77
C THR HB 320 -119.86 78.30 -14.76
N ILE HB 321 -119.00 78.10 -13.76
CA ILE HB 321 -117.79 78.89 -13.58
C ILE HB 321 -116.58 77.98 -13.78
N GLN HB 322 -115.72 78.32 -14.72
CA GLN HB 322 -114.50 77.56 -14.94
C GLN HB 322 -113.41 78.07 -14.00
N VAL HB 323 -112.55 77.15 -13.54
CA VAL HB 323 -111.50 77.50 -12.60
C VAL HB 323 -110.43 78.33 -13.31
N THR HB 324 -109.72 79.14 -12.54
CA THR HB 324 -108.75 80.08 -13.11
C THR HB 324 -107.34 79.49 -13.11
N SER HB 325 -106.82 79.13 -11.95
CA SER HB 325 -105.45 78.66 -11.81
C SER HB 325 -105.43 77.28 -11.18
N SER HB 326 -104.46 76.47 -11.60
CA SER HB 326 -104.25 75.14 -11.07
C SER HB 326 -102.79 74.99 -10.68
N ILE HB 327 -102.55 74.55 -9.45
CA ILE HB 327 -101.20 74.35 -8.93
C ILE HB 327 -101.08 72.92 -8.45
N ALA HB 328 -100.09 72.19 -8.98
CA ALA HB 328 -99.83 70.82 -8.58
C ALA HB 328 -98.72 70.82 -7.53
N GLY HB 329 -99.07 70.46 -6.30
CA GLY HB 329 -98.08 70.42 -5.24
C GLY HB 329 -97.12 69.25 -5.32
N ASN HB 330 -97.49 68.21 -6.05
CA ASN HB 330 -96.61 67.06 -6.22
C ASN HB 330 -96.92 66.36 -7.53
N HIS HB 331 -95.94 65.59 -8.01
CA HIS HB 331 -96.08 64.74 -9.19
C HIS HB 331 -95.54 63.37 -8.79
N GLY HB 332 -96.44 62.46 -8.46
CA GLY HB 332 -96.06 61.22 -7.80
C GLY HB 332 -95.29 60.21 -8.63
N ILE HB 333 -95.94 59.61 -9.62
CA ILE HB 333 -95.34 58.55 -10.41
C ILE HB 333 -95.26 59.04 -11.85
N ILE HB 334 -94.10 59.60 -12.22
CA ILE HB 334 -93.90 60.09 -13.59
C ILE HB 334 -93.63 58.90 -14.51
N ALA HB 335 -94.64 58.54 -15.31
CA ALA HB 335 -94.44 57.49 -16.29
C ALA HB 335 -93.60 57.98 -17.47
N ASP HB 336 -93.90 59.18 -17.96
CA ASP HB 336 -93.19 59.75 -19.10
C ASP HB 336 -93.36 61.26 -19.08
N MET HB 337 -92.44 61.94 -19.77
CA MET HB 337 -92.55 63.37 -20.00
C MET HB 337 -92.15 63.69 -21.44
N ARG HB 338 -92.63 64.83 -21.92
CA ARG HB 338 -92.31 65.31 -23.27
C ARG HB 338 -92.19 66.82 -23.26
N TYR HB 339 -91.35 67.34 -24.16
CA TYR HB 339 -91.35 68.76 -24.46
C TYR HB 339 -92.57 69.07 -25.31
N VAL HB 340 -93.42 69.98 -24.83
CA VAL HB 340 -94.72 70.22 -25.45
C VAL HB 340 -94.87 71.72 -25.72
N GLY HB 341 -95.74 72.03 -26.68
CA GLY HB 341 -95.93 73.39 -27.13
C GLY HB 341 -95.12 73.66 -28.38
N PRO HB 342 -95.67 74.48 -29.28
CA PRO HB 342 -94.91 74.89 -30.47
C PRO HB 342 -93.65 75.69 -30.14
N GLU HB 343 -93.67 76.45 -29.06
CA GLU HB 343 -92.48 77.11 -28.54
C GLU HB 343 -91.63 76.20 -27.68
N LEU HB 344 -92.15 75.01 -27.32
CA LEU HB 344 -91.48 73.94 -26.56
C LEU HB 344 -91.10 74.35 -25.15
N ASN HB 345 -91.64 75.45 -24.62
CA ASN HB 345 -91.34 75.83 -23.24
C ASN HB 345 -92.08 74.99 -22.22
N LYS HB 346 -93.33 74.62 -22.52
CA LYS HB 346 -94.12 73.83 -21.60
C LYS HB 346 -93.64 72.38 -21.60
N LEU HB 347 -93.96 71.67 -20.51
CA LEU HB 347 -93.49 70.31 -20.32
C LEU HB 347 -94.66 69.45 -19.87
N ALA HB 348 -95.15 68.59 -20.77
CA ALA HB 348 -96.21 67.64 -20.45
C ALA HB 348 -95.66 66.51 -19.59
N LEU HB 349 -96.46 66.05 -18.64
CA LEU HB 349 -96.09 64.98 -17.73
C LEU HB 349 -97.15 63.89 -17.76
N ALA HB 350 -96.73 62.66 -18.04
CA ALA HB 350 -97.62 61.50 -17.95
C ALA HB 350 -97.47 60.87 -16.58
N THR HB 351 -98.54 60.89 -15.79
CA THR HB 351 -98.52 60.45 -14.41
C THR HB 351 -99.43 59.24 -14.22
N ASN HB 352 -99.59 58.82 -12.98
CA ASN HB 352 -100.52 57.75 -12.61
C ASN HB 352 -101.91 58.31 -12.30
N SER HB 353 -102.42 59.11 -13.22
CA SER HB 353 -103.69 59.80 -13.06
C SER HB 353 -104.21 60.14 -14.45
N PRO HB 354 -105.54 60.12 -14.66
CA PRO HB 354 -106.11 60.42 -15.99
C PRO HB 354 -106.15 61.90 -16.35
N SER HB 355 -104.99 62.56 -16.27
CA SER HB 355 -104.90 63.97 -16.58
C SER HB 355 -103.45 64.30 -16.93
N LEU HB 356 -103.23 64.89 -18.11
CA LEU HB 356 -101.90 65.34 -18.49
C LEU HB 356 -101.53 66.60 -17.74
N ARG HB 357 -100.37 66.59 -17.10
CA ARG HB 357 -99.89 67.71 -16.30
C ARG HB 357 -98.85 68.48 -17.09
N ILE HB 358 -99.05 69.79 -17.23
CA ILE HB 358 -98.22 70.62 -18.10
C ILE HB 358 -97.64 71.75 -17.26
N ILE HB 359 -96.32 71.85 -17.24
CA ILE HB 359 -95.64 72.92 -16.49
C ILE HB 359 -94.67 73.65 -17.43
N PRO HB 360 -94.51 74.96 -17.29
CA PRO HB 360 -93.51 75.66 -18.10
C PRO HB 360 -92.11 75.47 -17.52
N VAL HB 361 -91.12 75.53 -18.41
CA VAL HB 361 -89.71 75.40 -18.03
C VAL HB 361 -89.16 76.81 -17.82
N PRO HB 362 -88.60 77.13 -16.64
CA PRO HB 362 -88.01 78.45 -16.38
C PRO HB 362 -86.73 78.69 -17.16
N PRO HB 372 -92.41 78.27 -11.20
CA PRO HB 372 -92.75 77.30 -12.25
C PRO HB 372 -93.70 76.21 -11.74
N LEU HB 373 -94.41 76.50 -10.66
CA LEU HB 373 -95.33 75.55 -10.05
C LEU HB 373 -96.73 75.61 -10.65
N ASP HB 374 -96.96 76.50 -11.62
CA ASP HB 374 -98.25 76.56 -12.30
C ASP HB 374 -98.43 75.34 -13.20
N VAL HB 375 -99.57 74.68 -13.08
CA VAL HB 375 -99.83 73.44 -13.80
C VAL HB 375 -101.09 73.60 -14.63
N GLU HB 376 -101.21 72.77 -15.66
CA GLU HB 376 -102.41 72.66 -16.47
C GLU HB 376 -102.78 71.19 -16.57
N ILE HB 377 -104.02 70.85 -16.23
CA ILE HB 377 -104.49 69.47 -16.18
C ILE HB 377 -105.44 69.24 -17.35
N TYR HB 378 -105.10 68.27 -18.21
CA TYR HB 378 -105.80 68.01 -19.46
C TYR HB 378 -106.27 66.55 -19.44
N GLU HB 379 -107.59 66.34 -19.57
CA GLU HB 379 -108.18 65.01 -19.45
C GLU HB 379 -108.70 64.54 -20.80
N GLY HB 380 -108.43 63.28 -21.12
CA GLY HB 380 -108.94 62.68 -22.34
C GLY HB 380 -109.53 61.29 -22.17
N HIS HB 381 -109.31 60.67 -21.02
CA HIS HB 381 -109.80 59.32 -20.73
C HIS HB 381 -109.88 59.16 -19.22
N GLU HB 382 -110.19 57.95 -18.76
CA GLU HB 382 -110.45 57.69 -17.35
C GLU HB 382 -109.34 56.92 -16.65
N ASP HB 383 -108.54 56.15 -17.37
CA ASP HB 383 -107.47 55.37 -16.75
C ASP HB 383 -106.19 56.20 -16.64
N LEU HB 384 -105.27 55.72 -15.81
CA LEU HB 384 -104.01 56.41 -15.59
C LEU HB 384 -103.14 56.34 -16.84
N LEU HB 385 -102.38 57.42 -17.08
CA LEU HB 385 -101.54 57.51 -18.26
C LEU HB 385 -100.37 56.54 -18.18
N ASN HB 386 -100.09 55.86 -19.29
CA ASN HB 386 -99.05 54.84 -19.35
C ASN HB 386 -97.84 55.28 -20.17
N SER HB 387 -98.06 55.80 -21.37
CA SER HB 387 -96.96 56.25 -22.24
C SER HB 387 -97.33 57.58 -22.87
N LEU HB 388 -96.30 58.39 -23.15
CA LEU HB 388 -96.48 59.70 -23.75
C LEU HB 388 -95.51 59.86 -24.91
N ASP HB 389 -96.04 60.28 -26.06
CA ASP HB 389 -95.24 60.61 -27.22
C ASP HB 389 -95.64 61.97 -27.76
N ALA HB 390 -94.64 62.75 -28.19
CA ALA HB 390 -94.87 64.04 -28.80
C ALA HB 390 -94.09 64.13 -30.11
N THR HB 391 -94.47 65.09 -30.94
CA THR HB 391 -93.76 65.33 -32.18
C THR HB 391 -92.49 66.12 -31.93
N GLU HB 392 -91.78 66.46 -33.01
CA GLU HB 392 -90.58 67.26 -32.88
C GLU HB 392 -90.91 68.69 -32.46
N ASP HB 393 -91.86 69.33 -33.14
CA ASP HB 393 -92.27 70.69 -32.81
C ASP HB 393 -93.51 70.70 -31.91
N GLY HB 394 -93.51 69.91 -30.83
CA GLY HB 394 -94.45 70.11 -29.74
C GLY HB 394 -95.92 69.78 -29.94
N LEU HB 395 -96.47 70.21 -31.08
CA LEU HB 395 -97.91 70.43 -31.24
C LEU HB 395 -98.72 69.14 -31.19
N TRP HB 396 -98.20 68.07 -31.77
CA TRP HB 396 -98.92 66.79 -31.81
C TRP HB 396 -98.46 65.92 -30.65
N ILE HB 397 -99.42 65.47 -29.85
CA ILE HB 397 -99.18 64.62 -28.68
C ILE HB 397 -99.86 63.29 -28.92
N ALA HB 398 -99.12 62.19 -28.70
CA ALA HB 398 -99.68 60.85 -28.73
C ALA HB 398 -99.73 60.32 -27.31
N THR HB 399 -100.94 60.09 -26.80
CA THR HB 399 -101.16 59.72 -25.41
C THR HB 399 -101.78 58.33 -25.35
N ALA HB 400 -101.13 57.42 -24.64
CA ALA HB 400 -101.66 56.09 -24.38
C ALA HB 400 -101.76 55.87 -22.88
N SER HB 401 -102.76 55.08 -22.50
CA SER HB 401 -103.05 54.81 -21.09
C SER HB 401 -103.24 53.31 -20.90
N LYS HB 402 -103.54 52.92 -19.65
CA LYS HB 402 -103.95 51.55 -19.39
C LYS HB 402 -105.33 51.25 -19.97
N ASP HB 403 -106.13 52.28 -20.23
CA ASP HB 403 -107.32 52.12 -21.05
C ASP HB 403 -106.91 51.75 -22.48
N ASN HB 404 -107.77 50.98 -23.15
CA ASN HB 404 -107.45 50.49 -24.48
C ASN HB 404 -107.49 51.59 -25.54
N THR HB 405 -108.21 52.68 -25.29
CA THR HB 405 -108.28 53.77 -26.24
C THR HB 405 -107.04 54.64 -26.17
N ALA HB 406 -106.81 55.41 -27.24
CA ALA HB 406 -105.71 56.36 -27.32
C ALA HB 406 -106.25 57.68 -27.84
N ILE HB 407 -105.64 58.77 -27.38
CA ILE HB 407 -106.07 60.12 -27.73
C ILE HB 407 -104.89 60.90 -28.29
N VAL HB 408 -105.10 61.54 -29.45
CA VAL HB 408 -104.09 62.36 -30.09
C VAL HB 408 -104.52 63.82 -29.94
N TRP HB 409 -103.64 64.64 -29.37
CA TRP HB 409 -103.93 66.04 -29.07
C TRP HB 409 -103.24 66.95 -30.08
N ARG HB 410 -103.96 67.96 -30.54
CA ARG HB 410 -103.38 69.05 -31.31
C ARG HB 410 -103.31 70.27 -30.38
N TYR HB 411 -102.22 70.33 -29.60
CA TYR HB 411 -102.05 71.41 -28.64
C TYR HB 411 -101.70 72.70 -29.38
N ASN HB 412 -102.38 73.78 -29.03
CA ASN HB 412 -102.32 75.03 -29.79
C ASN HB 412 -101.39 76.03 -29.12
N GLU HB 413 -100.83 76.93 -29.95
CA GLU HB 413 -100.18 78.13 -29.47
C GLU HB 413 -101.17 79.26 -29.24
N ASN HB 414 -102.45 79.01 -29.50
CA ASN HB 414 -103.57 79.91 -29.22
C ASN HB 414 -103.97 79.82 -27.75
N SER HB 415 -105.19 80.28 -27.44
CA SER HB 415 -105.78 80.09 -26.12
C SER HB 415 -105.88 78.61 -25.76
N CYS HB 416 -106.13 78.35 -24.48
CA CYS HB 416 -105.90 77.03 -23.89
C CYS HB 416 -106.90 76.00 -24.39
N LYS HB 417 -106.72 75.56 -25.63
CA LYS HB 417 -107.50 74.49 -26.22
C LYS HB 417 -106.59 73.31 -26.52
N PHE HB 418 -107.15 72.10 -26.39
CA PHE HB 418 -106.39 70.87 -26.54
C PHE HB 418 -107.34 69.84 -27.11
N ASP HB 419 -106.98 69.26 -28.26
CA ASP HB 419 -107.96 68.64 -29.12
C ASP HB 419 -108.44 67.29 -28.60
N ILE HB 420 -109.75 67.11 -28.60
CA ILE HB 420 -110.41 65.89 -28.14
C ILE HB 420 -110.76 64.97 -29.31
N TYR HB 421 -111.01 65.54 -30.50
CA TYR HB 421 -111.71 64.92 -31.62
C TYR HB 421 -111.02 63.68 -32.20
N ALA HB 422 -109.75 63.43 -31.87
CA ALA HB 422 -109.09 62.19 -32.28
C ALA HB 422 -109.46 61.08 -31.30
N LYS HB 423 -110.70 60.63 -31.40
CA LYS HB 423 -111.27 59.62 -30.51
C LYS HB 423 -111.13 58.26 -31.19
N TYR HB 424 -110.02 57.59 -30.91
CA TYR HB 424 -109.72 56.29 -31.50
C TYR HB 424 -110.07 55.20 -30.50
N ILE HB 425 -110.75 54.15 -31.00
CA ILE HB 425 -111.24 53.10 -30.12
C ILE HB 425 -110.10 52.19 -29.61
N GLY HB 426 -108.95 52.19 -30.27
CA GLY HB 426 -107.85 51.38 -29.80
C GLY HB 426 -108.00 49.94 -30.24
N HIS HB 427 -107.90 49.03 -29.28
CA HIS HB 427 -107.95 47.60 -29.57
C HIS HB 427 -108.55 46.90 -28.35
N SER HB 428 -108.34 45.58 -28.27
CA SER HB 428 -108.96 44.79 -27.20
C SER HB 428 -108.27 45.01 -25.86
N ALA HB 429 -106.97 44.69 -25.78
CA ALA HB 429 -106.25 44.75 -24.52
C ALA HB 429 -105.70 46.16 -24.31
N ALA HB 430 -104.88 46.33 -23.28
CA ALA HB 430 -104.30 47.63 -22.95
C ALA HB 430 -103.17 47.97 -23.93
N VAL HB 431 -102.91 49.27 -24.05
CA VAL HB 431 -101.86 49.80 -24.91
C VAL HB 431 -100.74 50.34 -24.03
N THR HB 432 -99.50 50.02 -24.39
CA THR HB 432 -98.36 50.37 -23.54
C THR HB 432 -97.42 51.41 -24.14
N ALA HB 433 -97.53 51.72 -25.44
CA ALA HB 433 -96.58 52.63 -26.07
C ALA HB 433 -97.19 53.18 -27.35
N VAL HB 434 -96.77 54.40 -27.71
CA VAL HB 434 -97.19 55.07 -28.94
C VAL HB 434 -95.98 55.70 -29.59
N GLY HB 435 -96.09 55.95 -30.89
CA GLY HB 435 -94.99 56.53 -31.65
C GLY HB 435 -95.36 57.17 -32.96
N LEU HB 436 -94.68 58.27 -33.31
CA LEU HB 436 -94.83 58.90 -34.60
C LEU HB 436 -93.47 59.35 -35.14
N PRO HB 437 -93.05 58.86 -36.31
CA PRO HB 437 -91.74 59.24 -36.86
C PRO HB 437 -91.69 60.67 -37.36
N ASN HB 438 -92.63 61.03 -38.22
CA ASN HB 438 -92.63 62.33 -38.88
C ASN HB 438 -94.03 62.60 -39.40
N ILE HB 439 -94.27 63.85 -39.80
CA ILE HB 439 -95.54 64.28 -40.35
C ILE HB 439 -95.28 64.82 -41.76
N VAL HB 440 -96.07 64.33 -42.73
CA VAL HB 440 -95.92 64.77 -44.11
C VAL HB 440 -96.38 66.24 -44.25
N SER HB 441 -96.06 66.84 -45.39
CA SER HB 441 -96.28 68.26 -45.64
C SER HB 441 -97.77 68.65 -45.69
N LYS HB 442 -98.69 67.68 -45.75
CA LYS HB 442 -100.10 67.99 -45.59
C LYS HB 442 -100.40 68.51 -44.18
N GLY HB 443 -99.66 68.01 -43.18
CA GLY HB 443 -99.77 68.46 -41.82
C GLY HB 443 -100.56 67.53 -40.92
N TYR HB 444 -101.37 66.65 -41.49
CA TYR HB 444 -102.12 65.70 -40.68
C TYR HB 444 -101.19 64.60 -40.15
N PRO HB 445 -101.36 64.16 -38.91
CA PRO HB 445 -100.57 63.02 -38.43
C PRO HB 445 -101.15 61.73 -38.96
N GLU HB 446 -100.48 61.14 -39.95
CA GLU HB 446 -101.11 60.10 -40.77
C GLU HB 446 -101.18 58.77 -40.04
N PHE HB 447 -100.03 58.20 -39.69
CA PHE HB 447 -99.97 56.87 -39.09
C PHE HB 447 -99.41 56.98 -37.68
N LEU HB 448 -100.07 56.32 -36.73
CA LEU HB 448 -99.64 56.24 -35.34
C LEU HB 448 -99.44 54.78 -34.98
N LEU HB 449 -98.20 54.41 -34.68
CA LEU HB 449 -97.86 53.03 -34.35
C LEU HB 449 -98.02 52.84 -32.85
N THR HB 450 -98.83 51.85 -32.46
CA THR HB 450 -99.23 51.66 -31.07
C THR HB 450 -98.78 50.27 -30.61
N ALA HB 451 -97.73 50.24 -29.80
CA ALA HB 451 -97.34 48.99 -29.13
C ALA HB 451 -98.20 48.80 -27.89
N SER HB 452 -98.67 47.57 -27.69
CA SER HB 452 -99.68 47.28 -26.70
C SER HB 452 -99.14 46.37 -25.61
N ASN HB 453 -99.97 46.18 -24.58
CA ASN HB 453 -99.60 45.36 -23.43
C ASN HB 453 -99.47 43.89 -23.81
N ASP HB 454 -100.31 43.43 -24.74
CA ASP HB 454 -100.23 42.07 -25.22
C ASP HB 454 -99.29 42.02 -26.44
N LEU HB 455 -99.32 40.91 -27.18
CA LEU HB 455 -98.43 40.66 -28.31
C LEU HB 455 -98.67 41.60 -29.49
N THR HB 456 -99.83 42.24 -29.57
CA THR HB 456 -100.24 43.00 -30.74
C THR HB 456 -99.56 44.36 -30.77
N ILE HB 457 -99.09 44.76 -31.96
CA ILE HB 457 -98.64 46.14 -32.21
C ILE HB 457 -99.46 46.63 -33.40
N LYS HB 458 -100.58 47.28 -33.13
CA LYS HB 458 -101.47 47.76 -34.18
C LYS HB 458 -101.14 49.21 -34.53
N LYS HB 459 -101.77 49.69 -35.59
CA LYS HB 459 -101.51 51.03 -36.11
C LYS HB 459 -102.84 51.66 -36.53
N TRP HB 460 -103.03 52.92 -36.18
CA TRP HB 460 -104.22 53.66 -36.56
C TRP HB 460 -103.86 54.74 -37.58
N ILE HB 461 -104.75 54.93 -38.55
CA ILE HB 461 -104.58 55.92 -39.61
C ILE HB 461 -105.75 56.90 -39.51
N ILE HB 462 -105.43 58.19 -39.45
CA ILE HB 462 -106.44 59.23 -39.34
C ILE HB 462 -107.20 59.41 -40.65
N THR HB 480 -102.89 48.08 -38.75
CA THR HB 480 -102.89 47.16 -37.61
C THR HB 480 -102.06 45.91 -37.90
N ARG HB 481 -101.09 45.63 -37.02
CA ARG HB 481 -100.22 44.49 -37.22
C ARG HB 481 -100.03 43.71 -35.91
N HIS HB 482 -99.14 42.73 -35.93
CA HIS HB 482 -98.80 41.96 -34.72
C HIS HB 482 -97.42 41.36 -34.94
N ALA HB 483 -96.47 41.73 -34.09
CA ALA HB 483 -95.10 41.26 -34.24
C ALA HB 483 -94.59 40.50 -33.02
N HIS HB 484 -94.76 41.04 -31.82
CA HIS HB 484 -94.01 40.60 -30.65
C HIS HB 484 -94.63 39.36 -30.02
N GLU HB 485 -93.93 38.82 -29.02
CA GLU HB 485 -94.36 37.64 -28.29
C GLU HB 485 -94.71 37.92 -26.83
N LYS HB 486 -94.32 39.06 -26.29
CA LYS HB 486 -94.61 39.41 -24.90
C LYS HB 486 -94.97 40.89 -24.85
N ASP HB 487 -94.99 41.44 -23.63
CA ASP HB 487 -95.24 42.86 -23.45
C ASP HB 487 -94.05 43.68 -23.93
N ILE HB 488 -94.34 44.76 -24.64
CA ILE HB 488 -93.32 45.64 -25.19
C ILE HB 488 -92.96 46.69 -24.15
N ASN HB 489 -91.66 46.84 -23.89
CA ASN HB 489 -91.20 47.84 -22.92
C ASN HB 489 -91.35 49.24 -23.49
N ALA HB 490 -90.65 49.53 -24.59
CA ALA HB 490 -90.76 50.81 -25.27
C ALA HB 490 -90.40 50.61 -26.74
N LEU HB 491 -90.80 51.58 -27.55
CA LEU HB 491 -90.56 51.55 -28.99
C LEU HB 491 -89.50 52.59 -29.37
N SER HB 492 -89.27 52.69 -30.66
CA SER HB 492 -88.37 53.72 -31.21
C SER HB 492 -88.74 53.97 -32.66
N VAL HB 493 -88.95 55.24 -32.99
CA VAL HB 493 -89.30 55.65 -34.35
C VAL HB 493 -88.10 56.34 -35.00
N SER HB 494 -87.87 56.01 -36.26
CA SER HB 494 -86.77 56.61 -37.00
C SER HB 494 -87.15 58.01 -37.44
N PRO HB 495 -86.36 59.04 -37.11
CA PRO HB 495 -86.72 60.41 -37.50
C PRO HB 495 -86.69 60.68 -39.00
N ASN HB 496 -86.03 59.84 -39.79
CA ASN HB 496 -86.10 59.93 -41.24
C ASN HB 496 -87.25 59.11 -41.82
N ASP HB 497 -88.11 58.55 -40.95
CA ASP HB 497 -89.33 57.82 -41.32
C ASP HB 497 -89.02 56.60 -42.18
N SER HB 498 -88.13 55.75 -41.68
CA SER HB 498 -87.70 54.56 -42.41
C SER HB 498 -88.04 53.26 -41.69
N ILE HB 499 -87.62 53.10 -40.43
CA ILE HB 499 -87.69 51.82 -39.74
C ILE HB 499 -88.27 52.03 -38.34
N PHE HB 500 -88.58 50.91 -37.68
CA PHE HB 500 -89.29 50.94 -36.41
C PHE HB 500 -88.77 49.82 -35.53
N ALA HB 501 -88.21 50.17 -34.36
CA ALA HB 501 -87.65 49.20 -33.44
C ALA HB 501 -88.34 49.29 -32.09
N THR HB 502 -88.49 48.12 -31.45
CA THR HB 502 -89.13 48.02 -30.14
C THR HB 502 -88.26 47.20 -29.22
N ALA HB 503 -88.05 47.70 -28.00
CA ALA HB 503 -87.46 46.91 -26.93
C ALA HB 503 -88.58 46.36 -26.06
N SER HB 504 -88.45 45.10 -25.64
CA SER HB 504 -89.57 44.41 -25.01
C SER HB 504 -89.08 43.56 -23.84
N TYR HB 505 -90.07 43.02 -23.12
CA TYR HB 505 -89.82 42.24 -21.90
C TYR HB 505 -89.19 40.89 -22.18
N ASP HB 506 -89.40 40.32 -23.38
CA ASP HB 506 -88.87 39.01 -23.73
C ASP HB 506 -87.49 39.08 -24.36
N LYS HB 507 -86.70 40.12 -24.02
CA LYS HB 507 -85.34 40.34 -24.50
C LYS HB 507 -85.26 40.40 -26.03
N THR HB 508 -86.24 41.01 -26.67
CA THR HB 508 -86.30 41.07 -28.13
C THR HB 508 -86.25 42.52 -28.59
N CYS HB 509 -85.25 42.84 -29.41
CA CYS HB 509 -85.13 44.16 -30.06
C CYS HB 509 -85.66 44.01 -31.47
N LYS HB 510 -86.99 43.90 -31.60
CA LYS HB 510 -87.63 43.64 -32.88
C LYS HB 510 -87.61 44.91 -33.72
N ILE HB 511 -86.86 44.89 -34.80
CA ILE HB 511 -86.76 46.02 -35.73
C ILE HB 511 -87.53 45.65 -36.99
N TRP HB 512 -88.51 46.47 -37.36
CA TRP HB 512 -89.33 46.17 -38.52
C TRP HB 512 -89.71 47.49 -39.19
N ASN HB 513 -90.54 47.38 -40.24
CA ASN HB 513 -90.84 48.46 -41.15
C ASN HB 513 -91.76 49.50 -40.49
N LEU HB 514 -91.92 50.64 -41.16
CA LEU HB 514 -92.88 51.66 -40.74
C LEU HB 514 -94.14 51.66 -41.57
N GLU HB 515 -94.01 51.45 -42.88
CA GLU HB 515 -95.18 51.30 -43.74
C GLU HB 515 -95.81 49.92 -43.62
N ASN HB 516 -95.08 48.94 -43.08
CA ASN HB 516 -95.58 47.58 -42.95
C ASN HB 516 -95.11 47.03 -41.61
N GLY HB 517 -95.50 45.79 -41.33
CA GLY HB 517 -95.06 45.09 -40.14
C GLY HB 517 -94.09 43.97 -40.47
N GLU HB 518 -93.35 44.15 -41.56
CA GLU HB 518 -92.42 43.12 -42.04
C GLU HB 518 -91.20 43.09 -41.13
N LEU HB 519 -91.07 42.03 -40.34
CA LEU HB 519 -89.97 41.89 -39.39
C LEU HB 519 -88.73 41.42 -40.14
N GLU HB 520 -87.71 42.28 -40.19
CA GLU HB 520 -86.47 41.89 -40.86
C GLU HB 520 -85.49 41.21 -39.92
N ALA HB 521 -85.43 41.65 -38.65
CA ALA HB 521 -84.46 41.13 -37.70
C ALA HB 521 -84.93 41.42 -36.28
N THR HB 522 -84.25 40.78 -35.33
CA THR HB 522 -84.40 41.09 -33.91
C THR HB 522 -83.09 40.71 -33.22
N LEU HB 523 -82.86 41.32 -32.05
CA LEU HB 523 -81.62 41.13 -31.31
C LEU HB 523 -81.94 40.75 -29.87
N ALA HB 524 -81.10 39.87 -29.30
CA ALA HB 524 -81.39 39.30 -27.99
C ALA HB 524 -80.19 39.13 -27.07
N ASN HB 525 -79.00 39.58 -27.45
CA ASN HB 525 -77.79 39.29 -26.68
C ASN HB 525 -77.65 40.28 -25.53
N HIS HB 526 -78.46 40.07 -24.49
CA HIS HB 526 -78.36 40.82 -23.25
C HIS HB 526 -78.63 39.86 -22.10
N LYS HB 527 -78.79 40.41 -20.89
CA LYS HB 527 -78.92 39.58 -19.69
C LYS HB 527 -80.35 39.39 -19.23
N ARG HB 528 -81.06 40.48 -18.91
CA ARG HB 528 -82.39 40.42 -18.34
C ARG HB 528 -83.48 40.77 -19.35
N GLY HB 529 -83.29 41.85 -20.09
CA GLY HB 529 -84.29 42.29 -21.04
C GLY HB 529 -83.81 43.52 -21.76
N LEU HB 530 -84.70 44.10 -22.55
CA LEU HB 530 -84.41 45.34 -23.26
C LEU HB 530 -85.52 46.34 -22.98
N TRP HB 531 -85.15 47.52 -22.51
CA TRP HB 531 -86.11 48.53 -22.05
C TRP HB 531 -86.38 49.60 -23.10
N ASP HB 532 -85.33 50.27 -23.58
CA ASP HB 532 -85.50 51.34 -24.55
C ASP HB 532 -84.43 51.24 -25.63
N VAL HB 533 -84.75 51.80 -26.79
CA VAL HB 533 -83.84 51.88 -27.93
C VAL HB 533 -83.69 53.35 -28.30
N SER HB 534 -82.44 53.79 -28.47
CA SER HB 534 -82.16 55.17 -28.83
C SER HB 534 -81.70 55.26 -30.27
N PHE HB 535 -82.27 56.20 -31.02
CA PHE HB 535 -81.95 56.42 -32.43
C PHE HB 535 -81.18 57.73 -32.56
N CYS HB 536 -80.00 57.65 -33.16
CA CYS HB 536 -79.21 58.83 -33.52
C CYS HB 536 -79.05 58.78 -35.05
N GLN HB 537 -80.04 59.30 -35.76
CA GLN HB 537 -80.11 59.16 -37.21
C GLN HB 537 -79.15 60.06 -37.96
N TYR HB 538 -78.47 60.99 -37.27
CA TYR HB 538 -77.45 61.81 -37.91
C TYR HB 538 -76.26 60.96 -38.35
N ASP HB 539 -75.88 59.97 -37.53
CA ASP HB 539 -74.91 58.97 -37.93
C ASP HB 539 -75.53 57.59 -38.13
N LYS HB 540 -76.84 57.45 -37.90
CA LYS HB 540 -77.63 56.23 -38.09
C LYS HB 540 -77.09 55.07 -37.24
N LEU HB 541 -77.11 55.29 -35.93
CA LEU HB 541 -76.76 54.27 -34.96
C LEU HB 541 -77.99 53.89 -34.13
N LEU HB 542 -77.90 52.75 -33.46
CA LEU HB 542 -79.03 52.17 -32.71
C LEU HB 542 -78.52 51.81 -31.31
N ALA HB 543 -78.86 52.62 -30.32
CA ALA HB 543 -78.38 52.42 -28.95
C ALA HB 543 -79.48 51.76 -28.14
N THR HB 544 -79.20 50.55 -27.66
CA THR HB 544 -80.18 49.78 -26.88
C THR HB 544 -79.92 49.98 -25.40
N SER HB 545 -80.82 50.71 -24.73
CA SER HB 545 -80.81 50.82 -23.28
C SER HB 545 -81.55 49.61 -22.72
N SER HB 546 -80.81 48.58 -22.34
CA SER HB 546 -81.39 47.27 -22.06
C SER HB 546 -81.75 47.16 -20.58
N GLY HB 547 -82.23 45.97 -20.18
CA GLY HB 547 -82.60 45.74 -18.79
C GLY HB 547 -81.41 45.73 -17.85
N ASP HB 548 -80.30 45.14 -18.29
CA ASP HB 548 -79.08 45.13 -17.50
C ASP HB 548 -78.37 46.48 -17.62
N LYS HB 549 -77.24 46.61 -16.93
CA LYS HB 549 -76.47 47.85 -16.99
C LYS HB 549 -75.75 48.03 -18.31
N THR HB 550 -75.61 46.96 -19.11
CA THR HB 550 -74.96 47.06 -20.40
C THR HB 550 -75.86 47.77 -21.41
N VAL HB 551 -75.29 48.73 -22.12
CA VAL HB 551 -75.95 49.43 -23.21
C VAL HB 551 -75.16 49.19 -24.48
N LYS HB 552 -75.81 48.63 -25.50
CA LYS HB 552 -75.15 48.28 -26.75
C LYS HB 552 -75.54 49.25 -27.85
N ILE HB 553 -74.59 49.52 -28.75
CA ILE HB 553 -74.77 50.44 -29.86
C ILE HB 553 -74.72 49.65 -31.14
N TRP HB 554 -75.77 49.77 -31.96
CA TRP HB 554 -75.94 48.95 -33.15
C TRP HB 554 -75.96 49.83 -34.39
N SER HB 555 -75.48 49.28 -35.51
CA SER HB 555 -75.47 50.01 -36.76
C SER HB 555 -76.84 49.93 -37.43
N LEU HB 556 -76.99 50.73 -38.49
CA LEU HB 556 -78.27 50.80 -39.20
C LEU HB 556 -78.43 49.62 -40.15
N ASP HB 557 -77.33 49.00 -40.57
CA ASP HB 557 -77.37 48.00 -41.64
C ASP HB 557 -76.95 46.61 -41.18
N THR HB 558 -75.76 46.47 -40.60
CA THR HB 558 -75.24 45.15 -40.29
C THR HB 558 -75.83 44.53 -39.04
N PHE HB 559 -76.50 45.35 -38.20
CA PHE HB 559 -77.10 44.92 -36.92
C PHE HB 559 -76.07 44.25 -36.02
N SER HB 560 -74.88 44.82 -35.96
CA SER HB 560 -73.79 44.33 -35.13
C SER HB 560 -73.51 45.33 -34.03
N VAL HB 561 -72.62 44.95 -33.11
CA VAL HB 561 -72.28 45.82 -31.99
C VAL HB 561 -71.05 46.66 -32.37
N MET HB 562 -71.27 47.93 -32.69
CA MET HB 562 -70.14 48.82 -32.94
C MET HB 562 -69.55 49.37 -31.65
N LYS HB 563 -70.39 49.67 -30.66
CA LYS HB 563 -69.91 50.26 -29.42
C LYS HB 563 -70.75 49.75 -28.26
N THR HB 564 -70.24 49.97 -27.05
CA THR HB 564 -70.95 49.54 -25.85
C THR HB 564 -70.67 50.52 -24.73
N LEU HB 565 -71.58 50.55 -23.76
CA LEU HB 565 -71.46 51.38 -22.57
C LEU HB 565 -71.58 50.50 -21.33
N GLU HB 566 -70.70 50.74 -20.35
CA GLU HB 566 -70.68 49.96 -19.13
C GLU HB 566 -70.41 50.90 -17.96
N GLY HB 567 -70.10 50.33 -16.80
CA GLY HB 567 -69.78 51.11 -15.63
C GLY HB 567 -70.96 51.51 -14.77
N HIS HB 568 -72.18 51.16 -15.16
CA HIS HB 568 -73.35 51.51 -14.37
C HIS HB 568 -73.48 50.54 -13.18
N THR HB 569 -74.46 50.79 -12.32
CA THR HB 569 -74.63 49.98 -11.13
C THR HB 569 -75.86 49.09 -11.19
N ASN HB 570 -77.06 49.65 -11.30
CA ASN HB 570 -78.29 48.86 -11.19
C ASN HB 570 -78.93 48.56 -12.54
N ALA HB 571 -79.34 49.60 -13.25
CA ALA HB 571 -80.09 49.47 -14.50
C ALA HB 571 -80.04 50.82 -15.22
N VAL HB 572 -80.39 50.81 -16.49
CA VAL HB 572 -80.29 52.01 -17.31
C VAL HB 572 -81.68 52.51 -17.68
N GLN HB 573 -82.41 51.69 -18.46
CA GLN HB 573 -83.83 51.81 -18.81
C GLN HB 573 -84.15 52.96 -19.78
N ARG HB 574 -83.18 53.84 -20.04
CA ARG HB 574 -83.41 54.99 -20.93
C ARG HB 574 -82.06 55.59 -21.29
N CYS HB 575 -81.82 55.78 -22.59
CA CYS HB 575 -80.68 56.52 -23.09
C CYS HB 575 -81.16 57.59 -24.05
N SER HB 576 -80.52 58.76 -24.00
CA SER HB 576 -80.91 59.91 -24.78
C SER HB 576 -79.88 60.18 -25.87
N PHE HB 577 -80.37 60.44 -27.09
CA PHE HB 577 -79.49 60.84 -28.17
C PHE HB 577 -79.02 62.28 -27.95
N ILE HB 578 -77.98 62.66 -28.69
CA ILE HB 578 -77.21 63.86 -28.39
C ILE HB 578 -77.11 64.73 -29.62
N ASN HB 579 -77.29 66.05 -29.42
CA ASN HB 579 -77.15 67.01 -30.51
C ASN HB 579 -75.72 67.07 -31.03
N LYS HB 580 -74.72 66.82 -30.18
CA LYS HB 580 -73.34 66.68 -30.61
C LYS HB 580 -73.07 65.40 -31.38
N GLN HB 581 -74.05 64.48 -31.43
CA GLN HB 581 -74.09 63.21 -32.18
C GLN HB 581 -73.14 62.15 -31.64
N LYS HB 582 -72.36 62.45 -30.61
CA LYS HB 582 -71.44 61.47 -30.05
C LYS HB 582 -71.55 61.32 -28.54
N GLN HB 583 -71.79 62.41 -27.81
CA GLN HB 583 -71.74 62.39 -26.35
C GLN HB 583 -73.07 61.86 -25.81
N LEU HB 584 -73.23 60.53 -25.89
CA LEU HB 584 -74.50 59.90 -25.59
C LEU HB 584 -74.82 59.98 -24.09
N ILE HB 585 -76.06 60.38 -23.79
CA ILE HB 585 -76.52 60.62 -22.44
C ILE HB 585 -77.25 59.38 -21.95
N SER HB 586 -77.01 59.01 -20.69
CA SER HB 586 -77.62 57.82 -20.12
C SER HB 586 -78.04 58.12 -18.69
N CYS HB 587 -79.33 58.02 -18.41
CA CYS HB 587 -79.83 58.02 -17.05
C CYS HB 587 -80.00 56.58 -16.58
N GLY HB 588 -80.21 56.40 -15.28
CA GLY HB 588 -80.25 55.05 -14.75
C GLY HB 588 -80.97 54.93 -13.43
N ALA HB 589 -81.02 53.69 -12.92
CA ALA HB 589 -81.76 53.35 -11.73
C ALA HB 589 -80.96 53.54 -10.45
N ASP HB 590 -79.94 54.39 -10.47
CA ASP HB 590 -79.18 54.72 -9.27
C ASP HB 590 -79.23 56.21 -8.94
N GLY HB 591 -79.98 57.00 -9.68
CA GLY HB 591 -80.11 58.42 -9.42
C GLY HB 591 -79.15 59.33 -10.16
N LEU HB 592 -78.43 58.82 -11.15
CA LEU HB 592 -77.39 59.59 -11.80
C LEU HB 592 -77.58 59.65 -13.31
N ILE HB 593 -77.02 60.70 -13.91
CA ILE HB 593 -76.93 60.86 -15.35
C ILE HB 593 -75.46 60.74 -15.73
N LYS HB 594 -75.15 59.83 -16.64
CA LYS HB 594 -73.80 59.69 -17.18
C LYS HB 594 -73.83 59.99 -18.67
N ILE HB 595 -72.96 60.90 -19.10
CA ILE HB 595 -72.84 61.31 -20.49
C ILE HB 595 -71.37 61.22 -20.89
N TRP HB 596 -71.10 60.52 -21.98
CA TRP HB 596 -69.76 60.50 -22.56
C TRP HB 596 -69.85 60.21 -24.04
N ASP HB 597 -68.72 60.46 -24.72
CA ASP HB 597 -68.63 60.32 -26.17
C ASP HB 597 -68.70 58.86 -26.56
N CYS HB 598 -69.65 58.51 -27.42
CA CYS HB 598 -69.79 57.14 -27.89
C CYS HB 598 -68.67 56.77 -28.86
N SER HB 599 -68.23 57.71 -29.69
CA SER HB 599 -67.14 57.43 -30.62
C SER HB 599 -65.81 57.30 -29.88
N SER HB 600 -65.66 57.93 -28.73
CA SER HB 600 -64.48 57.73 -27.90
C SER HB 600 -64.59 56.46 -27.08
N GLY HB 601 -65.64 56.35 -26.27
CA GLY HB 601 -65.89 55.17 -25.48
C GLY HB 601 -65.41 55.22 -24.04
N GLU HB 602 -64.93 56.37 -23.58
CA GLU HB 602 -64.46 56.53 -22.21
C GLU HB 602 -65.29 57.60 -21.51
N CYS HB 603 -65.43 57.44 -20.19
CA CYS HB 603 -66.34 58.26 -19.41
C CYS HB 603 -65.87 59.70 -19.31
N LEU HB 604 -66.81 60.64 -19.47
CA LEU HB 604 -66.52 62.07 -19.45
C LEU HB 604 -67.19 62.76 -18.27
N LYS HB 605 -68.51 62.64 -18.14
CA LYS HB 605 -69.25 63.31 -17.08
C LYS HB 605 -70.29 62.37 -16.52
N THR HB 606 -70.21 62.11 -15.21
CA THR HB 606 -71.23 61.39 -14.47
C THR HB 606 -71.81 62.34 -13.42
N LEU HB 607 -73.07 62.70 -13.58
CA LEU HB 607 -73.74 63.70 -12.75
C LEU HB 607 -74.80 63.02 -11.91
N ASP HB 608 -74.85 63.38 -10.62
CA ASP HB 608 -75.67 62.65 -9.66
C ASP HB 608 -76.64 63.58 -8.93
N GLY HB 609 -77.39 64.39 -9.67
CA GLY HB 609 -78.32 65.30 -9.06
C GLY HB 609 -79.48 64.62 -8.36
N HIS HB 610 -80.00 63.54 -8.94
CA HIS HB 610 -81.09 62.80 -8.34
C HIS HB 610 -80.53 61.80 -7.33
N ASN HB 611 -81.41 61.01 -6.73
CA ASN HB 611 -81.03 60.16 -5.61
C ASN HB 611 -81.22 58.67 -5.85
N ASN HB 612 -82.38 58.24 -6.36
CA ASN HB 612 -82.76 56.85 -6.26
C ASN HB 612 -82.80 56.12 -7.59
N ARG HB 613 -83.58 56.61 -8.56
CA ARG HB 613 -83.90 55.87 -9.78
C ARG HB 613 -84.54 56.85 -10.75
N LEU HB 614 -84.20 56.71 -12.04
CA LEU HB 614 -84.72 57.61 -13.07
C LEU HB 614 -85.82 56.91 -13.86
N TRP HB 615 -86.89 57.63 -14.16
CA TRP HB 615 -88.00 57.11 -14.94
C TRP HB 615 -88.01 57.63 -16.38
N ALA HB 616 -88.01 58.94 -16.56
CA ALA HB 616 -88.14 59.55 -17.88
C ALA HB 616 -86.99 60.52 -18.12
N LEU HB 617 -86.61 60.64 -19.39
CA LEU HB 617 -85.50 61.49 -19.80
C LEU HB 617 -85.64 61.81 -21.28
N SER HB 618 -85.49 63.09 -21.64
CA SER HB 618 -85.64 63.50 -23.03
C SER HB 618 -84.75 64.71 -23.29
N THR HB 619 -84.52 64.97 -24.58
CA THR HB 619 -83.70 66.10 -25.01
C THR HB 619 -84.36 66.80 -26.20
N MET HB 620 -83.92 68.03 -26.45
CA MET HB 620 -84.30 68.78 -27.63
C MET HB 620 -83.07 69.53 -28.13
N ASN HB 621 -83.10 69.93 -29.40
CA ASN HB 621 -81.89 69.89 -30.22
C ASN HB 621 -80.93 71.07 -30.04
N ASP HB 622 -81.33 72.29 -30.42
CA ASP HB 622 -80.35 73.32 -30.74
C ASP HB 622 -79.66 73.86 -29.49
N GLY HB 623 -80.35 73.85 -28.36
CA GLY HB 623 -79.71 73.92 -27.06
C GLY HB 623 -79.79 72.55 -26.42
N ASP HB 624 -78.63 71.98 -26.12
CA ASP HB 624 -78.54 70.61 -25.61
C ASP HB 624 -79.03 70.60 -24.17
N MET HB 625 -80.35 70.50 -24.01
CA MET HB 625 -81.01 70.94 -22.79
C MET HB 625 -81.68 69.70 -22.22
N ILE HB 626 -81.14 69.16 -21.12
CA ILE HB 626 -81.45 67.82 -20.65
C ILE HB 626 -82.41 67.91 -19.45
N VAL HB 627 -83.57 67.30 -19.59
CA VAL HB 627 -84.56 67.18 -18.52
C VAL HB 627 -84.66 65.72 -18.13
N SER HB 628 -84.57 65.44 -16.83
CA SER HB 628 -84.72 64.09 -16.32
C SER HB 628 -85.70 64.08 -15.15
N ALA HB 629 -86.56 63.07 -15.14
CA ALA HB 629 -87.55 62.87 -14.09
C ALA HB 629 -87.22 61.57 -13.36
N ASP HB 630 -87.07 61.65 -12.04
CA ASP HB 630 -86.58 60.52 -11.26
C ASP HB 630 -87.74 59.76 -10.61
N ALA HB 631 -87.41 58.77 -9.77
CA ALA HB 631 -88.42 58.01 -9.05
C ALA HB 631 -89.15 58.84 -7.99
N ASP HB 632 -88.52 59.90 -7.51
CA ASP HB 632 -89.20 60.89 -6.67
C ASP HB 632 -89.90 61.90 -7.57
N GLY HB 633 -90.37 62.99 -6.99
CA GLY HB 633 -91.01 64.00 -7.82
C GLY HB 633 -90.09 65.07 -8.37
N VAL HB 634 -88.81 65.05 -8.04
CA VAL HB 634 -87.91 66.14 -8.40
C VAL HB 634 -87.46 65.99 -9.85
N PHE HB 635 -87.32 67.13 -10.53
CA PHE HB 635 -86.80 67.18 -11.89
C PHE HB 635 -85.60 68.11 -11.91
N GLN HB 636 -84.59 67.76 -12.71
CA GLN HB 636 -83.42 68.59 -12.87
C GLN HB 636 -83.29 69.02 -14.33
N PHE HB 637 -82.61 70.14 -14.55
CA PHE HB 637 -82.53 70.76 -15.86
C PHE HB 637 -81.08 71.13 -16.13
N TRP HB 638 -80.51 70.58 -17.20
CA TRP HB 638 -79.13 70.83 -17.56
C TRP HB 638 -79.03 71.22 -19.03
N LYS HB 639 -78.29 72.29 -19.31
CA LYS HB 639 -78.15 72.80 -20.67
C LYS HB 639 -76.68 73.00 -20.99
N ASP HB 640 -76.38 72.98 -22.29
CA ASP HB 640 -75.02 73.24 -22.75
C ASP HB 640 -74.69 74.72 -22.61
N CYS HB 641 -73.69 75.02 -21.77
CA CYS HB 641 -73.17 76.38 -21.68
C CYS HB 641 -71.65 76.39 -21.72
N THR HB 642 -71.05 75.36 -22.34
CA THR HB 642 -69.61 75.14 -22.24
C THR HB 642 -68.80 76.22 -22.93
N GLU HB 643 -69.38 76.90 -23.93
CA GLU HB 643 -68.69 78.03 -24.55
C GLU HB 643 -68.57 79.21 -23.58
N GLN HB 644 -69.51 79.33 -22.64
CA GLN HB 644 -69.38 80.34 -21.60
C GLN HB 644 -68.35 79.95 -20.55
N GLU HB 645 -68.25 78.64 -20.24
CA GLU HB 645 -67.29 78.21 -19.23
C GLU HB 645 -65.85 78.26 -19.75
N ILE HB 646 -65.64 77.94 -21.03
CA ILE HB 646 -64.28 78.01 -21.56
C ILE HB 646 -63.83 79.45 -21.76
N GLU HB 647 -64.79 80.38 -21.79
CA GLU HB 647 -64.43 81.80 -21.79
C GLU HB 647 -63.96 82.23 -20.40
N GLU HB 648 -64.31 81.47 -19.37
CA GLU HB 648 -64.05 81.92 -18.00
C GLU HB 648 -62.60 81.66 -17.60
N GLU HB 649 -62.15 80.41 -17.70
CA GLU HB 649 -60.77 80.13 -17.27
C GLU HB 649 -59.75 80.61 -18.29
N GLN HB 650 -60.17 80.90 -19.53
CA GLN HB 650 -59.27 81.60 -20.42
C GLN HB 650 -59.14 83.07 -20.02
N GLU HB 651 -60.17 83.62 -19.38
CA GLU HB 651 -60.03 84.93 -18.76
C GLU HB 651 -59.28 84.84 -17.44
N LYS HB 652 -59.42 83.71 -16.74
CA LYS HB 652 -58.66 83.51 -15.50
C LYS HB 652 -57.18 83.32 -15.80
N ALA HB 653 -56.85 82.57 -16.85
CA ALA HB 653 -55.46 82.45 -17.27
C ALA HB 653 -54.95 83.76 -17.86
N LYS HB 654 -55.84 84.55 -18.46
CA LYS HB 654 -55.48 85.91 -18.82
C LYS HB 654 -55.19 86.75 -17.58
N LEU HB 655 -56.03 86.62 -16.56
CA LEU HB 655 -55.82 87.33 -15.31
C LEU HB 655 -54.57 86.83 -14.58
N GLN HB 656 -54.34 85.52 -14.62
CA GLN HB 656 -53.18 84.94 -13.95
C GLN HB 656 -51.88 85.37 -14.60
N VAL HB 657 -51.89 85.57 -15.93
CA VAL HB 657 -50.67 86.00 -16.59
C VAL HB 657 -50.55 87.53 -16.56
N GLU HB 658 -51.65 88.25 -16.33
CA GLU HB 658 -51.60 89.71 -16.31
C GLU HB 658 -50.90 90.21 -15.05
N GLN HB 659 -51.25 89.62 -13.90
CA GLN HB 659 -50.59 90.00 -12.66
C GLN HB 659 -49.24 89.32 -12.52
N GLU HB 660 -48.98 88.25 -13.26
CA GLU HB 660 -47.65 87.63 -13.26
C GLU HB 660 -46.63 88.55 -13.90
N GLN HB 661 -47.02 89.25 -14.96
CA GLN HB 661 -46.18 90.31 -15.50
C GLN HB 661 -46.07 91.47 -14.54
N SER HB 662 -47.16 91.81 -13.85
CA SER HB 662 -47.13 92.89 -12.87
C SER HB 662 -46.30 92.51 -11.67
N LEU HB 663 -46.29 91.23 -11.29
CA LEU HB 663 -45.35 90.76 -10.29
C LEU HB 663 -43.92 90.87 -10.78
N GLN HB 664 -43.68 90.59 -12.06
CA GLN HB 664 -42.35 90.73 -12.62
C GLN HB 664 -41.97 92.20 -12.78
N ASN HB 665 -42.97 93.08 -12.91
CA ASN HB 665 -42.70 94.51 -12.99
C ASN HB 665 -42.18 95.05 -11.66
N TYR HB 666 -42.73 94.56 -10.55
CA TYR HB 666 -42.38 95.12 -9.25
C TYR HB 666 -41.02 94.63 -8.76
N MET HB 667 -40.49 93.57 -9.35
CA MET HB 667 -39.12 93.18 -9.07
C MET HB 667 -38.14 94.22 -9.59
N SER HB 668 -38.41 94.78 -10.77
CA SER HB 668 -37.49 95.71 -11.40
C SER HB 668 -37.79 97.16 -11.08
N LYS HB 669 -38.87 97.46 -10.35
CA LYS HB 669 -39.25 98.84 -10.07
C LYS HB 669 -39.30 99.17 -8.59
N GLY HB 670 -39.96 98.34 -7.79
CA GLY HB 670 -40.18 98.64 -6.39
C GLY HB 670 -41.56 98.19 -5.96
N ASP HB 671 -42.17 98.89 -4.99
CA ASP HB 671 -43.52 98.63 -4.49
C ASP HB 671 -43.67 97.21 -3.95
N TRP HB 672 -42.98 96.97 -2.82
CA TRP HB 672 -43.01 95.66 -2.18
C TRP HB 672 -44.37 95.33 -1.57
N THR HB 673 -45.28 96.29 -1.49
CA THR HB 673 -46.66 96.08 -1.05
C THR HB 673 -47.37 95.10 -1.98
N ASN HB 674 -47.57 95.52 -3.23
CA ASN HB 674 -48.27 94.67 -4.19
C ASN HB 674 -47.37 93.56 -4.72
N ALA HB 675 -46.06 93.68 -4.54
CA ALA HB 675 -45.15 92.60 -4.91
C ALA HB 675 -45.35 91.41 -3.99
N PHE HB 676 -45.69 91.66 -2.72
CA PHE HB 676 -45.97 90.56 -1.80
C PHE HB 676 -47.29 89.88 -2.15
N LEU HB 677 -48.31 90.66 -2.51
CA LEU HB 677 -49.65 90.12 -2.73
C LEU HB 677 -49.69 89.25 -3.99
N LEU HB 678 -49.04 89.72 -5.05
CA LEU HB 678 -49.06 88.96 -6.30
C LEU HB 678 -48.15 87.74 -6.24
N ALA HB 679 -47.09 87.79 -5.43
CA ALA HB 679 -46.27 86.59 -5.23
C ALA HB 679 -47.01 85.55 -4.41
N MET HB 680 -47.86 85.99 -3.48
CA MET HB 680 -48.70 85.06 -2.73
C MET HB 680 -49.84 84.54 -3.58
N THR HB 681 -50.37 85.38 -4.48
CA THR HB 681 -51.44 84.94 -5.36
C THR HB 681 -50.93 83.94 -6.39
N LEU HB 682 -49.75 84.19 -6.94
CA LEU HB 682 -49.16 83.29 -7.94
C LEU HB 682 -48.49 82.07 -7.32
N ASP HB 683 -48.23 82.10 -6.00
CA ASP HB 683 -47.50 81.07 -5.27
C ASP HB 683 -46.11 80.82 -5.87
N HIS HB 684 -45.30 81.89 -5.87
CA HIS HB 684 -43.91 81.81 -6.32
C HIS HB 684 -43.02 81.96 -5.11
N PRO HB 685 -42.46 80.87 -4.58
CA PRO HB 685 -41.72 80.98 -3.30
C PRO HB 685 -40.39 81.69 -3.41
N MET HB 686 -39.61 81.45 -4.47
CA MET HB 686 -38.31 82.11 -4.56
C MET HB 686 -38.45 83.58 -4.95
N ARG HB 687 -39.56 83.95 -5.60
CA ARG HB 687 -39.82 85.36 -5.84
C ARG HB 687 -40.33 86.04 -4.59
N LEU HB 688 -41.14 85.33 -3.80
CA LEU HB 688 -41.57 85.83 -2.50
C LEU HB 688 -40.40 85.96 -1.54
N PHE HB 689 -39.46 85.02 -1.59
CA PHE HB 689 -38.28 85.06 -0.74
C PHE HB 689 -37.38 86.24 -1.12
N ASN HB 690 -37.32 86.58 -2.41
CA ASN HB 690 -36.56 87.73 -2.83
C ASN HB 690 -37.24 89.04 -2.45
N VAL HB 691 -38.57 89.01 -2.30
CA VAL HB 691 -39.30 90.19 -1.86
C VAL HB 691 -38.96 90.51 -0.41
N LEU HB 692 -39.00 89.50 0.45
CA LEU HB 692 -38.78 89.72 1.87
C LEU HB 692 -37.31 89.95 2.19
N LYS HB 693 -36.41 89.34 1.42
CA LYS HB 693 -34.98 89.61 1.57
C LYS HB 693 -34.66 91.06 1.21
N ARG HB 694 -35.29 91.56 0.15
CA ARG HB 694 -35.13 92.97 -0.20
C ARG HB 694 -35.96 93.87 0.70
N ALA HB 695 -36.96 93.31 1.39
CA ALA HB 695 -37.71 94.11 2.36
C ALA HB 695 -36.88 94.39 3.60
N LEU HB 696 -36.19 93.37 4.11
CA LEU HB 696 -35.36 93.53 5.30
C LEU HB 696 -33.99 94.09 4.95
N GLY HB 697 -33.39 93.57 3.88
CA GLY HB 697 -32.00 93.87 3.56
C GLY HB 697 -31.80 95.19 2.84
N GLU HB 698 -32.85 95.98 2.69
CA GLU HB 698 -32.73 97.35 2.20
C GLU HB 698 -33.31 98.36 3.18
N SER HB 699 -34.53 98.14 3.66
CA SER HB 699 -35.18 99.07 4.59
C SER HB 699 -35.04 98.58 6.03
N ARG HB 700 -33.80 98.57 6.52
CA ARG HB 700 -33.51 98.28 7.92
C ARG HB 700 -32.84 99.47 8.60
N SER HB 701 -33.38 100.67 8.34
CA SER HB 701 -32.91 101.95 8.85
C SER HB 701 -31.44 102.22 8.52
N GLU HB 711 -35.92 104.80 11.59
CA GLU HB 711 -36.67 103.87 12.42
C GLU HB 711 -37.69 103.09 11.59
N VAL HB 712 -37.22 102.09 10.84
CA VAL HB 712 -38.06 101.23 10.03
C VAL HB 712 -37.62 99.79 10.20
N ILE HB 713 -38.58 98.87 10.22
CA ILE HB 713 -38.30 97.44 10.30
C ILE HB 713 -38.42 96.84 8.91
N PHE HB 714 -39.62 96.91 8.33
CA PHE HB 714 -39.83 96.57 6.94
C PHE HB 714 -39.76 97.85 6.10
N ASN HB 715 -40.23 97.79 4.86
CA ASN HB 715 -40.41 99.00 4.07
C ASN HB 715 -41.53 99.84 4.68
N GLU HB 716 -41.47 101.16 4.41
CA GLU HB 716 -42.48 102.08 4.91
C GLU HB 716 -43.85 101.78 4.31
N GLU HB 717 -43.89 101.54 3.00
CA GLU HB 717 -45.15 101.23 2.34
C GLU HB 717 -45.58 99.79 2.60
N LEU HB 718 -44.62 98.88 2.77
CA LEU HB 718 -44.96 97.48 3.04
C LEU HB 718 -45.49 97.30 4.46
N ASP HB 719 -44.97 98.06 5.42
CA ASP HB 719 -45.54 98.06 6.77
C ASP HB 719 -46.95 98.62 6.78
N GLN HB 720 -47.23 99.57 5.88
CA GLN HB 720 -48.61 99.97 5.64
C GLN HB 720 -49.42 98.82 5.03
N ALA HB 721 -48.80 98.05 4.13
CA ALA HB 721 -49.50 96.93 3.51
C ALA HB 721 -49.66 95.77 4.49
N ILE HB 722 -48.70 95.61 5.40
CA ILE HB 722 -48.77 94.53 6.39
C ILE HB 722 -49.94 94.78 7.34
N SER HB 723 -50.20 96.04 7.67
CA SER HB 723 -51.28 96.40 8.59
C SER HB 723 -52.67 96.16 7.99
N ILE HB 724 -52.78 95.93 6.68
CA ILE HB 724 -54.07 95.72 6.03
C ILE HB 724 -54.09 94.36 5.33
N LEU HB 725 -53.37 93.38 5.88
CA LEU HB 725 -53.26 92.08 5.23
C LEU HB 725 -54.28 91.09 5.80
N ASN HB 726 -54.27 89.87 5.27
CA ASN HB 726 -55.40 88.96 5.43
C ASN HB 726 -54.91 87.63 6.01
N ASP HB 727 -55.80 86.63 6.01
CA ASP HB 727 -55.71 85.49 6.91
C ASP HB 727 -55.14 84.22 6.27
N GLU HB 728 -55.78 83.70 5.22
CA GLU HB 728 -55.38 82.42 4.66
C GLU HB 728 -54.05 82.52 3.93
N GLN HB 729 -53.78 83.68 3.31
CA GLN HB 729 -52.50 83.92 2.68
C GLN HB 729 -51.36 83.96 3.69
N LEU HB 730 -51.66 84.39 4.93
CA LEU HB 730 -50.66 84.34 5.99
C LEU HB 730 -50.34 82.91 6.40
N ILE HB 731 -51.32 82.01 6.31
CA ILE HB 731 -51.07 80.60 6.64
C ILE HB 731 -50.19 79.96 5.58
N LEU HB 732 -50.43 80.29 4.31
CA LEU HB 732 -49.60 79.76 3.23
C LEU HB 732 -48.21 80.39 3.26
N LEU HB 733 -48.11 81.65 3.68
CA LEU HB 733 -46.81 82.25 3.96
C LEU HB 733 -46.09 81.53 5.07
N MET HB 734 -46.83 81.10 6.09
CA MET HB 734 -46.24 80.38 7.21
C MET HB 734 -45.77 78.99 6.78
N LYS HB 735 -46.41 78.40 5.78
CA LYS HB 735 -45.87 77.17 5.19
C LYS HB 735 -44.56 77.45 4.46
N ARG HB 736 -44.48 78.57 3.74
CA ARG HB 736 -43.23 78.93 3.10
C ARG HB 736 -42.21 79.43 4.12
N CYS HB 737 -42.68 79.97 5.25
CA CYS HB 737 -41.76 80.43 6.29
C CYS HB 737 -41.09 79.27 6.99
N ARG HB 738 -41.79 78.12 7.06
CA ARG HB 738 -41.19 76.92 7.65
C ARG HB 738 -40.09 76.38 6.75
N ASP HB 739 -40.25 76.51 5.43
CA ASP HB 739 -39.23 76.08 4.48
C ASP HB 739 -37.95 76.92 4.62
N TRP HB 740 -38.09 78.23 4.82
CA TRP HB 740 -36.93 79.09 4.93
C TRP HB 740 -36.21 78.92 6.26
N ASN HB 741 -36.91 78.42 7.28
CA ASN HB 741 -36.29 78.24 8.59
C ASN HB 741 -35.44 76.97 8.64
N THR HB 742 -35.58 76.10 7.64
CA THR HB 742 -34.88 74.81 7.67
C THR HB 742 -33.37 74.98 7.57
N ASN HB 743 -32.91 75.93 6.75
CA ASN HB 743 -31.50 76.21 6.63
C ASN HB 743 -31.08 77.25 7.67
N ALA HB 744 -29.81 77.66 7.62
CA ALA HB 744 -29.26 78.57 8.62
C ALA HB 744 -28.84 79.90 8.03
N LYS HB 745 -29.09 80.13 6.75
CA LYS HB 745 -28.86 81.43 6.13
C LYS HB 745 -30.10 82.30 6.04
N THR HB 746 -31.25 81.72 5.74
CA THR HB 746 -32.49 82.47 5.58
C THR HB 746 -33.31 82.51 6.85
N HIS HB 747 -32.73 82.18 8.00
CA HIS HB 747 -33.50 82.16 9.24
C HIS HB 747 -33.79 83.57 9.74
N THR HB 748 -33.00 84.56 9.33
CA THR HB 748 -33.28 85.95 9.72
C THR HB 748 -34.56 86.45 9.08
N ILE HB 749 -34.79 86.08 7.82
CA ILE HB 749 -36.04 86.43 7.15
C ILE HB 749 -37.20 85.64 7.74
N ALA HB 750 -36.97 84.36 8.05
CA ALA HB 750 -38.02 83.52 8.60
C ALA HB 750 -38.43 83.98 9.99
N GLN HB 751 -37.46 84.36 10.82
CA GLN HB 751 -37.79 84.79 12.17
C GLN HB 751 -38.43 86.17 12.18
N ARG HB 752 -38.12 87.00 11.19
CA ARG HB 752 -38.76 88.31 11.12
C ARG HB 752 -40.20 88.19 10.64
N THR HB 753 -40.49 87.22 9.77
CA THR HB 753 -41.84 87.08 9.25
C THR HB 753 -42.80 86.54 10.30
N ILE HB 754 -42.31 85.64 11.16
CA ILE HB 754 -43.14 85.14 12.26
C ILE HB 754 -43.37 86.23 13.28
N ARG HB 755 -42.33 87.03 13.57
CA ARG HB 755 -42.49 88.21 14.41
C ARG HB 755 -43.36 89.27 13.75
N CYS HB 756 -43.36 89.33 12.42
CA CYS HB 756 -44.27 90.21 11.70
C CYS HB 756 -45.72 89.80 11.90
N ILE HB 757 -45.96 88.48 11.99
CA ILE HB 757 -47.30 87.97 12.27
C ILE HB 757 -47.75 88.36 13.66
N LEU HB 758 -46.84 88.32 14.64
CA LEU HB 758 -47.19 88.55 16.02
C LEU HB 758 -46.99 90.00 16.49
N MET HB 759 -46.31 90.85 15.72
CA MET HB 759 -46.25 92.29 16.00
C MET HB 759 -46.85 93.16 14.91
N HIS HB 760 -46.41 93.03 13.66
CA HIS HB 760 -46.74 94.06 12.68
C HIS HB 760 -48.11 93.89 12.03
N HIS HB 761 -48.74 92.74 12.17
CA HIS HB 761 -50.01 92.47 11.50
C HIS HB 761 -51.18 92.92 12.37
N ASN HB 762 -52.37 92.46 12.03
CA ASN HB 762 -53.55 92.57 12.91
C ASN HB 762 -53.53 91.33 13.80
N ILE HB 763 -53.21 91.52 15.09
CA ILE HB 763 -52.78 90.40 15.90
C ILE HB 763 -53.96 89.67 16.54
N ALA HB 764 -54.95 90.42 17.03
CA ALA HB 764 -56.11 89.82 17.67
C ALA HB 764 -56.96 89.02 16.67
N LYS HB 765 -56.94 89.42 15.40
CA LYS HB 765 -57.50 88.60 14.35
C LYS HB 765 -56.76 87.28 14.22
N LEU HB 766 -55.42 87.33 14.34
CA LEU HB 766 -54.62 86.11 14.23
C LEU HB 766 -54.74 85.22 15.46
N SER HB 767 -55.17 85.77 16.60
CA SER HB 767 -55.51 84.92 17.74
C SER HB 767 -56.80 84.15 17.49
N GLU HB 768 -57.71 84.74 16.71
CA GLU HB 768 -59.03 84.16 16.50
C GLU HB 768 -58.97 82.87 15.69
N ILE HB 769 -58.12 82.85 14.66
CA ILE HB 769 -58.19 81.82 13.62
C ILE HB 769 -57.44 80.56 14.02
N PRO HB 770 -58.13 79.40 14.17
CA PRO HB 770 -57.42 78.14 14.38
C PRO HB 770 -57.18 77.39 13.07
N GLY HB 771 -56.58 76.20 13.16
CA GLY HB 771 -56.45 75.31 12.03
C GLY HB 771 -55.06 75.11 11.50
N MET HB 772 -54.13 76.01 11.83
CA MET HB 772 -52.74 75.87 11.37
C MET HB 772 -51.80 75.36 12.45
N VAL HB 773 -52.32 75.08 13.65
CA VAL HB 773 -51.46 75.01 14.84
C VAL HB 773 -50.65 73.71 14.86
N LYS HB 774 -51.06 72.70 14.09
CA LYS HB 774 -50.21 71.52 13.90
C LYS HB 774 -48.96 71.88 13.11
N ILE HB 775 -49.13 72.72 12.08
CA ILE HB 775 -48.02 73.05 11.18
C ILE HB 775 -47.01 73.95 11.87
N VAL HB 776 -47.49 74.87 12.72
CA VAL HB 776 -46.60 75.82 13.38
C VAL HB 776 -45.77 75.13 14.46
N ASP HB 777 -46.20 73.95 14.91
CA ASP HB 777 -45.48 73.25 15.97
C ASP HB 777 -44.26 72.53 15.42
N ALA HB 778 -44.24 72.25 14.11
CA ALA HB 778 -43.09 71.58 13.52
C ALA HB 778 -41.93 72.54 13.27
N ILE HB 779 -42.12 73.84 13.49
CA ILE HB 779 -41.10 74.84 13.16
C ILE HB 779 -40.07 74.95 14.27
N ILE HB 780 -40.53 75.01 15.52
CA ILE HB 780 -39.80 75.57 16.66
C ILE HB 780 -38.44 74.99 17.04
N PRO HB 781 -38.13 73.69 16.99
CA PRO HB 781 -36.78 73.27 17.39
C PRO HB 781 -35.68 73.64 16.39
N TYR HB 782 -36.03 74.09 15.18
CA TYR HB 782 -35.03 74.72 14.33
C TYR HB 782 -34.63 76.08 14.87
N THR HB 783 -35.57 76.80 15.48
CA THR HB 783 -35.25 78.12 16.03
C THR HB 783 -34.39 78.00 17.27
N GLN HB 784 -34.58 76.94 18.06
CA GLN HB 784 -33.79 76.77 19.27
C GLN HB 784 -32.35 76.41 18.95
N ARG HB 785 -32.11 75.77 17.80
CA ARG HB 785 -30.75 75.65 17.29
C ARG HB 785 -30.20 77.01 16.89
N HIS HB 786 -31.01 77.81 16.20
CA HIS HB 786 -30.54 79.11 15.76
C HIS HB 786 -30.47 80.11 16.89
N PHE HB 787 -31.22 79.88 17.97
CA PHE HB 787 -31.07 80.71 19.16
C PHE HB 787 -29.77 80.39 19.88
N THR HB 788 -29.40 79.11 19.94
CA THR HB 788 -28.19 78.72 20.66
C THR HB 788 -26.95 79.06 19.85
N ARG HB 789 -27.04 79.02 18.52
CA ARG HB 789 -25.91 79.41 17.69
C ARG HB 789 -25.65 80.91 17.78
N VAL HB 790 -26.71 81.72 17.75
CA VAL HB 790 -26.57 83.16 17.80
C VAL HB 790 -26.07 83.62 19.17
N ASP HB 791 -26.58 83.00 20.23
CA ASP HB 791 -26.12 83.33 21.58
C ASP HB 791 -24.67 82.92 21.80
N ASN HB 792 -24.21 81.88 21.10
CA ASN HB 792 -22.78 81.57 21.11
C ASN HB 792 -21.98 82.62 20.36
N LEU HB 793 -22.57 83.25 19.34
CA LEU HB 793 -21.87 84.32 18.64
C LEU HB 793 -21.81 85.59 19.48
N VAL HB 794 -22.78 85.77 20.39
CA VAL HB 794 -22.70 86.86 21.35
C VAL HB 794 -21.55 86.61 22.32
N GLU HB 795 -21.34 85.34 22.70
CA GLU HB 795 -20.24 85.00 23.59
C GLU HB 795 -18.89 85.23 22.91
N GLN HB 796 -18.80 84.95 21.61
CA GLN HB 796 -17.59 85.25 20.86
C GLN HB 796 -17.42 86.74 20.58
N SER HB 797 -18.46 87.54 20.81
CA SER HB 797 -18.34 88.99 20.64
C SER HB 797 -17.78 89.67 21.87
N TYR HB 798 -17.68 88.97 23.00
CA TYR HB 798 -17.08 89.56 24.19
C TYR HB 798 -15.58 89.33 24.27
N ILE HB 799 -14.99 88.67 23.27
CA ILE HB 799 -13.54 88.62 23.16
C ILE HB 799 -12.98 90.00 22.86
N LEU HB 800 -13.73 90.81 22.11
CA LEU HB 800 -13.34 92.20 21.87
C LEU HB 800 -13.39 93.01 23.16
N ASP HB 801 -14.32 92.67 24.05
CA ASP HB 801 -14.39 93.34 25.35
C ASP HB 801 -13.17 93.00 26.21
N TYR HB 802 -12.65 91.78 26.06
CA TYR HB 802 -11.38 91.46 26.69
C TYR HB 802 -10.23 92.18 25.99
N ALA HB 803 -10.32 92.31 24.67
CA ALA HB 803 -9.25 92.96 23.92
C ALA HB 803 -9.20 94.46 24.21
N LEU HB 804 -10.36 95.09 24.44
CA LEU HB 804 -10.36 96.52 24.74
C LEU HB 804 -9.90 96.79 26.17
N VAL HB 805 -10.28 95.91 27.11
CA VAL HB 805 -9.93 96.13 28.51
C VAL HB 805 -8.44 95.91 28.74
N GLU HB 806 -7.89 94.83 28.17
CA GLU HB 806 -6.48 94.52 28.37
C GLU HB 806 -5.57 95.52 27.66
N MET HB 807 -5.99 96.05 26.52
CA MET HB 807 -5.24 97.11 25.86
C MET HB 807 -5.30 98.42 26.65
N ASP HB 808 -6.48 98.72 27.22
CA ASP HB 808 -6.60 99.90 28.08
C ASP HB 808 -5.81 99.75 29.36
N LYS HB 809 -5.78 98.54 29.93
CA LYS HB 809 -5.00 98.30 31.14
C LYS HB 809 -3.50 98.40 30.86
N LEU HB 810 -3.06 97.85 29.74
CA LEU HB 810 -1.64 97.92 29.38
C LEU HB 810 -1.26 99.33 28.95
N PHE HB 811 -2.20 100.09 28.38
CA PHE HB 811 -1.92 101.44 27.91
C PHE HB 811 -2.96 102.43 28.40
N LYS IB 1 -49.11 40.21 -81.53
CA LYS IB 1 -48.07 41.20 -81.24
C LYS IB 1 -47.79 41.26 -79.75
N THR IB 2 -48.38 40.33 -79.00
CA THR IB 2 -48.21 40.25 -77.56
C THR IB 2 -47.84 38.83 -77.16
N GLN IB 3 -47.00 38.73 -76.14
CA GLN IB 3 -46.50 37.44 -75.67
C GLN IB 3 -46.45 37.45 -74.14
N PRO IB 4 -46.51 36.28 -73.53
CA PRO IB 4 -46.39 36.19 -72.06
C PRO IB 4 -44.95 35.97 -71.64
N LYS IB 5 -44.65 36.42 -70.42
CA LYS IB 5 -43.30 36.26 -69.88
C LYS IB 5 -43.29 35.88 -68.40
N VAL IB 6 -44.37 35.29 -67.89
CA VAL IB 6 -44.45 34.91 -66.48
C VAL IB 6 -43.76 33.56 -66.34
N ILE IB 7 -42.52 33.56 -65.87
CA ILE IB 7 -41.75 32.32 -65.71
C ILE IB 7 -41.30 32.17 -64.27
N ARG IB 8 -40.49 33.12 -63.79
CA ARG IB 8 -39.94 33.05 -62.43
C ARG IB 8 -39.56 34.44 -61.93
N GLY IB 11 -33.87 32.02 -53.46
CA GLY IB 11 -34.62 30.80 -53.66
C GLY IB 11 -34.74 29.96 -52.39
N PRO IB 12 -35.89 29.28 -52.25
CA PRO IB 12 -36.07 28.46 -51.04
C PRO IB 12 -35.25 27.18 -51.04
N SER IB 13 -34.83 26.71 -52.22
CA SER IB 13 -34.01 25.50 -52.28
C SER IB 13 -32.62 25.74 -51.71
N ASP IB 14 -32.00 26.86 -52.07
CA ASP IB 14 -30.71 27.23 -51.49
C ASP IB 14 -30.84 27.78 -50.08
N VAL IB 15 -32.04 28.20 -49.69
CA VAL IB 15 -32.27 28.59 -48.30
C VAL IB 15 -32.19 27.37 -47.39
N TYR IB 16 -32.63 26.21 -47.87
CA TYR IB 16 -32.44 24.97 -47.14
C TYR IB 16 -30.97 24.58 -47.17
N VAL IB 17 -30.49 24.08 -46.02
CA VAL IB 17 -29.08 23.75 -45.88
C VAL IB 17 -28.94 22.24 -45.75
N PRO IB 18 -29.10 21.49 -46.83
CA PRO IB 18 -28.86 20.05 -46.79
C PRO IB 18 -27.38 19.74 -46.63
N PRO IB 19 -26.51 20.64 -47.10
CA PRO IB 19 -25.07 20.46 -46.87
C PRO IB 19 -24.68 20.49 -45.41
N SER IB 20 -25.39 21.24 -44.58
CA SER IB 20 -25.19 21.19 -43.13
C SER IB 20 -26.00 20.07 -42.49
N LYS IB 21 -27.10 19.66 -43.12
CA LYS IB 21 -27.96 18.64 -42.53
C LYS IB 21 -27.44 17.23 -42.82
N LYS IB 22 -27.40 16.85 -44.10
CA LYS IB 22 -27.01 15.49 -44.46
C LYS IB 22 -26.06 15.40 -45.65
N THR IB 23 -25.98 16.40 -46.53
CA THR IB 23 -25.21 16.27 -47.76
C THR IB 23 -23.72 16.44 -47.56
N GLN IB 24 -23.26 16.77 -46.34
CA GLN IB 24 -21.84 16.74 -46.05
C GLN IB 24 -21.27 15.33 -46.14
N LYS IB 25 -22.07 14.33 -45.78
CA LYS IB 25 -21.67 12.94 -45.97
C LYS IB 25 -21.58 12.60 -47.45
N LEU IB 26 -22.51 13.12 -48.26
CA LEU IB 26 -22.42 12.94 -49.70
C LEU IB 26 -21.29 13.77 -50.30
N LEU IB 27 -20.96 14.91 -49.69
CA LEU IB 27 -19.83 15.70 -50.15
C LEU IB 27 -18.49 15.08 -49.79
N ARG IB 28 -18.46 14.26 -48.74
CA ARG IB 28 -17.23 13.61 -48.31
C ARG IB 28 -17.07 12.23 -48.94
N SER IB 29 -18.03 11.35 -48.71
CA SER IB 29 -17.98 10.00 -49.25
C SER IB 29 -18.72 9.90 -50.57
N ILE IB 105 -49.00 19.38 -0.24
CA ILE IB 105 -48.29 18.14 0.03
C ILE IB 105 -47.12 18.46 0.98
N VAL IB 106 -46.78 17.49 1.84
CA VAL IB 106 -45.75 17.69 2.85
C VAL IB 106 -44.69 16.60 2.74
N TYR IB 107 -44.47 16.11 1.51
CA TYR IB 107 -43.66 14.91 1.33
C TYR IB 107 -42.16 15.15 1.49
N GLN IB 108 -41.66 16.31 1.09
CA GLN IB 108 -40.22 16.56 1.09
C GLN IB 108 -39.77 17.16 2.41
N ASP IB 109 -38.45 17.14 2.62
CA ASP IB 109 -37.89 17.55 3.90
C ASP IB 109 -37.92 19.06 4.10
N ASP IB 110 -38.06 19.82 3.02
CA ASP IB 110 -37.97 21.28 3.12
C ASP IB 110 -39.23 21.93 3.68
N GLN IB 111 -40.34 21.19 3.81
CA GLN IB 111 -41.55 21.77 4.39
C GLN IB 111 -41.96 21.06 5.67
N VAL IB 112 -41.55 19.81 5.85
CA VAL IB 112 -41.88 19.06 7.06
C VAL IB 112 -40.83 19.35 8.12
N ILE IB 113 -41.25 19.33 9.38
CA ILE IB 113 -40.44 19.76 10.52
C ILE IB 113 -40.68 18.81 11.69
N GLY IB 114 -39.59 18.36 12.30
CA GLY IB 114 -39.71 17.55 13.50
C GLY IB 114 -39.10 16.18 13.37
N LYS IB 115 -39.50 15.27 14.27
CA LYS IB 115 -38.96 13.92 14.28
C LYS IB 115 -39.44 13.11 13.08
N ALA IB 116 -40.55 13.51 12.48
CA ALA IB 116 -41.05 12.82 11.29
C ALA IB 116 -40.11 13.04 10.10
N ARG IB 117 -39.47 14.21 10.03
CA ARG IB 117 -38.46 14.45 9.00
C ARG IB 117 -37.25 13.56 9.20
N SER IB 118 -36.83 13.37 10.46
CA SER IB 118 -35.73 12.46 10.75
C SER IB 118 -36.13 11.01 10.49
N ARG IB 119 -37.39 10.68 10.72
CA ARG IB 119 -37.84 9.30 10.52
C ARG IB 119 -38.01 8.97 9.05
N THR IB 120 -38.46 9.92 8.23
CA THR IB 120 -38.60 9.62 6.82
C THR IB 120 -37.26 9.67 6.10
N LEU IB 121 -36.23 10.26 6.72
CA LEU IB 121 -34.90 10.25 6.13
C LEU IB 121 -34.25 8.87 6.28
N GLU IB 122 -34.36 8.28 7.48
CA GLU IB 122 -33.74 6.98 7.69
C GLU IB 122 -34.52 5.86 7.03
N MET IB 123 -35.84 6.01 6.90
CA MET IB 123 -36.65 4.97 6.27
C MET IB 123 -36.43 4.93 4.77
N ARG IB 124 -36.35 6.10 4.14
CA ARG IB 124 -36.06 6.17 2.70
C ARG IB 124 -34.65 5.69 2.41
N LEU IB 125 -33.73 5.94 3.34
CA LEU IB 125 -32.37 5.43 3.20
C LEU IB 125 -32.27 3.94 3.44
N ASN IB 126 -33.13 3.38 4.31
CA ASN IB 126 -33.05 1.96 4.62
C ASN IB 126 -33.53 1.10 3.46
N ARG IB 127 -34.61 1.52 2.79
CA ARG IB 127 -35.09 0.78 1.63
C ARG IB 127 -34.15 0.95 0.44
N LEU IB 128 -33.40 2.06 0.38
CA LEU IB 128 -32.36 2.20 -0.61
C LEU IB 128 -31.17 1.30 -0.30
N SER IB 129 -30.90 1.08 0.99
CA SER IB 129 -29.86 0.11 1.38
C SER IB 129 -30.37 -1.31 1.34
N ARG IB 130 -31.70 -1.50 1.24
CA ARG IB 130 -32.27 -2.84 1.14
C ARG IB 130 -31.96 -3.49 -0.19
N VAL IB 131 -32.00 -2.73 -1.28
CA VAL IB 131 -31.91 -3.30 -2.62
C VAL IB 131 -30.51 -3.77 -2.98
N ASN IB 132 -29.49 -3.39 -2.22
CA ASN IB 132 -28.14 -3.86 -2.50
C ASN IB 132 -27.43 -4.43 -1.28
N GLY IB 133 -27.73 -3.91 -0.08
CA GLY IB 133 -26.98 -4.31 1.10
C GLY IB 133 -27.35 -5.69 1.61
N HIS IB 134 -26.39 -6.29 2.32
CA HIS IB 134 -26.60 -7.59 2.93
C HIS IB 134 -27.50 -7.45 4.15
N GLN IB 135 -28.51 -8.33 4.25
CA GLN IB 135 -29.58 -8.13 5.23
C GLN IB 135 -29.12 -8.45 6.66
N ASP IB 136 -28.01 -9.17 6.82
CA ASP IB 136 -27.52 -9.43 8.18
C ASP IB 136 -26.82 -8.22 8.78
N LYS IB 137 -26.43 -7.24 7.97
CA LYS IB 137 -25.76 -6.04 8.44
C LYS IB 137 -26.60 -4.78 8.30
N ILE IB 138 -27.44 -4.67 7.27
CA ILE IB 138 -28.30 -3.50 7.11
C ILE IB 138 -29.51 -3.53 8.03
N ASN IB 139 -29.78 -4.66 8.67
CA ASN IB 139 -30.78 -4.76 9.72
C ASN IB 139 -30.06 -5.01 11.04
N LYS IB 140 -29.91 -3.96 11.84
CA LYS IB 140 -29.22 -4.05 13.11
C LYS IB 140 -30.23 -3.85 14.24
N LEU IB 141 -30.11 -4.68 15.27
CA LEU IB 141 -31.07 -4.72 16.37
C LEU IB 141 -30.48 -4.05 17.60
N GLU IB 142 -31.24 -3.15 18.21
CA GLU IB 142 -30.86 -2.58 19.50
C GLU IB 142 -30.98 -3.65 20.57
N LYS IB 143 -29.90 -3.89 21.30
CA LYS IB 143 -29.80 -5.06 22.17
C LYS IB 143 -30.62 -4.86 23.44
N VAL IB 144 -31.61 -5.72 23.64
CA VAL IB 144 -32.42 -5.76 24.85
C VAL IB 144 -32.51 -7.20 25.35
N PRO IB 145 -32.63 -7.44 26.67
CA PRO IB 145 -32.62 -8.83 27.20
C PRO IB 145 -33.90 -9.62 26.97
N MET IB 146 -34.03 -10.79 27.61
CA MET IB 146 -35.25 -11.61 27.56
C MET IB 146 -36.56 -10.93 27.90
N HIS IB 147 -36.74 -10.58 29.18
CA HIS IB 147 -38.08 -10.28 29.66
C HIS IB 147 -38.54 -8.90 29.22
N ILE IB 148 -37.62 -8.09 28.66
CA ILE IB 148 -38.03 -6.84 28.05
C ILE IB 148 -38.45 -7.05 26.61
N ARG IB 149 -37.65 -7.79 25.83
CA ARG IB 149 -37.98 -8.01 24.43
C ARG IB 149 -39.11 -9.01 24.25
N ARG IB 150 -39.14 -10.07 25.07
CA ARG IB 150 -40.28 -10.98 25.03
C ARG IB 150 -41.54 -10.27 25.49
N GLY IB 151 -41.41 -9.39 26.49
CA GLY IB 151 -42.53 -8.55 26.88
C GLY IB 151 -42.82 -7.45 25.88
N MET IB 152 -41.83 -7.07 25.06
CA MET IB 152 -42.09 -6.13 23.97
C MET IB 152 -42.99 -6.75 22.92
N ILE IB 153 -42.70 -7.99 22.54
CA ILE IB 153 -43.35 -8.56 21.37
C ILE IB 153 -44.73 -9.11 21.70
N ASP IB 154 -44.97 -9.53 22.95
CA ASP IB 154 -46.32 -9.98 23.30
C ASP IB 154 -47.28 -8.81 23.42
N LYS IB 155 -46.81 -7.67 23.95
CA LYS IB 155 -47.62 -6.47 23.95
C LYS IB 155 -47.80 -5.91 22.56
N HIS IB 156 -46.82 -6.14 21.67
CA HIS IB 156 -46.96 -5.70 20.29
C HIS IB 156 -48.00 -6.53 19.56
N VAL IB 157 -47.92 -7.86 19.66
CA VAL IB 157 -48.89 -8.70 18.97
C VAL IB 157 -50.27 -8.68 19.62
N LYS IB 158 -50.36 -8.21 20.88
CA LYS IB 158 -51.67 -8.01 21.49
C LYS IB 158 -52.41 -6.85 20.82
N ARG IB 159 -51.67 -5.78 20.48
CA ARG IB 159 -52.26 -4.70 19.72
C ARG IB 159 -52.46 -5.09 18.26
N ILE IB 160 -51.63 -6.00 17.75
CA ILE IB 160 -51.80 -6.49 16.38
C ILE IB 160 -53.05 -7.36 16.29
N LYS IB 161 -53.23 -8.28 17.24
CA LYS IB 161 -54.44 -9.10 17.25
C LYS IB 161 -55.65 -8.27 17.65
N LYS IB 162 -55.46 -7.13 18.32
CA LYS IB 162 -56.55 -6.19 18.47
C LYS IB 162 -56.91 -5.57 17.13
N TYR IB 163 -55.91 -5.29 16.29
CA TYR IB 163 -56.17 -4.76 14.95
C TYR IB 163 -56.70 -5.86 14.03
N GLU IB 164 -56.46 -7.12 14.37
CA GLU IB 164 -56.93 -8.22 13.52
C GLU IB 164 -58.44 -8.41 13.63
N GLN IB 165 -58.99 -8.38 14.85
CA GLN IB 165 -60.43 -8.60 14.96
C GLN IB 165 -61.21 -7.35 14.61
N GLU IB 166 -60.57 -6.18 14.72
CA GLU IB 166 -61.16 -4.95 14.23
C GLU IB 166 -61.34 -4.99 12.72
N ALA IB 167 -60.35 -5.55 12.01
CA ALA IB 167 -60.51 -5.81 10.58
C ALA IB 167 -61.48 -6.96 10.32
N ALA IB 168 -61.67 -7.86 11.30
CA ALA IB 168 -62.67 -8.90 11.16
C ALA IB 168 -64.08 -8.36 11.41
N GLU IB 169 -64.20 -7.36 12.29
CA GLU IB 169 -65.51 -6.77 12.58
C GLU IB 169 -66.02 -5.97 11.39
N GLY IB 170 -65.17 -5.10 10.84
CA GLY IB 170 -65.51 -4.37 9.63
C GLY IB 170 -64.66 -4.82 8.48
N GLY IB 171 -65.28 -5.41 7.46
CA GLY IB 171 -64.54 -5.97 6.35
C GLY IB 171 -63.87 -4.96 5.46
N ILE IB 172 -62.54 -4.85 5.59
CA ILE IB 172 -61.71 -3.98 4.78
C ILE IB 172 -60.66 -4.86 4.11
N VAL IB 173 -60.23 -4.46 2.90
CA VAL IB 173 -59.17 -5.17 2.21
C VAL IB 173 -57.86 -4.80 2.90
N LEU IB 174 -57.42 -5.65 3.82
CA LEU IB 174 -56.22 -5.41 4.59
C LEU IB 174 -54.99 -5.88 3.83
N SER IB 175 -53.86 -5.22 4.09
CA SER IB 175 -52.59 -5.53 3.44
C SER IB 175 -52.11 -6.89 3.95
N LYS IB 176 -52.17 -7.90 3.09
CA LYS IB 176 -51.82 -9.26 3.49
C LYS IB 176 -50.31 -9.39 3.69
N VAL IB 177 -49.93 -9.94 4.84
CA VAL IB 177 -48.53 -10.10 5.21
C VAL IB 177 -48.33 -11.52 5.72
N LYS IB 178 -47.24 -12.15 5.31
CA LYS IB 178 -46.89 -13.48 5.78
C LYS IB 178 -46.58 -13.43 7.28
N LYS IB 179 -47.01 -14.46 8.00
CA LYS IB 179 -46.99 -14.53 9.45
C LYS IB 179 -45.58 -14.56 10.04
N GLY IB 180 -44.54 -14.76 9.24
CA GLY IB 180 -43.18 -14.66 9.73
C GLY IB 180 -42.83 -13.28 10.22
N GLN IB 181 -43.42 -12.25 9.63
CA GLN IB 181 -43.33 -10.88 10.11
C GLN IB 181 -44.71 -10.39 10.53
N PHE IB 182 -44.73 -9.29 11.26
CA PHE IB 182 -46.00 -8.70 11.66
C PHE IB 182 -46.44 -7.66 10.63
N ARG IB 183 -47.44 -6.87 10.98
CA ARG IB 183 -47.98 -5.83 10.10
C ARG IB 183 -47.42 -4.48 10.52
N LYS IB 184 -46.74 -3.81 9.60
CA LYS IB 184 -46.19 -2.48 9.87
C LYS IB 184 -47.31 -1.47 9.84
N ILE IB 185 -47.67 -0.93 11.01
CA ILE IB 185 -48.86 -0.10 11.19
C ILE IB 185 -48.45 1.20 11.87
N GLU IB 186 -49.47 1.99 12.21
CA GLU IB 186 -49.24 3.27 12.89
C GLU IB 186 -48.75 3.07 14.32
N SER IB 187 -49.10 1.93 14.94
CA SER IB 187 -48.70 1.66 16.32
C SER IB 187 -47.19 1.53 16.46
N THR IB 188 -46.56 0.77 15.56
CA THR IB 188 -45.11 0.67 15.59
C THR IB 188 -44.43 1.87 14.95
N TYR IB 189 -45.18 2.70 14.23
CA TYR IB 189 -44.61 3.88 13.60
C TYR IB 189 -44.24 4.94 14.64
N LYS IB 190 -45.17 5.24 15.55
CA LYS IB 190 -44.90 6.23 16.59
C LYS IB 190 -44.16 5.64 17.78
N LYS IB 191 -44.03 4.32 17.85
CA LYS IB 191 -43.33 3.68 18.95
C LYS IB 191 -41.83 3.50 18.69
N ASP IB 192 -41.44 3.44 17.41
CA ASP IB 192 -40.05 3.28 16.95
C ASP IB 192 -39.42 2.02 17.55
N ILE IB 193 -40.08 0.89 17.31
CA ILE IB 193 -39.68 -0.38 17.91
C ILE IB 193 -39.28 -1.41 16.86
N GLU IB 194 -39.03 -0.97 15.62
CA GLU IB 194 -38.46 -1.89 14.64
C GLU IB 194 -36.99 -2.17 14.94
N ARG IB 195 -36.33 -1.25 15.64
CA ARG IB 195 -34.92 -1.42 15.97
C ARG IB 195 -34.71 -2.32 17.18
N ARG IB 196 -35.77 -2.62 17.93
CA ARG IB 196 -35.65 -3.46 19.12
C ARG IB 196 -36.39 -4.77 19.02
N ILE IB 197 -37.29 -4.92 18.05
CA ILE IB 197 -38.03 -6.16 17.86
C ILE IB 197 -37.45 -7.00 16.73
N GLY IB 198 -37.20 -6.39 15.57
CA GLY IB 198 -36.77 -7.15 14.42
C GLY IB 198 -37.90 -7.98 13.87
N GLY IB 199 -38.86 -7.30 13.23
CA GLY IB 199 -40.15 -7.82 12.76
C GLY IB 199 -40.21 -9.21 12.18
N SER IB 200 -39.22 -9.56 11.36
CA SER IB 200 -39.04 -10.95 10.95
C SER IB 200 -38.31 -11.69 12.06
N ILE IB 201 -39.02 -12.57 12.76
CA ILE IB 201 -38.44 -13.37 13.84
C ILE IB 201 -37.51 -14.40 13.21
N LYS IB 202 -36.20 -14.16 13.31
CA LYS IB 202 -35.24 -14.84 12.45
C LYS IB 202 -35.02 -16.29 12.86
N ALA IB 203 -35.32 -16.65 14.11
CA ALA IB 203 -35.16 -18.05 14.52
C ALA IB 203 -36.31 -18.89 14.02
N ARG IB 204 -37.54 -18.37 14.08
CA ARG IB 204 -38.67 -19.08 13.52
C ARG IB 204 -38.68 -19.03 12.00
N ASP IB 205 -38.09 -17.98 11.42
CA ASP IB 205 -38.00 -17.89 9.97
C ASP IB 205 -36.96 -18.86 9.41
N LYS IB 206 -35.86 -19.08 10.15
CA LYS IB 206 -34.82 -20.00 9.68
C LYS IB 206 -35.30 -21.45 9.73
N GLU IB 207 -35.94 -21.85 10.83
CA GLU IB 207 -36.39 -23.23 10.97
C GLU IB 207 -37.59 -23.55 10.09
N LYS IB 208 -38.31 -22.53 9.61
CA LYS IB 208 -39.41 -22.77 8.69
C LYS IB 208 -38.92 -22.82 7.24
N ALA IB 209 -37.99 -21.94 6.87
CA ALA IB 209 -37.46 -21.93 5.51
C ALA IB 209 -36.53 -23.11 5.24
N THR IB 210 -35.91 -23.67 6.28
CA THR IB 210 -35.06 -24.84 6.11
C THR IB 210 -35.93 -26.08 5.94
N LYS IB 211 -35.84 -26.70 4.77
CA LYS IB 211 -36.58 -27.93 4.51
C LYS IB 211 -36.00 -29.07 5.34
N ARG IB 212 -36.89 -29.89 5.89
CA ARG IB 212 -36.48 -31.00 6.73
C ARG IB 212 -35.85 -32.11 5.89
N GLU IB 213 -34.98 -32.90 6.53
CA GLU IB 213 -34.40 -34.06 5.88
C GLU IB 213 -35.47 -35.12 5.66
N ARG IB 214 -35.48 -35.71 4.48
CA ARG IB 214 -36.46 -36.73 4.16
C ARG IB 214 -35.99 -38.09 4.68
N GLY IB 215 -36.77 -39.12 4.34
CA GLY IB 215 -36.34 -40.48 4.65
C GLY IB 215 -35.13 -40.88 3.85
N LEU IB 216 -34.31 -41.72 4.46
CA LEU IB 216 -33.11 -42.22 3.80
C LEU IB 216 -33.50 -43.17 2.68
N LYS IB 217 -33.32 -42.72 1.43
CA LYS IB 217 -33.71 -43.53 0.29
C LYS IB 217 -32.77 -44.72 0.13
N ILE IB 218 -33.36 -45.89 -0.15
CA ILE IB 218 -32.55 -47.08 -0.36
C ILE IB 218 -32.88 -47.69 -1.72
N SER IB 219 -34.14 -48.08 -1.90
CA SER IB 219 -34.58 -48.91 -3.03
C SER IB 219 -34.60 -48.05 -4.29
N SER IB 220 -33.47 -48.08 -5.02
CA SER IB 220 -33.32 -47.29 -6.24
C SER IB 220 -33.57 -48.18 -7.46
N VAL IB 221 -34.82 -48.61 -7.60
CA VAL IB 221 -35.28 -49.37 -8.76
C VAL IB 221 -36.36 -48.63 -9.54
N GLY IB 222 -37.28 -47.98 -8.85
CA GLY IB 222 -38.42 -47.37 -9.52
C GLY IB 222 -38.96 -46.16 -8.79
N ARG IB 223 -40.23 -45.88 -9.02
CA ARG IB 223 -40.90 -44.68 -8.52
C ARG IB 223 -41.88 -45.04 -7.42
N SER IB 224 -41.80 -44.30 -6.30
CA SER IB 224 -42.72 -44.52 -5.19
C SER IB 224 -44.07 -43.88 -5.50
N THR IB 225 -45.11 -44.69 -5.49
CA THR IB 225 -46.47 -44.25 -5.84
C THR IB 225 -47.43 -44.71 -4.76
N ARG IB 226 -48.74 -44.52 -5.04
CA ARG IB 226 -49.78 -45.06 -4.17
C ARG IB 226 -49.79 -46.58 -4.20
N ASN IB 227 -49.55 -47.18 -5.36
CA ASN IB 227 -49.53 -48.63 -5.52
C ASN IB 227 -48.16 -49.22 -5.17
N GLY IB 228 -47.66 -48.90 -3.98
CA GLY IB 228 -46.33 -49.31 -3.56
C GLY IB 228 -45.23 -48.68 -4.38
N LEU IB 229 -44.41 -49.52 -5.01
CA LEU IB 229 -43.33 -49.09 -5.88
C LEU IB 229 -43.60 -49.58 -7.30
N ILE IB 230 -43.44 -48.68 -8.27
CA ILE IB 230 -43.69 -48.98 -9.67
C ILE IB 230 -42.37 -48.86 -10.44
N VAL IB 231 -41.99 -49.95 -11.11
CA VAL IB 231 -40.82 -49.95 -11.97
C VAL IB 231 -41.28 -50.11 -13.42
N SER IB 232 -40.36 -49.84 -14.34
CA SER IB 232 -40.67 -49.95 -15.76
C SER IB 232 -40.42 -51.38 -16.23
N LYS IB 233 -41.05 -51.72 -17.37
CA LYS IB 233 -40.85 -53.03 -17.98
C LYS IB 233 -39.44 -53.16 -18.54
N ARG IB 234 -38.84 -52.04 -18.96
CA ARG IB 234 -37.44 -52.05 -19.37
C ARG IB 234 -36.53 -52.39 -18.19
N ASP IB 235 -36.88 -51.93 -16.98
CA ASP IB 235 -36.13 -52.30 -15.79
C ASP IB 235 -36.33 -53.77 -15.46
N ILE IB 236 -37.54 -54.30 -15.71
CA ILE IB 236 -37.80 -55.72 -15.50
C ILE IB 236 -37.03 -56.56 -16.52
N ALA IB 237 -37.02 -56.11 -17.78
CA ALA IB 237 -36.35 -56.86 -18.84
C ALA IB 237 -34.83 -56.84 -18.70
N ARG IB 238 -34.29 -55.72 -18.23
CA ARG IB 238 -32.85 -55.62 -18.05
C ARG IB 238 -32.34 -56.35 -16.80
N ILE IB 239 -33.24 -56.72 -15.89
CA ILE IB 239 -32.83 -57.45 -14.70
C ILE IB 239 -33.16 -58.93 -14.80
N SER IB 240 -33.98 -59.33 -15.77
CA SER IB 240 -34.34 -60.73 -15.93
C SER IB 240 -33.30 -61.49 -16.74
N ALA JB 1 114.46 -33.73 82.68
CA ALA JB 1 113.51 -33.57 83.78
C ALA JB 1 112.10 -33.95 83.33
N TYR JB 2 111.13 -33.66 84.18
CA TYR JB 2 109.73 -34.01 83.92
C TYR JB 2 108.92 -32.75 83.67
N VAL JB 3 108.35 -32.65 82.47
CA VAL JB 3 107.57 -31.48 82.06
C VAL JB 3 106.18 -31.94 81.62
N LEU JB 4 105.18 -31.19 82.03
CA LEU JB 4 103.79 -31.53 81.77
C LEU JB 4 103.41 -31.23 80.32
N THR JB 5 102.42 -31.98 79.83
CA THR JB 5 101.90 -31.80 78.47
C THR JB 5 100.46 -32.31 78.44
N GLU JB 6 99.52 -31.40 78.24
CA GLU JB 6 98.09 -31.72 78.28
C GLU JB 6 97.64 -32.29 76.96
N THR JB 7 96.93 -33.43 77.01
CA THR JB 7 96.42 -34.07 75.81
C THR JB 7 94.90 -34.06 75.79
N SER JB 8 94.30 -34.71 74.79
CA SER JB 8 92.85 -34.73 74.64
C SER JB 8 92.16 -35.76 75.51
N ALA JB 9 92.91 -36.62 76.20
CA ALA JB 9 92.33 -37.64 77.07
C ALA JB 9 92.94 -37.57 78.47
N GLY JB 10 93.41 -36.41 78.87
CA GLY JB 10 94.08 -36.25 80.14
C GLY JB 10 95.54 -35.86 79.95
N TYR JB 11 96.07 -35.16 80.93
CA TYR JB 11 97.45 -34.68 80.86
C TYR JB 11 98.44 -35.83 81.05
N ALA JB 12 99.68 -35.59 80.63
CA ALA JB 12 100.73 -36.59 80.73
C ALA JB 12 102.07 -35.89 80.86
N LEU JB 13 102.98 -36.50 81.64
CA LEU JB 13 104.31 -35.96 81.83
C LEU JB 13 105.23 -36.41 80.69
N LEU JB 14 106.49 -36.00 80.77
CA LEU JB 14 107.48 -36.38 79.77
C LEU JB 14 108.87 -36.27 80.37
N LYS JB 15 109.65 -37.34 80.24
CA LYS JB 15 111.03 -37.37 80.73
C LYS JB 15 111.98 -37.09 79.58
N ALA JB 16 112.97 -36.24 79.86
CA ALA JB 16 113.95 -35.84 78.86
C ALA JB 16 115.27 -35.57 79.55
N SER JB 17 116.29 -35.26 78.76
CA SER JB 17 117.62 -34.94 79.27
C SER JB 17 117.67 -33.44 79.54
N ASP JB 18 117.60 -33.07 80.81
CA ASP JB 18 117.63 -31.66 81.20
C ASP JB 18 119.05 -31.10 81.10
N LYS JB 20 115.74 -28.12 81.18
CA LYS JB 20 115.64 -26.70 81.52
C LYS JB 20 115.26 -25.87 80.31
N ILE JB 21 115.25 -24.55 80.50
CA ILE JB 21 115.01 -23.64 79.38
C ILE JB 21 116.18 -23.66 78.40
N TYR JB 22 117.41 -23.79 78.92
CA TYR JB 22 118.56 -23.95 78.05
C TYR JB 22 118.52 -25.27 77.29
N LYS JB 23 117.99 -26.32 77.92
CA LYS JB 23 117.73 -27.56 77.21
C LYS JB 23 116.64 -27.38 76.17
N SER JB 24 115.65 -26.53 76.47
CA SER JB 24 114.64 -26.17 75.48
C SER JB 24 115.23 -25.28 74.40
N SER JB 25 116.26 -24.49 74.74
CA SER JB 25 116.95 -23.67 73.75
C SER JB 25 117.71 -24.55 72.76
N SER JB 26 118.34 -25.62 73.25
CA SER JB 26 119.01 -26.56 72.35
C SER JB 26 118.01 -27.43 71.61
N LEU JB 27 116.84 -27.69 72.21
CA LEU JB 27 115.83 -28.50 71.54
C LEU JB 27 115.23 -27.77 70.35
N ILE JB 28 115.01 -26.46 70.48
CA ILE JB 28 114.56 -25.68 69.34
C ILE JB 28 115.67 -25.58 68.29
N GLN JB 29 116.92 -25.53 68.73
CA GLN JB 29 118.04 -25.49 67.81
C GLN JB 29 118.21 -26.81 67.07
N ASP JB 30 118.00 -27.93 67.76
CA ASP JB 30 118.18 -29.24 67.17
C ASP JB 30 116.92 -29.76 66.48
N LEU JB 31 115.85 -28.95 66.43
CA LEU JB 31 114.57 -29.28 65.79
C LEU JB 31 113.96 -30.55 66.40
N ASP JB 32 113.56 -30.41 67.66
CA ASP JB 32 113.08 -31.52 68.49
C ASP JB 32 111.76 -32.13 68.03
N SER JB 33 111.14 -31.63 66.96
CA SER JB 33 109.96 -32.26 66.37
C SER JB 33 110.31 -33.45 65.49
N SER JB 34 111.60 -33.74 65.28
CA SER JB 34 112.02 -34.91 64.53
C SER JB 34 111.69 -36.19 65.30
N ASP JB 35 111.51 -37.28 64.54
CA ASP JB 35 111.08 -38.54 65.14
C ASP JB 35 112.16 -39.19 65.98
N LYS JB 36 113.44 -38.98 65.62
CA LYS JB 36 114.54 -39.55 66.39
C LYS JB 36 114.67 -38.86 67.75
N VAL JB 37 114.50 -37.53 67.77
CA VAL JB 37 114.53 -36.80 69.03
C VAL JB 37 113.29 -37.12 69.87
N LEU JB 38 112.15 -37.32 69.22
CA LEU JB 38 110.94 -37.70 69.94
C LEU JB 38 111.04 -39.10 70.53
N LYS JB 39 111.67 -40.03 69.80
CA LYS JB 39 111.84 -41.38 70.33
C LYS JB 39 112.88 -41.42 71.43
N GLU JB 40 113.83 -40.50 71.43
CA GLU JB 40 114.84 -40.47 72.50
C GLU JB 40 114.23 -39.99 73.81
N PHE JB 41 113.27 -39.07 73.76
CA PHE JB 41 112.62 -38.54 74.95
C PHE JB 41 111.15 -38.32 74.59
N LYS JB 42 110.30 -39.31 74.88
CA LYS JB 42 108.90 -39.26 74.52
C LYS JB 42 108.01 -38.92 75.73
N ILE JB 43 108.03 -39.76 76.76
CA ILE JB 43 107.12 -39.63 77.89
C ILE JB 43 107.73 -40.28 79.11
N ALA JB 44 107.19 -39.94 80.28
CA ALA JB 44 107.52 -40.59 81.54
C ALA JB 44 106.36 -41.38 82.10
N ALA JB 45 105.21 -40.73 82.30
CA ALA JB 45 103.99 -41.40 82.73
C ALA JB 45 102.81 -40.68 82.10
N PHE JB 46 101.73 -41.44 81.87
CA PHE JB 46 100.56 -40.91 81.19
C PHE JB 46 99.33 -41.14 82.06
N SER JB 47 98.62 -40.06 82.36
CA SER JB 47 97.36 -40.14 83.11
C SER JB 47 96.22 -40.02 82.12
N LYS JB 48 95.83 -41.17 81.56
CA LYS JB 48 94.70 -41.21 80.64
C LYS JB 48 93.41 -41.02 81.43
N PHE JB 49 92.93 -39.78 81.49
CA PHE JB 49 91.78 -39.44 82.31
C PHE JB 49 90.50 -39.99 81.71
N ASN JB 50 89.45 -40.02 82.53
CA ASN JB 50 88.16 -40.57 82.11
C ASN JB 50 87.51 -39.65 81.08
N SER JB 51 87.14 -40.23 79.94
CA SER JB 51 86.50 -39.46 78.87
C SER JB 51 84.98 -39.49 78.99
N ALA JB 52 84.47 -39.14 80.17
CA ALA JB 52 83.04 -39.00 80.36
C ALA JB 52 82.56 -37.69 79.74
N ALA JB 53 81.26 -37.63 79.46
CA ALA JB 53 80.69 -36.46 78.81
C ALA JB 53 80.68 -35.25 79.76
N ASN JB 54 80.23 -35.45 81.00
CA ASN JB 54 80.20 -34.35 81.95
C ASN JB 54 81.58 -34.07 82.52
N ALA JB 55 82.40 -35.11 82.67
CA ALA JB 55 83.69 -34.94 83.34
C ALA JB 55 84.71 -34.23 82.46
N LEU JB 56 84.75 -34.56 81.16
CA LEU JB 56 85.72 -33.92 80.28
C LEU JB 56 85.37 -32.46 80.03
N GLU JB 57 84.08 -32.14 80.01
CA GLU JB 57 83.67 -30.74 79.97
C GLU JB 57 84.03 -30.03 81.26
N GLU JB 58 83.95 -30.74 82.39
CA GLU JB 58 84.40 -30.19 83.66
C GLU JB 58 85.93 -30.10 83.70
N ALA JB 59 86.61 -31.04 83.05
CA ALA JB 59 88.07 -31.02 83.04
C ALA JB 59 88.61 -29.91 82.14
N ASN JB 60 87.92 -29.65 81.01
CA ASN JB 60 88.39 -28.64 80.08
C ASN JB 60 88.26 -27.23 80.65
N SER JB 61 87.17 -26.96 81.37
CA SER JB 61 87.03 -25.67 82.03
C SER JB 61 88.00 -25.56 83.20
N ILE JB 62 88.30 -26.67 83.86
CA ILE JB 62 89.32 -26.67 84.91
C ILE JB 62 90.71 -26.51 84.30
N ILE JB 63 90.93 -27.02 83.08
CA ILE JB 63 92.22 -26.84 82.42
C ILE JB 63 92.37 -25.44 81.83
N GLU JB 64 91.32 -24.62 81.85
CA GLU JB 64 91.43 -23.24 81.39
C GLU JB 64 91.61 -22.26 82.54
N GLY JB 65 91.15 -22.59 83.75
CA GLY JB 65 91.27 -21.66 84.85
C GLY JB 65 91.49 -22.22 86.24
N LYS JB 66 91.94 -23.47 86.35
CA LYS JB 66 92.08 -24.10 87.66
C LYS JB 66 93.11 -25.22 87.56
N VAL JB 67 93.14 -26.08 88.57
CA VAL JB 67 93.91 -27.32 88.56
C VAL JB 67 92.93 -28.48 88.63
N SER JB 68 92.98 -29.35 87.63
CA SER JB 68 91.99 -30.41 87.49
C SER JB 68 92.22 -31.53 88.50
N SER JB 69 91.19 -32.36 88.68
CA SER JB 69 91.30 -33.51 89.56
C SER JB 69 92.25 -34.55 89.00
N GLN JB 70 92.20 -34.78 87.68
CA GLN JB 70 93.14 -35.71 87.06
C GLN JB 70 94.55 -35.16 87.01
N LEU JB 71 94.70 -33.82 86.91
CA LEU JB 71 96.01 -33.21 86.94
C LEU JB 71 96.64 -33.29 88.33
N GLU JB 72 95.81 -33.13 89.37
CA GLU JB 72 96.32 -33.27 90.74
C GLU JB 72 96.67 -34.72 91.05
N LYS JB 73 95.90 -35.66 90.52
CA LYS JB 73 96.22 -37.07 90.67
C LYS JB 73 97.49 -37.44 89.91
N LEU JB 74 97.68 -36.84 88.73
CA LEU JB 74 98.90 -37.09 87.97
C LEU JB 74 100.12 -36.46 88.61
N LEU JB 75 99.92 -35.32 89.30
CA LEU JB 75 101.04 -34.66 89.96
C LEU JB 75 101.50 -35.44 91.19
N GLU JB 76 100.56 -36.09 91.89
CA GLU JB 76 100.93 -36.86 93.07
C GLU JB 76 101.62 -38.16 92.68
N GLU JB 77 101.18 -38.80 91.60
CA GLU JB 77 101.79 -40.06 91.18
C GLU JB 77 103.16 -39.86 90.55
N ILE JB 78 103.42 -38.66 90.03
CA ILE JB 78 104.71 -38.34 89.41
C ILE JB 78 105.55 -37.44 90.30
N LYS JB 79 105.23 -37.36 91.60
CA LYS JB 79 106.00 -36.56 92.55
C LYS JB 79 107.18 -37.39 93.04
N LYS JB 80 108.20 -37.48 92.19
CA LYS JB 80 109.39 -38.25 92.53
C LYS JB 80 110.24 -37.50 93.56
N ASP JB 81 110.68 -36.29 93.21
CA ASP JB 81 111.44 -35.45 94.12
C ASP JB 81 110.87 -34.04 94.07
N LYS JB 82 111.04 -33.30 95.18
CA LYS JB 82 110.53 -31.95 95.25
C LYS JB 82 111.36 -30.96 94.43
N LYS JB 83 112.58 -31.34 94.06
CA LYS JB 83 113.43 -30.49 93.22
C LYS JB 83 113.27 -30.82 91.74
N SER JB 84 112.03 -30.81 91.25
CA SER JB 84 111.74 -31.12 89.87
C SER JB 84 111.18 -29.88 89.17
N THR JB 85 111.62 -29.66 87.93
CA THR JB 85 111.22 -28.49 87.16
C THR JB 85 110.27 -28.93 86.05
N LEU JB 86 109.07 -28.36 86.05
CA LEU JB 86 108.05 -28.68 85.07
C LEU JB 86 107.57 -27.41 84.40
N ILE JB 87 107.46 -27.43 83.08
CA ILE JB 87 106.99 -26.29 82.31
C ILE JB 87 105.52 -26.51 81.97
N VAL JB 88 104.66 -25.66 82.52
CA VAL JB 88 103.21 -25.76 82.30
C VAL JB 88 102.86 -25.13 80.97
N SER JB 89 101.62 -25.34 80.52
CA SER JB 89 101.17 -24.72 79.28
C SER JB 89 101.01 -23.22 79.43
N GLU JB 90 100.17 -22.78 80.36
CA GLU JB 90 99.93 -21.37 80.61
C GLU JB 90 100.71 -20.91 81.84
N THR JB 91 100.97 -19.61 81.90
CA THR JB 91 101.63 -19.05 83.07
C THR JB 91 100.70 -19.04 84.28
N LYS JB 92 99.40 -18.85 84.06
CA LYS JB 92 98.44 -18.90 85.16
C LYS JB 92 98.31 -20.30 85.73
N LEU JB 93 98.35 -21.32 84.85
CA LEU JB 93 98.34 -22.69 85.32
C LEU JB 93 99.67 -23.07 85.97
N ALA JB 94 100.75 -22.36 85.62
CA ALA JB 94 102.03 -22.60 86.28
C ALA JB 94 102.03 -22.09 87.72
N ASN JB 95 101.41 -20.93 87.95
CA ASN JB 95 101.31 -20.41 89.31
C ASN JB 95 100.34 -21.22 90.15
N ALA JB 96 99.26 -21.71 89.53
CA ALA JB 96 98.27 -22.49 90.27
C ALA JB 96 98.82 -23.87 90.64
N ILE JB 97 99.70 -24.42 89.80
CA ILE JB 97 100.36 -25.68 90.14
C ILE JB 97 101.32 -25.50 91.30
N ASN JB 98 102.03 -24.36 91.35
CA ASN JB 98 102.93 -24.10 92.45
C ASN JB 98 102.16 -23.77 93.73
N LYS JB 99 100.99 -23.13 93.60
CA LYS JB 99 100.21 -22.76 94.76
C LYS JB 99 99.54 -23.98 95.41
N LEU JB 100 99.25 -25.02 94.61
CA LEU JB 100 98.62 -26.21 95.14
C LEU JB 100 99.67 -27.14 95.74
N GLY JB 101 99.27 -28.38 96.06
CA GLY JB 101 100.16 -29.31 96.70
C GLY JB 101 101.12 -30.01 95.77
N LEU JB 102 102.12 -29.27 95.28
CA LEU JB 102 103.16 -29.83 94.42
C LEU JB 102 104.54 -29.74 95.03
N ASN JB 103 104.91 -28.56 95.57
CA ASN JB 103 106.21 -28.28 96.19
C ASN JB 103 107.37 -28.55 95.23
N PHE JB 104 107.19 -28.17 93.97
CA PHE JB 104 108.20 -28.36 92.93
C PHE JB 104 108.39 -27.04 92.19
N ASN JB 105 109.30 -27.08 91.21
CA ASN JB 105 109.53 -25.91 90.36
C ASN JB 105 108.56 -25.94 89.19
N VAL JB 106 107.72 -24.91 89.10
CA VAL JB 106 106.75 -24.77 88.03
C VAL JB 106 107.16 -23.59 87.17
N VAL JB 107 107.44 -23.83 85.90
CA VAL JB 107 108.00 -22.83 84.99
C VAL JB 107 106.88 -22.18 84.20
N SER JB 108 107.01 -20.88 83.96
CA SER JB 108 106.04 -20.10 83.20
C SER JB 108 106.25 -20.27 81.70
N ASP JB 109 105.66 -19.39 80.90
CA ASP JB 109 105.76 -19.46 79.45
C ASP JB 109 107.16 -19.09 78.96
N ALA JB 110 108.11 -19.97 79.20
CA ALA JB 110 109.50 -19.82 78.80
C ALA JB 110 109.70 -20.31 77.38
N VAL JB 111 110.95 -20.60 77.01
CA VAL JB 111 111.33 -21.07 75.68
C VAL JB 111 110.87 -22.50 75.39
N THR JB 112 110.18 -23.13 76.36
CA THR JB 112 109.56 -24.46 76.25
C THR JB 112 108.32 -24.49 75.34
N LEU JB 113 108.00 -23.44 74.58
CA LEU JB 113 106.97 -23.55 73.56
C LEU JB 113 107.39 -24.50 72.45
N ASP JB 114 108.69 -24.59 72.18
CA ASP JB 114 109.19 -25.61 71.26
C ASP JB 114 109.05 -27.00 71.85
N ILE JB 115 109.14 -27.13 73.18
CA ILE JB 115 108.88 -28.41 73.83
C ILE JB 115 107.40 -28.74 73.73
N TYR JB 116 106.54 -27.73 73.72
CA TYR JB 116 105.12 -27.96 73.45
C TYR JB 116 104.91 -28.41 72.01
N ARG JB 117 105.73 -27.90 71.09
CA ARG JB 117 105.68 -28.36 69.70
C ARG JB 117 106.16 -29.80 69.58
N ALA JB 118 107.18 -30.17 70.34
CA ALA JB 118 107.65 -31.56 70.35
C ALA JB 118 106.62 -32.46 71.02
N ILE JB 119 105.83 -31.92 71.95
CA ILE JB 119 104.77 -32.70 72.56
C ILE JB 119 103.63 -32.94 71.58
N LYS JB 120 103.28 -31.93 70.79
CA LYS JB 120 102.18 -32.07 69.85
C LYS JB 120 102.59 -32.79 68.57
N GLU JB 121 103.89 -32.86 68.26
CA GLU JB 121 104.32 -33.65 67.11
C GLU JB 121 104.35 -35.14 67.46
N TYR JB 122 104.65 -35.44 68.72
CA TYR JB 122 104.56 -36.80 69.24
C TYR JB 122 103.21 -37.09 69.88
N LEU JB 123 102.23 -36.20 69.68
CA LEU JB 123 100.90 -36.46 70.20
C LEU JB 123 100.22 -37.65 69.53
N PRO JB 124 100.50 -37.98 68.29
CA PRO JB 124 100.07 -39.27 67.75
C PRO JB 124 101.12 -40.35 67.98
N GLU JB 125 102.37 -39.93 68.18
CA GLU JB 125 103.48 -40.88 68.24
C GLU JB 125 103.71 -41.38 69.66
N LEU JB 126 103.96 -40.46 70.60
CA LEU JB 126 104.27 -40.85 71.97
C LEU JB 126 103.03 -41.22 72.77
N LEU JB 127 101.83 -41.03 72.22
CA LEU JB 127 100.60 -41.51 72.83
C LEU JB 127 100.56 -43.03 72.85
N PRO JB 128 101.29 -43.69 71.92
CA PRO JB 128 101.33 -45.16 71.91
C PRO JB 128 102.02 -45.77 73.13
N GLY JB 129 102.74 -44.99 73.92
CA GLY JB 129 103.18 -45.48 75.22
C GLY JB 129 102.02 -45.79 76.14
N MET JB 130 100.96 -44.98 76.07
CA MET JB 130 99.72 -45.27 76.78
C MET JB 130 98.73 -46.01 75.88
N SER JB 131 98.33 -45.38 74.77
CA SER JB 131 97.38 -45.98 73.84
C SER JB 131 97.53 -45.28 72.50
N ASP JB 132 97.90 -46.04 71.46
CA ASP JB 132 98.05 -45.48 70.12
C ASP JB 132 96.68 -45.14 69.55
N ASN JB 133 96.39 -43.86 69.42
CA ASN JB 133 95.09 -43.42 68.95
C ASN JB 133 95.25 -42.24 67.99
N ASP JB 134 94.38 -42.20 66.99
CA ASP JB 134 94.22 -41.05 66.12
C ASP JB 134 93.13 -40.18 66.73
N LEU JB 135 93.53 -39.03 67.30
CA LEU JB 135 92.68 -38.26 68.20
C LEU JB 135 91.69 -37.34 67.48
N SER JB 136 91.39 -37.59 66.21
CA SER JB 136 90.43 -36.75 65.48
C SER JB 136 89.02 -36.90 66.03
N LYS JB 137 88.60 -38.13 66.35
CA LYS JB 137 87.22 -38.37 66.77
C LYS JB 137 86.97 -37.88 68.19
N MET JB 138 87.88 -38.17 69.11
CA MET JB 138 87.67 -37.77 70.51
C MET JB 138 87.88 -36.27 70.72
N SER JB 139 88.67 -35.61 69.88
CA SER JB 139 88.72 -34.15 69.94
C SER JB 139 87.46 -33.54 69.34
N LEU JB 140 86.83 -34.27 68.40
CA LEU JB 140 85.59 -33.78 67.80
C LEU JB 140 84.45 -33.81 68.80
N GLY JB 141 84.32 -34.92 69.53
CA GLY JB 141 83.31 -35.00 70.58
C GLY JB 141 83.59 -34.05 71.73
N LEU JB 142 84.88 -33.81 72.01
CA LEU JB 142 85.21 -32.86 73.06
C LEU JB 142 84.86 -31.43 72.66
N ALA JB 143 85.22 -31.02 71.44
CA ALA JB 143 85.04 -29.63 71.02
C ALA JB 143 83.56 -29.27 70.88
N HIS JB 144 82.74 -30.22 70.47
CA HIS JB 144 81.30 -29.97 70.39
C HIS JB 144 80.69 -29.92 71.79
N SER JB 145 81.30 -30.63 72.75
CA SER JB 145 80.78 -30.66 74.11
C SER JB 145 81.04 -29.35 74.84
N ILE JB 146 82.24 -28.78 74.72
CA ILE JB 146 82.48 -27.49 75.36
C ILE JB 146 81.77 -26.39 74.60
N GLY JB 147 81.60 -26.55 73.30
CA GLY JB 147 80.84 -25.58 72.53
C GLY JB 147 79.37 -25.57 72.89
N ARG JB 148 78.79 -26.75 73.15
CA ARG JB 148 77.40 -26.81 73.59
C ARG JB 148 77.25 -26.35 75.02
N HIS JB 149 78.34 -26.39 75.79
CA HIS JB 149 78.28 -25.99 77.19
C HIS JB 149 78.58 -24.51 77.37
N LYS JB 150 79.55 -23.97 76.61
CA LYS JB 150 79.82 -22.53 76.67
C LYS JB 150 78.65 -21.74 76.12
N LEU JB 151 78.05 -22.22 75.03
CA LEU JB 151 76.74 -21.72 74.63
C LEU JB 151 75.71 -22.20 75.63
N LYS JB 152 74.61 -21.44 75.72
CA LYS JB 152 73.53 -21.86 76.62
C LYS JB 152 72.82 -23.08 76.06
N PHE JB 153 72.20 -22.94 74.89
CA PHE JB 153 71.68 -24.03 74.04
C PHE JB 153 70.71 -24.94 74.81
N SER JB 154 69.58 -24.33 75.19
CA SER JB 154 68.49 -25.11 75.73
C SER JB 154 67.92 -26.00 74.63
N ALA JB 155 67.76 -27.29 74.93
CA ALA JB 155 67.50 -28.31 73.92
C ALA JB 155 66.14 -28.20 73.26
N ASP JB 156 65.22 -27.40 73.82
CA ASP JB 156 63.92 -27.18 73.22
C ASP JB 156 63.98 -26.25 72.01
N LYS JB 157 65.11 -25.57 71.78
CA LYS JB 157 65.25 -24.62 70.67
C LYS JB 157 65.63 -25.31 69.38
N VAL JB 158 64.79 -26.28 68.98
CA VAL JB 158 64.92 -26.93 67.68
C VAL JB 158 63.61 -26.80 66.92
N ASP JB 159 63.51 -25.72 66.13
CA ASP JB 159 62.30 -25.44 65.39
C ASP JB 159 62.14 -26.35 64.18
N VAL JB 160 63.21 -27.01 63.73
CA VAL JB 160 63.09 -27.99 62.65
C VAL JB 160 62.31 -29.21 63.13
N MET JB 161 62.41 -29.53 64.43
CA MET JB 161 61.59 -30.59 65.02
C MET JB 161 60.12 -30.19 65.00
N ILE JB 162 59.83 -28.93 65.31
CA ILE JB 162 58.46 -28.48 65.50
C ILE JB 162 57.72 -28.41 64.17
N ILE JB 163 58.40 -27.97 63.11
CA ILE JB 163 57.72 -27.73 61.83
C ILE JB 163 57.28 -29.03 61.17
N GLN JB 164 58.06 -30.11 61.26
CA GLN JB 164 57.59 -31.38 60.71
C GLN JB 164 56.73 -32.16 61.69
N ALA JB 165 56.70 -31.75 62.96
CA ALA JB 165 55.70 -32.29 63.88
C ALA JB 165 54.30 -31.83 63.48
N ILE JB 166 54.19 -30.59 62.98
CA ILE JB 166 52.94 -30.12 62.40
C ILE JB 166 52.63 -30.88 61.12
N ALA JB 167 53.64 -31.11 60.29
CA ALA JB 167 53.46 -31.88 59.07
C ALA JB 167 53.10 -33.33 59.38
N LEU JB 168 53.57 -33.87 60.50
CA LEU JB 168 53.08 -35.15 60.95
C LEU JB 168 51.68 -35.03 61.54
N LEU JB 169 51.35 -33.88 62.11
CA LEU JB 169 50.03 -33.70 62.71
C LEU JB 169 48.95 -33.53 61.65
N ASP JB 170 49.29 -32.86 60.53
CA ASP JB 170 48.32 -32.69 59.47
C ASP JB 170 48.12 -33.98 58.68
N ASP JB 171 49.18 -34.80 58.57
CA ASP JB 171 49.04 -36.09 57.92
C ASP JB 171 48.23 -37.05 58.78
N LEU JB 172 48.27 -36.88 60.09
CA LEU JB 172 47.44 -37.69 60.98
C LEU JB 172 45.96 -37.34 60.82
N ASP JB 173 45.66 -36.09 60.48
CA ASP JB 173 44.27 -35.67 60.36
C ASP JB 173 43.63 -36.23 59.11
N LYS JB 174 44.38 -36.26 58.00
CA LYS JB 174 43.82 -36.80 56.76
C LYS JB 174 43.79 -38.32 56.76
N GLU JB 175 44.73 -38.96 57.47
CA GLU JB 175 44.74 -40.43 57.51
C GLU JB 175 43.66 -40.95 58.43
N LEU JB 176 43.37 -40.24 59.52
CA LEU JB 176 42.27 -40.64 60.39
C LEU JB 176 40.91 -40.36 59.74
N ASN JB 177 40.86 -39.37 58.84
CA ASN JB 177 39.61 -39.07 58.16
C ASN JB 177 39.26 -40.15 57.15
N THR JB 178 40.24 -40.59 56.36
CA THR JB 178 39.96 -41.60 55.35
C THR JB 178 39.80 -42.99 55.96
N TYR JB 179 40.31 -43.20 57.17
CA TYR JB 179 40.07 -44.47 57.86
C TYR JB 179 38.70 -44.47 58.51
N ALA JB 180 38.23 -43.30 58.96
CA ALA JB 180 36.90 -43.21 59.54
C ALA JB 180 35.82 -43.36 58.48
N MET JB 181 36.08 -42.87 57.27
CA MET JB 181 35.13 -43.04 56.18
C MET JB 181 35.08 -44.50 55.74
N ARG JB 182 36.21 -45.20 55.83
CA ARG JB 182 36.24 -46.62 55.48
C ARG JB 182 35.52 -47.45 56.53
N CYS JB 183 35.60 -47.05 57.79
CA CYS JB 183 34.83 -47.74 58.83
C CYS JB 183 33.38 -47.26 58.83
N LYS JB 184 33.09 -46.14 58.18
CA LYS JB 184 31.72 -45.63 58.13
C LYS JB 184 30.85 -46.49 57.24
N GLU JB 185 31.35 -46.85 56.05
CA GLU JB 185 30.52 -47.62 55.11
C GLU JB 185 30.61 -49.11 55.37
N TRP JB 186 31.69 -49.57 56.01
CA TRP JB 186 31.84 -51.00 56.28
C TRP JB 186 30.87 -51.48 57.36
N TYR JB 187 30.79 -50.75 58.47
CA TYR JB 187 29.76 -51.04 59.45
C TYR JB 187 28.40 -50.54 58.97
N GLY JB 188 28.37 -49.54 58.10
CA GLY JB 188 27.13 -49.09 57.49
C GLY JB 188 26.49 -50.10 56.56
N TRP JB 189 27.27 -51.08 56.11
CA TRP JB 189 26.69 -52.25 55.46
C TRP JB 189 25.80 -53.02 56.42
N HIS JB 190 26.20 -53.10 57.68
CA HIS JB 190 25.41 -53.76 58.72
C HIS JB 190 24.41 -52.81 59.36
N PHE JB 191 24.72 -51.53 59.41
CA PHE JB 191 23.92 -50.58 60.17
C PHE JB 191 23.99 -49.20 59.53
N PRO JB 192 23.15 -48.91 58.54
CA PRO JB 192 23.33 -47.72 57.72
C PRO JB 192 22.87 -46.43 58.38
N GLU JB 193 21.99 -46.55 59.37
CA GLU JB 193 21.45 -45.35 60.00
C GLU JB 193 22.48 -44.66 60.88
N LEU JB 194 23.44 -45.40 61.43
CA LEU JB 194 24.42 -44.81 62.33
C LEU JB 194 25.42 -43.94 61.60
N ALA JB 195 25.54 -44.10 60.29
CA ALA JB 195 26.44 -43.24 59.51
C ALA JB 195 25.89 -41.84 59.36
N LYS JB 196 24.59 -41.63 59.57
CA LYS JB 196 23.97 -40.33 59.33
C LYS JB 196 23.39 -39.68 60.58
N ILE JB 197 23.49 -40.30 61.75
CA ILE JB 197 23.08 -39.66 62.98
C ILE JB 197 24.26 -39.23 63.85
N VAL JB 198 25.27 -40.07 64.02
CA VAL JB 198 26.47 -39.75 64.78
C VAL JB 198 27.59 -39.61 63.75
N THR JB 199 27.80 -38.39 63.26
CA THR JB 199 28.74 -38.14 62.18
C THR JB 199 30.17 -37.94 62.66
N ASP JB 200 30.39 -37.88 63.97
CA ASP JB 200 31.73 -37.73 64.51
C ASP JB 200 32.52 -39.00 64.29
N SER JB 201 33.82 -38.84 63.99
CA SER JB 201 34.66 -39.97 63.60
C SER JB 201 34.92 -40.91 64.76
N VAL JB 202 35.32 -40.38 65.91
CA VAL JB 202 35.67 -41.26 67.02
C VAL JB 202 34.46 -41.59 67.88
N ALA JB 203 33.40 -40.79 67.83
CA ALA JB 203 32.17 -41.18 68.51
C ALA JB 203 31.51 -42.36 67.79
N TYR JB 204 31.71 -42.46 66.47
CA TYR JB 204 31.27 -43.64 65.75
C TYR JB 204 32.06 -44.88 66.14
N ALA JB 205 33.39 -44.73 66.26
CA ALA JB 205 34.25 -45.88 66.48
C ALA JB 205 34.04 -46.50 67.85
N ARG JB 206 33.85 -45.67 68.87
CA ARG JB 206 33.74 -46.19 70.22
C ARG JB 206 32.39 -46.85 70.48
N ILE JB 207 31.40 -46.58 69.62
CA ILE JB 207 30.20 -47.40 69.58
C ILE JB 207 30.56 -48.81 69.14
N ILE JB 208 31.44 -48.93 68.15
CA ILE JB 208 31.79 -50.23 67.57
C ILE JB 208 32.60 -51.05 68.55
N LEU JB 209 33.49 -50.41 69.33
CA LEU JB 209 34.16 -51.12 70.42
C LEU JB 209 33.19 -51.56 71.49
N THR JB 210 32.12 -50.81 71.70
CA THR JB 210 31.15 -51.16 72.73
C THR JB 210 30.09 -52.12 72.21
N MET JB 211 29.32 -51.68 71.21
CA MET JB 211 28.27 -52.50 70.62
C MET JB 211 28.78 -53.15 69.35
N GLY JB 212 28.33 -54.37 69.08
CA GLY JB 212 28.69 -55.01 67.84
C GLY JB 212 27.51 -55.29 66.92
N ILE JB 213 26.37 -55.61 67.52
CA ILE JB 213 25.17 -55.96 66.76
C ILE JB 213 24.10 -54.94 67.12
N ARG JB 214 23.22 -54.65 66.16
CA ARG JB 214 22.10 -53.75 66.42
C ARG JB 214 21.10 -54.36 67.41
N SER JB 215 21.05 -55.69 67.50
CA SER JB 215 20.28 -56.33 68.55
C SER JB 215 20.95 -56.13 69.90
N LYS JB 216 22.29 -56.12 69.92
CA LYS JB 216 23.02 -55.88 71.16
C LYS JB 216 22.85 -54.44 71.63
N ALA JB 217 22.79 -53.49 70.69
CA ALA JB 217 22.73 -52.08 71.05
C ALA JB 217 21.37 -51.69 71.64
N SER JB 218 20.31 -52.40 71.26
CA SER JB 218 18.99 -52.06 71.77
C SER JB 218 18.79 -52.58 73.19
N GLU JB 219 19.39 -53.73 73.51
CA GLU JB 219 19.13 -54.42 74.76
C GLU JB 219 20.13 -54.12 75.87
N THR JB 220 21.21 -53.40 75.57
CA THR JB 220 22.25 -53.15 76.55
C THR JB 220 22.73 -51.70 76.47
N ASP JB 221 23.66 -51.36 77.38
CA ASP JB 221 23.98 -49.97 77.66
C ASP JB 221 24.86 -49.36 76.58
N LEU JB 222 24.57 -48.10 76.24
CA LEU JB 222 25.38 -47.29 75.34
C LEU JB 222 25.53 -45.85 75.81
N SER JB 223 24.76 -45.41 76.81
CA SER JB 223 24.56 -43.99 77.13
C SER JB 223 25.78 -43.31 77.72
N GLU JB 224 26.84 -44.04 78.06
CA GLU JB 224 28.05 -43.40 78.59
C GLU JB 224 28.72 -42.53 77.54
N ILE JB 225 28.77 -43.00 76.29
CA ILE JB 225 29.57 -42.35 75.27
C ILE JB 225 28.73 -41.55 74.29
N LEU JB 226 27.46 -41.31 74.60
CA LEU JB 226 26.58 -40.53 73.74
C LEU JB 226 25.75 -39.58 74.60
N PRO JB 227 25.46 -38.38 74.08
CA PRO JB 227 24.45 -37.54 74.73
C PRO JB 227 23.08 -38.17 74.61
N GLU JB 228 22.23 -37.87 75.61
CA GLU JB 228 21.04 -38.68 75.85
C GLU JB 228 19.99 -38.54 74.76
N GLU JB 229 19.85 -37.35 74.18
CA GLU JB 229 18.90 -37.17 73.08
C GLU JB 229 19.37 -37.88 71.83
N ILE JB 230 20.69 -37.98 71.64
CA ILE JB 230 21.22 -38.80 70.56
C ILE JB 230 21.15 -40.27 70.93
N GLU JB 231 21.39 -40.59 72.21
CA GLU JB 231 21.42 -41.98 72.69
C GLU JB 231 20.05 -42.64 72.58
N GLU JB 232 18.99 -41.89 72.87
CA GLU JB 232 17.65 -42.46 72.73
C GLU JB 232 17.28 -42.67 71.26
N ARG JB 233 17.87 -41.86 70.37
CA ARG JB 233 17.48 -41.94 68.96
C ARG JB 233 18.28 -43.03 68.24
N VAL JB 234 19.50 -43.33 68.72
CA VAL JB 234 20.16 -44.54 68.22
C VAL JB 234 19.55 -45.81 68.81
N LYS JB 235 18.81 -45.70 69.92
CA LYS JB 235 18.11 -46.85 70.45
C LYS JB 235 16.92 -47.20 69.56
N THR JB 236 16.27 -46.19 68.98
CA THR JB 236 15.26 -46.45 67.96
C THR JB 236 15.91 -46.98 66.69
N ALA JB 237 17.11 -46.50 66.38
CA ALA JB 237 17.84 -47.00 65.21
C ALA JB 237 18.26 -48.45 65.41
N ALA JB 238 18.66 -48.80 66.63
CA ALA JB 238 18.99 -50.20 66.91
C ALA JB 238 17.75 -51.07 66.95
N GLU JB 239 16.59 -50.49 67.25
CA GLU JB 239 15.36 -51.27 67.26
C GLU JB 239 14.90 -51.62 65.85
N VAL JB 240 14.59 -50.61 65.04
CA VAL JB 240 14.18 -50.82 63.65
C VAL JB 240 15.24 -50.17 62.75
N SER JB 241 15.68 -50.91 61.74
CA SER JB 241 16.77 -50.43 60.91
C SER JB 241 16.73 -50.99 59.50
N MET JB 242 17.86 -50.90 58.80
CA MET JB 242 17.96 -51.09 57.36
C MET JB 242 18.93 -52.19 56.96
N GLY JB 243 20.01 -52.38 57.73
CA GLY JB 243 21.08 -53.25 57.29
C GLY JB 243 20.96 -54.67 57.79
N THR JB 244 21.63 -55.57 57.09
CA THR JB 244 21.55 -57.00 57.37
C THR JB 244 22.48 -57.39 58.52
N GLU JB 245 22.50 -58.69 58.82
CA GLU JB 245 23.44 -59.24 59.79
C GLU JB 245 24.83 -59.32 59.17
N ILE JB 246 25.83 -59.53 60.03
CA ILE JB 246 27.20 -59.76 59.59
C ILE JB 246 27.77 -60.93 60.37
N THR JB 247 28.75 -61.60 59.77
CA THR JB 247 29.41 -62.70 60.42
C THR JB 247 30.40 -62.18 61.46
N GLN JB 248 30.92 -63.11 62.27
CA GLN JB 248 31.81 -62.71 63.36
C GLN JB 248 33.20 -62.34 62.86
N THR JB 249 33.63 -62.88 61.72
CA THR JB 249 34.96 -62.55 61.21
C THR JB 249 35.00 -61.15 60.62
N ASP JB 250 33.94 -60.75 59.92
CA ASP JB 250 33.86 -59.38 59.43
C ASP JB 250 33.69 -58.40 60.57
N LEU JB 251 32.95 -58.78 61.61
CA LEU JB 251 32.80 -57.93 62.79
C LEU JB 251 34.10 -57.82 63.57
N ASP JB 252 34.93 -58.87 63.54
CA ASP JB 252 36.22 -58.82 64.20
C ASP JB 252 37.17 -57.84 63.53
N ASN JB 253 37.15 -57.79 62.20
CA ASN JB 253 38.03 -56.88 61.49
C ASN JB 253 37.53 -55.44 61.55
N ILE JB 254 36.21 -55.25 61.62
CA ILE JB 254 35.66 -53.91 61.83
C ILE JB 254 36.00 -53.40 63.21
N ASN JB 255 35.95 -54.28 64.21
CA ASN JB 255 36.40 -53.93 65.56
C ASN JB 255 37.89 -53.63 65.59
N ALA JB 256 38.68 -54.39 64.82
CA ALA JB 256 40.11 -54.10 64.71
C ALA JB 256 40.35 -52.81 63.94
N LEU JB 257 39.44 -52.46 63.03
CA LEU JB 257 39.51 -51.15 62.36
C LEU JB 257 39.08 -50.03 63.29
N ALA JB 258 38.09 -50.30 64.15
CA ALA JB 258 37.54 -49.24 64.99
C ALA JB 258 38.49 -48.88 66.13
N GLU JB 259 39.27 -49.85 66.62
CA GLU JB 259 40.29 -49.53 67.62
C GLU JB 259 41.48 -48.82 66.99
N GLN JB 260 41.68 -48.97 65.67
CA GLN JB 260 42.70 -48.20 64.98
C GLN JB 260 42.31 -46.74 64.89
N ILE JB 261 41.01 -46.46 64.84
CA ILE JB 261 40.53 -45.07 64.86
C ILE JB 261 40.81 -44.44 66.21
N VAL JB 262 40.54 -45.18 67.30
CA VAL JB 262 40.73 -44.66 68.65
C VAL JB 262 42.21 -44.50 68.95
N GLU JB 263 43.04 -45.46 68.53
CA GLU JB 263 44.46 -45.38 68.79
C GLU JB 263 45.15 -44.29 67.98
N PHE JB 264 44.61 -43.98 66.79
CA PHE JB 264 45.16 -42.87 66.02
C PHE JB 264 44.80 -41.53 66.64
N ALA JB 265 43.56 -41.39 67.12
CA ALA JB 265 43.15 -40.13 67.74
C ALA JB 265 43.82 -39.93 69.09
N ALA JB 266 43.99 -41.00 69.87
CA ALA JB 266 44.70 -40.90 71.13
C ALA JB 266 46.18 -40.63 70.91
N TYR JB 267 46.73 -41.07 69.77
CA TYR JB 267 48.07 -40.64 69.39
C TYR JB 267 48.07 -39.16 69.00
N ARG JB 268 46.99 -38.70 68.37
CA ARG JB 268 46.90 -37.28 67.99
C ARG JB 268 46.75 -36.40 69.22
N GLU JB 269 46.09 -36.90 70.26
CA GLU JB 269 46.01 -36.15 71.51
C GLU JB 269 47.36 -36.14 72.22
N GLN JB 270 48.13 -37.21 72.09
CA GLN JB 270 49.46 -37.26 72.69
C GLN JB 270 50.42 -36.35 71.93
N LEU JB 271 50.25 -36.25 70.61
CA LEU JB 271 51.13 -35.37 69.83
C LEU JB 271 50.78 -33.90 70.08
N SER JB 272 49.50 -33.59 70.25
CA SER JB 272 49.11 -32.22 70.57
C SER JB 272 49.54 -31.84 71.97
N ASN JB 273 49.54 -32.81 72.89
CA ASN JB 273 50.08 -32.57 74.22
C ASN JB 273 51.60 -32.42 74.19
N TYR JB 274 52.25 -33.12 73.26
CA TYR JB 274 53.70 -32.99 73.14
C TYR JB 274 54.09 -31.64 72.55
N LEU JB 275 53.34 -31.18 71.56
CA LEU JB 275 53.67 -29.93 70.87
C LEU JB 275 53.48 -28.72 71.79
N SER JB 276 52.37 -28.70 72.54
CA SER JB 276 52.09 -27.56 73.41
C SER JB 276 53.03 -27.54 74.61
N ALA JB 277 53.43 -28.71 75.11
CA ALA JB 277 54.43 -28.76 76.16
C ALA JB 277 55.80 -28.37 75.62
N ARG JB 278 56.08 -28.69 74.35
CA ARG JB 278 57.33 -28.24 73.75
C ARG JB 278 57.30 -26.76 73.43
N MET JB 279 56.18 -26.25 72.91
CA MET JB 279 56.11 -24.83 72.55
C MET JB 279 56.15 -23.93 73.77
N LYS JB 280 55.61 -24.39 74.90
CA LYS JB 280 55.78 -23.66 76.14
C LYS JB 280 57.25 -23.64 76.57
N ALA JB 281 58.02 -24.64 76.17
CA ALA JB 281 59.44 -24.65 76.48
C ALA JB 281 60.25 -23.76 75.54
N ILE JB 282 59.90 -23.70 74.26
CA ILE JB 282 60.73 -22.94 73.32
C ILE JB 282 60.20 -21.52 73.13
N ALA JB 283 58.89 -21.34 72.91
CA ALA JB 283 58.31 -20.04 72.58
C ALA JB 283 57.17 -19.74 73.54
N PRO JB 284 57.48 -19.36 74.78
CA PRO JB 284 56.41 -19.24 75.78
C PRO JB 284 55.58 -17.97 75.63
N ASN JB 285 56.18 -16.87 75.15
CA ASN JB 285 55.45 -15.61 75.09
C ASN JB 285 54.42 -15.62 73.96
N LEU JB 286 54.76 -16.23 72.82
CA LEU JB 286 53.82 -16.30 71.71
C LEU JB 286 52.67 -17.25 72.01
N THR JB 287 52.92 -18.28 72.81
CA THR JB 287 51.90 -19.30 73.08
C THR JB 287 50.76 -18.74 73.92
N GLN JB 288 51.07 -17.84 74.85
CA GLN JB 288 50.01 -17.19 75.61
C GLN JB 288 49.26 -16.18 74.76
N LEU JB 289 49.94 -15.55 73.82
CA LEU JB 289 49.34 -14.45 73.05
C LEU JB 289 48.40 -14.97 71.97
N VAL JB 290 48.78 -16.05 71.29
CA VAL JB 290 48.02 -16.51 70.12
C VAL JB 290 47.58 -17.97 70.23
N GLY JB 291 48.20 -18.78 71.07
CA GLY JB 291 47.87 -20.19 71.11
C GLY JB 291 48.90 -21.03 70.37
N GLU JB 292 49.01 -22.30 70.78
CA GLU JB 292 50.11 -23.13 70.30
C GLU JB 292 49.90 -23.62 68.87
N LEU JB 293 48.66 -23.66 68.40
CA LEU JB 293 48.42 -24.23 67.08
C LEU JB 293 48.55 -23.19 65.98
N VAL JB 294 48.09 -21.96 66.24
CA VAL JB 294 48.27 -20.88 65.27
C VAL JB 294 49.72 -20.48 65.18
N GLY JB 295 50.41 -20.43 66.33
CA GLY JB 295 51.82 -20.03 66.32
C GLY JB 295 52.72 -21.06 65.68
N ALA JB 296 52.32 -22.33 65.70
CA ALA JB 296 53.07 -23.36 65.00
C ALA JB 296 52.94 -23.22 63.50
N ARG JB 297 51.77 -22.78 63.03
CA ARG JB 297 51.58 -22.62 61.60
C ARG JB 297 52.32 -21.40 61.08
N LEU JB 298 52.63 -20.43 61.95
CA LEU JB 298 53.46 -19.31 61.55
C LEU JB 298 54.92 -19.74 61.40
N ILE JB 299 55.40 -20.57 62.33
CA ILE JB 299 56.78 -21.04 62.28
C ILE JB 299 56.97 -21.99 61.10
N ALA JB 300 55.96 -22.83 60.83
CA ALA JB 300 56.01 -23.72 59.68
C ALA JB 300 55.97 -22.95 58.37
N HIS JB 301 55.27 -21.82 58.34
CA HIS JB 301 55.24 -21.00 57.14
C HIS JB 301 56.55 -20.26 56.93
N SER JB 302 57.08 -19.64 57.99
CA SER JB 302 58.28 -18.83 57.85
C SER JB 302 59.53 -19.69 57.70
N GLY JB 303 59.61 -20.78 58.45
CA GLY JB 303 60.79 -21.60 58.45
C GLY JB 303 61.46 -21.61 59.81
N SER JB 304 62.62 -20.98 59.91
CA SER JB 304 63.32 -20.90 61.19
C SER JB 304 62.62 -19.92 62.12
N LEU JB 305 62.94 -20.03 63.41
CA LEU JB 305 62.35 -19.14 64.40
C LEU JB 305 62.91 -17.73 64.27
N ILE JB 306 64.20 -17.62 63.93
CA ILE JB 306 64.84 -16.32 63.86
C ILE JB 306 64.34 -15.53 62.64
N SER JB 307 63.98 -16.22 61.55
CA SER JB 307 63.47 -15.53 60.38
C SER JB 307 62.06 -15.01 60.61
N LEU JB 308 61.34 -15.58 61.57
CA LEU JB 308 60.02 -15.04 61.89
C LEU JB 308 60.12 -13.76 62.69
N ALA JB 309 61.12 -13.65 63.57
CA ALA JB 309 61.32 -12.42 64.33
C ALA JB 309 61.82 -11.30 63.44
N LYS JB 310 62.58 -11.64 62.40
CA LYS JB 310 63.04 -10.63 61.44
C LYS JB 310 61.93 -10.16 60.51
N SER JB 311 60.81 -10.86 60.49
CA SER JB 311 59.66 -10.38 59.72
C SER JB 311 58.96 -9.27 60.49
N PRO JB 312 58.55 -8.19 59.83
CA PRO JB 312 57.85 -7.11 60.54
C PRO JB 312 56.41 -7.45 60.89
N ALA JB 313 55.67 -6.46 61.40
CA ALA JB 313 54.31 -6.71 61.89
C ALA JB 313 53.34 -7.00 60.75
N SER JB 314 53.53 -6.36 59.60
CA SER JB 314 52.64 -6.59 58.47
C SER JB 314 52.85 -7.98 57.87
N THR JB 315 54.10 -8.42 57.81
CA THR JB 315 54.42 -9.73 57.25
C THR JB 315 53.82 -10.86 58.08
N ILE JB 316 53.80 -10.69 59.41
CA ILE JB 316 53.19 -11.68 60.28
C ILE JB 316 51.67 -11.69 60.10
N GLN JB 317 51.08 -10.50 59.88
CA GLN JB 317 49.64 -10.40 59.74
C GLN JB 317 49.15 -11.03 58.43
N ILE JB 318 49.94 -10.95 57.37
CA ILE JB 318 49.52 -11.47 56.08
C ILE JB 318 50.40 -12.68 55.77
N LEU JB 319 50.79 -13.41 56.81
CA LEU JB 319 51.70 -14.54 56.61
C LEU JB 319 51.04 -15.72 55.94
N GLY JB 320 49.72 -15.87 56.05
CA GLY JB 320 49.08 -17.02 55.47
C GLY JB 320 48.69 -16.87 54.02
N ALA JB 321 48.10 -15.73 53.68
CA ALA JB 321 47.48 -15.55 52.37
C ALA JB 321 48.45 -14.87 51.41
N GLU JB 322 49.47 -15.62 51.01
CA GLU JB 322 50.35 -15.14 49.96
C GLU JB 322 49.65 -15.13 48.61
N LYS JB 323 48.75 -16.09 48.40
CA LYS JB 323 48.00 -16.17 47.14
C LYS JB 323 47.06 -15.00 47.00
N ALA JB 324 46.37 -14.62 48.06
CA ALA JB 324 45.42 -13.53 47.98
C ALA JB 324 46.13 -12.17 47.97
N LEU JB 325 47.35 -12.10 48.51
CA LEU JB 325 48.05 -10.83 48.57
C LEU JB 325 48.72 -10.50 47.24
N PHE JB 326 49.57 -11.40 46.75
CA PHE JB 326 50.38 -11.10 45.58
C PHE JB 326 49.57 -11.08 44.31
N ARG JB 327 48.43 -11.78 44.27
CA ARG JB 327 47.50 -11.61 43.16
C ARG JB 327 46.91 -10.21 43.17
N ALA JB 328 46.50 -9.73 44.35
CA ALA JB 328 45.84 -8.44 44.44
C ALA JB 328 46.83 -7.29 44.28
N LEU JB 329 48.09 -7.50 44.66
CA LEU JB 329 49.09 -6.44 44.50
C LEU JB 329 49.45 -6.24 43.03
N LYS JB 330 49.44 -7.31 42.24
CA LYS JB 330 49.82 -7.21 40.84
C LYS JB 330 48.66 -6.85 39.93
N THR JB 331 47.44 -6.75 40.45
CA THR JB 331 46.28 -6.37 39.67
C THR JB 331 45.61 -5.10 40.18
N LYS JB 332 46.20 -4.45 41.19
CA LYS JB 332 45.69 -3.25 41.85
C LYS JB 332 44.29 -3.47 42.43
N HIS JB 333 44.24 -4.41 43.37
CA HIS JB 333 43.03 -4.67 44.14
C HIS JB 333 43.36 -4.59 45.62
N ASP JB 334 42.39 -4.95 46.44
CA ASP JB 334 42.55 -4.84 47.89
C ASP JB 334 43.25 -6.07 48.46
N THR JB 335 44.20 -5.84 49.36
CA THR JB 335 44.92 -6.92 49.99
C THR JB 335 44.05 -7.64 51.01
N PRO JB 336 44.36 -8.89 51.34
CA PRO JB 336 43.71 -9.53 52.49
C PRO JB 336 44.15 -8.88 53.79
N LYS JB 337 43.29 -9.02 54.80
CA LYS JB 337 43.54 -8.43 56.10
C LYS JB 337 43.76 -9.44 57.22
N TYR JB 338 43.66 -10.74 56.94
CA TYR JB 338 43.70 -11.76 57.98
C TYR JB 338 44.85 -12.73 57.83
N GLY JB 339 45.01 -13.35 56.67
CA GLY JB 339 46.06 -14.33 56.47
C GLY JB 339 45.83 -15.58 57.31
N LEU JB 340 46.91 -16.03 57.95
CA LEU JB 340 46.86 -17.21 58.81
C LEU JB 340 46.27 -16.90 60.19
N LEU JB 341 46.11 -15.63 60.52
CA LEU JB 341 45.73 -15.24 61.87
C LEU JB 341 44.22 -15.31 62.11
N TYR JB 342 43.43 -15.74 61.12
CA TYR JB 342 41.99 -15.90 61.33
C TYR JB 342 41.65 -16.96 62.35
N HIS JB 343 42.50 -17.97 62.50
CA HIS JB 343 42.23 -19.05 63.44
C HIS JB 343 42.75 -18.74 64.83
N ALA JB 344 43.29 -17.55 65.05
CA ALA JB 344 43.63 -17.12 66.40
C ALA JB 344 42.35 -16.91 67.22
N SER JB 345 42.48 -17.09 68.53
CA SER JB 345 41.31 -17.05 69.40
C SER JB 345 40.76 -15.63 69.51
N LEU JB 346 41.64 -14.64 69.61
CA LEU JB 346 41.18 -13.26 69.82
C LEU JB 346 40.57 -12.68 68.56
N VAL JB 347 41.01 -13.13 67.39
CA VAL JB 347 40.38 -12.70 66.15
C VAL JB 347 38.98 -13.27 66.02
N GLY JB 348 38.76 -14.48 66.54
CA GLY JB 348 37.43 -15.07 66.49
C GLY JB 348 36.43 -14.39 67.40
N GLN JB 349 36.90 -13.66 68.40
CA GLN JB 349 35.99 -12.95 69.30
C GLN JB 349 35.42 -11.70 68.66
N ALA JB 350 36.12 -11.12 67.68
CA ALA JB 350 35.66 -9.91 67.03
C ALA JB 350 34.65 -10.24 65.92
N THR JB 351 33.99 -9.20 65.42
CA THR JB 351 32.89 -9.36 64.45
C THR JB 351 33.06 -8.35 63.32
N GLY JB 352 33.20 -8.85 62.09
CA GLY JB 352 33.15 -8.01 60.91
C GLY JB 352 34.38 -7.15 60.67
N LYS JB 353 34.20 -5.82 60.74
CA LYS JB 353 35.32 -4.90 60.59
C LYS JB 353 36.27 -5.00 61.77
N ASN JB 354 35.77 -5.46 62.92
CA ASN JB 354 36.60 -5.52 64.11
C ASN JB 354 37.60 -6.65 64.03
N LYS JB 355 37.37 -7.63 63.15
CA LYS JB 355 38.30 -8.74 63.00
C LYS JB 355 39.61 -8.27 62.37
N GLY JB 356 39.53 -7.34 61.43
CA GLY JB 356 40.75 -6.77 60.86
C GLY JB 356 41.51 -5.91 61.85
N LYS JB 357 40.79 -5.15 62.68
CA LYS JB 357 41.42 -4.25 63.64
C LYS JB 357 42.14 -5.03 64.73
N ILE JB 358 41.55 -6.15 65.16
CA ILE JB 358 42.20 -7.00 66.16
C ILE JB 358 43.42 -7.68 65.57
N ALA JB 359 43.33 -8.15 64.32
CA ALA JB 359 44.40 -8.92 63.70
C ALA JB 359 45.64 -8.07 63.46
N ARG JB 360 45.47 -6.76 63.32
CA ARG JB 360 46.63 -5.88 63.26
C ARG JB 360 47.31 -5.78 64.62
N VAL JB 361 46.51 -5.53 65.67
CA VAL JB 361 47.05 -5.37 67.02
C VAL JB 361 47.62 -6.69 67.52
N LEU JB 362 46.97 -7.80 67.17
CA LEU JB 362 47.45 -9.11 67.61
C LEU JB 362 48.76 -9.48 66.94
N ALA JB 363 48.90 -9.18 65.64
CA ALA JB 363 50.14 -9.55 64.95
C ALA JB 363 51.28 -8.61 65.31
N ALA JB 364 50.97 -7.33 65.54
CA ALA JB 364 52.01 -6.39 65.96
C ALA JB 364 52.51 -6.72 67.35
N LYS JB 365 51.60 -7.16 68.23
CA LYS JB 365 52.03 -7.66 69.54
C LYS JB 365 52.75 -9.00 69.41
N ALA JB 366 52.34 -9.83 68.45
CA ALA JB 366 53.02 -11.10 68.23
C ALA JB 366 54.41 -10.90 67.66
N ALA JB 367 54.59 -9.86 66.84
CA ALA JB 367 55.92 -9.51 66.37
C ALA JB 367 56.81 -9.08 67.52
N VAL JB 368 56.26 -8.30 68.45
CA VAL JB 368 56.97 -7.92 69.67
C VAL JB 368 57.25 -9.14 70.53
N SER JB 369 56.26 -10.04 70.64
CA SER JB 369 56.42 -11.24 71.44
C SER JB 369 57.44 -12.20 70.82
N LEU JB 370 57.46 -12.31 69.49
CA LEU JB 370 58.41 -13.21 68.84
C LEU JB 370 59.83 -12.67 68.92
N ARG JB 371 60.01 -11.34 68.86
CA ARG JB 371 61.34 -10.78 68.96
C ARG JB 371 61.90 -10.92 70.37
N TYR JB 372 61.02 -10.96 71.38
CA TYR JB 372 61.46 -11.30 72.73
C TYR JB 372 61.87 -12.76 72.83
N ASP JB 373 61.31 -13.61 71.97
CA ASP JB 373 61.48 -15.05 72.14
C ASP JB 373 62.71 -15.57 71.43
N ALA JB 374 62.97 -15.11 70.21
CA ALA JB 374 63.99 -15.73 69.36
C ALA JB 374 65.41 -15.35 69.75
N LEU JB 375 65.61 -14.39 70.65
CA LEU JB 375 66.93 -13.88 70.98
C LEU JB 375 67.28 -13.97 72.45
N ALA JB 376 66.44 -14.64 73.26
CA ALA JB 376 66.49 -14.48 74.70
C ALA JB 376 67.63 -15.26 75.34
N GLU JB 377 68.29 -14.62 76.30
CA GLU JB 377 69.25 -15.27 77.18
C GLU JB 377 68.72 -15.40 78.61
N ASP JB 378 68.07 -14.37 79.13
CA ASP JB 378 67.42 -14.42 80.43
C ASP JB 378 65.93 -14.75 80.32
N ARG JB 379 65.60 -15.83 79.63
CA ARG JB 379 64.21 -16.24 79.48
C ARG JB 379 63.81 -17.11 80.66
N ASP JB 380 62.74 -16.73 81.35
CA ASP JB 380 62.23 -17.49 82.49
C ASP JB 380 61.30 -18.61 82.06
N ASP JB 381 61.00 -18.72 80.76
CA ASP JB 381 60.11 -19.72 80.16
C ASP JB 381 58.70 -19.68 80.73
N SER JB 382 58.27 -18.52 81.23
CA SER JB 382 56.92 -18.35 81.74
C SER JB 382 56.05 -17.49 80.84
N GLY JB 383 56.66 -16.77 79.90
CA GLY JB 383 55.91 -15.96 78.96
C GLY JB 383 55.20 -14.77 79.58
N ASP JB 384 55.86 -14.06 80.48
CA ASP JB 384 55.23 -12.94 81.16
C ASP JB 384 55.02 -11.75 80.22
N ILE JB 385 55.95 -11.54 79.30
CA ILE JB 385 55.79 -10.47 78.30
C ILE JB 385 54.66 -10.81 77.36
N GLY JB 386 54.47 -12.09 77.05
CA GLY JB 386 53.32 -12.50 76.26
C GLY JB 386 52.01 -12.30 76.99
N LEU JB 387 52.01 -12.50 78.31
CA LEU JB 387 50.78 -12.38 79.09
C LEU JB 387 50.34 -10.94 79.21
N GLU JB 388 51.28 -10.01 79.42
CA GLU JB 388 50.91 -8.60 79.50
C GLU JB 388 50.57 -8.03 78.13
N SER JB 389 51.10 -8.62 77.06
CA SER JB 389 50.72 -8.20 75.72
C SER JB 389 49.30 -8.66 75.39
N ARG JB 390 48.88 -9.80 75.94
CA ARG JB 390 47.53 -10.29 75.70
C ARG JB 390 46.51 -9.40 76.40
N ALA JB 391 46.86 -8.84 77.56
CA ALA JB 391 45.94 -7.97 78.28
C ALA JB 391 45.70 -6.68 77.50
N LYS JB 392 46.74 -6.15 76.85
CA LYS JB 392 46.58 -4.92 76.09
C LYS JB 392 45.82 -5.16 74.80
N VAL JB 393 45.90 -6.38 74.24
CA VAL JB 393 45.02 -6.74 73.13
C VAL JB 393 43.59 -6.90 73.63
N GLU JB 394 43.42 -7.52 74.80
CA GLU JB 394 42.10 -7.65 75.40
C GLU JB 394 41.52 -6.31 75.80
N ASN JB 395 42.37 -5.39 76.26
CA ASN JB 395 41.90 -4.04 76.55
C ASN JB 395 41.55 -3.29 75.28
N ARG JB 396 42.29 -3.54 74.20
CA ARG JB 396 41.94 -2.96 72.90
C ARG JB 396 40.64 -3.55 72.38
N LEU JB 397 40.45 -4.87 72.56
CA LEU JB 397 39.23 -5.52 72.12
C LEU JB 397 38.03 -5.06 72.92
N SER JB 398 38.20 -4.83 74.22
CA SER JB 398 37.12 -4.31 75.05
C SER JB 398 36.74 -2.90 74.64
N GLN JB 399 37.73 -2.10 74.23
CA GLN JB 399 37.44 -0.79 73.65
C GLN JB 399 36.75 -0.94 72.31
N LEU JB 400 37.14 -1.96 71.53
CA LEU JB 400 36.60 -2.13 70.19
C LEU JB 400 35.17 -2.66 70.21
N GLU JB 401 34.88 -3.62 71.10
CA GLU JB 401 33.54 -4.18 71.16
C GLU JB 401 32.55 -3.23 71.82
N GLY JB 402 33.01 -2.43 72.78
CA GLY JB 402 32.14 -1.44 73.40
C GLY JB 402 31.81 -0.27 72.49
N ARG JB 403 32.60 -0.06 71.44
CA ARG JB 403 32.33 0.96 70.46
C ARG JB 403 31.10 0.58 69.65
N ASP JB 404 29.98 1.23 69.91
CA ASP JB 404 28.75 0.96 69.19
C ASP JB 404 28.85 1.49 67.76
N LEU JB 405 28.01 0.92 66.88
CA LEU JB 405 28.01 1.27 65.47
C LEU JB 405 26.90 2.26 65.14
N ARG JB 406 25.67 1.93 65.50
CA ARG JB 406 24.51 2.76 65.19
C ARG JB 406 24.16 3.67 66.36
N THR JB 407 23.46 4.76 66.04
CA THR JB 407 23.15 5.78 67.03
C THR JB 407 22.09 5.30 68.00
N THR JB 408 22.17 5.79 69.23
CA THR JB 408 21.22 5.48 70.29
C THR JB 408 20.40 6.74 70.59
N PRO JB 409 19.15 6.81 70.13
CA PRO JB 409 18.35 8.01 70.38
C PRO JB 409 17.99 8.16 71.85
N LYS JB 410 18.15 9.37 72.36
CA LYS JB 410 17.97 9.63 73.77
C LYS JB 410 16.49 9.76 74.11
N VAL JB 411 16.22 10.07 75.39
CA VAL JB 411 14.86 10.12 75.88
C VAL JB 411 14.14 11.34 75.32
N VAL JB 412 13.01 11.11 74.69
CA VAL JB 412 12.30 12.19 74.01
C VAL JB 412 11.52 13.02 75.03
N ARG JB 413 11.80 14.32 75.05
CA ARG JB 413 11.17 15.26 75.97
C ARG JB 413 10.40 16.28 75.15
N GLU JB 414 9.13 15.96 74.87
CA GLU JB 414 8.26 16.83 74.11
C GLU JB 414 7.09 17.24 74.99
N ALA JB 415 6.76 18.52 74.95
CA ALA JB 415 5.63 19.03 75.71
C ALA JB 415 4.33 18.55 75.10
N LYS JB 416 3.43 18.05 75.94
CA LYS JB 416 2.10 17.73 75.46
C LYS JB 416 1.20 18.95 75.58
N LYS JB 417 0.13 18.94 74.79
CA LYS JB 417 -0.89 19.98 74.87
C LYS JB 417 -1.61 19.87 76.21
N VAL JB 418 -1.61 20.94 76.99
CA VAL JB 418 -2.28 20.97 78.28
C VAL JB 418 -3.50 21.87 78.21
N GLU JB 419 -4.65 21.32 78.60
CA GLU JB 419 -5.92 22.02 78.51
C GLU JB 419 -6.44 22.31 79.92
N MET JB 420 -7.28 23.32 80.00
CA MET JB 420 -7.99 23.63 81.23
C MET JB 420 -9.01 22.52 81.51
N THR JB 421 -8.98 21.97 82.72
CA THR JB 421 -9.90 20.91 83.12
C THR JB 421 -10.83 21.43 84.20
N GLU JB 422 -12.08 20.97 84.16
CA GLU JB 422 -13.04 21.34 85.19
C GLU JB 422 -12.70 20.66 86.50
N ALA JB 423 -12.59 21.45 87.57
CA ALA JB 423 -12.23 20.92 88.87
C ALA JB 423 -13.10 21.60 89.93
N ARG JB 424 -13.23 20.91 91.06
CA ARG JB 424 -14.12 21.36 92.13
C ARG JB 424 -13.38 22.27 93.10
N ALA JB 425 -14.16 23.02 93.88
CA ALA JB 425 -13.61 23.95 94.86
C ALA JB 425 -14.59 24.03 96.03
N TYR JB 426 -14.44 25.08 96.84
CA TYR JB 426 -15.21 25.25 98.06
C TYR JB 426 -15.89 26.60 98.05
N ASN JB 427 -17.11 26.64 98.57
CA ASN JB 427 -17.91 27.86 98.63
C ASN JB 427 -17.87 28.41 100.05
N ALA JB 428 -17.62 29.71 100.16
CA ALA JB 428 -17.52 30.31 101.50
C ALA JB 428 -18.86 30.75 102.04
N ASP JB 429 -19.89 30.89 101.20
CA ASP JB 429 -21.18 31.35 101.71
C ASP JB 429 -21.90 30.24 102.45
N ALA JB 430 -21.64 28.98 102.12
CA ALA JB 430 -22.09 27.88 102.95
C ALA JB 430 -21.24 27.71 104.19
N ASP JB 431 -20.01 28.26 104.18
CA ASP JB 431 -19.17 28.18 105.36
C ASP JB 431 -19.61 29.18 106.43
N THR JB 432 -20.34 30.22 106.03
CA THR JB 432 -20.91 31.15 106.98
C THR JB 432 -22.33 30.71 107.36
N ALA JB 433 -22.80 31.23 108.48
CA ALA JB 433 -24.13 30.86 108.96
C ALA JB 433 -24.69 31.98 109.81
N LYS JB 434 -26.02 32.01 109.91
CA LYS JB 434 -26.75 33.07 110.58
C LYS JB 434 -27.25 32.58 111.94
N ALA JB 435 -27.32 33.50 112.89
CA ALA JB 435 -27.75 33.18 114.24
C ALA JB 435 -29.24 32.83 114.28
N ALA JB 436 -29.65 32.21 115.38
CA ALA JB 436 -31.02 31.77 115.56
C ALA JB 436 -31.99 32.94 115.77
N ARG KB 1 113.15 -31.85 24.81
CA ARG KB 1 112.14 -31.17 25.62
C ARG KB 1 111.00 -30.64 24.76
N LYS KB 2 111.11 -30.88 23.44
CA LYS KB 2 110.10 -30.38 22.53
C LYS KB 2 108.82 -31.21 22.60
N TYR KB 3 108.94 -32.47 23.01
CA TYR KB 3 107.77 -33.34 23.05
C TYR KB 3 106.87 -33.00 24.24
N LEU KB 4 107.46 -32.70 25.40
CA LEU KB 4 106.67 -32.37 26.58
C LEU KB 4 106.12 -30.95 26.49
N ASN KB 5 106.89 -30.03 25.90
CA ASN KB 5 106.45 -28.64 25.84
C ASN KB 5 105.35 -28.44 24.81
N LYS KB 6 105.31 -29.27 23.76
CA LYS KB 6 104.23 -29.19 22.79
C LYS KB 6 102.93 -29.69 23.38
N LEU KB 7 103.00 -30.71 24.25
CA LEU KB 7 101.80 -31.20 24.91
C LEU KB 7 101.25 -30.20 25.91
N ILE KB 8 102.15 -29.45 26.57
CA ILE KB 8 101.72 -28.37 27.46
C ILE KB 8 101.10 -27.24 26.65
N LYS KB 9 101.69 -26.92 25.50
CA LYS KB 9 101.14 -25.87 24.64
C LYS KB 9 99.83 -26.32 24.00
N ARG KB 10 99.66 -27.62 23.77
CA ARG KB 10 98.40 -28.13 23.24
C ARG KB 10 97.27 -28.01 24.24
N ASN KB 11 97.56 -28.27 25.52
CA ASN KB 11 96.54 -28.10 26.55
C ASN KB 11 96.32 -26.63 26.87
N SER KB 12 97.34 -25.80 26.68
CA SER KB 12 97.19 -24.36 26.90
C SER KB 12 96.32 -23.73 25.82
N GLN KB 13 96.49 -24.14 24.57
CA GLN KB 13 95.66 -23.61 23.49
C GLN KB 13 94.25 -24.20 23.54
N ASN KB 14 94.09 -25.34 24.22
CA ASN KB 14 92.75 -25.90 24.39
C ASN KB 14 91.93 -25.08 25.36
N LEU KB 15 92.56 -24.53 26.40
CA LEU KB 15 91.83 -23.80 27.42
C LEU KB 15 91.73 -22.30 27.09
N ARG KB 16 92.86 -21.70 26.69
CA ARG KB 16 92.90 -20.25 26.47
C ARG KB 16 92.07 -19.81 25.26
N SER KB 17 91.91 -20.67 24.26
CA SER KB 17 91.02 -20.33 23.15
C SER KB 17 89.56 -20.52 23.53
N TRP KB 18 89.27 -21.46 24.44
CA TRP KB 18 87.90 -21.80 24.78
C TRP KB 18 87.43 -21.16 26.09
N ASP KB 19 88.26 -20.38 26.75
CA ASP KB 19 87.88 -19.71 27.99
C ASP KB 19 88.32 -18.26 27.99
N LEU KB 20 88.05 -17.56 26.89
CA LEU KB 20 88.41 -16.16 26.76
C LEU KB 20 87.25 -15.42 26.10
N GLU KB 21 87.49 -14.16 25.77
CA GLU KB 21 86.51 -13.35 25.03
C GLU KB 21 87.32 -12.37 24.17
N GLU KB 22 87.56 -12.76 22.92
CA GLU KB 22 88.39 -11.95 22.03
C GLU KB 22 87.62 -10.73 21.54
N GLU KB 23 86.51 -10.95 20.84
CA GLU KB 23 85.69 -9.85 20.35
C GLU KB 23 84.81 -9.25 21.45
N VAL KB 24 84.64 -9.96 22.56
CA VAL KB 24 83.85 -9.47 23.68
C VAL KB 24 84.71 -8.94 24.81
N ARG KB 25 85.97 -8.57 24.52
CA ARG KB 25 86.85 -8.04 25.55
C ARG KB 25 86.47 -6.63 25.98
N ASP KB 26 85.72 -5.91 25.16
CA ASP KB 26 85.32 -4.54 25.47
C ASP KB 26 83.91 -4.47 26.05
N GLU KB 27 82.96 -5.19 25.44
CA GLU KB 27 81.58 -5.09 25.87
C GLU KB 27 81.34 -5.81 27.20
N LEU KB 28 82.00 -6.95 27.41
CA LEU KB 28 81.84 -7.67 28.67
C LEU KB 28 82.64 -7.05 29.80
N GLU KB 29 83.50 -6.07 29.52
CA GLU KB 29 84.17 -5.29 30.54
C GLU KB 29 83.45 -3.99 30.86
N ASP KB 30 82.80 -3.39 29.86
CA ASP KB 30 82.04 -2.17 30.10
C ASP KB 30 80.73 -2.49 30.82
N ILE KB 31 80.08 -3.60 30.45
CA ILE KB 31 78.85 -4.00 31.11
C ILE KB 31 79.14 -4.49 32.53
N GLN KB 32 80.32 -5.08 32.75
CA GLN KB 32 80.67 -5.55 34.09
C GLN KB 32 80.95 -4.39 35.03
N GLN KB 33 81.52 -3.30 34.50
CA GLN KB 33 81.70 -2.11 35.33
C GLN KB 33 80.38 -1.41 35.61
N SER KB 34 79.42 -1.52 34.69
CA SER KB 34 78.11 -0.93 34.92
C SER KB 34 77.28 -1.78 35.87
N ILE KB 35 77.43 -3.10 35.81
CA ILE KB 35 76.68 -3.99 36.71
C ILE KB 35 77.21 -3.87 38.13
N LEU KB 36 78.53 -3.77 38.29
CA LEU KB 36 79.12 -3.62 39.61
C LEU KB 36 79.08 -2.19 40.12
N LYS KB 37 78.65 -1.23 39.31
CA LYS KB 37 78.54 0.16 39.73
C LYS KB 37 77.44 0.87 38.97
N PHE KB 67 75.80 15.14 11.39
CA PHE KB 67 74.80 14.22 11.94
C PHE KB 67 74.21 14.75 13.24
N VAL KB 68 73.10 15.49 13.12
CA VAL KB 68 72.29 15.90 14.25
C VAL KB 68 70.87 15.36 14.03
N LYS KB 69 70.25 14.93 15.12
CA LYS KB 69 68.97 14.22 15.06
C LYS KB 69 67.88 15.07 15.70
N ASP KB 70 66.79 15.29 14.98
CA ASP KB 70 65.69 16.08 15.48
C ASP KB 70 64.69 15.18 16.20
N HIS KB 71 64.07 15.74 17.25
CA HIS KB 71 63.09 14.97 18.01
C HIS KB 71 61.79 14.82 17.23
N ARG KB 72 61.40 15.83 16.47
CA ARG KB 72 60.06 15.87 15.90
C ARG KB 72 60.01 15.93 14.37
N TYR KB 73 61.06 16.35 13.69
CA TYR KB 73 61.12 16.31 12.23
C TYR KB 73 62.09 15.22 11.80
N PRO KB 74 61.63 14.12 11.22
CA PRO KB 74 62.57 13.08 10.77
C PRO KB 74 63.41 13.41 9.53
N GLY KB 75 63.18 14.54 8.86
CA GLY KB 75 64.03 14.98 7.78
C GLY KB 75 64.97 16.08 8.20
N LEU KB 76 65.87 15.81 9.14
CA LEU KB 76 66.90 16.77 9.52
C LEU KB 76 68.22 16.32 8.89
N THR KB 77 68.70 15.14 9.24
CA THR KB 77 69.92 14.56 8.67
C THR KB 77 69.95 14.24 7.16
N PRO KB 78 68.84 14.02 6.42
CA PRO KB 78 69.03 13.84 4.97
C PRO KB 78 69.47 15.09 4.22
N GLY KB 79 68.88 16.25 4.53
CA GLY KB 79 69.02 17.38 3.61
C GLY KB 79 70.03 18.46 3.97
N LEU KB 80 70.62 18.38 5.15
CA LEU KB 80 71.55 19.42 5.58
C LEU KB 80 72.88 19.38 4.86
N ALA KB 81 73.36 20.56 4.51
CA ALA KB 81 74.60 20.74 3.78
C ALA KB 81 75.79 20.47 4.70
N PRO KB 82 76.73 19.64 4.30
CA PRO KB 82 77.95 19.48 5.10
C PRO KB 82 78.84 20.71 4.99
N VAL KB 83 78.90 21.48 6.06
CA VAL KB 83 79.66 22.73 6.06
C VAL KB 83 81.15 22.41 6.18
N GLY KB 84 81.92 22.87 5.20
CA GLY KB 84 83.35 22.72 5.21
C GLY KB 84 84.04 24.03 5.58
N LEU KB 85 85.37 23.95 5.69
CA LEU KB 85 86.15 25.14 6.05
C LEU KB 85 86.17 26.16 4.92
N SER KB 86 86.16 25.70 3.66
CA SER KB 86 86.11 26.60 2.52
C SER KB 86 84.79 27.36 2.46
N ASP KB 87 83.72 26.76 2.98
CA ASP KB 87 82.43 27.43 3.03
C ASP KB 87 82.36 28.49 4.13
N GLU KB 88 83.27 28.42 5.10
CA GLU KB 88 83.36 29.42 6.16
C GLU KB 88 84.38 30.52 5.86
N GLU KB 89 85.19 30.35 4.81
CA GLU KB 89 86.32 31.23 4.56
C GLU KB 89 86.24 31.98 3.24
N ASP KB 90 85.73 31.34 2.18
CA ASP KB 90 85.72 31.93 0.85
C ASP KB 90 84.69 33.05 0.79
N SER KB 91 85.16 34.29 0.89
CA SER KB 91 84.29 35.47 0.77
C SER KB 91 84.11 35.79 -0.72
N SER KB 92 83.31 34.98 -1.38
CA SER KB 92 83.14 35.08 -2.82
C SER KB 92 81.81 34.50 -3.27
N GLN LB 1 29.74 -101.75 -79.80
CA GLN LB 1 30.61 -100.60 -79.63
C GLN LB 1 30.99 -100.41 -78.17
N ARG LB 2 32.26 -100.11 -77.93
CA ARG LB 2 32.76 -99.90 -76.58
C ARG LB 2 32.32 -98.52 -76.07
N GLN LB 3 32.47 -98.32 -74.77
CA GLN LB 3 32.10 -97.06 -74.13
C GLN LB 3 33.17 -96.02 -74.43
N THR LB 4 32.83 -95.01 -75.22
CA THR LB 4 33.75 -93.95 -75.57
C THR LB 4 33.19 -92.54 -75.45
N THR LB 5 31.87 -92.37 -75.40
CA THR LB 5 31.24 -91.06 -75.34
C THR LB 5 30.56 -90.89 -73.99
N LYS LB 6 30.77 -89.74 -73.37
CA LYS LB 6 30.14 -89.44 -72.09
C LYS LB 6 28.66 -89.13 -72.28
N SER LB 7 27.86 -89.50 -71.28
CA SER LB 7 26.42 -89.30 -71.32
C SER LB 7 25.99 -88.39 -70.17
N SER LB 8 24.91 -87.65 -70.40
CA SER LB 8 24.39 -86.72 -69.41
C SER LB 8 23.48 -87.38 -68.39
N LYS LB 9 23.16 -88.66 -68.55
CA LYS LB 9 22.30 -89.36 -67.60
C LYS LB 9 23.08 -89.77 -66.36
N ARG LB 10 22.35 -90.04 -65.29
CA ARG LB 10 22.94 -90.45 -64.02
C ARG LB 10 22.74 -91.93 -63.72
N TYR LB 11 22.25 -92.71 -64.68
CA TYR LB 11 22.00 -94.14 -64.48
C TYR LB 11 22.52 -94.93 -65.67
N ARG LB 12 22.86 -96.19 -65.43
CA ARG LB 12 23.39 -97.07 -66.44
C ARG LB 12 22.60 -98.38 -66.46
N TYR LB 13 22.89 -99.23 -67.45
CA TYR LB 13 22.20 -100.51 -67.59
C TYR LB 13 22.66 -101.54 -66.57
N SER LB 14 23.87 -101.37 -66.02
CA SER LB 14 24.45 -102.24 -64.99
C SER LB 14 24.56 -103.69 -65.46
N SER LB 15 25.35 -103.90 -66.50
CA SER LB 15 25.62 -105.24 -67.00
C SER LB 15 26.51 -106.00 -66.02
N PHE LB 16 26.23 -107.28 -65.84
CA PHE LB 16 26.95 -108.08 -64.87
C PHE LB 16 28.37 -108.39 -65.34
N LYS LB 17 28.53 -108.74 -66.61
CA LYS LB 17 29.87 -109.03 -67.14
C LYS LB 17 30.71 -107.77 -67.29
N ALA LB 18 30.07 -106.63 -67.56
CA ALA LB 18 30.81 -105.38 -67.67
C ALA LB 18 31.29 -104.90 -66.31
N ARG LB 19 30.46 -105.05 -65.27
CA ARG LB 19 30.87 -104.66 -63.92
C ARG LB 19 31.91 -105.60 -63.35
N ILE LB 20 31.89 -106.88 -63.75
CA ILE LB 20 32.91 -107.82 -63.32
C ILE LB 20 34.25 -107.49 -63.97
N ASP LB 21 34.23 -107.07 -65.22
CA ASP LB 21 35.47 -106.66 -65.89
C ASP LB 21 35.97 -105.32 -65.36
N ASP LB 22 35.06 -104.40 -65.06
CA ASP LB 22 35.44 -103.08 -64.54
C ASP LB 22 35.94 -103.15 -63.10
N LEU LB 23 35.54 -104.16 -62.34
CA LEU LB 23 36.01 -104.30 -60.98
C LEU LB 23 37.47 -104.74 -60.96
N LYS LB 24 38.22 -104.26 -59.97
CA LYS LB 24 39.63 -104.62 -59.82
C LYS LB 24 39.72 -106.06 -59.32
N ILE LB 25 40.23 -106.95 -60.18
CA ILE LB 25 40.38 -108.35 -59.81
C ILE LB 25 41.46 -108.51 -58.75
N GLU LB 26 42.54 -107.72 -58.84
CA GLU LB 26 43.57 -107.73 -57.81
C GLU LB 26 43.19 -106.74 -56.71
N PRO LB 27 42.73 -107.22 -55.56
CA PRO LB 27 42.42 -106.29 -54.45
C PRO LB 27 43.65 -105.67 -53.81
N ALA LB 28 44.83 -106.28 -53.99
CA ALA LB 28 46.05 -105.63 -53.55
C ALA LB 28 46.38 -104.42 -54.41
N ARG LB 29 45.99 -104.44 -55.68
CA ARG LB 29 46.12 -103.27 -56.53
C ARG LB 29 45.16 -102.15 -56.09
N ASN LB 30 43.98 -102.51 -55.59
CA ASN LB 30 43.08 -101.53 -55.02
C ASN LB 30 43.61 -101.05 -53.68
N LEU LB 31 43.32 -99.79 -53.37
CA LEU LB 31 43.79 -99.16 -52.14
C LEU LB 31 42.61 -98.62 -51.36
N GLU LB 32 42.57 -98.93 -50.07
CA GLU LB 32 41.49 -98.46 -49.19
C GLU LB 32 42.00 -98.45 -47.76
N LYS LB 33 41.27 -97.73 -46.90
CA LYS LB 33 41.58 -97.65 -45.48
C LYS LB 33 40.65 -98.58 -44.70
N ARG LB 34 41.20 -99.19 -43.65
CA ARG LB 34 40.47 -100.16 -42.86
C ARG LB 34 40.43 -99.72 -41.40
N VAL LB 35 39.24 -99.74 -40.81
CA VAL LB 35 39.11 -99.46 -39.38
C VAL LB 35 39.70 -100.58 -38.55
N HIS LB 36 39.63 -101.82 -39.05
CA HIS LB 36 40.23 -102.95 -38.35
C HIS LB 36 41.76 -102.87 -38.36
N ASP LB 37 42.34 -102.25 -39.38
CA ASP LB 37 43.78 -101.99 -39.37
C ASP LB 37 44.15 -100.93 -38.35
N TYR LB 38 43.23 -100.00 -38.07
CA TYR LB 38 43.49 -99.01 -37.02
C TYR LB 38 43.44 -99.63 -35.64
N VAL LB 39 42.56 -100.59 -35.43
CA VAL LB 39 42.48 -101.27 -34.14
C VAL LB 39 43.57 -102.34 -34.05
N GLU LB 40 43.93 -102.71 -32.82
CA GLU LB 40 44.99 -103.67 -32.58
C GLU LB 40 44.66 -104.63 -31.44
N SER LB 41 43.38 -104.96 -31.26
CA SER LB 41 42.99 -105.80 -30.14
C SER LB 41 42.93 -107.28 -30.51
N SER LB 42 42.06 -107.65 -31.45
CA SER LB 42 41.88 -109.03 -31.87
C SER LB 42 41.22 -109.04 -33.24
N HIS LB 43 41.40 -110.15 -33.97
CA HIS LB 43 40.91 -110.26 -35.33
C HIS LB 43 39.74 -111.22 -35.46
N PHE LB 44 39.90 -112.47 -35.02
CA PHE LB 44 38.86 -113.48 -35.23
C PHE LB 44 37.67 -113.28 -34.30
N LEU LB 45 37.94 -112.95 -33.03
CA LEU LB 45 36.86 -112.83 -32.06
C LEU LB 45 36.09 -111.52 -32.25
N ALA LB 46 36.77 -110.46 -32.68
CA ALA LB 46 36.11 -109.17 -32.85
C ALA LB 46 35.22 -109.16 -34.09
N SER LB 47 35.69 -109.77 -35.18
CA SER LB 47 34.90 -109.76 -36.42
C SER LB 47 33.71 -110.71 -36.35
N PHE LB 48 33.85 -111.81 -35.61
CA PHE LB 48 32.73 -112.75 -35.47
C PHE LB 48 31.61 -112.15 -34.63
N ASP LB 49 31.95 -111.41 -33.58
CA ASP LB 49 30.95 -110.72 -32.79
C ASP LB 49 30.36 -109.54 -33.56
N GLN LB 50 31.17 -108.90 -34.40
CA GLN LB 50 30.65 -107.84 -35.26
C GLN LB 50 29.72 -108.41 -36.32
N TRP LB 51 30.05 -109.57 -36.88
CA TRP LB 51 29.14 -110.24 -37.80
C TRP LB 51 27.91 -110.78 -37.07
N LYS LB 52 28.06 -111.10 -35.78
CA LYS LB 52 26.90 -111.51 -34.98
C LYS LB 52 25.97 -110.33 -34.73
N GLU LB 53 26.52 -109.12 -34.63
CA GLU LB 53 25.71 -107.95 -34.34
C GLU LB 53 25.14 -107.33 -35.62
N ILE LB 54 25.99 -107.15 -36.64
CA ILE LB 54 25.56 -106.42 -37.83
C ILE LB 54 24.69 -107.29 -38.73
N ASN LB 55 25.19 -108.48 -39.08
CA ASN LB 55 24.45 -109.36 -39.96
C ASN LB 55 23.27 -109.99 -39.22
N LEU LB 56 22.26 -110.39 -39.99
CA LEU LB 56 21.00 -110.84 -39.40
C LEU LB 56 20.42 -111.94 -40.31
N SER LB 57 20.63 -113.20 -39.92
CA SER LB 57 20.04 -114.33 -40.63
C SER LB 57 19.85 -115.46 -39.62
N ALA LB 58 19.36 -116.60 -40.10
CA ALA LB 58 19.03 -117.72 -39.22
C ALA LB 58 20.27 -118.54 -38.86
N LYS LB 59 20.89 -119.16 -39.87
CA LYS LB 59 22.08 -119.97 -39.61
C LYS LB 59 23.32 -119.10 -39.41
N PHE LB 60 23.30 -117.86 -39.90
CA PHE LB 60 24.40 -116.94 -39.65
C PHE LB 60 24.46 -116.55 -38.18
N THR LB 61 23.30 -116.41 -37.54
CA THR LB 61 23.28 -116.20 -36.10
C THR LB 61 23.71 -117.47 -35.36
N GLU LB 62 23.44 -118.63 -35.94
CA GLU LB 62 23.88 -119.88 -35.34
C GLU LB 62 25.39 -120.04 -35.45
N PHE LB 63 25.97 -119.65 -36.59
CA PHE LB 63 27.40 -119.81 -36.80
C PHE LB 63 28.21 -118.78 -36.03
N ALA LB 64 27.76 -117.52 -36.02
CA ALA LB 64 28.56 -116.46 -35.41
C ALA LB 64 28.51 -116.51 -33.89
N ALA LB 65 27.40 -116.96 -33.30
CA ALA LB 65 27.34 -117.10 -31.86
C ALA LB 65 28.16 -118.30 -31.39
N GLU LB 66 28.24 -119.35 -32.21
CA GLU LB 66 29.09 -120.49 -31.87
C GLU LB 66 30.56 -120.13 -31.96
N ILE LB 67 30.93 -119.28 -32.93
CA ILE LB 67 32.32 -118.86 -33.06
C ILE LB 67 32.71 -117.92 -31.92
N GLU LB 68 31.82 -116.98 -31.57
CA GLU LB 68 32.15 -115.98 -30.55
C GLU LB 68 32.17 -116.59 -29.15
N HIS LB 69 31.35 -117.61 -28.90
CA HIS LB 69 31.40 -118.29 -27.61
C HIS LB 69 32.63 -119.18 -27.50
N ASP LB 70 33.04 -119.81 -28.61
CA ASP LB 70 34.21 -120.67 -28.59
C ASP LB 70 35.50 -119.85 -28.66
N VAL LB 71 35.59 -118.95 -29.64
CA VAL LB 71 36.78 -118.10 -29.81
C VAL LB 71 36.48 -116.80 -29.05
N GLN LB 72 36.78 -116.81 -27.76
CA GLN LB 72 36.66 -115.61 -26.93
C GLN LB 72 37.97 -114.84 -26.82
N THR LB 73 39.09 -115.45 -27.20
CA THR LB 73 40.40 -114.80 -27.16
C THR LB 73 41.29 -115.47 -28.21
N LEU LB 74 42.56 -115.08 -28.22
CA LEU LB 74 43.52 -115.70 -29.13
C LEU LB 74 43.76 -117.17 -28.78
N PRO LB 75 43.99 -117.55 -27.53
CA PRO LB 75 44.13 -118.98 -27.22
C PRO LB 75 42.83 -119.76 -27.30
N GLN LB 76 41.69 -119.07 -27.14
CA GLN LB 76 40.40 -119.74 -27.30
C GLN LB 76 40.12 -120.04 -28.76
N ILE LB 77 40.62 -119.20 -29.67
CA ILE LB 77 40.51 -119.48 -31.10
C ILE LB 77 41.40 -120.66 -31.48
N LEU LB 78 42.59 -120.75 -30.88
CA LEU LB 78 43.47 -121.88 -31.14
C LEU LB 78 42.92 -123.16 -30.51
N TYR LB 79 42.24 -123.03 -29.37
CA TYR LB 79 41.60 -124.20 -28.77
C TYR LB 79 40.42 -124.69 -29.61
N HIS LB 80 39.69 -123.76 -30.21
CA HIS LB 80 38.57 -124.09 -31.09
C HIS LB 80 38.95 -124.06 -32.56
N ASP LB 81 40.24 -124.21 -32.87
CA ASP LB 81 40.69 -124.20 -34.26
C ASP LB 81 40.19 -125.44 -35.00
N LYS LB 82 40.14 -126.59 -34.32
CA LYS LB 82 39.55 -127.78 -34.91
C LYS LB 82 38.04 -127.61 -35.08
N LYS LB 83 37.39 -126.96 -34.12
CA LYS LB 83 35.95 -126.71 -34.24
C LYS LB 83 35.65 -125.65 -35.29
N ILE LB 84 36.60 -124.75 -35.54
CA ILE LB 84 36.40 -123.74 -36.58
C ILE LB 84 36.43 -124.37 -37.96
N PHE LB 85 37.26 -125.40 -38.15
CA PHE LB 85 37.35 -126.08 -39.44
C PHE LB 85 36.09 -126.86 -39.76
N ASN LB 86 35.49 -127.51 -38.76
CA ASN LB 86 34.24 -128.21 -38.97
C ASN LB 86 33.09 -127.23 -39.20
N SER LB 87 33.12 -126.08 -38.50
CA SER LB 87 32.10 -125.07 -38.69
C SER LB 87 32.21 -124.38 -40.05
N LEU LB 88 33.44 -124.20 -40.54
CA LEU LB 88 33.65 -123.62 -41.86
C LEU LB 88 33.17 -124.58 -42.95
N VAL LB 89 33.28 -125.89 -42.70
CA VAL LB 89 32.71 -126.88 -43.60
C VAL LB 89 31.19 -126.81 -43.54
N SER LB 90 30.64 -126.58 -42.35
CA SER LB 90 29.19 -126.50 -42.20
C SER LB 90 28.63 -125.20 -42.76
N PHE LB 91 29.38 -124.10 -42.61
CA PHE LB 91 28.90 -122.80 -43.09
C PHE LB 91 28.94 -122.73 -44.62
N ILE LB 92 29.95 -123.35 -45.23
CA ILE LB 92 30.00 -123.45 -46.69
C ILE LB 92 28.90 -124.36 -47.19
N ASN LB 93 28.51 -125.37 -46.40
CA ASN LB 93 27.43 -126.27 -46.79
C ASN LB 93 26.07 -125.58 -46.70
N PHE LB 94 25.94 -124.53 -45.90
CA PHE LB 94 24.68 -123.81 -45.81
C PHE LB 94 24.39 -123.05 -47.10
N HIS LB 95 25.37 -122.28 -47.58
CA HIS LB 95 25.34 -121.54 -48.84
C HIS LB 95 24.16 -120.57 -48.92
N ASP LB 96 24.17 -119.62 -47.99
CA ASP LB 96 23.18 -118.54 -47.94
C ASP LB 96 23.79 -117.26 -48.46
N GLU LB 97 22.99 -116.50 -49.21
CA GLU LB 97 23.51 -115.33 -49.93
C GLU LB 97 23.88 -114.20 -48.97
N PHE LB 98 22.99 -113.86 -48.04
CA PHE LB 98 23.26 -112.77 -47.11
C PHE LB 98 24.25 -113.20 -46.04
N SER LB 99 24.26 -114.48 -45.67
CA SER LB 99 25.19 -114.96 -44.65
C SER LB 99 26.61 -115.02 -45.17
N LEU LB 100 26.79 -115.24 -46.48
CA LEU LB 100 28.11 -115.32 -47.07
C LEU LB 100 28.84 -113.98 -47.05
N GLN LB 101 28.10 -112.87 -46.98
CA GLN LB 101 28.72 -111.58 -46.67
C GLN LB 101 29.39 -111.60 -45.31
N PRO LB 102 28.78 -112.14 -44.26
CA PRO LB 102 29.51 -112.29 -43.00
C PRO LB 102 30.38 -113.53 -42.94
N LEU LB 103 30.08 -114.56 -43.73
CA LEU LB 103 30.86 -115.79 -43.68
C LEU LB 103 32.22 -115.62 -44.35
N LEU LB 104 32.26 -114.90 -45.47
CA LEU LB 104 33.55 -114.64 -46.12
C LEU LB 104 34.41 -113.69 -45.30
N ASP LB 105 33.76 -112.76 -44.59
CA ASP LB 105 34.50 -111.90 -43.65
C ASP LB 105 35.02 -112.71 -42.47
N LEU LB 106 34.22 -113.67 -41.98
CA LEU LB 106 34.66 -114.54 -40.89
C LEU LB 106 35.75 -115.50 -41.36
N LEU LB 107 35.67 -115.95 -42.62
CA LEU LB 107 36.72 -116.80 -43.17
C LEU LB 107 38.01 -116.00 -43.37
N ALA LB 108 37.89 -114.73 -43.76
CA ALA LB 108 39.06 -113.87 -43.87
C ALA LB 108 39.63 -113.52 -42.50
N GLN LB 109 38.75 -113.33 -41.50
CA GLN LB 109 39.20 -113.07 -40.15
C GLN LB 109 39.85 -114.31 -39.55
N PHE LB 110 39.35 -115.50 -39.90
CA PHE LB 110 40.02 -116.73 -39.52
C PHE LB 110 41.34 -116.88 -40.26
N CYS LB 111 41.39 -116.42 -41.51
CA CYS LB 111 42.65 -116.44 -42.25
C CYS LB 111 43.62 -115.39 -41.71
N HIS LB 112 43.09 -114.26 -41.22
CA HIS LB 112 43.96 -113.23 -40.65
C HIS LB 112 44.52 -113.64 -39.30
N ASP LB 113 43.68 -114.21 -38.43
CA ASP LB 113 44.17 -114.67 -37.13
C ASP LB 113 45.03 -115.92 -37.27
N LEU LB 114 44.56 -116.88 -38.07
CA LEU LB 114 45.30 -118.10 -38.34
C LEU LB 114 45.76 -118.06 -39.79
N GLY LB 115 47.03 -117.70 -39.99
CA GLY LB 115 47.60 -117.57 -41.31
C GLY LB 115 48.43 -118.77 -41.70
N PRO LB 116 49.76 -118.66 -41.52
CA PRO LB 116 50.63 -119.83 -41.76
C PRO LB 116 50.40 -120.99 -40.81
N ASP LB 117 49.79 -120.75 -39.65
CA ASP LB 117 49.36 -121.85 -38.79
C ASP LB 117 48.23 -122.65 -39.45
N PHE LB 118 47.34 -121.97 -40.17
CA PHE LB 118 46.28 -122.61 -40.93
C PHE LB 118 46.64 -122.78 -42.40
N LEU LB 119 47.93 -122.79 -42.73
CA LEU LB 119 48.36 -122.99 -44.11
C LEU LB 119 48.09 -124.42 -44.57
N LYS LB 120 48.15 -125.39 -43.65
CA LYS LB 120 47.74 -126.75 -43.99
C LYS LB 120 46.24 -126.82 -44.26
N PHE LB 121 45.46 -126.05 -43.51
CA PHE LB 121 44.02 -125.95 -43.76
C PHE LB 121 43.68 -124.93 -44.84
N TYR LB 122 44.67 -124.17 -45.33
CA TYR LB 122 44.41 -123.19 -46.38
C TYR LB 122 44.13 -123.87 -47.71
N GLU LB 123 44.74 -125.04 -47.96
CA GLU LB 123 44.45 -125.77 -49.18
C GLU LB 123 43.04 -126.37 -49.15
N GLU LB 124 42.61 -126.83 -47.98
CA GLU LB 124 41.22 -127.28 -47.83
C GLU LB 124 40.25 -126.11 -47.93
N ALA LB 125 40.65 -124.94 -47.43
CA ALA LB 125 39.83 -123.74 -47.57
C ALA LB 125 39.81 -123.26 -49.02
N ILE LB 126 40.91 -123.45 -49.76
CA ILE LB 126 40.94 -123.09 -51.17
C ILE LB 126 40.02 -123.99 -51.98
N LYS LB 127 39.97 -125.28 -51.62
CA LYS LB 127 39.04 -126.20 -52.27
C LYS LB 127 37.59 -125.85 -51.94
N THR LB 128 37.34 -125.40 -50.71
CA THR LB 128 36.00 -124.94 -50.35
C THR LB 128 35.66 -123.62 -51.04
N LEU LB 129 36.66 -122.74 -51.19
CA LEU LB 129 36.43 -121.48 -51.90
C LEU LB 129 36.25 -121.70 -53.39
N ILE LB 130 36.87 -122.75 -53.95
CA ILE LB 130 36.63 -123.11 -55.34
C ILE LB 130 35.20 -123.58 -55.53
N ASN LB 131 34.67 -124.34 -54.57
CA ASN LB 131 33.26 -124.71 -54.60
C ASN LB 131 32.38 -123.51 -54.35
N LEU LB 132 32.85 -122.56 -53.52
CA LEU LB 132 32.11 -121.33 -53.29
C LEU LB 132 32.10 -120.44 -54.53
N LEU LB 133 33.22 -120.40 -55.25
CA LEU LB 133 33.27 -119.62 -56.49
C LEU LB 133 32.46 -120.27 -57.59
N ASP LB 134 32.35 -121.61 -57.58
CA ASP LB 134 31.56 -122.31 -58.59
C ASP LB 134 30.07 -122.04 -58.40
N ALA LB 135 29.62 -121.97 -57.15
CA ALA LB 135 28.22 -121.66 -56.89
C ALA LB 135 27.92 -120.20 -57.16
N ALA LB 136 28.86 -119.30 -56.86
CA ALA LB 136 28.65 -117.87 -57.08
C ALA LB 136 28.71 -117.51 -58.55
N ILE LB 137 29.43 -118.30 -59.35
CA ILE LB 137 29.42 -118.08 -60.80
C ILE LB 137 28.06 -118.39 -61.39
N GLU LB 138 27.36 -119.39 -60.85
CA GLU LB 138 26.00 -119.68 -61.29
C GLU LB 138 25.02 -118.61 -60.82
N PHE LB 139 25.36 -117.90 -59.75
CA PHE LB 139 24.49 -116.86 -59.21
C PHE LB 139 24.71 -115.56 -59.97
N GLU LB 140 24.06 -114.47 -59.52
CA GLU LB 140 24.16 -113.18 -60.20
C GLU LB 140 24.31 -112.04 -59.20
N SER LB 141 24.98 -112.28 -58.08
CA SER LB 141 25.18 -111.25 -57.05
C SER LB 141 26.63 -110.80 -57.11
N SER LB 142 26.88 -109.75 -57.90
CA SER LB 142 28.24 -109.24 -58.06
C SER LB 142 28.69 -108.42 -56.86
N ASN LB 143 27.75 -107.95 -56.03
CA ASN LB 143 28.11 -107.20 -54.84
C ASN LB 143 28.78 -108.11 -53.81
N VAL LB 144 28.27 -109.33 -53.65
CA VAL LB 144 28.91 -110.27 -52.74
C VAL LB 144 30.11 -110.94 -53.39
N PHE LB 145 30.08 -111.07 -54.72
CA PHE LB 145 31.18 -111.75 -55.42
C PHE LB 145 32.44 -110.89 -55.46
N GLU LB 146 32.30 -109.57 -55.36
CA GLU LB 146 33.48 -108.70 -55.27
C GLU LB 146 34.21 -108.91 -53.96
N TRP LB 147 33.48 -109.09 -52.86
CA TRP LB 147 34.11 -109.40 -51.58
C TRP LB 147 34.61 -110.84 -51.55
N GLY LB 148 33.93 -111.74 -52.26
CA GLY LB 148 34.37 -113.13 -52.29
C GLY LB 148 35.68 -113.32 -53.01
N PHE LB 149 35.88 -112.60 -54.12
CA PHE LB 149 37.18 -112.61 -54.78
C PHE LB 149 38.21 -111.84 -53.97
N ASN LB 150 37.77 -110.88 -53.15
CA ASN LB 150 38.69 -110.14 -52.29
C ASN LB 150 39.23 -111.01 -51.16
N CYS LB 151 38.43 -111.97 -50.69
CA CYS LB 151 38.90 -112.87 -49.62
C CYS LB 151 39.99 -113.80 -50.13
N LEU LB 152 39.86 -114.29 -51.37
CA LEU LB 152 40.92 -115.08 -51.97
C LEU LB 152 42.15 -114.22 -52.26
N ALA LB 153 41.93 -112.96 -52.64
CA ALA LB 153 43.05 -112.04 -52.85
C ALA LB 153 43.73 -111.69 -51.55
N TYR LB 154 42.96 -111.54 -50.47
CA TYR LB 154 43.55 -111.31 -49.15
C TYR LB 154 44.26 -112.54 -48.62
N ILE LB 155 43.85 -113.73 -49.05
CA ILE LB 155 44.57 -114.95 -48.69
C ILE LB 155 45.91 -114.99 -49.39
N PHE LB 156 45.98 -114.51 -50.63
CA PHE LB 156 47.26 -114.49 -51.34
C PHE LB 156 48.16 -113.35 -50.87
N LYS LB 157 47.58 -112.28 -50.33
CA LYS LB 157 48.36 -111.10 -49.96
C LYS LB 157 48.80 -111.12 -48.50
N TYR LB 158 47.85 -111.27 -47.57
CA TYR LB 158 48.19 -111.26 -46.15
C TYR LB 158 48.93 -112.52 -45.73
N LEU LB 159 48.61 -113.65 -46.34
CA LEU LB 159 49.29 -114.93 -46.09
C LEU LB 159 50.26 -115.27 -47.22
N SER LB 160 50.95 -114.27 -47.75
CA SER LB 160 51.87 -114.48 -48.87
C SER LB 160 53.08 -115.32 -48.47
N LYS LB 161 53.45 -115.29 -47.19
CA LYS LB 161 54.54 -116.12 -46.70
C LYS LB 161 54.16 -117.60 -46.64
N PHE LB 162 52.87 -117.93 -46.63
CA PHE LB 162 52.41 -119.31 -46.63
C PHE LB 162 51.75 -119.71 -47.94
N LEU LB 163 51.65 -118.81 -48.91
CA LEU LB 163 51.03 -119.09 -50.20
C LEU LB 163 52.01 -119.03 -51.37
N VAL LB 164 52.94 -118.08 -51.36
CA VAL LB 164 53.94 -118.02 -52.42
C VAL LB 164 54.96 -119.14 -52.30
N LYS LB 165 55.16 -119.66 -51.09
CA LYS LB 165 55.99 -120.85 -50.92
C LYS LB 165 55.31 -122.07 -51.54
N LYS LB 166 53.99 -122.15 -51.43
CA LYS LB 166 53.20 -123.20 -52.08
C LYS LB 166 52.57 -122.71 -53.38
N LEU LB 167 53.25 -121.83 -54.12
CA LEU LB 167 52.71 -121.29 -55.36
C LEU LB 167 52.64 -122.35 -56.45
N VAL LB 168 53.52 -123.34 -56.40
CA VAL LB 168 53.41 -124.48 -57.31
C VAL LB 168 52.18 -125.31 -56.98
N LEU LB 169 51.90 -125.50 -55.68
CA LEU LB 169 50.64 -126.13 -55.28
C LEU LB 169 49.45 -125.22 -55.57
N THR LB 170 49.66 -123.90 -55.46
CA THR LB 170 48.60 -122.96 -55.82
C THR LB 170 48.38 -122.92 -57.32
N CYS LB 171 49.43 -123.19 -58.11
CA CYS LB 171 49.26 -123.27 -59.57
C CYS LB 171 48.44 -124.50 -59.95
N ASP LB 172 48.60 -125.60 -59.21
CA ASP LB 172 47.75 -126.76 -59.43
C ASP LB 172 46.32 -126.50 -58.98
N LEU LB 173 46.14 -125.68 -57.94
CA LEU LB 173 44.79 -125.35 -57.48
C LEU LB 173 44.11 -124.36 -58.43
N LEU LB 174 44.86 -123.37 -58.93
CA LEU LB 174 44.31 -122.38 -59.84
C LEU LB 174 44.14 -122.91 -61.26
N ILE LB 175 44.74 -124.07 -61.58
CA ILE LB 175 44.51 -124.68 -62.89
C ILE LB 175 43.06 -125.09 -63.08
N PRO LB 176 42.41 -125.75 -62.11
CA PRO LB 176 40.97 -126.04 -62.27
C PRO LB 176 40.09 -124.82 -62.10
N LEU LB 177 40.59 -123.75 -61.49
CA LEU LB 177 39.78 -122.53 -61.32
C LEU LB 177 39.59 -121.81 -62.65
N LEU LB 178 40.66 -121.71 -63.43
CA LEU LB 178 40.59 -121.10 -64.75
C LEU LB 178 40.20 -122.09 -65.83
N SER LB 179 40.02 -123.37 -65.48
CA SER LB 179 39.60 -124.37 -66.46
C SER LB 179 38.16 -124.16 -66.91
N HIS LB 180 37.33 -123.58 -66.04
CA HIS LB 180 35.96 -123.26 -66.42
C HIS LB 180 35.94 -122.10 -67.41
N SER LB 181 34.87 -122.02 -68.19
CA SER LB 181 34.75 -121.02 -69.25
C SER LB 181 34.07 -119.75 -68.73
N LYS LB 182 34.69 -119.15 -67.72
CA LYS LB 182 34.26 -117.87 -67.19
C LYS LB 182 35.34 -116.84 -67.49
N GLU LB 183 34.96 -115.76 -68.18
CA GLU LB 183 35.93 -114.79 -68.66
C GLU LB 183 36.49 -113.95 -67.51
N TYR LB 184 35.61 -113.48 -66.62
CA TYR LB 184 36.07 -112.66 -65.51
C TYR LB 184 36.85 -113.46 -64.48
N LEU LB 185 36.49 -114.74 -64.31
CA LEU LB 185 37.22 -115.59 -63.38
C LEU LB 185 38.59 -115.97 -63.93
N SER LB 186 38.70 -116.14 -65.26
CA SER LB 186 39.99 -116.42 -65.87
C SER LB 186 40.90 -115.20 -65.82
N ARG LB 187 40.33 -114.01 -65.92
CA ARG LB 187 41.13 -112.78 -65.78
C ARG LB 187 41.61 -112.59 -64.35
N PHE LB 188 40.79 -112.96 -63.38
CA PHE LB 188 41.20 -112.87 -61.97
C PHE LB 188 42.21 -113.96 -61.63
N SER LB 189 42.08 -115.14 -62.24
CA SER LB 189 43.02 -116.22 -61.99
C SER LB 189 44.38 -115.92 -62.63
N ALA LB 190 44.38 -115.25 -63.79
CA ALA LB 190 45.62 -114.88 -64.44
C ALA LB 190 46.34 -113.77 -63.67
N GLU LB 191 45.57 -112.84 -63.10
CA GLU LB 191 46.16 -111.75 -62.33
C GLU LB 191 46.70 -112.25 -60.99
N ALA LB 192 46.03 -113.23 -60.38
CA ALA LB 192 46.47 -113.77 -59.11
C ALA LB 192 47.71 -114.65 -59.29
N LEU LB 193 47.78 -115.39 -60.39
CA LEU LB 193 48.93 -116.25 -60.64
C LEU LB 193 50.18 -115.44 -61.00
N SER LB 194 50.00 -114.34 -61.74
CA SER LB 194 51.13 -113.50 -62.08
C SER LB 194 51.63 -112.73 -60.87
N PHE LB 195 50.72 -112.33 -59.97
CA PHE LB 195 51.14 -111.68 -58.74
C PHE LB 195 51.81 -112.67 -57.80
N LEU LB 196 51.36 -113.93 -57.80
CA LEU LB 196 52.01 -114.96 -57.00
C LEU LB 196 53.38 -115.30 -57.55
N VAL LB 197 53.54 -115.26 -58.87
CA VAL LB 197 54.84 -115.48 -59.48
C VAL LB 197 55.78 -114.31 -59.19
N ARG LB 198 55.25 -113.09 -59.16
CA ARG LB 198 56.08 -111.93 -58.84
C ARG LB 198 56.44 -111.91 -57.37
N LYS LB 199 55.55 -112.37 -56.49
CA LYS LB 199 55.85 -112.44 -55.06
C LYS LB 199 56.80 -113.58 -54.74
N CYS LB 200 56.83 -114.62 -55.58
CA CYS LB 200 57.71 -115.74 -55.36
C CYS LB 200 59.15 -115.38 -55.71
N PRO LB 201 60.12 -116.17 -55.26
CA PRO LB 201 61.53 -115.86 -55.55
C PRO LB 201 61.88 -116.20 -56.99
N VAL LB 202 63.12 -115.86 -57.36
CA VAL LB 202 63.61 -116.08 -58.72
C VAL LB 202 63.74 -117.58 -59.00
N SER LB 203 64.23 -118.34 -58.01
CA SER LB 203 64.26 -119.80 -58.16
C SER LB 203 62.86 -120.38 -58.13
N ASN LB 204 61.96 -119.78 -57.34
CA ASN LB 204 60.57 -120.22 -57.33
C ASN LB 204 59.85 -119.84 -58.62
N LEU LB 205 60.26 -118.74 -59.25
CA LEU LB 205 59.71 -118.38 -60.55
C LEU LB 205 60.17 -119.36 -61.63
N ARG LB 206 61.41 -119.85 -61.52
CA ARG LB 206 61.87 -120.90 -62.42
C ARG LB 206 61.14 -122.21 -62.15
N GLU LB 207 60.83 -122.48 -60.89
CA GLU LB 207 59.99 -123.63 -60.57
C GLU LB 207 58.56 -123.41 -61.05
N PHE LB 208 58.10 -122.15 -61.03
CA PHE LB 208 56.77 -121.84 -61.57
C PHE LB 208 56.76 -121.94 -63.10
N VAL LB 209 57.85 -121.54 -63.75
CA VAL LB 209 57.94 -121.64 -65.20
C VAL LB 209 58.03 -123.09 -65.63
N ARG LB 210 58.76 -123.92 -64.87
CA ARG LB 210 58.87 -125.33 -65.20
C ARG LB 210 57.56 -126.07 -64.96
N SER LB 211 56.83 -125.68 -63.92
CA SER LB 211 55.52 -126.29 -63.67
C SER LB 211 54.49 -125.84 -64.68
N VAL LB 212 54.58 -124.59 -65.15
CA VAL LB 212 53.67 -124.11 -66.18
C VAL LB 212 53.96 -124.79 -67.51
N PHE LB 213 55.24 -125.03 -67.80
CA PHE LB 213 55.60 -125.77 -69.01
C PHE LB 213 55.18 -127.23 -68.91
N GLU LB 214 55.24 -127.81 -67.70
CA GLU LB 214 54.73 -129.15 -67.49
C GLU LB 214 53.20 -129.18 -67.63
N LYS LB 215 52.53 -128.13 -67.17
CA LYS LB 215 51.08 -128.03 -67.34
C LYS LB 215 50.71 -127.80 -68.80
N LEU LB 216 51.54 -127.05 -69.53
CA LEU LB 216 51.28 -126.83 -70.95
C LEU LB 216 51.61 -128.09 -71.76
N GLU LB 217 52.54 -128.91 -71.28
CA GLU LB 217 52.83 -130.17 -71.97
C GLU LB 217 51.70 -131.16 -71.81
N GLY LB 218 51.08 -131.21 -70.64
CA GLY LB 218 49.96 -132.10 -70.40
C GLY LB 218 48.70 -131.67 -71.12
N ASP LB 219 48.25 -130.44 -70.85
CA ASP LB 219 47.09 -129.87 -71.51
C ASP LB 219 47.52 -129.02 -72.71
N ASP LB 220 48.00 -129.70 -73.75
CA ASP LB 220 48.48 -129.05 -74.96
C ASP LB 220 47.38 -128.85 -75.99
N GLU LB 221 46.13 -129.23 -75.69
CA GLU LB 221 45.02 -129.08 -76.62
C GLU LB 221 43.92 -128.20 -76.04
N GLN LB 222 44.23 -127.36 -75.07
CA GLN LB 222 43.27 -126.45 -74.44
C GLN LB 222 43.57 -125.04 -74.93
N THR LB 223 42.75 -124.55 -75.86
CA THR LB 223 42.97 -123.22 -76.43
C THR LB 223 42.66 -122.11 -75.42
N ASN LB 224 41.69 -122.34 -74.53
CA ASN LB 224 41.37 -121.35 -73.51
C ASN LB 224 42.48 -121.25 -72.47
N LEU LB 225 43.11 -122.38 -72.14
CA LEU LB 225 44.20 -122.37 -71.17
C LEU LB 225 45.45 -121.71 -71.75
N TYR LB 226 45.70 -121.91 -73.05
CA TYR LB 226 46.82 -121.25 -73.70
C TYR LB 226 46.59 -119.76 -73.82
N GLU LB 227 45.36 -119.35 -74.12
CA GLU LB 227 45.02 -117.93 -74.17
C GLU LB 227 45.04 -117.32 -72.78
N GLY LB 228 44.59 -118.07 -71.77
CA GLY LB 228 44.67 -117.59 -70.40
C GLY LB 228 46.11 -117.47 -69.91
N LEU LB 229 46.97 -118.42 -70.30
CA LEU LB 229 48.38 -118.31 -69.97
C LEU LB 229 49.05 -117.18 -70.73
N LEU LB 230 48.62 -116.93 -71.96
CA LEU LB 230 49.13 -115.79 -72.72
C LEU LB 230 48.67 -114.47 -72.09
N ILE LB 231 47.44 -114.43 -71.60
CA ILE LB 231 46.96 -113.27 -70.84
C ILE LB 231 47.71 -113.16 -69.52
N LEU LB 232 48.04 -114.30 -68.90
CA LEU LB 232 48.82 -114.28 -67.68
C LEU LB 232 50.26 -113.86 -67.93
N PHE LB 233 50.85 -114.30 -69.04
CA PHE LB 233 52.23 -113.93 -69.36
C PHE LB 233 52.33 -112.48 -69.78
N THR LB 234 51.30 -111.95 -70.44
CA THR LB 234 51.30 -110.53 -70.82
C THR LB 234 51.20 -109.64 -69.59
N GLU LB 235 50.37 -110.03 -68.62
CA GLU LB 235 50.26 -109.24 -67.39
C GLU LB 235 51.46 -109.46 -66.48
N SER LB 236 52.19 -110.57 -66.65
CA SER LB 236 53.36 -110.84 -65.82
C SER LB 236 54.52 -109.91 -66.15
N MET LB 237 54.77 -109.68 -67.44
CA MET LB 237 55.83 -108.78 -67.87
C MET LB 237 55.39 -107.33 -67.98
N THR LB 238 54.09 -107.07 -67.81
CA THR LB 238 53.51 -105.73 -67.86
C THR LB 238 52.55 -105.54 -66.69
N SER LB 239 53.05 -105.80 -65.48
CA SER LB 239 52.26 -105.62 -64.27
C SER LB 239 51.86 -104.16 -64.09
N THR LB 240 52.76 -103.24 -64.39
CA THR LB 240 52.37 -101.85 -64.51
C THR LB 240 51.53 -101.65 -65.76
N GLN LB 241 50.59 -100.68 -65.68
CA GLN LB 241 49.63 -100.47 -66.76
C GLN LB 241 50.27 -99.94 -68.03
N GLU LB 242 51.43 -99.29 -67.94
CA GLU LB 242 52.13 -98.83 -69.13
C GLU LB 242 53.64 -99.04 -69.03
N THR LB 243 54.12 -99.84 -68.09
CA THR LB 243 55.55 -100.04 -67.90
C THR LB 243 55.77 -101.45 -67.37
N LEU LB 244 56.97 -101.70 -66.85
CA LEU LB 244 57.32 -103.00 -66.29
C LEU LB 244 57.94 -102.85 -64.90
N HIS LB 245 58.47 -103.93 -64.36
CA HIS LB 245 59.08 -103.92 -63.04
C HIS LB 245 60.29 -104.86 -63.05
N SER LB 246 60.94 -104.97 -61.89
CA SER LB 246 62.11 -105.84 -61.77
C SER LB 246 61.71 -107.31 -61.80
N LYS LB 247 60.63 -107.67 -61.09
CA LYS LB 247 60.14 -109.04 -61.13
C LYS LB 247 59.41 -109.34 -62.44
N ALA LB 248 58.93 -108.30 -63.12
CA ALA LB 248 58.33 -108.49 -64.44
C ALA LB 248 59.38 -108.91 -65.47
N LYS LB 249 60.58 -108.31 -65.41
CA LYS LB 249 61.64 -108.69 -66.32
C LYS LB 249 62.20 -110.07 -66.01
N ALA LB 250 62.25 -110.44 -64.73
CA ALA LB 250 62.70 -111.77 -64.35
C ALA LB 250 61.71 -112.84 -64.77
N ILE LB 251 60.41 -112.53 -64.72
CA ILE LB 251 59.39 -113.44 -65.22
C ILE LB 251 59.48 -113.55 -66.74
N MET LB 252 59.79 -112.44 -67.41
CA MET LB 252 59.99 -112.48 -68.86
C MET LB 252 61.27 -113.22 -69.22
N SER LB 253 62.30 -113.11 -68.40
CA SER LB 253 63.55 -113.82 -68.67
C SER LB 253 63.40 -115.31 -68.39
N VAL LB 254 62.60 -115.67 -67.39
CA VAL LB 254 62.38 -117.08 -67.08
C VAL LB 254 61.54 -117.75 -68.16
N LEU LB 255 60.54 -117.03 -68.68
CA LEU LB 255 59.72 -117.57 -69.76
C LEU LB 255 60.50 -117.67 -71.06
N LEU LB 256 61.41 -116.71 -71.30
CA LEU LB 256 62.28 -116.79 -72.46
C LEU LB 256 63.29 -117.92 -72.33
N HIS LB 257 63.79 -118.15 -71.12
CA HIS LB 257 64.67 -119.29 -70.88
C HIS LB 257 63.91 -120.61 -70.94
N GLU LB 258 62.63 -120.60 -70.54
CA GLU LB 258 61.79 -121.79 -70.71
C GLU LB 258 61.52 -122.05 -72.18
N ALA LB 259 61.32 -120.99 -72.96
CA ALA LB 259 61.15 -121.16 -74.40
C ALA LB 259 62.46 -121.56 -75.08
N LEU LB 260 63.60 -121.12 -74.54
CA LEU LB 260 64.88 -121.50 -75.10
C LEU LB 260 65.20 -122.97 -74.85
N THR LB 261 64.75 -123.51 -73.72
CA THR LB 261 64.93 -124.92 -73.43
C THR LB 261 64.02 -125.76 -74.32
N LYS LB 262 64.50 -126.93 -74.72
CA LYS LB 262 63.77 -127.80 -75.63
C LYS LB 262 62.66 -128.59 -74.95
N SER LB 263 62.56 -128.54 -73.62
CA SER LB 263 61.53 -129.30 -72.91
C SER LB 263 60.15 -128.65 -73.06
N SER LB 264 60.09 -127.37 -73.42
CA SER LB 264 58.80 -126.71 -73.58
C SER LB 264 58.13 -127.13 -74.88
N PRO LB 265 56.80 -127.17 -74.92
CA PRO LB 265 56.09 -127.51 -76.16
C PRO LB 265 56.13 -126.36 -77.15
N GLU LB 266 55.90 -126.71 -78.42
CA GLU LB 266 55.90 -125.72 -79.49
C GLU LB 266 54.66 -124.82 -79.41
N ARG LB 267 53.52 -125.37 -79.01
CA ARG LB 267 52.31 -124.58 -78.88
C ARG LB 267 52.39 -123.63 -77.69
N SER LB 268 53.08 -124.05 -76.61
CA SER LB 268 53.29 -123.17 -75.47
C SER LB 268 54.23 -122.03 -75.83
N VAL LB 269 55.21 -122.30 -76.68
CA VAL LB 269 56.09 -121.25 -77.19
C VAL LB 269 55.30 -120.31 -78.11
N SER LB 270 54.35 -120.85 -78.87
CA SER LB 270 53.51 -120.03 -79.73
C SER LB 270 52.57 -119.16 -78.92
N LEU LB 271 52.03 -119.70 -77.81
CA LEU LB 271 51.19 -118.90 -76.93
C LEU LB 271 52.01 -117.81 -76.24
N LEU LB 272 53.26 -118.13 -75.88
CA LEU LB 272 54.14 -117.09 -75.34
C LEU LB 272 54.58 -116.11 -76.42
N SER LB 273 54.63 -116.56 -77.68
CA SER LB 273 54.94 -115.66 -78.78
C SER LB 273 53.84 -114.64 -79.00
N ASP LB 274 52.58 -115.07 -78.90
CA ASP LB 274 51.46 -114.14 -79.03
C ASP LB 274 51.34 -113.25 -77.79
N ILE LB 275 51.77 -113.76 -76.64
CA ILE LB 275 51.79 -112.95 -75.42
C ILE LB 275 52.84 -111.84 -75.54
N TRP LB 276 54.01 -112.17 -76.10
CA TRP LB 276 55.04 -111.16 -76.31
C TRP LB 276 54.64 -110.20 -77.43
N MET LB 277 53.92 -110.69 -78.44
CA MET LB 277 53.46 -109.83 -79.52
C MET LB 277 52.39 -108.85 -79.03
N ASN LB 278 51.50 -109.31 -78.16
CA ASN LB 278 50.45 -108.44 -77.65
C ASN LB 278 51.00 -107.43 -76.65
N ILE LB 279 51.99 -107.84 -75.86
CA ILE LB 279 52.58 -106.93 -74.86
C ILE LB 279 53.39 -105.85 -75.55
N SER LB 280 54.11 -106.20 -76.63
CA SER LB 280 54.90 -105.21 -77.35
C SER LB 280 54.02 -104.23 -78.11
N LYS LB 281 52.85 -104.66 -78.56
CA LYS LB 281 51.93 -103.74 -79.24
C LYS LB 281 51.18 -102.86 -78.26
N TYR LB 282 51.18 -103.22 -76.97
CA TYR LB 282 50.45 -102.46 -75.97
C TYR LB 282 51.37 -101.55 -75.15
N ALA LB 283 52.50 -102.07 -74.69
CA ALA LB 283 53.40 -101.32 -73.82
C ALA LB 283 54.33 -100.44 -74.67
N SER LB 284 55.25 -99.74 -74.00
CA SER LB 284 56.20 -98.87 -74.66
C SER LB 284 57.51 -99.62 -74.90
N ILE LB 285 58.29 -99.12 -75.87
CA ILE LB 285 59.53 -99.79 -76.24
C ILE LB 285 60.63 -99.54 -75.21
N GLU LB 286 60.52 -98.45 -74.45
CA GLU LB 286 61.55 -98.15 -73.45
C GLU LB 286 61.46 -99.10 -72.27
N SER LB 287 60.25 -99.43 -71.82
CA SER LB 287 60.08 -100.37 -70.72
C SER LB 287 60.33 -101.81 -71.13
N LEU LB 288 60.04 -102.14 -72.39
CA LEU LB 288 60.24 -103.48 -72.90
C LEU LB 288 61.63 -103.70 -73.50
N LEU LB 289 62.51 -102.70 -73.40
CA LEU LB 289 63.88 -102.88 -73.87
C LEU LB 289 64.66 -103.94 -73.10
N PRO LB 290 64.58 -104.00 -71.76
CA PRO LB 290 65.32 -105.07 -71.06
C PRO LB 290 64.72 -106.44 -71.25
N VAL LB 291 63.42 -106.53 -71.52
CA VAL LB 291 62.80 -107.82 -71.81
C VAL LB 291 63.26 -108.33 -73.17
N TYR LB 292 63.37 -107.42 -74.15
CA TYR LB 292 63.88 -107.81 -75.46
C TYR LB 292 65.38 -108.10 -75.41
N GLU LB 293 66.10 -107.41 -74.54
CA GLU LB 293 67.54 -107.65 -74.41
C GLU LB 293 67.81 -108.99 -73.72
N VAL LB 294 66.99 -109.35 -72.74
CA VAL LB 294 67.12 -110.66 -72.09
C VAL LB 294 66.72 -111.77 -73.04
N MET LB 295 65.69 -111.53 -73.87
CA MET LB 295 65.27 -112.53 -74.84
C MET LB 295 66.29 -112.70 -75.94
N TYR LB 296 66.96 -111.61 -76.34
CA TYR LB 296 68.04 -111.71 -77.31
C TYR LB 296 69.27 -112.39 -76.71
N GLN LB 297 69.53 -112.16 -75.42
CA GLN LB 297 70.65 -112.82 -74.76
C GLN LB 297 70.37 -114.31 -74.56
N ASP LB 298 69.10 -114.66 -74.27
CA ASP LB 298 68.75 -116.07 -74.17
C ASP LB 298 68.74 -116.74 -75.54
N PHE LB 299 68.40 -115.99 -76.58
CA PHE LB 299 68.48 -116.53 -77.94
C PHE LB 299 69.93 -116.70 -78.38
N ASN LB 300 70.80 -115.75 -78.01
CA ASN LB 300 72.21 -115.87 -78.34
C ASN LB 300 72.88 -116.98 -77.54
N ASP LB 301 72.35 -117.29 -76.36
CA ASP LB 301 72.88 -118.40 -75.58
C ASP LB 301 72.48 -119.74 -76.18
N SER LB 302 71.25 -119.85 -76.69
CA SER LB 302 70.73 -121.12 -77.22
C SER LB 302 69.94 -120.84 -78.50
N LEU LB 303 70.63 -120.91 -79.63
CA LEU LB 303 69.98 -120.94 -80.94
C LEU LB 303 70.51 -122.05 -81.83
N ASP LB 304 71.81 -122.38 -81.72
CA ASP LB 304 72.41 -123.44 -82.52
C ASP LB 304 72.43 -124.73 -81.70
N ALA LB 305 71.24 -125.27 -81.49
CA ALA LB 305 71.05 -126.47 -80.68
C ALA LB 305 69.85 -127.23 -81.25
N THR LB 306 69.32 -128.16 -80.46
CA THR LB 306 68.14 -128.91 -80.87
C THR LB 306 66.88 -128.05 -80.89
N ASN LB 307 66.90 -126.90 -80.22
CA ASN LB 307 65.79 -125.95 -80.24
C ASN LB 307 65.99 -124.85 -81.29
N ILE LB 308 66.64 -125.18 -82.40
CA ILE LB 308 66.87 -124.21 -83.46
C ILE LB 308 65.57 -123.83 -84.14
N ASP LB 309 64.65 -124.80 -84.28
CA ASP LB 309 63.34 -124.51 -84.88
C ASP LB 309 62.50 -123.65 -83.96
N ARG LB 310 62.61 -123.86 -82.65
CA ARG LB 310 61.85 -123.05 -81.69
C ARG LB 310 62.43 -121.64 -81.59
N ILE LB 311 63.76 -121.52 -81.67
CA ILE LB 311 64.39 -120.21 -81.59
C ILE LB 311 64.11 -119.39 -82.85
N LEU LB 312 64.05 -120.05 -84.01
CA LEU LB 312 63.76 -119.36 -85.26
C LEU LB 312 62.32 -118.86 -85.31
N LYS LB 313 61.38 -119.65 -84.76
CA LYS LB 313 59.99 -119.21 -84.68
C LYS LB 313 59.82 -118.08 -83.68
N VAL LB 314 60.59 -118.11 -82.59
CA VAL LB 314 60.52 -117.05 -81.59
C VAL LB 314 61.13 -115.76 -82.14
N LEU LB 315 62.23 -115.88 -82.89
CA LEU LB 315 62.87 -114.70 -83.48
C LEU LB 315 62.02 -114.10 -84.59
N THR LB 316 61.27 -114.95 -85.32
CA THR LB 316 60.33 -114.44 -86.31
C THR LB 316 59.16 -113.75 -85.64
N THR LB 317 58.73 -114.25 -84.48
CA THR LB 317 57.65 -113.61 -83.74
C THR LB 317 58.11 -112.31 -83.09
N ILE LB 318 59.37 -112.26 -82.66
CA ILE LB 318 59.91 -111.06 -82.04
C ILE LB 318 60.11 -109.96 -83.08
N VAL LB 319 60.42 -110.34 -84.33
CA VAL LB 319 60.64 -109.35 -85.38
C VAL LB 319 59.33 -108.66 -85.76
N PHE LB 320 58.26 -109.43 -85.93
CA PHE LB 320 56.95 -108.90 -86.25
C PHE LB 320 56.09 -108.67 -85.02
N SER LB 321 56.71 -108.46 -83.86
CA SER LB 321 55.99 -108.27 -82.60
C SER LB 321 55.15 -107.00 -82.58
N GLU LB 322 55.80 -105.83 -82.65
CA GLU LB 322 55.09 -104.56 -82.59
C GLU LB 322 55.22 -103.76 -83.89
N SER LB 323 56.44 -103.41 -84.30
CA SER LB 323 56.67 -102.55 -85.45
C SER LB 323 58.12 -102.67 -85.88
N GLY LB 324 58.40 -102.19 -87.09
CA GLY LB 324 59.78 -102.06 -87.54
C GLY LB 324 60.56 -101.01 -86.78
N ARG LB 325 59.89 -99.92 -86.38
CA ARG LB 325 60.55 -98.90 -85.57
C ARG LB 325 60.71 -99.35 -84.12
N LYS LB 326 59.96 -100.37 -83.71
CA LYS LB 326 60.10 -100.93 -82.36
C LYS LB 326 61.26 -101.90 -82.24
N ILE LB 327 61.93 -102.22 -83.33
CA ILE LB 327 63.11 -103.11 -83.27
C ILE LB 327 64.26 -102.37 -82.62
N PRO LB 328 64.92 -102.94 -81.61
CA PRO LB 328 65.99 -102.22 -80.92
C PRO LB 328 67.28 -102.11 -81.73
N ASP LB 329 67.67 -103.20 -82.39
CA ASP LB 329 68.90 -103.24 -83.18
C ASP LB 329 68.65 -104.08 -84.42
N TRP LB 330 68.53 -103.41 -85.57
CA TRP LB 330 68.30 -104.13 -86.82
C TRP LB 330 69.55 -104.87 -87.28
N ASN LB 331 70.73 -104.32 -86.97
CA ASN LB 331 71.97 -104.96 -87.40
C ASN LB 331 72.26 -106.21 -86.60
N LYS LB 332 71.98 -106.18 -85.29
CA LYS LB 332 72.21 -107.37 -84.46
C LYS LB 332 71.19 -108.46 -84.74
N ILE LB 333 69.96 -108.07 -85.09
CA ILE LB 333 68.93 -109.04 -85.43
C ILE LB 333 69.24 -109.72 -86.74
N THR LB 334 69.74 -108.96 -87.73
CA THR LB 334 70.09 -109.54 -89.01
C THR LB 334 71.35 -110.40 -88.90
N ILE LB 335 72.25 -110.07 -87.99
CA ILE LB 335 73.44 -110.88 -87.76
C ILE LB 335 73.07 -112.20 -87.09
N LEU LB 336 72.14 -112.16 -86.14
CA LEU LB 336 71.73 -113.38 -85.45
C LEU LB 336 70.87 -114.26 -86.35
N ILE LB 337 70.08 -113.65 -87.24
CA ILE LB 337 69.30 -114.42 -88.19
C ILE LB 337 70.21 -115.09 -89.22
N GLU LB 338 71.26 -114.39 -89.63
CA GLU LB 338 72.24 -114.99 -90.54
C GLU LB 338 73.05 -116.06 -89.84
N ARG LB 339 73.31 -115.88 -88.53
CA ARG LB 339 74.01 -116.90 -87.77
C ARG LB 339 73.14 -118.13 -87.55
N ILE LB 340 71.83 -117.92 -87.35
CA ILE LB 340 70.90 -119.04 -87.23
C ILE LB 340 70.74 -119.75 -88.57
N MET LB 341 70.76 -118.98 -89.67
CA MET LB 341 70.72 -119.58 -91.00
C MET LB 341 72.00 -120.35 -91.31
N SER LB 342 73.14 -119.84 -90.85
CA SER LB 342 74.40 -120.56 -91.02
C SER LB 342 74.48 -121.78 -90.12
N GLN LB 343 73.83 -121.72 -88.95
CA GLN LB 343 73.83 -122.88 -88.05
C GLN LB 343 72.96 -124.00 -88.61
N SER LB 344 71.89 -123.66 -89.34
CA SER LB 344 71.05 -124.68 -89.96
C SER LB 344 71.78 -125.34 -91.13
N GLU LB 345 72.57 -124.55 -91.88
CA GLU LB 345 73.39 -124.98 -93.01
C GLU LB 345 72.59 -125.69 -94.11
N GLN LB 352 64.78 -124.42 -93.60
CA GLN LB 352 63.45 -124.93 -93.27
C GLN LB 352 62.37 -124.02 -93.85
N ASP LB 353 61.12 -124.47 -93.74
CA ASP LB 353 60.00 -123.65 -94.19
C ASP LB 353 59.80 -122.43 -93.30
N LYS LB 354 60.03 -122.58 -91.99
CA LYS LB 354 59.91 -121.45 -91.08
C LYS LB 354 61.09 -120.48 -91.24
N VAL LB 355 62.25 -121.00 -91.65
CA VAL LB 355 63.41 -120.13 -91.87
C VAL LB 355 63.21 -119.26 -93.10
N ALA LB 356 62.62 -119.83 -94.16
CA ALA LB 356 62.35 -119.06 -95.37
C ALA LB 356 61.26 -118.02 -95.14
N PHE LB 357 60.25 -118.36 -94.32
CA PHE LB 357 59.23 -117.38 -93.97
C PHE LB 357 59.80 -116.31 -93.06
N LEU LB 358 60.76 -116.66 -92.20
CA LEU LB 358 61.43 -115.67 -91.37
C LEU LB 358 62.30 -114.75 -92.22
N PHE LB 359 62.94 -115.29 -93.26
CA PHE LB 359 63.72 -114.46 -94.17
C PHE LB 359 62.82 -113.56 -94.99
N ALA LB 360 61.62 -114.05 -95.34
CA ALA LB 360 60.64 -113.21 -96.03
C ALA LB 360 60.12 -112.11 -95.11
N LEU LB 361 59.94 -112.43 -93.83
CA LEU LB 361 59.55 -111.41 -92.86
C LEU LB 361 60.70 -110.45 -92.58
N PHE LB 362 61.94 -110.95 -92.63
CA PHE LB 362 63.10 -110.08 -92.46
C PHE LB 362 63.27 -109.16 -93.65
N ILE LB 363 62.96 -109.64 -94.86
CA ILE LB 363 63.05 -108.81 -96.05
C ILE LB 363 61.96 -107.74 -96.03
N ARG LB 364 60.79 -108.06 -95.50
CA ARG LB 364 59.71 -107.09 -95.43
C ARG LB 364 59.95 -106.06 -94.33
N ASN LB 365 60.73 -106.42 -93.32
CA ASN LB 365 60.92 -105.59 -92.13
C ASN LB 365 62.41 -105.37 -91.85
N SER LB 366 63.15 -104.96 -92.87
CA SER LB 366 64.56 -104.61 -92.72
C SER LB 366 64.73 -103.10 -92.76
N ASP LB 367 65.67 -102.59 -91.98
CA ASP LB 367 66.04 -101.19 -92.05
C ASP LB 367 66.75 -100.92 -93.37
N VAL LB 368 66.47 -99.75 -93.96
CA VAL LB 368 67.02 -99.42 -95.27
C VAL LB 368 68.51 -99.14 -95.19
N LYS LB 369 68.92 -98.35 -94.19
CA LYS LB 369 70.33 -98.00 -94.06
C LYS LB 369 71.15 -99.14 -93.46
N THR LB 370 70.58 -99.86 -92.48
CA THR LB 370 71.33 -100.90 -91.79
C THR LB 370 71.44 -102.17 -92.63
N LEU LB 371 70.43 -102.48 -93.43
CA LEU LB 371 70.42 -103.69 -94.24
C LEU LB 371 70.33 -103.35 -95.72
N THR LB 372 71.14 -102.38 -96.16
CA THR LB 372 71.20 -102.05 -97.58
C THR LB 372 71.86 -103.16 -98.38
N LEU LB 373 72.97 -103.70 -97.87
CA LEU LB 373 73.65 -104.83 -98.51
C LEU LB 373 73.35 -106.16 -97.84
N PHE LB 374 72.86 -106.15 -96.59
CA PHE LB 374 72.52 -107.40 -95.92
C PHE LB 374 71.27 -108.05 -96.50
N HIS LB 375 70.39 -107.26 -97.13
CA HIS LB 375 69.24 -107.84 -97.82
C HIS LB 375 69.69 -108.63 -99.04
N GLN LB 376 70.73 -108.16 -99.73
CA GLN LB 376 71.33 -108.95 -100.81
C GLN LB 376 72.07 -110.15 -100.25
N LYS LB 377 72.66 -110.00 -99.05
CA LYS LB 377 73.34 -111.14 -98.42
C LYS LB 377 72.34 -112.18 -97.93
N LEU LB 378 71.21 -111.73 -97.38
CA LEU LB 378 70.20 -112.67 -96.91
C LEU LB 378 69.51 -113.37 -98.06
N PHE LB 379 69.31 -112.67 -99.18
CA PHE LB 379 68.73 -113.30 -100.37
C PHE LB 379 69.70 -114.30 -100.99
N ASN LB 380 71.00 -113.98 -100.94
CA ASN LB 380 72.01 -114.92 -101.43
C ASN LB 380 72.12 -116.13 -100.50
N TYR LB 381 71.99 -115.91 -99.19
CA TYR LB 381 72.00 -117.02 -98.24
C TYR LB 381 70.75 -117.88 -98.38
N ALA LB 382 69.60 -117.26 -98.67
CA ALA LB 382 68.38 -118.02 -98.91
C ALA LB 382 68.46 -118.77 -100.22
N LEU LB 383 69.12 -118.19 -101.23
CA LEU LB 383 69.31 -118.89 -102.50
C LEU LB 383 70.31 -120.03 -102.36
N THR LB 384 71.32 -119.86 -101.50
CA THR LB 384 72.31 -120.92 -101.31
C THR LB 384 71.74 -122.09 -100.54
N ASN LB 385 70.77 -121.84 -99.64
CA ASN LB 385 70.16 -122.92 -98.88
C ASN LB 385 69.24 -123.76 -99.78
N ILE LB 386 68.40 -123.11 -100.57
CA ILE LB 386 67.46 -123.81 -101.44
C ILE LB 386 67.12 -122.89 -102.59
N SER LB 387 66.60 -123.48 -103.68
CA SER LB 387 66.18 -122.74 -104.86
C SER LB 387 64.67 -122.64 -104.99
N ASP LB 388 63.96 -123.73 -104.70
CA ASP LB 388 62.50 -123.70 -104.74
C ASP LB 388 61.94 -122.89 -103.58
N CYS LB 389 62.57 -122.97 -102.41
CA CYS LB 389 62.14 -122.16 -101.27
C CYS LB 389 62.50 -120.69 -101.47
N PHE LB 390 63.56 -120.41 -102.22
CA PHE LB 390 63.92 -119.03 -102.52
C PHE LB 390 62.90 -118.37 -103.46
N LEU LB 391 62.37 -119.14 -104.42
CA LEU LB 391 61.33 -118.62 -105.29
C LEU LB 391 60.00 -118.47 -104.55
N GLU LB 392 59.75 -119.36 -103.59
CA GLU LB 392 58.56 -119.24 -102.75
C GLU LB 392 58.66 -118.02 -101.83
N PHE LB 393 59.85 -117.77 -101.28
CA PHE LB 393 60.05 -116.60 -100.44
C PHE LB 393 60.04 -115.32 -101.25
N PHE LB 394 60.49 -115.37 -102.51
CA PHE LB 394 60.45 -114.19 -103.36
C PHE LB 394 59.02 -113.83 -103.73
N GLN LB 395 58.16 -114.84 -103.93
CA GLN LB 395 56.73 -114.58 -104.12
C GLN LB 395 56.10 -114.07 -102.83
N PHE LB 396 56.58 -114.56 -101.69
CA PHE LB 396 56.14 -114.02 -100.41
C PHE LB 396 56.66 -112.61 -100.19
N ALA LB 397 57.88 -112.33 -100.68
CA ALA LB 397 58.40 -110.96 -100.61
C ALA LB 397 57.68 -110.04 -101.58
N LEU LB 398 57.24 -110.57 -102.73
CA LEU LB 398 56.48 -109.76 -103.68
C LEU LB 398 55.11 -109.40 -103.14
N ARG LB 399 54.48 -110.29 -102.37
CA ARG LB 399 53.21 -109.97 -101.74
C ARG LB 399 53.40 -109.06 -100.53
N LEU LB 400 54.60 -109.03 -99.96
CA LEU LB 400 54.85 -108.18 -98.79
C LEU LB 400 55.09 -106.73 -99.20
N SER LB 401 56.12 -106.49 -100.00
CA SER LB 401 56.45 -105.13 -100.44
C SER LB 401 57.08 -105.20 -101.82
N TYR LB 402 56.64 -104.31 -102.71
CA TYR LB 402 57.17 -104.27 -104.06
C TYR LB 402 58.28 -103.25 -104.25
N GLU LB 403 58.32 -102.22 -103.41
CA GLU LB 403 59.37 -101.21 -103.52
C GLU LB 403 60.70 -101.73 -103.01
N ARG LB 404 60.68 -102.60 -102.00
CA ARG LB 404 61.91 -103.13 -101.44
C ARG LB 404 62.53 -104.19 -102.35
N VAL LB 405 61.69 -104.99 -103.02
CA VAL LB 405 62.19 -106.04 -103.90
C VAL LB 405 62.82 -105.44 -105.15
N PHE LB 406 62.24 -104.36 -105.67
CA PHE LB 406 62.81 -103.69 -106.84
C PHE LB 406 64.11 -102.96 -106.49
N SER LB 407 64.18 -102.41 -105.27
CA SER LB 407 65.37 -101.68 -104.85
C SER LB 407 66.53 -102.62 -104.54
N PHE LB 408 66.26 -103.75 -103.90
CA PHE LB 408 67.30 -104.69 -103.50
C PHE LB 408 67.63 -105.63 -104.66
N ASN LB 409 68.45 -106.65 -104.38
CA ASN LB 409 68.88 -107.61 -105.38
C ASN LB 409 68.09 -108.92 -105.30
N GLY LB 410 66.82 -108.86 -104.88
CA GLY LB 410 66.00 -110.05 -104.85
C GLY LB 410 65.66 -110.57 -106.23
N LEU LB 411 65.41 -109.65 -107.18
CA LEU LB 411 65.12 -110.06 -108.55
C LEU LB 411 66.36 -110.61 -109.24
N LYS LB 412 67.53 -110.05 -108.92
CA LYS LB 412 68.77 -110.56 -109.49
C LYS LB 412 69.15 -111.92 -108.92
N PHE LB 413 68.87 -112.14 -107.62
CA PHE LB 413 69.14 -113.43 -107.01
C PHE LB 413 68.17 -114.49 -107.50
N LEU LB 414 66.91 -114.11 -107.75
CA LEU LB 414 65.93 -115.05 -108.29
C LEU LB 414 66.25 -115.40 -109.73
N GLN LB 415 66.75 -114.43 -110.51
CA GLN LB 415 67.18 -114.72 -111.87
C GLN LB 415 68.44 -115.58 -111.87
N LEU LB 416 69.33 -115.38 -110.90
CA LEU LB 416 70.52 -116.21 -110.79
C LEU LB 416 70.18 -117.62 -110.32
N PHE LB 417 69.19 -117.74 -109.44
CA PHE LB 417 68.76 -119.06 -108.98
C PHE LB 417 68.03 -119.81 -110.09
N LEU LB 418 67.29 -119.09 -110.93
CA LEU LB 418 66.63 -119.72 -112.08
C LEU LB 418 67.65 -120.11 -113.14
N LYS LB 419 68.73 -119.32 -113.27
CA LYS LB 419 69.76 -119.66 -114.24
C LYS LB 419 70.61 -120.84 -113.76
N LYS LB 420 70.84 -120.92 -112.45
CA LYS LB 420 71.65 -122.02 -111.92
C LYS LB 420 70.86 -123.32 -111.90
N ASN LB 421 69.58 -123.26 -111.55
CA ASN LB 421 68.70 -124.44 -111.49
C ASN LB 421 67.43 -124.12 -112.26
N TRP LB 422 67.46 -124.36 -113.57
CA TRP LB 422 66.28 -124.16 -114.41
C TRP LB 422 65.40 -125.39 -114.49
N GLN LB 423 65.84 -126.54 -113.96
CA GLN LB 423 65.04 -127.75 -113.95
C GLN LB 423 64.73 -128.27 -112.56
N SER LB 424 65.42 -127.78 -111.52
CA SER LB 424 65.14 -128.22 -110.16
C SER LB 424 63.83 -127.66 -109.64
N GLN LB 425 63.50 -126.42 -109.98
CA GLN LB 425 62.26 -125.76 -109.57
C GLN LB 425 61.59 -125.12 -110.78
N GLY LB 426 61.50 -125.88 -111.87
CA GLY LB 426 60.88 -125.37 -113.08
C GLY LB 426 59.38 -125.16 -112.94
N LYS LB 427 58.71 -126.05 -112.21
CA LYS LB 427 57.28 -125.90 -112.00
C LYS LB 427 56.97 -124.73 -111.08
N LYS LB 428 57.79 -124.53 -110.04
CA LYS LB 428 57.57 -123.42 -109.12
C LYS LB 428 57.89 -122.08 -109.77
N ILE LB 429 58.89 -122.05 -110.66
CA ILE LB 429 59.20 -120.84 -111.40
C ILE LB 429 58.09 -120.52 -112.40
N ALA LB 430 57.48 -121.55 -112.99
CA ALA LB 430 56.40 -121.33 -113.94
C ALA LB 430 55.14 -120.86 -113.24
N LEU LB 431 54.88 -121.35 -112.03
CA LEU LB 431 53.71 -120.91 -111.29
C LEU LB 431 53.88 -119.49 -110.74
N PHE LB 432 55.11 -119.14 -110.35
CA PHE LB 432 55.37 -117.80 -109.83
C PHE LB 432 55.35 -116.75 -110.93
N PHE LB 433 55.86 -117.11 -112.12
CA PHE LB 433 55.81 -116.19 -113.25
C PHE LB 433 54.40 -116.00 -113.77
N LEU LB 434 53.57 -117.05 -113.70
CA LEU LB 434 52.16 -116.91 -114.06
C LEU LB 434 51.42 -116.04 -113.05
N GLU LB 435 51.79 -116.14 -111.77
CA GLU LB 435 51.26 -115.22 -110.76
C GLU LB 435 51.80 -113.82 -110.98
N VAL LB 436 53.04 -113.71 -111.45
CA VAL LB 436 53.59 -112.41 -111.84
C VAL LB 436 52.88 -111.90 -113.09
N ASP LB 437 52.51 -112.81 -114.00
CA ASP LB 437 51.77 -112.41 -115.20
C ASP LB 437 50.35 -111.96 -114.85
N ASP LB 438 49.74 -112.59 -113.85
CA ASP LB 438 48.41 -112.17 -113.41
C ASP LB 438 48.46 -110.87 -112.63
N LYS LB 439 49.62 -110.51 -112.09
CA LYS LB 439 49.76 -109.27 -111.34
C LYS LB 439 49.78 -108.08 -112.30
N PRO LB 440 48.95 -107.07 -112.08
CA PRO LB 440 48.93 -105.90 -112.98
C PRO LB 440 49.98 -104.83 -112.68
N GLU LB 441 50.86 -105.07 -111.72
CA GLU LB 441 51.93 -104.14 -111.35
C GLU LB 441 53.27 -104.86 -111.29
N LEU LB 442 53.54 -105.68 -112.29
CA LEU LB 442 54.75 -106.49 -112.37
C LEU LB 442 55.47 -106.27 -113.69
N GLN LB 443 55.67 -104.99 -114.03
CA GLN LB 443 56.36 -104.64 -115.26
C GLN LB 443 57.83 -104.99 -115.20
N LYS LB 444 58.48 -104.73 -114.07
CA LYS LB 444 59.89 -105.08 -113.92
C LYS LB 444 60.08 -106.58 -113.73
N VAL LB 445 59.11 -107.27 -113.14
CA VAL LB 445 59.20 -108.71 -112.94
C VAL LB 445 59.06 -109.44 -114.28
N ARG LB 446 58.15 -108.97 -115.13
CA ARG LB 446 57.97 -109.60 -116.43
C ARG LB 446 59.12 -109.31 -117.38
N GLU LB 447 59.82 -108.19 -117.18
CA GLU LB 447 60.96 -107.81 -118.01
C GLU LB 447 62.29 -108.27 -117.43
N VAL LB 448 62.28 -109.04 -116.34
CA VAL LB 448 63.53 -109.47 -115.71
C VAL LB 448 64.18 -110.58 -116.53
N ASN LB 449 65.47 -110.79 -116.27
CA ASN LB 449 66.24 -111.79 -116.98
C ASN LB 449 65.89 -113.20 -116.52
N PHE LB 450 66.17 -114.17 -117.39
CA PHE LB 450 65.89 -115.58 -117.11
C PHE LB 450 66.97 -116.44 -117.75
N PRO LB 451 66.92 -117.77 -117.56
CA PRO LB 451 67.92 -118.64 -118.18
C PRO LB 451 67.65 -118.80 -119.67
N GLU LB 452 68.63 -118.40 -120.49
CA GLU LB 452 68.47 -118.54 -121.94
C GLU LB 452 68.61 -119.99 -122.37
N GLU LB 453 69.31 -120.81 -121.59
CA GLU LB 453 69.38 -122.24 -121.88
C GLU LB 453 68.02 -122.90 -121.68
N PHE LB 454 67.26 -122.46 -120.67
CA PHE LB 454 65.91 -122.95 -120.49
C PHE LB 454 64.96 -122.41 -121.56
N ILE LB 455 65.26 -121.23 -122.11
CA ILE LB 455 64.45 -120.68 -123.19
C ILE LB 455 64.63 -121.49 -124.46
N LEU LB 456 65.87 -121.89 -124.75
CA LEU LB 456 66.11 -122.77 -125.89
C LEU LB 456 65.58 -124.18 -125.63
N SER LB 457 65.62 -124.61 -124.36
CA SER LB 457 65.06 -125.92 -124.02
C SER LB 457 63.55 -125.93 -124.14
N ILE LB 458 62.89 -124.84 -123.75
CA ILE LB 458 61.44 -124.73 -123.90
C ILE LB 458 61.06 -124.62 -125.38
N ARG LB 459 61.89 -123.94 -126.17
CA ARG LB 459 61.66 -123.86 -127.61
C ARG LB 459 61.86 -125.22 -128.26
N ASP LB 460 62.83 -125.99 -127.77
CA ASP LB 460 63.03 -127.35 -128.27
C ASP LB 460 61.93 -128.29 -127.77
N PHE LB 461 61.42 -128.05 -126.56
CA PHE LB 461 60.35 -128.90 -126.03
C PHE LB 461 59.04 -128.63 -126.74
N PHE LB 462 58.72 -127.36 -127.01
CA PHE LB 462 57.44 -127.03 -127.65
C PHE LB 462 57.41 -127.47 -129.11
N VAL LB 463 58.57 -127.56 -129.76
CA VAL LB 463 58.61 -128.05 -131.14
C VAL LB 463 58.31 -129.55 -131.19
N THR LB 464 58.81 -130.30 -130.21
CA THR LB 464 58.70 -131.76 -130.22
C THR LB 464 57.54 -132.29 -129.41
N ALA LB 465 56.70 -131.43 -128.85
CA ALA LB 465 55.59 -131.89 -128.02
C ALA LB 465 54.31 -132.03 -128.84
N GLU LB 466 53.34 -132.71 -128.25
CA GLU LB 466 52.00 -132.83 -128.81
C GLU LB 466 50.99 -132.31 -127.80
N ILE LB 467 49.78 -132.04 -128.28
CA ILE LB 467 48.72 -131.51 -127.43
C ILE LB 467 47.46 -132.34 -127.62
N ASN LB 468 47.62 -133.59 -128.03
CA ASN LB 468 46.48 -134.46 -128.30
C ASN LB 468 46.09 -135.29 -127.07
N ASP LB 469 45.98 -134.59 -125.92
CA ASP LB 469 45.56 -135.16 -124.65
C ASP LB 469 45.32 -133.99 -123.70
N SER LB 470 44.74 -134.29 -122.54
CA SER LB 470 44.61 -133.28 -121.50
C SER LB 470 45.96 -132.97 -120.87
N ASN LB 471 46.75 -134.00 -120.58
CA ASN LB 471 48.06 -133.79 -119.99
C ASN LB 471 49.08 -133.32 -121.02
N ASP LB 472 48.95 -133.76 -122.28
CA ASP LB 472 49.87 -133.33 -123.32
C ASP LB 472 49.68 -131.85 -123.65
N LEU LB 473 48.43 -131.38 -123.66
CA LEU LB 473 48.19 -129.95 -123.77
C LEU LB 473 48.63 -129.21 -122.52
N PHE LB 474 48.53 -129.85 -121.36
CA PHE LB 474 49.07 -129.27 -120.14
C PHE LB 474 50.60 -129.22 -120.17
N GLU LB 475 51.23 -130.24 -120.76
CA GLU LB 475 52.68 -130.21 -120.95
C GLU LB 475 53.08 -129.18 -122.00
N ILE LB 476 52.21 -128.96 -122.99
CA ILE LB 476 52.46 -127.93 -124.00
C ILE LB 476 52.33 -126.55 -123.37
N TYR LB 477 51.36 -126.37 -122.48
CA TYR LB 477 51.17 -125.09 -121.82
C TYR LB 477 52.28 -124.82 -120.80
N TRP LB 478 52.80 -125.87 -120.16
CA TRP LB 478 53.88 -125.69 -119.18
C TRP LB 478 55.17 -125.26 -119.86
N ARG LB 479 55.44 -125.81 -121.06
CA ARG LB 479 56.59 -125.35 -121.83
C ARG LB 479 56.34 -123.95 -122.38
N ALA LB 480 55.08 -123.63 -122.71
CA ALA LB 480 54.74 -122.29 -123.13
C ALA LB 480 54.84 -121.29 -121.98
N ILE LB 481 54.57 -121.73 -120.76
CA ILE LB 481 54.72 -120.86 -119.59
C ILE LB 481 56.19 -120.56 -119.34
N ILE LB 482 57.08 -121.51 -119.58
CA ILE LB 482 58.52 -121.27 -119.45
C ILE LB 482 59.00 -120.31 -120.53
N PHE LB 483 58.45 -120.43 -121.74
CA PHE LB 483 58.80 -119.56 -122.86
C PHE LB 483 57.77 -118.46 -123.06
N LYS LB 484 57.19 -117.95 -121.98
CA LYS LB 484 56.19 -116.89 -122.08
C LYS LB 484 56.83 -115.57 -122.49
N TYR LB 485 57.96 -115.23 -121.89
CA TYR LB 485 58.70 -114.01 -122.21
C TYR LB 485 60.03 -114.33 -122.90
N SER LB 486 60.05 -115.39 -123.71
CA SER LB 486 61.27 -115.78 -124.39
C SER LB 486 61.60 -114.84 -125.54
N LYS LB 487 60.57 -114.42 -126.29
CA LYS LB 487 60.67 -113.50 -127.43
C LYS LB 487 61.60 -114.05 -128.52
N LEU LB 488 61.22 -115.20 -129.07
CA LEU LB 488 61.98 -115.87 -130.11
C LEU LB 488 61.08 -116.17 -131.30
N GLN LB 489 61.69 -116.32 -132.47
CA GLN LB 489 60.95 -116.56 -133.71
C GLN LB 489 60.84 -118.06 -133.96
N ASN LB 490 59.97 -118.70 -133.18
CA ASN LB 490 59.66 -120.12 -133.34
C ASN LB 490 58.19 -120.32 -133.67
N THR LB 491 57.62 -119.43 -134.50
CA THR LB 491 56.19 -119.50 -134.81
C THR LB 491 55.86 -120.63 -135.77
N GLU LB 492 56.86 -121.11 -136.53
CA GLU LB 492 56.64 -122.23 -137.43
C GLU LB 492 56.41 -123.53 -136.66
N ILE LB 493 57.15 -123.73 -135.57
CA ILE LB 493 56.89 -124.87 -134.69
C ILE LB 493 55.60 -124.66 -133.91
N ILE LB 494 55.27 -123.40 -133.60
CA ILE LB 494 54.04 -123.10 -132.86
C ILE LB 494 52.81 -123.35 -133.73
N ILE LB 495 52.89 -123.01 -135.01
CA ILE LB 495 51.78 -123.20 -135.95
C ILE LB 495 51.63 -124.68 -136.25
N PRO LB 496 52.73 -125.44 -136.30
CA PRO LB 496 52.59 -126.90 -136.47
C PRO LB 496 52.00 -127.59 -135.25
N LEU LB 497 52.26 -127.06 -134.04
CA LEU LB 497 51.66 -127.61 -132.84
C LEU LB 497 50.20 -127.20 -132.73
N LEU LB 498 49.87 -125.98 -133.17
CA LEU LB 498 48.48 -125.50 -133.09
C LEU LB 498 47.60 -126.22 -134.11
N GLU LB 499 48.15 -126.56 -135.28
CA GLU LB 499 47.40 -127.32 -136.27
C GLU LB 499 47.17 -128.75 -135.82
N ARG LB 500 48.14 -129.33 -135.11
CA ARG LB 500 47.96 -130.66 -134.54
C ARG LB 500 46.97 -130.62 -133.38
N ILE LB 501 46.98 -129.53 -132.60
CA ILE LB 501 46.00 -129.36 -131.53
C ILE LB 501 44.61 -129.15 -132.10
N PHE LB 502 44.51 -128.41 -133.22
CA PHE LB 502 43.22 -128.21 -133.86
C PHE LB 502 42.71 -129.49 -134.51
N SER LB 503 43.63 -130.32 -135.03
CA SER LB 503 43.23 -131.60 -135.59
C SER LB 503 42.83 -132.59 -134.50
N THR LB 504 43.42 -132.46 -133.31
CA THR LB 504 43.07 -133.37 -132.22
C THR LB 504 41.70 -133.07 -131.64
N PHE LB 505 41.36 -131.78 -131.49
CA PHE LB 505 40.07 -131.37 -130.94
C PHE LB 505 39.71 -130.03 -131.56
N ALA LB 506 38.86 -130.06 -132.59
CA ALA LB 506 38.40 -128.82 -133.22
C ALA LB 506 37.48 -128.04 -132.28
N SER LB 507 36.63 -128.73 -131.52
CA SER LB 507 35.77 -128.07 -130.56
C SER LB 507 36.53 -127.91 -129.24
N PRO LB 508 36.73 -126.68 -128.75
CA PRO LB 508 37.49 -126.52 -127.51
C PRO LB 508 36.62 -126.55 -126.27
N ASP LB 509 37.12 -127.23 -125.25
CA ASP LB 509 36.46 -127.30 -123.95
C ASP LB 509 36.86 -126.07 -123.12
N ASN LB 510 36.56 -126.10 -121.82
CA ASN LB 510 36.95 -125.00 -120.94
C ASN LB 510 38.46 -124.94 -120.77
N PHE LB 511 39.10 -126.11 -120.65
CA PHE LB 511 40.56 -126.15 -120.57
C PHE LB 511 41.20 -125.96 -121.93
N THR LB 512 40.57 -126.48 -122.99
CA THR LB 512 41.19 -126.44 -124.32
C THR LB 512 41.12 -125.04 -124.92
N LYS LB 513 40.04 -124.30 -124.68
CA LYS LB 513 39.99 -122.91 -125.12
C LYS LB 513 40.90 -122.04 -124.27
N ASP LB 514 41.12 -122.42 -123.01
CA ASP LB 514 42.12 -121.75 -122.19
C ASP LB 514 43.52 -122.02 -122.73
N MET LB 515 43.77 -123.23 -123.21
CA MET LB 515 45.04 -123.53 -123.86
C MET LB 515 45.14 -122.84 -125.21
N VAL LB 516 44.00 -122.71 -125.92
CA VAL LB 516 43.98 -121.96 -127.16
C VAL LB 516 44.19 -120.46 -126.90
N GLY LB 517 43.62 -119.96 -125.80
CA GLY LB 517 43.84 -118.58 -125.42
C GLY LB 517 45.27 -118.31 -124.97
N THR LB 518 45.87 -119.28 -124.28
CA THR LB 518 47.27 -119.13 -123.86
C THR LB 518 48.21 -119.22 -125.07
N LEU LB 519 47.82 -119.98 -126.09
CA LEU LB 519 48.58 -119.98 -127.34
C LEU LB 519 48.43 -118.66 -128.07
N LEU LB 520 47.24 -118.05 -128.00
CA LEU LB 520 47.05 -116.73 -128.58
C LEU LB 520 47.75 -115.65 -127.77
N LYS LB 521 47.81 -115.81 -126.45
CA LYS LB 521 48.49 -114.83 -125.61
C LYS LB 521 50.01 -114.90 -125.80
N ILE LB 522 50.54 -116.11 -125.99
CA ILE LB 522 51.97 -116.26 -126.28
C ILE LB 522 52.30 -115.75 -127.68
N TYR LB 523 51.35 -115.81 -128.59
CA TYR LB 523 51.54 -115.33 -129.96
C TYR LB 523 51.58 -113.81 -129.96
N ARG LB 524 52.78 -113.25 -130.02
CA ARG LB 524 52.97 -111.80 -130.04
C ARG LB 524 53.83 -111.32 -131.20
N LYS LB 525 54.37 -112.23 -132.01
CA LYS LB 525 55.21 -111.86 -133.14
C LYS LB 525 55.11 -112.90 -134.26
N ASN LB 532 50.06 -111.55 -140.78
CA ASN LB 532 49.27 -112.11 -141.86
C ASN LB 532 48.90 -113.56 -141.57
N ASN LB 533 49.87 -114.33 -141.10
CA ASN LB 533 49.61 -115.73 -140.77
C ASN LB 533 48.78 -115.86 -139.49
N LEU LB 534 48.90 -114.88 -138.59
CA LEU LB 534 48.11 -114.91 -137.35
C LEU LB 534 46.64 -114.63 -137.63
N LEU LB 535 46.35 -113.72 -138.57
CA LEU LB 535 44.97 -113.38 -138.88
C LEU LB 535 44.29 -114.51 -139.64
N LYS LB 536 45.03 -115.22 -140.50
CA LYS LB 536 44.48 -116.37 -141.20
C LYS LB 536 44.21 -117.52 -140.24
N THR LB 537 45.08 -117.70 -139.25
CA THR LB 537 44.83 -118.70 -138.22
C THR LB 537 43.69 -118.28 -137.30
N ILE LB 538 43.53 -116.97 -137.07
CA ILE LB 538 42.38 -116.47 -136.31
C ILE LB 538 41.09 -116.68 -137.11
N LEU LB 539 41.16 -116.52 -138.43
CA LEU LB 539 40.02 -116.84 -139.28
C LEU LB 539 39.75 -118.34 -139.31
N ASP LB 540 40.81 -119.16 -139.26
CA ASP LB 540 40.62 -120.60 -139.23
C ASP LB 540 40.10 -121.08 -137.87
N ASN LB 541 40.56 -120.45 -136.79
CA ASN LB 541 40.15 -120.81 -135.43
C ASN LB 541 39.14 -119.83 -134.87
N TYR LB 542 38.29 -119.25 -135.73
CA TYR LB 542 37.23 -118.37 -135.25
C TYR LB 542 36.13 -119.16 -134.55
N GLU LB 543 35.98 -120.44 -134.89
CA GLU LB 543 35.04 -121.32 -134.20
C GLU LB 543 35.72 -122.17 -133.14
N ASN LB 544 37.00 -121.95 -132.86
CA ASN LB 544 37.72 -122.78 -131.90
C ASN LB 544 38.45 -121.95 -130.84
N TYR LB 545 38.89 -120.74 -131.20
CA TYR LB 545 39.67 -119.92 -130.30
C TYR LB 545 39.22 -118.46 -130.34
N LYS LB 546 37.91 -118.24 -130.35
CA LYS LB 546 37.39 -116.87 -130.31
C LYS LB 546 36.31 -116.67 -129.26
N GLU LB 547 35.54 -117.71 -128.95
CA GLU LB 547 34.42 -117.60 -128.02
C GLU LB 547 34.84 -117.93 -126.59
N SER LB 548 35.80 -117.15 -126.09
CA SER LB 548 36.27 -117.28 -124.73
C SER LB 548 36.83 -115.93 -124.28
N LEU LB 549 36.97 -115.77 -122.97
CA LEU LB 549 37.49 -114.51 -122.43
C LEU LB 549 38.98 -114.37 -122.71
N ASN LB 550 39.74 -115.43 -122.50
CA ASN LB 550 41.18 -115.39 -122.77
C ASN LB 550 41.46 -115.45 -124.28
N PHE LB 551 40.62 -116.15 -125.03
CA PHE LB 551 40.83 -116.28 -126.47
C PHE LB 551 40.53 -114.97 -127.19
N LEU LB 552 39.51 -114.24 -126.75
CA LEU LB 552 39.23 -112.93 -127.34
C LEU LB 552 40.27 -111.90 -126.88
N ARG LB 553 40.84 -112.08 -125.68
CA ARG LB 553 41.91 -111.21 -125.22
C ARG LB 553 43.15 -111.37 -126.08
N GLY LB 554 43.49 -112.60 -126.44
CA GLY LB 554 44.58 -112.81 -127.38
C GLY LB 554 44.24 -112.33 -128.78
N TRP LB 555 42.97 -112.46 -129.18
CA TRP LB 555 42.55 -112.00 -130.50
C TRP LB 555 42.54 -110.47 -130.57
N ASN LB 556 42.14 -109.80 -129.49
CA ASN LB 556 42.15 -108.35 -129.47
C ASN LB 556 43.57 -107.81 -129.41
N LYS LB 557 44.47 -108.52 -128.72
CA LYS LB 557 45.87 -108.12 -128.71
C LYS LB 557 46.52 -108.37 -130.06
N LEU LB 558 46.07 -109.40 -130.78
CA LEU LB 558 46.60 -109.65 -132.12
C LEU LB 558 46.05 -108.65 -133.13
N VAL LB 559 44.78 -108.26 -132.98
CA VAL LB 559 44.17 -107.32 -133.92
C VAL LB 559 44.73 -105.92 -133.72
N SER LB 560 44.97 -105.52 -132.46
CA SER LB 560 45.48 -104.18 -132.19
C SER LB 560 46.93 -104.05 -132.64
N ASN LB 561 47.74 -105.10 -132.45
CA ASN LB 561 49.13 -105.05 -132.87
C ASN LB 561 49.28 -105.17 -134.38
N LEU LB 562 48.29 -105.71 -135.07
CA LEU LB 562 48.38 -105.89 -136.51
C LEU LB 562 48.17 -104.56 -137.24
N HIS LB 563 48.52 -104.56 -138.52
CA HIS LB 563 48.34 -103.41 -139.39
C HIS LB 563 47.52 -103.81 -140.62
N PRO LB 564 46.82 -102.85 -141.24
CA PRO LB 564 45.95 -103.20 -142.38
C PRO LB 564 46.72 -103.44 -143.67
N SER LB 565 47.30 -104.62 -143.78
CA SER LB 565 48.02 -105.02 -144.98
C SER LB 565 47.04 -105.36 -146.10
N GLU LB 566 47.51 -105.19 -147.34
CA GLU LB 566 46.66 -105.49 -148.50
C GLU LB 566 46.48 -106.98 -148.69
N SER LB 567 47.45 -107.80 -148.27
CA SER LB 567 47.32 -109.24 -148.36
C SER LB 567 46.26 -109.76 -147.40
N LEU LB 568 46.20 -109.21 -146.19
CA LEU LB 568 45.15 -109.58 -145.25
C LEU LB 568 43.81 -108.93 -145.62
N LYS LB 569 43.85 -107.85 -146.41
CA LYS LB 569 42.62 -107.20 -146.86
C LYS LB 569 41.88 -108.05 -147.87
N GLY LB 570 42.62 -108.79 -148.71
CA GLY LB 570 41.99 -109.72 -149.63
C GLY LB 570 41.34 -110.89 -148.92
N LEU LB 571 41.96 -111.38 -147.85
CA LEU LB 571 41.37 -112.44 -147.05
C LEU LB 571 40.18 -111.94 -146.24
N MET LB 572 40.26 -110.69 -145.77
CA MET LB 572 39.14 -110.12 -145.01
C MET LB 572 37.96 -109.81 -145.91
N SER LB 573 38.22 -109.42 -147.16
CA SER LB 573 37.13 -109.18 -148.10
C SER LB 573 36.46 -110.49 -148.51
N HIS LB 574 37.24 -111.57 -148.62
CA HIS LB 574 36.67 -112.87 -148.98
C HIS LB 574 35.94 -113.50 -147.80
N TYR LB 575 36.25 -113.09 -146.57
CA TYR LB 575 35.63 -113.66 -145.38
C TYR LB 575 34.82 -112.59 -144.66
N PRO LB 576 33.50 -112.50 -144.89
CA PRO LB 576 32.70 -111.48 -144.21
C PRO LB 576 32.15 -111.95 -142.87
N SER LB 577 32.71 -113.03 -142.33
CA SER LB 577 32.21 -113.64 -141.10
C SER LB 577 32.59 -112.86 -139.84
N LEU LB 578 33.40 -111.79 -139.97
CA LEU LB 578 33.75 -111.00 -138.79
C LEU LB 578 32.58 -110.19 -138.27
N LEU LB 579 31.59 -109.91 -139.12
CA LEU LB 579 30.38 -109.21 -138.67
C LEU LB 579 29.54 -110.11 -137.76
N LEU LB 580 29.42 -111.38 -138.11
CA LEU LB 580 28.63 -112.30 -137.29
C LEU LB 580 29.39 -112.69 -136.03
N SER LB 581 30.73 -112.73 -136.10
CA SER LB 581 31.53 -113.13 -134.94
C SER LB 581 31.54 -112.04 -133.87
N LEU LB 582 31.53 -110.77 -134.28
CA LEU LB 582 31.53 -109.68 -133.32
C LEU LB 582 30.18 -109.55 -132.62
N THR LB 583 29.08 -109.91 -133.30
CA THR LB 583 27.77 -109.88 -132.67
C THR LB 583 27.64 -110.95 -131.59
N ASP LB 584 28.20 -112.13 -131.85
CA ASP LB 584 28.21 -113.17 -130.81
C ASP LB 584 29.18 -112.84 -129.69
N ASN LB 585 30.30 -112.17 -130.02
CA ASN LB 585 31.25 -111.77 -128.99
C ASN LB 585 30.68 -110.67 -128.10
N PHE LB 586 29.93 -109.73 -128.68
CA PHE LB 586 29.26 -108.72 -127.89
C PHE LB 586 28.07 -109.30 -127.12
N MET LB 587 27.51 -110.41 -127.58
CA MET LB 587 26.46 -111.12 -126.84
C MET LB 587 27.13 -112.09 -125.87
N LEU LB 588 27.65 -111.54 -124.79
CA LEU LB 588 28.36 -112.30 -123.78
C LEU LB 588 27.82 -111.96 -122.40
N PRO LB 589 27.96 -112.87 -121.44
CA PRO LB 589 27.47 -112.62 -120.08
C PRO LB 589 28.48 -111.90 -119.18
N ASP LB 590 29.69 -111.61 -119.66
CA ASP LB 590 30.69 -110.89 -118.90
C ASP LB 590 30.83 -109.49 -119.46
N GLY LB 591 30.72 -108.49 -118.59
CA GLY LB 591 30.81 -107.10 -119.03
C GLY LB 591 32.21 -106.71 -119.47
N LYS LB 592 33.24 -107.18 -118.74
CA LYS LB 592 34.61 -106.82 -119.09
C LYS LB 592 35.07 -107.52 -120.37
N ILE LB 593 34.61 -108.76 -120.58
CA ILE LB 593 34.91 -109.46 -121.83
C ILE LB 593 34.17 -108.82 -122.99
N ARG LB 594 32.93 -108.37 -122.77
CA ARG LB 594 32.19 -107.68 -123.83
C ARG LB 594 32.77 -106.30 -124.10
N TYR LB 595 33.33 -105.66 -123.08
CA TYR LB 595 34.01 -104.38 -123.28
C TYR LB 595 35.29 -104.56 -124.09
N GLU LB 596 36.02 -105.65 -123.86
CA GLU LB 596 37.18 -105.96 -124.67
C GLU LB 596 36.77 -106.39 -126.07
N THR LB 597 35.64 -107.08 -126.20
CA THR LB 597 35.17 -107.51 -127.51
C THR LB 597 34.64 -106.33 -128.32
N LEU LB 598 34.02 -105.35 -127.66
CA LEU LB 598 33.56 -104.15 -128.35
C LEU LB 598 34.74 -103.30 -128.81
N GLU LB 599 35.81 -103.24 -128.00
CA GLU LB 599 37.04 -102.59 -128.44
C GLU LB 599 37.71 -103.38 -129.55
N LEU LB 600 37.59 -104.70 -129.51
CA LEU LB 600 38.13 -105.53 -130.59
C LEU LB 600 37.32 -105.38 -131.87
N MET LB 601 35.99 -105.25 -131.74
CA MET LB 601 35.14 -105.10 -132.91
C MET LB 601 35.33 -103.73 -133.57
N LYS LB 602 35.54 -102.69 -132.76
CA LYS LB 602 35.80 -101.38 -133.32
C LYS LB 602 37.17 -101.31 -133.99
N THR LB 603 38.16 -102.00 -133.43
CA THR LB 603 39.48 -102.04 -134.04
C THR LB 603 39.48 -102.88 -135.31
N LEU LB 604 38.66 -103.94 -135.35
CA LEU LB 604 38.57 -104.77 -136.54
C LEU LB 604 37.85 -104.04 -137.67
N MET LB 605 36.84 -103.23 -137.32
CA MET LB 605 36.13 -102.46 -138.34
C MET LB 605 36.99 -101.33 -138.89
N ILE LB 606 37.86 -100.77 -138.06
CA ILE LB 606 38.75 -99.69 -138.50
C ILE LB 606 39.82 -100.23 -139.45
N LEU LB 607 40.33 -101.44 -139.18
CA LEU LB 607 41.36 -102.02 -140.03
C LEU LB 607 40.78 -102.51 -141.36
N GLN LB 608 39.58 -103.11 -141.32
CA GLN LB 608 39.00 -103.66 -142.53
C GLN LB 608 38.48 -102.56 -143.46
N GLY LB 609 37.80 -101.56 -142.90
CA GLY LB 609 37.23 -100.50 -143.72
C GLY LB 609 37.26 -99.13 -143.07
N MET LB 610 36.63 -98.16 -143.69
CA MET LB 610 36.58 -96.78 -143.19
C MET LB 610 35.22 -96.48 -142.58
N GLN LB 611 34.64 -97.46 -141.90
CA GLN LB 611 33.31 -97.34 -141.29
C GLN LB 611 33.35 -97.87 -139.85
N VAL LB 612 34.33 -97.41 -139.08
CA VAL LB 612 34.46 -97.82 -137.68
C VAL LB 612 33.33 -97.22 -136.86
N PRO LB 613 32.59 -98.02 -136.09
CA PRO LB 613 31.43 -97.50 -135.36
C PRO LB 613 31.84 -96.72 -134.12
N ASP LB 614 31.57 -95.42 -134.12
CA ASP LB 614 31.81 -94.61 -132.94
C ASP LB 614 30.80 -94.89 -131.84
N LEU LB 615 29.62 -95.39 -132.21
CA LEU LB 615 28.64 -95.83 -131.22
C LEU LB 615 29.15 -97.03 -130.44
N LEU LB 616 29.84 -97.95 -131.12
CA LEU LB 616 30.50 -99.05 -130.42
C LEU LB 616 31.67 -98.56 -129.59
N SER LB 617 32.36 -97.50 -130.06
CA SER LB 617 33.39 -96.86 -129.24
C SER LB 617 32.77 -96.17 -128.03
N SER LB 618 31.61 -95.55 -128.21
CA SER LB 618 30.92 -94.91 -127.09
C SER LB 618 30.35 -95.94 -126.13
N CYS LB 619 29.91 -97.09 -126.64
CA CYS LB 619 29.43 -98.16 -125.77
C CYS LB 619 30.57 -98.78 -124.97
N MET LB 620 31.75 -98.88 -125.58
CA MET LB 620 32.92 -99.38 -124.85
C MET LB 620 33.38 -98.37 -123.82
N VAL LB 621 33.26 -97.07 -124.11
CA VAL LB 621 33.57 -96.04 -123.13
C VAL LB 621 32.54 -96.05 -122.01
N ILE LB 622 31.27 -96.32 -122.35
CA ILE LB 622 30.24 -96.50 -121.32
C ILE LB 622 30.51 -97.77 -120.53
N GLU LB 623 31.01 -98.82 -121.20
CA GLU LB 623 31.44 -100.02 -120.49
C GLU LB 623 32.70 -99.77 -119.68
N GLU LB 624 33.57 -98.86 -120.15
CA GLU LB 624 34.73 -98.47 -119.35
C GLU LB 624 34.33 -97.62 -118.16
N ILE LB 625 33.23 -96.87 -118.27
CA ILE LB 625 32.71 -96.07 -117.17
C ILE LB 625 32.15 -97.01 -116.11
N PRO LB 626 32.60 -96.92 -114.86
CA PRO LB 626 32.12 -97.85 -113.84
C PRO LB 626 30.69 -97.54 -113.41
N LEU LB 627 30.01 -98.57 -112.94
CA LEU LB 627 28.64 -98.45 -112.43
C LEU LB 627 28.64 -98.21 -110.92
N THR LB 628 29.34 -97.17 -110.49
CA THR LB 628 29.43 -96.83 -109.08
C THR LB 628 28.18 -96.07 -108.64
N LEU LB 629 28.15 -95.67 -107.37
CA LEU LB 629 27.00 -94.95 -106.84
C LEU LB 629 26.94 -93.54 -107.39
N GLN LB 630 28.07 -92.84 -107.43
CA GLN LB 630 28.10 -91.49 -107.99
C GLN LB 630 28.02 -91.52 -109.51
N ASN LB 631 28.50 -92.59 -110.14
CA ASN LB 631 28.48 -92.73 -111.58
C ASN LB 631 27.26 -93.49 -112.09
N ALA LB 632 26.29 -93.75 -111.22
CA ALA LB 632 25.07 -94.45 -111.64
C ALA LB 632 24.25 -93.60 -112.59
N ARG LB 633 24.12 -92.31 -112.30
CA ARG LB 633 23.39 -91.41 -113.19
C ARG LB 633 24.16 -91.13 -114.47
N ASP LB 634 25.50 -91.10 -114.40
CA ASP LB 634 26.32 -90.85 -115.57
C ASP LB 634 26.25 -92.00 -116.57
N LEU LB 635 26.26 -93.23 -116.06
CA LEU LB 635 26.11 -94.39 -116.94
C LEU LB 635 24.69 -94.47 -117.49
N THR LB 636 23.70 -94.07 -116.69
CA THR LB 636 22.32 -94.05 -117.16
C THR LB 636 22.10 -92.98 -118.22
N ILE LB 637 22.77 -91.84 -118.06
CA ILE LB 637 22.69 -90.79 -119.08
C ILE LB 637 23.42 -91.22 -120.34
N ARG LB 638 24.54 -91.94 -120.19
CA ARG LB 638 25.30 -92.39 -121.35
C ARG LB 638 24.57 -93.51 -122.09
N ILE LB 639 23.90 -94.40 -121.36
CA ILE LB 639 23.17 -95.50 -121.99
C ILE LB 639 21.93 -94.97 -122.69
N LYS LB 640 21.24 -94.00 -122.09
CA LYS LB 640 20.05 -93.41 -122.71
C LYS LB 640 20.43 -92.61 -123.95
N ASN LB 641 21.58 -91.93 -123.92
CA ASN LB 641 22.07 -91.24 -125.10
C ASN LB 641 22.48 -92.23 -126.19
N VAL LB 642 23.12 -93.34 -125.79
CA VAL LB 642 23.47 -94.39 -126.75
C VAL LB 642 22.23 -95.07 -127.29
N GLY LB 643 21.22 -95.24 -126.43
CA GLY LB 643 19.94 -95.73 -126.90
C GLY LB 643 19.24 -94.74 -127.83
N ALA LB 644 19.39 -93.45 -127.55
CA ALA LB 644 18.85 -92.43 -128.45
C ALA LB 644 19.64 -92.36 -129.75
N GLU LB 645 20.95 -92.59 -129.69
CA GLU LB 645 21.77 -92.50 -130.88
C GLU LB 645 21.57 -93.71 -131.80
N PHE LB 646 21.38 -94.89 -131.23
CA PHE LB 646 21.22 -96.09 -132.05
C PHE LB 646 19.86 -96.13 -132.74
N GLY LB 647 18.81 -95.70 -132.04
CA GLY LB 647 17.49 -95.69 -132.65
C GLY LB 647 17.34 -94.64 -133.74
N LYS LB 648 17.93 -93.46 -133.54
CA LYS LB 648 17.78 -92.38 -134.52
C LYS LB 648 18.60 -92.64 -135.77
N THR LB 649 19.84 -93.09 -135.62
CA THR LB 649 20.72 -93.29 -136.75
C THR LB 649 20.43 -94.62 -137.43
N LYS LB 650 20.27 -94.59 -138.76
CA LYS LB 650 20.09 -95.80 -139.53
C LYS LB 650 21.44 -96.38 -139.89
N THR LB 651 21.61 -97.68 -139.61
CA THR LB 651 22.88 -98.36 -139.83
C THR LB 651 22.61 -99.70 -140.49
N ASP LB 652 23.65 -100.52 -140.58
CA ASP LB 652 23.56 -101.82 -141.23
C ASP LB 652 23.12 -102.89 -140.24
N LYS LB 653 23.12 -104.14 -140.70
CA LYS LB 653 22.69 -105.24 -139.85
C LYS LB 653 23.75 -105.59 -138.81
N LEU LB 654 25.03 -105.37 -139.13
CA LEU LB 654 26.10 -105.70 -138.20
C LEU LB 654 26.11 -104.75 -137.01
N VAL LB 655 25.87 -103.46 -137.25
CA VAL LB 655 25.77 -102.50 -136.15
C VAL LB 655 24.50 -102.73 -135.35
N SER LB 656 23.42 -103.12 -136.02
CA SER LB 656 22.16 -103.41 -135.32
C SER LB 656 22.27 -104.67 -134.47
N SER LB 657 23.00 -105.68 -134.96
CA SER LB 657 23.22 -106.89 -134.17
C SER LB 657 24.16 -106.60 -133.00
N PHE LB 658 25.14 -105.71 -133.20
CA PHE LB 658 26.03 -105.32 -132.11
C PHE LB 658 25.30 -104.46 -131.09
N PHE LB 659 24.33 -103.65 -131.53
CA PHE LB 659 23.55 -102.85 -130.61
C PHE LB 659 22.60 -103.71 -129.79
N LEU LB 660 22.04 -104.76 -130.41
CA LEU LB 660 21.17 -105.67 -129.68
C LEU LB 660 21.96 -106.55 -128.73
N LYS LB 661 23.19 -106.92 -129.12
CA LYS LB 661 24.03 -107.74 -128.25
C LYS LB 661 24.56 -106.94 -127.07
N TYR LB 662 24.85 -105.66 -127.28
CA TYR LB 662 25.28 -104.80 -126.18
C TYR LB 662 24.15 -104.51 -125.23
N LEU LB 663 22.91 -104.43 -125.75
CA LEU LB 663 21.74 -104.21 -124.89
C LEU LB 663 21.46 -105.44 -124.04
N PHE LB 664 21.62 -106.63 -124.60
CA PHE LB 664 21.46 -107.86 -123.82
C PHE LB 664 22.61 -108.02 -122.83
N GLY LB 665 23.82 -107.61 -123.21
CA GLY LB 665 24.94 -107.66 -122.29
C GLY LB 665 24.80 -106.67 -121.16
N LEU LB 666 24.21 -105.50 -121.43
CA LEU LB 666 23.94 -104.53 -120.39
C LEU LB 666 22.88 -105.02 -119.41
N LEU LB 667 21.88 -105.76 -119.91
CA LEU LB 667 20.90 -106.37 -119.02
C LEU LB 667 21.51 -107.52 -118.22
N THR LB 668 22.48 -108.22 -118.80
CA THR LB 668 23.16 -109.31 -118.14
C THR LB 668 24.35 -108.85 -117.30
N VAL LB 669 24.59 -107.54 -117.23
CA VAL LB 669 25.74 -107.02 -116.47
C VAL LB 669 25.46 -106.88 -114.99
N ARG LB 670 24.28 -107.33 -114.52
CA ARG LB 670 23.86 -107.30 -113.11
C ARG LB 670 23.86 -105.88 -112.53
N PHE LB 671 23.53 -104.89 -113.36
CA PHE LB 671 23.43 -103.51 -112.93
C PHE LB 671 21.99 -103.03 -113.13
N SER LB 672 21.41 -102.46 -112.08
CA SER LB 672 20.03 -101.99 -112.14
C SER LB 672 19.84 -100.85 -113.12
N PRO LB 673 20.70 -99.82 -113.14
CA PRO LB 673 20.49 -98.74 -114.12
C PRO LB 673 20.81 -99.15 -115.55
N VAL LB 674 21.74 -100.08 -115.75
CA VAL LB 674 22.04 -100.57 -117.09
C VAL LB 674 20.89 -101.41 -117.63
N TRP LB 675 20.29 -102.23 -116.77
CA TRP LB 675 19.15 -103.06 -117.18
C TRP LB 675 17.92 -102.20 -117.43
N THR LB 676 17.76 -101.11 -116.66
CA THR LB 676 16.64 -100.21 -116.89
C THR LB 676 16.81 -99.41 -118.18
N GLY LB 677 18.05 -99.02 -118.48
CA GLY LB 677 18.33 -98.37 -119.76
C GLY LB 677 18.14 -99.30 -120.94
N VAL LB 678 18.52 -100.57 -120.78
CA VAL LB 678 18.32 -101.55 -121.83
C VAL LB 678 16.84 -101.84 -122.02
N PHE LB 679 16.08 -101.86 -120.93
CA PHE LB 679 14.64 -102.08 -121.03
C PHE LB 679 13.94 -100.87 -121.65
N ASP LB 680 14.45 -99.67 -121.38
CA ASP LB 680 13.89 -98.48 -122.00
C ASP LB 680 14.20 -98.43 -123.49
N THR LB 681 15.38 -98.92 -123.89
CA THR LB 681 15.77 -98.97 -125.28
C THR LB 681 15.18 -100.17 -126.02
N LEU LB 682 14.49 -101.06 -125.32
CA LEU LB 682 13.91 -102.22 -125.97
C LEU LB 682 12.78 -101.88 -126.93
N PRO LB 683 12.05 -100.77 -126.77
CA PRO LB 683 11.00 -100.44 -127.75
C PRO LB 683 11.55 -100.04 -129.10
N ASN LB 684 12.75 -99.45 -129.14
CA ASN LB 684 13.36 -99.09 -130.42
C ASN LB 684 13.93 -100.33 -131.11
N VAL LB 685 14.45 -101.28 -130.34
CA VAL LB 685 14.99 -102.51 -130.92
C VAL LB 685 13.87 -103.38 -131.47
N TYR LB 686 12.72 -103.40 -130.79
CA TYR LB 686 11.59 -104.21 -131.24
C TYR LB 686 10.99 -103.66 -132.53
N THR LB 687 11.00 -102.33 -132.68
CA THR LB 687 10.50 -101.74 -133.92
C THR LB 687 11.50 -101.91 -135.06
N LYS LB 688 12.79 -102.00 -134.76
CA LYS LB 688 13.80 -102.04 -135.81
C LYS LB 688 13.98 -103.44 -136.37
N ASP LB 689 14.40 -104.40 -135.54
CA ASP LB 689 14.71 -105.75 -135.99
C ASP LB 689 13.83 -106.76 -135.28
N GLU LB 690 13.58 -107.87 -135.96
CA GLU LB 690 12.72 -108.93 -135.43
C GLU LB 690 13.34 -110.31 -135.53
N ALA LB 691 14.27 -110.53 -136.46
CA ALA LB 691 14.82 -111.86 -136.69
C ALA LB 691 15.82 -112.24 -135.59
N LEU LB 692 16.89 -111.45 -135.46
CA LEU LB 692 17.88 -111.72 -134.43
C LEU LB 692 17.38 -111.35 -133.05
N VAL LB 693 16.37 -110.48 -132.97
CA VAL LB 693 15.80 -110.10 -131.68
C VAL LB 693 15.03 -111.28 -131.07
N TRP LB 694 14.24 -111.97 -131.90
CA TRP LB 694 13.50 -113.14 -131.40
C TRP LB 694 14.43 -114.31 -131.12
N LYS LB 695 15.53 -114.42 -131.88
CA LYS LB 695 16.51 -115.47 -131.60
C LYS LB 695 17.24 -115.20 -130.30
N LEU LB 696 17.54 -113.94 -130.01
CA LEU LB 696 18.19 -113.60 -128.74
C LEU LB 696 17.20 -113.71 -127.58
N VAL LB 697 15.92 -113.42 -127.83
CA VAL LB 697 14.91 -113.53 -126.80
C VAL LB 697 14.64 -114.99 -126.46
N LEU LB 698 14.55 -115.84 -127.48
CA LEU LB 698 14.26 -117.26 -127.24
C LEU LB 698 15.46 -117.97 -126.60
N SER LB 699 16.67 -117.56 -126.96
CA SER LB 699 17.86 -118.13 -126.32
C SER LB 699 17.97 -117.71 -124.87
N PHE LB 700 17.57 -116.47 -124.56
CA PHE LB 700 17.52 -116.03 -123.17
C PHE LB 700 16.32 -116.58 -122.43
N ILE LB 701 15.21 -116.87 -123.14
CA ILE LB 701 14.11 -117.62 -122.53
C ILE LB 701 14.55 -119.05 -122.26
N LYS LB 702 15.39 -119.61 -123.13
CA LYS LB 702 15.97 -120.93 -122.95
C LYS LB 702 17.32 -120.87 -122.26
N LEU LB 703 17.49 -119.92 -121.32
CA LEU LB 703 18.71 -119.81 -120.54
C LEU LB 703 18.93 -121.06 -119.68
N PRO LB 704 20.14 -121.21 -119.10
CA PRO LB 704 20.68 -122.54 -118.75
C PRO LB 704 19.86 -123.37 -117.77
N ASP LB 705 19.27 -124.44 -118.31
CA ASP LB 705 18.69 -125.53 -117.54
C ASP LB 705 19.56 -126.77 -117.62
N GLU LB 706 19.93 -127.17 -118.83
CA GLU LB 706 21.12 -127.99 -119.02
C GLU LB 706 22.33 -127.09 -118.78
N ASN LB 707 22.98 -127.28 -117.63
CA ASN LB 707 23.95 -126.31 -117.13
C ASN LB 707 25.22 -126.31 -117.97
N GLN LB 708 25.96 -125.20 -117.87
CA GLN LB 708 27.24 -125.08 -118.53
C GLN LB 708 28.25 -126.03 -117.89
N ASN LB 709 29.14 -126.58 -118.73
CA ASN LB 709 30.13 -127.53 -118.26
C ASN LB 709 31.17 -126.86 -117.37
N LEU LB 710 31.56 -127.56 -116.32
CA LEU LB 710 32.51 -127.06 -115.33
C LEU LB 710 33.66 -128.04 -115.16
N ASP LB 711 34.20 -128.50 -116.29
CA ASP LB 711 35.36 -129.40 -116.30
C ASP LB 711 36.57 -128.65 -116.83
N TYR LB 712 37.66 -128.70 -116.06
CA TYR LB 712 38.87 -127.98 -116.44
C TYR LB 712 40.07 -128.94 -116.47
N TYR LB 713 41.27 -128.38 -116.63
CA TYR LB 713 42.49 -129.18 -116.68
C TYR LB 713 42.87 -129.57 -115.25
N GLN LB 714 42.48 -130.77 -114.84
CA GLN LB 714 42.81 -131.26 -113.51
C GLN LB 714 44.27 -131.67 -113.45
N PRO LB 715 45.07 -131.09 -112.58
CA PRO LB 715 46.50 -131.46 -112.51
C PRO LB 715 46.70 -132.70 -111.64
N LEU LB 716 47.97 -133.04 -111.44
CA LEU LB 716 48.31 -134.19 -110.62
C LEU LB 716 48.08 -133.90 -109.15
N LEU LB 717 47.81 -134.96 -108.38
CA LEU LB 717 47.50 -134.84 -106.96
C LEU LB 717 48.78 -134.99 -106.13
N GLU LB 718 49.69 -134.05 -106.32
CA GLU LB 718 50.95 -134.00 -105.57
C GLU LB 718 51.01 -132.67 -104.85
N ASP LB 719 50.90 -132.69 -103.52
CA ASP LB 719 50.92 -131.48 -102.72
C ASP LB 719 51.43 -131.79 -101.33
N GLY LB 720 51.89 -130.75 -100.64
CA GLY LB 720 52.37 -130.89 -99.28
C GLY LB 720 51.64 -129.99 -98.31
N ALA LB 721 50.93 -130.57 -97.36
CA ALA LB 721 50.13 -129.82 -96.40
C ALA LB 721 50.88 -129.71 -95.08
N ASN LB 722 51.12 -128.49 -94.64
CA ASN LB 722 51.80 -128.23 -93.38
C ASN LB 722 51.41 -126.85 -92.88
N LYS LB 723 51.58 -126.64 -91.57
CA LYS LB 723 51.31 -125.35 -90.97
C LYS LB 723 52.44 -124.38 -91.30
N VAL LB 724 52.06 -123.16 -91.71
CA VAL LB 724 53.05 -122.14 -92.02
C VAL LB 724 53.73 -121.64 -90.75
N LEU LB 725 52.95 -121.43 -89.69
CA LEU LB 725 53.47 -121.01 -88.40
C LEU LB 725 52.84 -121.86 -87.32
N TRP LB 726 53.36 -121.71 -86.10
CA TRP LB 726 52.86 -122.47 -84.97
C TRP LB 726 51.51 -121.90 -84.50
N ASP LB 727 50.79 -122.72 -83.73
CA ASP LB 727 49.43 -122.38 -83.30
C ASP LB 727 49.51 -121.34 -82.19
N SER LB 728 49.61 -120.08 -82.60
CA SER LB 728 49.67 -118.95 -81.69
C SER LB 728 48.27 -118.37 -81.49
N SER LB 729 48.21 -117.22 -80.82
CA SER LB 729 46.94 -116.56 -80.48
C SER LB 729 46.98 -115.10 -80.93
N VAL LB 730 47.43 -114.86 -82.15
CA VAL LB 730 47.44 -113.54 -82.76
C VAL LB 730 46.56 -113.55 -83.99
N VAL LB 731 45.59 -112.64 -84.04
CA VAL LB 731 44.59 -112.65 -85.09
C VAL LB 731 45.16 -112.08 -86.39
N ARG LB 732 45.82 -110.92 -86.29
CA ARG LB 732 46.34 -110.28 -87.49
C ARG LB 732 47.59 -110.97 -88.03
N LEU LB 733 48.39 -111.56 -87.13
CA LEU LB 733 49.62 -112.22 -87.59
C LEU LB 733 49.31 -113.54 -88.27
N ARG LB 734 48.31 -114.28 -87.78
CA ARG LB 734 47.94 -115.54 -88.43
C ARG LB 734 47.21 -115.29 -89.75
N ASP LB 735 46.55 -114.15 -89.88
CA ASP LB 735 45.94 -113.78 -91.16
C ASP LB 735 47.00 -113.52 -92.22
N THR LB 736 48.10 -112.85 -91.83
CA THR LB 736 49.23 -112.69 -92.74
C THR LB 736 49.97 -114.01 -92.94
N ILE LB 737 49.96 -114.87 -91.91
CA ILE LB 737 50.57 -116.19 -92.05
C ILE LB 737 49.74 -117.07 -92.99
N ASP LB 738 48.41 -116.94 -92.94
CA ASP LB 738 47.55 -117.70 -93.84
C ASP LB 738 47.69 -117.20 -95.28
N THR LB 739 47.93 -115.89 -95.45
CA THR LB 739 48.24 -115.37 -96.78
C THR LB 739 49.57 -115.90 -97.28
N PHE LB 740 50.55 -116.01 -96.40
CA PHE LB 740 51.80 -116.67 -96.76
C PHE LB 740 51.62 -118.17 -96.91
N SER LB 741 50.65 -118.76 -96.20
CA SER LB 741 50.32 -120.17 -96.39
C SER LB 741 49.67 -120.40 -97.76
N HIS LB 742 48.93 -119.41 -98.25
CA HIS LB 742 48.38 -119.50 -99.60
C HIS LB 742 49.49 -119.41 -100.65
N ILE LB 743 50.51 -118.60 -100.39
CA ILE LB 743 51.63 -118.49 -101.32
C ILE LB 743 52.49 -119.74 -101.28
N TRP LB 744 52.70 -120.30 -100.09
CA TRP LB 744 53.56 -121.48 -99.96
C TRP LB 744 52.89 -122.73 -100.51
N SER LB 745 51.56 -122.86 -100.33
CA SER LB 745 50.86 -124.01 -100.88
C SER LB 745 50.77 -123.93 -102.41
N LYS LB 746 50.68 -122.71 -102.95
CA LYS LB 746 50.72 -122.54 -104.39
C LYS LB 746 52.11 -122.84 -104.94
N TYR LB 747 53.15 -122.52 -104.18
CA TYR LB 747 54.51 -122.86 -104.60
C TYR LB 747 54.79 -124.34 -104.43
N SER LB 748 54.11 -125.00 -103.48
CA SER LB 748 54.30 -126.44 -103.26
C SER LB 748 53.63 -127.23 -104.37
N THR LB 749 52.31 -127.10 -104.51
CA THR LB 749 51.57 -127.71 -105.62
C THR LB 749 51.54 -126.76 -106.81
N GLN LB 750 52.72 -126.59 -107.42
CA GLN LB 750 52.88 -125.61 -108.48
C GLN LB 750 52.16 -126.02 -109.76
N ASN LB 751 52.10 -127.32 -110.03
CA ASN LB 751 51.33 -127.81 -111.16
C ASN LB 751 49.83 -127.62 -110.92
N THR LB 752 49.39 -127.81 -109.67
CA THR LB 752 47.99 -127.56 -109.35
C THR LB 752 47.69 -126.06 -109.32
N SER LB 753 48.66 -125.26 -108.87
CA SER LB 753 48.46 -123.81 -108.84
C SER LB 753 48.45 -123.21 -110.25
N ILE LB 754 49.21 -123.80 -111.17
CA ILE LB 754 49.19 -123.34 -112.56
C ILE LB 754 47.84 -123.65 -113.21
N ILE LB 755 47.27 -124.80 -112.88
CA ILE LB 755 45.95 -125.16 -113.39
C ILE LB 755 44.88 -124.28 -112.77
N SER LB 756 45.04 -123.93 -111.48
CA SER LB 756 44.09 -123.04 -110.82
C SER LB 756 44.19 -121.62 -111.35
N THR LB 757 45.41 -121.17 -111.66
CA THR LB 757 45.59 -119.83 -112.23
C THR LB 757 45.07 -119.78 -113.66
N THR LB 758 45.18 -120.89 -114.39
CA THR LB 758 44.62 -120.94 -115.74
C THR LB 758 43.09 -120.93 -115.70
N ILE LB 759 42.50 -121.59 -114.70
CA ILE LB 759 41.06 -121.56 -114.52
C ILE LB 759 40.59 -120.19 -114.07
N GLU LB 760 41.37 -119.53 -113.20
CA GLU LB 760 41.00 -118.22 -112.70
C GLU LB 760 41.13 -117.15 -113.79
N ARG LB 761 42.12 -117.27 -114.66
CA ARG LB 761 42.30 -116.32 -115.75
C ARG LB 761 41.47 -116.68 -116.98
N ARG LB 762 40.72 -117.78 -116.95
CA ARG LB 762 39.91 -118.19 -118.09
C ARG LB 762 38.70 -117.30 -118.30
N GLY LB 763 38.30 -116.54 -117.30
CA GLY LB 763 37.16 -115.66 -117.39
C GLY LB 763 35.93 -116.22 -116.71
N ASN LB 764 34.77 -115.70 -117.12
CA ASN LB 764 33.50 -116.11 -116.54
C ASN LB 764 32.41 -115.93 -117.60
N THR LB 765 31.87 -117.05 -118.08
CA THR LB 765 30.78 -117.03 -119.04
C THR LB 765 29.44 -117.36 -118.39
N THR LB 766 29.36 -117.34 -117.06
CA THR LB 766 28.14 -117.70 -116.36
C THR LB 766 27.14 -116.54 -116.45
N TYR LB 767 25.97 -116.82 -117.01
CA TYR LB 767 24.92 -115.82 -117.11
C TYR LB 767 24.26 -115.61 -115.75
N PRO LB 768 23.56 -114.49 -115.58
CA PRO LB 768 22.88 -114.24 -114.31
C PRO LB 768 21.65 -115.11 -114.13
N ILE LB 769 21.20 -115.20 -112.87
CA ILE LB 769 20.04 -116.01 -112.54
C ILE LB 769 18.77 -115.41 -113.11
N LEU LB 770 18.68 -114.08 -113.12
CA LEU LB 770 17.52 -113.37 -113.63
C LEU LB 770 17.62 -113.04 -115.11
N ILE LB 771 18.41 -113.82 -115.86
CA ILE LB 771 18.52 -113.61 -117.31
C ILE LB 771 17.21 -113.98 -117.99
N ARG LB 772 16.58 -115.08 -117.57
CA ARG LB 772 15.26 -115.42 -118.09
C ARG LB 772 14.19 -114.45 -117.59
N ASN LB 773 14.39 -113.87 -116.41
CA ASN LB 773 13.50 -112.83 -115.93
C ASN LB 773 13.63 -111.56 -116.76
N GLN LB 774 14.85 -111.24 -117.20
CA GLN LB 774 15.05 -110.11 -118.10
C GLN LB 774 14.50 -110.42 -119.49
N ALA LB 775 14.52 -111.70 -119.89
CA ALA LB 775 13.97 -112.10 -121.18
C ALA LB 775 12.45 -111.94 -121.20
N LEU LB 776 11.79 -112.32 -120.11
CA LEU LB 776 10.33 -112.17 -120.04
C LEU LB 776 9.93 -110.71 -119.92
N LYS LB 777 10.77 -109.89 -119.25
CA LYS LB 777 10.52 -108.46 -119.17
C LYS LB 777 10.65 -107.80 -120.54
N VAL LB 778 11.63 -108.23 -121.34
CA VAL LB 778 11.76 -107.73 -122.70
C VAL LB 778 10.63 -108.25 -123.57
N MET LB 779 10.21 -109.50 -123.36
CA MET LB 779 9.11 -110.06 -124.11
C MET LB 779 7.78 -109.42 -123.73
N LEU LB 780 7.62 -109.01 -122.47
CA LEU LB 780 6.43 -108.27 -122.08
C LEU LB 780 6.45 -106.86 -122.66
N SER LB 781 7.64 -106.27 -122.82
CA SER LB 781 7.74 -104.95 -123.42
C SER LB 781 7.44 -105.01 -124.92
N ILE LB 782 7.80 -106.10 -125.58
CA ILE LB 782 7.55 -106.26 -127.00
C ILE LB 782 6.41 -107.26 -127.18
N PRO LB 783 5.15 -106.80 -127.12
CA PRO LB 783 4.03 -107.74 -127.24
C PRO LB 783 3.87 -108.35 -128.63
N GLN LB 784 4.45 -107.74 -129.67
CA GLN LB 784 4.40 -108.31 -131.01
C GLN LB 784 5.45 -109.39 -131.23
N VAL LB 785 6.37 -109.59 -130.28
CA VAL LB 785 7.42 -110.59 -130.45
C VAL LB 785 6.84 -111.99 -130.35
N ALA LB 786 5.94 -112.21 -129.39
CA ALA LB 786 5.29 -113.51 -129.27
C ALA LB 786 4.30 -113.74 -130.41
N GLU LB 787 3.63 -112.67 -130.86
CA GLU LB 787 2.66 -112.80 -131.94
C GLU LB 787 3.33 -113.05 -133.29
N ASN LB 788 4.57 -112.60 -133.47
CA ASN LB 788 5.24 -112.80 -134.75
C ASN LB 788 5.82 -114.21 -134.86
N HIS LB 789 6.54 -114.66 -133.83
CA HIS LB 789 7.17 -115.99 -133.90
C HIS LB 789 6.14 -117.09 -133.64
N PHE LB 790 5.60 -117.12 -132.42
CA PHE LB 790 4.57 -118.07 -131.95
C PHE LB 790 5.00 -119.52 -132.15
N VAL LB 791 6.30 -119.79 -132.02
CA VAL LB 791 6.85 -121.11 -132.29
C VAL LB 791 7.66 -121.59 -131.11
N ASP LB 792 8.60 -120.75 -130.66
CA ASP LB 792 9.48 -121.14 -129.57
C ASP LB 792 8.79 -121.08 -128.21
N ILE LB 793 7.62 -120.47 -128.11
CA ILE LB 793 6.91 -120.35 -126.83
C ILE LB 793 5.82 -121.42 -126.76
N ALA LB 794 5.77 -122.30 -127.75
CA ALA LB 794 4.75 -123.33 -127.82
C ALA LB 794 4.98 -124.42 -126.77
N PRO LB 795 6.10 -125.15 -126.86
CA PRO LB 795 6.29 -126.30 -125.96
C PRO LB 795 6.69 -125.90 -124.55
N PHE LB 796 7.30 -124.72 -124.41
CA PHE LB 796 7.71 -124.26 -123.08
C PHE LB 796 6.49 -123.89 -122.23
N VAL LB 797 5.48 -123.28 -122.85
CA VAL LB 797 4.27 -122.93 -122.10
C VAL LB 797 3.35 -124.14 -121.98
N TYR LB 798 3.49 -125.13 -122.88
CA TYR LB 798 2.65 -126.31 -122.83
C TYR LB 798 2.96 -127.18 -121.62
N ASN LB 799 4.25 -127.35 -121.31
CA ASN LB 799 4.67 -128.08 -120.12
C ASN LB 799 4.86 -127.17 -118.92
N ASP LB 800 4.71 -125.85 -119.11
CA ASP LB 800 4.93 -124.82 -118.08
C ASP LB 800 6.33 -124.92 -117.47
N PHE LB 801 7.32 -125.20 -118.33
CA PHE LB 801 8.73 -125.43 -117.98
C PHE LB 801 8.92 -126.48 -116.89
N SER LB 819 10.58 -126.60 -112.36
CA SER LB 819 9.88 -125.97 -113.47
C SER LB 819 10.21 -124.49 -113.55
N TRP LB 820 9.25 -123.69 -114.00
CA TRP LB 820 9.44 -122.26 -114.13
C TRP LB 820 9.48 -121.58 -112.76
N THR LB 821 10.11 -120.41 -112.73
CA THR LB 821 10.17 -119.63 -111.50
C THR LB 821 8.82 -118.97 -111.24
N GLU LB 822 8.67 -118.45 -110.02
CA GLU LB 822 7.40 -117.86 -109.60
C GLU LB 822 7.12 -116.55 -110.32
N VAL LB 823 8.11 -115.66 -110.36
CA VAL LB 823 7.93 -114.40 -111.07
C VAL LB 823 8.02 -114.61 -112.57
N ASP LB 824 8.75 -115.64 -113.01
CA ASP LB 824 8.90 -115.89 -114.45
C ASP LB 824 7.63 -116.45 -115.05
N ARG LB 825 6.94 -117.36 -114.33
CA ARG LB 825 5.69 -117.90 -114.84
C ARG LB 825 4.58 -116.86 -114.82
N ASN LB 826 4.64 -115.93 -113.86
CA ASN LB 826 3.69 -114.83 -113.84
C ASN LB 826 3.95 -113.87 -115.00
N VAL LB 827 5.22 -113.63 -115.32
CA VAL LB 827 5.56 -112.75 -116.44
C VAL LB 827 5.22 -113.41 -117.77
N PHE LB 828 5.45 -114.72 -117.89
CA PHE LB 828 5.16 -115.43 -119.12
C PHE LB 828 3.66 -115.54 -119.36
N LEU LB 829 2.88 -115.71 -118.28
CA LEU LB 829 1.43 -115.71 -118.43
C LEU LB 829 0.91 -114.31 -118.76
N LYS LB 830 1.57 -113.28 -118.24
CA LYS LB 830 1.21 -111.91 -118.60
C LYS LB 830 1.58 -111.62 -120.05
N THR LB 831 2.68 -112.17 -120.53
CA THR LB 831 3.05 -112.03 -121.93
C THR LB 831 2.10 -112.81 -122.82
N LEU LB 832 1.64 -113.97 -122.37
CA LEU LB 832 0.62 -114.72 -123.11
C LEU LB 832 -0.72 -114.00 -123.07
N SER LB 833 -1.02 -113.32 -121.97
CA SER LB 833 -2.25 -112.52 -121.90
C SER LB 833 -2.17 -111.27 -122.76
N LYS LB 834 -0.96 -110.77 -122.99
CA LYS LB 834 -0.77 -109.59 -123.82
C LYS LB 834 -0.63 -109.93 -125.31
N PHE LB 835 -0.74 -111.20 -125.67
CA PHE LB 835 -0.66 -111.59 -127.08
C PHE LB 835 -1.89 -111.11 -127.83
N LYS LB 836 -1.68 -110.62 -129.05
CA LYS LB 836 -2.77 -110.04 -129.83
C LYS LB 836 -3.67 -111.11 -130.43
N ASN LB 837 -3.11 -111.97 -131.27
CA ASN LB 837 -3.87 -112.99 -131.99
C ASN LB 837 -3.83 -114.29 -131.18
N ILE LB 838 -4.69 -114.35 -130.16
CA ILE LB 838 -4.83 -115.57 -129.38
C ILE LB 838 -5.51 -116.66 -130.19
N LYS LB 839 -6.49 -116.28 -131.02
CA LYS LB 839 -7.21 -117.26 -131.83
C LYS LB 839 -6.37 -117.78 -132.99
N ASN LB 840 -5.33 -117.07 -133.40
CA ASN LB 840 -4.46 -117.51 -134.47
C ASN LB 840 -3.24 -118.27 -133.97
N VAL LB 841 -3.30 -118.82 -132.76
CA VAL LB 841 -2.18 -119.55 -132.18
C VAL LB 841 -2.07 -120.92 -132.82
N TYR LB 842 -0.94 -121.60 -132.58
CA TYR LB 842 -0.72 -122.92 -133.18
C TYR LB 842 -1.60 -123.98 -132.54
N SER LB 843 -1.68 -123.97 -131.21
CA SER LB 843 -2.46 -124.97 -130.46
C SER LB 843 -3.35 -124.23 -129.46
N ALA LB 844 -4.55 -123.86 -129.90
CA ALA LB 844 -5.49 -123.19 -129.00
C ALA LB 844 -6.09 -124.17 -128.01
N THR LB 845 -6.15 -125.45 -128.35
CA THR LB 845 -6.70 -126.46 -127.44
C THR LB 845 -5.76 -126.69 -126.26
N GLU LB 846 -4.46 -126.80 -126.53
CA GLU LB 846 -3.48 -126.93 -125.45
C GLU LB 846 -3.33 -125.63 -124.68
N LEU LB 847 -3.57 -124.49 -125.34
CA LEU LB 847 -3.57 -123.21 -124.65
C LEU LB 847 -4.73 -123.12 -123.66
N HIS LB 848 -5.92 -123.59 -124.06
CA HIS LB 848 -7.05 -123.64 -123.15
C HIS LB 848 -6.84 -124.70 -122.07
N ASP LB 849 -6.12 -125.77 -122.39
CA ASP LB 849 -5.74 -126.76 -121.38
C ASP LB 849 -4.79 -126.16 -120.36
N HIS LB 850 -3.83 -125.34 -120.82
CA HIS LB 850 -2.96 -124.63 -119.89
C HIS LB 850 -3.72 -123.52 -119.16
N LEU LB 851 -4.72 -122.93 -119.82
CA LEU LB 851 -5.54 -121.91 -119.16
C LEU LB 851 -6.37 -122.51 -118.04
N MET LB 852 -6.93 -123.70 -118.25
CA MET LB 852 -7.65 -124.38 -117.19
C MET LB 852 -6.72 -124.88 -116.10
N VAL LB 853 -5.47 -125.21 -116.47
CA VAL LB 853 -4.48 -125.62 -115.48
C VAL LB 853 -4.09 -124.43 -114.61
N LEU LB 854 -3.95 -123.25 -115.21
CA LEU LB 854 -3.70 -122.05 -114.44
C LEU LB 854 -4.94 -121.63 -113.65
N LEU LB 855 -6.14 -121.92 -114.18
CA LEU LB 855 -7.37 -121.65 -113.43
C LEU LB 855 -7.50 -122.58 -112.24
N GLY LB 856 -7.02 -123.83 -112.37
CA GLY LB 856 -7.06 -124.77 -111.27
C GLY LB 856 -5.99 -124.54 -110.22
N SER LB 857 -5.02 -123.68 -110.50
CA SER LB 857 -4.00 -123.36 -109.51
C SER LB 857 -4.58 -122.49 -108.40
N ARG LB 858 -4.01 -122.64 -107.21
CA ARG LB 858 -4.47 -121.89 -106.04
C ARG LB 858 -3.89 -120.49 -105.96
N ASN LB 859 -2.96 -120.13 -106.86
CA ASN LB 859 -2.37 -118.81 -106.86
C ASN LB 859 -3.36 -117.79 -107.40
N THR LB 860 -3.48 -116.66 -106.70
CA THR LB 860 -4.40 -115.61 -107.14
C THR LB 860 -3.90 -114.90 -108.38
N ASP LB 861 -2.59 -114.75 -108.53
CA ASP LB 861 -2.03 -114.13 -109.73
C ASP LB 861 -2.21 -115.03 -110.94
N VAL LB 862 -2.15 -116.35 -110.74
CA VAL LB 862 -2.46 -117.28 -111.82
C VAL LB 862 -3.94 -117.22 -112.17
N GLN LB 863 -4.79 -117.00 -111.16
CA GLN LB 863 -6.21 -116.82 -111.41
C GLN LB 863 -6.49 -115.53 -112.17
N LYS LB 864 -5.75 -114.46 -111.86
CA LYS LB 864 -5.91 -113.21 -112.60
C LYS LB 864 -5.34 -113.33 -114.00
N LEU LB 865 -4.27 -114.12 -114.17
CA LEU LB 865 -3.71 -114.34 -115.49
C LEU LB 865 -4.63 -115.19 -116.35
N ALA LB 866 -5.29 -116.17 -115.75
CA ALA LB 866 -6.27 -116.98 -116.48
C ALA LB 866 -7.52 -116.18 -116.80
N LEU LB 867 -7.90 -115.24 -115.93
CA LEU LB 867 -9.02 -114.35 -116.22
C LEU LB 867 -8.69 -113.42 -117.38
N ASP LB 868 -7.43 -113.00 -117.49
CA ASP LB 868 -6.99 -112.25 -118.66
C ASP LB 868 -6.95 -113.15 -119.89
N ALA LB 869 -6.64 -114.43 -119.71
CA ALA LB 869 -6.71 -115.38 -120.81
C ALA LB 869 -8.16 -115.65 -121.21
N LEU LB 870 -9.07 -115.67 -120.25
CA LEU LB 870 -10.47 -115.87 -120.56
C LEU LB 870 -11.08 -114.65 -121.23
N LEU LB 871 -10.64 -113.45 -120.83
CA LEU LB 871 -11.13 -112.24 -121.48
C LEU LB 871 -10.55 -112.08 -122.87
N ALA LB 872 -9.35 -112.64 -123.12
CA ALA LB 872 -8.76 -112.57 -124.44
C ALA LB 872 -9.45 -113.50 -125.42
N TYR LB 873 -10.14 -114.52 -124.93
CA TYR LB 873 -10.89 -115.42 -125.79
C TYR LB 873 -12.09 -114.69 -126.38
N LYS LB 874 -12.37 -114.97 -127.65
CA LYS LB 874 -13.44 -114.30 -128.37
C LYS LB 874 -14.78 -114.87 -127.92
N ASN LB 875 -15.47 -114.16 -127.04
CA ASN LB 875 -16.79 -114.54 -126.58
C ASN LB 875 -17.55 -113.29 -126.16
N PRO LB 876 -18.67 -112.98 -126.82
CA PRO LB 876 -19.37 -111.72 -126.47
C PRO LB 876 -20.13 -111.80 -125.16
N THR LB 877 -20.66 -112.98 -124.82
CA THR LB 877 -21.34 -113.13 -123.53
C THR LB 877 -20.33 -113.07 -122.38
N LEU LB 878 -19.15 -113.65 -122.57
CA LEU LB 878 -18.09 -113.52 -121.57
C LEU LB 878 -17.55 -112.10 -121.52
N ASN LB 879 -17.57 -111.39 -122.65
CA ASN LB 879 -17.28 -109.95 -122.64
C ASN LB 879 -18.34 -109.19 -121.86
N LYS LB 880 -19.60 -109.61 -121.98
CA LYS LB 880 -20.67 -109.04 -121.16
C LYS LB 880 -20.51 -109.43 -119.70
N TYR LB 881 -20.02 -110.65 -119.45
CA TYR LB 881 -19.77 -111.13 -118.10
C TYR LB 881 -18.34 -110.89 -117.65
N ARG LB 882 -17.64 -109.95 -118.28
CA ARG LB 882 -16.27 -109.64 -117.89
C ARG LB 882 -16.21 -108.97 -116.52
N ASP LB 883 -17.25 -108.22 -116.16
CA ASP LB 883 -17.34 -107.66 -114.82
C ASP LB 883 -17.59 -108.75 -113.79
N ASN LB 884 -18.31 -109.80 -114.19
CA ASN LB 884 -18.54 -110.94 -113.28
C ASN LB 884 -17.26 -111.73 -113.06
N LEU LB 885 -16.41 -111.82 -114.09
CA LEU LB 885 -15.14 -112.54 -113.94
C LEU LB 885 -14.16 -111.75 -113.07
N LYS LB 886 -14.16 -110.42 -113.20
CA LYS LB 886 -13.26 -109.60 -112.41
C LYS LB 886 -13.70 -109.53 -110.95
N ASN LB 887 -15.01 -109.49 -110.71
CA ASN LB 887 -15.51 -109.45 -109.34
C ASN LB 887 -15.31 -110.78 -108.63
N LEU LB 888 -15.39 -111.90 -109.37
CA LEU LB 888 -15.08 -113.19 -108.78
C LEU LB 888 -13.58 -113.34 -108.53
N LEU LB 889 -12.75 -112.71 -109.37
CA LEU LB 889 -11.31 -112.74 -109.15
C LEU LB 889 -10.90 -111.89 -107.97
N ASP LB 890 -11.65 -110.82 -107.70
CA ASP LB 890 -11.34 -109.93 -106.59
C ASP LB 890 -11.72 -110.59 -105.27
N ASP LB 891 -10.74 -110.71 -104.36
CA ASP LB 891 -11.00 -111.34 -103.07
C ASP LB 891 -11.83 -110.46 -102.15
N THR LB 892 -11.71 -109.14 -102.30
CA THR LB 892 -12.50 -108.23 -101.48
C THR LB 892 -13.97 -108.26 -101.88
N LEU LB 893 -14.27 -108.56 -103.14
CA LEU LB 893 -15.63 -108.67 -103.63
C LEU LB 893 -16.01 -110.12 -103.92
N PHE LB 894 -15.44 -111.07 -103.16
CA PHE LB 894 -15.69 -112.48 -103.39
C PHE LB 894 -17.11 -112.86 -102.98
N LYS LB 895 -17.55 -112.41 -101.81
CA LYS LB 895 -18.91 -112.69 -101.36
C LYS LB 895 -19.93 -111.84 -102.12
N ASP LB 896 -19.51 -110.65 -102.55
CA ASP LB 896 -20.41 -109.78 -103.30
C ASP LB 896 -20.67 -110.31 -104.71
N GLU LB 897 -19.66 -110.92 -105.33
CA GLU LB 897 -19.83 -111.47 -106.67
C GLU LB 897 -20.74 -112.69 -106.65
N ILE LB 898 -20.69 -113.48 -105.58
CA ILE LB 898 -21.60 -114.61 -105.44
C ILE LB 898 -23.03 -114.11 -105.21
N THR LB 899 -23.18 -113.04 -104.43
CA THR LB 899 -24.50 -112.51 -104.10
C THR LB 899 -25.09 -111.67 -105.22
N THR LB 900 -24.30 -111.26 -106.21
CA THR LB 900 -24.82 -110.47 -107.33
C THR LB 900 -24.69 -111.20 -108.65
N PHE LB 901 -23.48 -111.60 -109.05
CA PHE LB 901 -23.29 -112.19 -110.36
C PHE LB 901 -23.70 -113.66 -110.39
N LEU LB 902 -23.23 -114.43 -109.40
CA LEU LB 902 -23.52 -115.85 -109.35
C LEU LB 902 -24.89 -116.16 -108.75
N THR LB 903 -25.59 -115.15 -108.24
CA THR LB 903 -26.89 -115.37 -107.60
C THR LB 903 -27.95 -115.53 -108.67
N GLU LB 904 -28.64 -116.67 -108.65
CA GLU LB 904 -29.75 -116.93 -109.54
C GLU LB 904 -31.07 -116.54 -108.88
N ASN LB 905 -32.11 -116.41 -109.72
CA ASN LB 905 -33.46 -115.98 -109.33
C ASN LB 905 -33.44 -114.63 -108.60
N GLY LB 906 -32.64 -113.71 -109.13
CA GLY LB 906 -32.51 -112.39 -108.54
C GLY LB 906 -32.00 -111.35 -109.51
N SER LB 907 -31.13 -110.47 -109.04
CA SER LB 907 -30.57 -109.41 -109.85
C SER LB 907 -29.16 -109.78 -110.31
N GLN LB 908 -28.77 -109.24 -111.46
CA GLN LB 908 -27.45 -109.41 -112.09
C GLN LB 908 -27.11 -110.88 -112.35
N SER LB 909 -28.12 -111.67 -112.69
CA SER LB 909 -27.90 -113.07 -113.00
C SER LB 909 -27.42 -113.22 -114.44
N ILE LB 910 -26.80 -114.36 -114.72
CA ILE LB 910 -26.30 -114.64 -116.06
C ILE LB 910 -27.45 -115.11 -116.95
N LYS LB 911 -27.21 -115.08 -118.25
CA LYS LB 911 -28.18 -115.56 -119.21
C LYS LB 911 -28.15 -117.09 -119.27
N ALA LB 912 -29.13 -117.66 -119.98
CA ALA LB 912 -29.23 -119.11 -120.08
C ALA LB 912 -28.10 -119.69 -120.92
N GLU LB 913 -27.86 -119.10 -122.10
CA GLU LB 913 -26.78 -119.58 -122.95
C GLU LB 913 -25.42 -119.11 -122.44
N ASP LB 914 -25.38 -117.98 -121.74
CA ASP LB 914 -24.11 -117.42 -121.27
C ASP LB 914 -23.53 -118.25 -120.13
N GLU LB 915 -24.37 -118.64 -119.17
CA GLU LB 915 -23.89 -119.45 -118.04
C GLU LB 915 -23.58 -120.87 -118.47
N LYS LB 916 -24.23 -121.37 -119.51
CA LYS LB 916 -23.93 -122.70 -120.03
C LYS LB 916 -22.57 -122.73 -120.71
N VAL LB 917 -22.25 -121.68 -121.46
CA VAL LB 917 -20.95 -121.60 -122.13
C VAL LB 917 -19.85 -121.35 -121.11
N VAL LB 918 -20.11 -120.49 -120.13
CA VAL LB 918 -19.11 -120.10 -119.14
C VAL LB 918 -19.21 -120.95 -117.88
N MET LB 919 -19.86 -122.11 -117.96
CA MET LB 919 -19.92 -123.03 -116.82
C MET LB 919 -18.56 -123.56 -116.42
N PRO LB 920 -17.69 -124.00 -117.33
CA PRO LB 920 -16.39 -124.53 -116.90
C PRO LB 920 -15.45 -123.45 -116.38
N TYR LB 921 -15.53 -122.23 -116.92
CA TYR LB 921 -14.69 -121.15 -116.43
C TYR LB 921 -15.13 -120.70 -115.03
N VAL LB 922 -16.44 -120.67 -114.78
CA VAL LB 922 -16.94 -120.32 -113.46
C VAL LB 922 -16.61 -121.41 -112.45
N LEU LB 923 -16.67 -122.67 -112.88
CA LEU LB 923 -16.38 -123.78 -111.98
C LEU LB 923 -14.89 -123.87 -111.66
N ARG LB 924 -14.04 -123.57 -112.63
CA ARG LB 924 -12.60 -123.63 -112.40
C ARG LB 924 -12.14 -122.51 -111.47
N ILE LB 925 -12.78 -121.35 -111.56
CA ILE LB 925 -12.49 -120.25 -110.63
C ILE LB 925 -13.01 -120.59 -109.24
N PHE LB 926 -14.19 -121.21 -109.17
CA PHE LB 926 -14.76 -121.58 -107.87
C PHE LB 926 -13.97 -122.71 -107.22
N PHE LB 927 -13.53 -123.69 -108.02
CA PHE LB 927 -12.70 -124.77 -107.49
C PHE LB 927 -11.32 -124.27 -107.10
N GLY LB 928 -10.80 -123.28 -107.83
CA GLY LB 928 -9.53 -122.67 -107.45
C GLY LB 928 -9.62 -121.92 -106.14
N ARG LB 929 -10.78 -121.28 -105.89
CA ARG LB 929 -11.02 -120.70 -104.58
C ARG LB 929 -11.16 -121.77 -103.51
N ALA LB 930 -11.76 -122.90 -103.87
CA ALA LB 930 -11.86 -124.02 -102.94
C ALA LB 930 -10.51 -124.69 -102.70
N GLN LB 931 -9.66 -124.73 -103.74
CA GLN LB 931 -8.36 -125.37 -103.61
C GLN LB 931 -7.37 -124.53 -102.81
N VAL LB 932 -7.69 -123.28 -102.50
CA VAL LB 932 -6.83 -122.48 -101.64
C VAL LB 932 -6.86 -123.05 -100.23
N PRO LB 933 -5.76 -123.05 -99.49
CA PRO LB 933 -5.75 -123.64 -98.15
C PRO LB 933 -6.45 -122.74 -97.15
N PRO LB 934 -7.29 -123.30 -96.29
CA PRO LB 934 -8.04 -122.48 -95.31
C PRO LB 934 -7.27 -122.30 -94.00
N THR LB 935 -6.07 -121.72 -94.10
CA THR LB 935 -5.30 -121.42 -92.90
C THR LB 935 -5.86 -120.23 -92.15
N SER LB 936 -6.29 -119.21 -92.87
CA SER LB 936 -6.87 -118.01 -92.26
C SER LB 936 -8.37 -118.18 -92.06
N GLY LB 937 -8.92 -117.35 -91.16
CA GLY LB 937 -10.36 -117.37 -90.93
C GLY LB 937 -11.15 -116.87 -92.12
N GLN LB 938 -10.62 -115.86 -92.83
CA GLN LB 938 -11.27 -115.39 -94.05
C GLN LB 938 -11.16 -116.43 -95.16
N LYS LB 939 -10.06 -117.19 -95.18
CA LYS LB 939 -9.94 -118.28 -96.14
C LYS LB 939 -10.89 -119.42 -95.81
N ARG LB 940 -11.13 -119.67 -94.52
CA ARG LB 940 -12.08 -120.68 -94.10
C ARG LB 940 -13.51 -120.26 -94.44
N SER LB 941 -13.82 -118.97 -94.28
CA SER LB 941 -15.14 -118.47 -94.63
C SER LB 941 -15.33 -118.44 -96.14
N ARG LB 942 -14.24 -118.23 -96.89
CA ARG LB 942 -14.32 -118.29 -98.35
C ARG LB 942 -14.59 -119.72 -98.83
N LYS LB 943 -14.05 -120.71 -98.12
CA LYS LB 943 -14.32 -122.11 -98.45
C LYS LB 943 -15.77 -122.47 -98.18
N ILE LB 944 -16.34 -121.95 -97.08
CA ILE LB 944 -17.73 -122.21 -96.76
C ILE LB 944 -18.65 -121.51 -97.76
N ALA LB 945 -18.28 -120.31 -98.19
CA ALA LB 945 -19.07 -119.61 -99.21
C ALA LB 945 -18.97 -120.29 -100.55
N VAL LB 946 -17.82 -120.90 -100.86
CA VAL LB 946 -17.66 -121.66 -102.10
C VAL LB 946 -18.52 -122.90 -102.06
N ILE LB 947 -18.66 -123.52 -100.89
CA ILE LB 947 -19.51 -124.69 -100.74
C ILE LB 947 -20.98 -124.31 -100.86
N SER LB 948 -21.35 -123.16 -100.32
CA SER LB 948 -22.76 -122.74 -100.34
C SER LB 948 -23.18 -122.29 -101.73
N VAL LB 949 -22.29 -121.61 -102.46
CA VAL LB 949 -22.65 -121.08 -103.78
C VAL LB 949 -22.76 -122.18 -104.84
N LEU LB 950 -22.11 -123.32 -104.62
CA LEU LB 950 -22.17 -124.45 -105.55
C LEU LB 950 -23.56 -125.07 -105.57
N PRO LB 951 -24.31 -124.97 -104.47
CA PRO LB 951 -25.61 -125.65 -104.40
C PRO LB 951 -26.70 -125.02 -105.25
N ASN LB 952 -26.58 -123.76 -105.65
CA ASN LB 952 -27.63 -123.06 -106.36
C ASN LB 952 -27.35 -122.88 -107.84
N PHE LB 953 -26.31 -123.53 -108.38
CA PHE LB 953 -25.96 -123.31 -109.78
C PHE LB 953 -26.84 -124.12 -110.71
N LYS LB 954 -26.69 -125.45 -110.67
CA LYS LB 954 -27.38 -126.40 -111.54
C LYS LB 954 -27.04 -127.81 -111.07
N LYS LB 955 -27.81 -128.78 -111.56
CA LYS LB 955 -27.53 -130.19 -111.27
C LYS LB 955 -26.40 -130.69 -112.13
N PRO LB 956 -26.46 -130.50 -113.45
CA PRO LB 956 -25.36 -130.96 -114.32
C PRO LB 956 -24.08 -130.16 -114.14
N TYR LB 957 -24.17 -128.89 -113.74
CA TYR LB 957 -22.98 -128.13 -113.43
C TYR LB 957 -22.33 -128.63 -112.15
N ILE LB 958 -23.13 -129.13 -111.20
CA ILE LB 958 -22.59 -129.78 -110.02
C ILE LB 958 -21.90 -131.09 -110.41
N ASN LB 959 -22.43 -131.77 -111.43
CA ASN LB 959 -21.77 -132.96 -111.95
C ASN LB 959 -20.46 -132.60 -112.64
N ASP LB 960 -20.43 -131.45 -113.31
CA ASP LB 960 -19.20 -131.02 -113.97
C ASP LB 960 -18.14 -130.58 -112.95
N PHE LB 961 -18.57 -129.92 -111.87
CA PHE LB 961 -17.63 -129.52 -110.83
C PHE LB 961 -17.10 -130.72 -110.06
N LEU LB 962 -17.96 -131.73 -109.85
CA LEU LB 962 -17.50 -132.96 -109.21
C LEU LB 962 -16.55 -133.73 -110.12
N SER LB 963 -16.81 -133.72 -111.43
CA SER LB 963 -15.88 -134.34 -112.37
C SER LB 963 -14.59 -133.54 -112.48
N LEU LB 964 -14.67 -132.22 -112.26
CA LEU LB 964 -13.46 -131.41 -112.23
C LEU LB 964 -12.59 -131.76 -111.03
N ALA LB 965 -13.20 -132.02 -109.88
CA ALA LB 965 -12.45 -132.49 -108.73
C ALA LB 965 -11.94 -133.90 -108.96
N SER LB 966 -12.71 -134.72 -109.67
CA SER LB 966 -12.26 -136.06 -110.03
C SER LB 966 -11.13 -136.03 -111.05
N GLU LB 967 -11.13 -135.01 -111.92
CA GLU LB 967 -10.02 -134.83 -112.85
C GLU LB 967 -8.75 -134.42 -112.13
N ARG LB 968 -8.89 -133.73 -110.99
CA ARG LB 968 -7.72 -133.42 -110.17
C ARG LB 968 -7.13 -134.66 -109.54
N LEU LB 969 -7.98 -135.62 -109.16
CA LEU LB 969 -7.52 -136.89 -108.61
C LEU LB 969 -7.29 -137.91 -109.71
N ASP LB 970 -7.02 -139.15 -109.33
CA ASP LB 970 -6.78 -140.21 -110.30
C ASP LB 970 -7.45 -141.50 -109.86
N TYR LB 971 -8.34 -142.04 -110.71
CA TYR LB 971 -9.07 -143.26 -110.36
C TYR LB 971 -9.16 -144.25 -111.52
N ASN LB 972 -8.43 -144.03 -112.61
CA ASN LB 972 -8.50 -144.96 -113.74
C ASN LB 972 -7.73 -146.24 -113.46
N TYR LB 973 -6.61 -146.13 -112.72
CA TYR LB 973 -5.80 -147.31 -112.43
C TYR LB 973 -6.48 -148.21 -111.42
N PHE LB 974 -7.17 -147.62 -110.43
CA PHE LB 974 -7.89 -148.42 -109.44
C PHE LB 974 -9.14 -149.05 -110.02
N PHE LB 975 -9.79 -148.37 -110.97
CA PHE LB 975 -10.96 -148.94 -111.63
C PHE LB 975 -10.56 -150.04 -112.60
N GLY LB 976 -9.38 -149.90 -113.23
CA GLY LB 976 -8.90 -150.96 -114.11
C GLY LB 976 -8.55 -152.23 -113.37
N ASN LB 977 -7.88 -152.11 -112.23
CA ASN LB 977 -7.62 -153.28 -111.40
C ASN LB 977 -8.90 -153.71 -110.69
N SER LB 978 -8.94 -154.98 -110.29
CA SER LB 978 -10.11 -155.50 -109.60
C SER LB 978 -10.21 -154.91 -108.20
N HIS LB 979 -9.20 -155.18 -107.36
CA HIS LB 979 -9.14 -154.58 -106.04
C HIS LB 979 -7.72 -154.21 -105.62
N GLN LB 980 -6.73 -154.39 -106.48
CA GLN LB 980 -5.35 -154.16 -106.10
C GLN LB 980 -4.94 -152.72 -106.37
N ILE LB 981 -4.06 -152.21 -105.52
CA ILE LB 981 -3.45 -150.89 -105.75
C ILE LB 981 -2.24 -151.14 -106.64
N ASN LB 982 -2.47 -151.11 -107.96
CA ASN LB 982 -1.42 -151.41 -108.92
C ASN LB 982 -0.37 -150.32 -108.95
N SER LB 983 -0.80 -149.06 -108.95
CA SER LB 983 0.12 -147.93 -108.83
C SER LB 983 0.49 -147.78 -107.35
N SER LB 984 1.44 -148.60 -106.91
CA SER LB 984 1.82 -148.68 -105.50
C SER LB 984 2.72 -147.50 -105.15
N LYS LB 985 2.10 -146.33 -105.05
CA LYS LB 985 2.76 -145.10 -104.68
C LYS LB 985 2.12 -144.57 -103.40
N ALA LB 986 2.88 -144.52 -102.32
CA ALA LB 986 2.39 -144.07 -101.02
C ALA LB 986 2.75 -142.62 -100.75
N THR LB 987 2.73 -141.79 -101.79
CA THR LB 987 3.08 -140.39 -101.65
C THR LB 987 2.04 -139.65 -100.82
N LEU LB 988 2.52 -138.77 -99.93
CA LEU LB 988 1.61 -137.96 -99.13
C LEU LB 988 0.87 -136.94 -99.97
N LYS LB 989 1.47 -136.51 -101.09
CA LYS LB 989 0.78 -135.65 -102.03
C LYS LB 989 -0.38 -136.38 -102.69
N THR LB 990 -0.20 -137.67 -102.98
CA THR LB 990 -1.32 -138.49 -103.46
C THR LB 990 -2.35 -138.68 -102.36
N ILE LB 991 -1.90 -138.76 -101.10
CA ILE LB 991 -2.83 -138.85 -99.98
C ILE LB 991 -3.56 -137.52 -99.77
N ARG LB 992 -2.85 -136.40 -99.93
CA ARG LB 992 -3.45 -135.09 -99.70
C ARG LB 992 -4.45 -134.74 -100.79
N ARG LB 993 -4.17 -135.15 -102.03
CA ARG LB 993 -5.11 -134.92 -103.12
C ARG LB 993 -6.37 -135.76 -102.93
N MET LB 994 -6.23 -136.98 -102.42
CA MET LB 994 -7.39 -137.80 -102.11
C MET LB 994 -8.17 -137.23 -100.93
N THR LB 995 -7.46 -136.65 -99.96
CA THR LB 995 -8.13 -136.04 -98.81
C THR LB 995 -8.87 -134.77 -99.22
N GLY LB 996 -8.31 -134.02 -100.17
CA GLY LB 996 -8.98 -132.81 -100.64
C GLY LB 996 -10.25 -133.09 -101.41
N PHE LB 997 -10.25 -134.14 -102.23
CA PHE LB 997 -11.47 -134.55 -102.93
C PHE LB 997 -12.49 -135.12 -101.95
N VAL LB 998 -12.02 -135.77 -100.89
CA VAL LB 998 -12.93 -136.27 -99.85
C VAL LB 998 -13.53 -135.12 -99.07
N ASN LB 999 -12.71 -134.10 -98.77
CA ASN LB 999 -13.21 -132.94 -98.03
C ASN LB 999 -14.17 -132.12 -98.87
N ILE LB 1000 -13.92 -132.03 -100.18
CA ILE LB 1000 -14.83 -131.31 -101.08
C ILE LB 1000 -16.15 -132.06 -101.22
N VAL LB 1001 -16.09 -133.39 -101.28
CA VAL LB 1001 -17.31 -134.19 -101.36
C VAL LB 1001 -18.07 -134.11 -100.05
N ASN LB 1002 -17.35 -134.06 -98.92
CA ASN LB 1002 -18.00 -133.85 -97.63
C ASN LB 1002 -18.63 -132.48 -97.54
N SER LB 1003 -17.99 -131.47 -98.14
CA SER LB 1003 -18.60 -130.15 -98.23
C SER LB 1003 -19.81 -130.16 -99.16
N THR LB 1004 -19.72 -130.93 -100.25
CA THR LB 1004 -20.84 -131.02 -101.19
C THR LB 1004 -22.00 -131.80 -100.58
N LEU LB 1005 -21.71 -132.83 -99.78
CA LEU LB 1005 -22.76 -133.59 -99.14
C LEU LB 1005 -23.39 -132.80 -97.99
N SER LB 1006 -22.63 -131.87 -97.40
CA SER LB 1006 -23.18 -131.05 -96.33
C SER LB 1006 -24.19 -130.03 -96.85
N VAL LB 1007 -23.98 -129.52 -98.06
CA VAL LB 1007 -24.85 -128.47 -98.58
C VAL LB 1007 -26.07 -129.09 -99.25
N LEU LB 1008 -25.91 -130.25 -99.87
CA LEU LB 1008 -26.93 -130.85 -100.73
C LEU LB 1008 -27.26 -132.26 -100.27
N ARG LB 1009 -27.59 -132.38 -98.97
CA ARG LB 1009 -27.76 -133.69 -98.33
C ARG LB 1009 -28.93 -134.50 -98.88
N THR LB 1010 -29.86 -133.87 -99.60
CA THR LB 1010 -30.86 -134.60 -100.36
C THR LB 1010 -30.89 -134.17 -101.82
N ASN LB 1011 -29.82 -133.54 -102.30
CA ASN LB 1011 -29.78 -133.07 -103.68
C ASN LB 1011 -28.47 -133.36 -104.40
N PHE LB 1012 -27.42 -133.78 -103.72
CA PHE LB 1012 -26.13 -134.00 -104.36
C PHE LB 1012 -26.17 -135.28 -105.19
N PRO LB 1013 -26.26 -135.17 -106.52
CA PRO LB 1013 -26.19 -136.36 -107.37
C PRO LB 1013 -24.76 -136.91 -107.41
N LEU LB 1014 -24.65 -138.18 -107.79
CA LEU LB 1014 -23.36 -138.85 -107.81
C LEU LB 1014 -23.33 -139.81 -108.99
N HIS LB 1015 -22.56 -139.45 -110.01
CA HIS LB 1015 -22.32 -140.37 -111.12
C HIS LB 1015 -21.45 -141.53 -110.65
N THR LB 1016 -21.70 -142.71 -111.21
CA THR LB 1016 -21.00 -143.92 -110.77
C THR LB 1016 -19.53 -143.88 -111.18
N ASN LB 1017 -19.26 -143.56 -112.45
CA ASN LB 1017 -17.88 -143.51 -112.92
C ASN LB 1017 -17.16 -142.27 -112.44
N SER LB 1018 -17.88 -141.20 -112.16
CA SER LB 1018 -17.24 -139.94 -111.77
C SER LB 1018 -17.11 -139.83 -110.26
N VAL LB 1019 -18.24 -139.87 -109.55
CA VAL LB 1019 -18.23 -139.61 -108.11
C VAL LB 1019 -17.98 -140.89 -107.33
N LEU LB 1020 -18.70 -141.96 -107.68
CA LEU LB 1020 -18.64 -143.19 -106.89
C LEU LB 1020 -17.34 -143.94 -107.11
N GLN LB 1021 -16.86 -143.99 -108.35
CA GLN LB 1021 -15.60 -144.65 -108.63
C GLN LB 1021 -14.40 -143.97 -107.98
N PRO LB 1022 -14.27 -142.64 -108.02
CA PRO LB 1022 -13.12 -142.02 -107.34
C PRO LB 1022 -13.22 -142.07 -105.83
N LEU LB 1023 -14.43 -142.05 -105.28
CA LEU LB 1023 -14.59 -142.19 -103.83
C LEU LB 1023 -14.23 -143.59 -103.38
N ILE LB 1024 -14.60 -144.60 -104.17
CA ILE LB 1024 -14.21 -145.98 -103.86
C ILE LB 1024 -12.71 -146.16 -104.04
N TYR LB 1025 -12.14 -145.50 -105.05
CA TYR LB 1025 -10.70 -145.55 -105.26
C TYR LB 1025 -9.95 -144.85 -104.13
N SER LB 1026 -10.50 -143.76 -103.62
CA SER LB 1026 -9.93 -143.11 -102.44
C SER LB 1026 -10.10 -143.97 -101.20
N ILE LB 1027 -11.21 -144.70 -101.11
CA ILE LB 1027 -11.42 -145.61 -99.98
C ILE LB 1027 -10.48 -146.80 -100.09
N ALA LB 1028 -10.28 -147.32 -101.30
CA ALA LB 1028 -9.37 -148.44 -101.47
C ALA LB 1028 -7.92 -148.04 -101.26
N MET LB 1029 -7.57 -146.79 -101.62
CA MET LB 1029 -6.22 -146.31 -101.38
C MET LB 1029 -5.93 -146.16 -99.90
N ALA LB 1030 -6.93 -145.74 -99.12
CA ALA LB 1030 -6.76 -145.61 -97.68
C ALA LB 1030 -6.60 -146.98 -97.02
N TYR LB 1031 -7.34 -147.98 -97.50
CA TYR LB 1031 -7.17 -149.34 -97.00
C TYR LB 1031 -5.82 -149.90 -97.42
N TYR LB 1032 -5.36 -149.58 -98.63
CA TYR LB 1032 -4.03 -150.00 -99.07
C TYR LB 1032 -2.93 -149.26 -98.33
N VAL LB 1033 -3.18 -148.01 -97.94
CA VAL LB 1033 -2.20 -147.26 -97.14
C VAL LB 1033 -2.12 -147.85 -95.74
N LEU LB 1034 -3.26 -148.22 -95.15
CA LEU LB 1034 -3.27 -148.85 -93.84
C LEU LB 1034 -2.67 -150.25 -93.89
N ASP LB 1035 -2.84 -150.95 -95.02
CA ASP LB 1035 -2.20 -152.25 -95.17
C ASP LB 1035 -0.68 -152.12 -95.31
N THR LB 1036 -0.22 -151.05 -95.94
CA THR LB 1036 1.19 -150.78 -96.09
C THR LB 1036 1.74 -149.86 -95.00
N GLU LB 1037 0.96 -149.58 -93.96
CA GLU LB 1037 1.34 -148.64 -92.92
C GLU LB 1037 2.41 -149.25 -92.04
N SER LB 1038 3.66 -148.87 -92.28
CA SER LB 1038 4.74 -149.21 -91.37
C SER LB 1038 4.76 -148.24 -90.20
N THR LB 1039 5.58 -148.57 -89.19
CA THR LB 1039 5.70 -147.72 -88.02
C THR LB 1039 6.60 -146.51 -88.24
N GLU LB 1040 7.28 -146.43 -89.37
CA GLU LB 1040 8.18 -145.31 -89.63
C GLU LB 1040 7.42 -144.06 -90.03
N GLU LB 1041 6.59 -144.17 -91.06
CA GLU LB 1041 5.84 -143.02 -91.59
C GLU LB 1041 4.64 -142.76 -90.68
N VAL LB 1042 4.92 -142.07 -89.57
CA VAL LB 1042 3.87 -141.76 -88.60
C VAL LB 1042 2.92 -140.71 -89.15
N HIS LB 1043 3.45 -139.72 -89.87
CA HIS LB 1043 2.60 -138.69 -90.46
C HIS LB 1043 1.74 -139.26 -91.58
N LEU LB 1044 2.28 -140.20 -92.36
CA LEU LB 1044 1.49 -140.84 -93.41
C LEU LB 1044 0.44 -141.78 -92.83
N ARG LB 1045 0.78 -142.45 -91.72
CA ARG LB 1045 -0.19 -143.32 -91.06
C ARG LB 1045 -1.31 -142.51 -90.42
N LYS LB 1046 -0.98 -141.34 -89.86
CA LYS LB 1046 -2.00 -140.49 -89.27
C LYS LB 1046 -2.87 -139.85 -90.33
N MET LB 1047 -2.29 -139.50 -91.48
CA MET LB 1047 -3.07 -138.88 -92.56
C MET LB 1047 -4.03 -139.88 -93.18
N ALA LB 1048 -3.60 -141.13 -93.35
CA ALA LB 1048 -4.49 -142.15 -93.89
C ALA LB 1048 -5.58 -142.52 -92.90
N SER LB 1049 -5.30 -142.42 -91.60
CA SER LB 1049 -6.32 -142.64 -90.58
C SER LB 1049 -7.40 -141.57 -90.66
N ASN LB 1050 -7.00 -140.32 -90.88
CA ASN LB 1050 -7.98 -139.26 -91.12
C ASN LB 1050 -8.66 -139.44 -92.46
N LEU LB 1051 -7.94 -139.97 -93.44
CA LEU LB 1051 -8.54 -140.27 -94.74
C LEU LB 1051 -9.56 -141.39 -94.63
N ARG LB 1052 -9.27 -142.41 -93.81
CA ARG LB 1052 -10.24 -143.48 -93.58
C ARG LB 1052 -11.44 -142.98 -92.79
N GLN LB 1053 -11.20 -142.07 -91.84
CA GLN LB 1053 -12.29 -141.51 -91.05
C GLN LB 1053 -13.17 -140.60 -91.90
N GLN LB 1054 -12.56 -139.80 -92.78
CA GLN LB 1054 -13.33 -138.93 -93.65
C GLN LB 1054 -14.05 -139.73 -94.73
N GLY LB 1055 -13.41 -140.78 -95.23
CA GLY LB 1055 -14.04 -141.60 -96.26
C GLY LB 1055 -15.23 -142.39 -95.76
N LEU LB 1056 -15.14 -142.90 -94.53
CA LEU LB 1056 -16.26 -143.62 -93.94
C LEU LB 1056 -17.44 -142.71 -93.67
N LYS LB 1057 -17.17 -141.48 -93.20
CA LYS LB 1057 -18.24 -140.51 -92.99
C LYS LB 1057 -18.85 -140.05 -94.30
N CYS LB 1058 -18.02 -139.93 -95.35
CA CYS LB 1058 -18.53 -139.57 -96.66
C CYS LB 1058 -19.36 -140.72 -97.24
N LEU LB 1059 -18.92 -141.96 -97.03
CA LEU LB 1059 -19.69 -143.11 -97.51
C LEU LB 1059 -20.99 -143.25 -96.74
N SER LB 1060 -20.97 -142.98 -95.43
CA SER LB 1060 -22.20 -143.02 -94.64
C SER LB 1060 -23.14 -141.89 -95.03
N SER LB 1061 -22.59 -140.72 -95.35
CA SER LB 1061 -23.42 -139.62 -95.83
C SER LB 1061 -23.97 -139.91 -97.22
N VAL LB 1062 -23.20 -140.61 -98.06
CA VAL LB 1062 -23.66 -140.97 -99.40
C VAL LB 1062 -24.83 -141.93 -99.32
N PHE LB 1063 -24.77 -142.90 -98.41
CA PHE LB 1063 -25.91 -143.76 -98.16
C PHE LB 1063 -27.06 -142.98 -97.52
N GLU LB 1064 -26.72 -141.97 -96.71
CA GLU LB 1064 -27.75 -141.11 -96.15
C GLU LB 1064 -28.35 -140.19 -97.21
N PHE LB 1065 -27.54 -139.72 -98.15
CA PHE LB 1065 -28.05 -138.83 -99.18
C PHE LB 1065 -28.88 -139.56 -100.22
N VAL LB 1066 -28.43 -140.74 -100.65
CA VAL LB 1066 -29.11 -141.48 -101.71
C VAL LB 1066 -30.38 -142.11 -101.16
N GLY LB 1067 -30.23 -143.04 -100.23
CA GLY LB 1067 -31.37 -143.80 -99.73
C GLY LB 1067 -32.00 -144.66 -100.79
N ASN LB 1068 -33.20 -144.27 -101.24
CA ASN LB 1068 -33.90 -144.95 -102.32
C ASN LB 1068 -33.75 -144.22 -103.65
N THR LB 1069 -32.96 -143.16 -103.71
CA THR LB 1069 -32.86 -142.38 -104.95
C THR LB 1069 -31.88 -143.00 -105.93
N PHE LB 1070 -30.61 -143.11 -105.55
CA PHE LB 1070 -29.58 -143.60 -106.45
C PHE LB 1070 -29.56 -145.12 -106.46
N ASP LB 1071 -29.56 -145.70 -107.66
CA ASP LB 1071 -29.48 -147.15 -107.81
C ASP LB 1071 -28.05 -147.61 -107.55
N TRP LB 1072 -27.72 -147.82 -106.28
CA TRP LB 1072 -26.36 -148.20 -105.89
C TRP LB 1072 -26.11 -149.70 -105.97
N SER LB 1073 -27.09 -150.48 -106.43
CA SER LB 1073 -26.95 -151.94 -106.45
C SER LB 1073 -26.02 -152.42 -107.56
N THR LB 1074 -25.72 -151.59 -108.56
CA THR LB 1074 -24.84 -151.99 -109.66
C THR LB 1074 -23.40 -152.15 -109.17
N SER LB 1075 -22.93 -151.18 -108.38
CA SER LB 1075 -21.58 -151.21 -107.83
C SER LB 1075 -21.56 -151.63 -106.37
N MET LB 1076 -22.67 -152.21 -105.87
CA MET LB 1076 -22.74 -152.62 -104.48
C MET LB 1076 -21.84 -153.82 -104.19
N GLU LB 1077 -21.56 -154.64 -105.20
CA GLU LB 1077 -20.70 -155.81 -105.00
C GLU LB 1077 -19.26 -155.40 -104.75
N ASP LB 1078 -18.76 -154.42 -105.52
CA ASP LB 1078 -17.39 -153.96 -105.33
C ASP LB 1078 -17.28 -153.07 -104.10
N ILE LB 1079 -18.35 -152.35 -103.76
CA ILE LB 1079 -18.35 -151.49 -102.58
C ILE LB 1079 -18.33 -152.33 -101.32
N TYR LB 1080 -19.12 -153.41 -101.29
CA TYR LB 1080 -19.10 -154.31 -100.14
C TYR LB 1080 -17.82 -155.12 -100.09
N ALA LB 1081 -17.19 -155.36 -101.25
CA ALA LB 1081 -15.89 -156.03 -101.27
C ALA LB 1081 -14.81 -155.15 -100.63
N VAL LB 1082 -14.89 -153.83 -100.84
CA VAL LB 1082 -14.02 -152.91 -100.12
C VAL LB 1082 -14.38 -152.89 -98.64
N VAL LB 1083 -15.67 -153.04 -98.31
CA VAL LB 1083 -16.10 -153.04 -96.92
C VAL LB 1083 -15.67 -154.33 -96.22
N VAL LB 1084 -15.79 -155.47 -96.91
CA VAL LB 1084 -15.48 -156.76 -96.29
C VAL LB 1084 -13.98 -156.92 -96.05
N LYS LB 1085 -13.15 -156.42 -96.98
CA LYS LB 1085 -11.72 -156.58 -96.82
C LYS LB 1085 -11.15 -155.66 -95.76
N PRO LB 1086 -11.43 -154.35 -95.78
CA PRO LB 1086 -10.77 -153.45 -94.83
C PRO LB 1086 -11.39 -153.45 -93.44
N ARG LB 1087 -12.71 -153.63 -93.36
CA ARG LB 1087 -13.42 -153.42 -92.10
C ARG LB 1087 -13.90 -154.70 -91.43
N ILE LB 1088 -14.29 -155.72 -92.20
CA ILE LB 1088 -14.94 -156.90 -91.62
C ILE LB 1088 -13.96 -157.92 -91.07
N SER LB 1089 -12.67 -157.60 -91.00
CA SER LB 1089 -11.70 -158.51 -90.40
C SER LB 1089 -11.95 -158.67 -88.91
N HIS LB 1090 -12.17 -157.56 -88.21
CA HIS LB 1090 -12.48 -157.58 -86.79
C HIS LB 1090 -13.58 -156.56 -86.49
N PHE LB 1091 -14.62 -156.55 -87.33
CA PHE LB 1091 -15.67 -155.53 -87.25
C PHE LB 1091 -16.48 -155.67 -85.98
N SER LB 1092 -16.77 -156.90 -85.56
CA SER LB 1092 -17.49 -157.11 -84.30
C SER LB 1092 -16.61 -156.78 -83.10
N ASP LB 1093 -15.30 -157.00 -83.23
CA ASP LB 1093 -14.36 -156.71 -82.16
C ASP LB 1093 -13.92 -155.26 -82.13
N GLU LB 1094 -14.39 -154.43 -83.07
CA GLU LB 1094 -13.97 -153.03 -83.12
C GLU LB 1094 -15.08 -152.07 -82.73
N ASN LB 1095 -16.24 -152.15 -83.39
CA ASN LB 1095 -17.32 -151.20 -83.16
C ASN LB 1095 -18.03 -151.49 -81.84
N LEU LB 1096 -17.52 -150.96 -80.73
CA LEU LB 1096 -18.13 -151.21 -79.44
C LEU LB 1096 -18.20 -149.98 -78.54
N GLN LB 1097 -17.67 -148.83 -78.95
CA GLN LB 1097 -17.75 -147.64 -78.12
C GLN LB 1097 -19.08 -146.93 -78.29
N GLN LB 1098 -19.51 -146.75 -79.53
CA GLN LB 1098 -20.76 -146.08 -79.88
C GLN LB 1098 -21.15 -146.50 -81.29
N PRO LB 1099 -22.26 -146.00 -81.84
CA PRO LB 1099 -22.72 -146.49 -83.16
C PRO LB 1099 -21.82 -146.04 -84.30
N SER LB 1100 -21.02 -146.98 -84.81
CA SER LB 1100 -19.89 -146.66 -85.66
C SER LB 1100 -20.34 -146.25 -87.06
N SER LB 1101 -19.39 -145.70 -87.82
CA SER LB 1101 -19.66 -145.27 -89.19
C SER LB 1101 -20.00 -146.46 -90.08
N LEU LB 1102 -19.24 -147.55 -89.96
CA LEU LB 1102 -19.60 -148.78 -90.66
C LEU LB 1102 -20.85 -149.41 -90.06
N LEU LB 1103 -21.06 -149.24 -88.75
CA LEU LB 1103 -22.28 -149.73 -88.12
C LEU LB 1103 -23.50 -148.94 -88.57
N ARG LB 1104 -23.37 -147.62 -88.67
CA ARG LB 1104 -24.47 -146.81 -89.19
C ARG LB 1104 -24.66 -147.04 -90.68
N LEU LB 1105 -23.58 -147.36 -91.41
CA LEU LB 1105 -23.72 -147.80 -92.79
C LEU LB 1105 -24.46 -149.13 -92.87
N PHE LB 1106 -24.17 -150.04 -91.94
CA PHE LB 1106 -24.93 -151.28 -91.86
C PHE LB 1106 -26.34 -151.05 -91.35
N LEU LB 1107 -26.52 -150.07 -90.45
CA LEU LB 1107 -27.86 -149.76 -89.95
C LEU LB 1107 -28.71 -149.12 -91.04
N TYR LB 1108 -28.13 -148.22 -91.84
CA TYR LB 1108 -28.85 -147.66 -92.98
C TYR LB 1108 -29.07 -148.71 -94.06
N TRP LB 1109 -28.14 -149.67 -94.20
CA TRP LB 1109 -28.38 -150.80 -95.09
C TRP LB 1109 -29.49 -151.70 -94.54
N ALA LB 1110 -29.60 -151.79 -93.22
CA ALA LB 1110 -30.70 -152.52 -92.62
C ALA LB 1110 -32.02 -151.77 -92.80
N HIS LB 1111 -31.98 -150.44 -92.76
CA HIS LB 1111 -33.20 -149.66 -92.92
C HIS LB 1111 -33.69 -149.68 -94.37
N ASN LB 1112 -32.79 -149.55 -95.32
CA ASN LB 1112 -33.18 -149.59 -96.73
C ASN LB 1112 -33.44 -151.02 -97.16
N PRO LB 1113 -34.60 -151.31 -97.76
CA PRO LB 1113 -34.86 -152.70 -98.20
C PRO LB 1113 -34.02 -153.13 -99.37
N SER LB 1114 -33.65 -152.21 -100.27
CA SER LB 1114 -32.76 -152.56 -101.37
C SER LB 1114 -31.36 -152.87 -100.88
N LEU LB 1115 -30.85 -152.07 -99.94
CA LEU LB 1115 -29.54 -152.35 -99.35
C LEU LB 1115 -29.60 -153.47 -98.33
N TYR LB 1116 -30.80 -153.85 -97.88
CA TYR LB 1116 -30.94 -155.06 -97.09
C TYR LB 1116 -30.61 -156.29 -97.93
N GLN LB 1117 -30.95 -156.26 -99.22
CA GLN LB 1117 -30.52 -157.30 -100.14
C GLN LB 1117 -29.02 -157.25 -100.38
N PHE LB 1118 -28.41 -156.06 -100.27
CA PHE LB 1118 -26.95 -155.96 -100.38
C PHE LB 1118 -26.27 -156.60 -99.18
N LEU LB 1119 -26.87 -156.48 -97.99
CA LEU LB 1119 -26.41 -157.27 -96.86
C LEU LB 1119 -26.70 -158.75 -97.08
N TYR LB 1120 -27.82 -159.06 -97.73
CA TYR LB 1120 -28.09 -160.45 -98.12
C TYR LB 1120 -27.22 -160.89 -99.29
N TYR LB 1121 -26.71 -159.94 -100.08
CA TYR LB 1121 -25.75 -160.30 -101.12
C TYR LB 1121 -24.44 -160.79 -100.51
N ASP LB 1122 -24.02 -160.18 -99.40
CA ASP LB 1122 -22.95 -160.76 -98.60
C ASP LB 1122 -23.46 -162.04 -97.96
N GLU LB 1123 -22.56 -163.02 -97.79
CA GLU LB 1123 -22.93 -164.35 -97.29
C GLU LB 1123 -23.09 -164.34 -95.76
N PHE LB 1124 -24.08 -163.57 -95.30
CA PHE LB 1124 -24.44 -163.36 -93.89
C PHE LB 1124 -23.27 -162.85 -93.05
N ALA LB 1125 -22.30 -162.17 -93.65
CA ALA LB 1125 -21.15 -161.67 -92.91
C ALA LB 1125 -21.49 -160.43 -92.10
N THR LB 1126 -22.35 -159.56 -92.65
CA THR LB 1126 -22.75 -158.36 -91.91
C THR LB 1126 -23.65 -158.72 -90.73
N ALA LB 1127 -24.51 -159.72 -90.91
CA ALA LB 1127 -25.38 -160.14 -89.81
C ALA LB 1127 -24.59 -160.86 -88.72
N THR LB 1128 -23.60 -161.65 -89.11
CA THR LB 1128 -22.77 -162.34 -88.12
C THR LB 1128 -21.88 -161.36 -87.37
N ALA LB 1129 -21.41 -160.32 -88.06
CA ALA LB 1129 -20.62 -159.28 -87.39
C ALA LB 1129 -21.50 -158.45 -86.47
N LEU LB 1130 -22.73 -158.18 -86.87
CA LEU LB 1130 -23.64 -157.41 -86.03
C LEU LB 1130 -24.07 -158.19 -84.79
N MET LB 1131 -24.31 -159.49 -84.96
CA MET LB 1131 -24.72 -160.32 -83.82
C MET LB 1131 -23.58 -160.53 -82.84
N ASP LB 1132 -22.36 -160.71 -83.34
CA ASP LB 1132 -21.22 -160.88 -82.46
C ASP LB 1132 -20.83 -159.59 -81.77
N THR LB 1133 -21.03 -158.45 -82.43
CA THR LB 1133 -20.86 -157.16 -81.77
C THR LB 1133 -21.95 -156.93 -80.73
N ILE LB 1134 -23.15 -157.44 -80.98
CA ILE LB 1134 -24.21 -157.44 -79.97
C ILE LB 1134 -23.84 -158.35 -78.81
N SER LB 1135 -23.16 -159.46 -79.10
CA SER LB 1135 -22.73 -160.41 -78.09
C SER LB 1135 -21.35 -160.09 -77.52
N ASN LB 1136 -20.91 -158.83 -77.60
CA ASN LB 1136 -19.63 -158.44 -77.03
C ASN LB 1136 -19.72 -158.42 -75.50
N GLN LB 1137 -18.58 -158.67 -74.86
CA GLN LB 1137 -18.54 -158.76 -73.40
C GLN LB 1137 -18.70 -157.39 -72.76
N HIS LB 1138 -17.99 -156.39 -73.28
CA HIS LB 1138 -17.99 -155.04 -72.71
C HIS LB 1138 -18.54 -154.01 -73.68
N VAL LB 1139 -19.66 -154.34 -74.34
CA VAL LB 1139 -20.25 -153.42 -75.30
C VAL LB 1139 -20.97 -152.29 -74.58
N LYS LB 1140 -21.24 -151.21 -75.34
CA LYS LB 1140 -21.94 -150.06 -74.83
C LYS LB 1140 -23.42 -150.14 -75.18
N GLU LB 1141 -24.24 -149.38 -74.44
CA GLU LB 1141 -25.68 -149.44 -74.63
C GLU LB 1141 -26.10 -148.73 -75.92
N ALA LB 1142 -25.41 -147.65 -76.28
CA ALA LB 1142 -25.79 -146.88 -77.46
C ALA LB 1142 -25.47 -147.65 -78.75
N VAL LB 1143 -24.35 -148.38 -78.76
CA VAL LB 1143 -24.02 -149.20 -79.92
C VAL LB 1143 -24.98 -150.38 -80.04
N ILE LB 1144 -25.38 -150.95 -78.89
CA ILE LB 1144 -26.26 -152.11 -78.91
C ILE LB 1144 -27.68 -151.71 -79.33
N GLY LB 1145 -28.08 -150.47 -79.01
CA GLY LB 1145 -29.39 -149.98 -79.34
C GLY LB 1145 -29.62 -149.86 -80.84
N PRO LB 1146 -28.57 -149.45 -81.57
CA PRO LB 1146 -28.66 -149.47 -83.03
C PRO LB 1146 -28.83 -150.87 -83.61
N ILE LB 1147 -28.26 -151.88 -82.97
CA ILE LB 1147 -28.45 -153.25 -83.42
C ILE LB 1147 -29.88 -153.71 -83.18
N ILE LB 1148 -30.49 -153.24 -82.09
CA ILE LB 1148 -31.86 -153.62 -81.76
C ILE LB 1148 -32.84 -153.00 -82.73
N GLU LB 1149 -32.59 -151.75 -83.13
CA GLU LB 1149 -33.47 -151.08 -84.09
C GLU LB 1149 -33.31 -151.67 -85.48
N ALA LB 1150 -32.10 -152.13 -85.82
CA ALA LB 1150 -31.86 -152.75 -87.12
C ALA LB 1150 -32.56 -154.10 -87.23
N ALA LB 1151 -32.56 -154.87 -86.14
CA ALA LB 1151 -33.27 -156.15 -86.15
C ALA LB 1151 -34.78 -155.95 -86.19
N ASP LB 1152 -35.27 -154.87 -85.57
CA ASP LB 1152 -36.69 -154.56 -85.61
C ASP LB 1152 -37.13 -154.17 -87.01
N SER LB 1153 -36.27 -153.44 -87.74
CA SER LB 1153 -36.58 -153.12 -89.13
C SER LB 1153 -36.51 -154.37 -90.01
N ILE LB 1154 -35.60 -155.29 -89.70
CA ILE LB 1154 -35.54 -156.55 -90.43
C ILE LB 1154 -36.76 -157.41 -90.13
N ILE LB 1155 -37.23 -157.38 -88.88
CA ILE LB 1155 -38.42 -158.14 -88.52
C ILE LB 1155 -39.67 -157.53 -89.14
N ARG LB 1156 -39.76 -156.20 -89.13
CA ARG LB 1156 -40.92 -155.54 -89.71
C ARG LB 1156 -40.92 -155.57 -91.22
N ASN LB 1157 -39.76 -155.78 -91.85
CA ASN LB 1157 -39.63 -155.85 -93.30
C ASN LB 1157 -38.87 -157.11 -93.65
N PRO LB 1158 -39.53 -158.26 -93.66
CA PRO LB 1158 -38.89 -159.48 -94.15
C PRO LB 1158 -38.63 -159.41 -95.64
N VAL LB 1159 -37.53 -160.05 -96.06
CA VAL LB 1159 -37.11 -159.99 -97.45
C VAL LB 1159 -37.83 -161.06 -98.25
N ASN LB 1160 -38.31 -160.68 -99.44
CA ASN LB 1160 -38.88 -161.64 -100.39
C ASN LB 1160 -37.83 -162.05 -101.41
N ASP LB 1161 -36.72 -162.60 -100.92
CA ASP LB 1161 -35.60 -162.96 -101.78
C ASP LB 1161 -34.87 -164.14 -101.15
N ASP LB 1162 -33.74 -164.51 -101.76
CA ASP LB 1162 -32.94 -165.62 -101.27
C ASP LB 1162 -32.24 -165.27 -99.97
N HIS LB 1163 -32.01 -166.31 -99.15
CA HIS LB 1163 -31.33 -166.24 -97.85
C HIS LB 1163 -32.02 -165.31 -96.86
N TYR LB 1164 -33.33 -165.09 -97.02
CA TYR LB 1164 -34.06 -164.26 -96.07
C TYR LB 1164 -34.33 -165.02 -94.77
N VAL LB 1165 -34.61 -166.31 -94.88
CA VAL LB 1165 -34.76 -167.15 -93.70
C VAL LB 1165 -33.42 -167.32 -93.00
N ASP LB 1166 -32.32 -167.32 -93.75
CA ASP LB 1166 -30.98 -167.34 -93.15
C ASP LB 1166 -30.73 -166.05 -92.38
N LEU LB 1167 -31.19 -164.92 -92.89
CA LEU LB 1167 -31.16 -163.68 -92.12
C LEU LB 1167 -32.10 -163.76 -90.93
N VAL LB 1168 -33.24 -164.44 -91.10
CA VAL LB 1168 -34.17 -164.64 -89.99
C VAL LB 1168 -33.56 -165.59 -88.95
N THR LB 1169 -32.82 -166.61 -89.42
CA THR LB 1169 -32.16 -167.52 -88.49
C THR LB 1169 -31.00 -166.83 -87.77
N LEU LB 1170 -30.31 -165.91 -88.46
CA LEU LB 1170 -29.27 -165.13 -87.80
C LEU LB 1170 -29.88 -164.16 -86.80
N ILE LB 1171 -31.06 -163.64 -87.08
CA ILE LB 1171 -31.78 -162.79 -86.13
C ILE LB 1171 -32.27 -163.61 -84.95
N CYS LB 1172 -32.73 -164.84 -85.20
CA CYS LB 1172 -33.19 -165.70 -84.12
C CYS LB 1172 -32.03 -166.15 -83.24
N THR LB 1173 -30.87 -166.39 -83.84
CA THR LB 1173 -29.65 -166.65 -83.06
C THR LB 1173 -29.23 -165.41 -82.29
N SER LB 1174 -29.43 -164.22 -82.90
CA SER LB 1174 -29.22 -162.97 -82.17
C SER LB 1174 -30.29 -162.78 -81.10
N CYS LB 1175 -31.50 -163.31 -81.32
CA CYS LB 1175 -32.54 -163.25 -80.31
C CYS LB 1175 -32.21 -164.13 -79.12
N LEU LB 1176 -31.47 -165.23 -79.36
CA LEU LB 1176 -30.97 -166.04 -78.26
C LEU LB 1176 -29.94 -165.27 -77.43
N LYS LB 1177 -29.10 -164.48 -78.10
CA LYS LB 1177 -28.18 -163.61 -77.36
C LYS LB 1177 -28.90 -162.41 -76.77
N ILE LB 1178 -30.05 -162.04 -77.33
CA ILE LB 1178 -30.80 -160.91 -76.80
C ILE LB 1178 -31.48 -161.22 -75.48
N LEU LB 1179 -31.70 -162.49 -75.16
CA LEU LB 1179 -32.22 -162.86 -73.85
C LEU LB 1179 -31.24 -162.52 -72.73
N PRO LB 1180 -29.94 -162.79 -72.85
CA PRO LB 1180 -29.00 -162.30 -71.82
C PRO LB 1180 -28.81 -160.80 -71.84
N SER LB 1181 -29.20 -160.12 -72.91
CA SER LB 1181 -29.14 -158.68 -73.00
C SER LB 1181 -30.40 -158.07 -72.37
N LEU LB 1182 -30.60 -156.76 -72.61
CA LEU LB 1182 -31.75 -155.96 -72.18
C LEU LB 1182 -31.85 -155.85 -70.66
N TYR LB 1183 -30.78 -156.16 -69.95
CA TYR LB 1183 -30.69 -155.95 -68.51
C TYR LB 1183 -29.47 -155.11 -68.13
N VAL LB 1184 -28.59 -154.82 -69.08
CA VAL LB 1184 -27.42 -154.00 -68.83
C VAL LB 1184 -27.68 -152.61 -69.39
N LYS LB 1185 -28.96 -152.28 -69.59
CA LYS LB 1185 -29.35 -150.96 -70.09
C LYS LB 1185 -30.73 -150.58 -69.58
N ASP LB 1188 -31.33 -146.53 -70.93
CA ASP LB 1188 -32.25 -145.50 -70.47
C ASP LB 1188 -33.70 -145.90 -70.75
N SER LB 1189 -34.57 -144.91 -70.83
CA SER LB 1189 -35.99 -145.17 -71.07
C SER LB 1189 -36.24 -145.62 -72.50
N ASN LB 1190 -35.56 -145.01 -73.47
CA ASN LB 1190 -35.72 -145.40 -74.86
C ASN LB 1190 -35.07 -146.75 -75.14
N SER LB 1191 -34.00 -147.08 -74.42
CA SER LB 1191 -33.36 -148.39 -74.59
C SER LB 1191 -34.25 -149.49 -74.06
N ILE LB 1192 -34.99 -149.23 -72.96
CA ILE LB 1192 -35.95 -150.19 -72.45
C ILE LB 1192 -37.13 -150.33 -73.41
N SER LB 1193 -37.53 -149.22 -74.04
CA SER LB 1193 -38.62 -149.26 -75.00
C SER LB 1193 -38.21 -150.00 -76.28
N THR LB 1194 -36.96 -149.84 -76.70
CA THR LB 1194 -36.48 -150.53 -77.89
C THR LB 1194 -36.31 -152.01 -77.64
N PHE LB 1195 -35.82 -152.38 -76.45
CA PHE LB 1195 -35.64 -153.79 -76.13
C PHE LB 1195 -36.97 -154.50 -75.94
N LEU LB 1196 -37.98 -153.78 -75.43
CA LEU LB 1196 -39.32 -154.35 -75.33
C LEU LB 1196 -39.96 -154.50 -76.69
N ASN LB 1197 -39.73 -153.53 -77.59
CA ASN LB 1197 -40.32 -153.60 -78.92
C ASN LB 1197 -39.67 -154.68 -79.77
N LEU LB 1198 -38.36 -154.90 -79.59
CA LEU LB 1198 -37.67 -155.96 -80.31
C LEU LB 1198 -38.11 -157.33 -79.84
N LEU LB 1199 -38.32 -157.49 -78.53
CA LEU LB 1199 -38.83 -158.76 -78.01
C LEU LB 1199 -40.28 -158.99 -78.42
N VAL LB 1200 -41.06 -157.92 -78.54
CA VAL LB 1200 -42.44 -158.05 -79.01
C VAL LB 1200 -42.45 -158.41 -80.49
N SER LB 1201 -41.52 -157.85 -81.27
CA SER LB 1201 -41.45 -158.18 -82.69
C SER LB 1201 -40.96 -159.61 -82.90
N ILE LB 1202 -40.06 -160.09 -82.03
CA ILE LB 1202 -39.60 -161.48 -82.12
C ILE LB 1202 -40.72 -162.44 -81.74
N THR LB 1203 -41.54 -162.07 -80.75
CA THR LB 1203 -42.68 -162.90 -80.38
C THR LB 1203 -43.78 -162.82 -81.43
N GLU LB 1204 -43.89 -161.69 -82.12
CA GLU LB 1204 -44.87 -161.57 -83.20
C GLU LB 1204 -44.48 -162.45 -84.39
N MET LB 1205 -43.18 -162.53 -84.67
CA MET LB 1205 -42.71 -163.45 -85.71
C MET LB 1205 -42.83 -164.90 -85.26
N GLY LB 1206 -42.52 -165.17 -83.99
CA GLY LB 1206 -42.58 -166.52 -83.47
C GLY LB 1206 -41.52 -167.45 -84.02
N PHE LB 1207 -40.35 -166.91 -84.38
CA PHE LB 1207 -39.28 -167.73 -84.93
C PHE LB 1207 -38.68 -168.65 -83.86
N ILE LB 1208 -38.56 -168.15 -82.64
CA ILE LB 1208 -38.07 -168.96 -81.52
C ILE LB 1208 -39.29 -169.66 -80.94
N GLN LB 1209 -39.65 -170.80 -81.54
CA GLN LB 1209 -40.81 -171.56 -81.13
C GLN LB 1209 -40.45 -172.95 -80.61
N ASP LB 1210 -39.15 -173.25 -80.49
CA ASP LB 1210 -38.71 -174.54 -79.98
C ASP LB 1210 -38.94 -174.61 -78.47
N ASP LB 1211 -38.92 -175.84 -77.95
CA ASP LB 1211 -39.11 -176.05 -76.52
C ASP LB 1211 -37.93 -175.52 -75.71
N HIS LB 1212 -36.71 -175.75 -76.21
CA HIS LB 1212 -35.53 -175.15 -75.58
C HIS LB 1212 -35.49 -173.66 -75.81
N VAL LB 1213 -36.03 -173.19 -76.94
CA VAL LB 1213 -36.16 -171.75 -77.16
C VAL LB 1213 -37.19 -171.16 -76.21
N ARG LB 1214 -38.29 -171.88 -75.99
CA ARG LB 1214 -39.28 -171.45 -75.00
C ARG LB 1214 -38.74 -171.58 -73.58
N SER LB 1215 -37.84 -172.54 -73.34
CA SER LB 1215 -37.17 -172.65 -72.05
C SER LB 1215 -36.28 -171.44 -71.79
N ARG LB 1216 -35.54 -171.01 -72.80
CA ARG LB 1216 -34.76 -169.78 -72.67
C ARG LB 1216 -35.68 -168.55 -72.62
N LEU LB 1217 -36.82 -168.60 -73.32
CA LEU LB 1217 -37.79 -167.52 -73.23
C LEU LB 1217 -38.46 -167.47 -71.87
N ILE LB 1218 -38.60 -168.63 -71.21
CA ILE LB 1218 -39.11 -168.66 -69.85
C ILE LB 1218 -38.11 -168.03 -68.89
N SER LB 1219 -36.82 -168.26 -69.14
CA SER LB 1219 -35.79 -167.56 -68.38
C SER LB 1219 -35.77 -166.08 -68.71
N SER LB 1220 -36.04 -165.73 -69.98
CA SER LB 1220 -36.15 -164.33 -70.36
C SER LB 1220 -37.39 -163.69 -69.76
N LEU LB 1221 -38.49 -164.44 -69.69
CA LEU LB 1221 -39.68 -163.94 -69.01
C LEU LB 1221 -39.49 -163.85 -67.50
N ILE LB 1222 -38.59 -164.70 -66.96
CA ILE LB 1222 -38.26 -164.60 -65.54
C ILE LB 1222 -37.52 -163.32 -65.23
N SER LB 1223 -36.59 -162.93 -66.11
CA SER LB 1223 -35.90 -161.65 -65.94
C SER LB 1223 -36.83 -160.48 -66.25
N ILE LB 1224 -37.78 -160.69 -67.17
CA ILE LB 1224 -38.76 -159.64 -67.48
C ILE LB 1224 -39.69 -159.42 -66.30
N LEU LB 1225 -40.09 -160.51 -65.63
CA LEU LB 1225 -40.91 -160.38 -64.43
C LEU LB 1225 -40.08 -159.87 -63.25
N LYS LB 1226 -38.77 -160.14 -63.27
CA LYS LB 1226 -37.88 -159.58 -62.24
C LYS LB 1226 -37.81 -158.06 -62.35
N GLY LB 1227 -37.74 -157.54 -63.57
CA GLY LB 1227 -37.78 -156.12 -63.79
C GLY LB 1227 -39.16 -155.55 -63.54
N LYS LB 1228 -39.30 -154.73 -62.50
CA LYS LB 1228 -40.57 -154.11 -62.19
C LYS LB 1228 -40.89 -153.03 -63.22
N LEU LB 1229 -42.16 -152.97 -63.63
CA LEU LB 1229 -42.62 -152.04 -64.66
C LEU LB 1229 -43.11 -150.72 -64.08
N LYS LB 1230 -42.62 -150.32 -62.91
CA LYS LB 1230 -43.01 -149.03 -62.34
C LYS LB 1230 -42.42 -147.87 -63.15
N LYS LB 1231 -41.16 -147.99 -63.56
CA LYS LB 1231 -40.53 -146.94 -64.37
C LYS LB 1231 -40.99 -146.99 -65.82
N LEU LB 1232 -41.27 -148.18 -66.33
CA LEU LB 1232 -41.65 -148.33 -67.73
C LEU LB 1232 -43.09 -147.86 -67.95
N GLN LB 1233 -43.42 -147.64 -69.22
CA GLN LB 1233 -44.75 -147.19 -69.60
C GLN LB 1233 -45.74 -148.36 -69.55
N GLU LB 1234 -47.03 -148.02 -69.56
CA GLU LB 1234 -48.07 -149.04 -69.54
C GLU LB 1234 -48.15 -149.80 -70.85
N ASN LB 1235 -47.79 -149.16 -71.96
CA ASN LB 1235 -47.75 -149.84 -73.24
C ASN LB 1235 -46.63 -150.89 -73.27
N ASP LB 1236 -45.50 -150.58 -72.64
CA ASP LB 1236 -44.43 -151.57 -72.52
C ASP LB 1236 -44.82 -152.69 -71.56
N THR LB 1237 -45.58 -152.36 -70.51
CA THR LB 1237 -46.13 -153.39 -69.65
C THR LB 1237 -47.17 -154.23 -70.38
N GLN LB 1238 -47.96 -153.59 -71.24
CA GLN LB 1238 -48.90 -154.34 -72.08
C GLN LB 1238 -48.18 -155.18 -73.12
N LYS LB 1239 -47.05 -154.68 -73.63
CA LYS LB 1239 -46.25 -155.45 -74.59
C LYS LB 1239 -45.61 -156.66 -73.91
N ILE LB 1240 -45.14 -156.49 -72.68
CA ILE LB 1240 -44.61 -157.61 -71.92
C ILE LB 1240 -45.72 -158.60 -71.58
N LEU LB 1241 -46.93 -158.08 -71.32
CA LEU LB 1241 -48.08 -158.94 -71.08
C LEU LB 1241 -48.47 -159.71 -72.33
N LYS LB 1242 -48.40 -159.06 -73.49
CA LYS LB 1242 -48.70 -159.74 -74.74
C LYS LB 1242 -47.62 -160.74 -75.13
N ILE LB 1243 -46.36 -160.45 -74.75
CA ILE LB 1243 -45.26 -161.37 -75.04
C ILE LB 1243 -45.37 -162.62 -74.18
N LEU LB 1244 -45.73 -162.46 -72.91
CA LEU LB 1244 -45.95 -163.61 -72.05
C LEU LB 1244 -47.20 -164.38 -72.45
N LYS LB 1245 -48.20 -163.69 -72.99
CA LYS LB 1245 -49.36 -164.37 -73.54
C LYS LB 1245 -49.00 -165.15 -74.80
N LEU LB 1246 -48.03 -164.64 -75.57
CA LEU LB 1246 -47.51 -165.39 -76.71
C LEU LB 1246 -46.75 -166.63 -76.25
N ILE LB 1247 -46.02 -166.50 -75.14
CA ILE LB 1247 -45.37 -167.67 -74.54
C ILE LB 1247 -46.42 -168.61 -73.96
N VAL LB 1248 -47.50 -168.06 -73.41
CA VAL LB 1248 -48.61 -168.88 -72.96
C VAL LB 1248 -49.35 -169.50 -74.14
N PHE LB 1249 -49.38 -168.82 -75.29
CA PHE LB 1249 -49.96 -169.40 -76.49
C PHE LB 1249 -49.14 -170.58 -76.99
N ASN LB 1250 -47.82 -170.54 -76.80
CA ASN LB 1250 -47.00 -171.73 -77.00
C ASN LB 1250 -47.34 -172.78 -75.94
N TYR LB 1251 -47.34 -174.04 -76.35
CA TYR LB 1251 -47.78 -175.13 -75.49
C TYR LB 1251 -46.70 -175.62 -74.53
N ASN LB 1252 -45.55 -174.94 -74.47
CA ASN LB 1252 -44.48 -175.32 -73.54
C ASN LB 1252 -44.91 -174.99 -72.13
N CYS LB 1253 -45.27 -176.01 -71.36
CA CYS LB 1253 -45.77 -175.85 -70.00
C CYS LB 1253 -45.03 -176.78 -69.06
N SER LB 1254 -44.93 -176.37 -67.80
CA SER LB 1254 -44.26 -177.15 -66.78
C SER LB 1254 -45.05 -177.13 -65.48
N TRP LB 1255 -44.43 -177.59 -64.39
CA TRP LB 1255 -45.05 -177.55 -63.07
C TRP LB 1255 -44.28 -176.65 -62.11
N SER LB 1256 -42.97 -176.85 -61.97
CA SER LB 1256 -42.18 -176.00 -61.10
C SER LB 1256 -41.95 -174.63 -61.73
N ASP LB 1257 -41.73 -174.59 -63.04
CA ASP LB 1257 -41.57 -173.31 -63.73
C ASP LB 1257 -42.89 -172.54 -63.81
N ILE LB 1258 -44.01 -173.25 -63.92
CA ILE LB 1258 -45.31 -172.59 -63.91
C ILE LB 1258 -45.62 -172.04 -62.53
N GLU LB 1259 -45.19 -172.75 -61.47
CA GLU LB 1259 -45.42 -172.28 -60.11
C GLU LB 1259 -44.61 -171.02 -59.81
N GLU LB 1260 -43.38 -170.95 -60.30
CA GLU LB 1260 -42.60 -169.73 -60.16
C GLU LB 1260 -43.16 -168.60 -61.00
N LEU LB 1261 -43.70 -168.93 -62.18
CA LEU LB 1261 -44.34 -167.93 -63.03
C LEU LB 1261 -45.65 -167.45 -62.41
N TYR LB 1262 -46.39 -168.34 -61.75
CA TYR LB 1262 -47.63 -167.93 -61.10
C TYR LB 1262 -47.36 -167.05 -59.88
N THR LB 1263 -46.24 -167.28 -59.19
CA THR LB 1263 -45.86 -166.43 -58.08
C THR LB 1263 -45.52 -165.02 -58.55
N THR LB 1264 -44.84 -164.91 -59.70
CA THR LB 1264 -44.57 -163.60 -60.27
C THR LB 1264 -45.85 -162.97 -60.83
N ILE LB 1265 -46.74 -163.79 -61.38
CA ILE LB 1265 -48.01 -163.28 -61.90
C ILE LB 1265 -48.91 -162.80 -60.76
N SER LB 1266 -48.90 -163.50 -59.63
CA SER LB 1266 -49.68 -163.05 -58.47
C SER LB 1266 -49.11 -161.76 -57.90
N SER LB 1267 -47.78 -161.61 -57.93
CA SER LB 1267 -47.18 -160.34 -57.56
C SER LB 1267 -47.51 -159.26 -58.59
N LEU LB 1268 -47.60 -159.64 -59.86
CA LEU LB 1268 -47.96 -158.68 -60.90
C LEU LB 1268 -49.43 -158.27 -60.80
N PHE LB 1269 -50.30 -159.23 -60.45
CA PHE LB 1269 -51.72 -158.92 -60.31
C PHE LB 1269 -51.99 -158.05 -59.09
N LYS LB 1270 -51.23 -158.23 -58.02
CA LYS LB 1270 -51.40 -157.37 -56.84
C LYS LB 1270 -50.90 -155.96 -57.10
N THR LB 1271 -49.84 -155.81 -57.90
CA THR LB 1271 -49.27 -154.52 -58.22
C THR LB 1271 -49.84 -153.94 -59.50
N PHE LB 1272 -50.82 -154.58 -60.11
CA PHE LB 1272 -51.43 -154.06 -61.33
C PHE LB 1272 -52.25 -152.81 -61.02
N ASP LB 1273 -52.11 -151.80 -61.87
CA ASP LB 1273 -52.80 -150.54 -61.67
C ASP LB 1273 -53.63 -150.12 -62.87
N GLU LB 1274 -53.16 -150.39 -64.09
CA GLU LB 1274 -53.91 -150.04 -65.29
C GLU LB 1274 -55.09 -150.98 -65.48
N ARG LB 1275 -56.22 -150.43 -65.92
CA ARG LB 1275 -57.43 -151.22 -66.07
C ARG LB 1275 -57.32 -152.17 -67.26
N ASN LB 1276 -56.75 -151.69 -68.37
CA ASN LB 1276 -56.62 -152.54 -69.55
C ASN LB 1276 -55.51 -153.59 -69.36
N LEU LB 1277 -54.44 -153.21 -68.66
CA LEU LB 1277 -53.32 -154.13 -68.45
C LEU LB 1277 -53.71 -155.25 -67.48
N ARG LB 1278 -54.50 -154.94 -66.46
CA ARG LB 1278 -55.00 -155.97 -65.56
C ARG LB 1278 -56.00 -156.87 -66.25
N VAL LB 1279 -56.75 -156.31 -67.22
CA VAL LB 1279 -57.65 -157.13 -68.03
C VAL LB 1279 -56.85 -158.08 -68.91
N SER LB 1280 -55.72 -157.62 -69.44
CA SER LB 1280 -54.87 -158.49 -70.24
C SER LB 1280 -54.14 -159.50 -69.36
N LEU LB 1281 -53.75 -159.08 -68.15
CA LEU LB 1281 -53.06 -160.00 -67.23
C LEU LB 1281 -53.99 -161.10 -66.73
N THR LB 1282 -55.25 -160.76 -66.50
CA THR LB 1282 -56.23 -161.78 -66.12
C THR LB 1282 -56.51 -162.73 -67.27
N GLU LB 1283 -56.54 -162.21 -68.50
CA GLU LB 1283 -56.66 -163.08 -69.67
C GLU LB 1283 -55.39 -163.90 -69.86
N LEU LB 1284 -54.24 -163.33 -69.51
CA LEU LB 1284 -52.99 -164.09 -69.53
C LEU LB 1284 -53.00 -165.19 -68.49
N PHE LB 1285 -53.55 -164.91 -67.31
CA PHE LB 1285 -53.67 -165.94 -66.28
C PHE LB 1285 -54.71 -166.98 -66.68
N ILE LB 1286 -55.75 -166.57 -67.40
CA ILE LB 1286 -56.72 -167.52 -67.92
C ILE LB 1286 -56.09 -168.41 -68.98
N GLU LB 1287 -55.21 -167.83 -69.80
CA GLU LB 1287 -54.46 -168.65 -70.75
C GLU LB 1287 -53.42 -169.50 -70.05
N LEU LB 1288 -52.85 -169.00 -68.95
CA LEU LB 1288 -51.83 -169.76 -68.22
C LEU LB 1288 -52.43 -170.98 -67.54
N GLY LB 1289 -53.63 -170.84 -66.97
CA GLY LB 1289 -54.30 -171.98 -66.35
C GLY LB 1289 -54.71 -173.04 -67.35
N ARG LB 1290 -55.09 -172.64 -68.56
CA ARG LB 1290 -55.42 -173.61 -69.58
C ARG LB 1290 -54.18 -174.28 -70.16
N LYS LB 1291 -53.07 -173.55 -70.23
CA LYS LB 1291 -51.86 -174.09 -70.83
C LYS LB 1291 -51.06 -174.97 -69.87
N VAL LB 1292 -50.91 -174.56 -68.61
CA VAL LB 1292 -50.13 -175.31 -67.64
C VAL LB 1292 -50.93 -176.54 -67.22
N PRO LB 1293 -50.37 -177.73 -67.36
CA PRO LB 1293 -51.08 -178.94 -66.92
C PRO LB 1293 -51.15 -179.02 -65.40
N GLU LB 1294 -52.22 -179.68 -64.92
CA GLU LB 1294 -52.52 -179.84 -63.49
C GLU LB 1294 -52.60 -178.50 -62.77
N LEU LB 1295 -53.20 -177.51 -63.43
CA LEU LB 1295 -53.39 -176.18 -62.85
C LEU LB 1295 -54.89 -175.96 -62.68
N GLU LB 1296 -55.43 -176.44 -61.56
CA GLU LB 1296 -56.83 -176.27 -61.25
C GLU LB 1296 -57.08 -175.04 -60.37
N SER LB 1297 -56.15 -174.75 -59.46
CA SER LB 1297 -56.25 -173.52 -58.68
C SER LB 1297 -56.01 -172.30 -59.57
N ILE LB 1298 -55.19 -172.46 -60.61
CA ILE LB 1298 -55.03 -171.40 -61.60
C ILE LB 1298 -56.31 -171.22 -62.41
N SER LB 1299 -56.99 -172.32 -62.71
CA SER LB 1299 -58.29 -172.24 -63.40
C SER LB 1299 -59.35 -171.65 -62.47
N LYS LB 1300 -59.28 -171.95 -61.18
CA LYS LB 1300 -60.20 -171.36 -60.22
C LYS LB 1300 -59.91 -169.87 -60.03
N LEU LB 1301 -58.62 -169.49 -60.02
CA LEU LB 1301 -58.28 -168.08 -59.94
C LEU LB 1301 -58.60 -167.36 -61.24
N VAL LB 1302 -58.61 -168.08 -62.36
CA VAL LB 1302 -59.05 -167.49 -63.62
C VAL LB 1302 -60.54 -167.17 -63.56
N ALA LB 1303 -61.32 -168.04 -62.92
CA ALA LB 1303 -62.73 -167.74 -62.69
C ALA LB 1303 -62.88 -166.59 -61.70
N ASP LB 1304 -61.98 -166.50 -60.72
CA ASP LB 1304 -61.99 -165.37 -59.79
C ASP LB 1304 -61.57 -164.08 -60.49
N LEU LB 1305 -60.59 -164.17 -61.40
CA LEU LB 1305 -60.17 -162.99 -62.14
C LEU LB 1305 -61.21 -162.56 -63.16
N ASN LB 1306 -61.97 -163.52 -63.71
CA ASN LB 1306 -63.03 -163.19 -64.65
C ASN LB 1306 -64.15 -162.43 -63.97
N SER LB 1307 -64.50 -162.81 -62.74
CA SER LB 1307 -65.50 -162.07 -61.98
C SER LB 1307 -64.96 -160.72 -61.56
N TYR LB 1308 -63.65 -160.64 -61.27
CA TYR LB 1308 -63.02 -159.36 -60.94
C TYR LB 1308 -62.96 -158.45 -62.16
N SER LB 1309 -62.69 -159.01 -63.34
CA SER LB 1309 -62.66 -158.19 -64.56
C SER LB 1309 -64.06 -157.78 -65.00
N SER LB 1310 -65.05 -158.66 -64.81
CA SER LB 1310 -66.42 -158.31 -65.14
C SER LB 1310 -66.99 -157.27 -64.19
N SER LB 1311 -66.52 -157.27 -62.94
CA SER LB 1311 -66.90 -156.21 -62.00
C SER LB 1311 -66.32 -154.86 -62.43
N ARG LB 1312 -65.13 -154.87 -63.03
CA ARG LB 1312 -64.59 -153.65 -63.60
C ARG LB 1312 -65.34 -153.24 -64.86
N MET LB 1313 -65.85 -154.23 -65.61
CA MET LB 1313 -66.59 -153.93 -66.83
C MET LB 1313 -67.98 -153.39 -66.54
N HIS LB 1314 -68.67 -153.97 -65.55
CA HIS LB 1314 -70.01 -153.54 -65.21
C HIS LB 1314 -70.27 -153.81 -63.74
N GLU LB 1315 -71.23 -153.07 -63.17
CA GLU LB 1315 -71.54 -153.17 -61.75
C GLU LB 1315 -72.45 -154.35 -61.43
N TYR LB 1316 -72.97 -155.05 -62.44
CA TYR LB 1316 -73.85 -156.20 -62.18
C TYR LB 1316 -73.07 -157.40 -61.67
N ASP LB 1317 -71.77 -157.47 -61.97
CA ASP LB 1317 -70.94 -158.57 -61.49
C ASP LB 1317 -70.50 -158.39 -60.04
N PHE LB 1318 -70.81 -157.24 -59.43
CA PHE LB 1318 -70.60 -157.09 -57.99
C PHE LB 1318 -71.43 -158.08 -57.18
N PRO LB 1319 -72.71 -158.31 -57.50
CA PRO LB 1319 -73.42 -159.44 -56.86
C PRO LB 1319 -72.81 -160.79 -57.19
N ARG LB 1320 -72.26 -160.95 -58.39
CA ARG LB 1320 -71.54 -162.18 -58.71
C ARG LB 1320 -70.23 -162.28 -57.94
N ILE LB 1321 -69.60 -161.14 -57.65
CA ILE LB 1321 -68.43 -161.13 -56.79
C ILE LB 1321 -68.81 -161.49 -55.35
N LEU LB 1322 -69.98 -161.03 -54.90
CA LEU LB 1322 -70.45 -161.34 -53.55
C LEU LB 1322 -70.83 -162.81 -53.42
N SER LB 1323 -71.40 -163.39 -54.47
CA SER LB 1323 -71.69 -164.82 -54.46
C SER LB 1323 -70.41 -165.64 -54.52
N THR LB 1324 -69.41 -165.16 -55.27
CA THR LB 1324 -68.11 -165.80 -55.27
C THR LB 1324 -67.39 -165.62 -53.93
N PHE LB 1325 -67.60 -164.49 -53.27
CA PHE LB 1325 -67.08 -164.31 -51.92
C PHE LB 1325 -67.79 -165.24 -50.93
N LYS LB 1326 -69.08 -165.48 -51.15
CA LYS LB 1326 -69.80 -166.44 -50.33
C LYS LB 1326 -69.34 -167.86 -50.63
N GLY LB 1327 -68.99 -168.14 -51.88
CA GLY LB 1327 -68.45 -169.45 -52.23
C GLY LB 1327 -67.07 -169.69 -51.63
N LEU LB 1328 -66.23 -168.65 -51.63
CA LEU LB 1328 -64.93 -168.75 -50.97
C LEU LB 1328 -65.05 -168.77 -49.46
N ILE LB 1329 -66.13 -168.20 -48.91
CA ILE LB 1329 -66.39 -168.32 -47.47
C ILE LB 1329 -66.79 -169.75 -47.14
N GLU LB 1330 -67.59 -170.38 -48.00
CA GLU LB 1330 -67.91 -171.79 -47.84
C GLU LB 1330 -66.70 -172.67 -48.08
N ASP LB 1331 -65.77 -172.22 -48.92
CA ASP LB 1331 -64.47 -172.86 -49.04
C ASP LB 1331 -63.70 -172.73 -47.73
N GLY LB 1332 -62.99 -173.78 -47.34
CA GLY LB 1332 -62.76 -175.02 -48.06
C GLY LB 1332 -61.46 -174.94 -48.83
N TYR LB 1333 -60.88 -173.73 -48.84
CA TYR LB 1333 -59.58 -173.46 -49.42
C TYR LB 1333 -58.57 -173.40 -48.27
N LYS LB 1334 -57.82 -174.49 -48.09
CA LYS LB 1334 -56.90 -174.63 -46.98
C LYS LB 1334 -55.53 -174.08 -47.38
N SER LB 1335 -54.48 -174.41 -46.60
CA SER LB 1335 -53.13 -173.97 -46.89
C SER LB 1335 -52.58 -174.59 -48.18
N TYR LB 1336 -53.14 -175.70 -48.65
CA TYR LB 1336 -52.82 -176.20 -49.98
C TYR LB 1336 -53.32 -175.24 -51.05
N SER LB 1337 -54.49 -174.65 -50.83
CA SER LB 1337 -55.05 -173.66 -51.74
C SER LB 1337 -54.66 -172.24 -51.39
N GLU LB 1338 -53.56 -172.06 -50.64
CA GLU LB 1338 -53.06 -170.73 -50.34
C GLU LB 1338 -52.47 -170.04 -51.56
N LEU LB 1339 -52.04 -170.81 -52.57
CA LEU LB 1339 -51.67 -170.23 -53.85
C LEU LB 1339 -52.87 -169.61 -54.53
N GLU LB 1340 -54.04 -170.27 -54.44
CA GLU LB 1340 -55.28 -169.66 -54.90
C GLU LB 1340 -55.69 -168.50 -54.00
N TRP LB 1341 -55.40 -168.59 -52.70
CA TRP LB 1341 -55.67 -167.49 -51.80
C TRP LB 1341 -54.72 -166.31 -52.03
N LEU LB 1342 -53.53 -166.59 -52.56
CA LEU LB 1342 -52.64 -165.52 -53.00
C LEU LB 1342 -53.24 -164.70 -54.13
N PRO LB 1343 -53.87 -165.30 -55.15
CA PRO LB 1343 -54.67 -164.50 -56.09
C PRO LB 1343 -55.87 -163.84 -55.43
N LEU LB 1344 -56.45 -164.48 -54.41
CA LEU LB 1344 -57.52 -163.84 -53.66
C LEU LB 1344 -57.01 -162.68 -52.82
N LEU LB 1345 -55.77 -162.77 -52.31
CA LEU LB 1345 -55.17 -161.66 -51.59
C LEU LB 1345 -54.90 -160.49 -52.52
N PHE LB 1346 -54.50 -160.78 -53.76
CA PHE LB 1346 -54.34 -159.72 -54.76
C PHE LB 1346 -55.67 -159.12 -55.14
N THR LB 1347 -56.72 -159.95 -55.24
CA THR LB 1347 -58.05 -159.44 -55.54
C THR LB 1347 -58.61 -158.63 -54.38
N PHE LB 1348 -58.33 -159.07 -53.15
CA PHE LB 1348 -58.76 -158.31 -51.97
C PHE LB 1348 -58.00 -156.99 -51.86
N LEU LB 1349 -56.71 -157.00 -52.19
CA LEU LB 1349 -55.94 -155.76 -52.22
C LEU LB 1349 -56.40 -154.84 -53.34
N HIS LB 1350 -56.83 -155.42 -54.47
CA HIS LB 1350 -57.44 -154.63 -55.53
C HIS LB 1350 -58.76 -154.03 -55.07
N PHE LB 1351 -59.54 -154.80 -54.31
CA PHE LB 1351 -60.77 -154.26 -53.73
C PHE LB 1351 -60.47 -153.28 -52.61
N ILE LB 1352 -59.34 -153.47 -51.91
CA ILE LB 1352 -58.93 -152.51 -50.88
C ILE LB 1352 -58.53 -151.18 -51.51
N ASN LB 1353 -57.95 -151.22 -52.71
CA ASN LB 1353 -57.66 -149.99 -53.44
C ASN LB 1353 -58.95 -149.31 -53.89
N ASN LB 1354 -59.97 -150.10 -54.19
CA ASN LB 1354 -61.28 -149.57 -54.55
C ASN LB 1354 -62.09 -149.31 -53.28
N LYS LB 1355 -63.38 -148.98 -53.45
CA LYS LB 1355 -64.25 -148.70 -52.32
C LYS LB 1355 -65.59 -149.41 -52.44
N GLU LB 1356 -65.58 -150.71 -52.74
CA GLU LB 1356 -66.81 -151.45 -52.97
C GLU LB 1356 -67.46 -151.93 -51.68
N GLU LB 1357 -67.74 -150.99 -50.77
CA GLU LB 1357 -68.50 -151.18 -49.52
C GLU LB 1357 -67.86 -152.17 -48.55
N LEU LB 1358 -66.58 -152.51 -48.74
CA LEU LB 1358 -65.79 -153.42 -47.90
C LEU LB 1358 -66.41 -154.80 -47.76
N ALA LB 1359 -67.20 -155.23 -48.75
CA ALA LB 1359 -67.79 -156.57 -48.69
C ALA LB 1359 -66.75 -157.64 -48.94
N LEU LB 1360 -65.83 -157.39 -49.87
CA LEU LB 1360 -64.73 -158.31 -50.09
C LEU LB 1360 -63.73 -158.26 -48.95
N ARG LB 1361 -63.64 -157.13 -48.24
CA ARG LB 1361 -62.74 -157.02 -47.10
C ARG LB 1361 -63.23 -157.88 -45.94
N THR LB 1362 -64.54 -157.88 -45.68
CA THR LB 1362 -65.09 -158.71 -44.62
C THR LB 1362 -65.07 -160.18 -45.00
N ASN LB 1363 -65.27 -160.49 -46.28
CA ASN LB 1363 -65.25 -161.86 -46.74
C ASN LB 1363 -63.84 -162.45 -46.72
N ALA LB 1364 -62.83 -161.65 -47.05
CA ALA LB 1364 -61.45 -162.11 -46.96
C ALA LB 1364 -61.03 -162.31 -45.52
N SER LB 1365 -61.56 -161.51 -44.60
CA SER LB 1365 -61.33 -161.74 -43.18
C SER LB 1365 -61.96 -163.05 -42.73
N HIS LB 1366 -63.14 -163.37 -43.23
CA HIS LB 1366 -63.76 -164.66 -42.95
C HIS LB 1366 -62.99 -165.78 -43.64
N ALA LB 1367 -62.45 -165.51 -44.84
CA ALA LB 1367 -61.64 -166.50 -45.54
C ALA LB 1367 -60.30 -166.71 -44.84
N ILE LB 1368 -59.71 -165.65 -44.29
CA ILE LB 1368 -58.46 -165.79 -43.52
C ILE LB 1368 -58.72 -166.53 -42.23
N MET LB 1369 -59.87 -166.30 -41.59
CA MET LB 1369 -60.23 -167.00 -40.37
C MET LB 1369 -60.46 -168.48 -40.63
N LYS LB 1370 -61.09 -168.81 -41.77
CA LYS LB 1370 -61.23 -170.20 -42.16
C LYS LB 1370 -59.89 -170.82 -42.51
N PHE LB 1371 -59.01 -170.04 -43.14
CA PHE LB 1371 -57.66 -170.54 -43.45
C PHE LB 1371 -56.81 -170.69 -42.20
N ILE LB 1372 -56.98 -169.80 -41.22
CA ILE LB 1372 -56.26 -169.92 -39.96
C ILE LB 1372 -56.76 -171.11 -39.17
N ASP LB 1373 -58.06 -171.38 -39.24
CA ASP LB 1373 -58.62 -172.55 -38.55
C ASP LB 1373 -58.13 -173.85 -39.18
N PHE LB 1374 -57.98 -173.87 -40.51
CA PHE LB 1374 -57.38 -175.03 -41.17
C PHE LB 1374 -55.89 -175.13 -40.87
N ILE LB 1375 -55.20 -173.98 -40.78
CA ILE LB 1375 -53.79 -173.98 -40.42
C ILE LB 1375 -53.61 -174.39 -38.96
N ASN LB 1376 -54.52 -173.99 -38.08
CA ASN LB 1376 -54.47 -174.48 -36.70
C ASN LB 1376 -54.81 -175.96 -36.63
N GLU LB 1377 -55.69 -176.45 -37.52
CA GLU LB 1377 -56.00 -177.87 -37.58
C GLU LB 1377 -54.80 -178.68 -38.06
N LYS LB 1378 -54.07 -178.16 -39.05
CA LYS LB 1378 -52.89 -178.84 -39.56
C LYS LB 1378 -51.69 -178.50 -38.69
N PRO LB 1379 -51.29 -179.40 -37.78
CA PRO LB 1379 -50.20 -179.08 -36.85
C PRO LB 1379 -48.80 -179.26 -37.42
N ASN LB 1380 -48.66 -179.43 -38.73
CA ASN LB 1380 -47.34 -179.52 -39.34
C ASN LB 1380 -46.64 -178.16 -39.27
N LEU LB 1381 -45.34 -178.18 -38.98
CA LEU LB 1381 -44.59 -176.95 -38.81
C LEU LB 1381 -44.24 -176.28 -40.13
N ASN LB 1382 -44.44 -176.95 -41.26
CA ASN LB 1382 -44.08 -176.37 -42.55
C ASN LB 1382 -45.27 -175.69 -43.21
N GLU LB 1383 -46.38 -176.42 -43.36
CA GLU LB 1383 -47.52 -175.90 -44.12
C GLU LB 1383 -48.31 -174.87 -43.34
N ALA LB 1384 -48.46 -175.06 -42.03
CA ALA LB 1384 -49.20 -174.10 -41.21
C ALA LB 1384 -48.42 -172.79 -41.07
N SER LB 1385 -47.10 -172.88 -40.97
CA SER LB 1385 -46.27 -171.67 -40.95
C SER LB 1385 -46.25 -170.99 -42.31
N LYS LB 1386 -46.34 -171.76 -43.39
CA LYS LB 1386 -46.39 -171.18 -44.73
C LYS LB 1386 -47.68 -170.40 -44.94
N SER LB 1387 -48.79 -170.93 -44.44
CA SER LB 1387 -50.05 -170.18 -44.48
C SER LB 1387 -50.00 -168.97 -43.55
N ILE LB 1388 -49.31 -169.10 -42.41
CA ILE LB 1388 -49.18 -167.99 -41.48
C ILE LB 1388 -48.27 -166.91 -42.04
N SER LB 1389 -47.16 -167.32 -42.68
CA SER LB 1389 -46.25 -166.35 -43.28
C SER LB 1389 -46.89 -165.66 -44.49
N MET LB 1390 -47.71 -166.40 -45.24
CA MET LB 1390 -48.49 -165.79 -46.31
C MET LB 1390 -49.54 -164.84 -45.72
N LEU LB 1391 -50.11 -165.20 -44.58
CA LEU LB 1391 -51.03 -164.29 -43.89
C LEU LB 1391 -50.28 -163.09 -43.31
N LYS LB 1392 -49.08 -163.32 -42.79
CA LYS LB 1392 -48.31 -162.22 -42.20
C LYS LB 1392 -47.81 -161.26 -43.27
N ASP LB 1393 -47.45 -161.77 -44.44
CA ASP LB 1393 -47.01 -160.90 -45.53
C ASP LB 1393 -48.17 -160.11 -46.11
N ILE LB 1394 -49.37 -160.70 -46.15
CA ILE LB 1394 -50.52 -160.05 -46.79
C ILE LB 1394 -51.26 -159.12 -45.85
N LEU LB 1395 -51.07 -159.23 -44.54
CA LEU LB 1395 -51.80 -158.39 -43.58
C LEU LB 1395 -50.96 -157.24 -43.06
N LEU LB 1396 -49.69 -157.47 -42.74
CA LEU LB 1396 -48.82 -156.41 -42.25
C LEU LB 1396 -48.60 -155.31 -43.29
N PRO LB 1397 -48.35 -155.62 -44.57
CA PRO LB 1397 -48.40 -154.54 -45.58
C PRO LB 1397 -49.77 -153.91 -45.72
N ASN LB 1398 -50.84 -154.70 -45.55
CA ASN LB 1398 -52.19 -154.13 -45.57
C ASN LB 1398 -52.48 -153.34 -44.32
N ILE LB 1399 -51.83 -153.68 -43.20
CA ILE LB 1399 -51.95 -152.87 -41.99
C ILE LB 1399 -51.29 -151.51 -42.20
N ARG LB 1400 -50.12 -151.51 -42.85
CA ARG LB 1400 -49.48 -150.25 -43.20
C ARG LB 1400 -50.24 -149.53 -44.30
N ILE LB 1401 -50.89 -150.26 -45.20
CA ILE LB 1401 -51.77 -149.66 -46.18
C ILE LB 1401 -52.99 -149.05 -45.50
N GLY LB 1402 -53.57 -149.77 -44.54
CA GLY LB 1402 -54.65 -149.23 -43.75
C GLY LB 1402 -54.23 -148.14 -42.79
N LEU LB 1403 -52.96 -148.10 -42.41
CA LEU LB 1403 -52.45 -147.03 -41.58
C LEU LB 1403 -52.44 -145.71 -42.34
N ARG LB 1404 -51.95 -145.73 -43.58
CA ARG LB 1404 -51.89 -144.51 -44.37
C ARG LB 1404 -53.27 -144.09 -44.89
N ASP LB 1405 -54.15 -145.06 -45.12
CA ASP LB 1405 -55.45 -144.75 -45.70
C ASP LB 1405 -56.41 -144.22 -44.63
N SER LB 1406 -57.41 -143.48 -45.09
CA SER LB 1406 -58.47 -142.96 -44.24
C SER LB 1406 -59.69 -143.86 -44.21
N LEU LB 1407 -59.61 -145.05 -44.79
CA LEU LB 1407 -60.72 -145.99 -44.80
C LEU LB 1407 -60.86 -146.61 -43.42
N GLU LB 1408 -61.81 -146.10 -42.64
CA GLU LB 1408 -62.05 -146.65 -41.31
C GLU LB 1408 -62.68 -148.03 -41.37
N GLU LB 1409 -63.39 -148.34 -42.46
CA GLU LB 1409 -63.93 -149.68 -42.64
C GLU LB 1409 -62.82 -150.70 -42.85
N VAL LB 1410 -61.75 -150.31 -43.56
CA VAL LB 1410 -60.60 -151.19 -43.73
C VAL LB 1410 -59.86 -151.36 -42.40
N GLN LB 1411 -59.79 -150.30 -41.60
CA GLN LB 1411 -59.12 -150.39 -40.31
C GLN LB 1411 -59.93 -151.22 -39.32
N SER LB 1412 -61.25 -151.07 -39.35
CA SER LB 1412 -62.11 -151.84 -38.44
C SER LB 1412 -62.14 -153.32 -38.82
N GLU LB 1413 -62.09 -153.60 -40.13
CA GLU LB 1413 -62.00 -154.99 -40.57
C GLU LB 1413 -60.65 -155.59 -40.18
N TYR LB 1414 -59.58 -154.79 -40.28
CA TYR LB 1414 -58.27 -155.24 -39.83
C TYR LB 1414 -58.21 -155.38 -38.31
N VAL LB 1415 -59.00 -154.58 -37.59
CA VAL LB 1415 -59.06 -154.68 -36.14
C VAL LB 1415 -59.74 -155.97 -35.71
N SER LB 1416 -60.83 -156.32 -36.40
CA SER LB 1416 -61.51 -157.59 -36.10
C SER LB 1416 -60.68 -158.78 -36.56
N VAL LB 1417 -59.90 -158.61 -37.63
CA VAL LB 1417 -59.02 -159.68 -38.09
C VAL LB 1417 -57.87 -159.89 -37.13
N LEU LB 1418 -57.26 -158.81 -36.64
CA LEU LB 1418 -56.13 -158.93 -35.73
C LEU LB 1418 -56.57 -159.40 -34.35
N SER LB 1419 -57.83 -159.15 -33.98
CA SER LB 1419 -58.36 -159.69 -32.74
C SER LB 1419 -58.48 -161.21 -32.79
N TYR LB 1420 -58.93 -161.73 -33.94
CA TYR LB 1420 -59.05 -163.18 -34.09
C TYR LB 1420 -57.70 -163.83 -34.38
N MET LB 1421 -56.80 -163.13 -35.09
CA MET LB 1421 -55.52 -163.73 -35.46
C MET LB 1421 -54.59 -163.85 -34.26
N VAL LB 1422 -54.60 -162.85 -33.38
CA VAL LB 1422 -53.83 -162.96 -32.14
C VAL LB 1422 -54.45 -164.00 -31.21
N LYS LB 1423 -55.76 -164.19 -31.29
CA LYS LB 1423 -56.43 -165.18 -30.45
C LYS LB 1423 -56.18 -166.59 -30.94
N ASN LB 1424 -56.13 -166.79 -32.26
CA ASN LB 1424 -56.07 -168.13 -32.83
C ASN LB 1424 -54.66 -168.56 -33.21
N THR LB 1425 -54.01 -167.81 -34.11
CA THR LB 1425 -52.66 -168.17 -34.55
C THR LB 1425 -51.63 -168.06 -33.44
N LYS LB 1426 -51.33 -166.81 -33.02
CA LYS LB 1426 -50.39 -166.43 -31.97
C LYS LB 1426 -49.04 -167.14 -32.08
N TYR LB 1427 -48.52 -167.29 -33.29
CA TYR LB 1427 -47.46 -168.24 -33.55
C TYR LB 1427 -46.06 -167.69 -33.30
N PHE LB 1428 -45.79 -166.45 -33.70
CA PHE LB 1428 -44.44 -165.91 -33.64
C PHE LB 1428 -44.02 -165.60 -32.21
N THR LB 1429 -42.73 -165.79 -31.93
CA THR LB 1429 -42.18 -165.45 -30.63
C THR LB 1429 -42.15 -163.93 -30.43
N ASP LB 1430 -41.95 -163.17 -31.51
CA ASP LB 1430 -42.04 -161.71 -31.43
C ASP LB 1430 -43.48 -161.27 -31.22
N PHE LB 1431 -44.44 -162.01 -31.79
CA PHE LB 1431 -45.84 -161.70 -31.57
C PHE LB 1431 -46.27 -162.07 -30.15
N GLU LB 1432 -45.68 -163.13 -29.58
CA GLU LB 1432 -46.02 -163.52 -28.22
C GLU LB 1432 -45.46 -162.53 -27.20
N ASP LB 1433 -44.30 -161.94 -27.49
CA ASP LB 1433 -43.72 -160.94 -26.59
C ASP LB 1433 -44.51 -159.64 -26.63
N MET LB 1434 -45.05 -159.28 -27.80
CA MET LB 1434 -45.85 -158.08 -27.96
C MET LB 1434 -47.32 -158.30 -27.64
N ALA LB 1435 -47.72 -159.51 -27.28
CA ALA LB 1435 -49.12 -159.81 -26.96
C ALA LB 1435 -49.44 -159.34 -25.54
N ILE LB 1436 -49.59 -158.02 -25.41
CA ILE LB 1436 -49.94 -157.40 -24.14
C ILE LB 1436 -51.20 -156.58 -24.34
N LEU LB 1437 -52.02 -156.97 -25.32
CA LEU LB 1437 -53.24 -156.25 -25.63
C LEU LB 1437 -54.27 -157.22 -26.18
N LEU LB 1438 -55.54 -156.83 -26.09
CA LEU LB 1438 -56.64 -157.65 -26.58
C LEU LB 1438 -57.84 -156.78 -26.95
N GLN LB 1455 -67.76 -141.79 -28.65
CA GLN LB 1455 -66.82 -141.84 -29.76
C GLN LB 1455 -65.41 -141.52 -29.30
N LEU LB 1456 -65.10 -140.22 -29.21
CA LEU LB 1456 -63.77 -139.81 -28.74
C LEU LB 1456 -63.60 -140.07 -27.26
N HIS LB 1457 -64.67 -139.94 -26.48
CA HIS LB 1457 -64.60 -140.22 -25.05
C HIS LB 1457 -64.40 -141.71 -24.79
N ARG LB 1458 -65.03 -142.56 -25.59
CA ARG LB 1458 -64.82 -144.00 -25.46
C ARG LB 1458 -63.42 -144.40 -25.93
N ARG LB 1459 -62.89 -143.70 -26.94
CA ARG LB 1459 -61.53 -143.97 -27.39
C ARG LB 1459 -60.51 -143.52 -26.36
N GLN LB 1460 -60.79 -142.41 -25.67
CA GLN LB 1460 -59.88 -141.92 -24.64
C GLN LB 1460 -59.90 -142.83 -23.41
N ARG LB 1461 -61.08 -143.33 -23.03
CA ARG LB 1461 -61.19 -144.17 -21.85
C ARG LB 1461 -60.57 -145.54 -22.09
N ALA LB 1462 -60.69 -146.07 -23.31
CA ALA LB 1462 -60.10 -147.36 -23.62
C ALA LB 1462 -58.58 -147.26 -23.71
N ILE LB 1463 -58.06 -146.12 -24.16
CA ILE LB 1463 -56.62 -145.92 -24.28
C ILE LB 1463 -55.97 -145.85 -22.91
N LYS LB 1464 -56.64 -145.17 -21.96
CA LYS LB 1464 -56.09 -145.08 -20.60
C LYS LB 1464 -56.19 -146.42 -19.87
N ARG LB 1465 -57.21 -147.21 -20.19
CA ARG LB 1465 -57.41 -148.51 -19.56
C ARG LB 1465 -56.75 -149.64 -20.33
N LEU LB 1466 -55.98 -149.34 -21.36
CA LEU LB 1466 -55.38 -150.37 -22.20
C LEU LB 1466 -54.15 -150.97 -21.50
N GLY LB 1467 -53.47 -151.85 -22.23
CA GLY LB 1467 -52.25 -152.47 -21.73
C GLY LB 1467 -51.01 -151.59 -21.80
N GLU LB 1468 -51.14 -150.38 -22.35
CA GLU LB 1468 -50.05 -149.41 -22.33
C GLU LB 1468 -49.75 -148.96 -20.90
N HIS LB 1469 -50.77 -148.90 -20.05
CA HIS LB 1469 -50.58 -148.67 -18.62
C HIS LB 1469 -50.27 -149.96 -17.87
N ALA LB 1470 -50.27 -151.11 -18.56
CA ALA LB 1470 -49.99 -152.39 -17.94
C ALA LB 1470 -48.76 -153.09 -18.48
N HIS LB 1471 -48.04 -152.50 -19.44
CA HIS LB 1471 -46.87 -153.11 -20.03
C HIS LB 1471 -45.86 -152.04 -20.40
N GLN LB 1472 -44.60 -152.47 -20.58
CA GLN LB 1472 -43.51 -151.55 -20.93
C GLN LB 1472 -42.59 -152.13 -22.00
N LEU LB 1473 -43.05 -153.14 -22.74
CA LEU LB 1473 -42.20 -153.79 -23.73
C LEU LB 1473 -42.86 -153.97 -25.09
N LYS LB 1474 -44.20 -154.01 -25.12
CA LYS LB 1474 -44.92 -154.32 -26.35
C LYS LB 1474 -44.94 -153.13 -27.31
N ASP LB 1475 -43.79 -152.85 -27.93
CA ASP LB 1475 -43.69 -151.70 -28.82
C ASP LB 1475 -44.36 -151.94 -30.16
N ASN LB 1476 -44.18 -153.15 -30.72
CA ASN LB 1476 -44.61 -153.40 -32.10
C ASN LB 1476 -46.12 -153.51 -32.23
N SER LB 1477 -46.78 -154.09 -31.22
CA SER LB 1477 -48.23 -154.24 -31.28
C SER LB 1477 -48.93 -152.90 -31.09
N ILE LB 1478 -48.39 -152.04 -30.23
CA ILE LB 1478 -48.98 -150.73 -30.00
C ILE LB 1478 -48.78 -149.81 -31.21
N SER LB 1479 -47.60 -149.87 -31.83
CA SER LB 1479 -47.28 -148.98 -32.93
C SER LB 1479 -48.04 -149.37 -34.19
N HIS LB 1480 -48.21 -150.68 -34.43
CA HIS LB 1480 -48.91 -151.13 -35.62
C HIS LB 1480 -50.42 -150.93 -35.52
N TYR LB 1481 -50.94 -150.72 -34.32
CA TYR LB 1481 -52.38 -150.57 -34.15
C TYR LB 1481 -52.76 -149.13 -33.80
N LEU LB 1482 -52.16 -148.57 -32.75
CA LEU LB 1482 -52.62 -147.31 -32.18
C LEU LB 1482 -51.97 -146.08 -32.78
N ILE LB 1483 -50.77 -146.21 -33.35
CA ILE LB 1483 -50.09 -145.03 -33.91
C ILE LB 1483 -50.79 -144.54 -35.18
N PRO LB 1484 -51.39 -145.40 -36.00
CA PRO LB 1484 -52.21 -144.88 -37.10
C PRO LB 1484 -53.45 -144.15 -36.63
N MET LB 1485 -54.05 -144.61 -35.53
CA MET LB 1485 -55.20 -143.90 -34.96
C MET LB 1485 -54.77 -142.60 -34.29
N ILE LB 1486 -53.54 -142.56 -33.76
CA ILE LB 1486 -53.02 -141.33 -33.17
C ILE LB 1486 -52.75 -140.30 -34.25
N GLU LB 1487 -52.27 -140.74 -35.41
CA GLU LB 1487 -52.06 -139.81 -36.53
C GLU LB 1487 -53.38 -139.36 -37.13
N HIS LB 1488 -54.38 -140.24 -37.14
CA HIS LB 1488 -55.73 -139.85 -37.56
C HIS LB 1488 -56.34 -138.87 -36.58
N TYR LB 1489 -56.09 -139.07 -35.28
CA TYR LB 1489 -56.53 -138.09 -34.29
C TYR LB 1489 -55.70 -136.81 -34.35
N VAL LB 1490 -54.47 -136.90 -34.86
CA VAL LB 1490 -53.64 -135.69 -35.03
C VAL LB 1490 -54.21 -134.81 -36.12
N PHE LB 1491 -54.72 -135.41 -37.20
CA PHE LB 1491 -55.35 -134.64 -38.26
C PHE LB 1491 -56.72 -134.13 -37.84
N SER LB 1492 -57.50 -134.96 -37.16
CA SER LB 1492 -58.86 -134.60 -36.76
C SER LB 1492 -58.86 -133.66 -35.56
N ARG LB 1498 -59.77 -132.02 -31.66
CA ARG LB 1498 -59.08 -131.17 -30.70
C ARG LB 1498 -58.93 -131.87 -29.36
N ASN LB 1499 -60.07 -132.23 -28.75
CA ASN LB 1499 -60.06 -132.97 -27.51
C ASN LB 1499 -59.55 -134.40 -27.71
N ILE LB 1500 -59.82 -134.97 -28.88
CA ILE LB 1500 -59.28 -136.29 -29.21
C ILE LB 1500 -57.77 -136.23 -29.39
N GLY LB 1501 -57.27 -135.14 -29.98
CA GLY LB 1501 -55.83 -134.98 -30.13
C GLY LB 1501 -55.12 -134.81 -28.80
N ASN LB 1502 -55.76 -134.12 -27.85
CA ASN LB 1502 -55.22 -134.01 -26.50
C ASN LB 1502 -55.27 -135.36 -25.79
N GLU LB 1503 -56.33 -136.13 -26.02
CA GLU LB 1503 -56.42 -137.47 -25.46
C GLU LB 1503 -55.41 -138.41 -26.11
N THR LB 1504 -55.14 -138.22 -27.39
CA THR LB 1504 -54.13 -139.04 -28.07
C THR LB 1504 -52.73 -138.72 -27.58
N GLN LB 1505 -52.47 -137.47 -27.18
CA GLN LB 1505 -51.19 -137.10 -26.63
C GLN LB 1505 -50.94 -137.79 -25.29
N ILE LB 1506 -51.99 -137.91 -24.47
CA ILE LB 1506 -51.91 -138.71 -23.25
C ILE LB 1506 -51.78 -140.18 -23.60
N ALA LB 1507 -52.46 -140.62 -24.67
CA ALA LB 1507 -52.32 -142.00 -25.13
C ALA LB 1507 -50.94 -142.27 -25.72
N ILE LB 1508 -50.33 -141.26 -26.35
CA ILE LB 1508 -48.98 -141.41 -26.86
C ILE LB 1508 -47.99 -141.54 -25.71
N GLY LB 1509 -48.22 -140.79 -24.62
CA GLY LB 1509 -47.35 -140.90 -23.46
C GLY LB 1509 -47.42 -142.25 -22.77
N GLY LB 1510 -48.63 -142.82 -22.72
CA GLY LB 1510 -48.75 -144.19 -22.24
C GLY LB 1510 -48.12 -145.19 -23.19
N LEU LB 1511 -48.22 -144.94 -24.49
CA LEU LB 1511 -47.59 -145.80 -25.48
C LEU LB 1511 -46.08 -145.66 -25.45
N ALA LB 1512 -45.57 -144.46 -25.15
CA ALA LB 1512 -44.13 -144.26 -25.04
C ALA LB 1512 -43.55 -144.98 -23.83
N GLN LB 1513 -44.33 -145.07 -22.74
CA GLN LB 1513 -43.91 -145.88 -21.61
C GLN LB 1513 -44.03 -147.37 -21.90
N HIS LB 1514 -44.84 -147.73 -22.91
CA HIS LB 1514 -45.04 -149.12 -23.30
C HIS LB 1514 -44.21 -149.53 -24.50
N MET LB 1515 -43.27 -148.70 -24.94
CA MET LB 1515 -42.49 -148.97 -26.14
C MET LB 1515 -41.06 -149.41 -25.77
N SER LB 1516 -40.28 -149.70 -26.81
CA SER LB 1516 -38.88 -150.09 -26.65
C SER LB 1516 -37.98 -148.91 -26.98
N TRP LB 1517 -36.68 -149.14 -26.84
CA TRP LB 1517 -35.70 -148.08 -27.07
C TRP LB 1517 -35.58 -147.72 -28.55
N ASN LB 1518 -35.61 -148.74 -29.41
CA ASN LB 1518 -35.49 -148.48 -30.84
C ASN LB 1518 -36.79 -147.90 -31.41
N GLN LB 1519 -37.94 -148.37 -30.92
CA GLN LB 1519 -39.22 -147.91 -31.46
C GLN LB 1519 -39.51 -146.48 -31.03
N TYR LB 1520 -39.05 -146.08 -29.84
CA TYR LB 1520 -39.23 -144.71 -29.40
C TYR LB 1520 -38.38 -143.75 -30.21
N LYS LB 1521 -37.19 -144.18 -30.62
CA LYS LB 1521 -36.33 -143.35 -31.45
C LYS LB 1521 -36.91 -143.19 -32.85
N ALA LB 1522 -37.56 -144.23 -33.37
CA ALA LB 1522 -38.18 -144.15 -34.69
C ALA LB 1522 -39.40 -143.24 -34.67
N LEU LB 1523 -40.19 -143.30 -33.60
CA LEU LB 1523 -41.34 -142.41 -33.47
C LEU LB 1523 -40.90 -140.97 -33.27
N LEU LB 1524 -39.81 -140.76 -32.54
CA LEU LB 1524 -39.29 -139.41 -32.33
C LEU LB 1524 -38.70 -138.85 -33.62
N ARG LB 1525 -38.00 -139.69 -34.39
CA ARG LB 1525 -37.47 -139.26 -35.68
C ARG LB 1525 -38.59 -138.98 -36.67
N ARG LB 1526 -39.68 -139.74 -36.60
CA ARG LB 1526 -40.86 -139.44 -37.39
C ARG LB 1526 -41.52 -138.15 -36.93
N TYR LB 1527 -41.48 -137.87 -35.62
CA TYR LB 1527 -42.07 -136.65 -35.11
C TYR LB 1527 -41.21 -135.44 -35.44
N ILE LB 1528 -39.87 -135.58 -35.36
CA ILE LB 1528 -38.99 -134.45 -35.58
C ILE LB 1528 -38.97 -134.05 -37.06
N SER LB 1529 -38.99 -135.04 -37.95
CA SER LB 1529 -38.96 -134.74 -39.39
C SER LB 1529 -40.28 -134.13 -39.85
N MET LB 1530 -41.39 -134.57 -39.27
CA MET LB 1530 -42.69 -133.99 -39.62
C MET LB 1530 -42.82 -132.58 -39.06
N LEU LB 1531 -42.13 -132.29 -37.96
CA LEU LB 1531 -42.15 -130.94 -37.41
C LEU LB 1531 -41.43 -129.96 -38.32
N LYS LB 1532 -40.30 -130.37 -38.90
CA LYS LB 1532 -39.56 -129.49 -39.79
C LYS LB 1532 -40.25 -129.36 -41.15
N THR LB 1533 -40.78 -130.47 -41.67
CA THR LB 1533 -41.36 -130.45 -43.01
C THR LB 1533 -42.78 -129.88 -42.99
N LYS LB 1534 -43.68 -130.54 -42.27
CA LYS LB 1534 -45.08 -130.13 -42.27
C LYS LB 1534 -45.27 -128.93 -41.34
N PRO LB 1535 -45.79 -127.81 -41.83
CA PRO LB 1535 -46.04 -126.67 -40.95
C PRO LB 1535 -47.47 -126.67 -40.40
N ASN LB 1536 -48.16 -127.81 -40.54
CA ASN LB 1536 -49.55 -127.93 -40.13
C ASN LB 1536 -49.73 -127.78 -38.62
N GLN LB 1537 -49.18 -128.72 -37.84
CA GLN LB 1537 -49.25 -128.66 -36.38
C GLN LB 1537 -47.85 -128.91 -35.83
N MET LB 1538 -47.05 -127.84 -35.75
CA MET LB 1538 -45.72 -127.97 -35.17
C MET LB 1538 -45.77 -128.02 -33.65
N LYS LB 1539 -46.64 -127.19 -33.05
CA LYS LB 1539 -46.74 -127.15 -31.60
C LYS LB 1539 -47.39 -128.41 -31.04
N GLN LB 1540 -48.35 -128.98 -31.78
CA GLN LB 1540 -48.96 -130.23 -31.36
C GLN LB 1540 -47.98 -131.39 -31.46
N ALA LB 1541 -47.13 -131.38 -32.50
CA ALA LB 1541 -46.10 -132.40 -32.62
C ALA LB 1541 -45.04 -132.23 -31.53
N VAL LB 1542 -44.71 -130.99 -31.19
CA VAL LB 1542 -43.80 -130.75 -30.08
C VAL LB 1542 -44.43 -131.14 -28.76
N GLN LB 1543 -45.74 -130.93 -28.60
CA GLN LB 1543 -46.44 -131.38 -27.42
C GLN LB 1543 -46.48 -132.91 -27.35
N LEU LB 1544 -46.61 -133.56 -28.50
CA LEU LB 1544 -46.52 -135.02 -28.54
C LEU LB 1544 -45.09 -135.47 -28.26
N ILE LB 1545 -44.10 -134.69 -28.70
CA ILE LB 1545 -42.71 -135.02 -28.42
C ILE LB 1545 -42.40 -134.83 -26.93
N VAL LB 1546 -43.00 -133.81 -26.32
CA VAL LB 1546 -42.80 -133.56 -24.89
C VAL LB 1546 -43.47 -134.66 -24.07
N GLN LB 1547 -44.63 -135.14 -24.50
CA GLN LB 1547 -45.27 -136.28 -23.85
C GLN LB 1547 -44.45 -137.54 -24.04
N LEU LB 1548 -43.82 -137.70 -25.21
CA LEU LB 1548 -42.88 -138.79 -25.41
C LEU LB 1548 -41.63 -138.60 -24.57
N SER LB 1549 -41.21 -137.35 -24.38
CA SER LB 1549 -40.06 -137.08 -23.52
C SER LB 1549 -40.42 -137.25 -22.04
N VAL LB 1550 -41.71 -137.18 -21.71
CA VAL LB 1550 -42.13 -137.38 -20.32
C VAL LB 1550 -41.84 -138.81 -19.85
N PRO LB 1551 -42.18 -139.86 -20.61
CA PRO LB 1551 -41.77 -141.21 -20.19
C PRO LB 1551 -40.28 -141.45 -20.37
N LEU LB 1552 -39.64 -140.75 -21.30
CA LEU LB 1552 -38.21 -140.92 -21.50
C LEU LB 1552 -37.41 -140.33 -20.35
N ARG LB 1553 -37.81 -139.16 -19.85
CA ARG LB 1553 -37.12 -138.56 -18.72
C ARG LB 1553 -37.38 -139.32 -17.43
N GLU LB 1554 -38.57 -139.93 -17.31
CA GLU LB 1554 -38.88 -140.75 -16.14
C GLU LB 1554 -38.06 -142.04 -16.15
N THR LB 1555 -37.87 -142.63 -17.34
CA THR LB 1555 -37.09 -143.86 -17.43
C THR LB 1555 -35.59 -143.57 -17.27
N LEU LB 1556 -35.14 -142.40 -17.72
CA LEU LB 1556 -33.73 -142.03 -17.58
C LEU LB 1556 -33.37 -141.78 -16.13
N ARG LB 1557 -34.27 -141.14 -15.37
CA ARG LB 1557 -34.02 -140.93 -13.95
C ARG LB 1557 -34.13 -142.23 -13.17
N ILE LB 1558 -34.99 -143.15 -13.62
CA ILE LB 1558 -35.10 -144.46 -12.98
C ILE LB 1558 -33.83 -145.28 -13.21
N VAL LB 1559 -33.25 -145.17 -14.39
CA VAL LB 1559 -31.97 -145.85 -14.67
C VAL LB 1559 -30.84 -145.20 -13.88
N ARG LB 1560 -30.87 -143.89 -13.75
CA ARG LB 1560 -29.84 -143.16 -13.00
C ARG LB 1560 -30.05 -143.32 -11.51
N ASN LB 1581 -28.49 -142.16 -24.96
CA ASN LB 1581 -27.27 -141.45 -24.58
C ASN LB 1581 -26.87 -140.46 -25.66
N PHE LB 1582 -26.21 -140.96 -26.70
CA PHE LB 1582 -25.82 -140.10 -27.81
C PHE LB 1582 -27.00 -139.72 -28.69
N ILE LB 1583 -28.11 -140.48 -28.59
CA ILE LB 1583 -29.32 -140.11 -29.31
C ILE LB 1583 -29.91 -138.84 -28.72
N LYS LB 1584 -29.86 -138.69 -27.40
CA LYS LB 1584 -30.36 -137.47 -26.76
C LYS LB 1584 -29.44 -136.29 -27.03
N GLN LB 1585 -28.13 -136.53 -27.12
CA GLN LB 1585 -27.20 -135.47 -27.46
C GLN LB 1585 -27.39 -135.01 -28.90
N GLU LB 1586 -27.65 -135.94 -29.81
CA GLU LB 1586 -28.00 -135.58 -31.18
C GLU LB 1586 -29.37 -134.92 -31.25
N LEU LB 1587 -30.28 -135.30 -30.36
CA LEU LB 1587 -31.59 -134.65 -30.31
C LEU LB 1587 -31.49 -133.24 -29.75
N TYR LB 1588 -30.49 -132.97 -28.91
CA TYR LB 1588 -30.27 -131.62 -28.40
C TYR LB 1588 -29.90 -130.65 -29.51
N PRO LB 1589 -28.99 -130.98 -30.42
CA PRO LB 1589 -28.84 -130.14 -31.62
C PRO LB 1589 -30.07 -130.16 -32.52
N THR LB 1590 -30.80 -131.26 -32.55
CA THR LB 1590 -32.03 -131.32 -33.34
C THR LB 1590 -33.13 -130.46 -32.74
N LEU LB 1591 -33.26 -130.46 -31.41
CA LEU LB 1591 -34.21 -129.57 -30.76
C LEU LB 1591 -33.73 -128.12 -30.77
N SER LB 1592 -32.45 -127.89 -31.01
CA SER LB 1592 -31.93 -126.53 -31.13
C SER LB 1592 -32.40 -125.90 -32.44
N LYS LB 1593 -32.24 -124.57 -32.50
CA LYS LB 1593 -32.52 -123.69 -33.64
C LYS LB 1593 -34.00 -123.61 -34.01
N ILE LB 1594 -34.88 -124.25 -33.24
CA ILE LB 1594 -36.30 -123.98 -33.35
C ILE LB 1594 -36.59 -122.56 -32.85
N LEU LB 1595 -35.99 -122.20 -31.71
CA LEU LB 1595 -35.99 -120.83 -31.25
C LEU LB 1595 -34.90 -120.00 -31.90
N GLY LB 1596 -33.95 -120.65 -32.59
CA GLY LB 1596 -32.97 -119.91 -33.36
C GLY LB 1596 -33.59 -119.18 -34.53
N THR LB 1597 -34.61 -119.77 -35.14
CA THR LB 1597 -35.38 -119.08 -36.17
C THR LB 1597 -36.30 -118.07 -35.49
N ARG LB 1598 -35.82 -116.84 -35.35
CA ARG LB 1598 -36.54 -115.80 -34.63
C ARG LB 1598 -37.69 -115.30 -35.49
N ASP LB 1599 -38.88 -115.85 -35.27
CA ASP LB 1599 -40.07 -115.46 -35.98
C ASP LB 1599 -41.23 -115.41 -35.01
N ASP LB 1600 -42.29 -114.71 -35.43
CA ASP LB 1600 -43.47 -114.53 -34.57
C ASP LB 1600 -44.22 -115.84 -34.37
N GLU LB 1601 -44.49 -116.55 -35.46
CA GLU LB 1601 -45.17 -117.84 -35.34
C GLU LB 1601 -44.26 -118.92 -34.80
N THR LB 1602 -42.95 -118.81 -35.06
CA THR LB 1602 -42.01 -119.83 -34.61
C THR LB 1602 -41.76 -119.76 -33.11
N ILE LB 1603 -41.89 -118.57 -32.52
CA ILE LB 1603 -41.62 -118.41 -31.09
C ILE LB 1603 -42.70 -119.10 -30.26
N ILE LB 1604 -43.96 -119.01 -30.70
CA ILE LB 1604 -45.02 -119.77 -30.05
C ILE LB 1604 -44.85 -121.26 -30.31
N GLU LB 1605 -44.38 -121.61 -31.51
CA GLU LB 1605 -44.17 -123.02 -31.85
C GLU LB 1605 -43.00 -123.61 -31.08
N ARG LB 1606 -41.89 -122.86 -30.96
CA ARG LB 1606 -40.73 -123.36 -30.25
C ARG LB 1606 -40.88 -123.27 -28.74
N MET LB 1607 -41.92 -122.59 -28.24
CA MET LB 1607 -42.16 -122.52 -26.80
C MET LB 1607 -42.44 -123.88 -26.19
N PRO LB 1608 -43.34 -124.70 -26.74
CA PRO LB 1608 -43.47 -126.08 -26.24
C PRO LB 1608 -42.27 -126.93 -26.59
N ILE LB 1609 -41.57 -126.62 -27.70
CA ILE LB 1609 -40.35 -127.31 -28.05
C ILE LB 1609 -39.24 -127.00 -27.04
N ALA LB 1610 -39.25 -125.78 -26.50
CA ALA LB 1610 -38.33 -125.44 -25.42
C ALA LB 1610 -38.64 -126.24 -24.17
N GLU LB 1611 -39.92 -126.46 -23.87
CA GLU LB 1611 -40.31 -127.32 -22.76
C GLU LB 1611 -39.94 -128.77 -23.05
N ALA LB 1612 -40.06 -129.18 -24.31
CA ALA LB 1612 -39.63 -130.53 -24.69
C ALA LB 1612 -38.11 -130.67 -24.62
N LEU LB 1613 -37.39 -129.59 -24.93
CA LEU LB 1613 -35.93 -129.62 -24.84
C LEU LB 1613 -35.47 -129.71 -23.39
N VAL LB 1614 -36.19 -129.07 -22.48
CA VAL LB 1614 -35.85 -129.15 -21.06
C VAL LB 1614 -36.14 -130.54 -20.51
N ASN LB 1615 -37.27 -131.14 -20.94
CA ASN LB 1615 -37.62 -132.48 -20.48
C ASN LB 1615 -36.67 -133.53 -21.05
N ILE LB 1616 -36.19 -133.32 -22.28
CA ILE LB 1616 -35.22 -134.23 -22.86
C ILE LB 1616 -33.88 -134.11 -22.14
N VAL LB 1617 -33.51 -132.89 -21.74
CA VAL LB 1617 -32.24 -132.67 -21.04
C VAL LB 1617 -32.34 -132.90 -19.55
N LEU LB 1618 -33.48 -133.39 -19.05
CA LEU LB 1618 -33.63 -133.60 -17.62
C LEU LB 1618 -32.78 -134.76 -17.12
N GLY LB 1619 -32.72 -135.85 -17.88
CA GLY LB 1619 -31.97 -137.02 -17.50
C GLY LB 1619 -30.53 -137.07 -17.96
N LEU LB 1620 -30.02 -135.98 -18.52
CA LEU LB 1620 -28.67 -135.96 -19.07
C LEU LB 1620 -27.65 -135.69 -17.97
N THR LB 1621 -26.41 -135.42 -18.37
CA THR LB 1621 -25.36 -135.11 -17.42
C THR LB 1621 -25.56 -133.72 -16.83
N ASN LB 1622 -24.85 -133.45 -15.74
CA ASN LB 1622 -25.05 -132.20 -15.00
C ASN LB 1622 -24.46 -131.01 -15.75
N ASP LB 1623 -23.25 -131.16 -16.30
CA ASP LB 1623 -22.56 -130.01 -16.90
C ASP LB 1623 -23.15 -129.65 -18.26
N ASP LB 1624 -23.46 -130.64 -19.08
CA ASP LB 1624 -23.87 -130.37 -20.46
C ASP LB 1624 -25.30 -129.84 -20.52
N ILE LB 1625 -26.19 -130.37 -19.68
CA ILE LB 1625 -27.59 -129.94 -19.69
C ILE LB 1625 -27.73 -128.54 -19.14
N THR LB 1626 -26.89 -128.16 -18.17
CA THR LB 1626 -26.94 -126.82 -17.61
C THR LB 1626 -26.51 -125.77 -18.63
N ASN LB 1627 -25.55 -126.11 -19.48
CA ASN LB 1627 -25.16 -125.20 -20.56
C ASN LB 1627 -26.26 -125.10 -21.61
N PHE LB 1628 -26.93 -126.21 -21.92
CA PHE LB 1628 -28.03 -126.18 -22.87
C PHE LB 1628 -29.24 -125.47 -22.30
N LEU LB 1629 -29.47 -125.62 -20.99
CA LEU LB 1629 -30.48 -124.80 -20.32
C LEU LB 1629 -30.15 -123.32 -20.38
N PRO LB 1630 -28.90 -122.89 -20.19
CA PRO LB 1630 -28.57 -121.48 -20.44
C PRO LB 1630 -28.77 -121.04 -21.88
N SER LB 1631 -28.56 -121.95 -22.83
CA SER LB 1631 -28.93 -121.65 -24.21
C SER LB 1631 -30.44 -121.60 -24.38
N ILE LB 1632 -31.15 -122.45 -23.65
CA ILE LB 1632 -32.62 -122.42 -23.65
C ILE LB 1632 -33.11 -121.16 -22.96
N LEU LB 1633 -32.45 -120.76 -21.86
CA LEU LB 1633 -32.84 -119.56 -21.16
C LEU LB 1633 -32.56 -118.30 -21.97
N THR LB 1634 -31.43 -118.28 -22.71
CA THR LB 1634 -31.11 -117.14 -23.55
C THR LB 1634 -32.08 -117.01 -24.71
N ASN LB 1635 -32.54 -118.15 -25.24
CA ASN LB 1635 -33.61 -118.12 -26.23
C ASN LB 1635 -34.92 -117.63 -25.61
N ILE LB 1636 -35.18 -118.03 -24.37
CA ILE LB 1636 -36.36 -117.55 -23.66
C ILE LB 1636 -36.21 -116.07 -23.31
N CYS LB 1637 -35.00 -115.64 -22.94
CA CYS LB 1637 -34.78 -114.23 -22.62
C CYS LB 1637 -34.82 -113.36 -23.86
N GLN LB 1638 -34.37 -113.89 -25.01
CA GLN LB 1638 -34.53 -113.15 -26.27
C GLN LB 1638 -36.00 -113.02 -26.65
N VAL LB 1639 -36.78 -114.07 -26.39
CA VAL LB 1639 -38.23 -113.97 -26.53
C VAL LB 1639 -38.80 -113.00 -25.51
N LEU LB 1640 -38.22 -112.97 -24.31
CA LEU LB 1640 -38.61 -111.99 -23.30
C LEU LB 1640 -38.19 -110.58 -23.70
N ARG LB 1641 -37.07 -110.47 -24.42
CA ARG LB 1641 -36.60 -109.16 -24.87
C ARG LB 1641 -37.43 -108.58 -26.01
N SER LB 1642 -38.25 -109.41 -26.66
CA SER LB 1642 -39.10 -108.92 -27.73
C SER LB 1642 -40.23 -108.07 -27.17
N LYS LB 1643 -40.77 -107.19 -28.01
CA LYS LB 1643 -41.81 -106.26 -27.59
C LYS LB 1643 -43.19 -106.90 -27.46
N SER LB 1644 -43.36 -108.13 -27.92
CA SER LB 1644 -44.65 -108.80 -27.83
C SER LB 1644 -44.90 -109.25 -26.39
N GLU LB 1645 -45.80 -108.54 -25.71
CA GLU LB 1645 -46.10 -108.89 -24.32
C GLU LB 1645 -46.88 -110.19 -24.24
N GLU LB 1646 -47.72 -110.46 -25.24
CA GLU LB 1646 -48.47 -111.72 -25.28
C GLU LB 1646 -47.53 -112.91 -25.46
N LEU LB 1647 -46.53 -112.77 -26.32
CA LEU LB 1647 -45.55 -113.83 -26.49
C LEU LB 1647 -44.63 -113.94 -25.28
N ARG LB 1648 -44.37 -112.82 -24.60
CA ARG LB 1648 -43.53 -112.85 -23.41
C ARG LB 1648 -44.24 -113.53 -22.24
N ASP LB 1649 -45.54 -113.32 -22.10
CA ASP LB 1649 -46.29 -113.95 -21.02
C ASP LB 1649 -46.45 -115.45 -21.26
N ALA LB 1650 -46.64 -115.85 -22.53
CA ALA LB 1650 -46.74 -117.26 -22.85
C ALA LB 1650 -45.40 -117.98 -22.67
N VAL LB 1651 -44.31 -117.30 -22.99
CA VAL LB 1651 -42.97 -117.86 -22.76
C VAL LB 1651 -42.68 -117.98 -21.28
N ARG LB 1652 -43.16 -117.03 -20.48
CA ARG LB 1652 -43.00 -117.11 -19.03
C ARG LB 1652 -43.81 -118.25 -18.45
N VAL LB 1653 -44.99 -118.53 -19.03
CA VAL LB 1653 -45.77 -119.68 -18.61
C VAL LB 1653 -45.07 -120.97 -19.01
N THR LB 1654 -44.44 -120.98 -20.19
CA THR LB 1654 -43.66 -122.14 -20.62
C THR LB 1654 -42.40 -122.30 -19.78
N LEU LB 1655 -41.77 -121.18 -19.40
CA LEU LB 1655 -40.60 -121.25 -18.54
C LEU LB 1655 -40.95 -121.69 -17.13
N GLY LB 1656 -42.15 -121.32 -16.67
CA GLY LB 1656 -42.59 -121.76 -15.35
C GLY LB 1656 -42.84 -123.26 -15.28
N LYS LB 1657 -43.37 -123.83 -16.36
CA LYS LB 1657 -43.55 -125.28 -16.42
C LYS LB 1657 -42.20 -125.99 -16.51
N ILE LB 1658 -41.24 -125.38 -17.20
CA ILE LB 1658 -39.89 -125.94 -17.27
C ILE LB 1658 -39.20 -125.84 -15.92
N SER LB 1659 -39.41 -124.73 -15.20
CA SER LB 1659 -38.80 -124.56 -13.89
C SER LB 1659 -39.44 -125.47 -12.85
N ILE LB 1660 -40.71 -125.85 -13.04
CA ILE LB 1660 -41.34 -126.82 -12.17
C ILE LB 1660 -40.71 -128.19 -12.35
N ILE LB 1661 -40.36 -128.54 -13.58
CA ILE LB 1661 -39.67 -129.80 -13.84
C ILE LB 1661 -38.24 -129.76 -13.31
N LEU LB 1662 -37.58 -128.61 -13.46
CA LEU LB 1662 -36.17 -128.48 -13.11
C LEU LB 1662 -36.02 -128.23 -11.61
N GLY LB 1663 -34.79 -127.92 -11.19
CA GLY LB 1663 -34.48 -127.69 -9.80
C GLY LB 1663 -34.40 -126.22 -9.44
N ALA LB 1664 -33.26 -125.79 -8.90
CA ALA LB 1664 -33.11 -124.41 -8.46
C ALA LB 1664 -31.86 -123.76 -9.03
N GLU LB 1665 -30.84 -124.58 -9.32
CA GLU LB 1665 -29.58 -124.04 -9.83
C GLU LB 1665 -29.72 -123.47 -11.24
N TYR LB 1666 -30.56 -124.09 -12.07
CA TYR LB 1666 -30.83 -123.55 -13.39
C TYR LB 1666 -31.64 -122.27 -13.30
N LEU LB 1667 -32.49 -122.14 -12.27
CA LEU LB 1667 -33.25 -120.91 -12.08
C LEU LB 1667 -32.36 -119.74 -11.71
N VAL LB 1668 -31.26 -120.01 -10.98
CA VAL LB 1668 -30.27 -118.97 -10.70
C VAL LB 1668 -29.56 -118.58 -11.99
N PHE LB 1669 -29.26 -119.56 -12.84
CA PHE LB 1669 -28.67 -119.26 -14.14
C PHE LB 1669 -29.67 -118.56 -15.06
N VAL LB 1670 -30.95 -118.92 -14.94
CA VAL LB 1670 -31.99 -118.24 -15.72
C VAL LB 1670 -32.15 -116.81 -15.24
N ILE LB 1671 -32.03 -116.58 -13.93
CA ILE LB 1671 -32.04 -115.23 -13.39
C ILE LB 1671 -30.81 -114.46 -13.85
N LYS LB 1672 -29.67 -115.14 -13.96
CA LYS LB 1672 -28.47 -114.53 -14.52
C LYS LB 1672 -28.68 -114.17 -15.99
N GLU LB 1673 -29.36 -115.05 -16.73
CA GLU LB 1673 -29.74 -114.72 -18.10
C GLU LB 1673 -30.81 -113.64 -18.14
N LEU LB 1674 -31.71 -113.62 -17.15
CA LEU LB 1674 -32.71 -112.58 -17.08
C LEU LB 1674 -32.09 -111.22 -16.78
N MET LB 1675 -31.09 -111.18 -15.89
CA MET LB 1675 -30.42 -109.92 -15.57
C MET LB 1675 -29.58 -109.42 -16.74
N ALA LB 1676 -29.10 -110.33 -17.59
CA ALA LB 1676 -28.38 -109.90 -18.78
C ALA LB 1676 -29.30 -109.27 -19.81
N THR LB 1677 -30.47 -109.89 -20.03
CA THR LB 1677 -31.38 -109.41 -21.06
C THR LB 1677 -32.28 -108.28 -20.59
N LEU LB 1678 -32.27 -107.94 -19.31
CA LEU LB 1678 -33.10 -106.85 -18.78
C LEU LB 1678 -32.18 -105.81 -18.16
N LYS LB 1679 -31.70 -104.88 -18.98
CA LYS LB 1679 -30.93 -103.75 -18.49
C LYS LB 1679 -31.83 -102.57 -18.13
N ARG LB 1680 -32.99 -102.46 -18.76
CA ARG LB 1680 -33.93 -101.41 -18.45
C ARG LB 1680 -34.68 -101.74 -17.16
N GLY LB 1681 -35.18 -100.69 -16.51
CA GLY LB 1681 -35.94 -100.87 -15.28
C GLY LB 1681 -37.28 -101.54 -15.51
N SER LB 1682 -37.97 -101.18 -16.60
CA SER LB 1682 -39.22 -101.83 -16.94
C SER LB 1682 -39.01 -103.28 -17.35
N GLN LB 1683 -37.90 -103.56 -18.03
CA GLN LB 1683 -37.55 -104.95 -18.33
C GLN LB 1683 -37.15 -105.72 -17.08
N ILE LB 1684 -36.57 -105.02 -16.10
CA ILE LB 1684 -36.26 -105.65 -14.81
C ILE LB 1684 -37.54 -105.98 -14.06
N HIS LB 1685 -38.56 -105.12 -14.17
CA HIS LB 1685 -39.85 -105.41 -13.56
C HIS LB 1685 -40.54 -106.56 -14.28
N VAL LB 1686 -40.33 -106.70 -15.58
CA VAL LB 1686 -40.84 -107.84 -16.32
C VAL LB 1686 -40.12 -109.11 -15.89
N LEU LB 1687 -38.82 -109.01 -15.62
CA LEU LB 1687 -38.07 -110.16 -15.09
C LEU LB 1687 -38.51 -110.50 -13.68
N SER LB 1688 -38.91 -109.50 -12.91
CA SER LB 1688 -39.47 -109.75 -11.58
C SER LB 1688 -40.84 -110.41 -11.68
N TYR LB 1689 -41.61 -110.05 -12.72
CA TYR LB 1689 -42.92 -110.66 -12.93
C TYR LB 1689 -42.77 -112.13 -13.33
N THR LB 1690 -41.73 -112.45 -14.09
CA THR LB 1690 -41.45 -113.85 -14.41
C THR LB 1690 -40.96 -114.61 -13.19
N VAL LB 1691 -40.21 -113.93 -12.31
CA VAL LB 1691 -39.74 -114.56 -11.08
C VAL LB 1691 -40.90 -114.81 -10.13
N HIS LB 1692 -41.88 -113.89 -10.11
CA HIS LB 1692 -43.07 -114.08 -9.28
C HIS LB 1692 -43.91 -115.26 -9.77
N TYR LB 1693 -44.05 -115.40 -11.10
CA TYR LB 1693 -44.74 -116.57 -11.64
C TYR LB 1693 -43.93 -117.84 -11.43
N ILE LB 1694 -42.60 -117.73 -11.42
CA ILE LB 1694 -41.76 -118.86 -11.06
C ILE LB 1694 -41.94 -119.21 -9.59
N LEU LB 1695 -42.08 -118.19 -8.74
CA LEU LB 1695 -42.34 -118.42 -7.32
C LEU LB 1695 -43.72 -119.00 -7.09
N LYS LB 1696 -44.70 -118.55 -7.88
CA LYS LB 1696 -46.05 -119.10 -7.76
C LYS LB 1696 -46.10 -120.54 -8.24
N SER LB 1697 -45.30 -120.88 -9.25
CA SER LB 1697 -45.20 -122.27 -9.68
C SER LB 1697 -44.45 -123.11 -8.66
N MET LB 1698 -43.59 -122.49 -7.86
CA MET LB 1698 -42.82 -123.19 -6.85
C MET LB 1698 -43.57 -123.31 -5.52
N HIS LB 1699 -44.89 -123.11 -5.52
CA HIS LB 1699 -45.68 -123.26 -4.30
C HIS LB 1699 -45.69 -124.72 -3.83
N GLY LB 1700 -45.76 -125.66 -4.75
CA GLY LB 1700 -45.60 -127.06 -4.44
C GLY LB 1700 -44.16 -127.54 -4.43
N VAL LB 1701 -43.20 -126.63 -4.61
CA VAL LB 1701 -41.79 -126.98 -4.69
C VAL LB 1701 -41.07 -126.35 -3.50
N LEU LB 1702 -41.74 -126.30 -2.36
CA LEU LB 1702 -41.19 -125.64 -1.17
C LEU LB 1702 -39.99 -126.40 -0.61
N LYS LB 1703 -38.89 -125.67 -0.44
CA LYS LB 1703 -37.66 -126.24 0.11
C LYS LB 1703 -36.90 -125.10 0.78
N HIS LB 1704 -36.62 -125.26 2.09
CA HIS LB 1704 -35.96 -124.18 2.84
C HIS LB 1704 -34.51 -123.99 2.41
N SER LB 1705 -33.81 -125.09 2.12
CA SER LB 1705 -32.41 -124.98 1.72
C SER LB 1705 -32.28 -124.45 0.29
N ASP LB 1706 -33.18 -124.85 -0.60
CA ASP LB 1706 -33.10 -124.40 -1.99
C ASP LB 1706 -33.47 -122.94 -2.12
N LEU LB 1707 -34.41 -122.46 -1.30
CA LEU LB 1707 -34.74 -121.04 -1.30
C LEU LB 1707 -33.59 -120.20 -0.78
N ASP LB 1708 -32.89 -120.69 0.25
CA ASP LB 1708 -31.79 -119.94 0.84
C ASP LB 1708 -30.58 -119.89 -0.06
N THR LB 1709 -30.39 -120.91 -0.91
CA THR LB 1709 -29.24 -120.93 -1.81
C THR LB 1709 -29.38 -119.89 -2.91
N SER LB 1710 -30.61 -119.66 -3.38
CA SER LB 1710 -30.87 -118.70 -4.44
C SER LB 1710 -31.42 -117.38 -3.92
N SER LB 1711 -31.35 -117.13 -2.61
CA SER LB 1711 -31.96 -115.94 -2.04
C SER LB 1711 -31.15 -114.69 -2.35
N SER LB 1712 -29.85 -114.82 -2.60
CA SER LB 1712 -29.00 -113.66 -2.79
C SER LB 1712 -29.33 -112.93 -4.09
N MET LB 1713 -29.49 -113.68 -5.18
CA MET LB 1713 -29.87 -113.06 -6.44
C MET LB 1713 -31.34 -112.66 -6.44
N ILE LB 1714 -32.17 -113.38 -5.67
CA ILE LB 1714 -33.60 -113.08 -5.62
C ILE LB 1714 -33.84 -111.77 -4.89
N VAL LB 1715 -33.13 -111.56 -3.78
CA VAL LB 1715 -33.28 -110.32 -3.03
C VAL LB 1715 -32.72 -109.14 -3.82
N LYS LB 1716 -31.66 -109.38 -4.59
CA LYS LB 1716 -31.12 -108.33 -5.46
C LYS LB 1716 -32.09 -108.01 -6.58
N ILE LB 1717 -32.78 -109.03 -7.10
CA ILE LB 1717 -33.74 -108.79 -8.18
C ILE LB 1717 -34.98 -108.07 -7.66
N ILE LB 1718 -35.48 -108.49 -6.50
CA ILE LB 1718 -36.74 -107.97 -5.99
C ILE LB 1718 -36.59 -106.52 -5.52
N MET LB 1719 -35.52 -106.22 -4.78
CA MET LB 1719 -35.36 -104.87 -4.25
C MET LB 1719 -34.94 -103.87 -5.32
N GLU LB 1720 -34.34 -104.36 -6.42
CA GLU LB 1720 -34.12 -103.49 -7.57
C GLU LB 1720 -35.45 -103.10 -8.21
N ASN LB 1721 -36.40 -104.04 -8.26
CA ASN LB 1721 -37.73 -103.70 -8.76
C ASN LB 1721 -38.51 -102.87 -7.75
N ILE LB 1722 -38.10 -102.88 -6.48
CA ILE LB 1722 -38.72 -102.01 -5.48
C ILE LB 1722 -38.35 -100.56 -5.74
N PHE LB 1723 -37.04 -100.25 -5.67
CA PHE LB 1723 -36.54 -98.93 -5.98
C PHE LB 1723 -35.20 -99.07 -6.70
N GLY LB 1724 -35.24 -99.11 -8.03
CA GLY LB 1724 -34.04 -99.06 -8.83
C GLY LB 1724 -34.15 -98.11 -10.00
N PHE LB 1725 -35.39 -97.85 -10.42
CA PHE LB 1725 -35.65 -96.99 -11.57
C PHE LB 1725 -36.85 -96.07 -11.36
N ALA LB 1726 -37.45 -96.07 -10.17
CA ALA LB 1726 -38.68 -95.33 -9.94
C ALA LB 1726 -38.50 -94.26 -8.87
N GLY LB 1727 -37.43 -93.48 -8.97
CA GLY LB 1727 -37.19 -92.40 -8.02
C GLY LB 1727 -38.16 -91.25 -8.20
N GLU LB 1728 -38.08 -90.57 -9.35
CA GLU LB 1728 -38.99 -89.46 -9.62
C GLU LB 1728 -40.36 -89.94 -10.11
N GLU LB 1729 -40.46 -91.20 -10.56
CA GLU LB 1729 -41.73 -91.69 -11.10
C GLU LB 1729 -42.73 -92.00 -10.00
N LYS LB 1730 -42.27 -92.56 -8.89
CA LYS LB 1730 -43.18 -92.97 -7.83
C LYS LB 1730 -43.68 -91.78 -7.02
N ASP LB 1731 -42.84 -90.76 -6.85
CA ASP LB 1731 -43.22 -89.60 -6.06
C ASP LB 1731 -44.11 -88.63 -6.82
N SER LB 1732 -44.24 -88.79 -8.13
CA SER LB 1732 -45.05 -87.90 -8.95
C SER LB 1732 -46.26 -88.65 -9.51
N GLU LB 1733 -47.30 -87.88 -9.85
CA GLU LB 1733 -48.53 -88.43 -10.40
C GLU LB 1733 -49.05 -87.57 -11.54
N ASN LB 1734 -48.15 -86.94 -12.30
CA ASN LB 1734 -48.53 -86.05 -13.39
C ASN LB 1734 -48.58 -86.74 -14.74
N TYR LB 1735 -48.34 -88.05 -14.79
CA TYR LB 1735 -48.33 -88.79 -16.05
C TYR LB 1735 -49.14 -90.07 -15.87
N HIS LB 1736 -49.25 -90.83 -16.97
CA HIS LB 1736 -49.99 -92.09 -16.97
C HIS LB 1736 -49.14 -93.18 -17.61
N THR LB 1737 -49.36 -94.41 -17.17
CA THR LB 1737 -48.62 -95.57 -17.67
C THR LB 1737 -49.60 -96.62 -18.16
N LYS LB 1738 -49.16 -97.40 -19.14
CA LYS LB 1738 -50.00 -98.43 -19.75
C LYS LB 1738 -49.33 -99.80 -19.84
N VAL LB 1739 -48.03 -99.89 -19.58
CA VAL LB 1739 -47.33 -101.19 -19.62
C VAL LB 1739 -47.62 -101.87 -18.29
N LYS LB 1740 -48.65 -102.71 -18.28
CA LYS LB 1740 -49.09 -103.37 -17.06
C LYS LB 1740 -48.16 -104.48 -16.61
N GLU LB 1741 -47.28 -104.95 -17.50
CA GLU LB 1741 -46.30 -105.96 -17.11
C GLU LB 1741 -45.28 -105.38 -16.13
N ILE LB 1742 -44.87 -104.13 -16.34
CA ILE LB 1742 -43.99 -103.46 -15.39
C ILE LB 1742 -44.75 -102.76 -14.28
N LYS LB 1743 -46.05 -102.52 -14.47
CA LYS LB 1743 -46.87 -101.83 -13.47
C LYS LB 1743 -47.51 -102.80 -12.48
N SER LB 1744 -47.21 -104.10 -12.57
CA SER LB 1744 -47.77 -105.06 -11.63
C SER LB 1744 -47.22 -104.87 -10.23
N ASN LB 1745 -45.91 -104.62 -10.13
CA ASN LB 1745 -45.18 -104.44 -8.86
C ASN LB 1745 -45.37 -105.62 -7.90
N LYS LB 1746 -45.33 -106.83 -8.46
CA LYS LB 1746 -45.57 -108.03 -7.68
C LYS LB 1746 -44.32 -108.54 -6.98
N SER LB 1747 -43.20 -107.85 -7.10
CA SER LB 1747 -41.96 -108.28 -6.45
C SER LB 1747 -42.03 -108.15 -4.94
N TYR LB 1748 -42.85 -107.23 -4.44
CA TYR LB 1748 -43.07 -107.12 -3.00
C TYR LB 1748 -43.81 -108.34 -2.47
N ASP LB 1749 -44.79 -108.83 -3.22
CA ASP LB 1749 -45.48 -110.06 -2.82
C ASP LB 1749 -44.59 -111.28 -3.07
N ALA LB 1750 -43.80 -111.26 -4.15
CA ALA LB 1750 -42.93 -112.39 -4.45
C ALA LB 1750 -41.79 -112.50 -3.45
N GLY LB 1751 -41.23 -111.35 -3.03
CA GLY LB 1751 -40.18 -111.37 -2.03
C GLY LB 1751 -40.66 -111.84 -0.68
N GLU LB 1752 -41.91 -111.52 -0.32
CA GLU LB 1752 -42.50 -112.06 0.89
C GLU LB 1752 -42.71 -113.56 0.80
N ILE LB 1753 -43.02 -114.06 -0.39
CA ILE LB 1753 -43.12 -115.49 -0.61
C ILE LB 1753 -41.75 -116.15 -0.51
N LEU LB 1754 -40.72 -115.46 -1.00
CA LEU LB 1754 -39.36 -116.00 -0.92
C LEU LB 1754 -38.85 -116.00 0.51
N ALA LB 1755 -39.25 -114.99 1.30
CA ALA LB 1755 -38.86 -114.96 2.71
C ALA LB 1755 -39.57 -116.05 3.51
N SER LB 1756 -40.82 -116.35 3.15
CA SER LB 1756 -41.54 -117.43 3.83
C SER LB 1756 -40.95 -118.79 3.50
N ASN LB 1757 -40.49 -118.98 2.26
CA ASN LB 1757 -39.92 -120.26 1.87
C ASN LB 1757 -38.52 -120.45 2.42
N ILE LB 1758 -37.79 -119.36 2.67
CA ILE LB 1758 -36.39 -119.48 3.09
C ILE LB 1758 -36.31 -119.86 4.57
N SER LB 1759 -35.15 -120.36 4.96
CA SER LB 1759 -34.86 -120.71 6.34
C SER LB 1759 -34.22 -119.52 7.05
N LEU LB 1760 -33.92 -119.70 8.33
CA LEU LB 1760 -33.34 -118.64 9.15
C LEU LB 1760 -31.81 -118.65 9.12
N THR LB 1761 -31.21 -119.25 8.09
CA THR LB 1761 -29.76 -119.26 7.99
C THR LB 1761 -29.22 -117.89 7.63
N GLU LB 1762 -29.88 -117.19 6.71
CA GLU LB 1762 -29.40 -115.90 6.21
C GLU LB 1762 -30.52 -114.87 6.35
N PHE LB 1763 -30.61 -114.25 7.53
CA PHE LB 1763 -31.42 -113.06 7.69
C PHE LB 1763 -30.64 -111.80 7.31
N GLY LB 1764 -29.34 -111.92 7.07
CA GLY LB 1764 -28.52 -110.80 6.63
C GLY LB 1764 -28.80 -110.37 5.21
N THR LB 1765 -29.42 -111.25 4.41
CA THR LB 1765 -29.92 -110.82 3.09
C THR LB 1765 -31.00 -109.77 3.25
N LEU LB 1766 -31.87 -109.92 4.26
CA LEU LB 1766 -32.79 -108.85 4.61
C LEU LB 1766 -32.06 -107.66 5.24
N LEU LB 1767 -31.01 -107.92 6.01
CA LEU LB 1767 -30.28 -106.84 6.67
C LEU LB 1767 -29.39 -106.06 5.69
N SER LB 1768 -29.08 -106.64 4.53
CA SER LB 1768 -28.34 -105.90 3.52
C SER LB 1768 -29.11 -104.72 2.97
N PRO LB 1769 -30.38 -104.84 2.58
CA PRO LB 1769 -31.13 -103.65 2.13
C PRO LB 1769 -31.46 -102.71 3.27
N VAL LB 1770 -31.57 -103.20 4.49
CA VAL LB 1770 -31.82 -102.34 5.64
C VAL LB 1770 -30.60 -101.47 5.92
N LYS LB 1771 -29.41 -102.02 5.72
CA LYS LB 1771 -28.18 -101.24 5.85
C LYS LB 1771 -28.08 -100.19 4.76
N ALA LB 1772 -28.59 -100.50 3.56
CA ALA LB 1772 -28.66 -99.50 2.50
C ALA LB 1772 -29.63 -98.39 2.85
N LEU LB 1773 -30.75 -98.74 3.48
CA LEU LB 1773 -31.71 -97.73 3.90
C LEU LB 1773 -31.18 -96.92 5.09
N LEU LB 1774 -30.43 -97.57 5.98
CA LEU LB 1774 -29.92 -96.86 7.15
C LEU LB 1774 -28.77 -95.92 6.80
N MET LB 1775 -28.06 -96.20 5.70
CA MET LB 1775 -26.93 -95.35 5.33
C MET LB 1775 -27.38 -94.16 4.50
N VAL LB 1776 -28.02 -94.42 3.37
CA VAL LB 1776 -28.46 -93.35 2.48
C VAL LB 1776 -29.74 -92.73 3.02
N ARG LB 1777 -29.81 -91.40 2.96
CA ARG LB 1777 -31.00 -90.69 3.40
C ARG LB 1777 -32.11 -90.84 2.37
N ILE LB 1778 -32.97 -91.85 2.56
CA ILE LB 1778 -34.03 -92.15 1.61
C ILE LB 1778 -35.16 -91.15 1.76
N ASN LB 1779 -36.02 -91.05 0.75
CA ASN LB 1779 -37.16 -90.17 0.81
C ASN LB 1779 -38.24 -90.74 1.73
N LEU LB 1780 -39.21 -89.89 2.09
CA LEU LB 1780 -40.32 -90.32 2.91
C LEU LB 1780 -41.20 -91.34 2.19
N ARG LB 1781 -41.40 -91.13 0.89
CA ARG LB 1781 -42.08 -92.14 0.08
C ARG LB 1781 -41.22 -93.38 -0.07
N ASN LB 1782 -39.90 -93.20 -0.15
CA ASN LB 1782 -38.99 -94.34 -0.14
C ASN LB 1782 -39.00 -95.04 1.22
N GLN LB 1783 -39.11 -94.27 2.30
CA GLN LB 1783 -39.20 -94.87 3.63
C GLN LB 1783 -40.53 -95.58 3.82
N ASN LB 1784 -41.61 -95.04 3.25
CA ASN LB 1784 -42.91 -95.71 3.32
C ASN LB 1784 -42.90 -96.98 2.47
N LYS LB 1785 -42.19 -96.96 1.34
CA LYS LB 1785 -42.04 -98.16 0.54
C LYS LB 1785 -41.16 -99.19 1.23
N LEU LB 1786 -40.14 -98.73 1.97
CA LEU LB 1786 -39.26 -99.65 2.68
C LEU LB 1786 -39.98 -100.30 3.86
N SER LB 1787 -40.86 -99.56 4.54
CA SER LB 1787 -41.61 -100.13 5.65
C SER LB 1787 -42.65 -101.12 5.16
N GLU LB 1788 -43.24 -100.85 3.99
CA GLU LB 1788 -44.21 -101.78 3.41
C GLU LB 1788 -43.55 -103.08 2.98
N LEU LB 1789 -42.33 -103.01 2.47
CA LEU LB 1789 -41.57 -104.22 2.18
C LEU LB 1789 -41.15 -104.93 3.45
N LEU LB 1790 -40.90 -104.16 4.52
CA LEU LB 1790 -40.62 -104.76 5.81
C LEU LB 1790 -41.86 -105.41 6.40
N ARG LB 1791 -43.04 -104.84 6.12
CA ARG LB 1791 -44.29 -105.39 6.64
C ARG LB 1791 -44.62 -106.72 5.99
N ARG LB 1792 -44.42 -106.83 4.68
CA ARG LB 1792 -44.66 -108.10 3.99
C ARG LB 1792 -43.60 -109.13 4.35
N TYR LB 1793 -42.38 -108.67 4.66
CA TYR LB 1793 -41.33 -109.57 5.13
C TYR LB 1793 -41.66 -110.10 6.52
N LEU LB 1794 -42.29 -109.28 7.35
CA LEU LB 1794 -42.77 -109.75 8.64
C LEU LB 1794 -43.92 -110.73 8.49
N LEU LB 1795 -44.78 -110.51 7.50
CA LEU LB 1795 -45.89 -111.42 7.24
C LEU LB 1795 -45.39 -112.76 6.70
N GLY LB 1796 -44.36 -112.72 5.86
CA GLY LB 1796 -43.78 -113.96 5.36
C GLY LB 1796 -43.08 -114.75 6.45
N LEU LB 1797 -42.42 -114.05 7.37
CA LEU LB 1797 -41.81 -114.72 8.52
C LEU LB 1797 -42.86 -115.28 9.46
N ASN LB 1798 -44.02 -114.63 9.54
CA ASN LB 1798 -45.13 -115.19 10.31
C ASN LB 1798 -45.65 -116.47 9.67
N HIS LB 1799 -45.74 -116.51 8.34
CA HIS LB 1799 -46.16 -117.72 7.66
C HIS LB 1799 -45.06 -118.78 7.69
N ASN LB 1800 -43.81 -118.36 7.74
CA ASN LB 1800 -42.70 -119.31 7.83
C ASN LB 1800 -42.62 -119.91 9.22
N SER LB 1801 -42.45 -121.23 9.28
CA SER LB 1801 -42.31 -121.91 10.57
C SER LB 1801 -41.24 -123.00 10.51
N ASP LB 1802 -40.34 -122.95 9.54
CA ASP LB 1802 -39.30 -123.96 9.40
C ASP LB 1802 -38.21 -123.84 10.46
N SER LB 1803 -38.11 -122.69 11.13
CA SER LB 1803 -37.10 -122.47 12.17
C SER LB 1803 -37.75 -121.84 13.39
N GLU LB 1804 -38.88 -122.39 13.81
CA GLU LB 1804 -39.69 -121.82 14.88
C GLU LB 1804 -39.28 -122.31 16.27
N SER LB 1805 -38.03 -122.71 16.46
CA SER LB 1805 -37.60 -123.17 17.77
C SER LB 1805 -36.95 -122.05 18.59
N GLU LB 1806 -35.81 -121.54 18.12
CA GLU LB 1806 -35.12 -120.49 18.85
C GLU LB 1806 -34.46 -119.44 17.98
N SER LB 1807 -34.62 -119.50 16.65
CA SER LB 1807 -33.93 -118.56 15.77
C SER LB 1807 -34.52 -117.16 15.83
N ILE LB 1808 -35.76 -117.02 16.32
CA ILE LB 1808 -36.35 -115.71 16.51
C ILE LB 1808 -35.62 -114.96 17.62
N LEU LB 1809 -35.25 -115.66 18.69
CA LEU LB 1809 -34.50 -115.04 19.78
C LEU LB 1809 -33.08 -114.71 19.35
N LYS LB 1810 -32.50 -115.53 18.48
CA LYS LB 1810 -31.16 -115.27 17.97
C LYS LB 1810 -31.14 -114.05 17.07
N PHE LB 1811 -32.15 -113.91 16.21
CA PHE LB 1811 -32.25 -112.73 15.35
C PHE LB 1811 -32.59 -111.48 16.17
N CYS LB 1812 -33.34 -111.65 17.26
CA CYS LB 1812 -33.67 -110.51 18.11
C CYS LB 1812 -32.44 -110.02 18.87
N HIS LB 1813 -31.60 -110.95 19.34
CA HIS LB 1813 -30.41 -110.57 20.10
C HIS LB 1813 -29.39 -109.88 19.21
N GLN LB 1814 -29.28 -110.31 17.94
CA GLN LB 1814 -28.38 -109.65 17.01
C GLN LB 1814 -28.90 -108.25 16.65
N LEU LB 1815 -30.22 -108.12 16.49
CA LEU LB 1815 -30.79 -106.82 16.18
C LEU LB 1815 -30.78 -105.89 17.39
N PHE LB 1816 -30.92 -106.42 18.60
CA PHE LB 1816 -30.82 -105.60 19.80
C PHE LB 1816 -29.40 -105.10 20.00
N GLN LB 1817 -28.42 -105.92 19.64
CA GLN LB 1817 -27.03 -105.45 19.63
C GLN LB 1817 -26.83 -104.40 18.54
N GLU LB 1818 -27.55 -104.53 17.43
CA GLU LB 1818 -27.46 -103.54 16.36
C GLU LB 1818 -28.18 -102.26 16.75
N SER LB 1819 -29.28 -102.37 17.50
CA SER LB 1819 -30.06 -101.19 17.87
C SER LB 1819 -29.37 -100.40 18.97
N GLU LB 1820 -28.73 -101.07 19.92
CA GLU LB 1820 -28.09 -100.37 21.03
C GLU LB 1820 -26.81 -99.66 20.59
N MET LB 1821 -26.11 -100.21 19.60
CA MET LB 1821 -24.89 -99.57 19.12
C MET LB 1821 -25.21 -98.32 18.30
N SER LB 1822 -26.20 -98.42 17.41
CA SER LB 1822 -26.58 -97.31 16.54
C SER LB 1822 -27.77 -96.56 17.11
N GLU LB 1848 -8.38 -72.45 6.41
CA GLU LB 1848 -7.40 -71.46 6.80
C GLU LB 1848 -7.71 -70.10 6.18
N ASN LB 1862 -31.48 -96.46 11.77
CA ASN LB 1862 -31.39 -97.77 12.39
C ASN LB 1862 -32.56 -97.99 13.35
N SER LB 1863 -33.35 -96.94 13.56
CA SER LB 1863 -34.49 -97.04 14.47
C SER LB 1863 -35.60 -97.88 13.87
N THR LB 1864 -35.75 -97.84 12.54
CA THR LB 1864 -36.79 -98.63 11.88
C THR LB 1864 -36.44 -100.11 11.91
N LEU LB 1865 -35.14 -100.44 11.89
CA LEU LB 1865 -34.72 -101.83 12.02
C LEU LB 1865 -35.00 -102.36 13.42
N GLN LB 1866 -34.89 -101.50 14.43
CA GLN LB 1866 -35.28 -101.90 15.78
C GLN LB 1866 -36.78 -102.10 15.90
N LYS LB 1867 -37.56 -101.26 15.21
CA LYS LB 1867 -39.01 -101.38 15.26
C LYS LB 1867 -39.49 -102.63 14.51
N PHE LB 1868 -38.83 -102.95 13.38
CA PHE LB 1868 -39.18 -104.16 12.64
C PHE LB 1868 -38.81 -105.41 13.42
N ALA LB 1869 -37.69 -105.36 14.15
CA ALA LB 1869 -37.33 -106.47 15.02
C ALA LB 1869 -38.29 -106.57 16.20
N LEU LB 1870 -38.75 -105.42 16.70
CA LEU LB 1870 -39.74 -105.43 17.78
C LEU LB 1870 -41.08 -105.94 17.30
N ASP LB 1871 -41.44 -105.60 16.05
CA ASP LB 1871 -42.70 -106.08 15.48
C ASP LB 1871 -42.66 -107.59 15.22
N LEU LB 1872 -41.49 -108.10 14.85
CA LEU LB 1872 -41.35 -109.54 14.62
C LEU LB 1872 -41.47 -110.33 15.91
N LEU LB 1873 -40.89 -109.80 17.00
CA LEU LB 1873 -41.03 -110.45 18.30
C LEU LB 1873 -42.45 -110.33 18.82
N ARG LB 1874 -43.13 -109.23 18.50
CA ARG LB 1874 -44.53 -109.06 18.87
C ARG LB 1874 -45.42 -110.02 18.10
N ASN LB 1875 -45.11 -110.26 16.83
CA ASN LB 1875 -45.88 -111.20 16.04
C ASN LB 1875 -45.62 -112.63 16.47
N VAL LB 1876 -44.40 -112.92 16.91
CA VAL LB 1876 -44.04 -114.27 17.33
C VAL LB 1876 -44.72 -114.64 18.63
N ILE LB 1877 -44.77 -113.68 19.58
CA ILE LB 1877 -45.38 -113.96 20.87
C ILE LB 1877 -46.89 -114.08 20.77
N THR LB 1878 -47.52 -113.25 19.93
CA THR LB 1878 -48.98 -113.23 19.85
C THR LB 1878 -49.53 -114.42 19.09
N ARG LB 1879 -49.00 -114.68 17.89
CA ARG LB 1879 -49.55 -115.73 17.04
C ARG LB 1879 -49.21 -117.12 17.54
N HIS LB 1880 -48.14 -117.28 18.31
CA HIS LB 1880 -47.69 -118.58 18.77
C HIS LB 1880 -47.56 -118.56 20.29
N ARG LB 1881 -48.27 -119.48 20.96
CA ARG LB 1881 -48.08 -119.75 22.37
C ARG LB 1881 -47.46 -121.11 22.60
N SER LB 1882 -46.87 -121.71 21.56
CA SER LB 1882 -46.37 -123.07 21.64
C SER LB 1882 -45.06 -123.17 22.41
N PHE LB 1883 -44.22 -122.14 22.38
CA PHE LB 1883 -42.91 -122.16 23.01
C PHE LB 1883 -42.77 -121.00 23.99
N LEU LB 1884 -43.82 -120.75 24.77
CA LEU LB 1884 -43.76 -119.71 25.79
C LEU LB 1884 -42.94 -120.20 26.98
N THR LB 1885 -41.96 -119.40 27.40
CA THR LB 1885 -41.08 -119.78 28.48
C THR LB 1885 -40.58 -118.54 29.19
N VAL LB 1886 -40.18 -118.72 30.45
CA VAL LB 1886 -39.58 -117.63 31.22
C VAL LB 1886 -38.20 -117.29 30.66
N SER LB 1887 -37.48 -118.30 30.15
CA SER LB 1887 -36.21 -118.05 29.50
C SER LB 1887 -36.39 -117.28 28.20
N HIS LB 1888 -37.51 -117.50 27.51
CA HIS LB 1888 -37.83 -116.72 26.31
C HIS LB 1888 -38.10 -115.27 26.66
N LEU LB 1889 -38.80 -115.02 27.77
CA LEU LB 1889 -39.02 -113.65 28.22
C LEU LB 1889 -37.72 -113.02 28.73
N GLU LB 1890 -36.84 -113.83 29.33
CA GLU LB 1890 -35.56 -113.32 29.78
C GLU LB 1890 -34.60 -113.06 28.63
N GLY LB 1891 -34.87 -113.62 27.45
CA GLY LB 1891 -34.00 -113.40 26.30
C GLY LB 1891 -34.12 -112.02 25.69
N PHE LB 1892 -35.17 -111.27 26.05
CA PHE LB 1892 -35.32 -109.91 25.57
C PHE LB 1892 -35.75 -108.95 26.67
N ILE LB 1893 -35.68 -109.37 27.94
CA ILE LB 1893 -36.04 -108.47 29.05
C ILE LB 1893 -35.09 -107.29 29.15
N PRO LB 1894 -33.76 -107.47 29.10
CA PRO LB 1894 -32.87 -106.31 28.96
C PRO LB 1894 -33.05 -105.58 27.64
N PHE LB 1895 -33.41 -106.30 26.58
CA PHE LB 1895 -33.72 -105.64 25.31
C PHE LB 1895 -35.01 -104.84 25.40
N LEU LB 1896 -35.97 -105.30 26.21
CA LEU LB 1896 -37.18 -104.52 26.44
C LEU LB 1896 -36.88 -103.27 27.26
N ARG LB 1897 -35.86 -103.33 28.12
CA ARG LB 1897 -35.42 -102.14 28.84
C ARG LB 1897 -34.81 -101.12 27.89
N ASP LB 1898 -34.11 -101.60 26.86
CA ASP LB 1898 -33.58 -100.71 25.84
C ASP LB 1898 -34.69 -100.13 24.97
N SER LB 1899 -35.73 -100.93 24.70
CA SER LB 1899 -36.85 -100.45 23.91
C SER LB 1899 -37.67 -99.40 24.67
N LEU LB 1900 -37.81 -99.57 25.97
CA LEU LB 1900 -38.51 -98.58 26.78
C LEU LB 1900 -37.71 -97.28 26.90
N LEU LB 1901 -36.37 -97.38 26.89
CA LEU LB 1901 -35.56 -96.18 26.92
C LEU LB 1901 -35.58 -95.44 25.59
N SER LB 1902 -35.92 -96.13 24.51
CA SER LB 1902 -36.01 -95.52 23.19
C SER LB 1902 -37.23 -94.63 23.08
N ASN LB 1904 -40.38 -94.05 17.27
CA ASN LB 1904 -40.07 -94.65 18.56
C ASN LB 1904 -41.34 -94.89 19.35
N GLU LB 1905 -42.40 -94.20 18.96
CA GLU LB 1905 -43.69 -94.35 19.65
C GLU LB 1905 -44.29 -95.73 19.42
N GLY LB 1906 -44.18 -96.25 18.19
CA GLY LB 1906 -44.66 -97.59 17.91
C GLY LB 1906 -43.83 -98.66 18.59
N VAL LB 1907 -42.54 -98.38 18.83
CA VAL LB 1907 -41.70 -99.28 19.60
C VAL LB 1907 -42.16 -99.31 21.05
N VAL LB 1908 -42.60 -98.16 21.57
CA VAL LB 1908 -43.14 -98.09 22.92
C VAL LB 1908 -44.47 -98.84 23.01
N ILE LB 1909 -45.26 -98.78 21.94
CA ILE LB 1909 -46.52 -99.53 21.89
C ILE LB 1909 -46.25 -101.02 21.83
N SER LB 1910 -45.21 -101.42 21.11
CA SER LB 1910 -44.81 -102.82 21.10
C SER LB 1910 -44.22 -103.23 22.44
N THR LB 1911 -43.51 -102.31 23.09
CA THR LB 1911 -42.98 -102.58 24.43
C THR LB 1911 -44.11 -102.72 25.46
N LEU LB 1912 -45.16 -101.92 25.31
CA LEU LB 1912 -46.31 -102.04 26.19
C LEU LB 1912 -47.07 -103.34 25.94
N ARG LB 1913 -47.16 -103.76 24.69
CA ARG LB 1913 -47.77 -105.05 24.37
C ARG LB 1913 -46.91 -106.20 24.88
N ILE LB 1914 -45.58 -106.03 24.83
CA ILE LB 1914 -44.68 -107.03 25.40
C ILE LB 1914 -44.80 -107.03 26.91
N LEU LB 1915 -44.97 -105.86 27.53
CA LEU LB 1915 -45.14 -105.78 28.97
C LEU LB 1915 -46.48 -106.36 29.40
N ILE LB 1916 -47.50 -106.24 28.55
CA ILE LB 1916 -48.81 -106.83 28.84
C ILE LB 1916 -48.72 -108.35 28.81
N THR LB 1917 -47.95 -108.89 27.86
CA THR LB 1917 -47.72 -110.32 27.83
C THR LB 1917 -46.84 -110.77 28.99
N LEU LB 1918 -45.87 -109.92 29.37
CA LEU LB 1918 -45.02 -110.24 30.51
C LEU LB 1918 -45.77 -110.12 31.83
N ILE LB 1919 -46.84 -109.31 31.86
CA ILE LB 1919 -47.68 -109.23 33.05
C ILE LB 1919 -48.43 -110.53 33.26
N ARG LB 1920 -48.83 -111.20 32.18
CA ARG LB 1920 -49.47 -112.50 32.30
C ARG LB 1920 -48.49 -113.57 32.78
N LEU LB 1921 -47.25 -113.51 32.31
CA LEU LB 1921 -46.23 -114.48 32.71
C LEU LB 1921 -45.56 -114.03 34.01
N ASP LB 1922 -44.50 -114.74 34.41
CA ASP LB 1922 -43.83 -114.44 35.66
C ASP LB 1922 -42.37 -114.86 35.66
N PHE LB 1923 -41.49 -113.96 36.12
CA PHE LB 1923 -40.08 -114.28 36.34
C PHE LB 1923 -39.61 -113.35 37.45
N SER LB 1924 -39.54 -113.89 38.68
CA SER LB 1924 -39.56 -113.09 39.90
C SER LB 1924 -38.37 -112.15 40.02
N ASP LB 1925 -37.18 -112.65 39.71
CA ASP LB 1925 -36.00 -111.78 39.73
C ASP LB 1925 -36.00 -110.83 38.55
N GLU LB 1926 -36.47 -111.30 37.39
CA GLU LB 1926 -36.44 -110.47 36.18
C GLU LB 1926 -37.54 -109.41 36.19
N SER LB 1927 -38.73 -109.75 36.69
CA SER LB 1927 -39.86 -108.84 36.61
C SER LB 1927 -39.71 -107.67 37.57
N SER LB 1928 -38.98 -107.87 38.67
CA SER LB 1928 -38.70 -106.79 39.60
C SER LB 1928 -37.84 -105.71 38.95
N GLU LB 1929 -36.85 -106.13 38.16
CA GLU LB 1929 -36.09 -105.17 37.37
C GLU LB 1929 -36.91 -104.64 36.20
N ILE LB 1930 -37.80 -105.48 35.65
CA ILE LB 1930 -38.60 -105.07 34.50
C ILE LB 1930 -39.65 -104.05 34.91
N PHE LB 1931 -40.33 -104.26 36.03
CA PHE LB 1931 -41.38 -103.34 36.46
C PHE LB 1931 -40.80 -102.02 36.94
N LYS LB 1932 -39.64 -102.07 37.62
CA LYS LB 1932 -39.02 -100.84 38.10
C LYS LB 1932 -38.48 -99.99 36.95
N ASN LB 1933 -37.96 -100.65 35.91
CA ASN LB 1933 -37.54 -99.91 34.72
C ASN LB 1933 -38.75 -99.37 33.96
N CYS LB 1934 -39.85 -100.12 33.95
CA CYS LB 1934 -41.05 -99.67 33.23
C CYS LB 1934 -41.77 -98.57 33.99
N ALA LB 1935 -41.78 -98.63 35.33
CA ALA LB 1935 -42.45 -97.60 36.12
C ALA LB 1935 -41.73 -96.26 36.00
N ARG LB 1936 -40.40 -96.29 35.94
CA ARG LB 1936 -39.66 -95.08 35.61
C ARG LB 1936 -39.95 -94.64 34.19
N LYS LB 1937 -40.12 -95.59 33.27
CA LYS LB 1937 -40.44 -95.26 31.88
C LYS LB 1937 -41.87 -94.75 31.76
N VAL LB 1938 -42.82 -95.37 32.48
CA VAL LB 1938 -44.22 -94.97 32.36
C VAL LB 1938 -44.45 -93.60 33.00
N LEU LB 1939 -43.79 -93.33 34.13
CA LEU LB 1939 -43.93 -92.03 34.78
C LEU LB 1939 -43.29 -90.93 33.94
N ASN LB 1940 -42.17 -91.24 33.28
CA ASN LB 1940 -41.58 -90.30 32.34
C ASN LB 1940 -42.47 -90.10 31.11
N ILE LB 1941 -43.12 -91.17 30.66
CA ILE LB 1941 -44.07 -91.06 29.56
C ILE LB 1941 -45.30 -90.28 30.01
N ILE LB 1942 -45.71 -90.46 31.27
CA ILE LB 1942 -46.80 -89.65 31.82
C ILE LB 1942 -46.37 -88.21 32.00
N LYS LB 1943 -45.11 -87.98 32.38
CA LYS LB 1943 -44.59 -86.62 32.51
C LYS LB 1943 -44.48 -85.95 31.15
N VAL LB 1944 -43.99 -86.69 30.15
CA VAL LB 1944 -43.86 -86.12 28.81
C VAL LB 1944 -45.18 -86.01 28.07
N SER LB 1945 -46.25 -86.61 28.59
CA SER LB 1945 -47.56 -86.54 27.97
C SER LB 1945 -48.13 -85.15 28.12
N PRO LB 1946 -48.46 -84.45 27.02
CA PRO LB 1946 -49.16 -83.17 27.15
C PRO LB 1946 -50.57 -83.33 27.71
N SER LB 1947 -51.23 -84.44 27.42
CA SER LB 1947 -52.57 -84.71 27.93
C SER LB 1947 -52.81 -86.21 27.89
N THR LB 1948 -53.91 -86.63 28.50
CA THR LB 1948 -54.31 -88.03 28.44
C THR LB 1948 -54.91 -88.42 27.10
N SER LB 1949 -55.23 -87.45 26.24
CA SER LB 1949 -55.82 -87.72 24.95
C SER LB 1949 -54.82 -88.24 23.92
N SER LB 1950 -53.52 -88.22 24.24
CA SER LB 1950 -52.52 -88.77 23.33
C SER LB 1950 -52.64 -90.29 23.27
N GLU LB 1951 -52.48 -90.84 22.06
CA GLU LB 1951 -52.64 -92.28 21.87
C GLU LB 1951 -51.51 -93.07 22.51
N LEU LB 1952 -50.28 -92.56 22.42
CA LEU LB 1952 -49.15 -93.22 23.06
C LEU LB 1952 -49.23 -93.10 24.57
N CYS LB 1953 -49.74 -91.97 25.07
CA CYS LB 1953 -49.90 -91.79 26.51
C CYS LB 1953 -51.01 -92.70 27.05
N GLN LB 1954 -52.09 -92.88 26.28
CA GLN LB 1954 -53.17 -93.77 26.71
C GLN LB 1954 -52.71 -95.22 26.70
N MET LB 1955 -51.86 -95.59 25.73
CA MET LB 1955 -51.29 -96.93 25.72
C MET LB 1955 -50.36 -97.15 26.90
N GLY LB 1956 -49.55 -96.14 27.23
CA GLY LB 1956 -48.69 -96.24 28.39
C GLY LB 1956 -49.45 -96.26 29.69
N LEU LB 1957 -50.57 -95.52 29.75
CA LEU LB 1957 -51.40 -95.51 30.96
C LEU LB 1957 -52.08 -96.85 31.18
N LYS LB 1958 -52.53 -97.49 30.10
CA LYS LB 1958 -53.14 -98.81 30.22
C LYS LB 1958 -52.11 -99.87 30.59
N PHE LB 1959 -50.89 -99.73 30.08
CA PHE LB 1959 -49.81 -100.65 30.45
C PHE LB 1959 -49.43 -100.48 31.91
N LEU LB 1960 -49.41 -99.23 32.41
CA LEU LB 1960 -49.15 -99.00 33.81
C LEU LB 1960 -50.31 -99.47 34.68
N SER LB 1961 -51.54 -99.34 34.16
CA SER LB 1961 -52.71 -99.87 34.86
C SER LB 1961 -52.66 -101.39 34.93
N ALA LB 1962 -52.22 -102.03 33.85
CA ALA LB 1962 -51.98 -103.47 33.89
C ALA LB 1962 -50.78 -103.81 34.77
N PHE LB 1963 -49.80 -102.90 34.85
CA PHE LB 1963 -48.64 -103.12 35.72
C PHE LB 1963 -49.06 -103.08 37.20
N ILE LB 1964 -50.01 -102.20 37.54
CA ILE LB 1964 -50.53 -102.19 38.89
C ILE LB 1964 -51.39 -103.41 39.15
N ARG LB 1965 -52.09 -103.90 38.13
CA ARG LB 1965 -53.07 -104.97 38.34
C ARG LB 1965 -52.39 -106.33 38.54
N HIS LB 1966 -51.36 -106.63 37.75
CA HIS LB 1966 -50.87 -107.99 37.64
C HIS LB 1966 -49.54 -108.24 38.34
N THR LB 1967 -48.70 -107.21 38.52
CA THR LB 1967 -47.36 -107.45 39.05
C THR LB 1967 -47.37 -107.73 40.54
N ASP LB 1968 -48.37 -107.18 41.25
CA ASP LB 1968 -48.51 -107.27 42.72
C ASP LB 1968 -47.25 -106.75 43.42
N SER LB 1969 -46.74 -105.62 42.94
CA SER LB 1969 -45.55 -105.00 43.50
C SER LB 1969 -45.86 -103.55 43.88
N THR LB 1970 -45.05 -103.02 44.78
CA THR LB 1970 -45.28 -101.69 45.30
C THR LB 1970 -44.87 -100.62 44.28
N LEU LB 1971 -45.35 -99.39 44.53
CA LEU LB 1971 -45.05 -98.25 43.68
C LEU LB 1971 -45.04 -97.01 44.55
N LYS LB 1972 -44.58 -95.91 43.96
CA LYS LB 1972 -44.52 -94.64 44.68
C LYS LB 1972 -45.92 -94.09 44.89
N ASP LB 1973 -46.22 -93.67 46.12
CA ASP LB 1973 -47.55 -93.14 46.43
C ASP LB 1973 -47.77 -91.78 45.77
N THR LB 1974 -46.73 -90.95 45.70
CA THR LB 1974 -46.86 -89.65 45.05
C THR LB 1974 -47.03 -89.81 43.55
N ALA LB 1975 -46.32 -90.76 42.94
CA ALA LB 1975 -46.47 -91.00 41.51
C ALA LB 1975 -47.83 -91.62 41.21
N LEU LB 1976 -48.34 -92.47 42.11
CA LEU LB 1976 -49.68 -93.02 41.95
C LEU LB 1976 -50.73 -91.92 42.09
N SER LB 1977 -50.49 -90.97 42.99
CA SER LB 1977 -51.39 -89.82 43.10
C SER LB 1977 -51.26 -88.90 41.89
N TYR LB 1978 -50.05 -88.77 41.34
CA TYR LB 1978 -49.85 -87.94 40.16
C TYR LB 1978 -50.53 -88.53 38.93
N VAL LB 1979 -50.51 -89.86 38.81
CA VAL LB 1979 -51.22 -90.52 37.72
C VAL LB 1979 -52.73 -90.41 37.92
N LEU LB 1980 -53.19 -90.52 39.17
CA LEU LB 1980 -54.61 -90.38 39.46
C LEU LB 1980 -55.06 -88.94 39.27
N GLY LB 1981 -54.19 -87.98 39.57
CA GLY LB 1981 -54.52 -86.58 39.31
C GLY LB 1981 -54.61 -86.27 37.84
N ARG LB 1982 -53.74 -86.87 37.03
CA ARG LB 1982 -53.82 -86.70 35.58
C ARG LB 1982 -55.03 -87.40 35.00
N VAL LB 1983 -55.47 -88.50 35.64
CA VAL LB 1983 -56.64 -89.23 35.15
C VAL LB 1983 -57.94 -88.79 35.80
N LEU LB 1984 -57.88 -87.85 36.76
CA LEU LB 1984 -59.11 -87.36 37.39
C LEU LB 1984 -60.01 -86.60 36.43
N PRO LB 1985 -59.51 -85.69 35.60
CA PRO LB 1985 -60.42 -84.95 34.70
C PRO LB 1985 -60.83 -85.72 33.45
N ASP LB 1986 -60.30 -86.92 33.25
CA ASP LB 1986 -60.58 -87.71 32.05
C ASP LB 1986 -61.79 -88.63 32.23
N LEU LB 1987 -62.53 -88.52 33.33
CA LEU LB 1987 -63.63 -89.42 33.63
C LEU LB 1987 -64.96 -88.91 33.08
N ASN LB 1988 -64.95 -88.09 32.05
CA ASN LB 1988 -66.19 -87.60 31.45
C ASN LB 1988 -66.28 -87.84 29.95
N GLU LB 1989 -65.17 -87.74 29.24
CA GLU LB 1989 -65.19 -88.00 27.80
C GLU LB 1989 -65.31 -89.50 27.55
N PRO LB 1990 -66.09 -89.92 26.55
CA PRO LB 1990 -66.22 -91.36 26.28
C PRO LB 1990 -64.96 -92.00 25.73
N SER LB 1991 -64.07 -91.23 25.12
CA SER LB 1991 -62.81 -91.78 24.63
C SER LB 1991 -61.88 -92.12 25.80
N ARG LB 1992 -61.80 -91.24 26.79
CA ARG LB 1992 -60.93 -91.45 27.93
C ARG LB 1992 -61.59 -92.20 29.07
N GLN LB 1993 -62.87 -92.57 28.93
CA GLN LB 1993 -63.58 -93.24 30.01
C GLN LB 1993 -63.10 -94.67 30.22
N GLY LB 1994 -62.70 -95.34 29.15
CA GLY LB 1994 -62.24 -96.72 29.28
C GLY LB 1994 -60.92 -96.83 30.02
N LEU LB 1995 -59.98 -95.93 29.74
CA LEU LB 1995 -58.74 -95.91 30.48
C LEU LB 1995 -58.94 -95.42 31.91
N ALA LB 1996 -59.90 -94.51 32.12
CA ALA LB 1996 -60.23 -94.06 33.47
C ALA LB 1996 -60.84 -95.19 34.29
N PHE LB 1997 -61.71 -95.99 33.67
CA PHE LB 1997 -62.26 -97.14 34.36
C PHE LB 1997 -61.21 -98.23 34.57
N ASN LB 1998 -60.24 -98.33 33.64
CA ASN LB 1998 -59.16 -99.30 33.80
C ASN LB 1998 -58.26 -98.92 34.97
N PHE LB 1999 -57.96 -97.64 35.13
CA PHE LB 1999 -57.17 -97.20 36.28
C PHE LB 1999 -57.97 -97.28 37.56
N LEU LB 2000 -59.30 -97.05 37.48
CA LEU LB 2000 -60.16 -97.24 38.64
C LEU LB 2000 -60.22 -98.71 39.04
N LYS LB 2001 -60.31 -99.60 38.05
CA LYS LB 2001 -60.25 -101.03 38.36
C LYS LB 2001 -58.88 -101.46 38.84
N ALA LB 2002 -57.82 -100.81 38.35
CA ALA LB 2002 -56.50 -101.01 38.91
C ALA LB 2002 -56.43 -100.50 40.34
N LEU LB 2003 -57.08 -99.37 40.62
CA LEU LB 2003 -57.18 -98.88 41.98
C LEU LB 2003 -58.09 -99.76 42.83
N VAL LB 2004 -59.09 -100.37 42.22
CA VAL LB 2004 -59.98 -101.28 42.94
C VAL LB 2004 -59.26 -102.54 43.35
N SER LB 2005 -58.37 -103.04 42.48
CA SER LB 2005 -57.58 -104.22 42.82
C SER LB 2005 -56.56 -103.90 43.90
N LYS LB 2006 -55.99 -102.69 43.87
CA LYS LB 2006 -55.04 -102.30 44.89
C LYS LB 2006 -55.76 -101.91 46.18
N HIS LB 2007 -54.99 -101.89 47.27
CA HIS LB 2007 -55.47 -101.44 48.57
C HIS LB 2007 -54.46 -100.42 49.07
N ILE LB 2008 -54.63 -99.16 48.68
CA ILE LB 2008 -53.68 -98.11 49.03
C ILE LB 2008 -54.39 -97.03 49.84
N MET LB 2009 -53.62 -96.07 50.34
CA MET LB 2009 -54.14 -94.98 51.17
C MET LB 2009 -54.35 -93.77 50.27
N LEU LB 2010 -55.61 -93.49 49.95
CA LEU LB 2010 -55.95 -92.34 49.11
C LEU LB 2010 -57.37 -91.89 49.42
N PRO LB 2011 -57.57 -91.02 50.41
CA PRO LB 2011 -58.91 -90.49 50.67
C PRO LB 2011 -59.42 -89.56 49.58
N GLU LB 2012 -58.52 -89.02 48.76
CA GLU LB 2012 -58.95 -88.29 47.57
C GLU LB 2012 -59.64 -89.21 46.57
N LEU LB 2013 -59.15 -90.45 46.46
CA LEU LB 2013 -59.84 -91.47 45.67
C LEU LB 2013 -61.17 -91.86 46.30
N TYR LB 2014 -61.28 -91.82 47.63
CA TYR LB 2014 -62.57 -92.03 48.28
C TYR LB 2014 -63.52 -90.89 47.96
N ASP LB 2015 -63.03 -89.66 47.90
CA ASP LB 2015 -63.83 -88.55 47.41
C ASP LB 2015 -64.10 -88.67 45.92
N ILE LB 2016 -63.15 -89.23 45.17
CA ILE LB 2016 -63.37 -89.47 43.74
C ILE LB 2016 -64.41 -90.56 43.54
N ALA LB 2017 -64.46 -91.55 44.43
CA ALA LB 2017 -65.50 -92.58 44.36
C ALA LB 2017 -66.87 -92.00 44.65
N ASP LB 2018 -66.95 -91.07 45.60
CA ASP LB 2018 -68.19 -90.32 45.81
C ASP LB 2018 -68.48 -89.42 44.62
N THR LB 2019 -67.43 -88.87 44.00
CA THR LB 2019 -67.61 -88.12 42.76
C THR LB 2019 -68.02 -89.04 41.61
N THR LB 2020 -67.51 -90.28 41.60
CA THR LB 2020 -67.94 -91.25 40.60
C THR LB 2020 -69.40 -91.65 40.80
N ARG LB 2021 -69.84 -91.72 42.05
CA ARG LB 2021 -71.26 -91.94 42.32
C ARG LB 2021 -72.09 -90.76 41.83
N GLU LB 2022 -71.58 -89.54 42.03
CA GLU LB 2022 -72.21 -88.37 41.43
C GLU LB 2022 -72.07 -88.38 39.91
N ILE LB 2023 -70.97 -88.92 39.39
CA ILE LB 2023 -70.81 -89.08 37.96
C ILE LB 2023 -71.78 -90.13 37.43
N MET LB 2024 -72.02 -91.19 38.21
CA MET LB 2024 -72.96 -92.23 37.81
C MET LB 2024 -74.38 -91.71 37.76
N VAL LB 2025 -74.70 -90.75 38.63
CA VAL LB 2025 -76.02 -90.11 38.58
C VAL LB 2025 -76.13 -89.22 37.35
N THR LB 2026 -75.06 -88.52 37.00
CA THR LB 2026 -75.10 -87.55 35.92
C THR LB 2026 -74.85 -88.14 34.54
N ASN LB 2027 -74.38 -89.38 34.45
CA ASN LB 2027 -74.05 -89.98 33.16
C ASN LB 2027 -75.28 -90.66 32.60
N HIS LB 2028 -75.80 -90.12 31.49
CA HIS LB 2028 -76.86 -90.78 30.76
C HIS LB 2028 -76.34 -91.86 29.82
N SER LB 2029 -75.02 -91.90 29.59
CA SER LB 2029 -74.44 -92.96 28.78
C SER LB 2029 -74.48 -94.27 29.56
N LYS LB 2030 -74.96 -95.33 28.90
CA LYS LB 2030 -75.14 -96.61 29.56
C LYS LB 2030 -73.80 -97.24 29.93
N GLU LB 2031 -72.80 -97.09 29.06
CA GLU LB 2031 -71.47 -97.62 29.36
C GLU LB 2031 -70.81 -96.84 30.49
N ILE LB 2032 -71.01 -95.51 30.51
CA ILE LB 2032 -70.41 -94.69 31.55
C ILE LB 2032 -71.09 -94.93 32.90
N ARG LB 2033 -72.42 -95.09 32.89
CA ARG LB 2033 -73.14 -95.27 34.14
C ARG LB 2033 -72.89 -96.65 34.74
N ASP LB 2034 -72.82 -97.68 33.90
CA ASP LB 2034 -72.63 -99.03 34.41
C ASP LB 2034 -71.21 -99.23 34.94
N VAL LB 2035 -70.23 -98.62 34.30
CA VAL LB 2035 -68.84 -98.73 34.76
C VAL LB 2035 -68.66 -97.99 36.08
N SER LB 2036 -69.31 -96.83 36.21
CA SER LB 2036 -69.21 -96.07 37.46
C SER LB 2036 -69.98 -96.75 38.59
N ARG LB 2037 -71.11 -97.39 38.26
CA ARG LB 2037 -71.86 -98.12 39.28
C ARG LB 2037 -71.12 -99.36 39.74
N SER LB 2038 -70.43 -100.03 38.81
CA SER LB 2038 -69.62 -101.19 39.19
C SER LB 2038 -68.40 -100.77 40.00
N VAL LB 2039 -67.84 -99.61 39.69
CA VAL LB 2039 -66.67 -99.12 40.42
C VAL LB 2039 -67.06 -98.71 41.83
N TYR LB 2040 -68.19 -98.02 41.98
CA TYR LB 2040 -68.61 -97.53 43.30
C TYR LB 2040 -69.05 -98.68 44.19
N TYR LB 2041 -69.67 -99.70 43.61
CA TYR LB 2041 -70.01 -100.91 44.38
C TYR LB 2041 -68.74 -101.64 44.80
N GLN LB 2042 -67.73 -101.66 43.92
CA GLN LB 2042 -66.43 -102.18 44.31
C GLN LB 2042 -65.76 -101.28 45.34
N PHE LB 2043 -65.98 -99.97 45.22
CA PHE LB 2043 -65.43 -99.03 46.20
C PHE LB 2043 -66.14 -99.18 47.55
N LEU LB 2044 -67.45 -99.42 47.52
CA LEU LB 2044 -68.17 -99.61 48.77
C LEU LB 2044 -67.84 -100.94 49.44
N MET LB 2045 -67.50 -101.96 48.64
CA MET LB 2045 -67.22 -103.27 49.20
C MET LB 2045 -65.80 -103.34 49.73
N GLU LB 2046 -64.82 -102.91 48.93
CA GLU LB 2046 -63.42 -103.07 49.30
C GLU LB 2046 -63.01 -102.11 50.41
N TYR LB 2047 -63.39 -100.85 50.29
CA TYR LB 2047 -63.00 -99.85 51.27
C TYR LB 2047 -63.93 -99.90 52.47
N ASP LB 2048 -63.36 -99.78 53.67
CA ASP LB 2048 -64.10 -99.75 54.92
C ASP LB 2048 -64.08 -98.33 55.47
N GLN LB 2049 -65.25 -97.83 55.85
CA GLN LB 2049 -65.37 -96.47 56.35
C GLN LB 2049 -66.50 -96.44 57.38
N SER LB 2050 -66.96 -95.24 57.71
CA SER LB 2050 -68.04 -95.09 58.69
C SER LB 2050 -69.37 -95.54 58.10
N LYS LB 2051 -70.20 -96.16 58.95
CA LYS LB 2051 -71.53 -96.59 58.51
C LYS LB 2051 -72.46 -95.42 58.29
N GLY LB 2052 -72.19 -94.28 58.97
CA GLY LB 2052 -72.93 -93.07 58.68
C GLY LB 2052 -72.66 -92.55 57.29
N ARG LB 2053 -71.42 -92.71 56.81
CA ARG LB 2053 -71.11 -92.42 55.41
C ARG LB 2053 -71.78 -93.41 54.47
N LEU LB 2054 -71.92 -94.67 54.91
CA LEU LB 2054 -72.69 -95.64 54.14
C LEU LB 2054 -74.18 -95.27 54.12
N GLU LB 2055 -74.69 -94.77 55.25
CA GLU LB 2055 -76.06 -94.27 55.29
C GLU LB 2055 -76.19 -92.97 54.49
N LYS LB 2056 -75.13 -92.17 54.44
CA LYS LB 2056 -75.14 -90.98 53.59
C LYS LB 2056 -75.17 -91.35 52.11
N GLN LB 2057 -74.51 -92.45 51.75
CA GLN LB 2057 -74.62 -92.97 50.39
C GLN LB 2057 -76.02 -93.50 50.11
N PHE LB 2058 -76.65 -94.10 51.14
CA PHE LB 2058 -78.05 -94.52 51.01
C PHE LB 2058 -78.97 -93.33 50.88
N LYS LB 2059 -78.70 -92.26 51.63
CA LYS LB 2059 -79.49 -91.03 51.48
C LYS LB 2059 -79.20 -90.34 50.15
N PHE LB 2060 -77.97 -90.46 49.64
CA PHE LB 2060 -77.68 -89.98 48.30
C PHE LB 2060 -78.40 -90.80 47.25
N MET LB 2061 -78.58 -92.10 47.50
CA MET LB 2061 -79.41 -92.92 46.63
C MET LB 2061 -80.87 -92.52 46.72
N VAL LB 2062 -81.30 -92.08 47.91
CA VAL LB 2062 -82.65 -91.55 48.06
C VAL LB 2062 -82.77 -90.21 47.33
N ASP LB 2063 -81.72 -89.38 47.39
CA ASP LB 2063 -81.72 -88.11 46.67
C ASP LB 2063 -81.65 -88.31 45.17
N ASN LB 2064 -80.91 -89.34 44.71
CA ASN LB 2064 -80.91 -89.68 43.30
C ASN LB 2064 -82.26 -90.23 42.87
N LEU LB 2065 -82.92 -90.99 43.75
CA LEU LB 2065 -84.30 -91.40 43.48
C LEU LB 2065 -85.24 -90.20 43.54
N GLN LB 2066 -84.93 -89.23 44.40
CA GLN LB 2066 -85.72 -88.00 44.44
C GLN LB 2066 -85.53 -87.19 43.16
N TYR LB 2067 -84.33 -87.23 42.59
CA TYR LB 2067 -84.11 -86.64 41.28
C TYR LB 2067 -84.84 -87.45 40.22
N PRO LB 2068 -85.32 -86.82 39.15
CA PRO LB 2068 -86.15 -87.54 38.18
C PRO LB 2068 -85.36 -88.23 37.08
N THR LB 2069 -84.04 -88.34 37.27
CA THR LB 2069 -83.17 -88.94 36.25
C THR LB 2069 -83.43 -90.43 36.15
N GLU LB 2070 -83.89 -90.86 34.97
CA GLU LB 2070 -84.22 -92.27 34.76
C GLU LB 2070 -82.98 -93.14 34.79
N SER LB 2071 -81.88 -92.65 34.21
CA SER LB 2071 -80.61 -93.37 34.30
C SER LB 2071 -80.07 -93.36 35.74
N GLY LB 2072 -80.26 -92.25 36.45
CA GLY LB 2072 -79.81 -92.18 37.83
C GLY LB 2072 -80.63 -93.07 38.76
N ARG LB 2073 -81.94 -93.14 38.54
CA ARG LB 2073 -82.79 -93.99 39.36
C ARG LB 2073 -82.53 -95.46 39.08
N GLN LB 2074 -82.27 -95.81 37.81
CA GLN LB 2074 -81.97 -97.19 37.45
C GLN LB 2074 -80.61 -97.62 37.99
N SER LB 2075 -79.62 -96.72 37.95
CA SER LB 2075 -78.31 -97.04 38.50
C SER LB 2075 -78.34 -97.14 40.01
N VAL LB 2076 -79.17 -96.32 40.66
CA VAL LB 2076 -79.38 -96.46 42.11
C VAL LB 2076 -80.11 -97.76 42.40
N MET LB 2077 -81.05 -98.15 41.53
CA MET LB 2077 -81.67 -99.46 41.64
C MET LB 2077 -80.68 -100.57 41.35
N GLU LB 2078 -79.77 -100.34 40.39
CA GLU LB 2078 -78.69 -101.28 40.13
C GLU LB 2078 -77.73 -101.34 41.31
N LEU LB 2079 -77.48 -100.20 41.95
CA LEU LB 2079 -76.67 -100.17 43.17
C LEU LB 2079 -77.38 -100.89 44.31
N ILE LB 2080 -78.70 -100.72 44.41
CA ILE LB 2080 -79.46 -101.41 45.45
C ILE LB 2080 -79.52 -102.91 45.16
N ASN LB 2081 -79.62 -103.28 43.88
CA ASN LB 2081 -79.57 -104.70 43.51
C ASN LB 2081 -78.20 -105.29 43.76
N LEU LB 2082 -77.15 -104.50 43.52
CA LEU LB 2082 -75.80 -104.95 43.86
C LEU LB 2082 -75.60 -105.01 45.37
N ILE LB 2083 -76.28 -104.12 46.11
CA ILE LB 2083 -76.20 -104.15 47.56
C ILE LB 2083 -76.94 -105.36 48.12
N ILE LB 2084 -78.08 -105.70 47.51
CA ILE LB 2084 -78.93 -106.77 48.03
C ILE LB 2084 -78.27 -108.14 47.83
N THR LB 2085 -77.48 -108.28 46.78
CA THR LB 2085 -76.80 -109.56 46.53
C THR LB 2085 -75.66 -109.78 47.53
N LYS LB 2086 -75.08 -108.69 48.05
CA LYS LB 2086 -73.98 -108.77 49.00
C LYS LB 2086 -74.33 -108.05 50.30
N ALA LB 2087 -75.51 -108.34 50.84
CA ALA LB 2087 -76.02 -107.68 52.03
C ALA LB 2087 -75.84 -108.56 53.25
N ASN LB 2088 -75.09 -108.07 54.23
CA ASN LB 2088 -75.18 -108.66 55.55
C ASN LB 2088 -76.46 -108.18 56.23
N PRO LB 2089 -77.06 -109.00 57.08
CA PRO LB 2089 -78.36 -108.65 57.67
C PRO LB 2089 -78.29 -107.72 58.88
N ALA LB 2090 -77.13 -107.12 59.16
CA ALA LB 2090 -76.99 -106.24 60.31
C ALA LB 2090 -77.71 -104.91 60.08
N LEU LB 2091 -77.27 -104.16 59.08
CA LEU LB 2091 -77.89 -102.88 58.75
C LEU LB 2091 -78.89 -102.98 57.62
N LEU LB 2092 -79.14 -104.18 57.10
CA LEU LB 2092 -80.07 -104.34 55.98
C LEU LB 2092 -81.52 -104.19 56.42
N SER LB 2093 -81.82 -104.33 57.71
CA SER LB 2093 -83.18 -104.15 58.20
C SER LB 2093 -83.62 -102.69 58.10
N LYS LB 2094 -82.76 -101.77 58.54
CA LYS LB 2094 -83.07 -100.36 58.39
C LYS LB 2094 -82.91 -99.91 56.94
N LEU LB 2095 -82.03 -100.57 56.18
CA LEU LB 2095 -81.85 -100.24 54.77
C LEU LB 2095 -83.08 -100.61 53.96
N SER LB 2096 -83.66 -101.78 54.23
CA SER LB 2096 -84.87 -102.20 53.52
C SER LB 2096 -86.09 -101.40 53.97
N SER LB 2097 -86.08 -100.93 55.22
CA SER LB 2097 -87.16 -100.06 55.69
C SER LB 2097 -87.14 -98.73 54.95
N SER LB 2098 -85.95 -98.17 54.73
CA SER LB 2098 -85.84 -96.98 53.90
C SER LB 2098 -86.09 -97.29 52.43
N PHE LB 2099 -85.71 -98.50 51.98
CA PHE LB 2099 -85.96 -98.88 50.60
C PHE LB 2099 -87.45 -99.07 50.32
N PHE LB 2100 -88.18 -99.62 51.30
CA PHE LB 2100 -89.63 -99.75 51.15
C PHE LB 2100 -90.31 -98.39 51.17
N LEU LB 2101 -89.79 -97.46 51.99
CA LEU LB 2101 -90.32 -96.10 52.00
C LEU LB 2101 -90.01 -95.37 50.69
N ALA LB 2102 -88.81 -95.60 50.14
CA ALA LB 2102 -88.43 -94.92 48.91
C ALA LB 2102 -89.17 -95.48 47.71
N LEU LB 2103 -89.35 -96.81 47.67
CA LEU LB 2103 -90.00 -97.44 46.52
C LEU LB 2103 -91.47 -97.10 46.45
N VAL LB 2104 -92.11 -96.87 47.60
CA VAL LB 2104 -93.50 -96.45 47.62
C VAL LB 2104 -93.63 -95.03 47.07
N ASN LB 2105 -92.67 -94.16 47.39
CA ASN LB 2105 -92.70 -92.80 46.89
C ASN LB 2105 -92.28 -92.72 45.44
N VAL LB 2106 -91.54 -93.71 44.94
CA VAL LB 2106 -90.97 -93.64 43.60
C VAL LB 2106 -91.90 -94.30 42.58
N SER LB 2107 -92.56 -95.39 42.99
CA SER LB 2107 -93.43 -96.13 42.07
C SER LB 2107 -94.69 -95.34 41.74
N PHE LB 2108 -95.11 -94.42 42.63
CA PHE LB 2108 -96.19 -93.50 42.29
C PHE LB 2108 -95.74 -92.53 41.22
N ASN LB 2109 -94.48 -92.10 41.26
CA ASN LB 2109 -93.92 -91.19 40.27
C ASN LB 2109 -93.16 -91.90 39.17
N ASP LB 2110 -93.19 -93.23 39.13
CA ASP LB 2110 -92.45 -94.01 38.13
C ASP LB 2110 -93.18 -93.91 36.78
N ASP LB 2111 -92.90 -92.81 36.07
CA ASP LB 2111 -93.40 -92.68 34.71
C ASP LB 2111 -92.74 -93.68 33.77
N ALA LB 2112 -91.46 -93.97 33.98
CA ALA LB 2112 -90.79 -95.00 33.21
C ALA LB 2112 -91.28 -96.37 33.65
N PRO LB 2113 -91.61 -97.26 32.71
CA PRO LB 2113 -91.95 -98.64 33.11
C PRO LB 2113 -90.79 -99.40 33.72
N ARG LB 2114 -89.56 -99.08 33.33
CA ARG LB 2114 -88.39 -99.67 33.97
C ARG LB 2114 -88.25 -99.19 35.41
N CYS LB 2115 -88.64 -97.94 35.68
CA CYS LB 2115 -88.65 -97.43 37.04
C CYS LB 2115 -89.69 -98.14 37.90
N ARG LB 2116 -90.85 -98.43 37.33
CA ARG LB 2116 -91.86 -99.21 38.04
C ARG LB 2116 -91.41 -100.66 38.21
N GLU LB 2117 -90.72 -101.21 37.21
CA GLU LB 2117 -90.23 -102.58 37.31
C GLU LB 2117 -89.08 -102.71 38.30
N MET LB 2118 -88.22 -101.69 38.40
CA MET LB 2118 -87.12 -101.73 39.35
C MET LB 2118 -87.63 -101.63 40.78
N ALA LB 2119 -88.68 -100.83 41.00
CA ALA LB 2119 -89.29 -100.76 42.32
C ALA LB 2119 -89.97 -102.07 42.69
N SER LB 2120 -90.58 -102.74 41.69
CA SER LB 2120 -91.17 -104.05 41.94
C SER LB 2120 -90.10 -105.11 42.18
N VAL LB 2121 -88.96 -105.00 41.48
CA VAL LB 2121 -87.86 -105.92 41.69
C VAL LB 2121 -87.21 -105.68 43.05
N LEU LB 2122 -87.12 -104.42 43.46
CA LEU LB 2122 -86.58 -104.10 44.78
C LEU LB 2122 -87.51 -104.55 45.89
N ILE LB 2123 -88.82 -104.47 45.67
CA ILE LB 2123 -89.79 -104.99 46.63
C ILE LB 2123 -89.71 -106.51 46.66
N SER LB 2124 -89.49 -107.13 45.50
CA SER LB 2124 -89.34 -108.59 45.46
C SER LB 2124 -88.04 -109.02 46.13
N THR LB 2125 -86.97 -108.24 45.97
CA THR LB 2125 -85.71 -108.57 46.63
C THR LB 2125 -85.79 -108.33 48.13
N MET LB 2126 -86.52 -107.30 48.55
CA MET LB 2126 -86.69 -107.04 49.98
C MET LB 2126 -87.55 -108.10 50.64
N LEU LB 2127 -88.62 -108.52 49.96
CA LEU LB 2127 -89.44 -109.62 50.46
C LEU LB 2127 -88.69 -110.94 50.53
N PRO LB 2128 -87.90 -111.32 49.52
CA PRO LB 2128 -87.16 -112.60 49.61
C PRO LB 2128 -85.98 -112.57 50.58
N LYS LB 2129 -85.60 -111.39 51.09
CA LYS LB 2129 -84.50 -111.29 52.04
C LYS LB 2129 -84.98 -111.68 53.44
N LEU LB 2130 -84.09 -111.52 54.42
CA LEU LB 2130 -84.39 -111.89 55.80
C LEU LB 2130 -85.33 -110.89 56.43
N GLU LB 2131 -86.63 -111.08 56.23
CA GLU LB 2131 -87.62 -110.18 56.80
C GLU LB 2131 -87.79 -110.45 58.29
N ASN LB 2132 -88.40 -109.48 58.98
CA ASN LB 2132 -88.64 -109.60 60.41
C ASN LB 2132 -90.01 -109.03 60.71
N LYS LB 2133 -90.29 -108.83 62.00
CA LYS LB 2133 -91.59 -108.29 62.40
C LYS LB 2133 -91.70 -106.80 62.06
N ASP LB 2134 -90.57 -106.10 61.97
CA ASP LB 2134 -90.59 -104.69 61.59
C ASP LB 2134 -90.97 -104.53 60.12
N LEU LB 2135 -90.57 -105.48 59.28
CA LEU LB 2135 -90.97 -105.44 57.88
C LEU LB 2135 -92.45 -105.73 57.71
N GLU LB 2136 -93.02 -106.59 58.57
CA GLU LB 2136 -94.44 -106.87 58.53
C GLU LB 2136 -95.25 -105.66 58.99
N ILE LB 2137 -94.75 -104.94 60.00
CA ILE LB 2137 -95.41 -103.73 60.45
C ILE LB 2137 -95.30 -102.63 59.40
N VAL LB 2138 -94.15 -102.58 58.70
CA VAL LB 2138 -93.98 -101.63 57.61
C VAL LB 2138 -94.89 -101.98 56.43
N GLU LB 2139 -95.07 -103.28 56.18
CA GLU LB 2139 -96.00 -103.71 55.14
C GLU LB 2139 -97.44 -103.43 55.54
N LYS LB 2140 -97.73 -103.51 56.85
CA LYS LB 2140 -99.07 -103.16 57.34
C LYS LB 2140 -99.32 -101.67 57.21
N TYR LB 2141 -98.30 -100.85 57.45
CA TYR LB 2141 -98.46 -99.41 57.32
C TYR LB 2141 -98.55 -98.99 55.86
N ILE LB 2142 -97.83 -99.69 54.98
CA ILE LB 2142 -97.88 -99.38 53.55
C ILE LB 2142 -99.23 -99.75 52.96
N ALA LB 2143 -99.81 -100.86 53.42
CA ALA LB 2143 -101.13 -101.25 52.93
C ALA LB 2143 -102.23 -100.34 53.46
N ALA LB 2144 -102.02 -99.76 54.64
CA ALA LB 2144 -102.99 -98.80 55.17
C ALA LB 2144 -102.97 -97.49 54.40
N TRP LB 2145 -101.84 -97.15 53.79
CA TRP LB 2145 -101.76 -95.93 52.98
C TRP LB 2145 -102.29 -96.19 51.58
N LEU LB 2146 -101.73 -97.19 50.90
CA LEU LB 2146 -102.16 -97.53 49.54
C LEU LB 2146 -101.94 -99.01 49.27
N ASN LB 2151 -110.76 -95.71 42.81
CA ASN LB 2151 -111.24 -96.32 41.58
C ASN LB 2151 -110.18 -97.22 40.97
N ALA LB 2152 -109.62 -96.80 39.84
CA ALA LB 2152 -108.51 -97.53 39.23
C ALA LB 2152 -107.25 -97.42 40.08
N SER LB 2153 -107.08 -96.29 40.77
CA SER LB 2153 -105.97 -96.17 41.71
C SER LB 2153 -106.16 -97.07 42.92
N PHE LB 2154 -107.42 -97.30 43.30
CA PHE LB 2154 -107.70 -98.20 44.42
C PHE LB 2154 -107.40 -99.65 44.06
N LEU LB 2155 -107.71 -100.05 42.81
CA LEU LB 2155 -107.41 -101.40 42.37
C LEU LB 2155 -105.91 -101.60 42.18
N ASN LB 2156 -105.20 -100.55 41.78
CA ASN LB 2156 -103.75 -100.65 41.57
C ASN LB 2156 -103.00 -100.67 42.88
N LEU LB 2157 -103.46 -99.89 43.87
CA LEU LB 2157 -102.80 -99.86 45.17
C LEU LB 2157 -103.02 -101.17 45.93
N GLY LB 2158 -104.20 -101.77 45.78
CA GLY LB 2158 -104.43 -103.09 46.35
C GLY LB 2158 -103.60 -104.16 45.68
N LEU LB 2159 -103.39 -104.04 44.37
CA LEU LB 2159 -102.58 -105.01 43.64
C LEU LB 2159 -101.10 -104.84 43.96
N ARG LB 2160 -100.69 -103.63 44.31
CA ARG LB 2160 -99.29 -103.40 44.67
C ARG LB 2160 -98.95 -104.01 46.02
N THR LB 2161 -99.86 -103.87 47.00
CA THR LB 2161 -99.62 -104.45 48.32
C THR LB 2161 -99.77 -105.96 48.29
N TYR LB 2162 -100.67 -106.48 47.45
CA TYR LB 2162 -100.84 -107.92 47.33
C TYR LB 2162 -99.64 -108.57 46.63
N LYS LB 2163 -99.07 -107.90 45.63
CA LYS LB 2163 -97.86 -108.39 45.01
C LYS LB 2163 -96.68 -108.30 45.96
N VAL LB 2164 -96.69 -107.31 46.85
CA VAL LB 2164 -95.73 -107.28 47.95
C VAL LB 2164 -95.96 -108.46 48.88
N TYR LB 2165 -97.24 -108.79 49.13
CA TYR LB 2165 -97.56 -109.98 49.91
C TYR LB 2165 -97.27 -111.25 49.12
N LEU LB 2166 -97.43 -111.21 47.79
CA LEU LB 2166 -97.16 -112.38 46.97
C LEU LB 2166 -95.66 -112.70 46.94
N LYS LB 2167 -94.81 -111.67 46.92
CA LYS LB 2167 -93.38 -111.90 46.99
C LYS LB 2167 -92.94 -112.31 48.39
N SER LB 2168 -93.72 -111.95 49.40
CA SER LB 2168 -93.40 -112.31 50.78
C SER LB 2168 -93.72 -113.78 51.04
N GLU LB 2172 -98.88 -117.66 55.15
CA GLU LB 2172 -99.28 -116.99 56.38
C GLU LB 2172 -100.10 -115.75 56.06
N HIS LB 2173 -99.47 -114.58 56.10
CA HIS LB 2173 -100.16 -113.34 55.75
C HIS LB 2173 -100.42 -113.25 54.26
N THR LB 2174 -99.63 -113.96 53.44
CA THR LB 2174 -99.87 -114.00 52.01
C THR LB 2174 -101.16 -114.75 51.69
N ILE LB 2175 -101.43 -115.83 52.42
CA ILE LB 2175 -102.70 -116.54 52.26
C ILE LB 2175 -103.85 -115.70 52.81
N GLU LB 2176 -103.59 -114.94 53.89
CA GLU LB 2176 -104.61 -114.06 54.44
C GLU LB 2176 -104.94 -112.92 53.49
N LEU LB 2177 -103.93 -112.38 52.80
CA LEU LB 2177 -104.18 -111.38 51.77
C LEU LB 2177 -104.80 -112.00 50.53
N ASP LB 2178 -104.55 -113.29 50.30
CA ASP LB 2178 -105.16 -113.97 49.16
C ASP LB 2178 -106.66 -114.15 49.36
N GLU LB 2179 -107.08 -114.53 50.57
CA GLU LB 2179 -108.49 -114.70 50.86
C GLU LB 2179 -109.21 -113.36 50.97
N LEU LB 2180 -108.48 -112.30 51.33
CA LEU LB 2180 -109.07 -110.97 51.38
C LEU LB 2180 -109.38 -110.45 49.98
N ALA LB 2181 -108.50 -110.77 49.02
CA ALA LB 2181 -108.77 -110.36 47.64
C ALA LB 2181 -109.73 -111.32 46.94
N ILE LB 2182 -109.84 -112.55 47.44
CA ILE LB 2182 -110.76 -113.52 46.84
C ILE LB 2182 -112.21 -113.14 47.15
N LYS LB 2183 -112.50 -112.74 48.38
CA LYS LB 2183 -113.84 -112.28 48.74
C LYS LB 2183 -114.12 -110.92 48.12
N ARG LB 2184 -113.08 -110.10 47.92
CA ARG LB 2184 -113.24 -108.84 47.21
C ARG LB 2184 -113.49 -109.05 45.72
N ILE LB 2185 -113.01 -110.18 45.17
CA ILE LB 2185 -113.29 -110.50 43.77
C ILE LB 2185 -114.76 -110.84 43.57
N ARG LB 2186 -115.36 -111.52 44.56
CA ARG LB 2186 -116.78 -111.86 44.47
C ARG LB 2186 -117.65 -110.61 44.61
N TYR LB 2187 -117.24 -109.67 45.45
CA TYR LB 2187 -118.01 -108.44 45.62
C TYR LB 2187 -117.85 -107.51 44.42
N ILE LB 2188 -116.65 -107.43 43.83
CA ILE LB 2188 -116.44 -106.60 42.65
C ILE LB 2188 -117.16 -107.18 41.44
N LEU LB 2189 -117.20 -108.50 41.30
CA LEU LB 2189 -118.02 -109.12 40.28
C LEU LB 2189 -119.50 -108.89 40.55
N SER LB 2190 -119.90 -108.86 41.82
CA SER LB 2190 -121.25 -108.42 42.17
C SER LB 2190 -121.43 -106.94 41.92
N ASP LB 2191 -120.37 -106.15 42.12
CA ASP LB 2191 -120.43 -104.72 41.79
C ASP LB 2191 -120.44 -104.50 40.29
N THR LB 2192 -119.66 -105.29 39.55
CA THR LB 2192 -119.60 -105.15 38.10
C THR LB 2192 -119.26 -106.49 37.45
N GLN LB 2199 -112.08 -98.02 33.27
CA GLN LB 2199 -113.22 -98.66 32.61
C GLN LB 2199 -112.89 -100.10 32.25
N TRP LB 2200 -112.51 -100.32 31.00
CA TRP LB 2200 -112.09 -101.66 30.57
C TRP LB 2200 -110.77 -102.06 31.22
N ASP LB 2201 -109.88 -101.10 31.45
CA ASP LB 2201 -108.65 -101.37 32.18
C ASP LB 2201 -108.95 -101.67 33.65
N LEU LB 2202 -109.98 -101.03 34.21
CA LEU LB 2202 -110.39 -101.32 35.57
C LEU LB 2202 -111.02 -102.71 35.67
N VAL LB 2203 -111.71 -103.14 34.61
CA VAL LB 2203 -112.26 -104.50 34.58
C VAL LB 2203 -111.14 -105.52 34.47
N TYR LB 2204 -110.09 -105.20 33.71
CA TYR LB 2204 -108.93 -106.10 33.65
C TYR LB 2204 -108.14 -106.07 34.94
N SER LB 2205 -108.14 -104.93 35.65
CA SER LB 2205 -107.45 -104.85 36.93
C SER LB 2205 -108.19 -105.65 38.00
N ALA LB 2206 -109.52 -105.74 37.90
CA ALA LB 2206 -110.28 -106.57 38.82
C ALA LB 2206 -110.02 -108.05 38.57
N LEU LB 2207 -109.90 -108.45 37.30
CA LEU LB 2207 -109.58 -109.83 36.99
C LEU LB 2207 -108.14 -110.18 37.34
N ASN LB 2208 -107.24 -109.19 37.30
CA ASN LB 2208 -105.85 -109.44 37.67
C ASN LB 2208 -105.72 -109.65 39.17
N THR LB 2209 -106.48 -108.90 39.97
CA THR LB 2209 -106.47 -109.12 41.42
C THR LB 2209 -107.18 -110.42 41.77
N PHE LB 2210 -108.18 -110.80 40.98
CA PHE LB 2210 -108.84 -112.10 41.17
C PHE LB 2210 -107.90 -113.25 40.80
N SER LB 2211 -107.10 -113.07 39.73
CA SER LB 2211 -106.11 -114.07 39.38
C SER LB 2211 -104.98 -114.11 40.39
N SER LB 2212 -104.64 -112.96 40.98
CA SER LB 2212 -103.63 -112.93 42.03
C SER LB 2212 -104.15 -113.57 43.31
N TYR LB 2213 -105.45 -113.43 43.59
CA TYR LB 2213 -106.03 -114.06 44.76
C TYR LB 2213 -106.10 -115.57 44.60
N MET LB 2214 -106.47 -116.04 43.41
CA MET LB 2214 -106.60 -117.48 43.19
C MET LB 2214 -105.24 -118.17 43.12
N GLU LB 2215 -104.22 -117.47 42.63
CA GLU LB 2215 -102.89 -118.06 42.56
C GLU LB 2215 -102.23 -118.13 43.92
N ALA LB 2216 -102.50 -117.15 44.79
CA ALA LB 2216 -101.90 -117.11 46.11
C ALA LB 2216 -102.72 -117.84 47.17
N THR LB 2217 -103.84 -118.45 46.78
CA THR LB 2217 -104.64 -119.24 47.72
C THR LB 2217 -104.81 -120.66 47.21
N GLY LB 2224 -116.84 -120.43 45.80
CA GLY LB 2224 -116.02 -119.38 45.24
C GLY LB 2224 -115.40 -119.75 43.91
N PHE LB 2225 -114.96 -121.01 43.80
CA PHE LB 2225 -114.38 -121.49 42.55
C PHE LB 2225 -115.43 -121.68 41.47
N LYS LB 2226 -116.63 -122.13 41.87
CA LYS LB 2226 -117.71 -122.31 40.91
C LYS LB 2226 -118.23 -120.97 40.41
N ASP LB 2227 -118.26 -119.96 41.28
CA ASP LB 2227 -118.65 -118.61 40.86
C ASP LB 2227 -117.59 -117.98 39.97
N ILE LB 2228 -116.32 -118.28 40.25
CA ILE LB 2228 -115.23 -117.78 39.40
C ILE LB 2228 -115.24 -118.50 38.06
N TRP LB 2229 -115.68 -119.76 38.03
CA TRP LB 2229 -115.77 -120.50 36.78
C TRP LB 2229 -116.88 -119.96 35.89
N ASP LB 2230 -118.04 -119.66 36.48
CA ASP LB 2230 -119.16 -119.15 35.70
C ASP LB 2230 -118.95 -117.69 35.30
N GLY LB 2231 -118.32 -116.90 36.17
CA GLY LB 2231 -118.06 -115.51 35.85
C GLY LB 2231 -117.05 -115.32 34.73
N ILE LB 2232 -116.01 -116.14 34.72
CA ILE LB 2232 -115.00 -116.05 33.66
C ILE LB 2232 -115.55 -116.57 32.34
N ILE LB 2233 -116.41 -117.59 32.39
CA ILE LB 2233 -116.99 -118.14 31.17
C ILE LB 2233 -117.99 -117.16 30.56
N THR LB 2234 -118.76 -116.47 31.39
CA THR LB 2234 -119.74 -115.51 30.88
C THR LB 2234 -119.07 -114.28 30.29
N CYS LB 2235 -117.99 -113.81 30.93
CA CYS LB 2235 -117.26 -112.66 30.41
C CYS LB 2235 -116.39 -113.02 29.21
N LEU LB 2236 -116.07 -114.31 29.03
CA LEU LB 2236 -115.40 -114.73 27.80
C LEU LB 2236 -116.34 -114.63 26.60
N LEU LB 2237 -117.64 -114.88 26.83
CA LEU LB 2237 -118.63 -114.68 25.78
C LEU LB 2237 -118.82 -113.20 25.49
N TYR LB 2238 -118.73 -112.37 26.53
CA TYR LB 2238 -118.86 -110.92 26.37
C TYR LB 2238 -117.59 -110.32 25.78
N HIS LB 2240 -112.13 -104.70 24.11
CA HIS LB 2240 -113.09 -105.75 24.39
C HIS LB 2240 -112.48 -107.13 24.26
N SER LB 2241 -111.55 -107.26 23.30
CA SER LB 2241 -110.87 -108.54 23.09
C SER LB 2241 -109.91 -108.86 24.22
N TRP LB 2242 -109.30 -107.84 24.83
CA TRP LB 2242 -108.37 -108.06 25.92
C TRP LB 2242 -109.09 -108.53 27.18
N VAL LB 2243 -110.27 -107.98 27.45
CA VAL LB 2243 -111.08 -108.44 28.58
C VAL LB 2243 -111.64 -109.83 28.32
N ARG LB 2244 -111.98 -110.11 27.05
CA ARG LB 2244 -112.53 -111.42 26.70
C ARG LB 2244 -111.46 -112.50 26.76
N GLN LB 2245 -110.24 -112.19 26.32
CA GLN LB 2245 -109.17 -113.19 26.34
C GLN LB 2245 -108.68 -113.45 27.76
N SER LB 2246 -108.67 -112.42 28.61
CA SER LB 2246 -108.30 -112.61 30.01
C SER LB 2246 -109.34 -113.43 30.76
N ALA LB 2247 -110.62 -113.23 30.43
CA ALA LB 2247 -111.68 -114.05 31.02
C ALA LB 2247 -111.65 -115.47 30.49
N ALA LB 2248 -111.32 -115.65 29.21
CA ALA LB 2248 -111.28 -117.00 28.63
C ALA LB 2248 -110.10 -117.80 29.17
N ASN LB 2249 -108.99 -117.12 29.49
CA ASN LB 2249 -107.87 -117.79 30.13
C ASN LB 2249 -108.23 -118.21 31.56
N LEU LB 2250 -109.03 -117.39 32.26
CA LEU LB 2250 -109.50 -117.77 33.58
C LEU LB 2250 -110.60 -118.82 33.50
N VAL LB 2251 -111.39 -118.81 32.43
CA VAL LB 2251 -112.43 -119.82 32.25
C VAL LB 2251 -111.82 -121.17 31.94
N HIS LB 2252 -110.78 -121.20 31.09
CA HIS LB 2252 -110.14 -122.45 30.74
C HIS LB 2252 -109.35 -123.02 31.91
N GLN LB 2253 -108.81 -122.15 32.77
CA GLN LB 2253 -108.14 -122.62 33.98
C GLN LB 2253 -109.14 -123.16 34.99
N LEU LB 2254 -110.31 -122.54 35.09
CA LEU LB 2254 -111.32 -123.00 36.04
C LEU LB 2254 -112.03 -124.25 35.54
N ILE LB 2255 -112.18 -124.40 34.22
CA ILE LB 2255 -112.79 -125.61 33.67
C ILE LB 2255 -111.85 -126.79 33.84
N ALA LB 2256 -110.54 -126.57 33.68
CA ALA LB 2256 -109.57 -127.63 33.94
C ALA LB 2256 -109.48 -127.97 35.42
N ASN LB 2257 -109.70 -126.99 36.29
CA ASN LB 2257 -109.79 -127.28 37.72
C ASN LB 2257 -111.07 -128.02 38.07
N LYS LB 2258 -112.15 -127.74 37.34
CA LYS LB 2258 -113.42 -128.43 37.57
C LYS LB 2258 -113.54 -129.65 36.66
N ASN LB 2267 -126.34 -128.35 32.84
CA ASN LB 2267 -125.21 -127.54 32.39
C ASN LB 2267 -125.09 -127.57 30.88
N LEU LB 2268 -126.12 -128.10 30.21
CA LEU LB 2268 -126.12 -128.14 28.75
C LEU LB 2268 -126.31 -126.75 28.15
N GLU LB 2269 -127.06 -125.88 28.82
CA GLU LB 2269 -127.22 -124.50 28.35
C GLU LB 2269 -125.92 -123.72 28.49
N ILE LB 2270 -125.14 -124.01 29.53
CA ILE LB 2270 -123.83 -123.38 29.69
C ILE LB 2270 -122.86 -123.88 28.62
N GLN LB 2271 -122.97 -125.17 28.27
CA GLN LB 2271 -122.11 -125.74 27.23
C GLN LB 2271 -122.46 -125.18 25.85
N THR LB 2272 -123.75 -124.95 25.60
CA THR LB 2272 -124.14 -124.30 24.35
C THR LB 2272 -123.76 -122.83 24.35
N ILE LB 2273 -123.71 -122.19 25.52
CA ILE LB 2273 -123.28 -120.81 25.61
C ILE LB 2273 -121.77 -120.71 25.34
N ALA LB 2274 -120.99 -121.65 25.87
CA ALA LB 2274 -119.55 -121.63 25.65
C ALA LB 2274 -119.19 -122.01 24.21
N THR LB 2275 -119.99 -122.89 23.60
CA THR LB 2275 -119.80 -123.20 22.19
C THR LB 2275 -120.15 -122.02 21.31
N ARG LB 2276 -121.19 -121.28 21.68
CA ARG LB 2276 -121.52 -120.04 20.96
C ARG LB 2276 -120.51 -118.94 21.28
N ILE LB 2277 -119.85 -119.02 22.43
CA ILE LB 2277 -118.79 -118.07 22.76
C ILE LB 2277 -117.58 -118.29 21.86
N LEU LB 2278 -117.24 -119.54 21.59
CA LEU LB 2278 -116.12 -119.85 20.70
C LEU LB 2278 -116.47 -119.54 19.25
N HIS LB 2279 -117.75 -119.70 18.87
CA HIS LB 2279 -118.17 -119.37 17.51
C HIS LB 2279 -118.18 -117.86 17.27
N GLN LB 2280 -118.60 -117.09 18.28
CA GLN LB 2280 -118.59 -115.64 18.14
C GLN LB 2280 -117.19 -115.07 18.20
N LEU LB 2281 -116.30 -115.68 18.99
CA LEU LB 2281 -114.91 -115.25 19.03
C LEU LB 2281 -114.19 -115.60 17.74
N GLY LB 2282 -114.51 -116.76 17.16
CA GLY LB 2282 -113.94 -117.11 15.87
C GLY LB 2282 -114.49 -116.27 14.73
N ALA LB 2283 -115.73 -115.81 14.87
CA ALA LB 2283 -116.27 -114.83 13.90
C ALA LB 2283 -115.53 -113.50 13.95
N PRO LB 2284 -115.24 -112.92 15.13
CA PRO LB 2284 -114.53 -111.65 15.27
C PRO LB 2284 -113.01 -111.81 15.17
N GLU LB 2288 -102.17 -113.29 17.87
CA GLU LB 2288 -101.90 -114.66 17.43
C GLU LB 2288 -101.84 -115.61 18.61
N ASN LB 2289 -101.30 -115.12 19.74
CA ASN LB 2289 -101.22 -115.93 20.94
C ASN LB 2289 -102.60 -116.15 21.57
N LEU LB 2290 -103.46 -115.12 21.50
CA LEU LB 2290 -104.82 -115.28 22.01
C LEU LB 2290 -105.66 -116.18 21.11
N ALA LB 2291 -105.41 -116.13 19.80
CA ALA LB 2291 -106.13 -117.00 18.88
C ALA LB 2291 -105.67 -118.45 19.02
N ASN LB 2292 -104.38 -118.67 19.32
CA ASN LB 2292 -103.88 -120.02 19.49
C ASN LB 2292 -104.36 -120.63 20.81
N VAL LB 2293 -104.53 -119.79 21.84
CA VAL LB 2293 -105.05 -120.27 23.11
C VAL LB 2293 -106.53 -120.64 22.99
N SER LB 2294 -107.29 -119.84 22.24
CA SER LB 2294 -108.70 -120.15 22.03
C SER LB 2294 -108.88 -121.37 21.12
N ILE LB 2295 -107.96 -121.57 20.18
CA ILE LB 2295 -108.01 -122.76 19.33
C ILE LB 2295 -107.67 -124.00 20.14
N LYS LB 2296 -106.72 -123.88 21.08
CA LYS LB 2296 -106.38 -125.00 21.94
C LYS LB 2296 -107.50 -125.31 22.94
N THR LB 2297 -108.22 -124.27 23.38
CA THR LB 2297 -109.36 -124.47 24.26
C THR LB 2297 -110.52 -125.11 23.51
N LEU LB 2298 -110.73 -124.74 22.25
CA LEU LB 2298 -111.80 -125.34 21.46
C LEU LB 2298 -111.46 -126.77 21.06
N VAL LB 2299 -110.16 -127.06 20.86
CA VAL LB 2299 -109.75 -128.42 20.56
C VAL LB 2299 -109.90 -129.32 21.78
N ASN LB 2300 -109.60 -128.78 22.97
CA ASN LB 2300 -109.77 -129.56 24.20
C ASN LB 2300 -111.24 -129.75 24.53
N ILE LB 2301 -112.08 -128.78 24.19
CA ILE LB 2301 -113.52 -128.93 24.38
C ILE LB 2301 -114.09 -129.98 23.42
N SER LB 2302 -113.58 -130.00 22.19
CA SER LB 2302 -114.03 -130.99 21.22
C SER LB 2302 -113.53 -132.39 21.58
N ILE LB 2303 -112.32 -132.46 22.16
CA ILE LB 2303 -111.79 -133.75 22.60
C ILE LB 2303 -112.58 -134.28 23.79
N LEU LB 2304 -112.98 -133.37 24.70
CA LEU LB 2304 -113.77 -133.79 25.86
C LEU LB 2304 -115.18 -134.17 25.45
N TRP LB 2305 -115.73 -133.51 24.43
CA TRP LB 2305 -117.05 -133.87 23.93
C TRP LB 2305 -117.03 -135.21 23.21
N LYS LB 2306 -115.92 -135.51 22.50
CA LYS LB 2306 -115.80 -136.79 21.83
C LYS LB 2306 -115.61 -137.94 22.81
N GLU LB 2307 -114.91 -137.69 23.92
CA GLU LB 2307 -114.70 -138.73 24.92
C GLU LB 2307 -115.98 -139.02 25.70
N GLN LB 2308 -116.79 -137.98 25.94
CA GLN LB 2308 -118.04 -138.18 26.69
C GLN LB 2308 -119.09 -138.84 25.82
N ARG LB 2309 -119.43 -138.20 24.69
CA ARG LB 2309 -120.41 -138.64 23.70
C ARG LB 2309 -121.80 -138.92 24.29
N ILE LB 2330 -120.97 -132.08 18.04
CA ILE LB 2330 -120.56 -132.72 16.79
C ILE LB 2330 -121.22 -132.04 15.60
N ASP LB 2331 -122.53 -132.24 15.46
CA ASP LB 2331 -123.27 -131.61 14.37
C ASP LB 2331 -123.44 -130.12 14.61
N TYR LB 2332 -123.57 -129.70 15.87
CA TYR LB 2332 -123.70 -128.28 16.18
C TYR LB 2332 -122.37 -127.55 16.01
N MET LB 2333 -121.26 -128.23 16.31
CA MET LB 2333 -119.94 -127.61 16.14
C MET LB 2333 -119.58 -127.52 14.67
N VAL LB 2334 -120.02 -128.49 13.86
CA VAL LB 2334 -119.74 -128.46 12.42
C VAL LB 2334 -120.54 -127.36 11.75
N THR LB 2335 -121.79 -127.15 12.17
CA THR LB 2335 -122.61 -126.09 11.60
C THR LB 2335 -122.12 -124.71 12.04
N ARG LB 2336 -121.58 -124.61 13.25
CA ARG LB 2336 -121.04 -123.33 13.72
C ARG LB 2336 -119.73 -123.00 13.02
N ILE LB 2337 -118.89 -124.01 12.78
CA ILE LB 2337 -117.63 -123.79 12.07
C ILE LB 2337 -117.89 -123.49 10.60
N GLY LB 2338 -118.88 -124.17 10.00
CA GLY LB 2338 -119.20 -123.94 8.61
C GLY LB 2338 -119.80 -122.56 8.36
N GLY LB 2339 -120.65 -122.09 9.27
CA GLY LB 2339 -121.17 -120.74 9.17
C GLY LB 2339 -120.11 -119.69 9.37
N ILE LB 2340 -119.15 -119.96 10.26
CA ILE LB 2340 -118.04 -119.03 10.49
C ILE LB 2340 -117.12 -118.99 9.28
N ILE LB 2341 -116.91 -120.13 8.63
CA ILE LB 2341 -116.11 -120.16 7.41
C ILE LB 2341 -116.83 -119.48 6.27
N ARG LB 2342 -118.15 -119.70 6.16
CA ARG LB 2342 -118.93 -119.04 5.13
C ARG LB 2342 -119.17 -117.56 5.42
N SER LB 2343 -119.17 -117.18 6.70
CA SER LB 2343 -119.39 -115.78 7.08
C SER LB 2343 -118.59 -115.43 8.33
N SER LB 2350 -110.11 -111.43 10.71
CA SER LB 2350 -110.95 -112.16 9.78
C SER LB 2350 -110.15 -113.21 9.01
N PHE LB 2351 -109.06 -112.77 8.38
CA PHE LB 2351 -108.20 -113.70 7.65
C PHE LB 2351 -107.42 -114.60 8.62
N MET LB 2352 -106.96 -114.03 9.73
CA MET LB 2352 -106.27 -114.83 10.75
C MET LB 2352 -107.23 -115.74 11.49
N SER LB 2353 -108.49 -115.31 11.65
CA SER LB 2353 -109.49 -116.16 12.28
C SER LB 2353 -109.89 -117.33 11.38
N LYS LB 2354 -109.90 -117.10 10.06
CA LYS LB 2354 -110.18 -118.18 9.12
C LYS LB 2354 -109.02 -119.16 9.05
N LYS LB 2355 -107.79 -118.67 9.23
CA LYS LB 2355 -106.63 -119.55 9.25
C LYS LB 2355 -106.59 -120.37 10.53
N ALA LB 2356 -107.06 -119.80 11.64
CA ALA LB 2356 -107.10 -120.53 12.91
C ALA LB 2356 -108.18 -121.60 12.89
N CYS LB 2357 -109.31 -121.33 12.24
CA CYS LB 2357 -110.37 -122.32 12.13
C CYS LB 2357 -109.98 -123.45 11.18
N ILE LB 2358 -109.19 -123.12 10.15
CA ILE LB 2358 -108.68 -124.15 9.25
C ILE LB 2358 -107.64 -125.01 9.95
N GLN LB 2359 -106.83 -124.40 10.81
CA GLN LB 2359 -105.85 -125.16 11.60
C GLN LB 2359 -106.54 -126.02 12.66
N LEU LB 2360 -107.66 -125.53 13.20
CA LEU LB 2360 -108.43 -126.33 14.15
C LEU LB 2360 -109.14 -127.48 13.46
N LEU LB 2361 -109.59 -127.27 12.22
CA LEU LB 2361 -110.22 -128.35 11.46
C LEU LB 2361 -109.18 -129.38 11.02
N ALA LB 2362 -107.96 -128.94 10.74
CA ALA LB 2362 -106.90 -129.89 10.40
C ALA LB 2362 -106.45 -130.68 11.63
N LEU LB 2363 -106.48 -130.05 12.81
CA LEU LB 2363 -106.16 -130.77 14.03
C LEU LB 2363 -107.25 -131.76 14.41
N LEU LB 2364 -108.51 -131.41 14.12
CA LEU LB 2364 -109.61 -132.33 14.39
C LEU LB 2364 -109.62 -133.49 13.40
N VAL LB 2365 -109.20 -133.25 12.15
CA VAL LB 2365 -109.10 -134.32 11.17
C VAL LB 2365 -107.96 -135.28 11.53
N GLN LB 2366 -106.86 -134.74 12.05
CA GLN LB 2366 -105.75 -135.59 12.48
C GLN LB 2366 -106.10 -136.38 13.74
N VAL LB 2367 -106.88 -135.77 14.63
CA VAL LB 2367 -107.29 -136.43 15.86
C VAL LB 2367 -108.70 -136.99 15.70
N GLU LB 2370 -111.61 -144.27 14.47
CA GLU LB 2370 -112.00 -142.97 13.93
C GLU LB 2370 -112.69 -143.12 12.58
N ASP LB 2371 -113.29 -144.28 12.36
CA ASP LB 2371 -114.00 -144.53 11.10
C ASP LB 2371 -115.29 -143.72 11.03
N GLU LB 2372 -115.99 -143.57 12.16
CA GLU LB 2372 -117.22 -142.79 12.17
C GLU LB 2372 -116.94 -141.30 12.07
N VAL LB 2373 -115.82 -140.85 12.63
CA VAL LB 2373 -115.43 -139.44 12.54
C VAL LB 2373 -115.01 -139.09 11.12
N ILE LB 2374 -114.33 -140.00 10.44
CA ILE LB 2374 -113.90 -139.77 9.07
C ILE LB 2374 -115.10 -139.78 8.13
N ALA LB 2375 -116.08 -140.64 8.38
CA ALA LB 2375 -117.27 -140.72 7.54
C ALA LB 2375 -118.16 -139.51 7.73
N GLU LB 2376 -118.30 -139.03 8.96
CA GLU LB 2376 -119.13 -137.86 9.24
C GLU LB 2376 -118.36 -136.57 8.97
N GLU LB 2378 -118.36 -135.27 4.56
CA GLU LB 2378 -119.44 -134.32 4.36
C GLU LB 2378 -119.12 -132.97 4.97
N LYS LB 2379 -119.05 -132.93 6.30
CA LYS LB 2379 -118.71 -131.70 6.99
C LYS LB 2379 -117.24 -131.35 6.82
N ILE LB 2380 -116.37 -132.37 6.79
CA ILE LB 2380 -114.94 -132.13 6.56
C ILE LB 2380 -114.69 -131.70 5.12
N LEU LB 2381 -115.40 -132.30 4.17
CA LEU LB 2381 -115.21 -131.95 2.77
C LEU LB 2381 -115.82 -130.59 2.43
N LEU LB 2382 -116.82 -130.15 3.20
CA LEU LB 2382 -117.39 -128.83 3.00
C LEU LB 2382 -116.39 -127.72 3.30
N PRO LB 2383 -115.65 -127.75 4.41
CA PRO LB 2383 -114.64 -126.71 4.64
C PRO LB 2383 -113.44 -126.83 3.74
N LEU LB 2384 -113.12 -128.04 3.25
CA LEU LB 2384 -112.03 -128.20 2.31
C LEU LB 2384 -112.38 -127.64 0.95
N TYR LB 2385 -113.65 -127.79 0.53
CA TYR LB 2385 -114.08 -127.23 -0.74
C TYR LB 2385 -114.16 -125.71 -0.71
N GLY LB 2386 -114.54 -125.14 0.44
CA GLY LB 2386 -114.58 -123.70 0.56
C GLY LB 2386 -113.20 -123.06 0.54
N TYR LB 2387 -112.23 -123.69 1.18
CA TYR LB 2387 -110.87 -123.17 1.21
C TYR LB 2387 -109.85 -124.29 1.03
N GLU LB 2401 -98.82 -114.61 -0.82
CA GLU LB 2401 -98.25 -115.65 0.02
C GLU LB 2401 -99.32 -116.33 0.86
N GLU LB 2402 -100.45 -115.64 1.05
CA GLU LB 2402 -101.56 -116.20 1.81
C GLU LB 2402 -102.25 -117.32 1.04
N LEU LB 2403 -102.37 -117.16 -0.29
CA LEU LB 2403 -103.00 -118.21 -1.10
C LEU LB 2403 -102.10 -119.43 -1.23
N ARG LB 2404 -100.77 -119.21 -1.28
CA ARG LB 2404 -99.84 -120.34 -1.35
C ARG LB 2404 -99.78 -121.08 -0.02
N THR LB 2405 -99.90 -120.36 1.10
CA THR LB 2405 -99.94 -121.01 2.41
C THR LB 2405 -101.25 -121.77 2.61
N LEU LB 2406 -102.35 -121.24 2.07
CA LEU LB 2406 -103.63 -121.95 2.15
C LEU LB 2406 -103.64 -123.19 1.27
N SER LB 2407 -102.96 -123.11 0.11
CA SER LB 2407 -102.86 -124.28 -0.76
C SER LB 2407 -101.94 -125.34 -0.16
N ASN LB 2408 -100.88 -124.90 0.54
CA ASN LB 2408 -99.99 -125.85 1.19
C ASN LB 2408 -100.65 -126.50 2.39
N GLU LB 2409 -101.48 -125.75 3.11
CA GLU LB 2409 -102.21 -126.32 4.25
C GLU LB 2409 -103.29 -127.27 3.79
N CYS LB 2410 -103.93 -126.98 2.64
CA CYS LB 2410 -104.93 -127.89 2.09
C CYS LB 2410 -104.30 -129.16 1.54
N LEU LB 2411 -103.08 -129.05 0.98
CA LEU LB 2411 -102.38 -130.23 0.49
C LEU LB 2411 -101.89 -131.10 1.65
N LYS LB 2412 -101.48 -130.47 2.76
CA LYS LB 2412 -101.05 -131.23 3.93
C LYS LB 2412 -102.23 -131.91 4.61
N ILE LB 2413 -103.40 -131.25 4.60
CA ILE LB 2413 -104.60 -131.85 5.18
C ILE LB 2413 -105.09 -133.00 4.33
N LEU LB 2414 -104.98 -132.87 3.00
CA LEU LB 2414 -105.41 -133.94 2.11
C LEU LB 2414 -104.46 -135.13 2.17
N GLU LB 2415 -103.15 -134.87 2.36
CA GLU LB 2415 -102.19 -135.95 2.50
C GLU LB 2415 -102.34 -136.67 3.84
N ASP LB 2416 -102.71 -135.95 4.90
CA ASP LB 2416 -102.93 -136.58 6.19
C ASP LB 2416 -104.21 -137.39 6.21
N LYS LB 2417 -105.23 -136.93 5.47
CA LYS LB 2417 -106.50 -137.66 5.42
C LYS LB 2417 -106.38 -138.92 4.58
N LEU LB 2418 -105.63 -138.85 3.48
CA LEU LB 2418 -105.44 -140.01 2.60
C LEU LB 2418 -104.37 -140.94 3.15
N ALA MB 1 -88.33 -12.24 -146.76
CA ALA MB 1 -89.30 -13.05 -146.06
C ALA MB 1 -88.72 -13.62 -144.77
N LYS MB 2 -89.03 -12.99 -143.64
CA LYS MB 2 -88.55 -13.43 -142.34
C LYS MB 2 -89.37 -14.63 -141.90
N LYS MB 3 -88.91 -15.81 -142.30
CA LYS MB 3 -89.59 -17.06 -141.95
C LYS MB 3 -89.21 -17.48 -140.55
N ALA MB 4 -90.17 -18.09 -139.86
CA ALA MB 4 -89.91 -18.59 -138.51
C ALA MB 4 -89.01 -19.82 -138.56
N ILE MB 5 -88.00 -19.83 -137.70
CA ILE MB 5 -87.01 -20.91 -137.68
C ILE MB 5 -87.09 -21.63 -136.34
N ASP MB 6 -86.22 -22.64 -136.17
CA ASP MB 6 -86.18 -23.37 -134.91
C ASP MB 6 -85.48 -22.55 -133.85
N SER MB 7 -86.25 -21.74 -133.12
CA SER MB 7 -85.69 -20.96 -132.03
C SER MB 7 -85.27 -21.82 -130.85
N ARG MB 8 -85.84 -23.03 -130.74
CA ARG MB 8 -85.35 -23.99 -129.75
C ARG MB 8 -83.93 -24.43 -130.06
N ILE MB 9 -83.62 -24.60 -131.35
CA ILE MB 9 -82.23 -24.84 -131.76
C ILE MB 9 -81.35 -23.64 -131.44
N PRO MB 10 -81.77 -22.40 -131.70
CA PRO MB 10 -81.00 -21.25 -131.18
C PRO MB 10 -80.96 -21.19 -129.66
N SER MB 11 -82.03 -21.64 -128.98
CA SER MB 11 -81.98 -21.76 -127.53
C SER MB 11 -81.02 -22.86 -127.09
N LEU MB 12 -80.94 -23.94 -127.88
CA LEU MB 12 -79.92 -24.96 -127.63
C LEU MB 12 -78.53 -24.42 -127.92
N ILE MB 13 -78.40 -23.55 -128.91
CA ILE MB 13 -77.13 -22.87 -129.18
C ILE MB 13 -76.81 -21.90 -128.05
N ARG MB 14 -77.83 -21.24 -127.49
CA ARG MB 14 -77.60 -20.35 -126.37
C ARG MB 14 -77.27 -21.12 -125.10
N ASN MB 15 -77.97 -22.24 -124.86
CA ASN MB 15 -77.68 -23.06 -123.69
C ASN MB 15 -76.34 -23.77 -123.82
N GLY MB 16 -75.98 -24.16 -125.05
CA GLY MB 16 -74.68 -24.76 -125.28
C GLY MB 16 -73.55 -23.77 -125.06
N VAL MB 17 -73.77 -22.51 -125.43
CA VAL MB 17 -72.79 -21.47 -125.13
C VAL MB 17 -72.78 -21.14 -123.65
N GLN MB 18 -73.94 -21.21 -122.99
CA GLN MB 18 -74.00 -20.89 -121.56
C GLN MB 18 -73.35 -21.99 -120.71
N THR MB 19 -73.57 -23.25 -121.06
CA THR MB 19 -73.00 -24.37 -120.33
C THR MB 19 -71.65 -24.81 -120.86
N LYS MB 20 -71.10 -24.08 -121.85
CA LYS MB 20 -69.83 -24.38 -122.53
C LYS MB 20 -69.83 -25.78 -123.15
N GLN MB 21 -70.97 -26.21 -123.66
CA GLN MB 21 -71.12 -27.52 -124.26
C GLN MB 21 -71.13 -27.41 -125.78
N ARG MB 22 -70.55 -28.42 -126.43
CA ARG MB 22 -70.51 -28.45 -127.88
C ARG MB 22 -71.89 -28.72 -128.45
N SER MB 23 -72.16 -28.14 -129.62
CA SER MB 23 -73.42 -28.33 -130.32
C SER MB 23 -73.14 -28.48 -131.80
N ILE MB 24 -73.42 -29.66 -132.33
CA ILE MB 24 -73.17 -29.95 -133.74
C ILE MB 24 -74.38 -29.52 -134.56
N PHE MB 25 -74.15 -29.27 -135.85
CA PHE MB 25 -75.18 -28.85 -136.76
C PHE MB 25 -75.08 -29.62 -138.06
N VAL MB 26 -76.22 -29.89 -138.69
CA VAL MB 26 -76.28 -30.55 -139.99
C VAL MB 26 -77.29 -29.81 -140.84
N ILE MB 27 -76.87 -29.40 -142.04
CA ILE MB 27 -77.70 -28.63 -142.95
C ILE MB 27 -77.70 -29.30 -144.32
N VAL MB 28 -78.88 -29.48 -144.90
CA VAL MB 28 -79.04 -30.03 -146.23
C VAL MB 28 -80.01 -29.12 -146.99
N GLY MB 29 -79.56 -28.57 -148.11
CA GLY MB 29 -80.38 -27.67 -148.88
C GLY MB 29 -79.96 -27.55 -150.33
N ASP MB 30 -80.46 -26.53 -151.02
CA ASP MB 30 -80.05 -26.28 -152.40
C ASP MB 30 -78.71 -25.54 -152.44
N ARG MB 31 -78.68 -24.33 -151.89
CA ARG MB 31 -77.45 -23.56 -151.77
C ARG MB 31 -77.09 -23.31 -150.30
N ALA MB 32 -78.01 -22.71 -149.53
CA ALA MB 32 -77.89 -22.45 -148.09
C ALA MB 32 -76.67 -21.60 -147.73
N ARG MB 33 -76.18 -20.78 -148.67
CA ARG MB 33 -75.06 -19.91 -148.36
C ARG MB 33 -75.50 -18.74 -147.49
N ASN MB 34 -76.71 -18.23 -147.72
CA ASN MB 34 -77.25 -17.19 -146.86
C ASN MB 34 -77.64 -17.73 -145.49
N GLN MB 35 -77.98 -19.03 -145.43
CA GLN MB 35 -78.23 -19.66 -144.13
C GLN MB 35 -76.96 -19.75 -143.29
N LEU MB 36 -75.82 -19.95 -143.94
CA LEU MB 36 -74.53 -19.83 -143.24
C LEU MB 36 -74.29 -18.42 -142.72
N PRO MB 37 -74.53 -17.36 -143.50
CA PRO MB 37 -74.50 -16.01 -142.92
C PRO MB 37 -75.58 -15.77 -141.88
N ASN MB 38 -76.74 -16.43 -142.01
CA ASN MB 38 -77.77 -16.33 -140.99
C ASN MB 38 -77.35 -17.07 -139.72
N LEU MB 39 -76.61 -18.17 -139.86
CA LEU MB 39 -76.08 -18.88 -138.69
C LEU MB 39 -75.01 -18.06 -138.00
N HIS MB 40 -74.18 -17.35 -138.76
CA HIS MB 40 -73.23 -16.42 -138.17
C HIS MB 40 -73.95 -15.25 -137.52
N TYR MB 41 -75.05 -14.79 -138.12
CA TYR MB 41 -75.88 -13.77 -137.50
C TYR MB 41 -76.60 -14.31 -136.27
N LEU MB 42 -76.97 -15.60 -136.29
CA LEU MB 42 -77.52 -16.23 -135.09
C LEU MB 42 -76.47 -16.32 -133.99
N MET MB 43 -75.23 -16.63 -134.36
CA MET MB 43 -74.14 -16.59 -133.39
C MET MB 43 -73.83 -15.17 -132.95
N MET MB 44 -74.02 -14.19 -133.84
CA MET MB 44 -73.93 -12.79 -133.43
C MET MB 44 -75.05 -12.42 -132.47
N SER MB 45 -76.25 -12.96 -132.70
CA SER MB 45 -77.33 -12.80 -131.74
C SER MB 45 -77.07 -13.59 -130.47
N ALA MB 46 -76.26 -14.65 -130.56
CA ALA MB 46 -75.83 -15.42 -129.40
C ALA MB 46 -74.67 -14.73 -128.69
N ASP MB 47 -74.00 -15.46 -127.80
CA ASP MB 47 -72.88 -14.90 -127.05
C ASP MB 47 -71.69 -14.61 -127.97
N LEU MB 48 -71.02 -13.50 -127.70
CA LEU MB 48 -69.89 -13.05 -128.51
C LEU MB 48 -68.55 -13.53 -127.97
N LYS MB 49 -68.55 -14.51 -127.07
CA LYS MB 49 -67.29 -15.07 -126.56
C LYS MB 49 -66.54 -15.83 -127.64
N MET MB 50 -67.27 -16.54 -128.50
CA MET MB 50 -66.65 -17.24 -129.61
C MET MB 50 -66.19 -16.25 -130.68
N ASN MB 51 -65.01 -16.50 -131.23
CA ASN MB 51 -64.44 -15.63 -132.24
C ASN MB 51 -65.02 -15.95 -133.62
N LYS MB 52 -64.56 -15.22 -134.63
CA LYS MB 52 -65.00 -15.40 -136.01
C LYS MB 52 -64.12 -16.35 -136.80
N SER MB 53 -63.44 -17.27 -136.13
CA SER MB 53 -62.58 -18.25 -136.82
C SER MB 53 -63.47 -19.33 -137.43
N VAL MB 54 -63.81 -19.14 -138.70
CA VAL MB 54 -64.70 -20.06 -139.42
C VAL MB 54 -63.90 -20.72 -140.54
N LEU MB 55 -63.96 -22.05 -140.60
CA LEU MB 55 -63.23 -22.82 -141.59
C LEU MB 55 -64.20 -23.51 -142.54
N TRP MB 56 -63.76 -23.67 -143.79
CA TRP MB 56 -64.54 -24.35 -144.82
C TRP MB 56 -63.72 -25.50 -145.37
N ALA MB 57 -64.39 -26.62 -145.63
CA ALA MB 57 -63.73 -27.83 -146.12
C ALA MB 57 -63.52 -27.72 -147.63
N TYR MB 58 -62.47 -27.00 -148.02
CA TYR MB 58 -62.08 -26.89 -149.42
C TYR MB 58 -61.01 -27.95 -149.74
N LYS MB 59 -61.41 -29.21 -149.53
CA LYS MB 59 -60.46 -30.32 -149.57
C LYS MB 59 -59.99 -30.61 -151.00
N LYS MB 60 -60.92 -30.65 -151.95
CA LYS MB 60 -60.59 -30.94 -153.33
C LYS MB 60 -60.82 -29.76 -154.28
N LYS MB 61 -61.81 -28.93 -154.00
CA LYS MB 61 -62.14 -27.80 -154.87
C LYS MB 61 -62.54 -26.64 -153.98
N LEU MB 62 -63.15 -25.62 -154.58
CA LEU MB 62 -63.60 -24.45 -153.83
C LEU MB 62 -64.84 -24.78 -153.01
N LEU MB 63 -64.83 -24.39 -151.74
CA LEU MB 63 -65.91 -24.72 -150.81
C LEU MB 63 -66.90 -23.56 -150.75
N GLY MB 64 -68.12 -23.80 -151.23
CA GLY MB 64 -69.17 -22.80 -151.19
C GLY MB 64 -69.00 -21.73 -152.25
N PHE MB 65 -68.02 -20.86 -152.04
CA PHE MB 65 -67.58 -19.87 -153.01
C PHE MB 65 -66.12 -20.18 -153.36
N THR MB 66 -65.51 -19.30 -154.15
CA THR MB 66 -64.12 -19.48 -154.54
C THR MB 66 -63.19 -19.30 -153.33
N SER MB 67 -62.30 -20.26 -153.12
CA SER MB 67 -61.39 -20.21 -151.98
C SER MB 67 -60.32 -19.13 -152.16
N HIS MB 68 -59.98 -18.79 -153.39
CA HIS MB 68 -59.03 -17.72 -153.64
C HIS MB 68 -59.74 -16.37 -153.52
N ARG MB 69 -59.21 -15.48 -152.68
CA ARG MB 69 -59.82 -14.17 -152.51
C ARG MB 69 -59.60 -13.28 -153.74
N LYS MB 70 -58.50 -13.51 -154.47
CA LYS MB 70 -58.27 -12.76 -155.70
C LYS MB 70 -59.24 -13.18 -156.79
N LYS MB 71 -59.59 -14.46 -156.84
CA LYS MB 71 -60.54 -14.94 -157.85
C LYS MB 71 -61.97 -14.52 -157.52
N ARG MB 72 -62.31 -14.49 -156.23
CA ARG MB 72 -63.65 -14.08 -155.82
C ARG MB 72 -63.85 -12.57 -156.03
N GLU MB 73 -62.81 -11.77 -155.80
CA GLU MB 73 -62.89 -10.35 -156.06
C GLU MB 73 -62.91 -10.06 -157.56
N ASN MB 74 -62.26 -10.91 -158.35
CA ASN MB 74 -62.30 -10.73 -159.80
C ASN MB 74 -63.67 -11.09 -160.36
N LYS MB 75 -64.34 -12.07 -159.76
CA LYS MB 75 -65.69 -12.43 -160.20
C LYS MB 75 -66.71 -11.37 -159.79
N ILE MB 76 -66.51 -10.75 -158.64
CA ILE MB 76 -67.42 -9.69 -158.19
C ILE MB 76 -67.22 -8.43 -159.02
N LYS MB 77 -65.97 -8.11 -159.37
CA LYS MB 77 -65.71 -6.91 -160.15
C LYS MB 77 -66.14 -7.09 -161.61
N LYS MB 78 -66.07 -8.32 -162.13
CA LYS MB 78 -66.55 -8.58 -163.48
C LYS MB 78 -68.07 -8.49 -163.55
N GLU MB 79 -68.76 -8.92 -162.49
CA GLU MB 79 -70.20 -8.81 -162.44
C GLU MB 79 -70.65 -7.35 -162.28
N ILE MB 80 -69.87 -6.57 -161.54
CA ILE MB 80 -70.20 -5.15 -161.35
C ILE MB 80 -69.98 -4.37 -162.65
N LYS MB 81 -68.91 -4.70 -163.38
CA LYS MB 81 -68.65 -4.03 -164.65
C LYS MB 81 -69.65 -4.44 -165.71
N ARG MB 82 -70.10 -5.69 -165.69
CA ARG MB 82 -71.12 -6.15 -166.62
C ARG MB 82 -72.54 -5.78 -166.20
N GLY MB 83 -72.71 -5.22 -165.00
CA GLY MB 83 -74.03 -4.83 -164.55
C GLY MB 83 -74.91 -5.97 -164.09
N THR MB 84 -74.33 -7.02 -163.50
CA THR MB 84 -75.13 -8.13 -163.01
C THR MB 84 -75.90 -7.77 -161.75
N ARG MB 85 -75.48 -6.75 -161.02
CA ARG MB 85 -76.17 -6.30 -159.82
C ARG MB 85 -75.91 -4.81 -159.64
N GLU MB 86 -76.32 -4.27 -158.49
CA GLU MB 86 -76.11 -2.87 -158.18
C GLU MB 86 -74.73 -2.65 -157.57
N VAL MB 87 -74.40 -1.39 -157.28
CA VAL MB 87 -73.12 -1.07 -156.67
C VAL MB 87 -73.08 -1.54 -155.22
N ASN MB 88 -74.18 -1.37 -154.49
CA ASN MB 88 -74.26 -1.76 -153.09
C ASN MB 88 -74.68 -3.21 -152.90
N GLU MB 89 -74.90 -3.96 -153.99
CA GLU MB 89 -75.30 -5.35 -153.90
C GLU MB 89 -74.07 -6.24 -153.82
N MET MB 90 -73.95 -6.97 -152.73
CA MET MB 90 -72.84 -7.89 -152.50
C MET MB 90 -73.37 -9.21 -151.97
N ASP MB 91 -72.56 -10.25 -152.11
CA ASP MB 91 -72.93 -11.57 -151.62
C ASP MB 91 -72.90 -11.57 -150.10
N PRO MB 92 -73.99 -11.94 -149.43
CA PRO MB 92 -73.97 -11.92 -147.95
C PRO MB 92 -73.12 -13.04 -147.36
N PHE MB 93 -72.98 -14.16 -148.07
CA PHE MB 93 -72.12 -15.24 -147.59
C PHE MB 93 -70.65 -14.89 -147.75
N GLU MB 94 -70.28 -14.29 -148.89
CA GLU MB 94 -68.88 -13.96 -149.14
C GLU MB 94 -68.42 -12.79 -148.29
N SER MB 95 -69.32 -11.82 -148.04
CA SER MB 95 -68.98 -10.72 -147.15
C SER MB 95 -68.84 -11.19 -145.71
N PHE MB 96 -69.65 -12.16 -145.31
CA PHE MB 96 -69.48 -12.78 -143.99
C PHE MB 96 -68.22 -13.62 -143.94
N ILE MB 97 -67.87 -14.25 -145.06
CA ILE MB 97 -66.62 -15.02 -145.13
C ILE MB 97 -65.41 -14.07 -145.10
N SER MB 98 -65.53 -12.91 -145.74
CA SER MB 98 -64.44 -11.95 -145.74
C SER MB 98 -64.27 -11.29 -144.39
N ASN MB 99 -65.39 -11.00 -143.70
CA ASN MB 99 -65.30 -10.37 -142.39
C ASN MB 99 -64.81 -11.34 -141.33
N GLN MB 100 -65.27 -12.60 -141.38
CA GLN MB 100 -64.81 -13.60 -140.43
C GLN MB 100 -63.43 -14.12 -140.85
N ASN MB 101 -62.77 -14.77 -139.89
CA ASN MB 101 -61.44 -15.35 -140.12
C ASN MB 101 -61.63 -16.62 -140.94
N ILE MB 102 -61.66 -16.47 -142.27
CA ILE MB 102 -61.90 -17.58 -143.17
C ILE MB 102 -60.65 -18.44 -143.27
N ARG MB 103 -60.83 -19.76 -143.23
CA ARG MB 103 -59.75 -20.73 -143.35
C ARG MB 103 -60.17 -21.79 -144.35
N TYR MB 104 -59.69 -21.67 -145.59
CA TYR MB 104 -59.98 -22.64 -146.63
C TYR MB 104 -59.16 -23.89 -146.37
N VAL MB 105 -59.72 -24.80 -145.58
CA VAL MB 105 -59.01 -26.00 -145.15
C VAL MB 105 -59.02 -27.01 -146.29
N TYR MB 106 -57.83 -27.43 -146.71
CA TYR MB 106 -57.69 -28.42 -147.78
C TYR MB 106 -57.77 -29.82 -147.20
N TYR MB 107 -57.47 -30.82 -148.02
CA TYR MB 107 -57.54 -32.21 -147.56
C TYR MB 107 -56.37 -32.54 -146.63
N LYS MB 108 -55.17 -32.13 -147.01
CA LYS MB 108 -53.98 -32.35 -146.18
C LYS MB 108 -53.65 -31.16 -145.29
N GLU MB 109 -54.45 -30.10 -145.34
CA GLU MB 109 -54.20 -28.91 -144.54
C GLU MB 109 -54.77 -29.01 -143.12
N SER MB 110 -55.43 -30.12 -142.79
CA SER MB 110 -55.89 -30.32 -141.43
C SER MB 110 -54.74 -30.54 -140.46
N GLU MB 111 -53.65 -31.17 -140.93
CA GLU MB 111 -52.45 -31.29 -140.12
C GLU MB 111 -51.79 -29.93 -139.91
N LYS MB 112 -51.81 -29.08 -140.94
CA LYS MB 112 -51.26 -27.73 -140.80
C LYS MB 112 -52.14 -26.87 -139.91
N ILE MB 113 -53.44 -27.09 -139.94
CA ILE MB 113 -54.38 -26.35 -139.11
C ILE MB 113 -54.74 -27.11 -137.84
N LEU MB 114 -53.91 -28.08 -137.45
CA LEU MB 114 -54.19 -28.86 -136.24
C LEU MB 114 -54.01 -28.03 -134.98
N GLY MB 115 -53.11 -27.05 -135.00
CA GLY MB 115 -52.91 -26.19 -133.86
C GLY MB 115 -53.88 -25.04 -133.73
N ASN MB 116 -54.75 -24.84 -134.71
CA ASN MB 116 -55.71 -23.75 -134.67
C ASN MB 116 -56.84 -24.07 -133.69
N THR MB 117 -57.39 -23.02 -133.08
CA THR MB 117 -58.52 -23.11 -132.16
C THR MB 117 -59.66 -22.29 -132.77
N TYR MB 118 -60.43 -22.93 -133.64
CA TYR MB 118 -61.52 -22.26 -134.34
C TYR MB 118 -62.84 -22.43 -133.59
N GLY MB 119 -63.84 -21.66 -134.01
CA GLY MB 119 -65.14 -21.72 -133.38
C GLY MB 119 -66.23 -22.21 -134.33
N MET MB 120 -65.98 -22.09 -135.63
CA MET MB 120 -66.94 -22.53 -136.64
C MET MB 120 -66.22 -23.36 -137.69
N CYS MB 121 -66.90 -24.37 -138.22
CA CYS MB 121 -66.33 -25.25 -139.22
C CYS MB 121 -67.45 -25.75 -140.13
N ILE MB 122 -67.23 -25.69 -141.43
CA ILE MB 122 -68.20 -26.13 -142.42
C ILE MB 122 -67.62 -27.35 -143.14
N LEU MB 123 -68.28 -28.49 -142.99
CA LEU MB 123 -67.85 -29.72 -143.65
C LEU MB 123 -68.59 -29.88 -144.96
N GLN MB 124 -67.84 -29.91 -146.07
CA GLN MB 124 -68.45 -29.94 -147.40
C GLN MB 124 -68.50 -31.35 -147.99
N ASP MB 125 -67.34 -32.01 -148.06
CA ASP MB 125 -67.27 -33.33 -148.69
C ASP MB 125 -67.92 -34.39 -147.81
N PHE MB 126 -68.63 -35.31 -148.44
CA PHE MB 126 -69.28 -36.42 -147.74
C PHE MB 126 -68.96 -37.77 -148.32
N GLU MB 127 -68.82 -37.88 -149.65
CA GLU MB 127 -68.55 -39.16 -150.28
C GLU MB 127 -67.09 -39.59 -150.14
N ALA MB 128 -66.20 -38.67 -149.80
CA ALA MB 128 -64.79 -39.00 -149.59
C ALA MB 128 -64.24 -38.29 -148.35
N LEU MB 129 -65.10 -38.04 -147.36
CA LEU MB 129 -64.67 -37.36 -146.16
C LEU MB 129 -63.85 -38.28 -145.27
N THR MB 130 -62.72 -37.77 -144.79
CA THR MB 130 -61.89 -38.54 -143.88
C THR MB 130 -62.50 -38.56 -142.48
N PRO MB 131 -62.71 -39.74 -141.89
CA PRO MB 131 -63.21 -39.78 -140.51
C PRO MB 131 -62.23 -39.22 -139.50
N ASN MB 132 -60.93 -39.33 -139.75
CA ASN MB 132 -59.93 -38.75 -138.86
C ASN MB 132 -59.96 -37.23 -138.92
N LEU MB 133 -60.13 -36.67 -140.12
CA LEU MB 133 -60.27 -35.22 -140.25
C LEU MB 133 -61.60 -34.73 -139.71
N LEU MB 134 -62.64 -35.55 -139.81
CA LEU MB 134 -63.93 -35.19 -139.22
C LEU MB 134 -63.86 -35.16 -137.70
N ALA MB 135 -63.15 -36.13 -137.11
CA ALA MB 135 -62.95 -36.11 -135.66
C ALA MB 135 -62.00 -34.99 -135.24
N ARG MB 136 -61.04 -34.65 -136.10
CA ARG MB 136 -60.13 -33.54 -135.79
C ARG MB 136 -60.86 -32.20 -135.85
N THR MB 137 -61.79 -32.04 -136.80
CA THR MB 137 -62.55 -30.80 -136.88
C THR MB 137 -63.54 -30.69 -135.73
N ILE MB 138 -64.09 -31.81 -135.29
CA ILE MB 138 -64.99 -31.80 -134.13
C ILE MB 138 -64.22 -31.49 -132.86
N GLU MB 139 -63.00 -32.01 -132.74
CA GLU MB 139 -62.18 -31.74 -131.57
C GLU MB 139 -61.67 -30.30 -131.56
N THR MB 140 -61.47 -29.70 -132.74
CA THR MB 140 -61.02 -28.33 -132.83
C THR MB 140 -62.14 -27.32 -132.64
N VAL MB 141 -63.40 -27.79 -132.53
CA VAL MB 141 -64.52 -26.88 -132.30
C VAL MB 141 -64.44 -26.32 -130.90
N GLU MB 142 -64.65 -25.01 -130.79
CA GLU MB 142 -64.58 -24.33 -129.51
C GLU MB 142 -65.78 -24.66 -128.64
N GLY MB 143 -65.61 -24.51 -127.33
CA GLY MB 143 -66.70 -24.72 -126.38
C GLY MB 143 -67.77 -23.66 -126.52
N GLY MB 144 -68.94 -24.07 -127.00
CA GLY MB 144 -70.01 -23.14 -127.32
C GLY MB 144 -70.04 -22.69 -128.76
N GLY MB 145 -68.99 -22.96 -129.53
CA GLY MB 145 -68.96 -22.63 -130.94
C GLY MB 145 -69.44 -23.78 -131.79
N ILE MB 146 -70.55 -23.58 -132.51
CA ILE MB 146 -71.17 -24.65 -133.26
C ILE MB 146 -70.40 -24.91 -134.55
N VAL MB 147 -70.49 -26.13 -135.05
CA VAL MB 147 -69.89 -26.54 -136.31
C VAL MB 147 -70.96 -27.22 -137.15
N VAL MB 148 -71.00 -26.89 -138.43
CA VAL MB 148 -72.05 -27.36 -139.33
C VAL MB 148 -71.46 -28.35 -140.32
N ILE MB 149 -72.31 -29.26 -140.79
CA ILE MB 149 -71.95 -30.23 -141.81
C ILE MB 149 -72.93 -30.07 -142.96
N LEU MB 150 -72.41 -29.94 -144.18
CA LEU MB 150 -73.23 -29.71 -145.35
C LEU MB 150 -73.50 -31.02 -146.09
N LEU MB 151 -74.77 -31.23 -146.43
CA LEU MB 151 -75.23 -32.39 -147.19
C LEU MB 151 -76.16 -31.93 -148.32
N LYS MB 152 -75.71 -30.92 -149.06
CA LYS MB 152 -76.52 -30.26 -150.09
C LYS MB 152 -76.63 -31.18 -151.31
N SER MB 153 -77.59 -32.11 -151.24
CA SER MB 153 -77.85 -33.04 -152.33
C SER MB 153 -79.30 -33.52 -152.22
N MET MB 154 -79.94 -33.70 -153.38
CA MET MB 154 -81.31 -34.19 -153.39
C MET MB 154 -81.36 -35.67 -153.05
N SER MB 155 -80.38 -36.45 -153.52
CA SER MB 155 -80.34 -37.88 -153.21
C SER MB 155 -79.99 -38.14 -151.75
N SER MB 156 -79.17 -37.27 -151.16
CA SER MB 156 -78.84 -37.40 -149.74
C SER MB 156 -80.03 -37.04 -148.87
N LEU MB 157 -80.86 -36.09 -149.32
CA LEU MB 157 -82.10 -35.79 -148.62
C LEU MB 157 -83.08 -36.95 -148.70
N LYS MB 158 -83.11 -37.64 -149.85
CA LYS MB 158 -83.92 -38.86 -149.96
C LYS MB 158 -83.31 -40.00 -149.16
N GLN MB 159 -81.98 -40.05 -149.05
CA GLN MB 159 -81.33 -41.07 -148.25
C GLN MB 159 -81.53 -40.83 -146.75
N LEU MB 160 -81.56 -39.55 -146.35
CA LEU MB 160 -81.80 -39.23 -144.94
C LEU MB 160 -83.25 -39.46 -144.56
N TYR MB 161 -84.17 -39.29 -145.51
CA TYR MB 161 -85.59 -39.53 -145.25
C TYR MB 161 -85.86 -41.02 -145.09
N THR MB 162 -85.15 -41.87 -145.85
CA THR MB 162 -85.28 -43.31 -145.68
C THR MB 162 -84.69 -43.77 -144.36
N MET MB 163 -83.58 -43.14 -143.94
CA MET MB 163 -83.01 -43.46 -142.63
C MET MB 163 -83.89 -42.95 -141.49
N THR MB 164 -84.58 -41.83 -141.70
CA THR MB 164 -85.52 -41.35 -140.69
C THR MB 164 -86.77 -42.22 -140.62
N MET MB 165 -87.19 -42.78 -141.76
CA MET MB 165 -88.39 -43.61 -141.77
C MET MB 165 -88.12 -44.99 -141.16
N ASP MB 166 -86.96 -45.56 -141.45
CA ASP MB 166 -86.62 -46.91 -140.97
C ASP MB 166 -85.21 -46.92 -140.43
N VAL MB 167 -85.04 -47.52 -139.24
CA VAL MB 167 -83.73 -47.67 -138.63
C VAL MB 167 -83.12 -49.04 -138.87
N HIS MB 168 -83.89 -49.99 -139.38
CA HIS MB 168 -83.39 -51.33 -139.69
C HIS MB 168 -82.82 -51.44 -141.09
N ALA MB 169 -82.81 -50.35 -141.86
CA ALA MB 169 -82.24 -50.33 -143.19
C ALA MB 169 -81.24 -49.18 -143.29
N ARG MB 170 -80.52 -49.14 -144.40
CA ARG MB 170 -79.51 -48.12 -144.65
C ARG MB 170 -79.77 -47.45 -145.99
N TYR MB 171 -79.36 -46.19 -146.09
CA TYR MB 171 -79.55 -45.42 -147.32
C TYR MB 171 -78.43 -44.39 -147.44
N ARG MB 172 -77.57 -44.59 -148.43
CA ARG MB 172 -76.45 -43.69 -148.70
C ARG MB 172 -76.05 -43.87 -150.16
N THR MB 173 -74.88 -43.33 -150.53
CA THR MB 173 -74.37 -43.48 -151.88
C THR MB 173 -73.78 -44.88 -152.04
N GLU MB 174 -74.53 -45.76 -152.69
CA GLU MB 174 -74.12 -47.16 -152.86
C GLU MB 174 -73.74 -47.51 -154.29
N ALA MB 175 -73.51 -46.50 -155.14
CA ALA MB 175 -73.17 -46.72 -156.54
C ALA MB 175 -71.68 -46.62 -156.80
N HIS MB 176 -70.86 -46.47 -155.76
CA HIS MB 176 -69.42 -46.32 -155.93
C HIS MB 176 -68.70 -47.65 -156.14
N GLY MB 177 -69.39 -48.78 -155.98
CA GLY MB 177 -68.80 -50.08 -156.16
C GLY MB 177 -69.32 -51.05 -155.11
N ASP MB 178 -68.52 -52.08 -154.85
CA ASP MB 178 -68.86 -53.06 -153.81
C ASP MB 178 -68.69 -52.51 -152.40
N VAL MB 179 -67.98 -51.39 -152.24
CA VAL MB 179 -67.79 -50.78 -150.94
C VAL MB 179 -69.02 -49.94 -150.60
N VAL MB 180 -69.98 -50.54 -149.90
CA VAL MB 180 -71.17 -49.81 -149.50
C VAL MB 180 -70.83 -48.84 -148.36
N ALA MB 181 -71.55 -47.72 -148.33
CA ALA MB 181 -71.35 -46.70 -147.30
C ALA MB 181 -72.21 -46.96 -146.08
N ARG MB 182 -72.06 -48.17 -145.50
CA ARG MB 182 -72.84 -48.53 -144.32
C ARG MB 182 -72.39 -47.76 -143.09
N PHE MB 183 -71.10 -47.44 -143.00
CA PHE MB 183 -70.61 -46.62 -141.90
C PHE MB 183 -71.11 -45.18 -142.02
N ASN MB 184 -71.23 -44.69 -143.25
CA ASN MB 184 -71.80 -43.36 -143.45
C ASN MB 184 -73.27 -43.31 -143.09
N GLU MB 185 -74.02 -44.37 -143.41
CA GLU MB 185 -75.41 -44.45 -142.99
C GLU MB 185 -75.52 -44.65 -141.49
N ARG MB 186 -74.57 -45.38 -140.89
CA ARG MB 186 -74.53 -45.50 -139.44
C ARG MB 186 -74.14 -44.17 -138.79
N PHE MB 187 -73.29 -43.39 -139.45
CA PHE MB 187 -72.99 -42.04 -138.97
C PHE MB 187 -74.21 -41.14 -139.09
N ILE MB 188 -75.03 -41.34 -140.14
CA ILE MB 188 -76.29 -40.62 -140.26
C ILE MB 188 -77.26 -41.08 -139.19
N LEU MB 189 -77.27 -42.38 -138.87
CA LEU MB 189 -78.12 -42.89 -137.81
C LEU MB 189 -77.65 -42.41 -136.44
N SER MB 190 -76.33 -42.28 -136.27
CA SER MB 190 -75.81 -41.72 -135.02
C SER MB 190 -76.08 -40.23 -134.92
N LEU MB 191 -76.09 -39.54 -136.07
CA LEU MB 191 -76.41 -38.12 -136.07
C LEU MB 191 -77.86 -37.87 -135.70
N GLY MB 192 -78.77 -38.72 -136.18
CA GLY MB 192 -80.16 -38.62 -135.78
C GLY MB 192 -80.37 -38.98 -134.32
N SER MB 193 -79.61 -39.94 -133.81
CA SER MB 193 -79.69 -40.31 -132.40
C SER MB 193 -79.06 -39.27 -131.50
N ASN MB 194 -78.21 -38.41 -132.03
CA ASN MB 194 -77.55 -37.39 -131.22
C ASN MB 194 -78.52 -36.25 -130.94
N PRO MB 195 -78.81 -35.94 -129.67
CA PRO MB 195 -79.69 -34.80 -129.38
C PRO MB 195 -78.95 -33.48 -129.49
N ASN MB 196 -77.64 -33.51 -129.24
CA ASN MB 196 -76.82 -32.31 -129.34
C ASN MB 196 -76.50 -31.92 -130.77
N CYS MB 197 -76.73 -32.81 -131.73
CA CYS MB 197 -76.54 -32.51 -133.14
C CYS MB 197 -77.89 -32.19 -133.76
N LEU MB 198 -78.03 -30.98 -134.29
CA LEU MB 198 -79.28 -30.51 -134.89
C LEU MB 198 -79.19 -30.67 -136.40
N VAL MB 199 -80.09 -31.48 -136.96
CA VAL MB 199 -80.16 -31.70 -138.40
C VAL MB 199 -81.39 -30.98 -138.93
N VAL MB 200 -81.18 -30.07 -139.89
CA VAL MB 200 -82.26 -29.27 -140.46
C VAL MB 200 -82.15 -29.30 -141.99
N ASP MB 201 -83.30 -29.10 -142.62
CA ASP MB 201 -83.38 -29.04 -144.08
C ASP MB 201 -83.22 -27.59 -144.52
N ASP MB 202 -83.54 -27.32 -145.79
CA ASP MB 202 -83.44 -25.97 -146.33
C ASP MB 202 -84.49 -25.06 -145.70
N GLU MB 203 -84.17 -23.76 -145.67
CA GLU MB 203 -84.97 -22.71 -145.02
C GLU MB 203 -85.22 -23.04 -143.54
N LEU MB 204 -84.19 -23.58 -142.88
CA LEU MB 204 -84.19 -23.95 -141.45
C LEU MB 204 -85.31 -24.92 -141.09
N ASN MB 205 -85.64 -25.83 -142.01
CA ASN MB 205 -86.68 -26.82 -141.75
C ASN MB 205 -86.09 -27.93 -140.90
N VAL MB 206 -86.16 -27.76 -139.59
CA VAL MB 206 -85.64 -28.75 -138.64
C VAL MB 206 -86.63 -29.91 -138.61
N LEU MB 207 -86.26 -31.02 -139.24
CA LEU MB 207 -87.12 -32.20 -139.23
C LEU MB 207 -87.11 -32.83 -137.85
N PRO MB 208 -88.28 -33.11 -137.26
CA PRO MB 208 -88.31 -33.69 -135.90
C PRO MB 208 -87.83 -35.13 -135.83
N LEU MB 209 -87.73 -35.83 -136.96
CA LEU MB 209 -87.22 -37.20 -136.93
C LEU MB 209 -85.72 -37.24 -136.67
N SER MB 210 -84.99 -36.28 -137.20
CA SER MB 210 -83.54 -36.23 -137.06
C SER MB 210 -83.15 -35.23 -135.97
N GLY MB 211 -82.18 -35.62 -135.15
CA GLY MB 211 -81.75 -34.75 -134.07
C GLY MB 211 -82.74 -34.74 -132.92
N ALA MB 212 -82.64 -33.70 -132.10
CA ALA MB 212 -83.50 -33.58 -130.94
C ALA MB 212 -84.91 -33.16 -131.36
N LYS MB 213 -85.86 -33.35 -130.44
CA LYS MB 213 -87.25 -33.02 -130.72
C LYS MB 213 -87.51 -31.53 -130.54
N ASN MB 214 -87.33 -31.02 -129.33
CA ASN MB 214 -87.60 -29.63 -129.03
C ASN MB 214 -86.78 -29.20 -127.83
N VAL MB 215 -86.69 -27.87 -127.65
CA VAL MB 215 -85.93 -27.29 -126.55
C VAL MB 215 -86.61 -26.00 -126.10
N LYS MB 216 -86.07 -25.38 -125.07
CA LYS MB 216 -86.60 -24.14 -124.52
C LYS MB 216 -85.44 -23.22 -124.19
N PRO MB 217 -85.70 -21.92 -124.01
CA PRO MB 217 -84.64 -21.00 -123.58
C PRO MB 217 -84.17 -21.29 -122.17
N LEU MB 218 -82.88 -21.02 -121.94
CA LEU MB 218 -82.26 -21.36 -120.67
C LEU MB 218 -82.21 -20.13 -119.75
N PRO MB 219 -82.15 -20.36 -118.44
CA PRO MB 219 -82.03 -19.25 -117.50
C PRO MB 219 -80.59 -18.79 -117.40
N PRO MB 220 -80.15 -17.93 -118.31
CA PRO MB 220 -78.74 -17.52 -118.31
C PRO MB 220 -78.45 -16.30 -117.45
N LYS MB 221 -79.31 -16.03 -116.47
CA LYS MB 221 -79.18 -14.88 -115.59
C LYS MB 221 -78.25 -15.11 -114.40
N GLU MB 222 -77.42 -16.16 -114.44
CA GLU MB 222 -76.44 -16.43 -113.40
C GLU MB 222 -75.06 -16.47 -114.03
N ASP MB 223 -74.12 -15.70 -113.47
CA ASP MB 223 -72.77 -15.61 -114.01
C ASP MB 223 -71.72 -16.27 -113.12
N ASP MB 224 -72.10 -16.80 -111.96
CA ASP MB 224 -71.18 -17.44 -111.04
C ASP MB 224 -71.10 -18.96 -111.25
N GLU MB 225 -71.32 -19.43 -112.47
CA GLU MB 225 -71.27 -20.86 -112.77
C GLU MB 225 -69.82 -21.34 -112.77
N LEU MB 226 -69.34 -21.77 -111.61
CA LEU MB 226 -67.95 -22.19 -111.50
C LEU MB 226 -67.74 -23.55 -112.15
N PRO MB 227 -66.73 -23.70 -113.00
CA PRO MB 227 -66.44 -25.01 -113.59
C PRO MB 227 -65.62 -25.86 -112.65
N PRO MB 228 -65.17 -27.04 -113.09
CA PRO MB 228 -64.33 -27.89 -112.23
C PRO MB 228 -62.96 -27.29 -111.97
N LYS MB 229 -62.37 -26.66 -112.98
CA LYS MB 229 -61.09 -25.99 -112.80
C LYS MB 229 -61.26 -24.65 -112.09
N GLN MB 230 -62.38 -23.97 -112.33
CA GLN MB 230 -62.59 -22.64 -111.76
C GLN MB 230 -62.92 -22.71 -110.26
N LEU MB 231 -63.74 -23.67 -109.85
CA LEU MB 231 -64.11 -23.77 -108.43
C LEU MB 231 -62.94 -24.30 -107.60
N GLU MB 232 -62.13 -25.21 -108.16
CA GLU MB 232 -60.98 -25.72 -107.44
C GLU MB 232 -59.87 -24.70 -107.32
N LEU MB 233 -59.80 -23.73 -108.24
CA LEU MB 233 -58.85 -22.64 -108.13
C LEU MB 233 -59.33 -21.65 -107.07
N GLN MB 234 -59.00 -21.91 -105.81
CA GLN MB 234 -59.44 -21.07 -104.72
C GLN MB 234 -58.68 -19.74 -104.72
N GLU MB 235 -59.29 -18.74 -104.08
CA GLU MB 235 -58.66 -17.42 -103.96
C GLU MB 235 -57.48 -17.44 -103.00
N LEU MB 236 -57.39 -18.44 -102.12
CA LEU MB 236 -56.29 -18.58 -101.19
C LEU MB 236 -55.12 -19.35 -101.77
N LYS MB 237 -55.17 -19.69 -103.06
CA LYS MB 237 -54.06 -20.38 -103.71
C LYS MB 237 -52.85 -19.45 -103.82
N GLU MB 238 -51.67 -20.02 -103.63
CA GLU MB 238 -50.43 -19.25 -103.64
C GLU MB 238 -50.07 -18.89 -105.08
N SER MB 239 -50.67 -17.80 -105.55
CA SER MB 239 -50.40 -17.26 -106.87
C SER MB 239 -49.55 -15.99 -106.83
N LEU MB 240 -49.15 -15.55 -105.64
CA LEU MB 240 -48.27 -14.40 -105.52
C LEU MB 240 -46.82 -14.84 -105.71
N GLU MB 241 -46.10 -14.13 -106.58
CA GLU MB 241 -44.75 -14.52 -106.97
C GLU MB 241 -43.82 -13.31 -106.92
N ASP MB 242 -43.20 -13.07 -105.77
CA ASP MB 242 -42.02 -12.21 -105.70
C ASP MB 242 -40.76 -13.03 -105.93
N VAL MB 243 -40.51 -14.00 -105.05
CA VAL MB 243 -39.62 -15.13 -105.33
C VAL MB 243 -40.43 -16.37 -104.97
N GLN MB 244 -41.17 -16.91 -105.93
CA GLN MB 244 -42.09 -18.01 -105.68
C GLN MB 244 -42.36 -18.79 -106.95
N PRO MB 245 -41.76 -19.97 -107.14
CA PRO MB 245 -42.12 -20.82 -108.28
C PRO MB 245 -43.58 -21.28 -108.25
N ALA MB 246 -44.14 -21.46 -107.05
CA ALA MB 246 -45.55 -21.81 -106.94
C ALA MB 246 -46.43 -20.62 -107.30
N GLY MB 247 -45.95 -19.40 -107.05
CA GLY MB 247 -46.75 -18.22 -107.35
C GLY MB 247 -46.92 -17.97 -108.83
N SER MB 248 -45.83 -18.11 -109.60
CA SER MB 248 -45.89 -17.79 -111.02
C SER MB 248 -46.63 -18.87 -111.81
N LEU MB 249 -46.52 -20.12 -111.38
CA LEU MB 249 -47.23 -21.20 -112.05
C LEU MB 249 -48.73 -21.12 -111.79
N VAL MB 250 -49.13 -20.78 -110.57
CA VAL MB 250 -50.54 -20.63 -110.24
C VAL MB 250 -51.12 -19.39 -110.92
N SER MB 251 -50.30 -18.36 -111.11
CA SER MB 251 -50.74 -17.17 -111.85
C SER MB 251 -51.00 -17.49 -113.31
N LEU MB 252 -50.15 -18.34 -113.90
CA LEU MB 252 -50.32 -18.76 -115.28
C LEU MB 252 -51.17 -20.03 -115.40
N SER MB 253 -51.72 -20.52 -114.30
CA SER MB 253 -52.51 -21.75 -114.32
C SER MB 253 -53.85 -21.53 -115.00
N LYS MB 254 -54.35 -22.60 -115.64
CA LYS MB 254 -55.66 -22.57 -116.29
C LYS MB 254 -56.47 -23.83 -116.05
N THR MB 255 -55.99 -24.77 -115.24
CA THR MB 255 -56.72 -26.00 -114.95
C THR MB 255 -56.39 -26.46 -113.54
N VAL MB 256 -57.32 -27.20 -112.95
CA VAL MB 256 -57.11 -27.73 -111.60
C VAL MB 256 -56.05 -28.82 -111.61
N ASN MB 257 -56.06 -29.68 -112.64
CA ASN MB 257 -55.03 -30.70 -112.77
C ASN MB 257 -53.68 -30.09 -113.13
N GLN MB 258 -53.69 -28.97 -113.87
CA GLN MB 258 -52.43 -28.30 -114.19
C GLN MB 258 -51.79 -27.67 -112.96
N ALA MB 259 -52.62 -27.21 -112.02
CA ALA MB 259 -52.09 -26.70 -110.76
C ALA MB 259 -51.53 -27.82 -109.89
N HIS MB 260 -52.14 -29.00 -109.96
CA HIS MB 260 -51.63 -30.14 -109.20
C HIS MB 260 -50.32 -30.65 -109.80
N ALA MB 261 -50.18 -30.57 -111.13
CA ALA MB 261 -48.93 -30.99 -111.77
C ALA MB 261 -47.80 -30.03 -111.45
N ILE MB 262 -48.11 -28.73 -111.36
CA ILE MB 262 -47.11 -27.75 -110.94
C ILE MB 262 -46.77 -27.92 -109.47
N LEU MB 263 -47.78 -28.26 -108.65
CA LEU MB 263 -47.52 -28.55 -107.24
C LEU MB 263 -46.71 -29.83 -107.07
N SER MB 264 -46.96 -30.83 -107.93
CA SER MB 264 -46.13 -32.03 -107.91
C SER MB 264 -44.72 -31.74 -108.43
N PHE MB 265 -44.60 -30.80 -109.38
CA PHE MB 265 -43.28 -30.42 -109.88
C PHE MB 265 -42.46 -29.71 -108.81
N ILE MB 266 -43.11 -28.85 -108.01
CA ILE MB 266 -42.42 -28.22 -106.89
C ILE MB 266 -42.10 -29.24 -105.81
N ASP MB 267 -43.00 -30.21 -105.61
CA ASP MB 267 -42.74 -31.28 -104.65
C ASP MB 267 -41.61 -32.18 -105.13
N ALA MB 268 -41.52 -32.42 -106.44
CA ALA MB 268 -40.39 -33.16 -106.98
C ALA MB 268 -39.12 -32.34 -106.92
N ILE MB 269 -39.22 -31.01 -107.02
CA ILE MB 269 -38.06 -30.15 -106.87
C ILE MB 269 -37.59 -30.15 -105.41
N SER MB 270 -38.53 -30.18 -104.47
CA SER MB 270 -38.15 -30.16 -103.05
C SER MB 270 -37.61 -31.51 -102.59
N GLU MB 271 -38.12 -32.60 -103.17
CA GLU MB 271 -37.72 -33.93 -102.76
C GLU MB 271 -36.33 -34.27 -103.29
N LYS MB 272 -35.65 -35.16 -102.57
CA LYS MB 272 -34.32 -35.63 -102.93
C LYS MB 272 -34.36 -36.96 -103.66
N THR MB 273 -35.48 -37.28 -104.31
CA THR MB 273 -35.62 -38.52 -105.06
C THR MB 273 -34.80 -38.44 -106.35
N LEU MB 274 -33.76 -39.27 -106.45
CA LEU MB 274 -32.95 -39.32 -107.67
C LEU MB 274 -33.77 -39.84 -108.84
N ASN MB 275 -34.60 -40.85 -108.60
CA ASN MB 275 -35.52 -41.36 -109.62
C ASN MB 275 -36.83 -40.57 -109.56
N PHE MB 276 -36.72 -39.28 -109.87
CA PHE MB 276 -37.86 -38.38 -109.89
C PHE MB 276 -38.65 -38.64 -111.18
N THR MB 277 -39.52 -39.64 -111.10
CA THR MB 277 -40.32 -40.08 -112.25
C THR MB 277 -41.70 -39.44 -112.14
N VAL MB 278 -41.97 -38.49 -113.02
CA VAL MB 278 -43.27 -37.82 -113.09
C VAL MB 278 -43.99 -38.32 -114.33
N ALA MB 279 -45.19 -38.87 -114.14
CA ALA MB 279 -45.98 -39.41 -115.24
C ALA MB 279 -47.28 -38.62 -115.34
N LEU MB 280 -47.62 -38.19 -116.56
CA LEU MB 280 -48.80 -37.38 -116.80
C LEU MB 280 -49.57 -37.98 -117.98
N THR MB 281 -50.65 -38.69 -117.68
CA THR MB 281 -51.53 -39.23 -118.71
C THR MB 281 -52.83 -38.43 -118.72
N ALA MB 282 -53.18 -37.91 -119.89
CA ALA MB 282 -54.34 -37.03 -120.02
C ALA MB 282 -55.17 -37.44 -121.22
N GLY MB 283 -56.44 -37.06 -121.19
CA GLY MB 283 -57.36 -37.26 -122.29
C GLY MB 283 -57.34 -36.11 -123.27
N ARG MB 284 -58.47 -35.93 -123.96
CA ARG MB 284 -58.60 -34.82 -124.88
C ARG MB 284 -58.73 -33.49 -124.13
N GLY MB 285 -58.15 -32.44 -124.71
CA GLY MB 285 -58.18 -31.13 -124.08
C GLY MB 285 -57.27 -31.04 -122.88
N ARG MB 286 -55.97 -31.24 -123.08
CA ARG MB 286 -55.02 -31.27 -121.98
C ARG MB 286 -54.29 -29.96 -121.78
N GLY MB 287 -54.09 -29.17 -122.84
CA GLY MB 287 -53.27 -27.98 -122.75
C GLY MB 287 -51.81 -28.32 -122.50
N LYS MB 288 -51.26 -29.17 -123.36
CA LYS MB 288 -49.91 -29.71 -123.13
C LYS MB 288 -48.84 -28.65 -123.30
N SER MB 289 -49.08 -27.65 -124.17
CA SER MB 289 -48.15 -26.54 -124.30
C SER MB 289 -48.09 -25.70 -123.04
N ALA MB 290 -49.24 -25.46 -122.41
CA ALA MB 290 -49.26 -24.72 -121.16
C ALA MB 290 -48.74 -25.58 -120.00
N ALA MB 291 -49.00 -26.88 -120.04
CA ALA MB 291 -48.58 -27.77 -118.97
C ALA MB 291 -47.07 -27.97 -118.98
N LEU MB 292 -46.49 -28.17 -120.16
CA LEU MB 292 -45.04 -28.34 -120.25
C LEU MB 292 -44.31 -27.02 -120.00
N GLY MB 293 -44.91 -25.91 -120.40
CA GLY MB 293 -44.31 -24.61 -120.09
C GLY MB 293 -44.32 -24.30 -118.61
N ILE MB 294 -45.37 -24.73 -117.91
CA ILE MB 294 -45.43 -24.56 -116.46
C ILE MB 294 -44.40 -25.43 -115.77
N SER MB 295 -44.20 -26.65 -116.29
CA SER MB 295 -43.18 -27.54 -115.73
C SER MB 295 -41.78 -27.03 -116.05
N ILE MB 296 -41.60 -26.41 -117.21
CA ILE MB 296 -40.30 -25.85 -117.57
C ILE MB 296 -39.97 -24.65 -116.71
N ALA MB 297 -40.98 -23.83 -116.39
CA ALA MB 297 -40.75 -22.66 -115.54
C ALA MB 297 -40.47 -23.07 -114.10
N ALA MB 298 -41.13 -24.13 -113.63
CA ALA MB 298 -40.83 -24.67 -112.31
C ALA MB 298 -39.44 -25.29 -112.27
N ALA MB 299 -39.03 -25.96 -113.34
CA ALA MB 299 -37.68 -26.48 -113.44
C ALA MB 299 -36.66 -25.38 -113.67
N VAL MB 300 -37.10 -24.23 -114.18
CA VAL MB 300 -36.19 -23.09 -114.30
C VAL MB 300 -35.88 -22.51 -112.92
N SER MB 301 -36.89 -22.45 -112.05
CA SER MB 301 -36.70 -21.81 -110.75
C SER MB 301 -35.94 -22.70 -109.79
N HIS MB 302 -36.17 -24.02 -109.83
CA HIS MB 302 -35.60 -24.95 -108.87
C HIS MB 302 -34.93 -26.11 -109.59
N GLY MB 303 -34.11 -25.80 -110.59
CA GLY MB 303 -33.36 -26.83 -111.29
C GLY MB 303 -31.91 -26.42 -111.42
N TYR MB 304 -31.09 -27.39 -111.84
CA TYR MB 304 -29.64 -27.18 -111.85
C TYR MB 304 -29.19 -26.41 -113.09
N SER MB 305 -29.37 -26.99 -114.28
CA SER MB 305 -28.88 -26.37 -115.51
C SER MB 305 -30.00 -26.02 -116.47
N ASN MB 306 -30.80 -26.99 -116.91
CA ASN MB 306 -31.82 -26.80 -117.93
C ASN MB 306 -32.71 -28.05 -117.94
N ILE MB 307 -33.62 -28.08 -118.91
CA ILE MB 307 -34.49 -29.23 -119.13
C ILE MB 307 -34.26 -29.74 -120.54
N PHE MB 308 -33.98 -31.03 -120.66
CA PHE MB 308 -33.73 -31.63 -121.97
C PHE MB 308 -35.06 -32.02 -122.61
N VAL MB 309 -35.42 -31.35 -123.69
CA VAL MB 309 -36.70 -31.60 -124.35
C VAL MB 309 -36.57 -32.86 -125.20
N THR MB 310 -37.47 -33.82 -124.98
CA THR MB 310 -37.50 -35.07 -125.71
C THR MB 310 -38.88 -35.26 -126.32
N SER MB 311 -38.94 -35.42 -127.63
CA SER MB 311 -40.17 -35.69 -128.34
C SER MB 311 -39.86 -36.61 -129.50
N PRO MB 312 -40.86 -37.38 -129.96
CA PRO MB 312 -40.62 -38.28 -131.11
C PRO MB 312 -40.52 -37.54 -132.44
N SER MB 313 -40.95 -36.28 -132.50
CA SER MB 313 -40.97 -35.49 -133.72
C SER MB 313 -41.00 -34.02 -133.34
N PRO MB 314 -41.03 -33.11 -134.31
CA PRO MB 314 -41.16 -31.68 -133.98
C PRO MB 314 -42.55 -31.34 -133.46
N GLU MB 315 -42.80 -31.68 -132.20
CA GLU MB 315 -44.09 -31.46 -131.57
C GLU MB 315 -44.18 -30.03 -131.05
N ASN MB 316 -45.18 -29.74 -130.21
CA ASN MB 316 -45.38 -28.40 -129.71
C ASN MB 316 -44.50 -28.09 -128.49
N LEU MB 317 -43.19 -28.34 -128.61
CA LEU MB 317 -42.25 -27.89 -127.59
C LEU MB 317 -41.95 -26.40 -127.74
N LYS MB 318 -41.98 -25.88 -128.97
CA LYS MB 318 -41.86 -24.44 -129.19
C LYS MB 318 -43.08 -23.72 -128.64
N THR MB 319 -44.27 -24.31 -128.78
CA THR MB 319 -45.45 -23.77 -128.12
C THR MB 319 -45.37 -23.94 -126.60
N LEU MB 320 -44.71 -25.01 -126.14
CA LEU MB 320 -44.44 -25.14 -124.72
C LEU MB 320 -43.44 -24.09 -124.25
N PHE MB 321 -42.43 -23.80 -125.07
CA PHE MB 321 -41.49 -22.74 -124.74
C PHE MB 321 -42.13 -21.36 -124.87
N GLU MB 322 -43.10 -21.22 -125.79
CA GLU MB 322 -43.83 -19.96 -125.89
C GLU MB 322 -44.78 -19.76 -124.71
N PHE MB 323 -45.17 -20.85 -124.05
CA PHE MB 323 -46.03 -20.78 -122.87
C PHE MB 323 -45.26 -20.84 -121.56
N ILE MB 324 -43.93 -20.82 -121.59
CA ILE MB 324 -43.14 -20.96 -120.37
C ILE MB 324 -43.00 -19.61 -119.68
N PHE MB 325 -42.35 -18.66 -120.35
CA PHE MB 325 -42.15 -17.32 -119.79
C PHE MB 325 -43.28 -16.39 -120.16
N LYS MB 326 -43.51 -16.21 -121.46
CA LYS MB 326 -44.68 -15.50 -121.97
C LYS MB 326 -45.78 -16.54 -122.18
N GLY MB 327 -46.83 -16.19 -122.91
CA GLY MB 327 -47.86 -17.17 -123.19
C GLY MB 327 -48.85 -17.37 -122.06
N PHE MB 328 -49.66 -16.35 -121.79
CA PHE MB 328 -50.66 -16.39 -120.73
C PHE MB 328 -51.88 -17.22 -121.11
N ASP MB 329 -52.99 -17.05 -120.37
CA ASP MB 329 -54.19 -17.86 -120.57
C ASP MB 329 -54.81 -17.65 -121.95
N ALA MB 330 -54.60 -16.49 -122.55
CA ALA MB 330 -54.89 -16.29 -123.97
C ALA MB 330 -53.64 -16.69 -124.74
N LEU MB 331 -53.64 -17.91 -125.27
CA LEU MB 331 -52.44 -18.48 -125.88
C LEU MB 331 -52.09 -17.80 -127.20
N GLY MB 332 -53.07 -17.65 -128.09
CA GLY MB 332 -52.84 -17.06 -129.39
C GLY MB 332 -51.88 -17.86 -130.28
N TYR MB 333 -52.10 -19.17 -130.35
CA TYR MB 333 -51.19 -20.05 -131.09
C TYR MB 333 -51.32 -19.84 -132.59
N GLN MB 334 -50.19 -19.97 -133.29
CA GLN MB 334 -50.13 -19.82 -134.73
C GLN MB 334 -49.23 -20.90 -135.31
N GLU MB 335 -49.38 -21.13 -136.61
CA GLU MB 335 -48.63 -22.18 -137.28
C GLU MB 335 -47.20 -21.75 -137.57
N HIS MB 336 -47.03 -20.68 -138.36
CA HIS MB 336 -45.71 -20.21 -138.75
C HIS MB 336 -45.52 -18.71 -138.58
N ILE MB 337 -46.54 -17.98 -138.14
CA ILE MB 337 -46.45 -16.54 -137.96
C ILE MB 337 -46.33 -16.17 -136.48
N ASP MB 338 -46.04 -17.12 -135.61
CA ASP MB 338 -45.92 -16.87 -134.19
C ASP MB 338 -44.55 -16.24 -133.88
N TYR MB 339 -44.42 -15.77 -132.64
CA TYR MB 339 -43.16 -15.18 -132.20
C TYR MB 339 -42.06 -16.22 -132.06
N ASP MB 340 -42.42 -17.44 -131.65
CA ASP MB 340 -41.44 -18.51 -131.56
C ASP MB 340 -41.03 -19.04 -132.93
N ILE MB 341 -41.94 -18.96 -133.90
CA ILE MB 341 -41.63 -19.42 -135.26
C ILE MB 341 -40.63 -18.48 -135.93
N ILE MB 342 -40.81 -17.18 -135.75
CA ILE MB 342 -39.92 -16.18 -136.34
C ILE MB 342 -38.64 -16.12 -135.51
N GLN MB 343 -37.49 -16.20 -136.19
CA GLN MB 343 -36.20 -16.13 -135.52
C GLN MB 343 -35.54 -14.76 -135.59
N SER MB 344 -35.96 -13.91 -136.53
CA SER MB 344 -35.35 -12.59 -136.70
C SER MB 344 -36.16 -11.53 -135.95
N THR MB 345 -36.20 -11.69 -134.63
CA THR MB 345 -36.91 -10.76 -133.76
C THR MB 345 -36.32 -10.87 -132.36
N ASN MB 346 -36.77 -9.98 -131.48
CA ASN MB 346 -36.37 -10.01 -130.06
C ASN MB 346 -37.55 -10.53 -129.24
N PRO MB 347 -37.45 -11.74 -128.70
CA PRO MB 347 -38.61 -12.34 -128.01
C PRO MB 347 -38.69 -11.97 -126.53
N ASP MB 348 -37.93 -10.95 -126.12
CA ASP MB 348 -37.82 -10.39 -124.77
C ASP MB 348 -37.24 -11.36 -123.75
N PHE MB 349 -36.75 -12.52 -124.17
CA PHE MB 349 -36.02 -13.44 -123.31
C PHE MB 349 -34.52 -13.39 -123.58
N ASN MB 350 -34.02 -12.24 -124.03
CA ASN MB 350 -32.61 -12.07 -124.34
C ASN MB 350 -31.79 -12.06 -123.05
N LYS MB 351 -30.93 -13.06 -122.88
CA LYS MB 351 -30.15 -13.19 -121.67
C LYS MB 351 -28.99 -12.21 -121.66
N ALA MB 352 -28.39 -12.04 -120.48
CA ALA MB 352 -27.24 -11.18 -120.28
C ALA MB 352 -26.39 -11.81 -119.18
N ILE MB 353 -25.52 -11.01 -118.58
CA ILE MB 353 -24.71 -11.50 -117.47
C ILE MB 353 -25.47 -11.30 -116.17
N VAL MB 354 -26.34 -12.26 -115.85
CA VAL MB 354 -27.16 -12.23 -114.65
C VAL MB 354 -27.54 -13.67 -114.28
N ARG MB 355 -28.13 -13.83 -113.10
CA ARG MB 355 -28.56 -15.13 -112.61
C ARG MB 355 -30.00 -15.45 -112.98
N VAL MB 356 -30.57 -14.75 -113.96
CA VAL MB 356 -31.95 -14.99 -114.37
C VAL MB 356 -32.02 -16.31 -115.13
N ASP MB 357 -33.02 -17.13 -114.78
CA ASP MB 357 -33.21 -18.43 -115.43
C ASP MB 357 -34.20 -18.38 -116.58
N ILE MB 358 -35.14 -17.44 -116.56
CA ILE MB 358 -36.09 -17.29 -117.66
C ILE MB 358 -35.38 -16.74 -118.90
N LYS MB 359 -34.47 -15.80 -118.71
CA LYS MB 359 -33.74 -15.21 -119.84
C LYS MB 359 -32.68 -16.18 -120.37
N ARG MB 360 -31.99 -16.88 -119.46
CA ARG MB 360 -30.92 -17.78 -119.88
C ARG MB 360 -31.49 -19.05 -120.53
N ASP MB 361 -32.26 -19.81 -119.76
CA ASP MB 361 -32.95 -20.99 -120.30
C ASP MB 361 -34.19 -20.48 -121.05
N HIS MB 362 -34.06 -20.32 -122.36
CA HIS MB 362 -35.08 -19.66 -123.17
C HIS MB 362 -35.07 -20.29 -124.56
N ARG MB 363 -35.66 -19.58 -125.53
CA ARG MB 363 -35.69 -20.06 -126.91
C ARG MB 363 -34.30 -20.11 -127.53
N GLN MB 364 -33.37 -19.29 -127.05
CA GLN MB 364 -31.98 -19.41 -127.45
C GLN MB 364 -31.31 -20.63 -126.85
N THR MB 365 -31.86 -21.19 -125.77
CA THR MB 365 -31.27 -22.35 -125.12
C THR MB 365 -32.26 -23.53 -125.12
N ILE MB 366 -32.87 -23.78 -126.27
CA ILE MB 366 -33.81 -24.90 -126.41
C ILE MB 366 -32.99 -26.19 -126.42
N GLN MB 367 -33.09 -26.97 -125.36
CA GLN MB 367 -32.33 -28.23 -125.23
C GLN MB 367 -33.15 -29.40 -125.78
N TYR MB 368 -33.50 -29.30 -127.06
CA TYR MB 368 -34.25 -30.35 -127.72
C TYR MB 368 -33.35 -31.53 -128.02
N ILE MB 369 -33.91 -32.74 -127.88
CA ILE MB 369 -33.16 -33.97 -128.11
C ILE MB 369 -34.13 -35.03 -128.62
N VAL MB 370 -33.65 -35.86 -129.53
CA VAL MB 370 -34.47 -36.98 -130.02
C VAL MB 370 -34.53 -38.06 -128.94
N PRO MB 371 -35.63 -38.80 -128.83
CA PRO MB 371 -35.71 -39.86 -127.81
C PRO MB 371 -34.93 -41.11 -128.15
N GLN MB 372 -34.40 -41.23 -129.38
CA GLN MB 372 -33.62 -42.41 -129.75
C GLN MB 372 -32.27 -42.43 -129.06
N ASP MB 373 -31.73 -41.26 -128.72
CA ASP MB 373 -30.47 -41.20 -127.98
C ASP MB 373 -30.68 -41.63 -126.54
N HIS MB 374 -29.75 -42.43 -126.03
CA HIS MB 374 -29.82 -42.95 -124.67
C HIS MB 374 -28.61 -42.60 -123.83
N GLN MB 375 -27.42 -42.52 -124.43
CA GLN MB 375 -26.23 -42.19 -123.67
C GLN MB 375 -26.20 -40.72 -123.29
N VAL MB 376 -26.56 -39.84 -124.23
CA VAL MB 376 -26.57 -38.40 -123.94
C VAL MB 376 -27.70 -38.05 -122.99
N LEU MB 377 -28.85 -38.72 -123.14
CA LEU MB 377 -29.97 -38.50 -122.22
C LEU MB 377 -29.65 -39.04 -120.83
N GLY MB 378 -28.90 -40.13 -120.76
CA GLY MB 378 -28.44 -40.63 -119.48
C GLY MB 378 -27.43 -39.72 -118.82
N GLN MB 379 -26.66 -38.97 -119.62
CA GLN MB 379 -25.73 -38.01 -119.06
C GLN MB 379 -26.44 -36.74 -118.59
N ALA MB 380 -27.67 -36.52 -119.05
CA ALA MB 380 -28.42 -35.32 -118.69
C ALA MB 380 -28.91 -35.41 -117.25
N GLU MB 381 -29.29 -34.25 -116.71
CA GLU MB 381 -29.76 -34.15 -115.34
C GLU MB 381 -31.28 -34.03 -115.26
N LEU MB 382 -31.88 -33.05 -115.95
CA LEU MB 382 -33.31 -32.86 -115.97
C LEU MB 382 -33.80 -32.94 -117.41
N VAL MB 383 -34.79 -33.80 -117.65
CA VAL MB 383 -35.33 -34.00 -119.00
C VAL MB 383 -36.84 -34.09 -118.93
N VAL MB 384 -37.49 -33.81 -120.06
CA VAL MB 384 -38.94 -33.91 -120.20
C VAL MB 384 -39.23 -34.68 -121.47
N ILE MB 385 -40.08 -35.70 -121.38
CA ILE MB 385 -40.41 -36.57 -122.49
C ILE MB 385 -41.92 -36.54 -122.71
N ASP MB 386 -42.33 -36.37 -123.96
CA ASP MB 386 -43.74 -36.32 -124.34
C ASP MB 386 -44.05 -37.45 -125.30
N GLU MB 387 -45.25 -38.01 -125.13
CA GLU MB 387 -45.76 -39.16 -125.91
C GLU MB 387 -44.82 -40.36 -125.83
N ALA MB 388 -44.40 -40.68 -124.61
CA ALA MB 388 -43.45 -41.76 -124.40
C ALA MB 388 -44.05 -43.14 -124.60
N ALA MB 389 -45.39 -43.25 -124.59
CA ALA MB 389 -46.03 -44.52 -124.87
C ALA MB 389 -45.87 -44.94 -126.33
N ALA MB 390 -45.64 -43.98 -127.24
CA ALA MB 390 -45.37 -44.32 -128.63
C ALA MB 390 -43.99 -44.94 -128.82
N ILE MB 391 -43.07 -44.69 -127.89
CA ILE MB 391 -41.72 -45.26 -127.96
C ILE MB 391 -41.80 -46.73 -127.55
N PRO MB 392 -40.79 -47.54 -127.88
CA PRO MB 392 -40.78 -48.93 -127.42
C PRO MB 392 -40.52 -49.01 -125.92
N LEU MB 393 -40.95 -50.13 -125.32
CA LEU MB 393 -40.78 -50.35 -123.89
C LEU MB 393 -39.32 -50.39 -123.46
N PRO MB 394 -38.43 -51.09 -124.17
CA PRO MB 394 -37.00 -50.95 -123.86
C PRO MB 394 -36.45 -49.56 -124.15
N ILE MB 395 -37.00 -48.88 -125.17
CA ILE MB 395 -36.60 -47.51 -125.46
C ILE MB 395 -37.08 -46.56 -124.37
N VAL MB 396 -38.28 -46.79 -123.84
CA VAL MB 396 -38.80 -45.96 -122.75
C VAL MB 396 -38.01 -46.21 -121.47
N LYS MB 397 -37.60 -47.46 -121.24
CA LYS MB 397 -36.76 -47.77 -120.09
C LYS MB 397 -35.38 -47.13 -120.22
N ASN MB 398 -34.83 -47.11 -121.43
CA ASN MB 398 -33.56 -46.43 -121.65
C ASN MB 398 -33.72 -44.91 -121.56
N LEU MB 399 -34.89 -44.39 -121.93
CA LEU MB 399 -35.13 -42.96 -121.81
C LEU MB 399 -35.42 -42.58 -120.37
N LEU MB 400 -36.40 -43.23 -119.75
CA LEU MB 400 -36.77 -42.95 -118.37
C LEU MB 400 -35.96 -43.82 -117.41
N GLY MB 401 -34.69 -43.46 -117.26
CA GLY MB 401 -33.80 -44.18 -116.38
C GLY MB 401 -33.84 -43.66 -114.96
N PRO MB 402 -32.67 -43.57 -114.33
CA PRO MB 402 -32.62 -43.12 -112.92
C PRO MB 402 -32.46 -41.61 -112.78
N TYR MB 403 -32.65 -40.88 -113.87
CA TYR MB 403 -32.58 -39.42 -113.83
C TYR MB 403 -33.95 -38.84 -113.49
N LEU MB 404 -34.00 -37.51 -113.39
CA LEU MB 404 -35.26 -36.80 -113.10
C LEU MB 404 -35.94 -36.52 -114.43
N VAL MB 405 -36.95 -37.32 -114.77
CA VAL MB 405 -37.63 -37.24 -116.05
C VAL MB 405 -39.12 -37.09 -115.80
N PHE MB 406 -39.75 -36.16 -116.50
CA PHE MB 406 -41.19 -35.95 -116.47
C PHE MB 406 -41.79 -36.48 -117.76
N MET MB 407 -42.73 -37.41 -117.65
CA MET MB 407 -43.32 -38.08 -118.80
C MET MB 407 -44.73 -37.56 -119.05
N ALA MB 408 -45.02 -37.21 -120.29
CA ALA MB 408 -46.33 -36.73 -120.70
C ALA MB 408 -46.88 -37.66 -121.78
N SER MB 409 -48.13 -38.09 -121.60
CA SER MB 409 -48.77 -39.00 -122.54
C SER MB 409 -50.23 -38.60 -122.72
N THR MB 410 -50.76 -38.95 -123.89
CA THR MB 410 -52.17 -38.72 -124.23
C THR MB 410 -52.86 -40.05 -124.41
N ILE MB 411 -54.01 -40.22 -123.76
CA ILE MB 411 -54.73 -41.48 -123.74
C ILE MB 411 -56.04 -41.31 -124.50
N ASN MB 412 -56.33 -42.28 -125.38
CA ASN MB 412 -57.57 -42.40 -126.15
C ASN MB 412 -57.81 -41.16 -127.03
N GLY MB 413 -56.87 -40.93 -127.93
CA GLY MB 413 -56.95 -39.82 -128.85
C GLY MB 413 -56.43 -40.19 -130.22
N TYR MB 414 -56.49 -39.23 -131.14
CA TYR MB 414 -55.97 -39.44 -132.48
C TYR MB 414 -54.45 -39.50 -132.46
N GLU MB 415 -53.91 -40.44 -133.25
CA GLU MB 415 -52.47 -40.74 -133.34
C GLU MB 415 -51.86 -41.06 -131.97
N GLY MB 416 -52.58 -41.85 -131.18
CA GLY MB 416 -52.14 -42.23 -129.86
C GLY MB 416 -52.44 -43.70 -129.59
N THR MB 417 -52.12 -44.11 -128.36
CA THR MB 417 -52.33 -45.47 -127.90
C THR MB 417 -53.50 -45.51 -126.94
N GLY MB 418 -53.78 -46.70 -126.40
CA GLY MB 418 -54.87 -46.90 -125.47
C GLY MB 418 -54.41 -46.99 -124.02
N ARG MB 419 -55.36 -47.34 -123.17
CA ARG MB 419 -55.08 -47.47 -121.74
C ARG MB 419 -54.25 -48.71 -121.43
N SER MB 420 -54.32 -49.74 -122.30
CA SER MB 420 -53.54 -50.95 -122.09
C SER MB 420 -52.05 -50.68 -122.29
N LEU MB 421 -51.70 -49.83 -123.25
CA LEU MB 421 -50.31 -49.41 -123.42
C LEU MB 421 -49.87 -48.55 -122.24
N SER MB 422 -50.79 -47.73 -121.70
CA SER MB 422 -50.50 -47.02 -120.46
C SER MB 422 -50.39 -47.98 -119.28
N LEU MB 423 -51.21 -49.03 -119.27
CA LEU MB 423 -51.11 -50.05 -118.24
C LEU MB 423 -49.83 -50.87 -118.39
N LYS MB 424 -49.39 -51.09 -119.63
CA LYS MB 424 -48.10 -51.74 -119.85
C LYS MB 424 -46.95 -50.83 -119.44
N LEU MB 425 -47.11 -49.52 -119.60
CA LEU MB 425 -46.14 -48.57 -119.08
C LEU MB 425 -46.15 -48.54 -117.56
N ILE MB 426 -47.33 -48.67 -116.96
CA ILE MB 426 -47.44 -48.76 -115.51
C ILE MB 426 -46.86 -50.07 -115.01
N GLN MB 427 -47.06 -51.16 -115.76
CA GLN MB 427 -46.46 -52.44 -115.40
C GLN MB 427 -44.95 -52.43 -115.58
N GLN MB 428 -44.44 -51.64 -116.52
CA GLN MB 428 -43.00 -51.45 -116.64
C GLN MB 428 -42.45 -50.72 -115.42
N LEU MB 429 -43.23 -49.79 -114.87
CA LEU MB 429 -42.87 -49.13 -113.62
C LEU MB 429 -43.37 -49.94 -112.44
N ARG MB 430 -43.31 -49.36 -111.24
CA ARG MB 430 -43.76 -49.95 -109.97
C ARG MB 430 -43.13 -51.31 -109.66
N LEU MB 464 -44.94 -45.07 -109.12
CA LEU MB 464 -44.17 -43.86 -108.96
C LEU MB 464 -45.07 -42.66 -108.74
N ARG MB 465 -44.57 -41.47 -109.06
CA ARG MB 465 -45.34 -40.23 -108.94
C ARG MB 465 -46.08 -40.01 -110.26
N GLU MB 466 -47.38 -40.29 -110.25
CA GLU MB 466 -48.20 -40.19 -111.45
C GLU MB 466 -49.50 -39.46 -111.13
N ILE MB 467 -50.08 -38.84 -112.16
CA ILE MB 467 -51.35 -38.14 -112.05
C ILE MB 467 -52.13 -38.36 -113.34
N SER MB 468 -53.42 -38.03 -113.30
CA SER MB 468 -54.30 -38.20 -114.45
C SER MB 468 -55.13 -36.96 -114.66
N LEU MB 469 -55.48 -36.70 -115.92
CA LEU MB 469 -56.33 -35.59 -116.31
C LEU MB 469 -57.39 -36.08 -117.27
N ASP MB 470 -58.63 -35.59 -117.09
CA ASP MB 470 -59.74 -36.05 -117.91
C ASP MB 470 -60.54 -34.88 -118.49
N GLU MB 471 -60.54 -33.75 -117.79
CA GLU MB 471 -61.36 -32.62 -118.21
C GLU MB 471 -60.77 -31.94 -119.44
N PRO MB 472 -61.57 -31.63 -120.45
CA PRO MB 472 -61.05 -30.91 -121.62
C PRO MB 472 -60.72 -29.47 -121.29
N ILE MB 473 -59.83 -28.89 -122.10
CA ILE MB 473 -59.41 -27.51 -121.90
C ILE MB 473 -59.74 -26.68 -123.15
N ARG MB 474 -59.76 -27.33 -124.31
CA ARG MB 474 -60.17 -26.65 -125.53
C ARG MB 474 -61.67 -26.37 -125.52
N TYR MB 475 -62.45 -27.36 -125.11
CA TYR MB 475 -63.86 -27.19 -124.80
C TYR MB 475 -64.07 -27.57 -123.34
N ALA MB 476 -65.34 -27.62 -122.91
CA ALA MB 476 -65.49 -28.05 -121.54
C ALA MB 476 -65.83 -29.54 -121.48
N PRO MB 477 -65.49 -30.20 -120.38
CA PRO MB 477 -65.88 -31.59 -120.20
C PRO MB 477 -67.38 -31.74 -120.03
N GLY MB 478 -67.89 -32.88 -120.48
CA GLY MB 478 -69.32 -33.10 -120.46
C GLY MB 478 -70.06 -32.58 -121.67
N ASP MB 479 -69.36 -32.32 -122.76
CA ASP MB 479 -70.01 -31.86 -123.99
C ASP MB 479 -70.78 -33.01 -124.61
N PRO MB 480 -72.09 -32.87 -124.88
CA PRO MB 480 -72.84 -34.00 -125.42
C PRO MB 480 -72.58 -34.25 -126.89
N ILE MB 481 -72.23 -33.22 -127.66
CA ILE MB 481 -71.89 -33.41 -129.06
C ILE MB 481 -70.56 -34.16 -129.18
N GLU MB 482 -69.61 -33.85 -128.31
CA GLU MB 482 -68.37 -34.61 -128.25
C GLU MB 482 -68.62 -36.02 -127.73
N LYS MB 483 -69.59 -36.16 -126.81
CA LYS MB 483 -70.00 -37.49 -126.35
C LYS MB 483 -70.66 -38.28 -127.48
N TRP MB 484 -71.46 -37.61 -128.31
CA TRP MB 484 -72.06 -38.27 -129.46
C TRP MB 484 -71.00 -38.57 -130.53
N LEU MB 485 -70.02 -37.68 -130.67
CA LEU MB 485 -68.94 -37.93 -131.62
C LEU MB 485 -68.05 -39.07 -131.17
N ASN MB 486 -67.81 -39.18 -129.86
CA ASN MB 486 -67.06 -40.30 -129.32
C ASN MB 486 -67.84 -41.60 -129.44
N LYS MB 487 -69.17 -41.54 -129.35
CA LYS MB 487 -69.98 -42.73 -129.53
C LYS MB 487 -70.01 -43.16 -130.99
N LEU MB 488 -70.02 -42.18 -131.91
CA LEU MB 488 -70.07 -42.51 -133.33
C LEU MB 488 -68.73 -43.04 -133.83
N LEU MB 489 -67.63 -42.49 -133.32
CA LEU MB 489 -66.29 -42.88 -133.75
C LEU MB 489 -65.69 -43.98 -132.87
N CYS MB 490 -66.45 -44.46 -131.88
CA CYS MB 490 -66.01 -45.47 -130.90
C CYS MB 490 -64.73 -45.03 -130.18
N LEU MB 491 -64.68 -43.75 -129.83
CA LEU MB 491 -63.51 -43.20 -129.15
C LEU MB 491 -63.41 -43.66 -127.70
N ASP MB 492 -64.53 -44.05 -127.09
CA ASP MB 492 -64.48 -44.55 -125.72
C ASP MB 492 -63.89 -45.95 -125.68
N VAL MB 493 -62.99 -46.18 -124.74
CA VAL MB 493 -62.32 -47.46 -124.57
C VAL MB 493 -62.76 -48.06 -123.25
N THR MB 494 -63.35 -49.26 -123.30
CA THR MB 494 -63.83 -49.93 -122.11
C THR MB 494 -63.54 -51.42 -122.11
N LEU MB 495 -62.51 -51.86 -122.84
CA LEU MB 495 -62.14 -53.27 -122.85
C LEU MB 495 -61.60 -53.71 -121.50
N ILE MB 496 -60.83 -52.84 -120.84
CA ILE MB 496 -60.41 -53.11 -119.47
C ILE MB 496 -61.60 -53.00 -118.52
N LYS MB 497 -62.56 -52.14 -118.83
CA LYS MB 497 -63.74 -51.98 -118.01
C LYS MB 497 -64.74 -53.13 -118.16
N ASN MB 498 -64.57 -53.97 -119.17
CA ASN MB 498 -65.45 -55.13 -119.32
C ASN MB 498 -65.15 -56.16 -118.23
N PRO MB 499 -66.17 -56.87 -117.75
CA PRO MB 499 -65.97 -57.84 -116.66
C PRO MB 499 -65.71 -59.27 -117.09
N ARG MB 500 -65.59 -59.54 -118.40
CA ARG MB 500 -65.37 -60.90 -118.88
C ARG MB 500 -64.29 -61.03 -119.94
N PHE MB 501 -63.81 -59.92 -120.52
CA PHE MB 501 -62.81 -59.99 -121.58
C PHE MB 501 -61.57 -59.18 -121.20
N ALA MB 502 -61.08 -59.36 -119.97
CA ALA MB 502 -59.95 -58.57 -119.49
C ALA MB 502 -58.62 -59.33 -119.61
N THR MB 503 -58.55 -60.54 -119.06
CA THR MB 503 -57.27 -61.21 -118.91
C THR MB 503 -57.33 -62.68 -119.32
N ARG MB 504 -56.28 -63.43 -118.97
CA ARG MB 504 -56.19 -64.85 -119.29
C ARG MB 504 -57.16 -65.71 -118.50
N GLY MB 505 -57.75 -65.18 -117.43
CA GLY MB 505 -58.82 -65.89 -116.74
C GLY MB 505 -60.05 -65.99 -117.61
N THR MB 506 -60.31 -67.18 -118.14
CA THR MB 506 -61.34 -67.41 -119.14
C THR MB 506 -61.65 -68.90 -119.18
N PRO MB 507 -62.57 -69.33 -120.03
CA PRO MB 507 -62.80 -70.77 -120.19
C PRO MB 507 -61.71 -71.45 -120.98
N HIS MB 508 -61.86 -72.75 -121.22
CA HIS MB 508 -60.84 -73.51 -121.92
C HIS MB 508 -60.82 -73.14 -123.40
N PRO MB 509 -59.64 -73.16 -124.02
CA PRO MB 509 -59.57 -72.90 -125.47
C PRO MB 509 -59.97 -74.10 -126.32
N SER MB 510 -60.18 -75.27 -125.72
CA SER MB 510 -60.71 -76.41 -126.47
C SER MB 510 -62.15 -76.15 -126.88
N GLN MB 511 -62.96 -75.62 -125.97
CA GLN MB 511 -64.34 -75.26 -126.27
C GLN MB 511 -64.39 -73.80 -126.72
N CYS MB 512 -63.80 -73.56 -127.89
CA CYS MB 512 -63.71 -72.23 -128.47
C CYS MB 512 -64.72 -72.12 -129.62
N ASN MB 513 -65.52 -71.06 -129.60
CA ASN MB 513 -66.53 -70.80 -130.62
C ASN MB 513 -65.98 -69.74 -131.56
N LEU MB 514 -65.29 -70.18 -132.61
CA LEU MB 514 -64.74 -69.28 -133.62
C LEU MB 514 -65.80 -69.01 -134.70
N PHE MB 515 -66.86 -68.33 -134.28
CA PHE MB 515 -67.98 -68.05 -135.16
C PHE MB 515 -67.68 -66.83 -136.04
N VAL MB 516 -68.62 -66.51 -136.91
CA VAL MB 516 -68.48 -65.41 -137.85
C VAL MB 516 -69.55 -64.36 -137.55
N VAL MB 517 -69.43 -63.22 -138.21
CA VAL MB 517 -70.40 -62.14 -138.08
C VAL MB 517 -70.43 -61.37 -139.39
N ASN MB 518 -71.63 -61.01 -139.84
CA ASN MB 518 -71.79 -60.25 -141.07
C ASN MB 518 -71.36 -58.81 -140.85
N ARG MB 519 -70.74 -58.23 -141.90
CA ARG MB 519 -70.31 -56.84 -141.83
C ARG MB 519 -71.50 -55.90 -141.78
N ASP MB 520 -72.58 -56.24 -142.48
CA ASP MB 520 -73.80 -55.45 -142.42
C ASP MB 520 -74.47 -55.59 -141.05
N THR MB 521 -74.38 -56.77 -140.44
CA THR MB 521 -74.88 -56.96 -139.09
C THR MB 521 -74.04 -56.18 -138.08
N LEU MB 522 -72.73 -56.08 -138.32
CA LEU MB 522 -71.88 -55.24 -137.48
C LEU MB 522 -72.16 -53.77 -137.73
N PHE MB 523 -72.49 -53.41 -138.97
CA PHE MB 523 -72.82 -52.02 -139.29
C PHE MB 523 -74.21 -51.63 -138.83
N SER MB 524 -75.07 -52.58 -138.51
CA SER MB 524 -76.40 -52.27 -137.99
C SER MB 524 -76.29 -51.70 -136.59
N TYR MB 525 -77.09 -50.67 -136.32
CA TYR MB 525 -77.04 -49.97 -135.03
C TYR MB 525 -77.96 -50.60 -134.00
N HIS MB 526 -77.85 -51.92 -133.82
CA HIS MB 526 -78.57 -52.58 -132.74
C HIS MB 526 -77.86 -52.32 -131.42
N PRO MB 527 -78.58 -52.46 -130.30
CA PRO MB 527 -77.92 -52.25 -129.00
C PRO MB 527 -76.94 -53.34 -128.64
N VAL MB 528 -77.27 -54.60 -128.95
CA VAL MB 528 -76.34 -55.70 -128.74
C VAL MB 528 -75.17 -55.60 -129.71
N SER MB 529 -75.44 -55.18 -130.96
CA SER MB 529 -74.39 -55.07 -131.95
C SER MB 529 -73.44 -53.92 -131.64
N GLU MB 530 -73.96 -52.87 -130.99
CA GLU MB 530 -73.11 -51.75 -130.61
C GLU MB 530 -72.14 -52.12 -129.50
N ASN MB 531 -72.60 -52.91 -128.53
CA ASN MB 531 -71.74 -53.28 -127.40
C ASN MB 531 -70.66 -54.27 -127.83
N PHE MB 532 -70.98 -55.17 -128.75
CA PHE MB 532 -69.99 -56.15 -129.20
C PHE MB 532 -68.95 -55.51 -130.11
N LEU MB 533 -69.39 -54.59 -130.99
CA LEU MB 533 -68.45 -53.93 -131.90
C LEU MB 533 -67.54 -52.96 -131.15
N GLU MB 534 -68.08 -52.28 -130.14
CA GLU MB 534 -67.24 -51.41 -129.31
C GLU MB 534 -66.26 -52.22 -128.48
N LYS MB 535 -66.67 -53.41 -128.03
CA LYS MB 535 -65.74 -54.32 -127.40
C LYS MB 535 -64.72 -54.85 -128.39
N MET MB 536 -65.15 -55.07 -129.64
CA MET MB 536 -64.24 -55.54 -130.68
C MET MB 536 -63.26 -54.45 -131.09
N MET MB 537 -63.74 -53.20 -131.18
CA MET MB 537 -62.86 -52.10 -131.56
C MET MB 537 -61.87 -51.76 -130.47
N ALA MB 538 -62.29 -51.83 -129.20
CA ALA MB 538 -61.38 -51.56 -128.10
C ALA MB 538 -60.37 -52.69 -127.93
N LEU MB 539 -60.74 -53.91 -128.31
CA LEU MB 539 -59.78 -55.01 -128.34
C LEU MB 539 -58.71 -54.76 -129.40
N TYR MB 540 -59.10 -54.25 -130.56
CA TYR MB 540 -58.14 -53.91 -131.60
C TYR MB 540 -57.32 -52.68 -131.21
N VAL MB 541 -57.93 -51.76 -130.46
CA VAL MB 541 -57.23 -50.56 -130.05
C VAL MB 541 -56.19 -50.88 -128.99
N SER MB 542 -56.51 -51.79 -128.07
CA SER MB 542 -55.60 -52.07 -126.95
C SER MB 542 -54.38 -52.88 -127.40
N SER MB 543 -54.52 -53.69 -128.45
CA SER MB 543 -53.42 -54.55 -128.87
C SER MB 543 -52.40 -53.79 -129.70
N HIS MB 544 -52.86 -53.08 -130.74
CA HIS MB 544 -51.96 -52.32 -131.59
C HIS MB 544 -51.45 -51.08 -130.88
N TYR MB 545 -50.21 -50.70 -131.18
CA TYR MB 545 -49.64 -49.49 -130.58
C TYR MB 545 -50.27 -48.24 -131.17
N LYS MB 546 -50.22 -48.09 -132.49
CA LYS MB 546 -50.87 -46.98 -133.15
C LYS MB 546 -52.36 -47.26 -133.32
N ASN MB 547 -53.12 -46.19 -133.57
CA ASN MB 547 -54.57 -46.31 -133.73
C ASN MB 547 -55.03 -45.20 -134.67
N SER MB 548 -55.23 -45.54 -135.93
CA SER MB 548 -55.77 -44.59 -136.89
C SER MB 548 -57.25 -44.35 -136.61
N PRO MB 549 -57.71 -43.09 -136.58
CA PRO MB 549 -59.13 -42.84 -136.32
C PRO MB 549 -60.05 -43.29 -137.46
N ASN MB 550 -59.53 -43.33 -138.68
CA ASN MB 550 -60.30 -43.78 -139.83
C ASN MB 550 -60.12 -45.27 -140.11
N ASP MB 551 -59.41 -45.99 -139.23
CA ASP MB 551 -59.18 -47.41 -139.46
C ASP MB 551 -60.45 -48.23 -139.28
N LEU MB 552 -61.35 -47.81 -138.40
CA LEU MB 552 -62.62 -48.50 -138.22
C LEU MB 552 -63.50 -48.35 -139.46
N GLN MB 553 -63.52 -47.16 -140.06
CA GLN MB 553 -64.27 -46.97 -141.30
C GLN MB 553 -63.60 -47.66 -142.47
N LEU MB 554 -62.26 -47.75 -142.45
CA LEU MB 554 -61.54 -48.49 -143.49
C LEU MB 554 -61.82 -49.98 -143.39
N MET MB 555 -61.91 -50.51 -142.18
CA MET MB 555 -62.26 -51.92 -142.00
C MET MB 555 -63.72 -52.19 -142.35
N SER MB 556 -64.60 -51.23 -142.08
CA SER MB 556 -66.02 -51.43 -142.36
C SER MB 556 -66.30 -51.35 -143.86
N ASP MB 557 -65.61 -50.47 -144.57
CA ASP MB 557 -65.84 -50.28 -146.00
C ASP MB 557 -65.04 -51.24 -146.87
N ALA MB 558 -64.15 -52.04 -146.29
CA ALA MB 558 -63.34 -52.95 -147.09
C ALA MB 558 -64.18 -54.15 -147.52
N PRO MB 559 -64.52 -54.27 -148.81
CA PRO MB 559 -65.34 -55.40 -149.24
C PRO MB 559 -64.54 -56.69 -149.34
N ALA MB 560 -63.24 -56.57 -149.57
CA ALA MB 560 -62.36 -57.73 -149.70
C ALA MB 560 -61.82 -58.21 -148.36
N HIS MB 561 -62.19 -57.57 -147.25
CA HIS MB 561 -61.73 -57.96 -145.93
C HIS MB 561 -62.93 -58.43 -145.10
N LYS MB 562 -62.77 -59.57 -144.45
CA LYS MB 562 -63.79 -60.13 -143.56
C LYS MB 562 -63.19 -60.27 -142.16
N LEU MB 563 -64.01 -60.74 -141.22
CA LEU MB 563 -63.55 -60.92 -139.85
C LEU MB 563 -64.25 -62.12 -139.25
N PHE MB 564 -63.57 -62.75 -138.30
CA PHE MB 564 -64.12 -63.86 -137.52
C PHE MB 564 -63.90 -63.58 -136.05
N VAL MB 565 -64.86 -64.01 -135.23
CA VAL MB 565 -64.85 -63.72 -133.80
C VAL MB 565 -64.72 -65.04 -133.05
N LEU MB 566 -63.63 -65.19 -132.31
CA LEU MB 566 -63.49 -66.31 -131.39
C LEU MB 566 -64.21 -65.98 -130.09
N LEU MB 567 -64.95 -66.95 -129.58
CA LEU MB 567 -65.78 -66.80 -128.40
C LEU MB 567 -65.51 -67.92 -127.42
N PRO MB 568 -65.94 -67.78 -126.18
CA PRO MB 568 -65.73 -68.82 -125.18
C PRO MB 568 -66.73 -69.96 -125.36
N PRO MB 569 -66.77 -70.90 -124.42
CA PRO MB 569 -67.77 -71.99 -124.49
C PRO MB 569 -69.17 -71.43 -124.32
N ILE MB 570 -70.01 -71.65 -125.34
CA ILE MB 570 -71.34 -71.06 -125.38
C ILE MB 570 -72.23 -71.77 -124.38
N ASP MB 571 -72.73 -71.02 -123.40
CA ASP MB 571 -73.60 -71.60 -122.38
C ASP MB 571 -75.00 -71.79 -122.95
N PRO MB 572 -75.47 -73.03 -123.08
CA PRO MB 572 -76.84 -73.25 -123.56
C PRO MB 572 -77.90 -73.05 -122.51
N LYS MB 573 -77.51 -72.79 -121.25
CA LYS MB 573 -78.49 -72.55 -120.20
C LYS MB 573 -79.20 -71.22 -120.40
N ASP MB 574 -78.49 -70.21 -120.92
CA ASP MB 574 -79.10 -68.93 -121.22
C ASP MB 574 -79.18 -68.69 -122.73
N GLY MB 575 -78.05 -68.70 -123.44
CA GLY MB 575 -78.02 -68.67 -124.88
C GLY MB 575 -78.42 -67.37 -125.56
N GLY MB 576 -79.02 -66.41 -124.84
CA GLY MB 576 -79.53 -65.21 -125.47
C GLY MB 576 -78.79 -63.96 -125.06
N ARG MB 577 -78.16 -63.98 -123.89
CA ARG MB 577 -77.35 -62.86 -123.45
C ARG MB 577 -76.10 -62.73 -124.30
N ILE MB 578 -75.66 -61.49 -124.48
CA ILE MB 578 -74.52 -61.18 -125.34
C ILE MB 578 -73.24 -61.64 -124.65
N PRO MB 579 -72.48 -62.56 -125.24
CA PRO MB 579 -71.21 -62.96 -124.64
C PRO MB 579 -70.03 -62.18 -125.20
N ASP MB 580 -69.07 -61.88 -124.34
CA ASP MB 580 -67.87 -61.19 -124.78
C ASP MB 580 -67.00 -62.15 -125.57
N PRO MB 581 -66.58 -61.78 -126.78
CA PRO MB 581 -65.77 -62.71 -127.60
C PRO MB 581 -64.37 -62.87 -127.04
N LEU MB 582 -63.81 -64.06 -127.23
CA LEU MB 582 -62.48 -64.35 -126.72
C LEU MB 582 -61.40 -63.67 -127.55
N CYS MB 583 -61.53 -63.70 -128.88
CA CYS MB 583 -60.55 -63.09 -129.75
C CYS MB 583 -61.23 -62.64 -131.04
N VAL MB 584 -60.61 -61.68 -131.70
CA VAL MB 584 -61.09 -61.14 -132.97
C VAL MB 584 -59.97 -61.24 -133.98
N ILE MB 585 -60.25 -61.83 -135.14
CA ILE MB 585 -59.27 -62.00 -136.21
C ILE MB 585 -59.86 -61.37 -137.47
N GLN MB 586 -59.20 -60.35 -137.99
CA GLN MB 586 -59.60 -59.69 -139.22
C GLN MB 586 -58.54 -59.93 -140.29
N ILE MB 587 -58.97 -60.44 -141.45
CA ILE MB 587 -58.07 -60.78 -142.53
C ILE MB 587 -58.68 -60.28 -143.84
N ALA MB 588 -57.88 -60.32 -144.90
CA ALA MB 588 -58.32 -59.93 -146.22
C ALA MB 588 -57.71 -60.86 -147.25
N LEU MB 589 -58.38 -60.97 -148.39
CA LEU MB 589 -57.90 -61.80 -149.49
C LEU MB 589 -56.95 -61.02 -150.38
N GLU MB 590 -56.24 -61.74 -151.23
CA GLU MB 590 -55.31 -61.13 -152.17
C GLU MB 590 -55.27 -61.96 -153.44
N GLY MB 591 -55.11 -61.28 -154.57
CA GLY MB 591 -55.05 -61.96 -155.86
C GLY MB 591 -55.43 -61.06 -157.01
N GLU MB 592 -56.32 -61.53 -157.87
CA GLU MB 592 -56.79 -60.77 -159.02
C GLU MB 592 -58.30 -60.91 -159.16
N ILE MB 593 -59.01 -60.82 -158.04
CA ILE MB 593 -60.46 -61.02 -158.03
C ILE MB 593 -61.17 -59.72 -157.65
N SER MB 594 -60.91 -59.23 -156.44
CA SER MB 594 -61.56 -58.02 -155.96
C SER MB 594 -60.95 -56.77 -156.56
N GLY MB 610 -54.16 -52.53 -151.24
CA GLY MB 610 -54.68 -53.72 -150.61
C GLY MB 610 -53.96 -54.99 -151.04
N ASP MB 611 -52.83 -54.82 -151.71
CA ASP MB 611 -52.01 -55.93 -152.19
C ASP MB 611 -50.58 -55.78 -151.71
N LEU MB 612 -50.43 -55.48 -150.41
CA LEU MB 612 -49.09 -55.30 -149.83
C LEU MB 612 -48.30 -56.60 -149.81
N ILE MB 613 -48.99 -57.72 -149.56
CA ILE MB 613 -48.34 -59.02 -149.71
C ILE MB 613 -47.94 -59.28 -151.15
N PRO MB 614 -48.76 -58.98 -152.16
CA PRO MB 614 -48.33 -59.22 -153.54
C PRO MB 614 -47.30 -58.22 -154.03
N TRP MB 615 -47.34 -56.98 -153.54
CA TRP MB 615 -46.33 -55.99 -153.93
C TRP MB 615 -44.96 -56.35 -153.36
N LEU MB 616 -44.93 -56.85 -152.12
CA LEU MB 616 -43.67 -57.28 -151.53
C LEU MB 616 -43.16 -58.56 -152.20
N ILE MB 617 -44.08 -59.44 -152.61
CA ILE MB 617 -43.69 -60.66 -153.30
C ILE MB 617 -43.15 -60.34 -154.69
N SER MB 618 -43.76 -59.37 -155.37
CA SER MB 618 -43.25 -58.92 -156.66
C SER MB 618 -41.93 -58.19 -156.52
N GLN MB 619 -41.74 -57.47 -155.41
CA GLN MB 619 -40.45 -56.83 -155.15
C GLN MB 619 -39.39 -57.85 -154.78
N GLN MB 620 -39.78 -58.94 -154.11
CA GLN MB 620 -38.80 -59.94 -153.69
C GLN MB 620 -38.30 -60.75 -154.88
N PHE MB 621 -39.20 -61.19 -155.75
CA PHE MB 621 -38.83 -62.04 -156.88
C PHE MB 621 -39.89 -61.89 -157.96
N GLN MB 622 -39.67 -62.56 -159.09
CA GLN MB 622 -40.61 -62.59 -160.19
C GLN MB 622 -41.43 -63.88 -160.08
N ASP MB 623 -42.54 -63.81 -159.36
CA ASP MB 623 -43.45 -64.93 -159.15
C ASP MB 623 -44.85 -64.47 -159.53
N GLU MB 624 -45.19 -64.58 -160.81
CA GLU MB 624 -46.53 -64.21 -161.26
C GLU MB 624 -47.56 -65.24 -160.80
N GLU MB 625 -47.14 -66.49 -160.58
CA GLU MB 625 -48.03 -67.48 -160.01
C GLU MB 625 -48.39 -67.13 -158.57
N PHE MB 626 -47.40 -66.69 -157.79
CA PHE MB 626 -47.68 -66.25 -156.42
C PHE MB 626 -48.39 -64.90 -156.41
N ALA MB 627 -48.18 -64.08 -157.43
CA ALA MB 627 -48.90 -62.81 -157.52
C ALA MB 627 -50.37 -63.02 -157.84
N SER MB 628 -50.68 -64.00 -158.69
CA SER MB 628 -52.05 -64.30 -159.07
C SER MB 628 -52.71 -65.33 -158.17
N LEU MB 629 -51.99 -65.84 -157.17
CA LEU MB 629 -52.56 -66.85 -156.27
C LEU MB 629 -53.54 -66.19 -155.30
N SER MB 630 -54.33 -67.04 -154.65
CA SER MB 630 -55.32 -66.58 -153.66
C SER MB 630 -54.64 -66.53 -152.30
N GLY MB 631 -54.03 -65.39 -151.99
CA GLY MB 631 -53.36 -65.20 -150.73
C GLY MB 631 -54.24 -64.51 -149.70
N ALA MB 632 -53.96 -64.77 -148.43
CA ALA MB 632 -54.70 -64.20 -147.32
C ALA MB 632 -53.76 -63.40 -146.45
N ARG MB 633 -54.11 -62.14 -146.21
CA ARG MB 633 -53.32 -61.24 -145.37
C ARG MB 633 -54.15 -60.91 -144.13
N ILE MB 634 -53.65 -61.32 -142.97
CA ILE MB 634 -54.33 -61.07 -141.70
C ILE MB 634 -54.09 -59.62 -141.31
N VAL MB 635 -55.15 -58.81 -141.34
CA VAL MB 635 -55.02 -57.40 -140.98
C VAL MB 635 -54.77 -57.26 -139.47
N ARG MB 636 -55.54 -57.96 -138.65
CA ARG MB 636 -55.39 -57.91 -137.21
C ARG MB 636 -55.96 -59.18 -136.60
N ILE MB 637 -55.24 -59.73 -135.62
CA ILE MB 637 -55.71 -60.88 -134.87
C ILE MB 637 -55.20 -60.77 -133.44
N ALA MB 638 -56.12 -60.66 -132.49
CA ALA MB 638 -55.73 -60.44 -131.10
C ALA MB 638 -56.81 -60.96 -130.16
N THR MB 639 -56.37 -61.44 -129.01
CA THR MB 639 -57.24 -61.78 -127.89
C THR MB 639 -57.38 -60.56 -126.98
N ASN MB 640 -57.85 -60.77 -125.75
CA ASN MB 640 -57.92 -59.69 -124.78
C ASN MB 640 -56.53 -59.21 -124.39
N PRO MB 641 -56.41 -57.97 -123.90
CA PRO MB 641 -55.08 -57.36 -123.74
C PRO MB 641 -54.21 -57.99 -122.68
N GLU MB 642 -54.80 -58.59 -121.64
CA GLU MB 642 -54.04 -59.31 -120.64
C GLU MB 642 -54.24 -60.83 -120.75
N TYR MB 643 -54.75 -61.31 -121.88
CA TYR MB 643 -54.98 -62.73 -122.11
C TYR MB 643 -53.90 -63.35 -122.98
N ALA MB 644 -52.67 -62.84 -122.90
CA ALA MB 644 -51.58 -63.38 -123.71
C ALA MB 644 -51.15 -64.76 -123.25
N SER MB 645 -51.34 -65.09 -121.97
CA SER MB 645 -51.00 -66.40 -121.45
C SER MB 645 -52.14 -67.41 -121.60
N MET MB 646 -53.27 -67.00 -122.14
CA MET MB 646 -54.38 -67.92 -122.33
C MET MB 646 -54.11 -68.90 -123.46
N GLY MB 647 -53.38 -68.46 -124.48
CA GLY MB 647 -53.12 -69.29 -125.64
C GLY MB 647 -54.28 -69.47 -126.59
N TYR MB 648 -55.35 -68.69 -126.42
CA TYR MB 648 -56.53 -68.84 -127.27
C TYR MB 648 -56.26 -68.37 -128.69
N GLY MB 649 -55.27 -67.50 -128.89
CA GLY MB 649 -54.88 -67.13 -130.24
C GLY MB 649 -54.28 -68.28 -131.02
N SER MB 650 -53.59 -69.20 -130.32
CA SER MB 650 -53.06 -70.39 -130.97
C SER MB 650 -54.19 -71.31 -131.43
N ARG MB 651 -55.24 -71.44 -130.63
CA ARG MB 651 -56.43 -72.17 -131.08
C ARG MB 651 -57.16 -71.43 -132.18
N ALA MB 652 -57.15 -70.09 -132.13
CA ALA MB 652 -57.76 -69.31 -133.19
C ALA MB 652 -56.99 -69.42 -134.49
N ILE MB 653 -55.67 -69.48 -134.42
CA ILE MB 653 -54.85 -69.75 -135.61
C ILE MB 653 -55.10 -71.16 -136.11
N GLU MB 654 -55.31 -72.11 -135.18
CA GLU MB 654 -55.71 -73.45 -135.57
C GLU MB 654 -57.11 -73.46 -136.17
N LEU MB 655 -58.00 -72.62 -135.63
CA LEU MB 655 -59.35 -72.52 -136.18
C LEU MB 655 -59.33 -71.84 -137.54
N LEU MB 656 -58.46 -70.84 -137.72
CA LEU MB 656 -58.34 -70.19 -139.02
C LEU MB 656 -57.74 -71.12 -140.06
N ARG MB 657 -56.79 -71.95 -139.66
CA ARG MB 657 -56.25 -72.97 -140.57
C ARG MB 657 -57.30 -74.02 -140.88
N ASP MB 658 -58.13 -74.38 -139.89
CA ASP MB 658 -59.22 -75.31 -140.13
C ASP MB 658 -60.30 -74.71 -141.01
N TYR MB 659 -60.52 -73.40 -140.92
CA TYR MB 659 -61.49 -72.73 -141.79
C TYR MB 659 -61.04 -72.75 -143.24
N PHE MB 660 -59.73 -72.67 -143.48
CA PHE MB 660 -59.21 -72.84 -144.83
C PHE MB 660 -59.32 -74.29 -145.27
N GLU MB 661 -59.21 -75.24 -144.34
CA GLU MB 661 -59.22 -76.66 -144.65
C GLU MB 661 -60.54 -77.32 -144.30
N GLY MB 662 -61.62 -76.55 -144.22
CA GLY MB 662 -62.95 -77.09 -143.96
C GLY MB 662 -63.17 -77.54 -142.53
N THR MB 703 -86.66 -56.30 -140.87
CA THR MB 703 -85.62 -56.00 -139.89
C THR MB 703 -84.24 -56.10 -140.53
N LEU MB 704 -83.56 -57.23 -140.33
CA LEU MB 704 -82.22 -57.43 -140.83
C LEU MB 704 -81.94 -58.92 -140.94
N PRO MB 705 -80.75 -59.31 -141.39
CA PRO MB 705 -80.40 -60.74 -141.45
C PRO MB 705 -80.02 -61.27 -140.09
N PRO MB 706 -79.57 -62.53 -140.00
CA PRO MB 706 -79.20 -63.09 -138.70
C PRO MB 706 -77.96 -62.45 -138.13
N LEU MB 707 -77.95 -62.27 -136.80
CA LEU MB 707 -76.84 -61.60 -136.15
C LEU MB 707 -75.66 -62.55 -135.94
N LEU MB 708 -75.88 -63.66 -135.23
CA LEU MB 708 -74.83 -64.62 -134.96
C LEU MB 708 -74.68 -65.55 -136.16
N LEU MB 709 -73.62 -65.35 -136.94
CA LEU MB 709 -73.35 -66.18 -138.10
C LEU MB 709 -72.57 -67.41 -137.67
N LYS MB 710 -73.01 -68.58 -138.13
CA LYS MB 710 -72.37 -69.83 -137.76
C LYS MB 710 -71.03 -69.99 -138.47
N LEU MB 711 -70.11 -70.69 -137.80
CA LEU MB 711 -68.81 -70.95 -138.40
C LEU MB 711 -68.91 -71.96 -139.54
N SER MB 712 -69.76 -72.97 -139.39
CA SER MB 712 -69.92 -73.98 -140.43
C SER MB 712 -70.73 -73.46 -141.61
N GLU MB 713 -71.61 -72.49 -141.38
CA GLU MB 713 -72.49 -71.97 -142.43
C GLU MB 713 -71.83 -70.81 -143.17
N GLN MB 714 -70.68 -71.10 -143.78
CA GLN MB 714 -69.94 -70.12 -144.57
C GLN MB 714 -69.06 -70.84 -145.58
N PRO MB 715 -69.24 -70.57 -146.88
CA PRO MB 715 -68.37 -71.20 -147.87
C PRO MB 715 -67.11 -70.37 -148.08
N PRO MB 716 -65.94 -70.97 -147.88
CA PRO MB 716 -64.69 -70.22 -148.09
C PRO MB 716 -64.15 -70.36 -149.50
N HIS MB 717 -63.46 -69.31 -149.94
CA HIS MB 717 -62.82 -69.32 -151.24
C HIS MB 717 -61.62 -70.26 -151.25
N TYR MB 718 -61.26 -70.72 -152.44
CA TYR MB 718 -60.13 -71.64 -152.61
C TYR MB 718 -58.83 -70.87 -152.44
N LEU MB 719 -58.46 -70.64 -151.19
CA LEU MB 719 -57.26 -69.86 -150.88
C LEU MB 719 -56.01 -70.69 -151.15
N HIS MB 720 -55.00 -70.03 -151.72
CA HIS MB 720 -53.73 -70.71 -151.98
C HIS MB 720 -52.85 -70.74 -150.74
N TYR MB 721 -52.75 -69.61 -150.04
CA TYR MB 721 -51.91 -69.51 -148.86
C TYR MB 721 -52.42 -68.38 -147.98
N LEU MB 722 -51.95 -68.37 -146.74
CA LEU MB 722 -52.30 -67.33 -145.78
C LEU MB 722 -51.02 -66.74 -145.19
N GLY MB 723 -51.18 -65.71 -144.39
CA GLY MB 723 -50.04 -65.06 -143.76
C GLY MB 723 -50.42 -63.69 -143.25
N VAL MB 724 -49.41 -63.02 -142.68
CA VAL MB 724 -49.58 -61.68 -142.16
C VAL MB 724 -48.27 -60.91 -142.30
N SER MB 725 -48.30 -59.62 -141.95
CA SER MB 725 -47.11 -58.78 -141.92
C SER MB 725 -47.07 -58.10 -140.56
N TYR MB 726 -46.11 -58.50 -139.73
CA TYR MB 726 -46.01 -58.02 -138.37
C TYR MB 726 -44.62 -57.45 -138.11
N GLY MB 727 -44.49 -56.72 -137.01
CA GLY MB 727 -43.20 -56.21 -136.62
C GLY MB 727 -42.29 -57.29 -136.08
N LEU MB 728 -41.02 -56.93 -135.91
CA LEU MB 728 -40.01 -57.90 -135.47
C LEU MB 728 -39.96 -58.00 -133.95
N THR MB 729 -41.11 -58.26 -133.32
CA THR MB 729 -41.14 -58.45 -131.89
C THR MB 729 -40.83 -59.92 -131.55
N GLN MB 730 -40.22 -60.12 -130.39
CA GLN MB 730 -39.92 -61.48 -129.92
C GLN MB 730 -41.19 -62.24 -129.61
N SER MB 731 -42.18 -61.56 -129.02
CA SER MB 731 -43.47 -62.19 -128.76
C SER MB 731 -44.23 -62.47 -130.05
N LEU MB 732 -44.14 -61.54 -131.01
CA LEU MB 732 -44.78 -61.74 -132.31
C LEU MB 732 -44.10 -62.88 -133.07
N HIS MB 733 -42.78 -62.99 -132.95
CA HIS MB 733 -42.08 -64.14 -133.52
C HIS MB 733 -42.44 -65.42 -132.79
N LYS MB 734 -42.70 -65.33 -131.48
CA LYS MB 734 -43.12 -66.50 -130.72
C LYS MB 734 -44.51 -66.96 -131.11
N PHE MB 735 -45.41 -66.01 -131.40
CA PHE MB 735 -46.74 -66.37 -131.87
C PHE MB 735 -46.68 -66.99 -133.26
N TRP MB 736 -45.77 -66.49 -134.11
CA TRP MB 736 -45.58 -67.09 -135.42
C TRP MB 736 -44.86 -68.43 -135.33
N LYS MB 737 -44.01 -68.61 -134.32
CA LYS MB 737 -43.38 -69.91 -134.09
C LYS MB 737 -44.39 -70.95 -133.64
N ASN MB 738 -45.37 -70.56 -132.82
CA ASN MB 738 -46.47 -71.46 -132.49
C ASN MB 738 -47.36 -71.67 -133.71
N ASN MB 739 -47.45 -70.68 -134.58
CA ASN MB 739 -48.19 -70.82 -135.83
C ASN MB 739 -47.30 -71.44 -136.91
N SER MB 740 -47.78 -71.41 -138.16
CA SER MB 740 -47.01 -71.91 -139.28
C SER MB 740 -46.58 -70.80 -140.23
N PHE MB 741 -46.76 -69.54 -139.82
CA PHE MB 741 -46.42 -68.40 -140.67
C PHE MB 741 -44.91 -68.18 -140.70
N VAL MB 742 -44.23 -68.80 -141.64
CA VAL MB 742 -42.78 -68.63 -141.76
C VAL MB 742 -42.48 -67.27 -142.37
N PRO MB 743 -41.62 -66.46 -141.76
CA PRO MB 743 -41.30 -65.15 -142.35
C PRO MB 743 -40.39 -65.30 -143.56
N VAL MB 744 -40.64 -64.46 -144.57
CA VAL MB 744 -39.85 -64.48 -145.79
C VAL MB 744 -39.31 -63.08 -146.07
N TYR MB 745 -40.21 -62.11 -146.18
CA TYR MB 745 -39.85 -60.75 -146.55
C TYR MB 745 -39.71 -59.90 -145.29
N LEU MB 746 -38.53 -59.32 -145.11
CA LEU MB 746 -38.25 -58.43 -143.99
C LEU MB 746 -37.87 -57.07 -144.54
N ARG MB 747 -38.47 -56.02 -143.96
CA ARG MB 747 -38.16 -54.66 -144.39
C ARG MB 747 -36.79 -54.25 -143.87
N GLN MB 748 -35.90 -53.88 -144.79
CA GLN MB 748 -34.55 -53.47 -144.38
C GLN MB 748 -34.58 -52.11 -143.69
N THR MB 749 -35.35 -51.18 -144.23
CA THR MB 749 -35.51 -49.86 -143.60
C THR MB 749 -36.65 -49.95 -142.59
N ALA MB 750 -36.32 -49.80 -141.32
CA ALA MB 750 -37.31 -49.90 -140.26
C ALA MB 750 -38.20 -48.67 -140.25
N ASN MB 751 -39.40 -48.85 -139.69
CA ASN MB 751 -40.36 -47.75 -139.58
C ASN MB 751 -39.88 -46.75 -138.54
N ASP MB 752 -39.92 -45.46 -138.91
CA ASP MB 752 -39.44 -44.41 -138.00
C ASP MB 752 -40.38 -44.22 -136.82
N LEU MB 753 -41.70 -44.27 -137.07
CA LEU MB 753 -42.65 -44.08 -135.98
C LEU MB 753 -42.71 -45.31 -135.09
N THR MB 754 -42.68 -46.51 -135.68
CA THR MB 754 -42.75 -47.73 -134.88
C THR MB 754 -41.44 -48.02 -134.18
N GLY MB 755 -40.31 -47.73 -134.83
CA GLY MB 755 -39.02 -48.06 -134.27
C GLY MB 755 -38.58 -49.49 -134.52
N GLU MB 756 -39.35 -50.27 -135.27
CA GLU MB 756 -39.02 -51.65 -135.57
C GLU MB 756 -39.24 -51.93 -137.05
N HIS MB 757 -38.50 -52.91 -137.56
CA HIS MB 757 -38.66 -53.32 -138.95
C HIS MB 757 -39.94 -54.12 -139.14
N THR MB 758 -40.34 -54.27 -140.39
CA THR MB 758 -41.56 -54.98 -140.75
C THR MB 758 -41.19 -56.34 -141.35
N CYS MB 759 -41.81 -57.40 -140.84
CA CYS MB 759 -41.56 -58.75 -141.30
C CYS MB 759 -42.84 -59.32 -141.91
N VAL MB 760 -42.75 -59.78 -143.14
CA VAL MB 760 -43.89 -60.35 -143.86
C VAL MB 760 -43.75 -61.86 -143.83
N MET MB 761 -44.77 -62.54 -143.31
CA MET MB 761 -44.77 -63.98 -143.16
C MET MB 761 -45.88 -64.59 -144.01
N LEU MB 762 -45.64 -65.81 -144.48
CA LEU MB 762 -46.60 -66.54 -145.29
C LEU MB 762 -46.69 -67.98 -144.79
N ASN MB 763 -47.83 -68.61 -145.08
CA ASN MB 763 -48.05 -70.00 -144.70
C ASN MB 763 -49.00 -70.62 -145.72
N VAL MB 764 -48.61 -71.77 -146.26
CA VAL MB 764 -49.44 -72.44 -147.26
C VAL MB 764 -50.51 -73.24 -146.54
N LEU MB 765 -51.64 -72.59 -146.24
CA LEU MB 765 -52.73 -73.23 -145.50
C LEU MB 765 -53.77 -73.79 -146.47
N GLU MB 766 -53.31 -74.70 -147.32
CA GLU MB 766 -54.18 -75.32 -148.31
C GLU MB 766 -53.67 -76.71 -148.62
N GLY MB 767 -54.56 -77.54 -149.15
CA GLY MB 767 -54.16 -78.85 -149.64
C GLY MB 767 -53.26 -78.77 -150.85
N ARG MB 768 -53.46 -77.77 -151.69
CA ARG MB 768 -52.61 -77.57 -152.86
C ARG MB 768 -51.24 -77.06 -152.43
N GLU MB 769 -50.20 -77.67 -152.97
CA GLU MB 769 -48.82 -77.27 -152.69
C GLU MB 769 -48.19 -76.71 -153.95
N SER MB 770 -47.34 -75.71 -153.76
CA SER MB 770 -46.71 -75.02 -154.87
C SER MB 770 -45.20 -75.13 -154.87
N ASN MB 771 -44.59 -75.26 -153.68
CA ASN MB 771 -43.15 -75.39 -153.41
C ASN MB 771 -42.35 -74.14 -153.79
N TRP MB 772 -43.02 -73.09 -154.26
CA TRP MB 772 -42.34 -71.81 -154.45
C TRP MB 772 -42.14 -71.09 -153.11
N LEU MB 773 -43.00 -71.38 -152.14
CA LEU MB 773 -42.81 -70.84 -150.80
C LEU MB 773 -41.56 -71.43 -150.14
N VAL MB 774 -41.30 -72.72 -150.37
CA VAL MB 774 -40.08 -73.33 -149.86
C VAL MB 774 -38.85 -72.80 -150.60
N GLU MB 775 -38.98 -72.56 -151.90
CA GLU MB 775 -37.87 -72.02 -152.67
C GLU MB 775 -37.58 -70.57 -152.30
N PHE MB 776 -38.63 -69.77 -152.05
CA PHE MB 776 -38.42 -68.39 -151.66
C PHE MB 776 -37.90 -68.28 -150.23
N ALA MB 777 -38.23 -69.26 -149.38
CA ALA MB 777 -37.72 -69.24 -148.01
C ALA MB 777 -36.22 -69.52 -147.98
N LYS MB 778 -35.75 -70.41 -148.86
CA LYS MB 778 -34.31 -70.64 -148.99
C LYS MB 778 -33.62 -69.39 -149.54
N ASP MB 779 -34.26 -68.68 -150.46
CA ASP MB 779 -33.76 -67.39 -150.89
C ASP MB 779 -33.82 -66.37 -149.76
N PHE MB 780 -34.89 -66.41 -148.96
CA PHE MB 780 -35.00 -65.51 -147.82
C PHE MB 780 -34.00 -65.87 -146.73
N ARG MB 781 -33.68 -67.17 -146.59
CA ARG MB 781 -32.64 -67.58 -145.65
C ARG MB 781 -31.28 -67.07 -146.08
N LYS MB 782 -31.00 -67.12 -147.38
CA LYS MB 782 -29.73 -66.58 -147.89
C LYS MB 782 -29.73 -65.07 -147.83
N ARG MB 783 -30.89 -64.44 -148.02
CA ARG MB 783 -30.98 -62.98 -147.93
C ARG MB 783 -30.80 -62.50 -146.50
N PHE MB 784 -31.40 -63.20 -145.54
CA PHE MB 784 -31.31 -62.78 -144.15
C PHE MB 784 -29.91 -62.99 -143.59
N LEU MB 785 -29.21 -64.01 -144.07
CA LEU MB 785 -27.82 -64.21 -143.69
C LEU MB 785 -26.94 -63.09 -144.25
N SER MB 786 -27.20 -62.66 -145.47
CA SER MB 786 -26.42 -61.57 -146.06
C SER MB 786 -26.80 -60.23 -145.45
N LEU MB 787 -28.07 -60.06 -145.08
CA LEU MB 787 -28.51 -58.80 -144.49
C LEU MB 787 -28.09 -58.65 -143.04
N LEU MB 788 -27.58 -59.71 -142.42
CA LEU MB 788 -27.01 -59.63 -141.09
C LEU MB 788 -25.78 -58.74 -141.10
N SER MB 789 -25.87 -57.61 -140.38
CA SER MB 789 -24.84 -56.57 -140.19
C SER MB 789 -24.51 -55.79 -141.46
N TYR MB 790 -25.12 -56.14 -142.59
CA TYR MB 790 -25.04 -55.25 -143.75
C TYR MB 790 -25.93 -54.03 -143.53
N ASP MB 791 -27.15 -54.25 -143.03
CA ASP MB 791 -28.00 -53.17 -142.56
C ASP MB 791 -28.56 -53.51 -141.18
N PHE MB 792 -28.67 -54.80 -140.89
CA PHE MB 792 -29.21 -55.26 -139.62
C PHE MB 792 -28.11 -55.47 -138.57
N HIS MB 793 -27.33 -54.43 -138.32
CA HIS MB 793 -26.28 -54.51 -137.31
C HIS MB 793 -26.87 -54.53 -135.91
N LYS MB 794 -27.85 -53.66 -135.65
CA LYS MB 794 -28.48 -53.56 -134.33
C LYS MB 794 -29.74 -54.41 -134.34
N PHE MB 795 -29.59 -55.67 -133.94
CA PHE MB 795 -30.71 -56.59 -133.83
C PHE MB 795 -30.41 -57.60 -132.74
N THR MB 796 -31.47 -58.21 -132.22
CA THR MB 796 -31.32 -59.22 -131.18
C THR MB 796 -30.76 -60.50 -131.78
N ALA MB 797 -29.71 -61.04 -131.15
CA ALA MB 797 -29.06 -62.24 -131.68
C ALA MB 797 -29.92 -63.47 -131.48
N VAL MB 798 -30.65 -63.54 -130.37
CA VAL MB 798 -31.55 -64.67 -130.13
C VAL MB 798 -32.73 -64.63 -131.09
N GLN MB 799 -33.24 -63.44 -131.38
CA GLN MB 799 -34.33 -63.30 -132.34
C GLN MB 799 -33.85 -63.62 -133.76
N ALA MB 800 -32.61 -63.26 -134.08
CA ALA MB 800 -32.04 -63.64 -135.37
C ALA MB 800 -31.84 -65.14 -135.47
N LEU MB 801 -31.47 -65.78 -134.35
CA LEU MB 801 -31.40 -67.23 -134.32
C LEU MB 801 -32.78 -67.86 -134.44
N SER MB 802 -33.79 -67.20 -133.86
CA SER MB 802 -35.16 -67.69 -133.99
C SER MB 802 -35.68 -67.52 -135.42
N VAL MB 803 -35.26 -66.44 -136.09
CA VAL MB 803 -35.61 -66.27 -137.50
C VAL MB 803 -34.90 -67.30 -138.36
N ILE MB 804 -33.65 -67.64 -138.01
CA ILE MB 804 -32.92 -68.68 -138.71
C ILE MB 804 -33.56 -70.04 -138.47
N GLU MB 805 -34.08 -70.26 -137.26
CA GLU MB 805 -34.83 -71.48 -136.98
C GLU MB 805 -36.16 -71.50 -137.73
N SER MB 806 -36.76 -70.32 -137.95
CA SER MB 806 -37.97 -70.23 -138.74
C SER MB 806 -37.70 -70.57 -140.21
N SER MB 807 -36.55 -70.16 -140.72
CA SER MB 807 -36.17 -70.51 -142.08
C SER MB 807 -35.81 -71.98 -142.19
N LYS MB 808 -35.20 -72.54 -141.14
CA LYS MB 808 -34.83 -73.96 -141.14
C LYS MB 808 -36.06 -74.85 -141.04
N LYS MB 809 -37.08 -74.42 -140.29
CA LYS MB 809 -38.31 -75.18 -140.20
C LYS MB 809 -39.09 -75.17 -141.51
N ALA MB 810 -39.03 -74.05 -142.24
CA ALA MB 810 -39.63 -74.00 -143.57
C ALA MB 810 -38.84 -74.86 -144.55
N GLN MB 811 -37.53 -74.98 -144.35
CA GLN MB 811 -36.72 -75.90 -145.15
C GLN MB 811 -37.07 -77.35 -144.84
N ASP MB 812 -37.41 -77.63 -143.58
CA ASP MB 812 -37.84 -78.97 -143.18
C ASP MB 812 -39.35 -79.16 -143.31
N LEU MB 813 -40.06 -78.19 -143.87
CA LEU MB 813 -41.51 -78.24 -144.01
C LEU MB 813 -41.93 -79.11 -145.19
N SER MB 814 -43.20 -79.00 -145.59
CA SER MB 814 -43.75 -79.81 -146.66
C SER MB 814 -43.18 -79.39 -148.02
N ASP MB 815 -43.60 -80.14 -149.05
CA ASP MB 815 -43.08 -80.05 -150.43
C ASP MB 815 -41.56 -80.21 -150.45
N ASP MB 816 -41.06 -81.19 -149.69
CA ASP MB 816 -39.64 -81.48 -149.61
C ASP MB 816 -39.37 -82.73 -150.45
N GLU MB 817 -39.18 -82.52 -151.75
CA GLU MB 817 -38.92 -83.61 -152.69
C GLU MB 817 -37.56 -83.52 -153.34
N LYS MB 818 -37.21 -82.38 -153.93
CA LYS MB 818 -35.94 -82.24 -154.64
C LYS MB 818 -35.26 -80.92 -154.33
N HIS MB 819 -35.49 -80.37 -153.14
CA HIS MB 819 -34.86 -79.12 -152.72
C HIS MB 819 -33.79 -79.35 -151.66
N ASP MB 820 -33.28 -80.58 -151.54
CA ASP MB 820 -32.28 -80.90 -150.53
C ASP MB 820 -30.92 -80.38 -150.97
N ASN MB 821 -30.28 -79.59 -150.12
CA ASN MB 821 -28.97 -79.03 -150.42
C ASN MB 821 -27.89 -80.10 -150.26
N LYS MB 822 -26.78 -79.88 -150.96
CA LYS MB 822 -25.65 -80.80 -150.93
C LYS MB 822 -24.56 -80.30 -149.99
N GLU MB 823 -23.55 -81.14 -149.80
CA GLU MB 823 -22.41 -80.81 -148.95
C GLU MB 823 -21.36 -80.07 -149.78
N LEU MB 824 -20.16 -79.91 -149.22
CA LEU MB 824 -19.08 -79.21 -149.88
C LEU MB 824 -18.08 -80.21 -150.45
N THR MB 825 -17.73 -80.04 -151.72
CA THR MB 825 -16.73 -80.88 -152.36
C THR MB 825 -15.32 -80.47 -151.93
N ARG MB 826 -14.35 -81.29 -152.33
CA ARG MB 826 -12.95 -80.96 -152.07
C ARG MB 826 -12.52 -79.71 -152.84
N THR MB 827 -12.97 -79.58 -154.09
CA THR MB 827 -12.71 -78.36 -154.84
C THR MB 827 -13.53 -77.20 -154.30
N HIS MB 828 -14.74 -77.47 -153.81
CA HIS MB 828 -15.56 -76.42 -153.20
C HIS MB 828 -14.95 -75.94 -151.90
N LEU MB 829 -14.36 -76.85 -151.12
CA LEU MB 829 -13.69 -76.45 -149.89
C LEU MB 829 -12.38 -75.71 -150.18
N ASP MB 830 -11.71 -76.05 -151.28
CA ASP MB 830 -10.48 -75.37 -151.65
C ASP MB 830 -10.75 -73.92 -152.06
N ASP MB 831 -11.87 -73.68 -152.74
CA ASP MB 831 -12.24 -72.32 -153.10
C ASP MB 831 -12.74 -71.54 -151.89
N ILE MB 832 -13.25 -72.23 -150.88
CA ILE MB 832 -13.78 -71.56 -149.70
C ILE MB 832 -12.64 -71.02 -148.84
N PHE MB 833 -11.64 -71.86 -148.55
CA PHE MB 833 -10.54 -71.47 -147.70
C PHE MB 833 -9.22 -71.97 -148.29
N SER MB 834 -8.16 -71.21 -148.03
CA SER MB 834 -6.85 -71.57 -148.52
C SER MB 834 -6.22 -72.67 -147.65
N PRO MB 835 -5.23 -73.38 -148.18
CA PRO MB 835 -4.50 -74.35 -147.34
C PRO MB 835 -3.74 -73.73 -146.20
N PHE MB 836 -3.26 -72.49 -146.36
CA PHE MB 836 -2.62 -71.79 -145.25
C PHE MB 836 -3.62 -71.45 -144.16
N ASP MB 837 -4.85 -71.10 -144.55
CA ASP MB 837 -5.91 -70.87 -143.57
C ASP MB 837 -6.32 -72.18 -142.90
N LEU MB 838 -6.27 -73.29 -143.63
CA LEU MB 838 -6.52 -74.59 -143.03
C LEU MB 838 -5.43 -74.95 -142.01
N LYS MB 839 -4.18 -74.61 -142.32
CA LYS MB 839 -3.11 -74.76 -141.35
C LYS MB 839 -3.26 -73.77 -140.21
N ARG MB 840 -3.83 -72.59 -140.49
CA ARG MB 840 -4.14 -71.64 -139.43
C ARG MB 840 -5.24 -72.17 -138.53
N LEU MB 841 -6.21 -72.89 -139.10
CA LEU MB 841 -7.27 -73.48 -138.31
C LEU MB 841 -6.75 -74.62 -137.44
N ASP MB 842 -5.72 -75.33 -137.91
CA ASP MB 842 -5.08 -76.35 -137.08
C ASP MB 842 -4.36 -75.73 -135.90
N SER MB 843 -3.79 -74.54 -136.09
CA SER MB 843 -3.22 -73.80 -134.97
C SER MB 843 -4.31 -73.34 -134.01
N TYR MB 844 -5.50 -73.02 -134.53
CA TYR MB 844 -6.64 -72.73 -133.67
C TYR MB 844 -7.10 -73.99 -132.94
N SER MB 845 -6.95 -75.15 -133.57
CA SER MB 845 -7.19 -76.42 -132.88
C SER MB 845 -6.14 -76.68 -131.82
N ASN MB 846 -4.93 -76.14 -131.99
CA ASN MB 846 -3.91 -76.20 -130.96
C ASN MB 846 -4.07 -75.10 -129.91
N ASN MB 847 -5.09 -74.24 -130.07
CA ASN MB 847 -5.51 -73.19 -129.14
C ASN MB 847 -4.46 -72.11 -128.93
N LEU MB 848 -3.44 -72.03 -129.78
CA LEU MB 848 -2.48 -70.95 -129.70
C LEU MB 848 -2.97 -69.70 -130.43
N LEU MB 849 -3.97 -69.83 -131.29
CA LEU MB 849 -4.48 -68.69 -132.03
C LEU MB 849 -5.35 -67.81 -131.12
N ASP MB 850 -5.23 -66.50 -131.30
CA ASP MB 850 -6.02 -65.56 -130.54
C ASP MB 850 -7.41 -65.41 -131.15
N TYR MB 851 -8.23 -64.56 -130.53
CA TYR MB 851 -9.54 -64.25 -131.09
C TYR MB 851 -9.42 -63.40 -132.34
N HIS MB 852 -8.31 -62.67 -132.49
CA HIS MB 852 -8.09 -61.89 -133.69
C HIS MB 852 -7.77 -62.78 -134.89
N VAL MB 853 -6.89 -63.77 -134.68
CA VAL MB 853 -6.50 -64.67 -135.77
C VAL MB 853 -7.66 -65.58 -136.15
N ILE MB 854 -8.42 -66.04 -135.15
CA ILE MB 854 -9.60 -66.85 -135.42
C ILE MB 854 -10.69 -66.01 -136.07
N GLY MB 855 -10.77 -64.72 -135.69
CA GLY MB 855 -11.84 -63.87 -136.19
C GLY MB 855 -11.68 -63.51 -137.65
N ASP MB 856 -10.46 -63.61 -138.19
CA ASP MB 856 -10.25 -63.37 -139.61
C ASP MB 856 -10.88 -64.47 -140.45
N MET MB 857 -10.71 -65.73 -140.03
CA MET MB 857 -11.29 -66.85 -140.77
C MET MB 857 -12.76 -67.06 -140.44
N ILE MB 858 -13.30 -66.31 -139.49
CA ILE MB 858 -14.67 -66.47 -139.00
C ILE MB 858 -15.68 -66.08 -140.08
N PRO MB 859 -15.32 -65.21 -141.04
CA PRO MB 859 -16.31 -64.77 -142.03
C PRO MB 859 -16.76 -65.88 -142.98
N MET MB 860 -15.81 -66.58 -143.60
CA MET MB 860 -16.17 -67.71 -144.44
C MET MB 860 -16.66 -68.89 -143.62
N LEU MB 861 -16.24 -68.99 -142.36
CA LEU MB 861 -16.73 -70.06 -141.49
C LEU MB 861 -18.19 -69.85 -141.13
N ALA MB 862 -18.61 -68.59 -140.99
CA ALA MB 862 -20.00 -68.30 -140.63
C ALA MB 862 -20.95 -68.64 -141.77
N LEU MB 863 -20.55 -68.38 -143.01
CA LEU MB 863 -21.38 -68.73 -144.14
C LEU MB 863 -21.45 -70.24 -144.32
N LEU MB 864 -20.36 -70.95 -143.99
CA LEU MB 864 -20.37 -72.40 -144.05
C LEU MB 864 -21.27 -73.00 -142.99
N TYR MB 865 -21.27 -72.41 -141.79
CA TYR MB 865 -22.13 -72.91 -140.71
C TYR MB 865 -23.60 -72.65 -141.01
N PHE MB 866 -23.91 -71.54 -141.69
CA PHE MB 866 -25.27 -71.34 -142.19
C PHE MB 866 -25.57 -72.28 -143.34
N GLY MB 867 -24.55 -72.66 -144.11
CA GLY MB 867 -24.73 -73.61 -145.18
C GLY MB 867 -24.96 -75.02 -144.68
N ASP MB 868 -25.52 -75.84 -145.56
CA ASP MB 868 -25.87 -77.21 -145.21
C ASP MB 868 -24.68 -78.17 -145.23
N LYS MB 869 -23.52 -77.71 -145.71
CA LYS MB 869 -22.34 -78.57 -145.75
C LYS MB 869 -21.80 -78.84 -144.35
N MET MB 870 -21.70 -77.78 -143.53
CA MET MB 870 -21.26 -77.97 -142.15
C MET MB 870 -22.35 -78.60 -141.29
N GLY MB 871 -23.62 -78.34 -141.62
CA GLY MB 871 -24.72 -78.93 -140.86
C GLY MB 871 -24.82 -80.43 -141.03
N ASP MB 872 -24.48 -80.93 -142.22
CA ASP MB 872 -24.49 -82.37 -142.43
C ASP MB 872 -23.36 -83.06 -141.67
N SER MB 873 -22.25 -82.36 -141.45
CA SER MB 873 -21.12 -82.93 -140.74
C SER MB 873 -21.40 -83.03 -139.25
N VAL MB 874 -21.66 -81.89 -138.61
CA VAL MB 874 -21.92 -81.82 -137.18
C VAL MB 874 -23.03 -80.80 -136.95
N LYS MB 875 -23.45 -80.66 -135.69
CA LYS MB 875 -24.49 -79.71 -135.32
C LYS MB 875 -24.12 -79.13 -133.96
N LEU MB 876 -23.59 -77.91 -133.95
CA LEU MB 876 -23.21 -77.20 -132.74
C LEU MB 876 -24.30 -76.23 -132.30
N SER MB 877 -25.55 -76.65 -132.42
CA SER MB 877 -26.71 -75.75 -132.45
C SER MB 877 -27.14 -75.21 -131.09
N SER MB 878 -26.27 -75.30 -130.08
CA SER MB 878 -26.54 -74.73 -128.77
C SER MB 878 -26.33 -73.22 -128.77
N VAL MB 879 -26.24 -72.63 -127.57
CA VAL MB 879 -26.07 -71.18 -127.44
C VAL MB 879 -24.71 -70.72 -127.94
N GLN MB 880 -23.75 -71.63 -128.09
CA GLN MB 880 -22.47 -71.28 -128.72
C GLN MB 880 -22.67 -70.91 -130.19
N SER MB 881 -23.63 -71.54 -130.87
CA SER MB 881 -23.91 -71.20 -132.26
C SER MB 881 -24.48 -69.79 -132.39
N ALA MB 882 -25.30 -69.37 -131.42
CA ALA MB 882 -25.80 -68.00 -131.43
C ALA MB 882 -24.66 -67.01 -131.22
N ILE MB 883 -23.69 -67.37 -130.38
CA ILE MB 883 -22.48 -66.57 -130.24
C ILE MB 883 -21.66 -66.60 -131.53
N LEU MB 884 -21.64 -67.76 -132.19
CA LEU MB 884 -20.94 -67.87 -133.47
C LEU MB 884 -21.62 -67.05 -134.55
N LEU MB 885 -22.97 -67.04 -134.56
CA LEU MB 885 -23.69 -66.24 -135.54
C LEU MB 885 -23.55 -64.74 -135.25
N ALA MB 886 -23.53 -64.36 -133.97
CA ALA MB 886 -23.40 -62.96 -133.61
C ALA MB 886 -22.00 -62.43 -133.90
N ILE MB 887 -20.97 -63.26 -133.72
CA ILE MB 887 -19.61 -62.82 -134.00
C ILE MB 887 -19.39 -62.69 -135.50
N GLY MB 888 -19.85 -63.67 -136.28
CA GLY MB 888 -19.61 -63.66 -137.70
C GLY MB 888 -20.63 -62.93 -138.53
N LEU MB 889 -21.90 -63.35 -138.46
CA LEU MB 889 -22.93 -62.76 -139.31
C LEU MB 889 -23.32 -61.38 -138.82
N GLN MB 890 -23.48 -61.21 -137.51
CA GLN MB 890 -23.84 -59.90 -136.97
C GLN MB 890 -22.64 -59.00 -136.75
N ARG MB 891 -21.42 -59.52 -136.93
CA ARG MB 891 -20.16 -58.78 -136.92
C ARG MB 891 -19.90 -58.05 -135.61
N LYS MB 892 -20.43 -58.56 -134.50
CA LYS MB 892 -20.27 -57.89 -133.22
C LYS MB 892 -18.89 -58.21 -132.62
N ASN MB 893 -18.47 -57.35 -131.69
CA ASN MB 893 -17.22 -57.57 -130.99
C ASN MB 893 -17.39 -58.67 -129.94
N ILE MB 894 -16.26 -59.12 -129.39
CA ILE MB 894 -16.27 -60.17 -128.38
C ILE MB 894 -16.89 -59.66 -127.08
N ASP MB 895 -16.60 -58.41 -126.73
CA ASP MB 895 -17.22 -57.81 -125.55
C ASP MB 895 -18.71 -57.54 -125.77
N THR MB 896 -19.07 -57.18 -127.01
CA THR MB 896 -20.48 -56.94 -127.31
C THR MB 896 -21.28 -58.24 -127.29
N ILE MB 897 -20.68 -59.33 -127.76
CA ILE MB 897 -21.34 -60.63 -127.73
C ILE MB 897 -21.48 -61.13 -126.30
N ALA MB 898 -20.47 -60.86 -125.47
CA ALA MB 898 -20.49 -61.32 -124.09
C ALA MB 898 -21.55 -60.60 -123.27
N LYS MB 899 -21.76 -59.32 -123.54
CA LYS MB 899 -22.84 -58.59 -122.87
C LYS MB 899 -24.21 -59.05 -123.34
N GLU MB 900 -24.31 -59.46 -124.61
CA GLU MB 900 -25.59 -59.93 -125.13
C GLU MB 900 -25.92 -61.33 -124.62
N LEU MB 901 -24.91 -62.17 -124.45
CA LEU MB 901 -25.11 -63.55 -124.03
C LEU MB 901 -25.12 -63.72 -122.51
N ASN MB 902 -24.85 -62.65 -121.76
CA ASN MB 902 -24.83 -62.62 -120.29
C ASN MB 902 -23.83 -63.62 -119.70
N LEU MB 903 -22.75 -63.89 -120.43
CA LEU MB 903 -21.65 -64.73 -119.96
C LEU MB 903 -20.35 -63.99 -120.25
N PRO MB 904 -20.03 -62.96 -119.46
CA PRO MB 904 -18.95 -62.04 -119.82
C PRO MB 904 -17.54 -62.56 -119.53
N SER MB 905 -17.37 -63.84 -119.25
CA SER MB 905 -16.04 -64.39 -119.02
C SER MB 905 -15.42 -64.78 -120.37
N ASN MB 906 -14.32 -65.53 -120.31
CA ASN MB 906 -13.67 -66.04 -121.50
C ASN MB 906 -14.32 -67.29 -122.05
N GLN MB 907 -15.44 -67.73 -121.45
CA GLN MB 907 -16.15 -68.90 -121.95
C GLN MB 907 -16.77 -68.65 -123.31
N THR MB 908 -17.09 -67.39 -123.62
CA THR MB 908 -17.50 -67.04 -124.97
C THR MB 908 -16.37 -67.27 -125.97
N ILE MB 909 -15.15 -66.92 -125.58
CA ILE MB 909 -13.98 -67.23 -126.40
C ILE MB 909 -13.75 -68.73 -126.43
N ALA MB 910 -14.02 -69.41 -125.32
CA ALA MB 910 -13.85 -70.87 -125.28
C ALA MB 910 -14.88 -71.58 -126.14
N MET MB 911 -16.11 -71.04 -126.20
CA MET MB 911 -17.14 -71.64 -127.03
C MET MB 911 -16.83 -71.48 -128.51
N PHE MB 912 -16.24 -70.35 -128.89
CA PHE MB 912 -15.87 -70.13 -130.28
C PHE MB 912 -14.72 -71.05 -130.70
N ALA MB 913 -13.78 -71.30 -129.78
CA ALA MB 913 -12.70 -72.22 -130.07
C ALA MB 913 -13.21 -73.66 -130.15
N LYS MB 914 -14.21 -74.01 -129.34
CA LYS MB 914 -14.82 -75.33 -129.43
C LYS MB 914 -15.57 -75.50 -130.75
N ILE MB 915 -16.23 -74.43 -131.21
CA ILE MB 915 -16.89 -74.47 -132.52
C ILE MB 915 -15.85 -74.53 -133.63
N MET MB 916 -14.72 -73.83 -133.45
CA MET MB 916 -13.67 -73.85 -134.46
C MET MB 916 -12.98 -75.21 -134.52
N ARG MB 917 -12.74 -75.82 -133.36
CA ARG MB 917 -12.10 -77.13 -133.33
C ARG MB 917 -13.02 -78.23 -133.84
N LYS MB 918 -14.34 -78.03 -133.72
CA LYS MB 918 -15.28 -78.95 -134.33
C LYS MB 918 -15.22 -78.85 -135.85
N MET MB 919 -15.01 -77.64 -136.38
CA MET MB 919 -14.86 -77.47 -137.81
C MET MB 919 -13.52 -78.03 -138.29
N SER MB 920 -12.50 -78.00 -137.44
CA SER MB 920 -11.22 -78.61 -137.78
C SER MB 920 -11.35 -80.13 -137.86
N GLN MB 921 -12.17 -80.73 -137.00
CA GLN MB 921 -12.43 -82.16 -137.11
C GLN MB 921 -13.35 -82.47 -138.29
N TYR MB 922 -14.06 -81.47 -138.81
CA TYR MB 922 -14.96 -81.68 -139.94
C TYR MB 922 -14.22 -81.79 -141.27
N PHE MB 923 -12.91 -81.54 -141.30
CA PHE MB 923 -12.13 -81.68 -142.52
C PHE MB 923 -11.95 -83.14 -142.90
N ALA NB 1 36.63 -44.19 -79.59
CA ALA NB 1 36.20 -44.71 -80.88
C ALA NB 1 35.65 -43.59 -81.77
N LYS NB 2 35.60 -42.38 -81.21
CA LYS NB 2 35.04 -41.25 -81.93
C LYS NB 2 36.06 -40.67 -82.90
N LYS NB 3 36.31 -41.37 -84.01
CA LYS NB 3 37.28 -40.91 -84.99
C LYS NB 3 36.73 -39.75 -85.80
N ALA NB 4 37.63 -38.85 -86.20
CA ALA NB 4 37.24 -37.65 -86.92
C ALA NB 4 36.81 -37.98 -88.33
N ILE NB 5 35.82 -37.23 -88.82
CA ILE NB 5 35.35 -37.31 -90.19
C ILE NB 5 35.81 -36.06 -90.91
N ASP NB 6 35.94 -36.15 -92.22
CA ASP NB 6 36.20 -34.97 -93.03
C ASP NB 6 35.01 -34.02 -92.98
N SER NB 7 35.29 -32.74 -93.14
CA SER NB 7 34.26 -31.70 -93.09
C SER NB 7 33.52 -31.55 -94.40
N ARG NB 8 33.87 -32.32 -95.43
CA ARG NB 8 33.24 -32.16 -96.73
C ARG NB 8 31.82 -32.71 -96.73
N ILE NB 9 31.65 -33.97 -96.27
CA ILE NB 9 30.33 -34.59 -96.29
C ILE NB 9 29.30 -33.95 -95.37
N PRO NB 10 29.65 -33.25 -94.27
CA PRO NB 10 28.62 -32.38 -93.69
C PRO NB 10 28.37 -31.12 -94.50
N SER NB 11 29.42 -30.41 -94.92
CA SER NB 11 29.28 -29.01 -95.36
C SER NB 11 28.44 -28.89 -96.62
N LEU NB 12 28.40 -29.93 -97.44
CA LEU NB 12 27.51 -29.93 -98.59
C LEU NB 12 26.06 -30.12 -98.16
N ILE NB 13 25.84 -30.86 -97.07
CA ILE NB 13 24.48 -31.12 -96.60
C ILE NB 13 23.89 -29.87 -95.94
N ARG NB 14 24.69 -29.16 -95.13
CA ARG NB 14 24.25 -27.89 -94.56
C ARG NB 14 24.01 -26.84 -95.64
N ASN NB 15 24.86 -26.82 -96.68
CA ASN NB 15 24.62 -25.94 -97.81
C ASN NB 15 23.43 -26.43 -98.64
N GLY NB 16 23.20 -27.74 -98.65
CA GLY NB 16 22.08 -28.28 -99.39
C GLY NB 16 20.74 -27.91 -98.78
N VAL NB 17 20.64 -27.95 -97.45
CA VAL NB 17 19.36 -27.66 -96.80
C VAL NB 17 19.09 -26.18 -96.71
N GLN NB 18 20.12 -25.33 -96.75
CA GLN NB 18 19.88 -23.89 -96.76
C GLN NB 18 19.48 -23.39 -98.15
N THR NB 19 19.77 -24.16 -99.19
CA THR NB 19 19.35 -23.82 -100.54
C THR NB 19 18.05 -24.49 -100.93
N LYS NB 20 17.48 -25.31 -100.03
CA LYS NB 20 16.32 -26.17 -100.29
C LYS NB 20 16.55 -27.04 -101.53
N GLN NB 21 17.74 -27.63 -101.61
CA GLN NB 21 18.14 -28.35 -102.80
C GLN NB 21 18.45 -29.81 -102.49
N ARG NB 22 18.74 -30.58 -103.53
CA ARG NB 22 19.01 -32.00 -103.41
C ARG NB 22 20.51 -32.26 -103.41
N SER NB 23 20.89 -33.42 -102.89
CA SER NB 23 22.27 -33.88 -102.92
C SER NB 23 22.28 -35.37 -103.21
N ILE NB 24 23.19 -35.81 -104.06
CA ILE NB 24 23.27 -37.20 -104.48
C ILE NB 24 24.52 -37.81 -103.87
N PHE NB 25 24.34 -38.91 -103.15
CA PHE NB 25 25.43 -39.68 -102.57
C PHE NB 25 25.42 -41.08 -103.13
N VAL NB 26 26.61 -41.66 -103.28
CA VAL NB 26 26.76 -43.09 -103.53
C VAL NB 26 27.68 -43.65 -102.44
N ILE NB 27 27.35 -44.84 -101.95
CA ILE NB 27 28.10 -45.48 -100.88
C ILE NB 27 28.57 -46.84 -101.39
N VAL NB 28 29.84 -46.93 -101.72
CA VAL NB 28 30.46 -48.22 -101.94
C VAL NB 28 30.79 -48.82 -100.58
N GLY NB 29 31.03 -50.12 -100.54
CA GLY NB 29 31.44 -50.78 -99.32
C GLY NB 29 30.67 -52.07 -99.09
N ASP NB 30 31.20 -52.85 -98.14
CA ASP NB 30 30.68 -54.18 -97.90
C ASP NB 30 29.36 -54.18 -97.15
N ARG NB 31 29.08 -53.14 -96.37
CA ARG NB 31 27.85 -53.11 -95.58
C ARG NB 31 26.89 -52.04 -96.06
N ALA NB 32 27.28 -50.76 -96.03
CA ALA NB 32 26.50 -49.59 -96.41
C ALA NB 32 25.17 -49.44 -95.65
N ARG NB 33 24.99 -50.19 -94.57
CA ARG NB 33 23.73 -50.16 -93.84
C ARG NB 33 23.88 -49.47 -92.50
N ASN NB 34 25.00 -49.71 -91.81
CA ASN NB 34 25.26 -48.99 -90.58
C ASN NB 34 25.69 -47.56 -90.85
N GLN NB 35 26.13 -47.26 -92.07
CA GLN NB 35 26.60 -45.93 -92.43
C GLN NB 35 25.47 -45.02 -92.88
N LEU NB 36 24.36 -45.61 -93.33
CA LEU NB 36 23.18 -44.83 -93.72
C LEU NB 36 22.56 -44.00 -92.61
N PRO NB 37 22.23 -44.51 -91.40
CA PRO NB 37 21.44 -43.68 -90.47
C PRO NB 37 22.23 -42.56 -89.81
N ASN NB 38 23.56 -42.58 -89.87
CA ASN NB 38 24.32 -41.39 -89.52
C ASN NB 38 24.06 -40.27 -90.52
N LEU NB 39 24.14 -40.60 -91.82
CA LEU NB 39 23.85 -39.61 -92.85
C LEU NB 39 22.38 -39.25 -92.86
N HIS NB 40 21.51 -40.15 -92.39
CA HIS NB 40 20.10 -39.81 -92.26
C HIS NB 40 19.87 -38.81 -91.14
N TYR NB 41 20.67 -38.87 -90.07
CA TYR NB 41 20.33 -38.09 -88.89
C TYR NB 41 20.78 -36.64 -89.03
N LEU NB 42 21.66 -36.34 -89.99
CA LEU NB 42 22.34 -35.04 -90.01
C LEU NB 42 21.42 -33.90 -90.41
N MET NB 43 20.62 -34.08 -91.46
CA MET NB 43 19.78 -32.93 -91.80
C MET NB 43 18.47 -32.91 -91.01
N MET NB 44 18.16 -33.92 -90.17
CA MET NB 44 17.23 -33.63 -89.08
C MET NB 44 17.80 -32.61 -88.12
N SER NB 45 19.07 -32.75 -87.75
CA SER NB 45 19.73 -31.77 -86.89
C SER NB 45 19.90 -30.43 -87.59
N ALA NB 46 20.02 -30.40 -88.92
CA ALA NB 46 20.14 -29.11 -89.61
C ALA NB 46 18.80 -28.40 -89.67
N ASP NB 47 17.77 -29.11 -90.10
CA ASP NB 47 16.46 -28.51 -90.34
C ASP NB 47 15.44 -29.63 -90.28
N LEU NB 48 14.69 -29.67 -89.19
CA LEU NB 48 13.69 -30.72 -89.01
C LEU NB 48 12.41 -30.43 -89.77
N LYS NB 49 12.35 -29.31 -90.48
CA LYS NB 49 11.18 -28.79 -91.20
C LYS NB 49 10.85 -29.57 -92.46
N MET NB 50 11.46 -30.71 -92.76
CA MET NB 50 11.19 -31.45 -93.99
C MET NB 50 10.58 -32.81 -93.68
N ASN NB 51 10.36 -33.60 -94.74
CA ASN NB 51 9.51 -34.77 -94.67
C ASN NB 51 10.20 -35.93 -93.94
N LYS NB 52 9.58 -36.41 -92.87
CA LYS NB 52 10.09 -37.51 -92.07
C LYS NB 52 9.89 -38.89 -92.71
N SER NB 53 9.53 -38.96 -93.99
CA SER NB 53 9.35 -40.22 -94.70
C SER NB 53 10.61 -40.57 -95.48
N VAL NB 54 10.89 -41.87 -95.57
CA VAL NB 54 12.03 -42.38 -96.32
C VAL NB 54 11.54 -43.42 -97.32
N LEU NB 55 11.89 -43.22 -98.59
CA LEU NB 55 11.53 -44.13 -99.67
C LEU NB 55 12.69 -45.05 -99.98
N TRP NB 56 12.44 -46.35 -100.02
CA TRP NB 56 13.46 -47.33 -100.34
C TRP NB 56 12.96 -48.17 -101.52
N ALA NB 57 13.76 -48.25 -102.56
CA ALA NB 57 13.49 -49.06 -103.73
C ALA NB 57 14.56 -50.14 -103.85
N TYR NB 58 14.13 -51.35 -104.22
CA TYR NB 58 15.05 -52.48 -104.34
C TYR NB 58 14.56 -53.39 -105.46
N LYS NB 59 15.42 -54.31 -105.88
CA LYS NB 59 15.14 -55.20 -107.00
C LYS NB 59 14.65 -56.56 -106.55
N LYS NB 60 15.44 -57.28 -105.75
CA LYS NB 60 15.08 -58.64 -105.38
C LYS NB 60 15.00 -58.86 -103.87
N LYS NB 61 15.93 -58.32 -103.10
CA LYS NB 61 16.05 -58.68 -101.69
C LYS NB 61 16.38 -57.46 -100.86
N LEU NB 62 16.07 -57.56 -99.57
CA LEU NB 62 16.48 -56.58 -98.58
C LEU NB 62 17.72 -57.11 -97.87
N LEU NB 63 18.71 -56.25 -97.71
CA LEU NB 63 20.05 -56.67 -97.30
C LEU NB 63 20.06 -57.04 -95.82
N GLY NB 64 19.96 -58.34 -95.53
CA GLY NB 64 20.16 -58.84 -94.18
C GLY NB 64 19.02 -58.57 -93.23
N PHE NB 65 17.87 -58.15 -93.73
CA PHE NB 65 16.73 -57.83 -92.87
C PHE NB 65 15.45 -58.00 -93.66
N THR NB 66 14.33 -57.87 -92.96
CA THR NB 66 13.02 -57.88 -93.59
C THR NB 66 12.22 -56.69 -93.06
N SER NB 67 11.22 -56.30 -93.84
CA SER NB 67 10.39 -55.15 -93.51
C SER NB 67 9.32 -55.47 -92.48
N HIS NB 68 9.05 -56.74 -92.22
CA HIS NB 68 8.02 -57.12 -91.25
C HIS NB 68 8.58 -56.91 -89.85
N ARG NB 69 7.94 -56.03 -89.08
CA ARG NB 69 8.42 -55.72 -87.74
C ARG NB 69 8.19 -56.89 -86.80
N LYS NB 70 6.99 -57.47 -86.82
CA LYS NB 70 6.66 -58.56 -85.89
C LYS NB 70 7.48 -59.81 -86.19
N LYS NB 71 7.91 -59.99 -87.43
CA LYS NB 71 8.88 -61.02 -87.74
C LYS NB 71 10.24 -60.69 -87.12
N ARG NB 72 10.59 -59.39 -87.08
CA ARG NB 72 11.88 -58.99 -86.54
C ARG NB 72 11.91 -59.09 -85.02
N GLU NB 73 10.80 -58.75 -84.35
CA GLU NB 73 10.76 -58.97 -82.91
C GLU NB 73 10.70 -60.45 -82.57
N ASN NB 74 10.08 -61.26 -83.44
CA ASN NB 74 10.12 -62.70 -83.26
C ASN NB 74 11.53 -63.24 -83.44
N LYS NB 75 12.28 -62.67 -84.39
CA LYS NB 75 13.68 -63.03 -84.57
C LYS NB 75 14.52 -62.57 -83.38
N ILE NB 76 14.25 -61.37 -82.88
CA ILE NB 76 15.07 -60.85 -81.79
C ILE NB 76 14.67 -61.49 -80.46
N LYS NB 77 13.47 -62.06 -80.38
CA LYS NB 77 13.10 -62.81 -79.18
C LYS NB 77 13.82 -64.15 -79.14
N LYS NB 78 14.04 -64.76 -80.30
CA LYS NB 78 14.79 -66.00 -80.37
C LYS NB 78 16.25 -65.80 -80.03
N GLU NB 79 16.78 -64.60 -80.30
CA GLU NB 79 18.16 -64.30 -79.92
C GLU NB 79 18.29 -64.15 -78.41
N ILE NB 80 17.24 -63.66 -77.76
CA ILE NB 80 17.24 -63.55 -76.29
C ILE NB 80 17.15 -64.94 -75.67
N LYS NB 81 16.32 -65.81 -76.24
CA LYS NB 81 16.20 -67.18 -75.75
C LYS NB 81 17.49 -67.96 -76.00
N ARG NB 82 18.17 -67.69 -77.12
CA ARG NB 82 19.49 -68.26 -77.34
C ARG NB 82 20.59 -67.50 -76.63
N GLY NB 83 20.29 -66.35 -76.03
CA GLY NB 83 21.25 -65.62 -75.23
C GLY NB 83 22.34 -64.92 -75.99
N THR NB 84 22.19 -64.75 -77.30
CA THR NB 84 23.24 -64.14 -78.11
C THR NB 84 23.29 -62.62 -77.97
N ARG NB 85 22.23 -62.00 -77.47
CA ARG NB 85 22.17 -60.55 -77.39
C ARG NB 85 21.58 -60.14 -76.04
N GLU NB 86 21.87 -58.90 -75.66
CA GLU NB 86 21.26 -58.30 -74.48
C GLU NB 86 19.80 -57.97 -74.77
N VAL NB 87 19.00 -57.90 -73.70
CA VAL NB 87 17.55 -57.69 -73.83
C VAL NB 87 17.21 -56.30 -74.36
N ASN NB 88 18.12 -55.33 -74.26
CA ASN NB 88 17.90 -53.99 -74.78
C ASN NB 88 18.99 -53.58 -75.75
N GLU NB 89 19.55 -54.54 -76.47
CA GLU NB 89 20.60 -54.27 -77.44
C GLU NB 89 20.04 -54.38 -78.86
N MET NB 90 20.29 -53.35 -79.65
CA MET NB 90 19.87 -53.34 -81.04
C MET NB 90 20.89 -52.57 -81.87
N ASP NB 91 20.93 -52.90 -83.16
CA ASP NB 91 21.71 -52.11 -84.10
C ASP NB 91 21.09 -50.73 -84.26
N PRO NB 92 21.89 -49.67 -84.23
CA PRO NB 92 21.38 -48.36 -84.69
C PRO NB 92 20.86 -48.37 -86.11
N PHE NB 93 21.43 -49.21 -86.98
CA PHE NB 93 20.83 -49.42 -88.30
C PHE NB 93 19.46 -50.09 -88.18
N GLU NB 94 19.36 -51.16 -87.37
CA GLU NB 94 18.10 -51.87 -87.28
C GLU NB 94 17.08 -51.09 -86.47
N SER NB 95 17.52 -50.19 -85.60
CA SER NB 95 16.59 -49.30 -84.93
C SER NB 95 16.10 -48.21 -85.87
N PHE NB 96 16.96 -47.77 -86.79
CA PHE NB 96 16.54 -46.86 -87.85
C PHE NB 96 15.50 -47.52 -88.74
N ILE NB 97 15.64 -48.82 -88.98
CA ILE NB 97 14.60 -49.57 -89.68
C ILE NB 97 13.36 -49.70 -88.78
N SER NB 98 13.57 -49.93 -87.48
CA SER NB 98 12.45 -50.20 -86.57
C SER NB 98 11.67 -48.94 -86.21
N ASN NB 99 12.31 -47.75 -86.28
CA ASN NB 99 11.67 -46.53 -85.80
C ASN NB 99 11.21 -45.59 -86.89
N GLN NB 100 12.00 -45.37 -87.94
CA GLN NB 100 11.64 -44.42 -88.97
C GLN NB 100 10.54 -44.98 -89.86
N ASN NB 101 9.79 -44.07 -90.49
CA ASN NB 101 8.64 -44.42 -91.32
C ASN NB 101 9.14 -44.67 -92.74
N ILE NB 102 9.29 -45.95 -93.10
CA ILE NB 102 9.86 -46.35 -94.39
C ILE NB 102 8.76 -46.90 -95.28
N ARG NB 103 8.75 -46.47 -96.53
CA ARG NB 103 7.88 -47.02 -97.55
C ARG NB 103 8.77 -47.77 -98.55
N TYR NB 104 8.44 -49.04 -98.79
CA TYR NB 104 9.25 -49.92 -99.62
C TYR NB 104 8.53 -50.15 -100.95
N VAL NB 105 9.30 -50.14 -102.03
CA VAL NB 105 8.75 -50.23 -103.38
C VAL NB 105 9.71 -51.06 -104.23
N TYR NB 106 9.16 -51.79 -105.19
CA TYR NB 106 10.00 -52.50 -106.15
C TYR NB 106 10.46 -51.56 -107.25
N TYR NB 107 11.50 -51.99 -107.97
CA TYR NB 107 11.95 -51.24 -109.14
C TYR NB 107 10.91 -51.24 -110.24
N LYS NB 108 10.24 -52.36 -110.45
CA LYS NB 108 9.16 -52.43 -111.42
C LYS NB 108 7.89 -51.76 -110.91
N GLU NB 109 7.80 -51.50 -109.61
CA GLU NB 109 6.62 -50.87 -109.01
C GLU NB 109 6.74 -49.35 -108.95
N SER NB 110 7.57 -48.76 -109.80
CA SER NB 110 7.86 -47.33 -109.74
C SER NB 110 6.69 -46.46 -110.17
N GLU NB 111 5.66 -47.02 -110.77
CA GLU NB 111 4.50 -46.24 -111.18
C GLU NB 111 3.61 -45.86 -110.00
N LYS NB 112 3.77 -46.52 -108.85
CA LYS NB 112 2.88 -46.29 -107.72
C LYS NB 112 3.30 -45.12 -106.85
N ILE NB 113 4.41 -44.46 -107.15
CA ILE NB 113 4.92 -43.39 -106.30
C ILE NB 113 5.01 -42.09 -107.10
N LEU NB 114 4.08 -41.90 -108.03
CA LEU NB 114 4.15 -40.76 -108.93
C LEU NB 114 3.83 -39.45 -108.21
N GLY NB 115 2.61 -39.33 -107.69
CA GLY NB 115 2.14 -38.04 -107.20
C GLY NB 115 2.68 -37.64 -105.85
N ASN NB 116 2.94 -38.61 -104.97
CA ASN NB 116 3.31 -38.28 -103.61
C ASN NB 116 4.83 -38.14 -103.48
N THR NB 117 5.25 -37.36 -102.48
CA THR NB 117 6.63 -36.93 -102.33
C THR NB 117 7.22 -37.52 -101.06
N TYR NB 118 8.52 -37.78 -101.07
CA TYR NB 118 9.20 -38.39 -99.94
C TYR NB 118 10.44 -37.58 -99.57
N GLY NB 119 10.83 -37.68 -98.30
CA GLY NB 119 12.02 -37.01 -97.83
C GLY NB 119 13.30 -37.67 -98.28
N MET NB 120 13.52 -38.90 -97.86
CA MET NB 120 14.77 -39.61 -98.13
C MET NB 120 14.55 -40.63 -99.24
N CYS NB 121 15.60 -40.90 -100.01
CA CYS NB 121 15.53 -41.87 -101.10
C CYS NB 121 16.71 -42.83 -101.02
N ILE NB 122 16.42 -44.13 -101.06
CA ILE NB 122 17.43 -45.18 -101.05
C ILE NB 122 17.27 -46.01 -102.32
N LEU NB 123 18.38 -46.30 -102.99
CA LEU NB 123 18.40 -47.13 -104.19
C LEU NB 123 19.35 -48.30 -103.95
N GLN NB 124 18.80 -49.51 -103.92
CA GLN NB 124 19.57 -50.67 -103.46
C GLN NB 124 20.43 -51.26 -104.57
N ASP NB 125 19.82 -51.76 -105.63
CA ASP NB 125 20.53 -52.51 -106.67
C ASP NB 125 20.91 -51.55 -107.79
N PHE NB 126 22.21 -51.30 -107.92
CA PHE NB 126 22.71 -50.38 -108.93
C PHE NB 126 22.72 -50.98 -110.34
N GLU NB 127 22.89 -52.30 -110.45
CA GLU NB 127 23.17 -52.95 -111.72
C GLU NB 127 21.99 -52.95 -112.69
N ALA NB 128 20.79 -52.63 -112.23
CA ALA NB 128 19.60 -52.56 -113.08
C ALA NB 128 18.82 -51.29 -112.82
N LEU NB 129 19.52 -50.16 -112.78
CA LEU NB 129 18.90 -48.87 -112.53
C LEU NB 129 18.17 -48.42 -113.79
N THR NB 130 16.85 -48.53 -113.77
CA THR NB 130 16.04 -48.11 -114.91
C THR NB 130 15.98 -46.58 -114.95
N PRO NB 131 16.20 -45.96 -116.11
CA PRO NB 131 16.13 -44.49 -116.17
C PRO NB 131 14.76 -43.92 -115.88
N ASN NB 132 13.68 -44.65 -116.19
CA ASN NB 132 12.35 -44.25 -115.76
C ASN NB 132 12.23 -44.28 -114.24
N LEU NB 133 12.81 -45.30 -113.61
CA LEU NB 133 12.83 -45.37 -112.16
C LEU NB 133 13.64 -44.23 -111.56
N LEU NB 134 14.74 -43.87 -112.21
CA LEU NB 134 15.53 -42.72 -111.77
C LEU NB 134 14.77 -41.41 -111.97
N ALA NB 135 13.87 -41.37 -112.95
CA ALA NB 135 13.08 -40.17 -113.18
C ALA NB 135 12.04 -39.96 -112.08
N ARG NB 136 11.42 -41.05 -111.61
CA ARG NB 136 10.42 -40.93 -110.57
C ARG NB 136 11.04 -40.57 -109.22
N THR NB 137 12.22 -41.11 -108.93
CA THR NB 137 12.81 -40.95 -107.61
C THR NB 137 13.33 -39.54 -107.38
N ILE NB 138 13.86 -38.91 -108.43
CA ILE NB 138 14.28 -37.51 -108.31
C ILE NB 138 13.07 -36.60 -108.14
N GLU NB 139 11.98 -36.91 -108.84
CA GLU NB 139 10.77 -36.09 -108.76
C GLU NB 139 10.11 -36.20 -107.39
N THR NB 140 10.23 -37.34 -106.73
CA THR NB 140 9.55 -37.54 -105.46
C THR NB 140 10.35 -37.05 -104.26
N VAL NB 141 11.57 -36.56 -104.46
CA VAL NB 141 12.37 -36.03 -103.36
C VAL NB 141 12.20 -34.52 -103.31
N GLU NB 142 11.76 -34.01 -102.17
CA GLU NB 142 11.54 -32.57 -102.00
C GLU NB 142 12.87 -31.86 -101.75
N GLY NB 143 12.77 -30.55 -101.52
CA GLY NB 143 13.95 -29.77 -101.23
C GLY NB 143 14.53 -30.10 -99.86
N GLY NB 144 15.84 -29.92 -99.73
CA GLY NB 144 16.56 -30.34 -98.55
C GLY NB 144 16.57 -31.85 -98.40
N GLY NB 145 16.79 -32.55 -99.51
CA GLY NB 145 16.75 -34.00 -99.51
C GLY NB 145 18.04 -34.59 -100.03
N ILE NB 146 18.26 -35.85 -99.68
CA ILE NB 146 19.44 -36.60 -100.07
C ILE NB 146 18.98 -37.87 -100.77
N VAL NB 147 19.57 -38.16 -101.92
CA VAL NB 147 19.38 -39.41 -102.63
C VAL NB 147 20.64 -40.24 -102.46
N VAL NB 148 20.49 -41.46 -101.94
CA VAL NB 148 21.62 -42.34 -101.68
C VAL NB 148 21.49 -43.58 -102.56
N ILE NB 149 22.61 -44.05 -103.07
CA ILE NB 149 22.67 -45.22 -103.94
C ILE NB 149 23.55 -46.27 -103.26
N LEU NB 150 22.99 -47.45 -103.04
CA LEU NB 150 23.77 -48.54 -102.49
C LEU NB 150 24.63 -49.16 -103.56
N LEU NB 151 25.88 -49.52 -103.21
CA LEU NB 151 26.85 -50.01 -104.18
C LEU NB 151 27.57 -51.23 -103.64
N LYS NB 152 26.81 -52.19 -103.12
CA LYS NB 152 27.36 -53.51 -102.78
C LYS NB 152 27.53 -54.26 -104.11
N SER NB 153 28.66 -54.00 -104.75
CA SER NB 153 28.93 -54.53 -106.09
C SER NB 153 30.44 -54.49 -106.32
N MET NB 154 31.07 -55.67 -106.31
CA MET NB 154 32.49 -55.72 -106.57
C MET NB 154 32.81 -55.48 -108.04
N SER NB 155 31.88 -55.84 -108.93
CA SER NB 155 32.10 -55.62 -110.36
C SER NB 155 32.03 -54.14 -110.70
N SER NB 156 31.06 -53.42 -110.14
CA SER NB 156 30.98 -51.98 -110.36
C SER NB 156 32.09 -51.23 -109.66
N LEU NB 157 32.56 -51.76 -108.52
CA LEU NB 157 33.75 -51.22 -107.88
C LEU NB 157 34.96 -51.38 -108.78
N LYS NB 158 35.07 -52.52 -109.46
CA LYS NB 158 36.10 -52.70 -110.46
C LYS NB 158 35.83 -51.81 -111.68
N GLN NB 159 34.56 -51.51 -111.95
CA GLN NB 159 34.23 -50.62 -113.04
C GLN NB 159 34.62 -49.18 -112.72
N LEU NB 160 34.20 -48.68 -111.56
CA LEU NB 160 34.48 -47.28 -111.23
C LEU NB 160 35.96 -47.05 -110.93
N TYR NB 161 36.70 -48.12 -110.64
CA TYR NB 161 38.16 -48.01 -110.49
C TYR NB 161 38.81 -47.60 -111.80
N THR NB 162 38.39 -48.20 -112.90
CA THR NB 162 39.08 -47.97 -114.17
C THR NB 162 38.63 -46.69 -114.88
N MET NB 163 37.40 -46.22 -114.62
CA MET NB 163 37.06 -44.83 -114.96
C MET NB 163 37.88 -43.80 -114.20
N THR NB 164 38.32 -44.11 -112.96
CA THR NB 164 39.04 -43.10 -112.20
C THR NB 164 40.45 -42.87 -112.73
N MET NB 165 41.14 -43.93 -113.14
CA MET NB 165 42.43 -43.75 -113.79
C MET NB 165 42.27 -43.32 -115.24
N ASP NB 166 41.50 -44.07 -116.03
CA ASP NB 166 41.48 -43.88 -117.48
C ASP NB 166 40.10 -43.41 -117.92
N VAL NB 167 40.09 -42.34 -118.72
CA VAL NB 167 38.91 -41.93 -119.45
C VAL NB 167 39.00 -42.28 -120.93
N HIS NB 168 40.20 -42.26 -121.51
CA HIS NB 168 40.39 -42.62 -122.91
C HIS NB 168 40.08 -44.10 -123.15
N ALA NB 169 40.48 -44.97 -122.24
CA ALA NB 169 40.24 -46.40 -122.34
C ALA NB 169 39.24 -46.82 -121.27
N ARG NB 170 38.18 -47.48 -121.70
CA ARG NB 170 37.15 -48.00 -120.81
C ARG NB 170 37.40 -49.48 -120.52
N TYR NB 171 36.78 -49.96 -119.45
CA TYR NB 171 36.82 -51.36 -119.08
C TYR NB 171 35.41 -51.91 -119.03
N ARG NB 172 35.23 -53.08 -119.63
CA ARG NB 172 33.95 -53.79 -119.60
C ARG NB 172 34.19 -55.20 -119.09
N THR NB 173 33.45 -55.57 -118.04
CA THR NB 173 33.56 -56.91 -117.48
C THR NB 173 32.91 -57.91 -118.43
N GLU NB 174 33.71 -58.53 -119.30
CA GLU NB 174 33.26 -59.32 -120.44
C GLU NB 174 32.58 -60.65 -120.08
N ALA NB 175 32.30 -60.95 -118.81
CA ALA NB 175 31.52 -62.13 -118.47
C ALA NB 175 30.03 -61.97 -118.75
N HIS NB 176 29.57 -60.76 -119.07
CA HIS NB 176 28.16 -60.54 -119.39
C HIS NB 176 27.78 -61.16 -120.73
N GLY NB 177 28.73 -61.25 -121.66
CA GLY NB 177 28.41 -61.67 -123.00
C GLY NB 177 28.35 -60.51 -123.97
N ASP NB 178 27.13 -60.07 -124.29
CA ASP NB 178 26.94 -58.97 -125.21
C ASP NB 178 26.15 -57.79 -124.64
N VAL NB 179 25.38 -58.00 -123.59
CA VAL NB 179 24.60 -56.92 -122.97
C VAL NB 179 25.48 -56.21 -121.96
N VAL NB 180 25.97 -55.03 -122.32
CA VAL NB 180 26.88 -54.26 -121.49
C VAL NB 180 26.16 -53.02 -120.96
N ALA NB 181 26.26 -52.80 -119.66
CA ALA NB 181 25.60 -51.68 -119.00
C ALA NB 181 26.41 -50.39 -119.17
N ARG NB 182 26.51 -49.93 -120.42
CA ARG NB 182 27.28 -48.73 -120.72
C ARG NB 182 26.52 -47.47 -120.34
N PHE NB 183 25.21 -47.55 -120.13
CA PHE NB 183 24.45 -46.40 -119.66
C PHE NB 183 24.82 -46.07 -118.21
N ASN NB 184 25.01 -47.09 -117.40
CA ASN NB 184 25.47 -46.88 -116.03
C ASN NB 184 26.91 -46.38 -115.99
N GLU NB 185 27.72 -46.78 -116.97
CA GLU NB 185 29.05 -46.20 -117.13
C GLU NB 185 28.95 -44.72 -117.48
N ARG NB 186 27.97 -44.36 -118.32
CA ARG NB 186 27.68 -42.95 -118.57
C ARG NB 186 27.14 -42.27 -117.31
N PHE NB 187 26.38 -43.02 -116.50
CA PHE NB 187 25.87 -42.47 -115.25
C PHE NB 187 26.98 -42.20 -114.25
N ILE NB 188 27.96 -43.09 -114.16
CA ILE NB 188 29.06 -42.93 -113.23
C ILE NB 188 29.94 -41.75 -113.63
N LEU NB 189 30.21 -41.60 -114.92
CA LEU NB 189 31.03 -40.49 -115.40
C LEU NB 189 30.28 -39.17 -115.28
N SER NB 190 28.95 -39.19 -115.47
CA SER NB 190 28.18 -37.98 -115.21
C SER NB 190 28.10 -37.67 -113.71
N LEU NB 191 28.19 -38.71 -112.88
CA LEU NB 191 28.22 -38.50 -111.43
C LEU NB 191 29.52 -37.82 -111.02
N GLY NB 192 30.61 -38.09 -111.73
CA GLY NB 192 31.86 -37.40 -111.47
C GLY NB 192 31.81 -35.92 -111.85
N SER NB 193 31.13 -35.60 -112.95
CA SER NB 193 31.07 -34.23 -113.44
C SER NB 193 30.01 -33.39 -112.74
N ASN NB 194 29.21 -33.98 -111.85
CA ASN NB 194 28.19 -33.21 -111.16
C ASN NB 194 28.84 -32.31 -110.10
N PRO NB 195 28.50 -31.02 -110.09
CA PRO NB 195 29.22 -30.07 -109.24
C PRO NB 195 28.84 -30.10 -107.76
N ASN NB 196 27.85 -30.89 -107.36
CA ASN NB 196 27.53 -31.05 -105.95
C ASN NB 196 27.25 -32.51 -105.62
N CYS NB 197 28.08 -33.40 -106.14
CA CYS NB 197 28.01 -34.82 -105.80
C CYS NB 197 29.21 -35.22 -104.96
N LEU NB 198 29.03 -36.33 -104.23
CA LEU NB 198 30.10 -36.88 -103.40
C LEU NB 198 29.96 -38.40 -103.33
N VAL NB 199 31.10 -39.07 -103.27
CA VAL NB 199 31.19 -40.51 -103.16
C VAL NB 199 31.85 -40.84 -101.83
N VAL NB 200 31.29 -41.82 -101.11
CA VAL NB 200 31.86 -42.24 -99.84
C VAL NB 200 31.92 -43.76 -99.82
N ASP NB 201 32.77 -44.30 -98.96
CA ASP NB 201 32.92 -45.74 -98.78
C ASP NB 201 32.24 -46.17 -97.48
N ASP NB 202 32.48 -47.41 -97.08
CA ASP NB 202 32.10 -47.86 -95.74
C ASP NB 202 32.95 -47.13 -94.71
N GLU NB 203 32.33 -46.84 -93.56
CA GLU NB 203 32.93 -46.12 -92.42
C GLU NB 203 33.42 -44.72 -92.79
N LEU NB 204 32.78 -44.12 -93.80
CA LEU NB 204 32.76 -42.66 -94.01
C LEU NB 204 34.13 -42.04 -94.28
N ASN NB 205 35.04 -42.78 -94.93
CA ASN NB 205 36.28 -42.17 -95.36
C ASN NB 205 36.03 -41.32 -96.60
N VAL NB 206 36.66 -40.16 -96.67
CA VAL NB 206 36.33 -39.17 -97.69
C VAL NB 206 36.93 -39.59 -99.02
N LEU NB 207 36.09 -39.59 -100.07
CA LEU NB 207 36.53 -39.87 -101.44
C LEU NB 207 36.22 -38.69 -102.33
N PRO NB 208 37.22 -37.91 -102.73
CA PRO NB 208 37.04 -37.02 -103.88
C PRO NB 208 37.33 -37.63 -105.25
N LEU NB 209 37.19 -38.96 -105.37
CA LEU NB 209 37.36 -39.64 -106.66
C LEU NB 209 36.33 -39.19 -107.67
N SER NB 210 35.13 -38.84 -107.20
CA SER NB 210 34.06 -38.41 -108.09
C SER NB 210 33.33 -37.22 -107.47
N GLY NB 211 32.65 -36.46 -108.31
CA GLY NB 211 31.80 -35.39 -107.84
C GLY NB 211 32.57 -34.13 -107.44
N ALA NB 212 32.00 -33.40 -106.48
CA ALA NB 212 32.56 -32.12 -106.05
C ALA NB 212 33.81 -32.36 -105.21
N LYS NB 213 34.92 -31.73 -105.59
CA LYS NB 213 36.17 -31.86 -104.84
C LYS NB 213 36.34 -30.78 -103.80
N ASN NB 214 35.42 -29.82 -103.70
CA ASN NB 214 35.54 -28.74 -102.73
C ASN NB 214 34.15 -28.17 -102.46
N VAL NB 215 33.76 -28.17 -101.19
CA VAL NB 215 32.49 -27.59 -100.76
C VAL NB 215 32.75 -26.77 -99.51
N LYS NB 216 32.18 -25.57 -99.44
CA LYS NB 216 32.43 -24.66 -98.34
C LYS NB 216 31.13 -24.31 -97.64
N PRO NB 217 31.14 -24.21 -96.30
CA PRO NB 217 29.91 -23.86 -95.57
C PRO NB 217 29.60 -22.38 -95.67
N LEU NB 218 28.61 -22.05 -96.48
CA LEU NB 218 28.20 -20.66 -96.62
C LEU NB 218 27.35 -20.24 -95.43
N PRO NB 219 27.63 -19.08 -94.82
CA PRO NB 219 26.87 -18.67 -93.63
C PRO NB 219 25.46 -18.22 -94.00
N PRO NB 220 24.44 -18.90 -93.49
CA PRO NB 220 23.06 -18.52 -93.81
C PRO NB 220 22.47 -17.54 -92.81
N LYS NB 221 23.34 -16.86 -92.05
CA LYS NB 221 22.98 -16.10 -90.86
C LYS NB 221 22.08 -14.91 -91.13
N GLU NB 222 21.95 -14.46 -92.38
CA GLU NB 222 21.06 -13.35 -92.71
C GLU NB 222 19.62 -13.83 -92.64
N ASP NB 223 18.89 -13.38 -91.61
CA ASP NB 223 17.49 -13.76 -91.46
C ASP NB 223 16.59 -13.07 -92.46
N ASP NB 224 17.01 -11.92 -93.00
CA ASP NB 224 16.23 -11.20 -93.99
C ASP NB 224 16.52 -11.64 -95.42
N GLU NB 225 17.39 -12.64 -95.60
CA GLU NB 225 17.72 -13.15 -96.94
C GLU NB 225 16.66 -14.16 -97.36
N LEU NB 226 15.49 -13.64 -97.71
CA LEU NB 226 14.36 -14.47 -98.10
C LEU NB 226 14.57 -15.03 -99.50
N PRO NB 227 13.88 -16.10 -99.85
CA PRO NB 227 14.01 -16.68 -101.19
C PRO NB 227 13.15 -15.93 -102.18
N PRO NB 228 13.12 -16.38 -103.44
CA PRO NB 228 12.25 -15.71 -104.42
C PRO NB 228 10.78 -15.92 -104.16
N LYS NB 229 10.37 -17.15 -103.83
CA LYS NB 229 8.99 -17.40 -103.44
C LYS NB 229 8.65 -16.78 -102.10
N GLN NB 230 9.64 -16.69 -101.20
CA GLN NB 230 9.42 -15.99 -99.93
C GLN NB 230 9.29 -14.49 -100.16
N LEU NB 231 10.03 -13.92 -101.11
CA LEU NB 231 9.83 -12.53 -101.48
C LEU NB 231 8.51 -12.33 -102.20
N GLU NB 232 8.07 -13.34 -102.94
CA GLU NB 232 6.80 -13.30 -103.65
C GLU NB 232 5.68 -14.04 -102.91
N LEU NB 233 5.66 -13.95 -101.58
CA LEU NB 233 4.64 -14.61 -100.78
C LEU NB 233 3.31 -13.88 -100.84
N GLN NB 234 2.35 -14.29 -100.02
CA GLN NB 234 1.00 -13.72 -100.07
C GLN NB 234 0.94 -12.34 -99.44
N GLU NB 235 1.66 -11.38 -100.02
CA GLU NB 235 1.58 -9.96 -99.67
C GLU NB 235 1.15 -9.12 -100.85
N LEU NB 236 1.78 -9.32 -102.00
CA LEU NB 236 1.23 -8.81 -103.25
C LEU NB 236 -0.09 -9.49 -103.57
N LYS NB 237 -0.15 -10.80 -103.32
CA LYS NB 237 -1.42 -11.51 -103.33
C LYS NB 237 -2.29 -11.04 -102.17
N GLU NB 238 -3.57 -10.80 -102.44
CA GLU NB 238 -4.47 -10.25 -101.44
C GLU NB 238 -4.82 -11.29 -100.39
N SER NB 239 -3.97 -11.43 -99.38
CA SER NB 239 -4.20 -12.40 -98.32
C SER NB 239 -5.35 -12.02 -97.40
N LEU NB 240 -5.73 -10.74 -97.38
CA LEU NB 240 -6.87 -10.31 -96.60
C LEU NB 240 -8.18 -10.82 -97.21
N GLU NB 241 -9.16 -11.06 -96.34
CA GLU NB 241 -10.45 -11.59 -96.74
C GLU NB 241 -11.48 -10.46 -96.68
N ASP NB 242 -11.55 -9.69 -97.75
CA ASP NB 242 -12.61 -8.71 -97.97
C ASP NB 242 -13.49 -9.09 -99.15
N VAL NB 243 -12.88 -9.26 -100.32
CA VAL NB 243 -13.52 -9.91 -101.46
C VAL NB 243 -12.60 -11.06 -101.85
N GLN NB 244 -12.83 -12.23 -101.25
CA GLN NB 244 -11.94 -13.36 -101.43
C GLN NB 244 -12.68 -14.67 -101.15
N PRO NB 245 -13.76 -14.95 -101.89
CA PRO NB 245 -14.38 -16.29 -101.77
C PRO NB 245 -13.46 -17.35 -102.36
N ALA NB 246 -12.82 -17.03 -103.48
CA ALA NB 246 -11.80 -17.87 -104.06
C ALA NB 246 -10.40 -17.56 -103.51
N GLY NB 247 -10.27 -16.50 -102.71
CA GLY NB 247 -8.98 -16.14 -102.16
C GLY NB 247 -8.47 -17.12 -101.11
N SER NB 248 -9.37 -17.85 -100.45
CA SER NB 248 -8.96 -18.89 -99.52
C SER NB 248 -8.24 -20.02 -100.26
N LEU NB 249 -8.75 -20.40 -101.43
CA LEU NB 249 -8.04 -21.36 -102.26
C LEU NB 249 -6.78 -20.75 -102.86
N VAL NB 250 -6.78 -19.43 -103.10
CA VAL NB 250 -5.58 -18.75 -103.57
C VAL NB 250 -4.52 -18.75 -102.49
N SER NB 251 -4.93 -18.60 -101.23
CA SER NB 251 -3.99 -18.71 -100.12
C SER NB 251 -3.56 -20.16 -99.90
N LEU NB 252 -4.36 -21.12 -100.36
CA LEU NB 252 -4.00 -22.53 -100.23
C LEU NB 252 -2.98 -22.97 -101.28
N SER NB 253 -2.67 -22.12 -102.25
CA SER NB 253 -1.71 -22.45 -103.29
C SER NB 253 -0.30 -22.49 -102.72
N LYS NB 254 0.59 -23.18 -103.45
CA LYS NB 254 1.98 -23.38 -103.02
C LYS NB 254 2.93 -22.38 -103.67
N THR NB 255 2.92 -22.31 -105.00
CA THR NB 255 3.84 -21.48 -105.75
C THR NB 255 3.15 -20.22 -106.25
N VAL NB 256 3.96 -19.19 -106.50
CA VAL NB 256 3.44 -17.92 -107.00
C VAL NB 256 2.95 -18.06 -108.43
N ASN NB 257 3.64 -18.87 -109.24
CA ASN NB 257 3.21 -19.10 -110.61
C ASN NB 257 1.92 -19.90 -110.66
N GLN NB 258 1.77 -20.85 -109.73
CA GLN NB 258 0.50 -21.59 -109.63
C GLN NB 258 -0.61 -20.70 -109.11
N ALA NB 259 -0.28 -19.74 -108.24
CA ALA NB 259 -1.28 -18.82 -107.73
C ALA NB 259 -1.74 -17.85 -108.82
N HIS NB 260 -0.82 -17.44 -109.70
CA HIS NB 260 -1.18 -16.59 -110.83
C HIS NB 260 -2.06 -17.34 -111.82
N ALA NB 261 -1.80 -18.63 -112.01
CA ALA NB 261 -2.64 -19.44 -112.89
C ALA NB 261 -4.00 -19.70 -112.25
N ILE NB 262 -4.03 -19.85 -110.92
CA ILE NB 262 -5.31 -19.98 -110.22
C ILE NB 262 -6.10 -18.68 -110.29
N LEU NB 263 -5.39 -17.55 -110.23
CA LEU NB 263 -6.05 -16.26 -110.41
C LEU NB 263 -6.55 -16.09 -111.84
N SER NB 264 -5.78 -16.58 -112.82
CA SER NB 264 -6.21 -16.49 -114.21
C SER NB 264 -7.40 -17.41 -114.49
N PHE NB 265 -7.41 -18.59 -113.87
CA PHE NB 265 -8.55 -19.50 -114.03
C PHE NB 265 -9.79 -18.94 -113.33
N ILE NB 266 -9.61 -18.27 -112.20
CA ILE NB 266 -10.72 -17.58 -111.55
C ILE NB 266 -11.19 -16.42 -112.40
N ASP NB 267 -10.26 -15.75 -113.10
CA ASP NB 267 -10.64 -14.72 -114.05
C ASP NB 267 -11.39 -15.31 -115.23
N ALA NB 268 -11.03 -16.52 -115.64
CA ALA NB 268 -11.82 -17.23 -116.65
C ALA NB 268 -13.17 -17.65 -116.10
N ILE NB 269 -13.24 -17.94 -114.80
CA ILE NB 269 -14.51 -18.32 -114.18
C ILE NB 269 -15.47 -17.12 -114.13
N SER NB 270 -14.94 -15.93 -113.88
CA SER NB 270 -15.77 -14.74 -113.87
C SER NB 270 -16.19 -14.32 -115.28
N GLU NB 271 -15.37 -14.63 -116.27
CA GLU NB 271 -15.70 -14.28 -117.64
C GLU NB 271 -16.78 -15.21 -118.19
N LYS NB 272 -17.34 -14.82 -119.33
CA LYS NB 272 -18.42 -15.57 -119.96
C LYS NB 272 -18.13 -15.75 -121.45
N THR NB 273 -16.88 -16.05 -121.78
CA THR NB 273 -16.52 -16.35 -123.16
C THR NB 273 -17.04 -17.74 -123.54
N LEU NB 274 -17.55 -17.84 -124.77
CA LEU NB 274 -18.14 -19.10 -125.22
C LEU NB 274 -17.06 -20.13 -125.53
N ASN NB 275 -16.22 -19.85 -126.53
CA ASN NB 275 -15.13 -20.75 -126.90
C ASN NB 275 -13.87 -20.34 -126.14
N PHE NB 276 -13.94 -20.48 -124.83
CA PHE NB 276 -12.84 -20.12 -123.94
C PHE NB 276 -11.95 -21.32 -123.73
N THR NB 277 -10.67 -21.17 -124.07
CA THR NB 277 -9.67 -22.21 -123.90
C THR NB 277 -8.62 -21.74 -122.91
N VAL NB 278 -8.35 -22.55 -121.90
CA VAL NB 278 -7.35 -22.24 -120.87
C VAL NB 278 -6.22 -23.25 -121.04
N ALA NB 279 -5.18 -22.86 -121.75
CA ALA NB 279 -4.04 -23.73 -121.99
C ALA NB 279 -3.03 -23.60 -120.85
N LEU NB 280 -2.61 -24.73 -120.30
CA LEU NB 280 -1.68 -24.77 -119.18
C LEU NB 280 -0.50 -25.67 -119.56
N THR NB 281 0.60 -25.06 -120.00
CA THR NB 281 1.83 -25.79 -120.30
C THR NB 281 2.69 -25.82 -119.04
N ALA NB 282 2.72 -26.95 -118.37
CA ALA NB 282 3.40 -27.09 -117.09
C ALA NB 282 4.56 -28.08 -117.21
N GLY NB 283 5.60 -27.85 -116.43
CA GLY NB 283 6.72 -28.76 -116.35
C GLY NB 283 6.53 -29.78 -115.25
N ARG NB 284 7.61 -30.52 -114.99
CA ARG NB 284 7.58 -31.51 -113.92
C ARG NB 284 7.63 -30.82 -112.57
N GLY NB 285 6.74 -31.24 -111.66
CA GLY NB 285 6.67 -30.61 -110.36
C GLY NB 285 6.09 -29.21 -110.35
N ARG NB 286 5.31 -28.87 -111.37
CA ARG NB 286 4.74 -27.52 -111.49
C ARG NB 286 3.39 -27.40 -110.83
N GLY NB 287 2.90 -28.46 -110.17
CA GLY NB 287 1.60 -28.42 -109.53
C GLY NB 287 0.44 -28.32 -110.50
N LYS NB 288 0.48 -29.11 -111.57
CA LYS NB 288 -0.60 -29.12 -112.54
C LYS NB 288 -1.88 -29.68 -111.93
N SER NB 289 -1.75 -30.68 -111.06
CA SER NB 289 -2.92 -31.22 -110.37
C SER NB 289 -3.48 -30.22 -109.36
N ALA NB 290 -2.61 -29.43 -108.74
CA ALA NB 290 -3.06 -28.39 -107.82
C ALA NB 290 -3.73 -27.25 -108.57
N ALA NB 291 -3.27 -26.96 -109.79
CA ALA NB 291 -3.90 -25.93 -110.61
C ALA NB 291 -5.30 -26.35 -111.03
N LEU NB 292 -5.47 -27.63 -111.37
CA LEU NB 292 -6.80 -28.14 -111.68
C LEU NB 292 -7.68 -28.19 -110.43
N GLY NB 293 -7.07 -28.48 -109.27
CA GLY NB 293 -7.82 -28.49 -108.03
C GLY NB 293 -8.30 -27.11 -107.62
N ILE NB 294 -7.47 -26.09 -107.86
CA ILE NB 294 -7.92 -24.71 -107.64
C ILE NB 294 -8.98 -24.33 -108.65
N SER NB 295 -8.85 -24.80 -109.89
CA SER NB 295 -9.86 -24.54 -110.91
C SER NB 295 -11.16 -25.29 -110.60
N ILE NB 296 -11.06 -26.45 -109.97
CA ILE NB 296 -12.26 -27.18 -109.53
C ILE NB 296 -12.97 -26.41 -108.43
N ALA NB 297 -12.22 -25.74 -107.56
CA ALA NB 297 -12.82 -24.91 -106.53
C ALA NB 297 -13.47 -23.67 -107.14
N ALA NB 298 -12.92 -23.18 -108.26
CA ALA NB 298 -13.53 -22.05 -108.95
C ALA NB 298 -14.88 -22.43 -109.55
N ALA NB 299 -14.99 -23.64 -110.08
CA ALA NB 299 -16.27 -24.09 -110.62
C ALA NB 299 -17.26 -24.41 -109.51
N VAL NB 300 -16.77 -24.65 -108.29
CA VAL NB 300 -17.68 -24.82 -107.17
C VAL NB 300 -18.34 -23.50 -106.82
N SER NB 301 -17.61 -22.39 -106.93
CA SER NB 301 -18.15 -21.10 -106.54
C SER NB 301 -18.86 -20.41 -107.71
N HIS NB 302 -18.16 -20.21 -108.82
CA HIS NB 302 -18.69 -19.45 -109.94
C HIS NB 302 -19.17 -20.29 -111.10
N GLY NB 303 -18.83 -21.58 -111.14
CA GLY NB 303 -19.35 -22.45 -112.18
C GLY NB 303 -20.83 -22.70 -111.98
N TYR NB 304 -21.57 -22.72 -113.10
CA TYR NB 304 -23.03 -22.71 -113.07
C TYR NB 304 -23.67 -23.96 -112.46
N SER NB 305 -23.55 -25.10 -113.14
CA SER NB 305 -24.26 -26.26 -112.60
C SER NB 305 -23.41 -27.53 -112.55
N ASN NB 306 -22.58 -27.78 -113.55
CA ASN NB 306 -21.91 -29.08 -113.64
C ASN NB 306 -20.65 -28.94 -114.49
N ILE NB 307 -19.62 -29.68 -114.12
CA ILE NB 307 -18.34 -29.69 -114.82
C ILE NB 307 -17.97 -31.14 -115.12
N PHE NB 308 -17.56 -31.40 -116.35
CA PHE NB 308 -17.11 -32.72 -116.77
C PHE NB 308 -15.60 -32.73 -116.91
N VAL NB 309 -14.95 -33.71 -116.30
CA VAL NB 309 -13.50 -33.84 -116.33
C VAL NB 309 -13.15 -35.12 -117.08
N THR NB 310 -12.30 -34.98 -118.10
CA THR NB 310 -11.89 -36.09 -118.93
C THR NB 310 -10.38 -36.10 -119.07
N SER NB 311 -9.83 -37.29 -119.26
CA SER NB 311 -8.39 -37.46 -119.44
C SER NB 311 -8.13 -38.75 -120.22
N PRO NB 312 -6.87 -39.04 -120.54
CA PRO NB 312 -6.57 -40.29 -121.26
C PRO NB 312 -6.72 -41.54 -120.42
N SER NB 313 -6.72 -41.40 -119.09
CA SER NB 313 -6.78 -42.54 -118.18
C SER NB 313 -7.26 -42.06 -116.81
N PRO NB 314 -7.39 -42.96 -115.83
CA PRO NB 314 -7.73 -42.52 -114.47
C PRO NB 314 -6.56 -41.80 -113.81
N GLU NB 315 -6.38 -40.53 -114.14
CA GLU NB 315 -5.26 -39.74 -113.64
C GLU NB 315 -5.56 -39.18 -112.26
N ASN NB 316 -4.75 -38.23 -111.80
CA ASN NB 316 -4.87 -37.70 -110.45
C ASN NB 316 -5.95 -36.62 -110.33
N LEU NB 317 -7.17 -36.92 -110.80
CA LEU NB 317 -8.30 -36.05 -110.51
C LEU NB 317 -8.76 -36.17 -109.07
N LYS NB 318 -8.45 -37.30 -108.42
CA LYS NB 318 -8.66 -37.42 -106.98
C LYS NB 318 -7.74 -36.47 -106.23
N THR NB 319 -6.51 -36.29 -106.72
CA THR NB 319 -5.63 -35.27 -106.17
C THR NB 319 -6.15 -33.86 -106.44
N LEU NB 320 -6.80 -33.66 -107.59
CA LEU NB 320 -7.51 -32.41 -107.83
C LEU NB 320 -8.70 -32.27 -106.88
N PHE NB 321 -9.40 -33.38 -106.63
CA PHE NB 321 -10.47 -33.37 -105.64
C PHE NB 321 -9.94 -33.34 -104.22
N GLU NB 322 -8.67 -33.73 -104.02
CA GLU NB 322 -8.06 -33.60 -102.70
C GLU NB 322 -7.86 -32.15 -102.31
N PHE NB 323 -7.69 -31.26 -103.28
CA PHE NB 323 -7.77 -29.83 -103.00
C PHE NB 323 -9.23 -29.48 -102.74
N ILE NB 324 -9.63 -29.53 -101.47
CA ILE NB 324 -11.04 -29.41 -101.12
C ILE NB 324 -11.25 -28.19 -100.23
N PHE NB 325 -10.47 -28.10 -99.16
CA PHE NB 325 -10.60 -27.00 -98.21
C PHE NB 325 -10.07 -25.70 -98.78
N PHE NB 349 -18.23 -34.53 -98.09
CA PHE NB 349 -19.32 -34.15 -97.19
C PHE NB 349 -20.68 -34.37 -97.86
N ASN NB 350 -21.13 -33.36 -98.60
CA ASN NB 350 -22.40 -33.44 -99.31
C ASN NB 350 -22.26 -32.68 -100.62
N LYS NB 351 -22.77 -33.26 -101.70
CA LYS NB 351 -22.70 -32.67 -103.03
C LYS NB 351 -24.11 -32.25 -103.46
N ALA NB 352 -24.40 -30.96 -103.35
CA ALA NB 352 -25.68 -30.41 -103.76
C ALA NB 352 -25.47 -28.92 -104.04
N ILE NB 353 -26.58 -28.20 -104.23
CA ILE NB 353 -26.53 -26.76 -104.32
C ILE NB 353 -26.64 -26.22 -102.89
N VAL NB 354 -25.52 -26.19 -102.18
CA VAL NB 354 -25.47 -25.83 -100.77
C VAL NB 354 -24.32 -24.86 -100.55
N ARG NB 355 -24.20 -24.37 -99.31
CA ARG NB 355 -23.22 -23.36 -98.97
C ARG NB 355 -21.83 -23.94 -98.71
N VAL NB 356 -21.67 -25.26 -98.72
CA VAL NB 356 -20.37 -25.88 -98.49
C VAL NB 356 -19.60 -25.88 -99.80
N ASP NB 357 -18.88 -24.79 -100.07
CA ASP NB 357 -18.12 -24.63 -101.31
C ASP NB 357 -16.63 -24.43 -101.08
N ILE NB 358 -16.27 -23.53 -100.16
CA ILE NB 358 -14.86 -23.21 -99.93
C ILE NB 358 -14.15 -24.38 -99.27
N LYS NB 359 -14.77 -24.97 -98.26
CA LYS NB 359 -14.16 -26.09 -97.56
C LYS NB 359 -14.52 -27.45 -98.16
N ARG NB 360 -15.39 -27.48 -99.17
CA ARG NB 360 -15.92 -28.75 -99.66
C ARG NB 360 -15.76 -28.91 -101.16
N ASP NB 361 -14.56 -28.66 -101.70
CA ASP NB 361 -14.29 -28.92 -103.11
C ASP NB 361 -13.75 -30.34 -103.28
N HIS NB 362 -14.59 -31.30 -102.92
CA HIS NB 362 -14.18 -32.69 -102.81
C HIS NB 362 -14.95 -33.54 -103.82
N ARG NB 363 -14.78 -34.86 -103.74
CA ARG NB 363 -15.30 -35.81 -104.73
C ARG NB 363 -16.58 -36.49 -104.26
N GLN NB 364 -17.52 -35.73 -103.68
CA GLN NB 364 -18.84 -36.26 -103.35
C GLN NB 364 -19.77 -36.27 -104.56
N THR NB 365 -19.32 -35.75 -105.70
CA THR NB 365 -20.08 -35.74 -106.94
C THR NB 365 -19.24 -36.38 -108.04
N ILE NB 366 -18.68 -37.55 -107.75
CA ILE NB 366 -17.67 -38.20 -108.59
C ILE NB 366 -18.32 -38.65 -109.90
N GLN NB 367 -17.92 -38.01 -111.00
CA GLN NB 367 -18.40 -38.39 -112.33
C GLN NB 367 -17.32 -37.98 -113.33
N TYR NB 368 -16.53 -38.96 -113.77
CA TYR NB 368 -15.46 -38.71 -114.72
C TYR NB 368 -16.03 -38.74 -116.14
N ILE NB 369 -15.15 -38.69 -117.14
CA ILE NB 369 -15.57 -38.70 -118.53
C ILE NB 369 -14.49 -39.37 -119.35
N VAL NB 370 -14.91 -40.10 -120.39
CA VAL NB 370 -14.00 -40.81 -121.28
C VAL NB 370 -13.48 -39.85 -122.34
N PRO NB 371 -12.60 -40.29 -123.24
CA PRO NB 371 -12.00 -39.39 -124.22
C PRO NB 371 -12.73 -39.29 -125.56
N GLN NB 372 -13.94 -39.83 -125.69
CA GLN NB 372 -14.63 -39.82 -126.97
C GLN NB 372 -16.09 -39.40 -126.88
N ASP NB 373 -16.62 -39.12 -125.70
CA ASP NB 373 -18.03 -38.76 -125.55
C ASP NB 373 -18.23 -37.32 -125.99
N HIS NB 374 -18.35 -37.14 -127.31
CA HIS NB 374 -18.57 -35.80 -127.86
C HIS NB 374 -19.97 -35.30 -127.56
N GLN NB 375 -20.96 -36.20 -127.49
CA GLN NB 375 -22.32 -35.79 -127.18
C GLN NB 375 -22.45 -35.35 -125.73
N VAL NB 376 -21.74 -36.02 -124.82
CA VAL NB 376 -21.75 -35.63 -123.42
C VAL NB 376 -21.04 -34.31 -123.22
N LEU NB 377 -19.97 -34.07 -123.99
CA LEU NB 377 -19.24 -32.82 -123.90
C LEU NB 377 -20.07 -31.65 -124.44
N GLY NB 378 -20.89 -31.91 -125.45
CA GLY NB 378 -21.80 -30.88 -125.94
C GLY NB 378 -22.87 -30.51 -124.94
N GLN NB 379 -23.35 -31.48 -124.17
CA GLN NB 379 -24.37 -31.20 -123.16
C GLN NB 379 -23.79 -30.46 -121.96
N ALA NB 380 -22.50 -30.67 -121.67
CA ALA NB 380 -21.87 -30.04 -120.52
C ALA NB 380 -21.54 -28.58 -120.82
N GLU NB 381 -21.19 -27.85 -119.76
CA GLU NB 381 -20.81 -26.45 -119.86
C GLU NB 381 -19.34 -26.22 -119.54
N LEU NB 382 -18.87 -26.70 -118.40
CA LEU NB 382 -17.47 -26.55 -118.00
C LEU NB 382 -16.73 -27.85 -118.26
N VAL NB 383 -15.56 -27.75 -118.89
CA VAL NB 383 -14.78 -28.92 -119.29
C VAL NB 383 -13.38 -28.79 -118.71
N VAL NB 384 -12.87 -29.89 -118.17
CA VAL NB 384 -11.52 -29.97 -117.64
C VAL NB 384 -10.80 -31.07 -118.39
N ILE NB 385 -9.89 -30.70 -119.28
CA ILE NB 385 -9.16 -31.66 -120.10
C ILE NB 385 -7.77 -31.82 -119.49
N ASP NB 386 -7.45 -33.02 -119.02
CA ASP NB 386 -6.16 -33.34 -118.46
C ASP NB 386 -5.33 -34.12 -119.46
N GLU NB 387 -4.01 -33.86 -119.45
CA GLU NB 387 -3.03 -34.41 -120.39
C GLU NB 387 -3.43 -34.11 -121.83
N ALA NB 388 -3.42 -32.79 -122.13
CA ALA NB 388 -3.90 -32.29 -123.41
C ALA NB 388 -3.05 -32.77 -124.58
N ALA NB 389 -1.74 -32.94 -124.37
CA ALA NB 389 -0.88 -33.46 -125.42
C ALA NB 389 -0.98 -34.96 -125.59
N ALA NB 390 -1.69 -35.66 -124.68
CA ALA NB 390 -1.83 -37.10 -124.74
C ALA NB 390 -3.13 -37.55 -125.37
N ILE NB 391 -3.64 -36.80 -126.35
CA ILE NB 391 -4.88 -37.15 -127.02
C ILE NB 391 -4.69 -36.99 -128.53
N PRO NB 392 -5.53 -37.65 -129.32
CA PRO NB 392 -5.48 -37.45 -130.77
C PRO NB 392 -5.90 -36.04 -131.15
N LEU NB 393 -5.34 -35.55 -132.26
CA LEU NB 393 -5.61 -34.19 -132.71
C LEU NB 393 -7.07 -33.97 -133.10
N PRO NB 394 -7.71 -34.85 -133.86
CA PRO NB 394 -9.13 -34.59 -134.20
C PRO NB 394 -10.08 -34.90 -133.07
N ILE NB 395 -9.74 -35.85 -132.20
CA ILE NB 395 -10.62 -36.20 -131.09
C ILE NB 395 -10.65 -35.09 -130.05
N VAL NB 396 -9.49 -34.48 -129.79
CA VAL NB 396 -9.44 -33.36 -128.86
C VAL NB 396 -10.11 -32.14 -129.45
N LYS NB 397 -9.94 -31.91 -130.77
CA LYS NB 397 -10.56 -30.78 -131.43
C LYS NB 397 -12.08 -30.93 -131.48
N ASN NB 398 -12.56 -32.17 -131.60
CA ASN NB 398 -13.99 -32.42 -131.44
C ASN NB 398 -14.43 -32.17 -130.01
N LEU NB 399 -13.57 -32.50 -129.04
CA LEU NB 399 -13.87 -32.20 -127.65
C LEU NB 399 -13.78 -30.71 -127.37
N LEU NB 400 -12.74 -30.05 -127.90
CA LEU NB 400 -12.56 -28.62 -127.70
C LEU NB 400 -13.35 -27.81 -128.72
N GLY NB 401 -14.67 -27.78 -128.56
CA GLY NB 401 -15.52 -27.04 -129.45
C GLY NB 401 -15.89 -25.67 -128.92
N PRO NB 402 -17.18 -25.35 -128.91
CA PRO NB 402 -17.61 -24.03 -128.46
C PRO NB 402 -17.92 -23.97 -126.96
N TYR NB 403 -17.53 -25.01 -126.23
CA TYR NB 403 -17.77 -25.05 -124.79
C TYR NB 403 -16.64 -24.32 -124.06
N LEU NB 404 -16.76 -24.20 -122.74
CA LEU NB 404 -15.74 -23.58 -121.91
C LEU NB 404 -14.84 -24.69 -121.35
N VAL NB 405 -13.60 -24.74 -121.82
CA VAL NB 405 -12.70 -25.85 -121.54
C VAL NB 405 -11.37 -25.33 -121.04
N PHE NB 406 -10.79 -26.04 -120.07
CA PHE NB 406 -9.44 -25.79 -119.58
C PHE NB 406 -8.61 -27.04 -119.87
N MET NB 407 -7.62 -26.89 -120.75
CA MET NB 407 -6.79 -28.00 -121.19
C MET NB 407 -5.38 -27.83 -120.64
N ALA NB 408 -4.88 -28.86 -119.97
CA ALA NB 408 -3.56 -28.84 -119.36
C ALA NB 408 -2.76 -30.05 -119.81
N SER NB 409 -1.44 -29.87 -119.87
CA SER NB 409 -0.54 -30.96 -120.25
C SER NB 409 0.81 -30.73 -119.58
N THR NB 410 1.55 -31.83 -119.42
CA THR NB 410 2.87 -31.82 -118.78
C THR NB 410 3.93 -31.95 -119.86
N ILE NB 411 4.87 -31.01 -119.89
CA ILE NB 411 5.91 -31.00 -120.90
C ILE NB 411 7.03 -31.94 -120.47
N ASN NB 412 7.22 -33.02 -121.23
CA ASN NB 412 8.30 -34.01 -121.06
C ASN NB 412 8.29 -34.64 -119.67
N GLY NB 413 7.11 -34.84 -119.09
CA GLY NB 413 6.97 -35.41 -117.77
C GLY NB 413 6.72 -36.90 -117.81
N TYR NB 414 5.96 -37.38 -116.83
CA TYR NB 414 5.58 -38.78 -116.78
C TYR NB 414 4.56 -39.07 -117.89
N GLU NB 415 4.95 -39.94 -118.83
CA GLU NB 415 4.20 -40.24 -120.05
C GLU NB 415 3.89 -38.96 -120.84
N GLY NB 416 4.88 -38.09 -120.94
CA GLY NB 416 4.71 -36.82 -121.61
C GLY NB 416 5.05 -36.87 -123.08
N THR NB 417 4.43 -35.98 -123.85
CA THR NB 417 4.64 -35.87 -125.28
C THR NB 417 5.68 -34.80 -125.57
N GLY NB 418 5.86 -34.48 -126.85
CA GLY NB 418 6.80 -33.43 -127.23
C GLY NB 418 6.16 -32.05 -127.13
N ARG NB 419 6.98 -31.07 -126.73
CA ARG NB 419 6.49 -29.70 -126.62
C ARG NB 419 6.22 -29.09 -127.98
N SER NB 420 6.90 -29.55 -129.02
CA SER NB 420 6.60 -29.11 -130.37
C SER NB 420 5.23 -29.61 -130.83
N LEU NB 421 4.85 -30.81 -130.38
CA LEU NB 421 3.50 -31.28 -130.62
C LEU NB 421 2.47 -30.46 -129.85
N SER NB 422 2.82 -30.01 -128.65
CA SER NB 422 1.99 -29.06 -127.93
C SER NB 422 1.98 -27.70 -128.63
N LEU NB 423 3.11 -27.32 -129.23
CA LEU NB 423 3.15 -26.11 -130.05
C LEU NB 423 2.31 -26.28 -131.30
N LYS NB 424 2.26 -27.49 -131.85
CA LYS NB 424 1.35 -27.77 -132.96
C LYS NB 424 -0.10 -27.72 -132.51
N LEU NB 425 -0.37 -28.13 -131.27
CA LEU NB 425 -1.69 -27.93 -130.69
C LEU NB 425 -1.96 -26.44 -130.47
N ILE NB 426 -0.92 -25.69 -130.09
CA ILE NB 426 -1.04 -24.24 -130.02
C ILE NB 426 -1.18 -23.64 -131.40
N GLN NB 427 -0.59 -24.28 -132.42
CA GLN NB 427 -0.75 -23.83 -133.79
C GLN NB 427 -2.16 -24.07 -134.31
N GLN NB 428 -2.80 -25.16 -133.88
CA GLN NB 428 -4.19 -25.40 -134.25
C GLN NB 428 -5.11 -24.39 -133.61
N LEU NB 429 -4.80 -23.95 -132.38
CA LEU NB 429 -5.53 -22.89 -131.72
C LEU NB 429 -4.93 -21.54 -132.10
N ARG NB 430 -5.34 -20.48 -131.39
CA ARG NB 430 -4.87 -19.11 -131.54
C ARG NB 430 -5.02 -18.57 -132.97
N LEU NB 464 -8.56 -17.83 -126.35
CA LEU NB 464 -7.65 -18.89 -125.92
C LEU NB 464 -6.43 -18.32 -125.22
N ARG NB 465 -6.49 -18.25 -123.90
CA ARG NB 465 -5.39 -17.73 -123.08
C ARG NB 465 -4.47 -18.87 -122.70
N GLU NB 466 -3.17 -18.63 -122.80
CA GLU NB 466 -2.15 -19.64 -122.51
C GLU NB 466 -1.37 -19.24 -121.26
N ILE NB 467 -1.13 -20.22 -120.40
CA ILE NB 467 -0.38 -20.01 -119.16
C ILE NB 467 0.72 -21.05 -119.08
N SER NB 468 1.91 -20.60 -118.69
CA SER NB 468 3.08 -21.46 -118.60
C SER NB 468 3.58 -21.49 -117.16
N LEU NB 469 3.82 -22.68 -116.63
CA LEU NB 469 4.35 -22.87 -115.29
C LEU NB 469 5.61 -23.72 -115.37
N ASP NB 470 6.69 -23.23 -114.75
CA ASP NB 470 7.95 -23.95 -114.79
C ASP NB 470 8.67 -24.02 -113.44
N GLU NB 471 8.22 -23.30 -112.43
CA GLU NB 471 8.87 -23.37 -111.12
C GLU NB 471 8.53 -24.67 -110.43
N PRO NB 472 9.52 -25.42 -109.95
CA PRO NB 472 9.22 -26.64 -109.19
C PRO NB 472 8.59 -26.32 -107.83
N ILE NB 473 7.72 -27.21 -107.39
CA ILE NB 473 6.98 -27.00 -106.15
C ILE NB 473 7.77 -27.57 -104.98
N ARG NB 474 8.01 -28.88 -105.01
CA ARG NB 474 8.77 -29.52 -103.94
C ARG NB 474 10.26 -29.21 -103.99
N TYR NB 475 10.76 -28.72 -105.11
CA TYR NB 475 12.15 -28.36 -105.27
C TYR NB 475 12.30 -26.86 -105.41
N ALA NB 476 13.43 -26.33 -104.93
CA ALA NB 476 13.73 -24.93 -105.11
C ALA NB 476 14.12 -24.67 -106.56
N PRO NB 477 14.01 -23.42 -107.02
CA PRO NB 477 14.43 -23.10 -108.39
C PRO NB 477 15.93 -23.18 -108.56
N GLY NB 478 16.35 -23.56 -109.76
CA GLY NB 478 17.76 -23.71 -110.06
C GLY NB 478 18.45 -24.84 -109.34
N ASP NB 479 17.79 -25.99 -109.22
CA ASP NB 479 18.42 -27.14 -108.59
C ASP NB 479 19.43 -27.77 -109.55
N PRO NB 480 20.70 -27.92 -109.14
CA PRO NB 480 21.69 -28.53 -110.04
C PRO NB 480 21.46 -30.01 -110.29
N ILE NB 481 20.85 -30.72 -109.34
CA ILE NB 481 20.55 -32.13 -109.54
C ILE NB 481 19.47 -32.31 -110.59
N GLU NB 482 18.49 -31.39 -110.61
CA GLU NB 482 17.49 -31.38 -111.68
C GLU NB 482 18.13 -31.11 -113.03
N LYS NB 483 19.08 -30.17 -113.08
CA LYS NB 483 19.80 -29.91 -114.32
C LYS NB 483 20.71 -31.08 -114.69
N TRP NB 484 21.24 -31.78 -113.69
CA TRP NB 484 22.00 -33.00 -113.96
C TRP NB 484 21.11 -34.09 -114.53
N LEU NB 485 19.91 -34.25 -113.96
CA LEU NB 485 18.96 -35.20 -114.50
C LEU NB 485 18.44 -34.77 -115.86
N ASN NB 486 18.31 -33.46 -116.07
CA ASN NB 486 17.95 -32.97 -117.40
C ASN NB 486 19.07 -33.23 -118.40
N LYS NB 487 20.32 -33.20 -117.93
CA LYS NB 487 21.42 -33.66 -118.78
C LYS NB 487 21.38 -35.16 -118.96
N LEU NB 488 21.05 -35.90 -117.89
CA LEU NB 488 21.03 -37.36 -117.95
C LEU NB 488 19.88 -37.88 -118.79
N LEU NB 489 18.68 -37.35 -118.56
CA LEU NB 489 17.50 -37.85 -119.27
C LEU NB 489 17.26 -37.16 -120.60
N CYS NB 490 18.00 -36.08 -120.90
CA CYS NB 490 17.89 -35.29 -122.12
C CYS NB 490 16.47 -34.78 -122.34
N LEU NB 491 15.86 -34.27 -121.26
CA LEU NB 491 14.47 -33.85 -121.30
C LEU NB 491 14.28 -32.47 -121.93
N ASP NB 492 15.35 -31.71 -122.13
CA ASP NB 492 15.22 -30.37 -122.68
C ASP NB 492 15.14 -30.42 -124.20
N VAL NB 493 14.12 -29.78 -124.75
CA VAL NB 493 13.91 -29.70 -126.20
C VAL NB 493 13.97 -28.23 -126.58
N THR NB 494 15.17 -27.76 -126.94
CA THR NB 494 15.35 -26.38 -127.35
C THR NB 494 16.21 -26.34 -128.62
N LEU NB 495 16.98 -27.40 -128.84
CA LEU NB 495 17.92 -27.45 -129.97
C LEU NB 495 17.22 -27.67 -131.31
N ILE NB 496 15.92 -27.98 -131.30
CA ILE NB 496 15.15 -28.01 -132.54
C ILE NB 496 15.01 -26.60 -133.12
N LYS NB 497 14.89 -25.60 -132.26
CA LYS NB 497 14.59 -24.24 -132.65
C LYS NB 497 15.85 -23.38 -132.79
N ASN NB 498 16.94 -23.96 -133.27
CA ASN NB 498 18.21 -23.25 -133.43
C ASN NB 498 18.08 -22.17 -134.51
N PRO NB 499 18.35 -20.90 -134.20
CA PRO NB 499 18.28 -19.85 -135.22
C PRO NB 499 19.37 -19.93 -136.29
N ARG NB 500 20.45 -20.68 -136.05
CA ARG NB 500 21.47 -20.88 -137.07
C ARG NB 500 20.94 -21.69 -138.24
N PHE NB 501 20.05 -22.65 -137.98
CA PHE NB 501 19.42 -23.45 -139.03
C PHE NB 501 17.91 -23.46 -138.85
N ALA NB 502 17.34 -22.35 -138.38
CA ALA NB 502 15.89 -22.19 -138.41
C ALA NB 502 15.40 -22.01 -139.84
N THR NB 503 16.20 -21.36 -140.68
CA THR NB 503 15.87 -21.24 -142.09
C THR NB 503 16.04 -22.59 -142.79
N ARG NB 504 15.38 -22.73 -143.94
CA ARG NB 504 15.46 -23.96 -144.73
C ARG NB 504 16.57 -23.91 -145.78
N GLY NB 505 17.64 -23.16 -145.53
CA GLY NB 505 18.79 -23.18 -146.40
C GLY NB 505 19.69 -24.33 -146.01
N THR NB 506 19.56 -25.45 -146.73
CA THR NB 506 20.13 -26.73 -146.35
C THR NB 506 20.42 -27.45 -147.66
N PRO NB 507 21.55 -28.18 -147.77
CA PRO NB 507 21.85 -28.90 -149.01
C PRO NB 507 20.80 -29.95 -149.37
N HIS NB 508 20.56 -30.07 -150.67
CA HIS NB 508 19.51 -30.90 -151.23
C HIS NB 508 19.86 -32.38 -151.04
N PRO NB 509 18.85 -33.30 -151.11
CA PRO NB 509 19.16 -34.73 -150.93
C PRO NB 509 19.91 -35.39 -152.09
N SER NB 510 20.31 -34.62 -153.09
CA SER NB 510 21.28 -35.12 -154.06
C SER NB 510 22.61 -35.41 -153.40
N GLN NB 511 23.00 -34.60 -152.41
CA GLN NB 511 24.24 -34.80 -151.66
C GLN NB 511 23.93 -34.83 -150.18
N CYS NB 512 23.83 -36.05 -149.63
CA CYS NB 512 23.72 -36.27 -148.20
C CYS NB 512 24.56 -37.49 -147.86
N ASN NB 513 24.71 -37.76 -146.56
CA ASN NB 513 25.57 -38.86 -146.14
C ASN NB 513 25.08 -39.47 -144.83
N LEU NB 514 25.04 -40.79 -144.79
CA LEU NB 514 24.74 -41.55 -143.59
C LEU NB 514 26.03 -41.89 -142.85
N PHE NB 515 25.94 -41.93 -141.53
CA PHE NB 515 27.09 -42.29 -140.69
C PHE NB 515 26.61 -43.18 -139.55
N VAL NB 516 27.27 -44.31 -139.38
CA VAL NB 516 26.95 -45.24 -138.30
C VAL NB 516 27.47 -44.65 -136.98
N VAL NB 517 26.65 -44.75 -135.94
CA VAL NB 517 26.98 -44.20 -134.64
C VAL NB 517 27.62 -45.28 -133.78
N ASN NB 518 28.85 -45.03 -133.34
CA ASN NB 518 29.44 -45.86 -132.30
C ASN NB 518 28.83 -45.46 -130.96
N ARG NB 519 27.97 -46.32 -130.43
CA ARG NB 519 27.25 -46.01 -129.20
C ARG NB 519 28.19 -45.96 -127.99
N ASP NB 520 29.31 -46.69 -128.05
CA ASP NB 520 30.31 -46.58 -126.99
C ASP NB 520 30.94 -45.20 -126.97
N THR NB 521 31.25 -44.65 -128.14
CA THR NB 521 31.76 -43.28 -128.20
C THR NB 521 30.66 -42.25 -127.96
N LEU NB 522 29.44 -42.55 -128.42
CA LEU NB 522 28.32 -41.61 -128.24
C LEU NB 522 27.96 -41.46 -126.77
N PHE NB 523 27.94 -42.57 -126.03
CA PHE NB 523 27.62 -42.53 -124.60
C PHE NB 523 28.85 -42.39 -123.73
N SER NB 524 30.05 -42.30 -124.31
CA SER NB 524 31.21 -41.86 -123.55
C SER NB 524 31.04 -40.40 -123.18
N TYR NB 525 31.47 -40.04 -121.97
CA TYR NB 525 31.18 -38.72 -121.42
C TYR NB 525 32.19 -37.66 -121.85
N HIS NB 526 32.34 -37.52 -123.15
CA HIS NB 526 33.08 -36.38 -123.67
C HIS NB 526 32.08 -35.25 -123.91
N PRO NB 527 32.43 -34.01 -123.55
CA PRO NB 527 31.44 -32.91 -123.56
C PRO NB 527 30.83 -32.57 -124.92
N VAL NB 528 31.58 -32.68 -126.03
CA VAL NB 528 30.94 -32.44 -127.31
C VAL NB 528 30.11 -33.66 -127.70
N SER NB 529 30.53 -34.85 -127.26
CA SER NB 529 29.71 -36.04 -127.45
C SER NB 529 28.43 -35.96 -126.63
N GLU NB 530 28.49 -35.38 -125.43
CA GLU NB 530 27.27 -35.04 -124.69
C GLU NB 530 26.48 -33.96 -125.42
N ASN NB 531 27.18 -32.99 -126.00
CA ASN NB 531 26.51 -31.98 -126.82
C ASN NB 531 25.95 -32.61 -128.09
N PHE NB 532 26.63 -33.65 -128.59
CA PHE NB 532 26.07 -34.41 -129.71
C PHE NB 532 24.84 -35.20 -129.29
N LEU NB 533 24.94 -35.94 -128.16
CA LEU NB 533 23.96 -36.96 -127.80
C LEU NB 533 22.57 -36.38 -127.57
N GLU NB 534 22.51 -35.15 -127.07
CA GLU NB 534 21.22 -34.51 -126.88
C GLU NB 534 20.58 -34.06 -128.19
N LYS NB 535 21.37 -33.98 -129.27
CA LYS NB 535 20.82 -33.44 -130.51
C LYS NB 535 19.94 -34.43 -131.25
N MET NB 536 20.29 -35.73 -131.25
CA MET NB 536 19.36 -36.70 -131.82
C MET NB 536 18.17 -36.90 -130.89
N MET NB 537 18.40 -36.78 -129.59
CA MET NB 537 17.36 -37.09 -128.63
C MET NB 537 16.33 -35.97 -128.55
N ALA NB 538 16.75 -34.73 -128.82
CA ALA NB 538 15.79 -33.66 -129.09
C ALA NB 538 15.07 -33.92 -130.41
N LEU NB 539 15.78 -34.43 -131.41
CA LEU NB 539 15.15 -34.81 -132.66
C LEU NB 539 14.28 -36.05 -132.47
N TYR NB 540 14.62 -36.89 -131.50
CA TYR NB 540 13.80 -38.06 -131.21
C TYR NB 540 12.47 -37.67 -130.59
N VAL NB 541 12.49 -36.68 -129.69
CA VAL NB 541 11.28 -36.25 -129.01
C VAL NB 541 10.37 -35.50 -129.99
N SER NB 542 10.94 -34.60 -130.79
CA SER NB 542 10.13 -33.75 -131.66
C SER NB 542 9.50 -34.52 -132.81
N SER NB 543 10.19 -35.54 -133.34
CA SER NB 543 9.64 -36.29 -134.47
C SER NB 543 8.50 -37.20 -134.02
N HIS NB 544 8.67 -37.91 -132.92
CA HIS NB 544 7.67 -38.86 -132.47
C HIS NB 544 6.59 -38.16 -131.64
N TYR NB 545 5.44 -38.82 -131.55
CA TYR NB 545 4.36 -38.31 -130.72
C TYR NB 545 4.64 -38.50 -129.24
N LYS NB 546 5.16 -39.67 -128.88
CA LYS NB 546 5.37 -40.02 -127.48
C LYS NB 546 6.79 -40.50 -127.24
N ASN NB 547 7.19 -40.51 -125.98
CA ASN NB 547 8.52 -40.92 -125.57
C ASN NB 547 8.45 -41.53 -124.18
N SER NB 548 9.38 -42.45 -123.90
CA SER NB 548 9.50 -43.03 -122.58
C SER NB 548 10.92 -42.82 -122.07
N PRO NB 549 11.06 -42.52 -120.77
CA PRO NB 549 12.41 -42.35 -120.21
C PRO NB 549 13.21 -43.63 -120.13
N ASN NB 550 12.56 -44.80 -120.11
CA ASN NB 550 13.30 -46.05 -120.15
C ASN NB 550 13.83 -46.40 -121.54
N ASP NB 551 13.42 -45.67 -122.58
CA ASP NB 551 13.94 -45.92 -123.91
C ASP NB 551 15.37 -45.46 -124.06
N LEU NB 552 15.85 -44.58 -123.17
CA LEU NB 552 17.23 -44.13 -123.21
C LEU NB 552 18.20 -45.28 -122.98
N GLN NB 553 17.81 -46.23 -122.14
CA GLN NB 553 18.63 -47.42 -121.92
C GLN NB 553 18.51 -48.41 -123.07
N LEU NB 554 17.52 -48.23 -123.96
CA LEU NB 554 17.16 -49.29 -124.89
C LEU NB 554 18.14 -49.40 -126.04
N MET NB 555 18.49 -48.29 -126.69
CA MET NB 555 19.52 -48.41 -127.71
C MET NB 555 20.93 -48.36 -127.13
N SER NB 556 21.08 -47.95 -125.88
CA SER NB 556 22.41 -47.82 -125.31
C SER NB 556 22.99 -49.17 -124.91
N ASP NB 557 22.29 -49.89 -124.03
CA ASP NB 557 22.88 -51.08 -123.42
C ASP NB 557 22.60 -52.34 -124.20
N ALA NB 558 21.50 -52.39 -124.95
CA ALA NB 558 21.16 -53.60 -125.69
C ALA NB 558 22.05 -53.73 -126.92
N PRO NB 559 22.72 -54.87 -127.10
CA PRO NB 559 23.64 -55.01 -128.24
C PRO NB 559 22.96 -55.17 -129.57
N ALA NB 560 21.66 -55.44 -129.61
CA ALA NB 560 20.95 -55.76 -130.84
C ALA NB 560 20.41 -54.54 -131.55
N HIS NB 561 21.01 -53.38 -131.37
CA HIS NB 561 20.53 -52.15 -131.97
C HIS NB 561 21.67 -51.44 -132.70
N LYS NB 562 21.29 -50.52 -133.58
CA LYS NB 562 22.26 -49.72 -134.32
C LYS NB 562 21.63 -48.38 -134.68
N LEU NB 563 22.44 -47.33 -134.63
CA LEU NB 563 21.99 -45.97 -134.88
C LEU NB 563 22.75 -45.38 -136.06
N PHE NB 564 22.05 -44.64 -136.90
CA PHE NB 564 22.63 -43.95 -138.04
C PHE NB 564 22.13 -42.51 -138.08
N VAL NB 565 23.01 -41.61 -138.48
CA VAL NB 565 22.70 -40.20 -138.62
C VAL NB 565 22.90 -39.79 -140.07
N LEU NB 566 21.85 -39.26 -140.68
CA LEU NB 566 22.00 -38.57 -141.95
C LEU NB 566 22.52 -37.16 -141.67
N LEU NB 567 23.48 -36.72 -142.48
CA LEU NB 567 24.18 -35.49 -142.23
C LEU NB 567 24.28 -34.71 -143.54
N PRO NB 568 24.42 -33.39 -143.47
CA PRO NB 568 24.82 -32.62 -144.66
C PRO NB 568 26.25 -32.94 -145.06
N PRO NB 569 26.67 -32.52 -146.26
CA PRO NB 569 28.10 -32.61 -146.60
C PRO NB 569 28.96 -31.83 -145.62
N ILE NB 570 30.10 -32.42 -145.26
CA ILE NB 570 30.90 -31.92 -144.15
C ILE NB 570 31.56 -30.60 -144.53
N ASP NB 571 31.93 -29.83 -143.51
CA ASP NB 571 32.52 -28.51 -143.74
C ASP NB 571 33.92 -28.67 -144.34
N PRO NB 572 34.17 -28.15 -145.53
CA PRO NB 572 35.49 -28.33 -146.14
C PRO NB 572 36.56 -27.41 -145.59
N LYS NB 573 36.18 -26.36 -144.86
CA LYS NB 573 37.16 -25.40 -144.37
C LYS NB 573 37.92 -25.98 -143.17
N ASP NB 574 37.23 -26.26 -142.08
CA ASP NB 574 37.85 -26.92 -140.93
C ASP NB 574 36.99 -27.97 -140.27
N GLY NB 575 35.67 -27.91 -140.36
CA GLY NB 575 34.82 -28.77 -139.55
C GLY NB 575 34.84 -28.44 -138.08
N GLY NB 576 35.22 -27.21 -137.73
CA GLY NB 576 35.31 -26.83 -136.32
C GLY NB 576 33.96 -26.74 -135.64
N ARG NB 577 32.95 -26.26 -136.37
CA ARG NB 577 31.60 -26.20 -135.82
C ARG NB 577 31.00 -27.61 -135.76
N ILE NB 578 30.00 -27.74 -134.89
CA ILE NB 578 29.35 -29.05 -134.65
C ILE NB 578 28.53 -29.43 -135.87
N PRO NB 579 28.73 -30.63 -136.43
CA PRO NB 579 27.85 -31.09 -137.51
C PRO NB 579 26.44 -31.36 -136.98
N ASP NB 580 25.46 -30.73 -137.63
CA ASP NB 580 24.07 -30.80 -137.22
C ASP NB 580 23.36 -31.95 -137.92
N PRO NB 581 22.61 -32.77 -137.20
CA PRO NB 581 21.99 -33.95 -137.81
C PRO NB 581 20.81 -33.59 -138.70
N LEU NB 582 20.55 -34.46 -139.67
CA LEU NB 582 19.37 -34.37 -140.53
C LEU NB 582 18.33 -35.42 -140.19
N CYS NB 583 18.72 -36.69 -140.18
CA CYS NB 583 17.81 -37.78 -139.89
C CYS NB 583 18.45 -38.73 -138.92
N VAL NB 584 17.62 -39.48 -138.20
CA VAL NB 584 18.07 -40.46 -137.22
C VAL NB 584 17.43 -41.79 -137.57
N ILE NB 585 18.26 -42.81 -137.78
CA ILE NB 585 17.81 -44.14 -138.14
C ILE NB 585 18.11 -45.07 -136.98
N GLN NB 586 17.07 -45.59 -136.34
CA GLN NB 586 17.22 -46.54 -135.24
C GLN NB 586 16.71 -47.89 -135.73
N ILE NB 587 17.62 -48.85 -135.89
CA ILE NB 587 17.27 -50.17 -136.36
C ILE NB 587 17.58 -51.18 -135.26
N ALA NB 588 16.99 -52.36 -135.39
CA ALA NB 588 17.19 -53.44 -134.43
C ALA NB 588 17.47 -54.73 -135.19
N LEU NB 589 18.67 -55.27 -135.01
CA LEU NB 589 19.10 -56.50 -135.66
C LEU NB 589 18.31 -57.67 -135.08
N GLU NB 590 17.37 -58.20 -135.87
CA GLU NB 590 16.45 -59.23 -135.42
C GLU NB 590 16.63 -60.48 -136.26
N GLY NB 591 16.87 -61.61 -135.61
CA GLY NB 591 17.04 -62.86 -136.31
C GLY NB 591 17.75 -63.92 -135.51
N GLU NB 592 18.72 -64.59 -136.13
CA GLU NB 592 19.46 -65.68 -135.51
C GLU NB 592 20.70 -65.18 -134.74
N ILE NB 593 20.69 -63.93 -134.29
CA ILE NB 593 21.89 -63.35 -133.70
C ILE NB 593 22.10 -63.80 -132.26
N SER NB 594 21.09 -64.36 -131.60
CA SER NB 594 21.24 -64.79 -130.22
C SER NB 594 21.77 -66.22 -130.14
N GLY NB 610 15.51 -56.45 -130.26
CA GLY NB 610 14.48 -56.90 -131.19
C GLY NB 610 13.94 -58.28 -130.87
N ASP NB 611 12.73 -58.32 -130.30
CA ASP NB 611 12.07 -59.58 -129.95
C ASP NB 611 10.64 -59.62 -130.46
N LEU NB 612 10.33 -58.90 -131.53
CA LEU NB 612 8.94 -58.72 -131.96
C LEU NB 612 8.65 -59.30 -133.32
N ILE NB 613 9.52 -59.07 -134.31
CA ILE NB 613 9.21 -59.43 -135.70
C ILE NB 613 9.08 -60.93 -135.94
N PRO NB 614 10.03 -61.80 -135.53
CA PRO NB 614 9.82 -63.23 -135.81
C PRO NB 614 8.75 -63.86 -134.96
N TRP NB 615 8.39 -63.24 -133.83
CA TRP NB 615 7.29 -63.75 -133.02
C TRP NB 615 5.96 -63.57 -133.73
N LEU NB 616 5.71 -62.39 -134.29
CA LEU NB 616 4.43 -62.11 -134.92
C LEU NB 616 4.26 -62.88 -136.22
N ILE NB 617 5.36 -63.11 -136.94
CA ILE NB 617 5.29 -63.93 -138.16
C ILE NB 617 4.97 -65.37 -137.81
N SER NB 618 5.62 -65.90 -136.77
CA SER NB 618 5.31 -67.26 -136.30
C SER NB 618 3.94 -67.35 -135.65
N GLN NB 619 3.43 -66.24 -135.09
CA GLN NB 619 2.08 -66.25 -134.54
C GLN NB 619 1.04 -66.25 -135.66
N GLN NB 620 1.25 -65.41 -136.68
CA GLN NB 620 0.26 -65.26 -137.73
C GLN NB 620 0.40 -66.28 -138.84
N PHE NB 621 1.61 -66.82 -139.05
CA PHE NB 621 1.84 -67.78 -140.12
C PHE NB 621 2.78 -68.86 -139.62
N GLN NB 622 3.00 -69.87 -140.46
CA GLN NB 622 3.91 -70.96 -140.16
C GLN NB 622 4.92 -71.05 -141.30
N ASP NB 623 6.12 -70.53 -141.07
CA ASP NB 623 7.16 -70.52 -142.11
C ASP NB 623 8.50 -70.69 -141.41
N GLU NB 624 9.09 -71.87 -141.57
CA GLU NB 624 10.40 -72.15 -140.96
C GLU NB 624 11.53 -71.41 -141.66
N GLU NB 625 11.31 -70.94 -142.89
CA GLU NB 625 12.35 -70.18 -143.59
C GLU NB 625 12.53 -68.80 -142.96
N PHE NB 626 11.43 -68.18 -142.50
CA PHE NB 626 11.53 -66.89 -141.85
C PHE NB 626 12.21 -66.99 -140.50
N ALA NB 627 12.02 -68.12 -139.81
CA ALA NB 627 12.79 -68.37 -138.59
C ALA NB 627 14.26 -68.60 -138.91
N SER NB 628 14.56 -69.15 -140.09
CA SER NB 628 15.95 -69.35 -140.48
C SER NB 628 16.60 -68.03 -140.87
N LEU NB 629 15.87 -67.16 -141.55
CA LEU NB 629 16.46 -65.93 -142.06
C LEU NB 629 16.66 -64.91 -140.94
N SER NB 630 17.46 -63.90 -141.24
CA SER NB 630 17.71 -62.80 -140.31
C SER NB 630 17.69 -61.48 -141.08
N GLY NB 631 17.31 -60.43 -140.39
CA GLY NB 631 17.22 -59.11 -140.98
C GLY NB 631 17.28 -58.07 -139.89
N ALA NB 632 16.60 -56.95 -140.12
CA ALA NB 632 16.57 -55.89 -139.13
C ALA NB 632 15.21 -55.22 -139.13
N ARG NB 633 14.79 -54.78 -137.95
CA ARG NB 633 13.59 -53.99 -137.78
C ARG NB 633 13.99 -52.55 -137.52
N ILE NB 634 13.51 -51.63 -138.35
CA ILE NB 634 13.74 -50.22 -138.10
C ILE NB 634 12.80 -49.80 -136.98
N VAL NB 635 13.35 -49.30 -135.87
CA VAL NB 635 12.52 -48.92 -134.74
C VAL NB 635 11.98 -47.50 -134.92
N ARG NB 636 12.81 -46.58 -135.39
CA ARG NB 636 12.39 -45.19 -135.47
C ARG NB 636 13.12 -44.48 -136.60
N ILE NB 637 12.38 -43.64 -137.33
CA ILE NB 637 12.93 -42.66 -138.25
C ILE NB 637 12.60 -41.29 -137.69
N ALA NB 638 13.63 -40.57 -137.23
CA ALA NB 638 13.45 -39.29 -136.56
C ALA NB 638 14.06 -38.19 -137.41
N THR NB 639 13.30 -37.10 -137.57
CA THR NB 639 13.74 -35.99 -138.39
C THR NB 639 13.05 -34.72 -137.91
N ASN NB 640 13.57 -33.59 -138.36
CA ASN NB 640 12.91 -32.32 -138.10
C ASN NB 640 11.66 -32.21 -138.97
N PRO NB 641 10.50 -31.86 -138.39
CA PRO NB 641 9.29 -31.69 -139.21
C PRO NB 641 9.39 -30.55 -140.21
N GLU NB 642 10.14 -29.50 -139.89
CA GLU NB 642 10.35 -28.40 -140.83
C GLU NB 642 11.39 -28.73 -141.90
N TYR NB 643 12.12 -29.82 -141.75
CA TYR NB 643 13.16 -30.20 -142.70
C TYR NB 643 12.80 -31.43 -143.52
N ALA NB 644 11.69 -32.09 -143.21
CA ALA NB 644 11.26 -33.28 -143.95
C ALA NB 644 10.29 -32.96 -145.06
N SER NB 645 10.35 -31.74 -145.62
CA SER NB 645 9.43 -31.32 -146.66
C SER NB 645 9.70 -31.96 -148.01
N MET NB 646 10.89 -32.54 -148.22
CA MET NB 646 11.23 -33.16 -149.48
C MET NB 646 11.53 -34.65 -149.38
N GLY NB 647 11.59 -35.23 -148.19
CA GLY NB 647 11.87 -36.64 -148.07
C GLY NB 647 13.32 -36.96 -147.80
N TYR NB 648 13.90 -36.31 -146.79
CA TYR NB 648 15.27 -36.60 -146.39
C TYR NB 648 15.42 -38.02 -145.88
N GLY NB 649 14.39 -38.54 -145.19
CA GLY NB 649 14.45 -39.89 -144.67
C GLY NB 649 14.46 -40.94 -145.76
N SER NB 650 13.71 -40.71 -146.84
CA SER NB 650 13.69 -41.67 -147.95
C SER NB 650 15.02 -41.73 -148.67
N ARG NB 651 15.75 -40.61 -148.70
CA ARG NB 651 17.11 -40.63 -149.23
C ARG NB 651 18.03 -41.45 -148.34
N ALA NB 652 17.87 -41.34 -147.02
CA ALA NB 652 18.63 -42.17 -146.10
C ALA NB 652 18.20 -43.62 -146.17
N ILE NB 653 16.91 -43.85 -146.47
CA ILE NB 653 16.40 -45.21 -146.68
C ILE NB 653 17.09 -45.84 -147.89
N GLU NB 654 17.24 -45.08 -148.96
CA GLU NB 654 18.03 -45.55 -150.10
C GLU NB 654 19.51 -45.68 -149.72
N LEU NB 655 19.98 -44.82 -148.81
CA LEU NB 655 21.38 -44.87 -148.42
C LEU NB 655 21.68 -46.09 -147.55
N LEU NB 656 20.78 -46.42 -146.61
CA LEU NB 656 21.02 -47.58 -145.76
C LEU NB 656 20.84 -48.88 -146.53
N ARG NB 657 19.93 -48.90 -147.51
CA ARG NB 657 19.78 -50.08 -148.35
C ARG NB 657 21.00 -50.26 -149.24
N ASP NB 658 21.58 -49.16 -149.72
CA ASP NB 658 22.81 -49.24 -150.49
C ASP NB 658 24.01 -49.57 -149.60
N TYR NB 659 23.90 -49.31 -148.30
CA TYR NB 659 24.94 -49.76 -147.37
C TYR NB 659 24.97 -51.28 -147.27
N PHE NB 660 23.80 -51.91 -147.26
CA PHE NB 660 23.74 -53.36 -147.26
C PHE NB 660 24.18 -53.92 -148.61
N GLU NB 661 23.82 -53.26 -149.69
CA GLU NB 661 24.25 -53.65 -151.04
C GLU NB 661 25.45 -52.80 -151.49
N GLY NB 662 26.55 -52.95 -150.77
CA GLY NB 662 27.77 -52.21 -151.08
C GLY NB 662 28.06 -51.07 -150.14
N THR NB 703 42.98 -40.80 -128.10
CA THR NB 703 43.27 -42.22 -128.01
C THR NB 703 42.04 -43.01 -127.56
N LEU NB 704 41.01 -42.99 -128.39
CA LEU NB 704 39.75 -43.66 -128.09
C LEU NB 704 39.28 -44.41 -129.33
N PRO NB 705 38.20 -45.20 -129.24
CA PRO NB 705 37.44 -45.54 -130.42
C PRO NB 705 36.94 -44.28 -131.12
N PRO NB 706 36.89 -44.28 -132.44
CA PRO NB 706 36.90 -43.01 -133.20
C PRO NB 706 35.63 -42.18 -133.05
N LEU NB 707 35.81 -40.87 -133.23
CA LEU NB 707 34.73 -39.90 -133.13
C LEU NB 707 34.21 -39.41 -134.48
N LEU NB 708 35.00 -39.57 -135.54
CA LEU NB 708 34.57 -39.27 -136.91
C LEU NB 708 34.40 -40.59 -137.62
N LEU NB 709 33.21 -41.18 -137.51
CA LEU NB 709 32.93 -42.52 -138.01
C LEU NB 709 32.16 -42.44 -139.32
N LYS NB 710 32.73 -43.02 -140.37
CA LYS NB 710 32.07 -43.06 -141.67
C LYS NB 710 31.32 -44.37 -141.84
N LEU NB 711 30.46 -44.42 -142.86
CA LEU NB 711 29.57 -45.55 -143.05
C LEU NB 711 30.28 -46.78 -143.60
N SER NB 712 31.21 -46.58 -144.53
CA SER NB 712 31.68 -47.67 -145.39
C SER NB 712 32.59 -48.67 -144.67
N GLU NB 713 33.28 -48.28 -143.61
CA GLU NB 713 34.25 -49.18 -142.98
C GLU NB 713 33.63 -49.98 -141.84
N GLN NB 714 32.47 -50.58 -142.11
CA GLN NB 714 31.79 -51.46 -141.17
C GLN NB 714 30.97 -52.47 -141.96
N PRO NB 715 31.39 -53.73 -142.02
CA PRO NB 715 30.68 -54.72 -142.82
C PRO NB 715 29.41 -55.18 -142.14
N PRO NB 716 28.26 -55.00 -142.79
CA PRO NB 716 27.03 -55.57 -142.26
C PRO NB 716 26.96 -57.07 -142.50
N HIS NB 717 26.13 -57.74 -141.72
CA HIS NB 717 25.87 -59.15 -141.93
C HIS NB 717 24.91 -59.32 -143.10
N TYR NB 718 24.70 -60.57 -143.52
CA TYR NB 718 23.85 -60.86 -144.68
C TYR NB 718 22.40 -60.67 -144.27
N LEU NB 719 21.95 -59.42 -144.32
CA LEU NB 719 20.62 -59.05 -143.88
C LEU NB 719 19.64 -59.12 -145.05
N HIS NB 720 18.46 -59.69 -144.78
CA HIS NB 720 17.49 -59.97 -145.83
C HIS NB 720 16.34 -58.98 -145.86
N TYR NB 721 15.68 -58.75 -144.72
CA TYR NB 721 14.45 -57.99 -144.67
C TYR NB 721 14.60 -56.77 -143.79
N LEU NB 722 13.98 -55.68 -144.21
CA LEU NB 722 13.97 -54.42 -143.46
C LEU NB 722 12.52 -53.99 -143.31
N GLY NB 723 12.03 -53.94 -142.08
CA GLY NB 723 10.64 -53.55 -141.85
C GLY NB 723 10.43 -52.71 -140.62
N VAL NB 724 9.64 -51.64 -140.72
CA VAL NB 724 9.43 -50.76 -139.57
C VAL NB 724 8.29 -51.34 -138.74
N SER NB 725 8.13 -50.82 -137.54
CA SER NB 725 6.96 -51.04 -136.71
C SER NB 725 6.38 -49.67 -136.39
N TYR NB 726 5.12 -49.46 -136.76
CA TYR NB 726 4.57 -48.12 -136.71
C TYR NB 726 3.07 -48.16 -136.52
N GLY NB 727 2.54 -47.11 -135.87
CA GLY NB 727 1.10 -46.92 -135.81
C GLY NB 727 0.63 -46.30 -137.12
N LEU NB 728 -0.46 -46.84 -137.66
CA LEU NB 728 -0.85 -46.55 -139.03
C LEU NB 728 -1.38 -45.13 -139.18
N THR NB 729 -0.80 -44.38 -140.12
CA THR NB 729 -1.26 -43.05 -140.46
C THR NB 729 -1.00 -42.80 -141.93
N GLN NB 730 -1.69 -41.80 -142.48
CA GLN NB 730 -1.64 -41.53 -143.91
C GLN NB 730 -0.28 -41.01 -144.36
N SER NB 731 0.37 -40.21 -143.51
CA SER NB 731 1.63 -39.60 -143.90
C SER NB 731 2.75 -40.63 -143.94
N LEU NB 732 2.82 -41.49 -142.93
CA LEU NB 732 3.88 -42.49 -142.90
C LEU NB 732 3.63 -43.62 -143.89
N HIS NB 733 2.37 -43.94 -144.16
CA HIS NB 733 2.07 -44.94 -145.18
C HIS NB 733 2.46 -44.44 -146.57
N LYS NB 734 2.25 -43.16 -146.83
CA LYS NB 734 2.73 -42.55 -148.07
C LYS NB 734 4.26 -42.51 -148.10
N PHE NB 735 4.89 -42.37 -146.93
CA PHE NB 735 6.34 -42.39 -146.85
C PHE NB 735 6.91 -43.74 -147.26
N TRP NB 736 6.27 -44.84 -146.83
CA TRP NB 736 6.68 -46.14 -147.30
C TRP NB 736 6.11 -46.46 -148.68
N LYS NB 737 5.07 -45.74 -149.10
CA LYS NB 737 4.57 -45.90 -150.47
C LYS NB 737 5.55 -45.30 -151.47
N ASN NB 738 6.21 -44.20 -151.11
CA ASN NB 738 7.29 -43.67 -151.94
C ASN NB 738 8.50 -44.61 -151.92
N ASN NB 739 8.67 -45.36 -150.85
CA ASN NB 739 9.66 -46.43 -150.81
C ASN NB 739 9.03 -47.71 -151.35
N SER NB 740 9.71 -48.84 -151.18
CA SER NB 740 9.28 -50.12 -151.75
C SER NB 740 8.99 -51.13 -150.65
N PHE NB 741 8.26 -50.70 -149.63
CA PHE NB 741 8.02 -51.52 -148.45
C PHE NB 741 6.76 -52.37 -148.62
N VAL NB 742 6.82 -53.64 -148.22
CA VAL NB 742 5.71 -54.59 -148.39
C VAL NB 742 4.89 -54.66 -147.10
N PRO NB 743 3.58 -54.45 -147.14
CA PRO NB 743 2.78 -54.58 -145.91
C PRO NB 743 2.60 -56.03 -145.49
N VAL NB 744 2.64 -56.24 -144.17
CA VAL NB 744 2.62 -57.58 -143.59
C VAL NB 744 1.40 -57.78 -142.70
N TYR NB 745 1.27 -57.00 -141.63
CA TYR NB 745 0.21 -57.20 -140.66
C TYR NB 745 -0.27 -55.88 -140.10
N LEU NB 746 -1.58 -55.74 -139.98
CA LEU NB 746 -2.21 -54.61 -139.30
C LEU NB 746 -2.90 -55.14 -138.04
N ARG NB 747 -2.75 -54.40 -136.95
CA ARG NB 747 -3.28 -54.84 -135.67
C ARG NB 747 -4.81 -54.79 -135.66
N GLN NB 748 -5.40 -55.84 -135.09
CA GLN NB 748 -6.86 -55.94 -135.05
C GLN NB 748 -7.46 -55.03 -133.99
N THR NB 749 -6.73 -54.75 -132.92
CA THR NB 749 -7.21 -53.92 -131.83
C THR NB 749 -6.40 -52.63 -131.81
N ALA NB 750 -7.08 -51.50 -131.90
CA ALA NB 750 -6.42 -50.20 -131.81
C ALA NB 750 -6.28 -49.79 -130.35
N ASN NB 751 -5.07 -49.38 -129.97
CA ASN NB 751 -4.84 -48.93 -128.60
C ASN NB 751 -5.51 -47.58 -128.37
N ASP NB 752 -5.90 -47.35 -127.11
CA ASP NB 752 -6.77 -46.23 -126.78
C ASP NB 752 -6.06 -44.89 -126.86
N LEU NB 753 -4.79 -44.85 -126.46
CA LEU NB 753 -4.07 -43.57 -126.38
C LEU NB 753 -3.73 -43.03 -127.76
N THR NB 754 -3.60 -43.89 -128.77
CA THR NB 754 -3.29 -43.44 -130.11
C THR NB 754 -4.55 -43.25 -130.95
N GLY NB 755 -5.47 -44.21 -130.88
CA GLY NB 755 -6.66 -44.17 -131.70
C GLY NB 755 -6.55 -44.88 -133.03
N GLU NB 756 -5.36 -45.38 -133.38
CA GLU NB 756 -5.16 -46.12 -134.61
C GLU NB 756 -4.54 -47.47 -134.28
N HIS NB 757 -4.45 -48.32 -135.28
CA HIS NB 757 -3.83 -49.63 -135.11
C HIS NB 757 -2.35 -49.57 -135.44
N THR NB 758 -1.59 -50.47 -134.84
CA THR NB 758 -0.19 -50.61 -135.17
C THR NB 758 -0.04 -51.46 -136.43
N CYS NB 759 1.06 -51.25 -137.14
CA CYS NB 759 1.31 -51.97 -138.38
C CYS NB 759 2.79 -52.26 -138.52
N VAL NB 760 3.10 -53.28 -139.32
CA VAL NB 760 4.47 -53.70 -139.55
C VAL NB 760 4.72 -53.74 -141.05
N MET NB 761 5.88 -53.27 -141.47
CA MET NB 761 6.18 -53.07 -142.87
C MET NB 761 7.20 -54.18 -143.18
N LEU NB 762 7.64 -54.28 -144.44
CA LEU NB 762 8.82 -55.11 -144.76
C LEU NB 762 9.41 -54.70 -146.09
N ASN NB 763 10.73 -54.83 -146.20
CA ASN NB 763 11.41 -54.54 -147.46
C ASN NB 763 12.59 -55.47 -147.63
N VAL NB 764 12.66 -56.14 -148.78
CA VAL NB 764 13.75 -57.05 -149.11
C VAL NB 764 14.35 -56.59 -150.43
N LEU NB 765 15.67 -56.36 -150.44
CA LEU NB 765 16.40 -56.08 -151.68
C LEU NB 765 17.67 -56.93 -151.69
N GLU NB 766 17.58 -58.08 -152.34
CA GLU NB 766 18.72 -58.98 -152.54
C GLU NB 766 18.59 -59.58 -153.93
N GLY NB 767 19.43 -60.59 -154.19
CA GLY NB 767 19.11 -61.52 -155.25
C GLY NB 767 18.11 -62.59 -154.86
N ARG NB 768 17.80 -62.67 -153.58
CA ARG NB 768 16.81 -63.59 -153.04
C ARG NB 768 15.44 -63.01 -153.32
N GLU NB 769 14.87 -63.37 -154.47
CA GLU NB 769 13.49 -63.03 -154.80
C GLU NB 769 12.61 -63.96 -153.98
N SER NB 770 12.03 -63.43 -152.90
CA SER NB 770 11.45 -64.21 -151.82
C SER NB 770 10.26 -65.06 -152.23
N ASN NB 771 9.18 -64.40 -152.67
CA ASN NB 771 7.89 -64.92 -153.13
C ASN NB 771 7.05 -65.52 -152.00
N TRP NB 772 7.61 -65.66 -150.79
CA TRP NB 772 6.77 -65.94 -149.64
C TRP NB 772 6.19 -64.67 -149.08
N LEU NB 773 6.87 -63.54 -149.29
CA LEU NB 773 6.33 -62.24 -148.94
C LEU NB 773 5.17 -61.88 -149.86
N VAL NB 774 5.22 -62.33 -151.11
CA VAL NB 774 4.08 -62.19 -152.01
C VAL NB 774 2.92 -63.04 -151.52
N GLU NB 775 3.20 -64.27 -151.08
CA GLU NB 775 2.18 -65.10 -150.45
C GLU NB 775 1.72 -64.51 -149.13
N PHE NB 776 2.63 -63.83 -148.42
CA PHE NB 776 2.23 -63.05 -147.25
C PHE NB 776 1.30 -61.91 -147.65
N ALA NB 777 1.61 -61.26 -148.78
CA ALA NB 777 0.78 -60.15 -149.25
C ALA NB 777 -0.57 -60.62 -149.74
N LYS NB 778 -0.64 -61.82 -150.30
CA LYS NB 778 -1.92 -62.36 -150.75
C LYS NB 778 -2.83 -62.68 -149.58
N ASP NB 779 -2.27 -63.30 -148.53
CA ASP NB 779 -3.08 -63.64 -147.36
C ASP NB 779 -3.41 -62.40 -146.54
N PHE NB 780 -2.54 -61.40 -146.55
CA PHE NB 780 -2.83 -60.14 -145.86
C PHE NB 780 -3.97 -59.40 -146.54
N ARG NB 781 -4.06 -59.48 -147.87
CA ARG NB 781 -5.20 -58.94 -148.58
C ARG NB 781 -6.48 -59.67 -148.19
N LYS NB 782 -6.42 -61.01 -148.13
CA LYS NB 782 -7.57 -61.81 -147.74
C LYS NB 782 -7.95 -61.55 -146.29
N ARG NB 783 -6.95 -61.37 -145.42
CA ARG NB 783 -7.26 -61.02 -144.05
C ARG NB 783 -7.84 -59.61 -143.93
N PHE NB 784 -7.39 -58.66 -144.76
CA PHE NB 784 -7.94 -57.30 -144.69
C PHE NB 784 -9.36 -57.32 -145.23
N LEU NB 785 -9.59 -58.08 -146.31
CA LEU NB 785 -10.94 -58.23 -146.86
C LEU NB 785 -11.89 -58.87 -145.86
N SER NB 786 -11.37 -59.77 -145.02
CA SER NB 786 -12.18 -60.35 -143.97
C SER NB 786 -12.35 -59.41 -142.79
N LEU NB 787 -11.25 -58.85 -142.29
CA LEU NB 787 -11.31 -58.12 -141.02
C LEU NB 787 -11.88 -56.72 -141.16
N LEU NB 788 -11.96 -56.17 -142.37
CA LEU NB 788 -12.78 -54.99 -142.56
C LEU NB 788 -14.24 -55.39 -142.45
N SER NB 789 -15.05 -54.49 -141.88
CA SER NB 789 -16.38 -54.66 -141.29
C SER NB 789 -16.37 -55.51 -140.02
N TYR NB 790 -15.20 -55.88 -139.50
CA TYR NB 790 -15.11 -56.64 -138.26
C TYR NB 790 -14.40 -55.87 -137.16
N ASP NB 791 -13.16 -55.41 -137.38
CA ASP NB 791 -12.38 -54.80 -136.31
C ASP NB 791 -12.07 -53.33 -136.55
N PHE NB 792 -11.40 -53.02 -137.66
CA PHE NB 792 -11.08 -51.62 -138.01
C PHE NB 792 -12.10 -51.06 -138.98
N HIS NB 793 -13.36 -51.20 -138.62
CA HIS NB 793 -14.46 -50.91 -139.52
C HIS NB 793 -14.85 -49.44 -139.58
N LYS NB 794 -14.34 -48.60 -138.69
CA LYS NB 794 -14.58 -47.15 -138.75
C LYS NB 794 -13.26 -46.44 -138.98
N PHE NB 795 -12.86 -46.34 -140.25
CA PHE NB 795 -11.89 -45.37 -140.72
C PHE NB 795 -12.14 -45.20 -142.22
N THR NB 796 -11.53 -44.15 -142.79
CA THR NB 796 -11.88 -43.73 -144.14
C THR NB 796 -11.40 -44.72 -145.20
N ALA NB 797 -12.19 -44.83 -146.27
CA ALA NB 797 -11.94 -45.86 -147.28
C ALA NB 797 -10.80 -45.51 -148.20
N VAL NB 798 -10.44 -44.23 -148.31
CA VAL NB 798 -9.33 -43.84 -149.18
C VAL NB 798 -8.01 -44.35 -148.62
N GLN NB 799 -7.88 -44.38 -147.29
CA GLN NB 799 -6.72 -45.03 -146.69
C GLN NB 799 -6.82 -46.55 -146.79
N ALA NB 800 -8.03 -47.08 -146.74
CA ALA NB 800 -8.24 -48.50 -147.04
C ALA NB 800 -7.98 -48.78 -148.51
N LEU NB 801 -8.29 -47.82 -149.39
CA LEU NB 801 -7.86 -47.91 -150.78
C LEU NB 801 -6.34 -47.85 -150.87
N SER NB 802 -5.72 -47.05 -150.00
CA SER NB 802 -4.27 -46.90 -150.04
C SER NB 802 -3.57 -48.16 -149.60
N VAL NB 803 -4.17 -48.90 -148.66
CA VAL NB 803 -3.50 -50.09 -148.15
C VAL NB 803 -3.58 -51.22 -149.18
N ILE NB 804 -4.75 -51.38 -149.81
CA ILE NB 804 -4.88 -52.42 -150.84
C ILE NB 804 -4.06 -52.10 -152.07
N GLU NB 805 -3.89 -50.83 -152.42
CA GLU NB 805 -3.05 -50.53 -153.58
C GLU NB 805 -1.57 -50.68 -153.24
N SER NB 806 -1.20 -50.52 -151.96
CA SER NB 806 0.16 -50.81 -151.56
C SER NB 806 0.41 -52.32 -151.54
N SER NB 807 -0.57 -53.09 -151.06
CA SER NB 807 -0.44 -54.54 -151.05
C SER NB 807 -0.46 -55.12 -152.46
N LYS NB 808 -1.29 -54.55 -153.34
CA LYS NB 808 -1.31 -55.00 -154.73
C LYS NB 808 0.00 -54.69 -155.43
N LYS NB 809 0.57 -53.50 -155.17
CA LYS NB 809 1.86 -53.14 -155.74
C LYS NB 809 2.97 -54.02 -155.20
N ALA NB 810 2.93 -54.32 -153.90
CA ALA NB 810 3.97 -55.14 -153.28
C ALA NB 810 3.93 -56.58 -153.76
N GLN NB 811 2.73 -57.14 -153.94
CA GLN NB 811 2.66 -58.50 -154.48
C GLN NB 811 2.92 -58.53 -155.97
N ASP NB 812 2.71 -57.42 -156.67
CA ASP NB 812 3.07 -57.31 -158.08
C ASP NB 812 4.42 -56.64 -158.28
N LEU NB 813 5.31 -56.76 -157.31
CA LEU NB 813 6.72 -56.50 -157.56
C LEU NB 813 7.28 -57.60 -158.46
N SER NB 814 8.45 -57.34 -159.04
CA SER NB 814 8.95 -58.07 -160.20
C SER NB 814 9.23 -59.54 -159.88
N ASP NB 815 9.35 -60.32 -160.97
CA ASP NB 815 9.55 -61.78 -160.96
C ASP NB 815 8.38 -62.49 -160.27
N ASP NB 816 7.22 -62.37 -160.89
CA ASP NB 816 6.04 -63.13 -160.46
C ASP NB 816 5.19 -63.47 -161.69
N GLU NB 817 5.06 -64.76 -161.97
CA GLU NB 817 4.16 -65.20 -163.03
C GLU NB 817 3.33 -66.44 -162.69
N LYS NB 818 3.66 -67.17 -161.62
CA LYS NB 818 2.98 -68.41 -161.30
C LYS NB 818 2.11 -68.33 -160.06
N HIS NB 819 2.46 -67.47 -159.10
CA HIS NB 819 1.67 -67.31 -157.89
C HIS NB 819 0.48 -66.39 -158.08
N ASP NB 820 0.35 -65.76 -159.25
CA ASP NB 820 -0.80 -64.91 -159.52
C ASP NB 820 -2.06 -65.76 -159.68
N ASN NB 821 -3.16 -65.28 -159.09
CA ASN NB 821 -4.42 -65.99 -159.17
C ASN NB 821 -4.99 -65.92 -160.58
N LYS NB 822 -5.58 -67.02 -161.03
CA LYS NB 822 -6.13 -67.10 -162.37
C LYS NB 822 -7.56 -66.58 -162.37
N GLU NB 823 -8.27 -66.77 -163.47
CA GLU NB 823 -9.63 -66.29 -163.61
C GLU NB 823 -10.61 -67.25 -162.95
N LEU NB 824 -11.89 -66.96 -163.11
CA LEU NB 824 -12.97 -67.71 -162.49
C LEU NB 824 -13.76 -68.48 -163.56
N THR NB 825 -14.66 -69.34 -163.09
CA THR NB 825 -15.48 -70.17 -163.95
C THR NB 825 -16.92 -69.66 -163.92
N ARG NB 826 -17.57 -69.65 -165.09
CA ARG NB 826 -18.98 -69.29 -165.15
C ARG NB 826 -19.86 -70.34 -164.46
N THR NB 827 -19.39 -71.59 -164.41
CA THR NB 827 -20.01 -72.58 -163.54
C THR NB 827 -19.85 -72.20 -162.08
N HIS NB 828 -18.65 -71.74 -161.71
CA HIS NB 828 -18.40 -71.29 -160.33
C HIS NB 828 -19.15 -70.01 -160.01
N LEU NB 829 -19.51 -69.23 -161.02
CA LEU NB 829 -20.41 -68.09 -160.82
C LEU NB 829 -21.78 -68.57 -160.37
N ASP NB 830 -22.30 -69.64 -161.01
CA ASP NB 830 -23.58 -70.19 -160.59
C ASP NB 830 -23.45 -71.00 -159.31
N ASP NB 831 -22.24 -71.45 -158.98
CA ASP NB 831 -22.03 -72.14 -157.72
C ASP NB 831 -22.16 -71.20 -156.54
N ILE NB 832 -21.69 -69.96 -156.68
CA ILE NB 832 -21.78 -69.00 -155.58
C ILE NB 832 -23.09 -68.24 -155.62
N PHE NB 833 -23.48 -67.76 -156.80
CA PHE NB 833 -24.64 -66.89 -156.95
C PHE NB 833 -25.87 -67.69 -157.34
N SER NB 834 -26.99 -66.99 -157.46
CA SER NB 834 -28.25 -67.57 -157.90
C SER NB 834 -28.71 -66.79 -159.14
N PRO NB 835 -29.21 -67.48 -160.17
CA PRO NB 835 -29.50 -66.77 -161.43
C PRO NB 835 -30.70 -65.85 -161.37
N PHE NB 836 -31.67 -66.11 -160.50
CA PHE NB 836 -32.82 -65.21 -160.40
C PHE NB 836 -32.45 -63.90 -159.73
N ASP NB 837 -31.48 -63.92 -158.82
CA ASP NB 837 -30.96 -62.67 -158.27
C ASP NB 837 -30.06 -61.95 -159.26
N LEU NB 838 -29.45 -62.67 -160.21
CA LEU NB 838 -28.73 -62.02 -161.29
C LEU NB 838 -29.70 -61.29 -162.21
N LYS NB 839 -30.91 -61.82 -162.38
CA LYS NB 839 -31.97 -61.09 -163.07
C LYS NB 839 -32.36 -59.85 -162.29
N ARG NB 840 -32.36 -59.93 -160.95
CA ARG NB 840 -32.61 -58.76 -160.12
C ARG NB 840 -31.49 -57.74 -160.25
N LEU NB 841 -30.26 -58.22 -160.44
CA LEU NB 841 -29.15 -57.33 -160.78
C LEU NB 841 -29.36 -56.71 -162.15
N ASP NB 842 -29.89 -57.50 -163.10
CA ASP NB 842 -30.25 -56.94 -164.39
C ASP NB 842 -31.44 -56.01 -164.27
N SER NB 843 -32.35 -56.29 -163.33
CA SER NB 843 -33.45 -55.38 -163.09
C SER NB 843 -32.98 -54.10 -162.41
N TYR NB 844 -31.93 -54.20 -161.59
CA TYR NB 844 -31.31 -53.00 -161.06
C TYR NB 844 -30.50 -52.27 -162.12
N SER NB 845 -30.04 -52.97 -163.16
CA SER NB 845 -29.48 -52.29 -164.31
C SER NB 845 -30.55 -51.55 -165.09
N ASN NB 846 -31.79 -52.01 -165.02
CA ASN NB 846 -32.92 -51.24 -165.54
C ASN NB 846 -33.39 -50.17 -164.57
N ASN NB 847 -32.81 -50.13 -163.36
CA ASN NB 847 -32.96 -49.06 -162.37
C ASN NB 847 -34.42 -48.91 -161.91
N LEU NB 848 -34.95 -49.99 -161.36
CA LEU NB 848 -36.27 -49.96 -160.74
C LEU NB 848 -36.35 -50.66 -159.40
N LEU NB 849 -35.33 -51.41 -158.99
CA LEU NB 849 -35.38 -52.14 -157.73
C LEU NB 849 -34.77 -51.29 -156.62
N ASP NB 850 -34.56 -51.88 -155.45
CA ASP NB 850 -33.97 -51.20 -154.31
C ASP NB 850 -32.50 -51.56 -154.19
N TYR NB 851 -31.73 -50.66 -153.58
CA TYR NB 851 -30.33 -50.91 -153.28
C TYR NB 851 -30.15 -51.99 -152.23
N HIS NB 852 -31.18 -52.28 -151.43
CA HIS NB 852 -31.11 -53.42 -150.52
C HIS NB 852 -31.07 -54.74 -151.28
N VAL NB 853 -31.81 -54.83 -152.38
CA VAL NB 853 -31.92 -56.07 -153.13
C VAL NB 853 -30.63 -56.37 -153.90
N ILE NB 854 -29.76 -55.38 -154.09
CA ILE NB 854 -28.45 -55.63 -154.66
C ILE NB 854 -27.41 -55.61 -153.54
N GLY NB 855 -27.74 -54.94 -152.43
CA GLY NB 855 -26.79 -54.76 -151.35
C GLY NB 855 -26.43 -56.02 -150.61
N ASP NB 856 -27.31 -57.02 -150.62
CA ASP NB 856 -26.95 -58.33 -150.11
C ASP NB 856 -25.90 -58.98 -151.01
N MET NB 857 -26.00 -58.77 -152.32
CA MET NB 857 -25.11 -59.36 -153.30
C MET NB 857 -23.86 -58.52 -153.55
N ILE NB 858 -23.77 -57.33 -152.96
CA ILE NB 858 -22.59 -56.48 -153.13
C ILE NB 858 -21.29 -57.08 -152.56
N PRO NB 859 -21.21 -57.53 -151.29
CA PRO NB 859 -19.86 -57.71 -150.69
C PRO NB 859 -19.07 -58.88 -151.25
N MET NB 860 -19.69 -60.03 -151.48
CA MET NB 860 -18.96 -61.13 -152.10
C MET NB 860 -18.69 -60.88 -153.58
N LEU NB 861 -19.50 -60.03 -154.23
CA LEU NB 861 -19.12 -59.55 -155.55
C LEU NB 861 -17.88 -58.67 -155.47
N ALA NB 862 -17.78 -57.84 -154.43
CA ALA NB 862 -16.58 -57.05 -154.21
C ALA NB 862 -15.40 -57.93 -153.83
N LEU NB 863 -15.65 -59.00 -153.06
CA LEU NB 863 -14.62 -60.02 -152.83
C LEU NB 863 -14.23 -60.69 -154.14
N LEU NB 864 -15.21 -60.95 -155.00
CA LEU NB 864 -14.93 -61.44 -156.34
C LEU NB 864 -14.28 -60.37 -157.20
N TYR NB 865 -14.56 -59.09 -156.92
CA TYR NB 865 -13.92 -58.01 -157.67
C TYR NB 865 -12.44 -57.86 -157.30
N PHE NB 866 -12.13 -57.98 -156.00
CA PHE NB 866 -10.77 -57.74 -155.56
C PHE NB 866 -9.87 -58.96 -155.64
N GLY NB 867 -10.33 -60.03 -156.29
CA GLY NB 867 -9.44 -61.06 -156.74
C GLY NB 867 -8.74 -60.66 -158.02
N ASP NB 868 -8.02 -61.60 -158.61
CA ASP NB 868 -7.25 -61.32 -159.81
C ASP NB 868 -8.02 -61.64 -161.08
N LYS NB 869 -9.34 -61.49 -161.03
CA LYS NB 869 -10.22 -61.87 -162.13
C LYS NB 869 -10.94 -60.70 -162.81
N MET NB 870 -11.64 -59.85 -162.07
CA MET NB 870 -12.24 -58.66 -162.66
C MET NB 870 -11.30 -57.45 -162.69
N GLY NB 871 -10.11 -57.55 -162.08
CA GLY NB 871 -9.11 -56.54 -162.30
C GLY NB 871 -8.63 -56.52 -163.74
N ASP NB 872 -8.51 -57.71 -164.35
CA ASP NB 872 -8.19 -57.80 -165.76
C ASP NB 872 -9.39 -57.36 -166.61
N SER NB 873 -10.60 -57.75 -166.21
CA SER NB 873 -11.81 -57.50 -166.99
C SER NB 873 -12.14 -56.03 -167.13
N VAL NB 874 -12.49 -55.36 -166.03
CA VAL NB 874 -12.90 -53.97 -166.05
C VAL NB 874 -12.05 -53.20 -165.05
N LYS NB 875 -11.41 -52.13 -165.50
CA LYS NB 875 -10.65 -51.26 -164.61
C LYS NB 875 -11.60 -50.27 -163.94
N LEU NB 876 -11.75 -50.39 -162.62
CA LEU NB 876 -12.65 -49.51 -161.88
C LEU NB 876 -11.99 -48.97 -160.63
N SER NB 877 -10.70 -48.61 -160.72
CA SER NB 877 -9.90 -48.22 -159.55
C SER NB 877 -9.96 -46.72 -159.26
N SER NB 878 -11.02 -46.05 -159.67
CA SER NB 878 -11.24 -44.64 -159.36
C SER NB 878 -12.00 -44.54 -158.04
N VAL NB 879 -12.60 -43.38 -157.76
CA VAL NB 879 -13.41 -43.19 -156.55
C VAL NB 879 -14.67 -44.04 -156.57
N GLN NB 880 -15.02 -44.61 -157.73
CA GLN NB 880 -16.01 -45.68 -157.81
C GLN NB 880 -15.61 -46.87 -156.93
N SER NB 881 -14.32 -47.19 -156.88
CA SER NB 881 -13.86 -48.26 -155.99
C SER NB 881 -13.94 -47.85 -154.53
N ALA NB 882 -13.77 -46.55 -154.24
CA ALA NB 882 -13.86 -46.06 -152.87
C ALA NB 882 -15.27 -46.24 -152.32
N ILE NB 883 -16.27 -45.95 -153.14
CA ILE NB 883 -17.66 -46.17 -152.75
C ILE NB 883 -17.95 -47.67 -152.64
N LEU NB 884 -17.42 -48.45 -153.59
CA LEU NB 884 -17.64 -49.90 -153.59
C LEU NB 884 -16.97 -50.57 -152.40
N LEU NB 885 -15.78 -50.11 -152.03
CA LEU NB 885 -15.11 -50.65 -150.85
C LEU NB 885 -15.84 -50.24 -149.57
N ALA NB 886 -16.39 -49.03 -149.54
CA ALA NB 886 -17.12 -48.59 -148.36
C ALA NB 886 -18.49 -49.26 -148.25
N ILE NB 887 -19.16 -49.47 -149.37
CA ILE NB 887 -20.48 -50.10 -149.33
C ILE NB 887 -20.39 -51.62 -149.25
N GLY NB 888 -19.25 -52.21 -149.61
CA GLY NB 888 -19.15 -53.65 -149.63
C GLY NB 888 -18.27 -54.24 -148.55
N LEU NB 889 -17.15 -53.58 -148.27
CA LEU NB 889 -16.23 -54.08 -147.26
C LEU NB 889 -16.34 -53.33 -145.95
N GLN NB 890 -16.76 -52.07 -145.98
CA GLN NB 890 -17.12 -51.37 -144.75
C GLN NB 890 -18.61 -51.43 -144.47
N ARG NB 891 -19.42 -51.58 -145.52
CA ARG NB 891 -20.88 -51.78 -145.46
C ARG NB 891 -21.59 -50.64 -144.73
N LYS NB 892 -21.06 -49.42 -144.82
CA LYS NB 892 -21.62 -48.31 -144.08
C LYS NB 892 -22.82 -47.72 -144.81
N ASN NB 893 -23.37 -46.66 -144.24
CA ASN NB 893 -24.47 -45.93 -144.86
C ASN NB 893 -23.97 -45.20 -146.11
N ILE NB 894 -24.84 -45.13 -147.12
CA ILE NB 894 -24.48 -44.48 -148.38
C ILE NB 894 -24.29 -42.98 -148.19
N ASP NB 895 -25.01 -42.38 -147.23
CA ASP NB 895 -24.82 -40.97 -146.94
C ASP NB 895 -23.52 -40.71 -146.20
N THR NB 896 -23.02 -41.70 -145.47
CA THR NB 896 -21.71 -41.55 -144.82
C THR NB 896 -20.59 -41.57 -145.86
N ILE NB 897 -20.74 -42.39 -146.90
CA ILE NB 897 -19.82 -42.34 -148.03
C ILE NB 897 -19.98 -41.02 -148.78
N ALA NB 898 -21.21 -40.51 -148.84
CA ALA NB 898 -21.47 -39.20 -149.44
C ALA NB 898 -20.81 -38.10 -148.63
N LYS NB 899 -20.85 -38.19 -147.31
CA LYS NB 899 -20.20 -37.19 -146.47
C LYS NB 899 -18.69 -37.33 -146.53
N GLU NB 900 -18.18 -38.57 -146.62
CA GLU NB 900 -16.74 -38.79 -146.69
C GLU NB 900 -16.17 -38.28 -148.01
N LEU NB 901 -16.87 -38.50 -149.11
CA LEU NB 901 -16.43 -38.09 -150.44
C LEU NB 901 -17.16 -36.83 -150.91
N ASN NB 902 -17.65 -36.05 -149.96
CA ASN NB 902 -18.20 -34.70 -150.13
C ASN NB 902 -19.31 -34.54 -151.18
N LEU NB 903 -20.01 -35.63 -151.48
CA LEU NB 903 -21.05 -35.58 -152.50
C LEU NB 903 -22.38 -35.21 -151.84
N PRO NB 904 -22.96 -34.05 -152.13
CA PRO NB 904 -24.16 -33.62 -151.42
C PRO NB 904 -25.44 -34.23 -151.96
N SER NB 905 -25.40 -34.84 -153.12
CA SER NB 905 -26.58 -35.39 -153.78
C SER NB 905 -26.43 -36.89 -153.93
N ASN NB 906 -27.33 -37.49 -154.70
CA ASN NB 906 -27.33 -38.93 -154.93
C ASN NB 906 -26.51 -39.32 -156.14
N GLN NB 907 -25.40 -38.63 -156.38
CA GLN NB 907 -24.39 -39.13 -157.31
C GLN NB 907 -23.79 -40.44 -156.82
N THR NB 908 -23.75 -40.65 -155.51
CA THR NB 908 -23.27 -41.87 -154.88
C THR NB 908 -23.97 -43.12 -155.40
N ILE NB 909 -25.26 -43.01 -155.73
CA ILE NB 909 -25.92 -44.09 -156.42
C ILE NB 909 -25.77 -43.96 -157.94
N ALA NB 910 -25.37 -42.80 -158.46
CA ALA NB 910 -25.43 -42.58 -159.90
C ALA NB 910 -24.24 -43.21 -160.62
N MET NB 911 -23.01 -42.96 -160.16
CA MET NB 911 -21.91 -43.77 -160.68
C MET NB 911 -21.82 -45.12 -159.99
N PHE NB 912 -22.60 -45.37 -158.93
CA PHE NB 912 -22.82 -46.77 -158.57
C PHE NB 912 -23.69 -47.45 -159.62
N ALA NB 913 -24.64 -46.71 -160.19
CA ALA NB 913 -25.45 -47.26 -161.28
C ALA NB 913 -24.59 -47.51 -162.51
N LYS NB 914 -23.52 -46.74 -162.68
CA LYS NB 914 -22.58 -46.97 -163.76
C LYS NB 914 -21.82 -48.28 -163.57
N ILE NB 915 -21.45 -48.61 -162.33
CA ILE NB 915 -20.45 -49.66 -162.16
C ILE NB 915 -21.06 -51.06 -162.09
N MET NB 916 -22.27 -51.25 -161.54
CA MET NB 916 -22.78 -52.62 -161.53
C MET NB 916 -23.34 -52.99 -162.89
N ARG NB 917 -23.61 -52.00 -163.74
CA ARG NB 917 -23.91 -52.29 -165.15
C ARG NB 917 -22.70 -52.86 -165.88
N LYS NB 918 -21.49 -52.53 -165.42
CA LYS NB 918 -20.29 -52.77 -166.21
C LYS NB 918 -19.95 -54.25 -166.30
N MET NB 919 -20.06 -54.99 -165.20
CA MET NB 919 -19.93 -56.43 -165.36
C MET NB 919 -21.27 -57.13 -165.56
N SER NB 920 -22.39 -56.41 -165.51
CA SER NB 920 -23.68 -56.99 -165.86
C SER NB 920 -23.73 -57.37 -167.33
N GLN NB 921 -23.35 -56.44 -168.22
CA GLN NB 921 -23.28 -56.75 -169.64
C GLN NB 921 -22.06 -57.61 -169.98
N TYR NB 922 -21.07 -57.68 -169.10
CA TYR NB 922 -20.01 -58.67 -169.24
C TYR NB 922 -20.57 -60.08 -169.05
N PHE NB 923 -21.54 -60.24 -168.16
CA PHE NB 923 -22.18 -61.54 -167.96
C PHE NB 923 -23.06 -61.90 -169.16
N MET OB 1 7.32 -61.92 -114.67
CA MET OB 1 6.88 -63.28 -114.88
C MET OB 1 8.15 -64.15 -114.82
N LYS OB 2 8.08 -65.30 -114.18
CA LYS OB 2 9.21 -66.22 -114.13
C LYS OB 2 8.72 -67.61 -114.51
N LEU OB 3 9.52 -68.34 -115.27
CA LEU OB 3 9.09 -69.65 -115.75
C LEU OB 3 10.08 -70.70 -115.22
N ASN OB 4 9.63 -71.49 -114.26
CA ASN OB 4 10.46 -72.51 -113.63
C ASN OB 4 10.29 -73.77 -114.49
N ILE OB 5 11.41 -74.25 -115.01
CA ILE OB 5 11.41 -75.39 -115.92
C ILE OB 5 12.32 -76.48 -115.32
N SER OB 6 11.83 -77.72 -115.35
CA SER OB 6 12.55 -78.86 -114.81
C SER OB 6 12.52 -80.01 -115.81
N TYR OB 7 13.67 -80.65 -116.01
CA TYR OB 7 13.73 -81.85 -116.82
C TYR OB 7 14.20 -82.99 -115.92
N PRO OB 8 13.40 -84.04 -115.76
CA PRO OB 8 13.51 -84.89 -114.57
C PRO OB 8 14.74 -85.78 -114.46
N VAL OB 9 15.06 -86.53 -115.52
CA VAL OB 9 15.86 -87.74 -115.37
C VAL OB 9 17.35 -87.48 -115.11
N ASN OB 10 17.82 -86.26 -115.33
CA ASN OB 10 19.22 -85.96 -115.04
C ASN OB 10 19.42 -85.10 -113.81
N GLY OB 11 18.35 -84.50 -113.28
CA GLY OB 11 18.47 -83.58 -112.16
C GLY OB 11 18.85 -82.17 -112.57
N SER OB 12 18.01 -81.53 -113.39
CA SER OB 12 18.21 -80.13 -113.76
C SER OB 12 16.91 -79.36 -113.60
N GLN OB 13 17.02 -78.17 -113.03
CA GLN OB 13 15.89 -77.27 -112.91
C GLN OB 13 16.40 -75.85 -112.81
N LYS OB 14 15.71 -74.92 -113.49
CA LYS OB 14 16.13 -73.53 -113.48
C LYS OB 14 14.92 -72.64 -113.63
N THR OB 15 15.07 -71.39 -113.19
CA THR OB 15 14.01 -70.40 -113.25
C THR OB 15 14.44 -69.31 -114.24
N PHE OB 16 13.62 -69.09 -115.26
CA PHE OB 16 13.93 -68.15 -116.33
C PHE OB 16 13.03 -66.93 -116.21
N GLU OB 17 13.65 -65.74 -116.33
CA GLU OB 17 12.94 -64.48 -116.26
C GLU OB 17 12.64 -64.01 -117.68
N ILE OB 18 11.36 -64.03 -118.05
CA ILE OB 18 10.92 -63.62 -119.38
C ILE OB 18 9.86 -62.53 -119.25
N ASP OB 19 10.07 -61.42 -119.94
CA ASP OB 19 9.11 -60.35 -120.12
C ASP OB 19 8.27 -60.64 -121.37
N ASP OB 20 7.65 -59.60 -121.94
CA ASP OB 20 6.96 -59.64 -123.25
C ASP OB 20 5.74 -60.57 -123.13
N GLU OB 21 4.72 -60.00 -122.49
CA GLU OB 21 3.58 -60.75 -121.95
C GLU OB 21 2.70 -61.42 -123.00
N HIS OB 22 2.92 -61.23 -124.30
CA HIS OB 22 2.16 -62.04 -125.23
C HIS OB 22 2.85 -63.36 -125.53
N ARG OB 23 4.11 -63.52 -125.12
CA ARG OB 23 4.76 -64.82 -125.23
C ARG OB 23 4.20 -65.81 -124.22
N ILE OB 24 3.82 -65.33 -123.04
CA ILE OB 24 3.22 -66.21 -122.04
C ILE OB 24 1.73 -66.42 -122.31
N ARG OB 25 1.16 -65.75 -123.31
CA ARG OB 25 -0.27 -65.86 -123.57
C ARG OB 25 -0.65 -67.21 -124.18
N VAL OB 26 0.35 -67.99 -124.64
CA VAL OB 26 0.05 -69.34 -125.11
C VAL OB 26 -0.38 -70.23 -123.96
N PHE OB 27 0.19 -70.03 -122.76
CA PHE OB 27 -0.26 -70.84 -121.63
C PHE OB 27 -1.51 -70.28 -120.98
N PHE OB 28 -1.97 -69.10 -121.39
CA PHE OB 28 -3.16 -68.48 -120.79
C PHE OB 28 -4.41 -69.30 -121.07
N ASP OB 29 -5.31 -69.32 -120.06
CA ASP OB 29 -6.51 -70.17 -120.04
C ASP OB 29 -6.19 -71.63 -120.31
N LYS OB 30 -5.18 -72.16 -119.62
CA LYS OB 30 -4.86 -73.58 -119.61
C LYS OB 30 -4.64 -74.01 -118.17
N ARG OB 31 -5.47 -74.91 -117.67
CA ARG OB 31 -5.36 -75.35 -116.30
C ARG OB 31 -4.34 -76.48 -116.16
N ILE OB 32 -4.39 -77.15 -115.00
CA ILE OB 32 -3.36 -78.12 -114.62
C ILE OB 32 -3.43 -79.35 -115.51
N GLY OB 33 -2.31 -80.06 -115.63
CA GLY OB 33 -2.24 -81.36 -116.25
C GLY OB 33 -1.94 -81.36 -117.73
N GLN OB 34 -2.56 -80.47 -118.50
CA GLN OB 34 -2.45 -80.53 -119.96
C GLN OB 34 -1.09 -80.03 -120.43
N GLU OB 35 -0.70 -80.48 -121.61
CA GLU OB 35 0.57 -80.11 -122.20
C GLU OB 35 0.46 -78.81 -122.98
N VAL OB 36 1.61 -78.20 -123.23
CA VAL OB 36 1.66 -76.97 -124.02
C VAL OB 36 2.98 -76.97 -124.80
N ASP OB 37 2.92 -76.41 -126.01
CA ASP OB 37 4.04 -76.39 -126.93
C ASP OB 37 5.01 -75.27 -126.58
N GLY OB 38 6.20 -75.35 -127.17
CA GLY OB 38 7.22 -74.33 -126.98
C GLY OB 38 7.43 -73.40 -128.16
N GLU OB 39 6.75 -73.65 -129.28
CA GLU OB 39 6.96 -72.83 -130.48
C GLU OB 39 6.38 -71.43 -130.31
N ALA OB 40 5.16 -71.34 -129.77
CA ALA OB 40 4.47 -70.06 -129.72
C ALA OB 40 5.04 -69.13 -128.67
N VAL OB 41 5.74 -69.65 -127.67
CA VAL OB 41 6.35 -68.79 -126.66
C VAL OB 41 7.77 -68.38 -127.05
N GLY OB 42 8.56 -69.28 -127.62
CA GLY OB 42 9.92 -68.94 -127.98
C GLY OB 42 10.48 -69.72 -129.15
N ASP OB 43 11.00 -68.99 -130.14
CA ASP OB 43 11.64 -69.65 -131.28
C ASP OB 43 12.98 -70.27 -130.91
N GLU OB 44 13.59 -69.80 -129.82
CA GLU OB 44 14.87 -70.35 -129.36
C GLU OB 44 14.72 -71.78 -128.83
N PHE OB 45 13.54 -72.15 -128.37
CA PHE OB 45 13.26 -73.51 -127.90
C PHE OB 45 12.03 -74.00 -128.66
N LYS OB 46 12.29 -74.74 -129.74
CA LYS OB 46 11.26 -75.25 -130.64
C LYS OB 46 11.14 -76.75 -130.48
N GLY OB 47 9.91 -77.25 -130.51
CA GLY OB 47 9.69 -78.68 -130.37
C GLY OB 47 9.64 -79.18 -128.94
N TYR OB 48 9.37 -78.29 -127.98
CA TYR OB 48 9.36 -78.65 -126.58
C TYR OB 48 7.91 -78.69 -126.09
N VAL OB 49 7.54 -79.80 -125.45
CA VAL OB 49 6.18 -80.02 -124.95
C VAL OB 49 6.21 -79.96 -123.43
N PHE OB 50 5.53 -78.96 -122.88
CA PHE OB 50 5.62 -78.64 -121.46
C PHE OB 50 4.33 -79.04 -120.77
N LYS OB 51 4.43 -79.95 -119.80
CA LYS OB 51 3.31 -80.25 -118.91
C LYS OB 51 3.47 -79.37 -117.68
N ILE OB 52 2.57 -78.41 -117.51
CA ILE OB 52 2.73 -77.43 -116.45
C ILE OB 52 2.27 -78.05 -115.13
N SER OB 53 2.99 -77.77 -114.06
CA SER OB 53 2.71 -78.33 -112.75
C SER OB 53 2.46 -77.23 -111.73
N GLY OB 54 1.75 -76.18 -112.15
CA GLY OB 54 1.41 -75.12 -111.24
C GLY OB 54 2.51 -74.09 -111.05
N GLY OB 55 2.55 -73.51 -109.86
CA GLY OB 55 3.55 -72.50 -109.56
C GLY OB 55 3.16 -71.69 -108.33
N ASN OB 56 3.52 -70.42 -108.36
CA ASN OB 56 3.15 -69.50 -107.29
C ASN OB 56 2.80 -68.14 -107.87
N ASP OB 57 1.69 -67.59 -107.41
CA ASP OB 57 1.16 -66.30 -107.85
C ASP OB 57 1.86 -65.12 -107.16
N LYS OB 58 1.55 -63.92 -107.63
CA LYS OB 58 1.94 -62.73 -106.89
C LYS OB 58 1.17 -62.67 -105.58
N GLN OB 59 1.86 -62.17 -104.54
CA GLN OB 59 1.54 -62.30 -103.10
C GLN OB 59 1.61 -63.75 -102.61
N GLY OB 60 2.22 -64.63 -103.40
CA GLY OB 60 2.73 -65.90 -102.91
C GLY OB 60 1.71 -66.92 -102.44
N PHE OB 61 0.45 -66.78 -102.84
CA PHE OB 61 -0.54 -67.78 -102.51
C PHE OB 61 -0.34 -68.99 -103.40
N PRO OB 62 -0.23 -70.20 -102.84
CA PRO OB 62 0.22 -71.36 -103.62
C PRO OB 62 -0.84 -71.88 -104.59
N MET OB 63 -0.41 -72.87 -105.38
CA MET OB 63 -1.19 -73.41 -106.48
C MET OB 63 -1.52 -74.86 -106.17
N LYS OB 64 -2.78 -75.17 -105.91
CA LYS OB 64 -3.12 -76.58 -105.81
C LYS OB 64 -3.82 -77.04 -107.08
N GLN OB 65 -3.78 -78.34 -107.32
CA GLN OB 65 -4.18 -78.89 -108.60
C GLN OB 65 -5.69 -78.96 -108.73
N GLY OB 66 -6.18 -78.55 -109.90
CA GLY OB 66 -7.51 -78.87 -110.42
C GLY OB 66 -8.75 -78.61 -109.60
N VAL OB 67 -9.11 -77.35 -109.37
CA VAL OB 67 -10.44 -77.09 -108.82
C VAL OB 67 -11.32 -76.29 -109.79
N LEU OB 68 -11.06 -74.98 -109.96
CA LEU OB 68 -11.84 -74.05 -110.77
C LEU OB 68 -11.24 -72.64 -110.71
N LEU OB 69 -11.88 -71.68 -111.43
CA LEU OB 69 -12.04 -70.26 -111.12
C LEU OB 69 -10.70 -69.59 -110.78
N PRO OB 70 -9.96 -69.09 -111.81
CA PRO OB 70 -8.54 -68.73 -111.64
C PRO OB 70 -8.17 -67.74 -110.54
N THR OB 71 -9.14 -66.97 -110.05
CA THR OB 71 -8.92 -66.09 -108.91
C THR OB 71 -8.64 -66.90 -107.64
N ARG OB 72 -8.08 -66.21 -106.64
CA ARG OB 72 -7.73 -66.82 -105.36
C ARG OB 72 -8.98 -67.31 -104.65
N ILE OB 73 -8.94 -68.55 -104.17
CA ILE OB 73 -10.14 -69.21 -103.67
C ILE OB 73 -9.86 -69.69 -102.24
N LYS OB 74 -10.88 -69.64 -101.39
CA LYS OB 74 -10.70 -70.04 -100.00
C LYS OB 74 -11.28 -71.44 -99.79
N LEU OB 75 -10.41 -72.39 -99.44
CA LEU OB 75 -10.76 -73.79 -99.27
C LEU OB 75 -10.33 -74.27 -97.88
N LEU OB 76 -10.68 -75.50 -97.55
CA LEU OB 76 -10.28 -76.13 -96.30
C LEU OB 76 -9.15 -77.11 -96.58
N LEU OB 77 -8.04 -76.96 -95.86
CA LEU OB 77 -6.87 -77.79 -96.06
C LEU OB 77 -6.36 -78.23 -94.69
N THR OB 78 -5.17 -78.82 -94.67
CA THR OB 78 -4.58 -79.32 -93.43
C THR OB 78 -3.82 -78.21 -92.71
N ARG OB 92 -7.81 -79.08 -89.28
CA ARG OB 92 -8.28 -78.49 -90.53
C ARG OB 92 -8.67 -77.03 -90.33
N LYS OB 93 -8.35 -76.19 -91.31
CA LYS OB 93 -8.63 -74.77 -91.22
C LYS OB 93 -8.75 -74.21 -92.64
N ARG OB 94 -9.10 -72.94 -92.71
CA ARG OB 94 -9.29 -72.27 -94.00
C ARG OB 94 -7.98 -71.65 -94.47
N LYS OB 95 -7.68 -71.81 -95.75
CA LYS OB 95 -6.55 -71.15 -96.38
C LYS OB 95 -6.98 -70.60 -97.73
N SER OB 96 -6.24 -69.63 -98.22
CA SER OB 96 -6.52 -69.04 -99.52
C SER OB 96 -5.52 -69.57 -100.54
N VAL OB 97 -6.04 -70.13 -101.62
CA VAL OB 97 -5.26 -70.76 -102.68
C VAL OB 97 -5.73 -70.15 -103.99
N ARG OB 98 -4.80 -69.87 -104.90
CA ARG OB 98 -5.19 -69.39 -106.22
C ARG OB 98 -5.88 -70.48 -107.01
N GLY OB 99 -6.81 -70.08 -107.89
CA GLY OB 99 -7.59 -71.06 -108.63
C GLY OB 99 -6.86 -71.67 -109.81
N ALA OB 100 -7.38 -72.83 -110.25
CA ALA OB 100 -6.64 -73.86 -110.97
C ALA OB 100 -6.08 -73.43 -112.33
N ILE OB 101 -6.53 -72.32 -112.91
CA ILE OB 101 -6.10 -71.94 -114.25
C ILE OB 101 -5.14 -70.76 -114.15
N VAL OB 102 -4.02 -70.88 -114.87
CA VAL OB 102 -3.03 -69.81 -114.91
C VAL OB 102 -3.60 -68.60 -115.64
N GLY OB 103 -3.29 -67.41 -115.12
CA GLY OB 103 -3.79 -66.19 -115.70
C GLY OB 103 -2.77 -65.08 -115.71
N PRO OB 104 -3.23 -63.83 -115.61
CA PRO OB 104 -2.33 -62.68 -115.73
C PRO OB 104 -1.56 -62.35 -114.47
N ASP OB 105 -1.85 -63.01 -113.35
CA ASP OB 105 -1.26 -62.61 -112.07
C ASP OB 105 -0.44 -63.72 -111.43
N LEU OB 106 0.44 -64.34 -112.20
CA LEU OB 106 1.35 -65.34 -111.67
C LEU OB 106 2.74 -64.75 -111.49
N ALA OB 107 3.39 -65.11 -110.39
CA ALA OB 107 4.78 -64.75 -110.19
C ALA OB 107 5.72 -65.77 -110.81
N VAL OB 108 5.47 -67.05 -110.57
CA VAL OB 108 6.25 -68.14 -111.16
C VAL OB 108 5.30 -69.26 -111.52
N LEU OB 109 5.47 -69.84 -112.71
CA LEU OB 109 4.72 -71.01 -113.16
C LEU OB 109 5.70 -72.14 -113.43
N ALA OB 110 5.46 -73.30 -112.82
CA ALA OB 110 6.35 -74.45 -112.94
C ALA OB 110 6.06 -75.21 -114.22
N LEU OB 111 7.11 -75.55 -114.95
CA LEU OB 111 7.02 -76.22 -116.24
C LEU OB 111 7.80 -77.52 -116.18
N VAL OB 112 7.24 -78.58 -116.74
CA VAL OB 112 7.93 -79.87 -116.84
C VAL OB 112 8.01 -80.26 -118.30
N ILE OB 113 9.22 -80.41 -118.81
CA ILE OB 113 9.46 -80.84 -120.18
C ILE OB 113 9.60 -82.35 -120.22
N VAL OB 114 8.91 -82.97 -121.19
CA VAL OB 114 8.95 -84.43 -121.34
C VAL OB 114 9.58 -84.89 -122.64
N LYS OB 115 9.83 -83.99 -123.60
CA LYS OB 115 10.48 -84.39 -124.85
C LYS OB 115 11.28 -83.21 -125.40
N LYS OB 116 12.60 -83.34 -125.39
CA LYS OB 116 13.50 -82.29 -125.85
C LYS OB 116 13.30 -82.02 -127.34
N GLY OB 117 13.43 -80.75 -127.71
CA GLY OB 117 13.18 -80.33 -129.07
C GLY OB 117 14.41 -80.36 -129.96
N GLU OB 118 14.85 -79.19 -130.44
CA GLU OB 118 15.91 -79.13 -131.44
C GLU OB 118 17.13 -78.32 -131.03
N GLN OB 119 17.06 -77.51 -129.98
CA GLN OB 119 18.18 -76.66 -129.58
C GLN OB 119 18.66 -77.04 -128.19
N GLU OB 120 19.98 -77.09 -128.03
CA GLU OB 120 20.58 -77.41 -126.75
C GLU OB 120 20.36 -76.28 -125.76
N LEU OB 121 20.01 -76.63 -124.52
CA LEU OB 121 19.80 -75.66 -123.45
C LEU OB 121 20.95 -75.78 -122.47
N GLU OB 122 21.70 -74.69 -122.29
CA GLU OB 122 22.88 -74.72 -121.43
C GLU OB 122 22.53 -74.82 -119.96
N GLY OB 123 21.31 -74.41 -119.57
CA GLY OB 123 20.92 -74.50 -118.17
C GLY OB 123 20.19 -75.79 -117.83
N LEU OB 124 19.72 -76.52 -118.84
CA LEU OB 124 18.89 -77.69 -118.59
C LEU OB 124 19.48 -78.97 -119.14
N THR OB 125 19.93 -78.97 -120.39
CA THR OB 125 20.28 -80.22 -121.07
C THR OB 125 21.63 -80.76 -120.62
N ASP OB 126 22.70 -80.00 -120.86
CA ASP OB 126 24.05 -80.51 -120.63
C ASP OB 126 24.40 -80.59 -119.15
N THR OB 127 23.81 -79.74 -118.31
CA THR OB 127 24.09 -79.76 -116.88
C THR OB 127 23.38 -80.93 -116.22
N THR OB 128 24.08 -81.58 -115.29
CA THR OB 128 23.53 -82.75 -114.63
C THR OB 128 24.04 -82.82 -113.19
N VAL OB 129 23.29 -83.55 -112.36
CA VAL OB 129 23.73 -83.93 -111.03
C VAL OB 129 23.57 -85.44 -110.91
N PRO OB 130 24.35 -86.12 -110.06
CA PRO OB 130 24.09 -87.55 -109.84
C PRO OB 130 23.02 -87.79 -108.80
N LYS OB 131 22.77 -89.05 -108.46
CA LYS OB 131 21.78 -89.38 -107.45
C LYS OB 131 22.38 -89.17 -106.06
N ARG OB 132 21.54 -89.34 -105.03
CA ARG OB 132 21.94 -88.97 -103.67
C ARG OB 132 22.65 -90.11 -102.95
N LEU OB 133 21.96 -91.25 -102.77
CA LEU OB 133 22.51 -92.34 -101.99
C LEU OB 133 21.88 -93.64 -102.45
N GLY OB 134 22.62 -94.74 -102.28
CA GLY OB 134 22.16 -96.05 -102.68
C GLY OB 134 21.17 -96.66 -101.71
N PRO OB 135 20.76 -97.89 -101.98
CA PRO OB 135 19.76 -98.55 -101.13
C PRO OB 135 20.34 -98.97 -99.79
N LYS OB 136 19.44 -99.17 -98.83
CA LYS OB 136 19.79 -99.62 -97.49
C LYS OB 136 19.32 -101.04 -97.22
N ARG OB 137 18.04 -101.34 -97.47
CA ARG OB 137 17.52 -102.68 -97.30
C ARG OB 137 18.10 -103.62 -98.36
N ALA OB 138 18.28 -104.89 -97.97
CA ALA OB 138 18.84 -105.88 -98.88
C ALA OB 138 17.90 -106.19 -100.03
N ASN OB 139 16.59 -105.99 -99.85
CA ASN OB 139 15.65 -106.12 -100.95
C ASN OB 139 15.87 -105.02 -102.00
N ASN OB 140 16.07 -103.79 -101.55
CA ASN OB 140 16.27 -102.69 -102.48
C ASN OB 140 17.67 -102.71 -103.09
N ILE OB 141 18.62 -103.37 -102.42
CA ILE OB 141 19.97 -103.51 -102.97
C ILE OB 141 19.95 -104.41 -104.20
N ARG OB 142 19.22 -105.52 -104.13
CA ARG OB 142 19.09 -106.42 -105.27
C ARG OB 142 18.33 -105.78 -106.41
N LYS OB 143 17.23 -105.10 -106.11
CA LYS OB 143 16.45 -104.41 -107.13
C LYS OB 143 16.90 -102.96 -107.27
N ARG OB 183 18.11 -114.22 -86.13
CA ARG OB 183 17.01 -114.46 -87.05
C ARG OB 183 16.70 -115.96 -87.17
N LEU OB 184 17.66 -116.71 -87.73
CA LEU OB 184 17.56 -118.18 -87.81
C LEU OB 184 17.70 -118.63 -86.33
N GLN OB 185 18.66 -118.05 -85.61
CA GLN OB 185 18.77 -118.28 -84.17
C GLN OB 185 17.54 -117.77 -83.43
N ARG OB 186 16.96 -116.67 -83.89
CA ARG OB 186 15.71 -116.19 -83.30
C ARG OB 186 14.52 -117.05 -83.70
N LYS OB 187 14.57 -117.70 -84.87
CA LYS OB 187 13.52 -118.63 -85.24
C LYS OB 187 13.65 -119.94 -84.46
N ARG OB 188 14.84 -120.23 -83.95
CA ARG OB 188 15.00 -121.35 -83.02
C ARG OB 188 14.26 -121.08 -81.72
N HIS OB 189 14.50 -119.91 -81.11
CA HIS OB 189 13.91 -119.60 -79.83
C HIS OB 189 12.42 -119.30 -79.93
N GLN OB 190 11.96 -118.82 -81.09
CA GLN OB 190 10.54 -118.59 -81.29
C GLN OB 190 9.78 -119.90 -81.35
N ARG OB 191 10.29 -120.88 -82.12
CA ARG OB 191 9.61 -122.16 -82.23
C ARG OB 191 9.83 -123.01 -80.98
N ALA OB 192 10.91 -122.74 -80.24
CA ALA OB 192 11.08 -123.43 -78.96
C ALA OB 192 10.10 -122.93 -77.92
N LEU OB 193 9.92 -121.61 -77.82
CA LEU OB 193 9.06 -121.04 -76.79
C LEU OB 193 7.58 -121.22 -77.11
N LYS OB 194 7.22 -121.28 -78.40
CA LYS OB 194 5.82 -121.42 -78.78
C LYS OB 194 5.29 -122.80 -78.42
N VAL OB 195 6.16 -123.81 -78.43
CA VAL OB 195 5.75 -125.11 -77.92
C VAL OB 195 6.08 -125.28 -76.45
N ARG OB 196 6.92 -124.40 -75.88
CA ARG OB 196 7.26 -124.52 -74.46
C ARG OB 196 6.10 -124.12 -73.56
N ASN OB 197 5.43 -123.00 -73.87
CA ASN OB 197 4.26 -122.63 -73.08
C ASN OB 197 3.06 -123.50 -73.45
N ALA OB 198 3.13 -124.15 -74.62
CA ALA OB 198 2.13 -125.14 -74.97
C ALA OB 198 2.24 -126.37 -74.06
N GLN OB 199 3.46 -126.89 -73.87
CA GLN OB 199 3.64 -128.04 -73.00
C GLN OB 199 3.54 -127.66 -71.53
N ALA OB 200 3.73 -126.37 -71.20
CA ALA OB 200 3.62 -125.94 -69.81
C ALA OB 200 2.17 -125.73 -69.41
N GLN OB 201 1.48 -124.83 -70.11
CA GLN OB 201 0.15 -124.38 -69.67
C GLN OB 201 -0.93 -125.44 -69.92
N ARG OB 202 -0.96 -126.05 -71.11
CA ARG OB 202 -2.04 -126.97 -71.43
C ARG OB 202 -1.89 -128.31 -70.71
N GLU OB 203 -0.67 -128.67 -70.30
CA GLU OB 203 -0.53 -129.78 -69.36
C GLU OB 203 -0.94 -129.36 -67.96
N ALA OB 204 -0.65 -128.11 -67.59
CA ALA OB 204 -1.16 -127.57 -66.33
C ALA OB 204 -2.66 -127.36 -66.38
N ALA OB 205 -3.20 -127.12 -67.58
CA ALA OB 205 -4.65 -127.03 -67.74
C ALA OB 205 -5.32 -128.36 -67.42
N ALA OB 206 -4.69 -129.47 -67.81
CA ALA OB 206 -5.23 -130.78 -67.45
C ALA OB 206 -4.78 -131.20 -66.06
N GLU OB 207 -3.78 -130.52 -65.49
CA GLU OB 207 -3.26 -130.93 -64.18
C GLU OB 207 -4.23 -130.57 -63.06
N TYR OB 208 -4.75 -129.34 -63.05
CA TYR OB 208 -5.77 -129.02 -62.05
C TYR OB 208 -7.17 -129.39 -62.51
N ALA OB 209 -7.34 -129.79 -63.77
CA ALA OB 209 -8.58 -130.42 -64.19
C ALA OB 209 -8.74 -131.79 -63.54
N GLN OB 210 -7.64 -132.54 -63.44
CA GLN OB 210 -7.70 -133.83 -62.74
C GLN OB 210 -7.75 -133.64 -61.23
N LEU OB 211 -7.33 -132.48 -60.72
CA LEU OB 211 -7.55 -132.17 -59.31
C LEU OB 211 -9.02 -131.95 -59.03
N LEU OB 212 -9.75 -131.38 -60.01
CA LEU OB 212 -11.19 -131.29 -59.91
C LEU OB 212 -11.84 -132.67 -60.00
N ALA OB 213 -11.29 -133.55 -60.85
CA ALA OB 213 -11.89 -134.86 -61.07
C ALA OB 213 -11.71 -135.77 -59.87
N LYS OB 214 -10.55 -135.71 -59.22
CA LYS OB 214 -10.34 -136.51 -58.01
C LYS OB 214 -11.20 -136.00 -56.85
N ARG OB 215 -11.40 -134.68 -56.78
CA ARG OB 215 -12.08 -134.11 -55.62
C ARG OB 215 -13.59 -134.11 -55.81
N LEU OB 216 -14.07 -134.13 -57.06
CA LEU OB 216 -15.49 -134.34 -57.30
C LEU OB 216 -15.91 -135.76 -56.95
N SER OB 217 -14.99 -136.72 -57.10
CA SER OB 217 -15.26 -138.08 -56.64
C SER OB 217 -15.30 -138.17 -55.12
N GLU OB 218 -14.61 -137.26 -54.43
CA GLU OB 218 -14.68 -137.21 -52.98
C GLU OB 218 -16.06 -136.80 -52.51
N ARG OB 219 -16.70 -135.88 -53.22
CA ARG OB 219 -18.04 -135.42 -52.87
C ARG OB 219 -19.10 -136.45 -53.25
CA LEU PB 1 -132.60 -43.36 14.66
C LEU PB 1 -133.45 -42.34 13.91
N SER PB 2 -134.63 -42.80 13.47
CA SER PB 2 -135.63 -42.02 12.75
C SER PB 2 -135.05 -41.42 11.47
N SER PB 3 -134.66 -42.33 10.57
CA SER PB 3 -134.11 -41.92 9.27
C SER PB 3 -135.18 -41.29 8.39
N GLU PB 4 -136.43 -41.73 8.51
CA GLU PB 4 -137.52 -41.13 7.75
C GLU PB 4 -137.84 -39.73 8.27
N SER PB 5 -137.66 -39.49 9.58
CA SER PB 5 -137.86 -38.16 10.12
C SER PB 5 -136.76 -37.22 9.68
N VAL PB 6 -135.53 -37.73 9.50
CA VAL PB 6 -134.45 -36.93 8.95
C VAL PB 6 -134.71 -36.63 7.48
N ILE PB 7 -135.29 -37.59 6.75
CA ILE PB 7 -135.67 -37.34 5.36
C ILE PB 7 -136.83 -36.37 5.28
N GLU PB 8 -137.77 -36.45 6.23
CA GLU PB 8 -138.88 -35.51 6.28
C GLU PB 8 -138.42 -34.11 6.67
N GLN PB 9 -137.39 -34.03 7.53
CA GLN PB 9 -136.83 -32.74 7.89
C GLN PB 9 -136.05 -32.13 6.72
N ILE PB 10 -135.40 -32.96 5.92
CA ILE PB 10 -134.67 -32.48 4.75
C ILE PB 10 -135.64 -31.97 3.69
N VAL PB 11 -136.78 -32.65 3.52
CA VAL PB 11 -137.79 -32.21 2.56
C VAL PB 11 -138.46 -30.94 3.02
N LYS PB 12 -138.70 -30.82 4.33
CA LYS PB 12 -139.33 -29.60 4.87
C LYS PB 12 -138.39 -28.41 4.81
N TYR PB 13 -137.09 -28.63 5.05
CA TYR PB 13 -136.12 -27.55 4.96
C TYR PB 13 -135.85 -27.15 3.52
N ALA PB 14 -135.99 -28.07 2.57
CA ALA PB 14 -135.86 -27.70 1.16
C ALA PB 14 -137.08 -26.95 0.67
N ARG PB 15 -138.24 -27.17 1.30
CA ARG PB 15 -139.46 -26.46 0.94
C ARG PB 15 -139.62 -25.14 1.69
N LYS PB 16 -138.65 -24.76 2.52
CA LYS PB 16 -138.72 -23.52 3.28
C LYS PB 16 -138.24 -22.30 2.49
N GLY PB 17 -137.81 -22.49 1.25
CA GLY PB 17 -137.34 -21.38 0.45
C GLY PB 17 -135.91 -20.96 0.72
N LEU PB 18 -135.11 -21.83 1.32
CA LEU PB 18 -133.71 -21.54 1.61
C LEU PB 18 -132.82 -22.41 0.74
N THR PB 19 -131.52 -22.11 0.78
CA THR PB 19 -130.56 -22.92 0.05
C THR PB 19 -130.41 -24.29 0.70
N PRO PB 20 -130.07 -25.31 -0.08
CA PRO PB 20 -129.88 -26.65 0.50
C PRO PB 20 -128.64 -26.76 1.37
N SER PB 21 -127.64 -25.91 1.13
CA SER PB 21 -126.46 -25.88 2.01
C SER PB 21 -126.83 -25.38 3.40
N GLN PB 22 -127.62 -24.30 3.46
CA GLN PB 22 -128.05 -23.78 4.75
C GLN PB 22 -129.11 -24.68 5.38
N ILE PB 23 -129.80 -25.47 4.55
CA ILE PB 23 -130.76 -26.45 5.07
C ILE PB 23 -130.04 -27.57 5.79
N GLY PB 24 -128.97 -28.10 5.18
CA GLY PB 24 -128.24 -29.19 5.79
C GLY PB 24 -127.30 -28.78 6.90
N VAL PB 25 -126.76 -27.56 6.84
CA VAL PB 25 -125.89 -27.07 7.91
C VAL PB 25 -126.70 -26.82 9.17
N LEU PB 26 -127.94 -26.38 9.03
CA LEU PB 26 -128.84 -26.25 10.18
C LEU PB 26 -129.19 -27.62 10.74
N LEU PB 27 -129.29 -28.64 9.88
CA LEU PB 27 -129.53 -29.99 10.34
C LEU PB 27 -128.28 -30.58 11.01
N ARG PB 28 -127.10 -30.22 10.51
CA ARG PB 28 -125.86 -30.77 11.04
C ARG PB 28 -125.36 -30.06 12.28
N ASP PB 29 -125.90 -28.88 12.61
CA ASP PB 29 -125.44 -28.12 13.77
C ASP PB 29 -126.50 -27.91 14.83
N ALA PB 30 -127.78 -28.04 14.50
CA ALA PB 30 -128.85 -27.83 15.47
C ALA PB 30 -129.74 -29.06 15.67
N HIS PB 31 -129.65 -30.07 14.81
CA HIS PB 31 -130.45 -31.27 14.95
C HIS PB 31 -129.65 -32.51 15.31
N GLY PB 32 -128.35 -32.53 15.04
CA GLY PB 32 -127.52 -33.68 15.36
C GLY PB 32 -127.58 -34.82 14.38
N VAL PB 33 -128.28 -34.67 13.26
CA VAL PB 33 -128.34 -35.72 12.25
C VAL PB 33 -126.98 -35.82 11.55
N THR PB 34 -126.69 -37.01 11.02
CA THR PB 34 -125.37 -37.25 10.44
C THR PB 34 -125.26 -36.67 9.03
N GLN PB 35 -126.03 -37.21 8.09
CA GLN PB 35 -125.89 -36.86 6.69
C GLN PB 35 -127.07 -37.37 5.89
N ALA PB 36 -127.17 -36.89 4.65
CA ALA PB 36 -127.98 -37.57 3.64
C ALA PB 36 -127.25 -38.80 3.09
N ARG PB 37 -125.92 -38.78 3.11
CA ARG PB 37 -125.10 -39.94 2.74
C ARG PB 37 -124.96 -40.94 3.88
N VAL PB 38 -125.58 -40.66 5.02
CA VAL PB 38 -125.70 -41.58 6.16
C VAL PB 38 -126.65 -42.71 5.81
N ILE PB 39 -126.78 -43.69 6.72
CA ILE PB 39 -127.48 -44.97 6.54
C ILE PB 39 -128.96 -44.85 6.13
N THR PB 40 -129.52 -43.64 6.15
CA THR PB 40 -130.81 -43.40 5.50
C THR PB 40 -130.73 -43.68 4.00
N GLY PB 41 -129.59 -43.37 3.38
CA GLY PB 41 -129.33 -43.77 2.01
C GLY PB 41 -130.11 -43.06 0.92
N ASN PB 42 -130.23 -41.74 1.01
CA ASN PB 42 -130.87 -40.96 -0.04
C ASN PB 42 -130.23 -39.58 -0.06
N LYS PB 43 -129.86 -39.11 -1.26
CA LYS PB 43 -129.10 -37.87 -1.39
C LYS PB 43 -129.99 -36.65 -1.14
N ILE PB 44 -129.38 -35.46 -1.27
CA ILE PB 44 -130.06 -34.23 -0.91
C ILE PB 44 -131.11 -33.87 -1.96
N MET PB 45 -130.67 -33.63 -3.20
CA MET PB 45 -131.63 -33.33 -4.27
C MET PB 45 -132.34 -34.58 -4.78
N ARG PB 46 -131.81 -35.77 -4.51
CA ARG PB 46 -132.53 -36.99 -4.85
C ARG PB 46 -133.80 -37.12 -4.03
N ILE PB 47 -133.73 -36.74 -2.75
CA ILE PB 47 -134.93 -36.64 -1.93
C ILE PB 47 -135.79 -35.46 -2.38
N LEU PB 48 -135.15 -34.36 -2.80
CA LEU PB 48 -135.88 -33.15 -3.17
C LEU PB 48 -136.59 -33.33 -4.51
N LYS PB 49 -135.95 -33.97 -5.48
CA LYS PB 49 -136.60 -34.23 -6.76
C LYS PB 49 -137.71 -35.27 -6.63
N SER PB 50 -137.55 -36.22 -5.70
CA SER PB 50 -138.63 -37.15 -5.40
C SER PB 50 -139.79 -36.45 -4.71
N ASN PB 51 -139.50 -35.44 -3.89
CA ASN PB 51 -140.53 -34.66 -3.22
C ASN PB 51 -140.93 -33.41 -3.99
N GLY PB 52 -140.37 -33.21 -5.17
CA GLY PB 52 -140.67 -32.02 -5.96
C GLY PB 52 -140.15 -30.73 -5.36
N LEU PB 53 -138.94 -30.74 -4.79
CA LEU PB 53 -138.35 -29.56 -4.17
C LEU PB 53 -137.06 -29.14 -4.85
N ALA PB 54 -136.71 -29.75 -5.99
CA ALA PB 54 -135.50 -29.40 -6.70
C ALA PB 54 -135.64 -28.07 -7.43
N PRO PB 55 -134.52 -27.40 -7.73
CA PRO PB 55 -134.61 -26.12 -8.45
C PRO PB 55 -134.63 -26.32 -9.96
N GLU PB 56 -134.79 -25.21 -10.70
CA GLU PB 56 -134.78 -25.29 -12.16
C GLU PB 56 -133.38 -25.53 -12.68
N ILE PB 57 -132.46 -24.61 -12.40
CA ILE PB 57 -131.06 -24.77 -12.77
C ILE PB 57 -130.37 -25.63 -11.70
N PRO PB 58 -129.15 -26.11 -11.96
CA PRO PB 58 -128.49 -26.98 -10.98
C PRO PB 58 -127.99 -26.19 -9.77
N GLU PB 59 -127.51 -26.94 -8.78
CA GLU PB 59 -127.05 -26.35 -7.52
C GLU PB 59 -125.70 -25.67 -7.64
N ASP PB 60 -125.00 -25.83 -8.76
CA ASP PB 60 -123.72 -25.17 -8.99
C ASP PB 60 -123.74 -24.19 -10.14
N LEU PB 61 -124.92 -23.87 -10.68
CA LEU PB 61 -125.03 -23.01 -11.85
C LEU PB 61 -126.07 -21.91 -11.72
N TYR PB 62 -127.00 -22.02 -10.77
CA TYR PB 62 -128.05 -21.02 -10.65
C TYR PB 62 -127.54 -19.73 -10.03
N TYR PB 63 -127.07 -19.80 -8.79
CA TYR PB 63 -126.51 -18.61 -8.15
C TYR PB 63 -125.10 -18.31 -8.63
N LEU PB 64 -124.43 -19.27 -9.26
CA LEU PB 64 -123.13 -19.00 -9.88
C LEU PB 64 -123.28 -18.06 -11.06
N ILE PB 65 -124.35 -18.22 -11.85
CA ILE PB 65 -124.63 -17.27 -12.92
C ILE PB 65 -125.14 -15.95 -12.33
N LYS PB 66 -125.76 -15.99 -11.15
CA LYS PB 66 -126.13 -14.76 -10.47
C LYS PB 66 -124.91 -13.97 -10.02
N LYS PB 67 -123.87 -14.69 -9.57
CA LYS PB 67 -122.60 -14.02 -9.26
C LYS PB 67 -121.89 -13.58 -10.53
N ALA PB 68 -122.18 -14.23 -11.67
CA ALA PB 68 -121.62 -13.79 -12.94
C ALA PB 68 -122.25 -12.48 -13.40
N VAL PB 69 -123.56 -12.34 -13.19
CA VAL PB 69 -124.23 -11.08 -13.50
C VAL PB 69 -123.80 -9.98 -12.54
N SER PB 70 -123.58 -10.33 -11.27
CA SER PB 70 -123.18 -9.33 -10.28
C SER PB 70 -121.72 -8.91 -10.43
N VAL PB 71 -120.89 -9.72 -11.10
CA VAL PB 71 -119.48 -9.38 -11.26
C VAL PB 71 -119.28 -8.25 -12.26
N ARG PB 72 -120.26 -7.98 -13.11
CA ARG PB 72 -120.18 -6.89 -14.08
C ARG PB 72 -120.84 -5.60 -13.58
N LYS PB 73 -121.25 -5.56 -12.30
CA LYS PB 73 -121.87 -4.36 -11.75
C LYS PB 73 -120.86 -3.22 -11.63
N HIS PB 74 -119.63 -3.53 -11.22
CA HIS PB 74 -118.59 -2.51 -11.18
C HIS PB 74 -118.08 -2.18 -12.58
N LEU PB 75 -118.17 -3.14 -13.51
CA LEU PB 75 -117.77 -2.87 -14.89
C LEU PB 75 -118.73 -1.90 -15.56
N GLU PB 76 -120.02 -2.01 -15.25
CA GLU PB 76 -120.99 -1.04 -15.77
C GLU PB 76 -120.87 0.30 -15.06
N ARG PB 77 -120.56 0.28 -13.76
CA ARG PB 77 -120.39 1.52 -13.01
C ARG PB 77 -119.11 2.25 -13.41
N ASN PB 78 -118.07 1.50 -13.78
CA ASN PB 78 -116.82 2.10 -14.21
C ASN PB 78 -116.15 1.15 -15.21
N ARG PB 79 -116.00 1.61 -16.45
CA ARG PB 79 -115.35 0.80 -17.47
C ARG PB 79 -113.85 0.71 -17.28
N LYS PB 80 -113.26 1.62 -16.51
CA LYS PB 80 -111.83 1.58 -16.21
C LYS PB 80 -111.47 0.49 -15.20
N ASP PB 81 -112.45 -0.07 -14.49
CA ASP PB 81 -112.21 -1.16 -13.55
C ASP PB 81 -112.03 -2.46 -14.33
N LYS PB 82 -110.83 -2.61 -14.90
CA LYS PB 82 -110.51 -3.79 -15.70
C LYS PB 82 -110.33 -5.04 -14.85
N ASP PB 83 -110.04 -4.88 -13.56
CA ASP PB 83 -110.01 -6.03 -12.66
C ASP PB 83 -111.40 -6.64 -12.50
N ALA PB 84 -112.43 -5.80 -12.36
CA ALA PB 84 -113.79 -6.30 -12.25
C ALA PB 84 -114.35 -6.75 -13.59
N LYS PB 85 -113.98 -6.07 -14.68
CA LYS PB 85 -114.47 -6.42 -16.01
C LYS PB 85 -113.94 -7.78 -16.44
N PHE PB 86 -112.68 -8.06 -16.14
CA PHE PB 86 -112.14 -9.39 -16.41
C PHE PB 86 -112.49 -10.40 -15.33
N ARG PB 87 -112.95 -9.95 -14.16
CA ARG PB 87 -113.51 -10.87 -13.18
C ARG PB 87 -114.85 -11.41 -13.68
N LEU PB 88 -115.63 -10.57 -14.35
CA LEU PB 88 -116.83 -11.05 -15.04
C LEU PB 88 -116.47 -11.95 -16.20
N ILE PB 89 -115.34 -11.68 -16.88
CA ILE PB 89 -114.81 -12.62 -17.86
C ILE PB 89 -114.33 -13.88 -17.17
N LEU PB 90 -113.73 -13.74 -15.98
CA LEU PB 90 -113.43 -14.91 -15.16
C LEU PB 90 -114.68 -15.53 -14.55
N ILE PB 91 -115.76 -14.76 -14.44
CA ILE PB 91 -117.05 -15.36 -14.09
C ILE PB 91 -117.66 -16.11 -15.26
N GLU PB 92 -117.33 -15.70 -16.50
CA GLU PB 92 -117.59 -16.56 -17.64
C GLU PB 92 -116.65 -17.76 -17.66
N SER PB 93 -115.48 -17.64 -17.04
CA SER PB 93 -114.62 -18.78 -16.77
C SER PB 93 -115.02 -19.53 -15.51
N ARG PB 94 -115.88 -18.94 -14.67
CA ARG PB 94 -116.54 -19.70 -13.61
C ARG PB 94 -117.59 -20.64 -14.15
N ILE PB 95 -118.02 -20.44 -15.40
CA ILE PB 95 -118.58 -21.53 -16.19
C ILE PB 95 -117.38 -22.38 -16.57
N HIS PB 96 -117.16 -23.46 -15.81
CA HIS PB 96 -115.82 -24.01 -15.61
C HIS PB 96 -115.63 -25.47 -16.02
N ARG PB 97 -116.64 -26.32 -15.82
CA ARG PB 97 -116.34 -27.75 -16.00
C ARG PB 97 -117.34 -28.66 -16.74
N LEU PB 98 -118.66 -28.43 -16.65
CA LEU PB 98 -119.56 -29.57 -16.80
C LEU PB 98 -120.88 -29.32 -17.53
N ALA PB 99 -121.12 -28.13 -18.11
CA ALA PB 99 -122.38 -27.89 -18.83
C ALA PB 99 -122.44 -28.68 -20.12
N ARG PB 100 -121.37 -28.66 -20.91
CA ARG PB 100 -121.29 -29.50 -22.09
C ARG PB 100 -121.03 -30.96 -21.75
N TYR PB 101 -120.58 -31.24 -20.53
CA TYR PB 101 -120.64 -32.60 -20.02
C TYR PB 101 -122.09 -33.01 -19.76
N TYR PB 102 -122.93 -32.07 -19.31
CA TYR PB 102 -124.36 -32.32 -19.16
C TYR PB 102 -125.10 -32.39 -20.49
N ARG PB 103 -124.46 -31.94 -21.59
CA ARG PB 103 -125.04 -32.15 -22.91
C ARG PB 103 -125.04 -33.63 -23.29
N THR PB 104 -124.13 -34.41 -22.71
CA THR PB 104 -124.13 -35.86 -22.87
C THR PB 104 -124.61 -36.59 -21.62
N VAL PB 105 -124.60 -35.95 -20.45
CA VAL PB 105 -125.05 -36.59 -19.22
C VAL PB 105 -126.52 -36.31 -18.91
N ALA PB 106 -127.19 -35.48 -19.74
CA ALA PB 106 -128.63 -35.20 -19.66
C ALA PB 106 -129.05 -34.61 -18.31
N VAL PB 107 -128.46 -33.47 -17.97
CA VAL PB 107 -128.86 -32.70 -16.79
C VAL PB 107 -129.53 -31.40 -17.18
N LEU PB 108 -128.97 -30.69 -18.16
CA LEU PB 108 -129.54 -29.48 -18.72
C LEU PB 108 -129.78 -29.70 -20.22
N PRO PB 109 -130.66 -28.91 -20.83
CA PRO PB 109 -130.92 -29.08 -22.25
C PRO PB 109 -129.74 -28.63 -23.09
N PRO PB 110 -129.48 -29.29 -24.23
CA PRO PB 110 -128.38 -28.86 -25.09
C PRO PB 110 -128.65 -27.55 -25.83
N ASN PB 111 -129.92 -27.17 -25.99
CA ASN PB 111 -130.30 -25.91 -26.60
C ASN PB 111 -130.60 -24.83 -25.57
N TRP PB 112 -130.11 -25.00 -24.34
CA TRP PB 112 -130.31 -23.98 -23.30
C TRP PB 112 -129.55 -22.70 -23.63
N LYS PB 113 -128.32 -22.84 -24.13
CA LYS PB 113 -127.44 -21.75 -24.57
C LYS PB 113 -127.18 -20.76 -23.43
N TYR PB 114 -126.49 -21.27 -22.41
CA TYR PB 114 -126.18 -20.47 -21.22
C TYR PB 114 -125.20 -19.36 -21.57
N GLU PB 115 -125.50 -18.14 -21.12
CA GLU PB 115 -124.68 -16.98 -21.41
C GLU PB 115 -124.88 -15.95 -20.31
N SER PB 116 -123.98 -14.95 -20.28
CA SER PB 116 -124.04 -13.91 -19.27
C SER PB 116 -125.19 -12.93 -19.47
N ALA PB 117 -125.69 -12.79 -20.71
CA ALA PB 117 -126.80 -11.89 -20.96
C ALA PB 117 -128.10 -12.44 -20.37
N THR PB 118 -128.32 -13.74 -20.50
CA THR PB 118 -129.48 -14.39 -19.88
C THR PB 118 -129.25 -14.76 -18.43
N ALA PB 119 -128.03 -14.52 -17.90
CA ALA PB 119 -127.76 -14.79 -16.50
C ALA PB 119 -128.45 -13.79 -15.57
N SER PB 120 -128.78 -12.60 -16.07
CA SER PB 120 -129.56 -11.65 -15.27
C SER PB 120 -130.99 -12.15 -15.08
N ALA PB 121 -131.56 -12.79 -16.10
CA ALA PB 121 -132.89 -13.37 -15.96
C ALA PB 121 -132.86 -14.62 -15.09
N LEU PB 122 -131.76 -15.36 -15.14
CA LEU PB 122 -131.61 -16.57 -14.34
C LEU PB 122 -131.05 -16.30 -12.95
N VAL PB 123 -130.76 -15.03 -12.62
CA VAL PB 123 -130.25 -14.69 -11.30
C VAL PB 123 -131.35 -14.84 -10.25
N ASN PB 124 -132.56 -14.40 -10.57
CA ASN PB 124 -133.67 -14.50 -9.64
C ASN PB 124 -134.69 -15.55 -10.11
N SER QB 168 -62.28 -102.03 -13.30
CA SER QB 168 -61.78 -100.93 -14.12
C SER QB 168 -61.62 -101.38 -15.58
N VAL QB 169 -61.47 -102.69 -15.77
CA VAL QB 169 -61.37 -103.25 -17.11
C VAL QB 169 -62.70 -103.12 -17.84
N GLN QB 170 -63.80 -103.43 -17.15
CA GLN QB 170 -65.11 -103.36 -17.78
C GLN QB 170 -65.59 -101.93 -17.93
N ARG QB 171 -65.12 -101.02 -17.06
CA ARG QB 171 -65.55 -99.63 -17.16
C ARG QB 171 -64.78 -98.88 -18.24
N ASP QB 172 -63.52 -99.25 -18.46
CA ASP QB 172 -62.74 -98.58 -19.50
C ASP QB 172 -63.25 -98.94 -20.88
N ALA QB 173 -63.55 -100.22 -21.11
CA ALA QB 173 -63.77 -100.68 -22.47
C ALA QB 173 -65.25 -100.77 -22.81
N SER QB 174 -66.13 -100.52 -21.84
CA SER QB 174 -67.52 -100.21 -22.18
C SER QB 174 -67.60 -98.87 -22.90
N LYS QB 175 -66.72 -97.93 -22.54
CA LYS QB 175 -66.58 -96.69 -23.29
C LYS QB 175 -66.01 -96.95 -24.68
N GLY QB 176 -65.21 -98.01 -24.82
CA GLY QB 176 -64.71 -98.38 -26.13
C GLY QB 176 -65.81 -98.84 -27.07
N TYR QB 177 -66.85 -99.47 -26.54
CA TYR QB 177 -68.06 -99.71 -27.32
C TYR QB 177 -68.76 -98.40 -27.65
N SER QB 178 -68.72 -97.45 -26.72
CA SER QB 178 -69.35 -96.15 -26.95
C SER QB 178 -68.57 -95.34 -27.99
N ILE QB 179 -67.24 -95.50 -28.02
CA ILE QB 179 -66.43 -94.78 -29.00
C ILE QB 179 -66.72 -95.29 -30.41
N LEU QB 180 -66.71 -96.61 -30.60
CA LEU QB 180 -66.87 -97.18 -31.94
C LEU QB 180 -68.29 -96.99 -32.47
N GLN QB 181 -69.29 -97.11 -31.60
CA GLN QB 181 -70.67 -96.86 -32.02
C GLN QB 181 -70.89 -95.39 -32.35
N GLN QB 182 -70.21 -94.50 -31.65
CA GLN QB 182 -70.20 -93.10 -32.08
C GLN QB 182 -69.40 -92.91 -33.35
N THR QB 183 -68.33 -93.70 -33.53
CA THR QB 183 -67.53 -93.61 -34.75
C THR QB 183 -68.22 -94.29 -35.93
N LYS QB 184 -68.94 -95.38 -35.68
CA LYS QB 184 -69.77 -95.97 -36.73
C LYS QB 184 -70.90 -95.04 -37.12
N LEU QB 185 -71.49 -94.36 -36.14
CA LEU QB 185 -72.53 -93.39 -36.45
C LEU QB 185 -71.93 -92.14 -37.09
N PHE QB 186 -70.66 -91.84 -36.79
CA PHE QB 186 -69.97 -90.75 -37.47
C PHE QB 186 -69.86 -91.00 -38.96
N ASP QB 187 -69.48 -92.22 -39.34
CA ASP QB 187 -69.27 -92.54 -40.76
C ASP QB 187 -70.58 -92.59 -41.53
N ASN QB 188 -71.69 -92.91 -40.86
CA ASN QB 188 -72.95 -93.06 -41.55
C ASN QB 188 -73.56 -91.71 -41.95
N ILE QB 189 -73.22 -90.64 -41.21
CA ILE QB 189 -73.74 -89.32 -41.58
C ILE QB 189 -72.94 -88.74 -42.73
N ILE QB 190 -71.68 -89.17 -42.91
CA ILE QB 190 -70.94 -88.73 -44.08
C ILE QB 190 -71.48 -89.39 -45.34
N ASP QB 191 -72.15 -90.54 -45.19
CA ASP QB 191 -72.84 -91.14 -46.33
C ASP QB 191 -74.02 -90.29 -46.78
N LEU QB 192 -74.66 -89.57 -45.84
CA LEU QB 192 -75.58 -88.52 -46.22
C LEU QB 192 -74.84 -87.37 -46.90
N ARG QB 193 -73.63 -87.06 -46.42
CA ARG QB 193 -72.84 -85.99 -47.01
C ARG QB 193 -72.30 -86.39 -48.38
N ILE QB 194 -72.07 -87.69 -48.58
CA ILE QB 194 -71.66 -88.20 -49.90
C ILE QB 194 -72.80 -88.08 -50.90
N LYS QB 195 -74.01 -88.50 -50.49
CA LYS QB 195 -75.09 -88.61 -51.45
C LYS QB 195 -75.81 -87.30 -51.67
N LEU QB 196 -75.41 -86.23 -50.98
CA LEU QB 196 -76.09 -84.95 -51.13
C LEU QB 196 -75.44 -84.07 -52.20
N GLN QB 197 -74.24 -84.41 -52.67
CA GLN QB 197 -73.44 -83.46 -53.44
C GLN QB 197 -74.02 -83.21 -54.83
N LYS QB 198 -74.68 -84.22 -55.42
CA LYS QB 198 -75.28 -84.04 -56.73
C LYS QB 198 -76.44 -83.06 -56.67
N ALA QB 199 -77.08 -82.94 -55.51
CA ALA QB 199 -78.03 -81.85 -55.29
C ALA QB 199 -77.30 -80.52 -55.13
N VAL QB 200 -76.13 -80.54 -54.46
CA VAL QB 200 -75.38 -79.31 -54.22
C VAL QB 200 -74.77 -78.78 -55.52
N ILE QB 201 -74.27 -79.69 -56.37
CA ILE QB 201 -73.68 -79.29 -57.65
C ILE QB 201 -74.76 -78.72 -58.57
N ALA QB 202 -75.90 -79.39 -58.68
CA ALA QB 202 -76.92 -78.99 -59.63
C ALA QB 202 -77.69 -77.77 -59.14
N ALA QB 203 -77.62 -77.48 -57.83
CA ALA QB 203 -78.25 -76.25 -57.32
C ALA QB 203 -77.48 -75.02 -57.77
N ASN QB 204 -76.17 -75.13 -57.92
CA ASN QB 204 -75.36 -73.99 -58.32
C ASN QB 204 -75.54 -73.63 -59.79
N LYS QB 205 -75.98 -74.58 -60.62
CA LYS QB 205 -76.26 -74.31 -62.02
C LYS QB 205 -77.70 -73.87 -62.25
N LEU QB 206 -78.50 -73.72 -61.19
CA LEU QB 206 -79.86 -73.22 -61.31
C LEU QB 206 -79.82 -71.72 -61.64
N PRO QB 207 -80.90 -71.20 -62.22
CA PRO QB 207 -81.00 -69.74 -62.40
C PRO QB 207 -81.02 -69.00 -61.07
N LEU QB 208 -80.42 -67.81 -61.06
CA LEU QB 208 -80.18 -67.09 -59.82
C LEU QB 208 -81.27 -66.08 -59.48
N THR QB 209 -81.75 -65.32 -60.46
CA THR QB 209 -82.69 -64.25 -60.23
C THR QB 209 -84.12 -64.76 -60.37
N THR QB 210 -85.08 -63.90 -60.01
CA THR QB 210 -86.48 -64.23 -60.17
C THR QB 210 -86.87 -64.31 -61.64
N GLU QB 211 -86.34 -63.38 -62.46
CA GLU QB 211 -86.71 -63.32 -63.87
C GLU QB 211 -86.11 -64.49 -64.66
N SER QB 212 -84.92 -64.94 -64.29
CA SER QB 212 -84.28 -66.05 -65.01
C SER QB 212 -84.98 -67.37 -64.73
N TRP QB 213 -85.70 -67.47 -63.61
CA TRP QB 213 -86.51 -68.65 -63.35
C TRP QB 213 -87.70 -68.71 -64.31
N GLU QB 214 -88.26 -67.56 -64.67
CA GLU QB 214 -89.45 -67.52 -65.51
C GLU QB 214 -89.12 -67.88 -66.96
N GLU QB 215 -87.96 -67.43 -67.45
CA GLU QB 215 -87.55 -67.77 -68.80
C GLU QB 215 -87.14 -69.24 -68.90
N ALA QB 216 -86.64 -69.79 -67.80
CA ALA QB 216 -86.35 -71.23 -67.75
C ALA QB 216 -87.62 -72.06 -67.68
N LYS QB 217 -88.72 -71.49 -67.21
CA LYS QB 217 -89.99 -72.20 -67.14
C LYS QB 217 -90.79 -72.13 -68.45
N MET QB 218 -90.28 -71.45 -69.47
CA MET QB 218 -91.04 -71.31 -70.71
C MET QB 218 -90.75 -72.44 -71.69
N ASP QB 219 -89.54 -72.99 -71.66
CA ASP QB 219 -89.13 -73.96 -72.68
C ASP QB 219 -89.79 -75.31 -72.47
N ASP QB 220 -89.82 -75.80 -71.23
CA ASP QB 220 -90.33 -77.12 -70.88
C ASP QB 220 -91.37 -77.01 -69.79
N SER QB 221 -92.39 -76.17 -70.03
CA SER QB 221 -93.26 -75.64 -68.98
C SER QB 221 -94.04 -76.72 -68.23
N GLU QB 222 -94.59 -77.70 -68.94
CA GLU QB 222 -95.31 -78.76 -68.25
C GLU QB 222 -94.38 -79.77 -67.58
N GLU QB 223 -93.21 -80.04 -68.17
CA GLU QB 223 -92.29 -80.97 -67.56
C GLU QB 223 -91.58 -80.36 -66.36
N THR QB 224 -91.31 -79.06 -66.40
CA THR QB 224 -90.60 -78.41 -65.29
C THR QB 224 -91.49 -78.26 -64.06
N LYS QB 225 -92.81 -78.15 -64.28
CA LYS QB 225 -93.71 -77.88 -63.16
C LYS QB 225 -93.93 -79.11 -62.29
N ARG QB 226 -93.98 -80.30 -62.89
CA ARG QB 226 -94.10 -81.51 -62.06
C ARG QB 226 -92.83 -81.78 -61.29
N LEU QB 227 -91.67 -81.57 -61.93
CA LEU QB 227 -90.40 -81.85 -61.27
C LEU QB 227 -90.09 -80.85 -60.16
N LEU QB 228 -90.46 -79.58 -60.36
CA LEU QB 228 -90.29 -78.59 -59.30
C LEU QB 228 -91.21 -78.88 -58.12
N LYS QB 229 -92.42 -79.37 -58.40
CA LYS QB 229 -93.27 -79.88 -57.33
C LYS QB 229 -92.70 -81.15 -56.73
N GLU QB 230 -92.09 -82.01 -57.57
CA GLU QB 230 -91.44 -83.22 -57.06
C GLU QB 230 -90.17 -82.87 -56.28
N ASN QB 231 -89.46 -81.83 -56.71
CA ASN QB 231 -88.30 -81.36 -55.95
C ASN QB 231 -88.73 -80.75 -54.62
N GLU QB 232 -89.86 -80.04 -54.61
CA GLU QB 232 -90.33 -79.40 -53.39
C GLU QB 232 -90.85 -80.42 -52.39
N LYS QB 233 -91.50 -81.49 -52.89
CA LYS QB 233 -92.00 -82.54 -52.01
C LYS QB 233 -90.85 -83.35 -51.41
N LEU QB 234 -89.83 -83.64 -52.23
CA LEU QB 234 -88.71 -84.45 -51.73
C LEU QB 234 -87.81 -83.64 -50.80
N PHE QB 235 -87.70 -82.34 -51.04
CA PHE QB 235 -86.90 -81.49 -50.14
C PHE QB 235 -87.58 -81.29 -48.80
N ASN QB 236 -88.90 -81.03 -48.82
CA ASN QB 236 -89.63 -80.80 -47.58
C ASN QB 236 -89.77 -82.08 -46.77
N ASN QB 237 -89.82 -83.23 -47.44
CA ASN QB 237 -89.76 -84.51 -46.72
C ASN QB 237 -88.40 -84.70 -46.07
N LEU QB 238 -87.32 -84.38 -46.81
CA LEU QB 238 -85.98 -84.57 -46.30
C LEU QB 238 -85.64 -83.54 -45.22
N PHE QB 239 -86.25 -82.36 -45.29
CA PHE QB 239 -85.95 -81.31 -44.31
C PHE QB 239 -86.61 -81.62 -42.97
N ASN QB 240 -87.80 -82.21 -42.98
CA ASN QB 240 -88.52 -82.49 -41.75
C ASN QB 240 -87.85 -83.60 -40.95
N ARG QB 241 -87.40 -84.65 -41.64
CA ARG QB 241 -86.81 -85.80 -40.97
C ARG QB 241 -85.41 -85.52 -40.46
N LEU QB 242 -84.70 -84.57 -41.10
CA LEU QB 242 -83.35 -84.25 -40.68
C LEU QB 242 -83.36 -83.38 -39.42
N ILE QB 243 -84.35 -82.49 -39.32
CA ILE QB 243 -84.63 -81.81 -38.05
C ILE QB 243 -85.08 -82.81 -37.00
N ASN QB 244 -85.89 -83.79 -37.41
CA ASN QB 244 -86.37 -84.82 -36.49
C ASN QB 244 -85.23 -85.69 -35.97
N PHE QB 245 -84.27 -86.01 -36.83
CA PHE QB 245 -83.12 -86.78 -36.38
C PHE QB 245 -82.20 -85.94 -35.51
N ARG QB 246 -82.10 -84.65 -35.80
CA ARG QB 246 -81.27 -83.76 -34.97
C ARG QB 246 -81.89 -83.54 -33.60
N ILE QB 247 -83.22 -83.51 -33.52
CA ILE QB 247 -83.89 -83.48 -32.23
C ILE QB 247 -83.68 -84.80 -31.49
N LYS QB 248 -83.78 -85.92 -32.23
CA LYS QB 248 -83.59 -87.23 -31.62
C LYS QB 248 -82.15 -87.45 -31.17
N PHE QB 249 -81.18 -86.88 -31.89
CA PHE QB 249 -79.78 -87.04 -31.51
C PHE QB 249 -79.45 -86.22 -30.27
N GLN QB 250 -79.94 -84.97 -30.21
CA GLN QB 250 -79.61 -84.10 -29.09
C GLN QB 250 -80.33 -84.51 -27.81
N LEU QB 251 -81.48 -85.19 -27.93
CA LEU QB 251 -82.14 -85.73 -26.74
C LEU QB 251 -81.38 -86.95 -26.22
N GLY QB 252 -80.97 -87.85 -27.11
CA GLY QB 252 -80.28 -89.06 -26.71
C GLY QB 252 -78.84 -88.86 -26.30
N ASP QB 253 -78.21 -87.75 -26.71
CA ASP QB 253 -76.85 -87.44 -26.30
C ASP QB 253 -76.80 -86.34 -25.24
N HIS QB 254 -77.93 -86.12 -24.54
CA HIS QB 254 -78.15 -85.09 -23.51
C HIS QB 254 -77.60 -83.71 -23.89
N ILE QB 255 -77.82 -83.32 -25.15
CA ILE QB 255 -77.46 -81.96 -25.57
C ILE QB 255 -78.59 -81.00 -25.22
N THR QB 256 -79.82 -81.36 -25.56
CA THR QB 256 -80.98 -80.53 -25.26
C THR QB 256 -81.50 -80.87 -23.86
N GLN QB 257 -81.54 -79.88 -22.98
CA GLN QB 257 -82.00 -80.10 -21.62
C GLN QB 257 -83.51 -80.13 -21.49
N ASN QB 258 -84.24 -79.62 -22.49
CA ASN QB 258 -85.69 -79.53 -22.44
C ASN QB 258 -86.27 -80.64 -23.31
N GLU QB 259 -86.65 -81.74 -22.67
CA GLU QB 259 -87.19 -82.88 -23.40
C GLU QB 259 -88.64 -82.64 -23.82
N GLU QB 260 -89.36 -81.80 -23.07
CA GLU QB 260 -90.79 -81.60 -23.35
C GLU QB 260 -91.00 -80.75 -24.59
N VAL QB 261 -90.15 -79.73 -24.79
CA VAL QB 261 -90.25 -78.90 -25.99
C VAL QB 261 -89.81 -79.68 -27.22
N ALA QB 262 -88.74 -80.49 -27.07
CA ALA QB 262 -88.19 -81.22 -28.20
C ALA QB 262 -89.12 -82.36 -28.64
N LYS QB 263 -89.83 -82.97 -27.70
CA LYS QB 263 -90.74 -84.06 -28.06
C LYS QB 263 -92.02 -83.53 -28.70
N HIS QB 264 -92.33 -82.25 -28.47
CA HIS QB 264 -93.50 -81.66 -29.12
C HIS QB 264 -93.20 -81.29 -30.57
N LYS QB 265 -91.93 -81.01 -30.87
CA LYS QB 265 -91.55 -80.62 -32.23
C LYS QB 265 -91.55 -81.81 -33.17
N LEU QB 266 -91.37 -83.02 -32.63
CA LEU QB 266 -91.32 -84.22 -33.46
C LEU QB 266 -92.68 -84.58 -34.02
N SER QB 267 -93.76 -84.35 -33.26
CA SER QB 267 -95.09 -84.76 -33.66
C SER QB 267 -95.82 -83.71 -34.49
N LYS QB 268 -95.21 -82.54 -34.72
CA LYS QB 268 -95.86 -81.45 -35.42
C LYS QB 268 -95.46 -81.43 -36.87
N LYS QB 269 -96.44 -81.34 -37.76
CA LYS QB 269 -96.18 -81.10 -39.18
C LYS QB 269 -95.76 -79.65 -39.35
N ARG QB 270 -94.54 -79.44 -39.83
CA ARG QB 270 -93.92 -78.12 -39.87
C ARG QB 270 -93.80 -77.62 -41.29
N SER QB 271 -93.98 -76.32 -41.48
CA SER QB 271 -93.75 -75.71 -42.78
C SER QB 271 -92.26 -75.41 -42.96
N LEU QB 272 -91.95 -74.67 -44.03
CA LEU QB 272 -90.56 -74.37 -44.35
C LEU QB 272 -89.99 -73.34 -43.37
N LYS QB 273 -90.80 -72.38 -42.94
CA LYS QB 273 -90.31 -71.35 -42.03
C LYS QB 273 -90.20 -71.89 -40.60
N GLU QB 274 -91.04 -72.86 -40.24
CA GLU QB 274 -90.92 -73.46 -38.90
C GLU QB 274 -89.73 -74.41 -38.83
N LEU QB 275 -89.39 -75.07 -39.95
CA LEU QB 275 -88.14 -75.83 -40.00
C LEU QB 275 -86.95 -74.89 -40.05
N TYR QB 276 -87.15 -73.69 -40.59
CA TYR QB 276 -86.11 -72.66 -40.58
C TYR QB 276 -85.79 -72.22 -39.16
N GLN QB 277 -86.84 -71.98 -38.36
CA GLN QB 277 -86.66 -71.40 -37.04
C GLN QB 277 -86.18 -72.45 -36.04
N GLU QB 278 -86.53 -73.71 -36.28
CA GLU QB 278 -86.07 -74.80 -35.43
C GLU QB 278 -84.61 -75.12 -35.71
N THR QB 279 -84.13 -74.79 -36.90
CA THR QB 279 -82.69 -74.92 -37.21
C THR QB 279 -81.87 -73.97 -36.33
N ASN QB 280 -82.36 -72.74 -36.16
CA ASN QB 280 -81.69 -71.80 -35.27
C ASN QB 280 -81.79 -72.23 -33.81
N SER QB 281 -82.85 -72.95 -33.47
CA SER QB 281 -83.02 -73.44 -32.10
C SER QB 281 -82.03 -74.56 -31.80
N LEU QB 282 -81.88 -75.50 -32.73
CA LEU QB 282 -80.96 -76.62 -32.51
C LEU QB 282 -79.51 -76.19 -32.62
N ASP QB 283 -79.21 -75.16 -33.42
CA ASP QB 283 -77.83 -74.69 -33.53
C ASP QB 283 -77.42 -73.88 -32.31
N SER QB 284 -78.38 -73.16 -31.70
CA SER QB 284 -78.06 -72.38 -30.50
C SER QB 284 -77.86 -73.29 -29.30
N GLU QB 285 -78.65 -74.36 -29.21
CA GLU QB 285 -78.46 -75.34 -28.13
C GLU QB 285 -77.16 -76.11 -28.31
N LEU QB 286 -76.79 -76.39 -29.57
CA LEU QB 286 -75.50 -77.01 -29.84
C LEU QB 286 -74.34 -76.06 -29.53
N LYS QB 287 -74.55 -74.76 -29.72
CA LYS QB 287 -73.50 -73.77 -29.47
C LYS QB 287 -73.18 -73.67 -27.97
N GLU QB 288 -74.21 -73.71 -27.12
CA GLU QB 288 -73.98 -73.69 -25.68
C GLU QB 288 -73.36 -75.00 -25.21
N TYR QB 289 -73.73 -76.11 -25.83
CA TYR QB 289 -73.12 -77.40 -25.53
C TYR QB 289 -71.66 -77.44 -25.99
N ARG QB 290 -71.35 -76.72 -27.07
CA ARG QB 290 -70.01 -76.78 -27.65
C ARG QB 290 -69.01 -76.03 -26.78
N THR QB 291 -69.36 -74.84 -26.31
CA THR QB 291 -68.43 -74.05 -25.50
C THR QB 291 -68.22 -74.68 -24.13
N ALA QB 292 -69.18 -75.48 -23.67
CA ALA QB 292 -68.99 -76.25 -22.45
C ALA QB 292 -68.03 -77.42 -22.68
N VAL QB 293 -68.22 -78.13 -23.79
CA VAL QB 293 -67.41 -79.31 -24.08
C VAL QB 293 -65.98 -78.92 -24.45
N LEU QB 294 -65.83 -77.91 -25.32
CA LEU QB 294 -64.51 -77.55 -25.83
C LEU QB 294 -63.63 -76.93 -24.75
N ASN QB 295 -64.23 -76.22 -23.79
CA ASN QB 295 -63.45 -75.71 -22.67
C ASN QB 295 -63.11 -76.81 -21.68
N LYS QB 296 -63.99 -77.81 -21.55
CA LYS QB 296 -63.76 -78.91 -20.62
C LYS QB 296 -62.64 -79.83 -21.12
N TRP QB 297 -62.69 -80.22 -22.40
CA TRP QB 297 -61.73 -81.19 -22.91
C TRP QB 297 -60.37 -80.57 -23.16
N SER QB 298 -60.31 -79.27 -23.50
CA SER QB 298 -59.00 -78.62 -23.66
C SER QB 298 -58.30 -78.46 -22.33
N THR QB 299 -59.06 -78.27 -21.25
CA THR QB 299 -58.49 -78.30 -19.91
C THR QB 299 -58.05 -79.72 -19.55
N LYS QB 300 -58.77 -80.72 -20.07
CA LYS QB 300 -58.49 -82.12 -19.72
C LYS QB 300 -57.18 -82.60 -20.35
N VAL QB 301 -56.90 -82.18 -21.59
CA VAL QB 301 -55.68 -82.65 -22.25
C VAL QB 301 -54.47 -81.86 -21.76
N SER QB 302 -54.67 -80.59 -21.38
CA SER QB 302 -53.54 -79.75 -20.96
C SER QB 302 -53.06 -80.15 -19.56
N SER QB 303 -53.98 -80.60 -18.70
CA SER QB 303 -53.59 -81.08 -17.39
C SER QB 303 -52.95 -82.46 -17.48
N ALA QB 304 -53.43 -83.29 -18.42
CA ALA QB 304 -52.90 -84.64 -18.56
C ALA QB 304 -51.54 -84.68 -19.25
N SER QB 305 -51.27 -83.77 -20.17
CA SER QB 305 -50.01 -83.79 -20.90
C SER QB 305 -48.83 -83.30 -20.07
N GLY QB 306 -49.07 -82.56 -18.98
CA GLY QB 306 -47.99 -82.05 -18.16
C GLY QB 306 -47.30 -80.82 -18.71
N ASN QB 307 -47.82 -80.21 -19.77
CA ASN QB 307 -47.19 -79.04 -20.37
C ASN QB 307 -47.62 -77.73 -19.71
N ALA QB 308 -48.49 -77.79 -18.71
CA ALA QB 308 -48.91 -76.57 -18.02
C ALA QB 308 -47.79 -75.99 -17.16
N ALA QB 309 -46.94 -76.86 -16.62
CA ALA QB 309 -45.83 -76.41 -15.78
C ALA QB 309 -44.58 -76.08 -16.57
N LEU QB 310 -44.57 -76.31 -17.88
CA LEU QB 310 -43.38 -76.11 -18.70
C LEU QB 310 -43.56 -75.08 -19.81
N SER QB 311 -44.79 -74.75 -20.18
CA SER QB 311 -45.03 -73.84 -21.29
C SER QB 311 -45.93 -72.67 -20.93
N SER QB 312 -45.83 -72.14 -19.71
CA SER QB 312 -46.75 -71.10 -19.28
C SER QB 312 -46.30 -69.71 -19.72
N ASN QB 313 -44.99 -69.49 -19.79
CA ASN QB 313 -44.43 -68.14 -19.87
C ASN QB 313 -43.87 -67.77 -21.24
N LYS QB 314 -43.95 -68.65 -22.23
CA LYS QB 314 -43.26 -68.39 -23.50
C LYS QB 314 -44.14 -68.50 -24.74
N PHE QB 315 -45.20 -69.31 -24.72
CA PHE QB 315 -45.96 -69.61 -25.93
C PHE QB 315 -47.46 -69.48 -25.67
N LYS QB 316 -47.86 -68.34 -25.10
CA LYS QB 316 -49.27 -68.09 -24.80
C LYS QB 316 -50.11 -67.97 -26.07
N ALA QB 317 -49.54 -67.45 -27.15
CA ALA QB 317 -50.28 -67.28 -28.40
C ALA QB 317 -50.57 -68.60 -29.11
N ILE QB 318 -49.83 -69.66 -28.81
CA ILE QB 318 -50.06 -70.96 -29.42
C ILE QB 318 -50.85 -71.90 -28.51
N ASN QB 319 -50.74 -71.75 -27.19
CA ASN QB 319 -51.37 -72.64 -26.22
C ASN QB 319 -52.72 -72.13 -25.76
N LEU QB 320 -53.45 -71.47 -26.65
CA LEU QB 320 -54.82 -71.08 -26.36
C LEU QB 320 -55.71 -72.34 -26.26
N PRO QB 321 -56.77 -72.28 -25.46
CA PRO QB 321 -57.69 -73.42 -25.38
C PRO QB 321 -58.44 -73.63 -26.69
N ALA QB 322 -58.97 -74.85 -26.84
CA ALA QB 322 -59.60 -75.25 -28.10
C ALA QB 322 -60.87 -74.48 -28.39
N ASP QB 323 -61.62 -74.10 -27.35
CA ASP QB 323 -62.75 -73.20 -27.54
C ASP QB 323 -62.27 -71.81 -27.94
N VAL QB 324 -61.18 -71.34 -27.31
CA VAL QB 324 -60.63 -70.02 -27.62
C VAL QB 324 -59.98 -70.02 -29.00
N GLN QB 325 -59.33 -71.12 -29.39
CA GLN QB 325 -58.79 -71.24 -30.75
C GLN QB 325 -59.89 -71.25 -31.81
N VAL QB 326 -61.09 -71.70 -31.45
CA VAL QB 326 -62.21 -71.66 -32.38
C VAL QB 326 -62.68 -70.22 -32.59
N GLU QB 327 -62.92 -69.49 -31.49
CA GLU QB 327 -63.55 -68.18 -31.61
C GLU QB 327 -62.57 -67.11 -32.10
N ASN QB 328 -61.27 -67.37 -31.94
CA ASN QB 328 -60.27 -66.45 -32.51
C ASN QB 328 -60.26 -66.50 -34.03
N GLN QB 329 -60.53 -67.64 -34.64
CA GLN QB 329 -60.83 -67.71 -36.06
C GLN QB 329 -62.23 -67.24 -36.38
N LEU QB 330 -63.09 -67.11 -35.37
CA LEU QB 330 -64.40 -66.51 -35.58
C LEU QB 330 -64.37 -65.00 -35.38
N SER QB 331 -63.19 -64.42 -35.19
CA SER QB 331 -63.06 -62.98 -35.35
C SER QB 331 -63.14 -62.58 -36.82
N ASP QB 332 -62.58 -63.41 -37.71
CA ASP QB 332 -62.52 -63.14 -39.14
C ASP QB 332 -63.55 -63.92 -39.94
N MET QB 333 -64.82 -63.49 -39.97
CA MET QB 333 -65.77 -64.01 -40.96
C MET QB 333 -65.43 -63.55 -42.36
N SER QB 334 -64.73 -62.42 -42.49
CA SER QB 334 -64.54 -61.78 -43.79
C SER QB 334 -63.66 -62.61 -44.72
N ARG QB 335 -62.47 -63.01 -44.26
CA ARG QB 335 -61.54 -63.74 -45.11
C ARG QB 335 -62.04 -65.15 -45.43
N LEU QB 336 -62.67 -65.80 -44.45
CA LEU QB 336 -63.15 -67.17 -44.66
C LEU QB 336 -64.40 -67.19 -45.54
N MET QB 337 -65.08 -66.05 -45.68
CA MET QB 337 -66.18 -65.97 -46.65
C MET QB 337 -65.65 -65.64 -48.04
N LYS QB 338 -64.41 -65.13 -48.12
CA LYS QB 338 -63.75 -65.04 -49.42
C LYS QB 338 -63.29 -66.41 -49.90
N ARG QB 339 -63.18 -67.37 -48.98
CA ARG QB 339 -62.76 -68.73 -49.35
C ARG QB 339 -63.83 -69.46 -50.13
N THR QB 340 -65.09 -69.37 -49.70
CA THR QB 340 -66.14 -70.22 -50.24
C THR QB 340 -66.75 -69.70 -51.54
N LYS QB 341 -66.31 -68.54 -52.02
CA LYS QB 341 -66.70 -68.09 -53.35
C LYS QB 341 -65.71 -68.54 -54.43
N LEU QB 342 -64.67 -69.28 -54.05
CA LEU QB 342 -63.62 -69.66 -54.99
C LEU QB 342 -64.15 -70.75 -55.93
N ASN QB 343 -64.41 -70.36 -57.18
CA ASN QB 343 -65.00 -71.27 -58.16
C ASN QB 343 -63.90 -71.96 -58.96
N ARG QB 344 -63.31 -72.97 -58.31
CA ARG QB 344 -62.37 -73.84 -59.01
C ARG QB 344 -63.07 -74.78 -59.98
N ARG QB 345 -64.35 -75.05 -59.75
CA ARG QB 345 -65.14 -75.97 -60.56
C ARG QB 345 -65.50 -75.39 -61.92
N ASN QB 346 -65.35 -74.07 -62.11
CA ASN QB 346 -65.76 -73.34 -63.32
C ASN QB 346 -67.23 -73.55 -63.63
N ILE QB 347 -68.05 -73.56 -62.58
CA ILE QB 347 -69.49 -73.77 -62.74
C ILE QB 347 -70.15 -72.44 -63.05
N THR QB 348 -70.88 -72.39 -64.15
CA THR QB 348 -71.66 -71.22 -64.54
C THR QB 348 -73.13 -71.53 -64.40
N PRO QB 349 -73.89 -70.71 -63.65
CA PRO QB 349 -75.33 -70.97 -63.51
C PRO QB 349 -76.09 -70.68 -64.80
N LEU QB 350 -77.35 -71.12 -64.84
CA LEU QB 350 -78.21 -70.85 -65.98
C LEU QB 350 -78.55 -69.37 -66.03
N TYR QB 351 -78.39 -68.78 -67.22
CA TYR QB 351 -78.59 -67.37 -67.53
C TYR QB 351 -77.73 -66.47 -66.64
N PHE QB 352 -76.52 -66.94 -66.32
CA PHE QB 352 -75.57 -66.12 -65.57
C PHE QB 352 -75.06 -64.97 -66.43
N GLN QB 353 -74.83 -65.23 -67.72
CA GLN QB 353 -74.33 -64.20 -68.62
C GLN QB 353 -75.41 -63.16 -68.91
N LYS QB 354 -76.68 -63.57 -68.92
CA LYS QB 354 -77.76 -62.62 -69.15
C LYS QB 354 -78.00 -61.74 -67.93
N ASP QB 355 -77.82 -62.28 -66.73
CA ASP QB 355 -78.16 -61.54 -65.52
C ASP QB 355 -77.12 -60.48 -65.19
N CYS QB 356 -75.84 -60.77 -65.47
CA CYS QB 356 -74.81 -59.77 -65.22
C CYS QB 356 -74.86 -58.66 -66.28
N ALA QB 357 -75.24 -59.02 -67.51
CA ALA QB 357 -75.40 -58.02 -68.55
C ALA QB 357 -76.61 -57.13 -68.29
N ASN QB 358 -77.66 -57.67 -67.69
CA ASN QB 358 -78.85 -56.88 -67.36
C ASN QB 358 -78.71 -56.14 -66.04
N GLY QB 359 -77.60 -56.30 -65.33
CA GLY QB 359 -77.40 -55.60 -64.08
C GLY QB 359 -78.10 -56.21 -62.89
N ARG QB 360 -78.64 -57.41 -63.03
CA ARG QB 360 -79.35 -58.07 -61.94
C ARG QB 360 -78.41 -58.67 -60.90
N LEU QB 361 -77.11 -58.75 -61.19
CA LEU QB 361 -76.15 -59.35 -60.28
C LEU QB 361 -75.16 -58.31 -59.74
N ILE QB 399 -64.47 -61.04 -67.03
CA ILE QB 399 -64.94 -61.29 -65.68
C ILE QB 399 -64.13 -62.39 -65.03
N ASP QB 400 -63.53 -62.09 -63.88
CA ASP QB 400 -62.81 -63.10 -63.11
C ASP QB 400 -63.81 -64.04 -62.45
N ILE QB 401 -63.84 -65.29 -62.91
CA ILE QB 401 -64.84 -66.27 -62.51
C ILE QB 401 -64.34 -66.95 -61.23
N THR QB 402 -63.05 -66.73 -60.92
CA THR QB 402 -62.41 -67.40 -59.79
C THR QB 402 -62.97 -66.95 -58.44
N GLU QB 403 -63.65 -65.82 -58.38
CA GLU QB 403 -64.44 -65.43 -57.21
C GLU QB 403 -65.84 -65.05 -57.70
N ASN QB 404 -66.83 -65.83 -57.30
CA ASN QB 404 -68.21 -65.67 -57.76
C ASN QB 404 -69.14 -65.79 -56.56
N PRO QB 405 -69.82 -64.71 -56.15
CA PRO QB 405 -70.58 -64.76 -54.89
C PRO QB 405 -71.89 -65.53 -54.98
N TYR QB 406 -72.64 -65.40 -56.07
CA TYR QB 406 -73.90 -66.13 -56.23
C TYR QB 406 -73.68 -67.62 -56.50
N VAL QB 407 -72.52 -67.99 -57.05
CA VAL QB 407 -72.14 -69.39 -57.14
C VAL QB 407 -71.76 -69.84 -55.73
N PHE QB 408 -72.36 -70.94 -55.27
CA PHE QB 408 -72.03 -71.45 -53.95
C PHE QB 408 -71.33 -72.80 -54.10
N ASP QB 409 -70.03 -72.76 -54.34
CA ASP QB 409 -69.19 -73.96 -54.29
C ASP QB 409 -68.46 -73.92 -52.96
N ASP QB 410 -68.95 -74.70 -51.99
CA ASP QB 410 -68.28 -74.91 -50.72
C ASP QB 410 -67.33 -76.11 -50.78
N GLU QB 411 -66.76 -76.36 -51.96
CA GLU QB 411 -65.87 -77.49 -52.20
C GLU QB 411 -64.59 -77.41 -51.36
N ASP QB 412 -64.16 -76.21 -50.97
CA ASP QB 412 -62.88 -76.02 -50.28
C ASP QB 412 -62.82 -76.75 -48.95
N PHE QB 413 -63.83 -76.52 -48.09
CA PHE QB 413 -63.92 -77.32 -46.88
C PHE QB 413 -64.44 -78.72 -47.17
N TYR QB 414 -65.23 -78.88 -48.24
CA TYR QB 414 -65.70 -80.21 -48.60
C TYR QB 414 -64.57 -81.10 -49.09
N ARG QB 415 -63.61 -80.54 -49.84
CA ARG QB 415 -62.39 -81.28 -50.17
C ARG QB 415 -61.58 -81.56 -48.91
N VAL QB 416 -61.56 -80.62 -47.96
CA VAL QB 416 -61.00 -80.89 -46.64
C VAL QB 416 -61.83 -81.96 -45.93
N LEU QB 417 -63.16 -81.86 -46.03
CA LEU QB 417 -64.04 -82.89 -45.48
C LEU QB 417 -63.86 -84.22 -46.18
N LEU QB 418 -63.65 -84.22 -47.50
CA LEU QB 418 -63.34 -85.46 -48.19
C LEU QB 418 -61.92 -85.92 -47.90
N ASN QB 419 -61.01 -85.00 -47.58
CA ASN QB 419 -59.75 -85.39 -46.98
C ASN QB 419 -59.95 -85.86 -45.56
N ASP QB 420 -60.91 -85.26 -44.84
CA ASP QB 420 -61.28 -85.78 -43.53
C ASP QB 420 -62.06 -87.07 -43.65
N LEU QB 421 -62.71 -87.28 -44.79
CA LEU QB 421 -63.37 -88.57 -45.04
C LEU QB 421 -62.35 -89.68 -45.20
N ILE QB 422 -61.34 -89.49 -46.06
CA ILE QB 422 -60.39 -90.56 -46.33
C ILE QB 422 -59.47 -90.81 -45.15
N ASP QB 423 -59.29 -89.82 -44.26
CA ASP QB 423 -58.53 -90.05 -43.04
C ASP QB 423 -59.34 -90.89 -42.04
N LYS QB 424 -60.64 -90.61 -41.93
CA LYS QB 424 -61.47 -91.36 -40.99
C LYS QB 424 -61.92 -92.70 -41.58
N LYS QB 425 -62.07 -92.79 -42.91
CA LYS QB 425 -62.50 -94.06 -43.50
C LYS QB 425 -61.38 -95.09 -43.51
N ILE QB 426 -60.13 -94.65 -43.65
CA ILE QB 426 -59.00 -95.56 -43.53
C ILE QB 426 -58.89 -96.10 -42.11
N SER QB 427 -59.11 -95.23 -41.12
CA SER QB 427 -59.05 -95.65 -39.72
C SER QB 427 -60.26 -96.51 -39.33
N ASN QB 428 -61.34 -96.44 -40.11
CA ASN QB 428 -62.53 -97.22 -39.80
C ASN QB 428 -62.75 -98.39 -40.75
N ALA QB 429 -61.85 -98.64 -41.70
CA ALA QB 429 -61.88 -99.84 -42.52
C ALA QB 429 -60.97 -100.94 -41.97
N HIS QB 430 -60.79 -100.98 -40.66
CA HIS QB 430 -59.85 -101.91 -40.05
C HIS QB 430 -60.35 -103.34 -40.06
N ASN QB 431 -61.63 -103.55 -39.73
CA ASN QB 431 -62.12 -104.92 -39.55
C ASN QB 431 -62.46 -105.59 -40.88
N SER QB 432 -63.51 -105.11 -41.55
CA SER QB 432 -63.85 -105.63 -42.87
C SER QB 432 -63.90 -104.56 -43.95
N GLU QB 433 -64.74 -103.54 -43.77
CA GLU QB 433 -65.07 -102.57 -44.82
C GLU QB 433 -65.90 -101.47 -44.20
N SER QB 434 -65.64 -100.23 -44.63
CA SER QB 434 -66.40 -99.07 -44.19
C SER QB 434 -67.41 -98.68 -45.27
N ALA QB 435 -68.03 -97.51 -45.11
CA ALA QB 435 -69.09 -97.10 -46.03
C ALA QB 435 -68.54 -96.75 -47.41
N ALA QB 436 -67.66 -95.74 -47.48
CA ALA QB 436 -67.11 -95.32 -48.77
C ALA QB 436 -65.76 -94.66 -48.51
N ILE QB 437 -64.69 -95.38 -48.80
CA ILE QB 437 -63.33 -94.89 -48.58
C ILE QB 437 -62.97 -93.86 -49.64
N THR QB 438 -63.09 -94.23 -50.92
CA THR QB 438 -62.80 -93.33 -52.02
C THR QB 438 -63.82 -93.40 -53.14
N ILE QB 439 -64.83 -94.26 -53.04
CA ILE QB 439 -65.81 -94.40 -54.10
C ILE QB 439 -66.78 -93.22 -54.06
N THR QB 440 -66.94 -92.55 -55.22
CA THR QB 440 -67.75 -91.36 -55.46
C THR QB 440 -67.35 -90.17 -54.58
N SER QB 441 -66.13 -90.18 -54.05
CA SER QB 441 -65.62 -89.00 -53.35
C SER QB 441 -64.57 -88.29 -54.18
N THR QB 442 -63.51 -89.01 -54.56
CA THR QB 442 -62.51 -88.45 -55.47
C THR QB 442 -63.08 -88.33 -56.87
N ASN QB 443 -64.00 -89.24 -57.24
CA ASN QB 443 -64.71 -89.11 -58.51
C ASN QB 443 -65.61 -87.89 -58.53
N ALA QB 444 -66.16 -87.51 -57.37
CA ALA QB 444 -66.99 -86.31 -57.30
C ALA QB 444 -66.13 -85.05 -57.45
N ARG QB 445 -64.87 -85.10 -57.01
CA ARG QB 445 -63.94 -84.02 -57.33
C ARG QB 445 -63.63 -83.99 -58.82
N SER QB 446 -63.64 -85.16 -59.47
CA SER QB 446 -63.17 -85.24 -60.85
C SER QB 446 -64.20 -84.70 -61.82
N ASN QB 447 -65.43 -85.24 -61.80
CA ASN QB 447 -66.43 -84.94 -62.82
C ASN QB 447 -66.92 -83.49 -62.80
N ASN QB 448 -66.74 -82.79 -61.68
CA ASN QB 448 -67.09 -81.37 -61.64
C ASN QB 448 -66.01 -80.51 -62.28
N LYS QB 449 -64.78 -81.02 -62.35
CA LYS QB 449 -63.73 -80.36 -63.10
C LYS QB 449 -63.40 -81.11 -64.40
N LEU QB 450 -64.37 -81.93 -64.87
CA LEU QB 450 -64.35 -82.53 -66.21
C LEU QB 450 -63.12 -83.40 -66.43
N LYS QB 451 -63.10 -84.64 -65.93
CA LYS QB 451 -62.13 -85.16 -64.97
C LYS QB 451 -60.88 -84.32 -64.79
N LYS QB 452 -60.14 -84.01 -65.85
CA LYS QB 452 -59.07 -83.04 -65.74
C LYS QB 452 -59.14 -81.90 -66.75
N ASN QB 453 -60.11 -81.93 -67.69
CA ASN QB 453 -60.29 -80.92 -68.75
C ASN QB 453 -59.03 -80.75 -69.59
N ILE QB 454 -58.34 -81.86 -69.85
CA ILE QB 454 -57.07 -81.85 -70.55
C ILE QB 454 -57.15 -82.86 -71.69
N ASP QB 455 -56.31 -82.64 -72.69
CA ASP QB 455 -56.25 -83.52 -73.85
C ASP QB 455 -54.81 -83.98 -74.02
N THR QB 456 -54.64 -85.27 -74.31
CA THR QB 456 -53.30 -85.84 -74.47
C THR QB 456 -52.63 -85.32 -75.73
N LYS QB 457 -53.42 -85.06 -76.77
CA LYS QB 457 -52.84 -84.55 -78.01
C LYS QB 457 -52.41 -83.09 -77.87
N ALA QB 458 -53.18 -82.30 -77.12
CA ALA QB 458 -52.77 -80.93 -76.85
C ALA QB 458 -51.56 -80.87 -75.94
N SER QB 459 -51.35 -81.92 -75.13
CA SER QB 459 -50.17 -82.00 -74.29
C SER QB 459 -48.90 -82.19 -75.11
N LYS QB 460 -48.89 -83.20 -75.98
CA LYS QB 460 -47.71 -83.53 -76.77
C LYS QB 460 -47.48 -82.58 -77.93
N GLY QB 461 -48.43 -81.69 -78.21
CA GLY QB 461 -48.38 -80.98 -79.46
C GLY QB 461 -48.92 -81.80 -80.62
N ARG QB 462 -49.58 -82.92 -80.31
CA ARG QB 462 -50.27 -83.73 -81.31
C ARG QB 462 -51.61 -83.13 -81.70
N LYS QB 463 -52.07 -82.10 -80.99
CA LYS QB 463 -53.20 -81.27 -81.40
C LYS QB 463 -52.69 -79.87 -81.72
N LEU QB 464 -53.37 -79.20 -82.63
CA LEU QB 464 -52.97 -77.86 -83.03
C LEU QB 464 -53.23 -76.86 -81.91
N ASN QB 465 -52.32 -75.91 -81.75
CA ASN QB 465 -52.36 -74.93 -80.68
C ASN QB 465 -52.71 -73.57 -81.27
N TYR QB 466 -53.80 -72.98 -80.81
CA TYR QB 466 -54.23 -71.67 -81.26
C TYR QB 466 -53.71 -70.58 -80.33
N SER QB 467 -52.40 -70.55 -80.16
CA SER QB 467 -51.75 -69.57 -79.31
C SER QB 467 -50.56 -68.97 -80.06
N VAL QB 468 -50.18 -67.77 -79.64
CA VAL QB 468 -49.07 -67.07 -80.28
C VAL QB 468 -47.74 -67.66 -79.78
N GLN QB 469 -46.91 -68.08 -80.71
CA GLN QB 469 -45.55 -68.52 -80.40
C GLN QB 469 -44.64 -67.29 -80.46
N ASP QB 470 -44.20 -66.82 -79.30
CA ASP QB 470 -43.59 -65.50 -79.18
C ASP QB 470 -42.25 -65.17 -79.87
N PRO QB 471 -41.39 -66.13 -80.34
CA PRO QB 471 -40.27 -65.67 -81.18
C PRO QB 471 -40.63 -65.47 -82.65
N ILE QB 472 -41.66 -66.15 -83.16
CA ILE QB 472 -41.79 -66.40 -84.59
C ILE QB 472 -42.83 -65.42 -85.12
N ALA QB 473 -42.84 -64.22 -84.55
CA ALA QB 473 -43.77 -63.20 -85.02
C ALA QB 473 -43.43 -62.73 -86.42
N ASN QB 474 -42.23 -62.14 -86.62
CA ASN QB 474 -42.03 -61.33 -87.82
C ASN QB 474 -40.69 -61.52 -88.54
N TYR QB 475 -40.08 -62.71 -88.58
CA TYR QB 475 -38.90 -62.82 -89.44
C TYR QB 475 -39.29 -62.91 -90.91
N GLU QB 476 -40.31 -63.70 -91.24
CA GLU QB 476 -40.69 -63.91 -92.62
C GLU QB 476 -41.84 -62.98 -92.98
N ALA QB 477 -41.78 -61.75 -92.47
CA ALA QB 477 -42.73 -60.64 -92.54
C ALA QB 477 -43.35 -60.48 -93.92
N PRO QB 478 -44.65 -60.15 -94.02
CA PRO QB 478 -45.36 -60.25 -95.30
C PRO QB 478 -44.91 -59.24 -96.35
N ILE QB 479 -45.48 -59.37 -97.54
CA ILE QB 479 -45.02 -58.69 -98.74
C ILE QB 479 -46.15 -57.83 -99.29
N THR QB 480 -45.91 -57.24 -100.46
CA THR QB 480 -46.92 -56.48 -101.18
C THR QB 480 -47.89 -57.43 -101.87
N SER QB 481 -48.66 -56.92 -102.83
CA SER QB 481 -49.59 -57.75 -103.59
C SER QB 481 -48.78 -58.68 -104.47
N GLY QB 482 -48.58 -59.90 -103.99
CA GLY QB 482 -47.68 -60.84 -104.63
C GLY QB 482 -48.33 -61.68 -105.71
N TYR QB 483 -49.58 -61.37 -106.02
CA TYR QB 483 -50.30 -62.02 -107.09
C TYR QB 483 -50.03 -61.25 -108.37
N LYS QB 484 -49.38 -61.90 -109.34
CA LYS QB 484 -49.01 -61.22 -110.58
C LYS QB 484 -50.19 -61.00 -111.49
N TRP QB 485 -51.31 -61.69 -111.28
CA TRP QB 485 -52.58 -61.34 -111.90
C TRP QB 485 -53.37 -60.47 -110.92
N SER QB 486 -54.49 -59.93 -111.40
CA SER QB 486 -55.29 -59.00 -110.63
C SER QB 486 -56.32 -59.67 -109.75
N ASP QB 487 -56.30 -61.01 -109.68
CA ASP QB 487 -56.97 -61.87 -108.70
C ASP QB 487 -58.48 -61.96 -108.89
N ASP QB 488 -59.04 -61.16 -109.80
CA ASP QB 488 -60.45 -61.33 -110.12
C ASP QB 488 -60.65 -62.22 -111.34
N GLN QB 489 -59.70 -62.24 -112.26
CA GLN QB 489 -59.71 -63.27 -113.30
C GLN QB 489 -59.36 -64.63 -112.74
N ILE QB 490 -58.61 -64.69 -111.64
CA ILE QB 490 -58.38 -65.98 -111.00
C ILE QB 490 -59.62 -66.41 -110.21
N ASP QB 491 -60.51 -65.47 -109.86
CA ASP QB 491 -61.80 -65.85 -109.31
C ASP QB 491 -62.67 -66.53 -110.38
N GLU QB 492 -62.58 -66.04 -111.62
CA GLU QB 492 -63.19 -66.76 -112.73
C GLU QB 492 -62.51 -68.10 -112.95
N PHE QB 493 -61.19 -68.15 -112.75
CA PHE QB 493 -60.48 -69.42 -112.80
C PHE QB 493 -60.89 -70.33 -111.64
N PHE QB 494 -61.21 -69.73 -110.49
CA PHE QB 494 -61.66 -70.55 -109.37
C PHE QB 494 -63.12 -70.95 -109.52
N ALA QB 495 -63.95 -70.08 -110.10
CA ALA QB 495 -65.34 -70.46 -110.38
C ALA QB 495 -65.41 -71.43 -111.54
N GLY QB 496 -64.97 -71.00 -112.72
CA GLY QB 496 -64.83 -71.89 -113.85
C GLY QB 496 -63.42 -72.45 -113.90
N LEU QB 497 -63.24 -73.66 -113.40
CA LEU QB 497 -61.90 -74.23 -113.33
C LEU QB 497 -61.47 -74.74 -114.69
N LEU QB 498 -60.16 -74.63 -114.94
CA LEU QB 498 -59.52 -75.20 -116.12
C LEU QB 498 -59.16 -76.68 -115.93
N GLY QB 499 -59.72 -77.32 -114.91
CA GLY QB 499 -59.74 -78.76 -114.80
C GLY QB 499 -61.17 -79.22 -114.65
N GLN QB 500 -62.05 -78.28 -114.29
CA GLN QB 500 -63.48 -78.55 -114.14
C GLN QB 500 -64.29 -77.59 -115.01
N MET RB 1 -84.62 -81.92 -74.47
CA MET RB 1 -84.32 -82.10 -73.06
C MET RB 1 -83.58 -80.83 -72.61
N SER RB 2 -84.23 -80.02 -71.78
CA SER RB 2 -83.65 -78.75 -71.37
C SER RB 2 -82.61 -78.98 -70.28
N GLU RB 3 -81.75 -77.97 -70.09
CA GLU RB 3 -80.69 -78.09 -69.09
C GLU RB 3 -81.26 -78.05 -67.68
N LEU RB 4 -82.35 -77.29 -67.48
CA LEU RB 4 -82.99 -77.22 -66.16
C LEU RB 4 -83.63 -78.55 -65.78
N ASN RB 5 -84.16 -79.28 -66.78
CA ASN RB 5 -84.73 -80.60 -66.55
C ASN RB 5 -83.65 -81.58 -66.09
N ALA RB 6 -82.46 -81.50 -66.68
CA ALA RB 6 -81.37 -82.38 -66.28
C ALA RB 6 -80.86 -82.04 -64.88
N LEU RB 7 -80.95 -80.76 -64.51
CA LEU RB 7 -80.51 -80.36 -63.17
C LEU RB 7 -81.52 -80.78 -62.10
N LEU RB 8 -82.81 -80.68 -62.41
CA LEU RB 8 -83.84 -81.01 -61.42
C LEU RB 8 -83.89 -82.50 -61.13
N LYS RB 9 -83.65 -83.34 -62.13
CA LYS RB 9 -83.60 -84.79 -61.89
C LYS RB 9 -82.29 -85.18 -61.21
N ASP RB 10 -81.22 -84.39 -61.42
CA ASP RB 10 -79.96 -84.64 -60.73
C ASP RB 10 -80.09 -84.31 -59.25
N ILE RB 11 -80.84 -83.26 -58.91
CA ILE RB 11 -81.17 -83.01 -57.52
C ILE RB 11 -82.08 -84.11 -56.98
N ASN RB 12 -83.09 -84.50 -57.78
CA ASN RB 12 -84.07 -85.48 -57.36
C ASN RB 12 -83.46 -86.85 -57.11
N GLY RB 13 -82.50 -87.24 -57.95
CA GLY RB 13 -81.77 -88.48 -57.70
C GLY RB 13 -80.90 -88.42 -56.47
N SER RB 14 -80.46 -87.23 -56.07
CA SER RB 14 -79.66 -87.07 -54.87
C SER RB 14 -80.52 -86.93 -53.62
N LEU RB 15 -81.76 -86.41 -53.76
CA LEU RB 15 -82.63 -86.24 -52.60
C LEU RB 15 -83.13 -87.59 -52.09
N THR RB 16 -83.51 -88.50 -52.99
CA THR RB 16 -83.90 -89.84 -52.55
C THR RB 16 -82.70 -90.67 -52.16
N ALA RB 17 -81.51 -90.30 -52.65
CA ALA RB 17 -80.29 -90.97 -52.22
C ALA RB 17 -80.01 -90.69 -50.74
N THR RB 18 -80.29 -89.47 -50.29
CA THR RB 18 -80.15 -89.15 -48.88
C THR RB 18 -81.39 -89.55 -48.10
N SER RB 19 -82.49 -89.86 -48.79
CA SER RB 19 -83.73 -90.20 -48.10
C SER RB 19 -83.68 -91.62 -47.55
N GLU RB 20 -83.04 -92.54 -48.28
CA GLU RB 20 -83.04 -93.94 -47.84
C GLU RB 20 -81.93 -94.19 -46.83
N SER RB 21 -80.83 -93.44 -46.91
CA SER RB 21 -79.70 -93.70 -46.04
C SER RB 21 -79.93 -93.17 -44.63
N LEU RB 22 -80.66 -92.07 -44.48
CA LEU RB 22 -80.97 -91.57 -43.14
C LEU RB 22 -82.02 -92.44 -42.45
N GLU RB 23 -82.85 -93.17 -43.23
CA GLU RB 23 -83.67 -94.22 -42.65
C GLU RB 23 -82.82 -95.32 -42.05
N ARG RB 24 -81.74 -95.69 -42.76
CA ARG RB 24 -80.80 -96.66 -42.21
C ARG RB 24 -80.05 -96.07 -41.01
N LEU RB 25 -79.69 -94.79 -41.09
CA LEU RB 25 -78.98 -94.15 -39.99
C LEU RB 25 -79.87 -93.96 -38.76
N SER RB 26 -81.12 -93.52 -38.97
CA SER RB 26 -82.04 -93.42 -37.84
C SER RB 26 -82.48 -94.80 -37.37
N GLY RB 27 -82.45 -95.79 -38.27
CA GLY RB 27 -82.68 -97.16 -37.85
C GLY RB 27 -81.55 -97.69 -36.97
N ILE RB 28 -80.32 -97.28 -37.26
CA ILE RB 28 -79.18 -97.64 -36.42
C ILE RB 28 -79.26 -96.91 -35.09
N TYR RB 29 -79.60 -95.61 -35.12
CA TYR RB 29 -79.64 -94.81 -33.91
C TYR RB 29 -80.78 -95.22 -32.99
N SER RB 30 -81.91 -95.67 -33.55
CA SER RB 30 -83.01 -96.14 -32.73
C SER RB 30 -82.66 -97.49 -32.08
N ASN RB 31 -81.92 -98.33 -32.80
CA ASN RB 31 -81.46 -99.59 -32.21
C ASN RB 31 -80.33 -99.39 -31.22
N SER RB 32 -79.67 -98.23 -31.23
CA SER RB 32 -78.61 -97.92 -30.28
C SER RB 32 -79.10 -97.05 -29.13
N ALA RB 33 -80.32 -96.53 -29.19
CA ALA RB 33 -80.88 -95.75 -28.09
C ALA RB 33 -81.95 -96.51 -27.32
N THR RB 34 -82.55 -97.55 -27.90
CA THR RB 34 -83.49 -98.42 -27.20
C THR RB 34 -82.80 -99.74 -26.88
N ASP RB 35 -83.32 -100.44 -25.88
CA ASP RB 35 -82.65 -101.63 -25.35
C ASP RB 35 -82.90 -102.89 -26.18
N GLU RB 36 -83.68 -102.82 -27.25
CA GLU RB 36 -83.83 -103.98 -28.14
C GLU RB 36 -82.60 -104.12 -29.03
N ILE RB 37 -81.52 -104.64 -28.46
CA ILE RB 37 -80.23 -104.75 -29.14
C ILE RB 37 -80.31 -105.88 -30.16
N PRO RB 38 -79.82 -105.68 -31.40
CA PRO RB 38 -79.83 -106.78 -32.38
C PRO RB 38 -78.84 -107.88 -32.03
N GLU RB 39 -78.86 -108.93 -32.85
CA GLU RB 39 -78.08 -110.13 -32.55
C GLU RB 39 -76.59 -109.93 -32.80
N SER RB 40 -76.22 -108.89 -33.54
CA SER RB 40 -74.81 -108.61 -33.81
C SER RB 40 -74.10 -108.09 -32.57
N ASN RB 41 -74.83 -107.50 -31.61
CA ASN RB 41 -74.24 -106.98 -30.39
C ASN RB 41 -74.86 -107.62 -29.14
N GLN RB 42 -75.16 -108.92 -29.20
CA GLN RB 42 -75.69 -109.61 -28.02
C GLN RB 42 -74.63 -109.83 -26.96
N LEU RB 43 -73.36 -109.74 -27.33
CA LEU RB 43 -72.28 -110.01 -26.38
C LEU RB 43 -72.14 -108.85 -25.39
N HIS RB 44 -72.59 -107.64 -25.78
CA HIS RB 44 -72.58 -106.51 -24.87
C HIS RB 44 -73.57 -106.71 -23.73
N GLU RB 45 -74.69 -107.39 -24.01
CA GLU RB 45 -75.61 -107.78 -22.94
C GLU RB 45 -75.00 -108.84 -22.03
N HIS RB 46 -74.25 -109.79 -22.62
CA HIS RB 46 -73.65 -110.86 -21.85
C HIS RB 46 -72.46 -110.36 -21.03
N LEU RB 47 -71.70 -109.41 -21.56
CA LEU RB 47 -70.53 -108.91 -20.84
C LEU RB 47 -70.89 -108.03 -19.66
N PHE RB 48 -71.95 -107.22 -19.79
CA PHE RB 48 -72.29 -106.21 -18.78
C PHE RB 48 -73.60 -106.63 -18.14
N TYR RB 49 -73.55 -106.95 -16.86
CA TYR RB 49 -74.71 -107.42 -16.11
C TYR RB 49 -75.53 -106.24 -15.59
N ASP RB 50 -75.03 -105.03 -15.83
CA ASP RB 50 -75.66 -103.79 -15.40
C ASP RB 50 -76.15 -102.98 -16.60
N ALA RB 51 -76.81 -103.65 -17.55
CA ALA RB 51 -77.22 -103.04 -18.81
C ALA RB 51 -78.37 -102.06 -18.66
N LYS RB 52 -79.00 -101.96 -17.49
CA LYS RB 52 -80.05 -100.97 -17.26
C LYS RB 52 -79.52 -99.53 -17.31
N LYS RB 53 -78.25 -99.33 -16.99
CA LYS RB 53 -77.62 -98.02 -17.17
C LYS RB 53 -77.12 -97.90 -18.60
N PRO RB 54 -77.41 -96.82 -19.31
CA PRO RB 54 -76.85 -96.63 -20.65
C PRO RB 54 -75.34 -96.43 -20.59
N ALA RB 55 -74.66 -96.84 -21.65
CA ALA RB 55 -73.21 -96.69 -21.72
C ALA RB 55 -72.83 -95.23 -21.85
N GLU RB 56 -71.75 -94.84 -21.17
CA GLU RB 56 -71.34 -93.44 -21.12
C GLU RB 56 -70.78 -92.98 -22.46
N LYS RB 57 -71.52 -92.13 -23.15
CA LYS RB 57 -71.08 -91.60 -24.44
C LYS RB 57 -70.00 -90.56 -24.24
N VAL RB 58 -69.06 -90.49 -25.18
CA VAL RB 58 -68.00 -89.49 -25.16
C VAL RB 58 -68.61 -88.17 -25.59
N SER RB 59 -68.39 -87.12 -24.80
CA SER RB 59 -69.02 -85.83 -25.07
C SER RB 59 -68.39 -85.12 -26.26
N LEU RB 60 -67.10 -85.35 -26.51
CA LEU RB 60 -66.46 -84.72 -27.65
C LEU RB 60 -66.90 -85.37 -28.97
N LEU RB 61 -67.09 -86.69 -28.97
CA LEU RB 61 -67.60 -87.36 -30.15
C LEU RB 61 -69.06 -87.02 -30.42
N SER RB 62 -69.84 -86.74 -29.36
CA SER RB 62 -71.19 -86.24 -29.54
C SER RB 62 -71.19 -84.84 -30.16
N LEU RB 63 -70.23 -84.00 -29.74
CA LEU RB 63 -70.07 -82.69 -30.37
C LEU RB 63 -69.58 -82.84 -31.80
N LYS RB 64 -68.67 -83.78 -32.05
CA LYS RB 64 -68.18 -84.04 -33.40
C LYS RB 64 -69.30 -84.54 -34.30
N ASN RB 65 -70.15 -85.43 -33.78
CA ASN RB 65 -71.31 -85.89 -34.53
C ASN RB 65 -72.36 -84.80 -34.65
N GLY RB 66 -72.55 -84.02 -33.58
CA GLY RB 66 -73.58 -83.01 -33.58
C GLY RB 66 -73.29 -81.84 -34.51
N SER RB 67 -72.03 -81.43 -34.59
CA SER RB 67 -71.68 -80.26 -35.39
C SER RB 67 -71.80 -80.55 -36.88
N MET RB 68 -71.47 -81.77 -37.30
CA MET RB 68 -71.58 -82.09 -38.71
C MET RB 68 -72.95 -82.67 -39.04
N LEU RB 69 -73.75 -82.99 -38.01
CA LEU RB 69 -75.19 -83.05 -38.20
C LEU RB 69 -75.76 -81.64 -38.39
N GLY RB 70 -75.08 -80.63 -37.85
CA GLY RB 70 -75.48 -79.26 -38.11
C GLY RB 70 -75.09 -78.78 -39.49
N TYR RB 71 -74.13 -79.46 -40.11
CA TYR RB 71 -73.81 -79.21 -41.52
C TYR RB 71 -74.92 -79.58 -42.48
N ILE RB 72 -75.31 -80.86 -42.51
CA ILE RB 72 -76.19 -81.37 -43.55
C ILE RB 72 -77.58 -80.75 -43.44
N ASN RB 73 -77.96 -80.32 -42.23
CA ASN RB 73 -79.10 -79.43 -42.09
C ASN RB 73 -78.85 -78.06 -42.74
N SER RB 74 -77.67 -77.48 -42.48
CA SER RB 74 -77.39 -76.13 -42.96
C SER RB 74 -77.15 -76.09 -44.46
N LEU RB 75 -76.65 -77.18 -45.03
CA LEU RB 75 -76.44 -77.23 -46.48
C LEU RB 75 -77.74 -77.56 -47.21
N LEU RB 76 -78.72 -78.12 -46.49
CA LEU RB 76 -80.03 -78.36 -47.06
C LEU RB 76 -80.78 -77.06 -47.29
N MET RB 77 -80.54 -76.09 -46.41
CA MET RB 77 -80.95 -74.71 -46.62
C MET RB 77 -80.38 -74.11 -47.91
N LEU RB 78 -79.11 -74.42 -48.23
CA LEU RB 78 -78.51 -73.90 -49.45
C LEU RB 78 -79.17 -74.48 -50.69
N ILE RB 79 -79.61 -75.73 -50.64
CA ILE RB 79 -80.46 -76.28 -51.68
C ILE RB 79 -81.84 -75.63 -51.63
N GLY RB 80 -82.29 -75.26 -50.44
CA GLY RB 80 -83.60 -74.64 -50.31
C GLY RB 80 -83.69 -73.27 -50.97
N ASN RB 81 -82.67 -72.44 -50.79
CA ASN RB 81 -82.72 -71.12 -51.43
C ASN RB 81 -82.43 -71.16 -52.92
N ARG RB 82 -81.71 -72.16 -53.41
CA ARG RB 82 -81.50 -72.26 -54.84
C ARG RB 82 -82.73 -72.78 -55.54
N LEU RB 83 -83.56 -73.55 -54.83
CA LEU RB 83 -84.85 -73.99 -55.35
C LEU RB 83 -85.96 -72.97 -55.12
N ASP RB 84 -85.69 -71.88 -54.40
CA ASP RB 84 -86.71 -70.87 -54.13
C ASP RB 84 -86.69 -69.82 -55.24
N ASP RB 85 -87.77 -69.74 -56.00
CA ASP RB 85 -87.91 -68.74 -57.05
C ASP RB 85 -88.08 -67.34 -56.51
N GLU RB 86 -88.62 -67.19 -55.30
CA GLU RB 86 -88.80 -65.90 -54.66
C GLU RB 86 -87.71 -65.61 -53.64
N CYS RB 87 -86.52 -66.17 -53.81
CA CYS RB 87 -85.44 -65.96 -52.86
C CYS RB 87 -84.82 -64.58 -52.99
N LYS RB 88 -84.93 -63.78 -51.93
CA LYS RB 88 -84.41 -62.42 -51.96
C LYS RB 88 -82.90 -62.38 -51.71
N ASP RB 89 -82.30 -63.47 -51.26
CA ASP RB 89 -80.86 -63.55 -51.00
C ASP RB 89 -80.28 -64.65 -51.88
N PRO RB 90 -79.86 -64.32 -53.11
CA PRO RB 90 -79.24 -65.33 -53.98
C PRO RB 90 -77.83 -65.73 -53.56
N SER RB 91 -77.24 -65.06 -52.58
CA SER RB 91 -75.96 -65.46 -52.03
C SER RB 91 -76.10 -66.44 -50.87
N ALA RB 92 -77.26 -66.44 -50.19
CA ALA RB 92 -77.56 -67.27 -49.01
C ALA RB 92 -76.52 -67.06 -47.92
N MET RB 93 -76.43 -65.82 -47.44
CA MET RB 93 -75.36 -65.43 -46.53
C MET RB 93 -75.54 -66.02 -45.15
N ASP RB 94 -76.79 -66.23 -44.72
CA ASP RB 94 -77.06 -66.69 -43.36
C ASP RB 94 -76.51 -68.09 -43.13
N ALA RB 95 -76.76 -69.01 -44.06
CA ALA RB 95 -76.22 -70.36 -43.93
C ALA RB 95 -74.74 -70.39 -44.25
N ARG RB 96 -74.26 -69.44 -45.05
CA ARG RB 96 -72.84 -69.38 -45.32
C ARG RB 96 -72.07 -69.09 -44.04
N GLU RB 97 -72.60 -68.19 -43.22
CA GLU RB 97 -72.03 -67.97 -41.90
C GLU RB 97 -72.28 -69.17 -40.99
N ARG RB 98 -73.40 -69.88 -41.20
CA ARG RB 98 -73.65 -71.11 -40.45
C ARG RB 98 -72.66 -72.20 -40.85
N SER RB 99 -72.32 -72.26 -42.14
CA SER RB 99 -71.44 -73.33 -42.63
C SER RB 99 -69.98 -73.06 -42.29
N ILE RB 100 -69.56 -71.79 -42.34
CA ILE RB 100 -68.21 -71.44 -41.90
C ILE RB 100 -68.10 -71.53 -40.38
N GLN RB 101 -69.24 -71.51 -39.68
CA GLN RB 101 -69.23 -71.55 -38.21
C GLN RB 101 -68.71 -72.88 -37.70
N HIS RB 102 -69.27 -73.97 -38.22
CA HIS RB 102 -69.11 -75.27 -37.59
C HIS RB 102 -67.87 -75.99 -38.08
N ARG RB 103 -67.24 -75.48 -39.16
CA ARG RB 103 -66.04 -76.14 -39.65
C ARG RB 103 -64.84 -75.82 -38.78
N VAL RB 104 -64.84 -74.64 -38.16
CA VAL RB 104 -63.78 -74.27 -37.23
C VAL RB 104 -63.86 -75.16 -35.99
N VAL RB 105 -65.08 -75.58 -35.63
CA VAL RB 105 -65.25 -76.63 -34.62
C VAL RB 105 -64.70 -77.95 -35.14
N LEU RB 106 -64.93 -78.26 -36.42
CA LEU RB 106 -64.51 -79.54 -36.96
C LEU RB 106 -63.02 -79.54 -37.27
N GLU RB 107 -62.53 -78.48 -37.93
CA GLU RB 107 -61.11 -78.43 -38.31
C GLU RB 107 -60.21 -78.15 -37.11
N ARG RB 108 -60.60 -77.21 -36.25
CA ARG RB 108 -59.68 -76.66 -35.26
C ARG RB 108 -60.12 -76.96 -33.83
N GLY RB 109 -61.39 -77.28 -33.63
CA GLY RB 109 -61.87 -77.58 -32.30
C GLY RB 109 -61.79 -79.06 -31.94
N VAL RB 110 -62.36 -79.92 -32.78
CA VAL RB 110 -62.43 -81.34 -32.45
C VAL RB 110 -61.16 -82.05 -32.91
N LYS RB 111 -60.75 -81.81 -34.16
CA LYS RB 111 -59.66 -82.58 -34.77
C LYS RB 111 -58.29 -82.43 -34.10
N PRO RB 112 -57.81 -81.25 -33.68
CA PRO RB 112 -56.60 -81.24 -32.84
C PRO RB 112 -56.80 -81.89 -31.48
N LEU RB 113 -58.00 -81.82 -30.91
CA LEU RB 113 -58.27 -82.54 -29.67
C LEU RB 113 -58.33 -84.04 -29.90
N GLU RB 114 -58.97 -84.46 -31.00
CA GLU RB 114 -59.09 -85.88 -31.29
C GLU RB 114 -57.75 -86.50 -31.65
N LYS RB 115 -56.85 -85.71 -32.25
CA LYS RB 115 -55.48 -86.18 -32.48
C LYS RB 115 -54.71 -86.31 -31.17
N LYS RB 116 -54.95 -85.41 -30.22
CA LYS RB 116 -54.28 -85.50 -28.91
C LYS RB 116 -54.88 -86.59 -28.04
N LEU RB 117 -56.11 -87.02 -28.33
CA LEU RB 117 -56.74 -88.11 -27.60
C LEU RB 117 -56.65 -89.44 -28.33
N ALA RB 118 -55.91 -89.50 -29.44
CA ALA RB 118 -56.03 -90.63 -30.37
C ALA RB 118 -55.48 -91.92 -29.79
N TYR RB 119 -54.50 -91.83 -28.88
CA TYR RB 119 -53.96 -93.04 -28.29
C TYR RB 119 -54.90 -93.64 -27.26
N GLN RB 120 -55.56 -92.81 -26.45
CA GLN RB 120 -56.40 -93.37 -25.40
C GLN RB 120 -57.81 -93.67 -25.90
N LEU RB 121 -58.25 -93.01 -26.99
CA LEU RB 121 -59.46 -93.45 -27.66
C LEU RB 121 -59.24 -94.80 -28.33
N ASP RB 122 -58.04 -95.01 -28.88
CA ASP RB 122 -57.69 -96.33 -29.42
C ASP RB 122 -57.54 -97.35 -28.30
N LYS RB 123 -57.08 -96.90 -27.13
CA LYS RB 123 -56.84 -97.79 -25.98
C LYS RB 123 -58.13 -98.43 -25.49
N LEU RB 124 -59.22 -97.64 -25.48
CA LEU RB 124 -60.48 -98.18 -24.99
C LEU RB 124 -61.11 -99.11 -26.03
N THR RB 125 -60.83 -98.87 -27.31
CA THR RB 125 -61.41 -99.71 -28.35
C THR RB 125 -60.72 -101.06 -28.46
N ARG RB 126 -59.40 -101.12 -28.20
CA ARG RB 126 -58.71 -102.40 -28.36
C ARG RB 126 -59.06 -103.35 -27.21
N ALA RB 127 -59.37 -102.80 -26.05
CA ALA RB 127 -59.84 -103.65 -24.95
C ALA RB 127 -61.29 -104.05 -25.16
N TYR RB 128 -62.05 -103.30 -25.98
CA TYR RB 128 -63.34 -103.79 -26.44
C TYR RB 128 -63.17 -104.98 -27.38
N VAL RB 129 -62.15 -104.91 -28.24
CA VAL RB 129 -61.85 -106.00 -29.16
C VAL RB 129 -61.37 -107.24 -28.40
N LYS RB 130 -60.63 -107.06 -27.31
CA LYS RB 130 -60.00 -108.19 -26.63
C LYS RB 130 -61.00 -109.07 -25.89
N MET RB 131 -62.05 -108.49 -25.30
CA MET RB 131 -63.02 -109.36 -24.62
C MET RB 131 -63.84 -110.13 -25.64
N GLU RB 132 -64.12 -109.47 -26.78
CA GLU RB 132 -64.98 -110.04 -27.80
C GLU RB 132 -64.36 -111.27 -28.44
N LYS RB 133 -63.03 -111.27 -28.58
CA LYS RB 133 -62.34 -112.49 -28.99
C LYS RB 133 -62.28 -113.49 -27.84
N GLU RB 134 -62.05 -113.00 -26.62
CA GLU RB 134 -61.96 -113.88 -25.44
C GLU RB 134 -63.30 -114.54 -25.13
N TYR RB 135 -64.39 -113.79 -25.24
CA TYR RB 135 -65.70 -114.38 -24.97
C TYR RB 135 -66.17 -115.25 -26.14
N LYS RB 136 -65.71 -114.95 -27.35
CA LYS RB 136 -65.93 -115.86 -28.47
C LYS RB 136 -65.15 -117.16 -28.28
N ASP RB 137 -63.92 -117.04 -27.77
CA ASP RB 137 -63.13 -118.23 -27.44
C ASP RB 137 -63.74 -118.97 -26.26
N ALA RB 138 -64.34 -118.26 -25.32
CA ALA RB 138 -65.02 -118.91 -24.20
C ALA RB 138 -66.33 -119.57 -24.63
N GLU RB 139 -67.04 -118.95 -25.57
CA GLU RB 139 -68.28 -119.53 -26.08
C GLU RB 139 -67.99 -120.75 -26.95
N LYS RB 140 -66.88 -120.72 -27.69
CA LYS RB 140 -66.49 -121.87 -28.51
C LYS RB 140 -66.06 -123.04 -27.64
N ARG RB 141 -65.42 -122.77 -26.51
CA ARG RB 141 -65.03 -123.82 -25.58
C ARG RB 141 -66.25 -124.33 -24.82
N THR RB 222 -35.97 -99.39 -36.86
CA THR RB 222 -36.35 -99.57 -38.26
C THR RB 222 -35.16 -99.31 -39.18
N HIS RB 223 -34.56 -98.13 -39.02
CA HIS RB 223 -33.38 -97.76 -39.78
C HIS RB 223 -32.27 -97.35 -38.83
N PHE RB 224 -31.03 -97.58 -39.25
CA PHE RB 224 -29.86 -97.24 -38.46
C PHE RB 224 -28.71 -96.93 -39.41
N GLU RB 225 -27.55 -96.62 -38.84
CA GLU RB 225 -26.41 -96.22 -39.65
C GLU RB 225 -25.35 -97.31 -39.74
N ASP RB 226 -24.86 -97.82 -38.61
CA ASP RB 226 -23.63 -98.61 -38.52
C ASP RB 226 -22.49 -97.89 -39.26
N ARG RB 227 -22.29 -96.63 -38.91
CA ARG RB 227 -21.39 -95.74 -39.62
C ARG RB 227 -20.21 -95.39 -38.73
N PHE RB 228 -19.00 -95.61 -39.23
CA PHE RB 228 -17.79 -95.33 -38.46
C PHE RB 228 -17.57 -93.82 -38.37
N ASP RB 229 -17.23 -93.36 -37.17
CA ASP RB 229 -16.95 -91.95 -36.96
C ASP RB 229 -15.59 -91.76 -36.29
N ALA RB 230 -15.29 -90.54 -35.87
CA ALA RB 230 -13.99 -90.22 -35.31
C ALA RB 230 -14.00 -89.96 -33.81
N ARG RB 231 -15.03 -89.31 -33.28
CA ARG RB 231 -15.06 -88.93 -31.87
C ARG RB 231 -15.58 -90.05 -30.98
N GLU RB 232 -14.92 -91.21 -31.05
CA GLU RB 232 -15.24 -92.34 -30.21
C GLU RB 232 -14.03 -92.96 -29.55
N HIS RB 233 -12.82 -92.67 -30.01
CA HIS RB 233 -11.61 -93.26 -29.45
C HIS RB 233 -10.54 -92.22 -29.13
N LYS RB 234 -10.89 -90.94 -29.13
CA LYS RB 234 -9.99 -89.94 -28.57
C LYS RB 234 -9.98 -90.06 -27.05
N ASP RB 235 -8.91 -89.53 -26.44
CA ASP RB 235 -8.74 -89.65 -25.00
C ASP RB 235 -9.75 -88.79 -24.25
N ARG RB 236 -10.24 -89.30 -23.13
CA ARG RB 236 -11.13 -88.55 -22.25
C ARG RB 236 -10.34 -87.76 -21.20
N SER RB 237 -9.28 -87.08 -21.65
CA SER RB 237 -8.44 -86.27 -20.79
C SER RB 237 -8.37 -84.82 -21.24
N ASN RB 238 -8.13 -84.58 -22.53
CA ASN RB 238 -7.73 -83.27 -23.04
C ASN RB 238 -8.80 -82.21 -22.87
N LYS RB 239 -10.07 -82.59 -22.79
CA LYS RB 239 -11.11 -81.60 -22.57
C LYS RB 239 -11.11 -81.09 -21.14
N SER RB 240 -10.82 -81.96 -20.16
CA SER RB 240 -10.94 -81.55 -18.78
C SER RB 240 -9.79 -82.05 -17.90
N ARG RB 241 -8.57 -82.07 -18.42
CA ARG RB 241 -7.42 -82.21 -17.54
C ARG RB 241 -7.30 -80.97 -16.67
N MET RB 242 -7.34 -81.16 -15.36
CA MET RB 242 -7.49 -80.06 -14.42
C MET RB 242 -6.22 -80.02 -13.58
N GLN RB 243 -5.53 -78.87 -13.56
CA GLN RB 243 -4.23 -78.82 -12.90
C GLN RB 243 -4.35 -78.78 -11.38
N ALA RB 244 -5.50 -78.39 -10.84
CA ALA RB 244 -5.62 -78.29 -9.40
C ALA RB 244 -5.66 -79.66 -8.74
N MET RB 245 -6.43 -80.59 -9.32
CA MET RB 245 -6.49 -81.93 -8.74
C MET RB 245 -5.21 -82.71 -8.98
N GLU RB 246 -4.55 -82.48 -10.12
CA GLU RB 246 -3.29 -83.17 -10.40
C GLU RB 246 -2.15 -82.65 -9.53
N GLU RB 247 -2.29 -81.42 -9.02
CA GLU RB 247 -1.34 -80.93 -8.03
C GLU RB 247 -1.71 -81.40 -6.63
N TYR RB 248 -3.00 -81.55 -6.36
CA TYR RB 248 -3.45 -82.02 -5.06
C TYR RB 248 -3.07 -83.48 -4.83
N ILE RB 249 -3.18 -84.32 -5.87
CA ILE RB 249 -2.72 -85.69 -5.74
C ILE RB 249 -1.20 -85.78 -5.83
N ARG RB 250 -0.54 -84.76 -6.39
CA ARG RB 250 0.91 -84.71 -6.37
C ARG RB 250 1.42 -84.53 -4.95
N GLU RB 251 0.74 -83.69 -4.16
CA GLU RB 251 1.11 -83.52 -2.77
C GLU RB 251 0.69 -84.72 -1.92
N SER RB 252 -0.41 -85.38 -2.30
CA SER RB 252 -0.99 -86.39 -1.42
C SER RB 252 -0.33 -87.76 -1.60
N SER RB 253 -0.17 -88.20 -2.85
CA SER RB 253 0.20 -89.59 -3.14
C SER RB 253 1.71 -89.84 -3.09
N ASP RB 254 2.47 -88.95 -2.43
CA ASP RB 254 3.90 -89.01 -2.14
C ASP RB 254 4.80 -89.48 -3.30
N GLN RB 255 4.42 -89.11 -4.52
CA GLN RB 255 5.18 -89.51 -5.70
C GLN RB 255 6.24 -88.46 -6.00
N PRO RB 256 7.51 -88.83 -6.09
CA PRO RB 256 8.52 -87.90 -6.63
C PRO RB 256 8.21 -87.54 -8.07
N ASP RB 257 8.44 -86.27 -8.42
CA ASP RB 257 7.80 -85.67 -9.58
C ASP RB 257 8.74 -85.30 -10.73
N TRP RB 258 10.03 -85.67 -10.64
CA TRP RB 258 11.05 -85.41 -11.67
C TRP RB 258 11.19 -83.92 -11.97
N SER RB 259 11.55 -83.16 -10.95
CA SER RB 259 11.75 -81.73 -11.13
C SER RB 259 13.07 -81.45 -11.83
N ALA RB 260 13.12 -80.33 -12.55
CA ALA RB 260 14.31 -79.95 -13.30
C ALA RB 260 15.35 -79.33 -12.36
N SER RB 261 16.53 -79.05 -12.92
CA SER RB 261 17.61 -78.48 -12.14
C SER RB 261 17.39 -76.98 -11.93
N ILE RB 262 18.36 -76.34 -11.27
CA ILE RB 262 18.19 -74.95 -10.85
C ILE RB 262 18.34 -74.00 -12.05
N GLY RB 263 19.47 -74.08 -12.74
CA GLY RB 263 19.68 -73.16 -13.84
C GLY RB 263 19.22 -73.63 -15.19
N ALA RB 264 18.90 -74.92 -15.33
CA ALA RB 264 18.54 -75.48 -16.64
C ALA RB 264 17.13 -75.09 -17.08
N ASP RB 265 16.34 -74.49 -16.20
CA ASP RB 265 14.94 -74.20 -16.54
C ASP RB 265 14.82 -73.02 -17.49
N ILE RB 266 15.62 -71.97 -17.26
CA ILE RB 266 15.38 -70.67 -17.90
C ILE RB 266 15.73 -70.73 -19.39
N VAL RB 267 15.13 -69.82 -20.15
CA VAL RB 267 15.08 -69.94 -21.60
C VAL RB 267 15.95 -68.92 -22.32
N ASN RB 268 15.99 -67.66 -21.86
CA ASN RB 268 16.70 -66.63 -22.61
C ASN RB 268 17.52 -65.70 -21.73
N HIS RB 269 17.77 -66.07 -20.47
CA HIS RB 269 18.38 -65.24 -19.43
C HIS RB 269 17.63 -63.91 -19.28
N GLY RB 270 16.41 -63.99 -18.78
CA GLY RB 270 15.62 -62.77 -18.78
C GLY RB 270 14.15 -62.86 -19.15
N ARG RB 271 13.83 -62.32 -20.32
CA ARG RB 271 12.47 -61.91 -20.67
C ARG RB 271 11.50 -63.09 -20.67
N GLY RB 272 11.89 -64.20 -21.29
CA GLY RB 272 11.10 -65.41 -21.17
C GLY RB 272 11.18 -65.95 -19.75
N GLY RB 273 10.08 -66.58 -19.31
CA GLY RB 273 9.94 -66.99 -17.94
C GLY RB 273 10.90 -68.08 -17.52
N ILE RB 274 10.85 -68.41 -16.22
CA ILE RB 274 11.77 -69.38 -15.64
C ILE RB 274 11.44 -70.75 -16.21
N LYS RB 275 10.24 -71.26 -15.93
CA LYS RB 275 9.69 -72.47 -16.54
C LYS RB 275 8.24 -72.59 -16.13
N SER RB 276 7.40 -73.03 -17.06
CA SER RB 276 6.04 -73.42 -16.75
C SER RB 276 5.88 -74.92 -17.00
N LEU RB 277 5.00 -75.54 -16.22
CA LEU RB 277 4.83 -77.00 -16.29
C LEU RB 277 4.22 -77.42 -17.62
N ARG RB 278 3.37 -76.59 -18.22
CA ARG RB 278 2.88 -76.86 -19.56
C ARG RB 278 4.00 -76.81 -20.58
N ASP RB 279 4.95 -75.87 -20.40
CA ASP RB 279 6.09 -75.79 -21.29
C ASP RB 279 7.01 -76.99 -21.14
N THR RB 280 7.10 -77.56 -19.93
CA THR RB 280 7.80 -78.83 -19.76
C THR RB 280 7.08 -79.96 -20.48
N GLU RB 281 5.75 -80.00 -20.38
CA GLU RB 281 4.98 -81.11 -20.94
C GLU RB 281 5.05 -81.13 -22.45
N LYS RB 282 5.08 -79.95 -23.08
CA LYS RB 282 5.27 -79.90 -24.52
C LYS RB 282 6.70 -80.26 -24.91
N GLU RB 283 7.67 -79.91 -24.06
CA GLU RB 283 9.07 -80.07 -24.42
C GLU RB 283 9.49 -81.53 -24.42
N ARG RB 284 9.09 -82.30 -23.39
CA ARG RB 284 9.41 -83.71 -23.38
C ARG RB 284 8.63 -84.48 -24.43
N ARG RB 285 7.46 -83.98 -24.83
CA ARG RB 285 6.70 -84.63 -25.88
C ARG RB 285 7.36 -84.43 -27.25
N VAL RB 286 7.87 -83.23 -27.52
CA VAL RB 286 8.48 -83.00 -28.82
C VAL RB 286 9.88 -83.60 -28.89
N THR RB 287 10.58 -83.70 -27.76
CA THR RB 287 11.91 -84.30 -27.79
C THR RB 287 11.86 -85.83 -27.74
N SER RB 288 10.79 -86.41 -27.19
CA SER RB 288 10.55 -87.83 -27.42
C SER RB 288 10.25 -88.09 -28.88
N PHE RB 289 9.52 -87.17 -29.52
CA PHE RB 289 9.32 -87.22 -30.97
C PHE RB 289 10.65 -87.05 -31.71
N GLU RB 290 11.56 -86.26 -31.15
CA GLU RB 290 12.92 -86.20 -31.68
C GLU RB 290 13.65 -87.52 -31.48
N GLU RB 291 13.58 -88.07 -30.27
CA GLU RB 291 14.38 -89.23 -29.91
C GLU RB 291 13.81 -90.54 -30.44
N ASP RB 292 12.57 -90.56 -30.91
CA ASP RB 292 11.99 -91.77 -31.48
C ASP RB 292 11.98 -91.75 -33.00
N ASN RB 293 11.36 -90.74 -33.60
CA ASN RB 293 11.20 -90.67 -35.05
C ASN RB 293 12.40 -90.05 -35.75
N PHE RB 294 13.43 -89.65 -34.98
CA PHE RB 294 14.78 -89.33 -35.46
C PHE RB 294 14.82 -88.18 -36.45
N THR RB 295 13.94 -87.18 -36.33
CA THR RB 295 13.96 -86.06 -37.25
C THR RB 295 13.55 -84.79 -36.52
N ARG RB 296 13.98 -83.65 -37.08
CA ARG RB 296 13.77 -82.35 -36.46
C ARG RB 296 12.47 -81.72 -36.99
N LEU RB 297 12.26 -80.45 -36.65
CA LEU RB 297 11.14 -79.68 -37.17
C LEU RB 297 11.56 -78.21 -37.18
N ASN RB 298 11.01 -77.46 -38.13
CA ASN RB 298 11.47 -76.11 -38.43
C ASN RB 298 10.67 -75.07 -37.66
N ILE RB 299 10.94 -73.79 -37.97
CA ILE RB 299 10.45 -72.65 -37.20
C ILE RB 299 9.63 -71.71 -38.08
N THR RB 300 8.84 -72.29 -38.99
CA THR RB 300 8.13 -71.54 -40.02
C THR RB 300 7.16 -70.52 -39.45
N ASN RB 301 7.07 -69.37 -40.13
CA ASN RB 301 6.42 -68.18 -39.58
C ASN RB 301 4.91 -68.32 -39.51
N LYS RB 302 4.33 -69.30 -40.22
CA LYS RB 302 2.89 -69.53 -40.13
C LYS RB 302 2.50 -70.04 -38.74
N ALA RB 303 3.29 -70.97 -38.20
CA ALA RB 303 3.04 -71.44 -36.85
C ALA RB 303 3.68 -70.53 -35.80
N GLU RB 304 4.86 -69.98 -36.12
CA GLU RB 304 5.63 -69.21 -35.14
C GLU RB 304 4.99 -67.87 -34.82
N LYS RB 305 4.06 -67.41 -35.66
CA LYS RB 305 3.30 -66.20 -35.34
C LYS RB 305 2.41 -66.41 -34.11
N ARG RB 306 1.93 -67.64 -33.91
CA ARG RB 306 1.13 -67.94 -32.72
C ARG RB 306 1.89 -68.81 -31.72
N LYS RB 307 2.56 -69.87 -32.21
CA LYS RB 307 3.11 -70.88 -31.33
C LYS RB 307 4.33 -70.41 -30.54
N GLN RB 308 4.87 -69.23 -30.86
CA GLN RB 308 5.89 -68.61 -30.04
C GLN RB 308 5.43 -67.29 -29.41
N LYS RB 309 4.70 -66.47 -30.15
CA LYS RB 309 4.50 -65.07 -29.74
C LYS RB 309 3.47 -64.95 -28.62
N GLN RB 310 2.23 -65.39 -28.85
CA GLN RB 310 1.24 -65.30 -27.78
C GLN RB 310 1.51 -66.32 -26.69
N ARG RB 311 2.28 -67.37 -27.00
CA ARG RB 311 2.79 -68.25 -25.95
C ARG RB 311 3.73 -67.50 -25.02
N GLU RB 312 4.63 -66.69 -25.58
CA GLU RB 312 5.56 -65.93 -24.75
C GLU RB 312 4.86 -64.74 -24.10
N ARG RB 313 3.87 -64.14 -24.76
CA ARG RB 313 3.14 -63.05 -24.15
C ARG RB 313 2.26 -63.54 -23.02
N ASN RB 314 1.74 -64.76 -23.13
CA ASN RB 314 1.11 -65.38 -21.97
C ASN RB 314 2.13 -65.71 -20.89
N ALA RB 315 3.31 -66.19 -21.29
CA ALA RB 315 4.32 -66.60 -20.31
C ALA RB 315 4.95 -65.40 -19.60
N ARG RB 316 4.79 -64.20 -20.16
CA ARG RB 316 5.26 -63.00 -19.47
C ARG RB 316 4.33 -62.61 -18.32
N MET RB 317 3.03 -62.89 -18.47
CA MET RB 317 2.03 -62.40 -17.54
C MET RB 317 1.31 -63.48 -16.76
N ASN RB 318 1.50 -64.75 -17.09
CA ASN RB 318 0.82 -65.81 -16.36
C ASN RB 318 1.78 -66.58 -15.47
N VAL RB 319 2.87 -67.11 -16.00
CA VAL RB 319 3.86 -67.81 -15.19
C VAL RB 319 4.93 -66.82 -14.71
N ILE RB 320 5.03 -66.68 -13.39
CA ILE RB 320 5.91 -65.72 -12.74
C ILE RB 320 6.72 -66.46 -11.70
N GLY RB 321 8.04 -66.38 -11.78
CA GLY RB 321 8.89 -67.08 -10.84
C GLY RB 321 8.86 -68.58 -10.97
N GLY RB 322 8.49 -69.10 -12.13
CA GLY RB 322 8.30 -70.52 -12.33
C GLY RB 322 6.90 -71.01 -12.03
N GLU RB 323 6.01 -70.17 -11.52
CA GLU RB 323 4.67 -70.58 -11.11
C GLU RB 323 3.62 -69.76 -11.83
N ASP RB 324 2.58 -70.43 -12.32
CA ASP RB 324 1.46 -69.77 -12.97
C ASP RB 324 0.59 -69.06 -11.94
N PHE RB 325 0.09 -67.88 -12.32
CA PHE RB 325 -0.85 -67.14 -11.49
C PHE RB 325 -2.05 -66.62 -12.24
N GLY RB 326 -2.03 -66.58 -13.58
CA GLY RB 326 -3.16 -66.07 -14.33
C GLY RB 326 -4.35 -67.00 -14.38
N ILE RB 327 -4.16 -68.26 -13.97
CA ILE RB 327 -5.24 -69.24 -14.08
C ILE RB 327 -6.28 -69.07 -12.98
N PHE RB 328 -5.96 -68.36 -11.90
CA PHE RB 328 -6.96 -68.05 -10.89
C PHE RB 328 -7.88 -66.93 -11.35
N SER RB 329 -7.35 -66.00 -12.14
CA SER RB 329 -8.17 -64.92 -12.68
C SER RB 329 -9.02 -65.37 -13.87
N SER RB 330 -8.79 -66.57 -14.38
CA SER RB 330 -9.62 -67.11 -15.44
C SER RB 330 -11.00 -67.47 -14.90
N LYS RB 331 -11.95 -67.63 -15.82
CA LYS RB 331 -13.35 -67.81 -15.44
C LYS RB 331 -13.98 -69.05 -16.07
N ARG RB 332 -13.22 -70.12 -16.22
CA ARG RB 332 -13.81 -71.40 -16.57
C ARG RB 332 -14.27 -72.09 -15.29
N LYS RB 333 -15.54 -72.44 -15.23
CA LYS RB 333 -16.12 -73.02 -14.03
C LYS RB 333 -15.66 -74.47 -13.88
N LEU RB 334 -15.33 -74.84 -12.64
CA LEU RB 334 -14.85 -76.19 -12.34
C LEU RB 334 -15.93 -76.88 -11.51
N GLU RB 335 -16.96 -77.38 -12.20
CA GLU RB 335 -17.88 -78.35 -11.62
C GLU RB 335 -18.22 -79.49 -12.56
N ASP RB 336 -18.07 -79.30 -13.87
CA ASP RB 336 -18.47 -80.32 -14.84
C ASP RB 336 -17.53 -81.51 -14.80
N SER RB 337 -16.24 -81.27 -14.58
CA SER RB 337 -15.26 -82.35 -14.51
C SER RB 337 -15.25 -83.05 -13.16
N THR RB 338 -16.02 -82.57 -12.18
CA THR RB 338 -15.89 -83.05 -10.82
C THR RB 338 -17.13 -83.79 -10.33
N SER RB 339 -18.31 -83.14 -10.34
CA SER RB 339 -19.32 -83.18 -9.29
C SER RB 339 -19.54 -84.51 -8.57
N ARG RB 340 -19.32 -84.49 -7.25
CA ARG RB 340 -19.33 -85.66 -6.36
C ARG RB 340 -18.43 -86.79 -6.86
N ARG RB 341 -17.28 -86.40 -7.43
CA ARG RB 341 -16.23 -87.29 -7.95
C ARG RB 341 -16.76 -88.29 -8.98
N GLY RB 342 -17.25 -87.75 -10.09
CA GLY RB 342 -17.56 -88.54 -11.26
C GLY RB 342 -18.97 -88.30 -11.77
N ALA RB 343 -19.34 -89.10 -12.76
CA ALA RB 343 -20.69 -89.15 -13.29
C ALA RB 343 -21.30 -90.51 -12.96
N LYS RB 344 -22.51 -90.77 -13.47
CA LYS RB 344 -23.34 -91.93 -13.16
C LYS RB 344 -23.52 -92.07 -11.65
N LYS RB 345 -24.20 -91.08 -11.08
CA LYS RB 345 -24.15 -90.82 -9.65
C LYS RB 345 -25.42 -91.16 -8.90
N THR RB 346 -26.56 -90.58 -9.30
CA THR RB 346 -27.76 -90.66 -8.47
C THR RB 346 -28.98 -90.92 -9.35
N ARG RB 347 -29.51 -92.13 -9.28
CA ARG RB 347 -30.88 -92.40 -9.71
C ARG RB 347 -31.69 -93.12 -8.64
N SER RB 348 -31.08 -94.07 -7.94
CA SER RB 348 -31.69 -94.83 -6.86
C SER RB 348 -30.87 -94.62 -5.59
N ALA RB 349 -31.16 -95.42 -4.57
CA ALA RB 349 -30.32 -95.44 -3.39
C ALA RB 349 -29.21 -96.49 -3.46
N TRP RB 350 -29.26 -97.39 -4.43
CA TRP RB 350 -28.28 -98.47 -4.51
C TRP RB 350 -26.93 -98.01 -5.03
N ASP RB 351 -26.90 -96.96 -5.86
CA ASP RB 351 -25.64 -96.51 -6.44
C ASP RB 351 -24.71 -95.94 -5.39
N ARG RB 352 -25.27 -95.33 -4.35
CA ARG RB 352 -24.44 -94.92 -3.22
C ARG RB 352 -24.28 -96.04 -2.21
N ALA RB 353 -25.19 -97.01 -2.22
CA ALA RB 353 -25.14 -98.09 -1.23
C ALA RB 353 -23.97 -99.03 -1.47
N GLN RB 354 -23.71 -99.35 -2.72
CA GLN RB 354 -22.55 -100.17 -3.06
C GLN RB 354 -21.29 -99.35 -3.25
N ARG RB 355 -21.37 -98.03 -3.12
CA ARG RB 355 -20.17 -97.21 -3.18
C ARG RB 355 -19.41 -97.25 -1.85
N ARG RB 356 -20.11 -97.06 -0.74
CA ARG RB 356 -19.48 -97.12 0.56
C ARG RB 356 -19.34 -98.53 1.09
N LEU RB 357 -19.98 -99.52 0.45
CA LEU RB 357 -19.88 -100.91 0.86
C LEU RB 357 -18.51 -101.48 0.57
#